data_7TDZ
#
_entry.id   7TDZ
#
loop_
_entity.id
_entity.type
_entity.pdbx_description
1 polymer 'Nuclear pore complex protein'
2 polymer Nup62
3 polymer Nup214
4 polymer 'Nup88A protein'
5 polymer 'Protein SEC13 homolog'
6 polymer Nup205
7 polymer 'Nucleoporin SEH1-A'
8 polymer Nup42
9 polymer 'Nuclear pore complex protein Nup85'
10 polymer 'Nup155-prov protein'
11 polymer Nup358
12 polymer Nup37
13 polymer Nup160
14 polymer Nup133
15 polymer 'Nuclear pore complex protein Nup96'
#
loop_
_entity_poly.entity_id
_entity_poly.type
_entity_poly.pdbx_seq_one_letter_code
_entity_poly.pdbx_strand_id
1 'polypeptide(L)'
;MDMLSPVVREAEVSRAARRQSSNRKNPADESWSNATPTRGPSSRTTGQTLFRQHMTPQTWNSSRPPDVSAILGTVGRSPR
LLQTPGRLANLSMMSNPDDSVWTTTFSPGRTGMYTTLDSPSFTEDITLSAVMLQEEDPGEAATMSMYPDFLKSFLEHPSS
AVFELIEQYEATCNTQITLLKKIVKRVTPGQQKFSKTASILWLLQQEMVTWRLIAALYRDRIQSALEEENMFEIAAPNAS
EKTIVDKLFQRDTLVRQSQLVVDWLESIAKDEVGDFSDNIEYYAKSVYWENTLHTLKQRSMLSLGSSRPLVSELDPDAPI
RQKLPLDDLDREDDIRLLKYLFTLIRAGMTDEAQRLCKRCGQAWRAATLEGWKLYHDANINGGTELQAVEGNPYRCVWKT
CCWRMAEDEQFNKYERAIYATLSGNLKQLLPVCESWEDTVWAHFKVMVDSLVEQEIRASIISFNEANELPREYLEANWTL
DSVFEELQATDKKRVLEENREHYHIIQKFVILADVDGLMDEFSEWLSNGKNLLLGHLLRFMTHLLLFFRTLGLQAKEEVS
VEVLKTYIQRLINEKQIELIAFYVSHLPQELAISQYAVFLENITDPDQRQRCLELAKEAGLDVASITKTVVENTRKKDAG
EFAHHDFAPALDSGTSEEDRAKIDVIDWLVFDPAQRAEALKQSNAIMRKFLASKKHEAAKEVFAKIPQDSIAEIYSQWEE
QAMDSALPAEDDNAIREHLCIRAYLESHEAFNEWFKHINSPPQKPTLVGQASFTEKVAHEHKEKKYEMDFGIWKGHLDAL
TSDVKEKIYNVLLFVDGGWMVDVREDTEEDPERSHQMVLLRRLCLPMMCFLLHTVLHNTKQYKDCLRLADIVSSENQKLY
TVFSKTEMRNLLQKLRESSLMLLDLQLDPLGYEIQS
;
H,h
2 'polypeptide(L)'
;MSGFNFGAASAGGFSFGNPKSTTTTAPTGFSFGAATAAPSGGFSFGTATPTPASTTGQTSGLFSFSNPAPSLAPTSGFSF
GAQVTSTPAPSSGGLAFGANTSKLNSGVGNQPAGGTTQTSQPMGGFSFGAATTQTQPSATSVGGFSFAGGVGSTSTNVFA
QPAASTGITLQSAVSTAAAPTATTSQPTSTFSFGTQPQAAPALNFGLLSSSSVLSTASTPAAAQPVAPTTGLSLNFGKPA
DTSAAVTSTGSTTTNTPSLSSLLGTSGPSLFSSVATSTVPSVVSTVASGLSLTSTATSTGFGMKTLASSAVPTGTLATST
ASLGVKAPLAGTIVQANAVGSAAATGISTATAMTYAQLENLINKWSLELEDQEKHFLQQATQVNAWDRTLMQNGERITTL
HREMEKVKLDQKRLDQELDFILSQQKELEDLLTPLEESVKEQSGTIYLQHADEEREKTYKLAENIDAQLKRMAQDLKEVI
EHLNTSAGPGDASNPLQQICKILNAHMDSLQWIDQNSALLQRKVEQVTKECESRRKEQERGFSIAFD
;
t,T
3 'polypeptide(L)'
;MEDDTDLPPERETKDFQFRQLKKVRLFDYPADLPKQRSNLLVISNKYGLLFVGGFMGLKVFHTKDILVTVKPKENANKTV
VGPQGIHVPMNSPIHHLALSSDNLTLSVCMTSAEQGSSVSFYDVRTLLNESKQNKMPFASCKLLRDPSSSVTDLQWNPTL
PSMVAVCLSDGSISVLQVTDTVSVFANLPATLGVTSVCWSPKGKQLAVGKQNGTVVQYLPSLQEKKVIPCPSFYDSDNPV
KVLDVLWLSTYVFTVVYAAADGSLEASPQLVIVTLPKKEDKRAERFLNFTETCYSICSERQHHFFLNYIEDWEILLAASA
ASVDVGVIARPPDQVGWEQWLLEDSSRAEMPMTENNDDTLPMGVALDYTCQLEVFISESQILPPVPVLLLLSTDGVLCPF
HVVNLNQGVKPLTTSPEQLSLDGEREMKVVGGTAVSTPPAPLTSVSAPAPPASAAPRSAAPPPYPFGLSTASSGAPTPVL
NPPASLAPAATPTKTTSQPAAAATSIFQPAGPAAGSLQPPSLPAFSFSSANNAANASAPSSFPFGAAMVSSNTAKVSAPP
AMSFQPAMGTRPFSLATPVTVQAATAPGFTPTPSTVKVNLKDKFNASDTPPPATISSAAALSFTPTSKPNATVPVKSQPT
VIPSQASVQPNRPFAVEAPQAPSSVSIASVQKTVRVNPPATKITPQPQRSVALENQAKVTKESDSILNGIREEIAHFQKE
LDDLKARTSRACFQVGSEEEKRQLRTESDGLHSFFLEIKETTESLRGEFSAMKIKNLEGFASIEDVQQRNKLKQDPKYLQ
LLYKKPLDPKSETQMQEIRRLNQYVKNAVQDVNDVLDLEWDQYLEEKQKKKGIIIPERETLFNSLANHQEIINQQRPKLE
QLVENLQKLRLYNQISQWNVPDSSTKSFDVELENMQKTLSQTAIDTQTKPQAKLPAKISPVKQSQLRNFLSKRKTPPVRS
LAPANLSRSAFLAPSFFEDLDDVSSTSSLSDMADNDNRNPPPKEIERQETPPPESTPVRVPKHAPVARTTSVQPGLGTAS
LPFQSGLHPATSTPVAPSQSIRVIPQGADSTMLATKTVKHGAPNITAAQKAAVAAMRRQTASQIPAASLTESTLQTVPQV
VNVKELKNNGPGPTIPTVIGPTVPQSAAQVIHQVLATVGSVSARQAAPAAPLKNPPASASSIAPQTWQGSAPNKPAAQAI
PKSDPSASQAPAPSVSQVNKPVSFSPAAGGFSFSNVTSAPVTSALGSSSAGCAATARDSNQASSYMFGGTGKSLGSEGSF
SFASLKPASSSSSSSVVEPTMSKPSVVTAASTTATVTSTTAASSKPGEGLFQGFSGGETLGSFSGLRVGQADEASKVEVA
KTPTAAQPVKLPSNPVLFSFAGAPQPAKVGEAPSTTSSTSASLFGNVQLASAGSTASAFTQSGSKPAFTFGIPQSTSTTA
GASSAIPASFQSLLVSAAPATTTPSAPINSGLDVKQPIKPLSEPADSSSSQQQTLTTQSAAEQVPTVTPAATTATALPPP
VPTIPSTAEAKIEGAAAPAIPASVISSQTVPFTSTVLASQTPLASTPAGGPTSQVPVLVTTAPPVTTESAQTVSLTGQPV
AGSSAFAQSTVTAASTPVFGQALASGAAPSPFAQPTSSSVSTSANSSTGFGTSAFGATGGNGGFGQPSFGQAPLWKGPAT
SQSTLPFSQPTFGTQPAFGQPAASTATSSAGSLFGCTSSASSFSFGQASNTSGTSTSGVLFGQSSAPVFGQSAAFPQAAP
AFGSASVSTTTTASFGFGQPAGFASGTSGSLFNPSQSGSTSVFGQQPASSSGGLFGAGSGGASTVGLFSGLGAKPSQEAA
NKNPFGSPGSSGFGSAGASNSSNLFGNSGAKAFGFGGTSFGDKPSATFSAGGSVASQGFSFNSPTKTGGFGAAPVFGSPP
TFGGSPGFGGSPAFGTAAAFSNTLGSTGGKVFGEGTSAATTGGFGFGSNSSTAAFGSLATQNTPTFGSISQQSPGFGGQS
SGFSGFGAGPGAAAGNTGGFGFGVSNPTSPGFGCWRS
;
s,S
4 'polypeptide(L)'
;MAAGEHWQSALSEHALFSSLKERLRDVEELREEGERRASKDKQLRNLLCVLDGDLLVWDAEECAFHTVTLRSLSVESTGS
SSSGEQKLLCTNPPLFDVNEVLLSPTQHHVALVGSKGVMVLEIPKRWGKKSEFEGGEKTVNCRTIPIAERIFTSSTSLLL
KQAIWYPSETQEPHLILLTSDNILRLYNLQDLFTPVKVISLSSAEEETTLPHNGRSYKASLGETAVACDFGPLAVLPKGF
GQHSKEDTVAYPLYILYETGETYLMYIDLQKSNITVGKLLGPLPMYPAAEDNYGYDACALLCLPCVPNIIVIATESGLLY
HCVVLEGEEDDEQTSNKSWNSSCDLIPSLYVFECVELELALKFATEEEESLELDFACPIKLHRDPICPSRYHCTHVAGVH
SVGLTWFNKLEKFLSSGEEDKDSLQELAAEQKCLVEHILCTKPLRCRLPSPIQGFWIISDLFLGTSMICITCDFECIVRP
LLTTIRPPSPPLLCSQSDKSSTEILPHVLADVKGPFEEHIRGILRRNSANPLLLNSSSKDSSPPPEECLQLLSRATQVFR
EEYLLKQDLANEEIQRRVKLLIAQKEKQLEDLRYCREERKSLTETAERLAEKFEEAKEKQEDLINRLKRILRSFHTQLPV
LSESERDMKKELQATNQQLQQLGNSINQVNRKMSYQEKQMEKGKSPRKSSLTLSDYQKKNIKAVLKEHGEHIQEMVKQIN
NIRNHVNF
;
r,R
5 'polypeptide(L)'
;MVSVINTVDTSHEDMIHDAQMDYYGIRLATCSSDRSVKIFDVKNGGQILIADLRGHDGPVWQVAWAHPMYGNILASCSYD
RKVIIWKEENGTWEKTYEYTGHDSSVNSVCWAPHDFGLVLACGSSDGAISILTFTGDGPWEVKKISNAHTIGCNAVSWAP
SVIPGSLVDQPSSQKPNYIKRFVSGGCDNLVKIWREEDGQWKEDQKLEAHSDWVRDVAWAPSIGLPTSTIASCSQDGRVY
IWTSDDAATNCWTPKLLHKFNDVVWHVSWSITANILAVSGGDNKVTLWKESVDGQWACISDVNKGQ
;
g,G
6 'polypeptide(L)'
;MAAQLALNSEASLWGPYREIWQTVLSALIKRQPEAVHSLDIVLKKYKPDFISLFKNPPKSAQQHERVQKASTEGIPIKGT
QRTRILEEQLIKEAFILSDLYNIGEIAAVELLLIGEQQQPTFHGLTRGLVAILLYWDGKSCMAESLLHLIQARKGKTFTL
DHSPEVVSMVTRFTDDLMEQGLTNKILTLISQIDVNNEFDKLKKERGLGNKKHRKEVSDLIKECQQSLAHSLYSWSCQTP
LNREDTLLLIGYLEKVTVEGDGSLDKVNLTLLMSLLYCLDVGFLEQGTDDREELMKQASMFMDRQYIAAIHNRLQNTQPW
KSPGMQATVRLAWALALRGISQFSEVLEFSEADEPMAEIAIGGNVFLFLTEAVVGSESFCTDEFFIRRIHKLVTDFPTLM
PMKVKQLRNRAEEDARLIQMSMQMGNEPPASLRRDLEHLLLLIGELYRKDPFHLELALEYWCPTEPLQSTSLMGSFLGVA
HQRPPQRQVLLSKFVRQMSDLLPATLYLPYLKMLRGLASGPQCAHYCFSLLKANGGSSAENLQAAGGSPVSWDHFFHSLM
LYHEHLRRDLPNTDNIHQRHPPLRGITQRELDGLIACLQLTCTIIDWSESARLALCEHAQWMPVVVILGLLQCSIPPLLK
AELLKTLAAFGKSPEIAASLWQSLEYTQILQTVRATGLRQGVGIEVELNEIESRCEEYPLTRAFCQLISTLVESSFPTNL
GAGLRAPGFEPYLQFLRDTVFLRYRTRAYRRAAEKWEVAEAVLDVFYKLLKDYEPQPEDFVDQYVELQGEERVAFKPPGF
SLMHHLLNESPMLELCLSLMEEGVTQLDTYAPFPGKKHLEKAVAYCFMLLNLTLQKENRFMDLLRESHLSMIVTPLEQLL
QGINPRSKKADNVVNIARYLCHGNSNAELAFESAKILCSISCNSKIQEKIVGDFTQDQNVSQKLMVGFVSCLDSEEAEEL
LDSEKEAEDQVKQTNIRYMTKIHILNLLITSLEMKAPNLAMFLLGYELKKPVSTTNLQDSGVLGCPRTCLHSILDILRKG
TDVRAGPVAVWDTPHLAELCYQVIYQLCACADTSGPTMRYLRTSQDFLFSQLQHLPFSVEESEISAMNQMSWLMKTATIE
LRITSLNRQRSHTQRLLHLLLDDMPTRPYSADGEGGMEDESRSLSGFLHFDTTSKVRRKILRILDSIQFSNEIPEPLQLD
FFDRSQIEQVIANCEHKNRRGQTVCNVKLLHRVLVAEVNALQGMAAIGQRPLLMEEINTILQYVVERNKLLQCLHAKRHA
LESWRQLVEIILTACPQDLIPTEHRQLIIRDLLQDLHVKILDDDAAQELMPIVAGAVFTLTAHLSQSVRTELKQPMTASG
LGQSQYVQMLDGSFAAPPGTENISAGFASIGDSSLHMILRNLLEFILKTGGGFQRVRAHLYGSLLYYLQIAQRPDEPDTL
ESAHKSMWERLTAPEDVFSKLQRDNLSIFESYGTALMEVVCRDACDGHDIGRMLALALLDRIVSVDRQQQWLLYLSNSGY
LKVLVDSLAEDDVVLRNLLTPQPPLLKALYIYESKMAFLTRVAKSSQGAIELLRSGVIVRLAQCQVYDMRPETDPHGVFG
MRETPVFIPAPVERYRQILLPALQICQLILTSSTAQHLQAAGQVLQFLVAHSDTIQAILRSQEGSLGSLQELALLTGIIS
KAALPGVLNELDIGLNDGSMMELQGHIGRFQRQCLALLNRFGGSDRLRQLSLQDDSSRLDGVSKKDDMELAMQQICSNVM
EYCQALMIQNSPSFQQTVCLFTPSLKESASRDGTRQDSQVSILPSWRLPSLGVVIHLLKQSANNFFTYYDIHRQSVGKLQ
NVEQLPPDEIKELCQSEMPVGADKISTTQKYGLARRRLVKLINSRAKLLSLCSYIIETCLYILWRHLEYYLLHCTTSDSQ
DPVFSNMTFGNRRFQDTFNTDPNMDPRNLRQNKVSQQDVDTLLREGANSFGESLQKRLLDIESLYCKVRSRHSFIQALVR
RIRGLLRVSRV
;
L,l
7 'polypeptide(L)'
;MFVARSIAADHKDLIHDVSFDFHGRRMATCSSDQSVKVWDKSENGNWHCTASWKTHSGSVWRVTWAHPEFGQVLASCSFD
RTAAVWEEIVGESNDKLRGQSHWVKRTTLVDSRTSVTDVKFAPKHMGLMLATCSADGVVRIYEAPDVMNLSQWSLQHEIS
CKLSCSCISWNPSSSRAHSPMIAVGSDDSSPNIMGKVQIYEYNENTRKYAKAETLMSVSDPVHDIAFAPNLGRSFHILAV
ATKDVRIFTMKPLRKELSSSGGVTKFEIHTVAQFDNHNSQVWRVSWNITGTVLASSGDDGTVRLWKANYMDNWKCIGVLK
GD
;
E,e
8 'polypeptide(L)'
;MADKFAAKFVSHKISRTRWRPVSASSLQQPDVFATGSWDNEENKVCVWATSDFGATSLDEEYQGDPKQLCDIKHPGDVMD
MQFLDKERIVTGSSTGTVTIFRHHENNQTLSVNQRWEQAHYHVGSNMRAPCTAIVCSSPEIVSVGEDGRINCFRAESRDV
LRTIDDADSSTMHGVTFLRTTEILTVNSVGQLKLWDLRKQGNDPTQIFSVTGERVPLHCVDRHPNQQHVVATGGQDGMLC
IWDVRHGKMPMSLLNAHEAEMWEVHFHPSNPDHLFTCSEDGSLWHWDASADSEKPTFLLGGRSTFNISRSSIAPPNANQS
LACAWLSTDPTKGQLEITNLLPSSTLSVNSLDVLGQNLVCGTDAEAIYVTRRLFS
;
D,d
9 'polypeptide(L)'
;MEELDVDPAETPIPGLGQQNRHIGFSWGPGDLLLYETLYQKQGNSETAARCPFMYLVRSDEDIYSPVLRKLFNESHSIFV
GLQKSAEEASGKSRKAQLVQVSRNYRSVLRACMEEMHTLSESTRETAQKYISQISILSAMELSWNLCEILFIESAPAGPL
LILLLEWVRLHVCEVDNIVQDVLRSEKPTEHEKFWDGVTGYVLQGRMNEARQLLAKEASTSASARSMCRVLDDLLKKMPM
LHTGGTQTLTEFELKWQHWREECERHLQNGTFSSNVHMEAVCRVLLGDEEVLLEKRDLMTTWYHFLVSRLLFKHPTVKPT
ELHFYAQSSLDMFLAGDSCPEPLDNILLAAFEFDIHQVIKEFSIVSSNWWFVAHLTDLLDHCQLFQAHNLYFGANMREFL
LLDYASGLFSHHSLWQLGVDYFDYCPNLGREYLKLHMERIPLSTEKKALKALRICEQRQMTEQVRSICKTMAMQSLCNRR
LGSALSWSIRAKDAAFATLISDRFLKEYCERGNFTDLDLIDNLGSAMLLSDRLTFLGKYREFHRMYSQEQFSEAASLLLS
LMTARIAPCSFWLTLLLDALPLLEQKQVIFSAEQTYELMRCLEDRMAAKLESTSPDEIQKQDSSIDNTKVEMLRLALARN
LARAIVTEGALQE
;
C,c
10 'polypeptide(L)'
;MPSATPGAPAASAAMQEALEGAGRIIDRLLQEDRAYPDLSELLNVPVHTCPTISGVSEMDYPLQSPGLLTIPSLPEISAI
RRVPLPPELIEQFGHMQCNCMMGVFPEISRAWLTIDSDIFMWNYEDGGDLAYYDGLSETILSVGLVKPKTGIFQPHIRFL
LVLSTPVDIVILGLSFANLQPGNLNDSISGGMQLLPDPLYSLPTDNTYLLSITSTDNGRIFLSGKDGCLYEVEYQAEAGW
FSQRCRKINHSKSSLSFLVPSVLQFAFSEDDPIVQIAIDNSRNILYTRSEKGVIQVYDLGVDGHGMSRVASVSQNSLVSA
AGNIARTIDRNVFKPIIHISVIEMSESVNCHLLAVTHTGVRFYFSTVPFKQPTARPCMLALVHVRLPPGFSASSNVEKPS
KVHKALYNNGVLLMAASENEDNDMLWCINRDSFPFQKPMMETQVTTQVDGHSWALSAVDEQKADKIVTPLNKDLIPLTDS
PVIIQQHMIPPKRFVLLSAQGSHIFYKLRPVDQLRHLLVSNSGGDGEEIERFFKLHQENQACATCLILACSSAASDREVS
SWAARAFFRYGGEAQLRVQSALHAPSNVGPIFGSPLPVASPIPVGSPMPNPSFLGTPTQGACPPNVSTPAYGVATPAPQP
PAVPGMMGTEIVFSGKHNGICIYFCRIIGNIWDGSVAVENTFQSGNREVTAIDSSVTPQHLESVLKELKGLLEFLDRYSQ
FTAGSLGNPGFGTPANRQQRLVSLGRPDIGSSQQAQQELQRKYHTEAQLAEQFSLQGIHQLVRKMCQALALWKLLCEHQF
SLVVSDLQKELQEQLKITTFKDLVIRDKELTGALTASLISCYIRDNASVDGISYRLQEVCPLLYSTDDAVCSKANELLQR
SRHVPNKQEKERMLRESLKEYQKISQQVDLPNVCAQYRQVRFYEGVVELCLSAAEKKDPQGLGLHFHKNGEPEEDMAGLQ
AFQERLNSYKCITDTLQELVNQSKAAPQSPSVPKKPGPPVLSSDPNMLSNEEAGIHFEQMLKLAQRSADELFNIALFNWL
IQADLTDKLLELNSPFLEPHLVRMAKLDQNKVRYMDLLWRYYEKNRNFSNAARVVAKLADMHSPEISLKQRLEYISRAIL
SAKSSTTMSTLAADGEFLHELEEKLEVARIQLQIQETLTRQYSHHSTVGDAVSQLDSQLMDITKMFGQYADPFRLSECKL
AIIHCAGHSDPILVQTLWQDIIDKELSDSMGNSSVDRMQSLHLKITSLGKIYASTPRYFPLEFLVKYLEQQVCNFSWDAG
FVTYTMQEINVPVPKLLEVYDHLFKARDPWWSRMKKPLHLLESIYILLSGYVQEPSKVPSYERRRFTTLCLDAISCYLVE
LQSMDPAPALLNTVSNFKSLQAKLERLS
;
U
11 'polypeptide(L)'
;MRRSKAEIQRYVENAQNSASSPREKSMKGFLFARLYYEAKEYELAKRSVSSYISVQERDPKAHRFLGQLFEIEGNVEKAV
GCYKRSLELNPTQKDLTLRIAELICTLNIKDGRAEYWVERASKLFPGSPEIYRLKEQLLSSQGEAGWNQLFDLIQAELFA
RPNDVYVNLKLVDLFLSNQRLEEAVLHCLKPERRALRTDIEWCSCVVRVFKEYLASKQGQKNTNMRMITKELLLAQCDVV
FLTLSKKDVQKSKEALERFDQALLSVKQSVSGTDASDLSVTFYEMRGHYYMHAGTLLLKMAQSCEVQWKALIEPAALCYL
LAYQVPKPKSKPVKGDDNGQGFLEELAFDRQSKSGHLLLTLSHGKQNFISEIIETFANQCGQSILLKFLFEDNLSMQDSF
MGSDDISYVENRVPDLSELSQHDNGSLRIHNGDLQHLTWLGLQWHFLSTLPPLRKWLKQIFPRVPQETSRLESNIPESIC
LLDLEVFLLAVVQTSYLQLQDNNTTADPNRPRCLPLPICKQLFTDRQRSWWDAVYSLITKKALPGTSAKLRSVIQHDLTT
LRAQEKHGLQPAVLVNWARGLHKTGYSLNSFYDQKEYMGRCVHYWKKLLPLLDLVKQKKSIPEPVDPLFKHFHNKDIKVS
EVKDLEDEACIAFATLDLVDGKTEDAIIAFESVKNVVAYWNLALIYQRKAEEIENDCLPAEEQEEFQECLLKCKGFLKMI
CDEYSAYPSIATSLPVPVETVFEMLDSVKQSLGEAMDDHSPAFMENHSVLTTSAIKHSTPSPTKLTISPSKSARFSPKTP
PRWAEDQKSLLEVLCNKVEALKKEVQELKHNNSNANVSPHRWPNEGFESDTVADSYQGTQNFYTVPLTVSTSGPAAYYGQ
SPAYNSQHLLRPAANITPTKTSVYAMNRLPPQQHMYTYPQQMHTPPTQQSSAGCVFPQEIYGPPLRFESPAAAILSPHNE
EFYNYNVPPASTNPPLPEPGYFTKPSTAMQHSKQEVPKVSDFGKGCLGQSTSEGQKPSPFTVPMQSTPASSTFKFNSNFK
SNDGDFTFSSSHAGASSAYTGSESLLGLLTSDRPTQEQGKKSDFENIASDEKNMFRFGEKSFSPGFTVTGTQSQDKNPLV
FGQSENIFTFKTPGKSTFKPPTFGTQTKDAHNHSVESDAGSEHVADDDGPHFEPIIPLPEKVEVKTGEEDEEEMFCNRAK
LFRFDAETKEWKERGIGNVKILRHRLSGKIRLLMRREQVLKICANHYINADMKLKPNATSDKSYVWHAYDYADEMPKPEQ
LAIRFKTVDEAAHFKAKFEEAQRLLAMAEAPAISAQHKNAKDNLKLDASKVKEAPLPFGSQFILKRGEWQCDCCLATNAP
TSTSCVCCQTPNKNKSSSISSVCISAPSFTFVKESATNKLAFGQQLLKDKDQWTCSKCSQKNDAGVSHCSSCQTQSQAKA
GISQPNIASSGFTNNTSAQGDNLAAVFGKKAGQWDCDVCYVRNEPSANKCISCQNTKPLSKVSGTQAASFSFAAGADNSQ
KNFGAQFAKKEGQWDCDACYVRNEPLATKCISCQNTKLLSKTTGTQAASFSFAAAADNSQKNFGGQFAKKEGQWDCSSCL
VRNEASAPNCVACHSANPQITNKDVVPPALTPSGFKFGHNAEVGKTQQSLSAMFSCKQGQWECSTCLVINDAAKDTCAAC
QAAKPGSSASQSKEVPSTFGIKANSSQNFGQPAAGFNCGFSAKGFKFGISDEKASASNFTFKAPATNEETKMVKDGFNFP
VSAGSLSFKFGISEPDKTKEMSTGFMKGTSTNNKGSETAETTAQAEKIQQSPDKVLGQSVQSFSFADIAKSTEGIEFGKA
DPNFKGFSGAGQKLFTSSNQVNASNAQEAADDLYKTEERDDIHFEPIVQLPDKVDLITGEEDEKTLYSQRVKLYRFDATS
GQWKERGVGNLKILKNEVNGKLRVLMRREQVLKVCANHWITTTMNLKPLTGSDRAWMWLANDFSEGDAKLEQLAVKFKTP
EQAEEFKIKFDQCQCLLLDIPLQTPHKLVDTGRTAHLIQKAEEMKTGLKDLKTFLTDKAKPLDDSNAINTTDLEKQALAD
GTEPTYEWDTYDMRGDAHEETLDDSVYASPLASSPEKKNLFRFGDLSTSGFNFSFQPEPSPSKSPTKLNHSRVSVGTDEE
SDVTQEEERDGQYFEPVVPLPDLVEVTSGEENEQAIFCHRAKLYRFDKDSNQWKERGIGDLKILQRLDNKSARVVMRRDQ
VLKLCANHRITTDINLQPMKGAERAWVWTAHDFSEGEGKVECFAVRFKLQEAADLFKEVFEEAKEAQAKDCLLTPVSSRG
TTPRAASCGKAAIAILEETTKERTDQQPEEDTSLTEASTPSPTDQPAKALVSPANFTFGSDVVKNIFGSEKQVPFAFGNT
SSTGSLFGFSFNASQSQGQQVQKQPPKVTLDFNATFKDAETTNALQKPSQSSGQSPIVSSLSSSSSSSSSTLMQPMPARD
KAADVPDADSSSDVLIVYVATPTPEQKALAETLLLPLTFFCYKNKPGYVSDESDIDDEDFETAVKNLNGILYTEDKKDKA
SSRLSGCSKEPTAESDQDCIIVWEKKPTPEEKAKADSLKLPPTFFCGLGSDTDEDKDNLEDFDTEVRKVKEAKGVPEADV
TSSPEAAIVSAAETSVSLPPKQEPDSTTSISQEPVDLSSKQELPKTDSKGFSTPSFSFGLGEVSGVSFADLASTNSGDFA
FGSKDTNFQWANTGAAVFGTLSQNKKGEDADGSDEEVVHSDDVHFEPIVSLPEVEVKSGEEDEEILFKERAKLYRWDRAV
GQWKERGVGDIKILFHKEKGYYRVLMRRDQVLKVCANHVISTEIKISTLSTSNNSLVWTATDYSDGEGKVEQLAVRFKTK
ELTDSFQNKFEECQHNLQEESNPQH
;
P,O,Q,N,M
12 'polypeptide(L)'
;MKQDSASNATYTVDCEDYVHVVEFNPFDSGEAGSLLAYGGISYVVIASCRFQEEDSTVEGIEFKTLKTFHHGERVVAIAW
SPETRCDALLPLLRFATAAGDKKIRIFTSDFQDKNEYKVIEGHSGYINDLVFCSPEGTDIASVGDDHTCRIWDLDGKQIA
MFILRSPGMSVAWHPEGAFKLMVAEKTGTIRFYDLTTHQAILSLESVQVPLMSADWCVRNTLRIGAVAGNDWIIWEMPRS
SYPQDNKPAHADRARMFRWSKCNENVFATTGYPGKMKSQIAIHHLAHPQPILIGTAPVGSGLSWHRRLPLCVVGGYRKLF
FWLTEM
;
B,b
13 'polypeptide(L)'
;MAAAERHMTPFQAIDWAGSITLPMVQRVGGFTRAIMAASVNLERSYMELIGAERETSRRNFRDLSLRPDVNLVIGGPKYA
DCAGGYCYSESSSLLSATRNRFLHWTSYADTLELVEISLDINLVNNAVRLRILNCSILPGGVHICETPNNIVVLILTNQT
VHRLILPHPSRMYRSEIISDSHIQSIFTDIGKTNFHDPSNTYVIPAIPGRAPNTTASTAWLSSDGEALFALPSISGGILV
IKMPPHDMEGLVTIAELKQSSVMQRLLTGWMPSSIRGDQGPAHLPVSLAVHTLDHDSYLFALCQDHKLRMWSYKDQMCLM
VADMLEYVPVSKDIRQTAGTGHKLRLAFSETLGILYLGVYLHTPKQGQFCVFQLMCAESNRYSLDHISSIFTNQETLIDF
TFTLTSMDIWALWLDDDNQTVVKHINFEENQAGQWNPVFVNPLPEDDLAISDEQEPQEAYLECLFAPGRFTIAAVQKAIQ
ILRKGSGRVLDLSWEELRKDVTLTVENEIQNAVIDYDVSQEEFRQINIENWCKFYTCCLQYQETLSRPLALLVHPDTNMV
CLLRKGFLSFLAPCSLVEHLYLVPAEHLLTVDESVISDDIDAASDIVNLIQCLRMIADYISEDMAYLMESACCHLQSPER
VAEQILEDLIANDIDNIMENIQNKLQDTRNPIRAIGFLLQNMDYETNADMEQPQPNTRLNLSTLYGSITASSVVCQAICK
ISATRFLICRDLLILQHLLLRLGDMALIGAGQLLHSQQELIPRAAQLLLSYYMIRWGSQCLACAVPVDILESNLQHLSVL
ELSDSQVEKRRYTSGIQTIVELFFEDVARKHFPHVFIQSGASQLQEPLNWSDLIKRITNYLLQLLWPSNPNFQFAECLMR
NCQYTQLQEYVRLLLPWCQVNVGSCHFMLAQCYLVAGEGHKALDCFSQAASEVEREDFLEKLIRVEEGESVSPRLQYYNR
VLRLLEDVGLPELVIQLATIAIGEASDDWRSQAALRTRIFKHHLDMGHNNQAYDALTQIPDPSRQLDCLRQLVVVLCERS
QLQDLVEFPYVNLHNEVVGIIESRARAVDLMTHNYYELLYAFHIYRHNYRKAGSVMFEYGMRLGREVRTLRGLQKQVNSY
LACLNCLRLIRPEYAWIVQPVSGAVYERPGASPKRNYDGESSAVPSSSQIEILELRDLEKEYVLAQTRLTLAKHNPSTAA
IAGSSAAEEMVALLVQAGLFDTAISLCQTFKLALTSVFEGLACKCIRLQQGGEAAQAEAWEWLAANQLATVITTKESSAT
DEAWRLMISYLDKYEAKNTLYHHCIINKLLSHGVPLPNWLINRYKAMDAAELLRLYLKYDLLEEAAELVLEYVDALLGKG
HQYFGIQAPLSATSQLVWFPYSAIDHLRQALGENESNQHNQAILSKLQRKMDEYFQKLKKATDDYKKLVQKPLRA
;
A,a
14 'polypeptide(L)'
;MFPSPRAQGMGSARRPFNSRLTGGRKALGPGVTASSSPSALYSPVGRRVSASGARSTPSRVYLHPAASETVNYNVQLFGS
SLPVKVMEALSNASADEPMAACIHEGGWAWLACNDRLIIWKISHSSSAKLMVCKELPLPLSDSEWSADLVDICAQTGDPA
AAQSVALMAATPEGSSRYWPNILHEGTYIESYTEFGSSLCAFVTAVKGNSFILSSEKNQLVRLTPDASGKMNQRVLPQGQ
GMLSGIGRRVSTLFGILSPAVESTLCSVLWDKGDCFYTLTDSSINKWDLDDTSESQVLNWDMSRVLREYISDAIWGSESD
YDDIKAGININYLSLNQNCDGLVILSAAWHPGDNPCQIYYTLVTVKDEGYNISDEITVEVTQFNPVFQARGMQLCQLVVP
NFSSQACYLYTQEMIFACSTGTGRSTLPQEKIPFEAQGDNIVGAGSCEGWPVFFIRKSGMLTVVARETASVLPEHMEESL
SSVSKSSRQAVVKDSRPDQIAHDDKTKHLKAAFLRYCRKDILGAQSMVDSLFSDSDMEPDDELDLAVNQISVDLIDDYPA
SDPRWAESVPEEAAGFSNTSLILLHQLEDKMKAHSFFVDFLHQVGLFSRLSTCQTKGMLVATRLLLSEHAEKLSAAIVLK
NHHAKLPVLVNSAIQLALDKRMCTVPQNLTAADVYFREVSQMEIIFECLVDKEEADLESTSIDSVEWANIVVNVNTILKD
MLHVACQYRQSKNSLYKNESGIQEPEHVPWTASSGTAGIRSVVTRQHGIILKVYPQADSGLRTILIEQLAALLNYLLDDY
VTQLKSIDKLANEERYNILEMEYAQKRSELLSPLLILGQYAWASNLAEKYCDFDILVQICEMTDNQSRLQRYMTLFAEQN
FSDFLFRWYLEKGKRGKLLSQPASQHGQLAAFLQAHDHLSWLHELNSQEFEKAHRTLQTLANMETRYFCKKKTLLGLSKL
AALASDFQEDVLQEKVEEIAEQEHFLLHQETLPKKLLEEKQLDLNAMPVLAPFQLIQLYVCEENKRANENDFMKALDLLE
YIGDDSEVDVEELKLEILCKAIKRDEWSATDGKDDPIEATKDSIFVKVLQNLLNKGIELKGYLPKAETLLQSEELNSLKT
NSYFEFSLKANYECYMKMQS
;
I,i
15 'polypeptide(L)'
;FRVGWGPNWTLVHNGDKLTERLNAEEDQNMDTIDYGFLPKPTSAKSLTESPFKVHMEKLSLEQKSRELQSYLMPLEIELK
NSSVDRSAQCPHFKPNAGVAAIHDYAGWVRNLSNEAGELEAVVKQWGLTWTLCESLWGQLKELEASLDEPNEYVRNLERR
KAFSHWLAHTAEERIEEEVSLYGPERHVEAVFSFLTGGRISDACRLAQKSGDHRLSLLLSQMVGSQEMRELISLQLVDWN
KLQVDHYIQEERLRVFCLLSGTPVWRSSDNRSINVCSQLDWKRTLAVHLWYMLPPTATIAQALRLYERAFQEHEEGEPYA
CYPLPPYLEDCSISLGDEPSAKFSSLQRDVCVHLLKLYSERQYDLCQLLDPSSVTPDPLDYRLSWHLWMVLQALNYTHLS
EHRQGTLHASYAAQLENVGLWEWAIFVLLHIPHPHIREAGVRELLNRQCVVRESPESLAKENFLIHRLCVPAQWVHEAKA
IRSRRDGDRHKEALYLLKGHQWNPCHKLVTRHLAADAVINENYRYLQSFLGELSNPEHCKHIQDWETAGKVYLDYIRVID
MLNLIQQDESSGCELEKLHTKVMSLCKWVELIHCYTAKDRLAQSEMAKRVANILRVVLSLQQPPESMSDSSEPRVPLRLL
APHIGRLPMPEDYALEELRGLTQSYLRELICDS
;
F,f
#
# COMPACT_ATOMS: atom_id res chain seq x y z
N LEU A 117 0.35 93.59 9.53
CA LEU A 117 1.59 92.77 9.46
C LEU A 117 2.01 91.84 10.62
N ASP A 118 2.09 90.55 10.22
CA ASP A 118 2.95 89.44 10.64
C ASP A 118 2.51 88.45 11.74
N SER A 119 2.11 87.27 11.25
CA SER A 119 2.07 85.92 11.87
C SER A 119 0.86 85.51 12.74
N PRO A 120 -0.21 84.93 12.16
CA PRO A 120 -1.25 84.21 12.90
C PRO A 120 -1.11 82.68 12.69
N SER A 121 -0.86 81.90 13.75
CA SER A 121 -1.09 80.44 13.68
C SER A 121 -1.16 79.71 15.03
N PHE A 122 -0.81 80.32 16.17
CA PHE A 122 -0.77 79.55 17.44
C PHE A 122 -1.55 80.18 18.59
N THR A 123 -1.61 81.51 18.68
CA THR A 123 -2.28 82.20 19.79
C THR A 123 -3.79 82.29 19.64
N GLU A 124 -4.30 82.53 18.42
CA GLU A 124 -5.75 82.61 18.16
C GLU A 124 -6.46 81.26 18.41
N ASP A 125 -5.87 80.15 17.97
CA ASP A 125 -6.37 78.79 18.20
C ASP A 125 -6.49 78.44 19.69
N ILE A 126 -5.53 78.89 20.51
CA ILE A 126 -5.55 78.67 21.96
C ILE A 126 -6.68 79.46 22.59
N THR A 127 -6.89 80.70 22.16
CA THR A 127 -7.98 81.54 22.68
C THR A 127 -9.35 80.99 22.32
N LEU A 128 -9.57 80.56 21.06
CA LEU A 128 -10.86 80.01 20.65
C LEU A 128 -11.17 78.68 21.35
N SER A 129 -10.19 77.78 21.44
CA SER A 129 -10.34 76.53 22.21
C SER A 129 -10.66 76.79 23.68
N ALA A 130 -10.06 77.83 24.27
CA ALA A 130 -10.30 78.20 25.67
C ALA A 130 -11.68 78.83 25.88
N VAL A 131 -12.20 79.58 24.90
CA VAL A 131 -13.56 80.15 24.93
C VAL A 131 -14.60 79.03 24.83
N MET A 132 -14.44 78.08 23.89
CA MET A 132 -15.38 76.96 23.75
C MET A 132 -15.37 76.01 24.97
N LEU A 133 -14.24 75.89 25.68
CA LEU A 133 -14.18 75.16 26.95
C LEU A 133 -15.04 75.80 28.06
N GLN A 134 -15.44 77.07 27.92
CA GLN A 134 -16.35 77.74 28.86
C GLN A 134 -17.83 77.56 28.51
N GLU A 135 -18.15 77.08 27.30
CA GLU A 135 -19.54 76.83 26.89
C GLU A 135 -20.07 75.52 27.51
N GLU A 136 -21.37 75.49 27.81
CA GLU A 136 -21.99 74.34 28.46
C GLU A 136 -21.96 73.07 27.58
N ASP A 137 -21.97 73.23 26.25
CA ASP A 137 -21.80 72.16 25.26
C ASP A 137 -20.93 72.66 24.07
N PRO A 138 -19.61 72.37 24.06
CA PRO A 138 -18.71 72.83 23.00
C PRO A 138 -19.02 72.18 21.64
N GLY A 139 -19.70 71.03 21.60
CA GLY A 139 -20.06 70.39 20.33
C GLY A 139 -21.20 71.11 19.63
N GLU A 140 -22.25 71.46 20.38
CA GLU A 140 -23.38 72.22 19.84
C GLU A 140 -22.93 73.61 19.39
N ALA A 141 -22.09 74.28 20.18
CA ALA A 141 -21.57 75.59 19.82
C ALA A 141 -20.68 75.57 18.56
N ALA A 142 -19.87 74.51 18.37
CA ALA A 142 -19.11 74.34 17.14
C ALA A 142 -20.04 74.25 15.93
N THR A 143 -21.11 73.46 16.04
CA THR A 143 -22.14 73.34 15.00
C THR A 143 -22.81 74.67 14.70
N MET A 144 -23.19 75.42 15.74
CA MET A 144 -23.85 76.73 15.61
C MET A 144 -22.96 77.77 14.92
N SER A 145 -21.67 77.78 15.25
CA SER A 145 -20.71 78.73 14.67
C SER A 145 -20.58 78.60 13.15
N MET A 146 -20.84 77.41 12.61
CA MET A 146 -20.72 77.13 11.18
C MET A 146 -21.92 77.57 10.35
N TYR A 147 -23.06 77.90 10.95
CA TYR A 147 -24.26 78.31 10.21
C TYR A 147 -24.03 79.56 9.35
N PRO A 148 -23.47 80.66 9.89
CA PRO A 148 -23.14 81.82 9.07
C PRO A 148 -22.05 81.52 8.04
N ASP A 149 -21.06 80.69 8.37
CA ASP A 149 -19.96 80.35 7.46
C ASP A 149 -20.46 79.59 6.21
N PHE A 150 -21.41 78.67 6.38
CA PHE A 150 -22.04 77.95 5.28
C PHE A 150 -22.82 78.89 4.37
N LEU A 151 -23.66 79.76 4.95
CA LEU A 151 -24.41 80.72 4.15
C LEU A 151 -23.47 81.68 3.41
N LYS A 152 -22.45 82.20 4.10
CA LYS A 152 -21.46 83.08 3.50
C LYS A 152 -20.77 82.41 2.31
N SER A 153 -20.33 81.16 2.48
CA SER A 153 -19.71 80.39 1.41
C SER A 153 -20.67 80.22 0.23
N PHE A 154 -21.96 79.93 0.48
CA PHE A 154 -22.97 79.83 -0.57
C PHE A 154 -23.14 81.14 -1.35
N LEU A 155 -23.16 82.28 -0.65
CA LEU A 155 -23.33 83.60 -1.27
C LEU A 155 -22.10 84.09 -2.04
N GLU A 156 -20.90 83.71 -1.61
CA GLU A 156 -19.64 84.08 -2.27
C GLU A 156 -19.42 83.35 -3.60
N HIS A 157 -19.98 82.14 -3.75
CA HIS A 157 -19.76 81.32 -4.93
C HIS A 157 -20.91 81.43 -5.93
N PRO A 158 -20.63 81.78 -7.20
CA PRO A 158 -21.67 81.77 -8.24
C PRO A 158 -22.15 80.33 -8.49
N SER A 159 -23.35 80.19 -9.05
CA SER A 159 -23.93 78.89 -9.40
C SER A 159 -23.10 78.05 -10.39
N SER A 160 -22.11 78.65 -11.06
CA SER A 160 -21.16 77.93 -11.91
C SER A 160 -20.01 77.26 -11.14
N ALA A 161 -19.76 77.66 -9.90
CA ALA A 161 -18.63 77.23 -9.07
C ALA A 161 -19.06 76.28 -7.93
N VAL A 162 -20.06 75.44 -8.19
CA VAL A 162 -20.70 74.58 -7.17
C VAL A 162 -19.72 73.62 -6.48
N PHE A 163 -18.68 73.17 -7.18
CA PHE A 163 -17.71 72.26 -6.58
C PHE A 163 -16.69 72.98 -5.68
N GLU A 164 -16.34 74.23 -5.99
CA GLU A 164 -15.52 75.06 -5.10
C GLU A 164 -16.28 75.36 -3.79
N LEU A 165 -17.60 75.56 -3.90
CA LEU A 165 -18.48 75.68 -2.74
C LEU A 165 -18.44 74.44 -1.83
N ILE A 166 -18.52 73.23 -2.39
CA ILE A 166 -18.45 72.00 -1.58
C ILE A 166 -17.07 71.84 -0.94
N GLU A 167 -16.00 72.16 -1.65
CA GLU A 167 -14.64 72.15 -1.09
C GLU A 167 -14.53 73.13 0.10
N GLN A 168 -15.19 74.28 0.02
CA GLN A 168 -15.26 75.23 1.12
C GLN A 168 -16.10 74.72 2.31
N TYR A 169 -17.19 73.98 2.07
CA TYR A 169 -17.93 73.30 3.14
C TYR A 169 -17.08 72.22 3.82
N GLU A 170 -16.35 71.42 3.05
CA GLU A 170 -15.40 70.44 3.58
C GLU A 170 -14.36 71.11 4.46
N ALA A 171 -13.75 72.21 4.00
CA ALA A 171 -12.76 72.97 4.75
C ALA A 171 -13.34 73.54 6.06
N THR A 172 -14.56 74.07 6.01
CA THR A 172 -15.26 74.62 7.19
C THR A 172 -15.52 73.53 8.23
N CYS A 173 -16.00 72.35 7.80
CA CYS A 173 -16.13 71.19 8.68
C CYS A 173 -14.78 70.77 9.27
N ASN A 174 -13.72 70.69 8.46
CA ASN A 174 -12.40 70.25 8.91
C ASN A 174 -11.79 71.19 9.97
N THR A 175 -11.98 72.51 9.84
CA THR A 175 -11.54 73.48 10.85
C THR A 175 -12.19 73.19 12.20
N GLN A 176 -13.51 72.97 12.23
CA GLN A 176 -14.23 72.69 13.47
C GLN A 176 -13.91 71.30 14.04
N ILE A 177 -13.76 70.29 13.19
CA ILE A 177 -13.30 68.95 13.58
C ILE A 177 -11.92 69.04 14.25
N THR A 178 -11.00 69.82 13.69
CA THR A 178 -9.66 69.98 14.24
C THR A 178 -9.69 70.65 15.61
N LEU A 179 -10.55 71.67 15.79
CA LEU A 179 -10.77 72.33 17.06
C LEU A 179 -11.34 71.36 18.11
N LEU A 180 -12.41 70.63 17.77
CA LEU A 180 -13.03 69.65 18.65
C LEU A 180 -12.08 68.49 18.99
N LYS A 181 -11.27 67.99 18.04
CA LYS A 181 -10.23 66.99 18.31
C LYS A 181 -9.22 67.49 19.35
N LYS A 182 -8.78 68.75 19.26
CA LYS A 182 -7.88 69.37 20.25
C LYS A 182 -8.53 69.44 21.64
N ILE A 183 -9.82 69.78 21.71
CA ILE A 183 -10.59 69.83 22.97
C ILE A 183 -10.71 68.43 23.58
N VAL A 184 -11.14 67.43 22.82
CA VAL A 184 -11.32 66.05 23.29
C VAL A 184 -9.99 65.44 23.76
N LYS A 185 -8.87 65.69 23.06
CA LYS A 185 -7.54 65.20 23.47
C LYS A 185 -7.02 65.79 24.79
N ARG A 186 -7.45 66.99 25.16
CA ARG A 186 -6.98 67.69 26.38
C ARG A 186 -7.68 67.24 27.66
N VAL A 187 -8.70 66.39 27.56
CA VAL A 187 -9.58 66.06 28.68
C VAL A 187 -9.39 64.62 29.13
N THR A 188 -9.38 64.41 30.44
CA THR A 188 -9.27 63.09 31.07
C THR A 188 -10.49 62.22 30.70
N PRO A 189 -10.31 60.96 30.23
CA PRO A 189 -11.42 60.06 29.90
C PRO A 189 -12.37 59.87 31.09
N GLY A 190 -13.68 60.08 30.91
CA GLY A 190 -14.72 59.73 31.91
C GLY A 190 -15.72 60.84 32.30
N GLN A 191 -15.58 62.07 31.80
CA GLN A 191 -16.58 63.12 32.04
C GLN A 191 -17.73 63.04 31.02
N GLN A 192 -18.97 62.83 31.48
CA GLN A 192 -20.17 62.67 30.62
C GLN A 192 -20.41 63.84 29.65
N LYS A 193 -19.95 65.06 29.96
CA LYS A 193 -20.09 66.21 29.05
C LYS A 193 -19.36 65.98 27.72
N PHE A 194 -18.21 65.31 27.77
CA PHE A 194 -17.37 65.10 26.59
C PHE A 194 -17.76 63.88 25.77
N SER A 195 -18.64 63.01 26.27
CA SER A 195 -19.18 61.94 25.43
C SER A 195 -20.11 62.51 24.35
N LYS A 196 -20.92 63.53 24.68
CA LYS A 196 -21.73 64.24 23.68
C LYS A 196 -20.86 64.96 22.65
N THR A 197 -19.84 65.69 23.11
CA THR A 197 -18.89 66.36 22.22
C THR A 197 -18.15 65.37 21.31
N ALA A 198 -17.79 64.20 21.82
CA ALA A 198 -17.18 63.14 21.00
C ALA A 198 -18.17 62.59 19.94
N SER A 199 -19.45 62.43 20.30
CA SER A 199 -20.49 62.06 19.33
C SER A 199 -20.67 63.13 18.25
N ILE A 200 -20.72 64.42 18.61
CA ILE A 200 -20.83 65.53 17.65
C ILE A 200 -19.58 65.60 16.77
N LEU A 201 -18.39 65.39 17.34
CA LEU A 201 -17.15 65.31 16.58
C LEU A 201 -17.24 64.23 15.50
N TRP A 202 -17.71 63.03 15.85
CA TRP A 202 -17.90 61.95 14.88
C TRP A 202 -18.91 62.34 13.79
N LEU A 203 -20.05 62.95 14.17
CA LEU A 203 -21.06 63.40 13.21
C LEU A 203 -20.55 64.48 12.25
N LEU A 204 -19.75 65.44 12.73
CA LEU A 204 -19.11 66.43 11.86
C LEU A 204 -18.06 65.80 10.93
N GLN A 205 -17.32 64.79 11.42
CA GLN A 205 -16.45 64.00 10.53
C GLN A 205 -17.25 63.30 9.43
N GLN A 206 -18.39 62.71 9.78
CA GLN A 206 -19.29 62.09 8.80
C GLN A 206 -19.84 63.11 7.81
N GLU A 207 -20.16 64.33 8.24
CA GLU A 207 -20.55 65.41 7.34
C GLU A 207 -19.44 65.78 6.35
N MET A 208 -18.22 65.99 6.85
CA MET A 208 -17.05 66.33 6.04
C MET A 208 -16.80 65.29 4.94
N VAL A 209 -16.78 64.00 5.30
CA VAL A 209 -16.52 62.93 4.33
C VAL A 209 -17.69 62.77 3.36
N THR A 210 -18.93 63.07 3.77
CA THR A 210 -20.09 63.05 2.88
C THR A 210 -20.00 64.15 1.82
N TRP A 211 -19.55 65.35 2.19
CA TRP A 211 -19.29 66.43 1.21
C TRP A 211 -18.22 66.03 0.20
N ARG A 212 -17.13 65.41 0.66
CA ARG A 212 -16.07 64.87 -0.22
C ARG A 212 -16.60 63.85 -1.23
N LEU A 213 -17.47 62.94 -0.78
CA LEU A 213 -18.14 61.96 -1.64
C LEU A 213 -19.04 62.63 -2.69
N ILE A 214 -19.87 63.58 -2.26
CA ILE A 214 -20.76 64.34 -3.15
C ILE A 214 -19.94 65.06 -4.22
N ALA A 215 -18.86 65.75 -3.84
CA ALA A 215 -17.99 66.44 -4.78
C ALA A 215 -17.40 65.47 -5.81
N ALA A 216 -16.87 64.32 -5.39
CA ALA A 216 -16.27 63.34 -6.28
C ALA A 216 -17.27 62.76 -7.30
N LEU A 217 -18.42 62.26 -6.82
CA LEU A 217 -19.40 61.59 -7.67
C LEU A 217 -20.14 62.56 -8.60
N TYR A 218 -20.60 63.70 -8.10
CA TYR A 218 -21.33 64.65 -8.95
C TYR A 218 -20.42 65.36 -9.95
N ARG A 219 -19.14 65.57 -9.62
CA ARG A 219 -18.17 66.08 -10.60
C ARG A 219 -18.02 65.12 -11.78
N ASP A 220 -17.88 63.82 -11.50
CA ASP A 220 -17.81 62.80 -12.54
C ASP A 220 -19.12 62.70 -13.35
N ARG A 221 -20.28 62.68 -12.69
CA ARG A 221 -21.59 62.57 -13.37
C ARG A 221 -21.84 63.74 -14.33
N ILE A 222 -21.57 64.97 -13.88
CA ILE A 222 -21.74 66.16 -14.72
C ILE A 222 -20.74 66.17 -15.87
N GLN A 223 -19.47 65.85 -15.60
CA GLN A 223 -18.46 65.82 -16.66
C GLN A 223 -18.78 64.74 -17.70
N SER A 224 -19.22 63.56 -17.26
CA SER A 224 -19.58 62.45 -18.13
C SER A 224 -20.74 62.81 -19.06
N ALA A 225 -21.79 63.45 -18.52
CA ALA A 225 -22.94 63.89 -19.30
C ALA A 225 -22.57 64.92 -20.39
N LEU A 226 -21.49 65.69 -20.20
CA LEU A 226 -20.99 66.64 -21.21
C LEU A 226 -20.15 65.95 -22.31
N GLU A 227 -19.55 64.79 -22.02
CA GLU A 227 -18.61 64.12 -22.92
C GLU A 227 -19.23 63.01 -23.77
N GLU A 228 -20.47 62.58 -23.48
CA GLU A 228 -21.19 61.51 -24.21
C GLU A 228 -21.35 61.78 -25.73
N GLU A 229 -21.05 62.98 -26.22
CA GLU A 229 -21.04 63.29 -27.67
C GLU A 229 -19.83 62.70 -28.42
N ASN A 230 -18.77 62.22 -27.74
CA ASN A 230 -17.58 61.69 -28.40
C ASN A 230 -17.59 60.15 -28.49
N MET A 231 -17.48 59.62 -29.71
CA MET A 231 -17.27 58.19 -29.99
C MET A 231 -15.98 57.69 -29.31
N PHE A 232 -16.12 56.79 -28.34
CA PHE A 232 -14.98 56.16 -27.65
C PHE A 232 -14.19 55.25 -28.62
N GLU A 233 -12.88 55.41 -28.67
CA GLU A 233 -12.00 54.58 -29.50
C GLU A 233 -11.86 53.16 -28.95
N ILE A 234 -12.11 52.14 -29.79
CA ILE A 234 -11.92 50.73 -29.44
C ILE A 234 -10.42 50.42 -29.27
N ALA A 235 -10.06 49.60 -28.26
CA ALA A 235 -8.68 49.17 -28.05
C ALA A 235 -8.18 48.33 -29.23
N ALA A 236 -6.94 48.57 -29.69
CA ALA A 236 -6.32 47.71 -30.70
C ALA A 236 -6.11 46.30 -30.11
N PRO A 237 -6.16 45.23 -30.93
CA PRO A 237 -6.01 43.85 -30.44
C PRO A 237 -4.64 43.55 -29.79
N ASN A 238 -3.63 44.40 -30.02
CA ASN A 238 -2.31 44.29 -29.39
C ASN A 238 -2.10 45.34 -28.27
N ALA A 239 -3.18 45.94 -27.76
CA ALA A 239 -3.09 46.92 -26.68
C ALA A 239 -2.63 46.26 -25.38
N SER A 240 -1.79 46.96 -24.63
CA SER A 240 -1.37 46.54 -23.29
C SER A 240 -2.56 46.50 -22.32
N GLU A 241 -2.48 45.69 -21.25
CA GLU A 241 -3.54 45.63 -20.22
C GLU A 241 -3.86 47.02 -19.67
N LYS A 242 -2.84 47.85 -19.41
CA LYS A 242 -3.03 49.24 -18.95
C LYS A 242 -3.89 50.06 -19.91
N THR A 243 -3.69 49.91 -21.22
CA THR A 243 -4.48 50.63 -22.24
C THR A 243 -5.92 50.14 -22.31
N ILE A 244 -6.14 48.84 -22.15
CA ILE A 244 -7.49 48.25 -22.12
C ILE A 244 -8.26 48.81 -20.92
N VAL A 245 -7.64 48.78 -19.74
CA VAL A 245 -8.24 49.29 -18.51
C VAL A 245 -8.46 50.81 -18.57
N ASP A 246 -7.50 51.59 -19.09
CA ASP A 246 -7.68 53.03 -19.30
C ASP A 246 -8.92 53.34 -20.17
N LYS A 247 -9.17 52.52 -21.21
CA LYS A 247 -10.36 52.65 -22.07
C LYS A 247 -11.64 52.20 -21.36
N LEU A 248 -11.58 51.16 -20.53
CA LEU A 248 -12.70 50.74 -19.68
C LEU A 248 -13.15 51.88 -18.77
N PHE A 249 -12.22 52.50 -18.04
CA PHE A 249 -12.53 53.61 -17.13
C PHE A 249 -13.08 54.85 -17.86
N GLN A 250 -12.76 55.06 -19.13
CA GLN A 250 -13.35 56.14 -19.92
C GLN A 250 -14.78 55.81 -20.34
N ARG A 251 -15.01 54.58 -20.81
CA ARG A 251 -16.28 54.13 -21.38
C ARG A 251 -17.33 53.80 -20.30
N ASP A 252 -16.93 53.13 -19.23
CA ASP A 252 -17.82 52.53 -18.25
C ASP A 252 -17.99 53.42 -17.02
N THR A 253 -19.19 53.97 -16.86
CA THR A 253 -19.55 54.85 -15.75
C THR A 253 -19.62 54.11 -14.42
N LEU A 254 -20.07 52.85 -14.42
CA LEU A 254 -20.19 52.03 -13.21
C LEU A 254 -18.80 51.77 -12.63
N VAL A 255 -17.86 51.30 -13.45
CA VAL A 255 -16.48 51.02 -13.01
C VAL A 255 -15.81 52.29 -12.47
N ARG A 256 -15.97 53.41 -13.19
CA ARG A 256 -15.38 54.69 -12.81
C ARG A 256 -15.97 55.22 -11.50
N GLN A 257 -17.28 55.23 -11.34
CA GLN A 257 -17.92 55.70 -10.10
C GLN A 257 -17.62 54.78 -8.92
N SER A 258 -17.62 53.46 -9.12
CA SER A 258 -17.21 52.50 -8.08
C SER A 258 -15.77 52.74 -7.61
N GLN A 259 -14.85 53.07 -8.53
CA GLN A 259 -13.49 53.45 -8.14
C GLN A 259 -13.44 54.77 -7.38
N LEU A 260 -14.27 55.76 -7.71
CA LEU A 260 -14.36 57.01 -6.93
C LEU A 260 -14.84 56.74 -5.49
N VAL A 261 -15.77 55.80 -5.29
CA VAL A 261 -16.19 55.36 -3.95
C VAL A 261 -15.04 54.69 -3.21
N VAL A 262 -14.23 53.86 -3.88
CA VAL A 262 -13.01 53.28 -3.30
C VAL A 262 -12.02 54.36 -2.91
N ASP A 263 -11.69 55.29 -3.80
CA ASP A 263 -10.76 56.40 -3.57
C ASP A 263 -11.22 57.26 -2.38
N TRP A 264 -12.53 57.52 -2.29
CA TRP A 264 -13.14 58.22 -1.16
C TRP A 264 -12.94 57.46 0.15
N LEU A 265 -13.27 56.17 0.21
CA LEU A 265 -13.10 55.34 1.42
C LEU A 265 -11.63 55.16 1.81
N GLU A 266 -10.72 55.09 0.84
CA GLU A 266 -9.28 55.07 1.09
C GLU A 266 -8.79 56.41 1.66
N SER A 267 -9.37 57.54 1.22
CA SER A 267 -9.08 58.87 1.77
C SER A 267 -9.48 59.01 3.24
N ILE A 268 -10.62 58.46 3.65
CA ILE A 268 -11.06 58.49 5.05
C ILE A 268 -10.08 57.70 5.91
N ALA A 269 -9.75 56.47 5.50
CA ALA A 269 -8.79 55.64 6.21
C ALA A 269 -7.41 56.32 6.30
N LYS A 270 -6.99 57.04 5.26
CA LYS A 270 -5.75 57.83 5.27
C LYS A 270 -5.77 58.96 6.31
N ASP A 271 -6.90 59.66 6.46
CA ASP A 271 -7.07 60.71 7.46
C ASP A 271 -6.99 60.15 8.89
N GLU A 272 -7.42 58.90 9.10
CA GLU A 272 -7.33 58.20 10.39
C GLU A 272 -5.93 57.68 10.72
N VAL A 273 -5.16 57.24 9.72
CA VAL A 273 -3.80 56.74 9.92
C VAL A 273 -2.90 57.80 10.58
N GLY A 274 -3.03 59.07 10.20
CA GLY A 274 -2.35 60.21 10.85
C GLY A 274 -0.84 59.98 11.15
N ASP A 275 -0.38 60.50 12.30
CA ASP A 275 1.00 60.38 12.79
C ASP A 275 1.36 58.96 13.29
N PHE A 276 0.45 57.97 13.23
CA PHE A 276 0.73 56.62 13.72
C PHE A 276 1.83 55.91 12.92
N SER A 277 2.10 56.38 11.70
CA SER A 277 3.27 56.03 10.89
C SER A 277 4.59 56.13 11.68
N ASP A 278 4.75 57.18 12.50
CA ASP A 278 6.02 57.49 13.17
C ASP A 278 6.31 56.51 14.33
N ASN A 279 5.26 55.95 14.94
CA ASN A 279 5.41 55.04 16.07
C ASN A 279 5.99 53.67 15.66
N ILE A 280 5.81 53.26 14.40
CA ILE A 280 6.29 51.97 13.93
C ILE A 280 7.81 51.94 13.77
N GLU A 281 8.42 53.12 13.52
CA GLU A 281 9.86 53.26 13.36
C GLU A 281 10.62 52.83 14.62
N TYR A 282 10.00 52.94 15.80
CA TYR A 282 10.56 52.47 17.06
C TYR A 282 10.60 50.94 17.22
N TYR A 283 9.80 50.21 16.44
CA TYR A 283 9.67 48.75 16.54
C TYR A 283 10.19 48.00 15.31
N ALA A 284 10.42 48.69 14.19
CA ALA A 284 10.95 48.11 12.97
C ALA A 284 12.43 47.74 13.14
N LYS A 285 12.71 46.48 13.51
CA LYS A 285 14.07 45.93 13.56
C LYS A 285 14.67 45.88 12.15
N SER A 286 15.97 46.17 12.07
CA SER A 286 16.70 46.24 10.80
C SER A 286 16.84 44.90 10.05
N VAL A 287 16.58 43.77 10.72
CA VAL A 287 16.75 42.43 10.16
C VAL A 287 15.49 41.59 10.39
N TYR A 288 15.05 40.91 9.33
CA TYR A 288 13.92 39.98 9.39
C TYR A 288 14.24 38.76 10.26
N TRP A 289 13.30 38.40 11.14
CA TRP A 289 13.40 37.28 12.08
C TRP A 289 14.70 37.24 12.89
N GLU A 290 15.10 38.38 13.44
CA GLU A 290 16.35 38.53 14.20
C GLU A 290 16.44 37.52 15.37
N ASN A 291 15.34 37.29 16.10
CA ASN A 291 15.35 36.42 17.27
C ASN A 291 15.46 34.93 16.87
N THR A 292 14.76 34.53 15.81
CA THR A 292 14.83 33.18 15.24
C THR A 292 16.22 32.92 14.70
N LEU A 293 16.80 33.87 13.96
CA LEU A 293 18.18 33.81 13.48
C LEU A 293 19.17 33.68 14.65
N HIS A 294 18.98 34.46 15.72
CA HIS A 294 19.81 34.39 16.91
C HIS A 294 19.73 33.00 17.57
N THR A 295 18.53 32.48 17.78
CA THR A 295 18.30 31.15 18.38
C THR A 295 18.90 30.03 17.52
N LEU A 296 18.81 30.13 16.19
CA LEU A 296 19.43 29.16 15.27
C LEU A 296 20.96 29.21 15.32
N LYS A 297 21.55 30.40 15.35
CA LYS A 297 23.00 30.57 15.51
C LYS A 297 23.49 30.03 16.86
N GLN A 298 22.74 30.26 17.93
CA GLN A 298 23.10 29.76 19.25
C GLN A 298 23.04 28.23 19.35
N ARG A 299 22.03 27.60 18.71
CA ARG A 299 21.94 26.13 18.60
C ARG A 299 23.11 25.52 17.82
N SER A 300 23.61 26.22 16.81
CA SER A 300 24.82 25.79 16.09
C SER A 300 26.08 25.83 16.95
N MET A 301 26.11 26.62 18.03
CA MET A 301 27.29 26.79 18.88
C MET A 301 27.25 26.00 20.19
N LEU A 302 26.07 25.66 20.73
CA LEU A 302 25.94 24.96 22.00
C LEU A 302 24.86 23.87 21.94
N SER A 303 25.27 22.62 22.10
CA SER A 303 24.39 21.46 22.28
C SER A 303 23.80 21.42 23.69
N LEU A 304 22.95 22.40 24.03
CA LEU A 304 22.22 22.42 25.30
C LEU A 304 20.74 22.05 25.09
N GLY A 305 20.24 21.19 25.96
CA GLY A 305 19.01 20.41 25.77
C GLY A 305 17.68 21.18 25.80
N SER A 306 16.70 20.57 25.14
CA SER A 306 15.24 20.83 25.19
C SER A 306 14.78 22.28 25.01
N SER A 307 15.08 22.86 23.84
CA SER A 307 14.40 24.08 23.35
C SER A 307 13.44 23.71 22.21
N ARG A 308 12.24 24.28 22.20
CA ARG A 308 11.15 24.08 21.22
C ARG A 308 11.68 24.06 19.78
N PRO A 309 11.44 23.03 18.95
CA PRO A 309 11.94 23.02 17.57
C PRO A 309 11.41 24.26 16.83
N LEU A 310 12.32 25.01 16.21
CA LEU A 310 12.04 26.22 15.42
C LEU A 310 12.40 25.91 13.96
N VAL A 311 11.92 26.74 13.03
CA VAL A 311 12.29 26.65 11.60
C VAL A 311 13.79 26.60 11.41
N SER A 312 14.27 25.78 10.47
CA SER A 312 15.71 25.64 10.17
C SER A 312 16.19 26.57 9.05
N GLU A 313 15.26 27.14 8.29
CA GLU A 313 15.52 28.02 7.14
C GLU A 313 14.82 29.38 7.38
N LEU A 314 15.32 30.44 6.73
CA LEU A 314 14.87 31.83 6.95
C LEU A 314 14.11 32.43 5.77
N ASP A 315 13.76 31.62 4.78
CA ASP A 315 12.83 32.04 3.74
C ASP A 315 11.40 32.13 4.31
N PRO A 316 10.54 33.01 3.76
CA PRO A 316 9.19 33.24 4.29
C PRO A 316 8.30 31.99 4.26
N ASP A 317 8.60 31.02 3.40
CA ASP A 317 7.83 29.77 3.29
C ASP A 317 8.28 28.72 4.32
N ALA A 318 9.40 28.92 5.03
CA ALA A 318 9.94 27.94 5.96
C ALA A 318 8.95 27.51 7.07
N PRO A 319 8.20 28.42 7.72
CA PRO A 319 7.20 28.04 8.73
C PRO A 319 6.11 27.12 8.17
N ILE A 320 5.69 27.36 6.93
CA ILE A 320 4.62 26.62 6.26
C ILE A 320 5.14 25.26 5.78
N ARG A 321 6.28 25.28 5.06
CA ARG A 321 6.93 24.10 4.49
C ARG A 321 7.35 23.11 5.58
N GLN A 322 7.93 23.61 6.67
CA GLN A 322 8.45 22.77 7.76
C GLN A 322 7.41 22.50 8.83
N LYS A 323 6.30 23.25 8.86
CA LYS A 323 5.29 23.23 9.93
C LYS A 323 5.90 23.44 11.31
N LEU A 324 6.96 24.26 11.37
CA LEU A 324 7.66 24.64 12.58
C LEU A 324 7.42 26.12 12.87
N PRO A 325 7.32 26.51 14.16
CA PRO A 325 7.09 27.89 14.53
C PRO A 325 8.37 28.74 14.46
N LEU A 326 8.15 30.04 14.35
CA LEU A 326 9.15 31.08 14.60
C LEU A 326 9.35 31.28 16.10
N ASP A 327 10.39 32.04 16.45
CA ASP A 327 10.49 32.62 17.79
C ASP A 327 9.24 33.45 18.10
N ASP A 328 8.78 33.42 19.35
CA ASP A 328 7.52 34.05 19.73
C ASP A 328 7.57 35.58 19.54
N LEU A 329 8.73 36.21 19.75
CA LEU A 329 8.92 37.65 19.51
C LEU A 329 8.83 37.99 18.02
N ASP A 330 9.44 37.19 17.15
CA ASP A 330 9.37 37.42 15.70
C ASP A 330 7.96 37.22 15.17
N ARG A 331 7.23 36.24 15.71
CA ARG A 331 5.82 36.01 15.36
C ARG A 331 4.95 37.19 15.78
N GLU A 332 5.15 37.76 16.96
CA GLU A 332 4.43 38.98 17.39
C GLU A 332 4.77 40.18 16.52
N ASP A 333 6.05 40.37 16.20
CA ASP A 333 6.53 41.46 15.35
C ASP A 333 5.92 41.36 13.94
N ASP A 334 5.85 40.15 13.35
CA ASP A 334 5.19 39.91 12.06
C ASP A 334 3.68 40.18 12.11
N ILE A 335 2.97 39.76 13.17
CA ILE A 335 1.54 40.03 13.32
C ILE A 335 1.26 41.53 13.36
N ARG A 336 2.07 42.29 14.12
CA ARG A 336 1.97 43.74 14.19
C ARG A 336 2.21 44.33 12.79
N LEU A 337 3.33 44.00 12.16
CA LEU A 337 3.69 44.52 10.84
C LEU A 337 2.59 44.25 9.81
N LEU A 338 2.05 43.03 9.74
CA LEU A 338 1.00 42.66 8.80
C LEU A 338 -0.29 43.46 9.03
N LYS A 339 -0.68 43.69 10.30
CA LYS A 339 -1.82 44.55 10.62
C LYS A 339 -1.62 45.97 10.08
N TYR A 340 -0.43 46.54 10.27
CA TYR A 340 -0.13 47.89 9.77
C TYR A 340 -0.05 47.95 8.24
N LEU A 341 0.55 46.94 7.59
CA LEU A 341 0.55 46.85 6.14
C LEU A 341 -0.86 46.79 5.58
N PHE A 342 -1.76 46.02 6.22
CA PHE A 342 -3.17 46.01 5.85
C PHE A 342 -3.80 47.39 6.00
N THR A 343 -3.56 48.10 7.11
CA THR A 343 -4.07 49.47 7.31
C THR A 343 -3.58 50.44 6.23
N LEU A 344 -2.29 50.37 5.84
CA LEU A 344 -1.75 51.20 4.76
C LEU A 344 -2.39 50.87 3.42
N ILE A 345 -2.62 49.59 3.12
CA ILE A 345 -3.29 49.16 1.88
C ILE A 345 -4.76 49.60 1.88
N ARG A 346 -5.46 49.50 3.01
CA ARG A 346 -6.83 49.99 3.21
C ARG A 346 -6.94 51.52 3.05
N ALA A 347 -5.86 52.25 3.28
CA ALA A 347 -5.74 53.69 3.07
C ALA A 347 -5.22 54.08 1.67
N GLY A 348 -5.09 53.13 0.73
CA GLY A 348 -4.55 53.38 -0.61
C GLY A 348 -3.04 53.71 -0.64
N MET A 349 -2.34 53.58 0.49
CA MET A 349 -0.92 53.91 0.66
C MET A 349 -0.01 52.72 0.31
N THR A 350 -0.23 52.09 -0.84
CA THR A 350 0.52 50.88 -1.24
C THR A 350 2.02 51.14 -1.38
N ASP A 351 2.42 52.32 -1.83
CA ASP A 351 3.84 52.69 -1.92
C ASP A 351 4.50 52.77 -0.53
N GLU A 352 3.79 53.32 0.46
CA GLU A 352 4.32 53.37 1.83
C GLU A 352 4.36 51.97 2.45
N ALA A 353 3.38 51.12 2.15
CA ALA A 353 3.43 49.72 2.54
C ALA A 353 4.66 49.01 1.95
N GLN A 354 4.99 49.24 0.67
CA GLN A 354 6.20 48.70 0.05
C GLN A 354 7.49 49.25 0.67
N ARG A 355 7.55 50.55 0.96
CA ARG A 355 8.69 51.17 1.65
C ARG A 355 8.87 50.57 3.05
N LEU A 356 7.78 50.40 3.79
CA LEU A 356 7.80 49.77 5.11
C LEU A 356 8.31 48.33 5.04
N CYS A 357 7.82 47.52 4.09
CA CYS A 357 8.34 46.17 3.85
C CYS A 357 9.85 46.17 3.59
N LYS A 358 10.36 47.07 2.74
CA LYS A 358 11.79 47.21 2.44
C LYS A 358 12.59 47.61 3.70
N ARG A 359 12.08 48.55 4.49
CA ARG A 359 12.71 49.01 5.75
C ARG A 359 12.79 47.91 6.81
N CYS A 360 11.75 47.08 6.93
CA CYS A 360 11.70 45.95 7.86
C CYS A 360 12.48 44.71 7.40
N GLY A 361 13.28 44.81 6.33
CA GLY A 361 14.05 43.68 5.78
C GLY A 361 13.23 42.66 5.00
N GLN A 362 11.97 42.96 4.67
CA GLN A 362 11.05 42.09 3.95
C GLN A 362 10.86 42.55 2.50
N ALA A 363 11.97 42.73 1.77
CA ALA A 363 11.96 43.17 0.37
C ALA A 363 11.20 42.20 -0.55
N TRP A 364 11.16 40.90 -0.21
CA TRP A 364 10.37 39.89 -0.90
C TRP A 364 8.87 40.23 -0.85
N ARG A 365 8.36 40.71 0.29
CA ARG A 365 6.95 41.11 0.43
C ARG A 365 6.68 42.40 -0.32
N ALA A 366 7.63 43.34 -0.33
CA ALA A 366 7.50 44.52 -1.18
C ALA A 366 7.34 44.13 -2.67
N ALA A 367 8.06 43.11 -3.13
CA ALA A 367 7.93 42.59 -4.49
C ALA A 367 6.56 41.91 -4.73
N THR A 368 6.01 41.18 -3.74
CA THR A 368 4.66 40.60 -3.89
C THR A 368 3.59 41.69 -4.00
N LEU A 369 3.74 42.81 -3.30
CA LEU A 369 2.86 43.97 -3.38
C LEU A 369 2.98 44.78 -4.69
N GLU A 370 3.95 44.50 -5.56
CA GLU A 370 4.08 45.16 -6.88
C GLU A 370 3.36 44.39 -7.99
N GLY A 371 3.01 43.12 -7.78
CA GLY A 371 2.53 42.23 -8.84
C GLY A 371 1.14 42.54 -9.39
N TRP A 372 0.37 43.42 -8.75
CA TRP A 372 -0.95 43.87 -9.23
C TRP A 372 -0.87 44.84 -10.42
N LYS A 373 0.29 45.51 -10.62
CA LYS A 373 0.44 46.54 -11.64
C LYS A 373 0.21 45.98 -13.04
N LEU A 374 -0.69 46.64 -13.77
CA LEU A 374 -1.06 46.27 -15.15
C LEU A 374 0.14 46.37 -16.08
N TYR A 375 0.32 45.37 -16.94
CA TYR A 375 1.39 45.38 -17.92
C TYR A 375 1.23 46.53 -18.93
N HIS A 376 2.31 47.28 -19.14
CA HIS A 376 2.40 48.34 -20.14
C HIS A 376 3.80 48.42 -20.75
N ASP A 377 3.85 48.31 -22.08
CA ASP A 377 5.06 48.61 -22.84
C ASP A 377 4.76 49.79 -23.77
N ALA A 378 5.25 50.97 -23.38
CA ALA A 378 5.14 52.21 -24.13
C ALA A 378 5.89 52.17 -25.48
N ASN A 379 6.78 51.19 -25.68
CA ASN A 379 7.62 51.10 -26.86
C ASN A 379 6.96 50.32 -28.02
N ILE A 380 5.82 49.65 -27.79
CA ILE A 380 5.12 48.84 -28.80
C ILE A 380 4.76 49.65 -30.06
N ASN A 381 4.49 50.96 -29.90
CA ASN A 381 4.10 51.84 -31.00
C ASN A 381 5.26 52.66 -31.59
N GLY A 382 6.53 52.35 -31.24
CA GLY A 382 7.71 52.95 -31.88
C GLY A 382 7.95 54.42 -31.56
N GLY A 383 7.81 54.81 -30.29
CA GLY A 383 8.16 56.16 -29.81
C GLY A 383 9.63 56.53 -30.05
N THR A 384 9.93 57.83 -30.15
CA THR A 384 11.29 58.34 -30.40
C THR A 384 12.26 58.16 -29.23
N GLU A 385 11.75 57.98 -28.01
CA GLU A 385 12.55 57.70 -26.81
C GLU A 385 12.08 56.40 -26.16
N LEU A 386 13.05 55.54 -25.80
CA LEU A 386 12.78 54.30 -25.07
C LEU A 386 12.31 54.62 -23.65
N GLN A 387 11.12 54.16 -23.30
CA GLN A 387 10.54 54.28 -21.97
C GLN A 387 10.59 52.94 -21.23
N ALA A 388 10.59 52.97 -19.90
CA ALA A 388 10.62 51.75 -19.10
C ALA A 388 9.31 50.98 -19.25
N VAL A 389 9.42 49.65 -19.37
CA VAL A 389 8.25 48.75 -19.32
C VAL A 389 7.77 48.67 -17.88
N GLU A 390 6.46 48.76 -17.68
CA GLU A 390 5.81 48.76 -16.37
C GLU A 390 4.89 47.54 -16.19
N GLY A 391 4.71 47.12 -14.94
CA GLY A 391 3.76 46.07 -14.56
C GLY A 391 4.22 44.64 -14.82
N ASN A 392 3.32 43.70 -14.56
CA ASN A 392 3.58 42.27 -14.62
C ASN A 392 2.89 41.63 -15.85
N PRO A 393 3.62 41.14 -16.87
CA PRO A 393 3.00 40.47 -18.03
C PRO A 393 2.30 39.15 -17.65
N TYR A 394 2.63 38.56 -16.49
CA TYR A 394 2.01 37.36 -15.95
C TYR A 394 1.16 37.68 -14.72
N ARG A 395 0.48 38.84 -14.72
CA ARG A 395 -0.40 39.29 -13.63
C ARG A 395 -1.45 38.24 -13.25
N CYS A 396 -2.00 37.53 -14.22
CA CYS A 396 -2.98 36.47 -13.96
C CYS A 396 -2.42 35.33 -13.08
N VAL A 397 -1.18 34.90 -13.32
CA VAL A 397 -0.50 33.87 -12.51
C VAL A 397 -0.28 34.40 -11.10
N TRP A 398 0.23 35.64 -10.98
CA TRP A 398 0.42 36.29 -9.69
C TRP A 398 -0.90 36.39 -8.92
N LYS A 399 -1.99 36.77 -9.59
CA LYS A 399 -3.33 36.87 -9.00
C LYS A 399 -3.83 35.53 -8.49
N THR A 400 -3.65 34.45 -9.25
CA THR A 400 -3.96 33.07 -8.80
C THR A 400 -3.11 32.65 -7.60
N CYS A 401 -1.82 33.01 -7.56
CA CYS A 401 -0.97 32.75 -6.41
C CYS A 401 -1.46 33.50 -5.16
N CYS A 402 -1.72 34.80 -5.26
CA CYS A 402 -2.28 35.60 -4.16
C CYS A 402 -3.62 35.04 -3.69
N TRP A 403 -4.48 34.60 -4.61
CA TRP A 403 -5.75 33.97 -4.27
C TRP A 403 -5.57 32.72 -3.40
N ARG A 404 -4.66 31.82 -3.80
CA ARG A 404 -4.34 30.60 -3.04
C ARG A 404 -3.73 30.92 -1.68
N MET A 405 -2.85 31.91 -1.61
CA MET A 405 -2.26 32.37 -0.34
C MET A 405 -3.32 32.97 0.60
N ALA A 406 -4.33 33.66 0.08
CA ALA A 406 -5.43 34.19 0.87
C ALA A 406 -6.33 33.10 1.47
N GLU A 407 -6.47 31.96 0.79
CA GLU A 407 -7.29 30.82 1.25
C GLU A 407 -6.54 29.91 2.22
N ASP A 408 -5.21 29.91 2.21
CA ASP A 408 -4.42 29.06 3.10
C ASP A 408 -4.46 29.56 4.56
N GLU A 409 -5.12 28.79 5.41
CA GLU A 409 -5.32 29.08 6.83
C GLU A 409 -4.03 29.06 7.66
N GLN A 410 -2.92 28.56 7.11
CA GLN A 410 -1.62 28.62 7.78
C GLN A 410 -1.08 30.06 7.89
N PHE A 411 -1.52 30.97 7.01
CA PHE A 411 -1.15 32.38 7.05
C PHE A 411 -1.97 33.17 8.06
N ASN A 412 -1.38 34.27 8.55
CA ASN A 412 -2.09 35.19 9.44
C ASN A 412 -3.28 35.84 8.74
N LYS A 413 -4.37 36.12 9.47
CA LYS A 413 -5.58 36.76 8.95
C LYS A 413 -5.32 38.06 8.17
N TYR A 414 -4.36 38.89 8.59
CA TYR A 414 -4.03 40.13 7.91
C TYR A 414 -3.21 39.89 6.64
N GLU A 415 -2.32 38.88 6.63
CA GLU A 415 -1.61 38.50 5.41
C GLU A 415 -2.56 37.95 4.35
N ARG A 416 -3.50 37.10 4.80
CA ARG A 416 -4.58 36.60 3.96
C ARG A 416 -5.43 37.75 3.40
N ALA A 417 -5.79 38.71 4.25
CA ALA A 417 -6.54 39.89 3.83
C ALA A 417 -5.78 40.77 2.83
N ILE A 418 -4.47 40.98 3.01
CA ILE A 418 -3.65 41.74 2.06
C ILE A 418 -3.70 41.09 0.68
N TYR A 419 -3.46 39.77 0.60
CA TYR A 419 -3.50 39.07 -0.68
C TYR A 419 -4.92 38.97 -1.23
N ALA A 420 -5.94 38.89 -0.36
CA ALA A 420 -7.34 38.92 -0.75
C ALA A 420 -7.75 40.26 -1.38
N THR A 421 -7.34 41.39 -0.80
CA THR A 421 -7.54 42.73 -1.38
C THR A 421 -6.91 42.83 -2.76
N LEU A 422 -5.69 42.31 -2.89
CA LEU A 422 -4.90 42.37 -4.11
C LEU A 422 -5.36 41.40 -5.22
N SER A 423 -6.05 40.31 -4.85
CA SER A 423 -6.53 39.31 -5.80
C SER A 423 -8.04 39.37 -6.08
N GLY A 424 -8.79 40.22 -5.37
CA GLY A 424 -10.24 40.30 -5.48
C GLY A 424 -11.00 39.22 -4.71
N ASN A 425 -10.43 38.65 -3.63
CA ASN A 425 -11.08 37.60 -2.85
C ASN A 425 -11.91 38.18 -1.68
N LEU A 426 -13.16 38.53 -1.93
CA LEU A 426 -14.04 39.14 -0.92
C LEU A 426 -14.20 38.28 0.35
N LYS A 427 -14.36 36.96 0.20
CA LYS A 427 -14.61 36.03 1.33
C LYS A 427 -13.48 36.05 2.35
N GLN A 428 -12.23 36.20 1.90
CA GLN A 428 -11.05 36.23 2.77
C GLN A 428 -10.71 37.64 3.27
N LEU A 429 -11.26 38.68 2.64
CA LEU A 429 -11.09 40.08 3.04
C LEU A 429 -12.08 40.50 4.15
N LEU A 430 -13.34 40.10 4.05
CA LEU A 430 -14.39 40.48 4.99
C LEU A 430 -14.07 40.19 6.48
N PRO A 431 -13.37 39.11 6.88
CA PRO A 431 -13.09 38.82 8.28
C PRO A 431 -12.28 39.88 9.03
N VAL A 432 -11.52 40.73 8.33
CA VAL A 432 -10.75 41.81 8.96
C VAL A 432 -11.41 43.19 8.86
N CYS A 433 -12.50 43.31 8.10
CA CYS A 433 -13.25 44.55 7.92
C CYS A 433 -14.25 44.72 9.07
N GLU A 434 -14.05 45.67 9.98
CA GLU A 434 -14.85 45.76 11.22
C GLU A 434 -15.94 46.83 11.18
N SER A 435 -15.72 47.92 10.43
CA SER A 435 -16.68 49.03 10.27
C SER A 435 -17.52 48.92 8.99
N TRP A 436 -18.55 49.75 8.91
CA TRP A 436 -19.33 49.96 7.69
C TRP A 436 -18.42 50.41 6.55
N GLU A 437 -17.57 51.42 6.77
CA GLU A 437 -16.65 51.96 5.77
C GLU A 437 -15.68 50.88 5.24
N ASP A 438 -15.16 50.02 6.11
CA ASP A 438 -14.30 48.89 5.71
C ASP A 438 -15.05 47.87 4.86
N THR A 439 -16.28 47.56 5.25
CA THR A 439 -17.10 46.55 4.56
C THR A 439 -17.49 47.07 3.17
N VAL A 440 -17.99 48.31 3.07
CA VAL A 440 -18.28 48.97 1.80
C VAL A 440 -17.03 49.02 0.92
N TRP A 441 -15.87 49.41 1.47
CA TRP A 441 -14.62 49.43 0.72
C TRP A 441 -14.27 48.05 0.17
N ALA A 442 -14.40 46.99 0.98
CA ALA A 442 -14.10 45.63 0.54
C ALA A 442 -14.98 45.20 -0.65
N HIS A 443 -16.30 45.45 -0.58
CA HIS A 443 -17.21 45.12 -1.69
C HIS A 443 -16.89 45.92 -2.95
N PHE A 444 -16.74 47.24 -2.84
CA PHE A 444 -16.44 48.09 -4.00
C PHE A 444 -15.06 47.82 -4.60
N LYS A 445 -14.04 47.55 -3.76
CA LYS A 445 -12.70 47.20 -4.24
C LYS A 445 -12.70 45.91 -5.04
N VAL A 446 -13.40 44.88 -4.55
CA VAL A 446 -13.52 43.59 -5.24
C VAL A 446 -14.39 43.71 -6.49
N MET A 447 -15.47 44.51 -6.45
CA MET A 447 -16.29 44.81 -7.62
C MET A 447 -15.44 45.39 -8.75
N VAL A 448 -14.68 46.46 -8.47
CA VAL A 448 -13.82 47.08 -9.50
C VAL A 448 -12.78 46.08 -10.02
N ASP A 449 -12.11 45.35 -9.14
CA ASP A 449 -11.10 44.36 -9.54
C ASP A 449 -11.70 43.23 -10.42
N SER A 450 -12.90 42.76 -10.09
CA SER A 450 -13.66 41.75 -10.87
C SER A 450 -14.04 42.26 -12.25
N LEU A 451 -14.61 43.47 -12.34
CA LEU A 451 -15.01 44.09 -13.61
C LEU A 451 -13.80 44.36 -14.52
N VAL A 452 -12.69 44.83 -13.95
CA VAL A 452 -11.42 45.02 -14.68
C VAL A 452 -10.89 43.70 -15.22
N GLU A 453 -10.91 42.64 -14.41
CA GLU A 453 -10.45 41.31 -14.84
C GLU A 453 -11.32 40.73 -15.96
N GLN A 454 -12.64 40.93 -15.90
CA GLN A 454 -13.58 40.51 -16.95
C GLN A 454 -13.25 41.19 -18.30
N GLU A 455 -13.02 42.51 -18.31
CA GLU A 455 -12.70 43.26 -19.53
C GLU A 455 -11.36 42.83 -20.15
N ILE A 456 -10.34 42.61 -19.31
CA ILE A 456 -9.02 42.14 -19.77
C ILE A 456 -9.14 40.78 -20.45
N ARG A 457 -9.90 39.85 -19.85
CA ARG A 457 -10.11 38.51 -20.43
C ARG A 457 -10.92 38.52 -21.71
N ALA A 458 -11.92 39.40 -21.78
CA ALA A 458 -12.70 39.58 -23.00
C ALA A 458 -11.85 40.13 -24.17
N SER A 459 -10.85 40.96 -23.86
CA SER A 459 -10.01 41.63 -24.87
C SER A 459 -8.81 40.81 -25.34
N ILE A 460 -8.26 39.92 -24.50
CA ILE A 460 -7.05 39.16 -24.79
C ILE A 460 -7.40 37.73 -25.25
N ILE A 461 -7.24 37.47 -26.55
CA ILE A 461 -7.61 36.20 -27.23
C ILE A 461 -6.82 34.98 -26.73
N SER A 462 -5.67 35.18 -26.06
CA SER A 462 -4.72 34.10 -25.74
C SER A 462 -4.55 33.87 -24.23
N PHE A 463 -5.65 33.70 -23.50
CA PHE A 463 -5.59 33.23 -22.11
C PHE A 463 -5.46 31.70 -22.07
N ASN A 464 -4.39 31.19 -21.46
CA ASN A 464 -4.25 29.76 -21.15
C ASN A 464 -5.19 29.40 -19.98
N GLU A 465 -6.14 28.49 -20.22
CA GLU A 465 -7.13 27.98 -19.24
C GLU A 465 -6.53 27.34 -17.98
N ALA A 466 -5.20 27.13 -17.91
CA ALA A 466 -4.56 26.36 -16.85
C ALA A 466 -4.53 27.05 -15.46
N ASN A 467 -4.94 28.32 -15.34
CA ASN A 467 -4.85 29.11 -14.10
C ASN A 467 -6.22 29.70 -13.71
N GLU A 468 -7.17 28.83 -13.33
CA GLU A 468 -8.54 29.22 -12.99
C GLU A 468 -8.60 29.94 -11.63
N LEU A 469 -8.92 31.24 -11.68
CA LEU A 469 -9.59 31.92 -10.56
C LEU A 469 -11.03 31.36 -10.44
N PRO A 470 -11.66 31.41 -9.25
CA PRO A 470 -13.00 30.84 -9.08
C PRO A 470 -14.03 31.47 -10.03
N ARG A 471 -14.92 30.65 -10.59
CA ARG A 471 -15.98 31.11 -11.50
C ARG A 471 -16.90 32.15 -10.85
N GLU A 472 -17.20 31.99 -9.56
CA GLU A 472 -18.00 32.95 -8.79
C GLU A 472 -17.45 34.38 -8.86
N TYR A 473 -16.13 34.54 -8.89
CA TYR A 473 -15.48 35.85 -8.99
C TYR A 473 -15.48 36.39 -10.42
N LEU A 474 -15.40 35.50 -11.42
CA LEU A 474 -15.31 35.86 -12.84
C LEU A 474 -16.68 36.15 -13.46
N GLU A 475 -17.72 35.47 -12.99
CA GLU A 475 -19.09 35.57 -13.48
C GLU A 475 -19.98 36.40 -12.53
N ALA A 476 -19.37 37.15 -11.62
CA ALA A 476 -20.08 38.01 -10.69
C ALA A 476 -20.84 39.13 -11.42
N ASN A 477 -22.16 39.16 -11.24
CA ASN A 477 -23.03 40.20 -11.75
C ASN A 477 -23.18 41.31 -10.71
N TRP A 478 -22.28 42.27 -10.76
CA TRP A 478 -22.23 43.37 -9.82
C TRP A 478 -23.26 44.46 -10.15
N THR A 479 -24.04 44.86 -9.15
CA THR A 479 -24.81 46.11 -9.18
C THR A 479 -24.49 46.93 -7.94
N LEU A 480 -24.73 48.24 -7.99
CA LEU A 480 -24.53 49.09 -6.81
C LEU A 480 -25.48 48.67 -5.68
N ASP A 481 -26.72 48.32 -6.01
CA ASP A 481 -27.73 47.84 -5.06
C ASP A 481 -27.31 46.56 -4.37
N SER A 482 -26.73 45.59 -5.10
CA SER A 482 -26.35 44.29 -4.53
C SER A 482 -25.33 44.44 -3.40
N VAL A 483 -24.43 45.43 -3.50
CA VAL A 483 -23.48 45.73 -2.43
C VAL A 483 -24.23 46.11 -1.15
N PHE A 484 -25.16 47.07 -1.22
CA PHE A 484 -25.89 47.53 -0.03
C PHE A 484 -26.89 46.49 0.50
N GLU A 485 -27.43 45.62 -0.36
CA GLU A 485 -28.21 44.46 0.07
C GLU A 485 -27.36 43.46 0.88
N GLU A 486 -26.12 43.18 0.43
CA GLU A 486 -25.18 42.33 1.18
C GLU A 486 -24.79 42.95 2.52
N LEU A 487 -24.61 44.27 2.58
CA LEU A 487 -24.38 45.00 3.84
C LEU A 487 -25.56 44.89 4.81
N GLN A 488 -26.79 44.82 4.32
CA GLN A 488 -27.97 44.59 5.15
C GLN A 488 -28.08 43.14 5.63
N ALA A 489 -27.53 42.19 4.86
CA ALA A 489 -27.52 40.76 5.19
C ALA A 489 -26.35 40.33 6.09
N THR A 490 -25.45 41.25 6.46
CA THR A 490 -24.28 40.93 7.30
C THR A 490 -24.68 40.50 8.72
N ASP A 491 -23.89 39.61 9.32
CA ASP A 491 -24.02 39.18 10.71
C ASP A 491 -23.31 40.11 11.70
N LYS A 492 -22.55 41.08 11.21
CA LYS A 492 -21.80 42.04 12.02
C LYS A 492 -22.69 43.11 12.61
N LYS A 493 -22.98 42.99 13.91
CA LYS A 493 -23.82 43.94 14.66
C LYS A 493 -23.39 45.41 14.50
N ARG A 494 -22.09 45.71 14.56
CA ARG A 494 -21.57 47.08 14.40
C ARG A 494 -21.93 47.69 13.05
N VAL A 495 -21.76 46.93 11.97
CA VAL A 495 -22.07 47.38 10.61
C VAL A 495 -23.57 47.61 10.45
N LEU A 496 -24.42 46.75 11.03
CA LEU A 496 -25.87 46.93 11.01
C LEU A 496 -26.35 48.16 11.78
N GLU A 497 -25.66 48.52 12.87
CA GLU A 497 -25.93 49.74 13.63
C GLU A 497 -25.50 50.98 12.84
N GLU A 498 -24.27 51.00 12.32
CA GLU A 498 -23.74 52.10 11.49
C GLU A 498 -24.58 52.28 10.20
N ASN A 499 -25.11 51.21 9.60
CA ASN A 499 -25.96 51.32 8.41
C ASN A 499 -27.28 52.07 8.63
N ARG A 500 -27.68 52.31 9.89
CA ARG A 500 -28.87 53.10 10.26
C ARG A 500 -28.56 54.55 10.59
N GLU A 501 -27.28 54.93 10.61
CA GLU A 501 -26.88 56.31 10.86
C GLU A 501 -27.23 57.20 9.67
N HIS A 502 -27.74 58.40 9.95
CA HIS A 502 -28.29 59.31 8.94
C HIS A 502 -27.30 59.61 7.80
N TYR A 503 -26.02 59.87 8.11
CA TYR A 503 -25.02 60.16 7.10
C TYR A 503 -24.69 58.94 6.23
N HIS A 504 -24.67 57.73 6.78
CA HIS A 504 -24.43 56.52 5.97
C HIS A 504 -25.62 56.20 5.05
N ILE A 505 -26.85 56.49 5.50
CA ILE A 505 -28.04 56.43 4.63
C ILE A 505 -27.91 57.44 3.48
N ILE A 506 -27.55 58.70 3.78
CA ILE A 506 -27.29 59.73 2.75
C ILE A 506 -26.20 59.26 1.76
N GLN A 507 -25.07 58.77 2.28
CA GLN A 507 -23.94 58.30 1.45
C GLN A 507 -24.38 57.16 0.52
N LYS A 508 -25.16 56.19 1.03
CA LYS A 508 -25.75 55.11 0.21
C LYS A 508 -26.55 55.69 -0.96
N PHE A 509 -27.51 56.58 -0.70
CA PHE A 509 -28.36 57.14 -1.76
C PHE A 509 -27.58 58.01 -2.74
N VAL A 510 -26.57 58.76 -2.26
CA VAL A 510 -25.65 59.52 -3.12
C VAL A 510 -24.87 58.59 -4.06
N ILE A 511 -24.38 57.45 -3.55
CA ILE A 511 -23.69 56.43 -4.36
C ILE A 511 -24.64 55.81 -5.39
N LEU A 512 -25.85 55.42 -4.99
CA LEU A 512 -26.88 54.87 -5.88
C LEU A 512 -27.43 55.86 -6.90
N ALA A 513 -27.16 57.16 -6.74
CA ALA A 513 -27.75 58.25 -7.53
C ALA A 513 -29.28 58.32 -7.42
N ASP A 514 -29.85 57.82 -6.32
CA ASP A 514 -31.30 57.80 -6.08
C ASP A 514 -31.70 58.97 -5.17
N VAL A 515 -32.01 60.10 -5.81
CA VAL A 515 -32.46 61.32 -5.12
C VAL A 515 -33.87 61.12 -4.54
N ASP A 516 -34.76 60.43 -5.25
CA ASP A 516 -36.14 60.24 -4.82
C ASP A 516 -36.23 59.41 -3.54
N GLY A 517 -35.47 58.32 -3.46
CA GLY A 517 -35.35 57.51 -2.25
C GLY A 517 -34.77 58.29 -1.07
N LEU A 518 -33.78 59.16 -1.32
CA LEU A 518 -33.25 60.05 -0.28
C LEU A 518 -34.31 61.04 0.24
N MET A 519 -35.16 61.57 -0.65
CA MET A 519 -36.24 62.46 -0.25
C MET A 519 -37.31 61.73 0.59
N ASP A 520 -37.55 60.45 0.34
CA ASP A 520 -38.46 59.64 1.15
C ASP A 520 -37.94 59.43 2.57
N GLU A 521 -36.64 59.14 2.72
CA GLU A 521 -35.99 59.09 4.03
C GLU A 521 -36.10 60.43 4.77
N PHE A 522 -35.84 61.54 4.09
CA PHE A 522 -35.98 62.87 4.69
C PHE A 522 -37.40 63.14 5.18
N SER A 523 -38.41 62.75 4.38
CA SER A 523 -39.82 62.86 4.77
C SER A 523 -40.13 62.02 6.00
N GLU A 524 -39.63 60.78 6.06
CA GLU A 524 -39.80 59.91 7.21
C GLU A 524 -39.17 60.52 8.48
N TRP A 525 -37.94 61.02 8.39
CA TRP A 525 -37.22 61.61 9.52
C TRP A 525 -37.94 62.86 10.06
N LEU A 526 -38.47 63.70 9.19
CA LEU A 526 -39.27 64.87 9.57
C LEU A 526 -40.59 64.47 10.25
N SER A 527 -41.20 63.36 9.81
CA SER A 527 -42.46 62.85 10.38
C SER A 527 -42.29 62.20 11.76
N ASN A 528 -41.17 61.51 11.99
CA ASN A 528 -40.87 60.81 13.24
C ASN A 528 -40.55 61.75 14.42
N GLY A 529 -40.35 63.04 14.13
CA GLY A 529 -40.32 64.10 15.13
C GLY A 529 -39.27 65.17 14.81
N LYS A 530 -39.72 66.31 14.30
CA LYS A 530 -38.89 67.46 13.91
C LYS A 530 -37.89 67.92 14.99
N ASN A 531 -38.26 67.76 16.27
CA ASN A 531 -37.42 68.15 17.41
C ASN A 531 -36.28 67.17 17.72
N LEU A 532 -36.30 65.96 17.16
CA LEU A 532 -35.24 64.97 17.36
C LEU A 532 -34.07 65.14 16.38
N LEU A 533 -34.27 65.89 15.29
CA LEU A 533 -33.20 66.12 14.31
C LEU A 533 -32.18 67.10 14.87
N LEU A 534 -30.91 66.68 14.81
CA LEU A 534 -29.76 67.48 15.23
C LEU A 534 -29.60 68.68 14.28
N GLY A 535 -29.15 69.82 14.82
CA GLY A 535 -29.03 71.07 14.06
C GLY A 535 -28.10 70.97 12.85
N HIS A 536 -26.95 70.30 13.00
CA HIS A 536 -26.01 70.07 11.89
C HIS A 536 -26.64 69.23 10.76
N LEU A 537 -27.50 68.26 11.09
CA LEU A 537 -28.13 67.40 10.11
C LEU A 537 -29.15 68.20 9.29
N LEU A 538 -29.97 69.02 9.93
CA LEU A 538 -30.90 69.93 9.23
C LEU A 538 -30.17 70.94 8.35
N ARG A 539 -29.04 71.49 8.83
CA ARG A 539 -28.17 72.34 8.01
C ARG A 539 -27.68 71.57 6.80
N PHE A 540 -27.11 70.38 6.99
CA PHE A 540 -26.58 69.56 5.91
C PHE A 540 -27.67 69.24 4.87
N MET A 541 -28.84 68.77 5.31
CA MET A 541 -29.98 68.48 4.44
C MET A 541 -30.38 69.71 3.61
N THR A 542 -30.47 70.88 4.25
CA THR A 542 -30.81 72.14 3.57
C THR A 542 -29.81 72.48 2.48
N HIS A 543 -28.51 72.44 2.79
CA HIS A 543 -27.46 72.79 1.83
C HIS A 543 -27.32 71.75 0.72
N LEU A 544 -27.61 70.48 1.01
CA LEU A 544 -27.67 69.42 -0.01
C LEU A 544 -28.83 69.66 -0.99
N LEU A 545 -29.99 70.09 -0.51
CA LEU A 545 -31.13 70.46 -1.37
C LEU A 545 -30.81 71.69 -2.22
N LEU A 546 -30.18 72.71 -1.65
CA LEU A 546 -29.72 73.87 -2.41
C LEU A 546 -28.69 73.49 -3.47
N PHE A 547 -27.79 72.55 -3.15
CA PHE A 547 -26.85 71.97 -4.10
C PHE A 547 -27.58 71.26 -5.25
N PHE A 548 -28.53 70.36 -4.96
CA PHE A 548 -29.34 69.69 -5.99
C PHE A 548 -30.10 70.66 -6.87
N ARG A 549 -30.69 71.71 -6.28
CA ARG A 549 -31.40 72.76 -7.02
C ARG A 549 -30.46 73.54 -7.94
N THR A 550 -29.24 73.83 -7.48
CA THR A 550 -28.21 74.52 -8.30
C THR A 550 -27.78 73.67 -9.50
N LEU A 551 -27.74 72.34 -9.34
CA LEU A 551 -27.46 71.40 -10.43
C LEU A 551 -28.67 71.13 -11.33
N GLY A 552 -29.87 71.62 -11.00
CA GLY A 552 -31.09 71.33 -11.74
C GLY A 552 -31.62 69.90 -11.56
N LEU A 553 -31.21 69.21 -10.49
CA LEU A 553 -31.73 67.88 -10.16
C LEU A 553 -33.15 68.01 -9.58
N GLN A 554 -34.05 67.14 -10.02
CA GLN A 554 -35.42 67.15 -9.51
C GLN A 554 -35.46 66.46 -8.16
N ALA A 555 -35.70 67.25 -7.10
CA ALA A 555 -36.05 66.75 -5.78
C ALA A 555 -37.55 66.97 -5.55
N LYS A 556 -38.14 66.17 -4.64
CA LYS A 556 -39.55 66.35 -4.24
C LYS A 556 -39.72 67.71 -3.56
N GLU A 557 -40.42 68.62 -4.24
CA GLU A 557 -40.58 70.02 -3.78
C GLU A 557 -41.25 70.10 -2.40
N GLU A 558 -42.26 69.28 -2.16
CA GLU A 558 -42.98 69.24 -0.87
C GLU A 558 -42.04 68.95 0.31
N VAL A 559 -41.18 67.94 0.15
CA VAL A 559 -40.18 67.57 1.17
C VAL A 559 -39.12 68.66 1.30
N SER A 560 -38.70 69.25 0.18
CA SER A 560 -37.70 70.33 0.17
C SER A 560 -38.19 71.57 0.95
N VAL A 561 -39.46 71.94 0.73
CA VAL A 561 -40.15 73.00 1.48
C VAL A 561 -40.23 72.66 2.97
N GLU A 562 -40.51 71.41 3.32
CA GLU A 562 -40.64 71.00 4.72
C GLU A 562 -39.28 70.99 5.47
N VAL A 563 -38.21 70.55 4.80
CA VAL A 563 -36.83 70.67 5.32
C VAL A 563 -36.49 72.14 5.57
N LEU A 564 -36.71 73.00 4.58
CA LEU A 564 -36.44 74.44 4.69
C LEU A 564 -37.24 75.07 5.83
N LYS A 565 -38.55 74.81 5.94
CA LYS A 565 -39.38 75.31 7.03
C LYS A 565 -38.87 74.87 8.40
N THR A 566 -38.49 73.60 8.53
CA THR A 566 -37.97 73.05 9.79
C THR A 566 -36.64 73.69 10.17
N TYR A 567 -35.76 73.90 9.19
CA TYR A 567 -34.48 74.59 9.41
C TYR A 567 -34.68 76.06 9.76
N ILE A 568 -35.56 76.78 9.08
CA ILE A 568 -35.92 78.18 9.40
C ILE A 568 -36.46 78.27 10.83
N GLN A 569 -37.35 77.36 11.25
CA GLN A 569 -37.85 77.34 12.62
C GLN A 569 -36.73 77.13 13.65
N ARG A 570 -35.75 76.29 13.32
CA ARG A 570 -34.58 76.08 14.17
C ARG A 570 -33.73 77.36 14.28
N LEU A 571 -33.46 78.04 13.17
CA LEU A 571 -32.75 79.32 13.14
C LEU A 571 -33.45 80.40 13.97
N ILE A 572 -34.79 80.46 13.92
CA ILE A 572 -35.60 81.35 14.76
C ILE A 572 -35.38 81.04 16.24
N ASN A 573 -35.47 79.76 16.63
CA ASN A 573 -35.30 79.32 18.01
C ASN A 573 -33.88 79.62 18.55
N GLU A 574 -32.87 79.52 17.68
CA GLU A 574 -31.47 79.79 17.99
C GLU A 574 -31.06 81.27 17.80
N LYS A 575 -32.02 82.14 17.48
CA LYS A 575 -31.83 83.60 17.32
C LYS A 575 -30.82 83.99 16.23
N GLN A 576 -30.69 83.17 15.19
CA GLN A 576 -29.81 83.43 14.03
C GLN A 576 -30.53 84.31 12.99
N ILE A 577 -30.90 85.54 13.38
CA ILE A 577 -31.76 86.45 12.61
C ILE A 577 -31.18 86.75 11.21
N GLU A 578 -29.87 86.92 11.12
CA GLU A 578 -29.19 87.33 9.89
C GLU A 578 -29.33 86.32 8.75
N LEU A 579 -29.61 85.05 9.06
CA LEU A 579 -29.63 83.96 8.10
C LEU A 579 -31.04 83.69 7.53
N ILE A 580 -32.09 84.09 8.24
CA ILE A 580 -33.47 83.65 7.99
C ILE A 580 -33.99 84.11 6.62
N ALA A 581 -33.75 85.38 6.27
CA ALA A 581 -34.28 85.97 5.04
C ALA A 581 -33.85 85.21 3.79
N PHE A 582 -32.58 84.78 3.75
CA PHE A 582 -32.04 84.00 2.65
C PHE A 582 -32.77 82.66 2.49
N TYR A 583 -32.87 81.85 3.54
CA TYR A 583 -33.52 80.53 3.42
C TYR A 583 -35.01 80.65 3.11
N VAL A 584 -35.67 81.69 3.62
CA VAL A 584 -37.08 81.96 3.31
C VAL A 584 -37.28 82.30 1.83
N SER A 585 -36.31 82.97 1.18
CA SER A 585 -36.38 83.27 -0.26
C SER A 585 -36.42 82.03 -1.16
N HIS A 586 -35.99 80.87 -0.64
CA HIS A 586 -36.05 79.61 -1.38
C HIS A 586 -37.40 78.90 -1.29
N LEU A 587 -38.32 79.36 -0.43
CA LEU A 587 -39.68 78.86 -0.34
C LEU A 587 -40.56 79.44 -1.47
N PRO A 588 -41.68 78.77 -1.81
CA PRO A 588 -42.71 79.34 -2.67
C PRO A 588 -43.22 80.68 -2.11
N GLN A 589 -43.51 81.65 -2.98
CA GLN A 589 -43.78 83.05 -2.60
C GLN A 589 -44.83 83.19 -1.48
N GLU A 590 -45.97 82.50 -1.57
CA GLU A 590 -47.03 82.55 -0.55
C GLU A 590 -46.56 82.03 0.82
N LEU A 591 -45.76 80.96 0.81
CA LEU A 591 -45.18 80.37 2.01
C LEU A 591 -44.06 81.23 2.57
N ALA A 592 -43.25 81.85 1.71
CA ALA A 592 -42.20 82.78 2.11
C ALA A 592 -42.79 83.99 2.85
N ILE A 593 -43.85 84.59 2.29
CA ILE A 593 -44.55 85.73 2.89
C ILE A 593 -45.12 85.35 4.25
N SER A 594 -45.89 84.26 4.33
CA SER A 594 -46.52 83.83 5.57
C SER A 594 -45.49 83.44 6.65
N GLN A 595 -44.44 82.70 6.29
CA GLN A 595 -43.42 82.27 7.25
C GLN A 595 -42.58 83.45 7.77
N TYR A 596 -42.18 84.38 6.89
CA TYR A 596 -41.43 85.56 7.32
C TYR A 596 -42.30 86.49 8.16
N ALA A 597 -43.58 86.63 7.82
CA ALA A 597 -44.51 87.45 8.61
C ALA A 597 -44.65 86.92 10.04
N VAL A 598 -44.85 85.62 10.22
CA VAL A 598 -44.91 85.00 11.56
C VAL A 598 -43.61 85.19 12.34
N PHE A 599 -42.46 85.20 11.67
CA PHE A 599 -41.18 85.52 12.30
C PHE A 599 -41.13 86.98 12.78
N LEU A 600 -41.49 87.94 11.92
CA LEU A 600 -41.46 89.37 12.25
C LEU A 600 -42.43 89.74 13.38
N GLU A 601 -43.55 89.02 13.54
CA GLU A 601 -44.48 89.22 14.66
C GLU A 601 -43.83 89.07 16.03
N ASN A 602 -42.74 88.29 16.13
CA ASN A 602 -42.02 88.08 17.38
C ASN A 602 -40.93 89.15 17.64
N ILE A 603 -40.72 90.10 16.72
CA ILE A 603 -39.70 91.15 16.83
C ILE A 603 -40.32 92.43 17.34
N THR A 604 -39.94 92.81 18.56
CA THR A 604 -40.41 94.04 19.22
C THR A 604 -39.42 95.19 19.11
N ASP A 605 -38.13 94.92 18.97
CA ASP A 605 -37.07 95.94 18.96
C ASP A 605 -36.97 96.67 17.60
N PRO A 606 -37.07 98.02 17.57
CA PRO A 606 -37.13 98.79 16.32
C PRO A 606 -35.87 98.67 15.45
N ASP A 607 -34.68 98.60 16.05
CA ASP A 607 -33.43 98.45 15.31
C ASP A 607 -33.37 97.07 14.62
N GLN A 608 -33.80 96.02 15.32
CA GLN A 608 -33.95 94.69 14.73
C GLN A 608 -35.03 94.65 13.64
N ARG A 609 -36.14 95.37 13.79
CA ARG A 609 -37.19 95.46 12.76
C ARG A 609 -36.61 95.99 11.45
N GLN A 610 -35.91 97.13 11.51
CA GLN A 610 -35.28 97.72 10.33
C GLN A 610 -34.29 96.75 9.71
N ARG A 611 -33.43 96.11 10.52
CA ARG A 611 -32.44 95.16 10.03
C ARG A 611 -33.09 93.96 9.32
N CYS A 612 -34.22 93.45 9.80
CA CYS A 612 -34.92 92.35 9.15
C CYS A 612 -35.53 92.77 7.80
N LEU A 613 -36.07 93.98 7.69
CA LEU A 613 -36.58 94.48 6.41
C LEU A 613 -35.46 94.67 5.39
N GLU A 614 -34.29 95.15 5.82
CA GLU A 614 -33.10 95.25 4.97
C GLU A 614 -32.68 93.87 4.45
N LEU A 615 -32.60 92.86 5.34
CA LEU A 615 -32.26 91.49 4.97
C LEU A 615 -33.31 90.87 4.03
N ALA A 616 -34.60 91.12 4.25
CA ALA A 616 -35.65 90.67 3.36
C ALA A 616 -35.51 91.28 1.96
N LYS A 617 -35.18 92.57 1.88
CA LYS A 617 -34.93 93.26 0.61
C LYS A 617 -33.69 92.73 -0.10
N GLU A 618 -32.60 92.50 0.63
CA GLU A 618 -31.37 91.90 0.10
C GLU A 618 -31.62 90.49 -0.45
N ALA A 619 -32.46 89.69 0.21
CA ALA A 619 -32.86 88.36 -0.23
C ALA A 619 -33.90 88.33 -1.36
N GLY A 620 -34.38 89.50 -1.82
CA GLY A 620 -35.38 89.60 -2.89
C GLY A 620 -36.80 89.19 -2.47
N LEU A 621 -37.10 89.20 -1.16
CA LEU A 621 -38.45 88.95 -0.67
C LEU A 621 -39.36 90.15 -0.92
N ASP A 622 -40.65 89.89 -1.11
CA ASP A 622 -41.68 90.94 -1.22
C ASP A 622 -41.97 91.56 0.15
N VAL A 623 -41.17 92.57 0.49
CA VAL A 623 -41.28 93.31 1.74
C VAL A 623 -42.67 93.89 1.93
N ALA A 624 -43.31 94.35 0.85
CA ALA A 624 -44.61 95.01 0.95
C ALA A 624 -45.72 94.03 1.34
N SER A 625 -45.76 92.85 0.70
CA SER A 625 -46.71 91.79 1.05
C SER A 625 -46.43 91.22 2.44
N ILE A 626 -45.16 91.10 2.84
CA ILE A 626 -44.75 90.65 4.17
C ILE A 626 -45.26 91.59 5.26
N THR A 627 -44.94 92.89 5.20
CA THR A 627 -45.34 93.85 6.25
C THR A 627 -46.86 93.98 6.33
N LYS A 628 -47.56 93.93 5.19
CA LYS A 628 -49.02 93.85 5.15
C LYS A 628 -49.54 92.63 5.91
N THR A 629 -48.97 91.46 5.64
CA THR A 629 -49.38 90.20 6.28
C THR A 629 -49.13 90.22 7.79
N VAL A 630 -48.01 90.79 8.26
CA VAL A 630 -47.71 90.98 9.70
C VAL A 630 -48.80 91.79 10.40
N VAL A 631 -49.21 92.90 9.77
CA VAL A 631 -50.26 93.78 10.29
C VAL A 631 -51.61 93.07 10.31
N GLU A 632 -51.97 92.36 9.24
CA GLU A 632 -53.21 91.61 9.16
C GLU A 632 -53.30 90.50 10.21
N ASN A 633 -52.21 89.74 10.41
CA ASN A 633 -52.16 88.66 11.40
C ASN A 633 -52.38 89.22 12.81
N THR A 634 -51.67 90.30 13.16
CA THR A 634 -51.81 90.95 14.47
C THR A 634 -53.22 91.51 14.67
N ARG A 635 -53.83 92.09 13.63
CA ARG A 635 -55.20 92.61 13.65
C ARG A 635 -56.26 91.51 13.82
N LYS A 636 -56.01 90.32 13.25
CA LYS A 636 -56.92 89.16 13.26
C LYS A 636 -56.82 88.31 14.53
N LYS A 637 -55.73 88.41 15.32
CA LYS A 637 -55.55 87.66 16.58
C LYS A 637 -56.67 87.85 17.60
N ASP A 638 -57.34 89.01 17.60
CA ASP A 638 -58.50 89.26 18.47
C ASP A 638 -59.82 89.28 17.70
N ALA A 639 -60.51 88.15 17.73
CA ALA A 639 -61.91 87.98 17.37
C ALA A 639 -62.85 88.33 18.54
N GLY A 640 -62.54 89.37 19.31
CA GLY A 640 -63.48 89.90 20.30
C GLY A 640 -64.68 90.50 19.59
N GLU A 641 -65.86 89.88 19.73
CA GLU A 641 -67.12 90.42 19.25
C GLU A 641 -67.33 91.85 19.77
N PHE A 642 -67.85 92.74 18.93
CA PHE A 642 -68.28 94.09 19.34
C PHE A 642 -69.25 93.97 20.52
N ALA A 643 -68.76 94.21 21.74
CA ALA A 643 -69.58 94.08 22.93
C ALA A 643 -70.79 95.02 22.83
N HIS A 644 -72.00 94.47 23.00
CA HIS A 644 -73.22 95.25 23.14
C HIS A 644 -73.11 96.12 24.38
N HIS A 645 -72.75 97.39 24.20
CA HIS A 645 -72.58 98.32 25.31
C HIS A 645 -73.94 98.77 25.85
N ASP A 646 -74.21 98.39 27.09
CA ASP A 646 -75.14 99.08 27.98
C ASP A 646 -74.78 100.57 28.10
N PHE A 647 -75.81 101.41 28.23
CA PHE A 647 -75.80 102.87 28.28
C PHE A 647 -75.02 103.51 29.46
N ALA A 648 -74.12 102.78 30.11
CA ALA A 648 -73.26 103.35 31.13
C ALA A 648 -72.16 104.22 30.49
N PRO A 649 -71.82 105.39 31.06
CA PRO A 649 -70.60 106.10 30.74
C PRO A 649 -69.44 105.29 31.31
N ALA A 650 -69.05 104.22 30.61
CA ALA A 650 -67.83 103.50 30.90
C ALA A 650 -66.68 104.50 30.66
N LEU A 651 -65.98 104.81 31.76
CA LEU A 651 -64.73 105.55 31.77
C LEU A 651 -63.79 104.97 30.69
N ASP A 652 -63.08 105.85 29.98
CA ASP A 652 -62.02 105.53 29.01
C ASP A 652 -61.24 104.29 29.47
N SER A 653 -61.48 103.14 28.84
CA SER A 653 -60.74 101.93 29.17
C SER A 653 -59.33 102.12 28.62
N GLY A 654 -58.35 102.29 29.52
CA GLY A 654 -56.96 102.57 29.14
C GLY A 654 -56.38 101.54 28.15
N THR A 655 -55.36 101.96 27.40
CA THR A 655 -54.65 101.14 26.40
C THR A 655 -54.04 99.89 27.05
N SER A 656 -54.51 98.70 26.66
CA SER A 656 -53.94 97.42 27.13
C SER A 656 -52.64 97.07 26.39
N GLU A 657 -51.91 96.06 26.87
CA GLU A 657 -50.70 95.57 26.17
C GLU A 657 -51.02 94.98 24.80
N GLU A 658 -52.17 94.31 24.65
CA GLU A 658 -52.68 93.82 23.36
C GLU A 658 -53.04 94.98 22.42
N ASP A 659 -53.60 96.07 22.94
CA ASP A 659 -53.84 97.28 22.16
C ASP A 659 -52.51 97.90 21.71
N ARG A 660 -51.49 97.91 22.58
CA ARG A 660 -50.15 98.41 22.28
C ARG A 660 -49.50 97.64 21.13
N ALA A 661 -49.61 96.31 21.13
CA ALA A 661 -49.12 95.48 20.03
C ALA A 661 -49.78 95.82 18.69
N LYS A 662 -51.10 96.11 18.68
CA LYS A 662 -51.82 96.57 17.48
C LYS A 662 -51.43 97.98 17.05
N ILE A 663 -51.05 98.86 17.98
CA ILE A 663 -50.56 100.19 17.65
C ILE A 663 -49.17 100.10 17.00
N ASP A 664 -48.27 99.33 17.62
CA ASP A 664 -46.86 99.24 17.22
C ASP A 664 -46.66 98.45 15.92
N VAL A 665 -47.63 97.65 15.49
CA VAL A 665 -47.55 96.92 14.21
C VAL A 665 -47.65 97.86 13.00
N ILE A 666 -48.23 99.05 13.17
CA ILE A 666 -48.36 100.04 12.08
C ILE A 666 -46.99 100.56 11.65
N ASP A 667 -46.01 100.58 12.57
CA ASP A 667 -44.65 101.03 12.28
C ASP A 667 -44.04 100.26 11.10
N TRP A 668 -44.38 98.96 10.94
CA TRP A 668 -43.93 98.14 9.81
C TRP A 668 -44.29 98.71 8.44
N LEU A 669 -45.49 99.31 8.30
CA LEU A 669 -45.98 99.87 7.04
C LEU A 669 -45.54 101.32 6.83
N VAL A 670 -45.18 102.03 7.90
CA VAL A 670 -44.75 103.43 7.82
C VAL A 670 -43.27 103.55 7.44
N PHE A 671 -42.48 102.49 7.66
CA PHE A 671 -41.06 102.45 7.27
C PHE A 671 -40.84 102.71 5.77
N ASP A 672 -41.67 102.13 4.90
CA ASP A 672 -41.58 102.33 3.46
C ASP A 672 -42.63 103.34 2.99
N PRO A 673 -42.23 104.51 2.46
CA PRO A 673 -43.17 105.46 1.87
C PRO A 673 -44.08 104.84 0.82
N ALA A 674 -43.62 103.84 0.05
CA ALA A 674 -44.45 103.19 -0.97
C ALA A 674 -45.67 102.46 -0.40
N GLN A 675 -45.67 102.18 0.91
CA GLN A 675 -46.76 101.49 1.60
C GLN A 675 -47.73 102.43 2.30
N ARG A 676 -47.63 103.75 2.13
CA ARG A 676 -48.50 104.72 2.83
C ARG A 676 -49.99 104.48 2.61
N ALA A 677 -50.42 104.07 1.41
CA ALA A 677 -51.80 103.71 1.14
C ALA A 677 -52.27 102.52 2.01
N GLU A 678 -51.46 101.47 2.10
CA GLU A 678 -51.77 100.30 2.92
C GLU A 678 -51.68 100.62 4.42
N ALA A 679 -50.69 101.42 4.85
CA ALA A 679 -50.58 101.92 6.23
C ALA A 679 -51.86 102.65 6.65
N LEU A 680 -52.40 103.49 5.76
CA LEU A 680 -53.63 104.23 5.99
C LEU A 680 -54.83 103.28 6.09
N LYS A 681 -54.98 102.33 5.16
CA LYS A 681 -56.07 101.32 5.19
C LYS A 681 -56.06 100.49 6.48
N GLN A 682 -54.89 99.99 6.88
CA GLN A 682 -54.74 99.17 8.08
C GLN A 682 -54.94 99.99 9.37
N SER A 683 -54.42 101.22 9.42
CA SER A 683 -54.64 102.11 10.57
C SER A 683 -56.11 102.45 10.76
N ASN A 684 -56.85 102.72 9.67
CA ASN A 684 -58.29 102.93 9.71
C ASN A 684 -59.00 101.70 10.27
N ALA A 685 -58.65 100.48 9.81
CA ALA A 685 -59.24 99.25 10.33
C ALA A 685 -59.02 99.06 11.84
N ILE A 686 -57.82 99.39 12.34
CA ILE A 686 -57.52 99.32 13.79
C ILE A 686 -58.30 100.41 14.55
N MET A 687 -58.31 101.64 14.04
CA MET A 687 -59.07 102.74 14.64
C MET A 687 -60.57 102.45 14.68
N ARG A 688 -61.16 101.80 13.65
CA ARG A 688 -62.57 101.38 13.67
C ARG A 688 -62.88 100.50 14.88
N LYS A 689 -62.02 99.52 15.19
CA LYS A 689 -62.17 98.66 16.37
C LYS A 689 -62.05 99.47 17.67
N PHE A 690 -61.02 100.32 17.81
CA PHE A 690 -60.84 101.13 19.03
C PHE A 690 -61.97 102.12 19.28
N LEU A 691 -62.47 102.79 18.23
CA LEU A 691 -63.60 103.71 18.34
C LEU A 691 -64.89 103.01 18.77
N ALA A 692 -65.15 101.80 18.24
CA ALA A 692 -66.32 101.03 18.64
C ALA A 692 -66.26 100.58 20.11
N SER A 693 -65.05 100.31 20.62
CA SER A 693 -64.79 100.00 22.03
C SER A 693 -64.61 101.23 22.93
N LYS A 694 -64.81 102.46 22.42
CA LYS A 694 -64.59 103.73 23.15
C LYS A 694 -63.19 103.89 23.75
N LYS A 695 -62.15 103.36 23.08
CA LYS A 695 -60.74 103.54 23.45
C LYS A 695 -60.16 104.72 22.66
N HIS A 696 -60.55 105.94 23.04
CA HIS A 696 -60.21 107.13 22.24
C HIS A 696 -58.71 107.43 22.25
N GLU A 697 -58.04 107.24 23.38
CA GLU A 697 -56.59 107.45 23.47
C GLU A 697 -55.80 106.45 22.62
N ALA A 698 -56.19 105.16 22.59
CA ALA A 698 -55.58 104.18 21.69
C ALA A 698 -55.78 104.54 20.22
N ALA A 699 -56.96 105.03 19.84
CA ALA A 699 -57.21 105.51 18.48
C ALA A 699 -56.35 106.73 18.12
N LYS A 700 -56.12 107.66 19.05
CA LYS A 700 -55.20 108.79 18.86
C LYS A 700 -53.76 108.34 18.70
N GLU A 701 -53.31 107.37 19.49
CA GLU A 701 -51.97 106.81 19.35
C GLU A 701 -51.76 106.20 17.96
N VAL A 702 -52.73 105.43 17.45
CA VAL A 702 -52.70 104.94 16.05
C VAL A 702 -52.66 106.10 15.05
N PHE A 703 -53.52 107.10 15.23
CA PHE A 703 -53.59 108.24 14.34
C PHE A 703 -52.25 108.98 14.26
N ALA A 704 -51.56 109.14 15.39
CA ALA A 704 -50.27 109.80 15.49
C ALA A 704 -49.11 109.02 14.84
N LYS A 705 -49.24 107.68 14.67
CA LYS A 705 -48.26 106.87 13.94
C LYS A 705 -48.25 107.16 12.44
N ILE A 706 -49.38 107.61 11.88
CA ILE A 706 -49.49 107.95 10.47
C ILE A 706 -48.91 109.35 10.25
N PRO A 707 -47.85 109.49 9.44
CA PRO A 707 -47.25 110.81 9.27
C PRO A 707 -48.20 111.76 8.53
N GLN A 708 -48.15 113.05 8.86
CA GLN A 708 -49.13 114.04 8.41
C GLN A 708 -49.13 114.27 6.89
N ASP A 709 -48.01 113.97 6.24
CA ASP A 709 -47.83 114.05 4.79
C ASP A 709 -48.36 112.81 4.05
N SER A 710 -48.86 111.77 4.73
CA SER A 710 -49.26 110.50 4.11
C SER A 710 -50.25 110.69 2.96
N ILE A 711 -51.22 111.58 3.10
CA ILE A 711 -52.21 111.84 2.04
C ILE A 711 -51.50 112.44 0.82
N ALA A 712 -50.64 113.45 1.03
CA ALA A 712 -49.90 114.08 -0.06
C ALA A 712 -48.96 113.09 -0.76
N GLU A 713 -48.30 112.24 0.02
CA GLU A 713 -47.41 111.18 -0.47
C GLU A 713 -48.15 110.15 -1.32
N ILE A 714 -49.36 109.72 -0.91
CA ILE A 714 -50.20 108.80 -1.70
C ILE A 714 -50.55 109.38 -3.07
N TYR A 715 -50.96 110.65 -3.12
CA TYR A 715 -51.22 111.33 -4.40
C TYR A 715 -49.94 111.47 -5.24
N SER A 716 -48.83 111.88 -4.63
CA SER A 716 -47.54 112.03 -5.32
C SER A 716 -47.09 110.72 -5.97
N GLN A 717 -47.19 109.61 -5.24
CA GLN A 717 -46.81 108.29 -5.76
C GLN A 717 -47.71 107.81 -6.90
N TRP A 718 -49.01 108.13 -6.83
CA TRP A 718 -49.94 107.81 -7.90
C TRP A 718 -49.66 108.63 -9.16
N GLU A 719 -49.37 109.93 -9.00
CA GLU A 719 -49.00 110.82 -10.10
C GLU A 719 -47.67 110.39 -10.76
N GLU A 720 -46.69 109.96 -9.98
CA GLU A 720 -45.40 109.47 -10.49
C GLU A 720 -45.52 108.18 -11.32
N GLN A 721 -46.52 107.34 -11.03
CA GLN A 721 -46.81 106.13 -11.82
C GLN A 721 -47.46 106.43 -13.19
N ALA A 722 -47.56 107.72 -13.57
CA ALA A 722 -48.05 108.20 -14.86
C ALA A 722 -49.45 107.69 -15.22
N MET A 723 -50.31 107.54 -14.22
CA MET A 723 -51.70 107.17 -14.42
C MET A 723 -52.58 108.41 -14.49
N ASP A 724 -53.03 108.77 -15.71
CA ASP A 724 -54.05 109.82 -15.95
C ASP A 724 -55.44 109.47 -15.35
N SER A 725 -55.56 108.33 -14.68
CA SER A 725 -56.78 107.86 -14.02
C SER A 725 -56.87 108.34 -12.58
N ALA A 726 -58.11 108.54 -12.11
CA ALA A 726 -58.38 108.79 -10.70
C ALA A 726 -57.78 107.68 -9.81
N LEU A 727 -57.47 108.02 -8.55
CA LEU A 727 -56.98 107.06 -7.57
C LEU A 727 -57.91 105.84 -7.47
N PRO A 728 -57.33 104.66 -7.14
CA PRO A 728 -58.12 103.48 -6.81
C PRO A 728 -59.19 103.83 -5.78
N ALA A 729 -60.39 103.33 -6.00
CA ALA A 729 -61.55 103.65 -5.19
C ALA A 729 -61.36 103.25 -3.71
N GLU A 730 -60.61 102.17 -3.46
CA GLU A 730 -60.20 101.77 -2.11
C GLU A 730 -59.38 102.84 -1.38
N ASP A 731 -58.41 103.43 -2.07
CA ASP A 731 -57.47 104.38 -1.47
C ASP A 731 -58.16 105.73 -1.24
N ASP A 732 -59.01 106.16 -2.17
CA ASP A 732 -59.83 107.37 -2.04
C ASP A 732 -60.82 107.26 -0.86
N ASN A 733 -61.51 106.11 -0.75
CA ASN A 733 -62.39 105.82 0.38
C ASN A 733 -61.60 105.72 1.70
N ALA A 734 -60.38 105.16 1.69
CA ALA A 734 -59.53 105.10 2.88
C ALA A 734 -59.06 106.49 3.32
N ILE A 735 -58.66 107.37 2.40
CA ILE A 735 -58.33 108.77 2.68
C ILE A 735 -59.54 109.47 3.32
N ARG A 736 -60.71 109.33 2.71
CA ARG A 736 -61.96 109.90 3.24
C ARG A 736 -62.26 109.38 4.65
N GLU A 737 -62.14 108.09 4.87
CA GLU A 737 -62.34 107.48 6.18
C GLU A 737 -61.36 108.03 7.23
N HIS A 738 -60.09 108.18 6.88
CA HIS A 738 -59.07 108.76 7.75
C HIS A 738 -59.41 110.20 8.15
N LEU A 739 -59.92 111.01 7.20
CA LEU A 739 -60.41 112.36 7.47
C LEU A 739 -61.66 112.38 8.37
N CYS A 740 -62.57 111.40 8.21
CA CYS A 740 -63.71 111.24 9.10
C CYS A 740 -63.25 110.95 10.54
N ILE A 741 -62.29 110.03 10.71
CA ILE A 741 -61.74 109.68 12.01
C ILE A 741 -61.04 110.89 12.64
N ARG A 742 -60.24 111.64 11.87
CA ARG A 742 -59.62 112.89 12.33
C ARG A 742 -60.65 113.87 12.88
N ALA A 743 -61.71 114.16 12.11
CA ALA A 743 -62.76 115.09 12.54
C ALA A 743 -63.43 114.65 13.85
N TYR A 744 -63.65 113.34 14.02
CA TYR A 744 -64.20 112.78 15.25
C TYR A 744 -63.24 112.92 16.44
N LEU A 745 -61.96 112.56 16.27
CA LEU A 745 -60.96 112.65 17.34
C LEU A 745 -60.73 114.11 17.78
N GLU A 746 -60.64 115.04 16.83
CA GLU A 746 -60.54 116.49 17.12
C GLU A 746 -61.77 116.99 17.90
N SER A 747 -62.98 116.57 17.52
CA SER A 747 -64.20 116.97 18.25
C SER A 747 -64.24 116.42 19.68
N HIS A 748 -63.74 115.20 19.90
CA HIS A 748 -63.70 114.57 21.21
C HIS A 748 -62.65 115.24 22.11
N GLU A 749 -61.49 115.58 21.54
CA GLU A 749 -60.43 116.29 22.25
C GLU A 749 -60.85 117.70 22.67
N ALA A 750 -61.41 118.47 21.73
CA ALA A 750 -61.95 119.79 22.03
C ALA A 750 -63.03 119.70 23.13
N PHE A 751 -63.94 118.71 23.06
CA PHE A 751 -64.96 118.52 24.09
C PHE A 751 -64.34 118.22 25.46
N ASN A 752 -63.31 117.38 25.51
CA ASN A 752 -62.62 117.05 26.77
C ASN A 752 -61.89 118.25 27.37
N GLU A 753 -61.28 119.11 26.54
CA GLU A 753 -60.68 120.36 27.00
C GLU A 753 -61.74 121.31 27.57
N TRP A 754 -62.84 121.51 26.83
CA TRP A 754 -64.00 122.28 27.30
C TRP A 754 -64.57 121.72 28.60
N PHE A 755 -64.73 120.40 28.69
CA PHE A 755 -65.30 119.73 29.87
C PHE A 755 -64.39 119.88 31.10
N LYS A 756 -63.07 119.85 30.94
CA LYS A 756 -62.13 120.14 32.03
C LYS A 756 -62.24 121.60 32.48
N HIS A 757 -62.37 122.53 31.54
CA HIS A 757 -62.43 123.97 31.83
C HIS A 757 -63.74 124.39 32.51
N ILE A 758 -64.90 123.88 32.05
CA ILE A 758 -66.21 124.21 32.64
C ILE A 758 -66.36 123.70 34.08
N ASN A 759 -65.70 122.59 34.41
CA ASN A 759 -65.69 122.01 35.76
C ASN A 759 -64.67 122.67 36.70
N SER A 760 -63.91 123.66 36.23
CA SER A 760 -62.90 124.39 37.00
C SER A 760 -63.19 125.91 37.14
N PRO A 761 -64.41 126.33 37.55
CA PRO A 761 -64.73 127.75 37.70
C PRO A 761 -63.99 128.37 38.90
N PRO A 762 -63.63 129.67 38.84
CA PRO A 762 -63.11 130.39 39.98
C PRO A 762 -64.09 130.34 41.16
N GLN A 763 -63.58 130.14 42.38
CA GLN A 763 -64.43 130.06 43.57
C GLN A 763 -64.78 131.47 44.08
N LYS A 764 -66.08 131.71 44.28
CA LYS A 764 -66.55 132.98 44.84
C LYS A 764 -66.06 133.12 46.29
N PRO A 765 -65.34 134.22 46.64
CA PRO A 765 -64.90 134.44 48.01
C PRO A 765 -66.11 134.56 48.93
N THR A 766 -66.00 133.95 50.12
CA THR A 766 -67.07 133.95 51.13
C THR A 766 -66.66 134.84 52.29
N LEU A 767 -67.55 135.74 52.71
CA LEU A 767 -67.36 136.57 53.89
C LEU A 767 -67.76 135.79 55.15
N VAL A 768 -66.86 135.67 56.13
CA VAL A 768 -67.20 135.08 57.43
C VAL A 768 -68.13 136.05 58.19
N GLY A 769 -69.23 135.53 58.75
CA GLY A 769 -70.28 136.32 59.41
C GLY A 769 -69.87 136.90 60.77
N GLN A 770 -68.84 137.76 60.78
CA GLN A 770 -68.42 138.72 61.83
C GLN A 770 -67.05 139.36 61.45
N ALA A 771 -66.79 139.57 60.16
CA ALA A 771 -65.51 140.05 59.66
C ALA A 771 -65.12 141.45 60.21
N SER A 772 -63.89 141.56 60.71
CA SER A 772 -63.24 142.82 61.07
C SER A 772 -63.10 143.76 59.86
N PHE A 773 -62.85 145.06 60.09
CA PHE A 773 -62.66 146.02 59.00
C PHE A 773 -61.57 145.60 58.02
N THR A 774 -60.43 145.08 58.52
CA THR A 774 -59.34 144.55 57.69
C THR A 774 -59.79 143.37 56.84
N GLU A 775 -60.59 142.46 57.40
CA GLU A 775 -61.12 141.31 56.68
C GLU A 775 -62.17 141.71 55.63
N LYS A 776 -62.95 142.76 55.87
CA LYS A 776 -63.87 143.32 54.85
C LYS A 776 -63.10 143.91 53.67
N VAL A 777 -62.05 144.70 53.92
CA VAL A 777 -61.19 145.24 52.85
C VAL A 777 -60.49 144.10 52.09
N ALA A 778 -59.97 143.09 52.80
CA ALA A 778 -59.39 141.91 52.17
C ALA A 778 -60.42 141.12 51.35
N HIS A 779 -61.68 141.04 51.80
CA HIS A 779 -62.77 140.46 51.02
C HIS A 779 -63.07 141.26 49.76
N GLU A 780 -63.15 142.60 49.83
CA GLU A 780 -63.34 143.45 48.64
C GLU A 780 -62.22 143.25 47.61
N HIS A 781 -60.96 143.13 48.04
CA HIS A 781 -59.86 142.80 47.13
C HIS A 781 -59.98 141.40 46.53
N LYS A 782 -60.38 140.40 47.33
CA LYS A 782 -60.63 139.03 46.83
C LYS A 782 -61.81 138.99 45.87
N GLU A 783 -62.86 139.77 46.10
CA GLU A 783 -64.06 139.87 45.28
C GLU A 783 -63.73 140.51 43.92
N LYS A 784 -62.97 141.62 43.91
CA LYS A 784 -62.45 142.21 42.66
C LYS A 784 -61.55 141.26 41.88
N LYS A 785 -60.67 140.52 42.57
CA LYS A 785 -59.84 139.49 41.92
C LYS A 785 -60.70 138.39 41.31
N TYR A 786 -61.70 137.91 42.05
CA TYR A 786 -62.65 136.91 41.57
C TYR A 786 -63.42 137.39 40.33
N GLU A 787 -63.90 138.64 40.30
CA GLU A 787 -64.58 139.21 39.13
C GLU A 787 -63.69 139.21 37.88
N MET A 788 -62.40 139.56 38.04
CA MET A 788 -61.42 139.52 36.95
C MET A 788 -61.16 138.08 36.49
N ASP A 789 -60.86 137.17 37.42
CA ASP A 789 -60.56 135.77 37.12
C ASP A 789 -61.79 135.07 36.47
N PHE A 790 -63.01 135.40 36.92
CA PHE A 790 -64.26 134.91 36.34
C PHE A 790 -64.50 135.45 34.93
N GLY A 791 -64.15 136.72 34.67
CA GLY A 791 -64.19 137.31 33.33
C GLY A 791 -63.27 136.58 32.35
N ILE A 792 -62.02 136.29 32.76
CA ILE A 792 -61.06 135.54 31.94
C ILE A 792 -61.54 134.10 31.73
N TRP A 793 -61.96 133.42 32.80
CA TRP A 793 -62.47 132.05 32.72
C TRP A 793 -63.66 131.95 31.76
N LYS A 794 -64.59 132.91 31.83
CA LYS A 794 -65.75 132.97 30.93
C LYS A 794 -65.33 133.24 29.49
N GLY A 795 -64.39 134.15 29.24
CA GLY A 795 -63.86 134.41 27.90
C GLY A 795 -63.22 133.18 27.27
N HIS A 796 -62.42 132.43 28.05
CA HIS A 796 -61.86 131.14 27.59
C HIS A 796 -62.96 130.08 27.38
N LEU A 797 -63.97 130.02 28.25
CA LEU A 797 -65.10 129.11 28.09
C LEU A 797 -65.85 129.39 26.80
N ASP A 798 -66.10 130.66 26.46
CA ASP A 798 -66.79 131.05 25.23
C ASP A 798 -65.96 130.67 23.98
N ALA A 799 -64.63 130.85 24.01
CA ALA A 799 -63.74 130.42 22.93
C ALA A 799 -63.75 128.90 22.75
N LEU A 800 -63.57 128.13 23.82
CA LEU A 800 -63.63 126.66 23.79
C LEU A 800 -65.01 126.16 23.35
N THR A 801 -66.09 126.85 23.76
CA THR A 801 -67.46 126.51 23.35
C THR A 801 -67.63 126.68 21.84
N SER A 802 -67.07 127.75 21.25
CA SER A 802 -67.11 127.97 19.81
C SER A 802 -66.32 126.90 19.05
N ASP A 803 -65.12 126.56 19.54
CA ASP A 803 -64.27 125.54 18.93
C ASP A 803 -64.93 124.15 18.97
N VAL A 804 -65.41 123.71 20.12
CA VAL A 804 -66.13 122.43 20.26
C VAL A 804 -67.36 122.38 19.36
N LYS A 805 -68.13 123.47 19.30
CA LYS A 805 -69.30 123.57 18.44
C LYS A 805 -68.92 123.39 16.97
N GLU A 806 -67.89 124.07 16.49
CA GLU A 806 -67.39 123.94 15.12
C GLU A 806 -66.93 122.50 14.83
N LYS A 807 -66.10 121.92 15.70
CA LYS A 807 -65.58 120.56 15.51
C LYS A 807 -66.69 119.51 15.51
N ILE A 808 -67.67 119.59 16.41
CA ILE A 808 -68.80 118.65 16.40
C ILE A 808 -69.67 118.85 15.13
N TYR A 809 -69.87 120.09 14.67
CA TYR A 809 -70.58 120.30 13.41
C TYR A 809 -69.84 119.73 12.21
N ASN A 810 -68.50 119.79 12.18
CA ASN A 810 -67.72 119.16 11.10
C ASN A 810 -67.94 117.65 11.02
N VAL A 811 -68.26 116.99 12.15
CA VAL A 811 -68.64 115.56 12.17
C VAL A 811 -70.10 115.37 11.75
N LEU A 812 -71.05 116.11 12.32
CA LEU A 812 -72.47 115.95 12.05
C LEU A 812 -72.87 116.36 10.62
N LEU A 813 -72.17 117.35 10.07
CA LEU A 813 -72.40 117.94 8.75
C LEU A 813 -71.23 117.66 7.81
N PHE A 814 -70.56 116.52 7.97
CA PHE A 814 -69.43 116.14 7.14
C PHE A 814 -69.80 116.21 5.65
N VAL A 815 -68.89 116.77 4.86
CA VAL A 815 -69.13 117.10 3.45
C VAL A 815 -69.29 115.85 2.57
N ASP A 816 -70.06 115.99 1.49
CA ASP A 816 -70.19 115.01 0.40
C ASP A 816 -70.61 113.60 0.84
N GLY A 817 -71.85 113.44 1.31
CA GLY A 817 -72.44 112.13 1.65
C GLY A 817 -72.44 111.78 3.15
N GLY A 818 -71.79 112.59 3.99
CA GLY A 818 -71.81 112.45 5.44
C GLY A 818 -70.67 111.59 6.01
N TRP A 819 -70.60 111.55 7.34
CA TRP A 819 -69.47 110.97 8.08
C TRP A 819 -69.43 109.43 8.03
N MET A 820 -68.27 108.83 7.73
CA MET A 820 -68.13 107.37 7.57
C MET A 820 -69.10 106.79 6.51
N VAL A 821 -69.18 107.45 5.36
CA VAL A 821 -69.90 106.96 4.17
C VAL A 821 -68.95 107.05 2.98
N ASP A 822 -68.81 105.97 2.24
CA ASP A 822 -68.00 105.91 1.03
C ASP A 822 -68.67 106.72 -0.09
N VAL A 823 -67.85 107.38 -0.90
CA VAL A 823 -68.33 108.18 -2.05
C VAL A 823 -68.12 107.40 -3.35
N ARG A 824 -67.06 106.59 -3.40
CA ARG A 824 -66.72 105.73 -4.53
C ARG A 824 -67.31 104.34 -4.29
N GLU A 825 -68.21 103.91 -5.17
CA GLU A 825 -68.88 102.60 -5.09
C GLU A 825 -68.19 101.54 -5.98
N ASP A 826 -67.16 101.90 -6.73
CA ASP A 826 -66.42 101.04 -7.65
C ASP A 826 -65.32 100.19 -6.96
N THR A 827 -65.48 99.89 -5.66
CA THR A 827 -64.59 99.02 -4.90
C THR A 827 -65.11 97.58 -4.86
N GLU A 828 -64.24 96.63 -4.53
CA GLU A 828 -64.71 95.30 -4.11
C GLU A 828 -65.53 95.41 -2.81
N GLU A 829 -66.57 94.58 -2.68
CA GLU A 829 -67.42 94.58 -1.50
C GLU A 829 -66.67 93.99 -0.29
N ASP A 830 -66.34 94.85 0.68
CA ASP A 830 -65.93 94.43 2.03
C ASP A 830 -67.13 94.55 3.00
N PRO A 831 -67.85 93.43 3.27
CA PRO A 831 -69.02 93.46 4.13
C PRO A 831 -68.66 93.74 5.59
N GLU A 832 -67.47 93.36 6.05
CA GLU A 832 -67.04 93.58 7.42
C GLU A 832 -66.76 95.07 7.65
N ARG A 833 -66.01 95.71 6.74
CA ARG A 833 -65.77 97.17 6.80
C ARG A 833 -67.07 97.95 6.71
N SER A 834 -67.93 97.61 5.75
CA SER A 834 -69.22 98.29 5.58
C SER A 834 -70.10 98.19 6.84
N HIS A 835 -70.15 97.01 7.46
CA HIS A 835 -70.86 96.81 8.72
C HIS A 835 -70.26 97.66 9.86
N GLN A 836 -68.93 97.68 9.99
CA GLN A 836 -68.23 98.48 10.99
C GLN A 836 -68.53 99.98 10.84
N MET A 837 -68.53 100.51 9.61
CA MET A 837 -68.84 101.92 9.34
C MET A 837 -70.27 102.28 9.75
N VAL A 838 -71.26 101.43 9.42
CA VAL A 838 -72.66 101.63 9.84
C VAL A 838 -72.79 101.58 11.36
N LEU A 839 -72.10 100.64 12.03
CA LEU A 839 -72.11 100.52 13.48
C LEU A 839 -71.51 101.78 14.14
N LEU A 840 -70.36 102.24 13.65
CA LEU A 840 -69.71 103.45 14.16
C LEU A 840 -70.60 104.68 13.99
N ARG A 841 -71.30 104.82 12.87
CA ARG A 841 -72.29 105.90 12.68
C ARG A 841 -73.39 105.87 13.75
N ARG A 842 -73.93 104.68 14.04
CA ARG A 842 -74.97 104.49 15.07
C ARG A 842 -74.47 104.75 16.50
N LEU A 843 -73.19 104.57 16.77
CA LEU A 843 -72.59 104.83 18.08
C LEU A 843 -72.16 106.29 18.24
N CYS A 844 -71.44 106.81 17.25
CA CYS A 844 -70.71 108.07 17.35
C CYS A 844 -71.61 109.28 17.09
N LEU A 845 -72.49 109.24 16.08
CA LEU A 845 -73.28 110.40 15.70
C LEU A 845 -74.33 110.77 16.76
N PRO A 846 -75.10 109.83 17.35
CA PRO A 846 -75.96 110.15 18.48
C PRO A 846 -75.18 110.73 19.65
N MET A 847 -74.04 110.13 20.00
CA MET A 847 -73.17 110.64 21.07
C MET A 847 -72.74 112.09 20.80
N MET A 848 -72.22 112.40 19.61
CA MET A 848 -71.81 113.75 19.24
C MET A 848 -72.97 114.76 19.34
N CYS A 849 -74.18 114.37 18.93
CA CYS A 849 -75.36 115.21 19.09
C CYS A 849 -75.70 115.48 20.57
N PHE A 850 -75.59 114.47 21.44
CA PHE A 850 -75.80 114.64 22.88
C PHE A 850 -74.70 115.49 23.54
N LEU A 851 -73.45 115.33 23.14
CA LEU A 851 -72.34 116.18 23.61
C LEU A 851 -72.57 117.64 23.20
N LEU A 852 -72.94 117.88 21.94
CA LEU A 852 -73.23 119.23 21.44
C LEU A 852 -74.41 119.86 22.18
N HIS A 853 -75.49 119.12 22.41
CA HIS A 853 -76.60 119.59 23.25
C HIS A 853 -76.10 119.98 24.65
N THR A 854 -75.25 119.15 25.27
CA THR A 854 -74.72 119.38 26.61
C THR A 854 -73.86 120.65 26.65
N VAL A 855 -73.01 120.86 25.65
CA VAL A 855 -72.22 122.10 25.50
C VAL A 855 -73.14 123.32 25.42
N LEU A 856 -74.07 123.32 24.45
CA LEU A 856 -74.96 124.45 24.20
C LEU A 856 -75.89 124.75 25.39
N HIS A 857 -76.40 123.71 26.07
CA HIS A 857 -77.26 123.87 27.22
C HIS A 857 -76.51 124.47 28.42
N ASN A 858 -75.30 123.96 28.72
CA ASN A 858 -74.51 124.46 29.84
C ASN A 858 -73.99 125.88 29.62
N THR A 859 -73.75 126.28 28.36
CA THR A 859 -73.36 127.64 27.99
C THR A 859 -74.55 128.55 27.72
N LYS A 860 -75.78 128.11 28.05
CA LYS A 860 -77.04 128.86 27.92
C LYS A 860 -77.40 129.29 26.50
N GLN A 861 -76.89 128.60 25.48
CA GLN A 861 -77.25 128.81 24.07
C GLN A 861 -78.50 127.99 23.70
N TYR A 862 -79.59 128.15 24.46
CA TYR A 862 -80.77 127.27 24.37
C TYR A 862 -81.46 127.30 23.00
N LYS A 863 -81.42 128.44 22.29
CA LYS A 863 -81.97 128.55 20.92
C LYS A 863 -81.22 127.65 19.94
N ASP A 864 -79.90 127.56 20.07
CA ASP A 864 -79.09 126.69 19.22
C ASP A 864 -79.25 125.21 19.59
N CYS A 865 -79.57 124.88 20.85
CA CYS A 865 -79.97 123.51 21.21
C CYS A 865 -81.14 123.05 20.35
N LEU A 866 -82.16 123.89 20.14
CA LEU A 866 -83.37 123.52 19.41
C LEU A 866 -83.14 123.35 17.91
N ARG A 867 -82.18 124.09 17.34
CA ARG A 867 -81.73 123.89 15.95
C ARG A 867 -81.13 122.50 15.71
N LEU A 868 -80.70 121.79 16.75
CA LEU A 868 -80.27 120.39 16.60
C LEU A 868 -81.40 119.50 16.07
N ALA A 869 -82.65 119.79 16.38
CA ALA A 869 -83.79 119.06 15.83
C ALA A 869 -83.86 119.19 14.29
N ASP A 870 -83.61 120.38 13.76
CA ASP A 870 -83.59 120.65 12.32
C ASP A 870 -82.43 119.91 11.64
N ILE A 871 -81.27 119.88 12.29
CA ILE A 871 -80.08 119.20 11.77
C ILE A 871 -80.28 117.69 11.76
N VAL A 872 -80.80 117.11 12.84
CA VAL A 872 -81.02 115.66 12.94
C VAL A 872 -82.12 115.20 11.97
N SER A 873 -83.16 116.01 11.77
CA SER A 873 -84.27 115.70 10.85
C SER A 873 -84.01 116.07 9.39
N SER A 874 -82.87 116.70 9.09
CA SER A 874 -82.53 117.12 7.72
C SER A 874 -82.43 115.94 6.75
N GLU A 875 -83.11 116.05 5.61
CA GLU A 875 -83.02 115.08 4.50
C GLU A 875 -81.65 115.06 3.83
N ASN A 876 -80.84 116.11 3.98
CA ASN A 876 -79.52 116.18 3.35
C ASN A 876 -78.55 115.16 3.97
N GLN A 877 -78.58 115.02 5.29
CA GLN A 877 -77.66 114.16 6.04
C GLN A 877 -78.32 112.89 6.59
N LYS A 878 -79.68 112.85 6.63
CA LYS A 878 -80.50 111.73 7.12
C LYS A 878 -80.04 111.18 8.48
N LEU A 879 -79.59 112.07 9.37
CA LEU A 879 -79.04 111.69 10.67
C LEU A 879 -80.08 110.93 11.52
N TYR A 880 -81.37 111.25 11.40
CA TYR A 880 -82.43 110.52 12.10
C TYR A 880 -82.43 109.00 11.88
N THR A 881 -81.85 108.50 10.78
CA THR A 881 -81.77 107.05 10.48
C THR A 881 -80.76 106.30 11.34
N VAL A 882 -79.78 107.00 11.91
CA VAL A 882 -78.75 106.39 12.76
C VAL A 882 -79.15 106.34 14.24
N PHE A 883 -80.17 107.10 14.65
CA PHE A 883 -80.68 107.09 16.02
C PHE A 883 -81.63 105.90 16.27
N SER A 884 -81.47 105.24 17.40
CA SER A 884 -82.49 104.35 17.93
C SER A 884 -83.73 105.13 18.39
N LYS A 885 -84.88 104.46 18.46
CA LYS A 885 -86.12 105.08 18.96
C LYS A 885 -85.97 105.60 20.40
N THR A 886 -85.16 104.93 21.21
CA THR A 886 -84.82 105.33 22.58
C THR A 886 -83.96 106.58 22.61
N GLU A 887 -82.92 106.65 21.80
CA GLU A 887 -82.05 107.84 21.73
C GLU A 887 -82.81 109.04 21.19
N MET A 888 -83.65 108.86 20.17
CA MET A 888 -84.49 109.94 19.65
C MET A 888 -85.44 110.49 20.73
N ARG A 889 -86.04 109.62 21.55
CA ARG A 889 -86.86 110.06 22.70
C ARG A 889 -86.03 110.84 23.72
N ASN A 890 -84.83 110.36 24.04
CA ASN A 890 -83.93 111.04 24.97
C ASN A 890 -83.49 112.40 24.45
N LEU A 891 -83.20 112.53 23.15
CA LEU A 891 -82.88 113.80 22.50
C LEU A 891 -84.04 114.78 22.63
N LEU A 892 -85.26 114.36 22.30
CA LEU A 892 -86.45 115.21 22.45
C LEU A 892 -86.70 115.64 23.90
N GLN A 893 -86.43 114.78 24.87
CA GLN A 893 -86.51 115.13 26.29
C GLN A 893 -85.46 116.18 26.68
N LYS A 894 -84.23 116.04 26.19
CA LYS A 894 -83.15 117.03 26.39
C LYS A 894 -83.48 118.38 25.74
N LEU A 895 -84.01 118.37 24.53
CA LEU A 895 -84.48 119.58 23.85
C LEU A 895 -85.60 120.28 24.63
N ARG A 896 -86.53 119.51 25.19
CA ARG A 896 -87.58 120.05 26.08
C ARG A 896 -86.99 120.72 27.32
N GLU A 897 -85.94 120.16 27.94
CA GLU A 897 -85.25 120.80 29.07
C GLU A 897 -84.70 122.19 28.66
N SER A 898 -84.13 122.31 27.47
CA SER A 898 -83.67 123.59 26.92
C SER A 898 -84.82 124.56 26.60
N SER A 899 -85.95 124.08 26.07
CA SER A 899 -87.15 124.90 25.86
C SER A 899 -87.75 125.42 27.17
N LEU A 900 -87.72 124.65 28.26
CA LEU A 900 -88.19 125.10 29.57
C LEU A 900 -87.34 126.28 30.09
N MET A 901 -86.01 126.22 29.90
CA MET A 901 -85.13 127.33 30.26
C MET A 901 -85.39 128.60 29.43
N LEU A 902 -85.84 128.47 28.17
CA LEU A 902 -86.25 129.61 27.34
C LEU A 902 -87.56 130.24 27.85
N LEU A 903 -88.51 129.43 28.29
CA LEU A 903 -89.74 129.92 28.91
C LEU A 903 -89.47 130.68 30.22
N ASP A 904 -88.52 130.20 31.03
CA ASP A 904 -88.07 130.91 32.24
C ASP A 904 -87.44 132.28 31.91
N LEU A 905 -86.89 132.45 30.70
CA LEU A 905 -86.37 133.70 30.15
C LEU A 905 -87.44 134.57 29.46
N LEU B 117 -64.50 108.83 118.28
CA LEU B 117 -63.29 107.99 118.09
C LEU B 117 -62.87 106.93 119.13
N ASP B 118 -62.84 105.69 118.60
CA ASP B 118 -62.00 104.52 118.87
C ASP B 118 -62.44 103.44 119.90
N SER B 119 -62.88 102.32 119.30
CA SER B 119 -62.95 100.91 119.78
C SER B 119 -64.14 100.46 120.64
N PRO B 120 -65.26 99.96 120.04
CA PRO B 120 -66.28 99.20 120.74
C PRO B 120 -66.20 97.70 120.37
N SER B 121 -65.95 96.81 121.33
CA SER B 121 -66.22 95.36 121.12
C SER B 121 -66.27 94.51 122.39
N PHE B 122 -65.87 94.98 123.57
CA PHE B 122 -65.82 94.09 124.76
C PHE B 122 -66.56 94.62 125.99
N THR B 123 -66.57 95.93 126.22
CA THR B 123 -67.18 96.53 127.42
C THR B 123 -68.71 96.67 127.31
N GLU B 124 -69.24 97.04 126.15
CA GLU B 124 -70.69 97.19 125.92
C GLU B 124 -71.43 95.84 126.07
N ASP B 125 -70.88 94.77 125.50
CA ASP B 125 -71.41 93.41 125.61
C ASP B 125 -71.50 92.90 127.06
N ILE B 126 -70.51 93.25 127.89
CA ILE B 126 -70.48 92.88 129.32
C ILE B 126 -71.58 93.63 130.06
N THR B 127 -71.77 94.92 129.76
CA THR B 127 -72.82 95.73 130.39
C THR B 127 -74.22 95.26 130.01
N LEU B 128 -74.48 94.96 128.74
CA LEU B 128 -75.80 94.49 128.30
C LEU B 128 -76.13 93.11 128.87
N SER B 129 -75.17 92.17 128.86
CA SER B 129 -75.34 90.85 129.49
C SER B 129 -75.61 90.97 130.99
N ALA B 130 -74.96 91.93 131.66
CA ALA B 130 -75.15 92.15 133.10
C ALA B 130 -76.52 92.81 133.42
N VAL B 131 -77.03 93.67 132.54
CA VAL B 131 -78.37 94.26 132.65
C VAL B 131 -79.45 93.19 132.47
N MET B 132 -79.34 92.33 131.45
CA MET B 132 -80.31 91.25 131.22
C MET B 132 -80.30 90.20 132.33
N LEU B 133 -79.16 89.97 133.00
CA LEU B 133 -79.09 89.11 134.18
C LEU B 133 -79.90 89.65 135.38
N GLN B 134 -80.27 90.94 135.38
CA GLN B 134 -81.12 91.54 136.42
C GLN B 134 -82.62 91.43 136.08
N GLU B 135 -82.99 91.10 134.85
CA GLU B 135 -84.39 90.92 134.47
C GLU B 135 -84.94 89.58 134.96
N GLU B 136 -86.24 89.54 135.28
CA GLU B 136 -86.87 88.34 135.84
C GLU B 136 -86.90 87.17 134.83
N ASP B 137 -86.96 87.47 133.53
CA ASP B 137 -86.84 86.51 132.43
C ASP B 137 -85.99 87.09 131.27
N PRO B 138 -84.68 86.78 131.20
CA PRO B 138 -83.80 87.31 130.16
C PRO B 138 -84.16 86.83 128.75
N GLY B 139 -84.86 85.70 128.61
CA GLY B 139 -85.28 85.19 127.30
C GLY B 139 -86.43 86.02 126.71
N GLU B 140 -87.43 86.32 127.52
CA GLU B 140 -88.57 87.16 127.10
C GLU B 140 -88.08 88.57 126.77
N ALA B 141 -87.20 89.14 127.61
CA ALA B 141 -86.66 90.46 127.35
C ALA B 141 -85.81 90.54 126.08
N ALA B 142 -85.04 89.49 125.76
CA ALA B 142 -84.30 89.42 124.49
C ALA B 142 -85.27 89.48 123.31
N THR B 143 -86.36 88.72 123.38
CA THR B 143 -87.42 88.73 122.37
C THR B 143 -88.06 90.11 122.22
N MET B 144 -88.39 90.76 123.33
CA MET B 144 -89.01 92.09 123.36
C MET B 144 -88.11 93.17 122.75
N SER B 145 -86.81 93.10 123.04
CA SER B 145 -85.84 94.09 122.53
C SER B 145 -85.75 94.11 121.00
N MET B 146 -86.07 92.98 120.35
CA MET B 146 -85.99 92.85 118.90
C MET B 146 -87.21 93.40 118.15
N TYR B 147 -88.32 93.69 118.82
CA TYR B 147 -89.53 94.21 118.16
C TYR B 147 -89.28 95.54 117.42
N PRO B 148 -88.69 96.57 118.06
CA PRO B 148 -88.33 97.79 117.36
C PRO B 148 -87.29 97.58 116.26
N ASP B 149 -86.31 96.67 116.47
CA ASP B 149 -85.25 96.41 115.49
C ASP B 149 -85.80 95.79 114.20
N PHE B 150 -86.77 94.89 114.31
CA PHE B 150 -87.46 94.29 113.15
C PHE B 150 -88.24 95.35 112.37
N LEU B 151 -89.03 96.17 113.05
CA LEU B 151 -89.77 97.24 112.39
C LEU B 151 -88.83 98.24 111.72
N LYS B 152 -87.78 98.65 112.42
CA LYS B 152 -86.77 99.57 111.88
C LYS B 152 -86.14 99.00 110.62
N SER B 153 -85.73 97.73 110.65
CA SER B 153 -85.16 97.06 109.49
C SER B 153 -86.16 97.03 108.33
N PHE B 154 -87.44 96.75 108.58
CA PHE B 154 -88.49 96.79 107.56
C PHE B 154 -88.64 98.17 106.92
N LEU B 155 -88.61 99.24 107.72
CA LEU B 155 -88.77 100.62 107.25
C LEU B 155 -87.54 101.15 106.49
N GLU B 156 -86.33 100.70 106.85
CA GLU B 156 -85.09 101.11 106.19
C GLU B 156 -84.92 100.50 104.79
N HIS B 157 -85.52 99.33 104.53
CA HIS B 157 -85.35 98.62 103.27
C HIS B 157 -86.53 98.88 102.32
N PRO B 158 -86.29 99.35 101.08
CA PRO B 158 -87.34 99.46 100.09
C PRO B 158 -87.87 98.08 99.69
N SER B 159 -89.09 98.02 99.16
CA SER B 159 -89.73 96.77 98.71
C SER B 159 -88.94 96.03 97.62
N SER B 160 -87.96 96.66 96.97
CA SER B 160 -87.04 96.01 96.02
C SER B 160 -85.89 95.23 96.69
N ALA B 161 -85.60 95.50 97.97
CA ALA B 161 -84.46 94.95 98.72
C ALA B 161 -84.89 93.91 99.75
N VAL B 162 -85.93 93.11 99.45
CA VAL B 162 -86.56 92.18 100.40
C VAL B 162 -85.59 91.13 100.96
N PHE B 163 -84.59 90.72 100.17
CA PHE B 163 -83.61 89.73 100.66
C PHE B 163 -82.56 90.33 101.59
N GLU B 164 -82.18 91.60 101.40
CA GLU B 164 -81.30 92.31 102.34
C GLU B 164 -82.03 92.50 103.69
N LEU B 165 -83.34 92.74 103.65
CA LEU B 165 -84.19 92.76 104.84
C LEU B 165 -84.16 91.43 105.61
N ILE B 166 -84.30 90.29 104.94
CA ILE B 166 -84.24 88.98 105.62
C ILE B 166 -82.85 88.72 106.21
N GLU B 167 -81.78 89.09 105.49
CA GLU B 167 -80.41 88.99 106.01
C GLU B 167 -80.23 89.83 107.28
N GLN B 168 -80.86 91.01 107.34
CA GLN B 168 -80.87 91.84 108.54
C GLN B 168 -81.69 91.24 109.69
N TYR B 169 -82.82 90.55 109.41
CA TYR B 169 -83.55 89.78 110.43
C TYR B 169 -82.71 88.63 110.97
N GLU B 170 -82.03 87.88 110.10
CA GLU B 170 -81.10 86.82 110.51
C GLU B 170 -80.00 87.39 111.43
N ALA B 171 -79.38 88.51 111.04
CA ALA B 171 -78.34 89.16 111.84
C ALA B 171 -78.87 89.61 113.22
N THR B 172 -80.08 90.17 113.26
CA THR B 172 -80.72 90.61 114.51
C THR B 172 -80.99 89.43 115.44
N CYS B 173 -81.52 88.31 114.91
CA CYS B 173 -81.66 87.07 115.66
C CYS B 173 -80.30 86.56 116.18
N ASN B 174 -79.27 86.53 115.33
CA ASN B 174 -77.95 86.02 115.69
C ASN B 174 -77.29 86.83 116.82
N THR B 175 -77.44 88.15 116.83
CA THR B 175 -76.94 89.01 117.93
C THR B 175 -77.57 88.61 119.26
N GLN B 176 -78.89 88.42 119.30
CA GLN B 176 -79.59 88.02 120.53
C GLN B 176 -79.28 86.58 120.95
N ILE B 177 -79.19 85.66 119.99
CA ILE B 177 -78.75 84.28 120.23
C ILE B 177 -77.37 84.26 120.87
N THR B 178 -76.43 85.06 120.36
CA THR B 178 -75.07 85.13 120.89
C THR B 178 -75.05 85.66 122.32
N LEU B 179 -75.86 86.68 122.62
CA LEU B 179 -76.05 87.22 123.96
C LEU B 179 -76.61 86.16 124.93
N LEU B 180 -77.70 85.50 124.54
CA LEU B 180 -78.33 84.44 125.34
C LEU B 180 -77.40 83.24 125.53
N LYS B 181 -76.64 82.82 124.52
CA LYS B 181 -75.61 81.76 124.65
C LYS B 181 -74.56 82.13 125.70
N LYS B 182 -74.10 83.38 125.72
CA LYS B 182 -73.14 83.86 126.74
C LYS B 182 -73.75 83.81 128.15
N ILE B 183 -75.04 84.18 128.29
CA ILE B 183 -75.76 84.12 129.57
C ILE B 183 -75.90 82.67 130.05
N VAL B 184 -76.40 81.76 129.20
CA VAL B 184 -76.60 80.35 129.54
C VAL B 184 -75.27 79.67 129.91
N LYS B 185 -74.16 79.95 129.20
CA LYS B 185 -72.83 79.38 129.51
C LYS B 185 -72.26 79.82 130.87
N ARG B 186 -72.65 81.00 131.38
CA ARG B 186 -72.12 81.55 132.64
C ARG B 186 -72.81 80.99 133.89
N VAL B 187 -73.85 80.19 133.74
CA VAL B 187 -74.72 79.77 134.84
C VAL B 187 -74.55 78.28 135.14
N THR B 188 -74.51 77.94 136.42
CA THR B 188 -74.43 76.55 136.91
C THR B 188 -75.67 75.75 136.49
N PRO B 189 -75.54 74.56 135.90
CA PRO B 189 -76.69 73.73 135.51
C PRO B 189 -77.62 73.43 136.71
N GLY B 190 -78.93 73.70 136.58
CA GLY B 190 -79.94 73.29 137.58
C GLY B 190 -80.89 74.36 138.11
N GLN B 191 -80.73 75.64 137.73
CA GLN B 191 -81.70 76.68 138.11
C GLN B 191 -82.88 76.74 137.11
N GLN B 192 -84.11 76.50 137.59
CA GLN B 192 -85.33 76.47 136.75
C GLN B 192 -85.57 77.74 135.91
N LYS B 193 -85.06 78.91 136.34
CA LYS B 193 -85.19 80.16 135.55
C LYS B 193 -84.51 80.03 134.18
N PHE B 194 -83.38 79.34 134.13
CA PHE B 194 -82.57 79.23 132.91
C PHE B 194 -83.02 78.11 131.97
N SER B 195 -83.91 77.21 132.41
CA SER B 195 -84.52 76.25 131.49
C SER B 195 -85.45 76.96 130.51
N LYS B 196 -86.22 77.96 130.96
CA LYS B 196 -87.04 78.79 130.06
C LYS B 196 -86.18 79.58 129.09
N THR B 197 -85.12 80.23 129.58
CA THR B 197 -84.19 80.97 128.74
C THR B 197 -83.50 80.06 127.71
N ALA B 198 -83.15 78.82 128.08
CA ALA B 198 -82.60 77.85 127.14
C ALA B 198 -83.63 77.43 126.07
N SER B 199 -84.91 77.27 126.44
CA SER B 199 -85.99 77.03 125.47
C SER B 199 -86.16 78.20 124.50
N ILE B 200 -86.17 79.45 125.01
CA ILE B 200 -86.27 80.65 124.15
C ILE B 200 -85.04 80.79 123.26
N LEU B 201 -83.84 80.49 123.77
CA LEU B 201 -82.63 80.46 122.97
C LEU B 201 -82.78 79.49 121.78
N TRP B 202 -83.27 78.27 122.03
CA TRP B 202 -83.52 77.31 120.96
C TRP B 202 -84.55 77.83 119.95
N LEU B 203 -85.65 78.43 120.41
CA LEU B 203 -86.69 79.00 119.54
C LEU B 203 -86.16 80.15 118.68
N LEU B 204 -85.33 81.04 119.23
CA LEU B 204 -84.69 82.10 118.45
C LEU B 204 -83.68 81.53 117.44
N GLN B 205 -82.96 80.47 117.78
CA GLN B 205 -82.13 79.75 116.80
C GLN B 205 -82.99 79.18 115.66
N GLN B 206 -84.13 78.58 115.98
CA GLN B 206 -85.08 78.10 114.98
C GLN B 206 -85.62 79.23 114.10
N GLU B 207 -85.90 80.40 114.67
CA GLU B 207 -86.28 81.58 113.89
C GLU B 207 -85.18 82.02 112.92
N MET B 208 -83.95 82.13 113.40
CA MET B 208 -82.80 82.54 112.58
C MET B 208 -82.61 81.61 111.38
N VAL B 209 -82.60 80.29 111.61
CA VAL B 209 -82.40 79.32 110.52
C VAL B 209 -83.61 79.28 109.58
N THR B 210 -84.82 79.58 110.06
CA THR B 210 -86.01 79.68 109.20
C THR B 210 -85.91 80.87 108.26
N TRP B 211 -85.43 82.03 108.73
CA TRP B 211 -85.16 83.18 107.86
C TRP B 211 -84.12 82.86 106.78
N ARG B 212 -83.05 82.16 107.14
CA ARG B 212 -82.02 81.71 106.19
C ARG B 212 -82.61 80.80 105.10
N LEU B 213 -83.50 79.87 105.48
CA LEU B 213 -84.22 79.00 104.54
C LEU B 213 -85.13 79.79 103.59
N ILE B 214 -85.91 80.72 104.14
CA ILE B 214 -86.81 81.59 103.36
C ILE B 214 -85.99 82.39 102.34
N ALA B 215 -84.89 83.02 102.76
CA ALA B 215 -84.03 83.77 101.87
C ALA B 215 -83.49 82.91 100.72
N ALA B 216 -82.99 81.70 101.02
CA ALA B 216 -82.43 80.80 100.01
C ALA B 216 -83.48 80.35 98.98
N LEU B 217 -84.63 79.84 99.43
CA LEU B 217 -85.65 79.28 98.55
C LEU B 217 -86.39 80.36 97.75
N TYR B 218 -86.80 81.46 98.37
CA TYR B 218 -87.53 82.51 97.65
C TYR B 218 -86.63 83.29 96.70
N ARG B 219 -85.33 83.43 97.00
CA ARG B 219 -84.37 84.01 96.05
C ARG B 219 -84.28 83.17 94.78
N ASP B 220 -84.18 81.85 94.92
CA ASP B 220 -84.18 80.93 93.78
C ASP B 220 -85.50 80.95 93.00
N ARG B 221 -86.64 80.89 93.68
CA ARG B 221 -87.97 80.89 93.04
C ARG B 221 -88.21 82.16 92.22
N ILE B 222 -87.89 83.32 92.78
CA ILE B 222 -88.06 84.61 92.06
C ILE B 222 -87.09 84.70 90.89
N GLN B 223 -85.82 84.33 91.08
CA GLN B 223 -84.84 84.37 90.00
C GLN B 223 -85.22 83.41 88.86
N SER B 224 -85.68 82.20 89.21
CA SER B 224 -86.10 81.20 88.23
C SER B 224 -87.27 81.69 87.39
N ALA B 225 -88.28 82.29 88.02
CA ALA B 225 -89.44 82.84 87.32
C ALA B 225 -89.08 83.97 86.33
N LEU B 226 -87.97 84.68 86.55
CA LEU B 226 -87.47 85.72 85.64
C LEU B 226 -86.68 85.13 84.45
N GLU B 227 -86.10 83.93 84.59
CA GLU B 227 -85.21 83.33 83.61
C GLU B 227 -85.89 82.32 82.67
N GLU B 228 -87.13 81.90 82.95
CA GLU B 228 -87.90 80.93 82.15
C GLU B 228 -88.09 81.34 80.66
N GLU B 229 -87.78 82.59 80.28
CA GLU B 229 -87.78 83.04 78.88
C GLU B 229 -86.62 82.50 78.03
N ASN B 230 -85.57 81.93 78.63
CA ASN B 230 -84.41 81.44 77.89
C ASN B 230 -84.45 79.91 77.64
N MET B 231 -84.41 79.51 76.37
CA MET B 231 -84.24 78.11 75.95
C MET B 231 -82.96 77.50 76.53
N PHE B 232 -83.09 76.52 77.41
CA PHE B 232 -81.95 75.80 77.99
C PHE B 232 -81.22 74.97 76.92
N GLU B 233 -79.89 75.10 76.85
CA GLU B 233 -79.06 74.34 75.90
C GLU B 233 -78.95 72.86 76.30
N ILE B 234 -79.25 71.95 75.37
CA ILE B 234 -79.10 70.49 75.57
C ILE B 234 -77.60 70.13 75.67
N ALA B 235 -77.24 69.21 76.57
CA ALA B 235 -75.87 68.71 76.71
C ALA B 235 -75.42 67.99 75.42
N ALA B 236 -74.20 68.24 74.96
CA ALA B 236 -73.63 67.47 73.85
C ALA B 236 -73.44 66.00 74.28
N PRO B 237 -73.55 65.02 73.36
CA PRO B 237 -73.42 63.59 73.70
C PRO B 237 -72.05 63.20 74.28
N ASN B 238 -71.02 64.03 74.11
CA ASN B 238 -69.68 63.84 74.69
C ASN B 238 -69.41 64.75 75.90
N ALA B 239 -70.46 65.33 76.49
CA ALA B 239 -70.31 66.19 77.66
C ALA B 239 -69.84 65.39 78.88
N SER B 240 -68.96 65.99 79.66
CA SER B 240 -68.51 65.42 80.95
C SER B 240 -69.68 65.32 81.94
N GLU B 241 -69.59 64.40 82.92
CA GLU B 241 -70.62 64.26 83.97
C GLU B 241 -70.88 65.60 84.67
N LYS B 242 -69.83 66.37 84.98
CA LYS B 242 -69.96 67.71 85.59
C LYS B 242 -70.83 68.65 84.74
N THR B 243 -70.67 68.63 83.42
CA THR B 243 -71.47 69.46 82.50
C THR B 243 -72.93 69.02 82.42
N ILE B 244 -73.18 67.71 82.45
CA ILE B 244 -74.55 67.17 82.47
C ILE B 244 -75.26 67.62 83.74
N VAL B 245 -74.61 67.45 84.89
CA VAL B 245 -75.17 67.86 86.19
C VAL B 245 -75.34 69.38 86.28
N ASP B 246 -74.38 70.19 85.81
CA ASP B 246 -74.51 71.64 85.75
C ASP B 246 -75.77 72.06 84.95
N LYS B 247 -76.08 71.37 83.86
CA LYS B 247 -77.29 71.61 83.05
C LYS B 247 -78.55 71.13 83.74
N LEU B 248 -78.50 70.01 84.47
CA LEU B 248 -79.61 69.53 85.30
C LEU B 248 -80.00 70.59 86.33
N PHE B 249 -79.03 71.11 87.09
CA PHE B 249 -79.29 72.13 88.12
C PHE B 249 -79.82 73.45 87.54
N GLN B 250 -79.52 73.78 86.29
CA GLN B 250 -80.10 74.95 85.62
C GLN B 250 -81.56 74.70 85.22
N ARG B 251 -81.84 73.52 84.64
CA ARG B 251 -83.14 73.17 84.07
C ARG B 251 -84.17 72.76 85.13
N ASP B 252 -83.75 71.98 86.11
CA ASP B 252 -84.64 71.30 87.06
C ASP B 252 -84.74 72.07 88.38
N THR B 253 -85.92 72.64 88.63
CA THR B 253 -86.23 73.41 89.83
C THR B 253 -86.28 72.53 91.08
N LEU B 254 -86.77 71.29 90.97
CA LEU B 254 -86.88 70.35 92.10
C LEU B 254 -85.48 70.00 92.60
N VAL B 255 -84.57 69.60 91.71
CA VAL B 255 -83.20 69.23 92.09
C VAL B 255 -82.47 70.42 92.71
N ARG B 256 -82.63 71.61 92.12
CA ARG B 256 -81.98 72.83 92.62
C ARG B 256 -82.51 73.24 93.99
N GLN B 257 -83.83 73.28 94.19
CA GLN B 257 -84.41 73.64 95.49
C GLN B 257 -84.12 72.59 96.57
N SER B 258 -84.16 71.29 96.22
CA SER B 258 -83.74 70.23 97.15
C SER B 258 -82.29 70.38 97.59
N GLN B 259 -81.38 70.77 96.70
CA GLN B 259 -80.00 71.08 97.08
C GLN B 259 -79.89 72.32 97.97
N LEU B 260 -80.70 73.35 97.76
CA LEU B 260 -80.74 74.51 98.67
C LEU B 260 -81.18 74.12 100.09
N VAL B 261 -82.13 73.18 100.21
CA VAL B 261 -82.53 72.61 101.51
C VAL B 261 -81.37 71.85 102.15
N VAL B 262 -80.61 71.07 101.37
CA VAL B 262 -79.39 70.39 101.85
C VAL B 262 -78.36 71.42 102.33
N ASP B 263 -78.04 72.42 101.52
CA ASP B 263 -77.06 73.47 101.84
C ASP B 263 -77.46 74.22 103.12
N TRP B 264 -78.77 74.50 103.28
CA TRP B 264 -79.32 75.09 104.48
C TRP B 264 -79.11 74.20 105.71
N LEU B 265 -79.47 72.92 105.65
CA LEU B 265 -79.29 71.98 106.77
C LEU B 265 -77.82 71.72 107.10
N GLU B 266 -76.94 71.72 106.09
CA GLU B 266 -75.49 71.63 106.28
C GLU B 266 -74.95 72.90 106.97
N SER B 267 -75.52 74.08 106.67
CA SER B 267 -75.16 75.34 107.34
C SER B 267 -75.51 75.34 108.83
N ILE B 268 -76.66 74.78 109.21
CA ILE B 268 -77.07 74.68 110.62
C ILE B 268 -76.08 73.78 111.38
N ALA B 269 -75.80 72.59 110.83
CA ALA B 269 -74.85 71.66 111.43
C ALA B 269 -73.44 72.30 111.54
N LYS B 270 -73.04 73.12 110.56
CA LYS B 270 -71.77 73.86 110.62
C LYS B 270 -71.73 74.87 111.77
N ASP B 271 -72.83 75.59 112.01
CA ASP B 271 -72.94 76.54 113.13
C ASP B 271 -72.84 75.83 114.49
N GLU B 272 -73.30 74.58 114.59
CA GLU B 272 -73.20 73.75 115.80
C GLU B 272 -71.81 73.17 116.04
N VAL B 273 -71.07 72.81 114.97
CA VAL B 273 -69.72 72.26 115.07
C VAL B 273 -68.78 73.22 115.80
N GLY B 274 -68.88 74.53 115.57
CA GLY B 274 -68.14 75.57 116.31
C GLY B 274 -66.65 75.27 116.53
N ASP B 275 -66.14 75.66 117.72
CA ASP B 275 -64.74 75.45 118.15
C ASP B 275 -64.41 73.98 118.50
N PHE B 276 -65.35 73.04 118.36
CA PHE B 276 -65.09 71.63 118.71
C PHE B 276 -64.05 70.97 117.80
N SER B 277 -63.79 71.56 116.63
CA SER B 277 -62.65 71.26 115.75
C SER B 277 -61.31 71.24 116.51
N ASP B 278 -61.10 72.20 117.42
CA ASP B 278 -59.80 72.40 118.08
C ASP B 278 -59.51 71.32 119.13
N ASN B 279 -60.55 70.72 119.71
CA ASN B 279 -60.39 69.69 120.74
C ASN B 279 -59.88 68.36 120.18
N ILE B 280 -60.10 68.09 118.89
CA ILE B 280 -59.66 66.83 118.28
C ILE B 280 -58.15 66.78 118.07
N GLU B 281 -57.52 67.96 117.92
CA GLU B 281 -56.08 68.08 117.72
C GLU B 281 -55.30 67.50 118.91
N TYR B 282 -55.89 67.51 120.11
CA TYR B 282 -55.30 66.91 121.31
C TYR B 282 -55.31 65.37 121.30
N TYR B 283 -56.15 64.74 120.49
CA TYR B 283 -56.32 63.28 120.44
C TYR B 283 -55.86 62.64 119.12
N ALA B 284 -55.64 63.45 118.08
CA ALA B 284 -55.16 62.96 116.79
C ALA B 284 -53.68 62.55 116.87
N LYS B 285 -53.44 61.25 117.10
CA LYS B 285 -52.09 60.66 117.06
C LYS B 285 -51.52 60.74 115.64
N SER B 286 -50.22 61.00 115.54
CA SER B 286 -49.51 61.18 114.26
C SER B 286 -49.44 59.92 113.38
N VAL B 287 -49.71 58.73 113.94
CA VAL B 287 -49.60 57.44 113.25
C VAL B 287 -50.88 56.64 113.43
N TYR B 288 -51.37 56.07 112.32
CA TYR B 288 -52.52 55.18 112.30
C TYR B 288 -52.23 53.86 113.05
N TRP B 289 -53.15 53.44 113.92
CA TRP B 289 -53.06 52.22 114.74
C TRP B 289 -51.73 52.06 115.50
N GLU B 290 -51.28 53.13 116.15
CA GLU B 290 -50.01 53.17 116.88
C GLU B 290 -49.91 52.06 117.93
N ASN B 291 -51.00 51.78 118.67
CA ASN B 291 -50.99 50.79 119.75
C ASN B 291 -50.93 49.36 119.20
N THR B 292 -51.67 49.07 118.13
CA THR B 292 -51.66 47.79 117.43
C THR B 292 -50.28 47.54 116.81
N LEU B 293 -49.70 48.56 116.16
CA LEU B 293 -48.34 48.51 115.64
C LEU B 293 -47.33 48.23 116.75
N HIS B 294 -47.46 48.90 117.90
CA HIS B 294 -46.60 48.69 119.06
C HIS B 294 -46.70 47.25 119.57
N THR B 295 -47.91 46.73 119.76
CA THR B 295 -48.16 45.37 120.23
C THR B 295 -47.62 44.32 119.25
N LEU B 296 -47.74 44.55 117.93
CA LEU B 296 -47.18 43.67 116.91
C LEU B 296 -45.65 43.66 116.91
N LYS B 297 -45.02 44.83 117.04
CA LYS B 297 -43.56 44.95 117.18
C LYS B 297 -43.04 44.26 118.44
N GLN B 298 -43.76 44.39 119.56
CA GLN B 298 -43.38 43.77 120.82
C GLN B 298 -43.48 42.23 120.75
N ARG B 299 -44.53 41.69 120.10
CA ARG B 299 -44.66 40.25 119.82
C ARG B 299 -43.54 39.69 118.97
N SER B 300 -43.04 40.48 118.01
CA SER B 300 -41.87 40.08 117.21
C SER B 300 -40.59 40.01 118.04
N MET B 301 -40.50 40.69 119.18
CA MET B 301 -39.28 40.74 120.01
C MET B 301 -39.32 39.81 121.24
N LEU B 302 -40.50 39.46 121.77
CA LEU B 302 -40.62 38.64 122.97
C LEU B 302 -41.73 37.59 122.84
N SER B 303 -41.35 36.31 122.86
CA SER B 303 -42.25 35.16 122.94
C SER B 303 -42.81 35.00 124.37
N LEU B 304 -43.62 35.96 124.83
CA LEU B 304 -44.31 35.87 126.12
C LEU B 304 -45.81 35.58 125.91
N GLY B 305 -46.32 34.63 126.70
CA GLY B 305 -47.57 33.92 126.47
C GLY B 305 -48.87 34.71 126.62
N SER B 306 -49.89 34.20 125.93
CA SER B 306 -51.33 34.48 126.07
C SER B 306 -51.76 35.96 126.04
N SER B 307 -51.48 36.64 124.92
CA SER B 307 -52.13 37.91 124.58
C SER B 307 -53.12 37.70 123.44
N ARG B 308 -54.32 38.30 123.52
CA ARG B 308 -55.44 38.23 122.57
C ARG B 308 -54.94 38.34 121.11
N PRO B 309 -55.24 37.40 120.19
CA PRO B 309 -54.78 37.53 118.81
C PRO B 309 -55.29 38.85 118.20
N LEU B 310 -54.37 39.63 117.64
CA LEU B 310 -54.64 40.92 116.97
C LEU B 310 -54.34 40.76 115.49
N VAL B 311 -54.81 41.69 114.66
CA VAL B 311 -54.49 41.73 113.22
C VAL B 311 -52.99 41.67 112.97
N SER B 312 -52.56 40.92 111.95
CA SER B 312 -51.14 40.78 111.59
C SER B 312 -50.66 41.82 110.56
N GLU B 313 -51.59 42.49 109.89
CA GLU B 313 -51.34 43.47 108.83
C GLU B 313 -52.00 44.80 109.22
N LEU B 314 -51.49 45.91 108.66
CA LEU B 314 -51.87 47.29 109.05
C LEU B 314 -52.65 48.03 107.95
N ASP B 315 -53.05 47.33 106.88
CA ASP B 315 -54.01 47.88 105.93
C ASP B 315 -55.41 47.94 106.54
N PRO B 316 -56.26 48.90 106.12
CA PRO B 316 -57.58 49.11 106.71
C PRO B 316 -58.52 47.90 106.59
N ASP B 317 -58.27 47.01 105.61
CA ASP B 317 -59.07 45.81 105.40
C ASP B 317 -58.63 44.63 106.30
N ALA B 318 -57.49 44.73 107.00
CA ALA B 318 -56.94 43.64 107.82
C ALA B 318 -57.93 43.14 108.90
N PRO B 319 -58.63 44.00 109.67
CA PRO B 319 -59.61 43.54 110.65
C PRO B 319 -60.75 42.72 110.04
N ILE B 320 -61.19 43.09 108.84
CA ILE B 320 -62.30 42.45 108.13
C ILE B 320 -61.83 41.14 107.51
N ARG B 321 -60.71 41.20 106.76
CA ARG B 321 -60.12 40.05 106.06
C ARG B 321 -59.69 38.96 107.02
N GLN B 322 -59.06 39.33 108.14
CA GLN B 322 -58.54 38.37 109.12
C GLN B 322 -59.56 38.01 110.19
N LYS B 323 -60.64 38.79 110.33
CA LYS B 323 -61.63 38.68 111.43
C LYS B 323 -60.96 38.73 112.80
N LEU B 324 -59.89 39.52 112.91
CA LEU B 324 -59.15 39.76 114.13
C LEU B 324 -59.33 41.21 114.58
N PRO B 325 -59.37 41.46 115.89
CA PRO B 325 -59.57 42.81 116.41
C PRO B 325 -58.27 43.62 116.39
N LEU B 326 -58.45 44.93 116.42
CA LEU B 326 -57.41 45.91 116.75
C LEU B 326 -57.16 45.96 118.25
N ASP B 327 -56.09 46.65 118.65
CA ASP B 327 -55.93 47.09 120.03
C ASP B 327 -57.16 47.91 120.47
N ASP B 328 -57.58 47.77 121.72
CA ASP B 328 -58.82 48.40 122.19
C ASP B 328 -58.72 49.93 122.16
N LEU B 329 -57.53 50.50 122.39
CA LEU B 329 -57.31 51.95 122.29
C LEU B 329 -57.43 52.46 120.85
N ASP B 330 -56.87 51.73 119.89
CA ASP B 330 -56.97 52.10 118.47
C ASP B 330 -58.41 51.99 117.97
N ARG B 331 -59.15 50.98 118.42
CA ARG B 331 -60.57 50.83 118.10
C ARG B 331 -61.40 51.98 118.65
N GLU B 332 -61.15 52.43 119.88
CA GLU B 332 -61.81 53.61 120.46
C GLU B 332 -61.47 54.90 119.71
N ASP B 333 -60.19 55.08 119.37
CA ASP B 333 -59.71 56.24 118.61
C ASP B 333 -60.36 56.29 117.21
N ASP B 334 -60.48 55.16 116.52
CA ASP B 334 -61.18 55.07 115.23
C ASP B 334 -62.68 55.37 115.36
N ILE B 335 -63.37 54.86 116.38
CA ILE B 335 -64.79 55.15 116.60
C ILE B 335 -65.02 56.65 116.80
N ARG B 336 -64.17 57.30 117.62
CA ARG B 336 -64.22 58.75 117.82
C ARG B 336 -64.00 59.47 116.50
N LEU B 337 -62.91 59.17 115.80
CA LEU B 337 -62.58 59.80 114.52
C LEU B 337 -63.71 59.68 113.50
N LEU B 338 -64.28 58.48 113.33
CA LEU B 338 -65.38 58.24 112.39
C LEU B 338 -66.64 59.05 112.75
N LYS B 339 -66.98 59.16 114.04
CA LYS B 339 -68.09 60.01 114.48
C LYS B 339 -67.86 61.47 114.08
N TYR B 340 -66.66 61.99 114.29
CA TYR B 340 -66.32 63.37 113.92
C TYR B 340 -66.28 63.59 112.41
N LEU B 341 -65.73 62.63 111.65
CA LEU B 341 -65.77 62.68 110.19
C LEU B 341 -67.20 62.73 109.67
N PHE B 342 -68.10 61.92 110.24
CA PHE B 342 -69.52 61.98 109.91
C PHE B 342 -70.11 63.36 110.24
N THR B 343 -69.82 63.94 111.41
CA THR B 343 -70.28 65.30 111.75
C THR B 343 -69.78 66.36 110.76
N LEU B 344 -68.52 66.29 110.33
CA LEU B 344 -67.98 67.21 109.33
C LEU B 344 -68.67 67.04 107.97
N ILE B 345 -68.94 65.80 107.55
CA ILE B 345 -69.66 65.52 106.30
C ILE B 345 -71.11 65.99 106.38
N ARG B 346 -71.79 65.79 107.52
CA ARG B 346 -73.14 66.31 107.81
C ARG B 346 -73.21 67.84 107.80
N ALA B 347 -72.10 68.52 108.08
CA ALA B 347 -71.94 69.96 108.01
C ALA B 347 -71.45 70.48 106.64
N GLY B 348 -71.38 69.63 105.61
CA GLY B 348 -70.86 70.01 104.28
C GLY B 348 -69.35 70.29 104.25
N MET B 349 -68.63 70.04 105.34
CA MET B 349 -67.19 70.31 105.48
C MET B 349 -66.32 69.14 105.00
N THR B 350 -66.59 68.62 103.80
CA THR B 350 -65.88 67.45 103.25
C THR B 350 -64.38 67.68 103.10
N ASP B 351 -63.96 68.89 102.75
CA ASP B 351 -62.54 69.23 102.66
C ASP B 351 -61.84 69.15 104.03
N GLU B 352 -62.50 69.62 105.09
CA GLU B 352 -61.94 69.52 106.43
C GLU B 352 -61.91 68.06 106.91
N ALA B 353 -62.93 67.27 106.56
CA ALA B 353 -62.92 65.82 106.80
C ALA B 353 -61.72 65.14 106.11
N GLN B 354 -61.42 65.50 104.86
CA GLN B 354 -60.25 65.00 104.14
C GLN B 354 -58.92 65.44 104.78
N ARG B 355 -58.82 66.72 105.20
CA ARG B 355 -57.63 67.22 105.91
C ARG B 355 -57.44 66.48 107.23
N LEU B 356 -58.51 66.26 107.99
CA LEU B 356 -58.47 65.50 109.23
C LEU B 356 -58.01 64.06 109.00
N CYS B 357 -58.54 63.37 107.99
CA CYS B 357 -58.07 62.04 107.59
C CYS B 357 -56.57 62.02 107.29
N LYS B 358 -56.06 63.00 106.52
CA LYS B 358 -54.64 63.13 106.20
C LYS B 358 -53.78 63.37 107.46
N ARG B 359 -54.25 64.25 108.37
CA ARG B 359 -53.57 64.56 109.64
C ARG B 359 -53.50 63.36 110.59
N CYS B 360 -54.55 62.54 110.66
CA CYS B 360 -54.61 61.32 111.47
C CYS B 360 -53.88 60.11 110.85
N GLY B 361 -53.10 60.30 109.78
CA GLY B 361 -52.38 59.22 109.10
C GLY B 361 -53.26 58.30 108.24
N GLN B 362 -54.51 58.67 107.98
CA GLN B 362 -55.49 57.90 107.20
C GLN B 362 -55.70 58.51 105.81
N ALA B 363 -54.60 58.73 105.07
CA ALA B 363 -54.64 59.30 103.73
C ALA B 363 -55.47 58.46 102.74
N TRP B 364 -55.51 57.14 102.94
CA TRP B 364 -56.35 56.23 102.18
C TRP B 364 -57.85 56.60 102.30
N ARG B 365 -58.31 56.98 103.50
CA ARG B 365 -59.70 57.39 103.73
C ARG B 365 -59.96 58.77 103.13
N ALA B 366 -58.98 59.66 103.18
CA ALA B 366 -59.10 60.93 102.46
C ALA B 366 -59.31 60.71 100.95
N ALA B 367 -58.63 59.72 100.36
CA ALA B 367 -58.82 59.34 98.96
C ALA B 367 -60.21 58.72 98.70
N THR B 368 -60.75 57.91 99.61
CA THR B 368 -62.13 57.38 99.45
C THR B 368 -63.16 58.50 99.49
N LEU B 369 -62.96 59.55 100.29
CA LEU B 369 -63.81 60.74 100.36
C LEU B 369 -63.71 61.67 99.13
N GLU B 370 -62.77 61.45 98.21
CA GLU B 370 -62.66 62.24 96.96
C GLU B 370 -63.43 61.61 95.79
N GLY B 371 -63.81 60.33 95.90
CA GLY B 371 -64.34 59.57 94.77
C GLY B 371 -65.74 59.96 94.28
N TRP B 372 -66.47 60.80 95.03
CA TRP B 372 -67.78 61.34 94.64
C TRP B 372 -67.70 62.41 93.56
N LYS B 373 -66.54 63.06 93.40
CA LYS B 373 -66.37 64.20 92.48
C LYS B 373 -66.67 63.78 91.04
N LEU B 374 -67.57 64.54 90.39
CA LEU B 374 -67.99 64.32 89.01
C LEU B 374 -66.81 64.48 88.05
N TYR B 375 -66.69 63.57 87.09
CA TYR B 375 -65.64 63.65 86.08
C TYR B 375 -65.79 64.90 85.20
N HIS B 376 -64.70 65.64 85.03
CA HIS B 376 -64.61 66.79 84.15
C HIS B 376 -63.23 66.90 83.50
N ASP B 377 -63.21 66.92 82.17
CA ASP B 377 -62.02 67.26 81.40
C ASP B 377 -62.30 68.55 80.60
N ALA B 378 -61.76 69.66 81.10
CA ALA B 378 -61.87 70.98 80.48
C ALA B 378 -61.15 71.06 79.13
N ASN B 379 -60.30 70.08 78.79
CA ASN B 379 -59.49 70.09 77.57
C ASN B 379 -60.21 69.44 76.38
N ILE B 380 -61.36 68.79 76.57
CA ILE B 380 -62.12 68.10 75.49
C ILE B 380 -62.48 69.06 74.34
N ASN B 381 -62.71 70.33 74.64
CA ASN B 381 -63.11 71.34 73.64
C ASN B 381 -61.93 72.18 73.10
N GLY B 382 -60.67 71.80 73.39
CA GLY B 382 -59.49 72.43 72.77
C GLY B 382 -59.18 73.86 73.24
N GLY B 383 -59.29 74.13 74.55
CA GLY B 383 -58.89 75.41 75.14
C GLY B 383 -57.41 75.76 74.90
N THR B 384 -57.08 77.05 74.92
CA THR B 384 -55.71 77.56 74.69
C THR B 384 -54.72 77.22 75.80
N GLU B 385 -55.20 76.94 77.02
CA GLU B 385 -54.37 76.52 78.15
C GLU B 385 -54.86 75.17 78.68
N LEU B 386 -53.92 74.25 78.92
CA LEU B 386 -54.20 72.95 79.52
C LEU B 386 -54.61 73.14 80.99
N GLN B 387 -55.81 72.66 81.32
CA GLN B 387 -56.35 72.67 82.68
C GLN B 387 -56.32 71.26 83.27
N ALA B 388 -56.28 71.16 84.60
CA ALA B 388 -56.26 69.87 85.28
C ALA B 388 -57.60 69.13 85.09
N VAL B 389 -57.54 67.83 84.83
CA VAL B 389 -58.72 66.97 84.82
C VAL B 389 -59.17 66.74 86.27
N GLU B 390 -60.47 66.85 86.51
CA GLU B 390 -61.08 66.73 87.84
C GLU B 390 -62.02 65.53 87.91
N GLY B 391 -62.18 64.99 89.12
CA GLY B 391 -63.16 63.94 89.42
C GLY B 391 -62.75 62.53 89.01
N ASN B 392 -63.68 61.59 89.20
CA ASN B 392 -63.45 60.16 88.98
C ASN B 392 -64.20 59.67 87.71
N PRO B 393 -63.51 59.27 86.63
CA PRO B 393 -64.18 58.73 85.44
C PRO B 393 -64.91 57.40 85.69
N TYR B 394 -64.56 56.70 86.77
CA TYR B 394 -65.20 55.46 87.21
C TYR B 394 -66.02 55.67 88.50
N ARG B 395 -66.66 56.85 88.63
CA ARG B 395 -67.49 57.21 89.79
C ARG B 395 -68.56 56.16 90.09
N CYS B 396 -69.16 55.55 89.07
CA CYS B 396 -70.16 54.49 89.25
C CYS B 396 -69.61 53.26 89.99
N VAL B 397 -68.38 52.83 89.68
CA VAL B 397 -67.72 51.71 90.37
C VAL B 397 -67.43 52.09 91.82
N TRP B 398 -66.89 53.28 92.03
CA TRP B 398 -66.65 53.80 93.37
C TRP B 398 -67.95 53.85 94.20
N LYS B 399 -69.05 54.33 93.61
CA LYS B 399 -70.36 54.41 94.25
C LYS B 399 -70.88 53.02 94.64
N THR B 400 -70.76 52.02 93.76
CA THR B 400 -71.10 50.63 94.08
C THR B 400 -70.23 50.06 95.20
N CYS B 401 -68.93 50.38 95.23
CA CYS B 401 -68.05 49.98 96.33
C CYS B 401 -68.49 50.61 97.66
N CYS B 402 -68.71 51.92 97.70
CA CYS B 402 -69.22 52.62 98.89
C CYS B 402 -70.56 52.05 99.35
N TRP B 403 -71.46 51.73 98.42
CA TRP B 403 -72.74 51.11 98.73
C TRP B 403 -72.56 49.77 99.47
N ARG B 404 -71.69 48.89 98.94
CA ARG B 404 -71.38 47.59 99.56
C ARG B 404 -70.73 47.75 100.93
N MET B 405 -69.82 48.71 101.07
CA MET B 405 -69.19 49.03 102.37
C MET B 405 -70.20 49.54 103.40
N ALA B 406 -71.21 50.31 102.97
CA ALA B 406 -72.26 50.80 103.85
C ALA B 406 -73.18 49.66 104.36
N GLU B 407 -73.38 48.61 103.57
CA GLU B 407 -74.20 47.46 103.95
C GLU B 407 -73.47 46.42 104.79
N ASP B 408 -72.13 46.40 104.75
CA ASP B 408 -71.35 45.44 105.51
C ASP B 408 -71.33 45.79 107.02
N GLU B 409 -71.99 44.94 107.80
CA GLU B 409 -72.14 45.09 109.26
C GLU B 409 -70.84 44.96 110.04
N GLN B 410 -69.75 44.50 109.41
CA GLN B 410 -68.43 44.45 110.04
C GLN B 410 -67.86 45.86 110.28
N PHE B 411 -68.28 46.86 109.50
CA PHE B 411 -67.87 48.25 109.68
C PHE B 411 -68.64 48.96 110.79
N ASN B 412 -68.01 49.98 111.37
CA ASN B 412 -68.66 50.82 112.37
C ASN B 412 -69.86 51.57 111.77
N LYS B 413 -70.91 51.80 112.56
CA LYS B 413 -72.12 52.53 112.14
C LYS B 413 -71.84 53.90 111.50
N TYR B 414 -70.84 54.65 111.97
CA TYR B 414 -70.50 55.95 111.40
C TYR B 414 -69.72 55.81 110.09
N GLU B 415 -68.86 54.79 109.95
CA GLU B 415 -68.19 54.52 108.68
C GLU B 415 -69.20 54.10 107.60
N ARG B 416 -70.14 53.23 107.98
CA ARG B 416 -71.27 52.85 107.13
C ARG B 416 -72.09 54.07 106.73
N ALA B 417 -72.40 54.95 107.68
CA ALA B 417 -73.13 56.18 107.40
C ALA B 417 -72.37 57.14 106.48
N ILE B 418 -71.06 57.31 106.63
CA ILE B 418 -70.23 58.13 105.73
C ILE B 418 -70.34 57.62 104.30
N TYR B 419 -70.13 56.32 104.08
CA TYR B 419 -70.24 55.75 102.74
C TYR B 419 -71.68 55.74 102.23
N ALA B 420 -72.67 55.60 103.11
CA ALA B 420 -74.08 55.71 102.78
C ALA B 420 -74.46 57.11 102.30
N THR B 421 -74.00 58.18 102.98
CA THR B 421 -74.19 59.57 102.54
C THR B 421 -73.59 59.79 101.15
N LEU B 422 -72.40 59.25 100.93
CA LEU B 422 -71.63 59.42 99.70
C LEU B 422 -72.15 58.58 98.52
N SER B 423 -72.86 57.48 98.79
CA SER B 423 -73.40 56.59 97.76
C SER B 423 -74.90 56.72 97.54
N GLY B 424 -75.61 57.51 98.35
CA GLY B 424 -77.06 57.64 98.29
C GLY B 424 -77.84 56.51 98.98
N ASN B 425 -77.25 55.82 99.96
CA ASN B 425 -77.92 54.71 100.66
C ASN B 425 -78.68 55.19 101.91
N LEU B 426 -79.94 55.59 101.74
CA LEU B 426 -80.77 56.12 102.83
C LEU B 426 -80.91 55.14 104.01
N LYS B 427 -81.13 53.84 103.72
CA LYS B 427 -81.37 52.81 104.77
C LYS B 427 -80.22 52.70 105.76
N GLN B 428 -78.98 52.87 105.28
CA GLN B 428 -77.77 52.77 106.11
C GLN B 428 -77.38 54.12 106.74
N LEU B 429 -77.91 55.23 106.23
CA LEU B 429 -77.69 56.58 106.77
C LEU B 429 -78.62 56.90 107.95
N LEU B 430 -79.91 56.55 107.84
CA LEU B 430 -80.92 56.86 108.86
C LEU B 430 -80.57 56.42 110.29
N PRO B 431 -79.90 55.28 110.55
CA PRO B 431 -79.59 54.84 111.92
C PRO B 431 -78.72 55.81 112.74
N VAL B 432 -77.95 56.69 112.11
CA VAL B 432 -77.13 57.69 112.83
C VAL B 432 -77.75 59.09 112.88
N CYS B 433 -78.87 59.31 112.17
CA CYS B 433 -79.58 60.58 112.14
C CYS B 433 -80.54 60.67 113.33
N GLU B 434 -80.29 61.52 114.33
CA GLU B 434 -81.05 61.50 115.59
C GLU B 434 -82.10 62.60 115.68
N SER B 435 -81.89 63.74 115.04
CA SER B 435 -82.80 64.88 115.03
C SER B 435 -83.69 64.92 113.78
N TRP B 436 -84.70 65.80 113.81
CA TRP B 436 -85.50 66.16 112.64
C TRP B 436 -84.61 66.69 111.53
N GLU B 437 -83.73 67.65 111.83
CA GLU B 437 -82.82 68.26 110.86
C GLU B 437 -81.91 67.21 110.19
N ASP B 438 -81.38 66.25 110.96
CA ASP B 438 -80.57 65.15 110.41
C ASP B 438 -81.36 64.24 109.49
N THR B 439 -82.60 63.92 109.88
CA THR B 439 -83.46 63.03 109.11
C THR B 439 -83.87 63.69 107.80
N VAL B 440 -84.34 64.94 107.85
CA VAL B 440 -84.65 65.75 106.65
C VAL B 440 -83.42 65.84 105.74
N TRP B 441 -82.23 66.14 106.30
CA TRP B 441 -81.00 66.21 105.51
C TRP B 441 -80.71 64.88 104.82
N ALA B 442 -80.85 63.75 105.51
CA ALA B 442 -80.60 62.43 104.93
C ALA B 442 -81.53 62.14 103.74
N HIS B 443 -82.83 62.42 103.86
CA HIS B 443 -83.79 62.22 102.76
C HIS B 443 -83.48 63.15 101.58
N PHE B 444 -83.29 64.45 101.81
CA PHE B 444 -82.99 65.41 100.74
C PHE B 444 -81.64 65.15 100.08
N LYS B 445 -80.61 64.78 100.84
CA LYS B 445 -79.28 64.44 100.31
C LYS B 445 -79.35 63.23 99.37
N VAL B 446 -80.06 62.18 99.78
CA VAL B 446 -80.24 60.98 98.97
C VAL B 446 -81.14 61.25 97.76
N MET B 447 -82.19 62.06 97.92
CA MET B 447 -83.04 62.50 96.80
C MET B 447 -82.20 63.17 95.72
N VAL B 448 -81.39 64.18 96.08
CA VAL B 448 -80.55 64.89 95.09
C VAL B 448 -79.56 63.93 94.43
N ASP B 449 -78.89 63.08 95.23
CA ASP B 449 -77.92 62.11 94.69
C ASP B 449 -78.58 61.10 93.73
N SER B 450 -79.79 60.63 94.04
CA SER B 450 -80.59 59.72 93.19
C SER B 450 -80.99 60.39 91.88
N LEU B 451 -81.54 61.61 91.92
CA LEU B 451 -81.95 62.37 90.74
C LEU B 451 -80.75 62.70 89.82
N VAL B 452 -79.62 63.07 90.40
CA VAL B 452 -78.36 63.31 89.66
C VAL B 452 -77.89 62.03 88.98
N GLU B 453 -77.92 60.89 89.67
CA GLU B 453 -77.50 59.60 89.10
C GLU B 453 -78.42 59.16 87.95
N GLN B 454 -79.73 59.39 88.06
CA GLN B 454 -80.71 59.11 87.01
C GLN B 454 -80.41 59.92 85.74
N GLU B 455 -80.14 61.22 85.85
CA GLU B 455 -79.83 62.09 84.69
C GLU B 455 -78.51 61.68 84.00
N ILE B 456 -77.47 61.34 84.78
CA ILE B 456 -76.18 60.90 84.24
C ILE B 456 -76.37 59.62 83.42
N ARG B 457 -77.13 58.65 83.94
CA ARG B 457 -77.39 57.38 83.25
C ARG B 457 -78.25 57.54 82.01
N ALA B 458 -79.22 58.46 82.04
CA ALA B 458 -80.03 58.78 80.87
C ALA B 458 -79.20 59.43 79.74
N SER B 459 -78.16 60.19 80.10
CA SER B 459 -77.33 60.94 79.15
C SER B 459 -76.17 60.13 78.56
N ILE B 460 -75.63 59.14 79.28
CA ILE B 460 -74.44 58.38 78.88
C ILE B 460 -74.85 57.03 78.29
N ILE B 461 -74.74 56.89 76.97
CA ILE B 461 -75.16 55.72 76.17
C ILE B 461 -74.39 54.41 76.53
N SER B 462 -73.22 54.52 77.17
CA SER B 462 -72.29 53.40 77.36
C SER B 462 -72.08 53.00 78.83
N PHE B 463 -73.17 52.80 79.58
CA PHE B 463 -73.08 52.18 80.90
C PHE B 463 -73.00 50.65 80.79
N ASN B 464 -71.92 50.05 81.31
CA ASN B 464 -71.82 48.60 81.47
C ASN B 464 -72.74 48.15 82.62
N GLU B 465 -73.72 47.29 82.32
CA GLU B 465 -74.70 46.71 83.27
C GLU B 465 -74.08 45.92 84.45
N ALA B 466 -72.77 45.68 84.45
CA ALA B 466 -72.11 44.79 85.41
C ALA B 466 -72.02 45.33 86.86
N ASN B 467 -72.39 46.60 87.12
CA ASN B 467 -72.25 47.25 88.42
C ASN B 467 -73.59 47.82 88.92
N GLU B 468 -74.55 46.95 89.23
CA GLU B 468 -75.90 47.35 89.66
C GLU B 468 -75.91 47.93 91.09
N LEU B 469 -76.17 49.23 91.19
CA LEU B 469 -76.81 49.81 92.37
C LEU B 469 -78.25 49.27 92.49
N PRO B 470 -78.85 49.22 93.69
CA PRO B 470 -80.21 48.68 93.84
C PRO B 470 -81.24 49.43 93.00
N ARG B 471 -82.17 48.69 92.38
CA ARG B 471 -83.24 49.27 91.56
C ARG B 471 -84.10 50.26 92.33
N GLU B 472 -84.39 49.98 93.61
CA GLU B 472 -85.13 50.88 94.50
C GLU B 472 -84.54 52.29 94.55
N TYR B 473 -83.22 52.42 94.50
CA TYR B 473 -82.53 53.71 94.52
C TYR B 473 -82.55 54.40 93.14
N LEU B 474 -82.52 53.61 92.07
CA LEU B 474 -82.47 54.11 90.69
C LEU B 474 -83.84 54.49 90.14
N GLU B 475 -84.88 53.81 90.58
CA GLU B 475 -86.27 53.98 90.13
C GLU B 475 -87.11 54.73 91.19
N ALA B 476 -86.45 55.38 92.16
CA ALA B 476 -87.11 56.16 93.19
C ALA B 476 -87.86 57.35 92.59
N ASN B 477 -89.17 57.41 92.82
CA ASN B 477 -90.03 58.52 92.44
C ASN B 477 -90.12 59.52 93.59
N TRP B 478 -89.17 60.45 93.62
CA TRP B 478 -89.08 61.45 94.66
C TRP B 478 -90.09 62.59 94.46
N THR B 479 -90.83 62.91 95.52
CA THR B 479 -91.56 64.18 95.65
C THR B 479 -91.18 64.86 96.95
N LEU B 480 -91.38 66.18 97.05
CA LEU B 480 -91.12 66.89 98.29
C LEU B 480 -92.05 66.39 99.40
N ASP B 481 -93.32 66.10 99.07
CA ASP B 481 -94.31 65.57 100.01
C ASP B 481 -93.90 64.19 100.56
N SER B 482 -93.38 63.30 99.70
CA SER B 482 -93.03 61.93 100.13
C SER B 482 -91.96 61.95 101.23
N VAL B 483 -91.05 62.92 101.21
CA VAL B 483 -90.05 63.08 102.28
C VAL B 483 -90.75 63.35 103.62
N PHE B 484 -91.65 64.33 103.67
CA PHE B 484 -92.34 64.69 104.91
C PHE B 484 -93.35 63.64 105.36
N GLU B 485 -93.95 62.86 104.45
CA GLU B 485 -94.75 61.68 104.78
C GLU B 485 -93.90 60.59 105.45
N GLU B 486 -92.69 60.33 104.94
CA GLU B 486 -91.76 59.38 105.57
C GLU B 486 -91.30 59.84 106.97
N LEU B 487 -91.08 61.15 107.15
CA LEU B 487 -90.79 61.74 108.46
C LEU B 487 -91.95 61.56 109.46
N GLN B 488 -93.20 61.59 109.00
CA GLN B 488 -94.36 61.29 109.84
C GLN B 488 -94.50 59.80 110.17
N ALA B 489 -94.01 58.93 109.30
CA ALA B 489 -94.03 57.48 109.47
C ALA B 489 -92.85 56.92 110.30
N THR B 490 -91.90 57.76 110.72
CA THR B 490 -90.73 57.34 111.49
C THR B 490 -91.10 56.77 112.87
N ASP B 491 -90.32 55.82 113.36
CA ASP B 491 -90.43 55.24 114.70
C ASP B 491 -89.66 56.05 115.76
N LYS B 492 -88.88 57.05 115.35
CA LYS B 492 -88.08 57.89 116.23
C LYS B 492 -88.93 58.93 116.94
N LYS B 493 -89.18 58.68 118.24
CA LYS B 493 -89.96 59.57 119.10
C LYS B 493 -89.51 61.04 119.07
N ARG B 494 -88.19 61.30 119.13
CA ARG B 494 -87.64 62.66 119.10
C ARG B 494 -88.03 63.41 117.82
N VAL B 495 -87.90 62.77 116.67
CA VAL B 495 -88.24 63.35 115.37
C VAL B 495 -89.74 63.65 115.28
N LEU B 496 -90.59 62.75 115.79
CA LEU B 496 -92.04 62.96 115.84
C LEU B 496 -92.46 64.14 116.74
N GLU B 497 -91.74 64.35 117.84
CA GLU B 497 -91.94 65.50 118.74
C GLU B 497 -91.50 66.80 118.05
N GLU B 498 -90.28 66.84 117.50
CA GLU B 498 -89.75 68.00 116.77
C GLU B 498 -90.61 68.34 115.54
N ASN B 499 -91.18 67.36 114.84
CA ASN B 499 -92.07 67.59 113.69
C ASN B 499 -93.36 68.36 114.03
N ARG B 500 -93.71 68.49 115.33
CA ARG B 500 -94.88 69.26 115.81
C ARG B 500 -94.50 70.67 116.27
N GLU B 501 -93.22 71.01 116.28
CA GLU B 501 -92.77 72.34 116.67
C GLU B 501 -93.14 73.35 115.58
N HIS B 502 -93.60 74.53 116.00
CA HIS B 502 -94.15 75.56 115.10
C HIS B 502 -93.18 75.94 113.97
N TYR B 503 -91.89 76.14 114.28
CA TYR B 503 -90.89 76.50 113.26
C TYR B 503 -90.64 75.37 112.27
N HIS B 504 -90.63 74.10 112.69
CA HIS B 504 -90.46 72.98 111.76
C HIS B 504 -91.68 72.80 110.85
N ILE B 505 -92.89 73.06 111.35
CA ILE B 505 -94.11 73.13 110.52
C ILE B 505 -93.97 74.24 109.48
N ILE B 506 -93.57 75.45 109.88
CA ILE B 506 -93.31 76.57 108.96
C ILE B 506 -92.27 76.18 107.90
N GLN B 507 -91.13 75.61 108.31
CA GLN B 507 -90.04 75.20 107.42
C GLN B 507 -90.54 74.17 106.39
N LYS B 508 -91.33 73.17 106.82
CA LYS B 508 -91.97 72.21 105.91
C LYS B 508 -92.79 72.92 104.84
N PHE B 509 -93.72 73.80 105.22
CA PHE B 509 -94.57 74.49 104.24
C PHE B 509 -93.80 75.44 103.33
N VAL B 510 -92.75 76.09 103.85
CA VAL B 510 -91.83 76.93 103.05
C VAL B 510 -91.11 76.08 102.00
N ILE B 511 -90.64 74.87 102.37
CA ILE B 511 -90.00 73.92 101.44
C ILE B 511 -91.00 73.44 100.38
N LEU B 512 -92.21 73.04 100.78
CA LEU B 512 -93.28 72.60 99.88
C LEU B 512 -93.83 73.72 98.97
N ALA B 513 -93.51 74.98 99.25
CA ALA B 513 -94.09 76.16 98.60
C ALA B 513 -95.62 76.27 98.76
N ASP B 514 -96.17 75.67 99.83
CA ASP B 514 -97.60 75.66 100.10
C ASP B 514 -97.95 76.75 101.15
N VAL B 515 -98.25 77.94 100.63
CA VAL B 515 -98.64 79.09 101.45
C VAL B 515 -100.03 78.88 102.04
N ASP B 516 -100.96 78.28 101.30
CA ASP B 516 -102.34 78.09 101.75
C ASP B 516 -102.42 77.13 102.93
N GLY B 517 -101.69 76.03 102.89
CA GLY B 517 -101.56 75.10 104.01
C GLY B 517 -100.93 75.74 105.24
N LEU B 518 -99.91 76.59 105.05
CA LEU B 518 -99.33 77.36 106.16
C LEU B 518 -100.35 78.31 106.81
N MET B 519 -101.20 78.96 106.00
CA MET B 519 -102.25 79.84 106.52
C MET B 519 -103.32 79.05 107.31
N ASP B 520 -103.60 77.81 106.94
CA ASP B 520 -104.52 76.95 107.70
C ASP B 520 -103.95 76.58 109.07
N GLU B 521 -102.67 76.24 109.15
CA GLU B 521 -101.98 76.03 110.43
C GLU B 521 -102.03 77.29 111.31
N PHE B 522 -101.77 78.47 110.73
CA PHE B 522 -101.84 79.73 111.47
C PHE B 522 -103.25 79.99 112.02
N SER B 523 -104.28 79.71 111.22
CA SER B 523 -105.67 79.82 111.66
C SER B 523 -105.97 78.87 112.82
N GLU B 524 -105.51 77.61 112.73
CA GLU B 524 -105.68 76.62 113.79
C GLU B 524 -104.99 77.09 115.09
N TRP B 525 -103.75 77.56 115.02
CA TRP B 525 -102.98 78.02 116.18
C TRP B 525 -103.65 79.22 116.87
N LEU B 526 -104.18 80.17 116.10
CA LEU B 526 -104.94 81.30 116.63
C LEU B 526 -106.25 80.88 117.31
N SER B 527 -106.91 79.83 116.78
CA SER B 527 -108.16 79.31 117.32
C SER B 527 -107.97 78.52 118.62
N ASN B 528 -106.87 77.78 118.75
CA ASN B 528 -106.56 76.94 119.92
C ASN B 528 -106.17 77.75 121.17
N GLY B 529 -105.94 79.06 121.01
CA GLY B 529 -105.85 80.01 122.10
C GLY B 529 -104.78 81.07 121.86
N LYS B 530 -105.22 82.28 121.48
CA LYS B 530 -104.36 83.44 121.19
C LYS B 530 -103.32 83.75 122.28
N ASN B 531 -103.66 83.47 123.54
CA ASN B 531 -102.78 83.73 124.69
C ASN B 531 -101.67 82.69 124.88
N LEU B 532 -101.73 81.55 124.18
CA LEU B 532 -100.69 80.52 124.26
C LEU B 532 -99.54 80.75 123.27
N LEU B 533 -99.74 81.60 122.25
CA LEU B 533 -98.71 81.90 121.27
C LEU B 533 -97.63 82.79 121.90
N LEU B 534 -96.38 82.36 121.77
CA LEU B 534 -95.21 83.08 122.23
C LEU B 534 -95.02 84.37 121.40
N GLY B 535 -94.54 85.43 122.03
CA GLY B 535 -94.39 86.76 121.41
C GLY B 535 -93.50 86.75 120.16
N HIS B 536 -92.36 86.04 120.21
CA HIS B 536 -91.47 85.90 119.05
C HIS B 536 -92.15 85.19 117.87
N LEU B 537 -93.04 84.22 118.13
CA LEU B 537 -93.71 83.48 117.07
C LEU B 537 -94.73 84.38 116.36
N LEU B 538 -95.52 85.16 117.13
CA LEU B 538 -96.44 86.15 116.54
C LEU B 538 -95.69 87.22 115.75
N ARG B 539 -94.54 87.70 116.25
CA ARG B 539 -93.67 88.61 115.49
C ARG B 539 -93.24 87.95 114.19
N PHE B 540 -92.70 86.74 114.24
CA PHE B 540 -92.23 86.01 113.07
C PHE B 540 -93.35 85.84 112.04
N MET B 541 -94.52 85.35 112.46
CA MET B 541 -95.70 85.18 111.61
C MET B 541 -96.07 86.49 110.92
N THR B 542 -96.11 87.60 111.68
CA THR B 542 -96.44 88.93 111.14
C THR B 542 -95.45 89.35 110.06
N HIS B 543 -94.15 89.25 110.32
CA HIS B 543 -93.13 89.67 109.37
C HIS B 543 -93.04 88.74 108.16
N LEU B 544 -93.35 87.45 108.32
CA LEU B 544 -93.47 86.51 107.21
C LEU B 544 -94.66 86.88 106.29
N LEU B 545 -95.79 87.28 106.85
CA LEU B 545 -96.93 87.76 106.06
C LEU B 545 -96.61 89.06 105.32
N LEU B 546 -95.93 90.01 105.98
CA LEU B 546 -95.46 91.23 105.33
C LEU B 546 -94.47 90.92 104.21
N PHE B 547 -93.60 89.94 104.40
CA PHE B 547 -92.70 89.43 103.37
C PHE B 547 -93.48 88.86 102.17
N PHE B 548 -94.45 87.97 102.40
CA PHE B 548 -95.29 87.42 101.34
C PHE B 548 -96.06 88.51 100.57
N ARG B 549 -96.61 89.49 101.29
CA ARG B 549 -97.29 90.64 100.68
C ARG B 549 -96.36 91.48 99.82
N THR B 550 -95.11 91.69 100.26
CA THR B 550 -94.10 92.43 99.50
C THR B 550 -93.72 91.70 98.20
N LEU B 551 -93.72 90.36 98.23
CA LEU B 551 -93.49 89.53 97.03
C LEU B 551 -94.73 89.38 96.14
N GLY B 552 -95.90 89.86 96.56
CA GLY B 552 -97.17 89.69 95.83
C GLY B 552 -97.73 88.26 95.89
N LEU B 553 -97.32 87.46 96.87
CA LEU B 553 -97.86 86.11 97.09
C LEU B 553 -99.25 86.22 97.72
N GLN B 554 -100.20 85.43 97.21
CA GLN B 554 -101.56 85.42 97.76
C GLN B 554 -101.58 84.59 99.05
N ALA B 555 -101.75 85.27 100.17
CA ALA B 555 -102.09 84.66 101.45
C ALA B 555 -103.58 84.88 101.75
N LYS B 556 -104.16 84.03 102.59
CA LYS B 556 -105.55 84.19 103.05
C LYS B 556 -105.67 85.48 103.86
N GLU B 557 -106.36 86.48 103.31
CA GLU B 557 -106.46 87.83 103.90
C GLU B 557 -107.09 87.78 105.30
N GLU B 558 -108.12 86.97 105.50
CA GLU B 558 -108.81 86.82 106.79
C GLU B 558 -107.84 86.38 107.91
N VAL B 559 -107.01 85.37 107.63
CA VAL B 559 -106.00 84.88 108.58
C VAL B 559 -104.90 85.91 108.77
N SER B 560 -104.50 86.62 107.70
CA SER B 560 -103.47 87.66 107.78
C SER B 560 -103.90 88.81 108.69
N VAL B 561 -105.16 89.25 108.56
CA VAL B 561 -105.80 90.24 109.42
C VAL B 561 -105.85 89.75 110.87
N GLU B 562 -106.15 88.49 111.11
CA GLU B 562 -106.25 87.94 112.47
C GLU B 562 -104.89 87.81 113.16
N VAL B 563 -103.84 87.42 112.42
CA VAL B 563 -102.45 87.44 112.91
C VAL B 563 -102.05 88.87 113.29
N LEU B 564 -102.28 89.84 112.40
CA LEU B 564 -101.97 91.25 112.65
C LEU B 564 -102.71 91.78 113.88
N LYS B 565 -104.02 91.54 113.99
CA LYS B 565 -104.82 91.96 115.17
C LYS B 565 -104.27 91.37 116.46
N THR B 566 -103.93 90.09 116.45
CA THR B 566 -103.39 89.39 117.64
C THR B 566 -102.03 89.95 118.03
N TYR B 567 -101.17 90.23 117.05
CA TYR B 567 -99.87 90.86 117.30
C TYR B 567 -100.01 92.30 117.81
N ILE B 568 -100.90 93.11 117.22
CA ILE B 568 -101.21 94.47 117.70
C ILE B 568 -101.69 94.44 119.14
N GLN B 569 -102.60 93.52 119.49
CA GLN B 569 -103.07 93.38 120.87
C GLN B 569 -101.93 93.02 121.84
N ARG B 570 -100.98 92.19 121.40
CA ARG B 570 -99.78 91.87 122.19
C ARG B 570 -98.90 93.10 122.40
N LEU B 571 -98.65 93.89 121.36
CA LEU B 571 -97.90 95.15 121.44
C LEU B 571 -98.54 96.16 122.39
N ILE B 572 -99.88 96.25 122.39
CA ILE B 572 -100.65 97.07 123.33
C ILE B 572 -100.40 96.60 124.77
N ASN B 573 -100.51 95.30 125.03
CA ASN B 573 -100.31 94.72 126.36
C ASN B 573 -98.88 94.93 126.87
N GLU B 574 -97.89 94.89 125.97
CA GLU B 574 -96.47 95.09 126.26
C GLU B 574 -96.02 96.56 126.21
N LYS B 575 -96.97 97.49 126.02
CA LYS B 575 -96.75 98.95 125.99
C LYS B 575 -95.75 99.42 124.91
N GLN B 576 -95.67 98.71 123.80
CA GLN B 576 -94.82 99.07 122.65
C GLN B 576 -95.54 100.06 121.72
N ILE B 577 -95.86 101.26 122.25
CA ILE B 577 -96.71 102.27 121.59
C ILE B 577 -96.17 102.69 120.22
N GLU B 578 -94.85 102.83 120.10
CA GLU B 578 -94.20 103.35 118.89
C GLU B 578 -94.40 102.45 117.67
N LEU B 579 -94.71 101.17 117.86
CA LEU B 579 -94.79 100.18 116.79
C LEU B 579 -96.21 100.01 116.24
N ILE B 580 -97.24 100.37 117.02
CA ILE B 580 -98.63 99.99 116.77
C ILE B 580 -99.18 100.60 115.47
N ALA B 581 -98.91 101.89 115.25
CA ALA B 581 -99.46 102.63 114.10
C ALA B 581 -99.09 101.98 112.77
N PHE B 582 -97.83 101.53 112.65
CA PHE B 582 -97.35 100.86 111.45
C PHE B 582 -98.11 99.55 111.17
N TYR B 583 -98.21 98.64 112.14
CA TYR B 583 -98.90 97.36 111.91
C TYR B 583 -100.40 97.55 111.66
N VAL B 584 -101.01 98.55 112.29
CA VAL B 584 -102.42 98.89 112.06
C VAL B 584 -102.65 99.39 110.63
N SER B 585 -101.68 100.09 110.02
CA SER B 585 -101.77 100.54 108.61
C SER B 585 -101.88 99.39 107.60
N HIS B 586 -101.46 98.17 107.98
CA HIS B 586 -101.58 96.99 107.13
C HIS B 586 -102.96 96.32 107.18
N LEU B 587 -103.83 96.72 108.11
CA LEU B 587 -105.21 96.25 108.20
C LEU B 587 -106.10 96.95 107.16
N PRO B 588 -107.24 96.35 106.78
CA PRO B 588 -108.29 97.05 106.02
C PRO B 588 -108.74 98.33 106.73
N GLN B 589 -109.03 99.39 105.97
CA GLN B 589 -109.24 100.74 106.50
C GLN B 589 -110.26 100.80 107.66
N GLU B 590 -111.42 100.16 107.53
CA GLU B 590 -112.46 100.13 108.58
C GLU B 590 -111.96 99.46 109.88
N LEU B 591 -111.19 98.38 109.74
CA LEU B 591 -110.60 97.65 110.86
C LEU B 591 -109.43 98.42 111.46
N ALA B 592 -108.63 99.11 110.64
CA ALA B 592 -107.54 99.96 111.10
C ALA B 592 -108.08 101.10 111.97
N ILE B 593 -109.13 101.78 111.51
CA ILE B 593 -109.78 102.87 112.25
C ILE B 593 -110.33 102.38 113.59
N SER B 594 -111.13 101.30 113.56
CA SER B 594 -111.73 100.77 114.79
C SER B 594 -110.69 100.24 115.79
N GLN B 595 -109.67 99.52 115.32
CA GLN B 595 -108.63 98.95 116.19
C GLN B 595 -107.75 100.05 116.80
N TYR B 596 -107.34 101.06 116.01
CA TYR B 596 -106.55 102.17 116.53
C TYR B 596 -107.37 103.04 117.50
N ALA B 597 -108.66 103.25 117.21
CA ALA B 597 -109.54 104.00 118.10
C ALA B 597 -109.65 103.34 119.48
N VAL B 598 -109.89 102.03 119.54
CA VAL B 598 -109.93 101.27 120.80
C VAL B 598 -108.60 101.34 121.56
N PHE B 599 -107.47 101.39 120.86
CA PHE B 599 -106.17 101.61 121.48
C PHE B 599 -106.06 103.02 122.11
N LEU B 600 -106.41 104.08 121.36
CA LEU B 600 -106.33 105.46 121.83
C LEU B 600 -107.27 105.75 123.01
N GLU B 601 -108.39 105.04 123.13
CA GLU B 601 -109.29 105.15 124.30
C GLU B 601 -108.59 104.84 125.63
N ASN B 602 -107.54 104.03 125.62
CA ASN B 602 -106.78 103.68 126.82
C ASN B 602 -105.66 104.68 127.15
N ILE B 603 -105.45 105.70 126.32
CA ILE B 603 -104.39 106.71 126.50
C ILE B 603 -104.96 107.97 127.17
N THR B 604 -104.54 108.20 128.40
CA THR B 604 -104.95 109.36 129.20
C THR B 604 -103.93 110.50 129.18
N ASP B 605 -102.65 110.21 128.96
CA ASP B 605 -101.56 111.19 129.02
C ASP B 605 -101.49 112.07 127.75
N PRO B 606 -101.54 113.41 127.85
CA PRO B 606 -101.62 114.30 126.69
C PRO B 606 -100.38 114.24 125.78
N ASP B 607 -99.18 114.07 126.34
CA ASP B 607 -97.95 113.97 125.54
C ASP B 607 -97.96 112.67 124.72
N GLN B 608 -98.39 111.56 125.33
CA GLN B 608 -98.61 110.30 124.60
C GLN B 608 -99.71 110.40 123.55
N ARG B 609 -100.80 111.13 123.80
CA ARG B 609 -101.86 111.35 122.81
C ARG B 609 -101.32 112.00 121.56
N GLN B 610 -100.59 113.11 121.71
CA GLN B 610 -99.96 113.80 120.57
C GLN B 610 -99.02 112.86 119.82
N ARG B 611 -98.17 112.13 120.55
CA ARG B 611 -97.21 111.20 119.93
C ARG B 611 -97.91 110.11 119.12
N CYS B 612 -99.04 109.58 119.59
CA CYS B 612 -99.79 108.56 118.85
C CYS B 612 -100.42 109.14 117.58
N LEU B 613 -100.94 110.37 117.60
CA LEU B 613 -101.46 111.01 116.38
C LEU B 613 -100.36 111.27 115.35
N GLU B 614 -99.17 111.68 115.80
CA GLU B 614 -98.00 111.82 114.93
C GLU B 614 -97.64 110.48 114.26
N LEU B 615 -97.56 109.40 115.04
CA LEU B 615 -97.27 108.06 114.53
C LEU B 615 -98.37 107.58 113.56
N ALA B 616 -99.64 107.84 113.84
CA ALA B 616 -100.73 107.50 112.95
C ALA B 616 -100.62 108.24 111.60
N LYS B 617 -100.25 109.54 111.64
CA LYS B 617 -100.01 110.34 110.45
C LYS B 617 -98.81 109.85 109.64
N GLU B 618 -97.71 109.51 110.32
CA GLU B 618 -96.52 108.94 109.69
C GLU B 618 -96.81 107.60 109.00
N ALA B 619 -97.67 106.76 109.62
CA ALA B 619 -98.11 105.49 109.06
C ALA B 619 -99.18 105.62 107.96
N GLY B 620 -99.64 106.83 107.63
CA GLY B 620 -100.67 107.07 106.62
C GLY B 620 -102.08 106.64 107.03
N LEU B 621 -102.35 106.54 108.34
CA LEU B 621 -103.69 106.29 108.86
C LEU B 621 -104.58 107.54 108.75
N ASP B 622 -105.88 107.32 108.58
CA ASP B 622 -106.87 108.39 108.59
C ASP B 622 -107.10 108.88 110.03
N VAL B 623 -106.27 109.83 110.44
CA VAL B 623 -106.32 110.44 111.77
C VAL B 623 -107.70 111.03 112.05
N ALA B 624 -108.35 111.63 111.05
CA ALA B 624 -109.63 112.30 111.26
C ALA B 624 -110.75 111.32 111.57
N SER B 625 -110.84 110.22 110.83
CA SER B 625 -111.81 109.15 111.10
C SER B 625 -111.52 108.42 112.42
N ILE B 626 -110.24 108.24 112.76
CA ILE B 626 -109.80 107.64 114.02
C ILE B 626 -110.26 108.47 115.22
N THR B 627 -109.90 109.76 115.28
CA THR B 627 -110.25 110.63 116.42
C THR B 627 -111.75 110.79 116.56
N LYS B 628 -112.49 110.88 115.45
CA LYS B 628 -113.95 110.84 115.45
C LYS B 628 -114.49 109.56 116.09
N THR B 629 -113.96 108.41 115.70
CA THR B 629 -114.38 107.10 116.22
C THR B 629 -114.09 106.97 117.72
N VAL B 630 -112.95 107.45 118.20
CA VAL B 630 -112.60 107.49 119.64
C VAL B 630 -113.65 108.25 120.44
N VAL B 631 -114.04 109.43 119.95
CA VAL B 631 -115.06 110.28 120.60
C VAL B 631 -116.42 109.60 120.58
N GLU B 632 -116.82 109.03 119.45
CA GLU B 632 -118.09 108.31 119.34
C GLU B 632 -118.18 107.11 120.28
N ASN B 633 -117.12 106.30 120.36
CA ASN B 633 -117.07 105.13 121.23
C ASN B 633 -117.23 105.55 122.71
N THR B 634 -116.49 106.56 123.13
CA THR B 634 -116.57 107.08 124.51
C THR B 634 -117.95 107.67 124.81
N ARG B 635 -118.56 108.35 123.85
CA ARG B 635 -119.93 108.90 123.97
C ARG B 635 -121.01 107.82 124.06
N LYS B 636 -120.81 106.69 123.36
CA LYS B 636 -121.76 105.55 123.28
C LYS B 636 -121.64 104.58 124.46
N LYS B 637 -120.53 104.58 125.22
CA LYS B 637 -120.34 103.68 126.38
C LYS B 637 -121.43 103.81 127.46
N ASP B 638 -122.07 104.98 127.59
CA ASP B 638 -123.19 105.17 128.52
C ASP B 638 -124.53 105.31 127.80
N ALA B 639 -125.25 104.19 127.73
CA ALA B 639 -126.67 104.10 127.39
C ALA B 639 -127.56 104.35 128.63
N GLY B 640 -127.20 105.30 129.49
CA GLY B 640 -128.08 105.75 130.56
C GLY B 640 -129.30 106.45 129.95
N GLU B 641 -130.48 105.85 130.06
CA GLU B 641 -131.75 106.48 129.67
C GLU B 641 -131.89 107.84 130.35
N PHE B 642 -132.42 108.83 129.61
CA PHE B 642 -132.79 110.14 130.17
C PHE B 642 -133.73 109.93 131.36
N ALA B 643 -133.20 110.03 132.58
CA ALA B 643 -133.99 109.80 133.79
C ALA B 643 -135.18 110.77 133.81
N HIS B 644 -136.39 110.25 133.96
CA HIS B 644 -137.60 111.03 134.21
C HIS B 644 -137.42 111.79 135.54
N HIS B 645 -137.02 113.06 135.47
CA HIS B 645 -136.81 113.86 136.67
C HIS B 645 -138.13 114.29 137.29
N ASP B 646 -138.38 113.79 138.50
CA ASP B 646 -139.27 114.41 139.47
C ASP B 646 -138.86 115.87 139.72
N PHE B 647 -139.86 116.71 139.99
CA PHE B 647 -139.80 118.17 140.18
C PHE B 647 -138.98 118.66 141.39
N ALA B 648 -138.08 117.85 141.93
CA ALA B 648 -137.17 118.29 142.98
C ALA B 648 -136.07 119.18 142.39
N PRO B 649 -135.68 120.28 143.07
CA PRO B 649 -134.45 121.00 142.79
C PRO B 649 -133.28 120.09 143.24
N ALA B 650 -132.96 119.09 142.42
CA ALA B 650 -131.75 118.31 142.61
C ALA B 650 -130.58 119.29 142.44
N LEU B 651 -129.84 119.48 143.54
CA LEU B 651 -128.56 120.18 143.58
C LEU B 651 -127.68 119.69 142.42
N ASP B 652 -126.96 120.62 141.79
CA ASP B 652 -125.94 120.37 140.75
C ASP B 652 -125.18 119.07 141.06
N SER B 653 -125.46 117.99 140.32
CA SER B 653 -124.76 116.73 140.51
C SER B 653 -123.36 116.94 139.95
N GLY B 654 -122.34 117.00 140.82
CA GLY B 654 -120.97 117.28 140.43
C GLY B 654 -120.44 116.34 139.33
N THR B 655 -119.43 116.80 138.59
CA THR B 655 -118.77 116.07 137.49
C THR B 655 -118.18 114.75 137.99
N SER B 656 -118.69 113.62 137.50
CA SER B 656 -118.15 112.28 137.82
C SER B 656 -116.89 111.98 137.01
N GLU B 657 -116.18 110.91 137.35
CA GLU B 657 -115.01 110.45 136.58
C GLU B 657 -115.38 110.01 135.16
N GLU B 658 -116.55 109.38 134.98
CA GLU B 658 -117.11 109.06 133.66
C GLU B 658 -117.46 110.31 132.85
N ASP B 659 -117.96 111.36 133.51
CA ASP B 659 -118.19 112.65 132.86
C ASP B 659 -116.86 113.27 132.42
N ARG B 660 -115.82 113.16 133.27
CA ARG B 660 -114.47 113.66 132.98
C ARG B 660 -113.88 112.99 131.74
N ALA B 661 -114.02 111.68 131.61
CA ALA B 661 -113.59 110.95 130.42
C ALA B 661 -114.29 111.45 129.13
N LYS B 662 -115.59 111.77 129.19
CA LYS B 662 -116.33 112.36 128.07
C LYS B 662 -115.91 113.79 127.77
N ILE B 663 -115.48 114.56 128.77
CA ILE B 663 -114.96 115.92 128.56
C ILE B 663 -113.59 115.84 127.87
N ASP B 664 -112.70 115.00 128.38
CA ASP B 664 -111.31 114.92 127.93
C ASP B 664 -111.16 114.26 126.55
N VAL B 665 -112.17 113.52 126.06
CA VAL B 665 -112.14 112.92 124.72
C VAL B 665 -112.25 113.99 123.62
N ILE B 666 -112.78 115.17 123.91
CA ILE B 666 -112.91 116.27 122.95
C ILE B 666 -111.53 116.80 122.53
N ASP B 667 -110.54 116.70 123.42
CA ASP B 667 -109.18 117.14 123.13
C ASP B 667 -108.63 116.48 121.86
N TRP B 668 -109.00 115.21 121.58
CA TRP B 668 -108.61 114.50 120.36
C TRP B 668 -109.00 115.22 119.07
N LEU B 669 -110.17 115.85 119.03
CA LEU B 669 -110.68 116.55 117.84
C LEU B 669 -110.20 118.00 117.76
N VAL B 670 -109.80 118.59 118.89
CA VAL B 670 -109.34 119.99 118.94
C VAL B 670 -107.86 120.10 118.52
N PHE B 671 -107.09 119.01 118.61
CA PHE B 671 -105.69 118.96 118.17
C PHE B 671 -105.50 119.36 116.71
N ASP B 672 -106.37 118.90 115.82
CA ASP B 672 -106.30 119.25 114.40
C ASP B 672 -107.35 120.32 114.07
N PRO B 673 -106.93 121.53 113.64
CA PRO B 673 -107.86 122.57 113.19
C PRO B 673 -108.82 122.07 112.11
N ALA B 674 -108.41 121.16 111.23
CA ALA B 674 -109.27 120.62 110.16
C ALA B 674 -110.50 119.87 110.70
N GLN B 675 -110.48 119.46 111.98
CA GLN B 675 -111.57 118.73 112.62
C GLN B 675 -112.49 119.63 113.45
N ARG B 676 -112.36 120.96 113.40
CA ARG B 676 -113.17 121.87 114.23
C ARG B 676 -114.67 121.69 114.03
N ALA B 677 -115.14 121.42 112.81
CA ALA B 677 -116.56 121.13 112.54
C ALA B 677 -117.03 119.87 113.30
N GLU B 678 -116.25 118.79 113.26
CA GLU B 678 -116.56 117.55 113.97
C GLU B 678 -116.43 117.72 115.50
N ALA B 679 -115.41 118.43 115.97
CA ALA B 679 -115.24 118.79 117.38
C ALA B 679 -116.49 119.51 117.92
N LEU B 680 -117.02 120.46 117.14
CA LEU B 680 -118.22 121.20 117.48
C LEU B 680 -119.46 120.28 117.52
N LYS B 681 -119.67 119.43 116.50
CA LYS B 681 -120.77 118.45 116.46
C LYS B 681 -120.75 117.49 117.65
N GLN B 682 -119.58 116.93 117.98
CA GLN B 682 -119.43 115.98 119.08
C GLN B 682 -119.56 116.68 120.44
N SER B 683 -119.00 117.87 120.60
CA SER B 683 -119.16 118.65 121.84
C SER B 683 -120.62 119.00 122.11
N ASN B 684 -121.38 119.41 121.08
CA ASN B 684 -122.82 119.65 121.18
C ASN B 684 -123.55 118.38 121.63
N ALA B 685 -123.24 117.22 121.05
CA ALA B 685 -123.85 115.96 121.45
C ALA B 685 -123.60 115.60 122.93
N ILE B 686 -122.39 115.85 123.44
CA ILE B 686 -122.04 115.62 124.84
C ILE B 686 -122.76 116.65 125.74
N MET B 687 -122.77 117.93 125.37
CA MET B 687 -123.47 118.99 126.10
C MET B 687 -124.98 118.73 126.15
N ARG B 688 -125.60 118.20 125.08
CA ARG B 688 -127.03 117.81 125.09
C ARG B 688 -127.34 116.83 126.21
N LYS B 689 -126.50 115.80 126.41
CA LYS B 689 -126.64 114.83 127.49
C LYS B 689 -126.46 115.50 128.86
N PHE B 690 -125.40 116.31 129.05
CA PHE B 690 -125.16 116.97 130.33
C PHE B 690 -126.25 117.97 130.72
N LEU B 691 -126.77 118.75 129.77
CA LEU B 691 -127.86 119.69 130.00
C LEU B 691 -129.16 118.97 130.39
N ALA B 692 -129.48 117.84 129.76
CA ALA B 692 -130.65 117.06 130.11
C ALA B 692 -130.56 116.46 131.53
N SER B 693 -129.35 116.12 131.97
CA SER B 693 -129.06 115.65 133.34
C SER B 693 -128.82 116.79 134.35
N LYS B 694 -128.99 118.06 133.97
CA LYS B 694 -128.72 119.24 134.82
C LYS B 694 -127.30 119.29 135.39
N LYS B 695 -126.30 118.82 134.65
CA LYS B 695 -124.88 118.92 134.98
C LYS B 695 -124.27 120.16 134.31
N HIS B 696 -124.62 121.34 134.80
CA HIS B 696 -124.27 122.61 134.14
C HIS B 696 -122.76 122.86 134.12
N GLU B 697 -122.06 122.54 135.20
CA GLU B 697 -120.60 122.70 135.28
C GLU B 697 -119.87 121.77 134.30
N ALA B 698 -120.30 120.51 134.15
CA ALA B 698 -119.75 119.60 133.14
C ALA B 698 -119.97 120.12 131.71
N ALA B 699 -121.15 120.67 131.43
CA ALA B 699 -121.43 121.29 130.13
C ALA B 699 -120.54 122.53 129.87
N LYS B 700 -120.26 123.34 130.89
CA LYS B 700 -119.31 124.46 130.78
C LYS B 700 -117.88 124.00 130.54
N GLU B 701 -117.44 122.93 131.20
CA GLU B 701 -116.12 122.36 130.97
C GLU B 701 -115.97 121.89 129.51
N VAL B 702 -116.98 121.20 128.95
CA VAL B 702 -117.01 120.86 127.52
C VAL B 702 -116.96 122.11 126.65
N PHE B 703 -117.79 123.10 126.95
CA PHE B 703 -117.84 124.34 126.18
C PHE B 703 -116.48 125.05 126.14
N ALA B 704 -115.76 125.06 127.26
CA ALA B 704 -114.44 125.69 127.38
C ALA B 704 -113.33 124.94 126.62
N LYS B 705 -113.50 123.64 126.32
CA LYS B 705 -112.56 122.87 125.48
C LYS B 705 -112.59 123.31 124.02
N ILE B 706 -113.72 123.84 123.54
CA ILE B 706 -113.86 124.33 122.17
C ILE B 706 -113.24 125.73 122.09
N PRO B 707 -112.20 125.94 121.26
CA PRO B 707 -111.57 127.24 121.21
C PRO B 707 -112.51 128.28 120.59
N GLN B 708 -112.41 129.53 121.06
CA GLN B 708 -113.38 130.59 120.74
C GLN B 708 -113.40 130.97 119.25
N ASP B 709 -112.31 130.71 118.53
CA ASP B 709 -112.18 130.92 117.10
C ASP B 709 -112.76 129.79 116.24
N SER B 710 -113.27 128.70 116.84
CA SER B 710 -113.72 127.52 116.10
C SER B 710 -114.74 127.83 115.01
N ILE B 711 -115.69 128.74 115.27
CA ILE B 711 -116.69 129.12 114.27
C ILE B 711 -116.01 129.83 113.10
N ALA B 712 -115.11 130.78 113.37
CA ALA B 712 -114.38 131.51 112.33
C ALA B 712 -113.47 130.57 111.51
N GLU B 713 -112.82 129.62 112.19
CA GLU B 713 -111.99 128.60 111.57
C GLU B 713 -112.79 127.69 110.63
N ILE B 714 -113.99 127.25 111.03
CA ILE B 714 -114.88 126.42 110.19
C ILE B 714 -115.25 127.16 108.89
N TYR B 715 -115.62 128.44 108.97
CA TYR B 715 -115.89 129.25 107.78
C TYR B 715 -114.64 129.45 106.92
N SER B 716 -113.50 129.76 107.54
CA SER B 716 -112.22 129.95 106.83
C SER B 716 -111.83 128.70 106.03
N GLN B 717 -111.93 127.51 106.65
CA GLN B 717 -111.62 126.25 105.99
C GLN B 717 -112.56 125.93 104.84
N TRP B 718 -113.85 126.25 104.99
CA TRP B 718 -114.82 126.08 103.91
C TRP B 718 -114.55 127.02 102.73
N GLU B 719 -114.21 128.28 103.01
CA GLU B 719 -113.84 129.27 101.99
C GLU B 719 -112.56 128.87 101.26
N GLU B 720 -111.56 128.33 101.96
CA GLU B 720 -110.30 127.86 101.37
C GLU B 720 -110.49 126.67 100.41
N GLN B 721 -111.50 125.83 100.64
CA GLN B 721 -111.84 124.72 99.74
C GLN B 721 -112.52 125.17 98.44
N ALA B 722 -112.59 126.49 98.19
CA ALA B 722 -113.10 127.12 96.96
C ALA B 722 -114.53 126.69 96.60
N MET B 723 -115.37 126.47 97.62
CA MET B 723 -116.78 126.14 97.42
C MET B 723 -117.62 127.41 97.49
N ASP B 724 -118.09 127.91 96.34
CA ASP B 724 -119.09 129.00 96.23
C ASP B 724 -120.47 128.64 96.83
N SER B 725 -120.60 127.43 97.39
CA SER B 725 -121.82 126.94 98.03
C SER B 725 -121.86 127.26 99.52
N ALA B 726 -123.07 127.44 100.05
CA ALA B 726 -123.30 127.56 101.48
C ALA B 726 -122.71 126.35 102.24
N LEU B 727 -122.35 126.56 103.51
CA LEU B 727 -121.86 125.48 104.36
C LEU B 727 -122.82 124.28 104.38
N PRO B 728 -122.28 123.06 104.57
CA PRO B 728 -123.08 121.87 104.81
C PRO B 728 -124.11 122.15 105.90
N ALA B 729 -125.35 121.70 105.66
CA ALA B 729 -126.47 121.97 106.54
C ALA B 729 -126.25 121.41 107.96
N GLU B 730 -125.52 120.29 108.08
CA GLU B 730 -125.09 119.75 109.38
C GLU B 730 -124.21 120.71 110.18
N ASP B 731 -123.24 121.35 109.53
CA ASP B 731 -122.27 122.21 110.19
C ASP B 731 -122.91 123.55 110.58
N ASP B 732 -123.78 124.09 109.71
CA ASP B 732 -124.56 125.30 110.00
C ASP B 732 -125.52 125.09 111.19
N ASN B 733 -126.23 123.96 111.20
CA ASN B 733 -127.09 123.58 112.32
C ASN B 733 -126.26 123.32 113.60
N ALA B 734 -125.06 122.74 113.50
CA ALA B 734 -124.18 122.54 114.65
C ALA B 734 -123.66 123.86 115.22
N ILE B 735 -123.27 124.82 114.36
CA ILE B 735 -122.88 126.18 114.78
C ILE B 735 -124.04 126.83 115.52
N ARG B 736 -125.24 126.79 114.94
CA ARG B 736 -126.45 127.34 115.57
C ARG B 736 -126.74 126.69 116.92
N GLU B 737 -126.64 125.37 117.01
CA GLU B 737 -126.83 124.63 118.26
C GLU B 737 -125.81 125.05 119.32
N HIS B 738 -124.54 125.20 118.94
CA HIS B 738 -123.48 125.66 119.85
C HIS B 738 -123.78 127.07 120.40
N LEU B 739 -124.28 127.98 119.55
CA LEU B 739 -124.73 129.31 119.97
C LEU B 739 -125.95 129.27 120.90
N CYS B 740 -126.88 128.35 120.68
CA CYS B 740 -128.01 128.11 121.58
C CYS B 740 -127.52 127.67 122.97
N ILE B 741 -126.59 126.72 123.02
CA ILE B 741 -126.01 126.22 124.26
C ILE B 741 -125.25 127.34 124.99
N ARG B 742 -124.46 128.14 124.27
CA ARG B 742 -123.78 129.33 124.84
C ARG B 742 -124.77 130.28 125.52
N ALA B 743 -125.84 130.66 124.81
CA ALA B 743 -126.85 131.58 125.36
C ALA B 743 -127.49 131.01 126.65
N TYR B 744 -127.74 129.70 126.68
CA TYR B 744 -128.29 129.04 127.86
C TYR B 744 -127.29 129.03 129.03
N LEU B 745 -126.03 128.66 128.79
CA LEU B 745 -124.99 128.61 129.83
C LEU B 745 -124.72 130.02 130.41
N GLU B 746 -124.62 131.03 129.56
CA GLU B 746 -124.47 132.44 129.99
C GLU B 746 -125.65 132.89 130.85
N SER B 747 -126.89 132.55 130.48
CA SER B 747 -128.07 132.89 131.28
C SER B 747 -128.09 132.21 132.64
N HIS B 748 -127.62 130.96 132.72
CA HIS B 748 -127.57 130.20 133.96
C HIS B 748 -126.47 130.74 134.88
N GLU B 749 -125.32 131.11 134.33
CA GLU B 749 -124.21 131.72 135.06
C GLU B 749 -124.58 133.09 135.63
N ALA B 750 -125.15 133.97 134.80
CA ALA B 750 -125.65 135.26 135.25
C ALA B 750 -126.69 135.08 136.37
N PHE B 751 -127.64 134.14 136.22
CA PHE B 751 -128.63 133.86 137.26
C PHE B 751 -127.97 133.41 138.57
N ASN B 752 -126.96 132.54 138.51
CA ASN B 752 -126.26 132.06 139.70
C ASN B 752 -125.49 133.18 140.40
N GLU B 753 -124.86 134.10 139.64
CA GLU B 753 -124.22 135.29 140.20
C GLU B 753 -125.24 136.20 140.90
N TRP B 754 -126.34 136.51 140.22
CA TRP B 754 -127.46 137.25 140.80
C TRP B 754 -128.03 136.58 142.06
N PHE B 755 -128.21 135.26 142.03
CA PHE B 755 -128.77 134.49 143.14
C PHE B 755 -127.84 134.49 144.35
N LYS B 756 -126.51 134.43 144.15
CA LYS B 756 -125.54 134.60 145.24
C LYS B 756 -125.60 136.00 145.84
N HIS B 757 -125.72 137.03 144.99
CA HIS B 757 -125.73 138.43 145.42
C HIS B 757 -127.01 138.80 146.19
N ILE B 758 -128.19 138.37 145.72
CA ILE B 758 -129.48 138.68 146.38
C ILE B 758 -129.60 138.04 147.76
N ASN B 759 -128.96 136.88 147.96
CA ASN B 759 -128.94 136.18 149.24
C ASN B 759 -127.87 136.71 150.21
N SER B 760 -127.10 137.72 149.81
CA SER B 760 -126.04 138.34 150.63
C SER B 760 -126.29 139.83 150.93
N PRO B 761 -127.48 140.25 151.41
CA PRO B 761 -127.74 141.65 151.71
C PRO B 761 -126.96 142.13 152.94
N PRO B 762 -126.57 143.42 153.01
CA PRO B 762 -125.99 144.01 154.20
C PRO B 762 -126.94 143.86 155.40
N GLN B 763 -126.40 143.52 156.58
CA GLN B 763 -127.22 143.35 157.78
C GLN B 763 -127.52 144.69 158.44
N LYS B 764 -128.80 144.97 158.71
CA LYS B 764 -129.22 146.17 159.41
C LYS B 764 -128.68 146.17 160.84
N PRO B 765 -127.93 147.19 161.28
CA PRO B 765 -127.44 147.26 162.64
C PRO B 765 -128.62 147.32 163.63
N THR B 766 -128.50 146.58 164.73
CA THR B 766 -129.54 146.52 165.77
C THR B 766 -129.07 147.28 167.00
N LEU B 767 -129.92 148.15 167.54
CA LEU B 767 -129.67 148.85 168.79
C LEU B 767 -130.06 147.94 169.97
N VAL B 768 -129.15 147.72 170.91
CA VAL B 768 -129.47 147.00 172.15
C VAL B 768 -130.34 147.91 173.04
N GLY B 769 -131.44 147.37 173.57
CA GLY B 769 -132.45 148.11 174.34
C GLY B 769 -131.99 148.55 175.73
N GLN B 770 -130.93 149.37 175.81
CA GLN B 770 -130.45 150.20 176.93
C GLN B 770 -129.08 150.85 176.58
N ALA B 771 -128.84 151.18 175.30
CA ALA B 771 -127.56 151.67 174.83
C ALA B 771 -127.12 152.99 175.49
N SER B 772 -125.88 153.03 175.97
CA SER B 772 -125.18 154.22 176.43
C SER B 772 -125.04 155.28 175.33
N PHE B 773 -124.75 156.54 175.67
CA PHE B 773 -124.56 157.61 174.69
C PHE B 773 -123.51 157.26 173.62
N THR B 774 -122.38 156.67 174.04
CA THR B 774 -121.32 156.19 173.12
C THR B 774 -121.83 155.11 172.18
N GLU B 775 -122.64 154.18 172.67
CA GLU B 775 -123.23 153.11 171.84
C GLU B 775 -124.29 153.65 170.87
N LYS B 776 -125.04 154.69 171.24
CA LYS B 776 -125.95 155.38 170.32
C LYS B 776 -125.21 156.06 169.18
N VAL B 777 -124.13 156.79 169.48
CA VAL B 777 -123.29 157.41 168.43
C VAL B 777 -122.64 156.34 167.55
N ALA B 778 -122.14 155.24 168.14
CA ALA B 778 -121.60 154.12 167.38
C ALA B 778 -122.67 153.45 166.50
N HIS B 779 -123.92 153.35 166.98
CA HIS B 779 -125.05 152.88 166.18
C HIS B 779 -125.36 153.82 165.02
N GLU B 780 -125.40 155.14 165.23
CA GLU B 780 -125.60 156.11 164.15
C GLU B 780 -124.53 155.99 163.05
N HIS B 781 -123.26 155.79 163.44
CA HIS B 781 -122.19 155.54 162.47
C HIS B 781 -122.37 154.20 161.72
N LYS B 782 -122.77 153.13 162.43
CA LYS B 782 -123.08 151.83 161.81
C LYS B 782 -124.28 151.92 160.88
N GLU B 783 -125.29 152.71 161.24
CA GLU B 783 -126.51 152.92 160.45
C GLU B 783 -126.20 153.68 159.16
N LYS B 784 -125.41 154.77 159.23
CA LYS B 784 -124.91 155.47 158.04
C LYS B 784 -124.06 154.58 157.14
N LYS B 785 -123.18 153.75 157.73
CA LYS B 785 -122.40 152.77 156.95
C LYS B 785 -123.32 151.77 156.26
N TYR B 786 -124.31 151.23 156.98
CA TYR B 786 -125.30 150.31 156.42
C TYR B 786 -126.08 150.95 155.27
N GLU B 787 -126.52 152.20 155.38
CA GLU B 787 -127.22 152.90 154.29
C GLU B 787 -126.37 153.00 153.03
N MET B 788 -125.07 153.30 153.18
CA MET B 788 -124.13 153.34 152.06
C MET B 788 -123.91 151.95 151.44
N ASP B 789 -123.61 150.95 152.27
CA ASP B 789 -123.37 149.57 151.82
C ASP B 789 -124.63 148.98 151.15
N PHE B 790 -125.82 149.29 151.67
CA PHE B 790 -127.11 148.90 151.07
C PHE B 790 -127.36 149.59 149.74
N GLY B 791 -127.00 150.87 149.60
CA GLY B 791 -127.06 151.59 148.33
C GLY B 791 -126.18 150.94 147.25
N ILE B 792 -124.94 150.59 147.59
CA ILE B 792 -124.01 149.88 146.67
C ILE B 792 -124.55 148.50 146.32
N TRP B 793 -124.95 147.72 147.33
CA TRP B 793 -125.50 146.38 147.13
C TRP B 793 -126.73 146.41 146.21
N LYS B 794 -127.63 147.38 146.40
CA LYS B 794 -128.81 147.56 145.54
C LYS B 794 -128.42 147.96 144.12
N GLY B 795 -127.46 148.87 143.95
CA GLY B 795 -126.96 149.25 142.62
C GLY B 795 -126.37 148.07 141.85
N HIS B 796 -125.58 147.23 142.52
CA HIS B 796 -125.07 145.98 141.92
C HIS B 796 -126.19 144.98 141.63
N LEU B 797 -127.19 144.86 142.53
CA LEU B 797 -128.34 143.99 142.31
C LEU B 797 -129.13 144.43 141.07
N ASP B 798 -129.34 145.73 140.87
CA ASP B 798 -130.05 146.26 139.70
C ASP B 798 -129.29 145.99 138.40
N ALA B 799 -127.95 146.12 138.41
CA ALA B 799 -127.10 145.79 137.27
C ALA B 799 -127.15 144.29 136.93
N LEU B 800 -126.96 143.41 137.92
CA LEU B 800 -127.07 141.96 137.75
C LEU B 800 -128.48 141.55 137.30
N THR B 801 -129.52 142.21 137.81
CA THR B 801 -130.91 141.95 137.40
C THR B 801 -131.12 142.28 135.93
N SER B 802 -130.55 143.39 135.44
CA SER B 802 -130.62 143.75 134.03
C SER B 802 -129.88 142.75 133.13
N ASP B 803 -128.69 142.33 133.55
CA ASP B 803 -127.87 141.36 132.81
C ASP B 803 -128.58 139.99 132.72
N VAL B 804 -129.04 139.44 133.86
CA VAL B 804 -129.80 138.17 133.89
C VAL B 804 -131.05 138.24 133.02
N LYS B 805 -131.78 139.36 133.09
CA LYS B 805 -132.97 139.57 132.28
C LYS B 805 -132.65 139.54 130.78
N GLU B 806 -131.60 140.24 130.36
CA GLU B 806 -131.14 140.24 128.96
C GLU B 806 -130.75 138.82 128.52
N LYS B 807 -129.90 138.13 129.29
CA LYS B 807 -129.43 136.78 128.96
C LYS B 807 -130.56 135.77 128.88
N ILE B 808 -131.52 135.79 129.81
CA ILE B 808 -132.68 134.88 129.74
C ILE B 808 -133.57 135.23 128.53
N TYR B 809 -133.75 136.51 128.20
CA TYR B 809 -134.49 136.88 126.99
C TYR B 809 -133.79 136.42 125.71
N ASN B 810 -132.46 136.43 125.65
CA ASN B 810 -131.72 135.91 124.49
C ASN B 810 -132.00 134.41 124.27
N VAL B 811 -132.29 133.64 125.32
CA VAL B 811 -132.71 132.24 125.22
C VAL B 811 -134.19 132.12 124.82
N LEU B 812 -135.10 132.83 125.50
CA LEU B 812 -136.55 132.73 125.25
C LEU B 812 -136.97 133.29 123.88
N LEU B 813 -136.25 134.32 123.42
CA LEU B 813 -136.50 135.04 122.18
C LEU B 813 -135.36 134.84 121.17
N PHE B 814 -134.74 133.66 121.20
CA PHE B 814 -133.62 133.34 120.30
C PHE B 814 -134.04 133.57 118.84
N VAL B 815 -133.14 134.19 118.07
CA VAL B 815 -133.41 134.66 116.71
C VAL B 815 -133.63 133.52 115.72
N ASP B 816 -134.41 133.78 114.68
CA ASP B 816 -134.61 132.92 113.51
C ASP B 816 -135.05 131.49 113.82
N GLY B 817 -136.29 131.32 114.30
CA GLY B 817 -136.91 129.99 114.53
C GLY B 817 -136.87 129.49 115.98
N GLY B 818 -136.19 130.20 116.88
CA GLY B 818 -136.17 129.91 118.30
C GLY B 818 -135.04 128.96 118.75
N TRP B 819 -134.92 128.78 120.07
CA TRP B 819 -133.79 128.11 120.72
C TRP B 819 -133.80 126.59 120.50
N MET B 820 -132.68 125.98 120.11
CA MET B 820 -132.58 124.55 119.80
C MET B 820 -133.59 124.10 118.72
N VAL B 821 -133.69 124.87 117.64
CA VAL B 821 -134.46 124.54 116.43
C VAL B 821 -133.53 124.72 115.24
N ASP B 822 -133.44 123.70 114.38
CA ASP B 822 -132.67 123.76 113.15
C ASP B 822 -133.35 124.69 112.14
N VAL B 823 -132.53 125.42 111.37
CA VAL B 823 -133.01 126.33 110.31
C VAL B 823 -132.87 125.68 108.95
N ARG B 824 -131.83 124.86 108.78
CA ARG B 824 -131.56 124.10 107.57
C ARG B 824 -132.18 122.72 107.68
N GLU B 825 -133.10 122.40 106.79
CA GLU B 825 -133.81 121.11 106.75
C GLU B 825 -133.18 120.12 105.74
N ASP B 826 -132.16 120.54 105.00
CA ASP B 826 -131.47 119.75 103.97
C ASP B 826 -130.39 118.81 104.54
N THR B 827 -130.52 118.38 105.81
CA THR B 827 -129.63 117.41 106.45
C THR B 827 -130.19 115.99 106.36
N GLU B 828 -129.34 114.99 106.57
CA GLU B 828 -129.84 113.64 106.86
C GLU B 828 -130.61 113.63 108.19
N GLU B 829 -131.68 112.83 108.27
CA GLU B 829 -132.50 112.73 109.47
C GLU B 829 -131.73 112.00 110.59
N ASP B 830 -131.35 112.75 111.64
CA ASP B 830 -130.92 112.18 112.92
C ASP B 830 -132.08 112.23 113.93
N PRO B 831 -132.82 111.12 114.11
CA PRO B 831 -133.98 111.08 115.01
C PRO B 831 -133.57 111.22 116.48
N GLU B 832 -132.37 110.74 116.85
CA GLU B 832 -131.90 110.82 118.23
C GLU B 832 -131.57 112.27 118.59
N ARG B 833 -130.82 112.98 117.75
CA ARG B 833 -130.54 114.41 117.93
C ARG B 833 -131.82 115.23 117.96
N SER B 834 -132.72 115.01 117.01
CA SER B 834 -133.99 115.75 116.93
C SER B 834 -134.83 115.53 118.20
N HIS B 835 -134.90 114.30 118.71
CA HIS B 835 -135.58 114.00 119.96
C HIS B 835 -134.93 114.71 121.16
N GLN B 836 -133.59 114.68 121.26
CA GLN B 836 -132.85 115.36 122.32
C GLN B 836 -133.10 116.88 122.32
N MET B 837 -133.13 117.51 121.15
CA MET B 837 -133.40 118.96 121.04
C MET B 837 -134.81 119.32 121.52
N VAL B 838 -135.82 118.53 121.13
CA VAL B 838 -137.20 118.72 121.62
C VAL B 838 -137.30 118.52 123.13
N LEU B 839 -136.63 117.51 123.67
CA LEU B 839 -136.59 117.25 125.11
C LEU B 839 -135.94 118.40 125.87
N LEU B 840 -134.79 118.88 125.40
CA LEU B 840 -134.09 120.02 126.00
C LEU B 840 -134.95 121.28 125.99
N ARG B 841 -135.68 121.55 124.91
CA ARG B 841 -136.64 122.66 124.86
C ARG B 841 -137.71 122.56 125.95
N ARG B 842 -138.28 121.37 126.14
CA ARG B 842 -139.29 121.10 127.18
C ARG B 842 -138.75 121.20 128.61
N LEU B 843 -137.46 120.95 128.82
CA LEU B 843 -136.83 121.07 130.13
C LEU B 843 -136.35 122.50 130.43
N CYS B 844 -135.64 123.09 129.48
CA CYS B 844 -134.87 124.31 129.68
C CYS B 844 -135.74 125.57 129.57
N LEU B 845 -136.64 125.64 128.58
CA LEU B 845 -137.42 126.86 128.34
C LEU B 845 -138.43 127.15 129.47
N PRO B 846 -139.20 126.17 129.98
CA PRO B 846 -140.03 126.41 131.17
C PRO B 846 -139.19 126.84 132.38
N MET B 847 -138.05 126.18 132.62
CA MET B 847 -137.14 126.55 133.71
C MET B 847 -136.69 128.01 133.57
N MET B 848 -136.20 128.42 132.40
CA MET B 848 -135.75 129.80 132.16
C MET B 848 -136.87 130.81 132.40
N CYS B 849 -138.09 130.51 131.99
CA CYS B 849 -139.25 131.36 132.26
C CYS B 849 -139.55 131.48 133.77
N PHE B 850 -139.43 130.39 134.53
CA PHE B 850 -139.60 130.41 135.99
C PHE B 850 -138.47 131.16 136.71
N LEU B 851 -137.23 131.02 136.24
CA LEU B 851 -136.09 131.78 136.76
C LEU B 851 -136.28 133.28 136.50
N LEU B 852 -136.68 133.65 135.29
CA LEU B 852 -136.94 135.06 134.94
C LEU B 852 -138.09 135.65 135.78
N HIS B 853 -139.18 134.91 135.97
CA HIS B 853 -140.25 135.33 136.89
C HIS B 853 -139.71 135.54 138.31
N THR B 854 -138.86 134.64 138.80
CA THR B 854 -138.28 134.73 140.15
C THR B 854 -137.39 135.96 140.30
N VAL B 855 -136.56 136.25 139.28
CA VAL B 855 -135.75 137.47 139.24
C VAL B 855 -136.63 138.71 139.31
N LEU B 856 -137.57 138.85 138.38
CA LEU B 856 -138.44 140.02 138.26
C LEU B 856 -139.33 140.22 139.51
N HIS B 857 -139.84 139.14 140.09
CA HIS B 857 -140.68 139.19 141.29
C HIS B 857 -139.87 139.65 142.51
N ASN B 858 -138.68 139.09 142.73
CA ASN B 858 -137.83 139.43 143.87
C ASN B 858 -137.28 140.87 143.77
N THR B 859 -137.07 141.37 142.55
CA THR B 859 -136.64 142.75 142.30
C THR B 859 -137.81 143.73 142.17
N LYS B 860 -139.04 143.29 142.48
CA LYS B 860 -140.29 144.08 142.48
C LYS B 860 -140.68 144.67 141.11
N GLN B 861 -140.22 144.07 140.02
CA GLN B 861 -140.61 144.42 138.65
C GLN B 861 -141.89 143.68 138.23
N TYR B 862 -142.95 143.79 139.04
CA TYR B 862 -144.16 142.96 138.90
C TYR B 862 -144.89 143.14 137.56
N LYS B 863 -144.84 144.34 136.97
CA LYS B 863 -145.41 144.61 135.65
C LYS B 863 -144.72 143.79 134.54
N ASP B 864 -143.40 143.66 134.63
CA ASP B 864 -142.64 142.86 133.67
C ASP B 864 -142.84 141.36 133.89
N CYS B 865 -143.14 140.91 135.13
CA CYS B 865 -143.56 139.53 135.36
C CYS B 865 -144.78 139.18 134.49
N LEU B 866 -145.77 140.07 134.41
CA LEU B 866 -147.00 139.80 133.67
C LEU B 866 -146.82 139.77 132.15
N ARG B 867 -145.86 140.55 131.63
CA ARG B 867 -145.45 140.47 130.22
C ARG B 867 -144.89 139.11 129.81
N LEU B 868 -144.46 138.27 130.76
CA LEU B 868 -144.08 136.89 130.47
C LEU B 868 -145.25 136.09 129.88
N ALA B 869 -146.49 136.39 130.26
CA ALA B 869 -147.65 135.74 129.67
C ALA B 869 -147.76 136.02 128.16
N ASP B 870 -147.50 137.26 127.74
CA ASP B 870 -147.51 137.68 126.34
C ASP B 870 -146.39 136.98 125.55
N ILE B 871 -145.20 136.85 126.16
CA ILE B 871 -144.05 136.19 125.54
C ILE B 871 -144.30 134.70 125.37
N VAL B 872 -144.80 134.02 126.42
CA VAL B 872 -145.08 132.58 126.37
C VAL B 872 -146.20 132.25 125.39
N SER B 873 -147.23 133.11 125.31
CA SER B 873 -148.37 132.93 124.39
C SER B 873 -148.13 133.43 122.97
N SER B 874 -146.99 134.06 122.70
CA SER B 874 -146.68 134.61 121.38
C SER B 874 -146.64 133.53 120.29
N GLU B 875 -147.34 133.77 119.18
CA GLU B 875 -147.32 132.92 117.99
C GLU B 875 -145.96 132.92 117.26
N ASN B 876 -145.12 133.93 117.50
CA ASN B 876 -143.82 134.04 116.84
C ASN B 876 -142.87 132.94 117.32
N GLN B 877 -142.86 132.66 118.62
CA GLN B 877 -141.94 131.70 119.26
C GLN B 877 -142.63 130.40 119.69
N LYS B 878 -143.97 130.40 119.77
CA LYS B 878 -144.82 129.26 120.17
C LYS B 878 -144.35 128.56 121.45
N LEU B 879 -143.84 129.33 122.40
CA LEU B 879 -143.27 128.81 123.65
C LEU B 879 -144.30 128.00 124.44
N TYR B 880 -145.59 128.35 124.40
CA TYR B 880 -146.66 127.60 125.07
C TYR B 880 -146.71 126.10 124.69
N THR B 881 -146.17 125.70 123.52
CA THR B 881 -146.14 124.30 123.07
C THR B 881 -145.13 123.43 123.82
N VAL B 882 -144.11 124.04 124.44
CA VAL B 882 -143.08 123.31 125.19
C VAL B 882 -143.44 123.13 126.66
N PHE B 883 -144.42 123.86 127.18
CA PHE B 883 -144.89 123.73 128.56
C PHE B 883 -145.87 122.56 128.71
N SER B 884 -145.69 121.77 129.77
CA SER B 884 -146.74 120.86 130.23
C SER B 884 -147.93 121.63 130.81
N LYS B 885 -149.11 120.98 130.85
CA LYS B 885 -150.31 121.58 131.45
C LYS B 885 -150.11 121.95 132.93
N THR B 886 -149.29 121.18 133.63
CA THR B 886 -148.91 121.43 135.03
C THR B 886 -148.00 122.64 135.17
N GLU B 887 -146.98 122.77 134.32
CA GLU B 887 -146.09 123.93 134.35
C GLU B 887 -146.83 125.21 133.95
N MET B 888 -147.71 125.15 132.96
CA MET B 888 -148.52 126.30 132.57
C MET B 888 -149.42 126.77 133.72
N ARG B 889 -150.02 125.83 134.48
CA ARG B 889 -150.80 126.18 135.69
C ARG B 889 -149.92 126.82 136.76
N ASN B 890 -148.72 126.28 136.99
CA ASN B 890 -147.78 126.83 137.96
C ASN B 890 -147.32 128.24 137.57
N LEU B 891 -147.05 128.49 136.27
CA LEU B 891 -146.71 129.81 135.75
C LEU B 891 -147.84 130.80 136.01
N LEU B 892 -149.09 130.45 135.68
CA LEU B 892 -150.24 131.32 135.94
C LEU B 892 -150.43 131.61 137.43
N GLN B 893 -150.16 130.63 138.31
CA GLN B 893 -150.20 130.84 139.75
C GLN B 893 -149.12 131.83 140.22
N LYS B 894 -147.90 131.70 139.68
CA LYS B 894 -146.78 132.63 139.94
C LYS B 894 -147.09 134.05 139.46
N LEU B 895 -147.66 134.18 138.26
CA LEU B 895 -148.11 135.47 137.72
C LEU B 895 -149.18 136.10 138.60
N ARG B 896 -150.13 135.31 139.11
CA ARG B 896 -151.13 135.78 140.08
C ARG B 896 -150.48 136.31 141.36
N GLU B 897 -149.44 135.66 141.89
CA GLU B 897 -148.70 136.17 143.05
C GLU B 897 -148.12 137.57 142.77
N SER B 898 -147.57 137.79 141.58
CA SER B 898 -147.09 139.12 141.15
C SER B 898 -148.23 140.14 140.97
N SER B 899 -149.38 139.75 140.43
CA SER B 899 -150.58 140.62 140.34
C SER B 899 -151.12 141.02 141.71
N LEU B 900 -151.07 140.14 142.71
CA LEU B 900 -151.49 140.47 144.07
C LEU B 900 -150.60 141.56 144.68
N MET B 901 -149.28 141.49 144.45
CA MET B 901 -148.35 142.53 144.89
C MET B 901 -148.60 143.88 144.21
N LEU B 902 -149.08 143.89 142.95
CA LEU B 902 -149.49 145.12 142.25
C LEU B 902 -150.76 145.74 142.86
N LEU B 903 -151.73 144.91 143.26
CA LEU B 903 -152.93 145.37 143.96
C LEU B 903 -152.59 145.99 145.32
N ASP B 904 -151.64 145.40 146.05
CA ASP B 904 -151.13 145.98 147.31
C ASP B 904 -150.47 147.35 147.11
N LEU B 905 -149.96 147.62 145.91
CA LEU B 905 -149.41 148.91 145.47
C LEU B 905 -150.47 149.88 144.91
N GLN C 357 129.26 -126.09 61.77
CA GLN C 357 130.61 -126.59 62.15
C GLN C 357 130.99 -127.91 61.46
N LEU C 358 130.09 -128.90 61.46
CA LEU C 358 130.30 -130.19 60.77
C LEU C 358 130.49 -130.00 59.26
N GLU C 359 129.69 -129.13 58.65
CA GLU C 359 129.74 -128.82 57.22
C GLU C 359 131.07 -128.15 56.82
N ASN C 360 131.58 -127.23 57.66
CA ASN C 360 132.90 -126.62 57.44
C ASN C 360 134.03 -127.65 57.54
N LEU C 361 133.92 -128.61 58.46
CA LEU C 361 134.91 -129.69 58.61
C LEU C 361 134.88 -130.64 57.40
N ILE C 362 133.68 -131.00 56.93
CA ILE C 362 133.50 -131.81 55.73
C ILE C 362 134.09 -131.11 54.51
N ASN C 363 133.81 -129.82 54.31
CA ASN C 363 134.36 -129.05 53.19
C ASN C 363 135.89 -128.96 53.25
N LYS C 364 136.47 -128.79 54.44
CA LYS C 364 137.92 -128.80 54.63
C LYS C 364 138.54 -130.14 54.24
N TRP C 365 137.98 -131.25 54.73
CA TRP C 365 138.48 -132.59 54.39
C TRP C 365 138.31 -132.91 52.90
N SER C 366 137.23 -132.45 52.25
CA SER C 366 137.06 -132.62 50.80
C SER C 366 138.15 -131.91 50.01
N LEU C 367 138.50 -130.67 50.38
CA LEU C 367 139.59 -129.91 49.74
C LEU C 367 140.96 -130.54 50.00
N GLU C 368 141.22 -130.99 51.23
CA GLU C 368 142.46 -131.70 51.57
C GLU C 368 142.57 -133.02 50.78
N LEU C 369 141.47 -133.75 50.61
CA LEU C 369 141.45 -134.99 49.85
C LEU C 369 141.74 -134.76 48.36
N GLU C 370 141.13 -133.74 47.74
CA GLU C 370 141.38 -133.36 46.35
C GLU C 370 142.84 -132.95 46.12
N ASP C 371 143.42 -132.20 47.06
CA ASP C 371 144.84 -131.81 47.02
C ASP C 371 145.77 -133.02 47.16
N GLN C 372 145.47 -133.94 48.09
CA GLN C 372 146.22 -135.19 48.24
C GLN C 372 146.10 -136.09 47.01
N GLU C 373 144.92 -136.18 46.39
CA GLU C 373 144.72 -136.92 45.14
C GLU C 373 145.62 -136.37 44.03
N LYS C 374 145.66 -135.04 43.86
CA LYS C 374 146.53 -134.38 42.88
C LYS C 374 148.01 -134.66 43.15
N HIS C 375 148.45 -134.55 44.40
CA HIS C 375 149.83 -134.86 44.79
C HIS C 375 150.19 -136.32 44.53
N PHE C 376 149.29 -137.25 44.86
CA PHE C 376 149.49 -138.67 44.60
C PHE C 376 149.63 -138.97 43.10
N LEU C 377 148.78 -138.39 42.25
CA LEU C 377 148.86 -138.54 40.80
C LEU C 377 150.18 -137.99 40.22
N GLN C 378 150.66 -136.87 40.75
CA GLN C 378 151.96 -136.30 40.35
C GLN C 378 153.12 -137.23 40.75
N GLN C 379 153.10 -137.75 41.98
CA GLN C 379 154.12 -138.70 42.45
C GLN C 379 154.10 -139.99 41.65
N ALA C 380 152.92 -140.57 41.38
CA ALA C 380 152.80 -141.77 40.55
C ALA C 380 153.37 -141.55 39.14
N THR C 381 153.15 -140.37 38.55
CA THR C 381 153.74 -140.00 37.25
C THR C 381 155.27 -139.91 37.33
N GLN C 382 155.81 -139.33 38.40
CA GLN C 382 157.25 -139.23 38.62
C GLN C 382 157.91 -140.60 38.82
N VAL C 383 157.29 -141.47 39.63
CA VAL C 383 157.76 -142.85 39.85
C VAL C 383 157.77 -143.63 38.53
N ASN C 384 156.72 -143.51 37.71
CA ASN C 384 156.68 -144.12 36.37
C ASN C 384 157.80 -143.62 35.46
N ALA C 385 158.17 -142.33 35.54
CA ALA C 385 159.29 -141.80 34.77
C ALA C 385 160.64 -142.38 35.25
N LYS D 698 125.68 -129.04 73.08
CA LYS D 698 126.38 -130.35 73.04
C LYS D 698 126.77 -130.75 71.62
N VAL D 699 125.91 -130.51 70.61
CA VAL D 699 126.17 -130.80 69.18
C VAL D 699 127.42 -130.14 68.61
N THR D 700 127.73 -128.89 68.97
CA THR D 700 128.90 -128.16 68.41
C THR D 700 130.24 -128.82 68.71
N LYS D 701 130.49 -129.22 69.97
CA LYS D 701 131.74 -129.92 70.35
C LYS D 701 131.93 -131.26 69.65
N GLU D 702 130.84 -131.99 69.41
CA GLU D 702 130.87 -133.30 68.75
C GLU D 702 131.16 -133.13 67.26
N SER D 703 130.50 -132.16 66.59
CA SER D 703 130.80 -131.78 65.21
C SER D 703 132.25 -131.32 65.04
N ASP D 704 132.77 -130.49 65.96
CA ASP D 704 134.17 -130.05 65.93
C ASP D 704 135.15 -131.23 66.10
N SER D 705 134.84 -132.19 66.98
CA SER D 705 135.64 -133.39 67.17
C SER D 705 135.67 -134.28 65.92
N ILE D 706 134.52 -134.47 65.26
CA ILE D 706 134.43 -135.24 64.01
C ILE D 706 135.20 -134.55 62.89
N LEU D 707 135.03 -133.23 62.74
CA LEU D 707 135.75 -132.45 61.74
C LEU D 707 137.26 -132.48 61.96
N ASN D 708 137.72 -132.45 63.22
CA ASN D 708 139.14 -132.60 63.55
C ASN D 708 139.66 -134.00 63.21
N GLY D 709 138.92 -135.06 63.55
CA GLY D 709 139.29 -136.43 63.19
C GLY D 709 139.38 -136.65 61.68
N ILE D 710 138.44 -136.11 60.90
CA ILE D 710 138.50 -136.17 59.43
C ILE D 710 139.74 -135.42 58.90
N ARG D 711 140.08 -134.26 59.48
CA ARG D 711 141.28 -133.51 59.07
C ARG D 711 142.57 -134.26 59.40
N GLU D 712 142.65 -134.92 60.55
CA GLU D 712 143.78 -135.77 60.94
C GLU D 712 143.94 -136.96 59.98
N GLU D 713 142.84 -137.62 59.61
CA GLU D 713 142.87 -138.76 58.68
C GLU D 713 143.26 -138.34 57.25
N ILE D 714 142.75 -137.18 56.77
CA ILE D 714 143.18 -136.62 55.48
C ILE D 714 144.69 -136.32 55.51
N ALA D 715 145.20 -135.76 56.61
CA ALA D 715 146.63 -135.49 56.76
C ALA D 715 147.48 -136.78 56.83
N HIS D 716 146.99 -137.80 57.52
CA HIS D 716 147.63 -139.12 57.58
C HIS D 716 147.68 -139.80 56.21
N PHE D 717 146.55 -139.84 55.51
CA PHE D 717 146.46 -140.44 54.16
C PHE D 717 147.35 -139.70 53.15
N GLN D 718 147.41 -138.36 53.23
CA GLN D 718 148.31 -137.58 52.39
C GLN D 718 149.78 -137.95 52.64
N LYS D 719 150.17 -138.15 53.90
CA LYS D 719 151.50 -138.60 54.27
C LYS D 719 151.81 -140.01 53.77
N GLU D 720 150.86 -140.95 53.85
CA GLU D 720 151.01 -142.31 53.32
C GLU D 720 151.12 -142.32 51.79
N LEU D 721 150.32 -141.49 51.10
CA LEU D 721 150.42 -141.31 49.65
C LEU D 721 151.77 -140.75 49.24
N ASP D 722 152.29 -139.77 49.98
CA ASP D 722 153.59 -139.17 49.66
C ASP D 722 154.75 -140.14 49.97
N ASP D 723 154.66 -140.97 51.01
CA ASP D 723 155.60 -142.08 51.24
C ASP D 723 155.53 -143.12 50.12
N LEU D 724 154.31 -143.53 49.70
CA LEU D 724 154.13 -144.47 48.60
C LEU D 724 154.70 -143.91 47.29
N LYS D 725 154.47 -142.63 46.99
CA LYS D 725 155.07 -141.96 45.82
C LYS D 725 156.59 -141.90 45.94
N ALA D 726 157.14 -141.60 47.11
CA ALA D 726 158.57 -141.58 47.34
C ALA D 726 159.21 -142.98 47.17
N ARG D 727 158.54 -144.02 47.64
CA ARG D 727 158.98 -145.42 47.46
C ARG D 727 158.87 -145.89 46.02
N THR D 728 157.78 -145.55 45.33
CA THR D 728 157.55 -145.98 43.94
C THR D 728 158.34 -145.15 42.92
N SER D 729 158.63 -143.87 43.18
CA SER D 729 159.50 -143.05 42.32
C SER D 729 160.93 -143.59 42.20
N LYS E 40 114.78 -118.23 56.04
CA LYS E 40 115.69 -119.38 56.09
C LYS E 40 115.37 -120.45 55.04
N ASP E 41 114.17 -120.46 54.46
CA ASP E 41 113.88 -121.18 53.21
C ASP E 41 114.48 -120.39 52.03
N LYS E 42 115.79 -120.18 52.06
CA LYS E 42 116.52 -119.46 51.03
C LYS E 42 116.36 -120.26 49.72
N GLN E 43 115.72 -119.65 48.73
CA GLN E 43 115.49 -120.30 47.43
C GLN E 43 116.78 -120.34 46.61
N LEU E 44 116.89 -121.31 45.70
CA LEU E 44 117.94 -121.35 44.68
C LEU E 44 117.79 -120.12 43.77
N ARG E 45 118.88 -119.39 43.53
CA ARG E 45 118.91 -118.22 42.62
C ARG E 45 120.14 -118.24 41.73
N ASN E 46 120.16 -117.40 40.70
CA ASN E 46 121.36 -117.14 39.91
C ASN E 46 121.56 -115.64 39.68
N LEU E 47 122.16 -114.96 40.64
CA LEU E 47 122.27 -113.50 40.76
C LEU E 47 123.62 -112.96 40.30
N LEU E 48 124.35 -113.72 39.49
CA LEU E 48 125.64 -113.29 38.97
C LEU E 48 125.77 -113.61 37.49
N CYS E 49 126.59 -112.83 36.80
CA CYS E 49 127.06 -113.15 35.46
C CYS E 49 128.48 -112.62 35.27
N VAL E 50 129.17 -113.07 34.23
CA VAL E 50 130.50 -112.55 33.87
C VAL E 50 130.43 -111.93 32.48
N LEU E 51 130.94 -110.71 32.36
CA LEU E 51 131.00 -109.96 31.11
C LEU E 51 132.44 -109.52 30.85
N ASP E 52 133.06 -110.01 29.76
CA ASP E 52 134.42 -109.65 29.33
C ASP E 52 135.52 -109.78 30.41
N GLY E 53 135.32 -110.66 31.39
CA GLY E 53 136.23 -110.85 32.52
C GLY E 53 135.93 -109.99 33.75
N ASP E 54 134.81 -109.27 33.77
CA ASP E 54 134.25 -108.66 34.98
C ASP E 54 133.13 -109.52 35.54
N LEU E 55 133.20 -109.81 36.84
CA LEU E 55 132.13 -110.45 37.58
C LEU E 55 131.10 -109.38 37.99
N LEU E 56 129.85 -109.56 37.57
CA LEU E 56 128.72 -108.73 37.99
C LEU E 56 127.90 -109.53 39.02
N VAL E 57 127.75 -108.97 40.22
CA VAL E 57 126.96 -109.58 41.31
C VAL E 57 125.79 -108.64 41.64
N TRP E 58 124.57 -109.15 41.54
CA TRP E 58 123.36 -108.40 41.86
C TRP E 58 123.19 -108.28 43.39
N ASP E 59 123.03 -107.04 43.85
CA ASP E 59 122.65 -106.70 45.22
C ASP E 59 121.17 -106.31 45.26
N ALA E 60 120.36 -107.18 45.88
CA ALA E 60 118.92 -107.00 45.97
C ALA E 60 118.52 -105.82 46.87
N GLU E 61 119.32 -105.47 47.88
CA GLU E 61 119.00 -104.40 48.81
C GLU E 61 119.31 -103.03 48.20
N GLU E 62 120.40 -102.94 47.41
CA GLU E 62 120.78 -101.71 46.72
C GLU E 62 120.18 -101.58 45.31
N CYS E 63 119.50 -102.63 44.81
CA CYS E 63 119.00 -102.74 43.44
C CYS E 63 120.06 -102.37 42.38
N ALA E 64 121.25 -102.96 42.50
CA ALA E 64 122.43 -102.60 41.71
C ALA E 64 123.33 -103.81 41.44
N PHE E 65 124.15 -103.74 40.40
CA PHE E 65 125.27 -104.68 40.24
C PHE E 65 126.55 -104.12 40.82
N HIS E 66 127.26 -104.94 41.61
CA HIS E 66 128.66 -104.71 41.93
C HIS E 66 129.53 -105.41 40.91
N THR E 67 130.50 -104.71 40.34
CA THR E 67 131.40 -105.22 39.32
C THR E 67 132.78 -105.45 39.89
N VAL E 68 133.37 -106.61 39.66
CA VAL E 68 134.77 -106.90 40.06
C VAL E 68 135.55 -107.35 38.83
N THR E 69 136.56 -106.57 38.45
CA THR E 69 137.45 -106.95 37.35
C THR E 69 138.37 -108.08 37.74
N LEU E 70 138.15 -109.27 37.20
CA LEU E 70 138.89 -110.48 37.62
C LEU E 70 140.35 -110.44 37.16
N ARG E 71 140.62 -109.84 36.00
CA ARG E 71 141.98 -109.71 35.47
C ARG E 71 142.87 -108.80 36.32
N SER E 72 142.30 -107.82 37.04
CA SER E 72 143.09 -106.95 37.93
C SER E 72 143.52 -107.69 39.21
N LEU E 73 142.74 -108.67 39.67
CA LEU E 73 143.05 -109.50 40.84
C LEU E 73 144.26 -110.44 40.60
N SER E 74 144.59 -110.72 39.34
CA SER E 74 145.77 -111.52 38.98
C SER E 74 147.08 -110.74 39.13
N VAL E 75 147.03 -109.41 39.04
CA VAL E 75 148.21 -108.56 39.16
C VAL E 75 148.44 -108.24 40.63
N GLU E 76 149.57 -108.71 41.17
CA GLU E 76 150.07 -108.47 42.52
C GLU E 76 150.39 -106.97 42.73
N SER E 77 149.37 -106.13 42.69
CA SER E 77 149.50 -104.70 42.89
C SER E 77 149.50 -104.42 44.38
N THR E 78 150.69 -104.08 44.85
CA THR E 78 150.97 -103.51 46.17
C THR E 78 150.31 -102.13 46.29
N GLY E 79 148.99 -102.08 46.48
CA GLY E 79 148.29 -100.81 46.66
C GLY E 79 146.77 -100.91 46.58
N SER E 80 146.11 -100.81 47.74
CA SER E 80 144.67 -100.66 47.94
C SER E 80 143.79 -101.78 47.37
N SER E 81 143.23 -102.58 48.28
CA SER E 81 142.23 -103.62 48.10
C SER E 81 140.87 -103.17 47.52
N SER E 82 140.79 -102.00 46.88
CA SER E 82 139.55 -101.46 46.30
C SER E 82 139.71 -100.99 44.84
N SER E 83 140.83 -101.27 44.17
CA SER E 83 141.06 -100.79 42.81
C SER E 83 140.37 -101.69 41.78
N GLY E 84 139.12 -101.38 41.43
CA GLY E 84 138.41 -102.05 40.33
C GLY E 84 136.94 -102.41 40.62
N GLU E 85 136.42 -102.05 41.78
CA GLU E 85 134.99 -102.18 42.07
C GLU E 85 134.22 -100.97 41.53
N GLN E 86 133.19 -101.21 40.71
CA GLN E 86 132.22 -100.21 40.29
C GLN E 86 130.81 -100.71 40.63
N LYS E 87 129.87 -99.78 40.80
CA LYS E 87 128.47 -100.07 41.10
C LYS E 87 127.59 -99.58 39.94
N LEU E 88 126.82 -100.48 39.35
CA LEU E 88 125.87 -100.20 38.28
C LEU E 88 124.46 -100.06 38.87
N LEU E 89 123.99 -98.82 39.00
CA LEU E 89 122.71 -98.48 39.61
C LEU E 89 121.57 -98.56 38.59
N CYS E 90 120.48 -99.22 38.93
CA CYS E 90 119.25 -99.17 38.13
C CYS E 90 118.61 -97.77 38.22
N THR E 91 118.41 -97.09 37.07
CA THR E 91 117.67 -95.82 37.05
C THR E 91 116.22 -95.96 37.51
N ASN E 92 115.62 -97.13 37.25
CA ASN E 92 114.32 -97.52 37.75
C ASN E 92 114.47 -98.95 38.31
N PRO E 93 114.49 -99.14 39.64
CA PRO E 93 114.75 -100.45 40.23
C PRO E 93 113.58 -101.43 40.00
N PRO E 94 113.84 -102.75 39.93
CA PRO E 94 112.79 -103.76 39.88
C PRO E 94 111.84 -103.66 41.08
N LEU E 95 110.53 -103.80 40.83
CA LEU E 95 109.49 -103.84 41.88
C LEU E 95 109.17 -105.28 42.35
N PHE E 96 110.03 -106.22 42.00
CA PHE E 96 109.90 -107.65 42.30
C PHE E 96 111.26 -108.19 42.74
N ASP E 97 111.24 -109.32 43.45
CA ASP E 97 112.46 -110.00 43.87
C ASP E 97 113.13 -110.68 42.67
N VAL E 98 114.39 -110.34 42.42
CA VAL E 98 115.18 -110.91 41.33
C VAL E 98 115.70 -112.26 41.78
N ASN E 99 115.39 -113.29 40.99
CA ASN E 99 115.81 -114.68 41.22
C ASN E 99 116.89 -115.11 40.23
N GLU E 100 116.96 -114.48 39.06
CA GLU E 100 117.90 -114.83 38.01
C GLU E 100 118.35 -113.62 37.20
N VAL E 101 119.62 -113.68 36.78
CA VAL E 101 120.28 -112.71 35.93
C VAL E 101 120.71 -113.41 34.64
N LEU E 102 120.26 -112.91 33.49
CA LEU E 102 120.57 -113.48 32.17
C LEU E 102 121.28 -112.47 31.29
N LEU E 103 122.53 -112.75 30.91
CA LEU E 103 123.26 -111.96 29.93
C LEU E 103 122.71 -112.23 28.52
N SER E 104 122.48 -111.18 27.73
CA SER E 104 122.02 -111.32 26.35
C SER E 104 123.12 -111.93 25.46
N PRO E 105 122.77 -112.63 24.36
CA PRO E 105 123.76 -113.15 23.41
C PRO E 105 124.67 -112.05 22.84
N THR E 106 124.13 -110.85 22.66
CA THR E 106 124.87 -109.64 22.22
C THR E 106 125.73 -109.00 23.31
N GLN E 107 125.64 -109.47 24.57
CA GLN E 107 126.40 -108.96 25.72
C GLN E 107 126.23 -107.46 26.00
N HIS E 108 125.11 -106.88 25.59
CA HIS E 108 124.77 -105.47 25.80
C HIS E 108 123.62 -105.26 26.78
N HIS E 109 122.92 -106.34 27.14
CA HIS E 109 121.77 -106.29 28.03
C HIS E 109 121.84 -107.40 29.06
N VAL E 110 121.30 -107.13 30.24
CA VAL E 110 121.15 -108.10 31.32
C VAL E 110 119.69 -108.12 31.73
N ALA E 111 119.02 -109.27 31.61
CA ALA E 111 117.67 -109.43 32.14
C ALA E 111 117.72 -109.80 33.63
N LEU E 112 117.01 -109.02 34.43
CA LEU E 112 116.68 -109.24 35.83
C LEU E 112 115.32 -109.92 35.89
N VAL E 113 115.31 -111.19 36.27
CA VAL E 113 114.16 -112.07 36.16
C VAL E 113 113.66 -112.43 37.56
N GLY E 114 112.38 -112.22 37.82
CA GLY E 114 111.69 -112.67 39.03
C GLY E 114 110.36 -113.31 38.71
N SER E 115 109.76 -114.02 39.67
CA SER E 115 108.48 -114.72 39.46
C SER E 115 107.30 -113.79 39.17
N LYS E 116 107.45 -112.49 39.45
CA LYS E 116 106.44 -111.43 39.27
C LYS E 116 106.83 -110.35 38.28
N GLY E 117 107.91 -110.52 37.53
CA GLY E 117 108.27 -109.55 36.51
C GLY E 117 109.64 -109.77 35.89
N VAL E 118 109.90 -109.03 34.82
CA VAL E 118 111.21 -108.96 34.20
C VAL E 118 111.58 -107.51 33.92
N MET E 119 112.84 -107.18 34.13
CA MET E 119 113.41 -105.88 33.82
C MET E 119 114.74 -106.09 33.11
N VAL E 120 115.00 -105.34 32.05
CA VAL E 120 116.26 -105.42 31.31
C VAL E 120 117.10 -104.19 31.64
N LEU E 121 118.33 -104.42 32.08
CA LEU E 121 119.35 -103.40 32.29
C LEU E 121 120.21 -103.28 31.02
N GLU E 122 120.32 -102.08 30.49
CA GLU E 122 121.27 -101.75 29.42
C GLU E 122 122.68 -101.61 30.02
N ILE E 123 123.62 -102.42 29.53
CA ILE E 123 125.00 -102.38 30.00
C ILE E 123 125.66 -101.08 29.52
N PRO E 124 126.30 -100.30 30.42
CA PRO E 124 126.92 -99.03 30.06
C PRO E 124 128.16 -99.21 29.18
N LYS E 125 128.56 -98.15 28.48
CA LYS E 125 129.70 -98.22 27.55
C LYS E 125 131.01 -98.31 28.32
N ARG E 126 131.95 -99.08 27.78
CA ARG E 126 133.31 -99.19 28.29
C ARG E 126 134.26 -98.26 27.54
N TRP E 127 135.09 -97.51 28.26
CA TRP E 127 136.12 -96.66 27.67
C TRP E 127 137.23 -96.34 28.70
N GLY E 128 138.26 -95.59 28.29
CA GLY E 128 139.39 -95.24 29.17
C GLY E 128 140.53 -96.27 29.16
N LYS E 129 141.54 -96.06 30.03
CA LYS E 129 142.80 -96.85 30.00
C LYS E 129 142.64 -98.31 30.39
N LYS E 130 141.66 -98.61 31.26
CA LYS E 130 141.40 -99.95 31.79
C LYS E 130 140.17 -100.62 31.18
N SER E 131 139.51 -99.98 30.20
CA SER E 131 138.26 -100.47 29.60
C SER E 131 137.13 -100.68 30.64
N GLU E 132 137.08 -99.79 31.63
CA GLU E 132 136.10 -99.75 32.71
C GLU E 132 134.78 -99.12 32.24
N PHE E 133 133.69 -99.39 32.96
CA PHE E 133 132.37 -98.82 32.66
C PHE E 133 132.37 -97.31 32.85
N GLU E 134 131.84 -96.58 31.86
CA GLU E 134 131.82 -95.11 31.80
C GLU E 134 133.17 -94.45 32.15
N GLY E 135 134.28 -95.08 31.77
CA GLY E 135 135.63 -94.53 31.96
C GLY E 135 136.21 -94.71 33.37
N GLY E 136 135.58 -95.52 34.22
CA GLY E 136 136.06 -95.81 35.59
C GLY E 136 135.29 -95.09 36.70
N GLU E 137 134.09 -94.59 36.43
CA GLU E 137 133.22 -94.00 37.45
C GLU E 137 132.83 -95.04 38.52
N LYS E 138 132.92 -94.68 39.81
CA LYS E 138 132.62 -95.64 40.89
C LYS E 138 131.16 -96.08 40.90
N THR E 139 130.25 -95.18 40.52
CA THR E 139 128.81 -95.42 40.46
C THR E 139 128.29 -94.97 39.12
N VAL E 140 127.74 -95.89 38.34
CA VAL E 140 127.24 -95.67 36.99
C VAL E 140 125.73 -95.88 36.98
N ASN E 141 124.98 -94.92 36.48
CA ASN E 141 123.55 -95.07 36.30
C ASN E 141 123.27 -95.82 34.99
N CYS E 142 122.60 -96.96 35.11
CA CYS E 142 122.25 -97.83 33.99
C CYS E 142 120.76 -97.72 33.71
N ARG E 143 120.44 -97.53 32.42
CA ARG E 143 119.05 -97.51 31.98
C ARG E 143 118.43 -98.88 32.19
N THR E 144 117.26 -98.89 32.81
CA THR E 144 116.47 -100.11 33.03
C THR E 144 115.11 -100.00 32.36
N ILE E 145 114.65 -101.13 31.84
CA ILE E 145 113.48 -101.23 30.98
C ILE E 145 112.59 -102.37 31.50
N PRO E 146 111.40 -102.09 32.07
CA PRO E 146 110.49 -103.14 32.50
C PRO E 146 109.84 -103.81 31.27
N ILE E 147 109.77 -105.14 31.25
CA ILE E 147 109.15 -105.93 30.19
C ILE E 147 107.81 -106.45 30.68
N ALA E 148 106.75 -106.25 29.88
CA ALA E 148 105.42 -106.80 30.16
C ALA E 148 104.83 -106.42 31.54
N GLU E 149 105.25 -105.32 32.15
CA GLU E 149 104.90 -104.92 33.54
C GLU E 149 103.39 -104.99 33.80
N ARG E 150 102.59 -104.47 32.86
CA ARG E 150 101.13 -104.44 32.99
C ARG E 150 100.51 -105.84 33.13
N ILE E 151 101.09 -106.86 32.51
CA ILE E 151 100.56 -108.24 32.56
C ILE E 151 100.73 -108.81 33.97
N PHE E 152 101.91 -108.64 34.59
CA PHE E 152 102.15 -109.12 35.95
C PHE E 152 101.43 -108.30 37.02
N THR E 153 101.27 -106.99 36.82
CA THR E 153 100.52 -106.13 37.75
C THR E 153 99.01 -106.37 37.66
N SER E 154 98.46 -106.65 36.48
CA SER E 154 97.02 -106.88 36.30
C SER E 154 96.58 -108.30 36.63
N SER E 155 97.47 -109.29 36.46
CA SER E 155 97.18 -110.70 36.69
C SER E 155 97.97 -111.20 37.90
N THR E 156 97.46 -110.93 39.10
CA THR E 156 98.17 -111.23 40.36
C THR E 156 98.48 -112.72 40.57
N SER E 157 97.70 -113.62 39.98
CA SER E 157 97.92 -115.08 39.99
C SER E 157 98.93 -115.55 38.94
N LEU E 158 99.30 -114.72 37.97
CA LEU E 158 100.27 -115.09 36.95
C LEU E 158 101.67 -115.15 37.58
N LEU E 159 102.41 -116.18 37.23
CA LEU E 159 103.80 -116.36 37.62
C LEU E 159 104.64 -116.55 36.37
N LEU E 160 105.79 -115.89 36.34
CA LEU E 160 106.83 -116.22 35.38
C LEU E 160 107.53 -117.49 35.86
N LYS E 161 107.53 -118.53 35.01
CA LYS E 161 108.20 -119.81 35.28
C LYS E 161 109.65 -119.78 34.81
N GLN E 162 109.88 -119.27 33.60
CA GLN E 162 111.21 -119.11 33.05
C GLN E 162 111.26 -117.94 32.07
N ALA E 163 112.41 -117.28 31.98
CA ALA E 163 112.75 -116.38 30.88
C ALA E 163 114.00 -116.88 30.19
N ILE E 164 114.06 -116.79 28.86
CA ILE E 164 115.24 -117.13 28.06
C ILE E 164 115.42 -116.10 26.95
N TRP E 165 116.67 -115.83 26.59
CA TRP E 165 116.98 -115.04 25.40
C TRP E 165 116.82 -115.89 24.14
N TYR E 166 116.27 -115.30 23.07
CA TYR E 166 116.36 -115.90 21.74
C TYR E 166 117.84 -115.98 21.34
N PRO E 167 118.34 -117.14 20.88
CA PRO E 167 119.79 -117.44 20.79
C PRO E 167 120.50 -116.76 19.61
N SER E 168 119.97 -115.64 19.09
CA SER E 168 120.59 -114.92 17.98
C SER E 168 121.56 -113.85 18.48
N GLU E 169 122.80 -113.91 17.99
CA GLU E 169 123.83 -112.89 18.23
C GLU E 169 123.76 -111.72 17.22
N THR E 170 123.09 -111.91 16.10
CA THR E 170 123.06 -110.95 14.98
C THR E 170 121.80 -110.10 14.93
N GLN E 171 120.72 -110.58 15.52
CA GLN E 171 119.44 -109.87 15.59
C GLN E 171 119.36 -109.03 16.85
N GLU E 172 118.39 -108.13 16.87
CA GLU E 172 117.99 -107.46 18.11
C GLU E 172 117.65 -108.51 19.19
N PRO E 173 118.01 -108.26 20.46
CA PRO E 173 117.77 -109.21 21.53
C PRO E 173 116.26 -109.35 21.77
N HIS E 174 115.77 -110.59 21.70
CA HIS E 174 114.38 -110.92 22.01
C HIS E 174 114.33 -111.79 23.26
N LEU E 175 113.39 -111.48 24.15
CA LEU E 175 113.19 -112.24 25.37
C LEU E 175 111.91 -113.08 25.24
N ILE E 176 112.02 -114.36 25.56
CA ILE E 176 110.89 -115.29 25.61
C ILE E 176 110.53 -115.54 27.06
N LEU E 177 109.27 -115.33 27.39
CA LEU E 177 108.71 -115.53 28.72
C LEU E 177 107.78 -116.74 28.70
N LEU E 178 108.08 -117.74 29.53
CA LEU E 178 107.20 -118.86 29.85
C LEU E 178 106.48 -118.55 31.16
N THR E 179 105.17 -118.47 31.11
CA THR E 179 104.33 -118.13 32.26
C THR E 179 103.37 -119.26 32.64
N SER E 180 102.88 -119.20 33.87
CA SER E 180 102.03 -120.24 34.50
C SER E 180 100.67 -120.48 33.83
N ASP E 181 100.32 -119.72 32.81
CA ASP E 181 99.12 -119.93 31.97
C ASP E 181 99.41 -120.78 30.71
N ASN E 182 100.60 -121.39 30.62
CA ASN E 182 101.09 -122.17 29.48
C ASN E 182 101.14 -121.35 28.18
N ILE E 183 101.62 -120.12 28.27
CA ILE E 183 101.80 -119.23 27.12
C ILE E 183 103.26 -118.81 27.03
N LEU E 184 103.84 -118.96 25.85
CA LEU E 184 105.12 -118.34 25.49
C LEU E 184 104.87 -116.96 24.89
N ARG E 185 105.49 -115.94 25.48
CA ARG E 185 105.40 -114.55 25.00
C ARG E 185 106.77 -114.05 24.59
N LEU E 186 106.91 -113.64 23.34
CA LEU E 186 108.14 -113.12 22.76
C LEU E 186 108.09 -111.60 22.77
N TYR E 187 109.05 -110.96 23.43
CA TYR E 187 109.18 -109.50 23.49
C TYR E 187 110.44 -109.04 22.76
N ASN E 188 110.32 -107.91 22.06
CA ASN E 188 111.44 -107.15 21.53
C ASN E 188 111.70 -105.97 22.47
N LEU E 189 112.96 -105.60 22.69
CA LEU E 189 113.31 -104.43 23.51
C LEU E 189 112.86 -103.07 22.91
N GLN E 190 112.37 -103.04 21.66
CA GLN E 190 111.77 -101.84 21.06
C GLN E 190 110.27 -101.66 21.37
N ASP E 191 109.51 -102.75 21.51
CA ASP E 191 108.10 -102.75 21.94
C ASP E 191 107.94 -103.63 23.17
N LEU E 192 107.85 -102.96 24.32
CA LEU E 192 107.90 -103.56 25.65
C LEU E 192 106.53 -103.97 26.17
N PHE E 193 105.47 -103.47 25.53
CA PHE E 193 104.09 -103.64 25.97
C PHE E 193 103.40 -104.73 25.15
N THR E 194 103.69 -104.79 23.85
CA THR E 194 103.08 -105.75 22.94
C THR E 194 104.08 -106.86 22.61
N PRO E 195 103.79 -108.12 22.94
CA PRO E 195 104.63 -109.23 22.50
C PRO E 195 104.61 -109.33 20.97
N VAL E 196 105.78 -109.53 20.38
CA VAL E 196 105.99 -109.81 18.94
C VAL E 196 105.23 -111.08 18.53
N LYS E 197 105.24 -112.09 19.40
CA LYS E 197 104.54 -113.37 19.19
C LYS E 197 104.01 -113.88 20.51
N VAL E 198 102.79 -114.39 20.50
CA VAL E 198 102.15 -115.07 21.63
C VAL E 198 101.78 -116.47 21.15
N ILE E 199 102.25 -117.49 21.85
CA ILE E 199 102.05 -118.88 21.47
C ILE E 199 101.42 -119.60 22.65
N SER E 200 100.19 -120.10 22.45
CA SER E 200 99.52 -120.96 23.42
C SER E 200 100.08 -122.37 23.32
N LEU E 201 100.48 -122.96 24.45
CA LEU E 201 100.98 -124.33 24.50
C LEU E 201 99.86 -125.37 24.70
N SER E 202 98.61 -124.93 24.84
CA SER E 202 97.45 -125.82 24.82
C SER E 202 97.25 -126.41 23.42
N ALA E 225 103.73 -126.16 31.85
CA ALA E 225 105.05 -126.08 31.27
C ALA E 225 106.03 -125.43 32.28
N VAL E 226 107.09 -126.15 32.64
CA VAL E 226 108.03 -125.77 33.71
C VAL E 226 109.32 -125.18 33.17
N ALA E 227 109.79 -125.67 32.02
CA ALA E 227 111.06 -125.25 31.44
C ALA E 227 111.05 -125.34 29.91
N CYS E 228 111.91 -124.56 29.27
CA CYS E 228 112.23 -124.65 27.86
C CYS E 228 113.68 -124.22 27.59
N ASP E 229 114.28 -124.76 26.54
CA ASP E 229 115.62 -124.40 26.08
C ASP E 229 115.76 -124.59 24.57
N PHE E 230 116.66 -123.80 23.97
CA PHE E 230 116.94 -123.85 22.55
C PHE E 230 118.05 -124.85 22.21
N GLY E 231 117.80 -125.66 21.20
CA GLY E 231 118.86 -126.36 20.47
C GLY E 231 119.57 -125.45 19.46
N PRO E 232 120.68 -125.93 18.88
CA PRO E 232 121.39 -125.21 17.82
C PRO E 232 120.51 -124.99 16.58
N LEU E 233 120.87 -123.99 15.78
CA LEU E 233 120.18 -123.69 14.52
C LEU E 233 120.19 -124.93 13.61
N ALA E 234 119.01 -125.39 13.22
CA ALA E 234 118.84 -126.61 12.43
C ALA E 234 118.05 -126.32 11.14
N VAL E 235 118.29 -127.12 10.11
CA VAL E 235 117.47 -127.13 8.90
C VAL E 235 116.13 -127.78 9.24
N LEU E 236 115.01 -127.16 8.86
CA LEU E 236 113.70 -127.74 9.11
C LEU E 236 113.55 -129.06 8.34
N PRO E 237 112.95 -130.10 8.96
CA PRO E 237 112.64 -131.35 8.27
C PRO E 237 111.79 -131.11 7.01
N LYS E 238 112.04 -131.90 5.95
CA LYS E 238 111.25 -131.87 4.71
C LYS E 238 109.78 -132.16 5.06
N GLY E 239 108.87 -131.28 4.65
CA GLY E 239 107.44 -131.32 5.02
C GLY E 239 106.97 -130.08 5.79
N PHE E 240 107.86 -129.40 6.52
CA PHE E 240 107.58 -128.13 7.20
C PHE E 240 107.61 -126.93 6.25
N GLY E 241 106.74 -126.96 5.23
CA GLY E 241 106.63 -125.88 4.25
C GLY E 241 106.44 -126.46 2.86
N GLN E 242 105.22 -126.36 2.34
CA GLN E 242 104.93 -126.73 0.97
C GLN E 242 105.82 -125.91 0.00
N HIS E 243 106.58 -126.62 -0.83
CA HIS E 243 107.18 -126.16 -2.09
C HIS E 243 108.24 -125.03 -2.11
N SER E 244 108.93 -124.70 -1.01
CA SER E 244 110.15 -123.88 -1.13
C SER E 244 111.40 -124.75 -1.32
N LYS E 245 112.12 -124.55 -2.43
CA LYS E 245 113.43 -125.21 -2.70
C LYS E 245 114.57 -124.75 -1.77
N GLU E 246 114.32 -123.80 -0.87
CA GLU E 246 115.30 -123.31 0.08
C GLU E 246 115.15 -124.04 1.42
N ASP E 247 116.28 -124.62 1.86
CA ASP E 247 116.45 -125.12 3.23
C ASP E 247 116.22 -123.96 4.20
N THR E 248 115.03 -123.93 4.81
CA THR E 248 114.74 -122.96 5.85
C THR E 248 115.38 -123.46 7.14
N VAL E 249 116.05 -122.55 7.85
CA VAL E 249 116.68 -122.83 9.15
C VAL E 249 115.88 -122.15 10.25
N ALA E 250 115.72 -122.82 11.38
CA ALA E 250 115.07 -122.27 12.57
C ALA E 250 115.67 -122.87 13.84
N TYR E 251 115.47 -122.19 14.96
CA TYR E 251 115.89 -122.72 16.25
C TYR E 251 114.83 -123.69 16.79
N PRO E 252 115.19 -124.95 17.10
CA PRO E 252 114.32 -125.85 17.83
C PRO E 252 114.23 -125.41 19.29
N LEU E 253 113.03 -125.10 19.76
CA LEU E 253 112.71 -124.86 21.17
C LEU E 253 112.07 -126.11 21.75
N TYR E 254 112.72 -126.73 22.71
CA TYR E 254 112.16 -127.85 23.47
C TYR E 254 111.44 -127.31 24.70
N ILE E 255 110.26 -127.84 24.99
CA ILE E 255 109.36 -127.35 26.04
C ILE E 255 108.98 -128.53 26.92
N LEU E 256 109.35 -128.47 28.20
CA LEU E 256 109.10 -129.49 29.21
C LEU E 256 107.90 -129.12 30.07
N TYR E 257 107.00 -130.09 30.23
CA TYR E 257 105.94 -130.05 31.22
C TYR E 257 106.37 -130.76 32.51
N GLU E 258 105.74 -130.39 33.63
CA GLU E 258 105.97 -131.00 34.95
C GLU E 258 105.79 -132.53 34.93
N THR E 259 104.92 -133.03 34.05
CA THR E 259 104.65 -134.45 33.79
C THR E 259 105.78 -135.19 33.07
N GLY E 260 106.90 -134.53 32.75
CA GLY E 260 107.98 -135.08 31.93
C GLY E 260 107.71 -135.00 30.42
N GLU E 261 106.48 -134.72 29.99
CA GLU E 261 106.14 -134.56 28.58
C GLU E 261 106.94 -133.43 27.94
N THR E 262 107.67 -133.76 26.88
CA THR E 262 108.49 -132.81 26.14
C THR E 262 107.89 -132.55 24.78
N TYR E 263 107.78 -131.28 24.40
CA TYR E 263 107.30 -130.83 23.10
C TYR E 263 108.42 -130.10 22.35
N LEU E 264 108.27 -129.98 21.03
CA LEU E 264 109.20 -129.27 20.15
C LEU E 264 108.48 -128.19 19.36
N MET E 265 109.12 -127.05 19.18
CA MET E 265 108.65 -125.97 18.33
C MET E 265 109.80 -125.34 17.58
N TYR E 266 109.67 -125.15 16.27
CA TYR E 266 110.65 -124.41 15.49
C TYR E 266 110.30 -122.92 15.46
N ILE E 267 111.24 -122.07 15.88
CA ILE E 267 111.07 -120.62 15.94
C ILE E 267 112.08 -119.95 15.01
N ASP E 268 111.56 -119.15 14.08
CA ASP E 268 112.30 -118.15 13.32
C ASP E 268 111.54 -116.81 13.44
N LEU E 269 112.24 -115.75 13.83
CA LEU E 269 111.68 -114.41 13.98
C LEU E 269 111.60 -113.65 12.64
N GLN E 270 112.36 -114.05 11.62
CA GLN E 270 112.37 -113.39 10.31
C GLN E 270 111.21 -113.84 9.42
N LYS E 271 110.78 -115.10 9.56
CA LYS E 271 109.72 -115.71 8.75
C LYS E 271 108.51 -116.06 9.61
N SER E 272 107.38 -115.39 9.35
CA SER E 272 106.07 -115.79 9.90
C SER E 272 105.38 -116.81 8.97
N ASN E 273 105.94 -118.00 8.83
CA ASN E 273 105.26 -119.09 8.12
C ASN E 273 104.36 -119.87 9.10
N ILE E 274 103.23 -120.39 8.62
CA ILE E 274 102.26 -121.15 9.45
C ILE E 274 102.90 -122.37 10.13
N THR E 275 103.88 -122.99 9.48
CA THR E 275 104.62 -124.16 10.01
C THR E 275 105.64 -123.79 11.07
N VAL E 276 106.19 -122.57 11.02
CA VAL E 276 107.18 -122.06 11.99
C VAL E 276 106.45 -121.49 13.21
N GLY E 277 106.45 -122.27 14.29
CA GLY E 277 105.73 -121.97 15.53
C GLY E 277 104.60 -122.95 15.85
N LYS E 278 104.40 -124.00 15.03
CA LYS E 278 103.54 -125.12 15.39
C LYS E 278 104.19 -125.91 16.54
N LEU E 279 103.41 -126.24 17.56
CA LEU E 279 103.82 -127.12 18.65
C LEU E 279 103.73 -128.58 18.18
N LEU E 280 104.83 -129.32 18.32
CA LEU E 280 104.97 -130.73 17.95
C LEU E 280 105.13 -131.57 19.22
N GLY E 281 104.50 -132.75 19.24
CA GLY E 281 104.60 -133.69 20.35
C GLY E 281 103.28 -133.91 21.09
N PRO E 282 103.30 -134.57 22.27
CA PRO E 282 104.52 -134.87 23.05
C PRO E 282 105.46 -135.81 22.29
N LEU E 283 106.76 -135.56 22.38
CA LEU E 283 107.78 -136.39 21.73
C LEU E 283 107.79 -137.78 22.39
N PRO E 284 107.60 -138.87 21.63
CA PRO E 284 107.61 -140.21 22.21
C PRO E 284 108.99 -140.52 22.80
N MET E 285 108.99 -141.05 24.03
CA MET E 285 110.22 -141.45 24.74
C MET E 285 110.44 -142.96 24.63
N TYR E 286 111.68 -143.37 24.38
CA TYR E 286 112.11 -144.77 24.29
C TYR E 286 113.32 -145.04 25.18
N PRO E 287 113.40 -146.22 25.84
CA PRO E 287 112.38 -147.27 25.93
C PRO E 287 111.12 -146.78 26.68
N ALA E 288 110.04 -147.56 26.69
CA ALA E 288 108.92 -147.25 27.58
C ALA E 288 109.34 -147.52 29.04
N ALA E 289 109.04 -146.58 29.95
CA ALA E 289 109.24 -146.74 31.39
C ALA E 289 107.90 -146.95 32.09
N GLU E 290 107.87 -147.75 33.16
CA GLU E 290 106.63 -148.07 33.89
C GLU E 290 105.99 -146.85 34.57
N ASP E 291 106.83 -145.92 35.02
CA ASP E 291 106.46 -144.66 35.66
C ASP E 291 106.35 -143.48 34.67
N ASN E 292 106.51 -143.75 33.37
CA ASN E 292 106.60 -142.74 32.31
C ASN E 292 107.66 -141.65 32.58
N TYR E 293 108.77 -142.00 33.24
CA TYR E 293 109.87 -141.08 33.57
C TYR E 293 109.53 -140.02 34.64
N GLY E 294 108.50 -140.26 35.46
CA GLY E 294 108.15 -139.43 36.61
C GLY E 294 107.19 -138.27 36.31
N TYR E 295 106.85 -137.51 37.35
CA TYR E 295 105.86 -136.40 37.30
C TYR E 295 106.34 -135.14 38.04
N ASP E 296 107.63 -135.08 38.37
CA ASP E 296 108.29 -134.03 39.15
C ASP E 296 109.41 -133.35 38.33
N ALA E 297 109.22 -133.25 37.01
CA ALA E 297 110.21 -132.63 36.13
C ALA E 297 110.32 -131.11 36.44
N CYS E 298 111.54 -130.61 36.61
CA CYS E 298 111.78 -129.23 37.07
C CYS E 298 112.70 -128.39 36.16
N ALA E 299 113.57 -129.02 35.35
CA ALA E 299 114.45 -128.30 34.44
C ALA E 299 114.75 -129.08 33.15
N LEU E 300 114.99 -128.33 32.07
CA LEU E 300 115.40 -128.84 30.77
C LEU E 300 116.66 -128.08 30.29
N LEU E 301 117.62 -128.82 29.74
CA LEU E 301 118.80 -128.27 29.07
C LEU E 301 119.03 -129.00 27.76
N CYS E 302 119.12 -128.27 26.64
CA CYS E 302 119.61 -128.84 25.39
C CYS E 302 121.14 -128.68 25.36
N LEU E 303 121.90 -129.75 25.19
CA LEU E 303 123.34 -129.68 24.92
C LEU E 303 123.57 -129.40 23.43
N PRO E 304 124.57 -128.58 23.06
CA PRO E 304 124.85 -128.20 21.66
C PRO E 304 125.64 -129.32 20.97
N CYS E 305 125.05 -130.50 20.94
CA CYS E 305 125.60 -131.73 20.39
C CYS E 305 124.87 -132.06 19.09
N VAL E 306 125.52 -132.81 18.20
CA VAL E 306 124.87 -133.41 17.04
C VAL E 306 124.98 -134.93 17.17
N PRO E 307 123.85 -135.66 17.31
CA PRO E 307 122.49 -135.18 17.47
C PRO E 307 122.30 -134.41 18.79
N ASN E 308 121.22 -133.63 18.88
CA ASN E 308 120.88 -132.89 20.09
C ASN E 308 120.68 -133.87 21.25
N ILE E 309 121.27 -133.54 22.40
CA ILE E 309 121.07 -134.29 23.65
C ILE E 309 120.29 -133.37 24.59
N ILE E 310 119.13 -133.81 25.03
CA ILE E 310 118.29 -133.12 26.01
C ILE E 310 118.55 -133.75 27.38
N VAL E 311 118.77 -132.91 28.39
CA VAL E 311 118.83 -133.31 29.78
C VAL E 311 117.53 -132.86 30.45
N ILE E 312 116.78 -133.82 31.02
CA ILE E 312 115.59 -133.56 31.83
C ILE E 312 115.96 -133.85 33.29
N ALA E 313 115.73 -132.90 34.19
CA ALA E 313 115.98 -133.05 35.61
C ALA E 313 114.68 -133.07 36.42
N THR E 314 114.60 -133.96 37.41
CA THR E 314 113.49 -134.07 38.36
C THR E 314 113.82 -133.45 39.72
N GLU E 315 112.82 -133.12 40.52
CA GLU E 315 113.04 -132.61 41.88
C GLU E 315 113.67 -133.66 42.81
N SER E 316 113.42 -134.94 42.55
CA SER E 316 114.02 -136.09 43.25
C SER E 316 115.51 -136.30 42.95
N GLY E 317 116.08 -135.59 41.96
CA GLY E 317 117.50 -135.70 41.63
C GLY E 317 117.83 -136.64 40.48
N LEU E 318 116.83 -137.14 39.74
CA LEU E 318 117.04 -137.94 38.53
C LEU E 318 117.32 -137.04 37.33
N LEU E 319 118.32 -137.42 36.54
CA LEU E 319 118.71 -136.77 35.30
C LEU E 319 118.57 -137.78 34.16
N TYR E 320 117.67 -137.50 33.23
CA TYR E 320 117.49 -138.29 32.01
C TYR E 320 118.26 -137.67 30.86
N HIS E 321 119.14 -138.46 30.23
CA HIS E 321 119.89 -138.07 29.04
C HIS E 321 119.19 -138.60 27.79
N CYS E 322 118.49 -137.72 27.08
CA CYS E 322 117.68 -138.07 25.93
C CYS E 322 118.39 -137.67 24.62
N VAL E 323 118.68 -138.64 23.75
CA VAL E 323 119.15 -138.38 22.39
C VAL E 323 117.94 -138.09 21.50
N VAL E 324 117.95 -136.96 20.81
CA VAL E 324 116.88 -136.61 19.85
C VAL E 324 117.10 -137.40 18.56
N LEU E 325 116.13 -138.24 18.21
CA LEU E 325 116.10 -139.02 16.97
C LEU E 325 115.14 -138.38 15.98
N GLU E 326 115.54 -138.29 14.71
CA GLU E 326 114.66 -137.85 13.64
C GLU E 326 113.51 -138.84 13.45
N GLY E 327 112.32 -138.35 13.09
CA GLY E 327 111.20 -139.23 12.76
C GLY E 327 111.47 -139.99 11.46
N GLU E 328 111.09 -141.27 11.41
CA GLU E 328 111.15 -142.07 10.19
C GLU E 328 109.87 -141.84 9.35
N GLU E 329 110.03 -141.78 8.02
CA GLU E 329 108.89 -141.95 7.11
C GLU E 329 108.47 -143.42 7.22
N ASP E 330 107.24 -143.68 7.69
CA ASP E 330 106.70 -145.04 7.70
C ASP E 330 106.86 -145.67 6.31
N ASP E 331 107.77 -146.64 6.17
CA ASP E 331 107.84 -147.50 4.99
C ASP E 331 106.45 -148.10 4.76
N GLU E 332 105.95 -147.98 3.51
CA GLU E 332 104.55 -148.12 3.05
C GLU E 332 103.78 -149.44 3.36
N GLN E 333 104.06 -150.20 4.43
CA GLN E 333 103.38 -151.49 4.72
C GLN E 333 102.60 -151.57 6.03
N THR E 334 102.55 -150.52 6.85
CA THR E 334 101.64 -150.45 8.01
C THR E 334 100.70 -149.25 7.94
N SER E 335 100.08 -149.05 6.77
CA SER E 335 98.98 -148.12 6.58
C SER E 335 97.67 -148.61 7.22
N ASN E 336 97.62 -148.64 8.55
CA ASN E 336 96.36 -148.76 9.27
C ASN E 336 96.07 -147.46 10.05
N LYS E 337 95.41 -146.54 9.33
CA LYS E 337 94.47 -145.53 9.86
C LYS E 337 95.02 -144.52 10.88
N SER E 338 95.70 -143.51 10.34
CA SER E 338 95.55 -142.13 10.81
C SER E 338 94.99 -141.33 9.64
N TRP E 339 93.82 -140.70 9.79
CA TRP E 339 93.21 -139.85 8.76
C TRP E 339 93.72 -138.40 8.78
N ASN E 340 94.80 -138.10 9.50
CA ASN E 340 95.44 -136.79 9.42
C ASN E 340 96.54 -136.82 8.34
N SER E 341 96.19 -136.36 7.14
CA SER E 341 97.08 -136.22 5.98
C SER E 341 98.19 -135.16 6.12
N SER E 342 98.66 -134.86 7.34
CA SER E 342 99.87 -134.09 7.57
C SER E 342 100.82 -134.97 8.38
N CYS E 343 101.57 -135.83 7.70
CA CYS E 343 102.72 -136.52 8.28
C CYS E 343 103.78 -135.47 8.66
N ASP E 344 103.58 -134.79 9.78
CA ASP E 344 104.69 -134.10 10.41
C ASP E 344 105.55 -135.20 11.03
N LEU E 345 106.75 -135.42 10.51
CA LEU E 345 107.74 -136.32 11.10
C LEU E 345 108.06 -135.82 12.51
N ILE E 346 107.43 -136.40 13.53
CA ILE E 346 107.65 -136.02 14.93
C ILE E 346 108.93 -136.74 15.38
N PRO E 347 109.96 -135.99 15.84
CA PRO E 347 111.16 -136.62 16.38
C PRO E 347 110.85 -137.36 17.68
N SER E 348 111.69 -138.34 18.00
CA SER E 348 111.56 -139.13 19.22
C SER E 348 112.70 -138.82 20.19
N LEU E 349 112.51 -139.10 21.48
CA LEU E 349 113.54 -138.99 22.51
C LEU E 349 113.97 -140.39 22.93
N TYR E 350 115.23 -140.75 22.71
CA TYR E 350 115.80 -141.99 23.23
C TYR E 350 116.53 -141.71 24.54
N VAL E 351 115.97 -142.16 25.66
CA VAL E 351 116.60 -142.08 26.98
C VAL E 351 117.76 -143.06 27.02
N PHE E 352 118.96 -142.53 26.80
CA PHE E 352 120.20 -143.31 26.71
C PHE E 352 120.67 -143.74 28.10
N GLU E 353 120.47 -142.88 29.09
CA GLU E 353 120.97 -143.04 30.45
C GLU E 353 120.06 -142.27 31.43
N CYS E 354 119.94 -142.80 32.66
CA CYS E 354 119.32 -142.14 33.80
C CYS E 354 120.31 -142.14 34.97
N VAL E 355 120.43 -141.01 35.65
CA VAL E 355 121.41 -140.80 36.73
C VAL E 355 120.74 -140.14 37.92
N GLU E 356 120.91 -140.72 39.09
CA GLU E 356 120.47 -140.14 40.36
C GLU E 356 121.60 -139.35 41.01
N LEU E 357 121.37 -138.06 41.29
CA LEU E 357 122.29 -137.22 42.04
C LEU E 357 122.18 -137.50 43.54
N GLU E 358 123.33 -137.51 44.21
CA GLU E 358 123.39 -137.52 45.67
C GLU E 358 123.14 -136.09 46.22
N LEU E 359 121.86 -135.67 46.24
CA LEU E 359 121.46 -134.33 46.68
C LEU E 359 121.85 -134.03 48.14
N ALA E 360 121.83 -135.05 48.99
CA ALA E 360 122.34 -135.03 50.36
C ALA E 360 123.24 -136.24 50.59
N LEU E 361 124.31 -136.08 51.38
CA LEU E 361 125.28 -137.14 51.61
C LEU E 361 124.61 -138.35 52.28
N LYS E 362 124.65 -139.52 51.62
CA LYS E 362 124.11 -140.78 52.12
C LYS E 362 125.09 -141.35 53.16
N PHE E 363 124.61 -141.57 54.39
CA PHE E 363 125.35 -142.25 55.45
C PHE E 363 124.83 -143.69 55.57
N ALA E 364 125.74 -144.66 55.71
CA ALA E 364 125.36 -146.01 56.10
C ALA E 364 124.89 -145.99 57.56
N THR E 365 123.58 -146.04 57.78
CA THR E 365 123.00 -146.35 59.09
C THR E 365 122.60 -147.83 59.09
N GLU E 366 122.86 -148.54 60.19
CA GLU E 366 122.45 -149.95 60.36
C GLU E 366 120.92 -150.13 60.38
N GLU E 367 120.16 -149.04 60.39
CA GLU E 367 118.70 -149.03 60.27
C GLU E 367 118.31 -148.72 58.81
N GLU E 368 118.22 -149.76 57.99
CA GLU E 368 117.71 -149.72 56.59
C GLU E 368 116.25 -149.23 56.47
N GLU E 369 115.57 -148.88 57.58
CA GLU E 369 114.14 -148.51 57.57
C GLU E 369 113.82 -147.12 58.12
N SER E 370 114.80 -146.34 58.58
CA SER E 370 114.52 -144.98 59.06
C SER E 370 114.30 -144.05 57.87
N LEU E 371 113.05 -144.07 57.36
CA LEU E 371 112.41 -143.11 56.46
C LEU E 371 113.46 -142.31 55.68
N GLU E 372 113.83 -142.82 54.52
CA GLU E 372 114.42 -142.02 53.44
C GLU E 372 113.55 -140.77 53.32
N LEU E 373 113.93 -139.69 54.02
CA LEU E 373 113.32 -138.39 53.80
C LEU E 373 113.89 -138.01 52.45
N ASP E 374 113.20 -138.42 51.38
CA ASP E 374 113.51 -138.09 50.00
C ASP E 374 113.75 -136.59 49.96
N PHE E 375 115.04 -136.23 49.95
CA PHE E 375 115.44 -134.86 49.96
C PHE E 375 115.30 -134.36 48.52
N ALA E 376 114.08 -134.00 48.14
CA ALA E 376 113.75 -133.45 46.85
C ALA E 376 113.93 -131.92 46.86
N CYS E 377 114.48 -131.39 45.78
CA CYS E 377 114.60 -129.95 45.58
C CYS E 377 114.75 -129.63 44.09
N PRO E 378 114.27 -128.46 43.63
CA PRO E 378 114.46 -128.03 42.25
C PRO E 378 115.95 -127.98 41.87
N ILE E 379 116.27 -128.52 40.70
CA ILE E 379 117.61 -128.49 40.10
C ILE E 379 117.63 -127.44 38.99
N LYS E 380 118.70 -126.65 38.93
CA LYS E 380 119.00 -125.80 37.79
C LYS E 380 120.20 -126.35 37.03
N LEU E 381 120.03 -126.44 35.71
CA LEU E 381 121.02 -126.97 34.78
C LEU E 381 121.79 -125.83 34.12
N HIS E 382 123.11 -125.98 34.01
CA HIS E 382 124.01 -125.00 33.41
C HIS E 382 124.90 -125.68 32.38
N ARG E 383 124.84 -125.20 31.13
CA ARG E 383 125.72 -125.67 30.05
C ARG E 383 127.16 -125.31 30.36
N ASP E 384 128.10 -126.23 30.08
CA ASP E 384 129.51 -125.90 30.10
C ASP E 384 129.94 -125.27 28.76
N PRO E 385 130.46 -124.02 28.74
CA PRO E 385 130.91 -123.37 27.51
C PRO E 385 132.20 -123.97 26.91
N ILE E 386 132.93 -124.79 27.65
CA ILE E 386 134.24 -125.36 27.26
C ILE E 386 134.11 -126.79 26.78
N CYS E 387 133.20 -127.57 27.36
CA CYS E 387 133.02 -128.98 27.07
C CYS E 387 131.54 -129.28 26.76
N PRO E 388 131.14 -129.46 25.47
CA PRO E 388 129.73 -129.56 25.08
C PRO E 388 129.02 -130.79 25.66
N SER E 389 129.77 -131.83 26.01
CA SER E 389 129.28 -133.05 26.66
C SER E 389 129.33 -133.01 28.18
N ARG E 390 129.61 -131.84 28.77
CA ARG E 390 129.58 -131.60 30.22
C ARG E 390 128.56 -130.51 30.54
N TYR E 391 127.90 -130.68 31.67
CA TYR E 391 127.02 -129.66 32.24
C TYR E 391 127.08 -129.73 33.76
N HIS E 392 126.52 -128.72 34.41
CA HIS E 392 126.54 -128.57 35.86
C HIS E 392 125.13 -128.44 36.40
N CYS E 393 124.91 -129.00 37.57
CA CYS E 393 123.63 -128.96 38.27
C CYS E 393 123.83 -128.18 39.57
N THR E 394 123.05 -127.12 39.77
CA THR E 394 122.99 -126.41 41.06
C THR E 394 121.65 -126.69 41.71
N HIS E 395 121.66 -126.95 43.01
CA HIS E 395 120.47 -127.14 43.81
C HIS E 395 120.71 -126.55 45.20
N VAL E 396 119.68 -126.56 46.06
CA VAL E 396 119.77 -125.90 47.38
C VAL E 396 120.89 -126.44 48.27
N ALA E 397 121.29 -127.69 48.10
CA ALA E 397 122.29 -128.37 48.94
C ALA E 397 123.67 -128.52 48.30
N GLY E 398 123.88 -128.01 47.08
CA GLY E 398 125.17 -128.19 46.45
C GLY E 398 125.23 -127.96 44.94
N VAL E 399 126.36 -128.42 44.39
CA VAL E 399 126.71 -128.35 42.97
C VAL E 399 127.30 -129.67 42.53
N HIS E 400 126.78 -130.19 41.43
CA HIS E 400 127.28 -131.38 40.74
C HIS E 400 127.76 -131.03 39.33
N SER E 401 128.73 -131.78 38.83
CA SER E 401 129.11 -131.79 37.42
C SER E 401 128.85 -133.16 36.81
N VAL E 402 128.29 -133.17 35.62
CA VAL E 402 127.97 -134.39 34.88
C VAL E 402 128.64 -134.35 33.52
N GLY E 403 129.45 -135.36 33.21
CA GLY E 403 130.13 -135.52 31.94
C GLY E 403 129.71 -136.79 31.21
N LEU E 404 129.17 -136.64 29.99
CA LEU E 404 128.70 -137.75 29.16
C LEU E 404 129.88 -138.48 28.51
N THR E 405 130.35 -139.55 29.14
CA THR E 405 131.56 -140.25 28.68
C THR E 405 131.35 -141.07 27.40
N TRP E 406 130.10 -141.39 27.08
CA TRP E 406 129.70 -142.08 25.85
C TRP E 406 129.51 -141.14 24.65
N PHE E 407 129.52 -139.82 24.85
CA PHE E 407 129.24 -138.83 23.79
C PHE E 407 130.14 -139.01 22.56
N ASN E 408 131.46 -139.06 22.73
CA ASN E 408 132.41 -139.22 21.61
C ASN E 408 132.22 -140.56 20.87
N LYS E 409 131.72 -141.59 21.56
CA LYS E 409 131.43 -142.89 20.96
C LYS E 409 130.14 -142.87 20.17
N LEU E 410 129.13 -142.17 20.68
CA LEU E 410 127.89 -141.91 19.94
C LEU E 410 128.20 -141.14 18.66
N GLU E 411 129.00 -140.07 18.74
CA GLU E 411 129.44 -139.30 17.57
C GLU E 411 130.19 -140.18 16.57
N LYS E 412 131.14 -141.01 17.05
CA LYS E 412 131.86 -141.98 16.21
C LYS E 412 130.91 -142.98 15.54
N PHE E 413 129.96 -143.53 16.29
CA PHE E 413 128.97 -144.48 15.77
C PHE E 413 128.08 -143.84 14.70
N LEU E 414 127.56 -142.64 14.94
CA LEU E 414 126.71 -141.94 13.97
C LEU E 414 127.49 -141.45 12.74
N SER E 415 128.81 -141.23 12.88
CA SER E 415 129.70 -140.93 11.76
C SER E 415 130.15 -142.19 11.00
N SER E 416 129.99 -143.37 11.59
CA SER E 416 130.30 -144.65 10.95
C SER E 416 129.12 -145.08 10.07
N GLY E 417 129.42 -145.58 8.87
CA GLY E 417 128.36 -146.09 7.98
C GLY E 417 127.64 -147.30 8.58
N GLU E 418 126.45 -147.62 8.05
CA GLU E 418 125.53 -148.67 8.53
C GLU E 418 126.15 -150.08 8.76
N GLU E 419 127.37 -150.33 8.26
CA GLU E 419 128.06 -151.62 8.39
C GLU E 419 129.01 -151.75 9.60
N ASP E 420 129.25 -150.68 10.38
CA ASP E 420 130.16 -150.73 11.54
C ASP E 420 129.49 -151.25 12.82
N LYS E 421 129.33 -152.58 12.87
CA LYS E 421 128.83 -153.29 14.06
C LYS E 421 129.74 -153.16 15.28
N ASP E 422 131.03 -152.90 15.07
CA ASP E 422 131.99 -152.79 16.17
C ASP E 422 131.77 -151.48 16.95
N SER E 423 131.48 -150.38 16.26
CA SER E 423 131.14 -149.09 16.90
C SER E 423 129.85 -149.16 17.72
N LEU E 424 128.81 -149.87 17.24
CA LEU E 424 127.59 -150.09 18.02
C LEU E 424 127.87 -150.95 19.25
N GLN E 425 128.67 -152.00 19.13
CA GLN E 425 129.06 -152.85 20.25
C GLN E 425 129.91 -152.07 21.28
N GLU E 426 130.73 -151.13 20.83
CA GLU E 426 131.53 -150.23 21.67
C GLU E 426 130.66 -149.20 22.41
N LEU E 427 129.59 -148.72 21.79
CA LEU E 427 128.60 -147.81 22.38
C LEU E 427 127.68 -148.55 23.38
N ALA E 428 127.25 -149.77 23.02
CA ALA E 428 126.42 -150.63 23.85
C ALA E 428 127.19 -151.24 25.05
N ALA E 429 128.53 -151.24 25.00
CA ALA E 429 129.33 -151.58 26.17
C ALA E 429 129.05 -150.57 27.28
N GLU E 430 128.46 -151.02 28.39
CA GLU E 430 128.01 -150.16 29.50
C GLU E 430 129.04 -149.09 29.88
N GLN E 431 128.72 -147.83 29.58
CA GLN E 431 129.50 -146.69 30.02
C GLN E 431 128.58 -145.65 30.66
N LYS E 432 128.69 -145.58 31.99
CA LYS E 432 128.02 -144.55 32.80
C LYS E 432 128.65 -143.18 32.55
N CYS E 433 127.87 -142.12 32.63
CA CYS E 433 128.42 -140.78 32.74
C CYS E 433 129.33 -140.66 33.98
N LEU E 434 130.12 -139.60 34.03
CA LEU E 434 130.87 -139.23 35.22
C LEU E 434 130.07 -138.20 35.98
N VAL E 435 129.70 -138.51 37.22
CA VAL E 435 129.11 -137.54 38.15
C VAL E 435 130.13 -137.21 39.22
N GLU E 436 130.34 -135.91 39.42
CA GLU E 436 131.17 -135.37 40.50
C GLU E 436 130.31 -134.43 41.36
N HIS E 437 130.14 -134.78 42.63
CA HIS E 437 129.63 -133.85 43.64
C HIS E 437 130.77 -132.90 43.99
N ILE E 438 130.73 -131.66 43.52
CA ILE E 438 131.82 -130.69 43.67
C ILE E 438 131.72 -129.94 45.00
N LEU E 439 130.52 -129.46 45.32
CA LEU E 439 130.26 -128.62 46.49
C LEU E 439 129.02 -129.14 47.21
N CYS E 440 129.15 -129.48 48.48
CA CYS E 440 128.05 -129.81 49.37
C CYS E 440 127.87 -128.70 50.41
N THR E 441 126.71 -128.05 50.39
CA THR E 441 126.34 -126.99 51.35
C THR E 441 125.45 -127.49 52.48
N LYS E 442 125.07 -128.77 52.45
CA LYS E 442 124.37 -129.49 53.53
C LYS E 442 125.13 -130.78 53.90
N PRO E 443 126.33 -130.67 54.50
CA PRO E 443 127.15 -131.84 54.79
C PRO E 443 126.57 -132.74 55.89
N LEU E 444 125.69 -132.21 56.74
CA LEU E 444 125.11 -132.90 57.91
C LEU E 444 123.59 -132.74 57.92
N ARG E 445 122.88 -133.72 58.48
CA ARG E 445 121.40 -133.72 58.52
C ARG E 445 120.86 -132.65 59.48
N CYS E 446 121.56 -132.42 60.60
CA CYS E 446 121.20 -131.37 61.55
C CYS E 446 121.41 -129.93 61.04
N ARG E 447 122.04 -129.76 59.87
CA ARG E 447 122.34 -128.45 59.29
C ARG E 447 121.32 -128.10 58.22
N LEU E 448 120.95 -126.82 58.19
CA LEU E 448 120.26 -126.26 57.04
C LEU E 448 121.26 -126.11 55.88
N PRO E 449 120.82 -126.33 54.62
CA PRO E 449 121.65 -126.02 53.47
C PRO E 449 122.01 -124.53 53.44
N SER E 450 123.12 -124.20 52.77
CA SER E 450 123.40 -122.83 52.28
C SER E 450 123.16 -122.79 50.76
N PRO E 451 121.95 -122.42 50.29
CA PRO E 451 121.58 -122.41 48.88
C PRO E 451 122.50 -121.59 48.00
N ILE E 452 122.72 -122.08 46.77
CA ILE E 452 123.48 -121.37 45.76
C ILE E 452 122.65 -120.15 45.29
N GLN E 453 123.24 -118.96 45.40
CA GLN E 453 122.65 -117.71 44.94
C GLN E 453 123.21 -117.26 43.59
N GLY E 454 124.38 -117.75 43.21
CA GLY E 454 124.94 -117.47 41.90
C GLY E 454 125.94 -118.54 41.49
N PHE E 455 125.92 -118.87 40.21
CA PHE E 455 126.76 -119.89 39.61
C PHE E 455 127.19 -119.46 38.21
N TRP E 456 128.48 -119.58 37.91
CA TRP E 456 128.99 -119.31 36.57
C TRP E 456 130.28 -120.07 36.28
N ILE E 457 130.53 -120.29 35.00
CA ILE E 457 131.76 -120.89 34.50
C ILE E 457 132.51 -119.85 33.69
N ILE E 458 133.67 -119.47 34.18
CA ILE E 458 134.61 -118.63 33.44
C ILE E 458 135.34 -119.51 32.44
N SER E 459 135.29 -119.07 31.19
CA SER E 459 136.12 -119.55 30.09
C SER E 459 136.81 -118.34 29.48
N ASP E 460 138.01 -118.04 29.96
CA ASP E 460 138.80 -116.92 29.46
C ASP E 460 140.26 -117.36 29.28
N LEU E 461 140.90 -116.95 28.18
CA LEU E 461 142.26 -117.37 27.85
C LEU E 461 143.29 -116.91 28.90
N PHE E 462 143.05 -115.79 29.60
CA PHE E 462 143.96 -115.26 30.61
C PHE E 462 143.65 -115.79 32.01
N LEU E 463 142.36 -115.88 32.38
CA LEU E 463 141.93 -116.36 33.70
C LEU E 463 141.92 -117.90 33.80
N GLY E 464 141.93 -118.57 32.66
CA GLY E 464 141.73 -120.01 32.55
C GLY E 464 140.26 -120.40 32.69
N THR E 465 140.06 -121.67 33.02
CA THR E 465 138.74 -122.25 33.24
C THR E 465 138.46 -122.36 34.74
N SER E 466 137.41 -121.73 35.24
CA SER E 466 137.04 -121.84 36.66
C SER E 466 135.53 -121.70 36.88
N MET E 467 135.00 -122.52 37.77
CA MET E 467 133.67 -122.38 38.35
C MET E 467 133.70 -121.33 39.46
N ILE E 468 132.70 -120.45 39.47
CA ILE E 468 132.38 -119.55 40.59
C ILE E 468 131.02 -119.92 41.14
N CYS E 469 130.95 -120.11 42.46
CA CYS E 469 129.71 -120.28 43.21
C CYS E 469 129.64 -119.23 44.31
N ILE E 470 128.48 -118.60 44.49
CA ILE E 470 128.19 -117.73 45.63
C ILE E 470 127.00 -118.34 46.39
N THR E 471 127.16 -118.53 47.70
CA THR E 471 126.08 -119.02 48.54
C THR E 471 125.20 -117.90 49.08
N CYS E 472 124.10 -118.29 49.71
CA CYS E 472 123.15 -117.40 50.37
C CYS E 472 123.70 -116.63 51.58
N ASP E 473 124.88 -117.02 52.05
CA ASP E 473 125.63 -116.35 53.10
C ASP E 473 126.82 -115.59 52.48
N PHE E 474 126.76 -115.33 51.17
CA PHE E 474 127.76 -114.64 50.36
C PHE E 474 129.18 -115.26 50.45
N GLU E 475 129.27 -116.58 50.67
CA GLU E 475 130.56 -117.27 50.54
C GLU E 475 130.86 -117.49 49.07
N CYS E 476 131.94 -116.86 48.59
CA CYS E 476 132.43 -117.03 47.23
C CYS E 476 133.41 -118.20 47.18
N ILE E 477 133.09 -119.19 46.35
CA ILE E 477 133.84 -120.41 46.17
C ILE E 477 134.26 -120.48 44.71
N VAL E 478 135.56 -120.46 44.48
CA VAL E 478 136.13 -120.53 43.13
C VAL E 478 136.91 -121.83 42.97
N ARG E 479 136.64 -122.59 41.91
CA ARG E 479 137.25 -123.89 41.64
C ARG E 479 137.72 -123.99 40.19
N PRO E 480 139.00 -124.33 39.92
CA PRO E 480 139.43 -124.58 38.56
C PRO E 480 138.70 -125.81 38.00
N LEU E 481 138.22 -125.73 36.76
CA LEU E 481 137.65 -126.89 36.06
C LEU E 481 138.61 -127.37 34.98
N LEU E 482 138.59 -128.67 34.73
CA LEU E 482 139.32 -129.28 33.62
C LEU E 482 138.66 -128.89 32.30
N THR E 483 139.40 -128.79 31.20
CA THR E 483 138.83 -128.53 29.87
C THR E 483 138.14 -129.74 29.25
N VAL E 512 147.35 -158.51 24.39
CA VAL E 512 146.87 -157.59 25.42
C VAL E 512 146.06 -156.50 24.71
N LYS E 513 144.74 -156.68 24.69
CA LYS E 513 143.77 -155.71 24.17
C LYS E 513 144.02 -154.34 24.81
N GLY E 514 144.58 -153.42 24.02
CA GLY E 514 144.84 -152.04 24.40
C GLY E 514 146.24 -151.79 24.99
N PRO E 515 146.81 -150.58 24.83
CA PRO E 515 148.04 -150.21 25.48
C PRO E 515 147.90 -150.37 27.00
N PHE E 516 148.93 -150.91 27.66
CA PHE E 516 148.97 -151.11 29.12
C PHE E 516 148.52 -149.88 29.93
N GLU E 517 148.74 -148.68 29.38
CA GLU E 517 148.28 -147.42 29.95
C GLU E 517 146.75 -147.34 30.10
N GLU E 518 145.96 -147.79 29.12
CA GLU E 518 144.50 -147.83 29.22
C GLU E 518 144.01 -148.78 30.31
N HIS E 519 144.70 -149.90 30.49
CA HIS E 519 144.41 -150.83 31.57
C HIS E 519 144.64 -150.18 32.95
N ILE E 520 145.78 -149.51 33.15
CA ILE E 520 146.06 -148.76 34.40
C ILE E 520 145.06 -147.62 34.62
N ARG E 521 144.69 -146.89 33.57
CA ARG E 521 143.62 -145.88 33.65
C ARG E 521 142.29 -146.48 34.06
N GLY E 522 141.98 -147.68 33.57
CA GLY E 522 140.78 -148.44 33.97
C GLY E 522 140.78 -148.77 35.46
N ILE E 523 141.91 -149.22 36.02
CA ILE E 523 142.05 -149.50 37.46
C ILE E 523 141.88 -148.23 38.29
N LEU E 524 142.51 -147.12 37.87
CA LEU E 524 142.47 -145.84 38.58
C LEU E 524 141.16 -145.06 38.38
N ARG E 525 140.21 -145.59 37.61
CA ARG E 525 138.93 -144.94 37.34
C ARG E 525 138.12 -144.80 38.61
N ARG E 526 137.70 -143.57 38.91
CA ARG E 526 136.85 -143.26 40.08
C ARG E 526 135.38 -143.16 39.68
N ASN E 527 134.51 -143.62 40.57
CA ASN E 527 133.06 -143.53 40.43
C ASN E 527 132.44 -142.54 41.43
N SER E 528 133.16 -142.19 42.49
CA SER E 528 132.73 -141.20 43.48
C SER E 528 133.92 -140.39 44.00
N ALA E 529 133.63 -139.23 44.57
CA ALA E 529 134.60 -138.36 45.20
C ALA E 529 133.97 -137.67 46.42
N ASN E 530 134.82 -137.23 47.34
CA ASN E 530 134.36 -136.43 48.46
C ASN E 530 134.16 -134.98 48.00
N PRO E 531 132.94 -134.42 48.12
CA PRO E 531 132.70 -133.02 47.76
C PRO E 531 133.44 -132.08 48.69
N LEU E 532 133.65 -130.84 48.24
CA LEU E 532 133.99 -129.76 49.15
C LEU E 532 132.81 -129.53 50.10
N LEU E 533 133.06 -129.62 51.40
CA LEU E 533 132.05 -129.43 52.43
C LEU E 533 132.09 -127.97 52.88
N LEU E 534 130.97 -127.27 52.73
CA LEU E 534 130.81 -125.93 53.27
C LEU E 534 130.34 -126.01 54.71
N ASN E 535 131.09 -125.40 55.63
CA ASN E 535 130.67 -125.27 57.00
C ASN E 535 129.78 -124.02 57.12
N SER E 536 128.46 -124.18 56.98
CA SER E 536 127.54 -123.07 57.12
C SER E 536 127.71 -122.43 58.50
N SER E 537 128.07 -121.14 58.52
CA SER E 537 128.56 -120.40 59.69
C SER E 537 127.47 -120.07 60.71
N SER E 538 126.42 -120.90 60.83
CA SER E 538 125.48 -120.88 61.95
C SER E 538 126.22 -121.23 63.25
N LYS E 539 126.86 -120.19 63.82
CA LYS E 539 127.20 -120.12 65.24
C LYS E 539 125.90 -120.41 65.98
N ASP E 540 125.85 -121.53 66.70
CA ASP E 540 125.18 -121.66 68.00
C ASP E 540 125.13 -123.10 68.53
N SER E 541 125.56 -124.10 67.76
CA SER E 541 125.89 -125.41 68.32
C SER E 541 126.93 -126.14 67.49
N SER E 542 127.88 -126.82 68.14
CA SER E 542 128.65 -127.87 67.48
C SER E 542 127.68 -128.94 66.96
N PRO E 543 127.90 -129.52 65.77
CA PRO E 543 127.06 -130.62 65.32
C PRO E 543 127.17 -131.80 66.31
N PRO E 544 126.16 -132.69 66.39
CA PRO E 544 126.26 -133.91 67.17
C PRO E 544 127.54 -134.68 66.80
N PRO E 545 128.32 -135.18 67.79
CA PRO E 545 129.54 -135.95 67.50
C PRO E 545 129.30 -137.15 66.58
N GLU E 546 128.12 -137.78 66.70
CA GLU E 546 127.70 -138.93 65.90
C GLU E 546 127.63 -138.61 64.41
N GLU E 547 126.95 -137.52 64.03
CA GLU E 547 126.87 -137.07 62.63
C GLU E 547 128.25 -136.70 62.06
N CYS E 548 129.13 -136.11 62.89
CA CYS E 548 130.50 -135.78 62.50
C CYS E 548 131.34 -137.05 62.23
N LEU E 549 131.18 -138.08 63.08
CA LEU E 549 131.85 -139.35 62.93
C LEU E 549 131.33 -140.11 61.69
N GLN E 550 130.03 -140.05 61.42
CA GLN E 550 129.44 -140.64 60.21
C GLN E 550 129.98 -139.97 58.93
N LEU E 551 130.06 -138.63 58.92
CA LEU E 551 130.66 -137.88 57.83
C LEU E 551 132.14 -138.21 57.62
N LEU E 552 132.92 -138.30 58.69
CA LEU E 552 134.32 -138.70 58.61
C LEU E 552 134.47 -140.15 58.13
N SER E 553 133.61 -141.05 58.61
CA SER E 553 133.59 -142.46 58.21
C SER E 553 133.33 -142.59 56.71
N ARG E 554 132.27 -141.94 56.20
CA ARG E 554 131.96 -141.86 54.77
C ARG E 554 133.14 -141.34 53.96
N ALA E 555 133.73 -140.21 54.37
CA ALA E 555 134.85 -139.62 53.65
C ALA E 555 136.07 -140.55 53.61
N THR E 556 136.39 -141.18 54.74
CA THR E 556 137.50 -142.14 54.86
C THR E 556 137.25 -143.38 54.02
N GLN E 557 136.02 -143.89 53.97
CA GLN E 557 135.64 -145.02 53.13
C GLN E 557 135.84 -144.70 51.65
N VAL E 558 135.37 -143.54 51.18
CA VAL E 558 135.59 -143.09 49.80
C VAL E 558 137.09 -143.00 49.49
N PHE E 559 137.91 -142.44 50.38
CA PHE E 559 139.37 -142.40 50.16
C PHE E 559 139.99 -143.80 50.10
N MET F 1 -26.01 24.98 59.77
CA MET F 1 -25.47 23.62 60.00
C MET F 1 -25.03 23.11 58.64
N VAL F 2 -23.74 22.87 58.44
CA VAL F 2 -23.24 22.21 57.23
C VAL F 2 -23.39 20.71 57.46
N SER F 3 -24.00 19.99 56.52
CA SER F 3 -24.16 18.53 56.56
C SER F 3 -23.49 17.91 55.34
N VAL F 4 -22.82 16.78 55.53
CA VAL F 4 -22.30 15.99 54.41
C VAL F 4 -23.49 15.46 53.60
N ILE F 5 -23.52 15.79 52.31
CA ILE F 5 -24.59 15.38 51.39
C ILE F 5 -24.23 14.06 50.69
N ASN F 6 -22.95 13.90 50.33
CA ASN F 6 -22.45 12.71 49.64
C ASN F 6 -20.96 12.48 49.95
N THR F 7 -20.52 11.23 49.92
CA THR F 7 -19.11 10.83 50.06
C THR F 7 -18.70 10.09 48.79
N VAL F 8 -17.70 10.62 48.08
CA VAL F 8 -17.21 10.03 46.83
C VAL F 8 -15.95 9.22 47.07
N ASP F 9 -16.03 7.92 46.80
CA ASP F 9 -14.86 7.06 46.62
C ASP F 9 -14.33 7.30 45.20
N THR F 10 -13.17 7.95 45.13
CA THR F 10 -12.55 8.33 43.86
C THR F 10 -11.74 7.19 43.25
N SER F 11 -11.47 6.11 44.00
CA SER F 11 -10.60 5.01 43.56
C SER F 11 -9.26 5.46 42.98
N HIS F 12 -8.75 6.62 43.41
CA HIS F 12 -7.39 7.05 43.13
C HIS F 12 -6.40 6.17 43.91
N GLU F 13 -5.27 5.88 43.30
CA GLU F 13 -4.24 4.99 43.88
C GLU F 13 -3.22 5.75 44.74
N ASP F 14 -3.31 7.08 44.76
CA ASP F 14 -2.43 7.99 45.49
C ASP F 14 -3.17 9.29 45.86
N MET F 15 -2.50 10.20 46.56
CA MET F 15 -3.03 11.46 47.09
C MET F 15 -3.77 12.28 46.03
N ILE F 16 -4.99 12.71 46.37
CA ILE F 16 -5.82 13.61 45.57
C ILE F 16 -5.37 15.05 45.85
N HIS F 17 -5.13 15.83 44.80
CA HIS F 17 -4.68 17.23 44.91
C HIS F 17 -5.79 18.24 44.67
N ASP F 18 -6.74 17.93 43.80
CA ASP F 18 -7.86 18.82 43.50
C ASP F 18 -9.14 18.04 43.18
N ALA F 19 -10.27 18.70 43.42
CA ALA F 19 -11.60 18.19 43.21
C ALA F 19 -12.52 19.35 42.80
N GLN F 20 -13.02 19.33 41.56
CA GLN F 20 -13.83 20.41 41.00
C GLN F 20 -15.16 19.89 40.46
N MET F 21 -16.25 20.50 40.93
CA MET F 21 -17.55 20.32 40.32
C MET F 21 -17.64 21.08 38.99
N ASP F 22 -18.38 20.54 38.03
CA ASP F 22 -18.75 21.26 36.83
C ASP F 22 -19.72 22.41 37.14
N TYR F 23 -20.01 23.24 36.14
CA TYR F 23 -20.88 24.41 36.28
C TYR F 23 -22.27 24.08 36.86
N TYR F 24 -22.82 22.92 36.53
CA TYR F 24 -24.16 22.51 36.97
C TYR F 24 -24.16 21.71 38.28
N GLY F 25 -22.98 21.35 38.81
CA GLY F 25 -22.86 20.54 40.02
C GLY F 25 -23.33 19.09 39.85
N ILE F 26 -23.26 18.56 38.63
CA ILE F 26 -23.67 17.18 38.29
C ILE F 26 -22.49 16.28 37.94
N ARG F 27 -21.30 16.86 37.75
CA ARG F 27 -20.06 16.13 37.49
C ARG F 27 -18.97 16.59 38.43
N LEU F 28 -18.17 15.65 38.90
CA LEU F 28 -17.00 15.88 39.72
C LEU F 28 -15.76 15.42 38.96
N ALA F 29 -14.79 16.29 38.76
CA ALA F 29 -13.44 15.92 38.33
C ALA F 29 -12.51 15.88 39.56
N THR F 30 -11.67 14.86 39.64
CA THR F 30 -10.61 14.77 40.66
C THR F 30 -9.28 14.44 40.01
N CYS F 31 -8.18 14.91 40.58
CA CYS F 31 -6.84 14.62 40.07
C CYS F 31 -5.85 14.24 41.19
N SER F 32 -4.84 13.45 40.86
CA SER F 32 -4.03 12.75 41.87
C SER F 32 -2.55 12.61 41.49
N SER F 33 -1.73 12.31 42.50
CA SER F 33 -0.36 11.80 42.37
C SER F 33 -0.25 10.54 41.51
N ASP F 34 -1.33 9.78 41.35
CA ASP F 34 -1.40 8.61 40.47
C ASP F 34 -1.38 8.96 38.96
N ARG F 35 -1.24 10.25 38.64
CA ARG F 35 -1.10 10.81 37.29
C ARG F 35 -2.38 10.79 36.45
N SER F 36 -3.51 10.47 37.07
CA SER F 36 -4.81 10.41 36.40
C SER F 36 -5.72 11.57 36.80
N VAL F 37 -6.66 11.87 35.91
CA VAL F 37 -7.85 12.67 36.21
C VAL F 37 -9.06 11.76 36.09
N LYS F 38 -9.90 11.70 37.11
CA LYS F 38 -11.13 10.90 37.09
C LYS F 38 -12.34 11.82 37.05
N ILE F 39 -13.35 11.43 36.27
CA ILE F 39 -14.61 12.18 36.16
C ILE F 39 -15.75 11.28 36.58
N PHE F 40 -16.59 11.80 37.47
CA PHE F 40 -17.75 11.14 38.02
C PHE F 40 -19.01 11.90 37.68
N ASP F 41 -20.05 11.20 37.26
CA ASP F 41 -21.42 11.70 37.33
C ASP F 41 -21.89 11.59 38.79
N VAL F 42 -22.31 12.70 39.39
CA VAL F 42 -22.78 12.79 40.78
C VAL F 42 -24.24 13.22 40.78
N LYS F 43 -25.15 12.27 41.03
CA LYS F 43 -26.60 12.52 41.00
C LYS F 43 -27.28 11.75 42.13
N ASN F 44 -28.20 12.40 42.85
CA ASN F 44 -29.07 11.77 43.85
C ASN F 44 -28.33 10.91 44.90
N GLY F 45 -27.14 11.33 45.33
CA GLY F 45 -26.32 10.60 46.30
C GLY F 45 -25.55 9.40 45.74
N GLY F 46 -25.67 9.09 44.45
CA GLY F 46 -24.80 8.14 43.76
C GLY F 46 -23.62 8.82 43.08
N GLN F 47 -22.56 8.06 42.85
CA GLN F 47 -21.52 8.40 41.88
C GLN F 47 -21.31 7.28 40.86
N ILE F 48 -21.00 7.66 39.62
CA ILE F 48 -20.60 6.74 38.57
C ILE F 48 -19.32 7.29 37.94
N LEU F 49 -18.24 6.51 37.97
CA LEU F 49 -17.02 6.85 37.23
C LEU F 49 -17.32 6.77 35.74
N ILE F 50 -17.21 7.89 35.03
CA ILE F 50 -17.47 7.99 33.58
C ILE F 50 -16.20 8.16 32.76
N ALA F 51 -15.09 8.59 33.35
CA ALA F 51 -13.81 8.67 32.66
C ALA F 51 -12.60 8.50 33.62
N ASP F 52 -11.57 7.81 33.12
CA ASP F 52 -10.22 7.76 33.69
C ASP F 52 -9.27 8.31 32.61
N LEU F 53 -8.90 9.59 32.76
CA LEU F 53 -8.10 10.33 31.81
C LEU F 53 -6.62 10.17 32.15
N ARG F 54 -5.87 9.61 31.20
CA ARG F 54 -4.43 9.36 31.33
C ARG F 54 -3.67 10.05 30.20
N GLY F 55 -2.60 10.74 30.57
CA GLY F 55 -1.76 11.51 29.65
C GLY F 55 -0.66 12.32 30.33
N HIS F 56 -0.77 12.51 31.65
CA HIS F 56 0.30 13.06 32.46
C HIS F 56 1.32 11.99 32.88
N ASP F 57 2.58 12.39 32.99
CA ASP F 57 3.71 11.56 33.40
C ASP F 57 4.11 11.78 34.88
N GLY F 58 3.38 12.65 35.59
CA GLY F 58 3.61 12.98 37.00
C GLY F 58 2.32 13.39 37.72
N PRO F 59 2.40 13.70 39.03
CA PRO F 59 1.25 14.15 39.82
C PRO F 59 0.48 15.26 39.13
N VAL F 60 -0.84 15.13 39.06
CA VAL F 60 -1.73 16.17 38.52
C VAL F 60 -2.19 17.05 39.68
N TRP F 61 -1.87 18.33 39.60
CA TRP F 61 -2.06 19.28 40.69
C TRP F 61 -3.43 19.91 40.72
N GLN F 62 -3.95 20.31 39.56
CA GLN F 62 -5.22 21.02 39.48
C GLN F 62 -6.00 20.61 38.23
N VAL F 63 -7.32 20.66 38.35
CA VAL F 63 -8.25 20.56 37.23
C VAL F 63 -9.14 21.80 37.17
N ALA F 64 -9.61 22.18 35.99
CA ALA F 64 -10.53 23.31 35.85
C ALA F 64 -11.52 23.05 34.72
N TRP F 65 -12.81 23.18 35.01
CA TRP F 65 -13.88 23.08 34.02
C TRP F 65 -14.01 24.37 33.23
N ALA F 66 -14.10 24.27 31.90
CA ALA F 66 -14.48 25.41 31.09
C ALA F 66 -15.99 25.68 31.19
N HIS F 67 -16.42 26.87 30.75
CA HIS F 67 -17.84 27.21 30.74
C HIS F 67 -18.63 26.30 29.77
N PRO F 68 -19.83 25.80 30.15
CA PRO F 68 -20.57 24.78 29.38
C PRO F 68 -21.03 25.24 27.99
N MET F 69 -21.03 26.54 27.71
CA MET F 69 -21.32 27.05 26.37
C MET F 69 -20.34 26.56 25.30
N TYR F 70 -19.14 26.14 25.71
CA TYR F 70 -18.11 25.58 24.84
C TYR F 70 -18.09 24.05 24.85
N GLY F 71 -19.09 23.43 25.49
CA GLY F 71 -19.16 21.99 25.71
C GLY F 71 -18.48 21.55 27.01
N ASN F 72 -18.29 20.23 27.13
CA ASN F 72 -17.66 19.62 28.30
C ASN F 72 -16.15 19.59 28.08
N ILE F 73 -15.48 20.65 28.52
CA ILE F 73 -14.03 20.81 28.44
C ILE F 73 -13.44 20.89 29.85
N LEU F 74 -12.35 20.18 30.07
CA LEU F 74 -11.60 20.17 31.32
C LEU F 74 -10.12 20.45 31.02
N ALA F 75 -9.50 21.36 31.75
CA ALA F 75 -8.05 21.52 31.77
C ALA F 75 -7.47 20.75 32.96
N SER F 76 -6.27 20.19 32.79
CA SER F 76 -5.46 19.67 33.90
C SER F 76 -4.02 20.15 33.80
N CYS F 77 -3.37 20.37 34.93
CA CYS F 77 -1.95 20.71 34.99
C CYS F 77 -1.18 19.83 35.97
N SER F 78 0.10 19.63 35.72
CA SER F 78 0.88 18.61 36.41
C SER F 78 2.34 19.01 36.65
N TYR F 79 2.94 18.28 37.59
CA TYR F 79 4.37 18.27 37.85
C TYR F 79 5.21 17.97 36.60
N ASP F 80 4.64 17.23 35.63
CA ASP F 80 5.30 16.88 34.37
C ASP F 80 5.44 18.05 33.38
N ARG F 81 5.10 19.27 33.80
CA ARG F 81 5.21 20.54 33.05
C ARG F 81 4.15 20.71 31.96
N LYS F 82 3.19 19.79 31.87
CA LYS F 82 2.14 19.82 30.86
C LYS F 82 0.89 20.50 31.37
N VAL F 83 0.18 21.13 30.46
CA VAL F 83 -1.25 21.44 30.58
C VAL F 83 -1.97 20.65 29.50
N ILE F 84 -2.96 19.86 29.88
CA ILE F 84 -3.76 19.05 28.96
C ILE F 84 -5.19 19.57 28.94
N ILE F 85 -5.74 19.74 27.74
CA ILE F 85 -7.15 20.07 27.51
C ILE F 85 -7.89 18.82 27.05
N TRP F 86 -8.81 18.37 27.89
CA TRP F 86 -9.69 17.24 27.65
C TRP F 86 -11.04 17.74 27.19
N LYS F 87 -11.66 17.03 26.25
CA LYS F 87 -13.01 17.32 25.79
C LYS F 87 -13.80 16.03 25.68
N GLU F 88 -15.07 16.11 26.08
CA GLU F 88 -16.02 15.04 25.80
C GLU F 88 -16.73 15.30 24.47
N GLU F 89 -16.63 14.34 23.55
CA GLU F 89 -17.44 14.30 22.34
C GLU F 89 -18.15 12.95 22.26
N ASN F 90 -19.47 12.99 22.04
CA ASN F 90 -20.31 11.77 21.93
C ASN F 90 -20.13 10.79 23.11
N GLY F 91 -19.95 11.30 24.33
CA GLY F 91 -19.78 10.52 25.55
C GLY F 91 -18.39 9.91 25.73
N THR F 92 -17.42 10.23 24.86
CA THR F 92 -16.03 9.79 24.98
C THR F 92 -15.14 10.99 25.26
N TRP F 93 -14.25 10.84 26.23
CA TRP F 93 -13.27 11.86 26.57
C TRP F 93 -11.96 11.66 25.81
N GLU F 94 -11.45 12.72 25.21
CA GLU F 94 -10.18 12.70 24.49
C GLU F 94 -9.29 13.88 24.85
N LYS F 95 -7.98 13.70 24.64
CA LYS F 95 -6.98 14.76 24.73
C LYS F 95 -7.00 15.58 23.44
N THR F 96 -7.55 16.79 23.51
CA THR F 96 -7.67 17.69 22.34
C THR F 96 -6.46 18.60 22.17
N TYR F 97 -5.77 18.93 23.27
CA TYR F 97 -4.57 19.75 23.23
C TYR F 97 -3.63 19.42 24.39
N GLU F 98 -2.33 19.57 24.14
CA GLU F 98 -1.26 19.42 25.12
C GLU F 98 -0.29 20.58 24.96
N TYR F 99 -0.12 21.36 26.02
CA TYR F 99 0.84 22.45 26.07
C TYR F 99 2.02 22.06 26.96
N THR F 100 3.23 22.15 26.40
CA THR F 100 4.49 21.78 27.06
C THR F 100 5.50 22.95 27.07
N GLY F 101 5.00 24.19 27.09
CA GLY F 101 5.85 25.39 27.00
C GLY F 101 6.42 25.88 28.34
N HIS F 102 6.22 25.14 29.42
CA HIS F 102 6.80 25.43 30.74
C HIS F 102 8.02 24.56 31.02
N ASP F 103 9.00 25.13 31.73
CA ASP F 103 10.27 24.46 32.03
C ASP F 103 10.25 23.74 33.39
N SER F 104 9.17 23.92 34.16
CA SER F 104 8.96 23.34 35.48
C SER F 104 7.47 23.04 35.72
N SER F 105 7.16 22.44 36.89
CA SER F 105 5.80 22.06 37.32
C SER F 105 4.78 23.15 37.03
N VAL F 106 3.64 22.80 36.43
CA VAL F 106 2.52 23.73 36.26
C VAL F 106 1.56 23.50 37.42
N ASN F 107 1.48 24.47 38.33
CA ASN F 107 0.86 24.30 39.64
C ASN F 107 -0.61 24.67 39.64
N SER F 108 -1.03 25.57 38.73
CA SER F 108 -2.39 26.05 38.70
C SER F 108 -2.89 26.37 37.30
N VAL F 109 -4.18 26.11 37.08
CA VAL F 109 -4.92 26.45 35.86
C VAL F 109 -6.26 27.08 36.21
N CYS F 110 -6.65 28.13 35.48
CA CYS F 110 -7.94 28.78 35.66
C CYS F 110 -8.48 29.27 34.31
N TRP F 111 -9.72 28.90 33.98
CA TRP F 111 -10.42 29.39 32.80
C TRP F 111 -10.89 30.83 33.00
N ALA F 112 -10.76 31.64 31.96
CA ALA F 112 -11.29 32.98 31.94
C ALA F 112 -12.83 32.96 31.86
N PRO F 113 -13.50 34.07 32.25
CA PRO F 113 -14.90 34.28 31.96
C PRO F 113 -15.23 34.02 30.48
N HIS F 114 -16.37 33.38 30.25
CA HIS F 114 -16.76 32.93 28.93
C HIS F 114 -16.97 34.07 27.91
N ASP F 115 -17.23 35.29 28.38
CA ASP F 115 -17.29 36.51 27.55
C ASP F 115 -16.00 36.73 26.74
N PHE F 116 -14.86 36.19 27.20
CA PHE F 116 -13.56 36.32 26.55
C PHE F 116 -13.22 35.18 25.59
N GLY F 117 -14.09 34.18 25.44
CA GLY F 117 -13.79 32.96 24.67
C GLY F 117 -13.24 31.82 25.53
N LEU F 118 -12.62 30.85 24.87
CA LEU F 118 -11.85 29.79 25.53
C LEU F 118 -10.42 30.29 25.80
N VAL F 119 -10.23 30.87 26.98
CA VAL F 119 -8.93 31.36 27.44
C VAL F 119 -8.58 30.71 28.77
N LEU F 120 -7.37 30.16 28.88
CA LEU F 120 -6.86 29.50 30.08
C LEU F 120 -5.58 30.18 30.57
N ALA F 121 -5.52 30.50 31.86
CA ALA F 121 -4.29 30.93 32.51
C ALA F 121 -3.62 29.74 33.20
N CYS F 122 -2.29 29.65 33.12
CA CYS F 122 -1.48 28.57 33.67
C CYS F 122 -0.30 29.15 34.46
N GLY F 123 -0.21 28.90 35.76
CA GLY F 123 0.91 29.32 36.63
C GLY F 123 1.92 28.19 36.84
N SER F 124 3.21 28.47 36.65
CA SER F 124 4.27 27.45 36.75
C SER F 124 5.39 27.82 37.72
N SER F 125 6.01 26.79 38.28
CA SER F 125 7.26 26.84 39.06
C SER F 125 8.47 27.33 38.25
N ASP F 126 8.35 27.55 36.93
CA ASP F 126 9.38 28.26 36.16
C ASP F 126 9.32 29.78 36.34
N GLY F 127 8.38 30.26 37.16
CA GLY F 127 8.15 31.68 37.45
C GLY F 127 7.32 32.38 36.39
N ALA F 128 6.91 31.69 35.32
CA ALA F 128 6.10 32.26 34.24
C ALA F 128 4.61 31.94 34.40
N ILE F 129 3.80 32.74 33.73
CA ILE F 129 2.37 32.49 33.52
C ILE F 129 2.13 32.39 32.02
N SER F 130 1.49 31.33 31.54
CA SER F 130 1.07 31.21 30.15
C SER F 130 -0.43 31.43 30.02
N ILE F 131 -0.84 32.20 29.01
CA ILE F 131 -2.24 32.39 28.63
C ILE F 131 -2.47 31.69 27.31
N LEU F 132 -3.27 30.63 27.34
CA LEU F 132 -3.64 29.82 26.18
C LEU F 132 -5.00 30.30 25.67
N THR F 133 -5.11 30.63 24.39
CA THR F 133 -6.36 31.12 23.77
C THR F 133 -6.72 30.24 22.59
N PHE F 134 -7.95 29.73 22.57
CA PHE F 134 -8.51 29.02 21.42
C PHE F 134 -9.57 29.88 20.74
N THR F 135 -9.30 30.25 19.49
CA THR F 135 -10.17 31.12 18.67
C THR F 135 -11.23 30.33 17.89
N GLY F 136 -11.15 29.00 17.89
CA GLY F 136 -12.00 28.11 17.08
C GLY F 136 -11.36 27.69 15.76
N ASP F 137 -10.44 28.51 15.23
CA ASP F 137 -9.75 28.28 13.97
C ASP F 137 -8.23 28.17 14.21
N GLY F 138 -7.65 27.02 13.89
CA GLY F 138 -6.20 26.80 13.95
C GLY F 138 -5.69 26.34 15.32
N PRO F 139 -4.37 26.47 15.57
CA PRO F 139 -3.75 26.04 16.81
C PRO F 139 -4.11 26.99 17.97
N TRP F 140 -3.94 26.50 19.19
CA TRP F 140 -3.98 27.35 20.38
C TRP F 140 -2.91 28.44 20.31
N GLU F 141 -3.31 29.68 20.54
CA GLU F 141 -2.41 30.81 20.67
C GLU F 141 -1.88 30.89 22.10
N VAL F 142 -0.60 31.21 22.26
CA VAL F 142 0.06 31.26 23.57
C VAL F 142 0.72 32.61 23.77
N LYS F 143 0.37 33.29 24.87
CA LYS F 143 1.11 34.45 25.39
C LYS F 143 1.77 34.08 26.71
N LYS F 144 3.10 34.13 26.79
CA LYS F 144 3.87 33.80 28.00
C LYS F 144 4.35 35.08 28.69
N ILE F 145 3.97 35.26 29.94
CA ILE F 145 4.50 36.28 30.85
C ILE F 145 5.71 35.68 31.54
N SER F 146 6.90 35.97 31.04
CA SER F 146 8.17 35.55 31.65
C SER F 146 8.42 36.31 32.95
N ASN F 147 8.99 35.63 33.96
CA ASN F 147 9.34 36.23 35.25
C ASN F 147 8.15 36.92 35.96
N ALA F 148 6.96 36.32 35.87
CA ALA F 148 5.77 36.79 36.57
C ALA F 148 6.00 36.80 38.10
N HIS F 149 6.58 35.72 38.62
CA HIS F 149 7.02 35.61 40.01
C HIS F 149 8.44 35.07 40.09
N THR F 150 9.23 35.58 41.04
CA THR F 150 10.57 35.04 41.29
C THR F 150 10.43 33.67 41.96
N ILE F 151 11.31 32.72 41.63
CA ILE F 151 11.29 31.31 42.08
C ILE F 151 10.14 30.48 41.48
N GLY F 152 8.90 30.96 41.47
CA GLY F 152 7.76 30.20 40.94
C GLY F 152 6.40 30.87 41.14
N CYS F 153 5.46 30.60 40.24
CA CYS F 153 4.05 30.95 40.38
C CYS F 153 3.26 29.72 40.86
N ASN F 154 2.51 29.88 41.95
CA ASN F 154 1.77 28.79 42.59
C ASN F 154 0.31 28.75 42.18
N ALA F 155 -0.32 29.92 41.98
CA ALA F 155 -1.76 30.01 41.75
C ALA F 155 -2.13 31.13 40.79
N VAL F 156 -3.20 30.91 40.02
CA VAL F 156 -3.83 31.91 39.13
C VAL F 156 -5.34 31.88 39.29
N SER F 157 -5.99 33.05 39.24
CA SER F 157 -7.45 33.15 39.30
C SER F 157 -7.95 34.35 38.50
N TRP F 158 -8.91 34.12 37.59
CA TRP F 158 -9.45 35.18 36.74
C TRP F 158 -10.41 36.11 37.46
N ALA F 159 -10.32 37.40 37.13
CA ALA F 159 -11.34 38.37 37.50
C ALA F 159 -12.63 38.13 36.69
N PRO F 160 -13.80 38.50 37.23
CA PRO F 160 -15.05 38.57 36.47
C PRO F 160 -14.92 39.47 35.24
N SER F 161 -15.67 39.16 34.17
CA SER F 161 -15.59 39.86 32.88
C SER F 161 -16.06 41.31 32.95
N VAL F 162 -17.04 41.57 33.82
CA VAL F 162 -17.66 42.87 34.04
C VAL F 162 -17.11 43.47 35.32
N ILE F 163 -16.66 44.73 35.24
CA ILE F 163 -16.21 45.46 36.42
C ILE F 163 -17.42 45.70 37.34
N PRO F 164 -17.28 45.44 38.66
CA PRO F 164 -18.20 45.92 39.68
C PRO F 164 -18.70 47.35 39.44
N GLY F 165 -20.01 47.58 39.58
CA GLY F 165 -20.63 48.90 39.39
C GLY F 165 -20.91 49.33 37.94
N SER F 166 -20.28 48.72 36.93
CA SER F 166 -20.49 49.14 35.53
C SER F 166 -21.92 48.96 35.02
N LEU F 167 -22.76 48.11 35.61
CA LEU F 167 -24.17 48.00 35.24
C LEU F 167 -25.07 49.09 35.86
N VAL F 168 -24.62 49.78 36.91
CA VAL F 168 -25.44 50.79 37.62
C VAL F 168 -25.28 52.17 36.99
N ASP F 169 -24.08 52.51 36.49
CA ASP F 169 -23.78 53.85 35.95
C ASP F 169 -23.88 53.98 34.42
N GLN F 170 -24.37 52.97 33.71
CA GLN F 170 -24.46 53.01 32.24
C GLN F 170 -25.83 53.50 31.76
N PRO F 171 -25.95 54.73 31.20
CA PRO F 171 -27.14 55.16 30.45
C PRO F 171 -27.28 54.33 29.16
N SER F 172 -28.08 53.27 29.25
CA SER F 172 -28.81 52.49 28.23
C SER F 172 -28.22 52.23 26.82
N SER F 173 -26.94 52.48 26.52
CA SER F 173 -26.44 52.29 25.14
C SER F 173 -24.94 52.01 24.97
N GLN F 174 -24.14 51.97 26.04
CA GLN F 174 -22.74 51.54 25.93
C GLN F 174 -22.58 50.09 26.41
N LYS F 175 -21.92 49.28 25.58
CA LYS F 175 -21.58 47.89 25.94
C LYS F 175 -20.67 47.92 27.18
N PRO F 176 -20.83 46.98 28.13
CA PRO F 176 -19.91 46.86 29.25
C PRO F 176 -18.47 46.77 28.73
N ASN F 177 -17.57 47.52 29.34
CA ASN F 177 -16.16 47.49 28.98
C ASN F 177 -15.54 46.24 29.61
N TYR F 178 -15.37 45.20 28.80
CA TYR F 178 -14.78 43.95 29.23
C TYR F 178 -13.26 44.10 29.37
N ILE F 179 -12.74 43.96 30.58
CA ILE F 179 -11.30 44.04 30.85
C ILE F 179 -10.80 42.69 31.31
N LYS F 180 -9.87 42.10 30.55
CA LYS F 180 -9.21 40.86 30.94
C LYS F 180 -8.23 41.14 32.07
N ARG F 181 -8.54 40.61 33.25
CA ARG F 181 -7.67 40.64 34.42
C ARG F 181 -7.65 39.28 35.09
N PHE F 182 -6.52 38.96 35.71
CA PHE F 182 -6.40 37.83 36.62
C PHE F 182 -5.41 38.18 37.72
N VAL F 183 -5.49 37.44 38.82
CA VAL F 183 -4.56 37.52 39.94
C VAL F 183 -3.67 36.28 39.96
N SER F 184 -2.42 36.44 40.38
CA SER F 184 -1.50 35.34 40.65
C SER F 184 -0.86 35.45 42.03
N GLY F 185 -0.49 34.31 42.59
CA GLY F 185 0.33 34.18 43.79
C GLY F 185 1.61 33.41 43.50
N GLY F 186 2.71 33.78 44.17
CA GLY F 186 4.00 33.14 43.92
C GLY F 186 4.91 32.97 45.14
N CYS F 187 6.06 32.36 44.87
CA CYS F 187 7.12 32.05 45.84
C CYS F 187 7.97 33.27 46.23
N ASP F 188 7.66 34.44 45.68
CA ASP F 188 8.23 35.74 46.06
C ASP F 188 7.38 36.49 47.10
N ASN F 189 6.40 35.80 47.69
CA ASN F 189 5.47 36.29 48.72
C ASN F 189 4.46 37.34 48.20
N LEU F 190 4.38 37.53 46.89
CA LEU F 190 3.55 38.54 46.27
C LEU F 190 2.24 37.96 45.77
N VAL F 191 1.21 38.79 45.85
CA VAL F 191 0.00 38.65 45.04
C VAL F 191 0.07 39.73 43.95
N LYS F 192 -0.08 39.35 42.68
CA LYS F 192 0.03 40.28 41.55
C LYS F 192 -1.24 40.25 40.70
N ILE F 193 -1.71 41.41 40.29
CA ILE F 193 -2.83 41.54 39.35
C ILE F 193 -2.26 41.87 37.99
N TRP F 194 -2.74 41.15 36.99
CA TRP F 194 -2.35 41.30 35.59
C TRP F 194 -3.52 41.83 34.80
N ARG F 195 -3.23 42.70 33.84
CA ARG F 195 -4.22 43.26 32.92
C ARG F 195 -3.71 43.14 31.48
N GLU F 196 -4.60 42.74 30.57
CA GLU F 196 -4.30 42.83 29.14
C GLU F 196 -4.55 44.26 28.66
N GLU F 197 -3.53 44.89 28.09
CA GLU F 197 -3.57 46.21 27.48
C GLU F 197 -2.85 46.14 26.13
N ASP F 198 -3.52 46.55 25.06
CA ASP F 198 -3.00 46.52 23.68
C ASP F 198 -2.43 45.14 23.27
N GLY F 199 -3.07 44.07 23.72
CA GLY F 199 -2.68 42.70 23.44
C GLY F 199 -1.44 42.21 24.20
N GLN F 200 -0.93 43.00 25.15
CA GLN F 200 0.17 42.61 26.03
C GLN F 200 -0.31 42.51 27.48
N TRP F 201 0.27 41.58 28.23
CA TRP F 201 -0.01 41.45 29.65
C TRP F 201 0.96 42.30 30.46
N LYS F 202 0.40 43.15 31.32
CA LYS F 202 1.17 44.02 32.22
C LYS F 202 0.81 43.72 33.67
N GLU F 203 1.80 43.82 34.54
CA GLU F 203 1.58 43.87 35.98
C GLU F 203 0.86 45.18 36.30
N ASP F 204 -0.41 45.09 36.67
CA ASP F 204 -1.28 46.23 36.99
C ASP F 204 -1.10 46.62 38.46
N GLN F 205 -1.07 45.64 39.37
CA GLN F 205 -0.90 45.85 40.81
C GLN F 205 0.00 44.80 41.45
N LYS F 206 0.70 45.23 42.50
CA LYS F 206 1.54 44.41 43.37
C LYS F 206 1.06 44.55 44.80
N LEU F 207 0.56 43.45 45.36
CA LEU F 207 -0.07 43.41 46.68
C LEU F 207 0.88 42.71 47.67
N GLU F 208 1.31 43.47 48.68
CA GLU F 208 2.36 43.06 49.62
C GLU F 208 1.80 43.00 51.05
N ALA F 209 1.60 41.77 51.56
CA ALA F 209 1.21 41.55 52.97
C ALA F 209 1.65 40.20 53.54
N HIS F 210 1.89 39.21 52.67
CA HIS F 210 2.42 37.90 53.07
C HIS F 210 3.93 37.97 53.31
N SER F 211 4.40 37.14 54.25
CA SER F 211 5.81 37.04 54.63
C SER F 211 6.49 35.74 54.16
N ASP F 212 5.75 34.89 53.46
CA ASP F 212 6.22 33.62 52.89
C ASP F 212 5.38 33.31 51.63
N TRP F 213 5.66 32.19 50.95
CA TRP F 213 5.08 31.85 49.65
C TRP F 213 3.56 31.94 49.66
N VAL F 214 3.01 32.67 48.69
CA VAL F 214 1.56 32.68 48.46
C VAL F 214 1.21 31.35 47.82
N ARG F 215 0.38 30.56 48.49
CA ARG F 215 -0.01 29.20 48.08
C ARG F 215 -1.19 29.21 47.13
N ASP F 216 -2.17 30.08 47.38
CA ASP F 216 -3.36 30.16 46.56
C ASP F 216 -3.93 31.58 46.52
N VAL F 217 -4.63 31.89 45.43
CA VAL F 217 -5.35 33.15 45.20
C VAL F 217 -6.70 32.86 44.56
N ALA F 218 -7.74 33.55 45.02
CA ALA F 218 -9.07 33.41 44.45
C ALA F 218 -9.73 34.77 44.28
N TRP F 219 -10.04 35.14 43.05
CA TRP F 219 -10.84 36.33 42.75
C TRP F 219 -12.32 36.02 42.97
N ALA F 220 -13.00 36.82 43.79
CA ALA F 220 -14.41 36.61 44.10
C ALA F 220 -15.29 36.91 42.87
N PRO F 221 -16.31 36.09 42.59
CA PRO F 221 -17.33 36.44 41.61
C PRO F 221 -18.02 37.77 41.94
N SER F 222 -18.16 38.66 40.95
CA SER F 222 -18.84 39.95 41.14
C SER F 222 -20.33 39.82 40.81
N ILE F 223 -21.15 39.42 41.79
CA ILE F 223 -22.62 39.45 41.63
C ILE F 223 -23.17 40.76 42.19
N GLY F 224 -23.27 41.79 41.34
CA GLY F 224 -23.98 43.03 41.67
C GLY F 224 -23.33 43.93 42.73
N LEU F 225 -22.15 43.58 43.24
CA LEU F 225 -21.38 44.43 44.14
C LEU F 225 -20.61 45.50 43.35
N PRO F 226 -20.37 46.70 43.93
CA PRO F 226 -19.51 47.73 43.36
C PRO F 226 -18.02 47.51 43.69
N THR F 227 -17.67 46.47 44.45
CA THR F 227 -16.31 46.19 44.90
C THR F 227 -15.72 44.94 44.24
N SER F 228 -14.41 44.97 43.99
CA SER F 228 -13.63 43.78 43.62
C SER F 228 -12.99 43.18 44.87
N THR F 229 -13.08 41.86 45.02
CA THR F 229 -12.54 41.16 46.18
C THR F 229 -11.64 40.01 45.74
N ILE F 230 -10.47 39.87 46.36
CA ILE F 230 -9.55 38.75 46.18
C ILE F 230 -9.27 38.13 47.56
N ALA F 231 -9.18 36.81 47.64
CA ALA F 231 -8.60 36.11 48.77
C ALA F 231 -7.21 35.61 48.40
N SER F 232 -6.29 35.62 49.36
CA SER F 232 -4.99 34.94 49.22
C SER F 232 -4.61 34.21 50.50
N CYS F 233 -3.92 33.10 50.37
CA CYS F 233 -3.37 32.36 51.50
C CYS F 233 -1.91 31.98 51.29
N SER F 234 -1.18 31.73 52.38
CA SER F 234 0.26 31.58 52.33
C SER F 234 0.78 30.51 53.29
N GLN F 235 2.01 30.09 53.02
CA GLN F 235 2.86 29.31 53.91
C GLN F 235 3.06 29.97 55.28
N ASP F 236 2.90 31.30 55.39
CA ASP F 236 3.00 32.04 56.66
C ASP F 236 1.79 31.85 57.59
N GLY F 237 0.80 31.04 57.17
CA GLY F 237 -0.42 30.74 57.91
C GLY F 237 -1.48 31.84 57.86
N ARG F 238 -1.25 32.93 57.12
CA ARG F 238 -2.21 34.04 57.02
C ARG F 238 -3.12 33.88 55.82
N VAL F 239 -4.35 34.35 55.98
CA VAL F 239 -5.30 34.59 54.89
C VAL F 239 -5.64 36.06 54.85
N TYR F 240 -5.49 36.70 53.70
CA TYR F 240 -5.88 38.08 53.47
C TYR F 240 -7.06 38.16 52.51
N ILE F 241 -7.95 39.12 52.79
CA ILE F 241 -8.96 39.60 51.85
C ILE F 241 -8.50 40.95 51.35
N TRP F 242 -8.44 41.09 50.04
CA TRP F 242 -8.08 42.33 49.35
C TRP F 242 -9.34 42.89 48.73
N THR F 243 -9.61 44.17 48.99
CA THR F 243 -10.79 44.87 48.44
C THR F 243 -10.39 46.10 47.66
N SER F 244 -11.11 46.36 46.57
CA SER F 244 -10.98 47.59 45.79
C SER F 244 -12.37 48.10 45.44
N ASP F 245 -12.69 49.30 45.93
CA ASP F 245 -14.01 49.94 45.75
C ASP F 245 -14.12 50.68 44.41
N ASP F 246 -12.99 51.02 43.78
CA ASP F 246 -12.94 51.75 42.53
C ASP F 246 -11.89 51.15 41.60
N ALA F 247 -12.36 50.57 40.50
CA ALA F 247 -11.51 50.03 39.45
C ALA F 247 -10.61 51.08 38.77
N ALA F 248 -10.91 52.37 38.89
CA ALA F 248 -10.07 53.45 38.38
C ALA F 248 -8.93 53.81 39.34
N THR F 249 -9.15 53.76 40.66
CA THR F 249 -8.11 54.12 41.65
C THR F 249 -7.00 53.09 41.74
N ASN F 250 -7.26 51.85 41.28
CA ASN F 250 -6.33 50.73 41.39
C ASN F 250 -5.86 50.50 42.85
N CYS F 251 -6.59 51.03 43.83
CA CYS F 251 -6.25 50.94 45.24
C CYS F 251 -6.81 49.66 45.84
N TRP F 252 -5.92 48.83 46.38
CA TRP F 252 -6.26 47.57 47.03
C TRP F 252 -5.91 47.64 48.51
N THR F 253 -6.89 47.34 49.35
CA THR F 253 -6.73 47.35 50.81
C THR F 253 -6.69 45.92 51.35
N PRO F 254 -5.61 45.50 52.03
CA PRO F 254 -5.58 44.21 52.71
C PRO F 254 -6.33 44.25 54.04
N LYS F 255 -7.12 43.22 54.29
CA LYS F 255 -7.68 42.89 55.60
C LYS F 255 -7.26 41.48 55.97
N LEU F 256 -6.55 41.34 57.10
CA LEU F 256 -6.24 40.02 57.64
C LEU F 256 -7.56 39.34 58.05
N LEU F 257 -7.88 38.22 57.42
CA LEU F 257 -9.06 37.41 57.77
C LEU F 257 -8.75 36.55 59.00
N HIS F 258 -7.65 35.80 58.94
CA HIS F 258 -7.19 34.99 60.06
C HIS F 258 -5.72 34.59 59.93
N LYS F 259 -5.12 34.25 61.07
CA LYS F 259 -3.81 33.60 61.15
C LYS F 259 -3.99 32.20 61.74
N PHE F 260 -3.80 31.19 60.90
CA PHE F 260 -3.76 29.78 61.27
C PHE F 260 -2.41 29.43 61.89
N ASN F 261 -2.36 28.30 62.60
CA ASN F 261 -1.14 27.80 63.25
C ASN F 261 -0.26 26.96 62.32
N ASP F 262 -0.69 26.75 61.08
CA ASP F 262 0.00 25.97 60.06
C ASP F 262 -0.20 26.60 58.68
N VAL F 263 0.48 26.08 57.67
CA VAL F 263 0.32 26.49 56.26
C VAL F 263 -1.15 26.45 55.84
N VAL F 264 -1.54 27.43 55.03
CA VAL F 264 -2.84 27.42 54.35
C VAL F 264 -2.61 27.15 52.87
N TRP F 265 -3.21 26.07 52.36
CA TRP F 265 -2.96 25.57 51.02
C TRP F 265 -3.90 26.14 49.97
N HIS F 266 -5.18 26.29 50.29
CA HIS F 266 -6.19 26.68 49.31
C HIS F 266 -7.22 27.65 49.87
N VAL F 267 -7.70 28.54 48.99
CA VAL F 267 -8.83 29.44 49.21
C VAL F 267 -9.81 29.34 48.05
N SER F 268 -11.10 29.18 48.34
CA SER F 268 -12.12 29.05 47.28
C SER F 268 -13.41 29.79 47.65
N TRP F 269 -13.86 30.64 46.74
CA TRP F 269 -15.10 31.37 46.87
C TRP F 269 -16.29 30.49 46.49
N SER F 270 -17.36 30.57 47.27
CA SER F 270 -18.69 30.18 46.79
C SER F 270 -19.06 30.94 45.50
N ILE F 271 -19.90 30.34 44.65
CA ILE F 271 -20.36 30.98 43.41
C ILE F 271 -21.07 32.31 43.66
N THR F 272 -21.70 32.48 44.82
CA THR F 272 -22.37 33.70 45.27
C THR F 272 -21.46 34.71 45.97
N ALA F 273 -20.15 34.44 46.03
CA ALA F 273 -19.13 35.29 46.66
C ALA F 273 -19.41 35.70 48.11
N ASN F 274 -20.20 34.90 48.85
CA ASN F 274 -20.61 35.21 50.23
C ASN F 274 -19.96 34.31 51.28
N ILE F 275 -19.37 33.19 50.86
CA ILE F 275 -18.64 32.26 51.70
C ILE F 275 -17.27 32.01 51.06
N LEU F 276 -16.23 32.01 51.89
CA LEU F 276 -14.88 31.59 51.55
C LEU F 276 -14.57 30.29 52.27
N ALA F 277 -14.19 29.25 51.52
CA ALA F 277 -13.59 28.04 52.06
C ALA F 277 -12.07 28.22 52.17
N VAL F 278 -11.50 27.80 53.29
CA VAL F 278 -10.06 27.86 53.57
C VAL F 278 -9.58 26.49 54.03
N SER F 279 -8.58 25.94 53.35
CA SER F 279 -8.02 24.61 53.63
C SER F 279 -6.60 24.72 54.16
N GLY F 280 -6.37 24.23 55.38
CA GLY F 280 -5.08 24.29 56.09
C GLY F 280 -4.29 22.97 56.07
N GLY F 281 -3.02 23.04 56.51
CA GLY F 281 -2.15 21.89 56.77
C GLY F 281 -2.57 21.03 57.96
N ASP F 282 -3.48 21.56 58.79
CA ASP F 282 -4.11 20.86 59.91
C ASP F 282 -5.22 19.88 59.49
N ASN F 283 -5.34 19.60 58.20
CA ASN F 283 -6.36 18.72 57.58
C ASN F 283 -7.80 19.20 57.77
N LYS F 284 -8.00 20.48 58.10
CA LYS F 284 -9.33 21.08 58.27
C LYS F 284 -9.70 21.97 57.10
N VAL F 285 -11.00 22.01 56.82
CA VAL F 285 -11.61 23.01 55.95
C VAL F 285 -12.51 23.87 56.80
N THR F 286 -12.22 25.16 56.82
CA THR F 286 -13.00 26.17 57.54
C THR F 286 -13.79 27.03 56.54
N LEU F 287 -15.02 27.38 56.91
CA LEU F 287 -15.87 28.26 56.09
C LEU F 287 -16.00 29.61 56.78
N TRP F 288 -15.77 30.67 56.02
CA TRP F 288 -15.77 32.04 56.49
C TRP F 288 -16.82 32.85 55.77
N LYS F 289 -17.49 33.74 56.50
CA LYS F 289 -18.49 34.64 55.95
C LYS F 289 -18.29 36.05 56.51
N GLU F 290 -18.45 37.04 55.63
CA GLU F 290 -18.48 38.44 56.02
C GLU F 290 -19.83 38.80 56.64
N SER F 291 -19.76 39.47 57.78
CA SER F 291 -20.90 40.05 58.51
C SER F 291 -21.21 41.44 57.97
N VAL F 292 -22.39 41.97 58.32
CA VAL F 292 -22.87 43.28 57.81
C VAL F 292 -21.96 44.45 58.23
N ASP F 293 -21.21 44.30 59.33
CA ASP F 293 -20.19 45.24 59.80
C ASP F 293 -18.82 45.06 59.10
N GLY F 294 -18.75 44.22 58.07
CA GLY F 294 -17.54 43.87 57.33
C GLY F 294 -16.63 42.89 58.07
N GLN F 295 -17.00 42.35 59.23
CA GLN F 295 -16.15 41.40 59.97
C GLN F 295 -16.30 39.97 59.45
N TRP F 296 -15.19 39.26 59.34
CA TRP F 296 -15.19 37.86 58.90
C TRP F 296 -15.31 36.93 60.10
N ALA F 297 -16.27 36.01 60.04
CA ALA F 297 -16.49 35.00 61.07
C ALA F 297 -16.42 33.60 60.47
N CYS F 298 -15.80 32.67 61.20
CA CYS F 298 -15.82 31.25 60.88
C CYS F 298 -17.20 30.67 61.22
N ILE F 299 -17.92 30.18 60.21
CA ILE F 299 -19.29 29.65 60.34
C ILE F 299 -19.37 28.13 60.36
N SER F 300 -18.27 27.44 60.02
CA SER F 300 -18.15 26.00 60.09
C SER F 300 -16.67 25.59 60.15
N ASP F 301 -16.34 24.74 61.12
CA ASP F 301 -15.08 23.99 61.17
C ASP F 301 -15.45 22.52 60.89
N VAL F 302 -15.31 22.09 59.63
CA VAL F 302 -15.63 20.71 59.25
C VAL F 302 -14.45 19.85 59.70
N ASN F 303 -14.56 19.27 60.89
CA ASN F 303 -13.67 18.17 61.26
C ASN F 303 -13.89 17.03 60.27
N LYS F 304 -12.80 16.58 59.59
CA LYS F 304 -12.77 15.26 58.97
C LYS F 304 -12.93 14.22 60.08
N GLY F 305 -14.18 13.91 60.40
CA GLY F 305 -14.54 12.70 61.12
C GLY F 305 -14.56 11.56 60.12
N GLN F 306 -13.55 10.69 60.24
CA GLN F 306 -13.40 9.36 59.61
C GLN F 306 -12.95 9.32 58.15
N MET G 1 42.55 6.45 -38.71
CA MET G 1 43.17 5.17 -38.32
C MET G 1 43.67 4.54 -39.61
N VAL G 2 44.98 4.36 -39.74
CA VAL G 2 45.56 3.59 -40.86
C VAL G 2 45.48 2.12 -40.47
N SER G 3 44.94 1.28 -41.35
CA SER G 3 44.87 -0.18 -41.14
C SER G 3 45.61 -0.88 -42.27
N VAL G 4 46.32 -1.95 -41.95
CA VAL G 4 46.93 -2.83 -42.96
C VAL G 4 45.80 -3.51 -43.74
N ILE G 5 45.79 -3.32 -45.06
CA ILE G 5 44.76 -3.89 -45.95
C ILE G 5 45.23 -5.25 -46.50
N ASN G 6 46.52 -5.37 -46.81
CA ASN G 6 47.10 -6.60 -47.35
C ASN G 6 48.59 -6.70 -46.99
N THR G 7 49.11 -7.92 -46.87
CA THR G 7 50.53 -8.22 -46.65
C THR G 7 51.02 -9.06 -47.82
N VAL G 8 52.01 -8.56 -48.57
CA VAL G 8 52.57 -9.25 -49.73
C VAL G 8 53.86 -9.96 -49.37
N ASP G 9 53.86 -11.28 -49.50
CA ASP G 9 55.09 -12.07 -49.56
C ASP G 9 55.64 -11.95 -50.98
N THR G 10 56.76 -11.25 -51.09
CA THR G 10 57.40 -10.97 -52.38
C THR G 10 58.29 -12.12 -52.85
N SER G 11 58.61 -13.09 -51.98
CA SER G 11 59.54 -14.19 -52.27
C SER G 11 60.89 -13.72 -52.87
N HIS G 12 61.30 -12.50 -52.55
CA HIS G 12 62.65 -12.02 -52.86
C HIS G 12 63.66 -12.75 -51.96
N GLU G 13 64.83 -13.04 -52.50
CA GLU G 13 65.88 -13.80 -51.80
C GLU G 13 66.84 -12.88 -51.01
N ASP G 14 66.67 -11.57 -51.14
CA ASP G 14 67.47 -10.54 -50.48
C ASP G 14 66.65 -9.24 -50.29
N MET G 15 67.25 -8.23 -49.67
CA MET G 15 66.63 -6.96 -49.31
C MET G 15 65.88 -6.30 -50.46
N ILE G 16 64.63 -5.90 -50.19
CA ILE G 16 63.78 -5.14 -51.10
C ILE G 16 64.13 -3.66 -50.97
N HIS G 17 64.35 -2.99 -52.10
CA HIS G 17 64.73 -1.57 -52.12
C HIS G 17 63.57 -0.66 -52.50
N ASP G 18 62.66 -1.12 -53.35
CA ASP G 18 61.50 -0.32 -53.77
C ASP G 18 60.29 -1.21 -54.04
N ALA G 19 59.11 -0.60 -53.90
CA ALA G 19 57.81 -1.20 -54.09
C ALA G 19 56.84 -0.16 -54.64
N GLN G 20 56.38 -0.33 -55.88
CA GLN G 20 55.52 0.62 -56.58
C GLN G 20 54.24 -0.03 -57.09
N MET G 21 53.12 0.57 -56.73
CA MET G 21 51.83 0.24 -57.33
C MET G 21 51.74 0.84 -58.73
N ASP G 22 51.06 0.16 -59.64
CA ASP G 22 50.70 0.73 -60.93
C ASP G 22 49.64 1.84 -60.77
N TYR G 23 49.35 2.55 -61.86
CA TYR G 23 48.41 3.67 -61.87
C TYR G 23 47.03 3.33 -61.29
N TYR G 24 46.55 2.10 -61.50
CA TYR G 24 45.22 1.66 -61.04
C TYR G 24 45.23 1.00 -59.65
N GLY G 25 46.41 0.78 -59.06
CA GLY G 25 46.53 0.11 -57.77
C GLY G 25 46.16 -1.37 -57.80
N ILE G 26 46.30 -2.03 -58.95
CA ILE G 26 45.97 -3.45 -59.14
C ILE G 26 47.21 -4.32 -59.36
N ARG G 27 48.37 -3.70 -59.60
CA ARG G 27 49.66 -4.37 -59.74
C ARG G 27 50.69 -3.74 -58.83
N LEU G 28 51.53 -4.58 -58.25
CA LEU G 28 52.67 -4.19 -57.42
C LEU G 28 53.94 -4.66 -58.11
N ALA G 29 54.87 -3.75 -58.37
CA ALA G 29 56.25 -4.09 -58.72
C ALA G 29 57.15 -3.94 -57.49
N THR G 30 58.04 -4.90 -57.26
CA THR G 30 59.07 -4.82 -56.22
C THR G 30 60.44 -5.13 -56.81
N CYS G 31 61.50 -4.54 -56.26
CA CYS G 31 62.86 -4.80 -56.70
C CYS G 31 63.83 -5.00 -55.53
N SER G 32 64.90 -5.77 -55.75
CA SER G 32 65.72 -6.31 -54.65
C SER G 32 67.21 -6.39 -54.97
N SER G 33 68.01 -6.53 -53.92
CA SER G 33 69.42 -6.97 -53.96
C SER G 33 69.63 -8.31 -54.67
N ASP G 34 68.59 -9.15 -54.78
CA ASP G 34 68.62 -10.40 -55.53
C ASP G 34 68.66 -10.22 -57.06
N ARG G 35 68.74 -8.96 -57.52
CA ARG G 35 68.89 -8.53 -58.93
C ARG G 35 67.64 -8.72 -59.77
N SER G 36 66.51 -9.05 -59.16
CA SER G 36 65.24 -9.25 -59.85
C SER G 36 64.25 -8.11 -59.60
N VAL G 37 63.31 -7.97 -60.54
CA VAL G 37 62.08 -7.22 -60.35
C VAL G 37 60.92 -8.21 -60.40
N LYS G 38 60.06 -8.20 -59.40
CA LYS G 38 58.88 -9.06 -59.36
C LYS G 38 57.62 -8.24 -59.52
N ILE G 39 56.67 -8.76 -60.29
CA ILE G 39 55.37 -8.11 -60.50
C ILE G 39 54.26 -9.02 -60.00
N PHE G 40 53.37 -8.46 -59.20
CA PHE G 40 52.23 -9.14 -58.61
C PHE G 40 50.93 -8.48 -59.07
N ASP G 41 49.95 -9.29 -59.43
CA ASP G 41 48.56 -8.87 -59.45
C ASP G 41 48.05 -8.84 -58.00
N VAL G 42 47.55 -7.70 -57.53
CA VAL G 42 47.04 -7.49 -56.17
C VAL G 42 45.56 -7.15 -56.25
N LYS G 43 44.69 -8.12 -55.92
CA LYS G 43 43.23 -7.96 -56.00
C LYS G 43 42.56 -8.65 -54.82
N ASN G 44 41.58 -7.98 -54.20
CA ASN G 44 40.72 -8.54 -53.15
C ASN G 44 41.48 -9.25 -52.00
N GLY G 45 42.63 -8.71 -51.59
CA GLY G 45 43.47 -9.28 -50.52
C GLY G 45 44.32 -10.48 -50.93
N GLY G 46 44.26 -10.93 -52.19
CA GLY G 46 45.19 -11.90 -52.75
C GLY G 46 46.35 -11.23 -53.47
N GLN G 47 47.46 -11.96 -53.60
CA GLN G 47 48.52 -11.65 -54.57
C GLN G 47 48.81 -12.86 -55.45
N ILE G 48 49.14 -12.60 -56.72
CA ILE G 48 49.62 -13.61 -57.65
C ILE G 48 50.88 -13.05 -58.31
N LEU G 49 52.01 -13.75 -58.17
CA LEU G 49 53.23 -13.42 -58.91
C LEU G 49 52.97 -13.68 -60.40
N ILE G 50 53.04 -12.64 -61.22
CA ILE G 50 52.82 -12.71 -62.67
C ILE G 50 54.11 -12.56 -63.49
N ALA G 51 55.17 -12.00 -62.91
CA ALA G 51 56.47 -11.92 -63.58
C ALA G 51 57.64 -11.91 -62.59
N ASP G 52 58.73 -12.59 -62.97
CA ASP G 52 60.07 -12.50 -62.38
C ASP G 52 61.02 -12.01 -63.47
N LEU G 53 61.31 -10.71 -63.46
CA LEU G 53 62.09 -10.02 -64.47
C LEU G 53 63.56 -10.07 -64.09
N ARG G 54 64.37 -10.68 -64.95
CA ARG G 54 65.82 -10.82 -64.76
C ARG G 54 66.58 -10.21 -65.93
N GLY G 55 67.60 -9.43 -65.62
CA GLY G 55 68.41 -8.70 -66.60
C GLY G 55 69.45 -7.78 -65.99
N HIS G 56 69.29 -7.45 -64.70
CA HIS G 56 70.30 -6.75 -63.92
C HIS G 56 71.37 -7.70 -63.37
N ASP G 57 72.60 -7.22 -63.28
CA ASP G 57 73.77 -7.93 -62.75
C ASP G 57 74.10 -7.53 -61.30
N GLY G 58 73.32 -6.63 -60.70
CA GLY G 58 73.48 -6.14 -59.34
C GLY G 58 72.14 -5.74 -58.69
N PRO G 59 72.17 -5.28 -57.43
CA PRO G 59 70.97 -4.82 -56.72
C PRO G 59 70.15 -3.83 -57.54
N VAL G 60 68.84 -4.05 -57.62
CA VAL G 60 67.92 -3.13 -58.29
C VAL G 60 67.38 -2.15 -57.25
N TRP G 61 67.62 -0.86 -57.47
CA TRP G 61 67.35 0.18 -56.47
C TRP G 61 65.93 0.72 -56.56
N GLN G 62 65.44 0.97 -57.76
CA GLN G 62 64.13 1.58 -57.95
C GLN G 62 63.42 1.00 -59.16
N VAL G 63 62.09 0.98 -59.09
CA VAL G 63 61.19 0.70 -60.21
C VAL G 63 60.24 1.87 -60.42
N ALA G 64 59.79 2.10 -61.65
CA ALA G 64 58.81 3.15 -61.94
C ALA G 64 57.87 2.71 -63.05
N TRP G 65 56.56 2.79 -62.80
CA TRP G 65 55.54 2.52 -63.80
C TRP G 65 55.35 3.72 -64.73
N ALA G 66 55.31 3.47 -66.04
CA ALA G 66 54.89 4.49 -66.99
C ALA G 66 53.37 4.68 -66.95
N HIS G 67 52.88 5.78 -67.52
CA HIS G 67 51.43 6.03 -67.61
C HIS G 67 50.73 4.98 -68.50
N PRO G 68 49.56 4.44 -68.09
CA PRO G 68 48.90 3.31 -68.76
C PRO G 68 48.45 3.59 -70.20
N MET G 69 48.38 4.86 -70.62
CA MET G 69 48.10 5.19 -72.03
C MET G 69 49.15 4.65 -73.00
N TYR G 70 50.36 4.36 -72.52
CA TYR G 70 51.45 3.77 -73.30
C TYR G 70 51.55 2.24 -73.11
N GLY G 71 50.57 1.63 -72.44
CA GLY G 71 50.56 0.23 -72.06
C GLY G 71 51.23 -0.03 -70.71
N ASN G 72 51.49 -1.30 -70.44
CA ASN G 72 52.13 -1.75 -69.21
C ASN G 72 53.64 -1.72 -69.38
N ILE G 73 54.24 -0.57 -69.04
CA ILE G 73 55.68 -0.35 -69.10
C ILE G 73 56.21 -0.07 -67.70
N LEU G 74 57.34 -0.70 -67.38
CA LEU G 74 58.06 -0.52 -66.12
C LEU G 74 59.52 -0.19 -66.41
N ALA G 75 60.07 0.84 -65.77
CA ALA G 75 61.50 1.08 -65.73
C ALA G 75 62.10 0.48 -64.45
N SER G 76 63.33 -0.02 -64.52
CA SER G 76 64.13 -0.38 -63.36
C SER G 76 65.55 0.17 -63.48
N CYS G 77 66.15 0.56 -62.35
CA CYS G 77 67.55 0.99 -62.30
C CYS G 77 68.33 0.26 -61.21
N SER G 78 69.64 0.12 -61.41
CA SER G 78 70.45 -0.78 -60.60
C SER G 78 71.87 -0.27 -60.37
N TYR G 79 72.49 -0.84 -59.34
CA TYR G 79 73.91 -0.75 -59.05
C TYR G 79 74.80 -1.14 -60.25
N ASP G 80 74.31 -2.00 -61.13
CA ASP G 80 75.00 -2.45 -62.33
C ASP G 80 75.12 -1.40 -63.45
N ARG G 81 74.70 -0.15 -63.16
CA ARG G 81 74.76 1.03 -64.06
C ARG G 81 73.72 1.02 -65.17
N LYS G 82 72.82 0.04 -65.19
CA LYS G 82 71.80 -0.10 -66.22
C LYS G 82 70.49 0.55 -65.80
N VAL G 83 69.78 1.05 -66.81
CA VAL G 83 68.34 1.27 -66.75
C VAL G 83 67.69 0.33 -67.75
N ILE G 84 66.73 -0.47 -67.31
CA ILE G 84 66.01 -1.42 -68.16
C ILE G 84 64.55 -0.98 -68.27
N ILE G 85 64.04 -0.99 -69.50
CA ILE G 85 62.61 -0.77 -69.79
C ILE G 85 61.97 -2.11 -70.12
N TRP G 86 61.05 -2.51 -69.27
CA TRP G 86 60.23 -3.71 -69.40
C TRP G 86 58.87 -3.35 -69.95
N LYS G 87 58.33 -4.19 -70.82
CA LYS G 87 56.98 -4.03 -71.34
C LYS G 87 56.25 -5.36 -71.31
N GLU G 88 54.98 -5.33 -70.96
CA GLU G 88 54.10 -6.48 -71.14
C GLU G 88 53.43 -6.40 -72.51
N GLU G 89 53.59 -7.44 -73.32
CA GLU G 89 52.83 -7.66 -74.53
C GLU G 89 52.19 -9.04 -74.49
N ASN G 90 50.88 -9.12 -74.74
CA ASN G 90 50.12 -10.39 -74.73
C ASN G 90 50.32 -11.23 -73.45
N GLY G 91 50.43 -10.56 -72.29
CA GLY G 91 50.62 -11.21 -70.99
C GLY G 91 52.04 -11.72 -70.71
N THR G 92 53.00 -11.43 -71.59
CA THR G 92 54.41 -11.77 -71.38
C THR G 92 55.22 -10.50 -71.22
N TRP G 93 56.10 -10.48 -70.21
CA TRP G 93 57.00 -9.37 -69.98
C TRP G 93 58.33 -9.58 -70.68
N GLU G 94 58.81 -8.57 -71.38
CA GLU G 94 60.10 -8.58 -72.06
C GLU G 94 60.91 -7.32 -71.80
N LYS G 95 62.23 -7.45 -71.96
CA LYS G 95 63.17 -6.33 -71.97
C LYS G 95 63.14 -5.66 -73.34
N THR G 96 62.52 -4.48 -73.42
CA THR G 96 62.39 -3.72 -74.67
C THR G 96 63.54 -2.76 -74.91
N TYR G 97 64.18 -2.27 -73.85
CA TYR G 97 65.33 -1.39 -73.95
C TYR G 97 66.26 -1.53 -72.74
N GLU G 98 67.56 -1.34 -72.97
CA GLU G 98 68.60 -1.32 -71.95
C GLU G 98 69.52 -0.13 -72.22
N TYR G 99 69.60 0.78 -71.25
CA TYR G 99 70.49 1.92 -71.29
C TYR G 99 71.66 1.70 -70.34
N THR G 100 72.89 1.79 -70.88
CA THR G 100 74.15 1.58 -70.15
C THR G 100 75.08 2.79 -70.25
N GLY G 101 74.52 4.00 -70.38
CA GLY G 101 75.29 5.23 -70.57
C GLY G 101 75.80 5.90 -69.29
N HIS G 102 75.61 5.26 -68.13
CA HIS G 102 76.14 5.74 -66.84
C HIS G 102 77.40 4.97 -66.43
N ASP G 103 78.32 5.67 -65.77
CA ASP G 103 79.62 5.12 -65.36
C ASP G 103 79.59 4.54 -63.94
N SER G 104 78.49 4.75 -63.22
CA SER G 104 78.27 4.29 -61.85
C SER G 104 76.79 3.93 -61.60
N SER G 105 76.48 3.45 -60.40
CA SER G 105 75.14 3.04 -59.96
C SER G 105 74.06 4.02 -60.38
N VAL G 106 72.96 3.56 -60.98
CA VAL G 106 71.79 4.39 -61.27
C VAL G 106 70.81 4.23 -60.11
N ASN G 107 70.67 5.28 -59.32
CA ASN G 107 70.02 5.22 -58.01
C ASN G 107 68.52 5.50 -58.09
N SER G 108 68.09 6.26 -59.10
CA SER G 108 66.69 6.66 -59.21
C SER G 108 66.22 6.79 -60.65
N VAL G 109 64.95 6.44 -60.87
CA VAL G 109 64.24 6.60 -62.13
C VAL G 109 62.85 7.19 -61.89
N CYS G 110 62.42 8.12 -62.74
CA CYS G 110 61.09 8.71 -62.67
C CYS G 110 60.55 9.03 -64.07
N TRP G 111 59.36 8.55 -64.38
CA TRP G 111 58.67 8.86 -65.64
C TRP G 111 58.10 10.27 -65.60
N ALA G 112 58.23 10.98 -66.71
CA ALA G 112 57.61 12.28 -66.89
C ALA G 112 56.08 12.16 -67.00
N PRO G 113 55.35 13.26 -66.75
CA PRO G 113 53.94 13.35 -67.10
C PRO G 113 53.67 12.92 -68.54
N HIS G 114 52.58 12.20 -68.73
CA HIS G 114 52.25 11.58 -70.01
C HIS G 114 52.01 12.57 -71.14
N ASP G 115 51.66 13.83 -70.83
CA ASP G 115 51.56 14.95 -71.78
C ASP G 115 52.86 15.15 -72.58
N PHE G 116 54.01 14.74 -72.03
CA PHE G 116 55.33 14.87 -72.67
C PHE G 116 55.75 13.66 -73.49
N GLY G 117 54.94 12.60 -73.55
CA GLY G 117 55.34 11.33 -74.17
C GLY G 117 55.92 10.32 -73.18
N LEU G 118 56.62 9.32 -73.71
CA LEU G 118 57.44 8.38 -72.93
C LEU G 118 58.81 8.99 -72.69
N VAL G 119 58.94 9.71 -71.57
CA VAL G 119 60.20 10.33 -71.13
C VAL G 119 60.55 9.84 -69.73
N LEU G 120 61.79 9.39 -69.54
CA LEU G 120 62.29 8.89 -68.26
C LEU G 120 63.51 9.69 -67.82
N ALA G 121 63.52 10.16 -66.57
CA ALA G 121 64.71 10.72 -65.94
C ALA G 121 65.42 9.64 -65.10
N CYS G 122 66.75 9.64 -65.15
CA CYS G 122 67.60 8.67 -64.46
C CYS G 122 68.74 9.40 -63.71
N GLY G 123 68.79 9.30 -62.38
CA GLY G 123 69.85 9.87 -61.55
C GLY G 123 70.92 8.84 -61.19
N SER G 124 72.20 9.17 -61.38
CA SER G 124 73.31 8.23 -61.15
C SER G 124 74.38 8.78 -60.20
N SER G 125 75.04 7.85 -59.52
CA SER G 125 76.26 8.06 -58.71
C SER G 125 77.47 8.53 -59.54
N ASP G 126 77.38 8.60 -60.88
CA ASP G 126 78.39 9.27 -61.71
C ASP G 126 78.23 10.81 -61.69
N GLY G 127 77.25 11.32 -60.95
CA GLY G 127 76.93 12.74 -60.83
C GLY G 127 76.09 13.28 -61.98
N ALA G 128 75.75 12.45 -62.98
CA ALA G 128 74.95 12.85 -64.12
C ALA G 128 73.48 12.44 -63.96
N ILE G 129 72.64 13.13 -64.74
CA ILE G 129 71.23 12.77 -64.95
C ILE G 129 71.04 12.51 -66.44
N SER G 130 70.48 11.36 -66.81
CA SER G 130 70.11 11.06 -68.20
C SER G 130 68.61 11.19 -68.38
N ILE G 131 68.18 11.81 -69.48
CA ILE G 131 66.78 11.88 -69.90
C ILE G 131 66.63 11.02 -71.16
N LEU G 132 65.88 9.92 -71.03
CA LEU G 132 65.60 8.98 -72.10
C LEU G 132 64.23 9.32 -72.68
N THR G 133 64.14 9.51 -74.00
CA THR G 133 62.89 9.84 -74.69
C THR G 133 62.61 8.82 -75.78
N PHE G 134 61.41 8.25 -75.77
CA PHE G 134 60.93 7.38 -76.85
C PHE G 134 59.84 8.10 -77.64
N THR G 135 60.12 8.36 -78.92
CA THR G 135 59.24 9.06 -79.84
C THR G 135 58.25 8.14 -80.56
N GLY G 136 58.40 6.82 -80.42
CA GLY G 136 57.62 5.80 -81.15
C GLY G 136 58.33 5.28 -82.40
N ASP G 137 59.21 6.09 -82.99
CA ASP G 137 59.96 5.76 -84.21
C ASP G 137 61.47 5.77 -83.91
N GLY G 138 62.12 4.63 -84.10
CA GLY G 138 63.58 4.51 -83.98
C GLY G 138 64.08 4.23 -82.56
N PRO G 139 65.38 4.47 -82.29
CA PRO G 139 65.98 4.22 -80.99
C PRO G 139 65.54 5.25 -79.96
N TRP G 140 65.70 4.91 -78.68
CA TRP G 140 65.57 5.88 -77.61
C TRP G 140 66.58 7.02 -77.77
N GLU G 141 66.10 8.25 -77.68
CA GLU G 141 66.94 9.45 -77.65
C GLU G 141 67.42 9.70 -76.22
N VAL G 142 68.68 10.12 -76.07
CA VAL G 142 69.30 10.35 -74.76
C VAL G 142 69.87 11.75 -74.68
N LYS G 143 69.45 12.52 -73.68
CA LYS G 143 70.10 13.77 -73.27
C LYS G 143 70.74 13.59 -71.90
N LYS G 144 72.07 13.73 -71.80
CA LYS G 144 72.81 13.57 -70.55
C LYS G 144 73.21 14.94 -70.00
N ILE G 145 72.79 15.23 -68.77
CA ILE G 145 73.22 16.38 -67.97
C ILE G 145 74.45 15.92 -67.19
N SER G 146 75.63 16.23 -67.69
CA SER G 146 76.90 15.95 -67.01
C SER G 146 77.08 16.86 -65.80
N ASN G 147 77.64 16.33 -64.70
CA ASN G 147 77.92 17.09 -63.47
C ASN G 147 76.67 17.77 -62.88
N ALA G 148 75.52 17.10 -62.93
CA ALA G 148 74.29 17.58 -62.31
C ALA G 148 74.46 17.76 -60.79
N HIS G 149 75.10 16.78 -60.14
CA HIS G 149 75.50 16.85 -58.74
C HIS G 149 76.95 16.41 -58.56
N THR G 150 77.67 17.07 -57.66
CA THR G 150 79.04 16.64 -57.32
C THR G 150 78.96 15.34 -56.50
N ILE G 151 79.90 14.41 -56.71
CA ILE G 151 79.94 13.06 -56.11
C ILE G 151 78.86 12.10 -56.64
N GLY G 152 77.59 12.50 -56.72
CA GLY G 152 76.52 11.62 -57.20
C GLY G 152 75.13 12.23 -57.10
N CYS G 153 74.22 11.81 -57.99
CA CYS G 153 72.80 12.09 -57.93
C CYS G 153 72.05 10.88 -57.34
N ASN G 154 71.27 11.10 -56.28
CA ASN G 154 70.57 10.04 -55.54
C ASN G 154 69.13 9.87 -55.98
N ALA G 155 68.44 10.97 -56.32
CA ALA G 155 67.01 10.95 -56.59
C ALA G 155 66.60 11.94 -57.69
N VAL G 156 65.57 11.57 -58.45
CA VAL G 156 64.92 12.43 -59.46
C VAL G 156 63.40 12.33 -59.34
N SER G 157 62.69 13.44 -59.53
CA SER G 157 61.22 13.47 -59.51
C SER G 157 60.68 14.54 -60.45
N TRP G 158 59.75 14.16 -61.34
CA TRP G 158 59.20 15.09 -62.33
C TRP G 158 58.15 16.03 -61.74
N ALA G 159 58.18 17.28 -62.20
CA ALA G 159 57.10 18.22 -61.96
C ALA G 159 55.85 17.81 -62.77
N PRO G 160 54.64 18.17 -62.29
CA PRO G 160 53.42 18.09 -63.09
C PRO G 160 53.53 18.86 -64.41
N SER G 161 52.84 18.39 -65.46
CA SER G 161 52.91 18.94 -66.82
C SER G 161 52.35 20.37 -66.91
N VAL G 162 51.34 20.66 -66.10
CA VAL G 162 50.65 21.94 -66.04
C VAL G 162 51.12 22.71 -64.81
N ILE G 163 51.49 23.96 -65.02
CA ILE G 163 51.87 24.86 -63.92
C ILE G 163 50.62 25.13 -63.06
N PRO G 164 50.73 25.02 -61.72
CA PRO G 164 49.76 25.54 -60.77
C PRO G 164 49.18 26.91 -61.19
N GLY G 165 47.86 27.07 -61.10
CA GLY G 165 47.17 28.32 -61.45
C GLY G 165 46.91 28.57 -62.94
N SER G 166 47.60 27.90 -63.87
CA SER G 166 47.42 28.15 -65.30
C SER G 166 46.01 27.84 -65.83
N LEU G 167 45.21 26.99 -65.16
CA LEU G 167 43.81 26.76 -65.56
C LEU G 167 42.84 27.86 -65.08
N VAL G 168 43.21 28.68 -64.09
CA VAL G 168 42.33 29.72 -63.52
C VAL G 168 42.42 31.03 -64.30
N ASP G 169 43.61 31.38 -64.81
CA ASP G 169 43.86 32.68 -65.48
C ASP G 169 43.80 32.63 -67.02
N GLN G 170 43.38 31.52 -67.62
CA GLN G 170 43.33 31.40 -69.09
C GLN G 170 41.94 31.76 -69.66
N PRO G 171 41.78 32.91 -70.35
CA PRO G 171 40.59 33.17 -71.16
C PRO G 171 40.54 32.21 -72.36
N SER G 172 39.80 31.11 -72.17
CA SER G 172 39.14 30.19 -73.12
C SER G 172 39.78 29.83 -74.48
N SER G 173 41.05 30.12 -74.78
CA SER G 173 41.61 29.80 -76.11
C SER G 173 43.12 29.59 -76.22
N GLN G 174 43.89 29.71 -75.13
CA GLN G 174 45.32 29.37 -75.16
C GLN G 174 45.54 27.99 -74.53
N LYS G 175 46.27 27.12 -75.25
CA LYS G 175 46.68 25.81 -74.72
C LYS G 175 47.54 26.03 -73.47
N PRO G 176 47.41 25.18 -72.43
CA PRO G 176 48.31 25.25 -71.29
C PRO G 176 49.76 25.19 -71.77
N ASN G 177 50.60 26.06 -71.22
CA ASN G 177 52.02 26.06 -71.53
C ASN G 177 52.69 24.93 -70.75
N TYR G 178 52.95 23.82 -71.45
CA TYR G 178 53.59 22.66 -70.87
C TYR G 178 55.09 22.91 -70.72
N ILE G 179 55.58 22.94 -69.48
CA ILE G 179 57.01 23.14 -69.19
C ILE G 179 57.57 21.87 -68.57
N LYS G 180 58.55 21.25 -69.24
CA LYS G 180 59.28 20.11 -68.71
C LYS G 180 60.21 20.57 -67.58
N ARG G 181 59.88 20.16 -66.36
CA ARG G 181 60.73 20.36 -65.18
C ARG G 181 60.81 19.09 -64.36
N PHE G 182 61.93 18.90 -63.69
CA PHE G 182 62.08 17.89 -62.66
C PHE G 182 63.02 18.41 -61.58
N VAL G 183 62.95 17.79 -60.41
CA VAL G 183 63.84 18.04 -59.29
C VAL G 183 64.79 16.87 -59.11
N SER G 184 66.02 17.14 -58.68
CA SER G 184 66.99 16.14 -58.27
C SER G 184 67.59 16.44 -56.90
N GLY G 185 68.00 15.38 -56.21
CA GLY G 185 68.79 15.44 -54.98
C GLY G 185 70.12 14.72 -55.14
N GLY G 186 71.18 15.22 -54.51
CA GLY G 186 72.51 14.64 -54.65
C GLY G 186 73.39 14.65 -53.40
N CYS G 187 74.59 14.08 -53.57
CA CYS G 187 75.63 13.95 -52.55
C CYS G 187 76.39 15.26 -52.28
N ASP G 188 76.03 16.34 -52.96
CA ASP G 188 76.52 17.71 -52.71
C ASP G 188 75.61 18.51 -51.77
N ASN G 189 74.64 17.84 -51.14
CA ASN G 189 73.66 18.37 -50.20
C ASN G 189 72.61 19.29 -50.85
N LEU G 190 72.56 19.34 -52.17
CA LEU G 190 71.69 20.22 -52.92
C LEU G 190 70.43 19.52 -53.38
N VAL G 191 69.34 20.28 -53.42
CA VAL G 191 68.17 20.00 -54.23
C VAL G 191 68.22 20.95 -55.43
N LYS G 192 68.12 20.43 -56.65
CA LYS G 192 68.21 21.23 -57.88
C LYS G 192 66.98 21.03 -58.74
N ILE G 193 66.45 22.12 -59.30
CA ILE G 193 65.36 22.07 -60.26
C ILE G 193 65.94 22.28 -61.65
N TRP G 194 65.54 21.43 -62.57
CA TRP G 194 65.95 21.46 -63.97
C TRP G 194 64.78 21.83 -64.84
N ARG G 195 65.05 22.61 -65.87
CA ARG G 195 64.06 23.00 -66.89
C ARG G 195 64.62 22.76 -68.28
N GLU G 196 63.79 22.22 -69.17
CA GLU G 196 64.12 22.17 -70.59
C GLU G 196 63.80 23.52 -71.23
N GLU G 197 64.80 24.14 -71.84
CA GLU G 197 64.70 25.39 -72.60
C GLU G 197 65.47 25.22 -73.90
N ASP G 198 64.80 25.47 -75.04
CA ASP G 198 65.36 25.32 -76.39
C ASP G 198 66.03 23.95 -76.64
N GLY G 199 65.42 22.89 -76.07
CA GLY G 199 65.92 21.51 -76.20
C GLY G 199 67.15 21.19 -75.36
N GLN G 200 67.60 22.10 -74.49
CA GLN G 200 68.69 21.88 -73.55
C GLN G 200 68.17 21.91 -72.12
N TRP G 201 68.77 21.10 -71.25
CA TRP G 201 68.47 21.11 -69.83
C TRP G 201 69.35 22.10 -69.10
N LYS G 202 68.72 23.00 -68.35
CA LYS G 202 69.42 24.00 -67.53
C LYS G 202 69.03 23.84 -66.07
N GLU G 203 69.99 24.10 -65.19
CA GLU G 203 69.73 24.29 -63.77
C GLU G 203 68.92 25.59 -63.61
N ASP G 204 67.64 25.45 -63.26
CA ASP G 204 66.72 26.56 -63.09
C ASP G 204 66.81 27.12 -61.67
N GLN G 205 66.87 26.24 -60.66
CA GLN G 205 67.00 26.63 -59.25
C GLN G 205 67.93 25.71 -58.47
N LYS G 206 68.58 26.30 -57.46
CA LYS G 206 69.44 25.61 -56.49
C LYS G 206 68.90 25.87 -55.09
N LEU G 207 68.44 24.82 -54.43
CA LEU G 207 67.78 24.88 -53.13
C LEU G 207 68.73 24.36 -52.05
N GLU G 208 69.10 25.24 -51.11
CA GLU G 208 70.14 25.00 -50.10
C GLU G 208 69.54 25.05 -48.69
N ALA G 209 69.41 23.89 -48.05
CA ALA G 209 68.98 23.80 -46.64
C ALA G 209 69.49 22.54 -45.92
N HIS G 210 69.80 21.47 -46.66
CA HIS G 210 70.39 20.26 -46.12
C HIS G 210 71.88 20.44 -45.85
N SER G 211 72.38 19.74 -44.83
CA SER G 211 73.78 19.77 -44.40
C SER G 211 74.54 18.47 -44.69
N ASP G 212 73.88 17.50 -45.32
CA ASP G 212 74.44 16.21 -45.74
C ASP G 212 73.65 15.72 -46.97
N TRP G 213 74.01 14.55 -47.52
CA TRP G 213 73.50 14.04 -48.78
C TRP G 213 71.98 14.04 -48.82
N VAL G 214 71.40 14.63 -49.88
CA VAL G 214 69.97 14.52 -50.14
C VAL G 214 69.71 13.11 -50.65
N ARG G 215 68.91 12.35 -49.91
CA ARG G 215 68.62 10.94 -50.18
C ARG G 215 67.46 10.77 -51.14
N ASP G 216 66.43 11.60 -51.01
CA ASP G 216 65.26 11.53 -51.88
C ASP G 216 64.61 12.90 -52.08
N VAL G 217 63.92 13.04 -53.21
CA VAL G 217 63.15 14.22 -53.59
C VAL G 217 61.84 13.79 -54.23
N ALA G 218 60.74 14.46 -53.88
CA ALA G 218 59.44 14.18 -54.45
C ALA G 218 58.71 15.48 -54.78
N TRP G 219 58.41 15.69 -56.07
CA TRP G 219 57.56 16.79 -56.50
C TRP G 219 56.09 16.42 -56.29
N ALA G 220 55.34 17.26 -55.58
CA ALA G 220 53.95 17.00 -55.28
C ALA G 220 53.08 17.12 -56.55
N PRO G 221 52.11 16.21 -56.77
CA PRO G 221 51.10 16.39 -57.80
C PRO G 221 50.32 17.71 -57.64
N SER G 222 50.16 18.47 -58.71
CA SER G 222 49.42 19.73 -58.69
C SER G 222 47.94 19.49 -59.03
N ILE G 223 47.12 19.15 -58.04
CA ILE G 223 45.66 19.06 -58.23
C ILE G 223 45.02 20.39 -57.83
N GLY G 224 44.89 21.31 -58.79
CA GLY G 224 44.10 22.54 -58.62
C GLY G 224 44.66 23.59 -57.65
N LEU G 225 45.84 23.36 -57.07
CA LEU G 225 46.54 24.35 -56.26
C LEU G 225 47.27 25.38 -57.14
N PRO G 226 47.42 26.64 -56.69
CA PRO G 226 48.24 27.65 -57.34
C PRO G 226 49.73 27.56 -56.96
N THR G 227 50.10 26.63 -56.08
CA THR G 227 51.47 26.48 -55.57
C THR G 227 52.16 25.21 -56.07
N SER G 228 53.46 25.29 -56.30
CA SER G 228 54.32 24.11 -56.53
C SER G 228 54.96 23.69 -55.20
N THR G 229 54.94 22.39 -54.91
CA THR G 229 55.49 21.85 -53.66
C THR G 229 56.46 20.71 -53.96
N ILE G 230 57.61 20.72 -53.29
CA ILE G 230 58.60 19.64 -53.32
C ILE G 230 58.88 19.20 -51.89
N ALA G 231 59.04 17.90 -51.67
CA ALA G 231 59.62 17.36 -50.45
C ALA G 231 61.05 16.90 -50.73
N SER G 232 61.95 17.07 -49.76
CA SER G 232 63.28 16.46 -49.79
C SER G 232 63.65 15.90 -48.43
N CYS G 233 64.42 14.81 -48.42
CA CYS G 233 64.98 14.24 -47.20
C CYS G 233 66.47 13.94 -47.34
N SER G 234 67.17 13.84 -46.22
CA SER G 234 68.63 13.78 -46.21
C SER G 234 69.17 12.85 -45.12
N GLN G 235 70.43 12.48 -45.32
CA GLN G 235 71.29 11.84 -44.33
C GLN G 235 71.41 12.65 -43.04
N ASP G 236 71.19 13.98 -43.08
CA ASP G 236 71.21 14.85 -41.89
C ASP G 236 69.97 14.70 -40.97
N GLY G 237 69.05 13.79 -41.32
CA GLY G 237 67.83 13.49 -40.59
C GLY G 237 66.72 14.53 -40.79
N ARG G 238 66.89 15.53 -41.64
CA ARG G 238 65.88 16.57 -41.88
C ARG G 238 65.01 16.23 -43.07
N VAL G 239 63.76 16.64 -43.00
CA VAL G 239 62.83 16.70 -44.13
C VAL G 239 62.40 18.15 -44.32
N TYR G 240 62.55 18.65 -45.54
CA TYR G 240 62.09 19.98 -45.93
C TYR G 240 60.93 19.88 -46.92
N ILE G 241 59.99 20.81 -46.76
CA ILE G 241 58.98 21.14 -47.77
C ILE G 241 59.37 22.45 -48.41
N TRP G 242 59.47 22.45 -49.73
CA TRP G 242 59.78 23.62 -50.54
C TRP G 242 58.51 24.05 -51.24
N THR G 243 58.16 25.32 -51.14
CA THR G 243 56.96 25.87 -51.78
C THR G 243 57.31 27.04 -52.69
N SER G 244 56.61 27.14 -53.81
CA SER G 244 56.68 28.28 -54.72
C SER G 244 55.27 28.68 -55.16
N ASP G 245 54.87 29.90 -54.81
CA ASP G 245 53.53 30.44 -55.09
C ASP G 245 53.41 31.02 -56.51
N ASP G 246 54.55 31.35 -57.13
CA ASP G 246 54.58 31.94 -58.47
C ASP G 246 55.70 31.32 -59.29
N ALA G 247 55.30 30.60 -60.34
CA ALA G 247 56.21 29.99 -61.30
C ALA G 247 57.07 31.01 -62.07
N ALA G 248 56.69 32.29 -62.09
CA ALA G 248 57.49 33.36 -62.69
C ALA G 248 58.57 33.89 -61.75
N THR G 249 58.31 33.96 -60.45
CA THR G 249 59.30 34.49 -59.49
C THR G 249 60.47 33.54 -59.26
N ASN G 250 60.29 32.25 -59.58
CA ASN G 250 61.28 31.21 -59.32
C ASN G 250 61.72 31.16 -57.84
N CYS G 251 60.92 31.74 -56.93
CA CYS G 251 61.24 31.84 -55.52
C CYS G 251 60.73 30.59 -54.81
N TRP G 252 61.65 29.88 -54.15
CA TRP G 252 61.36 28.68 -53.37
C TRP G 252 61.66 28.93 -51.90
N THR G 253 60.68 28.66 -51.05
CA THR G 253 60.80 28.84 -49.60
C THR G 253 60.89 27.48 -48.91
N PRO G 254 61.98 27.20 -48.17
CA PRO G 254 62.07 26.00 -47.35
C PRO G 254 61.28 26.14 -46.05
N LYS G 255 60.53 25.10 -45.71
CA LYS G 255 59.96 24.88 -44.39
C LYS G 255 60.45 23.54 -43.84
N LEU G 256 61.12 23.57 -42.70
CA LEU G 256 61.49 22.32 -42.01
C LEU G 256 60.20 21.63 -41.55
N LEU G 257 59.96 20.43 -42.06
CA LEU G 257 58.83 19.59 -41.65
C LEU G 257 59.16 18.90 -40.34
N HIS G 258 60.30 18.20 -40.28
CA HIS G 258 60.76 17.54 -39.07
C HIS G 258 62.26 17.22 -39.12
N LYS G 259 62.85 17.04 -37.94
CA LYS G 259 64.19 16.48 -37.77
C LYS G 259 64.07 15.14 -37.04
N PHE G 260 64.33 14.07 -37.74
CA PHE G 260 64.44 12.72 -37.22
C PHE G 260 65.80 12.51 -36.54
N ASN G 261 65.88 11.47 -35.71
CA ASN G 261 67.11 11.11 -34.98
C ASN G 261 68.07 10.23 -35.78
N ASP G 262 67.69 9.87 -37.01
CA ASP G 262 68.46 9.02 -37.91
C ASP G 262 68.25 9.49 -39.36
N VAL G 263 68.99 8.90 -40.30
CA VAL G 263 68.85 9.14 -41.74
C VAL G 263 67.41 8.97 -42.20
N VAL G 264 66.98 9.84 -43.12
CA VAL G 264 65.70 9.68 -43.82
C VAL G 264 65.99 9.26 -45.26
N TRP G 265 65.47 8.10 -45.65
CA TRP G 265 65.79 7.47 -46.93
C TRP G 265 64.86 7.87 -48.06
N HIS G 266 63.55 7.97 -47.78
CA HIS G 266 62.54 8.20 -48.83
C HIS G 266 61.45 9.17 -48.40
N VAL G 267 60.95 9.91 -49.39
CA VAL G 267 59.76 10.77 -49.29
C VAL G 267 58.82 10.49 -50.45
N SER G 268 57.54 10.28 -50.18
CA SER G 268 56.56 9.99 -51.23
C SER G 268 55.23 10.67 -50.98
N TRP G 269 54.75 11.39 -51.99
CA TRP G 269 53.46 12.05 -51.96
C TRP G 269 52.34 11.07 -52.29
N SER G 270 51.24 11.18 -51.53
CA SER G 270 49.95 10.66 -52.01
C SER G 270 49.58 11.25 -53.37
N ILE G 271 48.80 10.51 -54.18
CA ILE G 271 48.34 10.99 -55.48
C ILE G 271 47.54 12.30 -55.41
N THR G 272 46.88 12.54 -54.27
CA THR G 272 46.12 13.76 -53.99
C THR G 272 46.96 14.90 -53.39
N ALA G 273 48.27 14.71 -53.26
CA ALA G 273 49.22 15.68 -52.71
C ALA G 273 48.87 16.23 -51.31
N ASN G 274 48.12 15.48 -50.50
CA ASN G 274 47.64 15.91 -49.18
C ASN G 274 48.32 15.16 -48.02
N ILE G 275 48.98 14.04 -48.30
CA ILE G 275 49.74 13.25 -47.35
C ILE G 275 51.14 13.02 -47.92
N LEU G 276 52.15 13.18 -47.07
CA LEU G 276 53.53 12.80 -47.34
C LEU G 276 53.90 11.60 -46.47
N ALA G 277 54.35 10.51 -47.09
CA ALA G 277 55.01 9.41 -46.40
C ALA G 277 56.50 9.69 -46.28
N VAL G 278 57.07 9.42 -45.12
CA VAL G 278 58.50 9.60 -44.81
C VAL G 278 59.03 8.32 -44.18
N SER G 279 60.08 7.76 -44.78
CA SER G 279 60.72 6.51 -44.35
C SER G 279 62.11 6.75 -43.80
N GLY G 280 62.33 6.41 -42.52
CA GLY G 280 63.60 6.62 -41.81
C GLY G 280 64.46 5.36 -41.65
N GLY G 281 65.70 5.55 -41.20
CA GLY G 281 66.64 4.49 -40.80
C GLY G 281 66.22 3.74 -39.53
N ASP G 282 65.27 4.30 -38.78
CA ASP G 282 64.65 3.69 -37.60
C ASP G 282 63.60 2.60 -37.94
N ASN G 283 63.53 2.18 -39.20
CA ASN G 283 62.60 1.19 -39.74
C ASN G 283 61.12 1.59 -39.63
N LYS G 284 60.83 2.89 -39.46
CA LYS G 284 59.47 3.42 -39.38
C LYS G 284 59.09 4.16 -40.65
N VAL G 285 57.80 4.09 -40.96
CA VAL G 285 57.16 4.95 -41.95
C VAL G 285 56.18 5.84 -41.22
N THR G 286 56.39 7.14 -41.34
CA THR G 286 55.53 8.18 -40.76
C THR G 286 54.73 8.87 -41.85
N LEU G 287 53.47 9.19 -41.57
CA LEU G 287 52.60 9.92 -42.47
C LEU G 287 52.38 11.33 -41.95
N TRP G 288 52.56 12.31 -42.81
CA TRP G 288 52.47 13.72 -42.49
C TRP G 288 51.40 14.39 -43.33
N LYS G 289 50.66 15.31 -42.72
CA LYS G 289 49.63 16.09 -43.38
C LYS G 289 49.74 17.55 -42.98
N GLU G 290 49.54 18.42 -43.96
CA GLU G 290 49.42 19.86 -43.72
C GLU G 290 48.03 20.20 -43.18
N SER G 291 48.03 21.01 -42.11
CA SER G 291 46.85 21.57 -41.49
C SER G 291 46.46 22.88 -42.18
N VAL G 292 45.25 23.38 -41.92
CA VAL G 292 44.71 24.60 -42.57
C VAL G 292 45.55 25.85 -42.27
N ASP G 293 46.27 25.87 -41.16
CA ASP G 293 47.22 26.91 -40.76
C ASP G 293 48.62 26.74 -41.39
N GLY G 294 48.76 25.80 -42.32
CA GLY G 294 50.02 25.45 -42.99
C GLY G 294 50.96 24.61 -42.14
N GLN G 295 50.58 24.17 -40.93
CA GLN G 295 51.46 23.36 -40.08
C GLN G 295 51.40 21.88 -40.43
N TRP G 296 52.56 21.22 -40.44
CA TRP G 296 52.65 19.80 -40.72
C TRP G 296 52.54 19.00 -39.44
N ALA G 297 51.64 18.02 -39.41
CA ALA G 297 51.44 17.11 -38.29
C ALA G 297 51.62 15.65 -38.72
N CYS G 298 52.28 14.86 -37.89
CA CYS G 298 52.34 13.41 -38.05
C CYS G 298 50.99 12.79 -37.68
N ILE G 299 50.32 12.15 -38.64
CA ILE G 299 48.98 11.56 -38.50
C ILE G 299 48.99 10.04 -38.31
N SER G 300 50.14 9.39 -38.55
CA SER G 300 50.34 7.97 -38.32
C SER G 300 51.82 7.66 -38.17
N ASP G 301 52.18 6.95 -37.11
CA ASP G 301 53.48 6.27 -36.96
C ASP G 301 53.19 4.77 -37.08
N VAL G 302 53.41 4.22 -38.28
CA VAL G 302 53.18 2.79 -38.51
C VAL G 302 54.38 2.06 -37.95
N ASN G 303 54.28 1.59 -36.70
CA ASN G 303 55.22 0.60 -36.19
C ASN G 303 55.10 -0.66 -37.06
N LYS G 304 56.21 -1.10 -37.66
CA LYS G 304 56.35 -2.49 -38.13
C LYS G 304 56.21 -3.42 -36.92
N GLY G 305 54.97 -3.76 -36.59
CA GLY G 305 54.68 -4.90 -35.76
C GLY G 305 54.74 -6.14 -36.63
N GLN G 306 55.79 -6.93 -36.39
CA GLN G 306 56.04 -8.31 -36.86
C GLN G 306 56.52 -8.48 -38.30
N MET H 1 41.17 -124.50 -59.70
CA MET H 1 41.72 -123.80 -58.52
C MET H 1 41.75 -122.28 -58.68
N ALA H 2 42.01 -121.71 -59.86
CA ALA H 2 41.96 -120.25 -60.07
C ALA H 2 40.60 -119.60 -59.68
N ALA H 3 39.47 -120.28 -59.86
CA ALA H 3 38.15 -119.75 -59.51
C ALA H 3 37.94 -119.50 -58.01
N GLN H 4 38.53 -120.31 -57.11
CA GLN H 4 38.42 -120.07 -55.66
C GLN H 4 39.31 -118.92 -55.19
N LEU H 5 40.44 -118.65 -55.87
CA LEU H 5 41.24 -117.46 -55.62
C LEU H 5 40.58 -116.19 -56.19
N ALA H 6 39.86 -116.30 -57.31
CA ALA H 6 39.13 -115.18 -57.89
C ALA H 6 37.97 -114.68 -57.00
N LEU H 7 37.25 -115.59 -56.32
CA LEU H 7 36.14 -115.23 -55.43
C LEU H 7 36.56 -114.40 -54.20
N ASN H 8 37.79 -114.56 -53.70
CA ASN H 8 38.31 -113.67 -52.65
C ASN H 8 38.89 -112.38 -53.24
N SER H 9 39.15 -112.30 -54.55
CA SER H 9 39.66 -111.09 -55.19
C SER H 9 38.71 -109.90 -55.09
N GLU H 10 37.39 -110.16 -55.19
CA GLU H 10 36.31 -109.18 -55.21
C GLU H 10 35.99 -108.54 -53.84
N ALA H 11 36.59 -109.00 -52.73
CA ALA H 11 36.26 -108.52 -51.38
C ALA H 11 37.08 -107.29 -50.91
N SER H 12 38.19 -106.95 -51.56
CA SER H 12 39.10 -105.91 -51.03
C SER H 12 38.76 -104.52 -51.57
N LEU H 13 38.59 -103.55 -50.66
CA LEU H 13 38.06 -102.20 -50.94
C LEU H 13 39.13 -101.11 -51.10
N TRP H 14 40.43 -101.41 -50.93
CA TRP H 14 41.49 -100.39 -50.98
C TRP H 14 42.67 -100.78 -51.85
N GLY H 15 43.39 -101.87 -51.51
CA GLY H 15 44.61 -102.28 -52.21
C GLY H 15 44.45 -102.37 -53.74
N PRO H 16 43.43 -103.09 -54.26
CA PRO H 16 43.13 -103.14 -55.68
C PRO H 16 42.86 -101.78 -56.32
N TYR H 17 42.13 -100.89 -55.65
CA TYR H 17 41.78 -99.57 -56.17
C TYR H 17 42.99 -98.65 -56.24
N ARG H 18 43.91 -98.75 -55.27
CA ARG H 18 45.19 -98.03 -55.30
C ARG H 18 46.10 -98.55 -56.42
N GLU H 19 46.13 -99.87 -56.66
CA GLU H 19 46.85 -100.47 -57.80
C GLU H 19 46.29 -100.01 -59.16
N ILE H 20 44.96 -99.92 -59.31
CA ILE H 20 44.32 -99.39 -60.52
C ILE H 20 44.80 -97.96 -60.77
N TRP H 21 44.70 -97.10 -59.76
CA TRP H 21 45.10 -95.69 -59.87
C TRP H 21 46.57 -95.53 -60.22
N GLN H 22 47.48 -96.25 -59.56
CA GLN H 22 48.91 -96.22 -59.88
C GLN H 22 49.20 -96.69 -61.31
N THR H 23 48.48 -97.69 -61.81
CA THR H 23 48.62 -98.18 -63.19
C THR H 23 48.13 -97.14 -64.20
N VAL H 24 46.99 -96.49 -63.93
CA VAL H 24 46.42 -95.43 -64.75
C VAL H 24 47.36 -94.22 -64.80
N LEU H 25 47.88 -93.78 -63.65
CA LEU H 25 48.87 -92.71 -63.57
C LEU H 25 50.13 -93.04 -64.36
N SER H 26 50.67 -94.25 -64.20
CA SER H 26 51.92 -94.64 -64.86
C SER H 26 51.79 -94.73 -66.38
N ALA H 27 50.64 -95.21 -66.89
CA ALA H 27 50.39 -95.34 -68.31
C ALA H 27 49.98 -94.02 -68.99
N LEU H 28 49.11 -93.22 -68.35
CA LEU H 28 48.52 -92.02 -68.95
C LEU H 28 49.23 -90.72 -68.55
N ILE H 29 49.58 -90.53 -67.28
CA ILE H 29 50.25 -89.28 -66.87
C ILE H 29 51.76 -89.40 -67.11
N LYS H 30 52.38 -90.47 -66.62
CA LYS H 30 53.83 -90.71 -66.75
C LYS H 30 54.26 -91.26 -68.12
N ARG H 31 53.31 -91.65 -68.98
CA ARG H 31 53.55 -92.16 -70.34
C ARG H 31 54.51 -93.36 -70.42
N GLN H 32 54.56 -94.21 -69.40
CA GLN H 32 55.46 -95.35 -69.38
C GLN H 32 54.97 -96.45 -70.34
N PRO H 33 55.75 -96.84 -71.37
CA PRO H 33 55.31 -97.80 -72.38
C PRO H 33 55.05 -99.20 -71.79
N GLU H 34 55.84 -99.60 -70.78
CA GLU H 34 55.69 -100.87 -70.07
C GLU H 34 54.35 -100.98 -69.33
N ALA H 35 53.80 -99.86 -68.86
CA ALA H 35 52.55 -99.81 -68.10
C ALA H 35 51.30 -99.98 -68.98
N VAL H 36 51.41 -99.79 -70.31
CA VAL H 36 50.27 -99.88 -71.24
C VAL H 36 49.67 -101.29 -71.27
N HIS H 37 50.52 -102.33 -71.25
CA HIS H 37 50.04 -103.72 -71.19
C HIS H 37 49.31 -104.01 -69.88
N SER H 38 49.85 -103.51 -68.76
CA SER H 38 49.23 -103.62 -67.44
C SER H 38 47.89 -102.88 -67.38
N LEU H 39 47.78 -101.71 -68.02
CA LEU H 39 46.56 -100.93 -68.12
C LEU H 39 45.43 -101.75 -68.79
N ASP H 40 45.70 -102.40 -69.93
CA ASP H 40 44.69 -103.24 -70.62
C ASP H 40 44.17 -104.38 -69.74
N ILE H 41 45.06 -105.07 -69.01
CA ILE H 41 44.69 -106.15 -68.08
C ILE H 41 43.84 -105.61 -66.94
N VAL H 42 44.25 -104.49 -66.33
CA VAL H 42 43.57 -103.86 -65.20
C VAL H 42 42.18 -103.35 -65.59
N LEU H 43 42.05 -102.67 -66.73
CA LEU H 43 40.77 -102.18 -67.24
C LEU H 43 39.79 -103.34 -67.53
N LYS H 44 40.27 -104.44 -68.14
CA LYS H 44 39.43 -105.63 -68.36
C LYS H 44 39.00 -106.30 -67.05
N LYS H 45 39.91 -106.42 -66.08
CA LYS H 45 39.66 -107.08 -64.79
C LYS H 45 38.68 -106.31 -63.91
N TYR H 46 38.83 -104.98 -63.81
CA TYR H 46 38.05 -104.13 -62.90
C TYR H 46 36.94 -103.33 -63.60
N LYS H 47 36.62 -103.65 -64.86
CA LYS H 47 35.46 -103.07 -65.57
C LYS H 47 34.16 -103.12 -64.73
N PRO H 48 33.82 -104.20 -63.99
CA PRO H 48 32.62 -104.23 -63.16
C PRO H 48 32.62 -103.19 -62.02
N ASP H 49 33.77 -102.87 -61.43
CA ASP H 49 33.91 -101.85 -60.39
C ASP H 49 33.68 -100.45 -60.95
N PHE H 50 34.21 -100.14 -62.14
CA PHE H 50 33.93 -98.87 -62.83
C PHE H 50 32.47 -98.74 -63.27
N ILE H 51 31.85 -99.83 -63.76
CA ILE H 51 30.43 -99.83 -64.14
C ILE H 51 29.54 -99.59 -62.91
N SER H 52 29.84 -100.25 -61.79
CA SER H 52 29.00 -100.16 -60.60
C SER H 52 29.25 -98.92 -59.74
N LEU H 53 30.44 -98.31 -59.86
CA LEU H 53 30.96 -97.09 -59.23
C LEU H 53 30.53 -96.88 -57.76
N PHE H 54 31.49 -96.99 -56.85
CA PHE H 54 31.30 -96.86 -55.40
C PHE H 54 30.35 -97.90 -54.76
N LYS H 55 29.79 -98.83 -55.50
CA LYS H 55 28.98 -99.93 -54.95
C LYS H 55 29.82 -100.83 -54.05
N ASN H 56 29.34 -101.07 -52.82
CA ASN H 56 30.01 -101.93 -51.87
C ASN H 56 29.65 -103.42 -52.09
N PRO H 57 30.56 -104.36 -51.77
CA PRO H 57 30.26 -105.80 -51.78
C PRO H 57 29.16 -106.11 -50.74
N PRO H 58 28.11 -106.86 -51.11
CA PRO H 58 26.93 -107.05 -50.27
C PRO H 58 27.21 -107.98 -49.07
N LYS H 59 26.43 -107.81 -48.00
CA LYS H 59 26.42 -108.73 -46.84
C LYS H 59 25.91 -110.11 -47.21
N SER H 60 26.43 -111.14 -46.54
CA SER H 60 26.03 -112.53 -46.76
C SER H 60 26.00 -113.31 -45.46
N ALA H 61 24.91 -114.04 -45.20
CA ALA H 61 24.77 -114.90 -44.01
C ALA H 61 25.90 -115.95 -43.91
N GLN H 62 26.40 -116.44 -45.05
CA GLN H 62 27.54 -117.37 -45.08
C GLN H 62 28.85 -116.70 -44.65
N GLN H 63 29.07 -115.43 -45.03
CA GLN H 63 30.24 -114.66 -44.60
C GLN H 63 30.16 -114.34 -43.12
N HIS H 64 28.98 -113.94 -42.64
CA HIS H 64 28.70 -113.70 -41.23
C HIS H 64 29.06 -114.91 -40.35
N GLU H 65 28.54 -116.10 -40.67
CA GLU H 65 28.85 -117.33 -39.92
C GLU H 65 30.35 -117.69 -39.96
N ARG H 66 31.02 -117.51 -41.10
CA ARG H 66 32.47 -117.76 -41.23
C ARG H 66 33.30 -116.83 -40.35
N VAL H 67 32.99 -115.53 -40.37
CA VAL H 67 33.68 -114.51 -39.56
C VAL H 67 33.41 -114.72 -38.07
N GLN H 68 32.19 -115.13 -37.70
CA GLN H 68 31.87 -115.47 -36.32
C GLN H 68 32.65 -116.69 -35.81
N LYS H 69 32.86 -117.72 -36.65
CA LYS H 69 33.66 -118.91 -36.32
C LYS H 69 35.18 -118.74 -36.51
N ALA H 70 35.63 -117.57 -36.94
CA ALA H 70 37.03 -117.32 -37.29
C ALA H 70 37.99 -117.37 -36.10
N SER H 71 37.49 -117.22 -34.88
CA SER H 71 38.27 -117.37 -33.64
C SER H 71 38.66 -118.83 -33.35
N THR H 72 37.97 -119.82 -33.94
CA THR H 72 38.23 -121.26 -33.74
C THR H 72 38.65 -122.01 -35.00
N GLU H 73 37.94 -121.82 -36.13
CA GLU H 73 38.20 -122.57 -37.38
C GLU H 73 39.24 -121.87 -38.29
N GLY H 74 39.47 -120.57 -38.07
CA GLY H 74 40.32 -119.71 -38.89
C GLY H 74 39.70 -119.38 -40.25
N ILE H 75 40.09 -118.24 -40.83
CA ILE H 75 39.63 -117.78 -42.16
C ILE H 75 40.78 -117.78 -43.17
N PRO H 76 40.56 -118.22 -44.43
CA PRO H 76 41.50 -118.00 -45.52
C PRO H 76 41.48 -116.53 -45.97
N ILE H 77 42.59 -115.84 -45.81
CA ILE H 77 42.79 -114.44 -46.23
C ILE H 77 43.59 -114.43 -47.55
N LYS H 78 43.35 -113.45 -48.43
CA LYS H 78 44.16 -113.23 -49.65
C LYS H 78 45.65 -113.43 -49.43
N GLY H 79 46.31 -114.12 -50.38
CA GLY H 79 47.76 -114.32 -50.40
C GLY H 79 48.31 -115.38 -49.44
N THR H 80 47.51 -115.90 -48.51
CA THR H 80 47.97 -116.88 -47.51
C THR H 80 47.35 -118.26 -47.77
N GLN H 81 48.17 -119.30 -47.95
CA GLN H 81 47.67 -120.67 -48.12
C GLN H 81 47.10 -121.27 -46.82
N ARG H 82 47.40 -120.67 -45.66
CA ARG H 82 46.94 -121.13 -44.34
C ARG H 82 45.77 -120.27 -43.85
N THR H 83 44.81 -120.90 -43.17
CA THR H 83 43.76 -120.20 -42.43
C THR H 83 44.37 -119.47 -41.23
N ARG H 84 43.96 -118.22 -40.99
CA ARG H 84 44.42 -117.39 -39.86
C ARG H 84 43.30 -117.31 -38.82
N ILE H 85 43.64 -117.56 -37.55
CA ILE H 85 42.73 -117.35 -36.42
C ILE H 85 42.65 -115.84 -36.16
N LEU H 86 41.43 -115.31 -36.06
CA LEU H 86 41.18 -113.89 -35.79
C LEU H 86 40.84 -113.69 -34.31
N GLU H 87 41.35 -112.59 -33.72
CA GLU H 87 41.01 -112.19 -32.35
C GLU H 87 39.53 -111.77 -32.24
N GLU H 88 38.88 -112.05 -31.11
CA GLU H 88 37.49 -111.64 -30.87
C GLU H 88 37.26 -110.13 -31.01
N GLN H 89 38.28 -109.31 -30.68
CA GLN H 89 38.20 -107.86 -30.85
C GLN H 89 38.08 -107.47 -32.32
N LEU H 90 38.91 -108.07 -33.19
CA LEU H 90 38.89 -107.83 -34.64
C LEU H 90 37.56 -108.29 -35.27
N ILE H 91 37.01 -109.41 -34.81
CA ILE H 91 35.69 -109.90 -35.26
C ILE H 91 34.58 -108.88 -34.93
N LYS H 92 34.59 -108.30 -33.71
CA LYS H 92 33.62 -107.26 -33.31
C LYS H 92 33.77 -105.99 -34.12
N GLU H 93 35.01 -105.52 -34.34
CA GLU H 93 35.29 -104.35 -35.17
C GLU H 93 34.84 -104.57 -36.63
N ALA H 94 35.00 -105.79 -37.15
CA ALA H 94 34.57 -106.13 -38.51
C ALA H 94 33.04 -106.03 -38.67
N PHE H 95 32.27 -106.47 -37.66
CA PHE H 95 30.81 -106.29 -37.68
C PHE H 95 30.41 -104.81 -37.59
N ILE H 96 31.09 -103.99 -36.78
CA ILE H 96 30.84 -102.54 -36.72
C ILE H 96 31.09 -101.88 -38.08
N LEU H 97 32.22 -102.16 -38.74
CA LEU H 97 32.53 -101.63 -40.07
C LEU H 97 31.55 -102.13 -41.14
N SER H 98 31.16 -103.41 -41.06
CA SER H 98 30.15 -104.02 -41.91
C SER H 98 28.79 -103.32 -41.78
N ASP H 99 28.37 -102.98 -40.56
CA ASP H 99 27.13 -102.23 -40.29
C ASP H 99 27.22 -100.76 -40.72
N LEU H 100 28.35 -100.11 -40.47
CA LEU H 100 28.58 -98.69 -40.79
C LEU H 100 28.48 -98.41 -42.29
N TYR H 101 29.16 -99.20 -43.13
CA TYR H 101 29.23 -99.00 -44.58
C TYR H 101 28.38 -99.99 -45.39
N ASN H 102 27.63 -100.87 -44.72
CA ASN H 102 26.85 -101.95 -45.35
C ASN H 102 27.70 -102.80 -46.31
N ILE H 103 28.88 -103.23 -45.86
CA ILE H 103 29.85 -104.05 -46.63
C ILE H 103 29.85 -105.48 -46.12
N GLY H 104 30.15 -106.46 -46.98
CA GLY H 104 30.28 -107.87 -46.59
C GLY H 104 31.34 -108.08 -45.49
N GLU H 105 31.10 -109.03 -44.58
CA GLU H 105 31.91 -109.21 -43.38
C GLU H 105 33.36 -109.60 -43.70
N ILE H 106 33.61 -110.31 -44.80
CA ILE H 106 34.98 -110.62 -45.26
C ILE H 106 35.69 -109.35 -45.73
N ALA H 107 34.99 -108.46 -46.45
CA ALA H 107 35.55 -107.19 -46.91
C ALA H 107 35.90 -106.28 -45.71
N ALA H 108 35.06 -106.27 -44.67
CA ALA H 108 35.34 -105.55 -43.42
C ALA H 108 36.58 -106.12 -42.69
N VAL H 109 36.72 -107.45 -42.62
CA VAL H 109 37.91 -108.10 -42.07
C VAL H 109 39.16 -107.74 -42.88
N GLU H 110 39.11 -107.81 -44.22
CA GLU H 110 40.25 -107.45 -45.08
C GLU H 110 40.64 -105.98 -44.90
N LEU H 111 39.67 -105.06 -44.87
CA LEU H 111 39.92 -103.64 -44.66
C LEU H 111 40.55 -103.35 -43.28
N LEU H 112 40.13 -104.07 -42.23
CA LEU H 112 40.74 -103.97 -40.90
C LEU H 112 42.15 -104.54 -40.85
N LEU H 113 42.43 -105.63 -41.56
CA LEU H 113 43.77 -106.22 -41.63
C LEU H 113 44.74 -105.31 -42.38
N ILE H 114 44.29 -104.67 -43.46
CA ILE H 114 45.06 -103.63 -44.16
C ILE H 114 45.23 -102.41 -43.24
N GLY H 115 44.18 -102.01 -42.51
CA GLY H 115 44.24 -100.93 -41.52
C GLY H 115 45.22 -101.21 -40.38
N GLU H 116 45.35 -102.46 -39.93
CA GLU H 116 46.36 -102.91 -38.97
C GLU H 116 47.78 -102.88 -39.55
N GLN H 117 47.94 -103.30 -40.81
CA GLN H 117 49.23 -103.21 -41.53
C GLN H 117 49.69 -101.77 -41.76
N GLN H 118 48.75 -100.85 -42.04
CA GLN H 118 49.02 -99.42 -42.26
C GLN H 118 48.97 -98.59 -40.96
N GLN H 119 48.60 -99.18 -39.83
CA GLN H 119 48.57 -98.47 -38.55
C GLN H 119 49.89 -97.75 -38.19
N PRO H 120 51.08 -98.26 -38.55
CA PRO H 120 52.34 -97.54 -38.34
C PRO H 120 52.53 -96.29 -39.19
N THR H 121 51.89 -96.17 -40.36
CA THR H 121 51.94 -94.91 -41.15
C THR H 121 51.00 -93.86 -40.56
N PHE H 122 49.92 -94.30 -39.91
CA PHE H 122 48.90 -93.46 -39.27
C PHE H 122 48.98 -93.46 -37.74
N HIS H 123 50.07 -92.90 -37.22
CA HIS H 123 50.34 -92.86 -35.79
C HIS H 123 49.25 -92.17 -34.94
N GLY H 124 48.90 -92.83 -33.83
CA GLY H 124 47.89 -92.36 -32.88
C GLY H 124 46.45 -92.73 -33.25
N LEU H 125 46.24 -93.40 -34.39
CA LEU H 125 44.94 -93.94 -34.80
C LEU H 125 44.85 -95.45 -34.51
N THR H 126 43.65 -95.91 -34.18
CA THR H 126 43.34 -97.34 -34.04
C THR H 126 43.13 -97.95 -35.43
N ARG H 127 43.33 -99.27 -35.59
CA ARG H 127 43.13 -99.97 -36.88
C ARG H 127 41.78 -99.66 -37.54
N GLY H 128 40.70 -99.49 -36.75
CA GLY H 128 39.39 -99.12 -37.25
C GLY H 128 39.31 -97.69 -37.81
N LEU H 129 40.00 -96.72 -37.19
CA LEU H 129 40.07 -95.34 -37.70
C LEU H 129 40.88 -95.26 -39.00
N VAL H 130 41.94 -96.07 -39.10
CA VAL H 130 42.74 -96.20 -40.33
C VAL H 130 41.91 -96.87 -41.43
N ALA H 131 41.15 -97.92 -41.11
CA ALA H 131 40.24 -98.57 -42.05
C ALA H 131 39.22 -97.59 -42.66
N ILE H 132 38.73 -96.61 -41.89
CA ILE H 132 37.85 -95.54 -42.39
C ILE H 132 38.58 -94.63 -43.41
N LEU H 133 39.84 -94.27 -43.14
CA LEU H 133 40.65 -93.49 -44.09
C LEU H 133 40.87 -94.28 -45.38
N LEU H 134 41.30 -95.55 -45.27
CA LEU H 134 41.54 -96.42 -46.41
C LEU H 134 40.26 -96.69 -47.22
N TYR H 135 39.10 -96.75 -46.57
CA TYR H 135 37.82 -96.89 -47.26
C TYR H 135 37.56 -95.71 -48.21
N TRP H 136 37.71 -94.47 -47.72
CA TRP H 136 37.51 -93.27 -48.54
C TRP H 136 38.66 -93.03 -49.52
N ASP H 137 39.90 -93.34 -49.16
CA ASP H 137 41.06 -93.29 -50.08
C ASP H 137 40.84 -94.23 -51.28
N GLY H 138 40.34 -95.45 -51.04
CA GLY H 138 40.04 -96.39 -52.13
C GLY H 138 38.95 -95.88 -53.08
N LYS H 139 37.94 -95.16 -52.56
CA LYS H 139 36.92 -94.50 -53.38
C LYS H 139 37.52 -93.32 -54.15
N SER H 140 38.38 -92.53 -53.52
CA SER H 140 39.11 -91.44 -54.17
C SER H 140 39.97 -91.95 -55.33
N CYS H 141 40.78 -93.00 -55.12
CA CYS H 141 41.57 -93.65 -56.16
C CYS H 141 40.71 -94.11 -57.36
N MET H 142 39.51 -94.66 -57.12
CA MET H 142 38.60 -95.04 -58.21
C MET H 142 38.04 -93.83 -58.97
N ALA H 143 37.72 -92.75 -58.27
CA ALA H 143 37.22 -91.52 -58.90
C ALA H 143 38.31 -90.80 -59.71
N GLU H 144 39.54 -90.71 -59.18
CA GLU H 144 40.71 -90.18 -59.89
C GLU H 144 41.10 -91.03 -61.10
N SER H 145 41.06 -92.36 -60.96
CA SER H 145 41.28 -93.27 -62.10
C SER H 145 40.28 -93.01 -63.22
N LEU H 146 39.00 -92.81 -62.88
CA LEU H 146 37.95 -92.48 -63.85
C LEU H 146 38.21 -91.11 -64.51
N LEU H 147 38.58 -90.10 -63.73
CA LEU H 147 38.91 -88.77 -64.22
C LEU H 147 40.03 -88.82 -65.26
N HIS H 148 41.17 -89.44 -64.93
CA HIS H 148 42.32 -89.52 -65.84
C HIS H 148 42.03 -90.34 -67.10
N LEU H 149 41.24 -91.42 -67.00
CA LEU H 149 40.77 -92.17 -68.17
C LEU H 149 39.91 -91.29 -69.09
N ILE H 150 39.04 -90.44 -68.53
CA ILE H 150 38.22 -89.51 -69.32
C ILE H 150 39.08 -88.41 -69.96
N GLN H 151 40.09 -87.90 -69.26
CA GLN H 151 41.01 -86.90 -69.81
C GLN H 151 41.81 -87.44 -71.01
N ALA H 152 42.23 -88.72 -70.96
CA ALA H 152 43.01 -89.37 -72.04
C ALA H 152 42.18 -89.90 -73.22
N ARG H 153 40.84 -89.79 -73.18
CA ARG H 153 40.00 -90.07 -74.35
C ARG H 153 40.30 -89.08 -75.49
N LYS H 154 40.05 -89.50 -76.74
CA LYS H 154 39.95 -88.60 -77.90
C LYS H 154 38.89 -87.50 -77.69
N GLY H 155 39.28 -86.23 -77.75
CA GLY H 155 38.35 -85.11 -77.73
C GLY H 155 38.98 -83.78 -78.13
N LYS H 156 38.29 -82.68 -77.80
CA LYS H 156 38.57 -81.33 -78.31
C LYS H 156 39.54 -80.49 -77.49
N THR H 157 39.69 -80.77 -76.19
CA THR H 157 40.31 -79.83 -75.23
C THR H 157 41.61 -80.37 -74.63
N PHE H 158 41.56 -81.51 -73.94
CA PHE H 158 42.78 -82.12 -73.40
C PHE H 158 43.46 -82.95 -74.49
N THR H 159 44.64 -82.52 -74.93
CA THR H 159 45.51 -83.28 -75.84
C THR H 159 46.69 -83.82 -75.05
N LEU H 160 46.54 -85.04 -74.54
CA LEU H 160 47.64 -85.78 -73.94
C LEU H 160 48.32 -86.57 -75.08
N ASP H 161 49.54 -86.19 -75.50
CA ASP H 161 50.28 -86.81 -76.61
C ASP H 161 50.53 -88.32 -76.39
N HIS H 162 49.51 -89.15 -76.59
CA HIS H 162 49.52 -90.60 -76.41
C HIS H 162 49.48 -91.32 -77.76
N SER H 163 49.92 -92.58 -77.76
CA SER H 163 49.80 -93.42 -78.96
C SER H 163 48.32 -93.62 -79.32
N PRO H 164 47.98 -93.70 -80.63
CA PRO H 164 46.60 -93.85 -81.08
C PRO H 164 45.94 -95.14 -80.56
N GLU H 165 46.75 -96.17 -80.26
CA GLU H 165 46.30 -97.44 -79.68
C GLU H 165 45.78 -97.26 -78.25
N VAL H 166 46.52 -96.55 -77.40
CA VAL H 166 46.12 -96.24 -76.01
C VAL H 166 44.87 -95.38 -76.01
N VAL H 167 44.84 -94.32 -76.83
CA VAL H 167 43.67 -93.44 -76.94
C VAL H 167 42.43 -94.23 -77.41
N SER H 168 42.58 -95.12 -78.39
CA SER H 168 41.49 -95.99 -78.87
C SER H 168 41.00 -96.96 -77.80
N MET H 169 41.91 -97.59 -77.06
CA MET H 169 41.59 -98.50 -75.95
C MET H 169 40.82 -97.78 -74.84
N VAL H 170 41.33 -96.64 -74.37
CA VAL H 170 40.70 -95.82 -73.31
C VAL H 170 39.35 -95.28 -73.78
N THR H 171 39.25 -94.80 -75.02
CA THR H 171 38.00 -94.28 -75.60
C THR H 171 36.92 -95.39 -75.65
N ARG H 172 37.25 -96.59 -76.12
CA ARG H 172 36.32 -97.74 -76.11
C ARG H 172 35.86 -98.10 -74.69
N PHE H 173 36.80 -98.17 -73.75
CA PHE H 173 36.48 -98.50 -72.36
C PHE H 173 35.55 -97.47 -71.72
N THR H 174 35.83 -96.18 -71.92
CA THR H 174 35.04 -95.09 -71.36
C THR H 174 33.70 -94.89 -72.09
N ASP H 175 33.57 -95.24 -73.36
CA ASP H 175 32.30 -95.24 -74.10
C ASP H 175 31.35 -96.29 -73.50
N ASP H 176 31.85 -97.51 -73.28
CA ASP H 176 31.11 -98.59 -72.62
C ASP H 176 30.60 -98.17 -71.22
N LEU H 177 31.37 -97.36 -70.47
CA LEU H 177 30.94 -96.87 -69.16
C LEU H 177 29.79 -95.86 -69.28
N MET H 178 29.83 -94.97 -70.27
CA MET H 178 28.79 -93.98 -70.47
C MET H 178 27.46 -94.61 -70.90
N GLU H 179 27.50 -95.62 -71.78
CA GLU H 179 26.32 -96.41 -72.17
C GLU H 179 25.63 -97.09 -70.96
N GLN H 180 26.38 -97.37 -69.90
CA GLN H 180 25.87 -97.93 -68.64
C GLN H 180 25.32 -96.86 -67.66
N GLY H 181 25.07 -95.63 -68.13
CA GLY H 181 24.43 -94.55 -67.37
C GLY H 181 25.36 -93.86 -66.36
N LEU H 182 26.60 -93.57 -66.76
CA LEU H 182 27.62 -92.96 -65.89
C LEU H 182 27.17 -91.60 -65.32
N THR H 183 26.56 -90.73 -66.14
CA THR H 183 26.12 -89.39 -65.72
C THR H 183 25.14 -89.43 -64.55
N ASN H 184 24.10 -90.26 -64.65
CA ASN H 184 23.12 -90.41 -63.57
C ASN H 184 23.76 -90.93 -62.27
N LYS H 185 24.72 -91.87 -62.38
CA LYS H 185 25.45 -92.41 -61.23
C LYS H 185 26.28 -91.35 -60.54
N ILE H 186 27.07 -90.57 -61.30
CA ILE H 186 27.90 -89.50 -60.76
C ILE H 186 27.05 -88.47 -59.99
N LEU H 187 25.98 -87.95 -60.61
CA LEU H 187 25.11 -86.95 -59.98
C LEU H 187 24.39 -87.52 -58.73
N THR H 188 24.01 -88.79 -58.77
CA THR H 188 23.43 -89.48 -57.61
C THR H 188 24.43 -89.62 -56.47
N LEU H 189 25.68 -90.00 -56.76
CA LEU H 189 26.74 -90.12 -55.74
C LEU H 189 27.08 -88.77 -55.12
N ILE H 190 27.27 -87.71 -55.93
CA ILE H 190 27.53 -86.36 -55.43
C ILE H 190 26.39 -85.90 -54.49
N SER H 191 25.13 -86.24 -54.80
CA SER H 191 23.97 -85.92 -53.94
C SER H 191 23.94 -86.70 -52.62
N GLN H 192 24.44 -87.95 -52.61
CA GLN H 192 24.36 -88.86 -51.46
C GLN H 192 25.53 -88.70 -50.49
N ILE H 193 26.70 -88.38 -51.02
CA ILE H 193 27.93 -88.16 -50.23
C ILE H 193 27.80 -86.79 -49.55
N ASP H 194 27.75 -86.78 -48.22
CA ASP H 194 27.76 -85.54 -47.42
C ASP H 194 28.62 -85.77 -46.18
N VAL H 195 29.59 -84.88 -45.98
CA VAL H 195 30.53 -84.91 -44.84
C VAL H 195 29.78 -84.94 -43.51
N ASN H 196 28.67 -84.20 -43.38
CA ASN H 196 27.93 -84.13 -42.12
C ASN H 196 27.21 -85.44 -41.81
N ASN H 197 26.56 -86.04 -42.80
CA ASN H 197 25.91 -87.34 -42.66
C ASN H 197 26.90 -88.45 -42.31
N GLU H 198 28.08 -88.44 -42.94
CA GLU H 198 29.15 -89.40 -42.65
C GLU H 198 29.74 -89.18 -41.25
N PHE H 199 29.92 -87.94 -40.82
CA PHE H 199 30.37 -87.62 -39.47
C PHE H 199 29.36 -88.06 -38.42
N ASP H 200 28.05 -87.94 -38.68
CA ASP H 200 27.01 -88.42 -37.77
C ASP H 200 26.98 -89.95 -37.68
N LYS H 201 27.18 -90.68 -38.79
CA LYS H 201 27.36 -92.14 -38.79
C LYS H 201 28.57 -92.55 -37.96
N LEU H 202 29.72 -91.93 -38.21
CA LEU H 202 30.97 -92.21 -37.50
C LEU H 202 30.86 -91.85 -36.01
N LYS H 203 30.18 -90.75 -35.66
CA LYS H 203 30.00 -90.32 -34.28
C LYS H 203 29.16 -91.32 -33.46
N LYS H 204 28.14 -91.93 -34.06
CA LYS H 204 27.29 -92.96 -33.40
C LYS H 204 28.12 -94.17 -32.94
N GLU H 205 29.05 -94.62 -33.78
CA GLU H 205 29.92 -95.78 -33.50
C GLU H 205 31.29 -95.40 -32.88
N ARG H 206 31.46 -94.14 -32.42
CA ARG H 206 32.73 -93.60 -31.91
C ARG H 206 33.92 -93.69 -32.88
N GLY H 207 33.66 -93.73 -34.19
CA GLY H 207 34.63 -93.78 -35.27
C GLY H 207 35.25 -92.42 -35.67
N LEU H 208 35.16 -91.38 -34.83
CA LEU H 208 35.82 -90.09 -35.08
C LEU H 208 37.07 -89.95 -34.21
N GLY H 209 38.24 -89.87 -34.85
CA GLY H 209 39.53 -89.68 -34.21
C GLY H 209 39.81 -88.25 -33.76
N ASN H 210 41.11 -87.92 -33.73
CA ASN H 210 41.62 -86.60 -33.41
C ASN H 210 41.29 -85.55 -34.49
N LYS H 211 41.66 -84.27 -34.27
CA LYS H 211 41.38 -83.18 -35.22
C LYS H 211 41.94 -83.44 -36.63
N LYS H 212 43.13 -84.06 -36.71
CA LYS H 212 43.79 -84.45 -37.97
C LYS H 212 42.97 -85.49 -38.73
N HIS H 213 42.59 -86.60 -38.07
CA HIS H 213 41.77 -87.66 -38.68
C HIS H 213 40.45 -87.13 -39.22
N ARG H 214 39.76 -86.25 -38.47
CA ARG H 214 38.52 -85.62 -38.95
C ARG H 214 38.75 -84.81 -40.21
N LYS H 215 39.85 -84.06 -40.29
CA LYS H 215 40.21 -83.33 -41.49
C LYS H 215 40.52 -84.27 -42.65
N GLU H 216 41.36 -85.28 -42.46
CA GLU H 216 41.72 -86.25 -43.51
C GLU H 216 40.49 -86.96 -44.08
N VAL H 217 39.56 -87.41 -43.22
CA VAL H 217 38.28 -87.99 -43.68
C VAL H 217 37.44 -86.95 -44.44
N SER H 218 37.35 -85.71 -43.94
CA SER H 218 36.61 -84.66 -44.65
C SER H 218 37.24 -84.30 -46.00
N ASP H 219 38.56 -84.30 -46.11
CA ASP H 219 39.29 -83.95 -47.32
C ASP H 219 39.11 -85.07 -48.36
N LEU H 220 39.29 -86.34 -47.98
CA LEU H 220 39.04 -87.49 -48.86
C LEU H 220 37.60 -87.56 -49.40
N ILE H 221 36.61 -87.23 -48.57
CA ILE H 221 35.19 -87.17 -49.00
C ILE H 221 34.98 -86.05 -50.03
N LYS H 222 35.56 -84.87 -49.78
CA LYS H 222 35.46 -83.71 -50.69
C LYS H 222 36.20 -83.96 -51.99
N GLU H 223 37.38 -84.60 -51.93
CA GLU H 223 38.13 -85.06 -53.10
C GLU H 223 37.27 -86.01 -53.93
N CYS H 224 36.65 -87.03 -53.33
CA CYS H 224 35.74 -87.92 -54.05
C CYS H 224 34.63 -87.15 -54.79
N GLN H 225 33.96 -86.19 -54.13
CA GLN H 225 32.94 -85.36 -54.79
C GLN H 225 33.52 -84.51 -55.92
N GLN H 226 34.70 -83.93 -55.71
CA GLN H 226 35.36 -83.05 -56.66
C GLN H 226 35.87 -83.83 -57.89
N SER H 227 36.52 -84.98 -57.72
CA SER H 227 37.00 -85.84 -58.81
C SER H 227 35.85 -86.40 -59.64
N LEU H 228 34.70 -86.72 -59.00
CA LEU H 228 33.47 -87.10 -59.68
C LEU H 228 32.87 -85.94 -60.51
N ALA H 229 32.83 -84.72 -59.96
CA ALA H 229 32.39 -83.55 -60.72
C ALA H 229 33.35 -83.22 -61.88
N HIS H 230 34.67 -83.30 -61.63
CA HIS H 230 35.68 -83.15 -62.67
C HIS H 230 35.55 -84.23 -63.74
N SER H 231 35.15 -85.46 -63.40
CA SER H 231 34.94 -86.52 -64.39
C SER H 231 33.86 -86.12 -65.42
N LEU H 232 32.74 -85.55 -64.97
CA LEU H 232 31.69 -85.03 -65.87
C LEU H 232 32.12 -83.79 -66.64
N TYR H 233 32.85 -82.90 -65.98
CA TYR H 233 33.45 -81.74 -66.62
C TYR H 233 34.42 -82.13 -67.72
N SER H 234 35.44 -82.92 -67.42
CA SER H 234 36.43 -83.41 -68.38
C SER H 234 35.78 -84.17 -69.52
N TRP H 235 34.70 -84.93 -69.26
CA TRP H 235 33.90 -85.53 -70.32
C TRP H 235 33.33 -84.45 -71.24
N SER H 236 32.59 -83.48 -70.70
CA SER H 236 31.95 -82.42 -71.49
C SER H 236 32.93 -81.55 -72.29
N CYS H 237 34.16 -81.39 -71.80
CA CYS H 237 35.23 -80.70 -72.51
C CYS H 237 35.76 -81.52 -73.70
N GLN H 238 35.76 -82.85 -73.60
CA GLN H 238 36.19 -83.74 -74.70
C GLN H 238 35.08 -83.97 -75.72
N THR H 239 33.89 -84.37 -75.26
CA THR H 239 32.71 -84.64 -76.09
C THR H 239 31.42 -84.15 -75.41
N PRO H 240 30.52 -83.45 -76.14
CA PRO H 240 29.28 -82.95 -75.56
C PRO H 240 28.36 -84.11 -75.15
N LEU H 241 27.76 -84.01 -73.95
CA LEU H 241 26.83 -85.00 -73.42
C LEU H 241 25.62 -85.21 -74.35
N ASN H 242 25.06 -86.41 -74.35
CA ASN H 242 23.84 -86.73 -75.11
C ASN H 242 22.61 -85.99 -74.51
N ARG H 243 21.47 -86.06 -75.20
CA ARG H 243 20.23 -85.36 -74.81
C ARG H 243 19.78 -85.70 -73.40
N GLU H 244 19.80 -86.96 -73.02
CA GLU H 244 19.27 -87.43 -71.73
C GLU H 244 20.19 -87.05 -70.57
N ASP H 245 21.50 -87.22 -70.75
CA ASP H 245 22.52 -86.84 -69.77
C ASP H 245 22.59 -85.33 -69.55
N THR H 246 22.43 -84.54 -70.63
CA THR H 246 22.35 -83.07 -70.52
C THR H 246 21.13 -82.64 -69.69
N LEU H 247 19.98 -83.30 -69.89
CA LEU H 247 18.76 -83.03 -69.11
C LEU H 247 18.89 -83.44 -67.64
N LEU H 248 19.62 -84.53 -67.35
CA LEU H 248 19.94 -84.94 -65.98
C LEU H 248 20.81 -83.89 -65.27
N LEU H 249 21.85 -83.38 -65.94
CA LEU H 249 22.71 -82.33 -65.39
C LEU H 249 21.93 -81.03 -65.12
N ILE H 250 21.06 -80.62 -66.04
CA ILE H 250 20.15 -79.48 -65.82
C ILE H 250 19.24 -79.73 -64.61
N GLY H 251 18.65 -80.93 -64.50
CA GLY H 251 17.77 -81.29 -63.38
C GLY H 251 18.48 -81.35 -62.01
N TYR H 252 19.79 -81.55 -62.00
CA TYR H 252 20.61 -81.44 -60.79
C TYR H 252 20.84 -79.96 -60.42
N LEU H 253 21.32 -79.14 -61.36
CA LEU H 253 21.63 -77.72 -61.15
C LEU H 253 20.40 -76.89 -60.74
N GLU H 254 19.19 -77.31 -61.15
CA GLU H 254 17.91 -76.76 -60.68
C GLU H 254 17.77 -76.70 -59.15
N LYS H 255 18.38 -77.66 -58.44
CA LYS H 255 18.24 -77.87 -56.99
C LYS H 255 19.37 -77.27 -56.16
N VAL H 256 20.40 -76.72 -56.80
CA VAL H 256 21.63 -76.21 -56.18
C VAL H 256 21.43 -74.80 -55.63
N THR H 257 22.07 -74.53 -54.49
CA THR H 257 22.09 -73.22 -53.80
C THR H 257 23.50 -72.67 -53.71
N VAL H 258 23.60 -71.38 -53.40
CA VAL H 258 24.85 -70.64 -53.26
C VAL H 258 25.31 -70.68 -51.79
N GLU H 259 26.61 -70.57 -51.53
CA GLU H 259 27.19 -70.48 -50.19
C GLU H 259 26.80 -69.17 -49.47
N GLY H 260 27.08 -69.09 -48.16
CA GLY H 260 26.69 -67.95 -47.32
C GLY H 260 27.34 -66.60 -47.69
N ASP H 261 28.41 -66.61 -48.47
CA ASP H 261 29.10 -65.42 -49.00
C ASP H 261 28.60 -65.01 -50.40
N GLY H 262 27.69 -65.77 -51.01
CA GLY H 262 27.21 -65.53 -52.37
C GLY H 262 28.02 -66.24 -53.47
N SER H 263 29.02 -67.05 -53.12
CA SER H 263 29.82 -67.84 -54.09
C SER H 263 29.29 -69.26 -54.33
N LEU H 264 29.62 -69.87 -55.48
CA LEU H 264 29.43 -71.31 -55.69
C LEU H 264 30.59 -72.08 -55.05
N ASP H 265 30.26 -73.19 -54.39
CA ASP H 265 31.23 -74.18 -53.94
C ASP H 265 31.89 -74.90 -55.12
N LYS H 266 33.05 -75.52 -54.85
CA LYS H 266 33.91 -76.15 -55.86
C LYS H 266 33.16 -77.13 -56.77
N VAL H 267 32.37 -78.02 -56.18
CA VAL H 267 31.71 -79.11 -56.88
C VAL H 267 30.64 -78.57 -57.84
N ASN H 268 29.79 -77.66 -57.35
CA ASN H 268 28.73 -77.10 -58.17
C ASN H 268 29.24 -76.11 -59.23
N LEU H 269 30.31 -75.38 -58.94
CA LEU H 269 31.00 -74.58 -59.96
C LEU H 269 31.48 -75.49 -61.10
N THR H 270 32.17 -76.60 -60.79
CA THR H 270 32.63 -77.56 -61.79
C THR H 270 31.47 -78.13 -62.63
N LEU H 271 30.34 -78.50 -62.01
CA LEU H 271 29.16 -79.01 -62.73
C LEU H 271 28.47 -77.95 -63.61
N LEU H 272 28.42 -76.69 -63.16
CA LEU H 272 27.97 -75.57 -64.00
C LEU H 272 28.89 -75.42 -65.21
N MET H 273 30.20 -75.50 -65.02
CA MET H 273 31.17 -75.47 -66.11
C MET H 273 30.99 -76.66 -67.06
N SER H 274 30.69 -77.87 -66.56
CA SER H 274 30.36 -79.03 -67.40
C SER H 274 29.18 -78.74 -68.33
N LEU H 275 28.11 -78.14 -67.80
CA LEU H 275 26.94 -77.77 -68.61
C LEU H 275 27.28 -76.67 -69.62
N LEU H 276 28.04 -75.65 -69.22
CA LEU H 276 28.46 -74.58 -70.12
C LEU H 276 29.30 -75.11 -71.28
N TYR H 277 30.16 -76.11 -71.07
CA TYR H 277 30.90 -76.78 -72.13
C TYR H 277 30.01 -77.63 -73.05
N CYS H 278 28.97 -78.28 -72.51
CA CYS H 278 27.97 -78.95 -73.34
C CYS H 278 27.25 -77.98 -74.30
N LEU H 279 27.13 -76.70 -73.92
CA LEU H 279 26.51 -75.65 -74.73
C LEU H 279 27.51 -74.87 -75.61
N ASP H 280 28.79 -75.26 -75.68
CA ASP H 280 29.78 -74.55 -76.49
C ASP H 280 29.73 -74.93 -77.97
N VAL H 281 29.53 -73.93 -78.83
CA VAL H 281 29.55 -74.06 -80.30
C VAL H 281 30.71 -73.31 -80.97
N GLY H 282 31.56 -72.60 -80.23
CA GLY H 282 32.57 -71.76 -80.90
C GLY H 282 33.70 -72.54 -81.60
N PHE H 283 33.76 -73.87 -81.50
CA PHE H 283 34.61 -74.68 -82.40
C PHE H 283 34.21 -74.52 -83.88
N LEU H 284 32.98 -74.10 -84.17
CA LEU H 284 32.51 -73.83 -85.52
C LEU H 284 33.13 -72.55 -86.13
N GLU H 285 33.75 -71.69 -85.32
CA GLU H 285 34.44 -70.47 -85.80
C GLU H 285 35.93 -70.71 -86.14
N GLN H 286 36.59 -71.71 -85.54
CA GLN H 286 38.07 -71.82 -85.52
C GLN H 286 38.72 -72.56 -86.71
N GLY H 287 37.98 -73.11 -87.67
CA GLY H 287 38.59 -73.78 -88.82
C GLY H 287 37.63 -73.96 -90.00
N THR H 288 38.08 -73.60 -91.20
CA THR H 288 37.31 -73.83 -92.44
C THR H 288 37.48 -75.24 -92.99
N ASP H 289 38.62 -75.89 -92.74
CA ASP H 289 39.00 -77.09 -93.49
C ASP H 289 38.43 -78.39 -92.87
N ASP H 290 38.38 -78.51 -91.53
CA ASP H 290 37.80 -79.67 -90.82
C ASP H 290 36.34 -79.47 -90.35
N ARG H 291 35.67 -78.43 -90.87
CA ARG H 291 34.38 -77.92 -90.38
C ARG H 291 33.22 -78.90 -90.51
N GLU H 292 33.11 -79.60 -91.64
CA GLU H 292 32.04 -80.59 -91.88
C GLU H 292 32.19 -81.83 -90.99
N GLU H 293 33.42 -82.25 -90.71
CA GLU H 293 33.69 -83.44 -89.90
C GLU H 293 33.46 -83.16 -88.40
N LEU H 294 33.81 -81.96 -87.93
CA LEU H 294 33.49 -81.50 -86.57
C LEU H 294 31.99 -81.31 -86.35
N MET H 295 31.23 -80.83 -87.34
CA MET H 295 29.76 -80.76 -87.26
C MET H 295 29.15 -82.17 -87.12
N LYS H 296 29.63 -83.16 -87.87
CA LYS H 296 29.18 -84.55 -87.77
C LYS H 296 29.49 -85.21 -86.42
N GLN H 297 30.50 -84.73 -85.68
CA GLN H 297 30.85 -85.29 -84.35
C GLN H 297 30.07 -84.65 -83.18
N ALA H 298 29.44 -83.49 -83.36
CA ALA H 298 28.77 -82.81 -82.26
C ALA H 298 27.34 -83.35 -82.03
N SER H 299 27.06 -83.82 -80.81
CA SER H 299 25.76 -84.37 -80.39
C SER H 299 24.55 -83.47 -80.73
N MET H 300 24.73 -82.14 -80.73
CA MET H 300 23.67 -81.17 -81.08
C MET H 300 23.19 -81.30 -82.53
N PHE H 301 24.04 -81.72 -83.47
CA PHE H 301 23.68 -81.88 -84.89
C PHE H 301 23.32 -83.34 -85.25
N MET H 302 23.69 -84.31 -84.41
CA MET H 302 23.33 -85.73 -84.59
C MET H 302 21.87 -86.02 -84.22
N ASP H 303 21.35 -85.42 -83.14
CA ASP H 303 19.96 -85.60 -82.68
C ASP H 303 19.11 -84.35 -82.97
N ARG H 304 18.19 -84.45 -83.94
CA ARG H 304 17.25 -83.37 -84.30
C ARG H 304 16.38 -82.88 -83.13
N GLN H 305 16.19 -83.69 -82.10
CA GLN H 305 15.39 -83.33 -80.92
C GLN H 305 16.21 -82.69 -79.79
N TYR H 306 17.54 -82.70 -79.87
CA TYR H 306 18.41 -82.17 -78.80
C TYR H 306 18.11 -80.69 -78.52
N ILE H 307 18.15 -79.85 -79.56
CA ILE H 307 17.92 -78.40 -79.46
C ILE H 307 16.51 -78.11 -78.92
N ALA H 308 15.48 -78.79 -79.44
CA ALA H 308 14.10 -78.62 -79.01
C ALA H 308 13.89 -79.00 -77.53
N ALA H 309 14.50 -80.11 -77.08
CA ALA H 309 14.39 -80.57 -75.70
C ALA H 309 15.05 -79.60 -74.69
N ILE H 310 16.27 -79.14 -74.99
CA ILE H 310 16.99 -78.18 -74.14
C ILE H 310 16.28 -76.82 -74.14
N HIS H 311 15.86 -76.33 -75.31
CA HIS H 311 15.12 -75.07 -75.43
C HIS H 311 13.82 -75.09 -74.61
N ASN H 312 12.99 -76.13 -74.78
CA ASN H 312 11.75 -76.29 -74.01
C ASN H 312 12.01 -76.36 -72.49
N ARG H 313 13.08 -77.04 -72.06
CA ARG H 313 13.45 -77.14 -70.64
C ARG H 313 13.83 -75.79 -70.05
N LEU H 314 14.54 -74.94 -70.79
CA LEU H 314 14.99 -73.61 -70.35
C LEU H 314 13.89 -72.53 -70.46
N GLN H 315 12.94 -72.70 -71.39
CA GLN H 315 11.82 -71.78 -71.63
C GLN H 315 10.65 -71.98 -70.66
N ASN H 316 10.13 -73.20 -70.48
CA ASN H 316 8.79 -73.46 -69.92
C ASN H 316 8.71 -73.77 -68.41
N THR H 317 9.74 -73.52 -67.60
CA THR H 317 9.88 -74.21 -66.30
C THR H 317 9.95 -73.33 -65.05
N GLN H 318 9.65 -73.98 -63.92
CA GLN H 318 9.74 -73.48 -62.55
C GLN H 318 11.07 -72.72 -62.31
N PRO H 319 11.05 -71.66 -61.47
CA PRO H 319 12.28 -70.98 -61.08
C PRO H 319 13.22 -71.97 -60.40
N TRP H 320 14.49 -71.99 -60.83
CA TRP H 320 15.53 -72.76 -60.15
C TRP H 320 15.73 -72.19 -58.74
N LYS H 321 16.26 -72.99 -57.81
CA LYS H 321 16.59 -72.48 -56.46
C LYS H 321 17.56 -71.31 -56.50
N SER H 322 18.47 -71.29 -57.49
CA SER H 322 19.31 -70.16 -57.84
C SER H 322 18.87 -69.56 -59.18
N PRO H 323 18.11 -68.45 -59.18
CA PRO H 323 17.68 -67.78 -60.40
C PRO H 323 18.85 -67.29 -61.26
N GLY H 324 19.94 -66.85 -60.63
CA GLY H 324 21.13 -66.37 -61.32
C GLY H 324 21.82 -67.48 -62.13
N MET H 325 21.91 -68.69 -61.59
CA MET H 325 22.46 -69.85 -62.30
C MET H 325 21.60 -70.25 -63.51
N GLN H 326 20.27 -70.20 -63.35
CA GLN H 326 19.34 -70.39 -64.47
C GLN H 326 19.57 -69.32 -65.56
N ALA H 327 19.77 -68.07 -65.16
CA ALA H 327 20.06 -66.97 -66.07
C ALA H 327 21.38 -67.16 -66.82
N THR H 328 22.43 -67.65 -66.17
CA THR H 328 23.72 -68.00 -66.80
C THR H 328 23.56 -69.05 -67.88
N VAL H 329 22.82 -70.13 -67.60
CA VAL H 329 22.56 -71.19 -68.59
C VAL H 329 21.71 -70.68 -69.75
N ARG H 330 20.70 -69.84 -69.48
CA ARG H 330 19.89 -69.19 -70.53
C ARG H 330 20.72 -68.27 -71.43
N LEU H 331 21.65 -67.50 -70.86
CA LEU H 331 22.55 -66.64 -71.64
C LEU H 331 23.46 -67.49 -72.54
N ALA H 332 24.08 -68.54 -71.98
CA ALA H 332 24.92 -69.46 -72.74
C ALA H 332 24.14 -70.13 -73.88
N TRP H 333 22.89 -70.54 -73.62
CA TRP H 333 22.01 -71.11 -74.64
C TRP H 333 21.60 -70.10 -75.71
N ALA H 334 21.29 -68.86 -75.34
CA ALA H 334 20.96 -67.79 -76.29
C ALA H 334 22.13 -67.51 -77.24
N LEU H 335 23.36 -67.47 -76.72
CA LEU H 335 24.57 -67.30 -77.52
C LEU H 335 24.88 -68.52 -78.39
N ALA H 336 24.60 -69.74 -77.88
CA ALA H 336 24.72 -70.95 -78.67
C ALA H 336 23.75 -70.96 -79.86
N LEU H 337 22.47 -70.63 -79.64
CA LEU H 337 21.47 -70.49 -80.71
C LEU H 337 21.87 -69.43 -81.74
N ARG H 338 22.39 -68.28 -81.29
CA ARG H 338 22.91 -67.22 -82.16
C ARG H 338 24.13 -67.67 -82.97
N GLY H 339 25.02 -68.45 -82.36
CA GLY H 339 26.16 -69.05 -83.05
C GLY H 339 25.69 -70.02 -84.13
N ILE H 340 24.77 -70.94 -83.80
CA ILE H 340 24.22 -71.92 -84.73
C ILE H 340 23.40 -71.27 -85.85
N SER H 341 22.67 -70.19 -85.59
CA SER H 341 21.83 -69.53 -86.60
C SER H 341 22.62 -68.88 -87.74
N GLN H 342 23.92 -68.65 -87.57
CA GLN H 342 24.82 -68.27 -88.66
C GLN H 342 24.97 -69.38 -89.73
N PHE H 343 24.47 -70.59 -89.45
CA PHE H 343 24.57 -71.78 -90.29
C PHE H 343 23.16 -72.27 -90.67
N SER H 344 22.92 -72.49 -91.98
CA SER H 344 21.57 -72.50 -92.60
C SER H 344 20.57 -73.57 -92.12
N GLU H 345 20.96 -74.62 -91.41
CA GLU H 345 20.11 -75.82 -91.23
C GLU H 345 19.19 -75.81 -89.99
N VAL H 346 19.24 -74.80 -89.11
CA VAL H 346 18.38 -74.72 -87.91
C VAL H 346 17.54 -73.44 -87.87
N LEU H 347 16.57 -73.30 -88.78
CA LEU H 347 15.72 -72.09 -88.85
C LEU H 347 14.67 -72.00 -87.72
N GLU H 348 14.17 -73.13 -87.20
CA GLU H 348 13.02 -73.17 -86.27
C GLU H 348 13.24 -72.39 -84.94
N PHE H 349 14.48 -72.28 -84.47
CA PHE H 349 14.82 -71.62 -83.21
C PHE H 349 15.66 -70.34 -83.38
N SER H 350 15.86 -69.87 -84.62
CA SER H 350 16.72 -68.72 -84.91
C SER H 350 16.23 -67.42 -84.27
N GLU H 351 14.91 -67.21 -84.19
CA GLU H 351 14.31 -66.03 -83.54
C GLU H 351 14.19 -66.16 -82.00
N ALA H 352 14.51 -67.33 -81.45
CA ALA H 352 14.33 -67.60 -80.03
C ALA H 352 15.57 -67.21 -79.18
N ASP H 353 16.66 -66.76 -79.82
CA ASP H 353 17.91 -66.33 -79.19
C ASP H 353 17.74 -65.00 -78.41
N GLU H 354 17.18 -63.96 -79.03
CA GLU H 354 16.94 -62.64 -78.44
C GLU H 354 16.00 -62.65 -77.22
N PRO H 355 14.82 -63.32 -77.24
CA PRO H 355 13.95 -63.38 -76.06
C PRO H 355 14.61 -64.15 -74.92
N MET H 356 15.35 -65.22 -75.21
CA MET H 356 16.08 -65.98 -74.18
C MET H 356 17.18 -65.13 -73.53
N ALA H 357 17.92 -64.35 -74.33
CA ALA H 357 18.90 -63.39 -73.82
C ALA H 357 18.24 -62.32 -72.94
N GLU H 358 17.08 -61.76 -73.31
CA GLU H 358 16.38 -60.76 -72.48
C GLU H 358 15.93 -61.34 -71.13
N ILE H 359 15.44 -62.59 -71.12
CA ILE H 359 15.08 -63.31 -69.88
C ILE H 359 16.31 -63.51 -69.00
N ALA H 360 17.45 -63.89 -69.59
CA ALA H 360 18.71 -64.08 -68.86
C ALA H 360 19.20 -62.75 -68.24
N ILE H 361 19.20 -61.66 -69.00
CA ILE H 361 19.59 -60.34 -68.49
C ILE H 361 18.62 -59.91 -67.38
N GLY H 362 17.31 -60.14 -67.54
CA GLY H 362 16.30 -59.88 -66.50
C GLY H 362 16.52 -60.67 -65.20
N GLY H 363 17.23 -61.79 -65.26
CA GLY H 363 17.62 -62.61 -64.12
C GLY H 363 18.94 -62.21 -63.45
N ASN H 364 19.47 -61.00 -63.71
CA ASN H 364 20.74 -60.51 -63.17
C ASN H 364 21.96 -61.40 -63.49
N VAL H 365 22.01 -61.99 -64.69
CA VAL H 365 23.08 -62.92 -65.11
C VAL H 365 24.50 -62.38 -64.89
N PHE H 366 24.75 -61.10 -65.19
CA PHE H 366 26.09 -60.52 -65.04
C PHE H 366 26.50 -60.36 -63.58
N LEU H 367 25.56 -60.00 -62.69
CA LEU H 367 25.81 -59.93 -61.26
C LEU H 367 26.13 -61.31 -60.70
N PHE H 368 25.33 -62.32 -61.07
CA PHE H 368 25.58 -63.71 -60.65
C PHE H 368 26.93 -64.24 -61.16
N LEU H 369 27.29 -63.96 -62.42
CA LEU H 369 28.62 -64.31 -62.93
C LEU H 369 29.75 -63.61 -62.14
N THR H 370 29.54 -62.37 -61.71
CA THR H 370 30.55 -61.62 -60.95
C THR H 370 30.73 -62.15 -59.54
N GLU H 371 29.63 -62.34 -58.78
CA GLU H 371 29.68 -62.70 -57.36
C GLU H 371 29.79 -64.21 -57.16
N ALA H 372 29.01 -65.02 -57.90
CA ALA H 372 28.88 -66.44 -57.65
C ALA H 372 29.91 -67.30 -58.39
N VAL H 373 30.28 -66.90 -59.62
CA VAL H 373 31.22 -67.64 -60.49
C VAL H 373 32.63 -67.08 -60.35
N VAL H 374 32.88 -65.86 -60.82
CA VAL H 374 34.22 -65.24 -60.82
C VAL H 374 34.70 -64.96 -59.39
N GLY H 375 33.79 -64.59 -58.48
CA GLY H 375 34.08 -64.35 -57.08
C GLY H 375 34.44 -65.61 -56.27
N SER H 376 34.16 -66.81 -56.78
CA SER H 376 34.54 -68.06 -56.11
C SER H 376 36.06 -68.23 -56.11
N GLU H 377 36.66 -68.55 -54.95
CA GLU H 377 38.11 -68.81 -54.86
C GLU H 377 38.59 -69.94 -55.80
N SER H 378 37.66 -70.79 -56.24
CA SER H 378 37.92 -72.00 -57.05
C SER H 378 37.79 -71.75 -58.55
N PHE H 379 37.37 -70.56 -58.97
CA PHE H 379 37.26 -70.23 -60.38
C PHE H 379 38.64 -70.09 -61.03
N CYS H 380 39.59 -69.49 -60.33
CA CYS H 380 40.96 -69.28 -60.81
C CYS H 380 41.86 -70.52 -60.73
N THR H 381 41.35 -71.69 -60.33
CA THR H 381 42.19 -72.91 -60.19
C THR H 381 42.28 -73.74 -61.46
N ASP H 382 41.34 -73.58 -62.40
CA ASP H 382 41.33 -74.32 -63.67
C ASP H 382 41.33 -73.33 -64.84
N GLU H 383 42.35 -73.42 -65.69
CA GLU H 383 42.54 -72.59 -66.88
C GLU H 383 41.30 -72.61 -67.80
N PHE H 384 40.72 -73.79 -67.98
CA PHE H 384 39.59 -73.97 -68.90
C PHE H 384 38.31 -73.33 -68.37
N PHE H 385 38.17 -73.15 -67.05
CA PHE H 385 37.07 -72.35 -66.49
C PHE H 385 37.17 -70.90 -66.94
N ILE H 386 38.37 -70.32 -66.86
CA ILE H 386 38.64 -68.95 -67.27
C ILE H 386 38.37 -68.79 -68.77
N ARG H 387 38.89 -69.71 -69.61
CA ARG H 387 38.67 -69.67 -71.07
C ARG H 387 37.19 -69.75 -71.43
N ARG H 388 36.39 -70.58 -70.74
CA ARG H 388 34.96 -70.72 -71.06
C ARG H 388 34.14 -69.52 -70.64
N ILE H 389 34.39 -68.94 -69.45
CA ILE H 389 33.71 -67.70 -69.02
C ILE H 389 34.19 -66.51 -69.85
N HIS H 390 35.48 -66.42 -70.16
CA HIS H 390 36.02 -65.43 -71.11
C HIS H 390 35.23 -65.45 -72.42
N LYS H 391 35.07 -66.64 -73.02
CA LYS H 391 34.32 -66.83 -74.25
C LYS H 391 32.85 -66.42 -74.10
N LEU H 392 32.18 -66.83 -73.02
CA LEU H 392 30.80 -66.43 -72.75
C LEU H 392 30.63 -64.90 -72.65
N VAL H 393 31.56 -64.22 -71.97
CA VAL H 393 31.54 -62.76 -71.78
C VAL H 393 31.87 -62.01 -73.08
N THR H 394 32.78 -62.53 -73.89
CA THR H 394 33.20 -61.90 -75.16
C THR H 394 32.26 -62.26 -76.33
N ASP H 395 31.59 -63.40 -76.31
CA ASP H 395 30.58 -63.81 -77.29
C ASP H 395 29.33 -62.92 -77.22
N PHE H 396 28.97 -62.43 -76.03
CA PHE H 396 27.81 -61.54 -75.88
C PHE H 396 27.90 -60.24 -76.70
N PRO H 397 28.95 -59.39 -76.55
CA PRO H 397 29.08 -58.17 -77.35
C PRO H 397 29.39 -58.43 -78.83
N THR H 398 30.02 -59.57 -79.16
CA THR H 398 30.39 -59.88 -80.56
C THR H 398 29.20 -60.44 -81.36
N LEU H 399 28.41 -61.34 -80.77
CA LEU H 399 27.26 -61.98 -81.43
C LEU H 399 25.96 -61.18 -81.31
N MET H 400 25.76 -60.40 -80.24
CA MET H 400 24.54 -59.62 -79.97
C MET H 400 24.78 -58.10 -79.77
N PRO H 401 25.39 -57.38 -80.73
CA PRO H 401 25.71 -55.96 -80.59
C PRO H 401 24.47 -55.04 -80.44
N MET H 402 23.31 -55.45 -80.98
CA MET H 402 22.06 -54.69 -80.83
C MET H 402 21.54 -54.71 -79.39
N LYS H 403 21.73 -55.82 -78.66
CA LYS H 403 21.40 -55.90 -77.23
C LYS H 403 22.31 -55.02 -76.39
N VAL H 404 23.61 -54.99 -76.68
CA VAL H 404 24.54 -54.04 -76.04
C VAL H 404 24.09 -52.59 -76.24
N LYS H 405 23.65 -52.23 -77.45
CA LYS H 405 23.10 -50.89 -77.72
C LYS H 405 21.82 -50.61 -76.93
N GLN H 406 20.92 -51.59 -76.79
CA GLN H 406 19.71 -51.45 -75.97
C GLN H 406 20.05 -51.26 -74.48
N LEU H 407 21.00 -52.02 -73.93
CA LEU H 407 21.46 -51.89 -72.54
C LEU H 407 22.06 -50.50 -72.28
N ARG H 408 22.81 -49.96 -73.24
CA ARG H 408 23.35 -48.60 -73.19
C ARG H 408 22.25 -47.54 -73.17
N ASN H 409 21.32 -47.58 -74.13
CA ASN H 409 20.23 -46.61 -74.19
C ASN H 409 19.41 -46.61 -72.89
N ARG H 410 19.15 -47.79 -72.33
CA ARG H 410 18.41 -47.96 -71.06
C ARG H 410 19.20 -47.35 -69.88
N ALA H 411 20.52 -47.58 -69.81
CA ALA H 411 21.37 -46.97 -68.78
C ALA H 411 21.44 -45.44 -68.89
N GLU H 412 21.39 -44.88 -70.10
CA GLU H 412 21.30 -43.43 -70.33
C GLU H 412 19.94 -42.85 -69.90
N GLU H 413 18.85 -43.58 -70.15
CA GLU H 413 17.51 -43.22 -69.65
C GLU H 413 17.46 -43.26 -68.12
N ASP H 414 17.97 -44.32 -67.51
CA ASP H 414 18.04 -44.48 -66.05
C ASP H 414 18.90 -43.38 -65.40
N ALA H 415 20.01 -43.00 -66.03
CA ALA H 415 20.83 -41.86 -65.57
C ALA H 415 20.06 -40.53 -65.60
N ARG H 416 19.25 -40.28 -66.64
CA ARG H 416 18.38 -39.10 -66.73
C ARG H 416 17.29 -39.12 -65.66
N LEU H 417 16.68 -40.29 -65.40
CA LEU H 417 15.70 -40.49 -64.33
C LEU H 417 16.29 -40.22 -62.94
N ILE H 418 17.49 -40.74 -62.65
CA ILE H 418 18.21 -40.49 -61.39
C ILE H 418 18.54 -39.01 -61.24
N GLN H 419 19.01 -38.35 -62.31
CA GLN H 419 19.31 -36.92 -62.27
C GLN H 419 18.05 -36.08 -62.03
N MET H 420 16.94 -36.44 -62.67
CA MET H 420 15.64 -35.77 -62.49
C MET H 420 15.08 -35.99 -61.08
N SER H 421 15.17 -37.21 -60.52
CA SER H 421 14.72 -37.48 -59.15
C SER H 421 15.55 -36.70 -58.13
N MET H 422 16.87 -36.65 -58.32
CA MET H 422 17.80 -35.87 -57.48
C MET H 422 17.49 -34.37 -57.53
N GLN H 423 17.15 -33.82 -58.69
CA GLN H 423 16.75 -32.41 -58.83
C GLN H 423 15.40 -32.11 -58.15
N MET H 424 14.48 -33.08 -58.12
CA MET H 424 13.19 -32.96 -57.45
C MET H 424 13.26 -33.28 -55.94
N GLY H 425 14.43 -33.67 -55.41
CA GLY H 425 14.60 -34.08 -54.02
C GLY H 425 13.99 -35.46 -53.68
N ASN H 426 13.64 -36.26 -54.68
CA ASN H 426 13.07 -37.59 -54.52
C ASN H 426 14.15 -38.68 -54.60
N GLU H 427 13.94 -39.77 -53.86
CA GLU H 427 14.77 -40.98 -54.03
C GLU H 427 14.59 -41.58 -55.43
N PRO H 428 15.67 -42.10 -56.04
CA PRO H 428 15.59 -42.74 -57.35
C PRO H 428 14.70 -44.00 -57.26
N PRO H 429 13.88 -44.28 -58.29
CA PRO H 429 12.98 -45.43 -58.27
C PRO H 429 13.72 -46.76 -58.10
N ALA H 430 13.23 -47.61 -57.20
CA ALA H 430 13.82 -48.92 -56.91
C ALA H 430 13.74 -49.92 -58.08
N SER H 431 12.95 -49.63 -59.12
CA SER H 431 12.76 -50.48 -60.29
C SER H 431 13.85 -50.35 -61.37
N LEU H 432 14.86 -49.50 -61.17
CA LEU H 432 15.93 -49.26 -62.15
C LEU H 432 16.82 -50.50 -62.28
N ARG H 433 17.09 -50.93 -63.52
CA ARG H 433 17.93 -52.10 -63.81
C ARG H 433 19.36 -51.68 -64.07
N ARG H 434 20.33 -52.37 -63.46
CA ARG H 434 21.77 -52.05 -63.55
C ARG H 434 22.54 -53.01 -64.46
N ASP H 435 21.87 -53.56 -65.47
CA ASP H 435 22.39 -54.63 -66.32
C ASP H 435 23.77 -54.29 -66.94
N LEU H 436 23.90 -53.09 -67.52
CA LEU H 436 25.15 -52.64 -68.15
C LEU H 436 26.26 -52.36 -67.14
N GLU H 437 25.91 -51.77 -65.99
CA GLU H 437 26.83 -51.57 -64.87
C GLU H 437 27.40 -52.92 -64.41
N HIS H 438 26.55 -53.95 -64.27
CA HIS H 438 26.98 -55.29 -63.89
C HIS H 438 27.85 -55.97 -64.96
N LEU H 439 27.58 -55.75 -66.26
CA LEU H 439 28.45 -56.25 -67.34
C LEU H 439 29.86 -55.62 -67.27
N LEU H 440 29.96 -54.31 -67.03
CA LEU H 440 31.25 -53.62 -66.90
C LEU H 440 32.04 -54.12 -65.68
N LEU H 441 31.35 -54.33 -64.55
CA LEU H 441 31.96 -54.89 -63.34
C LEU H 441 32.41 -56.34 -63.54
N LEU H 442 31.62 -57.16 -64.26
CA LEU H 442 31.99 -58.53 -64.60
C LEU H 442 33.28 -58.58 -65.42
N ILE H 443 33.39 -57.75 -66.46
CA ILE H 443 34.63 -57.64 -67.25
C ILE H 443 35.78 -57.17 -66.36
N GLY H 444 35.55 -56.18 -65.50
CA GLY H 444 36.57 -55.68 -64.57
C GLY H 444 37.08 -56.74 -63.59
N GLU H 445 36.21 -57.58 -63.03
CA GLU H 445 36.60 -58.61 -62.06
C GLU H 445 37.19 -59.85 -62.74
N LEU H 446 36.66 -60.28 -63.90
CA LEU H 446 37.17 -61.44 -64.66
C LEU H 446 38.65 -61.32 -65.02
N TYR H 447 39.08 -60.13 -65.46
CA TYR H 447 40.45 -59.88 -65.88
C TYR H 447 41.34 -59.33 -64.77
N ARG H 448 40.82 -59.14 -63.55
CA ARG H 448 41.61 -58.54 -62.46
C ARG H 448 42.88 -59.31 -62.13
N LYS H 449 42.85 -60.63 -62.29
CA LYS H 449 43.97 -61.55 -62.05
C LYS H 449 44.11 -62.49 -63.25
N ASP H 450 45.34 -62.71 -63.70
CA ASP H 450 45.66 -63.69 -64.74
C ASP H 450 46.72 -64.67 -64.21
N PRO H 451 46.31 -65.70 -63.44
CA PRO H 451 47.24 -66.62 -62.78
C PRO H 451 47.97 -67.56 -63.76
N PHE H 452 47.40 -67.83 -64.94
CA PHE H 452 47.97 -68.73 -65.94
C PHE H 452 48.64 -67.98 -67.11
N HIS H 453 48.78 -66.65 -67.01
CA HIS H 453 49.39 -65.80 -68.05
C HIS H 453 48.78 -66.03 -69.45
N LEU H 454 47.45 -66.15 -69.52
CA LEU H 454 46.74 -66.46 -70.77
C LEU H 454 46.57 -65.24 -71.67
N GLU H 455 46.77 -64.04 -71.14
CA GLU H 455 46.66 -62.75 -71.83
C GLU H 455 45.31 -62.53 -72.56
N LEU H 456 44.23 -63.18 -72.09
CA LEU H 456 42.89 -63.13 -72.71
C LEU H 456 42.28 -61.72 -72.77
N ALA H 457 42.77 -60.78 -71.96
CA ALA H 457 42.36 -59.38 -72.02
C ALA H 457 42.81 -58.67 -73.32
N LEU H 458 43.81 -59.20 -74.03
CA LEU H 458 44.30 -58.64 -75.31
C LEU H 458 43.24 -58.61 -76.41
N GLU H 459 42.22 -59.49 -76.35
CA GLU H 459 41.12 -59.46 -77.32
C GLU H 459 40.31 -58.14 -77.26
N TYR H 460 40.34 -57.41 -76.14
CA TYR H 460 39.68 -56.10 -76.02
C TYR H 460 40.52 -54.96 -76.59
N TRP H 461 41.79 -55.17 -76.90
CA TRP H 461 42.70 -54.14 -77.38
C TRP H 461 43.05 -54.35 -78.85
N CYS H 462 43.06 -53.27 -79.64
CA CYS H 462 43.50 -53.31 -81.03
C CYS H 462 44.77 -52.45 -81.17
N PRO H 463 45.93 -53.02 -81.54
CA PRO H 463 47.15 -52.26 -81.76
C PRO H 463 46.92 -51.21 -82.84
N THR H 464 47.15 -49.93 -82.53
CA THR H 464 47.05 -48.85 -83.54
C THR H 464 48.39 -48.60 -84.22
N GLU H 465 49.50 -48.97 -83.57
CA GLU H 465 50.87 -48.87 -84.08
C GLU H 465 51.59 -50.22 -83.89
N PRO H 466 52.37 -50.69 -84.88
CA PRO H 466 53.23 -51.86 -84.70
C PRO H 466 54.38 -51.52 -83.74
N LEU H 467 54.44 -52.23 -82.60
CA LEU H 467 55.53 -52.15 -81.63
C LEU H 467 56.85 -52.56 -82.33
N GLN H 468 57.73 -51.59 -82.57
CA GLN H 468 59.12 -51.82 -82.97
C GLN H 468 59.89 -52.37 -81.77
N SER H 469 59.74 -53.66 -81.49
CA SER H 469 60.63 -54.42 -80.60
C SER H 469 61.57 -55.25 -81.47
N THR H 470 62.80 -54.78 -81.62
CA THR H 470 63.85 -55.43 -82.43
C THR H 470 64.53 -56.63 -81.74
N SER H 471 64.04 -57.11 -80.59
CA SER H 471 64.81 -58.00 -79.70
C SER H 471 64.40 -59.49 -79.66
N LEU H 472 63.59 -59.98 -80.61
CA LEU H 472 63.39 -61.42 -80.81
C LEU H 472 63.59 -61.77 -82.30
N MET H 473 64.84 -61.67 -82.72
CA MET H 473 65.33 -62.16 -84.00
C MET H 473 65.42 -63.69 -83.91
N GLY H 474 64.32 -64.40 -84.20
CA GLY H 474 64.30 -65.84 -83.98
C GLY H 474 63.04 -66.61 -84.35
N SER H 475 62.19 -66.16 -85.30
CA SER H 475 61.36 -67.10 -86.05
C SER H 475 61.07 -66.59 -87.46
N PHE H 476 61.44 -67.42 -88.42
CA PHE H 476 61.58 -67.12 -89.85
C PHE H 476 60.24 -67.19 -90.60
N LEU H 477 59.16 -66.66 -90.02
CA LEU H 477 57.87 -66.50 -90.70
C LEU H 477 57.55 -65.02 -90.84
N GLY H 478 58.08 -64.43 -91.91
CA GLY H 478 57.63 -63.14 -92.40
C GLY H 478 56.15 -63.20 -92.79
N VAL H 479 55.29 -62.62 -91.97
CA VAL H 479 53.92 -62.24 -92.36
C VAL H 479 53.67 -60.82 -91.88
N ALA H 480 53.94 -59.88 -92.77
CA ALA H 480 53.48 -58.52 -92.69
C ALA H 480 51.94 -58.47 -92.63
N HIS H 481 51.39 -57.61 -91.78
CA HIS H 481 50.03 -57.08 -91.85
C HIS H 481 48.87 -58.10 -91.88
N GLN H 482 48.71 -58.93 -90.84
CA GLN H 482 47.37 -59.45 -90.57
C GLN H 482 46.50 -58.31 -90.01
N ARG H 483 45.38 -58.02 -90.68
CA ARG H 483 44.30 -57.23 -90.07
C ARG H 483 43.91 -57.92 -88.76
N PRO H 484 43.69 -57.18 -87.67
CA PRO H 484 43.23 -57.78 -86.42
C PRO H 484 41.92 -58.55 -86.66
N PRO H 485 41.74 -59.72 -86.03
CA PRO H 485 40.53 -60.52 -86.18
C PRO H 485 39.27 -59.70 -85.91
N GLN H 486 38.19 -59.97 -86.67
CA GLN H 486 36.93 -59.22 -86.58
C GLN H 486 36.38 -59.16 -85.13
N ARG H 487 36.57 -60.25 -84.37
CA ARG H 487 36.26 -60.33 -82.93
C ARG H 487 36.97 -59.24 -82.11
N GLN H 488 38.28 -59.10 -82.27
CA GLN H 488 39.10 -58.10 -81.56
C GLN H 488 38.72 -56.67 -81.95
N VAL H 489 38.35 -56.44 -83.22
CA VAL H 489 37.83 -55.13 -83.67
C VAL H 489 36.49 -54.79 -83.00
N LEU H 490 35.59 -55.75 -82.83
CA LEU H 490 34.29 -55.52 -82.18
C LEU H 490 34.44 -55.25 -80.67
N LEU H 491 35.31 -56.00 -79.98
CA LEU H 491 35.56 -55.82 -78.55
C LEU H 491 36.27 -54.49 -78.26
N SER H 492 37.28 -54.13 -79.06
CA SER H 492 37.93 -52.80 -78.93
C SER H 492 36.98 -51.65 -79.24
N LYS H 493 36.06 -51.83 -80.21
CA LYS H 493 34.98 -50.88 -80.46
C LYS H 493 34.03 -50.78 -79.27
N PHE H 494 33.70 -51.89 -78.60
CA PHE H 494 32.90 -51.89 -77.37
C PHE H 494 33.57 -51.04 -76.28
N VAL H 495 34.87 -51.24 -75.98
CA VAL H 495 35.59 -50.45 -74.96
C VAL H 495 35.57 -48.94 -75.26
N ARG H 496 35.78 -48.56 -76.53
CA ARG H 496 35.75 -47.16 -76.98
C ARG H 496 34.33 -46.58 -76.92
N GLN H 497 33.34 -47.32 -77.40
CA GLN H 497 31.92 -46.91 -77.36
C GLN H 497 31.48 -46.66 -75.92
N MET H 498 31.86 -47.52 -74.97
CA MET H 498 31.51 -47.34 -73.56
C MET H 498 32.12 -46.06 -72.94
N SER H 499 33.18 -45.48 -73.51
CA SER H 499 33.76 -44.21 -73.06
C SER H 499 33.05 -42.95 -73.59
N ASP H 500 32.37 -43.07 -74.74
CA ASP H 500 31.81 -41.94 -75.47
C ASP H 500 30.57 -41.40 -74.75
N LEU H 501 30.58 -40.11 -74.35
CA LEU H 501 29.52 -39.44 -73.57
C LEU H 501 29.09 -40.21 -72.30
N LEU H 502 30.06 -40.64 -71.48
CA LEU H 502 29.85 -41.47 -70.29
C LEU H 502 28.94 -40.79 -69.23
N PRO H 503 27.77 -41.38 -68.88
CA PRO H 503 26.93 -40.91 -67.79
C PRO H 503 27.62 -41.04 -66.42
N ALA H 504 27.30 -40.15 -65.49
CA ALA H 504 27.88 -40.16 -64.14
C ALA H 504 27.67 -41.48 -63.37
N THR H 505 26.58 -42.21 -63.66
CA THR H 505 26.29 -43.53 -63.08
C THR H 505 27.22 -44.64 -63.55
N LEU H 506 27.78 -44.52 -64.76
CA LEU H 506 28.67 -45.51 -65.36
C LEU H 506 30.16 -45.19 -65.19
N TYR H 507 30.50 -44.02 -64.63
CA TYR H 507 31.88 -43.58 -64.43
C TYR H 507 32.71 -44.59 -63.62
N LEU H 508 32.27 -44.96 -62.41
CA LEU H 508 32.98 -45.92 -61.55
C LEU H 508 33.04 -47.33 -62.17
N PRO H 509 31.93 -47.91 -62.68
CA PRO H 509 31.96 -49.21 -63.36
C PRO H 509 32.91 -49.24 -64.55
N TYR H 510 32.96 -48.18 -65.35
CA TYR H 510 33.87 -48.09 -66.50
C TYR H 510 35.33 -48.03 -66.07
N LEU H 511 35.69 -47.26 -65.03
CA LEU H 511 37.05 -47.24 -64.49
C LEU H 511 37.46 -48.61 -63.92
N LYS H 512 36.55 -49.30 -63.24
CA LYS H 512 36.78 -50.67 -62.75
C LYS H 512 36.95 -51.68 -63.88
N MET H 513 36.18 -51.54 -64.97
CA MET H 513 36.37 -52.32 -66.20
C MET H 513 37.76 -52.10 -66.79
N LEU H 514 38.18 -50.83 -66.97
CA LEU H 514 39.50 -50.51 -67.49
C LEU H 514 40.62 -51.04 -66.59
N ARG H 515 40.42 -51.00 -65.27
CA ARG H 515 41.38 -51.55 -64.31
C ARG H 515 41.57 -53.05 -64.51
N GLY H 516 40.48 -53.79 -64.69
CA GLY H 516 40.53 -55.21 -65.01
C GLY H 516 41.21 -55.47 -66.36
N LEU H 517 40.87 -54.70 -67.40
CA LEU H 517 41.46 -54.84 -68.74
C LEU H 517 42.90 -54.35 -68.87
N ALA H 518 43.43 -53.62 -67.88
CA ALA H 518 44.80 -53.13 -67.83
C ALA H 518 45.75 -54.07 -67.05
N SER H 519 45.28 -55.23 -66.61
CA SER H 519 46.13 -56.25 -66.02
C SER H 519 46.99 -56.92 -67.10
N GLY H 520 48.31 -56.84 -66.96
CA GLY H 520 49.27 -57.38 -67.92
C GLY H 520 50.07 -56.30 -68.67
N PRO H 521 51.28 -56.63 -69.14
CA PRO H 521 52.26 -55.64 -69.63
C PRO H 521 51.77 -54.89 -70.88
N GLN H 522 51.25 -55.60 -71.88
CA GLN H 522 50.74 -55.02 -73.13
C GLN H 522 49.39 -54.30 -72.92
N CYS H 523 48.47 -54.94 -72.19
CA CYS H 523 47.17 -54.40 -71.80
C CYS H 523 47.29 -53.04 -71.09
N ALA H 524 48.19 -52.93 -70.12
CA ALA H 524 48.48 -51.69 -69.43
C ALA H 524 48.98 -50.58 -70.38
N HIS H 525 49.86 -50.92 -71.32
CA HIS H 525 50.37 -49.96 -72.32
C HIS H 525 49.27 -49.48 -73.28
N TYR H 526 48.37 -50.36 -73.72
CA TYR H 526 47.22 -49.97 -74.55
C TYR H 526 46.21 -49.13 -73.78
N CYS H 527 45.96 -49.45 -72.51
CA CYS H 527 45.11 -48.62 -71.64
C CYS H 527 45.73 -47.22 -71.43
N PHE H 528 47.03 -47.14 -71.17
CA PHE H 528 47.78 -45.88 -71.09
C PHE H 528 47.62 -45.05 -72.37
N SER H 529 47.76 -45.68 -73.54
CA SER H 529 47.61 -45.03 -74.84
C SER H 529 46.19 -44.53 -75.10
N LEU H 530 45.17 -45.30 -74.69
CA LEU H 530 43.76 -44.89 -74.78
C LEU H 530 43.49 -43.64 -73.93
N LEU H 531 43.92 -43.63 -72.68
CA LEU H 531 43.73 -42.49 -71.76
C LEU H 531 44.51 -41.24 -72.21
N LYS H 532 45.67 -41.42 -72.84
CA LYS H 532 46.46 -40.35 -73.46
C LYS H 532 45.76 -39.78 -74.70
N ALA H 533 45.20 -40.63 -75.56
CA ALA H 533 44.47 -40.20 -76.75
C ALA H 533 43.18 -39.42 -76.41
N ASN H 534 42.52 -39.76 -75.30
CA ASN H 534 41.32 -39.07 -74.83
C ASN H 534 41.56 -37.61 -74.38
N GLY H 535 42.80 -37.23 -74.02
CA GLY H 535 43.14 -35.88 -73.57
C GLY H 535 43.54 -34.89 -74.68
N GLY H 536 44.08 -35.39 -75.80
CA GLY H 536 44.78 -34.55 -76.79
C GLY H 536 43.92 -33.61 -77.66
N SER H 537 42.59 -33.62 -77.56
CA SER H 537 41.74 -32.96 -78.57
C SER H 537 41.33 -31.51 -78.28
N SER H 538 41.74 -30.85 -77.19
CA SER H 538 41.32 -29.45 -76.93
C SER H 538 42.27 -28.67 -76.02
N ALA H 539 43.41 -28.20 -76.56
CA ALA H 539 44.31 -27.30 -75.83
C ALA H 539 44.08 -25.80 -76.10
N GLU H 540 43.34 -25.39 -77.15
CA GLU H 540 43.30 -23.97 -77.54
C GLU H 540 42.01 -23.20 -77.19
N ASN H 541 40.94 -23.85 -76.71
CA ASN H 541 39.69 -23.17 -76.30
C ASN H 541 39.31 -23.49 -74.85
N LEU H 542 39.95 -22.78 -73.90
CA LEU H 542 39.77 -22.91 -72.44
C LEU H 542 38.34 -22.69 -71.90
N GLN H 543 37.39 -22.20 -72.71
CA GLN H 543 36.04 -21.90 -72.23
C GLN H 543 34.99 -22.98 -72.53
N ALA H 544 35.37 -24.09 -73.16
CA ALA H 544 34.50 -25.26 -73.30
C ALA H 544 35.12 -26.45 -72.55
N ALA H 545 34.54 -26.79 -71.40
CA ALA H 545 34.86 -27.95 -70.56
C ALA H 545 34.49 -29.30 -71.23
N GLY H 546 34.88 -29.49 -72.50
CA GLY H 546 34.51 -30.62 -73.35
C GLY H 546 35.53 -31.77 -73.41
N GLY H 547 36.49 -31.83 -72.48
CA GLY H 547 37.41 -32.96 -72.37
C GLY H 547 36.71 -34.22 -71.83
N SER H 548 37.15 -35.40 -72.27
CA SER H 548 36.66 -36.67 -71.72
C SER H 548 37.00 -36.77 -70.22
N PRO H 549 36.04 -37.11 -69.33
CA PRO H 549 36.29 -37.29 -67.90
C PRO H 549 37.19 -38.51 -67.59
N VAL H 550 37.47 -39.35 -68.59
CA VAL H 550 38.36 -40.52 -68.48
C VAL H 550 39.61 -40.26 -69.33
N SER H 551 40.47 -39.38 -68.81
CA SER H 551 41.73 -38.94 -69.44
C SER H 551 42.79 -38.64 -68.38
N TRP H 552 44.08 -38.74 -68.76
CA TRP H 552 45.17 -38.40 -67.84
C TRP H 552 45.15 -36.93 -67.40
N ASP H 553 44.83 -36.01 -68.33
CA ASP H 553 44.68 -34.59 -68.03
C ASP H 553 43.63 -34.35 -66.95
N HIS H 554 42.46 -34.98 -67.04
CA HIS H 554 41.42 -34.83 -66.03
C HIS H 554 41.83 -35.41 -64.67
N PHE H 555 42.48 -36.59 -64.65
CA PHE H 555 42.89 -37.24 -63.40
C PHE H 555 43.90 -36.40 -62.62
N PHE H 556 45.00 -35.97 -63.26
CA PHE H 556 46.05 -35.21 -62.58
C PHE H 556 45.67 -33.75 -62.35
N HIS H 557 44.90 -33.12 -63.25
CA HIS H 557 44.38 -31.78 -63.00
C HIS H 557 43.41 -31.76 -61.81
N SER H 558 42.56 -32.79 -61.66
CA SER H 558 41.69 -32.92 -60.49
C SER H 558 42.49 -33.06 -59.20
N LEU H 559 43.52 -33.92 -59.17
CA LEU H 559 44.41 -34.06 -58.00
C LEU H 559 45.11 -32.73 -57.65
N MET H 560 45.56 -31.98 -58.65
CA MET H 560 46.18 -30.67 -58.47
C MET H 560 45.19 -29.64 -57.91
N LEU H 561 43.95 -29.58 -58.42
CA LEU H 561 42.89 -28.70 -57.89
C LEU H 561 42.56 -29.02 -56.42
N TYR H 562 42.46 -30.30 -56.06
CA TYR H 562 42.25 -30.70 -54.66
C TYR H 562 43.45 -30.32 -53.79
N HIS H 563 44.68 -30.51 -54.28
CA HIS H 563 45.89 -30.10 -53.57
C HIS H 563 45.88 -28.58 -53.29
N GLU H 564 45.59 -27.77 -54.31
CA GLU H 564 45.53 -26.31 -54.16
C GLU H 564 44.40 -25.82 -53.24
N HIS H 565 43.21 -26.41 -53.32
CA HIS H 565 42.08 -26.01 -52.47
C HIS H 565 42.30 -26.39 -51.00
N LEU H 566 42.74 -27.62 -50.73
CA LEU H 566 42.95 -28.10 -49.37
C LEU H 566 44.13 -27.40 -48.66
N ARG H 567 45.12 -26.91 -49.42
CA ARG H 567 46.27 -26.19 -48.86
C ARG H 567 45.96 -24.75 -48.46
N ARG H 568 45.02 -24.06 -49.14
CA ARG H 568 44.59 -22.69 -48.78
C ARG H 568 43.89 -22.61 -47.41
N ASP H 569 43.35 -23.74 -46.93
CA ASP H 569 42.60 -23.84 -45.68
C ASP H 569 43.45 -24.31 -44.47
N LEU H 570 44.78 -24.45 -44.60
CA LEU H 570 45.64 -24.81 -43.47
C LEU H 570 45.76 -23.61 -42.50
N PRO H 571 45.33 -23.72 -41.22
CA PRO H 571 45.28 -22.58 -40.33
C PRO H 571 46.69 -22.11 -39.94
N ASN H 572 46.98 -20.83 -40.20
CA ASN H 572 48.14 -20.13 -39.61
C ASN H 572 48.03 -20.17 -38.07
N THR H 573 49.14 -20.48 -37.42
CA THR H 573 49.27 -20.87 -36.01
C THR H 573 48.90 -19.81 -34.96
N ASP H 574 48.44 -18.61 -35.35
CA ASP H 574 48.31 -17.47 -34.44
C ASP H 574 46.88 -17.06 -34.04
N ASN H 575 45.81 -17.78 -34.41
CA ASN H 575 44.44 -17.38 -34.03
C ASN H 575 43.62 -18.49 -33.36
N ILE H 576 43.72 -18.57 -32.03
CA ILE H 576 43.01 -19.53 -31.15
C ILE H 576 41.54 -19.14 -30.87
N HIS H 577 41.00 -18.06 -31.47
CA HIS H 577 39.67 -17.57 -31.11
C HIS H 577 38.81 -17.17 -32.31
N GLN H 578 38.24 -18.15 -33.02
CA GLN H 578 36.87 -18.08 -33.57
C GLN H 578 36.46 -19.40 -34.21
N ARG H 579 35.26 -19.88 -33.85
CA ARG H 579 34.62 -21.09 -34.40
C ARG H 579 34.35 -20.89 -35.89
N HIS H 580 35.20 -21.45 -36.75
CA HIS H 580 34.95 -21.45 -38.19
C HIS H 580 33.99 -22.60 -38.61
N PRO H 581 33.18 -22.39 -39.67
CA PRO H 581 32.19 -23.35 -40.15
C PRO H 581 32.87 -24.60 -40.77
N PRO H 582 32.15 -25.72 -40.93
CA PRO H 582 32.75 -27.01 -41.22
C PRO H 582 33.47 -27.01 -42.58
N LEU H 583 34.69 -27.57 -42.58
CA LEU H 583 35.52 -27.86 -43.76
C LEU H 583 34.66 -28.41 -44.90
N ARG H 584 34.77 -27.81 -46.09
CA ARG H 584 34.14 -28.30 -47.32
C ARG H 584 34.88 -29.57 -47.78
N GLY H 585 34.66 -30.67 -47.09
CA GLY H 585 35.32 -31.95 -47.36
C GLY H 585 34.96 -32.52 -48.73
N ILE H 586 35.89 -33.29 -49.30
CA ILE H 586 35.67 -34.11 -50.51
C ILE H 586 34.39 -34.94 -50.30
N THR H 587 33.43 -34.85 -51.22
CA THR H 587 32.19 -35.65 -51.11
C THR H 587 32.48 -37.14 -51.29
N GLN H 588 31.63 -38.02 -50.75
CA GLN H 588 31.86 -39.47 -50.87
C GLN H 588 31.96 -39.95 -52.33
N ARG H 589 31.16 -39.38 -53.24
CA ARG H 589 31.21 -39.73 -54.67
C ARG H 589 32.52 -39.27 -55.34
N GLU H 590 33.00 -38.08 -54.99
CA GLU H 590 34.31 -37.60 -55.45
C GLU H 590 35.45 -38.45 -54.89
N LEU H 591 35.36 -38.85 -53.61
CA LEU H 591 36.30 -39.75 -52.96
C LEU H 591 36.39 -41.10 -53.69
N ASP H 592 35.25 -41.73 -53.97
CA ASP H 592 35.19 -43.01 -54.67
C ASP H 592 35.75 -42.88 -56.11
N GLY H 593 35.49 -41.75 -56.76
CA GLY H 593 36.07 -41.41 -58.07
C GLY H 593 37.59 -41.27 -58.03
N LEU H 594 38.13 -40.49 -57.09
CA LEU H 594 39.58 -40.32 -56.90
C LEU H 594 40.27 -41.67 -56.60
N ILE H 595 39.67 -42.48 -55.73
CA ILE H 595 40.18 -43.83 -55.41
C ILE H 595 40.21 -44.70 -56.66
N ALA H 596 39.13 -44.73 -57.45
CA ALA H 596 39.08 -45.51 -58.69
C ALA H 596 40.14 -45.06 -59.70
N CYS H 597 40.35 -43.74 -59.87
CA CYS H 597 41.38 -43.18 -60.74
C CYS H 597 42.79 -43.56 -60.27
N LEU H 598 43.07 -43.46 -58.96
CA LEU H 598 44.36 -43.86 -58.38
C LEU H 598 44.60 -45.36 -58.56
N GLN H 599 43.59 -46.21 -58.34
CA GLN H 599 43.69 -47.66 -58.53
C GLN H 599 43.94 -48.08 -59.97
N LEU H 600 43.29 -47.41 -60.92
CA LEU H 600 43.55 -47.60 -62.36
C LEU H 600 44.98 -47.17 -62.69
N THR H 601 45.41 -45.99 -62.19
CA THR H 601 46.76 -45.47 -62.37
C THR H 601 47.81 -46.45 -61.83
N CYS H 602 47.64 -46.93 -60.59
CA CYS H 602 48.49 -47.95 -59.97
C CYS H 602 48.59 -49.20 -60.84
N THR H 603 47.46 -49.72 -61.32
CA THR H 603 47.43 -50.96 -62.10
C THR H 603 48.19 -50.80 -63.43
N ILE H 604 48.02 -49.67 -64.12
CA ILE H 604 48.72 -49.38 -65.39
C ILE H 604 50.23 -49.28 -65.17
N ILE H 605 50.68 -48.50 -64.18
CA ILE H 605 52.11 -48.31 -63.92
C ILE H 605 52.76 -49.52 -63.23
N ASP H 606 51.97 -50.38 -62.57
CA ASP H 606 52.46 -51.63 -61.99
C ASP H 606 52.97 -52.59 -63.08
N TRP H 607 52.28 -52.66 -64.23
CA TRP H 607 52.59 -53.56 -65.33
C TRP H 607 53.42 -52.94 -66.46
N SER H 608 53.33 -51.62 -66.70
CA SER H 608 54.03 -50.93 -67.78
C SER H 608 55.07 -49.95 -67.25
N GLU H 609 56.35 -50.30 -67.37
CA GLU H 609 57.46 -49.43 -67.00
C GLU H 609 57.51 -48.15 -67.85
N SER H 610 57.24 -48.24 -69.16
CA SER H 610 57.20 -47.08 -70.05
C SER H 610 56.12 -46.08 -69.64
N ALA H 611 54.93 -46.55 -69.22
CA ALA H 611 53.89 -45.69 -68.67
C ALA H 611 54.31 -45.06 -67.33
N ARG H 612 55.00 -45.83 -66.47
CA ARG H 612 55.49 -45.36 -65.16
C ARG H 612 56.46 -44.19 -65.29
N LEU H 613 57.47 -44.31 -66.16
CA LEU H 613 58.45 -43.25 -66.45
C LEU H 613 57.78 -42.03 -67.10
N ALA H 614 56.98 -42.25 -68.15
CA ALA H 614 56.32 -41.17 -68.89
C ALA H 614 55.36 -40.33 -68.03
N LEU H 615 54.63 -40.96 -67.09
CA LEU H 615 53.76 -40.24 -66.16
C LEU H 615 54.55 -39.47 -65.10
N CYS H 616 55.61 -40.06 -64.55
CA CYS H 616 56.40 -39.44 -63.49
C CYS H 616 57.17 -38.21 -63.98
N GLU H 617 57.71 -38.25 -65.19
CA GLU H 617 58.48 -37.15 -65.81
C GLU H 617 57.62 -36.04 -66.40
N HIS H 618 56.28 -36.16 -66.37
CA HIS H 618 55.40 -35.17 -66.99
C HIS H 618 55.45 -33.82 -66.26
N ALA H 619 56.10 -32.84 -66.90
CA ALA H 619 56.43 -31.53 -66.31
C ALA H 619 55.21 -30.74 -65.80
N GLN H 620 54.04 -30.89 -66.42
CA GLN H 620 52.83 -30.15 -66.02
C GLN H 620 52.09 -30.79 -64.85
N TRP H 621 52.11 -32.12 -64.74
CA TRP H 621 51.30 -32.83 -63.74
C TRP H 621 52.05 -33.00 -62.42
N MET H 622 53.38 -33.08 -62.48
CA MET H 622 54.27 -33.32 -61.33
C MET H 622 53.69 -34.31 -60.31
N PRO H 623 53.30 -35.54 -60.72
CA PRO H 623 52.43 -36.39 -59.91
C PRO H 623 52.98 -36.68 -58.51
N VAL H 624 54.29 -36.94 -58.40
CA VAL H 624 54.96 -37.20 -57.12
C VAL H 624 54.82 -36.02 -56.15
N VAL H 625 55.03 -34.79 -56.64
CA VAL H 625 54.92 -33.57 -55.82
C VAL H 625 53.48 -33.35 -55.36
N VAL H 626 52.51 -33.52 -56.26
CA VAL H 626 51.08 -33.34 -55.95
C VAL H 626 50.60 -34.40 -54.95
N ILE H 627 50.97 -35.67 -55.16
CA ILE H 627 50.59 -36.79 -54.27
C ILE H 627 51.21 -36.61 -52.87
N LEU H 628 52.50 -36.29 -52.78
CA LEU H 628 53.16 -36.02 -51.50
C LEU H 628 52.56 -34.79 -50.80
N GLY H 629 52.20 -33.75 -51.56
CA GLY H 629 51.51 -32.58 -51.05
C GLY H 629 50.12 -32.89 -50.49
N LEU H 630 49.36 -33.78 -51.13
CA LEU H 630 48.05 -34.25 -50.63
C LEU H 630 48.18 -35.08 -49.35
N LEU H 631 49.26 -35.85 -49.18
CA LEU H 631 49.51 -36.61 -47.94
C LEU H 631 49.69 -35.70 -46.71
N GLN H 632 50.15 -34.46 -46.90
CA GLN H 632 50.26 -33.45 -45.85
C GLN H 632 48.92 -32.78 -45.51
N CYS H 633 47.90 -32.89 -46.37
CA CYS H 633 46.57 -32.35 -46.10
C CYS H 633 45.74 -33.27 -45.18
N SER H 634 44.71 -32.72 -44.53
CA SER H 634 43.74 -33.48 -43.73
C SER H 634 42.69 -34.16 -44.61
N ILE H 635 43.08 -35.24 -45.29
CA ILE H 635 42.20 -36.10 -46.11
C ILE H 635 41.94 -37.47 -45.44
N PRO H 636 40.86 -38.19 -45.81
CA PRO H 636 40.55 -39.51 -45.25
C PRO H 636 41.70 -40.52 -45.40
N PRO H 637 41.92 -41.41 -44.41
CA PRO H 637 43.05 -42.35 -44.39
C PRO H 637 43.00 -43.35 -45.56
N LEU H 638 41.81 -43.70 -46.05
CA LEU H 638 41.65 -44.54 -47.25
C LEU H 638 42.26 -43.88 -48.49
N LEU H 639 42.02 -42.58 -48.70
CA LEU H 639 42.61 -41.86 -49.83
C LEU H 639 44.13 -41.76 -49.68
N LYS H 640 44.63 -41.48 -48.47
CA LYS H 640 46.08 -41.49 -48.19
C LYS H 640 46.72 -42.85 -48.46
N ALA H 641 46.06 -43.94 -48.10
CA ALA H 641 46.54 -45.29 -48.36
C ALA H 641 46.66 -45.55 -49.87
N GLU H 642 45.67 -45.15 -50.67
CA GLU H 642 45.73 -45.30 -52.13
C GLU H 642 46.81 -44.41 -52.75
N LEU H 643 46.99 -43.17 -52.26
CA LEU H 643 48.10 -42.29 -52.67
C LEU H 643 49.47 -42.92 -52.41
N LEU H 644 49.68 -43.53 -51.23
CA LEU H 644 50.91 -44.25 -50.91
C LEU H 644 51.12 -45.48 -51.80
N LYS H 645 50.06 -46.23 -52.13
CA LYS H 645 50.16 -47.35 -53.09
C LYS H 645 50.54 -46.86 -54.49
N THR H 646 50.02 -45.71 -54.92
CA THR H 646 50.42 -45.10 -56.19
C THR H 646 51.90 -44.71 -56.17
N LEU H 647 52.40 -44.13 -55.07
CA LEU H 647 53.84 -43.87 -54.91
C LEU H 647 54.66 -45.16 -54.90
N ALA H 648 54.17 -46.24 -54.27
CA ALA H 648 54.84 -47.53 -54.25
C ALA H 648 54.98 -48.09 -55.67
N ALA H 649 53.91 -48.02 -56.46
CA ALA H 649 53.90 -48.45 -57.85
C ALA H 649 54.86 -47.61 -58.73
N PHE H 650 54.96 -46.29 -58.51
CA PHE H 650 55.99 -45.44 -59.13
C PHE H 650 57.41 -45.83 -58.69
N GLY H 651 57.60 -46.15 -57.42
CA GLY H 651 58.89 -46.52 -56.82
C GLY H 651 59.44 -47.87 -57.25
N LYS H 652 58.74 -48.65 -58.08
CA LYS H 652 59.27 -49.88 -58.68
C LYS H 652 60.40 -49.63 -59.68
N SER H 653 60.44 -48.45 -60.33
CA SER H 653 61.57 -48.09 -61.20
C SER H 653 62.67 -47.39 -60.39
N PRO H 654 63.94 -47.83 -60.51
CA PRO H 654 65.03 -47.36 -59.65
C PRO H 654 65.32 -45.85 -59.78
N GLU H 655 65.12 -45.26 -60.96
CA GLU H 655 65.31 -43.83 -61.23
C GLU H 655 64.34 -42.98 -60.40
N ILE H 656 63.09 -43.42 -60.32
CA ILE H 656 62.03 -42.74 -59.56
C ILE H 656 62.23 -42.98 -58.06
N ALA H 657 62.58 -44.21 -57.66
CA ALA H 657 62.78 -44.60 -56.27
C ALA H 657 63.80 -43.73 -55.53
N ALA H 658 64.94 -43.41 -56.17
CA ALA H 658 65.96 -42.54 -55.60
C ALA H 658 65.44 -41.12 -55.34
N SER H 659 64.65 -40.57 -56.27
CA SER H 659 63.98 -39.27 -56.10
C SER H 659 62.89 -39.28 -55.02
N LEU H 660 62.17 -40.40 -54.87
CA LEU H 660 61.14 -40.59 -53.86
C LEU H 660 61.73 -40.64 -52.45
N TRP H 661 62.89 -41.27 -52.26
CA TRP H 661 63.62 -41.25 -50.99
C TRP H 661 63.98 -39.82 -50.55
N GLN H 662 64.52 -39.01 -51.46
CA GLN H 662 64.84 -37.59 -51.18
C GLN H 662 63.58 -36.78 -50.87
N SER H 663 62.50 -37.04 -51.62
CA SER H 663 61.22 -36.36 -51.43
C SER H 663 60.54 -36.74 -50.12
N LEU H 664 60.64 -38.00 -49.69
CA LEU H 664 60.13 -38.47 -48.40
C LEU H 664 60.85 -37.80 -47.22
N GLU H 665 62.17 -37.62 -47.31
CA GLU H 665 62.94 -36.88 -46.30
C GLU H 665 62.60 -35.39 -46.27
N TYR H 666 62.42 -34.75 -47.44
CA TYR H 666 62.07 -33.33 -47.49
C TYR H 666 60.65 -33.07 -46.95
N THR H 667 59.70 -33.96 -47.24
CA THR H 667 58.29 -33.79 -46.86
C THR H 667 57.98 -34.17 -45.41
N GLN H 668 58.89 -34.87 -44.73
CA GLN H 668 58.76 -35.30 -43.32
C GLN H 668 57.43 -36.00 -43.01
N ILE H 669 56.93 -36.81 -43.96
CA ILE H 669 55.70 -37.61 -43.80
C ILE H 669 55.82 -38.55 -42.59
N LEU H 670 57.01 -39.15 -42.44
CA LEU H 670 57.51 -39.68 -41.18
C LEU H 670 58.48 -38.64 -40.61
N GLN H 671 58.32 -38.26 -39.34
CA GLN H 671 59.25 -37.33 -38.69
C GLN H 671 60.60 -38.01 -38.46
N THR H 672 61.58 -37.70 -39.30
CA THR H 672 62.97 -38.19 -39.15
C THR H 672 63.83 -37.21 -38.36
N VAL H 673 63.45 -35.92 -38.30
CA VAL H 673 64.14 -34.87 -37.53
C VAL H 673 63.30 -34.46 -36.32
N ARG H 674 63.75 -34.81 -35.11
CA ARG H 674 63.11 -34.38 -33.85
C ARG H 674 63.71 -33.05 -33.38
N ALA H 675 62.98 -31.94 -33.54
CA ALA H 675 63.33 -30.67 -32.91
C ALA H 675 62.89 -30.66 -31.43
N THR H 676 63.78 -30.24 -30.53
CA THR H 676 63.51 -30.09 -29.09
C THR H 676 62.52 -28.96 -28.84
N GLY H 677 61.22 -29.28 -28.67
CA GLY H 677 60.20 -28.32 -28.25
C GLY H 677 58.77 -28.57 -28.76
N LEU H 678 58.59 -29.24 -29.90
CA LEU H 678 57.26 -29.63 -30.37
C LEU H 678 56.87 -30.98 -29.77
N ARG H 679 55.95 -30.97 -28.79
CA ARG H 679 55.37 -32.20 -28.21
C ARG H 679 54.22 -32.81 -29.01
N GLN H 680 53.78 -32.18 -30.11
CA GLN H 680 52.72 -32.71 -30.96
C GLN H 680 53.29 -32.97 -32.36
N GLY H 681 53.65 -34.23 -32.59
CA GLY H 681 54.14 -34.71 -33.88
C GLY H 681 53.04 -34.65 -34.93
N VAL H 682 53.39 -34.21 -36.13
CA VAL H 682 52.56 -34.31 -37.34
C VAL H 682 53.10 -35.50 -38.14
N GLY H 683 52.25 -36.28 -38.81
CA GLY H 683 52.68 -37.36 -39.72
C GLY H 683 52.07 -38.73 -39.44
N ILE H 684 52.55 -39.76 -40.16
CA ILE H 684 51.96 -41.12 -40.16
C ILE H 684 51.93 -41.76 -38.75
N GLU H 685 52.92 -41.50 -37.90
CA GLU H 685 52.95 -42.05 -36.54
C GLU H 685 51.76 -41.59 -35.69
N VAL H 686 51.30 -40.35 -35.86
CA VAL H 686 50.13 -39.83 -35.14
C VAL H 686 48.84 -40.31 -35.80
N GLU H 687 48.78 -40.38 -37.14
CA GLU H 687 47.61 -40.92 -37.84
C GLU H 687 47.35 -42.38 -37.48
N LEU H 688 48.42 -43.18 -37.35
CA LEU H 688 48.33 -44.56 -36.87
C LEU H 688 47.81 -44.64 -35.42
N ASN H 689 48.36 -43.81 -34.53
CA ASN H 689 48.04 -43.89 -33.11
C ASN H 689 46.71 -43.21 -32.73
N GLU H 690 46.22 -42.23 -33.49
CA GLU H 690 45.00 -41.47 -33.19
C GLU H 690 43.82 -41.74 -34.14
N ILE H 691 44.06 -41.97 -35.43
CA ILE H 691 43.00 -42.12 -36.45
C ILE H 691 42.76 -43.60 -36.75
N GLU H 692 43.76 -44.32 -37.23
CA GLU H 692 43.63 -45.75 -37.58
C GLU H 692 43.28 -46.62 -36.37
N SER H 693 43.91 -46.34 -35.21
CA SER H 693 43.61 -47.05 -33.95
C SER H 693 42.15 -46.88 -33.48
N ARG H 694 41.52 -45.73 -33.75
CA ARG H 694 40.11 -45.45 -33.43
C ARG H 694 39.15 -46.11 -34.41
N CYS H 695 39.54 -46.19 -35.68
CA CYS H 695 38.77 -46.87 -36.71
C CYS H 695 38.93 -48.40 -36.65
N GLU H 696 39.91 -48.91 -35.90
CA GLU H 696 40.28 -50.33 -35.81
C GLU H 696 40.64 -50.96 -37.17
N GLU H 697 41.06 -50.12 -38.13
CA GLU H 697 41.46 -50.50 -39.49
C GLU H 697 42.77 -49.78 -39.83
N TYR H 698 43.73 -50.49 -40.43
CA TYR H 698 45.11 -49.99 -40.65
C TYR H 698 45.54 -49.95 -42.13
N PRO H 699 44.76 -49.35 -43.05
CA PRO H 699 45.11 -49.30 -44.48
C PRO H 699 46.32 -48.41 -44.80
N LEU H 700 46.47 -47.28 -44.10
CA LEU H 700 47.57 -46.32 -44.32
C LEU H 700 48.89 -46.92 -43.86
N THR H 701 48.92 -47.54 -42.68
CA THR H 701 50.14 -48.19 -42.16
C THR H 701 50.62 -49.30 -43.10
N ARG H 702 49.71 -50.12 -43.63
CA ARG H 702 50.06 -51.17 -44.61
C ARG H 702 50.56 -50.59 -45.93
N ALA H 703 49.90 -49.56 -46.45
CA ALA H 703 50.34 -48.89 -47.67
C ALA H 703 51.71 -48.22 -47.51
N PHE H 704 52.01 -47.67 -46.33
CA PHE H 704 53.35 -47.15 -46.02
C PHE H 704 54.39 -48.26 -45.96
N CYS H 705 54.09 -49.39 -45.31
CA CYS H 705 55.00 -50.54 -45.31
C CYS H 705 55.24 -51.06 -46.74
N GLN H 706 54.21 -51.08 -47.59
CA GLN H 706 54.32 -51.47 -48.99
C GLN H 706 55.21 -50.51 -49.80
N LEU H 707 55.05 -49.20 -49.60
CA LEU H 707 55.94 -48.18 -50.19
C LEU H 707 57.39 -48.41 -49.77
N ILE H 708 57.66 -48.59 -48.48
CA ILE H 708 59.02 -48.84 -47.98
C ILE H 708 59.57 -50.16 -48.54
N SER H 709 58.76 -51.23 -48.57
CA SER H 709 59.15 -52.52 -49.14
C SER H 709 59.56 -52.40 -50.61
N THR H 710 58.83 -51.62 -51.40
CA THR H 710 59.13 -51.41 -52.82
C THR H 710 60.36 -50.53 -53.01
N LEU H 711 60.49 -49.45 -52.23
CA LEU H 711 61.65 -48.56 -52.30
C LEU H 711 62.96 -49.25 -51.89
N VAL H 712 62.92 -50.11 -50.85
CA VAL H 712 64.09 -50.88 -50.41
C VAL H 712 64.54 -51.87 -51.48
N GLU H 713 63.60 -52.47 -52.22
CA GLU H 713 63.89 -53.43 -53.28
C GLU H 713 64.48 -52.76 -54.54
N SER H 714 64.03 -51.54 -54.88
CA SER H 714 64.48 -50.84 -56.09
C SER H 714 65.71 -49.96 -55.89
N SER H 715 65.86 -49.27 -54.74
CA SER H 715 67.04 -48.45 -54.46
C SER H 715 67.28 -48.27 -52.95
N PHE H 716 68.49 -48.60 -52.48
CA PHE H 716 68.90 -48.33 -51.10
C PHE H 716 69.93 -47.19 -51.05
N PRO H 717 69.54 -45.94 -50.69
CA PRO H 717 70.47 -44.82 -50.60
C PRO H 717 71.25 -44.81 -49.28
N THR H 718 72.59 -44.89 -49.36
CA THR H 718 73.50 -44.79 -48.20
C THR H 718 73.47 -43.41 -47.54
N ASN H 719 73.39 -42.34 -48.33
CA ASN H 719 73.37 -40.95 -47.87
C ASN H 719 71.97 -40.42 -47.52
N LEU H 720 71.01 -41.29 -47.20
CA LEU H 720 69.63 -40.89 -46.90
C LEU H 720 69.57 -39.93 -45.70
N GLY H 721 69.05 -38.72 -45.92
CA GLY H 721 68.94 -37.68 -44.89
C GLY H 721 70.22 -36.86 -44.66
N ALA H 722 71.29 -37.06 -45.45
CA ALA H 722 72.54 -36.30 -45.34
C ALA H 722 72.29 -34.78 -45.39
N GLY H 723 72.83 -34.06 -44.42
CA GLY H 723 72.68 -32.61 -44.25
C GLY H 723 71.54 -32.17 -43.32
N LEU H 724 70.44 -32.94 -43.23
CA LEU H 724 69.33 -32.70 -42.30
C LEU H 724 69.53 -33.41 -40.96
N ARG H 725 70.06 -34.64 -41.00
CA ARG H 725 70.34 -35.52 -39.85
C ARG H 725 71.53 -36.44 -40.17
N ALA H 726 71.92 -37.28 -39.20
CA ALA H 726 72.89 -38.33 -39.46
C ALA H 726 72.36 -39.23 -40.59
N PRO H 727 73.18 -39.52 -41.63
CA PRO H 727 72.74 -40.29 -42.78
C PRO H 727 72.38 -41.73 -42.36
N GLY H 728 71.37 -42.30 -43.01
CA GLY H 728 70.98 -43.70 -42.87
C GLY H 728 69.49 -43.96 -42.65
N PHE H 729 69.10 -45.23 -42.65
CA PHE H 729 67.69 -45.68 -42.63
C PHE H 729 67.07 -45.80 -41.21
N GLU H 730 67.86 -45.61 -40.16
CA GLU H 730 67.47 -45.92 -38.77
C GLU H 730 66.10 -45.34 -38.30
N PRO H 731 65.70 -44.08 -38.60
CA PRO H 731 64.38 -43.57 -38.20
C PRO H 731 63.19 -44.37 -38.76
N TYR H 732 63.30 -44.85 -40.01
CA TYR H 732 62.28 -45.71 -40.63
C TYR H 732 62.28 -47.09 -39.98
N LEU H 733 63.46 -47.65 -39.70
CA LEU H 733 63.58 -48.92 -39.00
C LEU H 733 62.98 -48.87 -37.60
N GLN H 734 63.22 -47.80 -36.85
CA GLN H 734 62.61 -47.58 -35.52
C GLN H 734 61.09 -47.51 -35.58
N PHE H 735 60.52 -46.77 -36.54
CA PHE H 735 59.08 -46.73 -36.73
C PHE H 735 58.50 -48.13 -37.04
N LEU H 736 59.08 -48.84 -38.00
CA LEU H 736 58.62 -50.17 -38.39
C LEU H 736 58.77 -51.21 -37.25
N ARG H 737 59.90 -51.18 -36.54
CA ARG H 737 60.19 -52.08 -35.42
C ARG H 737 59.37 -51.74 -34.18
N ASP H 738 59.54 -50.54 -33.64
CA ASP H 738 59.04 -50.20 -32.30
C ASP H 738 57.59 -49.73 -32.31
N THR H 739 57.18 -48.98 -33.35
CA THR H 739 55.82 -48.43 -33.45
C THR H 739 54.88 -49.38 -34.19
N VAL H 740 55.32 -50.07 -35.25
CA VAL H 740 54.42 -50.97 -36.01
C VAL H 740 54.49 -52.41 -35.52
N PHE H 741 55.64 -53.09 -35.64
CA PHE H 741 55.79 -54.51 -35.34
C PHE H 741 55.61 -54.80 -33.84
N LEU H 742 56.37 -54.20 -32.94
CA LEU H 742 56.26 -54.52 -31.50
C LEU H 742 54.87 -54.24 -30.90
N ARG H 743 54.09 -53.34 -31.51
CA ARG H 743 52.74 -52.96 -31.04
C ARG H 743 51.58 -53.60 -31.80
N TYR H 744 51.82 -54.33 -32.89
CA TYR H 744 50.73 -54.85 -33.72
C TYR H 744 49.77 -55.75 -32.90
N ARG H 745 50.27 -56.54 -31.95
CA ARG H 745 49.43 -57.40 -31.11
C ARG H 745 48.53 -56.67 -30.12
N THR H 746 48.96 -55.49 -29.67
CA THR H 746 48.23 -54.72 -28.64
C THR H 746 47.09 -53.88 -29.22
N ARG H 747 46.96 -53.83 -30.55
CA ARG H 747 45.97 -53.04 -31.26
C ARG H 747 44.66 -53.79 -31.45
N ALA H 748 43.55 -53.02 -31.50
CA ALA H 748 42.23 -53.53 -31.86
C ALA H 748 42.09 -53.59 -33.39
N TYR H 749 41.43 -54.64 -33.89
CA TYR H 749 41.21 -54.89 -35.31
C TYR H 749 39.76 -55.26 -35.56
N ARG H 750 39.07 -54.49 -36.41
CA ARG H 750 37.69 -54.77 -36.81
C ARG H 750 37.60 -56.05 -37.63
N ARG H 751 38.56 -56.26 -38.54
CA ARG H 751 38.74 -57.50 -39.32
C ARG H 751 39.86 -58.31 -38.69
N ALA H 752 39.55 -59.48 -38.15
CA ALA H 752 40.54 -60.36 -37.53
C ALA H 752 41.73 -60.74 -38.45
N ALA H 753 41.50 -60.78 -39.78
CA ALA H 753 42.54 -61.07 -40.76
C ALA H 753 43.59 -59.94 -40.89
N GLU H 754 43.21 -58.68 -40.66
CA GLU H 754 44.09 -57.51 -40.86
C GLU H 754 45.26 -57.48 -39.86
N LYS H 755 45.07 -58.09 -38.68
CA LYS H 755 46.16 -58.33 -37.71
C LYS H 755 47.36 -58.98 -38.38
N TRP H 756 47.12 -59.96 -39.25
CA TRP H 756 48.16 -60.71 -39.95
C TRP H 756 48.67 -59.98 -41.19
N GLU H 757 47.81 -59.24 -41.90
CA GLU H 757 48.21 -58.37 -43.02
C GLU H 757 49.25 -57.32 -42.58
N VAL H 758 49.09 -56.74 -41.38
CA VAL H 758 50.08 -55.79 -40.81
C VAL H 758 51.40 -56.47 -40.47
N ALA H 759 51.36 -57.68 -39.89
CA ALA H 759 52.56 -58.42 -39.55
C ALA H 759 53.35 -58.85 -40.80
N GLU H 760 52.66 -59.38 -41.82
CA GLU H 760 53.25 -59.71 -43.13
C GLU H 760 53.95 -58.51 -43.76
N ALA H 761 53.27 -57.35 -43.81
CA ALA H 761 53.80 -56.16 -44.48
C ALA H 761 55.09 -55.63 -43.85
N VAL H 762 55.23 -55.67 -42.52
CA VAL H 762 56.46 -55.21 -41.85
C VAL H 762 57.57 -56.26 -41.95
N LEU H 763 57.24 -57.54 -41.80
CA LEU H 763 58.22 -58.63 -41.87
C LEU H 763 58.82 -58.79 -43.27
N ASP H 764 58.05 -58.51 -44.34
CA ASP H 764 58.55 -58.45 -45.71
C ASP H 764 59.67 -57.40 -45.85
N VAL H 765 59.50 -56.20 -45.27
CA VAL H 765 60.54 -55.17 -45.25
C VAL H 765 61.79 -55.65 -44.51
N PHE H 766 61.64 -56.23 -43.32
CA PHE H 766 62.79 -56.74 -42.55
C PHE H 766 63.53 -57.84 -43.30
N TYR H 767 62.80 -58.76 -43.93
CA TYR H 767 63.38 -59.82 -44.73
C TYR H 767 64.21 -59.25 -45.88
N LYS H 768 63.66 -58.31 -46.66
CA LYS H 768 64.37 -57.65 -47.76
C LYS H 768 65.64 -56.92 -47.28
N LEU H 769 65.54 -56.14 -46.20
CA LEU H 769 66.68 -55.43 -45.60
C LEU H 769 67.81 -56.39 -45.16
N LEU H 770 67.48 -57.56 -44.63
CA LEU H 770 68.47 -58.54 -44.18
C LEU H 770 68.99 -59.43 -45.31
N LYS H 771 68.18 -59.71 -46.34
CA LYS H 771 68.53 -60.58 -47.47
C LYS H 771 69.75 -60.05 -48.22
N ASP H 772 69.76 -58.77 -48.55
CA ASP H 772 70.81 -58.15 -49.36
C ASP H 772 72.00 -57.60 -48.54
N TYR H 773 71.86 -57.52 -47.21
CA TYR H 773 72.92 -57.06 -46.32
C TYR H 773 74.05 -58.09 -46.13
N GLU H 774 75.29 -57.77 -46.44
CA GLU H 774 76.46 -58.60 -46.08
C GLU H 774 77.35 -57.86 -45.08
N PRO H 775 77.73 -58.48 -43.94
CA PRO H 775 78.59 -57.85 -42.95
C PRO H 775 79.95 -57.44 -43.55
N GLN H 776 80.23 -56.14 -43.51
CA GLN H 776 81.52 -55.55 -43.91
C GLN H 776 82.31 -55.05 -42.69
N PRO H 777 83.64 -55.01 -42.74
CA PRO H 777 84.45 -54.48 -41.64
C PRO H 777 84.10 -53.03 -41.27
N GLU H 778 83.69 -52.22 -42.25
CA GLU H 778 83.28 -50.82 -42.09
C GLU H 778 82.06 -50.65 -41.17
N ASP H 779 81.15 -51.64 -41.13
CA ASP H 779 79.94 -51.61 -40.31
C ASP H 779 80.23 -51.66 -38.80
N PHE H 780 81.42 -52.17 -38.45
CA PHE H 780 81.87 -52.34 -37.07
C PHE H 780 82.78 -51.20 -36.59
N VAL H 781 82.91 -50.13 -37.39
CA VAL H 781 83.67 -48.93 -37.03
C VAL H 781 82.70 -47.74 -36.96
N ASP H 782 82.75 -46.99 -35.86
CA ASP H 782 81.93 -45.79 -35.72
C ASP H 782 82.47 -44.69 -36.64
N GLN H 783 81.70 -44.36 -37.68
CA GLN H 783 81.98 -43.24 -38.58
C GLN H 783 81.38 -41.97 -37.98
N TYR H 784 82.17 -40.89 -37.89
CA TYR H 784 81.71 -39.59 -37.38
C TYR H 784 81.41 -38.66 -38.55
N VAL H 785 80.26 -38.01 -38.50
CA VAL H 785 79.78 -37.05 -39.51
C VAL H 785 79.53 -35.71 -38.81
N GLU H 786 80.10 -34.64 -39.36
CA GLU H 786 79.82 -33.28 -38.90
C GLU H 786 78.42 -32.83 -39.35
N LEU H 787 77.58 -32.46 -38.40
CA LEU H 787 76.26 -31.87 -38.62
C LEU H 787 76.14 -30.58 -37.82
N GLN H 788 75.95 -29.45 -38.52
CA GLN H 788 75.77 -28.13 -37.89
C GLN H 788 76.84 -27.76 -36.85
N GLY H 789 78.08 -28.22 -37.04
CA GLY H 789 79.21 -27.94 -36.14
C GLY H 789 79.39 -28.91 -34.97
N GLU H 790 78.55 -29.95 -34.83
CA GLU H 790 78.77 -31.06 -33.90
C GLU H 790 79.10 -32.36 -34.64
N GLU H 791 80.07 -33.12 -34.14
CA GLU H 791 80.35 -34.48 -34.60
C GLU H 791 79.29 -35.45 -34.04
N ARG H 792 78.56 -36.13 -34.93
CA ARG H 792 77.63 -37.21 -34.56
C ARG H 792 78.05 -38.52 -35.22
N VAL H 793 77.83 -39.63 -34.52
CA VAL H 793 78.05 -40.97 -35.08
C VAL H 793 77.01 -41.23 -36.18
N ALA H 794 77.47 -41.68 -37.34
CA ALA H 794 76.62 -42.10 -38.45
C ALA H 794 75.77 -43.31 -38.07
N PHE H 795 74.59 -43.45 -38.68
CA PHE H 795 73.78 -44.63 -38.42
C PHE H 795 74.35 -45.86 -39.12
N LYS H 796 74.30 -46.98 -38.42
CA LYS H 796 74.69 -48.29 -38.97
C LYS H 796 73.69 -48.73 -40.04
N PRO H 797 74.10 -49.59 -40.98
CA PRO H 797 73.18 -50.13 -41.97
C PRO H 797 72.05 -50.93 -41.29
N PRO H 798 70.84 -50.95 -41.88
CA PRO H 798 69.67 -51.56 -41.28
C PRO H 798 69.85 -53.06 -41.03
N GLY H 799 70.56 -53.77 -41.90
CA GLY H 799 70.87 -55.18 -41.72
C GLY H 799 71.76 -55.45 -40.50
N PHE H 800 72.70 -54.55 -40.17
CA PHE H 800 73.49 -54.64 -38.93
C PHE H 800 72.56 -54.55 -37.69
N SER H 801 71.63 -53.58 -37.70
CA SER H 801 70.66 -53.40 -36.61
C SER H 801 69.77 -54.63 -36.47
N LEU H 802 69.24 -55.18 -37.57
CA LEU H 802 68.44 -56.41 -37.55
C LEU H 802 69.22 -57.61 -36.99
N MET H 803 70.46 -57.83 -37.43
CA MET H 803 71.35 -58.87 -36.90
C MET H 803 71.57 -58.69 -35.39
N HIS H 804 71.83 -57.47 -34.94
CA HIS H 804 72.03 -57.17 -33.52
C HIS H 804 70.80 -57.51 -32.65
N HIS H 805 69.59 -57.23 -33.13
CA HIS H 805 68.37 -57.55 -32.40
C HIS H 805 68.02 -59.05 -32.46
N LEU H 806 68.31 -59.73 -33.57
CA LEU H 806 68.04 -61.17 -33.70
C LEU H 806 69.08 -62.04 -32.98
N LEU H 807 70.30 -61.54 -32.78
CA LEU H 807 71.39 -62.22 -32.06
C LEU H 807 71.52 -61.77 -30.59
N ASN H 808 70.49 -61.13 -30.03
CA ASN H 808 70.37 -60.82 -28.61
C ASN H 808 68.96 -61.15 -28.11
N GLU H 809 68.79 -61.23 -26.78
CA GLU H 809 67.47 -61.34 -26.13
C GLU H 809 66.68 -60.03 -26.30
N SER H 810 66.18 -59.76 -27.50
CA SER H 810 65.43 -58.57 -27.85
C SER H 810 63.92 -58.81 -27.96
N PRO H 811 63.08 -57.77 -27.75
CA PRO H 811 61.63 -57.88 -27.96
C PRO H 811 61.26 -58.31 -29.38
N MET H 812 62.11 -58.01 -30.38
CA MET H 812 61.89 -58.39 -31.77
C MET H 812 62.04 -59.90 -31.95
N LEU H 813 63.09 -60.50 -31.40
CA LEU H 813 63.29 -61.95 -31.45
C LEU H 813 62.17 -62.67 -30.71
N GLU H 814 61.81 -62.21 -29.50
CA GLU H 814 60.70 -62.76 -28.72
C GLU H 814 59.36 -62.70 -29.48
N LEU H 815 59.10 -61.60 -30.18
CA LEU H 815 57.88 -61.45 -30.98
C LEU H 815 57.87 -62.38 -32.20
N CYS H 816 59.01 -62.56 -32.88
CA CYS H 816 59.15 -63.54 -33.96
C CYS H 816 58.89 -64.97 -33.47
N LEU H 817 59.52 -65.39 -32.36
CA LEU H 817 59.35 -66.74 -31.80
C LEU H 817 57.91 -66.99 -31.33
N SER H 818 57.30 -65.99 -30.69
CA SER H 818 55.90 -66.11 -30.28
C SER H 818 54.93 -66.09 -31.46
N LEU H 819 55.28 -65.48 -32.61
CA LEU H 819 54.47 -65.56 -33.83
C LEU H 819 54.53 -66.96 -34.44
N MET H 820 55.70 -67.60 -34.44
CA MET H 820 55.86 -69.01 -34.81
C MET H 820 55.05 -69.93 -33.87
N GLU H 821 55.06 -69.69 -32.56
CA GLU H 821 54.23 -70.46 -31.62
C GLU H 821 52.72 -70.27 -31.89
N GLU H 822 52.28 -69.04 -32.12
CA GLU H 822 50.87 -68.75 -32.42
C GLU H 822 50.46 -69.40 -33.75
N GLY H 823 51.32 -69.34 -34.76
CA GLY H 823 51.11 -69.99 -36.06
C GLY H 823 50.89 -71.49 -35.94
N VAL H 824 51.82 -72.22 -35.31
CA VAL H 824 51.70 -73.69 -35.18
C VAL H 824 50.50 -74.09 -34.30
N THR H 825 50.18 -73.28 -33.29
CA THR H 825 49.02 -73.54 -32.42
C THR H 825 47.70 -73.39 -33.18
N GLN H 826 47.58 -72.42 -34.09
CA GLN H 826 46.42 -72.28 -34.96
C GLN H 826 46.35 -73.39 -36.01
N LEU H 827 47.48 -73.78 -36.62
CA LEU H 827 47.52 -74.87 -37.59
C LEU H 827 47.14 -76.23 -36.98
N ASP H 828 47.53 -76.48 -35.73
CA ASP H 828 47.14 -77.68 -34.97
C ASP H 828 45.62 -77.81 -34.71
N THR H 829 44.85 -76.73 -34.94
CA THR H 829 43.38 -76.81 -34.92
C THR H 829 42.81 -77.50 -36.15
N TYR H 830 43.56 -77.51 -37.27
CA TYR H 830 43.15 -78.01 -38.59
C TYR H 830 41.85 -77.37 -39.13
N ALA H 831 41.43 -76.23 -38.57
CA ALA H 831 40.23 -75.51 -38.99
C ALA H 831 40.59 -74.28 -39.86
N PRO H 832 39.75 -73.89 -40.83
CA PRO H 832 39.90 -72.61 -41.52
C PRO H 832 39.58 -71.45 -40.56
N PHE H 833 40.37 -70.39 -40.61
CA PHE H 833 40.18 -69.15 -39.85
C PHE H 833 40.54 -67.92 -40.69
N PRO H 834 39.95 -66.74 -40.42
CA PRO H 834 40.20 -65.55 -41.22
C PRO H 834 41.66 -65.10 -41.13
N GLY H 835 42.26 -64.84 -42.30
CA GLY H 835 43.66 -64.41 -42.41
C GLY H 835 44.70 -65.52 -42.27
N LYS H 836 44.31 -66.81 -42.36
CA LYS H 836 45.24 -67.95 -42.36
C LYS H 836 46.41 -67.77 -43.32
N LYS H 837 46.16 -67.41 -44.59
CA LYS H 837 47.19 -67.21 -45.62
C LYS H 837 48.23 -66.15 -45.21
N HIS H 838 47.78 -65.05 -44.59
CA HIS H 838 48.65 -63.96 -44.12
C HIS H 838 49.46 -64.36 -42.88
N LEU H 839 48.87 -65.13 -41.95
CA LEU H 839 49.61 -65.69 -40.82
C LEU H 839 50.71 -66.65 -41.28
N GLU H 840 50.41 -67.53 -42.23
CA GLU H 840 51.38 -68.46 -42.81
C GLU H 840 52.56 -67.72 -43.45
N LYS H 841 52.29 -66.66 -44.24
CA LYS H 841 53.36 -65.82 -44.81
C LYS H 841 54.16 -65.05 -43.76
N ALA H 842 53.51 -64.47 -42.75
CA ALA H 842 54.20 -63.77 -41.67
C ALA H 842 55.15 -64.73 -40.91
N VAL H 843 54.69 -65.95 -40.62
CA VAL H 843 55.53 -67.01 -40.05
C VAL H 843 56.67 -67.39 -40.99
N ALA H 844 56.41 -67.51 -42.30
CA ALA H 844 57.45 -67.81 -43.29
C ALA H 844 58.55 -66.73 -43.29
N TYR H 845 58.20 -65.45 -43.27
CA TYR H 845 59.19 -64.37 -43.15
C TYR H 845 59.97 -64.43 -41.84
N CYS H 846 59.35 -64.80 -40.71
CA CYS H 846 60.09 -65.06 -39.47
C CYS H 846 61.10 -66.20 -39.63
N PHE H 847 60.72 -67.32 -40.27
CA PHE H 847 61.66 -68.41 -40.56
C PHE H 847 62.81 -67.93 -41.45
N MET H 848 62.49 -67.21 -42.52
CA MET H 848 63.48 -66.71 -43.47
C MET H 848 64.47 -65.73 -42.80
N LEU H 849 64.00 -64.87 -41.90
CA LEU H 849 64.85 -63.97 -41.10
C LEU H 849 65.80 -64.76 -40.19
N LEU H 850 65.31 -65.75 -39.44
CA LEU H 850 66.16 -66.58 -38.57
C LEU H 850 67.19 -67.38 -39.38
N ASN H 851 66.78 -67.92 -40.52
CA ASN H 851 67.64 -68.66 -41.43
C ASN H 851 68.74 -67.77 -42.06
N LEU H 852 68.41 -66.56 -42.50
CA LEU H 852 69.39 -65.58 -42.96
C LEU H 852 70.36 -65.19 -41.83
N THR H 853 69.85 -65.05 -40.61
CA THR H 853 70.66 -64.77 -39.42
C THR H 853 71.67 -65.89 -39.18
N LEU H 854 71.25 -67.16 -39.13
CA LEU H 854 72.13 -68.33 -38.98
C LEU H 854 73.20 -68.42 -40.07
N GLN H 855 72.86 -68.08 -41.32
CA GLN H 855 73.81 -68.11 -42.44
C GLN H 855 74.89 -67.03 -42.33
N LYS H 856 74.54 -65.84 -41.82
CA LYS H 856 75.44 -64.67 -41.72
C LYS H 856 76.10 -64.54 -40.35
N GLU H 857 75.66 -65.31 -39.35
CA GLU H 857 76.07 -65.25 -37.96
C GLU H 857 77.59 -65.39 -37.76
N ASN H 858 78.21 -66.42 -38.35
CA ASN H 858 79.65 -66.69 -38.16
C ASN H 858 80.51 -65.50 -38.63
N ARG H 859 80.23 -64.98 -39.83
CA ARG H 859 80.94 -63.82 -40.40
C ARG H 859 80.70 -62.55 -39.58
N PHE H 860 79.46 -62.33 -39.11
CA PHE H 860 79.12 -61.18 -38.28
C PHE H 860 79.85 -61.21 -36.92
N MET H 861 79.90 -62.38 -36.27
CA MET H 861 80.59 -62.54 -34.99
C MET H 861 82.12 -62.46 -35.12
N ASP H 862 82.70 -62.99 -36.19
CA ASP H 862 84.15 -62.89 -36.43
C ASP H 862 84.57 -61.43 -36.63
N LEU H 863 83.86 -60.66 -37.46
CA LEU H 863 84.11 -59.22 -37.65
C LEU H 863 83.87 -58.41 -36.37
N LEU H 864 82.84 -58.75 -35.58
CA LEU H 864 82.60 -58.12 -34.28
C LEU H 864 83.76 -58.37 -33.32
N ARG H 865 84.30 -59.59 -33.29
CA ARG H 865 85.45 -59.97 -32.43
C ARG H 865 86.74 -59.26 -32.86
N GLU H 866 86.91 -59.01 -34.16
CA GLU H 866 88.05 -58.26 -34.71
C GLU H 866 87.92 -56.74 -34.45
N SER H 867 86.69 -56.24 -34.30
CA SER H 867 86.40 -54.83 -34.01
C SER H 867 86.66 -54.43 -32.56
N HIS H 868 86.78 -53.13 -32.30
CA HIS H 868 86.90 -52.55 -30.95
C HIS H 868 85.56 -52.19 -30.31
N LEU H 869 84.42 -52.59 -30.89
CA LEU H 869 83.11 -52.31 -30.32
C LEU H 869 82.90 -53.13 -29.03
N SER H 870 82.45 -52.46 -27.95
CA SER H 870 82.11 -53.11 -26.68
C SER H 870 80.73 -53.80 -26.70
N MET H 871 80.39 -54.45 -27.81
CA MET H 871 79.11 -55.14 -28.02
C MET H 871 79.31 -56.65 -27.88
N ILE H 872 78.42 -57.29 -27.13
CA ILE H 872 78.36 -58.76 -27.01
C ILE H 872 77.14 -59.24 -27.77
N VAL H 873 77.31 -60.33 -28.49
CA VAL H 873 76.28 -60.94 -29.32
C VAL H 873 76.28 -62.44 -29.03
N THR H 874 75.10 -63.03 -28.98
CA THR H 874 74.92 -64.45 -28.64
C THR H 874 74.50 -65.23 -29.90
N PRO H 875 75.10 -66.41 -30.16
CA PRO H 875 74.68 -67.28 -31.24
C PRO H 875 73.17 -67.57 -31.24
N LEU H 876 72.49 -67.49 -32.39
CA LEU H 876 71.03 -67.57 -32.45
C LEU H 876 70.51 -68.92 -31.93
N GLU H 877 71.20 -69.99 -32.30
CA GLU H 877 71.03 -71.35 -31.77
C GLU H 877 71.01 -71.48 -30.24
N GLN H 878 71.72 -70.61 -29.50
CA GLN H 878 71.67 -70.59 -28.03
C GLN H 878 70.44 -69.80 -27.54
N LEU H 879 70.09 -68.71 -28.22
CA LEU H 879 68.89 -67.92 -27.92
C LEU H 879 67.60 -68.73 -28.16
N LEU H 880 67.60 -69.62 -29.17
CA LEU H 880 66.51 -70.57 -29.41
C LEU H 880 66.33 -71.58 -28.26
N GLN H 881 67.36 -71.81 -27.44
CA GLN H 881 67.25 -72.60 -26.20
C GLN H 881 66.75 -71.79 -25.00
N GLY H 882 66.47 -70.50 -25.19
CA GLY H 882 65.90 -69.64 -24.14
C GLY H 882 64.53 -70.13 -23.66
N ILE H 883 64.16 -69.72 -22.44
CA ILE H 883 62.85 -70.03 -21.89
C ILE H 883 61.81 -69.19 -22.64
N ASN H 884 60.86 -69.85 -23.30
CA ASN H 884 59.72 -69.16 -23.87
C ASN H 884 58.89 -68.52 -22.73
N PRO H 885 58.69 -67.19 -22.74
CA PRO H 885 57.98 -66.48 -21.68
C PRO H 885 56.51 -66.92 -21.54
N ARG H 886 55.92 -67.47 -22.60
CA ARG H 886 54.52 -67.90 -22.63
C ARG H 886 54.32 -69.30 -22.04
N SER H 887 55.12 -70.27 -22.50
CA SER H 887 55.04 -71.66 -22.03
C SER H 887 55.79 -71.89 -20.72
N LYS H 888 56.71 -70.97 -20.35
CA LYS H 888 57.69 -71.09 -19.26
C LYS H 888 58.63 -72.29 -19.42
N LYS H 889 58.81 -72.78 -20.64
CA LYS H 889 59.67 -73.92 -21.00
C LYS H 889 60.57 -73.53 -22.16
N ALA H 890 61.68 -74.23 -22.35
CA ALA H 890 62.56 -74.06 -23.51
C ALA H 890 62.00 -74.83 -24.72
N ASP H 891 60.87 -74.39 -25.28
CA ASP H 891 60.13 -75.13 -26.32
C ASP H 891 60.17 -74.47 -27.72
N ASN H 892 60.98 -73.44 -27.94
CA ASN H 892 61.06 -72.76 -29.23
C ASN H 892 61.49 -73.71 -30.37
N VAL H 893 62.52 -74.54 -30.15
CA VAL H 893 62.98 -75.54 -31.15
C VAL H 893 61.91 -76.60 -31.41
N VAL H 894 61.16 -76.99 -30.38
CA VAL H 894 60.02 -77.92 -30.51
C VAL H 894 58.89 -77.28 -31.33
N ASN H 895 58.58 -76.02 -31.10
CA ASN H 895 57.58 -75.27 -31.85
C ASN H 895 57.96 -75.11 -33.33
N ILE H 896 59.24 -74.88 -33.61
CA ILE H 896 59.79 -74.92 -34.96
C ILE H 896 59.56 -76.30 -35.59
N ALA H 897 60.00 -77.37 -34.93
CA ALA H 897 59.91 -78.73 -35.49
C ALA H 897 58.48 -79.23 -35.70
N ARG H 898 57.49 -78.75 -34.93
CA ARG H 898 56.08 -79.07 -35.11
C ARG H 898 55.51 -78.63 -36.47
N TYR H 899 56.12 -77.67 -37.18
CA TYR H 899 55.71 -77.31 -38.53
C TYR H 899 55.91 -78.45 -39.54
N LEU H 900 56.83 -79.39 -39.29
CA LEU H 900 56.98 -80.59 -40.13
C LEU H 900 55.73 -81.48 -40.10
N CYS H 901 54.98 -81.50 -38.99
CA CYS H 901 53.72 -82.23 -38.90
C CYS H 901 52.63 -81.71 -39.86
N HIS H 902 52.83 -80.51 -40.42
CA HIS H 902 51.94 -79.86 -41.38
C HIS H 902 52.47 -79.91 -42.81
N GLY H 903 53.53 -80.69 -43.10
CA GLY H 903 54.17 -80.75 -44.42
C GLY H 903 53.25 -81.09 -45.59
N ASN H 904 52.24 -81.95 -45.39
CA ASN H 904 51.24 -82.26 -46.42
C ASN H 904 50.25 -81.10 -46.66
N SER H 905 50.01 -80.26 -45.66
CA SER H 905 49.05 -79.15 -45.75
C SER H 905 49.68 -77.80 -46.10
N ASN H 906 50.94 -77.59 -45.74
CA ASN H 906 51.73 -76.40 -46.01
C ASN H 906 53.20 -76.79 -46.15
N ALA H 907 53.61 -77.07 -47.39
CA ALA H 907 54.97 -77.53 -47.70
C ALA H 907 56.03 -76.44 -47.46
N GLU H 908 55.71 -75.17 -47.69
CA GLU H 908 56.64 -74.03 -47.53
C GLU H 908 57.13 -73.89 -46.08
N LEU H 909 56.22 -73.94 -45.11
CA LEU H 909 56.60 -73.83 -43.69
C LEU H 909 57.35 -75.06 -43.18
N ALA H 910 57.01 -76.25 -43.68
CA ALA H 910 57.76 -77.46 -43.35
C ALA H 910 59.19 -77.41 -43.92
N PHE H 911 59.37 -76.90 -45.15
CA PHE H 911 60.67 -76.69 -45.77
C PHE H 911 61.53 -75.71 -44.96
N GLU H 912 61.01 -74.54 -44.63
CA GLU H 912 61.76 -73.55 -43.85
C GLU H 912 62.09 -74.05 -42.43
N SER H 913 61.18 -74.81 -41.81
CA SER H 913 61.46 -75.52 -40.56
C SER H 913 62.60 -76.53 -40.70
N ALA H 914 62.57 -77.38 -41.73
CA ALA H 914 63.64 -78.36 -41.99
C ALA H 914 65.00 -77.67 -42.22
N LYS H 915 65.00 -76.52 -42.91
CA LYS H 915 66.18 -75.72 -43.20
C LYS H 915 66.81 -75.12 -41.93
N ILE H 916 65.99 -74.57 -41.03
CA ILE H 916 66.47 -74.09 -39.73
C ILE H 916 67.01 -75.26 -38.89
N LEU H 917 66.26 -76.37 -38.77
CA LEU H 917 66.68 -77.53 -37.98
C LEU H 917 67.99 -78.13 -38.51
N CYS H 918 68.17 -78.19 -39.82
CA CYS H 918 69.41 -78.63 -40.46
C CYS H 918 70.57 -77.68 -40.16
N SER H 919 70.31 -76.37 -40.09
CA SER H 919 71.34 -75.37 -39.81
C SER H 919 71.80 -75.40 -38.35
N ILE H 920 70.87 -75.53 -37.40
CA ILE H 920 71.17 -75.60 -35.96
C ILE H 920 71.85 -76.93 -35.59
N SER H 921 71.48 -78.03 -36.26
CA SER H 921 72.01 -79.36 -35.96
C SER H 921 73.51 -79.51 -36.29
N CYS H 922 74.07 -78.64 -37.13
CA CYS H 922 75.50 -78.58 -37.41
C CYS H 922 76.35 -78.28 -36.16
N ASN H 923 75.77 -77.69 -35.10
CA ASN H 923 76.51 -77.26 -33.92
C ASN H 923 76.52 -78.32 -32.80
N SER H 924 77.70 -78.89 -32.56
CA SER H 924 77.92 -80.04 -31.66
C SER H 924 77.40 -79.84 -30.22
N LYS H 925 77.49 -78.61 -29.66
CA LYS H 925 77.10 -78.32 -28.27
C LYS H 925 75.58 -78.41 -28.01
N ILE H 926 74.79 -78.43 -29.07
CA ILE H 926 73.34 -78.21 -29.02
C ILE H 926 72.56 -79.52 -29.22
N GLN H 927 73.16 -80.49 -29.90
CA GLN H 927 72.58 -81.80 -30.19
C GLN H 927 72.02 -82.51 -28.96
N GLU H 928 72.80 -82.63 -27.89
CA GLU H 928 72.38 -83.31 -26.65
C GLU H 928 71.15 -82.64 -26.01
N LYS H 929 71.10 -81.30 -26.03
CA LYS H 929 69.96 -80.54 -25.51
C LYS H 929 68.71 -80.68 -26.38
N ILE H 930 68.84 -80.56 -27.71
CA ILE H 930 67.71 -80.75 -28.64
C ILE H 930 67.08 -82.14 -28.46
N VAL H 931 67.92 -83.17 -28.31
CA VAL H 931 67.44 -84.53 -28.02
C VAL H 931 66.66 -84.56 -26.71
N GLY H 932 67.16 -83.88 -25.66
CA GLY H 932 66.45 -83.69 -24.40
C GLY H 932 65.08 -83.03 -24.59
N ASP H 933 65.02 -81.90 -25.29
CA ASP H 933 63.79 -81.14 -25.53
C ASP H 933 62.75 -81.94 -26.34
N PHE H 934 63.21 -82.71 -27.33
CA PHE H 934 62.34 -83.53 -28.19
C PHE H 934 61.80 -84.77 -27.47
N THR H 935 62.52 -85.28 -26.47
CA THR H 935 62.17 -86.53 -25.77
C THR H 935 61.55 -86.33 -24.40
N GLN H 936 61.54 -85.10 -23.87
CA GLN H 936 60.98 -84.78 -22.55
C GLN H 936 59.49 -85.13 -22.42
N ASP H 937 58.68 -84.81 -23.43
CA ASP H 937 57.26 -85.17 -23.50
C ASP H 937 57.04 -86.27 -24.55
N GLN H 938 56.61 -87.46 -24.09
CA GLN H 938 56.38 -88.61 -24.96
C GLN H 938 55.36 -88.33 -26.07
N ASN H 939 54.32 -87.53 -25.81
CA ASN H 939 53.30 -87.22 -26.82
C ASN H 939 53.84 -86.30 -27.91
N VAL H 940 54.67 -85.33 -27.52
CA VAL H 940 55.34 -84.41 -28.47
C VAL H 940 56.40 -85.17 -29.26
N SER H 941 57.20 -86.00 -28.59
CA SER H 941 58.23 -86.84 -29.20
C SER H 941 57.67 -87.70 -30.35
N GLN H 942 56.53 -88.36 -30.12
CA GLN H 942 55.87 -89.15 -31.15
C GLN H 942 55.35 -88.28 -32.31
N LYS H 943 54.73 -87.12 -32.03
CA LYS H 943 54.27 -86.20 -33.08
C LYS H 943 55.41 -85.67 -33.95
N LEU H 944 56.54 -85.33 -33.34
CA LEU H 944 57.72 -84.87 -34.06
C LEU H 944 58.25 -85.96 -34.98
N MET H 945 58.40 -87.20 -34.47
CA MET H 945 58.79 -88.35 -35.29
C MET H 945 57.89 -88.51 -36.52
N VAL H 946 56.57 -88.43 -36.33
CA VAL H 946 55.58 -88.47 -37.42
C VAL H 946 55.80 -87.34 -38.41
N GLY H 947 56.09 -86.13 -37.95
CA GLY H 947 56.37 -84.98 -38.83
C GLY H 947 57.54 -85.28 -39.77
N PHE H 948 58.69 -85.69 -39.23
CA PHE H 948 59.87 -86.03 -40.04
C PHE H 948 59.61 -87.19 -41.00
N VAL H 949 58.95 -88.25 -40.54
CA VAL H 949 58.59 -89.44 -41.35
C VAL H 949 57.65 -89.05 -42.48
N SER H 950 56.60 -88.27 -42.19
CA SER H 950 55.62 -87.85 -43.21
C SER H 950 56.24 -87.00 -44.33
N CYS H 951 57.22 -86.14 -44.00
CA CYS H 951 57.97 -85.39 -45.00
C CYS H 951 58.86 -86.29 -45.88
N LEU H 952 59.44 -87.37 -45.33
CA LEU H 952 60.24 -88.32 -46.12
C LEU H 952 59.36 -89.25 -46.97
N ASP H 953 58.21 -89.68 -46.45
CA ASP H 953 57.26 -90.59 -47.10
C ASP H 953 56.42 -89.92 -48.21
N SER H 954 56.51 -88.59 -48.41
CA SER H 954 55.68 -87.90 -49.40
C SER H 954 55.95 -88.40 -50.83
N GLU H 955 54.98 -89.09 -51.45
CA GLU H 955 55.13 -89.73 -52.75
C GLU H 955 55.30 -88.72 -53.90
N GLU H 956 54.55 -87.61 -53.90
CA GLU H 956 54.55 -86.58 -54.97
C GLU H 956 55.92 -85.94 -55.25
N ALA H 957 56.84 -85.93 -54.27
CA ALA H 957 58.15 -85.29 -54.42
C ALA H 957 59.08 -86.01 -55.42
N GLU H 958 58.77 -87.27 -55.77
CA GLU H 958 59.57 -88.08 -56.68
C GLU H 958 59.00 -88.08 -58.12
N GLU H 959 57.76 -87.63 -58.34
CA GLU H 959 57.00 -88.02 -59.55
C GLU H 959 56.96 -87.00 -60.69
N LEU H 960 57.33 -85.73 -60.48
CA LEU H 960 57.02 -84.62 -61.41
C LEU H 960 58.21 -83.72 -61.79
N LEU H 961 59.45 -84.14 -61.58
CA LEU H 961 60.61 -83.27 -61.88
C LEU H 961 60.84 -83.04 -63.38
N ASP H 962 60.35 -83.92 -64.27
CA ASP H 962 60.63 -83.83 -65.71
C ASP H 962 59.49 -83.24 -66.58
N SER H 963 58.33 -82.86 -66.01
CA SER H 963 57.24 -82.26 -66.79
C SER H 963 57.30 -80.72 -66.81
N GLU H 964 58.12 -80.16 -67.71
CA GLU H 964 58.23 -78.69 -67.91
C GLU H 964 56.92 -77.97 -68.31
N LYS H 965 55.84 -78.72 -68.63
CA LYS H 965 54.59 -78.16 -69.18
C LYS H 965 53.44 -78.00 -68.19
N GLU H 966 53.62 -78.32 -66.91
CA GLU H 966 52.56 -78.13 -65.91
C GLU H 966 52.76 -76.84 -65.09
N ALA H 967 51.66 -76.34 -64.50
CA ALA H 967 51.57 -75.04 -63.86
C ALA H 967 52.74 -74.76 -62.90
N GLU H 968 53.39 -73.59 -63.04
CA GLU H 968 54.58 -73.20 -62.27
C GLU H 968 54.46 -73.45 -60.76
N ASP H 969 53.26 -73.30 -60.19
CA ASP H 969 53.00 -73.45 -58.77
C ASP H 969 53.08 -74.92 -58.30
N GLN H 970 52.66 -75.89 -59.10
CA GLN H 970 52.76 -77.31 -58.75
C GLN H 970 54.23 -77.76 -58.76
N VAL H 971 54.99 -77.36 -59.78
CA VAL H 971 56.44 -77.62 -59.88
C VAL H 971 57.21 -76.98 -58.71
N LYS H 972 56.82 -75.75 -58.30
CA LYS H 972 57.39 -75.11 -57.11
C LYS H 972 57.12 -75.94 -55.85
N GLN H 973 55.90 -76.42 -55.63
CA GLN H 973 55.55 -77.20 -54.44
C GLN H 973 56.23 -78.58 -54.39
N THR H 974 56.32 -79.30 -55.51
CA THR H 974 57.01 -80.60 -55.58
C THR H 974 58.50 -80.43 -55.30
N ASN H 975 59.13 -79.40 -55.88
CA ASN H 975 60.52 -79.05 -55.60
C ASN H 975 60.74 -78.69 -54.12
N ILE H 976 59.83 -77.93 -53.49
CA ILE H 976 59.90 -77.62 -52.05
C ILE H 976 59.83 -78.90 -51.20
N ARG H 977 58.96 -79.86 -51.53
CA ARG H 977 58.89 -81.15 -50.82
C ARG H 977 60.17 -81.98 -51.01
N TYR H 978 60.68 -82.04 -52.23
CA TYR H 978 61.96 -82.69 -52.54
C TYR H 978 63.11 -82.08 -51.71
N MET H 979 63.24 -80.75 -51.73
CA MET H 979 64.26 -80.04 -50.95
C MET H 979 64.09 -80.22 -49.45
N THR H 980 62.85 -80.39 -48.96
CA THR H 980 62.57 -80.76 -47.57
C THR H 980 63.18 -82.12 -47.22
N LYS H 981 63.02 -83.14 -48.07
CA LYS H 981 63.66 -84.46 -47.89
C LYS H 981 65.18 -84.33 -47.84
N ILE H 982 65.78 -83.56 -48.76
CA ILE H 982 67.22 -83.29 -48.81
C ILE H 982 67.72 -82.65 -47.51
N HIS H 983 67.02 -81.65 -46.96
CA HIS H 983 67.39 -81.04 -45.68
C HIS H 983 67.27 -81.99 -44.50
N ILE H 984 66.24 -82.84 -44.46
CA ILE H 984 66.09 -83.87 -43.42
C ILE H 984 67.24 -84.89 -43.49
N LEU H 985 67.59 -85.40 -44.67
CA LEU H 985 68.71 -86.34 -44.81
C LEU H 985 70.06 -85.70 -44.47
N ASN H 986 70.29 -84.44 -44.89
CA ASN H 986 71.50 -83.71 -44.51
C ASN H 986 71.57 -83.47 -42.99
N LEU H 987 70.44 -83.20 -42.34
CA LEU H 987 70.35 -83.14 -40.88
C LEU H 987 70.76 -84.48 -40.24
N LEU H 988 70.27 -85.61 -40.77
CA LEU H 988 70.62 -86.94 -40.26
C LEU H 988 72.12 -87.24 -40.44
N ILE H 989 72.66 -87.01 -41.63
CA ILE H 989 74.08 -87.24 -41.96
C ILE H 989 74.99 -86.40 -41.06
N THR H 990 74.71 -85.10 -40.94
CA THR H 990 75.52 -84.19 -40.12
C THR H 990 75.44 -84.55 -38.64
N SER H 991 74.27 -84.99 -38.17
CA SER H 991 74.09 -85.41 -36.78
C SER H 991 74.77 -86.75 -36.47
N LEU H 992 74.86 -87.69 -37.43
CA LEU H 992 75.53 -89.00 -37.26
C LEU H 992 77.06 -88.88 -37.13
N GLU H 993 77.66 -87.81 -37.65
CA GLU H 993 79.09 -87.52 -37.49
C GLU H 993 79.44 -87.03 -36.07
N MET H 994 78.42 -86.69 -35.26
CA MET H 994 78.57 -86.21 -33.87
C MET H 994 78.49 -87.36 -32.85
N LYS H 995 79.03 -87.12 -31.64
CA LYS H 995 79.00 -88.11 -30.54
C LYS H 995 77.57 -88.43 -30.08
N ALA H 996 77.33 -89.67 -29.69
CA ALA H 996 76.06 -90.14 -29.13
C ALA H 996 75.82 -89.62 -27.69
N PRO H 997 74.57 -89.35 -27.28
CA PRO H 997 73.33 -89.38 -28.06
C PRO H 997 73.15 -88.14 -28.94
N ASN H 998 72.71 -88.32 -30.18
CA ASN H 998 72.46 -87.25 -31.15
C ASN H 998 71.05 -87.36 -31.78
N LEU H 999 70.60 -86.30 -32.47
CA LEU H 999 69.25 -86.21 -33.03
C LEU H 999 68.96 -87.30 -34.08
N ALA H 1000 69.97 -87.70 -34.87
CA ALA H 1000 69.79 -88.76 -35.86
C ALA H 1000 69.46 -90.10 -35.22
N MET H 1001 70.08 -90.45 -34.09
CA MET H 1001 69.77 -91.67 -33.36
C MET H 1001 68.31 -91.71 -32.93
N PHE H 1002 67.76 -90.61 -32.41
CA PHE H 1002 66.34 -90.49 -32.10
C PHE H 1002 65.46 -90.75 -33.34
N LEU H 1003 65.69 -89.99 -34.42
CA LEU H 1003 64.86 -90.02 -35.63
C LEU H 1003 64.95 -91.34 -36.42
N LEU H 1004 66.07 -92.06 -36.32
CA LEU H 1004 66.27 -93.36 -36.96
C LEU H 1004 65.71 -94.54 -36.13
N GLY H 1005 65.27 -94.29 -34.89
CA GLY H 1005 64.59 -95.27 -34.04
C GLY H 1005 65.45 -95.95 -32.98
N TYR H 1006 66.59 -95.37 -32.62
CA TYR H 1006 67.45 -95.93 -31.55
C TYR H 1006 66.89 -95.65 -30.15
N GLU H 1007 67.01 -96.64 -29.26
CA GLU H 1007 66.59 -96.49 -27.86
C GLU H 1007 67.63 -95.65 -27.08
N LEU H 1008 67.29 -94.40 -26.74
CA LEU H 1008 68.20 -93.49 -26.02
C LEU H 1008 68.25 -93.74 -24.50
N LYS H 1009 67.31 -94.51 -23.95
CA LYS H 1009 67.26 -94.85 -22.51
C LYS H 1009 68.28 -95.93 -22.13
N LYS H 1010 68.74 -96.70 -23.11
CA LYS H 1010 69.74 -97.76 -22.96
C LYS H 1010 70.95 -97.42 -23.84
N PRO H 1011 72.09 -98.12 -23.67
CA PRO H 1011 73.18 -98.00 -24.62
C PRO H 1011 72.70 -98.32 -26.03
N VAL H 1012 72.99 -97.43 -26.98
CA VAL H 1012 72.53 -97.46 -28.38
C VAL H 1012 72.77 -98.83 -29.04
N SER H 1013 73.92 -99.45 -28.73
CA SER H 1013 74.34 -100.77 -29.22
C SER H 1013 73.45 -101.94 -28.80
N THR H 1014 72.57 -101.76 -27.82
CA THR H 1014 71.61 -102.78 -27.36
C THR H 1014 70.21 -102.62 -27.97
N THR H 1015 70.02 -101.64 -28.85
CA THR H 1015 68.72 -101.41 -29.51
C THR H 1015 68.34 -102.61 -30.38
N ASN H 1016 67.07 -103.03 -30.33
CA ASN H 1016 66.51 -103.99 -31.26
C ASN H 1016 65.64 -103.27 -32.30
N LEU H 1017 66.20 -103.02 -33.49
CA LEU H 1017 65.45 -102.51 -34.63
C LEU H 1017 64.52 -103.61 -35.17
N GLN H 1018 63.26 -103.24 -35.43
CA GLN H 1018 62.22 -104.12 -35.98
C GLN H 1018 61.42 -103.35 -37.01
N ASP H 1019 60.70 -104.07 -37.87
CA ASP H 1019 59.81 -103.45 -38.85
C ASP H 1019 58.69 -102.66 -38.16
N SER H 1020 58.31 -101.53 -38.77
CA SER H 1020 57.27 -100.66 -38.23
C SER H 1020 55.98 -101.44 -37.97
N GLY H 1021 55.44 -101.32 -36.75
CA GLY H 1021 54.24 -102.03 -36.27
C GLY H 1021 54.51 -103.31 -35.49
N VAL H 1022 55.68 -103.94 -35.66
CA VAL H 1022 56.02 -105.16 -34.90
C VAL H 1022 56.33 -104.80 -33.45
N LEU H 1023 55.69 -105.50 -32.49
CA LEU H 1023 55.78 -105.22 -31.04
C LEU H 1023 55.46 -103.76 -30.65
N GLY H 1024 54.71 -103.03 -31.48
CA GLY H 1024 54.40 -101.62 -31.24
C GLY H 1024 55.55 -100.65 -31.58
N CYS H 1025 56.55 -101.08 -32.34
CA CYS H 1025 57.62 -100.20 -32.82
C CYS H 1025 57.05 -99.13 -33.76
N PRO H 1026 57.30 -97.83 -33.52
CA PRO H 1026 56.80 -96.78 -34.39
C PRO H 1026 57.53 -96.75 -35.73
N ARG H 1027 56.93 -96.14 -36.75
CA ARG H 1027 57.61 -95.83 -38.02
C ARG H 1027 58.60 -94.68 -37.76
N THR H 1028 59.78 -94.80 -38.34
CA THR H 1028 60.92 -93.91 -38.11
C THR H 1028 61.55 -93.52 -39.44
N CYS H 1029 62.44 -92.53 -39.45
CA CYS H 1029 63.11 -92.10 -40.67
C CYS H 1029 63.94 -93.24 -41.31
N LEU H 1030 64.41 -94.22 -40.52
CA LEU H 1030 65.10 -95.39 -41.05
C LEU H 1030 64.17 -96.22 -41.97
N HIS H 1031 62.90 -96.39 -41.58
CA HIS H 1031 61.92 -97.10 -42.37
C HIS H 1031 61.64 -96.36 -43.68
N SER H 1032 61.41 -95.04 -43.63
CA SER H 1032 61.23 -94.21 -44.82
C SER H 1032 62.42 -94.30 -45.78
N ILE H 1033 63.65 -94.23 -45.27
CA ILE H 1033 64.88 -94.35 -46.08
C ILE H 1033 64.96 -95.72 -46.77
N LEU H 1034 64.64 -96.80 -46.05
CA LEU H 1034 64.65 -98.15 -46.62
C LEU H 1034 63.55 -98.34 -47.67
N ASP H 1035 62.36 -97.78 -47.44
CA ASP H 1035 61.24 -97.84 -48.40
C ASP H 1035 61.57 -97.06 -49.68
N ILE H 1036 62.17 -95.87 -49.59
CA ILE H 1036 62.66 -95.10 -50.75
C ILE H 1036 63.63 -95.93 -51.59
N LEU H 1037 64.59 -96.63 -50.96
CA LEU H 1037 65.57 -97.45 -51.68
C LEU H 1037 65.02 -98.80 -52.17
N ARG H 1038 63.93 -99.30 -51.58
CA ARG H 1038 63.30 -100.57 -51.99
C ARG H 1038 62.27 -100.41 -53.10
N LYS H 1039 61.70 -99.22 -53.25
CA LYS H 1039 60.75 -98.92 -54.32
C LYS H 1039 61.39 -99.25 -55.68
N GLY H 1040 60.82 -100.24 -56.39
CA GLY H 1040 61.33 -100.72 -57.67
C GLY H 1040 62.37 -101.85 -57.62
N THR H 1041 62.83 -102.33 -56.46
CA THR H 1041 63.85 -103.40 -56.42
C THR H 1041 63.41 -104.74 -57.01
N ASP H 1042 62.09 -104.97 -57.10
CA ASP H 1042 61.51 -106.17 -57.72
C ASP H 1042 61.52 -106.09 -59.26
N VAL H 1043 61.64 -104.88 -59.82
CA VAL H 1043 61.68 -104.61 -61.26
C VAL H 1043 63.10 -104.83 -61.78
N ARG H 1044 63.23 -105.22 -63.05
CA ARG H 1044 64.54 -105.48 -63.69
C ARG H 1044 65.48 -104.27 -63.71
N ALA H 1045 64.95 -103.04 -63.66
CA ALA H 1045 65.73 -101.79 -63.72
C ALA H 1045 66.42 -101.42 -62.38
N GLY H 1046 66.01 -102.03 -61.26
CA GLY H 1046 66.53 -101.69 -59.93
C GLY H 1046 65.73 -100.59 -59.22
N PRO H 1047 66.28 -100.00 -58.14
CA PRO H 1047 65.59 -99.00 -57.32
C PRO H 1047 65.19 -97.77 -58.13
N VAL H 1048 63.92 -97.36 -58.07
CA VAL H 1048 63.38 -96.19 -58.79
C VAL H 1048 64.12 -94.91 -58.41
N ALA H 1049 64.41 -94.72 -57.12
CA ALA H 1049 65.09 -93.54 -56.61
C ALA H 1049 66.50 -93.33 -57.21
N VAL H 1050 67.16 -94.38 -57.72
CA VAL H 1050 68.47 -94.27 -58.38
C VAL H 1050 68.35 -93.49 -59.70
N TRP H 1051 67.22 -93.62 -60.39
CA TRP H 1051 66.96 -93.05 -61.71
C TRP H 1051 66.27 -91.69 -61.59
N ASP H 1052 65.14 -91.62 -60.88
CA ASP H 1052 64.30 -90.43 -60.81
C ASP H 1052 64.87 -89.35 -59.88
N THR H 1053 65.49 -89.76 -58.76
CA THR H 1053 65.98 -88.84 -57.72
C THR H 1053 67.40 -89.20 -57.25
N PRO H 1054 68.40 -89.16 -58.14
CA PRO H 1054 69.71 -89.75 -57.89
C PRO H 1054 70.44 -89.13 -56.68
N HIS H 1055 70.30 -87.84 -56.45
CA HIS H 1055 70.91 -87.19 -55.28
C HIS H 1055 70.24 -87.61 -53.97
N LEU H 1056 68.92 -87.84 -53.96
CA LEU H 1056 68.21 -88.36 -52.79
C LEU H 1056 68.66 -89.78 -52.45
N ALA H 1057 68.75 -90.66 -53.46
CA ALA H 1057 69.26 -92.02 -53.29
C ALA H 1057 70.70 -92.03 -52.76
N GLU H 1058 71.57 -91.12 -53.23
CA GLU H 1058 72.93 -90.96 -52.73
C GLU H 1058 72.95 -90.73 -51.21
N LEU H 1059 72.15 -89.77 -50.72
CA LEU H 1059 72.07 -89.43 -49.31
C LEU H 1059 71.48 -90.59 -48.48
N CYS H 1060 70.49 -91.30 -49.01
CA CYS H 1060 69.92 -92.49 -48.36
C CYS H 1060 70.98 -93.60 -48.18
N TYR H 1061 71.76 -93.92 -49.21
CA TYR H 1061 72.87 -94.87 -49.10
C TYR H 1061 73.96 -94.39 -48.14
N GLN H 1062 74.24 -93.09 -48.10
CA GLN H 1062 75.20 -92.51 -47.16
C GLN H 1062 74.76 -92.69 -45.70
N VAL H 1063 73.49 -92.46 -45.38
CA VAL H 1063 72.94 -92.69 -44.02
C VAL H 1063 73.10 -94.17 -43.63
N ILE H 1064 72.74 -95.10 -44.51
CA ILE H 1064 72.88 -96.53 -44.25
C ILE H 1064 74.34 -96.92 -44.02
N TYR H 1065 75.26 -96.41 -44.84
CA TYR H 1065 76.69 -96.63 -44.66
C TYR H 1065 77.17 -96.12 -43.30
N GLN H 1066 76.82 -94.88 -42.92
CA GLN H 1066 77.25 -94.30 -41.64
C GLN H 1066 76.72 -95.09 -40.44
N LEU H 1067 75.48 -95.59 -40.49
CA LEU H 1067 74.92 -96.47 -39.47
C LEU H 1067 75.69 -97.80 -39.36
N CYS H 1068 76.11 -98.37 -40.47
CA CYS H 1068 76.92 -99.60 -40.51
C CYS H 1068 78.38 -99.37 -40.12
N ALA H 1069 78.94 -98.17 -40.38
CA ALA H 1069 80.32 -97.82 -40.09
C ALA H 1069 80.55 -97.40 -38.63
N CYS H 1070 79.56 -96.78 -37.99
CA CYS H 1070 79.67 -96.34 -36.61
C CYS H 1070 79.59 -97.53 -35.64
N ALA H 1071 80.55 -97.60 -34.71
CA ALA H 1071 80.73 -98.75 -33.81
C ALA H 1071 79.48 -99.01 -32.95
N ASP H 1072 78.82 -97.97 -32.46
CA ASP H 1072 77.67 -98.07 -31.56
C ASP H 1072 76.38 -98.53 -32.27
N THR H 1073 76.20 -98.16 -33.55
CA THR H 1073 74.98 -98.46 -34.34
C THR H 1073 75.12 -99.67 -35.25
N SER H 1074 76.34 -100.07 -35.59
CA SER H 1074 76.62 -101.13 -36.57
C SER H 1074 75.92 -102.45 -36.25
N GLY H 1075 76.01 -102.93 -35.00
CA GLY H 1075 75.44 -104.21 -34.57
C GLY H 1075 73.94 -104.31 -34.80
N PRO H 1076 73.11 -103.43 -34.21
CA PRO H 1076 71.68 -103.37 -34.45
C PRO H 1076 71.31 -103.20 -35.93
N THR H 1077 71.97 -102.27 -36.63
CA THR H 1077 71.67 -101.94 -38.04
C THR H 1077 71.87 -103.15 -38.94
N MET H 1078 73.07 -103.73 -38.95
CA MET H 1078 73.39 -104.81 -39.88
C MET H 1078 72.59 -106.07 -39.59
N ARG H 1079 72.27 -106.34 -38.31
CA ARG H 1079 71.37 -107.44 -37.94
C ARG H 1079 70.00 -107.24 -38.59
N TYR H 1080 69.43 -106.04 -38.45
CA TYR H 1080 68.12 -105.70 -39.02
C TYR H 1080 68.12 -105.75 -40.55
N LEU H 1081 69.11 -105.14 -41.20
CA LEU H 1081 69.28 -105.17 -42.66
C LEU H 1081 69.41 -106.59 -43.22
N ARG H 1082 70.03 -107.50 -42.46
CA ARG H 1082 70.21 -108.91 -42.87
C ARG H 1082 68.96 -109.76 -42.65
N THR H 1083 68.34 -109.70 -41.47
CA THR H 1083 67.28 -110.65 -41.09
C THR H 1083 65.89 -110.23 -41.55
N SER H 1084 65.57 -108.95 -41.44
CA SER H 1084 64.22 -108.45 -41.76
C SER H 1084 64.13 -108.01 -43.22
N GLN H 1085 65.22 -107.43 -43.75
CA GLN H 1085 65.16 -106.67 -44.99
C GLN H 1085 65.92 -107.32 -46.17
N ASP H 1086 66.80 -108.30 -45.93
CA ASP H 1086 67.75 -108.85 -46.93
C ASP H 1086 68.38 -107.77 -47.84
N PHE H 1087 68.66 -106.60 -47.24
CA PHE H 1087 68.81 -105.33 -47.96
C PHE H 1087 70.02 -105.35 -48.91
N LEU H 1088 71.19 -105.76 -48.40
CA LEU H 1088 72.43 -105.72 -49.18
C LEU H 1088 72.38 -106.65 -50.38
N PHE H 1089 71.81 -107.85 -50.24
CA PHE H 1089 71.69 -108.76 -51.39
C PHE H 1089 70.76 -108.19 -52.46
N SER H 1090 69.60 -107.67 -52.05
CA SER H 1090 68.61 -107.07 -52.96
C SER H 1090 69.16 -105.84 -53.70
N GLN H 1091 69.98 -105.01 -53.05
CA GLN H 1091 70.57 -103.82 -53.70
C GLN H 1091 71.78 -104.17 -54.58
N LEU H 1092 72.68 -105.04 -54.11
CA LEU H 1092 73.89 -105.41 -54.86
C LEU H 1092 73.59 -106.15 -56.18
N GLN H 1093 72.44 -106.82 -56.29
CA GLN H 1093 72.05 -107.50 -57.53
C GLN H 1093 71.86 -106.53 -58.71
N HIS H 1094 71.62 -105.25 -58.43
CA HIS H 1094 71.35 -104.21 -59.44
C HIS H 1094 72.57 -103.36 -59.80
N LEU H 1095 73.74 -103.58 -59.17
CA LEU H 1095 74.97 -102.89 -59.57
C LEU H 1095 75.49 -103.34 -60.96
N PRO H 1096 76.20 -102.52 -61.74
CA PRO H 1096 76.42 -101.09 -61.54
C PRO H 1096 75.17 -100.26 -61.88
N PHE H 1097 75.01 -99.13 -61.20
CA PHE H 1097 74.03 -98.11 -61.57
C PHE H 1097 74.65 -97.22 -62.66
N SER H 1098 73.92 -96.94 -63.74
CA SER H 1098 74.41 -96.11 -64.85
C SER H 1098 73.37 -95.07 -65.25
N VAL H 1099 73.53 -93.82 -64.81
CA VAL H 1099 72.60 -92.71 -65.12
C VAL H 1099 73.37 -91.65 -65.90
N GLU H 1100 73.01 -91.42 -67.17
CA GLU H 1100 73.75 -90.54 -68.09
C GLU H 1100 73.75 -89.07 -67.63
N GLU H 1101 72.62 -88.56 -67.12
CA GLU H 1101 72.50 -87.15 -66.71
C GLU H 1101 73.18 -86.84 -65.37
N SER H 1102 73.33 -87.86 -64.51
CA SER H 1102 73.71 -87.70 -63.08
C SER H 1102 74.81 -88.67 -62.64
N GLU H 1103 75.87 -88.79 -63.45
CA GLU H 1103 76.99 -89.70 -63.21
C GLU H 1103 77.63 -89.55 -61.81
N ILE H 1104 77.78 -88.32 -61.31
CA ILE H 1104 78.40 -88.01 -60.02
C ILE H 1104 77.63 -88.68 -58.87
N SER H 1105 76.31 -88.52 -58.86
CA SER H 1105 75.43 -89.09 -57.84
C SER H 1105 75.40 -90.62 -57.94
N ALA H 1106 75.26 -91.18 -59.14
CA ALA H 1106 75.26 -92.64 -59.36
C ALA H 1106 76.57 -93.29 -58.86
N MET H 1107 77.71 -92.67 -59.15
CA MET H 1107 79.02 -93.12 -58.70
C MET H 1107 79.14 -93.11 -57.16
N ASN H 1108 78.63 -92.06 -56.51
CA ASN H 1108 78.61 -91.98 -55.04
C ASN H 1108 77.63 -92.97 -54.40
N GLN H 1109 76.46 -93.22 -55.00
CA GLN H 1109 75.52 -94.27 -54.55
C GLN H 1109 76.21 -95.64 -54.54
N MET H 1110 76.86 -96.01 -55.66
CA MET H 1110 77.63 -97.26 -55.76
C MET H 1110 78.75 -97.32 -54.71
N SER H 1111 79.43 -96.20 -54.48
CA SER H 1111 80.51 -96.09 -53.49
C SER H 1111 80.01 -96.41 -52.07
N TRP H 1112 78.93 -95.75 -51.63
CA TRP H 1112 78.36 -95.97 -50.30
C TRP H 1112 77.82 -97.40 -50.12
N LEU H 1113 77.17 -97.95 -51.16
CA LEU H 1113 76.68 -99.32 -51.14
C LEU H 1113 77.84 -100.34 -51.06
N MET H 1114 78.90 -100.17 -51.87
CA MET H 1114 80.10 -101.02 -51.83
C MET H 1114 80.81 -100.98 -50.48
N LYS H 1115 80.95 -99.78 -49.88
CA LYS H 1115 81.53 -99.65 -48.54
C LYS H 1115 80.67 -100.35 -47.48
N THR H 1116 79.35 -100.28 -47.58
CA THR H 1116 78.45 -101.00 -46.68
C THR H 1116 78.60 -102.52 -46.84
N ALA H 1117 78.68 -103.01 -48.08
CA ALA H 1117 78.94 -104.42 -48.39
C ALA H 1117 80.32 -104.88 -47.87
N THR H 1118 81.32 -104.01 -47.94
CA THR H 1118 82.68 -104.26 -47.42
C THR H 1118 82.66 -104.47 -45.90
N ILE H 1119 81.94 -103.63 -45.16
CA ILE H 1119 81.75 -103.78 -43.71
C ILE H 1119 81.03 -105.10 -43.40
N GLU H 1120 79.95 -105.39 -44.12
CA GLU H 1120 79.17 -106.61 -43.92
C GLU H 1120 80.01 -107.87 -44.16
N LEU H 1121 80.72 -107.95 -45.29
CA LEU H 1121 81.60 -109.08 -45.61
C LEU H 1121 82.69 -109.27 -44.56
N ARG H 1122 83.30 -108.17 -44.08
CA ARG H 1122 84.31 -108.24 -43.03
C ARG H 1122 83.73 -108.80 -41.73
N ILE H 1123 82.60 -108.29 -41.29
CA ILE H 1123 82.01 -108.65 -39.99
C ILE H 1123 81.42 -110.06 -40.02
N THR H 1124 80.76 -110.45 -41.10
CA THR H 1124 80.23 -111.81 -41.29
C THR H 1124 81.35 -112.85 -41.40
N SER H 1125 82.46 -112.51 -42.07
CA SER H 1125 83.67 -113.35 -42.12
C SER H 1125 84.32 -113.53 -40.75
N LEU H 1126 84.53 -112.43 -40.01
CA LEU H 1126 85.10 -112.46 -38.65
C LEU H 1126 84.23 -113.26 -37.67
N ASN H 1127 82.91 -113.14 -37.79
CA ASN H 1127 81.93 -113.86 -36.96
C ASN H 1127 81.59 -115.27 -37.46
N ARG H 1128 82.31 -115.78 -38.48
CA ARG H 1128 82.14 -117.14 -39.04
C ARG H 1128 80.74 -117.45 -39.58
N GLN H 1129 80.03 -116.43 -40.08
CA GLN H 1129 78.71 -116.57 -40.72
C GLN H 1129 78.86 -116.99 -42.18
N ARG H 1130 79.23 -118.26 -42.38
CA ARG H 1130 79.75 -118.77 -43.66
C ARG H 1130 78.74 -118.74 -44.81
N SER H 1131 77.49 -119.16 -44.58
CA SER H 1131 76.45 -119.20 -45.62
C SER H 1131 76.11 -117.82 -46.18
N HIS H 1132 76.03 -116.80 -45.33
CA HIS H 1132 75.75 -115.43 -45.76
C HIS H 1132 76.93 -114.81 -46.51
N THR H 1133 78.15 -115.00 -45.99
CA THR H 1133 79.38 -114.56 -46.67
C THR H 1133 79.50 -115.20 -48.06
N GLN H 1134 79.23 -116.51 -48.16
CA GLN H 1134 79.26 -117.24 -49.42
C GLN H 1134 78.20 -116.72 -50.42
N ARG H 1135 76.98 -116.44 -49.96
CA ARG H 1135 75.91 -115.89 -50.80
C ARG H 1135 76.30 -114.53 -51.41
N LEU H 1136 76.88 -113.62 -50.62
CA LEU H 1136 77.36 -112.32 -51.11
C LEU H 1136 78.58 -112.45 -52.04
N LEU H 1137 79.50 -113.37 -51.75
CA LEU H 1137 80.64 -113.65 -52.62
C LEU H 1137 80.20 -114.20 -53.98
N HIS H 1138 79.26 -115.15 -54.02
CA HIS H 1138 78.70 -115.66 -55.27
C HIS H 1138 78.04 -114.56 -56.10
N LEU H 1139 77.29 -113.64 -55.48
CA LEU H 1139 76.70 -112.50 -56.19
C LEU H 1139 77.76 -111.59 -56.86
N LEU H 1140 78.93 -111.42 -56.22
CA LEU H 1140 80.00 -110.53 -56.68
C LEU H 1140 80.98 -111.20 -57.66
N LEU H 1141 81.21 -112.51 -57.52
CA LEU H 1141 82.25 -113.26 -58.21
C LEU H 1141 81.72 -114.24 -59.26
N ASP H 1142 80.47 -114.70 -59.16
CA ASP H 1142 79.93 -115.65 -60.14
C ASP H 1142 79.66 -114.96 -61.48
N ASP H 1143 79.77 -115.81 -62.50
CA ASP H 1143 79.68 -115.47 -63.91
C ASP H 1143 78.20 -115.32 -64.32
N MET H 1144 77.68 -114.09 -64.21
CA MET H 1144 76.32 -113.74 -64.62
C MET H 1144 76.28 -113.36 -66.11
N PRO H 1145 75.28 -113.82 -66.89
CA PRO H 1145 75.12 -113.37 -68.27
C PRO H 1145 74.90 -111.85 -68.32
N THR H 1146 75.61 -111.13 -69.20
CA THR H 1146 75.29 -109.73 -69.50
C THR H 1146 73.87 -109.64 -70.04
N ARG H 1147 73.04 -108.86 -69.39
CA ARG H 1147 71.82 -108.32 -70.00
C ARG H 1147 72.22 -106.98 -70.64
N PRO H 1148 72.16 -106.84 -71.97
CA PRO H 1148 72.47 -105.58 -72.62
C PRO H 1148 71.43 -104.53 -72.25
N TYR H 1149 71.93 -103.35 -71.90
CA TYR H 1149 71.18 -102.09 -71.84
C TYR H 1149 71.15 -101.51 -73.24
N SER H 1150 69.99 -101.55 -73.88
CA SER H 1150 69.64 -100.62 -74.95
C SER H 1150 68.12 -100.62 -75.03
N ALA H 1151 67.52 -99.49 -74.62
CA ALA H 1151 66.07 -99.27 -74.67
C ALA H 1151 65.53 -99.17 -76.11
N ASP H 1152 66.40 -99.18 -77.12
CA ASP H 1152 66.03 -99.15 -78.53
C ASP H 1152 66.30 -100.51 -79.19
N GLY H 1153 65.26 -101.32 -79.32
CA GLY H 1153 65.36 -102.61 -80.00
C GLY H 1153 64.06 -103.39 -79.96
N GLU H 1154 63.08 -102.98 -80.76
CA GLU H 1154 61.96 -103.83 -81.16
C GLU H 1154 62.49 -105.16 -81.73
N GLY H 1155 62.25 -106.27 -81.03
CA GLY H 1155 62.74 -107.57 -81.50
C GLY H 1155 62.36 -108.76 -80.64
N GLY H 1156 61.17 -109.31 -80.90
CA GLY H 1156 60.97 -110.77 -81.04
C GLY H 1156 61.11 -111.65 -79.81
N MET H 1157 59.97 -112.00 -79.22
CA MET H 1157 59.74 -113.08 -78.26
C MET H 1157 59.91 -114.46 -78.90
N GLU H 1158 61.12 -114.90 -79.27
CA GLU H 1158 61.41 -116.30 -79.64
C GLU H 1158 62.87 -116.66 -79.33
N ASP H 1159 63.15 -117.29 -78.18
CA ASP H 1159 64.15 -118.37 -78.01
C ASP H 1159 64.34 -118.73 -76.52
N GLU H 1160 63.38 -119.42 -75.90
CA GLU H 1160 63.58 -120.11 -74.60
C GLU H 1160 63.83 -121.62 -74.75
N SER H 1161 64.11 -122.12 -75.97
CA SER H 1161 64.16 -123.57 -76.21
C SER H 1161 65.35 -124.05 -77.05
N ARG H 1162 66.59 -123.85 -76.60
CA ARG H 1162 67.75 -124.70 -77.01
C ARG H 1162 68.78 -124.91 -75.88
N SER H 1163 68.48 -125.94 -75.09
CA SER H 1163 69.34 -127.07 -74.68
C SER H 1163 70.85 -126.88 -74.41
N LEU H 1164 71.25 -127.39 -73.23
CA LEU H 1164 72.59 -127.85 -72.87
C LEU H 1164 73.18 -128.80 -73.93
N SER H 1165 74.19 -128.37 -74.69
CA SER H 1165 75.27 -129.22 -75.23
C SER H 1165 76.34 -128.36 -75.94
N GLY H 1166 77.63 -128.63 -75.69
CA GLY H 1166 78.72 -128.26 -76.62
C GLY H 1166 79.93 -127.55 -76.00
N PHE H 1167 80.81 -128.32 -75.35
CA PHE H 1167 81.98 -127.90 -74.57
C PHE H 1167 83.21 -127.44 -75.37
N LEU H 1168 83.14 -127.17 -76.67
CA LEU H 1168 84.33 -126.77 -77.46
C LEU H 1168 83.87 -125.93 -78.66
N HIS H 1169 84.13 -124.62 -78.65
CA HIS H 1169 84.47 -123.72 -79.78
C HIS H 1169 84.22 -122.24 -79.40
N PHE H 1170 85.20 -121.37 -79.68
CA PHE H 1170 85.48 -120.10 -78.99
C PHE H 1170 84.99 -118.82 -79.72
N ASP H 1171 84.05 -118.90 -80.66
CA ASP H 1171 83.71 -117.75 -81.53
C ASP H 1171 82.34 -117.08 -81.27
N THR H 1172 81.82 -117.19 -80.06
CA THR H 1172 80.80 -116.24 -79.58
C THR H 1172 81.12 -115.94 -78.13
N THR H 1173 81.78 -114.80 -77.92
CA THR H 1173 81.83 -114.09 -76.63
C THR H 1173 80.40 -113.78 -76.19
N SER H 1174 79.67 -114.80 -75.73
CA SER H 1174 78.58 -114.63 -74.80
C SER H 1174 79.23 -113.97 -73.59
N LYS H 1175 78.98 -112.67 -73.46
CA LYS H 1175 79.61 -111.73 -72.53
C LYS H 1175 79.25 -112.13 -71.09
N VAL H 1176 79.86 -113.18 -70.58
CA VAL H 1176 79.76 -113.57 -69.18
C VAL H 1176 80.89 -112.86 -68.47
N ARG H 1177 80.55 -111.86 -67.64
CA ARG H 1177 81.53 -111.01 -66.97
C ARG H 1177 81.13 -110.83 -65.51
N ARG H 1178 82.06 -111.14 -64.60
CA ARG H 1178 81.87 -111.06 -63.15
C ARG H 1178 81.42 -109.67 -62.72
N LYS H 1179 80.54 -109.59 -61.73
CA LYS H 1179 79.96 -108.34 -61.23
C LYS H 1179 81.04 -107.33 -60.80
N ILE H 1180 82.07 -107.80 -60.10
CA ILE H 1180 83.17 -106.94 -59.63
C ILE H 1180 83.96 -106.28 -60.77
N LEU H 1181 84.07 -106.94 -61.93
CA LEU H 1181 84.66 -106.38 -63.13
C LEU H 1181 83.70 -105.43 -63.83
N ARG H 1182 82.40 -105.75 -63.87
CA ARG H 1182 81.37 -104.83 -64.40
C ARG H 1182 81.30 -103.51 -63.62
N ILE H 1183 81.45 -103.57 -62.30
CA ILE H 1183 81.54 -102.36 -61.46
C ILE H 1183 82.82 -101.57 -61.79
N LEU H 1184 83.94 -102.26 -62.05
CA LEU H 1184 85.15 -101.59 -62.49
C LEU H 1184 84.93 -100.95 -63.86
N ASP H 1185 84.25 -101.62 -64.80
CA ASP H 1185 83.95 -101.12 -66.15
C ASP H 1185 83.19 -99.80 -66.13
N SER H 1186 82.20 -99.68 -65.24
CA SER H 1186 81.41 -98.45 -65.10
C SER H 1186 82.21 -97.27 -64.53
N ILE H 1187 83.40 -97.50 -63.96
CA ILE H 1187 84.31 -96.43 -63.53
C ILE H 1187 85.21 -96.07 -64.72
N GLN H 1188 84.92 -94.95 -65.38
CA GLN H 1188 85.77 -94.37 -66.41
C GLN H 1188 86.98 -93.66 -65.78
N PHE H 1189 88.18 -93.91 -66.31
CA PHE H 1189 89.42 -93.35 -65.75
C PHE H 1189 89.81 -92.03 -66.43
N SER H 1190 89.30 -91.76 -67.63
CA SER H 1190 89.48 -90.51 -68.36
C SER H 1190 88.48 -89.43 -67.92
N ASN H 1191 88.80 -88.16 -68.19
CA ASN H 1191 87.93 -87.00 -68.00
C ASN H 1191 88.28 -85.91 -69.00
N GLU H 1192 87.27 -85.27 -69.58
CA GLU H 1192 87.44 -84.09 -70.41
C GLU H 1192 87.82 -82.88 -69.55
N ILE H 1193 88.92 -82.22 -69.90
CA ILE H 1193 89.37 -80.99 -69.23
C ILE H 1193 88.70 -79.81 -69.94
N PRO H 1194 88.01 -78.91 -69.22
CA PRO H 1194 87.39 -77.73 -69.82
C PRO H 1194 88.40 -76.91 -70.62
N GLU H 1195 87.96 -76.38 -71.76
CA GLU H 1195 88.81 -75.54 -72.60
C GLU H 1195 89.26 -74.27 -71.84
N PRO H 1196 90.49 -73.81 -72.06
CA PRO H 1196 91.00 -72.63 -71.36
C PRO H 1196 90.22 -71.37 -71.74
N LEU H 1197 89.76 -70.62 -70.73
CA LEU H 1197 89.08 -69.33 -70.87
C LEU H 1197 89.77 -68.39 -71.88
N GLN H 1198 89.01 -67.97 -72.90
CA GLN H 1198 89.31 -66.85 -73.78
C GLN H 1198 88.49 -65.64 -73.32
N LEU H 1199 89.18 -64.56 -73.00
CA LEU H 1199 88.62 -63.35 -72.40
C LEU H 1199 89.15 -62.15 -73.19
N ASP H 1200 88.24 -61.23 -73.50
CA ASP H 1200 88.48 -60.02 -74.29
C ASP H 1200 88.74 -58.79 -73.41
N PHE H 1201 88.09 -58.68 -72.24
CA PHE H 1201 88.22 -57.51 -71.36
C PHE H 1201 88.95 -57.80 -70.04
N PHE H 1202 88.76 -58.98 -69.44
CA PHE H 1202 89.45 -59.33 -68.19
C PHE H 1202 90.78 -60.07 -68.41
N ASP H 1203 91.76 -59.81 -67.53
CA ASP H 1203 93.01 -60.59 -67.49
C ASP H 1203 92.78 -61.97 -66.84
N ARG H 1204 93.09 -63.02 -67.61
CA ARG H 1204 93.02 -64.42 -67.16
C ARG H 1204 93.83 -64.68 -65.89
N SER H 1205 95.00 -64.07 -65.74
CA SER H 1205 95.86 -64.33 -64.58
C SER H 1205 95.24 -63.84 -63.27
N GLN H 1206 94.57 -62.69 -63.32
CA GLN H 1206 93.85 -62.11 -62.20
C GLN H 1206 92.58 -62.90 -61.89
N ILE H 1207 91.84 -63.34 -62.91
CA ILE H 1207 90.64 -64.16 -62.71
C ILE H 1207 90.97 -65.48 -62.03
N GLU H 1208 92.05 -66.18 -62.41
CA GLU H 1208 92.44 -67.41 -61.72
C GLU H 1208 92.79 -67.18 -60.24
N GLN H 1209 93.41 -66.05 -59.90
CA GLN H 1209 93.66 -65.67 -58.50
C GLN H 1209 92.35 -65.38 -57.75
N VAL H 1210 91.40 -64.68 -58.39
CA VAL H 1210 90.09 -64.38 -57.81
C VAL H 1210 89.30 -65.67 -57.61
N ILE H 1211 89.31 -66.59 -58.57
CA ILE H 1211 88.69 -67.92 -58.45
C ILE H 1211 89.29 -68.66 -57.26
N ALA H 1212 90.62 -68.71 -57.13
CA ALA H 1212 91.30 -69.34 -56.01
C ALA H 1212 90.91 -68.72 -54.65
N ASN H 1213 90.75 -67.39 -54.59
CA ASN H 1213 90.27 -66.70 -53.39
C ASN H 1213 88.79 -67.00 -53.08
N CYS H 1214 88.02 -67.45 -54.07
CA CYS H 1214 86.62 -67.85 -53.94
C CYS H 1214 86.44 -69.36 -53.70
N GLU H 1215 87.52 -70.16 -53.67
CA GLU H 1215 87.47 -71.59 -53.40
C GLU H 1215 87.33 -71.89 -51.89
N HIS H 1216 86.41 -72.78 -51.54
CA HIS H 1216 86.25 -73.30 -50.17
C HIS H 1216 85.97 -74.79 -50.18
N LYS H 1217 86.11 -75.43 -49.01
CA LYS H 1217 85.67 -76.81 -48.84
C LYS H 1217 84.14 -76.84 -48.68
N ASN H 1218 83.46 -77.60 -49.52
CA ASN H 1218 82.06 -77.97 -49.35
C ASN H 1218 81.86 -78.79 -48.07
N ARG H 1219 80.60 -78.94 -47.64
CA ARG H 1219 80.22 -79.78 -46.48
C ARG H 1219 80.74 -81.23 -46.58
N ARG H 1220 80.93 -81.75 -47.81
CA ARG H 1220 81.52 -83.07 -48.08
C ARG H 1220 83.07 -83.08 -48.10
N GLY H 1221 83.72 -81.96 -47.79
CA GLY H 1221 85.18 -81.81 -47.77
C GLY H 1221 85.85 -81.53 -49.11
N GLN H 1222 85.07 -81.40 -50.20
CA GLN H 1222 85.57 -81.13 -51.56
C GLN H 1222 85.86 -79.64 -51.75
N THR H 1223 86.99 -79.27 -52.35
CA THR H 1223 87.28 -77.88 -52.73
C THR H 1223 86.49 -77.49 -53.97
N VAL H 1224 85.61 -76.50 -53.86
CA VAL H 1224 84.85 -75.93 -54.98
C VAL H 1224 84.88 -74.41 -54.91
N CYS H 1225 84.73 -73.76 -56.05
CA CYS H 1225 84.60 -72.31 -56.12
C CYS H 1225 83.16 -71.88 -55.82
N ASN H 1226 83.00 -70.90 -54.92
CA ASN H 1226 81.71 -70.28 -54.63
C ASN H 1226 81.29 -69.34 -55.76
N VAL H 1227 80.47 -69.86 -56.67
CA VAL H 1227 79.96 -69.14 -57.85
C VAL H 1227 79.24 -67.83 -57.46
N LYS H 1228 78.49 -67.83 -56.35
CA LYS H 1228 77.75 -66.63 -55.90
C LYS H 1228 78.70 -65.54 -55.39
N LEU H 1229 79.74 -65.94 -54.66
CA LEU H 1229 80.75 -65.02 -54.17
C LEU H 1229 81.59 -64.47 -55.34
N LEU H 1230 81.96 -65.32 -56.29
CA LEU H 1230 82.66 -64.92 -57.51
C LEU H 1230 81.86 -63.91 -58.34
N HIS H 1231 80.57 -64.18 -58.62
CA HIS H 1231 79.71 -63.25 -59.34
C HIS H 1231 79.65 -61.88 -58.66
N ARG H 1232 79.54 -61.84 -57.33
CA ARG H 1232 79.53 -60.58 -56.56
C ARG H 1232 80.85 -59.80 -56.69
N VAL H 1233 81.99 -60.48 -56.57
CA VAL H 1233 83.31 -59.85 -56.70
C VAL H 1233 83.48 -59.26 -58.10
N LEU H 1234 83.10 -59.99 -59.15
CA LEU H 1234 83.18 -59.51 -60.54
C LEU H 1234 82.24 -58.33 -60.80
N VAL H 1235 81.00 -58.40 -60.32
CA VAL H 1235 80.02 -57.30 -60.48
C VAL H 1235 80.44 -56.06 -59.68
N ALA H 1236 81.02 -56.23 -58.48
CA ALA H 1236 81.56 -55.13 -57.70
C ALA H 1236 82.69 -54.42 -58.45
N GLU H 1237 83.56 -55.16 -59.11
CA GLU H 1237 84.66 -54.60 -59.91
C GLU H 1237 84.12 -53.85 -61.14
N VAL H 1238 83.10 -54.38 -61.82
CA VAL H 1238 82.43 -53.68 -62.93
C VAL H 1238 81.74 -52.41 -62.46
N ASN H 1239 81.19 -52.38 -61.25
CA ASN H 1239 80.59 -51.18 -60.68
C ASN H 1239 81.63 -50.14 -60.22
N ALA H 1240 82.84 -50.58 -59.88
CA ALA H 1240 83.94 -49.69 -59.52
C ALA H 1240 84.55 -48.95 -60.74
N LEU H 1241 84.36 -49.48 -61.95
CA LEU H 1241 84.80 -48.84 -63.19
C LEU H 1241 84.02 -47.54 -63.47
N GLN H 1242 84.67 -46.39 -63.24
CA GLN H 1242 84.11 -45.07 -63.54
C GLN H 1242 84.55 -44.56 -64.93
N GLY H 1243 83.59 -44.15 -65.78
CA GLY H 1243 83.85 -43.45 -67.05
C GLY H 1243 82.74 -43.64 -68.11
N MET H 1244 82.57 -42.68 -69.01
CA MET H 1244 81.56 -42.73 -70.09
C MET H 1244 81.73 -43.95 -71.02
N ALA H 1245 82.97 -44.43 -71.23
CA ALA H 1245 83.24 -45.63 -72.03
C ALA H 1245 82.77 -46.92 -71.35
N ALA H 1246 82.87 -47.01 -70.02
CA ALA H 1246 82.48 -48.21 -69.25
C ALA H 1246 80.96 -48.42 -69.26
N ILE H 1247 80.16 -47.35 -69.30
CA ILE H 1247 78.69 -47.43 -69.32
C ILE H 1247 78.21 -48.08 -70.63
N GLY H 1248 78.80 -47.71 -71.78
CA GLY H 1248 78.43 -48.27 -73.08
C GLY H 1248 78.87 -49.74 -73.26
N GLN H 1249 79.94 -50.16 -72.60
CA GLN H 1249 80.49 -51.53 -72.67
C GLN H 1249 79.92 -52.47 -71.59
N ARG H 1250 79.11 -51.96 -70.66
CA ARG H 1250 78.52 -52.74 -69.56
C ARG H 1250 77.84 -54.05 -69.99
N PRO H 1251 77.06 -54.12 -71.09
CA PRO H 1251 76.45 -55.38 -71.54
C PRO H 1251 77.50 -56.45 -71.89
N LEU H 1252 78.59 -56.06 -72.56
CA LEU H 1252 79.66 -56.95 -72.97
C LEU H 1252 80.47 -57.47 -71.78
N LEU H 1253 80.75 -56.60 -70.79
CA LEU H 1253 81.38 -57.00 -69.53
C LEU H 1253 80.51 -58.00 -68.75
N MET H 1254 79.20 -57.83 -68.75
CA MET H 1254 78.28 -58.76 -68.09
C MET H 1254 78.18 -60.10 -68.84
N GLU H 1255 78.28 -60.09 -70.17
CA GLU H 1255 78.36 -61.30 -71.00
C GLU H 1255 79.65 -62.08 -70.71
N GLU H 1256 80.79 -61.39 -70.58
CA GLU H 1256 82.06 -62.02 -70.19
C GLU H 1256 82.07 -62.51 -68.74
N ILE H 1257 81.40 -61.81 -67.80
CA ILE H 1257 81.17 -62.37 -66.46
C ILE H 1257 80.41 -63.70 -66.55
N ASN H 1258 79.41 -63.81 -67.44
CA ASN H 1258 78.68 -65.06 -67.62
C ASN H 1258 79.56 -66.18 -68.19
N THR H 1259 80.50 -65.89 -69.11
CA THR H 1259 81.43 -66.90 -69.62
C THR H 1259 82.40 -67.38 -68.52
N ILE H 1260 82.89 -66.48 -67.67
CA ILE H 1260 83.71 -66.83 -66.49
C ILE H 1260 82.94 -67.73 -65.53
N LEU H 1261 81.65 -67.42 -65.26
CA LEU H 1261 80.82 -68.22 -64.35
C LEU H 1261 80.53 -69.61 -64.92
N GLN H 1262 80.26 -69.73 -66.22
CA GLN H 1262 80.07 -71.02 -66.89
C GLN H 1262 81.32 -71.89 -66.79
N TYR H 1263 82.50 -71.33 -67.08
CA TYR H 1263 83.78 -72.04 -66.93
C TYR H 1263 83.99 -72.57 -65.50
N VAL H 1264 83.67 -71.76 -64.48
CA VAL H 1264 83.80 -72.16 -63.08
C VAL H 1264 82.81 -73.27 -62.69
N VAL H 1265 81.61 -73.28 -63.27
CA VAL H 1265 80.63 -74.36 -63.09
C VAL H 1265 81.14 -75.67 -63.71
N GLU H 1266 81.69 -75.63 -64.92
CA GLU H 1266 82.29 -76.79 -65.59
C GLU H 1266 83.51 -77.32 -64.82
N ARG H 1267 84.37 -76.43 -64.34
CA ARG H 1267 85.51 -76.79 -63.48
C ARG H 1267 85.05 -77.43 -62.16
N ASN H 1268 84.02 -76.89 -61.51
CA ASN H 1268 83.42 -77.49 -60.32
C ASN H 1268 82.84 -78.88 -60.62
N LYS H 1269 82.18 -79.07 -61.77
CA LYS H 1269 81.65 -80.37 -62.23
C LYS H 1269 82.80 -81.37 -62.44
N LEU H 1270 83.90 -80.97 -63.07
CA LEU H 1270 85.09 -81.79 -63.24
C LEU H 1270 85.67 -82.25 -61.88
N LEU H 1271 85.85 -81.31 -60.93
CA LEU H 1271 86.39 -81.62 -59.59
C LEU H 1271 85.49 -82.58 -58.81
N GLN H 1272 84.17 -82.39 -58.89
CA GLN H 1272 83.20 -83.29 -58.25
C GLN H 1272 83.18 -84.68 -58.91
N CYS H 1273 83.29 -84.75 -60.25
CA CYS H 1273 83.40 -85.99 -61.00
C CYS H 1273 84.67 -86.78 -60.63
N LEU H 1274 85.83 -86.11 -60.60
CA LEU H 1274 87.10 -86.71 -60.16
C LEU H 1274 86.99 -87.27 -58.74
N HIS H 1275 86.39 -86.51 -57.82
CA HIS H 1275 86.16 -86.98 -56.46
C HIS H 1275 85.24 -88.21 -56.42
N ALA H 1276 84.15 -88.22 -57.17
CA ALA H 1276 83.21 -89.34 -57.21
C ALA H 1276 83.87 -90.60 -57.81
N LYS H 1277 84.65 -90.46 -58.89
CA LYS H 1277 85.46 -91.54 -59.48
C LYS H 1277 86.47 -92.11 -58.48
N ARG H 1278 87.19 -91.22 -57.78
CA ARG H 1278 88.11 -91.59 -56.70
C ARG H 1278 87.40 -92.32 -55.57
N HIS H 1279 86.22 -91.85 -55.17
CA HIS H 1279 85.42 -92.45 -54.12
C HIS H 1279 84.93 -93.86 -54.50
N ALA H 1280 84.46 -94.06 -55.73
CA ALA H 1280 84.03 -95.37 -56.22
C ALA H 1280 85.18 -96.34 -56.35
N LEU H 1281 86.32 -95.91 -56.93
CA LEU H 1281 87.49 -96.77 -57.08
C LEU H 1281 88.09 -97.16 -55.73
N GLU H 1282 88.10 -96.25 -54.76
CA GLU H 1282 88.53 -96.55 -53.40
C GLU H 1282 87.58 -97.55 -52.71
N SER H 1283 86.27 -97.38 -52.90
CA SER H 1283 85.25 -98.30 -52.36
C SER H 1283 85.36 -99.69 -52.98
N TRP H 1284 85.60 -99.77 -54.29
CA TRP H 1284 85.87 -101.00 -55.03
C TRP H 1284 87.16 -101.67 -54.53
N ARG H 1285 88.23 -100.90 -54.35
CA ARG H 1285 89.52 -101.41 -53.82
C ARG H 1285 89.33 -102.03 -52.43
N GLN H 1286 88.63 -101.33 -51.54
CA GLN H 1286 88.35 -101.83 -50.18
C GLN H 1286 87.53 -103.14 -50.22
N LEU H 1287 86.54 -103.23 -51.10
CA LEU H 1287 85.74 -104.44 -51.28
C LEU H 1287 86.62 -105.62 -51.75
N VAL H 1288 87.44 -105.41 -52.78
CA VAL H 1288 88.40 -106.42 -53.29
C VAL H 1288 89.37 -106.86 -52.18
N GLU H 1289 89.92 -105.91 -51.43
CA GLU H 1289 90.85 -106.21 -50.35
C GLU H 1289 90.22 -107.04 -49.24
N ILE H 1290 88.98 -106.73 -48.82
CA ILE H 1290 88.27 -107.53 -47.83
C ILE H 1290 87.96 -108.94 -48.35
N ILE H 1291 87.55 -109.07 -49.63
CA ILE H 1291 87.33 -110.37 -50.27
C ILE H 1291 88.61 -111.23 -50.24
N LEU H 1292 89.78 -110.62 -50.47
CA LEU H 1292 91.04 -111.35 -50.52
C LEU H 1292 91.67 -111.58 -49.13
N THR H 1293 91.53 -110.64 -48.20
CA THR H 1293 92.22 -110.67 -46.90
C THR H 1293 91.40 -111.27 -45.76
N ALA H 1294 90.09 -111.00 -45.71
CA ALA H 1294 89.25 -111.33 -44.56
C ALA H 1294 88.37 -112.56 -44.79
N CYS H 1295 87.91 -112.79 -46.03
CA CYS H 1295 87.08 -113.96 -46.34
C CYS H 1295 87.88 -115.26 -46.24
N PRO H 1296 87.32 -116.35 -45.65
CA PRO H 1296 87.98 -117.64 -45.57
C PRO H 1296 88.46 -118.16 -46.92
N GLN H 1297 89.72 -118.64 -47.00
CA GLN H 1297 90.35 -119.06 -48.25
C GLN H 1297 89.58 -120.18 -48.98
N ASP H 1298 88.96 -121.11 -48.24
CA ASP H 1298 88.22 -122.23 -48.85
C ASP H 1298 86.87 -121.83 -49.49
N LEU H 1299 86.40 -120.59 -49.34
CA LEU H 1299 85.18 -120.12 -50.02
C LEU H 1299 85.40 -119.85 -51.52
N ILE H 1300 86.63 -119.56 -51.93
CA ILE H 1300 87.00 -119.32 -53.32
C ILE H 1300 88.09 -120.33 -53.69
N PRO H 1301 87.82 -121.31 -54.58
CA PRO H 1301 88.82 -122.29 -55.00
C PRO H 1301 90.10 -121.61 -55.51
N THR H 1302 91.28 -122.17 -55.20
CA THR H 1302 92.58 -121.55 -55.49
C THR H 1302 92.74 -121.18 -56.98
N GLU H 1303 92.31 -122.06 -57.89
CA GLU H 1303 92.30 -121.81 -59.34
C GLU H 1303 91.46 -120.59 -59.72
N HIS H 1304 90.20 -120.57 -59.25
CA HIS H 1304 89.27 -119.47 -59.53
C HIS H 1304 89.78 -118.15 -58.93
N ARG H 1305 90.36 -118.20 -57.73
CA ARG H 1305 90.97 -117.04 -57.08
C ARG H 1305 92.13 -116.47 -57.91
N GLN H 1306 92.99 -117.32 -58.48
CA GLN H 1306 94.08 -116.87 -59.34
C GLN H 1306 93.57 -116.23 -60.62
N LEU H 1307 92.59 -116.84 -61.28
CA LEU H 1307 91.94 -116.28 -62.48
C LEU H 1307 91.35 -114.90 -62.20
N ILE H 1308 90.56 -114.76 -61.12
CA ILE H 1308 89.97 -113.48 -60.72
C ILE H 1308 91.04 -112.41 -60.50
N ILE H 1309 92.13 -112.74 -59.78
CA ILE H 1309 93.20 -111.76 -59.51
C ILE H 1309 93.93 -111.35 -60.81
N ARG H 1310 94.15 -112.29 -61.74
CA ARG H 1310 94.79 -112.00 -63.03
C ARG H 1310 93.92 -111.11 -63.89
N ASP H 1311 92.62 -111.39 -63.99
CA ASP H 1311 91.65 -110.58 -64.75
C ASP H 1311 91.59 -109.15 -64.17
N LEU H 1312 91.52 -109.02 -62.84
CA LEU H 1312 91.54 -107.71 -62.15
C LEU H 1312 92.82 -106.92 -62.42
N LEU H 1313 93.98 -107.57 -62.39
CA LEU H 1313 95.27 -106.93 -62.67
C LEU H 1313 95.38 -106.46 -64.11
N GLN H 1314 94.92 -107.27 -65.07
CA GLN H 1314 94.95 -106.90 -66.48
C GLN H 1314 94.03 -105.71 -66.76
N ASP H 1315 92.78 -105.74 -66.28
CA ASP H 1315 91.82 -104.66 -66.50
C ASP H 1315 92.24 -103.34 -65.83
N LEU H 1316 92.76 -103.39 -64.58
CA LEU H 1316 93.29 -102.20 -63.91
C LEU H 1316 94.47 -101.58 -64.67
N HIS H 1317 95.37 -102.42 -65.19
CA HIS H 1317 96.49 -101.95 -65.97
C HIS H 1317 96.05 -101.31 -67.29
N VAL H 1318 95.15 -101.96 -68.05
CA VAL H 1318 94.65 -101.42 -69.32
C VAL H 1318 94.03 -100.04 -69.10
N LYS H 1319 93.21 -99.87 -68.06
CA LYS H 1319 92.54 -98.60 -67.75
C LYS H 1319 93.47 -97.47 -67.30
N ILE H 1320 94.55 -97.77 -66.57
CA ILE H 1320 95.46 -96.71 -66.05
C ILE H 1320 96.59 -96.37 -67.03
N LEU H 1321 96.94 -97.30 -67.92
CA LEU H 1321 97.95 -97.09 -68.95
C LEU H 1321 97.44 -96.23 -70.12
N ASP H 1322 96.12 -96.13 -70.28
CA ASP H 1322 95.49 -95.20 -71.23
C ASP H 1322 95.95 -93.75 -71.03
N ASP H 1323 96.25 -93.04 -72.11
CA ASP H 1323 96.90 -91.71 -72.07
C ASP H 1323 96.01 -90.65 -71.40
N ASP H 1324 94.69 -90.79 -71.54
CA ASP H 1324 93.69 -89.87 -70.97
C ASP H 1324 93.38 -90.15 -69.48
N ALA H 1325 93.99 -91.17 -68.87
CA ALA H 1325 93.68 -91.56 -67.49
C ALA H 1325 94.08 -90.48 -66.46
N ALA H 1326 93.14 -90.12 -65.58
CA ALA H 1326 93.34 -89.11 -64.55
C ALA H 1326 94.44 -89.51 -63.55
N GLN H 1327 95.48 -88.68 -63.44
CA GLN H 1327 96.64 -88.93 -62.56
C GLN H 1327 96.26 -89.05 -61.08
N GLU H 1328 95.15 -88.44 -60.65
CA GLU H 1328 94.63 -88.51 -59.28
C GLU H 1328 94.19 -89.93 -58.84
N LEU H 1329 93.89 -90.82 -59.79
CA LEU H 1329 93.47 -92.20 -59.53
C LEU H 1329 94.67 -93.15 -59.34
N MET H 1330 95.85 -92.80 -59.87
CA MET H 1330 97.05 -93.64 -59.83
C MET H 1330 97.41 -94.21 -58.44
N PRO H 1331 97.32 -93.45 -57.32
CA PRO H 1331 97.64 -93.99 -55.99
C PRO H 1331 96.73 -95.12 -55.53
N ILE H 1332 95.44 -95.07 -55.87
CA ILE H 1332 94.46 -96.10 -55.49
C ILE H 1332 94.70 -97.34 -56.34
N VAL H 1333 94.89 -97.17 -57.66
CA VAL H 1333 95.19 -98.27 -58.59
C VAL H 1333 96.47 -98.98 -58.19
N ALA H 1334 97.56 -98.25 -57.94
CA ALA H 1334 98.83 -98.86 -57.54
C ALA H 1334 98.71 -99.60 -56.20
N GLY H 1335 97.90 -99.09 -55.25
CA GLY H 1335 97.56 -99.81 -54.03
C GLY H 1335 96.83 -101.13 -54.29
N ALA H 1336 95.84 -101.12 -55.19
CA ALA H 1336 95.11 -102.32 -55.61
C ALA H 1336 96.03 -103.33 -56.33
N VAL H 1337 96.87 -102.87 -57.26
CA VAL H 1337 97.85 -103.70 -57.97
C VAL H 1337 98.82 -104.36 -56.99
N PHE H 1338 99.28 -103.62 -55.97
CA PHE H 1338 100.13 -104.16 -54.91
C PHE H 1338 99.44 -105.26 -54.11
N THR H 1339 98.19 -105.04 -53.67
CA THR H 1339 97.47 -106.05 -52.90
C THR H 1339 97.10 -107.28 -53.74
N LEU H 1340 96.69 -107.08 -54.99
CA LEU H 1340 96.40 -108.15 -55.95
C LEU H 1340 97.64 -108.98 -56.27
N THR H 1341 98.77 -108.35 -56.62
CA THR H 1341 100.03 -109.07 -56.90
C THR H 1341 100.57 -109.80 -55.67
N ALA H 1342 100.45 -109.22 -54.46
CA ALA H 1342 100.79 -109.90 -53.21
C ALA H 1342 99.94 -111.16 -52.99
N HIS H 1343 98.63 -111.08 -53.20
CA HIS H 1343 97.72 -112.23 -53.06
C HIS H 1343 97.87 -113.26 -54.18
N LEU H 1344 98.24 -112.84 -55.39
CA LEU H 1344 98.61 -113.75 -56.48
C LEU H 1344 99.86 -114.56 -56.12
N SER H 1345 100.88 -113.87 -55.61
CA SER H 1345 102.12 -114.52 -55.13
C SER H 1345 101.83 -115.51 -53.99
N GLN H 1346 100.92 -115.14 -53.08
CA GLN H 1346 100.51 -116.01 -51.98
C GLN H 1346 99.68 -117.22 -52.43
N SER H 1347 98.74 -117.04 -53.37
CA SER H 1347 97.88 -118.14 -53.85
C SER H 1347 98.70 -119.19 -54.60
N VAL H 1348 99.60 -118.77 -55.49
CA VAL H 1348 100.52 -119.66 -56.21
C VAL H 1348 101.41 -120.45 -55.25
N ARG H 1349 101.95 -119.79 -54.20
CA ARG H 1349 102.74 -120.48 -53.16
C ARG H 1349 101.94 -121.43 -52.29
N THR H 1350 100.63 -121.24 -52.19
CA THR H 1350 99.75 -122.10 -51.38
C THR H 1350 99.40 -123.37 -52.15
N GLU H 1351 99.12 -123.25 -53.45
CA GLU H 1351 98.93 -124.39 -54.36
C GLU H 1351 100.16 -125.30 -54.38
N LEU H 1352 101.38 -124.74 -54.49
CA LEU H 1352 102.65 -125.47 -54.47
C LEU H 1352 102.93 -126.27 -53.17
N LYS H 1353 102.20 -126.00 -52.07
CA LYS H 1353 102.43 -126.65 -50.77
C LYS H 1353 101.50 -127.83 -50.49
N GLN H 1354 100.46 -128.06 -51.29
CA GLN H 1354 99.60 -129.25 -51.17
C GLN H 1354 100.22 -130.40 -51.99
N PRO H 1355 100.70 -131.50 -51.37
CA PRO H 1355 101.27 -132.61 -52.11
C PRO H 1355 100.18 -133.47 -52.78
N MET H 1356 100.53 -133.99 -53.96
CA MET H 1356 99.70 -134.81 -54.86
C MET H 1356 99.43 -136.24 -54.35
N THR H 1357 98.63 -136.41 -53.31
CA THR H 1357 98.06 -137.75 -53.01
C THR H 1357 96.54 -137.77 -52.86
N ALA H 1358 95.83 -136.65 -53.06
CA ALA H 1358 94.39 -136.58 -52.81
C ALA H 1358 93.47 -136.66 -54.04
N SER H 1359 93.96 -136.89 -55.27
CA SER H 1359 93.08 -137.09 -56.45
C SER H 1359 92.80 -138.56 -56.78
N GLY H 1360 93.18 -139.50 -55.91
CA GLY H 1360 92.99 -140.93 -56.14
C GLY H 1360 92.16 -141.60 -55.05
N LEU H 1361 90.85 -141.29 -54.94
CA LEU H 1361 89.84 -142.18 -54.35
C LEU H 1361 88.42 -141.63 -54.62
N GLY H 1362 87.75 -142.20 -55.63
CA GLY H 1362 86.29 -142.22 -55.73
C GLY H 1362 85.64 -141.23 -56.68
N GLN H 1363 85.43 -141.64 -57.94
CA GLN H 1363 84.11 -141.66 -58.63
C GLN H 1363 84.15 -141.62 -60.18
N SER H 1364 85.32 -141.52 -60.84
CA SER H 1364 85.36 -141.48 -62.32
C SER H 1364 85.84 -142.78 -63.01
N GLN H 1365 86.07 -143.85 -62.26
CA GLN H 1365 86.68 -145.09 -62.78
C GLN H 1365 85.78 -145.99 -63.66
N TYR H 1366 84.53 -145.60 -63.99
CA TYR H 1366 83.62 -146.47 -64.76
C TYR H 1366 83.50 -146.16 -66.26
N VAL H 1367 84.09 -145.09 -66.80
CA VAL H 1367 83.86 -144.71 -68.21
C VAL H 1367 85.06 -144.92 -69.13
N GLN H 1368 86.29 -145.14 -68.63
CA GLN H 1368 87.48 -145.25 -69.50
C GLN H 1368 87.99 -146.67 -69.76
N MET H 1369 87.24 -147.71 -69.36
CA MET H 1369 87.65 -149.11 -69.56
C MET H 1369 87.35 -149.68 -70.96
N LEU H 1370 86.98 -148.87 -71.96
CA LEU H 1370 86.58 -149.37 -73.29
C LEU H 1370 87.50 -149.03 -74.48
N ASP H 1371 88.63 -148.34 -74.30
CA ASP H 1371 89.63 -148.27 -75.39
C ASP H 1371 90.85 -149.12 -75.10
N GLY H 1372 90.74 -150.38 -75.55
CA GLY H 1372 91.80 -151.36 -75.54
C GLY H 1372 92.88 -151.03 -76.58
N SER H 1373 93.92 -150.32 -76.15
CA SER H 1373 95.20 -150.32 -76.85
C SER H 1373 96.34 -150.64 -75.88
N PHE H 1374 96.84 -151.88 -76.00
CA PHE H 1374 98.02 -152.38 -75.31
C PHE H 1374 99.27 -151.88 -76.02
N ALA H 1375 99.81 -150.71 -75.65
CA ALA H 1375 101.20 -150.36 -75.95
C ALA H 1375 101.70 -149.18 -75.09
N ALA H 1376 102.75 -149.46 -74.31
CA ALA H 1376 103.63 -148.59 -73.52
C ALA H 1376 103.13 -148.14 -72.11
N PRO H 1377 104.03 -148.15 -71.09
CA PRO H 1377 103.64 -147.93 -69.70
C PRO H 1377 103.31 -146.45 -69.45
N PRO H 1378 102.11 -146.13 -68.94
CA PRO H 1378 101.74 -144.76 -68.59
C PRO H 1378 102.41 -144.41 -67.26
N GLY H 1379 103.53 -143.69 -67.33
CA GLY H 1379 104.32 -143.44 -66.14
C GLY H 1379 105.25 -142.24 -66.22
N THR H 1380 104.82 -141.08 -66.71
CA THR H 1380 105.38 -139.79 -66.24
C THR H 1380 104.65 -138.50 -66.65
N GLU H 1381 103.72 -138.51 -67.62
CA GLU H 1381 103.32 -137.24 -68.25
C GLU H 1381 102.23 -136.41 -67.54
N ASN H 1382 101.56 -136.92 -66.50
CA ASN H 1382 100.43 -136.18 -65.87
C ASN H 1382 100.78 -135.39 -64.59
N ILE H 1383 102.06 -135.15 -64.29
CA ILE H 1383 102.48 -134.63 -62.96
C ILE H 1383 102.45 -133.09 -62.81
N SER H 1384 102.15 -132.26 -63.81
CA SER H 1384 102.38 -130.80 -63.64
C SER H 1384 101.34 -129.82 -64.22
N ALA H 1385 100.10 -130.27 -64.47
CA ALA H 1385 99.14 -129.56 -65.31
C ALA H 1385 98.31 -128.42 -64.65
N GLY H 1386 98.54 -128.02 -63.40
CA GLY H 1386 97.77 -126.94 -62.72
C GLY H 1386 98.26 -125.52 -63.06
N PHE H 1387 99.47 -125.19 -62.65
CA PHE H 1387 100.02 -123.83 -62.84
C PHE H 1387 100.51 -123.52 -64.28
N ALA H 1388 101.03 -124.52 -64.99
CA ALA H 1388 101.95 -124.28 -66.12
C ALA H 1388 101.28 -124.11 -67.52
N SER H 1389 100.08 -124.65 -67.79
CA SER H 1389 99.57 -124.66 -69.17
C SER H 1389 98.83 -123.39 -69.60
N ILE H 1390 98.26 -122.61 -68.67
CA ILE H 1390 97.43 -121.43 -68.99
C ILE H 1390 98.06 -120.11 -68.45
N GLY H 1391 99.11 -120.17 -67.61
CA GLY H 1391 99.60 -119.00 -66.87
C GLY H 1391 100.60 -118.08 -67.55
N ASP H 1392 101.51 -118.60 -68.38
CA ASP H 1392 102.69 -117.85 -68.82
C ASP H 1392 102.33 -116.55 -69.58
N SER H 1393 101.43 -116.61 -70.56
CA SER H 1393 101.06 -115.42 -71.36
C SER H 1393 100.42 -114.31 -70.52
N SER H 1394 99.50 -114.68 -69.62
CA SER H 1394 98.80 -113.74 -68.73
C SER H 1394 99.75 -113.04 -67.76
N LEU H 1395 100.72 -113.78 -67.20
CA LEU H 1395 101.73 -113.26 -66.27
C LEU H 1395 102.70 -112.33 -67.00
N HIS H 1396 103.17 -112.71 -68.20
CA HIS H 1396 104.01 -111.85 -69.03
C HIS H 1396 103.31 -110.53 -69.38
N MET H 1397 102.00 -110.55 -69.64
CA MET H 1397 101.24 -109.33 -69.88
C MET H 1397 101.15 -108.45 -68.63
N ILE H 1398 100.90 -109.05 -67.46
CA ILE H 1398 100.92 -108.34 -66.18
C ILE H 1398 102.29 -107.72 -65.91
N LEU H 1399 103.39 -108.42 -66.21
CA LEU H 1399 104.75 -107.87 -66.08
C LEU H 1399 104.98 -106.69 -67.01
N ARG H 1400 104.67 -106.82 -68.31
CA ARG H 1400 104.83 -105.72 -69.29
C ARG H 1400 104.06 -104.49 -68.83
N ASN H 1401 102.79 -104.66 -68.52
CA ASN H 1401 101.94 -103.57 -68.07
C ASN H 1401 102.45 -102.94 -66.76
N LEU H 1402 102.97 -103.74 -65.82
CA LEU H 1402 103.55 -103.23 -64.58
C LEU H 1402 104.83 -102.41 -64.84
N LEU H 1403 105.68 -102.83 -65.78
CA LEU H 1403 106.88 -102.09 -66.17
C LEU H 1403 106.52 -100.78 -66.89
N GLU H 1404 105.53 -100.80 -67.76
CA GLU H 1404 105.01 -99.61 -68.43
C GLU H 1404 104.40 -98.63 -67.42
N PHE H 1405 103.67 -99.14 -66.42
CA PHE H 1405 103.09 -98.31 -65.36
C PHE H 1405 104.19 -97.66 -64.50
N ILE H 1406 105.29 -98.37 -64.24
CA ILE H 1406 106.48 -97.77 -63.62
C ILE H 1406 106.98 -96.63 -64.54
N LEU H 1407 107.23 -96.86 -65.82
CA LEU H 1407 107.76 -95.81 -66.72
C LEU H 1407 106.86 -94.58 -66.85
N LYS H 1408 105.53 -94.74 -66.80
CA LYS H 1408 104.56 -93.63 -66.84
C LYS H 1408 104.55 -92.76 -65.58
N THR H 1409 104.92 -93.31 -64.42
CA THR H 1409 105.00 -92.54 -63.17
C THR H 1409 106.24 -91.62 -63.18
N GLY H 1410 106.05 -90.31 -62.98
CA GLY H 1410 107.14 -89.33 -62.81
C GLY H 1410 107.65 -89.23 -61.36
N GLY H 1411 108.70 -88.41 -61.14
CA GLY H 1411 109.33 -88.25 -59.82
C GLY H 1411 108.42 -87.74 -58.69
N GLY H 1412 107.27 -87.13 -59.02
CA GLY H 1412 106.29 -86.64 -58.04
C GLY H 1412 105.48 -87.76 -57.34
N PHE H 1413 105.40 -88.96 -57.91
CA PHE H 1413 104.52 -90.04 -57.43
C PHE H 1413 105.21 -91.06 -56.53
N GLN H 1414 105.92 -90.60 -55.48
CA GLN H 1414 106.78 -91.45 -54.65
C GLN H 1414 106.05 -92.66 -54.03
N ARG H 1415 104.81 -92.47 -53.54
CA ARG H 1415 104.01 -93.56 -52.95
C ARG H 1415 103.53 -94.58 -53.99
N VAL H 1416 103.16 -94.09 -55.18
CA VAL H 1416 102.74 -94.94 -56.31
C VAL H 1416 103.93 -95.82 -56.71
N ARG H 1417 105.10 -95.21 -56.91
CA ARG H 1417 106.34 -95.92 -57.22
C ARG H 1417 106.66 -97.00 -56.19
N ALA H 1418 106.55 -96.69 -54.90
CA ALA H 1418 106.78 -97.67 -53.84
C ALA H 1418 105.83 -98.88 -53.93
N HIS H 1419 104.53 -98.64 -54.17
CA HIS H 1419 103.59 -99.74 -54.41
C HIS H 1419 103.98 -100.55 -55.65
N LEU H 1420 104.34 -99.92 -56.77
CA LEU H 1420 104.72 -100.62 -58.01
C LEU H 1420 106.00 -101.45 -57.87
N TYR H 1421 107.03 -100.93 -57.20
CA TYR H 1421 108.22 -101.73 -56.88
C TYR H 1421 107.90 -102.89 -55.95
N GLY H 1422 107.02 -102.68 -54.97
CA GLY H 1422 106.49 -103.75 -54.14
C GLY H 1422 105.75 -104.82 -54.95
N SER H 1423 104.89 -104.41 -55.87
CA SER H 1423 104.17 -105.29 -56.79
C SER H 1423 105.12 -106.10 -57.66
N LEU H 1424 106.17 -105.45 -58.18
CA LEU H 1424 107.18 -106.09 -59.04
C LEU H 1424 108.01 -107.10 -58.24
N LEU H 1425 108.36 -106.79 -57.00
CA LEU H 1425 109.01 -107.74 -56.10
C LEU H 1425 108.11 -108.95 -55.78
N TYR H 1426 106.81 -108.76 -55.57
CA TYR H 1426 105.88 -109.88 -55.38
C TYR H 1426 105.68 -110.70 -56.65
N TYR H 1427 105.68 -110.05 -57.81
CA TYR H 1427 105.65 -110.73 -59.11
C TYR H 1427 106.91 -111.59 -59.32
N LEU H 1428 108.11 -111.01 -59.11
CA LEU H 1428 109.38 -111.72 -59.24
C LEU H 1428 109.47 -112.92 -58.29
N GLN H 1429 108.79 -112.87 -57.15
CA GLN H 1429 108.68 -113.98 -56.22
C GLN H 1429 107.83 -115.16 -56.73
N ILE H 1430 106.94 -114.96 -57.72
CA ILE H 1430 106.16 -116.04 -58.35
C ILE H 1430 107.08 -116.97 -59.14
N ALA H 1431 108.04 -116.41 -59.87
CA ALA H 1431 109.01 -117.16 -60.66
C ALA H 1431 110.13 -117.78 -59.80
N GLN H 1432 110.10 -117.62 -58.47
CA GLN H 1432 111.16 -118.11 -57.60
C GLN H 1432 111.02 -119.62 -57.34
N ARG H 1433 112.10 -120.38 -57.59
CA ARG H 1433 112.17 -121.78 -57.16
C ARG H 1433 112.07 -121.86 -55.62
N PRO H 1434 111.26 -122.76 -55.05
CA PRO H 1434 111.27 -123.03 -53.62
C PRO H 1434 112.65 -123.54 -53.18
N ASP H 1435 113.11 -123.14 -51.99
CA ASP H 1435 114.39 -123.61 -51.43
C ASP H 1435 114.32 -125.13 -51.19
N GLU H 1436 114.89 -125.93 -52.09
CA GLU H 1436 115.06 -127.37 -51.83
C GLU H 1436 116.00 -127.56 -50.63
N PRO H 1437 115.67 -128.47 -49.70
CA PRO H 1437 116.59 -128.84 -48.63
C PRO H 1437 117.86 -129.47 -49.21
N ASP H 1438 119.04 -129.03 -48.74
CA ASP H 1438 120.34 -129.61 -49.12
C ASP H 1438 120.51 -130.98 -48.43
N THR H 1439 119.76 -131.98 -48.91
CA THR H 1439 119.83 -133.35 -48.40
C THR H 1439 121.08 -134.06 -48.91
N LEU H 1440 121.61 -135.03 -48.16
CA LEU H 1440 122.68 -135.90 -48.69
C LEU H 1440 122.25 -136.68 -49.96
N GLU H 1441 120.95 -136.94 -50.14
CA GLU H 1441 120.42 -137.61 -51.33
C GLU H 1441 120.34 -136.70 -52.56
N SER H 1442 120.16 -135.38 -52.41
CA SER H 1442 120.19 -134.45 -53.56
C SER H 1442 121.57 -134.45 -54.25
N ALA H 1443 122.64 -134.76 -53.52
CA ALA H 1443 123.97 -134.92 -54.06
C ALA H 1443 124.19 -136.28 -54.77
N HIS H 1444 123.33 -137.29 -54.54
CA HIS H 1444 123.34 -138.55 -55.30
C HIS H 1444 122.79 -138.40 -56.72
N LYS H 1445 121.98 -137.35 -56.99
CA LYS H 1445 121.61 -136.98 -58.36
C LYS H 1445 122.88 -136.67 -59.14
N SER H 1446 123.23 -137.59 -60.04
CA SER H 1446 124.45 -137.51 -60.82
C SER H 1446 124.51 -136.17 -61.58
N MET H 1447 125.71 -135.66 -61.85
CA MET H 1447 125.89 -134.48 -62.72
C MET H 1447 125.19 -134.69 -64.08
N TRP H 1448 125.08 -135.95 -64.52
CA TRP H 1448 124.39 -136.33 -65.74
C TRP H 1448 122.88 -136.06 -65.67
N GLU H 1449 122.19 -136.49 -64.60
CA GLU H 1449 120.76 -136.18 -64.40
C GLU H 1449 120.49 -134.67 -64.28
N ARG H 1450 121.44 -133.89 -63.76
CA ARG H 1450 121.29 -132.41 -63.71
C ARG H 1450 121.49 -131.73 -65.07
N LEU H 1451 122.26 -132.32 -65.98
CA LEU H 1451 122.50 -131.77 -67.31
C LEU H 1451 121.42 -132.22 -68.32
N THR H 1452 120.78 -133.38 -68.10
CA THR H 1452 119.72 -133.89 -68.99
C THR H 1452 118.31 -133.71 -68.45
N ALA H 1453 118.13 -133.27 -67.20
CA ALA H 1453 116.81 -132.91 -66.71
C ALA H 1453 116.22 -131.79 -67.60
N PRO H 1454 114.96 -131.93 -68.09
CA PRO H 1454 114.29 -130.85 -68.79
C PRO H 1454 114.30 -129.59 -67.92
N GLU H 1455 114.39 -128.42 -68.57
CA GLU H 1455 114.38 -127.15 -67.85
C GLU H 1455 113.10 -127.01 -67.02
N ASP H 1456 113.29 -126.78 -65.73
CA ASP H 1456 112.21 -126.51 -64.78
C ASP H 1456 111.39 -125.26 -65.20
N VAL H 1457 110.09 -125.32 -65.01
CA VAL H 1457 109.11 -124.28 -65.41
C VAL H 1457 109.46 -122.92 -64.82
N PHE H 1458 109.96 -122.87 -63.57
CA PHE H 1458 110.39 -121.63 -62.94
C PHE H 1458 111.59 -120.99 -63.61
N SER H 1459 112.56 -121.79 -64.09
CA SER H 1459 113.72 -121.26 -64.81
C SER H 1459 113.36 -120.76 -66.19
N LYS H 1460 112.39 -121.42 -66.85
CA LYS H 1460 111.82 -120.91 -68.10
C LYS H 1460 111.13 -119.55 -67.87
N LEU H 1461 110.23 -119.45 -66.90
CA LEU H 1461 109.54 -118.20 -66.56
C LEU H 1461 110.51 -117.07 -66.14
N GLN H 1462 111.57 -117.38 -65.37
CA GLN H 1462 112.60 -116.40 -65.02
C GLN H 1462 113.36 -115.86 -66.25
N ARG H 1463 113.69 -116.74 -67.21
CA ARG H 1463 114.36 -116.34 -68.46
C ARG H 1463 113.46 -115.46 -69.32
N ASP H 1464 112.20 -115.86 -69.48
CA ASP H 1464 111.22 -115.14 -70.28
C ASP H 1464 110.92 -113.77 -69.63
N ASN H 1465 110.77 -113.70 -68.31
CA ASN H 1465 110.69 -112.43 -67.58
C ASN H 1465 111.93 -111.54 -67.83
N LEU H 1466 113.15 -112.09 -67.79
CA LEU H 1466 114.38 -111.32 -68.04
C LEU H 1466 114.40 -110.75 -69.47
N SER H 1467 113.96 -111.52 -70.47
CA SER H 1467 113.82 -111.02 -71.85
C SER H 1467 112.84 -109.85 -71.97
N ILE H 1468 111.81 -109.81 -71.12
CA ILE H 1468 110.87 -108.70 -71.05
C ILE H 1468 111.55 -107.47 -70.42
N PHE H 1469 112.30 -107.64 -69.32
CA PHE H 1469 113.10 -106.55 -68.75
C PHE H 1469 114.08 -105.96 -69.77
N GLU H 1470 114.75 -106.82 -70.54
CA GLU H 1470 115.67 -106.41 -71.61
C GLU H 1470 114.97 -105.61 -72.71
N SER H 1471 113.71 -105.91 -73.04
CA SER H 1471 112.97 -105.17 -74.08
C SER H 1471 112.67 -103.70 -73.73
N TYR H 1472 112.65 -103.33 -72.45
CA TYR H 1472 112.51 -101.93 -72.02
C TYR H 1472 113.86 -101.18 -71.93
N GLY H 1473 114.98 -101.90 -72.02
CA GLY H 1473 116.32 -101.33 -72.17
C GLY H 1473 116.75 -100.36 -71.07
N THR H 1474 117.49 -99.31 -71.46
CA THR H 1474 118.10 -98.35 -70.54
C THR H 1474 117.09 -97.45 -69.84
N ALA H 1475 115.89 -97.24 -70.40
CA ALA H 1475 114.87 -96.37 -69.80
C ALA H 1475 114.43 -96.90 -68.42
N LEU H 1476 114.17 -98.20 -68.32
CA LEU H 1476 113.83 -98.84 -67.05
C LEU H 1476 115.02 -98.85 -66.08
N MET H 1477 116.23 -99.15 -66.60
CA MET H 1477 117.44 -99.15 -65.79
C MET H 1477 117.70 -97.78 -65.16
N GLU H 1478 117.55 -96.70 -65.93
CA GLU H 1478 117.76 -95.33 -65.48
C GLU H 1478 116.81 -94.93 -64.37
N VAL H 1479 115.50 -95.21 -64.54
CA VAL H 1479 114.47 -94.91 -63.52
C VAL H 1479 114.77 -95.62 -62.20
N VAL H 1480 115.05 -96.93 -62.24
CA VAL H 1480 115.31 -97.73 -61.03
C VAL H 1480 116.62 -97.31 -60.35
N CYS H 1481 117.68 -97.05 -61.12
CA CYS H 1481 118.97 -96.64 -60.56
C CYS H 1481 118.92 -95.24 -59.95
N ARG H 1482 118.22 -94.30 -60.59
CA ARG H 1482 118.01 -92.95 -60.07
C ARG H 1482 117.19 -92.98 -58.78
N ASP H 1483 116.10 -93.75 -58.74
CA ASP H 1483 115.28 -93.89 -57.53
C ASP H 1483 116.05 -94.60 -56.39
N ALA H 1484 116.99 -95.49 -56.70
CA ALA H 1484 117.87 -96.12 -55.72
C ALA H 1484 118.89 -95.14 -55.10
N CYS H 1485 119.38 -94.17 -55.88
CA CYS H 1485 120.34 -93.16 -55.41
C CYS H 1485 119.65 -91.97 -54.74
N ASP H 1486 118.65 -91.37 -55.40
CA ASP H 1486 118.07 -90.07 -55.03
C ASP H 1486 116.63 -90.14 -54.49
N GLY H 1487 115.95 -91.28 -54.54
CA GLY H 1487 114.51 -91.41 -54.20
C GLY H 1487 114.17 -91.08 -52.73
N HIS H 1488 112.89 -91.17 -52.34
CA HIS H 1488 112.52 -91.09 -50.91
C HIS H 1488 112.87 -92.39 -50.17
N ASP H 1489 113.11 -92.36 -48.86
CA ASP H 1489 113.55 -93.48 -48.00
C ASP H 1489 113.00 -94.87 -48.38
N ILE H 1490 111.67 -95.01 -48.42
CA ILE H 1490 110.98 -96.27 -48.76
C ILE H 1490 111.19 -96.64 -50.24
N GLY H 1491 111.17 -95.66 -51.14
CA GLY H 1491 111.42 -95.85 -52.57
C GLY H 1491 112.84 -96.33 -52.84
N ARG H 1492 113.85 -95.72 -52.18
CA ARG H 1492 115.26 -96.17 -52.26
C ARG H 1492 115.41 -97.61 -51.83
N MET H 1493 114.82 -97.97 -50.68
CA MET H 1493 114.87 -99.33 -50.14
C MET H 1493 114.31 -100.36 -51.13
N LEU H 1494 113.14 -100.09 -51.69
CA LEU H 1494 112.47 -100.99 -52.64
C LEU H 1494 113.17 -101.04 -53.99
N ALA H 1495 113.72 -99.92 -54.47
CA ALA H 1495 114.53 -99.88 -55.69
C ALA H 1495 115.82 -100.69 -55.54
N LEU H 1496 116.52 -100.58 -54.39
CA LEU H 1496 117.69 -101.39 -54.08
C LEU H 1496 117.35 -102.89 -53.96
N ALA H 1497 116.21 -103.22 -53.33
CA ALA H 1497 115.72 -104.60 -53.28
C ALA H 1497 115.37 -105.13 -54.69
N LEU H 1498 114.82 -104.29 -55.56
CA LEU H 1498 114.53 -104.65 -56.94
C LEU H 1498 115.82 -104.89 -57.72
N LEU H 1499 116.84 -104.02 -57.58
CA LEU H 1499 118.16 -104.21 -58.18
C LEU H 1499 118.83 -105.50 -57.67
N ASP H 1500 118.77 -105.78 -56.37
CA ASP H 1500 119.26 -107.05 -55.79
C ASP H 1500 118.62 -108.25 -56.49
N ARG H 1501 117.31 -108.19 -56.74
CA ARG H 1501 116.59 -109.28 -57.40
C ARG H 1501 116.90 -109.40 -58.87
N ILE H 1502 116.91 -108.30 -59.63
CA ILE H 1502 117.20 -108.34 -61.07
C ILE H 1502 118.63 -108.83 -61.31
N VAL H 1503 119.62 -108.28 -60.59
CA VAL H 1503 121.03 -108.71 -60.69
C VAL H 1503 121.22 -110.16 -60.25
N SER H 1504 120.35 -110.70 -59.38
CA SER H 1504 120.42 -112.12 -58.99
C SER H 1504 120.07 -113.10 -60.13
N VAL H 1505 119.28 -112.65 -61.11
CA VAL H 1505 118.82 -113.47 -62.25
C VAL H 1505 119.55 -113.11 -63.55
N ASP H 1506 120.12 -111.91 -63.64
CA ASP H 1506 120.89 -111.41 -64.79
C ASP H 1506 122.22 -112.17 -65.00
N ARG H 1507 122.16 -113.27 -65.75
CA ARG H 1507 123.34 -114.10 -66.09
C ARG H 1507 124.29 -113.41 -67.07
N GLN H 1508 123.80 -112.50 -67.90
CA GLN H 1508 124.61 -111.78 -68.88
C GLN H 1508 125.31 -110.54 -68.29
N GLN H 1509 124.97 -110.17 -67.05
CA GLN H 1509 125.54 -109.04 -66.30
C GLN H 1509 125.30 -107.67 -66.98
N GLN H 1510 124.23 -107.53 -67.77
CA GLN H 1510 123.88 -106.29 -68.47
C GLN H 1510 123.56 -105.15 -67.49
N TRP H 1511 122.80 -105.44 -66.43
CA TRP H 1511 122.46 -104.45 -65.40
C TRP H 1511 123.69 -103.99 -64.62
N LEU H 1512 124.60 -104.93 -64.31
CA LEU H 1512 125.87 -104.61 -63.65
C LEU H 1512 126.74 -103.72 -64.53
N LEU H 1513 126.86 -104.03 -65.82
CA LEU H 1513 127.62 -103.22 -66.78
C LEU H 1513 127.03 -101.80 -66.89
N TYR H 1514 125.71 -101.67 -66.98
CA TYR H 1514 125.05 -100.36 -67.00
C TYR H 1514 125.33 -99.57 -65.72
N LEU H 1515 125.13 -100.16 -64.53
CA LEU H 1515 125.39 -99.53 -63.23
C LEU H 1515 126.83 -99.04 -63.05
N SER H 1516 127.81 -99.79 -63.57
CA SER H 1516 129.22 -99.38 -63.52
C SER H 1516 129.51 -98.25 -64.52
N ASN H 1517 129.12 -98.44 -65.79
CA ASN H 1517 129.43 -97.48 -66.87
C ASN H 1517 128.72 -96.13 -66.71
N SER H 1518 127.51 -96.12 -66.13
CA SER H 1518 126.75 -94.89 -65.84
C SER H 1518 127.15 -94.22 -64.52
N GLY H 1519 127.99 -94.86 -63.71
CA GLY H 1519 128.48 -94.32 -62.43
C GLY H 1519 127.55 -94.49 -61.23
N TYR H 1520 126.33 -95.03 -61.39
CA TYR H 1520 125.41 -95.27 -60.26
C TYR H 1520 126.01 -96.17 -59.18
N LEU H 1521 126.79 -97.19 -59.57
CA LEU H 1521 127.47 -98.05 -58.60
C LEU H 1521 128.45 -97.27 -57.71
N LYS H 1522 129.15 -96.29 -58.30
CA LYS H 1522 130.06 -95.41 -57.56
C LYS H 1522 129.30 -94.45 -56.66
N VAL H 1523 128.18 -93.86 -57.12
CA VAL H 1523 127.34 -92.99 -56.28
C VAL H 1523 126.80 -93.75 -55.05
N LEU H 1524 126.32 -94.99 -55.24
CA LEU H 1524 125.86 -95.84 -54.13
C LEU H 1524 126.98 -96.12 -53.13
N VAL H 1525 128.20 -96.40 -53.60
CA VAL H 1525 129.37 -96.59 -52.74
C VAL H 1525 129.77 -95.28 -52.04
N ASP H 1526 129.76 -94.17 -52.75
CA ASP H 1526 130.19 -92.88 -52.23
C ASP H 1526 129.25 -92.36 -51.14
N SER H 1527 127.95 -92.63 -51.29
CA SER H 1527 126.91 -92.30 -50.30
C SER H 1527 127.05 -93.03 -48.96
N LEU H 1528 127.89 -94.07 -48.86
CA LEU H 1528 128.17 -94.74 -47.57
C LEU H 1528 128.83 -93.78 -46.56
N ALA H 1529 129.58 -92.79 -47.04
CA ALA H 1529 130.18 -91.77 -46.20
C ALA H 1529 129.12 -90.83 -45.59
N GLU H 1530 128.03 -90.57 -46.32
CA GLU H 1530 126.89 -89.79 -45.82
C GLU H 1530 126.07 -90.61 -44.80
N ASP H 1531 125.87 -91.90 -45.09
CA ASP H 1531 125.20 -92.82 -44.18
C ASP H 1531 125.94 -92.89 -42.83
N ASP H 1532 127.28 -92.88 -42.80
CA ASP H 1532 128.08 -92.95 -41.57
C ASP H 1532 127.63 -91.92 -40.52
N VAL H 1533 127.42 -90.67 -40.94
CA VAL H 1533 126.98 -89.58 -40.05
C VAL H 1533 125.62 -89.91 -39.42
N VAL H 1534 124.69 -90.46 -40.21
CA VAL H 1534 123.34 -90.79 -39.75
C VAL H 1534 123.32 -92.07 -38.92
N LEU H 1535 124.10 -93.09 -39.29
CA LEU H 1535 124.20 -94.37 -38.60
C LEU H 1535 124.79 -94.21 -37.19
N ARG H 1536 125.73 -93.29 -36.99
CA ARG H 1536 126.26 -92.95 -35.66
C ARG H 1536 125.16 -92.45 -34.71
N ASN H 1537 124.22 -91.65 -35.21
CA ASN H 1537 123.10 -91.15 -34.41
C ASN H 1537 122.15 -92.28 -33.98
N LEU H 1538 122.05 -93.37 -34.75
CA LEU H 1538 121.22 -94.54 -34.43
C LEU H 1538 121.78 -95.39 -33.28
N LEU H 1539 123.06 -95.24 -32.93
CA LEU H 1539 123.68 -95.98 -31.81
C LEU H 1539 123.40 -95.36 -30.43
N THR H 1540 122.76 -94.19 -30.39
CA THR H 1540 122.34 -93.55 -29.14
C THR H 1540 121.22 -94.34 -28.44
N PRO H 1541 121.09 -94.28 -27.09
CA PRO H 1541 120.05 -95.05 -26.37
C PRO H 1541 118.62 -94.76 -26.84
N GLN H 1542 118.35 -93.53 -27.26
CA GLN H 1542 117.10 -93.10 -27.91
C GLN H 1542 117.39 -92.71 -29.36
N PRO H 1543 117.38 -93.66 -30.30
CA PRO H 1543 117.68 -93.36 -31.70
C PRO H 1543 116.53 -92.57 -32.34
N PRO H 1544 116.80 -91.85 -33.44
CA PRO H 1544 115.76 -91.39 -34.35
C PRO H 1544 115.07 -92.58 -35.06
N LEU H 1545 114.10 -92.30 -35.95
CA LEU H 1545 113.42 -93.31 -36.77
C LEU H 1545 114.45 -94.19 -37.52
N LEU H 1546 114.31 -95.53 -37.46
CA LEU H 1546 115.24 -96.53 -38.03
C LEU H 1546 115.31 -96.56 -39.57
N LYS H 1547 114.80 -95.54 -40.26
CA LYS H 1547 114.71 -95.51 -41.73
C LYS H 1547 116.09 -95.63 -42.39
N ALA H 1548 117.08 -94.91 -41.87
CA ALA H 1548 118.45 -94.95 -42.37
C ALA H 1548 119.09 -96.34 -42.22
N LEU H 1549 118.73 -97.10 -41.18
CA LEU H 1549 119.21 -98.47 -40.98
C LEU H 1549 118.70 -99.41 -42.08
N TYR H 1550 117.40 -99.34 -42.41
CA TYR H 1550 116.81 -100.17 -43.46
C TYR H 1550 117.32 -99.81 -44.86
N ILE H 1551 117.61 -98.53 -45.12
CA ILE H 1551 118.24 -98.08 -46.37
C ILE H 1551 119.66 -98.64 -46.47
N TYR H 1552 120.45 -98.52 -45.40
CA TYR H 1552 121.79 -99.10 -45.32
C TYR H 1552 121.76 -100.62 -45.50
N GLU H 1553 120.87 -101.34 -44.83
CA GLU H 1553 120.71 -102.80 -45.01
C GLU H 1553 120.39 -103.16 -46.46
N SER H 1554 119.47 -102.44 -47.10
CA SER H 1554 119.11 -102.68 -48.51
C SER H 1554 120.26 -102.38 -49.45
N LYS H 1555 121.01 -101.31 -49.20
CA LYS H 1555 122.20 -100.91 -49.97
C LYS H 1555 123.29 -101.97 -49.82
N MET H 1556 123.61 -102.38 -48.60
CA MET H 1556 124.62 -103.39 -48.34
C MET H 1556 124.21 -104.76 -48.85
N ALA H 1557 122.93 -105.14 -48.79
CA ALA H 1557 122.44 -106.38 -49.38
C ALA H 1557 122.64 -106.39 -50.90
N PHE H 1558 122.33 -105.28 -51.58
CA PHE H 1558 122.58 -105.10 -53.00
C PHE H 1558 124.08 -105.17 -53.35
N LEU H 1559 124.95 -104.46 -52.61
CA LEU H 1559 126.40 -104.52 -52.83
C LEU H 1559 126.95 -105.94 -52.58
N THR H 1560 126.45 -106.63 -51.54
CA THR H 1560 126.77 -108.02 -51.24
C THR H 1560 126.37 -108.95 -52.39
N ARG H 1561 125.25 -108.67 -53.05
CA ARG H 1561 124.80 -109.40 -54.24
C ARG H 1561 125.71 -109.20 -55.42
N VAL H 1562 126.10 -107.95 -55.71
CA VAL H 1562 127.06 -107.63 -56.77
C VAL H 1562 128.40 -108.31 -56.51
N ALA H 1563 128.88 -108.34 -55.26
CA ALA H 1563 130.13 -108.99 -54.88
C ALA H 1563 130.15 -110.52 -55.06
N LYS H 1564 129.00 -111.18 -55.27
CA LYS H 1564 128.95 -112.64 -55.50
C LYS H 1564 129.46 -113.05 -56.88
N SER H 1565 129.39 -112.18 -57.89
CA SER H 1565 130.02 -112.44 -59.19
C SER H 1565 131.48 -111.96 -59.16
N SER H 1566 132.37 -112.67 -59.86
CA SER H 1566 133.78 -112.28 -59.94
C SER H 1566 133.94 -110.90 -60.58
N GLN H 1567 133.17 -110.61 -61.64
CA GLN H 1567 133.16 -109.30 -62.29
C GLN H 1567 132.62 -108.20 -61.37
N GLY H 1568 131.53 -108.44 -60.64
CA GLY H 1568 130.95 -107.45 -59.73
C GLY H 1568 131.88 -107.12 -58.56
N ALA H 1569 132.62 -108.10 -58.04
CA ALA H 1569 133.65 -107.86 -57.03
C ALA H 1569 134.77 -106.93 -57.54
N ILE H 1570 135.18 -107.09 -58.81
CA ILE H 1570 136.19 -106.22 -59.44
C ILE H 1570 135.65 -104.80 -59.60
N GLU H 1571 134.42 -104.64 -60.09
CA GLU H 1571 133.79 -103.32 -60.27
C GLU H 1571 133.58 -102.59 -58.93
N LEU H 1572 133.25 -103.32 -57.85
CA LEU H 1572 133.16 -102.77 -56.49
C LEU H 1572 134.52 -102.33 -55.92
N LEU H 1573 135.59 -103.08 -56.19
CA LEU H 1573 136.95 -102.68 -55.81
C LEU H 1573 137.39 -101.42 -56.57
N ARG H 1574 137.04 -101.30 -57.85
CA ARG H 1574 137.29 -100.11 -58.68
C ARG H 1574 136.50 -98.88 -58.23
N SER H 1575 135.26 -99.07 -57.77
CA SER H 1575 134.46 -97.98 -57.20
C SER H 1575 134.92 -97.55 -55.81
N GLY H 1576 135.83 -98.30 -55.18
CA GLY H 1576 136.45 -97.95 -53.89
C GLY H 1576 135.60 -98.33 -52.69
N VAL H 1577 134.75 -99.35 -52.78
CA VAL H 1577 133.83 -99.74 -51.68
C VAL H 1577 134.56 -99.99 -50.36
N ILE H 1578 135.70 -100.68 -50.39
CA ILE H 1578 136.47 -100.99 -49.19
C ILE H 1578 137.10 -99.73 -48.59
N VAL H 1579 137.53 -98.80 -49.44
CA VAL H 1579 138.10 -97.51 -49.01
C VAL H 1579 137.05 -96.67 -48.30
N ARG H 1580 135.80 -96.62 -48.82
CA ARG H 1580 134.71 -95.89 -48.16
C ARG H 1580 134.28 -96.55 -46.87
N LEU H 1581 134.19 -97.88 -46.83
CA LEU H 1581 133.93 -98.62 -45.59
C LEU H 1581 135.02 -98.34 -44.53
N ALA H 1582 136.30 -98.28 -44.93
CA ALA H 1582 137.40 -97.98 -44.01
C ALA H 1582 137.39 -96.54 -43.45
N GLN H 1583 136.67 -95.62 -44.10
CA GLN H 1583 136.50 -94.23 -43.66
C GLN H 1583 135.33 -94.04 -42.70
N CYS H 1584 134.41 -95.01 -42.58
CA CYS H 1584 133.21 -94.90 -41.76
C CYS H 1584 133.53 -95.08 -40.26
N GLN H 1585 133.29 -94.06 -39.44
CA GLN H 1585 133.59 -94.11 -38.00
C GLN H 1585 132.55 -94.88 -37.18
N VAL H 1586 131.38 -95.18 -37.75
CA VAL H 1586 130.31 -95.93 -37.07
C VAL H 1586 130.79 -97.31 -36.61
N TYR H 1587 131.73 -97.92 -37.34
CA TYR H 1587 132.27 -99.23 -36.98
C TYR H 1587 133.07 -99.18 -35.67
N ASP H 1588 133.66 -98.03 -35.30
CA ASP H 1588 134.40 -97.87 -34.05
C ASP H 1588 133.52 -97.54 -32.84
N MET H 1589 132.24 -97.23 -33.07
CA MET H 1589 131.27 -96.88 -32.03
C MET H 1589 130.63 -98.14 -31.40
N ARG H 1590 131.42 -99.18 -31.10
CA ARG H 1590 130.90 -100.40 -30.47
C ARG H 1590 130.29 -100.06 -29.09
N PRO H 1591 128.98 -100.31 -28.85
CA PRO H 1591 128.38 -100.03 -27.55
C PRO H 1591 129.01 -100.90 -26.46
N GLU H 1592 129.35 -100.30 -25.31
CA GLU H 1592 129.78 -101.06 -24.13
C GLU H 1592 128.58 -101.84 -23.58
N THR H 1593 128.73 -103.17 -23.46
CA THR H 1593 127.72 -104.03 -22.86
C THR H 1593 127.73 -103.81 -21.36
N ASP H 1594 126.69 -103.18 -20.80
CA ASP H 1594 126.59 -102.97 -19.36
C ASP H 1594 126.42 -104.33 -18.64
N PRO H 1595 127.42 -104.81 -17.87
CA PRO H 1595 127.30 -106.10 -17.18
C PRO H 1595 126.35 -106.04 -15.98
N HIS H 1596 125.84 -104.87 -15.57
CA HIS H 1596 124.99 -104.73 -14.38
C HIS H 1596 123.49 -104.89 -14.63
N GLY H 1597 123.06 -105.17 -15.87
CA GLY H 1597 121.66 -105.47 -16.21
C GLY H 1597 121.13 -106.83 -15.71
N VAL H 1598 121.93 -107.59 -14.95
CA VAL H 1598 121.50 -108.86 -14.33
C VAL H 1598 120.47 -108.65 -13.22
N PHE H 1599 120.28 -107.42 -12.73
CA PHE H 1599 119.19 -107.09 -11.81
C PHE H 1599 118.01 -106.47 -12.55
N GLY H 1600 116.87 -107.16 -12.49
CA GLY H 1600 115.71 -106.98 -13.36
C GLY H 1600 114.92 -105.66 -13.26
N MET H 1601 113.84 -105.64 -14.05
CA MET H 1601 112.69 -104.72 -14.06
C MET H 1601 112.71 -103.50 -14.98
N ARG H 1602 113.39 -103.53 -16.13
CA ARG H 1602 112.93 -102.73 -17.27
C ARG H 1602 112.60 -103.62 -18.45
N GLU H 1603 111.30 -103.87 -18.62
CA GLU H 1603 110.72 -104.36 -19.86
C GLU H 1603 111.12 -103.40 -20.98
N THR H 1604 112.18 -103.72 -21.70
CA THR H 1604 112.59 -102.94 -22.88
C THR H 1604 111.46 -103.08 -23.90
N PRO H 1605 110.88 -101.98 -24.41
CA PRO H 1605 109.76 -102.05 -25.35
C PRO H 1605 110.21 -102.81 -26.60
N VAL H 1606 109.52 -103.91 -26.89
CA VAL H 1606 109.82 -104.93 -27.93
C VAL H 1606 110.03 -104.35 -29.34
N PHE H 1607 109.68 -103.09 -29.59
CA PHE H 1607 109.69 -102.51 -30.94
C PHE H 1607 111.03 -101.87 -31.36
N ILE H 1608 111.92 -101.50 -30.43
CA ILE H 1608 113.21 -100.85 -30.76
C ILE H 1608 114.36 -101.80 -30.43
N PRO H 1609 115.14 -102.29 -31.43
CA PRO H 1609 116.29 -103.17 -31.17
C PRO H 1609 117.30 -102.50 -30.25
N ALA H 1610 117.93 -103.28 -29.36
CA ALA H 1610 118.97 -102.77 -28.45
C ALA H 1610 120.13 -102.14 -29.25
N PRO H 1611 120.84 -101.13 -28.70
CA PRO H 1611 121.95 -100.47 -29.40
C PRO H 1611 123.01 -101.45 -29.94
N VAL H 1612 123.30 -102.52 -29.19
CA VAL H 1612 124.23 -103.59 -29.62
C VAL H 1612 123.70 -104.34 -30.85
N GLU H 1613 122.39 -104.59 -30.93
CA GLU H 1613 121.78 -105.26 -32.08
C GLU H 1613 121.76 -104.35 -33.31
N ARG H 1614 121.50 -103.05 -33.12
CA ARG H 1614 121.61 -102.05 -34.20
C ARG H 1614 123.04 -101.92 -34.71
N TYR H 1615 124.04 -101.93 -33.81
CA TYR H 1615 125.45 -101.96 -34.19
C TYR H 1615 125.79 -103.19 -35.04
N ARG H 1616 125.24 -104.37 -34.72
CA ARG H 1616 125.41 -105.59 -35.55
C ARG H 1616 124.75 -105.50 -36.91
N GLN H 1617 123.55 -104.92 -36.99
CA GLN H 1617 122.87 -104.64 -38.27
C GLN H 1617 123.71 -103.73 -39.18
N ILE H 1618 124.59 -102.89 -38.59
CA ILE H 1618 125.53 -102.04 -39.31
C ILE H 1618 126.83 -102.79 -39.69
N LEU H 1619 127.46 -103.47 -38.72
CA LEU H 1619 128.78 -104.10 -38.91
C LEU H 1619 128.73 -105.40 -39.74
N LEU H 1620 127.76 -106.28 -39.51
CA LEU H 1620 127.74 -107.61 -40.16
C LEU H 1620 127.67 -107.53 -41.69
N PRO H 1621 126.84 -106.66 -42.31
CA PRO H 1621 126.83 -106.52 -43.76
C PRO H 1621 128.19 -106.07 -44.33
N ALA H 1622 128.91 -105.17 -43.65
CA ALA H 1622 130.24 -104.72 -44.08
C ALA H 1622 131.25 -105.87 -44.08
N LEU H 1623 131.25 -106.69 -43.01
CA LEU H 1623 132.09 -107.88 -42.93
C LEU H 1623 131.72 -108.93 -44.00
N GLN H 1624 130.42 -109.12 -44.26
CA GLN H 1624 129.96 -110.05 -45.30
C GLN H 1624 130.45 -109.65 -46.70
N ILE H 1625 130.40 -108.36 -47.05
CA ILE H 1625 130.94 -107.85 -48.31
C ILE H 1625 132.45 -108.12 -48.40
N CYS H 1626 133.21 -107.79 -47.36
CA CYS H 1626 134.65 -108.04 -47.32
C CYS H 1626 134.96 -109.53 -47.54
N GLN H 1627 134.25 -110.43 -46.85
CA GLN H 1627 134.45 -111.87 -47.00
C GLN H 1627 134.10 -112.37 -48.41
N LEU H 1628 133.01 -111.85 -48.99
CA LEU H 1628 132.57 -112.21 -50.33
C LEU H 1628 133.53 -111.75 -51.41
N ILE H 1629 134.00 -110.50 -51.35
CA ILE H 1629 134.99 -109.97 -52.29
C ILE H 1629 136.27 -110.81 -52.28
N LEU H 1630 136.77 -111.21 -51.11
CA LEU H 1630 137.92 -112.11 -51.00
C LEU H 1630 137.65 -113.50 -51.59
N THR H 1631 136.40 -113.95 -51.55
CA THR H 1631 136.01 -115.28 -52.04
C THR H 1631 135.80 -115.30 -53.56
N SER H 1632 135.28 -114.24 -54.15
CA SER H 1632 134.95 -114.17 -55.59
C SER H 1632 136.08 -113.61 -56.48
N SER H 1633 137.03 -112.85 -55.92
CA SER H 1633 138.11 -112.16 -56.66
C SER H 1633 139.36 -113.00 -56.95
N THR H 1634 139.23 -114.30 -57.27
CA THR H 1634 140.37 -115.22 -57.37
C THR H 1634 141.53 -114.76 -58.28
N ALA H 1635 141.26 -114.02 -59.36
CA ALA H 1635 142.29 -113.49 -60.28
C ALA H 1635 143.00 -112.20 -59.79
N GLN H 1636 142.38 -111.42 -58.90
CA GLN H 1636 142.93 -110.18 -58.33
C GLN H 1636 143.07 -110.25 -56.80
N HIS H 1637 143.24 -111.47 -56.29
CA HIS H 1637 143.16 -111.78 -54.85
C HIS H 1637 144.07 -110.89 -54.00
N LEU H 1638 145.25 -110.50 -54.49
CA LEU H 1638 146.20 -109.68 -53.74
C LEU H 1638 145.74 -108.22 -53.53
N GLN H 1639 145.18 -107.59 -54.57
CA GLN H 1639 144.67 -106.22 -54.45
C GLN H 1639 143.42 -106.17 -53.54
N ALA H 1640 142.52 -107.13 -53.72
CA ALA H 1640 141.34 -107.30 -52.86
C ALA H 1640 141.76 -107.52 -51.39
N ALA H 1641 142.70 -108.43 -51.14
CA ALA H 1641 143.25 -108.69 -49.82
C ALA H 1641 143.92 -107.45 -49.21
N GLY H 1642 144.70 -106.69 -50.00
CA GLY H 1642 145.35 -105.46 -49.54
C GLY H 1642 144.36 -104.39 -49.09
N GLN H 1643 143.32 -104.11 -49.89
CA GLN H 1643 142.27 -103.16 -49.50
C GLN H 1643 141.51 -103.62 -48.25
N VAL H 1644 141.12 -104.90 -48.18
CA VAL H 1644 140.43 -105.44 -47.00
C VAL H 1644 141.33 -105.40 -45.77
N LEU H 1645 142.64 -105.57 -45.92
CA LEU H 1645 143.61 -105.38 -44.85
C LEU H 1645 143.61 -103.93 -44.34
N GLN H 1646 143.55 -102.95 -45.25
CA GLN H 1646 143.46 -101.53 -44.88
C GLN H 1646 142.19 -101.25 -44.06
N PHE H 1647 141.04 -101.82 -44.45
CA PHE H 1647 139.82 -101.76 -43.64
C PHE H 1647 140.01 -102.38 -42.25
N LEU H 1648 140.65 -103.55 -42.17
CA LEU H 1648 140.89 -104.20 -40.87
C LEU H 1648 141.84 -103.39 -39.97
N VAL H 1649 142.77 -102.66 -40.56
CA VAL H 1649 143.74 -101.84 -39.83
C VAL H 1649 143.12 -100.50 -39.41
N ALA H 1650 142.29 -99.90 -40.27
CA ALA H 1650 141.55 -98.67 -39.95
C ALA H 1650 140.67 -98.83 -38.70
N HIS H 1651 139.99 -99.98 -38.55
CA HIS H 1651 139.14 -100.30 -37.38
C HIS H 1651 139.78 -101.29 -36.40
N SER H 1652 141.11 -101.23 -36.25
CA SER H 1652 141.86 -102.29 -35.56
C SER H 1652 141.50 -102.48 -34.08
N ASP H 1653 141.07 -101.43 -33.37
CA ASP H 1653 140.65 -101.53 -31.97
C ASP H 1653 139.35 -102.30 -31.81
N THR H 1654 138.36 -101.98 -32.65
CA THR H 1654 137.08 -102.67 -32.75
C THR H 1654 137.26 -104.14 -33.11
N ILE H 1655 138.12 -104.42 -34.09
CA ILE H 1655 138.44 -105.78 -34.53
C ILE H 1655 139.11 -106.58 -33.42
N GLN H 1656 140.07 -106.00 -32.70
CA GLN H 1656 140.67 -106.65 -31.55
C GLN H 1656 139.67 -106.84 -30.40
N ALA H 1657 138.73 -105.91 -30.20
CA ALA H 1657 137.66 -106.07 -29.21
C ALA H 1657 136.73 -107.24 -29.54
N ILE H 1658 136.37 -107.43 -30.82
CA ILE H 1658 135.60 -108.60 -31.28
C ILE H 1658 136.38 -109.89 -31.02
N LEU H 1659 137.65 -109.94 -31.42
CA LEU H 1659 138.50 -111.14 -31.23
C LEU H 1659 138.77 -111.46 -29.74
N ARG H 1660 138.72 -110.47 -28.85
CA ARG H 1660 138.86 -110.64 -27.40
C ARG H 1660 137.54 -110.89 -26.66
N SER H 1661 136.39 -110.68 -27.31
CA SER H 1661 135.07 -110.73 -26.66
C SER H 1661 134.87 -112.04 -25.91
N GLN H 1662 134.57 -111.99 -24.60
CA GLN H 1662 134.28 -113.19 -23.79
C GLN H 1662 132.80 -113.60 -23.81
N GLU H 1663 131.94 -112.80 -24.44
CA GLU H 1663 130.50 -113.07 -24.51
C GLU H 1663 130.21 -114.27 -25.43
N GLY H 1664 129.25 -115.11 -25.01
CA GLY H 1664 128.76 -116.28 -25.75
C GLY H 1664 127.45 -116.04 -26.50
N SER H 1665 127.06 -114.78 -26.71
CA SER H 1665 125.81 -114.46 -27.43
C SER H 1665 125.90 -114.90 -28.90
N LEU H 1666 124.75 -115.21 -29.51
CA LEU H 1666 124.70 -115.57 -30.94
C LEU H 1666 125.32 -114.49 -31.82
N GLY H 1667 125.03 -113.22 -31.54
CA GLY H 1667 125.57 -112.09 -32.29
C GLY H 1667 127.10 -111.97 -32.21
N SER H 1668 127.68 -112.11 -31.01
CA SER H 1668 129.15 -112.08 -30.85
C SER H 1668 129.84 -113.27 -31.54
N LEU H 1669 129.19 -114.43 -31.61
CA LEU H 1669 129.71 -115.59 -32.35
C LEU H 1669 129.64 -115.38 -33.87
N GLN H 1670 128.59 -114.75 -34.39
CA GLN H 1670 128.48 -114.40 -35.80
C GLN H 1670 129.53 -113.36 -36.22
N GLU H 1671 129.77 -112.34 -35.40
CA GLU H 1671 130.86 -111.36 -35.59
C GLU H 1671 132.22 -112.07 -35.69
N LEU H 1672 132.50 -112.97 -34.74
CA LEU H 1672 133.73 -113.76 -34.72
C LEU H 1672 133.84 -114.70 -35.94
N ALA H 1673 132.75 -115.36 -36.33
CA ALA H 1673 132.73 -116.27 -37.48
C ALA H 1673 133.04 -115.53 -38.79
N LEU H 1674 132.44 -114.37 -39.04
CA LEU H 1674 132.74 -113.58 -40.23
C LEU H 1674 134.16 -113.02 -40.18
N LEU H 1675 134.57 -112.42 -39.06
CA LEU H 1675 135.87 -111.78 -38.91
C LEU H 1675 137.03 -112.77 -39.07
N THR H 1676 136.93 -113.95 -38.45
CA THR H 1676 137.94 -115.01 -38.62
C THR H 1676 138.01 -115.50 -40.06
N GLY H 1677 136.89 -115.55 -40.78
CA GLY H 1677 136.85 -115.91 -42.20
C GLY H 1677 137.37 -114.85 -43.15
N ILE H 1678 137.37 -113.58 -42.74
CA ILE H 1678 138.02 -112.48 -43.48
C ILE H 1678 139.53 -112.53 -43.23
N ILE H 1679 139.95 -112.64 -41.97
CA ILE H 1679 141.36 -112.73 -41.60
C ILE H 1679 142.01 -113.95 -42.25
N SER H 1680 141.30 -115.09 -42.32
CA SER H 1680 141.82 -116.32 -42.94
C SER H 1680 142.21 -116.14 -44.41
N LYS H 1681 141.53 -115.22 -45.12
CA LYS H 1681 141.71 -114.94 -46.55
C LYS H 1681 142.53 -113.68 -46.84
N ALA H 1682 142.44 -112.64 -46.00
CA ALA H 1682 143.12 -111.36 -46.24
C ALA H 1682 144.58 -111.36 -45.73
N ALA H 1683 144.84 -111.92 -44.55
CA ALA H 1683 146.14 -111.83 -43.86
C ALA H 1683 147.18 -112.84 -44.35
N LEU H 1684 147.27 -113.01 -45.68
CA LEU H 1684 148.23 -113.89 -46.34
C LEU H 1684 149.60 -113.20 -46.45
N PRO H 1685 150.72 -113.88 -46.09
CA PRO H 1685 152.06 -113.29 -46.12
C PRO H 1685 152.47 -112.68 -47.46
N GLY H 1686 152.04 -113.26 -48.59
CA GLY H 1686 152.39 -112.75 -49.93
C GLY H 1686 151.80 -111.39 -50.28
N VAL H 1687 150.70 -110.98 -49.64
CA VAL H 1687 150.02 -109.71 -49.92
C VAL H 1687 150.91 -108.51 -49.54
N LEU H 1688 151.71 -108.62 -48.48
CA LEU H 1688 152.57 -107.52 -48.02
C LEU H 1688 153.76 -107.26 -48.94
N ASN H 1689 154.28 -108.29 -49.62
CA ASN H 1689 155.48 -108.15 -50.46
C ASN H 1689 155.16 -107.63 -51.87
N GLU H 1690 153.97 -107.91 -52.41
CA GLU H 1690 153.56 -107.50 -53.78
C GLU H 1690 152.62 -106.29 -53.82
N LEU H 1691 152.25 -105.70 -52.68
CA LEU H 1691 151.58 -104.40 -52.67
C LEU H 1691 152.58 -103.31 -53.08
N ASP H 1692 152.67 -103.03 -54.38
CA ASP H 1692 153.42 -101.91 -54.99
C ASP H 1692 152.79 -100.53 -54.66
N ILE H 1693 152.07 -100.43 -53.54
CA ILE H 1693 151.55 -99.17 -53.01
C ILE H 1693 152.70 -98.55 -52.23
N GLY H 1694 153.24 -97.43 -52.71
CA GLY H 1694 154.35 -96.66 -52.13
C GLY H 1694 154.11 -96.19 -50.69
N LEU H 1695 154.05 -97.14 -49.77
CA LEU H 1695 153.96 -96.99 -48.33
C LEU H 1695 155.37 -96.72 -47.80
N ASN H 1696 155.54 -95.64 -47.03
CA ASN H 1696 156.78 -95.39 -46.29
C ASN H 1696 157.08 -96.57 -45.34
N ASP H 1697 158.37 -96.90 -45.15
CA ASP H 1697 158.84 -98.00 -44.30
C ASP H 1697 158.17 -98.06 -42.92
N GLY H 1698 157.87 -96.89 -42.32
CA GLY H 1698 157.17 -96.80 -41.03
C GLY H 1698 155.75 -97.38 -41.05
N SER H 1699 155.00 -97.16 -42.12
CA SER H 1699 153.61 -97.65 -42.26
C SER H 1699 153.54 -99.16 -42.51
N MET H 1700 154.54 -99.75 -43.19
CA MET H 1700 154.62 -101.21 -43.33
C MET H 1700 154.90 -101.91 -41.99
N MET H 1701 155.71 -101.32 -41.11
CA MET H 1701 156.00 -101.87 -39.78
C MET H 1701 154.76 -101.87 -38.88
N GLU H 1702 153.96 -100.79 -38.91
CA GLU H 1702 152.67 -100.73 -38.21
C GLU H 1702 151.69 -101.78 -38.73
N LEU H 1703 151.57 -101.90 -40.07
CA LEU H 1703 150.72 -102.88 -40.74
C LEU H 1703 151.06 -104.32 -40.32
N GLN H 1704 152.36 -104.68 -40.36
CA GLN H 1704 152.86 -105.97 -39.86
C GLN H 1704 152.55 -106.18 -38.38
N GLY H 1705 152.66 -105.13 -37.56
CA GLY H 1705 152.33 -105.16 -36.13
C GLY H 1705 150.85 -105.51 -35.86
N HIS H 1706 149.92 -104.88 -36.57
CA HIS H 1706 148.48 -105.17 -36.44
C HIS H 1706 148.14 -106.59 -36.91
N ILE H 1707 148.67 -107.03 -38.05
CA ILE H 1707 148.48 -108.40 -38.57
C ILE H 1707 148.98 -109.43 -37.56
N GLY H 1708 150.18 -109.23 -37.00
CA GLY H 1708 150.74 -110.12 -35.98
C GLY H 1708 149.88 -110.21 -34.71
N ARG H 1709 149.15 -109.14 -34.34
CA ARG H 1709 148.19 -109.16 -33.22
C ARG H 1709 146.93 -109.95 -33.58
N PHE H 1710 146.34 -109.69 -34.75
CA PHE H 1710 145.17 -110.43 -35.24
C PHE H 1710 145.46 -111.93 -35.32
N GLN H 1711 146.64 -112.31 -35.82
CA GLN H 1711 147.13 -113.69 -35.85
C GLN H 1711 147.10 -114.37 -34.50
N ARG H 1712 147.72 -113.77 -33.48
CA ARG H 1712 147.79 -114.34 -32.12
C ARG H 1712 146.40 -114.48 -31.49
N GLN H 1713 145.53 -113.50 -31.72
CA GLN H 1713 144.17 -113.52 -31.20
C GLN H 1713 143.31 -114.59 -31.90
N CYS H 1714 143.39 -114.73 -33.21
CA CYS H 1714 142.69 -115.80 -33.94
C CYS H 1714 143.12 -117.19 -33.47
N LEU H 1715 144.42 -117.43 -33.27
CA LEU H 1715 144.93 -118.70 -32.74
C LEU H 1715 144.44 -118.99 -31.32
N ALA H 1716 144.30 -117.96 -30.48
CA ALA H 1716 143.75 -118.11 -29.13
C ALA H 1716 142.27 -118.55 -29.11
N LEU H 1717 141.49 -118.28 -30.18
CA LEU H 1717 140.10 -118.72 -30.30
C LEU H 1717 139.96 -120.25 -30.41
N LEU H 1718 140.96 -120.96 -30.94
CA LEU H 1718 140.97 -122.43 -30.98
C LEU H 1718 140.93 -123.04 -29.57
N ASN H 1719 141.60 -122.41 -28.60
CA ASN H 1719 141.59 -122.88 -27.21
C ASN H 1719 140.20 -122.75 -26.56
N ARG H 1720 139.43 -121.74 -26.98
CA ARG H 1720 138.11 -121.40 -26.45
C ARG H 1720 136.99 -122.21 -27.09
N PHE H 1721 136.92 -122.25 -28.42
CA PHE H 1721 135.81 -122.93 -29.14
C PHE H 1721 136.14 -124.36 -29.57
N GLY H 1722 137.42 -124.72 -29.67
CA GLY H 1722 137.88 -126.08 -29.98
C GLY H 1722 138.06 -126.98 -28.76
N GLY H 1723 137.61 -126.57 -27.57
CA GLY H 1723 137.79 -127.29 -26.31
C GLY H 1723 136.51 -127.50 -25.48
N SER H 1724 136.68 -127.98 -24.24
CA SER H 1724 135.59 -128.33 -23.31
C SER H 1724 134.72 -127.12 -22.90
N ASP H 1725 135.23 -125.89 -22.98
CA ASP H 1725 134.46 -124.66 -22.65
C ASP H 1725 133.23 -124.48 -23.56
N ARG H 1726 133.24 -125.05 -24.77
CA ARG H 1726 132.08 -125.08 -25.68
C ARG H 1726 130.85 -125.71 -25.03
N LEU H 1727 131.01 -126.82 -24.30
CA LEU H 1727 129.88 -127.52 -23.67
C LEU H 1727 129.28 -126.69 -22.52
N ARG H 1728 130.12 -125.93 -21.80
CA ARG H 1728 129.71 -125.07 -20.67
C ARG H 1728 128.99 -123.80 -21.16
N GLN H 1729 129.44 -123.19 -22.25
CA GLN H 1729 128.73 -122.04 -22.84
C GLN H 1729 127.36 -122.43 -23.40
N LEU H 1730 127.23 -123.59 -24.03
CA LEU H 1730 125.94 -124.11 -24.51
C LEU H 1730 125.00 -124.50 -23.35
N SER H 1731 125.52 -124.93 -22.19
CA SER H 1731 124.68 -125.31 -21.05
C SER H 1731 124.22 -124.12 -20.20
N LEU H 1732 125.05 -123.09 -20.00
CA LEU H 1732 124.71 -121.93 -19.16
C LEU H 1732 123.51 -121.11 -19.69
N GLN H 1733 123.11 -121.31 -20.94
CA GLN H 1733 121.93 -120.67 -21.53
C GLN H 1733 120.68 -121.56 -21.61
N ASP H 1734 120.76 -122.85 -21.30
CA ASP H 1734 119.56 -123.72 -21.23
C ASP H 1734 118.65 -123.32 -20.04
N ASP H 1735 119.19 -122.71 -18.98
CA ASP H 1735 118.41 -122.41 -17.76
C ASP H 1735 117.52 -121.16 -17.85
N SER H 1736 117.80 -120.18 -18.72
CA SER H 1736 117.10 -118.89 -18.68
C SER H 1736 115.83 -118.77 -19.55
N SER H 1737 115.59 -119.64 -20.54
CA SER H 1737 114.34 -119.59 -21.33
C SER H 1737 114.11 -120.82 -22.23
N ARG H 1738 113.36 -121.82 -21.76
CA ARG H 1738 113.09 -123.08 -22.49
C ARG H 1738 112.34 -122.95 -23.83
N LEU H 1739 111.65 -121.85 -24.11
CA LEU H 1739 110.81 -121.70 -25.31
C LEU H 1739 111.50 -121.02 -26.50
N ASP H 1740 112.48 -120.14 -26.25
CA ASP H 1740 113.20 -119.38 -27.30
C ASP H 1740 114.60 -119.96 -27.60
N GLY H 1741 115.05 -120.93 -26.78
CA GLY H 1741 116.44 -121.42 -26.78
C GLY H 1741 116.81 -122.39 -27.90
N VAL H 1742 115.86 -123.16 -28.44
CA VAL H 1742 116.19 -124.26 -29.36
C VAL H 1742 116.75 -123.75 -30.70
N SER H 1743 116.19 -122.67 -31.28
CA SER H 1743 116.71 -122.12 -32.55
C SER H 1743 118.09 -121.47 -32.38
N LYS H 1744 118.28 -120.70 -31.30
CA LYS H 1744 119.54 -119.99 -31.02
C LYS H 1744 120.70 -120.96 -30.81
N LYS H 1745 120.45 -122.14 -30.23
CA LYS H 1745 121.44 -123.19 -29.99
C LYS H 1745 122.02 -123.75 -31.29
N ASP H 1746 121.18 -124.04 -32.29
CA ASP H 1746 121.63 -124.55 -33.60
C ASP H 1746 122.54 -123.53 -34.31
N ASP H 1747 122.16 -122.25 -34.29
CA ASP H 1747 122.92 -121.18 -34.94
C ASP H 1747 124.22 -120.85 -34.20
N MET H 1748 124.23 -120.89 -32.86
CA MET H 1748 125.44 -120.75 -32.05
C MET H 1748 126.42 -121.89 -32.34
N GLU H 1749 125.92 -123.12 -32.44
CA GLU H 1749 126.70 -124.31 -32.76
C GLU H 1749 127.34 -124.19 -34.16
N LEU H 1750 126.58 -123.72 -35.16
CA LEU H 1750 127.07 -123.44 -36.50
C LEU H 1750 128.16 -122.37 -36.50
N ALA H 1751 127.95 -121.25 -35.81
CA ALA H 1751 128.91 -120.15 -35.73
C ALA H 1751 130.23 -120.59 -35.06
N MET H 1752 130.16 -121.35 -33.96
CA MET H 1752 131.34 -121.89 -33.28
C MET H 1752 132.15 -122.82 -34.19
N GLN H 1753 131.49 -123.71 -34.93
CA GLN H 1753 132.16 -124.59 -35.90
C GLN H 1753 132.78 -123.80 -37.05
N GLN H 1754 132.10 -122.75 -37.52
CA GLN H 1754 132.62 -121.89 -38.58
C GLN H 1754 133.88 -121.14 -38.12
N ILE H 1755 133.93 -120.66 -36.86
CA ILE H 1755 135.14 -120.06 -36.28
C ILE H 1755 136.32 -121.05 -36.31
N CYS H 1756 136.12 -122.28 -35.80
CA CYS H 1756 137.16 -123.31 -35.82
C CYS H 1756 137.62 -123.62 -37.25
N SER H 1757 136.67 -123.74 -38.19
CA SER H 1757 136.97 -123.96 -39.61
C SER H 1757 137.83 -122.84 -40.19
N ASN H 1758 137.47 -121.58 -39.97
CA ASN H 1758 138.18 -120.43 -40.52
C ASN H 1758 139.58 -120.28 -39.93
N VAL H 1759 139.77 -120.51 -38.62
CA VAL H 1759 141.10 -120.45 -38.01
C VAL H 1759 141.97 -121.61 -38.50
N MET H 1760 141.40 -122.80 -38.73
CA MET H 1760 142.14 -123.92 -39.33
C MET H 1760 142.46 -123.67 -40.81
N GLU H 1761 141.55 -123.07 -41.58
CA GLU H 1761 141.82 -122.59 -42.94
C GLU H 1761 142.98 -121.60 -42.95
N TYR H 1762 143.01 -120.65 -42.00
CA TYR H 1762 144.11 -119.71 -41.85
C TYR H 1762 145.44 -120.40 -41.56
N CYS H 1763 145.45 -121.36 -40.62
CA CYS H 1763 146.64 -122.14 -40.32
C CYS H 1763 147.14 -122.91 -41.55
N GLN H 1764 146.22 -123.52 -42.32
CA GLN H 1764 146.55 -124.22 -43.55
C GLN H 1764 147.16 -123.26 -44.59
N ALA H 1765 146.56 -122.09 -44.82
CA ALA H 1765 147.04 -121.10 -45.77
C ALA H 1765 148.44 -120.57 -45.41
N LEU H 1766 148.70 -120.28 -44.13
CA LEU H 1766 150.01 -119.89 -43.62
C LEU H 1766 151.09 -120.97 -43.85
N MET H 1767 150.72 -122.25 -43.72
CA MET H 1767 151.66 -123.36 -43.95
C MET H 1767 151.93 -123.59 -45.44
N ILE H 1768 150.93 -123.42 -46.31
CA ILE H 1768 151.09 -123.61 -47.76
C ILE H 1768 151.97 -122.49 -48.35
N GLN H 1769 151.72 -121.22 -48.03
CA GLN H 1769 152.45 -120.09 -48.65
C GLN H 1769 153.90 -119.94 -48.17
N ASN H 1770 154.20 -120.17 -46.89
CA ASN H 1770 155.57 -120.04 -46.38
C ASN H 1770 156.48 -121.24 -46.73
N SER H 1771 155.97 -122.23 -47.46
CA SER H 1771 156.70 -123.44 -47.84
C SER H 1771 156.94 -123.54 -49.36
N PRO H 1772 157.76 -122.67 -49.99
CA PRO H 1772 158.29 -122.99 -51.31
C PRO H 1772 159.26 -124.20 -51.26
N SER H 1773 159.80 -124.54 -50.09
CA SER H 1773 160.62 -125.75 -49.86
C SER H 1773 160.20 -126.49 -48.57
N PHE H 1774 160.21 -127.83 -48.60
CA PHE H 1774 159.79 -128.69 -47.47
C PHE H 1774 160.56 -128.43 -46.16
N GLN H 1775 161.77 -127.88 -46.23
CA GLN H 1775 162.64 -127.62 -45.07
C GLN H 1775 162.26 -126.35 -44.27
N GLN H 1776 161.39 -125.48 -44.80
CA GLN H 1776 161.08 -124.17 -44.20
C GLN H 1776 159.62 -124.07 -43.70
N THR H 1777 159.12 -125.08 -42.98
CA THR H 1777 157.76 -125.04 -42.42
C THR H 1777 157.66 -124.06 -41.23
N VAL H 1778 156.70 -123.14 -41.28
CA VAL H 1778 156.35 -122.28 -40.13
C VAL H 1778 155.66 -123.14 -39.08
N CYS H 1779 156.20 -123.16 -37.87
CA CYS H 1779 155.62 -123.91 -36.78
C CYS H 1779 154.62 -123.05 -35.99
N LEU H 1780 153.33 -123.37 -36.14
CA LEU H 1780 152.24 -122.63 -35.51
C LEU H 1780 151.83 -123.19 -34.14
N PHE H 1781 152.09 -124.48 -33.91
CA PHE H 1781 151.72 -125.20 -32.70
C PHE H 1781 152.95 -125.77 -32.00
N THR H 1782 153.02 -125.67 -30.67
CA THR H 1782 154.11 -126.26 -29.86
C THR H 1782 154.07 -127.80 -29.88
N PRO H 1783 155.20 -128.52 -29.74
CA PRO H 1783 155.27 -129.99 -29.87
C PRO H 1783 154.67 -130.75 -28.66
N SER H 1784 153.82 -130.10 -27.85
CA SER H 1784 153.16 -130.72 -26.70
C SER H 1784 151.81 -131.30 -27.09
N LEU H 1785 151.53 -132.53 -26.65
CA LEU H 1785 150.23 -133.20 -26.78
C LEU H 1785 149.48 -133.32 -25.45
N LYS H 1786 150.11 -132.93 -24.32
CA LYS H 1786 149.57 -133.02 -22.94
C LYS H 1786 148.18 -132.42 -22.77
N GLU H 1787 147.87 -131.33 -23.48
CA GLU H 1787 146.56 -130.67 -23.41
C GLU H 1787 145.43 -131.59 -23.92
N SER H 1788 145.69 -132.48 -24.88
CA SER H 1788 144.71 -133.46 -25.36
C SER H 1788 144.38 -134.54 -24.32
N ALA H 1789 145.36 -134.94 -23.49
CA ALA H 1789 145.18 -135.97 -22.47
C ALA H 1789 144.56 -135.41 -21.17
N SER H 1790 144.90 -134.18 -20.78
CA SER H 1790 144.36 -133.56 -19.55
C SER H 1790 142.87 -133.22 -19.62
N ARG H 1791 142.32 -133.01 -20.83
CA ARG H 1791 140.92 -132.58 -21.05
C ARG H 1791 139.89 -133.71 -21.17
N ASP H 1792 140.29 -134.98 -21.25
CA ASP H 1792 139.35 -136.12 -21.22
C ASP H 1792 138.86 -136.45 -19.79
N GLY H 1793 139.40 -135.80 -18.74
CA GLY H 1793 139.05 -136.06 -17.34
C GLY H 1793 137.86 -135.24 -16.81
N THR H 1794 136.97 -135.88 -16.03
CA THR H 1794 135.73 -135.33 -15.45
C THR H 1794 135.90 -134.37 -14.26
N ARG H 1795 137.09 -133.79 -14.01
CA ARG H 1795 137.31 -132.90 -12.85
C ARG H 1795 136.81 -131.48 -13.13
N GLN H 1796 135.66 -131.12 -12.54
CA GLN H 1796 134.94 -129.86 -12.78
C GLN H 1796 135.46 -128.61 -12.04
N ASP H 1797 136.44 -128.74 -11.12
CA ASP H 1797 136.71 -127.67 -10.13
C ASP H 1797 138.08 -126.96 -10.21
N SER H 1798 138.83 -127.10 -11.31
CA SER H 1798 140.08 -126.32 -11.42
C SER H 1798 139.86 -124.95 -12.04
N GLN H 1799 140.18 -123.91 -11.25
CA GLN H 1799 140.20 -122.49 -11.63
C GLN H 1799 140.88 -122.27 -12.99
N VAL H 1800 140.24 -121.45 -13.82
CA VAL H 1800 140.62 -121.13 -15.20
C VAL H 1800 142.08 -120.63 -15.25
N SER H 1801 143.02 -121.47 -15.68
CA SER H 1801 144.28 -120.97 -16.22
C SER H 1801 143.98 -120.38 -17.59
N ILE H 1802 143.61 -119.11 -17.63
CA ILE H 1802 143.54 -118.32 -18.86
C ILE H 1802 144.96 -118.34 -19.42
N LEU H 1803 145.23 -119.16 -20.45
CA LEU H 1803 146.49 -119.06 -21.17
C LEU H 1803 146.54 -117.65 -21.79
N PRO H 1804 147.58 -116.84 -21.51
CA PRO H 1804 147.71 -115.52 -22.13
C PRO H 1804 147.76 -115.65 -23.65
N SER H 1805 147.17 -114.69 -24.37
CA SER H 1805 147.13 -114.65 -25.85
C SER H 1805 148.50 -114.63 -26.54
N TRP H 1806 149.60 -114.59 -25.80
CA TRP H 1806 150.97 -114.56 -26.31
C TRP H 1806 151.64 -115.95 -26.38
N ARG H 1807 151.04 -117.02 -25.82
CA ARG H 1807 151.55 -118.40 -25.98
C ARG H 1807 150.94 -119.07 -27.21
N LEU H 1808 151.77 -119.73 -28.02
CA LEU H 1808 151.31 -120.56 -29.13
C LEU H 1808 150.50 -121.77 -28.59
N PRO H 1809 149.36 -122.12 -29.22
CA PRO H 1809 148.59 -123.30 -28.85
C PRO H 1809 149.40 -124.59 -29.01
N SER H 1810 149.05 -125.63 -28.25
CA SER H 1810 149.70 -126.94 -28.37
C SER H 1810 149.14 -127.76 -29.53
N LEU H 1811 149.94 -128.67 -30.09
CA LEU H 1811 149.44 -129.63 -31.09
C LEU H 1811 148.30 -130.51 -30.52
N GLY H 1812 148.24 -130.65 -29.19
CA GLY H 1812 147.14 -131.32 -28.48
C GLY H 1812 145.76 -130.70 -28.75
N VAL H 1813 145.67 -129.39 -28.98
CA VAL H 1813 144.41 -128.70 -29.32
C VAL H 1813 143.87 -129.19 -30.67
N VAL H 1814 144.76 -129.39 -31.67
CA VAL H 1814 144.40 -129.89 -33.00
C VAL H 1814 143.87 -131.32 -32.92
N ILE H 1815 144.50 -132.20 -32.12
CA ILE H 1815 144.00 -133.57 -31.94
C ILE H 1815 142.67 -133.60 -31.20
N HIS H 1816 142.48 -132.76 -30.18
CA HIS H 1816 141.22 -132.69 -29.46
C HIS H 1816 140.09 -132.20 -30.37
N LEU H 1817 140.32 -131.13 -31.15
CA LEU H 1817 139.39 -130.64 -32.17
C LEU H 1817 139.06 -131.72 -33.20
N LEU H 1818 140.05 -132.49 -33.65
CA LEU H 1818 139.84 -133.62 -34.57
C LEU H 1818 138.93 -134.70 -33.97
N LYS H 1819 139.17 -135.13 -32.72
CA LYS H 1819 138.34 -136.10 -32.00
C LYS H 1819 136.91 -135.58 -31.82
N GLN H 1820 136.77 -134.33 -31.42
CA GLN H 1820 135.46 -133.71 -31.17
C GLN H 1820 134.67 -133.56 -32.47
N SER H 1821 135.27 -133.07 -33.54
CA SER H 1821 134.64 -132.94 -34.86
C SER H 1821 134.23 -134.30 -35.44
N ALA H 1822 135.03 -135.34 -35.23
CA ALA H 1822 134.66 -136.70 -35.62
C ALA H 1822 133.43 -137.23 -34.85
N ASN H 1823 133.33 -136.96 -33.54
CA ASN H 1823 132.17 -137.35 -32.75
C ASN H 1823 130.91 -136.57 -33.16
N ASN H 1824 131.04 -135.25 -33.29
CA ASN H 1824 129.94 -134.38 -33.68
C ASN H 1824 129.41 -134.73 -35.07
N PHE H 1825 130.28 -135.14 -36.00
CA PHE H 1825 129.88 -135.56 -37.34
C PHE H 1825 128.78 -136.63 -37.30
N PHE H 1826 128.95 -137.70 -36.50
CA PHE H 1826 127.95 -138.76 -36.40
C PHE H 1826 126.65 -138.26 -35.74
N THR H 1827 126.74 -137.44 -34.70
CA THR H 1827 125.56 -136.84 -34.05
C THR H 1827 124.78 -135.97 -35.03
N TYR H 1828 125.44 -135.12 -35.81
CA TYR H 1828 124.79 -134.28 -36.83
C TYR H 1828 124.22 -135.11 -37.98
N TYR H 1829 124.89 -136.19 -38.34
CA TYR H 1829 124.44 -137.10 -39.39
C TYR H 1829 123.13 -137.80 -39.00
N ASP H 1830 123.05 -138.31 -37.78
CA ASP H 1830 121.85 -138.97 -37.26
C ASP H 1830 120.67 -137.99 -37.15
N ILE H 1831 120.89 -136.79 -36.61
CA ILE H 1831 119.86 -135.74 -36.52
C ILE H 1831 119.41 -135.29 -37.92
N HIS H 1832 120.35 -135.10 -38.85
CA HIS H 1832 120.04 -134.75 -40.24
C HIS H 1832 119.15 -135.83 -40.87
N ARG H 1833 119.49 -137.12 -40.73
CA ARG H 1833 118.71 -138.24 -41.27
C ARG H 1833 117.31 -138.33 -40.65
N GLN H 1834 117.19 -138.16 -39.33
CA GLN H 1834 115.89 -138.13 -38.65
C GLN H 1834 115.03 -136.95 -39.13
N SER H 1835 115.62 -135.77 -39.30
CA SER H 1835 114.93 -134.55 -39.75
C SER H 1835 114.43 -134.67 -41.19
N VAL H 1836 115.23 -135.29 -42.08
CA VAL H 1836 114.81 -135.61 -43.44
C VAL H 1836 113.62 -136.57 -43.44
N GLY H 1837 113.66 -137.62 -42.59
CA GLY H 1837 112.52 -138.54 -42.44
C GLY H 1837 111.26 -137.86 -41.91
N LYS H 1838 111.38 -136.95 -40.94
CA LYS H 1838 110.26 -136.13 -40.45
C LYS H 1838 109.69 -135.22 -41.55
N LEU H 1839 110.54 -134.64 -42.41
CA LEU H 1839 110.11 -133.79 -43.52
C LEU H 1839 109.29 -134.57 -44.56
N GLN H 1840 109.66 -135.82 -44.84
CA GLN H 1840 108.93 -136.70 -45.77
C GLN H 1840 107.56 -137.11 -45.19
N ASN H 1841 107.46 -137.29 -43.87
CA ASN H 1841 106.25 -137.76 -43.18
C ASN H 1841 105.56 -136.68 -42.31
N VAL H 1842 105.65 -135.38 -42.66
CA VAL H 1842 105.14 -134.27 -41.81
C VAL H 1842 103.66 -134.43 -41.44
N GLU H 1843 102.84 -134.91 -42.38
CA GLU H 1843 101.40 -135.08 -42.17
C GLU H 1843 101.05 -136.24 -41.23
N GLN H 1844 102.01 -137.13 -40.95
CA GLN H 1844 101.89 -138.24 -40.01
C GLN H 1844 102.51 -137.92 -38.64
N LEU H 1845 103.08 -136.72 -38.44
CA LEU H 1845 103.67 -136.35 -37.17
C LEU H 1845 102.60 -136.15 -36.08
N PRO H 1846 102.89 -136.49 -34.81
CA PRO H 1846 101.99 -136.19 -33.70
C PRO H 1846 101.69 -134.68 -33.61
N PRO H 1847 100.45 -134.28 -33.23
CA PRO H 1847 100.08 -132.87 -33.11
C PRO H 1847 100.95 -132.09 -32.11
N ASP H 1848 101.48 -132.76 -31.09
CA ASP H 1848 102.43 -132.16 -30.13
C ASP H 1848 103.78 -131.82 -30.78
N GLU H 1849 104.31 -132.69 -31.65
CA GLU H 1849 105.54 -132.40 -32.41
C GLU H 1849 105.34 -131.28 -33.42
N ILE H 1850 104.18 -131.25 -34.10
CA ILE H 1850 103.83 -130.15 -35.02
C ILE H 1850 103.74 -128.85 -34.23
N LYS H 1851 103.16 -128.88 -33.02
CA LYS H 1851 103.06 -127.71 -32.15
C LYS H 1851 104.44 -127.21 -31.73
N GLU H 1852 105.36 -128.10 -31.33
CA GLU H 1852 106.74 -127.75 -30.99
C GLU H 1852 107.48 -127.13 -32.18
N LEU H 1853 107.35 -127.72 -33.37
CA LEU H 1853 107.92 -127.17 -34.61
C LEU H 1853 107.33 -125.79 -34.94
N CYS H 1854 106.02 -125.58 -34.76
CA CYS H 1854 105.36 -124.30 -35.03
C CYS H 1854 105.74 -123.21 -34.02
N GLN H 1855 105.76 -123.53 -32.72
CA GLN H 1855 106.09 -122.59 -31.66
C GLN H 1855 107.51 -122.03 -31.80
N SER H 1856 108.43 -122.81 -32.37
CA SER H 1856 109.80 -122.36 -32.63
C SER H 1856 109.93 -121.30 -33.73
N GLU H 1857 108.98 -121.21 -34.67
CA GLU H 1857 108.96 -120.15 -35.71
C GLU H 1857 108.00 -119.00 -35.34
N MET H 1858 106.94 -119.30 -34.57
CA MET H 1858 105.92 -118.35 -34.13
C MET H 1858 105.60 -118.58 -32.64
N PRO H 1859 106.28 -117.88 -31.71
CA PRO H 1859 106.06 -118.06 -30.27
C PRO H 1859 104.65 -117.61 -29.84
N VAL H 1860 104.14 -116.54 -30.46
CA VAL H 1860 102.82 -115.96 -30.14
C VAL H 1860 101.80 -116.41 -31.17
N GLY H 1861 100.74 -117.10 -30.73
CA GLY H 1861 99.54 -117.33 -31.54
C GLY H 1861 99.50 -118.63 -32.36
N ALA H 1862 100.42 -119.57 -32.16
CA ALA H 1862 100.41 -120.88 -32.85
C ALA H 1862 99.10 -121.67 -32.65
N ASP H 1863 98.32 -121.39 -31.59
CA ASP H 1863 97.03 -122.05 -31.36
C ASP H 1863 95.88 -121.49 -32.23
N LYS H 1864 95.99 -120.29 -32.81
CA LYS H 1864 94.92 -119.64 -33.60
C LYS H 1864 94.99 -119.88 -35.11
N ILE H 1865 96.01 -120.58 -35.61
CA ILE H 1865 96.25 -120.82 -37.04
C ILE H 1865 95.67 -122.15 -37.53
N SER H 1866 95.34 -122.22 -38.83
CA SER H 1866 94.76 -123.42 -39.47
C SER H 1866 95.75 -124.59 -39.48
N THR H 1867 95.24 -125.82 -39.61
CA THR H 1867 96.06 -127.04 -39.72
C THR H 1867 97.02 -126.99 -40.91
N THR H 1868 96.58 -126.48 -42.07
CA THR H 1868 97.42 -126.24 -43.25
C THR H 1868 98.57 -125.27 -42.98
N GLN H 1869 98.33 -124.20 -42.23
CA GLN H 1869 99.38 -123.25 -41.84
C GLN H 1869 100.38 -123.89 -40.86
N LYS H 1870 99.91 -124.73 -39.93
CA LYS H 1870 100.77 -125.49 -39.00
C LYS H 1870 101.72 -126.43 -39.74
N TYR H 1871 101.22 -127.22 -40.69
CA TYR H 1871 102.08 -128.08 -41.51
C TYR H 1871 103.11 -127.26 -42.32
N GLY H 1872 102.72 -126.10 -42.83
CA GLY H 1872 103.62 -125.19 -43.55
C GLY H 1872 104.75 -124.63 -42.69
N LEU H 1873 104.46 -124.23 -41.44
CA LEU H 1873 105.47 -123.78 -40.48
C LEU H 1873 106.40 -124.93 -40.06
N ALA H 1874 105.84 -126.11 -39.80
CA ALA H 1874 106.60 -127.30 -39.48
C ALA H 1874 107.59 -127.69 -40.60
N ARG H 1875 107.14 -127.69 -41.87
CA ARG H 1875 108.01 -127.91 -43.04
C ARG H 1875 109.15 -126.89 -43.11
N ARG H 1876 108.87 -125.60 -42.92
CA ARG H 1876 109.91 -124.55 -42.92
C ARG H 1876 110.97 -124.77 -41.85
N ARG H 1877 110.56 -125.11 -40.63
CA ARG H 1877 111.49 -125.40 -39.53
C ARG H 1877 112.35 -126.62 -39.83
N LEU H 1878 111.74 -127.70 -40.36
CA LEU H 1878 112.47 -128.90 -40.76
C LEU H 1878 113.49 -128.61 -41.87
N VAL H 1879 113.15 -127.80 -42.87
CA VAL H 1879 114.10 -127.40 -43.93
C VAL H 1879 115.27 -126.58 -43.37
N LYS H 1880 115.01 -125.60 -42.49
CA LYS H 1880 116.07 -124.85 -41.79
C LYS H 1880 116.98 -125.79 -40.98
N LEU H 1881 116.40 -126.73 -40.26
CA LEU H 1881 117.12 -127.72 -39.47
C LEU H 1881 118.00 -128.61 -40.35
N ILE H 1882 117.45 -129.14 -41.45
CA ILE H 1882 118.19 -129.96 -42.43
C ILE H 1882 119.37 -129.18 -43.00
N ASN H 1883 119.15 -127.95 -43.48
CA ASN H 1883 120.21 -127.12 -44.07
C ASN H 1883 121.30 -126.73 -43.06
N SER H 1884 120.92 -126.41 -41.82
CA SER H 1884 121.88 -126.12 -40.75
C SER H 1884 122.76 -127.34 -40.43
N ARG H 1885 122.17 -128.53 -40.36
CA ARG H 1885 122.89 -129.78 -40.09
C ARG H 1885 123.74 -130.21 -41.28
N ALA H 1886 123.30 -129.98 -42.51
CA ALA H 1886 124.10 -130.21 -43.72
C ALA H 1886 125.36 -129.33 -43.76
N LYS H 1887 125.25 -128.05 -43.36
CA LYS H 1887 126.39 -127.14 -43.19
C LYS H 1887 127.33 -127.57 -42.05
N LEU H 1888 126.79 -128.04 -40.93
CA LEU H 1888 127.60 -128.58 -39.84
C LEU H 1888 128.39 -129.82 -40.27
N LEU H 1889 127.78 -130.72 -41.06
CA LEU H 1889 128.46 -131.88 -41.63
C LEU H 1889 129.59 -131.47 -42.57
N SER H 1890 129.38 -130.46 -43.42
CA SER H 1890 130.43 -129.96 -44.32
C SER H 1890 131.58 -129.30 -43.57
N LEU H 1891 131.29 -128.51 -42.54
CA LEU H 1891 132.30 -127.89 -41.66
C LEU H 1891 133.08 -128.95 -40.87
N CYS H 1892 132.42 -129.95 -40.28
CA CYS H 1892 133.12 -131.04 -39.59
C CYS H 1892 134.05 -131.81 -40.52
N SER H 1893 133.58 -132.13 -41.73
CA SER H 1893 134.43 -132.78 -42.75
C SER H 1893 135.65 -131.93 -43.10
N TYR H 1894 135.45 -130.62 -43.36
CA TYR H 1894 136.54 -129.69 -43.67
C TYR H 1894 137.53 -129.55 -42.50
N ILE H 1895 137.05 -129.39 -41.27
CA ILE H 1895 137.90 -129.31 -40.06
C ILE H 1895 138.71 -130.59 -39.90
N ILE H 1896 138.11 -131.77 -40.13
CA ILE H 1896 138.81 -133.06 -40.06
C ILE H 1896 139.94 -133.12 -41.09
N GLU H 1897 139.66 -132.79 -42.35
CA GLU H 1897 140.66 -132.77 -43.43
C GLU H 1897 141.83 -131.83 -43.09
N THR H 1898 141.51 -130.62 -42.63
CA THR H 1898 142.51 -129.58 -42.33
C THR H 1898 143.30 -129.88 -41.06
N CYS H 1899 142.66 -130.42 -40.01
CA CYS H 1899 143.34 -130.91 -38.80
C CYS H 1899 144.33 -132.03 -39.14
N LEU H 1900 143.93 -133.00 -39.97
CA LEU H 1900 144.81 -134.08 -40.42
C LEU H 1900 145.98 -133.53 -41.23
N TYR H 1901 145.75 -132.56 -42.11
CA TYR H 1901 146.82 -131.92 -42.87
C TYR H 1901 147.83 -131.19 -41.97
N ILE H 1902 147.34 -130.36 -41.05
CA ILE H 1902 148.18 -129.59 -40.11
C ILE H 1902 148.93 -130.51 -39.16
N LEU H 1903 148.27 -131.55 -38.63
CA LEU H 1903 148.89 -132.57 -37.77
C LEU H 1903 149.99 -133.31 -38.52
N TRP H 1904 149.74 -133.74 -39.76
CA TRP H 1904 150.75 -134.37 -40.60
C TRP H 1904 151.96 -133.45 -40.82
N ARG H 1905 151.76 -132.18 -41.19
CA ARG H 1905 152.85 -131.22 -41.43
C ARG H 1905 153.67 -130.91 -40.18
N HIS H 1906 153.04 -130.78 -39.01
CA HIS H 1906 153.76 -130.53 -37.75
C HIS H 1906 154.51 -131.77 -37.28
N LEU H 1907 153.92 -132.98 -37.38
CA LEU H 1907 154.62 -134.23 -37.09
C LEU H 1907 155.78 -134.45 -38.07
N GLU H 1908 155.60 -134.15 -39.35
CA GLU H 1908 156.66 -134.21 -40.35
C GLU H 1908 157.83 -133.28 -39.97
N TYR H 1909 157.55 -132.01 -39.61
CA TYR H 1909 158.58 -131.08 -39.17
C TYR H 1909 159.27 -131.51 -37.87
N TYR H 1910 158.52 -131.76 -36.79
CA TYR H 1910 159.12 -132.10 -35.49
C TYR H 1910 159.84 -133.44 -35.50
N LEU H 1911 159.33 -134.45 -36.23
CA LEU H 1911 159.93 -135.79 -36.27
C LEU H 1911 161.02 -135.94 -37.32
N LEU H 1912 161.00 -135.21 -38.44
CA LEU H 1912 162.00 -135.37 -39.52
C LEU H 1912 162.93 -134.17 -39.72
N HIS H 1913 162.55 -132.94 -39.35
CA HIS H 1913 163.30 -131.72 -39.72
C HIS H 1913 163.74 -130.82 -38.56
N CYS H 1914 163.17 -130.95 -37.36
CA CYS H 1914 163.53 -130.13 -36.21
C CYS H 1914 164.91 -130.54 -35.63
N THR H 1915 165.84 -129.58 -35.56
CA THR H 1915 167.13 -129.72 -34.85
C THR H 1915 166.92 -129.46 -33.36
N THR H 1916 167.27 -130.45 -32.52
CA THR H 1916 167.06 -130.37 -31.07
C THR H 1916 168.20 -129.60 -30.41
N SER H 1917 167.86 -128.85 -29.35
CA SER H 1917 168.82 -127.95 -28.70
C SER H 1917 169.99 -128.63 -27.97
N ASP H 1918 169.98 -129.97 -27.84
CA ASP H 1918 171.04 -130.73 -27.17
C ASP H 1918 171.98 -131.49 -28.12
N SER H 1919 171.91 -131.28 -29.45
CA SER H 1919 172.83 -131.94 -30.40
C SER H 1919 174.03 -131.05 -30.81
N GLN H 1920 175.23 -131.39 -30.32
CA GLN H 1920 176.59 -130.82 -30.57
C GLN H 1920 176.91 -129.48 -29.89
N ASP H 1921 178.11 -129.18 -29.37
CA ASP H 1921 179.28 -129.90 -28.84
C ASP H 1921 180.20 -128.78 -28.24
N PRO H 1922 180.88 -128.97 -27.10
CA PRO H 1922 181.63 -127.89 -26.43
C PRO H 1922 183.10 -127.90 -26.84
N VAL H 1923 183.55 -126.99 -27.73
CA VAL H 1923 184.99 -126.83 -28.01
C VAL H 1923 185.37 -125.36 -28.26
N PHE H 1924 186.05 -124.79 -27.25
CA PHE H 1924 186.87 -123.57 -27.21
C PHE H 1924 186.21 -122.19 -27.37
N SER H 1925 185.97 -121.52 -26.24
CA SER H 1925 186.81 -120.37 -25.84
C SER H 1925 186.47 -119.91 -24.42
N ASN H 1926 187.50 -119.92 -23.56
CA ASN H 1926 187.53 -119.20 -22.29
C ASN H 1926 187.24 -117.72 -22.52
N MET H 1927 186.32 -117.11 -21.76
CA MET H 1927 186.64 -115.94 -20.95
C MET H 1927 185.58 -115.71 -19.86
N THR H 1928 186.12 -115.46 -18.68
CA THR H 1928 185.53 -115.14 -17.39
C THR H 1928 184.87 -113.75 -17.30
N PHE H 1929 184.09 -113.58 -16.22
CA PHE H 1929 183.51 -112.35 -15.63
C PHE H 1929 182.21 -111.84 -16.28
N GLY H 1930 181.16 -111.44 -15.55
CA GLY H 1930 180.96 -111.22 -14.12
C GLY H 1930 179.72 -110.33 -13.96
N ASN H 1931 178.87 -110.66 -12.99
CA ASN H 1931 177.66 -109.95 -12.57
C ASN H 1931 177.77 -108.41 -12.57
N ARG H 1932 176.84 -107.70 -13.24
CA ARG H 1932 176.01 -106.61 -12.67
C ARG H 1932 175.17 -105.84 -13.71
N ARG H 1933 173.89 -105.67 -13.35
CA ARG H 1933 172.99 -104.51 -13.55
C ARG H 1933 173.16 -103.64 -14.79
N PHE H 1934 172.13 -103.60 -15.63
CA PHE H 1934 171.90 -102.50 -16.58
C PHE H 1934 170.75 -101.61 -16.12
N GLN H 1935 171.11 -100.35 -15.91
CA GLN H 1935 170.30 -99.15 -16.00
C GLN H 1935 170.97 -98.32 -17.12
N ASP H 1936 170.14 -97.73 -17.98
CA ASP H 1936 170.40 -96.61 -18.89
C ASP H 1936 171.34 -96.69 -20.12
N THR H 1937 170.90 -95.92 -21.13
CA THR H 1937 171.63 -95.10 -22.15
C THR H 1937 171.99 -95.66 -23.54
N PHE H 1938 171.28 -95.10 -24.56
CA PHE H 1938 171.68 -94.67 -25.91
C PHE H 1938 172.71 -95.49 -26.73
N ASN H 1939 172.29 -96.11 -27.84
CA ASN H 1939 172.64 -95.67 -29.20
C ASN H 1939 171.98 -96.55 -30.29
N THR H 1940 171.76 -95.91 -31.43
CA THR H 1940 171.20 -96.39 -32.70
C THR H 1940 172.00 -97.53 -33.35
N ASP H 1941 171.31 -98.64 -33.67
CA ASP H 1941 171.68 -99.54 -34.77
C ASP H 1941 170.36 -100.08 -35.41
N PRO H 1942 170.00 -99.69 -36.65
CA PRO H 1942 168.66 -99.89 -37.20
C PRO H 1942 168.54 -101.15 -38.09
N ASN H 1943 169.14 -102.27 -37.70
CA ASN H 1943 169.09 -103.51 -38.50
C ASN H 1943 168.32 -104.66 -37.82
N MET H 1944 167.20 -104.32 -37.15
CA MET H 1944 166.27 -105.31 -36.59
C MET H 1944 165.38 -105.90 -37.70
N ASP H 1945 165.94 -106.85 -38.46
CA ASP H 1945 165.18 -107.71 -39.38
C ASP H 1945 164.19 -108.56 -38.56
N PRO H 1946 162.85 -108.44 -38.74
CA PRO H 1946 161.85 -109.05 -37.84
C PRO H 1946 161.65 -110.56 -38.02
N ARG H 1947 162.57 -111.29 -38.68
CA ARG H 1947 162.54 -112.76 -38.86
C ARG H 1947 162.73 -113.58 -37.57
N ASN H 1948 162.63 -112.96 -36.39
CA ASN H 1948 162.96 -113.56 -35.09
C ASN H 1948 161.84 -114.38 -34.43
N LEU H 1949 160.82 -114.86 -35.16
CA LEU H 1949 159.92 -115.91 -34.64
C LEU H 1949 160.57 -117.33 -34.62
N ARG H 1950 161.87 -117.45 -34.95
CA ARG H 1950 162.59 -118.73 -35.14
C ARG H 1950 163.17 -119.39 -33.88
N GLN H 1951 162.93 -118.90 -32.66
CA GLN H 1951 163.51 -119.50 -31.45
C GLN H 1951 162.46 -120.04 -30.46
N ASN H 1952 161.78 -121.14 -30.81
CA ASN H 1952 161.30 -122.07 -29.79
C ASN H 1952 162.34 -123.19 -29.69
N LYS H 1953 163.18 -123.16 -28.65
CA LYS H 1953 164.13 -124.24 -28.35
C LYS H 1953 163.33 -125.49 -27.97
N VAL H 1954 163.18 -126.43 -28.91
CA VAL H 1954 162.56 -127.75 -28.65
C VAL H 1954 163.64 -128.67 -28.08
N SER H 1955 163.38 -129.30 -26.94
CA SER H 1955 164.29 -130.28 -26.34
C SER H 1955 164.09 -131.66 -26.99
N GLN H 1956 165.10 -132.53 -26.93
CA GLN H 1956 164.94 -133.93 -27.38
C GLN H 1956 163.84 -134.66 -26.57
N GLN H 1957 163.70 -134.33 -25.28
CA GLN H 1957 162.63 -134.85 -24.43
C GLN H 1957 161.24 -134.49 -24.97
N ASP H 1958 161.05 -133.27 -25.48
CA ASP H 1958 159.76 -132.85 -26.04
C ASP H 1958 159.38 -133.69 -27.27
N VAL H 1959 160.33 -134.00 -28.16
CA VAL H 1959 160.11 -134.82 -29.36
C VAL H 1959 159.80 -136.27 -29.01
N ASP H 1960 160.51 -136.87 -28.05
CA ASP H 1960 160.25 -138.23 -27.59
C ASP H 1960 158.88 -138.34 -26.89
N THR H 1961 158.50 -137.33 -26.12
CA THR H 1961 157.14 -137.24 -25.55
C THR H 1961 156.08 -137.08 -26.64
N LEU H 1962 156.36 -136.28 -27.69
CA LEU H 1962 155.45 -136.10 -28.82
C LEU H 1962 155.21 -137.41 -29.59
N LEU H 1963 156.24 -138.23 -29.83
CA LEU H 1963 156.10 -139.55 -30.47
C LEU H 1963 155.22 -140.50 -29.63
N ARG H 1964 155.50 -140.59 -28.32
CA ARG H 1964 154.80 -141.49 -27.41
C ARG H 1964 153.35 -141.07 -27.18
N GLU H 1965 153.12 -139.78 -26.95
CA GLU H 1965 151.77 -139.20 -26.78
C GLU H 1965 151.01 -139.18 -28.11
N GLY H 1966 151.69 -139.00 -29.25
CA GLY H 1966 151.10 -138.99 -30.58
C GLY H 1966 150.51 -140.34 -30.97
N ALA H 1967 151.24 -141.43 -30.70
CA ALA H 1967 150.76 -142.79 -30.92
C ALA H 1967 149.53 -143.13 -30.06
N ASN H 1968 149.49 -142.65 -28.81
CA ASN H 1968 148.36 -142.88 -27.90
C ASN H 1968 147.14 -142.01 -28.25
N SER H 1969 147.35 -140.75 -28.61
CA SER H 1969 146.28 -139.78 -28.86
C SER H 1969 145.63 -139.95 -30.24
N PHE H 1970 146.37 -140.42 -31.25
CA PHE H 1970 145.90 -140.77 -32.59
C PHE H 1970 145.72 -142.30 -32.77
N GLY H 1971 145.05 -142.97 -31.81
CA GLY H 1971 144.88 -144.42 -31.78
C GLY H 1971 143.92 -145.02 -32.83
N GLU H 1972 143.85 -146.36 -32.89
CA GLU H 1972 143.06 -147.11 -33.89
C GLU H 1972 141.57 -146.76 -33.92
N SER H 1973 140.98 -146.45 -32.76
CA SER H 1973 139.56 -146.07 -32.64
C SER H 1973 139.23 -144.76 -33.37
N LEU H 1974 140.07 -143.74 -33.21
CA LEU H 1974 139.94 -142.47 -33.93
C LEU H 1974 140.17 -142.68 -35.43
N GLN H 1975 141.20 -143.45 -35.80
CA GLN H 1975 141.49 -143.75 -37.20
C GLN H 1975 140.33 -144.48 -37.89
N LYS H 1976 139.69 -145.44 -37.21
CA LYS H 1976 138.50 -146.14 -37.74
C LYS H 1976 137.34 -145.18 -37.95
N ARG H 1977 137.01 -144.34 -36.95
CA ARG H 1977 135.95 -143.32 -37.08
C ARG H 1977 136.18 -142.36 -38.23
N LEU H 1978 137.42 -141.90 -38.43
CA LEU H 1978 137.77 -141.00 -39.53
C LEU H 1978 137.55 -141.66 -40.91
N LEU H 1979 137.87 -142.95 -41.04
CA LEU H 1979 137.61 -143.73 -42.26
C LEU H 1979 136.11 -143.99 -42.47
N ASP H 1980 135.35 -144.21 -41.40
CA ASP H 1980 133.89 -144.38 -41.46
C ASP H 1980 133.21 -143.08 -41.94
N ILE H 1981 133.66 -141.90 -41.48
CA ILE H 1981 133.16 -140.58 -41.93
C ILE H 1981 133.38 -140.40 -43.44
N GLU H 1982 134.57 -140.72 -43.93
CA GLU H 1982 134.88 -140.67 -45.38
C GLU H 1982 133.94 -141.59 -46.17
N SER H 1983 133.62 -142.77 -45.63
CA SER H 1983 132.71 -143.73 -46.28
C SER H 1983 131.25 -143.27 -46.35
N LEU H 1984 130.76 -142.54 -45.32
CA LEU H 1984 129.39 -142.06 -45.21
C LEU H 1984 129.16 -140.74 -45.97
N TYR H 1985 130.14 -139.83 -45.96
CA TYR H 1985 129.99 -138.46 -46.48
C TYR H 1985 130.71 -138.23 -47.81
N CYS H 1986 131.99 -138.62 -47.92
CA CYS H 1986 132.81 -138.32 -49.09
C CYS H 1986 132.50 -139.21 -50.30
N LYS H 1987 131.68 -140.26 -50.15
CA LYS H 1987 131.17 -141.02 -51.29
C LYS H 1987 130.30 -140.19 -52.24
N VAL H 1988 129.60 -139.18 -51.72
CA VAL H 1988 128.60 -138.42 -52.49
C VAL H 1988 129.15 -137.09 -53.06
N ARG H 1989 130.29 -136.61 -52.55
CA ARG H 1989 130.95 -135.37 -53.01
C ARG H 1989 132.38 -135.72 -53.45
N SER H 1990 132.76 -135.40 -54.69
CA SER H 1990 133.88 -135.91 -55.53
C SER H 1990 135.33 -135.98 -54.97
N ARG H 1991 135.57 -135.88 -53.65
CA ARG H 1991 136.89 -135.98 -52.99
C ARG H 1991 137.12 -137.36 -52.34
N HIS H 1992 137.17 -138.42 -53.14
CA HIS H 1992 137.52 -139.75 -52.62
C HIS H 1992 139.00 -139.82 -52.21
N SER H 1993 139.31 -140.37 -51.03
CA SER H 1993 140.64 -140.82 -50.52
C SER H 1993 141.56 -139.82 -49.79
N PHE H 1994 141.19 -138.55 -49.60
CA PHE H 1994 142.07 -137.56 -48.94
C PHE H 1994 142.29 -137.86 -47.43
N ILE H 1995 141.22 -138.19 -46.71
CA ILE H 1995 141.30 -138.55 -45.28
C ILE H 1995 142.10 -139.84 -45.11
N GLN H 1996 141.79 -140.88 -45.89
CA GLN H 1996 142.55 -142.14 -45.89
C GLN H 1996 144.05 -141.92 -46.15
N ALA H 1997 144.43 -141.05 -47.09
CA ALA H 1997 145.82 -140.76 -47.41
C ALA H 1997 146.56 -140.09 -46.24
N LEU H 1998 145.96 -139.08 -45.60
CA LEU H 1998 146.56 -138.39 -44.45
C LEU H 1998 146.64 -139.31 -43.22
N VAL H 1999 145.61 -140.10 -42.94
CA VAL H 1999 145.63 -141.11 -41.86
C VAL H 1999 146.78 -142.10 -42.07
N ARG H 2000 147.01 -142.56 -43.31
CA ARG H 2000 148.15 -143.44 -43.64
C ARG H 2000 149.51 -142.73 -43.44
N ARG H 2001 149.66 -141.47 -43.84
CA ARG H 2001 150.91 -140.70 -43.66
C ARG H 2001 151.22 -140.43 -42.19
N ILE H 2002 150.25 -140.00 -41.40
CA ILE H 2002 150.40 -139.77 -39.95
C ILE H 2002 150.72 -141.08 -39.23
N ARG H 2003 150.01 -142.17 -39.57
CA ARG H 2003 150.32 -143.52 -39.07
C ARG H 2003 151.76 -143.94 -39.44
N GLY H 2004 152.23 -143.57 -40.63
CA GLY H 2004 153.62 -143.74 -41.06
C GLY H 2004 154.60 -143.02 -40.13
N LEU H 2005 154.44 -141.70 -39.97
CA LEU H 2005 155.31 -140.86 -39.12
C LEU H 2005 155.37 -141.32 -37.67
N LEU H 2006 154.23 -141.70 -37.07
CA LEU H 2006 154.16 -142.16 -35.68
C LEU H 2006 154.73 -143.59 -35.47
N ARG H 2007 154.92 -144.37 -36.54
CA ARG H 2007 155.60 -145.67 -36.50
C ARG H 2007 157.10 -145.58 -36.79
N VAL H 2008 157.60 -144.44 -37.30
CA VAL H 2008 159.03 -144.25 -37.47
C VAL H 2008 159.67 -144.08 -36.09
N SER H 2009 160.29 -145.13 -35.56
CA SER H 2009 161.37 -144.95 -34.59
C SER H 2009 162.48 -144.19 -35.34
N ARG H 2010 162.86 -142.99 -34.90
CA ARG H 2010 164.10 -142.38 -35.40
C ARG H 2010 165.22 -143.42 -35.21
N VAL H 2011 165.92 -143.72 -36.31
CA VAL H 2011 167.16 -144.51 -36.32
C VAL H 2011 168.29 -143.61 -35.85
N MET I 1 -53.79 -89.83 2.43
CA MET I 1 -52.92 -90.04 3.62
C MET I 1 -52.39 -88.76 4.22
N ALA I 2 -52.03 -87.72 3.44
CA ALA I 2 -51.59 -86.42 3.98
C ALA I 2 -52.58 -85.77 4.97
N ALA I 3 -53.90 -85.93 4.77
CA ALA I 3 -54.91 -85.34 5.66
C ALA I 3 -54.90 -85.91 7.10
N GLN I 4 -54.56 -87.19 7.31
CA GLN I 4 -54.46 -87.76 8.66
C GLN I 4 -53.18 -87.32 9.40
N LEU I 5 -52.10 -87.02 8.66
CA LEU I 5 -50.90 -86.40 9.23
C LEU I 5 -51.11 -84.91 9.54
N ALA I 6 -51.92 -84.21 8.73
CA ALA I 6 -52.25 -82.80 8.97
C ALA I 6 -53.08 -82.60 10.26
N LEU I 7 -54.02 -83.51 10.57
CA LEU I 7 -54.86 -83.43 11.78
C LEU I 7 -54.07 -83.52 13.10
N ASN I 8 -52.94 -84.24 13.13
CA ASN I 8 -52.06 -84.22 14.30
C ASN I 8 -51.10 -83.01 14.29
N SER I 9 -50.94 -82.31 13.16
CA SER I 9 -50.08 -81.12 13.08
C SER I 9 -50.56 -79.98 13.97
N GLU I 10 -51.87 -79.81 14.10
CA GLU I 10 -52.54 -78.73 14.83
C GLU I 10 -52.50 -78.87 16.37
N ALA I 11 -52.01 -79.99 16.92
CA ALA I 11 -52.05 -80.25 18.37
C ALA I 11 -50.81 -79.73 19.14
N SER I 12 -49.70 -79.39 18.49
CA SER I 12 -48.44 -79.07 19.19
C SER I 12 -48.31 -77.58 19.50
N LEU I 13 -48.05 -77.26 20.78
CA LEU I 13 -48.08 -75.89 21.32
C LEU I 13 -46.72 -75.19 21.44
N TRP I 14 -45.61 -75.86 21.11
CA TRP I 14 -44.26 -75.28 21.28
C TRP I 14 -43.36 -75.44 20.07
N GLY I 15 -43.05 -76.68 19.65
CA GLY I 15 -42.12 -76.94 18.54
C GLY I 15 -42.43 -76.14 17.27
N PRO I 16 -43.68 -76.18 16.75
CA PRO I 16 -44.09 -75.38 15.60
C PRO I 16 -43.91 -73.87 15.79
N TYR I 17 -44.22 -73.34 16.98
CA TYR I 17 -44.13 -71.90 17.25
C TYR I 17 -42.67 -71.43 17.33
N ARG I 18 -41.78 -72.27 17.87
CA ARG I 18 -40.34 -72.01 17.85
C ARG I 18 -39.76 -72.06 16.43
N GLU I 19 -40.22 -72.99 15.59
CA GLU I 19 -39.86 -73.04 14.16
C GLU I 19 -40.32 -71.80 13.38
N ILE I 20 -41.54 -71.30 13.65
CA ILE I 20 -42.05 -70.06 13.05
C ILE I 20 -41.12 -68.90 13.41
N TRP I 21 -40.82 -68.74 14.69
CA TRP I 21 -39.97 -67.65 15.17
C TRP I 21 -38.56 -67.70 14.59
N GLN I 22 -37.92 -68.88 14.57
CA GLN I 22 -36.61 -69.04 13.94
C GLN I 22 -36.61 -68.73 12.44
N THR I 23 -37.69 -69.08 11.72
CA THR I 23 -37.83 -68.76 10.30
C THR I 23 -38.01 -67.26 10.07
N VAL I 24 -38.82 -66.60 10.91
CA VAL I 24 -39.04 -65.14 10.87
C VAL I 24 -37.74 -64.39 11.17
N LEU I 25 -37.02 -64.78 12.22
CA LEU I 25 -35.70 -64.22 12.55
C LEU I 25 -34.71 -64.38 11.40
N SER I 26 -34.62 -65.58 10.81
CA SER I 26 -33.65 -65.86 9.75
C SER I 26 -33.93 -65.07 8.47
N ALA I 27 -35.21 -64.89 8.11
CA ALA I 27 -35.60 -64.16 6.92
C ALA I 27 -35.57 -62.64 7.10
N LEU I 28 -36.05 -62.12 8.24
CA LEU I 28 -36.22 -60.68 8.46
C LEU I 28 -35.07 -60.05 9.24
N ILE I 29 -34.58 -60.66 10.31
CA ILE I 29 -33.48 -60.06 11.08
C ILE I 29 -32.13 -60.40 10.44
N LYS I 30 -31.89 -61.69 10.17
CA LYS I 30 -30.63 -62.19 9.58
C LYS I 30 -30.53 -61.99 8.06
N ARG I 31 -31.63 -61.60 7.39
CA ARG I 31 -31.70 -61.34 5.93
C ARG I 31 -31.22 -62.50 5.05
N GLN I 32 -31.41 -63.74 5.48
CA GLN I 32 -30.97 -64.91 4.72
C GLN I 32 -31.90 -65.15 3.50
N PRO I 33 -31.38 -65.10 2.26
CA PRO I 33 -32.22 -65.21 1.06
C PRO I 33 -32.90 -66.58 0.95
N GLU I 34 -32.23 -67.64 1.40
CA GLU I 34 -32.76 -69.01 1.42
C GLU I 34 -33.99 -69.16 2.33
N ALA I 35 -34.07 -68.37 3.40
CA ALA I 35 -35.15 -68.42 4.39
C ALA I 35 -36.45 -67.76 3.88
N VAL I 36 -36.38 -66.92 2.84
CA VAL I 36 -37.56 -66.19 2.31
C VAL I 36 -38.62 -67.15 1.75
N HIS I 37 -38.19 -68.22 1.06
CA HIS I 37 -39.12 -69.23 0.55
C HIS I 37 -39.80 -70.00 1.71
N SER I 38 -39.03 -70.33 2.74
CA SER I 38 -39.54 -70.98 3.95
C SER I 38 -40.52 -70.08 4.71
N LEU I 39 -40.24 -68.77 4.76
CA LEU I 39 -41.14 -67.77 5.37
C LEU I 39 -42.52 -67.78 4.70
N ASP I 40 -42.61 -67.75 3.36
CA ASP I 40 -43.89 -67.79 2.64
C ASP I 40 -44.71 -69.05 2.97
N ILE I 41 -44.06 -70.22 3.01
CA ILE I 41 -44.71 -71.50 3.36
C ILE I 41 -45.22 -71.47 4.81
N VAL I 42 -44.39 -70.99 5.73
CA VAL I 42 -44.71 -70.92 7.17
C VAL I 42 -45.85 -69.95 7.44
N LEU I 43 -45.83 -68.76 6.84
CA LEU I 43 -46.91 -67.76 6.98
C LEU I 43 -48.23 -68.29 6.43
N LYS I 44 -48.24 -68.96 5.28
CA LYS I 44 -49.46 -69.58 4.72
C LYS I 44 -49.99 -70.71 5.60
N LYS I 45 -49.10 -71.56 6.13
CA LYS I 45 -49.46 -72.73 6.95
C LYS I 45 -50.04 -72.33 8.32
N TYR I 46 -49.41 -71.36 9.00
CA TYR I 46 -49.76 -70.97 10.37
C TYR I 46 -50.57 -69.67 10.46
N LYS I 47 -51.08 -69.16 9.33
CA LYS I 47 -52.02 -68.02 9.32
C LYS I 47 -53.18 -68.17 10.33
N PRO I 48 -53.81 -69.35 10.51
CA PRO I 48 -54.88 -69.52 11.51
C PRO I 48 -54.43 -69.29 12.96
N ASP I 49 -53.18 -69.66 13.30
CA ASP I 49 -52.61 -69.44 14.64
C ASP I 49 -52.38 -67.95 14.91
N PHE I 50 -51.86 -67.20 13.92
CA PHE I 50 -51.74 -65.73 14.02
C PHE I 50 -53.09 -65.03 14.10
N ILE I 51 -54.09 -65.47 13.32
CA ILE I 51 -55.45 -64.89 13.37
C ILE I 51 -56.09 -65.14 14.73
N SER I 52 -55.95 -66.35 15.29
CA SER I 52 -56.61 -66.71 16.55
C SER I 52 -55.86 -66.24 17.79
N LEU I 53 -54.55 -65.99 17.68
CA LEU I 53 -53.58 -65.49 18.67
C LEU I 53 -53.79 -66.01 20.10
N PHE I 54 -52.86 -66.83 20.57
CA PHE I 54 -52.87 -67.46 21.90
C PHE I 54 -54.06 -68.40 22.18
N LYS I 55 -54.99 -68.59 21.24
CA LYS I 55 -56.08 -69.57 21.39
C LYS I 55 -55.54 -71.00 21.50
N ASN I 56 -55.97 -71.72 22.52
CA ASN I 56 -55.58 -73.11 22.74
C ASN I 56 -56.45 -74.09 21.93
N PRO I 57 -55.91 -75.25 21.51
CA PRO I 57 -56.70 -76.31 20.89
C PRO I 57 -57.75 -76.83 21.88
N PRO I 58 -59.03 -76.97 21.49
CA PRO I 58 -60.12 -77.28 22.41
C PRO I 58 -60.10 -78.74 22.88
N LYS I 59 -60.66 -78.99 24.07
CA LYS I 59 -60.91 -80.35 24.59
C LYS I 59 -61.91 -81.13 23.75
N SER I 60 -61.73 -82.44 23.68
CA SER I 60 -62.62 -83.33 22.92
C SER I 60 -62.81 -84.66 23.65
N ALA I 61 -64.06 -85.10 23.80
CA ALA I 61 -64.39 -86.39 24.41
C ALA I 61 -63.70 -87.57 23.70
N GLN I 62 -63.51 -87.49 22.38
CA GLN I 62 -62.78 -88.51 21.61
C GLN I 62 -61.28 -88.53 21.96
N GLN I 63 -60.67 -87.38 22.21
CA GLN I 63 -59.27 -87.30 22.63
C GLN I 63 -59.10 -87.81 24.06
N HIS I 64 -60.02 -87.45 24.94
CA HIS I 64 -60.09 -87.94 26.32
C HIS I 64 -60.10 -89.48 26.39
N GLU I 65 -61.03 -90.13 25.66
CA GLU I 65 -61.12 -91.60 25.63
C GLU I 65 -59.85 -92.25 25.04
N ARG I 66 -59.25 -91.66 24.00
CA ARG I 66 -58.01 -92.17 23.39
C ARG I 66 -56.83 -92.10 24.37
N VAL I 67 -56.66 -90.97 25.06
CA VAL I 67 -55.59 -90.77 26.06
C VAL I 67 -55.80 -91.67 27.26
N GLN I 68 -57.04 -91.88 27.69
CA GLN I 68 -57.36 -92.82 28.76
C GLN I 68 -57.02 -94.28 28.40
N LYS I 69 -57.24 -94.71 27.15
CA LYS I 69 -56.90 -96.05 26.64
C LYS I 69 -55.45 -96.19 26.19
N ALA I 70 -54.64 -95.13 26.26
CA ALA I 70 -53.27 -95.11 25.74
C ALA I 70 -52.30 -96.04 26.46
N SER I 71 -52.61 -96.45 27.69
CA SER I 71 -51.84 -97.44 28.45
C SER I 71 -51.97 -98.86 27.89
N THR I 72 -53.01 -99.16 27.09
CA THR I 72 -53.25 -100.49 26.51
C THR I 72 -53.24 -100.51 24.98
N GLU I 73 -53.91 -99.58 24.31
CA GLU I 73 -54.05 -99.57 22.84
C GLU I 73 -52.91 -98.78 22.14
N GLY I 74 -52.21 -97.92 22.90
CA GLY I 74 -51.18 -97.01 22.40
C GLY I 74 -51.76 -95.84 21.57
N ILE I 75 -51.04 -94.71 21.54
CA ILE I 75 -51.42 -93.52 20.76
C ILE I 75 -50.43 -93.26 19.62
N PRO I 76 -50.89 -92.88 18.42
CA PRO I 76 -50.02 -92.36 17.36
C PRO I 76 -49.57 -90.94 17.71
N ILE I 77 -48.27 -90.75 17.90
CA ILE I 77 -47.62 -89.45 18.16
C ILE I 77 -46.98 -88.94 16.86
N LYS I 78 -46.92 -87.62 16.66
CA LYS I 78 -46.20 -86.98 15.53
C LYS I 78 -44.86 -87.65 15.23
N GLY I 79 -44.58 -87.86 13.94
CA GLY I 79 -43.29 -88.38 13.44
C GLY I 79 -43.07 -89.88 13.60
N THR I 80 -43.93 -90.60 14.34
CA THR I 80 -43.75 -92.04 14.58
C THR I 80 -44.84 -92.85 13.87
N GLN I 81 -44.46 -93.79 12.99
CA GLN I 81 -45.44 -94.67 12.32
C GLN I 81 -46.08 -95.72 13.26
N ARG I 82 -45.48 -95.94 14.45
CA ARG I 82 -45.96 -96.90 15.46
C ARG I 82 -46.71 -96.17 16.57
N THR I 83 -47.77 -96.80 17.09
CA THR I 83 -48.44 -96.36 18.33
C THR I 83 -47.51 -96.59 19.53
N ARG I 84 -47.44 -95.61 20.43
CA ARG I 84 -46.63 -95.67 21.66
C ARG I 84 -47.55 -95.88 22.85
N ILE I 85 -47.22 -96.85 23.70
CA ILE I 85 -47.90 -97.05 24.98
C ILE I 85 -47.42 -95.97 25.96
N LEU I 86 -48.36 -95.29 26.62
CA LEU I 86 -48.08 -94.24 27.59
C LEU I 86 -48.20 -94.78 29.02
N GLU I 87 -47.29 -94.35 29.90
CA GLU I 87 -47.36 -94.69 31.33
C GLU I 87 -48.57 -94.03 32.00
N GLU I 88 -49.18 -94.70 32.98
CA GLU I 88 -50.32 -94.13 33.73
C GLU I 88 -50.00 -92.80 34.41
N GLN I 89 -48.75 -92.57 34.82
CA GLN I 89 -48.31 -91.30 35.40
C GLN I 89 -48.41 -90.16 34.37
N LEU I 90 -47.92 -90.39 33.15
CA LEU I 90 -47.98 -89.40 32.06
C LEU I 90 -49.42 -89.10 31.65
N ILE I 91 -50.30 -90.10 31.64
CA ILE I 91 -51.73 -89.91 31.36
C ILE I 91 -52.37 -88.99 32.41
N LYS I 92 -52.08 -89.18 33.71
CA LYS I 92 -52.57 -88.32 34.79
C LYS I 92 -52.05 -86.89 34.69
N GLU I 93 -50.75 -86.73 34.42
CA GLU I 93 -50.14 -85.41 34.20
C GLU I 93 -50.76 -84.68 33.00
N ALA I 94 -51.09 -85.41 31.93
CA ALA I 94 -51.72 -84.84 30.74
C ALA I 94 -53.11 -84.29 31.05
N PHE I 95 -53.91 -84.98 31.88
CA PHE I 95 -55.21 -84.47 32.33
C PHE I 95 -55.05 -83.21 33.21
N ILE I 96 -54.06 -83.17 34.10
CA ILE I 96 -53.78 -81.98 34.93
C ILE I 96 -53.43 -80.77 34.04
N LEU I 97 -52.53 -80.94 33.07
CA LEU I 97 -52.16 -79.86 32.12
C LEU I 97 -53.33 -79.45 31.23
N SER I 98 -54.14 -80.42 30.79
CA SER I 98 -55.37 -80.18 30.04
C SER I 98 -56.38 -79.34 30.84
N ASP I 99 -56.56 -79.62 32.13
CA ASP I 99 -57.42 -78.85 33.03
C ASP I 99 -56.85 -77.47 33.37
N LEU I 100 -55.54 -77.36 33.60
CA LEU I 100 -54.86 -76.12 33.96
C LEU I 100 -54.97 -75.05 32.85
N TYR I 101 -54.69 -75.42 31.60
CA TYR I 101 -54.68 -74.49 30.45
C TYR I 101 -55.88 -74.63 29.52
N ASN I 102 -56.84 -75.50 29.86
CA ASN I 102 -57.99 -75.82 29.00
C ASN I 102 -57.58 -76.21 27.57
N ILE I 103 -56.59 -77.09 27.44
CA ILE I 103 -56.05 -77.58 26.15
C ILE I 103 -56.51 -79.01 25.88
N GLY I 104 -56.66 -79.40 24.61
CA GLY I 104 -56.98 -80.79 24.23
C GLY I 104 -55.99 -81.81 24.79
N GLU I 105 -56.48 -83.00 25.15
CA GLU I 105 -55.69 -84.01 25.86
C GLU I 105 -54.49 -84.52 25.03
N ILE I 106 -54.61 -84.56 23.70
CA ILE I 106 -53.47 -84.91 22.82
C ILE I 106 -52.40 -83.82 22.85
N ALA I 107 -52.80 -82.53 22.85
CA ALA I 107 -51.86 -81.42 22.95
C ALA I 107 -51.12 -81.42 24.29
N ALA I 108 -51.81 -81.76 25.38
CA ALA I 108 -51.19 -81.93 26.70
C ALA I 108 -50.18 -83.10 26.72
N VAL I 109 -50.52 -84.23 26.11
CA VAL I 109 -49.59 -85.36 25.95
C VAL I 109 -48.36 -84.96 25.12
N GLU I 110 -48.55 -84.28 23.98
CA GLU I 110 -47.43 -83.82 23.15
C GLU I 110 -46.52 -82.83 23.90
N LEU I 111 -47.11 -81.86 24.62
CA LEU I 111 -46.35 -80.90 25.41
C LEU I 111 -45.55 -81.57 26.55
N LEU I 112 -46.11 -82.61 27.20
CA LEU I 112 -45.40 -83.41 28.20
C LEU I 112 -44.27 -84.25 27.61
N LEU I 113 -44.48 -84.82 26.41
CA LEU I 113 -43.44 -85.60 25.73
C LEU I 113 -42.27 -84.71 25.28
N ILE I 114 -42.55 -83.49 24.81
CA ILE I 114 -41.52 -82.48 24.53
C ILE I 114 -40.86 -82.05 25.85
N GLY I 115 -41.63 -81.85 26.91
CA GLY I 115 -41.12 -81.54 28.24
C GLY I 115 -40.21 -82.63 28.82
N GLU I 116 -40.50 -83.90 28.55
CA GLU I 116 -39.63 -85.05 28.90
C GLU I 116 -38.35 -85.06 28.05
N GLN I 117 -38.44 -84.76 26.75
CA GLN I 117 -37.28 -84.65 25.86
C GLN I 117 -36.35 -83.47 26.25
N GLN I 118 -36.92 -82.35 26.69
CA GLN I 118 -36.19 -81.15 27.13
C GLN I 118 -35.84 -81.18 28.63
N GLN I 119 -36.30 -82.16 29.39
CA GLN I 119 -35.96 -82.27 30.81
C GLN I 119 -34.44 -82.23 31.12
N PRO I 120 -33.55 -82.74 30.26
CA PRO I 120 -32.11 -82.62 30.47
C PRO I 120 -31.56 -81.19 30.30
N THR I 121 -32.20 -80.30 29.55
CA THR I 121 -31.79 -78.88 29.48
C THR I 121 -32.24 -78.12 30.73
N PHE I 122 -33.35 -78.55 31.33
CA PHE I 122 -33.95 -77.96 32.53
C PHE I 122 -33.75 -78.80 33.80
N HIS I 123 -32.50 -78.90 34.23
CA HIS I 123 -32.10 -79.72 35.38
C HIS I 123 -32.80 -79.35 36.70
N GLY I 124 -33.29 -80.38 37.40
CA GLY I 124 -33.99 -80.26 38.68
C GLY I 124 -35.49 -79.99 38.56
N LEU I 125 -36.02 -79.86 37.34
CA LEU I 125 -37.44 -79.73 37.07
C LEU I 125 -38.03 -81.07 36.61
N THR I 126 -39.29 -81.33 36.98
CA THR I 126 -40.06 -82.46 36.46
C THR I 126 -40.60 -82.15 35.07
N ARG I 127 -40.89 -83.17 34.25
CA ARG I 127 -41.43 -82.98 32.88
C ARG I 127 -42.64 -82.03 32.83
N GLY I 128 -43.51 -82.05 33.84
CA GLY I 128 -44.65 -81.13 33.94
C GLY I 128 -44.25 -79.67 34.18
N LEU I 129 -43.23 -79.39 34.99
CA LEU I 129 -42.72 -78.04 35.20
C LEU I 129 -42.03 -77.49 33.95
N VAL I 130 -41.34 -78.35 33.21
CA VAL I 130 -40.75 -78.00 31.90
C VAL I 130 -41.84 -77.73 30.87
N ALA I 131 -42.90 -78.56 30.83
CA ALA I 131 -44.05 -78.33 29.97
C ALA I 131 -44.71 -76.95 30.18
N ILE I 132 -44.76 -76.46 31.43
CA ILE I 132 -45.24 -75.10 31.75
C ILE I 132 -44.33 -74.01 31.15
N LEU I 133 -43.00 -74.18 31.23
CA LEU I 133 -42.05 -73.26 30.60
C LEU I 133 -42.23 -73.25 29.08
N LEU I 134 -42.26 -74.44 28.46
CA LEU I 134 -42.44 -74.59 27.01
C LEU I 134 -43.79 -74.04 26.53
N TYR I 135 -44.85 -74.14 27.35
CA TYR I 135 -46.14 -73.54 27.03
C TYR I 135 -46.03 -72.02 26.87
N TRP I 136 -45.42 -71.34 27.84
CA TRP I 136 -45.25 -69.88 27.78
C TRP I 136 -44.18 -69.44 26.77
N ASP I 137 -43.10 -70.20 26.61
CA ASP I 137 -42.09 -69.97 25.57
C ASP I 137 -42.72 -70.03 24.17
N GLY I 138 -43.59 -71.00 23.91
CA GLY I 138 -44.30 -71.09 22.63
C GLY I 138 -45.21 -69.89 22.35
N LYS I 139 -45.84 -69.34 23.39
CA LYS I 139 -46.63 -68.10 23.29
C LYS I 139 -45.72 -66.88 23.06
N SER I 140 -44.59 -66.82 23.74
CA SER I 140 -43.57 -65.78 23.54
C SER I 140 -43.05 -65.79 22.10
N CYS I 141 -42.66 -66.95 21.57
CA CYS I 141 -42.23 -67.11 20.17
C CYS I 141 -43.29 -66.61 19.17
N MET I 142 -44.58 -66.88 19.40
CA MET I 142 -45.66 -66.36 18.54
C MET I 142 -45.81 -64.83 18.63
N ALA I 143 -45.67 -64.25 19.82
CA ALA I 143 -45.76 -62.80 20.02
C ALA I 143 -44.55 -62.08 19.41
N GLU I 144 -43.34 -62.60 19.58
CA GLU I 144 -42.11 -62.09 18.95
C GLU I 144 -42.15 -62.23 17.42
N SER I 145 -42.65 -63.36 16.90
CA SER I 145 -42.86 -63.52 15.46
C SER I 145 -43.80 -62.45 14.90
N LEU I 146 -44.88 -62.15 15.60
CA LEU I 146 -45.82 -61.09 15.22
C LEU I 146 -45.14 -59.71 15.26
N LEU I 147 -44.38 -59.41 16.32
CA LEU I 147 -43.64 -58.16 16.46
C LEU I 147 -42.70 -57.93 15.27
N HIS I 148 -41.83 -58.90 14.96
CA HIS I 148 -40.87 -58.76 13.86
C HIS I 148 -41.53 -58.66 12.48
N LEU I 149 -42.64 -59.39 12.26
CA LEU I 149 -43.44 -59.23 11.03
C LEU I 149 -44.00 -57.81 10.91
N ILE I 150 -44.46 -57.20 12.01
CA ILE I 150 -44.97 -55.83 12.00
C ILE I 150 -43.84 -54.82 11.78
N GLN I 151 -42.65 -55.05 12.35
CA GLN I 151 -41.48 -54.18 12.13
C GLN I 151 -41.03 -54.18 10.66
N ALA I 152 -41.08 -55.33 9.97
CA ALA I 152 -40.68 -55.48 8.57
C ALA I 152 -41.74 -55.06 7.52
N ARG I 153 -42.94 -54.64 7.95
CA ARG I 153 -43.92 -54.02 7.06
C ARG I 153 -43.38 -52.69 6.50
N LYS I 154 -43.87 -52.28 5.32
CA LYS I 154 -43.73 -50.91 4.82
C LYS I 154 -44.32 -49.86 5.79
N GLY I 155 -43.51 -48.93 6.25
CA GLY I 155 -43.98 -47.79 7.04
C GLY I 155 -42.96 -46.67 7.19
N LYS I 156 -43.18 -45.79 8.18
CA LYS I 156 -42.49 -44.50 8.33
C LYS I 156 -41.21 -44.53 9.17
N THR I 157 -41.07 -45.49 10.09
CA THR I 157 -40.08 -45.42 11.18
C THR I 157 -39.02 -46.50 11.09
N PHE I 158 -39.40 -47.78 11.13
CA PHE I 158 -38.44 -48.88 10.99
C PHE I 158 -38.19 -49.12 9.49
N THR I 159 -36.98 -48.85 9.03
CA THR I 159 -36.51 -49.19 7.68
C THR I 159 -35.53 -50.35 7.77
N LEU I 160 -36.06 -51.56 7.65
CA LEU I 160 -35.24 -52.76 7.51
C LEU I 160 -34.98 -52.95 6.00
N ASP I 161 -33.75 -52.74 5.53
CA ASP I 161 -33.36 -52.82 4.10
C ASP I 161 -33.64 -54.21 3.49
N HIS I 162 -34.91 -54.51 3.19
CA HIS I 162 -35.39 -55.77 2.63
C HIS I 162 -35.81 -55.61 1.18
N SER I 163 -35.83 -56.73 0.45
CA SER I 163 -36.34 -56.73 -0.92
C SER I 163 -37.83 -56.31 -0.95
N PRO I 164 -38.27 -55.59 -1.99
CA PRO I 164 -39.65 -55.11 -2.09
C PRO I 164 -40.68 -56.26 -2.11
N GLU I 165 -40.27 -57.45 -2.55
CA GLU I 165 -41.09 -58.66 -2.56
C GLU I 165 -41.39 -59.16 -1.15
N VAL I 166 -40.37 -59.24 -0.28
CA VAL I 166 -40.53 -59.64 1.13
C VAL I 166 -41.39 -58.62 1.87
N VAL I 167 -41.11 -57.34 1.70
CA VAL I 167 -41.91 -56.26 2.33
C VAL I 167 -43.36 -56.33 1.87
N SER I 168 -43.63 -56.55 0.58
CA SER I 168 -44.99 -56.70 0.03
C SER I 168 -45.71 -57.94 0.59
N MET I 169 -45.01 -59.07 0.68
CA MET I 169 -45.55 -60.32 1.25
C MET I 169 -45.92 -60.14 2.73
N VAL I 170 -45.00 -59.61 3.54
CA VAL I 170 -45.20 -59.37 4.97
C VAL I 170 -46.31 -58.33 5.20
N THR I 171 -46.33 -57.26 4.41
CA THR I 171 -47.38 -56.21 4.50
C THR I 171 -48.76 -56.79 4.20
N ARG I 172 -48.92 -57.58 3.13
CA ARG I 172 -50.20 -58.27 2.84
C ARG I 172 -50.63 -59.21 3.97
N PHE I 173 -49.71 -60.01 4.49
CA PHE I 173 -50.01 -60.95 5.57
C PHE I 173 -50.45 -60.23 6.84
N THR I 174 -49.76 -59.15 7.21
CA THR I 174 -50.07 -58.38 8.42
C THR I 174 -51.30 -57.48 8.26
N ASP I 175 -51.65 -57.05 7.04
CA ASP I 175 -52.90 -56.32 6.75
C ASP I 175 -54.11 -57.24 6.99
N ASP I 176 -54.05 -58.47 6.45
CA ASP I 176 -55.07 -59.50 6.69
C ASP I 176 -55.29 -59.79 8.18
N LEU I 177 -54.22 -59.75 9.00
CA LEU I 177 -54.34 -59.95 10.45
C LEU I 177 -55.05 -58.79 11.14
N MET I 178 -54.80 -57.55 10.73
CA MET I 178 -55.42 -56.37 11.30
C MET I 178 -56.92 -56.31 10.97
N GLU I 179 -57.31 -56.64 9.74
CA GLU I 179 -58.73 -56.77 9.34
C GLU I 179 -59.50 -57.79 10.20
N GLN I 180 -58.82 -58.78 10.77
CA GLN I 180 -59.39 -59.78 11.69
C GLN I 180 -59.45 -59.30 13.15
N GLY I 181 -59.29 -58.00 13.41
CA GLY I 181 -59.43 -57.38 14.74
C GLY I 181 -58.25 -57.62 15.68
N LEU I 182 -57.02 -57.50 15.17
CA LEU I 182 -55.78 -57.73 15.93
C LEU I 182 -55.67 -56.82 17.18
N THR I 183 -56.01 -55.53 17.06
CA THR I 183 -55.91 -54.57 18.18
C THR I 183 -56.73 -54.97 19.39
N ASN I 184 -58.00 -55.33 19.18
CA ASN I 184 -58.89 -55.78 20.25
C ASN I 184 -58.36 -57.06 20.92
N LYS I 185 -57.82 -58.00 20.14
CA LYS I 185 -57.23 -59.24 20.65
C LYS I 185 -56.01 -58.98 21.53
N ILE I 186 -55.08 -58.15 21.06
CA ILE I 186 -53.88 -57.80 21.83
C ILE I 186 -54.25 -57.16 23.18
N LEU I 187 -55.10 -56.13 23.18
CA LEU I 187 -55.52 -55.45 24.42
C LEU I 187 -56.27 -56.39 25.38
N THR I 188 -57.08 -57.30 24.83
CA THR I 188 -57.78 -58.33 25.61
C THR I 188 -56.80 -59.31 26.25
N LEU I 189 -55.79 -59.78 25.51
CA LEU I 189 -54.77 -60.69 26.02
C LEU I 189 -53.92 -60.04 27.11
N ILE I 190 -53.45 -58.80 26.89
CA ILE I 190 -52.69 -58.06 27.90
C ILE I 190 -53.50 -57.90 29.19
N SER I 191 -54.82 -57.68 29.10
CA SER I 191 -55.71 -57.60 30.27
C SER I 191 -55.91 -58.94 31.01
N GLN I 192 -55.88 -60.06 30.28
CA GLN I 192 -56.19 -61.39 30.83
C GLN I 192 -54.97 -62.09 31.43
N ILE I 193 -53.80 -61.84 30.83
CA ILE I 193 -52.52 -62.41 31.28
C ILE I 193 -52.11 -61.64 32.55
N ASP I 194 -52.03 -62.33 33.68
CA ASP I 194 -51.52 -61.78 34.94
C ASP I 194 -50.70 -62.86 35.66
N VAL I 195 -49.46 -62.50 36.00
CA VAL I 195 -48.51 -63.38 36.69
C VAL I 195 -49.11 -63.93 37.99
N ASN I 196 -49.86 -63.11 38.75
CA ASN I 196 -50.44 -63.55 40.03
C ASN I 196 -51.53 -64.60 39.84
N ASN I 197 -52.44 -64.37 38.88
CA ASN I 197 -53.50 -65.32 38.54
C ASN I 197 -52.93 -66.65 38.05
N GLU I 198 -51.88 -66.61 37.22
CA GLU I 198 -51.20 -67.81 36.73
C GLU I 198 -50.46 -68.55 37.86
N PHE I 199 -49.81 -67.81 38.77
CA PHE I 199 -49.17 -68.42 39.94
C PHE I 199 -50.19 -69.07 40.86
N ASP I 200 -51.37 -68.50 41.04
CA ASP I 200 -52.45 -69.10 41.83
C ASP I 200 -53.01 -70.37 41.18
N LYS I 201 -53.17 -70.40 39.84
CA LYS I 201 -53.52 -71.63 39.09
C LYS I 201 -52.46 -72.71 39.29
N LEU I 202 -51.19 -72.38 39.07
CA LEU I 202 -50.07 -73.30 39.22
C LEU I 202 -49.92 -73.79 40.67
N LYS I 203 -50.14 -72.93 41.66
CA LYS I 203 -50.05 -73.28 43.08
C LYS I 203 -51.11 -74.31 43.49
N LYS I 204 -52.34 -74.21 42.96
CA LYS I 204 -53.42 -75.18 43.23
C LYS I 204 -53.04 -76.60 42.82
N GLU I 205 -52.41 -76.76 41.66
CA GLU I 205 -51.98 -78.06 41.11
C GLU I 205 -50.53 -78.44 41.47
N ARG I 206 -49.89 -77.72 42.41
CA ARG I 206 -48.47 -77.89 42.79
C ARG I 206 -47.47 -77.75 41.62
N GLY I 207 -47.83 -77.00 40.58
CA GLY I 207 -47.04 -76.70 39.39
C GLY I 207 -46.02 -75.56 39.55
N LEU I 208 -45.65 -75.16 40.78
CA LEU I 208 -44.61 -74.16 41.04
C LEU I 208 -43.32 -74.84 41.50
N GLY I 209 -42.26 -74.72 40.70
CA GLY I 209 -40.94 -75.26 41.01
C GLY I 209 -40.13 -74.42 41.99
N ASN I 210 -38.80 -74.50 41.84
CA ASN I 210 -37.83 -73.75 42.63
C ASN I 210 -37.86 -72.23 42.31
N LYS I 211 -37.04 -71.43 43.01
CA LYS I 211 -37.00 -69.97 42.81
C LYS I 211 -36.68 -69.56 41.36
N LYS I 212 -35.79 -70.32 40.69
CA LYS I 212 -35.42 -70.12 39.28
C LYS I 212 -36.61 -70.34 38.36
N HIS I 213 -37.30 -71.48 38.46
CA HIS I 213 -38.49 -71.79 37.66
C HIS I 213 -39.59 -70.74 37.80
N ARG I 214 -39.85 -70.26 39.02
CA ARG I 214 -40.83 -69.18 39.25
C ARG I 214 -40.44 -67.90 38.51
N LYS I 215 -39.15 -67.55 38.54
CA LYS I 215 -38.64 -66.40 37.79
C LYS I 215 -38.79 -66.61 36.29
N GLU I 216 -38.34 -67.74 35.74
CA GLU I 216 -38.44 -68.04 34.30
C GLU I 216 -39.90 -67.99 33.80
N VAL I 217 -40.84 -68.57 34.54
CA VAL I 217 -42.28 -68.46 34.20
C VAL I 217 -42.75 -67.01 34.28
N SER I 218 -42.36 -66.26 35.32
CA SER I 218 -42.73 -64.84 35.43
C SER I 218 -42.14 -63.99 34.31
N ASP I 219 -40.91 -64.27 33.88
CA ASP I 219 -40.21 -63.51 32.84
C ASP I 219 -40.85 -63.80 31.48
N LEU I 220 -41.11 -65.07 31.13
CA LEU I 220 -41.81 -65.46 29.91
C LEU I 220 -43.22 -64.85 29.80
N ILE I 221 -43.97 -64.79 30.90
CA ILE I 221 -45.30 -64.15 30.93
C ILE I 221 -45.18 -62.64 30.66
N LYS I 222 -44.21 -61.97 31.30
CA LYS I 222 -43.96 -60.53 31.11
C LYS I 222 -43.47 -60.22 29.71
N GLU I 223 -42.60 -61.06 29.16
CA GLU I 223 -42.16 -60.98 27.76
C GLU I 223 -43.36 -61.08 26.83
N CYS I 224 -44.24 -62.08 26.99
CA CYS I 224 -45.47 -62.16 26.20
C CYS I 224 -46.29 -60.85 26.24
N GLN I 225 -46.51 -60.26 27.42
CA GLN I 225 -47.24 -59.00 27.54
C GLN I 225 -46.49 -57.85 26.85
N GLN I 226 -45.16 -57.80 26.99
CA GLN I 226 -44.32 -56.75 26.45
C GLN I 226 -44.22 -56.84 24.92
N SER I 227 -44.00 -58.02 24.34
CA SER I 227 -43.94 -58.24 22.88
C SER I 227 -45.29 -57.96 22.22
N LEU I 228 -46.41 -58.25 22.90
CA LEU I 228 -47.75 -57.87 22.46
C LEU I 228 -47.96 -56.35 22.46
N ALA I 229 -47.53 -55.65 23.52
CA ALA I 229 -47.58 -54.19 23.57
C ALA I 229 -46.67 -53.55 22.52
N HIS I 230 -45.45 -54.07 22.35
CA HIS I 230 -44.54 -53.66 21.29
C HIS I 230 -45.13 -53.93 19.91
N SER I 231 -45.91 -54.99 19.70
CA SER I 231 -46.56 -55.24 18.41
C SER I 231 -47.51 -54.10 18.02
N LEU I 232 -48.32 -53.59 18.97
CA LEU I 232 -49.19 -52.43 18.73
C LEU I 232 -48.41 -51.12 18.57
N TYR I 233 -47.36 -50.95 19.37
CA TYR I 233 -46.45 -49.82 19.23
C TYR I 233 -45.76 -49.79 17.87
N SER I 234 -45.07 -50.86 17.48
CA SER I 234 -44.40 -50.98 16.19
C SER I 234 -45.38 -50.80 15.03
N TRP I 235 -46.63 -51.28 15.16
CA TRP I 235 -47.67 -50.98 14.19
C TRP I 235 -47.90 -49.47 14.08
N SER I 236 -48.19 -48.80 15.19
CA SER I 236 -48.49 -47.36 15.21
C SER I 236 -47.33 -46.49 14.70
N CYS I 237 -46.09 -46.93 14.88
CA CYS I 237 -44.90 -46.29 14.35
C CYS I 237 -44.79 -46.43 12.82
N GLN I 238 -45.26 -47.55 12.25
CA GLN I 238 -45.25 -47.77 10.80
C GLN I 238 -46.46 -47.12 10.11
N THR I 239 -47.67 -47.39 10.61
CA THR I 239 -48.94 -46.85 10.08
C THR I 239 -49.91 -46.50 11.23
N PRO I 240 -50.56 -45.31 11.18
CA PRO I 240 -51.49 -44.92 12.23
C PRO I 240 -52.72 -45.83 12.25
N LEU I 241 -53.15 -46.23 13.45
CA LEU I 241 -54.33 -47.08 13.66
C LEU I 241 -55.60 -46.43 13.09
N ASN I 242 -56.56 -47.25 12.65
CA ASN I 242 -57.86 -46.78 12.19
C ASN I 242 -58.70 -46.20 13.35
N ARG I 243 -59.84 -45.58 13.02
CA ARG I 243 -60.72 -44.91 14.01
C ARG I 243 -61.14 -45.84 15.16
N GLU I 244 -61.54 -47.07 14.85
CA GLU I 244 -62.09 -48.00 15.83
C GLU I 244 -61.01 -48.55 16.76
N ASP I 245 -59.86 -48.92 16.19
CA ASP I 245 -58.69 -49.41 16.93
C ASP I 245 -58.08 -48.33 17.82
N THR I 246 -58.04 -47.09 17.35
CA THR I 246 -57.57 -45.94 18.18
C THR I 246 -58.50 -45.73 19.38
N LEU I 247 -59.82 -45.85 19.19
CA LEU I 247 -60.79 -45.74 20.29
C LEU I 247 -60.70 -46.91 21.29
N LEU I 248 -60.37 -48.13 20.82
CA LEU I 248 -60.12 -49.28 21.69
C LEU I 248 -58.88 -49.04 22.57
N LEU I 249 -57.79 -48.53 21.99
CA LEU I 249 -56.56 -48.20 22.73
C LEU I 249 -56.81 -47.12 23.79
N ILE I 250 -57.55 -46.06 23.44
CA ILE I 250 -57.99 -45.03 24.39
C ILE I 250 -58.82 -45.66 25.53
N GLY I 251 -59.78 -46.52 25.19
CA GLY I 251 -60.63 -47.20 26.17
C GLY I 251 -59.89 -48.16 27.11
N TYR I 252 -58.73 -48.68 26.69
CA TYR I 252 -57.83 -49.44 27.55
C TYR I 252 -57.07 -48.52 28.51
N LEU I 253 -56.41 -47.47 27.99
CA LEU I 253 -55.59 -46.53 28.78
C LEU I 253 -56.42 -45.76 29.84
N GLU I 254 -57.72 -45.57 29.61
CA GLU I 254 -58.69 -45.06 30.59
C GLU I 254 -58.67 -45.80 31.94
N LYS I 255 -58.37 -47.10 31.91
CA LYS I 255 -58.47 -48.01 33.06
C LYS I 255 -57.13 -48.27 33.76
N VAL I 256 -56.04 -47.75 33.22
CA VAL I 256 -54.66 -48.00 33.67
C VAL I 256 -54.29 -47.12 34.87
N THR I 257 -53.51 -47.67 35.79
CA THR I 257 -52.98 -47.01 36.99
C THR I 257 -51.46 -46.97 36.97
N VAL I 258 -50.88 -46.14 37.83
CA VAL I 258 -49.44 -45.94 37.98
C VAL I 258 -48.92 -46.88 39.08
N GLU I 259 -47.64 -47.27 39.01
CA GLU I 259 -46.96 -48.07 40.03
C GLU I 259 -46.80 -47.31 41.36
N GLY I 260 -46.40 -48.02 42.43
CA GLY I 260 -46.29 -47.46 43.78
C GLY I 260 -45.24 -46.34 43.95
N ASP I 261 -44.30 -46.21 43.02
CA ASP I 261 -43.30 -45.14 42.97
C ASP I 261 -43.73 -43.92 42.14
N GLY I 262 -44.89 -43.97 41.48
CA GLY I 262 -45.38 -42.93 40.58
C GLY I 262 -44.97 -43.11 39.11
N SER I 263 -44.28 -44.20 38.75
CA SER I 263 -43.90 -44.52 37.37
C SER I 263 -44.91 -45.40 36.61
N LEU I 264 -44.91 -45.34 35.27
CA LEU I 264 -45.61 -46.34 34.45
C LEU I 264 -44.76 -47.60 34.30
N ASP I 265 -45.40 -48.76 34.43
CA ASP I 265 -44.80 -50.05 34.08
C ASP I 265 -44.54 -50.15 32.56
N LYS I 266 -43.66 -51.09 32.19
CA LYS I 266 -43.16 -51.28 30.82
C LYS I 266 -44.28 -51.37 29.78
N VAL I 267 -45.28 -52.21 30.05
CA VAL I 267 -46.35 -52.54 29.11
C VAL I 267 -47.22 -51.31 28.84
N ASN I 268 -47.65 -50.63 29.90
CA ASN I 268 -48.52 -49.45 29.76
C ASN I 268 -47.79 -48.23 29.22
N LEU I 269 -46.50 -48.06 29.53
CA LEU I 269 -45.65 -47.05 28.89
C LEU I 269 -45.61 -47.29 27.38
N THR I 270 -45.35 -48.53 26.93
CA THR I 270 -45.34 -48.88 25.50
C THR I 270 -46.68 -48.59 24.82
N LEU I 271 -47.82 -48.92 25.46
CA LEU I 271 -49.16 -48.64 24.91
C LEU I 271 -49.50 -47.13 24.85
N LEU I 272 -49.06 -46.35 25.85
CA LEU I 272 -49.16 -44.89 25.80
C LEU I 272 -48.36 -44.35 24.62
N MET I 273 -47.13 -44.86 24.42
CA MET I 273 -46.31 -44.49 23.26
C MET I 273 -46.98 -44.88 21.94
N SER I 274 -47.65 -46.05 21.86
CA SER I 274 -48.43 -46.45 20.67
C SER I 274 -49.50 -45.40 20.33
N LEU I 275 -50.25 -44.93 21.34
CA LEU I 275 -51.27 -43.91 21.15
C LEU I 275 -50.65 -42.56 20.74
N LEU I 276 -49.55 -42.16 21.38
CA LEU I 276 -48.86 -40.91 21.04
C LEU I 276 -48.35 -40.92 19.59
N TYR I 277 -47.89 -42.07 19.07
CA TYR I 277 -47.52 -42.23 17.66
C TYR I 277 -48.73 -42.18 16.71
N CYS I 278 -49.88 -42.73 17.11
CA CYS I 278 -51.12 -42.56 16.35
C CYS I 278 -51.52 -41.08 16.19
N LEU I 279 -51.16 -40.23 17.16
CA LEU I 279 -51.42 -38.79 17.16
C LEU I 279 -50.29 -37.94 16.53
N ASP I 280 -49.25 -38.55 15.96
CA ASP I 280 -48.13 -37.79 15.37
C ASP I 280 -48.44 -37.29 13.96
N VAL I 281 -48.35 -35.97 13.77
CA VAL I 281 -48.49 -35.29 12.47
C VAL I 281 -47.20 -34.63 11.98
N GLY I 282 -46.09 -34.67 12.71
CA GLY I 282 -44.91 -33.90 12.30
C GLY I 282 -44.19 -34.43 11.05
N PHE I 283 -44.60 -35.57 10.47
CA PHE I 283 -44.16 -35.95 9.12
C PHE I 283 -44.60 -34.93 8.05
N LEU I 284 -45.62 -34.12 8.34
CA LEU I 284 -46.07 -33.04 7.46
C LEU I 284 -45.10 -31.85 7.39
N GLU I 285 -44.14 -31.74 8.33
CA GLU I 285 -43.11 -30.70 8.34
C GLU I 285 -41.84 -31.09 7.56
N GLN I 286 -41.53 -32.38 7.40
CA GLN I 286 -40.19 -32.86 7.00
C GLN I 286 -39.93 -32.98 5.48
N GLY I 287 -40.90 -32.71 4.60
CA GLY I 287 -40.67 -32.78 3.15
C GLY I 287 -41.71 -32.05 2.33
N THR I 288 -41.27 -31.22 1.37
CA THR I 288 -42.17 -30.55 0.42
C THR I 288 -42.55 -31.42 -0.76
N ASP I 289 -41.69 -32.36 -1.16
CA ASP I 289 -41.83 -33.02 -2.47
C ASP I 289 -42.78 -34.25 -2.43
N ASP I 290 -42.75 -35.06 -1.35
CA ASP I 290 -43.64 -36.23 -1.17
C ASP I 290 -44.89 -35.94 -0.30
N ARG I 291 -45.19 -34.65 -0.07
CA ARG I 291 -46.17 -34.18 0.93
C ARG I 291 -47.62 -34.60 0.65
N GLU I 292 -48.05 -34.53 -0.61
CA GLU I 292 -49.42 -34.91 -1.02
C GLU I 292 -49.65 -36.43 -0.91
N GLU I 293 -48.63 -37.24 -1.19
CA GLU I 293 -48.73 -38.69 -1.15
C GLU I 293 -48.72 -39.22 0.29
N LEU I 294 -47.94 -38.60 1.18
CA LEU I 294 -47.96 -38.88 2.62
C LEU I 294 -49.28 -38.46 3.29
N MET I 295 -49.89 -37.34 2.88
CA MET I 295 -51.23 -36.96 3.35
C MET I 295 -52.29 -38.00 2.95
N LYS I 296 -52.24 -38.53 1.72
CA LYS I 296 -53.15 -39.58 1.24
C LYS I 296 -52.99 -40.92 2.00
N GLN I 297 -51.82 -41.19 2.58
CA GLN I 297 -51.58 -42.43 3.33
C GLN I 297 -51.97 -42.36 4.82
N ALA I 298 -52.17 -41.18 5.39
CA ALA I 298 -52.47 -41.04 6.82
C ALA I 298 -53.97 -41.23 7.12
N SER I 299 -54.30 -42.20 7.98
CA SER I 299 -55.67 -42.54 8.40
C SER I 299 -56.50 -41.33 8.86
N MET I 300 -55.87 -40.30 9.46
CA MET I 300 -56.55 -39.06 9.89
C MET I 300 -57.16 -38.25 8.74
N PHE I 301 -56.59 -38.31 7.53
CA PHE I 301 -57.10 -37.58 6.35
C PHE I 301 -57.99 -38.46 5.45
N MET I 302 -57.91 -39.79 5.59
CA MET I 302 -58.76 -40.74 4.84
C MET I 302 -60.19 -40.79 5.39
N ASP I 303 -60.38 -40.76 6.72
CA ASP I 303 -61.70 -40.80 7.37
C ASP I 303 -62.07 -39.42 7.96
N ARG I 304 -63.05 -38.75 7.32
CA ARG I 304 -63.56 -37.44 7.78
C ARG I 304 -64.11 -37.46 9.22
N GLN I 305 -64.49 -38.62 9.75
CA GLN I 305 -65.01 -38.75 11.11
C GLN I 305 -63.93 -39.06 12.15
N TYR I 306 -62.69 -39.37 11.75
CA TYR I 306 -61.61 -39.74 12.67
C TYR I 306 -61.34 -38.63 13.70
N ILE I 307 -61.10 -37.40 13.22
CA ILE I 307 -60.80 -36.24 14.07
C ILE I 307 -61.96 -35.94 15.02
N ALA I 308 -63.20 -35.93 14.51
CA ALA I 308 -64.39 -35.67 15.32
C ALA I 308 -64.60 -36.73 16.41
N ALA I 309 -64.38 -38.01 16.11
CA ALA I 309 -64.54 -39.10 17.08
C ALA I 309 -63.50 -39.03 18.21
N ILE I 310 -62.23 -38.82 17.88
CA ILE I 310 -61.15 -38.70 18.88
C ILE I 310 -61.33 -37.42 19.71
N HIS I 311 -61.64 -36.29 19.07
CA HIS I 311 -61.89 -35.02 19.77
C HIS I 311 -63.05 -35.15 20.77
N ASN I 312 -64.20 -35.68 20.34
CA ASN I 312 -65.34 -35.90 21.22
C ASN I 312 -65.01 -36.85 22.39
N ARG I 313 -64.21 -37.89 22.16
CA ARG I 313 -63.79 -38.85 23.21
C ARG I 313 -62.90 -38.18 24.26
N LEU I 314 -62.01 -37.28 23.86
CA LEU I 314 -61.09 -36.57 24.76
C LEU I 314 -61.74 -35.35 25.47
N GLN I 315 -62.76 -34.75 24.85
CA GLN I 315 -63.49 -33.59 25.38
C GLN I 315 -64.59 -33.97 26.40
N ASN I 316 -65.47 -34.93 26.09
CA ASN I 316 -66.77 -35.08 26.77
C ASN I 316 -66.83 -36.12 27.91
N THR I 317 -65.72 -36.63 28.45
CA THR I 317 -65.73 -37.92 29.17
C THR I 317 -65.25 -37.91 30.62
N GLN I 318 -65.67 -38.96 31.33
CA GLN I 318 -65.28 -39.32 32.70
C GLN I 318 -63.77 -39.19 32.93
N PRO I 319 -63.34 -38.78 34.14
CA PRO I 319 -61.92 -38.76 34.48
C PRO I 319 -61.33 -40.16 34.33
N TRP I 320 -60.20 -40.27 33.64
CA TRP I 320 -59.45 -41.53 33.58
C TRP I 320 -58.95 -41.88 34.97
N LYS I 321 -58.65 -43.16 35.23
CA LYS I 321 -58.06 -43.56 36.52
C LYS I 321 -56.74 -42.85 36.81
N SER I 322 -55.98 -42.54 35.76
CA SER I 322 -54.81 -41.66 35.79
C SER I 322 -55.13 -40.35 35.07
N PRO I 323 -55.44 -39.26 35.81
CA PRO I 323 -55.71 -37.95 35.22
C PRO I 323 -54.52 -37.39 34.44
N GLY I 324 -53.29 -37.66 34.89
CA GLY I 324 -52.06 -37.21 34.23
C GLY I 324 -51.88 -37.84 32.84
N MET I 325 -52.19 -39.13 32.69
CA MET I 325 -52.14 -39.81 31.40
C MET I 325 -53.19 -39.26 30.41
N GLN I 326 -54.40 -38.97 30.91
CA GLN I 326 -55.41 -38.27 30.11
C GLN I 326 -54.92 -36.89 29.66
N ALA I 327 -54.24 -36.15 30.55
CA ALA I 327 -53.67 -34.85 30.25
C ALA I 327 -52.56 -34.93 29.19
N THR I 328 -51.70 -35.95 29.23
CA THR I 328 -50.68 -36.22 28.20
C THR I 328 -51.29 -36.44 26.82
N VAL I 329 -52.33 -37.27 26.73
CA VAL I 329 -53.03 -37.52 25.45
C VAL I 329 -53.73 -36.27 24.95
N ARG I 330 -54.35 -35.47 25.84
CA ARG I 330 -54.97 -34.18 25.47
C ARG I 330 -53.95 -33.17 24.96
N LEU I 331 -52.76 -33.09 25.57
CA LEU I 331 -51.68 -32.22 25.09
C LEU I 331 -51.21 -32.65 23.70
N ALA I 332 -50.95 -33.95 23.51
CA ALA I 332 -50.57 -34.49 22.21
C ALA I 332 -51.62 -34.22 21.13
N TRP I 333 -52.90 -34.36 21.47
CA TRP I 333 -54.01 -34.04 20.57
C TRP I 333 -54.12 -32.55 20.26
N ALA I 334 -53.95 -31.67 21.25
CA ALA I 334 -53.96 -30.23 21.06
C ALA I 334 -52.84 -29.78 20.09
N LEU I 335 -51.63 -30.35 20.23
CA LEU I 335 -50.51 -30.09 19.33
C LEU I 335 -50.73 -30.68 17.94
N ALA I 336 -51.37 -31.86 17.85
CA ALA I 336 -51.76 -32.44 16.57
C ALA I 336 -52.77 -31.56 15.82
N LEU I 337 -53.82 -31.08 16.49
CA LEU I 337 -54.79 -30.13 15.92
C LEU I 337 -54.12 -28.84 15.46
N ARG I 338 -53.20 -28.29 16.26
CA ARG I 338 -52.41 -27.10 15.91
C ARG I 338 -51.51 -27.33 14.70
N GLY I 339 -50.89 -28.52 14.61
CA GLY I 339 -50.10 -28.92 13.45
C GLY I 339 -50.96 -29.00 12.20
N ILE I 340 -52.11 -29.66 12.28
CA ILE I 340 -53.06 -29.82 11.15
C ILE I 340 -53.68 -28.48 10.73
N SER I 341 -53.96 -27.56 11.66
CA SER I 341 -54.60 -26.27 11.35
C SER I 341 -53.73 -25.34 10.51
N GLN I 342 -52.42 -25.59 10.43
CA GLN I 342 -51.53 -24.91 9.47
C GLN I 342 -51.88 -25.27 8.00
N PHE I 343 -52.74 -26.27 7.78
CA PHE I 343 -53.13 -26.79 6.49
C PHE I 343 -54.66 -26.61 6.28
N SER I 344 -55.06 -26.02 5.15
CA SER I 344 -56.38 -25.35 4.97
C SER I 344 -57.66 -26.21 5.11
N GLU I 345 -57.60 -27.54 5.09
CA GLU I 345 -58.80 -28.37 4.89
C GLU I 345 -59.56 -28.81 6.17
N VAL I 346 -59.08 -28.48 7.38
CA VAL I 346 -59.76 -28.85 8.64
C VAL I 346 -60.07 -27.62 9.50
N LEU I 347 -61.01 -26.78 9.06
CA LEU I 347 -61.38 -25.56 9.80
C LEU I 347 -62.24 -25.82 11.05
N GLU I 348 -63.06 -26.88 11.09
CA GLU I 348 -64.07 -27.11 12.14
C GLU I 348 -63.48 -27.26 13.56
N PHE I 349 -62.24 -27.75 13.69
CA PHE I 349 -61.59 -27.99 14.99
C PHE I 349 -60.37 -27.08 15.24
N SER I 350 -60.12 -26.09 14.38
CA SER I 350 -58.93 -25.22 14.46
C SER I 350 -58.89 -24.40 15.76
N GLU I 351 -60.04 -23.95 16.27
CA GLU I 351 -60.12 -23.19 17.54
C GLU I 351 -60.15 -24.09 18.79
N ALA I 352 -60.23 -25.41 18.61
CA ALA I 352 -60.36 -26.37 19.71
C ALA I 352 -59.00 -26.82 20.30
N ASP I 353 -57.89 -26.40 19.70
CA ASP I 353 -56.52 -26.70 20.12
C ASP I 353 -56.14 -26.02 21.45
N GLU I 354 -56.34 -24.70 21.57
CA GLU I 354 -56.05 -23.90 22.77
C GLU I 354 -56.84 -24.33 24.03
N PRO I 355 -58.17 -24.55 23.99
CA PRO I 355 -58.90 -25.01 25.18
C PRO I 355 -58.47 -26.42 25.59
N MET I 356 -58.18 -27.31 24.64
CA MET I 356 -57.68 -28.66 24.94
C MET I 356 -56.31 -28.61 25.61
N ALA I 357 -55.41 -27.74 25.14
CA ALA I 357 -54.12 -27.50 25.77
C ALA I 357 -54.28 -26.95 27.20
N GLU I 358 -55.18 -26.00 27.45
CA GLU I 358 -55.42 -25.46 28.81
C GLU I 358 -55.94 -26.55 29.77
N ILE I 359 -56.83 -27.43 29.31
CA ILE I 359 -57.32 -28.58 30.10
C ILE I 359 -56.18 -29.54 30.41
N ALA I 360 -55.30 -29.82 29.45
CA ALA I 360 -54.13 -30.67 29.65
C ALA I 360 -53.15 -30.08 30.68
N ILE I 361 -52.83 -28.80 30.56
CA ILE I 361 -51.96 -28.11 31.53
C ILE I 361 -52.61 -28.11 32.92
N GLY I 362 -53.93 -27.88 33.00
CA GLY I 362 -54.69 -27.97 34.26
C GLY I 362 -54.67 -29.35 34.91
N GLY I 363 -54.40 -30.40 34.14
CA GLY I 363 -54.23 -31.78 34.61
C GLY I 363 -52.81 -32.16 35.01
N ASN I 364 -51.91 -31.19 35.25
CA ASN I 364 -50.50 -31.41 35.61
C ASN I 364 -49.71 -32.27 34.61
N VAL I 365 -49.98 -32.10 33.30
CA VAL I 365 -49.34 -32.90 32.23
C VAL I 365 -47.81 -32.95 32.31
N PHE I 366 -47.14 -31.83 32.61
CA PHE I 366 -45.68 -31.77 32.68
C PHE I 366 -45.12 -32.55 33.88
N LEU I 367 -45.81 -32.50 35.02
CA LEU I 367 -45.42 -33.27 36.20
C LEU I 367 -45.57 -34.77 35.92
N PHE I 368 -46.70 -35.18 35.31
CA PHE I 368 -46.93 -36.57 34.94
C PHE I 368 -45.89 -37.06 33.92
N LEU I 369 -45.56 -36.27 32.90
CA LEU I 369 -44.49 -36.61 31.97
C LEU I 369 -43.13 -36.77 32.66
N THR I 370 -42.84 -35.96 33.69
CA THR I 370 -41.58 -36.01 34.42
C THR I 370 -41.49 -37.25 35.30
N GLU I 371 -42.51 -37.52 36.13
CA GLU I 371 -42.49 -38.60 37.13
C GLU I 371 -42.89 -39.95 36.54
N ALA I 372 -43.96 -39.99 35.74
CA ALA I 372 -44.56 -41.23 35.30
C ALA I 372 -43.97 -41.79 33.99
N VAL I 373 -43.59 -40.90 33.07
CA VAL I 373 -43.05 -41.27 31.74
C VAL I 373 -41.52 -41.26 31.75
N VAL I 374 -40.89 -40.09 31.89
CA VAL I 374 -39.43 -39.93 31.85
C VAL I 374 -38.75 -40.60 33.05
N GLY I 375 -39.41 -40.55 34.22
CA GLY I 375 -38.93 -41.20 35.45
C GLY I 375 -38.98 -42.73 35.43
N SER I 376 -39.70 -43.35 34.49
CA SER I 376 -39.74 -44.81 34.36
C SER I 376 -38.38 -45.34 33.87
N GLU I 377 -37.83 -46.37 34.54
CA GLU I 377 -36.57 -47.00 34.13
C GLU I 377 -36.61 -47.53 32.67
N SER I 378 -37.81 -47.74 32.13
CA SER I 378 -38.05 -48.33 30.80
C SER I 378 -38.21 -47.30 29.70
N PHE I 379 -38.23 -46.01 30.02
CA PHE I 379 -38.31 -44.94 29.03
C PHE I 379 -37.04 -44.83 28.20
N CYS I 380 -35.87 -44.98 28.83
CA CYS I 380 -34.57 -44.90 28.18
C CYS I 380 -34.16 -46.17 27.42
N THR I 381 -35.01 -47.20 27.32
CA THR I 381 -34.66 -48.46 26.65
C THR I 381 -34.97 -48.46 25.15
N ASP I 382 -35.86 -47.59 24.67
CA ASP I 382 -36.25 -47.50 23.27
C ASP I 382 -35.98 -46.07 22.75
N GLU I 383 -35.13 -45.95 21.73
CA GLU I 383 -34.76 -44.68 21.10
C GLU I 383 -36.00 -43.89 20.63
N PHE I 384 -36.98 -44.58 20.07
CA PHE I 384 -38.16 -43.95 19.48
C PHE I 384 -39.10 -43.39 20.57
N PHE I 385 -39.05 -43.93 21.80
CA PHE I 385 -39.75 -43.30 22.94
C PHE I 385 -39.18 -41.92 23.25
N ILE I 386 -37.85 -41.81 23.28
CA ILE I 386 -37.14 -40.56 23.53
C ILE I 386 -37.46 -39.56 22.40
N ARG I 387 -37.36 -39.96 21.13
CA ARG I 387 -37.69 -39.10 19.98
C ARG I 387 -39.13 -38.58 20.02
N ARG I 388 -40.10 -39.41 20.40
CA ARG I 388 -41.51 -38.99 20.43
C ARG I 388 -41.82 -38.04 21.59
N ILE I 389 -41.29 -38.28 22.78
CA ILE I 389 -41.44 -37.35 23.92
C ILE I 389 -40.65 -36.06 23.68
N HIS I 390 -39.43 -36.15 23.13
CA HIS I 390 -38.67 -35.00 22.67
C HIS I 390 -39.51 -34.10 21.76
N LYS I 391 -40.13 -34.68 20.73
CA LYS I 391 -41.00 -33.98 19.80
C LYS I 391 -42.20 -33.37 20.51
N LEU I 392 -42.89 -34.10 21.38
CA LEU I 392 -44.02 -33.57 22.16
C LEU I 392 -43.61 -32.34 23.01
N VAL I 393 -42.46 -32.41 23.68
CA VAL I 393 -41.94 -31.33 24.55
C VAL I 393 -41.48 -30.13 23.74
N THR I 394 -40.87 -30.33 22.58
CA THR I 394 -40.38 -29.26 21.70
C THR I 394 -41.46 -28.67 20.80
N ASP I 395 -42.50 -29.43 20.43
CA ASP I 395 -43.66 -28.96 19.66
C ASP I 395 -44.51 -27.97 20.48
N PHE I 396 -44.57 -28.12 21.80
CA PHE I 396 -45.32 -27.20 22.66
C PHE I 396 -44.84 -25.73 22.57
N PRO I 397 -43.56 -25.40 22.84
CA PRO I 397 -43.08 -24.03 22.72
C PRO I 397 -42.99 -23.52 21.28
N THR I 398 -42.83 -24.40 20.28
CA THR I 398 -42.72 -24.00 18.87
C THR I 398 -44.09 -23.71 18.25
N LEU I 399 -45.10 -24.54 18.50
CA LEU I 399 -46.44 -24.41 17.93
C LEU I 399 -47.37 -23.49 18.75
N MET I 400 -47.18 -23.40 20.07
CA MET I 400 -48.04 -22.61 21.00
C MET I 400 -47.27 -21.55 21.83
N PRO I 401 -46.51 -20.61 21.22
CA PRO I 401 -45.69 -19.63 21.94
C PRO I 401 -46.52 -18.67 22.82
N MET I 402 -47.78 -18.40 22.47
CA MET I 402 -48.67 -17.56 23.28
C MET I 402 -49.05 -18.21 24.61
N LYS I 403 -49.19 -19.55 24.64
CA LYS I 403 -49.43 -20.29 25.88
C LYS I 403 -48.20 -20.28 26.78
N VAL I 404 -47.00 -20.43 26.22
CA VAL I 404 -45.74 -20.25 26.97
C VAL I 404 -45.66 -18.87 27.62
N LYS I 405 -46.04 -17.81 26.89
CA LYS I 405 -46.11 -16.45 27.45
C LYS I 405 -47.14 -16.32 28.59
N GLN I 406 -48.30 -16.94 28.46
CA GLN I 406 -49.32 -16.98 29.53
C GLN I 406 -48.81 -17.71 30.78
N LEU I 407 -48.15 -18.87 30.62
CA LEU I 407 -47.56 -19.63 31.73
C LEU I 407 -46.49 -18.80 32.46
N ARG I 408 -45.68 -18.05 31.73
CA ARG I 408 -44.69 -17.12 32.29
C ARG I 408 -45.34 -16.00 33.10
N ASN I 409 -46.30 -15.29 32.52
CA ASN I 409 -46.98 -14.19 33.21
C ASN I 409 -47.64 -14.68 34.51
N ARG I 410 -48.25 -15.86 34.48
CA ARG I 410 -48.89 -16.49 35.65
C ARG I 410 -47.84 -16.85 36.72
N ALA I 411 -46.69 -17.41 36.34
CA ALA I 411 -45.60 -17.69 37.27
C ALA I 411 -45.01 -16.41 37.91
N GLU I 412 -44.95 -15.30 37.17
CA GLU I 412 -44.54 -13.99 37.70
C GLU I 412 -45.57 -13.42 38.69
N GLU I 413 -46.87 -13.58 38.41
CA GLU I 413 -47.95 -13.23 39.34
C GLU I 413 -47.89 -14.06 40.62
N ASP I 414 -47.72 -15.38 40.49
CA ASP I 414 -47.60 -16.31 41.62
C ASP I 414 -46.37 -15.99 42.47
N ALA I 415 -45.23 -15.64 41.85
CA ALA I 415 -44.03 -15.19 42.57
C ALA I 415 -44.29 -13.90 43.39
N ARG I 416 -45.03 -12.94 42.82
CA ARG I 416 -45.45 -11.72 43.55
C ARG I 416 -46.38 -12.03 44.72
N LEU I 417 -47.33 -12.95 44.54
CA LEU I 417 -48.23 -13.44 45.58
C LEU I 417 -47.48 -14.12 46.73
N ILE I 418 -46.52 -15.00 46.41
CA ILE I 418 -45.66 -15.67 47.40
C ILE I 418 -44.80 -14.65 48.16
N GLN I 419 -44.23 -13.67 47.45
CA GLN I 419 -43.44 -12.62 48.09
C GLN I 419 -44.29 -11.75 49.03
N MET I 420 -45.51 -11.40 48.61
CA MET I 420 -46.47 -10.63 49.41
C MET I 420 -46.96 -11.43 50.64
N SER I 421 -47.25 -12.72 50.49
CA SER I 421 -47.66 -13.57 51.62
C SER I 421 -46.53 -13.72 52.64
N MET I 422 -45.29 -13.91 52.17
CA MET I 422 -44.09 -13.97 53.01
C MET I 422 -43.85 -12.66 53.77
N GLN I 423 -44.06 -11.50 53.15
CA GLN I 423 -43.95 -10.19 53.82
C GLN I 423 -45.04 -9.97 54.87
N MET I 424 -46.23 -10.53 54.66
CA MET I 424 -47.34 -10.47 55.62
C MET I 424 -47.27 -11.56 56.71
N GLY I 425 -46.28 -12.45 56.67
CA GLY I 425 -46.15 -13.58 57.60
C GLY I 425 -47.17 -14.71 57.38
N ASN I 426 -47.86 -14.72 56.23
CA ASN I 426 -48.86 -15.73 55.87
C ASN I 426 -48.25 -16.85 55.01
N GLU I 427 -48.76 -18.07 55.14
CA GLU I 427 -48.43 -19.16 54.22
C GLU I 427 -48.93 -18.83 52.80
N PRO I 428 -48.15 -19.19 51.76
CA PRO I 428 -48.55 -18.99 50.38
C PRO I 428 -49.82 -19.81 50.07
N PRO I 429 -50.77 -19.27 49.27
CA PRO I 429 -52.01 -19.97 48.97
C PRO I 429 -51.78 -21.32 48.29
N ALA I 430 -52.47 -22.37 48.76
CA ALA I 430 -52.35 -23.73 48.22
C ALA I 430 -52.88 -23.88 46.78
N SER I 431 -53.59 -22.88 46.25
CA SER I 431 -54.17 -22.88 44.90
C SER I 431 -53.19 -22.47 43.78
N LEU I 432 -51.94 -22.15 44.10
CA LEU I 432 -50.93 -21.71 43.13
C LEU I 432 -50.56 -22.86 42.19
N ARG I 433 -50.55 -22.60 40.88
CA ARG I 433 -50.22 -23.60 39.85
C ARG I 433 -48.74 -23.49 39.47
N ARG I 434 -48.04 -24.62 39.39
CA ARG I 434 -46.60 -24.68 39.10
C ARG I 434 -46.29 -25.16 37.68
N ASP I 435 -47.19 -24.88 36.75
CA ASP I 435 -47.15 -25.42 35.38
C ASP I 435 -45.80 -25.16 34.67
N LEU I 436 -45.29 -23.92 34.74
CA LEU I 436 -44.03 -23.54 34.09
C LEU I 436 -42.81 -24.14 34.80
N GLU I 437 -42.84 -24.20 36.13
CA GLU I 437 -41.81 -24.88 36.93
C GLU I 437 -41.73 -26.37 36.53
N HIS I 438 -42.87 -27.04 36.36
CA HIS I 438 -42.91 -28.44 35.92
C HIS I 438 -42.43 -28.62 34.47
N LEU I 439 -42.71 -27.69 33.57
CA LEU I 439 -42.16 -27.72 32.20
C LEU I 439 -40.62 -27.62 32.19
N LEU I 440 -40.04 -26.72 32.99
CA LEU I 440 -38.58 -26.57 33.11
C LEU I 440 -37.92 -27.83 33.69
N LEU I 441 -38.55 -28.43 34.71
CA LEU I 441 -38.08 -29.68 35.31
C LEU I 441 -38.19 -30.86 34.32
N LEU I 442 -39.27 -30.93 33.53
CA LEU I 442 -39.45 -31.93 32.48
C LEU I 442 -38.32 -31.87 31.45
N ILE I 443 -38.01 -30.67 30.95
CA ILE I 443 -36.89 -30.47 30.02
C ILE I 443 -35.57 -30.87 30.70
N GLY I 444 -35.36 -30.47 31.96
CA GLY I 444 -34.17 -30.84 32.71
C GLY I 444 -33.98 -32.36 32.88
N GLU I 445 -35.04 -33.10 33.18
CA GLU I 445 -34.97 -34.55 33.40
C GLU I 445 -34.91 -35.33 32.07
N LEU I 446 -35.64 -34.91 31.03
CA LEU I 446 -35.65 -35.57 29.72
C LEU I 446 -34.26 -35.65 29.09
N TYR I 447 -33.48 -34.57 29.18
CA TYR I 447 -32.14 -34.50 28.59
C TYR I 447 -31.03 -34.88 29.56
N ARG I 448 -31.35 -35.26 30.81
CA ARG I 448 -30.31 -35.57 31.81
C ARG I 448 -29.37 -36.69 31.39
N LYS I 449 -29.87 -37.66 30.63
CA LYS I 449 -29.14 -38.81 30.09
C LYS I 449 -29.43 -38.95 28.61
N ASP I 450 -28.41 -39.20 27.81
CA ASP I 450 -28.53 -39.50 26.38
C ASP I 450 -27.85 -40.85 26.09
N PRO I 451 -28.54 -41.99 26.32
CA PRO I 451 -27.94 -43.31 26.20
C PRO I 451 -27.67 -43.73 24.75
N PHE I 452 -28.40 -43.16 23.78
CA PHE I 452 -28.26 -43.49 22.35
C PHE I 452 -27.47 -42.43 21.56
N HIS I 453 -26.86 -41.45 22.25
CA HIS I 453 -26.08 -40.37 21.63
C HIS I 453 -26.85 -39.64 20.50
N LEU I 454 -28.13 -39.36 20.72
CA LEU I 454 -29.01 -38.75 19.72
C LEU I 454 -28.80 -37.24 19.59
N GLU I 455 -28.15 -36.62 20.58
CA GLU I 455 -27.85 -35.18 20.64
C GLU I 455 -29.09 -34.26 20.47
N LEU I 456 -30.29 -34.76 20.84
CA LEU I 456 -31.57 -34.05 20.68
C LEU I 456 -31.65 -32.72 21.46
N ALA I 457 -30.79 -32.54 22.47
CA ALA I 457 -30.69 -31.27 23.20
C ALA I 457 -30.12 -30.12 22.34
N LEU I 458 -29.43 -30.42 21.23
CA LEU I 458 -28.89 -29.41 20.30
C LEU I 458 -29.96 -28.51 19.67
N GLU I 459 -31.20 -28.98 19.55
CA GLU I 459 -32.31 -28.15 19.05
C GLU I 459 -32.59 -26.92 19.93
N TYR I 460 -32.21 -26.95 21.21
CA TYR I 460 -32.35 -25.80 22.12
C TYR I 460 -31.22 -24.78 21.98
N TRP I 461 -30.13 -25.12 21.29
CA TRP I 461 -28.95 -24.27 21.16
C TRP I 461 -28.83 -23.72 19.74
N CYS I 462 -28.50 -22.44 19.58
CA CYS I 462 -28.22 -21.83 18.28
C CYS I 462 -26.74 -21.40 18.25
N PRO I 463 -25.90 -21.95 17.37
CA PRO I 463 -24.51 -21.54 17.25
C PRO I 463 -24.44 -20.05 16.90
N THR I 464 -23.74 -19.25 17.72
CA THR I 464 -23.54 -17.82 17.43
C THR I 464 -22.26 -17.59 16.62
N GLU I 465 -21.30 -18.52 16.72
CA GLU I 465 -20.04 -18.52 15.98
C GLU I 465 -19.82 -19.89 15.31
N PRO I 466 -19.33 -19.93 14.05
CA PRO I 466 -18.93 -21.19 13.42
C PRO I 466 -17.67 -21.73 14.10
N LEU I 467 -17.78 -22.92 14.69
CA LEU I 467 -16.65 -23.67 15.25
C LEU I 467 -15.62 -23.96 14.14
N GLN I 468 -14.48 -23.27 14.18
CA GLN I 468 -13.30 -23.59 13.38
C GLN I 468 -12.66 -24.88 13.92
N SER I 469 -13.24 -26.04 13.58
CA SER I 469 -12.61 -27.34 13.73
C SER I 469 -12.10 -27.78 12.35
N THR I 470 -10.79 -27.65 12.13
CA THR I 470 -10.11 -28.00 10.87
C THR I 470 -9.85 -29.51 10.70
N SER I 471 -10.38 -30.38 11.57
CA SER I 471 -9.90 -31.78 11.68
C SER I 471 -10.81 -32.88 11.10
N LEU I 472 -11.82 -32.56 10.28
CA LEU I 472 -12.52 -33.57 9.45
C LEU I 472 -12.60 -33.09 8.00
N MET I 473 -11.43 -33.10 7.37
CA MET I 473 -11.23 -32.93 5.94
C MET I 473 -11.69 -34.23 5.25
N GLY I 474 -12.99 -34.36 4.96
CA GLY I 474 -13.50 -35.62 4.43
C GLY I 474 -14.98 -35.71 4.09
N SER I 475 -15.68 -34.63 3.73
CA SER I 475 -16.85 -34.76 2.85
C SER I 475 -17.05 -33.51 2.00
N PHE I 476 -17.08 -33.76 0.69
CA PHE I 476 -16.97 -32.79 -0.39
C PHE I 476 -18.30 -32.09 -0.71
N LEU I 477 -19.08 -31.71 0.31
CA LEU I 477 -20.27 -30.88 0.15
C LEU I 477 -20.06 -29.53 0.83
N GLY I 478 -19.45 -28.63 0.08
CA GLY I 478 -19.45 -27.20 0.40
C GLY I 478 -20.89 -26.67 0.42
N VAL I 479 -21.42 -26.42 1.61
CA VAL I 479 -22.59 -25.56 1.82
C VAL I 479 -22.28 -24.61 2.97
N ALA I 480 -21.77 -23.45 2.60
CA ALA I 480 -21.71 -22.28 3.45
C ALA I 480 -23.13 -21.88 3.92
N HIS I 481 -23.26 -21.50 5.19
CA HIS I 481 -24.36 -20.69 5.73
C HIS I 481 -25.79 -21.20 5.52
N GLN I 482 -26.15 -22.38 6.02
CA GLN I 482 -27.56 -22.60 6.35
C GLN I 482 -27.92 -21.77 7.58
N ARG I 483 -28.92 -20.89 7.45
CA ARG I 483 -29.59 -20.30 8.62
C ARG I 483 -30.10 -21.47 9.48
N PRO I 484 -29.95 -21.41 10.81
CA PRO I 484 -30.49 -22.44 11.68
C PRO I 484 -32.00 -22.59 11.45
N PRO I 485 -32.54 -23.82 11.46
CA PRO I 485 -33.96 -24.08 11.25
C PRO I 485 -34.82 -23.24 12.20
N GLN I 486 -35.98 -22.77 11.72
CA GLN I 486 -36.88 -21.89 12.48
C GLN I 486 -37.24 -22.49 13.86
N ARG I 487 -37.39 -23.81 13.93
CA ARG I 487 -37.60 -24.59 15.15
C ARG I 487 -36.50 -24.33 16.19
N GLN I 488 -35.23 -24.48 15.80
CA GLN I 488 -34.05 -24.27 16.66
C GLN I 488 -33.93 -22.80 17.12
N VAL I 489 -34.31 -21.84 16.27
CA VAL I 489 -34.36 -20.41 16.65
C VAL I 489 -35.43 -20.16 17.72
N LEU I 490 -36.61 -20.79 17.63
CA LEU I 490 -37.67 -20.63 18.62
C LEU I 490 -37.32 -21.26 19.97
N LEU I 491 -36.72 -22.45 19.96
CA LEU I 491 -36.30 -23.15 21.19
C LEU I 491 -35.14 -22.42 21.89
N SER I 492 -34.15 -21.96 21.14
CA SER I 492 -33.05 -21.14 21.72
C SER I 492 -33.56 -19.80 22.25
N LYS I 493 -34.56 -19.19 21.60
CA LYS I 493 -35.26 -18.01 22.12
C LYS I 493 -36.01 -18.33 23.41
N PHE I 494 -36.65 -19.50 23.52
CA PHE I 494 -37.29 -19.95 24.74
C PHE I 494 -36.28 -20.03 25.91
N VAL I 495 -35.12 -20.68 25.72
CA VAL I 495 -34.09 -20.79 26.78
C VAL I 495 -33.59 -19.42 27.25
N ARG I 496 -33.36 -18.48 26.32
CA ARG I 496 -32.94 -17.10 26.64
C ARG I 496 -34.04 -16.30 27.33
N GLN I 497 -35.28 -16.39 26.82
CA GLN I 497 -36.44 -15.73 27.41
C GLN I 497 -36.65 -16.18 28.86
N MET I 498 -36.53 -17.47 29.14
CA MET I 498 -36.67 -18.00 30.50
C MET I 498 -35.61 -17.47 31.47
N SER I 499 -34.46 -16.97 31.00
CA SER I 499 -33.42 -16.34 31.85
C SER I 499 -33.69 -14.87 32.19
N ASP I 500 -34.45 -14.17 31.35
CA ASP I 500 -34.64 -12.72 31.42
C ASP I 500 -35.55 -12.35 32.61
N LEU I 501 -35.05 -11.55 33.56
CA LEU I 501 -35.74 -11.15 34.81
C LEU I 501 -36.30 -12.35 35.61
N LEU I 502 -35.48 -13.38 35.83
CA LEU I 502 -35.88 -14.63 36.49
C LEU I 502 -36.40 -14.43 37.93
N PRO I 503 -37.67 -14.79 38.24
CA PRO I 503 -38.20 -14.80 39.61
C PRO I 503 -37.49 -15.81 40.52
N ALA I 504 -37.39 -15.51 41.81
CA ALA I 504 -36.75 -16.41 42.79
C ALA I 504 -37.35 -17.82 42.84
N THR I 505 -38.64 -17.98 42.52
CA THR I 505 -39.34 -19.27 42.46
C THR I 505 -38.89 -20.14 41.28
N LEU I 506 -38.43 -19.54 40.18
CA LEU I 506 -38.00 -20.24 38.97
C LEU I 506 -36.49 -20.45 38.89
N TYR I 507 -35.71 -19.90 39.83
CA TYR I 507 -34.25 -20.02 39.87
C TYR I 507 -33.77 -21.48 39.84
N LEU I 508 -34.21 -22.31 40.79
CA LEU I 508 -33.82 -23.73 40.87
C LEU I 508 -34.31 -24.54 39.65
N PRO I 509 -35.60 -24.45 39.24
CA PRO I 509 -36.08 -25.12 38.03
C PRO I 509 -35.29 -24.76 36.77
N TYR I 510 -34.94 -23.48 36.60
CA TYR I 510 -34.16 -23.02 35.45
C TYR I 510 -32.73 -23.58 35.46
N LEU I 511 -32.05 -23.61 36.60
CA LEU I 511 -30.73 -24.24 36.72
C LEU I 511 -30.78 -25.75 36.44
N LYS I 512 -31.83 -26.44 36.91
CA LYS I 512 -32.05 -27.87 36.60
C LYS I 512 -32.34 -28.10 35.12
N MET I 513 -33.10 -27.20 34.47
CA MET I 513 -33.29 -27.23 33.02
C MET I 513 -31.97 -27.08 32.28
N LEU I 514 -31.15 -26.07 32.62
CA LEU I 514 -29.84 -25.87 32.00
C LEU I 514 -28.93 -27.07 32.22
N ARG I 515 -28.98 -27.71 33.40
CA ARG I 515 -28.20 -28.91 33.68
C ARG I 515 -28.57 -30.05 32.75
N GLY I 516 -29.87 -30.27 32.52
CA GLY I 516 -30.34 -31.25 31.54
C GLY I 516 -29.91 -30.89 30.13
N LEU I 517 -30.04 -29.64 29.72
CA LEU I 517 -29.66 -29.17 28.37
C LEU I 517 -28.15 -29.08 28.12
N ALA I 518 -27.33 -29.16 29.17
CA ALA I 518 -25.86 -29.15 29.10
C ALA I 518 -25.25 -30.56 29.05
N SER I 519 -26.06 -31.61 28.99
CA SER I 519 -25.58 -32.97 28.77
C SER I 519 -25.10 -33.14 27.33
N GLY I 520 -23.83 -33.49 27.15
CA GLY I 520 -23.20 -33.65 25.83
C GLY I 520 -22.15 -32.59 25.51
N PRO I 521 -21.16 -32.91 24.65
CA PRO I 521 -19.95 -32.10 24.47
C PRO I 521 -20.23 -30.70 23.91
N GLN I 522 -21.05 -30.60 22.86
CA GLN I 522 -21.42 -29.33 22.23
C GLN I 522 -22.41 -28.52 23.09
N CYS I 523 -23.44 -29.19 23.63
CA CYS I 523 -24.43 -28.63 24.55
C CYS I 523 -23.79 -27.96 25.77
N ALA I 524 -22.81 -28.63 26.40
CA ALA I 524 -22.05 -28.07 27.52
C ALA I 524 -21.28 -26.80 27.13
N HIS I 525 -20.65 -26.79 25.95
CA HIS I 525 -19.93 -25.62 25.44
C HIS I 525 -20.85 -24.43 25.15
N TYR I 526 -22.04 -24.67 24.58
CA TYR I 526 -23.04 -23.61 24.37
C TYR I 526 -23.62 -23.09 25.68
N CYS I 527 -23.87 -23.96 26.66
CA CYS I 527 -24.29 -23.55 28.00
C CYS I 527 -23.21 -22.71 28.70
N PHE I 528 -21.93 -23.12 28.61
CA PHE I 528 -20.80 -22.34 29.09
C PHE I 528 -20.75 -20.94 28.47
N SER I 529 -20.93 -20.86 27.15
CA SER I 529 -20.95 -19.59 26.41
C SER I 529 -22.12 -18.69 26.80
N LEU I 530 -23.32 -19.27 27.03
CA LEU I 530 -24.49 -18.53 27.51
C LEU I 530 -24.23 -17.91 28.90
N LEU I 531 -23.72 -18.69 29.85
CA LEU I 531 -23.42 -18.22 31.21
C LEU I 531 -22.30 -17.18 31.24
N LYS I 532 -21.33 -17.29 30.32
CA LYS I 532 -20.26 -16.30 30.12
C LYS I 532 -20.81 -14.99 29.54
N ALA I 533 -21.70 -15.06 28.55
CA ALA I 533 -22.33 -13.89 27.94
C ALA I 533 -23.23 -13.12 28.94
N ASN I 534 -23.88 -13.82 29.88
CA ASN I 534 -24.71 -13.19 30.91
C ASN I 534 -23.93 -12.33 31.92
N GLY I 535 -22.62 -12.55 32.09
CA GLY I 535 -21.78 -11.79 33.04
C GLY I 535 -21.16 -10.50 32.47
N GLY I 536 -20.92 -10.44 31.15
CA GLY I 536 -20.05 -9.41 30.56
C GLY I 536 -20.59 -7.97 30.50
N SER I 537 -21.83 -7.68 30.92
CA SER I 537 -22.48 -6.40 30.61
C SER I 537 -22.32 -5.28 31.66
N SER I 538 -21.61 -5.45 32.78
CA SER I 538 -21.48 -4.36 33.77
C SER I 538 -20.24 -4.46 34.67
N ALA I 539 -19.06 -4.09 34.16
CA ALA I 539 -17.85 -4.00 34.97
C ALA I 539 -17.56 -2.58 35.53
N GLU I 540 -18.19 -1.50 35.03
CA GLU I 540 -17.75 -0.14 35.41
C GLU I 540 -18.67 0.62 36.40
N ASN I 541 -19.85 0.10 36.76
CA ASN I 541 -20.72 0.75 37.75
C ASN I 541 -21.08 -0.19 38.92
N LEU I 542 -20.16 -0.29 39.89
CA LEU I 542 -20.25 -1.14 41.10
C LEU I 542 -21.46 -0.88 42.02
N GLN I 543 -22.24 0.19 41.82
CA GLN I 543 -23.36 0.52 42.72
C GLN I 543 -24.74 0.08 42.21
N ALA I 544 -24.84 -0.58 41.05
CA ALA I 544 -26.06 -1.21 40.59
C ALA I 544 -25.85 -2.72 40.49
N ALA I 545 -26.41 -3.47 41.44
CA ALA I 545 -26.46 -4.92 41.49
C ALA I 545 -27.33 -5.55 40.38
N GLY I 546 -27.14 -5.13 39.13
CA GLY I 546 -27.96 -5.48 37.96
C GLY I 546 -27.42 -6.64 37.11
N GLY I 547 -26.47 -7.43 37.61
CA GLY I 547 -25.99 -8.63 36.91
C GLY I 547 -27.05 -9.75 36.93
N SER I 548 -27.09 -10.58 35.88
CA SER I 548 -27.96 -11.76 35.87
C SER I 548 -27.55 -12.74 36.98
N PRO I 549 -28.50 -13.25 37.81
CA PRO I 549 -28.21 -14.24 38.85
C PRO I 549 -27.77 -15.60 38.30
N VAL I 550 -27.89 -15.82 36.99
CA VAL I 550 -27.46 -17.03 36.28
C VAL I 550 -26.28 -16.69 35.38
N SER I 551 -25.12 -16.48 36.01
CA SER I 551 -23.85 -16.12 35.38
C SER I 551 -22.66 -16.72 36.14
N TRP I 552 -21.53 -16.92 35.45
CA TRP I 552 -20.31 -17.43 36.10
C TRP I 552 -19.78 -16.48 37.18
N ASP I 553 -19.83 -15.17 36.93
CA ASP I 553 -19.45 -14.14 37.90
C ASP I 553 -20.24 -14.27 39.19
N HIS I 554 -21.57 -14.42 39.11
CA HIS I 554 -22.40 -14.58 40.30
C HIS I 554 -22.11 -15.89 41.05
N PHE I 555 -21.91 -17.00 40.34
CA PHE I 555 -21.67 -18.31 40.97
C PHE I 555 -20.36 -18.31 41.77
N PHE I 556 -19.25 -17.91 41.15
CA PHE I 556 -17.94 -17.93 41.82
C PHE I 556 -17.75 -16.79 42.81
N HIS I 557 -18.32 -15.59 42.56
CA HIS I 557 -18.31 -14.52 43.55
C HIS I 557 -19.11 -14.91 44.80
N SER I 558 -20.25 -15.59 44.64
CA SER I 558 -21.03 -16.11 45.79
C SER I 558 -20.22 -17.12 46.60
N LEU I 559 -19.56 -18.09 45.94
CA LEU I 559 -18.69 -19.06 46.62
C LEU I 559 -17.53 -18.37 47.38
N MET I 560 -16.94 -17.34 46.79
CA MET I 560 -15.88 -16.54 47.41
C MET I 560 -16.39 -15.76 48.64
N LEU I 561 -17.57 -15.13 48.55
CA LEU I 561 -18.20 -14.43 49.69
C LEU I 561 -18.50 -15.39 50.85
N TYR I 562 -19.02 -16.59 50.57
CA TYR I 562 -19.24 -17.62 51.59
C TYR I 562 -17.91 -18.10 52.20
N HIS I 563 -16.87 -18.30 51.39
CA HIS I 563 -15.55 -18.66 51.87
C HIS I 563 -14.99 -17.59 52.83
N GLU I 564 -15.06 -16.31 52.45
CA GLU I 564 -14.59 -15.21 53.29
C GLU I 564 -15.39 -15.03 54.59
N HIS I 565 -16.72 -15.16 54.54
CA HIS I 565 -17.56 -15.00 55.74
C HIS I 565 -17.37 -16.15 56.73
N LEU I 566 -17.37 -17.40 56.25
CA LEU I 566 -17.24 -18.57 57.11
C LEU I 566 -15.83 -18.70 57.72
N ARG I 567 -14.80 -18.15 57.08
CA ARG I 567 -13.42 -18.16 57.60
C ARG I 567 -13.18 -17.14 58.71
N ARG I 568 -13.86 -15.98 58.71
CA ARG I 568 -13.75 -14.96 59.79
C ARG I 568 -14.26 -15.47 61.14
N ASP I 569 -15.12 -16.49 61.16
CA ASP I 569 -15.75 -17.05 62.35
C ASP I 569 -15.04 -18.31 62.90
N LEU I 570 -13.85 -18.68 62.40
CA LEU I 570 -13.08 -19.80 62.94
C LEU I 570 -12.46 -19.41 64.31
N PRO I 571 -12.81 -20.06 65.43
CA PRO I 571 -12.37 -19.62 66.75
C PRO I 571 -10.86 -19.81 66.94
N ASN I 572 -10.15 -18.72 67.26
CA ASN I 572 -8.79 -18.78 67.79
C ASN I 572 -8.78 -19.61 69.09
N THR I 573 -7.79 -20.50 69.20
CA THR I 573 -7.70 -21.61 70.17
C THR I 573 -7.58 -21.23 71.66
N ASP I 574 -7.62 -19.95 72.01
CA ASP I 574 -7.26 -19.48 73.37
C ASP I 574 -8.42 -18.99 74.26
N ASN I 575 -9.70 -19.11 73.88
CA ASN I 575 -10.80 -18.64 74.74
C ASN I 575 -11.91 -19.67 74.97
N ILE I 576 -11.74 -20.48 76.03
CA ILE I 576 -12.66 -21.54 76.49
C ILE I 576 -13.88 -21.00 77.28
N HIS I 577 -14.04 -19.69 77.44
CA HIS I 577 -15.08 -19.14 78.32
C HIS I 577 -15.83 -17.95 77.73
N GLN I 578 -16.78 -18.21 76.82
CA GLN I 578 -18.07 -17.51 76.74
C GLN I 578 -18.98 -18.12 75.66
N ARG I 579 -20.23 -18.39 76.04
CA ARG I 579 -21.30 -18.89 75.17
C ARG I 579 -21.60 -17.86 74.07
N HIS I 580 -21.07 -18.06 72.86
CA HIS I 580 -21.43 -17.22 71.73
C HIS I 580 -22.76 -17.67 71.07
N PRO I 581 -23.52 -16.73 70.49
CA PRO I 581 -24.84 -16.98 69.87
C PRO I 581 -24.69 -17.82 68.58
N PRO I 582 -25.77 -18.45 68.10
CA PRO I 582 -25.69 -19.48 67.06
C PRO I 582 -25.13 -18.93 65.74
N LEU I 583 -24.19 -19.69 65.16
CA LEU I 583 -23.62 -19.50 63.83
C LEU I 583 -24.70 -19.10 62.83
N ARG I 584 -24.48 -18.00 62.09
CA ARG I 584 -25.35 -17.58 60.99
C ARG I 584 -25.14 -18.53 59.80
N GLY I 585 -25.68 -19.75 59.90
CA GLY I 585 -25.54 -20.79 58.88
C GLY I 585 -26.19 -20.41 57.55
N ILE I 586 -25.65 -20.96 56.46
CA ILE I 586 -26.24 -20.91 55.12
C ILE I 586 -27.70 -21.35 55.23
N THR I 587 -28.65 -20.54 54.74
CA THR I 587 -30.07 -20.92 54.78
C THR I 587 -30.35 -22.09 53.83
N GLN I 588 -31.40 -22.87 54.07
CA GLN I 588 -31.71 -24.04 53.21
C GLN I 588 -31.90 -23.65 51.73
N ARG I 589 -32.52 -22.50 51.45
CA ARG I 589 -32.71 -22.02 50.07
C ARG I 589 -31.39 -21.63 49.40
N GLU I 590 -30.49 -20.99 50.14
CA GLU I 590 -29.14 -20.68 49.65
C GLU I 590 -28.34 -21.97 49.42
N LEU I 591 -28.47 -22.95 50.32
CA LEU I 591 -27.84 -24.26 50.18
C LEU I 591 -28.29 -24.97 48.91
N ASP I 592 -29.60 -25.05 48.66
CA ASP I 592 -30.16 -25.67 47.46
C ASP I 592 -29.73 -24.94 46.19
N GLY I 593 -29.61 -23.60 46.24
CA GLY I 593 -29.06 -22.78 45.17
C GLY I 593 -27.59 -23.08 44.87
N LEU I 594 -26.73 -23.10 45.90
CA LEU I 594 -25.30 -23.45 45.77
C LEU I 594 -25.11 -24.85 45.20
N ILE I 595 -25.89 -25.83 45.69
CA ILE I 595 -25.86 -27.21 45.17
C ILE I 595 -26.26 -27.24 43.69
N ALA I 596 -27.33 -26.55 43.30
CA ALA I 596 -27.75 -26.52 41.90
C ALA I 596 -26.69 -25.87 41.00
N CYS I 597 -26.05 -24.78 41.44
CA CYS I 597 -24.95 -24.12 40.72
C CYS I 597 -23.74 -25.04 40.56
N LEU I 598 -23.32 -25.74 41.64
CA LEU I 598 -22.22 -26.70 41.59
C LEU I 598 -22.55 -27.87 40.66
N GLN I 599 -23.77 -28.41 40.70
CA GLN I 599 -24.20 -29.51 39.82
C GLN I 599 -24.23 -29.12 38.34
N LEU I 600 -24.69 -27.90 38.02
CA LEU I 600 -24.62 -27.35 36.67
C LEU I 600 -23.16 -27.18 36.23
N THR I 601 -22.32 -26.63 37.11
CA THR I 601 -20.88 -26.46 36.86
C THR I 601 -20.22 -27.81 36.57
N CYS I 602 -20.43 -28.82 37.42
CA CYS I 602 -19.95 -30.19 37.23
C CYS I 602 -20.37 -30.74 35.87
N THR I 603 -21.64 -30.61 35.51
CA THR I 603 -22.18 -31.18 34.26
C THR I 603 -21.52 -30.53 33.04
N ILE I 604 -21.33 -29.20 33.05
CA ILE I 604 -20.69 -28.47 31.95
C ILE I 604 -19.22 -28.90 31.79
N ILE I 605 -18.45 -28.91 32.89
CA ILE I 605 -17.02 -29.27 32.83
C ILE I 605 -16.79 -30.78 32.66
N ASP I 606 -17.77 -31.62 32.99
CA ASP I 606 -17.72 -33.06 32.75
C ASP I 606 -17.67 -33.38 31.24
N TRP I 607 -18.43 -32.64 30.43
CA TRP I 607 -18.56 -32.85 28.99
C TRP I 607 -17.65 -31.95 28.13
N SER I 608 -17.30 -30.74 28.60
CA SER I 608 -16.47 -29.79 27.83
C SER I 608 -15.11 -29.55 28.50
N GLU I 609 -14.06 -30.09 27.89
CA GLU I 609 -12.68 -29.88 28.34
C GLU I 609 -12.25 -28.41 28.22
N SER I 610 -12.66 -27.71 27.15
CA SER I 610 -12.35 -26.28 26.99
C SER I 610 -12.97 -25.42 28.08
N ALA I 611 -14.20 -25.72 28.51
CA ALA I 611 -14.83 -25.06 29.65
C ALA I 611 -14.10 -25.39 30.97
N ARG I 612 -13.66 -26.64 31.15
CA ARG I 612 -12.94 -27.10 32.34
C ARG I 612 -11.63 -26.34 32.55
N LEU I 613 -10.81 -26.23 31.50
CA LEU I 613 -9.54 -25.48 31.53
C LEU I 613 -9.79 -23.97 31.74
N ALA I 614 -10.70 -23.37 30.96
CA ALA I 614 -10.99 -21.94 31.03
C ALA I 614 -11.52 -21.49 32.39
N LEU I 615 -12.33 -22.31 33.07
CA LEU I 615 -12.82 -22.01 34.41
C LEU I 615 -11.73 -22.16 35.47
N CYS I 616 -10.91 -23.21 35.38
CA CYS I 616 -9.86 -23.49 36.37
C CYS I 616 -8.75 -22.44 36.36
N GLU I 617 -8.36 -21.95 35.17
CA GLU I 617 -7.29 -20.95 34.99
C GLU I 617 -7.77 -19.50 35.25
N HIS I 618 -9.05 -19.27 35.56
CA HIS I 618 -9.57 -17.92 35.75
C HIS I 618 -8.99 -17.24 37.00
N ALA I 619 -8.08 -16.29 36.77
CA ALA I 619 -7.27 -15.64 37.80
C ALA I 619 -8.08 -14.96 38.93
N GLN I 620 -9.28 -14.45 38.64
CA GLN I 620 -10.11 -13.77 39.64
C GLN I 620 -10.93 -14.72 40.50
N TRP I 621 -11.37 -15.85 39.95
CA TRP I 621 -12.30 -16.75 40.65
C TRP I 621 -11.56 -17.79 41.48
N MET I 622 -10.34 -18.16 41.06
CA MET I 622 -9.50 -19.20 41.67
C MET I 622 -10.32 -20.40 42.20
N PRO I 623 -11.14 -21.06 41.36
CA PRO I 623 -12.18 -21.96 41.86
C PRO I 623 -11.66 -23.09 42.75
N VAL I 624 -10.52 -23.69 42.38
CA VAL I 624 -9.89 -24.77 43.15
C VAL I 624 -9.52 -24.30 44.56
N VAL I 625 -8.94 -23.11 44.70
CA VAL I 625 -8.54 -22.54 46.00
C VAL I 625 -9.77 -22.25 46.86
N VAL I 626 -10.81 -21.64 46.27
CA VAL I 626 -12.05 -21.31 46.98
C VAL I 626 -12.79 -22.58 47.43
N ILE I 627 -12.90 -23.58 46.55
CA ILE I 627 -13.58 -24.85 46.85
C ILE I 627 -12.84 -25.62 47.95
N LEU I 628 -11.50 -25.74 47.85
CA LEU I 628 -10.69 -26.38 48.89
C LEU I 628 -10.76 -25.63 50.22
N GLY I 629 -10.80 -24.29 50.17
CA GLY I 629 -10.97 -23.45 51.35
C GLY I 629 -12.34 -23.65 52.02
N LEU I 630 -13.42 -23.82 51.26
CA LEU I 630 -14.75 -24.13 51.78
C LEU I 630 -14.83 -25.52 52.42
N LEU I 631 -14.07 -26.50 51.92
CA LEU I 631 -14.01 -27.84 52.52
C LEU I 631 -13.43 -27.82 53.94
N GLN I 632 -12.57 -26.85 54.26
CA GLN I 632 -12.02 -26.63 55.60
C GLN I 632 -13.00 -25.94 56.56
N CYS I 633 -14.07 -25.30 56.05
CA CYS I 633 -15.10 -24.66 56.88
C CYS I 633 -16.11 -25.69 57.42
N SER I 634 -16.83 -25.33 58.49
CA SER I 634 -17.94 -26.13 59.04
C SER I 634 -19.23 -25.93 58.24
N ILE I 635 -19.30 -26.53 57.04
CA ILE I 635 -20.50 -26.55 56.17
C ILE I 635 -21.16 -27.94 56.15
N PRO I 636 -22.46 -28.05 55.76
CA PRO I 636 -23.16 -29.32 55.69
C PRO I 636 -22.46 -30.35 54.77
N PRO I 637 -22.49 -31.66 55.12
CA PRO I 637 -21.77 -32.71 54.39
C PRO I 637 -22.25 -32.86 52.94
N LEU I 638 -23.53 -32.58 52.66
CA LEU I 638 -24.07 -32.57 51.30
C LEU I 638 -23.38 -31.53 50.41
N LEU I 639 -23.16 -30.31 50.93
CA LEU I 639 -22.46 -29.27 50.18
C LEU I 639 -20.98 -29.65 49.97
N LYS I 640 -20.32 -30.22 50.98
CA LYS I 640 -18.94 -30.74 50.84
C LYS I 640 -18.85 -31.85 49.80
N ALA I 641 -19.83 -32.76 49.74
CA ALA I 641 -19.87 -33.81 48.75
C ALA I 641 -19.98 -33.24 47.31
N GLU I 642 -20.83 -32.24 47.10
CA GLU I 642 -20.95 -31.58 45.79
C GLU I 642 -19.67 -30.80 45.42
N LEU I 643 -19.03 -30.13 46.38
CA LEU I 643 -17.72 -29.48 46.19
C LEU I 643 -16.64 -30.49 45.75
N LEU I 644 -16.57 -31.66 46.38
CA LEU I 644 -15.64 -32.73 45.99
C LEU I 644 -15.96 -33.29 44.60
N LYS I 645 -17.24 -33.45 44.23
CA LYS I 645 -17.62 -33.84 42.87
C LYS I 645 -17.20 -32.80 41.83
N THR I 646 -17.32 -31.51 42.16
CA THR I 646 -16.83 -30.43 41.29
C THR I 646 -15.31 -30.51 41.11
N LEU I 647 -14.56 -30.77 42.18
CA LEU I 647 -13.11 -31.02 42.08
C LEU I 647 -12.80 -32.27 41.25
N ALA I 648 -13.59 -33.34 41.39
CA ALA I 648 -13.41 -34.56 40.61
C ALA I 648 -13.60 -34.28 39.11
N ALA I 649 -14.63 -33.53 38.75
CA ALA I 649 -14.91 -33.11 37.38
C ALA I 649 -13.80 -32.21 36.80
N PHE I 650 -13.22 -31.30 37.60
CA PHE I 650 -12.01 -30.55 37.23
C PHE I 650 -10.78 -31.46 37.05
N GLY I 651 -10.62 -32.46 37.90
CA GLY I 651 -9.50 -33.40 37.90
C GLY I 651 -9.49 -34.40 36.74
N LYS I 652 -10.49 -34.39 35.86
CA LYS I 652 -10.48 -35.19 34.62
C LYS I 652 -9.42 -34.73 33.61
N SER I 653 -9.02 -33.47 33.63
CA SER I 653 -7.91 -32.98 32.78
C SER I 653 -6.57 -33.15 33.52
N PRO I 654 -5.55 -33.75 32.89
CA PRO I 654 -4.31 -34.13 33.55
C PRO I 654 -3.52 -32.93 34.09
N GLU I 655 -3.59 -31.75 33.44
CA GLU I 655 -2.92 -30.52 33.86
C GLU I 655 -3.46 -30.04 35.22
N ILE I 656 -4.78 -30.10 35.39
CA ILE I 656 -5.46 -29.70 36.62
C ILE I 656 -5.24 -30.76 37.71
N ALA I 657 -5.31 -32.05 37.36
CA ALA I 657 -5.15 -33.16 38.29
C ALA I 657 -3.82 -33.13 39.07
N ALA I 658 -2.70 -32.81 38.40
CA ALA I 658 -1.39 -32.69 39.02
C ALA I 658 -1.36 -31.55 40.07
N SER I 659 -1.98 -30.41 39.76
CA SER I 659 -2.13 -29.28 40.69
C SER I 659 -3.07 -29.60 41.87
N LEU I 660 -4.12 -30.39 41.63
CA LEU I 660 -5.07 -30.83 42.66
C LEU I 660 -4.41 -31.78 43.66
N TRP I 661 -3.54 -32.69 43.23
CA TRP I 661 -2.74 -33.54 44.12
C TRP I 661 -1.88 -32.73 45.08
N GLN I 662 -1.15 -31.72 44.58
CA GLN I 662 -0.34 -30.83 45.41
C GLN I 662 -1.20 -30.01 46.38
N SER I 663 -2.35 -29.54 45.91
CA SER I 663 -3.29 -28.76 46.71
C SER I 663 -3.96 -29.61 47.81
N LEU I 664 -4.28 -30.88 47.53
CA LEU I 664 -4.81 -31.82 48.52
C LEU I 664 -3.81 -32.10 49.64
N GLU I 665 -2.52 -32.24 49.32
CA GLU I 665 -1.46 -32.40 50.33
C GLU I 665 -1.25 -31.12 51.15
N TYR I 666 -1.28 -29.94 50.53
CA TYR I 666 -1.12 -28.68 51.26
C TYR I 666 -2.30 -28.40 52.20
N THR I 667 -3.53 -28.71 51.78
CA THR I 667 -4.74 -28.42 52.54
C THR I 667 -5.05 -29.43 53.65
N GLN I 668 -4.39 -30.60 53.65
CA GLN I 668 -4.54 -31.66 54.65
C GLN I 668 -6.01 -32.04 54.91
N ILE I 669 -6.84 -32.05 53.85
CA ILE I 669 -8.26 -32.47 53.93
C ILE I 669 -8.37 -33.91 54.45
N LEU I 670 -7.47 -34.77 53.98
CA LEU I 670 -7.09 -36.00 54.66
C LEU I 670 -5.77 -35.73 55.39
N GLN I 671 -5.68 -36.06 56.68
CA GLN I 671 -4.43 -35.91 57.42
C GLN I 671 -3.39 -36.93 56.94
N THR I 672 -2.44 -36.49 56.14
CA THR I 672 -1.31 -37.31 55.67
C THR I 672 -0.09 -37.17 56.59
N VAL I 673 0.02 -36.07 57.35
CA VAL I 673 1.08 -35.82 58.34
C VAL I 673 0.54 -35.93 59.76
N ARG I 674 0.96 -36.98 60.49
CA ARG I 674 0.61 -37.15 61.91
C ARG I 674 1.67 -36.49 62.80
N ALA I 675 1.37 -35.33 63.38
CA ALA I 675 2.20 -34.75 64.44
C ALA I 675 1.92 -35.42 65.80
N THR I 676 2.98 -35.80 66.52
CA THR I 676 2.89 -36.39 67.87
C THR I 676 2.37 -35.36 68.88
N GLY I 677 1.07 -35.38 69.19
CA GLY I 677 0.49 -34.57 70.28
C GLY I 677 -0.97 -34.13 70.10
N LEU I 678 -1.46 -34.00 68.86
CA LEU I 678 -2.88 -33.72 68.62
C LEU I 678 -3.68 -35.03 68.58
N ARG I 679 -4.46 -35.32 69.64
CA ARG I 679 -5.37 -36.47 69.68
C ARG I 679 -6.73 -36.22 69.00
N GLN I 680 -7.00 -35.02 68.50
CA GLN I 680 -8.25 -34.71 67.80
C GLN I 680 -7.93 -34.31 66.37
N GLY I 681 -8.05 -35.29 65.46
CA GLY I 681 -7.87 -35.10 64.03
C GLY I 681 -8.96 -34.21 63.46
N VAL I 682 -8.58 -33.29 62.58
CA VAL I 682 -9.49 -32.50 61.73
C VAL I 682 -9.47 -33.17 60.35
N GLY I 683 -10.59 -33.21 59.62
CA GLY I 683 -10.64 -33.70 58.23
C GLY I 683 -11.69 -34.80 57.96
N ILE I 684 -11.66 -35.36 56.75
CA ILE I 684 -12.68 -36.30 56.24
C ILE I 684 -12.82 -37.55 57.11
N GLU I 685 -11.73 -38.06 57.70
CA GLU I 685 -11.79 -39.25 58.56
C GLU I 685 -12.67 -39.03 59.81
N VAL I 686 -12.67 -37.82 60.39
CA VAL I 686 -13.53 -37.50 61.52
C VAL I 686 -14.95 -37.20 61.07
N GLU I 687 -15.14 -36.51 59.95
CA GLU I 687 -16.47 -36.27 59.39
C GLU I 687 -17.20 -37.57 59.05
N LEU I 688 -16.49 -38.55 58.51
CA LEU I 688 -17.01 -39.90 58.26
C LEU I 688 -17.40 -40.60 59.57
N ASN I 689 -16.53 -40.56 60.58
CA ASN I 689 -16.74 -41.31 61.82
C ASN I 689 -17.71 -40.64 62.80
N GLU I 690 -17.87 -39.30 62.76
CA GLU I 690 -18.73 -38.54 63.69
C GLU I 690 -19.99 -37.95 63.06
N ILE I 691 -19.96 -37.49 61.81
CA ILE I 691 -21.08 -36.79 61.16
C ILE I 691 -21.85 -37.76 60.26
N GLU I 692 -21.21 -38.34 59.25
CA GLU I 692 -21.87 -39.26 58.30
C GLU I 692 -22.40 -40.52 58.99
N SER I 693 -21.63 -41.08 59.93
CA SER I 693 -22.06 -42.25 60.72
C SER I 693 -23.30 -42.00 61.57
N ARG I 694 -23.51 -40.76 62.07
CA ARG I 694 -24.71 -40.36 62.83
C ARG I 694 -25.91 -40.10 61.93
N CYS I 695 -25.67 -39.59 60.74
CA CYS I 695 -26.73 -39.38 59.73
C CYS I 695 -27.12 -40.68 59.01
N GLU I 696 -26.31 -41.74 59.14
CA GLU I 696 -26.46 -43.02 58.44
C GLU I 696 -26.46 -42.89 56.90
N GLU I 697 -25.86 -41.82 56.39
CA GLU I 697 -25.73 -41.48 54.97
C GLU I 697 -24.28 -41.05 54.69
N TYR I 698 -23.68 -41.54 53.60
CA TYR I 698 -22.24 -41.38 53.31
C TYR I 698 -21.95 -40.66 51.97
N PRO I 699 -22.53 -39.48 51.69
CA PRO I 699 -22.32 -38.77 50.43
C PRO I 699 -20.89 -38.19 50.29
N LEU I 700 -20.29 -37.69 51.37
CA LEU I 700 -18.96 -37.09 51.38
C LEU I 700 -17.90 -38.16 51.13
N THR I 701 -17.99 -39.30 51.81
CA THR I 701 -17.04 -40.40 51.62
C THR I 701 -17.07 -40.92 50.18
N ARG I 702 -18.25 -41.06 49.57
CA ARG I 702 -18.36 -41.46 48.16
C ARG I 702 -17.80 -40.41 47.20
N ALA I 703 -18.09 -39.13 47.43
CA ALA I 703 -17.55 -38.05 46.62
C ALA I 703 -16.02 -37.95 46.72
N PHE I 704 -15.45 -38.22 47.89
CA PHE I 704 -14.00 -38.32 48.07
C PHE I 704 -13.41 -39.50 47.31
N CYS I 705 -14.03 -40.69 47.40
CA CYS I 705 -13.60 -41.84 46.59
C CYS I 705 -13.68 -41.55 45.09
N GLN I 706 -14.72 -40.85 44.64
CA GLN I 706 -14.86 -40.42 43.24
C GLN I 706 -13.75 -39.45 42.80
N LEU I 707 -13.43 -38.46 43.64
CA LEU I 707 -12.28 -37.56 43.41
C LEU I 707 -10.98 -38.34 43.27
N ILE I 708 -10.70 -39.25 44.21
CA ILE I 708 -9.48 -40.07 44.15
C ILE I 708 -9.47 -40.97 42.92
N SER I 709 -10.60 -41.61 42.58
CA SER I 709 -10.75 -42.43 41.37
C SER I 709 -10.44 -41.65 40.10
N THR I 710 -10.91 -40.40 40.01
CA THR I 710 -10.68 -39.54 38.83
C THR I 710 -9.23 -39.05 38.78
N LEU I 711 -8.66 -38.65 39.92
CA LEU I 711 -7.27 -38.19 40.00
C LEU I 711 -6.26 -39.30 39.68
N VAL I 712 -6.51 -40.54 40.14
CA VAL I 712 -5.66 -41.70 39.83
C VAL I 712 -5.68 -42.02 38.34
N GLU I 713 -6.83 -41.87 37.68
CA GLU I 713 -6.98 -42.14 36.25
C GLU I 713 -6.30 -41.07 35.38
N SER I 714 -6.32 -39.80 35.79
CA SER I 714 -5.76 -38.70 35.00
C SER I 714 -4.27 -38.42 35.28
N SER I 715 -3.80 -38.53 36.53
CA SER I 715 -2.39 -38.32 36.87
C SER I 715 -1.97 -39.05 38.15
N PHE I 716 -0.94 -39.88 38.08
CA PHE I 716 -0.34 -40.52 39.25
C PHE I 716 1.04 -39.89 39.59
N PRO I 717 1.13 -38.99 40.58
CA PRO I 717 2.40 -38.37 40.96
C PRO I 717 3.25 -39.28 41.88
N THR I 718 4.46 -39.63 41.43
CA THR I 718 5.43 -40.42 42.22
C THR I 718 5.95 -39.66 43.44
N ASN I 719 6.19 -38.36 43.30
CA ASN I 719 6.70 -37.48 44.38
C ASN I 719 5.61 -36.89 45.28
N LEU I 720 4.43 -37.51 45.38
CA LEU I 720 3.32 -37.00 46.16
C LEU I 720 3.70 -36.86 47.66
N GLY I 721 3.62 -35.65 48.19
CA GLY I 721 3.98 -35.34 49.58
C GLY I 721 5.48 -35.14 49.85
N ALA I 722 6.33 -35.14 48.81
CA ALA I 722 7.77 -34.91 48.95
C ALA I 722 8.07 -33.60 49.70
N GLY I 723 8.92 -33.68 50.73
CA GLY I 723 9.30 -32.58 51.61
C GLY I 723 8.46 -32.43 52.88
N LEU I 724 7.18 -32.82 52.87
CA LEU I 724 6.30 -32.84 54.06
C LEU I 724 6.35 -34.19 54.78
N ARG I 725 6.41 -35.29 54.01
CA ARG I 725 6.45 -36.68 54.48
C ARG I 725 7.21 -37.55 53.48
N ALA I 726 7.36 -38.84 53.78
CA ALA I 726 7.86 -39.81 52.80
C ALA I 726 6.95 -39.78 51.55
N PRO I 727 7.54 -39.66 50.35
CA PRO I 727 6.76 -39.55 49.12
C PRO I 727 5.96 -40.83 48.87
N GLY I 728 4.75 -40.68 48.31
CA GLY I 728 3.92 -41.78 47.85
C GLY I 728 2.45 -41.71 48.29
N PHE I 729 1.64 -42.64 47.78
CA PHE I 729 0.16 -42.65 47.94
C PHE I 729 -0.34 -43.35 49.23
N GLU I 730 0.55 -43.97 50.01
CA GLU I 730 0.19 -44.87 51.12
C GLU I 730 -0.84 -44.31 52.14
N PRO I 731 -0.80 -43.03 52.59
CA PRO I 731 -1.81 -42.51 53.52
C PRO I 731 -3.25 -42.54 52.96
N TYR I 732 -3.42 -42.28 51.66
CA TYR I 732 -4.72 -42.37 51.00
C TYR I 732 -5.17 -43.82 50.86
N LEU I 733 -4.24 -44.72 50.53
CA LEU I 733 -4.52 -46.16 50.47
C LEU I 733 -4.95 -46.71 51.82
N GLN I 734 -4.28 -46.32 52.91
CA GLN I 734 -4.66 -46.71 54.29
C GLN I 734 -6.05 -46.23 54.66
N PHE I 735 -6.40 -44.98 54.35
CA PHE I 735 -7.76 -44.47 54.58
C PHE I 735 -8.81 -45.27 53.80
N LEU I 736 -8.60 -45.48 52.50
CA LEU I 736 -9.53 -46.22 51.65
C LEU I 736 -9.65 -47.69 52.07
N ARG I 737 -8.54 -48.36 52.39
CA ARG I 737 -8.49 -49.76 52.81
C ARG I 737 -9.03 -49.94 54.22
N ASP I 738 -8.42 -49.31 55.22
CA ASP I 738 -8.64 -49.62 56.63
C ASP I 738 -9.84 -48.87 57.22
N THR I 739 -10.04 -47.61 56.82
CA THR I 739 -11.11 -46.77 57.35
C THR I 739 -12.38 -46.89 56.51
N VAL I 740 -12.31 -46.99 55.18
CA VAL I 740 -13.52 -47.06 54.33
C VAL I 740 -13.93 -48.50 54.03
N PHE I 741 -13.11 -49.27 53.32
CA PHE I 741 -13.44 -50.61 52.84
C PHE I 741 -13.60 -51.60 54.01
N LEU I 742 -12.60 -51.81 54.85
CA LEU I 742 -12.70 -52.81 55.93
C LEU I 742 -13.84 -52.55 56.93
N ARG I 743 -14.31 -51.30 57.05
CA ARG I 743 -15.39 -50.90 57.98
C ARG I 743 -16.75 -50.70 57.33
N TYR I 744 -16.88 -50.78 56.00
CA TYR I 744 -18.15 -50.47 55.33
C TYR I 744 -19.30 -51.38 55.83
N ARG I 745 -19.03 -52.65 56.12
CA ARG I 745 -20.06 -53.58 56.62
C ARG I 745 -20.55 -53.29 58.03
N THR I 746 -19.70 -52.72 58.87
CA THR I 746 -20.02 -52.47 60.29
C THR I 746 -20.83 -51.19 60.50
N ARG I 747 -21.04 -50.40 59.44
CA ARG I 747 -21.74 -49.11 59.48
C ARG I 747 -23.26 -49.27 59.31
N ALA I 748 -24.01 -48.36 59.91
CA ALA I 748 -25.46 -48.22 59.70
C ALA I 748 -25.73 -47.41 58.43
N TYR I 749 -26.76 -47.82 57.67
CA TYR I 749 -27.17 -47.20 56.42
C TYR I 749 -28.67 -46.98 56.40
N ARG I 750 -29.10 -45.73 56.24
CA ARG I 750 -30.53 -45.38 56.11
C ARG I 750 -31.14 -45.94 54.84
N ARG I 751 -30.39 -45.87 53.73
CA ARG I 751 -30.72 -46.49 52.44
C ARG I 751 -29.91 -47.76 52.27
N ALA I 752 -30.57 -48.92 52.24
CA ALA I 752 -29.90 -50.21 52.09
C ALA I 752 -29.01 -50.31 50.83
N ALA I 753 -29.34 -49.59 49.76
CA ALA I 753 -28.55 -49.55 48.53
C ALA I 753 -27.18 -48.84 48.70
N GLU I 754 -27.08 -47.85 49.60
CA GLU I 754 -25.87 -47.04 49.77
C GLU I 754 -24.69 -47.86 50.32
N LYS I 755 -24.97 -48.93 51.06
CA LYS I 755 -23.97 -49.92 51.48
C LYS I 755 -23.13 -50.40 50.30
N TRP I 756 -23.77 -50.64 49.16
CA TRP I 756 -23.12 -51.14 47.94
C TRP I 756 -22.49 -50.01 47.12
N GLU I 757 -23.09 -48.82 47.12
CA GLU I 757 -22.51 -47.62 46.49
C GLU I 757 -21.12 -47.28 47.10
N VAL I 758 -20.97 -47.42 48.43
CA VAL I 758 -19.67 -47.22 49.10
C VAL I 758 -18.65 -48.29 48.72
N ALA I 759 -19.07 -49.55 48.64
CA ALA I 759 -18.19 -50.65 48.25
C ALA I 759 -17.70 -50.51 46.80
N GLU I 760 -18.61 -50.20 45.87
CA GLU I 760 -18.29 -49.93 44.46
C GLU I 760 -17.26 -48.80 44.33
N ALA I 761 -17.49 -47.66 45.02
CA ALA I 761 -16.64 -46.49 44.90
C ALA I 761 -15.20 -46.73 45.35
N VAL I 762 -14.97 -47.53 46.41
CA VAL I 762 -13.60 -47.84 46.87
C VAL I 762 -12.94 -48.90 46.00
N LEU I 763 -13.69 -49.93 45.60
CA LEU I 763 -13.17 -51.01 44.76
C LEU I 763 -12.79 -50.53 43.36
N ASP I 764 -13.50 -49.54 42.80
CA ASP I 764 -13.11 -48.87 41.55
C ASP I 764 -11.70 -48.25 41.64
N VAL I 765 -11.40 -47.57 42.76
CA VAL I 765 -10.05 -47.00 43.01
C VAL I 765 -9.01 -48.11 43.08
N PHE I 766 -9.26 -49.19 43.83
CA PHE I 766 -8.30 -50.30 43.92
C PHE I 766 -8.07 -50.98 42.59
N TYR I 767 -9.12 -51.18 41.80
CA TYR I 767 -9.01 -51.75 40.47
C TYR I 767 -8.14 -50.88 39.57
N LYS I 768 -8.39 -49.56 39.51
CA LYS I 768 -7.58 -48.62 38.72
C LYS I 768 -6.10 -48.62 39.14
N LEU I 769 -5.83 -48.56 40.45
CA LEU I 769 -4.47 -48.61 41.00
C LEU I 769 -3.70 -49.90 40.63
N LEU I 770 -4.40 -51.05 40.60
CA LEU I 770 -3.77 -52.32 40.24
C LEU I 770 -3.69 -52.56 38.73
N LYS I 771 -4.64 -52.02 37.94
CA LYS I 771 -4.71 -52.19 36.48
C LYS I 771 -3.44 -51.69 35.81
N ASP I 772 -3.01 -50.48 36.14
CA ASP I 772 -1.88 -49.82 35.49
C ASP I 772 -0.52 -50.13 36.14
N TYR I 773 -0.51 -50.73 37.33
CA TYR I 773 0.72 -51.12 38.02
C TYR I 773 1.42 -52.34 37.40
N GLU I 774 2.67 -52.23 36.97
CA GLU I 774 3.49 -53.38 36.57
C GLU I 774 4.66 -53.57 37.54
N PRO I 775 4.89 -54.78 38.10
CA PRO I 775 6.00 -55.03 39.01
C PRO I 775 7.35 -54.72 38.36
N GLN I 776 8.09 -53.77 38.95
CA GLN I 776 9.46 -53.42 38.55
C GLN I 776 10.46 -53.87 39.62
N PRO I 777 11.73 -54.16 39.26
CA PRO I 777 12.77 -54.53 40.23
C PRO I 777 12.97 -53.48 41.34
N GLU I 778 12.80 -52.20 41.00
CA GLU I 778 12.93 -51.07 41.92
C GLU I 778 11.92 -51.11 43.08
N ASP I 779 10.73 -51.69 42.87
CA ASP I 779 9.67 -51.80 43.89
C ASP I 779 10.05 -52.72 45.05
N PHE I 780 11.01 -53.62 44.80
CA PHE I 780 11.48 -54.63 45.75
C PHE I 780 12.77 -54.20 46.47
N VAL I 781 13.21 -52.95 46.28
CA VAL I 781 14.36 -52.37 46.97
C VAL I 781 13.89 -51.21 47.85
N ASP I 782 14.29 -51.22 49.13
CA ASP I 782 13.96 -50.12 50.03
C ASP I 782 14.78 -48.88 49.65
N GLN I 783 14.09 -47.86 49.13
CA GLN I 783 14.67 -46.55 48.85
C GLN I 783 14.61 -45.69 50.12
N TYR I 784 15.74 -45.09 50.50
CA TYR I 784 15.81 -44.20 51.68
C TYR I 784 15.77 -42.74 51.23
N VAL I 785 14.92 -41.95 51.87
CA VAL I 785 14.73 -40.52 51.62
C VAL I 785 15.03 -39.76 52.91
N GLU I 786 15.90 -38.74 52.82
CA GLU I 786 16.15 -37.83 53.94
C GLU I 786 14.96 -36.87 54.13
N LEU I 787 14.39 -36.87 55.33
CA LEU I 787 13.35 -35.94 55.76
C LEU I 787 13.77 -35.30 57.08
N GLN I 788 13.93 -33.98 57.09
CA GLN I 788 14.27 -33.20 58.30
C GLN I 788 15.49 -33.75 59.08
N GLY I 789 16.48 -34.33 58.38
CA GLY I 789 17.70 -34.89 58.98
C GLY I 789 17.63 -36.35 59.44
N GLU I 790 16.48 -37.02 59.28
CA GLU I 790 16.36 -38.48 59.46
C GLU I 790 16.16 -39.20 58.13
N GLU I 791 16.83 -40.33 57.93
CA GLU I 791 16.57 -41.25 56.82
C GLU I 791 15.29 -42.05 57.09
N ARG I 792 14.29 -41.94 56.21
CA ARG I 792 13.08 -42.76 56.23
C ARG I 792 12.95 -43.57 54.94
N VAL I 793 12.43 -44.78 55.05
CA VAL I 793 12.10 -45.60 53.88
C VAL I 793 10.95 -44.95 53.10
N ALA I 794 11.12 -44.80 51.79
CA ALA I 794 10.09 -44.32 50.88
C ALA I 794 8.90 -45.27 50.83
N PHE I 795 7.71 -44.76 50.55
CA PHE I 795 6.55 -45.63 50.41
C PHE I 795 6.60 -46.38 49.08
N LYS I 796 6.21 -47.66 49.14
CA LYS I 796 6.06 -48.51 47.96
C LYS I 796 4.88 -48.04 47.10
N PRO I 797 4.89 -48.32 45.80
CA PRO I 797 3.77 -47.98 44.94
C PRO I 797 2.48 -48.68 45.41
N PRO I 798 1.30 -48.08 45.22
CA PRO I 798 0.04 -48.61 45.74
C PRO I 798 -0.31 -49.99 45.18
N GLY I 799 0.04 -50.25 43.91
CA GLY I 799 -0.14 -51.57 43.30
C GLY I 799 0.68 -52.68 43.97
N PHE I 800 1.90 -52.39 44.44
CA PHE I 800 2.71 -53.32 45.25
C PHE I 800 1.98 -53.67 46.55
N SER I 801 1.44 -52.65 47.24
CA SER I 801 0.70 -52.84 48.49
C SER I 801 -0.56 -53.68 48.26
N LEU I 802 -1.33 -53.39 47.20
CA LEU I 802 -2.52 -54.18 46.84
C LEU I 802 -2.16 -55.65 46.52
N MET I 803 -1.12 -55.90 45.73
CA MET I 803 -0.63 -57.26 45.45
C MET I 803 -0.23 -57.99 46.74
N HIS I 804 0.49 -57.31 47.64
CA HIS I 804 0.90 -57.89 48.92
C HIS I 804 -0.29 -58.32 49.81
N HIS I 805 -1.37 -57.53 49.85
CA HIS I 805 -2.56 -57.85 50.62
C HIS I 805 -3.42 -58.94 49.93
N LEU I 806 -3.48 -58.97 48.60
CA LEU I 806 -4.25 -59.98 47.86
C LEU I 806 -3.53 -61.33 47.79
N LEU I 807 -2.20 -61.36 47.88
CA LEU I 807 -1.37 -62.57 47.88
C LEU I 807 -0.96 -63.03 49.30
N ASN I 808 -1.66 -62.56 50.33
CA ASN I 808 -1.54 -63.05 51.70
C ASN I 808 -2.93 -63.22 52.32
N GLU I 809 -3.01 -63.94 53.44
CA GLU I 809 -4.22 -64.05 54.26
C GLU I 809 -4.50 -62.71 54.97
N SER I 810 -4.99 -61.72 54.21
CA SER I 810 -5.28 -60.38 54.70
C SER I 810 -6.78 -60.14 54.87
N PRO I 811 -7.19 -59.20 55.75
CA PRO I 811 -8.58 -58.80 55.90
C PRO I 811 -9.21 -58.27 54.60
N MET I 812 -8.39 -57.72 53.70
CA MET I 812 -8.84 -57.21 52.41
C MET I 812 -9.26 -58.36 51.48
N LEU I 813 -8.43 -59.41 51.38
CA LEU I 813 -8.77 -60.60 50.59
C LEU I 813 -10.01 -61.29 51.16
N GLU I 814 -10.08 -61.48 52.47
CA GLU I 814 -11.25 -62.06 53.15
C GLU I 814 -12.54 -61.26 52.89
N LEU I 815 -12.45 -59.92 52.89
CA LEU I 815 -13.59 -59.06 52.61
C LEU I 815 -14.04 -59.15 51.14
N CYS I 816 -13.09 -59.22 50.20
CA CYS I 816 -13.39 -59.46 48.79
C CYS I 816 -14.10 -60.81 48.57
N LEU I 817 -13.57 -61.90 49.14
CA LEU I 817 -14.16 -63.24 49.01
C LEU I 817 -15.55 -63.32 49.64
N SER I 818 -15.72 -62.72 50.81
CA SER I 818 -17.03 -62.68 51.46
C SER I 818 -18.03 -61.77 50.73
N LEU I 819 -17.58 -60.76 49.97
CA LEU I 819 -18.45 -59.95 49.12
C LEU I 819 -18.95 -60.76 47.92
N MET I 820 -18.08 -61.57 47.31
CA MET I 820 -18.47 -62.54 46.28
C MET I 820 -19.47 -63.58 46.82
N GLU I 821 -19.26 -64.10 48.04
CA GLU I 821 -20.23 -65.01 48.67
C GLU I 821 -21.59 -64.32 48.91
N GLU I 822 -21.60 -63.10 49.45
CA GLU I 822 -22.82 -62.35 49.68
C GLU I 822 -23.55 -62.04 48.36
N GLY I 823 -22.81 -61.67 47.32
CA GLY I 823 -23.34 -61.44 45.97
C GLY I 823 -24.06 -62.65 45.41
N VAL I 824 -23.40 -63.81 45.34
CA VAL I 824 -24.02 -65.02 44.78
C VAL I 824 -25.20 -65.51 45.63
N THR I 825 -25.15 -65.32 46.95
CA THR I 825 -26.25 -65.70 47.85
C THR I 825 -27.48 -64.84 47.63
N GLN I 826 -27.32 -63.55 47.35
CA GLN I 826 -28.43 -62.66 47.00
C GLN I 826 -28.97 -62.97 45.59
N LEU I 827 -28.10 -63.24 44.62
CA LEU I 827 -28.53 -63.61 43.25
C LEU I 827 -29.31 -64.92 43.22
N ASP I 828 -28.94 -65.91 44.04
CA ASP I 828 -29.66 -67.18 44.21
C ASP I 828 -31.10 -67.02 44.75
N THR I 829 -31.46 -65.84 45.27
CA THR I 829 -32.86 -65.55 45.62
C THR I 829 -33.73 -65.27 44.41
N TYR I 830 -33.13 -64.88 43.27
CA TYR I 830 -33.80 -64.46 42.04
C TYR I 830 -34.82 -63.31 42.22
N ALA I 831 -34.77 -62.59 43.35
CA ALA I 831 -35.66 -61.48 43.66
C ALA I 831 -34.97 -60.13 43.42
N PRO I 832 -35.69 -59.08 43.01
CA PRO I 832 -35.15 -57.72 43.01
C PRO I 832 -34.96 -57.22 44.46
N PHE I 833 -33.85 -56.53 44.72
CA PHE I 833 -33.54 -55.92 46.01
C PHE I 833 -32.82 -54.57 45.80
N PRO I 834 -32.95 -53.61 46.74
CA PRO I 834 -32.37 -52.28 46.59
C PRO I 834 -30.83 -52.36 46.50
N GLY I 835 -30.28 -51.67 45.49
CA GLY I 835 -28.83 -51.62 45.25
C GLY I 835 -28.24 -52.85 44.58
N LYS I 836 -29.07 -53.73 43.98
CA LYS I 836 -28.61 -54.89 43.19
C LYS I 836 -27.53 -54.53 42.16
N LYS I 837 -27.75 -53.50 41.34
CA LYS I 837 -26.78 -53.04 40.31
C LYS I 837 -25.42 -52.68 40.90
N HIS I 838 -25.40 -52.01 42.06
CA HIS I 838 -24.17 -51.62 42.75
C HIS I 838 -23.45 -52.82 43.41
N LEU I 839 -24.20 -53.78 43.95
CA LEU I 839 -23.60 -55.03 44.46
C LEU I 839 -22.96 -55.84 43.31
N GLU I 840 -23.63 -55.95 42.16
CA GLU I 840 -23.10 -56.64 40.99
C GLU I 840 -21.78 -55.99 40.51
N LYS I 841 -21.73 -54.66 40.42
CA LYS I 841 -20.49 -53.93 40.09
C LYS I 841 -19.38 -54.10 41.12
N ALA I 842 -19.70 -54.01 42.42
CA ALA I 842 -18.72 -54.21 43.47
C ALA I 842 -18.11 -55.63 43.42
N VAL I 843 -18.95 -56.65 43.18
CA VAL I 843 -18.49 -58.03 42.94
C VAL I 843 -17.64 -58.11 41.67
N ALA I 844 -18.03 -57.45 40.58
CA ALA I 844 -17.26 -57.41 39.35
C ALA I 844 -15.85 -56.83 39.59
N TYR I 845 -15.72 -55.72 40.30
CA TYR I 845 -14.41 -55.18 40.68
C TYR I 845 -13.58 -56.14 41.54
N CYS I 846 -14.20 -56.88 42.47
CA CYS I 846 -13.50 -57.94 43.19
C CYS I 846 -12.99 -59.03 42.25
N PHE I 847 -13.78 -59.48 41.27
CA PHE I 847 -13.31 -60.43 40.26
C PHE I 847 -12.15 -59.87 39.45
N MET I 848 -12.27 -58.63 38.98
CA MET I 848 -11.25 -57.97 38.18
C MET I 848 -9.95 -57.81 38.95
N LEU I 849 -10.00 -57.48 40.25
CA LEU I 849 -8.83 -57.42 41.14
C LEU I 849 -8.13 -58.77 41.28
N LEU I 850 -8.88 -59.85 41.54
CA LEU I 850 -8.31 -61.20 41.66
C LEU I 850 -7.70 -61.67 40.34
N ASN I 851 -8.37 -61.39 39.22
CA ASN I 851 -7.89 -61.72 37.88
C ASN I 851 -6.61 -60.94 37.51
N LEU I 852 -6.54 -59.64 37.81
CA LEU I 852 -5.29 -58.86 37.64
C LEU I 852 -4.17 -59.40 38.52
N THR I 853 -4.50 -59.82 39.75
CA THR I 853 -3.55 -60.45 40.67
C THR I 853 -2.99 -61.74 40.06
N LEU I 854 -3.83 -62.67 39.60
CA LEU I 854 -3.39 -63.92 38.95
C LEU I 854 -2.52 -63.67 37.71
N GLN I 855 -2.82 -62.64 36.91
CA GLN I 855 -2.04 -62.30 35.71
C GLN I 855 -0.64 -61.78 36.06
N LYS I 856 -0.51 -61.01 37.15
CA LYS I 856 0.75 -60.36 37.57
C LYS I 856 1.53 -61.16 38.61
N GLU I 857 0.92 -62.20 39.18
CA GLU I 857 1.46 -63.01 40.27
C GLU I 857 2.82 -63.62 39.98
N ASN I 858 3.00 -64.29 38.83
CA ASN I 858 4.25 -64.97 38.49
C ASN I 858 5.43 -63.99 38.46
N ARG I 859 5.25 -62.85 37.76
CA ARG I 859 6.29 -61.80 37.67
C ARG I 859 6.58 -61.17 39.03
N PHE I 860 5.55 -60.92 39.84
CA PHE I 860 5.70 -60.36 41.18
C PHE I 860 6.47 -61.30 42.12
N MET I 861 6.16 -62.60 42.09
CA MET I 861 6.86 -63.60 42.91
C MET I 861 8.29 -63.86 42.45
N ASP I 862 8.57 -63.86 41.14
CA ASP I 862 9.93 -64.02 40.62
C ASP I 862 10.83 -62.84 41.05
N LEU I 863 10.37 -61.60 40.91
CA LEU I 863 11.09 -60.40 41.38
C LEU I 863 11.25 -60.39 42.90
N LEU I 864 10.24 -60.82 43.66
CA LEU I 864 10.35 -60.96 45.11
C LEU I 864 11.42 -61.97 45.51
N ARG I 865 11.50 -63.11 44.80
CA ARG I 865 12.50 -64.16 45.04
C ARG I 865 13.92 -63.70 44.69
N GLU I 866 14.06 -62.85 43.68
CA GLU I 866 15.34 -62.23 43.31
C GLU I 866 15.78 -61.12 44.28
N SER I 867 14.81 -60.49 44.96
CA SER I 867 15.07 -59.44 45.96
C SER I 867 15.58 -59.97 47.30
N HIS I 868 16.18 -59.08 48.11
CA HIS I 868 16.59 -59.38 49.49
C HIS I 868 15.52 -59.10 50.55
N LEU I 869 14.28 -58.82 50.15
CA LEU I 869 13.19 -58.57 51.11
C LEU I 869 12.82 -59.86 51.86
N SER I 870 12.72 -59.79 53.19
CA SER I 870 12.28 -60.91 54.03
C SER I 870 10.75 -61.11 54.02
N MET I 871 10.12 -60.94 52.87
CA MET I 871 8.67 -61.06 52.70
C MET I 871 8.32 -62.38 52.03
N ILE I 872 7.32 -63.08 52.59
CA ILE I 872 6.77 -64.29 51.99
C ILE I 872 5.40 -63.95 51.43
N VAL I 873 5.12 -64.49 50.26
CA VAL I 873 3.87 -64.28 49.53
C VAL I 873 3.36 -65.63 49.05
N THR I 874 2.05 -65.83 49.11
CA THR I 874 1.42 -67.10 48.76
C THR I 874 0.64 -66.95 47.44
N PRO I 875 0.77 -67.90 46.51
CA PRO I 875 -0.03 -67.91 45.27
C PRO I 875 -1.53 -67.75 45.53
N LEU I 876 -2.23 -66.89 44.78
CA LEU I 876 -3.62 -66.55 45.06
C LEU I 876 -4.54 -67.78 44.98
N GLU I 877 -4.31 -68.61 43.99
CA GLU I 877 -4.90 -69.94 43.81
C GLU I 877 -4.84 -70.87 45.03
N GLN I 878 -3.82 -70.76 45.89
CA GLN I 878 -3.73 -71.51 47.15
C GLN I 878 -4.55 -70.84 48.25
N LEU I 879 -4.55 -69.50 48.30
CA LEU I 879 -5.38 -68.73 49.23
C LEU I 879 -6.88 -68.92 48.97
N LEU I 880 -7.27 -69.10 47.70
CA LEU I 880 -8.65 -69.43 47.33
C LEU I 880 -9.08 -70.82 47.83
N GLN I 881 -8.13 -71.71 48.16
CA GLN I 881 -8.41 -72.99 48.84
C GLN I 881 -8.49 -72.85 50.37
N GLY I 882 -8.32 -71.65 50.91
CA GLY I 882 -8.45 -71.37 52.34
C GLY I 882 -9.86 -71.68 52.86
N ILE I 883 -9.96 -71.92 54.17
CA ILE I 883 -11.25 -72.13 54.82
C ILE I 883 -11.98 -70.78 54.86
N ASN I 884 -13.16 -70.71 54.24
CA ASN I 884 -14.03 -69.56 54.38
C ASN I 884 -14.48 -69.45 55.85
N PRO I 885 -14.19 -68.32 56.54
CA PRO I 885 -14.51 -68.15 57.96
C PRO I 885 -16.02 -68.20 58.23
N ARG I 886 -16.86 -67.91 57.24
CA ARG I 886 -18.33 -67.88 57.36
C ARG I 886 -18.94 -69.27 57.23
N SER I 887 -18.59 -70.00 56.18
CA SER I 887 -19.12 -71.35 55.92
C SER I 887 -18.39 -72.44 56.71
N LYS I 888 -17.19 -72.13 57.23
CA LYS I 888 -16.21 -73.07 57.84
C LYS I 888 -15.78 -74.20 56.89
N LYS I 889 -15.89 -73.97 55.58
CA LYS I 889 -15.51 -74.91 54.51
C LYS I 889 -14.63 -74.20 53.49
N ALA I 890 -13.85 -74.95 52.70
CA ALA I 890 -13.08 -74.41 51.60
C ALA I 890 -13.97 -74.23 50.35
N ASP I 891 -14.92 -73.28 50.38
CA ASP I 891 -15.95 -73.12 49.35
C ASP I 891 -15.80 -71.86 48.48
N ASN I 892 -14.69 -71.12 48.58
CA ASN I 892 -14.49 -69.89 47.81
C ASN I 892 -14.51 -70.15 46.29
N VAL I 893 -13.83 -71.20 45.81
CA VAL I 893 -13.83 -71.57 44.38
C VAL I 893 -15.23 -72.01 43.91
N VAL I 894 -15.98 -72.69 44.78
CA VAL I 894 -17.38 -73.07 44.52
C VAL I 894 -18.27 -71.83 44.42
N ASN I 895 -18.10 -70.86 45.32
CA ASN I 895 -18.84 -69.60 45.30
C ASN I 895 -18.54 -68.78 44.05
N ILE I 896 -17.28 -68.75 43.59
CA ILE I 896 -16.89 -68.20 42.29
C ILE I 896 -17.65 -68.91 41.16
N ALA I 897 -17.56 -70.25 41.08
CA ALA I 897 -18.17 -71.01 39.99
C ALA I 897 -19.70 -70.92 39.93
N ARG I 898 -20.38 -70.70 41.07
CA ARG I 898 -21.85 -70.50 41.12
C ARG I 898 -22.31 -69.26 40.34
N TYR I 899 -21.47 -68.28 40.06
CA TYR I 899 -21.84 -67.15 39.20
C TYR I 899 -22.14 -67.57 37.75
N LEU I 900 -21.59 -68.69 37.27
CA LEU I 900 -21.93 -69.24 35.95
C LEU I 900 -23.41 -69.66 35.87
N CYS I 901 -24.03 -70.06 36.97
CA CYS I 901 -25.46 -70.39 37.02
C CYS I 901 -26.37 -69.17 36.75
N HIS I 902 -25.80 -67.96 36.81
CA HIS I 902 -26.48 -66.69 36.55
C HIS I 902 -26.13 -66.09 35.19
N GLY I 903 -25.44 -66.83 34.30
CA GLY I 903 -24.96 -66.34 33.00
C GLY I 903 -26.04 -65.74 32.09
N ASN I 904 -27.27 -66.28 32.11
CA ASN I 904 -28.40 -65.71 31.34
C ASN I 904 -28.94 -64.41 31.95
N SER I 905 -28.76 -64.21 33.27
CA SER I 905 -29.29 -63.02 33.96
C SER I 905 -28.25 -61.92 34.15
N ASN I 906 -26.97 -62.27 34.24
CA ASN I 906 -25.84 -61.35 34.39
C ASN I 906 -24.61 -61.98 33.71
N ALA I 907 -24.42 -61.64 32.43
CA ALA I 907 -23.36 -62.18 31.60
C ALA I 907 -21.96 -61.72 32.05
N GLU I 908 -21.84 -60.49 32.56
CA GLU I 908 -20.55 -59.91 33.00
C GLU I 908 -19.92 -60.70 34.15
N LEU I 909 -20.71 -61.03 35.18
CA LEU I 909 -20.21 -61.80 36.33
C LEU I 909 -19.90 -63.25 35.97
N ALA I 910 -20.68 -63.85 35.06
CA ALA I 910 -20.38 -65.19 34.55
C ALA I 910 -19.07 -65.21 33.74
N PHE I 911 -18.83 -64.19 32.92
CA PHE I 911 -17.59 -64.02 32.17
C PHE I 911 -16.37 -63.89 33.09
N GLU I 912 -16.43 -62.99 34.07
CA GLU I 912 -15.31 -62.81 35.00
C GLU I 912 -15.07 -64.07 35.87
N SER I 913 -16.13 -64.78 36.25
CA SER I 913 -16.02 -66.10 36.89
C SER I 913 -15.32 -67.12 35.99
N ALA I 914 -15.73 -67.25 34.72
CA ALA I 914 -15.11 -68.15 33.75
C ALA I 914 -13.62 -67.82 33.56
N LYS I 915 -13.27 -66.54 33.53
CA LYS I 915 -11.90 -66.05 33.37
C LYS I 915 -11.00 -66.41 34.55
N ILE I 916 -11.49 -66.24 35.78
CA ILE I 916 -10.78 -66.69 37.00
C ILE I 916 -10.62 -68.21 37.00
N LEU I 917 -11.69 -68.96 36.75
CA LEU I 917 -11.65 -70.43 36.74
C LEU I 917 -10.68 -70.97 35.67
N CYS I 918 -10.65 -70.36 34.49
CA CYS I 918 -9.70 -70.68 33.43
C CYS I 918 -8.25 -70.39 33.85
N SER I 919 -8.03 -69.31 34.61
CA SER I 919 -6.69 -68.92 35.05
C SER I 919 -6.15 -69.84 36.15
N ILE I 920 -6.99 -70.23 37.12
CA ILE I 920 -6.61 -71.13 38.22
C ILE I 920 -6.43 -72.57 37.70
N SER I 921 -7.21 -73.00 36.72
CA SER I 921 -7.16 -74.36 36.18
C SER I 921 -5.85 -74.69 35.45
N CYS I 922 -5.08 -73.68 35.02
CA CYS I 922 -3.75 -73.84 34.45
C CYS I 922 -2.75 -74.50 35.43
N ASN I 923 -3.00 -74.46 36.74
CA ASN I 923 -2.06 -74.94 37.75
C ASN I 923 -2.33 -76.39 38.18
N SER I 924 -1.41 -77.28 37.80
CA SER I 924 -1.55 -78.75 37.95
C SER I 924 -1.83 -79.22 39.38
N LYS I 925 -1.28 -78.57 40.42
CA LYS I 925 -1.42 -78.98 41.83
C LYS I 925 -2.85 -78.80 42.39
N ILE I 926 -3.68 -78.04 41.70
CA ILE I 926 -4.95 -77.52 42.21
C ILE I 926 -6.15 -78.27 41.62
N GLN I 927 -5.99 -78.84 40.42
CA GLN I 927 -7.02 -79.58 39.69
C GLN I 927 -7.69 -80.67 40.54
N GLU I 928 -6.91 -81.55 41.17
CA GLU I 928 -7.45 -82.65 41.99
C GLU I 928 -8.30 -82.14 43.16
N LYS I 929 -7.89 -81.04 43.80
CA LYS I 929 -8.63 -80.42 44.90
C LYS I 929 -9.91 -79.74 44.42
N ILE I 930 -9.86 -78.97 43.33
CA ILE I 930 -11.07 -78.33 42.75
C ILE I 930 -12.11 -79.37 42.40
N VAL I 931 -11.70 -80.50 41.81
CA VAL I 931 -12.60 -81.62 41.52
C VAL I 931 -13.23 -82.15 42.81
N GLY I 932 -12.43 -82.30 43.87
CA GLY I 932 -12.93 -82.64 45.21
C GLY I 932 -13.98 -81.67 45.72
N ASP I 933 -13.70 -80.36 45.69
CA ASP I 933 -14.59 -79.31 46.18
C ASP I 933 -15.90 -79.26 45.38
N PHE I 934 -15.84 -79.45 44.05
CA PHE I 934 -17.01 -79.42 43.16
C PHE I 934 -17.89 -80.66 43.30
N THR I 935 -17.32 -81.80 43.72
CA THR I 935 -18.03 -83.08 43.79
C THR I 935 -18.42 -83.51 45.20
N GLN I 936 -17.96 -82.80 46.24
CA GLN I 936 -18.26 -83.12 47.64
C GLN I 936 -19.76 -83.09 47.96
N ASP I 937 -20.48 -82.08 47.47
CA ASP I 937 -21.94 -81.97 47.60
C ASP I 937 -22.62 -82.22 46.25
N GLN I 938 -23.41 -83.30 46.17
CA GLN I 938 -24.09 -83.71 44.95
C GLN I 938 -25.04 -82.62 44.42
N ASN I 939 -25.70 -81.85 45.29
CA ASN I 939 -26.62 -80.80 44.85
C ASN I 939 -25.89 -79.61 44.24
N VAL I 940 -24.73 -79.25 44.82
CA VAL I 940 -23.87 -78.17 44.30
C VAL I 940 -23.22 -78.62 43.00
N SER I 941 -22.71 -79.87 42.96
CA SER I 941 -22.09 -80.47 41.78
C SER I 941 -23.01 -80.39 40.55
N GLN I 942 -24.29 -80.77 40.71
CA GLN I 942 -25.27 -80.66 39.63
C GLN I 942 -25.54 -79.21 39.21
N LYS I 943 -25.68 -78.28 40.17
CA LYS I 943 -25.88 -76.85 39.85
C LYS I 943 -24.70 -76.25 39.09
N LEU I 944 -23.47 -76.60 39.48
CA LEU I 944 -22.26 -76.14 38.79
C LEU I 944 -22.23 -76.66 37.35
N MET I 945 -22.50 -77.95 37.14
CA MET I 945 -22.60 -78.54 35.80
C MET I 945 -23.59 -77.77 34.92
N VAL I 946 -24.78 -77.48 35.47
CA VAL I 946 -25.81 -76.67 34.78
C VAL I 946 -25.30 -75.28 34.44
N GLY I 947 -24.55 -74.63 35.34
CA GLY I 947 -23.96 -73.31 35.08
C GLY I 947 -23.05 -73.34 33.85
N PHE I 948 -22.08 -74.25 33.81
CA PHE I 948 -21.17 -74.39 32.66
C PHE I 948 -21.90 -74.74 31.36
N VAL I 949 -22.86 -75.67 31.41
CA VAL I 949 -23.66 -76.09 30.26
C VAL I 949 -24.50 -74.92 29.73
N SER I 950 -25.18 -74.18 30.62
CA SER I 950 -26.02 -73.05 30.22
C SER I 950 -25.24 -71.93 29.54
N CYS I 951 -24.00 -71.67 29.97
CA CYS I 951 -23.12 -70.71 29.29
C CYS I 951 -22.67 -71.19 27.90
N LEU I 952 -22.48 -72.50 27.70
CA LEU I 952 -22.13 -73.05 26.38
C LEU I 952 -23.35 -73.11 25.44
N ASP I 953 -24.52 -73.44 25.97
CA ASP I 953 -25.78 -73.57 25.21
C ASP I 953 -26.42 -72.22 24.83
N SER I 954 -25.89 -71.07 25.28
CA SER I 954 -26.50 -69.76 24.99
C SER I 954 -26.54 -69.47 23.49
N GLU I 955 -27.73 -69.43 22.89
CA GLU I 955 -27.94 -69.29 21.44
C GLU I 955 -27.50 -67.90 20.93
N GLU I 956 -27.81 -66.82 21.65
CA GLU I 956 -27.54 -65.41 21.26
C GLU I 956 -26.05 -65.10 20.98
N ALA I 957 -25.12 -65.86 21.56
CA ALA I 957 -23.69 -65.60 21.41
C ALA I 957 -23.16 -65.87 19.98
N GLU I 958 -23.90 -66.62 19.17
CA GLU I 958 -23.54 -66.98 17.81
C GLU I 958 -24.18 -66.06 16.75
N GLU I 959 -25.19 -65.25 17.10
CA GLU I 959 -26.13 -64.73 16.11
C GLU I 959 -25.90 -63.28 15.64
N LEU I 960 -25.09 -62.47 16.33
CA LEU I 960 -25.07 -61.00 16.16
C LEU I 960 -23.68 -60.37 15.98
N LEU I 961 -22.64 -61.15 15.63
CA LEU I 961 -21.29 -60.59 15.51
C LEU I 961 -21.11 -59.64 14.29
N ASP I 962 -21.96 -59.75 13.25
CA ASP I 962 -21.78 -58.97 12.02
C ASP I 962 -22.70 -57.74 11.87
N SER I 963 -23.60 -57.45 12.83
CA SER I 963 -24.47 -56.26 12.74
C SER I 963 -23.86 -55.04 13.45
N GLU I 964 -22.99 -54.30 12.76
CA GLU I 964 -22.37 -53.04 13.27
C GLU I 964 -23.39 -51.91 13.61
N LYS I 965 -24.68 -52.07 13.27
CA LYS I 965 -25.69 -51.00 13.39
C LYS I 965 -26.63 -51.11 14.59
N GLU I 966 -26.47 -52.11 15.47
CA GLU I 966 -27.31 -52.22 16.68
C GLU I 966 -26.59 -51.68 17.93
N ALA I 967 -27.39 -51.32 18.94
CA ALA I 967 -26.97 -50.60 20.14
C ALA I 967 -25.70 -51.19 20.77
N GLU I 968 -24.70 -50.35 21.05
CA GLU I 968 -23.38 -50.75 21.57
C GLU I 968 -23.46 -51.74 22.75
N ASP I 969 -24.48 -51.61 23.61
CA ASP I 969 -24.65 -52.45 24.79
C ASP I 969 -25.07 -53.89 24.47
N GLN I 970 -25.86 -54.12 23.43
CA GLN I 970 -26.24 -55.49 23.01
C GLN I 970 -25.03 -56.22 22.41
N VAL I 971 -24.27 -55.54 21.56
CA VAL I 971 -23.02 -56.06 20.98
C VAL I 971 -21.97 -56.37 22.07
N LYS I 972 -21.87 -55.52 23.09
CA LYS I 972 -21.01 -55.79 24.27
C LYS I 972 -21.46 -57.06 24.99
N GLN I 973 -22.75 -57.26 25.25
CA GLN I 973 -23.27 -58.44 25.96
C GLN I 973 -23.10 -59.74 25.16
N THR I 974 -23.37 -59.73 23.86
CA THR I 974 -23.18 -60.92 22.99
C THR I 974 -21.71 -61.32 22.94
N ASN I 975 -20.81 -60.34 22.79
CA ASN I 975 -19.36 -60.57 22.83
C ASN I 975 -18.91 -61.13 24.18
N ILE I 976 -19.44 -60.63 25.31
CA ILE I 976 -19.16 -61.17 26.65
C ILE I 976 -19.59 -62.65 26.76
N ARG I 977 -20.78 -63.01 26.25
CA ARG I 977 -21.24 -64.41 26.23
C ARG I 977 -20.35 -65.29 25.35
N TYR I 978 -20.00 -64.83 24.15
CA TYR I 978 -19.06 -65.51 23.27
C TYR I 978 -17.70 -65.75 23.95
N MET I 979 -17.11 -64.72 24.54
CA MET I 979 -15.85 -64.82 25.28
C MET I 979 -15.96 -65.75 26.51
N THR I 980 -17.13 -65.82 27.14
CA THR I 980 -17.40 -66.80 28.21
C THR I 980 -17.29 -68.23 27.69
N LYS I 981 -17.87 -68.55 26.51
CA LYS I 981 -17.71 -69.87 25.86
C LYS I 981 -16.25 -70.18 25.58
N ILE I 982 -15.50 -69.22 25.04
CA ILE I 982 -14.06 -69.36 24.75
C ILE I 982 -13.26 -69.66 26.03
N HIS I 983 -13.52 -68.98 27.15
CA HIS I 983 -12.85 -69.27 28.41
C HIS I 983 -13.20 -70.64 28.99
N ILE I 984 -14.47 -71.09 28.86
CA ILE I 984 -14.88 -72.44 29.28
C ILE I 984 -14.17 -73.50 28.43
N LEU I 985 -14.12 -73.37 27.11
CA LEU I 985 -13.42 -74.33 26.25
C LEU I 985 -11.91 -74.35 26.50
N ASN I 986 -11.29 -73.18 26.69
CA ASN I 986 -9.88 -73.11 27.06
C ASN I 986 -9.59 -73.75 28.43
N LEU I 987 -10.50 -73.60 29.40
CA LEU I 987 -10.44 -74.31 30.67
C LEU I 987 -10.49 -75.83 30.45
N LEU I 988 -11.38 -76.33 29.59
CA LEU I 988 -11.48 -77.76 29.28
C LEU I 988 -10.21 -78.29 28.61
N ILE I 989 -9.73 -77.60 27.57
CA ILE I 989 -8.51 -77.97 26.83
C ILE I 989 -7.29 -78.02 27.77
N THR I 990 -7.08 -76.96 28.55
CA THR I 990 -5.93 -76.88 29.47
C THR I 990 -6.02 -77.96 30.56
N SER I 991 -7.23 -78.27 31.03
CA SER I 991 -7.43 -79.31 32.05
C SER I 991 -7.24 -80.72 31.49
N LEU I 992 -7.58 -80.98 30.21
CA LEU I 992 -7.38 -82.28 29.54
C LEU I 992 -5.92 -82.65 29.33
N GLU I 993 -5.02 -81.67 29.24
CA GLU I 993 -3.57 -81.89 29.16
C GLU I 993 -2.96 -82.36 30.50
N MET I 994 -3.72 -82.26 31.60
CA MET I 994 -3.29 -82.66 32.95
C MET I 994 -3.69 -84.11 33.27
N LYS I 995 -3.02 -84.71 34.26
CA LYS I 995 -3.29 -86.09 34.72
C LYS I 995 -4.70 -86.23 35.32
N ALA I 996 -5.33 -87.39 35.11
CA ALA I 996 -6.63 -87.73 35.67
C ALA I 996 -6.56 -88.03 37.18
N PRO I 997 -7.59 -87.72 37.99
CA PRO I 997 -8.83 -87.00 37.63
C PRO I 997 -8.63 -85.48 37.55
N ASN I 998 -9.20 -84.84 36.52
CA ASN I 998 -9.14 -83.39 36.30
C ASN I 998 -10.53 -82.79 36.08
N LEU I 999 -10.64 -81.44 36.13
CA LEU I 999 -11.91 -80.73 36.04
C LEU I 999 -12.65 -80.95 34.71
N ALA I 1000 -11.92 -81.11 33.60
CA ALA I 1000 -12.54 -81.38 32.30
C ALA I 1000 -13.27 -82.72 32.28
N MET I 1001 -12.71 -83.76 32.90
CA MET I 1001 -13.38 -85.07 33.00
C MET I 1001 -14.74 -84.95 33.72
N PHE I 1002 -14.80 -84.20 34.83
CA PHE I 1002 -16.06 -83.92 35.51
C PHE I 1002 -17.07 -83.23 34.56
N LEU I 1003 -16.68 -82.10 33.97
CA LEU I 1003 -17.56 -81.26 33.15
C LEU I 1003 -18.01 -81.91 31.84
N LEU I 1004 -17.21 -82.83 31.29
CA LEU I 1004 -17.54 -83.57 30.07
C LEU I 1004 -18.40 -84.82 30.35
N GLY I 1005 -18.63 -85.18 31.61
CA GLY I 1005 -19.54 -86.26 32.02
C GLY I 1005 -18.89 -87.59 32.36
N TYR I 1006 -17.58 -87.62 32.65
CA TYR I 1006 -16.91 -88.85 33.07
C TYR I 1006 -17.21 -89.24 34.51
N GLU I 1007 -17.37 -90.55 34.76
CA GLU I 1007 -17.59 -91.08 36.11
C GLU I 1007 -16.27 -91.09 36.89
N LEU I 1008 -16.12 -90.19 37.86
CA LEU I 1008 -14.89 -90.08 38.68
C LEU I 1008 -14.81 -91.11 39.82
N LYS I 1009 -15.92 -91.78 40.16
CA LYS I 1009 -15.96 -92.81 41.21
C LYS I 1009 -15.36 -94.15 40.75
N LYS I 1010 -15.29 -94.36 39.44
CA LYS I 1010 -14.72 -95.55 38.78
C LYS I 1010 -13.54 -95.11 37.91
N PRO I 1011 -12.71 -96.06 37.42
CA PRO I 1011 -11.72 -95.73 36.41
C PRO I 1011 -12.41 -95.09 35.19
N VAL I 1012 -11.89 -93.95 34.75
CA VAL I 1012 -12.46 -93.10 33.67
C VAL I 1012 -12.76 -93.90 32.40
N SER I 1013 -11.89 -94.86 32.07
CA SER I 1013 -11.99 -95.76 30.92
C SER I 1013 -13.21 -96.70 30.92
N THR I 1014 -13.88 -96.86 32.07
CA THR I 1014 -15.11 -97.67 32.21
C THR I 1014 -16.39 -96.86 32.13
N THR I 1015 -16.30 -95.55 31.91
CA THR I 1015 -17.48 -94.68 31.80
C THR I 1015 -18.33 -95.07 30.60
N ASN I 1016 -19.66 -95.11 30.76
CA ASN I 1016 -20.60 -95.24 29.66
C ASN I 1016 -21.24 -93.88 29.35
N LEU I 1017 -20.73 -93.19 28.34
CA LEU I 1017 -21.34 -91.96 27.82
C LEU I 1017 -22.64 -92.31 27.08
N GLN I 1018 -23.70 -91.56 27.36
CA GLN I 1018 -25.03 -91.70 26.75
C GLN I 1018 -25.59 -90.31 26.46
N ASP I 1019 -26.58 -90.24 25.57
CA ASP I 1019 -27.28 -88.99 25.27
C ASP I 1019 -27.98 -88.44 26.52
N SER I 1020 -27.99 -87.12 26.66
CA SER I 1020 -28.61 -86.43 27.79
C SER I 1020 -30.06 -86.87 27.97
N GLY I 1021 -30.42 -87.28 29.19
CA GLY I 1021 -31.75 -87.80 29.55
C GLY I 1021 -31.89 -89.33 29.51
N VAL I 1022 -31.04 -90.05 28.78
CA VAL I 1022 -31.09 -91.52 28.73
C VAL I 1022 -30.56 -92.10 30.04
N LEU I 1023 -31.31 -93.01 30.68
CA LEU I 1023 -31.02 -93.59 32.00
C LEU I 1023 -30.76 -92.55 33.11
N GLY I 1024 -31.28 -91.32 32.97
CA GLY I 1024 -31.04 -90.24 33.93
C GLY I 1024 -29.67 -89.58 33.82
N CYS I 1025 -28.94 -89.77 32.71
CA CYS I 1025 -27.68 -89.07 32.46
C CYS I 1025 -27.91 -87.55 32.34
N PRO I 1026 -27.19 -86.71 33.11
CA PRO I 1026 -27.36 -85.27 33.01
C PRO I 1026 -26.78 -84.71 31.70
N ARG I 1027 -27.21 -83.51 31.30
CA ARG I 1027 -26.57 -82.76 30.22
C ARG I 1027 -25.23 -82.24 30.73
N THR I 1028 -24.21 -82.32 29.88
CA THR I 1028 -22.81 -82.03 30.22
C THR I 1028 -22.20 -81.16 29.12
N CYS I 1029 -21.02 -80.58 29.38
CA CYS I 1029 -20.33 -79.76 28.38
C CYS I 1029 -20.03 -80.53 27.09
N LEU I 1030 -19.87 -81.87 27.15
CA LEU I 1030 -19.69 -82.69 25.96
C LEU I 1030 -20.92 -82.63 25.04
N HIS I 1031 -22.12 -82.65 25.61
CA HIS I 1031 -23.36 -82.53 24.86
C HIS I 1031 -23.47 -81.17 24.18
N SER I 1032 -23.21 -80.08 24.92
CA SER I 1032 -23.19 -78.72 24.37
C SER I 1032 -22.18 -78.58 23.22
N ILE I 1033 -20.96 -79.12 23.36
CA ILE I 1033 -19.93 -79.09 22.30
C ILE I 1033 -20.39 -79.84 21.05
N LEU I 1034 -21.02 -81.01 21.22
CA LEU I 1034 -21.53 -81.78 20.09
C LEU I 1034 -22.70 -81.08 19.39
N ASP I 1035 -23.60 -80.45 20.16
CA ASP I 1035 -24.74 -79.71 19.62
C ASP I 1035 -24.27 -78.48 18.83
N ILE I 1036 -23.28 -77.72 19.33
CA ILE I 1036 -22.64 -76.59 18.61
C ILE I 1036 -22.10 -77.06 17.24
N LEU I 1037 -21.41 -78.21 17.20
CA LEU I 1037 -20.84 -78.73 15.95
C LEU I 1037 -21.86 -79.41 15.03
N ARG I 1038 -23.01 -79.84 15.56
CA ARG I 1038 -24.09 -80.47 14.77
C ARG I 1038 -25.07 -79.49 14.18
N LYS I 1039 -25.20 -78.31 14.77
CA LYS I 1039 -26.06 -77.24 14.26
C LYS I 1039 -25.69 -76.95 12.79
N GLY I 1040 -26.63 -77.21 11.88
CA GLY I 1040 -26.44 -77.04 10.43
C GLY I 1040 -25.86 -78.23 9.67
N THR I 1041 -25.51 -79.36 10.29
CA THR I 1041 -24.92 -80.51 9.55
C THR I 1041 -25.87 -81.14 8.52
N ASP I 1042 -27.18 -80.93 8.67
CA ASP I 1042 -28.19 -81.41 7.72
C ASP I 1042 -28.29 -80.53 6.47
N VAL I 1043 -27.79 -79.29 6.55
CA VAL I 1043 -27.78 -78.31 5.46
C VAL I 1043 -26.58 -78.56 4.56
N ARG I 1044 -26.69 -78.22 3.27
CA ARG I 1044 -25.62 -78.42 2.28
C ARG I 1044 -24.31 -77.68 2.60
N ALA I 1045 -24.36 -76.59 3.37
CA ALA I 1045 -23.21 -75.76 3.73
C ALA I 1045 -22.32 -76.35 4.84
N GLY I 1046 -22.83 -77.35 5.60
CA GLY I 1046 -22.12 -77.93 6.74
C GLY I 1046 -22.41 -77.22 8.08
N PRO I 1047 -21.59 -77.48 9.12
CA PRO I 1047 -21.83 -76.93 10.45
C PRO I 1047 -21.83 -75.41 10.49
N VAL I 1048 -22.86 -74.79 11.06
CA VAL I 1048 -23.01 -73.32 11.15
C VAL I 1048 -21.84 -72.68 11.91
N ALA I 1049 -21.41 -73.31 13.01
CA ALA I 1049 -20.30 -72.81 13.83
C ALA I 1049 -18.96 -72.68 13.07
N VAL I 1050 -18.77 -73.42 11.96
CA VAL I 1050 -17.56 -73.30 11.12
C VAL I 1050 -17.50 -71.94 10.43
N TRP I 1051 -18.66 -71.38 10.07
CA TRP I 1051 -18.81 -70.15 9.31
C TRP I 1051 -18.96 -68.94 10.24
N ASP I 1052 -19.93 -68.99 11.15
CA ASP I 1052 -20.30 -67.84 12.00
C ASP I 1052 -19.30 -67.63 13.16
N THR I 1053 -18.78 -68.72 13.74
CA THR I 1053 -17.91 -68.66 14.93
C THR I 1053 -16.68 -69.59 14.80
N PRO I 1054 -15.80 -69.33 13.81
CA PRO I 1054 -14.76 -70.27 13.39
C PRO I 1054 -13.77 -70.61 14.51
N HIS I 1055 -13.43 -69.65 15.37
CA HIS I 1055 -12.53 -69.93 16.50
C HIS I 1055 -13.20 -70.81 17.57
N LEU I 1056 -14.51 -70.66 17.80
CA LEU I 1056 -15.26 -71.52 18.73
C LEU I 1056 -15.31 -72.96 18.20
N ALA I 1057 -15.62 -73.14 16.92
CA ALA I 1057 -15.61 -74.45 16.27
C ALA I 1057 -14.23 -75.12 16.34
N GLU I 1058 -13.14 -74.36 16.17
CA GLU I 1058 -11.78 -74.85 16.31
C GLU I 1058 -11.55 -75.49 17.69
N LEU I 1059 -11.91 -74.78 18.76
CA LEU I 1059 -11.76 -75.25 20.14
C LEU I 1059 -12.64 -76.47 20.42
N CYS I 1060 -13.87 -76.50 19.90
CA CYS I 1060 -14.76 -77.66 19.99
C CYS I 1060 -14.15 -78.92 19.36
N TYR I 1061 -13.62 -78.82 18.13
CA TYR I 1061 -12.91 -79.94 17.49
C TYR I 1061 -11.65 -80.35 18.24
N GLN I 1062 -10.92 -79.39 18.82
CA GLN I 1062 -9.75 -79.68 19.65
C GLN I 1062 -10.10 -80.51 20.90
N VAL I 1063 -11.19 -80.16 21.60
CA VAL I 1063 -11.66 -80.94 22.77
C VAL I 1063 -12.00 -82.38 22.35
N ILE I 1064 -12.73 -82.55 21.25
CA ILE I 1064 -13.10 -83.89 20.74
C ILE I 1064 -11.85 -84.69 20.37
N TYR I 1065 -10.88 -84.06 19.69
CA TYR I 1065 -9.61 -84.72 19.38
C TYR I 1065 -8.87 -85.16 20.65
N GLN I 1066 -8.73 -84.30 21.65
CA GLN I 1066 -8.02 -84.62 22.89
C GLN I 1066 -8.69 -85.77 23.65
N LEU I 1067 -10.03 -85.82 23.67
CA LEU I 1067 -10.78 -86.93 24.26
C LEU I 1067 -10.52 -88.25 23.51
N CYS I 1068 -10.43 -88.22 22.18
CA CYS I 1068 -10.11 -89.39 21.36
C CYS I 1068 -8.62 -89.80 21.42
N ALA I 1069 -7.72 -88.84 21.64
CA ALA I 1069 -6.27 -89.07 21.69
C ALA I 1069 -5.79 -89.58 23.05
N CYS I 1070 -6.44 -89.16 24.15
CA CYS I 1070 -6.07 -89.59 25.50
C CYS I 1070 -6.48 -91.05 25.75
N ALA I 1071 -5.53 -91.86 26.25
CA ALA I 1071 -5.71 -93.30 26.40
C ALA I 1071 -6.90 -93.66 27.32
N ASP I 1072 -7.10 -92.92 28.41
CA ASP I 1072 -8.14 -93.20 29.41
C ASP I 1072 -9.56 -92.83 28.92
N THR I 1073 -9.70 -91.81 28.07
CA THR I 1073 -11.00 -91.31 27.59
C THR I 1073 -11.39 -91.82 26.20
N SER I 1074 -10.41 -92.28 25.40
CA SER I 1074 -10.60 -92.66 24.00
C SER I 1074 -11.70 -93.72 23.81
N GLY I 1075 -11.67 -94.80 24.60
CA GLY I 1075 -12.61 -95.93 24.50
C GLY I 1075 -14.08 -95.49 24.63
N PRO I 1076 -14.49 -94.90 25.78
CA PRO I 1076 -15.83 -94.34 25.96
C PRO I 1076 -16.22 -93.32 24.90
N THR I 1077 -15.34 -92.35 24.60
CA THR I 1077 -15.63 -91.25 23.64
C THR I 1077 -15.94 -91.79 22.25
N MET I 1078 -15.02 -92.56 21.66
CA MET I 1078 -15.18 -93.01 20.28
C MET I 1078 -16.35 -93.97 20.12
N ARG I 1079 -16.64 -94.80 21.16
CA ARG I 1079 -17.83 -95.64 21.15
C ARG I 1079 -19.09 -94.78 21.07
N TYR I 1080 -19.19 -93.75 21.90
CA TYR I 1080 -20.33 -92.84 21.92
C TYR I 1080 -20.49 -92.04 20.61
N LEU I 1081 -19.39 -91.46 20.11
CA LEU I 1081 -19.37 -90.74 18.83
C LEU I 1081 -19.80 -91.61 17.65
N ARG I 1082 -19.48 -92.91 17.68
CA ARG I 1082 -19.84 -93.86 16.62
C ARG I 1082 -21.28 -94.35 16.71
N THR I 1083 -21.75 -94.77 17.89
CA THR I 1083 -23.04 -95.47 18.01
C THR I 1083 -24.22 -94.54 18.19
N SER I 1084 -24.06 -93.47 18.98
CA SER I 1084 -25.17 -92.55 19.29
C SER I 1084 -25.22 -91.38 18.32
N GLN I 1085 -24.04 -90.93 17.87
CA GLN I 1085 -23.93 -89.63 17.21
C GLN I 1085 -23.54 -89.70 15.71
N ASP I 1086 -23.05 -90.84 15.22
CA ASP I 1086 -22.44 -91.00 13.86
C ASP I 1086 -21.55 -89.80 13.47
N PHE I 1087 -20.83 -89.25 14.45
CA PHE I 1087 -20.29 -87.89 14.43
C PHE I 1087 -19.25 -87.70 13.32
N LEU I 1088 -18.27 -88.60 13.25
CA LEU I 1088 -17.16 -88.47 12.30
C LEU I 1088 -17.63 -88.54 10.85
N PHE I 1089 -18.58 -89.44 10.53
CA PHE I 1089 -19.10 -89.53 9.17
C PHE I 1089 -19.86 -88.25 8.79
N SER I 1090 -20.73 -87.75 9.68
CA SER I 1090 -21.50 -86.53 9.46
C SER I 1090 -20.62 -85.28 9.29
N GLN I 1091 -19.50 -85.18 10.02
CA GLN I 1091 -18.60 -84.04 9.90
C GLN I 1091 -17.66 -84.14 8.68
N LEU I 1092 -17.09 -85.33 8.43
CA LEU I 1092 -16.15 -85.52 7.30
C LEU I 1092 -16.81 -85.33 5.94
N GLN I 1093 -18.12 -85.51 5.81
CA GLN I 1093 -18.83 -85.29 4.54
C GLN I 1093 -18.76 -83.83 4.07
N HIS I 1094 -18.50 -82.89 4.98
CA HIS I 1094 -18.48 -81.45 4.72
C HIS I 1094 -17.07 -80.88 4.50
N LEU I 1095 -16.00 -81.69 4.61
CA LEU I 1095 -14.64 -81.24 4.30
C LEU I 1095 -14.43 -81.00 2.79
N PRO I 1096 -13.55 -80.09 2.35
CA PRO I 1096 -12.82 -79.11 3.16
C PRO I 1096 -13.71 -77.95 3.58
N PHE I 1097 -13.41 -77.36 4.74
CA PHE I 1097 -14.00 -76.09 5.17
C PHE I 1097 -13.19 -74.96 4.54
N SER I 1098 -13.86 -73.95 3.94
CA SER I 1098 -13.20 -72.82 3.29
C SER I 1098 -13.84 -71.51 3.73
N VAL I 1099 -13.22 -70.77 4.65
CA VAL I 1099 -13.71 -69.48 5.16
C VAL I 1099 -12.68 -68.41 4.82
N GLU I 1100 -13.05 -67.44 3.97
CA GLU I 1100 -12.12 -66.42 3.43
C GLU I 1100 -11.56 -65.50 4.53
N GLU I 1101 -12.39 -65.07 5.48
CA GLU I 1101 -11.97 -64.13 6.54
C GLU I 1101 -11.12 -64.79 7.64
N SER I 1102 -11.26 -66.11 7.84
CA SER I 1102 -10.75 -66.85 9.01
C SER I 1102 -10.02 -68.15 8.63
N GLU I 1103 -9.14 -68.07 7.62
CA GLU I 1103 -8.40 -69.23 7.09
C GLU I 1103 -7.64 -70.02 8.18
N ILE I 1104 -7.03 -69.34 9.14
CA ILE I 1104 -6.22 -69.95 10.23
C ILE I 1104 -7.09 -70.91 11.06
N SER I 1105 -8.27 -70.45 11.47
CA SER I 1105 -9.20 -71.23 12.29
C SER I 1105 -9.78 -72.39 11.48
N ALA I 1106 -10.21 -72.16 10.24
CA ALA I 1106 -10.74 -73.21 9.35
C ALA I 1106 -9.70 -74.33 9.13
N MET I 1107 -8.44 -73.97 8.88
CA MET I 1107 -7.35 -74.92 8.70
C MET I 1107 -7.11 -75.77 9.97
N ASN I 1108 -7.16 -75.15 11.15
CA ASN I 1108 -7.03 -75.87 12.42
C ASN I 1108 -8.24 -76.76 12.73
N GLN I 1109 -9.46 -76.34 12.41
CA GLN I 1109 -10.67 -77.18 12.52
C GLN I 1109 -10.51 -78.46 11.70
N MET I 1110 -10.13 -78.32 10.42
CA MET I 1110 -9.87 -79.47 9.53
C MET I 1110 -8.77 -80.36 10.09
N SER I 1111 -7.71 -79.77 10.65
CA SER I 1111 -6.59 -80.50 11.27
C SER I 1111 -7.03 -81.39 12.42
N TRP I 1112 -7.78 -80.82 13.39
CA TRP I 1112 -8.29 -81.57 14.54
C TRP I 1112 -9.27 -82.67 14.13
N LEU I 1113 -10.16 -82.38 13.17
CA LEU I 1113 -11.10 -83.37 12.65
C LEU I 1113 -10.37 -84.53 11.92
N MET I 1114 -9.39 -84.24 11.06
CA MET I 1114 -8.58 -85.24 10.37
C MET I 1114 -7.78 -86.11 11.34
N LYS I 1115 -7.19 -85.52 12.38
CA LYS I 1115 -6.49 -86.28 13.42
C LYS I 1115 -7.44 -87.20 14.20
N THR I 1116 -8.65 -86.75 14.48
CA THR I 1116 -9.68 -87.58 15.12
C THR I 1116 -10.08 -88.74 14.22
N ALA I 1117 -10.29 -88.49 12.91
CA ALA I 1117 -10.57 -89.52 11.92
C ALA I 1117 -9.40 -90.53 11.78
N THR I 1118 -8.17 -90.05 11.88
CA THR I 1118 -6.95 -90.88 11.85
C THR I 1118 -6.92 -91.87 13.02
N ILE I 1119 -7.23 -91.40 14.23
CA ILE I 1119 -7.34 -92.26 15.42
C ILE I 1119 -8.45 -93.30 15.23
N GLU I 1120 -9.62 -92.87 14.78
CA GLU I 1120 -10.77 -93.74 14.55
C GLU I 1120 -10.45 -94.84 13.52
N LEU I 1121 -9.90 -94.48 12.36
CA LEU I 1121 -9.51 -95.44 11.32
C LEU I 1121 -8.47 -96.44 11.83
N ARG I 1122 -7.49 -95.98 12.60
CA ARG I 1122 -6.47 -96.86 13.19
C ARG I 1122 -7.10 -97.85 14.15
N ILE I 1123 -7.95 -97.39 15.06
CA ILE I 1123 -8.52 -98.23 16.12
C ILE I 1123 -9.57 -99.20 15.57
N THR I 1124 -10.41 -98.76 14.64
CA THR I 1124 -11.40 -99.61 13.97
C THR I 1124 -10.73 -100.67 13.09
N SER I 1125 -9.63 -100.32 12.41
CA SER I 1125 -8.81 -101.28 11.65
C SER I 1125 -8.15 -102.32 12.55
N LEU I 1126 -7.51 -101.90 13.65
CA LEU I 1126 -6.87 -102.81 14.61
C LEU I 1126 -7.88 -103.75 15.29
N ASN I 1127 -9.09 -103.26 15.58
CA ASN I 1127 -10.18 -104.03 16.18
C ASN I 1127 -11.04 -104.80 15.16
N ARG I 1128 -10.63 -104.85 13.88
CA ARG I 1128 -11.32 -105.60 12.80
C ARG I 1128 -12.78 -105.18 12.55
N GLN I 1129 -13.11 -103.91 12.81
CA GLN I 1129 -14.45 -103.35 12.55
C GLN I 1129 -14.58 -102.93 11.08
N ARG I 1130 -14.69 -103.94 10.21
CA ARG I 1130 -14.50 -103.80 8.76
C ARG I 1130 -15.52 -102.89 8.06
N SER I 1131 -16.81 -103.03 8.38
CA SER I 1131 -17.89 -102.23 7.75
C SER I 1131 -17.76 -100.73 8.03
N HIS I 1132 -17.41 -100.36 9.26
CA HIS I 1132 -17.22 -98.96 9.64
C HIS I 1132 -15.96 -98.36 9.00
N THR I 1133 -14.84 -99.10 9.02
CA THR I 1133 -13.59 -98.70 8.36
C THR I 1133 -13.84 -98.48 6.85
N GLN I 1134 -14.55 -99.40 6.21
CA GLN I 1134 -14.89 -99.32 4.79
C GLN I 1134 -15.77 -98.11 4.48
N ARG I 1135 -16.77 -97.82 5.32
CA ARG I 1135 -17.64 -96.63 5.15
C ARG I 1135 -16.85 -95.32 5.19
N LEU I 1136 -15.92 -95.17 6.14
CA LEU I 1136 -15.06 -93.98 6.23
C LEU I 1136 -14.05 -93.90 5.08
N LEU I 1137 -13.49 -95.03 4.64
CA LEU I 1137 -12.59 -95.08 3.48
C LEU I 1137 -13.31 -94.67 2.19
N HIS I 1138 -14.52 -95.17 1.94
CA HIS I 1138 -15.33 -94.76 0.80
C HIS I 1138 -15.61 -93.26 0.81
N LEU I 1139 -15.95 -92.66 1.96
CA LEU I 1139 -16.14 -91.21 2.06
C LEU I 1139 -14.89 -90.40 1.67
N LEU I 1140 -13.69 -90.91 1.98
CA LEU I 1140 -12.42 -90.21 1.75
C LEU I 1140 -11.82 -90.47 0.36
N LEU I 1141 -12.07 -91.67 -0.20
CA LEU I 1141 -11.41 -92.16 -1.42
C LEU I 1141 -12.34 -92.25 -2.64
N ASP I 1142 -13.67 -92.34 -2.45
CA ASP I 1142 -14.58 -92.44 -3.59
C ASP I 1142 -14.70 -91.10 -4.32
N ASP I 1143 -14.97 -91.24 -5.61
CA ASP I 1143 -15.05 -90.19 -6.60
C ASP I 1143 -16.41 -89.48 -6.48
N MET I 1144 -16.45 -88.41 -5.68
CA MET I 1144 -17.64 -87.57 -5.50
C MET I 1144 -17.66 -86.44 -6.56
N PRO I 1145 -18.82 -86.13 -7.17
CA PRO I 1145 -18.92 -84.99 -8.07
C PRO I 1145 -18.58 -83.69 -7.32
N THR I 1146 -17.75 -82.82 -7.90
CA THR I 1146 -17.57 -81.46 -7.40
C THR I 1146 -18.91 -80.73 -7.44
N ARG I 1147 -19.35 -80.23 -6.30
CA ARG I 1147 -20.35 -79.16 -6.25
C ARG I 1147 -19.57 -77.85 -6.24
N PRO I 1148 -19.68 -77.00 -7.27
CA PRO I 1148 -18.99 -75.71 -7.29
C PRO I 1148 -19.57 -74.81 -6.20
N TYR I 1149 -18.64 -74.17 -5.47
CA TYR I 1149 -18.90 -73.01 -4.62
C TYR I 1149 -18.84 -71.78 -5.51
N SER I 1150 -19.98 -71.16 -5.77
CA SER I 1150 -20.07 -69.75 -6.13
C SER I 1150 -21.49 -69.31 -5.79
N ALA I 1151 -21.62 -68.48 -4.76
CA ALA I 1151 -22.89 -67.91 -4.33
C ALA I 1151 -23.49 -66.91 -5.35
N ASP I 1152 -22.75 -66.60 -6.41
CA ASP I 1152 -23.21 -65.72 -7.49
C ASP I 1152 -23.49 -66.52 -8.76
N GLY I 1153 -24.76 -66.84 -8.99
CA GLY I 1153 -25.18 -67.53 -10.21
C GLY I 1153 -26.66 -67.85 -10.22
N GLU I 1154 -27.49 -66.83 -10.45
CA GLU I 1154 -28.87 -67.01 -10.91
C GLU I 1154 -28.89 -67.91 -12.16
N GLY I 1155 -29.45 -69.12 -12.05
CA GLY I 1155 -29.48 -70.02 -13.19
C GLY I 1155 -30.20 -71.35 -12.95
N GLY I 1156 -31.52 -71.34 -13.13
CA GLY I 1156 -32.23 -72.38 -13.89
C GLY I 1156 -32.31 -73.80 -13.32
N MET I 1157 -33.45 -74.10 -12.71
CA MET I 1157 -33.96 -75.43 -12.36
C MET I 1157 -34.36 -76.23 -13.62
N GLU I 1158 -33.42 -76.69 -14.44
CA GLU I 1158 -33.67 -77.69 -15.50
C GLU I 1158 -32.40 -78.51 -15.78
N ASP I 1159 -32.28 -79.72 -15.19
CA ASP I 1159 -31.71 -80.93 -15.83
C ASP I 1159 -31.52 -82.07 -14.80
N GLU I 1160 -32.62 -82.71 -14.37
CA GLU I 1160 -32.57 -84.02 -13.67
C GLU I 1160 -32.89 -85.21 -14.59
N SER I 1161 -32.90 -85.02 -15.91
CA SER I 1161 -33.38 -86.07 -16.83
C SER I 1161 -32.52 -86.31 -18.08
N ARG I 1162 -31.24 -86.70 -17.93
CA ARG I 1162 -30.51 -87.46 -18.97
C ARG I 1162 -29.53 -88.51 -18.39
N SER I 1163 -30.10 -89.69 -18.15
CA SER I 1163 -29.66 -91.04 -18.57
C SER I 1163 -28.18 -91.42 -18.63
N LEU I 1164 -27.89 -92.56 -17.99
CA LEU I 1164 -26.77 -93.46 -18.26
C LEU I 1164 -26.64 -93.81 -19.76
N SER I 1165 -25.61 -93.31 -20.44
CA SER I 1165 -24.95 -93.97 -21.59
C SER I 1165 -23.71 -93.18 -22.04
N GLY I 1166 -22.57 -93.87 -22.30
CA GLY I 1166 -21.51 -93.35 -23.17
C GLY I 1166 -20.08 -93.43 -22.62
N PHE I 1167 -19.48 -94.61 -22.68
CA PHE I 1167 -18.17 -95.00 -22.11
C PHE I 1167 -16.92 -94.51 -22.88
N LEU I 1168 -17.00 -93.58 -23.83
CA LEU I 1168 -15.83 -93.14 -24.60
C LEU I 1168 -16.05 -91.70 -25.08
N HIS I 1169 -15.34 -90.71 -24.50
CA HIS I 1169 -14.80 -89.47 -25.10
C HIS I 1169 -14.48 -88.44 -24.01
N PHE I 1170 -13.28 -87.84 -24.08
CA PHE I 1170 -12.52 -87.26 -22.96
C PHE I 1170 -12.59 -85.71 -22.82
N ASP I 1171 -13.57 -85.02 -23.41
CA ASP I 1171 -13.55 -83.54 -23.50
C ASP I 1171 -14.57 -82.80 -22.62
N THR I 1172 -14.99 -83.41 -21.52
CA THR I 1172 -15.57 -82.65 -20.40
C THR I 1172 -15.04 -83.26 -19.11
N THR I 1173 -14.01 -82.64 -18.55
CA THR I 1173 -13.62 -82.77 -17.15
C THR I 1173 -14.80 -82.39 -16.26
N SER I 1174 -15.79 -83.27 -16.19
CA SER I 1174 -16.67 -83.36 -15.04
C SER I 1174 -15.73 -83.65 -13.87
N LYS I 1175 -15.50 -82.61 -13.08
CA LYS I 1175 -14.51 -82.53 -12.00
C LYS I 1175 -14.86 -83.53 -10.90
N VAL I 1176 -14.62 -84.81 -11.14
CA VAL I 1176 -14.74 -85.84 -10.12
C VAL I 1176 -13.37 -85.96 -9.48
N ARG I 1177 -13.27 -85.52 -8.22
CA ARG I 1177 -12.01 -85.45 -7.48
C ARG I 1177 -12.19 -85.98 -6.08
N ARG I 1178 -11.37 -86.96 -5.71
CA ARG I 1178 -11.39 -87.63 -4.40
C ARG I 1178 -11.28 -86.63 -3.26
N LYS I 1179 -12.00 -86.89 -2.17
CA LYS I 1179 -12.05 -85.99 -1.00
C LYS I 1179 -10.66 -85.70 -0.42
N ILE I 1180 -9.80 -86.72 -0.33
CA ILE I 1180 -8.44 -86.56 0.20
C ILE I 1180 -7.56 -85.62 -0.64
N LEU I 1181 -7.79 -85.56 -1.95
CA LEU I 1181 -7.13 -84.61 -2.85
C LEU I 1181 -7.76 -83.22 -2.73
N ARG I 1182 -9.08 -83.12 -2.59
CA ARG I 1182 -9.76 -81.84 -2.32
C ARG I 1182 -9.31 -81.17 -1.01
N ILE I 1183 -9.06 -81.98 0.03
CA ILE I 1183 -8.48 -81.48 1.29
C ILE I 1183 -7.05 -81.01 1.07
N LEU I 1184 -6.27 -81.71 0.23
CA LEU I 1184 -4.93 -81.23 -0.13
C LEU I 1184 -5.03 -79.93 -0.92
N ASP I 1185 -5.98 -79.79 -1.85
CA ASP I 1185 -6.19 -78.58 -2.66
C ASP I 1185 -6.42 -77.34 -1.81
N SER I 1186 -7.24 -77.46 -0.75
CA SER I 1186 -7.53 -76.35 0.16
C SER I 1186 -6.32 -75.92 1.01
N ILE I 1187 -5.25 -76.71 1.06
CA ILE I 1187 -3.98 -76.32 1.71
C ILE I 1187 -3.10 -75.62 0.65
N GLN I 1188 -3.05 -74.29 0.71
CA GLN I 1188 -2.12 -73.48 -0.09
C GLN I 1188 -0.71 -73.58 0.48
N PHE I 1189 0.29 -73.80 -0.39
CA PHE I 1189 1.69 -73.96 0.02
C PHE I 1189 2.46 -72.64 -0.01
N SER I 1190 1.99 -71.65 -0.75
CA SER I 1190 2.53 -70.28 -0.81
C SER I 1190 2.02 -69.41 0.34
N ASN I 1191 2.74 -68.33 0.63
CA ASN I 1191 2.35 -67.28 1.57
C ASN I 1191 2.99 -65.96 1.16
N GLU I 1192 2.22 -64.87 1.26
CA GLU I 1192 2.74 -63.51 1.08
C GLU I 1192 3.58 -63.11 2.29
N ILE I 1193 4.82 -62.67 2.04
CA ILE I 1193 5.72 -62.17 3.07
C ILE I 1193 5.44 -60.67 3.22
N PRO I 1194 5.18 -60.15 4.44
CA PRO I 1194 4.97 -58.72 4.67
C PRO I 1194 6.15 -57.89 4.13
N GLU I 1195 5.83 -56.74 3.53
CA GLU I 1195 6.84 -55.83 3.03
C GLU I 1195 7.77 -55.34 4.16
N PRO I 1196 9.07 -55.17 3.89
CA PRO I 1196 10.02 -54.74 4.91
C PRO I 1196 9.71 -53.31 5.39
N LEU I 1197 9.63 -53.13 6.72
CA LEU I 1197 9.44 -51.84 7.40
C LEU I 1197 10.33 -50.73 6.82
N GLN I 1198 9.67 -49.65 6.37
CA GLN I 1198 10.29 -48.35 6.10
C GLN I 1198 9.98 -47.42 7.27
N LEU I 1199 11.04 -46.91 7.89
CA LEU I 1199 11.00 -46.13 9.11
C LEU I 1199 11.84 -44.87 8.90
N ASP I 1200 11.30 -43.72 9.31
CA ASP I 1200 11.88 -42.40 9.17
C ASP I 1200 12.63 -41.95 10.43
N PHE I 1201 12.16 -42.33 11.64
CA PHE I 1201 12.76 -41.89 12.90
C PHE I 1201 13.45 -43.02 13.68
N PHE I 1202 12.91 -44.25 13.66
CA PHE I 1202 13.53 -45.38 14.37
C PHE I 1202 14.50 -46.19 13.49
N ASP I 1203 15.57 -46.72 14.09
CA ASP I 1203 16.45 -47.68 13.43
C ASP I 1203 15.81 -49.08 13.37
N ARG I 1204 15.66 -49.58 12.15
CA ARG I 1204 15.14 -50.93 11.86
C ARG I 1204 15.91 -52.03 12.59
N SER I 1205 17.23 -51.92 12.72
CA SER I 1205 18.03 -52.98 13.34
C SER I 1205 17.73 -53.14 14.83
N GLN I 1206 17.51 -52.01 15.51
CA GLN I 1206 17.14 -51.98 16.92
C GLN I 1206 15.69 -52.44 17.12
N ILE I 1207 14.77 -52.06 16.24
CA ILE I 1207 13.38 -52.51 16.32
C ILE I 1207 13.27 -54.03 16.18
N GLU I 1208 14.00 -54.65 15.25
CA GLU I 1208 13.99 -56.12 15.13
C GLU I 1208 14.52 -56.82 16.39
N GLN I 1209 15.52 -56.26 17.07
CA GLN I 1209 16.00 -56.77 18.36
C GLN I 1209 14.96 -56.60 19.46
N VAL I 1210 14.27 -55.46 19.50
CA VAL I 1210 13.19 -55.19 20.46
C VAL I 1210 12.01 -56.14 20.21
N ILE I 1211 11.61 -56.36 18.96
CA ILE I 1211 10.59 -57.33 18.57
C ILE I 1211 10.99 -58.72 19.07
N ALA I 1212 12.22 -59.16 18.81
CA ALA I 1212 12.72 -60.46 19.27
C ALA I 1212 12.69 -60.59 20.81
N ASN I 1213 13.01 -59.52 21.54
CA ASN I 1213 12.90 -59.49 23.01
C ASN I 1213 11.44 -59.50 23.50
N CYS I 1214 10.49 -59.15 22.65
CA CYS I 1214 9.05 -59.17 22.92
C CYS I 1214 8.37 -60.48 22.45
N GLU I 1215 9.09 -61.40 21.81
CA GLU I 1215 8.57 -62.70 21.36
C GLU I 1215 8.45 -63.70 22.52
N HIS I 1216 7.31 -64.37 22.62
CA HIS I 1216 7.08 -65.47 23.56
C HIS I 1216 6.30 -66.60 22.90
N LYS I 1217 6.30 -67.79 23.52
CA LYS I 1217 5.41 -68.87 23.12
C LYS I 1217 4.00 -68.59 23.64
N ASN I 1218 3.02 -68.57 22.74
CA ASN I 1218 1.60 -68.60 23.06
C ASN I 1218 1.23 -69.89 23.79
N ARG I 1219 0.04 -69.93 24.39
CA ARG I 1219 -0.52 -71.12 25.06
C ARG I 1219 -0.56 -72.37 24.14
N ARG I 1220 -0.66 -72.17 22.83
CA ARG I 1220 -0.60 -73.24 21.80
C ARG I 1220 0.84 -73.64 21.39
N GLY I 1221 1.86 -73.07 22.02
CA GLY I 1221 3.28 -73.33 21.74
C GLY I 1221 3.89 -72.55 20.57
N GLN I 1222 3.13 -71.66 19.92
CA GLN I 1222 3.57 -70.83 18.78
C GLN I 1222 4.35 -69.61 19.27
N THR I 1223 5.49 -69.29 18.66
CA THR I 1223 6.22 -68.04 18.94
C THR I 1223 5.52 -66.86 18.28
N VAL I 1224 5.06 -65.90 19.08
CA VAL I 1224 4.46 -64.64 18.62
C VAL I 1224 5.04 -63.47 19.40
N CYS I 1225 5.03 -62.29 18.79
CA CYS I 1225 5.42 -61.06 19.47
C CYS I 1225 4.25 -60.51 20.30
N ASN I 1226 4.51 -60.16 21.56
CA ASN I 1226 3.55 -59.50 22.43
C ASN I 1226 3.41 -58.02 22.05
N VAL I 1227 2.39 -57.74 21.24
CA VAL I 1227 2.07 -56.39 20.74
C VAL I 1227 1.89 -55.37 21.87
N LYS I 1228 1.28 -55.77 23.00
CA LYS I 1228 1.06 -54.86 24.15
C LYS I 1228 2.36 -54.51 24.85
N LEU I 1229 3.26 -55.49 25.00
CA LEU I 1229 4.57 -55.28 25.61
C LEU I 1229 5.44 -54.42 24.68
N LEU I 1230 5.41 -54.68 23.36
CA LEU I 1230 6.10 -53.88 22.36
C LEU I 1230 5.64 -52.41 22.36
N HIS I 1231 4.33 -52.16 22.33
CA HIS I 1231 3.79 -50.80 22.39
C HIS I 1231 4.28 -50.05 23.64
N ARG I 1232 4.30 -50.71 24.80
CA ARG I 1232 4.80 -50.10 26.04
C ARG I 1232 6.28 -49.77 25.99
N VAL I 1233 7.13 -50.67 25.46
CA VAL I 1233 8.56 -50.42 25.32
C VAL I 1233 8.83 -49.23 24.38
N LEU I 1234 8.12 -49.17 23.25
CA LEU I 1234 8.25 -48.05 22.30
C LEU I 1234 7.76 -46.72 22.88
N VAL I 1235 6.62 -46.71 23.57
CA VAL I 1235 6.09 -45.50 24.22
C VAL I 1235 6.98 -45.04 25.37
N ALA I 1236 7.55 -45.97 26.14
CA ALA I 1236 8.51 -45.65 27.20
C ALA I 1236 9.76 -44.96 26.63
N GLU I 1237 10.26 -45.43 25.49
CA GLU I 1237 11.41 -44.82 24.81
C GLU I 1237 11.08 -43.42 24.28
N VAL I 1238 9.89 -43.23 23.71
CA VAL I 1238 9.41 -41.89 23.30
C VAL I 1238 9.26 -40.94 24.49
N ASN I 1239 8.85 -41.43 25.66
CA ASN I 1239 8.76 -40.63 26.87
C ASN I 1239 10.14 -40.31 27.48
N ALA I 1240 11.15 -41.15 27.25
CA ALA I 1240 12.52 -40.91 27.70
C ALA I 1240 13.23 -39.83 26.87
N LEU I 1241 12.78 -39.55 25.64
CA LEU I 1241 13.31 -38.48 24.79
C LEU I 1241 13.02 -37.08 25.40
N GLN I 1242 14.05 -36.45 25.99
CA GLN I 1242 13.97 -35.08 26.51
C GLN I 1242 14.44 -34.04 25.48
N GLY I 1243 13.63 -33.01 25.21
CA GLY I 1243 14.01 -31.83 24.41
C GLY I 1243 12.83 -31.13 23.71
N MET I 1244 12.94 -29.81 23.47
CA MET I 1244 11.89 -29.02 22.78
C MET I 1244 11.54 -29.54 21.38
N ALA I 1245 12.50 -30.12 20.66
CA ALA I 1245 12.28 -30.72 19.34
C ALA I 1245 11.43 -32.01 19.42
N ALA I 1246 11.60 -32.83 20.46
CA ALA I 1246 10.88 -34.10 20.62
C ALA I 1246 9.38 -33.88 20.91
N ILE I 1247 9.02 -32.79 21.60
CA ILE I 1247 7.61 -32.47 21.91
C ILE I 1247 6.83 -32.15 20.63
N GLY I 1248 7.42 -31.39 19.69
CA GLY I 1248 6.77 -31.05 18.42
C GLY I 1248 6.64 -32.24 17.46
N GLN I 1249 7.56 -33.20 17.53
CA GLN I 1249 7.57 -34.40 16.67
C GLN I 1249 6.80 -35.59 17.26
N ARG I 1250 6.29 -35.48 18.50
CA ARG I 1250 5.56 -36.56 19.20
C ARG I 1250 4.42 -37.19 18.38
N PRO I 1251 3.59 -36.45 17.62
CA PRO I 1251 2.55 -37.08 16.81
C PRO I 1251 3.10 -38.00 15.72
N LEU I 1252 4.21 -37.60 15.08
CA LEU I 1252 4.86 -38.38 14.01
C LEU I 1252 5.53 -39.64 14.56
N LEU I 1253 6.17 -39.55 15.73
CA LEU I 1253 6.73 -40.72 16.44
C LEU I 1253 5.63 -41.72 16.82
N MET I 1254 4.46 -41.24 17.26
CA MET I 1254 3.33 -42.11 17.59
C MET I 1254 2.71 -42.76 16.34
N GLU I 1255 2.69 -42.06 15.21
CA GLU I 1255 2.26 -42.60 13.91
C GLU I 1255 3.22 -43.71 13.44
N GLU I 1256 4.53 -43.52 13.60
CA GLU I 1256 5.53 -44.55 13.29
C GLU I 1256 5.48 -45.75 14.28
N ILE I 1257 5.17 -45.52 15.56
CA ILE I 1257 4.88 -46.63 16.48
C ILE I 1257 3.69 -47.45 15.95
N ASN I 1258 2.66 -46.80 15.41
CA ASN I 1258 1.51 -47.52 14.84
C ASN I 1258 1.90 -48.34 13.61
N THR I 1259 2.79 -47.85 12.73
CA THR I 1259 3.27 -48.63 11.58
C THR I 1259 4.09 -49.84 12.02
N ILE I 1260 4.94 -49.70 13.04
CA ILE I 1260 5.67 -50.83 13.65
C ILE I 1260 4.70 -51.88 14.21
N LEU I 1261 3.66 -51.45 14.93
CA LEU I 1261 2.66 -52.36 15.51
C LEU I 1261 1.85 -53.10 14.44
N GLN I 1262 1.46 -52.42 13.36
CA GLN I 1262 0.76 -53.04 12.22
C GLN I 1262 1.64 -54.12 11.56
N TYR I 1263 2.90 -53.82 11.29
CA TYR I 1263 3.85 -54.80 10.76
C TYR I 1263 3.99 -56.04 11.65
N VAL I 1264 4.06 -55.86 12.97
CA VAL I 1264 4.16 -56.99 13.91
C VAL I 1264 2.87 -57.82 13.95
N VAL I 1265 1.70 -57.21 13.77
CA VAL I 1265 0.41 -57.93 13.66
C VAL I 1265 0.38 -58.76 12.37
N GLU I 1266 0.81 -58.22 11.24
CA GLU I 1266 0.89 -58.95 9.97
C GLU I 1266 1.91 -60.10 10.04
N ARG I 1267 3.08 -59.87 10.66
CA ARG I 1267 4.08 -60.91 10.91
C ARG I 1267 3.53 -62.01 11.82
N ASN I 1268 2.81 -61.67 12.89
CA ASN I 1268 2.15 -62.65 13.75
C ASN I 1268 1.09 -63.46 12.98
N LYS I 1269 0.31 -62.80 12.10
CA LYS I 1269 -0.68 -63.48 11.22
C LYS I 1269 0.01 -64.46 10.27
N LEU I 1270 1.13 -64.08 9.65
CA LEU I 1270 1.94 -64.95 8.80
C LEU I 1270 2.43 -66.19 9.58
N LEU I 1271 3.01 -66.00 10.77
CA LEU I 1271 3.51 -67.10 11.60
C LEU I 1271 2.39 -68.07 12.03
N GLN I 1272 1.22 -67.54 12.40
CA GLN I 1272 0.05 -68.35 12.74
C GLN I 1272 -0.51 -69.11 11.52
N CYS I 1273 -0.53 -68.47 10.35
CA CYS I 1273 -0.94 -69.08 9.09
C CYS I 1273 0.00 -70.23 8.69
N LEU I 1274 1.32 -70.02 8.74
CA LEU I 1274 2.33 -71.06 8.50
C LEU I 1274 2.15 -72.25 9.45
N HIS I 1275 1.93 -71.98 10.74
CA HIS I 1275 1.65 -73.03 11.71
C HIS I 1275 0.37 -73.81 11.39
N ALA I 1276 -0.72 -73.12 11.04
CA ALA I 1276 -1.99 -73.77 10.70
C ALA I 1276 -1.86 -74.63 9.43
N LYS I 1277 -1.18 -74.13 8.39
CA LYS I 1277 -0.86 -74.88 7.16
C LYS I 1277 -0.03 -76.14 7.47
N ARG I 1278 1.01 -75.98 8.30
CA ARG I 1278 1.84 -77.10 8.79
C ARG I 1278 1.00 -78.11 9.56
N HIS I 1279 0.11 -77.66 10.42
CA HIS I 1279 -0.77 -78.49 11.23
C HIS I 1279 -1.75 -79.30 10.36
N ALA I 1280 -2.36 -78.67 9.35
CA ALA I 1280 -3.27 -79.34 8.42
C ALA I 1280 -2.54 -80.35 7.54
N LEU I 1281 -1.39 -79.98 6.98
CA LEU I 1281 -0.62 -80.88 6.14
C LEU I 1281 -0.08 -82.09 6.92
N GLU I 1282 0.33 -81.88 8.17
CA GLU I 1282 0.74 -82.97 9.06
C GLU I 1282 -0.45 -83.89 9.40
N SER I 1283 -1.62 -83.33 9.64
CA SER I 1283 -2.85 -84.09 9.92
C SER I 1283 -3.29 -84.90 8.71
N TRP I 1284 -3.21 -84.31 7.51
CA TRP I 1284 -3.44 -84.98 6.24
C TRP I 1284 -2.44 -86.12 5.99
N ARG I 1285 -1.15 -85.88 6.23
CA ARG I 1285 -0.10 -86.89 6.11
C ARG I 1285 -0.38 -88.08 7.02
N GLN I 1286 -0.71 -87.83 8.28
CA GLN I 1286 -1.04 -88.90 9.25
C GLN I 1286 -2.27 -89.71 8.80
N LEU I 1287 -3.29 -89.06 8.27
CA LEU I 1287 -4.48 -89.72 7.73
C LEU I 1287 -4.11 -90.64 6.55
N VAL I 1288 -3.36 -90.14 5.57
CA VAL I 1288 -2.87 -90.91 4.42
C VAL I 1288 -2.02 -92.11 4.89
N GLU I 1289 -1.12 -91.90 5.84
CA GLU I 1289 -0.27 -92.96 6.36
C GLU I 1289 -1.06 -94.05 7.05
N ILE I 1290 -2.07 -93.72 7.87
CA ILE I 1290 -2.93 -94.72 8.50
C ILE I 1290 -3.76 -95.48 7.46
N ILE I 1291 -4.28 -94.79 6.44
CA ILE I 1291 -5.01 -95.44 5.32
C ILE I 1291 -4.11 -96.46 4.61
N LEU I 1292 -2.83 -96.15 4.41
CA LEU I 1292 -1.91 -97.03 3.69
C LEU I 1292 -1.29 -98.13 4.58
N THR I 1293 -1.02 -97.85 5.86
CA THR I 1293 -0.28 -98.74 6.75
C THR I 1293 -1.16 -99.63 7.62
N ALA I 1294 -2.28 -99.10 8.14
CA ALA I 1294 -3.09 -99.78 9.15
C ALA I 1294 -4.37 -100.42 8.59
N CYS I 1295 -4.98 -99.81 7.57
CA CYS I 1295 -6.19 -100.36 6.95
C CYS I 1295 -5.89 -101.67 6.20
N PRO I 1296 -6.75 -102.71 6.31
CA PRO I 1296 -6.58 -103.97 5.59
C PRO I 1296 -6.43 -103.78 4.08
N GLN I 1297 -5.44 -104.45 3.47
CA GLN I 1297 -5.10 -104.26 2.05
C GLN I 1297 -6.27 -104.58 1.10
N ASP I 1298 -7.12 -105.55 1.43
CA ASP I 1298 -8.25 -105.94 0.56
C ASP I 1298 -9.42 -104.93 0.58
N LEU I 1299 -9.40 -103.89 1.42
CA LEU I 1299 -10.44 -102.82 1.38
C LEU I 1299 -10.25 -101.86 0.21
N ILE I 1300 -9.04 -101.73 -0.32
CA ILE I 1300 -8.72 -100.87 -1.46
C ILE I 1300 -8.10 -101.77 -2.55
N PRO I 1301 -8.77 -102.01 -3.68
CA PRO I 1301 -8.21 -102.81 -4.76
C PRO I 1301 -6.82 -102.32 -5.19
N THR I 1302 -5.91 -103.25 -5.50
CA THR I 1302 -4.49 -102.92 -5.79
C THR I 1302 -4.34 -101.87 -6.89
N GLU I 1303 -5.12 -101.97 -7.97
CA GLU I 1303 -5.15 -100.99 -9.06
C GLU I 1303 -5.56 -99.59 -8.58
N HIS I 1304 -6.67 -99.50 -7.85
CA HIS I 1304 -7.17 -98.23 -7.31
C HIS I 1304 -6.18 -97.62 -6.31
N ARG I 1305 -5.55 -98.46 -5.47
CA ARG I 1305 -4.52 -98.04 -4.54
C ARG I 1305 -3.31 -97.43 -5.24
N GLN I 1306 -2.86 -98.02 -6.36
CA GLN I 1306 -1.76 -97.48 -7.15
C GLN I 1306 -2.11 -96.14 -7.77
N LEU I 1307 -3.30 -96.02 -8.37
CA LEU I 1307 -3.80 -94.77 -8.94
C LEU I 1307 -3.84 -93.66 -7.89
N ILE I 1308 -4.44 -93.92 -6.72
CA ILE I 1308 -4.50 -92.96 -5.61
C ILE I 1308 -3.10 -92.50 -5.19
N ILE I 1309 -2.15 -93.42 -5.01
CA ILE I 1309 -0.78 -93.07 -4.60
C ILE I 1309 -0.08 -92.23 -5.67
N ARG I 1310 -0.27 -92.53 -6.96
CA ARG I 1310 0.32 -91.77 -8.06
C ARG I 1310 -0.24 -90.35 -8.14
N ASP I 1311 -1.56 -90.20 -8.03
CA ASP I 1311 -2.24 -88.90 -8.01
C ASP I 1311 -1.75 -88.04 -6.82
N LEU I 1312 -1.65 -88.64 -5.62
CA LEU I 1312 -1.12 -87.97 -4.43
C LEU I 1312 0.34 -87.52 -4.59
N LEU I 1313 1.19 -88.36 -5.19
CA LEU I 1313 2.59 -88.02 -5.44
C LEU I 1313 2.73 -86.89 -6.46
N GLN I 1314 1.95 -86.91 -7.53
CA GLN I 1314 1.99 -85.86 -8.54
C GLN I 1314 1.54 -84.51 -7.96
N ASP I 1315 0.40 -84.48 -7.25
CA ASP I 1315 -0.13 -83.24 -6.67
C ASP I 1315 0.78 -82.66 -5.58
N LEU I 1316 1.34 -83.50 -4.71
CA LEU I 1316 2.32 -83.04 -3.70
C LEU I 1316 3.57 -82.44 -4.34
N HIS I 1317 4.07 -83.07 -5.40
CA HIS I 1317 5.22 -82.56 -6.12
C HIS I 1317 4.92 -81.22 -6.81
N VAL I 1318 3.80 -81.11 -7.52
CA VAL I 1318 3.42 -79.85 -8.20
C VAL I 1318 3.34 -78.70 -7.19
N LYS I 1319 2.72 -78.93 -6.02
CA LYS I 1319 2.58 -77.89 -4.99
C LYS I 1319 3.87 -77.47 -4.30
N ILE I 1320 4.85 -78.37 -4.11
CA ILE I 1320 6.10 -78.05 -3.41
C ILE I 1320 7.20 -77.54 -4.34
N LEU I 1321 7.11 -77.89 -5.63
CA LEU I 1321 8.05 -77.42 -6.65
C LEU I 1321 7.78 -75.98 -7.08
N ASP I 1322 6.58 -75.46 -6.84
CA ASP I 1322 6.24 -74.05 -7.03
C ASP I 1322 7.19 -73.11 -6.27
N ASP I 1323 7.65 -72.03 -6.91
CA ASP I 1323 8.72 -71.16 -6.40
C ASP I 1323 8.32 -70.44 -5.09
N ASP I 1324 7.03 -70.14 -4.95
CA ASP I 1324 6.47 -69.46 -3.78
C ASP I 1324 6.20 -70.40 -2.58
N ALA I 1325 6.46 -71.71 -2.70
CA ALA I 1325 6.15 -72.68 -1.66
C ALA I 1325 6.99 -72.48 -0.38
N ALA I 1326 6.32 -72.42 0.77
CA ALA I 1326 6.94 -72.22 2.07
C ALA I 1326 7.90 -73.36 2.44
N GLN I 1327 9.18 -73.02 2.65
CA GLN I 1327 10.23 -73.98 2.97
C GLN I 1327 9.96 -74.79 4.26
N GLU I 1328 9.17 -74.26 5.19
CA GLU I 1328 8.78 -74.92 6.44
C GLU I 1328 7.91 -76.17 6.23
N LEU I 1329 7.23 -76.30 5.09
CA LEU I 1329 6.38 -77.44 4.75
C LEU I 1329 7.16 -78.61 4.13
N MET I 1330 8.35 -78.35 3.57
CA MET I 1330 9.19 -79.36 2.89
C MET I 1330 9.42 -80.65 3.69
N PRO I 1331 9.70 -80.62 5.01
CA PRO I 1331 9.92 -81.85 5.78
C PRO I 1331 8.71 -82.78 5.86
N ILE I 1332 7.50 -82.22 5.93
CA ILE I 1332 6.25 -82.99 6.00
C ILE I 1332 5.97 -83.60 4.62
N VAL I 1333 6.09 -82.80 3.56
CA VAL I 1333 5.91 -83.26 2.17
C VAL I 1333 6.89 -84.37 1.84
N ALA I 1334 8.19 -84.19 2.12
CA ALA I 1334 9.18 -85.23 1.84
C ALA I 1334 8.91 -86.52 2.63
N GLY I 1335 8.42 -86.41 3.87
CA GLY I 1335 7.95 -87.57 4.65
C GLY I 1335 6.78 -88.30 3.97
N ALA I 1336 5.79 -87.55 3.48
CA ALA I 1336 4.65 -88.10 2.73
C ALA I 1336 5.08 -88.75 1.41
N VAL I 1337 5.96 -88.09 0.64
CA VAL I 1337 6.52 -88.62 -0.61
C VAL I 1337 7.27 -89.93 -0.35
N PHE I 1338 8.04 -90.01 0.74
CA PHE I 1338 8.74 -91.22 1.15
C PHE I 1338 7.77 -92.36 1.47
N THR I 1339 6.72 -92.12 2.26
CA THR I 1339 5.75 -93.16 2.60
C THR I 1339 4.91 -93.58 1.40
N LEU I 1340 4.49 -92.64 0.56
CA LEU I 1340 3.76 -92.90 -0.69
C LEU I 1340 4.60 -93.71 -1.68
N THR I 1341 5.85 -93.32 -1.96
CA THR I 1341 6.75 -94.07 -2.85
C THR I 1341 7.09 -95.46 -2.31
N ALA I 1342 7.28 -95.61 -1.00
CA ALA I 1342 7.46 -96.92 -0.37
C ALA I 1342 6.25 -97.83 -0.57
N HIS I 1343 5.03 -97.31 -0.37
CA HIS I 1343 3.80 -98.07 -0.57
C HIS I 1343 3.48 -98.33 -2.04
N LEU I 1344 3.86 -97.44 -2.96
CA LEU I 1344 3.79 -97.68 -4.40
C LEU I 1344 4.71 -98.85 -4.80
N SER I 1345 5.96 -98.84 -4.31
CA SER I 1345 6.91 -99.92 -4.54
C SER I 1345 6.39 -101.26 -3.98
N GLN I 1346 5.74 -101.23 -2.81
CA GLN I 1346 5.15 -102.41 -2.21
C GLN I 1346 3.91 -102.92 -2.96
N SER I 1347 3.02 -102.04 -3.42
CA SER I 1347 1.79 -102.43 -4.13
C SER I 1347 2.12 -103.09 -5.47
N VAL I 1348 3.03 -102.50 -6.24
CA VAL I 1348 3.52 -103.06 -7.52
C VAL I 1348 4.15 -104.45 -7.31
N ARG I 1349 4.97 -104.61 -6.27
CA ARG I 1349 5.55 -105.92 -5.92
C ARG I 1349 4.54 -106.96 -5.44
N THR I 1350 3.39 -106.52 -4.93
CA THR I 1350 2.33 -107.43 -4.44
C THR I 1350 1.50 -107.94 -5.61
N GLU I 1351 1.18 -107.07 -6.58
CA GLU I 1351 0.52 -107.44 -7.84
C GLU I 1351 1.35 -108.49 -8.61
N LEU I 1352 2.66 -108.27 -8.74
CA LEU I 1352 3.59 -109.21 -9.40
C LEU I 1352 3.67 -110.61 -8.77
N LYS I 1353 3.19 -110.80 -7.53
CA LYS I 1353 3.27 -112.09 -6.81
C LYS I 1353 2.01 -112.96 -6.91
N GLN I 1354 0.90 -112.43 -7.43
CA GLN I 1354 -0.31 -113.23 -7.68
C GLN I 1354 -0.21 -113.87 -9.08
N PRO I 1355 -0.10 -115.21 -9.20
CA PRO I 1355 -0.02 -115.84 -10.52
C PRO I 1355 -1.39 -115.90 -11.21
N MET I 1356 -1.36 -115.77 -12.54
CA MET I 1356 -2.49 -115.73 -13.47
C MET I 1356 -3.20 -117.07 -13.66
N THR I 1357 -3.93 -117.57 -12.66
CA THR I 1357 -4.90 -118.66 -12.91
C THR I 1357 -6.32 -118.37 -12.41
N ALA I 1358 -6.60 -117.19 -11.87
CA ALA I 1358 -7.89 -116.89 -11.24
C ALA I 1358 -8.88 -116.05 -12.09
N SER I 1359 -8.60 -115.70 -13.35
CA SER I 1359 -9.59 -115.00 -14.21
C SER I 1359 -10.41 -115.93 -15.12
N GLY I 1360 -10.31 -117.25 -14.95
CA GLY I 1360 -11.00 -118.22 -15.77
C GLY I 1360 -11.93 -119.12 -14.97
N LEU I 1361 -13.03 -118.60 -14.40
CA LEU I 1361 -14.24 -119.38 -14.07
C LEU I 1361 -15.38 -118.43 -13.67
N GLY I 1362 -16.29 -118.16 -14.62
CA GLY I 1362 -17.68 -117.76 -14.33
C GLY I 1362 -18.00 -116.27 -14.49
N GLN I 1363 -18.46 -115.87 -15.69
CA GLN I 1363 -19.75 -115.19 -15.94
C GLN I 1363 -19.82 -114.33 -17.23
N SER I 1364 -18.76 -114.20 -18.02
CA SER I 1364 -18.82 -113.37 -19.26
C SER I 1364 -18.89 -114.16 -20.59
N GLN I 1365 -18.99 -115.49 -20.54
CA GLN I 1365 -18.91 -116.35 -21.74
C GLN I 1365 -20.14 -116.37 -22.68
N TYR I 1366 -21.19 -115.56 -22.44
CA TYR I 1366 -22.39 -115.61 -23.27
C TYR I 1366 -22.52 -114.52 -24.35
N VAL I 1367 -21.63 -113.52 -24.42
CA VAL I 1367 -21.84 -112.39 -25.37
C VAL I 1367 -20.86 -112.37 -26.55
N GLN I 1368 -19.76 -113.13 -26.55
CA GLN I 1368 -18.76 -113.05 -27.64
C GLN I 1368 -18.82 -114.19 -28.67
N MET I 1369 -19.84 -115.04 -28.65
CA MET I 1369 -19.97 -116.15 -29.60
C MET I 1369 -20.57 -115.79 -30.98
N LEU I 1370 -20.70 -114.50 -31.32
CA LEU I 1370 -21.36 -114.09 -32.57
C LEU I 1370 -20.49 -113.41 -33.64
N ASP I 1371 -19.18 -113.24 -33.45
CA ASP I 1371 -18.31 -112.85 -34.57
C ASP I 1371 -17.44 -114.01 -35.06
N GLY I 1372 -18.03 -114.74 -36.01
CA GLY I 1372 -17.39 -115.81 -36.76
C GLY I 1372 -16.35 -115.27 -37.74
N SER I 1373 -15.09 -115.18 -37.31
CA SER I 1373 -13.95 -115.13 -38.22
C SER I 1373 -12.93 -116.21 -37.86
N PHE I 1374 -12.91 -117.26 -38.67
CA PHE I 1374 -11.93 -118.35 -38.65
C PHE I 1374 -10.64 -117.88 -39.32
N ALA I 1375 -9.70 -117.28 -38.59
CA ALA I 1375 -8.30 -117.18 -39.02
C ALA I 1375 -7.35 -116.84 -37.86
N ALA I 1376 -6.41 -117.76 -37.62
CA ALA I 1376 -5.22 -117.71 -36.76
C ALA I 1376 -5.40 -117.98 -35.24
N PRO I 1377 -4.50 -118.77 -34.61
CA PRO I 1377 -4.66 -119.25 -33.24
C PRO I 1377 -4.43 -118.11 -32.23
N PRO I 1378 -5.39 -117.81 -31.34
CA PRO I 1378 -5.23 -116.82 -30.29
C PRO I 1378 -4.37 -117.42 -29.18
N GLY I 1379 -3.08 -117.09 -29.18
CA GLY I 1379 -2.15 -117.74 -28.26
C GLY I 1379 -0.88 -116.98 -27.99
N THR I 1380 -0.91 -115.67 -27.73
CA THR I 1380 0.13 -115.03 -26.86
C THR I 1380 -0.14 -113.59 -26.40
N GLU I 1381 -1.09 -112.84 -26.98
CA GLU I 1381 -1.06 -111.36 -26.79
C GLU I 1381 -1.73 -110.81 -25.51
N ASN I 1382 -2.45 -111.60 -24.71
CA ASN I 1382 -3.18 -111.07 -23.55
C ASN I 1382 -2.48 -111.22 -22.18
N ILE I 1383 -1.18 -111.52 -22.13
CA ILE I 1383 -0.50 -111.93 -20.88
C ILE I 1383 0.03 -110.76 -20.01
N SER I 1384 -0.04 -109.47 -20.38
CA SER I 1384 0.71 -108.45 -19.59
C SER I 1384 0.04 -107.09 -19.33
N ALA I 1385 -1.29 -107.01 -19.44
CA ALA I 1385 -2.01 -105.73 -19.55
C ALA I 1385 -2.32 -104.95 -18.24
N GLY I 1386 -1.87 -105.37 -17.05
CA GLY I 1386 -2.14 -104.68 -15.78
C GLY I 1386 -1.23 -103.48 -15.50
N PHE I 1387 0.07 -103.74 -15.31
CA PHE I 1387 1.04 -102.70 -14.95
C PHE I 1387 1.49 -101.80 -16.13
N ALA I 1388 1.57 -102.34 -17.35
CA ALA I 1388 2.41 -101.77 -18.41
C ALA I 1388 1.73 -100.73 -19.33
N SER I 1389 0.40 -100.69 -19.50
CA SER I 1389 -0.19 -99.83 -20.55
C SER I 1389 -0.47 -98.39 -20.09
N ILE I 1390 -0.66 -98.13 -18.79
CA ILE I 1390 -1.02 -96.78 -18.29
C ILE I 1390 0.06 -96.18 -17.35
N GLY I 1391 1.08 -96.95 -16.95
CA GLY I 1391 2.02 -96.55 -15.89
C GLY I 1391 3.23 -95.69 -16.28
N ASP I 1392 3.82 -95.90 -17.45
CA ASP I 1392 5.15 -95.36 -17.76
C ASP I 1392 5.21 -93.82 -17.68
N SER I 1393 4.27 -93.09 -18.30
CA SER I 1393 4.27 -91.63 -18.30
C SER I 1393 4.13 -91.02 -16.89
N SER I 1394 3.23 -91.56 -16.08
CA SER I 1394 2.98 -91.10 -14.71
C SER I 1394 4.20 -91.32 -13.80
N LEU I 1395 4.88 -92.46 -13.93
CA LEU I 1395 6.08 -92.80 -13.17
C LEU I 1395 7.27 -91.91 -13.58
N HIS I 1396 7.46 -91.69 -14.88
CA HIS I 1396 8.48 -90.78 -15.38
C HIS I 1396 8.27 -89.34 -14.87
N MET I 1397 7.02 -88.88 -14.74
CA MET I 1397 6.72 -87.57 -14.17
C MET I 1397 7.05 -87.52 -12.67
N ILE I 1398 6.70 -88.57 -11.93
CA ILE I 1398 7.07 -88.71 -10.50
C ILE I 1398 8.59 -88.70 -10.33
N LEU I 1399 9.35 -89.38 -11.21
CA LEU I 1399 10.82 -89.37 -11.18
C LEU I 1399 11.37 -87.97 -11.44
N ARG I 1400 10.93 -87.30 -12.52
CA ARG I 1400 11.38 -85.93 -12.85
C ARG I 1400 11.14 -84.98 -11.68
N ASN I 1401 9.93 -84.97 -11.17
CA ASN I 1401 9.56 -84.12 -10.06
C ASN I 1401 10.36 -84.45 -8.78
N LEU I 1402 10.64 -85.73 -8.52
CA LEU I 1402 11.46 -86.14 -7.38
C LEU I 1402 12.92 -85.68 -7.52
N LEU I 1403 13.48 -85.72 -8.73
CA LEU I 1403 14.84 -85.22 -9.02
C LEU I 1403 14.91 -83.70 -8.89
N GLU I 1404 13.90 -82.99 -9.39
CA GLU I 1404 13.79 -81.54 -9.24
C GLU I 1404 13.64 -81.14 -7.76
N PHE I 1405 12.87 -81.90 -6.98
CA PHE I 1405 12.71 -81.66 -5.54
C PHE I 1405 14.04 -81.88 -4.79
N ILE I 1406 14.83 -82.87 -5.19
CA ILE I 1406 16.20 -83.02 -4.71
C ILE I 1406 17.00 -81.76 -5.04
N LEU I 1407 17.04 -81.30 -6.29
CA LEU I 1407 17.83 -80.13 -6.67
C LEU I 1407 17.42 -78.83 -5.95
N LYS I 1408 16.13 -78.65 -5.64
CA LYS I 1408 15.61 -77.48 -4.91
C LYS I 1408 16.01 -77.47 -3.42
N THR I 1409 16.25 -78.63 -2.82
CA THR I 1409 16.70 -78.70 -1.41
C THR I 1409 18.18 -78.28 -1.30
N GLY I 1410 18.49 -77.29 -0.46
CA GLY I 1410 19.86 -76.88 -0.12
C GLY I 1410 20.49 -77.70 1.01
N GLY I 1411 21.77 -77.44 1.33
CA GLY I 1411 22.53 -78.18 2.34
C GLY I 1411 21.95 -78.15 3.78
N GLY I 1412 21.08 -77.19 4.09
CA GLY I 1412 20.40 -77.08 5.39
C GLY I 1412 19.31 -78.13 5.65
N PHE I 1413 18.76 -78.78 4.61
CA PHE I 1413 17.61 -79.67 4.72
C PHE I 1413 17.97 -81.16 4.81
N GLN I 1414 18.88 -81.53 5.72
CA GLN I 1414 19.44 -82.88 5.79
C GLN I 1414 18.39 -84.00 5.92
N ARG I 1415 17.34 -83.80 6.73
CA ARG I 1415 16.25 -84.79 6.90
C ARG I 1415 15.36 -84.91 5.67
N VAL I 1416 15.08 -83.79 5.00
CA VAL I 1416 14.31 -83.76 3.75
C VAL I 1416 15.06 -84.55 2.69
N ARG I 1417 16.36 -84.25 2.52
CA ARG I 1417 17.24 -84.97 1.59
C ARG I 1417 17.26 -86.47 1.85
N ALA I 1418 17.35 -86.89 3.11
CA ALA I 1418 17.32 -88.31 3.48
C ALA I 1418 15.99 -88.98 3.06
N HIS I 1419 14.85 -88.33 3.30
CA HIS I 1419 13.57 -88.84 2.81
C HIS I 1419 13.54 -88.93 1.28
N LEU I 1420 14.01 -87.90 0.56
CA LEU I 1420 14.01 -87.89 -0.91
C LEU I 1420 14.92 -88.97 -1.52
N TYR I 1421 16.12 -89.18 -0.98
CA TYR I 1421 16.98 -90.30 -1.40
C TYR I 1421 16.34 -91.65 -1.10
N GLY I 1422 15.68 -91.78 0.06
CA GLY I 1422 14.87 -92.95 0.37
C GLY I 1422 13.74 -93.18 -0.64
N SER I 1423 13.00 -92.13 -1.00
CA SER I 1423 11.94 -92.16 -2.01
C SER I 1423 12.48 -92.59 -3.37
N LEU I 1424 13.64 -92.06 -3.76
CA LEU I 1424 14.28 -92.36 -5.04
C LEU I 1424 14.77 -93.80 -5.07
N LEU I 1425 15.31 -94.33 -3.97
CA LEU I 1425 15.65 -95.74 -3.85
C LEU I 1425 14.42 -96.65 -3.94
N TYR I 1426 13.29 -96.28 -3.32
CA TYR I 1426 12.04 -97.03 -3.47
C TYR I 1426 11.47 -96.96 -4.88
N TYR I 1427 11.59 -95.81 -5.55
CA TYR I 1427 11.22 -95.65 -6.96
C TYR I 1427 12.07 -96.54 -7.86
N LEU I 1428 13.41 -96.50 -7.72
CA LEU I 1428 14.32 -97.33 -8.50
C LEU I 1428 14.07 -98.83 -8.30
N GLN I 1429 13.55 -99.22 -7.13
CA GLN I 1429 13.13 -100.59 -6.86
C GLN I 1429 11.89 -101.04 -7.65
N ILE I 1430 11.05 -100.13 -8.15
CA ILE I 1430 9.88 -100.45 -9.00
C ILE I 1430 10.34 -101.01 -10.35
N ALA I 1431 11.38 -100.40 -10.94
CA ALA I 1431 11.94 -100.83 -12.21
C ALA I 1431 12.85 -102.07 -12.08
N GLN I 1432 12.99 -102.66 -10.88
CA GLN I 1432 13.87 -103.80 -10.66
C GLN I 1432 13.23 -105.11 -11.13
N ARG I 1433 13.93 -105.85 -11.98
CA ARG I 1433 13.56 -107.23 -12.31
C ARG I 1433 13.56 -108.10 -11.04
N PRO I 1434 12.52 -108.92 -10.78
CA PRO I 1434 12.56 -109.91 -9.72
C PRO I 1434 13.70 -110.93 -9.96
N ASP I 1435 14.37 -111.36 -8.89
CA ASP I 1435 15.44 -112.36 -8.96
C ASP I 1435 14.85 -113.69 -9.47
N GLU I 1436 15.03 -114.00 -10.77
CA GLU I 1436 14.71 -115.32 -11.28
C GLU I 1436 15.61 -116.37 -10.61
N PRO I 1437 15.06 -117.52 -10.19
CA PRO I 1437 15.87 -118.63 -9.70
C PRO I 1437 16.79 -119.15 -10.82
N ASP I 1438 18.07 -119.36 -10.52
CA ASP I 1438 19.06 -119.95 -11.44
C ASP I 1438 18.78 -121.46 -11.58
N THR I 1439 17.70 -121.82 -12.27
CA THR I 1439 17.32 -123.21 -12.51
C THR I 1439 18.19 -123.82 -13.61
N LEU I 1440 18.40 -125.13 -13.59
CA LEU I 1440 19.05 -125.82 -14.72
C LEU I 1440 18.27 -125.65 -16.04
N GLU I 1441 16.96 -125.43 -15.99
CA GLU I 1441 16.11 -125.19 -17.17
C GLU I 1441 16.28 -123.77 -17.75
N SER I 1442 16.58 -122.75 -16.94
CA SER I 1442 16.85 -121.40 -17.46
C SER I 1442 18.06 -121.37 -18.39
N ALA I 1443 19.02 -122.29 -18.20
CA ALA I 1443 20.16 -122.47 -19.09
C ALA I 1443 19.82 -123.24 -20.39
N HIS I 1444 18.69 -123.94 -20.45
CA HIS I 1444 18.19 -124.55 -21.69
C HIS I 1444 17.61 -123.51 -22.68
N LYS I 1445 17.21 -122.33 -22.20
CA LYS I 1445 16.88 -121.19 -23.08
C LYS I 1445 18.11 -120.86 -23.90
N SER I 1446 18.03 -121.19 -25.18
CA SER I 1446 19.15 -121.01 -26.12
C SER I 1446 19.60 -119.55 -26.11
N MET I 1447 20.89 -119.31 -26.40
CA MET I 1447 21.39 -117.94 -26.61
C MET I 1447 20.56 -117.20 -27.67
N TRP I 1448 19.98 -117.93 -28.62
CA TRP I 1448 19.09 -117.41 -29.65
C TRP I 1448 17.79 -116.84 -29.08
N GLU I 1449 17.09 -117.59 -28.21
CA GLU I 1449 15.88 -117.07 -27.53
C GLU I 1449 16.17 -115.87 -26.62
N ARG I 1450 17.37 -115.75 -26.05
CA ARG I 1450 17.76 -114.56 -25.27
C ARG I 1450 18.07 -113.34 -26.12
N LEU I 1451 18.51 -113.52 -27.37
CA LEU I 1451 18.81 -112.41 -28.29
C LEU I 1451 17.57 -111.95 -29.07
N THR I 1452 16.59 -112.83 -29.28
CA THR I 1452 15.34 -112.49 -29.99
C THR I 1452 14.13 -112.28 -29.10
N ALA I 1453 14.22 -112.55 -27.79
CA ALA I 1453 13.16 -112.19 -26.87
C ALA I 1453 12.93 -110.67 -26.92
N PRO I 1454 11.67 -110.19 -27.08
CA PRO I 1454 11.37 -108.77 -26.98
C PRO I 1454 11.89 -108.23 -25.64
N GLU I 1455 12.35 -106.97 -25.65
CA GLU I 1455 12.84 -106.33 -24.43
C GLU I 1455 11.77 -106.35 -23.34
N ASP I 1456 12.12 -106.91 -22.18
CA ASP I 1456 11.29 -106.91 -21.00
C ASP I 1456 10.95 -105.49 -20.53
N VAL I 1457 9.71 -105.29 -20.06
CA VAL I 1457 9.14 -104.00 -19.65
C VAL I 1457 10.00 -103.32 -18.59
N PHE I 1458 10.57 -104.09 -17.65
CA PHE I 1458 11.47 -103.54 -16.62
C PHE I 1458 12.77 -102.97 -17.20
N SER I 1459 13.34 -103.60 -18.23
CA SER I 1459 14.55 -103.09 -18.87
C SER I 1459 14.28 -101.85 -19.70
N LYS I 1460 13.10 -101.76 -20.32
CA LYS I 1460 12.63 -100.54 -20.97
C LYS I 1460 12.50 -99.40 -19.95
N LEU I 1461 11.77 -99.61 -18.85
CA LEU I 1461 11.59 -98.61 -17.78
C LEU I 1461 12.92 -98.18 -17.14
N GLN I 1462 13.86 -99.11 -16.92
CA GLN I 1462 15.21 -98.78 -16.42
C GLN I 1462 16.00 -97.89 -17.39
N ARG I 1463 15.92 -98.15 -18.69
CA ARG I 1463 16.59 -97.34 -19.72
C ARG I 1463 15.98 -95.93 -19.79
N ASP I 1464 14.66 -95.85 -19.79
CA ASP I 1464 13.93 -94.58 -19.86
C ASP I 1464 14.19 -93.76 -18.58
N ASN I 1465 14.19 -94.38 -17.40
CA ASN I 1465 14.63 -93.73 -16.17
C ASN I 1465 16.07 -93.20 -16.26
N LEU I 1466 17.01 -93.98 -16.80
CA LEU I 1466 18.40 -93.54 -16.95
C LEU I 1466 18.51 -92.32 -17.88
N SER I 1467 17.75 -92.28 -18.99
CA SER I 1467 17.68 -91.11 -19.87
C SER I 1467 17.17 -89.84 -19.15
N ILE I 1468 16.30 -90.01 -18.15
CA ILE I 1468 15.82 -88.90 -17.31
C ILE I 1468 16.94 -88.45 -16.37
N PHE I 1469 17.67 -89.36 -15.73
CA PHE I 1469 18.85 -89.00 -14.92
C PHE I 1469 19.88 -88.23 -15.75
N GLU I 1470 20.14 -88.68 -16.98
CA GLU I 1470 21.05 -88.02 -17.91
C GLU I 1470 20.60 -86.60 -18.27
N SER I 1471 19.29 -86.33 -18.37
CA SER I 1471 18.78 -84.98 -18.69
C SER I 1471 19.04 -83.92 -17.62
N TYR I 1472 19.26 -84.31 -16.36
CA TYR I 1472 19.66 -83.38 -15.27
C TYR I 1472 21.18 -83.18 -15.19
N GLY I 1473 21.97 -83.99 -15.91
CA GLY I 1473 23.41 -83.81 -16.10
C GLY I 1473 24.25 -83.73 -14.82
N THR I 1474 25.27 -82.86 -14.84
CA THR I 1474 26.26 -82.74 -13.75
C THR I 1474 25.70 -82.13 -12.47
N ALA I 1475 24.60 -81.35 -12.53
CA ALA I 1475 24.01 -80.74 -11.35
C ALA I 1475 23.52 -81.78 -10.33
N LEU I 1476 22.82 -82.82 -10.81
CA LEU I 1476 22.39 -83.92 -9.97
C LEU I 1476 23.57 -84.77 -9.47
N MET I 1477 24.54 -85.03 -10.35
CA MET I 1477 25.75 -85.78 -9.99
C MET I 1477 26.52 -85.08 -8.87
N GLU I 1478 26.70 -83.77 -8.96
CA GLU I 1478 27.43 -82.96 -7.97
C GLU I 1478 26.75 -83.00 -6.59
N VAL I 1479 25.44 -82.80 -6.54
CA VAL I 1479 24.67 -82.84 -5.28
C VAL I 1479 24.79 -84.20 -4.59
N VAL I 1480 24.59 -85.30 -5.34
CA VAL I 1480 24.65 -86.66 -4.77
C VAL I 1480 26.08 -87.03 -4.34
N CYS I 1481 27.09 -86.67 -5.13
CA CYS I 1481 28.49 -86.98 -4.79
C CYS I 1481 28.99 -86.17 -3.60
N ARG I 1482 28.61 -84.90 -3.50
CA ARG I 1482 28.94 -84.05 -2.35
C ARG I 1482 28.26 -84.55 -1.08
N ASP I 1483 26.98 -84.91 -1.13
CA ASP I 1483 26.26 -85.47 0.02
C ASP I 1483 26.83 -86.84 0.44
N ALA I 1484 27.36 -87.64 -0.50
CA ALA I 1484 28.04 -88.90 -0.20
C ALA I 1484 29.39 -88.70 0.53
N CYS I 1485 30.13 -87.63 0.22
CA CYS I 1485 31.42 -87.32 0.85
C CYS I 1485 31.25 -86.55 2.17
N ASP I 1486 30.47 -85.46 2.16
CA ASP I 1486 30.43 -84.47 3.24
C ASP I 1486 29.10 -84.44 4.02
N GLY I 1487 28.05 -85.16 3.61
CA GLY I 1487 26.71 -85.09 4.20
C GLY I 1487 26.62 -85.52 5.69
N HIS I 1488 25.44 -85.48 6.29
CA HIS I 1488 25.23 -86.09 7.63
C HIS I 1488 25.16 -87.62 7.53
N ASP I 1489 25.50 -88.37 8.59
CA ASP I 1489 25.59 -89.84 8.64
C ASP I 1489 24.54 -90.61 7.79
N ILE I 1490 23.25 -90.36 8.04
CA ILE I 1490 22.14 -91.01 7.32
C ILE I 1490 22.08 -90.57 5.85
N GLY I 1491 22.33 -89.29 5.58
CA GLY I 1491 22.38 -88.73 4.23
C GLY I 1491 23.52 -89.33 3.41
N ARG I 1492 24.73 -89.46 3.98
CA ARG I 1492 25.88 -90.13 3.35
C ARG I 1492 25.54 -91.56 2.97
N MET I 1493 24.96 -92.31 3.91
CA MET I 1493 24.57 -93.72 3.70
C MET I 1493 23.60 -93.86 2.52
N LEU I 1494 22.56 -93.03 2.47
CA LEU I 1494 21.54 -93.08 1.42
C LEU I 1494 22.08 -92.56 0.07
N ALA I 1495 22.94 -91.54 0.07
CA ALA I 1495 23.60 -91.07 -1.13
C ALA I 1495 24.53 -92.14 -1.72
N LEU I 1496 25.32 -92.83 -0.90
CA LEU I 1496 26.15 -93.97 -1.32
C LEU I 1496 25.31 -95.14 -1.86
N ALA I 1497 24.19 -95.46 -1.20
CA ALA I 1497 23.26 -96.46 -1.69
C ALA I 1497 22.62 -96.05 -3.03
N LEU I 1498 22.32 -94.76 -3.21
CA LEU I 1498 21.82 -94.22 -4.47
C LEU I 1498 22.87 -94.33 -5.58
N LEU I 1499 24.14 -93.96 -5.31
CA LEU I 1499 25.25 -94.13 -6.24
C LEU I 1499 25.46 -95.60 -6.60
N ASP I 1500 25.41 -96.53 -5.64
CA ASP I 1500 25.47 -97.99 -5.88
C ASP I 1500 24.40 -98.41 -6.89
N ARG I 1501 23.17 -97.89 -6.73
CA ARG I 1501 22.06 -98.22 -7.61
C ARG I 1501 22.19 -97.59 -9.00
N ILE I 1502 22.53 -96.32 -9.10
CA ILE I 1502 22.66 -95.64 -10.40
C ILE I 1502 23.81 -96.27 -11.21
N VAL I 1503 24.97 -96.46 -10.59
CA VAL I 1503 26.14 -97.12 -11.23
C VAL I 1503 25.83 -98.57 -11.63
N SER I 1504 24.90 -99.25 -10.93
CA SER I 1504 24.49 -100.61 -11.31
C SER I 1504 23.73 -100.69 -12.65
N VAL I 1505 23.07 -99.61 -13.05
CA VAL I 1505 22.25 -99.53 -14.27
C VAL I 1505 22.96 -98.73 -15.38
N ASP I 1506 23.93 -97.86 -15.03
CA ASP I 1506 24.71 -97.04 -15.94
C ASP I 1506 25.67 -97.87 -16.83
N ARG I 1507 25.16 -98.34 -17.98
CA ARG I 1507 25.94 -99.12 -18.96
C ARG I 1507 27.00 -98.29 -19.69
N GLN I 1508 26.78 -96.97 -19.82
CA GLN I 1508 27.71 -96.07 -20.51
C GLN I 1508 28.85 -95.59 -19.59
N GLN I 1509 28.76 -95.86 -18.28
CA GLN I 1509 29.76 -95.52 -17.26
C GLN I 1509 29.96 -93.99 -17.11
N GLN I 1510 28.95 -93.18 -17.43
CA GLN I 1510 29.01 -91.72 -17.32
C GLN I 1510 29.19 -91.25 -15.87
N TRP I 1511 28.47 -91.86 -14.93
CA TRP I 1511 28.59 -91.53 -13.50
C TRP I 1511 29.96 -91.90 -12.94
N LEU I 1512 30.50 -93.06 -13.36
CA LEU I 1512 31.84 -93.48 -12.99
C LEU I 1512 32.91 -92.51 -13.52
N LEU I 1513 32.80 -92.10 -14.78
CA LEU I 1513 33.71 -91.12 -15.39
C LEU I 1513 33.66 -89.78 -14.65
N TYR I 1514 32.46 -89.28 -14.32
CA TYR I 1514 32.31 -88.05 -13.53
C TYR I 1514 32.96 -88.18 -12.15
N LEU I 1515 32.66 -89.25 -11.39
CA LEU I 1515 33.23 -89.51 -10.06
C LEU I 1515 34.76 -89.58 -10.05
N SER I 1516 35.38 -90.15 -11.09
CA SER I 1516 36.84 -90.22 -11.21
C SER I 1516 37.42 -88.84 -11.59
N ASN I 1517 36.89 -88.21 -12.64
CA ASN I 1517 37.43 -86.94 -13.16
C ASN I 1517 37.25 -85.76 -12.20
N SER I 1518 36.19 -85.75 -11.39
CA SER I 1518 35.92 -84.72 -10.36
C SER I 1518 36.64 -85.00 -9.03
N GLY I 1519 37.27 -86.18 -8.87
CA GLY I 1519 38.02 -86.55 -7.68
C GLY I 1519 37.19 -87.09 -6.51
N TYR I 1520 35.86 -87.14 -6.59
CA TYR I 1520 34.99 -87.70 -5.53
C TYR I 1520 35.33 -89.16 -5.21
N LEU I 1521 35.66 -89.97 -6.22
CA LEU I 1521 36.07 -91.36 -6.01
C LEU I 1521 37.32 -91.45 -5.13
N LYS I 1522 38.28 -90.53 -5.33
CA LYS I 1522 39.50 -90.46 -4.53
C LYS I 1522 39.21 -89.97 -3.11
N VAL I 1523 38.34 -88.98 -2.92
CA VAL I 1523 37.92 -88.52 -1.59
C VAL I 1523 37.26 -89.65 -0.79
N LEU I 1524 36.36 -90.41 -1.41
CA LEU I 1524 35.72 -91.57 -0.78
C LEU I 1524 36.75 -92.63 -0.36
N VAL I 1525 37.75 -92.91 -1.20
CA VAL I 1525 38.84 -93.83 -0.88
C VAL I 1525 39.73 -93.27 0.23
N ASP I 1526 40.06 -91.99 0.18
CA ASP I 1526 40.95 -91.35 1.13
C ASP I 1526 40.35 -91.28 2.53
N SER I 1527 39.03 -91.07 2.61
CA SER I 1527 38.26 -91.08 3.86
C SER I 1527 38.24 -92.42 4.59
N LEU I 1528 38.66 -93.54 3.97
CA LEU I 1528 38.80 -94.83 4.66
C LEU I 1528 39.83 -94.77 5.79
N ALA I 1529 40.85 -93.91 5.67
CA ALA I 1529 41.83 -93.70 6.72
C ALA I 1529 41.23 -93.01 7.96
N GLU I 1530 40.24 -92.13 7.75
CA GLU I 1530 39.50 -91.48 8.83
C GLU I 1530 38.53 -92.47 9.50
N ASP I 1531 37.86 -93.30 8.68
CA ASP I 1531 36.98 -94.36 9.18
C ASP I 1531 37.75 -95.34 10.08
N ASP I 1532 39.01 -95.69 9.77
CA ASP I 1532 39.84 -96.61 10.58
C ASP I 1532 39.87 -96.24 12.06
N VAL I 1533 40.07 -94.95 12.37
CA VAL I 1533 40.11 -94.45 13.75
C VAL I 1533 38.79 -94.71 14.47
N VAL I 1534 37.67 -94.48 13.78
CA VAL I 1534 36.33 -94.64 14.34
C VAL I 1534 35.93 -96.12 14.44
N LEU I 1535 36.27 -96.93 13.44
CA LEU I 1535 35.95 -98.35 13.37
C LEU I 1535 36.68 -99.15 14.47
N ARG I 1536 37.90 -98.75 14.84
CA ARG I 1536 38.62 -99.33 15.99
C ARG I 1536 37.86 -99.17 17.30
N ASN I 1537 37.23 -98.02 17.51
CA ASN I 1537 36.42 -97.76 18.71
C ASN I 1537 35.17 -98.65 18.77
N LEU I 1538 34.62 -99.08 17.62
CA LEU I 1538 33.46 -99.99 17.55
C LEU I 1538 33.79 -101.43 17.95
N LEU I 1539 35.06 -101.83 17.99
CA LEU I 1539 35.46 -103.17 18.41
C LEU I 1539 35.53 -103.35 19.93
N THR I 1540 35.35 -102.27 20.70
CA THR I 1540 35.30 -102.33 22.16
C THR I 1540 34.02 -103.06 22.65
N PRO I 1541 34.03 -103.70 23.84
CA PRO I 1541 32.87 -104.44 24.35
C PRO I 1541 31.59 -103.59 24.46
N GLN I 1542 31.74 -102.30 24.78
CA GLN I 1542 30.67 -101.30 24.76
C GLN I 1542 30.96 -100.27 23.65
N PRO I 1543 30.54 -100.53 22.40
CA PRO I 1543 30.81 -99.60 21.31
C PRO I 1543 29.95 -98.32 21.45
N PRO I 1544 30.38 -97.22 20.81
CA PRO I 1544 29.49 -96.09 20.52
C PRO I 1544 28.37 -96.49 19.53
N LEU I 1545 27.49 -95.55 19.18
CA LEU I 1545 26.44 -95.74 18.17
C LEU I 1545 27.03 -96.30 16.85
N LEU I 1546 26.43 -97.37 16.30
CA LEU I 1546 26.90 -98.10 15.10
C LEU I 1546 26.82 -97.30 13.77
N LYS I 1547 26.64 -95.98 13.81
CA LYS I 1547 26.46 -95.14 12.62
C LYS I 1547 27.65 -95.24 11.66
N ALA I 1548 28.87 -95.19 12.19
CA ALA I 1548 30.10 -95.32 11.40
C ALA I 1548 30.21 -96.67 10.68
N LEU I 1549 29.69 -97.75 11.29
CA LEU I 1549 29.66 -99.08 10.67
C LEU I 1549 28.77 -99.11 9.44
N TYR I 1550 27.56 -98.54 9.52
CA TYR I 1550 26.62 -98.49 8.39
C TYR I 1550 27.11 -97.57 7.25
N ILE I 1551 27.82 -96.48 7.58
CA ILE I 1551 28.46 -95.61 6.58
C ILE I 1551 29.58 -96.38 5.87
N TYR I 1552 30.44 -97.06 6.63
CA TYR I 1552 31.49 -97.90 6.07
C TYR I 1552 30.92 -99.02 5.19
N GLU I 1553 29.88 -99.73 5.64
CA GLU I 1553 29.21 -100.76 4.83
C GLU I 1553 28.66 -100.19 3.52
N SER I 1554 28.01 -99.02 3.56
CA SER I 1554 27.47 -98.37 2.37
C SER I 1554 28.57 -97.91 1.41
N LYS I 1555 29.67 -97.38 1.96
CA LYS I 1555 30.85 -96.95 1.20
C LYS I 1555 31.52 -98.15 0.53
N MET I 1556 31.76 -99.22 1.28
CA MET I 1556 32.38 -100.44 0.75
C MET I 1556 31.46 -101.16 -0.24
N ALA I 1557 30.15 -101.17 -0.04
CA ALA I 1557 29.20 -101.71 -1.01
C ALA I 1557 29.26 -100.95 -2.34
N PHE I 1558 29.30 -99.62 -2.29
CA PHE I 1558 29.48 -98.78 -3.46
C PHE I 1558 30.83 -99.02 -4.17
N LEU I 1559 31.94 -99.07 -3.43
CA LEU I 1559 33.26 -99.39 -4.02
C LEU I 1559 33.30 -100.80 -4.63
N THR I 1560 32.67 -101.77 -3.96
CA THR I 1560 32.50 -103.14 -4.46
C THR I 1560 31.71 -103.16 -5.77
N ARG I 1561 30.70 -102.28 -5.90
CA ARG I 1561 29.93 -102.12 -7.13
C ARG I 1561 30.76 -101.56 -8.26
N VAL I 1562 31.54 -100.51 -8.00
CA VAL I 1562 32.46 -99.91 -8.98
C VAL I 1562 33.49 -100.95 -9.44
N ALA I 1563 34.02 -101.77 -8.53
CA ALA I 1563 34.99 -102.82 -8.83
C ALA I 1563 34.45 -103.95 -9.74
N LYS I 1564 33.13 -104.07 -9.93
CA LYS I 1564 32.55 -105.09 -10.82
C LYS I 1564 32.77 -104.81 -12.30
N SER I 1565 32.93 -103.55 -12.71
CA SER I 1565 33.32 -103.23 -14.09
C SER I 1565 34.85 -103.24 -14.21
N SER I 1566 35.36 -103.65 -15.36
CA SER I 1566 36.81 -103.66 -15.61
C SER I 1566 37.40 -102.25 -15.51
N GLN I 1567 36.70 -101.26 -16.07
CA GLN I 1567 37.10 -99.85 -15.98
C GLN I 1567 37.07 -99.32 -14.53
N GLY I 1568 36.02 -99.63 -13.76
CA GLY I 1568 35.90 -99.18 -12.38
C GLY I 1568 36.97 -99.79 -11.47
N ALA I 1569 37.36 -101.05 -11.70
CA ALA I 1569 38.49 -101.65 -10.99
C ALA I 1569 39.83 -100.92 -11.27
N ILE I 1570 40.05 -100.47 -12.51
CA ILE I 1570 41.25 -99.69 -12.87
C ILE I 1570 41.23 -98.32 -12.19
N GLU I 1571 40.10 -97.61 -12.21
CA GLU I 1571 39.97 -96.30 -11.56
C GLU I 1571 40.14 -96.39 -10.04
N LEU I 1572 39.66 -97.46 -9.40
CA LEU I 1572 39.89 -97.73 -7.97
C LEU I 1572 41.35 -98.04 -7.62
N LEU I 1573 42.07 -98.77 -8.49
CA LEU I 1573 43.51 -99.01 -8.32
C LEU I 1573 44.30 -97.69 -8.46
N ARG I 1574 43.90 -96.82 -9.39
CA ARG I 1574 44.50 -95.48 -9.58
C ARG I 1574 44.22 -94.53 -8.41
N SER I 1575 43.04 -94.62 -7.80
CA SER I 1575 42.71 -93.85 -6.59
C SER I 1575 43.42 -94.37 -5.33
N GLY I 1576 44.06 -95.54 -5.41
CA GLY I 1576 44.86 -96.11 -4.32
C GLY I 1576 44.03 -96.85 -3.26
N VAL I 1577 42.87 -97.41 -3.62
CA VAL I 1577 41.97 -98.07 -2.65
C VAL I 1577 42.67 -99.17 -1.85
N ILE I 1578 43.48 -100.01 -2.50
CA ILE I 1578 44.19 -101.10 -1.84
C ILE I 1578 45.27 -100.57 -0.90
N VAL I 1579 45.94 -99.48 -1.27
CA VAL I 1579 46.95 -98.82 -0.44
C VAL I 1579 46.33 -98.26 0.84
N ARG I 1580 45.15 -97.61 0.74
CA ARG I 1580 44.43 -97.11 1.92
C ARG I 1580 43.90 -98.24 2.81
N LEU I 1581 43.36 -99.30 2.22
CA LEU I 1581 42.96 -100.49 2.97
C LEU I 1581 44.16 -101.12 3.70
N ALA I 1582 45.33 -101.18 3.08
CA ALA I 1582 46.55 -101.72 3.71
C ALA I 1582 47.09 -100.87 4.87
N GLN I 1583 46.68 -99.59 4.96
CA GLN I 1583 47.06 -98.68 6.04
C GLN I 1583 46.11 -98.73 7.25
N CYS I 1584 44.93 -99.35 7.10
CA CYS I 1584 43.91 -99.39 8.16
C CYS I 1584 44.27 -100.42 9.23
N GLN I 1585 44.47 -99.99 10.48
CA GLN I 1585 44.86 -100.88 11.58
C GLN I 1585 43.68 -101.68 12.17
N VAL I 1586 42.43 -101.31 11.85
CA VAL I 1586 41.23 -102.01 12.33
C VAL I 1586 41.22 -103.48 11.91
N TYR I 1587 41.83 -103.82 10.78
CA TYR I 1587 41.90 -105.20 10.32
C TYR I 1587 42.77 -106.07 11.23
N ASP I 1588 43.75 -105.50 11.94
CA ASP I 1588 44.61 -106.24 12.88
C ASP I 1588 44.00 -106.39 14.28
N MET I 1589 42.91 -105.70 14.56
CA MET I 1589 42.20 -105.74 15.84
C MET I 1589 41.21 -106.92 15.94
N ARG I 1590 41.60 -108.11 15.48
CA ARG I 1590 40.73 -109.31 15.55
C ARG I 1590 40.40 -109.62 17.03
N PRO I 1591 39.12 -109.61 17.44
CA PRO I 1591 38.76 -109.93 18.83
C PRO I 1591 39.13 -111.38 19.16
N GLU I 1592 39.75 -111.60 20.32
CA GLU I 1592 39.98 -112.96 20.84
C GLU I 1592 38.63 -113.58 21.23
N THR I 1593 38.32 -114.75 20.65
CA THR I 1593 37.12 -115.50 20.99
C THR I 1593 37.33 -116.14 22.35
N ASP I 1594 36.63 -115.67 23.39
CA ASP I 1594 36.73 -116.25 24.73
C ASP I 1594 36.15 -117.69 24.71
N PRO I 1595 36.97 -118.75 24.88
CA PRO I 1595 36.46 -120.11 24.86
C PRO I 1595 35.69 -120.48 26.14
N HIS I 1596 35.67 -119.62 27.18
CA HIS I 1596 35.03 -119.95 28.46
C HIS I 1596 33.54 -119.55 28.56
N GLY I 1597 32.94 -118.99 27.49
CA GLY I 1597 31.50 -118.69 27.43
C GLY I 1597 30.57 -119.91 27.33
N VAL I 1598 31.11 -121.14 27.39
CA VAL I 1598 30.32 -122.39 27.40
C VAL I 1598 29.51 -122.55 28.70
N PHE I 1599 29.82 -121.78 29.75
CA PHE I 1599 28.99 -121.73 30.97
C PHE I 1599 28.04 -120.53 30.94
N GLY I 1600 26.75 -120.83 30.95
CA GLY I 1600 25.66 -119.91 30.61
C GLY I 1600 25.40 -118.71 31.53
N MET I 1601 24.34 -117.99 31.16
CA MET I 1601 23.59 -116.95 31.89
C MET I 1601 23.96 -115.48 31.70
N ARG I 1602 24.48 -115.06 30.55
CA ARG I 1602 24.25 -113.68 30.10
C ARG I 1602 23.53 -113.67 28.76
N GLU I 1603 22.22 -113.45 28.83
CA GLU I 1603 21.40 -113.03 27.71
C GLU I 1603 22.02 -111.75 27.12
N THR I 1604 22.84 -111.90 26.09
CA THR I 1604 23.40 -110.74 25.38
C THR I 1604 22.22 -110.01 24.74
N PRO I 1605 22.03 -108.71 25.00
CA PRO I 1605 20.88 -107.97 24.47
C PRO I 1605 20.92 -108.00 22.93
N VAL I 1606 19.87 -108.56 22.33
CA VAL I 1606 19.70 -108.89 20.90
C VAL I 1606 19.99 -107.72 19.93
N PHE I 1607 20.08 -106.48 20.42
CA PHE I 1607 20.20 -105.30 19.57
C PHE I 1607 21.63 -104.90 19.19
N ILE I 1608 22.67 -105.34 19.92
CA ILE I 1608 24.07 -104.97 19.62
C ILE I 1608 24.83 -106.21 19.14
N PRO I 1609 25.31 -106.26 17.88
CA PRO I 1609 26.08 -107.40 17.37
C PRO I 1609 27.35 -107.62 18.21
N ALA I 1610 27.72 -108.87 18.42
CA ALA I 1610 28.94 -109.23 19.15
C ALA I 1610 30.18 -108.59 18.50
N PRO I 1611 31.25 -108.25 19.26
CA PRO I 1611 32.47 -107.64 18.71
C PRO I 1611 33.06 -108.40 17.52
N VAL I 1612 33.02 -109.74 17.55
CA VAL I 1612 33.46 -110.60 16.44
C VAL I 1612 32.60 -110.41 15.18
N GLU I 1613 31.29 -110.23 15.34
CA GLU I 1613 30.39 -109.99 14.21
C GLU I 1613 30.59 -108.60 13.61
N ARG I 1614 30.83 -107.58 14.46
CA ARG I 1614 31.20 -106.23 14.01
C ARG I 1614 32.54 -106.22 13.27
N TYR I 1615 33.53 -106.96 13.78
CA TYR I 1615 34.81 -107.14 13.09
C TYR I 1615 34.62 -107.77 11.68
N ARG I 1616 33.70 -108.73 11.52
CA ARG I 1616 33.38 -109.31 10.21
C ARG I 1616 32.68 -108.33 9.27
N GLN I 1617 31.76 -107.52 9.79
CA GLN I 1617 31.12 -106.44 9.03
C GLN I 1617 32.15 -105.42 8.50
N ILE I 1618 33.31 -105.31 9.17
CA ILE I 1618 34.43 -104.46 8.72
C ILE I 1618 35.34 -105.20 7.72
N LEU I 1619 35.77 -106.43 8.04
CA LEU I 1619 36.76 -107.17 7.24
C LEU I 1619 36.20 -107.75 5.93
N LEU I 1620 34.99 -108.33 5.95
CA LEU I 1620 34.45 -109.04 4.78
C LEU I 1620 34.29 -108.13 3.55
N PRO I 1621 33.77 -106.89 3.66
CA PRO I 1621 33.70 -105.98 2.51
C PRO I 1621 35.08 -105.66 1.91
N ALA I 1622 36.12 -105.49 2.73
CA ALA I 1622 37.48 -105.25 2.23
C ALA I 1622 38.01 -106.43 1.42
N LEU I 1623 37.83 -107.66 1.92
CA LEU I 1623 38.19 -108.89 1.20
C LEU I 1623 37.38 -109.04 -0.09
N GLN I 1624 36.08 -108.72 -0.09
CA GLN I 1624 35.23 -108.79 -1.29
C GLN I 1624 35.72 -107.84 -2.39
N ILE I 1625 36.10 -106.61 -2.05
CA ILE I 1625 36.68 -105.65 -3.00
C ILE I 1625 37.98 -106.21 -3.58
N CYS I 1626 38.91 -106.69 -2.75
CA CYS I 1626 40.16 -107.30 -3.21
C CYS I 1626 39.90 -108.46 -4.19
N GLN I 1627 38.98 -109.36 -3.86
CA GLN I 1627 38.65 -110.49 -4.73
C GLN I 1627 38.03 -110.03 -6.06
N LEU I 1628 37.15 -109.02 -6.02
CA LEU I 1628 36.49 -108.49 -7.21
C LEU I 1628 37.47 -107.77 -8.14
N ILE I 1629 38.35 -106.93 -7.61
CA ILE I 1629 39.39 -106.24 -8.38
C ILE I 1629 40.28 -107.26 -9.11
N LEU I 1630 40.71 -108.33 -8.44
CA LEU I 1630 41.47 -109.42 -9.09
C LEU I 1630 40.67 -110.14 -10.18
N THR I 1631 39.36 -110.20 -10.05
CA THR I 1631 38.49 -110.90 -10.99
C THR I 1631 38.15 -110.05 -12.23
N SER I 1632 37.99 -108.73 -12.08
CA SER I 1632 37.59 -107.82 -13.17
C SER I 1632 38.78 -107.19 -13.92
N SER I 1633 39.98 -107.12 -13.34
CA SER I 1633 41.15 -106.44 -13.90
C SER I 1633 42.00 -107.28 -14.87
N THR I 1634 41.40 -108.11 -15.73
CA THR I 1634 42.13 -109.10 -16.57
C THR I 1634 43.30 -108.53 -17.39
N ALA I 1635 43.22 -107.28 -17.88
CA ALA I 1635 44.28 -106.63 -18.65
C ALA I 1635 45.45 -106.05 -17.81
N GLN I 1636 45.22 -105.74 -16.52
CA GLN I 1636 46.23 -105.18 -15.59
C GLN I 1636 46.45 -106.10 -14.38
N HIS I 1637 46.21 -107.40 -14.57
CA HIS I 1637 46.15 -108.40 -13.50
C HIS I 1637 47.38 -108.39 -12.58
N LEU I 1638 48.57 -108.11 -13.11
CA LEU I 1638 49.82 -108.11 -12.33
C LEU I 1638 49.91 -106.93 -11.34
N GLN I 1639 49.54 -105.72 -11.75
CA GLN I 1639 49.54 -104.55 -10.86
C GLN I 1639 48.48 -104.68 -9.77
N ALA I 1640 47.29 -105.14 -10.14
CA ALA I 1640 46.21 -105.42 -9.20
C ALA I 1640 46.63 -106.50 -8.18
N ALA I 1641 47.22 -107.60 -8.66
CA ALA I 1641 47.75 -108.67 -7.82
C ALA I 1641 48.85 -108.18 -6.88
N GLY I 1642 49.78 -107.35 -7.37
CA GLY I 1642 50.85 -106.77 -6.58
C GLY I 1642 50.35 -105.89 -5.43
N GLN I 1643 49.41 -104.97 -5.69
CA GLN I 1643 48.82 -104.15 -4.64
C GLN I 1643 48.03 -105.00 -3.62
N VAL I 1644 47.23 -105.97 -4.08
CA VAL I 1644 46.49 -106.85 -3.17
C VAL I 1644 47.45 -107.72 -2.34
N LEU I 1645 48.59 -108.12 -2.90
CA LEU I 1645 49.65 -108.79 -2.14
C LEU I 1645 50.21 -107.90 -1.03
N GLN I 1646 50.42 -106.61 -1.29
CA GLN I 1646 50.87 -105.65 -0.28
C GLN I 1646 49.85 -105.53 0.86
N PHE I 1647 48.55 -105.50 0.56
CA PHE I 1647 47.49 -105.56 1.58
C PHE I 1647 47.57 -106.86 2.40
N LEU I 1648 47.75 -108.02 1.74
CA LEU I 1648 47.86 -109.29 2.44
C LEU I 1648 49.09 -109.38 3.35
N VAL I 1649 50.18 -108.71 2.97
CA VAL I 1649 51.43 -108.70 3.73
C VAL I 1649 51.36 -107.70 4.89
N ALA I 1650 50.74 -106.54 4.67
CA ALA I 1650 50.50 -105.54 5.71
C ALA I 1650 49.73 -106.11 6.91
N HIS I 1651 48.71 -106.94 6.66
CA HIS I 1651 47.89 -107.60 7.70
C HIS I 1651 48.22 -109.09 7.87
N SER I 1652 49.49 -109.46 7.69
CA SER I 1652 49.87 -110.88 7.57
C SER I 1652 49.59 -111.73 8.81
N ASP I 1653 49.61 -111.17 10.02
CA ASP I 1653 49.32 -111.90 11.26
C ASP I 1653 47.83 -112.27 11.35
N THR I 1654 46.96 -111.30 11.05
CA THR I 1654 45.51 -111.48 10.96
C THR I 1654 45.14 -112.51 9.91
N ILE I 1655 45.75 -112.42 8.73
CA ILE I 1655 45.53 -113.35 7.62
C ILE I 1655 45.96 -114.78 8.00
N GLN I 1656 47.13 -114.93 8.63
CA GLN I 1656 47.55 -116.24 9.14
C GLN I 1656 46.64 -116.74 10.25
N ALA I 1657 46.10 -115.88 11.11
CA ALA I 1657 45.14 -116.25 12.15
C ALA I 1657 43.83 -116.78 11.54
N ILE I 1658 43.32 -116.15 10.47
CA ILE I 1658 42.16 -116.64 9.71
C ILE I 1658 42.45 -118.02 9.11
N LEU I 1659 43.59 -118.18 8.43
CA LEU I 1659 43.97 -119.45 7.80
C LEU I 1659 44.22 -120.58 8.81
N ARG I 1660 44.61 -120.25 10.06
CA ARG I 1660 44.79 -121.22 11.15
C ARG I 1660 43.53 -121.46 11.99
N SER I 1661 42.48 -120.65 11.83
CA SER I 1661 41.29 -120.71 12.70
C SER I 1661 40.70 -122.11 12.75
N GLN I 1662 40.54 -122.70 13.95
CA GLN I 1662 39.92 -124.03 14.12
C GLN I 1662 38.39 -123.97 14.29
N GLU I 1663 37.81 -122.77 14.36
CA GLU I 1663 36.38 -122.57 14.54
C GLU I 1663 35.60 -122.97 13.27
N GLY I 1664 34.46 -123.63 13.46
CA GLY I 1664 33.52 -124.04 12.40
C GLY I 1664 32.33 -123.10 12.23
N SER I 1665 32.40 -121.87 12.76
CA SER I 1665 31.29 -120.91 12.62
C SER I 1665 31.08 -120.50 11.16
N LEU I 1666 29.86 -120.11 10.79
CA LEU I 1666 29.56 -119.62 9.43
C LEU I 1666 30.45 -118.43 9.06
N GLY I 1667 30.66 -117.50 9.98
CA GLY I 1667 31.49 -116.32 9.76
C GLY I 1667 32.97 -116.67 9.49
N SER I 1668 33.56 -117.56 10.28
CA SER I 1668 34.95 -118.01 10.05
C SER I 1668 35.12 -118.76 8.72
N LEU I 1669 34.09 -119.50 8.28
CA LEU I 1669 34.11 -120.16 6.97
C LEU I 1669 33.99 -119.16 5.80
N GLN I 1670 33.20 -118.10 5.95
CA GLN I 1670 33.11 -117.03 4.95
C GLN I 1670 34.42 -116.24 4.83
N GLU I 1671 35.07 -115.91 5.96
CA GLU I 1671 36.41 -115.31 5.99
C GLU I 1671 37.41 -116.17 5.21
N LEU I 1672 37.45 -117.48 5.51
CA LEU I 1672 38.31 -118.45 4.82
C LEU I 1672 37.98 -118.56 3.33
N ALA I 1673 36.70 -118.60 2.95
CA ALA I 1673 36.27 -118.71 1.56
C ALA I 1673 36.71 -117.49 0.74
N LEU I 1674 36.54 -116.26 1.25
CA LEU I 1674 37.00 -115.07 0.56
C LEU I 1674 38.53 -115.02 0.49
N LEU I 1675 39.21 -115.24 1.62
CA LEU I 1675 40.66 -115.14 1.72
C LEU I 1675 41.37 -116.15 0.82
N THR I 1676 40.92 -117.40 0.80
CA THR I 1676 41.47 -118.43 -0.12
C THR I 1676 41.25 -118.05 -1.58
N GLY I 1677 40.13 -117.41 -1.92
CA GLY I 1677 39.84 -116.94 -3.27
C GLY I 1677 40.64 -115.70 -3.69
N ILE I 1678 41.11 -114.90 -2.73
CA ILE I 1678 42.05 -113.78 -3.00
C ILE I 1678 43.45 -114.35 -3.19
N ILE I 1679 43.90 -115.23 -2.30
CA ILE I 1679 45.22 -115.86 -2.39
C ILE I 1679 45.35 -116.66 -3.70
N SER I 1680 44.27 -117.35 -4.12
CA SER I 1680 44.28 -118.13 -5.37
C SER I 1680 44.57 -117.29 -6.61
N LYS I 1681 44.21 -116.00 -6.58
CA LYS I 1681 44.36 -115.05 -7.70
C LYS I 1681 45.55 -114.10 -7.54
N ALA I 1682 45.90 -113.69 -6.32
CA ALA I 1682 46.97 -112.72 -6.07
C ALA I 1682 48.36 -113.36 -6.03
N ALA I 1683 48.51 -114.52 -5.38
CA ALA I 1683 49.81 -115.14 -5.08
C ALA I 1683 50.39 -115.96 -6.25
N LEU I 1684 50.30 -115.41 -7.46
CA LEU I 1684 50.82 -116.00 -8.70
C LEU I 1684 52.34 -115.74 -8.80
N PRO I 1685 53.17 -116.76 -9.11
CA PRO I 1685 54.62 -116.63 -9.19
C PRO I 1685 55.12 -115.50 -10.12
N GLY I 1686 54.42 -115.24 -11.24
CA GLY I 1686 54.81 -114.22 -12.21
C GLY I 1686 54.72 -112.78 -11.70
N VAL I 1687 53.89 -112.52 -10.69
CA VAL I 1687 53.68 -111.17 -10.13
C VAL I 1687 54.96 -110.65 -9.47
N LEU I 1688 55.76 -111.51 -8.83
CA LEU I 1688 56.98 -111.09 -8.14
C LEU I 1688 58.11 -110.69 -9.09
N ASN I 1689 58.18 -111.29 -10.28
CA ASN I 1689 59.27 -111.02 -11.23
C ASN I 1689 59.03 -109.77 -12.08
N GLU I 1690 57.78 -109.39 -12.36
CA GLU I 1690 57.44 -108.23 -13.21
C GLU I 1690 57.00 -106.98 -12.41
N LEU I 1691 56.95 -107.04 -11.09
CA LEU I 1691 56.79 -105.84 -10.27
C LEU I 1691 58.06 -104.99 -10.35
N ASP I 1692 58.15 -104.09 -11.33
CA ASP I 1692 59.19 -103.05 -11.50
C ASP I 1692 59.12 -101.97 -10.39
N ILE I 1693 58.57 -102.30 -9.22
CA ILE I 1693 58.57 -101.45 -8.04
C ILE I 1693 59.93 -101.67 -7.38
N GLY I 1694 60.79 -100.64 -7.37
CA GLY I 1694 62.14 -100.63 -6.80
C GLY I 1694 62.21 -100.97 -5.30
N LEU I 1695 61.89 -102.21 -4.97
CA LEU I 1695 61.97 -102.84 -3.68
C LEU I 1695 63.43 -103.28 -3.46
N ASN I 1696 64.03 -102.87 -2.34
CA ASN I 1696 65.34 -103.38 -1.91
C ASN I 1696 65.27 -104.92 -1.78
N ASP I 1697 66.38 -105.61 -2.10
CA ASP I 1697 66.49 -107.08 -2.04
C ASP I 1697 65.96 -107.70 -0.73
N GLY I 1698 66.14 -107.01 0.41
CA GLY I 1698 65.63 -107.45 1.71
C GLY I 1698 64.10 -107.54 1.78
N SER I 1699 63.38 -106.59 1.18
CA SER I 1699 61.92 -106.56 1.18
C SER I 1699 61.29 -107.61 0.26
N MET I 1700 61.97 -107.98 -0.84
CA MET I 1700 61.51 -109.10 -1.69
C MET I 1700 61.63 -110.45 -0.97
N MET I 1701 62.67 -110.66 -0.16
CA MET I 1701 62.85 -111.89 0.61
C MET I 1701 61.76 -112.05 1.69
N GLU I 1702 61.41 -110.98 2.39
CA GLU I 1702 60.28 -110.97 3.34
C GLU I 1702 58.95 -111.28 2.63
N LEU I 1703 58.68 -110.62 1.50
CA LEU I 1703 57.48 -110.82 0.68
C LEU I 1703 57.34 -112.30 0.24
N GLN I 1704 58.42 -112.90 -0.29
CA GLN I 1704 58.46 -114.32 -0.63
C GLN I 1704 58.23 -115.23 0.59
N GLY I 1705 58.77 -114.85 1.76
CA GLY I 1705 58.56 -115.55 3.02
C GLY I 1705 57.09 -115.60 3.46
N HIS I 1706 56.38 -114.48 3.41
CA HIS I 1706 54.96 -114.41 3.74
C HIS I 1706 54.10 -115.21 2.76
N ILE I 1707 54.34 -115.08 1.45
CA ILE I 1707 53.64 -115.85 0.41
C ILE I 1707 53.83 -117.35 0.62
N GLY I 1708 55.05 -117.80 0.89
CA GLY I 1708 55.35 -119.20 1.17
C GLY I 1708 54.63 -119.75 2.41
N ARG I 1709 54.35 -118.91 3.42
CA ARG I 1709 53.54 -119.27 4.59
C ARG I 1709 52.05 -119.38 4.24
N PHE I 1710 51.50 -118.40 3.53
CA PHE I 1710 50.10 -118.42 3.06
C PHE I 1710 49.83 -119.66 2.20
N GLN I 1711 50.77 -120.00 1.30
CA GLN I 1711 50.74 -121.21 0.48
C GLN I 1711 50.56 -122.49 1.29
N ARG I 1712 51.45 -122.71 2.28
CA ARG I 1712 51.42 -123.92 3.13
C ARG I 1712 50.14 -124.01 3.93
N GLN I 1713 49.65 -122.89 4.44
CA GLN I 1713 48.40 -122.83 5.21
C GLN I 1713 47.17 -123.09 4.34
N CYS I 1714 47.09 -122.51 3.15
CA CYS I 1714 46.00 -122.79 2.20
C CYS I 1714 45.96 -124.28 1.81
N LEU I 1715 47.10 -124.91 1.54
CA LEU I 1715 47.16 -126.35 1.23
C LEU I 1715 46.72 -127.22 2.42
N ALA I 1716 47.02 -126.81 3.66
CA ALA I 1716 46.57 -127.52 4.86
C ALA I 1716 45.04 -127.50 5.03
N LEU I 1717 44.33 -126.51 4.46
CA LEU I 1717 42.86 -126.44 4.50
C LEU I 1717 42.18 -127.57 3.71
N LEU I 1718 42.82 -128.12 2.67
CA LEU I 1718 42.30 -129.27 1.93
C LEU I 1718 42.16 -130.51 2.82
N ASN I 1719 43.09 -130.70 3.77
CA ASN I 1719 43.03 -131.82 4.70
C ASN I 1719 41.84 -131.72 5.67
N ARG I 1720 41.44 -130.48 6.01
CA ARG I 1720 40.37 -130.16 6.95
C ARG I 1720 38.99 -130.18 6.31
N PHE I 1721 38.79 -129.47 5.19
CA PHE I 1721 37.47 -129.34 4.55
C PHE I 1721 37.23 -130.34 3.42
N GLY I 1722 38.30 -130.91 2.84
CA GLY I 1722 38.21 -131.94 1.81
C GLY I 1722 38.17 -133.37 2.35
N GLY I 1723 37.99 -133.57 3.65
CA GLY I 1723 38.01 -134.88 4.32
C GLY I 1723 36.81 -135.16 5.23
N SER I 1724 36.90 -136.26 6.00
CA SER I 1724 35.84 -136.76 6.89
C SER I 1724 35.47 -135.80 8.04
N ASP I 1725 36.38 -134.89 8.44
CA ASP I 1725 36.13 -133.89 9.49
C ASP I 1725 34.98 -132.93 9.14
N ARG I 1726 34.68 -132.75 7.84
CA ARG I 1726 33.51 -131.98 7.38
C ARG I 1726 32.19 -132.52 7.92
N LEU I 1727 32.02 -133.85 7.97
CA LEU I 1727 30.77 -134.46 8.44
C LEU I 1727 30.60 -134.25 9.96
N ARG I 1728 31.71 -134.24 10.71
CA ARG I 1728 31.72 -134.06 12.17
C ARG I 1728 31.46 -132.60 12.56
N GLN I 1729 32.00 -131.63 11.83
CA GLN I 1729 31.70 -130.21 12.07
C GLN I 1729 30.24 -129.87 11.77
N LEU I 1730 29.66 -130.43 10.71
CA LEU I 1730 28.23 -130.25 10.40
C LEU I 1730 27.31 -130.95 11.41
N SER I 1731 27.74 -132.06 12.04
CA SER I 1731 26.92 -132.77 13.04
C SER I 1731 26.98 -132.15 14.44
N LEU I 1732 28.14 -131.64 14.89
CA LEU I 1732 28.29 -131.08 16.24
C LEU I 1732 27.42 -129.83 16.50
N GLN I 1733 26.87 -129.21 15.46
CA GLN I 1733 25.95 -128.07 15.57
C GLN I 1733 24.46 -128.42 15.40
N ASP I 1734 24.11 -129.65 15.01
CA ASP I 1734 22.70 -130.08 14.96
C ASP I 1734 22.08 -130.17 16.38
N ASP I 1735 22.88 -130.38 17.43
CA ASP I 1735 22.37 -130.60 18.80
C ASP I 1735 21.97 -129.32 19.56
N SER I 1736 22.51 -128.14 19.22
CA SER I 1736 22.31 -126.95 20.06
C SER I 1736 21.11 -126.07 19.71
N SER I 1737 20.50 -126.16 18.52
CA SER I 1737 19.27 -125.37 18.20
C SER I 1737 18.56 -125.81 16.91
N ARG I 1738 17.54 -126.68 17.02
CA ARG I 1738 16.79 -127.23 15.87
C ARG I 1738 16.03 -126.20 15.00
N LEU I 1739 15.75 -124.99 15.49
CA LEU I 1739 14.92 -124.02 14.76
C LEU I 1739 15.71 -123.00 13.92
N ASP I 1740 16.95 -122.69 14.30
CA ASP I 1740 17.80 -121.69 13.60
C ASP I 1740 18.88 -122.35 12.71
N GLY I 1741 19.02 -123.68 12.80
CA GLY I 1741 20.13 -124.44 12.23
C GLY I 1741 20.06 -124.70 10.72
N VAL I 1742 18.85 -124.79 10.14
CA VAL I 1742 18.70 -125.26 8.74
C VAL I 1742 19.29 -124.27 7.72
N SER I 1743 19.11 -122.95 7.91
CA SER I 1743 19.67 -121.96 6.98
C SER I 1743 21.20 -121.87 7.08
N LYS I 1744 21.74 -121.90 8.30
CA LYS I 1744 23.19 -121.80 8.56
C LYS I 1744 23.94 -122.99 7.97
N LYS I 1745 23.33 -124.18 7.96
CA LYS I 1745 23.91 -125.40 7.39
C LYS I 1745 24.16 -125.30 5.89
N ASP I 1746 23.19 -124.78 5.12
CA ASP I 1746 23.31 -124.60 3.66
C ASP I 1746 24.47 -123.63 3.32
N ASP I 1747 24.57 -122.51 4.06
CA ASP I 1747 25.60 -121.50 3.83
C ASP I 1747 26.99 -121.97 4.29
N MET I 1748 27.09 -122.72 5.39
CA MET I 1748 28.34 -123.37 5.81
C MET I 1748 28.82 -124.37 4.78
N GLU I 1749 27.91 -125.18 4.23
CA GLU I 1749 28.20 -126.15 3.18
C GLU I 1749 28.72 -125.46 1.91
N LEU I 1750 28.09 -124.36 1.50
CA LEU I 1750 28.54 -123.54 0.37
C LEU I 1750 29.94 -122.95 0.61
N ALA I 1751 30.19 -122.37 1.78
CA ALA I 1751 31.48 -121.79 2.12
C ALA I 1751 32.61 -122.84 2.15
N MET I 1752 32.37 -124.02 2.72
CA MET I 1752 33.33 -125.13 2.72
C MET I 1752 33.68 -125.60 1.31
N GLN I 1753 32.70 -125.74 0.43
CA GLN I 1753 32.93 -126.09 -0.98
C GLN I 1753 33.68 -124.99 -1.73
N GLN I 1754 33.38 -123.73 -1.44
CA GLN I 1754 34.09 -122.59 -2.04
C GLN I 1754 35.56 -122.57 -1.61
N ILE I 1755 35.89 -122.87 -0.34
CA ILE I 1755 37.28 -123.01 0.12
C ILE I 1755 38.01 -124.10 -0.68
N CYS I 1756 37.44 -125.31 -0.79
CA CYS I 1756 38.05 -126.39 -1.58
C CYS I 1756 38.24 -125.99 -3.04
N SER I 1757 37.25 -125.34 -3.65
CA SER I 1757 37.32 -124.81 -5.01
C SER I 1757 38.47 -123.83 -5.18
N ASN I 1758 38.60 -122.84 -4.30
CA ASN I 1758 39.62 -121.80 -4.39
C ASN I 1758 41.04 -122.36 -4.18
N VAL I 1759 41.23 -123.30 -3.24
CA VAL I 1759 42.55 -123.93 -3.05
C VAL I 1759 42.91 -124.81 -4.25
N MET I 1760 41.94 -125.49 -4.86
CA MET I 1760 42.18 -126.25 -6.08
C MET I 1760 42.45 -125.35 -7.29
N GLU I 1761 41.75 -124.21 -7.42
CA GLU I 1761 42.06 -123.15 -8.39
C GLU I 1761 43.49 -122.66 -8.21
N TYR I 1762 43.92 -122.43 -6.97
CA TYR I 1762 45.29 -122.02 -6.67
C TYR I 1762 46.33 -123.08 -7.11
N CYS I 1763 46.07 -124.35 -6.79
CA CYS I 1763 46.93 -125.46 -7.21
C CYS I 1763 47.02 -125.53 -8.74
N GLN I 1764 45.89 -125.37 -9.44
CA GLN I 1764 45.85 -125.34 -10.90
C GLN I 1764 46.66 -124.18 -11.47
N ALA I 1765 46.49 -122.96 -10.93
CA ALA I 1765 47.21 -121.78 -11.38
C ALA I 1765 48.74 -121.92 -11.19
N LEU I 1766 49.18 -122.44 -10.03
CA LEU I 1766 50.60 -122.74 -9.76
C LEU I 1766 51.20 -123.75 -10.74
N MET I 1767 50.42 -124.76 -11.15
CA MET I 1767 50.87 -125.76 -12.13
C MET I 1767 50.92 -125.21 -13.56
N ILE I 1768 49.98 -124.34 -13.95
CA ILE I 1768 49.95 -123.76 -15.29
C ILE I 1768 51.11 -122.76 -15.48
N GLN I 1769 51.36 -121.86 -14.53
CA GLN I 1769 52.38 -120.80 -14.70
C GLN I 1769 53.83 -121.31 -14.59
N ASN I 1770 54.13 -122.27 -13.70
CA ASN I 1770 55.49 -122.79 -13.57
C ASN I 1770 55.89 -123.79 -14.67
N SER I 1771 55.00 -124.06 -15.63
CA SER I 1771 55.23 -125.02 -16.72
C SER I 1771 55.29 -124.33 -18.09
N PRO I 1772 56.31 -123.51 -18.42
CA PRO I 1772 56.58 -123.19 -19.82
C PRO I 1772 57.06 -124.43 -20.60
N SER I 1773 57.54 -125.49 -19.93
CA SER I 1773 57.89 -126.79 -20.53
C SER I 1773 57.35 -127.96 -19.70
N PHE I 1774 56.88 -129.03 -20.37
CA PHE I 1774 56.28 -130.22 -19.72
C PHE I 1774 57.19 -130.92 -18.71
N GLN I 1775 58.52 -130.75 -18.81
CA GLN I 1775 59.50 -131.39 -17.92
C GLN I 1775 59.68 -130.70 -16.55
N GLN I 1776 59.12 -129.50 -16.34
CA GLN I 1776 59.34 -128.69 -15.13
C GLN I 1776 58.06 -128.51 -14.30
N THR I 1777 57.30 -129.58 -14.06
CA THR I 1777 56.10 -129.50 -13.22
C THR I 1777 56.45 -129.33 -11.74
N VAL I 1778 55.87 -128.31 -11.07
CA VAL I 1778 55.94 -128.17 -9.62
C VAL I 1778 55.07 -129.24 -8.97
N CYS I 1779 55.68 -130.04 -8.10
CA CYS I 1779 54.96 -131.09 -7.40
C CYS I 1779 54.40 -130.57 -6.07
N LEU I 1780 53.07 -130.41 -6.01
CA LEU I 1780 52.36 -129.87 -4.85
C LEU I 1780 51.89 -130.96 -3.87
N PHE I 1781 51.70 -132.18 -4.37
CA PHE I 1781 51.20 -133.32 -3.60
C PHE I 1781 52.20 -134.48 -3.60
N THR I 1782 52.41 -135.13 -2.46
CA THR I 1782 53.29 -136.31 -2.35
C THR I 1782 52.70 -137.52 -3.10
N PRO I 1783 53.52 -138.48 -3.61
CA PRO I 1783 53.04 -139.60 -4.44
C PRO I 1783 52.32 -140.70 -3.65
N SER I 1784 51.82 -140.41 -2.45
CA SER I 1784 51.09 -141.35 -1.61
C SER I 1784 49.58 -141.26 -1.86
N LEU I 1785 48.94 -142.42 -2.03
CA LEU I 1785 47.47 -142.55 -2.13
C LEU I 1785 46.84 -143.18 -0.87
N LYS I 1786 47.65 -143.63 0.10
CA LYS I 1786 47.24 -144.30 1.34
C LYS I 1786 46.16 -143.55 2.14
N GLU I 1787 46.21 -142.23 2.15
CA GLU I 1787 45.22 -141.39 2.86
C GLU I 1787 43.80 -141.58 2.29
N SER I 1788 43.65 -141.83 0.98
CA SER I 1788 42.34 -142.11 0.36
C SER I 1788 41.75 -143.45 0.79
N ALA I 1789 42.58 -144.47 1.05
CA ALA I 1789 42.14 -145.80 1.46
C ALA I 1789 41.87 -145.90 2.96
N SER I 1790 42.65 -145.21 3.81
CA SER I 1790 42.47 -145.24 5.27
C SER I 1790 41.19 -144.53 5.76
N ARG I 1791 40.65 -143.58 4.98
CA ARG I 1791 39.48 -142.75 5.36
C ARG I 1791 38.11 -143.32 4.99
N ASP I 1792 38.04 -144.41 4.21
CA ASP I 1792 36.75 -145.10 3.92
C ASP I 1792 36.29 -146.01 5.08
N GLY I 1793 37.11 -146.21 6.14
CA GLY I 1793 36.81 -147.07 7.28
C GLY I 1793 36.03 -146.39 8.42
N THR I 1794 35.05 -147.10 8.99
CA THR I 1794 34.13 -146.65 10.06
C THR I 1794 34.73 -146.57 11.48
N ARG I 1795 36.06 -146.55 11.67
CA ARG I 1795 36.68 -146.51 13.00
C ARG I 1795 36.69 -145.09 13.59
N GLN I 1796 35.80 -144.83 14.55
CA GLN I 1796 35.54 -143.50 15.14
C GLN I 1796 36.53 -143.04 16.23
N ASP I 1797 37.47 -143.88 16.69
CA ASP I 1797 38.18 -143.63 17.96
C ASP I 1797 39.70 -143.37 17.89
N SER I 1798 40.28 -143.09 16.72
CA SER I 1798 41.71 -142.72 16.67
C SER I 1798 41.92 -141.22 16.86
N GLN I 1799 42.65 -140.90 17.94
CA GLN I 1799 43.14 -139.58 18.31
C GLN I 1799 43.75 -138.83 17.10
N VAL I 1800 43.38 -137.55 16.96
CA VAL I 1800 43.73 -136.65 15.86
C VAL I 1800 45.26 -136.61 15.68
N SER I 1801 45.80 -137.29 14.67
CA SER I 1801 47.12 -136.91 14.16
C SER I 1801 46.93 -135.63 13.36
N ILE I 1802 47.03 -134.49 14.04
CA ILE I 1802 47.15 -133.18 13.41
C ILE I 1802 48.42 -133.25 12.56
N LEU I 1803 48.28 -133.42 11.24
CA LEU I 1803 49.43 -133.28 10.36
C LEU I 1803 49.93 -131.82 10.50
N PRO I 1804 51.21 -131.60 10.86
CA PRO I 1804 51.75 -130.24 10.95
C PRO I 1804 51.62 -129.53 9.60
N SER I 1805 51.35 -128.23 9.60
CA SER I 1805 51.21 -127.38 8.39
C SER I 1805 52.44 -127.34 7.47
N TRP I 1806 53.54 -128.00 7.83
CA TRP I 1806 54.78 -128.04 7.07
C TRP I 1806 54.90 -129.29 6.17
N ARG I 1807 54.02 -130.30 6.28
CA ARG I 1807 54.00 -131.45 5.35
C ARG I 1807 53.08 -131.16 4.15
N LEU I 1808 53.57 -131.47 2.95
CA LEU I 1808 52.75 -131.43 1.73
C LEU I 1808 51.62 -132.47 1.80
N PRO I 1809 50.38 -132.12 1.40
CA PRO I 1809 49.27 -133.07 1.34
C PRO I 1809 49.56 -134.23 0.37
N SER I 1810 48.92 -135.38 0.59
CA SER I 1810 49.06 -136.54 -0.30
C SER I 1810 48.15 -136.42 -1.52
N LEU I 1811 48.53 -137.06 -2.64
CA LEU I 1811 47.65 -137.16 -3.81
C LEU I 1811 46.33 -137.87 -3.46
N GLY I 1812 46.31 -138.70 -2.40
CA GLY I 1812 45.12 -139.32 -1.85
C GLY I 1812 44.03 -138.34 -1.42
N VAL I 1813 44.38 -137.14 -0.96
CA VAL I 1813 43.42 -136.08 -0.59
C VAL I 1813 42.65 -135.60 -1.82
N VAL I 1814 43.32 -135.45 -2.97
CA VAL I 1814 42.70 -135.04 -4.23
C VAL I 1814 41.70 -136.09 -4.73
N ILE I 1815 42.05 -137.39 -4.64
CA ILE I 1815 41.12 -138.47 -5.02
C ILE I 1815 39.92 -138.55 -4.07
N HIS I 1816 40.14 -138.38 -2.77
CA HIS I 1816 39.03 -138.37 -1.80
C HIS I 1816 38.08 -137.20 -2.05
N LEU I 1817 38.61 -135.98 -2.25
CA LEU I 1817 37.84 -134.81 -2.62
C LEU I 1817 37.06 -135.03 -3.92
N LEU I 1818 37.67 -135.66 -4.93
CA LEU I 1818 37.01 -136.02 -6.19
C LEU I 1818 35.81 -136.97 -5.97
N LYS I 1819 36.01 -138.05 -5.20
CA LYS I 1819 34.93 -139.01 -4.84
C LYS I 1819 33.80 -138.33 -4.09
N GLN I 1820 34.14 -137.50 -3.10
CA GLN I 1820 33.18 -136.80 -2.26
C GLN I 1820 32.37 -135.78 -3.07
N SER I 1821 33.02 -134.95 -3.89
CA SER I 1821 32.37 -133.97 -4.77
C SER I 1821 31.47 -134.65 -5.80
N ALA I 1822 31.85 -135.81 -6.33
CA ALA I 1822 31.00 -136.59 -7.22
C ALA I 1822 29.73 -137.12 -6.52
N ASN I 1823 29.85 -137.58 -5.26
CA ASN I 1823 28.68 -138.03 -4.49
C ASN I 1823 27.75 -136.86 -4.14
N ASN I 1824 28.33 -135.76 -3.65
CA ASN I 1824 27.58 -134.56 -3.27
C ASN I 1824 26.85 -133.95 -4.47
N PHE I 1825 27.43 -134.01 -5.66
CA PHE I 1825 26.80 -133.52 -6.88
C PHE I 1825 25.41 -134.12 -7.09
N PHE I 1826 25.26 -135.45 -6.98
CA PHE I 1826 23.95 -136.10 -7.14
C PHE I 1826 22.97 -135.72 -6.02
N THR I 1827 23.44 -135.65 -4.77
CA THR I 1827 22.60 -135.21 -3.65
C THR I 1827 22.09 -133.78 -3.84
N TYR I 1828 22.95 -132.86 -4.26
CA TYR I 1828 22.57 -131.47 -4.54
C TYR I 1828 21.65 -131.37 -5.75
N TYR I 1829 21.85 -132.22 -6.75
CA TYR I 1829 21.03 -132.25 -7.96
C TYR I 1829 19.60 -132.69 -7.64
N ASP I 1830 19.43 -133.75 -6.84
CA ASP I 1830 18.12 -134.24 -6.41
C ASP I 1830 17.37 -133.21 -5.55
N ILE I 1831 18.05 -132.60 -4.57
CA ILE I 1831 17.48 -131.54 -3.72
C ILE I 1831 17.10 -130.31 -4.57
N HIS I 1832 17.96 -129.90 -5.50
CA HIS I 1832 17.68 -128.79 -6.41
C HIS I 1832 16.42 -129.07 -7.23
N ARG I 1833 16.30 -130.27 -7.82
CA ARG I 1833 15.13 -130.68 -8.61
C ARG I 1833 13.84 -130.73 -7.78
N GLN I 1834 13.90 -131.28 -6.56
CA GLN I 1834 12.76 -131.28 -5.63
C GLN I 1834 12.33 -129.86 -5.25
N SER I 1835 13.29 -128.97 -4.97
CA SER I 1835 13.04 -127.58 -4.59
C SER I 1835 12.41 -126.77 -5.72
N VAL I 1836 12.87 -126.99 -6.97
CA VAL I 1836 12.25 -126.40 -8.17
C VAL I 1836 10.80 -126.88 -8.32
N GLY I 1837 10.53 -128.18 -8.13
CA GLY I 1837 9.17 -128.71 -8.16
C GLY I 1837 8.27 -128.12 -7.06
N LYS I 1838 8.79 -127.95 -5.84
CA LYS I 1838 8.07 -127.27 -4.74
C LYS I 1838 7.77 -125.80 -5.08
N LEU I 1839 8.70 -125.09 -5.74
CA LEU I 1839 8.49 -123.69 -6.15
C LEU I 1839 7.38 -123.55 -7.19
N GLN I 1840 7.26 -124.50 -8.12
CA GLN I 1840 6.19 -124.52 -9.13
C GLN I 1840 4.81 -124.80 -8.50
N ASN I 1841 4.77 -125.63 -7.44
CA ASN I 1841 3.53 -126.06 -6.78
C ASN I 1841 3.34 -125.50 -5.36
N VAL I 1842 3.85 -124.30 -5.05
CA VAL I 1842 3.83 -123.74 -3.67
C VAL I 1842 2.43 -123.67 -3.06
N GLU I 1843 1.43 -123.34 -3.87
CA GLU I 1843 0.04 -123.22 -3.41
C GLU I 1843 -0.62 -124.57 -3.09
N GLN I 1844 -0.01 -125.69 -3.54
CA GLN I 1844 -0.44 -127.05 -3.25
C GLN I 1844 0.35 -127.70 -2.10
N LEU I 1845 1.32 -126.99 -1.51
CA LEU I 1845 2.12 -127.53 -0.41
C LEU I 1845 1.27 -127.68 0.87
N PRO I 1846 1.53 -128.71 1.70
CA PRO I 1846 0.90 -128.84 3.00
C PRO I 1846 1.14 -127.59 3.88
N PRO I 1847 0.17 -127.17 4.72
CA PRO I 1847 0.33 -126.00 5.59
C PRO I 1847 1.50 -126.15 6.57
N ASP I 1848 1.85 -127.37 6.97
CA ASP I 1848 3.02 -127.64 7.83
C ASP I 1848 4.34 -127.36 7.09
N GLU I 1849 4.46 -127.73 5.81
CA GLU I 1849 5.64 -127.41 5.01
C GLU I 1849 5.77 -125.90 4.75
N ILE I 1850 4.64 -125.23 4.49
CA ILE I 1850 4.63 -123.76 4.34
C ILE I 1850 5.07 -123.11 5.65
N LYS I 1851 4.63 -123.63 6.79
CA LYS I 1851 5.02 -123.15 8.13
C LYS I 1851 6.51 -123.33 8.35
N GLU I 1852 7.08 -124.48 8.03
CA GLU I 1852 8.52 -124.76 8.13
C GLU I 1852 9.34 -123.81 7.24
N LEU I 1853 8.90 -123.60 5.98
CA LEU I 1853 9.53 -122.64 5.07
C LEU I 1853 9.44 -121.19 5.60
N CYS I 1854 8.31 -120.80 6.19
CA CYS I 1854 8.12 -119.46 6.75
C CYS I 1854 8.94 -119.22 8.02
N GLN I 1855 8.95 -120.19 8.96
CA GLN I 1855 9.68 -120.09 10.22
C GLN I 1855 11.19 -119.93 10.00
N SER I 1856 11.73 -120.48 8.91
CA SER I 1856 13.14 -120.33 8.56
C SER I 1856 13.55 -118.91 8.12
N GLU I 1857 12.62 -118.09 7.61
CA GLU I 1857 12.89 -116.67 7.27
C GLU I 1857 12.43 -115.71 8.37
N MET I 1858 11.40 -116.10 9.15
CA MET I 1858 10.83 -115.31 10.23
C MET I 1858 10.57 -116.21 11.45
N PRO I 1859 11.52 -116.33 12.39
CA PRO I 1859 11.36 -117.20 13.57
C PRO I 1859 10.25 -116.71 14.51
N VAL I 1860 10.09 -115.39 14.64
CA VAL I 1860 9.11 -114.75 15.52
C VAL I 1860 7.90 -114.29 14.71
N GLY I 1861 6.72 -114.81 15.02
CA GLY I 1861 5.45 -114.26 14.53
C GLY I 1861 4.88 -114.83 13.23
N ALA I 1862 5.43 -115.94 12.70
CA ALA I 1862 4.90 -116.61 11.50
C ALA I 1862 3.42 -117.03 11.62
N ASP I 1863 2.87 -117.17 12.84
CA ASP I 1863 1.45 -117.49 13.06
C ASP I 1863 0.51 -116.28 12.88
N LYS I 1864 0.99 -115.02 12.95
CA LYS I 1864 0.16 -113.80 12.89
C LYS I 1864 0.02 -113.20 11.47
N ILE I 1865 0.68 -113.77 10.46
CA ILE I 1865 0.70 -113.23 9.08
C ILE I 1865 -0.36 -113.89 8.17
N SER I 1866 -0.79 -113.16 7.15
CA SER I 1866 -1.81 -113.63 6.18
C SER I 1866 -1.30 -114.81 5.35
N THR I 1867 -2.22 -115.61 4.79
CA THR I 1867 -1.89 -116.74 3.88
C THR I 1867 -1.08 -116.28 2.67
N THR I 1868 -1.41 -115.14 2.06
CA THR I 1868 -0.64 -114.54 0.96
C THR I 1868 0.80 -114.20 1.37
N GLN I 1869 1.02 -113.68 2.58
CA GLN I 1869 2.36 -113.40 3.09
C GLN I 1869 3.14 -114.70 3.34
N LYS I 1870 2.49 -115.75 3.85
CA LYS I 1870 3.10 -117.08 4.03
C LYS I 1870 3.59 -117.68 2.73
N TYR I 1871 2.77 -117.68 1.68
CA TYR I 1871 3.21 -118.14 0.35
C TYR I 1871 4.38 -117.31 -0.21
N GLY I 1872 4.39 -116.00 0.03
CA GLY I 1872 5.48 -115.12 -0.37
C GLY I 1872 6.81 -115.43 0.34
N LEU I 1873 6.78 -115.70 1.64
CA LEU I 1873 7.97 -116.12 2.41
C LEU I 1873 8.46 -117.50 1.98
N ALA I 1874 7.53 -118.45 1.77
CA ALA I 1874 7.86 -119.78 1.27
C ALA I 1874 8.55 -119.72 -0.12
N ARG I 1875 8.02 -118.93 -1.07
CA ARG I 1875 8.66 -118.71 -2.37
C ARG I 1875 10.07 -118.14 -2.24
N ARG I 1876 10.29 -117.14 -1.38
CA ARG I 1876 11.63 -116.56 -1.14
C ARG I 1876 12.63 -117.59 -0.62
N ARG I 1877 12.22 -118.41 0.35
CA ARG I 1877 13.08 -119.47 0.89
C ARG I 1877 13.42 -120.51 -0.18
N LEU I 1878 12.43 -120.93 -0.98
CA LEU I 1878 12.66 -121.87 -2.08
C LEU I 1878 13.61 -121.31 -3.14
N VAL I 1879 13.51 -120.02 -3.50
CA VAL I 1879 14.45 -119.37 -4.44
C VAL I 1879 15.87 -119.32 -3.87
N LYS I 1880 16.04 -118.95 -2.59
CA LYS I 1880 17.35 -118.99 -1.92
C LYS I 1880 17.94 -120.41 -1.93
N LEU I 1881 17.12 -121.41 -1.62
CA LEU I 1881 17.52 -122.82 -1.62
C LEU I 1881 17.94 -123.27 -3.02
N ILE I 1882 17.16 -122.96 -4.06
CA ILE I 1882 17.47 -123.29 -5.45
C ILE I 1882 18.81 -122.65 -5.87
N ASN I 1883 19.00 -121.35 -5.62
CA ASN I 1883 20.22 -120.64 -5.98
C ASN I 1883 21.46 -121.15 -5.23
N SER I 1884 21.32 -121.47 -3.93
CA SER I 1884 22.41 -122.05 -3.14
C SER I 1884 22.83 -123.42 -3.69
N ARG I 1885 21.86 -124.28 -4.05
CA ARG I 1885 22.10 -125.61 -4.62
C ARG I 1885 22.66 -125.53 -6.04
N ALA I 1886 22.23 -124.57 -6.85
CA ALA I 1886 22.80 -124.30 -8.18
C ALA I 1886 24.27 -123.90 -8.11
N LYS I 1887 24.65 -123.06 -7.12
CA LYS I 1887 26.06 -122.72 -6.85
C LYS I 1887 26.87 -123.92 -6.33
N LEU I 1888 26.28 -124.76 -5.48
CA LEU I 1888 26.95 -125.99 -5.04
C LEU I 1888 27.21 -126.96 -6.20
N LEU I 1889 26.26 -127.09 -7.13
CA LEU I 1889 26.44 -127.90 -8.35
C LEU I 1889 27.56 -127.35 -9.24
N SER I 1890 27.65 -126.02 -9.39
CA SER I 1890 28.73 -125.41 -10.19
C SER I 1890 30.10 -125.58 -9.53
N LEU I 1891 30.19 -125.42 -8.20
CA LEU I 1891 31.41 -125.66 -7.43
C LEU I 1891 31.83 -127.14 -7.48
N CYS I 1892 30.92 -128.08 -7.30
CA CYS I 1892 31.23 -129.52 -7.42
C CYS I 1892 31.75 -129.86 -8.82
N SER I 1893 31.11 -129.35 -9.87
CA SER I 1893 31.58 -129.54 -11.24
C SER I 1893 33.00 -128.97 -11.44
N TYR I 1894 33.25 -127.74 -10.99
CA TYR I 1894 34.57 -127.11 -11.07
C TYR I 1894 35.64 -127.88 -10.27
N ILE I 1895 35.35 -128.29 -9.04
CA ILE I 1895 36.27 -129.09 -8.21
C ILE I 1895 36.58 -130.42 -8.90
N ILE I 1896 35.60 -131.09 -9.50
CA ILE I 1896 35.79 -132.34 -10.25
C ILE I 1896 36.74 -132.13 -11.43
N GLU I 1897 36.49 -131.11 -12.27
CA GLU I 1897 37.34 -130.76 -13.41
C GLU I 1897 38.79 -130.50 -12.97
N THR I 1898 38.97 -129.70 -11.92
CA THR I 1898 40.28 -129.27 -11.42
C THR I 1898 41.02 -130.41 -10.70
N CYS I 1899 40.31 -131.24 -9.92
CA CYS I 1899 40.88 -132.46 -9.33
C CYS I 1899 41.37 -133.43 -10.40
N LEU I 1900 40.58 -133.65 -11.46
CA LEU I 1900 40.99 -134.51 -12.58
C LEU I 1900 42.22 -133.93 -13.30
N TYR I 1901 42.28 -132.61 -13.50
CA TYR I 1901 43.43 -131.96 -14.12
C TYR I 1901 44.70 -132.13 -13.26
N ILE I 1902 44.61 -131.84 -11.96
CA ILE I 1902 45.74 -131.93 -11.02
C ILE I 1902 46.20 -133.38 -10.86
N LEU I 1903 45.26 -134.32 -10.75
CA LEU I 1903 45.54 -135.76 -10.68
C LEU I 1903 46.25 -136.24 -11.94
N TRP I 1904 45.76 -135.85 -13.12
CA TRP I 1904 46.41 -136.16 -14.39
C TRP I 1904 47.85 -135.61 -14.44
N ARG I 1905 48.07 -134.34 -14.09
CA ARG I 1905 49.41 -133.72 -14.11
C ARG I 1905 50.39 -134.37 -13.12
N HIS I 1906 49.95 -134.72 -11.92
CA HIS I 1906 50.81 -135.39 -10.93
C HIS I 1906 51.10 -136.84 -11.32
N LEU I 1907 50.12 -137.59 -11.84
CA LEU I 1907 50.35 -138.94 -12.37
C LEU I 1907 51.27 -138.89 -13.60
N GLU I 1908 51.12 -137.90 -14.49
CA GLU I 1908 52.00 -137.69 -15.63
C GLU I 1908 53.44 -137.44 -15.15
N TYR I 1909 53.66 -136.56 -14.18
CA TYR I 1909 54.99 -136.30 -13.63
C TYR I 1909 55.59 -137.52 -12.92
N TYR I 1910 54.89 -138.12 -11.94
CA TYR I 1910 55.43 -139.25 -11.16
C TYR I 1910 55.63 -140.51 -12.01
N LEU I 1911 54.74 -140.78 -12.97
CA LEU I 1911 54.82 -141.99 -13.81
C LEU I 1911 55.70 -141.82 -15.04
N LEU I 1912 55.85 -140.63 -15.62
CA LEU I 1912 56.63 -140.42 -16.85
C LEU I 1912 57.91 -139.60 -16.69
N HIS I 1913 58.02 -138.72 -15.68
CA HIS I 1913 59.11 -137.73 -15.60
C HIS I 1913 59.93 -137.74 -14.30
N CYS I 1914 59.46 -138.36 -13.21
CA CYS I 1914 60.19 -138.42 -11.93
C CYS I 1914 61.37 -139.41 -12.01
N THR I 1915 62.59 -138.91 -11.73
CA THR I 1915 63.78 -139.73 -11.53
C THR I 1915 63.80 -140.28 -10.10
N THR I 1916 63.85 -141.61 -9.96
CA THR I 1916 63.80 -142.28 -8.67
C THR I 1916 65.19 -142.31 -8.03
N SER I 1917 65.23 -142.20 -6.70
CA SER I 1917 66.50 -142.07 -5.95
C SER I 1917 67.41 -143.32 -5.98
N ASP I 1918 66.94 -144.45 -6.51
CA ASP I 1918 67.71 -145.70 -6.58
C ASP I 1918 68.24 -146.04 -8.00
N SER I 1919 68.14 -145.13 -9.00
CA SER I 1919 68.68 -145.38 -10.34
C SER I 1919 70.08 -144.75 -10.56
N GLN I 1920 71.12 -145.60 -10.62
CA GLN I 1920 72.56 -145.36 -10.90
C GLN I 1920 73.40 -144.73 -9.76
N ASP I 1921 74.66 -145.09 -9.50
CA ASP I 1921 75.55 -146.25 -9.70
C ASP I 1921 76.84 -145.92 -8.89
N PRO I 1922 77.51 -146.85 -8.20
CA PRO I 1922 78.64 -146.53 -7.31
C PRO I 1922 79.97 -146.70 -8.04
N VAL I 1923 80.63 -145.61 -8.45
CA VAL I 1923 82.01 -145.69 -8.99
C VAL I 1923 82.87 -144.48 -8.58
N PHE I 1924 83.79 -144.75 -7.65
CA PHE I 1924 84.99 -143.99 -7.23
C PHE I 1924 84.83 -142.63 -6.53
N SER I 1925 84.96 -142.64 -5.19
CA SER I 1925 86.18 -142.16 -4.52
C SER I 1925 86.14 -142.46 -3.02
N ASN I 1926 87.15 -143.21 -2.57
CA ASN I 1926 87.54 -143.32 -1.16
C ASN I 1926 87.77 -141.92 -0.57
N MET I 1927 87.20 -141.62 0.59
CA MET I 1927 87.99 -141.20 1.76
C MET I 1927 87.16 -141.32 3.05
N THR I 1928 87.85 -141.91 4.02
CA THR I 1928 87.51 -142.19 5.41
C THR I 1928 87.41 -140.95 6.33
N PHE I 1929 86.82 -141.20 7.51
CA PHE I 1929 86.76 -140.38 8.75
C PHE I 1929 85.68 -139.29 8.78
N GLY I 1930 84.90 -139.09 9.85
CA GLY I 1930 84.91 -139.64 11.20
C GLY I 1930 84.08 -138.69 12.10
N ASN I 1931 83.25 -139.26 12.96
CA ASN I 1931 82.41 -138.60 13.96
C ASN I 1931 83.06 -137.41 14.68
N ARG I 1932 82.39 -136.23 14.70
CA ARG I 1932 82.05 -135.46 15.92
C ARG I 1932 81.45 -134.07 15.63
N ARG I 1933 80.35 -133.79 16.34
CA ARG I 1933 79.89 -132.53 16.97
C ARG I 1933 80.27 -131.20 16.30
N PHE I 1934 79.25 -130.45 15.88
CA PHE I 1934 79.34 -129.00 15.67
C PHE I 1934 78.62 -128.24 16.79
N GLN I 1935 79.43 -127.44 17.47
CA GLN I 1935 79.09 -126.22 18.19
C GLN I 1935 79.91 -125.11 17.47
N ASP I 1936 79.27 -123.97 17.25
CA ASP I 1936 79.83 -122.64 16.96
C ASP I 1936 80.59 -122.29 15.65
N THR I 1937 80.37 -121.00 15.29
CA THR I 1937 81.25 -119.99 14.65
C THR I 1937 81.27 -119.77 13.11
N PHE I 1938 80.73 -118.60 12.72
CA PHE I 1938 81.14 -117.63 11.68
C PHE I 1938 81.75 -118.10 10.34
N ASN I 1939 81.04 -117.89 9.22
CA ASN I 1939 81.41 -116.89 8.20
C ASN I 1939 80.40 -116.85 7.03
N THR I 1940 80.32 -115.65 6.44
CA THR I 1940 79.53 -115.22 5.29
C THR I 1940 79.81 -115.98 3.99
N ASP I 1941 78.77 -116.52 3.37
CA ASP I 1941 78.69 -116.74 1.92
C ASP I 1941 77.23 -116.50 1.46
N PRO I 1942 76.93 -115.42 0.69
CA PRO I 1942 75.56 -114.94 0.48
C PRO I 1942 74.93 -115.44 -0.84
N ASN I 1943 75.12 -116.71 -1.20
CA ASN I 1943 74.58 -117.26 -2.45
C ASN I 1943 73.51 -118.35 -2.25
N MET I 1944 72.64 -118.15 -1.25
CA MET I 1944 71.46 -119.00 -1.00
C MET I 1944 70.34 -118.64 -1.99
N ASP I 1945 70.46 -119.14 -3.23
CA ASP I 1945 69.38 -119.14 -4.22
C ASP I 1945 68.21 -120.02 -3.69
N PRO I 1946 67.00 -119.49 -3.44
CA PRO I 1946 65.92 -120.19 -2.73
C PRO I 1946 65.19 -121.26 -3.56
N ARG I 1947 65.75 -121.72 -4.69
CA ARG I 1947 65.18 -122.79 -5.54
C ARG I 1947 65.17 -124.20 -4.90
N ASN I 1948 65.39 -124.31 -3.59
CA ASN I 1948 65.59 -125.57 -2.88
C ASN I 1948 64.31 -126.32 -2.43
N LEU I 1949 63.13 -126.04 -3.01
CA LEU I 1949 61.97 -126.94 -2.86
C LEU I 1949 62.07 -128.24 -3.69
N ARG I 1950 63.21 -128.49 -4.35
CA ARG I 1950 63.42 -129.60 -5.31
C ARG I 1950 63.83 -130.97 -4.73
N GLN I 1951 63.88 -131.16 -3.41
CA GLN I 1951 64.31 -132.46 -2.83
C GLN I 1951 63.22 -133.15 -2.00
N ASN I 1952 62.17 -133.66 -2.65
CA ASN I 1952 61.47 -134.84 -2.12
C ASN I 1952 62.05 -136.06 -2.84
N LYS I 1953 62.93 -136.81 -2.17
CA LYS I 1953 63.46 -138.08 -2.67
C LYS I 1953 62.30 -139.08 -2.76
N VAL I 1954 61.76 -139.29 -3.95
CA VAL I 1954 60.74 -140.32 -4.22
C VAL I 1954 61.46 -141.66 -4.47
N SER I 1955 61.10 -142.70 -3.74
CA SER I 1955 61.64 -144.06 -3.95
C SER I 1955 60.91 -144.76 -5.10
N GLN I 1956 61.55 -145.75 -5.73
CA GLN I 1956 60.88 -146.58 -6.75
C GLN I 1956 59.66 -147.32 -6.14
N GLN I 1957 59.76 -147.72 -4.86
CA GLN I 1957 58.63 -148.32 -4.12
C GLN I 1957 57.42 -147.39 -4.04
N ASP I 1958 57.63 -146.08 -3.84
CA ASP I 1958 56.54 -145.11 -3.78
C ASP I 1958 55.78 -145.03 -5.11
N VAL I 1959 56.49 -145.03 -6.24
CA VAL I 1959 55.90 -144.99 -7.59
C VAL I 1959 55.12 -146.26 -7.92
N ASP I 1960 55.66 -147.43 -7.58
CA ASP I 1960 54.96 -148.72 -7.79
C ASP I 1960 53.71 -148.83 -6.91
N THR I 1961 53.78 -148.34 -5.67
CA THR I 1961 52.59 -148.22 -4.81
C THR I 1961 51.58 -147.23 -5.37
N LEU I 1962 52.02 -146.10 -5.94
CA LEU I 1962 51.14 -145.11 -6.57
C LEU I 1962 50.39 -145.69 -7.77
N LEU I 1963 51.04 -146.47 -8.64
CA LEU I 1963 50.40 -147.16 -9.77
C LEU I 1963 49.32 -148.13 -9.31
N ARG I 1964 49.65 -148.99 -8.33
CA ARG I 1964 48.75 -150.03 -7.81
C ARG I 1964 47.57 -149.44 -7.04
N GLU I 1965 47.82 -148.48 -6.16
CA GLU I 1965 46.79 -147.76 -5.41
C GLU I 1965 45.97 -146.83 -6.32
N GLY I 1966 46.58 -146.24 -7.35
CA GLY I 1966 45.93 -145.36 -8.32
C GLY I 1966 44.87 -146.08 -9.14
N ALA I 1967 45.19 -147.28 -9.63
CA ALA I 1967 44.24 -148.14 -10.35
C ALA I 1967 43.04 -148.55 -9.48
N ASN I 1968 43.27 -148.84 -8.18
CA ASN I 1968 42.22 -149.22 -7.24
C ASN I 1968 41.35 -148.02 -6.80
N SER I 1969 41.98 -146.88 -6.55
CA SER I 1969 41.30 -145.68 -6.02
C SER I 1969 40.51 -144.91 -7.09
N PHE I 1970 40.96 -144.93 -8.35
CA PHE I 1970 40.28 -144.37 -9.53
C PHE I 1970 39.56 -145.46 -10.37
N GLY I 1971 38.79 -146.34 -9.71
CA GLY I 1971 38.11 -147.48 -10.34
C GLY I 1971 36.92 -147.15 -11.27
N GLU I 1972 36.37 -148.17 -11.95
CA GLU I 1972 35.30 -148.02 -12.95
C GLU I 1972 34.02 -147.36 -12.41
N SER I 1973 33.68 -147.57 -11.14
CA SER I 1973 32.51 -146.97 -10.50
C SER I 1973 32.60 -145.44 -10.40
N LEU I 1974 33.76 -144.93 -9.98
CA LEU I 1974 34.02 -143.49 -9.94
C LEU I 1974 34.04 -142.90 -11.36
N GLN I 1975 34.70 -143.59 -12.30
CA GLN I 1975 34.76 -143.15 -13.70
C GLN I 1975 33.35 -143.06 -14.33
N LYS I 1976 32.47 -144.03 -14.06
CA LYS I 1976 31.08 -144.01 -14.54
C LYS I 1976 30.31 -142.81 -13.94
N ARG I 1977 30.39 -142.60 -12.63
CA ARG I 1977 29.75 -141.45 -11.96
C ARG I 1977 30.21 -140.11 -12.53
N LEU I 1978 31.51 -139.95 -12.79
CA LEU I 1978 32.06 -138.72 -13.37
C LEU I 1978 31.51 -138.45 -14.78
N LEU I 1979 31.34 -139.50 -15.60
CA LEU I 1979 30.72 -139.40 -16.93
C LEU I 1979 29.21 -139.11 -16.85
N ASP I 1980 28.52 -139.67 -15.86
CA ASP I 1980 27.10 -139.39 -15.61
C ASP I 1980 26.88 -137.92 -15.22
N ILE I 1981 27.74 -137.34 -14.38
CA ILE I 1981 27.71 -135.91 -14.00
C ILE I 1981 27.86 -135.01 -15.23
N GLU I 1982 28.82 -135.30 -16.11
CA GLU I 1982 29.00 -134.57 -17.36
C GLU I 1982 27.74 -134.63 -18.24
N SER I 1983 27.06 -135.78 -18.27
CA SER I 1983 25.83 -135.97 -19.05
C SER I 1983 24.62 -135.19 -18.49
N LEU I 1984 24.52 -135.04 -17.17
CA LEU I 1984 23.41 -134.36 -16.49
C LEU I 1984 23.60 -132.83 -16.42
N TYR I 1985 24.83 -132.36 -16.23
CA TYR I 1985 25.15 -130.95 -15.97
C TYR I 1985 25.78 -130.22 -17.16
N CYS I 1986 26.83 -130.80 -17.77
CA CYS I 1986 27.61 -130.14 -18.81
C CYS I 1986 26.90 -130.12 -20.17
N LYS I 1987 25.78 -130.84 -20.35
CA LYS I 1987 24.94 -130.70 -21.54
C LYS I 1987 24.35 -129.30 -21.71
N VAL I 1988 24.10 -128.58 -20.61
CA VAL I 1988 23.37 -127.31 -20.64
C VAL I 1988 24.30 -126.08 -20.61
N ARG I 1989 25.57 -126.25 -20.24
CA ARG I 1989 26.59 -125.18 -20.20
C ARG I 1989 27.77 -125.59 -21.10
N SER I 1990 28.13 -124.76 -22.09
CA SER I 1990 28.92 -125.01 -23.31
C SER I 1990 30.30 -125.74 -23.26
N ARG I 1991 30.67 -126.44 -22.17
CA ARG I 1991 31.91 -127.21 -21.99
C ARG I 1991 31.69 -128.71 -22.18
N HIS I 1992 31.30 -129.16 -23.38
CA HIS I 1992 31.19 -130.59 -23.67
C HIS I 1992 32.60 -131.25 -23.75
N SER I 1993 32.78 -132.41 -23.09
CA SER I 1993 33.89 -133.39 -23.22
C SER I 1993 35.17 -133.22 -22.37
N PHE I 1994 35.29 -132.20 -21.50
CA PHE I 1994 36.51 -132.00 -20.69
C PHE I 1994 36.74 -133.10 -19.65
N ILE I 1995 35.68 -133.49 -18.91
CA ILE I 1995 35.75 -134.56 -17.91
C ILE I 1995 36.05 -135.90 -18.59
N GLN I 1996 35.33 -136.23 -19.67
CA GLN I 1996 35.59 -137.43 -20.47
C GLN I 1996 37.04 -137.51 -20.97
N ALA I 1997 37.62 -136.40 -21.43
CA ALA I 1997 39.00 -136.34 -21.92
C ALA I 1997 40.02 -136.63 -20.81
N LEU I 1998 39.87 -136.01 -19.63
CA LEU I 1998 40.77 -136.24 -18.48
C LEU I 1998 40.63 -137.65 -17.92
N VAL I 1999 39.40 -138.17 -17.81
CA VAL I 1999 39.16 -139.57 -17.39
C VAL I 1999 39.86 -140.55 -18.34
N ARG I 2000 39.81 -140.32 -19.66
CA ARG I 2000 40.55 -141.13 -20.65
C ARG I 2000 42.07 -141.03 -20.49
N ARG I 2001 42.62 -139.82 -20.25
CA ARG I 2001 44.07 -139.62 -20.04
C ARG I 2001 44.59 -140.29 -18.77
N ILE I 2002 43.89 -140.12 -17.65
CA ILE I 2002 44.23 -140.75 -16.36
C ILE I 2002 44.13 -142.28 -16.48
N ARG I 2003 43.06 -142.79 -17.11
CA ARG I 2003 42.91 -144.22 -17.42
C ARG I 2003 44.07 -144.72 -18.30
N GLY I 2004 44.54 -143.90 -19.23
CA GLY I 2004 45.74 -144.16 -20.04
C GLY I 2004 46.98 -144.33 -19.15
N LEU I 2005 47.32 -143.32 -18.35
CA LEU I 2005 48.49 -143.32 -17.46
C LEU I 2005 48.51 -144.50 -16.47
N LEU I 2006 47.36 -144.84 -15.87
CA LEU I 2006 47.24 -145.95 -14.91
C LEU I 2006 47.29 -147.34 -15.56
N ARG I 2007 47.09 -147.43 -16.89
CA ARG I 2007 47.28 -148.68 -17.65
C ARG I 2007 48.68 -148.83 -18.23
N VAL I 2008 49.50 -147.78 -18.24
CA VAL I 2008 50.90 -147.90 -18.66
C VAL I 2008 51.67 -148.67 -17.58
N SER I 2009 51.92 -149.95 -17.80
CA SER I 2009 53.07 -150.61 -17.18
C SER I 2009 54.31 -149.89 -17.72
N ARG I 2010 55.12 -149.24 -16.88
CA ARG I 2010 56.45 -148.81 -17.32
C ARG I 2010 57.14 -150.04 -17.95
N VAL I 2011 57.60 -149.87 -19.19
CA VAL I 2011 58.48 -150.81 -19.90
C VAL I 2011 59.89 -150.63 -19.36
N MET J 1 137.61 -50.33 -60.37
CA MET J 1 138.08 -48.93 -60.39
C MET J 1 137.08 -48.16 -61.24
N PHE J 2 136.32 -47.23 -60.64
CA PHE J 2 135.41 -46.37 -61.41
C PHE J 2 136.25 -45.29 -62.10
N VAL J 3 136.01 -45.05 -63.38
CA VAL J 3 136.70 -44.00 -64.14
C VAL J 3 135.77 -42.80 -64.19
N ALA J 4 136.18 -41.70 -63.57
CA ALA J 4 135.49 -40.42 -63.71
C ALA J 4 135.80 -39.85 -65.11
N ARG J 5 134.77 -39.32 -65.77
CA ARG J 5 134.93 -38.63 -67.05
C ARG J 5 134.32 -37.24 -66.91
N SER J 6 135.14 -36.22 -67.13
CA SER J 6 134.66 -34.84 -67.21
C SER J 6 133.97 -34.60 -68.55
N ILE J 7 132.83 -33.93 -68.51
CA ILE J 7 132.08 -33.46 -69.68
C ILE J 7 132.06 -31.94 -69.55
N ALA J 8 132.63 -31.24 -70.55
CA ALA J 8 132.53 -29.79 -70.62
C ALA J 8 131.07 -29.42 -70.87
N ALA J 9 130.32 -29.16 -69.81
CA ALA J 9 128.89 -28.89 -69.89
C ALA J 9 128.59 -27.52 -70.54
N ASP J 10 129.59 -26.63 -70.61
CA ASP J 10 129.50 -25.27 -71.18
C ASP J 10 128.30 -24.46 -70.65
N HIS J 11 127.76 -24.82 -69.48
CA HIS J 11 126.78 -24.02 -68.78
C HIS J 11 127.48 -22.78 -68.23
N LYS J 12 126.79 -21.64 -68.27
CA LYS J 12 127.36 -20.35 -67.84
C LYS J 12 127.27 -20.13 -66.33
N ASP J 13 126.64 -21.06 -65.62
CA ASP J 13 126.39 -21.00 -64.18
C ASP J 13 126.20 -22.44 -63.63
N LEU J 14 125.99 -22.57 -62.32
CA LEU J 14 125.82 -23.83 -61.59
C LEU J 14 124.78 -24.75 -62.24
N ILE J 15 125.14 -26.02 -62.39
CA ILE J 15 124.24 -27.09 -62.84
C ILE J 15 123.50 -27.64 -61.61
N HIS J 16 122.17 -27.67 -61.66
CA HIS J 16 121.34 -28.12 -60.54
C HIS J 16 120.89 -29.58 -60.65
N ASP J 17 120.77 -30.08 -61.88
CA ASP J 17 120.27 -31.44 -62.12
C ASP J 17 120.81 -32.03 -63.42
N VAL J 18 120.90 -33.36 -63.41
CA VAL J 18 121.27 -34.18 -64.56
C VAL J 18 120.32 -35.37 -64.61
N SER J 19 119.69 -35.58 -65.75
CA SER J 19 118.73 -36.67 -65.95
C SER J 19 119.05 -37.44 -67.22
N PHE J 20 119.19 -38.75 -67.09
CA PHE J 20 119.36 -39.65 -68.23
C PHE J 20 118.00 -40.01 -68.84
N ASP J 21 117.99 -40.24 -70.14
CA ASP J 21 116.85 -40.87 -70.80
C ASP J 21 116.70 -42.33 -70.36
N PHE J 22 115.57 -42.95 -70.70
CA PHE J 22 115.26 -44.33 -70.31
C PHE J 22 116.31 -45.35 -70.80
N HIS J 23 116.97 -45.08 -71.93
CA HIS J 23 117.97 -45.97 -72.50
C HIS J 23 119.41 -45.67 -72.06
N GLY J 24 119.65 -44.60 -71.31
CA GLY J 24 120.98 -44.17 -70.85
C GLY J 24 121.92 -43.75 -72.00
N ARG J 25 121.36 -43.34 -73.14
CA ARG J 25 122.10 -42.88 -74.33
C ARG J 25 122.07 -41.36 -74.47
N ARG J 26 121.14 -40.71 -73.79
CA ARG J 26 120.99 -39.25 -73.77
C ARG J 26 120.95 -38.78 -72.33
N MET J 27 121.40 -37.56 -72.10
CA MET J 27 121.25 -36.91 -70.81
C MET J 27 120.82 -35.46 -71.02
N ALA J 28 120.04 -34.94 -70.10
CA ALA J 28 119.65 -33.55 -70.02
C ALA J 28 120.29 -32.92 -68.79
N THR J 29 120.79 -31.70 -68.93
CA THR J 29 121.35 -30.91 -67.83
C THR J 29 120.61 -29.58 -67.74
N CYS J 30 120.41 -29.08 -66.52
CA CYS J 30 119.77 -27.78 -66.30
C CYS J 30 120.54 -26.93 -65.28
N SER J 31 120.47 -25.60 -65.42
CA SER J 31 121.38 -24.69 -64.74
C SER J 31 120.73 -23.38 -64.27
N SER J 32 121.40 -22.69 -63.35
CA SER J 32 121.14 -21.29 -63.00
C SER J 32 121.23 -20.32 -64.19
N ASP J 33 121.90 -20.71 -65.28
CA ASP J 33 121.98 -19.91 -66.51
C ASP J 33 120.67 -19.87 -67.32
N GLN J 34 119.59 -20.44 -66.75
CA GLN J 34 118.22 -20.46 -67.28
C GLN J 34 118.02 -21.42 -68.47
N SER J 35 119.03 -22.24 -68.78
CA SER J 35 119.02 -23.15 -69.93
C SER J 35 118.90 -24.61 -69.56
N VAL J 36 118.38 -25.37 -70.53
CA VAL J 36 118.46 -26.84 -70.57
C VAL J 36 119.33 -27.20 -71.76
N LYS J 37 120.20 -28.19 -71.57
CA LYS J 37 121.00 -28.80 -72.63
C LYS J 37 120.74 -30.28 -72.71
N VAL J 38 120.79 -30.83 -73.92
CA VAL J 38 120.68 -32.26 -74.20
C VAL J 38 121.99 -32.73 -74.82
N TRP J 39 122.44 -33.88 -74.36
CA TRP J 39 123.70 -34.48 -74.73
C TRP J 39 123.47 -35.92 -75.17
N ASP J 40 124.08 -36.27 -76.29
CA ASP J 40 123.98 -37.60 -76.87
C ASP J 40 125.31 -38.33 -76.75
N LYS J 41 125.23 -39.60 -76.37
CA LYS J 41 126.38 -40.50 -76.27
C LYS J 41 126.63 -41.12 -77.64
N SER J 42 127.78 -40.83 -78.23
CA SER J 42 128.23 -41.46 -79.47
C SER J 42 128.71 -42.90 -79.23
N GLU J 43 128.88 -43.66 -80.32
CA GLU J 43 129.32 -45.07 -80.28
C GLU J 43 130.69 -45.25 -79.61
N ASN J 44 131.59 -44.27 -79.75
CA ASN J 44 132.89 -44.22 -79.05
C ASN J 44 132.78 -43.89 -77.55
N GLY J 45 131.57 -43.71 -77.02
CA GLY J 45 131.29 -43.41 -75.61
C GLY J 45 131.51 -41.95 -75.21
N ASN J 46 131.74 -41.05 -76.16
CA ASN J 46 131.85 -39.60 -75.94
C ASN J 46 130.47 -38.95 -75.85
N TRP J 47 130.38 -37.85 -75.11
CA TRP J 47 129.16 -37.06 -74.97
C TRP J 47 129.26 -35.79 -75.81
N HIS J 48 128.21 -35.48 -76.57
CA HIS J 48 128.14 -34.30 -77.43
C HIS J 48 126.87 -33.51 -77.15
N CYS J 49 126.97 -32.19 -76.96
CA CYS J 49 125.81 -31.32 -76.82
C CYS J 49 125.06 -31.24 -78.15
N THR J 50 123.86 -31.80 -78.22
CA THR J 50 123.03 -31.83 -79.44
C THR J 50 121.93 -30.77 -79.44
N ALA J 51 121.56 -30.25 -78.27
CA ALA J 51 120.67 -29.11 -78.16
C ALA J 51 120.98 -28.28 -76.90
N SER J 52 120.76 -26.98 -76.99
CA SER J 52 120.95 -26.02 -75.90
C SER J 52 120.01 -24.84 -76.11
N TRP J 53 119.13 -24.58 -75.16
CA TRP J 53 118.16 -23.49 -75.26
C TRP J 53 117.81 -22.90 -73.89
N LYS J 54 117.44 -21.62 -73.88
CA LYS J 54 116.86 -20.99 -72.70
C LYS J 54 115.42 -21.43 -72.52
N THR J 55 115.09 -21.99 -71.35
CA THR J 55 113.77 -22.57 -71.08
C THR J 55 112.91 -21.69 -70.17
N HIS J 56 113.54 -21.01 -69.20
CA HIS J 56 112.89 -20.32 -68.09
C HIS J 56 113.45 -18.90 -67.91
N SER J 57 112.81 -18.08 -67.07
CA SER J 57 113.26 -16.72 -66.70
C SER J 57 113.99 -16.68 -65.35
N GLY J 58 114.40 -17.83 -64.83
CA GLY J 58 115.11 -18.01 -63.57
C GLY J 58 115.88 -19.33 -63.56
N SER J 59 116.55 -19.65 -62.46
CA SER J 59 117.31 -20.89 -62.31
C SER J 59 116.43 -22.11 -62.53
N VAL J 60 116.91 -23.04 -63.36
CA VAL J 60 116.22 -24.30 -63.64
C VAL J 60 116.67 -25.34 -62.62
N TRP J 61 115.73 -25.81 -61.79
CA TRP J 61 116.05 -26.65 -60.64
C TRP J 61 116.14 -28.13 -60.96
N ARG J 62 115.25 -28.63 -61.82
CA ARG J 62 115.18 -30.04 -62.19
C ARG J 62 114.81 -30.21 -63.66
N VAL J 63 115.27 -31.31 -64.23
CA VAL J 63 114.90 -31.76 -65.57
C VAL J 63 114.61 -33.26 -65.52
N THR J 64 113.57 -33.70 -66.22
CA THR J 64 113.18 -35.12 -66.24
C THR J 64 112.74 -35.53 -67.63
N TRP J 65 113.07 -36.77 -68.00
CA TRP J 65 112.59 -37.42 -69.21
C TRP J 65 111.28 -38.14 -68.94
N ALA J 66 110.36 -38.10 -69.90
CA ALA J 66 109.21 -38.99 -69.92
C ALA J 66 109.63 -40.40 -70.35
N HIS J 67 108.76 -41.38 -70.10
CA HIS J 67 108.95 -42.72 -70.64
C HIS J 67 108.88 -42.69 -72.18
N PRO J 68 109.76 -43.41 -72.91
CA PRO J 68 109.87 -43.32 -74.38
C PRO J 68 108.61 -43.73 -75.16
N GLU J 69 107.66 -44.40 -74.51
CA GLU J 69 106.33 -44.71 -75.07
C GLU J 69 105.53 -43.45 -75.42
N PHE J 70 105.79 -42.34 -74.75
CA PHE J 70 105.16 -41.04 -75.01
C PHE J 70 105.97 -40.16 -75.97
N GLY J 71 106.99 -40.74 -76.61
CA GLY J 71 107.96 -40.01 -77.43
C GLY J 71 109.07 -39.36 -76.61
N GLN J 72 109.77 -38.45 -77.26
CA GLN J 72 110.95 -37.77 -76.70
C GLN J 72 110.52 -36.49 -76.01
N VAL J 73 110.11 -36.63 -74.75
CA VAL J 73 109.52 -35.54 -73.96
C VAL J 73 110.38 -35.23 -72.75
N LEU J 74 110.65 -33.95 -72.54
CA LEU J 74 111.35 -33.41 -71.39
C LEU J 74 110.42 -32.48 -70.60
N ALA J 75 110.55 -32.50 -69.28
CA ALA J 75 109.99 -31.47 -68.42
C ALA J 75 111.09 -30.78 -67.62
N SER J 76 110.98 -29.48 -67.44
CA SER J 76 111.88 -28.67 -66.61
C SER J 76 111.07 -27.83 -65.62
N CYS J 77 111.61 -27.53 -64.45
CA CYS J 77 110.98 -26.63 -63.48
C CYS J 77 111.96 -25.59 -62.95
N SER J 78 111.43 -24.48 -62.44
CA SER J 78 112.24 -23.27 -62.24
C SER J 78 111.81 -22.41 -61.05
N PHE J 79 112.76 -21.57 -60.62
CA PHE J 79 112.56 -20.47 -59.69
C PHE J 79 111.50 -19.46 -60.18
N ASP J 80 111.29 -19.36 -61.50
CA ASP J 80 110.27 -18.49 -62.10
C ASP J 80 108.82 -18.91 -61.85
N ARG J 81 108.62 -19.96 -61.04
CA ARG J 81 107.33 -20.54 -60.60
C ARG J 81 106.65 -21.41 -61.64
N THR J 82 107.33 -21.76 -62.72
CA THR J 82 106.75 -22.54 -63.80
C THR J 82 107.42 -23.90 -63.98
N ALA J 83 106.68 -24.83 -64.58
CA ALA J 83 107.24 -26.02 -65.21
C ALA J 83 106.95 -25.97 -66.71
N ALA J 84 107.90 -26.35 -67.55
CA ALA J 84 107.75 -26.36 -69.00
C ALA J 84 107.90 -27.77 -69.55
N VAL J 85 107.06 -28.13 -70.51
CA VAL J 85 107.14 -29.42 -71.23
C VAL J 85 107.61 -29.17 -72.65
N TRP J 86 108.58 -29.97 -73.08
CA TRP J 86 109.27 -29.87 -74.36
C TRP J 86 109.18 -31.20 -75.07
N GLU J 87 108.92 -31.17 -76.37
CA GLU J 87 108.92 -32.34 -77.23
C GLU J 87 110.00 -32.19 -78.29
N GLU J 88 110.74 -33.27 -78.51
CA GLU J 88 111.67 -33.36 -79.61
C GLU J 88 110.94 -33.81 -80.88
N ILE J 89 110.93 -32.95 -81.90
CA ILE J 89 110.40 -33.29 -83.21
C ILE J 89 111.52 -33.97 -84.00
N VAL J 90 111.45 -35.29 -84.08
CA VAL J 90 112.33 -36.10 -84.93
C VAL J 90 111.83 -36.00 -86.38
N GLY J 91 112.51 -35.20 -87.18
CA GLY J 91 112.20 -35.02 -88.59
C GLY J 91 113.36 -34.39 -89.35
N GLU J 92 113.33 -34.50 -90.69
CA GLU J 92 114.32 -33.91 -91.59
C GLU J 92 114.25 -32.37 -91.57
N SER J 93 114.70 -31.74 -90.48
CA SER J 93 115.21 -30.39 -90.63
C SER J 93 116.41 -30.50 -91.57
N ASN J 94 116.22 -30.10 -92.83
CA ASN J 94 117.25 -29.85 -93.83
C ASN J 94 118.57 -29.51 -93.14
N ASP J 95 119.65 -30.16 -93.57
CA ASP J 95 120.99 -30.33 -92.98
C ASP J 95 121.78 -29.04 -92.61
N LYS J 96 121.10 -27.91 -92.34
CA LYS J 96 121.66 -26.60 -92.01
C LYS J 96 121.28 -26.06 -90.62
N LEU J 97 120.42 -26.74 -89.86
CA LEU J 97 119.99 -26.29 -88.52
C LEU J 97 120.27 -27.30 -87.39
N ARG J 98 121.31 -28.13 -87.55
CA ARG J 98 121.86 -29.09 -86.56
C ARG J 98 122.25 -28.50 -85.18
N GLY J 99 121.99 -27.22 -84.92
CA GLY J 99 122.46 -26.53 -83.72
C GLY J 99 121.50 -26.47 -82.53
N GLN J 100 120.21 -26.19 -82.72
CA GLN J 100 119.33 -25.79 -81.60
C GLN J 100 117.81 -26.08 -81.74
N SER J 101 117.28 -26.48 -82.90
CA SER J 101 115.86 -26.20 -83.23
C SER J 101 114.84 -27.35 -83.11
N HIS J 102 115.23 -28.56 -82.74
CA HIS J 102 114.30 -29.71 -82.77
C HIS J 102 113.49 -29.90 -81.49
N TRP J 103 113.78 -29.15 -80.43
CA TRP J 103 112.99 -29.16 -79.19
C TRP J 103 111.98 -28.02 -79.18
N VAL J 104 110.70 -28.36 -79.13
CA VAL J 104 109.59 -27.40 -79.15
C VAL J 104 108.93 -27.37 -77.78
N LYS J 105 108.84 -26.18 -77.17
CA LYS J 105 108.05 -25.97 -75.96
C LYS J 105 106.58 -26.19 -76.29
N ARG J 106 105.97 -27.21 -75.69
CA ARG J 106 104.56 -27.56 -75.91
C ARG J 106 103.65 -26.86 -74.92
N THR J 107 104.05 -26.76 -73.66
CA THR J 107 103.28 -26.04 -72.64
C THR J 107 104.16 -25.42 -71.56
N THR J 108 103.58 -24.46 -70.83
CA THR J 108 104.11 -23.92 -69.57
C THR J 108 103.01 -23.99 -68.52
N LEU J 109 103.26 -24.76 -67.46
CA LEU J 109 102.40 -24.93 -66.31
C LEU J 109 102.70 -23.81 -65.31
N VAL J 110 101.70 -22.96 -65.04
CA VAL J 110 101.87 -21.67 -64.35
C VAL J 110 101.06 -21.57 -63.05
N ASP J 111 100.46 -22.66 -62.58
CA ASP J 111 99.58 -22.65 -61.40
C ASP J 111 100.33 -22.44 -60.07
N SER J 112 101.64 -22.69 -60.03
CA SER J 112 102.44 -22.56 -58.81
C SER J 112 102.68 -21.10 -58.44
N ARG J 113 102.59 -20.79 -57.15
CA ARG J 113 102.68 -19.40 -56.64
C ARG J 113 104.10 -18.98 -56.27
N THR J 114 104.97 -19.96 -56.06
CA THR J 114 106.40 -19.77 -55.75
C THR J 114 107.24 -20.75 -56.56
N SER J 115 108.56 -20.76 -56.34
CA SER J 115 109.52 -21.63 -57.03
C SER J 115 109.01 -23.08 -57.14
N VAL J 116 109.08 -23.67 -58.34
CA VAL J 116 108.78 -25.09 -58.56
C VAL J 116 110.08 -25.86 -58.41
N THR J 117 110.24 -26.54 -57.27
CA THR J 117 111.50 -27.10 -56.78
C THR J 117 111.84 -28.46 -57.37
N ASP J 118 110.83 -29.25 -57.76
CA ASP J 118 111.00 -30.53 -58.43
C ASP J 118 109.85 -30.86 -59.39
N VAL J 119 110.15 -31.69 -60.38
CA VAL J 119 109.23 -32.12 -61.44
C VAL J 119 109.56 -33.55 -61.84
N LYS J 120 108.55 -34.43 -61.82
CA LYS J 120 108.70 -35.87 -62.11
C LYS J 120 107.52 -36.40 -62.90
N PHE J 121 107.80 -37.05 -64.03
CA PHE J 121 106.79 -37.85 -64.73
C PHE J 121 106.38 -39.05 -63.86
N ALA J 122 105.10 -39.40 -63.92
CA ALA J 122 104.57 -40.59 -63.27
C ALA J 122 105.04 -41.87 -63.97
N PRO J 123 104.96 -43.04 -63.31
CA PRO J 123 105.15 -44.33 -63.96
C PRO J 123 104.20 -44.49 -65.15
N LYS J 124 104.71 -45.00 -66.27
CA LYS J 124 103.97 -45.08 -67.56
C LYS J 124 102.59 -45.74 -67.50
N HIS J 125 102.39 -46.68 -66.56
CA HIS J 125 101.11 -47.39 -66.41
C HIS J 125 99.99 -46.49 -65.86
N MET J 126 100.34 -45.29 -65.37
CA MET J 126 99.40 -44.24 -64.96
C MET J 126 99.08 -43.26 -66.09
N GLY J 127 99.65 -43.44 -67.29
CA GLY J 127 99.53 -42.48 -68.39
C GLY J 127 100.59 -41.39 -68.37
N LEU J 128 100.42 -40.39 -69.23
CA LEU J 128 101.35 -39.26 -69.34
C LEU J 128 101.00 -38.19 -68.30
N MET J 129 101.41 -38.46 -67.07
CA MET J 129 101.20 -37.57 -65.93
C MET J 129 102.51 -36.93 -65.48
N LEU J 130 102.44 -35.68 -65.03
CA LEU J 130 103.57 -34.89 -64.54
C LEU J 130 103.22 -34.31 -63.17
N ALA J 131 103.98 -34.68 -62.15
CA ALA J 131 103.91 -34.04 -60.85
C ALA J 131 104.92 -32.91 -60.77
N THR J 132 104.51 -31.79 -60.18
CA THR J 132 105.37 -30.67 -59.80
C THR J 132 105.22 -30.43 -58.31
N CYS J 133 106.30 -30.09 -57.62
CA CYS J 133 106.21 -29.58 -56.25
C CYS J 133 106.76 -28.17 -56.17
N SER J 134 106.13 -27.35 -55.34
CA SER J 134 106.53 -25.96 -55.14
C SER J 134 106.83 -25.66 -53.69
N ALA J 135 107.70 -24.68 -53.47
CA ALA J 135 108.00 -24.12 -52.16
C ALA J 135 106.76 -23.49 -51.48
N ASP J 136 105.63 -23.34 -52.20
CA ASP J 136 104.34 -22.90 -51.66
C ASP J 136 103.62 -24.00 -50.86
N GLY J 137 104.23 -25.18 -50.78
CA GLY J 137 103.78 -26.34 -50.03
C GLY J 137 102.67 -27.12 -50.71
N VAL J 138 102.62 -27.06 -52.04
CA VAL J 138 101.63 -27.75 -52.87
C VAL J 138 102.32 -28.62 -53.91
N VAL J 139 101.85 -29.87 -54.04
CA VAL J 139 102.15 -30.74 -55.18
C VAL J 139 100.99 -30.71 -56.16
N ARG J 140 101.27 -30.46 -57.43
CA ARG J 140 100.29 -30.41 -58.52
C ARG J 140 100.56 -31.52 -59.51
N ILE J 141 99.53 -32.26 -59.86
CA ILE J 141 99.60 -33.39 -60.78
C ILE J 141 98.78 -33.05 -62.02
N TYR J 142 99.47 -33.00 -63.15
CA TYR J 142 98.91 -32.72 -64.45
C TYR J 142 98.87 -33.99 -65.28
N GLU J 143 97.93 -34.06 -66.21
CA GLU J 143 97.83 -35.16 -67.17
C GLU J 143 97.68 -34.59 -68.57
N ALA J 144 98.46 -35.11 -69.52
CA ALA J 144 98.24 -34.89 -70.94
C ALA J 144 97.22 -35.93 -71.45
N PRO J 145 95.97 -35.54 -71.75
CA PRO J 145 94.94 -36.49 -72.18
C PRO J 145 95.20 -37.06 -73.57
N ASP J 146 95.99 -36.37 -74.40
CA ASP J 146 96.36 -36.81 -75.74
C ASP J 146 97.88 -36.68 -75.93
N VAL J 147 98.55 -37.82 -76.07
CA VAL J 147 100.00 -37.91 -76.30
C VAL J 147 100.39 -37.27 -77.63
N MET J 148 99.48 -37.21 -78.61
CA MET J 148 99.71 -36.56 -79.89
C MET J 148 99.58 -35.03 -79.81
N ASN J 149 99.04 -34.50 -78.71
CA ASN J 149 98.86 -33.08 -78.46
C ASN J 149 99.35 -32.66 -77.06
N LEU J 150 100.67 -32.63 -76.90
CA LEU J 150 101.33 -32.26 -75.65
C LEU J 150 101.20 -30.78 -75.26
N SER J 151 100.45 -29.97 -76.03
CA SER J 151 100.16 -28.58 -75.65
C SER J 151 99.10 -28.46 -74.56
N GLN J 152 98.28 -29.52 -74.37
CA GLN J 152 97.19 -29.54 -73.42
C GLN J 152 97.55 -30.43 -72.23
N TRP J 153 97.52 -29.83 -71.04
CA TRP J 153 97.78 -30.50 -69.76
C TRP J 153 96.73 -30.04 -68.77
N SER J 154 95.95 -30.99 -68.25
CA SER J 154 94.88 -30.74 -67.29
C SER J 154 95.38 -30.96 -65.87
N LEU J 155 95.14 -30.00 -64.98
CA LEU J 155 95.40 -30.16 -63.55
C LEU J 155 94.39 -31.17 -62.97
N GLN J 156 94.86 -32.36 -62.60
CA GLN J 156 94.02 -33.44 -62.06
C GLN J 156 93.94 -33.38 -60.53
N HIS J 157 95.06 -33.12 -59.87
CA HIS J 157 95.14 -33.13 -58.42
C HIS J 157 96.01 -32.02 -57.86
N GLU J 158 95.56 -31.48 -56.72
CA GLU J 158 96.32 -30.56 -55.89
C GLU J 158 96.44 -31.14 -54.47
N ILE J 159 97.67 -31.30 -53.99
CA ILE J 159 97.99 -31.91 -52.69
C ILE J 159 98.64 -30.84 -51.81
N SER J 160 97.96 -30.43 -50.74
CA SER J 160 98.52 -29.50 -49.76
C SER J 160 99.38 -30.23 -48.72
N CYS J 161 100.69 -29.99 -48.75
CA CYS J 161 101.67 -30.58 -47.84
C CYS J 161 101.83 -29.78 -46.54
N LYS J 162 101.41 -28.52 -46.54
CA LYS J 162 101.53 -27.57 -45.42
C LYS J 162 102.97 -27.30 -44.97
N LEU J 163 103.95 -27.68 -45.78
CA LEU J 163 105.39 -27.49 -45.59
C LEU J 163 105.98 -27.10 -46.95
N SER J 164 107.05 -26.31 -46.98
CA SER J 164 107.72 -25.96 -48.24
C SER J 164 108.24 -27.23 -48.91
N CYS J 165 107.76 -27.55 -50.12
CA CYS J 165 108.16 -28.79 -50.80
C CYS J 165 109.50 -28.58 -51.52
N SER J 166 110.42 -29.53 -51.37
CA SER J 166 111.75 -29.48 -51.98
C SER J 166 111.99 -30.55 -53.05
N CYS J 167 111.33 -31.70 -52.91
CA CYS J 167 111.52 -32.86 -53.77
C CYS J 167 110.31 -33.80 -53.73
N ILE J 168 110.11 -34.55 -54.81
CA ILE J 168 109.02 -35.52 -54.96
C ILE J 168 109.51 -36.84 -55.54
N SER J 169 108.88 -37.93 -55.12
CA SER J 169 109.09 -39.24 -55.72
C SER J 169 107.79 -40.02 -55.87
N TRP J 170 107.50 -40.43 -57.10
CA TRP J 170 106.46 -41.41 -57.38
C TRP J 170 106.90 -42.79 -56.90
N ASN J 171 105.99 -43.54 -56.27
CA ASN J 171 106.20 -44.97 -56.06
C ASN J 171 106.03 -45.68 -57.41
N PRO J 172 107.09 -46.31 -57.96
CA PRO J 172 107.05 -46.88 -59.30
C PRO J 172 106.36 -48.26 -59.37
N SER J 173 105.82 -48.76 -58.26
CA SER J 173 105.18 -50.06 -58.19
C SER J 173 104.01 -50.19 -59.16
N SER J 174 104.11 -51.09 -60.13
CA SER J 174 103.01 -51.44 -61.05
C SER J 174 102.00 -52.44 -60.45
N SER J 175 102.18 -52.85 -59.19
CA SER J 175 101.26 -53.78 -58.54
C SER J 175 99.91 -53.12 -58.31
N ARG J 176 98.84 -53.70 -58.89
CA ARG J 176 97.45 -53.27 -58.67
C ARG J 176 97.00 -53.40 -57.21
N ALA J 177 97.74 -54.13 -56.37
CA ALA J 177 97.47 -54.22 -54.94
C ALA J 177 97.90 -52.96 -54.17
N HIS J 178 98.70 -52.08 -54.79
CA HIS J 178 99.16 -50.83 -54.20
C HIS J 178 98.52 -49.67 -54.94
N SER J 179 97.79 -48.84 -54.22
CA SER J 179 97.32 -47.57 -54.77
C SER J 179 98.53 -46.69 -55.13
N PRO J 180 98.40 -45.84 -56.17
CA PRO J 180 99.45 -44.88 -56.50
C PRO J 180 99.88 -44.05 -55.29
N MET J 181 101.19 -43.92 -55.10
CA MET J 181 101.76 -43.18 -53.98
C MET J 181 102.80 -42.17 -54.42
N ILE J 182 102.86 -41.07 -53.69
CA ILE J 182 103.87 -40.02 -53.84
C ILE J 182 104.47 -39.73 -52.48
N ALA J 183 105.79 -39.70 -52.42
CA ALA J 183 106.53 -39.14 -51.30
C ALA J 183 106.87 -37.69 -51.62
N VAL J 184 106.78 -36.82 -50.62
CA VAL J 184 107.12 -35.40 -50.71
C VAL J 184 108.06 -35.05 -49.56
N GLY J 185 109.20 -34.45 -49.90
CA GLY J 185 110.19 -33.95 -48.95
C GLY J 185 110.06 -32.44 -48.76
N SER J 186 110.50 -31.95 -47.60
CA SER J 186 110.53 -30.54 -47.27
C SER J 186 111.91 -30.09 -46.80
N ASP J 187 112.37 -28.96 -47.32
CA ASP J 187 113.61 -28.27 -46.93
C ASP J 187 113.39 -27.22 -45.83
N ASP J 188 112.20 -27.19 -45.21
CA ASP J 188 111.91 -26.26 -44.11
C ASP J 188 112.99 -26.39 -43.02
N SER J 189 113.63 -25.29 -42.65
CA SER J 189 114.72 -25.28 -41.69
C SER J 189 114.26 -25.20 -40.24
N SER J 190 112.95 -25.02 -40.00
CA SER J 190 112.39 -24.90 -38.66
C SER J 190 112.62 -26.20 -37.86
N PRO J 191 113.28 -26.12 -36.68
CA PRO J 191 113.54 -27.31 -35.87
C PRO J 191 112.28 -27.84 -35.17
N ASN J 192 111.25 -27.00 -35.02
CA ASN J 192 109.99 -27.35 -34.37
C ASN J 192 109.08 -28.24 -35.24
N ILE J 193 109.35 -28.31 -36.55
CA ILE J 193 108.59 -29.13 -37.49
C ILE J 193 109.27 -30.48 -37.59
N MET J 194 108.65 -31.49 -36.96
CA MET J 194 109.02 -32.89 -37.15
C MET J 194 108.23 -33.48 -38.32
N GLY J 195 108.80 -34.47 -39.02
CA GLY J 195 108.10 -35.15 -40.11
C GLY J 195 108.16 -34.42 -41.45
N LYS J 196 109.38 -34.13 -41.92
CA LYS J 196 109.64 -33.43 -43.19
C LYS J 196 109.53 -34.30 -44.43
N VAL J 197 109.17 -35.58 -44.28
CA VAL J 197 108.78 -36.47 -45.39
C VAL J 197 107.34 -36.93 -45.16
N GLN J 198 106.49 -36.66 -46.15
CA GLN J 198 105.08 -37.04 -46.12
C GLN J 198 104.78 -37.98 -47.29
N ILE J 199 104.00 -39.02 -47.02
CA ILE J 199 103.58 -40.00 -48.03
C ILE J 199 102.08 -39.83 -48.28
N TYR J 200 101.73 -39.65 -49.54
CA TYR J 200 100.37 -39.51 -50.01
C TYR J 200 100.00 -40.72 -50.85
N GLU J 201 98.80 -41.25 -50.63
CA GLU J 201 98.24 -42.38 -51.35
C GLU J 201 96.95 -41.95 -52.06
N TYR J 202 96.79 -42.34 -53.32
CA TYR J 202 95.57 -42.09 -54.06
C TYR J 202 94.43 -42.98 -53.55
N ASN J 203 93.36 -42.35 -53.09
CA ASN J 203 92.18 -43.03 -52.58
C ASN J 203 91.08 -43.03 -53.65
N GLU J 204 90.89 -44.17 -54.30
CA GLU J 204 89.89 -44.40 -55.36
C GLU J 204 88.47 -43.97 -54.97
N ASN J 205 88.07 -44.17 -53.71
CA ASN J 205 86.71 -43.83 -53.25
C ASN J 205 86.50 -42.31 -53.22
N THR J 206 87.53 -41.56 -52.83
CA THR J 206 87.46 -40.09 -52.75
C THR J 206 87.99 -39.40 -54.01
N ARG J 207 88.64 -40.15 -54.91
CA ARG J 207 89.36 -39.66 -56.10
C ARG J 207 90.36 -38.56 -55.77
N LYS J 208 91.00 -38.66 -54.61
CA LYS J 208 91.96 -37.68 -54.08
C LYS J 208 93.14 -38.41 -53.45
N TYR J 209 94.29 -37.75 -53.49
CA TYR J 209 95.43 -38.15 -52.69
C TYR J 209 95.18 -37.77 -51.22
N ALA J 210 95.31 -38.74 -50.33
CA ALA J 210 95.21 -38.56 -48.90
C ALA J 210 96.56 -38.86 -48.25
N LYS J 211 96.91 -38.13 -47.19
CA LYS J 211 98.15 -38.34 -46.44
C LYS J 211 98.06 -39.69 -45.72
N ALA J 212 98.89 -40.64 -46.14
CA ALA J 212 98.97 -41.97 -45.56
C ALA J 212 99.91 -41.99 -44.36
N GLU J 213 101.10 -41.40 -44.49
CA GLU J 213 102.16 -41.46 -43.47
C GLU J 213 102.96 -40.16 -43.40
N THR J 214 103.61 -39.95 -42.26
CA THR J 214 104.60 -38.88 -42.06
C THR J 214 105.79 -39.47 -41.32
N LEU J 215 106.99 -39.38 -41.89
CA LEU J 215 108.20 -39.95 -41.30
C LEU J 215 108.70 -39.06 -40.17
N MET J 216 108.11 -39.19 -38.99
CA MET J 216 108.39 -38.34 -37.82
C MET J 216 109.87 -38.33 -37.41
N SER J 217 110.62 -39.39 -37.70
CA SER J 217 112.06 -39.44 -37.43
C SER J 217 112.89 -38.52 -38.33
N VAL J 218 112.35 -38.04 -39.45
CA VAL J 218 113.01 -37.09 -40.36
C VAL J 218 112.63 -35.66 -39.96
N SER J 219 113.46 -35.04 -39.13
CA SER J 219 113.32 -33.66 -38.66
C SER J 219 114.25 -32.67 -39.35
N ASP J 220 115.27 -33.15 -40.05
CA ASP J 220 116.25 -32.32 -40.75
C ASP J 220 115.73 -31.98 -42.18
N PRO J 221 116.14 -30.85 -42.79
CA PRO J 221 115.76 -30.49 -44.16
C PRO J 221 116.06 -31.61 -45.16
N VAL J 222 115.10 -31.88 -46.05
CA VAL J 222 115.17 -32.94 -47.04
C VAL J 222 115.49 -32.35 -48.40
N HIS J 223 116.56 -32.83 -49.03
CA HIS J 223 117.08 -32.28 -50.30
C HIS J 223 116.68 -33.11 -51.51
N ASP J 224 116.46 -34.41 -51.32
CA ASP J 224 116.01 -35.34 -52.36
C ASP J 224 115.39 -36.60 -51.75
N ILE J 225 114.49 -37.24 -52.48
CA ILE J 225 113.82 -38.47 -52.09
C ILE J 225 113.62 -39.38 -53.29
N ALA J 226 113.74 -40.69 -53.09
CA ALA J 226 113.57 -41.65 -54.17
C ALA J 226 112.96 -42.95 -53.66
N PHE J 227 111.79 -43.33 -54.20
CA PHE J 227 111.29 -44.69 -54.07
C PHE J 227 112.13 -45.65 -54.93
N ALA J 228 112.49 -46.80 -54.36
CA ALA J 228 113.18 -47.84 -55.11
C ALA J 228 112.21 -48.58 -56.04
N PRO J 229 112.60 -48.88 -57.29
CA PRO J 229 111.87 -49.77 -58.18
C PRO J 229 111.46 -51.09 -57.50
N ASN J 230 110.18 -51.44 -57.54
CA ASN J 230 109.65 -52.63 -56.88
C ASN J 230 109.54 -53.82 -57.85
N LEU J 231 110.60 -54.64 -57.95
CA LEU J 231 110.59 -55.89 -58.72
C LEU J 231 110.15 -57.08 -57.85
N GLY J 232 108.87 -57.10 -57.46
CA GLY J 232 108.26 -58.25 -56.78
C GLY J 232 108.39 -58.26 -55.25
N ARG J 233 108.86 -57.18 -54.61
CA ARG J 233 108.84 -57.05 -53.15
C ARG J 233 107.41 -56.78 -52.67
N SER J 234 107.08 -57.34 -51.51
CA SER J 234 105.82 -57.08 -50.80
C SER J 234 105.84 -55.81 -49.94
N PHE J 235 106.89 -55.00 -50.06
CA PHE J 235 107.12 -53.77 -49.32
C PHE J 235 107.83 -52.75 -50.22
N HIS J 236 107.72 -51.48 -49.86
CA HIS J 236 108.39 -50.39 -50.57
C HIS J 236 109.68 -50.00 -49.85
N ILE J 237 110.62 -49.42 -50.59
CA ILE J 237 111.84 -48.85 -50.02
C ILE J 237 111.92 -47.39 -50.47
N LEU J 238 112.19 -46.49 -49.55
CA LEU J 238 112.34 -45.05 -49.79
C LEU J 238 113.70 -44.59 -49.28
N ALA J 239 114.49 -43.97 -50.15
CA ALA J 239 115.71 -43.26 -49.78
C ALA J 239 115.37 -41.77 -49.54
N VAL J 240 116.02 -41.18 -48.54
CA VAL J 240 115.88 -39.78 -48.16
C VAL J 240 117.27 -39.17 -48.00
N ALA J 241 117.54 -38.09 -48.74
CA ALA J 241 118.73 -37.27 -48.63
C ALA J 241 118.47 -36.09 -47.69
N THR J 242 119.22 -36.01 -46.60
CA THR J 242 119.12 -34.93 -45.61
C THR J 242 120.52 -34.59 -45.08
N LYS J 243 120.71 -34.36 -43.78
CA LYS J 243 122.06 -34.29 -43.17
C LYS J 243 122.84 -35.61 -43.25
N ASP J 244 122.14 -36.71 -43.50
CA ASP J 244 122.63 -38.07 -43.68
C ASP J 244 121.82 -38.76 -44.79
N VAL J 245 122.22 -39.98 -45.17
CA VAL J 245 121.42 -40.83 -46.06
C VAL J 245 120.55 -41.73 -45.19
N ARG J 246 119.24 -41.72 -45.40
CA ARG J 246 118.32 -42.64 -44.71
C ARG J 246 117.60 -43.53 -45.70
N ILE J 247 117.44 -44.80 -45.33
CA ILE J 247 116.69 -45.79 -46.10
C ILE J 247 115.59 -46.34 -45.20
N PHE J 248 114.35 -46.21 -45.66
CA PHE J 248 113.16 -46.70 -44.98
C PHE J 248 112.54 -47.85 -45.78
N THR J 249 112.11 -48.90 -45.09
CA THR J 249 111.18 -49.89 -45.65
C THR J 249 109.77 -49.58 -45.17
N MET J 250 108.79 -49.72 -46.05
CA MET J 250 107.39 -49.48 -45.76
C MET J 250 106.59 -50.72 -46.18
N LYS J 251 106.14 -51.48 -45.20
CA LYS J 251 105.34 -52.68 -45.42
C LYS J 251 103.86 -52.34 -45.22
N PRO J 252 103.00 -52.45 -46.24
CA PRO J 252 101.58 -52.17 -46.08
C PRO J 252 100.99 -53.17 -45.08
N LEU J 253 100.34 -52.64 -44.06
CA LEU J 253 99.53 -53.45 -43.14
C LEU J 253 98.26 -53.84 -43.89
N ARG J 254 97.86 -55.12 -43.77
CA ARG J 254 96.64 -55.62 -44.39
C ARG J 254 95.48 -54.74 -43.94
N LYS J 255 94.75 -54.13 -44.89
CA LYS J 255 93.52 -53.39 -44.61
C LYS J 255 92.58 -54.34 -43.87
N GLU J 256 92.38 -54.12 -42.57
CA GLU J 256 91.23 -54.71 -41.91
C GLU J 256 90.01 -54.20 -42.67
N LEU J 257 89.14 -55.13 -43.09
CA LEU J 257 87.96 -54.88 -43.92
C LEU J 257 86.98 -53.86 -43.31
N SER J 258 87.23 -53.41 -42.07
CA SER J 258 86.37 -52.54 -41.26
C SER J 258 86.53 -51.04 -41.55
N SER J 259 87.67 -50.56 -42.09
CA SER J 259 87.81 -49.14 -42.45
C SER J 259 87.50 -48.93 -43.93
N SER J 260 86.22 -48.78 -44.25
CA SER J 260 85.61 -48.60 -45.58
C SER J 260 86.02 -47.33 -46.36
N GLY J 261 87.27 -46.88 -46.26
CA GLY J 261 87.77 -45.69 -46.95
C GLY J 261 89.08 -45.12 -46.41
N GLY J 262 89.76 -45.85 -45.51
CA GLY J 262 91.04 -45.42 -44.96
C GLY J 262 92.20 -45.55 -45.95
N VAL J 263 93.17 -44.64 -45.83
CA VAL J 263 94.51 -44.79 -46.38
C VAL J 263 95.19 -46.04 -45.81
N THR J 264 96.04 -46.68 -46.60
CA THR J 264 96.86 -47.81 -46.17
C THR J 264 97.77 -47.37 -45.05
N LYS J 265 97.74 -48.09 -43.92
CA LYS J 265 98.74 -47.90 -42.85
C LYS J 265 99.99 -48.69 -43.20
N PHE J 266 101.15 -48.15 -42.88
CA PHE J 266 102.42 -48.82 -43.15
C PHE J 266 103.16 -49.12 -41.85
N GLU J 267 103.73 -50.32 -41.78
CA GLU J 267 104.78 -50.63 -40.83
C GLU J 267 106.09 -50.11 -41.43
N ILE J 268 106.66 -49.05 -40.83
CA ILE J 268 107.82 -48.34 -41.35
C ILE J 268 109.04 -48.63 -40.47
N HIS J 269 110.13 -49.06 -41.10
CA HIS J 269 111.41 -49.27 -40.42
C HIS J 269 112.51 -48.47 -41.10
N THR J 270 113.34 -47.79 -40.30
CA THR J 270 114.63 -47.28 -40.77
C THR J 270 115.59 -48.46 -40.84
N VAL J 271 115.96 -48.88 -42.05
CA VAL J 271 116.89 -50.02 -42.27
C VAL J 271 118.32 -49.56 -42.45
N ALA J 272 118.54 -48.28 -42.77
CA ALA J 272 119.86 -47.70 -42.82
C ALA J 272 119.84 -46.20 -42.52
N GLN J 273 120.88 -45.75 -41.83
CA GLN J 273 121.20 -44.35 -41.61
C GLN J 273 122.72 -44.20 -41.74
N PHE J 274 123.16 -43.43 -42.72
CA PHE J 274 124.58 -43.27 -43.04
C PHE J 274 124.99 -41.81 -42.99
N ASP J 275 125.85 -41.51 -42.02
CA ASP J 275 126.49 -40.21 -41.81
C ASP J 275 127.84 -40.10 -42.52
N ASN J 276 128.25 -41.08 -43.35
CA ASN J 276 129.61 -41.11 -43.90
C ASN J 276 129.96 -39.94 -44.82
N HIS J 277 128.98 -39.21 -45.37
CA HIS J 277 129.25 -37.96 -46.08
C HIS J 277 129.83 -36.89 -45.12
N ASN J 278 129.56 -36.98 -43.82
CA ASN J 278 129.89 -35.98 -42.79
C ASN J 278 129.39 -34.56 -43.14
N SER J 279 128.37 -34.49 -43.99
CA SER J 279 127.86 -33.27 -44.58
C SER J 279 126.46 -33.51 -45.15
N GLN J 280 125.80 -32.45 -45.60
CA GLN J 280 124.49 -32.58 -46.25
C GLN J 280 124.60 -33.45 -47.51
N VAL J 281 123.58 -34.27 -47.69
CA VAL J 281 123.37 -35.12 -48.87
C VAL J 281 122.35 -34.42 -49.76
N TRP J 282 122.71 -34.21 -51.03
CA TRP J 282 121.92 -33.45 -51.98
C TRP J 282 121.06 -34.30 -52.89
N ARG J 283 121.53 -35.47 -53.31
CA ARG J 283 120.79 -36.33 -54.24
C ARG J 283 120.85 -37.79 -53.82
N VAL J 284 119.79 -38.53 -54.13
CA VAL J 284 119.69 -39.98 -53.98
C VAL J 284 119.08 -40.59 -55.24
N SER J 285 119.68 -41.65 -55.76
CA SER J 285 119.16 -42.34 -56.95
C SER J 285 119.37 -43.83 -56.87
N TRP J 286 118.30 -44.59 -57.15
CA TRP J 286 118.33 -46.04 -57.19
C TRP J 286 118.79 -46.54 -58.56
N ASN J 287 119.51 -47.66 -58.58
CA ASN J 287 119.65 -48.42 -59.82
C ASN J 287 118.30 -48.98 -60.28
N ILE J 288 118.22 -49.41 -61.54
CA ILE J 288 116.97 -49.91 -62.15
C ILE J 288 116.33 -51.09 -61.41
N THR J 289 117.14 -51.87 -60.67
CA THR J 289 116.65 -53.02 -59.87
C THR J 289 116.22 -52.64 -58.44
N GLY J 290 116.46 -51.40 -58.00
CA GLY J 290 116.18 -50.96 -56.63
C GLY J 290 117.04 -51.64 -55.55
N THR J 291 118.24 -52.10 -55.90
CA THR J 291 119.17 -52.84 -55.02
C THR J 291 120.41 -52.05 -54.61
N VAL J 292 120.81 -51.06 -55.41
CA VAL J 292 121.95 -50.18 -55.13
C VAL J 292 121.45 -48.74 -55.12
N LEU J 293 121.79 -48.01 -54.07
CA LEU J 293 121.53 -46.57 -53.93
C LEU J 293 122.81 -45.80 -54.21
N ALA J 294 122.75 -44.75 -55.01
CA ALA J 294 123.78 -43.73 -55.11
C ALA J 294 123.35 -42.49 -54.32
N SER J 295 124.28 -41.86 -53.60
CA SER J 295 124.06 -40.56 -52.96
C SER J 295 125.20 -39.59 -53.25
N SER J 296 124.92 -38.30 -53.33
CA SER J 296 125.92 -37.23 -53.44
C SER J 296 125.76 -36.21 -52.32
N GLY J 297 126.84 -35.58 -51.88
CA GLY J 297 126.82 -34.59 -50.79
C GLY J 297 127.90 -33.52 -50.91
N ASP J 298 127.92 -32.60 -49.95
CA ASP J 298 128.91 -31.49 -49.87
C ASP J 298 130.37 -31.97 -49.74
N ASP J 299 130.60 -33.24 -49.37
CA ASP J 299 131.94 -33.84 -49.34
C ASP J 299 132.59 -34.03 -50.71
N GLY J 300 131.88 -33.67 -51.80
CA GLY J 300 132.38 -33.78 -53.17
C GLY J 300 132.48 -35.21 -53.67
N THR J 301 131.80 -36.15 -53.00
CA THR J 301 131.80 -37.57 -53.37
C THR J 301 130.42 -38.08 -53.75
N VAL J 302 130.40 -39.11 -54.59
CA VAL J 302 129.25 -39.98 -54.82
C VAL J 302 129.51 -41.31 -54.13
N ARG J 303 128.59 -41.74 -53.26
CA ARG J 303 128.70 -42.99 -52.51
C ARG J 303 127.67 -43.98 -53.00
N LEU J 304 128.05 -45.25 -53.06
CA LEU J 304 127.19 -46.36 -53.44
C LEU J 304 126.89 -47.24 -52.23
N TRP J 305 125.62 -47.55 -52.01
CA TRP J 305 125.12 -48.32 -50.88
C TRP J 305 124.37 -49.55 -51.37
N LYS J 306 124.60 -50.70 -50.73
CA LYS J 306 123.93 -51.95 -51.07
C LYS J 306 123.69 -52.79 -49.81
N ALA J 307 122.52 -53.41 -49.71
CA ALA J 307 122.25 -54.43 -48.71
C ALA J 307 122.91 -55.77 -49.07
N ASN J 308 123.44 -56.46 -48.06
CA ASN J 308 123.80 -57.87 -48.20
C ASN J 308 122.56 -58.79 -48.04
N TYR J 309 122.77 -60.11 -48.08
CA TYR J 309 121.70 -61.10 -47.92
C TYR J 309 121.05 -61.13 -46.52
N MET J 310 121.60 -60.40 -45.55
CA MET J 310 121.04 -60.22 -44.20
C MET J 310 120.40 -58.84 -44.02
N ASP J 311 120.04 -58.17 -45.13
CA ASP J 311 119.48 -56.81 -45.15
C ASP J 311 120.36 -55.72 -44.49
N ASN J 312 121.64 -56.03 -44.25
CA ASN J 312 122.60 -55.06 -43.72
C ASN J 312 123.16 -54.22 -44.86
N TRP J 313 122.76 -52.95 -44.90
CA TRP J 313 123.26 -51.97 -45.85
C TRP J 313 124.71 -51.57 -45.52
N LYS J 314 125.54 -51.48 -46.56
CA LYS J 314 126.93 -51.00 -46.45
C LYS J 314 127.29 -50.10 -47.62
N CYS J 315 128.24 -49.20 -47.38
CA CYS J 315 128.92 -48.48 -48.46
C CYS J 315 129.79 -49.47 -49.25
N ILE J 316 129.52 -49.64 -50.54
CA ILE J 316 130.24 -50.57 -51.42
C ILE J 316 131.19 -49.86 -52.37
N GLY J 317 131.13 -48.53 -52.45
CA GLY J 317 132.00 -47.74 -53.30
C GLY J 317 131.89 -46.25 -53.02
N VAL J 318 133.00 -45.55 -53.22
CA VAL J 318 133.08 -44.09 -53.17
C VAL J 318 133.73 -43.64 -54.48
N LEU J 319 133.06 -42.73 -55.17
CA LEU J 319 133.54 -42.06 -56.36
C LEU J 319 133.81 -40.61 -55.97
N LYS J 320 134.99 -40.11 -56.31
CA LYS J 320 135.37 -38.71 -56.12
C LYS J 320 135.73 -38.15 -57.48
N GLY J 321 135.27 -36.94 -57.80
CA GLY J 321 135.80 -36.19 -58.94
C GLY J 321 137.23 -35.75 -58.64
N ASP J 322 138.09 -35.77 -59.65
CA ASP J 322 139.42 -35.15 -59.57
C ASP J 322 139.32 -33.62 -59.41
N MET K 1 64.97 -34.40 29.30
CA MET K 1 65.51 -33.03 29.43
C MET K 1 64.53 -32.12 28.70
N PHE K 2 63.85 -31.22 29.40
CA PHE K 2 62.97 -30.24 28.76
C PHE K 2 63.86 -29.14 28.17
N VAL K 3 63.61 -28.75 26.93
CA VAL K 3 64.34 -27.65 26.27
C VAL K 3 63.48 -26.41 26.38
N ALA K 4 63.97 -25.40 27.11
CA ALA K 4 63.36 -24.08 27.11
C ALA K 4 63.67 -23.38 25.80
N ARG K 5 62.65 -22.73 25.21
CA ARG K 5 62.82 -21.91 24.02
C ARG K 5 62.31 -20.51 24.31
N SER K 6 63.18 -19.52 24.18
CA SER K 6 62.78 -18.11 24.27
C SER K 6 62.07 -17.70 22.98
N ILE K 7 60.97 -16.96 23.14
CA ILE K 7 60.23 -16.33 22.04
C ILE K 7 60.31 -14.83 22.33
N ALA K 8 60.88 -14.06 21.41
CA ALA K 8 60.87 -12.61 21.49
C ALA K 8 59.43 -12.13 21.32
N ALA K 9 58.72 -11.95 22.43
CA ALA K 9 57.32 -11.59 22.42
C ALA K 9 57.08 -10.14 21.93
N ASP K 10 58.12 -9.30 21.92
CA ASP K 10 58.10 -7.90 21.51
C ASP K 10 56.96 -7.08 22.15
N HIS K 11 56.44 -7.53 23.29
CA HIS K 11 55.52 -6.76 24.11
C HIS K 11 56.31 -5.62 24.76
N LYS K 12 55.69 -4.45 24.87
CA LYS K 12 56.35 -3.25 25.42
C LYS K 12 56.30 -3.19 26.95
N ASP K 13 55.63 -4.16 27.57
CA ASP K 13 55.42 -4.25 29.02
C ASP K 13 55.15 -5.72 29.41
N LEU K 14 54.98 -5.98 30.71
CA LEU K 14 54.74 -7.30 31.31
C LEU K 14 53.63 -8.08 30.59
N ILE K 15 53.91 -9.35 30.29
CA ILE K 15 52.93 -10.31 29.76
C ILE K 15 52.20 -10.95 30.94
N HIS K 16 50.87 -10.90 30.93
CA HIS K 16 50.03 -11.43 32.02
C HIS K 16 49.51 -12.83 31.76
N ASP K 17 49.32 -13.19 30.48
CA ASP K 17 48.74 -14.47 30.12
C ASP K 17 49.22 -14.96 28.75
N VAL K 18 49.22 -16.28 28.61
CA VAL K 18 49.51 -17.00 27.37
C VAL K 18 48.50 -18.11 27.22
N SER K 19 47.82 -18.16 26.08
CA SER K 19 46.80 -19.16 25.80
C SER K 19 47.05 -19.81 24.45
N PHE K 20 47.10 -21.13 24.42
CA PHE K 20 47.19 -21.91 23.18
C PHE K 20 45.81 -22.11 22.59
N ASP K 21 45.75 -22.21 21.26
CA ASP K 21 44.56 -22.70 20.58
C ASP K 21 44.34 -24.19 20.86
N PHE K 22 43.15 -24.69 20.49
CA PHE K 22 42.78 -26.09 20.74
C PHE K 22 43.75 -27.11 20.12
N HIS K 23 44.40 -26.76 19.01
CA HIS K 23 45.34 -27.64 18.31
C HIS K 23 46.81 -27.46 18.73
N GLY K 24 47.12 -26.49 19.59
CA GLY K 24 48.49 -26.20 20.05
C GLY K 24 49.42 -25.71 18.93
N ARG K 25 48.86 -25.15 17.85
CA ARG K 25 49.60 -24.60 16.70
C ARG K 25 49.65 -23.09 16.72
N ARG K 26 48.78 -22.45 17.49
CA ARG K 26 48.73 -21.01 17.67
C ARG K 26 48.74 -20.69 19.16
N MET K 27 49.28 -19.54 19.51
CA MET K 27 49.18 -19.01 20.87
C MET K 27 48.84 -17.53 20.82
N ALA K 28 48.11 -17.07 21.82
CA ALA K 28 47.81 -15.67 22.05
C ALA K 28 48.51 -15.22 23.33
N THR K 29 49.08 -14.03 23.31
CA THR K 29 49.72 -13.39 24.47
C THR K 29 49.07 -12.04 24.73
N CYS K 30 48.92 -11.66 26.01
CA CYS K 30 48.35 -10.37 26.38
C CYS K 30 49.20 -9.67 27.46
N SER K 31 49.21 -8.34 27.46
CA SER K 31 50.20 -7.55 28.21
C SER K 31 49.62 -6.27 28.83
N SER K 32 50.36 -5.72 29.81
CA SER K 32 50.19 -4.36 30.31
C SER K 32 50.31 -3.28 29.22
N ASP K 33 50.93 -3.58 28.09
CA ASP K 33 51.03 -2.66 26.94
C ASP K 33 49.70 -2.46 26.18
N GLN K 34 48.61 -3.02 26.72
CA GLN K 34 47.23 -2.91 26.24
C GLN K 34 46.95 -3.71 24.95
N SER K 35 47.89 -4.55 24.54
CA SER K 35 47.81 -5.33 23.29
C SER K 35 47.60 -6.81 23.50
N VAL K 36 47.02 -7.44 22.47
CA VAL K 36 47.01 -8.89 22.27
C VAL K 36 47.83 -9.17 21.02
N LYS K 37 48.64 -10.23 21.08
CA LYS K 37 49.37 -10.75 19.94
C LYS K 37 49.02 -12.21 19.70
N VAL K 38 49.01 -12.61 18.44
CA VAL K 38 48.81 -13.99 18.01
C VAL K 38 50.08 -14.46 17.31
N TRP K 39 50.48 -15.69 17.63
CA TRP K 39 51.69 -16.32 17.16
C TRP K 39 51.36 -17.68 16.57
N ASP K 40 51.92 -17.94 15.41
CA ASP K 40 51.72 -19.20 14.69
C ASP K 40 53.02 -20.01 14.68
N LYS K 41 52.87 -21.31 14.93
CA LYS K 41 53.96 -22.26 14.90
C LYS K 41 54.15 -22.76 13.46
N SER K 42 55.30 -22.46 12.88
CA SER K 42 55.68 -22.99 11.56
C SER K 42 56.08 -24.46 11.63
N GLU K 43 56.18 -25.11 10.46
CA GLU K 43 56.53 -26.53 10.34
C GLU K 43 57.91 -26.86 10.94
N ASN K 44 58.86 -25.92 10.89
CA ASN K 44 60.17 -26.03 11.53
C ASN K 44 60.12 -25.87 13.07
N GLY K 45 58.93 -25.67 13.66
CA GLY K 45 58.72 -25.51 15.09
C GLY K 45 59.03 -24.11 15.65
N ASN K 46 59.29 -23.12 14.78
CA ASN K 46 59.50 -21.73 15.17
C ASN K 46 58.15 -21.01 15.37
N TRP K 47 58.15 -19.99 16.22
CA TRP K 47 56.97 -19.16 16.47
C TRP K 47 57.13 -17.81 15.78
N HIS K 48 56.09 -17.36 15.09
CA HIS K 48 56.07 -16.10 14.36
C HIS K 48 54.85 -15.26 14.77
N CYS K 49 55.05 -13.98 15.09
CA CYS K 49 53.93 -13.06 15.37
C CYS K 49 53.16 -12.81 14.07
N THR K 50 51.92 -13.28 13.97
CA THR K 50 51.07 -13.12 12.78
C THR K 50 50.04 -12.02 12.93
N ALA K 51 49.73 -11.61 14.17
CA ALA K 51 48.91 -10.44 14.42
C ALA K 51 49.29 -9.77 15.75
N SER K 52 49.14 -8.45 15.80
CA SER K 52 49.42 -7.64 16.98
C SER K 52 48.55 -6.39 16.94
N TRP K 53 47.71 -6.19 17.94
CA TRP K 53 46.80 -5.04 17.97
C TRP K 53 46.52 -4.58 19.41
N LYS K 54 46.23 -3.29 19.58
CA LYS K 54 45.72 -2.75 20.84
C LYS K 54 44.25 -3.15 21.00
N THR K 55 43.92 -3.79 22.11
CA THR K 55 42.57 -4.33 22.37
C THR K 55 41.78 -3.51 23.39
N HIS K 56 42.48 -2.98 24.40
CA HIS K 56 41.90 -2.38 25.60
C HIS K 56 42.54 -1.01 25.92
N SER K 57 41.97 -0.27 26.87
CA SER K 57 42.52 1.02 27.36
C SER K 57 43.28 0.88 28.69
N GLY K 58 43.64 -0.35 29.06
CA GLY K 58 44.36 -0.71 30.27
C GLY K 58 45.04 -2.06 30.12
N SER K 59 45.72 -2.52 31.17
CA SER K 59 46.41 -3.82 31.16
C SER K 59 45.45 -4.96 30.84
N VAL K 60 45.86 -5.82 29.90
CA VAL K 60 45.08 -7.00 29.50
C VAL K 60 45.49 -8.16 30.39
N TRP K 61 44.55 -8.67 31.18
CA TRP K 61 44.84 -9.65 32.23
C TRP K 61 44.84 -11.08 31.75
N ARG K 62 43.90 -11.44 30.87
CA ARG K 62 43.74 -12.80 30.35
C ARG K 62 43.32 -12.78 28.89
N VAL K 63 43.71 -13.84 28.19
CA VAL K 63 43.29 -14.12 26.82
C VAL K 63 42.91 -15.60 26.71
N THR K 64 41.82 -15.90 26.00
CA THR K 64 41.35 -17.28 25.84
C THR K 64 40.85 -17.52 24.43
N TRP K 65 41.10 -18.72 23.92
CA TRP K 65 40.55 -19.20 22.65
C TRP K 65 39.20 -19.88 22.89
N ALA K 66 38.27 -19.68 21.96
CA ALA K 66 37.06 -20.48 21.88
C ALA K 66 37.39 -21.87 21.30
N HIS K 67 36.46 -22.82 21.46
CA HIS K 67 36.58 -24.10 20.78
C HIS K 67 36.46 -23.90 19.24
N PRO K 68 37.28 -24.58 18.42
CA PRO K 68 37.37 -24.34 16.96
C PRO K 68 36.07 -24.59 16.18
N GLU K 69 35.09 -25.28 16.79
CA GLU K 69 33.74 -25.45 16.23
C GLU K 69 33.00 -24.11 16.05
N PHE K 70 33.36 -23.09 16.82
CA PHE K 70 32.79 -21.75 16.72
C PHE K 70 33.62 -20.82 15.84
N GLY K 71 34.59 -21.37 15.11
CA GLY K 71 35.58 -20.62 14.35
C GLY K 71 36.75 -20.13 15.20
N GLN K 72 37.49 -19.19 14.64
CA GLN K 72 38.71 -18.65 15.22
C GLN K 72 38.38 -17.43 16.06
N VAL K 73 37.99 -17.67 17.32
CA VAL K 73 37.49 -16.65 18.22
C VAL K 73 38.39 -16.53 19.44
N LEU K 74 38.75 -15.29 19.77
CA LEU K 74 39.50 -14.92 20.96
C LEU K 74 38.65 -14.03 21.86
N ALA K 75 38.81 -14.19 23.17
CA ALA K 75 38.32 -13.24 24.15
C ALA K 75 39.48 -12.71 25.00
N SER K 76 39.47 -11.43 25.32
CA SER K 76 40.42 -10.77 26.21
C SER K 76 39.69 -9.99 27.30
N CYS K 77 40.27 -9.86 28.48
CA CYS K 77 39.73 -9.03 29.56
C CYS K 77 40.78 -8.11 30.18
N SER K 78 40.33 -7.03 30.82
CA SER K 78 41.21 -5.91 31.13
C SER K 78 40.86 -5.16 32.41
N PHE K 79 41.87 -4.43 32.90
CA PHE K 79 41.76 -3.41 33.94
C PHE K 79 40.75 -2.31 33.59
N ASP K 80 40.50 -2.06 32.31
CA ASP K 80 39.53 -1.06 31.83
C ASP K 80 38.06 -1.43 32.08
N ARG K 81 37.82 -2.56 32.78
CA ARG K 81 36.52 -3.10 33.19
C ARG K 81 35.75 -3.80 32.08
N THR K 82 36.39 -4.08 30.95
CA THR K 82 35.73 -4.70 29.80
C THR K 82 36.32 -6.06 29.46
N ALA K 83 35.52 -6.88 28.80
CA ALA K 83 35.99 -8.02 28.02
C ALA K 83 35.66 -7.80 26.54
N ALA K 84 36.57 -8.13 25.64
CA ALA K 84 36.38 -7.97 24.20
C ALA K 84 36.44 -9.33 23.51
N VAL K 85 35.56 -9.54 22.52
CA VAL K 85 35.54 -10.74 21.67
C VAL K 85 36.00 -10.36 20.27
N TRP K 86 36.91 -11.16 19.74
CA TRP K 86 37.57 -10.97 18.46
C TRP K 86 37.38 -12.21 17.60
N GLU K 87 37.10 -12.00 16.33
CA GLU K 87 37.01 -13.08 15.35
C GLU K 87 38.07 -12.88 14.28
N GLU K 88 38.73 -13.96 13.92
CA GLU K 88 39.63 -14.00 12.79
C GLU K 88 38.85 -14.25 11.49
N ILE K 89 38.87 -13.29 10.59
CA ILE K 89 38.29 -13.45 9.25
C ILE K 89 39.35 -14.10 8.37
N VAL K 90 39.20 -15.40 8.14
CA VAL K 90 40.02 -16.16 7.18
C VAL K 90 39.49 -15.88 5.77
N GLY K 91 40.18 -15.03 5.04
CA GLY K 91 39.86 -14.69 3.66
C GLY K 91 41.04 -14.04 2.94
N GLU K 92 40.97 -14.00 1.61
CA GLU K 92 41.97 -13.37 0.74
C GLU K 92 41.99 -11.85 0.93
N SER K 93 42.51 -11.37 2.06
CA SER K 93 43.09 -10.03 2.05
C SER K 93 44.26 -10.11 1.07
N ASN K 94 44.05 -9.56 -0.14
CA ASN K 94 45.08 -9.27 -1.14
C ASN K 94 46.44 -9.07 -0.46
N ASP K 95 47.46 -9.74 -0.98
CA ASP K 95 48.80 -10.04 -0.45
C ASP K 95 49.67 -8.85 0.03
N LYS K 96 49.07 -7.73 0.45
CA LYS K 96 49.72 -6.49 0.89
C LYS K 96 49.41 -6.09 2.34
N LEU K 97 48.52 -6.80 3.06
CA LEU K 97 48.15 -6.47 4.45
C LEU K 97 48.39 -7.61 5.45
N ARG K 98 49.39 -8.48 5.17
CA ARG K 98 49.89 -9.57 6.04
C ARG K 98 50.35 -9.16 7.45
N GLY K 99 50.17 -7.90 7.87
CA GLY K 99 50.72 -7.37 9.12
C GLY K 99 49.79 -7.39 10.33
N GLN K 100 48.50 -7.01 10.21
CA GLN K 100 47.68 -6.69 11.40
C GLN K 100 46.15 -6.87 11.28
N SER K 101 45.56 -7.12 10.09
CA SER K 101 44.16 -6.72 9.83
C SER K 101 43.07 -7.82 9.87
N HIS K 102 43.40 -9.09 10.09
CA HIS K 102 42.40 -10.17 9.95
C HIS K 102 41.60 -10.45 11.24
N TRP K 103 41.96 -9.84 12.36
CA TRP K 103 41.21 -9.94 13.62
C TRP K 103 40.28 -8.75 13.78
N VAL K 104 38.97 -9.02 13.82
CA VAL K 104 37.92 -8.00 13.94
C VAL K 104 37.30 -8.08 15.33
N LYS K 105 37.30 -6.95 16.06
CA LYS K 105 36.55 -6.85 17.32
C LYS K 105 35.05 -6.95 17.01
N ARG K 106 34.41 -7.99 17.50
CA ARG K 106 32.97 -8.23 17.29
C ARG K 106 32.12 -7.59 18.38
N THR K 107 32.56 -7.66 19.64
CA THR K 107 31.86 -7.01 20.75
C THR K 107 32.79 -6.56 21.87
N THR K 108 32.30 -5.66 22.71
CA THR K 108 32.89 -5.30 24.00
C THR K 108 31.81 -5.42 25.07
N LEU K 109 32.05 -6.30 26.04
CA LEU K 109 31.20 -6.56 27.19
C LEU K 109 31.60 -5.56 28.29
N VAL K 110 30.65 -4.70 28.68
CA VAL K 110 30.90 -3.50 29.50
C VAL K 110 30.13 -3.49 30.83
N ASP K 111 29.48 -4.60 31.19
CA ASP K 111 28.63 -4.67 32.40
C ASP K 111 29.43 -4.64 33.72
N SER K 112 30.73 -4.97 33.68
CA SER K 112 31.54 -5.02 34.89
C SER K 112 31.89 -3.62 35.41
N ARG K 113 31.84 -3.46 36.73
CA ARG K 113 32.03 -2.13 37.39
C ARG K 113 33.47 -1.85 37.76
N THR K 114 34.30 -2.88 37.83
CA THR K 114 35.74 -2.80 38.12
C THR K 114 36.50 -3.74 37.18
N SER K 115 37.82 -3.84 37.37
CA SER K 115 38.71 -4.69 36.55
C SER K 115 38.12 -6.09 36.30
N VAL K 116 38.13 -6.55 35.05
CA VAL K 116 37.74 -7.92 34.68
C VAL K 116 38.98 -8.78 34.71
N THR K 117 39.13 -9.57 35.76
CA THR K 117 40.37 -10.26 36.15
C THR K 117 40.61 -11.57 35.41
N ASP K 118 39.54 -12.24 34.97
CA ASP K 118 39.64 -13.46 34.15
C ASP K 118 38.44 -13.62 33.21
N VAL K 119 38.66 -14.35 32.12
CA VAL K 119 37.71 -14.60 31.05
C VAL K 119 37.93 -16.01 30.48
N LYS K 120 36.88 -16.82 30.45
CA LYS K 120 36.93 -18.22 30.00
C LYS K 120 35.70 -18.59 29.18
N PHE K 121 35.91 -19.13 27.99
CA PHE K 121 34.84 -19.80 27.24
C PHE K 121 34.38 -21.05 27.97
N ALA K 122 33.08 -21.32 27.92
CA ALA K 122 32.51 -22.54 28.46
C ALA K 122 32.88 -23.77 27.61
N PRO K 123 32.74 -24.99 28.15
CA PRO K 123 32.83 -26.21 27.35
C PRO K 123 31.85 -26.18 26.18
N LYS K 124 32.31 -26.60 24.99
CA LYS K 124 31.53 -26.50 23.73
C LYS K 124 30.11 -27.08 23.77
N HIS K 125 29.88 -28.10 24.59
CA HIS K 125 28.57 -28.75 24.70
C HIS K 125 27.52 -27.86 25.38
N MET K 126 27.94 -26.73 25.98
CA MET K 126 27.08 -25.69 26.53
C MET K 126 26.79 -24.57 25.53
N GLY K 127 27.32 -24.65 24.30
CA GLY K 127 27.23 -23.58 23.31
C GLY K 127 28.36 -22.55 23.43
N LEU K 128 28.24 -21.46 22.68
CA LEU K 128 29.22 -20.38 22.66
C LEU K 128 28.97 -19.42 23.82
N MET K 129 29.38 -19.84 25.02
CA MET K 129 29.26 -19.06 26.24
C MET K 129 30.61 -18.56 26.71
N LEU K 130 30.63 -17.36 27.30
CA LEU K 130 31.80 -16.69 27.84
C LEU K 130 31.53 -16.25 29.27
N ALA K 131 32.29 -16.78 30.23
CA ALA K 131 32.28 -16.26 31.59
C ALA K 131 33.37 -15.21 31.77
N THR K 132 33.03 -14.15 32.48
CA THR K 132 33.97 -13.12 32.95
C THR K 132 33.87 -13.03 34.46
N CYS K 133 34.98 -12.85 35.15
CA CYS K 133 34.95 -12.47 36.56
C CYS K 133 35.59 -11.11 36.79
N SER K 134 35.04 -10.35 37.72
CA SER K 134 35.52 -9.02 38.05
C SER K 134 35.86 -8.90 39.52
N ALA K 135 36.80 -8.00 39.81
CA ALA K 135 37.16 -7.61 41.16
C ALA K 135 35.97 -6.99 41.94
N ASP K 136 34.84 -6.69 41.28
CA ASP K 136 33.58 -6.24 41.91
C ASP K 136 32.82 -7.39 42.61
N GLY K 137 33.37 -8.59 42.54
CA GLY K 137 32.87 -9.80 43.17
C GLY K 137 31.70 -10.44 42.44
N VAL K 138 31.63 -10.23 41.13
CA VAL K 138 30.58 -10.77 40.27
C VAL K 138 31.19 -11.57 39.11
N VAL K 139 30.63 -12.75 38.86
CA VAL K 139 30.87 -13.51 37.63
C VAL K 139 29.68 -13.31 36.70
N ARG K 140 29.94 -12.94 35.44
CA ARG K 140 28.94 -12.72 34.40
C ARG K 140 29.13 -13.72 33.29
N ILE K 141 28.04 -14.36 32.89
CA ILE K 141 28.03 -15.39 31.85
C ILE K 141 27.21 -14.87 30.68
N TYR K 142 27.87 -14.73 29.55
CA TYR K 142 27.29 -14.28 28.30
C TYR K 142 27.17 -15.45 27.34
N GLU K 143 26.19 -15.38 26.43
CA GLU K 143 26.01 -16.35 25.36
C GLU K 143 25.85 -15.62 24.03
N ALA K 144 26.58 -16.07 23.01
CA ALA K 144 26.34 -15.69 21.63
C ALA K 144 25.25 -16.61 21.05
N PRO K 145 24.03 -16.12 20.82
CA PRO K 145 22.93 -16.95 20.33
C PRO K 145 23.13 -17.39 18.87
N ASP K 146 23.93 -16.66 18.11
CA ASP K 146 24.24 -16.96 16.71
C ASP K 146 25.76 -16.89 16.50
N VAL K 147 26.36 -18.05 16.21
CA VAL K 147 27.80 -18.19 15.94
C VAL K 147 28.19 -17.44 14.66
N MET K 148 27.26 -17.24 13.72
CA MET K 148 27.50 -16.44 12.51
C MET K 148 27.48 -14.93 12.77
N ASN K 149 26.98 -14.50 13.94
CA ASN K 149 26.89 -13.11 14.33
C ASN K 149 27.44 -12.88 15.75
N LEU K 150 28.76 -12.94 15.88
CA LEU K 150 29.47 -12.74 17.14
C LEU K 150 29.43 -11.30 17.70
N SER K 151 28.72 -10.38 17.04
CA SER K 151 28.53 -9.02 17.58
C SER K 151 27.50 -8.97 18.71
N GLN K 152 26.63 -9.98 18.80
CA GLN K 152 25.56 -10.05 19.78
C GLN K 152 25.89 -11.08 20.86
N TRP K 153 25.93 -10.62 22.11
CA TRP K 153 26.17 -11.44 23.29
C TRP K 153 25.17 -11.04 24.37
N SER K 154 24.36 -11.99 24.80
CA SER K 154 23.32 -11.77 25.80
C SER K 154 23.84 -12.17 27.18
N LEU K 155 23.69 -11.30 28.18
CA LEU K 155 23.97 -11.65 29.58
C LEU K 155 22.91 -12.65 30.08
N GLN K 156 23.31 -13.90 30.29
CA GLN K 156 22.43 -14.98 30.74
C GLN K 156 22.37 -15.09 32.27
N HIS K 157 23.54 -14.96 32.92
CA HIS K 157 23.64 -15.14 34.36
C HIS K 157 24.59 -14.14 35.01
N GLU K 158 24.20 -13.71 36.21
CA GLU K 158 25.04 -12.93 37.11
C GLU K 158 25.15 -13.68 38.45
N ILE K 159 26.38 -13.96 38.88
CA ILE K 159 26.70 -14.71 40.10
C ILE K 159 27.43 -13.78 41.06
N SER K 160 26.80 -13.46 42.19
CA SER K 160 27.44 -12.67 43.25
C SER K 160 28.27 -13.56 44.18
N CYS K 161 29.59 -13.41 44.14
CA CYS K 161 30.56 -14.14 44.95
C CYS K 161 30.80 -13.50 46.32
N LYS K 162 30.46 -12.21 46.47
CA LYS K 162 30.65 -11.39 47.68
C LYS K 162 32.11 -11.27 48.12
N LEU K 163 33.05 -11.61 47.24
CA LEU K 163 34.50 -11.52 47.40
C LEU K 163 35.08 -11.03 46.09
N SER K 164 36.20 -10.29 46.11
CA SER K 164 36.86 -9.85 44.87
C SER K 164 37.29 -11.07 44.05
N CYS K 165 36.76 -11.24 42.83
CA CYS K 165 37.08 -12.40 42.02
C CYS K 165 38.41 -12.19 41.28
N SER K 166 39.28 -13.20 41.30
CA SER K 166 40.60 -13.16 40.66
C SER K 166 40.74 -14.11 39.48
N CYS K 167 40.01 -15.24 39.51
CA CYS K 167 40.11 -16.31 38.52
C CYS K 167 38.85 -17.17 38.49
N ILE K 168 38.59 -17.79 37.34
CA ILE K 168 37.44 -18.67 37.13
C ILE K 168 37.83 -19.95 36.39
N SER K 169 37.13 -21.04 36.71
CA SER K 169 37.26 -22.29 35.97
C SER K 169 35.93 -22.97 35.78
N TRP K 170 35.57 -23.22 34.52
CA TRP K 170 34.47 -24.11 34.17
C TRP K 170 34.83 -25.55 34.49
N ASN K 171 33.91 -26.31 35.06
CA ASN K 171 34.03 -27.76 35.10
C ASN K 171 33.79 -28.32 33.68
N PRO K 172 34.80 -28.94 33.04
CA PRO K 172 34.69 -29.37 31.64
C PRO K 172 33.92 -30.68 31.45
N SER K 173 33.37 -31.26 32.51
CA SER K 173 32.66 -32.54 32.47
C SER K 173 31.46 -32.49 31.52
N SER K 174 31.49 -33.28 30.45
CA SER K 174 30.34 -33.47 29.54
C SER K 174 29.29 -34.47 30.05
N SER K 175 29.47 -35.03 31.27
CA SER K 175 28.51 -35.97 31.84
C SER K 175 27.21 -35.26 32.17
N ARG K 176 26.10 -35.71 31.56
CA ARG K 176 24.75 -35.24 31.87
C ARG K 176 24.32 -35.49 33.33
N ALA K 177 25.04 -36.34 34.05
CA ALA K 177 24.80 -36.58 35.47
C ALA K 177 25.32 -35.43 36.36
N HIS K 178 26.15 -34.54 35.82
CA HIS K 178 26.70 -33.40 36.53
C HIS K 178 26.12 -32.12 35.93
N SER K 179 25.44 -31.33 36.76
CA SER K 179 25.05 -29.99 36.37
C SER K 179 26.29 -29.14 36.06
N PRO K 180 26.20 -28.17 35.13
CA PRO K 180 27.29 -27.25 34.87
C PRO K 180 27.80 -26.59 36.15
N MET K 181 29.11 -26.55 36.31
CA MET K 181 29.76 -25.97 37.49
C MET K 181 30.84 -24.97 37.12
N ILE K 182 31.00 -23.97 37.97
CA ILE K 182 32.05 -22.96 37.90
C ILE K 182 32.70 -22.86 39.28
N ALA K 183 34.02 -22.92 39.30
CA ALA K 183 34.82 -22.53 40.45
C ALA K 183 35.24 -21.07 40.28
N VAL K 184 35.22 -20.32 41.38
CA VAL K 184 35.65 -18.91 41.42
C VAL K 184 36.63 -18.74 42.57
N GLY K 185 37.80 -18.18 42.26
CA GLY K 185 38.83 -17.84 43.24
C GLY K 185 38.80 -16.36 43.59
N SER K 186 39.30 -16.03 44.78
CA SER K 186 39.42 -14.65 45.27
C SER K 186 40.84 -14.34 45.73
N ASP K 187 41.35 -13.19 45.33
CA ASP K 187 42.63 -12.62 45.74
C ASP K 187 42.51 -11.68 46.97
N ASP K 188 41.34 -11.65 47.63
CA ASP K 188 41.12 -10.85 48.82
C ASP K 188 42.21 -11.15 49.86
N SER K 189 42.93 -10.12 50.33
CA SER K 189 44.05 -10.28 51.25
C SER K 189 43.62 -10.34 52.72
N SER K 190 42.34 -10.12 53.02
CA SER K 190 41.81 -10.11 54.37
C SER K 190 41.99 -11.49 55.02
N PRO K 191 42.67 -11.59 56.17
CA PRO K 191 42.89 -12.87 56.85
C PRO K 191 41.61 -13.40 57.52
N ASN K 192 40.63 -12.52 57.79
CA ASN K 192 39.36 -12.87 58.44
C ASN K 192 38.38 -13.60 57.50
N ILE K 193 38.62 -13.55 56.19
CA ILE K 193 37.79 -14.21 55.19
C ILE K 193 38.38 -15.59 54.92
N MET K 194 37.73 -16.62 55.46
CA MET K 194 38.01 -18.00 55.10
C MET K 194 37.16 -18.42 53.90
N GLY K 195 37.64 -19.36 53.09
CA GLY K 195 36.88 -19.87 51.96
C GLY K 195 36.95 -19.00 50.70
N LYS K 196 38.17 -18.75 50.22
CA LYS K 196 38.44 -17.92 49.03
C LYS K 196 38.26 -18.65 47.70
N VAL K 197 37.82 -19.91 47.74
CA VAL K 197 37.36 -20.64 46.55
C VAL K 197 35.91 -21.05 46.76
N GLN K 198 35.05 -20.63 45.84
CA GLN K 198 33.62 -20.93 45.86
C GLN K 198 33.23 -21.71 44.61
N ILE K 199 32.39 -22.72 44.78
CA ILE K 199 31.90 -23.56 43.70
C ILE K 199 30.41 -23.29 43.50
N TYR K 200 30.04 -22.95 42.28
CA TYR K 200 28.67 -22.68 41.87
C TYR K 200 28.21 -23.76 40.92
N GLU K 201 27.00 -24.25 41.12
CA GLU K 201 26.35 -25.27 40.28
C GLU K 201 25.07 -24.69 39.68
N TYR K 202 24.86 -24.92 38.39
CA TYR K 202 23.64 -24.53 37.71
C TYR K 202 22.46 -25.41 38.16
N ASN K 203 21.45 -24.78 38.72
CA ASN K 203 20.24 -25.44 39.17
C ASN K 203 19.12 -25.25 38.15
N GLU K 204 18.84 -26.31 37.39
CA GLU K 204 17.80 -26.36 36.34
C GLU K 204 16.42 -25.89 36.82
N ASN K 205 16.04 -26.21 38.06
CA ASN K 205 14.72 -25.84 38.60
C ASN K 205 14.60 -24.33 38.79
N THR K 206 15.68 -23.68 39.23
CA THR K 206 15.70 -22.23 39.47
C THR K 206 16.23 -21.43 38.29
N ARG K 207 16.81 -22.11 37.28
CA ARG K 207 17.54 -21.53 36.13
C ARG K 207 18.62 -20.54 36.54
N LYS K 208 19.27 -20.81 37.67
CA LYS K 208 20.30 -19.96 38.27
C LYS K 208 21.45 -20.80 38.78
N TYR K 209 22.63 -20.20 38.78
CA TYR K 209 23.76 -20.76 39.51
C TYR K 209 23.57 -20.53 41.01
N ALA K 210 23.67 -21.60 41.78
CA ALA K 210 23.61 -21.57 43.23
C ALA K 210 24.96 -22.03 43.81
N LYS K 211 25.38 -21.42 44.93
CA LYS K 211 26.62 -21.79 45.61
C LYS K 211 26.46 -23.20 46.18
N ALA K 212 27.22 -24.15 45.65
CA ALA K 212 27.24 -25.53 46.08
C ALA K 212 28.20 -25.74 47.25
N GLU K 213 29.44 -25.20 47.13
CA GLU K 213 30.50 -25.42 48.10
C GLU K 213 31.37 -24.19 48.30
N THR K 214 32.07 -24.14 49.43
CA THR K 214 33.13 -23.18 49.71
C THR K 214 34.29 -23.90 50.35
N LEU K 215 35.48 -23.81 49.75
CA LEU K 215 36.67 -24.51 50.25
C LEU K 215 37.25 -23.77 51.46
N MET K 216 36.68 -24.01 52.64
CA MET K 216 37.04 -23.31 53.87
C MET K 216 38.52 -23.42 54.25
N SER K 217 39.21 -24.49 53.82
CA SER K 217 40.64 -24.66 54.04
C SER K 217 41.51 -23.69 53.22
N VAL K 218 40.97 -23.06 52.17
CA VAL K 218 41.66 -22.06 51.35
C VAL K 218 41.37 -20.66 51.91
N SER K 219 42.27 -20.18 52.78
CA SER K 219 42.22 -18.85 53.41
C SER K 219 43.19 -17.85 52.79
N ASP K 220 44.17 -18.31 52.02
CA ASP K 220 45.17 -17.46 51.37
C ASP K 220 44.64 -16.95 50.01
N PRO K 221 45.10 -15.77 49.52
CA PRO K 221 44.71 -15.24 48.21
C PRO K 221 44.91 -16.26 47.08
N VAL K 222 43.93 -16.37 46.20
CA VAL K 222 43.91 -17.33 45.10
C VAL K 222 44.24 -16.60 43.80
N HIS K 223 45.26 -17.07 43.09
CA HIS K 223 45.78 -16.43 41.87
C HIS K 223 45.30 -17.09 40.59
N ASP K 224 45.01 -18.40 40.65
CA ASP K 224 44.49 -19.17 39.53
C ASP K 224 43.81 -20.46 40.02
N ILE K 225 42.85 -20.96 39.24
CA ILE K 225 42.12 -22.19 39.52
C ILE K 225 41.83 -22.94 38.24
N ALA K 226 41.88 -24.27 38.29
CA ALA K 226 41.62 -25.10 37.13
C ALA K 226 40.94 -26.42 37.50
N PHE K 227 39.75 -26.67 36.97
CA PHE K 227 39.17 -28.01 36.96
C PHE K 227 39.94 -28.91 35.97
N ALA K 228 40.24 -30.13 36.40
CA ALA K 228 40.85 -31.12 35.53
C ALA K 228 39.81 -31.69 34.55
N PRO K 229 40.16 -31.88 33.27
CA PRO K 229 39.35 -32.63 32.30
C PRO K 229 38.88 -33.98 32.86
N ASN K 230 37.58 -34.25 32.81
CA ASN K 230 37.00 -35.48 33.36
C ASN K 230 36.80 -36.55 32.28
N LEU K 231 37.81 -37.41 32.05
CA LEU K 231 37.70 -38.56 31.15
C LEU K 231 37.21 -39.81 31.91
N GLY K 232 35.95 -39.81 32.32
CA GLY K 232 35.28 -40.98 32.91
C GLY K 232 35.45 -41.18 34.41
N ARG K 233 35.99 -40.20 35.14
CA ARG K 233 36.02 -40.22 36.62
C ARG K 233 34.62 -39.93 37.16
N SER K 234 34.27 -40.60 38.27
CA SER K 234 33.04 -40.34 39.02
C SER K 234 33.17 -39.17 40.02
N PHE K 235 34.27 -38.42 39.95
CA PHE K 235 34.58 -37.30 40.83
C PHE K 235 35.33 -36.22 40.01
N HIS K 236 35.31 -35.00 40.51
CA HIS K 236 36.02 -33.86 39.91
C HIS K 236 37.35 -33.64 40.62
N ILE K 237 38.31 -33.05 39.92
CA ILE K 237 39.58 -32.59 40.52
C ILE K 237 39.73 -31.11 40.22
N LEU K 238 40.08 -30.33 41.23
CA LEU K 238 40.30 -28.89 41.15
C LEU K 238 41.71 -28.57 41.66
N ALA K 239 42.51 -27.90 40.83
CA ALA K 239 43.76 -27.30 41.25
C ALA K 239 43.53 -25.84 41.66
N VAL K 240 44.23 -25.40 42.69
CA VAL K 240 44.18 -24.02 43.22
C VAL K 240 45.62 -23.52 43.41
N ALA K 241 45.92 -22.39 42.79
CA ALA K 241 47.17 -21.65 42.94
C ALA K 241 47.00 -20.57 44.01
N THR K 242 47.78 -20.65 45.08
CA THR K 242 47.76 -19.69 46.19
C THR K 242 49.20 -19.48 46.71
N LYS K 243 49.43 -19.41 48.02
CA LYS K 243 50.79 -19.48 48.59
C LYS K 243 51.49 -20.83 48.33
N ASP K 244 50.72 -21.85 48.00
CA ASP K 244 51.13 -23.20 47.66
C ASP K 244 50.25 -23.74 46.51
N VAL K 245 50.57 -24.90 45.98
CA VAL K 245 49.70 -25.62 45.03
C VAL K 245 48.81 -26.56 45.82
N ARG K 246 47.48 -26.45 45.66
CA ARG K 246 46.52 -27.39 46.27
C ARG K 246 45.73 -28.12 45.21
N ILE K 247 45.51 -29.42 45.45
CA ILE K 247 44.68 -30.27 44.60
C ILE K 247 43.57 -30.85 45.47
N PHE K 248 42.33 -30.61 45.06
CA PHE K 248 41.13 -31.10 45.71
C PHE K 248 40.42 -32.11 44.82
N THR K 249 39.95 -33.21 45.40
CA THR K 249 38.95 -34.07 44.77
C THR K 249 37.58 -33.73 45.33
N MET K 250 36.57 -33.73 44.46
CA MET K 250 35.18 -33.44 44.80
C MET K 250 34.31 -34.58 44.30
N LYS K 251 33.83 -35.42 45.19
CA LYS K 251 32.96 -36.54 44.86
C LYS K 251 31.51 -36.13 45.15
N PRO K 252 30.62 -36.09 44.14
CA PRO K 252 29.23 -35.74 44.38
C PRO K 252 28.60 -36.81 45.28
N LEU K 253 28.00 -36.36 46.39
CA LEU K 253 27.17 -37.21 47.22
C LEU K 253 25.86 -37.46 46.48
N ARG K 254 25.40 -38.71 46.47
CA ARG K 254 24.13 -39.07 45.83
C ARG K 254 23.03 -38.18 46.41
N LYS K 255 22.32 -37.43 45.55
CA LYS K 255 21.14 -36.66 45.95
C LYS K 255 20.17 -37.64 46.62
N GLU K 256 20.01 -37.55 47.93
CA GLU K 256 18.83 -38.14 48.55
C GLU K 256 17.63 -37.48 47.90
N LEU K 257 16.70 -38.30 47.40
CA LEU K 257 15.52 -37.90 46.64
C LEU K 257 14.62 -36.89 47.39
N SER K 258 14.91 -36.60 48.65
CA SER K 258 14.13 -35.77 49.57
C SER K 258 14.38 -34.26 49.45
N SER K 259 15.53 -33.79 48.93
CA SER K 259 15.74 -32.35 48.72
C SER K 259 15.42 -31.96 47.28
N SER K 260 14.14 -31.70 47.02
CA SER K 260 13.50 -31.35 45.73
C SER K 260 13.97 -30.03 45.08
N GLY K 261 15.26 -29.67 45.20
CA GLY K 261 15.80 -28.44 44.63
C GLY K 261 17.16 -28.01 45.18
N GLY K 262 17.81 -28.86 45.97
CA GLY K 262 19.14 -28.57 46.53
C GLY K 262 20.25 -28.65 45.49
N VAL K 263 21.28 -27.83 45.70
CA VAL K 263 22.61 -27.99 45.08
C VAL K 263 23.21 -29.33 45.50
N THR K 264 24.01 -29.93 44.62
CA THR K 264 24.76 -31.14 44.90
C THR K 264 25.74 -30.87 46.04
N LYS K 265 25.69 -31.71 47.09
CA LYS K 265 26.72 -31.71 48.13
C LYS K 265 27.91 -32.52 47.67
N PHE K 266 29.12 -32.08 48.00
CA PHE K 266 30.33 -32.78 47.63
C PHE K 266 31.09 -33.27 48.86
N GLU K 267 31.57 -34.50 48.78
CA GLU K 267 32.63 -34.96 49.66
C GLU K 267 33.97 -34.47 49.09
N ILE K 268 34.59 -33.51 49.78
CA ILE K 268 35.79 -32.82 49.31
C ILE K 268 37.01 -33.27 50.11
N HIS K 269 38.06 -33.69 49.42
CA HIS K 269 39.34 -34.04 50.02
C HIS K 269 40.48 -33.24 49.41
N THR K 270 41.35 -32.69 50.25
CA THR K 270 42.67 -32.22 49.80
C THR K 270 43.56 -33.43 49.57
N VAL K 271 43.86 -33.74 48.32
CA VAL K 271 44.71 -34.89 47.95
C VAL K 271 46.18 -34.50 47.77
N ALA K 272 46.46 -33.21 47.58
CA ALA K 272 47.82 -32.70 47.56
C ALA K 272 47.88 -31.25 48.02
N GLN K 273 48.97 -30.93 48.72
CA GLN K 273 49.36 -29.58 49.08
C GLN K 273 50.89 -29.51 48.93
N PHE K 274 51.36 -28.67 48.01
CA PHE K 274 52.78 -28.55 47.68
C PHE K 274 53.28 -27.13 47.87
N ASP K 275 54.18 -26.98 48.84
CA ASP K 275 54.90 -25.76 49.17
C ASP K 275 56.24 -25.64 48.44
N ASN K 276 56.56 -26.55 47.50
CA ASN K 276 57.90 -26.60 46.90
C ASN K 276 58.31 -25.35 46.10
N HIS K 277 57.36 -24.52 45.66
CA HIS K 277 57.69 -23.22 45.10
C HIS K 277 58.34 -22.29 46.14
N ASN K 278 58.10 -22.50 47.44
CA ASN K 278 58.51 -21.64 48.55
C ASN K 278 58.10 -20.17 48.38
N SER K 279 57.06 -19.95 47.57
CA SER K 279 56.61 -18.65 47.13
C SER K 279 55.18 -18.74 46.58
N GLN K 280 54.58 -17.60 46.26
CA GLN K 280 53.25 -17.59 45.65
C GLN K 280 53.28 -18.32 44.30
N VAL K 281 52.21 -19.05 44.05
CA VAL K 281 51.92 -19.76 42.80
C VAL K 281 50.93 -18.91 42.01
N TRP K 282 51.27 -18.58 40.77
CA TRP K 282 50.49 -17.67 39.93
C TRP K 282 49.57 -18.37 38.95
N ARG K 283 49.95 -19.52 38.39
CA ARG K 283 49.15 -20.23 37.40
C ARG K 283 49.13 -21.72 37.67
N VAL K 284 48.02 -22.36 37.31
CA VAL K 284 47.84 -23.81 37.30
C VAL K 284 47.16 -24.24 36.01
N SER K 285 47.68 -25.28 35.36
CA SER K 285 47.10 -25.80 34.12
C SER K 285 47.22 -27.30 34.02
N TRP K 286 46.11 -27.97 33.70
CA TRP K 286 46.05 -29.40 33.51
C TRP K 286 46.43 -29.77 32.08
N ASN K 287 47.09 -30.92 31.92
CA ASN K 287 47.17 -31.54 30.59
C ASN K 287 45.76 -31.98 30.11
N ILE K 288 45.63 -32.26 28.81
CA ILE K 288 44.34 -32.62 28.20
C ILE K 288 43.65 -33.84 28.83
N THR K 289 44.42 -34.74 29.45
CA THR K 289 43.89 -35.93 30.14
C THR K 289 43.53 -35.69 31.61
N GLY K 290 43.84 -34.52 32.18
CA GLY K 290 43.62 -34.22 33.59
C GLY K 290 44.47 -35.06 34.56
N THR K 291 45.63 -35.54 34.13
CA THR K 291 46.53 -36.43 34.90
C THR K 291 47.82 -35.76 35.36
N VAL K 292 48.27 -34.72 34.66
CA VAL K 292 49.46 -33.94 35.00
C VAL K 292 49.04 -32.48 35.18
N LEU K 293 49.46 -31.88 36.29
CA LEU K 293 49.28 -30.47 36.59
C LEU K 293 50.60 -29.75 36.36
N ALA K 294 50.58 -28.61 35.67
CA ALA K 294 51.67 -27.65 35.65
C ALA K 294 51.33 -26.48 36.58
N SER K 295 52.32 -25.98 37.34
CA SER K 295 52.19 -24.75 38.13
C SER K 295 53.38 -23.83 37.90
N SER K 296 53.16 -22.52 37.98
CA SER K 296 54.23 -21.51 37.95
C SER K 296 54.15 -20.61 39.19
N GLY K 297 55.29 -20.09 39.65
CA GLY K 297 55.35 -19.22 40.84
C GLY K 297 56.48 -18.19 40.81
N ASP K 298 56.59 -17.39 41.86
CA ASP K 298 57.63 -16.36 42.03
C ASP K 298 59.07 -16.94 42.07
N ASP K 299 59.23 -18.25 42.29
CA ASP K 299 60.54 -18.92 42.22
C ASP K 299 61.15 -19.00 40.80
N GLY K 300 60.44 -18.48 39.79
CA GLY K 300 60.89 -18.46 38.40
C GLY K 300 60.89 -19.85 37.75
N THR K 301 60.17 -20.81 38.33
CA THR K 301 60.08 -22.18 37.82
C THR K 301 58.66 -22.56 37.42
N VAL K 302 58.57 -23.49 36.47
CA VAL K 302 57.36 -24.26 36.20
C VAL K 302 57.56 -25.67 36.73
N ARG K 303 56.63 -26.14 37.57
CA ARG K 303 56.68 -27.47 38.18
C ARG K 303 55.59 -28.35 37.61
N LEU K 304 55.90 -29.62 37.40
CA LEU K 304 54.95 -30.63 36.94
C LEU K 304 54.63 -31.61 38.05
N TRP K 305 53.34 -31.88 38.26
CA TRP K 305 52.83 -32.74 39.32
C TRP K 305 52.00 -33.87 38.73
N LYS K 306 52.18 -35.08 39.24
CA LYS K 306 51.42 -36.25 38.79
C LYS K 306 51.17 -37.21 39.95
N ALA K 307 49.97 -37.77 40.02
CA ALA K 307 49.66 -38.87 40.91
C ALA K 307 50.23 -40.20 40.39
N ASN K 308 50.73 -41.03 41.29
CA ASN K 308 51.01 -42.44 41.00
C ASN K 308 49.72 -43.29 41.11
N TYR K 309 49.85 -44.60 40.91
CA TYR K 309 48.73 -45.55 41.00
C TYR K 309 48.11 -45.69 42.40
N MET K 310 48.72 -45.10 43.43
CA MET K 310 48.20 -45.05 44.80
C MET K 310 47.65 -43.66 45.15
N ASP K 311 47.31 -42.85 44.14
CA ASP K 311 46.83 -41.46 44.27
C ASP K 311 47.80 -40.51 45.01
N ASN K 312 49.06 -40.91 45.19
CA ASN K 312 50.08 -40.07 45.79
C ASN K 312 50.67 -39.14 44.73
N TRP K 313 50.34 -37.85 44.85
CA TRP K 313 50.89 -36.80 43.99
C TRP K 313 52.35 -36.52 44.31
N LYS K 314 53.17 -36.37 43.26
CA LYS K 314 54.58 -35.99 43.38
C LYS K 314 54.97 -34.99 42.31
N CYS K 315 55.98 -34.16 42.61
CA CYS K 315 56.67 -33.37 41.60
C CYS K 315 57.47 -34.32 40.70
N ILE K 316 57.15 -34.34 39.40
CA ILE K 316 57.79 -35.20 38.39
C ILE K 316 58.77 -34.44 37.49
N GLY K 317 58.78 -33.11 37.57
CA GLY K 317 59.68 -32.28 36.78
C GLY K 317 59.66 -30.83 37.22
N VAL K 318 60.81 -30.18 37.06
CA VAL K 318 60.98 -28.74 37.27
C VAL K 318 61.62 -28.19 36.00
N LEU K 319 60.99 -27.17 35.43
CA LEU K 319 61.48 -26.40 34.31
C LEU K 319 61.85 -25.02 34.84
N LYS K 320 63.04 -24.55 34.51
CA LYS K 320 63.51 -23.21 34.85
C LYS K 320 63.88 -22.52 33.55
N GLY K 321 63.48 -21.26 33.39
CA GLY K 321 64.02 -20.43 32.31
C GLY K 321 65.48 -20.10 32.62
N ASP K 322 66.32 -20.05 31.58
CA ASP K 322 67.69 -19.53 31.69
C ASP K 322 67.68 -18.03 32.02
N MET L 1 128.17 -84.81 -88.63
CA MET L 1 127.88 -83.63 -89.49
C MET L 1 128.37 -82.32 -88.86
N ALA L 2 128.35 -82.19 -87.52
CA ALA L 2 128.99 -81.08 -86.81
C ALA L 2 130.46 -80.85 -87.21
N ASP L 3 131.18 -81.91 -87.59
CA ASP L 3 132.58 -81.84 -88.02
C ASP L 3 132.81 -81.19 -89.41
N LYS L 4 131.75 -80.71 -90.09
CA LYS L 4 131.88 -80.07 -91.42
C LYS L 4 132.24 -78.59 -91.36
N PHE L 5 131.98 -77.89 -90.24
CA PHE L 5 132.15 -76.45 -90.13
C PHE L 5 133.31 -76.09 -89.21
N ALA L 6 134.23 -75.25 -89.71
CA ALA L 6 135.19 -74.53 -88.88
C ALA L 6 134.48 -73.31 -88.27
N ALA L 7 134.50 -73.19 -86.95
CA ALA L 7 133.90 -72.09 -86.21
C ALA L 7 134.96 -71.09 -85.76
N LYS L 8 134.75 -69.81 -86.03
CA LYS L 8 135.63 -68.71 -85.61
C LYS L 8 134.88 -67.71 -84.75
N PHE L 9 135.24 -67.63 -83.48
CA PHE L 9 134.77 -66.55 -82.61
C PHE L 9 135.47 -65.24 -82.96
N VAL L 10 134.70 -64.17 -83.11
CA VAL L 10 135.16 -62.86 -83.58
C VAL L 10 134.84 -61.71 -82.63
N SER L 11 134.19 -61.99 -81.49
CA SER L 11 133.92 -61.00 -80.42
C SER L 11 133.02 -59.82 -80.83
N HIS L 12 132.19 -60.03 -81.85
CA HIS L 12 131.14 -59.12 -82.27
C HIS L 12 130.08 -59.89 -83.07
N LYS L 13 128.82 -59.48 -83.00
CA LYS L 13 127.73 -60.13 -83.73
C LYS L 13 127.89 -59.92 -85.22
N ILE L 14 127.58 -60.95 -86.01
CA ILE L 14 127.69 -60.90 -87.47
C ILE L 14 126.29 -60.81 -88.06
N SER L 15 125.99 -59.69 -88.71
CA SER L 15 124.70 -59.48 -89.38
C SER L 15 124.68 -60.06 -90.79
N ARG L 16 125.80 -60.00 -91.51
CA ARG L 16 125.89 -60.41 -92.93
C ARG L 16 127.19 -61.12 -93.25
N THR L 17 127.11 -62.14 -94.09
CA THR L 17 128.27 -62.85 -94.65
C THR L 17 128.09 -63.06 -96.14
N ARG L 18 129.09 -62.73 -96.96
CA ARG L 18 129.05 -62.94 -98.42
C ARG L 18 130.40 -63.42 -98.94
N TRP L 19 130.41 -64.43 -99.80
CA TRP L 19 131.58 -64.87 -100.53
C TRP L 19 131.98 -63.85 -101.59
N ARG L 20 133.29 -63.65 -101.75
CA ARG L 20 133.81 -62.95 -102.91
C ARG L 20 133.50 -63.78 -104.17
N PRO L 21 132.90 -63.19 -105.21
CA PRO L 21 132.63 -63.93 -106.44
C PRO L 21 133.94 -64.40 -107.09
N VAL L 22 133.99 -65.68 -107.46
CA VAL L 22 135.10 -66.25 -108.24
C VAL L 22 134.83 -66.12 -109.74
N SER L 23 135.88 -66.18 -110.56
CA SER L 23 135.66 -66.15 -112.02
C SER L 23 135.08 -67.49 -112.45
N ALA L 24 134.03 -67.46 -113.28
CA ALA L 24 133.45 -68.69 -113.84
C ALA L 24 134.46 -69.49 -114.69
N SER L 25 135.49 -68.83 -115.24
CA SER L 25 136.57 -69.50 -115.99
C SER L 25 137.66 -70.08 -115.09
N SER L 26 137.71 -69.71 -113.82
CA SER L 26 138.69 -70.24 -112.89
C SER L 26 138.15 -71.50 -112.22
N LEU L 27 138.97 -72.56 -112.17
CA LEU L 27 138.76 -73.71 -111.28
C LEU L 27 139.04 -73.37 -109.81
N GLN L 28 139.28 -72.09 -109.50
CA GLN L 28 139.58 -71.63 -108.15
C GLN L 28 138.32 -71.72 -107.29
N GLN L 29 138.48 -72.33 -106.11
CA GLN L 29 137.47 -72.27 -105.08
C GLN L 29 137.46 -70.88 -104.44
N PRO L 30 136.30 -70.39 -104.00
CA PRO L 30 136.24 -69.17 -103.20
C PRO L 30 137.00 -69.37 -101.88
N ASP L 31 137.92 -68.47 -101.62
CA ASP L 31 138.80 -68.44 -100.46
C ASP L 31 138.66 -67.15 -99.64
N VAL L 32 137.94 -66.16 -100.16
CA VAL L 32 137.73 -64.85 -99.53
C VAL L 32 136.25 -64.58 -99.35
N PHE L 33 135.87 -64.08 -98.19
CA PHE L 33 134.52 -63.59 -97.89
C PHE L 33 134.57 -62.29 -97.09
N ALA L 34 133.44 -61.58 -97.07
CA ALA L 34 133.26 -60.38 -96.28
C ALA L 34 132.19 -60.61 -95.21
N THR L 35 132.32 -59.89 -94.09
CA THR L 35 131.31 -59.86 -93.03
C THR L 35 130.95 -58.44 -92.62
N GLY L 36 129.70 -58.25 -92.22
CA GLY L 36 129.21 -57.03 -91.58
C GLY L 36 128.78 -57.32 -90.14
N SER L 37 128.95 -56.34 -89.26
CA SER L 37 128.52 -56.42 -87.86
C SER L 37 127.28 -55.58 -87.57
N TRP L 38 126.65 -55.86 -86.43
CA TRP L 38 125.53 -55.08 -85.89
C TRP L 38 125.51 -55.09 -84.36
N ASP L 39 124.83 -54.11 -83.76
CA ASP L 39 124.61 -54.05 -82.31
C ASP L 39 125.92 -54.00 -81.49
N ASN L 40 126.97 -53.45 -82.10
CA ASN L 40 128.25 -53.16 -81.45
C ASN L 40 128.46 -51.64 -81.29
N GLU L 41 129.25 -51.24 -80.29
CA GLU L 41 129.64 -49.83 -80.07
C GLU L 41 130.25 -49.20 -81.33
N GLU L 42 131.11 -49.95 -82.03
CA GLU L 42 131.62 -49.60 -83.34
C GLU L 42 131.42 -50.77 -84.31
N ASN L 43 130.46 -50.60 -85.23
CA ASN L 43 130.23 -51.58 -86.28
C ASN L 43 131.29 -51.49 -87.40
N LYS L 44 131.50 -52.60 -88.11
CA LYS L 44 132.55 -52.70 -89.13
C LYS L 44 132.20 -53.66 -90.26
N VAL L 45 132.88 -53.46 -91.38
CA VAL L 45 132.97 -54.42 -92.49
C VAL L 45 134.36 -55.05 -92.44
N CYS L 46 134.42 -56.37 -92.46
CA CYS L 46 135.66 -57.13 -92.42
C CYS L 46 135.80 -57.99 -93.69
N VAL L 47 137.02 -58.19 -94.17
CA VAL L 47 137.35 -59.16 -95.21
C VAL L 47 138.19 -60.27 -94.58
N TRP L 48 137.88 -61.50 -94.92
CA TRP L 48 138.46 -62.71 -94.36
C TRP L 48 138.96 -63.62 -95.48
N ALA L 49 140.06 -64.32 -95.21
CA ALA L 49 140.48 -65.45 -96.02
C ALA L 49 140.28 -66.75 -95.24
N THR L 50 139.73 -67.77 -95.88
CA THR L 50 139.84 -69.14 -95.41
C THR L 50 141.29 -69.59 -95.58
N SER L 51 141.88 -70.21 -94.56
CA SER L 51 143.26 -70.69 -94.68
C SER L 51 143.34 -71.88 -95.65
N ASP L 52 144.20 -71.79 -96.66
CA ASP L 52 144.68 -72.94 -97.44
C ASP L 52 146.17 -73.15 -97.14
N PHE L 53 146.49 -73.96 -96.13
CA PHE L 53 147.84 -74.51 -96.03
C PHE L 53 147.81 -75.98 -96.40
N GLY L 54 147.70 -76.23 -97.70
CA GLY L 54 148.29 -77.39 -98.39
C GLY L 54 148.34 -78.72 -97.63
N ALA L 55 147.26 -79.17 -97.01
CA ALA L 55 147.19 -80.51 -96.43
C ALA L 55 147.06 -81.53 -97.56
N THR L 56 148.23 -81.94 -98.07
CA THR L 56 148.48 -83.17 -98.83
C THR L 56 148.21 -84.45 -98.02
N SER L 57 147.53 -84.39 -96.88
CA SER L 57 147.07 -85.54 -96.12
C SER L 57 145.56 -85.68 -96.31
N LEU L 58 145.14 -86.74 -97.02
CA LEU L 58 143.73 -87.08 -97.25
C LEU L 58 142.95 -87.41 -95.96
N ASP L 59 143.64 -87.48 -94.81
CA ASP L 59 143.08 -87.99 -93.56
C ASP L 59 143.16 -87.02 -92.37
N GLU L 60 143.53 -85.74 -92.58
CA GLU L 60 143.52 -84.75 -91.49
C GLU L 60 142.28 -83.84 -91.56
N GLU L 61 141.49 -83.92 -90.50
CA GLU L 61 140.30 -83.12 -90.19
C GLU L 61 140.58 -81.62 -90.38
N TYR L 62 139.71 -80.93 -91.11
CA TYR L 62 139.93 -79.54 -91.50
C TYR L 62 139.79 -78.62 -90.28
N GLN L 63 140.91 -78.03 -89.82
CA GLN L 63 140.92 -77.04 -88.75
C GLN L 63 141.51 -75.69 -89.23
N GLY L 64 141.14 -75.29 -90.45
CA GLY L 64 141.54 -74.02 -91.03
C GLY L 64 140.67 -72.86 -90.55
N ASP L 65 141.04 -72.22 -89.45
CA ASP L 65 140.39 -71.01 -88.95
C ASP L 65 140.45 -69.86 -90.00
N PRO L 66 139.30 -69.24 -90.35
CA PRO L 66 139.30 -68.00 -91.12
C PRO L 66 140.17 -66.92 -90.48
N LYS L 67 140.97 -66.24 -91.31
CA LYS L 67 141.86 -65.15 -90.91
C LYS L 67 141.34 -63.83 -91.44
N GLN L 68 141.15 -62.86 -90.54
CA GLN L 68 140.82 -61.48 -90.94
C GLN L 68 142.00 -60.89 -91.72
N LEU L 69 141.73 -60.40 -92.92
CA LEU L 69 142.70 -59.69 -93.76
C LEU L 69 142.74 -58.21 -93.41
N CYS L 70 141.55 -57.60 -93.32
CA CYS L 70 141.39 -56.18 -93.01
C CYS L 70 139.95 -55.85 -92.61
N ASP L 71 139.76 -54.64 -92.09
CA ASP L 71 138.46 -54.11 -91.72
C ASP L 71 138.37 -52.60 -91.95
N ILE L 72 137.15 -52.07 -91.90
CA ILE L 72 136.85 -50.64 -91.90
C ILE L 72 135.62 -50.37 -91.03
N LYS L 73 135.65 -49.26 -90.29
CA LYS L 73 134.50 -48.80 -89.51
C LYS L 73 133.30 -48.52 -90.41
N HIS L 74 132.13 -48.95 -89.95
CA HIS L 74 130.85 -48.78 -90.61
C HIS L 74 129.91 -47.95 -89.72
N PRO L 75 129.43 -46.78 -90.18
CA PRO L 75 128.47 -45.99 -89.41
C PRO L 75 127.12 -46.72 -89.29
N GLY L 76 126.73 -47.05 -88.06
CA GLY L 76 125.54 -47.86 -87.78
C GLY L 76 125.69 -49.32 -88.19
N ASP L 77 124.63 -50.08 -88.02
CA ASP L 77 124.61 -51.51 -88.30
C ASP L 77 124.69 -51.79 -89.80
N VAL L 78 125.39 -52.86 -90.16
CA VAL L 78 125.37 -53.37 -91.53
C VAL L 78 124.08 -54.17 -91.70
N MET L 79 123.06 -53.55 -92.29
CA MET L 79 121.73 -54.14 -92.48
C MET L 79 121.67 -55.10 -93.65
N ASP L 80 122.46 -54.84 -94.70
CA ASP L 80 122.65 -55.77 -95.80
C ASP L 80 123.99 -55.56 -96.49
N MET L 81 124.50 -56.59 -97.15
CA MET L 81 125.80 -56.60 -97.81
C MET L 81 125.77 -57.47 -99.07
N GLN L 82 126.38 -56.99 -100.14
CA GLN L 82 126.62 -57.75 -101.36
C GLN L 82 127.96 -57.37 -101.98
N PHE L 83 128.62 -58.31 -102.65
CA PHE L 83 129.69 -57.95 -103.58
C PHE L 83 129.09 -57.41 -104.87
N LEU L 84 129.56 -56.23 -105.30
CA LEU L 84 129.26 -55.70 -106.62
C LEU L 84 130.13 -56.37 -107.69
N ASP L 85 131.38 -56.64 -107.34
CA ASP L 85 132.37 -57.36 -108.13
C ASP L 85 133.48 -57.86 -107.19
N LYS L 86 134.61 -58.33 -107.72
CA LYS L 86 135.71 -58.89 -106.92
C LYS L 86 136.36 -57.89 -105.96
N GLU L 87 136.31 -56.61 -106.28
CA GLU L 87 137.02 -55.55 -105.53
C GLU L 87 136.07 -54.70 -104.69
N ARG L 88 134.76 -54.73 -104.97
CA ARG L 88 133.79 -53.80 -104.39
C ARG L 88 132.68 -54.50 -103.61
N ILE L 89 132.45 -54.02 -102.40
CA ILE L 89 131.41 -54.47 -101.47
C ILE L 89 130.43 -53.32 -101.28
N VAL L 90 129.14 -53.59 -101.41
CA VAL L 90 128.05 -52.62 -101.19
C VAL L 90 127.37 -52.97 -99.87
N THR L 91 127.03 -51.96 -99.10
CA THR L 91 126.37 -52.08 -97.80
C THR L 91 125.18 -51.15 -97.68
N GLY L 92 124.11 -51.65 -97.07
CA GLY L 92 123.02 -50.84 -96.51
C GLY L 92 123.23 -50.65 -95.01
N SER L 93 123.00 -49.43 -94.51
CA SER L 93 123.21 -49.06 -93.11
C SER L 93 121.89 -48.77 -92.39
N SER L 94 121.84 -49.03 -91.08
CA SER L 94 120.74 -48.57 -90.21
C SER L 94 120.61 -47.03 -90.15
N THR L 95 121.62 -46.30 -90.62
CA THR L 95 121.57 -44.85 -90.82
C THR L 95 120.87 -44.41 -92.11
N GLY L 96 120.41 -45.34 -92.95
CA GLY L 96 119.83 -45.05 -94.27
C GLY L 96 120.84 -44.80 -95.39
N THR L 97 122.13 -44.96 -95.08
CA THR L 97 123.23 -44.76 -96.04
C THR L 97 123.46 -46.03 -96.87
N VAL L 98 123.68 -45.88 -98.17
CA VAL L 98 124.27 -46.92 -99.03
C VAL L 98 125.74 -46.59 -99.27
N THR L 99 126.66 -47.52 -98.99
CA THR L 99 128.11 -47.32 -99.18
C THR L 99 128.72 -48.40 -100.04
N ILE L 100 129.56 -48.01 -101.00
CA ILE L 100 130.48 -48.89 -101.72
C ILE L 100 131.85 -48.79 -101.08
N PHE L 101 132.36 -49.91 -100.60
CA PHE L 101 133.75 -50.07 -100.18
C PHE L 101 134.57 -50.73 -101.29
N ARG L 102 135.80 -50.29 -101.49
CA ARG L 102 136.80 -50.97 -102.32
C ARG L 102 137.82 -51.68 -101.43
N HIS L 103 138.02 -52.96 -101.68
CA HIS L 103 139.11 -53.76 -101.12
C HIS L 103 140.36 -53.63 -102.01
N HIS L 104 141.47 -53.25 -101.37
CA HIS L 104 142.78 -53.16 -102.00
C HIS L 104 143.60 -54.39 -101.59
N GLU L 105 143.61 -55.42 -102.44
CA GLU L 105 144.29 -56.69 -102.12
C GLU L 105 145.80 -56.51 -101.85
N ASN L 106 146.46 -55.60 -102.58
CA ASN L 106 147.91 -55.39 -102.51
C ASN L 106 148.42 -54.99 -101.12
N ASN L 107 147.60 -54.25 -100.35
CA ASN L 107 147.96 -53.79 -99.01
C ASN L 107 146.98 -54.28 -97.94
N GLN L 108 146.00 -55.10 -98.30
CA GLN L 108 144.92 -55.59 -97.44
C GLN L 108 144.29 -54.43 -96.67
N THR L 109 143.67 -53.50 -97.40
CA THR L 109 142.90 -52.39 -96.80
C THR L 109 141.53 -52.25 -97.46
N LEU L 110 140.60 -51.65 -96.74
CA LEU L 110 139.32 -51.19 -97.28
C LEU L 110 139.31 -49.67 -97.34
N SER L 111 138.63 -49.13 -98.34
CA SER L 111 138.41 -47.68 -98.47
C SER L 111 136.98 -47.42 -98.93
N VAL L 112 136.43 -46.27 -98.55
CA VAL L 112 135.15 -45.82 -99.11
C VAL L 112 135.37 -45.43 -100.57
N ASN L 113 134.71 -46.14 -101.49
CA ASN L 113 134.72 -45.83 -102.91
C ASN L 113 133.63 -44.82 -103.27
N GLN L 114 132.41 -45.00 -102.75
CA GLN L 114 131.30 -44.08 -102.91
C GLN L 114 130.26 -44.23 -101.79
N ARG L 115 129.46 -43.19 -101.54
CA ARG L 115 128.44 -43.17 -100.50
C ARG L 115 127.25 -42.30 -100.89
N TRP L 116 126.05 -42.77 -100.58
CA TRP L 116 124.80 -42.02 -100.65
C TRP L 116 124.22 -41.89 -99.23
N GLU L 117 124.51 -40.78 -98.55
CA GLU L 117 124.21 -40.59 -97.11
C GLU L 117 122.73 -40.40 -96.77
N GLN L 118 121.91 -40.07 -97.77
CA GLN L 118 120.46 -39.92 -97.64
C GLN L 118 119.74 -40.78 -98.67
N ALA L 119 120.20 -42.02 -98.87
CA ALA L 119 119.46 -42.95 -99.71
C ALA L 119 118.06 -43.22 -99.13
N HIS L 120 117.97 -43.43 -97.81
CA HIS L 120 116.68 -43.67 -97.12
C HIS L 120 116.40 -42.65 -96.01
N TYR L 121 115.20 -42.08 -96.06
CA TYR L 121 114.70 -41.08 -95.11
C TYR L 121 113.16 -40.96 -95.18
N HIS L 122 112.52 -40.59 -94.09
CA HIS L 122 111.07 -40.34 -94.07
C HIS L 122 110.73 -38.98 -94.69
N VAL L 123 109.88 -39.00 -95.72
CA VAL L 123 109.34 -37.80 -96.38
C VAL L 123 108.68 -36.87 -95.34
N GLY L 124 108.94 -35.56 -95.47
CA GLY L 124 108.34 -34.53 -94.62
C GLY L 124 109.14 -34.21 -93.35
N SER L 125 109.72 -35.21 -92.68
CA SER L 125 110.59 -34.97 -91.52
C SER L 125 112.07 -34.86 -91.89
N ASN L 126 112.47 -35.41 -93.05
CA ASN L 126 113.87 -35.58 -93.46
C ASN L 126 114.73 -36.35 -92.43
N MET L 127 114.08 -37.11 -91.54
CA MET L 127 114.76 -38.00 -90.62
C MET L 127 115.23 -39.24 -91.37
N ARG L 128 116.47 -39.66 -91.10
CA ARG L 128 117.06 -40.87 -91.68
C ARG L 128 116.21 -42.09 -91.33
N ALA L 129 116.08 -43.00 -92.29
CA ALA L 129 115.39 -44.28 -92.13
C ALA L 129 116.34 -45.41 -92.54
N PRO L 130 116.38 -46.55 -91.84
CA PRO L 130 117.26 -47.67 -92.20
C PRO L 130 117.12 -48.13 -93.66
N CYS L 131 118.27 -48.36 -94.30
CA CYS L 131 118.37 -49.10 -95.56
C CYS L 131 118.42 -50.59 -95.18
N THR L 132 117.33 -51.31 -95.43
CA THR L 132 117.11 -52.66 -94.89
C THR L 132 117.65 -53.76 -95.79
N ALA L 133 117.64 -53.55 -97.11
CA ALA L 133 118.18 -54.51 -98.07
C ALA L 133 118.72 -53.83 -99.32
N ILE L 134 119.72 -54.48 -99.92
CA ILE L 134 120.37 -54.07 -101.16
C ILE L 134 120.59 -55.26 -102.08
N VAL L 135 120.53 -55.03 -103.39
CA VAL L 135 120.89 -56.04 -104.39
C VAL L 135 121.75 -55.43 -105.49
N CYS L 136 122.72 -56.21 -105.98
CA CYS L 136 123.66 -55.78 -107.01
C CYS L 136 123.48 -56.59 -108.30
N SER L 137 123.53 -55.89 -109.44
CA SER L 137 123.69 -56.46 -110.78
C SER L 137 124.64 -55.54 -111.53
N SER L 138 125.94 -55.72 -111.29
CA SER L 138 126.99 -54.77 -111.70
C SER L 138 126.79 -54.18 -113.10
N PRO L 139 126.83 -52.84 -113.26
CA PRO L 139 127.14 -51.82 -112.25
C PRO L 139 125.92 -51.29 -111.46
N GLU L 140 124.75 -51.89 -111.65
CA GLU L 140 123.49 -51.43 -111.04
C GLU L 140 123.36 -51.92 -109.58
N ILE L 141 122.84 -51.04 -108.73
CA ILE L 141 122.55 -51.29 -107.32
C ILE L 141 121.12 -50.84 -107.06
N VAL L 142 120.36 -51.65 -106.35
CA VAL L 142 119.04 -51.27 -105.84
C VAL L 142 119.04 -51.38 -104.32
N SER L 143 118.43 -50.41 -103.63
CA SER L 143 118.20 -50.48 -102.19
C SER L 143 116.73 -50.25 -101.84
N VAL L 144 116.33 -50.82 -100.71
CA VAL L 144 115.02 -50.64 -100.07
C VAL L 144 115.19 -50.31 -98.59
N GLY L 145 114.17 -49.74 -97.97
CA GLY L 145 114.25 -49.29 -96.59
C GLY L 145 112.94 -49.27 -95.82
N GLU L 146 113.03 -48.89 -94.55
CA GLU L 146 111.88 -48.70 -93.65
C GLU L 146 111.00 -47.50 -94.03
N ASP L 147 111.52 -46.60 -94.85
CA ASP L 147 110.77 -45.51 -95.45
C ASP L 147 109.87 -45.95 -96.62
N GLY L 148 109.86 -47.24 -96.97
CA GLY L 148 109.04 -47.77 -98.05
C GLY L 148 109.50 -47.33 -99.44
N ARG L 149 110.75 -46.86 -99.58
CA ARG L 149 111.30 -46.38 -100.85
C ARG L 149 112.16 -47.41 -101.55
N ILE L 150 112.19 -47.33 -102.88
CA ILE L 150 113.11 -48.09 -103.72
C ILE L 150 114.05 -47.11 -104.41
N ASN L 151 115.36 -47.26 -104.22
CA ASN L 151 116.37 -46.43 -104.88
C ASN L 151 117.20 -47.26 -105.86
N CYS L 152 117.47 -46.70 -107.03
CA CYS L 152 118.35 -47.27 -108.04
C CYS L 152 119.59 -46.39 -108.18
N PHE L 153 120.76 -47.02 -108.12
CA PHE L 153 122.06 -46.38 -108.26
C PHE L 153 122.87 -47.11 -109.32
N ARG L 154 123.87 -46.39 -109.84
CA ARG L 154 124.98 -47.00 -110.57
C ARG L 154 126.26 -46.68 -109.84
N ALA L 155 127.15 -47.64 -109.70
CA ALA L 155 128.31 -47.55 -108.82
C ALA L 155 129.23 -46.34 -109.09
N GLU L 156 129.25 -45.86 -110.32
CA GLU L 156 130.07 -44.74 -110.80
C GLU L 156 129.30 -43.40 -110.80
N SER L 157 127.99 -43.42 -110.56
CA SER L 157 127.13 -42.23 -110.53
C SER L 157 127.01 -41.70 -109.11
N ARG L 158 127.39 -40.45 -108.87
CA ARG L 158 127.26 -39.83 -107.53
C ARG L 158 125.80 -39.61 -107.13
N ASP L 159 124.93 -39.38 -108.10
CA ASP L 159 123.52 -39.15 -107.86
C ASP L 159 122.73 -40.45 -107.94
N VAL L 160 121.62 -40.51 -107.20
CA VAL L 160 120.62 -41.57 -107.32
C VAL L 160 120.01 -41.47 -108.72
N LEU L 161 120.00 -42.58 -109.47
CA LEU L 161 119.49 -42.58 -110.84
C LEU L 161 117.97 -42.48 -110.87
N ARG L 162 117.32 -43.17 -109.93
CA ARG L 162 115.87 -43.17 -109.77
C ARG L 162 115.50 -43.49 -108.34
N THR L 163 114.50 -42.79 -107.83
CA THR L 163 113.79 -43.14 -106.59
C THR L 163 112.34 -43.42 -106.93
N ILE L 164 111.80 -44.50 -106.38
CA ILE L 164 110.37 -44.77 -106.33
C ILE L 164 109.92 -44.35 -104.92
N ASP L 165 109.46 -43.12 -104.82
CA ASP L 165 108.86 -42.59 -103.59
C ASP L 165 107.50 -43.25 -103.33
N ASP L 166 107.19 -43.45 -102.04
CA ASP L 166 105.95 -44.09 -101.59
C ASP L 166 105.67 -45.44 -102.28
N ALA L 167 106.72 -46.19 -102.64
CA ALA L 167 106.58 -47.50 -103.28
C ALA L 167 105.80 -48.46 -102.35
N ASP L 168 106.12 -48.42 -101.06
CA ASP L 168 105.36 -49.13 -100.05
C ASP L 168 104.99 -48.20 -98.90
N SER L 169 103.81 -48.42 -98.30
CA SER L 169 103.40 -47.73 -97.08
C SER L 169 103.90 -48.43 -95.81
N SER L 170 104.69 -49.49 -95.99
CA SER L 170 105.22 -50.36 -94.94
C SER L 170 106.72 -50.59 -95.15
N THR L 171 107.40 -51.07 -94.11
CA THR L 171 108.82 -51.45 -94.20
C THR L 171 109.02 -52.53 -95.26
N MET L 172 109.94 -52.30 -96.19
CA MET L 172 110.45 -53.35 -97.07
C MET L 172 111.64 -54.02 -96.39
N HIS L 173 111.68 -55.36 -96.37
CA HIS L 173 112.72 -56.13 -95.68
C HIS L 173 113.75 -56.75 -96.62
N GLY L 174 113.36 -57.06 -97.86
CA GLY L 174 114.22 -57.76 -98.81
C GLY L 174 113.97 -57.32 -100.25
N VAL L 175 114.99 -57.43 -101.08
CA VAL L 175 114.93 -57.12 -102.51
C VAL L 175 115.81 -58.08 -103.31
N THR L 176 115.33 -58.53 -104.48
CA THR L 176 116.14 -59.31 -105.43
C THR L 176 115.81 -58.95 -106.87
N PHE L 177 116.73 -59.17 -107.81
CA PHE L 177 116.45 -59.02 -109.23
C PHE L 177 115.70 -60.23 -109.77
N LEU L 178 114.49 -60.02 -110.30
CA LEU L 178 113.80 -61.01 -111.13
C LEU L 178 114.49 -61.12 -112.50
N ARG L 179 114.77 -59.96 -113.11
CA ARG L 179 115.46 -59.78 -114.39
C ARG L 179 116.29 -58.50 -114.31
N THR L 180 117.05 -58.18 -115.36
CA THR L 180 117.88 -56.97 -115.41
C THR L 180 117.13 -55.68 -115.09
N THR L 181 115.83 -55.60 -115.40
CA THR L 181 115.01 -54.39 -115.17
C THR L 181 113.79 -54.63 -114.31
N GLU L 182 113.73 -55.78 -113.65
CA GLU L 182 112.61 -56.13 -112.78
C GLU L 182 113.15 -56.64 -111.46
N ILE L 183 112.60 -56.13 -110.37
CA ILE L 183 112.94 -56.55 -109.02
C ILE L 183 111.71 -57.09 -108.30
N LEU L 184 111.96 -57.90 -107.30
CA LEU L 184 110.99 -58.33 -106.31
C LEU L 184 111.34 -57.71 -104.96
N THR L 185 110.34 -57.25 -104.22
CA THR L 185 110.50 -56.82 -102.83
C THR L 185 109.56 -57.58 -101.91
N VAL L 186 109.97 -57.73 -100.65
CA VAL L 186 109.14 -58.29 -99.57
C VAL L 186 109.00 -57.29 -98.43
N ASN L 187 107.87 -57.31 -97.71
CA ASN L 187 107.53 -56.26 -96.74
C ASN L 187 106.91 -56.78 -95.43
N SER L 188 106.69 -55.86 -94.49
CA SER L 188 106.17 -56.15 -93.15
C SER L 188 104.67 -56.50 -93.09
N VAL L 189 103.99 -56.55 -94.23
CA VAL L 189 102.57 -56.96 -94.32
C VAL L 189 102.38 -58.23 -95.13
N GLY L 190 103.44 -59.00 -95.34
CA GLY L 190 103.39 -60.32 -95.96
C GLY L 190 103.12 -60.30 -97.47
N GLN L 191 103.62 -59.27 -98.15
CA GLN L 191 103.49 -59.17 -99.60
C GLN L 191 104.84 -59.34 -100.29
N LEU L 192 104.84 -60.08 -101.39
CA LEU L 192 105.87 -60.07 -102.40
C LEU L 192 105.38 -59.15 -103.53
N LYS L 193 106.18 -58.17 -103.96
CA LYS L 193 105.81 -57.21 -105.00
C LYS L 193 106.80 -57.22 -106.15
N LEU L 194 106.30 -57.24 -107.38
CA LEU L 194 107.09 -57.15 -108.60
C LEU L 194 107.09 -55.72 -109.13
N TRP L 195 108.27 -55.21 -109.47
CA TRP L 195 108.47 -53.85 -109.96
C TRP L 195 109.19 -53.88 -111.30
N ASP L 196 108.70 -53.11 -112.27
CA ASP L 196 109.45 -52.79 -113.48
C ASP L 196 110.17 -51.45 -113.26
N LEU L 197 111.50 -51.47 -113.24
CA LEU L 197 112.33 -50.30 -112.98
C LEU L 197 112.26 -49.26 -114.10
N ARG L 198 111.78 -49.63 -115.30
CA ARG L 198 111.58 -48.73 -116.45
C ARG L 198 110.22 -48.03 -116.44
N LYS L 199 109.26 -48.57 -115.68
CA LYS L 199 107.93 -47.98 -115.54
C LYS L 199 108.07 -46.64 -114.80
N GLN L 200 107.52 -45.57 -115.38
CA GLN L 200 107.60 -44.22 -114.81
C GLN L 200 106.74 -44.03 -113.56
N GLY L 201 105.75 -44.91 -113.32
CA GLY L 201 104.89 -44.85 -112.14
C GLY L 201 105.51 -45.50 -110.90
N ASN L 202 104.88 -45.25 -109.76
CA ASN L 202 105.30 -45.76 -108.44
C ASN L 202 104.52 -46.99 -107.99
N ASP L 203 103.59 -47.49 -108.82
CA ASP L 203 102.83 -48.70 -108.50
C ASP L 203 103.57 -49.97 -108.92
N PRO L 204 103.55 -51.03 -108.08
CA PRO L 204 104.06 -52.34 -108.46
C PRO L 204 103.32 -52.89 -109.67
N THR L 205 104.00 -53.70 -110.48
CA THR L 205 103.41 -54.42 -111.62
C THR L 205 102.52 -55.56 -111.15
N GLN L 206 102.95 -56.28 -110.11
CA GLN L 206 102.17 -57.36 -109.49
C GLN L 206 102.38 -57.39 -107.97
N ILE L 207 101.39 -57.93 -107.27
CA ILE L 207 101.42 -58.15 -105.81
C ILE L 207 100.96 -59.58 -105.55
N PHE L 208 101.76 -60.31 -104.77
CA PHE L 208 101.54 -61.69 -104.35
C PHE L 208 101.44 -61.74 -102.83
N SER L 209 100.62 -62.63 -102.29
CA SER L 209 100.48 -62.84 -100.84
C SER L 209 99.82 -64.17 -100.54
N VAL L 210 100.03 -64.68 -99.32
CA VAL L 210 99.30 -65.85 -98.80
C VAL L 210 97.81 -65.55 -98.55
N THR L 211 96.97 -66.58 -98.48
CA THR L 211 95.53 -66.43 -98.20
C THR L 211 95.31 -66.49 -96.71
N GLY L 212 94.53 -65.55 -96.17
CA GLY L 212 94.21 -65.51 -94.75
C GLY L 212 95.08 -64.50 -94.01
N GLU L 213 95.63 -64.90 -92.86
CA GLU L 213 96.48 -64.06 -92.04
C GLU L 213 97.84 -63.84 -92.74
N ARG L 214 98.27 -62.57 -92.80
CA ARG L 214 99.54 -62.20 -93.42
C ARG L 214 100.55 -61.92 -92.32
N VAL L 215 101.71 -62.55 -92.45
CA VAL L 215 102.87 -62.34 -91.59
C VAL L 215 103.96 -61.62 -92.38
N PRO L 216 104.82 -60.81 -91.75
CA PRO L 216 105.97 -60.19 -92.41
C PRO L 216 106.81 -61.21 -93.20
N LEU L 217 107.24 -60.81 -94.39
CA LEU L 217 108.25 -61.53 -95.18
C LEU L 217 109.60 -60.81 -95.02
N HIS L 218 110.63 -61.54 -94.61
CA HIS L 218 111.95 -60.99 -94.30
C HIS L 218 112.95 -61.17 -95.45
N CYS L 219 112.88 -62.30 -96.15
CA CYS L 219 113.84 -62.62 -97.20
C CYS L 219 113.19 -63.11 -98.48
N VAL L 220 113.92 -62.95 -99.58
CA VAL L 220 113.50 -63.35 -100.93
C VAL L 220 114.74 -63.72 -101.75
N ASP L 221 114.65 -64.83 -102.46
CA ASP L 221 115.64 -65.19 -103.47
C ASP L 221 114.98 -65.78 -104.72
N ARG L 222 115.64 -65.63 -105.86
CA ARG L 222 115.16 -66.07 -107.16
C ARG L 222 116.01 -67.23 -107.64
N HIS L 223 115.33 -68.30 -108.06
CA HIS L 223 116.00 -69.43 -108.68
C HIS L 223 116.91 -68.97 -109.85
N PRO L 224 118.19 -69.39 -109.91
CA PRO L 224 119.17 -68.82 -110.83
C PRO L 224 118.85 -69.10 -112.31
N ASN L 225 118.42 -70.33 -112.62
CA ASN L 225 118.09 -70.75 -113.99
C ASN L 225 116.62 -70.60 -114.39
N GLN L 226 115.72 -70.41 -113.42
CA GLN L 226 114.27 -70.41 -113.62
C GLN L 226 113.69 -69.13 -113.04
N GLN L 227 113.80 -68.04 -113.80
CA GLN L 227 113.49 -66.70 -113.29
C GLN L 227 112.07 -66.54 -112.71
N HIS L 228 111.13 -67.41 -113.05
CA HIS L 228 109.77 -67.33 -112.53
C HIS L 228 109.60 -67.99 -111.16
N VAL L 229 110.59 -68.76 -110.69
CA VAL L 229 110.57 -69.45 -109.40
C VAL L 229 111.26 -68.57 -108.36
N VAL L 230 110.55 -68.30 -107.28
CA VAL L 230 111.00 -67.42 -106.19
C VAL L 230 110.76 -68.14 -104.88
N ALA L 231 111.69 -68.02 -103.95
CA ALA L 231 111.54 -68.45 -102.57
C ALA L 231 111.46 -67.21 -101.67
N THR L 232 110.62 -67.27 -100.63
CA THR L 232 110.57 -66.24 -99.58
C THR L 232 110.50 -66.90 -98.21
N GLY L 233 111.06 -66.22 -97.21
CA GLY L 233 110.95 -66.57 -95.79
C GLY L 233 110.39 -65.42 -94.98
N GLY L 234 109.69 -65.72 -93.89
CA GLY L 234 108.97 -64.73 -93.09
C GLY L 234 109.09 -64.92 -91.59
N GLN L 235 108.27 -64.14 -90.88
CA GLN L 235 108.27 -64.08 -89.43
C GLN L 235 107.83 -65.39 -88.76
N ASP L 236 106.97 -66.15 -89.41
CA ASP L 236 106.47 -67.45 -88.92
C ASP L 236 107.42 -68.62 -89.22
N GLY L 237 108.62 -68.36 -89.72
CA GLY L 237 109.60 -69.38 -90.07
C GLY L 237 109.23 -70.21 -91.30
N MET L 238 108.21 -69.82 -92.07
CA MET L 238 107.74 -70.60 -93.21
C MET L 238 108.55 -70.30 -94.48
N LEU L 239 108.88 -71.36 -95.24
CA LEU L 239 109.42 -71.26 -96.59
C LEU L 239 108.27 -71.27 -97.61
N CYS L 240 108.10 -70.19 -98.36
CA CYS L 240 107.13 -70.09 -99.44
C CYS L 240 107.82 -70.18 -100.79
N ILE L 241 107.30 -71.02 -101.70
CA ILE L 241 107.73 -71.09 -103.09
C ILE L 241 106.65 -70.51 -103.99
N TRP L 242 107.04 -69.62 -104.91
CA TRP L 242 106.14 -68.90 -105.81
C TRP L 242 106.50 -69.19 -107.27
N ASP L 243 105.49 -69.31 -108.14
CA ASP L 243 105.66 -69.10 -109.58
C ASP L 243 105.04 -67.75 -109.95
N VAL L 244 105.87 -66.73 -110.18
CA VAL L 244 105.40 -65.34 -110.41
C VAL L 244 104.68 -65.15 -111.76
N ARG L 245 104.55 -66.20 -112.57
CA ARG L 245 103.71 -66.20 -113.78
C ARG L 245 102.32 -66.79 -113.52
N HIS L 246 102.19 -67.63 -112.50
CA HIS L 246 101.01 -68.47 -112.28
C HIS L 246 100.33 -68.12 -110.96
N GLY L 247 99.41 -67.16 -111.04
CA GLY L 247 98.60 -66.75 -109.89
C GLY L 247 99.29 -65.75 -108.97
N LYS L 248 98.60 -65.38 -107.89
CA LYS L 248 99.07 -64.41 -106.88
C LYS L 248 99.36 -65.06 -105.52
N MET L 249 99.27 -66.39 -105.47
CA MET L 249 99.39 -67.22 -104.28
C MET L 249 100.67 -68.04 -104.36
N PRO L 250 101.27 -68.46 -103.23
CA PRO L 250 102.39 -69.38 -103.29
C PRO L 250 101.94 -70.74 -103.84
N MET L 251 102.85 -71.41 -104.53
CA MET L 251 102.70 -72.77 -105.04
C MET L 251 102.92 -73.80 -103.93
N SER L 252 103.82 -73.51 -103.01
CA SER L 252 104.11 -74.36 -101.85
C SER L 252 104.39 -73.50 -100.62
N LEU L 253 104.02 -74.04 -99.46
CA LEU L 253 104.23 -73.46 -98.14
C LEU L 253 104.74 -74.58 -97.23
N LEU L 254 105.98 -74.45 -96.76
CA LEU L 254 106.72 -75.49 -96.05
C LEU L 254 107.12 -74.99 -94.66
N ASN L 255 106.89 -75.80 -93.63
CA ASN L 255 107.44 -75.53 -92.30
C ASN L 255 108.95 -75.69 -92.35
N ALA L 256 109.67 -74.58 -92.14
CA ALA L 256 111.12 -74.53 -92.26
C ALA L 256 111.79 -74.24 -90.92
N HIS L 257 111.30 -73.30 -90.12
CA HIS L 257 111.93 -72.90 -88.86
C HIS L 257 110.88 -72.65 -87.78
N GLU L 258 111.31 -72.65 -86.52
CA GLU L 258 110.43 -72.39 -85.36
C GLU L 258 110.37 -70.90 -84.98
N ALA L 259 111.12 -70.05 -85.67
CA ALA L 259 111.17 -68.60 -85.51
C ALA L 259 111.43 -67.88 -86.85
N GLU L 260 111.63 -66.56 -86.82
CA GLU L 260 111.85 -65.72 -88.00
C GLU L 260 112.92 -66.31 -88.95
N MET L 261 112.61 -66.42 -90.24
CA MET L 261 113.58 -66.83 -91.26
C MET L 261 114.31 -65.61 -91.83
N TRP L 262 115.61 -65.53 -91.61
CA TRP L 262 116.42 -64.36 -91.97
C TRP L 262 116.89 -64.34 -93.41
N GLU L 263 117.35 -65.48 -93.92
CA GLU L 263 117.79 -65.59 -95.31
C GLU L 263 117.35 -66.92 -95.93
N VAL L 264 117.10 -66.86 -97.24
CA VAL L 264 116.89 -68.01 -98.12
C VAL L 264 117.76 -67.80 -99.35
N HIS L 265 118.50 -68.83 -99.77
CA HIS L 265 119.31 -68.78 -100.99
C HIS L 265 119.25 -70.11 -101.73
N PHE L 266 118.93 -70.06 -103.03
CA PHE L 266 119.20 -71.17 -103.92
C PHE L 266 120.70 -71.32 -104.13
N HIS L 267 121.18 -72.55 -104.28
CA HIS L 267 122.55 -72.76 -104.66
C HIS L 267 122.80 -72.23 -106.10
N PRO L 268 123.75 -71.29 -106.32
CA PRO L 268 123.88 -70.60 -107.60
C PRO L 268 124.11 -71.50 -108.81
N SER L 269 124.89 -72.57 -108.65
CA SER L 269 125.26 -73.49 -109.73
C SER L 269 124.60 -74.88 -109.64
N ASN L 270 123.85 -75.16 -108.59
CA ASN L 270 123.22 -76.46 -108.36
C ASN L 270 121.84 -76.26 -107.68
N PRO L 271 120.89 -75.62 -108.37
CA PRO L 271 119.70 -75.06 -107.74
C PRO L 271 118.64 -76.09 -107.32
N ASP L 272 118.93 -77.38 -107.42
CA ASP L 272 118.19 -78.42 -106.72
C ASP L 272 118.43 -78.36 -105.20
N HIS L 273 119.42 -77.57 -104.76
CA HIS L 273 119.70 -77.28 -103.36
C HIS L 273 119.31 -75.84 -103.00
N LEU L 274 118.73 -75.66 -101.82
CA LEU L 274 118.36 -74.39 -101.22
C LEU L 274 118.79 -74.37 -99.75
N PHE L 275 119.12 -73.20 -99.22
CA PHE L 275 119.58 -73.01 -97.85
C PHE L 275 118.76 -71.93 -97.16
N THR L 276 118.44 -72.15 -95.88
CA THR L 276 117.71 -71.18 -95.06
C THR L 276 118.35 -71.05 -93.69
N CYS L 277 118.31 -69.86 -93.10
CA CYS L 277 118.74 -69.63 -91.72
C CYS L 277 117.71 -68.82 -90.92
N SER L 278 117.75 -68.94 -89.59
CA SER L 278 116.70 -68.41 -88.72
C SER L 278 117.21 -67.89 -87.39
N GLU L 279 116.36 -67.08 -86.76
CA GLU L 279 116.41 -66.66 -85.37
C GLU L 279 116.48 -67.84 -84.39
N ASP L 280 115.92 -69.00 -84.75
CA ASP L 280 115.95 -70.21 -83.91
C ASP L 280 117.34 -70.85 -83.76
N GLY L 281 118.36 -70.28 -84.42
CA GLY L 281 119.74 -70.76 -84.37
C GLY L 281 120.02 -71.93 -85.31
N SER L 282 119.16 -72.18 -86.30
CA SER L 282 119.36 -73.26 -87.26
C SER L 282 119.73 -72.77 -88.66
N LEU L 283 120.45 -73.63 -89.38
CA LEU L 283 120.83 -73.47 -90.77
C LEU L 283 120.45 -74.74 -91.52
N TRP L 284 119.45 -74.67 -92.39
CA TRP L 284 118.92 -75.84 -93.06
C TRP L 284 119.38 -75.91 -94.50
N HIS L 285 119.69 -77.12 -94.94
CA HIS L 285 119.89 -77.50 -96.32
C HIS L 285 118.67 -78.30 -96.79
N TRP L 286 118.07 -77.83 -97.88
CA TRP L 286 116.96 -78.44 -98.58
C TRP L 286 117.47 -79.03 -99.89
N ASP L 287 117.24 -80.32 -100.11
CA ASP L 287 117.65 -81.05 -101.29
C ASP L 287 116.42 -81.59 -102.04
N ALA L 288 116.21 -81.08 -103.25
CA ALA L 288 115.15 -81.47 -104.15
C ALA L 288 115.63 -82.40 -105.29
N SER L 289 116.88 -82.88 -105.23
CA SER L 289 117.50 -83.68 -106.30
C SER L 289 117.00 -85.13 -106.36
N ALA L 290 116.29 -85.61 -105.35
CA ALA L 290 115.77 -86.98 -105.29
C ALA L 290 114.90 -87.38 -106.50
N ASP L 291 114.31 -86.41 -107.22
CA ASP L 291 113.47 -86.65 -108.41
C ASP L 291 114.26 -86.54 -109.75
N SER L 292 115.58 -86.30 -109.71
CA SER L 292 116.43 -86.18 -110.91
C SER L 292 116.90 -87.52 -111.49
N GLU L 293 116.59 -88.64 -110.82
CA GLU L 293 116.70 -89.98 -111.39
C GLU L 293 115.76 -90.06 -112.61
N LYS L 294 116.34 -89.81 -113.79
CA LYS L 294 115.72 -89.90 -115.13
C LYS L 294 114.66 -91.02 -115.12
N PRO L 295 113.43 -90.76 -115.61
CA PRO L 295 112.38 -91.77 -115.62
C PRO L 295 112.82 -92.94 -116.49
N THR L 296 113.42 -93.93 -115.86
CA THR L 296 113.67 -95.24 -116.44
C THR L 296 112.31 -95.89 -116.46
N PHE L 297 111.64 -95.73 -117.61
CA PHE L 297 110.41 -96.39 -117.99
C PHE L 297 110.54 -97.90 -117.81
N LEU L 298 110.36 -98.47 -116.61
CA LEU L 298 110.11 -99.90 -116.43
C LEU L 298 109.37 -100.19 -115.12
N LEU L 299 108.17 -100.76 -115.30
CA LEU L 299 107.55 -101.80 -114.46
C LEU L 299 106.92 -101.40 -113.12
N GLY L 300 105.65 -101.02 -113.24
CA GLY L 300 104.50 -101.66 -112.57
C GLY L 300 104.64 -102.13 -111.11
N GLY L 301 103.84 -101.54 -110.22
CA GLY L 301 103.69 -102.09 -108.87
C GLY L 301 102.80 -101.28 -107.94
N ARG L 302 101.48 -101.44 -108.11
CA ARG L 302 100.44 -101.45 -107.07
C ARG L 302 100.91 -101.22 -105.63
N SER L 303 100.52 -100.11 -104.99
CA SER L 303 99.88 -100.11 -103.66
C SER L 303 99.35 -98.73 -103.26
N THR L 304 98.28 -98.76 -102.48
CA THR L 304 97.39 -97.70 -101.99
C THR L 304 97.84 -97.16 -100.63
N PHE L 305 97.85 -95.85 -100.39
CA PHE L 305 97.51 -95.24 -99.08
C PHE L 305 97.00 -93.80 -99.25
N ASN L 306 95.88 -93.50 -98.59
CA ASN L 306 95.18 -92.21 -98.58
C ASN L 306 95.77 -91.27 -97.52
N ILE L 307 96.12 -90.03 -97.87
CA ILE L 307 96.15 -88.89 -96.95
C ILE L 307 95.67 -87.65 -97.72
N SER L 308 94.72 -86.92 -97.12
CA SER L 308 94.04 -85.76 -97.71
C SER L 308 94.87 -84.49 -97.62
N ARG L 309 95.11 -83.83 -98.77
CA ARG L 309 95.36 -82.38 -98.88
C ARG L 309 94.62 -81.85 -100.11
N SER L 310 93.98 -80.69 -99.97
CA SER L 310 93.24 -80.02 -101.03
C SER L 310 94.20 -79.27 -101.96
N SER L 311 94.27 -79.66 -103.23
CA SER L 311 94.73 -78.78 -104.30
C SER L 311 93.86 -78.99 -105.55
N ILE L 312 93.34 -77.89 -106.06
CA ILE L 312 92.59 -77.81 -107.32
C ILE L 312 93.62 -77.42 -108.38
N ALA L 313 94.16 -78.39 -109.12
CA ALA L 313 94.99 -78.11 -110.28
C ALA L 313 94.28 -78.64 -111.55
N PRO L 314 94.03 -77.80 -112.57
CA PRO L 314 93.45 -78.26 -113.83
C PRO L 314 94.46 -79.13 -114.62
N PRO L 315 94.00 -80.18 -115.32
CA PRO L 315 94.85 -81.31 -115.74
C PRO L 315 95.62 -81.11 -117.07
N ASN L 316 95.86 -79.88 -117.53
CA ASN L 316 96.50 -79.63 -118.82
C ASN L 316 97.64 -78.60 -118.72
N ALA L 317 98.80 -79.01 -118.19
CA ALA L 317 100.05 -78.31 -118.41
C ALA L 317 101.12 -79.33 -118.83
N ASN L 318 101.68 -79.08 -120.01
CA ASN L 318 102.76 -79.85 -120.63
C ASN L 318 103.89 -80.16 -119.65
N GLN L 319 104.43 -81.38 -119.70
CA GLN L 319 105.59 -81.90 -118.95
C GLN L 319 106.91 -81.23 -119.38
N SER L 320 106.93 -79.90 -119.41
CA SER L 320 108.10 -79.09 -119.66
C SER L 320 108.87 -78.99 -118.35
N LEU L 321 110.03 -79.66 -118.27
CA LEU L 321 111.09 -79.45 -117.26
C LEU L 321 110.52 -79.01 -115.91
N ALA L 322 109.82 -79.92 -115.21
CA ALA L 322 109.22 -79.58 -113.92
C ALA L 322 110.34 -79.12 -112.98
N CYS L 323 110.28 -77.88 -112.50
CA CYS L 323 111.13 -77.43 -111.41
C CYS L 323 110.82 -78.30 -110.20
N ALA L 324 111.84 -78.91 -109.59
CA ALA L 324 111.63 -79.77 -108.42
C ALA L 324 110.87 -79.03 -107.29
N TRP L 325 111.14 -77.73 -107.13
CA TRP L 325 110.48 -76.84 -106.18
C TRP L 325 108.99 -76.55 -106.44
N LEU L 326 108.51 -76.82 -107.66
CA LEU L 326 107.11 -76.64 -108.05
C LEU L 326 106.34 -77.96 -108.14
N SER L 327 107.00 -79.10 -107.93
CA SER L 327 106.34 -80.40 -107.97
C SER L 327 105.28 -80.51 -106.87
N THR L 328 104.06 -80.84 -107.25
CA THR L 328 102.93 -81.03 -106.32
C THR L 328 102.64 -82.50 -106.05
N ASP L 329 103.37 -83.42 -106.70
CA ASP L 329 103.12 -84.85 -106.60
C ASP L 329 103.73 -85.38 -105.28
N PRO L 330 102.90 -85.75 -104.28
CA PRO L 330 103.38 -86.20 -102.98
C PRO L 330 104.15 -87.53 -103.07
N THR L 331 104.05 -88.26 -104.18
CA THR L 331 104.81 -89.49 -104.40
C THR L 331 106.18 -89.27 -105.02
N LYS L 332 106.48 -88.06 -105.51
CA LYS L 332 107.72 -87.75 -106.25
C LYS L 332 108.59 -86.67 -105.60
N GLY L 333 108.01 -85.74 -104.85
CA GLY L 333 108.74 -84.63 -104.21
C GLY L 333 109.31 -84.97 -102.84
N GLN L 334 110.22 -85.96 -102.73
CA GLN L 334 110.89 -86.21 -101.45
C GLN L 334 112.00 -85.17 -101.25
N LEU L 335 111.67 -84.07 -100.57
CA LEU L 335 112.64 -83.10 -100.10
C LEU L 335 113.42 -83.71 -98.93
N GLU L 336 114.73 -83.85 -99.08
CA GLU L 336 115.61 -84.15 -97.95
C GLU L 336 115.99 -82.83 -97.26
N ILE L 337 115.86 -82.81 -95.94
CA ILE L 337 116.04 -81.60 -95.13
C ILE L 337 117.04 -81.93 -94.03
N THR L 338 118.13 -81.17 -93.98
CA THR L 338 119.23 -81.41 -93.06
C THR L 338 119.59 -80.12 -92.32
N ASN L 339 119.61 -80.17 -90.98
CA ASN L 339 120.20 -79.09 -90.19
C ASN L 339 121.73 -79.21 -90.21
N LEU L 340 122.39 -78.19 -90.74
CA LEU L 340 123.83 -78.17 -90.99
C LEU L 340 124.66 -77.78 -89.77
N LEU L 341 124.09 -77.00 -88.84
CA LEU L 341 124.76 -76.58 -87.62
C LEU L 341 124.34 -77.46 -86.44
N PRO L 342 125.22 -77.66 -85.44
CA PRO L 342 124.82 -78.30 -84.20
C PRO L 342 123.72 -77.50 -83.49
N SER L 343 122.84 -78.20 -82.77
CA SER L 343 121.80 -77.57 -81.95
C SER L 343 122.41 -76.59 -80.94
N SER L 344 121.77 -75.43 -80.73
CA SER L 344 122.06 -74.38 -79.72
C SER L 344 122.96 -73.19 -80.09
N THR L 345 122.98 -72.74 -81.36
CA THR L 345 123.49 -71.38 -81.61
C THR L 345 122.44 -70.33 -81.24
N LEU L 346 122.89 -69.11 -80.94
CA LEU L 346 122.03 -67.94 -81.10
C LEU L 346 121.66 -67.78 -82.59
N SER L 347 120.82 -66.79 -82.90
CA SER L 347 120.36 -66.46 -84.25
C SER L 347 121.44 -66.60 -85.34
N VAL L 348 121.10 -67.30 -86.42
CA VAL L 348 121.92 -67.38 -87.63
C VAL L 348 121.41 -66.32 -88.61
N ASN L 349 122.06 -65.16 -88.60
CA ASN L 349 121.58 -63.95 -89.25
C ASN L 349 121.78 -63.94 -90.76
N SER L 350 122.74 -64.70 -91.26
CA SER L 350 123.14 -64.66 -92.67
C SER L 350 123.85 -65.93 -93.08
N LEU L 351 123.67 -66.31 -94.34
CA LEU L 351 124.39 -67.39 -95.00
C LEU L 351 124.79 -66.96 -96.41
N ASP L 352 125.86 -67.55 -96.94
CA ASP L 352 126.14 -67.48 -98.37
C ASP L 352 126.83 -68.75 -98.84
N VAL L 353 126.50 -69.16 -100.06
CA VAL L 353 126.92 -70.43 -100.65
C VAL L 353 127.53 -70.24 -102.04
N LEU L 354 128.73 -70.77 -102.25
CA LEU L 354 129.45 -70.68 -103.50
C LEU L 354 130.29 -71.93 -103.77
N GLY L 355 129.86 -72.72 -104.75
CA GLY L 355 130.53 -73.96 -105.14
C GLY L 355 130.38 -75.05 -104.08
N GLN L 356 131.45 -75.42 -103.38
CA GLN L 356 131.43 -76.39 -102.29
C GLN L 356 131.48 -75.72 -100.91
N ASN L 357 131.37 -74.39 -100.88
CA ASN L 357 131.66 -73.59 -99.71
C ASN L 357 130.40 -72.89 -99.22
N LEU L 358 130.20 -72.90 -97.91
CA LEU L 358 129.15 -72.15 -97.25
C LEU L 358 129.77 -71.41 -96.06
N VAL L 359 129.38 -70.14 -95.91
CA VAL L 359 129.70 -69.32 -94.74
C VAL L 359 128.39 -68.88 -94.10
N CYS L 360 128.34 -68.83 -92.78
CA CYS L 360 127.26 -68.16 -92.07
C CYS L 360 127.77 -67.37 -90.86
N GLY L 361 127.01 -66.35 -90.49
CA GLY L 361 127.30 -65.46 -89.38
C GLY L 361 126.18 -65.47 -88.35
N THR L 362 126.54 -65.32 -87.08
CA THR L 362 125.60 -65.52 -85.96
C THR L 362 125.68 -64.42 -84.91
N ASP L 363 124.64 -64.37 -84.07
CA ASP L 363 124.61 -63.58 -82.84
C ASP L 363 125.45 -64.17 -81.70
N ALA L 364 125.95 -65.40 -81.87
CA ALA L 364 126.94 -66.01 -80.97
C ALA L 364 128.36 -65.46 -81.18
N GLU L 365 128.47 -64.31 -81.85
CA GLU L 365 129.72 -63.64 -82.20
C GLU L 365 130.70 -64.57 -82.94
N ALA L 366 130.14 -65.45 -83.78
CA ALA L 366 130.88 -66.49 -84.48
C ALA L 366 130.54 -66.54 -85.97
N ILE L 367 131.55 -66.87 -86.76
CA ILE L 367 131.46 -67.19 -88.18
C ILE L 367 131.69 -68.70 -88.33
N TYR L 368 130.83 -69.38 -89.06
CA TYR L 368 131.02 -70.79 -89.41
C TYR L 368 131.31 -70.91 -90.90
N VAL L 369 132.30 -71.71 -91.26
CA VAL L 369 132.70 -71.93 -92.66
C VAL L 369 132.85 -73.43 -92.91
N THR L 370 132.25 -73.92 -94.00
CA THR L 370 132.57 -75.23 -94.57
C THR L 370 133.05 -75.07 -96.01
N ARG L 371 133.94 -75.96 -96.43
CA ARG L 371 134.44 -76.06 -97.82
C ARG L 371 134.13 -77.40 -98.47
N ARG L 372 133.32 -78.22 -97.80
CA ARG L 372 132.90 -79.55 -98.23
C ARG L 372 131.41 -79.73 -97.97
N LEU L 373 130.60 -78.84 -98.53
CA LEU L 373 129.16 -78.78 -98.28
C LEU L 373 128.46 -80.12 -98.56
N PHE L 374 128.75 -80.73 -99.71
CA PHE L 374 128.09 -81.95 -100.19
C PHE L 374 128.90 -83.25 -99.94
N SER L 375 129.99 -83.22 -99.16
CA SER L 375 130.82 -84.41 -98.91
C SER L 375 130.27 -85.36 -97.87
N MET M 1 52.82 -64.99 -2.21
CA MET M 1 52.59 -63.71 -2.92
C MET M 1 53.16 -62.52 -2.17
N ALA M 2 53.18 -62.53 -0.83
CA ALA M 2 53.91 -61.53 -0.01
C ALA M 2 55.38 -61.35 -0.43
N ASP M 3 56.03 -62.40 -0.96
CA ASP M 3 57.43 -62.36 -1.42
C ASP M 3 57.64 -61.57 -2.73
N LYS M 4 56.60 -60.97 -3.32
CA LYS M 4 56.74 -60.20 -4.57
C LYS M 4 57.19 -58.75 -4.37
N PHE M 5 56.99 -58.18 -3.17
CA PHE M 5 57.25 -56.76 -2.92
C PHE M 5 58.46 -56.56 -1.99
N ALA M 6 59.41 -55.74 -2.43
CA ALA M 6 60.43 -55.16 -1.56
C ALA M 6 59.81 -53.97 -0.80
N ALA M 7 59.87 -54.01 0.53
CA ALA M 7 59.34 -52.96 1.39
C ALA M 7 60.48 -52.08 1.93
N LYS M 8 60.34 -50.76 1.80
CA LYS M 8 61.30 -49.77 2.30
C LYS M 8 60.63 -48.83 3.29
N PHE M 9 61.02 -48.91 4.55
CA PHE M 9 60.64 -47.91 5.54
C PHE M 9 61.41 -46.61 5.31
N VAL M 10 60.70 -45.49 5.31
CA VAL M 10 61.22 -44.16 4.97
C VAL M 10 60.99 -43.10 6.04
N SER M 11 60.35 -43.47 7.17
CA SER M 11 60.16 -42.60 8.34
C SER M 11 59.33 -41.33 8.08
N HIS M 12 58.47 -41.38 7.08
CA HIS M 12 57.47 -40.36 6.79
C HIS M 12 56.35 -40.98 5.94
N LYS M 13 55.12 -40.50 6.09
CA LYS M 13 53.97 -41.02 5.34
C LYS M 13 54.10 -40.65 3.87
N ILE M 14 53.72 -41.58 2.98
CA ILE M 14 53.79 -41.37 1.54
C ILE M 14 52.39 -41.14 1.00
N SER M 15 52.14 -39.93 0.48
CA SER M 15 50.85 -39.58 -0.12
C SER M 15 50.77 -40.00 -1.58
N ARG M 16 51.87 -39.93 -2.34
CA ARG M 16 51.89 -40.19 -3.78
C ARG M 16 53.15 -40.93 -4.21
N THR M 17 52.99 -41.84 -5.16
CA THR M 17 54.10 -42.55 -5.83
C THR M 17 53.86 -42.58 -7.33
N ARG M 18 54.86 -42.22 -8.14
CA ARG M 18 54.78 -42.28 -9.61
C ARG M 18 56.08 -42.77 -10.21
N TRP M 19 56.02 -43.67 -11.18
CA TRP M 19 57.14 -44.10 -11.99
C TRP M 19 57.57 -42.99 -12.94
N ARG M 20 58.89 -42.85 -13.12
CA ARG M 20 59.42 -42.06 -14.22
C ARG M 20 59.03 -42.74 -15.53
N PRO M 21 58.45 -42.00 -16.50
CA PRO M 21 58.10 -42.59 -17.78
C PRO M 21 59.36 -43.06 -18.52
N VAL M 22 59.34 -44.29 -19.03
CA VAL M 22 60.38 -44.83 -19.91
C VAL M 22 60.09 -44.52 -21.37
N SER M 23 61.12 -44.54 -22.21
CA SER M 23 60.87 -44.35 -23.65
C SER M 23 60.19 -45.58 -24.22
N ALA M 24 59.12 -45.42 -25.00
CA ALA M 24 58.47 -46.54 -25.68
C ALA M 24 59.41 -47.30 -26.64
N SER M 25 60.47 -46.65 -27.15
CA SER M 25 61.47 -47.29 -28.00
C SER M 25 62.56 -48.03 -27.20
N SER M 26 62.66 -47.80 -25.90
CA SER M 26 63.62 -48.49 -25.05
C SER M 26 63.03 -49.78 -24.52
N LEU M 27 63.78 -50.88 -24.61
CA LEU M 27 63.53 -52.11 -23.83
C LEU M 27 63.86 -51.94 -22.33
N GLN M 28 64.19 -50.73 -21.90
CA GLN M 28 64.54 -50.42 -20.52
C GLN M 28 63.31 -50.54 -19.64
N GLN M 29 63.45 -51.28 -18.54
CA GLN M 29 62.46 -51.28 -17.48
C GLN M 29 62.56 -49.97 -16.69
N PRO M 30 61.44 -49.46 -16.16
CA PRO M 30 61.47 -48.34 -15.23
C PRO M 30 62.24 -48.73 -13.98
N ASP M 31 63.23 -47.91 -13.65
CA ASP M 31 64.13 -48.07 -12.52
C ASP M 31 64.09 -46.87 -11.56
N VAL M 32 63.42 -45.78 -11.95
CA VAL M 32 63.30 -44.54 -11.16
C VAL M 32 61.84 -44.21 -10.93
N PHE M 33 61.52 -43.81 -9.70
CA PHE M 33 60.21 -43.29 -9.32
C PHE M 33 60.35 -42.09 -8.38
N ALA M 34 59.27 -41.32 -8.25
CA ALA M 34 59.18 -40.20 -7.33
C ALA M 34 58.12 -40.48 -6.26
N THR M 35 58.32 -39.91 -5.07
CA THR M 35 57.34 -39.94 -3.99
C THR M 35 57.09 -38.55 -3.42
N GLY M 36 55.85 -38.33 -2.95
CA GLY M 36 55.45 -37.17 -2.17
C GLY M 36 55.04 -37.58 -0.77
N SER M 37 55.28 -36.72 0.21
CA SER M 37 54.89 -36.93 1.61
C SER M 37 53.70 -36.05 2.03
N TRP M 38 53.08 -36.42 3.14
CA TRP M 38 52.03 -35.64 3.80
C TRP M 38 52.05 -35.82 5.31
N ASP M 39 51.43 -34.88 6.04
CA ASP M 39 51.25 -34.95 7.49
C ASP M 39 52.59 -35.07 8.28
N ASN M 40 53.66 -34.51 7.69
CA ASN M 40 54.96 -34.37 8.33
C ASN M 40 55.26 -32.90 8.64
N GLU M 41 56.10 -32.66 9.66
CA GLU M 41 56.58 -31.30 10.03
C GLU M 41 57.19 -30.58 8.82
N GLU M 42 57.99 -31.29 8.02
CA GLU M 42 58.49 -30.83 6.74
C GLU M 42 58.20 -31.87 5.66
N ASN M 43 57.23 -31.56 4.79
CA ASN M 43 56.91 -32.39 3.64
C ASN M 43 57.95 -32.24 2.51
N LYS M 44 58.08 -33.27 1.68
CA LYS M 44 59.10 -33.33 0.62
C LYS M 44 58.66 -34.13 -0.60
N VAL M 45 59.33 -33.85 -1.71
CA VAL M 45 59.34 -34.68 -2.91
C VAL M 45 60.69 -35.39 -2.97
N CYS M 46 60.67 -36.70 -3.13
CA CYS M 46 61.86 -37.53 -3.22
C CYS M 46 61.91 -38.26 -4.57
N VAL M 47 63.12 -38.47 -5.10
CA VAL M 47 63.36 -39.35 -6.26
C VAL M 47 64.15 -40.56 -5.78
N TRP M 48 63.75 -41.74 -6.24
CA TRP M 48 64.29 -43.03 -5.83
C TRP M 48 64.70 -43.83 -7.04
N ALA M 49 65.75 -44.62 -6.89
CA ALA M 49 66.10 -45.68 -7.83
C ALA M 49 65.82 -47.04 -7.19
N THR M 50 65.21 -47.94 -7.93
CA THR M 50 65.25 -49.37 -7.61
C THR M 50 66.66 -49.87 -7.86
N SER M 51 67.24 -50.64 -6.93
CA SER M 51 68.58 -51.18 -7.14
C SER M 51 68.57 -52.26 -8.24
N ASP M 52 69.42 -52.11 -9.26
CA ASP M 52 69.80 -53.18 -10.17
C ASP M 52 71.28 -53.51 -9.95
N PHE M 53 71.58 -54.45 -9.03
CA PHE M 53 72.89 -55.08 -9.03
C PHE M 53 72.76 -56.50 -9.56
N GLY M 54 72.62 -56.60 -10.88
CA GLY M 54 73.12 -57.71 -11.70
C GLY M 54 73.10 -59.12 -11.10
N ALA M 55 72.00 -59.57 -10.49
CA ALA M 55 71.88 -60.95 -10.06
C ALA M 55 71.67 -61.84 -11.29
N THR M 56 72.79 -62.26 -11.87
CA THR M 56 72.94 -63.41 -12.76
C THR M 56 72.63 -64.75 -12.10
N SER M 57 71.97 -64.77 -10.94
CA SER M 57 71.46 -65.98 -10.29
C SER M 57 69.94 -66.01 -10.44
N LEU M 58 69.45 -66.95 -11.25
CA LEU M 58 68.01 -67.20 -11.48
C LEU M 58 67.25 -67.61 -10.21
N ASP M 59 67.95 -67.85 -9.10
CA ASP M 59 67.40 -68.47 -7.89
C ASP M 59 67.57 -67.63 -6.61
N GLU M 60 68.01 -66.36 -6.69
CA GLU M 60 68.08 -65.50 -5.49
C GLU M 60 66.90 -64.52 -5.43
N GLU M 61 66.13 -64.67 -4.36
CA GLU M 61 64.99 -63.84 -3.93
C GLU M 61 65.37 -62.35 -3.97
N TYR M 62 64.51 -61.53 -4.60
CA TYR M 62 64.81 -60.12 -4.83
C TYR M 62 64.75 -59.34 -3.52
N GLN M 63 65.91 -58.86 -3.04
CA GLN M 63 66.01 -57.98 -1.87
C GLN M 63 66.66 -56.64 -2.22
N GLY M 64 66.29 -56.09 -3.38
CA GLY M 64 66.75 -54.79 -3.83
C GLY M 64 65.96 -53.64 -3.20
N ASP M 65 66.40 -53.14 -2.05
CA ASP M 65 65.84 -51.96 -1.40
C ASP M 65 65.94 -50.71 -2.31
N PRO M 66 64.83 -50.00 -2.57
CA PRO M 66 64.88 -48.68 -3.21
C PRO M 66 65.83 -47.71 -2.47
N LYS M 67 66.64 -47.00 -3.25
CA LYS M 67 67.60 -46.01 -2.76
C LYS M 67 67.15 -44.61 -3.13
N GLN M 68 67.04 -43.73 -2.13
CA GLN M 68 66.78 -42.31 -2.36
C GLN M 68 67.98 -41.70 -3.11
N LEU M 69 67.71 -41.07 -4.24
CA LEU M 69 68.70 -40.33 -5.03
C LEU M 69 68.82 -38.90 -4.53
N CYS M 70 67.69 -38.23 -4.33
CA CYS M 70 67.61 -36.86 -3.87
C CYS M 70 66.21 -36.49 -3.38
N ASP M 71 66.11 -35.34 -2.74
CA ASP M 71 64.85 -34.78 -2.27
C ASP M 71 64.85 -33.24 -2.34
N ILE M 72 63.65 -32.66 -2.20
CA ILE M 72 63.45 -31.23 -2.03
C ILE M 72 62.26 -30.98 -1.11
N LYS M 73 62.37 -29.96 -0.25
CA LYS M 73 61.26 -29.52 0.62
C LYS M 73 60.06 -29.08 -0.22
N HIS M 74 58.88 -29.49 0.23
CA HIS M 74 57.60 -29.17 -0.37
C HIS M 74 56.75 -28.39 0.63
N PRO M 75 56.32 -27.15 0.32
CA PRO M 75 55.43 -26.40 1.19
C PRO M 75 54.04 -27.07 1.27
N GLY M 76 53.65 -27.51 2.47
CA GLY M 76 52.42 -28.27 2.69
C GLY M 76 52.48 -29.68 2.12
N ASP M 77 51.38 -30.40 2.24
CA ASP M 77 51.26 -31.78 1.81
C ASP M 77 51.30 -31.90 0.29
N VAL M 78 51.91 -32.96 -0.20
CA VAL M 78 51.83 -33.32 -1.62
C VAL M 78 50.50 -34.02 -1.84
N MET M 79 49.50 -33.29 -2.33
CA MET M 79 48.14 -33.77 -2.53
C MET M 79 48.00 -34.59 -3.81
N ASP M 80 48.77 -34.27 -4.84
CA ASP M 80 48.88 -35.09 -6.05
C ASP M 80 50.22 -34.86 -6.74
N MET M 81 50.64 -35.85 -7.53
CA MET M 81 51.93 -35.86 -8.23
C MET M 81 51.81 -36.59 -9.56
N GLN M 82 52.43 -36.03 -10.60
CA GLN M 82 52.59 -36.67 -11.90
C GLN M 82 53.94 -36.30 -12.52
N PHE M 83 54.53 -37.19 -13.31
CA PHE M 83 55.60 -36.81 -14.22
C PHE M 83 55.00 -36.08 -15.42
N LEU M 84 55.52 -34.89 -15.73
CA LEU M 84 55.22 -34.20 -16.99
C LEU M 84 56.04 -34.80 -18.15
N ASP M 85 57.27 -35.17 -17.87
CA ASP M 85 58.19 -35.88 -18.75
C ASP M 85 59.29 -36.54 -17.91
N LYS M 86 60.39 -37.00 -18.53
CA LYS M 86 61.46 -37.70 -17.81
C LYS M 86 62.20 -36.85 -16.77
N GLU M 87 62.22 -35.54 -16.95
CA GLU M 87 63.00 -34.62 -16.12
C GLU M 87 62.13 -33.81 -15.16
N ARG M 88 60.81 -33.74 -15.40
CA ARG M 88 59.92 -32.83 -14.69
C ARG M 88 58.79 -33.54 -13.97
N ILE M 89 58.62 -33.17 -12.70
CA ILE M 89 57.57 -33.66 -11.80
C ILE M 89 56.66 -32.49 -11.45
N VAL M 90 55.35 -32.66 -11.58
CA VAL M 90 54.33 -31.68 -11.21
C VAL M 90 53.66 -32.13 -9.92
N THR M 91 53.40 -31.18 -9.04
CA THR M 91 52.77 -31.41 -7.74
C THR M 91 51.63 -30.43 -7.49
N GLY M 92 50.55 -30.93 -6.90
CA GLY M 92 49.53 -30.13 -6.23
C GLY M 92 49.79 -30.11 -4.72
N SER M 93 49.64 -28.95 -4.09
CA SER M 93 49.90 -28.74 -2.66
C SER M 93 48.61 -28.45 -1.88
N SER M 94 48.58 -28.85 -0.59
CA SER M 94 47.53 -28.44 0.35
C SER M 94 47.48 -26.91 0.56
N THR M 95 48.54 -26.19 0.16
CA THR M 95 48.57 -24.72 0.12
C THR M 95 47.86 -24.11 -1.09
N GLY M 96 47.34 -24.91 -2.02
CA GLY M 96 46.74 -24.45 -3.28
C GLY M 96 47.74 -24.14 -4.39
N THR M 97 49.03 -24.39 -4.14
CA THR M 97 50.10 -24.16 -5.11
C THR M 97 50.24 -25.34 -6.07
N VAL M 98 50.44 -25.05 -7.36
CA VAL M 98 50.95 -26.04 -8.34
C VAL M 98 52.43 -25.77 -8.59
N THR M 99 53.29 -26.77 -8.45
CA THR M 99 54.75 -26.63 -8.65
C THR M 99 55.28 -27.65 -9.64
N ILE M 100 56.12 -27.20 -10.57
CA ILE M 100 56.96 -28.06 -11.42
C ILE M 100 58.35 -28.10 -10.81
N PHE M 101 58.82 -29.29 -10.47
CA PHE M 101 60.19 -29.58 -10.11
C PHE M 101 60.94 -30.16 -11.31
N ARG M 102 62.21 -29.77 -11.49
CA ARG M 102 63.14 -30.41 -12.42
C ARG M 102 64.12 -31.26 -11.64
N HIS M 103 64.26 -32.52 -12.04
CA HIS M 103 65.30 -33.43 -11.61
C HIS M 103 66.54 -33.28 -12.49
N HIS M 104 67.68 -33.04 -11.87
CA HIS M 104 68.98 -32.95 -12.52
C HIS M 104 69.73 -34.27 -12.27
N GLU M 105 69.67 -35.20 -13.22
CA GLU M 105 70.28 -36.52 -13.06
C GLU M 105 71.80 -36.47 -12.82
N ASN M 106 72.49 -35.52 -13.46
CA ASN M 106 73.95 -35.40 -13.41
C ASN M 106 74.51 -35.19 -12.00
N ASN M 107 73.76 -34.49 -11.14
CA ASN M 107 74.18 -34.21 -9.77
C ASN M 107 73.21 -34.74 -8.72
N GLN M 108 72.17 -35.48 -9.15
CA GLN M 108 71.08 -35.97 -8.32
C GLN M 108 70.53 -34.88 -7.40
N THR M 109 69.95 -33.84 -8.00
CA THR M 109 69.26 -32.77 -7.27
C THR M 109 67.90 -32.49 -7.87
N LEU M 110 67.01 -31.91 -7.06
CA LEU M 110 65.76 -31.33 -7.51
C LEU M 110 65.84 -29.80 -7.41
N SER M 111 65.16 -29.12 -8.32
CA SER M 111 65.02 -27.66 -8.29
C SER M 111 63.61 -27.26 -8.68
N VAL M 112 63.13 -26.14 -8.17
CA VAL M 112 61.87 -25.55 -8.62
C VAL M 112 62.07 -25.02 -10.05
N ASN M 113 61.35 -25.58 -11.01
CA ASN M 113 61.35 -25.12 -12.39
C ASN M 113 60.31 -24.02 -12.60
N GLN M 114 59.10 -24.20 -12.08
CA GLN M 114 58.03 -23.20 -12.11
C GLN M 114 57.03 -23.41 -10.97
N ARG M 115 56.29 -22.35 -10.59
CA ARG M 115 55.30 -22.39 -9.53
C ARG M 115 54.15 -21.41 -9.78
N TRP M 116 52.93 -21.85 -9.50
CA TRP M 116 51.72 -21.03 -9.45
C TRP M 116 51.19 -21.02 -8.01
N GLU M 117 51.57 -20.01 -7.21
CA GLU M 117 51.31 -19.95 -5.75
C GLU M 117 49.86 -19.73 -5.35
N GLN M 118 49.03 -19.25 -6.29
CA GLN M 118 47.60 -19.02 -6.10
C GLN M 118 46.80 -19.73 -7.19
N ALA M 119 47.17 -20.96 -7.53
CA ALA M 119 46.36 -21.76 -8.46
C ALA M 119 44.97 -22.00 -7.86
N HIS M 120 44.89 -22.35 -6.57
CA HIS M 120 43.62 -22.60 -5.87
C HIS M 120 43.42 -21.69 -4.65
N TYR M 121 42.26 -21.05 -4.59
CA TYR M 121 41.83 -20.13 -3.54
C TYR M 121 40.31 -19.92 -3.56
N HIS M 122 39.71 -19.63 -2.40
CA HIS M 122 38.29 -19.30 -2.32
C HIS M 122 38.00 -17.86 -2.78
N VAL M 123 37.13 -17.72 -3.78
CA VAL M 123 36.65 -16.43 -4.28
C VAL M 123 36.08 -15.59 -3.14
N GLY M 124 36.40 -14.29 -3.12
CA GLY M 124 35.90 -13.31 -2.15
C GLY M 124 36.74 -13.17 -0.89
N SER M 125 37.27 -14.28 -0.35
CA SER M 125 38.18 -14.22 0.81
C SER M 125 39.66 -14.16 0.42
N ASN M 126 40.00 -14.59 -0.81
CA ASN M 126 41.38 -14.81 -1.28
C ASN M 126 42.21 -15.72 -0.36
N MET M 127 41.53 -16.54 0.46
CA MET M 127 42.18 -17.57 1.26
C MET M 127 42.56 -18.74 0.37
N ARG M 128 43.77 -19.26 0.54
CA ARG M 128 44.28 -20.43 -0.18
C ARG M 128 43.36 -21.63 0.06
N ALA M 129 43.16 -22.42 -0.98
CA ALA M 129 42.40 -23.67 -0.94
C ALA M 129 43.28 -24.79 -1.50
N PRO M 130 43.27 -26.00 -0.93
CA PRO M 130 44.06 -27.13 -1.43
C PRO M 130 43.86 -27.41 -2.93
N CYS M 131 44.98 -27.64 -3.62
CA CYS M 131 45.01 -28.25 -4.95
C CYS M 131 44.98 -29.75 -4.75
N THR M 132 43.84 -30.39 -5.03
CA THR M 132 43.55 -31.79 -4.64
C THR M 132 44.01 -32.80 -5.67
N ALA M 133 43.97 -32.45 -6.96
CA ALA M 133 44.44 -33.33 -8.02
C ALA M 133 45.00 -32.55 -9.22
N ILE M 134 45.93 -33.18 -9.91
CA ILE M 134 46.58 -32.67 -11.12
C ILE M 134 46.70 -33.77 -12.17
N VAL M 135 46.63 -33.40 -13.45
CA VAL M 135 46.91 -34.32 -14.55
C VAL M 135 47.77 -33.63 -15.61
N CYS M 136 48.68 -34.40 -16.20
CA CYS M 136 49.63 -33.93 -17.20
C CYS M 136 49.36 -34.57 -18.58
N SER M 137 49.43 -33.76 -19.63
CA SER M 137 49.53 -34.19 -21.03
C SER M 137 50.51 -33.24 -21.70
N SER M 138 51.80 -33.52 -21.53
CA SER M 138 52.90 -32.60 -21.86
C SER M 138 52.71 -31.85 -23.19
N PRO M 139 52.82 -30.51 -23.20
CA PRO M 139 53.22 -29.62 -22.10
C PRO M 139 52.05 -29.11 -21.22
N GLU M 140 50.83 -29.61 -21.43
CA GLU M 140 49.62 -29.16 -20.74
C GLU M 140 49.51 -29.79 -19.35
N ILE M 141 49.05 -28.98 -18.39
CA ILE M 141 48.79 -29.38 -17.01
C ILE M 141 47.38 -28.87 -16.66
N VAL M 142 46.59 -29.71 -16.01
CA VAL M 142 45.31 -29.31 -15.42
C VAL M 142 45.34 -29.58 -13.94
N SER M 143 44.81 -28.67 -13.13
CA SER M 143 44.60 -28.88 -11.70
C SER M 143 43.16 -28.61 -11.27
N VAL M 144 42.76 -29.28 -10.20
CA VAL M 144 41.47 -29.08 -9.51
C VAL M 144 41.70 -28.94 -8.01
N GLY M 145 40.72 -28.37 -7.29
CA GLY M 145 40.88 -28.08 -5.87
C GLY M 145 39.57 -28.08 -5.08
N GLU M 146 39.72 -27.84 -3.77
CA GLU M 146 38.61 -27.68 -2.82
C GLU M 146 37.79 -26.41 -3.05
N ASP M 147 38.35 -25.45 -3.79
CA ASP M 147 37.64 -24.25 -4.24
C ASP M 147 36.69 -24.51 -5.42
N GLY M 148 36.60 -25.76 -5.90
CA GLY M 148 35.72 -26.12 -7.01
C GLY M 148 36.18 -25.55 -8.36
N ARG M 149 37.44 -25.14 -8.49
CA ARG M 149 38.00 -24.56 -9.72
C ARG M 149 38.78 -25.55 -10.55
N ILE M 150 38.77 -25.34 -11.86
CA ILE M 150 39.63 -26.07 -12.81
C ILE M 150 40.62 -25.06 -13.41
N ASN M 151 41.92 -25.30 -13.27
CA ASN M 151 42.95 -24.46 -13.88
C ASN M 151 43.70 -25.23 -14.95
N CYS M 152 43.99 -24.55 -16.07
CA CYS M 152 44.81 -25.07 -17.16
C CYS M 152 46.10 -24.25 -17.25
N PHE M 153 47.22 -24.95 -17.29
CA PHE M 153 48.56 -24.37 -17.40
C PHE M 153 49.31 -25.02 -18.55
N ARG M 154 50.33 -24.30 -19.02
CA ARG M 154 51.38 -24.89 -19.84
C ARG M 154 52.70 -24.72 -19.11
N ALA M 155 53.53 -25.76 -19.11
CA ALA M 155 54.71 -25.82 -18.26
C ALA M 155 55.70 -24.65 -18.42
N GLU M 156 55.72 -24.04 -19.60
CA GLU M 156 56.59 -22.91 -19.98
C GLU M 156 55.91 -21.55 -19.82
N SER M 157 54.61 -21.52 -19.54
CA SER M 157 53.82 -20.29 -19.35
C SER M 157 53.77 -19.91 -17.88
N ARG M 158 54.22 -18.71 -17.52
CA ARG M 158 54.16 -18.24 -16.12
C ARG M 158 52.73 -17.98 -15.65
N ASP M 159 51.85 -17.60 -16.56
CA ASP M 159 50.45 -17.31 -16.26
C ASP M 159 49.59 -18.56 -16.47
N VAL M 160 48.50 -18.64 -15.69
CA VAL M 160 47.43 -19.62 -15.90
C VAL M 160 46.80 -19.33 -17.26
N LEU M 161 46.71 -20.34 -18.12
CA LEU M 161 46.16 -20.17 -19.48
C LEU M 161 44.65 -19.98 -19.45
N ARG M 162 43.98 -20.72 -18.57
CA ARG M 162 42.53 -20.66 -18.38
C ARG M 162 42.18 -21.12 -16.97
N THR M 163 41.24 -20.42 -16.35
CA THR M 163 40.55 -20.87 -15.14
C THR M 163 39.06 -21.02 -15.47
N ILE M 164 38.48 -22.12 -15.02
CA ILE M 164 37.03 -22.31 -14.96
C ILE M 164 36.64 -22.04 -13.51
N ASP M 165 36.26 -20.79 -13.25
CA ASP M 165 35.72 -20.37 -11.95
C ASP M 165 34.34 -20.98 -11.72
N ASP M 166 34.04 -21.30 -10.46
CA ASP M 166 32.77 -21.91 -10.04
C ASP M 166 32.40 -23.16 -10.87
N ALA M 167 33.39 -23.92 -11.34
CA ALA M 167 33.16 -25.14 -12.11
C ALA M 167 32.36 -26.15 -11.26
N ASP M 168 32.69 -26.28 -9.99
CA ASP M 168 31.93 -27.05 -9.04
C ASP M 168 31.64 -26.23 -7.78
N SER M 169 30.46 -26.44 -7.18
CA SER M 169 30.12 -25.86 -5.88
C SER M 169 30.61 -26.73 -4.71
N SER M 170 31.32 -27.81 -5.02
CA SER M 170 31.83 -28.81 -4.09
C SER M 170 33.30 -29.11 -4.36
N THR M 171 33.99 -29.75 -3.41
CA THR M 171 35.37 -30.18 -3.57
C THR M 171 35.47 -31.15 -4.75
N MET M 172 36.40 -30.87 -5.68
CA MET M 172 36.81 -31.84 -6.67
C MET M 172 37.98 -32.66 -6.11
N HIS M 173 37.94 -33.98 -6.24
CA HIS M 173 38.95 -34.89 -5.67
C HIS M 173 39.92 -35.46 -6.70
N GLY M 174 39.49 -35.61 -7.96
CA GLY M 174 40.28 -36.24 -9.00
C GLY M 174 40.02 -35.64 -10.37
N VAL M 175 41.02 -35.72 -11.24
CA VAL M 175 40.94 -35.25 -12.63
C VAL M 175 41.74 -36.16 -13.55
N THR M 176 41.22 -36.46 -14.74
CA THR M 176 41.95 -37.17 -15.80
C THR M 176 41.60 -36.64 -17.18
N PHE M 177 42.49 -36.81 -18.16
CA PHE M 177 42.19 -36.49 -19.56
C PHE M 177 41.35 -37.60 -20.20
N LEU M 178 40.14 -37.25 -20.66
CA LEU M 178 39.38 -38.10 -21.57
C LEU M 178 40.03 -38.10 -22.97
N ARG M 179 40.36 -36.90 -23.46
CA ARG M 179 41.03 -36.62 -24.73
C ARG M 179 41.94 -35.40 -24.54
N THR M 180 42.69 -35.02 -25.58
CA THR M 180 43.60 -33.85 -25.51
C THR M 180 42.92 -32.57 -25.03
N THR M 181 41.62 -32.38 -25.30
CA THR M 181 40.88 -31.17 -24.92
C THR M 181 39.67 -31.43 -24.06
N GLU M 182 39.56 -32.63 -23.52
CA GLU M 182 38.45 -33.01 -22.66
C GLU M 182 38.98 -33.70 -21.42
N ILE M 183 38.48 -33.27 -20.26
CA ILE M 183 38.83 -33.86 -18.97
C ILE M 183 37.59 -34.40 -18.29
N LEU M 184 37.82 -35.34 -17.37
CA LEU M 184 36.85 -35.80 -16.41
C LEU M 184 37.27 -35.36 -15.03
N THR M 185 36.31 -34.93 -14.20
CA THR M 185 36.53 -34.66 -12.78
C THR M 185 35.57 -35.47 -11.92
N VAL M 186 35.99 -35.79 -10.70
CA VAL M 186 35.15 -36.41 -9.66
C VAL M 186 35.10 -35.52 -8.41
N ASN M 187 33.99 -35.56 -7.67
CA ASN M 187 33.73 -34.61 -6.59
C ASN M 187 33.12 -35.24 -5.32
N SER M 188 32.98 -34.41 -4.28
CA SER M 188 32.47 -34.81 -2.95
C SER M 188 30.96 -35.07 -2.89
N VAL M 189 30.24 -34.97 -4.01
CA VAL M 189 28.81 -35.27 -4.10
C VAL M 189 28.52 -36.44 -5.04
N GLY M 190 29.53 -37.24 -5.36
CA GLY M 190 29.38 -38.49 -6.13
C GLY M 190 29.08 -38.29 -7.60
N GLN M 191 29.62 -37.22 -8.20
CA GLN M 191 29.47 -36.95 -9.62
C GLN M 191 30.79 -37.11 -10.35
N LEU M 192 30.71 -37.73 -11.53
CA LEU M 192 31.72 -37.68 -12.57
C LEU M 192 31.26 -36.61 -13.59
N LYS M 193 32.11 -35.64 -13.92
CA LYS M 193 31.78 -34.55 -14.84
C LYS M 193 32.74 -34.49 -16.01
N LEU M 194 32.21 -34.34 -17.22
CA LEU M 194 32.98 -34.16 -18.45
C LEU M 194 33.04 -32.69 -18.81
N TRP M 195 34.24 -32.21 -19.14
CA TRP M 195 34.52 -30.83 -19.48
C TRP M 195 35.20 -30.75 -20.84
N ASP M 196 34.73 -29.85 -21.71
CA ASP M 196 35.48 -29.43 -22.90
C ASP M 196 36.27 -28.17 -22.56
N LEU M 197 37.60 -28.27 -22.58
CA LEU M 197 38.50 -27.18 -22.22
C LEU M 197 38.47 -26.02 -23.22
N ARG M 198 37.95 -26.24 -24.44
CA ARG M 198 37.78 -25.21 -25.47
C ARG M 198 36.45 -24.45 -25.35
N LYS M 199 35.48 -25.01 -24.62
CA LYS M 199 34.19 -24.35 -24.38
C LYS M 199 34.43 -23.12 -23.51
N GLN M 200 33.92 -21.96 -23.96
CA GLN M 200 34.10 -20.69 -23.24
C GLN M 200 33.28 -20.58 -21.95
N GLY M 201 32.26 -21.42 -21.78
CA GLY M 201 31.43 -21.45 -20.57
C GLY M 201 32.03 -22.27 -19.43
N ASN M 202 31.44 -22.11 -18.25
CA ASN M 202 31.88 -22.78 -17.02
C ASN M 202 31.02 -24.01 -16.67
N ASP M 203 30.05 -24.37 -17.52
CA ASP M 203 29.22 -25.55 -17.31
C ASP M 203 29.88 -26.81 -17.88
N PRO M 204 29.81 -27.95 -17.17
CA PRO M 204 30.24 -29.24 -17.70
C PRO M 204 29.44 -29.61 -18.94
N THR M 205 30.05 -30.36 -19.85
CA THR M 205 29.40 -30.92 -21.05
C THR M 205 28.45 -32.05 -20.67
N GLN M 206 28.85 -32.91 -19.73
CA GLN M 206 28.03 -34.00 -19.21
C GLN M 206 28.27 -34.21 -17.71
N ILE M 207 27.27 -34.77 -17.03
CA ILE M 207 27.32 -35.14 -15.62
C ILE M 207 26.78 -36.57 -15.49
N PHE M 208 27.55 -37.43 -14.82
CA PHE M 208 27.26 -38.83 -14.55
C PHE M 208 27.20 -39.03 -13.03
N SER M 209 26.33 -39.94 -12.58
CA SER M 209 26.21 -40.28 -11.16
C SER M 209 25.48 -41.61 -10.97
N VAL M 210 25.68 -42.26 -9.83
CA VAL M 210 24.91 -43.44 -9.41
C VAL M 210 23.45 -43.07 -9.09
N THR M 211 22.55 -44.06 -9.12
CA THR M 211 21.12 -43.85 -8.78
C THR M 211 20.94 -44.07 -7.29
N GLY M 212 20.23 -43.15 -6.63
CA GLY M 212 19.94 -43.25 -5.20
C GLY M 212 20.89 -42.37 -4.38
N GLU M 213 21.43 -42.94 -3.31
CA GLU M 213 22.36 -42.22 -2.43
C GLU M 213 23.70 -42.01 -3.13
N ARG M 214 24.21 -40.78 -3.07
CA ARG M 214 25.49 -40.42 -3.68
C ARG M 214 26.54 -40.31 -2.60
N VAL M 215 27.65 -40.99 -2.83
CA VAL M 215 28.84 -40.94 -1.98
C VAL M 215 29.96 -40.21 -2.72
N PRO M 216 30.88 -39.51 -2.03
CA PRO M 216 32.05 -38.90 -2.66
C PRO M 216 32.81 -39.86 -3.57
N LEU M 217 33.24 -39.36 -4.73
CA LEU M 217 34.17 -40.05 -5.62
C LEU M 217 35.56 -39.43 -5.42
N HIS M 218 36.57 -40.25 -5.13
CA HIS M 218 37.93 -39.81 -4.80
C HIS M 218 38.88 -39.93 -5.98
N CYS M 219 38.73 -40.96 -6.80
CA CYS M 219 39.65 -41.22 -7.91
C CYS M 219 38.93 -41.54 -9.22
N VAL M 220 39.65 -41.30 -10.32
CA VAL M 220 39.19 -41.52 -11.68
C VAL M 220 40.37 -41.87 -12.57
N ASP M 221 40.21 -42.90 -13.41
CA ASP M 221 41.14 -43.20 -14.47
C ASP M 221 40.42 -43.61 -15.75
N ARG M 222 41.06 -43.36 -16.89
CA ARG M 222 40.52 -43.64 -18.22
C ARG M 222 41.29 -44.79 -18.85
N HIS M 223 40.55 -45.76 -19.36
CA HIS M 223 41.13 -46.86 -20.12
C HIS M 223 42.04 -46.32 -21.26
N PRO M 224 43.29 -46.80 -21.40
CA PRO M 224 44.28 -46.19 -22.28
C PRO M 224 43.92 -46.30 -23.76
N ASN M 225 43.39 -47.45 -24.19
CA ASN M 225 43.02 -47.70 -25.60
C ASN M 225 41.54 -47.42 -25.93
N GLN M 226 40.68 -47.29 -24.92
CA GLN M 226 39.23 -47.18 -25.09
C GLN M 226 38.75 -45.94 -24.35
N GLN M 227 38.89 -44.79 -24.99
CA GLN M 227 38.67 -43.49 -24.33
C GLN M 227 37.29 -43.31 -23.69
N HIS M 228 36.29 -44.09 -24.09
CA HIS M 228 34.95 -44.00 -23.54
C HIS M 228 34.77 -44.79 -22.24
N VAL M 229 35.72 -45.66 -21.88
CA VAL M 229 35.69 -46.47 -20.67
C VAL M 229 36.46 -45.77 -19.57
N VAL M 230 35.79 -45.57 -18.44
CA VAL M 230 36.32 -44.85 -17.28
C VAL M 230 36.06 -45.69 -16.04
N ALA M 231 37.03 -45.72 -15.13
CA ALA M 231 36.88 -46.29 -13.81
C ALA M 231 36.89 -45.16 -12.77
N THR M 232 36.08 -45.28 -11.73
CA THR M 232 36.11 -44.38 -10.57
C THR M 232 36.04 -45.17 -9.27
N GLY M 233 36.65 -44.64 -8.22
CA GLY M 233 36.56 -45.13 -6.85
C GLY M 233 36.08 -44.05 -5.90
N GLY M 234 35.39 -44.43 -4.84
CA GLY M 234 34.75 -43.49 -3.91
C GLY M 234 34.90 -43.85 -2.45
N GLN M 235 34.14 -43.11 -1.64
CA GLN M 235 34.18 -43.21 -0.18
C GLN M 235 33.68 -44.56 0.36
N ASP M 236 32.76 -45.19 -0.35
CA ASP M 236 32.20 -46.50 0.02
C ASP M 236 33.06 -47.69 -0.43
N GLY M 237 34.27 -47.44 -0.95
CA GLY M 237 35.17 -48.47 -1.43
C GLY M 237 34.72 -49.14 -2.72
N MET M 238 33.71 -48.61 -3.42
CA MET M 238 33.18 -49.23 -4.62
C MET M 238 33.96 -48.85 -5.88
N LEU M 239 34.22 -49.84 -6.75
CA LEU M 239 34.73 -49.61 -8.11
C LEU M 239 33.56 -49.45 -9.08
N CYS M 240 33.44 -48.29 -9.70
CA CYS M 240 32.45 -48.01 -10.74
C CYS M 240 33.10 -47.99 -12.12
N ILE M 241 32.52 -48.70 -13.08
CA ILE M 241 32.91 -48.64 -14.49
C ILE M 241 31.84 -47.90 -15.29
N TRP M 242 32.25 -46.95 -16.12
CA TRP M 242 31.39 -46.07 -16.92
C TRP M 242 31.69 -46.22 -18.41
N ASP M 243 30.66 -46.19 -19.26
CA ASP M 243 30.80 -45.84 -20.67
C ASP M 243 30.26 -44.41 -20.87
N VAL M 244 31.15 -43.44 -21.01
CA VAL M 244 30.76 -42.01 -21.08
C VAL M 244 30.02 -41.63 -22.37
N ARG M 245 29.81 -42.57 -23.30
CA ARG M 245 28.94 -42.39 -24.47
C ARG M 245 27.53 -42.93 -24.24
N HIS M 246 27.36 -43.86 -23.31
CA HIS M 246 26.14 -44.65 -23.15
C HIS M 246 25.51 -44.41 -21.78
N GLY M 247 24.65 -43.39 -21.72
CA GLY M 247 23.90 -43.07 -20.51
C GLY M 247 24.67 -42.22 -19.51
N LYS M 248 24.02 -41.94 -18.38
CA LYS M 248 24.57 -41.11 -17.28
C LYS M 248 24.86 -41.92 -16.01
N MET M 249 24.69 -43.23 -16.11
CA MET M 249 24.78 -44.20 -15.01
C MET M 249 26.01 -45.07 -15.22
N PRO M 250 26.61 -45.64 -14.16
CA PRO M 250 27.67 -46.62 -14.35
C PRO M 250 27.13 -47.88 -15.03
N MET M 251 27.99 -48.52 -15.82
CA MET M 251 27.73 -49.81 -16.47
C MET M 251 27.92 -50.97 -15.48
N SER M 252 28.87 -50.83 -14.55
CA SER M 252 29.13 -51.81 -13.50
C SER M 252 29.49 -51.11 -12.19
N LEU M 253 29.11 -51.76 -11.09
CA LEU M 253 29.38 -51.33 -9.72
C LEU M 253 29.84 -52.57 -8.96
N LEU M 254 31.11 -52.57 -8.52
CA LEU M 254 31.80 -53.72 -7.94
C LEU M 254 32.27 -53.39 -6.52
N ASN M 255 32.02 -54.30 -5.58
CA ASN M 255 32.61 -54.21 -4.23
C ASN M 255 34.11 -54.44 -4.36
N ALA M 256 34.89 -53.41 -4.05
CA ALA M 256 36.33 -53.44 -4.19
C ALA M 256 37.06 -53.32 -2.85
N HIS M 257 36.63 -52.46 -1.95
CA HIS M 257 37.31 -52.24 -0.68
C HIS M 257 36.32 -52.04 0.46
N GLU M 258 36.77 -52.20 1.70
CA GLU M 258 35.94 -52.03 2.90
C GLU M 258 35.98 -50.58 3.45
N ALA M 259 36.77 -49.70 2.82
CA ALA M 259 36.90 -48.29 3.15
C ALA M 259 37.17 -47.44 1.89
N GLU M 260 37.45 -46.15 2.04
CA GLU M 260 37.69 -45.20 0.95
C GLU M 260 38.70 -45.74 -0.08
N MET M 261 38.35 -45.69 -1.37
CA MET M 261 39.27 -46.04 -2.45
C MET M 261 40.05 -44.81 -2.91
N TRP M 262 41.37 -44.82 -2.71
CA TRP M 262 42.23 -43.67 -2.97
C TRP M 262 42.67 -43.53 -4.42
N GLU M 263 43.05 -44.62 -5.07
CA GLU M 263 43.45 -44.60 -6.47
C GLU M 263 42.92 -45.82 -7.22
N VAL M 264 42.65 -45.61 -8.51
CA VAL M 264 42.35 -46.64 -9.50
C VAL M 264 43.20 -46.36 -10.72
N HIS M 265 43.87 -47.37 -11.28
CA HIS M 265 44.65 -47.23 -12.50
C HIS M 265 44.49 -48.47 -13.39
N PHE M 266 44.15 -48.26 -14.65
CA PHE M 266 44.32 -49.28 -15.68
C PHE M 266 45.81 -49.48 -15.94
N HIS M 267 46.21 -50.73 -16.23
CA HIS M 267 47.57 -50.97 -16.68
C HIS M 267 47.81 -50.30 -18.05
N PRO M 268 48.80 -49.40 -18.20
CA PRO M 268 48.95 -48.57 -19.40
C PRO M 268 49.09 -49.35 -20.71
N SER M 269 49.82 -50.47 -20.69
CA SER M 269 50.11 -51.30 -21.87
C SER M 269 49.37 -52.64 -21.92
N ASN M 270 48.62 -53.00 -20.87
CA ASN M 270 47.92 -54.28 -20.76
C ASN M 270 46.58 -54.07 -20.04
N PRO M 271 45.65 -53.30 -20.62
CA PRO M 271 44.50 -52.75 -19.90
C PRO M 271 43.39 -53.75 -19.56
N ASP M 272 43.62 -55.04 -19.81
CA ASP M 272 42.82 -56.12 -19.20
C ASP M 272 43.10 -56.24 -17.69
N HIS M 273 44.14 -55.55 -17.19
CA HIS M 273 44.48 -55.43 -15.79
C HIS M 273 44.18 -54.01 -15.26
N LEU M 274 43.64 -53.95 -14.05
CA LEU M 274 43.37 -52.72 -13.30
C LEU M 274 43.82 -52.89 -11.85
N PHE M 275 44.23 -51.79 -11.22
CA PHE M 275 44.74 -51.80 -9.85
C PHE M 275 44.01 -50.76 -9.01
N THR M 276 43.70 -51.09 -7.77
CA THR M 276 43.05 -50.18 -6.82
C THR M 276 43.72 -50.24 -5.46
N CYS M 277 43.78 -49.11 -4.75
CA CYS M 277 44.25 -49.06 -3.35
C CYS M 277 43.28 -48.28 -2.46
N SER M 278 43.35 -48.55 -1.15
CA SER M 278 42.35 -48.06 -0.20
C SER M 278 42.92 -47.72 1.18
N GLU M 279 42.14 -46.93 1.90
CA GLU M 279 42.25 -46.68 3.34
C GLU M 279 42.27 -47.96 4.18
N ASP M 280 41.63 -49.04 3.71
CA ASP M 280 41.61 -50.32 4.42
C ASP M 280 42.96 -51.06 4.45
N GLY M 281 43.99 -50.48 3.83
CA GLY M 281 45.34 -51.04 3.79
C GLY M 281 45.53 -52.10 2.72
N SER M 282 44.64 -52.20 1.74
CA SER M 282 44.76 -53.18 0.67
C SER M 282 45.12 -52.56 -0.69
N LEU M 283 45.76 -53.38 -1.51
CA LEU M 283 46.12 -53.08 -2.90
C LEU M 283 45.65 -54.26 -3.76
N TRP M 284 44.64 -54.03 -4.58
CA TRP M 284 44.02 -55.09 -5.37
C TRP M 284 44.45 -55.02 -6.83
N HIS M 285 44.68 -56.20 -7.40
CA HIS M 285 44.82 -56.42 -8.83
C HIS M 285 43.55 -57.10 -9.34
N TRP M 286 42.95 -56.48 -10.35
CA TRP M 286 41.78 -56.95 -11.08
C TRP M 286 42.23 -57.43 -12.46
N ASP M 287 41.92 -58.66 -12.80
CA ASP M 287 42.25 -59.29 -14.08
C ASP M 287 40.98 -59.66 -14.84
N ALA M 288 40.77 -59.02 -15.98
CA ALA M 288 39.67 -59.24 -16.88
C ALA M 288 40.07 -60.07 -18.13
N SER M 289 41.28 -60.62 -18.17
CA SER M 289 41.83 -61.34 -19.33
C SER M 289 41.25 -62.74 -19.54
N ALA M 290 40.52 -63.29 -18.55
CA ALA M 290 39.93 -64.63 -18.62
C ALA M 290 39.01 -64.84 -19.85
N ASP M 291 38.46 -63.78 -20.44
CA ASP M 291 37.59 -63.83 -21.63
C ASP M 291 38.35 -63.61 -22.96
N SER M 292 39.69 -63.45 -22.94
CA SER M 292 40.50 -63.25 -24.15
C SER M 292 40.88 -64.55 -24.88
N GLU M 293 40.52 -65.71 -24.33
CA GLU M 293 40.54 -66.99 -25.05
C GLU M 293 39.57 -66.89 -26.24
N LYS M 294 40.14 -66.54 -27.41
CA LYS M 294 39.48 -66.45 -28.71
C LYS M 294 38.35 -67.49 -28.80
N PRO M 295 37.14 -67.12 -29.23
CA PRO M 295 36.03 -68.05 -29.31
C PRO M 295 36.37 -69.14 -30.32
N THR M 296 36.93 -70.24 -29.81
CA THR M 296 37.09 -71.48 -30.54
C THR M 296 35.69 -72.05 -30.60
N PHE M 297 35.01 -71.73 -31.69
CA PHE M 297 33.73 -72.28 -32.11
C PHE M 297 33.76 -73.80 -32.09
N LEU M 298 33.58 -74.49 -30.96
CA LEU M 298 33.26 -75.90 -30.92
C LEU M 298 32.53 -76.30 -29.63
N LEU M 299 31.29 -76.78 -29.84
CA LEU M 299 30.64 -77.87 -29.11
C LEU M 299 30.06 -77.57 -27.71
N GLY M 300 28.80 -77.12 -27.74
CA GLY M 300 27.64 -77.76 -27.11
C GLY M 300 27.79 -78.40 -25.72
N GLY M 301 27.04 -77.87 -24.75
CA GLY M 301 26.90 -78.54 -23.46
C GLY M 301 26.08 -77.79 -22.42
N ARG M 302 24.75 -77.85 -22.58
CA ARG M 302 23.72 -77.92 -21.51
C ARG M 302 24.24 -77.88 -20.05
N SER M 303 23.93 -76.82 -19.30
CA SER M 303 23.33 -76.94 -17.96
C SER M 303 22.89 -75.57 -17.39
N THR M 304 21.85 -75.63 -16.59
CA THR M 304 21.04 -74.59 -15.96
C THR M 304 21.54 -74.22 -14.56
N PHE M 305 21.63 -72.94 -14.18
CA PHE M 305 21.36 -72.46 -12.81
C PHE M 305 20.93 -70.98 -12.81
N ASN M 306 19.85 -70.69 -12.08
CA ASN M 306 19.23 -69.38 -11.92
C ASN M 306 19.90 -68.60 -10.77
N ILE M 307 20.32 -67.35 -11.01
CA ILE M 307 20.43 -66.31 -9.97
C ILE M 307 20.01 -64.97 -10.58
N SER M 308 19.12 -64.26 -9.89
CA SER M 308 18.49 -63.01 -10.32
C SER M 308 19.40 -61.80 -10.12
N ARG M 309 19.65 -61.04 -11.20
CA ARG M 309 19.98 -59.60 -11.16
C ARG M 309 19.25 -58.90 -12.30
N SER M 310 18.68 -57.72 -12.01
CA SER M 310 17.96 -56.91 -12.98
C SER M 310 18.94 -56.11 -13.86
N SER M 311 18.96 -56.37 -15.16
CA SER M 311 19.45 -55.40 -16.14
C SER M 311 18.54 -55.43 -17.37
N ILE M 312 18.06 -54.24 -17.75
CA ILE M 312 17.30 -53.99 -18.97
C ILE M 312 18.32 -53.54 -20.01
N ALA M 313 18.78 -54.45 -20.87
CA ALA M 313 19.60 -54.10 -22.02
C ALA M 313 18.84 -54.45 -23.31
N PRO M 314 18.62 -53.49 -24.23
CA PRO M 314 17.98 -53.77 -25.52
C PRO M 314 18.91 -54.61 -26.43
N PRO M 315 18.38 -55.55 -27.23
CA PRO M 315 19.15 -56.66 -27.78
C PRO M 315 19.90 -56.36 -29.10
N ASN M 316 20.20 -55.11 -29.44
CA ASN M 316 20.84 -54.77 -30.72
C ASN M 316 22.02 -53.82 -30.54
N ALA M 317 23.16 -54.34 -30.09
CA ALA M 317 24.45 -53.70 -30.27
C ALA M 317 25.45 -54.72 -30.83
N ASN M 318 26.01 -54.38 -31.99
CA ASN M 318 27.01 -55.14 -32.72
C ASN M 318 28.15 -55.62 -31.80
N GLN M 319 28.61 -56.86 -32.01
CA GLN M 319 29.76 -57.52 -31.36
C GLN M 319 31.10 -56.87 -31.75
N SER M 320 31.20 -55.55 -31.64
CA SER M 320 32.41 -54.78 -31.83
C SER M 320 33.22 -54.87 -30.55
N LEU M 321 34.34 -55.62 -30.57
CA LEU M 321 35.43 -55.57 -29.58
C LEU M 321 34.92 -55.26 -28.16
N ALA M 322 34.18 -56.19 -27.56
CA ALA M 322 33.65 -55.96 -26.22
C ALA M 322 34.81 -55.68 -25.26
N CYS M 323 34.82 -54.50 -24.66
CA CYS M 323 35.73 -54.22 -23.55
C CYS M 323 35.40 -55.20 -22.43
N ALA M 324 36.39 -55.93 -21.91
CA ALA M 324 36.17 -56.90 -20.83
C ALA M 324 35.47 -56.24 -19.62
N TRP M 325 35.82 -54.99 -19.33
CA TRP M 325 35.23 -54.16 -18.26
C TRP M 325 33.76 -53.77 -18.45
N LEU M 326 33.23 -53.87 -19.68
CA LEU M 326 31.83 -53.56 -20.00
C LEU M 326 30.98 -54.83 -20.21
N SER M 327 31.58 -56.02 -20.13
CA SER M 327 30.86 -57.27 -20.30
C SER M 327 29.82 -57.44 -19.19
N THR M 328 28.56 -57.64 -19.57
CA THR M 328 27.44 -57.87 -18.64
C THR M 328 27.07 -59.35 -18.52
N ASP M 329 27.73 -60.23 -19.29
CA ASP M 329 27.40 -61.65 -19.32
C ASP M 329 28.00 -62.36 -18.09
N PRO M 330 27.18 -62.78 -17.12
CA PRO M 330 27.67 -63.41 -15.89
C PRO M 330 28.36 -64.76 -16.14
N THR M 331 28.18 -65.35 -17.32
CA THR M 331 28.86 -66.60 -17.70
C THR M 331 30.23 -66.38 -18.33
N LYS M 332 30.60 -65.14 -18.70
CA LYS M 332 31.83 -64.82 -19.42
C LYS M 332 32.79 -63.87 -18.69
N GLY M 333 32.26 -63.00 -17.82
CA GLY M 333 33.08 -62.02 -17.10
C GLY M 333 33.67 -62.54 -15.78
N GLN M 334 34.51 -63.58 -15.81
CA GLN M 334 35.20 -64.01 -14.59
C GLN M 334 36.38 -63.06 -14.32
N LEU M 335 36.12 -62.02 -13.50
CA LEU M 335 37.17 -61.16 -12.96
C LEU M 335 37.93 -61.94 -11.89
N GLU M 336 39.23 -62.14 -12.09
CA GLU M 336 40.11 -62.61 -11.03
C GLU M 336 40.59 -61.40 -10.21
N ILE M 337 40.48 -61.51 -8.89
CA ILE M 337 40.76 -60.42 -7.96
C ILE M 337 41.77 -60.92 -6.93
N THR M 338 42.90 -60.23 -6.84
CA THR M 338 44.00 -60.63 -5.98
C THR M 338 44.45 -59.46 -5.12
N ASN M 339 44.51 -59.65 -3.80
CA ASN M 339 45.17 -58.69 -2.91
C ASN M 339 46.69 -58.90 -2.99
N LEU M 340 47.41 -57.86 -3.42
CA LEU M 340 48.84 -57.90 -3.72
C LEU M 340 49.71 -57.70 -2.47
N LEU M 341 49.21 -56.99 -1.46
CA LEU M 341 49.94 -56.75 -0.22
C LEU M 341 49.48 -57.72 0.88
N PRO M 342 50.38 -58.07 1.83
CA PRO M 342 49.98 -58.84 3.00
C PRO M 342 48.94 -58.05 3.81
N SER M 343 48.03 -58.77 4.49
CA SER M 343 47.05 -58.17 5.41
C SER M 343 47.74 -57.34 6.49
N SER M 344 47.18 -56.19 6.85
CA SER M 344 47.55 -55.27 7.95
C SER M 344 48.51 -54.10 7.67
N THR M 345 48.53 -53.51 6.47
CA THR M 345 49.12 -52.17 6.35
C THR M 345 48.15 -51.12 6.87
N LEU M 346 48.67 -49.95 7.27
CA LEU M 346 47.88 -48.73 7.27
C LEU M 346 47.48 -48.38 5.82
N SER M 347 46.70 -47.33 5.65
CA SER M 347 46.23 -46.82 4.35
C SER M 347 47.27 -46.91 3.23
N VAL M 348 46.86 -47.46 2.08
CA VAL M 348 47.65 -47.46 0.85
C VAL M 348 47.18 -46.26 0.01
N ASN M 349 47.90 -45.16 0.12
CA ASN M 349 47.48 -43.85 -0.38
C ASN M 349 47.64 -43.68 -1.89
N SER M 350 48.55 -44.45 -2.49
CA SER M 350 48.92 -44.27 -3.90
C SER M 350 49.54 -45.53 -4.47
N LEU M 351 49.31 -45.76 -5.76
CA LEU M 351 49.94 -46.79 -6.54
C LEU M 351 50.34 -46.25 -7.91
N ASP M 352 51.36 -46.83 -8.53
CA ASP M 352 51.60 -46.62 -9.95
C ASP M 352 52.21 -47.87 -10.59
N VAL M 353 51.83 -48.13 -11.84
CA VAL M 353 52.15 -49.35 -12.57
C VAL M 353 52.73 -49.03 -13.95
N LEU M 354 53.90 -49.60 -14.24
CA LEU M 354 54.60 -49.41 -15.51
C LEU M 354 55.36 -50.68 -15.92
N GLY M 355 54.86 -51.33 -16.98
CA GLY M 355 55.45 -52.56 -17.52
C GLY M 355 55.24 -53.75 -16.58
N GLN M 356 56.32 -54.24 -15.95
CA GLN M 356 56.26 -55.33 -14.97
C GLN M 356 56.38 -54.82 -13.53
N ASN M 357 56.35 -53.50 -13.35
CA ASN M 357 56.73 -52.85 -12.11
C ASN M 357 55.51 -52.14 -11.52
N LEU M 358 55.34 -52.28 -10.20
CA LEU M 358 54.36 -51.55 -9.43
C LEU M 358 55.03 -50.97 -8.20
N VAL M 359 54.74 -49.71 -7.90
CA VAL M 359 55.13 -49.04 -6.66
C VAL M 359 53.87 -48.60 -5.94
N CYS M 360 53.85 -48.69 -4.61
CA CYS M 360 52.82 -48.05 -3.80
C CYS M 360 53.41 -47.43 -2.53
N GLY M 361 52.73 -46.40 -2.03
CA GLY M 361 53.09 -45.66 -0.83
C GLY M 361 51.99 -45.73 0.21
N THR M 362 52.39 -45.73 1.49
CA THR M 362 51.47 -46.00 2.60
C THR M 362 51.64 -45.02 3.76
N ASP M 363 50.63 -45.01 4.63
CA ASP M 363 50.67 -44.35 5.94
C ASP M 363 51.50 -45.12 6.98
N ALA M 364 51.92 -46.35 6.67
CA ALA M 364 52.88 -47.11 7.47
C ALA M 364 54.34 -46.61 7.28
N GLU M 365 54.50 -45.40 6.73
CA GLU M 365 55.79 -44.78 6.42
C GLU M 365 56.68 -45.68 5.55
N ALA M 366 56.07 -46.42 4.64
CA ALA M 366 56.71 -47.42 3.81
C ALA M 366 56.33 -47.30 2.34
N ILE M 367 57.31 -47.59 1.48
CA ILE M 367 57.18 -47.76 0.04
C ILE M 367 57.31 -49.24 -0.28
N TYR M 368 56.39 -49.80 -1.06
CA TYR M 368 56.48 -51.16 -1.56
C TYR M 368 56.73 -51.13 -3.06
N VAL M 369 57.67 -51.94 -3.53
CA VAL M 369 58.02 -52.04 -4.96
C VAL M 369 58.07 -53.49 -5.37
N THR M 370 57.43 -53.83 -6.48
CA THR M 370 57.64 -55.08 -7.21
C THR M 370 58.10 -54.81 -8.63
N ARG M 371 58.93 -55.69 -9.18
CA ARG M 371 59.40 -55.66 -10.58
C ARG M 371 58.98 -56.91 -11.37
N ARG M 372 58.14 -57.75 -10.76
CA ARG M 372 57.63 -59.00 -11.33
C ARG M 372 56.14 -59.13 -11.03
N LEU M 373 55.37 -58.13 -11.49
CA LEU M 373 53.95 -58.01 -11.18
C LEU M 373 53.17 -59.27 -11.58
N PHE M 374 53.39 -59.76 -12.80
CA PHE M 374 52.65 -60.89 -13.39
C PHE M 374 53.38 -62.25 -13.30
N SER M 375 54.49 -62.36 -12.55
CA SER M 375 55.25 -63.62 -12.46
C SER M 375 54.67 -64.65 -11.51
N MET N 1 124.28 -58.23 -42.66
CA MET N 1 125.55 -57.57 -42.98
C MET N 1 125.64 -56.37 -42.07
N GLU N 2 126.60 -56.34 -41.16
CA GLU N 2 127.10 -55.05 -40.66
C GLU N 2 127.51 -54.24 -41.89
N GLU N 3 127.11 -52.97 -41.94
CA GLU N 3 127.54 -52.06 -43.02
C GLU N 3 129.07 -52.10 -43.08
N LEU N 4 129.62 -52.31 -44.28
CA LEU N 4 131.06 -52.44 -44.48
C LEU N 4 131.77 -51.19 -43.93
N ASP N 5 132.58 -51.34 -42.86
CA ASP N 5 133.57 -50.35 -42.41
C ASP N 5 134.77 -50.29 -43.39
N VAL N 6 134.51 -50.39 -44.69
CA VAL N 6 135.50 -50.21 -45.73
C VAL N 6 135.12 -48.92 -46.44
N ASP N 7 136.03 -47.94 -46.45
CA ASP N 7 135.85 -46.73 -47.23
C ASP N 7 135.47 -47.13 -48.68
N PRO N 8 134.39 -46.58 -49.25
CA PRO N 8 133.99 -46.92 -50.59
C PRO N 8 135.14 -46.60 -51.56
N ALA N 9 135.43 -47.52 -52.48
CA ALA N 9 136.49 -47.32 -53.46
C ALA N 9 136.24 -46.03 -54.26
N GLU N 10 137.07 -45.01 -54.03
CA GLU N 10 136.98 -43.75 -54.74
C GLU N 10 137.42 -43.95 -56.20
N THR N 11 136.55 -43.65 -57.15
CA THR N 11 136.90 -43.65 -58.58
C THR N 11 137.18 -42.21 -59.03
N PRO N 12 138.45 -41.77 -59.12
CA PRO N 12 138.75 -40.43 -59.59
C PRO N 12 138.46 -40.32 -61.09
N ILE N 13 137.70 -39.29 -61.48
CA ILE N 13 137.33 -39.05 -62.88
C ILE N 13 138.17 -37.89 -63.42
N PRO N 14 139.13 -38.14 -64.32
CA PRO N 14 140.04 -37.12 -64.81
C PRO N 14 139.30 -35.95 -65.47
N GLY N 15 139.58 -34.74 -65.00
CA GLY N 15 139.04 -33.50 -65.57
C GLY N 15 137.68 -33.05 -65.02
N LEU N 16 136.97 -33.89 -64.25
CA LEU N 16 135.68 -33.55 -63.65
C LEU N 16 135.90 -32.78 -62.33
N GLY N 17 135.27 -31.60 -62.18
CA GLY N 17 135.38 -30.78 -60.96
C GLY N 17 136.56 -29.80 -60.95
N GLN N 18 137.31 -29.71 -62.04
CA GLN N 18 138.28 -28.63 -62.22
C GLN N 18 137.49 -27.32 -62.37
N GLN N 19 137.71 -26.34 -61.49
CA GLN N 19 137.06 -25.00 -61.44
C GLN N 19 135.80 -24.85 -60.54
N ASN N 20 135.66 -25.56 -59.41
CA ASN N 20 134.51 -25.39 -58.48
C ASN N 20 133.14 -25.57 -59.14
N ARG N 21 133.07 -26.38 -60.20
CA ARG N 21 131.82 -26.71 -60.88
C ARG N 21 131.14 -27.86 -60.16
N HIS N 22 129.81 -27.79 -60.05
CA HIS N 22 129.03 -28.86 -59.45
C HIS N 22 128.89 -30.02 -60.42
N ILE N 23 128.92 -31.25 -59.92
CA ILE N 23 128.75 -32.45 -60.75
C ILE N 23 127.27 -32.83 -60.77
N GLY N 24 126.68 -32.88 -61.97
CA GLY N 24 125.40 -33.53 -62.21
C GLY N 24 125.62 -34.98 -62.62
N PHE N 25 124.69 -35.85 -62.24
CA PHE N 25 124.75 -37.26 -62.59
C PHE N 25 123.39 -37.81 -63.01
N SER N 26 123.39 -38.81 -63.88
CA SER N 26 122.21 -39.59 -64.24
C SER N 26 122.57 -41.05 -64.35
N TRP N 27 121.84 -41.91 -63.63
CA TRP N 27 121.99 -43.35 -63.73
C TRP N 27 121.35 -43.87 -65.02
N GLY N 28 122.13 -44.61 -65.80
CA GLY N 28 121.65 -45.49 -66.86
C GLY N 28 121.47 -46.93 -66.35
N PRO N 29 121.11 -47.89 -67.23
CA PRO N 29 120.86 -49.29 -66.85
C PRO N 29 122.08 -50.05 -66.29
N GLY N 30 123.29 -49.58 -66.59
CA GLY N 30 124.56 -50.11 -66.05
C GLY N 30 125.71 -49.10 -66.15
N ASP N 31 125.41 -47.87 -66.56
CA ASP N 31 126.39 -46.81 -66.75
C ASP N 31 125.95 -45.58 -65.94
N LEU N 32 126.90 -44.77 -65.52
CA LEU N 32 126.67 -43.49 -64.85
C LEU N 32 127.09 -42.36 -65.79
N LEU N 33 126.14 -41.53 -66.19
CA LEU N 33 126.42 -40.31 -66.93
C LEU N 33 126.77 -39.19 -65.95
N LEU N 34 127.89 -38.53 -66.17
CA LEU N 34 128.36 -37.41 -65.36
C LEU N 34 128.62 -36.19 -66.24
N TYR N 35 128.25 -35.02 -65.74
CA TYR N 35 128.42 -33.77 -66.45
C TYR N 35 128.65 -32.63 -65.46
N GLU N 36 129.38 -31.60 -65.88
CA GLU N 36 129.59 -30.42 -65.06
C GLU N 36 128.40 -29.45 -65.17
N THR N 37 128.05 -28.84 -64.05
CA THR N 37 126.95 -27.90 -63.92
C THR N 37 127.40 -26.63 -63.19
N LEU N 38 126.79 -25.51 -63.58
CA LEU N 38 126.92 -24.24 -62.88
C LEU N 38 125.74 -24.09 -61.92
N TYR N 39 125.78 -24.76 -60.77
CA TYR N 39 124.73 -24.58 -59.75
C TYR N 39 125.02 -23.34 -58.88
N GLN N 40 124.85 -22.15 -59.48
CA GLN N 40 124.43 -20.86 -58.89
C GLN N 40 124.79 -19.76 -59.89
N LYS N 41 123.80 -19.29 -60.65
CA LYS N 41 123.88 -18.02 -61.38
C LYS N 41 123.82 -16.86 -60.38
N GLN N 42 124.95 -16.46 -59.83
CA GLN N 42 125.14 -15.06 -59.43
C GLN N 42 126.02 -14.39 -60.48
N GLY N 43 125.38 -13.77 -61.48
CA GLY N 43 126.07 -12.94 -62.47
C GLY N 43 125.66 -13.24 -63.91
N ASN N 44 125.12 -12.22 -64.58
CA ASN N 44 124.78 -12.19 -66.01
C ASN N 44 126.03 -12.32 -66.91
N SER N 45 126.67 -13.48 -66.96
CA SER N 45 127.61 -13.81 -68.02
C SER N 45 126.90 -14.69 -69.05
N GLU N 46 126.46 -14.08 -70.16
CA GLU N 46 125.98 -14.78 -71.37
C GLU N 46 127.09 -15.60 -72.07
N THR N 47 128.33 -15.54 -71.56
CA THR N 47 129.50 -16.29 -72.04
C THR N 47 129.90 -17.43 -71.09
N ALA N 48 129.02 -17.85 -70.18
CA ALA N 48 129.25 -19.01 -69.31
C ALA N 48 129.59 -20.25 -70.15
N ALA N 49 130.82 -20.74 -70.01
CA ALA N 49 131.37 -21.86 -70.78
C ALA N 49 130.39 -23.04 -70.75
N ARG N 50 129.89 -23.41 -71.94
CA ARG N 50 129.11 -24.64 -72.14
C ARG N 50 129.85 -25.80 -71.48
N CYS N 51 129.14 -26.68 -70.77
CA CYS N 51 129.68 -27.96 -70.33
C CYS N 51 130.23 -28.70 -71.56
N PRO N 52 131.57 -28.76 -71.76
CA PRO N 52 132.11 -29.22 -73.03
C PRO N 52 132.13 -30.75 -73.12
N PHE N 53 132.10 -31.43 -71.97
CA PHE N 53 132.24 -32.87 -71.88
C PHE N 53 131.13 -33.48 -71.02
N MET N 54 130.62 -34.61 -71.50
CA MET N 54 129.77 -35.52 -70.76
C MET N 54 130.54 -36.83 -70.63
N TYR N 55 130.69 -37.31 -69.41
CA TYR N 55 131.45 -38.51 -69.09
C TYR N 55 130.47 -39.67 -68.93
N LEU N 56 130.82 -40.82 -69.49
CA LEU N 56 130.10 -42.07 -69.29
C LEU N 56 131.00 -42.98 -68.47
N VAL N 57 130.68 -43.18 -67.20
CA VAL N 57 131.36 -44.13 -66.32
C VAL N 57 130.69 -45.47 -66.48
N ARG N 58 131.47 -46.49 -66.83
CA ARG N 58 130.99 -47.87 -66.97
C ARG N 58 131.55 -48.68 -65.81
N SER N 59 130.70 -49.44 -65.12
CA SER N 59 131.13 -50.29 -64.02
C SER N 59 131.84 -51.56 -64.50
N ASP N 60 131.49 -52.05 -65.69
CA ASP N 60 131.99 -53.34 -66.21
C ASP N 60 132.64 -53.16 -67.60
N GLU N 61 133.90 -52.71 -67.62
CA GLU N 61 134.67 -52.63 -68.87
C GLU N 61 134.90 -54.00 -69.52
N ASP N 62 134.91 -55.06 -68.71
CA ASP N 62 135.25 -56.42 -69.11
C ASP N 62 134.16 -57.03 -70.00
N ILE N 63 132.89 -56.70 -69.75
CA ILE N 63 131.76 -57.06 -70.61
C ILE N 63 131.95 -56.63 -72.09
N TYR N 64 132.72 -55.57 -72.34
CA TYR N 64 133.00 -55.07 -73.70
C TYR N 64 134.25 -55.68 -74.35
N SER N 65 135.03 -56.47 -73.62
CA SER N 65 136.21 -57.15 -74.18
C SER N 65 135.77 -58.18 -75.24
N PRO N 66 136.32 -58.13 -76.47
CA PRO N 66 136.00 -59.11 -77.51
C PRO N 66 136.33 -60.54 -77.11
N VAL N 67 137.41 -60.75 -76.35
CA VAL N 67 137.83 -62.08 -75.91
C VAL N 67 136.91 -62.59 -74.79
N LEU N 68 136.61 -61.75 -73.79
CA LEU N 68 135.67 -62.14 -72.72
C LEU N 68 134.25 -62.37 -73.24
N ARG N 69 133.88 -61.78 -74.37
CA ARG N 69 132.63 -62.13 -75.05
C ARG N 69 132.55 -63.61 -75.40
N LYS N 70 133.66 -64.25 -75.79
CA LYS N 70 133.70 -65.70 -76.03
C LYS N 70 133.50 -66.45 -74.72
N LEU N 71 134.20 -66.04 -73.65
CA LEU N 71 134.00 -66.57 -72.30
C LEU N 71 132.51 -66.59 -71.93
N PHE N 72 131.77 -65.49 -72.10
CA PHE N 72 130.35 -65.41 -71.76
C PHE N 72 129.44 -66.31 -72.60
N ASN N 73 129.73 -66.48 -73.90
CA ASN N 73 128.90 -67.33 -74.77
C ASN N 73 129.16 -68.83 -74.52
N GLU N 74 130.42 -69.22 -74.35
CA GLU N 74 130.77 -70.62 -74.07
C GLU N 74 130.33 -71.02 -72.65
N SER N 75 130.56 -70.16 -71.65
CA SER N 75 130.09 -70.39 -70.28
C SER N 75 128.57 -70.47 -70.16
N HIS N 76 127.82 -69.66 -70.94
CA HIS N 76 126.37 -69.78 -71.05
C HIS N 76 125.93 -71.14 -71.61
N SER N 77 126.61 -71.64 -72.63
CA SER N 77 126.31 -72.97 -73.19
C SER N 77 126.56 -74.08 -72.17
N ILE N 78 127.65 -73.99 -71.41
CA ILE N 78 127.95 -74.92 -70.31
C ILE N 78 126.88 -74.81 -69.22
N PHE N 79 126.51 -73.60 -68.80
CA PHE N 79 125.50 -73.34 -67.78
C PHE N 79 124.15 -73.95 -68.17
N VAL N 80 123.62 -73.61 -69.35
CA VAL N 80 122.34 -74.14 -69.84
C VAL N 80 122.39 -75.66 -69.99
N GLY N 81 123.52 -76.22 -70.43
CA GLY N 81 123.74 -77.67 -70.49
C GLY N 81 123.66 -78.32 -69.11
N LEU N 82 124.29 -77.71 -68.10
CA LEU N 82 124.23 -78.18 -66.71
C LEU N 82 122.79 -78.19 -66.18
N GLN N 83 122.05 -77.08 -66.35
CA GLN N 83 120.67 -76.98 -65.86
C GLN N 83 119.75 -78.04 -66.48
N LYS N 84 119.88 -78.28 -67.78
CA LYS N 84 119.08 -79.32 -68.47
C LYS N 84 119.40 -80.73 -68.00
N SER N 85 120.64 -80.98 -67.59
CA SER N 85 121.10 -82.29 -67.14
C SER N 85 120.84 -82.59 -65.66
N ALA N 86 120.36 -81.61 -64.90
CA ALA N 86 120.24 -81.70 -63.44
C ALA N 86 119.33 -82.85 -62.96
N GLU N 87 118.39 -83.30 -63.80
CA GLU N 87 117.41 -84.34 -63.45
C GLU N 87 117.91 -85.78 -63.71
N GLU N 88 119.00 -85.98 -64.47
CA GLU N 88 119.27 -87.29 -65.10
C GLU N 88 120.21 -88.22 -64.31
N ALA N 89 121.11 -87.70 -63.47
CA ALA N 89 122.21 -88.49 -62.89
C ALA N 89 122.19 -88.53 -61.35
N SER N 90 122.49 -89.70 -60.77
CA SER N 90 122.57 -89.89 -59.30
C SER N 90 123.96 -90.36 -58.83
N GLY N 91 124.32 -89.96 -57.60
CA GLY N 91 125.49 -90.45 -56.87
C GLY N 91 126.85 -90.18 -57.57
N LYS N 92 127.67 -91.23 -57.73
CA LYS N 92 129.03 -91.14 -58.28
C LYS N 92 129.08 -90.61 -59.72
N SER N 93 128.08 -90.97 -60.54
CA SER N 93 127.98 -90.49 -61.92
C SER N 93 127.77 -88.98 -61.95
N ARG N 94 126.96 -88.44 -61.04
CA ARG N 94 126.72 -87.00 -60.91
C ARG N 94 127.99 -86.25 -60.51
N LYS N 95 128.74 -86.75 -59.53
CA LYS N 95 130.01 -86.14 -59.11
C LYS N 95 131.01 -86.05 -60.28
N ALA N 96 131.20 -87.15 -61.02
CA ALA N 96 132.08 -87.16 -62.19
C ALA N 96 131.63 -86.17 -63.28
N GLN N 97 130.31 -86.05 -63.49
CA GLN N 97 129.74 -85.07 -64.41
C GLN N 97 130.01 -83.62 -63.96
N LEU N 98 129.87 -83.32 -62.67
CA LEU N 98 130.12 -81.97 -62.13
C LEU N 98 131.61 -81.58 -62.21
N VAL N 99 132.51 -82.54 -61.95
CA VAL N 99 133.96 -82.34 -62.19
C VAL N 99 134.23 -82.07 -63.67
N GLN N 100 133.57 -82.80 -64.59
CA GLN N 100 133.70 -82.53 -66.03
C GLN N 100 133.19 -81.15 -66.42
N VAL N 101 132.08 -80.70 -65.84
CA VAL N 101 131.53 -79.35 -66.04
C VAL N 101 132.51 -78.29 -65.54
N SER N 102 133.09 -78.49 -64.34
CA SER N 102 134.14 -77.63 -63.79
C SER N 102 135.33 -77.49 -64.75
N ARG N 103 135.82 -78.61 -65.28
CA ARG N 103 136.91 -78.65 -66.26
C ARG N 103 136.56 -77.94 -67.55
N ASN N 104 135.30 -78.02 -68.00
CA ASN N 104 134.84 -77.27 -69.17
C ASN N 104 134.93 -75.76 -68.93
N TYR N 105 134.50 -75.26 -67.76
CA TYR N 105 134.67 -73.83 -67.41
C TYR N 105 136.13 -73.41 -67.40
N ARG N 106 137.02 -74.20 -66.78
CA ARG N 106 138.47 -73.91 -66.77
C ARG N 106 139.08 -73.96 -68.16
N SER N 107 138.65 -74.87 -69.01
CA SER N 107 139.11 -74.94 -70.41
C SER N 107 138.75 -73.67 -71.18
N VAL N 108 137.57 -73.08 -70.94
CA VAL N 108 137.17 -71.81 -71.57
C VAL N 108 138.03 -70.66 -71.05
N LEU N 109 138.29 -70.60 -69.73
CA LEU N 109 139.20 -69.59 -69.14
C LEU N 109 140.58 -69.67 -69.78
N ARG N 110 141.17 -70.87 -69.86
CA ARG N 110 142.49 -71.11 -70.45
C ARG N 110 142.55 -70.69 -71.92
N ALA N 111 141.55 -71.07 -72.72
CA ALA N 111 141.48 -70.67 -74.12
C ALA N 111 141.38 -69.14 -74.29
N CYS N 112 140.64 -68.46 -73.42
CA CYS N 112 140.57 -66.99 -73.43
C CYS N 112 141.91 -66.35 -73.06
N MET N 113 142.63 -66.89 -72.08
CA MET N 113 143.96 -66.39 -71.70
C MET N 113 145.00 -66.59 -72.82
N GLU N 114 145.01 -67.75 -73.47
CA GLU N 114 145.89 -68.03 -74.61
C GLU N 114 145.63 -67.05 -75.76
N GLU N 115 144.37 -66.78 -76.09
CA GLU N 115 144.01 -65.79 -77.09
C GLU N 115 144.49 -64.38 -76.69
N MET N 116 144.25 -63.96 -75.44
CA MET N 116 144.73 -62.66 -74.96
C MET N 116 146.26 -62.56 -75.01
N HIS N 117 146.98 -63.64 -74.69
CA HIS N 117 148.44 -63.67 -74.77
C HIS N 117 148.91 -63.43 -76.21
N THR N 118 148.34 -64.15 -77.19
CA THR N 118 148.67 -63.95 -78.62
C THR N 118 148.35 -62.53 -79.11
N LEU N 119 147.25 -61.94 -78.65
CA LEU N 119 146.89 -60.57 -78.99
C LEU N 119 147.84 -59.54 -78.34
N SER N 120 148.27 -59.79 -77.11
CA SER N 120 149.20 -58.90 -76.38
C SER N 120 150.56 -58.77 -77.06
N GLU N 121 151.07 -59.85 -77.67
CA GLU N 121 152.32 -59.84 -78.43
C GLU N 121 152.23 -58.99 -79.71
N SER N 122 151.04 -58.93 -80.31
CA SER N 122 150.82 -58.23 -81.58
C SER N 122 150.63 -56.71 -81.44
N THR N 123 150.11 -56.23 -80.30
CA THR N 123 149.60 -54.86 -80.16
C THR N 123 150.13 -54.17 -78.90
N ARG N 124 151.12 -53.27 -79.04
CA ARG N 124 151.81 -52.63 -77.89
C ARG N 124 150.91 -51.74 -77.02
N GLU N 125 149.98 -50.98 -77.60
CA GLU N 125 149.15 -50.03 -76.83
C GLU N 125 148.08 -50.72 -75.98
N THR N 126 147.59 -51.89 -76.42
CA THR N 126 146.57 -52.67 -75.69
C THR N 126 147.18 -53.81 -74.85
N ALA N 127 148.49 -54.07 -75.00
CA ALA N 127 149.20 -55.12 -74.28
C ALA N 127 149.00 -55.02 -72.75
N GLN N 128 149.12 -53.82 -72.17
CA GLN N 128 148.97 -53.65 -70.72
C GLN N 128 147.58 -54.04 -70.22
N LYS N 129 146.52 -53.72 -70.98
CA LYS N 129 145.14 -54.11 -70.65
C LYS N 129 144.94 -55.62 -70.74
N TYR N 130 145.54 -56.27 -71.74
CA TYR N 130 145.49 -57.73 -71.83
C TYR N 130 146.29 -58.40 -70.71
N ILE N 131 147.46 -57.87 -70.32
CA ILE N 131 148.26 -58.40 -69.22
C ILE N 131 147.48 -58.37 -67.90
N SER N 132 146.80 -57.25 -67.59
CA SER N 132 145.98 -57.18 -66.37
C SER N 132 144.79 -58.14 -66.43
N GLN N 133 144.12 -58.29 -67.57
CA GLN N 133 143.04 -59.27 -67.74
C GLN N 133 143.52 -60.71 -67.63
N ILE N 134 144.68 -61.05 -68.20
CA ILE N 134 145.29 -62.38 -68.08
C ILE N 134 145.60 -62.70 -66.62
N SER N 135 146.12 -61.72 -65.85
CA SER N 135 146.38 -61.89 -64.42
C SER N 135 145.10 -62.20 -63.64
N ILE N 136 144.01 -61.46 -63.90
CA ILE N 136 142.70 -61.71 -63.27
C ILE N 136 142.15 -63.10 -63.65
N LEU N 137 142.19 -63.47 -64.94
CA LEU N 137 141.73 -64.79 -65.39
C LEU N 137 142.59 -65.93 -64.83
N SER N 138 143.89 -65.71 -64.66
CA SER N 138 144.80 -66.67 -64.03
C SER N 138 144.44 -66.88 -62.56
N ALA N 139 144.17 -65.80 -61.82
CA ALA N 139 143.69 -65.86 -60.44
C ALA N 139 142.33 -66.58 -60.32
N MET N 140 141.41 -66.33 -61.26
CA MET N 140 140.13 -67.04 -61.36
C MET N 140 140.35 -68.54 -61.61
N GLU N 141 141.17 -68.92 -62.59
CA GLU N 141 141.41 -70.34 -62.90
C GLU N 141 142.14 -71.07 -61.76
N LEU N 142 143.12 -70.40 -61.12
CA LEU N 142 143.83 -70.90 -59.95
C LEU N 142 142.85 -71.26 -58.83
N SER N 143 142.01 -70.29 -58.47
CA SER N 143 141.05 -70.43 -57.36
C SER N 143 139.92 -71.40 -57.71
N TRP N 144 139.44 -71.37 -58.95
CA TRP N 144 138.45 -72.32 -59.45
C TRP N 144 138.98 -73.76 -59.38
N ASN N 145 140.21 -73.99 -59.83
CA ASN N 145 140.82 -75.32 -59.80
C ASN N 145 140.98 -75.81 -58.36
N LEU N 146 141.37 -74.93 -57.42
CA LEU N 146 141.42 -75.29 -56.00
C LEU N 146 140.02 -75.67 -55.47
N CYS N 147 138.99 -74.88 -55.82
CA CYS N 147 137.61 -75.18 -55.43
C CYS N 147 137.10 -76.50 -56.05
N GLU N 148 137.50 -76.81 -57.29
CA GLU N 148 137.22 -78.10 -57.94
C GLU N 148 137.77 -79.25 -57.10
N ILE N 149 139.02 -79.17 -56.66
CA ILE N 149 139.68 -80.21 -55.85
C ILE N 149 139.02 -80.36 -54.47
N LEU N 150 138.81 -79.23 -53.77
CA LEU N 150 138.37 -79.24 -52.37
C LEU N 150 136.88 -79.50 -52.21
N PHE N 151 136.04 -78.93 -53.08
CA PHE N 151 134.58 -78.95 -52.90
C PHE N 151 133.90 -79.94 -53.86
N ILE N 152 134.20 -79.86 -55.16
CA ILE N 152 133.50 -80.65 -56.20
C ILE N 152 133.99 -82.09 -56.21
N GLU N 153 135.31 -82.30 -56.34
CA GLU N 153 135.95 -83.60 -56.26
C GLU N 153 136.06 -84.08 -54.80
N SER N 154 135.97 -83.16 -53.83
CA SER N 154 136.03 -83.44 -52.39
C SER N 154 137.14 -84.45 -52.08
N ALA N 155 138.35 -84.13 -52.54
CA ALA N 155 139.46 -85.07 -52.57
C ALA N 155 139.83 -85.57 -51.17
N PRO N 156 139.81 -86.90 -50.92
CA PRO N 156 140.19 -87.43 -49.61
C PRO N 156 141.70 -87.42 -49.41
N ALA N 157 142.13 -87.69 -48.17
CA ALA N 157 143.53 -87.89 -47.83
C ALA N 157 144.17 -88.94 -48.77
N GLY N 158 145.36 -88.63 -49.27
CA GLY N 158 146.05 -89.39 -50.30
C GLY N 158 145.91 -88.75 -51.69
N PRO N 159 144.79 -88.95 -52.42
CA PRO N 159 144.55 -88.28 -53.71
C PRO N 159 144.64 -86.76 -53.65
N LEU N 160 144.27 -86.14 -52.51
CA LEU N 160 144.36 -84.71 -52.28
C LEU N 160 145.72 -84.11 -52.64
N LEU N 161 146.81 -84.67 -52.10
CA LEU N 161 148.16 -84.14 -52.36
C LEU N 161 148.56 -84.31 -53.83
N ILE N 162 148.17 -85.41 -54.48
CA ILE N 162 148.42 -85.62 -55.92
C ILE N 162 147.77 -84.51 -56.73
N LEU N 163 146.51 -84.17 -56.41
CA LEU N 163 145.77 -83.12 -57.08
C LEU N 163 146.35 -81.73 -56.77
N LEU N 164 146.84 -81.47 -55.56
CA LEU N 164 147.51 -80.21 -55.21
C LEU N 164 148.86 -80.04 -55.93
N LEU N 165 149.63 -81.13 -56.12
CA LEU N 165 150.84 -81.11 -56.95
C LEU N 165 150.51 -80.81 -58.41
N GLU N 166 149.46 -81.43 -58.94
CA GLU N 166 148.97 -81.11 -60.29
C GLU N 166 148.47 -79.67 -60.39
N TRP N 167 147.78 -79.17 -59.37
CA TRP N 167 147.31 -77.79 -59.28
C TRP N 167 148.45 -76.79 -59.35
N VAL N 168 149.50 -76.95 -58.52
CA VAL N 168 150.68 -76.08 -58.57
C VAL N 168 151.37 -76.16 -59.93
N ARG N 169 151.53 -77.36 -60.48
CA ARG N 169 152.16 -77.55 -61.79
C ARG N 169 151.42 -76.85 -62.93
N LEU N 170 150.08 -76.83 -62.90
CA LEU N 170 149.26 -76.18 -63.93
C LEU N 170 149.29 -74.65 -63.88
N HIS N 171 149.69 -74.08 -62.74
CA HIS N 171 149.60 -72.65 -62.47
C HIS N 171 150.96 -71.98 -62.20
N VAL N 172 152.03 -72.75 -61.99
CA VAL N 172 153.39 -72.27 -61.76
C VAL N 172 154.34 -72.88 -62.80
N CYS N 173 154.67 -72.12 -63.86
CA CYS N 173 155.44 -72.59 -65.02
C CYS N 173 156.93 -72.19 -65.02
N GLU N 174 157.40 -71.49 -64.00
CA GLU N 174 158.74 -70.86 -64.01
C GLU N 174 159.89 -71.89 -64.08
N VAL N 175 159.75 -73.01 -63.38
CA VAL N 175 160.74 -74.08 -63.36
C VAL N 175 160.96 -74.66 -64.77
N ASP N 176 159.88 -74.84 -65.55
CA ASP N 176 159.99 -75.35 -66.91
C ASP N 176 160.73 -74.36 -67.83
N ASN N 177 160.51 -73.06 -67.66
CA ASN N 177 161.24 -72.03 -68.41
C ASN N 177 162.73 -72.05 -68.07
N ILE N 178 163.08 -72.12 -66.77
CA ILE N 178 164.48 -72.24 -66.31
C ILE N 178 165.15 -73.46 -66.94
N VAL N 179 164.49 -74.61 -66.91
CA VAL N 179 165.06 -75.86 -67.44
C VAL N 179 165.18 -75.81 -68.96
N GLN N 180 164.23 -75.22 -69.68
CA GLN N 180 164.35 -75.04 -71.12
C GLN N 180 165.57 -74.18 -71.48
N ASP N 181 165.83 -73.10 -70.76
CA ASP N 181 167.00 -72.24 -70.98
C ASP N 181 168.32 -72.98 -70.67
N VAL N 182 168.37 -73.71 -69.56
CA VAL N 182 169.51 -74.58 -69.20
C VAL N 182 169.78 -75.61 -70.30
N LEU N 183 168.74 -76.23 -70.85
CA LEU N 183 168.87 -77.25 -71.89
C LEU N 183 169.24 -76.71 -73.27
N ARG N 184 168.97 -75.43 -73.54
CA ARG N 184 169.40 -74.75 -74.77
C ARG N 184 170.88 -74.35 -74.74
N SER N 185 171.49 -74.28 -73.56
CA SER N 185 172.94 -74.07 -73.41
C SER N 185 173.73 -75.22 -74.03
N GLU N 186 174.89 -74.89 -74.64
CA GLU N 186 175.82 -75.89 -75.18
C GLU N 186 176.29 -76.89 -74.12
N LYS N 187 176.41 -76.43 -72.88
CA LYS N 187 176.81 -77.23 -71.71
C LYS N 187 175.83 -77.04 -70.56
N PRO N 188 174.73 -77.81 -70.52
CA PRO N 188 173.70 -77.65 -69.51
C PRO N 188 174.21 -77.76 -68.07
N THR N 189 175.18 -78.63 -67.79
CA THR N 189 175.73 -78.85 -66.43
C THR N 189 176.59 -77.70 -65.92
N GLU N 190 177.12 -76.86 -66.82
CA GLU N 190 177.89 -75.65 -66.46
C GLU N 190 177.00 -74.39 -66.40
N HIS N 191 175.69 -74.51 -66.67
CA HIS N 191 174.76 -73.39 -66.66
C HIS N 191 174.44 -72.96 -65.22
N GLU N 192 174.41 -71.65 -64.95
CA GLU N 192 174.21 -71.08 -63.61
C GLU N 192 172.94 -71.62 -62.92
N LYS N 193 171.84 -71.71 -63.68
CA LYS N 193 170.54 -72.21 -63.20
C LYS N 193 170.35 -73.74 -63.27
N PHE N 194 171.40 -74.52 -63.54
CA PHE N 194 171.26 -75.99 -63.68
C PHE N 194 170.69 -76.63 -62.42
N TRP N 195 171.27 -76.32 -61.26
CA TRP N 195 170.82 -76.84 -59.97
C TRP N 195 169.49 -76.28 -59.51
N ASP N 196 169.15 -75.07 -59.96
CA ASP N 196 167.81 -74.49 -59.76
C ASP N 196 166.76 -75.30 -60.52
N GLY N 197 167.05 -75.74 -61.74
CA GLY N 197 166.19 -76.65 -62.49
C GLY N 197 166.01 -78.01 -61.81
N VAL N 198 167.09 -78.61 -61.30
CA VAL N 198 167.03 -79.88 -60.54
C VAL N 198 166.17 -79.70 -59.27
N THR N 199 166.47 -78.66 -58.49
CA THR N 199 165.78 -78.38 -57.22
C THR N 199 164.31 -78.04 -57.46
N GLY N 200 164.01 -77.24 -58.48
CA GLY N 200 162.64 -76.88 -58.87
C GLY N 200 161.80 -78.10 -59.25
N TYR N 201 162.35 -79.05 -60.02
CA TYR N 201 161.65 -80.30 -60.29
C TYR N 201 161.40 -81.14 -59.05
N VAL N 202 162.37 -81.20 -58.12
CA VAL N 202 162.18 -81.91 -56.84
C VAL N 202 161.08 -81.25 -56.00
N LEU N 203 161.08 -79.92 -55.88
CA LEU N 203 160.04 -79.16 -55.17
C LEU N 203 158.64 -79.43 -55.72
N GLN N 204 158.51 -79.57 -57.05
CA GLN N 204 157.25 -79.93 -57.71
C GLN N 204 156.88 -81.43 -57.66
N GLY N 205 157.67 -82.28 -57.01
CA GLY N 205 157.45 -83.74 -56.98
C GLY N 205 157.82 -84.48 -58.27
N ARG N 206 158.49 -83.82 -59.21
CA ARG N 206 158.86 -84.34 -60.54
C ARG N 206 160.20 -85.06 -60.52
N MET N 207 160.22 -86.16 -59.76
CA MET N 207 161.45 -86.91 -59.48
C MET N 207 162.09 -87.48 -60.75
N ASN N 208 161.31 -87.90 -61.74
CA ASN N 208 161.85 -88.48 -62.97
C ASN N 208 162.60 -87.45 -63.82
N GLU N 209 162.10 -86.22 -63.90
CA GLU N 209 162.72 -85.12 -64.64
C GLU N 209 163.96 -84.60 -63.93
N ALA N 210 163.93 -84.50 -62.59
CA ALA N 210 165.12 -84.20 -61.80
C ALA N 210 166.23 -85.24 -62.03
N ARG N 211 165.88 -86.53 -62.07
CA ARG N 211 166.81 -87.63 -62.36
C ARG N 211 167.41 -87.56 -63.76
N GLN N 212 166.66 -87.12 -64.77
CA GLN N 212 167.18 -86.91 -66.11
C GLN N 212 168.25 -85.81 -66.15
N LEU N 213 168.06 -84.72 -65.40
CA LEU N 213 169.08 -83.68 -65.26
C LEU N 213 170.31 -84.20 -64.50
N LEU N 214 170.11 -84.92 -63.40
CA LEU N 214 171.21 -85.54 -62.63
C LEU N 214 172.03 -86.54 -63.46
N ALA N 215 171.41 -87.27 -64.38
CA ALA N 215 172.12 -88.17 -65.29
C ALA N 215 173.11 -87.43 -66.19
N LYS N 216 172.80 -86.18 -66.59
CA LYS N 216 173.74 -85.33 -67.34
C LYS N 216 174.95 -84.97 -66.49
N GLU N 217 174.73 -84.55 -65.25
CA GLU N 217 175.82 -84.25 -64.31
C GLU N 217 176.70 -85.48 -64.03
N ALA N 218 176.10 -86.65 -63.84
CA ALA N 218 176.83 -87.90 -63.65
C ALA N 218 177.70 -88.29 -64.86
N SER N 219 177.31 -87.87 -66.07
CA SER N 219 178.07 -88.10 -67.30
C SER N 219 179.25 -87.15 -67.43
N THR N 220 179.06 -85.87 -67.07
CA THR N 220 180.08 -84.81 -67.17
C THR N 220 181.13 -84.91 -66.06
N SER N 221 180.69 -85.07 -64.81
CA SER N 221 181.55 -85.02 -63.63
C SER N 221 181.87 -86.42 -63.10
N ALA N 222 183.10 -86.88 -63.33
CA ALA N 222 183.54 -88.18 -62.84
C ALA N 222 183.63 -88.25 -61.30
N SER N 223 183.98 -87.14 -60.64
CA SER N 223 184.06 -87.03 -59.19
C SER N 223 182.69 -87.04 -58.52
N ALA N 224 181.68 -86.41 -59.14
CA ALA N 224 180.33 -86.35 -58.60
C ALA N 224 179.49 -87.61 -58.90
N ARG N 225 179.95 -88.48 -59.80
CA ARG N 225 179.20 -89.66 -60.29
C ARG N 225 178.72 -90.62 -59.21
N SER N 226 179.51 -90.85 -58.15
CA SER N 226 179.09 -91.70 -57.03
C SER N 226 177.94 -91.06 -56.24
N MET N 227 178.05 -89.77 -55.93
CA MET N 227 177.00 -89.01 -55.26
C MET N 227 175.75 -88.89 -56.11
N CYS N 228 175.87 -88.62 -57.42
CA CYS N 228 174.74 -88.62 -58.35
C CYS N 228 173.97 -89.95 -58.34
N ARG N 229 174.67 -91.09 -58.24
CA ARG N 229 174.03 -92.40 -58.19
C ARG N 229 173.23 -92.59 -56.90
N VAL N 230 173.78 -92.14 -55.77
CA VAL N 230 173.06 -92.19 -54.49
C VAL N 230 171.82 -91.30 -54.56
N LEU N 231 171.96 -90.06 -55.03
CA LEU N 231 170.83 -89.14 -55.14
C LEU N 231 169.78 -89.62 -56.15
N ASP N 232 170.19 -90.15 -57.31
CA ASP N 232 169.28 -90.77 -58.29
C ASP N 232 168.49 -91.92 -57.67
N ASP N 233 169.14 -92.76 -56.86
CA ASP N 233 168.50 -93.88 -56.18
C ASP N 233 167.49 -93.41 -55.13
N LEU N 234 167.84 -92.40 -54.32
CA LEU N 234 166.91 -91.76 -53.38
C LEU N 234 165.66 -91.20 -54.08
N LEU N 235 165.84 -90.46 -55.18
CA LEU N 235 164.74 -89.91 -55.96
C LEU N 235 163.89 -91.00 -56.63
N LYS N 236 164.53 -92.08 -57.11
CA LYS N 236 163.84 -93.21 -57.73
C LYS N 236 163.01 -94.01 -56.74
N LYS N 237 163.50 -94.18 -55.52
CA LYS N 237 162.86 -94.96 -54.45
C LYS N 237 161.77 -94.18 -53.71
N MET N 238 161.67 -92.86 -53.91
CA MET N 238 160.69 -92.03 -53.23
C MET N 238 159.27 -92.59 -53.42
N PRO N 239 158.58 -92.92 -52.32
CA PRO N 239 157.21 -93.42 -52.39
C PRO N 239 156.26 -92.34 -52.95
N MET N 240 155.50 -92.70 -53.98
CA MET N 240 154.44 -91.86 -54.55
C MET N 240 153.09 -92.53 -54.38
N LEU N 241 152.08 -91.76 -54.02
CA LEU N 241 150.68 -92.21 -54.01
C LEU N 241 150.16 -92.32 -55.44
N HIS N 242 149.37 -93.36 -55.72
CA HIS N 242 148.77 -93.59 -57.03
C HIS N 242 147.25 -93.68 -56.87
N THR N 243 146.49 -93.01 -57.74
CA THR N 243 145.02 -92.86 -57.67
C THR N 243 144.22 -94.15 -57.94
N GLY N 244 144.87 -95.31 -58.05
CA GLY N 244 144.23 -96.62 -58.24
C GLY N 244 144.94 -97.78 -57.55
N GLY N 245 145.86 -97.51 -56.61
CA GLY N 245 146.58 -98.55 -55.89
C GLY N 245 145.75 -99.21 -54.79
N THR N 246 146.03 -100.48 -54.48
CA THR N 246 145.49 -101.19 -53.30
C THR N 246 146.20 -100.82 -52.00
N GLN N 247 147.21 -99.96 -52.07
CA GLN N 247 148.03 -99.56 -50.93
C GLN N 247 147.23 -98.71 -49.95
N THR N 248 147.28 -99.07 -48.67
CA THR N 248 146.66 -98.27 -47.60
C THR N 248 147.53 -97.05 -47.26
N LEU N 249 146.91 -95.97 -46.77
CA LEU N 249 147.67 -94.78 -46.32
C LEU N 249 148.71 -95.12 -45.24
N THR N 250 148.41 -96.10 -44.37
CA THR N 250 149.33 -96.58 -43.35
C THR N 250 150.54 -97.32 -43.93
N GLU N 251 150.32 -98.17 -44.95
CA GLU N 251 151.44 -98.83 -45.65
C GLU N 251 152.30 -97.84 -46.42
N PHE N 252 151.68 -96.81 -46.98
CA PHE N 252 152.39 -95.72 -47.63
C PHE N 252 153.24 -94.94 -46.63
N GLU N 253 152.67 -94.53 -45.50
CA GLU N 253 153.36 -93.78 -44.45
C GLU N 253 154.59 -94.55 -43.93
N LEU N 254 154.50 -95.86 -43.72
CA LEU N 254 155.64 -96.69 -43.31
C LEU N 254 156.76 -96.74 -44.36
N LYS N 255 156.43 -96.89 -45.65
CA LYS N 255 157.42 -96.84 -46.73
C LYS N 255 158.07 -95.47 -46.84
N TRP N 256 157.27 -94.42 -46.66
CA TRP N 256 157.71 -93.04 -46.72
C TRP N 256 158.66 -92.71 -45.56
N GLN N 257 158.34 -93.14 -44.34
CA GLN N 257 159.23 -93.01 -43.18
C GLN N 257 160.55 -93.75 -43.40
N HIS N 258 160.51 -94.99 -43.89
CA HIS N 258 161.73 -95.74 -44.17
C HIS N 258 162.62 -95.09 -45.24
N TRP N 259 162.00 -94.56 -46.31
CA TRP N 259 162.71 -93.79 -47.33
C TRP N 259 163.34 -92.51 -46.75
N ARG N 260 162.60 -91.79 -45.90
CA ARG N 260 163.12 -90.60 -45.22
C ARG N 260 164.30 -90.90 -44.31
N GLU N 261 164.26 -92.01 -43.56
CA GLU N 261 165.40 -92.49 -42.76
C GLU N 261 166.63 -92.82 -43.64
N GLU N 262 166.42 -93.33 -44.86
CA GLU N 262 167.50 -93.56 -45.82
C GLU N 262 168.13 -92.24 -46.29
N CYS N 263 167.32 -91.23 -46.62
CA CYS N 263 167.80 -89.89 -46.93
C CYS N 263 168.60 -89.28 -45.76
N GLU N 264 168.07 -89.37 -44.54
CA GLU N 264 168.70 -88.79 -43.35
C GLU N 264 170.04 -89.47 -43.04
N ARG N 265 170.10 -90.79 -43.17
CA ARG N 265 171.35 -91.55 -43.01
C ARG N 265 172.44 -91.11 -44.00
N HIS N 266 172.07 -90.86 -45.26
CA HIS N 266 173.03 -90.38 -46.25
C HIS N 266 173.55 -88.98 -45.94
N LEU N 267 172.68 -88.10 -45.43
CA LEU N 267 173.06 -86.75 -45.00
C LEU N 267 173.98 -86.80 -43.78
N GLN N 268 173.63 -87.56 -42.74
CA GLN N 268 174.44 -87.71 -41.51
C GLN N 268 175.82 -88.35 -41.77
N ASN N 269 175.90 -89.28 -42.72
CA ASN N 269 177.17 -89.87 -43.14
C ASN N 269 178.06 -88.91 -43.95
N GLY N 270 177.60 -87.69 -44.23
CA GLY N 270 178.34 -86.72 -45.04
C GLY N 270 178.49 -87.15 -46.50
N THR N 271 177.56 -87.96 -47.03
CA THR N 271 177.65 -88.52 -48.39
C THR N 271 177.78 -87.42 -49.45
N PHE N 272 177.13 -86.27 -49.23
CA PHE N 272 177.06 -85.15 -50.17
C PHE N 272 177.96 -83.96 -49.78
N SER N 273 178.83 -84.09 -48.78
CA SER N 273 179.59 -82.96 -48.21
C SER N 273 180.55 -82.26 -49.19
N SER N 274 180.83 -82.89 -50.33
CA SER N 274 181.67 -82.33 -51.40
C SER N 274 180.88 -81.58 -52.47
N ASN N 275 179.54 -81.60 -52.42
CA ASN N 275 178.67 -80.88 -53.35
C ASN N 275 177.46 -80.27 -52.61
N VAL N 276 177.55 -78.97 -52.35
CA VAL N 276 176.53 -78.17 -51.64
C VAL N 276 175.15 -78.27 -52.30
N HIS N 277 175.07 -78.38 -53.62
CA HIS N 277 173.79 -78.47 -54.31
C HIS N 277 173.12 -79.84 -54.10
N MET N 278 173.88 -80.93 -54.13
CA MET N 278 173.33 -82.27 -53.84
C MET N 278 172.92 -82.40 -52.38
N GLU N 279 173.70 -81.80 -51.47
CA GLU N 279 173.36 -81.72 -50.06
C GLU N 279 172.05 -80.93 -49.86
N ALA N 280 171.90 -79.78 -50.53
CA ALA N 280 170.68 -78.98 -50.49
C ALA N 280 169.47 -79.77 -51.02
N VAL N 281 169.61 -80.50 -52.15
CA VAL N 281 168.52 -81.36 -52.67
C VAL N 281 168.17 -82.45 -51.65
N CYS N 282 169.15 -83.08 -51.01
CA CYS N 282 168.88 -84.09 -49.97
C CYS N 282 168.16 -83.48 -48.74
N ARG N 283 168.53 -82.26 -48.32
CA ARG N 283 167.82 -81.52 -47.26
C ARG N 283 166.39 -81.16 -47.67
N VAL N 284 166.15 -80.81 -48.93
CA VAL N 284 164.79 -80.61 -49.48
C VAL N 284 163.97 -81.90 -49.38
N LEU N 285 164.55 -83.06 -49.73
CA LEU N 285 163.86 -84.36 -49.61
C LEU N 285 163.47 -84.71 -48.15
N LEU N 286 164.20 -84.19 -47.18
CA LEU N 286 163.89 -84.34 -45.75
C LEU N 286 162.85 -83.33 -45.24
N GLY N 287 162.41 -82.40 -46.10
CA GLY N 287 161.49 -81.33 -45.75
C GLY N 287 162.13 -80.29 -44.83
N ASP N 288 163.43 -80.02 -44.95
CA ASP N 288 164.12 -78.99 -44.17
C ASP N 288 163.55 -77.60 -44.49
N GLU N 289 162.86 -76.98 -43.53
CA GLU N 289 162.15 -75.71 -43.75
C GLU N 289 163.09 -74.55 -44.04
N GLU N 290 164.30 -74.55 -43.47
CA GLU N 290 165.28 -73.49 -43.74
C GLU N 290 165.70 -73.53 -45.21
N VAL N 291 166.02 -74.72 -45.72
CA VAL N 291 166.42 -74.92 -47.13
C VAL N 291 165.25 -74.68 -48.08
N LEU N 292 164.04 -75.10 -47.73
CA LEU N 292 162.85 -74.79 -48.54
C LEU N 292 162.65 -73.27 -48.66
N LEU N 293 162.82 -72.52 -47.56
CA LEU N 293 162.73 -71.05 -47.57
C LEU N 293 163.89 -70.38 -48.32
N GLU N 294 165.10 -70.92 -48.26
CA GLU N 294 166.24 -70.47 -49.10
C GLU N 294 165.93 -70.62 -50.60
N LYS N 295 165.04 -71.55 -50.97
CA LYS N 295 164.60 -71.80 -52.36
C LYS N 295 163.27 -71.14 -52.70
N ARG N 296 162.84 -70.15 -51.92
CA ARG N 296 161.64 -69.33 -52.15
C ARG N 296 161.50 -68.84 -53.59
N ASP N 297 162.59 -68.33 -54.16
CA ASP N 297 162.61 -67.76 -55.51
C ASP N 297 162.28 -68.77 -56.61
N LEU N 298 162.47 -70.07 -56.38
CA LEU N 298 162.09 -71.12 -57.33
C LEU N 298 160.61 -71.48 -57.25
N MET N 299 159.99 -71.23 -56.09
CA MET N 299 158.59 -71.56 -55.86
C MET N 299 157.64 -70.41 -56.20
N THR N 300 158.14 -69.18 -56.05
CA THR N 300 157.51 -67.87 -56.26
C THR N 300 156.26 -67.55 -55.48
N THR N 301 155.55 -68.56 -54.99
CA THR N 301 154.28 -68.42 -54.29
C THR N 301 154.24 -69.25 -53.02
N TRP N 302 153.55 -68.74 -52.00
CA TRP N 302 153.42 -69.43 -50.71
C TRP N 302 152.65 -70.75 -50.83
N TYR N 303 151.74 -70.86 -51.79
CA TYR N 303 150.97 -72.09 -52.01
C TYR N 303 151.78 -73.17 -52.72
N HIS N 304 152.77 -72.82 -53.55
CA HIS N 304 153.76 -73.81 -54.02
C HIS N 304 154.63 -74.28 -52.85
N PHE N 305 155.07 -73.35 -51.99
CA PHE N 305 155.78 -73.70 -50.76
C PHE N 305 154.95 -74.63 -49.84
N LEU N 306 153.66 -74.35 -49.65
CA LEU N 306 152.72 -75.23 -48.95
C LEU N 306 152.76 -76.65 -49.51
N VAL N 307 152.55 -76.80 -50.82
CA VAL N 307 152.47 -78.12 -51.45
C VAL N 307 153.80 -78.88 -51.35
N SER N 308 154.93 -78.19 -51.51
CA SER N 308 156.27 -78.76 -51.27
C SER N 308 156.42 -79.24 -49.81
N ARG N 309 155.99 -78.45 -48.83
CA ARG N 309 156.01 -78.85 -47.41
C ARG N 309 155.13 -80.08 -47.16
N LEU N 310 153.93 -80.11 -47.74
CA LEU N 310 153.03 -81.27 -47.62
C LEU N 310 153.68 -82.52 -48.22
N LEU N 311 154.31 -82.40 -49.39
CA LEU N 311 154.99 -83.53 -50.05
C LEU N 311 156.11 -84.15 -49.19
N PHE N 312 156.92 -83.32 -48.53
CA PHE N 312 158.11 -83.79 -47.80
C PHE N 312 157.95 -83.89 -46.28
N LYS N 313 156.83 -83.43 -45.69
CA LYS N 313 156.56 -83.59 -44.25
C LYS N 313 155.25 -84.29 -43.93
N HIS N 314 154.21 -84.08 -44.75
CA HIS N 314 152.84 -84.49 -44.44
C HIS N 314 152.13 -85.09 -45.66
N PRO N 315 152.66 -86.18 -46.26
CA PRO N 315 152.16 -86.69 -47.53
C PRO N 315 150.75 -87.32 -47.44
N THR N 316 150.30 -87.64 -46.22
CA THR N 316 148.97 -88.18 -45.91
C THR N 316 148.01 -87.15 -45.31
N VAL N 317 148.29 -85.86 -45.49
CA VAL N 317 147.49 -84.73 -44.97
C VAL N 317 145.99 -84.90 -45.24
N LYS N 318 145.19 -84.57 -44.23
CA LYS N 318 143.72 -84.60 -44.33
C LYS N 318 143.19 -83.22 -44.74
N PRO N 319 142.04 -83.17 -45.45
CA PRO N 319 141.36 -81.90 -45.76
C PRO N 319 141.21 -80.98 -44.54
N THR N 320 140.85 -81.53 -43.37
CA THR N 320 140.63 -80.77 -42.12
C THR N 320 141.88 -80.10 -41.56
N GLU N 321 143.06 -80.51 -41.98
CA GLU N 321 144.35 -79.98 -41.51
C GLU N 321 144.94 -78.95 -42.49
N LEU N 322 144.40 -78.83 -43.71
CA LEU N 322 144.96 -78.01 -44.77
C LEU N 322 145.07 -76.54 -44.38
N HIS N 323 144.02 -75.96 -43.79
CA HIS N 323 144.03 -74.56 -43.38
C HIS N 323 145.19 -74.23 -42.43
N PHE N 324 145.43 -75.09 -41.43
CA PHE N 324 146.54 -74.90 -40.50
C PHE N 324 147.89 -74.84 -41.23
N TYR N 325 148.13 -75.78 -42.16
CA TYR N 325 149.37 -75.78 -42.94
C TYR N 325 149.45 -74.62 -43.93
N ALA N 326 148.32 -74.20 -44.52
CA ALA N 326 148.22 -73.07 -45.43
C ALA N 326 148.57 -71.77 -44.72
N GLN N 327 147.94 -71.48 -43.59
CA GLN N 327 148.22 -70.33 -42.73
C GLN N 327 149.69 -70.29 -42.32
N SER N 328 150.21 -71.40 -41.79
CA SER N 328 151.62 -71.50 -41.40
C SER N 328 152.57 -71.26 -42.59
N SER N 329 152.21 -71.75 -43.79
CA SER N 329 153.03 -71.58 -44.98
C SER N 329 153.02 -70.14 -45.46
N LEU N 330 151.86 -69.48 -45.44
CA LEU N 330 151.73 -68.06 -45.75
C LEU N 330 152.57 -67.23 -44.78
N ASP N 331 152.42 -67.42 -43.47
CA ASP N 331 153.15 -66.66 -42.45
C ASP N 331 154.67 -66.81 -42.61
N MET N 332 155.17 -68.04 -42.83
CA MET N 332 156.59 -68.30 -43.04
C MET N 332 157.10 -67.70 -44.38
N PHE N 333 156.30 -67.79 -45.43
CA PHE N 333 156.66 -67.29 -46.75
C PHE N 333 156.59 -65.76 -46.82
N LEU N 334 155.71 -65.13 -46.04
CA LEU N 334 155.53 -63.68 -45.99
C LEU N 334 156.23 -63.00 -44.81
N ALA N 335 157.03 -63.70 -44.00
CA ALA N 335 157.68 -63.20 -42.77
C ALA N 335 158.57 -61.92 -42.89
N GLY N 336 158.50 -61.13 -43.97
CA GLY N 336 159.03 -59.78 -44.13
C GLY N 336 157.94 -58.70 -44.27
N ASP N 337 158.26 -57.56 -44.89
CA ASP N 337 157.37 -56.38 -45.05
C ASP N 337 156.24 -56.55 -46.10
N SER N 338 156.00 -57.76 -46.61
CA SER N 338 154.98 -58.01 -47.63
C SER N 338 153.62 -58.31 -46.99
N CYS N 339 152.60 -57.53 -47.34
CA CYS N 339 151.22 -57.79 -46.95
C CYS N 339 150.61 -58.89 -47.85
N PRO N 340 149.73 -59.76 -47.31
CA PRO N 340 148.96 -60.69 -48.14
C PRO N 340 148.14 -59.95 -49.21
N GLU N 341 148.14 -60.50 -50.41
CA GLU N 341 147.34 -60.02 -51.53
C GLU N 341 145.89 -60.51 -51.41
N PRO N 342 144.91 -59.87 -52.08
CA PRO N 342 143.52 -60.33 -52.04
C PRO N 342 143.33 -61.79 -52.48
N LEU N 343 144.17 -62.26 -53.41
CA LEU N 343 144.19 -63.66 -53.84
C LEU N 343 144.59 -64.61 -52.70
N ASP N 344 145.48 -64.20 -51.81
CA ASP N 344 145.91 -65.02 -50.67
C ASP N 344 144.75 -65.27 -49.71
N ASN N 345 143.94 -64.23 -49.45
CA ASN N 345 142.75 -64.34 -48.61
C ASN N 345 141.72 -65.31 -49.22
N ILE N 346 141.54 -65.26 -50.55
CA ILE N 346 140.65 -66.18 -51.28
C ILE N 346 141.13 -67.62 -51.13
N LEU N 347 142.42 -67.88 -51.36
CA LEU N 347 142.99 -69.22 -51.29
C LEU N 347 142.96 -69.76 -49.85
N LEU N 348 143.26 -68.93 -48.86
CA LEU N 348 143.15 -69.31 -47.44
C LEU N 348 141.72 -69.67 -47.06
N ALA N 349 140.72 -68.88 -47.48
CA ALA N 349 139.31 -69.18 -47.25
C ALA N 349 138.90 -70.51 -47.91
N ALA N 350 139.41 -70.80 -49.12
CA ALA N 350 139.19 -72.08 -49.76
C ALA N 350 139.81 -73.24 -48.95
N PHE N 351 141.03 -73.09 -48.43
CA PHE N 351 141.67 -74.10 -47.56
C PHE N 351 140.99 -74.24 -46.20
N GLU N 352 140.31 -73.20 -45.71
CA GLU N 352 139.44 -73.23 -44.52
C GLU N 352 138.09 -73.91 -44.78
N PHE N 353 137.78 -74.21 -46.05
CA PHE N 353 136.47 -74.71 -46.48
C PHE N 353 135.33 -73.70 -46.27
N ASP N 354 135.64 -72.40 -46.16
CA ASP N 354 134.64 -71.34 -46.08
C ASP N 354 134.28 -70.82 -47.49
N ILE N 355 133.30 -71.48 -48.11
CA ILE N 355 132.80 -71.11 -49.44
C ILE N 355 132.19 -69.70 -49.44
N HIS N 356 131.56 -69.27 -48.34
CA HIS N 356 130.94 -67.95 -48.27
C HIS N 356 131.99 -66.85 -48.29
N GLN N 357 133.10 -67.06 -47.58
CA GLN N 357 134.23 -66.13 -47.59
C GLN N 357 134.93 -66.12 -48.95
N VAL N 358 135.11 -67.26 -49.63
CA VAL N 358 135.63 -67.30 -51.01
C VAL N 358 134.78 -66.45 -51.96
N ILE N 359 133.45 -66.61 -51.90
CA ILE N 359 132.51 -65.86 -52.74
C ILE N 359 132.57 -64.37 -52.41
N LYS N 360 132.58 -64.02 -51.12
CA LYS N 360 132.63 -62.63 -50.67
C LYS N 360 133.89 -61.91 -51.15
N GLU N 361 135.06 -62.50 -50.94
CA GLU N 361 136.33 -61.90 -51.35
C GLU N 361 136.40 -61.73 -52.87
N PHE N 362 135.96 -62.73 -53.64
CA PHE N 362 135.89 -62.59 -55.10
C PHE N 362 134.88 -61.53 -55.56
N SER N 363 133.75 -61.37 -54.87
CA SER N 363 132.79 -60.30 -55.17
C SER N 363 133.35 -58.89 -54.92
N ILE N 364 134.32 -58.75 -54.02
CA ILE N 364 134.99 -57.46 -53.74
C ILE N 364 136.09 -57.20 -54.78
N VAL N 365 136.88 -58.22 -55.10
CA VAL N 365 138.05 -58.10 -56.00
C VAL N 365 137.65 -58.05 -57.47
N SER N 366 136.58 -58.75 -57.86
CA SER N 366 136.17 -58.84 -59.25
C SER N 366 135.20 -57.72 -59.65
N SER N 367 135.46 -57.10 -60.80
CA SER N 367 134.55 -56.17 -61.49
C SER N 367 133.27 -56.85 -61.99
N ASN N 368 133.33 -58.17 -62.23
CA ASN N 368 132.28 -58.93 -62.89
C ASN N 368 131.85 -60.13 -62.04
N TRP N 369 130.53 -60.31 -61.94
CA TRP N 369 129.88 -61.40 -61.23
C TRP N 369 130.07 -62.78 -61.86
N TRP N 370 130.74 -62.90 -63.01
CA TRP N 370 130.91 -64.18 -63.74
C TRP N 370 131.45 -65.31 -62.85
N PHE N 371 132.56 -65.07 -62.13
CA PHE N 371 133.21 -66.11 -61.33
C PHE N 371 132.26 -66.60 -60.24
N VAL N 372 131.75 -65.67 -59.43
CA VAL N 372 130.90 -65.97 -58.28
C VAL N 372 129.56 -66.59 -58.70
N ALA N 373 128.97 -66.14 -59.81
CA ALA N 373 127.71 -66.68 -60.31
C ALA N 373 127.85 -68.14 -60.76
N HIS N 374 128.85 -68.45 -61.59
CA HIS N 374 129.03 -69.80 -62.12
C HIS N 374 129.62 -70.77 -61.09
N LEU N 375 130.56 -70.33 -60.26
CA LEU N 375 131.09 -71.18 -59.19
C LEU N 375 129.98 -71.51 -58.19
N THR N 376 129.21 -70.52 -57.75
CA THR N 376 128.08 -70.75 -56.82
C THR N 376 127.03 -71.65 -57.44
N ASP N 377 126.67 -71.47 -58.71
CA ASP N 377 125.75 -72.37 -59.41
C ASP N 377 126.25 -73.82 -59.41
N LEU N 378 127.53 -74.04 -59.74
CA LEU N 378 128.11 -75.37 -59.77
C LEU N 378 128.19 -76.02 -58.39
N LEU N 379 128.52 -75.24 -57.35
CA LEU N 379 128.57 -75.69 -55.95
C LEU N 379 127.16 -75.96 -55.38
N ASP N 380 126.14 -75.22 -55.82
CA ASP N 380 124.74 -75.50 -55.48
C ASP N 380 124.29 -76.86 -56.04
N HIS N 381 124.70 -77.20 -57.26
CA HIS N 381 124.50 -78.55 -57.82
C HIS N 381 125.26 -79.65 -57.06
N CYS N 382 126.29 -79.29 -56.30
CA CYS N 382 126.98 -80.20 -55.37
C CYS N 382 126.25 -80.35 -54.02
N GLN N 383 125.13 -79.63 -53.81
CA GLN N 383 124.36 -79.59 -52.56
C GLN N 383 125.15 -79.03 -51.37
N LEU N 384 126.13 -78.15 -51.63
CA LEU N 384 126.98 -77.57 -50.60
C LEU N 384 126.33 -76.37 -49.90
N PHE N 385 125.34 -75.74 -50.52
CA PHE N 385 124.57 -74.68 -49.89
C PHE N 385 123.32 -75.24 -49.22
N GLN N 386 123.14 -74.88 -47.94
CA GLN N 386 121.85 -75.08 -47.29
C GLN N 386 120.84 -74.09 -47.89
N ALA N 387 119.60 -74.51 -48.07
CA ALA N 387 118.49 -73.68 -48.51
C ALA N 387 118.10 -72.64 -47.44
N HIS N 388 119.01 -71.72 -47.12
CA HIS N 388 118.75 -70.52 -46.35
C HIS N 388 118.48 -69.40 -47.35
N ASN N 389 117.24 -68.93 -47.39
CA ASN N 389 116.92 -67.70 -48.09
C ASN N 389 117.61 -66.54 -47.36
N LEU N 390 118.26 -65.66 -48.12
CA LEU N 390 118.74 -64.39 -47.59
C LEU N 390 117.53 -63.56 -47.13
N TYR N 391 117.76 -62.53 -46.30
CA TYR N 391 116.70 -61.64 -45.79
C TYR N 391 115.82 -61.01 -46.88
N PHE N 392 116.25 -61.05 -48.15
CA PHE N 392 115.55 -60.50 -49.31
C PHE N 392 114.77 -61.54 -50.15
N GLY N 393 114.60 -62.77 -49.65
CA GLY N 393 113.71 -63.77 -50.25
C GLY N 393 114.30 -64.63 -51.37
N ALA N 394 115.51 -64.32 -51.85
CA ALA N 394 116.29 -65.17 -52.76
C ALA N 394 117.41 -65.90 -51.99
N ASN N 395 117.81 -67.08 -52.46
CA ASN N 395 119.03 -67.72 -51.98
C ASN N 395 120.28 -67.07 -52.62
N MET N 396 121.46 -67.37 -52.08
CA MET N 396 122.71 -66.76 -52.56
C MET N 396 122.98 -67.04 -54.04
N ARG N 397 122.70 -68.26 -54.50
CA ARG N 397 122.82 -68.64 -55.92
C ARG N 397 121.97 -67.72 -56.81
N GLU N 398 120.70 -67.61 -56.50
CA GLU N 398 119.77 -66.79 -57.28
C GLU N 398 120.17 -65.33 -57.25
N PHE N 399 120.54 -64.78 -56.09
CA PHE N 399 121.04 -63.40 -55.98
C PHE N 399 122.21 -63.13 -56.95
N LEU N 400 123.24 -63.97 -56.94
CA LEU N 400 124.42 -63.79 -57.79
C LEU N 400 124.11 -63.99 -59.28
N LEU N 401 123.22 -64.93 -59.61
CA LEU N 401 122.77 -65.13 -60.99
C LEU N 401 121.94 -63.95 -61.50
N LEU N 402 121.10 -63.35 -60.66
CA LEU N 402 120.31 -62.18 -61.01
C LEU N 402 121.22 -60.99 -61.34
N ASP N 403 122.20 -60.70 -60.49
CA ASP N 403 123.13 -59.58 -60.71
C ASP N 403 124.02 -59.82 -61.93
N TYR N 404 124.53 -61.05 -62.12
CA TYR N 404 125.28 -61.41 -63.32
C TYR N 404 124.45 -61.24 -64.60
N ALA N 405 123.22 -61.77 -64.61
CA ALA N 405 122.31 -61.65 -65.75
C ALA N 405 121.96 -60.18 -66.03
N SER N 406 121.67 -59.39 -65.00
CA SER N 406 121.47 -57.94 -65.11
C SER N 406 122.67 -57.24 -65.75
N GLY N 407 123.89 -57.62 -65.36
CA GLY N 407 125.13 -57.18 -66.01
C GLY N 407 125.12 -57.47 -67.52
N LEU N 408 124.78 -58.69 -67.94
CA LEU N 408 124.68 -59.06 -69.37
C LEU N 408 123.64 -58.25 -70.15
N PHE N 409 122.53 -57.85 -69.51
CA PHE N 409 121.48 -57.03 -70.13
C PHE N 409 121.94 -55.62 -70.49
N SER N 410 122.95 -55.08 -69.81
CA SER N 410 123.54 -53.78 -70.14
C SER N 410 124.20 -53.79 -71.53
N HIS N 411 124.67 -54.94 -72.01
CA HIS N 411 125.40 -55.07 -73.26
C HIS N 411 124.50 -55.39 -74.46
N HIS N 412 124.72 -54.66 -75.56
CA HIS N 412 123.84 -54.68 -76.74
C HIS N 412 123.70 -56.05 -77.43
N SER N 413 124.70 -56.93 -77.31
CA SER N 413 124.70 -58.28 -77.90
C SER N 413 124.49 -59.42 -76.91
N LEU N 414 124.72 -59.20 -75.61
CA LEU N 414 124.74 -60.27 -74.59
C LEU N 414 123.42 -60.39 -73.82
N TRP N 415 122.54 -59.39 -73.90
CA TRP N 415 121.23 -59.42 -73.22
C TRP N 415 120.41 -60.69 -73.47
N GLN N 416 120.57 -61.34 -74.64
CA GLN N 416 119.90 -62.61 -74.95
C GLN N 416 120.37 -63.75 -74.03
N LEU N 417 121.64 -63.79 -73.66
CA LEU N 417 122.17 -64.79 -72.73
C LEU N 417 121.56 -64.58 -71.34
N GLY N 418 121.45 -63.33 -70.90
CA GLY N 418 120.84 -62.96 -69.62
C GLY N 418 119.40 -63.47 -69.46
N VAL N 419 118.66 -63.63 -70.56
CA VAL N 419 117.30 -64.19 -70.54
C VAL N 419 117.29 -65.60 -69.96
N ASP N 420 118.18 -66.46 -70.44
CA ASP N 420 118.21 -67.85 -70.03
C ASP N 420 118.67 -67.97 -68.57
N TYR N 421 119.60 -67.14 -68.11
CA TYR N 421 119.98 -67.09 -66.69
C TYR N 421 118.79 -66.73 -65.79
N PHE N 422 117.96 -65.76 -66.19
CA PHE N 422 116.75 -65.41 -65.45
C PHE N 422 115.71 -66.54 -65.43
N ASP N 423 115.63 -67.40 -66.45
CA ASP N 423 114.70 -68.53 -66.43
C ASP N 423 115.05 -69.58 -65.36
N TYR N 424 116.33 -69.68 -64.98
CA TYR N 424 116.80 -70.60 -63.93
C TYR N 424 116.91 -69.94 -62.54
N CYS N 425 116.29 -68.77 -62.37
CA CYS N 425 116.10 -68.07 -61.10
C CYS N 425 114.63 -68.20 -60.65
N PRO N 426 114.31 -69.11 -59.70
CA PRO N 426 112.93 -69.55 -59.45
C PRO N 426 112.02 -68.52 -58.78
N ASN N 427 112.54 -67.64 -57.93
CA ASN N 427 111.73 -66.73 -57.12
C ASN N 427 111.57 -65.36 -57.79
N LEU N 428 112.66 -64.77 -58.26
CA LEU N 428 112.69 -63.39 -58.77
C LEU N 428 113.03 -63.28 -60.26
N GLY N 429 113.52 -64.36 -60.88
CA GLY N 429 113.98 -64.36 -62.27
C GLY N 429 112.96 -63.82 -63.26
N ARG N 430 111.69 -64.23 -63.13
CA ARG N 430 110.62 -63.77 -64.02
C ARG N 430 110.35 -62.27 -63.90
N GLU N 431 110.36 -61.72 -62.69
CA GLU N 431 110.10 -60.29 -62.47
C GLU N 431 111.28 -59.44 -62.94
N TYR N 432 112.51 -59.90 -62.71
CA TYR N 432 113.71 -59.27 -63.26
C TYR N 432 113.69 -59.28 -64.79
N LEU N 433 113.33 -60.41 -65.41
CA LEU N 433 113.21 -60.52 -66.86
C LEU N 433 112.20 -59.53 -67.42
N LYS N 434 111.02 -59.38 -66.80
CA LYS N 434 110.02 -58.38 -67.20
C LYS N 434 110.60 -56.97 -67.18
N LEU N 435 111.23 -56.59 -66.06
CA LEU N 435 111.79 -55.25 -65.87
C LEU N 435 112.89 -54.94 -66.89
N HIS N 436 113.78 -55.90 -67.15
CA HIS N 436 114.89 -55.69 -68.09
C HIS N 436 114.43 -55.70 -69.54
N MET N 437 113.44 -56.53 -69.91
CA MET N 437 112.88 -56.56 -71.26
C MET N 437 112.30 -55.21 -71.70
N GLU N 438 111.64 -54.49 -70.78
CA GLU N 438 111.08 -53.16 -71.07
C GLU N 438 112.14 -52.08 -71.27
N ARG N 439 113.34 -52.28 -70.72
CA ARG N 439 114.45 -51.32 -70.76
C ARG N 439 115.41 -51.54 -71.93
N ILE N 440 115.23 -52.61 -72.72
CA ILE N 440 116.12 -52.88 -73.84
C ILE N 440 116.03 -51.75 -74.88
N PRO N 441 117.15 -51.13 -75.30
CA PRO N 441 117.12 -50.14 -76.36
C PRO N 441 116.77 -50.79 -77.70
N LEU N 442 115.57 -50.49 -78.21
CA LEU N 442 115.04 -50.98 -79.48
C LEU N 442 115.47 -50.04 -80.62
N SER N 443 116.69 -50.25 -81.14
CA SER N 443 117.24 -49.43 -82.24
C SER N 443 116.83 -49.92 -83.64
N THR N 444 116.40 -51.18 -83.77
CA THR N 444 116.05 -51.79 -85.05
C THR N 444 114.84 -52.71 -84.92
N GLU N 445 114.06 -52.82 -86.00
CA GLU N 445 112.92 -53.75 -86.06
C GLU N 445 113.35 -55.21 -85.84
N LYS N 446 114.52 -55.62 -86.36
CA LYS N 446 115.07 -56.96 -86.13
C LYS N 446 115.29 -57.24 -84.64
N LYS N 447 115.81 -56.28 -83.87
CA LYS N 447 116.01 -56.42 -82.42
C LYS N 447 114.68 -56.49 -81.69
N ALA N 448 113.71 -55.65 -82.07
CA ALA N 448 112.36 -55.69 -81.50
C ALA N 448 111.66 -57.03 -81.76
N LEU N 449 111.74 -57.58 -82.98
CA LEU N 449 111.16 -58.89 -83.30
C LEU N 449 111.79 -60.04 -82.50
N LYS N 450 113.10 -59.98 -82.24
CA LYS N 450 113.76 -60.95 -81.34
C LYS N 450 113.26 -60.84 -79.90
N ALA N 451 113.19 -59.62 -79.35
CA ALA N 451 112.67 -59.39 -78.00
C ALA N 451 111.20 -59.85 -77.87
N LEU N 452 110.38 -59.58 -78.88
CA LEU N 452 108.98 -60.03 -78.91
C LEU N 452 108.86 -61.55 -78.90
N ARG N 453 109.66 -62.26 -79.72
CA ARG N 453 109.66 -63.73 -79.73
C ARG N 453 109.99 -64.30 -78.34
N ILE N 454 110.97 -63.72 -77.67
CA ILE N 454 111.38 -64.11 -76.31
C ILE N 454 110.24 -63.90 -75.31
N CYS N 455 109.57 -62.74 -75.37
CA CYS N 455 108.44 -62.42 -74.51
C CYS N 455 107.22 -63.32 -74.79
N GLU N 456 106.92 -63.60 -76.06
CA GLU N 456 105.81 -64.46 -76.49
C GLU N 456 106.00 -65.91 -76.03
N GLN N 457 107.21 -66.45 -76.17
CA GLN N 457 107.56 -67.79 -75.68
C GLN N 457 107.33 -67.94 -74.16
N ARG N 458 107.50 -66.85 -73.40
CA ARG N 458 107.36 -66.80 -71.93
C ARG N 458 106.03 -66.21 -71.46
N GLN N 459 105.06 -66.03 -72.36
CA GLN N 459 103.71 -65.50 -72.06
C GLN N 459 103.73 -64.12 -71.37
N MET N 460 104.67 -63.25 -71.74
CA MET N 460 104.85 -61.91 -71.18
C MET N 460 104.03 -60.87 -71.95
N THR N 461 102.71 -60.91 -71.79
CA THR N 461 101.76 -60.13 -72.62
C THR N 461 101.88 -58.61 -72.44
N GLU N 462 102.20 -58.14 -71.23
CA GLU N 462 102.38 -56.71 -70.94
C GLU N 462 103.64 -56.15 -71.62
N GLN N 463 104.74 -56.91 -71.58
CA GLN N 463 105.99 -56.53 -72.21
C GLN N 463 105.86 -56.55 -73.74
N VAL N 464 105.15 -57.54 -74.31
CA VAL N 464 104.79 -57.55 -75.74
C VAL N 464 104.06 -56.27 -76.13
N ARG N 465 103.04 -55.87 -75.35
CA ARG N 465 102.29 -54.63 -75.58
C ARG N 465 103.20 -53.39 -75.48
N SER N 466 104.03 -53.32 -74.45
CA SER N 466 104.97 -52.22 -74.22
C SER N 466 105.97 -52.05 -75.37
N ILE N 467 106.58 -53.15 -75.81
CA ILE N 467 107.53 -53.18 -76.93
C ILE N 467 106.84 -52.73 -78.23
N CYS N 468 105.66 -53.28 -78.54
CA CYS N 468 104.91 -52.89 -79.72
C CYS N 468 104.51 -51.40 -79.69
N LYS N 469 104.08 -50.88 -78.53
CA LYS N 469 103.74 -49.46 -78.38
C LYS N 469 104.96 -48.55 -78.60
N THR N 470 106.12 -48.94 -78.08
CA THR N 470 107.39 -48.22 -78.26
C THR N 470 107.78 -48.17 -79.74
N MET N 471 107.72 -49.31 -80.44
CA MET N 471 108.02 -49.39 -81.87
C MET N 471 107.00 -48.61 -82.71
N ALA N 472 105.73 -48.61 -82.31
CA ALA N 472 104.68 -47.84 -82.97
C ALA N 472 104.95 -46.33 -82.86
N MET N 473 105.33 -45.86 -81.67
CA MET N 473 105.70 -44.46 -81.43
C MET N 473 106.96 -44.05 -82.19
N GLN N 474 108.01 -44.88 -82.19
CA GLN N 474 109.22 -44.62 -82.98
C GLN N 474 108.92 -44.54 -84.49
N SER N 475 108.10 -45.45 -85.01
CA SER N 475 107.68 -45.45 -86.42
C SER N 475 106.87 -44.20 -86.76
N LEU N 476 106.00 -43.77 -85.85
CA LEU N 476 105.22 -42.54 -85.98
C LEU N 476 106.11 -41.29 -86.03
N CYS N 477 107.11 -41.21 -85.14
CA CYS N 477 108.11 -40.13 -85.17
C CYS N 477 108.90 -40.10 -86.48
N ASN N 478 109.20 -41.28 -87.04
CA ASN N 478 109.87 -41.43 -88.33
C ASN N 478 108.94 -41.24 -89.56
N ARG N 479 107.70 -40.76 -89.36
CA ARG N 479 106.68 -40.54 -90.40
C ARG N 479 106.32 -41.78 -91.22
N ARG N 480 106.52 -42.99 -90.68
CA ARG N 480 106.09 -44.25 -91.30
C ARG N 480 104.75 -44.68 -90.71
N LEU N 481 103.66 -44.14 -91.26
CA LEU N 481 102.32 -44.36 -90.71
C LEU N 481 101.87 -45.81 -90.80
N GLY N 482 102.17 -46.53 -91.89
CA GLY N 482 101.82 -47.94 -92.04
C GLY N 482 102.52 -48.83 -91.02
N SER N 483 103.83 -48.67 -90.85
CA SER N 483 104.58 -49.38 -89.81
C SER N 483 104.03 -49.05 -88.41
N ALA N 484 103.75 -47.78 -88.12
CA ALA N 484 103.17 -47.37 -86.84
C ALA N 484 101.81 -48.04 -86.59
N LEU N 485 100.94 -48.08 -87.60
CA LEU N 485 99.63 -48.71 -87.50
C LEU N 485 99.74 -50.22 -87.25
N SER N 486 100.59 -50.91 -88.00
CA SER N 486 100.86 -52.34 -87.81
C SER N 486 101.30 -52.67 -86.38
N TRP N 487 102.25 -51.89 -85.84
CA TRP N 487 102.71 -52.05 -84.46
C TRP N 487 101.62 -51.73 -83.43
N SER N 488 100.76 -50.73 -83.68
CA SER N 488 99.64 -50.37 -82.79
C SER N 488 98.57 -51.47 -82.72
N ILE N 489 98.28 -52.10 -83.86
CA ILE N 489 97.36 -53.23 -83.96
C ILE N 489 97.91 -54.42 -83.19
N ARG N 490 99.21 -54.73 -83.36
CA ARG N 490 99.87 -55.80 -82.61
C ARG N 490 99.87 -55.53 -81.09
N ALA N 491 100.01 -54.27 -80.68
CA ALA N 491 99.87 -53.87 -79.28
C ALA N 491 98.42 -53.98 -78.75
N LYS N 492 97.42 -54.14 -79.63
CA LYS N 492 95.98 -54.03 -79.31
C LYS N 492 95.62 -52.71 -78.63
N ASP N 493 96.31 -51.62 -78.98
CA ASP N 493 96.07 -50.28 -78.43
C ASP N 493 95.08 -49.52 -79.33
N ALA N 494 93.79 -49.60 -78.99
CA ALA N 494 92.71 -48.97 -79.77
C ALA N 494 92.83 -47.42 -79.81
N ALA N 495 93.29 -46.81 -78.72
CA ALA N 495 93.48 -45.36 -78.66
C ALA N 495 94.61 -44.91 -79.59
N PHE N 496 95.73 -45.65 -79.59
CA PHE N 496 96.85 -45.35 -80.48
C PHE N 496 96.52 -45.64 -81.95
N ALA N 497 95.79 -46.72 -82.23
CA ALA N 497 95.28 -47.01 -83.57
C ALA N 497 94.36 -45.90 -84.09
N THR N 498 93.52 -45.32 -83.23
CA THR N 498 92.66 -44.16 -83.56
C THR N 498 93.51 -42.94 -83.93
N LEU N 499 94.51 -42.59 -83.10
CA LEU N 499 95.41 -41.46 -83.35
C LEU N 499 96.16 -41.59 -84.69
N ILE N 500 96.63 -42.80 -85.03
CA ILE N 500 97.31 -43.04 -86.30
C ILE N 500 96.32 -42.99 -87.47
N SER N 501 95.11 -43.55 -87.29
CA SER N 501 94.06 -43.48 -88.30
C SER N 501 93.67 -42.04 -88.63
N ASP N 502 93.54 -41.17 -87.63
CA ASP N 502 93.27 -39.74 -87.85
C ASP N 502 94.39 -39.04 -88.64
N ARG N 503 95.64 -39.45 -88.44
CA ARG N 503 96.77 -38.93 -89.24
C ARG N 503 96.72 -39.40 -90.70
N PHE N 504 96.33 -40.65 -90.96
CA PHE N 504 96.09 -41.11 -92.33
C PHE N 504 94.99 -40.31 -93.02
N LEU N 505 93.88 -40.06 -92.33
CA LEU N 505 92.78 -39.26 -92.86
C LEU N 505 93.19 -37.82 -93.14
N LYS N 506 93.99 -37.22 -92.23
CA LYS N 506 94.55 -35.89 -92.44
C LYS N 506 95.50 -35.84 -93.64
N GLU N 507 96.39 -36.83 -93.78
CA GLU N 507 97.29 -36.90 -94.94
C GLU N 507 96.51 -37.09 -96.25
N TYR N 508 95.42 -37.86 -96.25
CA TYR N 508 94.53 -37.97 -97.40
C TYR N 508 93.86 -36.63 -97.73
N CYS N 509 93.33 -35.90 -96.74
CA CYS N 509 92.77 -34.56 -96.95
C CYS N 509 93.78 -33.57 -97.55
N GLU N 510 95.06 -33.70 -97.23
CA GLU N 510 96.13 -32.81 -97.70
C GLU N 510 96.69 -33.23 -99.07
N ARG N 511 96.84 -34.53 -99.35
CA ARG N 511 97.52 -35.06 -100.55
C ARG N 511 96.58 -35.67 -101.59
N GLY N 512 95.37 -36.03 -101.20
CA GLY N 512 94.39 -36.75 -102.04
C GLY N 512 94.66 -38.25 -102.23
N ASN N 513 95.71 -38.82 -101.62
CA ASN N 513 96.09 -40.23 -101.76
C ASN N 513 96.67 -40.78 -100.45
N PHE N 514 96.52 -42.09 -100.20
CA PHE N 514 97.18 -42.79 -99.10
C PHE N 514 98.62 -43.19 -99.47
N THR N 515 99.53 -43.07 -98.51
CA THR N 515 100.96 -43.42 -98.66
C THR N 515 101.22 -44.93 -98.56
N ASP N 516 100.52 -45.65 -97.68
CA ASP N 516 100.72 -47.07 -97.39
C ASP N 516 99.45 -47.90 -97.67
N LEU N 517 99.10 -48.08 -98.95
CA LEU N 517 97.85 -48.70 -99.43
C LEU N 517 97.74 -50.19 -99.02
N ASP N 518 98.81 -50.95 -99.22
CA ASP N 518 98.81 -52.42 -99.07
C ASP N 518 98.51 -52.88 -97.63
N LEU N 519 98.92 -52.09 -96.63
CA LEU N 519 98.68 -52.45 -95.23
C LEU N 519 97.21 -52.27 -94.85
N ILE N 520 96.58 -51.19 -95.33
CA ILE N 520 95.17 -50.90 -95.04
C ILE N 520 94.27 -51.94 -95.72
N ASP N 521 94.64 -52.35 -96.95
CA ASP N 521 93.91 -53.37 -97.70
C ASP N 521 93.92 -54.75 -97.01
N ASN N 522 94.92 -55.04 -96.17
CA ASN N 522 95.11 -56.31 -95.47
C ASN N 522 94.78 -56.28 -93.97
N LEU N 523 94.04 -55.26 -93.48
CA LEU N 523 93.70 -55.16 -92.05
C LEU N 523 92.84 -56.33 -91.54
N GLY N 524 91.99 -56.91 -92.39
CA GLY N 524 91.12 -58.04 -92.00
C GLY N 524 90.31 -57.77 -90.73
N SER N 525 90.36 -58.69 -89.76
CA SER N 525 89.67 -58.58 -88.47
C SER N 525 90.25 -57.51 -87.54
N ALA N 526 91.50 -57.09 -87.75
CA ALA N 526 92.11 -56.02 -86.96
C ALA N 526 91.49 -54.65 -87.20
N MET N 527 90.73 -54.49 -88.30
CA MET N 527 89.96 -53.29 -88.58
C MET N 527 88.99 -52.93 -87.43
N LEU N 528 88.45 -53.94 -86.74
CA LEU N 528 87.50 -53.81 -85.62
C LEU N 528 88.14 -53.31 -84.30
N LEU N 529 89.46 -53.08 -84.27
CA LEU N 529 90.14 -52.63 -83.06
C LEU N 529 89.65 -51.25 -82.59
N SER N 530 89.26 -50.39 -83.52
CA SER N 530 88.66 -49.09 -83.21
C SER N 530 87.70 -48.67 -84.31
N ASP N 531 86.72 -47.85 -83.95
CA ASP N 531 85.76 -47.27 -84.89
C ASP N 531 86.46 -46.46 -85.99
N ARG N 532 87.50 -45.70 -85.62
CA ARG N 532 88.26 -44.91 -86.60
C ARG N 532 89.06 -45.76 -87.57
N LEU N 533 89.67 -46.85 -87.10
CA LEU N 533 90.33 -47.81 -87.98
C LEU N 533 89.32 -48.56 -88.87
N THR N 534 88.13 -48.84 -88.33
CA THR N 534 87.02 -49.42 -89.10
C THR N 534 86.60 -48.51 -90.24
N PHE N 535 86.43 -47.22 -89.94
CA PHE N 535 86.16 -46.23 -90.95
C PHE N 535 87.28 -46.16 -92.00
N LEU N 536 88.55 -46.09 -91.59
CA LEU N 536 89.69 -46.04 -92.51
C LEU N 536 89.74 -47.24 -93.46
N GLY N 537 89.57 -48.46 -92.94
CA GLY N 537 89.58 -49.68 -93.73
C GLY N 537 88.40 -49.77 -94.70
N LYS N 538 87.19 -49.43 -94.26
CA LYS N 538 86.01 -49.39 -95.13
C LYS N 538 86.05 -48.28 -96.17
N TYR N 539 86.59 -47.12 -95.82
CA TYR N 539 86.81 -46.04 -96.76
C TYR N 539 87.85 -46.41 -97.84
N ARG N 540 88.87 -47.19 -97.47
CA ARG N 540 89.80 -47.75 -98.44
C ARG N 540 89.14 -48.81 -99.34
N GLU N 541 88.29 -49.67 -98.78
CA GLU N 541 87.49 -50.64 -99.54
C GLU N 541 86.59 -49.95 -100.58
N PHE N 542 86.00 -48.80 -100.24
CA PHE N 542 85.29 -47.94 -101.19
C PHE N 542 86.16 -47.53 -102.38
N HIS N 543 87.37 -47.00 -102.13
CA HIS N 543 88.29 -46.62 -103.21
C HIS N 543 88.72 -47.81 -104.08
N ARG N 544 88.88 -49.00 -103.48
CA ARG N 544 89.17 -50.23 -104.21
C ARG N 544 87.99 -50.64 -105.11
N MET N 545 86.76 -50.65 -104.60
CA MET N 545 85.55 -50.94 -105.38
C MET N 545 85.35 -49.91 -106.50
N TYR N 546 85.60 -48.64 -106.23
CA TYR N 546 85.55 -47.57 -107.24
C TYR N 546 86.58 -47.81 -108.36
N SER N 547 87.81 -48.20 -108.00
CA SER N 547 88.84 -48.55 -109.00
C SER N 547 88.54 -49.82 -109.81
N GLN N 548 87.70 -50.72 -109.26
CA GLN N 548 87.22 -51.94 -109.91
C GLN N 548 85.91 -51.72 -110.69
N GLU N 549 85.46 -50.46 -110.84
CA GLU N 549 84.22 -50.07 -111.52
C GLU N 549 82.93 -50.65 -110.89
N GLN N 550 83.00 -51.12 -109.65
CA GLN N 550 81.86 -51.61 -108.87
C GLN N 550 81.09 -50.44 -108.23
N PHE N 551 80.53 -49.56 -109.07
CA PHE N 551 80.01 -48.27 -108.62
C PHE N 551 78.80 -48.36 -107.68
N SER N 552 77.89 -49.32 -107.89
CA SER N 552 76.70 -49.51 -107.04
C SER N 552 77.08 -49.95 -105.62
N GLU N 553 77.98 -50.94 -105.51
CA GLU N 553 78.49 -51.41 -104.22
C GLU N 553 79.29 -50.31 -103.52
N ALA N 554 80.16 -49.61 -104.25
CA ALA N 554 80.93 -48.48 -103.72
C ALA N 554 80.01 -47.36 -103.18
N ALA N 555 78.97 -46.99 -103.91
CA ALA N 555 77.99 -45.99 -103.50
C ALA N 555 77.26 -46.40 -102.21
N SER N 556 76.81 -47.67 -102.14
CA SER N 556 76.14 -48.20 -100.95
C SER N 556 77.05 -48.21 -99.72
N LEU N 557 78.33 -48.58 -99.90
CA LEU N 557 79.32 -48.59 -98.84
C LEU N 557 79.63 -47.16 -98.35
N LEU N 558 79.81 -46.22 -99.27
CA LEU N 558 80.05 -44.81 -98.94
C LEU N 558 78.90 -44.21 -98.13
N LEU N 559 77.67 -44.47 -98.55
CA LEU N 559 76.48 -44.05 -97.82
C LEU N 559 76.42 -44.67 -96.41
N SER N 560 76.69 -45.97 -96.31
CA SER N 560 76.72 -46.68 -95.02
C SER N 560 77.75 -46.09 -94.05
N LEU N 561 78.90 -45.62 -94.55
CA LEU N 561 79.94 -45.00 -93.73
C LEU N 561 79.50 -43.65 -93.15
N MET N 562 78.67 -42.89 -93.88
CA MET N 562 78.10 -41.63 -93.40
C MET N 562 76.96 -41.87 -92.43
N THR N 563 76.03 -42.76 -92.75
CA THR N 563 74.85 -43.02 -91.90
C THR N 563 75.19 -43.72 -90.59
N ALA N 564 76.19 -44.61 -90.59
CA ALA N 564 76.66 -45.29 -89.38
C ALA N 564 77.37 -44.35 -88.38
N ARG N 565 77.61 -43.07 -88.72
CA ARG N 565 78.29 -42.06 -87.88
C ARG N 565 79.69 -42.48 -87.39
N ILE N 566 80.33 -43.43 -88.08
CA ILE N 566 81.70 -43.88 -87.81
C ILE N 566 82.71 -42.93 -88.47
N ALA N 567 82.29 -42.03 -89.36
CA ALA N 567 83.16 -41.02 -89.95
C ALA N 567 83.35 -39.81 -89.01
N PRO N 568 84.58 -39.30 -88.79
CA PRO N 568 84.79 -38.09 -88.03
C PRO N 568 84.21 -36.88 -88.77
N CYS N 569 83.56 -35.95 -88.05
CA CYS N 569 82.84 -34.80 -88.64
C CYS N 569 83.72 -33.94 -89.56
N SER N 570 85.03 -33.84 -89.26
CA SER N 570 86.01 -33.14 -90.09
C SER N 570 86.18 -33.74 -91.49
N PHE N 571 85.89 -35.04 -91.65
CA PHE N 571 86.09 -35.78 -92.90
C PHE N 571 84.82 -35.90 -93.77
N TRP N 572 83.67 -35.45 -93.26
CA TRP N 572 82.38 -35.54 -93.97
C TRP N 572 82.38 -34.77 -95.30
N LEU N 573 83.09 -33.63 -95.41
CA LEU N 573 83.20 -32.94 -96.71
C LEU N 573 83.86 -33.83 -97.75
N THR N 574 84.95 -34.47 -97.36
CA THR N 574 85.76 -35.29 -98.24
C THR N 574 84.94 -36.48 -98.73
N LEU N 575 84.20 -37.15 -97.84
CA LEU N 575 83.27 -38.22 -98.21
C LEU N 575 82.20 -37.77 -99.20
N LEU N 576 81.60 -36.61 -98.96
CA LEU N 576 80.60 -36.05 -99.87
C LEU N 576 81.21 -35.69 -101.22
N LEU N 577 82.41 -35.11 -101.24
CA LEU N 577 83.16 -34.82 -102.47
C LEU N 577 83.51 -36.10 -103.24
N ASP N 578 83.87 -37.18 -102.57
CA ASP N 578 84.13 -38.47 -103.21
C ASP N 578 82.83 -39.14 -103.73
N ALA N 579 81.66 -38.71 -103.26
CA ALA N 579 80.38 -39.10 -103.84
C ALA N 579 80.06 -38.35 -105.14
N LEU N 580 80.66 -37.18 -105.40
CA LEU N 580 80.38 -36.36 -106.59
C LEU N 580 80.55 -37.14 -107.91
N PRO N 581 81.66 -37.86 -108.15
CA PRO N 581 81.84 -38.60 -109.40
C PRO N 581 80.77 -39.66 -109.62
N LEU N 582 80.27 -40.29 -108.55
CA LEU N 582 79.20 -41.29 -108.58
C LEU N 582 77.83 -40.64 -108.81
N LEU N 583 77.58 -39.48 -108.22
CA LEU N 583 76.37 -38.68 -108.45
C LEU N 583 76.30 -38.15 -109.89
N GLU N 584 77.43 -37.85 -110.54
CA GLU N 584 77.47 -37.31 -111.90
C GLU N 584 77.56 -38.39 -113.01
N GLN N 585 77.64 -39.67 -112.67
CA GLN N 585 77.61 -40.75 -113.67
C GLN N 585 76.35 -40.71 -114.52
N LYS N 586 76.42 -41.18 -115.77
CA LYS N 586 75.27 -41.21 -116.69
C LYS N 586 74.16 -42.13 -116.20
N GLN N 587 74.53 -43.28 -115.62
CA GLN N 587 73.62 -44.20 -114.99
C GLN N 587 73.30 -43.73 -113.57
N VAL N 588 72.04 -43.84 -113.16
CA VAL N 588 71.63 -43.58 -111.78
C VAL N 588 72.22 -44.67 -110.90
N ILE N 589 73.14 -44.28 -110.01
CA ILE N 589 73.80 -45.19 -109.05
C ILE N 589 73.14 -45.06 -107.68
N PHE N 590 72.89 -43.83 -107.22
CA PHE N 590 72.17 -43.57 -105.98
C PHE N 590 70.67 -43.47 -106.25
N SER N 591 69.88 -44.24 -105.50
CA SER N 591 68.41 -44.15 -105.52
C SER N 591 67.92 -42.80 -104.99
N ALA N 592 66.63 -42.49 -105.17
CA ALA N 592 66.02 -41.28 -104.63
C ALA N 592 66.16 -41.26 -103.09
N GLU N 593 65.90 -42.38 -102.42
CA GLU N 593 66.05 -42.56 -100.96
C GLU N 593 67.51 -42.31 -100.52
N GLN N 594 68.47 -42.94 -101.18
CA GLN N 594 69.90 -42.74 -100.89
C GLN N 594 70.34 -41.30 -101.13
N THR N 595 69.79 -40.64 -102.14
CA THR N 595 70.08 -39.23 -102.43
C THR N 595 69.53 -38.31 -101.32
N TYR N 596 68.34 -38.60 -100.78
CA TYR N 596 67.80 -37.87 -99.63
C TYR N 596 68.67 -38.05 -98.38
N GLU N 597 69.20 -39.25 -98.14
CA GLU N 597 70.13 -39.49 -97.04
C GLU N 597 71.43 -38.67 -97.20
N LEU N 598 71.99 -38.60 -98.41
CA LEU N 598 73.15 -37.75 -98.70
C LEU N 598 72.86 -36.26 -98.48
N MET N 599 71.69 -35.78 -98.92
CA MET N 599 71.26 -34.41 -98.67
C MET N 599 71.15 -34.12 -97.17
N ARG N 600 70.62 -35.07 -96.39
CA ARG N 600 70.56 -34.95 -94.93
C ARG N 600 71.94 -34.86 -94.30
N CYS N 601 72.89 -35.70 -94.72
CA CYS N 601 74.28 -35.66 -94.24
C CYS N 601 74.97 -34.32 -94.55
N LEU N 602 74.71 -33.74 -95.74
CA LEU N 602 75.23 -32.43 -96.12
C LEU N 602 74.66 -31.32 -95.22
N GLU N 603 73.35 -31.32 -94.96
CA GLU N 603 72.70 -30.32 -94.12
C GLU N 603 73.09 -30.45 -92.63
N ASP N 604 73.22 -31.67 -92.11
CA ASP N 604 73.73 -31.94 -90.75
C ASP N 604 75.13 -31.33 -90.56
N ARG N 605 75.99 -31.43 -91.58
CA ARG N 605 77.33 -30.83 -91.56
C ARG N 605 77.30 -29.30 -91.61
N MET N 606 76.44 -28.73 -92.43
CA MET N 606 76.28 -27.28 -92.54
C MET N 606 75.76 -26.69 -91.22
N ALA N 607 74.82 -27.37 -90.57
CA ALA N 607 74.36 -27.02 -89.23
C ALA N 607 75.49 -27.07 -88.20
N ALA N 608 76.28 -28.14 -88.17
CA ALA N 608 77.42 -28.26 -87.26
C ALA N 608 78.47 -27.15 -87.45
N LYS N 609 78.73 -26.74 -88.70
CA LYS N 609 79.66 -25.63 -89.01
C LYS N 609 79.13 -24.29 -88.47
N LEU N 610 77.82 -24.05 -88.54
CA LEU N 610 77.19 -22.84 -88.00
C LEU N 610 77.30 -22.76 -86.46
N GLU N 611 77.23 -23.90 -85.77
CA GLU N 611 77.34 -23.98 -84.31
C GLU N 611 78.78 -23.84 -83.78
N SER N 612 79.78 -24.37 -84.51
CA SER N 612 81.19 -24.31 -84.09
C SER N 612 81.87 -22.98 -84.36
N THR N 613 81.27 -22.11 -85.17
CA THR N 613 81.89 -20.86 -85.62
C THR N 613 81.54 -19.74 -84.64
N SER N 614 82.43 -19.46 -83.68
CA SER N 614 82.37 -18.19 -82.96
C SER N 614 82.60 -17.03 -83.96
N PRO N 615 81.93 -15.86 -83.79
CA PRO N 615 81.80 -14.84 -84.85
C PRO N 615 83.10 -14.26 -85.43
N ASP N 616 84.23 -14.36 -84.73
CA ASP N 616 85.44 -13.62 -85.07
C ASP N 616 86.38 -14.29 -86.10
N GLU N 617 86.16 -15.54 -86.53
CA GLU N 617 87.00 -16.21 -87.55
C GLU N 617 86.37 -16.33 -88.95
N ILE N 618 85.27 -15.62 -89.23
CA ILE N 618 84.60 -15.63 -90.54
C ILE N 618 85.50 -15.10 -91.70
N GLN N 619 86.64 -14.46 -91.41
CA GLN N 619 87.40 -13.67 -92.41
C GLN N 619 88.73 -14.25 -92.93
N LYS N 620 89.03 -15.54 -92.76
CA LYS N 620 90.20 -16.14 -93.44
C LYS N 620 89.78 -17.06 -94.58
N GLN N 621 90.51 -16.95 -95.69
CA GLN N 621 90.24 -17.42 -97.07
C GLN N 621 89.71 -18.86 -97.26
N ASP N 622 89.72 -19.73 -96.25
CA ASP N 622 89.23 -21.11 -96.35
C ASP N 622 87.69 -21.22 -96.49
N SER N 623 86.93 -20.18 -96.08
CA SER N 623 85.46 -20.21 -96.14
C SER N 623 84.90 -20.22 -97.58
N SER N 624 85.58 -19.59 -98.55
CA SER N 624 85.06 -19.51 -99.93
C SER N 624 85.19 -20.82 -100.70
N ILE N 625 86.32 -21.54 -100.54
CA ILE N 625 86.59 -22.82 -101.21
C ILE N 625 85.59 -23.88 -100.74
N ASP N 626 85.31 -23.91 -99.44
CA ASP N 626 84.32 -24.79 -98.85
C ASP N 626 82.90 -24.50 -99.37
N ASN N 627 82.53 -23.23 -99.51
CA ASN N 627 81.21 -22.85 -100.02
C ASN N 627 81.02 -23.28 -101.49
N THR N 628 82.02 -23.07 -102.36
CA THR N 628 81.97 -23.54 -103.75
C THR N 628 81.81 -25.06 -103.84
N LYS N 629 82.53 -25.81 -103.00
CA LYS N 629 82.40 -27.27 -102.90
C LYS N 629 80.99 -27.70 -102.47
N VAL N 630 80.37 -26.99 -101.54
CA VAL N 630 79.00 -27.25 -101.08
C VAL N 630 77.97 -26.95 -102.17
N GLU N 631 78.13 -25.87 -102.93
CA GLU N 631 77.24 -25.55 -104.06
C GLU N 631 77.31 -26.62 -105.16
N MET N 632 78.52 -27.09 -105.49
CA MET N 632 78.72 -28.21 -106.42
C MET N 632 78.00 -29.48 -105.96
N LEU N 633 78.12 -29.82 -104.67
CA LEU N 633 77.42 -30.95 -104.06
C LEU N 633 75.90 -30.82 -104.16
N ARG N 634 75.33 -29.65 -103.83
CA ARG N 634 73.88 -29.41 -103.94
C ARG N 634 73.39 -29.59 -105.37
N LEU N 635 74.14 -29.09 -106.35
CA LEU N 635 73.79 -29.23 -107.76
C LEU N 635 73.83 -30.69 -108.22
N ALA N 636 74.88 -31.43 -107.87
CA ALA N 636 75.03 -32.85 -108.21
C ALA N 636 73.92 -33.70 -107.56
N LEU N 637 73.60 -33.45 -106.28
CA LEU N 637 72.51 -34.13 -105.57
C LEU N 637 71.15 -33.86 -106.21
N ALA N 638 70.84 -32.61 -106.57
CA ALA N 638 69.59 -32.26 -107.25
C ALA N 638 69.47 -32.93 -108.63
N ARG N 639 70.56 -32.98 -109.40
CA ARG N 639 70.60 -33.66 -110.71
C ARG N 639 70.46 -35.17 -110.59
N ASN N 640 71.07 -35.80 -109.58
CA ASN N 640 70.90 -37.22 -109.34
C ASN N 640 69.47 -37.52 -108.90
N LEU N 641 68.90 -36.76 -107.97
CA LEU N 641 67.52 -36.94 -107.51
C LEU N 641 66.51 -36.86 -108.66
N ALA N 642 66.63 -35.85 -109.53
CA ALA N 642 65.77 -35.72 -110.69
C ALA N 642 65.85 -36.93 -111.64
N ARG N 643 67.05 -37.47 -111.86
CA ARG N 643 67.24 -38.67 -112.69
C ARG N 643 66.73 -39.92 -112.01
N ALA N 644 67.00 -40.10 -110.72
CA ALA N 644 66.57 -41.24 -109.92
C ALA N 644 65.06 -41.38 -109.88
N ILE N 645 64.33 -40.27 -109.63
CA ILE N 645 62.86 -40.25 -109.63
C ILE N 645 62.30 -40.66 -111.00
N VAL N 646 62.90 -40.19 -112.10
CA VAL N 646 62.47 -40.56 -113.46
C VAL N 646 62.71 -42.04 -113.72
N THR N 647 63.87 -42.58 -113.34
CA THR N 647 64.20 -44.00 -113.56
C THR N 647 63.41 -44.95 -112.66
N GLU N 648 63.20 -44.61 -111.38
CA GLU N 648 62.43 -45.41 -110.43
C GLU N 648 60.93 -45.38 -110.78
N GLY N 649 60.42 -44.21 -111.17
CA GLY N 649 59.04 -44.07 -111.63
C GLY N 649 58.76 -44.83 -112.93
N ALA N 650 59.76 -44.93 -113.82
CA ALA N 650 59.64 -45.70 -115.08
C ALA N 650 59.76 -47.23 -114.90
N LEU N 651 60.23 -47.72 -113.74
CA LEU N 651 60.31 -49.15 -113.41
C LEU N 651 59.11 -49.67 -112.61
N GLN N 652 58.28 -48.76 -112.07
CA GLN N 652 57.07 -49.11 -111.30
C GLN N 652 55.82 -49.32 -112.17
N GLU N 653 55.97 -49.27 -113.49
CA GLU N 653 54.98 -49.73 -114.48
C GLU N 653 55.42 -51.05 -115.12
N MET O 1 56.48 -49.54 49.64
CA MET O 1 57.57 -48.98 48.84
C MET O 1 57.64 -47.47 48.99
N GLU O 2 57.91 -46.91 50.33
CA GLU O 2 58.24 -45.54 50.72
C GLU O 2 59.18 -44.90 49.71
N GLU O 3 58.88 -44.90 48.30
CA GLU O 3 59.47 -44.22 47.16
C GLU O 3 60.56 -43.24 47.61
N LEU O 4 61.81 -43.57 48.14
CA LEU O 4 63.03 -42.78 48.24
C LEU O 4 62.93 -41.50 47.41
N ASP O 5 62.34 -40.36 47.87
CA ASP O 5 62.35 -38.93 47.63
C ASP O 5 63.37 -38.55 46.55
N VAL O 6 63.44 -39.26 45.35
CA VAL O 6 64.32 -38.72 44.32
C VAL O 6 63.93 -37.29 44.00
N ASP O 7 64.85 -36.36 44.19
CA ASP O 7 64.72 -34.96 43.80
C ASP O 7 64.25 -34.84 42.35
N PRO O 8 63.25 -34.07 42.15
CA PRO O 8 62.74 -33.85 40.79
C PRO O 8 63.82 -33.39 39.82
N ALA O 9 63.80 -33.91 38.55
CA ALA O 9 64.71 -33.49 37.48
C ALA O 9 64.57 -32.00 37.21
N GLU O 10 65.68 -31.28 37.37
CA GLU O 10 65.71 -29.85 37.08
C GLU O 10 66.19 -29.60 35.65
N THR O 11 65.31 -28.89 34.91
CA THR O 11 65.66 -28.56 33.53
C THR O 11 65.89 -27.06 33.38
N PRO O 12 67.26 -26.72 33.29
CA PRO O 12 67.55 -25.31 33.05
C PRO O 12 67.19 -24.86 31.64
N ILE O 13 66.39 -23.75 31.49
CA ILE O 13 66.01 -23.19 30.20
C ILE O 13 66.89 -21.99 29.88
N PRO O 14 67.84 -22.22 28.93
CA PRO O 14 68.75 -21.14 28.55
C PRO O 14 68.02 -19.89 28.07
N GLY O 15 68.29 -18.70 28.60
CA GLY O 15 67.73 -17.43 28.16
C GLY O 15 66.55 -16.98 29.01
N LEU O 16 66.02 -17.93 29.83
CA LEU O 16 64.91 -17.69 30.75
C LEU O 16 65.42 -17.37 32.16
N GLY O 17 64.97 -16.24 32.80
CA GLY O 17 65.22 -15.97 34.21
C GLY O 17 66.29 -14.92 34.44
N GLN O 18 66.39 -13.80 33.59
CA GLN O 18 67.25 -12.63 33.81
C GLN O 18 66.55 -11.60 34.69
N GLN O 19 66.71 -11.55 36.10
CA GLN O 19 66.35 -10.38 36.91
C GLN O 19 65.12 -10.68 37.77
N ASN O 20 65.03 -11.74 38.56
CA ASN O 20 64.02 -11.90 39.59
C ASN O 20 62.61 -11.86 38.99
N ARG O 21 62.48 -12.27 37.71
CA ARG O 21 61.16 -12.32 37.08
C ARG O 21 60.50 -13.67 37.30
N HIS O 22 59.13 -13.63 37.30
CA HIS O 22 58.33 -14.84 37.38
C HIS O 22 58.25 -15.53 36.01
N ILE O 23 58.00 -16.79 36.04
CA ILE O 23 57.84 -17.55 34.80
C ILE O 23 56.38 -17.96 34.62
N GLY O 24 55.71 -17.44 33.53
CA GLY O 24 54.40 -17.93 33.12
C GLY O 24 54.48 -19.11 32.18
N PHE O 25 53.31 -19.86 32.05
CA PHE O 25 53.31 -21.03 31.18
C PHE O 25 51.92 -21.30 30.63
N SER O 26 51.92 -22.05 29.51
CA SER O 26 50.68 -22.52 28.91
C SER O 26 50.85 -23.91 28.29
N TRP O 27 49.77 -24.81 28.62
CA TRP O 27 49.80 -26.15 28.05
C TRP O 27 49.28 -26.13 26.62
N GLY O 28 50.11 -26.65 25.69
CA GLY O 28 49.59 -27.12 24.42
C GLY O 28 49.30 -28.60 24.41
N PRO O 29 48.68 -29.15 23.32
CA PRO O 29 48.39 -30.58 23.28
C PRO O 29 49.65 -31.44 23.44
N GLY O 30 50.78 -30.97 23.19
CA GLY O 30 51.99 -31.76 23.29
C GLY O 30 53.18 -30.98 23.79
N ASP O 31 52.93 -29.70 23.98
CA ASP O 31 54.05 -28.82 24.32
C ASP O 31 53.70 -27.91 25.49
N LEU O 32 54.76 -27.54 26.22
CA LEU O 32 54.65 -26.54 27.28
C LEU O 32 55.37 -25.26 26.89
N LEU O 33 54.66 -24.17 26.85
CA LEU O 33 55.24 -22.87 26.52
C LEU O 33 55.54 -22.08 27.78
N LEU O 34 56.77 -21.46 27.82
CA LEU O 34 57.20 -20.67 28.96
C LEU O 34 57.49 -19.23 28.55
N TYR O 35 57.15 -18.25 29.41
CA TYR O 35 57.45 -16.84 29.16
C TYR O 35 57.72 -16.11 30.47
N GLU O 36 58.50 -15.04 30.38
CA GLU O 36 58.82 -14.23 31.55
C GLU O 36 57.71 -13.22 31.83
N THR O 37 57.42 -13.10 33.09
CA THR O 37 56.38 -12.14 33.46
C THR O 37 56.60 -11.66 34.91
N LEU O 38 55.80 -10.60 35.31
CA LEU O 38 55.73 -10.10 36.69
C LEU O 38 54.27 -10.03 37.15
N TYR O 39 53.97 -10.90 38.13
CA TYR O 39 52.58 -10.95 38.58
C TYR O 39 52.28 -9.82 39.56
N GLN O 40 53.42 -9.28 40.27
CA GLN O 40 53.28 -8.14 41.19
C GLN O 40 54.33 -7.07 40.90
N LYS O 41 53.91 -5.93 40.34
CA LYS O 41 54.83 -4.84 40.07
C LYS O 41 55.36 -4.23 41.37
N GLN O 42 56.63 -4.50 41.87
CA GLN O 42 57.28 -3.87 43.01
C GLN O 42 57.91 -2.54 42.60
N GLY O 43 57.16 -1.33 42.59
CA GLY O 43 57.83 -0.04 42.60
C GLY O 43 58.05 0.53 41.22
N ASN O 44 57.87 1.86 41.00
CA ASN O 44 58.03 2.83 39.91
C ASN O 44 59.32 2.59 39.14
N SER O 45 59.82 1.29 38.97
CA SER O 45 60.98 1.18 38.09
C SER O 45 60.56 1.23 36.62
N GLU O 46 60.40 2.41 36.02
CA GLU O 46 60.32 3.00 34.68
C GLU O 46 61.17 2.20 33.68
N THR O 47 61.77 0.95 34.07
CA THR O 47 62.43 0.31 32.94
C THR O 47 61.50 -0.70 32.28
N ALA O 48 60.65 -0.33 31.28
CA ALA O 48 59.82 -1.11 30.38
C ALA O 48 60.16 -2.60 30.46
N ALA O 49 59.95 -3.28 31.57
CA ALA O 49 60.15 -4.72 31.65
C ALA O 49 59.69 -5.41 30.37
N ARG O 50 60.55 -5.51 29.30
CA ARG O 50 60.31 -6.20 28.03
C ARG O 50 60.47 -7.70 28.20
N CYS O 51 59.48 -8.44 27.63
CA CYS O 51 59.54 -9.89 27.44
C CYS O 51 59.84 -10.23 25.99
N PRO O 52 61.16 -10.30 25.67
CA PRO O 52 61.48 -10.43 24.25
C PRO O 52 61.28 -11.86 23.73
N PHE O 53 61.21 -12.85 24.69
CA PHE O 53 61.23 -14.20 24.13
C PHE O 53 60.23 -15.09 24.85
N MET O 54 59.61 -15.94 24.21
CA MET O 54 58.89 -17.11 24.71
C MET O 54 59.63 -18.40 24.38
N TYR O 55 59.46 -19.35 25.30
CA TYR O 55 60.23 -20.57 25.12
C TYR O 55 59.31 -21.79 25.05
N LEU O 56 59.38 -22.54 24.06
CA LEU O 56 58.63 -23.77 23.87
C LEU O 56 59.43 -24.98 24.35
N VAL O 57 58.85 -25.65 25.33
CA VAL O 57 59.50 -26.82 25.90
C VAL O 57 58.77 -28.08 25.46
N ARG O 58 59.49 -29.00 24.80
CA ARG O 58 58.95 -30.27 24.33
C ARG O 58 59.69 -31.44 24.96
N SER O 59 58.99 -32.56 25.37
CA SER O 59 59.53 -33.73 26.05
C SER O 59 59.82 -34.85 25.05
N ASP O 60 59.43 -34.72 23.63
CA ASP O 60 59.48 -35.98 22.91
C ASP O 60 60.05 -35.80 21.50
N GLU O 61 61.30 -35.28 21.39
CA GLU O 61 61.89 -35.08 20.07
C GLU O 61 62.16 -36.42 19.38
N ASP O 62 62.24 -37.51 20.26
CA ASP O 62 62.66 -38.80 19.72
C ASP O 62 61.58 -39.37 18.80
N ILE O 63 60.34 -39.01 19.06
CA ILE O 63 59.22 -39.55 18.30
C ILE O 63 59.29 -39.07 16.85
N TYR O 64 60.13 -38.00 16.60
CA TYR O 64 60.21 -37.43 15.25
C TYR O 64 61.41 -37.98 14.51
N SER O 65 62.12 -38.94 15.16
CA SER O 65 63.20 -39.60 14.47
C SER O 65 62.68 -40.56 13.40
N PRO O 66 63.20 -40.38 12.19
CA PRO O 66 62.76 -41.27 11.12
C PRO O 66 63.01 -42.75 11.42
N VAL O 67 64.15 -43.09 12.06
CA VAL O 67 64.50 -44.47 12.37
C VAL O 67 63.55 -45.01 13.44
N LEU O 68 63.23 -44.26 14.41
CA LEU O 68 62.35 -44.70 15.49
C LEU O 68 60.91 -44.87 14.99
N ARG O 69 60.58 -44.16 13.94
CA ARG O 69 59.26 -44.32 13.33
C ARG O 69 59.05 -45.76 12.87
N LYS O 70 60.10 -46.33 12.29
CA LYS O 70 60.03 -47.73 11.89
C LYS O 70 59.82 -48.64 13.10
N LEU O 71 60.56 -48.26 14.20
CA LEU O 71 60.41 -49.02 15.44
C LEU O 71 58.97 -49.01 15.92
N PHE O 72 58.30 -47.89 15.84
CA PHE O 72 56.93 -47.72 16.32
C PHE O 72 55.95 -48.49 15.43
N ASN O 73 56.17 -48.50 14.12
CA ASN O 73 55.27 -49.17 13.19
C ASN O 73 55.40 -50.69 13.29
N GLU O 74 56.64 -51.14 13.37
CA GLU O 74 56.87 -52.58 13.43
C GLU O 74 56.44 -53.15 14.77
N SER O 75 56.75 -52.36 15.80
CA SER O 75 56.37 -52.82 17.13
C SER O 75 54.85 -52.83 17.29
N HIS O 76 54.19 -51.91 16.68
CA HIS O 76 52.73 -51.86 16.70
C HIS O 76 52.13 -53.15 16.14
N SER O 77 52.65 -53.64 15.00
CA SER O 77 52.16 -54.88 14.39
C SER O 77 52.35 -56.06 15.33
N ILE O 78 53.45 -56.08 16.01
CA ILE O 78 53.72 -57.14 16.98
C ILE O 78 52.72 -57.05 18.13
N PHE O 79 52.50 -55.82 18.60
CA PHE O 79 51.60 -55.58 19.72
C PHE O 79 50.18 -56.05 19.38
N VAL O 80 49.65 -55.62 18.25
CA VAL O 80 48.31 -55.97 17.83
C VAL O 80 48.22 -57.48 17.62
N GLY O 81 49.26 -58.05 16.97
CA GLY O 81 49.31 -59.49 16.77
C GLY O 81 49.24 -60.28 18.06
N LEU O 82 49.90 -59.76 19.10
CA LEU O 82 49.90 -60.42 20.40
C LEU O 82 48.52 -60.36 21.04
N GLN O 83 47.76 -59.23 20.82
CA GLN O 83 46.43 -59.07 21.39
C GLN O 83 45.44 -60.03 20.75
N LYS O 84 45.62 -60.22 19.53
CA LYS O 84 44.71 -61.08 18.79
C LYS O 84 44.96 -62.56 19.08
N SER O 85 46.17 -62.88 19.42
CA SER O 85 46.57 -64.27 19.67
C SER O 85 46.24 -64.69 21.09
N ALA O 86 46.19 -63.68 22.07
CA ALA O 86 45.97 -63.93 23.49
C ALA O 86 44.74 -64.80 23.72
N GLU O 87 43.89 -64.98 22.75
CA GLU O 87 42.66 -65.76 22.93
C GLU O 87 42.85 -67.21 22.52
N GLU O 88 44.03 -67.69 22.01
CA GLU O 88 44.05 -68.96 21.29
C GLU O 88 45.00 -69.95 21.95
N ALA O 89 46.03 -69.53 22.76
CA ALA O 89 47.07 -70.48 23.13
C ALA O 89 47.04 -70.78 24.62
N SER O 90 47.18 -72.16 25.07
CA SER O 90 47.24 -72.59 26.46
C SER O 90 48.55 -73.32 26.77
N GLY O 91 49.14 -72.98 27.99
CA GLY O 91 50.21 -73.67 28.69
C GLY O 91 51.58 -73.38 28.10
N LYS O 92 52.37 -74.53 27.66
CA LYS O 92 53.74 -74.51 27.16
C LYS O 92 53.83 -73.84 25.79
N SER O 93 52.80 -73.97 25.04
CA SER O 93 52.73 -73.34 23.73
C SER O 93 52.66 -71.81 23.86
N ARG O 94 52.08 -71.40 24.95
CA ARG O 94 51.92 -69.97 25.17
C ARG O 94 53.26 -69.34 25.56
N LYS O 95 53.94 -70.04 26.42
CA LYS O 95 55.25 -69.54 26.82
C LYS O 95 56.17 -69.40 25.62
N ALA O 96 56.23 -70.42 24.76
CA ALA O 96 57.05 -70.40 23.55
C ALA O 96 56.63 -69.24 22.63
N GLN O 97 55.39 -69.06 22.57
CA GLN O 97 54.85 -67.96 21.77
C GLN O 97 55.30 -66.60 22.31
N LEU O 98 55.24 -66.42 23.62
CA LEU O 98 55.62 -65.17 24.25
C LEU O 98 57.11 -64.89 24.07
N VAL O 99 57.87 -66.00 24.16
CA VAL O 99 59.30 -65.84 23.93
C VAL O 99 59.55 -65.42 22.48
N GLN O 100 58.78 -65.98 21.58
CA GLN O 100 58.88 -65.60 20.17
C GLN O 100 58.54 -64.13 19.98
N VAL O 101 57.48 -63.71 20.62
CA VAL O 101 57.07 -62.32 20.55
C VAL O 101 58.18 -61.41 21.08
N SER O 102 58.75 -61.78 22.22
CA SER O 102 59.86 -61.04 22.81
C SER O 102 61.02 -60.92 21.83
N ARG O 103 61.34 -61.98 21.12
CA ARG O 103 62.43 -62.00 20.16
C ARG O 103 62.13 -61.09 18.97
N ASN O 104 60.89 -61.05 18.57
CA ASN O 104 60.48 -60.16 17.49
C ASN O 104 60.71 -58.69 17.86
N TYR O 105 60.39 -58.33 19.13
CA TYR O 105 60.67 -56.97 19.58
C TYR O 105 62.17 -56.68 19.53
N ARG O 106 62.93 -57.59 19.96
CA ARG O 106 64.38 -57.41 19.98
C ARG O 106 64.94 -57.28 18.57
N SER O 107 64.40 -58.09 17.71
CA SER O 107 64.84 -58.03 16.33
C SER O 107 64.59 -56.65 15.73
N VAL O 108 63.49 -56.09 16.06
CA VAL O 108 63.16 -54.76 15.57
C VAL O 108 64.13 -53.73 16.15
N LEU O 109 64.42 -53.83 17.45
CA LEU O 109 65.38 -52.94 18.10
C LEU O 109 66.74 -53.01 17.44
N ARG O 110 67.13 -54.20 17.10
CA ARG O 110 68.43 -54.41 16.49
C ARG O 110 68.48 -53.84 15.08
N ALA O 111 67.44 -54.05 14.39
CA ALA O 111 67.35 -53.50 13.04
C ALA O 111 67.47 -51.99 13.04
N CYS O 112 66.84 -51.40 14.05
CA CYS O 112 66.89 -49.94 14.18
C CYS O 112 68.29 -49.48 14.56
N MET O 113 68.90 -50.17 15.44
CA MET O 113 70.26 -49.84 15.86
C MET O 113 71.23 -49.96 14.69
N GLU O 114 71.10 -50.99 13.87
CA GLU O 114 71.96 -51.20 12.71
C GLU O 114 71.81 -50.07 11.70
N GLU O 115 70.68 -49.68 11.50
CA GLU O 115 70.41 -48.57 10.58
C GLU O 115 71.02 -47.27 11.10
N MET O 116 70.81 -47.00 12.42
CA MET O 116 71.36 -45.80 13.03
C MET O 116 72.89 -45.81 12.95
N HIS O 117 73.49 -46.95 13.09
CA HIS O 117 74.92 -47.09 12.95
C HIS O 117 75.37 -46.72 11.53
N THR O 118 74.59 -47.13 10.54
CA THR O 118 74.90 -46.83 9.14
C THR O 118 74.80 -45.33 8.88
N LEU O 119 73.81 -44.71 9.50
CA LEU O 119 73.56 -43.29 9.29
C LEU O 119 74.56 -42.44 10.05
N SER O 120 75.09 -42.91 11.15
CA SER O 120 76.05 -42.19 11.98
C SER O 120 77.38 -42.00 11.25
N GLU O 121 77.65 -42.63 10.12
CA GLU O 121 78.90 -42.53 9.36
C GLU O 121 78.89 -41.30 8.45
N SER O 122 77.81 -40.51 8.39
CA SER O 122 77.70 -39.47 7.37
C SER O 122 78.22 -38.13 7.90
N THR O 123 77.64 -37.39 8.97
CA THR O 123 78.06 -36.09 9.49
C THR O 123 78.36 -36.19 10.99
N ARG O 124 79.41 -35.41 11.48
CA ARG O 124 79.91 -35.42 12.84
C ARG O 124 78.81 -35.05 13.83
N GLU O 125 77.94 -33.95 13.51
CA GLU O 125 76.89 -33.51 14.43
C GLU O 125 75.75 -34.53 14.50
N THR O 126 75.32 -35.08 13.39
CA THR O 126 74.29 -36.10 13.28
C THR O 126 74.79 -37.42 13.87
N ALA O 127 76.10 -37.54 13.87
CA ALA O 127 76.69 -38.77 14.39
C ALA O 127 76.56 -38.84 15.90
N GLN O 128 76.81 -37.68 16.55
CA GLN O 128 76.73 -37.67 18.00
C GLN O 128 75.30 -37.94 18.48
N LYS O 129 74.30 -37.36 17.76
CA LYS O 129 72.88 -37.58 18.08
C LYS O 129 72.52 -39.05 17.95
N TYR O 130 72.97 -39.69 16.96
CA TYR O 130 72.65 -41.10 16.72
C TYR O 130 73.37 -42.00 17.71
N ILE O 131 74.63 -41.61 18.06
CA ILE O 131 75.40 -42.41 19.01
C ILE O 131 74.69 -42.44 20.36
N SER O 132 74.19 -41.35 20.82
CA SER O 132 73.45 -41.29 22.07
C SER O 132 72.17 -42.13 22.01
N GLN O 133 71.47 -42.10 20.87
CA GLN O 133 70.25 -42.87 20.66
C GLN O 133 70.54 -44.37 20.63
N ILE O 134 71.65 -44.66 19.98
CA ILE O 134 72.05 -46.05 19.91
C ILE O 134 72.35 -46.58 21.31
N SER O 135 73.00 -45.81 22.15
CA SER O 135 73.30 -46.19 23.52
C SER O 135 72.02 -46.47 24.31
N ILE O 136 70.96 -45.68 24.12
CA ILE O 136 69.68 -45.85 24.81
C ILE O 136 69.01 -47.13 24.34
N LEU O 137 69.01 -47.37 22.98
CA LEU O 137 68.38 -48.56 22.41
C LEU O 137 69.14 -49.82 22.86
N SER O 138 70.47 -49.67 22.93
CA SER O 138 71.29 -50.79 23.41
C SER O 138 70.95 -51.13 24.86
N ALA O 139 70.79 -50.07 25.71
CA ALA O 139 70.39 -50.28 27.10
C ALA O 139 69.01 -50.94 27.17
N MET O 140 68.08 -50.55 26.28
CA MET O 140 66.74 -51.13 26.22
C MET O 140 66.79 -52.62 25.86
N GLU O 141 67.60 -52.89 24.77
CA GLU O 141 67.74 -54.27 24.31
C GLU O 141 68.37 -55.14 25.40
N LEU O 142 69.41 -54.60 26.07
CA LEU O 142 70.10 -55.29 27.15
C LEU O 142 69.13 -55.63 28.28
N SER O 143 68.41 -54.71 28.72
CA SER O 143 67.46 -54.88 29.81
C SER O 143 66.30 -55.78 29.40
N TRP O 144 65.78 -55.60 28.18
CA TRP O 144 64.69 -56.41 27.66
C TRP O 144 65.08 -57.89 27.63
N ASN O 145 66.28 -58.16 27.10
CA ASN O 145 66.76 -59.53 26.99
C ASN O 145 66.88 -60.18 28.36
N LEU O 146 67.38 -59.43 29.32
CA LEU O 146 67.50 -59.95 30.68
C LEU O 146 66.12 -60.30 31.24
N CYS O 147 65.17 -59.44 31.05
CA CYS O 147 63.81 -59.68 31.52
C CYS O 147 63.21 -60.89 30.83
N GLU O 148 63.46 -61.01 29.55
CA GLU O 148 63.02 -62.19 28.80
C GLU O 148 63.52 -63.47 29.45
N ILE O 149 64.84 -63.48 29.86
CA ILE O 149 65.49 -64.66 30.45
C ILE O 149 64.89 -64.93 31.83
N LEU O 150 64.71 -63.85 32.62
CA LEU O 150 64.37 -64.02 34.03
C LEU O 150 62.87 -64.16 34.23
N PHE O 151 62.05 -63.50 33.38
CA PHE O 151 60.63 -63.42 33.71
C PHE O 151 59.79 -64.18 32.69
N ILE O 152 60.10 -64.08 31.43
CA ILE O 152 59.28 -64.71 30.39
C ILE O 152 59.69 -66.17 30.23
N GLU O 153 61.01 -66.45 30.04
CA GLU O 153 61.49 -67.82 29.92
C GLU O 153 61.55 -68.50 31.28
N SER O 154 61.69 -67.65 32.31
CA SER O 154 61.78 -68.14 33.69
C SER O 154 62.71 -69.35 33.79
N ALA O 155 63.93 -69.17 33.31
CA ALA O 155 64.92 -70.23 33.20
C ALA O 155 65.25 -70.83 34.56
N PRO O 156 65.15 -72.23 34.69
CA PRO O 156 65.53 -72.89 35.93
C PRO O 156 67.04 -72.96 36.13
N ALA O 157 67.40 -73.54 37.34
CA ALA O 157 68.81 -73.72 37.62
C ALA O 157 69.48 -74.59 36.55
N GLY O 158 70.61 -74.28 36.04
CA GLY O 158 71.33 -74.93 34.96
C GLY O 158 71.32 -74.14 33.66
N PRO O 159 70.06 -74.14 32.97
CA PRO O 159 69.95 -73.36 31.73
C PRO O 159 70.12 -71.85 31.96
N LEU O 160 69.83 -71.39 33.19
CA LEU O 160 69.90 -69.96 33.53
C LEU O 160 71.28 -69.41 33.21
N LEU O 161 72.35 -70.10 33.70
CA LEU O 161 73.71 -69.61 33.49
C LEU O 161 74.07 -69.60 32.01
N ILE O 162 73.59 -70.59 31.26
CA ILE O 162 73.87 -70.65 29.83
C ILE O 162 73.25 -69.44 29.13
N LEU O 163 72.08 -69.13 29.50
CA LEU O 163 71.37 -68.01 28.90
C LEU O 163 72.03 -66.69 29.28
N LEU O 164 72.53 -66.58 30.51
CA LEU O 164 73.21 -65.38 30.95
C LEU O 164 74.54 -65.20 30.22
N LEU O 165 75.20 -66.36 30.00
CA LEU O 165 76.43 -66.32 29.23
C LEU O 165 76.18 -65.83 27.81
N GLU O 166 75.09 -66.36 27.28
CA GLU O 166 74.70 -65.91 25.95
C GLU O 166 74.31 -64.44 25.95
N TRP O 167 73.61 -64.03 27.02
CA TRP O 167 73.19 -62.65 27.22
C TRP O 167 74.40 -61.71 27.23
N VAL O 168 75.49 -62.01 27.94
CA VAL O 168 76.69 -61.21 28.02
C VAL O 168 77.41 -61.21 26.67
N ARG O 169 77.33 -62.29 26.01
CA ARG O 169 77.96 -62.42 24.71
C ARG O 169 77.31 -61.51 23.69
N LEU O 170 76.02 -61.44 23.72
CA LEU O 170 75.26 -60.66 22.75
C LEU O 170 75.44 -59.17 23.00
N HIS O 171 75.71 -58.77 24.24
CA HIS O 171 75.63 -57.34 24.55
C HIS O 171 77.01 -56.76 24.86
N VAL O 172 77.97 -57.68 25.12
CA VAL O 172 79.36 -57.25 25.33
C VAL O 172 80.24 -57.81 24.21
N CYS O 173 80.68 -57.00 23.22
CA CYS O 173 81.39 -57.50 22.05
C CYS O 173 82.84 -57.00 22.04
N GLU O 174 83.36 -56.38 23.09
CA GLU O 174 84.68 -55.77 23.13
C GLU O 174 85.78 -56.82 22.91
N VAL O 175 85.59 -57.96 23.44
CA VAL O 175 86.60 -59.01 23.35
C VAL O 175 86.76 -59.45 21.90
N ASP O 176 85.67 -59.52 21.16
CA ASP O 176 85.71 -59.89 19.74
C ASP O 176 86.49 -58.86 18.93
N ASN O 177 86.30 -57.62 19.29
CA ASN O 177 87.03 -56.55 18.61
C ASN O 177 88.53 -56.64 18.88
N ILE O 178 88.91 -56.95 20.13
CA ILE O 178 90.30 -57.10 20.52
C ILE O 178 90.92 -58.26 19.73
N VAL O 179 90.18 -59.35 19.67
CA VAL O 179 90.68 -60.55 19.01
C VAL O 179 90.82 -60.31 17.51
N GLN O 180 89.83 -59.67 16.93
CA GLN O 180 89.90 -59.36 15.51
C GLN O 180 91.13 -58.50 15.21
N ASP O 181 91.43 -57.56 16.07
CA ASP O 181 92.60 -56.70 15.95
C ASP O 181 93.89 -57.51 16.07
N VAL O 182 93.91 -58.41 16.96
CA VAL O 182 95.07 -59.27 17.19
C VAL O 182 95.30 -60.16 15.98
N LEU O 183 94.19 -60.67 15.45
CA LEU O 183 94.30 -61.61 14.34
C LEU O 183 94.70 -60.89 13.05
N ARG O 184 94.44 -59.61 12.95
CA ARG O 184 94.82 -58.82 11.78
C ARG O 184 96.32 -58.52 11.79
N SER O 185 96.93 -58.72 12.96
CA SER O 185 98.36 -58.47 13.07
C SER O 185 99.16 -59.57 12.39
N GLU O 186 100.20 -59.28 11.81
CA GLU O 186 101.05 -60.21 11.09
C GLU O 186 101.53 -61.33 12.01
N LYS O 187 101.84 -60.96 13.26
CA LYS O 187 102.26 -61.89 14.31
C LYS O 187 101.34 -61.81 15.53
N PRO O 188 100.31 -62.48 15.54
CA PRO O 188 99.27 -62.41 16.57
C PRO O 188 99.79 -62.74 17.97
N THR O 189 100.73 -63.69 18.13
CA THR O 189 101.20 -64.14 19.43
C THR O 189 102.05 -63.06 20.11
N GLU O 190 102.57 -62.14 19.33
CA GLU O 190 103.41 -61.07 19.89
C GLU O 190 102.62 -59.79 20.08
N HIS O 191 101.37 -59.84 19.71
CA HIS O 191 100.50 -58.68 19.86
C HIS O 191 100.23 -58.36 21.32
N GLU O 192 100.22 -57.08 21.72
CA GLU O 192 100.12 -56.60 23.10
C GLU O 192 98.84 -57.11 23.76
N LYS O 193 97.78 -57.36 22.98
CA LYS O 193 96.46 -57.67 23.53
C LYS O 193 96.11 -59.14 23.32
N PHE O 194 97.12 -59.94 22.83
CA PHE O 194 96.88 -61.33 22.54
C PHE O 194 96.28 -62.05 23.75
N TRP O 195 96.94 -61.95 24.96
CA TRP O 195 96.49 -62.66 26.16
C TRP O 195 95.21 -62.06 26.71
N ASP O 196 95.02 -60.76 26.39
CA ASP O 196 93.73 -60.15 26.73
C ASP O 196 92.59 -60.84 26.00
N GLY O 197 92.87 -61.16 24.71
CA GLY O 197 91.91 -61.90 23.90
C GLY O 197 91.62 -63.29 24.45
N VAL O 198 92.69 -64.04 24.80
CA VAL O 198 92.54 -65.39 25.35
C VAL O 198 91.76 -65.33 26.65
N THR O 199 92.19 -64.48 27.59
CA THR O 199 91.53 -64.34 28.88
C THR O 199 90.08 -63.88 28.70
N GLY O 200 89.87 -62.97 27.78
CA GLY O 200 88.53 -62.49 27.49
C GLY O 200 87.58 -63.60 27.07
N TYR O 201 88.02 -64.51 26.11
CA TYR O 201 87.22 -65.64 25.68
C TYR O 201 86.93 -66.59 26.85
N VAL O 202 87.95 -66.79 27.71
CA VAL O 202 87.78 -67.67 28.85
C VAL O 202 86.75 -67.08 29.82
N LEU O 203 86.82 -65.80 30.08
CA LEU O 203 85.91 -65.14 31.01
C LEU O 203 84.47 -65.19 30.50
N GLN O 204 84.26 -65.34 29.20
CA GLN O 204 82.94 -65.41 28.59
C GLN O 204 82.46 -66.85 28.45
N GLY O 205 83.33 -67.83 28.90
CA GLY O 205 83.00 -69.25 28.82
C GLY O 205 83.16 -69.82 27.43
N ARG O 206 83.76 -69.15 26.50
CA ARG O 206 84.03 -69.61 25.14
C ARG O 206 85.38 -70.33 25.07
N MET O 207 85.37 -71.59 25.53
CA MET O 207 86.61 -72.35 25.74
C MET O 207 87.22 -72.76 24.39
N ASN O 208 86.39 -73.01 23.43
CA ASN O 208 86.87 -73.48 22.14
C ASN O 208 87.62 -72.38 21.38
N GLU O 209 87.08 -71.16 21.43
CA GLU O 209 87.73 -70.02 20.79
C GLU O 209 89.05 -69.67 21.47
N ALA O 210 89.06 -69.82 22.75
CA ALA O 210 90.30 -69.60 23.51
C ALA O 210 91.35 -70.64 23.14
N ARG O 211 90.88 -71.83 22.92
CA ARG O 211 91.77 -72.93 22.57
C ARG O 211 92.41 -72.69 21.19
N GLN O 212 91.64 -72.13 20.32
CA GLN O 212 92.15 -71.82 19.00
C GLN O 212 93.26 -70.78 19.06
N LEU O 213 93.13 -69.81 19.93
CA LEU O 213 94.14 -68.78 20.11
C LEU O 213 95.38 -69.35 20.79
N LEU O 214 95.10 -70.31 21.70
CA LEU O 214 96.20 -70.93 22.43
C LEU O 214 97.04 -71.80 21.49
N ALA O 215 96.37 -72.38 20.52
CA ALA O 215 97.07 -73.20 19.53
C ALA O 215 98.09 -72.39 18.76
N LYS O 216 97.83 -71.11 18.58
CA LYS O 216 98.74 -70.22 17.88
C LYS O 216 99.99 -69.94 18.71
N GLU O 217 99.88 -69.90 20.06
CA GLU O 217 100.98 -69.69 21.01
C GLU O 217 101.83 -70.95 21.17
N ALA O 218 101.14 -72.05 21.01
CA ALA O 218 101.83 -73.33 21.17
C ALA O 218 102.93 -73.49 20.13
N SER O 219 102.91 -72.73 19.04
CA SER O 219 103.86 -72.85 17.94
C SER O 219 105.09 -71.98 18.19
N THR O 220 105.16 -71.20 19.25
CA THR O 220 106.23 -70.24 19.49
C THR O 220 107.43 -70.92 20.14
N SER O 221 107.24 -71.81 21.13
CA SER O 221 108.32 -72.48 21.85
C SER O 221 107.87 -73.84 22.39
N ALA O 222 108.88 -74.80 22.51
CA ALA O 222 108.63 -76.14 23.01
C ALA O 222 108.06 -76.09 24.43
N SER O 223 108.69 -75.21 25.36
CA SER O 223 108.20 -75.04 26.73
C SER O 223 106.77 -74.55 26.75
N ALA O 224 106.49 -73.56 25.92
CA ALA O 224 105.15 -73.01 25.79
C ALA O 224 104.17 -74.05 25.26
N ARG O 225 104.66 -74.94 24.37
CA ARG O 225 103.84 -75.99 23.78
C ARG O 225 103.35 -76.96 24.84
N SER O 226 104.25 -77.42 25.71
CA SER O 226 103.89 -78.36 26.76
C SER O 226 102.87 -77.75 27.71
N MET O 227 103.07 -76.51 28.14
CA MET O 227 102.16 -75.81 29.04
C MET O 227 100.81 -75.54 28.36
N CYS O 228 100.83 -75.12 27.12
CA CYS O 228 99.62 -74.85 26.33
C CYS O 228 98.79 -76.12 26.17
N ARG O 229 99.50 -77.23 26.04
CA ARG O 229 98.81 -78.52 25.91
C ARG O 229 98.01 -78.82 27.18
N VAL O 230 98.66 -78.55 28.30
CA VAL O 230 98.00 -78.80 29.57
C VAL O 230 96.78 -77.88 29.71
N LEU O 231 97.03 -76.59 29.53
CA LEU O 231 95.96 -75.62 29.62
C LEU O 231 94.85 -75.93 28.62
N ASP O 232 95.23 -76.22 27.37
CA ASP O 232 94.27 -76.63 26.35
C ASP O 232 93.43 -77.80 26.82
N ASP O 233 94.04 -78.78 27.46
CA ASP O 233 93.34 -79.96 27.98
C ASP O 233 92.34 -79.56 29.06
N LEU O 234 92.75 -78.66 29.93
CA LEU O 234 91.88 -78.19 31.00
C LEU O 234 90.65 -77.50 30.43
N LEU O 235 90.90 -76.66 29.47
CA LEU O 235 89.83 -75.92 28.82
C LEU O 235 88.89 -76.87 28.08
N LYS O 236 89.40 -77.84 27.45
CA LYS O 236 88.63 -78.84 26.70
C LYS O 236 87.74 -79.65 27.63
N LYS O 237 88.23 -79.96 28.83
CA LYS O 237 87.55 -80.85 29.78
C LYS O 237 86.55 -80.07 30.62
N MET O 238 86.55 -78.69 30.54
CA MET O 238 85.62 -77.91 31.36
C MET O 238 84.18 -78.31 31.08
N PRO O 239 83.54 -78.77 32.20
CA PRO O 239 82.15 -79.21 32.08
C PRO O 239 81.20 -78.06 31.73
N MET O 240 80.35 -78.16 30.66
CA MET O 240 79.33 -77.19 30.27
C MET O 240 77.95 -77.83 30.24
N LEU O 241 76.99 -77.16 30.84
CA LEU O 241 75.63 -77.64 30.84
C LEU O 241 75.00 -77.47 29.46
N HIS O 242 74.42 -78.59 28.89
CA HIS O 242 73.71 -78.58 27.62
C HIS O 242 72.20 -78.63 27.82
N THR O 243 71.44 -77.64 27.15
CA THR O 243 70.00 -77.41 27.23
C THR O 243 69.22 -78.63 26.74
N GLY O 244 69.81 -79.85 26.57
CA GLY O 244 69.13 -81.03 26.04
C GLY O 244 69.69 -82.33 26.59
N GLY O 245 70.62 -82.26 27.56
CA GLY O 245 71.25 -83.48 28.05
C GLY O 245 70.58 -84.04 29.29
N THR O 246 70.50 -85.38 29.36
CA THR O 246 69.96 -86.19 30.45
C THR O 246 70.75 -85.97 31.74
N GLN O 247 71.74 -85.04 31.72
CA GLN O 247 72.58 -84.86 32.90
C GLN O 247 71.82 -84.09 33.98
N THR O 248 71.79 -84.64 35.17
CA THR O 248 71.20 -83.96 36.32
C THR O 248 72.15 -82.91 36.88
N LEU O 249 71.69 -81.92 37.51
CA LEU O 249 72.46 -80.83 38.10
C LEU O 249 73.48 -81.37 39.11
N THR O 250 73.19 -82.41 39.83
CA THR O 250 74.08 -83.01 40.82
C THR O 250 75.27 -83.67 40.14
N GLU O 251 74.92 -84.44 39.05
CA GLU O 251 75.98 -85.08 38.27
C GLU O 251 76.95 -84.04 37.70
N PHE O 252 76.40 -83.04 37.25
CA PHE O 252 77.20 -81.96 36.69
C PHE O 252 78.09 -81.35 37.76
N GLU O 253 77.58 -81.05 38.89
CA GLU O 253 78.31 -80.45 40.00
C GLU O 253 79.51 -81.31 40.40
N LEU O 254 79.35 -82.66 40.37
CA LEU O 254 80.44 -83.57 40.72
C LEU O 254 81.55 -83.50 39.69
N LYS O 255 81.14 -83.49 38.44
CA LYS O 255 82.11 -83.39 37.36
C LYS O 255 82.87 -82.06 37.41
N TRP O 256 82.12 -81.09 37.66
CA TRP O 256 82.68 -79.73 37.75
C TRP O 256 83.67 -79.64 38.90
N GLN O 257 83.37 -80.20 40.05
CA GLN O 257 84.24 -80.21 41.22
C GLN O 257 85.53 -80.96 40.94
N HIS O 258 85.38 -82.10 40.28
CA HIS O 258 86.55 -82.88 39.89
C HIS O 258 87.46 -82.09 38.95
N TRP O 259 86.86 -81.50 37.97
CA TRP O 259 87.60 -80.66 37.03
C TRP O 259 88.32 -79.53 37.75
N ARG O 260 87.71 -78.92 38.67
CA ARG O 260 88.27 -77.83 39.46
C ARG O 260 89.46 -78.31 40.28
N GLU O 261 89.34 -79.45 40.90
CA GLU O 261 90.43 -80.06 41.66
C GLU O 261 91.66 -80.29 40.79
N GLU O 262 91.39 -80.68 39.56
CA GLU O 262 92.47 -80.88 38.60
C GLU O 262 93.17 -79.56 38.29
N CYS O 263 92.43 -78.55 38.03
CA CYS O 263 93.00 -77.23 37.80
C CYS O 263 93.84 -76.78 38.98
N GLU O 264 93.34 -76.99 40.17
CA GLU O 264 94.02 -76.60 41.40
C GLU O 264 95.34 -77.36 41.56
N ARG O 265 95.35 -78.61 41.23
CA ARG O 265 96.54 -79.45 41.31
C ARG O 265 97.65 -78.90 40.42
N HIS O 266 97.33 -78.55 39.20
CA HIS O 266 98.30 -78.00 38.27
C HIS O 266 98.86 -76.66 38.78
N LEU O 267 98.00 -75.84 39.38
CA LEU O 267 98.44 -74.56 39.90
C LEU O 267 99.38 -74.76 41.09
N GLN O 268 99.10 -75.72 41.99
CA GLN O 268 99.89 -76.01 43.17
C GLN O 268 101.24 -76.61 42.80
N ASN O 269 101.24 -77.34 41.69
CA ASN O 269 102.48 -77.97 41.22
C ASN O 269 103.38 -76.96 40.51
N GLY O 270 102.95 -75.77 40.36
CA GLY O 270 103.75 -74.74 39.70
C GLY O 270 103.96 -75.00 38.22
N THR O 271 102.96 -75.70 37.55
CA THR O 271 103.03 -76.05 36.12
C THR O 271 103.18 -74.82 35.26
N PHE O 272 102.53 -73.64 35.65
CA PHE O 272 102.48 -72.45 34.81
C PHE O 272 103.36 -71.35 35.38
N SER O 273 104.31 -71.59 36.29
CA SER O 273 105.10 -70.59 37.01
C SER O 273 105.99 -69.81 36.05
N SER O 274 106.28 -70.39 34.82
CA SER O 274 107.19 -69.75 33.86
C SER O 274 106.45 -68.75 32.99
N ASN O 275 105.10 -68.79 32.98
CA ASN O 275 104.27 -67.89 32.19
C ASN O 275 103.17 -67.26 33.04
N VAL O 276 103.23 -65.99 33.29
CA VAL O 276 102.34 -65.27 34.20
C VAL O 276 100.93 -65.25 33.64
N HIS O 277 100.88 -65.19 32.30
CA HIS O 277 99.58 -65.11 31.65
C HIS O 277 98.83 -66.43 31.75
N MET O 278 99.48 -67.57 31.53
CA MET O 278 98.85 -68.88 31.61
C MET O 278 98.44 -69.21 33.05
N GLU O 279 99.39 -68.78 33.96
CA GLU O 279 99.05 -68.93 35.38
C GLU O 279 97.80 -68.14 35.74
N ALA O 280 97.68 -66.88 35.20
CA ALA O 280 96.51 -66.03 35.42
C ALA O 280 95.24 -66.69 34.89
N VAL O 281 95.32 -67.33 33.70
CA VAL O 281 94.18 -68.01 33.10
C VAL O 281 93.74 -69.18 33.98
N CYS O 282 94.71 -69.95 34.41
CA CYS O 282 94.40 -71.08 35.29
C CYS O 282 93.77 -70.60 36.60
N ARG O 283 94.24 -69.52 37.17
CA ARG O 283 93.66 -68.95 38.38
C ARG O 283 92.23 -68.46 38.13
N VAL O 284 92.02 -67.90 36.91
CA VAL O 284 90.66 -67.52 36.50
C VAL O 284 89.76 -68.74 36.50
N LEU O 285 90.27 -69.89 35.97
CA LEU O 285 89.51 -71.13 35.89
C LEU O 285 89.11 -71.61 37.28
N LEU O 286 89.89 -71.19 38.28
CA LEU O 286 89.62 -71.61 39.65
C LEU O 286 88.67 -70.63 40.34
N GLY O 287 88.32 -69.55 39.65
CA GLY O 287 87.40 -68.58 40.20
C GLY O 287 88.02 -67.67 41.24
N ASP O 288 89.35 -67.48 41.15
CA ASP O 288 90.06 -66.56 42.03
C ASP O 288 89.55 -65.13 41.86
N GLU O 289 88.96 -64.58 42.87
CA GLU O 289 88.25 -63.30 42.81
C GLU O 289 89.23 -62.14 42.62
N GLU O 290 90.36 -62.28 43.20
CA GLU O 290 91.38 -61.24 43.09
C GLU O 290 91.86 -61.07 41.64
N VAL O 291 92.00 -62.21 41.02
CA VAL O 291 92.46 -62.18 39.64
C VAL O 291 91.34 -61.67 38.73
N LEU O 292 90.11 -62.15 38.98
CA LEU O 292 88.96 -61.70 38.21
C LEU O 292 88.84 -60.18 38.27
N LEU O 293 89.08 -59.64 39.42
CA LEU O 293 88.99 -58.20 39.62
C LEU O 293 90.14 -57.48 38.92
N GLU O 294 91.34 -58.19 38.89
CA GLU O 294 92.49 -57.63 38.18
C GLU O 294 92.17 -57.46 36.69
N LYS O 295 91.31 -58.38 36.22
CA LYS O 295 90.96 -58.35 34.80
C LYS O 295 89.68 -57.57 34.56
N ARG O 296 89.28 -56.76 35.43
CA ARG O 296 88.08 -55.94 35.41
C ARG O 296 87.97 -55.14 34.12
N ASP O 297 89.09 -54.74 33.51
CA ASP O 297 89.14 -53.93 32.30
C ASP O 297 88.64 -54.72 31.10
N LEU O 298 88.74 -56.02 31.14
CA LEU O 298 88.30 -56.86 30.04
C LEU O 298 86.79 -57.07 30.09
N MET O 299 86.16 -57.17 31.24
CA MET O 299 84.73 -57.39 31.40
C MET O 299 83.95 -56.08 31.27
N THR O 300 84.53 -54.98 31.55
CA THR O 300 84.06 -53.61 31.35
C THR O 300 82.84 -53.32 32.22
N THR O 301 81.99 -54.36 32.53
CA THR O 301 80.76 -54.12 33.28
C THR O 301 80.64 -55.09 34.45
N TRP O 302 79.86 -54.70 35.50
CA TRP O 302 79.71 -55.52 36.69
C TRP O 302 78.93 -56.79 36.38
N TYR O 303 77.99 -56.66 35.46
CA TYR O 303 77.18 -57.84 35.17
C TYR O 303 77.99 -58.87 34.39
N HIS O 304 78.96 -58.43 33.47
CA HIS O 304 79.90 -59.38 32.90
C HIS O 304 80.71 -60.07 33.99
N PHE O 305 81.14 -59.34 34.96
CA PHE O 305 81.85 -59.87 36.11
C PHE O 305 80.97 -60.86 36.87
N LEU O 306 79.75 -60.55 37.07
CA LEU O 306 78.80 -61.41 37.75
C LEU O 306 78.69 -62.78 37.07
N VAL O 307 78.50 -62.73 35.78
CA VAL O 307 78.29 -63.95 35.03
C VAL O 307 79.55 -64.81 35.05
N SER O 308 80.73 -64.16 34.91
CA SER O 308 82.00 -64.86 34.99
C SER O 308 82.21 -65.49 36.36
N ARG O 309 81.82 -64.79 37.33
CA ARG O 309 81.88 -65.29 38.71
C ARG O 309 80.98 -66.51 38.88
N LEU O 310 79.81 -66.45 38.34
CA LEU O 310 78.87 -67.55 38.43
C LEU O 310 79.39 -68.77 37.67
N LEU O 311 80.02 -68.55 36.57
CA LEU O 311 80.52 -69.62 35.70
C LEU O 311 81.59 -70.43 36.43
N PHE O 312 82.42 -69.79 37.23
CA PHE O 312 83.59 -70.48 37.74
C PHE O 312 83.42 -70.79 39.22
N LYS O 313 82.40 -70.16 39.92
CA LYS O 313 82.25 -70.41 41.34
C LYS O 313 80.90 -71.05 41.65
N HIS O 314 79.93 -70.70 40.88
CA HIS O 314 78.59 -71.17 41.18
C HIS O 314 77.83 -71.51 39.90
N PRO O 315 78.12 -72.66 39.18
CA PRO O 315 77.52 -72.96 37.89
C PRO O 315 76.07 -73.42 38.00
N THR O 316 75.58 -73.82 39.19
CA THR O 316 74.23 -74.33 39.38
C THR O 316 73.38 -73.36 40.19
N VAL O 317 73.60 -72.06 40.01
CA VAL O 317 72.92 -71.01 40.77
C VAL O 317 71.42 -71.05 40.50
N LYS O 318 70.76 -70.97 41.61
CA LYS O 318 69.30 -70.90 41.50
C LYS O 318 68.83 -69.46 41.33
N PRO O 319 67.70 -69.26 40.64
CA PRO O 319 67.19 -67.90 40.42
C PRO O 319 66.96 -67.14 41.73
N THR O 320 66.62 -67.83 42.80
CA THR O 320 66.30 -67.21 44.07
C THR O 320 67.56 -66.65 44.73
N GLU O 321 68.69 -67.12 44.37
CA GLU O 321 69.95 -66.72 44.98
C GLU O 321 70.66 -65.66 44.15
N LEU O 322 70.20 -65.39 42.99
CA LEU O 322 70.87 -64.54 42.01
C LEU O 322 71.01 -63.11 42.54
N HIS O 323 70.09 -62.68 43.28
CA HIS O 323 70.11 -61.31 43.78
C HIS O 323 71.30 -61.08 44.70
N PHE O 324 71.57 -62.11 45.53
CA PHE O 324 72.70 -62.02 46.45
C PHE O 324 74.01 -61.84 45.70
N TYR O 325 74.22 -62.55 44.60
CA TYR O 325 75.46 -62.51 43.82
C TYR O 325 75.55 -61.23 43.00
N ALA O 326 74.44 -60.81 42.53
CA ALA O 326 74.40 -59.57 41.76
C ALA O 326 74.80 -58.37 42.60
N GLN O 327 74.24 -58.29 43.80
CA GLN O 327 74.58 -57.20 44.69
C GLN O 327 76.04 -57.25 45.09
N SER O 328 76.48 -58.38 45.44
CA SER O 328 77.87 -58.58 45.83
C SER O 328 78.82 -58.23 44.69
N SER O 329 78.49 -58.62 43.48
CA SER O 329 79.32 -58.34 42.31
C SER O 329 79.37 -56.86 42.00
N LEU O 330 78.24 -56.27 42.09
CA LEU O 330 78.19 -54.81 41.88
C LEU O 330 79.07 -54.08 42.89
N ASP O 331 79.01 -54.43 44.18
CA ASP O 331 79.79 -53.82 45.25
C ASP O 331 81.29 -54.03 45.03
N MET O 332 81.59 -55.21 44.63
CA MET O 332 82.99 -55.55 44.41
C MET O 332 83.55 -54.83 43.19
N PHE O 333 82.76 -54.75 42.18
CA PHE O 333 83.21 -54.21 40.90
C PHE O 333 83.35 -52.69 41.00
N LEU O 334 82.45 -51.97 41.70
CA LEU O 334 82.47 -50.51 41.77
C LEU O 334 83.40 -50.03 42.89
N ALA O 335 83.97 -50.93 43.71
CA ALA O 335 84.96 -50.71 44.75
C ALA O 335 84.68 -49.43 45.54
N GLY O 336 83.28 -48.93 45.58
CA GLY O 336 82.90 -47.81 46.43
C GLY O 336 83.20 -46.46 45.80
N ASP O 337 84.00 -46.24 44.64
CA ASP O 337 84.39 -44.91 44.17
C ASP O 337 83.43 -44.41 43.09
N SER O 338 82.59 -45.32 42.56
CA SER O 338 81.69 -44.91 41.48
C SER O 338 80.25 -45.29 41.80
N CYS O 339 79.40 -44.32 41.72
CA CYS O 339 77.97 -44.50 41.91
C CYS O 339 77.35 -45.25 40.73
N PRO O 340 76.51 -46.26 41.05
CA PRO O 340 75.82 -47.01 39.99
C PRO O 340 75.08 -46.11 39.02
N GLU O 341 75.38 -46.37 37.75
CA GLU O 341 74.64 -45.69 36.70
C GLU O 341 73.18 -46.15 36.67
N PRO O 342 72.27 -45.37 36.17
CA PRO O 342 70.86 -45.73 36.09
C PRO O 342 70.63 -47.11 35.51
N LEU O 343 71.35 -47.46 34.48
CA LEU O 343 71.24 -48.78 33.88
C LEU O 343 71.59 -49.87 34.88
N ASP O 344 72.57 -49.61 35.78
CA ASP O 344 72.97 -50.56 36.82
C ASP O 344 71.82 -50.81 37.79
N ASN O 345 71.14 -49.79 38.08
CA ASN O 345 69.99 -49.92 38.98
C ASN O 345 68.88 -50.75 38.35
N ILE O 346 68.69 -50.59 37.06
CA ILE O 346 67.66 -51.32 36.33
C ILE O 346 68.00 -52.81 36.31
N LEU O 347 69.21 -53.09 35.97
CA LEU O 347 69.64 -54.47 35.88
C LEU O 347 69.63 -55.14 37.25
N LEU O 348 70.12 -54.43 38.23
CA LEU O 348 70.10 -54.96 39.59
C LEU O 348 68.68 -55.28 40.03
N ALA O 349 67.76 -54.40 39.74
CA ALA O 349 66.36 -54.62 40.08
C ALA O 349 65.83 -55.88 39.40
N ALA O 350 66.20 -56.03 38.15
CA ALA O 350 65.80 -57.24 37.44
C ALA O 350 66.33 -58.49 38.13
N PHE O 351 67.61 -58.48 38.58
CA PHE O 351 68.20 -59.62 39.26
C PHE O 351 67.57 -59.83 40.63
N GLU O 352 66.97 -58.81 41.18
CA GLU O 352 66.26 -58.91 42.45
C GLU O 352 64.82 -59.37 42.23
N PHE O 353 64.46 -59.59 40.95
CA PHE O 353 63.14 -60.07 40.55
C PHE O 353 62.06 -59.09 40.97
N ASP O 354 62.42 -57.81 41.04
CA ASP O 354 61.50 -56.73 41.33
C ASP O 354 61.10 -55.99 40.04
N ILE O 355 60.01 -56.41 39.38
CA ILE O 355 59.60 -55.91 38.07
C ILE O 355 59.09 -54.47 38.19
N HIS O 356 58.48 -54.21 39.29
CA HIS O 356 57.96 -52.87 39.51
C HIS O 356 59.08 -51.85 39.57
N GLN O 357 60.19 -52.24 40.18
CA GLN O 357 61.34 -51.34 40.27
C GLN O 357 62.01 -51.17 38.92
N VAL O 358 61.99 -52.28 38.09
CA VAL O 358 62.53 -52.20 36.73
C VAL O 358 61.75 -51.17 35.93
N ILE O 359 60.47 -51.27 36.00
CA ILE O 359 59.58 -50.38 35.26
C ILE O 359 59.76 -48.95 35.77
N LYS O 360 59.88 -48.78 37.04
CA LYS O 360 60.06 -47.47 37.66
C LYS O 360 61.35 -46.82 37.22
N GLU O 361 62.40 -47.53 37.29
CA GLU O 361 63.72 -46.99 36.95
C GLU O 361 63.81 -46.63 35.48
N PHE O 362 63.15 -47.49 34.68
CA PHE O 362 63.20 -47.20 33.25
C PHE O 362 62.33 -46.00 32.91
N SER O 363 61.26 -45.89 33.60
CA SER O 363 60.38 -44.74 33.39
C SER O 363 61.12 -43.43 33.65
N ILE O 364 62.05 -43.46 34.51
CA ILE O 364 62.81 -42.27 34.89
C ILE O 364 63.88 -41.99 33.82
N VAL O 365 64.48 -43.09 33.31
CA VAL O 365 65.65 -43.00 32.45
C VAL O 365 65.21 -42.69 31.01
N SER O 366 64.05 -43.34 30.66
CA SER O 366 63.64 -43.23 29.26
C SER O 366 62.56 -42.17 29.08
N SER O 367 62.83 -41.21 28.10
CA SER O 367 61.85 -40.20 27.75
C SER O 367 60.69 -40.81 26.97
N ASN O 368 60.98 -42.03 26.32
CA ASN O 368 59.95 -42.69 25.52
C ASN O 368 59.33 -43.86 26.25
N TRP O 369 58.07 -43.72 26.54
CA TRP O 369 57.26 -44.69 27.29
C TRP O 369 57.13 -46.00 26.52
N TRP O 370 57.94 -46.14 25.37
CA TRP O 370 57.81 -47.31 24.52
C TRP O 370 58.20 -48.57 25.27
N PHE O 371 59.39 -48.56 25.91
CA PHE O 371 59.93 -49.73 26.59
C PHE O 371 59.00 -50.18 27.70
N VAL O 372 58.59 -49.29 28.53
CA VAL O 372 57.81 -49.60 29.72
C VAL O 372 56.42 -50.07 29.29
N ALA O 373 55.86 -49.49 28.21
CA ALA O 373 54.53 -49.86 27.75
C ALA O 373 54.51 -51.27 27.17
N HIS O 374 55.42 -51.58 26.35
CA HIS O 374 55.43 -52.86 25.64
C HIS O 374 55.95 -53.98 26.52
N LEU O 375 56.99 -53.68 27.34
CA LEU O 375 57.49 -54.71 28.26
C LEU O 375 56.41 -55.11 29.26
N THR O 376 55.76 -54.07 29.82
CA THR O 376 54.71 -54.33 30.80
C THR O 376 53.56 -55.10 30.16
N ASP O 377 53.22 -54.75 28.92
CA ASP O 377 52.17 -55.47 28.20
C ASP O 377 52.53 -56.95 28.03
N LEU O 378 53.73 -57.18 27.54
CA LEU O 378 54.19 -58.54 27.34
C LEU O 378 54.21 -59.32 28.65
N LEU O 379 54.67 -58.67 29.72
CA LEU O 379 54.75 -59.31 31.03
C LEU O 379 53.36 -59.57 31.59
N ASP O 380 52.48 -58.60 31.34
CA ASP O 380 51.08 -58.80 31.76
C ASP O 380 50.51 -60.07 31.13
N HIS O 381 50.84 -60.42 29.91
CA HIS O 381 50.40 -61.64 29.24
C HIS O 381 51.01 -62.88 29.88
N CYS O 382 52.11 -62.64 30.60
CA CYS O 382 52.73 -63.74 31.35
C CYS O 382 52.05 -63.92 32.70
N GLN O 383 51.06 -63.01 33.04
CA GLN O 383 50.27 -63.04 34.27
C GLN O 383 51.14 -62.73 35.49
N LEU O 384 52.17 -61.95 35.30
CA LEU O 384 53.08 -61.58 36.38
C LEU O 384 52.53 -60.39 37.17
N PHE O 385 51.57 -59.64 36.63
CA PHE O 385 51.01 -58.49 37.32
C PHE O 385 49.64 -58.83 37.91
N GLN O 386 49.51 -59.04 39.26
CA GLN O 386 48.26 -59.19 40.00
C GLN O 386 47.39 -57.94 39.84
N ALA O 387 46.27 -57.98 39.09
CA ALA O 387 45.17 -57.05 38.85
C ALA O 387 45.03 -56.05 40.00
N HIS O 388 46.12 -55.55 40.66
CA HIS O 388 45.74 -54.52 41.62
C HIS O 388 45.05 -53.36 40.92
N ASN O 389 43.74 -53.34 40.72
CA ASN O 389 42.94 -52.20 40.28
C ASN O 389 43.38 -50.91 40.96
N LEU O 390 44.11 -50.03 40.23
CA LEU O 390 44.49 -48.69 40.65
C LEU O 390 43.27 -47.85 41.00
N TYR O 391 43.31 -46.93 41.99
CA TYR O 391 42.30 -46.03 42.54
C TYR O 391 41.53 -45.34 41.43
N PHE O 392 42.09 -45.24 40.13
CA PHE O 392 41.34 -44.62 39.04
C PHE O 392 40.71 -45.68 38.14
N GLY O 393 40.74 -46.98 38.67
CA GLY O 393 40.02 -48.02 37.94
C GLY O 393 40.87 -48.70 36.87
N ALA O 394 42.28 -48.13 36.62
CA ALA O 394 43.11 -48.77 35.61
C ALA O 394 44.25 -49.55 36.26
N ASN O 395 44.57 -50.72 35.67
CA ASN O 395 45.75 -51.48 36.06
C ASN O 395 47.02 -50.87 35.47
N MET O 396 48.19 -51.03 36.10
CA MET O 396 49.48 -50.51 35.68
C MET O 396 49.64 -50.59 34.17
N ARG O 397 49.22 -51.77 33.62
CA ARG O 397 49.35 -51.97 32.18
C ARG O 397 48.57 -50.89 31.41
N GLU O 398 47.32 -50.75 31.75
CA GLU O 398 46.48 -49.77 31.06
C GLU O 398 47.02 -48.36 31.25
N PHE O 399 47.47 -48.03 32.42
CA PHE O 399 48.02 -46.71 32.72
C PHE O 399 49.19 -46.38 31.81
N LEU O 400 50.15 -47.27 31.66
CA LEU O 400 51.34 -47.04 30.86
C LEU O 400 51.01 -47.01 29.38
N LEU O 401 50.04 -47.82 28.97
CA LEU O 401 49.61 -47.84 27.58
C LEU O 401 48.91 -46.54 27.20
N LEU O 402 48.08 -46.04 28.16
CA LEU O 402 47.38 -44.79 27.92
C LEU O 402 48.36 -43.64 27.71
N ASP O 403 49.40 -43.61 28.49
CA ASP O 403 50.40 -42.55 28.39
C ASP O 403 51.19 -42.67 27.08
N TYR O 404 51.54 -43.91 26.78
CA TYR O 404 52.28 -44.15 25.54
C TYR O 404 51.46 -43.73 24.32
N ALA O 405 50.20 -44.17 24.31
CA ALA O 405 49.31 -43.87 23.19
C ALA O 405 49.06 -42.37 23.07
N SER O 406 48.86 -41.73 24.20
CA SER O 406 48.69 -40.28 24.21
C SER O 406 49.89 -39.57 23.60
N GLY O 407 51.09 -40.10 23.91
CA GLY O 407 52.30 -39.55 23.32
C GLY O 407 52.36 -39.67 21.81
N LEU O 408 51.76 -40.73 21.21
CA LEU O 408 51.73 -40.96 19.77
C LEU O 408 50.81 -39.98 19.06
N PHE O 409 49.80 -39.43 19.78
CA PHE O 409 48.82 -38.50 19.21
C PHE O 409 49.45 -37.13 19.00
N SER O 410 50.56 -36.91 19.66
CA SER O 410 51.23 -35.63 19.51
C SER O 410 51.95 -35.53 18.17
N HIS O 411 52.12 -36.67 17.49
CA HIS O 411 52.79 -36.72 16.20
C HIS O 411 51.78 -36.70 15.06
N HIS O 412 52.05 -36.05 13.85
CA HIS O 412 51.12 -35.80 12.75
C HIS O 412 50.77 -37.10 12.04
N SER O 413 51.55 -38.18 12.08
CA SER O 413 51.27 -39.37 11.29
C SER O 413 51.04 -40.59 12.19
N LEU O 414 51.52 -40.60 13.44
CA LEU O 414 51.53 -41.78 14.29
C LEU O 414 50.23 -41.88 15.10
N TRP O 415 49.39 -40.82 15.00
CA TRP O 415 48.18 -40.83 15.82
C TRP O 415 47.30 -42.04 15.48
N GLN O 416 47.40 -42.59 14.28
CA GLN O 416 46.59 -43.73 13.88
C GLN O 416 46.96 -44.97 14.69
N LEU O 417 48.26 -45.06 14.88
CA LEU O 417 48.72 -46.17 15.71
C LEU O 417 48.16 -46.06 17.13
N GLY O 418 48.16 -44.79 17.63
CA GLY O 418 47.64 -44.54 18.97
C GLY O 418 46.21 -44.99 19.15
N VAL O 419 45.42 -44.91 18.09
CA VAL O 419 44.02 -45.30 18.12
C VAL O 419 43.90 -46.78 18.48
N ASP O 420 44.72 -47.60 17.92
CA ASP O 420 44.67 -49.03 18.15
C ASP O 420 45.11 -49.38 19.56
N TYR O 421 46.08 -48.68 20.09
CA TYR O 421 46.51 -48.92 21.47
C TYR O 421 45.38 -48.63 22.45
N PHE O 422 44.59 -47.54 22.20
CA PHE O 422 43.48 -47.17 23.07
C PHE O 422 42.41 -48.27 23.07
N ASP O 423 42.26 -49.02 21.97
CA ASP O 423 41.26 -50.08 21.83
C ASP O 423 41.54 -51.21 22.81
N TYR O 424 42.80 -51.32 23.20
CA TYR O 424 43.15 -52.44 24.07
C TYR O 424 43.33 -51.98 25.50
N CYS O 425 42.83 -50.82 25.80
CA CYS O 425 42.65 -50.33 27.17
C CYS O 425 41.20 -50.40 27.60
N PRO O 426 40.75 -51.30 28.47
CA PRO O 426 39.36 -51.64 28.75
C PRO O 426 38.64 -50.57 29.57
N ASN O 427 39.27 -49.90 30.51
CA ASN O 427 38.59 -49.02 31.46
C ASN O 427 38.51 -47.59 30.94
N LEU O 428 39.61 -47.01 30.45
CA LEU O 428 39.69 -45.57 30.16
C LEU O 428 40.01 -45.34 28.69
N GLY O 429 40.28 -46.41 27.91
CA GLY O 429 40.73 -46.28 26.54
C GLY O 429 39.78 -45.50 25.67
N ARG O 430 38.52 -45.71 25.77
CA ARG O 430 37.52 -45.08 24.91
C ARG O 430 37.40 -43.59 25.21
N GLU O 431 37.39 -43.25 26.52
CA GLU O 431 37.29 -41.85 26.91
C GLU O 431 38.50 -41.05 26.43
N TYR O 432 39.71 -41.66 26.52
CA TYR O 432 40.93 -41.02 26.04
C TYR O 432 40.87 -40.82 24.53
N LEU O 433 40.36 -41.85 23.87
CA LEU O 433 40.27 -41.80 22.42
C LEU O 433 39.33 -40.67 21.99
N LYS O 434 38.19 -40.53 22.63
CA LYS O 434 37.25 -39.47 22.32
C LYS O 434 37.89 -38.09 22.46
N LEU O 435 38.63 -37.90 23.51
CA LEU O 435 39.29 -36.63 23.78
C LEU O 435 40.34 -36.32 22.72
N HIS O 436 41.20 -37.30 22.38
CA HIS O 436 42.31 -37.08 21.46
C HIS O 436 41.82 -36.93 20.03
N MET O 437 40.74 -37.63 19.70
CA MET O 437 40.21 -37.58 18.34
C MET O 437 39.78 -36.17 17.97
N GLU O 438 39.26 -35.41 18.89
CA GLU O 438 38.77 -34.06 18.63
C GLU O 438 39.93 -33.07 18.55
N ARG O 439 41.06 -33.46 18.97
CA ARG O 439 42.19 -32.54 19.06
C ARG O 439 43.12 -32.68 17.85
N ILE O 440 42.81 -33.66 16.99
CA ILE O 440 43.62 -33.86 15.78
C ILE O 440 43.43 -32.66 14.85
N PRO O 441 44.56 -32.06 14.46
CA PRO O 441 44.46 -30.96 13.50
C PRO O 441 43.94 -31.41 12.14
N LEU O 442 42.75 -30.88 11.73
CA LEU O 442 42.11 -31.24 10.47
C LEU O 442 42.47 -30.25 9.38
N SER O 443 43.68 -30.36 8.73
CA SER O 443 44.21 -29.41 7.77
C SER O 443 43.66 -29.70 6.37
N THR O 444 43.30 -31.00 6.17
CA THR O 444 42.80 -31.41 4.87
C THR O 444 41.50 -32.21 5.02
N GLU O 445 40.65 -32.22 3.92
CA GLU O 445 39.42 -33.02 3.91
C GLU O 445 39.73 -34.50 4.01
N LYS O 446 40.81 -34.96 3.42
CA LYS O 446 41.23 -36.36 3.46
C LYS O 446 41.49 -36.82 4.90
N LYS O 447 42.26 -36.01 5.59
CA LYS O 447 42.55 -36.31 6.99
C LYS O 447 41.27 -36.34 7.82
N ALA O 448 40.34 -35.43 7.54
CA ALA O 448 39.06 -35.38 8.24
C ALA O 448 38.25 -36.64 7.98
N LEU O 449 38.21 -37.10 6.74
CA LEU O 449 37.45 -38.28 6.37
C LEU O 449 38.04 -39.53 7.00
N LYS O 450 39.36 -39.57 7.07
CA LYS O 450 40.00 -40.70 7.75
C LYS O 450 39.62 -40.74 9.23
N ALA O 451 39.72 -39.59 9.89
CA ALA O 451 39.32 -39.50 11.29
C ALA O 451 37.86 -39.89 11.48
N LEU O 452 37.02 -39.56 10.56
CA LEU O 452 35.60 -39.88 10.62
C LEU O 452 35.37 -41.38 10.48
N ARG O 453 36.06 -41.95 9.59
CA ARG O 453 35.94 -43.40 9.40
C ARG O 453 36.26 -44.15 10.69
N ILE O 454 37.34 -43.70 11.32
CA ILE O 454 37.76 -44.32 12.57
C ILE O 454 36.68 -44.10 13.63
N CYS O 455 36.13 -42.94 13.76
CA CYS O 455 35.08 -42.62 14.73
C CYS O 455 33.82 -43.42 14.45
N GLU O 456 33.44 -43.58 13.18
CA GLU O 456 32.23 -44.30 12.79
C GLU O 456 32.35 -45.79 13.08
N GLN O 457 33.50 -46.36 12.84
CA GLN O 457 33.78 -47.77 13.12
C GLN O 457 33.62 -48.08 14.61
N ARG O 458 33.77 -47.02 15.42
CA ARG O 458 33.75 -47.21 16.87
C ARG O 458 32.51 -46.57 17.48
N GLN O 459 31.59 -46.10 16.70
CA GLN O 459 30.29 -45.56 17.13
C GLN O 459 30.48 -44.34 18.01
N MET O 460 31.39 -43.51 17.77
CA MET O 460 31.61 -42.24 18.45
C MET O 460 30.85 -41.11 17.76
N THR O 461 29.56 -40.90 18.02
CA THR O 461 28.64 -40.03 17.29
C THR O 461 28.89 -38.57 17.64
N GLU O 462 29.25 -38.30 18.90
CA GLU O 462 29.48 -36.93 19.33
C GLU O 462 30.72 -36.34 18.66
N GLN O 463 31.74 -37.15 18.61
CA GLN O 463 32.98 -36.70 17.97
C GLN O 463 32.78 -36.48 16.46
N VAL O 464 31.95 -37.42 15.85
CA VAL O 464 31.63 -37.28 14.44
C VAL O 464 30.92 -35.95 14.21
N ARG O 465 30.00 -35.64 15.03
CA ARG O 465 29.26 -34.38 14.91
C ARG O 465 30.17 -33.18 15.10
N SER O 466 31.01 -33.26 16.08
CA SER O 466 31.91 -32.16 16.38
C SER O 466 32.89 -31.93 15.23
N ILE O 467 33.50 -32.98 14.72
CA ILE O 467 34.46 -32.88 13.62
C ILE O 467 33.78 -32.29 12.39
N CYS O 468 32.59 -32.73 12.07
CA CYS O 468 31.83 -32.25 10.93
C CYS O 468 31.49 -30.77 11.08
N LYS O 469 31.11 -30.32 12.30
CA LYS O 469 30.80 -28.91 12.56
C LYS O 469 32.04 -28.05 12.40
N THR O 470 33.16 -28.59 12.86
CA THR O 470 34.42 -27.86 12.73
C THR O 470 34.78 -27.66 11.26
N MET O 471 34.60 -28.76 10.45
CA MET O 471 34.92 -28.67 9.03
C MET O 471 33.92 -27.78 8.30
N ALA O 472 32.62 -27.92 8.73
CA ALA O 472 31.60 -27.06 8.14
C ALA O 472 31.91 -25.59 8.39
N MET O 473 32.27 -25.26 9.60
CA MET O 473 32.59 -23.89 9.98
C MET O 473 33.85 -23.40 9.25
N GLN O 474 34.84 -24.25 9.20
CA GLN O 474 36.06 -23.91 8.49
C GLN O 474 35.78 -23.60 7.01
N SER O 475 34.96 -24.48 6.36
CA SER O 475 34.60 -24.30 4.95
C SER O 475 33.77 -23.03 4.76
N LEU O 476 32.89 -22.84 5.75
CA LEU O 476 32.08 -21.62 5.69
C LEU O 476 32.94 -20.38 5.75
N CYS O 477 33.90 -20.36 6.62
CA CYS O 477 34.81 -19.23 6.78
C CYS O 477 35.66 -19.03 5.52
N ASN O 478 35.94 -20.11 4.79
CA ASN O 478 36.68 -20.04 3.54
C ASN O 478 35.76 -19.76 2.35
N ARG O 479 34.45 -19.42 2.53
CA ARG O 479 33.44 -19.03 1.56
C ARG O 479 33.15 -20.17 0.58
N ARG O 480 33.39 -21.38 0.99
CA ARG O 480 33.00 -22.57 0.24
C ARG O 480 31.66 -23.11 0.75
N LEU O 481 30.54 -22.58 0.33
CA LEU O 481 29.20 -22.85 0.85
C LEU O 481 28.78 -24.27 0.55
N GLY O 482 29.12 -24.79 -0.62
CA GLY O 482 28.79 -26.15 -0.98
C GLY O 482 29.38 -27.18 -0.03
N SER O 483 30.67 -27.09 0.21
CA SER O 483 31.37 -27.97 1.14
C SER O 483 30.85 -27.82 2.56
N ALA O 484 30.61 -26.54 2.94
CA ALA O 484 30.06 -26.26 4.27
C ALA O 484 28.71 -26.95 4.46
N LEU O 485 27.86 -26.87 3.42
CA LEU O 485 26.56 -27.51 3.47
C LEU O 485 26.69 -29.02 3.55
N SER O 486 27.57 -29.59 2.78
CA SER O 486 27.80 -31.03 2.79
C SER O 486 28.19 -31.51 4.19
N TRP O 487 29.14 -30.81 4.83
CA TRP O 487 29.60 -31.18 6.16
C TRP O 487 28.50 -30.97 7.19
N SER O 488 27.69 -29.97 7.03
CA SER O 488 26.58 -29.70 7.94
C SER O 488 25.53 -30.80 7.88
N ILE O 489 25.28 -31.28 6.67
CA ILE O 489 24.32 -32.38 6.48
C ILE O 489 24.83 -33.64 7.16
N ARG O 490 26.11 -33.87 7.03
CA ARG O 490 26.71 -35.04 7.67
C ARG O 490 26.64 -34.93 9.19
N ALA O 491 26.76 -33.68 9.69
CA ALA O 491 26.67 -33.43 11.14
C ALA O 491 25.24 -33.55 11.63
N LYS O 492 24.24 -33.66 10.74
CA LYS O 492 22.82 -33.70 11.07
C LYS O 492 22.43 -32.52 11.96
N ASP O 493 23.07 -31.41 11.74
CA ASP O 493 22.80 -30.18 12.47
C ASP O 493 21.83 -29.28 11.71
N ALA O 494 20.57 -29.26 12.16
CA ALA O 494 19.50 -28.53 11.47
C ALA O 494 19.74 -27.03 11.51
N ALA O 495 20.21 -26.56 12.65
CA ALA O 495 20.46 -25.13 12.83
C ALA O 495 21.54 -24.63 11.89
N PHE O 496 22.60 -25.38 11.85
CA PHE O 496 23.72 -25.02 10.98
C PHE O 496 23.30 -25.08 9.51
N ALA O 497 22.52 -26.15 9.11
CA ALA O 497 22.02 -26.28 7.74
C ALA O 497 21.15 -25.10 7.35
N THR O 498 20.31 -24.64 8.25
CA THR O 498 19.46 -23.48 8.02
C THR O 498 20.30 -22.23 7.78
N LEU O 499 21.32 -22.14 8.49
CA LEU O 499 22.21 -21.00 8.38
C LEU O 499 22.89 -20.96 7.01
N ILE O 500 23.49 -22.03 6.60
CA ILE O 500 24.18 -22.14 5.33
C ILE O 500 23.20 -21.91 4.18
N SER O 501 21.98 -22.44 4.38
CA SER O 501 20.93 -22.26 3.38
C SER O 501 20.59 -20.77 3.22
N ASP O 502 20.52 -20.01 4.29
CA ASP O 502 20.25 -18.57 4.23
C ASP O 502 21.37 -17.84 3.48
N ARG O 503 22.54 -18.31 3.57
CA ARG O 503 23.67 -17.69 2.87
C ARG O 503 23.58 -17.93 1.37
N PHE O 504 23.15 -19.17 1.02
CA PHE O 504 22.91 -19.46 -0.39
C PHE O 504 21.86 -18.52 -0.96
N LEU O 505 20.85 -18.29 -0.17
CA LEU O 505 19.74 -17.44 -0.62
C LEU O 505 20.20 -15.99 -0.74
N LYS O 506 20.95 -15.55 0.21
CA LYS O 506 21.50 -14.20 0.16
C LYS O 506 22.41 -14.01 -1.05
N GLU O 507 23.24 -15.00 -1.33
CA GLU O 507 24.13 -14.94 -2.49
C GLU O 507 23.33 -14.90 -3.79
N TYR O 508 22.29 -15.60 -3.82
CA TYR O 508 21.41 -15.57 -5.00
C TYR O 508 20.83 -14.17 -5.20
N CYS O 509 20.35 -13.59 -4.12
CA CYS O 509 19.78 -12.25 -4.20
C CYS O 509 20.81 -11.24 -4.70
N GLU O 510 22.12 -11.48 -4.42
CA GLU O 510 23.17 -10.54 -4.79
C GLU O 510 23.70 -10.82 -6.19
N ARG O 511 23.86 -12.07 -6.56
CA ARG O 511 24.54 -12.44 -7.80
C ARG O 511 23.55 -12.87 -8.87
N GLY O 512 22.30 -13.37 -8.42
CA GLY O 512 21.31 -13.88 -9.35
C GLY O 512 21.50 -15.34 -9.69
N ASN O 513 22.55 -16.03 -9.31
CA ASN O 513 22.75 -17.46 -9.55
C ASN O 513 23.41 -18.13 -8.35
N PHE O 514 23.24 -19.56 -8.21
CA PHE O 514 23.88 -20.32 -7.14
C PHE O 514 25.28 -20.74 -7.55
N THR O 515 26.32 -20.68 -6.77
CA THR O 515 27.70 -21.07 -7.03
C THR O 515 27.83 -22.59 -7.12
N ASP O 516 27.07 -23.42 -6.23
CA ASP O 516 27.22 -24.87 -6.17
C ASP O 516 25.91 -25.58 -6.48
N LEU O 517 25.56 -25.68 -7.75
CA LEU O 517 24.27 -26.17 -8.24
C LEU O 517 24.20 -27.69 -8.10
N ASP O 518 25.34 -28.37 -8.22
CA ASP O 518 25.35 -29.83 -8.27
C ASP O 518 24.99 -30.43 -6.91
N LEU O 519 25.47 -29.90 -5.87
CA LEU O 519 25.22 -30.40 -4.52
C LEU O 519 23.75 -30.21 -4.14
N ILE O 520 23.19 -29.07 -4.47
CA ILE O 520 21.81 -28.77 -4.13
C ILE O 520 20.87 -29.69 -4.90
N ASP O 521 21.29 -30.14 -6.11
CA ASP O 521 20.48 -31.01 -6.96
C ASP O 521 20.42 -32.43 -6.41
N ASN O 522 21.40 -32.78 -5.61
CA ASN O 522 21.50 -34.16 -5.14
C ASN O 522 21.32 -34.25 -3.63
N LEU O 523 20.46 -33.39 -3.01
CA LEU O 523 20.26 -33.36 -1.57
C LEU O 523 19.44 -34.56 -1.12
N GLY O 524 18.62 -35.20 -2.00
CA GLY O 524 17.77 -36.33 -1.66
C GLY O 524 16.99 -36.13 -0.38
N SER O 525 17.07 -37.10 0.61
CA SER O 525 16.34 -37.11 1.87
C SER O 525 16.93 -36.11 2.86
N ALA O 526 18.16 -35.60 2.52
CA ALA O 526 18.83 -34.63 3.38
C ALA O 526 18.07 -33.30 3.42
N MET O 527 17.22 -33.10 2.38
CA MET O 527 16.43 -31.88 2.27
C MET O 527 15.52 -31.70 3.48
N LEU O 528 15.22 -32.77 4.21
CA LEU O 528 14.25 -32.76 5.30
C LEU O 528 14.93 -32.39 6.62
N LEU O 529 16.17 -32.19 6.54
CA LEU O 529 16.91 -31.84 7.74
C LEU O 529 16.41 -30.54 8.34
N SER O 530 16.19 -29.51 7.47
CA SER O 530 15.66 -28.21 7.88
C SER O 530 14.66 -27.67 6.87
N ASP O 531 13.78 -26.84 7.40
CA ASP O 531 12.76 -26.22 6.55
C ASP O 531 13.39 -25.31 5.51
N ARG O 532 14.41 -24.60 5.92
CA ARG O 532 15.12 -23.68 5.02
C ARG O 532 15.84 -24.45 3.93
N LEU O 533 16.47 -25.52 4.21
CA LEU O 533 17.14 -26.37 3.23
C LEU O 533 16.14 -26.98 2.26
N THR O 534 15.00 -27.37 2.81
CA THR O 534 13.93 -27.88 1.97
C THR O 534 13.50 -26.82 0.97
N PHE O 535 13.34 -25.59 1.47
CA PHE O 535 12.99 -24.48 0.58
C PHE O 535 14.04 -24.30 -0.50
N LEU O 536 15.25 -24.25 -0.11
CA LEU O 536 16.35 -24.07 -1.05
C LEU O 536 16.34 -25.14 -2.12
N GLY O 537 16.17 -26.39 -1.71
CA GLY O 537 16.09 -27.51 -2.64
C GLY O 537 14.93 -27.40 -3.60
N LYS O 538 13.71 -27.04 -3.08
CA LYS O 538 12.52 -26.93 -3.91
C LYS O 538 12.62 -25.73 -4.84
N TYR O 539 13.24 -24.68 -4.33
CA TYR O 539 13.47 -23.50 -5.15
C TYR O 539 14.36 -23.83 -6.34
N ARG O 540 15.32 -24.54 -6.14
CA ARG O 540 16.18 -24.99 -7.23
C ARG O 540 15.42 -25.88 -8.20
N GLU O 541 14.57 -26.81 -7.68
CA GLU O 541 13.71 -27.62 -8.52
C GLU O 541 12.84 -26.76 -9.43
N PHE O 542 12.42 -25.62 -8.88
CA PHE O 542 11.66 -24.66 -9.68
C PHE O 542 12.48 -24.18 -10.87
N HIS O 543 13.68 -23.80 -10.71
CA HIS O 543 14.53 -23.30 -11.79
C HIS O 543 14.84 -24.41 -12.78
N ARG O 544 15.05 -25.62 -12.28
CA ARG O 544 15.26 -26.75 -13.17
C ARG O 544 14.06 -26.98 -14.07
N MET O 545 12.89 -26.93 -13.51
CA MET O 545 11.64 -27.10 -14.26
C MET O 545 11.45 -25.96 -15.25
N TYR O 546 11.81 -24.77 -14.76
CA TYR O 546 11.72 -23.61 -15.63
C TYR O 546 12.67 -23.75 -16.82
N SER O 547 13.88 -24.23 -16.62
CA SER O 547 14.88 -24.42 -17.67
C SER O 547 14.45 -25.52 -18.64
N GLN O 548 13.66 -26.56 -18.14
CA GLN O 548 13.15 -27.66 -18.96
C GLN O 548 11.83 -27.28 -19.64
N GLU O 549 11.39 -26.00 -19.54
CA GLU O 549 10.21 -25.40 -20.17
C GLU O 549 8.93 -26.05 -19.66
N GLN O 550 8.98 -26.70 -18.52
CA GLN O 550 7.79 -27.17 -17.84
C GLN O 550 7.16 -26.06 -17.00
N PHE O 551 6.47 -25.07 -17.58
CA PHE O 551 6.05 -23.82 -16.98
C PHE O 551 4.88 -24.05 -16.02
N SER O 552 3.93 -24.93 -16.35
CA SER O 552 2.75 -25.17 -15.50
C SER O 552 3.15 -25.77 -14.16
N GLU O 553 4.02 -26.76 -14.24
CA GLU O 553 4.50 -27.42 -13.03
C GLU O 553 5.36 -26.48 -12.20
N ALA O 554 6.20 -25.66 -12.88
CA ALA O 554 7.05 -24.68 -12.21
C ALA O 554 6.23 -23.63 -11.48
N ALA O 555 5.18 -23.20 -12.15
CA ALA O 555 4.30 -22.20 -11.56
C ALA O 555 3.61 -22.74 -10.31
N SER O 556 3.11 -23.95 -10.36
CA SER O 556 2.45 -24.59 -9.22
C SER O 556 3.41 -24.75 -8.04
N LEU O 557 4.66 -25.18 -8.27
CA LEU O 557 5.65 -25.36 -7.23
C LEU O 557 6.00 -24.03 -6.57
N LEU O 558 6.23 -23.00 -7.43
CA LEU O 558 6.53 -21.67 -6.91
C LEU O 558 5.42 -21.16 -6.01
N LEU O 559 4.20 -21.33 -6.43
CA LEU O 559 3.06 -20.91 -5.63
C LEU O 559 3.01 -21.69 -4.32
N SER O 560 3.27 -22.99 -4.39
CA SER O 560 3.28 -23.83 -3.19
C SER O 560 4.35 -23.37 -2.21
N LEU O 561 5.53 -23.00 -2.72
CA LEU O 561 6.62 -22.51 -1.89
C LEU O 561 6.24 -21.22 -1.18
N MET O 562 5.46 -20.40 -1.79
CA MET O 562 5.05 -19.12 -1.23
C MET O 562 3.92 -19.30 -0.23
N THR O 563 3.02 -20.16 -0.54
CA THR O 563 1.85 -20.35 0.31
C THR O 563 2.19 -21.17 1.54
N ALA O 564 3.26 -22.13 1.40
CA ALA O 564 3.69 -22.97 2.51
C ALA O 564 4.44 -22.17 3.56
N ARG O 565 4.65 -20.97 3.47
CA ARG O 565 5.30 -20.01 4.36
C ARG O 565 6.66 -20.55 4.82
N ILE O 566 7.31 -21.44 3.96
CA ILE O 566 8.63 -21.99 4.28
C ILE O 566 9.71 -21.00 3.85
N ALA O 567 9.38 -20.04 2.97
CA ALA O 567 10.33 -19.05 2.45
C ALA O 567 10.52 -17.90 3.43
N PRO O 568 11.79 -17.52 3.62
CA PRO O 568 12.03 -16.34 4.44
C PRO O 568 11.42 -15.07 3.85
N CYS O 569 10.79 -14.23 4.72
CA CYS O 569 10.08 -13.02 4.30
C CYS O 569 10.97 -12.14 3.44
N SER O 570 12.28 -12.16 3.73
CA SER O 570 13.22 -11.34 2.98
C SER O 570 13.36 -11.82 1.54
N PHE O 571 12.96 -13.04 1.25
CA PHE O 571 13.17 -13.67 -0.05
C PHE O 571 11.89 -13.62 -0.88
N TRP O 572 10.78 -13.12 -0.31
CA TRP O 572 9.47 -13.11 -0.95
C TRP O 572 9.48 -12.26 -2.21
N LEU O 573 10.18 -11.12 -2.24
CA LEU O 573 10.24 -10.24 -3.41
C LEU O 573 10.94 -10.93 -4.57
N THR O 574 12.00 -11.58 -4.24
CA THR O 574 12.75 -12.30 -5.26
C THR O 574 11.90 -13.42 -5.86
N LEU O 575 11.19 -14.15 -4.98
CA LEU O 575 10.30 -15.22 -5.44
C LEU O 575 9.21 -14.67 -6.36
N LEU O 576 8.64 -13.47 -5.98
CA LEU O 576 7.61 -12.84 -6.78
C LEU O 576 8.17 -12.34 -8.12
N LEU O 577 9.36 -11.87 -8.04
CA LEU O 577 10.02 -11.41 -9.27
C LEU O 577 10.29 -12.59 -10.20
N ASP O 578 10.58 -13.73 -9.66
CA ASP O 578 10.82 -14.91 -10.47
C ASP O 578 9.53 -15.42 -11.11
N ALA O 579 8.40 -15.01 -10.53
CA ALA O 579 7.10 -15.38 -11.09
C ALA O 579 6.74 -14.50 -12.28
N LEU O 580 7.47 -13.32 -12.37
CA LEU O 580 7.16 -12.28 -13.36
C LEU O 580 7.18 -12.84 -14.77
N PRO O 581 8.26 -13.56 -15.20
CA PRO O 581 8.30 -14.12 -16.56
C PRO O 581 7.14 -15.09 -16.84
N LEU O 582 6.69 -15.85 -15.85
CA LEU O 582 5.60 -16.80 -16.01
C LEU O 582 4.26 -16.07 -16.11
N LEU O 583 4.15 -14.86 -15.47
CA LEU O 583 2.93 -14.06 -15.49
C LEU O 583 2.76 -13.37 -16.84
N GLU O 584 3.88 -13.12 -17.53
CA GLU O 584 3.84 -12.32 -18.75
C GLU O 584 3.84 -13.20 -19.99
N GLN O 585 3.74 -14.48 -19.81
CA GLN O 585 3.67 -15.39 -20.96
C GLN O 585 2.35 -15.23 -21.70
N LYS O 586 2.38 -15.49 -22.99
CA LYS O 586 1.20 -15.38 -23.83
C LYS O 586 0.12 -16.36 -23.39
N GLN O 587 0.53 -17.50 -22.98
CA GLN O 587 -0.38 -18.51 -22.43
C GLN O 587 -0.57 -18.32 -20.93
N VAL O 588 -1.90 -18.40 -20.51
CA VAL O 588 -2.23 -18.24 -19.09
C VAL O 588 -1.71 -19.45 -18.31
N ILE O 589 -0.63 -19.28 -17.58
CA ILE O 589 -0.03 -20.34 -16.76
C ILE O 589 -0.66 -20.31 -15.37
N PHE O 590 -0.80 -19.09 -14.74
CA PHE O 590 -1.43 -18.92 -13.44
C PHE O 590 -2.93 -18.71 -13.57
N SER O 591 -3.73 -19.53 -12.92
CA SER O 591 -5.18 -19.35 -12.87
C SER O 591 -5.56 -18.11 -12.07
N ALA O 592 -6.83 -17.70 -12.21
CA ALA O 592 -7.33 -16.54 -11.47
C ALA O 592 -7.14 -16.74 -9.96
N GLU O 593 -7.37 -17.95 -9.50
CA GLU O 593 -7.23 -18.27 -8.09
C GLU O 593 -5.77 -18.17 -7.64
N GLN O 594 -4.89 -18.72 -8.55
CA GLN O 594 -3.46 -18.71 -8.24
C GLN O 594 -2.91 -17.28 -8.24
N THR O 595 -3.40 -16.46 -9.15
CA THR O 595 -3.00 -15.06 -9.23
C THR O 595 -3.44 -14.30 -7.99
N TYR O 596 -4.66 -14.59 -7.47
CA TYR O 596 -5.13 -13.96 -6.23
C TYR O 596 -4.22 -14.29 -5.06
N GLU O 597 -3.73 -15.48 -5.07
CA GLU O 597 -2.84 -15.90 -3.99
C GLU O 597 -1.52 -15.16 -4.05
N LEU O 598 -1.01 -15.01 -5.23
CA LEU O 598 0.22 -14.25 -5.42
C LEU O 598 0.04 -12.80 -4.99
N MET O 599 -1.12 -12.29 -5.34
CA MET O 599 -1.45 -10.92 -4.93
C MET O 599 -1.50 -10.80 -3.41
N ARG O 600 -2.04 -11.78 -2.77
CA ARG O 600 -2.09 -11.80 -1.31
C ARG O 600 -0.69 -11.81 -0.71
N CYS O 601 0.19 -12.63 -1.30
CA CYS O 601 1.56 -12.70 -0.84
C CYS O 601 2.27 -11.36 -0.97
N LEU O 602 2.03 -10.68 -2.11
CA LEU O 602 2.61 -9.35 -2.34
C LEU O 602 2.10 -8.36 -1.30
N GLU O 603 0.83 -8.48 -0.94
CA GLU O 603 0.24 -7.56 0.05
C GLU O 603 0.76 -7.84 1.45
N ASP O 604 0.89 -9.11 1.79
CA ASP O 604 1.42 -9.51 3.09
C ASP O 604 2.83 -8.96 3.30
N ARG O 605 3.61 -9.00 2.34
CA ARG O 605 4.96 -8.44 2.41
C ARG O 605 4.92 -6.94 2.66
N MET O 606 4.12 -6.28 1.84
CA MET O 606 4.02 -4.83 1.98
C MET O 606 3.57 -4.44 3.39
N ALA O 607 2.68 -5.29 3.88
CA ALA O 607 2.21 -5.04 5.24
C ALA O 607 3.32 -5.26 6.25
N ALA O 608 4.13 -6.37 6.02
CA ALA O 608 5.24 -6.69 6.92
C ALA O 608 6.29 -5.59 6.90
N LYS O 609 6.61 -4.99 5.81
CA LYS O 609 7.54 -3.88 5.68
C LYS O 609 7.06 -2.66 6.46
N LEU O 610 5.81 -2.39 6.52
CA LEU O 610 5.25 -1.21 7.19
C LEU O 610 5.34 -1.37 8.70
N GLU O 611 5.39 -2.61 9.21
CA GLU O 611 5.44 -2.88 10.64
C GLU O 611 6.87 -2.83 11.16
N SER O 612 7.88 -3.03 10.32
CA SER O 612 9.28 -3.15 10.70
C SER O 612 10.02 -1.83 10.51
N THR O 613 9.45 -0.82 9.97
CA THR O 613 10.19 0.40 9.69
C THR O 613 9.81 1.51 10.66
N SER O 614 10.48 1.68 11.84
CA SER O 614 10.45 2.88 12.66
C SER O 614 10.46 4.14 11.81
N PRO O 615 9.55 5.08 11.99
CA PRO O 615 9.32 6.33 11.28
C PRO O 615 10.60 7.11 10.99
N ASP O 616 11.87 6.68 11.56
CA ASP O 616 13.04 7.54 11.38
C ASP O 616 13.94 7.01 10.27
N GLU O 617 13.63 5.93 9.48
CA GLU O 617 14.50 5.40 8.44
C GLU O 617 13.79 5.37 7.09
N ILE O 618 12.62 6.09 6.84
CA ILE O 618 12.01 6.27 5.53
C ILE O 618 12.82 7.30 4.73
N GLN O 619 14.18 7.56 5.07
CA GLN O 619 14.86 8.49 4.19
C GLN O 619 16.23 7.97 3.78
N LYS O 620 16.41 6.77 3.09
CA LYS O 620 17.67 6.54 2.40
C LYS O 620 17.51 5.56 1.26
N GLN O 621 17.31 5.95 -0.07
CA GLN O 621 17.72 5.68 -1.45
C GLN O 621 17.54 4.21 -1.79
N ASP O 622 17.15 3.17 -0.85
CA ASP O 622 16.87 1.78 -1.18
C ASP O 622 15.37 1.53 -1.35
N SER O 623 14.50 2.56 -1.04
CA SER O 623 13.05 2.44 -1.15
C SER O 623 12.58 2.66 -2.59
N SER O 624 13.40 3.28 -3.45
CA SER O 624 12.92 3.62 -4.78
C SER O 624 12.96 2.41 -5.71
N ILE O 625 14.04 1.53 -5.64
CA ILE O 625 14.17 0.39 -6.52
C ILE O 625 13.13 -0.67 -6.16
N ASP O 626 12.93 -0.86 -4.92
CA ASP O 626 11.96 -1.85 -4.46
C ASP O 626 10.54 -1.46 -4.86
N ASN O 627 10.29 -0.13 -4.83
CA ASN O 627 8.97 0.35 -5.21
C ASN O 627 8.69 0.13 -6.69
N THR O 628 9.71 0.34 -7.52
CA THR O 628 9.59 0.10 -8.95
C THR O 628 9.30 -1.37 -9.22
N LYS O 629 10.01 -2.29 -8.54
CA LYS O 629 9.80 -3.73 -8.69
C LYS O 629 8.38 -4.12 -8.30
N VAL O 630 7.89 -3.47 -7.27
CA VAL O 630 6.55 -3.78 -6.77
C VAL O 630 5.50 -3.33 -7.79
N GLU O 631 5.68 -2.13 -8.34
CA GLU O 631 4.75 -1.64 -9.36
C GLU O 631 4.72 -2.55 -10.59
N MET O 632 5.91 -3.02 -10.99
CA MET O 632 6.02 -3.95 -12.11
C MET O 632 5.25 -5.23 -11.82
N LEU O 633 5.33 -5.69 -10.70
CA LEU O 633 4.65 -6.93 -10.29
C LEU O 633 3.14 -6.72 -10.27
N ARG O 634 2.71 -5.52 -9.78
CA ARG O 634 1.28 -5.22 -9.73
C ARG O 634 0.67 -5.21 -11.13
N LEU O 635 1.41 -4.59 -12.01
CA LEU O 635 0.95 -4.50 -13.39
C LEU O 635 0.87 -5.89 -14.02
N ALA O 636 1.90 -6.73 -13.80
CA ALA O 636 1.93 -8.07 -14.36
C ALA O 636 0.81 -8.93 -13.77
N LEU O 637 0.57 -8.80 -12.51
CA LEU O 637 -0.48 -9.57 -11.85
C LEU O 637 -1.86 -9.17 -12.36
N ALA O 638 -2.10 -7.85 -12.57
CA ALA O 638 -3.37 -7.34 -13.09
C ALA O 638 -3.61 -7.85 -14.50
N ARG O 639 -2.56 -7.84 -15.35
CA ARG O 639 -2.67 -8.29 -16.73
C ARG O 639 -2.99 -9.78 -16.81
N ASN O 640 -2.23 -10.60 -16.00
CA ASN O 640 -2.47 -12.03 -15.98
C ASN O 640 -3.88 -12.35 -15.50
N LEU O 641 -4.33 -11.64 -14.44
CA LEU O 641 -5.67 -11.83 -13.90
C LEU O 641 -6.74 -11.57 -14.97
N ALA O 642 -6.58 -10.45 -15.72
CA ALA O 642 -7.51 -10.13 -16.80
C ALA O 642 -7.55 -11.24 -17.85
N ARG O 643 -6.32 -11.81 -18.21
CA ARG O 643 -6.21 -12.87 -19.20
C ARG O 643 -6.80 -14.18 -18.68
N ALA O 644 -6.52 -14.50 -17.47
CA ALA O 644 -6.96 -15.75 -16.86
C ALA O 644 -8.48 -15.79 -16.74
N ILE O 645 -9.16 -14.67 -16.37
CA ILE O 645 -10.60 -14.58 -16.22
C ILE O 645 -11.29 -14.79 -17.57
N VAL O 646 -10.68 -14.20 -18.61
CA VAL O 646 -11.22 -14.33 -19.96
C VAL O 646 -11.10 -15.78 -20.43
N THR O 647 -9.97 -16.40 -20.25
CA THR O 647 -9.70 -17.76 -20.68
C THR O 647 -10.54 -18.75 -19.89
N GLU O 648 -10.60 -18.59 -18.52
CA GLU O 648 -11.36 -19.47 -17.65
C GLU O 648 -12.86 -19.30 -17.89
N GLY O 649 -13.24 -18.09 -18.11
CA GLY O 649 -14.64 -17.82 -18.42
C GLY O 649 -15.07 -18.39 -19.76
N ALA O 650 -14.17 -18.30 -20.85
CA ALA O 650 -14.43 -18.85 -22.18
C ALA O 650 -14.57 -20.37 -22.11
N LEU O 651 -13.89 -21.06 -21.27
CA LEU O 651 -13.96 -22.51 -21.13
C LEU O 651 -15.24 -22.94 -20.44
N GLN O 652 -15.78 -22.02 -19.47
CA GLN O 652 -16.99 -22.34 -18.73
C GLN O 652 -18.24 -22.08 -19.57
N GLU O 653 -18.10 -21.30 -20.70
CA GLU O 653 -19.22 -21.14 -21.62
C GLU O 653 -19.20 -22.21 -22.71
N LEU P 1031 -73.08 -92.63 3.56
CA LEU P 1031 -74.43 -92.48 2.98
C LEU P 1031 -75.24 -91.41 3.70
N PHE P 1032 -75.39 -91.46 5.04
CA PHE P 1032 -76.11 -90.43 5.80
C PHE P 1032 -75.62 -88.98 5.53
N ASN P 1033 -74.30 -88.73 5.65
CA ASN P 1033 -73.74 -87.39 5.37
C ASN P 1033 -74.09 -86.88 3.96
N ILE P 1034 -74.02 -87.75 2.95
CA ILE P 1034 -74.37 -87.41 1.56
C ILE P 1034 -75.84 -87.02 1.43
N ALA P 1035 -76.74 -87.79 2.06
CA ALA P 1035 -78.17 -87.49 2.05
C ALA P 1035 -78.48 -86.18 2.78
N LEU P 1036 -77.85 -85.93 3.93
CA LEU P 1036 -77.97 -84.68 4.67
C LEU P 1036 -77.47 -83.48 3.86
N PHE P 1037 -76.30 -83.59 3.23
CA PHE P 1037 -75.75 -82.52 2.41
C PHE P 1037 -76.65 -82.23 1.20
N ASN P 1038 -77.12 -83.27 0.50
CA ASN P 1038 -78.03 -83.10 -0.63
C ASN P 1038 -79.35 -82.46 -0.19
N TRP P 1039 -79.90 -82.84 0.97
CA TRP P 1039 -81.10 -82.23 1.52
C TRP P 1039 -80.89 -80.75 1.87
N LEU P 1040 -79.79 -80.39 2.53
CA LEU P 1040 -79.47 -79.00 2.87
C LEU P 1040 -79.30 -78.14 1.61
N ILE P 1041 -78.66 -78.69 0.56
CA ILE P 1041 -78.53 -78.02 -0.74
C ILE P 1041 -79.90 -77.86 -1.38
N GLN P 1042 -80.74 -78.89 -1.44
CA GLN P 1042 -82.08 -78.79 -2.00
C GLN P 1042 -82.99 -77.82 -1.25
N ALA P 1043 -82.83 -77.72 0.07
CA ALA P 1043 -83.57 -76.79 0.94
C ALA P 1043 -83.02 -75.35 0.94
N ASP P 1044 -81.98 -75.07 0.14
CA ASP P 1044 -81.27 -73.78 0.08
C ASP P 1044 -80.67 -73.31 1.42
N LEU P 1045 -80.41 -74.25 2.32
CA LEU P 1045 -79.79 -74.01 3.63
C LEU P 1045 -78.26 -74.00 3.52
N THR P 1046 -77.75 -73.19 2.59
CA THR P 1046 -76.33 -73.15 2.23
C THR P 1046 -75.45 -72.69 3.40
N ASP P 1047 -75.88 -71.70 4.17
CA ASP P 1047 -75.14 -71.22 5.34
C ASP P 1047 -74.98 -72.32 6.40
N LYS P 1048 -76.06 -73.07 6.68
CA LYS P 1048 -76.03 -74.20 7.61
C LYS P 1048 -75.15 -75.33 7.11
N LEU P 1049 -75.18 -75.63 5.80
CA LEU P 1049 -74.28 -76.61 5.21
C LEU P 1049 -72.81 -76.22 5.45
N LEU P 1050 -72.47 -74.94 5.26
CA LEU P 1050 -71.12 -74.43 5.46
C LEU P 1050 -70.72 -74.34 6.95
N GLU P 1051 -71.66 -74.36 7.89
CA GLU P 1051 -71.39 -74.49 9.33
C GLU P 1051 -71.04 -75.91 9.76
N LEU P 1052 -71.38 -76.91 8.95
CA LEU P 1052 -71.00 -78.29 9.23
C LEU P 1052 -69.50 -78.48 8.96
N ASN P 1053 -68.72 -78.52 10.03
CA ASN P 1053 -67.30 -78.91 10.02
C ASN P 1053 -67.13 -80.43 9.78
N SER P 1054 -67.73 -80.96 8.71
CA SER P 1054 -67.66 -82.38 8.36
C SER P 1054 -66.49 -82.64 7.42
N PRO P 1055 -65.60 -83.59 7.71
CA PRO P 1055 -64.49 -83.95 6.83
C PRO P 1055 -64.96 -84.56 5.49
N PHE P 1056 -66.24 -84.92 5.38
CA PHE P 1056 -66.83 -85.48 4.17
C PHE P 1056 -67.47 -84.42 3.27
N LEU P 1057 -67.60 -83.17 3.72
CA LEU P 1057 -68.27 -82.10 2.97
C LEU P 1057 -67.45 -81.71 1.73
N GLU P 1058 -66.17 -81.42 1.89
CA GLU P 1058 -65.28 -81.06 0.76
C GLU P 1058 -65.21 -82.18 -0.30
N PRO P 1059 -64.93 -83.45 0.04
CA PRO P 1059 -64.96 -84.53 -0.95
C PRO P 1059 -66.31 -84.67 -1.66
N HIS P 1060 -67.43 -84.44 -0.95
CA HIS P 1060 -68.77 -84.47 -1.54
C HIS P 1060 -68.96 -83.33 -2.53
N LEU P 1061 -68.65 -82.09 -2.15
CA LEU P 1061 -68.76 -80.92 -3.03
C LEU P 1061 -67.87 -81.06 -4.26
N VAL P 1062 -66.63 -81.53 -4.09
CA VAL P 1062 -65.69 -81.78 -5.22
C VAL P 1062 -66.22 -82.88 -6.15
N ARG P 1063 -66.83 -83.94 -5.61
CA ARG P 1063 -67.44 -85.01 -6.40
C ARG P 1063 -68.65 -84.50 -7.17
N MET P 1064 -69.54 -83.76 -6.52
CA MET P 1064 -70.74 -83.23 -7.16
C MET P 1064 -70.40 -82.17 -8.23
N ALA P 1065 -69.42 -81.30 -7.99
CA ALA P 1065 -68.94 -80.34 -8.98
C ALA P 1065 -68.30 -80.99 -10.24
N LYS P 1066 -67.99 -82.29 -10.21
CA LYS P 1066 -67.49 -83.03 -11.38
C LYS P 1066 -68.57 -83.80 -12.12
N LEU P 1067 -69.62 -84.25 -11.42
CA LEU P 1067 -70.61 -85.20 -11.94
C LEU P 1067 -71.97 -84.58 -12.22
N ASP P 1068 -72.35 -83.54 -11.48
CA ASP P 1068 -73.67 -82.94 -11.55
C ASP P 1068 -73.77 -81.92 -12.69
N GLN P 1069 -74.98 -81.78 -13.25
CA GLN P 1069 -75.28 -80.76 -14.26
C GLN P 1069 -75.21 -79.35 -13.66
N ASN P 1070 -75.59 -79.19 -12.39
CA ASN P 1070 -75.55 -77.91 -11.65
C ASN P 1070 -74.14 -77.60 -11.12
N LYS P 1071 -73.13 -77.79 -11.96
CA LYS P 1071 -71.71 -77.64 -11.61
C LYS P 1071 -71.40 -76.27 -10.99
N VAL P 1072 -72.03 -75.19 -11.50
CA VAL P 1072 -71.89 -73.82 -10.98
C VAL P 1072 -72.24 -73.77 -9.50
N ARG P 1073 -73.43 -74.28 -9.13
CA ARG P 1073 -73.94 -74.27 -7.75
C ARG P 1073 -73.01 -74.99 -6.77
N TYR P 1074 -72.48 -76.15 -7.15
CA TYR P 1074 -71.57 -76.90 -6.27
C TYR P 1074 -70.19 -76.24 -6.16
N MET P 1075 -69.68 -75.64 -7.25
CA MET P 1075 -68.46 -74.84 -7.19
C MET P 1075 -68.63 -73.59 -6.32
N ASP P 1076 -69.81 -72.96 -6.37
CA ASP P 1076 -70.15 -71.83 -5.50
C ASP P 1076 -70.10 -72.19 -4.01
N LEU P 1077 -70.68 -73.33 -3.65
CA LEU P 1077 -70.59 -73.85 -2.28
C LEU P 1077 -69.15 -74.20 -1.90
N LEU P 1078 -68.38 -74.77 -2.83
CA LEU P 1078 -67.01 -75.21 -2.58
C LEU P 1078 -66.08 -74.03 -2.26
N TRP P 1079 -66.14 -72.93 -3.01
CA TRP P 1079 -65.27 -71.79 -2.71
C TRP P 1079 -65.68 -71.08 -1.42
N ARG P 1080 -66.98 -70.96 -1.12
CA ARG P 1080 -67.46 -70.40 0.16
C ARG P 1080 -67.01 -71.24 1.34
N TYR P 1081 -66.99 -72.56 1.20
CA TYR P 1081 -66.42 -73.48 2.20
C TYR P 1081 -64.93 -73.21 2.43
N TYR P 1082 -64.16 -73.04 1.35
CA TYR P 1082 -62.74 -72.72 1.46
C TYR P 1082 -62.47 -71.34 2.10
N GLU P 1083 -63.23 -70.31 1.73
CA GLU P 1083 -63.09 -68.96 2.30
C GLU P 1083 -63.40 -68.98 3.81
N LYS P 1084 -64.47 -69.68 4.22
CA LYS P 1084 -64.84 -69.83 5.64
C LYS P 1084 -63.76 -70.54 6.45
N ASN P 1085 -63.12 -71.55 5.87
CA ASN P 1085 -62.02 -72.29 6.49
C ASN P 1085 -60.65 -71.60 6.31
N ARG P 1086 -60.61 -70.35 5.84
CA ARG P 1086 -59.39 -69.57 5.57
C ARG P 1086 -58.41 -70.23 4.60
N ASN P 1087 -58.91 -71.12 3.75
CA ASN P 1087 -58.13 -71.72 2.68
C ASN P 1087 -58.25 -70.86 1.41
N PHE P 1088 -57.64 -69.68 1.46
CA PHE P 1088 -57.79 -68.66 0.41
C PHE P 1088 -57.20 -69.08 -0.93
N SER P 1089 -56.11 -69.86 -0.94
CA SER P 1089 -55.51 -70.37 -2.18
C SER P 1089 -56.48 -71.27 -2.95
N ASN P 1090 -57.14 -72.22 -2.26
CA ASN P 1090 -58.12 -73.09 -2.90
C ASN P 1090 -59.39 -72.33 -3.30
N ALA P 1091 -59.85 -71.38 -2.47
CA ALA P 1091 -60.97 -70.51 -2.82
C ALA P 1091 -60.69 -69.74 -4.13
N ALA P 1092 -59.53 -69.09 -4.22
CA ALA P 1092 -59.13 -68.33 -5.41
C ALA P 1092 -59.11 -69.20 -6.67
N ARG P 1093 -58.57 -70.42 -6.58
CA ARG P 1093 -58.49 -71.36 -7.72
C ARG P 1093 -59.87 -71.86 -8.17
N VAL P 1094 -60.79 -72.14 -7.24
CA VAL P 1094 -62.17 -72.56 -7.60
C VAL P 1094 -62.91 -71.43 -8.29
N VAL P 1095 -62.80 -70.21 -7.76
CA VAL P 1095 -63.48 -69.04 -8.32
C VAL P 1095 -62.89 -68.65 -9.68
N ALA P 1096 -61.57 -68.71 -9.85
CA ALA P 1096 -60.92 -68.51 -11.15
C ALA P 1096 -61.43 -69.54 -12.19
N LYS P 1097 -61.56 -70.80 -11.78
CA LYS P 1097 -62.11 -71.86 -12.64
C LYS P 1097 -63.58 -71.63 -13.00
N LEU P 1098 -64.38 -71.08 -12.09
CA LEU P 1098 -65.76 -70.65 -12.37
C LEU P 1098 -65.79 -69.54 -13.43
N ALA P 1099 -64.91 -68.54 -13.29
CA ALA P 1099 -64.81 -67.43 -14.24
C ALA P 1099 -64.36 -67.87 -15.65
N ASP P 1100 -63.50 -68.89 -15.75
CA ASP P 1100 -63.02 -69.43 -17.04
C ASP P 1100 -63.98 -70.46 -17.68
N MET P 1101 -64.97 -70.96 -16.93
CA MET P 1101 -65.81 -72.05 -17.40
C MET P 1101 -66.78 -71.59 -18.49
N HIS P 1102 -66.68 -72.16 -19.70
CA HIS P 1102 -67.69 -71.93 -20.73
C HIS P 1102 -69.08 -72.35 -20.22
N SER P 1103 -70.00 -71.40 -20.11
CA SER P 1103 -71.36 -71.62 -19.63
C SER P 1103 -72.25 -70.42 -19.97
N PRO P 1104 -73.45 -70.66 -20.53
CA PRO P 1104 -74.45 -69.60 -20.71
C PRO P 1104 -75.11 -69.19 -19.39
N GLU P 1105 -74.96 -69.96 -18.31
CA GLU P 1105 -75.54 -69.66 -16.99
C GLU P 1105 -74.76 -68.57 -16.24
N ILE P 1106 -73.50 -68.34 -16.61
CA ILE P 1106 -72.63 -67.35 -15.97
C ILE P 1106 -72.47 -66.18 -16.93
N SER P 1107 -73.11 -65.06 -16.61
CA SER P 1107 -72.95 -63.79 -17.33
C SER P 1107 -71.53 -63.24 -17.21
N LEU P 1108 -71.12 -62.39 -18.15
CA LEU P 1108 -69.82 -61.73 -18.11
C LEU P 1108 -69.63 -60.89 -16.83
N LYS P 1109 -70.71 -60.26 -16.34
CA LYS P 1109 -70.70 -59.52 -15.06
C LYS P 1109 -70.39 -60.43 -13.88
N GLN P 1110 -71.02 -61.61 -13.82
CA GLN P 1110 -70.71 -62.61 -12.79
C GLN P 1110 -69.28 -63.15 -12.92
N ARG P 1111 -68.76 -63.32 -14.15
CA ARG P 1111 -67.35 -63.71 -14.36
C ARG P 1111 -66.39 -62.67 -13.79
N LEU P 1112 -66.66 -61.38 -13.99
CA LEU P 1112 -65.88 -60.28 -13.41
C LEU P 1112 -65.94 -60.28 -11.88
N GLU P 1113 -67.10 -60.56 -11.29
CA GLU P 1113 -67.25 -60.71 -9.84
C GLU P 1113 -66.42 -61.90 -9.32
N TYR P 1114 -66.45 -63.03 -10.03
CA TYR P 1114 -65.61 -64.18 -9.72
C TYR P 1114 -64.12 -63.83 -9.80
N ILE P 1115 -63.63 -63.24 -10.90
CA ILE P 1115 -62.21 -62.84 -11.01
C ILE P 1115 -61.83 -61.89 -9.87
N SER P 1116 -62.68 -60.90 -9.58
CA SER P 1116 -62.44 -59.95 -8.49
C SER P 1116 -62.36 -60.65 -7.13
N ARG P 1117 -63.23 -61.62 -6.87
CA ARG P 1117 -63.20 -62.45 -5.64
C ARG P 1117 -61.97 -63.36 -5.60
N ALA P 1118 -61.55 -63.90 -6.73
CA ALA P 1118 -60.33 -64.70 -6.84
C ALA P 1118 -59.10 -63.85 -6.50
N ILE P 1119 -59.01 -62.62 -7.02
CA ILE P 1119 -57.95 -61.65 -6.69
C ILE P 1119 -57.94 -61.32 -5.19
N LEU P 1120 -59.10 -61.04 -4.58
CA LEU P 1120 -59.19 -60.76 -3.14
C LEU P 1120 -58.70 -61.95 -2.30
N SER P 1121 -59.08 -63.17 -2.68
CA SER P 1121 -58.64 -64.40 -2.02
C SER P 1121 -57.14 -64.64 -2.24
N ALA P 1122 -56.64 -64.45 -3.46
CA ALA P 1122 -55.23 -64.60 -3.79
C ALA P 1122 -54.36 -63.59 -3.02
N LYS P 1123 -54.76 -62.32 -2.92
CA LYS P 1123 -54.08 -61.30 -2.09
C LYS P 1123 -54.01 -61.66 -0.61
N SER P 1124 -55.09 -62.26 -0.09
CA SER P 1124 -55.12 -62.75 1.28
C SER P 1124 -54.16 -63.93 1.49
N SER P 1125 -54.02 -64.79 0.47
CA SER P 1125 -53.08 -65.92 0.48
C SER P 1125 -51.62 -65.46 0.34
N THR P 1126 -51.30 -64.55 -0.59
CA THR P 1126 -49.92 -64.07 -0.83
C THR P 1126 -49.37 -63.28 0.35
N THR P 1127 -50.24 -62.60 1.11
CA THR P 1127 -49.82 -61.95 2.36
C THR P 1127 -49.37 -62.97 3.41
N MET P 1128 -49.87 -64.21 3.34
CA MET P 1128 -49.53 -65.31 4.25
C MET P 1128 -48.47 -66.27 3.68
N SER P 1129 -48.30 -66.30 2.35
CA SER P 1129 -47.50 -67.26 1.60
C SER P 1129 -46.50 -66.55 0.70
N THR P 1130 -45.21 -66.81 0.89
CA THR P 1130 -44.13 -66.24 0.08
C THR P 1130 -43.83 -67.05 -1.19
N LEU P 1131 -44.77 -67.90 -1.62
CA LEU P 1131 -44.58 -68.72 -2.83
C LEU P 1131 -44.67 -67.84 -4.07
N ALA P 1132 -43.62 -67.85 -4.89
CA ALA P 1132 -43.59 -67.14 -6.16
C ALA P 1132 -44.79 -67.49 -7.07
N ALA P 1133 -45.24 -68.75 -7.03
CA ALA P 1133 -46.40 -69.23 -7.78
C ALA P 1133 -47.72 -68.53 -7.38
N ASP P 1134 -47.90 -68.12 -6.13
CA ASP P 1134 -49.09 -67.38 -5.71
C ASP P 1134 -49.06 -65.94 -6.24
N GLY P 1135 -47.87 -65.35 -6.36
CA GLY P 1135 -47.67 -64.02 -6.97
C GLY P 1135 -47.90 -64.03 -8.48
N GLU P 1136 -47.38 -65.03 -9.20
CA GLU P 1136 -47.63 -65.23 -10.63
C GLU P 1136 -49.12 -65.43 -10.92
N PHE P 1137 -49.80 -66.28 -10.14
CA PHE P 1137 -51.24 -66.48 -10.26
C PHE P 1137 -52.05 -65.20 -10.00
N LEU P 1138 -51.63 -64.39 -9.02
CA LEU P 1138 -52.27 -63.10 -8.76
C LEU P 1138 -52.12 -62.16 -9.96
N HIS P 1139 -50.92 -62.07 -10.54
CA HIS P 1139 -50.68 -61.26 -11.73
C HIS P 1139 -51.51 -61.75 -12.93
N GLU P 1140 -51.60 -63.06 -13.17
CA GLU P 1140 -52.45 -63.63 -14.22
C GLU P 1140 -53.93 -63.23 -14.03
N LEU P 1141 -54.43 -63.25 -12.79
CA LEU P 1141 -55.81 -62.82 -12.50
C LEU P 1141 -56.02 -61.32 -12.72
N GLU P 1142 -55.04 -60.47 -12.36
CA GLU P 1142 -55.12 -59.03 -12.58
C GLU P 1142 -55.13 -58.67 -14.07
N GLU P 1143 -54.27 -59.31 -14.87
CA GLU P 1143 -54.29 -59.19 -16.33
C GLU P 1143 -55.62 -59.67 -16.92
N LYS P 1144 -56.10 -60.84 -16.47
CA LYS P 1144 -57.39 -61.41 -16.91
C LYS P 1144 -58.57 -60.51 -16.57
N LEU P 1145 -58.55 -59.85 -15.41
CA LEU P 1145 -59.59 -58.88 -15.02
C LEU P 1145 -59.62 -57.69 -15.98
N GLU P 1146 -58.45 -57.18 -16.37
CA GLU P 1146 -58.37 -56.05 -17.29
C GLU P 1146 -58.92 -56.42 -18.68
N VAL P 1147 -58.52 -57.60 -19.20
CA VAL P 1147 -59.05 -58.14 -20.46
C VAL P 1147 -60.58 -58.33 -20.39
N ALA P 1148 -61.10 -58.88 -19.29
CA ALA P 1148 -62.52 -59.08 -19.09
C ALA P 1148 -63.32 -57.76 -18.98
N ARG P 1149 -62.72 -56.69 -18.44
CA ARG P 1149 -63.35 -55.36 -18.41
C ARG P 1149 -63.50 -54.78 -19.81
N ILE P 1150 -62.49 -54.94 -20.66
CA ILE P 1150 -62.57 -54.56 -22.07
C ILE P 1150 -63.67 -55.37 -22.78
N GLN P 1151 -63.77 -56.67 -22.48
CA GLN P 1151 -64.85 -57.51 -23.00
C GLN P 1151 -66.23 -56.98 -22.61
N LEU P 1152 -66.40 -56.55 -21.35
CA LEU P 1152 -67.64 -55.95 -20.86
C LEU P 1152 -67.91 -54.61 -21.56
N GLN P 1153 -66.89 -53.77 -21.74
CA GLN P 1153 -67.03 -52.51 -22.46
C GLN P 1153 -67.50 -52.72 -23.90
N ILE P 1154 -66.98 -53.74 -24.59
CA ILE P 1154 -67.44 -54.13 -25.93
C ILE P 1154 -68.90 -54.54 -25.88
N GLN P 1155 -69.28 -55.43 -24.97
CA GLN P 1155 -70.66 -55.91 -24.82
C GLN P 1155 -71.63 -54.75 -24.59
N GLU P 1156 -71.34 -53.87 -23.61
CA GLU P 1156 -72.18 -52.72 -23.29
C GLU P 1156 -72.26 -51.72 -24.46
N THR P 1157 -71.16 -51.55 -25.21
CA THR P 1157 -71.15 -50.67 -26.39
C THR P 1157 -71.99 -51.25 -27.52
N LEU P 1158 -71.91 -52.57 -27.77
CA LEU P 1158 -72.74 -53.25 -28.77
C LEU P 1158 -74.22 -53.16 -28.41
N THR P 1159 -74.59 -53.44 -27.17
CA THR P 1159 -75.98 -53.33 -26.70
C THR P 1159 -76.51 -51.90 -26.82
N ARG P 1160 -75.67 -50.89 -26.52
CA ARG P 1160 -76.09 -49.48 -26.56
C ARG P 1160 -76.20 -48.91 -27.97
N GLN P 1161 -75.24 -49.20 -28.85
CA GLN P 1161 -75.12 -48.54 -30.16
C GLN P 1161 -75.64 -49.38 -31.33
N TYR P 1162 -75.71 -50.71 -31.17
CA TYR P 1162 -76.05 -51.63 -32.25
C TYR P 1162 -77.23 -52.54 -31.90
N SER P 1163 -78.09 -52.14 -30.94
CA SER P 1163 -79.27 -52.91 -30.50
C SER P 1163 -80.18 -53.39 -31.64
N HIS P 1164 -80.27 -52.63 -32.73
CA HIS P 1164 -81.10 -52.95 -33.89
C HIS P 1164 -80.43 -53.91 -34.89
N HIS P 1165 -79.13 -54.18 -34.74
CA HIS P 1165 -78.40 -55.02 -35.68
C HIS P 1165 -78.64 -56.50 -35.34
N SER P 1166 -79.07 -57.28 -36.35
CA SER P 1166 -79.43 -58.70 -36.19
C SER P 1166 -78.36 -59.59 -35.56
N THR P 1167 -77.08 -59.28 -35.75
CA THR P 1167 -75.93 -60.07 -35.26
C THR P 1167 -75.57 -59.77 -33.80
N VAL P 1168 -76.12 -58.72 -33.20
CA VAL P 1168 -75.70 -58.26 -31.87
C VAL P 1168 -76.20 -59.17 -30.77
N GLY P 1169 -77.40 -59.76 -30.90
CA GLY P 1169 -77.90 -60.73 -29.93
C GLY P 1169 -76.94 -61.93 -29.80
N ASP P 1170 -76.50 -62.47 -30.93
CA ASP P 1170 -75.54 -63.57 -30.96
C ASP P 1170 -74.17 -63.13 -30.42
N ALA P 1171 -73.68 -61.95 -30.81
CA ALA P 1171 -72.42 -61.41 -30.33
C ALA P 1171 -72.40 -61.23 -28.80
N VAL P 1172 -73.48 -60.66 -28.23
CA VAL P 1172 -73.62 -60.44 -26.78
C VAL P 1172 -73.66 -61.77 -26.03
N SER P 1173 -74.41 -62.76 -26.53
CA SER P 1173 -74.49 -64.08 -25.90
C SER P 1173 -73.13 -64.82 -25.92
N GLN P 1174 -72.36 -64.67 -27.00
CA GLN P 1174 -71.00 -65.22 -27.08
C GLN P 1174 -70.07 -64.54 -26.07
N LEU P 1175 -70.15 -63.21 -25.94
CA LEU P 1175 -69.39 -62.43 -24.96
C LEU P 1175 -69.74 -62.80 -23.51
N ASP P 1176 -70.97 -63.24 -23.22
CA ASP P 1176 -71.31 -63.78 -21.89
C ASP P 1176 -70.78 -65.20 -21.67
N SER P 1177 -70.81 -66.03 -22.71
CA SER P 1177 -70.58 -67.47 -22.60
C SER P 1177 -69.17 -67.87 -22.14
N GLN P 1178 -68.17 -67.01 -22.31
CA GLN P 1178 -66.77 -67.29 -21.96
C GLN P 1178 -65.93 -66.00 -21.90
N LEU P 1179 -64.81 -66.06 -21.17
CA LEU P 1179 -63.76 -65.06 -21.28
C LEU P 1179 -63.00 -65.27 -22.59
N MET P 1180 -62.80 -64.18 -23.33
CA MET P 1180 -62.16 -64.21 -24.64
C MET P 1180 -60.75 -63.65 -24.59
N ASP P 1181 -59.91 -64.15 -25.48
CA ASP P 1181 -58.59 -63.57 -25.73
C ASP P 1181 -58.70 -62.21 -26.45
N ILE P 1182 -57.74 -61.33 -26.18
CA ILE P 1182 -57.62 -59.97 -26.76
C ILE P 1182 -57.64 -60.02 -28.29
N THR P 1183 -56.94 -60.98 -28.89
CA THR P 1183 -56.88 -61.13 -30.35
C THR P 1183 -58.25 -61.38 -30.96
N LYS P 1184 -59.05 -62.25 -30.31
CA LYS P 1184 -60.42 -62.55 -30.73
C LYS P 1184 -61.34 -61.35 -30.53
N MET P 1185 -61.23 -60.68 -29.39
CA MET P 1185 -61.99 -59.46 -29.12
C MET P 1185 -61.73 -58.39 -30.17
N PHE P 1186 -60.47 -58.18 -30.56
CA PHE P 1186 -60.10 -57.22 -31.59
C PHE P 1186 -60.71 -57.60 -32.95
N GLY P 1187 -60.41 -58.79 -33.45
CA GLY P 1187 -60.75 -59.19 -34.81
C GLY P 1187 -62.23 -59.54 -35.04
N GLN P 1188 -62.91 -60.09 -34.04
CA GLN P 1188 -64.30 -60.56 -34.21
C GLN P 1188 -65.36 -59.56 -33.74
N TYR P 1189 -64.98 -58.61 -32.87
CA TYR P 1189 -65.93 -57.66 -32.29
C TYR P 1189 -65.49 -56.21 -32.47
N ALA P 1190 -64.31 -55.82 -32.02
CA ALA P 1190 -63.92 -54.41 -32.07
C ALA P 1190 -63.75 -53.89 -33.51
N ASP P 1191 -63.17 -54.70 -34.41
CA ASP P 1191 -62.96 -54.32 -35.81
C ASP P 1191 -64.25 -54.29 -36.65
N PRO P 1192 -65.07 -55.37 -36.68
CA PRO P 1192 -66.30 -55.39 -37.49
C PRO P 1192 -67.31 -54.30 -37.09
N PHE P 1193 -67.39 -53.97 -35.80
CA PHE P 1193 -68.29 -52.96 -35.27
C PHE P 1193 -67.64 -51.57 -35.15
N ARG P 1194 -66.40 -51.37 -35.64
CA ARG P 1194 -65.69 -50.07 -35.63
C ARG P 1194 -65.67 -49.41 -34.25
N LEU P 1195 -65.36 -50.18 -33.21
CA LEU P 1195 -65.36 -49.73 -31.82
C LEU P 1195 -64.00 -49.11 -31.45
N SER P 1196 -63.69 -47.92 -31.95
CA SER P 1196 -62.35 -47.32 -31.82
C SER P 1196 -61.88 -47.11 -30.37
N GLU P 1197 -62.79 -46.79 -29.43
CA GLU P 1197 -62.46 -46.74 -28.00
C GLU P 1197 -62.04 -48.11 -27.44
N CYS P 1198 -62.75 -49.18 -27.84
CA CYS P 1198 -62.42 -50.54 -27.42
C CYS P 1198 -61.12 -51.02 -28.08
N LYS P 1199 -60.88 -50.67 -29.35
CA LYS P 1199 -59.61 -50.95 -30.03
C LYS P 1199 -58.44 -50.27 -29.31
N LEU P 1200 -58.59 -49.02 -28.87
CA LEU P 1200 -57.58 -48.29 -28.10
C LEU P 1200 -57.30 -48.98 -26.75
N ALA P 1201 -58.35 -49.41 -26.04
CA ALA P 1201 -58.21 -50.15 -24.79
C ALA P 1201 -57.50 -51.51 -24.99
N ILE P 1202 -57.83 -52.22 -26.08
CA ILE P 1202 -57.19 -53.49 -26.46
C ILE P 1202 -55.69 -53.30 -26.69
N ILE P 1203 -55.27 -52.34 -27.53
CA ILE P 1203 -53.84 -52.17 -27.82
C ILE P 1203 -53.06 -51.66 -26.60
N HIS P 1204 -53.71 -50.90 -25.73
CA HIS P 1204 -53.15 -50.49 -24.43
C HIS P 1204 -52.92 -51.70 -23.52
N CYS P 1205 -53.93 -52.56 -23.36
CA CYS P 1205 -53.85 -53.77 -22.56
C CYS P 1205 -52.83 -54.78 -23.11
N ALA P 1206 -52.74 -54.92 -24.43
CA ALA P 1206 -51.78 -55.82 -25.09
C ALA P 1206 -50.34 -55.29 -25.11
N GLY P 1207 -50.09 -54.03 -24.71
CA GLY P 1207 -48.78 -53.40 -24.85
C GLY P 1207 -48.34 -53.17 -26.31
N HIS P 1208 -49.26 -53.31 -27.28
CA HIS P 1208 -48.97 -53.12 -28.69
C HIS P 1208 -48.96 -51.63 -29.02
N SER P 1209 -47.86 -51.13 -29.58
CA SER P 1209 -47.65 -49.70 -29.84
C SER P 1209 -47.40 -49.46 -31.33
N ASP P 1210 -48.44 -49.00 -32.03
CA ASP P 1210 -48.34 -48.45 -33.38
C ASP P 1210 -48.83 -46.98 -33.34
N PRO P 1211 -47.92 -45.99 -33.46
CA PRO P 1211 -48.29 -44.57 -33.39
C PRO P 1211 -49.32 -44.14 -34.44
N ILE P 1212 -49.28 -44.73 -35.64
CA ILE P 1212 -50.21 -44.39 -36.72
C ILE P 1212 -51.59 -44.92 -36.36
N LEU P 1213 -51.67 -46.19 -35.96
CA LEU P 1213 -52.92 -46.78 -35.49
C LEU P 1213 -53.53 -45.99 -34.33
N VAL P 1214 -52.73 -45.62 -33.33
CA VAL P 1214 -53.20 -44.82 -32.19
C VAL P 1214 -53.78 -43.48 -32.65
N GLN P 1215 -53.11 -42.76 -33.56
CA GLN P 1215 -53.63 -41.52 -34.12
C GLN P 1215 -54.95 -41.74 -34.88
N THR P 1216 -55.02 -42.77 -35.74
CA THR P 1216 -56.25 -43.12 -36.46
C THR P 1216 -57.40 -43.43 -35.52
N LEU P 1217 -57.16 -44.20 -34.45
CA LEU P 1217 -58.19 -44.52 -33.47
C LEU P 1217 -58.69 -43.27 -32.74
N TRP P 1218 -57.80 -42.38 -32.32
CA TRP P 1218 -58.19 -41.10 -31.71
C TRP P 1218 -58.98 -40.22 -32.69
N GLN P 1219 -58.59 -40.18 -33.96
CA GLN P 1219 -59.32 -39.48 -35.00
C GLN P 1219 -60.74 -40.05 -35.15
N ASP P 1220 -60.87 -41.37 -35.27
CA ASP P 1220 -62.17 -42.03 -35.39
C ASP P 1220 -63.07 -41.76 -34.18
N ILE P 1221 -62.51 -41.73 -32.96
CA ILE P 1221 -63.26 -41.41 -31.73
C ILE P 1221 -63.78 -39.97 -31.79
N ILE P 1222 -62.93 -39.02 -32.17
CA ILE P 1222 -63.30 -37.59 -32.28
C ILE P 1222 -64.36 -37.41 -33.37
N ASP P 1223 -64.15 -37.99 -34.55
CA ASP P 1223 -65.05 -37.85 -35.69
C ASP P 1223 -66.41 -38.48 -35.42
N LYS P 1224 -66.44 -39.64 -34.73
CA LYS P 1224 -67.68 -40.28 -34.30
C LYS P 1224 -68.45 -39.44 -33.29
N GLU P 1225 -67.78 -38.88 -32.29
CA GLU P 1225 -68.43 -38.00 -31.30
C GLU P 1225 -68.99 -36.73 -31.96
N LEU P 1226 -68.27 -36.18 -32.94
CA LEU P 1226 -68.72 -35.04 -33.73
C LEU P 1226 -69.89 -35.39 -34.67
N SER P 1227 -69.95 -36.63 -35.18
CA SER P 1227 -71.05 -37.10 -36.02
C SER P 1227 -72.31 -37.40 -35.21
N ASP P 1228 -72.18 -38.06 -34.06
CA ASP P 1228 -73.29 -38.44 -33.18
C ASP P 1228 -73.98 -37.20 -32.60
N SER P 1229 -73.23 -36.11 -32.45
CA SER P 1229 -73.72 -34.83 -31.93
C SER P 1229 -74.19 -33.84 -33.01
N MET P 1230 -74.26 -34.21 -34.30
CA MET P 1230 -74.63 -33.28 -35.38
C MET P 1230 -76.00 -32.59 -35.20
N GLY P 1231 -76.94 -33.20 -34.49
CA GLY P 1231 -78.26 -32.62 -34.21
C GLY P 1231 -78.29 -31.59 -33.08
N ASN P 1232 -77.18 -31.43 -32.34
CA ASN P 1232 -77.13 -30.62 -31.13
C ASN P 1232 -76.61 -29.20 -31.40
N SER P 1233 -76.79 -28.29 -30.44
CA SER P 1233 -76.27 -26.92 -30.54
C SER P 1233 -74.73 -26.92 -30.56
N SER P 1234 -74.11 -25.86 -31.10
CA SER P 1234 -72.65 -25.74 -31.15
C SER P 1234 -71.98 -25.89 -29.77
N VAL P 1235 -72.61 -25.32 -28.73
CA VAL P 1235 -72.14 -25.40 -27.34
C VAL P 1235 -72.25 -26.82 -26.80
N ASP P 1236 -73.38 -27.49 -27.05
CA ASP P 1236 -73.58 -28.87 -26.60
C ASP P 1236 -72.61 -29.84 -27.30
N ARG P 1237 -72.32 -29.61 -28.58
CA ARG P 1237 -71.33 -30.38 -29.35
C ARG P 1237 -69.92 -30.22 -28.78
N MET P 1238 -69.55 -28.97 -28.48
CA MET P 1238 -68.28 -28.65 -27.83
C MET P 1238 -68.19 -29.35 -26.46
N GLN P 1239 -69.24 -29.27 -25.64
CA GLN P 1239 -69.28 -29.91 -24.33
C GLN P 1239 -69.23 -31.45 -24.41
N SER P 1240 -69.94 -32.06 -25.36
CA SER P 1240 -69.92 -33.52 -25.58
C SER P 1240 -68.52 -34.00 -25.92
N LEU P 1241 -67.85 -33.32 -26.87
CA LEU P 1241 -66.47 -33.65 -27.23
C LEU P 1241 -65.51 -33.42 -26.07
N HIS P 1242 -65.65 -32.33 -25.34
CA HIS P 1242 -64.84 -32.06 -24.15
C HIS P 1242 -64.94 -33.21 -23.12
N LEU P 1243 -66.16 -33.62 -22.76
CA LEU P 1243 -66.37 -34.70 -21.80
C LEU P 1243 -65.77 -36.02 -22.30
N LYS P 1244 -65.94 -36.33 -23.60
CA LYS P 1244 -65.36 -37.52 -24.23
C LYS P 1244 -63.83 -37.51 -24.12
N ILE P 1245 -63.18 -36.43 -24.58
CA ILE P 1245 -61.72 -36.33 -24.61
C ILE P 1245 -61.13 -36.27 -23.20
N THR P 1246 -61.78 -35.58 -22.26
CA THR P 1246 -61.34 -35.57 -20.86
C THR P 1246 -61.42 -36.97 -20.23
N SER P 1247 -62.51 -37.71 -20.47
CA SER P 1247 -62.68 -39.05 -19.90
C SER P 1247 -61.60 -40.03 -20.37
N LEU P 1248 -61.31 -40.06 -21.67
CA LEU P 1248 -60.28 -40.93 -22.25
C LEU P 1248 -58.87 -40.39 -21.95
N GLY P 1249 -58.68 -39.08 -22.00
CA GLY P 1249 -57.41 -38.43 -21.69
C GLY P 1249 -56.93 -38.76 -20.29
N LYS P 1250 -57.82 -38.75 -19.29
CA LYS P 1250 -57.46 -39.14 -17.90
C LYS P 1250 -56.99 -40.59 -17.77
N ILE P 1251 -57.39 -41.47 -18.68
CA ILE P 1251 -56.96 -42.87 -18.70
C ILE P 1251 -55.57 -43.01 -19.36
N TYR P 1252 -55.36 -42.32 -20.49
CA TYR P 1252 -54.18 -42.55 -21.33
C TYR P 1252 -53.05 -41.51 -21.19
N ALA P 1253 -53.29 -40.34 -20.59
CA ALA P 1253 -52.30 -39.26 -20.52
C ALA P 1253 -51.03 -39.62 -19.75
N SER P 1254 -51.10 -40.58 -18.83
CA SER P 1254 -49.93 -41.11 -18.11
C SER P 1254 -49.05 -42.02 -18.98
N THR P 1255 -49.54 -42.46 -20.15
CA THR P 1255 -48.84 -43.37 -21.06
C THR P 1255 -48.72 -42.75 -22.45
N PRO P 1256 -47.67 -41.94 -22.72
CA PRO P 1256 -47.54 -41.14 -23.96
C PRO P 1256 -47.65 -41.91 -25.27
N ARG P 1257 -47.36 -43.22 -25.27
CA ARG P 1257 -47.52 -44.10 -26.46
C ARG P 1257 -48.98 -44.21 -26.94
N TYR P 1258 -49.95 -44.02 -26.05
CA TYR P 1258 -51.38 -44.12 -26.35
C TYR P 1258 -52.11 -42.78 -26.29
N PHE P 1259 -51.41 -41.70 -25.95
CA PHE P 1259 -51.93 -40.35 -25.90
C PHE P 1259 -51.05 -39.42 -26.76
N PRO P 1260 -51.27 -39.38 -28.09
CA PRO P 1260 -50.44 -38.63 -29.03
C PRO P 1260 -50.76 -37.14 -28.93
N LEU P 1261 -50.26 -36.48 -27.88
CA LEU P 1261 -50.63 -35.12 -27.49
C LEU P 1261 -50.54 -34.10 -28.64
N GLU P 1262 -49.44 -34.10 -29.40
CA GLU P 1262 -49.25 -33.15 -30.50
C GLU P 1262 -50.30 -33.34 -31.61
N PHE P 1263 -50.58 -34.59 -31.99
CA PHE P 1263 -51.64 -34.92 -32.93
C PHE P 1263 -53.01 -34.48 -32.41
N LEU P 1264 -53.32 -34.79 -31.14
CA LEU P 1264 -54.61 -34.44 -30.53
C LEU P 1264 -54.81 -32.93 -30.47
N VAL P 1265 -53.81 -32.16 -30.03
CA VAL P 1265 -53.87 -30.70 -29.99
C VAL P 1265 -54.08 -30.16 -31.41
N LYS P 1266 -53.27 -30.60 -32.38
CA LYS P 1266 -53.40 -30.16 -33.77
C LYS P 1266 -54.80 -30.47 -34.32
N TYR P 1267 -55.28 -31.69 -34.15
CA TYR P 1267 -56.55 -32.14 -34.72
C TYR P 1267 -57.73 -31.40 -34.07
N LEU P 1268 -57.75 -31.27 -32.74
CA LEU P 1268 -58.80 -30.54 -32.05
C LEU P 1268 -58.80 -29.06 -32.40
N GLU P 1269 -57.64 -28.42 -32.56
CA GLU P 1269 -57.57 -27.02 -32.99
C GLU P 1269 -58.10 -26.82 -34.42
N GLN P 1270 -57.88 -27.80 -35.30
CA GLN P 1270 -58.49 -27.81 -36.62
C GLN P 1270 -60.02 -27.90 -36.53
N GLN P 1271 -60.56 -28.73 -35.62
CA GLN P 1271 -62.00 -28.81 -35.40
C GLN P 1271 -62.57 -27.51 -34.80
N VAL P 1272 -61.87 -26.88 -33.86
CA VAL P 1272 -62.26 -25.56 -33.30
C VAL P 1272 -62.39 -24.53 -34.42
N CYS P 1273 -61.43 -24.47 -35.34
CA CYS P 1273 -61.51 -23.61 -36.51
C CYS P 1273 -62.66 -23.97 -37.45
N ASN P 1274 -62.87 -25.27 -37.73
CA ASN P 1274 -63.93 -25.74 -38.63
C ASN P 1274 -65.34 -25.41 -38.11
N PHE P 1275 -65.56 -25.54 -36.80
CA PHE P 1275 -66.85 -25.28 -36.16
C PHE P 1275 -66.98 -23.86 -35.57
N SER P 1276 -65.94 -23.03 -35.70
CA SER P 1276 -65.88 -21.68 -35.11
C SER P 1276 -66.16 -21.68 -33.60
N TRP P 1277 -65.56 -22.63 -32.89
CA TRP P 1277 -65.63 -22.72 -31.43
C TRP P 1277 -64.67 -21.75 -30.73
N ASP P 1278 -64.76 -21.69 -29.41
CA ASP P 1278 -63.83 -20.91 -28.57
C ASP P 1278 -62.40 -21.44 -28.71
N ALA P 1279 -61.45 -20.55 -29.00
CA ALA P 1279 -60.02 -20.87 -29.07
C ALA P 1279 -59.47 -21.41 -27.74
N GLY P 1280 -60.13 -21.12 -26.62
CA GLY P 1280 -59.77 -21.66 -25.31
C GLY P 1280 -60.07 -23.15 -25.14
N PHE P 1281 -60.93 -23.74 -25.97
CA PHE P 1281 -61.45 -25.10 -25.81
C PHE P 1281 -60.36 -26.18 -25.63
N VAL P 1282 -59.36 -26.21 -26.53
CA VAL P 1282 -58.32 -27.24 -26.51
C VAL P 1282 -57.41 -27.04 -25.30
N THR P 1283 -57.02 -25.80 -25.01
CA THR P 1283 -56.17 -25.48 -23.87
C THR P 1283 -56.82 -25.85 -22.54
N TYR P 1284 -58.12 -25.59 -22.41
CA TYR P 1284 -58.92 -25.94 -21.23
C TYR P 1284 -59.03 -27.47 -21.08
N THR P 1285 -59.41 -28.16 -22.15
CA THR P 1285 -59.57 -29.62 -22.16
C THR P 1285 -58.27 -30.34 -21.79
N MET P 1286 -57.13 -29.92 -22.35
CA MET P 1286 -55.83 -30.53 -22.04
C MET P 1286 -55.38 -30.27 -20.59
N GLN P 1287 -55.65 -29.09 -20.05
CA GLN P 1287 -55.38 -28.79 -18.64
C GLN P 1287 -56.26 -29.65 -17.71
N GLU P 1288 -57.53 -29.88 -18.05
CA GLU P 1288 -58.41 -30.74 -17.25
C GLU P 1288 -58.00 -32.23 -17.26
N ILE P 1289 -57.33 -32.67 -18.31
CA ILE P 1289 -56.69 -34.00 -18.40
C ILE P 1289 -55.44 -34.10 -17.51
N ASN P 1290 -54.96 -32.98 -16.95
CA ASN P 1290 -53.69 -32.82 -16.23
C ASN P 1290 -52.45 -32.85 -17.15
N VAL P 1291 -52.59 -32.42 -18.41
CA VAL P 1291 -51.42 -32.15 -19.25
C VAL P 1291 -50.67 -30.95 -18.66
N PRO P 1292 -49.38 -31.07 -18.31
CA PRO P 1292 -48.63 -29.96 -17.73
C PRO P 1292 -48.57 -28.75 -18.67
N VAL P 1293 -48.82 -27.55 -18.14
CA VAL P 1293 -48.77 -26.29 -18.90
C VAL P 1293 -47.46 -26.14 -19.70
N PRO P 1294 -46.27 -26.47 -19.15
CA PRO P 1294 -45.03 -26.40 -19.94
C PRO P 1294 -45.02 -27.34 -21.14
N LYS P 1295 -45.58 -28.55 -21.00
CA LYS P 1295 -45.64 -29.52 -22.09
C LYS P 1295 -46.62 -29.10 -23.16
N LEU P 1296 -47.75 -28.52 -22.76
CA LEU P 1296 -48.75 -28.00 -23.69
C LEU P 1296 -48.19 -26.80 -24.47
N LEU P 1297 -47.44 -25.90 -23.82
CA LEU P 1297 -46.77 -24.79 -24.49
C LEU P 1297 -45.74 -25.29 -25.52
N GLU P 1298 -44.94 -26.31 -25.18
CA GLU P 1298 -43.98 -26.93 -26.10
C GLU P 1298 -44.67 -27.44 -27.38
N VAL P 1299 -45.83 -28.07 -27.25
CA VAL P 1299 -46.63 -28.55 -28.39
C VAL P 1299 -47.14 -27.39 -29.23
N TYR P 1300 -47.72 -26.36 -28.62
CA TYR P 1300 -48.20 -25.19 -29.37
C TYR P 1300 -47.06 -24.43 -30.06
N ASP P 1301 -45.91 -24.29 -29.39
CA ASP P 1301 -44.71 -23.67 -29.96
C ASP P 1301 -44.22 -24.45 -31.19
N HIS P 1302 -44.20 -25.78 -31.11
CA HIS P 1302 -43.86 -26.63 -32.24
C HIS P 1302 -44.86 -26.47 -33.40
N LEU P 1303 -46.16 -26.54 -33.12
CA LEU P 1303 -47.22 -26.39 -34.13
C LEU P 1303 -47.17 -25.02 -34.82
N PHE P 1304 -46.86 -23.96 -34.07
CA PHE P 1304 -46.71 -22.62 -34.62
C PHE P 1304 -45.46 -22.52 -35.51
N LYS P 1305 -44.30 -23.00 -35.03
CA LYS P 1305 -43.03 -23.00 -35.78
C LYS P 1305 -43.05 -23.91 -37.01
N ALA P 1306 -43.91 -24.93 -37.04
CA ALA P 1306 -44.08 -25.81 -38.19
C ALA P 1306 -44.68 -25.09 -39.42
N ARG P 1307 -45.29 -23.91 -39.25
CA ARG P 1307 -45.83 -23.07 -40.35
C ARG P 1307 -46.75 -23.84 -41.31
N ASP P 1308 -47.64 -24.67 -40.75
CA ASP P 1308 -48.56 -25.50 -41.54
C ASP P 1308 -49.44 -24.61 -42.45
N PRO P 1309 -49.41 -24.77 -43.79
CA PRO P 1309 -50.22 -23.98 -44.71
C PRO P 1309 -51.74 -24.10 -44.47
N TRP P 1310 -52.19 -25.12 -43.73
CA TRP P 1310 -53.59 -25.32 -43.37
C TRP P 1310 -54.21 -24.07 -42.72
N TRP P 1311 -53.51 -23.41 -41.79
CA TRP P 1311 -54.02 -22.25 -41.05
C TRP P 1311 -54.29 -21.04 -41.95
N SER P 1312 -53.37 -20.78 -42.89
CA SER P 1312 -53.52 -19.72 -43.89
C SER P 1312 -54.65 -20.03 -44.87
N ARG P 1313 -54.78 -21.29 -45.31
CA ARG P 1313 -55.88 -21.73 -46.19
C ARG P 1313 -57.25 -21.57 -45.53
N MET P 1314 -57.33 -21.80 -44.22
CA MET P 1314 -58.55 -21.61 -43.41
C MET P 1314 -58.81 -20.14 -43.02
N LYS P 1315 -57.96 -19.20 -43.46
CA LYS P 1315 -58.03 -17.77 -43.10
C LYS P 1315 -57.96 -17.52 -41.59
N LYS P 1316 -57.24 -18.37 -40.86
CA LYS P 1316 -57.03 -18.30 -39.41
C LYS P 1316 -55.53 -18.39 -39.04
N PRO P 1317 -54.64 -17.56 -39.63
CA PRO P 1317 -53.19 -17.68 -39.41
C PRO P 1317 -52.75 -17.34 -37.98
N LEU P 1318 -53.57 -16.61 -37.22
CA LEU P 1318 -53.27 -16.19 -35.85
C LEU P 1318 -53.84 -17.14 -34.78
N HIS P 1319 -54.54 -18.20 -35.18
CA HIS P 1319 -55.29 -19.08 -34.27
C HIS P 1319 -54.41 -19.72 -33.19
N LEU P 1320 -53.29 -20.32 -33.60
CA LEU P 1320 -52.36 -20.93 -32.63
C LEU P 1320 -51.79 -19.91 -31.64
N LEU P 1321 -51.55 -18.67 -32.07
CA LEU P 1321 -51.09 -17.60 -31.19
C LEU P 1321 -52.18 -17.13 -30.23
N GLU P 1322 -53.45 -17.16 -30.65
CA GLU P 1322 -54.60 -16.92 -29.78
C GLU P 1322 -54.71 -18.01 -28.70
N SER P 1323 -54.59 -19.29 -29.06
CA SER P 1323 -54.54 -20.41 -28.11
C SER P 1323 -53.35 -20.29 -27.13
N ILE P 1324 -52.16 -19.94 -27.62
CA ILE P 1324 -50.97 -19.68 -26.78
C ILE P 1324 -51.24 -18.53 -25.81
N TYR P 1325 -51.85 -17.43 -26.28
CA TYR P 1325 -52.19 -16.30 -25.42
C TYR P 1325 -53.17 -16.70 -24.32
N ILE P 1326 -54.19 -17.51 -24.61
CA ILE P 1326 -55.15 -18.01 -23.62
C ILE P 1326 -54.45 -18.90 -22.59
N LEU P 1327 -53.61 -19.84 -23.04
CA LEU P 1327 -52.83 -20.73 -22.17
C LEU P 1327 -51.96 -19.95 -21.19
N LEU P 1328 -51.16 -19.01 -21.72
CA LEU P 1328 -50.24 -18.21 -20.91
C LEU P 1328 -50.96 -17.19 -20.03
N SER P 1329 -52.08 -16.63 -20.48
CA SER P 1329 -52.93 -15.78 -19.64
C SER P 1329 -53.47 -16.56 -18.44
N GLY P 1330 -53.87 -17.81 -18.64
CA GLY P 1330 -54.28 -18.71 -17.57
C GLY P 1330 -53.16 -19.01 -16.57
N TYR P 1331 -51.93 -19.20 -17.05
CA TYR P 1331 -50.76 -19.35 -16.16
C TYR P 1331 -50.46 -18.07 -15.37
N VAL P 1332 -50.57 -16.90 -15.98
CA VAL P 1332 -50.34 -15.62 -15.30
C VAL P 1332 -51.39 -15.36 -14.22
N GLN P 1333 -52.65 -15.75 -14.45
CA GLN P 1333 -53.72 -15.64 -13.47
C GLN P 1333 -53.55 -16.63 -12.31
N GLU P 1334 -53.08 -17.85 -12.60
CA GLU P 1334 -52.88 -18.89 -11.59
C GLU P 1334 -51.49 -19.55 -11.74
N PRO P 1335 -50.42 -18.92 -11.21
CA PRO P 1335 -49.06 -19.44 -11.32
C PRO P 1335 -48.84 -20.78 -10.58
N SER P 1336 -49.77 -21.18 -9.71
CA SER P 1336 -49.78 -22.48 -9.02
C SER P 1336 -50.03 -23.67 -9.94
N LYS P 1337 -50.53 -23.46 -11.17
CA LYS P 1337 -50.64 -24.50 -12.20
C LYS P 1337 -49.29 -25.10 -12.60
N VAL P 1338 -48.21 -24.36 -12.35
CA VAL P 1338 -46.84 -24.82 -12.54
C VAL P 1338 -46.20 -25.03 -11.17
N PRO P 1339 -45.59 -26.20 -10.91
CA PRO P 1339 -44.88 -26.48 -9.67
C PRO P 1339 -43.87 -25.38 -9.33
N SER P 1340 -43.80 -25.01 -8.04
CA SER P 1340 -42.98 -23.88 -7.57
C SER P 1340 -41.51 -24.00 -7.95
N TYR P 1341 -40.96 -25.22 -7.98
CA TYR P 1341 -39.54 -25.47 -8.28
C TYR P 1341 -39.16 -25.18 -9.73
N GLU P 1342 -40.11 -25.20 -10.68
CA GLU P 1342 -39.83 -24.93 -12.09
C GLU P 1342 -40.41 -23.61 -12.60
N ARG P 1343 -41.22 -22.92 -11.78
CA ARG P 1343 -41.93 -21.68 -12.15
C ARG P 1343 -41.01 -20.61 -12.73
N ARG P 1344 -39.88 -20.31 -12.09
CA ARG P 1344 -38.94 -19.27 -12.57
C ARG P 1344 -38.39 -19.61 -13.95
N ARG P 1345 -37.94 -20.85 -14.13
CA ARG P 1345 -37.43 -21.36 -15.42
C ARG P 1345 -38.51 -21.27 -16.49
N PHE P 1346 -39.74 -21.68 -16.14
CA PHE P 1346 -40.87 -21.64 -17.06
C PHE P 1346 -41.26 -20.20 -17.45
N THR P 1347 -41.31 -19.26 -16.51
CA THR P 1347 -41.56 -17.84 -16.81
C THR P 1347 -40.51 -17.27 -17.77
N THR P 1348 -39.22 -17.58 -17.58
CA THR P 1348 -38.16 -17.17 -18.53
C THR P 1348 -38.39 -17.77 -19.92
N LEU P 1349 -38.72 -19.06 -20.01
CA LEU P 1349 -39.06 -19.70 -21.29
C LEU P 1349 -40.25 -19.03 -21.98
N CYS P 1350 -41.28 -18.62 -21.22
CA CYS P 1350 -42.41 -17.88 -21.76
C CYS P 1350 -42.00 -16.50 -22.29
N LEU P 1351 -41.13 -15.76 -21.58
CA LEU P 1351 -40.65 -14.45 -22.03
C LEU P 1351 -39.84 -14.54 -23.34
N ASP P 1352 -38.99 -15.56 -23.45
CA ASP P 1352 -38.22 -15.82 -24.67
C ASP P 1352 -39.14 -16.21 -25.84
N ALA P 1353 -40.11 -17.10 -25.60
CA ALA P 1353 -41.09 -17.51 -26.60
C ALA P 1353 -41.95 -16.35 -27.10
N ILE P 1354 -42.47 -15.51 -26.19
CA ILE P 1354 -43.25 -14.32 -26.54
C ILE P 1354 -42.43 -13.34 -27.37
N SER P 1355 -41.15 -13.16 -27.03
CA SER P 1355 -40.24 -12.31 -27.80
C SER P 1355 -40.11 -12.82 -29.24
N CYS P 1356 -39.97 -14.14 -29.44
CA CYS P 1356 -39.97 -14.77 -30.76
C CYS P 1356 -41.31 -14.55 -31.50
N TYR P 1357 -42.45 -14.77 -30.85
CA TYR P 1357 -43.77 -14.58 -31.47
C TYR P 1357 -44.00 -13.13 -31.90
N LEU P 1358 -43.56 -12.16 -31.11
CA LEU P 1358 -43.66 -10.73 -31.44
C LEU P 1358 -42.82 -10.36 -32.67
N VAL P 1359 -41.62 -10.93 -32.82
CA VAL P 1359 -40.78 -10.72 -34.01
C VAL P 1359 -41.46 -11.30 -35.26
N GLU P 1360 -42.04 -12.50 -35.17
CA GLU P 1360 -42.74 -13.09 -36.31
C GLU P 1360 -44.01 -12.31 -36.68
N LEU P 1361 -44.80 -11.87 -35.70
CA LEU P 1361 -45.99 -11.03 -35.94
C LEU P 1361 -45.64 -9.71 -36.64
N GLN P 1362 -44.47 -9.12 -36.36
CA GLN P 1362 -44.01 -7.90 -37.03
C GLN P 1362 -43.67 -8.12 -38.51
N SER P 1363 -43.36 -9.34 -38.91
CA SER P 1363 -43.04 -9.69 -40.31
C SER P 1363 -44.28 -9.90 -41.18
N MET P 1364 -45.48 -9.99 -40.57
CA MET P 1364 -46.74 -10.21 -41.27
C MET P 1364 -47.42 -8.89 -41.64
N ASP P 1365 -48.33 -8.94 -42.61
CA ASP P 1365 -49.06 -7.76 -43.06
C ASP P 1365 -49.93 -7.17 -41.92
N PRO P 1366 -49.91 -5.83 -41.75
CA PRO P 1366 -50.65 -5.18 -40.67
C PRO P 1366 -52.16 -5.25 -40.91
N ALA P 1367 -52.81 -6.14 -40.16
CA ALA P 1367 -54.27 -6.25 -40.06
C ALA P 1367 -54.74 -5.88 -38.65
N PRO P 1368 -55.99 -5.40 -38.46
CA PRO P 1368 -56.51 -5.06 -37.12
C PRO P 1368 -56.42 -6.22 -36.12
N ALA P 1369 -56.68 -7.45 -36.57
CA ALA P 1369 -56.54 -8.66 -35.75
C ALA P 1369 -55.08 -8.88 -35.30
N LEU P 1370 -54.13 -8.67 -36.21
CA LEU P 1370 -52.70 -8.82 -35.92
C LEU P 1370 -52.23 -7.78 -34.88
N LEU P 1371 -52.66 -6.53 -35.03
CA LEU P 1371 -52.33 -5.47 -34.07
C LEU P 1371 -52.90 -5.77 -32.67
N ASN P 1372 -54.10 -6.34 -32.60
CA ASN P 1372 -54.68 -6.79 -31.33
C ASN P 1372 -53.86 -7.93 -30.70
N THR P 1373 -53.46 -8.93 -31.50
CA THR P 1373 -52.59 -10.02 -31.04
C THR P 1373 -51.26 -9.50 -30.52
N VAL P 1374 -50.61 -8.56 -31.22
CA VAL P 1374 -49.37 -7.91 -30.76
C VAL P 1374 -49.58 -7.18 -29.43
N SER P 1375 -50.69 -6.44 -29.27
CA SER P 1375 -51.03 -5.75 -28.02
C SER P 1375 -51.21 -6.74 -26.85
N ASN P 1376 -51.92 -7.84 -27.10
CA ASN P 1376 -52.15 -8.90 -26.13
C ASN P 1376 -50.84 -9.53 -25.66
N PHE P 1377 -49.92 -9.85 -26.57
CA PHE P 1377 -48.61 -10.41 -26.22
C PHE P 1377 -47.72 -9.43 -25.47
N LYS P 1378 -47.73 -8.13 -25.81
CA LYS P 1378 -47.01 -7.10 -25.04
C LYS P 1378 -47.55 -6.96 -23.61
N SER P 1379 -48.87 -6.99 -23.45
CA SER P 1379 -49.52 -6.99 -22.13
C SER P 1379 -49.16 -8.24 -21.33
N LEU P 1380 -49.14 -9.40 -21.98
CA LEU P 1380 -48.77 -10.67 -21.37
C LEU P 1380 -47.29 -10.68 -20.94
N GLN P 1381 -46.38 -10.17 -21.78
CA GLN P 1381 -44.96 -10.00 -21.47
C GLN P 1381 -44.77 -9.16 -20.19
N ALA P 1382 -45.42 -7.99 -20.11
CA ALA P 1382 -45.35 -7.12 -18.94
C ALA P 1382 -45.91 -7.77 -17.65
N LYS P 1383 -46.87 -8.69 -17.77
CA LYS P 1383 -47.40 -9.45 -16.62
C LYS P 1383 -46.44 -10.58 -16.20
N LEU P 1384 -45.80 -11.26 -17.15
CA LEU P 1384 -44.81 -12.31 -16.88
C LEU P 1384 -43.53 -11.74 -16.25
N GLU P 1385 -43.09 -10.56 -16.67
CA GLU P 1385 -41.97 -9.84 -16.04
C GLU P 1385 -42.22 -9.51 -14.55
N ARG P 1386 -43.49 -9.37 -14.14
CA ARG P 1386 -43.85 -9.19 -12.71
C ARG P 1386 -43.86 -10.49 -11.92
N LEU P 1387 -43.92 -11.64 -12.61
CA LEU P 1387 -43.93 -12.98 -12.01
C LEU P 1387 -42.52 -13.59 -11.90
N SER P 1388 -41.58 -13.15 -12.74
CA SER P 1388 -40.17 -13.54 -12.70
C SER P 1388 -39.45 -12.88 -11.53
N MET Q 1 -76.74 73.57 56.35
CA MET Q 1 -77.02 72.75 55.15
C MET Q 1 -78.04 71.67 55.54
N ARG Q 2 -79.23 71.64 54.93
CA ARG Q 2 -80.17 70.52 55.13
C ARG Q 2 -79.59 69.29 54.41
N ARG Q 3 -79.45 68.16 55.11
CA ARG Q 3 -79.03 66.91 54.49
C ARG Q 3 -80.12 66.43 53.54
N SER Q 4 -79.75 66.00 52.34
CA SER Q 4 -80.71 65.46 51.39
C SER Q 4 -81.26 64.11 51.87
N LYS Q 5 -82.45 63.72 51.42
CA LYS Q 5 -83.02 62.39 51.70
C LYS Q 5 -82.04 61.26 51.33
N ALA Q 6 -81.36 61.39 50.19
CA ALA Q 6 -80.39 60.43 49.70
C ALA Q 6 -79.14 60.33 50.61
N GLU Q 7 -78.64 61.46 51.12
CA GLU Q 7 -77.53 61.46 52.10
C GLU Q 7 -77.93 60.78 53.40
N ILE Q 8 -79.13 61.09 53.92
CA ILE Q 8 -79.64 60.46 55.15
C ILE Q 8 -79.80 58.97 54.92
N GLN Q 9 -80.41 58.57 53.81
CA GLN Q 9 -80.62 57.15 53.51
C GLN Q 9 -79.30 56.38 53.37
N ARG Q 10 -78.30 56.92 52.67
CA ARG Q 10 -76.94 56.34 52.62
C ARG Q 10 -76.31 56.22 54.01
N TYR Q 11 -76.46 57.23 54.85
CA TYR Q 11 -75.97 57.19 56.24
C TYR Q 11 -76.69 56.10 57.06
N VAL Q 12 -78.01 56.00 56.93
CA VAL Q 12 -78.81 54.97 57.61
C VAL Q 12 -78.42 53.57 57.13
N GLU Q 13 -78.30 53.35 55.81
CA GLU Q 13 -77.89 52.06 55.23
C GLU Q 13 -76.49 51.65 55.71
N ASN Q 14 -75.51 52.56 55.69
CA ASN Q 14 -74.17 52.31 56.22
C ASN Q 14 -74.20 52.00 57.74
N ALA Q 15 -74.99 52.74 58.51
CA ALA Q 15 -75.13 52.53 59.94
C ALA Q 15 -75.88 51.23 60.30
N GLN Q 16 -76.75 50.74 59.40
CA GLN Q 16 -77.46 49.46 59.52
C GLN Q 16 -76.60 48.28 59.05
N ASN Q 17 -75.74 48.44 58.04
CA ASN Q 17 -74.83 47.41 57.55
C ASN Q 17 -73.68 47.13 58.55
N SER Q 18 -73.26 48.15 59.30
CA SER Q 18 -72.25 48.03 60.35
C SER Q 18 -72.76 47.42 61.66
N ALA Q 19 -74.08 47.30 61.85
CA ALA Q 19 -74.65 46.79 63.08
C ALA Q 19 -74.71 45.26 63.08
N SER Q 20 -74.20 44.65 64.14
CA SER Q 20 -73.99 43.20 64.30
C SER Q 20 -75.29 42.42 64.54
N SER Q 21 -76.27 43.07 65.18
CA SER Q 21 -77.54 42.44 65.56
C SER Q 21 -78.76 43.28 65.13
N PRO Q 22 -79.93 42.67 64.91
CA PRO Q 22 -81.18 43.40 64.67
C PRO Q 22 -81.50 44.40 65.78
N ARG Q 23 -81.20 44.04 67.05
CA ARG Q 23 -81.36 44.91 68.21
C ARG Q 23 -80.50 46.16 68.11
N GLU Q 24 -79.24 46.04 67.70
CA GLU Q 24 -78.33 47.17 67.52
C GLU Q 24 -78.79 48.11 66.39
N LYS Q 25 -79.37 47.57 65.30
CA LYS Q 25 -79.98 48.37 64.23
C LYS Q 25 -81.13 49.23 64.77
N SER Q 26 -82.03 48.61 65.52
CA SER Q 26 -83.18 49.29 66.13
C SER Q 26 -82.78 50.34 67.18
N MET Q 27 -81.71 50.10 67.95
CA MET Q 27 -81.18 51.07 68.91
C MET Q 27 -80.73 52.40 68.27
N LYS Q 28 -80.28 52.39 67.01
CA LYS Q 28 -79.95 53.61 66.25
C LYS Q 28 -81.19 54.30 65.66
N GLY Q 29 -82.36 53.68 65.73
CA GLY Q 29 -83.61 54.14 65.10
C GLY Q 29 -84.08 55.52 65.54
N PHE Q 30 -83.86 55.92 66.81
CA PHE Q 30 -84.23 57.27 67.28
C PHE Q 30 -83.41 58.38 66.59
N LEU Q 31 -82.10 58.16 66.38
CA LEU Q 31 -81.25 59.09 65.65
C LEU Q 31 -81.70 59.21 64.20
N PHE Q 32 -82.00 58.08 63.55
CA PHE Q 32 -82.50 58.07 62.17
C PHE Q 32 -83.84 58.81 62.07
N ALA Q 33 -84.73 58.62 63.04
CA ALA Q 33 -86.01 59.30 63.08
C ALA Q 33 -85.86 60.83 63.15
N ARG Q 34 -84.92 61.32 63.97
CA ARG Q 34 -84.61 62.75 64.06
C ARG Q 34 -84.04 63.31 62.76
N LEU Q 35 -83.15 62.58 62.10
CA LEU Q 35 -82.61 62.97 60.79
C LEU Q 35 -83.71 63.04 59.72
N TYR Q 36 -84.59 62.04 59.66
CA TYR Q 36 -85.73 62.05 58.74
C TYR Q 36 -86.71 63.19 59.02
N TYR Q 37 -86.93 63.53 60.29
CA TYR Q 37 -87.75 64.67 60.67
C TYR Q 37 -87.16 66.01 60.23
N GLU Q 38 -85.85 66.20 60.41
CA GLU Q 38 -85.14 67.40 59.91
C GLU Q 38 -85.22 67.53 58.37
N ALA Q 39 -85.36 66.38 57.68
CA ALA Q 39 -85.61 66.31 56.24
C ALA Q 39 -87.09 66.38 55.84
N LYS Q 40 -88.03 66.55 56.80
CA LYS Q 40 -89.49 66.54 56.60
C LYS Q 40 -90.06 65.22 56.04
N GLU Q 41 -89.31 64.12 56.15
CA GLU Q 41 -89.74 62.79 55.72
C GLU Q 41 -90.45 62.06 56.89
N TYR Q 42 -91.65 62.52 57.25
CA TYR Q 42 -92.34 62.11 58.47
C TYR Q 42 -92.68 60.60 58.51
N GLU Q 43 -93.02 60.00 57.38
CA GLU Q 43 -93.29 58.55 57.29
C GLU Q 43 -92.06 57.69 57.64
N LEU Q 44 -90.88 58.08 57.13
CA LEU Q 44 -89.63 57.39 57.43
C LEU Q 44 -89.19 57.64 58.88
N ALA Q 45 -89.46 58.84 59.40
CA ALA Q 45 -89.23 59.16 60.80
C ALA Q 45 -90.07 58.27 61.73
N LYS Q 46 -91.37 58.10 61.42
CA LYS Q 46 -92.28 57.21 62.17
C LYS Q 46 -91.79 55.77 62.15
N ARG Q 47 -91.44 55.22 60.97
CA ARG Q 47 -90.93 53.84 60.89
C ARG Q 47 -89.65 53.65 61.71
N SER Q 48 -88.75 54.63 61.67
CA SER Q 48 -87.48 54.60 62.39
C SER Q 48 -87.67 54.68 63.91
N VAL Q 49 -88.55 55.56 64.40
CA VAL Q 49 -88.85 55.67 65.83
C VAL Q 49 -89.68 54.48 66.32
N SER Q 50 -90.61 53.95 65.53
CA SER Q 50 -91.37 52.74 65.91
C SER Q 50 -90.47 51.52 66.02
N SER Q 51 -89.48 51.37 65.12
CA SER Q 51 -88.45 50.33 65.22
C SER Q 51 -87.55 50.50 66.45
N TYR Q 52 -87.32 51.74 66.89
CA TYR Q 52 -86.60 52.01 68.14
C TYR Q 52 -87.45 51.70 69.37
N ILE Q 53 -88.72 52.11 69.38
CA ILE Q 53 -89.66 51.89 70.49
C ILE Q 53 -89.87 50.39 70.72
N SER Q 54 -89.87 49.54 69.68
CA SER Q 54 -90.00 48.09 69.84
C SER Q 54 -88.83 47.43 70.58
N VAL Q 55 -87.68 48.11 70.71
CA VAL Q 55 -86.53 47.66 71.49
C VAL Q 55 -86.38 48.41 72.81
N GLN Q 56 -86.72 49.70 72.83
CA GLN Q 56 -86.67 50.58 74.00
C GLN Q 56 -88.04 51.13 74.34
N GLU Q 57 -88.96 50.25 74.74
CA GLU Q 57 -90.35 50.60 75.01
C GLU Q 57 -90.53 51.62 76.15
N ARG Q 58 -89.55 51.70 77.07
CA ARG Q 58 -89.60 52.57 78.26
C ARG Q 58 -88.89 53.91 78.09
N ASP Q 59 -88.55 54.32 76.87
CA ASP Q 59 -87.96 55.64 76.59
C ASP Q 59 -89.06 56.71 76.37
N PRO Q 60 -89.27 57.66 77.30
CA PRO Q 60 -90.29 58.71 77.16
C PRO Q 60 -90.03 59.62 75.96
N LYS Q 61 -88.76 59.86 75.60
CA LYS Q 61 -88.40 60.78 74.51
C LYS Q 61 -88.86 60.23 73.16
N ALA Q 62 -88.77 58.92 72.97
CA ALA Q 62 -89.24 58.26 71.75
C ALA Q 62 -90.75 58.33 71.60
N HIS Q 63 -91.51 58.07 72.68
CA HIS Q 63 -92.98 58.21 72.67
C HIS Q 63 -93.42 59.66 72.45
N ARG Q 64 -92.74 60.64 73.07
CA ARG Q 64 -92.98 62.07 72.81
C ARG Q 64 -92.74 62.40 71.34
N PHE Q 65 -91.62 61.97 70.78
CA PHE Q 65 -91.28 62.25 69.38
C PHE Q 65 -92.26 61.59 68.41
N LEU Q 66 -92.70 60.36 68.67
CA LEU Q 66 -93.74 59.70 67.89
C LEU Q 66 -95.07 60.46 67.97
N GLY Q 67 -95.44 60.98 69.13
CA GLY Q 67 -96.62 61.84 69.29
C GLY Q 67 -96.53 63.11 68.44
N GLN Q 68 -95.36 63.76 68.39
CA GLN Q 68 -95.13 64.94 67.54
C GLN Q 68 -95.30 64.62 66.06
N LEU Q 69 -94.85 63.45 65.60
CA LEU Q 69 -95.02 63.01 64.23
C LEU Q 69 -96.51 62.79 63.89
N PHE Q 70 -97.27 62.16 64.78
CA PHE Q 70 -98.72 61.98 64.58
C PHE Q 70 -99.49 63.29 64.62
N GLU Q 71 -99.06 64.24 65.45
CA GLU Q 71 -99.68 65.57 65.53
C GLU Q 71 -99.51 66.35 64.23
N ILE Q 72 -98.32 66.30 63.62
CA ILE Q 72 -98.03 66.94 62.32
C ILE Q 72 -98.88 66.35 61.18
N GLU Q 73 -99.21 65.07 61.26
CA GLU Q 73 -100.11 64.40 60.30
C GLU Q 73 -101.59 64.71 60.52
N GLY Q 74 -101.94 65.42 61.60
CA GLY Q 74 -103.32 65.66 62.00
C GLY Q 74 -104.00 64.45 62.64
N ASN Q 75 -103.26 63.38 62.96
CA ASN Q 75 -103.81 62.22 63.69
C ASN Q 75 -103.78 62.46 65.20
N VAL Q 76 -104.69 63.33 65.66
CA VAL Q 76 -104.73 63.81 67.04
C VAL Q 76 -104.91 62.68 68.06
N GLU Q 77 -105.76 61.68 67.80
CA GLU Q 77 -106.01 60.59 68.76
C GLU Q 77 -104.76 59.71 68.98
N LYS Q 78 -104.01 59.38 67.91
CA LYS Q 78 -102.75 58.65 68.04
C LYS Q 78 -101.67 59.49 68.71
N ALA Q 79 -101.61 60.79 68.42
CA ALA Q 79 -100.69 61.71 69.07
C ALA Q 79 -100.94 61.75 70.59
N VAL Q 80 -102.20 61.94 71.00
CA VAL Q 80 -102.61 61.91 72.41
C VAL Q 80 -102.25 60.58 73.07
N GLY Q 81 -102.43 59.45 72.40
CA GLY Q 81 -102.02 58.14 72.89
C GLY Q 81 -100.50 58.04 73.16
N CYS Q 82 -99.67 58.50 72.21
CA CYS Q 82 -98.22 58.50 72.35
C CYS Q 82 -97.74 59.46 73.46
N TYR Q 83 -98.38 60.62 73.57
CA TYR Q 83 -98.09 61.60 74.62
C TYR Q 83 -98.49 61.09 76.01
N LYS Q 84 -99.64 60.43 76.14
CA LYS Q 84 -100.03 59.76 77.40
C LYS Q 84 -98.97 58.74 77.82
N ARG Q 85 -98.50 57.91 76.88
CA ARG Q 85 -97.46 56.92 77.16
C ARG Q 85 -96.14 57.55 77.59
N SER Q 86 -95.72 58.63 76.95
CA SER Q 86 -94.55 59.40 77.36
C SER Q 86 -94.71 59.99 78.76
N LEU Q 87 -95.89 60.54 79.09
CA LEU Q 87 -96.18 61.11 80.40
C LEU Q 87 -96.23 60.05 81.50
N GLU Q 88 -96.75 58.86 81.21
CA GLU Q 88 -96.74 57.71 82.13
C GLU Q 88 -95.31 57.27 82.48
N LEU Q 89 -94.42 57.23 81.47
CA LEU Q 89 -93.03 56.82 81.66
C LEU Q 89 -92.20 57.90 82.38
N ASN Q 90 -92.49 59.17 82.13
CA ASN Q 90 -91.86 60.29 82.84
C ASN Q 90 -92.87 61.40 83.17
N PRO Q 91 -93.44 61.38 84.40
CA PRO Q 91 -94.42 62.35 84.87
C PRO Q 91 -93.89 63.78 85.04
N THR Q 92 -92.57 64.02 84.96
CA THR Q 92 -92.01 65.37 85.13
C THR Q 92 -92.32 66.30 83.95
N GLN Q 93 -92.82 65.76 82.84
CA GLN Q 93 -93.17 66.48 81.61
C GLN Q 93 -94.51 67.22 81.75
N LYS Q 94 -94.53 68.30 82.53
CA LYS Q 94 -95.75 69.10 82.78
C LYS Q 94 -96.34 69.69 81.50
N ASP Q 95 -95.49 70.15 80.59
CA ASP Q 95 -95.85 70.72 79.29
C ASP Q 95 -96.71 69.77 78.45
N LEU Q 96 -96.43 68.47 78.53
CA LEU Q 96 -97.17 67.44 77.80
C LEU Q 96 -98.61 67.30 78.31
N THR Q 97 -98.85 67.53 79.60
CA THR Q 97 -100.20 67.52 80.17
C THR Q 97 -101.06 68.63 79.57
N LEU Q 98 -100.48 69.84 79.42
CA LEU Q 98 -101.15 70.96 78.76
C LEU Q 98 -101.42 70.65 77.28
N ARG Q 99 -100.42 70.13 76.55
CA ARG Q 99 -100.59 69.79 75.14
C ARG Q 99 -101.66 68.72 74.90
N ILE Q 100 -101.73 67.70 75.77
CA ILE Q 100 -102.79 66.68 75.71
C ILE Q 100 -104.17 67.33 75.91
N ALA Q 101 -104.31 68.23 76.88
CA ALA Q 101 -105.58 68.93 77.12
C ALA Q 101 -106.00 69.76 75.90
N GLU Q 102 -105.07 70.54 75.31
CA GLU Q 102 -105.31 71.32 74.09
C GLU Q 102 -105.78 70.44 72.91
N LEU Q 103 -105.09 69.33 72.67
CA LEU Q 103 -105.41 68.41 71.58
C LEU Q 103 -106.78 67.74 71.77
N ILE Q 104 -107.13 67.34 72.99
CA ILE Q 104 -108.43 66.75 73.28
C ILE Q 104 -109.56 67.77 73.08
N CYS Q 105 -109.41 69.00 73.59
CA CYS Q 105 -110.39 70.07 73.38
C CYS Q 105 -110.54 70.42 71.89
N THR Q 106 -109.45 70.39 71.12
CA THR Q 106 -109.50 70.62 69.66
C THR Q 106 -110.24 69.51 68.92
N LEU Q 107 -110.08 68.25 69.36
CA LEU Q 107 -110.72 67.09 68.74
C LEU Q 107 -112.22 67.02 69.03
N ASN Q 108 -112.58 67.02 70.32
CA ASN Q 108 -113.97 66.93 70.76
C ASN Q 108 -114.13 67.52 72.18
N ILE Q 109 -114.71 68.72 72.25
CA ILE Q 109 -114.99 69.42 73.52
C ILE Q 109 -115.96 68.62 74.40
N LYS Q 110 -116.87 67.83 73.82
CA LYS Q 110 -117.85 67.00 74.55
C LYS Q 110 -117.26 65.69 75.09
N ASP Q 111 -115.97 65.45 74.88
CA ASP Q 111 -115.29 64.28 75.42
C ASP Q 111 -115.07 64.45 76.93
N GLY Q 112 -115.62 63.55 77.75
CA GLY Q 112 -115.42 63.58 79.21
C GLY Q 112 -113.96 63.48 79.65
N ARG Q 113 -113.05 63.02 78.77
CA ARG Q 113 -111.59 63.08 78.99
C ARG Q 113 -111.09 64.52 79.07
N ALA Q 114 -111.72 65.46 78.36
CA ALA Q 114 -111.27 66.85 78.26
C ALA Q 114 -111.28 67.53 79.64
N GLU Q 115 -112.37 67.40 80.40
CA GLU Q 115 -112.47 67.93 81.77
C GLU Q 115 -111.35 67.40 82.68
N TYR Q 116 -111.08 66.11 82.63
CA TYR Q 116 -110.01 65.49 83.42
C TYR Q 116 -108.63 66.07 83.07
N TRP Q 117 -108.30 66.20 81.78
CA TRP Q 117 -107.00 66.69 81.34
C TRP Q 117 -106.83 68.19 81.58
N VAL Q 118 -107.89 68.98 81.39
CA VAL Q 118 -107.89 70.42 81.68
C VAL Q 118 -107.74 70.67 83.18
N GLU Q 119 -108.43 69.90 84.03
CA GLU Q 119 -108.30 70.06 85.49
C GLU Q 119 -106.93 69.59 85.99
N ARG Q 120 -106.39 68.51 85.42
CA ARG Q 120 -105.02 68.06 85.70
C ARG Q 120 -103.98 69.11 85.26
N ALA Q 121 -104.18 69.74 84.10
CA ALA Q 121 -103.33 70.85 83.65
C ALA Q 121 -103.46 72.08 84.56
N SER Q 122 -104.67 72.41 85.01
CA SER Q 122 -104.96 73.52 85.93
C SER Q 122 -104.19 73.42 87.24
N LYS Q 123 -104.03 72.20 87.78
CA LYS Q 123 -103.23 71.96 88.99
C LYS Q 123 -101.73 72.15 88.76
N LEU Q 124 -101.25 71.92 87.53
CA LEU Q 124 -99.83 72.06 87.19
C LEU Q 124 -99.44 73.50 86.83
N PHE Q 125 -100.34 74.26 86.22
CA PHE Q 125 -100.13 75.64 85.80
C PHE Q 125 -101.26 76.56 86.29
N PRO Q 126 -101.33 76.84 87.60
CA PRO Q 126 -102.36 77.73 88.14
C PRO Q 126 -102.28 79.11 87.48
N GLY Q 127 -103.44 79.61 87.05
CA GLY Q 127 -103.57 80.89 86.36
C GLY Q 127 -102.86 80.91 85.00
N SER Q 128 -102.74 79.82 84.24
CA SER Q 128 -102.27 79.95 82.85
C SER Q 128 -103.39 80.51 81.95
N PRO Q 129 -103.13 81.53 81.09
CA PRO Q 129 -104.14 82.03 80.14
C PRO Q 129 -104.65 80.93 79.19
N GLU Q 130 -103.78 80.00 78.80
CA GLU Q 130 -104.19 78.88 77.92
C GLU Q 130 -105.16 77.93 78.63
N ILE Q 131 -104.99 77.71 79.93
CA ILE Q 131 -105.91 76.87 80.71
C ILE Q 131 -107.25 77.57 80.90
N TYR Q 132 -107.24 78.88 81.14
CA TYR Q 132 -108.45 79.69 81.15
C TYR Q 132 -109.22 79.53 79.82
N ARG Q 133 -108.54 79.64 78.66
CA ARG Q 133 -109.18 79.44 77.34
C ARG Q 133 -109.76 78.04 77.16
N LEU Q 134 -109.06 76.99 77.60
CA LEU Q 134 -109.58 75.62 77.52
C LEU Q 134 -110.80 75.41 78.42
N LYS Q 135 -110.78 75.96 79.64
CA LYS Q 135 -111.92 75.93 80.55
C LYS Q 135 -113.10 76.72 79.99
N GLU Q 136 -112.87 77.90 79.41
CA GLU Q 136 -113.89 78.68 78.71
C GLU Q 136 -114.55 77.87 77.59
N GLN Q 137 -113.75 77.21 76.73
CA GLN Q 137 -114.26 76.37 75.65
C GLN Q 137 -115.13 75.22 76.18
N LEU Q 138 -114.70 74.53 77.23
CA LEU Q 138 -115.49 73.45 77.84
C LEU Q 138 -116.82 73.96 78.38
N LEU Q 139 -116.80 75.03 79.19
CA LEU Q 139 -117.98 75.56 79.86
C LEU Q 139 -118.97 76.21 78.89
N SER Q 140 -118.47 76.85 77.83
CA SER Q 140 -119.33 77.43 76.78
C SER Q 140 -120.20 76.38 76.07
N SER Q 141 -119.82 75.10 76.11
CA SER Q 141 -120.58 74.00 75.53
C SER Q 141 -121.69 73.44 76.43
N GLN Q 142 -121.71 73.80 77.71
CA GLN Q 142 -122.56 73.19 78.75
C GLN Q 142 -123.87 73.95 79.04
N GLY Q 143 -124.22 74.98 78.25
CA GLY Q 143 -125.47 75.73 78.43
C GLY Q 143 -125.53 76.51 79.76
N GLU Q 144 -126.67 76.48 80.44
CA GLU Q 144 -126.91 77.27 81.67
C GLU Q 144 -126.04 76.84 82.87
N ALA Q 145 -125.81 75.54 83.07
CA ALA Q 145 -124.90 75.05 84.11
C ALA Q 145 -123.46 75.53 83.84
N GLY Q 146 -123.07 75.52 82.55
CA GLY Q 146 -121.82 76.09 82.08
C GLY Q 146 -121.72 77.59 82.29
N TRP Q 147 -122.82 78.33 82.19
CA TRP Q 147 -122.85 79.78 82.39
C TRP Q 147 -122.42 80.18 83.81
N ASN Q 148 -123.00 79.56 84.84
CA ASN Q 148 -122.65 79.89 86.24
C ASN Q 148 -121.19 79.55 86.54
N GLN Q 149 -120.72 78.39 86.09
CA GLN Q 149 -119.32 77.98 86.26
C GLN Q 149 -118.36 78.89 85.47
N LEU Q 150 -118.77 79.35 84.29
CA LEU Q 150 -117.99 80.28 83.47
C LEU Q 150 -117.91 81.65 84.14
N PHE Q 151 -119.02 82.12 84.71
CA PHE Q 151 -119.04 83.35 85.50
C PHE Q 151 -118.08 83.26 86.68
N ASP Q 152 -118.12 82.18 87.46
CA ASP Q 152 -117.22 81.96 88.60
C ASP Q 152 -115.74 81.88 88.16
N LEU Q 153 -115.47 81.22 87.04
CA LEU Q 153 -114.12 81.12 86.45
C LEU Q 153 -113.60 82.50 86.05
N ILE Q 154 -114.42 83.32 85.38
CA ILE Q 154 -114.07 84.67 84.97
C ILE Q 154 -113.80 85.55 86.20
N GLN Q 155 -114.63 85.48 87.24
CA GLN Q 155 -114.40 86.23 88.47
C GLN Q 155 -113.09 85.82 89.15
N ALA Q 156 -112.77 84.52 89.19
CA ALA Q 156 -111.51 84.02 89.74
C ALA Q 156 -110.29 84.49 88.92
N GLU Q 157 -110.37 84.47 87.59
CA GLU Q 157 -109.28 84.94 86.73
C GLU Q 157 -109.12 86.47 86.79
N LEU Q 158 -110.21 87.24 86.87
CA LEU Q 158 -110.15 88.69 87.10
C LEU Q 158 -109.58 89.06 88.46
N PHE Q 159 -109.82 88.24 89.49
CA PHE Q 159 -109.20 88.42 90.79
C PHE Q 159 -107.68 88.17 90.73
N ALA Q 160 -107.24 87.14 90.00
CA ALA Q 160 -105.83 86.86 89.79
C ALA Q 160 -105.14 87.87 88.85
N ARG Q 161 -105.87 88.35 87.84
CA ARG Q 161 -105.39 89.21 86.75
C ARG Q 161 -106.42 90.28 86.38
N PRO Q 162 -106.52 91.36 87.16
CA PRO Q 162 -107.53 92.38 86.93
C PRO Q 162 -107.35 93.12 85.60
N ASN Q 163 -106.11 93.20 85.09
CA ASN Q 163 -105.76 93.97 83.90
C ASN Q 163 -105.77 93.14 82.60
N ASP Q 164 -106.27 91.90 82.62
CA ASP Q 164 -106.40 91.10 81.40
C ASP Q 164 -107.57 91.60 80.55
N VAL Q 165 -107.26 92.17 79.38
CA VAL Q 165 -108.26 92.72 78.46
C VAL Q 165 -109.24 91.65 77.99
N TYR Q 166 -108.75 90.45 77.65
CA TYR Q 166 -109.57 89.39 77.07
C TYR Q 166 -110.62 88.90 78.07
N VAL Q 167 -110.20 88.64 79.31
CA VAL Q 167 -111.12 88.19 80.38
C VAL Q 167 -112.17 89.25 80.70
N ASN Q 168 -111.78 90.53 80.72
CA ASN Q 168 -112.71 91.64 80.93
C ASN Q 168 -113.74 91.75 79.79
N LEU Q 169 -113.32 91.61 78.53
CA LEU Q 169 -114.22 91.58 77.38
C LEU Q 169 -115.23 90.44 77.49
N LYS Q 170 -114.77 89.24 77.86
CA LYS Q 170 -115.64 88.07 78.02
C LYS Q 170 -116.68 88.23 79.10
N LEU Q 171 -116.34 88.87 80.22
CA LEU Q 171 -117.33 89.18 81.25
C LEU Q 171 -118.44 90.11 80.71
N VAL Q 172 -118.07 91.12 79.94
CA VAL Q 172 -119.03 92.04 79.32
C VAL Q 172 -119.92 91.31 78.33
N ASP Q 173 -119.35 90.49 77.44
CA ASP Q 173 -120.12 89.70 76.48
C ASP Q 173 -121.09 88.72 77.19
N LEU Q 174 -120.67 88.13 78.32
CA LEU Q 174 -121.50 87.24 79.14
C LEU Q 174 -122.66 87.98 79.82
N PHE Q 175 -122.47 89.23 80.24
CA PHE Q 175 -123.58 90.08 80.70
C PHE Q 175 -124.55 90.43 79.58
N LEU Q 176 -124.04 90.78 78.40
CA LEU Q 176 -124.86 91.12 77.23
C LEU Q 176 -125.68 89.93 76.75
N SER Q 177 -125.10 88.71 76.71
CA SER Q 177 -125.82 87.50 76.29
C SER Q 177 -127.00 87.16 77.20
N ASN Q 178 -126.95 87.57 78.48
CA ASN Q 178 -128.02 87.36 79.45
C ASN Q 178 -128.93 88.60 79.63
N GLN Q 179 -128.86 89.58 78.71
CA GLN Q 179 -129.63 90.83 78.75
C GLN Q 179 -129.42 91.67 80.02
N ARG Q 180 -128.30 91.46 80.75
CA ARG Q 180 -127.93 92.20 81.97
C ARG Q 180 -127.11 93.45 81.62
N LEU Q 181 -127.69 94.34 80.83
CA LEU Q 181 -127.00 95.53 80.32
C LEU Q 181 -126.54 96.49 81.44
N GLU Q 182 -127.31 96.61 82.52
CA GLU Q 182 -126.95 97.45 83.68
C GLU Q 182 -125.67 96.98 84.38
N GLU Q 183 -125.42 95.67 84.44
CA GLU Q 183 -124.20 95.12 85.04
C GLU Q 183 -122.99 95.24 84.12
N ALA Q 184 -123.19 95.12 82.81
CA ALA Q 184 -122.16 95.44 81.83
C ALA Q 184 -121.70 96.90 81.97
N VAL Q 185 -122.64 97.83 82.10
CA VAL Q 185 -122.35 99.26 82.34
C VAL Q 185 -121.62 99.45 83.66
N LEU Q 186 -122.11 98.86 84.76
CA LEU Q 186 -121.47 98.95 86.07
C LEU Q 186 -120.02 98.42 86.02
N HIS Q 187 -119.77 97.32 85.31
CA HIS Q 187 -118.44 96.76 85.15
C HIS Q 187 -117.50 97.68 84.36
N CYS Q 188 -117.99 98.31 83.28
CA CYS Q 188 -117.23 99.28 82.50
C CYS Q 188 -116.89 100.55 83.29
N LEU Q 189 -117.74 100.97 84.24
CA LEU Q 189 -117.56 102.16 85.08
C LEU Q 189 -116.58 101.96 86.25
N LYS Q 190 -116.15 100.73 86.54
CA LYS Q 190 -115.24 100.44 87.66
C LYS Q 190 -113.90 101.19 87.49
N PRO Q 191 -113.40 101.90 88.53
CA PRO Q 191 -112.19 102.72 88.43
C PRO Q 191 -110.94 101.91 88.12
N GLU Q 192 -110.88 100.63 88.50
CA GLU Q 192 -109.77 99.73 88.18
C GLU Q 192 -109.62 99.51 86.67
N ARG Q 193 -110.67 99.78 85.88
CA ARG Q 193 -110.68 99.61 84.42
C ARG Q 193 -109.96 100.73 83.68
N ARG Q 194 -109.53 101.79 84.37
CA ARG Q 194 -108.74 102.88 83.74
C ARG Q 194 -107.44 102.37 83.13
N ALA Q 195 -106.83 101.33 83.70
CA ALA Q 195 -105.63 100.70 83.15
C ALA Q 195 -105.86 100.05 81.77
N LEU Q 196 -107.10 99.69 81.42
CA LEU Q 196 -107.45 99.05 80.16
C LEU Q 196 -107.70 100.07 79.03
N ARG Q 197 -107.69 101.37 79.32
CA ARG Q 197 -107.94 102.44 78.33
C ARG Q 197 -106.85 102.56 77.26
N THR Q 198 -105.74 101.84 77.41
CA THR Q 198 -104.69 101.72 76.39
C THR Q 198 -105.00 100.67 75.32
N ASP Q 199 -106.07 99.88 75.49
CA ASP Q 199 -106.48 98.83 74.56
C ASP Q 199 -107.69 99.23 73.71
N ILE Q 200 -107.58 99.03 72.40
CA ILE Q 200 -108.58 99.49 71.43
C ILE Q 200 -109.85 98.66 71.47
N GLU Q 201 -109.74 97.36 71.75
CA GLU Q 201 -110.87 96.43 71.79
C GLU Q 201 -111.71 96.71 73.03
N TRP Q 202 -111.06 96.92 74.18
CA TRP Q 202 -111.73 97.34 75.40
C TRP Q 202 -112.48 98.66 75.23
N CYS Q 203 -111.81 99.74 74.78
CA CYS Q 203 -112.46 101.04 74.62
C CYS Q 203 -113.63 100.97 73.62
N SER Q 204 -113.47 100.20 72.53
CA SER Q 204 -114.56 99.98 71.56
C SER Q 204 -115.74 99.23 72.17
N CYS Q 205 -115.48 98.23 73.02
CA CYS Q 205 -116.51 97.50 73.75
C CYS Q 205 -117.26 98.41 74.73
N VAL Q 206 -116.54 99.23 75.51
CA VAL Q 206 -117.12 100.23 76.43
C VAL Q 206 -118.03 101.20 75.67
N VAL Q 207 -117.55 101.74 74.54
CA VAL Q 207 -118.35 102.60 73.66
C VAL Q 207 -119.64 101.91 73.21
N ARG Q 208 -119.55 100.64 72.76
CA ARG Q 208 -120.71 99.85 72.30
C ARG Q 208 -121.73 99.70 73.42
N VAL Q 209 -121.31 99.26 74.61
CA VAL Q 209 -122.17 99.04 75.78
C VAL Q 209 -122.86 100.34 76.21
N PHE Q 210 -122.13 101.45 76.28
CA PHE Q 210 -122.71 102.74 76.68
C PHE Q 210 -123.70 103.28 75.64
N LYS Q 211 -123.42 103.15 74.35
CA LYS Q 211 -124.38 103.53 73.29
C LYS Q 211 -125.66 102.71 73.37
N GLU Q 212 -125.55 101.39 73.55
CA GLU Q 212 -126.70 100.49 73.68
C GLU Q 212 -127.53 100.83 74.93
N TYR Q 213 -126.88 101.12 76.06
CA TYR Q 213 -127.57 101.56 77.27
C TYR Q 213 -128.31 102.88 77.08
N LEU Q 214 -127.66 103.90 76.52
CA LEU Q 214 -128.27 105.19 76.27
C LEU Q 214 -129.44 105.09 75.29
N ALA Q 215 -129.35 104.23 74.27
CA ALA Q 215 -130.44 103.94 73.35
C ALA Q 215 -131.63 103.27 74.06
N SER Q 216 -131.36 102.31 74.95
CA SER Q 216 -132.40 101.59 75.71
C SER Q 216 -133.19 102.45 76.68
N LYS Q 217 -132.57 103.53 77.21
CA LYS Q 217 -133.16 104.42 78.22
C LYS Q 217 -133.59 105.79 77.66
N GLN Q 218 -133.63 105.97 76.33
CA GLN Q 218 -134.08 107.23 75.72
C GLN Q 218 -135.46 107.65 76.25
N GLY Q 219 -135.54 108.84 76.85
CA GLY Q 219 -136.76 109.41 77.45
C GLY Q 219 -136.73 109.52 78.98
N GLN Q 220 -135.86 108.77 79.67
CA GLN Q 220 -135.71 108.86 81.13
C GLN Q 220 -134.60 109.85 81.52
N LYS Q 221 -134.96 111.01 82.09
CA LYS Q 221 -133.99 111.98 82.63
C LYS Q 221 -133.39 111.47 83.94
N ASN Q 222 -132.38 110.62 83.85
CA ASN Q 222 -131.67 110.07 85.01
C ASN Q 222 -130.27 110.69 85.15
N THR Q 223 -129.82 110.95 86.38
CA THR Q 223 -128.43 111.39 86.69
C THR Q 223 -127.41 110.38 86.14
N ASN Q 224 -127.73 109.09 86.17
CA ASN Q 224 -126.91 108.03 85.59
C ASN Q 224 -126.67 108.22 84.08
N MET Q 225 -127.64 108.77 83.34
CA MET Q 225 -127.50 109.02 81.91
C MET Q 225 -126.41 110.06 81.63
N ARG Q 226 -126.36 111.15 82.43
CA ARG Q 226 -125.31 112.19 82.30
C ARG Q 226 -123.92 111.64 82.59
N MET Q 227 -123.79 110.79 83.62
CA MET Q 227 -122.53 110.13 83.95
C MET Q 227 -122.08 109.18 82.83
N ILE Q 228 -122.98 108.39 82.26
CA ILE Q 228 -122.65 107.47 81.16
C ILE Q 228 -122.31 108.25 79.88
N THR Q 229 -123.02 109.33 79.58
CA THR Q 229 -122.67 110.22 78.46
C THR Q 229 -121.28 110.83 78.63
N LYS Q 230 -120.93 111.25 79.85
CA LYS Q 230 -119.57 111.73 80.19
C LYS Q 230 -118.52 110.66 79.88
N GLU Q 231 -118.69 109.45 80.40
CA GLU Q 231 -117.74 108.35 80.19
C GLU Q 231 -117.72 107.85 78.74
N LEU Q 232 -118.84 107.96 78.00
CA LEU Q 232 -118.89 107.68 76.57
C LEU Q 232 -118.02 108.66 75.77
N LEU Q 233 -118.04 109.96 76.07
CA LEU Q 233 -117.18 110.93 75.40
C LEU Q 233 -115.69 110.63 75.66
N LEU Q 234 -115.35 110.28 76.91
CA LEU Q 234 -113.99 109.87 77.27
C LEU Q 234 -113.55 108.61 76.50
N ALA Q 235 -114.40 107.58 76.47
CA ALA Q 235 -114.10 106.34 75.75
C ALA Q 235 -114.00 106.55 74.24
N GLN Q 236 -114.82 107.42 73.64
CA GLN Q 236 -114.70 107.81 72.22
C GLN Q 236 -113.37 108.51 71.95
N CYS Q 237 -112.97 109.44 72.82
CA CYS Q 237 -111.67 110.10 72.71
C CYS Q 237 -110.52 109.09 72.75
N ASP Q 238 -110.57 108.11 73.65
CA ASP Q 238 -109.56 107.03 73.71
C ASP Q 238 -109.52 106.20 72.43
N VAL Q 239 -110.69 105.83 71.87
CA VAL Q 239 -110.77 105.09 70.61
C VAL Q 239 -110.10 105.89 69.48
N VAL Q 240 -110.34 107.20 69.40
CA VAL Q 240 -109.68 108.08 68.41
C VAL Q 240 -108.17 108.08 68.61
N PHE Q 241 -107.69 108.32 69.83
CA PHE Q 241 -106.26 108.30 70.16
C PHE Q 241 -105.57 106.98 69.80
N LEU Q 242 -106.18 105.85 70.16
CA LEU Q 242 -105.64 104.51 69.89
C LEU Q 242 -105.69 104.17 68.41
N THR Q 243 -106.71 104.60 67.69
CA THR Q 243 -106.83 104.38 66.24
C THR Q 243 -105.81 105.22 65.47
N LEU Q 244 -105.58 106.47 65.91
CA LEU Q 244 -104.50 107.31 65.38
C LEU Q 244 -103.14 106.66 65.53
N SER Q 245 -102.89 105.93 66.62
CA SER Q 245 -101.61 105.27 66.86
C SER Q 245 -101.47 103.88 66.22
N LYS Q 246 -102.50 103.04 66.30
CA LYS Q 246 -102.41 101.60 65.96
C LYS Q 246 -103.01 101.22 64.60
N LYS Q 247 -103.80 102.09 63.96
CA LYS Q 247 -104.53 101.80 62.72
C LYS Q 247 -104.12 102.76 61.59
N ASP Q 248 -104.66 102.55 60.40
CA ASP Q 248 -104.41 103.40 59.24
C ASP Q 248 -105.16 104.74 59.31
N VAL Q 249 -104.99 105.58 58.27
CA VAL Q 249 -105.65 106.89 58.18
C VAL Q 249 -107.16 106.74 58.05
N GLN Q 250 -107.65 105.82 57.20
CA GLN Q 250 -109.09 105.66 56.97
C GLN Q 250 -109.85 105.27 58.24
N LYS Q 251 -109.33 104.32 59.03
CA LYS Q 251 -109.94 103.98 60.32
C LYS Q 251 -109.89 105.14 61.30
N SER Q 252 -108.84 105.95 61.24
CA SER Q 252 -108.72 107.16 62.07
C SER Q 252 -109.77 108.23 61.69
N LYS Q 253 -110.03 108.43 60.39
CA LYS Q 253 -111.12 109.28 59.89
C LYS Q 253 -112.47 108.80 60.42
N GLU Q 254 -112.79 107.52 60.26
CA GLU Q 254 -114.05 106.94 60.78
C GLU Q 254 -114.18 107.06 62.31
N ALA Q 255 -113.08 106.92 63.06
CA ALA Q 255 -113.11 107.07 64.52
C ALA Q 255 -113.38 108.53 64.91
N LEU Q 256 -112.74 109.49 64.24
CA LEU Q 256 -112.94 110.92 64.48
C LEU Q 256 -114.37 111.34 64.10
N GLU Q 257 -114.92 110.80 63.01
CA GLU Q 257 -116.31 111.04 62.57
C GLU Q 257 -117.32 110.60 63.62
N ARG Q 258 -117.15 109.41 64.19
CA ARG Q 258 -118.01 108.92 65.28
C ARG Q 258 -117.90 109.76 66.55
N PHE Q 259 -116.71 110.33 66.81
CA PHE Q 259 -116.51 111.23 67.94
C PHE Q 259 -117.14 112.61 67.69
N ASP Q 260 -117.05 113.12 66.45
CA ASP Q 260 -117.70 114.35 65.99
C ASP Q 260 -119.22 114.29 66.19
N GLN Q 261 -119.86 113.21 65.70
CA GLN Q 261 -121.29 112.97 65.88
C GLN Q 261 -121.68 112.83 67.37
N ALA Q 262 -120.83 112.19 68.19
CA ALA Q 262 -121.07 112.07 69.61
C ALA Q 262 -121.06 113.45 70.31
N LEU Q 263 -120.09 114.31 69.99
CA LEU Q 263 -120.04 115.67 70.51
C LEU Q 263 -121.25 116.50 70.06
N LEU Q 264 -121.63 116.40 68.79
CA LEU Q 264 -122.81 117.09 68.27
C LEU Q 264 -124.08 116.70 69.03
N SER Q 265 -124.26 115.41 69.32
CA SER Q 265 -125.44 114.92 70.07
C SER Q 265 -125.51 115.46 71.50
N VAL Q 266 -124.35 115.74 72.13
CA VAL Q 266 -124.28 116.25 73.51
C VAL Q 266 -124.38 117.77 73.54
N LYS Q 267 -123.96 118.48 72.49
CA LYS Q 267 -123.94 119.95 72.41
C LYS Q 267 -125.29 120.58 72.77
N GLN Q 268 -126.40 120.01 72.32
CA GLN Q 268 -127.74 120.53 72.63
C GLN Q 268 -128.12 120.41 74.12
N SER Q 269 -127.54 119.44 74.83
CA SER Q 269 -127.78 119.21 76.25
C SER Q 269 -126.88 120.04 77.16
N VAL Q 270 -125.83 120.67 76.62
CA VAL Q 270 -124.86 121.48 77.34
C VAL Q 270 -125.12 122.94 77.02
N SER Q 271 -125.92 123.62 77.84
CA SER Q 271 -126.01 125.07 77.82
C SER Q 271 -124.75 125.68 78.44
N GLY Q 272 -124.22 126.76 77.85
CA GLY Q 272 -122.93 127.35 78.24
C GLY Q 272 -122.84 127.89 79.67
N THR Q 273 -123.97 127.99 80.39
CA THR Q 273 -124.03 128.45 81.79
C THR Q 273 -123.98 127.33 82.82
N ASP Q 274 -124.16 126.07 82.41
CA ASP Q 274 -124.25 124.96 83.36
C ASP Q 274 -122.85 124.49 83.75
N ALA Q 275 -122.42 124.77 84.98
CA ALA Q 275 -121.20 124.23 85.59
C ALA Q 275 -121.32 122.75 85.98
N SER Q 276 -122.08 121.96 85.20
CA SER Q 276 -122.27 120.54 85.42
C SER Q 276 -121.01 119.76 85.04
N ASP Q 277 -120.78 118.61 85.67
CA ASP Q 277 -119.64 117.73 85.33
C ASP Q 277 -119.65 117.29 83.85
N LEU Q 278 -120.83 117.17 83.24
CA LEU Q 278 -120.97 116.85 81.81
C LEU Q 278 -120.53 118.02 80.94
N SER Q 279 -120.89 119.26 81.30
CA SER Q 279 -120.46 120.47 80.57
C SER Q 279 -118.95 120.63 80.62
N VAL Q 280 -118.35 120.44 81.80
CA VAL Q 280 -116.90 120.48 81.98
C VAL Q 280 -116.22 119.42 81.11
N THR Q 281 -116.75 118.20 81.10
CA THR Q 281 -116.20 117.14 80.26
C THR Q 281 -116.39 117.43 78.77
N PHE Q 282 -117.53 117.99 78.36
CA PHE Q 282 -117.80 118.34 76.97
C PHE Q 282 -116.78 119.36 76.43
N TYR Q 283 -116.50 120.44 77.16
CA TYR Q 283 -115.50 121.43 76.76
C TYR Q 283 -114.08 120.83 76.75
N GLU Q 284 -113.75 119.98 77.72
CA GLU Q 284 -112.47 119.26 77.72
C GLU Q 284 -112.33 118.35 76.49
N MET Q 285 -113.38 117.61 76.16
CA MET Q 285 -113.44 116.72 75.00
C MET Q 285 -113.46 117.49 73.67
N ARG Q 286 -114.02 118.71 73.62
CA ARG Q 286 -113.86 119.63 72.49
C ARG Q 286 -112.39 119.95 72.23
N GLY Q 287 -111.61 120.22 73.29
CA GLY Q 287 -110.17 120.46 73.14
C GLY Q 287 -109.43 119.24 72.61
N HIS Q 288 -109.75 118.05 73.13
CA HIS Q 288 -109.18 116.79 72.64
C HIS Q 288 -109.56 116.49 71.19
N TYR Q 289 -110.81 116.78 70.79
CA TYR Q 289 -111.28 116.63 69.42
C TYR Q 289 -110.40 117.41 68.44
N TYR Q 290 -110.16 118.70 68.69
CA TYR Q 290 -109.29 119.50 67.85
C TYR Q 290 -107.83 119.03 67.88
N MET Q 291 -107.29 118.65 69.05
CA MET Q 291 -105.94 118.08 69.13
C MET Q 291 -105.80 116.81 68.26
N HIS Q 292 -106.81 115.94 68.26
CA HIS Q 292 -106.84 114.73 67.45
C HIS Q 292 -107.07 115.02 65.97
N ALA Q 293 -107.90 116.01 65.63
CA ALA Q 293 -108.09 116.48 64.25
C ALA Q 293 -106.76 117.00 63.66
N GLY Q 294 -106.04 117.86 64.39
CA GLY Q 294 -104.71 118.32 63.97
C GLY Q 294 -103.72 117.16 63.79
N THR Q 295 -103.79 116.17 64.67
CA THR Q 295 -102.94 114.97 64.57
C THR Q 295 -103.31 114.10 63.36
N LEU Q 296 -104.59 113.98 63.02
CA LEU Q 296 -105.05 113.25 61.84
C LEU Q 296 -104.57 113.92 60.55
N LEU Q 297 -104.61 115.26 60.46
CA LEU Q 297 -104.08 116.00 59.31
C LEU Q 297 -102.58 115.73 59.13
N LEU Q 298 -101.79 115.78 60.20
CA LEU Q 298 -100.36 115.45 60.13
C LEU Q 298 -100.12 113.96 59.78
N LYS Q 299 -101.03 113.06 60.17
CA LYS Q 299 -100.98 111.64 59.78
C LYS Q 299 -101.24 111.45 58.29
N MET Q 300 -102.20 112.18 57.70
CA MET Q 300 -102.49 112.18 56.27
C MET Q 300 -101.30 112.68 55.45
N ALA Q 301 -100.59 113.70 55.96
CA ALA Q 301 -99.35 114.16 55.33
C ALA Q 301 -98.22 113.12 55.42
N GLN Q 302 -98.12 112.41 56.55
CA GLN Q 302 -97.14 111.35 56.75
C GLN Q 302 -97.38 110.13 55.85
N SER Q 303 -98.64 109.79 55.55
CA SER Q 303 -99.00 108.72 54.62
C SER Q 303 -98.94 109.13 53.14
N CYS Q 304 -98.49 110.37 52.86
CA CYS Q 304 -98.44 110.96 51.52
C CYS Q 304 -99.80 111.08 50.82
N GLU Q 305 -100.91 111.13 51.56
CA GLU Q 305 -102.22 111.45 50.98
C GLU Q 305 -102.32 112.91 50.58
N VAL Q 306 -101.68 113.79 51.34
CA VAL Q 306 -101.64 115.25 51.11
C VAL Q 306 -100.23 115.76 51.41
N GLN Q 307 -99.83 116.86 50.78
CA GLN Q 307 -98.54 117.48 51.04
C GLN Q 307 -98.51 118.16 52.42
N TRP Q 308 -97.35 118.14 53.09
CA TRP Q 308 -97.16 118.80 54.40
C TRP Q 308 -97.60 120.26 54.34
N LYS Q 309 -97.10 121.03 53.36
CA LYS Q 309 -97.40 122.47 53.21
C LYS Q 309 -98.90 122.79 53.28
N ALA Q 310 -99.77 121.95 52.69
CA ALA Q 310 -101.21 122.19 52.67
C ALA Q 310 -101.89 121.91 54.02
N LEU Q 311 -101.30 121.06 54.87
CA LEU Q 311 -101.88 120.61 56.13
C LEU Q 311 -101.25 121.23 57.39
N ILE Q 312 -100.11 121.93 57.27
CA ILE Q 312 -99.47 122.58 58.42
C ILE Q 312 -100.35 123.67 59.04
N GLU Q 313 -100.86 124.61 58.24
CA GLU Q 313 -101.70 125.71 58.75
C GLU Q 313 -103.05 125.22 59.30
N PRO Q 314 -103.80 124.32 58.61
CA PRO Q 314 -105.00 123.73 59.18
C PRO Q 314 -104.73 122.94 60.47
N ALA Q 315 -103.64 122.16 60.54
CA ALA Q 315 -103.28 121.43 61.75
C ALA Q 315 -102.90 122.37 62.90
N ALA Q 316 -102.18 123.46 62.60
CA ALA Q 316 -101.82 124.47 63.59
C ALA Q 316 -103.05 125.18 64.17
N LEU Q 317 -104.06 125.51 63.34
CA LEU Q 317 -105.34 126.02 63.86
C LEU Q 317 -106.00 125.04 64.82
N CYS Q 318 -106.04 123.74 64.48
CA CYS Q 318 -106.58 122.72 65.36
C CYS Q 318 -105.83 122.63 66.71
N TYR Q 319 -104.49 122.70 66.71
CA TYR Q 319 -103.73 122.73 67.95
C TYR Q 319 -103.92 124.03 68.74
N LEU Q 320 -104.12 125.17 68.07
CA LEU Q 320 -104.42 126.45 68.70
C LEU Q 320 -105.77 126.39 69.44
N LEU Q 321 -106.80 125.89 68.77
CA LEU Q 321 -108.12 125.66 69.36
C LEU Q 321 -108.04 124.72 70.56
N ALA Q 322 -107.24 123.66 70.47
CA ALA Q 322 -107.04 122.72 71.57
C ALA Q 322 -106.28 123.32 72.76
N TYR Q 323 -105.25 124.12 72.50
CA TYR Q 323 -104.43 124.77 73.53
C TYR Q 323 -105.23 125.77 74.36
N GLN Q 324 -106.12 126.53 73.71
CA GLN Q 324 -106.87 127.62 74.34
C GLN Q 324 -108.09 127.17 75.15
N VAL Q 325 -108.48 125.90 75.09
CA VAL Q 325 -109.57 125.40 75.95
C VAL Q 325 -109.15 125.55 77.42
N PRO Q 326 -109.92 126.30 78.25
CA PRO Q 326 -109.59 126.52 79.65
C PRO Q 326 -109.55 125.22 80.44
N LYS Q 327 -108.61 125.13 81.40
CA LYS Q 327 -108.56 124.02 82.34
C LYS Q 327 -109.84 123.98 83.20
N PRO Q 328 -110.37 122.79 83.52
CA PRO Q 328 -111.43 122.64 84.50
C PRO Q 328 -111.06 123.32 85.82
N LYS Q 329 -111.86 124.27 86.29
CA LYS Q 329 -111.64 124.91 87.60
C LYS Q 329 -111.96 123.90 88.71
N SER Q 330 -110.92 123.31 89.32
CA SER Q 330 -111.06 122.41 90.46
C SER Q 330 -111.66 123.17 91.65
N LYS Q 331 -112.92 122.88 92.02
CA LYS Q 331 -113.31 123.06 93.42
C LYS Q 331 -112.80 121.82 94.15
N PRO Q 332 -111.88 121.93 95.12
CA PRO Q 332 -111.50 120.80 95.95
C PRO Q 332 -112.72 120.43 96.81
N VAL Q 333 -113.59 119.57 96.29
CA VAL Q 333 -114.63 118.95 97.10
C VAL Q 333 -113.92 117.90 97.94
N LYS Q 334 -113.74 118.21 99.23
CA LYS Q 334 -113.28 117.25 100.23
C LYS Q 334 -114.05 115.94 100.07
N GLY Q 335 -113.39 114.88 99.60
CA GLY Q 335 -113.87 113.52 99.82
C GLY Q 335 -113.79 112.52 98.66
N ASP Q 336 -113.74 112.94 97.39
CA ASP Q 336 -113.73 111.99 96.26
C ASP Q 336 -112.85 112.49 95.10
N ASP Q 337 -111.53 112.50 95.33
CA ASP Q 337 -110.49 113.03 94.42
C ASP Q 337 -110.34 112.26 93.09
N ASN Q 338 -110.99 111.10 92.91
CA ASN Q 338 -110.62 110.22 91.80
C ASN Q 338 -111.19 110.65 90.43
N GLY Q 339 -112.27 111.43 90.38
CA GLY Q 339 -112.97 111.77 89.14
C GLY Q 339 -112.56 113.11 88.50
N GLN Q 340 -112.46 114.17 89.30
CA GLN Q 340 -112.18 115.53 88.80
C GLN Q 340 -110.69 115.77 88.55
N GLY Q 341 -109.79 115.17 89.37
CA GLY Q 341 -108.35 115.23 89.12
C GLY Q 341 -107.97 114.61 87.77
N PHE Q 342 -108.71 113.62 87.29
CA PHE Q 342 -108.46 112.98 86.00
C PHE Q 342 -108.71 113.91 84.80
N LEU Q 343 -109.78 114.73 84.83
CA LEU Q 343 -110.03 115.71 83.75
C LEU Q 343 -108.99 116.83 83.76
N GLU Q 344 -108.50 117.22 84.94
CA GLU Q 344 -107.42 118.19 85.06
C GLU Q 344 -106.11 117.64 84.48
N GLU Q 345 -105.79 116.38 84.74
CA GLU Q 345 -104.63 115.68 84.14
C GLU Q 345 -104.73 115.59 82.61
N LEU Q 346 -105.91 115.30 82.07
CA LEU Q 346 -106.17 115.34 80.62
C LEU Q 346 -105.96 116.74 80.05
N ALA Q 347 -106.45 117.78 80.74
CA ALA Q 347 -106.28 119.16 80.30
C ALA Q 347 -104.80 119.56 80.24
N PHE Q 348 -104.01 119.18 81.25
CA PHE Q 348 -102.55 119.39 81.24
C PHE Q 348 -101.86 118.66 80.09
N ASP Q 349 -102.25 117.41 79.82
CA ASP Q 349 -101.73 116.63 78.70
C ASP Q 349 -102.05 117.27 77.34
N ARG Q 350 -103.31 117.70 77.13
CA ARG Q 350 -103.72 118.41 75.92
C ARG Q 350 -102.93 119.68 75.72
N GLN Q 351 -102.80 120.51 76.77
CA GLN Q 351 -102.13 121.81 76.69
C GLN Q 351 -100.63 121.68 76.45
N SER Q 352 -99.97 120.73 77.13
CA SER Q 352 -98.56 120.39 76.86
C SER Q 352 -98.35 119.98 75.41
N LYS Q 353 -99.10 118.97 74.94
CA LYS Q 353 -98.97 118.44 73.58
C LYS Q 353 -99.26 119.49 72.51
N SER Q 354 -100.38 120.20 72.64
CA SER Q 354 -100.81 121.19 71.65
C SER Q 354 -99.86 122.38 71.62
N GLY Q 355 -99.39 122.84 72.78
CA GLY Q 355 -98.46 123.97 72.87
C GLY Q 355 -97.09 123.67 72.25
N HIS Q 356 -96.49 122.51 72.56
CA HIS Q 356 -95.23 122.09 71.93
C HIS Q 356 -95.38 121.88 70.41
N LEU Q 357 -96.53 121.37 69.95
CA LEU Q 357 -96.78 121.20 68.52
C LEU Q 357 -96.97 122.54 67.81
N LEU Q 358 -97.62 123.54 68.42
CA LEU Q 358 -97.69 124.90 67.87
C LEU Q 358 -96.30 125.51 67.67
N LEU Q 359 -95.41 125.37 68.66
CA LEU Q 359 -94.02 125.85 68.56
C LEU Q 359 -93.23 125.07 67.49
N THR Q 360 -93.49 123.78 67.34
CA THR Q 360 -92.85 122.96 66.30
C THR Q 360 -93.31 123.36 64.90
N LEU Q 361 -94.61 123.58 64.71
CA LEU Q 361 -95.21 123.92 63.42
C LEU Q 361 -94.90 125.36 62.97
N SER Q 362 -94.64 126.28 63.91
CA SER Q 362 -94.30 127.67 63.57
C SER Q 362 -92.91 127.82 62.95
N HIS Q 363 -92.01 126.85 63.13
CA HIS Q 363 -90.61 126.93 62.71
C HIS Q 363 -89.90 128.24 63.16
N GLY Q 364 -90.35 128.85 64.27
CA GLY Q 364 -89.81 130.11 64.79
C GLY Q 364 -90.30 131.38 64.08
N LYS Q 365 -91.31 131.29 63.20
CA LYS Q 365 -91.94 132.46 62.58
C LYS Q 365 -92.80 133.23 63.60
N GLN Q 366 -92.49 134.50 63.81
CA GLN Q 366 -93.11 135.35 64.84
C GLN Q 366 -94.62 135.58 64.63
N ASN Q 367 -95.07 135.81 63.39
CA ASN Q 367 -96.48 136.12 63.07
C ASN Q 367 -97.32 134.90 62.65
N PHE Q 368 -96.78 133.69 62.80
CA PHE Q 368 -97.40 132.47 62.27
C PHE Q 368 -98.82 132.24 62.80
N ILE Q 369 -99.02 132.41 64.12
CA ILE Q 369 -100.34 132.22 64.74
C ILE Q 369 -101.33 133.27 64.23
N SER Q 370 -100.89 134.51 64.02
CA SER Q 370 -101.72 135.59 63.50
C SER Q 370 -102.20 135.31 62.07
N GLU Q 371 -101.30 134.87 61.19
CA GLU Q 371 -101.60 134.48 59.80
C GLU Q 371 -102.63 133.34 59.73
N ILE Q 372 -102.50 132.35 60.63
CA ILE Q 372 -103.43 131.22 60.71
C ILE Q 372 -104.82 131.66 61.15
N ILE Q 373 -104.92 132.52 62.17
CA ILE Q 373 -106.21 133.03 62.66
C ILE Q 373 -106.93 133.78 61.54
N GLU Q 374 -106.24 134.70 60.85
CA GLU Q 374 -106.84 135.47 59.76
C GLU Q 374 -107.32 134.58 58.60
N THR Q 375 -106.56 133.54 58.26
CA THR Q 375 -106.86 132.67 57.12
C THR Q 375 -107.96 131.64 57.42
N PHE Q 376 -107.87 130.96 58.58
CA PHE Q 376 -108.69 129.78 58.86
C PHE Q 376 -109.70 129.93 60.01
N ALA Q 377 -109.59 130.92 60.90
CA ALA Q 377 -110.53 131.10 62.02
C ALA Q 377 -111.85 131.79 61.58
N ASN Q 378 -112.43 131.30 60.50
CA ASN Q 378 -113.68 131.78 59.91
C ASN Q 378 -114.46 130.60 59.31
N GLN Q 379 -115.71 130.83 58.90
CA GLN Q 379 -116.60 129.77 58.39
C GLN Q 379 -116.08 129.12 57.10
N CYS Q 380 -115.34 129.86 56.26
CA CYS Q 380 -114.71 129.31 55.07
C CYS Q 380 -113.57 128.35 55.43
N GLY Q 381 -112.72 128.74 56.40
CA GLY Q 381 -111.67 127.89 56.96
C GLY Q 381 -112.20 126.62 57.61
N GLN Q 382 -113.30 126.72 58.38
CA GLN Q 382 -114.01 125.54 58.92
C GLN Q 382 -114.48 124.59 57.82
N SER Q 383 -115.05 125.14 56.74
CA SER Q 383 -115.51 124.34 55.60
C SER Q 383 -114.35 123.61 54.91
N ILE Q 384 -113.17 124.24 54.83
CA ILE Q 384 -111.95 123.63 54.29
C ILE Q 384 -111.45 122.51 55.22
N LEU Q 385 -111.42 122.74 56.53
CA LEU Q 385 -111.05 121.74 57.53
C LEU Q 385 -111.96 120.51 57.46
N LEU Q 386 -113.27 120.72 57.38
CA LEU Q 386 -114.26 119.65 57.28
C LEU Q 386 -114.02 118.79 56.02
N LYS Q 387 -113.77 119.44 54.88
CA LYS Q 387 -113.43 118.76 53.62
C LYS Q 387 -112.13 117.96 53.70
N PHE Q 388 -111.10 118.47 54.37
CA PHE Q 388 -109.86 117.71 54.53
C PHE Q 388 -110.06 116.45 55.39
N LEU Q 389 -110.85 116.54 56.46
CA LEU Q 389 -111.00 115.44 57.41
C LEU Q 389 -112.01 114.38 56.97
N PHE Q 390 -113.15 114.82 56.44
CA PHE Q 390 -114.31 113.96 56.16
C PHE Q 390 -114.73 113.96 54.69
N GLU Q 391 -114.03 114.69 53.83
CA GLU Q 391 -114.35 114.81 52.40
C GLU Q 391 -115.81 115.27 52.24
N ASP Q 392 -116.66 114.51 51.56
CA ASP Q 392 -118.08 114.83 51.37
C ASP Q 392 -119.02 114.02 52.30
N ASN Q 393 -118.50 113.32 53.32
CA ASN Q 393 -119.30 112.46 54.19
C ASN Q 393 -120.19 113.22 55.18
N LEU Q 394 -119.76 114.41 55.63
CA LEU Q 394 -120.47 115.24 56.60
C LEU Q 394 -120.72 116.64 56.06
N SER Q 395 -121.94 117.15 56.27
CA SER Q 395 -122.28 118.55 56.01
C SER Q 395 -121.88 119.45 57.18
N MET Q 396 -121.84 120.76 56.96
CA MET Q 396 -121.58 121.74 58.02
C MET Q 396 -122.60 121.66 59.18
N GLN Q 397 -123.85 121.27 58.90
CA GLN Q 397 -124.90 121.17 59.92
C GLN Q 397 -124.88 119.83 60.68
N ASP Q 398 -124.43 118.76 60.01
CA ASP Q 398 -124.36 117.42 60.58
C ASP Q 398 -123.07 117.15 61.35
N SER Q 399 -122.16 118.11 61.37
CA SER Q 399 -120.87 118.02 62.06
C SER Q 399 -120.79 118.92 63.30
N PHE Q 400 -120.16 118.39 64.36
CA PHE Q 400 -119.77 119.20 65.50
C PHE Q 400 -118.80 120.31 65.07
N MET Q 401 -117.75 119.99 64.31
CA MET Q 401 -116.78 120.98 63.82
C MET Q 401 -117.45 122.07 62.97
N GLY Q 402 -118.39 121.70 62.11
CA GLY Q 402 -119.10 122.66 61.25
C GLY Q 402 -120.05 123.59 62.01
N SER Q 403 -120.59 123.13 63.15
CA SER Q 403 -121.51 123.93 63.97
C SER Q 403 -120.83 124.69 65.11
N ASP Q 404 -119.57 124.37 65.43
CA ASP Q 404 -118.80 124.97 66.52
C ASP Q 404 -118.35 126.39 66.16
N ASP Q 405 -118.19 127.26 67.15
CA ASP Q 405 -117.70 128.61 66.91
C ASP Q 405 -116.18 128.64 67.12
N ILE Q 406 -115.43 128.82 66.03
CA ILE Q 406 -113.97 128.97 66.06
C ILE Q 406 -113.51 130.41 65.79
N SER Q 407 -114.44 131.37 65.69
CA SER Q 407 -114.10 132.76 65.35
C SER Q 407 -113.45 133.50 66.53
N TYR Q 408 -113.79 133.13 67.76
CA TYR Q 408 -113.22 133.70 68.99
C TYR Q 408 -111.95 132.95 69.42
N VAL Q 409 -110.87 133.14 68.67
CA VAL Q 409 -109.53 132.57 68.99
C VAL Q 409 -108.56 133.69 69.30
N GLU Q 410 -107.86 133.59 70.42
CA GLU Q 410 -106.87 134.59 70.83
C GLU Q 410 -105.55 134.40 70.06
N ASN Q 411 -104.86 135.48 69.74
CA ASN Q 411 -103.50 135.41 69.20
C ASN Q 411 -102.49 135.16 70.33
N ARG Q 412 -102.48 133.95 70.89
CA ARG Q 412 -101.65 133.57 72.05
C ARG Q 412 -100.57 132.57 71.66
N VAL Q 413 -99.32 133.02 71.63
CA VAL Q 413 -98.14 132.16 71.52
C VAL Q 413 -97.92 131.40 72.83
N PRO Q 414 -97.65 130.08 72.82
CA PRO Q 414 -97.36 129.33 74.05
C PRO Q 414 -96.13 129.86 74.80
N ASP Q 415 -96.28 130.20 76.07
CA ASP Q 415 -95.19 130.62 76.95
C ASP Q 415 -94.40 129.39 77.48
N LEU Q 416 -93.08 129.48 77.52
CA LEU Q 416 -92.23 128.36 77.93
C LEU Q 416 -92.38 128.02 79.42
N SER Q 417 -92.62 129.02 80.28
CA SER Q 417 -92.81 128.77 81.71
C SER Q 417 -94.14 128.07 81.98
N GLU Q 418 -95.20 128.47 81.27
CA GLU Q 418 -96.50 127.79 81.31
C GLU Q 418 -96.42 126.37 80.75
N LEU Q 419 -95.72 126.17 79.62
CA LEU Q 419 -95.51 124.83 79.06
C LEU Q 419 -94.77 123.92 80.03
N SER Q 420 -93.75 124.42 80.72
CA SER Q 420 -93.07 123.64 81.76
C SER Q 420 -94.02 123.20 82.88
N GLN Q 421 -94.97 124.05 83.27
CA GLN Q 421 -96.00 123.68 84.25
C GLN Q 421 -96.96 122.63 83.69
N HIS Q 422 -97.38 122.78 82.43
CA HIS Q 422 -98.26 121.82 81.77
C HIS Q 422 -97.60 120.45 81.59
N ASP Q 423 -96.31 120.41 81.26
CA ASP Q 423 -95.53 119.18 81.16
C ASP Q 423 -95.53 118.41 82.48
N ASN Q 424 -95.33 119.09 83.62
CA ASN Q 424 -95.40 118.47 84.94
C ASN Q 424 -96.78 117.86 85.25
N GLY Q 425 -97.86 118.47 84.75
CA GLY Q 425 -99.21 117.93 84.86
C GLY Q 425 -99.42 116.68 84.00
N SER Q 426 -98.95 116.72 82.74
CA SER Q 426 -99.05 115.61 81.78
C SER Q 426 -98.32 114.34 82.24
N LEU Q 427 -97.24 114.46 83.01
CA LEU Q 427 -96.53 113.27 83.53
C LEU Q 427 -97.40 112.34 84.39
N ARG Q 428 -98.44 112.85 85.04
CA ARG Q 428 -99.33 112.04 85.89
C ARG Q 428 -100.15 111.03 85.08
N ILE Q 429 -100.63 111.41 83.90
CA ILE Q 429 -101.44 110.50 83.07
C ILE Q 429 -100.59 109.41 82.41
N HIS Q 430 -99.38 109.74 81.96
CA HIS Q 430 -98.48 108.80 81.27
C HIS Q 430 -97.69 107.90 82.23
N ASN Q 431 -97.74 108.15 83.54
CA ASN Q 431 -97.17 107.29 84.57
C ASN Q 431 -95.68 106.92 84.35
N GLY Q 432 -94.88 107.81 83.77
CA GLY Q 432 -93.47 107.53 83.48
C GLY Q 432 -93.20 106.70 82.23
N ASP Q 433 -94.11 106.68 81.25
CA ASP Q 433 -93.85 106.13 79.92
C ASP Q 433 -92.61 106.78 79.27
N LEU Q 434 -91.68 105.93 78.80
CA LEU Q 434 -90.43 106.38 78.21
C LEU Q 434 -90.66 107.13 76.89
N GLN Q 435 -91.69 106.77 76.11
CA GLN Q 435 -91.98 107.43 74.83
C GLN Q 435 -92.40 108.87 75.07
N HIS Q 436 -93.31 109.08 76.03
CA HIS Q 436 -93.74 110.40 76.45
C HIS Q 436 -92.57 111.26 76.98
N LEU Q 437 -91.74 110.72 77.88
CA LEU Q 437 -90.58 111.43 78.44
C LEU Q 437 -89.56 111.81 77.36
N THR Q 438 -89.28 110.89 76.44
CA THR Q 438 -88.35 111.14 75.33
C THR Q 438 -88.91 112.18 74.37
N TRP Q 439 -90.21 112.14 74.08
CA TRP Q 439 -90.88 113.13 73.23
C TRP Q 439 -90.79 114.52 73.84
N LEU Q 440 -91.15 114.71 75.12
CA LEU Q 440 -90.99 115.99 75.79
C LEU Q 440 -89.54 116.46 75.79
N GLY Q 441 -88.59 115.56 76.13
CA GLY Q 441 -87.17 115.89 76.11
C GLY Q 441 -86.69 116.37 74.73
N LEU Q 442 -87.18 115.77 73.65
CA LEU Q 442 -86.90 116.23 72.29
C LEU Q 442 -87.49 117.61 72.00
N GLN Q 443 -88.72 117.90 72.45
CA GLN Q 443 -89.32 119.22 72.24
C GLN Q 443 -88.45 120.33 72.85
N TRP Q 444 -88.04 120.16 74.10
CA TRP Q 444 -87.12 121.08 74.78
C TRP Q 444 -85.76 121.16 74.08
N HIS Q 445 -85.23 120.03 73.62
CA HIS Q 445 -83.97 120.00 72.87
C HIS Q 445 -84.05 120.78 71.55
N PHE Q 446 -85.17 120.70 70.82
CA PHE Q 446 -85.39 121.51 69.60
C PHE Q 446 -85.51 123.00 69.87
N LEU Q 447 -85.89 123.39 71.10
CA LEU Q 447 -85.90 124.77 71.59
C LEU Q 447 -84.53 125.21 72.15
N SER Q 448 -83.49 124.36 72.06
CA SER Q 448 -82.15 124.62 72.62
C SER Q 448 -82.12 124.85 74.13
N THR Q 449 -83.14 124.35 74.85
CA THR Q 449 -83.27 124.49 76.30
C THR Q 449 -83.15 123.11 76.95
N LEU Q 450 -82.49 123.04 78.11
CA LEU Q 450 -82.38 121.78 78.85
C LEU Q 450 -83.76 121.37 79.39
N PRO Q 451 -84.21 120.13 79.13
CA PRO Q 451 -85.46 119.65 79.70
C PRO Q 451 -85.36 119.62 81.24
N PRO Q 452 -86.41 119.98 81.99
CA PRO Q 452 -86.42 119.96 83.45
C PRO Q 452 -86.54 118.54 84.03
N LEU Q 453 -85.65 117.63 83.60
CA LEU Q 453 -85.64 116.20 83.92
C LEU Q 453 -85.64 115.94 85.43
N ARG Q 454 -84.92 116.74 86.21
CA ARG Q 454 -84.89 116.64 87.68
C ARG Q 454 -86.29 116.73 88.30
N LYS Q 455 -87.12 117.69 87.85
CA LYS Q 455 -88.49 117.86 88.37
C LYS Q 455 -89.36 116.66 87.98
N TRP Q 456 -89.24 116.21 86.73
CA TRP Q 456 -89.99 115.06 86.21
C TRP Q 456 -89.64 113.77 86.96
N LEU Q 457 -88.35 113.51 87.17
CA LEU Q 457 -87.87 112.32 87.86
C LEU Q 457 -88.25 112.32 89.35
N LYS Q 458 -88.23 113.47 90.03
CA LYS Q 458 -88.72 113.57 91.42
C LYS Q 458 -90.21 113.27 91.54
N GLN Q 459 -91.01 113.63 90.53
CA GLN Q 459 -92.43 113.33 90.49
C GLN Q 459 -92.72 111.85 90.21
N ILE Q 460 -91.96 111.23 89.31
CA ILE Q 460 -92.13 109.81 88.95
C ILE Q 460 -91.55 108.88 90.05
N PHE Q 461 -90.42 109.27 90.64
CA PHE Q 461 -89.66 108.48 91.59
C PHE Q 461 -89.40 109.23 92.91
N PRO Q 462 -90.44 109.57 93.69
CA PRO Q 462 -90.32 110.44 94.87
C PRO Q 462 -89.48 109.85 96.02
N ARG Q 463 -89.21 108.54 96.01
CA ARG Q 463 -88.47 107.83 97.07
C ARG Q 463 -87.02 107.50 96.71
N VAL Q 464 -86.60 107.81 95.48
CA VAL Q 464 -85.25 107.50 95.02
C VAL Q 464 -84.31 108.64 95.44
N PRO Q 465 -83.15 108.35 96.06
CA PRO Q 465 -82.19 109.39 96.45
C PRO Q 465 -81.62 110.09 95.21
N GLN Q 466 -81.22 111.36 95.38
CA GLN Q 466 -80.68 112.13 94.27
C GLN Q 466 -79.34 111.57 93.77
N GLU Q 467 -78.44 111.24 94.69
CA GLU Q 467 -77.14 110.62 94.41
C GLU Q 467 -76.86 109.41 95.32
N THR Q 468 -75.92 108.56 94.91
CA THR Q 468 -75.37 107.43 95.67
C THR Q 468 -73.89 107.65 95.99
N SER Q 469 -73.47 107.26 97.20
CA SER Q 469 -72.06 107.22 97.58
C SER Q 469 -71.29 106.03 96.99
N ARG Q 470 -71.99 105.11 96.30
CA ARG Q 470 -71.44 103.85 95.77
C ARG Q 470 -71.59 103.75 94.25
N LEU Q 471 -70.96 104.66 93.50
CA LEU Q 471 -70.96 104.63 92.02
C LEU Q 471 -70.36 103.34 91.43
N GLU Q 472 -69.47 102.69 92.17
CA GLU Q 472 -68.89 101.41 91.76
C GLU Q 472 -69.83 100.20 91.96
N SER Q 473 -70.92 100.36 92.71
CA SER Q 473 -71.92 99.30 92.86
C SER Q 473 -72.75 99.18 91.58
N ASN Q 474 -73.11 97.97 91.18
CA ASN Q 474 -74.10 97.72 90.12
C ASN Q 474 -75.39 97.08 90.66
N ILE Q 475 -75.58 97.11 91.99
CA ILE Q 475 -76.77 96.58 92.65
C ILE Q 475 -77.98 97.44 92.25
N PRO Q 476 -79.09 96.86 91.75
CA PRO Q 476 -80.29 97.60 91.35
C PRO Q 476 -80.88 98.50 92.44
N GLU Q 477 -80.79 98.11 93.70
CA GLU Q 477 -81.23 98.89 94.86
C GLU Q 477 -80.40 100.17 95.10
N SER Q 478 -79.25 100.31 94.42
CA SER Q 478 -78.38 101.49 94.53
C SER Q 478 -78.66 102.59 93.51
N ILE Q 479 -79.67 102.44 92.64
CA ILE Q 479 -80.06 103.44 91.64
C ILE Q 479 -80.40 104.78 92.31
N CYS Q 480 -79.91 105.87 91.73
CA CYS Q 480 -80.24 107.23 92.13
C CYS Q 480 -80.90 108.03 90.98
N LEU Q 481 -81.46 109.21 91.29
CA LEU Q 481 -82.10 110.06 90.29
C LEU Q 481 -81.10 110.50 89.19
N LEU Q 482 -79.84 110.74 89.56
CA LEU Q 482 -78.80 111.11 88.57
C LEU Q 482 -78.52 110.00 87.55
N ASP Q 483 -78.62 108.71 87.93
CA ASP Q 483 -78.52 107.61 86.97
C ASP Q 483 -79.69 107.63 85.95
N LEU Q 484 -80.90 107.99 86.42
CA LEU Q 484 -82.08 108.10 85.57
C LEU Q 484 -82.03 109.35 84.68
N GLU Q 485 -81.47 110.45 85.18
CA GLU Q 485 -81.31 111.69 84.43
C GLU Q 485 -80.34 111.52 83.28
N VAL Q 486 -79.16 110.93 83.52
CA VAL Q 486 -78.21 110.65 82.43
C VAL Q 486 -78.77 109.65 81.42
N PHE Q 487 -79.52 108.64 81.89
CA PHE Q 487 -80.21 107.73 80.98
C PHE Q 487 -81.15 108.52 80.04
N LEU Q 488 -82.03 109.36 80.58
CA LEU Q 488 -82.96 110.16 79.77
C LEU Q 488 -82.23 111.16 78.85
N LEU Q 489 -81.17 111.83 79.32
CA LEU Q 489 -80.36 112.73 78.50
C LEU Q 489 -79.75 112.01 77.29
N ALA Q 490 -79.24 110.78 77.47
CA ALA Q 490 -78.70 109.99 76.37
C ALA Q 490 -79.81 109.48 75.43
N VAL Q 491 -80.94 109.03 75.96
CA VAL Q 491 -82.08 108.63 75.12
C VAL Q 491 -82.52 109.80 74.24
N VAL Q 492 -82.77 110.98 74.81
CA VAL Q 492 -83.17 112.18 74.05
C VAL Q 492 -82.14 112.55 72.98
N GLN Q 493 -80.84 112.54 73.32
CA GLN Q 493 -79.77 112.85 72.36
C GLN Q 493 -79.71 111.82 71.22
N THR Q 494 -79.76 110.52 71.54
CA THR Q 494 -79.73 109.47 70.51
C THR Q 494 -80.97 109.50 69.63
N SER Q 495 -82.15 109.79 70.18
CA SER Q 495 -83.38 109.99 69.41
C SER Q 495 -83.26 111.20 68.48
N TYR Q 496 -82.67 112.31 68.96
CA TYR Q 496 -82.46 113.51 68.15
C TYR Q 496 -81.53 113.23 66.97
N LEU Q 497 -80.40 112.57 67.20
CA LEU Q 497 -79.45 112.18 66.14
C LEU Q 497 -80.10 111.23 65.13
N GLN Q 498 -80.88 110.25 65.60
CA GLN Q 498 -81.62 109.34 64.73
C GLN Q 498 -82.67 110.08 63.88
N LEU Q 499 -83.33 111.11 64.41
CA LEU Q 499 -84.27 111.93 63.63
C LEU Q 499 -83.54 112.78 62.59
N GLN Q 500 -82.37 113.32 62.90
CA GLN Q 500 -81.57 114.10 61.94
C GLN Q 500 -81.09 113.25 60.77
N ASP Q 501 -80.51 112.08 61.05
CA ASP Q 501 -80.01 111.18 60.00
C ASP Q 501 -81.13 110.67 59.07
N ASN Q 502 -82.36 110.53 59.60
CA ASN Q 502 -83.53 110.16 58.80
C ASN Q 502 -84.14 111.36 58.04
N ASN Q 503 -83.87 112.60 58.46
CA ASN Q 503 -84.49 113.82 57.93
C ASN Q 503 -83.66 114.52 56.85
N THR Q 504 -82.42 114.10 56.56
CA THR Q 504 -81.55 114.74 55.56
C THR Q 504 -82.17 114.84 54.16
N THR Q 505 -83.22 114.07 53.86
CA THR Q 505 -83.97 114.09 52.60
C THR Q 505 -85.44 114.52 52.75
N ALA Q 506 -85.86 115.05 53.91
CA ALA Q 506 -87.27 115.34 54.18
C ALA Q 506 -87.70 116.76 53.76
N ASP Q 507 -88.96 116.88 53.33
CA ASP Q 507 -89.68 118.14 53.03
C ASP Q 507 -89.41 119.21 54.11
N PRO Q 508 -89.01 120.45 53.73
CA PRO Q 508 -88.74 121.52 54.69
C PRO Q 508 -89.93 121.90 55.58
N ASN Q 509 -91.16 121.62 55.12
CA ASN Q 509 -92.39 121.86 55.90
C ASN Q 509 -92.70 120.72 56.87
N ARG Q 510 -91.95 119.62 56.85
CA ARG Q 510 -92.18 118.51 57.75
C ARG Q 510 -91.82 118.92 59.19
N PRO Q 511 -92.70 118.70 60.17
CA PRO Q 511 -92.40 118.97 61.57
C PRO Q 511 -91.17 118.18 62.02
N ARG Q 512 -90.27 118.85 62.78
CA ARG Q 512 -89.03 118.23 63.28
C ARG Q 512 -89.31 117.02 64.18
N CYS Q 513 -90.38 117.10 64.98
CA CYS Q 513 -90.90 116.02 65.77
C CYS Q 513 -92.41 115.89 65.52
N LEU Q 514 -92.87 114.67 65.24
CA LEU Q 514 -94.29 114.40 65.02
C LEU Q 514 -95.04 114.24 66.36
N PRO Q 515 -96.37 114.45 66.37
CA PRO Q 515 -97.21 114.16 67.53
C PRO Q 515 -97.06 112.72 68.02
N LEU Q 516 -97.12 112.52 69.34
CA LEU Q 516 -96.94 111.20 69.98
C LEU Q 516 -97.69 110.03 69.34
N PRO Q 517 -98.99 110.14 68.98
CA PRO Q 517 -99.72 109.02 68.38
C PRO Q 517 -99.11 108.50 67.08
N ILE Q 518 -98.52 109.39 66.26
CA ILE Q 518 -97.99 109.08 64.92
C ILE Q 518 -96.46 109.09 64.87
N CYS Q 519 -95.82 109.39 65.99
CA CYS Q 519 -94.38 109.39 66.13
C CYS Q 519 -93.86 107.96 66.27
N LYS Q 520 -92.84 107.61 65.47
CA LYS Q 520 -92.17 106.31 65.57
C LYS Q 520 -91.53 106.14 66.95
N GLN Q 521 -91.25 104.89 67.34
CA GLN Q 521 -90.56 104.62 68.61
C GLN Q 521 -89.23 105.37 68.65
N LEU Q 522 -89.06 106.23 69.65
CA LEU Q 522 -87.93 107.14 69.77
C LEU Q 522 -86.70 106.48 70.40
N PHE Q 523 -86.89 105.31 71.01
CA PHE Q 523 -85.87 104.55 71.75
C PHE Q 523 -85.77 103.10 71.26
N THR Q 524 -84.72 102.39 71.68
CA THR Q 524 -84.52 100.96 71.35
C THR Q 524 -85.26 100.03 72.31
N ASP Q 525 -85.54 98.79 71.90
CA ASP Q 525 -86.22 97.81 72.78
C ASP Q 525 -85.40 97.47 74.03
N ARG Q 526 -84.07 97.60 73.97
CA ARG Q 526 -83.21 97.45 75.14
C ARG Q 526 -83.36 98.60 76.12
N GLN Q 527 -83.41 99.85 75.63
CA GLN Q 527 -83.70 101.03 76.46
C GLN Q 527 -85.08 100.90 77.13
N ARG Q 528 -86.09 100.44 76.38
CA ARG Q 528 -87.43 100.11 76.91
C ARG Q 528 -87.34 99.09 78.02
N SER Q 529 -86.72 97.94 77.75
CA SER Q 529 -86.62 96.83 78.70
C SER Q 529 -85.91 97.25 79.98
N TRP Q 530 -84.90 98.11 79.90
CA TRP Q 530 -84.20 98.62 81.08
C TRP Q 530 -85.10 99.59 81.88
N TRP Q 531 -85.69 100.58 81.22
CA TRP Q 531 -86.56 101.56 81.88
C TRP Q 531 -87.79 100.92 82.53
N ASP Q 532 -88.47 100.01 81.83
CA ASP Q 532 -89.64 99.30 82.34
C ASP Q 532 -89.27 98.40 83.53
N ALA Q 533 -88.07 97.82 83.53
CA ALA Q 533 -87.56 97.03 84.65
C ALA Q 533 -87.31 97.91 85.88
N VAL Q 534 -86.65 99.06 85.71
CA VAL Q 534 -86.42 100.06 86.76
C VAL Q 534 -87.75 100.56 87.32
N TYR Q 535 -88.64 101.00 86.44
CA TYR Q 535 -89.96 101.50 86.82
C TYR Q 535 -90.74 100.46 87.62
N SER Q 536 -90.82 99.22 87.13
CA SER Q 536 -91.54 98.13 87.77
C SER Q 536 -90.96 97.75 89.14
N LEU Q 537 -89.63 97.77 89.28
CA LEU Q 537 -88.96 97.45 90.54
C LEU Q 537 -89.16 98.55 91.59
N ILE Q 538 -88.96 99.82 91.23
CA ILE Q 538 -89.04 100.96 92.15
C ILE Q 538 -90.49 101.23 92.57
N THR Q 539 -91.44 101.18 91.63
CA THR Q 539 -92.87 101.39 91.91
C THR Q 539 -93.56 100.17 92.51
N LYS Q 540 -92.84 99.05 92.70
CA LYS Q 540 -93.38 97.77 93.19
C LYS Q 540 -94.56 97.22 92.36
N LYS Q 541 -94.60 97.54 91.07
CA LYS Q 541 -95.58 97.03 90.09
C LYS Q 541 -95.13 95.76 89.37
N ALA Q 542 -93.94 95.24 89.68
CA ALA Q 542 -93.42 94.01 89.07
C ALA Q 542 -94.32 92.79 89.35
N LEU Q 543 -94.55 91.96 88.32
CA LEU Q 543 -95.28 90.70 88.48
C LEU Q 543 -94.54 89.77 89.47
N PRO Q 544 -95.25 89.04 90.35
CA PRO Q 544 -94.65 88.06 91.25
C PRO Q 544 -93.76 87.06 90.49
N GLY Q 545 -92.56 86.80 91.01
CA GLY Q 545 -91.58 85.88 90.41
C GLY Q 545 -90.70 86.47 89.31
N THR Q 546 -91.04 87.64 88.73
CA THR Q 546 -90.22 88.26 87.68
C THR Q 546 -89.07 89.11 88.22
N SER Q 547 -89.07 89.43 89.52
CA SER Q 547 -88.13 90.41 90.11
C SER Q 547 -86.66 90.02 89.96
N ALA Q 548 -86.31 88.73 89.96
CA ALA Q 548 -84.93 88.30 89.74
C ALA Q 548 -84.45 88.62 88.32
N LYS Q 549 -85.29 88.35 87.31
CA LYS Q 549 -85.00 88.66 85.90
C LYS Q 549 -84.87 90.18 85.69
N LEU Q 550 -85.77 90.97 86.29
CA LEU Q 550 -85.72 92.43 86.20
C LEU Q 550 -84.41 92.98 86.81
N ARG Q 551 -84.01 92.47 87.98
CA ARG Q 551 -82.73 92.86 88.61
C ARG Q 551 -81.52 92.56 87.73
N SER Q 552 -81.49 91.42 87.05
CA SER Q 552 -80.38 91.08 86.14
C SER Q 552 -80.30 92.03 84.94
N VAL Q 553 -81.43 92.42 84.36
CA VAL Q 553 -81.47 93.42 83.26
C VAL Q 553 -80.91 94.77 83.74
N ILE Q 554 -81.37 95.23 84.90
CA ILE Q 554 -80.94 96.50 85.48
C ILE Q 554 -79.44 96.47 85.78
N GLN Q 555 -78.97 95.42 86.46
CA GLN Q 555 -77.58 95.29 86.89
C GLN Q 555 -76.60 95.35 85.71
N HIS Q 556 -76.94 94.71 84.60
CA HIS Q 556 -76.09 94.69 83.41
C HIS Q 556 -75.89 96.11 82.84
N ASP Q 557 -76.98 96.83 82.58
CA ASP Q 557 -76.92 98.13 81.90
C ASP Q 557 -76.61 99.31 82.84
N LEU Q 558 -76.75 99.13 84.16
CA LEU Q 558 -76.31 100.12 85.15
C LEU Q 558 -74.78 100.30 85.13
N THR Q 559 -74.02 99.26 84.79
CA THR Q 559 -72.55 99.36 84.63
C THR Q 559 -72.18 100.34 83.51
N THR Q 560 -72.93 100.32 82.41
CA THR Q 560 -72.81 101.25 81.29
C THR Q 560 -73.10 102.68 81.73
N LEU Q 561 -74.24 102.92 82.40
CA LEU Q 561 -74.64 104.27 82.83
C LEU Q 561 -73.65 104.93 83.79
N ARG Q 562 -73.02 104.14 84.68
CA ARG Q 562 -72.02 104.64 85.61
C ARG Q 562 -70.61 104.70 85.03
N ALA Q 563 -70.44 104.38 83.75
CA ALA Q 563 -69.16 104.32 83.06
C ALA Q 563 -68.12 103.45 83.83
N GLN Q 564 -68.56 102.27 84.26
CA GLN Q 564 -67.69 101.26 84.87
C GLN Q 564 -66.80 100.59 83.80
N GLU Q 565 -65.95 99.64 84.20
CA GLU Q 565 -65.03 98.98 83.29
C GLU Q 565 -65.74 98.41 82.05
N LYS Q 566 -65.17 98.65 80.86
CA LYS Q 566 -65.70 98.19 79.56
C LYS Q 566 -67.14 98.67 79.26
N HIS Q 567 -67.50 99.86 79.71
CA HIS Q 567 -68.83 100.47 79.49
C HIS Q 567 -69.27 100.58 78.02
N GLY Q 568 -68.36 100.67 77.04
CA GLY Q 568 -68.72 100.70 75.61
C GLY Q 568 -69.47 101.94 75.12
N LEU Q 569 -69.60 102.98 75.95
CA LEU Q 569 -70.13 104.30 75.58
C LEU Q 569 -69.28 105.03 74.53
N GLN Q 570 -69.94 105.69 73.58
CA GLN Q 570 -69.32 106.69 72.69
C GLN Q 570 -68.94 107.94 73.50
N PRO Q 571 -67.74 108.53 73.32
CA PRO Q 571 -67.31 109.73 74.04
C PRO Q 571 -68.29 110.90 74.00
N ALA Q 572 -68.96 111.09 72.86
CA ALA Q 572 -69.94 112.16 72.68
C ALA Q 572 -71.12 112.08 73.68
N VAL Q 573 -71.48 110.88 74.14
CA VAL Q 573 -72.51 110.67 75.16
C VAL Q 573 -72.00 111.16 76.53
N LEU Q 574 -70.75 110.84 76.89
CA LEU Q 574 -70.12 111.31 78.13
C LEU Q 574 -69.99 112.83 78.17
N VAL Q 575 -69.60 113.46 77.06
CA VAL Q 575 -69.56 114.92 76.91
C VAL Q 575 -70.95 115.53 77.15
N ASN Q 576 -71.99 114.97 76.52
CA ASN Q 576 -73.35 115.46 76.68
C ASN Q 576 -73.86 115.33 78.12
N TRP Q 577 -73.57 114.21 78.80
CA TRP Q 577 -73.89 114.04 80.22
C TRP Q 577 -73.18 115.07 81.08
N ALA Q 578 -71.86 115.21 80.92
CA ALA Q 578 -71.09 116.15 81.73
C ALA Q 578 -71.59 117.59 81.55
N ARG Q 579 -71.83 118.03 80.31
CA ARG Q 579 -72.41 119.34 80.00
C ARG Q 579 -73.80 119.54 80.57
N GLY Q 580 -74.69 118.56 80.40
CA GLY Q 580 -76.05 118.62 80.92
C GLY Q 580 -76.06 118.74 82.44
N LEU Q 581 -75.26 117.93 83.12
CA LEU Q 581 -75.13 117.95 84.58
C LEU Q 581 -74.46 119.24 85.09
N HIS Q 582 -73.46 119.76 84.37
CA HIS Q 582 -72.81 121.03 84.71
C HIS Q 582 -73.81 122.18 84.67
N LYS Q 583 -74.56 122.31 83.58
CA LYS Q 583 -75.58 123.36 83.43
C LYS Q 583 -76.70 123.24 84.47
N THR Q 584 -77.23 122.03 84.68
CA THR Q 584 -78.27 121.81 85.70
C THR Q 584 -77.72 122.14 87.08
N GLY Q 585 -76.55 121.62 87.44
CA GLY Q 585 -75.94 121.85 88.75
C GLY Q 585 -75.65 123.32 89.01
N TYR Q 586 -75.08 124.04 88.05
CA TYR Q 586 -74.77 125.48 88.17
C TYR Q 586 -76.04 126.33 88.39
N SER Q 587 -77.18 125.92 87.80
CA SER Q 587 -78.47 126.63 87.95
C SER Q 587 -79.20 126.38 89.29
N LEU Q 588 -78.68 125.50 90.16
CA LEU Q 588 -79.35 125.16 91.42
C LEU Q 588 -78.85 126.04 92.56
N ASN Q 589 -79.75 126.54 93.41
CA ASN Q 589 -79.37 127.37 94.56
C ASN Q 589 -78.97 126.56 95.81
N SER Q 590 -79.12 125.24 95.77
CA SER Q 590 -78.84 124.35 96.90
C SER Q 590 -77.40 123.85 96.84
N PHE Q 591 -76.60 124.20 97.84
CA PHE Q 591 -75.20 123.74 97.99
C PHE Q 591 -75.07 122.22 97.82
N TYR Q 592 -75.91 121.44 98.49
CA TYR Q 592 -75.85 119.97 98.43
C TYR Q 592 -76.18 119.45 97.04
N ASP Q 593 -77.17 120.05 96.37
CA ASP Q 593 -77.53 119.65 95.01
C ASP Q 593 -76.41 120.02 94.02
N GLN Q 594 -75.85 121.24 94.12
CA GLN Q 594 -74.72 121.68 93.31
C GLN Q 594 -73.55 120.70 93.44
N LYS Q 595 -73.19 120.33 94.67
CA LYS Q 595 -72.09 119.41 94.96
C LYS Q 595 -72.32 118.03 94.36
N GLU Q 596 -73.52 117.48 94.45
CA GLU Q 596 -73.87 116.18 93.85
C GLU Q 596 -73.79 116.21 92.32
N TYR Q 597 -74.37 117.22 91.67
CA TYR Q 597 -74.32 117.38 90.21
C TYR Q 597 -72.90 117.62 89.71
N MET Q 598 -72.12 118.49 90.37
CA MET Q 598 -70.74 118.75 90.01
C MET Q 598 -69.87 117.50 90.24
N GLY Q 599 -70.07 116.80 91.36
CA GLY Q 599 -69.37 115.54 91.62
C GLY Q 599 -69.61 114.49 90.54
N ARG Q 600 -70.86 114.33 90.08
CA ARG Q 600 -71.18 113.41 88.99
C ARG Q 600 -70.70 113.89 87.62
N CYS Q 601 -70.74 115.19 87.35
CA CYS Q 601 -70.16 115.78 86.14
C CYS Q 601 -68.65 115.47 86.04
N VAL Q 602 -67.91 115.73 87.12
CA VAL Q 602 -66.48 115.44 87.24
C VAL Q 602 -66.19 113.94 87.09
N HIS Q 603 -67.05 113.07 87.61
CA HIS Q 603 -66.92 111.61 87.40
C HIS Q 603 -66.91 111.25 85.91
N TYR Q 604 -67.83 111.78 85.10
CA TYR Q 604 -67.85 111.48 83.66
C TYR Q 604 -66.66 112.10 82.91
N TRP Q 605 -66.23 113.31 83.27
CA TRP Q 605 -65.00 113.89 82.71
C TRP Q 605 -63.78 113.00 82.97
N LYS Q 606 -63.61 112.50 84.21
CA LYS Q 606 -62.53 111.56 84.54
C LYS Q 606 -62.57 110.26 83.74
N LYS Q 607 -63.76 109.78 83.36
CA LYS Q 607 -63.93 108.59 82.50
C LYS Q 607 -63.70 108.90 81.03
N LEU Q 608 -63.93 110.14 80.60
CA LEU Q 608 -63.75 110.60 79.24
C LEU Q 608 -62.27 110.88 78.90
N LEU Q 609 -61.47 111.43 79.82
CA LEU Q 609 -60.06 111.79 79.57
C LEU Q 609 -59.23 110.66 78.94
N PRO Q 610 -59.27 109.40 79.44
CA PRO Q 610 -58.54 108.30 78.79
C PRO Q 610 -59.01 107.98 77.38
N LEU Q 611 -60.27 108.25 77.04
CA LEU Q 611 -60.79 108.07 75.67
C LEU Q 611 -60.33 109.19 74.75
N LEU Q 612 -60.20 110.42 75.25
CA LEU Q 612 -59.62 111.54 74.51
C LEU Q 612 -58.15 111.27 74.17
N ASP Q 613 -57.39 110.67 75.09
CA ASP Q 613 -56.02 110.21 74.83
C ASP Q 613 -55.96 109.18 73.69
N LEU Q 614 -56.92 108.25 73.63
CA LEU Q 614 -57.02 107.29 72.51
C LEU Q 614 -57.30 108.01 71.18
N VAL Q 615 -58.21 108.98 71.17
CA VAL Q 615 -58.53 109.80 69.98
C VAL Q 615 -57.30 110.60 69.52
N LYS Q 616 -56.55 111.20 70.46
CA LYS Q 616 -55.28 111.90 70.18
C LYS Q 616 -54.23 110.98 69.57
N GLN Q 617 -54.19 109.73 70.02
CA GLN Q 617 -53.35 108.66 69.45
C GLN Q 617 -53.94 108.06 68.15
N LYS Q 618 -55.07 108.57 67.64
CA LYS Q 618 -55.80 108.06 66.46
C LYS Q 618 -56.18 106.58 66.57
N LYS Q 619 -56.42 106.09 67.79
CA LYS Q 619 -56.91 104.75 68.05
C LYS Q 619 -58.44 104.73 68.01
N SER Q 620 -59.00 103.65 67.47
CA SER Q 620 -60.45 103.44 67.43
C SER Q 620 -61.01 103.13 68.82
N ILE Q 621 -62.22 103.61 69.08
CA ILE Q 621 -62.94 103.35 70.33
C ILE Q 621 -63.73 102.05 70.17
N PRO Q 622 -63.69 101.12 71.15
CA PRO Q 622 -64.43 99.87 71.07
C PRO Q 622 -65.95 100.08 71.06
N GLU Q 623 -66.63 99.54 70.07
CA GLU Q 623 -68.10 99.55 69.95
C GLU Q 623 -68.70 98.18 70.33
N PRO Q 624 -69.68 98.12 71.26
CA PRO Q 624 -70.39 96.89 71.58
C PRO Q 624 -71.27 96.39 70.43
N VAL Q 625 -71.43 95.07 70.29
CA VAL Q 625 -72.32 94.46 69.27
C VAL Q 625 -73.78 94.87 69.41
N ASP Q 626 -74.25 94.98 70.65
CA ASP Q 626 -75.58 95.49 71.00
C ASP Q 626 -75.40 96.58 72.06
N PRO Q 627 -75.28 97.86 71.69
CA PRO Q 627 -75.04 98.94 72.64
C PRO Q 627 -76.37 99.47 73.21
N LEU Q 628 -76.36 99.88 74.49
CA LEU Q 628 -77.53 100.54 75.12
C LEU Q 628 -77.86 101.88 74.43
N PHE Q 629 -76.82 102.60 73.98
CA PHE Q 629 -76.92 103.83 73.20
C PHE Q 629 -76.17 103.65 71.89
N LYS Q 630 -76.84 103.82 70.75
CA LYS Q 630 -76.24 103.65 69.43
C LYS Q 630 -75.08 104.64 69.23
N HIS Q 631 -74.03 104.19 68.56
CA HIS Q 631 -72.91 105.05 68.17
C HIS Q 631 -73.27 105.77 66.88
N PHE Q 632 -73.08 107.09 66.87
CA PHE Q 632 -73.32 107.93 65.69
C PHE Q 632 -72.00 108.54 65.22
N HIS Q 633 -71.45 108.02 64.12
CA HIS Q 633 -70.13 108.43 63.62
C HIS Q 633 -70.05 109.90 63.19
N ASN Q 634 -71.19 110.54 62.90
CA ASN Q 634 -71.27 111.98 62.63
C ASN Q 634 -70.95 112.86 63.86
N LYS Q 635 -70.96 112.29 65.07
CA LYS Q 635 -70.62 112.92 66.35
C LYS Q 635 -69.34 112.37 66.98
N ASP Q 636 -68.54 111.61 66.25
CA ASP Q 636 -67.23 111.20 66.74
C ASP Q 636 -66.33 112.42 66.97
N ILE Q 637 -65.69 112.46 68.15
CA ILE Q 637 -64.85 113.59 68.58
C ILE Q 637 -63.65 113.70 67.65
N LYS Q 638 -63.45 114.89 67.09
CA LYS Q 638 -62.29 115.17 66.23
C LYS Q 638 -61.08 115.53 67.07
N VAL Q 639 -59.89 115.21 66.56
CA VAL Q 639 -58.60 115.52 67.24
C VAL Q 639 -58.46 117.03 67.53
N SER Q 640 -59.05 117.91 66.71
CA SER Q 640 -59.05 119.35 66.92
C SER Q 640 -59.87 119.80 68.13
N GLU Q 641 -60.91 119.06 68.49
CA GLU Q 641 -61.83 119.39 69.60
C GLU Q 641 -61.33 118.86 70.95
N VAL Q 642 -60.31 118.00 70.95
CA VAL Q 642 -59.80 117.34 72.16
C VAL Q 642 -59.29 118.35 73.19
N LYS Q 643 -58.56 119.38 72.74
CA LYS Q 643 -58.02 120.40 73.65
C LYS Q 643 -59.12 121.18 74.36
N ASP Q 644 -60.15 121.61 73.61
CA ASP Q 644 -61.27 122.37 74.17
C ASP Q 644 -62.04 121.55 75.21
N LEU Q 645 -62.15 120.23 75.01
CA LEU Q 645 -62.76 119.30 75.96
C LEU Q 645 -61.88 119.02 77.19
N GLU Q 646 -60.56 118.99 77.03
CA GLU Q 646 -59.61 118.92 78.16
C GLU Q 646 -59.71 120.18 79.03
N ASP Q 647 -59.79 121.36 78.41
CA ASP Q 647 -59.97 122.63 79.10
C ASP Q 647 -61.33 122.70 79.83
N GLU Q 648 -62.41 122.22 79.19
CA GLU Q 648 -63.75 122.11 79.80
C GLU Q 648 -63.76 121.14 81.00
N ALA Q 649 -63.03 120.02 80.92
CA ALA Q 649 -62.86 119.09 82.04
C ALA Q 649 -62.14 119.77 83.22
N CYS Q 650 -61.06 120.52 82.95
CA CYS Q 650 -60.33 121.28 83.97
C CYS Q 650 -61.20 122.34 84.64
N ILE Q 651 -62.03 123.06 83.87
CA ILE Q 651 -63.02 124.01 84.40
C ILE Q 651 -63.99 123.29 85.34
N ALA Q 652 -64.54 122.14 84.94
CA ALA Q 652 -65.45 121.37 85.79
C ALA Q 652 -64.78 120.88 87.10
N PHE Q 653 -63.50 120.51 87.06
CA PHE Q 653 -62.74 120.15 88.25
C PHE Q 653 -62.56 121.34 89.19
N ALA Q 654 -62.17 122.49 88.66
CA ALA Q 654 -62.04 123.74 89.42
C ALA Q 654 -63.38 124.20 90.01
N THR Q 655 -64.49 124.06 89.27
CA THR Q 655 -65.83 124.36 89.79
C THR Q 655 -66.21 123.43 90.95
N LEU Q 656 -65.87 122.13 90.89
CA LEU Q 656 -66.13 121.22 92.01
C LEU Q 656 -65.31 121.61 93.24
N ASP Q 657 -64.04 121.95 93.09
CA ASP Q 657 -63.21 122.41 94.21
C ASP Q 657 -63.74 123.72 94.81
N LEU Q 658 -64.27 124.63 93.97
CA LEU Q 658 -64.97 125.84 94.43
C LEU Q 658 -66.23 125.50 95.24
N VAL Q 659 -67.07 124.59 94.76
CA VAL Q 659 -68.28 124.13 95.48
C VAL Q 659 -67.92 123.38 96.75
N ASP Q 660 -66.80 122.67 96.81
CA ASP Q 660 -66.30 122.02 98.03
C ASP Q 660 -65.72 123.00 99.06
N GLY Q 661 -65.59 124.29 98.71
CA GLY Q 661 -65.04 125.35 99.57
C GLY Q 661 -63.50 125.43 99.53
N LYS Q 662 -62.83 124.73 98.61
CA LYS Q 662 -61.38 124.84 98.38
C LYS Q 662 -61.10 125.96 97.38
N THR Q 663 -61.36 127.19 97.80
CA THR Q 663 -61.28 128.37 96.94
C THR Q 663 -59.89 128.59 96.36
N GLU Q 664 -58.82 128.36 97.12
CA GLU Q 664 -57.45 128.57 96.66
C GLU Q 664 -57.03 127.56 95.58
N ASP Q 665 -57.34 126.28 95.78
CA ASP Q 665 -57.10 125.24 94.78
C ASP Q 665 -57.87 125.52 93.47
N ALA Q 666 -59.11 126.02 93.60
CA ALA Q 666 -59.93 126.41 92.46
C ALA Q 666 -59.33 127.60 91.70
N ILE Q 667 -58.82 128.63 92.38
CA ILE Q 667 -58.15 129.78 91.75
C ILE Q 667 -56.95 129.31 90.92
N ILE Q 668 -56.06 128.51 91.51
CA ILE Q 668 -54.88 127.97 90.83
C ILE Q 668 -55.29 127.15 89.60
N ALA Q 669 -56.33 126.32 89.73
CA ALA Q 669 -56.84 125.52 88.62
C ALA Q 669 -57.43 126.38 87.49
N PHE Q 670 -58.23 127.40 87.80
CA PHE Q 670 -58.79 128.30 86.78
C PHE Q 670 -57.70 129.13 86.07
N GLU Q 671 -56.72 129.65 86.82
CA GLU Q 671 -55.59 130.41 86.24
C GLU Q 671 -54.76 129.57 85.26
N SER Q 672 -54.73 128.24 85.45
CA SER Q 672 -54.01 127.33 84.58
C SER Q 672 -54.66 127.11 83.20
N VAL Q 673 -55.99 127.23 83.09
CA VAL Q 673 -56.74 126.95 81.84
C VAL Q 673 -56.64 128.10 80.84
N LYS Q 674 -56.55 129.35 81.32
CA LYS Q 674 -56.41 130.56 80.48
C LYS Q 674 -57.48 130.68 79.37
N ASN Q 675 -58.74 130.53 79.75
CA ASN Q 675 -59.91 130.62 78.87
C ASN Q 675 -60.92 131.61 79.47
N VAL Q 676 -61.72 132.27 78.63
CA VAL Q 676 -62.83 133.18 79.02
C VAL Q 676 -63.72 132.62 80.11
N VAL Q 677 -64.10 131.34 80.06
CA VAL Q 677 -64.94 130.72 81.10
C VAL Q 677 -64.19 130.66 82.44
N ALA Q 678 -62.88 130.40 82.42
CA ALA Q 678 -62.05 130.40 83.62
C ALA Q 678 -61.87 131.81 84.18
N TYR Q 679 -61.63 132.81 83.33
CA TYR Q 679 -61.55 134.22 83.73
C TYR Q 679 -62.86 134.71 84.34
N TRP Q 680 -64.01 134.30 83.80
CA TRP Q 680 -65.32 134.63 84.35
C TRP Q 680 -65.49 134.04 85.76
N ASN Q 681 -65.14 132.76 85.95
CA ASN Q 681 -65.19 132.15 87.28
C ASN Q 681 -64.21 132.81 88.26
N LEU Q 682 -63.01 133.20 87.81
CA LEU Q 682 -62.06 133.95 88.64
C LEU Q 682 -62.62 135.31 89.05
N ALA Q 683 -63.22 136.06 88.12
CA ALA Q 683 -63.87 137.34 88.41
C ALA Q 683 -64.97 137.16 89.48
N LEU Q 684 -65.84 136.15 89.33
CA LEU Q 684 -66.87 135.84 90.33
C LEU Q 684 -66.30 135.48 91.71
N ILE Q 685 -65.20 134.72 91.76
CA ILE Q 685 -64.54 134.38 93.02
C ILE Q 685 -64.02 135.64 93.71
N TYR Q 686 -63.31 136.51 92.99
CA TYR Q 686 -62.75 137.73 93.55
C TYR Q 686 -63.82 138.76 93.92
N GLN Q 687 -64.91 138.86 93.15
CA GLN Q 687 -66.07 139.66 93.54
C GLN Q 687 -66.67 139.18 94.86
N ARG Q 688 -66.91 137.87 95.01
CA ARG Q 688 -67.44 137.32 96.27
C ARG Q 688 -66.48 137.50 97.44
N LYS Q 689 -65.16 137.33 97.21
CA LYS Q 689 -64.15 137.64 98.23
C LYS Q 689 -64.22 139.11 98.67
N ALA Q 690 -64.41 140.05 97.73
CA ALA Q 690 -64.57 141.47 98.05
C ALA Q 690 -65.87 141.73 98.85
N GLU Q 691 -67.00 141.14 98.46
CA GLU Q 691 -68.28 141.26 99.18
C GLU Q 691 -68.24 140.64 100.60
N GLU Q 692 -67.44 139.60 100.82
CA GLU Q 692 -67.22 139.03 102.16
C GLU Q 692 -66.39 139.95 103.07
N ILE Q 693 -65.46 140.71 102.47
CA ILE Q 693 -64.65 141.71 103.17
C ILE Q 693 -65.48 142.97 103.44
N GLU Q 694 -66.42 143.35 102.57
CA GLU Q 694 -67.28 144.53 102.73
C GLU Q 694 -68.18 144.46 103.99
N ASN Q 695 -67.64 144.87 105.13
CA ASN Q 695 -68.37 145.22 106.35
C ASN Q 695 -68.07 146.68 106.69
N ASP Q 696 -69.06 147.44 107.17
CA ASP Q 696 -69.04 148.91 107.29
C ASP Q 696 -67.91 149.55 108.15
N CYS Q 697 -66.94 148.81 108.71
CA CYS Q 697 -65.85 149.32 109.55
C CYS Q 697 -64.54 148.49 109.41
N LEU Q 698 -63.92 148.49 108.23
CA LEU Q 698 -62.72 147.67 107.96
C LEU Q 698 -61.42 148.25 108.55
N PRO Q 699 -60.58 147.42 109.20
CA PRO Q 699 -59.16 147.71 109.42
C PRO Q 699 -58.40 147.99 108.11
N ALA Q 700 -57.31 148.76 108.16
CA ALA Q 700 -56.53 149.14 106.97
C ALA Q 700 -56.01 147.93 106.16
N GLU Q 701 -55.63 146.83 106.82
CA GLU Q 701 -55.21 145.59 106.16
C GLU Q 701 -56.36 144.98 105.34
N GLU Q 702 -57.57 144.94 105.90
CA GLU Q 702 -58.76 144.42 105.19
C GLU Q 702 -59.18 145.36 104.04
N GLN Q 703 -58.93 146.66 104.15
CA GLN Q 703 -59.16 147.61 103.07
C GLN Q 703 -58.20 147.40 101.88
N GLU Q 704 -56.93 147.07 102.13
CA GLU Q 704 -55.97 146.72 101.07
C GLU Q 704 -56.36 145.41 100.37
N GLU Q 705 -56.75 144.37 101.14
CA GLU Q 705 -57.22 143.10 100.58
C GLU Q 705 -58.49 143.26 99.73
N PHE Q 706 -59.43 144.11 100.17
CA PHE Q 706 -60.64 144.44 99.41
C PHE Q 706 -60.29 145.08 98.06
N GLN Q 707 -59.40 146.08 98.07
CA GLN Q 707 -58.96 146.76 96.85
C GLN Q 707 -58.20 145.81 95.92
N GLU Q 708 -57.35 144.93 96.44
CA GLU Q 708 -56.64 143.93 95.65
C GLU Q 708 -57.62 142.95 94.97
N CYS Q 709 -58.65 142.50 95.69
CA CYS Q 709 -59.69 141.64 95.14
C CYS Q 709 -60.44 142.32 93.99
N LEU Q 710 -60.83 143.60 94.16
CA LEU Q 710 -61.49 144.36 93.11
C LEU Q 710 -60.58 144.61 91.89
N LEU Q 711 -59.29 144.89 92.10
CA LEU Q 711 -58.33 145.04 91.01
C LEU Q 711 -58.15 143.72 90.22
N LYS Q 712 -58.08 142.58 90.91
CA LYS Q 712 -58.04 141.25 90.28
C LYS Q 712 -59.31 140.97 89.49
N CYS Q 713 -60.47 141.28 90.07
CA CYS Q 713 -61.76 141.17 89.38
C CYS Q 713 -61.79 142.03 88.10
N LYS Q 714 -61.43 143.32 88.19
CA LYS Q 714 -61.32 144.23 87.04
C LYS Q 714 -60.37 143.69 85.97
N GLY Q 715 -59.23 143.13 86.38
CA GLY Q 715 -58.25 142.50 85.48
C GLY Q 715 -58.83 141.37 84.64
N PHE Q 716 -59.48 140.39 85.29
CA PHE Q 716 -60.09 139.26 84.58
C PHE Q 716 -61.28 139.67 83.71
N LEU Q 717 -62.14 140.58 84.18
CA LEU Q 717 -63.24 141.12 83.38
C LEU Q 717 -62.74 141.85 82.14
N LYS Q 718 -61.66 142.64 82.27
CA LYS Q 718 -61.02 143.31 81.13
C LYS Q 718 -60.46 142.30 80.13
N MET Q 719 -59.81 141.21 80.59
CA MET Q 719 -59.34 140.15 79.69
C MET Q 719 -60.48 139.54 78.87
N ILE Q 720 -61.66 139.32 79.48
CA ILE Q 720 -62.85 138.82 78.75
C ILE Q 720 -63.29 139.83 77.69
N CYS Q 721 -63.35 141.12 78.02
CA CYS Q 721 -63.73 142.17 77.07
C CYS Q 721 -62.71 142.29 75.92
N ASP Q 722 -61.42 142.21 76.22
CA ASP Q 722 -60.34 142.27 75.23
C ASP Q 722 -60.43 141.05 74.28
N GLU Q 723 -60.64 139.84 74.80
CA GLU Q 723 -60.83 138.65 73.96
C GLU Q 723 -62.12 138.72 73.12
N TYR Q 724 -63.23 139.18 73.69
CA TYR Q 724 -64.48 139.40 72.96
C TYR Q 724 -64.32 140.42 71.82
N SER Q 725 -63.56 141.49 72.06
CA SER Q 725 -63.27 142.49 71.03
C SER Q 725 -62.44 141.94 69.87
N ALA Q 726 -61.55 140.97 70.15
CA ALA Q 726 -60.77 140.28 69.12
C ALA Q 726 -61.59 139.22 68.38
N TYR Q 727 -62.44 138.47 69.08
CA TYR Q 727 -63.24 137.37 68.53
C TYR Q 727 -64.68 137.36 69.08
N PRO Q 728 -65.62 138.03 68.40
CA PRO Q 728 -67.02 138.09 68.83
C PRO Q 728 -67.73 136.72 68.95
N SER Q 729 -67.19 135.67 68.33
CA SER Q 729 -67.68 134.29 68.45
C SER Q 729 -67.64 133.74 69.88
N ILE Q 730 -66.81 134.33 70.75
CA ILE Q 730 -66.67 133.94 72.15
C ILE Q 730 -67.96 134.14 72.94
N ALA Q 731 -68.87 135.03 72.51
CA ALA Q 731 -70.18 135.20 73.15
C ALA Q 731 -70.96 133.89 73.31
N THR Q 732 -70.75 132.90 72.43
CA THR Q 732 -71.40 131.59 72.53
C THR Q 732 -70.79 130.66 73.60
N SER Q 733 -69.54 130.90 73.99
CA SER Q 733 -68.83 130.16 75.02
C SER Q 733 -69.01 130.75 76.42
N LEU Q 734 -69.34 132.03 76.51
CA LEU Q 734 -69.58 132.71 77.78
C LEU Q 734 -70.80 132.11 78.50
N PRO Q 735 -70.72 131.85 79.82
CA PRO Q 735 -71.86 131.35 80.59
C PRO Q 735 -73.00 132.36 80.73
N VAL Q 736 -72.71 133.65 80.54
CA VAL Q 736 -73.64 134.78 80.69
C VAL Q 736 -73.61 135.66 79.43
N PRO Q 737 -74.67 136.44 79.17
CA PRO Q 737 -74.63 137.46 78.13
C PRO Q 737 -73.46 138.42 78.35
N VAL Q 738 -72.87 138.92 77.27
CA VAL Q 738 -71.69 139.80 77.35
C VAL Q 738 -72.05 141.11 78.05
N GLU Q 739 -73.32 141.53 77.96
CA GLU Q 739 -73.88 142.68 78.66
C GLU Q 739 -73.70 142.57 80.18
N THR Q 740 -73.90 141.39 80.76
CA THR Q 740 -73.69 141.15 82.20
C THR Q 740 -72.22 141.29 82.60
N VAL Q 741 -71.29 140.94 81.70
CA VAL Q 741 -69.85 141.15 81.92
C VAL Q 741 -69.52 142.64 81.94
N PHE Q 742 -70.09 143.41 81.02
CA PHE Q 742 -69.91 144.87 80.98
C PHE Q 742 -70.54 145.57 82.19
N GLU Q 743 -71.76 145.19 82.59
CA GLU Q 743 -72.42 145.72 83.78
C GLU Q 743 -71.60 145.47 85.06
N MET Q 744 -71.05 144.27 85.22
CA MET Q 744 -70.17 143.93 86.34
C MET Q 744 -68.85 144.69 86.28
N LEU Q 745 -68.26 144.86 85.09
CA LEU Q 745 -67.04 145.65 84.94
C LEU Q 745 -67.27 147.11 85.33
N ASP Q 746 -68.40 147.69 84.95
CA ASP Q 746 -68.73 149.08 85.27
C ASP Q 746 -69.07 149.25 86.76
N SER Q 747 -69.73 148.28 87.40
CA SER Q 747 -69.94 148.32 88.86
C SER Q 747 -68.61 148.25 89.63
N VAL Q 748 -67.68 147.38 89.21
CA VAL Q 748 -66.35 147.26 89.83
C VAL Q 748 -65.54 148.54 89.64
N LYS Q 749 -65.62 149.21 88.48
CA LYS Q 749 -65.00 150.53 88.27
C LYS Q 749 -65.57 151.60 89.20
N GLN Q 750 -66.90 151.61 89.41
CA GLN Q 750 -67.54 152.56 90.32
C GLN Q 750 -67.08 152.33 91.77
N SER Q 751 -66.95 151.08 92.22
CA SER Q 751 -66.48 150.75 93.57
C SER Q 751 -64.99 151.05 93.80
N LEU Q 752 -64.14 150.92 92.77
CA LEU Q 752 -62.72 151.29 92.86
C LEU Q 752 -62.51 152.82 92.89
N GLY Q 753 -63.48 153.59 92.40
CA GLY Q 753 -63.37 155.04 92.25
C GLY Q 753 -62.38 155.47 91.14
N GLU Q 754 -62.53 156.70 90.65
CA GLU Q 754 -61.74 157.26 89.54
C GLU Q 754 -60.22 157.38 89.85
N ALA Q 755 -59.82 157.33 91.12
CA ALA Q 755 -58.47 157.69 91.55
C ALA Q 755 -57.36 156.67 91.23
N MET Q 756 -57.70 155.47 90.75
CA MET Q 756 -56.74 154.38 90.52
C MET Q 756 -56.58 154.00 89.04
N ASP Q 757 -57.18 154.74 88.10
CA ASP Q 757 -57.19 154.36 86.67
C ASP Q 757 -55.80 154.35 85.99
N ASP Q 758 -54.78 154.99 86.57
CA ASP Q 758 -53.46 155.17 85.93
C ASP Q 758 -52.31 154.29 86.44
N HIS Q 759 -52.52 153.46 87.47
CA HIS Q 759 -51.46 152.58 87.99
C HIS Q 759 -51.85 151.11 87.83
N SER Q 760 -51.57 150.55 86.66
CA SER Q 760 -51.60 149.10 86.46
C SER Q 760 -50.25 148.51 86.91
N PRO Q 761 -50.16 147.79 88.06
CA PRO Q 761 -49.00 146.96 88.30
C PRO Q 761 -49.11 145.76 87.34
N ALA Q 762 -48.01 145.39 86.70
CA ALA Q 762 -47.90 144.29 85.75
C ALA Q 762 -48.54 143.00 86.31
N PHE Q 763 -49.79 142.76 85.92
CA PHE Q 763 -50.72 141.78 86.52
C PHE Q 763 -50.24 140.31 86.46
N MET Q 764 -49.24 140.00 85.65
CA MET Q 764 -48.77 138.62 85.46
C MET Q 764 -47.27 138.37 85.61
N GLU Q 765 -46.43 139.35 86.01
CA GLU Q 765 -44.97 139.11 86.01
C GLU Q 765 -44.41 138.33 87.22
N ASN Q 766 -45.14 138.17 88.34
CA ASN Q 766 -44.50 137.64 89.58
C ASN Q 766 -44.91 136.25 90.09
N HIS Q 767 -45.65 135.42 89.34
CA HIS Q 767 -45.90 134.02 89.74
C HIS Q 767 -45.34 133.01 88.74
N SER Q 768 -44.01 133.04 88.57
CA SER Q 768 -43.22 132.02 87.88
C SER Q 768 -42.45 131.12 88.86
N VAL Q 769 -43.07 130.65 89.95
CA VAL Q 769 -42.45 129.63 90.82
C VAL Q 769 -43.51 128.70 91.41
N LEU Q 770 -43.75 127.57 90.75
CA LEU Q 770 -43.86 126.23 91.37
C LEU Q 770 -44.07 125.17 90.29
N THR Q 771 -42.95 124.54 89.96
CA THR Q 771 -42.77 123.30 89.21
C THR Q 771 -43.82 122.23 89.51
N THR Q 772 -44.52 121.79 88.46
CA THR Q 772 -44.99 120.42 88.17
C THR Q 772 -44.98 119.43 89.34
N SER Q 773 -46.00 119.45 90.17
CA SER Q 773 -46.43 118.26 90.92
C SER Q 773 -47.89 118.02 90.58
N ALA Q 774 -48.14 116.92 89.86
CA ALA Q 774 -49.47 116.47 89.45
C ALA Q 774 -50.48 116.60 90.59
N ILE Q 775 -51.34 117.62 90.52
CA ILE Q 775 -52.38 117.88 91.51
C ILE Q 775 -53.35 116.71 91.43
N LYS Q 776 -53.26 115.83 92.43
CA LYS Q 776 -54.14 114.66 92.53
C LYS Q 776 -55.48 115.15 93.08
N HIS Q 777 -56.48 115.30 92.21
CA HIS Q 777 -57.87 115.50 92.61
C HIS Q 777 -58.41 114.20 93.25
N SER Q 778 -58.04 113.94 94.51
CA SER Q 778 -58.51 112.79 95.29
C SER Q 778 -59.90 113.06 95.84
N THR Q 779 -60.86 112.19 95.50
CA THR Q 779 -62.09 112.04 96.30
C THR Q 779 -61.75 111.25 97.57
N PRO Q 780 -62.30 111.61 98.74
CA PRO Q 780 -61.92 110.94 99.98
C PRO Q 780 -62.45 109.50 99.98
N SER Q 781 -61.54 108.55 100.10
CA SER Q 781 -61.88 107.17 100.50
C SER Q 781 -62.49 107.18 101.91
N PRO Q 782 -63.39 106.24 102.25
CA PRO Q 782 -64.23 106.34 103.44
C PRO Q 782 -63.43 106.01 104.70
N THR Q 783 -62.76 107.01 105.28
CA THR Q 783 -62.11 106.87 106.56
C THR Q 783 -63.07 107.28 107.68
N LYS Q 784 -63.18 106.40 108.67
CA LYS Q 784 -64.07 106.52 109.84
C LYS Q 784 -64.04 107.93 110.45
N LEU Q 785 -65.24 108.47 110.64
CA LEU Q 785 -65.56 109.68 111.39
C LEU Q 785 -64.64 109.85 112.61
N THR Q 786 -63.68 110.77 112.52
CA THR Q 786 -63.08 111.40 113.70
C THR Q 786 -63.51 112.86 113.67
N ILE Q 787 -64.35 113.19 114.64
CA ILE Q 787 -64.91 114.52 114.86
C ILE Q 787 -63.79 115.37 115.45
N SER Q 788 -63.23 116.29 114.67
CA SER Q 788 -62.47 117.43 115.19
C SER Q 788 -63.28 118.70 114.94
N PRO Q 789 -63.84 119.33 115.98
CA PRO Q 789 -64.68 120.52 115.84
C PRO Q 789 -63.80 121.77 115.94
N SER Q 790 -63.40 122.35 114.80
CA SER Q 790 -62.79 123.70 114.82
C SER Q 790 -62.72 124.46 113.47
N LYS Q 791 -63.54 124.10 112.47
CA LYS Q 791 -63.75 124.97 111.29
C LYS Q 791 -65.21 124.98 110.90
N SER Q 792 -65.95 125.97 111.39
CA SER Q 792 -67.27 126.32 110.86
C SER Q 792 -67.14 126.62 109.37
N ALA Q 793 -67.91 125.93 108.53
CA ALA Q 793 -67.94 126.15 107.09
C ALA Q 793 -68.22 127.64 106.80
N ARG Q 794 -67.26 128.34 106.19
CA ARG Q 794 -67.34 129.78 105.89
C ARG Q 794 -68.28 130.12 104.72
N PHE Q 795 -68.89 129.13 104.07
CA PHE Q 795 -69.62 129.35 102.82
C PHE Q 795 -71.13 129.16 103.02
N SER Q 796 -71.83 130.26 103.31
CA SER Q 796 -73.30 130.35 103.29
C SER Q 796 -73.75 130.71 101.87
N PRO Q 797 -74.77 130.04 101.30
CA PRO Q 797 -75.29 130.40 99.98
C PRO Q 797 -76.14 131.68 100.11
N LYS Q 798 -75.51 132.85 99.96
CA LYS Q 798 -76.24 134.12 99.72
C LYS Q 798 -76.46 134.31 98.21
N MET R 1 -21.39 53.20 90.13
CA MET R 1 -21.65 52.09 91.08
C MET R 1 -20.57 51.02 90.86
N ARG R 2 -19.74 50.72 91.87
CA ARG R 2 -18.81 49.57 91.79
C ARG R 2 -19.63 48.28 91.86
N ARG R 3 -19.47 47.38 90.89
CA ARG R 3 -20.11 46.07 90.93
C ARG R 3 -19.52 45.26 92.08
N SER R 4 -20.37 44.61 92.87
CA SER R 4 -19.89 43.74 93.95
C SER R 4 -19.20 42.49 93.39
N LYS R 5 -18.30 41.87 94.16
CA LYS R 5 -17.68 40.59 93.81
C LYS R 5 -18.72 39.53 93.43
N ALA R 6 -19.82 39.46 94.19
CA ALA R 6 -20.90 38.52 93.96
C ALA R 6 -21.65 38.78 92.64
N GLU R 7 -21.89 40.04 92.28
CA GLU R 7 -22.47 40.41 90.98
C GLU R 7 -21.56 40.02 89.81
N ILE R 8 -20.26 40.31 89.93
CA ILE R 8 -19.28 39.94 88.91
C ILE R 8 -19.22 38.43 88.78
N GLN R 9 -19.15 37.70 89.88
CA GLN R 9 -19.08 36.24 89.86
C GLN R 9 -20.34 35.62 89.24
N ARG R 10 -21.54 36.08 89.58
CA ARG R 10 -22.80 35.66 88.92
C ARG R 10 -22.78 35.95 87.42
N TYR R 11 -22.28 37.11 87.01
CA TYR R 11 -22.14 37.46 85.59
C TYR R 11 -21.15 36.52 84.88
N VAL R 12 -20.01 36.24 85.50
CA VAL R 12 -18.99 35.33 84.97
C VAL R 12 -19.55 33.91 84.86
N GLU R 13 -20.21 33.39 85.89
CA GLU R 13 -20.83 32.05 85.90
C GLU R 13 -21.90 31.93 84.80
N ASN R 14 -22.79 32.92 84.67
CA ASN R 14 -23.78 32.95 83.58
C ASN R 14 -23.12 33.01 82.18
N ALA R 15 -22.07 33.81 82.03
CA ALA R 15 -21.34 33.95 80.78
C ALA R 15 -20.51 32.69 80.43
N GLN R 16 -20.10 31.91 81.43
CA GLN R 16 -19.42 30.62 81.29
C GLN R 16 -20.38 29.46 81.04
N ASN R 17 -21.59 29.48 81.62
CA ASN R 17 -22.63 28.47 81.38
C ASN R 17 -23.25 28.56 79.99
N SER R 18 -23.31 29.77 79.42
CA SER R 18 -23.78 30.01 78.05
C SER R 18 -22.76 29.69 76.96
N ALA R 19 -21.48 29.48 77.30
CA ALA R 19 -20.45 29.22 76.32
C ALA R 19 -20.39 27.73 75.94
N SER R 20 -20.40 27.45 74.64
CA SER R 20 -20.53 26.13 74.04
C SER R 20 -19.25 25.28 74.15
N SER R 21 -18.09 25.94 74.17
CA SER R 21 -16.78 25.30 74.19
C SER R 21 -15.87 25.87 75.28
N PRO R 22 -14.89 25.09 75.78
CA PRO R 22 -13.87 25.59 76.69
C PRO R 22 -13.10 26.79 76.11
N ARG R 23 -12.84 26.78 74.80
CA ARG R 23 -12.20 27.88 74.08
C ARG R 23 -13.02 29.17 74.15
N GLU R 24 -14.34 29.08 73.95
CA GLU R 24 -15.25 30.22 74.04
C GLU R 24 -15.30 30.82 75.46
N LYS R 25 -15.24 29.97 76.51
CA LYS R 25 -15.13 30.42 77.91
C LYS R 25 -13.87 31.24 78.13
N SER R 26 -12.73 30.73 77.68
CA SER R 26 -11.43 31.40 77.80
C SER R 26 -11.35 32.70 76.99
N MET R 27 -12.00 32.78 75.82
CA MET R 27 -12.07 34.02 75.02
C MET R 27 -12.74 35.19 75.75
N LYS R 28 -13.69 34.92 76.66
CA LYS R 28 -14.30 35.96 77.51
C LYS R 28 -13.44 36.35 78.72
N GLY R 29 -12.33 35.64 78.97
CA GLY R 29 -11.49 35.78 80.15
C GLY R 29 -10.87 37.18 80.33
N PHE R 30 -10.53 37.88 79.23
CA PHE R 30 -10.00 39.25 79.33
C PHE R 30 -11.02 40.25 79.89
N LEU R 31 -12.30 40.14 79.48
CA LEU R 31 -13.38 40.96 80.01
C LEU R 31 -13.59 40.67 81.51
N PHE R 32 -13.60 39.39 81.89
CA PHE R 32 -13.71 39.00 83.29
C PHE R 32 -12.55 39.54 84.12
N ALA R 33 -11.33 39.49 83.59
CA ALA R 33 -10.15 40.01 84.26
C ALA R 33 -10.26 41.52 84.54
N ARG R 34 -10.77 42.29 83.57
CA ARG R 34 -11.01 43.73 83.74
C ARG R 34 -12.08 44.02 84.80
N LEU R 35 -13.17 43.25 84.82
CA LEU R 35 -14.21 43.38 85.84
C LEU R 35 -13.66 43.07 87.24
N TYR R 36 -12.89 41.99 87.39
CA TYR R 36 -12.25 41.66 88.67
C TYR R 36 -11.24 42.71 89.12
N TYR R 37 -10.50 43.32 88.19
CA TYR R 37 -9.59 44.42 88.49
C TYR R 37 -10.32 45.66 88.99
N GLU R 38 -11.43 46.05 88.36
CA GLU R 38 -12.28 47.16 88.82
C GLU R 38 -12.87 46.89 90.23
N ALA R 39 -13.04 45.63 90.59
CA ALA R 39 -13.41 45.18 91.93
C ALA R 39 -12.23 44.97 92.90
N LYS R 40 -10.99 45.27 92.49
CA LYS R 40 -9.74 45.05 93.25
C LYS R 40 -9.47 43.58 93.63
N GLU R 41 -10.09 42.63 92.94
CA GLU R 41 -9.88 41.19 93.13
C GLU R 41 -8.75 40.69 92.21
N TYR R 42 -7.51 41.10 92.50
CA TYR R 42 -6.36 40.91 91.60
C TYR R 42 -6.04 39.43 91.31
N GLU R 43 -6.21 38.53 92.28
CA GLU R 43 -6.00 37.09 92.08
C GLU R 43 -6.97 36.48 91.06
N LEU R 44 -8.26 36.87 91.12
CA LEU R 44 -9.26 36.42 90.16
C LEU R 44 -9.04 37.05 88.78
N ALA R 45 -8.59 38.30 88.75
CA ALA R 45 -8.21 38.97 87.52
C ALA R 45 -7.04 38.23 86.83
N LYS R 46 -5.99 37.86 87.57
CA LYS R 46 -4.86 37.07 87.06
C LYS R 46 -5.31 35.73 86.50
N ARG R 47 -6.12 34.96 87.24
CA ARG R 47 -6.63 33.66 86.74
C ARG R 47 -7.43 33.83 85.45
N SER R 48 -8.26 34.86 85.37
CA SER R 48 -9.11 35.15 84.21
C SER R 48 -8.30 35.56 82.99
N VAL R 49 -7.29 36.43 83.16
CA VAL R 49 -6.42 36.85 82.05
C VAL R 49 -5.46 35.72 81.64
N SER R 50 -4.94 34.93 82.58
CA SER R 50 -4.10 33.76 82.25
C SER R 50 -4.87 32.71 81.44
N SER R 51 -6.14 32.47 81.79
CA SER R 51 -7.03 31.59 81.00
C SER R 51 -7.34 32.16 79.62
N TYR R 52 -7.35 33.49 79.46
CA TYR R 52 -7.48 34.13 78.15
C TYR R 52 -6.19 34.02 77.33
N ILE R 53 -5.04 34.29 77.96
CA ILE R 53 -3.71 34.23 77.31
C ILE R 53 -3.42 32.82 76.81
N SER R 54 -3.86 31.75 77.49
CA SER R 54 -3.68 30.38 77.01
C SER R 54 -4.43 30.05 75.71
N VAL R 55 -5.41 30.87 75.31
CA VAL R 55 -6.13 30.73 74.04
C VAL R 55 -5.70 31.79 73.02
N GLN R 56 -5.39 33.01 73.48
CA GLN R 56 -4.94 34.14 72.67
C GLN R 56 -3.54 34.60 73.09
N GLU R 57 -2.55 33.75 72.87
CA GLU R 57 -1.17 33.99 73.30
C GLU R 57 -0.53 35.22 72.64
N ARG R 58 -1.03 35.64 71.47
CA ARG R 58 -0.49 36.75 70.67
C ARG R 58 -1.20 38.09 70.89
N ASP R 59 -2.04 38.22 71.92
CA ASP R 59 -2.67 39.51 72.27
C ASP R 59 -1.78 40.36 73.20
N PRO R 60 -1.19 41.47 72.72
CA PRO R 60 -0.33 42.34 73.53
C PRO R 60 -1.07 42.96 74.73
N LYS R 61 -2.37 43.24 74.58
CA LYS R 61 -3.16 43.90 75.63
C LYS R 61 -3.31 43.01 76.86
N ALA R 62 -3.47 41.70 76.64
CA ALA R 62 -3.57 40.73 77.72
C ALA R 62 -2.25 40.59 78.49
N HIS R 63 -1.11 40.51 77.79
CA HIS R 63 0.21 40.48 78.43
C HIS R 63 0.52 41.77 79.19
N ARG R 64 0.16 42.95 78.62
CA ARG R 64 0.28 44.23 79.33
C ARG R 64 -0.56 44.23 80.61
N PHE R 65 -1.82 43.80 80.52
CA PHE R 65 -2.71 43.77 81.68
C PHE R 65 -2.25 42.80 82.76
N LEU R 66 -1.74 41.63 82.37
CA LEU R 66 -1.12 40.68 83.31
C LEU R 66 0.13 41.28 83.99
N GLY R 67 0.96 42.03 83.25
CA GLY R 67 2.08 42.76 83.83
C GLY R 67 1.65 43.80 84.86
N GLN R 68 0.56 44.54 84.61
CA GLN R 68 0.00 45.49 85.56
C GLN R 68 -0.48 44.81 86.85
N LEU R 69 -1.08 43.62 86.75
CA LEU R 69 -1.51 42.85 87.92
C LEU R 69 -0.30 42.40 88.75
N PHE R 70 0.77 41.91 88.12
CA PHE R 70 2.00 41.53 88.84
C PHE R 70 2.71 42.73 89.46
N GLU R 71 2.68 43.89 88.82
CA GLU R 71 3.27 45.12 89.34
C GLU R 71 2.56 45.59 90.62
N ILE R 72 1.22 45.52 90.66
CA ILE R 72 0.42 45.86 91.84
C ILE R 72 0.70 44.92 93.03
N GLU R 73 1.04 43.66 92.76
CA GLU R 73 1.45 42.69 93.78
C GLU R 73 2.89 42.88 94.27
N GLY R 74 3.66 43.78 93.67
CA GLY R 74 5.08 43.96 93.94
C GLY R 74 5.97 42.86 93.33
N ASN R 75 5.43 41.99 92.46
CA ASN R 75 6.23 40.99 91.75
C ASN R 75 6.85 41.58 90.47
N VAL R 76 7.86 42.42 90.68
CA VAL R 76 8.50 43.23 89.62
C VAL R 76 9.08 42.35 88.50
N GLU R 77 9.74 41.23 88.81
CA GLU R 77 10.37 40.38 87.79
C GLU R 77 9.33 39.73 86.85
N LYS R 78 8.21 39.24 87.39
CA LYS R 78 7.10 38.70 86.57
C LYS R 78 6.41 39.80 85.76
N ALA R 79 6.24 40.99 86.35
CA ALA R 79 5.68 42.13 85.65
C ALA R 79 6.55 42.51 84.43
N VAL R 80 7.86 42.65 84.63
CA VAL R 80 8.83 42.91 83.56
C VAL R 80 8.78 41.83 82.49
N GLY R 81 8.67 40.55 82.86
CA GLY R 81 8.49 39.45 81.89
C GLY R 81 7.24 39.60 81.03
N CYS R 82 6.08 39.90 81.63
CA CYS R 82 4.83 40.10 80.91
C CYS R 82 4.86 41.34 80.01
N TYR R 83 5.49 42.42 80.48
CA TYR R 83 5.67 43.64 79.70
C TYR R 83 6.61 43.43 78.52
N LYS R 84 7.72 42.71 78.69
CA LYS R 84 8.60 42.33 77.58
C LYS R 84 7.82 41.55 76.52
N ARG R 85 7.00 40.58 76.92
CA ARG R 85 6.18 39.81 75.99
C ARG R 85 5.15 40.66 75.24
N SER R 86 4.50 41.60 75.92
CA SER R 86 3.62 42.58 75.28
C SER R 86 4.36 43.46 74.27
N LEU R 87 5.56 43.94 74.62
CA LEU R 87 6.38 44.78 73.75
C LEU R 87 6.90 44.01 72.52
N GLU R 88 7.24 42.73 72.67
CA GLU R 88 7.61 41.84 71.55
C GLU R 88 6.47 41.66 70.56
N LEU R 89 5.24 41.48 71.07
CA LEU R 89 4.06 41.30 70.22
C LEU R 89 3.61 42.59 69.55
N ASN R 90 3.77 43.74 70.21
CA ASN R 90 3.50 45.03 69.64
C ASN R 90 4.56 46.08 70.05
N PRO R 91 5.59 46.29 69.20
CA PRO R 91 6.68 47.23 69.45
C PRO R 91 6.27 48.72 69.45
N THR R 92 5.04 49.07 69.05
CA THR R 92 4.59 50.48 69.04
C THR R 92 4.38 51.06 70.43
N GLN R 93 4.37 50.21 71.47
CA GLN R 93 4.17 50.57 72.87
C GLN R 93 5.43 51.18 73.50
N LYS R 94 5.78 52.41 73.11
CA LYS R 94 7.00 53.09 73.59
C LYS R 94 7.00 53.30 75.11
N ASP R 95 5.83 53.61 75.68
CA ASP R 95 5.62 53.81 77.13
C ASP R 95 6.03 52.59 77.96
N LEU R 96 5.81 51.39 77.41
CA LEU R 96 6.18 50.15 78.09
C LEU R 96 7.70 49.96 78.20
N THR R 97 8.46 50.47 77.23
CA THR R 97 9.92 50.44 77.28
C THR R 97 10.45 51.29 78.44
N LEU R 98 9.87 52.47 78.66
CA LEU R 98 10.19 53.33 79.80
C LEU R 98 9.80 52.64 81.12
N ARG R 99 8.60 52.08 81.21
CA ARG R 99 8.15 51.38 82.44
C ARG R 99 9.02 50.18 82.79
N ILE R 100 9.45 49.39 81.79
CA ILE R 100 10.39 48.28 82.01
C ILE R 100 11.72 48.80 82.57
N ALA R 101 12.27 49.88 82.01
CA ALA R 101 13.51 50.47 82.50
C ALA R 101 13.38 50.94 83.97
N GLU R 102 12.29 51.65 84.30
CA GLU R 102 12.00 52.08 85.68
C GLU R 102 11.92 50.91 86.66
N LEU R 103 11.19 49.85 86.30
CA LEU R 103 11.02 48.66 87.14
C LEU R 103 12.33 47.91 87.36
N ILE R 104 13.17 47.78 86.33
CA ILE R 104 14.48 47.13 86.45
C ILE R 104 15.41 47.95 87.35
N CYS R 105 15.49 49.27 87.16
CA CYS R 105 16.29 50.15 88.04
C CYS R 105 15.79 50.11 89.49
N THR R 106 14.49 50.02 89.72
CA THR R 106 13.90 49.88 91.07
C THR R 106 14.28 48.55 91.72
N LEU R 107 14.31 47.46 90.95
CA LEU R 107 14.64 46.11 91.45
C LEU R 107 16.12 45.95 91.77
N ASN R 108 16.99 46.23 90.80
CA ASN R 108 18.43 46.10 90.95
C ASN R 108 19.17 46.98 89.94
N ILE R 109 19.72 48.09 90.43
CA ILE R 109 20.52 49.04 89.62
C ILE R 109 21.78 48.37 89.03
N LYS R 110 22.35 47.36 89.71
CA LYS R 110 23.55 46.63 89.25
C LYS R 110 23.24 45.56 88.19
N ASP R 111 21.99 45.43 87.77
CA ASP R 111 21.59 44.50 86.71
C ASP R 111 22.04 45.05 85.35
N GLY R 112 22.88 44.32 84.62
CA GLY R 112 23.32 44.72 83.27
C GLY R 112 22.17 44.89 82.26
N ARG R 113 20.97 44.34 82.55
CA ARG R 113 19.76 44.61 81.77
C ARG R 113 19.32 46.08 81.89
N ALA R 114 19.60 46.74 83.01
CA ALA R 114 19.15 48.11 83.28
C ALA R 114 19.74 49.09 82.26
N GLU R 115 21.06 49.02 82.00
CA GLU R 115 21.72 49.86 80.99
C GLU R 115 21.10 49.69 79.60
N TYR R 116 20.83 48.45 79.18
CA TYR R 116 20.18 48.17 77.90
C TYR R 116 18.79 48.81 77.79
N TRP R 117 17.95 48.65 78.82
CA TRP R 117 16.58 49.17 78.80
C TRP R 117 16.53 50.70 78.92
N VAL R 118 17.41 51.30 79.73
CA VAL R 118 17.53 52.75 79.85
C VAL R 118 18.04 53.37 78.55
N GLU R 119 19.02 52.75 77.88
CA GLU R 119 19.52 53.26 76.60
C GLU R 119 18.48 53.08 75.47
N ARG R 120 17.76 51.96 75.47
CA ARG R 120 16.62 51.76 74.55
C ARG R 120 15.51 52.79 74.79
N ALA R 121 15.19 53.09 76.05
CA ALA R 121 14.23 54.14 76.39
C ALA R 121 14.74 55.53 75.97
N SER R 122 16.03 55.82 76.15
CA SER R 122 16.68 57.09 75.77
C SER R 122 16.54 57.39 74.28
N LYS R 123 16.62 56.36 73.43
CA LYS R 123 16.40 56.50 71.97
C LYS R 123 14.94 56.79 71.62
N LEU R 124 13.99 56.34 72.44
CA LEU R 124 12.56 56.55 72.19
C LEU R 124 12.05 57.90 72.72
N PHE R 125 12.61 58.38 73.83
CA PHE R 125 12.23 59.64 74.47
C PHE R 125 13.47 60.51 74.75
N PRO R 126 14.09 61.10 73.70
CA PRO R 126 15.25 61.96 73.89
C PRO R 126 14.90 63.14 74.80
N GLY R 127 15.78 63.40 75.78
CA GLY R 127 15.59 64.44 76.77
C GLY R 127 14.38 64.22 77.67
N SER R 128 13.95 63.01 78.00
CA SER R 128 12.93 62.85 79.07
C SER R 128 13.56 63.05 80.45
N PRO R 129 12.97 63.85 81.37
CA PRO R 129 13.48 63.99 82.74
C PRO R 129 13.55 62.65 83.49
N GLU R 130 12.59 61.75 83.24
CA GLU R 130 12.59 60.42 83.86
C GLU R 130 13.77 59.57 83.39
N ILE R 131 14.16 59.69 82.12
CA ILE R 131 15.34 58.96 81.60
C ILE R 131 16.62 59.53 82.17
N TYR R 132 16.71 60.85 82.30
CA TYR R 132 17.82 61.49 83.00
C TYR R 132 17.95 60.94 84.43
N ARG R 133 16.85 60.84 85.20
CA ARG R 133 16.86 60.26 86.55
C ARG R 133 17.32 58.81 86.59
N LEU R 134 16.87 57.98 85.63
CA LEU R 134 17.30 56.57 85.56
C LEU R 134 18.79 56.46 85.21
N LYS R 135 19.29 57.28 84.27
CA LYS R 135 20.72 57.35 83.93
C LYS R 135 21.55 57.84 85.12
N GLU R 136 21.09 58.86 85.84
CA GLU R 136 21.72 59.34 87.08
C GLU R 136 21.84 58.21 88.12
N GLN R 137 20.75 57.46 88.36
CA GLN R 137 20.76 56.33 89.30
C GLN R 137 21.77 55.26 88.89
N LEU R 138 21.83 54.88 87.61
CA LEU R 138 22.79 53.90 87.10
C LEU R 138 24.24 54.38 87.31
N LEU R 139 24.55 55.60 86.88
CA LEU R 139 25.91 56.14 86.91
C LEU R 139 26.39 56.43 88.34
N SER R 140 25.50 56.86 89.23
CA SER R 140 25.83 57.06 90.66
C SER R 140 26.32 55.78 91.35
N SER R 141 25.99 54.60 90.82
CA SER R 141 26.43 53.31 91.35
C SER R 141 27.83 52.85 90.87
N GLN R 142 28.39 53.52 89.85
CA GLN R 142 29.59 53.08 89.13
C GLN R 142 30.91 53.74 89.60
N GLY R 143 30.89 54.51 90.71
CA GLY R 143 32.09 55.14 91.27
C GLY R 143 32.71 56.19 90.34
N GLU R 144 34.04 56.20 90.19
CA GLU R 144 34.78 57.23 89.43
C GLU R 144 34.48 57.21 87.91
N ALA R 145 34.36 56.01 87.30
CA ALA R 145 33.98 55.90 85.89
C ALA R 145 32.56 56.44 85.67
N GLY R 146 31.67 56.18 86.63
CA GLY R 146 30.32 56.76 86.68
C GLY R 146 30.32 58.27 86.85
N TRP R 147 31.28 58.83 87.59
CA TRP R 147 31.40 60.28 87.81
C TRP R 147 31.61 61.05 86.51
N ASN R 148 32.56 60.64 85.67
CA ASN R 148 32.84 61.33 84.39
C ASN R 148 31.64 61.24 83.44
N GLN R 149 31.03 60.05 83.34
CA GLN R 149 29.83 59.86 82.52
C GLN R 149 28.63 60.65 83.05
N LEU R 150 28.49 60.77 84.37
CA LEU R 150 27.44 61.55 85.00
C LEU R 150 27.66 63.05 84.76
N PHE R 151 28.90 63.52 84.84
CA PHE R 151 29.25 64.89 84.49
C PHE R 151 28.87 65.20 83.03
N ASP R 152 29.25 64.33 82.08
CA ASP R 152 28.91 64.50 80.66
C ASP R 152 27.40 64.48 80.42
N LEU R 153 26.67 63.59 81.12
CA LEU R 153 25.20 63.52 81.06
C LEU R 153 24.55 64.81 81.55
N ILE R 154 25.02 65.34 82.69
CA ILE R 154 24.53 66.59 83.27
C ILE R 154 24.80 67.76 82.32
N GLN R 155 25.99 67.85 81.73
CA GLN R 155 26.31 68.90 80.74
C GLN R 155 25.40 68.82 79.51
N ALA R 156 25.13 67.60 79.01
CA ALA R 156 24.21 67.40 77.88
C ALA R 156 22.77 67.79 78.22
N GLU R 157 22.29 67.44 79.42
CA GLU R 157 20.93 67.80 79.85
C GLU R 157 20.81 69.31 80.13
N LEU R 158 21.83 69.96 80.71
CA LEU R 158 21.87 71.42 80.87
C LEU R 158 21.93 72.16 79.54
N PHE R 159 22.58 71.59 78.52
CA PHE R 159 22.56 72.15 77.18
C PHE R 159 21.16 72.06 76.55
N ALA R 160 20.47 70.95 76.74
CA ALA R 160 19.09 70.78 76.26
C ALA R 160 18.08 71.60 77.08
N ARG R 161 18.30 71.74 78.39
CA ARG R 161 17.41 72.36 79.38
C ARG R 161 18.19 73.19 80.40
N PRO R 162 18.62 74.41 80.04
CA PRO R 162 19.43 75.23 80.93
C PRO R 162 18.70 75.64 82.20
N ASN R 163 17.36 75.73 82.17
CA ASN R 163 16.55 76.23 83.27
C ASN R 163 16.00 75.11 84.19
N ASP R 164 16.47 73.87 84.05
CA ASP R 164 16.06 72.79 84.95
C ASP R 164 16.77 72.95 86.31
N VAL R 165 16.00 73.24 87.36
CA VAL R 165 16.50 73.45 88.72
C VAL R 165 17.19 72.19 89.25
N TYR R 166 16.61 71.01 89.03
CA TYR R 166 17.11 69.76 89.59
C TYR R 166 18.48 69.40 89.00
N VAL R 167 18.63 69.49 87.68
CA VAL R 167 19.91 69.20 87.01
C VAL R 167 21.00 70.20 87.44
N ASN R 168 20.65 71.48 87.60
CA ASN R 168 21.58 72.49 88.08
C ASN R 168 22.04 72.22 89.53
N LEU R 169 21.12 71.82 90.42
CA LEU R 169 21.46 71.42 91.80
C LEU R 169 22.42 70.23 91.80
N LYS R 170 22.16 69.22 90.97
CA LYS R 170 23.00 68.03 90.88
C LYS R 170 24.42 68.33 90.40
N LEU R 171 24.58 69.25 89.46
CA LEU R 171 25.91 69.68 89.04
C LEU R 171 26.69 70.32 90.20
N VAL R 172 26.02 71.17 91.00
CA VAL R 172 26.64 71.79 92.18
C VAL R 172 27.02 70.74 93.21
N ASP R 173 26.13 69.81 93.54
CA ASP R 173 26.42 68.73 94.48
C ASP R 173 27.60 67.85 94.00
N LEU R 174 27.70 67.59 92.68
CA LEU R 174 28.79 66.84 92.07
C LEU R 174 30.14 67.59 92.14
N PHE R 175 30.14 68.91 92.03
CA PHE R 175 31.34 69.71 92.29
C PHE R 175 31.75 69.68 93.77
N LEU R 176 30.78 69.80 94.69
CA LEU R 176 31.04 69.76 96.13
C LEU R 176 31.57 68.39 96.58
N SER R 177 31.03 67.28 96.05
CA SER R 177 31.51 65.93 96.39
C SER R 177 32.96 65.68 95.98
N ASN R 178 33.46 66.39 94.96
CA ASN R 178 34.84 66.31 94.49
C ASN R 178 35.73 67.44 95.03
N GLN R 179 35.28 68.17 96.07
CA GLN R 179 36.00 69.30 96.68
C GLN R 179 36.34 70.45 95.70
N ARG R 180 35.64 70.54 94.56
CA ARG R 180 35.82 71.59 93.53
C ARG R 180 34.92 72.80 93.82
N LEU R 181 35.12 73.40 94.99
CA LEU R 181 34.28 74.51 95.48
C LEU R 181 34.34 75.75 94.56
N GLU R 182 35.49 76.04 93.95
CA GLU R 182 35.65 77.17 93.02
C GLU R 182 34.78 77.03 91.76
N GLU R 183 34.58 75.80 91.27
CA GLU R 183 33.74 75.55 90.10
C GLU R 183 32.25 75.59 90.43
N ALA R 184 31.88 75.14 91.63
CA ALA R 184 30.53 75.32 92.14
C ALA R 184 30.17 76.82 92.22
N VAL R 185 31.09 77.64 92.75
CA VAL R 185 30.92 79.10 92.79
C VAL R 185 30.81 79.69 91.40
N LEU R 186 31.72 79.32 90.48
CA LEU R 186 31.69 79.80 89.09
C LEU R 186 30.36 79.44 88.41
N HIS R 187 29.84 78.24 88.64
CA HIS R 187 28.56 77.81 88.08
C HIS R 187 27.38 78.60 88.64
N CYS R 188 27.36 78.89 89.94
CA CYS R 188 26.34 79.74 90.57
C CYS R 188 26.37 81.19 90.07
N LEU R 189 27.54 81.72 89.70
CA LEU R 189 27.73 83.09 89.21
C LEU R 189 27.35 83.29 87.73
N LYS R 190 27.07 82.22 86.99
CA LYS R 190 26.72 82.31 85.57
C LYS R 190 25.44 83.15 85.36
N PRO R 191 25.43 84.14 84.44
CA PRO R 191 24.29 85.04 84.24
C PRO R 191 23.02 84.32 83.79
N GLU R 192 23.13 83.19 83.09
CA GLU R 192 21.99 82.36 82.68
C GLU R 192 21.22 81.80 83.89
N ARG R 193 21.83 81.75 85.07
CA ARG R 193 21.22 81.24 86.31
C ARG R 193 20.26 82.23 86.97
N ARG R 194 20.16 83.47 86.48
CA ARG R 194 19.18 84.45 86.98
C ARG R 194 17.74 83.96 86.84
N ALA R 195 17.43 83.16 85.82
CA ALA R 195 16.10 82.56 85.66
C ALA R 195 15.72 81.58 86.78
N LEU R 196 16.70 81.01 87.49
CA LEU R 196 16.50 80.05 88.58
C LEU R 196 16.24 80.72 89.93
N ARG R 197 16.36 82.05 90.02
CA ARG R 197 16.16 82.82 91.26
C ARG R 197 14.72 82.81 91.79
N THR R 198 13.78 82.26 91.02
CA THR R 198 12.39 82.03 91.45
C THR R 198 12.23 80.72 92.23
N ASP R 199 13.26 79.88 92.30
CA ASP R 199 13.24 78.60 93.01
C ASP R 199 13.98 78.65 94.35
N ILE R 200 13.33 78.14 95.40
CA ILE R 200 13.82 78.26 96.78
C ILE R 200 15.00 77.32 97.05
N GLU R 201 15.02 76.14 96.41
CA GLU R 201 16.06 75.14 96.60
C GLU R 201 17.34 75.60 95.92
N TRP R 202 17.23 76.17 94.71
CA TRP R 202 18.36 76.78 94.02
C TRP R 202 18.97 77.93 94.82
N CYS R 203 18.17 78.93 95.23
CA CYS R 203 18.69 80.07 95.99
C CYS R 203 19.33 79.64 97.31
N SER R 204 18.73 78.66 98.00
CA SER R 204 19.30 78.10 99.24
C SER R 204 20.64 77.37 98.98
N CYS R 205 20.75 76.65 97.87
CA CYS R 205 21.99 76.01 97.46
C CYS R 205 23.10 77.03 97.15
N VAL R 206 22.77 78.08 96.39
CA VAL R 206 23.68 79.20 96.08
C VAL R 206 24.18 79.86 97.38
N VAL R 207 23.28 80.16 98.31
CA VAL R 207 23.63 80.70 99.63
C VAL R 207 24.60 79.77 100.38
N ARG R 208 24.34 78.47 100.39
CA ARG R 208 25.18 77.46 101.05
C ARG R 208 26.60 77.47 100.46
N VAL R 209 26.71 77.37 99.12
CA VAL R 209 27.98 77.35 98.40
C VAL R 209 28.79 78.63 98.65
N PHE R 210 28.16 79.79 98.58
CA PHE R 210 28.85 81.07 98.81
C PHE R 210 29.31 81.23 100.26
N LYS R 211 28.51 80.83 101.24
CA LYS R 211 28.93 80.82 102.66
C LYS R 211 30.12 79.91 102.89
N GLU R 212 30.09 78.70 102.35
CA GLU R 212 31.20 77.74 102.46
C GLU R 212 32.48 78.27 101.80
N TYR R 213 32.37 78.89 100.63
CA TYR R 213 33.50 79.53 99.96
C TYR R 213 34.10 80.67 100.78
N LEU R 214 33.26 81.60 101.27
CA LEU R 214 33.71 82.72 102.08
C LEU R 214 34.37 82.25 103.39
N ALA R 215 33.85 81.19 104.02
CA ALA R 215 34.46 80.56 105.20
C ALA R 215 35.83 79.96 104.87
N SER R 216 35.96 79.28 103.72
CA SER R 216 37.22 78.63 103.31
C SER R 216 38.36 79.62 103.00
N LYS R 217 38.02 80.85 102.58
CA LYS R 217 38.98 81.89 102.16
C LYS R 217 39.13 83.02 103.20
N GLN R 218 38.60 82.87 104.41
CA GLN R 218 38.75 83.90 105.46
C GLN R 218 40.23 84.27 105.67
N GLY R 219 40.55 85.56 105.50
CA GLY R 219 41.91 86.12 105.62
C GLY R 219 42.53 86.59 104.30
N GLN R 220 42.03 86.14 103.14
CA GLN R 220 42.52 86.58 101.84
C GLN R 220 41.67 87.76 101.30
N LYS R 221 42.23 88.97 101.26
CA LYS R 221 41.59 90.15 100.65
C LYS R 221 41.61 90.03 99.12
N ASN R 222 40.65 89.31 98.56
CA ASN R 222 40.49 89.14 97.12
C ASN R 222 39.28 89.92 96.59
N THR R 223 39.39 90.52 95.40
CA THR R 223 38.27 91.16 94.69
C THR R 223 37.11 90.18 94.47
N ASN R 224 37.41 88.90 94.25
CA ASN R 224 36.42 87.83 94.13
C ASN R 224 35.56 87.69 95.40
N MET R 225 36.14 87.93 96.59
CA MET R 225 35.40 87.84 97.86
C MET R 225 34.30 88.91 97.92
N ARG R 226 34.58 90.15 97.49
CA ARG R 226 33.59 91.23 97.46
C ARG R 226 32.45 90.93 96.49
N MET R 227 32.76 90.38 95.31
CA MET R 227 31.76 89.95 94.33
C MET R 227 30.87 88.82 94.88
N ILE R 228 31.45 87.82 95.53
CA ILE R 228 30.69 86.71 96.11
C ILE R 228 29.85 87.18 97.30
N THR R 229 30.35 88.08 98.14
CA THR R 229 29.56 88.71 99.21
C THR R 229 28.38 89.50 98.65
N LYS R 230 28.57 90.24 97.55
CA LYS R 230 27.49 90.93 96.84
C LYS R 230 26.40 89.95 96.40
N GLU R 231 26.78 88.88 95.70
CA GLU R 231 25.82 87.87 95.20
C GLU R 231 25.20 87.04 96.33
N LEU R 232 25.90 86.84 97.45
CA LEU R 232 25.35 86.24 98.66
C LEU R 232 24.22 87.08 99.25
N LEU R 233 24.37 88.41 99.35
CA LEU R 233 23.30 89.27 99.84
C LEU R 233 22.06 89.22 98.92
N LEU R 234 22.27 89.22 97.61
CA LEU R 234 21.19 89.06 96.62
C LEU R 234 20.48 87.71 96.78
N ALA R 235 21.23 86.61 96.89
CA ALA R 235 20.66 85.29 97.07
C ALA R 235 19.92 85.13 98.40
N GLN R 236 20.42 85.74 99.50
CA GLN R 236 19.71 85.78 100.78
C GLN R 236 18.39 86.54 100.66
N CYS R 237 18.39 87.69 99.98
CA CYS R 237 17.17 88.46 99.73
C CYS R 237 16.14 87.62 98.95
N ASP R 238 16.57 86.86 97.92
CA ASP R 238 15.68 85.97 97.17
C ASP R 238 15.10 84.86 98.06
N VAL R 239 15.92 84.24 98.92
CA VAL R 239 15.46 83.22 99.87
C VAL R 239 14.39 83.79 100.79
N VAL R 240 14.56 85.01 101.31
CA VAL R 240 13.55 85.68 102.14
C VAL R 240 12.25 85.90 101.34
N PHE R 241 12.34 86.48 100.14
CA PHE R 241 11.19 86.71 99.27
C PHE R 241 10.42 85.42 98.96
N LEU R 242 11.12 84.35 98.59
CA LEU R 242 10.51 83.06 98.26
C LEU R 242 9.92 82.36 99.48
N THR R 243 10.55 82.49 100.64
CA THR R 243 10.05 81.92 101.89
C THR R 243 8.80 82.66 102.36
N LEU R 244 8.77 83.99 102.23
CA LEU R 244 7.58 84.81 102.48
C LEU R 244 6.40 84.36 101.61
N SER R 245 6.64 83.95 100.37
CA SER R 245 5.58 83.50 99.46
C SER R 245 5.18 82.04 99.59
N LYS R 246 6.15 81.12 99.73
CA LYS R 246 5.92 79.67 99.60
C LYS R 246 5.89 78.90 100.94
N LYS R 247 6.34 79.51 102.04
CA LYS R 247 6.47 78.84 103.35
C LYS R 247 5.64 79.54 104.42
N ASP R 248 5.61 78.99 105.63
CA ASP R 248 4.89 79.57 106.77
C ASP R 248 5.61 80.80 107.37
N VAL R 249 5.02 81.37 108.42
CA VAL R 249 5.57 82.54 109.12
C VAL R 249 6.88 82.20 109.82
N GLN R 250 6.97 81.05 110.51
CA GLN R 250 8.17 80.67 111.26
C GLN R 250 9.39 80.54 110.35
N LYS R 251 9.28 79.86 109.21
CA LYS R 251 10.37 79.77 108.24
C LYS R 251 10.73 81.13 107.65
N SER R 252 9.75 82.02 107.50
CA SER R 252 10.00 83.39 107.04
C SER R 252 10.78 84.21 108.08
N LYS R 253 10.47 84.06 109.38
CA LYS R 253 11.25 84.65 110.50
C LYS R 253 12.71 84.17 110.45
N GLU R 254 12.92 82.84 110.38
CA GLU R 254 14.28 82.27 110.29
C GLU R 254 15.06 82.74 109.04
N ALA R 255 14.37 82.91 107.89
CA ALA R 255 15.01 83.41 106.67
C ALA R 255 15.43 84.87 106.82
N LEU R 256 14.55 85.71 107.39
CA LEU R 256 14.84 87.12 107.64
C LEU R 256 15.97 87.28 108.68
N GLU R 257 16.02 86.43 109.71
CA GLU R 257 17.08 86.41 110.73
C GLU R 257 18.45 86.12 110.10
N ARG R 258 18.53 85.12 109.22
CA ARG R 258 19.77 84.81 108.48
C ARG R 258 20.20 85.95 107.56
N PHE R 259 19.25 86.68 106.99
CA PHE R 259 19.53 87.85 106.17
C PHE R 259 20.00 89.05 107.01
N ASP R 260 19.40 89.27 108.18
CA ASP R 260 19.80 90.27 109.18
C ASP R 260 21.26 90.08 109.61
N GLN R 261 21.62 88.86 110.01
CA GLN R 261 23.00 88.50 110.37
C GLN R 261 23.98 88.69 109.19
N ALA R 262 23.56 88.36 107.97
CA ALA R 262 24.39 88.55 106.79
C ALA R 262 24.66 90.05 106.54
N LEU R 263 23.65 90.91 106.64
CA LEU R 263 23.82 92.36 106.52
C LEU R 263 24.73 92.92 107.63
N LEU R 264 24.54 92.48 108.88
CA LEU R 264 25.39 92.88 110.00
C LEU R 264 26.86 92.55 109.74
N SER R 265 27.15 91.35 109.22
CA SER R 265 28.53 90.92 108.91
C SER R 265 29.20 91.78 107.84
N VAL R 266 28.42 92.32 106.90
CA VAL R 266 28.94 93.17 105.80
C VAL R 266 29.04 94.63 106.20
N LYS R 267 28.21 95.11 107.14
CA LYS R 267 28.16 96.50 107.59
C LYS R 267 29.53 97.06 108.00
N GLN R 268 30.35 96.27 108.69
CA GLN R 268 31.70 96.69 109.10
C GLN R 268 32.67 96.89 107.93
N SER R 269 32.44 96.19 106.81
CA SER R 269 33.26 96.27 105.60
C SER R 269 32.83 97.40 104.66
N VAL R 270 31.65 97.98 104.87
CA VAL R 270 31.07 99.05 104.06
C VAL R 270 31.18 100.36 104.84
N SER R 271 32.25 101.12 104.62
CA SER R 271 32.32 102.51 105.06
C SER R 271 31.44 103.38 104.16
N GLY R 272 30.71 104.35 104.75
CA GLY R 272 29.71 105.16 104.04
C GLY R 272 30.24 106.02 102.89
N THR R 273 31.56 106.17 102.75
CA THR R 273 32.20 106.95 101.68
C THR R 273 32.59 106.11 100.46
N ASP R 274 32.59 104.78 100.55
CA ASP R 274 33.06 103.93 99.47
C ASP R 274 31.96 103.72 98.44
N ALA R 275 32.10 104.33 97.25
CA ALA R 275 31.25 104.09 96.09
C ALA R 275 31.52 102.74 95.40
N SER R 276 31.88 101.72 96.19
CA SER R 276 32.15 100.38 95.70
C SER R 276 30.85 99.67 95.30
N ASP R 277 30.90 98.73 94.35
CA ASP R 277 29.72 97.94 93.96
C ASP R 277 29.10 97.17 95.14
N LEU R 278 29.93 96.76 96.13
CA LEU R 278 29.46 96.10 97.34
C LEU R 278 28.67 97.08 98.24
N SER R 279 29.15 98.31 98.41
CA SER R 279 28.46 99.35 99.17
C SER R 279 27.11 99.69 98.56
N VAL R 280 27.06 99.85 97.23
CA VAL R 280 25.82 100.10 96.49
C VAL R 280 24.83 98.95 96.69
N THR R 281 25.31 97.70 96.60
CA THR R 281 24.46 96.53 96.83
C THR R 281 24.00 96.44 98.28
N PHE R 282 24.86 96.76 99.25
CA PHE R 282 24.52 96.73 100.67
C PHE R 282 23.37 97.70 100.99
N TYR R 283 23.43 98.95 100.52
CA TYR R 283 22.35 99.91 100.74
C TYR R 283 21.06 99.50 100.01
N GLU R 284 21.17 98.93 98.81
CA GLU R 284 20.02 98.39 98.09
C GLU R 284 19.36 97.24 98.86
N MET R 285 20.18 96.33 99.39
CA MET R 285 19.73 95.18 100.20
C MET R 285 19.19 95.60 101.56
N ARG R 286 19.68 96.70 102.16
CA ARG R 286 19.06 97.33 103.33
C ARG R 286 17.61 97.75 103.04
N GLY R 287 17.36 98.36 101.87
CA GLY R 287 16.00 98.71 101.48
C GLY R 287 15.09 97.48 101.32
N HIS R 288 15.61 96.43 100.68
CA HIS R 288 14.88 95.17 100.54
C HIS R 288 14.61 94.48 101.89
N TYR R 289 15.57 94.53 102.81
CA TYR R 289 15.42 94.00 104.16
C TYR R 289 14.21 94.62 104.87
N TYR R 290 14.10 95.95 104.89
CA TYR R 290 12.95 96.62 105.49
C TYR R 290 11.64 96.34 104.74
N MET R 291 11.65 96.30 103.40
CA MET R 291 10.46 95.92 102.63
C MET R 291 9.96 94.51 103.00
N HIS R 292 10.89 93.56 103.17
CA HIS R 292 10.57 92.20 103.57
C HIS R 292 10.15 92.09 105.05
N ALA R 293 10.76 92.87 105.94
CA ALA R 293 10.34 92.97 107.33
C ALA R 293 8.89 93.47 107.46
N GLY R 294 8.55 94.56 106.75
CA GLY R 294 7.16 95.05 106.70
C GLY R 294 6.19 94.01 106.15
N THR R 295 6.62 93.25 105.14
CA THR R 295 5.82 92.16 104.56
C THR R 295 5.63 91.00 105.54
N LEU R 296 6.65 90.67 106.34
CA LEU R 296 6.57 89.62 107.37
C LEU R 296 5.58 90.01 108.47
N LEU R 297 5.60 91.27 108.92
CA LEU R 297 4.63 91.77 109.90
C LEU R 297 3.19 91.64 109.37
N LEU R 298 2.93 92.03 108.13
CA LEU R 298 1.60 91.84 107.53
C LEU R 298 1.24 90.36 107.34
N LYS R 299 2.22 89.49 107.13
CA LYS R 299 2.02 88.03 107.08
C LYS R 299 1.62 87.46 108.44
N MET R 300 2.25 87.91 109.53
CA MET R 300 1.90 87.54 110.91
C MET R 300 0.47 87.96 111.26
N ALA R 301 0.04 89.15 110.80
CA ALA R 301 -1.33 89.58 110.96
C ALA R 301 -2.32 88.72 110.15
N GLN R 302 -1.95 88.32 108.94
CA GLN R 302 -2.75 87.45 108.08
C GLN R 302 -2.91 86.03 108.65
N SER R 303 -1.90 85.49 109.32
CA SER R 303 -1.96 84.19 110.01
C SER R 303 -2.64 84.25 111.38
N CYS R 304 -3.17 85.42 111.78
CA CYS R 304 -3.78 85.68 113.07
C CYS R 304 -2.84 85.48 114.28
N GLU R 305 -1.52 85.58 114.10
CA GLU R 305 -0.57 85.59 115.23
C GLU R 305 -0.66 86.90 116.00
N VAL R 306 -0.91 88.01 115.30
CA VAL R 306 -1.04 89.36 115.87
C VAL R 306 -2.20 90.09 115.18
N GLN R 307 -2.82 91.04 115.86
CA GLN R 307 -3.89 91.84 115.25
C GLN R 307 -3.34 92.83 114.22
N TRP R 308 -4.11 93.10 113.15
CA TRP R 308 -3.73 94.08 112.12
C TRP R 308 -3.35 95.42 112.74
N LYS R 309 -4.21 95.99 113.59
CA LYS R 309 -4.00 97.29 114.23
C LYS R 309 -2.62 97.45 114.86
N ALA R 310 -2.08 96.41 115.50
CA ALA R 310 -0.78 96.47 116.17
C ALA R 310 0.40 96.45 115.19
N LEU R 311 0.22 95.90 113.98
CA LEU R 311 1.29 95.70 113.01
C LEU R 311 1.25 96.68 111.81
N ILE R 312 0.17 97.45 111.63
CA ILE R 312 0.07 98.43 110.53
C ILE R 312 1.13 99.52 110.65
N GLU R 313 1.26 100.19 111.80
CA GLU R 313 2.23 101.27 111.99
C GLU R 313 3.69 100.78 111.92
N PRO R 314 4.07 99.66 112.59
CA PRO R 314 5.40 99.09 112.43
C PRO R 314 5.70 98.67 110.98
N ALA R 315 4.75 98.05 110.28
CA ALA R 315 4.94 97.69 108.88
C ALA R 315 5.07 98.92 107.97
N ALA R 316 4.29 99.97 108.22
CA ALA R 316 4.38 101.22 107.48
C ALA R 316 5.73 101.90 107.67
N LEU R 317 6.31 101.91 108.87
CA LEU R 317 7.68 102.38 109.09
C LEU R 317 8.70 101.59 108.25
N CYS R 318 8.58 100.26 108.23
CA CYS R 318 9.45 99.42 107.41
C CYS R 318 9.33 99.75 105.91
N TYR R 319 8.12 99.95 105.38
CA TYR R 319 7.95 100.37 103.98
C TYR R 319 8.46 101.80 103.72
N LEU R 320 8.36 102.70 104.70
CA LEU R 320 8.91 104.06 104.59
C LEU R 320 10.43 104.05 104.48
N LEU R 321 11.09 103.28 105.35
CA LEU R 321 12.53 103.05 105.32
C LEU R 321 12.98 102.43 103.99
N ALA R 322 12.20 101.47 103.45
CA ALA R 322 12.49 100.85 102.17
C ALA R 322 12.30 101.81 100.98
N TYR R 323 11.26 102.64 101.00
CA TYR R 323 10.95 103.60 99.93
C TYR R 323 12.03 104.68 99.80
N GLN R 324 12.56 105.15 100.93
CA GLN R 324 13.51 106.27 100.99
C GLN R 324 14.95 105.90 100.65
N VAL R 325 15.29 104.61 100.53
CA VAL R 325 16.63 104.22 100.08
C VAL R 325 16.88 104.75 98.65
N PRO R 326 17.91 105.59 98.45
CA PRO R 326 18.21 106.17 97.15
C PRO R 326 18.51 105.12 96.10
N LYS R 327 18.06 105.37 94.86
CA LYS R 327 18.42 104.52 93.71
C LYS R 327 19.94 104.55 93.48
N PRO R 328 20.56 103.41 93.10
CA PRO R 328 21.94 103.40 92.64
C PRO R 328 22.15 104.40 91.50
N LYS R 329 23.09 105.35 91.67
CA LYS R 329 23.44 106.30 90.61
C LYS R 329 24.18 105.55 89.50
N SER R 330 23.51 105.25 88.39
CA SER R 330 24.12 104.64 87.21
C SER R 330 25.17 105.58 86.62
N LYS R 331 26.46 105.27 86.73
CA LYS R 331 27.41 105.73 85.71
C LYS R 331 27.25 104.76 84.54
N PRO R 332 26.82 105.20 83.35
CA PRO R 332 26.83 104.35 82.17
C PRO R 332 28.30 104.06 81.81
N VAL R 333 28.87 103.02 82.40
CA VAL R 333 30.16 102.50 81.95
C VAL R 333 29.87 101.77 80.65
N LYS R 334 30.25 102.39 79.54
CA LYS R 334 30.26 101.76 78.21
C LYS R 334 30.88 100.36 78.32
N GLY R 335 30.10 99.30 78.19
CA GLY R 335 30.61 97.99 77.82
C GLY R 335 30.06 96.76 78.55
N ASP R 336 29.48 96.87 79.74
CA ASP R 336 28.99 95.69 80.49
C ASP R 336 27.69 95.98 81.27
N ASP R 337 26.60 96.20 80.53
CA ASP R 337 25.27 96.60 81.04
C ASP R 337 24.58 95.56 81.94
N ASN R 338 25.08 94.33 82.06
CA ASN R 338 24.28 93.25 82.64
C ASN R 338 24.22 93.28 84.17
N GLY R 339 25.17 93.90 84.87
CA GLY R 339 25.29 93.84 86.34
C GLY R 339 24.64 95.02 87.08
N GLN R 340 24.90 96.26 86.62
CA GLN R 340 24.43 97.48 87.30
C GLN R 340 22.97 97.81 86.97
N GLY R 341 22.51 97.54 85.75
CA GLY R 341 21.09 97.68 85.38
C GLY R 341 20.17 96.82 86.25
N PHE R 342 20.65 95.67 86.70
CA PHE R 342 19.87 94.77 87.56
C PHE R 342 19.59 95.35 88.97
N LEU R 343 20.57 96.03 89.59
CA LEU R 343 20.34 96.68 90.89
C LEU R 343 19.41 97.88 90.75
N GLU R 344 19.47 98.59 89.62
CA GLU R 344 18.53 99.68 89.33
C GLU R 344 17.10 99.16 89.16
N GLU R 345 16.92 98.03 88.47
CA GLU R 345 15.62 97.35 88.35
C GLU R 345 15.06 96.90 89.69
N LEU R 346 15.90 96.34 90.57
CA LEU R 346 15.52 96.00 91.95
C LEU R 346 15.09 97.25 92.74
N ALA R 347 15.83 98.36 92.61
CA ALA R 347 15.49 99.60 93.29
C ALA R 347 14.12 100.13 92.84
N PHE R 348 13.83 100.10 91.54
CA PHE R 348 12.51 100.47 91.01
C PHE R 348 11.40 99.56 91.54
N ASP R 349 11.64 98.26 91.60
CA ASP R 349 10.69 97.29 92.17
C ASP R 349 10.41 97.54 93.64
N ARG R 350 11.46 97.77 94.46
CA ARG R 350 11.31 98.11 95.88
C ARG R 350 10.52 99.39 96.06
N GLN R 351 10.85 100.45 95.31
CA GLN R 351 10.21 101.75 95.45
C GLN R 351 8.75 101.74 95.00
N SER R 352 8.43 101.06 93.90
CA SER R 352 7.04 100.84 93.47
C SER R 352 6.24 100.11 94.56
N LYS R 353 6.72 98.93 95.00
CA LYS R 353 6.02 98.12 95.99
C LYS R 353 5.83 98.84 97.32
N SER R 354 6.91 99.42 97.85
CA SER R 354 6.87 100.10 99.15
C SER R 354 6.00 101.35 99.10
N GLY R 355 6.07 102.13 98.02
CA GLY R 355 5.27 103.34 97.86
C GLY R 355 3.76 103.05 97.76
N HIS R 356 3.35 102.08 96.95
CA HIS R 356 1.94 101.65 96.87
C HIS R 356 1.44 101.08 98.21
N LEU R 357 2.27 100.34 98.94
CA LEU R 357 1.90 99.82 100.25
C LEU R 357 1.78 100.91 101.31
N LEU R 358 2.62 101.95 101.30
CA LEU R 358 2.46 103.13 102.16
C LEU R 358 1.11 103.81 101.93
N LEU R 359 0.72 104.02 100.67
CA LEU R 359 -0.58 104.61 100.32
C LEU R 359 -1.75 103.70 100.74
N THR R 360 -1.58 102.38 100.62
CA THR R 360 -2.60 101.41 101.05
C THR R 360 -2.78 101.42 102.57
N LEU R 361 -1.67 101.45 103.32
CA LEU R 361 -1.68 101.40 104.79
C LEU R 361 -2.15 102.70 105.43
N SER R 362 -1.99 103.85 104.75
CA SER R 362 -2.44 105.14 105.28
C SER R 362 -3.96 105.29 105.29
N HIS R 363 -4.70 104.50 104.51
CA HIS R 363 -6.15 104.63 104.32
C HIS R 363 -6.59 106.08 103.99
N GLY R 364 -5.72 106.88 103.37
CA GLY R 364 -5.99 108.29 103.02
C GLY R 364 -5.85 109.29 104.18
N LYS R 365 -5.31 108.87 105.33
CA LYS R 365 -5.00 109.78 106.45
C LYS R 365 -3.79 110.67 106.11
N GLN R 366 -3.99 111.99 106.13
CA GLN R 366 -2.98 112.98 105.71
C GLN R 366 -1.70 112.98 106.57
N ASN R 367 -1.82 112.86 107.90
CA ASN R 367 -0.68 112.93 108.83
C ASN R 367 -0.09 111.57 109.22
N PHE R 368 -0.52 110.49 108.56
CA PHE R 368 -0.18 109.12 108.95
C PHE R 368 1.33 108.86 108.99
N ILE R 369 2.07 109.32 107.98
CA ILE R 369 3.53 109.13 107.92
C ILE R 369 4.21 109.92 109.05
N SER R 370 3.72 111.11 109.38
CA SER R 370 4.26 111.94 110.46
C SER R 370 4.09 111.26 111.83
N GLU R 371 2.89 110.74 112.11
CA GLU R 371 2.59 110.00 113.34
C GLU R 371 3.49 108.76 113.52
N ILE R 372 3.75 108.03 112.43
CA ILE R 372 4.63 106.86 112.43
C ILE R 372 6.07 107.24 112.74
N ILE R 373 6.59 108.30 112.11
CA ILE R 373 7.97 108.76 112.34
C ILE R 373 8.15 109.14 113.82
N GLU R 374 7.24 109.94 114.37
CA GLU R 374 7.30 110.36 115.78
C GLU R 374 7.27 109.16 116.76
N THR R 375 6.43 108.16 116.46
CA THR R 375 6.21 107.02 117.35
C THR R 375 7.33 105.98 117.26
N PHE R 376 7.75 105.61 116.04
CA PHE R 376 8.62 104.44 115.81
C PHE R 376 10.02 104.75 115.27
N ALA R 377 10.30 105.93 114.70
CA ALA R 377 11.62 106.27 114.15
C ALA R 377 12.62 106.68 115.26
N ASN R 378 12.70 105.88 116.31
CA ASN R 378 13.58 106.06 117.47
C ASN R 378 14.04 104.69 117.99
N GLN R 379 15.00 104.68 118.92
CA GLN R 379 15.58 103.44 119.45
C GLN R 379 14.56 102.56 120.20
N CYS R 380 13.55 103.16 120.82
CA CYS R 380 12.46 102.41 121.47
C CYS R 380 11.60 101.70 120.42
N GLY R 381 11.23 102.39 119.34
CA GLY R 381 10.51 101.83 118.20
C GLY R 381 11.27 100.70 117.50
N GLN R 382 12.59 100.86 117.31
CA GLN R 382 13.46 99.78 116.81
C GLN R 382 13.42 98.54 117.71
N SER R 383 13.47 98.75 119.04
CA SER R 383 13.41 97.65 120.00
C SER R 383 12.07 96.91 119.95
N ILE R 384 10.97 97.63 119.71
CA ILE R 384 9.64 97.05 119.51
C ILE R 384 9.57 96.24 118.21
N LEU R 385 10.10 96.80 117.10
CA LEU R 385 10.18 96.10 115.82
C LEU R 385 10.99 94.80 115.92
N LEU R 386 12.14 94.84 116.59
CA LEU R 386 12.99 93.68 116.80
C LEU R 386 12.24 92.57 117.56
N LYS R 387 11.53 92.95 118.63
CA LYS R 387 10.69 92.03 119.42
C LYS R 387 9.55 91.42 118.61
N PHE R 388 8.89 92.19 117.73
CA PHE R 388 7.84 91.63 116.89
C PHE R 388 8.39 90.61 115.89
N LEU R 389 9.56 90.85 115.30
CA LEU R 389 10.10 90.01 114.24
C LEU R 389 10.82 88.76 114.75
N PHE R 390 11.63 88.93 115.80
CA PHE R 390 12.56 87.91 116.28
C PHE R 390 12.33 87.51 117.74
N GLU R 391 11.32 88.08 118.40
CA GLU R 391 11.02 87.82 119.81
C GLU R 391 12.27 88.08 120.67
N ASP R 392 12.76 87.07 121.41
CA ASP R 392 13.97 87.18 122.24
C ASP R 392 15.21 86.51 121.60
N ASN R 393 15.15 86.15 120.30
CA ASN R 393 16.26 85.43 119.65
C ASN R 393 17.48 86.31 119.34
N LEU R 394 17.28 87.61 119.09
CA LEU R 394 18.34 88.56 118.75
C LEU R 394 18.34 89.75 119.69
N SER R 395 19.53 90.16 120.14
CA SER R 395 19.72 91.40 120.87
C SER R 395 19.86 92.61 119.92
N MET R 396 19.73 93.82 120.46
CA MET R 396 19.95 95.05 119.68
C MET R 396 21.35 95.14 119.06
N GLN R 397 22.38 94.54 119.71
CA GLN R 397 23.76 94.58 119.22
C GLN R 397 24.06 93.48 118.20
N ASP R 398 23.36 92.34 118.31
CA ASP R 398 23.55 91.18 117.44
C ASP R 398 22.69 91.25 116.17
N SER R 399 21.88 92.30 116.04
CA SER R 399 21.01 92.51 114.88
C SER R 399 21.46 93.67 113.99
N PHE R 400 21.34 93.49 112.69
CA PHE R 400 21.46 94.59 111.73
C PHE R 400 20.41 95.66 112.01
N MET R 401 19.12 95.29 112.15
CA MET R 401 18.03 96.24 112.46
C MET R 401 18.29 97.02 113.75
N GLY R 402 18.78 96.34 114.80
CA GLY R 402 19.06 96.98 116.09
C GLY R 402 20.24 97.95 116.06
N SER R 403 21.22 97.73 115.17
CA SER R 403 22.39 98.60 115.03
C SER R 403 22.25 99.68 113.95
N ASP R 404 21.25 99.58 113.08
CA ASP R 404 21.01 100.51 111.98
C ASP R 404 20.44 101.84 112.48
N ASP R 405 20.73 102.93 111.78
CA ASP R 405 20.18 104.24 112.14
C ASP R 405 18.89 104.49 111.34
N ILE R 406 17.75 104.49 112.05
CA ILE R 406 16.44 104.80 111.46
C ILE R 406 15.91 106.17 111.89
N SER R 407 16.70 106.97 112.61
CA SER R 407 16.26 108.27 113.13
C SER R 407 16.17 109.34 112.04
N TYR R 408 17.00 109.24 111.00
CA TYR R 408 17.00 110.15 109.85
C TYR R 408 16.03 109.66 108.75
N VAL R 409 14.73 109.78 109.00
CA VAL R 409 13.66 109.46 108.05
C VAL R 409 12.91 110.73 107.67
N GLU R 410 12.75 110.97 106.38
CA GLU R 410 12.03 112.14 105.88
C GLU R 410 10.51 111.92 105.97
N ASN R 411 9.74 112.98 106.25
CA ASN R 411 8.28 112.92 106.16
C ASN R 411 7.83 113.08 104.69
N ARG R 412 8.07 112.04 103.87
CA ARG R 412 7.80 112.05 102.43
C ARG R 412 6.66 111.10 102.06
N VAL R 413 5.51 111.67 101.69
CA VAL R 413 4.39 110.94 101.09
C VAL R 413 4.75 110.56 99.64
N PRO R 414 4.51 109.31 99.18
CA PRO R 414 4.76 108.91 97.80
C PRO R 414 3.96 109.73 96.79
N ASP R 415 4.65 110.36 95.83
CA ASP R 415 4.01 111.08 94.73
C ASP R 415 3.54 110.12 93.62
N LEU R 416 2.34 110.36 93.07
CA LEU R 416 1.75 109.48 92.06
C LEU R 416 2.52 109.49 90.73
N SER R 417 3.10 110.63 90.34
CA SER R 417 3.88 110.72 89.10
C SER R 417 5.20 109.96 89.23
N GLU R 418 5.86 110.05 90.38
CA GLU R 418 7.05 109.26 90.71
C GLU R 418 6.74 107.77 90.78
N LEU R 419 5.63 107.38 91.43
CA LEU R 419 5.20 105.98 91.49
C LEU R 419 4.95 105.42 90.09
N SER R 420 4.31 106.17 89.19
CA SER R 420 4.13 105.76 87.80
C SER R 420 5.46 105.49 87.11
N GLN R 421 6.49 106.30 87.37
CA GLN R 421 7.85 106.06 86.83
C GLN R 421 8.49 104.80 87.44
N HIS R 422 8.32 104.60 88.75
CA HIS R 422 8.85 103.42 89.44
C HIS R 422 8.17 102.12 88.96
N ASP R 423 6.86 102.15 88.72
CA ASP R 423 6.10 101.03 88.16
C ASP R 423 6.67 100.60 86.80
N ASN R 424 6.98 101.56 85.91
CA ASN R 424 7.59 101.25 84.61
C ASN R 424 8.98 100.59 84.74
N GLY R 425 9.74 100.95 85.78
CA GLY R 425 11.01 100.30 86.09
C GLY R 425 10.83 98.86 86.60
N SER R 426 9.88 98.66 87.52
CA SER R 426 9.56 97.35 88.11
C SER R 426 9.10 96.31 87.07
N LEU R 427 8.44 96.73 85.99
CA LEU R 427 8.01 95.78 84.94
C LEU R 427 9.16 94.99 84.30
N ARG R 428 10.39 95.53 84.29
CA ARG R 428 11.55 94.86 83.69
C ARG R 428 11.96 93.59 84.46
N ILE R 429 11.88 93.62 85.79
CA ILE R 429 12.28 92.45 86.61
C ILE R 429 11.22 91.34 86.55
N HIS R 430 9.93 91.69 86.54
CA HIS R 430 8.83 90.71 86.51
C HIS R 430 8.51 90.17 85.13
N ASN R 431 9.12 90.72 84.06
CA ASN R 431 9.03 90.19 82.70
C ASN R 431 7.61 89.95 82.19
N GLY R 432 6.62 90.75 82.61
CA GLY R 432 5.22 90.58 82.21
C GLY R 432 4.45 89.51 82.98
N ASP R 433 4.87 89.15 84.20
CA ASP R 433 4.06 88.33 85.11
C ASP R 433 2.67 88.94 85.34
N LEU R 434 1.63 88.12 85.15
CA LEU R 434 0.24 88.54 85.28
C LEU R 434 -0.12 88.92 86.73
N GLN R 435 0.50 88.28 87.73
CA GLN R 435 0.21 88.58 89.15
C GLN R 435 0.71 89.98 89.48
N HIS R 436 1.93 90.31 89.07
CA HIS R 436 2.49 91.64 89.23
C HIS R 436 1.66 92.72 88.52
N LEU R 437 1.30 92.50 87.24
CA LEU R 437 0.47 93.45 86.47
C LEU R 437 -0.91 93.68 87.10
N THR R 438 -1.55 92.60 87.55
CA THR R 438 -2.86 92.68 88.21
C THR R 438 -2.76 93.40 89.55
N TRP R 439 -1.70 93.14 90.31
CA TRP R 439 -1.45 93.81 91.59
C TRP R 439 -1.28 95.32 91.40
N LEU R 440 -0.41 95.75 90.47
CA LEU R 440 -0.27 97.18 90.16
C LEU R 440 -1.58 97.78 89.68
N GLY R 441 -2.30 97.12 88.77
CA GLY R 441 -3.60 97.58 88.30
C GLY R 441 -4.61 97.77 89.43
N LEU R 442 -4.63 96.87 90.42
CA LEU R 442 -5.46 97.02 91.62
C LEU R 442 -5.05 98.22 92.47
N GLN R 443 -3.75 98.46 92.66
CA GLN R 443 -3.28 99.62 93.43
C GLN R 443 -3.82 100.93 92.84
N TRP R 444 -3.66 101.12 91.54
CA TRP R 444 -4.21 102.27 90.82
C TRP R 444 -5.74 102.34 90.88
N HIS R 445 -6.41 101.19 90.78
CA HIS R 445 -7.87 101.13 90.90
C HIS R 445 -8.35 101.55 92.30
N PHE R 446 -7.65 101.18 93.38
CA PHE R 446 -7.97 101.63 94.74
C PHE R 446 -7.75 103.13 94.95
N LEU R 447 -6.88 103.75 94.14
CA LEU R 447 -6.67 105.20 94.08
C LEU R 447 -7.67 105.92 93.16
N SER R 448 -8.64 105.20 92.58
CA SER R 448 -9.62 105.72 91.61
C SER R 448 -9.02 106.31 90.33
N THR R 449 -7.79 105.90 89.99
CA THR R 449 -7.06 106.34 88.81
C THR R 449 -6.89 105.20 87.83
N LEU R 450 -7.00 105.48 86.53
CA LEU R 450 -6.78 104.45 85.51
C LEU R 450 -5.31 104.03 85.49
N PRO R 451 -5.00 102.73 85.57
CA PRO R 451 -3.63 102.26 85.46
C PRO R 451 -3.08 102.60 84.06
N PRO R 452 -1.80 103.02 83.94
CA PRO R 452 -1.18 103.35 82.65
C PRO R 452 -0.83 102.10 81.81
N LEU R 453 -1.81 101.21 81.60
CA LEU R 453 -1.68 99.92 80.92
C LEU R 453 -1.04 100.02 79.54
N ARG R 454 -1.37 101.07 78.77
CA ARG R 454 -0.77 101.32 77.45
C ARG R 454 0.75 101.41 77.50
N LYS R 455 1.31 102.12 78.49
CA LYS R 455 2.77 102.27 78.65
C LYS R 455 3.40 100.93 79.01
N TRP R 456 2.76 100.21 79.94
CA TRP R 456 3.21 98.89 80.39
C TRP R 456 3.23 97.86 79.25
N LEU R 457 2.14 97.80 78.48
CA LEU R 457 2.00 96.88 77.36
C LEU R 457 2.97 97.19 76.22
N LYS R 458 3.24 98.46 75.91
CA LYS R 458 4.27 98.83 74.93
C LYS R 458 5.68 98.40 75.35
N GLN R 459 5.96 98.43 76.66
CA GLN R 459 7.26 97.97 77.20
C GLN R 459 7.39 96.44 77.16
N ILE R 460 6.32 95.70 77.49
CA ILE R 460 6.32 94.23 77.48
C ILE R 460 6.26 93.68 76.06
N PHE R 461 5.48 94.31 75.17
CA PHE R 461 5.20 93.86 73.82
C PHE R 461 5.51 94.93 72.76
N PRO R 462 6.79 95.33 72.59
CA PRO R 462 7.18 96.46 71.74
C PRO R 462 6.91 96.26 70.24
N ARG R 463 6.66 95.03 69.79
CA ARG R 463 6.44 94.68 68.37
C ARG R 463 4.98 94.44 68.02
N VAL R 464 4.07 94.49 68.99
CA VAL R 464 2.65 94.23 68.77
C VAL R 464 1.97 95.54 68.32
N PRO R 465 1.18 95.53 67.23
CA PRO R 465 0.48 96.73 66.77
C PRO R 465 -0.56 97.19 67.80
N GLN R 466 -0.85 98.48 67.83
CA GLN R 466 -1.81 99.03 68.79
C GLN R 466 -3.23 98.52 68.53
N GLU R 467 -3.67 98.53 67.26
CA GLU R 467 -4.96 98.00 66.83
C GLU R 467 -4.83 97.09 65.59
N THR R 468 -5.85 96.27 65.34
CA THR R 468 -6.03 95.42 64.15
C THR R 468 -7.23 95.87 63.33
N SER R 469 -7.10 95.83 62.01
CA SER R 469 -8.23 96.06 61.08
C SER R 469 -9.17 94.84 60.98
N ARG R 470 -8.83 93.71 61.62
CA ARG R 470 -9.56 92.44 61.51
C ARG R 470 -10.05 91.96 62.88
N LEU R 471 -10.94 92.73 63.52
CA LEU R 471 -11.56 92.35 64.81
C LEU R 471 -12.36 91.03 64.73
N GLU R 472 -12.84 90.67 63.55
CA GLU R 472 -13.56 89.40 63.34
C GLU R 472 -12.62 88.19 63.23
N SER R 473 -11.32 88.39 63.05
CA SER R 473 -10.34 87.29 63.06
C SER R 473 -10.13 86.78 64.49
N ASN R 474 -9.97 85.47 64.66
CA ASN R 474 -9.52 84.87 65.92
C ASN R 474 -8.11 84.24 65.80
N ILE R 475 -7.39 84.56 64.72
CA ILE R 475 -6.04 84.07 64.49
C ILE R 475 -5.10 84.68 65.56
N PRO R 476 -4.31 83.87 66.30
CA PRO R 476 -3.40 84.35 67.34
C PRO R 476 -2.41 85.43 66.87
N GLU R 477 -1.95 85.36 65.62
CA GLU R 477 -1.05 86.34 65.00
C GLU R 477 -1.71 87.72 64.78
N SER R 478 -3.04 87.83 64.95
CA SER R 478 -3.78 89.09 64.81
C SER R 478 -3.95 89.87 66.11
N ILE R 479 -3.42 89.40 67.24
CA ILE R 479 -3.48 90.08 68.54
C ILE R 479 -2.90 91.50 68.44
N CYS R 480 -3.58 92.47 69.04
CA CYS R 480 -3.11 93.84 69.19
C CYS R 480 -2.99 94.26 70.67
N LEU R 481 -2.37 95.41 70.93
CA LEU R 481 -2.21 95.92 72.30
C LEU R 481 -3.57 96.20 72.96
N LEU R 482 -4.57 96.66 72.20
CA LEU R 482 -5.91 96.89 72.74
C LEU R 482 -6.60 95.61 73.21
N ASP R 483 -6.35 94.45 72.58
CA ASP R 483 -6.84 93.15 73.09
C ASP R 483 -6.23 92.82 74.45
N LEU R 484 -4.94 93.13 74.64
CA LEU R 484 -4.22 92.90 75.90
C LEU R 484 -4.65 93.90 76.99
N GLU R 485 -4.93 95.15 76.60
CA GLU R 485 -5.40 96.18 77.53
C GLU R 485 -6.76 95.84 78.09
N VAL R 486 -7.73 95.46 77.25
CA VAL R 486 -9.05 95.05 77.73
C VAL R 486 -8.97 93.77 78.57
N PHE R 487 -8.10 92.83 78.22
CA PHE R 487 -7.85 91.65 79.06
C PHE R 487 -7.39 92.08 80.46
N LEU R 488 -6.37 92.93 80.58
CA LEU R 488 -5.87 93.41 81.87
C LEU R 488 -6.92 94.23 82.64
N LEU R 489 -7.68 95.10 81.97
CA LEU R 489 -8.77 95.87 82.59
C LEU R 489 -9.83 94.94 83.22
N ALA R 490 -10.21 93.87 82.52
CA ALA R 490 -11.16 92.90 83.06
C ALA R 490 -10.57 92.06 84.19
N VAL R 491 -9.30 91.63 84.08
CA VAL R 491 -8.64 90.90 85.17
C VAL R 491 -8.62 91.78 86.43
N VAL R 492 -8.14 93.02 86.34
CA VAL R 492 -8.10 93.95 87.49
C VAL R 492 -9.49 94.17 88.09
N GLN R 493 -10.52 94.38 87.27
CA GLN R 493 -11.89 94.57 87.76
C GLN R 493 -12.42 93.32 88.46
N THR R 494 -12.25 92.15 87.86
CA THR R 494 -12.72 90.88 88.46
C THR R 494 -11.96 90.55 89.76
N SER R 495 -10.66 90.83 89.82
CA SER R 495 -9.87 90.71 91.04
C SER R 495 -10.37 91.67 92.13
N TYR R 496 -10.70 92.91 91.77
CA TYR R 496 -11.24 93.91 92.70
C TYR R 496 -12.57 93.46 93.29
N LEU R 497 -13.51 93.00 92.45
CA LEU R 497 -14.80 92.48 92.89
C LEU R 497 -14.65 91.25 93.79
N GLN R 498 -13.75 90.32 93.43
CA GLN R 498 -13.44 89.16 94.25
C GLN R 498 -12.85 89.55 95.62
N LEU R 499 -12.02 90.59 95.69
CA LEU R 499 -11.50 91.09 96.97
C LEU R 499 -12.60 91.74 97.82
N GLN R 500 -13.54 92.48 97.21
CA GLN R 500 -14.65 93.08 97.93
C GLN R 500 -15.60 92.04 98.53
N ASP R 501 -16.00 91.04 97.75
CA ASP R 501 -16.90 89.98 98.22
C ASP R 501 -16.28 89.14 99.34
N ASN R 502 -14.94 88.99 99.34
CA ASN R 502 -14.22 88.32 100.44
C ASN R 502 -13.97 89.22 101.66
N ASN R 503 -14.06 90.55 101.51
CA ASN R 503 -13.72 91.52 102.54
C ASN R 503 -14.92 92.03 103.34
N THR R 504 -16.16 91.70 102.98
CA THR R 504 -17.37 92.17 103.67
C THR R 504 -17.41 91.86 105.17
N THR R 505 -16.57 90.93 105.65
CA THR R 505 -16.43 90.57 107.07
C THR R 505 -15.04 90.85 107.65
N ALA R 506 -14.17 91.60 106.95
CA ALA R 506 -12.78 91.79 107.35
C ALA R 506 -12.56 93.01 108.29
N ASP R 507 -11.60 92.88 109.20
CA ASP R 507 -11.08 93.94 110.09
C ASP R 507 -10.87 95.26 109.32
N PRO R 508 -11.38 96.42 109.81
CA PRO R 508 -11.24 97.71 109.14
C PRO R 508 -9.78 98.14 108.95
N ASN R 509 -8.84 97.63 109.78
CA ASN R 509 -7.42 97.91 109.67
C ASN R 509 -6.71 97.01 108.65
N ARG R 510 -7.41 96.03 108.07
CA ARG R 510 -6.81 95.15 107.07
C ARG R 510 -6.54 95.93 105.79
N PRO R 511 -5.32 95.85 105.23
CA PRO R 511 -5.00 96.48 103.95
C PRO R 511 -5.93 95.97 102.84
N ARG R 512 -6.43 96.88 102.00
CA ARG R 512 -7.33 96.56 100.88
C ARG R 512 -6.70 95.58 99.90
N CYS R 513 -5.41 95.72 99.66
CA CYS R 513 -4.57 94.81 98.89
C CYS R 513 -3.32 94.45 99.69
N LEU R 514 -3.03 93.16 99.80
CA LEU R 514 -1.84 92.69 100.51
C LEU R 514 -0.59 92.77 99.60
N PRO R 515 0.62 92.82 100.18
CA PRO R 515 1.88 92.74 99.42
C PRO R 515 1.94 91.48 98.56
N LEU R 516 2.56 91.60 97.38
CA LEU R 516 2.66 90.51 96.40
C LEU R 516 3.08 89.13 96.96
N PRO R 517 4.10 89.00 97.83
CA PRO R 517 4.51 87.70 98.35
C PRO R 517 3.40 86.96 99.11
N ILE R 518 2.53 87.69 99.82
CA ILE R 518 1.49 87.12 100.69
C ILE R 518 0.07 87.28 100.11
N CYS R 519 -0.04 87.92 98.95
CA CYS R 519 -1.29 88.12 98.25
C CYS R 519 -1.71 86.83 97.53
N LYS R 520 -2.95 86.41 97.72
CA LYS R 520 -3.52 85.25 97.02
C LYS R 520 -3.52 85.49 95.50
N GLN R 521 -3.60 84.42 94.71
CA GLN R 521 -3.69 84.53 93.26
C GLN R 521 -4.89 85.42 92.87
N LEU R 522 -4.61 86.51 92.16
CA LEU R 522 -5.60 87.54 91.84
C LEU R 522 -6.45 87.19 90.61
N PHE R 523 -6.01 86.19 89.84
CA PHE R 523 -6.63 85.75 88.58
C PHE R 523 -6.92 84.24 88.58
N THR R 524 -7.70 83.77 87.60
CA THR R 524 -8.01 82.34 87.43
C THR R 524 -6.94 81.58 86.64
N ASP R 525 -6.86 80.26 86.80
CA ASP R 525 -5.87 79.46 86.05
C ASP R 525 -6.08 79.52 84.53
N ARG R 526 -7.31 79.77 84.08
CA ARG R 526 -7.61 80.00 82.66
C ARG R 526 -7.04 81.33 82.17
N GLN R 527 -7.21 82.41 82.94
CA GLN R 527 -6.60 83.72 82.64
C GLN R 527 -5.07 83.60 82.60
N ARG R 528 -4.47 82.86 83.54
CA ARG R 528 -3.03 82.53 83.53
C ARG R 528 -2.63 81.81 82.25
N SER R 529 -3.32 80.71 81.94
CA SER R 529 -3.00 79.89 80.77
C SER R 529 -3.11 80.67 79.47
N TRP R 530 -4.06 81.60 79.35
CA TRP R 530 -4.18 82.45 78.18
C TRP R 530 -3.04 83.46 78.09
N TRP R 531 -2.78 84.21 79.18
CA TRP R 531 -1.72 85.22 79.22
C TRP R 531 -0.33 84.61 78.98
N ASP R 532 -0.01 83.49 79.63
CA ASP R 532 1.27 82.80 79.47
C ASP R 532 1.43 82.26 78.04
N ALA R 533 0.34 81.83 77.40
CA ALA R 533 0.37 81.39 76.01
C ALA R 533 0.66 82.56 75.06
N VAL R 534 -0.01 83.70 75.25
CA VAL R 534 0.22 84.94 74.50
C VAL R 534 1.66 85.41 74.68
N TYR R 535 2.11 85.53 75.93
CA TYR R 535 3.45 85.96 76.27
C TYR R 535 4.51 85.06 75.61
N SER R 536 4.37 83.74 75.76
CA SER R 536 5.30 82.75 75.19
C SER R 536 5.34 82.78 73.66
N LEU R 537 4.20 82.99 73.00
CA LEU R 537 4.11 83.05 71.54
C LEU R 537 4.75 84.34 70.99
N ILE R 538 4.41 85.50 71.57
CA ILE R 538 4.87 86.82 71.09
C ILE R 538 6.36 87.02 71.39
N THR R 539 6.82 86.63 72.58
CA THR R 539 8.25 86.75 72.98
C THR R 539 9.13 85.63 72.40
N LYS R 540 8.55 84.68 71.66
CA LYS R 540 9.24 83.50 71.10
C LYS R 540 9.96 82.64 72.16
N LYS R 541 9.45 82.63 73.40
CA LYS R 541 9.94 81.81 74.52
C LYS R 541 9.22 80.45 74.63
N ALA R 542 8.28 80.16 73.73
CA ALA R 542 7.54 78.89 73.73
C ALA R 542 8.48 77.68 73.54
N LEU R 543 8.25 76.61 74.30
CA LEU R 543 8.98 75.35 74.13
C LEU R 543 8.72 74.76 72.72
N PRO R 544 9.75 74.20 72.05
CA PRO R 544 9.58 73.53 70.76
C PRO R 544 8.46 72.48 70.79
N GLY R 545 7.58 72.49 69.77
CA GLY R 545 6.45 71.57 69.66
C GLY R 545 5.17 71.98 70.43
N THR R 546 5.25 72.92 71.38
CA THR R 546 4.06 73.37 72.13
C THR R 546 3.23 74.44 71.40
N SER R 547 3.78 75.07 70.36
CA SER R 547 3.19 76.25 69.72
C SER R 547 1.79 76.01 69.15
N ALA R 548 1.48 74.80 68.66
CA ALA R 548 0.13 74.49 68.17
C ALA R 548 -0.91 74.50 69.31
N LYS R 549 -0.57 73.91 70.47
CA LYS R 549 -1.42 73.91 71.66
C LYS R 549 -1.64 75.33 72.18
N LEU R 550 -0.57 76.14 72.26
CA LEU R 550 -0.65 77.54 72.68
C LEU R 550 -1.57 78.36 71.77
N ARG R 551 -1.45 78.19 70.44
CA ARG R 551 -2.34 78.85 69.48
C ARG R 551 -3.81 78.50 69.67
N SER R 552 -4.12 77.23 69.95
CA SER R 552 -5.52 76.81 70.21
C SER R 552 -6.10 77.45 71.47
N VAL R 553 -5.32 77.56 72.55
CA VAL R 553 -5.75 78.26 73.79
C VAL R 553 -6.04 79.73 73.50
N ILE R 554 -5.13 80.40 72.79
CA ILE R 554 -5.28 81.82 72.44
C ILE R 554 -6.53 82.03 71.56
N GLN R 555 -6.66 81.24 70.50
CA GLN R 555 -7.74 81.37 69.52
C GLN R 555 -9.12 81.25 70.16
N HIS R 556 -9.28 80.32 71.10
CA HIS R 556 -10.56 80.12 71.80
C HIS R 556 -10.97 81.37 72.58
N ASP R 557 -10.10 81.88 73.45
CA ASP R 557 -10.44 82.98 74.37
C ASP R 557 -10.32 84.38 73.73
N LEU R 558 -9.64 84.50 72.59
CA LEU R 558 -9.62 85.75 71.80
C LEU R 558 -11.01 86.10 71.24
N THR R 559 -11.85 85.09 70.95
CA THR R 559 -13.24 85.31 70.52
C THR R 559 -14.06 86.03 71.61
N THR R 560 -13.84 85.67 72.88
CA THR R 560 -14.42 86.30 74.06
C THR R 560 -13.98 87.75 74.17
N LEU R 561 -12.66 88.03 74.09
CA LEU R 561 -12.11 89.38 74.24
C LEU R 561 -12.61 90.36 73.17
N ARG R 562 -12.81 89.88 71.94
CA ARG R 562 -13.32 90.71 70.84
C ARG R 562 -14.84 90.77 70.80
N ALA R 563 -15.53 90.18 71.76
CA ALA R 563 -16.99 90.10 71.82
C ALA R 563 -17.60 89.56 70.51
N GLN R 564 -17.03 88.47 69.99
CA GLN R 564 -17.55 87.74 68.84
C GLN R 564 -18.81 86.94 69.23
N GLU R 565 -19.41 86.22 68.27
CA GLU R 565 -20.64 85.46 68.53
C GLU R 565 -20.52 84.54 69.75
N LYS R 566 -21.54 84.55 70.62
CA LYS R 566 -21.60 83.73 71.85
C LYS R 566 -20.43 83.96 72.82
N HIS R 567 -19.90 85.18 72.91
CA HIS R 567 -18.80 85.57 73.79
C HIS R 567 -19.02 85.29 75.29
N GLY R 568 -20.26 85.22 75.80
CA GLY R 568 -20.53 84.86 77.20
C GLY R 568 -20.06 85.86 78.27
N LEU R 569 -19.59 87.05 77.86
CA LEU R 569 -19.27 88.18 78.76
C LEU R 569 -20.48 88.73 79.52
N GLN R 570 -20.29 89.07 80.79
CA GLN R 570 -21.22 89.88 81.58
C GLN R 570 -21.23 91.33 81.04
N PRO R 571 -22.40 91.98 80.88
CA PRO R 571 -22.48 93.37 80.38
C PRO R 571 -21.60 94.38 81.12
N ALA R 572 -21.47 94.21 82.44
CA ALA R 572 -20.66 95.08 83.29
C ALA R 572 -19.17 95.12 82.87
N VAL R 573 -18.65 94.02 82.30
CA VAL R 573 -17.29 93.96 81.77
C VAL R 573 -17.17 94.81 80.50
N LEU R 574 -18.16 94.73 79.59
CA LEU R 574 -18.20 95.54 78.37
C LEU R 574 -18.29 97.04 78.69
N VAL R 575 -19.13 97.41 79.67
CA VAL R 575 -19.22 98.81 80.16
C VAL R 575 -17.87 99.29 80.68
N ASN R 576 -17.19 98.48 81.51
CA ASN R 576 -15.88 98.85 82.06
C ASN R 576 -14.81 99.01 80.96
N TRP R 577 -14.80 98.12 79.96
CA TRP R 577 -13.91 98.26 78.81
C TRP R 577 -14.18 99.54 78.03
N ALA R 578 -15.44 99.79 77.68
CA ALA R 578 -15.81 100.96 76.90
C ALA R 578 -15.42 102.26 77.64
N ARG R 579 -15.73 102.36 78.94
CA ARG R 579 -15.34 103.49 79.79
C ARG R 579 -13.83 103.66 79.91
N GLY R 580 -13.10 102.58 80.18
CA GLY R 580 -11.64 102.61 80.28
C GLY R 580 -11.00 103.09 78.99
N LEU R 581 -11.43 102.55 77.85
CA LEU R 581 -10.94 102.95 76.53
C LEU R 581 -11.33 104.37 76.15
N HIS R 582 -12.54 104.82 76.51
CA HIS R 582 -12.99 106.19 76.27
C HIS R 582 -12.09 107.19 77.02
N LYS R 583 -11.88 106.97 78.32
CA LYS R 583 -11.02 107.82 79.15
C LYS R 583 -9.57 107.84 78.66
N THR R 584 -8.99 106.66 78.38
CA THR R 584 -7.62 106.58 77.85
C THR R 584 -7.53 107.29 76.51
N GLY R 585 -8.44 107.00 75.57
CA GLY R 585 -8.43 107.61 74.24
C GLY R 585 -8.59 109.13 74.29
N TYR R 586 -9.52 109.65 75.09
CA TYR R 586 -9.73 111.10 75.23
C TYR R 586 -8.50 111.83 75.79
N SER R 587 -7.71 111.18 76.65
CA SER R 587 -6.49 111.74 77.23
C SER R 587 -5.26 111.74 76.30
N LEU R 588 -5.36 111.17 75.10
CA LEU R 588 -4.22 111.06 74.18
C LEU R 588 -4.20 112.24 73.20
N ASN R 589 -3.03 112.82 72.96
CA ASN R 589 -2.88 113.94 72.03
C ASN R 589 -2.72 113.51 70.55
N SER R 590 -2.58 112.21 70.31
CA SER R 590 -2.36 111.66 68.97
C SER R 590 -3.69 111.32 68.30
N PHE R 591 -4.01 111.98 67.19
CA PHE R 591 -5.20 111.72 66.37
C PHE R 591 -5.40 110.24 66.07
N TYR R 592 -4.34 109.55 65.61
CA TYR R 592 -4.42 108.13 65.25
C TYR R 592 -4.72 107.25 66.46
N ASP R 593 -4.10 107.55 67.61
CA ASP R 593 -4.35 106.81 68.84
C ASP R 593 -5.79 107.06 69.35
N GLN R 594 -6.24 108.32 69.35
CA GLN R 594 -7.62 108.67 69.72
C GLN R 594 -8.63 107.89 68.87
N LYS R 595 -8.43 107.87 67.55
CA LYS R 595 -9.30 107.17 66.61
C LYS R 595 -9.35 105.67 66.86
N GLU R 596 -8.21 105.03 67.13
CA GLU R 596 -8.16 103.60 67.44
C GLU R 596 -8.89 103.27 68.76
N TYR R 597 -8.62 104.02 69.84
CA TYR R 597 -9.29 103.83 71.13
C TYR R 597 -10.79 104.11 71.05
N MET R 598 -11.20 105.19 70.39
CA MET R 598 -12.63 105.51 70.20
C MET R 598 -13.30 104.45 69.33
N GLY R 599 -12.66 104.01 68.25
CA GLY R 599 -13.17 102.95 67.39
C GLY R 599 -13.42 101.64 68.16
N ARG R 600 -12.48 101.24 69.03
CA ARG R 600 -12.64 100.05 69.86
C ARG R 600 -13.66 100.24 71.00
N CYS R 601 -13.74 101.42 71.59
CA CYS R 601 -14.78 101.77 72.56
C CYS R 601 -16.18 101.61 71.95
N VAL R 602 -16.40 102.22 70.78
CA VAL R 602 -17.65 102.11 70.01
C VAL R 602 -17.98 100.67 69.64
N HIS R 603 -16.98 99.86 69.29
CA HIS R 603 -17.18 98.42 69.05
C HIS R 603 -17.82 97.72 70.24
N TYR R 604 -17.33 97.92 71.47
CA TYR R 604 -17.92 97.29 72.65
C TYR R 604 -19.31 97.84 73.00
N TRP R 605 -19.55 99.14 72.82
CA TRP R 605 -20.90 99.71 72.96
C TRP R 605 -21.89 99.05 72.00
N LYS R 606 -21.53 98.87 70.72
CA LYS R 606 -22.37 98.18 69.73
C LYS R 606 -22.67 96.73 70.12
N LYS R 607 -21.75 96.04 70.80
CA LYS R 607 -21.96 94.67 71.30
C LYS R 607 -22.80 94.64 72.59
N LEU R 608 -22.76 95.71 73.38
CA LEU R 608 -23.51 95.85 74.62
C LEU R 608 -24.99 96.19 74.39
N LEU R 609 -25.32 97.04 73.40
CA LEU R 609 -26.70 97.49 73.14
C LEU R 609 -27.73 96.33 73.05
N PRO R 610 -27.49 95.23 72.30
CA PRO R 610 -28.41 94.10 72.27
C PRO R 610 -28.60 93.39 73.63
N LEU R 611 -27.59 93.44 74.52
CA LEU R 611 -27.68 92.88 75.86
C LEU R 611 -28.50 93.78 76.78
N LEU R 612 -28.40 95.11 76.61
CA LEU R 612 -29.25 96.07 77.32
C LEU R 612 -30.72 95.90 76.95
N ASP R 613 -31.02 95.63 75.67
CA ASP R 613 -32.37 95.27 75.21
C ASP R 613 -32.92 94.01 75.91
N LEU R 614 -32.07 92.99 76.12
CA LEU R 614 -32.45 91.80 76.88
C LEU R 614 -32.76 92.13 78.35
N VAL R 615 -31.94 92.96 78.99
CA VAL R 615 -32.15 93.44 80.37
C VAL R 615 -33.45 94.24 80.49
N LYS R 616 -33.74 95.11 79.52
CA LYS R 616 -35.01 95.87 79.43
C LYS R 616 -36.22 94.96 79.29
N GLN R 617 -36.07 93.85 78.55
CA GLN R 617 -37.05 92.78 78.43
C GLN R 617 -37.08 91.83 79.64
N LYS R 618 -36.27 92.07 80.68
CA LYS R 618 -36.11 91.23 81.88
C LYS R 618 -35.72 89.78 81.55
N LYS R 619 -34.98 89.57 80.45
CA LYS R 619 -34.43 88.28 80.07
C LYS R 619 -33.06 88.08 80.72
N SER R 620 -32.78 86.85 81.12
CA SER R 620 -31.48 86.47 81.70
C SER R 620 -30.39 86.45 80.64
N ILE R 621 -29.18 86.84 81.03
CA ILE R 621 -28.00 86.80 80.16
C ILE R 621 -27.35 85.43 80.28
N PRO R 622 -26.97 84.77 79.16
CA PRO R 622 -26.34 83.46 79.21
C PRO R 622 -24.96 83.50 79.88
N GLU R 623 -24.77 82.64 80.89
CA GLU R 623 -23.49 82.48 81.60
C GLU R 623 -22.79 81.17 81.14
N PRO R 624 -21.51 81.23 80.71
CA PRO R 624 -20.72 80.04 80.40
C PRO R 624 -20.41 79.19 81.64
N VAL R 625 -20.31 77.87 81.47
CA VAL R 625 -19.96 76.93 82.56
C VAL R 625 -18.56 77.20 83.14
N ASP R 626 -17.61 77.55 82.28
CA ASP R 626 -16.27 77.97 82.65
C ASP R 626 -15.98 79.30 81.93
N PRO R 627 -16.25 80.45 82.55
CA PRO R 627 -16.06 81.75 81.92
C PRO R 627 -14.61 82.25 82.09
N LEU R 628 -14.07 82.96 81.07
CA LEU R 628 -12.76 83.61 81.17
C LEU R 628 -12.76 84.70 82.27
N PHE R 629 -13.88 85.40 82.43
CA PHE R 629 -14.12 86.39 83.47
C PHE R 629 -15.36 85.99 84.27
N LYS R 630 -15.23 85.81 85.57
CA LYS R 630 -16.33 85.40 86.45
C LYS R 630 -17.46 86.43 86.41
N HIS R 631 -18.69 85.95 86.45
CA HIS R 631 -19.88 86.81 86.56
C HIS R 631 -20.10 87.17 88.03
N PHE R 632 -20.27 88.46 88.32
CA PHE R 632 -20.55 88.96 89.65
C PHE R 632 -21.95 89.57 89.69
N HIS R 633 -22.92 88.87 90.29
CA HIS R 633 -24.32 89.29 90.30
C HIS R 633 -24.58 90.63 91.03
N ASN R 634 -23.67 91.04 91.92
CA ASN R 634 -23.71 92.36 92.56
C ASN R 634 -23.48 93.53 91.59
N LYS R 635 -22.96 93.26 90.38
CA LYS R 635 -22.72 94.23 89.30
C LYS R 635 -23.61 93.99 88.07
N ASP R 636 -24.66 93.18 88.19
CA ASP R 636 -25.64 93.04 87.12
C ASP R 636 -26.35 94.38 86.87
N ILE R 637 -26.43 94.77 85.60
CA ILE R 637 -27.01 96.05 85.17
C ILE R 637 -28.50 96.07 85.53
N LYS R 638 -28.92 97.10 86.24
CA LYS R 638 -30.32 97.30 86.60
C LYS R 638 -31.08 97.97 85.46
N VAL R 639 -32.37 97.68 85.34
CA VAL R 639 -33.24 98.29 84.31
C VAL R 639 -33.26 99.83 84.39
N SER R 640 -33.07 100.40 85.59
CA SER R 640 -32.96 101.86 85.79
C SER R 640 -31.73 102.49 85.17
N GLU R 641 -30.62 101.75 85.08
CA GLU R 641 -29.32 102.22 84.59
C GLU R 641 -29.20 102.10 83.06
N VAL R 642 -30.13 101.37 82.42
CA VAL R 642 -30.07 101.08 80.98
C VAL R 642 -30.11 102.36 80.14
N LYS R 643 -30.96 103.34 80.50
CA LYS R 643 -31.06 104.59 79.75
C LYS R 643 -29.75 105.39 79.80
N ASP R 644 -29.15 105.52 80.98
CA ASP R 644 -27.89 106.25 81.15
C ASP R 644 -26.75 105.63 80.33
N LEU R 645 -26.75 104.29 80.21
CA LEU R 645 -25.78 103.55 79.38
C LEU R 645 -26.07 103.69 77.87
N GLU R 646 -27.34 103.76 77.46
CA GLU R 646 -27.71 104.06 76.07
C GLU R 646 -27.25 105.47 75.68
N ASP R 647 -27.44 106.46 76.58
CA ASP R 647 -26.99 107.84 76.38
C ASP R 647 -25.44 107.91 76.32
N GLU R 648 -24.74 107.18 77.18
CA GLU R 648 -23.27 107.06 77.16
C GLU R 648 -22.75 106.42 75.86
N ALA R 649 -23.44 105.41 75.34
CA ALA R 649 -23.12 104.81 74.05
C ALA R 649 -23.29 105.82 72.90
N CYS R 650 -24.37 106.60 72.90
CA CYS R 650 -24.61 107.66 71.91
C CYS R 650 -23.53 108.74 71.96
N ILE R 651 -23.11 109.16 73.17
CA ILE R 651 -21.99 110.09 73.36
C ILE R 651 -20.71 109.52 72.74
N ALA R 652 -20.38 108.25 73.01
CA ALA R 652 -19.19 107.61 72.43
C ALA R 652 -19.24 107.52 70.89
N PHE R 653 -20.43 107.30 70.30
CA PHE R 653 -20.61 107.32 68.85
C PHE R 653 -20.38 108.72 68.27
N ALA R 654 -20.96 109.75 68.89
CA ALA R 654 -20.76 111.14 68.50
C ALA R 654 -19.28 111.58 68.64
N THR R 655 -18.60 111.15 69.71
CA THR R 655 -17.16 111.40 69.88
C THR R 655 -16.32 110.74 68.78
N LEU R 656 -16.66 109.51 68.35
CA LEU R 656 -15.95 108.88 67.24
C LEU R 656 -16.17 109.64 65.92
N ASP R 657 -17.40 110.07 65.63
CA ASP R 657 -17.67 110.87 64.43
C ASP R 657 -16.93 112.23 64.47
N LEU R 658 -16.80 112.85 65.66
CA LEU R 658 -15.98 114.04 65.87
C LEU R 658 -14.50 113.77 65.58
N VAL R 659 -13.93 112.68 66.11
CA VAL R 659 -12.54 112.27 65.85
C VAL R 659 -12.32 111.91 64.38
N ASP R 660 -13.32 111.35 63.70
CA ASP R 660 -13.25 111.08 62.26
C ASP R 660 -13.34 112.34 61.38
N GLY R 661 -13.61 113.51 61.97
CA GLY R 661 -13.75 114.80 61.27
C GLY R 661 -15.15 115.04 60.69
N LYS R 662 -16.15 114.22 61.04
CA LYS R 662 -17.56 114.43 60.69
C LYS R 662 -18.24 115.29 61.74
N THR R 663 -17.83 116.56 61.80
CA THR R 663 -18.26 117.50 62.84
C THR R 663 -19.78 117.73 62.84
N GLU R 664 -20.41 117.80 61.68
CA GLU R 664 -21.86 118.04 61.57
C GLU R 664 -22.69 116.87 62.08
N ASP R 665 -22.32 115.64 61.70
CA ASP R 665 -22.96 114.42 62.19
C ASP R 665 -22.81 114.30 63.72
N ALA R 666 -21.64 114.67 64.24
CA ALA R 666 -21.38 114.68 65.69
C ALA R 666 -22.24 115.71 66.42
N ILE R 667 -22.43 116.93 65.88
CA ILE R 667 -23.29 117.96 66.46
C ILE R 667 -24.73 117.44 66.58
N ILE R 668 -25.29 116.92 65.49
CA ILE R 668 -26.65 116.35 65.46
C ILE R 668 -26.80 115.23 66.50
N ALA R 669 -25.79 114.35 66.58
CA ALA R 669 -25.80 113.25 67.55
C ALA R 669 -25.74 113.75 69.00
N PHE R 670 -24.88 114.71 69.33
CA PHE R 670 -24.82 115.28 70.69
C PHE R 670 -26.10 116.02 71.07
N GLU R 671 -26.68 116.82 70.17
CA GLU R 671 -27.94 117.53 70.41
C GLU R 671 -29.10 116.58 70.70
N SER R 672 -29.04 115.35 70.17
CA SER R 672 -30.08 114.34 70.41
C SER R 672 -30.07 113.73 71.82
N VAL R 673 -28.91 113.67 72.49
CA VAL R 673 -28.77 113.01 73.81
C VAL R 673 -29.27 113.89 74.95
N LYS R 674 -29.16 115.23 74.81
CA LYS R 674 -29.63 116.21 75.82
C LYS R 674 -29.14 115.94 77.25
N ASN R 675 -27.83 115.75 77.39
CA ASN R 675 -27.14 115.49 78.67
C ASN R 675 -25.97 116.47 78.81
N VAL R 676 -25.61 116.83 80.05
CA VAL R 676 -24.44 117.67 80.40
C VAL R 676 -23.16 117.29 79.66
N VAL R 677 -22.84 116.00 79.53
CA VAL R 677 -21.64 115.57 78.79
C VAL R 677 -21.75 115.91 77.30
N ALA R 678 -22.94 115.79 76.72
CA ALA R 678 -23.19 116.17 75.32
C ALA R 678 -23.12 117.69 75.14
N TYR R 679 -23.71 118.48 76.06
CA TYR R 679 -23.60 119.95 76.04
C TYR R 679 -22.15 120.42 76.17
N TRP R 680 -21.35 119.75 77.01
CA TRP R 680 -19.93 120.06 77.13
C TRP R 680 -19.18 119.82 75.82
N ASN R 681 -19.40 118.67 75.17
CA ASN R 681 -18.81 118.38 73.88
C ASN R 681 -19.28 119.37 72.79
N LEU R 682 -20.55 119.78 72.80
CA LEU R 682 -21.08 120.80 71.89
C LEU R 682 -20.38 122.15 72.12
N ALA R 683 -20.24 122.59 73.36
CA ALA R 683 -19.52 123.81 73.71
C ALA R 683 -18.08 123.78 73.18
N LEU R 684 -17.36 122.67 73.40
CA LEU R 684 -15.99 122.49 72.87
C LEU R 684 -15.93 122.53 71.34
N ILE R 685 -16.90 121.94 70.65
CA ILE R 685 -16.96 121.98 69.18
C ILE R 685 -17.14 123.43 68.70
N TYR R 686 -18.09 124.17 69.27
CA TYR R 686 -18.37 125.55 68.87
C TYR R 686 -17.24 126.51 69.25
N GLN R 687 -16.58 126.29 70.39
CA GLN R 687 -15.37 127.04 70.75
C GLN R 687 -14.26 126.82 69.70
N ARG R 688 -13.97 125.56 69.33
CA ARG R 688 -12.96 125.27 68.30
C ARG R 688 -13.34 125.84 66.93
N LYS R 689 -14.63 125.77 66.55
CA LYS R 689 -15.12 126.43 65.33
C LYS R 689 -14.86 127.94 65.37
N ALA R 690 -15.10 128.60 66.50
CA ALA R 690 -14.81 130.03 66.67
C ALA R 690 -13.30 130.33 66.56
N GLU R 691 -12.44 129.53 67.21
CA GLU R 691 -10.97 129.68 67.13
C GLU R 691 -10.42 129.43 65.72
N GLU R 692 -11.05 128.57 64.91
CA GLU R 692 -10.68 128.36 63.50
C GLU R 692 -11.04 129.57 62.63
N ILE R 693 -12.13 130.26 62.96
CA ILE R 693 -12.57 131.47 62.28
C ILE R 693 -11.71 132.67 62.72
N GLU R 694 -11.22 132.72 63.97
CA GLU R 694 -10.38 133.80 64.49
C GLU R 694 -9.03 133.92 63.75
N ASN R 695 -9.03 134.66 62.63
CA ASN R 695 -7.86 135.21 61.96
C ASN R 695 -7.99 136.73 61.92
N ASP R 696 -6.89 137.47 62.10
CA ASP R 696 -6.86 138.92 62.38
C ASP R 696 -7.52 139.87 61.33
N CYS R 697 -8.15 139.39 60.26
CA CYS R 697 -8.79 140.20 59.20
C CYS R 697 -10.04 139.52 58.59
N LEU R 698 -11.11 139.30 59.36
CA LEU R 698 -12.30 138.59 58.89
C LEU R 698 -13.23 139.43 58.00
N PRO R 699 -13.72 138.89 56.87
CA PRO R 699 -14.91 139.38 56.18
C PRO R 699 -16.15 139.41 57.10
N ALA R 700 -17.12 140.29 56.80
CA ALA R 700 -18.33 140.45 57.62
C ALA R 700 -19.14 139.16 57.80
N GLU R 701 -19.21 138.30 56.77
CA GLU R 701 -19.87 136.99 56.85
C GLU R 701 -19.18 136.07 57.87
N GLU R 702 -17.84 136.04 57.88
CA GLU R 702 -17.07 135.23 58.84
C GLU R 702 -17.16 135.81 60.26
N GLN R 703 -17.35 137.13 60.40
CA GLN R 703 -17.59 137.76 61.70
C GLN R 703 -18.96 137.38 62.29
N GLU R 704 -20.01 137.27 61.47
CA GLU R 704 -21.34 136.78 61.91
C GLU R 704 -21.27 135.30 62.33
N GLU R 705 -20.60 134.44 61.55
CA GLU R 705 -20.41 133.03 61.89
C GLU R 705 -19.62 132.84 63.20
N PHE R 706 -18.58 133.66 63.41
CA PHE R 706 -17.80 133.66 64.66
C PHE R 706 -18.68 133.99 65.86
N GLN R 707 -19.49 135.06 65.76
CA GLN R 707 -20.41 135.47 66.83
C GLN R 707 -21.49 134.41 67.09
N GLU R 708 -22.04 133.79 66.04
CA GLU R 708 -23.02 132.70 66.18
C GLU R 708 -22.41 131.50 66.92
N CYS R 709 -21.17 131.12 66.59
CA CYS R 709 -20.47 130.03 67.27
C CYS R 709 -20.27 130.34 68.76
N LEU R 710 -19.86 131.57 69.10
CA LEU R 710 -19.69 131.98 70.50
C LEU R 710 -21.02 132.03 71.25
N LEU R 711 -22.11 132.48 70.62
CA LEU R 711 -23.45 132.47 71.22
C LEU R 711 -23.94 131.05 71.49
N LYS R 712 -23.72 130.12 70.55
CA LYS R 712 -24.03 128.69 70.74
C LYS R 712 -23.20 128.08 71.87
N CYS R 713 -21.90 128.38 71.92
CA CYS R 713 -21.02 127.97 73.02
C CYS R 713 -21.53 128.49 74.38
N LYS R 714 -21.82 129.79 74.50
CA LYS R 714 -22.42 130.42 75.70
C LYS R 714 -23.72 129.73 76.10
N GLY R 715 -24.59 129.42 75.13
CA GLY R 715 -25.86 128.73 75.34
C GLY R 715 -25.67 127.37 76.02
N PHE R 716 -24.82 126.50 75.46
CA PHE R 716 -24.57 125.17 76.04
C PHE R 716 -23.85 125.22 77.39
N LEU R 717 -22.88 126.13 77.56
CA LEU R 717 -22.21 126.33 78.85
C LEU R 717 -23.20 126.78 79.93
N LYS R 718 -24.12 127.69 79.58
CA LYS R 718 -25.18 128.13 80.49
C LYS R 718 -26.11 126.99 80.87
N MET R 719 -26.50 126.14 79.93
CA MET R 719 -27.31 124.95 80.23
C MET R 719 -26.63 124.02 81.25
N ILE R 720 -25.30 123.83 81.15
CA ILE R 720 -24.53 123.06 82.13
C ILE R 720 -24.58 123.71 83.51
N CYS R 721 -24.38 125.03 83.59
CA CYS R 721 -24.44 125.78 84.84
C CYS R 721 -25.84 125.73 85.48
N ASP R 722 -26.89 125.86 84.66
CA ASP R 722 -28.29 125.81 85.10
C ASP R 722 -28.61 124.40 85.65
N GLU R 723 -28.21 123.32 84.97
CA GLU R 723 -28.38 121.96 85.46
C GLU R 723 -27.57 121.68 86.74
N TYR R 724 -26.32 122.15 86.81
CA TYR R 724 -25.50 122.02 88.01
C TYR R 724 -26.13 122.75 89.22
N SER R 725 -26.71 123.93 88.99
CA SER R 725 -27.41 124.70 90.03
C SER R 725 -28.65 123.98 90.55
N ALA R 726 -29.35 123.21 89.70
CA ALA R 726 -30.48 122.38 90.09
C ALA R 726 -30.05 121.08 90.80
N TYR R 727 -28.98 120.44 90.33
CA TYR R 727 -28.50 119.16 90.84
C TYR R 727 -26.96 119.11 90.95
N PRO R 728 -26.39 119.49 92.11
CA PRO R 728 -24.93 119.50 92.32
C PRO R 728 -24.25 118.13 92.14
N SER R 729 -25.00 117.02 92.18
CA SER R 729 -24.50 115.67 91.92
C SER R 729 -23.93 115.49 90.50
N ILE R 730 -24.32 116.35 89.56
CA ILE R 730 -23.86 116.33 88.16
C ILE R 730 -22.34 116.56 88.06
N ALA R 731 -21.71 117.21 89.05
CA ALA R 731 -20.25 117.39 89.07
C ALA R 731 -19.47 116.08 88.90
N THR R 732 -20.04 114.94 89.32
CA THR R 732 -19.42 113.62 89.14
C THR R 732 -19.50 113.05 87.73
N SER R 733 -20.47 113.53 86.94
CA SER R 733 -20.68 113.12 85.54
C SER R 733 -19.93 114.00 84.54
N LEU R 734 -19.58 115.24 84.94
CA LEU R 734 -18.85 116.16 84.11
C LEU R 734 -17.43 115.63 83.82
N PRO R 735 -16.95 115.70 82.57
CA PRO R 735 -15.58 115.28 82.23
C PRO R 735 -14.49 116.16 82.84
N VAL R 736 -14.83 117.38 83.22
CA VAL R 736 -13.94 118.41 83.77
C VAL R 736 -14.49 118.95 85.09
N PRO R 737 -13.64 119.52 85.96
CA PRO R 737 -14.10 120.27 87.13
C PRO R 737 -15.08 121.38 86.70
N VAL R 738 -16.07 121.66 87.54
CA VAL R 738 -17.11 122.67 87.23
C VAL R 738 -16.48 124.06 87.10
N GLU R 739 -15.38 124.30 87.81
CA GLU R 739 -14.56 125.52 87.74
C GLU R 739 -14.10 125.79 86.30
N THR R 740 -13.67 124.76 85.56
CA THR R 740 -13.25 124.90 84.15
C THR R 740 -14.41 125.31 83.25
N VAL R 741 -15.63 124.85 83.56
CA VAL R 741 -16.84 125.26 82.83
C VAL R 741 -17.13 126.74 83.07
N PHE R 742 -17.01 127.21 84.32
CA PHE R 742 -17.18 128.62 84.67
C PHE R 742 -16.11 129.52 84.04
N GLU R 743 -14.84 129.11 84.09
CA GLU R 743 -13.72 129.84 83.46
C GLU R 743 -13.93 129.99 81.95
N MET R 744 -14.37 128.93 81.27
CA MET R 744 -14.69 128.96 79.84
C MET R 744 -15.91 129.84 79.55
N LEU R 745 -16.94 129.79 80.40
CA LEU R 745 -18.11 130.64 80.25
C LEU R 745 -17.75 132.12 80.39
N ASP R 746 -16.89 132.46 81.33
CA ASP R 746 -16.44 133.84 81.54
C ASP R 746 -15.51 134.33 80.43
N SER R 747 -14.64 133.47 79.87
CA SER R 747 -13.84 133.83 78.69
C SER R 747 -14.72 134.10 77.46
N VAL R 748 -15.72 133.26 77.22
CA VAL R 748 -16.67 133.44 76.11
C VAL R 748 -17.49 134.73 76.28
N LYS R 749 -17.91 135.08 77.51
CA LYS R 749 -18.56 136.38 77.79
C LYS R 749 -17.64 137.57 77.49
N GLN R 750 -16.36 137.47 77.85
CA GLN R 750 -15.38 138.54 77.57
C GLN R 750 -15.20 138.72 76.05
N SER R 751 -15.12 137.63 75.28
CA SER R 751 -14.98 137.69 73.81
C SER R 751 -16.23 138.20 73.09
N LEU R 752 -17.43 137.92 73.61
CA LEU R 752 -18.69 138.46 73.05
C LEU R 752 -18.86 139.97 73.34
N GLY R 753 -18.20 140.49 74.37
CA GLY R 753 -18.36 141.86 74.84
C GLY R 753 -19.72 142.12 75.51
N GLU R 754 -19.79 143.18 76.32
CA GLU R 754 -20.98 143.53 77.12
C GLU R 754 -22.22 143.89 76.27
N ALA R 755 -22.05 144.20 74.98
CA ALA R 755 -23.09 144.81 74.15
C ALA R 755 -24.23 143.86 73.71
N MET R 756 -24.13 142.54 73.94
CA MET R 756 -25.10 141.55 73.47
C MET R 756 -25.87 140.84 74.60
N ASP R 757 -25.72 141.26 75.86
CA ASP R 757 -26.32 140.56 77.02
C ASP R 757 -27.86 140.53 77.04
N ASP R 758 -28.55 141.41 76.28
CA ASP R 758 -30.00 141.58 76.36
C ASP R 758 -30.83 140.99 75.21
N HIS R 759 -30.21 140.41 74.17
CA HIS R 759 -30.95 139.80 73.06
C HIS R 759 -30.66 138.30 72.95
N SER R 760 -31.40 137.51 73.73
CA SER R 760 -31.47 136.06 73.52
C SER R 760 -32.49 135.75 72.43
N PRO R 761 -32.10 135.34 71.20
CA PRO R 761 -33.04 134.72 70.29
C PRO R 761 -33.34 133.33 70.86
N ALA R 762 -34.62 132.95 70.87
CA ALA R 762 -35.12 131.67 71.37
C ALA R 762 -34.31 130.48 70.81
N PHE R 763 -33.33 130.01 71.59
CA PHE R 763 -32.24 129.11 71.20
C PHE R 763 -32.69 127.75 70.65
N MET R 764 -33.95 127.34 70.87
CA MET R 764 -34.45 126.03 70.48
C MET R 764 -35.76 126.00 69.68
N GLU R 765 -36.34 127.12 69.24
CA GLU R 765 -37.67 127.05 68.58
C GLU R 765 -37.66 126.66 67.09
N ASN R 766 -36.53 126.69 66.36
CA ASN R 766 -36.58 126.55 64.88
C ASN R 766 -35.99 125.28 64.24
N HIS R 767 -35.64 124.22 64.97
CA HIS R 767 -35.24 122.94 64.36
C HIS R 767 -36.18 121.79 64.73
N SER R 768 -37.45 121.93 64.35
CA SER R 768 -38.45 120.86 64.36
C SER R 768 -38.75 120.31 62.96
N VAL R 769 -37.72 120.05 62.12
CA VAL R 769 -37.91 119.35 60.84
C VAL R 769 -36.71 118.47 60.51
N LEU R 770 -36.77 117.19 60.90
CA LEU R 770 -36.41 116.04 60.04
C LEU R 770 -36.67 114.75 60.79
N THR R 771 -37.83 114.17 60.45
CA THR R 771 -38.30 112.82 60.71
C THR R 771 -37.22 111.75 60.59
N THR R 772 -37.03 110.99 61.68
CA THR R 772 -36.74 109.55 61.76
C THR R 772 -36.25 108.87 60.46
N SER R 773 -34.96 108.98 60.17
CA SER R 773 -34.27 107.96 59.38
C SER R 773 -33.09 107.48 60.20
N ALA R 774 -33.16 106.22 60.64
CA ALA R 774 -32.14 105.54 61.42
C ALA R 774 -30.74 105.83 60.87
N ILE R 775 -29.98 106.71 61.55
CA ILE R 775 -28.62 107.08 61.18
C ILE R 775 -27.78 105.81 61.33
N LYS R 776 -27.43 105.21 60.19
CA LYS R 776 -26.60 104.02 60.16
C LYS R 776 -25.15 104.47 60.35
N HIS R 777 -24.62 104.30 61.56
CA HIS R 777 -23.18 104.42 61.84
C HIS R 777 -22.42 103.26 61.15
N SER R 778 -22.23 103.36 59.83
CA SER R 778 -21.48 102.38 59.03
C SER R 778 -19.98 102.61 59.18
N THR R 779 -19.25 101.60 59.65
CA THR R 779 -17.80 101.51 59.41
C THR R 779 -17.57 101.08 57.96
N PRO R 780 -16.58 101.64 57.25
CA PRO R 780 -16.39 101.34 55.84
C PRO R 780 -15.92 99.90 55.68
N SER R 781 -16.69 99.10 54.94
CA SER R 781 -16.21 97.84 54.37
C SER R 781 -15.07 98.12 53.38
N PRO R 782 -14.10 97.19 53.21
CA PRO R 782 -12.84 97.47 52.54
C PRO R 782 -13.04 97.55 51.02
N THR R 783 -13.39 98.72 50.51
CA THR R 783 -13.45 98.98 49.07
C THR R 783 -12.11 99.52 48.61
N LYS R 784 -11.57 98.91 47.55
CA LYS R 784 -10.28 99.20 46.92
C LYS R 784 -10.06 100.71 46.75
N LEU R 785 -8.89 101.15 47.21
CA LEU R 785 -8.28 102.46 47.01
C LEU R 785 -8.59 103.02 45.61
N THR R 786 -9.51 103.99 45.54
CA THR R 786 -9.55 104.94 44.43
C THR R 786 -9.17 106.29 45.03
N ILE R 787 -8.00 106.76 44.61
CA ILE R 787 -7.41 108.03 45.00
C ILE R 787 -8.17 109.12 44.25
N SER R 788 -9.01 109.88 44.95
CA SER R 788 -9.48 111.18 44.48
C SER R 788 -8.84 112.26 45.36
N PRO R 789 -7.89 113.06 44.85
CA PRO R 789 -7.20 114.07 45.62
C PRO R 789 -7.95 115.40 45.52
N SER R 790 -8.80 115.73 46.49
CA SER R 790 -9.35 117.11 46.59
C SER R 790 -9.97 117.52 47.94
N LYS R 791 -9.66 116.84 49.06
CA LYS R 791 -9.97 117.39 50.39
C LYS R 791 -8.80 117.13 51.34
N SER R 792 -7.92 118.13 51.48
CA SER R 792 -6.95 118.19 52.57
C SER R 792 -7.70 118.12 53.90
N ALA R 793 -7.35 117.18 54.77
CA ALA R 793 -7.95 117.05 56.09
C ALA R 793 -7.81 118.37 56.86
N ARG R 794 -8.94 119.02 57.18
CA ARG R 794 -8.99 120.32 57.86
C ARG R 794 -8.63 120.26 59.35
N PHE R 795 -8.36 119.09 59.91
CA PHE R 795 -8.23 118.92 61.35
C PHE R 795 -6.76 118.62 61.74
N SER R 796 -6.02 119.67 62.07
CA SER R 796 -4.70 119.58 62.71
C SER R 796 -4.87 119.54 64.22
N PRO R 797 -4.20 118.64 64.97
CA PRO R 797 -4.27 118.62 66.43
C PRO R 797 -3.46 119.78 66.99
N LYS R 798 -4.09 120.96 67.19
CA LYS R 798 -3.53 122.03 68.01
C LYS R 798 -3.97 121.83 69.47
N MET S 1 -38.56 112.28 -0.11
CA MET S 1 -38.77 112.39 -1.57
C MET S 1 -39.62 113.62 -1.84
N ARG S 2 -39.13 114.64 -2.56
CA ARG S 2 -39.97 115.77 -3.00
C ARG S 2 -40.93 115.24 -4.08
N ARG S 3 -42.24 115.45 -3.92
CA ARG S 3 -43.21 115.11 -4.95
C ARG S 3 -43.01 116.02 -6.15
N SER S 4 -43.01 115.45 -7.35
CA SER S 4 -42.90 116.26 -8.57
C SER S 4 -44.16 117.10 -8.80
N LYS S 5 -44.05 118.21 -9.53
CA LYS S 5 -45.20 119.03 -9.93
C LYS S 5 -46.29 118.19 -10.60
N ALA S 6 -45.90 117.26 -11.47
CA ALA S 6 -46.81 116.37 -12.18
C ALA S 6 -47.55 115.39 -11.23
N GLU S 7 -46.86 114.84 -10.23
CA GLU S 7 -47.50 114.01 -9.19
C GLU S 7 -48.52 114.80 -8.38
N ILE S 8 -48.16 116.02 -7.95
CA ILE S 8 -49.06 116.89 -7.19
C ILE S 8 -50.26 117.24 -8.05
N GLN S 9 -50.05 117.63 -9.30
CA GLN S 9 -51.13 118.00 -10.21
C GLN S 9 -52.09 116.82 -10.47
N ARG S 10 -51.58 115.61 -10.72
CA ARG S 10 -52.40 114.38 -10.82
C ARG S 10 -53.21 114.13 -9.55
N TYR S 11 -52.59 114.30 -8.37
CA TYR S 11 -53.28 114.16 -7.09
C TYR S 11 -54.39 115.20 -6.93
N VAL S 12 -54.12 116.46 -7.26
CA VAL S 12 -55.09 117.55 -7.22
C VAL S 12 -56.25 117.29 -8.19
N GLU S 13 -55.98 116.91 -9.44
CA GLU S 13 -56.99 116.59 -10.46
C GLU S 13 -57.88 115.43 -9.99
N ASN S 14 -57.30 114.33 -9.48
CA ASN S 14 -58.06 113.21 -8.92
C ASN S 14 -58.91 113.63 -7.71
N ALA S 15 -58.36 114.45 -6.82
CA ALA S 15 -59.06 114.96 -5.65
C ALA S 15 -60.19 115.96 -5.99
N GLN S 16 -60.05 116.66 -7.12
CA GLN S 16 -61.06 117.58 -7.67
C GLN S 16 -62.14 116.85 -8.47
N ASN S 17 -61.82 115.77 -9.18
CA ASN S 17 -62.78 114.94 -9.92
C ASN S 17 -63.68 114.11 -8.99
N SER S 18 -63.16 113.73 -7.82
CA SER S 18 -63.93 113.01 -6.79
C SER S 18 -64.85 113.91 -5.95
N ALA S 19 -64.71 115.22 -6.02
CA ALA S 19 -65.50 116.15 -5.21
C ALA S 19 -66.85 116.44 -5.88
N SER S 20 -67.93 116.31 -5.11
CA SER S 20 -69.32 116.37 -5.56
C SER S 20 -69.80 117.80 -5.86
N SER S 21 -69.23 118.79 -5.16
CA SER S 21 -69.62 120.18 -5.26
C SER S 21 -68.41 121.12 -5.46
N PRO S 22 -68.60 122.30 -6.08
CA PRO S 22 -67.56 123.32 -6.17
C PRO S 22 -67.01 123.72 -4.79
N ARG S 23 -67.88 123.78 -3.78
CA ARG S 23 -67.52 124.06 -2.39
C ARG S 23 -66.57 123.01 -1.82
N GLU S 24 -66.84 121.73 -2.07
CA GLU S 24 -65.98 120.63 -1.62
C GLU S 24 -64.60 120.66 -2.29
N LYS S 25 -64.52 121.05 -3.57
CA LYS S 25 -63.24 121.27 -4.27
C LYS S 25 -62.41 122.36 -3.60
N SER S 26 -63.02 123.50 -3.31
CA SER S 26 -62.37 124.63 -2.64
C SER S 26 -61.95 124.30 -1.20
N MET S 27 -62.72 123.50 -0.46
CA MET S 27 -62.35 123.04 0.90
C MET S 27 -61.03 122.26 0.95
N LYS S 28 -60.67 121.54 -0.12
CA LYS S 28 -59.37 120.84 -0.23
C LYS S 28 -58.22 121.79 -0.65
N GLY S 29 -58.52 123.04 -1.01
CA GLY S 29 -57.57 124.01 -1.56
C GLY S 29 -56.39 124.33 -0.64
N PHE S 30 -56.57 124.36 0.69
CA PHE S 30 -55.47 124.60 1.64
C PHE S 30 -54.41 123.49 1.60
N LEU S 31 -54.85 122.21 1.52
CA LEU S 31 -53.94 121.08 1.38
C LEU S 31 -53.16 121.15 0.07
N PHE S 32 -53.84 121.47 -1.03
CA PHE S 32 -53.21 121.65 -2.34
C PHE S 32 -52.18 122.78 -2.30
N ALA S 33 -52.51 123.89 -1.65
CA ALA S 33 -51.60 125.02 -1.50
C ALA S 33 -50.31 124.64 -0.76
N ARG S 34 -50.41 123.84 0.31
CA ARG S 34 -49.25 123.34 1.04
C ARG S 34 -48.39 122.39 0.20
N LEU S 35 -49.01 121.51 -0.57
CA LEU S 35 -48.28 120.63 -1.51
C LEU S 35 -47.54 121.43 -2.58
N TYR S 36 -48.20 122.43 -3.18
CA TYR S 36 -47.55 123.30 -4.17
C TYR S 36 -46.42 124.12 -3.57
N TYR S 37 -46.55 124.58 -2.33
CA TYR S 37 -45.47 125.26 -1.61
C TYR S 37 -44.26 124.37 -1.35
N GLU S 38 -44.47 123.13 -0.93
CA GLU S 38 -43.38 122.14 -0.76
C GLU S 38 -42.67 121.84 -2.10
N ALA S 39 -43.38 121.99 -3.22
CA ALA S 39 -42.83 121.92 -4.58
C ALA S 39 -42.26 123.25 -5.11
N LYS S 40 -42.24 124.33 -4.32
CA LYS S 40 -41.83 125.69 -4.70
C LYS S 40 -42.64 126.32 -5.85
N GLU S 41 -43.84 125.82 -6.11
CA GLU S 41 -44.76 126.35 -7.12
C GLU S 41 -45.69 127.40 -6.48
N TYR S 42 -45.12 128.56 -6.14
CA TYR S 42 -45.81 129.58 -5.32
C TYR S 42 -47.07 130.15 -5.97
N GLU S 43 -47.09 130.32 -7.29
CA GLU S 43 -48.28 130.79 -8.03
C GLU S 43 -49.47 129.84 -7.91
N LEU S 44 -49.22 128.52 -8.04
CA LEU S 44 -50.25 127.50 -7.86
C LEU S 44 -50.70 127.38 -6.42
N ALA S 45 -49.76 127.55 -5.48
CA ALA S 45 -50.07 127.60 -4.05
C ALA S 45 -51.02 128.77 -3.73
N LYS S 46 -50.73 129.97 -4.26
CA LYS S 46 -51.59 131.16 -4.11
C LYS S 46 -52.99 130.93 -4.66
N ARG S 47 -53.11 130.41 -5.89
CA ARG S 47 -54.43 130.12 -6.48
C ARG S 47 -55.22 129.11 -5.64
N SER S 48 -54.55 128.08 -5.13
CA SER S 48 -55.17 127.03 -4.33
C SER S 48 -55.64 127.55 -2.96
N VAL S 49 -54.82 128.36 -2.28
CA VAL S 49 -55.22 128.95 -1.00
C VAL S 49 -56.26 130.05 -1.18
N SER S 50 -56.20 130.86 -2.24
CA SER S 50 -57.23 131.87 -2.54
C SER S 50 -58.59 131.23 -2.82
N SER S 51 -58.62 130.10 -3.55
CA SER S 51 -59.84 129.31 -3.76
C SER S 51 -60.36 128.68 -2.46
N TYR S 52 -59.48 128.37 -1.50
CA TYR S 52 -59.90 127.92 -0.17
C TYR S 52 -60.45 129.08 0.67
N ILE S 53 -59.78 130.23 0.69
CA ILE S 53 -60.18 131.42 1.44
C ILE S 53 -61.55 131.93 0.98
N SER S 54 -61.90 131.81 -0.31
CA SER S 54 -63.23 132.22 -0.81
C SER S 54 -64.39 131.37 -0.25
N VAL S 55 -64.09 130.18 0.32
CA VAL S 55 -65.10 129.33 0.98
C VAL S 55 -64.97 129.38 2.50
N GLN S 56 -63.74 129.50 3.02
CA GLN S 56 -63.43 129.57 4.45
C GLN S 56 -62.73 130.88 4.79
N GLU S 57 -63.45 132.00 4.65
CA GLU S 57 -62.90 133.34 4.84
C GLU S 57 -62.40 133.60 6.26
N ARG S 58 -62.90 132.86 7.26
CA ARG S 58 -62.59 133.04 8.68
C ARG S 58 -61.49 132.11 9.20
N ASP S 59 -60.75 131.42 8.33
CA ASP S 59 -59.61 130.58 8.74
C ASP S 59 -58.30 131.41 8.84
N PRO S 60 -57.76 131.68 10.06
CA PRO S 60 -56.53 132.45 10.22
C PRO S 60 -55.31 131.78 9.57
N LYS S 61 -55.28 130.43 9.54
CA LYS S 61 -54.12 129.69 9.00
C LYS S 61 -53.97 129.91 7.50
N ALA S 62 -55.09 130.00 6.78
CA ALA S 62 -55.10 130.27 5.35
C ALA S 62 -54.60 131.68 5.03
N HIS S 63 -55.06 132.70 5.77
CA HIS S 63 -54.58 134.08 5.61
C HIS S 63 -53.10 134.22 5.97
N ARG S 64 -52.64 133.55 7.03
CA ARG S 64 -51.21 133.49 7.38
C ARG S 64 -50.40 132.86 6.24
N PHE S 65 -50.84 131.73 5.71
CA PHE S 65 -50.14 131.05 4.63
C PHE S 65 -50.11 131.86 3.34
N LEU S 66 -51.20 132.55 3.00
CA LEU S 66 -51.24 133.47 1.88
C LEU S 66 -50.26 134.65 2.07
N GLY S 67 -50.16 135.19 3.28
CA GLY S 67 -49.17 136.21 3.61
C GLY S 67 -47.73 135.74 3.42
N GLN S 68 -47.42 134.49 3.81
CA GLN S 68 -46.10 133.88 3.59
C GLN S 68 -45.77 133.75 2.10
N LEU S 69 -46.75 133.40 1.26
CA LEU S 69 -46.56 133.33 -0.18
C LEU S 69 -46.26 134.71 -0.78
N PHE S 70 -46.98 135.75 -0.36
CA PHE S 70 -46.71 137.12 -0.82
C PHE S 70 -45.38 137.66 -0.33
N GLU S 71 -44.95 137.29 0.87
CA GLU S 71 -43.66 137.67 1.42
C GLU S 71 -42.49 137.09 0.61
N ILE S 72 -42.59 135.81 0.21
CA ILE S 72 -41.59 135.14 -0.64
C ILE S 72 -41.47 135.78 -2.02
N GLU S 73 -42.57 136.34 -2.55
CA GLU S 73 -42.57 137.08 -3.81
C GLU S 73 -42.03 138.51 -3.69
N GLY S 74 -41.72 138.97 -2.47
CA GLY S 74 -41.33 140.35 -2.22
C GLY S 74 -42.49 141.34 -2.25
N ASN S 75 -43.75 140.88 -2.32
CA ASN S 75 -44.92 141.76 -2.24
C ASN S 75 -45.30 142.04 -0.79
N VAL S 76 -44.48 142.88 -0.14
CA VAL S 76 -44.57 143.17 1.30
C VAL S 76 -45.93 143.74 1.71
N GLU S 77 -46.52 144.66 0.92
CA GLU S 77 -47.80 145.31 1.28
C GLU S 77 -48.97 144.30 1.28
N LYS S 78 -49.03 143.39 0.29
CA LYS S 78 -50.05 142.32 0.27
C LYS S 78 -49.81 141.30 1.39
N ALA S 79 -48.55 140.98 1.69
CA ALA S 79 -48.20 140.09 2.79
C ALA S 79 -48.69 140.66 4.13
N VAL S 80 -48.39 141.94 4.40
CA VAL S 80 -48.85 142.66 5.59
C VAL S 80 -50.37 142.68 5.67
N GLY S 81 -51.08 142.89 4.55
CA GLY S 81 -52.55 142.82 4.50
C GLY S 81 -53.10 141.44 4.91
N CYS S 82 -52.53 140.36 4.38
CA CYS S 82 -52.94 138.99 4.71
C CYS S 82 -52.62 138.64 6.17
N TYR S 83 -51.47 139.07 6.68
CA TYR S 83 -51.09 138.89 8.07
C TYR S 83 -51.98 139.66 9.03
N LYS S 84 -52.34 140.92 8.72
CA LYS S 84 -53.32 141.68 9.49
C LYS S 84 -54.65 140.94 9.58
N ARG S 85 -55.13 140.39 8.46
CA ARG S 85 -56.38 139.62 8.43
C ARG S 85 -56.31 138.35 9.28
N SER S 86 -55.19 137.64 9.22
CA SER S 86 -54.95 136.48 10.09
C SER S 86 -54.94 136.86 11.57
N LEU S 87 -54.29 137.97 11.93
CA LEU S 87 -54.20 138.46 13.30
C LEU S 87 -55.57 138.94 13.83
N GLU S 88 -56.39 139.56 12.99
CA GLU S 88 -57.77 139.94 13.32
C GLU S 88 -58.64 138.72 13.64
N LEU S 89 -58.51 137.64 12.86
CA LEU S 89 -59.27 136.42 13.05
C LEU S 89 -58.80 135.62 14.27
N ASN S 90 -57.49 135.63 14.55
CA ASN S 90 -56.94 135.00 15.74
C ASN S 90 -55.83 135.87 16.37
N PRO S 91 -56.18 136.71 17.37
CA PRO S 91 -55.25 137.60 18.07
C PRO S 91 -54.18 136.90 18.92
N THR S 92 -54.26 135.57 19.13
CA THR S 92 -53.26 134.86 19.93
C THR S 92 -51.90 134.73 19.23
N GLN S 93 -51.83 135.04 17.94
CA GLN S 93 -50.63 134.98 17.10
C GLN S 93 -49.70 136.18 17.35
N LYS S 94 -49.02 136.19 18.50
CA LYS S 94 -48.13 137.30 18.90
C LYS S 94 -46.96 137.48 17.93
N ASP S 95 -46.41 136.38 17.42
CA ASP S 95 -45.30 136.34 16.45
C ASP S 95 -45.63 137.12 15.17
N LEU S 96 -46.88 137.07 14.74
CA LEU S 96 -47.33 137.78 13.54
C LEU S 96 -47.31 139.31 13.72
N THR S 97 -47.54 139.79 14.95
CA THR S 97 -47.44 141.24 15.25
C THR S 97 -46.01 141.73 15.08
N LEU S 98 -45.02 140.96 15.54
CA LEU S 98 -43.61 141.25 15.34
C LEU S 98 -43.24 141.22 13.84
N ARG S 99 -43.67 140.18 13.11
CA ARG S 99 -43.39 140.07 11.67
C ARG S 99 -43.99 141.22 10.86
N ILE S 100 -45.21 141.65 11.18
CA ILE S 100 -45.84 142.82 10.54
C ILE S 100 -45.01 144.09 10.79
N ALA S 101 -44.55 144.31 12.04
CA ALA S 101 -43.71 145.45 12.37
C ALA S 101 -42.39 145.45 11.57
N GLU S 102 -41.70 144.30 11.50
CA GLU S 102 -40.47 144.12 10.72
C GLU S 102 -40.69 144.44 9.23
N LEU S 103 -41.76 143.90 8.63
CA LEU S 103 -42.07 144.10 7.22
C LEU S 103 -42.40 145.57 6.90
N ILE S 104 -43.15 146.26 7.78
CA ILE S 104 -43.47 147.67 7.59
C ILE S 104 -42.21 148.54 7.70
N CYS S 105 -41.35 148.31 8.70
CA CYS S 105 -40.08 149.02 8.83
C CYS S 105 -39.16 148.78 7.62
N THR S 106 -39.15 147.56 7.07
CA THR S 106 -38.37 147.23 5.86
C THR S 106 -38.90 147.96 4.62
N LEU S 107 -40.22 148.11 4.50
CA LEU S 107 -40.86 148.77 3.36
C LEU S 107 -40.67 150.29 3.39
N ASN S 108 -41.08 150.93 4.48
CA ASN S 108 -40.99 152.37 4.65
C ASN S 108 -40.98 152.76 6.13
N ILE S 109 -39.81 153.13 6.64
CA ILE S 109 -39.59 153.59 8.02
C ILE S 109 -40.41 154.85 8.34
N LYS S 110 -40.67 155.72 7.34
CA LYS S 110 -41.45 156.95 7.51
C LYS S 110 -42.97 156.73 7.52
N ASP S 111 -43.42 155.48 7.42
CA ASP S 111 -44.83 155.14 7.49
C ASP S 111 -45.32 155.26 8.94
N GLY S 112 -46.31 156.12 9.22
CA GLY S 112 -46.89 156.25 10.56
C GLY S 112 -47.50 154.96 11.11
N ARG S 113 -47.78 153.96 10.26
CA ARG S 113 -48.18 152.61 10.70
C ARG S 113 -47.04 151.91 11.45
N ALA S 114 -45.78 152.19 11.12
CA ALA S 114 -44.62 151.52 11.69
C ALA S 114 -44.54 151.73 13.21
N GLU S 115 -44.70 152.98 13.68
CA GLU S 115 -44.71 153.30 15.12
C GLU S 115 -45.80 152.53 15.87
N TYR S 116 -47.02 152.47 15.31
CA TYR S 116 -48.12 151.71 15.89
C TYR S 116 -47.80 150.22 16.03
N TRP S 117 -47.27 149.59 14.98
CA TRP S 117 -46.99 148.15 14.98
C TRP S 117 -45.78 147.81 15.86
N VAL S 118 -44.75 148.65 15.88
CA VAL S 118 -43.58 148.49 16.75
C VAL S 118 -43.97 148.65 18.21
N GLU S 119 -44.81 149.63 18.56
CA GLU S 119 -45.27 149.82 19.94
C GLU S 119 -46.21 148.69 20.38
N ARG S 120 -47.09 148.21 19.49
CA ARG S 120 -47.92 147.03 19.74
C ARG S 120 -47.07 145.77 19.95
N ALA S 121 -46.01 145.58 19.16
CA ALA S 121 -45.06 144.49 19.34
C ALA S 121 -44.29 144.63 20.66
N SER S 122 -43.88 145.85 21.03
CA SER S 122 -43.16 146.15 22.29
C SER S 122 -43.95 145.73 23.53
N LYS S 123 -45.27 145.89 23.50
CA LYS S 123 -46.17 145.44 24.59
C LYS S 123 -46.27 143.92 24.68
N LEU S 124 -46.10 143.21 23.56
CA LEU S 124 -46.19 141.75 23.51
C LEU S 124 -44.88 141.06 23.87
N PHE S 125 -43.74 141.67 23.52
CA PHE S 125 -42.41 141.13 23.76
C PHE S 125 -41.50 142.19 24.42
N PRO S 126 -41.73 142.50 25.70
CA PRO S 126 -40.91 143.48 26.42
C PRO S 126 -39.44 143.03 26.43
N GLY S 127 -38.55 143.97 26.10
CA GLY S 127 -37.12 143.71 26.00
C GLY S 127 -36.74 142.72 24.90
N SER S 128 -37.44 142.61 23.77
CA SER S 128 -36.91 141.81 22.65
C SER S 128 -35.79 142.59 21.92
N PRO S 129 -34.61 141.98 21.63
CA PRO S 129 -33.56 142.65 20.85
C PRO S 129 -34.05 143.10 19.47
N GLU S 130 -34.94 142.33 18.83
CA GLU S 130 -35.50 142.70 17.52
C GLU S 130 -36.38 143.95 17.62
N ILE S 131 -37.12 144.12 18.71
CA ILE S 131 -37.94 145.32 18.91
C ILE S 131 -37.07 146.53 19.19
N TYR S 132 -35.99 146.35 19.96
CA TYR S 132 -34.99 147.41 20.13
C TYR S 132 -34.43 147.85 18.77
N ARG S 133 -34.05 146.92 17.89
CA ARG S 133 -33.56 147.25 16.53
C ARG S 133 -34.59 148.00 15.69
N LEU S 134 -35.87 147.60 15.74
CA LEU S 134 -36.94 148.31 15.00
C LEU S 134 -37.17 149.72 15.56
N LYS S 135 -37.16 149.89 16.88
CA LYS S 135 -37.26 151.20 17.52
C LYS S 135 -36.05 152.08 17.19
N GLU S 136 -34.84 151.53 17.20
CA GLU S 136 -33.62 152.22 16.76
C GLU S 136 -33.75 152.73 15.32
N GLN S 137 -34.20 151.86 14.40
CA GLN S 137 -34.41 152.25 12.99
C GLN S 137 -35.42 153.39 12.85
N LEU S 138 -36.55 153.33 13.55
CA LEU S 138 -37.56 154.40 13.53
C LEU S 138 -36.99 155.73 14.05
N LEU S 139 -36.35 155.71 15.22
CA LEU S 139 -35.86 156.91 15.88
C LEU S 139 -34.66 157.53 15.15
N SER S 140 -33.80 156.71 14.55
CA SER S 140 -32.67 157.19 13.73
C SER S 140 -33.12 158.04 12.54
N SER S 141 -34.37 157.90 12.08
CA SER S 141 -34.94 158.66 10.97
C SER S 141 -35.52 160.03 11.38
N GLN S 142 -35.68 160.29 12.68
CA GLN S 142 -36.42 161.44 13.23
C GLN S 142 -35.54 162.65 13.63
N GLY S 143 -34.24 162.63 13.31
CA GLY S 143 -33.32 163.75 13.61
C GLY S 143 -33.13 163.99 15.11
N GLU S 144 -33.14 165.25 15.57
CA GLU S 144 -32.87 165.63 16.96
C GLU S 144 -33.91 165.13 17.97
N ALA S 145 -35.20 165.17 17.62
CA ALA S 145 -36.26 164.62 18.48
C ALA S 145 -36.09 163.10 18.64
N GLY S 146 -35.69 162.43 17.55
CA GLY S 146 -35.31 161.02 17.55
C GLY S 146 -34.08 160.73 18.39
N TRP S 147 -33.10 161.65 18.46
CA TRP S 147 -31.88 161.49 19.25
C TRP S 147 -32.18 161.35 20.74
N ASN S 148 -32.99 162.23 21.32
CA ASN S 148 -33.32 162.16 22.76
C ASN S 148 -34.09 160.88 23.10
N GLN S 149 -35.07 160.52 22.26
CA GLN S 149 -35.83 159.28 22.44
C GLN S 149 -34.96 158.03 22.26
N LEU S 150 -34.00 158.07 21.34
CA LEU S 150 -33.05 156.99 21.11
C LEU S 150 -32.10 156.85 22.31
N PHE S 151 -31.62 157.96 22.86
CA PHE S 151 -30.83 157.97 24.08
C PHE S 151 -31.61 157.32 25.24
N ASP S 152 -32.86 157.73 25.47
CA ASP S 152 -33.71 157.16 26.52
C ASP S 152 -33.97 155.66 26.31
N LEU S 153 -34.20 155.24 25.06
CA LEU S 153 -34.38 153.83 24.69
C LEU S 153 -33.12 153.01 24.99
N ILE S 154 -31.95 153.52 24.62
CA ILE S 154 -30.66 152.86 24.88
C ILE S 154 -30.42 152.74 26.38
N GLN S 155 -30.68 153.79 27.17
CA GLN S 155 -30.55 153.73 28.63
C GLN S 155 -31.49 152.69 29.24
N ALA S 156 -32.74 152.61 28.77
CA ALA S 156 -33.70 151.61 29.23
C ALA S 156 -33.27 150.17 28.87
N GLU S 157 -32.74 149.94 27.66
CA GLU S 157 -32.27 148.62 27.24
C GLU S 157 -30.97 148.24 27.97
N LEU S 158 -30.05 149.18 28.22
CA LEU S 158 -28.86 148.93 29.05
C LEU S 158 -29.20 148.64 30.52
N PHE S 159 -30.27 149.24 31.04
CA PHE S 159 -30.76 148.91 32.38
C PHE S 159 -31.31 147.48 32.43
N ALA S 160 -32.06 147.06 31.40
CA ALA S 160 -32.57 145.71 31.29
C ALA S 160 -31.48 144.67 30.98
N ARG S 161 -30.48 145.05 30.18
CA ARG S 161 -29.42 144.20 29.64
C ARG S 161 -28.08 144.94 29.61
N PRO S 162 -27.39 145.04 30.76
CA PRO S 162 -26.15 145.79 30.84
C PRO S 162 -25.02 145.19 30.00
N ASN S 163 -25.05 143.87 29.75
CA ASN S 163 -23.98 143.14 29.06
C ASN S 163 -24.22 142.99 27.55
N ASP S 164 -25.21 143.67 26.98
CA ASP S 164 -25.43 143.64 25.52
C ASP S 164 -24.36 144.48 24.81
N VAL S 165 -23.48 143.82 24.05
CA VAL S 165 -22.39 144.49 23.32
C VAL S 165 -22.93 145.49 22.31
N TYR S 166 -23.98 145.13 21.56
CA TYR S 166 -24.51 145.96 20.48
C TYR S 166 -25.07 147.28 21.01
N VAL S 167 -25.88 147.21 22.07
CA VAL S 167 -26.48 148.40 22.70
C VAL S 167 -25.40 149.31 23.29
N ASN S 168 -24.36 148.73 23.90
CA ASN S 168 -23.23 149.50 24.43
C ASN S 168 -22.43 150.21 23.32
N LEU S 169 -22.19 149.53 22.19
CA LEU S 169 -21.54 150.15 21.02
C LEU S 169 -22.36 151.32 20.49
N LYS S 170 -23.68 151.16 20.37
CA LYS S 170 -24.58 152.22 19.90
C LYS S 170 -24.61 153.45 20.78
N LEU S 171 -24.54 153.27 22.11
CA LEU S 171 -24.42 154.41 23.01
C LEU S 171 -23.13 155.20 22.78
N VAL S 172 -22.01 154.49 22.57
CA VAL S 172 -20.72 155.13 22.27
C VAL S 172 -20.77 155.88 20.94
N ASP S 173 -21.30 155.25 19.88
CA ASP S 173 -21.45 155.90 18.58
C ASP S 173 -22.35 157.14 18.66
N LEU S 174 -23.41 157.11 19.47
CA LEU S 174 -24.32 158.23 19.71
C LEU S 174 -23.65 159.39 20.47
N PHE S 175 -22.74 159.10 21.40
CA PHE S 175 -21.91 160.13 22.03
C PHE S 175 -20.92 160.75 21.03
N LEU S 176 -20.27 159.93 20.20
CA LEU S 176 -19.32 160.39 19.19
C LEU S 176 -20.00 161.26 18.12
N SER S 177 -21.20 160.90 17.66
CA SER S 177 -21.95 161.68 16.67
C SER S 177 -22.32 163.09 17.16
N ASN S 178 -22.45 163.27 18.48
CA ASN S 178 -22.75 164.55 19.12
C ASN S 178 -21.50 165.26 19.68
N GLN S 179 -20.29 164.81 19.28
CA GLN S 179 -19.00 165.37 19.73
C GLN S 179 -18.80 165.32 21.27
N ARG S 180 -19.53 164.46 21.98
CA ARG S 180 -19.44 164.26 23.44
C ARG S 180 -18.40 163.19 23.77
N LEU S 181 -17.15 163.42 23.37
CA LEU S 181 -16.06 162.45 23.52
C LEU S 181 -15.76 162.10 25.00
N GLU S 182 -15.89 163.07 25.91
CA GLU S 182 -15.67 162.85 27.35
C GLU S 182 -16.66 161.86 27.96
N GLU S 183 -17.91 161.85 27.47
CA GLU S 183 -18.93 160.91 27.96
C GLU S 183 -18.76 159.51 27.37
N ALA S 184 -18.31 159.43 26.11
CA ALA S 184 -17.91 158.16 25.52
C ALA S 184 -16.78 157.51 26.33
N VAL S 185 -15.76 158.30 26.71
CA VAL S 185 -14.66 157.84 27.57
C VAL S 185 -15.17 157.41 28.94
N LEU S 186 -16.00 158.23 29.59
CA LEU S 186 -16.58 157.89 30.89
C LEU S 186 -17.38 156.59 30.83
N HIS S 187 -18.14 156.37 29.76
CA HIS S 187 -18.91 155.13 29.58
C HIS S 187 -18.01 153.91 29.39
N CYS S 188 -16.93 154.02 28.63
CA CYS S 188 -15.94 152.96 28.46
C CYS S 188 -15.19 152.60 29.75
N LEU S 189 -14.99 153.58 30.66
CA LEU S 189 -14.30 153.40 31.94
C LEU S 189 -15.16 152.77 33.04
N LYS S 190 -16.47 152.61 32.83
CA LYS S 190 -17.38 152.05 33.83
C LYS S 190 -16.97 150.61 34.20
N PRO S 191 -16.86 150.25 35.50
CA PRO S 191 -16.38 148.94 35.93
C PRO S 191 -17.30 147.79 35.48
N GLU S 192 -18.60 148.03 35.29
CA GLU S 192 -19.54 147.03 34.78
C GLU S 192 -19.20 146.58 33.35
N ARG S 193 -18.40 147.36 32.61
CA ARG S 193 -17.98 147.06 31.24
C ARG S 193 -16.87 146.02 31.15
N ARG S 194 -16.29 145.60 32.28
CA ARG S 194 -15.28 144.52 32.30
C ARG S 194 -15.81 143.21 31.72
N ALA S 195 -17.11 142.92 31.87
CA ALA S 195 -17.74 141.74 31.29
C ALA S 195 -17.72 141.74 29.74
N LEU S 196 -17.63 142.92 29.11
CA LEU S 196 -17.62 143.07 27.65
C LEU S 196 -16.22 142.89 27.03
N ARG S 197 -15.17 142.73 27.85
CA ARG S 197 -13.77 142.56 27.39
C ARG S 197 -13.52 141.26 26.64
N THR S 198 -14.48 140.35 26.62
CA THR S 198 -14.45 139.13 25.82
C THR S 198 -14.90 139.34 24.36
N ASP S 199 -15.42 140.54 24.03
CA ASP S 199 -15.89 140.88 22.69
C ASP S 199 -14.91 141.79 21.94
N ILE S 200 -14.61 141.42 20.69
CA ILE S 200 -13.57 142.07 19.88
C ILE S 200 -14.03 143.44 19.38
N GLU S 201 -15.32 143.61 19.09
CA GLU S 201 -15.87 144.86 18.57
C GLU S 201 -15.91 145.90 19.68
N TRP S 202 -16.32 145.51 20.88
CA TRP S 202 -16.26 146.37 22.07
C TRP S 202 -14.84 146.83 22.38
N CYS S 203 -13.88 145.91 22.52
CA CYS S 203 -12.49 146.28 22.83
C CYS S 203 -11.89 147.18 21.74
N SER S 204 -12.18 146.92 20.46
CA SER S 204 -11.74 147.77 19.35
C SER S 204 -12.36 149.16 19.41
N CYS S 205 -13.64 149.27 19.79
CA CYS S 205 -14.32 150.55 19.98
C CYS S 205 -13.71 151.34 21.13
N VAL S 206 -13.46 150.70 22.28
CA VAL S 206 -12.78 151.31 23.44
C VAL S 206 -11.40 151.85 23.05
N VAL S 207 -10.61 151.05 22.35
CA VAL S 207 -9.30 151.46 21.81
C VAL S 207 -9.42 152.70 20.92
N ARG S 208 -10.40 152.73 20.00
CA ARG S 208 -10.65 153.85 19.09
C ARG S 208 -10.97 155.13 19.88
N VAL S 209 -11.93 155.06 20.81
CA VAL S 209 -12.35 156.19 21.65
C VAL S 209 -11.20 156.75 22.49
N PHE S 210 -10.41 155.88 23.12
CA PHE S 210 -9.28 156.32 23.94
C PHE S 210 -8.16 156.94 23.12
N LYS S 211 -7.85 156.40 21.93
CA LYS S 211 -6.88 157.01 21.02
C LYS S 211 -7.33 158.40 20.55
N GLU S 212 -8.59 158.53 20.17
CA GLU S 212 -9.16 159.82 19.75
C GLU S 212 -9.13 160.85 20.88
N TYR S 213 -9.48 160.43 22.10
CA TYR S 213 -9.39 161.31 23.29
C TYR S 213 -7.95 161.77 23.57
N LEU S 214 -6.99 160.84 23.60
CA LEU S 214 -5.59 161.16 23.84
C LEU S 214 -5.02 162.08 22.75
N ALA S 215 -5.41 161.90 21.48
CA ALA S 215 -5.05 162.78 20.38
C ALA S 215 -5.64 164.19 20.56
N SER S 216 -6.90 164.29 20.99
CA SER S 216 -7.59 165.58 21.20
C SER S 216 -7.00 166.43 22.35
N LYS S 217 -6.39 165.78 23.35
CA LYS S 217 -5.85 166.43 24.56
C LYS S 217 -4.31 166.50 24.58
N GLN S 218 -3.62 166.20 23.46
CA GLN S 218 -2.16 166.28 23.39
C GLN S 218 -1.66 167.66 23.85
N GLY S 219 -0.80 167.69 24.87
CA GLY S 219 -0.24 168.89 25.49
C GLY S 219 -0.74 169.20 26.90
N GLN S 220 -1.88 168.64 27.33
CA GLN S 220 -2.39 168.83 28.69
C GLN S 220 -1.94 167.68 29.61
N LYS S 221 -1.04 167.98 30.55
CA LYS S 221 -0.62 167.01 31.60
C LYS S 221 -1.73 166.83 32.64
N ASN S 222 -2.69 165.97 32.34
CA ASN S 222 -3.80 165.65 33.24
C ASN S 222 -3.64 164.22 33.83
N THR S 223 -3.99 164.03 35.10
CA THR S 223 -4.06 162.71 35.75
C THR S 223 -4.99 161.76 34.98
N ASN S 224 -6.08 162.29 34.42
CA ASN S 224 -7.00 161.54 33.55
C ASN S 224 -6.29 160.92 32.34
N MET S 225 -5.29 161.60 31.77
CA MET S 225 -4.55 161.10 30.61
C MET S 225 -3.77 159.82 30.97
N ARG S 226 -3.14 159.79 32.15
CA ARG S 226 -2.42 158.58 32.62
C ARG S 226 -3.35 157.40 32.85
N MET S 227 -4.53 157.65 33.41
CA MET S 227 -5.56 156.62 33.62
C MET S 227 -6.07 156.08 32.27
N ILE S 228 -6.35 156.94 31.30
CA ILE S 228 -6.82 156.52 29.97
C ILE S 228 -5.73 155.78 29.20
N THR S 229 -4.46 156.21 29.30
CA THR S 229 -3.33 155.48 28.73
C THR S 229 -3.18 154.08 29.34
N LYS S 230 -3.37 153.95 30.67
CA LYS S 230 -3.40 152.65 31.36
C LYS S 230 -4.49 151.74 30.77
N GLU S 231 -5.73 152.23 30.69
CA GLU S 231 -6.86 151.45 30.18
C GLU S 231 -6.74 151.18 28.66
N LEU S 232 -6.09 152.06 27.91
CA LEU S 232 -5.77 151.83 26.50
C LEU S 232 -4.81 150.65 26.33
N LEU S 233 -3.76 150.54 27.15
CA LEU S 233 -2.84 149.39 27.07
C LEU S 233 -3.57 148.07 27.40
N LEU S 234 -4.44 148.08 28.41
CA LEU S 234 -5.29 146.93 28.75
C LEU S 234 -6.22 146.54 27.59
N ALA S 235 -6.90 147.51 27.00
CA ALA S 235 -7.81 147.26 25.88
C ALA S 235 -7.06 146.78 24.62
N GLN S 236 -5.86 147.30 24.34
CA GLN S 236 -5.00 146.79 23.26
C GLN S 236 -4.59 145.34 23.49
N CYS S 237 -4.19 145.00 24.73
CA CYS S 237 -3.87 143.63 25.11
C CYS S 237 -5.07 142.68 24.88
N ASP S 238 -6.29 143.11 25.24
CA ASP S 238 -7.50 142.33 25.00
C ASP S 238 -7.77 142.12 23.49
N VAL S 239 -7.60 143.18 22.68
CA VAL S 239 -7.75 143.08 21.23
C VAL S 239 -6.76 142.05 20.65
N VAL S 240 -5.50 142.05 21.10
CA VAL S 240 -4.51 141.05 20.68
C VAL S 240 -4.95 139.64 21.08
N PHE S 241 -5.33 139.43 22.34
CA PHE S 241 -5.81 138.13 22.83
C PHE S 241 -7.02 137.61 22.04
N LEU S 242 -8.02 138.46 21.80
CA LEU S 242 -9.23 138.09 21.06
C LEU S 242 -8.96 137.84 19.58
N THR S 243 -8.04 138.60 18.98
CA THR S 243 -7.65 138.42 17.57
C THR S 243 -6.86 137.12 17.39
N LEU S 244 -5.96 136.80 18.34
CA LEU S 244 -5.27 135.51 18.38
C LEU S 244 -6.25 134.34 18.43
N SER S 245 -7.38 134.48 19.13
CA SER S 245 -8.37 133.41 19.24
C SER S 245 -9.38 133.34 18.10
N LYS S 246 -9.91 134.49 17.66
CA LYS S 246 -11.09 134.56 16.76
C LYS S 246 -10.76 134.89 15.31
N LYS S 247 -9.54 135.36 14.99
CA LYS S 247 -9.15 135.82 13.65
C LYS S 247 -7.97 135.02 13.12
N ASP S 248 -7.56 135.28 11.88
CA ASP S 248 -6.41 134.64 11.24
C ASP S 248 -5.06 135.16 11.77
N VAL S 249 -3.96 134.63 11.22
CA VAL S 249 -2.60 135.03 11.60
C VAL S 249 -2.31 136.47 11.20
N GLN S 250 -2.68 136.90 10.00
CA GLN S 250 -2.39 138.24 9.51
C GLN S 250 -3.03 139.33 10.38
N LYS S 251 -4.31 139.18 10.75
CA LYS S 251 -4.97 140.11 11.66
C LYS S 251 -4.33 140.09 13.05
N SER S 252 -3.82 138.94 13.49
CA SER S 252 -3.10 138.82 14.77
C SER S 252 -1.77 139.56 14.73
N LYS S 253 -1.02 139.49 13.61
CA LYS S 253 0.20 140.28 13.38
C LYS S 253 -0.10 141.78 13.46
N GLU S 254 -1.11 142.25 12.72
CA GLU S 254 -1.52 143.68 12.75
C GLU S 254 -1.96 144.14 14.16
N ALA S 255 -2.64 143.28 14.92
CA ALA S 255 -3.06 143.61 16.29
C ALA S 255 -1.86 143.73 17.22
N LEU S 256 -0.90 142.79 17.13
CA LEU S 256 0.33 142.82 17.92
C LEU S 256 1.20 144.03 17.55
N GLU S 257 1.27 144.41 16.27
CA GLU S 257 2.00 145.58 15.79
C GLU S 257 1.44 146.89 16.39
N ARG S 258 0.11 147.03 16.42
CA ARG S 258 -0.54 148.18 17.06
C ARG S 258 -0.29 148.23 18.56
N PHE S 259 -0.18 147.07 19.22
CA PHE S 259 0.14 146.98 20.63
C PHE S 259 1.62 147.31 20.90
N ASP S 260 2.52 146.86 20.03
CA ASP S 260 3.96 147.17 20.06
C ASP S 260 4.20 148.69 19.99
N GLN S 261 3.58 149.36 19.01
CA GLN S 261 3.64 150.81 18.86
C GLN S 261 3.04 151.56 20.07
N ALA S 262 1.95 151.04 20.64
CA ALA S 262 1.35 151.62 21.84
C ALA S 262 2.30 151.53 23.05
N LEU S 263 2.96 150.39 23.27
CA LEU S 263 3.95 150.24 24.32
C LEU S 263 5.15 151.17 24.10
N LEU S 264 5.66 151.26 22.86
CA LEU S 264 6.76 152.16 22.53
C LEU S 264 6.43 153.62 22.87
N SER S 265 5.21 154.07 22.55
CA SER S 265 4.76 155.44 22.85
C SER S 265 4.72 155.75 24.35
N VAL S 266 4.44 154.75 25.18
CA VAL S 266 4.35 154.91 26.65
C VAL S 266 5.71 154.77 27.32
N LYS S 267 6.64 154.01 26.73
CA LYS S 267 7.98 153.73 27.28
C LYS S 267 8.74 155.00 27.69
N GLN S 268 8.67 156.06 26.89
CA GLN S 268 9.33 157.34 27.18
C GLN S 268 8.75 158.06 28.41
N SER S 269 7.46 157.81 28.72
CA SER S 269 6.76 158.42 29.86
C SER S 269 6.94 157.63 31.16
N VAL S 270 7.45 156.40 31.08
CA VAL S 270 7.65 155.49 32.22
C VAL S 270 9.16 155.44 32.51
N SER S 271 9.62 156.28 33.42
CA SER S 271 10.95 156.13 34.01
C SER S 271 10.95 154.96 35.00
N GLY S 272 12.01 154.14 35.01
CA GLY S 272 12.07 152.90 35.79
C GLY S 272 11.98 153.06 37.32
N THR S 273 12.06 154.29 37.84
CA THR S 273 11.95 154.59 39.27
C THR S 273 10.54 154.96 39.73
N ASP S 274 9.62 155.24 38.80
CA ASP S 274 8.29 155.73 39.17
C ASP S 274 7.38 154.55 39.51
N ALA S 275 7.06 154.38 40.79
CA ALA S 275 6.04 153.44 41.27
C ALA S 275 4.60 153.89 40.97
N SER S 276 4.39 154.57 39.83
CA SER S 276 3.07 155.03 39.40
C SER S 276 2.22 153.85 38.90
N ASP S 277 0.89 153.96 39.02
CA ASP S 277 -0.03 152.93 38.50
C ASP S 277 0.16 152.67 36.99
N LEU S 278 0.57 153.69 36.22
CA LEU S 278 0.88 153.55 34.79
C LEU S 278 2.15 152.73 34.57
N SER S 279 3.20 152.95 35.37
CA SER S 279 4.44 152.19 35.30
C SER S 279 4.21 150.72 35.63
N VAL S 280 3.44 150.45 36.69
CA VAL S 280 3.05 149.08 37.07
C VAL S 280 2.28 148.40 35.94
N THR S 281 1.32 149.10 35.33
CA THR S 281 0.57 148.56 34.20
C THR S 281 1.46 148.35 32.97
N PHE S 282 2.38 149.26 32.68
CA PHE S 282 3.29 149.14 31.55
C PHE S 282 4.16 147.88 31.65
N TYR S 283 4.78 147.60 32.81
CA TYR S 283 5.57 146.39 33.00
C TYR S 283 4.70 145.13 32.95
N GLU S 284 3.48 145.16 33.49
CA GLU S 284 2.54 144.05 33.37
C GLU S 284 2.15 143.78 31.90
N MET S 285 1.88 144.84 31.14
CA MET S 285 1.56 144.77 29.72
C MET S 285 2.76 144.35 28.86
N ARG S 286 3.99 144.69 29.25
CA ARG S 286 5.22 144.13 28.65
C ARG S 286 5.24 142.60 28.78
N GLY S 287 4.89 142.05 29.94
CA GLY S 287 4.82 140.60 30.11
C GLY S 287 3.75 139.97 29.22
N HIS S 288 2.56 140.59 29.13
CA HIS S 288 1.50 140.12 28.24
C HIS S 288 1.88 140.21 26.76
N TYR S 289 2.59 141.27 26.35
CA TYR S 289 3.10 141.43 25.00
C TYR S 289 3.97 140.24 24.59
N TYR S 290 4.95 139.86 25.40
CA TYR S 290 5.79 138.69 25.10
C TYR S 290 5.00 137.38 25.14
N MET S 291 4.08 137.19 26.09
CA MET S 291 3.21 136.00 26.12
C MET S 291 2.39 135.87 24.82
N HIS S 292 1.86 136.98 24.31
CA HIS S 292 1.09 137.03 23.06
C HIS S 292 1.99 136.86 21.83
N ALA S 293 3.19 137.42 21.83
CA ALA S 293 4.18 137.21 20.77
C ALA S 293 4.56 135.71 20.65
N GLY S 294 4.87 135.04 21.76
CA GLY S 294 5.12 133.60 21.78
C GLY S 294 3.92 132.79 21.26
N THR S 295 2.71 133.22 21.63
CA THR S 295 1.47 132.59 21.14
C THR S 295 1.26 132.79 19.65
N LEU S 296 1.59 133.97 19.10
CA LEU S 296 1.52 134.26 17.67
C LEU S 296 2.49 133.38 16.87
N LEU S 297 3.72 133.20 17.35
CA LEU S 297 4.70 132.30 16.72
C LEU S 297 4.16 130.86 16.65
N LEU S 298 3.61 130.35 17.75
CA LEU S 298 2.99 129.01 17.74
C LEU S 298 1.74 128.93 16.83
N LYS S 299 1.01 130.05 16.67
CA LYS S 299 -0.11 130.15 15.72
C LYS S 299 0.36 130.08 14.26
N MET S 300 1.46 130.75 13.93
CA MET S 300 2.08 130.70 12.60
C MET S 300 2.57 129.28 12.26
N ALA S 301 3.10 128.55 13.24
CA ALA S 301 3.45 127.14 13.06
C ALA S 301 2.22 126.25 12.85
N GLN S 302 1.13 126.53 13.57
CA GLN S 302 -0.14 125.81 13.44
C GLN S 302 -0.82 126.03 12.08
N SER S 303 -0.70 127.22 11.49
CA SER S 303 -1.21 127.54 10.14
C SER S 303 -0.28 127.06 9.02
N CYS S 304 0.82 126.37 9.36
CA CYS S 304 1.85 125.91 8.42
C CYS S 304 2.56 127.05 7.65
N GLU S 305 2.58 128.27 8.17
CA GLU S 305 3.41 129.35 7.60
C GLU S 305 4.90 129.11 7.85
N VAL S 306 5.23 128.53 9.01
CA VAL S 306 6.59 128.21 9.42
C VAL S 306 6.60 126.83 10.11
N GLN S 307 7.73 126.13 10.07
CA GLN S 307 7.87 124.84 10.76
C GLN S 307 7.93 125.02 12.28
N TRP S 308 7.37 124.06 13.03
CA TRP S 308 7.41 124.07 14.50
C TRP S 308 8.84 124.24 15.01
N LYS S 309 9.78 123.42 14.54
CA LYS S 309 11.18 123.45 14.96
C LYS S 309 11.81 124.85 14.95
N ALA S 310 11.50 125.67 13.96
CA ALA S 310 12.07 127.02 13.83
C ALA S 310 11.47 128.03 14.83
N LEU S 311 10.23 127.79 15.31
CA LEU S 311 9.50 128.72 16.15
C LEU S 311 9.41 128.30 17.63
N ILE S 312 9.80 127.07 17.99
CA ILE S 312 9.78 126.60 19.39
C ILE S 312 10.72 127.41 20.27
N GLU S 313 12.00 127.58 19.89
CA GLU S 313 12.98 128.32 20.69
C GLU S 313 12.66 129.82 20.79
N PRO S 314 12.30 130.52 19.68
CA PRO S 314 11.84 131.90 19.76
C PRO S 314 10.58 132.07 20.62
N ALA S 315 9.60 131.16 20.51
CA ALA S 315 8.39 131.21 21.33
C ALA S 315 8.70 130.96 22.81
N ALA S 316 9.60 130.03 23.11
CA ALA S 316 10.04 129.74 24.48
C ALA S 316 10.75 130.94 25.11
N LEU S 317 11.59 131.66 24.38
CA LEU S 317 12.16 132.93 24.87
C LEU S 317 11.07 133.94 25.22
N CYS S 318 10.07 134.11 24.35
CA CYS S 318 8.95 135.01 24.63
C CYS S 318 8.17 134.61 25.91
N TYR S 319 7.91 133.31 26.12
CA TYR S 319 7.27 132.85 27.36
C TYR S 319 8.17 133.01 28.59
N LEU S 320 9.48 132.87 28.44
CA LEU S 320 10.45 133.09 29.51
C LEU S 320 10.45 134.56 29.96
N LEU S 321 10.51 135.48 29.00
CA LEU S 321 10.40 136.93 29.25
C LEU S 321 9.07 137.28 29.92
N ALA S 322 7.97 136.66 29.51
CA ALA S 322 6.65 136.87 30.11
C ALA S 322 6.56 136.32 31.55
N TYR S 323 7.12 135.14 31.80
CA TYR S 323 7.10 134.48 33.11
C TYR S 323 7.87 135.28 34.17
N GLN S 324 9.01 135.87 33.78
CA GLN S 324 9.93 136.55 34.70
C GLN S 324 9.50 137.99 35.07
N VAL S 325 8.48 138.56 34.41
CA VAL S 325 7.98 139.87 34.81
C VAL S 325 7.43 139.78 36.25
N PRO S 326 7.98 140.59 37.20
CA PRO S 326 7.55 140.56 38.59
C PRO S 326 6.08 140.91 38.76
N LYS S 327 5.40 140.25 39.70
CA LYS S 327 4.03 140.60 40.08
C LYS S 327 3.98 142.02 40.65
N PRO S 328 2.93 142.80 40.34
CA PRO S 328 2.67 144.08 41.01
C PRO S 328 2.68 143.90 42.53
N LYS S 329 3.54 144.63 43.25
CA LYS S 329 3.55 144.61 44.73
C LYS S 329 2.30 145.33 45.23
N SER S 330 1.30 144.58 45.68
CA SER S 330 0.08 145.12 46.29
C SER S 330 0.43 145.84 47.59
N LYS S 331 0.34 147.18 47.62
CA LYS S 331 0.06 147.85 48.90
C LYS S 331 -1.45 147.73 49.09
N PRO S 332 -1.95 147.05 50.14
CA PRO S 332 -3.37 147.06 50.45
C PRO S 332 -3.73 148.49 50.89
N VAL S 333 -4.09 149.35 49.93
CA VAL S 333 -4.70 150.63 50.25
C VAL S 333 -6.12 150.31 50.65
N LYS S 334 -6.40 150.38 51.95
CA LYS S 334 -7.75 150.33 52.51
C LYS S 334 -8.67 151.25 51.70
N GLY S 335 -9.58 150.68 50.91
CA GLY S 335 -10.78 151.41 50.47
C GLY S 335 -11.22 151.24 49.02
N ASP S 336 -10.37 150.82 48.07
CA ASP S 336 -10.79 150.70 46.65
C ASP S 336 -10.10 149.50 45.95
N ASP S 337 -10.50 148.30 46.36
CA ASP S 337 -9.94 147.00 45.91
C ASP S 337 -10.14 146.68 44.42
N ASN S 338 -10.95 147.45 43.68
CA ASN S 338 -11.40 146.99 42.36
C ASN S 338 -10.35 147.13 41.24
N GLY S 339 -9.37 148.04 41.37
CA GLY S 339 -8.41 148.37 40.31
C GLY S 339 -7.09 147.61 40.36
N GLN S 340 -6.46 147.54 41.55
CA GLN S 340 -5.14 146.93 41.72
C GLN S 340 -5.20 145.40 41.81
N GLY S 341 -6.25 144.83 42.41
CA GLY S 341 -6.46 143.38 42.42
C GLY S 341 -6.57 142.79 41.00
N PHE S 342 -7.09 143.56 40.05
CA PHE S 342 -7.22 143.12 38.65
C PHE S 342 -5.87 142.94 37.94
N LEU S 343 -4.89 143.84 38.17
CA LEU S 343 -3.55 143.67 37.58
C LEU S 343 -2.81 142.49 38.23
N GLU S 344 -3.03 142.24 39.51
CA GLU S 344 -2.48 141.07 40.19
C GLU S 344 -3.06 139.76 39.62
N GLU S 345 -4.37 139.72 39.36
CA GLU S 345 -5.03 138.59 38.69
C GLU S 345 -4.49 138.34 37.27
N LEU S 346 -4.27 139.41 36.49
CA LEU S 346 -3.61 139.31 35.19
C LEU S 346 -2.18 138.75 35.30
N ALA S 347 -1.42 139.21 36.28
CA ALA S 347 -0.06 138.72 36.51
C ALA S 347 -0.04 137.22 36.84
N PHE S 348 -0.95 136.76 37.69
CA PHE S 348 -1.11 135.33 37.98
C PHE S 348 -1.48 134.52 36.73
N ASP S 349 -2.40 135.03 35.91
CA ASP S 349 -2.79 134.40 34.65
C ASP S 349 -1.62 134.30 33.66
N ARG S 350 -0.85 135.38 33.48
CA ARG S 350 0.34 135.38 32.63
C ARG S 350 1.38 134.37 33.12
N GLN S 351 1.67 134.35 34.42
CA GLN S 351 2.69 133.49 34.99
C GLN S 351 2.30 132.01 34.95
N SER S 352 1.04 131.68 35.23
CA SER S 352 0.50 130.33 35.07
C SER S 352 0.64 129.87 33.61
N LYS S 353 0.10 130.63 32.66
CA LYS S 353 0.13 130.27 31.23
C LYS S 353 1.54 130.14 30.69
N SER S 354 2.39 131.13 30.94
CA SER S 354 3.76 131.16 30.42
C SER S 354 4.61 130.05 31.04
N GLY S 355 4.45 129.79 32.34
CA GLY S 355 5.19 128.73 33.03
C GLY S 355 4.83 127.33 32.55
N HIS S 356 3.54 127.01 32.41
CA HIS S 356 3.10 125.73 31.84
C HIS S 356 3.54 125.55 30.38
N LEU S 357 3.54 126.62 29.59
CA LEU S 357 4.01 126.57 28.20
C LEU S 357 5.52 126.38 28.11
N LEU S 358 6.32 126.97 28.99
CA LEU S 358 7.76 126.70 29.07
C LEU S 358 8.04 125.22 29.35
N LEU S 359 7.33 124.61 30.31
CA LEU S 359 7.45 123.18 30.60
C LEU S 359 6.99 122.31 29.43
N THR S 360 5.95 122.72 28.71
CA THR S 360 5.46 122.00 27.53
C THR S 360 6.48 122.05 26.38
N LEU S 361 7.07 123.23 26.12
CA LEU S 361 8.02 123.45 25.02
C LEU S 361 9.38 122.81 25.28
N SER S 362 9.79 122.63 26.56
CA SER S 362 11.07 122.00 26.89
C SER S 362 11.10 120.50 26.59
N HIS S 363 9.95 119.84 26.46
CA HIS S 363 9.84 118.38 26.34
C HIS S 363 10.66 117.60 27.39
N GLY S 364 10.88 118.18 28.58
CA GLY S 364 11.68 117.58 29.66
C GLY S 364 13.20 117.68 29.49
N LYS S 365 13.71 118.46 28.52
CA LYS S 365 15.14 118.73 28.37
C LYS S 365 15.63 119.67 29.49
N GLN S 366 16.62 119.20 30.27
CA GLN S 366 17.12 119.91 31.46
C GLN S 366 17.78 121.27 31.15
N ASN S 367 18.57 121.37 30.08
CA ASN S 367 19.31 122.61 29.74
C ASN S 367 18.60 123.51 28.73
N PHE S 368 17.33 123.23 28.40
CA PHE S 368 16.60 123.90 27.32
C PHE S 368 16.53 125.43 27.51
N ILE S 369 16.22 125.89 28.72
CA ILE S 369 16.13 127.33 29.01
C ILE S 369 17.51 127.99 28.87
N SER S 370 18.58 127.32 29.26
CA SER S 370 19.96 127.83 29.14
C SER S 370 20.36 128.01 27.68
N GLU S 371 20.09 127.00 26.83
CA GLU S 371 20.36 127.04 25.38
C GLU S 371 19.61 128.20 24.69
N ILE S 372 18.36 128.44 25.09
CA ILE S 372 17.54 129.53 24.54
C ILE S 372 18.11 130.90 24.93
N ILE S 373 18.51 131.09 26.19
CA ILE S 373 19.08 132.35 26.66
C ILE S 373 20.35 132.67 25.88
N GLU S 374 21.27 131.70 25.76
CA GLU S 374 22.52 131.89 25.02
C GLU S 374 22.30 132.25 23.54
N THR S 375 21.32 131.60 22.90
CA THR S 375 21.05 131.76 21.47
C THR S 375 20.29 133.05 21.16
N PHE S 376 19.22 133.35 21.90
CA PHE S 376 18.26 134.39 21.53
C PHE S 376 18.19 135.60 22.48
N ALA S 377 18.70 135.54 23.72
CA ALA S 377 18.66 136.67 24.66
C ALA S 377 19.76 137.72 24.38
N ASN S 378 19.89 138.11 23.11
CA ASN S 378 20.84 139.09 22.61
C ASN S 378 20.21 139.90 21.46
N GLN S 379 20.87 140.97 21.02
CA GLN S 379 20.35 141.87 20.00
C GLN S 379 20.13 141.18 18.63
N CYS S 380 20.94 140.17 18.30
CA CYS S 380 20.77 139.36 17.09
C CYS S 380 19.49 138.52 17.18
N GLY S 381 19.25 137.87 18.32
CA GLY S 381 18.03 137.11 18.60
C GLY S 381 16.78 137.98 18.57
N GLN S 382 16.83 139.20 19.14
CA GLN S 382 15.76 140.20 19.03
C GLN S 382 15.44 140.55 17.57
N SER S 383 16.48 140.75 16.75
CA SER S 383 16.32 141.07 15.34
C SER S 383 15.67 139.91 14.57
N ILE S 384 15.96 138.66 14.93
CA ILE S 384 15.33 137.46 14.37
C ILE S 384 13.86 137.38 14.79
N LEU S 385 13.55 137.61 16.07
CA LEU S 385 12.18 137.65 16.58
C LEU S 385 11.33 138.70 15.87
N LEU S 386 11.88 139.92 15.70
CA LEU S 386 11.20 141.01 15.01
C LEU S 386 10.87 140.63 13.57
N LYS S 387 11.82 140.02 12.85
CA LYS S 387 11.62 139.52 11.48
C LYS S 387 10.56 138.42 11.39
N PHE S 388 10.51 137.50 12.36
CA PHE S 388 9.46 136.47 12.36
C PHE S 388 8.07 137.07 12.56
N LEU S 389 7.92 138.06 13.44
CA LEU S 389 6.62 138.60 13.81
C LEU S 389 6.09 139.64 12.81
N PHE S 390 6.96 140.54 12.36
CA PHE S 390 6.58 141.73 11.58
C PHE S 390 7.24 141.79 10.22
N GLU S 391 8.06 140.80 9.86
CA GLU S 391 8.79 140.77 8.59
C GLU S 391 9.62 142.05 8.43
N ASP S 392 9.42 142.84 7.38
CA ASP S 392 10.12 144.11 7.14
C ASP S 392 9.26 145.35 7.49
N ASN S 393 8.13 145.20 8.18
CA ASN S 393 7.21 146.31 8.47
C ASN S 393 7.73 147.26 9.56
N LEU S 394 8.50 146.75 10.53
CA LEU S 394 9.03 147.54 11.64
C LEU S 394 10.56 147.42 11.73
N SER S 395 11.22 148.56 11.97
CA SER S 395 12.65 148.59 12.27
C SER S 395 12.90 148.34 13.76
N MET S 396 14.16 148.03 14.12
CA MET S 396 14.55 147.87 15.54
C MET S 396 14.29 149.13 16.39
N GLN S 397 14.34 150.32 15.79
CA GLN S 397 14.12 151.59 16.51
C GLN S 397 12.63 151.95 16.61
N ASP S 398 11.83 151.54 15.64
CA ASP S 398 10.39 151.83 15.57
C ASP S 398 9.54 150.81 16.33
N SER S 399 10.18 149.78 16.89
CA SER S 399 9.52 148.72 17.66
C SER S 399 9.81 148.79 19.15
N PHE S 400 8.79 148.51 19.96
CA PHE S 400 8.97 148.26 21.39
C PHE S 400 9.88 147.05 21.61
N MET S 401 9.63 145.92 20.95
CA MET S 401 10.48 144.72 21.06
C MET S 401 11.94 144.99 20.68
N GLY S 402 12.17 145.76 19.61
CA GLY S 402 13.52 146.09 19.15
C GLY S 402 14.28 147.02 20.10
N SER S 403 13.58 147.88 20.84
CA SER S 403 14.19 148.81 21.79
C SER S 403 14.26 148.30 23.23
N ASP S 404 13.54 147.21 23.56
CA ASP S 404 13.47 146.63 24.89
C ASP S 404 14.76 145.88 25.24
N ASP S 405 15.12 145.83 26.51
CA ASP S 405 16.29 145.07 26.95
C ASP S 405 15.87 143.66 27.37
N ILE S 406 16.27 142.67 26.57
CA ILE S 406 16.04 141.23 26.87
C ILE S 406 17.31 140.51 27.32
N SER S 407 18.43 141.22 27.50
CA SER S 407 19.71 140.58 27.84
C SER S 407 19.77 140.11 29.30
N TYR S 408 19.04 140.79 30.20
CA TYR S 408 18.94 140.43 31.61
C TYR S 408 17.79 139.43 31.86
N VAL S 409 17.98 138.19 31.43
CA VAL S 409 17.04 137.08 31.65
C VAL S 409 17.68 136.03 32.55
N GLU S 410 16.98 135.63 33.60
CA GLU S 410 17.47 134.62 34.53
C GLU S 410 17.28 133.21 33.96
N ASN S 411 18.21 132.29 34.24
CA ASN S 411 18.02 130.87 33.91
C ASN S 411 17.11 130.19 34.95
N ARG S 412 15.82 130.52 34.93
CA ARG S 412 14.84 130.05 35.93
C ARG S 412 13.82 129.08 35.31
N VAL S 413 13.94 127.80 35.66
CA VAL S 413 12.93 126.78 35.35
C VAL S 413 11.69 127.00 36.24
N PRO S 414 10.46 126.96 35.71
CA PRO S 414 9.24 127.08 36.53
C PRO S 414 9.12 125.98 37.58
N ASP S 415 8.98 126.37 38.85
CA ASP S 415 8.74 125.45 39.96
C ASP S 415 7.27 125.03 40.03
N LEU S 416 7.00 123.74 40.29
CA LEU S 416 5.64 123.20 40.31
C LEU S 416 4.80 123.75 41.48
N SER S 417 5.42 124.02 42.63
CA SER S 417 4.69 124.56 43.78
C SER S 417 4.29 126.01 43.53
N GLU S 418 5.17 126.81 42.92
CA GLU S 418 4.87 128.17 42.48
C GLU S 418 3.80 128.20 41.38
N LEU S 419 3.89 127.30 40.39
CA LEU S 419 2.87 127.18 39.35
C LEU S 419 1.50 126.85 39.93
N SER S 420 1.42 125.94 40.91
CA SER S 420 0.16 125.65 41.60
C SER S 420 -0.42 126.90 42.28
N GLN S 421 0.41 127.76 42.87
CA GLN S 421 -0.05 129.03 43.43
C GLN S 421 -0.53 130.00 42.34
N HIS S 422 0.19 130.08 41.22
CA HIS S 422 -0.20 130.94 40.10
C HIS S 422 -1.51 130.49 39.45
N ASP S 423 -1.73 129.18 39.31
CA ASP S 423 -2.98 128.60 38.81
C ASP S 423 -4.17 129.03 39.66
N ASN S 424 -4.04 128.99 41.00
CA ASN S 424 -5.11 129.46 41.91
C ASN S 424 -5.42 130.96 41.72
N GLY S 425 -4.43 131.78 41.39
CA GLY S 425 -4.62 133.19 41.06
C GLY S 425 -5.35 133.39 39.73
N SER S 426 -4.95 132.65 38.69
CA SER S 426 -5.53 132.70 37.34
C SER S 426 -7.03 132.31 37.32
N LEU S 427 -7.49 131.43 38.22
CA LEU S 427 -8.91 131.06 38.27
C LEU S 427 -9.86 132.24 38.51
N ARG S 428 -9.39 133.32 39.17
CA ARG S 428 -10.23 134.49 39.46
C ARG S 428 -10.62 135.25 38.19
N ILE S 429 -9.71 135.38 37.23
CA ILE S 429 -10.00 136.12 35.98
C ILE S 429 -10.93 135.33 35.05
N HIS S 430 -10.75 134.00 34.95
CA HIS S 430 -11.54 133.14 34.07
C HIS S 430 -12.90 132.74 34.66
N ASN S 431 -13.18 133.06 35.93
CA ASN S 431 -14.49 132.89 36.56
C ASN S 431 -15.09 131.47 36.42
N GLY S 432 -14.27 130.42 36.38
CA GLY S 432 -14.74 129.04 36.22
C GLY S 432 -15.07 128.63 34.78
N ASP S 433 -14.49 129.29 33.77
CA ASP S 433 -14.53 128.82 32.38
C ASP S 433 -13.99 127.37 32.25
N LEU S 434 -14.79 126.52 31.61
CA LEU S 434 -14.47 125.11 31.45
C LEU S 434 -13.24 124.90 30.54
N GLN S 435 -13.00 125.77 29.55
CA GLN S 435 -11.85 125.64 28.65
C GLN S 435 -10.57 125.87 29.42
N HIS S 436 -10.52 126.93 30.23
CA HIS S 436 -9.41 127.22 31.12
C HIS S 436 -9.13 126.08 32.12
N LEU S 437 -10.16 125.58 32.82
CA LEU S 437 -10.02 124.49 33.78
C LEU S 437 -9.51 123.20 33.13
N THR S 438 -10.04 122.86 31.95
CA THR S 438 -9.63 121.68 31.20
C THR S 438 -8.18 121.82 30.71
N TRP S 439 -7.81 123.02 30.24
CA TRP S 439 -6.44 123.29 29.82
C TRP S 439 -5.44 123.13 30.96
N LEU S 440 -5.70 123.73 32.13
CA LEU S 440 -4.85 123.54 33.30
C LEU S 440 -4.79 122.06 33.71
N GLY S 441 -5.93 121.37 33.77
CA GLY S 441 -5.98 119.95 34.08
C GLY S 441 -5.14 119.10 33.13
N LEU S 442 -5.13 119.42 31.84
CA LEU S 442 -4.27 118.75 30.85
C LEU S 442 -2.79 119.03 31.09
N GLN S 443 -2.40 120.27 31.45
CA GLN S 443 -1.00 120.59 31.74
C GLN S 443 -0.47 119.71 32.88
N TRP S 444 -1.21 119.63 33.99
CA TRP S 444 -0.86 118.76 35.11
C TRP S 444 -0.85 117.28 34.72
N HIS S 445 -1.82 116.84 33.90
CA HIS S 445 -1.85 115.47 33.41
C HIS S 445 -0.63 115.11 32.54
N PHE S 446 -0.14 116.04 31.69
CA PHE S 446 1.08 115.84 30.91
C PHE S 446 2.35 115.77 31.78
N LEU S 447 2.31 116.36 32.98
CA LEU S 447 3.35 116.25 34.01
C LEU S 447 3.20 114.99 34.89
N SER S 448 2.22 114.12 34.60
CA SER S 448 1.91 112.92 35.39
C SER S 448 1.52 113.20 36.85
N THR S 449 1.05 114.42 37.13
CA THR S 449 0.64 114.86 38.47
C THR S 449 -0.86 115.12 38.48
N LEU S 450 -1.52 114.76 39.58
CA LEU S 450 -2.95 115.04 39.73
C LEU S 450 -3.20 116.55 39.83
N PRO S 451 -4.09 117.12 39.01
CA PRO S 451 -4.43 118.53 39.14
C PRO S 451 -5.09 118.79 40.51
N PRO S 452 -4.80 119.91 41.18
CA PRO S 452 -5.37 120.25 42.49
C PRO S 452 -6.84 120.73 42.39
N LEU S 453 -7.69 119.94 41.73
CA LEU S 453 -9.10 120.23 41.41
C LEU S 453 -9.91 120.63 42.65
N ARG S 454 -9.68 119.97 43.80
CA ARG S 454 -10.34 120.30 45.06
C ARG S 454 -10.16 121.77 45.46
N LYS S 455 -8.92 122.31 45.35
CA LYS S 455 -8.64 123.72 45.69
C LYS S 455 -9.35 124.65 44.71
N TRP S 456 -9.29 124.33 43.42
CA TRP S 456 -9.94 125.10 42.36
C TRP S 456 -11.45 125.16 42.53
N LEU S 457 -12.08 124.01 42.78
CA LEU S 457 -13.53 123.90 42.97
C LEU S 457 -14.00 124.61 44.23
N LYS S 458 -13.26 124.56 45.34
CA LYS S 458 -13.58 125.34 46.56
C LYS S 458 -13.53 126.85 46.32
N GLN S 459 -12.63 127.31 45.46
CA GLN S 459 -12.53 128.72 45.09
C GLN S 459 -13.68 129.16 44.17
N ILE S 460 -14.07 128.34 43.20
CA ILE S 460 -15.15 128.65 42.26
C ILE S 460 -16.53 128.49 42.93
N PHE S 461 -16.69 127.48 43.78
CA PHE S 461 -17.95 127.10 44.41
C PHE S 461 -17.86 127.03 45.95
N PRO S 462 -17.60 128.15 46.64
CA PRO S 462 -17.31 128.17 48.07
C PRO S 462 -18.48 127.73 48.97
N ARG S 463 -19.71 127.68 48.44
CA ARG S 463 -20.93 127.33 49.20
C ARG S 463 -21.43 125.90 48.93
N VAL S 464 -20.79 125.17 48.04
CA VAL S 464 -21.21 123.81 47.67
C VAL S 464 -20.59 122.82 48.68
N PRO S 465 -21.36 121.89 49.26
CA PRO S 465 -20.83 120.91 50.19
C PRO S 465 -19.87 119.95 49.47
N GLN S 466 -18.90 119.40 50.21
CA GLN S 466 -17.91 118.51 49.63
C GLN S 466 -18.55 117.20 49.13
N GLU S 467 -19.41 116.59 49.95
CA GLU S 467 -20.16 115.38 49.62
C GLU S 467 -21.67 115.52 49.95
N THR S 468 -22.49 114.67 49.36
CA THR S 468 -23.92 114.50 49.63
C THR S 468 -24.21 113.11 50.22
N SER S 469 -25.13 113.06 51.19
CA SER S 469 -25.65 111.79 51.72
C SER S 469 -26.67 111.11 50.79
N ARG S 470 -27.05 111.77 49.68
CA ARG S 470 -28.11 111.32 48.76
C ARG S 470 -27.57 111.13 47.33
N LEU S 471 -26.62 110.22 47.13
CA LEU S 471 -26.07 109.88 45.81
C LEU S 471 -27.14 109.37 44.82
N GLU S 472 -28.23 108.80 45.33
CA GLU S 472 -29.35 108.35 44.50
C GLU S 472 -30.27 109.48 44.02
N SER S 473 -30.16 110.69 44.62
CA SER S 473 -30.91 111.86 44.15
C SER S 473 -30.32 112.38 42.83
N ASN S 474 -31.16 112.83 41.91
CA ASN S 474 -30.74 113.58 40.72
C ASN S 474 -31.21 115.05 40.75
N ILE S 475 -31.65 115.51 41.92
CA ILE S 475 -32.09 116.90 42.11
C ILE S 475 -30.87 117.84 41.96
N PRO S 476 -30.93 118.88 41.10
CA PRO S 476 -29.81 119.82 40.88
C PRO S 476 -29.28 120.48 42.16
N GLU S 477 -30.15 120.75 43.13
CA GLU S 477 -29.79 121.32 44.43
C GLU S 477 -28.95 120.37 45.32
N SER S 478 -28.84 119.09 44.94
CA SER S 478 -28.04 118.09 45.66
C SER S 478 -26.60 117.93 45.18
N ILE S 479 -26.16 118.73 44.18
CA ILE S 479 -24.78 118.72 43.65
C ILE S 479 -23.77 118.98 44.78
N CYS S 480 -22.69 118.20 44.79
CA CYS S 480 -21.55 118.38 45.70
C CYS S 480 -20.24 118.63 44.92
N LEU S 481 -19.17 119.04 45.61
CA LEU S 481 -17.87 119.28 44.98
C LEU S 481 -17.30 118.01 44.35
N LEU S 482 -17.53 116.84 44.94
CA LEU S 482 -17.07 115.56 44.37
C LEU S 482 -17.74 115.24 43.03
N ASP S 483 -19.01 115.62 42.81
CA ASP S 483 -19.64 115.49 41.48
C ASP S 483 -18.95 116.37 40.43
N LEU S 484 -18.52 117.57 40.82
CA LEU S 484 -17.80 118.50 39.94
C LEU S 484 -16.36 118.05 39.69
N GLU S 485 -15.71 117.45 40.68
CA GLU S 485 -14.35 116.93 40.57
C GLU S 485 -14.30 115.75 39.59
N VAL S 486 -15.21 114.77 39.72
CA VAL S 486 -15.26 113.65 38.77
C VAL S 486 -15.63 114.12 37.37
N PHE S 487 -16.51 115.11 37.24
CA PHE S 487 -16.81 115.71 35.95
C PHE S 487 -15.53 116.27 35.31
N LEU S 488 -14.77 117.11 36.02
CA LEU S 488 -13.52 117.67 35.52
C LEU S 488 -12.45 116.61 35.22
N LEU S 489 -12.30 115.58 36.08
CA LEU S 489 -11.38 114.47 35.85
C LEU S 489 -11.70 113.73 34.53
N ALA S 490 -12.98 113.48 34.25
CA ALA S 490 -13.39 112.84 33.01
C ALA S 490 -13.22 113.76 31.80
N VAL S 491 -13.54 115.06 31.91
CA VAL S 491 -13.30 116.02 30.83
C VAL S 491 -11.81 116.04 30.48
N VAL S 492 -10.92 116.22 31.45
CA VAL S 492 -9.46 116.24 31.23
C VAL S 492 -8.97 114.94 30.58
N GLN S 493 -9.42 113.78 31.06
CA GLN S 493 -9.04 112.49 30.49
C GLN S 493 -9.52 112.33 29.04
N THR S 494 -10.80 112.66 28.76
CA THR S 494 -11.34 112.56 27.40
C THR S 494 -10.67 113.55 26.45
N SER S 495 -10.34 114.76 26.90
CA SER S 495 -9.57 115.73 26.13
C SER S 495 -8.16 115.21 25.83
N TYR S 496 -7.51 114.57 26.80
CA TYR S 496 -6.18 113.98 26.63
C TYR S 496 -6.19 112.88 25.58
N LEU S 497 -7.14 111.94 25.66
CA LEU S 497 -7.31 110.86 24.69
C LEU S 497 -7.61 111.40 23.29
N GLN S 498 -8.48 112.40 23.19
CA GLN S 498 -8.76 113.08 21.92
C GLN S 498 -7.52 113.76 21.32
N LEU S 499 -6.65 114.36 22.15
CA LEU S 499 -5.41 114.94 21.66
C LEU S 499 -4.42 113.87 21.19
N GLN S 500 -4.34 112.73 21.87
CA GLN S 500 -3.47 111.62 21.45
C GLN S 500 -3.90 111.02 20.12
N ASP S 501 -5.18 110.72 19.94
CA ASP S 501 -5.70 110.14 18.70
C ASP S 501 -5.52 111.08 17.50
N ASN S 502 -5.56 112.40 17.73
CA ASN S 502 -5.28 113.40 16.70
C ASN S 502 -3.78 113.63 16.44
N ASN S 503 -2.90 113.26 17.39
CA ASN S 503 -1.47 113.54 17.34
C ASN S 503 -0.62 112.38 16.79
N THR S 504 -1.19 111.19 16.53
CA THR S 504 -0.44 110.03 16.03
C THR S 504 0.34 110.28 14.73
N THR S 505 0.01 111.35 13.99
CA THR S 505 0.71 111.77 12.76
C THR S 505 1.39 113.15 12.87
N ALA S 506 1.52 113.73 14.07
CA ALA S 506 2.02 115.10 14.25
C ALA S 506 3.54 115.18 14.41
N ASP S 507 4.12 116.28 13.91
CA ASP S 507 5.53 116.69 14.07
C ASP S 507 6.00 116.51 15.52
N PRO S 508 7.15 115.84 15.77
CA PRO S 508 7.66 115.62 17.12
C PRO S 508 7.95 116.91 17.91
N ASN S 509 8.18 118.03 17.22
CA ASN S 509 8.39 119.35 17.83
C ASN S 509 7.08 120.06 18.17
N ARG S 510 5.93 119.51 17.79
CA ARG S 510 4.64 120.12 18.08
C ARG S 510 4.37 120.03 19.60
N PRO S 511 4.00 121.15 20.25
CA PRO S 511 3.63 121.13 21.66
C PRO S 511 2.46 120.17 21.91
N ARG S 512 2.55 119.38 22.98
CA ARG S 512 1.50 118.41 23.36
C ARG S 512 0.14 119.08 23.60
N CYS S 513 0.17 120.27 24.19
CA CYS S 513 -0.98 121.14 24.37
C CYS S 513 -0.63 122.55 23.88
N LEU S 514 -1.49 123.12 23.04
CA LEU S 514 -1.30 124.47 22.53
C LEU S 514 -1.78 125.53 23.55
N PRO S 515 -1.27 126.78 23.46
CA PRO S 515 -1.78 127.89 24.26
C PRO S 515 -3.29 128.10 24.10
N LEU S 516 -3.96 128.50 25.18
CA LEU S 516 -5.42 128.68 25.23
C LEU S 516 -6.04 129.45 24.05
N PRO S 517 -5.48 130.59 23.59
CA PRO S 517 -6.07 131.34 22.47
C PRO S 517 -6.18 130.53 21.18
N ILE S 518 -5.21 129.63 20.90
CA ILE S 518 -5.10 128.87 19.65
C ILE S 518 -5.45 127.38 19.82
N CYS S 519 -5.77 126.98 21.04
CA CYS S 519 -6.16 125.63 21.37
C CYS S 519 -7.62 125.39 20.96
N LYS S 520 -7.88 124.28 20.25
CA LYS S 520 -9.24 123.88 19.87
C LYS S 520 -10.08 123.61 21.13
N GLN S 521 -11.40 123.64 21.00
CA GLN S 521 -12.31 123.31 22.10
C GLN S 521 -11.97 121.91 22.64
N LEU S 522 -11.63 121.85 23.94
CA LEU S 522 -11.13 120.64 24.58
C LEU S 522 -12.27 119.71 25.04
N PHE S 523 -13.50 120.22 25.06
CA PHE S 523 -14.71 119.54 25.54
C PHE S 523 -15.84 119.57 24.50
N THR S 524 -16.89 118.77 24.72
CA THR S 524 -18.08 118.74 23.85
C THR S 524 -19.11 119.81 24.21
N ASP S 525 -19.97 120.19 23.27
CA ASP S 525 -21.02 121.20 23.54
C ASP S 525 -22.00 120.76 24.63
N ARG S 526 -22.19 119.45 24.82
CA ARG S 526 -22.99 118.91 25.92
C ARG S 526 -22.30 119.10 27.27
N GLN S 527 -21.00 118.83 27.36
CA GLN S 527 -20.20 119.11 28.56
C GLN S 527 -20.23 120.61 28.91
N ARG S 528 -20.10 121.48 27.89
CA ARG S 528 -20.27 122.94 28.04
C ARG S 528 -21.64 123.29 28.61
N SER S 529 -22.70 122.80 27.97
CA SER S 529 -24.08 123.10 28.36
C SER S 529 -24.38 122.65 29.78
N TRP S 530 -23.83 121.52 30.23
CA TRP S 530 -23.99 121.05 31.59
C TRP S 530 -23.23 121.93 32.59
N TRP S 531 -21.94 122.19 32.34
CA TRP S 531 -21.11 123.01 33.22
C TRP S 531 -21.64 124.44 33.36
N ASP S 532 -22.01 125.08 32.25
CA ASP S 532 -22.56 126.44 32.24
C ASP S 532 -23.91 126.50 32.97
N ALA S 533 -24.71 125.45 32.88
CA ALA S 533 -25.97 125.35 33.62
C ALA S 533 -25.72 125.24 35.14
N VAL S 534 -24.79 124.39 35.56
CA VAL S 534 -24.37 124.24 36.96
C VAL S 534 -23.82 125.56 37.48
N TYR S 535 -22.87 126.16 36.77
CA TYR S 535 -22.24 127.42 37.13
C TYR S 535 -23.29 128.52 37.29
N SER S 536 -24.18 128.69 36.30
CA SER S 536 -25.24 129.71 36.32
C SER S 536 -26.24 129.53 37.46
N LEU S 537 -26.59 128.28 37.79
CA LEU S 537 -27.54 127.97 38.87
C LEU S 537 -26.91 128.23 40.25
N ILE S 538 -25.69 127.75 40.49
CA ILE S 538 -25.01 127.85 41.79
C ILE S 538 -24.58 129.29 42.07
N THR S 539 -24.03 129.99 41.07
CA THR S 539 -23.60 131.41 41.22
C THR S 539 -24.75 132.41 41.13
N LYS S 540 -26.00 131.94 40.93
CA LYS S 540 -27.20 132.77 40.75
C LYS S 540 -27.08 133.80 39.61
N LYS S 541 -26.29 133.49 38.58
CA LYS S 541 -26.12 134.30 37.35
C LYS S 541 -27.09 133.89 36.23
N ALA S 542 -27.96 132.92 36.45
CA ALA S 542 -28.94 132.48 35.47
C ALA S 542 -29.91 133.60 35.06
N LEU S 543 -30.20 133.71 33.75
CA LEU S 543 -31.21 134.66 33.26
C LEU S 543 -32.60 134.32 33.85
N PRO S 544 -33.42 135.33 34.23
CA PRO S 544 -34.78 135.12 34.70
C PRO S 544 -35.60 134.26 33.72
N GLY S 545 -36.32 133.26 34.25
CA GLY S 545 -37.15 132.34 33.45
C GLY S 545 -36.40 131.14 32.84
N THR S 546 -35.07 131.15 32.78
CA THR S 546 -34.30 130.01 32.23
C THR S 546 -34.04 128.89 33.23
N SER S 547 -34.24 129.14 34.52
CA SER S 547 -33.84 128.22 35.60
C SER S 547 -34.48 126.84 35.51
N ALA S 548 -35.71 126.71 35.01
CA ALA S 548 -36.35 125.40 34.83
C ALA S 548 -35.62 124.57 33.76
N LYS S 549 -35.27 125.19 32.62
CA LYS S 549 -34.52 124.54 31.54
C LYS S 549 -33.13 124.11 32.02
N LEU S 550 -32.43 124.98 32.76
CA LEU S 550 -31.10 124.67 33.31
C LEU S 550 -31.17 123.47 34.28
N ARG S 551 -32.17 123.43 35.16
CA ARG S 551 -32.39 122.30 36.07
C ARG S 551 -32.60 120.98 35.33
N SER S 552 -33.37 120.97 34.23
CA SER S 552 -33.58 119.76 33.45
C SER S 552 -32.30 119.25 32.79
N VAL S 553 -31.45 120.14 32.27
CA VAL S 553 -30.14 119.77 31.71
C VAL S 553 -29.25 119.12 32.79
N ILE S 554 -29.17 119.77 33.95
CA ILE S 554 -28.38 119.27 35.08
C ILE S 554 -28.87 117.90 35.55
N GLN S 555 -30.18 117.77 35.78
CA GLN S 555 -30.80 116.56 36.31
C GLN S 555 -30.54 115.35 35.42
N HIS S 556 -30.60 115.52 34.09
CA HIS S 556 -30.36 114.44 33.14
C HIS S 556 -28.93 113.89 33.28
N ASP S 557 -27.92 114.75 33.19
CA ASP S 557 -26.51 114.32 33.14
C ASP S 557 -25.90 114.05 34.53
N LEU S 558 -26.54 114.52 35.62
CA LEU S 558 -26.15 114.16 36.98
C LEU S 558 -26.34 112.66 37.26
N THR S 559 -27.33 112.02 36.63
CA THR S 559 -27.53 110.56 36.72
C THR S 559 -26.31 109.78 36.20
N THR S 560 -25.72 110.27 35.10
CA THR S 560 -24.49 109.73 34.51
C THR S 560 -23.32 109.88 35.47
N LEU S 561 -23.10 111.08 36.02
CA LEU S 561 -21.97 111.36 36.92
C LEU S 561 -21.99 110.51 38.20
N ARG S 562 -23.18 110.25 38.74
CA ARG S 562 -23.34 109.42 39.93
C ARG S 562 -23.40 107.92 39.64
N ALA S 563 -23.23 107.52 38.38
CA ALA S 563 -23.34 106.13 37.92
C ALA S 563 -24.65 105.46 38.38
N GLN S 564 -25.77 106.17 38.21
CA GLN S 564 -27.12 105.64 38.44
C GLN S 564 -27.51 104.65 37.33
N GLU S 565 -28.72 104.09 37.41
CA GLU S 565 -29.18 103.09 36.43
C GLU S 565 -29.03 103.59 34.98
N LYS S 566 -28.50 102.73 34.11
CA LYS S 566 -28.28 103.01 32.68
C LYS S 566 -27.40 104.24 32.41
N HIS S 567 -26.40 104.50 33.27
CA HIS S 567 -25.46 105.62 33.14
C HIS S 567 -24.68 105.69 31.82
N GLY S 568 -24.46 104.57 31.10
CA GLY S 568 -23.79 104.59 29.78
C GLY S 568 -22.31 105.00 29.77
N LEU S 569 -21.68 105.14 30.94
CA LEU S 569 -20.23 105.36 31.10
C LEU S 569 -19.38 104.17 30.59
N GLN S 570 -18.26 104.49 29.93
CA GLN S 570 -17.19 103.53 29.65
C GLN S 570 -16.48 103.14 30.95
N PRO S 571 -16.18 101.85 31.21
CA PRO S 571 -15.48 101.41 32.43
C PRO S 571 -14.19 102.15 32.75
N ALA S 572 -13.42 102.51 31.73
CA ALA S 572 -12.16 103.24 31.87
C ALA S 572 -12.33 104.60 32.57
N VAL S 573 -13.50 105.25 32.41
CA VAL S 573 -13.82 106.50 33.10
C VAL S 573 -14.04 106.25 34.59
N LEU S 574 -14.76 105.19 34.96
CA LEU S 574 -14.98 104.81 36.36
C LEU S 574 -13.66 104.44 37.06
N VAL S 575 -12.78 103.70 36.38
CA VAL S 575 -11.42 103.39 36.89
C VAL S 575 -10.65 104.69 37.16
N ASN S 576 -10.65 105.63 36.21
CA ASN S 576 -9.94 106.90 36.37
C ASN S 576 -10.49 107.73 37.54
N TRP S 577 -11.82 107.78 37.70
CA TRP S 577 -12.43 108.45 38.84
C TRP S 577 -12.04 107.80 40.17
N ALA S 578 -12.16 106.48 40.27
CA ALA S 578 -11.83 105.77 41.49
C ALA S 578 -10.35 105.97 41.88
N ARG S 579 -9.43 105.86 40.92
CA ARG S 579 -8.00 106.12 41.13
C ARG S 579 -7.70 107.55 41.53
N GLY S 580 -8.29 108.53 40.82
CA GLY S 580 -8.11 109.95 41.12
C GLY S 580 -8.59 110.28 42.54
N LEU S 581 -9.77 109.81 42.91
CA LEU S 581 -10.33 110.01 44.25
C LEU S 581 -9.56 109.27 45.34
N HIS S 582 -9.06 108.06 45.06
CA HIS S 582 -8.23 107.32 45.99
C HIS S 582 -6.94 108.08 46.32
N LYS S 583 -6.22 108.52 45.28
CA LYS S 583 -4.98 109.30 45.45
C LYS S 583 -5.22 110.63 46.17
N THR S 584 -6.24 111.38 45.76
CA THR S 584 -6.57 112.65 46.44
C THR S 584 -6.94 112.39 47.90
N GLY S 585 -7.84 111.43 48.16
CA GLY S 585 -8.28 111.12 49.51
C GLY S 585 -7.14 110.65 50.41
N TYR S 586 -6.27 109.76 49.94
CA TYR S 586 -5.12 109.28 50.71
C TYR S 586 -4.12 110.40 51.08
N SER S 587 -3.99 111.42 50.23
CA SER S 587 -3.12 112.58 50.48
C SER S 587 -3.66 113.62 51.46
N LEU S 588 -4.90 113.48 51.94
CA LEU S 588 -5.54 114.46 52.82
C LEU S 588 -5.32 114.10 54.29
N ASN S 589 -4.98 115.07 55.13
CA ASN S 589 -4.78 114.84 56.57
C ASN S 589 -6.08 114.88 57.40
N SER S 590 -7.20 115.23 56.77
CA SER S 590 -8.50 115.37 57.46
C SER S 590 -9.27 114.06 57.39
N PHE S 591 -9.54 113.45 58.54
CA PHE S 591 -10.34 112.23 58.67
C PHE S 591 -11.67 112.30 57.89
N TYR S 592 -12.41 113.39 58.05
CA TYR S 592 -13.71 113.55 57.38
C TYR S 592 -13.55 113.63 55.86
N ASP S 593 -12.53 114.34 55.38
CA ASP S 593 -12.27 114.43 53.94
C ASP S 593 -11.82 113.07 53.38
N GLN S 594 -10.92 112.36 54.06
CA GLN S 594 -10.49 111.01 53.69
C GLN S 594 -11.69 110.08 53.55
N LYS S 595 -12.59 110.08 54.55
CA LYS S 595 -13.79 109.24 54.57
C LYS S 595 -14.73 109.54 53.41
N GLU S 596 -14.96 110.82 53.09
CA GLU S 596 -15.80 111.21 51.94
C GLU S 596 -15.20 110.77 50.61
N TYR S 597 -13.90 111.03 50.38
CA TYR S 597 -13.22 110.62 49.15
C TYR S 597 -13.15 109.09 49.00
N MET S 598 -12.82 108.37 50.07
CA MET S 598 -12.79 106.91 50.05
C MET S 598 -14.20 106.34 49.86
N GLY S 599 -15.21 106.89 50.52
CA GLY S 599 -16.60 106.50 50.33
C GLY S 599 -17.06 106.63 48.87
N ARG S 600 -16.72 107.76 48.22
CA ARG S 600 -17.05 107.98 46.80
C ARG S 600 -16.21 107.11 45.85
N CYS S 601 -14.94 106.88 46.16
CA CYS S 601 -14.08 105.95 45.42
C CYS S 601 -14.69 104.54 45.41
N VAL S 602 -15.04 104.03 46.59
CA VAL S 602 -15.70 102.72 46.77
C VAL S 602 -17.05 102.65 46.04
N HIS S 603 -17.83 103.74 46.01
CA HIS S 603 -19.06 103.80 45.22
C HIS S 603 -18.81 103.50 43.74
N TYR S 604 -17.82 104.12 43.11
CA TYR S 604 -17.51 103.86 41.70
C TYR S 604 -16.96 102.46 41.45
N TRP S 605 -16.13 101.92 42.36
CA TRP S 605 -15.69 100.53 42.28
C TRP S 605 -16.88 99.56 42.31
N LYS S 606 -17.85 99.76 43.22
CA LYS S 606 -19.07 98.94 43.28
C LYS S 606 -19.90 99.01 41.99
N LYS S 607 -19.91 100.15 41.29
CA LYS S 607 -20.59 100.30 39.99
C LYS S 607 -19.80 99.69 38.83
N LEU S 608 -18.47 99.62 38.95
CA LEU S 608 -17.59 99.05 37.95
C LEU S 608 -17.56 97.50 37.97
N LEU S 609 -17.62 96.87 39.15
CA LEU S 609 -17.54 95.40 39.29
C LEU S 609 -18.52 94.63 38.35
N PRO S 610 -19.82 94.99 38.25
CA PRO S 610 -20.73 94.32 37.32
C PRO S 610 -20.35 94.51 35.84
N LEU S 611 -19.67 95.59 35.48
CA LEU S 611 -19.18 95.81 34.11
C LEU S 611 -17.94 94.96 33.82
N LEU S 612 -17.07 94.77 34.81
CA LEU S 612 -15.93 93.85 34.71
C LEU S 612 -16.38 92.40 34.51
N ASP S 613 -17.47 91.99 35.18
CA ASP S 613 -18.11 90.68 34.95
C ASP S 613 -18.60 90.53 33.50
N LEU S 614 -19.17 91.59 32.90
CA LEU S 614 -19.57 91.58 31.49
C LEU S 614 -18.35 91.43 30.56
N VAL S 615 -17.25 92.15 30.85
CA VAL S 615 -15.99 92.05 30.08
C VAL S 615 -15.39 90.64 30.18
N LYS S 616 -15.40 90.03 31.38
CA LYS S 616 -14.99 88.64 31.61
C LYS S 616 -15.82 87.64 30.82
N GLN S 617 -17.13 87.90 30.70
CA GLN S 617 -18.06 87.14 29.85
C GLN S 617 -17.95 87.50 28.35
N LYS S 618 -17.03 88.39 27.96
CA LYS S 618 -16.84 88.90 26.59
C LYS S 618 -18.10 89.53 25.99
N LYS S 619 -18.95 90.12 26.85
CA LYS S 619 -20.14 90.87 26.43
C LYS S 619 -19.77 92.33 26.17
N SER S 620 -20.39 92.92 25.15
CA SER S 620 -20.20 94.34 24.82
C SER S 620 -20.88 95.24 25.85
N ILE S 621 -20.25 96.38 26.12
CA ILE S 621 -20.79 97.40 27.02
C ILE S 621 -21.69 98.34 26.21
N PRO S 622 -22.92 98.67 26.70
CA PRO S 622 -23.82 99.57 25.98
C PRO S 622 -23.26 100.99 25.86
N GLU S 623 -23.20 101.50 24.64
CA GLU S 623 -22.78 102.87 24.32
C GLU S 623 -24.00 103.77 23.99
N PRO S 624 -24.17 104.92 24.67
CA PRO S 624 -25.22 105.88 24.33
C PRO S 624 -25.00 106.54 22.96
N VAL S 625 -26.09 106.89 22.25
CA VAL S 625 -26.02 107.59 20.95
C VAL S 625 -25.36 108.97 21.05
N ASP S 626 -25.62 109.69 22.14
CA ASP S 626 -24.99 110.97 22.46
C ASP S 626 -24.47 110.86 23.91
N PRO S 627 -23.21 110.44 24.14
CA PRO S 627 -22.68 110.27 25.48
C PRO S 627 -22.10 111.58 26.04
N LEU S 628 -22.24 111.80 27.35
CA LEU S 628 -21.61 112.95 28.03
C LEU S 628 -20.07 112.90 27.94
N PHE S 629 -19.50 111.69 27.98
CA PHE S 629 -18.08 111.41 27.80
C PHE S 629 -17.92 110.40 26.66
N LYS S 630 -17.17 110.77 25.63
CA LYS S 630 -16.95 109.91 24.45
C LYS S 630 -16.28 108.60 24.86
N HIS S 631 -16.67 107.50 24.22
CA HIS S 631 -16.03 106.20 24.39
C HIS S 631 -14.80 106.12 23.49
N PHE S 632 -13.67 105.73 24.08
CA PHE S 632 -12.41 105.56 23.35
C PHE S 632 -12.01 104.08 23.38
N HIS S 633 -12.18 103.39 22.25
CA HIS S 633 -11.95 101.94 22.17
C HIS S 633 -10.48 101.52 22.42
N ASN S 634 -9.53 102.45 22.27
CA ASN S 634 -8.11 102.23 22.63
C ASN S 634 -7.89 102.06 24.15
N LYS S 635 -8.87 102.45 24.98
CA LYS S 635 -8.88 102.32 26.45
C LYS S 635 -9.92 101.32 26.97
N ASP S 636 -10.50 100.50 26.09
CA ASP S 636 -11.38 99.42 26.54
C ASP S 636 -10.60 98.42 27.40
N ILE S 637 -11.18 98.08 28.56
CA ILE S 637 -10.55 97.18 29.55
C ILE S 637 -10.38 95.79 28.94
N LYS S 638 -9.15 95.27 28.98
CA LYS S 638 -8.85 93.93 28.48
C LYS S 638 -9.16 92.89 29.56
N VAL S 639 -9.53 91.68 29.13
CA VAL S 639 -9.82 90.56 30.06
C VAL S 639 -8.62 90.24 30.98
N SER S 640 -7.39 90.47 30.53
CA SER S 640 -6.18 90.29 31.34
C SER S 640 -6.06 91.28 32.50
N GLU S 641 -6.60 92.49 32.36
CA GLU S 641 -6.50 93.57 33.35
C GLU S 641 -7.62 93.49 34.41
N VAL S 642 -8.64 92.64 34.18
CA VAL S 642 -9.82 92.55 35.06
C VAL S 642 -9.44 92.12 36.47
N LYS S 643 -8.53 91.16 36.63
CA LYS S 643 -8.10 90.68 37.95
C LYS S 643 -7.40 91.78 38.75
N ASP S 644 -6.49 92.51 38.12
CA ASP S 644 -5.75 93.60 38.78
C ASP S 644 -6.71 94.72 39.26
N LEU S 645 -7.77 94.98 38.50
CA LEU S 645 -8.82 95.94 38.87
C LEU S 645 -9.74 95.42 39.98
N GLU S 646 -10.04 94.12 40.01
CA GLU S 646 -10.77 93.48 41.11
C GLU S 646 -9.96 93.58 42.42
N ASP S 647 -8.65 93.32 42.35
CA ASP S 647 -7.73 93.44 43.50
C ASP S 647 -7.63 94.91 43.97
N GLU S 648 -7.56 95.87 43.04
CA GLU S 648 -7.57 97.32 43.36
C GLU S 648 -8.88 97.77 44.02
N ALA S 649 -10.03 97.23 43.57
CA ALA S 649 -11.32 97.47 44.21
C ALA S 649 -11.36 96.94 45.64
N CYS S 650 -10.84 95.73 45.88
CA CYS S 650 -10.74 95.13 47.21
C CYS S 650 -9.84 95.95 48.14
N ILE S 651 -8.70 96.45 47.64
CA ILE S 651 -7.81 97.37 48.38
C ILE S 651 -8.58 98.63 48.77
N ALA S 652 -9.33 99.25 47.85
CA ALA S 652 -10.11 100.45 48.15
C ALA S 652 -11.21 100.18 49.21
N PHE S 653 -11.84 99.00 49.20
CA PHE S 653 -12.82 98.61 50.22
C PHE S 653 -12.15 98.46 51.59
N ALA S 654 -11.01 97.77 51.66
CA ALA S 654 -10.23 97.61 52.89
C ALA S 654 -9.73 98.97 53.43
N THR S 655 -9.29 99.88 52.55
CA THR S 655 -8.91 101.25 52.94
C THR S 655 -10.08 102.03 53.53
N LEU S 656 -11.30 101.90 52.97
CA LEU S 656 -12.48 102.54 53.54
C LEU S 656 -12.82 101.99 54.94
N ASP S 657 -12.75 100.67 55.12
CA ASP S 657 -12.98 100.05 56.44
C ASP S 657 -11.92 100.49 57.46
N LEU S 658 -10.65 100.66 57.03
CA LEU S 658 -9.58 101.24 57.85
C LEU S 658 -9.90 102.69 58.25
N VAL S 659 -10.31 103.54 57.30
CA VAL S 659 -10.70 104.94 57.57
C VAL S 659 -11.95 105.01 58.46
N ASP S 660 -12.88 104.06 58.36
CA ASP S 660 -14.05 103.97 59.25
C ASP S 660 -13.70 103.49 60.67
N GLY S 661 -12.46 103.08 60.92
CA GLY S 661 -11.99 102.57 62.21
C GLY S 661 -12.27 101.08 62.45
N LYS S 662 -12.70 100.33 61.41
CA LYS S 662 -12.87 98.87 61.46
C LYS S 662 -11.56 98.19 61.08
N THR S 663 -10.56 98.33 61.95
CA THR S 663 -9.20 97.87 61.69
C THR S 663 -9.11 96.36 61.46
N GLU S 664 -9.87 95.56 62.19
CA GLU S 664 -9.84 94.10 62.07
C GLU S 664 -10.42 93.61 60.73
N ASP S 665 -11.56 94.17 60.32
CA ASP S 665 -12.17 93.86 59.01
C ASP S 665 -11.22 94.27 57.87
N ALA S 666 -10.53 95.40 58.02
CA ALA S 666 -9.54 95.87 57.05
C ALA S 666 -8.33 94.93 56.95
N ILE S 667 -7.81 94.41 58.08
CA ILE S 667 -6.70 93.44 58.09
C ILE S 667 -7.09 92.18 57.33
N ILE S 668 -8.25 91.59 57.65
CA ILE S 668 -8.75 90.38 56.96
C ILE S 668 -8.90 90.64 55.46
N ALA S 669 -9.44 91.80 55.07
CA ALA S 669 -9.61 92.15 53.67
C ALA S 669 -8.26 92.32 52.95
N PHE S 670 -7.27 93.01 53.55
CA PHE S 670 -5.94 93.16 52.93
C PHE S 670 -5.20 91.81 52.81
N GLU S 671 -5.25 90.96 53.84
CA GLU S 671 -4.64 89.63 53.81
C GLU S 671 -5.20 88.74 52.70
N SER S 672 -6.47 88.97 52.30
CA SER S 672 -7.12 88.22 51.23
C SER S 672 -6.62 88.56 49.81
N VAL S 673 -6.15 89.80 49.57
CA VAL S 673 -5.74 90.27 48.23
C VAL S 673 -4.34 89.77 47.84
N LYS S 674 -3.45 89.58 48.82
CA LYS S 674 -2.07 89.06 48.60
C LYS S 674 -1.29 89.81 47.51
N ASN S 675 -1.26 91.13 47.61
CA ASN S 675 -0.55 92.04 46.70
C ASN S 675 0.34 92.99 47.51
N VAL S 676 1.45 93.45 46.94
CA VAL S 676 2.37 94.46 47.50
C VAL S 676 1.68 95.66 48.12
N VAL S 677 0.64 96.22 47.47
CA VAL S 677 -0.10 97.36 48.02
C VAL S 677 -0.86 96.96 49.30
N ALA S 678 -1.40 95.75 49.35
CA ALA S 678 -2.07 95.23 50.54
C ALA S 678 -1.06 94.95 51.67
N TYR S 679 0.10 94.35 51.37
CA TYR S 679 1.17 94.15 52.35
C TYR S 679 1.70 95.46 52.91
N TRP S 680 1.82 96.50 52.07
CA TRP S 680 2.21 97.83 52.53
C TRP S 680 1.18 98.43 53.52
N ASN S 681 -0.11 98.34 53.19
CA ASN S 681 -1.16 98.79 54.11
C ASN S 681 -1.18 97.97 55.41
N LEU S 682 -0.96 96.65 55.34
CA LEU S 682 -0.83 95.80 56.53
C LEU S 682 0.36 96.22 57.41
N ALA S 683 1.53 96.45 56.81
CA ALA S 683 2.71 96.95 57.52
C ALA S 683 2.41 98.27 58.24
N LEU S 684 1.77 99.24 57.56
CA LEU S 684 1.37 100.51 58.17
C LEU S 684 0.37 100.33 59.32
N ILE S 685 -0.59 99.41 59.21
CA ILE S 685 -1.55 99.13 60.29
C ILE S 685 -0.81 98.58 61.51
N TYR S 686 0.07 97.59 61.33
CA TYR S 686 0.80 96.98 62.44
C TYR S 686 1.83 97.93 63.06
N GLN S 687 2.47 98.79 62.26
CA GLN S 687 3.33 99.85 62.78
C GLN S 687 2.53 100.81 63.67
N ARG S 688 1.37 101.30 63.21
CA ARG S 688 0.52 102.18 64.02
C ARG S 688 0.00 101.49 65.28
N LYS S 689 -0.38 100.20 65.20
CA LYS S 689 -0.74 99.41 66.39
C LYS S 689 0.42 99.35 67.39
N ALA S 690 1.65 99.16 66.93
CA ALA S 690 2.83 99.16 67.79
C ALA S 690 3.07 100.55 68.45
N GLU S 691 2.97 101.64 67.68
CA GLU S 691 3.10 103.02 68.18
C GLU S 691 2.00 103.40 69.20
N GLU S 692 0.79 102.85 69.07
CA GLU S 692 -0.28 103.04 70.06
C GLU S 692 0.00 102.30 71.38
N ILE S 693 0.67 101.15 71.30
CA ILE S 693 1.09 100.38 72.47
C ILE S 693 2.32 101.03 73.12
N GLU S 694 3.21 101.68 72.37
CA GLU S 694 4.42 102.34 72.90
C GLU S 694 4.08 103.51 73.85
N ASN S 695 3.87 103.18 75.14
CA ASN S 695 3.88 104.11 76.27
C ASN S 695 4.98 103.67 77.24
N ASP S 696 5.72 104.59 77.85
CA ASP S 696 6.97 104.36 78.59
C ASP S 696 6.94 103.37 79.79
N CYS S 697 5.82 102.71 80.11
CA CYS S 697 5.69 101.75 81.23
C CYS S 697 4.69 100.61 80.93
N LEU S 698 4.99 99.73 79.96
CA LEU S 698 4.08 98.66 79.55
C LEU S 698 4.05 97.45 80.51
N PRO S 699 2.86 96.92 80.86
CA PRO S 699 2.69 95.57 81.39
C PRO S 699 3.26 94.50 80.43
N ALA S 700 3.66 93.34 80.96
CA ALA S 700 4.26 92.25 80.17
C ALA S 700 3.38 91.77 79.01
N GLU S 701 2.06 91.73 79.19
CA GLU S 701 1.09 91.37 78.13
C GLU S 701 1.14 92.38 76.97
N GLU S 702 1.19 93.68 77.27
CA GLU S 702 1.30 94.75 76.25
C GLU S 702 2.67 94.74 75.56
N GLN S 703 3.73 94.31 76.26
CA GLN S 703 5.05 94.13 75.66
C GLN S 703 5.09 92.97 74.65
N GLU S 704 4.39 91.87 74.91
CA GLU S 704 4.25 90.75 73.95
C GLU S 704 3.45 91.18 72.72
N GLU S 705 2.33 91.89 72.90
CA GLU S 705 1.53 92.42 71.79
C GLU S 705 2.30 93.41 70.92
N PHE S 706 3.11 94.28 71.54
CA PHE S 706 4.00 95.21 70.85
C PHE S 706 5.01 94.47 69.95
N GLN S 707 5.67 93.46 70.51
CA GLN S 707 6.65 92.64 69.78
C GLN S 707 5.98 91.85 68.64
N GLU S 708 4.79 91.29 68.87
CA GLU S 708 4.01 90.60 67.82
C GLU S 708 3.65 91.54 66.67
N CYS S 709 3.23 92.77 66.97
CA CYS S 709 2.92 93.78 65.95
C CYS S 709 4.16 94.12 65.12
N LEU S 710 5.32 94.33 65.76
CA LEU S 710 6.57 94.61 65.05
C LEU S 710 7.04 93.41 64.20
N LEU S 711 6.89 92.17 64.67
CA LEU S 711 7.20 90.97 63.91
C LEU S 711 6.30 90.84 62.67
N LYS S 712 5.00 91.10 62.81
CA LYS S 712 4.06 91.13 61.69
C LYS S 712 4.41 92.23 60.68
N CYS S 713 4.74 93.42 61.16
CA CYS S 713 5.22 94.52 60.32
C CYS S 713 6.49 94.12 59.53
N LYS S 714 7.53 93.59 60.22
CA LYS S 714 8.76 93.06 59.60
C LYS S 714 8.45 92.00 58.54
N GLY S 715 7.51 91.09 58.82
CA GLY S 715 7.07 90.04 57.91
C GLY S 715 6.52 90.59 56.60
N PHE S 716 5.56 91.52 56.65
CA PHE S 716 4.98 92.12 55.45
C PHE S 716 5.97 93.00 54.69
N LEU S 717 6.80 93.78 55.37
CA LEU S 717 7.85 94.57 54.73
C LEU S 717 8.86 93.68 54.00
N LYS S 718 9.25 92.55 54.60
CA LYS S 718 10.13 91.57 53.97
C LYS S 718 9.48 90.96 52.71
N MET S 719 8.20 90.62 52.76
CA MET S 719 7.47 90.14 51.58
C MET S 719 7.52 91.14 50.42
N ILE S 720 7.38 92.44 50.70
CA ILE S 720 7.50 93.50 49.68
C ILE S 720 8.92 93.52 49.08
N CYS S 721 9.96 93.45 49.92
CA CYS S 721 11.35 93.42 49.47
C CYS S 721 11.65 92.16 48.63
N ASP S 722 11.15 91.00 49.05
CA ASP S 722 11.32 89.73 48.34
C ASP S 722 10.63 89.79 46.97
N GLU S 723 9.40 90.31 46.88
CA GLU S 723 8.71 90.50 45.60
C GLU S 723 9.41 91.52 44.70
N TYR S 724 9.88 92.65 45.25
CA TYR S 724 10.65 93.64 44.50
C TYR S 724 11.96 93.06 43.94
N SER S 725 12.64 92.22 44.72
CA SER S 725 13.86 91.54 44.28
C SER S 725 13.61 90.56 43.12
N ALA S 726 12.43 89.93 43.08
CA ALA S 726 12.02 89.06 41.98
C ALA S 726 11.56 89.85 40.75
N TYR S 727 10.83 90.95 40.94
CA TYR S 727 10.25 91.76 39.86
C TYR S 727 10.38 93.27 40.15
N PRO S 728 11.46 93.92 39.68
CA PRO S 728 11.69 95.35 39.90
C PRO S 728 10.60 96.27 39.33
N SER S 729 9.77 95.78 38.39
CA SER S 729 8.62 96.50 37.85
C SER S 729 7.57 96.89 38.89
N ILE S 730 7.55 96.20 40.04
CA ILE S 730 6.63 96.44 41.15
C ILE S 730 6.82 97.84 41.76
N ALA S 731 7.99 98.46 41.62
CA ALA S 731 8.22 99.84 42.07
C ALA S 731 7.18 100.84 41.55
N THR S 732 6.59 100.58 40.37
CA THR S 732 5.54 101.45 39.81
C THR S 732 4.16 101.27 40.46
N SER S 733 3.93 100.11 41.09
CA SER S 733 2.68 99.79 41.80
C SER S 733 2.71 100.19 43.27
N LEU S 734 3.90 100.32 43.85
CA LEU S 734 4.07 100.72 45.24
C LEU S 734 3.57 102.16 45.46
N PRO S 735 2.79 102.43 46.53
CA PRO S 735 2.34 103.78 46.85
C PRO S 735 3.46 104.75 47.24
N VAL S 736 4.61 104.21 47.67
CA VAL S 736 5.78 104.95 48.15
C VAL S 736 7.03 104.50 47.40
N PRO S 737 8.09 105.33 47.34
CA PRO S 737 9.39 104.89 46.86
C PRO S 737 9.88 103.66 47.64
N VAL S 738 10.59 102.76 46.96
CA VAL S 738 11.06 101.51 47.58
C VAL S 738 12.05 101.81 48.71
N GLU S 739 12.76 102.93 48.63
CA GLU S 739 13.66 103.44 49.67
C GLU S 739 12.93 103.63 51.00
N THR S 740 11.69 104.15 50.98
CA THR S 740 10.87 104.32 52.20
C THR S 740 10.50 102.97 52.83
N VAL S 741 10.30 101.93 52.01
CA VAL S 741 10.05 100.57 52.50
C VAL S 741 11.29 100.02 53.19
N PHE S 742 12.47 100.23 52.62
CA PHE S 742 13.74 99.82 53.23
C PHE S 742 14.05 100.58 54.52
N GLU S 743 13.86 101.90 54.54
CA GLU S 743 14.03 102.74 55.75
C GLU S 743 13.12 102.27 56.89
N MET S 744 11.85 101.97 56.60
CA MET S 744 10.90 101.44 57.58
C MET S 744 11.27 100.04 58.04
N LEU S 745 11.75 99.18 57.14
CA LEU S 745 12.21 97.84 57.51
C LEU S 745 13.42 97.90 58.45
N ASP S 746 14.36 98.81 58.19
CA ASP S 746 15.55 98.98 59.03
C ASP S 746 15.21 99.62 60.38
N SER S 747 14.25 100.56 60.45
CA SER S 747 13.77 101.09 61.74
C SER S 747 13.09 100.00 62.58
N VAL S 748 12.26 99.16 61.97
CA VAL S 748 11.59 98.04 62.67
C VAL S 748 12.61 97.01 63.16
N LYS S 749 13.67 96.71 62.39
CA LYS S 749 14.78 95.85 62.85
C LYS S 749 15.50 96.45 64.06
N GLN S 750 15.76 97.76 64.05
CA GLN S 750 16.40 98.44 65.19
C GLN S 750 15.53 98.37 66.45
N SER S 751 14.22 98.55 66.33
CA SER S 751 13.28 98.45 67.47
C SER S 751 13.10 97.04 68.02
N LEU S 752 13.17 96.00 67.16
CA LEU S 752 13.13 94.60 67.59
C LEU S 752 14.42 94.15 68.31
N GLY S 753 15.55 94.84 68.05
CA GLY S 753 16.86 94.47 68.56
C GLY S 753 17.43 93.20 67.90
N GLU S 754 18.76 93.03 67.96
CA GLU S 754 19.48 91.92 67.31
C GLU S 754 19.11 90.52 67.86
N ALA S 755 18.47 90.44 69.03
CA ALA S 755 18.30 89.18 69.78
C ALA S 755 17.25 88.21 69.20
N MET S 756 16.44 88.62 68.22
CA MET S 756 15.33 87.82 67.67
C MET S 756 15.52 87.39 66.21
N ASP S 757 16.69 87.63 65.60
CA ASP S 757 16.90 87.37 64.17
C ASP S 757 16.83 85.88 63.75
N ASP S 758 16.92 84.94 64.69
CA ASP S 758 17.02 83.49 64.38
C ASP S 758 15.75 82.65 64.63
N HIS S 759 14.66 83.22 65.16
CA HIS S 759 13.42 82.47 65.40
C HIS S 759 12.27 83.04 64.58
N SER S 760 12.16 82.60 63.33
CA SER S 760 10.95 82.81 62.53
C SER S 760 9.92 81.72 62.87
N PRO S 761 8.83 82.01 63.61
CA PRO S 761 7.70 81.09 63.62
C PRO S 761 7.03 81.17 62.25
N ALA S 762 6.69 80.03 61.68
CA ALA S 762 6.04 79.89 60.38
C ALA S 762 4.84 80.83 60.23
N PHE S 763 5.07 81.98 59.59
CA PHE S 763 4.21 83.17 59.58
C PHE S 763 2.81 82.94 58.98
N MET S 764 2.59 81.84 58.27
CA MET S 764 1.32 81.57 57.57
C MET S 764 0.68 80.19 57.82
N GLU S 765 1.19 79.33 58.71
CA GLU S 765 0.62 77.97 58.81
C GLU S 765 -0.67 77.84 59.64
N ASN S 766 -1.07 78.81 60.47
CA ASN S 766 -2.17 78.58 61.44
C ASN S 766 -3.51 79.32 61.24
N HIS S 767 -3.78 79.99 60.12
CA HIS S 767 -5.12 80.55 59.84
C HIS S 767 -5.77 79.94 58.60
N SER S 768 -6.00 78.62 58.66
CA SER S 768 -6.84 77.87 57.71
C SER S 768 -8.20 77.50 58.32
N VAL S 769 -8.89 78.41 59.00
CA VAL S 769 -10.28 78.19 59.43
C VAL S 769 -11.08 79.49 59.41
N LEU S 770 -11.78 79.76 58.30
CA LEU S 770 -13.18 80.21 58.28
C LEU S 770 -13.65 80.34 56.83
N THR S 771 -14.36 79.29 56.43
CA THR S 771 -15.22 79.16 55.24
C THR S 771 -16.04 80.41 54.92
N THR S 772 -15.85 80.90 53.69
CA THR S 772 -16.85 81.51 52.78
C THR S 772 -18.19 81.92 53.41
N SER S 773 -18.23 83.11 54.02
CA SER S 773 -19.47 83.87 54.12
C SER S 773 -19.21 85.23 53.50
N ALA S 774 -19.85 85.49 52.35
CA ALA S 774 -19.76 86.73 51.60
C ALA S 774 -19.85 87.95 52.54
N ILE S 775 -18.70 88.60 52.79
CA ILE S 775 -18.60 89.78 53.64
C ILE S 775 -19.38 90.88 52.93
N LYS S 776 -20.57 91.18 53.45
CA LYS S 776 -21.43 92.22 52.92
C LYS S 776 -20.88 93.56 53.43
N HIS S 777 -20.17 94.29 52.57
CA HIS S 777 -19.82 95.69 52.81
C HIS S 777 -21.09 96.56 52.76
N SER S 778 -21.89 96.54 53.83
CA SER S 778 -23.10 97.35 53.97
C SER S 778 -22.73 98.78 54.37
N THR S 779 -23.14 99.76 53.58
CA THR S 779 -23.28 101.15 54.04
C THR S 779 -24.56 101.24 54.89
N PRO S 780 -24.57 101.97 56.01
CA PRO S 780 -25.72 102.01 56.89
C PRO S 780 -26.88 102.75 56.20
N SER S 781 -28.00 102.06 56.03
CA SER S 781 -29.29 102.69 55.75
C SER S 781 -29.68 103.60 56.93
N PRO S 782 -30.42 104.69 56.71
CA PRO S 782 -30.59 105.77 57.69
C PRO S 782 -31.57 105.34 58.80
N THR S 783 -31.06 104.67 59.82
CA THR S 783 -31.85 104.35 61.02
C THR S 783 -31.68 105.47 62.03
N LYS S 784 -32.81 105.96 62.54
CA LYS S 784 -32.95 107.05 63.51
C LYS S 784 -31.94 106.93 64.66
N LEU S 785 -31.23 108.04 64.89
CA LEU S 785 -30.36 108.33 66.04
C LEU S 785 -30.92 107.69 67.32
N THR S 786 -30.29 106.60 67.77
CA THR S 786 -30.33 106.21 69.18
C THR S 786 -28.91 106.37 69.71
N ILE S 787 -28.78 107.34 70.60
CA ILE S 787 -27.55 107.71 71.28
C ILE S 787 -27.29 106.64 72.33
N SER S 788 -26.31 105.77 72.11
CA SER S 788 -25.69 104.97 73.16
C SER S 788 -24.26 105.49 73.37
N PRO S 789 -23.97 106.17 74.49
CA PRO S 789 -22.66 106.74 74.74
C PRO S 789 -21.79 105.72 75.49
N SER S 790 -20.93 104.98 74.79
CA SER S 790 -19.88 104.18 75.46
C SER S 790 -18.71 103.69 74.60
N LYS S 791 -18.44 104.29 73.42
CA LYS S 791 -17.16 104.08 72.72
C LYS S 791 -16.65 105.41 72.16
N SER S 792 -15.76 106.06 72.91
CA SER S 792 -14.94 107.15 72.40
C SER S 792 -14.13 106.63 71.21
N ALA S 793 -14.23 107.29 70.06
CA ALA S 793 -13.48 106.94 68.86
C ALA S 793 -11.97 106.92 69.20
N ARG S 794 -11.34 105.74 69.09
CA ARG S 794 -9.92 105.52 69.42
C ARG S 794 -8.94 106.09 68.39
N PHE S 795 -9.42 106.68 67.30
CA PHE S 795 -8.57 107.07 66.17
C PHE S 795 -8.45 108.60 66.06
N SER S 796 -7.40 109.15 66.68
CA SER S 796 -6.98 110.54 66.50
C SER S 796 -5.99 110.59 65.32
N PRO S 797 -6.12 111.55 64.38
CA PRO S 797 -5.16 111.68 63.28
C PRO S 797 -3.87 112.32 63.82
N LYS S 798 -2.91 111.50 64.28
CA LYS S 798 -1.53 111.93 64.50
C LYS S 798 -0.72 111.76 63.20
N MET T 1 -12.61 54.42 -46.30
CA MET T 1 -12.50 53.36 -47.33
C MET T 1 -13.14 52.09 -46.80
N ARG T 2 -14.21 51.57 -47.42
CA ARG T 2 -14.75 50.24 -47.06
C ARG T 2 -13.76 49.19 -47.53
N ARG T 3 -13.32 48.30 -46.63
CA ARG T 3 -12.46 47.17 -47.01
C ARG T 3 -13.26 46.21 -47.89
N SER T 4 -12.67 45.75 -48.98
CA SER T 4 -13.32 44.77 -49.85
C SER T 4 -13.43 43.40 -49.15
N LYS T 5 -14.40 42.58 -49.56
CA LYS T 5 -14.53 41.18 -49.07
C LYS T 5 -13.21 40.41 -49.19
N ALA T 6 -12.52 40.58 -50.32
CA ALA T 6 -11.25 39.92 -50.59
C ALA T 6 -10.12 40.39 -49.65
N GLU T 7 -10.05 41.69 -49.34
CA GLU T 7 -9.10 42.21 -48.33
C GLU T 7 -9.37 41.65 -46.94
N ILE T 8 -10.65 41.63 -46.52
CA ILE T 8 -11.04 41.07 -45.23
C ILE T 8 -10.70 39.59 -45.18
N GLN T 9 -11.04 38.83 -46.22
CA GLN T 9 -10.76 37.40 -46.27
C GLN T 9 -9.26 37.10 -46.22
N ARG T 10 -8.42 37.83 -46.98
CA ARG T 10 -6.95 37.73 -46.88
C ARG T 10 -6.44 38.04 -45.48
N TYR T 11 -6.99 39.07 -44.82
CA TYR T 11 -6.64 39.41 -43.45
C TYR T 11 -7.03 38.30 -42.47
N VAL T 12 -8.23 37.74 -42.61
CA VAL T 12 -8.72 36.62 -41.80
C VAL T 12 -7.86 35.38 -42.00
N GLU T 13 -7.56 35.00 -43.24
CA GLU T 13 -6.71 33.85 -43.58
C GLU T 13 -5.30 34.00 -42.99
N ASN T 14 -4.66 35.17 -43.14
CA ASN T 14 -3.37 35.47 -42.52
C ASN T 14 -3.42 35.41 -40.98
N ALA T 15 -4.48 35.95 -40.38
CA ALA T 15 -4.68 35.95 -38.94
C ALA T 15 -4.99 34.54 -38.38
N GLN T 16 -5.58 33.66 -39.20
CA GLN T 16 -5.85 32.26 -38.89
C GLN T 16 -4.62 31.36 -39.11
N ASN T 17 -3.78 31.64 -40.10
CA ASN T 17 -2.53 30.91 -40.35
C ASN T 17 -1.46 31.18 -39.30
N SER T 18 -1.46 32.38 -38.73
CA SER T 18 -0.55 32.77 -37.62
C SER T 18 -0.96 32.24 -36.25
N ALA T 19 -2.18 31.74 -36.09
CA ALA T 19 -2.67 31.26 -34.80
C ALA T 19 -2.23 29.81 -34.54
N SER T 20 -1.65 29.59 -33.36
CA SER T 20 -1.00 28.34 -32.94
C SER T 20 -2.00 27.23 -32.60
N SER T 21 -3.19 27.60 -32.12
CA SER T 21 -4.22 26.67 -31.68
C SER T 21 -5.59 26.98 -32.29
N PRO T 22 -6.49 25.98 -32.43
CA PRO T 22 -7.88 26.21 -32.84
C PRO T 22 -8.60 27.21 -31.93
N ARG T 23 -8.31 27.18 -30.63
CA ARG T 23 -8.85 28.12 -29.64
C ARG T 23 -8.42 29.56 -29.93
N GLU T 24 -7.16 29.77 -30.28
CA GLU T 24 -6.65 31.11 -30.63
C GLU T 24 -7.28 31.64 -31.92
N LYS T 25 -7.56 30.79 -32.91
CA LYS T 25 -8.30 31.16 -34.14
C LYS T 25 -9.71 31.66 -33.80
N SER T 26 -10.44 30.91 -32.97
CA SER T 26 -11.78 31.26 -32.53
C SER T 26 -11.82 32.53 -31.68
N MET T 27 -10.81 32.78 -30.83
CA MET T 27 -10.71 34.03 -30.04
C MET T 27 -10.66 35.30 -30.91
N LYS T 28 -10.12 35.23 -32.13
CA LYS T 28 -10.13 36.36 -33.08
C LYS T 28 -11.47 36.50 -33.83
N GLY T 29 -12.39 35.55 -33.68
CA GLY T 29 -13.64 35.46 -34.43
C GLY T 29 -14.57 36.67 -34.26
N PHE T 30 -14.61 37.31 -33.08
CA PHE T 30 -15.42 38.51 -32.87
C PHE T 30 -14.95 39.71 -33.72
N LEU T 31 -13.63 39.90 -33.84
CA LEU T 31 -13.06 40.94 -34.70
C LEU T 31 -13.39 40.67 -36.17
N PHE T 32 -13.25 39.42 -36.61
CA PHE T 32 -13.60 39.02 -37.97
C PHE T 32 -15.08 39.25 -38.25
N ALA T 33 -15.95 38.94 -37.29
CA ALA T 33 -17.39 39.15 -37.42
C ALA T 33 -17.73 40.63 -37.61
N ARG T 34 -17.08 41.53 -36.87
CA ARG T 34 -17.26 42.98 -37.03
C ARG T 34 -16.78 43.48 -38.39
N LEU T 35 -15.64 42.98 -38.87
CA LEU T 35 -15.14 43.32 -40.22
C LEU T 35 -16.11 42.85 -41.31
N TYR T 36 -16.62 41.62 -41.23
CA TYR T 36 -17.61 41.11 -42.17
C TYR T 36 -18.92 41.89 -42.13
N TYR T 37 -19.36 42.33 -40.94
CA TYR T 37 -20.53 43.18 -40.80
C TYR T 37 -20.36 44.56 -41.46
N GLU T 38 -19.20 45.20 -41.28
CA GLU T 38 -18.87 46.46 -41.97
C GLU T 38 -18.84 46.31 -43.50
N ALA T 39 -18.54 45.10 -43.98
CA ALA T 39 -18.64 44.71 -45.39
C ALA T 39 -20.03 44.21 -45.84
N LYS T 40 -21.05 44.22 -44.96
CA LYS T 40 -22.40 43.70 -45.20
C LYS T 40 -22.46 42.20 -45.54
N GLU T 41 -21.43 41.44 -45.21
CA GLU T 41 -21.36 39.98 -45.39
C GLU T 41 -21.89 39.26 -44.14
N TYR T 42 -23.21 39.36 -43.91
CA TYR T 42 -23.84 38.93 -42.65
C TYR T 42 -23.68 37.43 -42.35
N GLU T 43 -23.71 36.56 -43.37
CA GLU T 43 -23.49 35.12 -43.20
C GLU T 43 -22.09 34.79 -42.67
N LEU T 44 -21.05 35.45 -43.20
CA LEU T 44 -19.67 35.28 -42.74
C LEU T 44 -19.48 35.88 -41.34
N ALA T 45 -20.15 36.99 -41.06
CA ALA T 45 -20.17 37.59 -39.73
C ALA T 45 -20.76 36.62 -38.70
N LYS T 46 -21.91 35.99 -39.00
CA LYS T 46 -22.55 34.98 -38.14
C LYS T 46 -21.62 33.79 -37.88
N ARG T 47 -21.01 33.22 -38.93
CA ARG T 47 -20.08 32.10 -38.75
C ARG T 47 -18.89 32.48 -37.86
N SER T 48 -18.35 33.68 -38.05
CA SER T 48 -17.20 34.18 -37.30
C SER T 48 -17.54 34.44 -35.82
N VAL T 49 -18.70 35.04 -35.53
CA VAL T 49 -19.14 35.27 -34.15
C VAL T 49 -19.58 33.97 -33.48
N SER T 50 -20.23 33.03 -34.19
CA SER T 50 -20.59 31.73 -33.64
C SER T 50 -19.36 30.90 -33.26
N SER T 51 -18.30 30.95 -34.09
CA SER T 51 -17.00 30.33 -33.77
C SER T 51 -16.32 31.00 -32.57
N TYR T 52 -16.54 32.29 -32.35
CA TYR T 52 -16.05 32.98 -31.15
C TYR T 52 -16.87 32.60 -29.91
N ILE T 53 -18.20 32.58 -30.01
CA ILE T 53 -19.12 32.23 -28.91
C ILE T 53 -18.85 30.80 -28.43
N SER T 54 -18.49 29.85 -29.30
CA SER T 54 -18.16 28.48 -28.88
C SER T 54 -16.90 28.37 -28.00
N VAL T 55 -16.06 29.41 -27.96
CA VAL T 55 -14.88 29.49 -27.06
C VAL T 55 -15.12 30.44 -25.90
N GLN T 56 -15.85 31.53 -26.12
CA GLN T 56 -16.17 32.55 -25.13
C GLN T 56 -17.69 32.67 -24.95
N GLU T 57 -18.30 31.61 -24.41
CA GLU T 57 -19.76 31.52 -24.26
C GLU T 57 -20.35 32.58 -23.32
N ARG T 58 -19.54 33.14 -22.41
CA ARG T 58 -19.96 34.11 -21.40
C ARG T 58 -19.71 35.58 -21.78
N ASP T 59 -19.40 35.87 -23.05
CA ASP T 59 -19.25 37.25 -23.53
C ASP T 59 -20.61 37.85 -23.98
N PRO T 60 -21.19 38.82 -23.24
CA PRO T 60 -22.48 39.43 -23.60
C PRO T 60 -22.42 40.17 -24.94
N LYS T 61 -21.26 40.76 -25.30
CA LYS T 61 -21.12 41.55 -26.53
C LYS T 61 -21.27 40.68 -27.77
N ALA T 62 -20.74 39.46 -27.72
CA ALA T 62 -20.86 38.50 -28.80
C ALA T 62 -22.31 38.04 -29.01
N HIS T 63 -23.03 37.72 -27.94
CA HIS T 63 -24.46 37.36 -28.02
C HIS T 63 -25.31 38.53 -28.51
N ARG T 64 -25.05 39.76 -28.05
CA ARG T 64 -25.70 40.97 -28.57
C ARG T 64 -25.45 41.12 -30.07
N PHE T 65 -24.21 41.00 -30.50
CA PHE T 65 -23.85 41.15 -31.92
C PHE T 65 -24.48 40.06 -32.80
N LEU T 66 -24.53 38.81 -32.32
CA LEU T 66 -25.23 37.73 -33.00
C LEU T 66 -26.74 38.00 -33.11
N GLY T 67 -27.36 38.55 -32.06
CA GLY T 67 -28.75 38.99 -32.10
C GLY T 67 -29.01 40.07 -33.17
N GLN T 68 -28.10 41.05 -33.29
CA GLN T 68 -28.18 42.09 -34.33
C GLN T 68 -28.11 41.50 -35.74
N LEU T 69 -27.26 40.48 -35.96
CA LEU T 69 -27.18 39.80 -37.25
C LEU T 69 -28.47 39.06 -37.58
N PHE T 70 -29.07 38.36 -36.62
CA PHE T 70 -30.35 37.68 -36.83
C PHE T 70 -31.51 38.66 -37.05
N GLU T 71 -31.49 39.81 -36.38
CA GLU T 71 -32.50 40.85 -36.56
C GLU T 71 -32.47 41.43 -37.99
N ILE T 72 -31.28 41.68 -38.54
CA ILE T 72 -31.10 42.17 -39.92
C ILE T 72 -31.61 41.16 -40.96
N GLU T 73 -31.52 39.85 -40.67
CA GLU T 73 -32.07 38.79 -41.51
C GLU T 73 -33.58 38.62 -41.39
N GLY T 74 -34.24 39.34 -40.48
CA GLY T 74 -35.65 39.17 -40.17
C GLY T 74 -35.96 37.92 -39.34
N ASN T 75 -34.95 37.22 -38.81
CA ASN T 75 -35.15 36.09 -37.91
C ASN T 75 -35.34 36.55 -36.46
N VAL T 76 -36.51 37.13 -36.19
CA VAL T 76 -36.84 37.78 -34.93
C VAL T 76 -36.74 36.84 -33.73
N GLU T 77 -37.19 35.59 -33.83
CA GLU T 77 -37.17 34.65 -32.70
C GLU T 77 -35.73 34.28 -32.28
N LYS T 78 -34.82 34.04 -33.25
CA LYS T 78 -33.40 33.80 -32.96
C LYS T 78 -32.71 35.06 -32.41
N ALA T 79 -33.05 36.23 -32.93
CA ALA T 79 -32.54 37.50 -32.43
C ALA T 79 -32.91 37.70 -30.96
N VAL T 80 -34.20 37.53 -30.62
CA VAL T 80 -34.71 37.58 -29.25
C VAL T 80 -34.00 36.57 -28.34
N GLY T 81 -33.75 35.34 -28.80
CA GLY T 81 -32.98 34.34 -28.07
C GLY T 81 -31.55 34.80 -27.74
N CYS T 82 -30.83 35.34 -28.72
CA CYS T 82 -29.46 35.85 -28.55
C CYS T 82 -29.43 37.07 -27.61
N TYR T 83 -30.40 37.97 -27.73
CA TYR T 83 -30.53 39.12 -26.86
C TYR T 83 -30.86 38.75 -25.42
N LYS T 84 -31.77 37.78 -25.21
CA LYS T 84 -32.02 37.23 -23.86
C LYS T 84 -30.74 36.69 -23.24
N ARG T 85 -29.94 35.92 -24.00
CA ARG T 85 -28.67 35.39 -23.51
C ARG T 85 -27.66 36.49 -23.16
N SER T 86 -27.57 37.52 -23.97
CA SER T 86 -26.74 38.69 -23.67
C SER T 86 -27.20 39.42 -22.39
N LEU T 87 -28.52 39.58 -22.22
CA LEU T 87 -29.10 40.23 -21.04
C LEU T 87 -28.90 39.41 -19.76
N GLU T 88 -28.98 38.08 -19.85
CA GLU T 88 -28.68 37.16 -18.74
C GLU T 88 -27.23 37.28 -18.28
N LEU T 89 -26.28 37.37 -19.23
CA LEU T 89 -24.86 37.49 -18.93
C LEU T 89 -24.48 38.87 -18.39
N ASN T 90 -25.14 39.93 -18.87
CA ASN T 90 -24.96 41.28 -18.35
C ASN T 90 -26.31 42.04 -18.25
N PRO T 91 -26.94 42.02 -17.07
CA PRO T 91 -28.22 42.68 -16.81
C PRO T 91 -28.20 44.22 -16.87
N THR T 92 -27.02 44.86 -16.95
CA THR T 92 -26.94 46.33 -17.02
C THR T 92 -27.43 46.89 -18.35
N GLN T 93 -27.63 46.05 -19.36
CA GLN T 93 -28.08 46.42 -20.72
C GLN T 93 -29.59 46.68 -20.76
N LYS T 94 -30.03 47.82 -20.18
CA LYS T 94 -31.46 48.18 -20.11
C LYS T 94 -32.09 48.34 -21.49
N ASP T 95 -31.34 48.90 -22.45
CA ASP T 95 -31.76 49.10 -23.84
C ASP T 95 -32.18 47.79 -24.53
N LEU T 96 -31.51 46.69 -24.20
CA LEU T 96 -31.81 45.38 -24.75
C LEU T 96 -33.18 44.85 -24.28
N THR T 97 -33.59 45.20 -23.05
CA THR T 97 -34.92 44.82 -22.54
C THR T 97 -36.03 45.49 -23.35
N LEU T 98 -35.86 46.78 -23.70
CA LEU T 98 -36.78 47.50 -24.57
C LEU T 98 -36.81 46.88 -25.98
N ARG T 99 -35.63 46.62 -26.57
CA ARG T 99 -35.55 46.01 -27.92
C ARG T 99 -36.20 44.62 -27.98
N ILE T 100 -36.02 43.79 -26.95
CA ILE T 100 -36.70 42.48 -26.86
C ILE T 100 -38.22 42.66 -26.82
N ALA T 101 -38.73 43.60 -26.03
CA ALA T 101 -40.16 43.88 -25.96
C ALA T 101 -40.72 44.32 -27.33
N GLU T 102 -40.05 45.25 -28.01
CA GLU T 102 -40.41 45.71 -29.36
C GLU T 102 -40.47 44.55 -30.37
N LEU T 103 -39.44 43.70 -30.39
CA LEU T 103 -39.35 42.57 -31.31
C LEU T 103 -40.44 41.52 -31.05
N ILE T 104 -40.76 41.23 -29.79
CA ILE T 104 -41.83 40.28 -29.44
C ILE T 104 -43.19 40.84 -29.85
N CYS T 105 -43.49 42.11 -29.57
CA CYS T 105 -44.73 42.75 -30.00
C CYS T 105 -44.86 42.79 -31.53
N THR T 106 -43.75 43.00 -32.25
CA THR T 106 -43.73 42.97 -33.72
C THR T 106 -44.02 41.56 -34.27
N LEU T 107 -43.51 40.51 -33.61
CA LEU T 107 -43.69 39.13 -34.04
C LEU T 107 -45.11 38.62 -33.78
N ASN T 108 -45.56 38.70 -32.53
CA ASN T 108 -46.88 38.24 -32.12
C ASN T 108 -47.35 38.95 -30.84
N ILE T 109 -48.27 39.89 -31.00
CA ILE T 109 -48.89 40.65 -29.90
C ILE T 109 -49.62 39.73 -28.91
N LYS T 110 -50.17 38.60 -29.37
CA LYS T 110 -50.89 37.62 -28.53
C LYS T 110 -49.98 36.68 -27.74
N ASP T 111 -48.67 36.85 -27.87
CA ASP T 111 -47.68 36.07 -27.10
C ASP T 111 -47.68 36.54 -25.64
N GLY T 112 -47.98 35.65 -24.69
CA GLY T 112 -47.93 35.97 -23.26
C GLY T 112 -46.55 36.44 -22.76
N ARG T 113 -45.47 36.18 -23.52
CA ARG T 113 -44.14 36.75 -23.26
C ARG T 113 -44.13 38.26 -23.44
N ALA T 114 -44.96 38.81 -24.32
CA ALA T 114 -44.97 40.24 -24.65
C ALA T 114 -45.33 41.09 -23.42
N GLU T 115 -46.37 40.73 -22.68
CA GLU T 115 -46.76 41.41 -21.44
C GLU T 115 -45.62 41.44 -20.41
N TYR T 116 -44.94 40.30 -20.21
CA TYR T 116 -43.80 40.22 -19.29
C TYR T 116 -42.66 41.16 -19.69
N TRP T 117 -42.28 41.17 -20.98
CA TRP T 117 -41.16 42.01 -21.45
C TRP T 117 -41.51 43.49 -21.48
N VAL T 118 -42.74 43.85 -21.85
CA VAL T 118 -43.23 45.23 -21.81
C VAL T 118 -43.30 45.74 -20.38
N GLU T 119 -43.79 44.95 -19.43
CA GLU T 119 -43.84 45.35 -18.02
C GLU T 119 -42.44 45.45 -17.40
N ARG T 120 -41.53 44.54 -17.75
CA ARG T 120 -40.12 44.62 -17.36
C ARG T 120 -39.45 45.87 -17.94
N ALA T 121 -39.73 46.22 -19.20
CA ALA T 121 -39.24 47.44 -19.82
C ALA T 121 -39.84 48.69 -19.14
N SER T 122 -41.13 48.67 -18.79
CA SER T 122 -41.84 49.76 -18.11
C SER T 122 -41.20 50.12 -16.77
N LYS T 123 -40.71 49.13 -16.02
CA LYS T 123 -39.97 49.35 -14.76
C LYS T 123 -38.60 49.99 -14.98
N LEU T 124 -37.96 49.75 -16.13
CA LEU T 124 -36.65 50.29 -16.44
C LEU T 124 -36.70 51.71 -17.04
N PHE T 125 -37.75 52.01 -17.81
CA PHE T 125 -37.94 53.30 -18.46
C PHE T 125 -39.35 53.86 -18.18
N PRO T 126 -39.62 54.32 -16.95
CA PRO T 126 -40.92 54.88 -16.61
C PRO T 126 -41.24 56.08 -17.50
N GLY T 127 -42.46 56.10 -18.05
CA GLY T 127 -42.92 57.13 -18.96
C GLY T 127 -42.13 57.17 -20.27
N SER T 128 -41.61 56.09 -20.83
CA SER T 128 -41.07 56.13 -22.21
C SER T 128 -42.23 56.14 -23.23
N PRO T 129 -42.25 57.04 -24.24
CA PRO T 129 -43.27 57.02 -25.30
C PRO T 129 -43.32 55.67 -26.05
N GLU T 130 -42.16 55.03 -26.25
CA GLU T 130 -42.11 53.72 -26.91
C GLU T 130 -42.79 52.63 -26.08
N ILE T 131 -42.67 52.69 -24.75
CA ILE T 131 -43.34 51.73 -23.87
C ILE T 131 -44.84 51.97 -23.85
N TYR T 132 -45.27 53.23 -23.85
CA TYR T 132 -46.67 53.57 -24.03
C TYR T 132 -47.23 52.96 -25.33
N ARG T 133 -46.53 53.11 -26.47
CA ARG T 133 -46.94 52.50 -27.75
C ARG T 133 -47.03 50.97 -27.70
N LEU T 134 -46.07 50.30 -27.05
CA LEU T 134 -46.12 48.84 -26.90
C LEU T 134 -47.28 48.39 -26.01
N LYS T 135 -47.54 49.11 -24.90
CA LYS T 135 -48.70 48.84 -24.04
C LYS T 135 -50.02 49.10 -24.77
N GLU T 136 -50.12 50.17 -25.55
CA GLU T 136 -51.27 50.45 -26.41
C GLU T 136 -51.52 49.30 -27.39
N GLN T 137 -50.48 48.82 -28.09
CA GLN T 137 -50.60 47.69 -29.02
C GLN T 137 -51.11 46.42 -28.33
N LEU T 138 -50.57 46.08 -27.15
CA LEU T 138 -51.03 44.93 -26.38
C LEU T 138 -52.50 45.04 -25.98
N LEU T 139 -52.88 46.17 -25.38
CA LEU T 139 -54.23 46.38 -24.86
C LEU T 139 -55.28 46.51 -25.95
N SER T 140 -54.93 47.10 -27.10
CA SER T 140 -55.82 47.19 -28.26
C SER T 140 -56.25 45.80 -28.79
N SER T 141 -55.47 44.75 -28.51
CA SER T 141 -55.79 43.38 -28.92
C SER T 141 -56.75 42.63 -27.96
N GLN T 142 -56.99 43.17 -26.77
CA GLN T 142 -57.69 42.49 -25.66
C GLN T 142 -59.20 42.81 -25.55
N GLY T 143 -59.79 43.52 -26.52
CA GLY T 143 -61.23 43.84 -26.53
C GLY T 143 -61.65 44.75 -25.37
N GLU T 144 -62.78 44.46 -24.72
CA GLU T 144 -63.37 45.30 -23.66
C GLU T 144 -62.51 45.39 -22.38
N ALA T 145 -61.89 44.28 -21.94
CA ALA T 145 -60.97 44.31 -20.81
C ALA T 145 -59.75 45.17 -21.11
N GLY T 146 -59.26 45.10 -22.36
CA GLY T 146 -58.22 45.96 -22.89
C GLY T 146 -58.62 47.43 -22.94
N TRP T 147 -59.89 47.73 -23.21
CA TRP T 147 -60.40 49.10 -23.29
C TRP T 147 -60.25 49.84 -21.95
N ASN T 148 -60.69 49.25 -20.83
CA ASN T 148 -60.59 49.88 -19.51
C ASN T 148 -59.13 50.10 -19.10
N GLN T 149 -58.28 49.10 -19.33
CA GLN T 149 -56.84 49.21 -19.04
C GLN T 149 -56.15 50.24 -19.94
N LEU T 150 -56.59 50.35 -21.21
CA LEU T 150 -56.07 51.34 -22.15
C LEU T 150 -56.49 52.75 -21.74
N PHE T 151 -57.74 52.92 -21.30
CA PHE T 151 -58.22 54.18 -20.75
C PHE T 151 -57.38 54.61 -19.54
N ASP T 152 -57.15 53.71 -18.57
CA ASP T 152 -56.33 53.99 -17.39
C ASP T 152 -54.88 54.32 -17.75
N LEU T 153 -54.30 53.61 -18.73
CA LEU T 153 -52.96 53.87 -19.25
C LEU T 153 -52.87 55.28 -19.88
N ILE T 154 -53.85 55.65 -20.71
CA ILE T 154 -53.90 56.97 -21.34
C ILE T 154 -54.05 58.07 -20.29
N GLN T 155 -54.90 57.89 -19.28
CA GLN T 155 -55.02 58.86 -18.19
C GLN T 155 -53.72 59.02 -17.41
N ALA T 156 -53.01 57.92 -17.13
CA ALA T 156 -51.71 57.97 -16.46
C ALA T 156 -50.63 58.68 -17.30
N GLU T 157 -50.59 58.42 -18.62
CA GLU T 157 -49.64 59.07 -19.51
C GLU T 157 -49.98 60.56 -19.72
N LEU T 158 -51.26 60.94 -19.81
CA LEU T 158 -51.69 62.34 -19.85
C LEU T 158 -51.39 63.08 -18.56
N PHE T 159 -51.45 62.41 -17.40
CA PHE T 159 -51.03 62.99 -16.13
C PHE T 159 -49.52 63.25 -16.11
N ALA T 160 -48.71 62.32 -16.62
CA ALA T 160 -47.26 62.50 -16.73
C ALA T 160 -46.86 63.51 -17.81
N ARG T 161 -47.60 63.56 -18.93
CA ARG T 161 -47.34 64.34 -20.13
C ARG T 161 -48.62 64.93 -20.72
N PRO T 162 -49.12 66.03 -20.14
CA PRO T 162 -50.39 66.60 -20.59
C PRO T 162 -50.32 67.15 -22.02
N ASN T 163 -49.15 67.55 -22.50
CA ASN T 163 -48.96 68.19 -23.80
C ASN T 163 -48.58 67.21 -24.93
N ASP T 164 -48.66 65.89 -24.69
CA ASP T 164 -48.41 64.91 -25.76
C ASP T 164 -49.60 64.86 -26.73
N VAL T 165 -49.39 65.30 -27.97
CA VAL T 165 -50.43 65.34 -29.01
C VAL T 165 -50.96 63.94 -29.31
N TYR T 166 -50.09 62.94 -29.41
CA TYR T 166 -50.47 61.59 -29.81
C TYR T 166 -51.39 60.94 -28.78
N VAL T 167 -51.03 61.04 -27.49
CA VAL T 167 -51.84 60.48 -26.40
C VAL T 167 -53.20 61.18 -26.31
N ASN T 168 -53.23 62.50 -26.51
CA ASN T 168 -54.50 63.26 -26.53
C ASN T 168 -55.41 62.83 -27.69
N LEU T 169 -54.85 62.64 -28.90
CA LEU T 169 -55.59 62.13 -30.06
C LEU T 169 -56.19 60.75 -29.77
N LYS T 170 -55.40 59.85 -29.17
CA LYS T 170 -55.85 58.50 -28.84
C LYS T 170 -56.99 58.48 -27.83
N LEU T 171 -56.98 59.37 -26.84
CA LEU T 171 -58.10 59.49 -25.91
C LEU T 171 -59.39 59.90 -26.64
N VAL T 172 -59.30 60.85 -27.57
CA VAL T 172 -60.45 61.28 -28.38
C VAL T 172 -60.96 60.14 -29.25
N ASP T 173 -60.08 59.43 -29.95
CA ASP T 173 -60.47 58.28 -30.78
C ASP T 173 -61.13 57.18 -29.94
N LEU T 174 -60.65 56.94 -28.72
CA LEU T 174 -61.23 55.97 -27.77
C LEU T 174 -62.62 56.38 -27.27
N PHE T 175 -62.88 57.67 -27.09
CA PHE T 175 -64.23 58.17 -26.80
C PHE T 175 -65.16 57.99 -28.00
N LEU T 176 -64.68 58.31 -29.21
CA LEU T 176 -65.47 58.17 -30.45
C LEU T 176 -65.81 56.70 -30.74
N SER T 177 -64.87 55.76 -30.53
CA SER T 177 -65.13 54.33 -30.75
C SER T 177 -66.20 53.76 -29.84
N ASN T 178 -66.41 54.37 -28.66
CA ASN T 178 -67.44 53.97 -27.70
C ASN T 178 -68.70 54.86 -27.78
N GLN T 179 -68.87 55.64 -28.85
CA GLN T 179 -70.01 56.56 -29.05
C GLN T 179 -70.18 57.62 -27.95
N ARG T 180 -69.13 57.91 -27.17
CA ARG T 180 -69.13 58.90 -26.09
C ARG T 180 -68.72 60.28 -26.62
N LEU T 181 -69.49 60.80 -27.58
CA LEU T 181 -69.17 62.05 -28.28
C LEU T 181 -69.13 63.27 -27.33
N GLU T 182 -70.00 63.30 -26.30
CA GLU T 182 -70.04 64.39 -25.31
C GLU T 182 -68.74 64.49 -24.50
N GLU T 183 -68.09 63.36 -24.21
CA GLU T 183 -66.82 63.34 -23.48
C GLU T 183 -65.63 63.72 -24.35
N ALA T 184 -65.67 63.34 -25.63
CA ALA T 184 -64.70 63.80 -26.61
C ALA T 184 -64.75 65.34 -26.72
N VAL T 185 -65.95 65.92 -26.80
CA VAL T 185 -66.16 67.38 -26.82
C VAL T 185 -65.65 68.02 -25.52
N LEU T 186 -66.01 67.47 -24.35
CA LEU T 186 -65.55 67.98 -23.06
C LEU T 186 -64.02 67.96 -22.96
N HIS T 187 -63.36 66.91 -23.46
CA HIS T 187 -61.91 66.80 -23.47
C HIS T 187 -61.25 67.84 -24.39
N CYS T 188 -61.82 68.09 -25.57
CA CYS T 188 -61.34 69.12 -26.50
C CYS T 188 -61.50 70.55 -25.93
N LEU T 189 -62.52 70.79 -25.10
CA LEU T 189 -62.80 72.09 -24.48
C LEU T 189 -61.92 72.42 -23.26
N LYS T 190 -61.15 71.46 -22.76
CA LYS T 190 -60.29 71.67 -21.58
C LYS T 190 -59.26 72.79 -21.83
N PRO T 191 -59.11 73.78 -20.91
CA PRO T 191 -58.23 74.93 -21.12
C PRO T 191 -56.75 74.53 -21.25
N GLU T 192 -56.32 73.43 -20.63
CA GLU T 192 -54.96 72.90 -20.74
C GLU T 192 -54.61 72.50 -22.19
N ARG T 193 -55.62 72.29 -23.05
CA ARG T 193 -55.45 71.89 -24.46
C ARG T 193 -55.06 73.06 -25.37
N ARG T 194 -55.06 74.30 -24.87
CA ARG T 194 -54.60 75.46 -25.64
C ARG T 194 -53.15 75.32 -26.12
N ALA T 195 -52.30 74.65 -25.35
CA ALA T 195 -50.91 74.38 -25.75
C ALA T 195 -50.79 73.48 -27.00
N LEU T 196 -51.82 72.68 -27.30
CA LEU T 196 -51.84 71.76 -28.44
C LEU T 196 -52.30 72.44 -29.75
N ARG T 197 -52.73 73.70 -29.70
CA ARG T 197 -53.22 74.47 -30.87
C ARG T 197 -52.14 74.77 -31.91
N THR T 198 -50.87 74.47 -31.60
CA THR T 198 -49.75 74.56 -32.54
C THR T 198 -49.61 73.30 -33.41
N ASP T 199 -50.38 72.24 -33.13
CA ASP T 199 -50.35 70.99 -33.88
C ASP T 199 -51.55 70.83 -34.82
N ILE T 200 -51.26 70.46 -36.07
CA ILE T 200 -52.26 70.42 -37.14
C ILE T 200 -53.20 69.22 -36.99
N GLU T 201 -52.70 68.09 -36.48
CA GLU T 201 -53.49 66.86 -36.31
C GLU T 201 -54.47 67.04 -35.16
N TRP T 202 -54.03 67.64 -34.06
CA TRP T 202 -54.90 68.00 -32.95
C TRP T 202 -56.01 68.96 -33.37
N CYS T 203 -55.69 70.10 -33.99
CA CYS T 203 -56.70 71.07 -34.41
C CYS T 203 -57.69 70.46 -35.42
N SER T 204 -57.21 69.63 -36.35
CA SER T 204 -58.08 68.92 -37.29
C SER T 204 -59.00 67.91 -36.60
N CYS T 205 -58.51 67.21 -35.57
CA CYS T 205 -59.32 66.30 -34.75
C CYS T 205 -60.41 67.06 -33.98
N VAL T 206 -60.06 68.18 -33.33
CA VAL T 206 -61.00 69.06 -32.63
C VAL T 206 -62.11 69.55 -33.58
N VAL T 207 -61.74 70.02 -34.76
CA VAL T 207 -62.69 70.43 -35.81
C VAL T 207 -63.64 69.29 -36.19
N ARG T 208 -63.11 68.07 -36.39
CA ARG T 208 -63.90 66.88 -36.73
C ARG T 208 -64.92 66.57 -35.63
N VAL T 209 -64.48 66.49 -34.38
CA VAL T 209 -65.34 66.19 -33.21
C VAL T 209 -66.44 67.24 -33.05
N PHE T 210 -66.11 68.53 -33.15
CA PHE T 210 -67.10 69.60 -33.02
C PHE T 210 -68.12 69.61 -34.16
N LYS T 211 -67.69 69.37 -35.41
CA LYS T 211 -68.63 69.24 -36.54
C LYS T 211 -69.58 68.06 -36.35
N GLU T 212 -69.07 66.91 -35.94
CA GLU T 212 -69.87 65.71 -35.68
C GLU T 212 -70.88 65.95 -34.55
N TYR T 213 -70.46 66.62 -33.47
CA TYR T 213 -71.36 66.99 -32.37
C TYR T 213 -72.47 67.94 -32.83
N LEU T 214 -72.12 69.01 -33.54
CA LEU T 214 -73.09 69.98 -34.04
C LEU T 214 -74.08 69.34 -35.02
N ALA T 215 -73.62 68.41 -35.87
CA ALA T 215 -74.49 67.63 -36.75
C ALA T 215 -75.46 66.73 -35.96
N SER T 216 -74.97 66.06 -34.91
CA SER T 216 -75.78 65.16 -34.07
C SER T 216 -76.89 65.87 -33.29
N LYS T 217 -76.71 67.16 -32.95
CA LYS T 217 -77.63 67.96 -32.13
C LYS T 217 -78.43 68.99 -32.94
N GLN T 218 -78.40 68.93 -34.28
CA GLN T 218 -79.18 69.87 -35.13
C GLN T 218 -80.66 69.88 -34.72
N GLY T 219 -81.18 71.06 -34.35
CA GLY T 219 -82.56 71.28 -33.89
C GLY T 219 -82.70 71.64 -32.41
N GLN T 220 -81.70 71.34 -31.57
CA GLN T 220 -81.73 71.70 -30.14
C GLN T 220 -81.02 73.04 -29.91
N LYS T 221 -81.78 74.10 -29.57
CA LYS T 221 -81.23 75.41 -29.18
C LYS T 221 -80.62 75.34 -27.78
N ASN T 222 -79.38 74.88 -27.68
CA ASN T 222 -78.64 74.78 -26.42
C ASN T 222 -77.53 75.84 -26.36
N THR T 223 -77.29 76.44 -25.18
CA THR T 223 -76.16 77.34 -24.91
C THR T 223 -74.82 76.67 -25.23
N ASN T 224 -74.71 75.35 -24.99
CA ASN T 224 -73.55 74.55 -25.35
C ASN T 224 -73.25 74.58 -26.85
N MET T 225 -74.27 74.64 -27.70
CA MET T 225 -74.09 74.70 -29.16
C MET T 225 -73.37 75.98 -29.57
N ARG T 226 -73.74 77.13 -28.98
CA ARG T 226 -73.08 78.41 -29.27
C ARG T 226 -71.61 78.42 -28.84
N MET T 227 -71.32 77.83 -27.68
CA MET T 227 -69.94 77.69 -27.19
C MET T 227 -69.11 76.78 -28.11
N ILE T 228 -69.66 75.65 -28.55
CA ILE T 228 -68.95 74.73 -29.45
C ILE T 228 -68.77 75.35 -30.84
N THR T 229 -69.76 76.10 -31.35
CA THR T 229 -69.61 76.85 -32.61
C THR T 229 -68.52 77.91 -32.50
N LYS T 230 -68.42 78.62 -31.37
CA LYS T 230 -67.33 79.56 -31.08
C LYS T 230 -65.96 78.86 -31.16
N GLU T 231 -65.79 77.76 -30.44
CA GLU T 231 -64.52 77.02 -30.41
C GLU T 231 -64.21 76.33 -31.76
N LEU T 232 -65.23 75.94 -32.52
CA LEU T 232 -65.07 75.44 -33.89
C LEU T 232 -64.49 76.51 -34.81
N LEU T 233 -64.96 77.76 -34.76
CA LEU T 233 -64.39 78.84 -35.57
C LEU T 233 -62.92 79.10 -35.20
N LEU T 234 -62.59 79.08 -33.91
CA LEU T 234 -61.21 79.21 -33.43
C LEU T 234 -60.32 78.06 -33.94
N ALA T 235 -60.79 76.81 -33.83
CA ALA T 235 -60.05 75.65 -34.30
C ALA T 235 -59.89 75.64 -35.82
N GLN T 236 -60.89 76.07 -36.59
CA GLN T 236 -60.77 76.25 -38.05
C GLN T 236 -59.72 77.29 -38.41
N CYS T 237 -59.71 78.43 -37.71
CA CYS T 237 -58.70 79.47 -37.89
C CYS T 237 -57.29 78.92 -37.63
N ASP T 238 -57.10 78.11 -36.57
CA ASP T 238 -55.81 77.47 -36.28
C ASP T 238 -55.40 76.50 -37.40
N VAL T 239 -56.32 75.69 -37.91
CA VAL T 239 -56.05 74.77 -39.02
C VAL T 239 -55.57 75.54 -40.25
N VAL T 240 -56.22 76.68 -40.58
CA VAL T 240 -55.79 77.55 -41.69
C VAL T 240 -54.37 78.08 -41.44
N PHE T 241 -54.11 78.66 -40.27
CA PHE T 241 -52.79 79.17 -39.89
C PHE T 241 -51.68 78.10 -40.00
N LEU T 242 -51.93 76.91 -39.44
CA LEU T 242 -50.97 75.81 -39.46
C LEU T 242 -50.76 75.24 -40.86
N THR T 243 -51.81 75.18 -41.68
CA THR T 243 -51.72 74.70 -43.07
C THR T 243 -50.96 75.71 -43.94
N LEU T 244 -51.18 77.01 -43.74
CA LEU T 244 -50.39 78.07 -44.37
C LEU T 244 -48.89 77.93 -44.06
N SER T 245 -48.54 77.50 -42.85
CA SER T 245 -47.14 77.36 -42.45
C SER T 245 -46.49 76.02 -42.83
N LYS T 246 -47.21 74.89 -42.64
CA LYS T 246 -46.63 73.54 -42.71
C LYS T 246 -46.96 72.76 -43.98
N LYS T 247 -47.93 73.21 -44.80
CA LYS T 247 -48.40 72.50 -46.00
C LYS T 247 -48.23 73.35 -47.25
N ASP T 248 -48.56 72.78 -48.41
CA ASP T 248 -48.50 73.48 -49.70
C ASP T 248 -49.65 74.49 -49.90
N VAL T 249 -49.66 75.16 -51.06
CA VAL T 249 -50.70 76.14 -51.41
C VAL T 249 -52.06 75.48 -51.56
N GLN T 250 -52.15 74.34 -52.23
CA GLN T 250 -53.43 73.67 -52.49
C GLN T 250 -54.15 73.28 -51.19
N LYS T 251 -53.42 72.68 -50.23
CA LYS T 251 -54.01 72.36 -48.92
C LYS T 251 -54.41 73.62 -48.16
N SER T 252 -53.67 74.72 -48.33
CA SER T 252 -54.03 76.00 -47.73
C SER T 252 -55.31 76.59 -48.32
N LYS T 253 -55.52 76.48 -49.64
CA LYS T 253 -56.77 76.84 -50.33
C LYS T 253 -57.95 76.03 -49.76
N GLU T 254 -57.82 74.70 -49.70
CA GLU T 254 -58.87 73.83 -49.13
C GLU T 254 -59.16 74.14 -47.64
N ALA T 255 -58.15 74.49 -46.85
CA ALA T 255 -58.35 74.86 -45.45
C ALA T 255 -59.11 76.18 -45.32
N LEU T 256 -58.74 77.19 -46.13
CA LEU T 256 -59.42 78.48 -46.16
C LEU T 256 -60.86 78.35 -46.66
N GLU T 257 -61.12 77.49 -47.65
CA GLU T 257 -62.46 77.20 -48.18
C GLU T 257 -63.38 76.61 -47.09
N ARG T 258 -62.88 75.64 -46.31
CA ARG T 258 -63.62 75.07 -45.17
C ARG T 258 -63.90 76.11 -44.08
N PHE T 259 -63.00 77.06 -43.88
CA PHE T 259 -63.19 78.15 -42.94
C PHE T 259 -64.20 79.19 -43.45
N ASP T 260 -64.17 79.51 -44.76
CA ASP T 260 -65.14 80.35 -45.45
C ASP T 260 -66.57 79.82 -45.29
N GLN T 261 -66.79 78.54 -45.59
CA GLN T 261 -68.08 77.86 -45.41
C GLN T 261 -68.53 77.85 -43.95
N ALA T 262 -67.60 77.65 -43.00
CA ALA T 262 -67.92 77.69 -41.58
C ALA T 262 -68.40 79.08 -41.15
N LEU T 263 -67.73 80.15 -41.58
CA LEU T 263 -68.16 81.53 -41.31
C LEU T 263 -69.53 81.83 -41.95
N LEU T 264 -69.76 81.40 -43.19
CA LEU T 264 -71.05 81.58 -43.87
C LEU T 264 -72.18 80.92 -43.09
N SER T 265 -71.97 79.70 -42.57
CA SER T 265 -72.98 78.98 -41.78
C SER T 265 -73.35 79.69 -40.48
N VAL T 266 -72.41 80.41 -39.87
CA VAL T 266 -72.63 81.15 -38.61
C VAL T 266 -73.21 82.53 -38.85
N LYS T 267 -72.94 83.16 -39.99
CA LYS T 267 -73.39 84.52 -40.34
C LYS T 267 -74.90 84.73 -40.15
N GLN T 268 -75.72 83.75 -40.52
CA GLN T 268 -77.18 83.83 -40.35
C GLN T 268 -77.63 83.84 -38.88
N SER T 269 -76.83 83.24 -37.99
CA SER T 269 -77.11 83.16 -36.55
C SER T 269 -76.62 84.40 -35.77
N VAL T 270 -75.78 85.22 -36.40
CA VAL T 270 -75.18 86.42 -35.79
C VAL T 270 -75.86 87.65 -36.39
N SER T 271 -76.91 88.15 -35.72
CA SER T 271 -77.46 89.46 -36.01
C SER T 271 -76.52 90.54 -35.47
N GLY T 272 -76.31 91.63 -36.22
CA GLY T 272 -75.32 92.67 -35.91
C GLY T 272 -75.54 93.42 -34.59
N THR T 273 -76.69 93.26 -33.94
CA THR T 273 -77.02 93.89 -32.65
C THR T 273 -76.71 93.03 -31.43
N ASP T 274 -76.45 91.73 -31.62
CA ASP T 274 -76.25 90.83 -30.49
C ASP T 274 -74.81 90.91 -29.97
N ALA T 275 -74.62 91.51 -28.80
CA ALA T 275 -73.35 91.51 -28.07
C ALA T 275 -73.02 90.14 -27.42
N SER T 276 -73.42 89.05 -28.07
CA SER T 276 -73.15 87.69 -27.59
C SER T 276 -71.69 87.32 -27.79
N ASP T 277 -71.15 86.42 -26.96
CA ASP T 277 -69.77 85.93 -27.10
C ASP T 277 -69.51 85.29 -28.49
N LEU T 278 -70.53 84.68 -29.10
CA LEU T 278 -70.44 84.11 -30.45
C LEU T 278 -70.31 85.22 -31.50
N SER T 279 -71.09 86.30 -31.39
CA SER T 279 -71.01 87.45 -32.29
C SER T 279 -69.63 88.11 -32.24
N VAL T 280 -69.11 88.33 -31.02
CA VAL T 280 -67.77 88.87 -30.80
C VAL T 280 -66.71 87.97 -31.45
N THR T 281 -66.82 86.65 -31.26
CA THR T 281 -65.88 85.71 -31.88
C THR T 281 -66.03 85.69 -33.40
N PHE T 282 -67.24 85.76 -33.94
CA PHE T 282 -67.48 85.78 -35.37
C PHE T 282 -66.80 86.98 -36.05
N TYR T 283 -66.95 88.19 -35.51
CA TYR T 283 -66.28 89.38 -36.06
C TYR T 283 -64.77 89.30 -35.92
N GLU T 284 -64.26 88.75 -34.80
CA GLU T 284 -62.82 88.52 -34.63
C GLU T 284 -62.28 87.52 -35.67
N MET T 285 -63.01 86.42 -35.90
CA MET T 285 -62.67 85.40 -36.89
C MET T 285 -62.82 85.89 -38.33
N ARG T 286 -63.74 86.83 -38.62
CA ARG T 286 -63.78 87.57 -39.88
C ARG T 286 -62.47 88.31 -40.14
N GLY T 287 -61.92 89.00 -39.14
CA GLY T 287 -60.63 89.67 -39.28
C GLY T 287 -59.50 88.68 -39.56
N HIS T 288 -59.46 87.55 -38.84
CA HIS T 288 -58.47 86.50 -39.08
C HIS T 288 -58.61 85.86 -40.47
N TYR T 289 -59.84 85.65 -40.94
CA TYR T 289 -60.12 85.14 -42.28
C TYR T 289 -59.45 86.00 -43.36
N TYR T 290 -59.66 87.32 -43.33
CA TYR T 290 -59.03 88.22 -44.29
C TYR T 290 -57.50 88.27 -44.11
N MET T 291 -56.97 88.28 -42.89
CA MET T 291 -55.52 88.20 -42.66
C MET T 291 -54.90 86.93 -43.29
N HIS T 292 -55.58 85.80 -43.15
CA HIS T 292 -55.15 84.52 -43.74
C HIS T 292 -55.32 84.49 -45.25
N ALA T 293 -56.40 85.07 -45.79
CA ALA T 293 -56.60 85.22 -47.23
C ALA T 293 -55.46 86.05 -47.87
N GLY T 294 -55.12 87.21 -47.29
CA GLY T 294 -53.98 88.02 -47.74
C GLY T 294 -52.66 87.24 -47.68
N THR T 295 -52.47 86.43 -46.63
CA THR T 295 -51.29 85.57 -46.49
C THR T 295 -51.25 84.46 -47.53
N LEU T 296 -52.39 83.87 -47.89
CA LEU T 296 -52.48 82.85 -48.94
C LEU T 296 -52.12 83.43 -50.31
N LEU T 297 -52.60 84.63 -50.63
CA LEU T 297 -52.23 85.32 -51.88
C LEU T 297 -50.70 85.54 -51.96
N LEU T 298 -50.07 86.02 -50.89
CA LEU T 298 -48.62 86.16 -50.86
C LEU T 298 -47.88 84.81 -50.93
N LYS T 299 -48.48 83.73 -50.41
CA LYS T 299 -47.96 82.36 -50.54
C LYS T 299 -48.00 81.87 -51.98
N MET T 300 -49.09 82.13 -52.71
CA MET T 300 -49.24 81.81 -54.14
C MET T 300 -48.19 82.55 -54.98
N ALA T 301 -47.90 83.80 -54.65
CA ALA T 301 -46.83 84.54 -55.31
C ALA T 301 -45.44 83.97 -55.00
N GLN T 302 -45.21 83.52 -53.76
CA GLN T 302 -43.97 82.88 -53.35
C GLN T 302 -43.72 81.53 -54.02
N SER T 303 -44.77 80.74 -54.28
CA SER T 303 -44.69 79.47 -55.02
C SER T 303 -44.63 79.66 -56.54
N CYS T 304 -44.58 80.90 -57.03
CA CYS T 304 -44.60 81.26 -58.45
C CYS T 304 -45.86 80.81 -59.21
N GLU T 305 -46.99 80.60 -58.52
CA GLU T 305 -48.28 80.37 -59.19
C GLU T 305 -48.80 81.65 -59.86
N VAL T 306 -48.55 82.80 -59.24
CA VAL T 306 -48.96 84.12 -59.72
C VAL T 306 -47.83 85.12 -59.49
N GLN T 307 -47.74 86.17 -60.29
CA GLN T 307 -46.74 87.21 -60.10
C GLN T 307 -47.05 88.08 -58.86
N TRP T 308 -46.01 88.55 -58.16
CA TRP T 308 -46.15 89.44 -57.01
C TRP T 308 -47.03 90.63 -57.33
N LYS T 309 -46.73 91.36 -58.41
CA LYS T 309 -47.45 92.56 -58.83
C LYS T 309 -48.97 92.38 -58.87
N ALA T 310 -49.47 91.23 -59.32
CA ALA T 310 -50.91 90.97 -59.42
C ALA T 310 -51.58 90.71 -58.07
N LEU T 311 -50.82 90.25 -57.07
CA LEU T 311 -51.35 89.83 -55.76
C LEU T 311 -51.06 90.82 -54.62
N ILE T 312 -50.20 91.83 -54.82
CA ILE T 312 -49.90 92.83 -53.79
C ILE T 312 -51.14 93.65 -53.41
N GLU T 313 -51.85 94.23 -54.38
CA GLU T 313 -53.04 95.05 -54.10
C GLU T 313 -54.20 94.23 -53.51
N PRO T 314 -54.56 93.05 -54.06
CA PRO T 314 -55.56 92.18 -53.43
C PRO T 314 -55.16 91.74 -52.00
N ALA T 315 -53.89 91.39 -51.77
CA ALA T 315 -53.42 91.02 -50.43
C ALA T 315 -53.47 92.21 -49.46
N ALA T 316 -53.11 93.42 -49.92
CA ALA T 316 -53.17 94.63 -49.13
C ALA T 316 -54.62 94.97 -48.72
N LEU T 317 -55.60 94.81 -49.62
CA LEU T 317 -57.02 94.95 -49.26
C LEU T 317 -57.41 93.97 -48.15
N CYS T 318 -57.00 92.70 -48.26
CA CYS T 318 -57.28 91.71 -47.21
C CYS T 318 -56.66 92.10 -45.86
N TYR T 319 -55.42 92.59 -45.83
CA TYR T 319 -54.81 93.08 -44.58
C TYR T 319 -55.49 94.34 -44.05
N LEU T 320 -55.98 95.23 -44.92
CA LEU T 320 -56.73 96.42 -44.53
C LEU T 320 -58.04 96.05 -43.84
N LEU T 321 -58.80 95.14 -44.44
CA LEU T 321 -60.02 94.58 -43.87
C LEU T 321 -59.76 93.91 -42.51
N ALA T 322 -58.65 93.18 -42.38
CA ALA T 322 -58.26 92.54 -41.13
C ALA T 322 -57.84 93.54 -40.04
N TYR T 323 -57.10 94.60 -40.42
CA TYR T 323 -56.62 95.63 -39.49
C TYR T 323 -57.77 96.43 -38.87
N GLN T 324 -58.80 96.74 -39.68
CA GLN T 324 -59.92 97.60 -39.28
C GLN T 324 -60.99 96.92 -38.44
N VAL T 325 -60.95 95.59 -38.29
CA VAL T 325 -61.89 94.91 -37.38
C VAL T 325 -61.68 95.41 -35.95
N PRO T 326 -62.71 95.99 -35.30
CA PRO T 326 -62.59 96.53 -33.95
C PRO T 326 -62.21 95.46 -32.93
N LYS T 327 -61.39 95.84 -31.95
CA LYS T 327 -61.07 94.97 -30.82
C LYS T 327 -62.34 94.65 -30.01
N PRO T 328 -62.48 93.41 -29.50
CA PRO T 328 -63.54 93.08 -28.54
C PRO T 328 -63.51 94.05 -27.35
N LYS T 329 -64.61 94.75 -27.08
CA LYS T 329 -64.73 95.62 -25.90
C LYS T 329 -64.79 94.75 -24.65
N SER T 330 -63.69 94.65 -23.91
CA SER T 330 -63.63 93.94 -22.63
C SER T 330 -64.54 94.63 -21.61
N LYS T 331 -65.67 94.01 -21.24
CA LYS T 331 -66.22 94.28 -19.90
C LYS T 331 -65.41 93.40 -18.95
N PRO T 332 -64.66 93.97 -17.98
CA PRO T 332 -64.02 93.16 -16.95
C PRO T 332 -65.12 92.56 -16.07
N VAL T 333 -65.62 91.39 -16.46
CA VAL T 333 -66.48 90.60 -15.59
C VAL T 333 -65.55 90.00 -14.56
N LYS T 334 -65.59 90.54 -13.34
CA LYS T 334 -64.95 89.97 -12.16
C LYS T 334 -65.23 88.45 -12.11
N GLY T 335 -64.23 87.61 -12.37
CA GLY T 335 -64.26 86.23 -11.92
C GLY T 335 -63.78 85.15 -12.88
N ASP T 336 -63.75 85.35 -14.19
CA ASP T 336 -63.33 84.29 -15.14
C ASP T 336 -62.55 84.86 -16.34
N ASP T 337 -61.34 85.34 -16.07
CA ASP T 337 -60.45 86.02 -17.02
C ASP T 337 -59.94 85.15 -18.20
N ASN T 338 -60.16 83.84 -18.19
CA ASN T 338 -59.44 82.96 -19.10
C ASN T 338 -59.98 82.95 -20.55
N GLY T 339 -61.25 83.32 -20.77
CA GLY T 339 -61.91 83.20 -22.08
C GLY T 339 -61.90 84.47 -22.93
N GLN T 340 -62.21 85.62 -22.33
CA GLN T 340 -62.34 86.90 -23.06
C GLN T 340 -60.99 87.58 -23.29
N GLY T 341 -60.02 87.45 -22.37
CA GLY T 341 -58.66 87.94 -22.57
C GLY T 341 -57.98 87.29 -23.78
N PHE T 342 -58.32 86.04 -24.09
CA PHE T 342 -57.77 85.32 -25.24
C PHE T 342 -58.19 85.91 -26.59
N LEU T 343 -59.46 86.32 -26.75
CA LEU T 343 -59.92 86.98 -27.99
C LEU T 343 -59.30 88.37 -28.14
N GLU T 344 -59.07 89.08 -27.04
CA GLU T 344 -58.37 90.36 -27.07
C GLU T 344 -56.90 90.18 -27.49
N GLU T 345 -56.22 89.15 -27.00
CA GLU T 345 -54.86 88.79 -27.43
C GLU T 345 -54.78 88.44 -28.92
N LEU T 346 -55.76 87.68 -29.44
CA LEU T 346 -55.88 87.41 -30.88
C LEU T 346 -56.08 88.69 -31.69
N ALA T 347 -56.93 89.60 -31.21
CA ALA T 347 -57.18 90.88 -31.88
C ALA T 347 -55.90 91.73 -31.97
N PHE T 348 -55.13 91.80 -30.87
CA PHE T 348 -53.83 92.48 -30.88
C PHE T 348 -52.83 91.84 -31.86
N ASP T 349 -52.78 90.51 -31.90
CA ASP T 349 -51.94 89.78 -32.85
C ASP T 349 -52.33 90.05 -34.31
N ARG T 350 -53.63 90.00 -34.64
CA ARG T 350 -54.13 90.32 -35.97
C ARG T 350 -53.79 91.75 -36.37
N GLN T 351 -54.01 92.72 -35.49
CA GLN T 351 -53.79 94.13 -35.78
C GLN T 351 -52.31 94.47 -35.94
N SER T 352 -51.44 93.91 -35.09
CA SER T 352 -49.98 94.04 -35.23
C SER T 352 -49.54 93.48 -36.59
N LYS T 353 -49.87 92.22 -36.89
CA LYS T 353 -49.45 91.56 -38.14
C LYS T 353 -49.97 92.26 -39.38
N SER T 354 -51.26 92.57 -39.42
CA SER T 354 -51.90 93.20 -40.57
C SER T 354 -51.39 94.61 -40.79
N GLY T 355 -51.19 95.38 -39.71
CA GLY T 355 -50.68 96.76 -39.80
C GLY T 355 -49.24 96.83 -40.31
N HIS T 356 -48.33 96.00 -39.77
CA HIS T 356 -46.95 95.91 -40.28
C HIS T 356 -46.89 95.44 -41.75
N LEU T 357 -47.77 94.51 -42.14
CA LEU T 357 -47.83 94.04 -43.53
C LEU T 357 -48.37 95.11 -44.48
N LEU T 358 -49.35 95.92 -44.07
CA LEU T 358 -49.81 97.08 -44.86
C LEU T 358 -48.67 98.07 -45.11
N LEU T 359 -47.88 98.40 -44.09
CA LEU T 359 -46.71 99.27 -44.24
C LEU T 359 -45.62 98.65 -45.13
N THR T 360 -45.44 97.34 -45.04
CA THR T 360 -44.48 96.62 -45.90
C THR T 360 -44.91 96.63 -47.37
N LEU T 361 -46.20 96.37 -47.63
CA LEU T 361 -46.76 96.28 -48.99
C LEU T 361 -46.89 97.65 -49.67
N SER T 362 -47.02 98.74 -48.91
CA SER T 362 -47.11 100.09 -49.48
C SER T 362 -45.79 100.59 -50.08
N HIS T 363 -44.66 100.01 -49.69
CA HIS T 363 -43.32 100.48 -50.07
C HIS T 363 -43.11 102.00 -49.84
N GLY T 364 -43.82 102.60 -48.87
CA GLY T 364 -43.77 104.04 -48.58
C GLY T 364 -44.57 104.95 -49.51
N LYS T 365 -45.41 104.38 -50.40
CA LYS T 365 -46.33 105.16 -51.24
C LYS T 365 -47.47 105.75 -50.40
N GLN T 366 -47.61 107.08 -50.42
CA GLN T 366 -48.56 107.82 -49.57
C GLN T 366 -50.04 107.50 -49.87
N ASN T 367 -50.42 107.38 -51.14
CA ASN T 367 -51.83 107.16 -51.56
C ASN T 367 -52.19 105.68 -51.78
N PHE T 368 -51.31 104.75 -51.40
CA PHE T 368 -51.46 103.33 -51.72
C PHE T 368 -52.77 102.73 -51.19
N ILE T 369 -53.13 103.02 -49.95
CA ILE T 369 -54.37 102.52 -49.34
C ILE T 369 -55.60 103.08 -50.06
N SER T 370 -55.55 104.35 -50.48
CA SER T 370 -56.64 104.99 -51.21
C SER T 370 -56.88 104.34 -52.57
N GLU T 371 -55.80 104.10 -53.33
CA GLU T 371 -55.85 103.41 -54.64
C GLU T 371 -56.44 102.00 -54.53
N ILE T 372 -56.08 101.27 -53.47
CA ILE T 372 -56.60 99.92 -53.21
C ILE T 372 -58.10 99.94 -52.91
N ILE T 373 -58.55 100.87 -52.07
CA ILE T 373 -59.98 100.99 -51.71
C ILE T 373 -60.80 101.28 -52.98
N GLU T 374 -60.39 102.25 -53.79
CA GLU T 374 -61.09 102.60 -55.03
C GLU T 374 -61.17 101.42 -56.02
N THR T 375 -60.08 100.66 -56.14
CA THR T 375 -59.98 99.57 -57.12
C THR T 375 -60.72 98.30 -56.67
N PHE T 376 -60.53 97.87 -55.41
CA PHE T 376 -60.94 96.54 -54.95
C PHE T 376 -62.05 96.53 -53.88
N ALA T 377 -62.34 97.64 -53.17
CA ALA T 377 -63.38 97.67 -52.14
C ALA T 377 -64.80 97.81 -52.73
N ASN T 378 -65.11 96.98 -53.73
CA ASN T 378 -66.39 96.92 -54.44
C ASN T 378 -66.69 95.47 -54.83
N GLN T 379 -67.91 95.21 -55.31
CA GLN T 379 -68.35 93.85 -55.65
C GLN T 379 -67.54 93.21 -56.79
N CYS T 380 -67.01 94.01 -57.73
CA CYS T 380 -66.13 93.52 -58.79
C CYS T 380 -64.79 93.06 -58.21
N GLY T 381 -64.20 93.86 -57.31
CA GLY T 381 -62.98 93.50 -56.57
C GLY T 381 -63.14 92.24 -55.72
N GLN T 382 -64.26 92.09 -55.02
CA GLN T 382 -64.61 90.86 -54.30
C GLN T 382 -64.65 89.64 -55.23
N SER T 383 -65.27 89.78 -56.40
CA SER T 383 -65.34 88.71 -57.39
C SER T 383 -63.96 88.31 -57.91
N ILE T 384 -63.03 89.27 -58.05
CA ILE T 384 -61.64 89.02 -58.44
C ILE T 384 -60.90 88.29 -57.31
N LEU T 385 -61.05 88.73 -56.06
CA LEU T 385 -60.47 88.07 -54.89
C LEU T 385 -60.93 86.62 -54.76
N LEU T 386 -62.24 86.37 -54.92
CA LEU T 386 -62.82 85.03 -54.86
C LEU T 386 -62.20 84.11 -55.93
N LYS T 387 -62.07 84.62 -57.17
CA LYS T 387 -61.42 83.88 -58.27
C LYS T 387 -59.95 83.59 -58.00
N PHE T 388 -59.20 84.51 -57.41
CA PHE T 388 -57.80 84.24 -57.06
C PHE T 388 -57.66 83.14 -56.01
N LEU T 389 -58.53 83.13 -55.00
CA LEU T 389 -58.41 82.21 -53.86
C LEU T 389 -58.98 80.82 -54.15
N PHE T 390 -60.15 80.76 -54.78
CA PHE T 390 -60.94 79.54 -54.93
C PHE T 390 -61.21 79.16 -56.39
N GLU T 391 -60.70 79.94 -57.35
CA GLU T 391 -60.92 79.72 -58.78
C GLU T 391 -62.43 79.64 -59.07
N ASP T 392 -62.93 78.54 -59.62
CA ASP T 392 -64.36 78.34 -59.92
C ASP T 392 -65.06 77.42 -58.90
N ASN T 393 -64.44 77.11 -57.75
CA ASN T 393 -65.00 76.17 -56.76
C ASN T 393 -66.17 76.76 -55.96
N LEU T 394 -66.18 78.08 -55.71
CA LEU T 394 -67.21 78.75 -54.93
C LEU T 394 -67.84 79.90 -55.72
N SER T 395 -69.17 80.00 -55.64
CA SER T 395 -69.91 81.15 -56.17
C SER T 395 -69.93 82.31 -55.15
N MET T 396 -70.30 83.51 -55.62
CA MET T 396 -70.46 84.67 -54.74
C MET T 396 -71.50 84.44 -53.62
N GLN T 397 -72.52 83.62 -53.86
CA GLN T 397 -73.58 83.34 -52.87
C GLN T 397 -73.20 82.23 -51.89
N ASP T 398 -72.36 81.28 -52.33
CA ASP T 398 -71.93 80.14 -51.54
C ASP T 398 -70.68 80.44 -50.69
N SER T 399 -70.14 81.65 -50.81
CA SER T 399 -68.96 82.09 -50.08
C SER T 399 -69.29 83.14 -49.01
N PHE T 400 -68.61 83.04 -47.86
CA PHE T 400 -68.60 84.10 -46.87
C PHE T 400 -68.01 85.38 -47.46
N MET T 401 -66.83 85.31 -48.11
CA MET T 401 -66.20 86.48 -48.75
C MET T 401 -67.10 87.13 -49.80
N GLY T 402 -67.80 86.34 -50.61
CA GLY T 402 -68.70 86.86 -51.65
C GLY T 402 -69.96 87.53 -51.10
N SER T 403 -70.43 87.11 -49.92
CA SER T 403 -71.62 87.69 -49.27
C SER T 403 -71.32 88.80 -48.26
N ASP T 404 -70.06 88.95 -47.86
CA ASP T 404 -69.62 89.95 -46.87
C ASP T 404 -69.61 91.36 -47.47
N ASP T 405 -69.84 92.37 -46.64
CA ASP T 405 -69.78 93.76 -47.10
C ASP T 405 -68.37 94.33 -46.85
N ILE T 406 -67.63 94.57 -47.94
CA ILE T 406 -66.30 95.20 -47.89
C ILE T 406 -66.32 96.64 -48.40
N SER T 407 -67.48 97.21 -48.69
CA SER T 407 -67.56 98.57 -49.27
C SER T 407 -67.31 99.66 -48.23
N TYR T 408 -67.62 99.39 -46.96
CA TYR T 408 -67.37 100.31 -45.83
C TYR T 408 -65.98 100.10 -45.23
N VAL T 409 -64.94 100.51 -45.96
CA VAL T 409 -63.53 100.48 -45.51
C VAL T 409 -63.01 101.90 -45.38
N GLU T 410 -62.41 102.20 -44.24
CA GLU T 410 -61.83 103.52 -43.99
C GLU T 410 -60.47 103.67 -44.66
N ASN T 411 -60.12 104.85 -45.15
CA ASN T 411 -58.77 105.14 -45.63
C ASN T 411 -57.83 105.43 -44.44
N ARG T 412 -57.49 104.40 -43.67
CA ARG T 412 -56.68 104.50 -42.45
C ARG T 412 -55.31 103.85 -42.61
N VAL T 413 -54.28 104.69 -42.67
CA VAL T 413 -52.87 104.26 -42.60
C VAL T 413 -52.55 103.84 -41.15
N PRO T 414 -51.86 102.69 -40.92
CA PRO T 414 -51.47 102.29 -39.57
C PRO T 414 -50.54 103.31 -38.90
N ASP T 415 -50.91 103.78 -37.71
CA ASP T 415 -50.08 104.66 -36.89
C ASP T 415 -49.01 103.87 -36.12
N LEU T 416 -47.78 104.40 -36.05
CA LEU T 416 -46.66 103.70 -35.42
C LEU T 416 -46.82 103.57 -33.90
N SER T 417 -47.44 104.56 -33.24
CA SER T 417 -47.67 104.50 -31.80
C SER T 417 -48.73 103.45 -31.44
N GLU T 418 -49.80 103.35 -32.25
CA GLU T 418 -50.81 102.30 -32.13
C GLU T 418 -50.22 100.91 -32.43
N LEU T 419 -49.40 100.77 -33.47
CA LEU T 419 -48.72 99.52 -33.78
C LEU T 419 -47.83 99.06 -32.64
N SER T 420 -47.08 99.98 -32.01
CA SER T 420 -46.27 99.65 -30.83
C SER T 420 -47.13 99.10 -29.68
N GLN T 421 -48.35 99.64 -29.47
CA GLN T 421 -49.28 99.11 -28.48
C GLN T 421 -49.80 97.72 -28.87
N HIS T 422 -50.13 97.53 -30.15
CA HIS T 422 -50.60 96.24 -30.66
C HIS T 422 -49.52 95.15 -30.56
N ASP T 423 -48.27 95.48 -30.85
CA ASP T 423 -47.11 94.59 -30.70
C ASP T 423 -46.99 94.08 -29.26
N ASN T 424 -47.13 94.96 -28.26
CA ASN T 424 -47.11 94.56 -26.85
C ASN T 424 -48.25 93.59 -26.48
N GLY T 425 -49.42 93.73 -27.12
CA GLY T 425 -50.53 92.79 -26.96
C GLY T 425 -50.25 91.43 -27.59
N SER T 426 -49.70 91.42 -28.81
CA SER T 426 -49.35 90.21 -29.56
C SER T 426 -48.30 89.33 -28.85
N LEU T 427 -47.38 89.92 -28.09
CA LEU T 427 -46.39 89.14 -27.34
C LEU T 427 -46.98 88.11 -26.36
N ARG T 428 -48.19 88.35 -25.84
CA ARG T 428 -48.84 87.44 -24.89
C ARG T 428 -49.22 86.10 -25.52
N ILE T 429 -49.69 86.10 -26.77
CA ILE T 429 -50.09 84.87 -27.45
C ILE T 429 -48.88 84.02 -27.87
N HIS T 430 -47.80 84.66 -28.35
CA HIS T 430 -46.59 83.97 -28.81
C HIS T 430 -45.64 83.55 -27.69
N ASN T 431 -45.88 83.98 -26.44
CA ASN T 431 -45.16 83.53 -25.26
C ASN T 431 -43.63 83.64 -25.36
N GLY T 432 -43.10 84.63 -26.07
CA GLY T 432 -41.66 84.81 -26.25
C GLY T 432 -41.03 83.92 -27.33
N ASP T 433 -41.80 83.44 -28.31
CA ASP T 433 -41.25 82.81 -29.51
C ASP T 433 -40.23 83.71 -30.24
N LEU T 434 -39.05 83.16 -30.51
CA LEU T 434 -37.96 83.90 -31.14
C LEU T 434 -38.29 84.29 -32.58
N GLN T 435 -39.08 83.50 -33.32
CA GLN T 435 -39.45 83.82 -34.70
C GLN T 435 -40.34 85.06 -34.73
N HIS T 436 -41.34 85.11 -33.86
CA HIS T 436 -42.20 86.27 -33.69
C HIS T 436 -41.42 87.53 -33.30
N LEU T 437 -40.55 87.45 -32.28
CA LEU T 437 -39.73 88.58 -31.83
C LEU T 437 -38.80 89.10 -32.92
N THR T 438 -38.15 88.19 -33.65
CA THR T 438 -37.26 88.55 -34.75
C THR T 438 -38.04 89.19 -35.90
N TRP T 439 -39.22 88.66 -36.22
CA TRP T 439 -40.09 89.23 -37.25
C TRP T 439 -40.51 90.65 -36.91
N LEU T 440 -41.02 90.91 -35.70
CA LEU T 440 -41.35 92.27 -35.25
C LEU T 440 -40.12 93.18 -35.29
N GLY T 441 -38.98 92.72 -34.78
CA GLY T 441 -37.73 93.48 -34.81
C GLY T 441 -37.32 93.87 -36.23
N LEU T 442 -37.49 92.99 -37.21
CA LEU T 442 -37.25 93.29 -38.61
C LEU T 442 -38.22 94.32 -39.17
N GLN T 443 -39.51 94.26 -38.82
CA GLN T 443 -40.49 95.26 -39.28
C GLN T 443 -40.07 96.67 -38.85
N TRP T 444 -39.74 96.84 -37.58
CA TRP T 444 -39.24 98.11 -37.05
C TRP T 444 -37.91 98.54 -37.70
N HIS T 445 -37.00 97.58 -37.94
CA HIS T 445 -35.74 97.85 -38.62
C HIS T 445 -35.95 98.34 -40.06
N PHE T 446 -36.91 97.78 -40.81
CA PHE T 446 -37.27 98.25 -42.15
C PHE T 446 -37.88 99.66 -42.16
N LEU T 447 -38.48 100.08 -41.05
CA LEU T 447 -38.98 101.44 -40.81
C LEU T 447 -37.88 102.40 -40.30
N SER T 448 -36.62 101.95 -40.19
CA SER T 448 -35.48 102.70 -39.65
C SER T 448 -35.66 103.17 -38.20
N THR T 449 -36.52 102.49 -37.44
CA THR T 449 -36.82 102.79 -36.04
C THR T 449 -36.32 101.67 -35.15
N LEU T 450 -35.78 102.01 -33.98
CA LEU T 450 -35.35 100.99 -33.02
C LEU T 450 -36.57 100.23 -32.46
N PRO T 451 -36.57 98.88 -32.50
CA PRO T 451 -37.65 98.12 -31.90
C PRO T 451 -37.67 98.36 -30.37
N PRO T 452 -38.85 98.47 -29.74
CA PRO T 452 -38.98 98.70 -28.29
C PRO T 452 -38.69 97.41 -27.47
N LEU T 453 -37.53 96.79 -27.71
CA LEU T 453 -37.09 95.51 -27.13
C LEU T 453 -37.15 95.52 -25.60
N ARG T 454 -36.78 96.63 -24.95
CA ARG T 454 -36.86 96.78 -23.49
C ARG T 454 -38.25 96.50 -22.94
N LYS T 455 -39.31 97.03 -23.59
CA LYS T 455 -40.70 96.84 -23.16
C LYS T 455 -41.10 95.38 -23.34
N TRP T 456 -40.74 94.79 -24.48
CA TRP T 456 -41.02 93.39 -24.82
C TRP T 456 -40.35 92.42 -23.83
N LEU T 457 -39.07 92.64 -23.54
CA LEU T 457 -38.29 91.81 -22.64
C LEU T 457 -38.79 91.91 -21.18
N LYS T 458 -39.19 93.10 -20.71
CA LYS T 458 -39.81 93.24 -19.38
C LYS T 458 -41.14 92.49 -19.26
N GLN T 459 -41.91 92.41 -20.35
CA GLN T 459 -43.16 91.66 -20.38
C GLN T 459 -42.93 90.14 -20.38
N ILE T 460 -41.94 89.66 -21.15
CA ILE T 460 -41.61 88.23 -21.24
C ILE T 460 -40.86 87.74 -19.99
N PHE T 461 -39.97 88.57 -19.44
CA PHE T 461 -39.09 88.23 -18.33
C PHE T 461 -39.19 89.23 -17.16
N PRO T 462 -40.36 89.32 -16.49
CA PRO T 462 -40.63 90.36 -15.48
C PRO T 462 -39.76 90.27 -14.22
N ARG T 463 -39.08 89.15 -13.99
CA ARG T 463 -38.25 88.89 -12.79
C ARG T 463 -36.74 89.01 -13.04
N VAL T 464 -36.33 89.24 -14.28
CA VAL T 464 -34.92 89.33 -14.65
C VAL T 464 -34.44 90.76 -14.41
N PRO T 465 -33.30 90.97 -13.71
CA PRO T 465 -32.77 92.31 -13.48
C PRO T 465 -32.34 92.97 -14.80
N GLN T 466 -32.38 94.30 -14.86
CA GLN T 466 -32.02 95.03 -16.07
C GLN T 466 -30.54 94.86 -16.41
N GLU T 467 -29.66 95.02 -15.42
CA GLU T 467 -28.21 94.81 -15.55
C GLU T 467 -27.65 93.93 -14.42
N THR T 468 -26.45 93.38 -14.65
CA THR T 468 -25.64 92.63 -13.68
C THR T 468 -24.34 93.37 -13.36
N SER T 469 -23.93 93.34 -12.10
CA SER T 469 -22.61 93.83 -11.67
C SER T 469 -21.46 92.89 -12.01
N ARG T 470 -21.75 91.69 -12.54
CA ARG T 470 -20.79 90.62 -12.81
C ARG T 470 -20.77 90.23 -14.30
N LEU T 471 -20.41 91.16 -15.18
CA LEU T 471 -20.26 90.90 -16.63
C LEU T 471 -19.23 89.82 -16.96
N GLU T 472 -18.25 89.60 -16.08
CA GLU T 472 -17.25 88.55 -16.24
C GLU T 472 -17.76 87.15 -15.85
N SER T 473 -18.91 87.06 -15.17
CA SER T 473 -19.53 85.76 -14.88
C SER T 473 -20.17 85.18 -16.14
N ASN T 474 -20.08 83.85 -16.33
CA ASN T 474 -20.84 83.13 -17.35
C ASN T 474 -21.90 82.20 -16.74
N ILE T 475 -22.20 82.37 -15.44
CA ILE T 475 -23.21 81.59 -14.74
C ILE T 475 -24.60 81.92 -15.32
N PRO T 476 -25.41 80.94 -15.75
CA PRO T 476 -26.74 81.17 -16.32
C PRO T 476 -27.69 81.99 -15.43
N GLU T 477 -27.59 81.85 -14.11
CA GLU T 477 -28.37 82.62 -13.13
C GLU T 477 -28.00 84.12 -13.10
N SER T 478 -26.92 84.53 -13.76
CA SER T 478 -26.48 85.92 -13.83
C SER T 478 -27.01 86.70 -15.04
N ILE T 479 -27.83 86.08 -15.90
CA ILE T 479 -28.43 86.72 -17.08
C ILE T 479 -29.23 87.96 -16.67
N CYS T 480 -29.07 89.05 -17.43
CA CYS T 480 -29.85 90.28 -17.28
C CYS T 480 -30.63 90.61 -18.57
N LEU T 481 -31.55 91.57 -18.50
CA LEU T 481 -32.35 92.00 -19.67
C LEU T 481 -31.45 92.56 -20.78
N LEU T 482 -30.36 93.26 -20.44
CA LEU T 482 -29.42 93.78 -21.43
C LEU T 482 -28.71 92.69 -22.22
N ASP T 483 -28.43 91.52 -21.62
CA ASP T 483 -27.89 90.36 -22.37
C ASP T 483 -28.90 89.84 -23.40
N LEU T 484 -30.20 89.85 -23.06
CA LEU T 484 -31.28 89.43 -23.94
C LEU T 484 -31.55 90.47 -25.04
N GLU T 485 -31.44 91.75 -24.73
CA GLU T 485 -31.61 92.84 -25.69
C GLU T 485 -30.52 92.81 -26.76
N VAL T 486 -29.25 92.69 -26.37
CA VAL T 486 -28.17 92.58 -27.36
C VAL T 486 -28.28 91.30 -28.19
N PHE T 487 -28.72 90.19 -27.58
CA PHE T 487 -29.00 88.97 -28.34
C PHE T 487 -30.05 89.24 -29.43
N LEU T 488 -31.20 89.83 -29.07
CA LEU T 488 -32.26 90.13 -30.05
C LEU T 488 -31.81 91.15 -31.11
N LEU T 489 -31.05 92.20 -30.72
CA LEU T 489 -30.50 93.18 -31.68
C LEU T 489 -29.60 92.51 -32.72
N ALA T 490 -28.74 91.58 -32.29
CA ALA T 490 -27.89 90.83 -33.22
C ALA T 490 -28.68 89.85 -34.08
N VAL T 491 -29.66 89.13 -33.52
CA VAL T 491 -30.53 88.25 -34.32
C VAL T 491 -31.22 89.06 -35.40
N VAL T 492 -31.90 90.16 -35.07
CA VAL T 492 -32.59 91.03 -36.03
C VAL T 492 -31.63 91.54 -37.12
N GLN T 493 -30.45 92.02 -36.75
CA GLN T 493 -29.46 92.50 -37.71
C GLN T 493 -28.97 91.38 -38.64
N THR T 494 -28.62 90.21 -38.11
CA THR T 494 -28.17 89.08 -38.92
C THR T 494 -29.26 88.55 -39.84
N SER T 495 -30.51 88.52 -39.38
CA SER T 495 -31.68 88.18 -40.21
C SER T 495 -31.87 89.20 -41.34
N TYR T 496 -31.71 90.50 -41.06
CA TYR T 496 -31.82 91.56 -42.05
C TYR T 496 -30.75 91.42 -43.14
N LEU T 497 -29.48 91.21 -42.76
CA LEU T 497 -28.38 91.00 -43.70
C LEU T 497 -28.61 89.74 -44.54
N GLN T 498 -29.06 88.65 -43.92
CA GLN T 498 -29.40 87.42 -44.64
C GLN T 498 -30.54 87.62 -45.65
N LEU T 499 -31.55 88.45 -45.33
CA LEU T 499 -32.62 88.77 -46.27
C LEU T 499 -32.11 89.63 -47.43
N GLN T 500 -31.21 90.58 -47.18
CA GLN T 500 -30.63 91.41 -48.24
C GLN T 500 -29.79 90.59 -49.22
N ASP T 501 -28.90 89.74 -48.73
CA ASP T 501 -28.05 88.91 -49.58
C ASP T 501 -28.86 87.91 -50.43
N ASN T 502 -30.00 87.46 -49.92
CA ASN T 502 -30.92 86.60 -50.69
C ASN T 502 -31.82 87.39 -51.66
N ASN T 503 -31.99 88.70 -51.46
CA ASN T 503 -32.93 89.55 -52.23
C ASN T 503 -32.27 90.30 -53.38
N THR T 504 -30.95 90.27 -53.55
CA THR T 504 -30.24 90.99 -54.63
C THR T 504 -30.73 90.65 -56.05
N THR T 505 -31.45 89.55 -56.22
CA THR T 505 -32.06 89.13 -57.50
C THR T 505 -33.59 89.07 -57.48
N ALA T 506 -34.26 89.60 -56.44
CA ALA T 506 -35.70 89.45 -56.28
C ALA T 506 -36.52 90.56 -56.96
N ASP T 507 -37.72 90.18 -57.43
CA ASP T 507 -38.77 91.07 -57.99
C ASP T 507 -38.95 92.33 -57.11
N PRO T 508 -38.94 93.56 -57.68
CA PRO T 508 -39.10 94.80 -56.93
C PRO T 508 -40.43 94.88 -56.16
N ASN T 509 -41.46 94.15 -56.60
CA ASN T 509 -42.77 94.09 -55.92
C ASN T 509 -42.79 93.09 -54.77
N ARG T 510 -41.72 92.31 -54.57
CA ARG T 510 -41.67 91.34 -53.48
C ARG T 510 -41.58 92.06 -52.14
N PRO T 511 -42.44 91.72 -51.16
CA PRO T 511 -42.36 92.30 -49.82
C PRO T 511 -40.98 92.05 -49.19
N ARG T 512 -40.41 93.08 -48.55
CA ARG T 512 -39.09 93.01 -47.90
C ARG T 512 -39.06 91.93 -46.81
N CYS T 513 -40.16 91.78 -46.08
CA CYS T 513 -40.38 90.72 -45.11
C CYS T 513 -41.74 90.06 -45.38
N LEU T 514 -41.75 88.74 -45.46
CA LEU T 514 -42.99 87.99 -45.68
C LEU T 514 -43.77 87.80 -44.35
N PRO T 515 -45.09 87.56 -44.41
CA PRO T 515 -45.89 87.19 -43.24
C PRO T 515 -45.32 85.97 -42.51
N LEU T 516 -45.44 85.97 -41.18
CA LEU T 516 -44.90 84.92 -40.30
C LEU T 516 -45.19 83.47 -40.74
N PRO T 517 -46.42 83.09 -41.16
CA PRO T 517 -46.69 81.71 -41.57
C PRO T 517 -45.83 81.23 -42.73
N ILE T 518 -45.49 82.12 -43.68
CA ILE T 518 -44.76 81.78 -44.92
C ILE T 518 -43.31 82.29 -44.94
N CYS T 519 -42.91 82.96 -43.86
CA CYS T 519 -41.57 83.47 -43.69
C CYS T 519 -40.63 82.33 -43.28
N LYS T 520 -39.48 82.21 -43.96
CA LYS T 520 -38.45 81.23 -43.61
C LYS T 520 -37.91 81.51 -42.20
N GLN T 521 -37.29 80.51 -41.58
CA GLN T 521 -36.66 80.68 -40.26
C GLN T 521 -35.64 81.83 -40.32
N LEU T 522 -35.86 82.85 -39.48
CA LEU T 522 -35.09 84.09 -39.50
C LEU T 522 -33.77 83.97 -38.72
N PHE T 523 -33.62 82.92 -37.91
CA PHE T 523 -32.49 82.67 -37.02
C PHE T 523 -31.89 81.28 -37.23
N THR T 524 -30.72 81.02 -36.67
CA THR T 524 -30.04 79.71 -36.72
C THR T 524 -30.52 78.76 -35.62
N ASP T 525 -30.36 77.45 -35.82
CA ASP T 525 -30.76 76.46 -34.81
C ASP T 525 -30.00 76.60 -33.49
N ARG T 526 -28.77 77.15 -33.53
CA ARG T 526 -28.00 77.48 -32.33
C ARG T 526 -28.62 78.67 -31.57
N GLN T 527 -29.02 79.73 -32.28
CA GLN T 527 -29.74 80.86 -31.68
C GLN T 527 -31.06 80.39 -31.05
N ARG T 528 -31.80 79.51 -31.74
CA ARG T 528 -33.00 78.85 -31.20
C ARG T 528 -32.70 78.10 -29.91
N SER T 529 -31.71 77.20 -29.96
CA SER T 529 -31.35 76.36 -28.83
C SER T 529 -30.93 77.18 -27.61
N TRP T 530 -30.24 78.30 -27.81
CA TRP T 530 -29.86 79.20 -26.73
C TRP T 530 -31.07 79.92 -26.13
N TRP T 531 -31.90 80.55 -26.98
CA TRP T 531 -33.09 81.28 -26.54
C TRP T 531 -34.09 80.38 -25.82
N ASP T 532 -34.39 79.20 -26.38
CA ASP T 532 -35.31 78.23 -25.78
C ASP T 532 -34.78 77.71 -24.44
N ALA T 533 -33.45 77.55 -24.29
CA ALA T 533 -32.84 77.17 -23.04
C ALA T 533 -32.99 78.27 -21.98
N VAL T 534 -32.72 79.53 -22.34
CA VAL T 534 -32.91 80.70 -21.47
C VAL T 534 -34.37 80.82 -21.04
N TYR T 535 -35.29 80.79 -22.02
CA TYR T 535 -36.71 80.89 -21.78
C TYR T 535 -37.19 79.78 -20.83
N SER T 536 -36.83 78.52 -21.10
CA SER T 536 -37.22 77.37 -20.28
C SER T 536 -36.67 77.43 -18.85
N LEU T 537 -35.43 77.92 -18.67
CA LEU T 537 -34.80 78.04 -17.36
C LEU T 537 -35.44 79.16 -16.53
N ILE T 538 -35.63 80.35 -17.12
CA ILE T 538 -36.15 81.54 -16.41
C ILE T 538 -37.64 81.38 -16.09
N THR T 539 -38.43 80.86 -17.04
CA THR T 539 -39.87 80.63 -16.85
C THR T 539 -40.20 79.36 -16.06
N LYS T 540 -39.18 78.59 -15.65
CA LYS T 540 -39.31 77.29 -14.95
C LYS T 540 -40.17 76.26 -15.70
N LYS T 541 -40.20 76.35 -17.04
CA LYS T 541 -40.89 75.39 -17.94
C LYS T 541 -39.98 74.24 -18.41
N ALA T 542 -38.73 74.20 -17.97
CA ALA T 542 -37.79 73.13 -18.32
C ALA T 542 -38.26 71.75 -17.87
N LEU T 543 -38.13 70.74 -18.73
CA LEU T 543 -38.42 69.35 -18.37
C LEU T 543 -37.51 68.88 -17.21
N PRO T 544 -38.04 68.11 -16.23
CA PRO T 544 -37.24 67.54 -15.16
C PRO T 544 -36.01 66.77 -15.69
N GLY T 545 -34.84 67.02 -15.10
CA GLY T 545 -33.56 66.39 -15.49
C GLY T 545 -32.82 67.05 -16.66
N THR T 546 -33.47 67.93 -17.44
CA THR T 546 -32.80 68.62 -18.57
C THR T 546 -32.03 69.87 -18.15
N SER T 547 -32.25 70.39 -16.93
CA SER T 547 -31.73 71.69 -16.49
C SER T 547 -30.21 71.80 -16.52
N ALA T 548 -29.47 70.71 -16.28
CA ALA T 548 -28.00 70.73 -16.38
C ALA T 548 -27.53 70.96 -17.82
N LYS T 549 -28.15 70.26 -18.79
CA LYS T 549 -27.86 70.43 -20.22
C LYS T 549 -28.19 71.85 -20.69
N LEU T 550 -29.34 72.39 -20.29
CA LEU T 550 -29.76 73.75 -20.63
C LEU T 550 -28.76 74.78 -20.09
N ARG T 551 -28.31 74.63 -18.83
CA ARG T 551 -27.29 75.51 -18.23
C ARG T 551 -25.98 75.50 -19.01
N SER T 552 -25.52 74.34 -19.47
CA SER T 552 -24.28 74.24 -20.27
C SER T 552 -24.40 74.97 -21.61
N VAL T 553 -25.55 74.87 -22.30
CA VAL T 553 -25.80 75.61 -23.56
C VAL T 553 -25.76 77.11 -23.32
N ILE T 554 -26.44 77.57 -22.27
CA ILE T 554 -26.49 78.99 -21.92
C ILE T 554 -25.09 79.52 -21.57
N GLN T 555 -24.37 78.80 -20.70
CA GLN T 555 -23.06 79.21 -20.19
C GLN T 555 -22.05 79.39 -21.33
N HIS T 556 -22.06 78.50 -22.34
CA HIS T 556 -21.16 78.59 -23.47
C HIS T 556 -21.37 79.88 -24.27
N ASP T 557 -22.60 80.15 -24.70
CA ASP T 557 -22.91 81.27 -25.60
C ASP T 557 -23.07 82.61 -24.88
N LEU T 558 -23.26 82.61 -23.55
CA LEU T 558 -23.25 83.84 -22.74
C LEU T 558 -21.86 84.52 -22.75
N THR T 559 -20.78 83.75 -22.86
CA THR T 559 -19.42 84.29 -22.99
C THR T 559 -19.27 85.15 -24.26
N THR T 560 -19.88 84.71 -25.37
CA THR T 560 -19.96 85.44 -26.64
C THR T 560 -20.74 86.74 -26.46
N LEU T 561 -21.94 86.70 -25.88
CA LEU T 561 -22.80 87.89 -25.71
C LEU T 561 -22.15 88.97 -24.86
N ARG T 562 -21.39 88.60 -23.83
CA ARG T 562 -20.69 89.54 -22.96
C ARG T 562 -19.32 89.97 -23.50
N ALA T 563 -18.95 89.53 -24.70
CA ALA T 563 -17.66 89.78 -25.33
C ALA T 563 -16.48 89.44 -24.39
N GLN T 564 -16.54 88.26 -23.77
CA GLN T 564 -15.45 87.71 -22.96
C GLN T 564 -14.31 87.21 -23.84
N GLU T 565 -13.24 86.67 -23.25
CA GLU T 565 -12.08 86.21 -24.01
C GLU T 565 -12.46 85.25 -25.15
N LYS T 566 -11.89 85.47 -26.35
CA LYS T 566 -12.13 84.66 -27.55
C LYS T 566 -13.61 84.58 -27.98
N HIS T 567 -14.38 85.65 -27.77
CA HIS T 567 -15.80 85.74 -28.13
C HIS T 567 -16.13 85.47 -29.61
N GLY T 568 -15.20 85.69 -30.56
CA GLY T 568 -15.43 85.36 -31.98
C GLY T 568 -16.49 86.21 -32.72
N LEU T 569 -17.01 87.25 -32.08
CA LEU T 569 -17.91 88.25 -32.70
C LEU T 569 -17.24 89.04 -33.84
N GLN T 570 -18.00 89.29 -34.92
CA GLN T 570 -17.65 90.28 -35.95
C GLN T 570 -17.76 91.70 -35.37
N PRO T 571 -16.80 92.61 -35.62
CA PRO T 571 -16.84 93.99 -35.10
C PRO T 571 -18.14 94.75 -35.39
N ALA T 572 -18.74 94.53 -36.56
CA ALA T 572 -19.99 95.15 -36.96
C ALA T 572 -21.16 94.87 -35.99
N VAL T 573 -21.15 93.70 -35.34
CA VAL T 573 -22.15 93.33 -34.33
C VAL T 573 -21.96 94.17 -33.06
N LEU T 574 -20.70 94.34 -32.62
CA LEU T 574 -20.37 95.17 -31.45
C LEU T 574 -20.74 96.65 -31.69
N VAL T 575 -20.47 97.18 -32.89
CA VAL T 575 -20.89 98.53 -33.28
C VAL T 575 -22.41 98.67 -33.20
N ASN T 576 -23.16 97.71 -33.76
CA ASN T 576 -24.62 97.74 -33.73
C ASN T 576 -25.17 97.68 -32.30
N TRP T 577 -24.60 96.84 -31.43
CA TRP T 577 -24.98 96.81 -30.02
C TRP T 577 -24.71 98.13 -29.32
N ALA T 578 -23.51 98.68 -29.47
CA ALA T 578 -23.15 99.92 -28.82
C ALA T 578 -24.07 101.08 -29.27
N ARG T 579 -24.32 101.20 -30.57
CA ARG T 579 -25.26 102.19 -31.13
C ARG T 579 -26.69 102.01 -30.65
N GLY T 580 -27.20 100.78 -30.67
CA GLY T 580 -28.55 100.46 -30.22
C GLY T 580 -28.73 100.82 -28.74
N LEU T 581 -27.78 100.43 -27.90
CA LEU T 581 -27.79 100.73 -26.47
C LEU T 581 -27.62 102.23 -26.18
N HIS T 582 -26.76 102.93 -26.94
CA HIS T 582 -26.59 104.37 -26.81
C HIS T 582 -27.90 105.12 -27.08
N LYS T 583 -28.56 104.81 -28.22
CA LYS T 583 -29.84 105.42 -28.59
C LYS T 583 -30.94 105.12 -27.58
N THR T 584 -31.09 103.85 -27.17
CA THR T 584 -32.08 103.46 -26.16
C THR T 584 -31.80 104.17 -24.85
N GLY T 585 -30.56 104.12 -24.35
CA GLY T 585 -30.18 104.75 -23.09
C GLY T 585 -30.39 106.26 -23.09
N TYR T 586 -29.99 106.97 -24.15
CA TYR T 586 -30.18 108.42 -24.27
C TYR T 586 -31.67 108.82 -24.26
N SER T 587 -32.56 107.98 -24.79
CA SER T 587 -34.01 108.23 -24.82
C SER T 587 -34.74 107.98 -23.49
N LEU T 588 -34.06 107.47 -22.45
CA LEU T 588 -34.68 107.13 -21.17
C LEU T 588 -34.59 108.29 -20.19
N ASN T 589 -35.67 108.61 -19.48
CA ASN T 589 -35.69 109.69 -18.48
C ASN T 589 -35.16 109.26 -17.09
N SER T 590 -34.89 107.97 -16.90
CA SER T 590 -34.43 107.42 -15.62
C SER T 590 -32.92 107.41 -15.54
N PHE T 591 -32.35 108.17 -14.61
CA PHE T 591 -30.91 108.22 -14.33
C PHE T 591 -30.27 106.83 -14.22
N TYR T 592 -30.89 105.93 -13.44
CA TYR T 592 -30.34 104.58 -13.23
C TYR T 592 -30.36 103.76 -14.52
N ASP T 593 -31.43 103.88 -15.31
CA ASP T 593 -31.52 103.18 -16.59
C ASP T 593 -30.50 103.74 -17.60
N GLN T 594 -30.37 105.07 -17.70
CA GLN T 594 -29.36 105.72 -18.54
C GLN T 594 -27.96 105.23 -18.20
N LYS T 595 -27.62 105.19 -16.91
CA LYS T 595 -26.31 104.74 -16.42
C LYS T 595 -26.03 103.28 -16.78
N GLU T 596 -27.01 102.40 -16.63
CA GLU T 596 -26.85 100.98 -16.99
C GLU T 596 -26.65 100.79 -18.50
N TYR T 597 -27.47 101.43 -19.34
CA TYR T 597 -27.34 101.36 -20.80
C TYR T 597 -26.03 101.98 -21.30
N MET T 598 -25.65 103.15 -20.78
CA MET T 598 -24.38 103.79 -21.13
C MET T 598 -23.20 102.95 -20.66
N GLY T 599 -23.25 102.40 -19.45
CA GLY T 599 -22.22 101.51 -18.91
C GLY T 599 -22.00 100.28 -19.82
N ARG T 600 -23.08 99.65 -20.27
CA ARG T 600 -23.00 98.50 -21.19
C ARG T 600 -22.58 98.89 -22.61
N CYS T 601 -23.01 100.05 -23.11
CA CYS T 601 -22.54 100.60 -24.39
C CYS T 601 -21.01 100.79 -24.37
N VAL T 602 -20.50 101.45 -23.34
CA VAL T 602 -19.06 101.68 -23.12
C VAL T 602 -18.30 100.36 -22.99
N HIS T 603 -18.87 99.34 -22.35
CA HIS T 603 -18.27 97.99 -22.30
C HIS T 603 -18.00 97.43 -23.69
N TYR T 604 -18.97 97.47 -24.61
CA TYR T 604 -18.77 96.97 -25.97
C TYR T 604 -17.79 97.81 -26.79
N TRP T 605 -17.79 99.14 -26.63
CA TRP T 605 -16.78 100.00 -27.25
C TRP T 605 -15.36 99.62 -26.80
N LYS T 606 -15.15 99.40 -25.48
CA LYS T 606 -13.85 98.95 -24.95
C LYS T 606 -13.41 97.60 -25.52
N LYS T 607 -14.34 96.69 -25.83
CA LYS T 607 -14.05 95.39 -26.47
C LYS T 607 -13.79 95.52 -27.97
N LEU T 608 -14.38 96.53 -28.61
CA LEU T 608 -14.23 96.80 -30.03
C LEU T 608 -12.89 97.49 -30.37
N LEU T 609 -12.39 98.42 -29.55
CA LEU T 609 -11.17 99.18 -29.80
C LEU T 609 -9.96 98.30 -30.20
N PRO T 610 -9.64 97.20 -29.48
CA PRO T 610 -8.54 96.31 -29.89
C PRO T 610 -8.75 95.63 -31.26
N LEU T 611 -10.00 95.41 -31.67
CA LEU T 611 -10.32 94.86 -33.00
C LEU T 611 -10.15 95.90 -34.09
N LEU T 612 -10.47 97.17 -33.81
CA LEU T 612 -10.22 98.28 -34.73
C LEU T 612 -8.71 98.47 -34.96
N ASP T 613 -7.89 98.31 -33.92
CA ASP T 613 -6.42 98.29 -34.06
C ASP T 613 -5.92 97.17 -34.98
N LEU T 614 -6.53 95.98 -34.92
CA LEU T 614 -6.22 94.88 -35.84
C LEU T 614 -6.60 95.23 -37.29
N VAL T 615 -7.77 95.84 -37.50
CA VAL T 615 -8.22 96.30 -38.83
C VAL T 615 -7.29 97.38 -39.39
N LYS T 616 -6.85 98.33 -38.55
CA LYS T 616 -5.86 99.37 -38.90
C LYS T 616 -4.51 98.76 -39.31
N GLN T 617 -4.11 97.68 -38.64
CA GLN T 617 -2.94 96.87 -38.98
C GLN T 617 -3.17 95.92 -40.17
N LYS T 618 -4.35 95.93 -40.80
CA LYS T 618 -4.77 95.04 -41.89
C LYS T 618 -4.68 93.55 -41.54
N LYS T 619 -4.86 93.21 -40.25
CA LYS T 619 -4.92 91.83 -39.77
C LYS T 619 -6.34 91.31 -39.85
N SER T 620 -6.48 90.03 -40.20
CA SER T 620 -7.78 89.35 -40.25
C SER T 620 -8.33 89.10 -38.85
N ILE T 621 -9.65 89.20 -38.71
CA ILE T 621 -10.36 88.91 -37.47
C ILE T 621 -10.68 87.41 -37.41
N PRO T 622 -10.42 86.72 -36.28
CA PRO T 622 -10.72 85.29 -36.16
C PRO T 622 -12.21 85.00 -36.26
N GLU T 623 -12.59 84.09 -37.16
CA GLU T 623 -13.97 83.60 -37.33
C GLU T 623 -14.13 82.19 -36.72
N PRO T 624 -15.11 81.97 -35.83
CA PRO T 624 -15.43 80.63 -35.32
C PRO T 624 -15.99 79.70 -36.39
N VAL T 625 -15.72 78.39 -36.29
CA VAL T 625 -16.26 77.36 -37.22
C VAL T 625 -17.79 77.29 -37.19
N ASP T 626 -18.38 77.43 -36.01
CA ASP T 626 -19.82 77.52 -35.81
C ASP T 626 -20.09 78.76 -34.94
N PRO T 627 -20.35 79.93 -35.54
CA PRO T 627 -20.57 81.16 -34.79
C PRO T 627 -22.03 81.32 -34.36
N LEU T 628 -22.28 81.90 -33.18
CA LEU T 628 -23.63 82.24 -32.72
C LEU T 628 -24.32 83.26 -33.65
N PHE T 629 -23.54 84.19 -34.18
CA PHE T 629 -23.95 85.19 -35.17
C PHE T 629 -23.06 85.06 -36.40
N LYS T 630 -23.65 84.81 -37.57
CA LYS T 630 -22.92 84.65 -38.83
C LYS T 630 -22.13 85.91 -39.17
N HIS T 631 -20.92 85.74 -39.71
CA HIS T 631 -20.12 86.85 -40.21
C HIS T 631 -20.57 87.20 -41.63
N PHE T 632 -20.80 88.48 -41.88
CA PHE T 632 -21.20 89.00 -43.18
C PHE T 632 -20.11 89.92 -43.72
N HIS T 633 -19.32 89.45 -44.69
CA HIS T 633 -18.16 90.19 -45.20
C HIS T 633 -18.52 91.52 -45.90
N ASN T 634 -19.78 91.68 -46.33
CA ASN T 634 -20.28 92.95 -46.86
C ASN T 634 -20.37 94.07 -45.79
N LYS T 635 -20.31 93.72 -44.49
CA LYS T 635 -20.31 94.64 -43.35
C LYS T 635 -18.99 94.65 -42.58
N ASP T 636 -17.91 94.09 -43.15
CA ASP T 636 -16.59 94.22 -42.55
C ASP T 636 -16.16 95.69 -42.51
N ILE T 637 -15.67 96.13 -41.33
CA ILE T 637 -15.28 97.52 -41.09
C ILE T 637 -14.09 97.87 -41.98
N LYS T 638 -14.24 98.96 -42.74
CA LYS T 638 -13.16 99.46 -43.60
C LYS T 638 -12.20 100.32 -42.80
N VAL T 639 -10.93 100.35 -43.21
CA VAL T 639 -9.88 101.17 -42.56
C VAL T 639 -10.25 102.67 -42.53
N SER T 640 -11.01 103.16 -43.52
CA SER T 640 -11.50 104.54 -43.57
C SER T 640 -12.52 104.88 -42.48
N GLU T 641 -13.30 103.90 -42.03
CA GLU T 641 -14.38 104.08 -41.04
C GLU T 641 -13.85 103.97 -39.60
N VAL T 642 -12.61 103.49 -39.41
CA VAL T 642 -12.03 103.24 -38.08
C VAL T 642 -11.96 104.52 -37.24
N LYS T 643 -11.56 105.65 -37.83
CA LYS T 643 -11.46 106.92 -37.11
C LYS T 643 -12.82 107.39 -36.59
N ASP T 644 -13.85 107.34 -37.44
CA ASP T 644 -15.20 107.76 -37.06
C ASP T 644 -15.76 106.90 -35.90
N LEU T 645 -15.42 105.61 -35.88
CA LEU T 645 -15.79 104.70 -34.79
C LEU T 645 -14.98 104.94 -33.50
N GLU T 646 -13.70 105.31 -33.61
CA GLU T 646 -12.88 105.73 -32.46
C GLU T 646 -13.46 107.00 -31.83
N ASP T 647 -13.86 107.98 -32.66
CA ASP T 647 -14.50 109.23 -32.22
C ASP T 647 -15.88 108.94 -31.56
N GLU T 648 -16.68 108.03 -32.12
CA GLU T 648 -17.95 107.59 -31.54
C GLU T 648 -17.77 106.88 -30.19
N ALA T 649 -16.71 106.07 -30.05
CA ALA T 649 -16.35 105.44 -28.77
C ALA T 649 -15.99 106.49 -27.71
N CYS T 650 -15.21 107.51 -28.08
CA CYS T 650 -14.84 108.61 -27.20
C CYS T 650 -16.07 109.42 -26.76
N ILE T 651 -17.01 109.70 -27.67
CA ILE T 651 -18.29 110.34 -27.35
C ILE T 651 -19.06 109.50 -26.33
N ALA T 652 -19.17 108.18 -26.52
CA ALA T 652 -19.86 107.31 -25.59
C ALA T 652 -19.19 107.28 -24.19
N PHE T 653 -17.86 107.35 -24.12
CA PHE T 653 -17.13 107.45 -22.85
C PHE T 653 -17.43 108.78 -22.14
N ALA T 654 -17.38 109.90 -22.86
CA ALA T 654 -17.72 111.20 -22.34
C ALA T 654 -19.19 111.30 -21.88
N THR T 655 -20.12 110.69 -22.62
CA THR T 655 -21.53 110.59 -22.20
C THR T 655 -21.70 109.78 -20.91
N LEU T 656 -20.95 108.68 -20.72
CA LEU T 656 -21.00 107.92 -19.47
C LEU T 656 -20.47 108.75 -18.30
N ASP T 657 -19.36 109.47 -18.46
CA ASP T 657 -18.82 110.35 -17.42
C ASP T 657 -19.80 111.49 -17.08
N LEU T 658 -20.51 112.03 -18.08
CA LEU T 658 -21.61 113.00 -17.88
C LEU T 658 -22.76 112.40 -17.06
N VAL T 659 -23.22 111.19 -17.40
CA VAL T 659 -24.27 110.48 -16.65
C VAL T 659 -23.81 110.10 -15.23
N ASP T 660 -22.53 109.82 -15.03
CA ASP T 660 -21.96 109.58 -13.69
C ASP T 660 -21.82 110.85 -12.84
N GLY T 661 -22.08 112.04 -13.41
CA GLY T 661 -21.96 113.33 -12.74
C GLY T 661 -20.55 113.91 -12.73
N LYS T 662 -19.61 113.34 -13.49
CA LYS T 662 -18.26 113.87 -13.70
C LYS T 662 -18.26 114.85 -14.88
N THR T 663 -18.93 115.98 -14.68
CA THR T 663 -19.16 116.97 -15.74
C THR T 663 -17.87 117.55 -16.32
N GLU T 664 -16.86 117.80 -15.49
CA GLU T 664 -15.58 118.38 -15.94
C GLU T 664 -14.76 117.40 -16.81
N ASP T 665 -14.67 116.14 -16.39
CA ASP T 665 -14.02 115.08 -17.18
C ASP T 665 -14.73 114.89 -18.53
N ALA T 666 -16.07 114.97 -18.54
CA ALA T 666 -16.86 114.87 -19.75
C ALA T 666 -16.60 116.06 -20.70
N ILE T 667 -16.51 117.30 -20.19
CA ILE T 667 -16.19 118.48 -21.00
C ILE T 667 -14.84 118.32 -21.70
N ILE T 668 -13.79 117.96 -20.94
CA ILE T 668 -12.44 117.73 -21.48
C ILE T 668 -12.46 116.64 -22.56
N ALA T 669 -13.20 115.55 -22.31
CA ALA T 669 -13.31 114.46 -23.27
C ALA T 669 -14.05 114.89 -24.56
N PHE T 670 -15.16 115.62 -24.46
CA PHE T 670 -15.88 116.11 -25.64
C PHE T 670 -15.06 117.13 -26.45
N GLU T 671 -14.36 118.06 -25.79
CA GLU T 671 -13.50 119.04 -26.44
C GLU T 671 -12.36 118.37 -27.23
N SER T 672 -11.92 117.18 -26.81
CA SER T 672 -10.87 116.43 -27.49
C SER T 672 -11.28 115.80 -28.82
N VAL T 673 -12.57 115.45 -29.00
CA VAL T 673 -13.07 114.74 -30.20
C VAL T 673 -13.27 115.68 -31.39
N LYS T 674 -13.61 116.96 -31.13
CA LYS T 674 -13.80 117.99 -32.17
C LYS T 674 -14.74 117.57 -33.31
N ASN T 675 -15.93 117.07 -32.96
CA ASN T 675 -16.98 116.64 -33.87
C ASN T 675 -18.30 117.31 -33.49
N VAL T 676 -19.20 117.54 -34.46
CA VAL T 676 -20.55 118.07 -34.27
C VAL T 676 -21.32 117.44 -33.13
N VAL T 677 -21.27 116.11 -32.97
CA VAL T 677 -21.96 115.43 -31.85
C VAL T 677 -21.35 115.83 -30.50
N ALA T 678 -20.02 116.01 -30.44
CA ALA T 678 -19.35 116.47 -29.23
C ALA T 678 -19.68 117.95 -28.93
N TYR T 679 -19.70 118.82 -29.95
CA TYR T 679 -20.11 120.22 -29.80
C TYR T 679 -21.56 120.34 -29.32
N TRP T 680 -22.45 119.49 -29.82
CA TRP T 680 -23.84 119.45 -29.38
C TRP T 680 -23.94 119.07 -27.89
N ASN T 681 -23.23 118.03 -27.46
CA ASN T 681 -23.20 117.65 -26.05
C ASN T 681 -22.57 118.75 -25.17
N LEU T 682 -21.52 119.44 -25.64
CA LEU T 682 -20.94 120.58 -24.94
C LEU T 682 -21.93 121.73 -24.80
N ALA T 683 -22.66 122.08 -25.86
CA ALA T 683 -23.70 123.09 -25.82
C ALA T 683 -24.78 122.74 -24.78
N LEU T 684 -25.27 121.49 -24.77
CA LEU T 684 -26.24 121.02 -23.77
C LEU T 684 -25.70 121.08 -22.33
N ILE T 685 -24.43 120.75 -22.11
CA ILE T 685 -23.81 120.85 -20.78
C ILE T 685 -23.78 122.31 -20.32
N TYR T 686 -23.33 123.24 -21.16
CA TYR T 686 -23.24 124.66 -20.81
C TYR T 686 -24.61 125.31 -20.66
N GLN T 687 -25.60 124.92 -21.46
CA GLN T 687 -26.98 125.35 -21.27
C GLN T 687 -27.51 124.91 -19.91
N ARG T 688 -27.35 123.64 -19.53
CA ARG T 688 -27.77 123.14 -18.21
C ARG T 688 -27.02 123.82 -17.06
N LYS T 689 -25.71 124.07 -17.21
CA LYS T 689 -24.94 124.86 -16.23
C LYS T 689 -25.52 126.26 -16.07
N ALA T 690 -25.91 126.93 -17.16
CA ALA T 690 -26.55 128.24 -17.11
C ALA T 690 -27.92 128.18 -16.41
N GLU T 691 -28.77 127.20 -16.73
CA GLU T 691 -30.08 127.00 -16.08
C GLU T 691 -29.97 126.67 -14.58
N GLU T 692 -28.91 126.00 -14.14
CA GLU T 692 -28.63 125.75 -12.71
C GLU T 692 -28.22 127.03 -11.96
N ILE T 693 -27.54 127.95 -12.65
CA ILE T 693 -27.16 129.25 -12.12
C ILE T 693 -28.36 130.20 -12.11
N GLU T 694 -29.30 130.10 -13.07
CA GLU T 694 -30.51 130.95 -13.14
C GLU T 694 -31.44 130.77 -11.93
N ASN T 695 -31.16 131.52 -10.86
CA ASN T 695 -32.07 131.79 -9.75
C ASN T 695 -32.29 133.31 -9.66
N ASP T 696 -33.50 133.77 -9.36
CA ASP T 696 -33.96 135.16 -9.51
C ASP T 696 -33.18 136.27 -8.74
N CYS T 697 -32.09 135.98 -8.03
CA CYS T 697 -31.29 136.95 -7.25
C CYS T 697 -29.78 136.59 -7.20
N LEU T 698 -29.09 136.61 -8.34
CA LEU T 698 -27.67 136.20 -8.42
C LEU T 698 -26.68 137.26 -7.91
N PRO T 699 -25.68 136.88 -7.09
CA PRO T 699 -24.45 137.66 -6.88
C PRO T 699 -23.72 137.95 -8.20
N ALA T 700 -22.94 139.03 -8.25
CA ALA T 700 -22.22 139.46 -9.46
C ALA T 700 -21.26 138.37 -10.03
N GLU T 701 -20.62 137.59 -9.16
CA GLU T 701 -19.75 136.46 -9.57
C GLU T 701 -20.57 135.38 -10.32
N GLU T 702 -21.76 135.04 -9.80
CA GLU T 702 -22.64 134.05 -10.44
C GLU T 702 -23.24 134.59 -11.75
N GLN T 703 -23.43 135.91 -11.87
CA GLN T 703 -23.86 136.55 -13.11
C GLN T 703 -22.78 136.48 -14.21
N GLU T 704 -21.50 136.63 -13.86
CA GLU T 704 -20.39 136.46 -14.81
C GLU T 704 -20.27 135.00 -15.27
N GLU T 705 -20.37 134.02 -14.36
CA GLU T 705 -20.36 132.59 -14.69
C GLU T 705 -21.54 132.19 -15.59
N PHE T 706 -22.73 132.73 -15.33
CA PHE T 706 -23.91 132.54 -16.17
C PHE T 706 -23.67 133.02 -17.61
N GLN T 707 -23.15 134.25 -17.76
CA GLN T 707 -22.84 134.83 -19.06
C GLN T 707 -21.74 134.05 -19.79
N GLU T 708 -20.70 133.60 -19.08
CA GLU T 708 -19.64 132.76 -19.65
C GLU T 708 -20.19 131.43 -20.18
N CYS T 709 -21.09 130.78 -19.43
CA CYS T 709 -21.74 129.54 -19.86
C CYS T 709 -22.57 129.76 -21.13
N LEU T 710 -23.35 130.85 -21.20
CA LEU T 710 -24.13 131.16 -22.40
C LEU T 710 -23.24 131.50 -23.60
N LEU T 711 -22.14 132.21 -23.41
CA LEU T 711 -21.17 132.50 -24.48
C LEU T 711 -20.52 131.22 -25.01
N LYS T 712 -20.14 130.28 -24.12
CA LYS T 712 -19.62 128.97 -24.51
C LYS T 712 -20.66 128.15 -25.27
N CYS T 713 -21.91 128.14 -24.80
CA CYS T 713 -23.03 127.51 -25.49
C CYS T 713 -23.23 128.09 -26.91
N LYS T 714 -23.31 129.43 -27.03
CA LYS T 714 -23.38 130.14 -28.34
C LYS T 714 -22.22 129.76 -29.25
N GLY T 715 -21.01 129.68 -28.71
CA GLY T 715 -19.80 129.30 -29.45
C GLY T 715 -19.91 127.92 -30.09
N PHE T 716 -20.26 126.89 -29.31
CA PHE T 716 -20.41 125.52 -29.82
C PHE T 716 -21.60 125.38 -30.78
N LEU T 717 -22.73 126.01 -30.51
CA LEU T 717 -23.89 126.02 -31.43
C LEU T 717 -23.52 126.67 -32.77
N LYS T 718 -22.78 127.78 -32.74
CA LYS T 718 -22.29 128.43 -33.96
C LYS T 718 -21.34 127.52 -34.75
N MET T 719 -20.44 126.80 -34.09
CA MET T 719 -19.56 125.83 -34.76
C MET T 719 -20.36 124.75 -35.49
N ILE T 720 -21.46 124.25 -34.90
CA ILE T 720 -22.36 123.29 -35.55
C ILE T 720 -23.01 123.90 -36.79
N CYS T 721 -23.51 125.14 -36.70
CA CYS T 721 -24.11 125.84 -37.83
C CYS T 721 -23.10 126.10 -38.95
N ASP T 722 -21.88 126.49 -38.61
CA ASP T 722 -20.79 126.74 -39.55
C ASP T 722 -20.40 125.44 -40.28
N GLU T 723 -20.26 124.33 -39.56
CA GLU T 723 -19.99 123.02 -40.17
C GLU T 723 -21.14 122.52 -41.05
N TYR T 724 -22.39 122.68 -40.61
CA TYR T 724 -23.57 122.34 -41.41
C TYR T 724 -23.64 123.17 -42.71
N SER T 725 -23.30 124.45 -42.64
CA SER T 725 -23.25 125.33 -43.82
C SER T 725 -22.18 124.89 -44.83
N ALA T 726 -21.06 124.34 -44.37
CA ALA T 726 -20.02 123.79 -45.21
C ALA T 726 -20.38 122.40 -45.79
N TYR T 727 -21.01 121.54 -44.99
CA TYR T 727 -21.35 120.17 -45.35
C TYR T 727 -22.76 119.77 -44.86
N PRO T 728 -23.81 119.97 -45.68
CA PRO T 728 -25.18 119.64 -45.31
C PRO T 728 -25.43 118.14 -44.97
N SER T 729 -24.52 117.24 -45.37
CA SER T 729 -24.55 115.82 -45.02
C SER T 729 -24.47 115.55 -43.52
N ILE T 730 -23.95 116.50 -42.75
CA ILE T 730 -23.82 116.43 -41.28
C ILE T 730 -25.18 116.30 -40.59
N ALA T 731 -26.27 116.75 -41.20
CA ALA T 731 -27.62 116.59 -40.65
C ALA T 731 -27.96 115.13 -40.28
N THR T 732 -27.35 114.15 -40.96
CA THR T 732 -27.56 112.73 -40.65
C THR T 732 -26.80 112.25 -39.41
N SER T 733 -25.72 112.94 -39.03
CA SER T 733 -24.90 112.64 -37.85
C SER T 733 -25.38 113.35 -36.59
N LEU T 734 -26.12 114.46 -36.75
CA LEU T 734 -26.66 115.21 -35.62
C LEU T 734 -27.69 114.37 -34.85
N PRO T 735 -27.65 114.35 -33.51
CA PRO T 735 -28.63 113.64 -32.69
C PRO T 735 -30.05 114.23 -32.78
N VAL T 736 -30.17 115.50 -33.18
CA VAL T 736 -31.42 116.26 -33.27
C VAL T 736 -31.56 116.88 -34.66
N PRO T 737 -32.79 117.21 -35.10
CA PRO T 737 -33.00 118.01 -36.30
C PRO T 737 -32.22 119.33 -36.21
N VAL T 738 -31.71 119.81 -37.35
CA VAL T 738 -30.89 121.04 -37.39
C VAL T 738 -31.72 122.25 -36.95
N GLU T 739 -33.04 122.21 -37.15
CA GLU T 739 -34.00 123.21 -36.69
C GLU T 739 -33.92 123.40 -35.18
N THR T 740 -33.79 122.33 -34.39
CA THR T 740 -33.63 122.40 -32.93
C THR T 740 -32.33 123.10 -32.52
N VAL T 741 -31.26 122.93 -33.30
CA VAL T 741 -29.99 123.64 -33.07
C VAL T 741 -30.17 125.13 -33.32
N PHE T 742 -30.87 125.52 -34.38
CA PHE T 742 -31.17 126.92 -34.68
C PHE T 742 -32.08 127.56 -33.63
N GLU T 743 -33.14 126.87 -33.21
CA GLU T 743 -34.05 127.33 -32.15
C GLU T 743 -33.31 127.57 -30.82
N MET T 744 -32.42 126.66 -30.44
CA MET T 744 -31.58 126.82 -29.25
C MET T 744 -30.57 127.95 -29.40
N LEU T 745 -29.96 128.12 -30.58
CA LEU T 745 -29.05 129.23 -30.84
C LEU T 745 -29.76 130.58 -30.73
N ASP T 746 -30.99 130.68 -31.24
CA ASP T 746 -31.77 131.91 -31.18
C ASP T 746 -32.29 132.20 -29.76
N SER T 747 -32.65 131.18 -28.97
CA SER T 747 -32.99 131.37 -27.55
C SER T 747 -31.78 131.88 -26.73
N VAL T 748 -30.58 131.30 -26.96
CA VAL T 748 -29.35 131.73 -26.30
C VAL T 748 -28.97 133.17 -26.68
N LYS T 749 -29.17 133.57 -27.94
CA LYS T 749 -28.98 134.98 -28.37
C LYS T 749 -29.95 135.92 -27.67
N GLN T 750 -31.21 135.53 -27.51
CA GLN T 750 -32.20 136.34 -26.80
C GLN T 750 -31.84 136.52 -25.32
N SER T 751 -31.35 135.47 -24.65
CA SER T 751 -30.91 135.53 -23.24
C SER T 751 -29.63 136.34 -23.03
N LEU T 752 -28.69 136.33 -23.98
CA LEU T 752 -27.48 137.17 -23.93
C LEU T 752 -27.78 138.66 -24.16
N GLY T 753 -28.89 138.98 -24.81
CA GLY T 753 -29.24 140.35 -25.22
C GLY T 753 -28.35 140.89 -26.35
N GLU T 754 -28.84 141.91 -27.06
CA GLU T 754 -28.17 142.50 -28.23
C GLU T 754 -26.81 143.17 -27.90
N ALA T 755 -26.52 143.47 -26.62
CA ALA T 755 -25.40 144.32 -26.21
C ALA T 755 -24.00 143.68 -26.32
N MET T 756 -23.90 142.38 -26.57
CA MET T 756 -22.62 141.64 -26.59
C MET T 756 -22.22 141.09 -27.97
N ASP T 757 -22.94 141.44 -29.05
CA ASP T 757 -22.70 140.86 -30.38
C ASP T 757 -21.32 141.20 -31.00
N ASP T 758 -20.61 142.22 -30.51
CA ASP T 758 -19.38 142.73 -31.14
C ASP T 758 -18.05 142.38 -30.43
N HIS T 759 -18.08 141.70 -29.28
CA HIS T 759 -16.85 141.32 -28.58
C HIS T 759 -16.73 139.80 -28.48
N SER T 760 -16.19 139.17 -29.53
CA SER T 760 -15.72 137.78 -29.47
C SER T 760 -14.31 137.75 -28.87
N PRO T 761 -14.10 137.30 -27.61
CA PRO T 761 -12.75 136.94 -27.19
C PRO T 761 -12.40 135.64 -27.92
N ALA T 762 -11.18 135.56 -28.45
CA ALA T 762 -10.63 134.42 -29.18
C ALA T 762 -10.87 133.09 -28.43
N PHE T 763 -11.94 132.39 -28.81
CA PHE T 763 -12.56 131.27 -28.08
C PHE T 763 -11.64 130.06 -27.84
N MET T 764 -10.51 129.97 -28.56
CA MET T 764 -9.61 128.80 -28.48
C MET T 764 -8.12 129.10 -28.24
N GLU T 765 -7.69 130.35 -27.99
CA GLU T 765 -6.24 130.61 -27.90
C GLU T 765 -5.57 130.27 -26.56
N ASN T 766 -6.29 130.04 -25.45
CA ASN T 766 -5.65 129.96 -24.12
C ASN T 766 -5.63 128.61 -23.38
N HIS T 767 -6.00 127.48 -23.99
CA HIS T 767 -5.83 126.16 -23.35
C HIS T 767 -4.87 125.24 -24.13
N SER T 768 -3.62 125.69 -24.26
CA SER T 768 -2.48 124.89 -24.74
C SER T 768 -1.55 124.46 -23.59
N VAL T 769 -2.09 124.00 -22.45
CA VAL T 769 -1.25 123.39 -21.38
C VAL T 769 -2.00 122.27 -20.68
N LEU T 770 -1.81 121.02 -21.13
CA LEU T 770 -1.54 119.85 -20.28
C LEU T 770 -1.30 118.62 -21.17
N THR T 771 -0.02 118.35 -21.35
CA THR T 771 0.60 117.14 -21.85
C THR T 771 -0.06 115.83 -21.39
N THR T 772 -0.48 115.04 -22.37
CA THR T 772 -0.46 113.56 -22.42
C THR T 772 -0.24 112.83 -21.09
N SER T 773 -1.29 112.64 -20.31
CA SER T 773 -1.38 111.52 -19.38
C SER T 773 -2.64 110.74 -19.71
N ALA T 774 -2.47 109.52 -20.23
CA ALA T 774 -3.53 108.61 -20.61
C ALA T 774 -4.64 108.58 -19.53
N ILE T 775 -5.77 109.23 -19.80
CA ILE T 775 -6.92 109.29 -18.91
C ILE T 775 -7.46 107.87 -18.81
N LYS T 776 -7.18 107.22 -17.68
CA LYS T 776 -7.64 105.87 -17.39
C LYS T 776 -9.11 105.97 -16.98
N HIS T 777 -10.02 105.64 -17.90
CA HIS T 777 -11.44 105.42 -17.58
C HIS T 777 -11.59 104.14 -16.74
N SER T 778 -11.27 104.23 -15.45
CA SER T 778 -11.41 103.13 -14.49
C SER T 778 -12.86 103.00 -14.03
N THR T 779 -13.47 101.83 -14.24
CA THR T 779 -14.64 101.42 -13.47
C THR T 779 -14.19 100.99 -12.07
N PRO T 780 -14.91 101.32 -10.99
CA PRO T 780 -14.46 101.02 -9.65
C PRO T 780 -14.50 99.51 -9.41
N SER T 781 -13.34 98.94 -9.08
CA SER T 781 -13.26 97.62 -8.47
C SER T 781 -13.95 97.65 -7.09
N PRO T 782 -14.54 96.53 -6.62
CA PRO T 782 -15.47 96.53 -5.50
C PRO T 782 -14.73 96.69 -4.17
N THR T 783 -14.47 97.93 -3.77
CA THR T 783 -13.91 98.24 -2.45
C THR T 783 -15.05 98.47 -1.47
N LYS T 784 -14.97 97.77 -0.33
CA LYS T 784 -15.94 97.77 0.78
C LYS T 784 -16.42 99.19 1.12
N LEU T 785 -17.74 99.34 1.17
CA LEU T 785 -18.50 100.48 1.69
C LEU T 785 -17.80 101.13 2.89
N THR T 786 -17.17 102.29 2.66
CA THR T 786 -16.92 103.26 3.72
C THR T 786 -17.79 104.46 3.41
N ILE T 787 -18.77 104.66 4.28
CA ILE T 787 -19.74 105.75 4.24
C ILE T 787 -19.01 107.00 4.71
N SER T 788 -18.71 107.91 3.79
CA SER T 788 -18.40 109.29 4.13
C SER T 788 -19.55 110.18 3.62
N PRO T 789 -20.38 110.75 4.52
CA PRO T 789 -21.54 111.55 4.14
C PRO T 789 -21.12 113.02 4.03
N SER T 790 -20.81 113.52 2.83
CA SER T 790 -20.67 114.98 2.63
C SER T 790 -20.73 115.48 1.17
N LYS T 791 -21.30 114.73 0.21
CA LYS T 791 -21.67 115.29 -1.10
C LYS T 791 -23.03 114.74 -1.53
N SER T 792 -24.09 115.50 -1.26
CA SER T 792 -25.40 115.30 -1.88
C SER T 792 -25.22 115.37 -3.40
N ALA T 793 -25.67 114.35 -4.12
CA ALA T 793 -25.62 114.32 -5.58
C ALA T 793 -26.35 115.56 -6.14
N ARG T 794 -25.61 116.44 -6.83
CA ARG T 794 -26.12 117.70 -7.39
C ARG T 794 -27.01 117.52 -8.64
N PHE T 795 -27.21 116.30 -9.12
CA PHE T 795 -27.86 116.06 -10.41
C PHE T 795 -29.24 115.42 -10.22
N SER T 796 -30.28 116.26 -10.16
CA SER T 796 -31.69 115.84 -10.24
C SER T 796 -32.11 115.81 -11.72
N PRO T 797 -32.80 114.76 -12.19
CA PRO T 797 -33.30 114.71 -13.56
C PRO T 797 -34.51 115.65 -13.69
N LYS T 798 -34.29 116.92 -14.03
CA LYS T 798 -35.35 117.81 -14.51
C LYS T 798 -35.49 117.68 -16.04
N MET U 1 17.02 24.63 5.30
CA MET U 1 16.64 23.39 6.02
C MET U 1 17.76 22.37 5.84
N ARG U 2 18.43 21.93 6.91
CA ARG U 2 19.39 20.80 6.82
C ARG U 2 18.59 19.53 6.59
N ARG U 3 18.92 18.77 5.54
CA ARG U 3 18.30 17.46 5.30
C ARG U 3 18.73 16.50 6.41
N SER U 4 17.79 15.74 6.96
CA SER U 4 18.12 14.73 7.98
C SER U 4 18.91 13.57 7.37
N LYS U 5 19.69 12.85 8.18
CA LYS U 5 20.39 11.63 7.74
C LYS U 5 19.44 10.64 7.08
N ALA U 6 18.25 10.46 7.65
CA ALA U 6 17.22 9.56 7.13
C ALA U 6 16.68 10.01 5.76
N GLU U 7 16.47 11.30 5.54
CA GLU U 7 16.08 11.85 4.22
C GLU U 7 17.16 11.62 3.17
N ILE U 8 18.42 11.89 3.53
CA ILE U 8 19.56 11.67 2.62
C ILE U 8 19.67 10.18 2.29
N GLN U 9 19.58 9.31 3.29
CA GLN U 9 19.69 7.87 3.09
C GLN U 9 18.56 7.33 2.20
N ARG U 10 17.30 7.75 2.42
CA ARG U 10 16.17 7.43 1.52
C ARG U 10 16.40 7.91 0.09
N TYR U 11 16.93 9.12 -0.08
CA TYR U 11 17.29 9.65 -1.40
C TYR U 11 18.39 8.83 -2.07
N VAL U 12 19.44 8.47 -1.33
CA VAL U 12 20.54 7.62 -1.82
C VAL U 12 20.03 6.24 -2.20
N GLU U 13 19.23 5.58 -1.36
CA GLU U 13 18.64 4.27 -1.63
C GLU U 13 17.75 4.29 -2.88
N ASN U 14 16.88 5.29 -3.02
CA ASN U 14 16.06 5.46 -4.23
C ASN U 14 16.92 5.71 -5.49
N ALA U 15 17.96 6.53 -5.36
CA ALA U 15 18.88 6.83 -6.46
C ALA U 15 19.77 5.64 -6.84
N GLN U 16 20.04 4.73 -5.91
CA GLN U 16 20.77 3.47 -6.12
C GLN U 16 19.86 2.36 -6.67
N ASN U 17 18.58 2.30 -6.29
CA ASN U 17 17.62 1.33 -6.81
C ASN U 17 17.22 1.61 -8.26
N SER U 18 17.22 2.89 -8.65
CA SER U 18 16.96 3.32 -10.04
C SER U 18 18.13 3.14 -11.00
N ALA U 19 19.34 2.89 -10.49
CA ALA U 19 20.52 2.76 -11.33
C ALA U 19 20.66 1.33 -11.89
N SER U 20 20.85 1.25 -13.20
CA SER U 20 20.85 0.00 -13.99
C SER U 20 22.12 -0.84 -13.81
N SER U 21 23.25 -0.19 -13.52
CA SER U 21 24.55 -0.83 -13.39
C SER U 21 25.28 -0.41 -12.11
N PRO U 22 26.18 -1.26 -11.57
CA PRO U 22 27.06 -0.88 -10.45
C PRO U 22 27.87 0.39 -10.74
N ARG U 23 28.32 0.56 -11.99
CA ARG U 23 29.04 1.74 -12.46
C ARG U 23 28.19 3.01 -12.34
N GLU U 24 26.92 2.94 -12.74
CA GLU U 24 25.99 4.07 -12.63
C GLU U 24 25.71 4.46 -11.17
N LYS U 25 25.63 3.47 -10.25
CA LYS U 25 25.51 3.74 -8.80
C LYS U 25 26.72 4.52 -8.27
N SER U 26 27.92 4.08 -8.62
CA SER U 26 29.17 4.73 -8.22
C SER U 26 29.33 6.12 -8.82
N MET U 27 28.88 6.36 -10.05
CA MET U 27 28.90 7.70 -10.69
C MET U 27 28.11 8.75 -9.91
N LYS U 28 27.03 8.36 -9.19
CA LYS U 28 26.27 9.27 -8.32
C LYS U 28 26.94 9.50 -6.95
N GLY U 29 28.01 8.75 -6.63
CA GLY U 29 28.68 8.74 -5.33
C GLY U 29 29.22 10.10 -4.88
N PHE U 30 29.72 10.95 -5.79
CA PHE U 30 30.20 12.29 -5.44
C PHE U 30 29.07 13.20 -4.90
N LEU U 31 27.88 13.14 -5.52
CA LEU U 31 26.71 13.89 -5.05
C LEU U 31 26.28 13.40 -3.66
N PHE U 32 26.25 12.08 -3.46
CA PHE U 32 25.93 11.49 -2.16
C PHE U 32 26.94 11.92 -1.09
N ALA U 33 28.23 11.94 -1.43
CA ALA U 33 29.28 12.37 -0.53
C ALA U 33 29.10 13.82 -0.07
N ARG U 34 28.73 14.72 -0.99
CA ARG U 34 28.44 16.12 -0.66
C ARG U 34 27.21 16.26 0.25
N LEU U 35 26.15 15.50 0.00
CA LEU U 35 24.97 15.49 0.86
C LEU U 35 25.30 14.99 2.27
N TYR U 36 26.06 13.90 2.38
CA TYR U 36 26.51 13.39 3.69
C TYR U 36 27.42 14.37 4.43
N TYR U 37 28.28 15.10 3.71
CA TYR U 37 29.11 16.16 4.29
C TYR U 37 28.28 17.33 4.84
N GLU U 38 27.27 17.79 4.10
CA GLU U 38 26.34 18.83 4.58
C GLU U 38 25.57 18.37 5.82
N ALA U 39 25.36 17.06 5.99
CA ALA U 39 24.80 16.42 7.18
C ALA U 39 25.82 16.11 8.28
N LYS U 40 27.11 16.46 8.11
CA LYS U 40 28.24 16.13 9.01
C LYS U 40 28.47 14.62 9.23
N GLU U 41 27.99 13.77 8.34
CA GLU U 41 28.18 12.32 8.36
C GLU U 41 29.45 11.95 7.55
N TYR U 42 30.62 12.31 8.09
CA TYR U 42 31.90 12.24 7.36
C TYR U 42 32.29 10.82 6.92
N GLU U 43 32.00 9.80 7.73
CA GLU U 43 32.27 8.40 7.37
C GLU U 43 31.46 7.94 6.13
N LEU U 44 30.19 8.31 6.05
CA LEU U 44 29.35 7.99 4.90
C LEU U 44 29.76 8.81 3.66
N ALA U 45 30.18 10.05 3.88
CA ALA U 45 30.74 10.88 2.82
C ALA U 45 32.00 10.25 2.21
N LYS U 46 32.94 9.78 3.06
CA LYS U 46 34.15 9.07 2.62
C LYS U 46 33.82 7.81 1.82
N ARG U 47 32.92 6.95 2.32
CA ARG U 47 32.52 5.74 1.57
C ARG U 47 31.92 6.08 0.21
N SER U 48 31.09 7.12 0.15
CA SER U 48 30.42 7.55 -1.08
C SER U 48 31.40 8.13 -2.09
N VAL U 49 32.34 8.98 -1.65
CA VAL U 49 33.37 9.54 -2.55
C VAL U 49 34.40 8.48 -2.96
N SER U 50 34.78 7.55 -2.08
CA SER U 50 35.70 6.45 -2.42
C SER U 50 35.08 5.51 -3.47
N SER U 51 33.77 5.22 -3.36
CA SER U 51 33.03 4.47 -4.38
C SER U 51 32.93 5.22 -5.72
N TYR U 52 32.90 6.56 -5.68
CA TYR U 52 32.96 7.36 -6.90
C TYR U 52 34.36 7.38 -7.51
N ILE U 53 35.41 7.56 -6.70
CA ILE U 53 36.81 7.59 -7.13
C ILE U 53 37.20 6.25 -7.78
N SER U 54 36.68 5.11 -7.32
CA SER U 54 36.97 3.81 -7.95
C SER U 54 36.43 3.66 -9.38
N VAL U 55 35.50 4.53 -9.80
CA VAL U 55 34.98 4.57 -11.18
C VAL U 55 35.55 5.76 -11.97
N GLN U 56 35.76 6.89 -11.31
CA GLN U 56 36.30 8.14 -11.88
C GLN U 56 37.60 8.53 -11.19
N GLU U 57 38.64 7.71 -11.38
CA GLU U 57 39.93 7.90 -10.71
C GLU U 57 40.64 9.21 -11.09
N ARG U 58 40.31 9.78 -12.25
CA ARG U 58 40.95 10.99 -12.80
C ARG U 58 40.18 12.29 -12.51
N ASP U 59 39.20 12.28 -11.61
CA ASP U 59 38.49 13.50 -11.19
C ASP U 59 39.22 14.22 -10.04
N PRO U 60 39.86 15.39 -10.27
CA PRO U 60 40.56 16.13 -9.22
C PRO U 60 39.63 16.58 -8.08
N LYS U 61 38.36 16.89 -8.38
CA LYS U 61 37.41 17.40 -7.39
C LYS U 61 37.09 16.34 -6.33
N ALA U 62 36.99 15.08 -6.74
CA ALA U 62 36.76 13.96 -5.84
C ALA U 62 37.95 13.73 -4.90
N HIS U 63 39.18 13.74 -5.42
CA HIS U 63 40.39 13.63 -4.59
C HIS U 63 40.55 14.80 -3.63
N ARG U 64 40.26 16.04 -4.08
CA ARG U 64 40.24 17.21 -3.20
C ARG U 64 39.22 17.04 -2.08
N PHE U 65 38.00 16.62 -2.41
CA PHE U 65 36.94 16.44 -1.42
C PHE U 65 37.27 15.33 -0.41
N LEU U 66 37.86 14.22 -0.88
CA LEU U 66 38.35 13.16 0.00
C LEU U 66 39.46 13.65 0.94
N GLY U 67 40.37 14.50 0.44
CA GLY U 67 41.38 15.14 1.28
C GLY U 67 40.78 16.03 2.37
N GLN U 68 39.73 16.79 2.05
CA GLN U 68 39.00 17.62 3.03
C GLN U 68 38.35 16.76 4.13
N LEU U 69 37.79 15.60 3.77
CA LEU U 69 37.22 14.68 4.75
C LEU U 69 38.30 14.12 5.70
N PHE U 70 39.46 13.72 5.17
CA PHE U 70 40.57 13.25 6.01
C PHE U 70 41.16 14.33 6.89
N GLU U 71 41.20 15.58 6.41
CA GLU U 71 41.67 16.73 7.18
C GLU U 71 40.77 17.00 8.39
N ILE U 72 39.44 16.94 8.21
CA ILE U 72 38.47 17.12 9.30
C ILE U 72 38.60 16.03 10.37
N GLU U 73 38.98 14.81 9.99
CA GLU U 73 39.26 13.71 10.93
C GLU U 73 40.61 13.83 11.65
N GLY U 74 41.43 14.81 11.29
CA GLY U 74 42.78 14.94 11.80
C GLY U 74 43.78 13.94 11.19
N ASN U 75 43.40 13.20 10.14
CA ASN U 75 44.32 12.30 9.43
C ASN U 75 45.11 13.07 8.36
N VAL U 76 46.06 13.87 8.83
CA VAL U 76 46.84 14.80 8.00
C VAL U 76 47.60 14.10 6.87
N GLU U 77 48.22 12.95 7.12
CA GLU U 77 49.02 12.24 6.10
C GLU U 77 48.15 11.72 4.94
N LYS U 78 46.96 11.16 5.23
CA LYS U 78 46.01 10.74 4.18
C LYS U 78 45.42 11.94 3.44
N ALA U 79 45.15 13.04 4.14
CA ALA U 79 44.67 14.27 3.53
C ALA U 79 45.70 14.81 2.52
N VAL U 80 46.98 14.92 2.93
CA VAL U 80 48.09 15.33 2.07
C VAL U 80 48.22 14.41 0.86
N GLY U 81 48.08 13.09 1.03
CA GLY U 81 48.08 12.13 -0.08
C GLY U 81 46.97 12.39 -1.10
N CYS U 82 45.73 12.61 -0.64
CA CYS U 82 44.59 12.90 -1.51
C CYS U 82 44.73 14.26 -2.22
N TYR U 83 45.25 15.27 -1.52
CA TYR U 83 45.53 16.57 -2.09
C TYR U 83 46.65 16.54 -3.14
N LYS U 84 47.73 15.80 -2.90
CA LYS U 84 48.77 15.56 -3.91
C LYS U 84 48.18 14.95 -5.17
N ARG U 85 47.32 13.93 -5.02
CA ARG U 85 46.66 13.29 -6.17
C ARG U 85 45.76 14.25 -6.94
N SER U 86 44.99 15.08 -6.24
CA SER U 86 44.20 16.13 -6.87
C SER U 86 45.06 17.15 -7.64
N LEU U 87 46.18 17.57 -7.05
CA LEU U 87 47.11 18.52 -7.66
C LEU U 87 47.82 17.93 -8.89
N GLU U 88 48.16 16.64 -8.86
CA GLU U 88 48.72 15.91 -10.02
C GLU U 88 47.73 15.88 -11.19
N LEU U 89 46.46 15.63 -10.91
CA LEU U 89 45.41 15.55 -11.94
C LEU U 89 45.05 16.93 -12.49
N ASN U 90 45.07 17.97 -11.66
CA ASN U 90 44.87 19.35 -12.09
C ASN U 90 45.83 20.32 -11.39
N PRO U 91 46.98 20.64 -12.03
CA PRO U 91 47.99 21.54 -11.49
C PRO U 91 47.56 23.01 -11.35
N THR U 92 46.40 23.42 -11.89
CA THR U 92 45.93 24.82 -11.78
C THR U 92 45.50 25.19 -10.36
N GLN U 93 45.35 24.21 -9.45
CA GLN U 93 44.94 24.38 -8.06
C GLN U 93 46.08 24.89 -7.18
N LYS U 94 46.45 26.17 -7.35
CA LYS U 94 47.57 26.78 -6.60
C LYS U 94 47.34 26.78 -5.08
N ASP U 95 46.10 27.00 -4.65
CA ASP U 95 45.65 27.00 -3.26
C ASP U 95 45.97 25.69 -2.54
N LEU U 96 45.86 24.56 -3.27
CA LEU U 96 46.14 23.25 -2.73
C LEU U 96 47.63 23.05 -2.40
N THR U 97 48.52 23.69 -3.17
CA THR U 97 49.97 23.65 -2.89
C THR U 97 50.28 24.32 -1.56
N LEU U 98 49.65 25.47 -1.28
CA LEU U 98 49.79 26.16 0.00
C LEU U 98 49.22 25.30 1.14
N ARG U 99 48.01 24.73 0.97
CA ARG U 99 47.41 23.88 2.01
C ARG U 99 48.24 22.64 2.32
N ILE U 100 48.84 22.00 1.31
CA ILE U 100 49.76 20.86 1.51
C ILE U 100 50.97 21.29 2.34
N ALA U 101 51.58 22.45 2.03
CA ALA U 101 52.71 22.97 2.77
C ALA U 101 52.36 23.23 4.25
N GLU U 102 51.21 23.88 4.51
CA GLU U 102 50.70 24.13 5.86
C GLU U 102 50.50 22.82 6.66
N LEU U 103 49.86 21.83 6.05
CA LEU U 103 49.59 20.54 6.68
C LEU U 103 50.87 19.76 7.00
N ILE U 104 51.86 19.77 6.10
CA ILE U 104 53.14 19.10 6.32
C ILE U 104 53.92 19.79 7.46
N CYS U 105 53.99 21.13 7.47
CA CYS U 105 54.63 21.88 8.56
C CYS U 105 53.93 21.65 9.91
N THR U 106 52.61 21.52 9.91
CA THR U 106 51.83 21.21 11.13
C THR U 106 52.12 19.79 11.65
N LEU U 107 52.30 18.82 10.75
CA LEU U 107 52.56 17.42 11.10
C LEU U 107 53.98 17.22 11.64
N ASN U 108 54.99 17.62 10.85
CA ASN U 108 56.40 17.47 11.21
C ASN U 108 57.26 18.48 10.44
N ILE U 109 57.71 19.52 11.15
CA ILE U 109 58.60 20.56 10.61
C ILE U 109 59.95 19.99 10.14
N LYS U 110 60.44 18.89 10.74
CA LYS U 110 61.70 18.23 10.38
C LYS U 110 61.58 17.32 9.15
N ASP U 111 60.41 17.24 8.54
CA ASP U 111 60.19 16.47 7.31
C ASP U 111 60.83 17.20 6.13
N GLY U 112 61.79 16.58 5.43
CA GLY U 112 62.42 17.16 4.24
C GLY U 112 61.43 17.46 3.10
N ARG U 113 60.21 16.88 3.13
CA ARG U 113 59.12 17.25 2.21
C ARG U 113 58.64 18.69 2.46
N ALA U 114 58.74 19.20 3.69
CA ALA U 114 58.23 20.51 4.07
C ALA U 114 58.94 21.63 3.30
N GLU U 115 60.28 21.60 3.22
CA GLU U 115 61.08 22.56 2.46
C GLU U 115 60.67 22.59 0.98
N TYR U 116 60.50 21.42 0.35
CA TYR U 116 60.06 21.32 -1.04
C TYR U 116 58.68 21.95 -1.27
N TRP U 117 57.71 21.66 -0.41
CA TRP U 117 56.33 22.18 -0.57
C TRP U 117 56.24 23.67 -0.25
N VAL U 118 56.97 24.15 0.76
CA VAL U 118 57.04 25.58 1.09
C VAL U 118 57.73 26.37 -0.02
N GLU U 119 58.81 25.86 -0.61
CA GLU U 119 59.49 26.52 -1.73
C GLU U 119 58.64 26.51 -3.00
N ARG U 120 57.94 25.40 -3.27
CA ARG U 120 56.97 25.33 -4.37
C ARG U 120 55.81 26.30 -4.17
N ALA U 121 55.31 26.45 -2.95
CA ALA U 121 54.28 27.43 -2.61
C ALA U 121 54.81 28.87 -2.76
N SER U 122 56.06 29.13 -2.34
CA SER U 122 56.72 30.44 -2.45
C SER U 122 56.80 30.93 -3.89
N LYS U 123 57.03 30.04 -4.85
CA LYS U 123 57.04 30.38 -6.28
C LYS U 123 55.64 30.71 -6.82
N LEU U 124 54.59 30.16 -6.22
CA LEU U 124 53.21 30.39 -6.64
C LEU U 124 52.60 31.65 -6.02
N PHE U 125 52.98 31.99 -4.79
CA PHE U 125 52.48 33.14 -4.05
C PHE U 125 53.64 33.97 -3.47
N PRO U 126 54.39 34.69 -4.32
CA PRO U 126 55.49 35.52 -3.85
C PRO U 126 54.99 36.56 -2.85
N GLY U 127 55.71 36.68 -1.72
CA GLY U 127 55.35 37.59 -0.64
C GLY U 127 54.02 37.24 0.03
N SER U 128 53.56 35.99 0.12
CA SER U 128 52.40 35.69 0.99
C SER U 128 52.82 35.70 2.47
N PRO U 129 52.09 36.38 3.39
CA PRO U 129 52.37 36.32 4.82
C PRO U 129 52.36 34.89 5.39
N GLU U 130 51.46 34.04 4.87
CA GLU U 130 51.40 32.63 5.30
C GLU U 130 52.66 31.86 4.91
N ILE U 131 53.24 32.15 3.74
CA ILE U 131 54.48 31.49 3.31
C ILE U 131 55.65 31.98 4.14
N TYR U 132 55.69 33.27 4.46
CA TYR U 132 56.67 33.80 5.40
C TYR U 132 56.60 33.06 6.74
N ARG U 133 55.39 32.86 7.31
CA ARG U 133 55.22 32.11 8.57
C ARG U 133 55.69 30.66 8.47
N LEU U 134 55.40 29.97 7.36
CA LEU U 134 55.88 28.59 7.16
C LEU U 134 57.41 28.52 7.03
N LYS U 135 58.01 29.47 6.30
CA LYS U 135 59.48 29.57 6.19
C LYS U 135 60.12 29.90 7.55
N GLU U 136 59.54 30.82 8.32
CA GLU U 136 59.96 31.12 9.70
C GLU U 136 59.94 29.85 10.58
N GLN U 137 58.85 29.08 10.55
CA GLN U 137 58.73 27.83 11.32
C GLN U 137 59.82 26.82 10.93
N LEU U 138 60.08 26.63 9.62
CA LEU U 138 61.13 25.73 9.15
C LEU U 138 62.52 26.18 9.63
N LEU U 139 62.87 27.44 9.42
CA LEU U 139 64.20 27.97 9.74
C LEU U 139 64.45 28.06 11.24
N SER U 140 63.42 28.36 12.05
CA SER U 140 63.53 28.37 13.51
C SER U 140 63.93 27.00 14.09
N SER U 141 63.71 25.91 13.37
CA SER U 141 64.09 24.56 13.79
C SER U 141 65.55 24.17 13.46
N GLN U 142 66.25 24.97 12.64
CA GLN U 142 67.56 24.64 12.06
C GLN U 142 68.77 25.22 12.81
N GLY U 143 68.57 25.82 13.99
CA GLY U 143 69.66 26.37 14.81
C GLY U 143 70.39 27.55 14.14
N GLU U 144 71.72 27.58 14.20
CA GLU U 144 72.55 28.70 13.70
C GLU U 144 72.49 28.88 12.17
N ALA U 145 72.49 27.79 11.40
CA ALA U 145 72.32 27.87 9.94
C ALA U 145 70.94 28.44 9.57
N GLY U 146 69.92 28.05 10.34
CA GLY U 146 68.58 28.61 10.27
C GLY U 146 68.52 30.08 10.64
N TRP U 147 69.34 30.55 11.58
CA TRP U 147 69.39 31.95 12.02
C TRP U 147 69.78 32.89 10.87
N ASN U 148 70.86 32.60 10.13
CA ASN U 148 71.31 33.45 9.03
C ASN U 148 70.27 33.49 7.91
N GLN U 149 69.71 32.34 7.54
CA GLN U 149 68.66 32.26 6.54
C GLN U 149 67.37 32.97 6.98
N LEU U 150 67.03 32.91 8.27
CA LEU U 150 65.88 33.60 8.84
C LEU U 150 66.10 35.11 8.83
N PHE U 151 67.31 35.56 9.16
CA PHE U 151 67.68 36.96 9.05
C PHE U 151 67.51 37.47 7.61
N ASP U 152 68.05 36.75 6.62
CA ASP U 152 67.93 37.10 5.20
C ASP U 152 66.47 37.12 4.73
N LEU U 153 65.66 36.14 5.18
CA LEU U 153 64.22 36.08 4.89
C LEU U 153 63.47 37.30 5.46
N ILE U 154 63.76 37.66 6.71
CA ILE U 154 63.16 38.82 7.37
C ILE U 154 63.55 40.12 6.65
N GLN U 155 64.81 40.27 6.26
CA GLN U 155 65.25 41.45 5.49
C GLN U 155 64.53 41.53 4.13
N ALA U 156 64.38 40.40 3.43
CA ALA U 156 63.65 40.36 2.17
C ALA U 156 62.16 40.70 2.33
N GLU U 157 61.50 40.19 3.38
CA GLU U 157 60.09 40.49 3.65
C GLU U 157 59.90 41.95 4.11
N LEU U 158 60.81 42.51 4.91
CA LEU U 158 60.78 43.93 5.28
C LEU U 158 61.05 44.85 4.08
N PHE U 159 61.85 44.42 3.11
CA PHE U 159 62.03 45.16 1.86
C PHE U 159 60.74 45.16 1.03
N ALA U 160 60.04 44.03 0.95
CA ALA U 160 58.76 43.92 0.25
C ALA U 160 57.61 44.63 1.02
N ARG U 161 57.64 44.60 2.34
CA ARG U 161 56.59 45.07 3.26
C ARG U 161 57.19 45.75 4.50
N PRO U 162 57.64 47.00 4.37
CA PRO U 162 58.30 47.70 5.47
C PRO U 162 57.37 47.93 6.67
N ASN U 163 56.05 48.03 6.45
CA ASN U 163 55.07 48.37 7.47
C ASN U 163 54.42 47.15 8.14
N ASP U 164 54.92 45.92 7.90
CA ASP U 164 54.41 44.74 8.58
C ASP U 164 54.89 44.70 10.03
N VAL U 165 53.97 44.85 10.98
CA VAL U 165 54.26 44.87 12.41
C VAL U 165 54.90 43.55 12.86
N TYR U 166 54.38 42.42 12.40
CA TYR U 166 54.81 41.10 12.86
C TYR U 166 56.26 40.83 12.45
N VAL U 167 56.60 41.10 11.19
CA VAL U 167 57.97 40.90 10.68
C VAL U 167 58.96 41.83 11.41
N ASN U 168 58.57 43.07 11.68
CA ASN U 168 59.40 44.00 12.44
C ASN U 168 59.64 43.54 13.89
N LEU U 169 58.61 43.02 14.57
CA LEU U 169 58.75 42.44 15.90
C LEU U 169 59.71 41.26 15.90
N LYS U 170 59.59 40.37 14.91
CA LYS U 170 60.48 39.20 14.78
C LYS U 170 61.93 39.56 14.57
N LEU U 171 62.22 40.61 13.80
CA LEU U 171 63.58 41.10 13.65
C LEU U 171 64.17 41.57 15.00
N VAL U 172 63.37 42.29 15.79
CA VAL U 172 63.79 42.76 17.12
C VAL U 172 64.04 41.57 18.05
N ASP U 173 63.12 40.60 18.11
CA ASP U 173 63.30 39.40 18.93
C ASP U 173 64.54 38.61 18.51
N LEU U 174 64.85 38.53 17.21
CA LEU U 174 66.04 37.86 16.67
C LEU U 174 67.35 38.60 17.05
N PHE U 175 67.34 39.92 17.13
CA PHE U 175 68.47 40.69 17.68
C PHE U 175 68.65 40.44 19.17
N LEU U 176 67.55 40.44 19.94
CA LEU U 176 67.58 40.19 21.38
C LEU U 176 68.08 38.78 21.72
N SER U 177 67.65 37.76 20.97
CA SER U 177 68.09 36.37 21.19
C SER U 177 69.59 36.17 20.98
N ASN U 178 70.22 37.02 20.15
CA ASN U 178 71.67 37.00 19.89
C ASN U 178 72.43 38.06 20.71
N GLN U 179 71.82 38.64 21.75
CA GLN U 179 72.42 39.67 22.61
C GLN U 179 72.88 40.94 21.86
N ARG U 180 72.36 41.19 20.66
CA ARG U 180 72.67 42.36 19.81
C ARG U 180 71.72 43.52 20.14
N LEU U 181 71.72 43.96 21.39
CA LEU U 181 70.79 45.00 21.88
C LEU U 181 70.96 46.34 21.16
N GLU U 182 72.19 46.72 20.78
CA GLU U 182 72.47 47.97 20.04
C GLU U 182 71.80 48.00 18.66
N GLU U 183 71.70 46.86 17.98
CA GLU U 183 71.04 46.76 16.67
C GLU U 183 69.52 46.75 16.78
N ALA U 184 68.99 46.15 17.84
CA ALA U 184 67.58 46.25 18.16
C ALA U 184 67.18 47.72 18.38
N VAL U 185 67.98 48.47 19.15
CA VAL U 185 67.78 49.91 19.37
C VAL U 185 67.88 50.68 18.06
N LEU U 186 68.91 50.44 17.25
CA LEU U 186 69.09 51.11 15.96
C LEU U 186 67.88 50.84 15.03
N HIS U 187 67.35 49.62 15.01
CA HIS U 187 66.19 49.27 14.22
C HIS U 187 64.92 49.98 14.69
N CYS U 188 64.70 50.09 16.00
CA CYS U 188 63.58 50.85 16.58
C CYS U 188 63.65 52.36 16.29
N LEU U 189 64.86 52.92 16.18
CA LEU U 189 65.09 54.35 15.91
C LEU U 189 64.92 54.75 14.44
N LYS U 190 64.79 53.79 13.52
CA LYS U 190 64.65 54.08 12.08
C LYS U 190 63.40 54.94 11.80
N PRO U 191 63.52 56.04 11.03
CA PRO U 191 62.40 56.97 10.79
C PRO U 191 61.22 56.31 10.06
N GLU U 192 61.47 55.29 9.24
CA GLU U 192 60.41 54.52 8.55
C GLU U 192 59.47 53.81 9.54
N ARG U 193 59.91 53.59 10.79
CA ARG U 193 59.13 52.92 11.83
C ARG U 193 58.06 53.80 12.46
N ARG U 194 58.01 55.10 12.13
CA ARG U 194 56.94 56.01 12.61
C ARG U 194 55.55 55.54 12.20
N ALA U 195 55.41 54.88 11.04
CA ALA U 195 54.14 54.32 10.59
C ALA U 195 53.61 53.19 11.50
N LEU U 196 54.49 52.52 12.26
CA LEU U 196 54.14 51.42 13.16
C LEU U 196 53.67 51.91 14.55
N ARG U 197 53.74 53.22 14.83
CA ARG U 197 53.35 53.81 16.12
C ARG U 197 51.85 53.72 16.43
N THR U 198 51.04 53.28 15.44
CA THR U 198 49.62 53.00 15.63
C THR U 198 49.36 51.59 16.19
N ASP U 199 50.39 50.76 16.30
CA ASP U 199 50.29 49.40 16.82
C ASP U 199 50.82 49.26 18.26
N ILE U 200 50.02 48.61 19.11
CA ILE U 200 50.30 48.54 20.55
C ILE U 200 51.44 47.57 20.86
N GLU U 201 51.57 46.49 20.08
CA GLU U 201 52.60 45.46 20.29
C GLU U 201 53.97 46.01 19.89
N TRP U 202 54.02 46.73 18.76
CA TRP U 202 55.23 47.45 18.34
C TRP U 202 55.68 48.48 19.37
N CYS U 203 54.81 49.41 19.78
CA CYS U 203 55.19 50.44 20.76
C CYS U 203 55.63 49.82 22.10
N SER U 204 54.96 48.76 22.54
CA SER U 204 55.35 48.03 23.76
C SER U 204 56.72 47.36 23.63
N CYS U 205 57.02 46.79 22.45
CA CYS U 205 58.33 46.20 22.15
C CYS U 205 59.43 47.27 22.15
N VAL U 206 59.20 48.42 21.51
CA VAL U 206 60.13 49.56 21.50
C VAL U 206 60.42 50.04 22.92
N VAL U 207 59.38 50.21 23.75
CA VAL U 207 59.51 50.56 25.17
C VAL U 207 60.38 49.54 25.92
N ARG U 208 60.14 48.24 25.72
CA ARG U 208 60.90 47.16 26.35
C ARG U 208 62.39 47.23 25.99
N VAL U 209 62.70 47.33 24.69
CA VAL U 209 64.07 47.40 24.17
C VAL U 209 64.81 48.64 24.71
N PHE U 210 64.16 49.81 24.70
CA PHE U 210 64.79 51.02 25.21
C PHE U 210 65.02 51.00 26.72
N LYS U 211 64.08 50.46 27.50
CA LYS U 211 64.29 50.27 28.95
C LYS U 211 65.45 49.33 29.24
N GLU U 212 65.54 48.20 28.54
CA GLU U 212 66.62 47.24 28.69
C GLU U 212 67.99 47.85 28.31
N TYR U 213 68.03 48.63 27.22
CA TYR U 213 69.24 49.35 26.83
C TYR U 213 69.68 50.37 27.88
N LEU U 214 68.76 51.21 28.36
CA LEU U 214 69.07 52.22 29.38
C LEU U 214 69.53 51.58 30.70
N ALA U 215 68.94 50.44 31.09
CA ALA U 215 69.38 49.66 32.24
C ALA U 215 70.80 49.11 32.06
N SER U 216 71.11 48.58 30.86
CA SER U 216 72.43 48.00 30.56
C SER U 216 73.58 49.02 30.56
N LYS U 217 73.29 50.30 30.26
CA LYS U 217 74.27 51.39 30.14
C LYS U 217 74.24 52.37 31.33
N GLN U 218 73.55 52.06 32.43
CA GLN U 218 73.51 52.93 33.61
C GLN U 218 74.94 53.26 34.09
N GLY U 219 75.25 54.57 34.15
CA GLY U 219 76.56 55.10 34.54
C GLY U 219 77.37 55.75 33.41
N GLN U 220 77.06 55.46 32.14
CA GLN U 220 77.73 56.09 30.99
C GLN U 220 76.94 57.31 30.50
N LYS U 221 77.49 58.52 30.71
CA LYS U 221 76.91 59.77 30.18
C LYS U 221 77.17 59.87 28.66
N ASN U 222 76.32 59.23 27.87
CA ASN U 222 76.38 59.25 26.41
C ASN U 222 75.25 60.10 25.82
N THR U 223 75.52 60.86 24.75
CA THR U 223 74.51 61.59 23.96
C THR U 223 73.41 60.66 23.45
N ASN U 224 73.78 59.42 23.10
CA ASN U 224 72.84 58.37 22.70
C ASN U 224 71.80 58.06 23.79
N MET U 225 72.19 58.13 25.07
CA MET U 225 71.26 57.87 26.18
C MET U 225 70.15 58.92 26.23
N ARG U 226 70.47 60.21 26.02
CA ARG U 226 69.47 61.28 25.98
C ARG U 226 68.49 61.12 24.82
N MET U 227 68.98 60.73 23.65
CA MET U 227 68.16 60.44 22.47
C MET U 227 67.23 59.25 22.72
N ILE U 228 67.71 58.17 23.31
CA ILE U 228 66.90 56.99 23.61
C ILE U 228 65.87 57.30 24.70
N THR U 229 66.24 58.08 25.73
CA THR U 229 65.28 58.55 26.74
C THR U 229 64.17 59.41 26.12
N LYS U 230 64.52 60.29 25.18
CA LYS U 230 63.54 61.07 24.40
C LYS U 230 62.55 60.15 23.67
N GLU U 231 63.04 59.19 22.90
CA GLU U 231 62.21 58.27 22.14
C GLU U 231 61.43 57.29 23.02
N LEU U 232 61.96 56.94 24.21
CA LEU U 232 61.24 56.17 25.22
C LEU U 232 60.01 56.93 25.75
N LEU U 233 60.13 58.23 26.04
CA LEU U 233 58.97 59.03 26.49
C LEU U 233 57.90 59.10 25.39
N LEU U 234 58.30 59.28 24.13
CA LEU U 234 57.39 59.25 22.98
C LEU U 234 56.68 57.89 22.85
N ALA U 235 57.43 56.79 22.91
CA ALA U 235 56.87 55.46 22.82
C ALA U 235 55.94 55.11 24.00
N GLN U 236 56.26 55.57 25.22
CA GLN U 236 55.35 55.44 26.38
C GLN U 236 54.05 56.21 26.17
N CYS U 237 54.13 57.43 25.66
CA CYS U 237 52.95 58.23 25.33
C CYS U 237 52.07 57.50 24.30
N ASP U 238 52.66 56.91 23.26
CA ASP U 238 51.92 56.12 22.27
C ASP U 238 51.23 54.90 22.89
N VAL U 239 51.93 54.17 23.78
CA VAL U 239 51.35 53.02 24.50
C VAL U 239 50.13 53.47 25.31
N VAL U 240 50.21 54.60 26.01
CA VAL U 240 49.06 55.16 26.75
C VAL U 240 47.91 55.48 25.82
N PHE U 241 48.16 56.22 24.73
CA PHE U 241 47.14 56.56 23.73
C PHE U 241 46.46 55.32 23.14
N LEU U 242 47.24 54.32 22.73
CA LEU U 242 46.71 53.09 22.15
C LEU U 242 45.95 52.23 23.15
N THR U 243 46.40 52.20 24.40
CA THR U 243 45.73 51.46 25.48
C THR U 243 44.40 52.14 25.86
N LEU U 244 44.37 53.47 25.89
CA LEU U 244 43.13 54.24 26.06
C LEU U 244 42.11 53.92 24.97
N SER U 245 42.54 53.67 23.74
CA SER U 245 41.64 53.37 22.63
C SER U 245 41.25 51.89 22.50
N LYS U 246 42.21 50.96 22.66
CA LYS U 246 42.04 49.55 22.30
C LYS U 246 41.83 48.61 23.50
N LYS U 247 42.09 49.05 24.73
CA LYS U 247 42.03 48.22 25.95
C LYS U 247 41.03 48.76 26.95
N ASP U 248 40.83 48.06 28.07
CA ASP U 248 39.94 48.46 29.16
C ASP U 248 40.54 49.60 30.02
N VAL U 249 39.78 50.03 31.03
CA VAL U 249 40.20 51.08 31.96
C VAL U 249 41.39 50.65 32.80
N GLN U 250 41.40 49.42 33.33
CA GLN U 250 42.48 48.95 34.20
C GLN U 250 43.83 48.93 33.48
N LYS U 251 43.90 48.42 32.24
CA LYS U 251 45.13 48.46 31.45
C LYS U 251 45.54 49.89 31.11
N SER U 252 44.58 50.79 30.94
CA SER U 252 44.87 52.21 30.71
C SER U 252 45.47 52.89 31.96
N LYS U 253 44.98 52.56 33.17
CA LYS U 253 45.57 52.99 34.44
C LYS U 253 47.01 52.51 34.56
N GLU U 254 47.28 51.22 34.35
CA GLU U 254 48.63 50.66 34.39
C GLU U 254 49.57 51.30 33.34
N ALA U 255 49.07 51.62 32.14
CA ALA U 255 49.87 52.27 31.11
C ALA U 255 50.23 53.71 31.52
N LEU U 256 49.27 54.47 32.06
CA LEU U 256 49.49 55.82 32.55
C LEU U 256 50.44 55.84 33.75
N GLU U 257 50.35 54.85 34.65
CA GLU U 257 51.25 54.70 35.81
C GLU U 257 52.71 54.50 35.37
N ARG U 258 52.93 53.63 34.37
CA ARG U 258 54.28 53.42 33.81
C ARG U 258 54.82 54.67 33.12
N PHE U 259 53.95 55.48 32.51
CA PHE U 259 54.33 56.75 31.91
C PHE U 259 54.64 57.83 32.97
N ASP U 260 53.87 57.87 34.06
CA ASP U 260 54.08 58.74 35.23
C ASP U 260 55.47 58.48 35.84
N GLN U 261 55.80 57.23 36.13
CA GLN U 261 57.11 56.83 36.64
C GLN U 261 58.26 57.16 35.67
N ALA U 262 58.03 57.00 34.36
CA ALA U 262 59.02 57.37 33.34
C ALA U 262 59.30 58.87 33.35
N LEU U 263 58.26 59.71 33.42
CA LEU U 263 58.42 61.16 33.52
C LEU U 263 59.13 61.56 34.82
N LEU U 264 58.77 60.95 35.95
CA LEU U 264 59.44 61.21 37.23
C LEU U 264 60.94 60.91 37.16
N SER U 265 61.33 59.79 36.53
CA SER U 265 62.74 59.42 36.38
C SER U 265 63.55 60.41 35.55
N VAL U 266 62.91 61.08 34.58
CA VAL U 266 63.57 62.06 33.70
C VAL U 266 63.58 63.46 34.31
N LYS U 267 62.62 63.80 35.17
CA LYS U 267 62.46 65.12 35.79
C LYS U 267 63.74 65.61 36.47
N GLN U 268 64.47 64.74 37.16
CA GLN U 268 65.73 65.10 37.84
C GLN U 268 66.86 65.46 36.85
N SER U 269 66.82 64.91 35.63
CA SER U 269 67.82 65.17 34.59
C SER U 269 67.51 66.42 33.75
N VAL U 270 66.30 66.96 33.86
CA VAL U 270 65.83 68.14 33.12
C VAL U 270 65.78 69.32 34.07
N SER U 271 66.86 70.10 34.12
CA SER U 271 66.83 71.42 34.76
C SER U 271 66.08 72.40 33.85
N GLY U 272 65.25 73.27 34.45
CA GLY U 272 64.35 74.18 33.72
C GLY U 272 65.03 75.19 32.79
N THR U 273 66.36 75.36 32.87
CA THR U 273 67.14 76.28 32.02
C THR U 273 67.72 75.62 30.77
N ASP U 274 67.73 74.28 30.69
CA ASP U 274 68.39 73.59 29.59
C ASP U 274 67.45 73.53 28.38
N ALA U 275 67.75 74.29 27.33
CA ALA U 275 67.09 74.22 26.02
C ALA U 275 67.50 72.97 25.21
N SER U 276 67.75 71.84 25.90
CA SER U 276 68.12 70.58 25.27
C SER U 276 66.91 69.94 24.59
N ASP U 277 67.12 69.14 23.54
CA ASP U 277 66.03 68.41 22.88
C ASP U 277 65.26 67.48 23.83
N LEU U 278 65.93 66.95 24.87
CA LEU U 278 65.29 66.13 25.90
C LEU U 278 64.37 66.97 26.78
N SER U 279 64.80 68.17 27.19
CA SER U 279 63.97 69.09 27.98
C SER U 279 62.72 69.51 27.21
N VAL U 280 62.88 69.87 25.93
CA VAL U 280 61.75 70.20 25.04
C VAL U 280 60.77 69.04 24.94
N THR U 281 61.28 67.82 24.75
CA THR U 281 60.43 66.62 24.70
C THR U 281 59.76 66.34 26.04
N PHE U 282 60.46 66.51 27.15
CA PHE U 282 59.90 66.30 28.49
C PHE U 282 58.70 67.21 28.76
N TYR U 283 58.81 68.51 28.49
CA TYR U 283 57.68 69.44 28.65
C TYR U 283 56.53 69.13 27.69
N GLU U 284 56.83 68.74 26.46
CA GLU U 284 55.81 68.31 25.50
C GLU U 284 55.07 67.04 26.00
N MET U 285 55.82 66.08 26.52
CA MET U 285 55.28 64.83 27.09
C MET U 285 54.53 65.06 28.40
N ARG U 286 54.90 66.06 29.20
CA ARG U 286 54.09 66.53 30.34
C ARG U 286 52.70 66.99 29.89
N GLY U 287 52.61 67.74 28.79
CA GLY U 287 51.32 68.15 28.26
C GLY U 287 50.48 66.95 27.79
N HIS U 288 51.10 66.00 27.10
CA HIS U 288 50.43 64.76 26.68
C HIS U 288 49.98 63.90 27.87
N TYR U 289 50.78 63.82 28.92
CA TYR U 289 50.44 63.11 30.15
C TYR U 289 49.13 63.63 30.75
N TYR U 290 48.99 64.95 30.93
CA TYR U 290 47.75 65.53 31.43
C TYR U 290 46.57 65.35 30.46
N MET U 291 46.79 65.50 29.15
CA MET U 291 45.73 65.23 28.15
C MET U 291 45.22 63.78 28.25
N HIS U 292 46.11 62.82 28.44
CA HIS U 292 45.77 61.41 28.59
C HIS U 292 45.14 61.10 29.95
N ALA U 293 45.59 61.75 31.03
CA ALA U 293 44.97 61.67 32.35
C ALA U 293 43.51 62.14 32.31
N GLY U 294 43.24 63.32 31.73
CA GLY U 294 41.88 63.82 31.52
C GLY U 294 41.02 62.86 30.69
N THR U 295 41.61 62.25 29.66
CA THR U 295 40.93 61.24 28.83
C THR U 295 40.62 59.96 29.61
N LEU U 296 41.52 59.51 30.49
CA LEU U 296 41.30 58.35 31.35
C LEU U 296 40.15 58.58 32.34
N LEU U 297 40.07 59.76 32.95
CA LEU U 297 38.96 60.13 33.83
C LEU U 297 37.61 60.06 33.07
N LEU U 298 37.53 60.63 31.87
CA LEU U 298 36.32 60.53 31.05
C LEU U 298 36.02 59.08 30.62
N LYS U 299 37.04 58.24 30.44
CA LYS U 299 36.88 56.81 30.17
C LYS U 299 36.29 56.05 31.36
N MET U 300 36.73 56.35 32.58
CA MET U 300 36.20 55.80 33.82
C MET U 300 34.72 56.17 34.01
N ALA U 301 34.35 57.40 33.65
CA ALA U 301 32.95 57.82 33.66
C ALA U 301 32.11 57.08 32.60
N GLN U 302 32.68 56.85 31.42
CA GLN U 302 32.02 56.10 30.34
C GLN U 302 31.82 54.61 30.67
N SER U 303 32.73 53.98 31.42
CA SER U 303 32.59 52.60 31.90
C SER U 303 31.71 52.48 33.15
N CYS U 304 31.11 53.58 33.61
CA CYS U 304 30.29 53.66 34.83
C CYS U 304 31.04 53.30 36.12
N GLU U 305 32.37 53.41 36.16
CA GLU U 305 33.15 53.28 37.41
C GLU U 305 32.91 54.47 38.34
N VAL U 306 32.74 55.66 37.76
CA VAL U 306 32.50 56.92 38.48
C VAL U 306 31.44 57.73 37.73
N GLN U 307 30.70 58.59 38.43
CA GLN U 307 29.73 59.47 37.79
C GLN U 307 30.41 60.58 36.99
N TRP U 308 29.80 61.00 35.87
CA TRP U 308 30.30 62.11 35.04
C TRP U 308 30.57 63.36 35.88
N LYS U 309 29.57 63.79 36.66
CA LYS U 309 29.66 65.00 37.50
C LYS U 309 30.93 65.08 38.35
N ALA U 310 31.38 63.95 38.91
CA ALA U 310 32.56 63.92 39.77
C ALA U 310 33.88 64.04 38.99
N LEU U 311 33.90 63.66 37.71
CA LEU U 311 35.11 63.60 36.89
C LEU U 311 35.23 64.71 35.85
N ILE U 312 34.17 65.51 35.61
CA ILE U 312 34.22 66.63 34.65
C ILE U 312 35.22 67.70 35.08
N GLU U 313 35.17 68.20 36.32
CA GLU U 313 36.08 69.25 36.79
C GLU U 313 37.54 68.77 36.88
N PRO U 314 37.84 67.58 37.45
CA PRO U 314 39.18 67.03 37.41
C PRO U 314 39.72 66.82 35.98
N ALA U 315 38.88 66.30 35.06
CA ALA U 315 39.29 66.13 33.67
C ALA U 315 39.53 67.47 32.97
N ALA U 316 38.71 68.47 33.24
CA ALA U 316 38.88 69.82 32.69
C ALA U 316 40.18 70.47 33.18
N LEU U 317 40.56 70.31 34.45
CA LEU U 317 41.88 70.75 34.94
C LEU U 317 43.02 70.08 34.16
N CYS U 318 42.94 68.76 33.94
CA CYS U 318 43.94 68.05 33.16
C CYS U 318 44.04 68.57 31.72
N TYR U 319 42.92 68.85 31.04
CA TYR U 319 42.95 69.45 29.70
C TYR U 319 43.47 70.90 29.71
N LEU U 320 43.21 71.67 30.77
CA LEU U 320 43.73 73.02 30.94
C LEU U 320 45.25 73.02 31.06
N LEU U 321 45.79 72.15 31.92
CA LEU U 321 47.22 71.92 32.07
C LEU U 321 47.87 71.49 30.76
N ALA U 322 47.22 70.63 29.98
CA ALA U 322 47.70 70.18 28.68
C ALA U 322 47.68 71.29 27.61
N TYR U 323 46.63 72.11 27.59
CA TYR U 323 46.46 73.20 26.64
C TYR U 323 47.53 74.29 26.81
N GLN U 324 47.87 74.60 28.06
CA GLN U 324 48.78 75.70 28.41
C GLN U 324 50.26 75.39 28.24
N VAL U 325 50.64 74.13 28.00
CA VAL U 325 52.04 73.80 27.72
C VAL U 325 52.49 74.52 26.44
N PRO U 326 53.53 75.38 26.51
CA PRO U 326 54.01 76.13 25.36
C PRO U 326 54.49 75.23 24.23
N LYS U 327 54.22 75.64 22.98
CA LYS U 327 54.76 74.97 21.81
C LYS U 327 56.30 75.03 21.81
N PRO U 328 56.99 73.96 21.38
CA PRO U 328 58.43 73.99 21.13
C PRO U 328 58.79 75.15 20.19
N LYS U 329 59.67 76.07 20.63
CA LYS U 329 60.15 77.16 19.77
C LYS U 329 61.08 76.56 18.70
N SER U 330 60.58 76.42 17.46
CA SER U 330 61.37 75.98 16.32
C SER U 330 62.48 76.99 16.02
N LYS U 331 63.74 76.65 16.29
CA LYS U 331 64.83 77.26 15.50
C LYS U 331 64.87 76.46 14.20
N PRO U 332 64.62 77.06 13.02
CA PRO U 332 64.82 76.37 11.76
C PRO U 332 66.33 76.14 11.59
N VAL U 333 66.84 75.02 12.11
CA VAL U 333 68.19 74.57 11.80
C VAL U 333 68.10 74.01 10.39
N LYS U 334 68.64 74.79 9.43
CA LYS U 334 68.86 74.35 8.05
C LYS U 334 69.49 72.95 8.07
N GLY U 335 68.75 71.92 7.68
CA GLY U 335 69.35 70.67 7.22
C GLY U 335 68.72 69.36 7.68
N ASP U 336 67.95 69.30 8.77
CA ASP U 336 67.38 68.02 9.26
C ASP U 336 65.98 68.21 9.88
N ASP U 337 65.01 68.52 9.01
CA ASP U 337 63.61 68.86 9.37
C ASP U 337 62.82 67.70 10.00
N ASN U 338 63.32 66.47 10.03
CA ASN U 338 62.47 65.32 10.34
C ASN U 338 62.17 65.13 11.83
N GLY U 339 63.00 65.66 12.73
CA GLY U 339 62.88 65.40 14.18
C GLY U 339 62.11 66.47 14.98
N GLN U 340 62.40 67.75 14.73
CA GLN U 340 61.82 68.87 15.49
C GLN U 340 60.42 69.25 14.98
N GLY U 341 60.15 69.14 13.68
CA GLY U 341 58.80 69.34 13.13
C GLY U 341 57.78 68.37 13.72
N PHE U 342 58.21 67.15 14.08
CA PHE U 342 57.32 66.15 14.68
C PHE U 342 56.83 66.53 16.09
N LEU U 343 57.68 67.11 16.94
CA LEU U 343 57.26 67.59 18.27
C LEU U 343 56.32 68.79 18.15
N GLU U 344 56.54 69.66 17.16
CA GLU U 344 55.64 70.77 16.88
C GLU U 344 54.26 70.28 16.41
N GLU U 345 54.21 69.25 15.56
CA GLU U 345 52.96 68.60 15.15
C GLU U 345 52.21 67.96 16.32
N LEU U 346 52.92 67.29 17.24
CA LEU U 346 52.34 66.77 18.48
C LEU U 346 51.78 67.90 19.36
N ALA U 347 52.49 69.01 19.49
CA ALA U 347 52.03 70.15 20.28
C ALA U 347 50.74 70.75 19.70
N PHE U 348 50.65 70.89 18.37
CA PHE U 348 49.42 71.33 17.71
C PHE U 348 48.25 70.36 17.94
N ASP U 349 48.51 69.05 17.85
CA ASP U 349 47.51 68.02 18.13
C ASP U 349 47.00 68.07 19.58
N ARG U 350 47.91 68.18 20.55
CA ARG U 350 47.55 68.32 21.97
C ARG U 350 46.71 69.57 22.21
N GLN U 351 47.12 70.71 21.66
CA GLN U 351 46.44 71.99 21.88
C GLN U 351 45.06 72.03 21.22
N SER U 352 44.92 71.51 20.00
CA SER U 352 43.63 71.35 19.34
C SER U 352 42.69 70.48 20.17
N LYS U 353 43.12 69.26 20.53
CA LYS U 353 42.29 68.31 21.29
C LYS U 353 41.90 68.85 22.66
N SER U 354 42.87 69.35 23.41
CA SER U 354 42.63 69.84 24.77
C SER U 354 41.74 71.09 24.76
N GLY U 355 41.96 72.01 23.82
CA GLY U 355 41.17 73.22 23.71
C GLY U 355 39.70 72.96 23.33
N HIS U 356 39.43 72.11 22.35
CA HIS U 356 38.06 71.70 22.00
C HIS U 356 37.37 70.95 23.15
N LEU U 357 38.11 70.12 23.89
CA LEU U 357 37.55 69.41 25.05
C LEU U 357 37.24 70.36 26.22
N LEU U 358 38.06 71.39 26.47
CA LEU U 358 37.74 72.43 27.46
C LEU U 358 36.43 73.16 27.12
N LEU U 359 36.23 73.53 25.85
CA LEU U 359 34.99 74.15 25.39
C LEU U 359 33.79 73.19 25.50
N THR U 360 34.00 71.90 25.23
CA THR U 360 32.95 70.89 25.36
C THR U 360 32.54 70.69 26.83
N LEU U 361 33.52 70.60 27.74
CA LEU U 361 33.30 70.36 29.16
C LEU U 361 32.71 71.57 29.90
N SER U 362 32.94 72.79 29.41
CA SER U 362 32.39 74.00 30.03
C SER U 362 30.88 74.15 29.84
N HIS U 363 30.29 73.47 28.86
CA HIS U 363 28.88 73.64 28.47
C HIS U 363 28.46 75.11 28.26
N GLY U 364 29.40 76.00 27.90
CA GLY U 364 29.16 77.43 27.72
C GLY U 364 29.10 78.27 29.00
N LYS U 365 29.47 77.69 30.16
CA LYS U 365 29.60 78.44 31.42
C LYS U 365 30.81 79.37 31.39
N GLN U 366 30.59 80.67 31.56
CA GLN U 366 31.63 81.71 31.44
C GLN U 366 32.77 81.60 32.47
N ASN U 367 32.45 81.29 33.74
CA ASN U 367 33.44 81.23 34.83
C ASN U 367 33.98 79.83 35.11
N PHE U 368 33.68 78.85 34.26
CA PHE U 368 34.00 77.44 34.51
C PHE U 368 35.48 77.19 34.75
N ILE U 369 36.35 77.77 33.93
CA ILE U 369 37.80 77.60 34.07
C ILE U 369 38.30 78.22 35.38
N SER U 370 37.73 79.35 35.79
CA SER U 370 38.09 80.02 37.04
C SER U 370 37.73 79.17 38.27
N GLU U 371 36.52 78.61 38.30
CA GLU U 371 36.05 77.71 39.36
C GLU U 371 36.94 76.46 39.49
N ILE U 372 37.37 75.88 38.37
CA ILE U 372 38.26 74.72 38.35
C ILE U 372 39.64 75.06 38.92
N ILE U 373 40.23 76.19 38.53
CA ILE U 373 41.54 76.62 39.03
C ILE U 373 41.48 76.79 40.55
N GLU U 374 40.49 77.50 41.06
CA GLU U 374 40.33 77.73 42.51
C GLU U 374 40.18 76.42 43.29
N THR U 375 39.41 75.47 42.74
CA THR U 375 39.09 74.21 43.42
C THR U 375 40.23 73.19 43.36
N PHE U 376 40.84 72.99 42.19
CA PHE U 376 41.74 71.86 41.93
C PHE U 376 43.20 72.24 41.66
N ALA U 377 43.54 73.49 41.30
CA ALA U 377 44.93 73.90 41.02
C ALA U 377 45.74 74.16 42.31
N ASN U 378 45.67 73.22 43.25
CA ASN U 378 46.36 73.25 44.53
C ASN U 378 46.77 71.81 44.93
N GLN U 379 47.58 71.68 45.98
CA GLN U 379 48.10 70.38 46.42
C GLN U 379 47.00 69.39 46.87
N CYS U 380 45.89 69.90 47.42
CA CYS U 380 44.74 69.08 47.78
C CYS U 380 44.05 68.52 46.52
N GLY U 381 43.83 69.36 45.50
CA GLY U 381 43.31 68.95 44.20
C GLY U 381 44.18 67.93 43.49
N GLN U 382 45.52 68.11 43.51
CA GLN U 382 46.48 67.10 43.03
C GLN U 382 46.32 65.76 43.73
N SER U 383 46.18 65.78 45.06
CA SER U 383 46.00 64.56 45.85
C SER U 383 44.69 63.84 45.49
N ILE U 384 43.63 64.59 45.18
CA ILE U 384 42.34 64.03 44.71
C ILE U 384 42.50 63.42 43.32
N LEU U 385 43.17 64.12 42.39
CA LEU U 385 43.46 63.60 41.05
C LEU U 385 44.27 62.29 41.09
N LEU U 386 45.31 62.25 41.93
CA LEU U 386 46.14 61.07 42.10
C LEU U 386 45.31 59.87 42.60
N LYS U 387 44.43 60.10 43.59
CA LYS U 387 43.51 59.07 44.11
C LYS U 387 42.51 58.59 43.06
N PHE U 388 41.98 59.47 42.20
CA PHE U 388 41.08 59.03 41.14
C PHE U 388 41.79 58.15 40.10
N LEU U 389 43.03 58.47 39.74
CA LEU U 389 43.74 57.79 38.66
C LEU U 389 44.41 56.48 39.11
N PHE U 390 45.05 56.50 40.28
CA PHE U 390 45.91 55.42 40.77
C PHE U 390 45.46 54.82 42.09
N GLU U 391 44.36 55.32 42.67
CA GLU U 391 43.86 54.86 43.97
C GLU U 391 44.96 54.99 45.03
N ASP U 392 45.35 53.90 45.69
CA ASP U 392 46.42 53.89 46.71
C ASP U 392 47.76 53.32 46.17
N ASN U 393 47.91 53.13 44.86
CA ASN U 393 49.11 52.51 44.28
C ASN U 393 50.35 53.42 44.29
N LEU U 394 50.15 54.74 44.18
CA LEU U 394 51.24 55.73 44.14
C LEU U 394 51.07 56.79 45.23
N SER U 395 52.18 57.12 45.90
CA SER U 395 52.23 58.26 46.83
C SER U 395 52.48 59.58 46.08
N MET U 396 52.24 60.72 46.74
CA MET U 396 52.56 62.03 46.17
C MET U 396 54.03 62.20 45.80
N GLN U 397 54.96 61.53 46.51
CA GLN U 397 56.40 61.63 46.24
C GLN U 397 56.87 60.67 45.15
N ASP U 398 56.19 59.54 44.99
CA ASP U 398 56.53 58.50 44.00
C ASP U 398 55.88 58.74 42.64
N SER U 399 55.07 59.80 42.52
CA SER U 399 54.38 60.17 41.29
C SER U 399 54.93 61.45 40.66
N PHE U 400 55.02 61.44 39.32
CA PHE U 400 55.26 62.67 38.56
C PHE U 400 54.15 63.69 38.82
N MET U 401 52.87 63.30 38.71
CA MET U 401 51.73 64.20 38.97
C MET U 401 51.76 64.79 40.39
N GLY U 402 52.11 63.98 41.40
CA GLY U 402 52.18 64.44 42.79
C GLY U 402 53.34 65.41 43.07
N SER U 403 54.43 65.31 42.32
CA SER U 403 55.60 66.18 42.48
C SER U 403 55.60 67.40 41.55
N ASP U 404 54.74 67.42 40.52
CA ASP U 404 54.66 68.49 39.54
C ASP U 404 54.00 69.74 40.12
N ASP U 405 54.36 70.92 39.63
CA ASP U 405 53.73 72.16 40.07
C ASP U 405 52.57 72.52 39.13
N ILE U 406 51.34 72.42 39.65
CA ILE U 406 50.12 72.81 38.92
C ILE U 406 49.51 74.11 39.44
N SER U 407 50.17 74.80 40.37
CA SER U 407 49.62 76.02 40.98
C SER U 407 49.68 77.23 40.05
N TYR U 408 50.66 77.28 39.14
CA TYR U 408 50.81 78.33 38.14
C TYR U 408 50.04 78.00 36.85
N VAL U 409 48.71 78.09 36.92
CA VAL U 409 47.80 77.91 35.78
C VAL U 409 47.09 79.21 35.48
N GLU U 410 47.11 79.62 34.21
CA GLU U 410 46.45 80.86 33.78
C GLU U 410 44.94 80.63 33.59
N ASN U 411 44.12 81.62 33.90
CA ASN U 411 42.69 81.60 33.57
C ASN U 411 42.47 81.94 32.10
N ARG U 412 42.85 81.03 31.19
CA ARG U 412 42.80 81.23 29.73
C ARG U 412 41.75 80.34 29.07
N VAL U 413 40.66 80.97 28.61
CA VAL U 413 39.66 80.32 27.75
C VAL U 413 40.25 80.14 26.34
N PRO U 414 40.09 78.96 25.69
CA PRO U 414 40.56 78.76 24.32
C PRO U 414 39.90 79.71 23.32
N ASP U 415 40.71 80.46 22.57
CA ASP U 415 40.24 81.33 21.49
C ASP U 415 39.96 80.53 20.20
N LEU U 416 38.86 80.85 19.51
CA LEU U 416 38.44 80.11 18.31
C LEU U 416 39.40 80.31 17.14
N SER U 417 40.00 81.48 17.00
CA SER U 417 40.96 81.75 15.92
C SER U 417 42.26 80.97 16.13
N GLU U 418 42.74 80.90 17.38
CA GLU U 418 43.89 80.08 17.77
C GLU U 418 43.60 78.58 17.60
N LEU U 419 42.41 78.12 18.01
CA LEU U 419 42.01 76.72 17.81
C LEU U 419 41.98 76.36 16.33
N SER U 420 41.47 77.23 15.46
CA SER U 420 41.50 77.00 14.01
C SER U 420 42.94 76.84 13.49
N GLN U 421 43.90 77.60 14.01
CA GLN U 421 45.32 77.43 13.67
C GLN U 421 45.88 76.11 14.19
N HIS U 422 45.53 75.73 15.42
CA HIS U 422 45.97 74.47 16.01
C HIS U 422 45.40 73.25 15.26
N ASP U 423 44.14 73.31 14.83
CA ASP U 423 43.50 72.27 14.02
C ASP U 423 44.27 72.04 12.71
N ASN U 424 44.69 73.10 12.02
CA ASN U 424 45.50 72.98 10.80
C ASN U 424 46.87 72.31 11.05
N GLY U 425 47.45 72.52 12.23
CA GLY U 425 48.68 71.83 12.65
C GLY U 425 48.46 70.34 12.93
N SER U 426 47.38 70.00 13.65
CA SER U 426 47.00 68.62 14.00
C SER U 426 46.72 67.74 12.77
N LEU U 427 46.23 68.31 11.66
CA LEU U 427 45.98 67.52 10.44
C LEU U 427 47.23 66.81 9.88
N ARG U 428 48.44 67.35 10.14
CA ARG U 428 49.69 66.76 9.64
C ARG U 428 50.00 65.42 10.28
N ILE U 429 49.73 65.25 11.57
CA ILE U 429 50.01 63.99 12.27
C ILE U 429 49.01 62.89 11.91
N HIS U 430 47.73 63.24 11.76
CA HIS U 430 46.66 62.27 11.43
C HIS U 430 46.56 61.93 9.94
N ASN U 431 47.31 62.61 9.07
CA ASN U 431 47.45 62.29 7.65
C ASN U 431 46.11 62.11 6.90
N GLY U 432 45.06 62.85 7.28
CA GLY U 432 43.74 62.74 6.65
C GLY U 432 42.88 61.57 7.13
N ASP U 433 43.12 61.06 8.34
CA ASP U 433 42.21 60.12 9.00
C ASP U 433 40.78 60.68 9.11
N LEU U 434 39.80 59.90 8.64
CA LEU U 434 38.40 60.30 8.62
C LEU U 434 37.82 60.47 10.03
N GLN U 435 38.29 59.70 11.02
CA GLN U 435 37.79 59.80 12.40
C GLN U 435 38.19 61.14 12.99
N HIS U 436 39.46 61.53 12.83
CA HIS U 436 39.96 62.82 13.24
C HIS U 436 39.22 63.99 12.57
N LEU U 437 39.06 63.96 11.24
CA LEU U 437 38.35 65.00 10.49
C LEU U 437 36.89 65.14 10.92
N THR U 438 36.20 64.01 11.11
CA THR U 438 34.81 63.99 11.57
C THR U 438 34.69 64.52 12.99
N TRP U 439 35.63 64.16 13.88
CA TRP U 439 35.66 64.65 15.25
C TRP U 439 35.84 66.17 15.29
N LEU U 440 36.82 66.73 14.58
CA LEU U 440 36.99 68.18 14.48
C LEU U 440 35.73 68.86 13.90
N GLY U 441 35.18 68.31 12.81
CA GLY U 441 33.96 68.84 12.21
C GLY U 441 32.79 68.87 13.19
N LEU U 442 32.64 67.85 14.04
CA LEU U 442 31.63 67.84 15.10
C LEU U 442 31.88 68.90 16.17
N GLN U 443 33.14 69.12 16.58
CA GLN U 443 33.46 70.16 17.57
C GLN U 443 32.99 71.54 17.08
N TRP U 444 33.35 71.90 15.84
CA TRP U 444 32.88 73.15 15.22
C TRP U 444 31.36 73.20 15.06
N HIS U 445 30.73 72.08 14.70
CA HIS U 445 29.27 72.00 14.60
C HIS U 445 28.58 72.22 15.95
N PHE U 446 29.12 71.71 17.05
CA PHE U 446 28.59 71.97 18.40
C PHE U 446 28.75 73.43 18.84
N LEU U 447 29.71 74.15 18.27
CA LEU U 447 29.90 75.60 18.43
C LEU U 447 29.03 76.43 17.47
N SER U 448 28.18 75.80 16.66
CA SER U 448 27.34 76.44 15.64
C SER U 448 28.12 77.21 14.55
N THR U 449 29.39 76.84 14.35
CA THR U 449 30.29 77.46 13.37
C THR U 449 30.62 76.45 12.28
N LEU U 450 30.70 76.91 11.02
CA LEU U 450 31.10 76.03 9.92
C LEU U 450 32.57 75.62 10.07
N PRO U 451 32.88 74.30 10.03
CA PRO U 451 34.27 73.86 10.06
C PRO U 451 35.01 74.39 8.82
N PRO U 452 36.29 74.82 8.95
CA PRO U 452 37.08 75.33 7.83
C PRO U 452 37.59 74.21 6.89
N LEU U 453 36.67 73.36 6.41
CA LEU U 453 36.92 72.16 5.60
C LEU U 453 37.76 72.46 4.36
N ARG U 454 37.53 73.60 3.70
CA ARG U 454 38.31 74.03 2.53
C ARG U 454 39.81 74.11 2.82
N LYS U 455 40.20 74.68 3.97
CA LYS U 455 41.62 74.80 4.36
C LYS U 455 42.21 73.42 4.64
N TRP U 456 41.46 72.58 5.35
CA TRP U 456 41.86 71.21 5.68
C TRP U 456 42.06 70.36 4.43
N LEU U 457 41.11 70.41 3.50
CA LEU U 457 41.16 69.64 2.26
C LEU U 457 42.29 70.10 1.33
N LYS U 458 42.58 71.41 1.25
CA LYS U 458 43.73 71.91 0.49
C LYS U 458 45.07 71.43 1.07
N GLN U 459 45.15 71.26 2.39
CA GLN U 459 46.35 70.74 3.05
C GLN U 459 46.52 69.23 2.82
N ILE U 460 45.43 68.46 2.88
CA ILE U 460 45.47 67.00 2.68
C ILE U 460 45.64 66.64 1.19
N PHE U 461 44.98 67.40 0.31
CA PHE U 461 44.91 67.14 -1.13
C PHE U 461 45.37 68.34 -1.98
N PRO U 462 46.65 68.76 -1.88
CA PRO U 462 47.14 70.00 -2.50
C PRO U 462 47.11 70.01 -4.05
N ARG U 463 46.94 68.84 -4.70
CA ARG U 463 46.95 68.70 -6.17
C ARG U 463 45.56 68.50 -6.77
N VAL U 464 44.51 68.42 -5.94
CA VAL U 464 43.14 68.20 -6.41
C VAL U 464 42.53 69.55 -6.78
N PRO U 465 41.90 69.69 -7.96
CA PRO U 465 41.26 70.94 -8.36
C PRO U 465 40.07 71.25 -7.45
N GLN U 466 39.75 72.53 -7.29
CA GLN U 466 38.64 72.95 -6.42
C GLN U 466 37.28 72.47 -6.96
N GLU U 467 37.05 72.65 -8.27
CA GLU U 467 35.85 72.19 -8.97
C GLU U 467 36.18 71.46 -10.28
N THR U 468 35.23 70.69 -10.79
CA THR U 468 35.24 70.01 -12.09
C THR U 468 34.17 70.57 -13.02
N SER U 469 34.50 70.71 -14.30
CA SER U 469 33.53 71.05 -15.35
C SER U 469 32.64 69.87 -15.76
N ARG U 470 32.90 68.66 -15.23
CA ARG U 470 32.22 67.41 -15.61
C ARG U 470 31.52 66.75 -14.42
N LEU U 471 30.54 67.42 -13.82
CA LEU U 471 29.75 66.87 -12.71
C LEU U 471 28.99 65.57 -13.08
N GLU U 472 28.70 65.38 -14.36
CA GLU U 472 28.05 64.16 -14.86
C GLU U 472 29.02 62.97 -14.98
N SER U 473 30.33 63.19 -14.92
CA SER U 473 31.32 62.11 -14.92
C SER U 473 31.32 61.40 -13.56
N ASN U 474 31.47 60.08 -13.54
CA ASN U 474 31.75 59.31 -12.31
C ASN U 474 33.16 58.70 -12.31
N ILE U 475 34.03 59.17 -13.21
CA ILE U 475 35.42 58.72 -13.29
C ILE U 475 36.17 59.17 -12.03
N PRO U 476 36.85 58.27 -11.29
CA PRO U 476 37.59 58.61 -10.07
C PRO U 476 38.62 59.73 -10.23
N GLU U 477 39.26 59.83 -11.40
CA GLU U 477 40.22 60.90 -11.73
C GLU U 477 39.58 62.29 -11.86
N SER U 478 38.23 62.38 -11.88
CA SER U 478 37.50 63.64 -11.97
C SER U 478 37.12 64.24 -10.62
N ILE U 479 37.49 63.62 -9.49
CA ILE U 479 37.21 64.11 -8.13
C ILE U 479 37.78 65.53 -7.94
N CYS U 480 36.99 66.41 -7.34
CA CYS U 480 37.40 67.76 -6.94
C CYS U 480 37.29 67.96 -5.41
N LEU U 481 37.85 69.06 -4.90
CA LEU U 481 37.78 69.39 -3.46
C LEU U 481 36.33 69.57 -2.99
N LEU U 482 35.45 70.13 -3.82
CA LEU U 482 34.04 70.28 -3.47
C LEU U 482 33.32 68.95 -3.29
N ASP U 483 33.68 67.89 -4.02
CA ASP U 483 33.13 66.54 -3.77
C ASP U 483 33.55 66.01 -2.39
N LEU U 484 34.79 66.30 -1.97
CA LEU U 484 35.31 65.90 -0.66
C LEU U 484 34.71 66.73 0.48
N GLU U 485 34.46 68.02 0.23
CA GLU U 485 33.84 68.93 1.20
C GLU U 485 32.41 68.52 1.50
N VAL U 486 31.59 68.25 0.48
CA VAL U 486 30.22 67.77 0.70
C VAL U 486 30.20 66.40 1.37
N PHE U 487 31.14 65.51 1.01
CA PHE U 487 31.28 64.24 1.71
C PHE U 487 31.50 64.46 3.22
N LEU U 488 32.48 65.29 3.60
CA LEU U 488 32.77 65.59 5.01
C LEU U 488 31.60 66.30 5.71
N LEU U 489 30.93 67.25 5.05
CA LEU U 489 29.75 67.92 5.61
C LEU U 489 28.63 66.93 5.94
N ALA U 490 28.38 65.95 5.05
CA ALA U 490 27.38 64.92 5.30
C ALA U 490 27.81 63.93 6.38
N VAL U 491 29.09 63.52 6.41
CA VAL U 491 29.60 62.65 7.48
C VAL U 491 29.41 63.35 8.83
N VAL U 492 29.86 64.59 8.99
CA VAL U 492 29.71 65.36 10.24
C VAL U 492 28.24 65.48 10.65
N GLN U 493 27.35 65.82 9.72
CA GLN U 493 25.92 65.93 10.01
C GLN U 493 25.31 64.59 10.44
N THR U 494 25.59 63.51 9.73
CA THR U 494 25.07 62.18 10.07
C THR U 494 25.63 61.68 11.41
N SER U 495 26.90 61.95 11.71
CA SER U 495 27.49 61.66 13.02
C SER U 495 26.82 62.46 14.13
N TYR U 496 26.51 63.74 13.90
CA TYR U 496 25.83 64.60 14.86
C TYR U 496 24.42 64.07 15.17
N LEU U 497 23.63 63.74 14.14
CA LEU U 497 22.30 63.16 14.31
C LEU U 497 22.34 61.82 15.04
N GLN U 498 23.31 60.95 14.70
CA GLN U 498 23.52 59.68 15.41
C GLN U 498 23.88 59.88 16.88
N LEU U 499 24.67 60.91 17.23
CA LEU U 499 24.98 61.22 18.62
C LEU U 499 23.75 61.76 19.37
N GLN U 500 22.91 62.57 18.73
CA GLN U 500 21.67 63.06 19.34
C GLN U 500 20.68 61.95 19.65
N ASP U 501 20.42 61.07 18.69
CA ASP U 501 19.47 59.96 18.87
C ASP U 501 19.95 58.97 19.96
N ASN U 502 21.26 58.82 20.14
CA ASN U 502 21.83 58.01 21.22
C ASN U 502 21.86 58.73 22.58
N ASN U 503 21.78 60.07 22.60
CA ASN U 503 21.94 60.89 23.80
C ASN U 503 20.62 61.29 24.46
N THR U 504 19.46 61.00 23.87
CA THR U 504 18.14 61.39 24.43
C THR U 504 17.89 60.87 25.85
N THR U 505 18.65 59.88 26.32
CA THR U 505 18.59 59.33 27.69
C THR U 505 19.88 59.53 28.51
N ALA U 506 20.82 60.36 28.06
CA ALA U 506 22.14 60.49 28.69
C ALA U 506 22.18 61.57 29.79
N ASP U 507 23.00 61.32 30.82
CA ASP U 507 23.35 62.25 31.91
C ASP U 507 23.65 63.67 31.37
N PRO U 508 23.05 64.74 31.93
CA PRO U 508 23.26 66.11 31.47
C PRO U 508 24.73 66.57 31.57
N ASN U 509 25.54 65.95 32.44
CA ASN U 509 26.96 66.25 32.59
C ASN U 509 27.83 65.50 31.58
N ARG U 510 27.24 64.60 30.77
CA ARG U 510 28.01 63.86 29.78
C ARG U 510 28.45 64.81 28.65
N PRO U 511 29.74 64.80 28.29
CA PRO U 511 30.24 65.61 27.18
C PRO U 511 29.49 65.26 25.88
N ARG U 512 29.11 66.28 25.09
CA ARG U 512 28.39 66.10 23.82
C ARG U 512 29.19 65.27 22.82
N CYS U 513 30.50 65.45 22.81
CA CYS U 513 31.45 64.64 22.06
C CYS U 513 32.58 64.19 22.98
N LEU U 514 32.88 62.89 22.97
CA LEU U 514 33.96 62.33 23.77
C LEU U 514 35.34 62.53 23.08
N PRO U 515 36.45 62.51 23.84
CA PRO U 515 37.79 62.51 23.28
C PRO U 515 38.02 61.39 22.28
N LEU U 516 38.80 61.66 21.23
CA LEU U 516 39.08 60.72 20.14
C LEU U 516 39.43 59.28 20.56
N PRO U 517 40.31 59.04 21.56
CA PRO U 517 40.67 57.68 21.95
C PRO U 517 39.47 56.84 22.41
N ILE U 518 38.48 57.46 23.08
CA ILE U 518 37.33 56.78 23.69
C ILE U 518 36.02 57.02 22.94
N CYS U 519 36.08 57.81 21.87
CA CYS U 519 34.94 58.10 21.02
C CYS U 519 34.66 56.92 20.09
N LYS U 520 33.40 56.48 20.02
CA LYS U 520 32.98 55.43 19.09
C LYS U 520 33.20 55.88 17.64
N GLN U 521 33.26 54.93 16.71
CA GLN U 521 33.39 55.24 15.28
C GLN U 521 32.25 56.16 14.85
N LEU U 522 32.61 57.35 14.34
CA LEU U 522 31.66 58.42 14.02
C LEU U 522 31.02 58.22 12.64
N PHE U 523 31.57 57.34 11.81
CA PHE U 523 31.17 57.08 10.43
C PHE U 523 30.91 55.58 10.18
N THR U 524 30.31 55.24 9.04
CA THR U 524 30.05 53.86 8.63
C THR U 524 31.24 53.22 7.91
N ASP U 525 31.34 51.89 7.90
CA ASP U 525 32.42 51.19 7.21
C ASP U 525 32.46 51.47 5.69
N ARG U 526 31.30 51.77 5.10
CA ARG U 526 31.21 52.20 3.71
C ARG U 526 31.82 53.59 3.48
N GLN U 527 31.52 54.55 4.36
CA GLN U 527 32.14 55.87 4.35
C GLN U 527 33.67 55.77 4.51
N ARG U 528 34.13 54.91 5.44
CA ARG U 528 35.56 54.58 5.59
C ARG U 528 36.16 54.05 4.31
N SER U 529 35.55 53.00 3.74
CA SER U 529 36.05 52.34 2.54
C SER U 529 36.14 53.30 1.35
N TRP U 530 35.19 54.23 1.23
CA TRP U 530 35.23 55.24 0.17
C TRP U 530 36.34 56.25 0.40
N TRP U 531 36.42 56.84 1.60
CA TRP U 531 37.44 57.82 1.93
C TRP U 531 38.86 57.26 1.83
N ASP U 532 39.10 56.07 2.37
CA ASP U 532 40.41 55.40 2.31
C ASP U 532 40.80 55.07 0.86
N ALA U 533 39.83 54.72 0.00
CA ALA U 533 40.07 54.49 -1.41
C ALA U 533 40.48 55.77 -2.13
N VAL U 534 39.76 56.88 -1.89
CA VAL U 534 40.08 58.20 -2.43
C VAL U 534 41.47 58.65 -1.96
N TYR U 535 41.71 58.59 -0.66
CA TYR U 535 42.99 58.97 -0.06
C TYR U 535 44.14 58.17 -0.67
N SER U 536 44.01 56.84 -0.73
CA SER U 536 45.04 55.95 -1.28
C SER U 536 45.32 56.19 -2.76
N LEU U 537 44.29 56.48 -3.56
CA LEU U 537 44.41 56.74 -4.99
C LEU U 537 45.09 58.09 -5.26
N ILE U 538 44.65 59.15 -4.59
CA ILE U 538 45.15 60.53 -4.80
C ILE U 538 46.58 60.69 -4.26
N THR U 539 46.86 60.14 -3.08
CA THR U 539 48.20 60.20 -2.45
C THR U 539 49.18 59.18 -3.03
N LYS U 540 48.75 58.33 -3.97
CA LYS U 540 49.54 57.24 -4.57
C LYS U 540 50.11 56.25 -3.54
N LYS U 541 49.42 56.07 -2.41
CA LYS U 541 49.75 55.10 -1.35
C LYS U 541 49.05 53.74 -1.54
N ALA U 542 48.26 53.57 -2.60
CA ALA U 542 47.56 52.31 -2.88
C ALA U 542 48.53 51.14 -3.10
N LEU U 543 48.21 49.97 -2.53
CA LEU U 543 48.98 48.75 -2.76
C LEU U 543 48.96 48.36 -4.25
N PRO U 544 50.08 47.89 -4.83
CA PRO U 544 50.12 47.41 -6.21
C PRO U 544 49.04 46.37 -6.49
N GLY U 545 48.32 46.53 -7.62
CA GLY U 545 47.23 45.62 -8.03
C GLY U 545 45.86 45.92 -7.42
N THR U 546 45.76 46.72 -6.35
CA THR U 546 44.47 47.07 -5.74
C THR U 546 43.74 48.23 -6.42
N SER U 547 44.43 48.98 -7.28
CA SER U 547 43.91 50.25 -7.83
C SER U 547 42.62 50.09 -8.64
N ALA U 548 42.40 48.96 -9.33
CA ALA U 548 41.15 48.71 -10.05
C ALA U 548 39.97 48.58 -9.09
N LYS U 549 40.14 47.83 -7.99
CA LYS U 549 39.11 47.67 -6.94
C LYS U 549 38.80 49.00 -6.27
N LEU U 550 39.81 49.79 -5.94
CA LEU U 550 39.64 51.12 -5.34
C LEU U 550 38.85 52.06 -6.27
N ARG U 551 39.17 52.07 -7.57
CA ARG U 551 38.43 52.86 -8.57
C ARG U 551 36.96 52.48 -8.64
N SER U 552 36.63 51.19 -8.59
CA SER U 552 35.23 50.74 -8.60
C SER U 552 34.45 51.21 -7.37
N VAL U 553 35.06 51.16 -6.18
CA VAL U 553 34.43 51.68 -4.94
C VAL U 553 34.15 53.18 -5.07
N ILE U 554 35.14 53.94 -5.52
CA ILE U 554 35.01 55.39 -5.70
C ILE U 554 33.93 55.73 -6.72
N GLN U 555 33.96 55.08 -7.89
CA GLN U 555 33.04 55.35 -8.99
C GLN U 555 31.59 55.14 -8.59
N HIS U 556 31.29 54.09 -7.82
CA HIS U 556 29.94 53.80 -7.37
C HIS U 556 29.38 54.94 -6.50
N ASP U 557 30.10 55.33 -5.44
CA ASP U 557 29.60 56.28 -4.45
C ASP U 557 29.78 57.75 -4.86
N LEU U 558 30.63 58.04 -5.86
CA LEU U 558 30.74 59.37 -6.47
C LEU U 558 29.43 59.80 -7.17
N THR U 559 28.68 58.84 -7.72
CA THR U 559 27.36 59.12 -8.32
C THR U 559 26.38 59.68 -7.28
N THR U 560 26.41 59.14 -6.06
CA THR U 560 25.64 59.62 -4.91
C THR U 560 26.03 61.04 -4.53
N LEU U 561 27.34 61.32 -4.37
CA LEU U 561 27.84 62.64 -3.96
C LEU U 561 27.48 63.75 -4.95
N ARG U 562 27.50 63.45 -6.24
CA ARG U 562 27.13 64.41 -7.29
C ARG U 562 25.63 64.49 -7.56
N ALA U 563 24.81 63.78 -6.80
CA ALA U 563 23.36 63.68 -6.97
C ALA U 563 22.97 63.33 -8.43
N GLN U 564 23.64 62.33 -8.99
CA GLN U 564 23.31 61.76 -10.30
C GLN U 564 22.02 60.92 -10.22
N GLU U 565 21.60 60.32 -11.33
CA GLU U 565 20.35 59.54 -11.38
C GLU U 565 20.31 58.45 -10.28
N LYS U 566 19.17 58.35 -9.59
CA LYS U 566 18.94 57.38 -8.51
C LYS U 566 19.95 57.46 -7.34
N HIS U 567 20.42 58.67 -7.02
CA HIS U 567 21.37 58.93 -5.93
C HIS U 567 20.93 58.44 -4.54
N GLY U 568 19.64 58.31 -4.24
CA GLY U 568 19.17 57.76 -2.95
C GLY U 568 19.45 58.61 -1.70
N LEU U 569 19.95 59.84 -1.87
CA LEU U 569 20.11 60.83 -0.79
C LEU U 569 18.78 61.28 -0.15
N GLN U 570 18.78 61.43 1.17
CA GLN U 570 17.71 62.13 1.91
C GLN U 570 17.75 63.64 1.58
N PRO U 571 16.62 64.32 1.32
CA PRO U 571 16.59 65.75 1.01
C PRO U 571 17.31 66.65 2.02
N ALA U 572 17.24 66.31 3.31
CA ALA U 572 17.91 67.05 4.37
C ALA U 572 19.44 67.15 4.19
N VAL U 573 20.06 66.14 3.56
CA VAL U 573 21.49 66.15 3.24
C VAL U 573 21.78 67.17 2.13
N LEU U 574 20.95 67.22 1.08
CA LEU U 574 21.07 68.19 -0.01
C LEU U 574 20.89 69.62 0.50
N VAL U 575 19.92 69.86 1.38
CA VAL U 575 19.72 71.17 2.04
C VAL U 575 20.98 71.57 2.81
N ASN U 576 21.54 70.66 3.62
CA ASN U 576 22.74 70.95 4.40
C ASN U 576 23.96 71.26 3.52
N TRP U 577 24.14 70.53 2.41
CA TRP U 577 25.20 70.82 1.45
C TRP U 577 25.02 72.18 0.81
N ALA U 578 23.81 72.48 0.31
CA ALA U 578 23.55 73.75 -0.34
C ALA U 578 23.79 74.94 0.61
N ARG U 579 23.29 74.85 1.85
CA ARG U 579 23.52 75.86 2.90
C ARG U 579 24.99 76.01 3.27
N GLY U 580 25.69 74.90 3.48
CA GLY U 580 27.12 74.92 3.82
C GLY U 580 27.95 75.57 2.72
N LEU U 581 27.69 75.20 1.46
CA LEU U 581 28.37 75.77 0.30
C LEU U 581 28.01 77.23 0.06
N HIS U 582 26.75 77.62 0.28
CA HIS U 582 26.32 79.01 0.17
C HIS U 582 27.07 79.89 1.17
N LYS U 583 27.09 79.50 2.45
CA LYS U 583 27.80 80.23 3.51
C LYS U 583 29.30 80.31 3.25
N THR U 584 29.95 79.19 2.91
CA THR U 584 31.38 79.19 2.59
C THR U 584 31.65 80.08 1.39
N GLY U 585 30.90 79.91 0.29
CA GLY U 585 31.10 80.70 -0.93
C GLY U 585 30.90 82.19 -0.70
N TYR U 586 29.85 82.60 0.01
CA TYR U 586 29.59 84.02 0.31
C TYR U 586 30.71 84.67 1.15
N SER U 587 31.37 83.90 2.02
CA SER U 587 32.49 84.38 2.86
C SER U 587 33.84 84.52 2.13
N LEU U 588 33.94 84.11 0.86
CA LEU U 588 35.20 84.13 0.11
C LEU U 588 35.35 85.42 -0.67
N ASN U 589 36.53 86.04 -0.65
CA ASN U 589 36.80 87.28 -1.40
C ASN U 589 37.19 87.04 -2.86
N SER U 590 37.38 85.78 -3.27
CA SER U 590 37.81 85.43 -4.63
C SER U 590 36.61 85.18 -5.52
N PHE U 591 36.45 85.99 -6.57
CA PHE U 591 35.40 85.85 -7.59
C PHE U 591 35.27 84.41 -8.12
N TYR U 592 36.41 83.80 -8.50
CA TYR U 592 36.40 82.44 -9.05
C TYR U 592 35.95 81.41 -8.03
N ASP U 593 36.38 81.55 -6.77
CA ASP U 593 35.96 80.65 -5.70
C ASP U 593 34.46 80.83 -5.39
N GLN U 594 33.98 82.07 -5.29
CA GLN U 594 32.56 82.37 -5.09
C GLN U 594 31.71 81.72 -6.19
N LYS U 595 32.11 81.88 -7.45
CA LYS U 595 31.40 81.31 -8.60
C LYS U 595 31.34 79.78 -8.56
N GLU U 596 32.44 79.11 -8.21
CA GLU U 596 32.47 77.66 -8.09
C GLU U 596 31.56 77.15 -6.95
N TYR U 597 31.65 77.75 -5.77
CA TYR U 597 30.80 77.37 -4.62
C TYR U 597 29.33 77.66 -4.89
N MET U 598 28.99 78.83 -5.45
CA MET U 598 27.61 79.16 -5.80
C MET U 598 27.10 78.25 -6.92
N GLY U 599 27.90 77.95 -7.93
CA GLY U 599 27.55 77.02 -9.00
C GLY U 599 27.20 75.62 -8.45
N ARG U 600 28.01 75.10 -7.52
CA ARG U 600 27.75 73.81 -6.88
C ARG U 600 26.57 73.84 -5.90
N CYS U 601 26.37 74.93 -5.16
CA CYS U 601 25.20 75.15 -4.32
C CYS U 601 23.91 75.08 -5.17
N VAL U 602 23.85 75.83 -6.26
CA VAL U 602 22.74 75.84 -7.21
C VAL U 602 22.50 74.46 -7.83
N HIS U 603 23.56 73.69 -8.12
CA HIS U 603 23.42 72.31 -8.59
C HIS U 603 22.62 71.45 -7.61
N TYR U 604 22.92 71.48 -6.31
CA TYR U 604 22.18 70.70 -5.33
C TYR U 604 20.74 71.19 -5.13
N TRP U 605 20.49 72.50 -5.16
CA TRP U 605 19.13 73.05 -5.15
C TRP U 605 18.31 72.53 -6.33
N LYS U 606 18.87 72.53 -7.55
CA LYS U 606 18.19 71.98 -8.74
C LYS U 606 17.87 70.49 -8.60
N LYS U 607 18.69 69.71 -7.90
CA LYS U 607 18.43 68.28 -7.62
C LYS U 607 17.42 68.07 -6.49
N LEU U 608 17.31 69.03 -5.57
CA LEU U 608 16.38 68.99 -4.45
C LEU U 608 14.95 69.37 -4.85
N LEU U 609 14.75 70.34 -5.75
CA LEU U 609 13.42 70.83 -6.16
C LEU U 609 12.44 69.69 -6.56
N PRO U 610 12.82 68.70 -7.40
CA PRO U 610 11.92 67.59 -7.72
C PRO U 610 11.56 66.70 -6.52
N LEU U 611 12.42 66.62 -5.50
CA LEU U 611 12.13 65.89 -4.26
C LEU U 611 11.16 66.66 -3.37
N LEU U 612 11.26 68.00 -3.34
CA LEU U 612 10.30 68.85 -2.65
C LEU U 612 8.90 68.73 -3.26
N ASP U 613 8.80 68.63 -4.59
CA ASP U 613 7.55 68.36 -5.28
C ASP U 613 6.94 67.01 -4.86
N LEU U 614 7.76 65.97 -4.67
CA LEU U 614 7.29 64.67 -4.14
C LEU U 614 6.76 64.80 -2.71
N VAL U 615 7.45 65.55 -1.84
CA VAL U 615 7.02 65.82 -0.46
C VAL U 615 5.71 66.60 -0.44
N LYS U 616 5.55 67.61 -1.30
CA LYS U 616 4.30 68.37 -1.48
C LYS U 616 3.14 67.47 -1.93
N GLN U 617 3.42 66.49 -2.78
CA GLN U 617 2.48 65.44 -3.20
C GLN U 617 2.30 64.34 -2.15
N LYS U 618 2.92 64.43 -0.97
CA LYS U 618 2.93 63.43 0.11
C LYS U 618 3.39 62.04 -0.35
N LYS U 619 4.29 61.99 -1.34
CA LYS U 619 4.92 60.75 -1.80
C LYS U 619 6.18 60.47 -0.98
N SER U 620 6.43 59.19 -0.71
CA SER U 620 7.63 58.75 0.00
C SER U 620 8.87 58.87 -0.88
N ILE U 621 10.00 59.21 -0.25
CA ILE U 621 11.30 59.29 -0.92
C ILE U 621 11.96 57.91 -0.90
N PRO U 622 12.50 57.40 -2.03
CA PRO U 622 13.15 56.10 -2.06
C PRO U 622 14.40 56.05 -1.19
N GLU U 623 14.46 55.07 -0.29
CA GLU U 623 15.62 54.79 0.57
C GLU U 623 16.41 53.57 0.06
N PRO U 624 17.75 53.69 -0.15
CA PRO U 624 18.59 52.56 -0.50
C PRO U 624 18.74 51.54 0.64
N VAL U 625 18.87 50.25 0.31
CA VAL U 625 19.08 49.17 1.31
C VAL U 625 20.37 49.36 2.12
N ASP U 626 21.43 49.83 1.47
CA ASP U 626 22.70 50.19 2.11
C ASP U 626 23.06 51.60 1.62
N PRO U 627 22.68 52.67 2.34
CA PRO U 627 22.95 54.04 1.92
C PRO U 627 24.33 54.51 2.38
N LEU U 628 25.00 55.35 1.57
CA LEU U 628 26.27 55.98 1.95
C LEU U 628 26.09 56.91 3.17
N PHE U 629 24.94 57.58 3.26
CA PHE U 629 24.53 58.42 4.37
C PHE U 629 23.19 57.91 4.90
N LYS U 630 23.13 57.55 6.18
CA LYS U 630 21.90 57.03 6.81
C LYS U 630 20.78 58.05 6.74
N HIS U 631 19.56 57.58 6.53
CA HIS U 631 18.35 58.41 6.57
C HIS U 631 17.90 58.56 8.02
N PHE U 632 17.66 59.80 8.45
CA PHE U 632 17.18 60.11 9.79
C PHE U 632 15.78 60.72 9.70
N HIS U 633 14.75 59.95 10.04
CA HIS U 633 13.35 60.37 9.89
C HIS U 633 12.96 61.58 10.75
N ASN U 634 13.71 61.87 11.82
CA ASN U 634 13.55 63.08 12.62
C ASN U 634 13.90 64.38 11.85
N LYS U 635 14.61 64.28 10.72
CA LYS U 635 14.98 65.38 9.83
C LYS U 635 14.29 65.32 8.46
N ASP U 636 13.26 64.49 8.30
CA ASP U 636 12.46 64.50 7.08
C ASP U 636 11.76 65.86 6.91
N ILE U 637 11.87 66.43 5.71
CA ILE U 637 11.33 67.75 5.39
C ILE U 637 9.81 67.72 5.50
N LYS U 638 9.27 68.66 6.28
CA LYS U 638 7.81 68.80 6.44
C LYS U 638 7.23 69.62 5.31
N VAL U 639 5.97 69.36 4.95
CA VAL U 639 5.25 70.10 3.89
C VAL U 639 5.20 71.60 4.18
N SER U 640 5.19 72.01 5.45
CA SER U 640 5.23 73.42 5.86
C SER U 640 6.54 74.14 5.53
N GLU U 641 7.66 73.41 5.52
CA GLU U 641 9.01 73.95 5.29
C GLU U 641 9.35 74.04 3.80
N VAL U 642 8.55 73.40 2.92
CA VAL U 642 8.83 73.31 1.49
C VAL U 642 8.90 74.69 0.83
N LYS U 643 7.99 75.62 1.19
CA LYS U 643 7.96 76.96 0.61
C LYS U 643 9.23 77.74 0.97
N ASP U 644 9.65 77.71 2.23
CA ASP U 644 10.84 78.42 2.68
C ASP U 644 12.11 77.90 1.97
N LEU U 645 12.17 76.60 1.67
CA LEU U 645 13.26 75.98 0.91
C LEU U 645 13.21 76.33 -0.59
N GLU U 646 12.01 76.44 -1.17
CA GLU U 646 11.84 76.94 -2.55
C GLU U 646 12.33 78.39 -2.67
N ASP U 647 11.98 79.24 -1.70
CA ASP U 647 12.43 80.64 -1.63
C ASP U 647 13.97 80.72 -1.45
N GLU U 648 14.56 79.87 -0.60
CA GLU U 648 16.01 79.77 -0.40
C GLU U 648 16.73 79.31 -1.69
N ALA U 649 16.14 78.37 -2.44
CA ALA U 649 16.66 77.95 -3.73
C ALA U 649 16.67 79.11 -4.74
N CYS U 650 15.57 79.88 -4.80
CA CYS U 650 15.46 81.07 -5.67
C CYS U 650 16.50 82.13 -5.30
N ILE U 651 16.73 82.38 -4.01
CA ILE U 651 17.79 83.28 -3.53
C ILE U 651 19.15 82.79 -4.01
N ALA U 652 19.45 81.50 -3.87
CA ALA U 652 20.73 80.95 -4.34
C ALA U 652 20.92 81.08 -5.87
N PHE U 653 19.85 80.94 -6.65
CA PHE U 653 19.88 81.15 -8.11
C PHE U 653 20.17 82.62 -8.44
N ALA U 654 19.48 83.55 -7.79
CA ALA U 654 19.71 84.99 -7.95
C ALA U 654 21.14 85.40 -7.53
N THR U 655 21.66 84.83 -6.43
CA THR U 655 23.05 85.05 -6.02
C THR U 655 24.06 84.55 -7.05
N LEU U 656 23.82 83.39 -7.69
CA LEU U 656 24.70 82.91 -8.76
C LEU U 656 24.67 83.85 -9.98
N ASP U 657 23.50 84.33 -10.39
CA ASP U 657 23.38 85.28 -11.51
C ASP U 657 24.08 86.62 -11.16
N LEU U 658 24.01 87.07 -9.90
CA LEU U 658 24.76 88.22 -9.41
C LEU U 658 26.29 87.99 -9.50
N VAL U 659 26.78 86.84 -9.04
CA VAL U 659 28.21 86.47 -9.14
C VAL U 659 28.66 86.30 -10.59
N ASP U 660 27.78 85.85 -11.50
CA ASP U 660 28.07 85.77 -12.93
C ASP U 660 28.09 87.14 -13.63
N GLY U 661 27.71 88.23 -12.93
CA GLY U 661 27.64 89.59 -13.46
C GLY U 661 26.35 89.91 -14.21
N LYS U 662 25.33 89.05 -14.13
CA LYS U 662 23.99 89.30 -14.67
C LYS U 662 23.14 90.02 -13.62
N THR U 663 23.50 91.27 -13.34
CA THR U 663 22.90 92.06 -12.26
C THR U 663 21.40 92.28 -12.45
N GLU U 664 20.95 92.52 -13.69
CA GLU U 664 19.53 92.77 -13.97
C GLU U 664 18.65 91.53 -13.76
N ASP U 665 19.11 90.37 -14.24
CA ASP U 665 18.41 89.09 -14.02
C ASP U 665 18.34 88.77 -12.52
N ALA U 666 19.41 89.06 -11.77
CA ALA U 666 19.45 88.88 -10.32
C ALA U 666 18.46 89.80 -9.59
N ILE U 667 18.34 91.07 -9.98
CA ILE U 667 17.37 92.02 -9.41
C ILE U 667 15.95 91.49 -9.58
N ILE U 668 15.57 91.11 -10.81
CA ILE U 668 14.24 90.56 -11.12
C ILE U 668 13.96 89.31 -10.28
N ALA U 669 14.95 88.42 -10.16
CA ALA U 669 14.83 87.21 -9.37
C ALA U 669 14.65 87.50 -7.87
N PHE U 670 15.43 88.40 -7.28
CA PHE U 670 15.28 88.79 -5.87
C PHE U 670 13.94 89.47 -5.58
N GLU U 671 13.49 90.37 -6.45
CA GLU U 671 12.19 91.06 -6.31
C GLU U 671 11.01 90.08 -6.33
N SER U 672 11.18 88.93 -7.00
CA SER U 672 10.14 87.90 -7.07
C SER U 672 9.95 87.09 -5.77
N VAL U 673 11.00 86.94 -4.95
CA VAL U 673 10.96 86.11 -3.72
C VAL U 673 10.27 86.83 -2.56
N LYS U 674 10.37 88.17 -2.48
CA LYS U 674 9.73 89.01 -1.45
C LYS U 674 10.01 88.54 -0.01
N ASN U 675 11.29 88.33 0.30
CA ASN U 675 11.78 87.90 1.61
C ASN U 675 12.90 88.86 2.08
N VAL U 676 13.06 89.04 3.38
CA VAL U 676 14.14 89.82 4.02
C VAL U 676 15.53 89.55 3.45
N VAL U 677 15.89 88.29 3.19
CA VAL U 677 17.20 87.96 2.59
C VAL U 677 17.30 88.51 1.16
N ALA U 678 16.21 88.47 0.39
CA ALA U 678 16.17 89.03 -0.95
C ALA U 678 16.23 90.56 -0.92
N TYR U 679 15.51 91.22 -0.01
CA TYR U 679 15.59 92.67 0.19
C TYR U 679 16.98 93.13 0.60
N TRP U 680 17.66 92.36 1.45
CA TRP U 680 19.05 92.65 1.84
C TRP U 680 19.99 92.57 0.64
N ASN U 681 19.88 91.52 -0.19
CA ASN U 681 20.68 91.42 -1.41
C ASN U 681 20.36 92.55 -2.40
N LEU U 682 19.10 92.95 -2.55
CA LEU U 682 18.69 94.10 -3.37
C LEU U 682 19.31 95.40 -2.87
N ALA U 683 19.25 95.65 -1.56
CA ALA U 683 19.89 96.82 -0.94
C ALA U 683 21.40 96.86 -1.24
N LEU U 684 22.10 95.73 -1.08
CA LEU U 684 23.53 95.63 -1.41
C LEU U 684 23.82 95.88 -2.89
N ILE U 685 22.98 95.39 -3.80
CA ILE U 685 23.14 95.64 -5.24
C ILE U 685 23.00 97.13 -5.55
N TYR U 686 21.96 97.78 -5.02
CA TYR U 686 21.72 99.21 -5.27
C TYR U 686 22.76 100.11 -4.60
N GLN U 687 23.25 99.74 -3.41
CA GLN U 687 24.37 100.43 -2.78
C GLN U 687 25.63 100.35 -3.66
N ARG U 688 25.99 99.16 -4.15
CA ARG U 688 27.15 99.01 -5.05
C ARG U 688 26.98 99.76 -6.37
N LYS U 689 25.76 99.74 -6.94
CA LYS U 689 25.44 100.56 -8.13
C LYS U 689 25.66 102.05 -7.85
N ALA U 690 25.25 102.55 -6.68
CA ALA U 690 25.48 103.94 -6.28
C ALA U 690 26.98 104.25 -6.12
N GLU U 691 27.75 103.38 -5.46
CA GLU U 691 29.20 103.53 -5.29
C GLU U 691 29.97 103.49 -6.62
N GLU U 692 29.50 102.73 -7.62
CA GLU U 692 30.07 102.72 -8.97
C GLU U 692 29.82 104.04 -9.73
N ILE U 693 28.67 104.68 -9.46
CA ILE U 693 28.32 105.98 -10.04
C ILE U 693 29.08 107.09 -9.31
N GLU U 694 29.37 106.98 -8.02
CA GLU U 694 30.10 107.98 -7.23
C GLU U 694 31.55 108.21 -7.74
N ASN U 695 31.69 109.08 -8.73
CA ASN U 695 32.95 109.72 -9.14
C ASN U 695 32.80 111.24 -8.99
N ASP U 696 33.84 111.94 -8.54
CA ASP U 696 33.80 113.34 -8.06
C ASP U 696 33.28 114.42 -9.07
N CYS U 697 32.83 114.09 -10.28
CA CYS U 697 32.34 115.05 -11.29
C CYS U 697 31.22 114.45 -12.18
N LEU U 698 30.05 114.13 -11.62
CA LEU U 698 28.96 113.48 -12.36
C LEU U 698 28.15 114.44 -13.26
N PRO U 699 27.84 114.06 -14.51
CA PRO U 699 26.76 114.64 -15.30
C PRO U 699 25.40 114.55 -14.59
N ALA U 700 24.47 115.46 -14.91
CA ALA U 700 23.15 115.52 -14.27
C ALA U 700 22.34 114.20 -14.39
N GLU U 701 22.45 113.49 -15.52
CA GLU U 701 21.81 112.18 -15.73
C GLU U 701 22.36 111.14 -14.74
N GLU U 702 23.68 111.10 -14.53
CA GLU U 702 24.32 110.18 -13.58
C GLU U 702 23.99 110.55 -12.13
N GLN U 703 23.76 111.83 -11.85
CA GLN U 703 23.32 112.28 -10.52
C GLN U 703 21.88 111.82 -10.21
N GLU U 704 20.97 111.82 -11.19
CA GLU U 704 19.61 111.28 -11.02
C GLU U 704 19.64 109.76 -10.80
N GLU U 705 20.43 109.02 -11.58
CA GLU U 705 20.60 107.57 -11.41
C GLU U 705 21.19 107.21 -10.04
N PHE U 706 22.17 107.98 -9.55
CA PHE U 706 22.74 107.83 -8.22
C PHE U 706 21.69 107.99 -7.12
N GLN U 707 20.88 109.05 -7.20
CA GLN U 707 19.81 109.32 -6.25
C GLN U 707 18.72 108.24 -6.30
N GLU U 708 18.34 107.76 -7.49
CA GLU U 708 17.39 106.67 -7.64
C GLU U 708 17.89 105.37 -7.00
N CYS U 709 19.18 105.04 -7.19
CA CYS U 709 19.79 103.87 -6.55
C CYS U 709 19.76 103.97 -5.02
N LEU U 710 20.09 105.13 -4.45
CA LEU U 710 20.03 105.35 -3.01
C LEU U 710 18.60 105.30 -2.47
N LEU U 711 17.61 105.84 -3.19
CA LEU U 711 16.20 105.74 -2.81
C LEU U 711 15.71 104.29 -2.82
N LYS U 712 16.08 103.50 -3.82
CA LYS U 712 15.78 102.06 -3.87
C LYS U 712 16.44 101.30 -2.73
N CYS U 713 17.71 101.60 -2.44
CA CYS U 713 18.42 101.04 -1.29
C CYS U 713 17.71 101.37 0.03
N LYS U 714 17.37 102.65 0.28
CA LYS U 714 16.59 103.10 1.46
C LYS U 714 15.25 102.37 1.55
N GLY U 715 14.56 102.19 0.44
CA GLY U 715 13.28 101.47 0.35
C GLY U 715 13.39 100.02 0.86
N PHE U 716 14.33 99.25 0.32
CA PHE U 716 14.52 97.85 0.74
C PHE U 716 15.02 97.73 2.19
N LEU U 717 15.94 98.59 2.63
CA LEU U 717 16.40 98.61 4.02
C LEU U 717 15.25 98.93 4.98
N LYS U 718 14.38 99.87 4.62
CA LYS U 718 13.18 100.18 5.42
C LYS U 718 12.22 99.00 5.49
N MET U 719 12.00 98.28 4.39
CA MET U 719 11.18 97.05 4.41
C MET U 719 11.72 96.00 5.38
N ILE U 720 13.05 95.83 5.45
CA ILE U 720 13.68 94.92 6.43
C ILE U 720 13.41 95.38 7.86
N CYS U 721 13.57 96.68 8.14
CA CYS U 721 13.30 97.25 9.47
C CYS U 721 11.82 97.11 9.87
N ASP U 722 10.91 97.36 8.93
CA ASP U 722 9.46 97.24 9.14
C ASP U 722 9.09 95.78 9.43
N GLU U 723 9.61 94.80 8.69
CA GLU U 723 9.40 93.38 8.95
C GLU U 723 10.01 92.93 10.29
N TYR U 724 11.22 93.38 10.62
CA TYR U 724 11.85 93.09 11.91
C TYR U 724 11.04 93.66 13.09
N SER U 725 10.47 94.86 12.92
CA SER U 725 9.61 95.47 13.95
C SER U 725 8.31 94.67 14.17
N ALA U 726 7.78 94.03 13.13
CA ALA U 726 6.62 93.16 13.22
C ALA U 726 6.96 91.78 13.81
N TYR U 727 8.10 91.20 13.43
CA TYR U 727 8.53 89.87 13.83
C TYR U 727 10.02 89.82 14.16
N PRO U 728 10.42 90.02 15.43
CA PRO U 728 11.82 90.01 15.86
C PRO U 728 12.56 88.67 15.61
N SER U 729 11.82 87.57 15.38
CA SER U 729 12.39 86.27 15.01
C SER U 729 13.17 86.28 13.70
N ILE U 730 12.91 87.26 12.83
CA ILE U 730 13.57 87.43 11.53
C ILE U 730 15.08 87.68 11.69
N ALA U 731 15.55 88.19 12.83
CA ALA U 731 16.98 88.36 13.12
C ALA U 731 17.80 87.08 12.88
N THR U 732 17.20 85.90 13.05
CA THR U 732 17.87 84.62 12.80
C THR U 732 18.01 84.25 11.32
N SER U 733 17.16 84.82 10.46
CA SER U 733 17.17 84.62 9.01
C SER U 733 18.05 85.63 8.27
N LEU U 734 18.30 86.79 8.88
CA LEU U 734 19.14 87.82 8.30
C LEU U 734 20.60 87.33 8.17
N PRO U 735 21.26 87.58 7.02
CA PRO U 735 22.66 87.20 6.83
C PRO U 735 23.64 87.99 7.72
N VAL U 736 23.22 89.16 8.21
CA VAL U 736 24.00 90.09 9.02
C VAL U 736 23.24 90.45 10.30
N PRO U 737 23.94 90.89 11.36
CA PRO U 737 23.29 91.48 12.53
C PRO U 737 22.37 92.63 12.12
N VAL U 738 21.25 92.80 12.82
CA VAL U 738 20.26 93.84 12.50
C VAL U 738 20.87 95.23 12.66
N GLU U 739 21.85 95.38 13.55
CA GLU U 739 22.63 96.60 13.77
C GLU U 739 23.31 97.06 12.47
N THR U 740 23.86 96.15 11.68
CA THR U 740 24.48 96.47 10.37
C THR U 740 23.47 97.00 9.37
N VAL U 741 22.22 96.51 9.42
CA VAL U 741 21.13 97.01 8.58
C VAL U 741 20.77 98.45 8.98
N PHE U 742 20.70 98.73 10.29
CA PHE U 742 20.44 100.08 10.78
C PHE U 742 21.59 101.06 10.46
N GLU U 743 22.84 100.65 10.65
CA GLU U 743 24.02 101.45 10.30
C GLU U 743 24.04 101.82 8.80
N MET U 744 23.73 100.86 7.93
CA MET U 744 23.63 101.09 6.48
C MET U 744 22.45 102.00 6.14
N LEU U 745 21.31 101.83 6.80
CA LEU U 745 20.15 102.69 6.59
C LEU U 745 20.45 104.14 6.98
N ASP U 746 21.17 104.35 8.08
CA ASP U 746 21.54 105.69 8.54
C ASP U 746 22.62 106.32 7.66
N SER U 747 23.59 105.54 7.13
CA SER U 747 24.55 106.07 6.16
C SER U 747 23.86 106.50 4.85
N VAL U 748 22.91 105.70 4.35
CA VAL U 748 22.14 106.04 3.14
C VAL U 748 21.28 107.28 3.36
N LYS U 749 20.68 107.47 4.54
CA LYS U 749 19.96 108.71 4.89
C LYS U 749 20.90 109.93 4.90
N GLN U 750 22.10 109.79 5.44
CA GLN U 750 23.08 110.88 5.45
C GLN U 750 23.50 111.27 4.02
N SER U 751 23.71 110.30 3.13
CA SER U 751 24.07 110.56 1.72
C SER U 751 22.94 111.16 0.89
N LEU U 752 21.67 110.81 1.17
CA LEU U 752 20.51 111.42 0.52
C LEU U 752 20.25 112.88 0.97
N GLY U 753 20.75 113.25 2.16
CA GLY U 753 20.49 114.55 2.78
C GLY U 753 19.04 114.71 3.27
N GLU U 754 18.83 115.65 4.20
CA GLU U 754 17.52 115.89 4.84
C GLU U 754 16.41 116.36 3.87
N ALA U 755 16.78 116.85 2.67
CA ALA U 755 15.86 117.56 1.78
C ALA U 755 14.81 116.69 1.05
N MET U 756 14.92 115.35 1.11
CA MET U 756 14.05 114.43 0.37
C MET U 756 13.13 113.57 1.27
N ASP U 757 13.08 113.82 2.58
CA ASP U 757 12.33 112.96 3.51
C ASP U 757 10.80 112.94 3.30
N ASP U 758 10.22 113.91 2.57
CA ASP U 758 8.76 114.07 2.45
C ASP U 758 8.14 113.63 1.12
N HIS U 759 8.91 113.20 0.12
CA HIS U 759 8.36 112.76 -1.17
C HIS U 759 8.69 111.29 -1.42
N SER U 760 7.86 110.39 -0.89
CA SER U 760 7.85 108.98 -1.29
C SER U 760 7.02 108.83 -2.56
N PRO U 761 7.60 108.59 -3.75
CA PRO U 761 6.82 108.10 -4.88
C PRO U 761 6.46 106.64 -4.56
N ALA U 762 5.20 106.26 -4.78
CA ALA U 762 4.66 104.93 -4.55
C ALA U 762 5.57 103.83 -5.14
N PHE U 763 6.42 103.26 -4.28
CA PHE U 763 7.59 102.42 -4.63
C PHE U 763 7.25 101.14 -5.41
N MET U 764 5.98 100.72 -5.44
CA MET U 764 5.57 99.46 -6.09
C MET U 764 4.40 99.55 -7.08
N GLU U 765 3.87 100.72 -7.44
CA GLU U 765 2.65 100.74 -8.29
C GLU U 765 2.90 100.56 -9.81
N ASN U 766 4.12 100.68 -10.34
CA ASN U 766 4.31 100.75 -11.81
C ASN U 766 5.01 99.58 -12.53
N HIS U 767 5.27 98.43 -11.90
CA HIS U 767 5.78 97.24 -12.62
C HIS U 767 4.82 96.04 -12.55
N SER U 768 3.62 96.24 -13.10
CA SER U 768 2.64 95.18 -13.38
C SER U 768 2.58 94.83 -14.88
N VAL U 769 3.72 94.69 -15.57
CA VAL U 769 3.74 94.17 -16.96
C VAL U 769 5.00 93.34 -17.21
N LEU U 770 4.91 92.02 -17.02
CA LEU U 770 5.41 91.01 -17.95
C LEU U 770 5.07 89.61 -17.44
N THR U 771 3.99 89.10 -18.02
CA THR U 771 3.52 87.72 -18.02
C THR U 771 4.62 86.67 -18.12
N THR U 772 4.65 85.77 -17.13
CA THR U 772 4.97 84.33 -17.21
C THR U 772 5.66 83.84 -18.48
N SER U 773 6.97 83.99 -18.56
CA SER U 773 7.80 83.09 -19.37
C SER U 773 8.85 82.49 -18.45
N ALA U 774 8.73 81.19 -18.20
CA ALA U 774 9.64 80.41 -17.37
C ALA U 774 11.10 80.77 -17.65
N ILE U 775 11.73 81.54 -16.76
CA ILE U 775 13.13 81.97 -16.86
C ILE U 775 13.96 80.69 -16.75
N LYS U 776 14.49 80.25 -17.89
CA LYS U 776 15.35 79.08 -17.97
C LYS U 776 16.74 79.49 -17.50
N HIS U 777 17.08 79.16 -16.26
CA HIS U 777 18.46 79.24 -15.75
C HIS U 777 19.34 78.19 -16.47
N SER U 778 19.72 78.46 -17.72
CA SER U 778 20.61 77.61 -18.51
C SER U 778 22.06 77.82 -18.10
N THR U 779 22.74 76.75 -17.68
CA THR U 779 24.21 76.69 -17.69
C THR U 779 24.66 76.47 -19.15
N PRO U 780 25.73 77.12 -19.62
CA PRO U 780 26.13 77.02 -21.01
C PRO U 780 26.66 75.60 -21.29
N SER U 781 26.02 74.92 -22.24
CA SER U 781 26.61 73.74 -22.89
C SER U 781 27.88 74.15 -23.65
N PRO U 782 28.89 73.26 -23.80
CA PRO U 782 30.23 73.63 -24.23
C PRO U 782 30.26 73.91 -25.73
N THR U 783 29.95 75.15 -26.11
CA THR U 783 30.11 75.60 -27.50
C THR U 783 31.50 76.20 -27.68
N LYS U 784 32.20 75.73 -28.72
CA LYS U 784 33.56 76.11 -29.10
C LYS U 784 33.78 77.63 -29.03
N LEU U 785 34.86 77.99 -28.33
CA LEU U 785 35.47 79.32 -28.27
C LEU U 785 35.34 80.07 -29.61
N THR U 786 34.44 81.04 -29.69
CA THR U 786 34.55 82.14 -30.65
C THR U 786 34.80 83.39 -29.83
N ILE U 787 36.01 83.92 -29.99
CA ILE U 787 36.52 85.11 -29.35
C ILE U 787 35.85 86.30 -30.05
N SER U 788 34.91 86.95 -29.39
CA SER U 788 34.48 88.31 -29.75
C SER U 788 34.96 89.26 -28.64
N PRO U 789 35.96 90.12 -28.89
CA PRO U 789 36.50 91.01 -27.88
C PRO U 789 35.75 92.35 -27.93
N SER U 790 34.75 92.55 -27.06
CA SER U 790 34.17 93.89 -26.86
C SER U 790 33.34 94.11 -25.58
N LYS U 791 33.49 93.30 -24.53
CA LYS U 791 32.98 93.65 -23.19
C LYS U 791 34.00 93.26 -22.12
N SER U 792 34.82 94.23 -21.72
CA SER U 792 35.62 94.14 -20.49
C SER U 792 34.66 93.90 -19.32
N ALA U 793 34.91 92.84 -18.53
CA ALA U 793 34.12 92.53 -17.35
C ALA U 793 34.12 93.74 -16.41
N ARG U 794 32.94 94.33 -16.17
CA ARG U 794 32.76 95.54 -15.34
C ARG U 794 32.89 95.27 -13.83
N PHE U 795 33.09 94.03 -13.39
CA PHE U 795 33.01 93.66 -11.99
C PHE U 795 34.41 93.31 -11.43
N SER U 796 35.07 94.31 -10.85
CA SER U 796 36.29 94.14 -10.03
C SER U 796 35.88 93.88 -8.58
N PRO U 797 36.45 92.89 -7.87
CA PRO U 797 36.16 92.67 -6.46
C PRO U 797 36.85 93.75 -5.62
N LYS U 798 36.18 94.88 -5.37
CA LYS U 798 36.58 95.84 -4.33
C LYS U 798 35.94 95.45 -3.00
N MET V 1 67.57 -53.59 -125.25
CA MET V 1 66.72 -54.58 -124.56
C MET V 1 65.26 -54.24 -124.79
N LYS V 2 64.66 -54.79 -125.85
CA LYS V 2 63.25 -55.20 -125.80
C LYS V 2 63.35 -56.72 -125.83
N GLN V 3 63.00 -57.36 -124.73
CA GLN V 3 62.81 -58.80 -124.74
C GLN V 3 61.61 -59.01 -125.66
N ASP V 4 61.84 -59.54 -126.85
CA ASP V 4 60.76 -60.04 -127.70
C ASP V 4 60.04 -61.10 -126.86
N SER V 5 58.95 -60.71 -126.21
CA SER V 5 58.09 -61.60 -125.46
C SER V 5 57.36 -62.46 -126.50
N ALA V 6 58.05 -63.48 -127.00
CA ALA V 6 57.42 -64.52 -127.80
C ALA V 6 56.27 -65.09 -126.97
N SER V 7 55.04 -64.95 -127.48
CA SER V 7 53.87 -65.52 -126.83
C SER V 7 53.91 -67.03 -127.00
N ASN V 8 53.61 -67.74 -125.91
CA ASN V 8 53.29 -69.14 -126.00
C ASN V 8 52.06 -69.33 -126.90
N ALA V 9 51.96 -70.50 -127.53
CA ALA V 9 50.77 -70.90 -128.25
C ALA V 9 49.58 -70.95 -127.28
N THR V 10 48.42 -70.45 -127.71
CA THR V 10 47.16 -70.50 -126.96
C THR V 10 46.78 -71.95 -126.68
N TYR V 11 46.90 -72.81 -127.70
CA TYR V 11 46.70 -74.25 -127.58
C TYR V 11 47.84 -75.02 -128.23
N THR V 12 48.10 -76.22 -127.74
CA THR V 12 49.06 -77.15 -128.34
C THR V 12 48.48 -78.56 -128.31
N VAL V 13 48.53 -79.26 -129.44
CA VAL V 13 48.07 -80.64 -129.58
C VAL V 13 49.24 -81.52 -130.00
N ASP V 14 49.42 -82.66 -129.33
CA ASP V 14 50.42 -83.65 -129.72
C ASP V 14 49.93 -84.50 -130.90
N CYS V 15 50.83 -84.81 -131.82
CA CYS V 15 50.60 -85.64 -132.99
C CYS V 15 51.45 -86.91 -132.92
N GLU V 16 50.97 -87.97 -133.57
CA GLU V 16 51.68 -89.26 -133.59
C GLU V 16 52.96 -89.23 -134.44
N ASP V 17 52.99 -88.40 -135.48
CA ASP V 17 54.10 -88.25 -136.42
C ASP V 17 54.51 -86.77 -136.58
N TYR V 18 55.63 -86.54 -137.26
CA TYR V 18 56.07 -85.20 -137.65
C TYR V 18 55.03 -84.51 -138.51
N VAL V 19 54.77 -83.23 -138.25
CA VAL V 19 53.86 -82.40 -139.03
C VAL V 19 54.67 -81.62 -140.07
N HIS V 20 54.43 -81.89 -141.35
CA HIS V 20 55.08 -81.22 -142.48
C HIS V 20 54.20 -80.19 -143.18
N VAL V 21 52.88 -80.34 -143.04
CA VAL V 21 51.88 -79.39 -143.52
C VAL V 21 50.62 -79.54 -142.65
N VAL V 22 49.89 -78.45 -142.49
CA VAL V 22 48.61 -78.42 -141.81
C VAL V 22 47.68 -77.45 -142.54
N GLU V 23 46.43 -77.83 -142.74
CA GLU V 23 45.40 -77.00 -143.37
C GLU V 23 44.03 -77.21 -142.71
N PHE V 24 43.42 -76.13 -142.22
CA PHE V 24 42.00 -76.12 -141.86
C PHE V 24 41.16 -76.24 -143.12
N ASN V 25 40.01 -76.91 -143.02
CA ASN V 25 38.99 -76.84 -144.05
C ASN V 25 38.42 -75.41 -144.10
N PRO V 26 38.61 -74.66 -145.20
CA PRO V 26 38.07 -73.32 -145.30
C PRO V 26 36.56 -73.32 -145.62
N PHE V 27 35.98 -74.47 -145.94
CA PHE V 27 34.57 -74.63 -146.33
C PHE V 27 33.68 -75.03 -145.15
N ASP V 28 32.36 -74.92 -145.33
CA ASP V 28 31.41 -75.40 -144.33
C ASP V 28 31.28 -76.91 -144.45
N SER V 29 31.70 -77.64 -143.42
CA SER V 29 31.51 -79.09 -143.32
C SER V 29 30.20 -79.46 -142.64
N GLY V 30 29.42 -78.48 -142.16
CA GLY V 30 28.15 -78.65 -141.47
C GLY V 30 28.23 -79.21 -140.04
N GLU V 31 29.38 -79.74 -139.64
CA GLU V 31 29.68 -80.04 -138.24
C GLU V 31 29.92 -78.78 -137.40
N ALA V 32 29.70 -78.89 -136.10
CA ALA V 32 30.01 -77.81 -135.14
C ALA V 32 31.52 -77.53 -135.02
N GLY V 33 32.35 -78.57 -135.16
CA GLY V 33 33.80 -78.45 -135.11
C GLY V 33 34.41 -78.13 -136.48
N SER V 34 35.54 -77.44 -136.45
CA SER V 34 36.35 -77.16 -137.64
C SER V 34 37.20 -78.37 -138.02
N LEU V 35 37.04 -78.84 -139.26
CA LEU V 35 37.91 -79.88 -139.81
C LEU V 35 39.32 -79.35 -140.05
N LEU V 36 40.31 -80.17 -139.69
CA LEU V 36 41.73 -79.91 -139.86
C LEU V 36 42.38 -81.14 -140.50
N ALA V 37 43.28 -80.92 -141.45
CA ALA V 37 44.14 -81.95 -141.99
C ALA V 37 45.59 -81.62 -141.67
N TYR V 38 46.38 -82.63 -141.31
CA TYR V 38 47.83 -82.47 -141.28
C TYR V 38 48.51 -83.65 -141.95
N GLY V 39 49.59 -83.36 -142.66
CA GLY V 39 50.38 -84.32 -143.41
C GLY V 39 51.72 -84.57 -142.71
N GLY V 40 52.05 -85.85 -142.53
CA GLY V 40 53.32 -86.30 -141.96
C GLY V 40 54.27 -86.93 -142.96
N ILE V 41 55.12 -87.86 -142.49
CA ILE V 41 56.14 -88.51 -143.33
C ILE V 41 55.49 -89.52 -144.28
N SER V 42 54.44 -90.21 -143.84
CA SER V 42 53.78 -91.24 -144.65
C SER V 42 52.26 -91.30 -144.43
N TYR V 43 51.68 -90.33 -143.73
CA TYR V 43 50.28 -90.31 -143.37
C TYR V 43 49.66 -88.93 -143.54
N VAL V 44 48.36 -88.91 -143.78
CA VAL V 44 47.52 -87.71 -143.64
C VAL V 44 46.50 -87.99 -142.56
N VAL V 45 46.41 -87.12 -141.58
CA VAL V 45 45.44 -87.23 -140.49
C VAL V 45 44.38 -86.16 -140.66
N ILE V 46 43.13 -86.59 -140.60
CA ILE V 46 41.94 -85.73 -140.59
C ILE V 46 41.39 -85.72 -139.17
N ALA V 47 41.19 -84.52 -138.63
CA ALA V 47 40.73 -84.29 -137.27
C ALA V 47 39.64 -83.23 -137.23
N SER V 48 38.82 -83.27 -136.18
CA SER V 48 37.90 -82.20 -135.81
C SER V 48 38.48 -81.45 -134.62
N CYS V 49 38.41 -80.12 -134.67
CA CYS V 49 38.80 -79.22 -133.60
C CYS V 49 37.59 -78.41 -133.16
N ARG V 50 37.28 -78.39 -131.86
CA ARG V 50 36.33 -77.44 -131.25
C ARG V 50 37.08 -76.60 -130.23
N PHE V 51 36.79 -75.31 -130.21
CA PHE V 51 37.44 -74.35 -129.31
C PHE V 51 36.42 -73.75 -128.34
N GLN V 52 36.86 -73.44 -127.13
CA GLN V 52 36.02 -72.77 -126.13
C GLN V 52 35.47 -71.41 -126.60
N GLU V 53 36.16 -70.73 -127.53
CA GLU V 53 35.75 -69.44 -128.10
C GLU V 53 34.52 -69.54 -129.01
N GLU V 54 34.25 -70.72 -129.59
CA GLU V 54 33.06 -70.98 -130.41
C GLU V 54 32.01 -71.84 -129.68
N ASP V 55 32.44 -72.63 -128.69
CA ASP V 55 31.58 -73.53 -127.96
C ASP V 55 31.86 -73.53 -126.46
N SER V 56 30.94 -72.91 -125.70
CA SER V 56 31.02 -72.81 -124.23
C SER V 56 31.01 -74.14 -123.48
N THR V 57 30.72 -75.26 -124.14
CA THR V 57 30.77 -76.60 -123.54
C THR V 57 32.17 -77.20 -123.55
N VAL V 58 33.10 -76.62 -124.31
CA VAL V 58 34.49 -77.06 -124.41
C VAL V 58 35.36 -76.22 -123.48
N GLU V 59 36.20 -76.88 -122.68
CA GLU V 59 37.24 -76.21 -121.89
C GLU V 59 38.57 -76.29 -122.65
N GLY V 60 39.06 -75.16 -123.16
CA GLY V 60 40.25 -75.08 -124.02
C GLY V 60 40.00 -75.57 -125.44
N ILE V 61 40.65 -76.67 -125.83
CA ILE V 61 40.55 -77.28 -127.17
C ILE V 61 40.13 -78.75 -127.05
N GLU V 62 39.10 -79.13 -127.79
CA GLU V 62 38.76 -80.53 -128.03
C GLU V 62 39.30 -80.94 -129.40
N PHE V 63 40.29 -81.83 -129.41
CA PHE V 63 40.89 -82.34 -130.64
C PHE V 63 40.58 -83.83 -130.79
N LYS V 64 39.92 -84.20 -131.89
CA LYS V 64 39.54 -85.59 -132.17
C LYS V 64 40.02 -86.01 -133.55
N THR V 65 40.93 -86.97 -133.61
CA THR V 65 41.28 -87.65 -134.86
C THR V 65 40.07 -88.42 -135.38
N LEU V 66 39.64 -88.10 -136.61
CA LEU V 66 38.52 -88.76 -137.29
C LEU V 66 39.01 -89.92 -138.16
N LYS V 67 40.10 -89.70 -138.90
CA LYS V 67 40.64 -90.70 -139.84
C LYS V 67 42.12 -90.46 -140.10
N THR V 68 42.88 -91.55 -140.25
CA THR V 68 44.28 -91.52 -140.70
C THR V 68 44.39 -92.29 -142.01
N PHE V 69 44.89 -91.63 -143.05
CA PHE V 69 45.13 -92.21 -144.37
C PHE V 69 46.60 -92.53 -144.52
N HIS V 70 46.91 -93.77 -144.92
CA HIS V 70 48.27 -94.10 -145.34
C HIS V 70 48.55 -93.44 -146.70
N HIS V 71 49.64 -92.69 -146.76
CA HIS V 71 50.05 -91.90 -147.92
C HIS V 71 51.36 -92.45 -148.55
N GLY V 72 52.25 -93.02 -147.73
CA GLY V 72 53.51 -93.65 -148.16
C GLY V 72 54.66 -92.68 -148.44
N GLU V 73 54.35 -91.43 -148.78
CA GLU V 73 55.33 -90.37 -149.08
C GLU V 73 55.13 -89.13 -148.22
N ARG V 74 56.17 -88.30 -148.10
CA ARG V 74 56.10 -87.05 -147.36
C ARG V 74 55.16 -86.06 -148.03
N VAL V 75 54.16 -85.61 -147.30
CA VAL V 75 53.16 -84.65 -147.78
C VAL V 75 53.72 -83.23 -147.69
N VAL V 76 53.55 -82.46 -148.77
CA VAL V 76 54.09 -81.10 -148.92
C VAL V 76 52.98 -80.05 -148.89
N ALA V 77 51.83 -80.34 -149.50
CA ALA V 77 50.67 -79.44 -149.52
C ALA V 77 49.37 -80.24 -149.46
N ILE V 78 48.32 -79.64 -148.90
CA ILE V 78 46.97 -80.20 -148.76
C ILE V 78 45.97 -79.18 -149.26
N ALA V 79 44.96 -79.62 -150.00
CA ALA V 79 43.84 -78.78 -150.43
C ALA V 79 42.51 -79.48 -150.16
N TRP V 80 41.59 -78.77 -149.52
CA TRP V 80 40.25 -79.25 -149.26
C TRP V 80 39.35 -79.06 -150.48
N SER V 81 38.45 -80.02 -150.73
CA SER V 81 37.36 -79.84 -151.70
C SER V 81 36.17 -79.15 -151.02
N PRO V 82 35.48 -78.20 -151.70
CA PRO V 82 34.27 -77.57 -151.18
C PRO V 82 33.07 -78.52 -151.07
N GLU V 83 33.14 -79.71 -151.68
CA GLU V 83 32.14 -80.76 -151.49
C GLU V 83 32.28 -81.51 -150.16
N THR V 84 33.34 -81.26 -149.38
CA THR V 84 33.54 -81.93 -148.09
C THR V 84 32.44 -81.56 -147.10
N ARG V 85 31.66 -82.55 -146.66
CA ARG V 85 30.56 -82.41 -145.70
C ARG V 85 30.49 -83.61 -144.76
N CYS V 86 30.34 -83.35 -143.48
CA CYS V 86 30.32 -84.40 -142.45
C CYS V 86 28.94 -84.59 -141.82
N ASP V 87 28.06 -83.58 -141.89
CA ASP V 87 26.71 -83.60 -141.32
C ASP V 87 25.64 -84.21 -142.26
N ALA V 88 26.01 -84.52 -143.50
CA ALA V 88 25.10 -85.09 -144.48
C ALA V 88 24.75 -86.55 -144.16
N LEU V 89 23.56 -87.00 -144.59
CA LEU V 89 23.16 -88.42 -144.50
C LEU V 89 24.20 -89.37 -145.12
N LEU V 90 24.88 -88.90 -146.16
CA LEU V 90 26.08 -89.50 -146.73
C LEU V 90 27.22 -88.50 -146.58
N PRO V 91 28.05 -88.61 -145.54
CA PRO V 91 29.19 -87.72 -145.39
C PRO V 91 30.17 -87.97 -146.55
N LEU V 92 30.80 -86.90 -147.01
CA LEU V 92 31.79 -86.90 -148.06
C LEU V 92 33.00 -86.14 -147.55
N LEU V 93 34.12 -86.83 -147.43
CA LEU V 93 35.44 -86.25 -147.19
C LEU V 93 36.21 -86.27 -148.50
N ARG V 94 36.57 -85.10 -149.03
CA ARG V 94 37.44 -85.03 -150.20
C ARG V 94 38.53 -83.97 -150.03
N PHE V 95 39.77 -84.39 -150.24
CA PHE V 95 40.92 -83.50 -150.23
C PHE V 95 41.98 -84.03 -151.20
N ALA V 96 42.87 -83.14 -151.62
CA ALA V 96 43.99 -83.45 -152.47
C ALA V 96 45.29 -83.20 -151.70
N THR V 97 46.31 -84.00 -152.00
CA THR V 97 47.66 -83.82 -151.46
C THR V 97 48.68 -83.75 -152.57
N ALA V 98 49.71 -82.94 -152.37
CA ALA V 98 50.94 -82.99 -153.14
C ALA V 98 52.07 -83.55 -152.28
N ALA V 99 52.94 -84.37 -152.88
CA ALA V 99 53.95 -85.11 -152.13
C ALA V 99 55.34 -85.08 -152.77
N GLY V 100 56.33 -85.59 -152.02
CA GLY V 100 57.74 -85.64 -152.43
C GLY V 100 58.02 -86.44 -153.71
N ASP V 101 57.08 -87.28 -154.14
CA ASP V 101 57.16 -88.04 -155.39
C ASP V 101 56.62 -87.29 -156.61
N LYS V 102 56.31 -85.98 -156.46
CA LYS V 102 55.81 -85.08 -157.53
C LYS V 102 54.41 -85.42 -158.03
N LYS V 103 53.67 -86.26 -157.31
CA LYS V 103 52.31 -86.67 -157.67
C LYS V 103 51.28 -85.95 -156.81
N ILE V 104 50.10 -85.78 -157.38
CA ILE V 104 48.91 -85.36 -156.63
C ILE V 104 48.11 -86.61 -156.30
N ARG V 105 47.53 -86.68 -155.10
CA ARG V 105 46.57 -87.71 -154.71
C ARG V 105 45.27 -87.07 -154.29
N ILE V 106 44.16 -87.48 -154.88
CA ILE V 106 42.81 -87.08 -154.45
C ILE V 106 42.27 -88.20 -153.58
N PHE V 107 42.02 -87.93 -152.30
CA PHE V 107 41.37 -88.85 -151.38
C PHE V 107 39.87 -88.56 -151.33
N THR V 108 39.06 -89.61 -151.39
CA THR V 108 37.61 -89.55 -151.17
C THR V 108 37.22 -90.59 -150.13
N SER V 109 36.44 -90.19 -149.13
CA SER V 109 36.00 -91.06 -148.05
C SER V 109 34.59 -90.74 -147.57
N ASP V 110 33.87 -91.75 -147.09
CA ASP V 110 32.60 -91.60 -146.37
C ASP V 110 32.78 -91.71 -144.85
N PHE V 111 34.02 -91.62 -144.35
CA PHE V 111 34.44 -91.92 -142.97
C PHE V 111 34.19 -93.36 -142.51
N GLN V 112 33.60 -94.22 -143.34
CA GLN V 112 33.36 -95.63 -143.05
C GLN V 112 34.35 -96.47 -143.85
N ASP V 113 33.83 -97.37 -144.69
CA ASP V 113 34.60 -98.36 -145.43
C ASP V 113 35.07 -97.84 -146.78
N LYS V 114 34.35 -96.89 -147.39
CA LYS V 114 34.68 -96.40 -148.72
C LYS V 114 35.81 -95.39 -148.59
N ASN V 115 37.05 -95.85 -148.78
CA ASN V 115 38.24 -95.02 -148.79
C ASN V 115 38.98 -95.27 -150.09
N GLU V 116 38.91 -94.31 -151.00
CA GLU V 116 39.54 -94.40 -152.32
C GLU V 116 40.50 -93.22 -152.51
N TYR V 117 41.59 -93.46 -153.24
CA TYR V 117 42.45 -92.39 -153.70
C TYR V 117 42.79 -92.55 -155.17
N LYS V 118 42.86 -91.42 -155.87
CA LYS V 118 43.30 -91.34 -157.26
C LYS V 118 44.66 -90.67 -157.32
N VAL V 119 45.58 -91.25 -158.09
CA VAL V 119 46.91 -90.68 -158.32
C VAL V 119 46.89 -89.92 -159.65
N ILE V 120 47.35 -88.67 -159.61
CA ILE V 120 47.48 -87.80 -160.78
C ILE V 120 48.98 -87.59 -161.02
N GLU V 121 49.40 -87.93 -162.23
CA GLU V 121 50.78 -87.81 -162.69
C GLU V 121 50.86 -86.79 -163.83
N GLY V 122 51.99 -86.08 -163.91
CA GLY V 122 52.28 -85.22 -165.06
C GLY V 122 53.28 -84.12 -164.74
N HIS V 123 53.31 -83.62 -163.50
CA HIS V 123 54.37 -82.71 -163.06
C HIS V 123 55.73 -83.42 -163.12
N SER V 124 56.73 -82.75 -163.70
CA SER V 124 58.09 -83.30 -163.84
C SER V 124 59.05 -82.83 -162.72
N GLY V 125 58.61 -81.84 -161.94
CA GLY V 125 59.30 -81.25 -160.79
C GLY V 125 58.47 -81.34 -159.52
N TYR V 126 59.01 -80.87 -158.40
CA TYR V 126 58.28 -80.83 -157.14
C TYR V 126 57.07 -79.90 -157.25
N ILE V 127 55.94 -80.34 -156.69
CA ILE V 127 54.74 -79.51 -156.57
C ILE V 127 54.88 -78.70 -155.29
N ASN V 128 54.75 -77.38 -155.41
CA ASN V 128 54.93 -76.44 -154.32
C ASN V 128 53.59 -76.08 -153.65
N ASP V 129 52.51 -76.04 -154.43
CA ASP V 129 51.18 -75.68 -153.94
C ASP V 129 50.08 -76.28 -154.83
N LEU V 130 48.89 -76.51 -154.24
CA LEU V 130 47.71 -76.98 -154.95
C LEU V 130 46.43 -76.48 -154.26
N VAL V 131 45.36 -76.28 -155.04
CA VAL V 131 44.07 -75.77 -154.55
C VAL V 131 42.90 -76.30 -155.38
N PHE V 132 41.76 -76.57 -154.74
CA PHE V 132 40.50 -76.81 -155.45
C PHE V 132 39.88 -75.50 -155.93
N CYS V 133 39.18 -75.54 -157.06
CA CYS V 133 38.31 -74.46 -157.50
C CYS V 133 37.14 -74.30 -156.53
N SER V 134 37.04 -73.14 -155.89
CA SER V 134 35.96 -72.77 -154.96
C SER V 134 35.07 -71.75 -155.67
N PRO V 135 34.12 -72.20 -156.52
CA PRO V 135 32.79 -72.64 -156.04
C PRO V 135 32.35 -74.05 -156.49
N GLU V 136 32.87 -74.57 -157.61
CA GLU V 136 32.37 -75.80 -158.23
C GLU V 136 32.98 -77.07 -157.62
N GLY V 137 34.21 -77.01 -157.09
CA GLY V 137 34.88 -78.15 -156.49
C GLY V 137 35.34 -79.26 -157.44
N THR V 138 35.19 -79.05 -158.75
CA THR V 138 35.47 -80.06 -159.80
C THR V 138 36.91 -80.07 -160.28
N ASP V 139 37.62 -78.95 -160.09
CA ASP V 139 38.94 -78.76 -160.68
C ASP V 139 39.98 -78.51 -159.59
N ILE V 140 41.20 -78.96 -159.84
CA ILE V 140 42.37 -78.72 -159.00
C ILE V 140 43.40 -77.97 -159.81
N ALA V 141 43.90 -76.85 -159.27
CA ALA V 141 45.08 -76.18 -159.79
C ALA V 141 46.31 -76.58 -158.97
N SER V 142 47.45 -76.78 -159.64
CA SER V 142 48.73 -77.07 -158.99
C SER V 142 49.88 -76.35 -159.68
N VAL V 143 50.90 -76.01 -158.91
CA VAL V 143 52.10 -75.31 -159.40
C VAL V 143 53.37 -75.94 -158.84
N GLY V 144 54.46 -75.90 -159.60
CA GLY V 144 55.69 -76.54 -159.17
C GLY V 144 56.98 -76.03 -159.82
N ASP V 145 58.06 -76.73 -159.48
CA ASP V 145 59.42 -76.50 -159.95
C ASP V 145 59.64 -76.88 -161.42
N ASP V 146 58.66 -77.49 -162.08
CA ASP V 146 58.69 -77.72 -163.54
C ASP V 146 58.27 -76.50 -164.37
N HIS V 147 58.10 -75.34 -163.71
CA HIS V 147 57.70 -74.08 -164.32
C HIS V 147 56.32 -74.20 -165.01
N THR V 148 55.42 -75.02 -164.46
CA THR V 148 54.05 -75.11 -164.96
C THR V 148 53.02 -74.86 -163.86
N CYS V 149 51.92 -74.23 -164.24
CA CYS V 149 50.66 -74.31 -163.53
C CYS V 149 49.74 -75.25 -164.31
N ARG V 150 49.19 -76.28 -163.67
CA ARG V 150 48.34 -77.29 -164.30
C ARG V 150 46.98 -77.32 -163.65
N ILE V 151 45.97 -77.59 -164.46
CA ILE V 151 44.59 -77.74 -164.02
C ILE V 151 44.15 -79.16 -164.34
N TRP V 152 43.56 -79.81 -163.35
CA TRP V 152 43.15 -81.21 -163.41
C TRP V 152 41.67 -81.31 -163.08
N ASP V 153 40.96 -82.20 -163.76
CA ASP V 153 39.67 -82.66 -163.25
C ASP V 153 39.88 -83.68 -162.12
N LEU V 154 38.78 -84.04 -161.44
CA LEU V 154 38.76 -85.11 -160.44
C LEU V 154 39.13 -86.48 -161.01
N ASP V 155 39.09 -86.63 -162.32
CA ASP V 155 39.51 -87.83 -163.02
C ASP V 155 41.03 -87.88 -163.27
N GLY V 156 41.78 -86.86 -162.89
CA GLY V 156 43.22 -86.78 -163.09
C GLY V 156 43.64 -86.45 -164.52
N LYS V 157 42.70 -86.07 -165.37
CA LYS V 157 43.00 -85.58 -166.71
C LYS V 157 43.39 -84.11 -166.61
N GLN V 158 44.49 -83.76 -167.26
CA GLN V 158 44.90 -82.37 -167.39
C GLN V 158 43.95 -81.62 -168.34
N ILE V 159 43.22 -80.63 -167.82
CA ILE V 159 42.32 -79.77 -168.58
C ILE V 159 43.11 -78.62 -169.23
N ALA V 160 44.04 -78.03 -168.49
CA ALA V 160 44.83 -76.88 -168.95
C ALA V 160 46.24 -76.90 -168.37
N MET V 161 47.15 -76.20 -169.05
CA MET V 161 48.54 -76.02 -168.62
C MET V 161 49.02 -74.63 -169.04
N PHE V 162 49.57 -73.89 -168.08
CA PHE V 162 50.21 -72.61 -168.30
C PHE V 162 51.71 -72.74 -168.05
N ILE V 163 52.51 -72.34 -169.03
CA ILE V 163 53.97 -72.32 -168.91
C ILE V 163 54.37 -71.03 -168.18
N LEU V 164 55.08 -71.20 -167.07
CA LEU V 164 55.61 -70.14 -166.23
C LEU V 164 57.06 -69.82 -166.65
N ARG V 165 57.55 -68.65 -166.24
CA ARG V 165 58.93 -68.23 -166.50
C ARG V 165 59.89 -68.66 -165.40
N SER V 166 59.38 -69.01 -164.23
CA SER V 166 60.14 -69.59 -163.13
C SER V 166 59.28 -70.57 -162.32
N PRO V 167 59.83 -71.26 -161.30
CA PRO V 167 59.05 -72.15 -160.45
C PRO V 167 57.81 -71.46 -159.88
N GLY V 168 56.66 -72.12 -160.01
CA GLY V 168 55.42 -71.66 -159.39
C GLY V 168 55.46 -72.00 -157.91
N MET V 169 55.22 -71.01 -157.05
CA MET V 169 55.38 -71.09 -155.60
C MET V 169 54.06 -71.13 -154.86
N SER V 170 53.02 -70.46 -155.38
CA SER V 170 51.69 -70.51 -154.80
C SER V 170 50.61 -70.31 -155.85
N VAL V 171 49.44 -70.88 -155.60
CA VAL V 171 48.27 -70.80 -156.49
C VAL V 171 47.01 -70.57 -155.67
N ALA V 172 46.14 -69.67 -156.12
CA ALA V 172 44.87 -69.41 -155.47
C ALA V 172 43.78 -69.11 -156.50
N TRP V 173 42.62 -69.74 -156.34
CA TRP V 173 41.42 -69.38 -157.10
C TRP V 173 40.84 -68.07 -156.57
N HIS V 174 40.23 -67.29 -157.45
CA HIS V 174 39.46 -66.13 -157.05
C HIS V 174 38.26 -66.58 -156.19
N PRO V 175 38.05 -66.01 -154.99
CA PRO V 175 37.01 -66.47 -154.05
C PRO V 175 35.58 -66.50 -154.60
N GLU V 176 35.27 -65.60 -155.53
CA GLU V 176 33.93 -65.47 -156.14
C GLU V 176 33.89 -65.86 -157.62
N GLY V 177 35.01 -66.25 -158.22
CA GLY V 177 35.16 -66.34 -159.67
C GLY V 177 35.74 -67.68 -160.12
N ALA V 178 34.90 -68.57 -160.63
CA ALA V 178 35.27 -69.94 -160.98
C ALA V 178 36.37 -70.07 -162.04
N PHE V 179 36.66 -69.02 -162.82
CA PHE V 179 37.64 -69.06 -163.92
C PHE V 179 38.84 -68.14 -163.72
N LYS V 180 38.98 -67.50 -162.56
CA LYS V 180 40.11 -66.61 -162.28
C LYS V 180 41.09 -67.29 -161.35
N LEU V 181 42.35 -67.38 -161.79
CA LEU V 181 43.41 -68.06 -161.05
C LEU V 181 44.59 -67.11 -160.84
N MET V 182 45.05 -66.99 -159.61
CA MET V 182 46.32 -66.34 -159.27
C MET V 182 47.42 -67.38 -159.20
N VAL V 183 48.55 -67.10 -159.85
CA VAL V 183 49.77 -67.92 -159.81
C VAL V 183 50.94 -67.02 -159.44
N ALA V 184 51.65 -67.34 -158.37
CA ALA V 184 52.81 -66.61 -157.91
C ALA V 184 54.11 -67.37 -158.26
N GLU V 185 55.01 -66.71 -158.95
CA GLU V 185 56.28 -67.25 -159.44
C GLU V 185 57.44 -66.85 -158.52
N LYS V 186 58.45 -67.71 -158.39
CA LYS V 186 59.62 -67.51 -157.51
C LYS V 186 60.40 -66.23 -157.82
N THR V 187 60.41 -65.77 -159.06
CA THR V 187 61.06 -64.53 -159.51
C THR V 187 60.32 -63.26 -159.09
N GLY V 188 59.21 -63.36 -158.36
CA GLY V 188 58.48 -62.20 -157.83
C GLY V 188 57.24 -61.79 -158.61
N THR V 189 57.02 -62.41 -159.76
CA THR V 189 55.85 -62.13 -160.59
C THR V 189 54.64 -62.90 -160.08
N ILE V 190 53.52 -62.21 -159.85
CA ILE V 190 52.21 -62.83 -159.60
C ILE V 190 51.35 -62.57 -160.84
N ARG V 191 50.83 -63.62 -161.47
CA ARG V 191 49.98 -63.53 -162.67
C ARG V 191 48.56 -63.95 -162.36
N PHE V 192 47.61 -63.29 -162.99
CA PHE V 192 46.21 -63.66 -162.98
C PHE V 192 45.83 -64.23 -164.34
N TYR V 193 45.21 -65.40 -164.35
CA TYR V 193 44.75 -66.08 -165.55
C TYR V 193 43.23 -66.16 -165.56
N ASP V 194 42.66 -66.03 -166.75
CA ASP V 194 41.28 -66.39 -167.05
C ASP V 194 41.28 -67.75 -167.78
N LEU V 195 40.60 -68.74 -167.22
CA LEU V 195 40.51 -70.10 -167.77
C LEU V 195 39.50 -70.23 -168.91
N THR V 196 38.57 -69.29 -169.07
CA THR V 196 37.66 -69.26 -170.21
C THR V 196 38.39 -68.75 -171.46
N THR V 197 39.21 -67.71 -171.30
CA THR V 197 39.96 -67.13 -172.43
C THR V 197 41.38 -67.71 -172.59
N HIS V 198 41.86 -68.46 -171.60
CA HIS V 198 43.23 -68.97 -171.49
C HIS V 198 44.31 -67.86 -171.59
N GLN V 199 43.99 -66.66 -171.10
CA GLN V 199 44.89 -65.50 -171.17
C GLN V 199 45.27 -65.00 -169.78
N ALA V 200 46.45 -64.40 -169.69
CA ALA V 200 46.84 -63.63 -168.52
C ALA V 200 46.09 -62.28 -168.55
N ILE V 201 45.37 -61.98 -167.48
CA ILE V 201 44.62 -60.73 -167.32
C ILE V 201 45.57 -59.59 -166.91
N LEU V 202 46.42 -59.87 -165.93
CA LEU V 202 47.24 -58.88 -165.22
C LEU V 202 48.40 -59.55 -164.50
N SER V 203 49.44 -58.76 -164.18
CA SER V 203 50.54 -59.20 -163.33
C SER V 203 50.93 -58.15 -162.28
N LEU V 204 51.47 -58.63 -161.17
CA LEU V 204 52.10 -57.85 -160.11
C LEU V 204 53.56 -58.27 -160.01
N GLU V 205 54.41 -57.33 -159.61
CA GLU V 205 55.82 -57.59 -159.38
C GLU V 205 56.16 -57.27 -157.92
N SER V 206 56.80 -58.21 -157.24
CA SER V 206 57.35 -57.98 -155.92
C SER V 206 58.63 -57.15 -155.99
N VAL V 207 58.81 -56.31 -154.97
CA VAL V 207 60.02 -55.48 -154.81
C VAL V 207 61.23 -56.28 -154.32
N GLN V 208 61.00 -57.48 -153.79
CA GLN V 208 62.03 -58.42 -153.35
C GLN V 208 61.84 -59.78 -154.01
N VAL V 209 62.91 -60.58 -154.00
CA VAL V 209 62.93 -61.98 -154.47
C VAL V 209 63.78 -62.82 -153.51
N PRO V 210 63.56 -64.14 -153.42
CA PRO V 210 62.49 -64.90 -154.07
C PRO V 210 61.14 -64.66 -153.39
N LEU V 211 60.06 -64.65 -154.18
CA LEU V 211 58.70 -64.77 -153.66
C LEU V 211 58.49 -66.21 -153.23
N MET V 212 58.02 -66.43 -152.01
CA MET V 212 57.92 -67.77 -151.41
C MET V 212 56.47 -68.23 -151.21
N SER V 213 55.54 -67.31 -151.00
CA SER V 213 54.13 -67.61 -150.78
C SER V 213 53.30 -66.36 -151.07
N ALA V 214 52.11 -66.55 -151.62
CA ALA V 214 51.12 -65.51 -151.85
C ALA V 214 49.73 -66.04 -151.51
N ASP V 215 48.81 -65.19 -151.09
CA ASP V 215 47.45 -65.56 -150.77
C ASP V 215 46.48 -64.46 -151.23
N TRP V 216 45.31 -64.89 -151.71
CA TRP V 216 44.23 -63.99 -152.13
C TRP V 216 43.28 -63.78 -150.96
N CYS V 217 43.07 -62.52 -150.55
CA CYS V 217 42.19 -62.22 -149.44
C CYS V 217 40.73 -62.57 -149.78
N VAL V 218 40.14 -63.52 -149.05
CA VAL V 218 38.76 -63.99 -149.26
C VAL V 218 37.73 -62.92 -148.91
N ARG V 219 38.01 -62.09 -147.90
CA ARG V 219 37.11 -61.04 -147.41
C ARG V 219 37.18 -59.77 -148.24
N ASN V 220 38.24 -59.59 -149.02
CA ASN V 220 38.43 -58.46 -149.91
C ASN V 220 39.21 -58.92 -151.14
N THR V 221 38.49 -59.26 -152.21
CA THR V 221 39.04 -59.82 -153.46
C THR V 221 39.96 -58.85 -154.21
N LEU V 222 40.07 -57.60 -153.76
CA LEU V 222 41.04 -56.64 -154.29
C LEU V 222 42.42 -56.79 -153.65
N ARG V 223 42.55 -57.46 -152.50
CA ARG V 223 43.81 -57.57 -151.76
C ARG V 223 44.54 -58.87 -152.04
N ILE V 224 45.81 -58.72 -152.35
CA ILE V 224 46.78 -59.80 -152.51
C ILE V 224 47.87 -59.58 -151.49
N GLY V 225 48.26 -60.62 -150.78
CA GLY V 225 49.39 -60.58 -149.87
C GLY V 225 50.41 -61.63 -150.23
N ALA V 226 51.68 -61.33 -150.02
CA ALA V 226 52.77 -62.26 -150.28
C ALA V 226 53.94 -62.04 -149.33
N VAL V 227 54.85 -63.01 -149.31
CA VAL V 227 56.17 -62.88 -148.71
C VAL V 227 57.24 -63.06 -149.77
N ALA V 228 58.20 -62.14 -149.79
CA ALA V 228 59.34 -62.20 -150.69
C ALA V 228 60.60 -61.69 -150.01
N GLY V 229 61.70 -62.44 -150.13
CA GLY V 229 62.92 -62.16 -149.37
C GLY V 229 62.64 -62.17 -147.86
N ASN V 230 62.79 -61.00 -147.23
CA ASN V 230 62.57 -60.81 -145.79
C ASN V 230 61.26 -60.09 -145.46
N ASP V 231 60.53 -59.63 -146.46
CA ASP V 231 59.39 -58.75 -146.29
C ASP V 231 58.07 -59.46 -146.59
N TRP V 232 56.99 -58.92 -146.02
CA TRP V 232 55.65 -59.14 -146.51
C TRP V 232 55.23 -57.95 -147.37
N ILE V 233 54.42 -58.23 -148.40
CA ILE V 233 54.03 -57.27 -149.42
C ILE V 233 52.51 -57.39 -149.64
N ILE V 234 51.81 -56.26 -149.68
CA ILE V 234 50.37 -56.20 -149.97
C ILE V 234 50.12 -55.32 -151.18
N TRP V 235 49.24 -55.78 -152.08
CA TRP V 235 48.72 -55.03 -153.21
C TRP V 235 47.21 -54.85 -153.06
N GLU V 236 46.70 -53.69 -153.52
CA GLU V 236 45.27 -53.44 -153.68
C GLU V 236 44.96 -53.18 -155.16
N MET V 237 44.24 -54.11 -155.76
CA MET V 237 43.81 -54.09 -157.15
C MET V 237 42.49 -53.33 -157.29
N PRO V 238 42.17 -52.79 -158.47
CA PRO V 238 43.04 -52.61 -159.63
C PRO V 238 43.91 -51.34 -159.52
N ARG V 239 44.00 -50.71 -158.34
CA ARG V 239 44.54 -49.34 -158.19
C ARG V 239 45.96 -49.18 -158.71
N SER V 240 46.81 -50.19 -158.55
CA SER V 240 48.23 -50.15 -158.91
C SER V 240 48.82 -51.54 -159.08
N SER V 241 49.79 -51.69 -159.98
CA SER V 241 50.66 -52.88 -160.05
C SER V 241 51.81 -52.83 -159.03
N TYR V 242 52.06 -51.65 -158.44
CA TYR V 242 53.01 -51.46 -157.35
C TYR V 242 52.38 -51.83 -156.01
N PRO V 243 53.16 -52.40 -155.07
CA PRO V 243 52.66 -52.73 -153.75
C PRO V 243 52.22 -51.48 -153.00
N GLN V 244 51.11 -51.61 -152.26
CA GLN V 244 50.62 -50.59 -151.35
C GLN V 244 51.48 -50.53 -150.09
N ASP V 245 51.81 -51.70 -149.55
CA ASP V 245 52.65 -51.84 -148.37
C ASP V 245 53.75 -52.87 -148.64
N ASN V 246 54.95 -52.56 -148.14
CA ASN V 246 56.08 -53.47 -148.07
C ASN V 246 56.79 -53.24 -146.74
N LYS V 247 56.82 -54.25 -145.86
CA LYS V 247 57.45 -54.13 -144.54
C LYS V 247 58.21 -55.41 -144.16
N PRO V 248 59.24 -55.30 -143.31
CA PRO V 248 59.97 -56.45 -142.82
C PRO V 248 59.05 -57.46 -142.10
N ALA V 249 59.15 -58.72 -142.48
CA ALA V 249 58.44 -59.83 -141.84
C ALA V 249 59.38 -60.62 -140.92
N HIS V 250 60.53 -61.05 -141.45
CA HIS V 250 61.47 -61.95 -140.75
C HIS V 250 62.92 -61.65 -141.15
N ALA V 251 63.85 -61.77 -140.19
CA ALA V 251 65.28 -61.49 -140.43
C ALA V 251 65.95 -62.50 -141.38
N ASP V 252 65.61 -63.78 -141.25
CA ASP V 252 66.23 -64.92 -141.95
C ASP V 252 65.32 -65.50 -143.05
N ARG V 253 64.65 -64.62 -143.79
CA ARG V 253 63.64 -64.89 -144.83
C ARG V 253 62.26 -65.29 -144.31
N ALA V 254 61.27 -64.80 -145.03
CA ALA V 254 59.88 -65.19 -144.88
C ALA V 254 59.56 -66.38 -145.80
N ARG V 255 58.74 -67.32 -145.31
CA ARG V 255 58.40 -68.57 -146.01
C ARG V 255 56.94 -68.63 -146.42
N MET V 256 56.02 -68.41 -145.49
CA MET V 256 54.59 -68.53 -145.74
C MET V 256 53.86 -67.23 -145.43
N PHE V 257 52.83 -66.93 -146.21
CA PHE V 257 51.88 -65.85 -145.99
C PHE V 257 50.47 -66.42 -146.10
N ARG V 258 49.59 -66.13 -145.14
CA ARG V 258 48.15 -66.46 -145.25
C ARG V 258 47.29 -65.36 -144.64
N TRP V 259 46.25 -64.97 -145.38
CA TRP V 259 45.21 -64.08 -144.86
C TRP V 259 44.32 -64.82 -143.86
N SER V 260 43.88 -64.11 -142.82
CA SER V 260 42.78 -64.55 -141.98
C SER V 260 41.52 -64.73 -142.82
N LYS V 261 40.74 -65.78 -142.52
CA LYS V 261 39.47 -66.04 -143.21
C LYS V 261 38.32 -65.20 -142.66
N CYS V 262 38.47 -64.62 -141.47
CA CYS V 262 37.44 -63.80 -140.80
C CYS V 262 37.70 -62.29 -140.82
N ASN V 263 38.95 -61.84 -141.03
CA ASN V 263 39.33 -60.42 -141.00
C ASN V 263 40.25 -60.04 -142.17
N GLU V 264 39.84 -59.07 -143.00
CA GLU V 264 40.58 -58.61 -144.19
C GLU V 264 41.86 -57.82 -143.88
N ASN V 265 42.06 -57.41 -142.63
CA ASN V 265 43.21 -56.64 -142.18
C ASN V 265 44.23 -57.49 -141.42
N VAL V 266 43.92 -58.77 -141.16
CA VAL V 266 44.78 -59.68 -140.38
C VAL V 266 45.37 -60.75 -141.28
N PHE V 267 46.68 -60.98 -141.14
CA PHE V 267 47.38 -62.05 -141.81
C PHE V 267 48.51 -62.58 -140.93
N ALA V 268 48.96 -63.79 -141.23
CA ALA V 268 50.10 -64.41 -140.56
C ALA V 268 51.22 -64.67 -141.56
N THR V 269 52.45 -64.57 -141.06
CA THR V 269 53.65 -64.97 -141.78
C THR V 269 54.48 -65.93 -140.93
N THR V 270 55.22 -66.80 -141.61
CA THR V 270 56.21 -67.66 -140.95
C THR V 270 57.60 -67.41 -141.52
N GLY V 271 58.60 -67.43 -140.64
CA GLY V 271 60.00 -67.40 -141.05
C GLY V 271 60.43 -68.73 -141.64
N TYR V 272 61.52 -68.71 -142.40
CA TYR V 272 62.16 -69.94 -142.86
C TYR V 272 62.53 -70.82 -141.64
N PRO V 273 62.30 -72.14 -141.69
CA PRO V 273 62.72 -73.03 -140.61
C PRO V 273 64.23 -72.98 -140.43
N GLY V 274 64.66 -72.30 -139.36
CA GLY V 274 66.02 -72.37 -138.89
C GLY V 274 66.33 -73.74 -138.28
N LYS V 275 67.54 -73.90 -137.72
CA LYS V 275 67.96 -75.16 -137.10
C LYS V 275 67.11 -75.58 -135.88
N MET V 276 66.48 -74.63 -135.18
CA MET V 276 65.80 -74.92 -133.91
C MET V 276 64.36 -74.40 -133.82
N LYS V 277 64.11 -73.15 -134.21
CA LYS V 277 62.78 -72.52 -134.11
C LYS V 277 62.45 -71.71 -135.35
N SER V 278 61.19 -71.78 -135.76
CA SER V 278 60.59 -70.87 -136.73
C SER V 278 59.77 -69.82 -135.98
N GLN V 279 59.92 -68.56 -136.37
CA GLN V 279 59.08 -67.49 -135.88
C GLN V 279 57.77 -67.44 -136.66
N ILE V 280 56.69 -67.12 -135.96
CA ILE V 280 55.37 -66.85 -136.53
C ILE V 280 55.01 -65.44 -136.11
N ALA V 281 54.54 -64.63 -137.05
CA ALA V 281 54.13 -63.26 -136.79
C ALA V 281 52.72 -63.03 -137.32
N ILE V 282 51.80 -62.62 -136.45
CA ILE V 282 50.46 -62.18 -136.83
C ILE V 282 50.49 -60.66 -136.92
N HIS V 283 50.02 -60.16 -138.05
CA HIS V 283 50.01 -58.74 -138.37
C HIS V 283 48.58 -58.25 -138.53
N HIS V 284 48.38 -56.98 -138.19
CA HIS V 284 47.18 -56.24 -138.53
C HIS V 284 47.58 -54.97 -139.28
N LEU V 285 46.96 -54.68 -140.43
CA LEU V 285 47.38 -53.58 -141.31
C LEU V 285 47.38 -52.19 -140.64
N ALA V 286 46.52 -51.97 -139.63
CA ALA V 286 46.50 -50.71 -138.87
C ALA V 286 47.71 -50.54 -137.92
N HIS V 287 48.52 -51.57 -137.71
CA HIS V 287 49.67 -51.54 -136.81
C HIS V 287 50.99 -51.69 -137.57
N PRO V 288 52.03 -50.91 -137.22
CA PRO V 288 53.33 -50.99 -137.89
C PRO V 288 54.16 -52.21 -137.47
N GLN V 289 53.81 -52.86 -136.35
CA GLN V 289 54.48 -54.02 -135.80
C GLN V 289 53.50 -55.20 -135.74
N PRO V 290 53.99 -56.44 -135.74
CA PRO V 290 53.15 -57.61 -135.48
C PRO V 290 52.38 -57.44 -134.16
N ILE V 291 51.11 -57.82 -134.16
CA ILE V 291 50.27 -57.82 -132.96
C ILE V 291 50.55 -59.04 -132.07
N LEU V 292 51.05 -60.12 -132.66
CA LEU V 292 51.48 -61.32 -131.94
C LEU V 292 52.71 -61.92 -132.61
N ILE V 293 53.68 -62.32 -131.80
CA ILE V 293 54.86 -63.08 -132.24
C ILE V 293 54.91 -64.39 -131.45
N GLY V 294 54.87 -65.51 -132.16
CA GLY V 294 54.99 -66.87 -131.62
C GLY V 294 56.23 -67.58 -132.13
N THR V 295 56.53 -68.74 -131.55
CA THR V 295 57.59 -69.64 -132.05
C THR V 295 57.13 -71.09 -132.06
N ALA V 296 57.51 -71.82 -133.11
CA ALA V 296 57.30 -73.26 -133.23
C ALA V 296 58.62 -73.98 -133.55
N PRO V 297 58.87 -75.19 -133.03
CA PRO V 297 60.00 -76.02 -133.44
C PRO V 297 59.81 -76.47 -134.90
N VAL V 298 60.65 -76.00 -135.83
CA VAL V 298 60.61 -76.35 -137.26
C VAL V 298 59.19 -76.18 -137.86
N GLY V 299 58.71 -74.93 -137.86
CA GLY V 299 57.38 -74.54 -138.35
C GLY V 299 57.10 -75.02 -139.77
N SER V 300 55.97 -75.69 -139.95
CA SER V 300 55.56 -76.42 -141.14
C SER V 300 54.05 -76.25 -141.36
N GLY V 301 53.68 -75.73 -142.53
CA GLY V 301 52.33 -75.25 -142.80
C GLY V 301 51.99 -73.93 -142.09
N LEU V 302 50.92 -73.29 -142.54
CA LEU V 302 50.28 -72.15 -141.90
C LEU V 302 48.85 -72.14 -142.42
N SER V 303 47.87 -72.19 -141.52
CA SER V 303 46.46 -72.15 -141.91
C SER V 303 45.64 -71.36 -140.89
N TRP V 304 44.50 -70.84 -141.33
CA TRP V 304 43.60 -70.05 -140.49
C TRP V 304 42.27 -70.78 -140.32
N HIS V 305 41.75 -70.72 -139.11
CA HIS V 305 40.40 -71.14 -138.81
C HIS V 305 39.39 -70.33 -139.65
N ARG V 306 38.29 -70.96 -140.05
CA ARG V 306 37.28 -70.36 -140.94
C ARG V 306 36.57 -69.15 -140.31
N ARG V 307 36.21 -69.25 -139.02
CA ARG V 307 35.39 -68.24 -138.30
C ARG V 307 36.15 -67.45 -137.23
N LEU V 308 36.93 -68.13 -136.40
CA LEU V 308 37.77 -67.52 -135.37
C LEU V 308 39.04 -66.86 -135.93
N PRO V 309 39.54 -65.79 -135.28
CA PRO V 309 40.86 -65.19 -135.55
C PRO V 309 41.98 -66.07 -134.97
N LEU V 310 42.00 -67.34 -135.36
CA LEU V 310 42.89 -68.38 -134.83
C LEU V 310 43.66 -69.00 -135.98
N CYS V 311 44.99 -69.03 -135.87
CA CYS V 311 45.86 -69.68 -136.85
C CYS V 311 46.55 -70.90 -136.24
N VAL V 312 46.95 -71.84 -137.11
CA VAL V 312 47.66 -73.07 -136.76
C VAL V 312 48.95 -73.19 -137.55
N VAL V 313 50.00 -73.68 -136.88
CA VAL V 313 51.25 -74.10 -137.50
C VAL V 313 51.65 -75.45 -136.92
N GLY V 314 52.08 -76.36 -137.79
CA GLY V 314 52.70 -77.61 -137.39
C GLY V 314 54.16 -77.42 -137.00
N GLY V 315 54.64 -78.17 -136.02
CA GLY V 315 56.05 -78.14 -135.64
C GLY V 315 56.44 -79.40 -134.88
N TYR V 316 57.50 -80.07 -135.35
CA TYR V 316 57.87 -81.40 -134.86
C TYR V 316 56.64 -82.32 -134.85
N ARG V 317 56.30 -82.94 -133.73
CA ARG V 317 55.11 -83.78 -133.54
C ARG V 317 53.96 -83.03 -132.84
N LYS V 318 53.78 -81.76 -133.15
CA LYS V 318 52.78 -80.91 -132.48
C LYS V 318 52.10 -79.95 -133.45
N LEU V 319 50.86 -79.60 -133.14
CA LEU V 319 50.15 -78.46 -133.70
C LEU V 319 50.12 -77.34 -132.67
N PHE V 320 50.44 -76.13 -133.10
CA PHE V 320 50.43 -74.95 -132.26
C PHE V 320 49.39 -73.97 -132.79
N PHE V 321 48.53 -73.48 -131.90
CA PHE V 321 47.45 -72.56 -132.25
C PHE V 321 47.66 -71.22 -131.55
N TRP V 322 47.48 -70.12 -132.29
CA TRP V 322 47.49 -68.78 -131.73
C TRP V 322 46.18 -68.09 -132.04
N LEU V 323 45.50 -67.67 -130.99
CA LEU V 323 44.34 -66.79 -131.07
C LEU V 323 44.80 -65.34 -131.00
N THR V 324 44.28 -64.48 -131.88
CA THR V 324 44.47 -63.03 -131.78
C THR V 324 43.14 -62.35 -131.47
N GLU V 325 43.19 -61.24 -130.75
CA GLU V 325 42.03 -60.35 -130.59
C GLU V 325 41.68 -59.73 -131.96
N MET V 326 40.37 -59.51 -132.19
CA MET V 326 39.84 -58.91 -133.43
C MET V 326 39.98 -57.40 -133.46
N MET W 1 -6.65 -26.57 -33.45
CA MET W 1 -7.53 -27.59 -32.84
C MET W 1 -8.98 -27.15 -32.98
N LYS W 2 -9.65 -27.53 -34.08
CA LYS W 2 -11.06 -27.86 -34.04
C LYS W 2 -11.06 -29.37 -34.23
N GLN W 3 -11.41 -30.11 -33.19
CA GLN W 3 -11.70 -31.53 -33.34
C GLN W 3 -12.92 -31.56 -34.26
N ASP W 4 -12.75 -31.99 -35.51
CA ASP W 4 -13.88 -32.32 -36.36
C ASP W 4 -14.64 -33.42 -35.63
N SER W 5 -15.69 -33.04 -34.91
CA SER W 5 -16.59 -33.96 -34.24
C SER W 5 -17.39 -34.66 -35.34
N ALA W 6 -16.78 -35.66 -35.97
CA ALA W 6 -17.49 -36.56 -36.85
C ALA W 6 -18.64 -37.16 -36.05
N SER W 7 -19.87 -36.89 -36.50
CA SER W 7 -21.07 -37.46 -35.89
C SER W 7 -21.11 -38.94 -36.22
N ASN W 8 -21.44 -39.74 -35.21
CA ASN W 8 -21.84 -41.12 -35.44
C ASN W 8 -23.10 -41.13 -36.31
N ALA W 9 -23.27 -42.22 -37.07
CA ALA W 9 -24.52 -42.47 -37.79
C ALA W 9 -25.68 -42.56 -36.79
N THR W 10 -26.82 -41.95 -37.13
CA THR W 10 -28.06 -42.00 -36.36
C THR W 10 -28.52 -43.45 -36.22
N TYR W 11 -28.47 -44.20 -37.33
CA TYR W 11 -28.75 -45.64 -37.37
C TYR W 11 -27.68 -46.38 -38.13
N THR W 12 -27.48 -47.66 -37.78
CA THR W 12 -26.60 -48.57 -38.50
C THR W 12 -27.25 -49.93 -38.60
N VAL W 13 -27.27 -50.51 -39.81
CA VAL W 13 -27.82 -51.84 -40.08
C VAL W 13 -26.72 -52.73 -40.63
N ASP W 14 -26.59 -53.94 -40.09
CA ASP W 14 -25.66 -54.94 -40.61
C ASP W 14 -26.23 -55.63 -41.85
N CYS W 15 -25.36 -55.89 -42.83
CA CYS W 15 -25.67 -56.57 -44.09
C CYS W 15 -24.91 -57.88 -44.18
N GLU W 16 -25.45 -58.84 -44.92
CA GLU W 16 -24.83 -60.16 -45.10
C GLU W 16 -23.56 -60.11 -45.98
N ASP W 17 -23.50 -59.16 -46.92
CA ASP W 17 -22.41 -58.97 -47.87
C ASP W 17 -21.92 -57.52 -47.90
N TYR W 18 -20.81 -57.28 -48.58
CA TYR W 18 -20.29 -55.94 -48.83
C TYR W 18 -21.31 -55.09 -49.58
N VAL W 19 -21.49 -53.84 -49.17
CA VAL W 19 -22.36 -52.88 -49.85
C VAL W 19 -21.53 -52.04 -50.81
N HIS W 20 -21.81 -52.16 -52.10
CA HIS W 20 -21.15 -51.40 -53.17
C HIS W 20 -22.00 -50.26 -53.73
N VAL W 21 -23.31 -50.34 -53.57
CA VAL W 21 -24.26 -49.30 -53.91
C VAL W 21 -25.50 -49.46 -53.03
N VAL W 22 -26.17 -48.36 -52.73
CA VAL W 22 -27.44 -48.33 -52.01
C VAL W 22 -28.31 -47.23 -52.60
N GLU W 23 -29.60 -47.52 -52.81
CA GLU W 23 -30.59 -46.57 -53.31
C GLU W 23 -31.95 -46.77 -52.65
N PHE W 24 -32.48 -45.72 -52.03
CA PHE W 24 -33.88 -45.67 -51.63
C PHE W 24 -34.78 -45.60 -52.86
N ASN W 25 -35.95 -46.21 -52.80
CA ASN W 25 -36.99 -45.97 -53.78
C ASN W 25 -37.47 -44.51 -53.66
N PRO W 26 -37.27 -43.66 -54.67
CA PRO W 26 -37.73 -42.28 -54.62
C PRO W 26 -39.24 -42.16 -54.88
N PHE W 27 -39.90 -43.24 -55.31
CA PHE W 27 -41.32 -43.27 -55.68
C PHE W 27 -42.21 -43.76 -54.53
N ASP W 28 -43.52 -43.55 -54.66
CA ASP W 28 -44.47 -44.08 -53.69
C ASP W 28 -44.69 -45.56 -53.96
N SER W 29 -44.29 -46.42 -53.02
CA SER W 29 -44.57 -47.85 -53.08
C SER W 29 -45.89 -48.23 -52.39
N GLY W 30 -46.59 -47.26 -51.80
CA GLY W 30 -47.86 -47.43 -51.10
C GLY W 30 -47.78 -48.15 -49.74
N GLU W 31 -46.65 -48.79 -49.43
CA GLU W 31 -46.34 -49.26 -48.07
C GLU W 31 -46.00 -48.10 -47.12
N ALA W 32 -46.19 -48.34 -45.82
CA ALA W 32 -45.80 -47.40 -44.77
C ALA W 32 -44.28 -47.22 -44.67
N GLY W 33 -43.51 -48.28 -44.94
CA GLY W 33 -42.05 -48.24 -44.93
C GLY W 33 -41.46 -47.82 -46.26
N SER W 34 -40.28 -47.20 -46.20
CA SER W 34 -39.49 -46.84 -47.37
C SER W 34 -38.73 -48.05 -47.90
N LEU W 35 -38.93 -48.37 -49.18
CA LEU W 35 -38.15 -49.39 -49.87
C LEU W 35 -36.71 -48.92 -50.08
N LEU W 36 -35.77 -49.82 -49.85
CA LEU W 36 -34.34 -49.63 -50.03
C LEU W 36 -33.77 -50.82 -50.81
N ALA W 37 -32.89 -50.54 -51.76
CA ALA W 37 -32.10 -51.56 -52.44
C ALA W 37 -30.64 -51.35 -52.13
N TYR W 38 -29.89 -52.42 -51.90
CA TYR W 38 -28.44 -52.37 -51.89
C TYR W 38 -27.84 -53.50 -52.71
N GLY W 39 -26.76 -53.19 -53.42
CA GLY W 39 -26.04 -54.11 -54.29
C GLY W 39 -24.71 -54.51 -53.66
N GLY W 40 -24.45 -55.82 -53.63
CA GLY W 40 -23.21 -56.40 -53.14
C GLY W 40 -22.31 -56.97 -54.24
N ILE W 41 -21.51 -57.99 -53.89
CA ILE W 41 -20.56 -58.60 -54.84
C ILE W 41 -21.29 -59.46 -55.86
N SER W 42 -22.36 -60.14 -55.47
CA SER W 42 -23.11 -61.03 -56.37
C SER W 42 -24.61 -61.04 -56.11
N TYR W 43 -25.12 -60.10 -55.30
CA TYR W 43 -26.51 -60.06 -54.89
C TYR W 43 -27.05 -58.64 -54.89
N VAL W 44 -28.35 -58.51 -55.09
CA VAL W 44 -29.11 -57.29 -54.81
C VAL W 44 -30.13 -57.62 -53.73
N VAL W 45 -30.14 -56.86 -52.66
CA VAL W 45 -31.09 -57.03 -51.56
C VAL W 45 -32.08 -55.89 -51.58
N ILE W 46 -33.36 -56.25 -51.52
CA ILE W 46 -34.49 -55.34 -51.39
C ILE W 46 -35.02 -55.45 -49.97
N ALA W 47 -35.11 -54.31 -49.29
CA ALA W 47 -35.53 -54.21 -47.90
C ALA W 47 -36.56 -53.09 -47.71
N SER W 48 -37.36 -53.20 -46.65
CA SER W 48 -38.20 -52.13 -46.13
C SER W 48 -37.56 -51.55 -44.89
N CYS W 49 -37.55 -50.22 -44.80
CA CYS W 49 -37.07 -49.46 -43.64
C CYS W 49 -38.23 -48.63 -43.08
N ARG W 50 -38.50 -48.75 -41.79
CA ARG W 50 -39.37 -47.82 -41.05
C ARG W 50 -38.56 -47.13 -39.96
N PHE W 51 -38.76 -45.83 -39.80
CA PHE W 51 -38.05 -45.01 -38.82
C PHE W 51 -39.00 -44.47 -37.76
N GLN W 52 -38.51 -44.32 -36.53
CA GLN W 52 -39.29 -43.72 -35.44
C GLN W 52 -39.78 -42.28 -35.75
N GLU W 53 -39.06 -41.55 -36.62
CA GLU W 53 -39.40 -40.19 -37.05
C GLU W 53 -40.67 -40.12 -37.92
N GLU W 54 -41.02 -41.21 -38.61
CA GLU W 54 -42.24 -41.30 -39.41
C GLU W 54 -43.31 -42.17 -38.76
N ASP W 55 -42.91 -43.09 -37.87
CA ASP W 55 -43.81 -44.03 -37.22
C ASP W 55 -43.50 -44.20 -35.73
N SER W 56 -44.36 -43.62 -34.89
CA SER W 56 -44.25 -43.67 -33.42
C SER W 56 -44.31 -45.09 -32.80
N THR W 57 -44.69 -46.10 -33.59
CA THR W 57 -44.70 -47.51 -33.13
C THR W 57 -43.34 -48.19 -33.25
N VAL W 58 -42.39 -47.58 -33.97
CA VAL W 58 -41.04 -48.08 -34.16
C VAL W 58 -40.10 -47.41 -33.16
N GLU W 59 -39.27 -48.18 -32.47
CA GLU W 59 -38.18 -47.66 -31.64
C GLU W 59 -36.88 -47.74 -32.45
N GLY W 60 -36.33 -46.58 -32.85
CA GLY W 60 -35.16 -46.49 -33.71
C GLY W 60 -35.47 -46.80 -35.19
N ILE W 61 -34.90 -47.89 -35.71
CA ILE W 61 -35.07 -48.33 -37.09
C ILE W 61 -35.57 -49.79 -37.13
N GLU W 62 -36.65 -50.03 -37.87
CA GLU W 62 -37.07 -51.37 -38.25
C GLU W 62 -36.58 -51.65 -39.67
N PHE W 63 -35.66 -52.59 -39.82
CA PHE W 63 -35.11 -53.01 -41.10
C PHE W 63 -35.51 -54.45 -41.40
N LYS W 64 -36.21 -54.66 -42.52
CA LYS W 64 -36.68 -55.98 -42.94
C LYS W 64 -36.26 -56.27 -44.37
N THR W 65 -35.42 -57.28 -44.56
CA THR W 65 -35.14 -57.83 -45.89
C THR W 65 -36.40 -58.47 -46.45
N LEU W 66 -36.84 -57.99 -47.62
CA LEU W 66 -38.01 -58.51 -48.33
C LEU W 66 -37.61 -59.60 -49.33
N LYS W 67 -36.53 -59.36 -50.09
CA LYS W 67 -36.07 -60.28 -51.13
C LYS W 67 -34.58 -60.10 -51.42
N THR W 68 -33.90 -61.20 -51.71
CA THR W 68 -32.51 -61.20 -52.20
C THR W 68 -32.47 -61.84 -53.58
N PHE W 69 -31.96 -61.09 -54.55
CA PHE W 69 -31.79 -61.53 -55.93
C PHE W 69 -30.33 -61.92 -56.17
N HIS W 70 -30.11 -63.12 -56.70
CA HIS W 70 -28.79 -63.49 -57.21
C HIS W 70 -28.50 -62.70 -58.49
N HIS W 71 -27.37 -62.00 -58.50
CA HIS W 71 -26.94 -61.12 -59.58
C HIS W 71 -25.69 -61.67 -60.30
N GLY W 72 -24.81 -62.38 -59.57
CA GLY W 72 -23.60 -63.03 -60.10
C GLY W 72 -22.40 -62.10 -60.33
N GLU W 73 -22.64 -60.80 -60.51
CA GLU W 73 -21.61 -59.78 -60.72
C GLU W 73 -21.72 -58.63 -59.73
N ARG W 74 -20.61 -57.87 -59.56
CA ARG W 74 -20.60 -56.71 -58.67
C ARG W 74 -21.50 -55.61 -59.22
N VAL W 75 -22.45 -55.18 -58.41
CA VAL W 75 -23.41 -54.12 -58.75
C VAL W 75 -22.76 -52.74 -58.53
N VAL W 76 -22.91 -51.85 -59.51
CA VAL W 76 -22.28 -50.52 -59.53
C VAL W 76 -23.33 -49.41 -59.35
N ALA W 77 -24.51 -49.57 -59.95
CA ALA W 77 -25.61 -48.62 -59.85
C ALA W 77 -26.97 -49.35 -59.83
N ILE W 78 -27.96 -48.75 -59.18
CA ILE W 78 -29.33 -49.25 -59.07
C ILE W 78 -30.29 -48.11 -59.42
N ALA W 79 -31.34 -48.41 -60.18
CA ALA W 79 -32.41 -47.47 -60.48
C ALA W 79 -33.78 -48.12 -60.24
N TRP W 80 -34.63 -47.43 -59.51
CA TRP W 80 -36.00 -47.86 -59.26
C TRP W 80 -36.91 -47.50 -60.42
N SER W 81 -37.88 -48.36 -60.75
CA SER W 81 -38.97 -48.02 -61.65
C SER W 81 -40.11 -47.34 -60.88
N PRO W 82 -40.75 -46.29 -61.42
CA PRO W 82 -41.91 -45.65 -60.80
C PRO W 82 -43.16 -46.54 -60.76
N GLU W 83 -43.17 -47.65 -61.50
CA GLU W 83 -44.24 -48.66 -61.39
C GLU W 83 -44.12 -49.56 -60.15
N THR W 84 -43.02 -49.45 -59.39
CA THR W 84 -42.83 -50.27 -58.19
C THR W 84 -43.88 -49.94 -57.13
N ARG W 85 -44.71 -50.94 -56.78
CA ARG W 85 -45.78 -50.84 -55.77
C ARG W 85 -45.89 -52.13 -54.97
N CYS W 86 -45.99 -52.01 -53.66
CA CYS W 86 -46.05 -53.15 -52.74
C CYS W 86 -47.42 -53.34 -52.10
N ASP W 87 -48.24 -52.28 -52.04
CA ASP W 87 -49.58 -52.28 -51.44
C ASP W 87 -50.71 -52.71 -52.39
N ALA W 88 -50.38 -52.91 -53.67
CA ALA W 88 -51.35 -53.32 -54.69
C ALA W 88 -51.78 -54.79 -54.51
N LEU W 89 -53.00 -55.12 -54.96
CA LEU W 89 -53.49 -56.52 -55.01
C LEU W 89 -52.52 -57.46 -55.76
N LEU W 90 -51.83 -56.90 -56.76
CA LEU W 90 -50.69 -57.52 -57.43
C LEU W 90 -49.49 -56.59 -57.20
N PRO W 91 -48.64 -56.86 -56.20
CA PRO W 91 -47.45 -56.06 -56.00
C PRO W 91 -46.51 -56.24 -57.20
N LEU W 92 -45.83 -55.17 -57.56
CA LEU W 92 -44.86 -55.10 -58.64
C LEU W 92 -43.60 -54.47 -58.09
N LEU W 93 -42.51 -55.23 -58.07
CA LEU W 93 -41.17 -54.76 -57.81
C LEU W 93 -40.44 -54.69 -59.13
N ARG W 94 -40.01 -53.49 -59.55
CA ARG W 94 -39.16 -53.34 -60.73
C ARG W 94 -38.02 -52.37 -60.48
N PHE W 95 -36.81 -52.83 -60.77
CA PHE W 95 -35.60 -52.02 -60.71
C PHE W 95 -34.60 -52.49 -61.75
N ALA W 96 -33.67 -51.61 -62.10
CA ALA W 96 -32.58 -51.90 -63.01
C ALA W 96 -31.26 -51.81 -62.26
N THR W 97 -30.29 -52.62 -62.67
CA THR W 97 -28.93 -52.57 -62.15
C THR W 97 -27.93 -52.44 -63.28
N ALA W 98 -26.84 -51.73 -63.02
CA ALA W 98 -25.64 -51.76 -63.84
C ALA W 98 -24.52 -52.48 -63.08
N ALA W 99 -23.72 -53.27 -63.78
CA ALA W 99 -22.74 -54.14 -63.15
C ALA W 99 -21.36 -54.13 -63.82
N GLY W 100 -20.39 -54.77 -63.16
CA GLY W 100 -19.00 -54.85 -63.62
C GLY W 100 -18.80 -55.53 -64.97
N ASP W 101 -19.79 -56.25 -65.47
CA ASP W 101 -19.79 -56.88 -66.80
C ASP W 101 -20.31 -55.96 -67.92
N LYS W 102 -20.54 -54.67 -67.62
CA LYS W 102 -21.00 -53.64 -68.57
C LYS W 102 -22.43 -53.83 -69.06
N LYS W 103 -23.21 -54.70 -68.40
CA LYS W 103 -24.60 -54.99 -68.77
C LYS W 103 -25.55 -54.31 -67.81
N ILE W 104 -26.75 -54.01 -68.33
CA ILE W 104 -27.89 -53.62 -67.49
C ILE W 104 -28.76 -54.84 -67.27
N ARG W 105 -29.30 -55.01 -66.08
CA ARG W 105 -30.31 -56.02 -65.78
C ARG W 105 -31.57 -55.37 -65.24
N ILE W 106 -32.72 -55.63 -65.85
CA ILE W 106 -34.02 -55.22 -65.33
C ILE W 106 -34.61 -56.39 -64.57
N PHE W 107 -34.82 -56.24 -63.27
CA PHE W 107 -35.49 -57.22 -62.43
C PHE W 107 -36.97 -56.86 -62.30
N THR W 108 -37.85 -57.84 -62.46
CA THR W 108 -39.28 -57.72 -62.19
C THR W 108 -39.71 -58.86 -61.26
N SER W 109 -40.45 -58.52 -60.20
CA SER W 109 -40.91 -59.48 -59.20
C SER W 109 -42.29 -59.13 -58.66
N ASP W 110 -43.05 -60.14 -58.26
CA ASP W 110 -44.30 -60.01 -57.49
C ASP W 110 -44.09 -60.29 -55.99
N PHE W 111 -42.84 -60.32 -55.53
CA PHE W 111 -42.41 -60.79 -54.20
C PHE W 111 -42.73 -62.26 -53.89
N GLN W 112 -43.38 -63.00 -54.79
CA GLN W 112 -43.71 -64.40 -54.65
C GLN W 112 -42.78 -65.22 -55.57
N ASP W 113 -43.37 -65.98 -56.47
CA ASP W 113 -42.68 -66.94 -57.35
C ASP W 113 -42.22 -66.29 -58.64
N LYS W 114 -42.90 -65.24 -59.12
CA LYS W 114 -42.56 -64.62 -60.40
C LYS W 114 -41.37 -63.70 -60.19
N ASN W 115 -40.18 -64.21 -60.47
CA ASN W 115 -38.94 -63.45 -60.43
C ASN W 115 -38.23 -63.60 -61.78
N GLU W 116 -38.27 -62.54 -62.58
CA GLU W 116 -37.67 -62.52 -63.90
C GLU W 116 -36.65 -61.39 -63.99
N TYR W 117 -35.60 -61.61 -64.78
CA TYR W 117 -34.69 -60.54 -65.15
C TYR W 117 -34.38 -60.56 -66.63
N LYS W 118 -34.27 -59.36 -67.22
CA LYS W 118 -33.85 -59.16 -68.61
C LYS W 118 -32.46 -58.57 -68.64
N VAL W 119 -31.59 -59.11 -69.48
CA VAL W 119 -30.24 -58.59 -69.69
C VAL W 119 -30.25 -57.69 -70.92
N ILE W 120 -29.72 -56.48 -70.77
CA ILE W 120 -29.55 -55.51 -71.84
C ILE W 120 -28.06 -55.35 -72.10
N GLU W 121 -27.69 -55.58 -73.36
CA GLU W 121 -26.32 -55.48 -73.84
C GLU W 121 -26.20 -54.36 -74.87
N GLY W 122 -25.03 -53.71 -74.91
CA GLY W 122 -24.71 -52.75 -75.96
C GLY W 122 -23.64 -51.74 -75.56
N HIS W 123 -23.56 -51.38 -74.27
CA HIS W 123 -22.44 -50.59 -73.76
C HIS W 123 -21.11 -51.36 -73.93
N SER W 124 -20.10 -50.70 -74.48
CA SER W 124 -18.77 -51.31 -74.70
C SER W 124 -17.76 -51.01 -73.58
N GLY W 125 -18.11 -50.09 -72.68
CA GLY W 125 -17.37 -49.66 -71.50
C GLY W 125 -18.18 -49.85 -70.22
N TYR W 126 -17.58 -49.54 -69.07
CA TYR W 126 -18.29 -49.59 -67.79
C TYR W 126 -19.44 -48.60 -67.76
N ILE W 127 -20.58 -49.02 -67.23
CA ILE W 127 -21.72 -48.15 -66.98
C ILE W 127 -21.51 -47.49 -65.62
N ASN W 128 -21.55 -46.16 -65.61
CA ASN W 128 -21.30 -45.36 -64.42
C ASN W 128 -22.60 -44.99 -63.68
N ASP W 129 -23.69 -44.80 -64.41
CA ASP W 129 -24.99 -44.42 -63.84
C ASP W 129 -26.14 -44.86 -64.76
N LEU W 130 -27.32 -45.08 -64.17
CA LEU W 130 -28.55 -45.42 -64.88
C LEU W 130 -29.78 -44.92 -64.11
N VAL W 131 -30.85 -44.57 -64.83
CA VAL W 131 -32.10 -44.04 -64.25
C VAL W 131 -33.31 -44.42 -65.11
N PHE W 132 -34.44 -44.69 -64.46
CA PHE W 132 -35.74 -44.78 -65.15
C PHE W 132 -36.29 -43.39 -65.47
N CYS W 133 -37.02 -43.27 -66.58
CA CYS W 133 -37.83 -42.10 -66.87
C CYS W 133 -38.97 -41.99 -65.85
N SER W 134 -38.98 -40.90 -65.09
CA SER W 134 -40.01 -40.56 -64.10
C SER W 134 -40.86 -39.43 -64.67
N PRO W 135 -41.86 -39.72 -65.53
CA PRO W 135 -43.20 -40.14 -65.06
C PRO W 135 -43.74 -41.46 -65.65
N GLU W 136 -43.27 -41.88 -66.83
CA GLU W 136 -43.86 -43.01 -67.57
C GLU W 136 -43.32 -44.38 -67.12
N GLY W 137 -42.07 -44.44 -66.62
CA GLY W 137 -41.45 -45.67 -66.16
C GLY W 137 -41.09 -46.70 -67.24
N THR W 138 -41.25 -46.34 -68.52
CA THR W 138 -41.07 -47.24 -69.67
C THR W 138 -39.64 -47.28 -70.20
N ASP W 139 -38.86 -46.24 -69.91
CA ASP W 139 -37.54 -46.06 -70.52
C ASP W 139 -36.46 -45.98 -69.44
N ILE W 140 -35.27 -46.47 -69.78
CA ILE W 140 -34.07 -46.40 -68.94
C ILE W 140 -33.01 -45.61 -69.69
N ALA W 141 -32.44 -44.60 -69.05
CA ALA W 141 -31.24 -43.94 -69.53
C ALA W 141 -30.02 -44.50 -68.81
N SER W 142 -28.91 -44.68 -69.52
CA SER W 142 -27.63 -45.11 -68.95
C SER W 142 -26.46 -44.39 -69.59
N VAL W 143 -25.40 -44.19 -68.81
CA VAL W 143 -24.17 -43.52 -69.25
C VAL W 143 -22.93 -44.28 -68.81
N GLY W 144 -21.86 -44.21 -69.59
CA GLY W 144 -20.66 -44.97 -69.28
C GLY W 144 -19.36 -44.46 -69.90
N ASP W 145 -18.32 -45.26 -69.68
CA ASP W 145 -16.95 -45.06 -70.16
C ASP W 145 -16.79 -45.28 -71.66
N ASP W 146 -17.83 -45.76 -72.35
CA ASP W 146 -17.84 -45.83 -73.82
C ASP W 146 -18.19 -44.50 -74.50
N HIS W 147 -18.27 -43.42 -73.72
CA HIS W 147 -18.64 -42.08 -74.19
C HIS W 147 -20.02 -42.05 -74.84
N THR W 148 -20.95 -42.86 -74.35
CA THR W 148 -22.35 -42.82 -74.82
C THR W 148 -23.32 -42.63 -73.67
N CYS W 149 -24.40 -41.91 -73.96
CA CYS W 149 -25.65 -41.99 -73.21
C CYS W 149 -26.63 -42.79 -74.07
N ARG W 150 -27.23 -43.85 -73.51
CA ARG W 150 -28.16 -44.73 -74.23
C ARG W 150 -29.50 -44.76 -73.55
N ILE W 151 -30.54 -44.87 -74.35
CA ILE W 151 -31.92 -45.00 -73.90
C ILE W 151 -32.45 -46.35 -74.35
N TRP W 152 -33.05 -47.07 -73.42
CA TRP W 152 -33.55 -48.42 -73.61
C TRP W 152 -35.03 -48.47 -73.26
N ASP W 153 -35.81 -49.24 -74.00
CA ASP W 153 -37.10 -49.69 -73.51
C ASP W 153 -36.94 -50.83 -72.50
N LEU W 154 -38.04 -51.20 -71.84
CA LEU W 154 -38.08 -52.37 -70.95
C LEU W 154 -37.81 -53.70 -71.68
N ASP W 155 -37.90 -53.70 -73.00
CA ASP W 155 -37.56 -54.83 -73.83
C ASP W 155 -36.06 -54.95 -74.14
N GLY W 156 -35.24 -54.01 -73.66
CA GLY W 156 -33.80 -54.00 -73.90
C GLY W 156 -33.39 -53.54 -75.29
N LYS W 157 -34.33 -53.01 -76.08
CA LYS W 157 -34.03 -52.39 -77.35
C LYS W 157 -33.56 -50.96 -77.10
N GLN W 158 -32.46 -50.60 -77.76
CA GLN W 158 -31.97 -49.24 -77.75
C GLN W 158 -32.89 -48.34 -78.58
N ILE W 159 -33.54 -47.38 -77.94
CA ILE W 159 -34.41 -46.38 -78.57
C ILE W 159 -33.57 -45.22 -79.12
N ALA W 160 -32.59 -44.75 -78.35
CA ALA W 160 -31.75 -43.62 -78.71
C ALA W 160 -30.32 -43.78 -78.17
N MET W 161 -29.38 -43.07 -78.81
CA MET W 161 -27.99 -43.01 -78.39
C MET W 161 -27.42 -41.62 -78.68
N PHE W 162 -26.82 -41.02 -77.66
CA PHE W 162 -26.10 -39.75 -77.76
C PHE W 162 -24.61 -40.01 -77.57
N ILE W 163 -23.81 -39.55 -78.52
CA ILE W 163 -22.35 -39.61 -78.44
C ILE W 163 -21.86 -38.44 -77.59
N LEU W 164 -21.13 -38.77 -76.54
CA LEU W 164 -20.52 -37.84 -75.60
C LEU W 164 -19.07 -37.55 -76.02
N ARG W 165 -18.49 -36.47 -75.49
CA ARG W 165 -17.10 -36.10 -75.75
C ARG W 165 -16.13 -36.70 -74.74
N SER W 166 -16.65 -37.15 -73.59
CA SER W 166 -15.90 -37.89 -72.58
C SER W 166 -16.80 -38.91 -71.86
N PRO W 167 -16.25 -39.73 -70.94
CA PRO W 167 -17.07 -40.67 -70.16
C PRO W 167 -18.25 -39.98 -69.50
N GLY W 168 -19.45 -40.55 -69.66
CA GLY W 168 -20.63 -40.08 -68.95
C GLY W 168 -20.59 -40.59 -67.51
N MET W 169 -20.74 -39.68 -66.56
CA MET W 169 -20.56 -39.94 -65.13
C MET W 169 -21.87 -39.98 -64.35
N SER W 170 -22.87 -39.19 -64.77
CA SER W 170 -24.19 -39.23 -64.16
C SER W 170 -25.28 -38.86 -65.15
N VAL W 171 -26.48 -39.38 -64.93
CA VAL W 171 -27.64 -39.14 -65.76
C VAL W 171 -28.88 -38.93 -64.89
N ALA W 172 -29.70 -37.94 -65.22
CA ALA W 172 -30.95 -37.68 -64.51
C ALA W 172 -32.04 -37.21 -65.46
N TRP W 173 -33.23 -37.78 -65.34
CA TRP W 173 -34.42 -37.27 -66.01
C TRP W 173 -34.92 -36.01 -65.33
N HIS W 174 -35.49 -35.10 -66.11
CA HIS W 174 -36.18 -33.94 -65.56
C HIS W 174 -37.39 -34.41 -64.72
N PRO W 175 -37.54 -33.97 -63.46
CA PRO W 175 -38.57 -34.48 -62.54
C PRO W 175 -40.02 -34.37 -63.06
N GLU W 176 -40.30 -33.34 -63.87
CA GLU W 176 -41.64 -33.07 -64.42
C GLU W 176 -41.75 -33.30 -65.94
N GLY W 177 -40.65 -33.69 -66.61
CA GLY W 177 -40.55 -33.63 -68.07
C GLY W 177 -40.06 -34.94 -68.66
N ALA W 178 -40.97 -35.72 -69.25
CA ALA W 178 -40.68 -37.07 -69.75
C ALA W 178 -39.62 -37.15 -70.86
N PHE W 179 -39.29 -36.03 -71.52
CA PHE W 179 -38.34 -36.00 -72.65
C PHE W 179 -37.08 -35.18 -72.39
N LYS W 180 -36.88 -34.68 -71.16
CA LYS W 180 -35.68 -33.89 -70.83
C LYS W 180 -34.72 -34.73 -70.00
N LEU W 181 -33.50 -34.84 -70.49
CA LEU W 181 -32.45 -35.64 -69.87
C LEU W 181 -31.21 -34.80 -69.59
N MET W 182 -30.71 -34.83 -68.37
CA MET W 182 -29.41 -34.30 -67.99
C MET W 182 -28.36 -35.41 -68.07
N VAL W 183 -27.23 -35.12 -68.72
CA VAL W 183 -26.06 -36.00 -68.80
C VAL W 183 -24.83 -35.22 -68.37
N ALA W 184 -24.12 -35.70 -67.36
CA ALA W 184 -22.90 -35.09 -66.86
C ALA W 184 -21.67 -35.88 -67.32
N GLU W 185 -20.74 -35.20 -67.99
CA GLU W 185 -19.52 -35.76 -68.56
C GLU W 185 -18.31 -35.52 -67.63
N LYS W 186 -17.35 -36.45 -67.63
CA LYS W 186 -16.16 -36.41 -66.77
C LYS W 186 -15.31 -35.15 -66.95
N THR W 187 -15.31 -34.56 -68.15
CA THR W 187 -14.59 -33.32 -68.48
C THR W 187 -15.24 -32.06 -67.90
N GLY W 188 -16.35 -32.17 -67.15
CA GLY W 188 -16.98 -31.05 -66.47
C GLY W 188 -18.21 -30.48 -67.16
N THR W 189 -18.50 -30.95 -68.38
CA THR W 189 -19.67 -30.52 -69.14
C THR W 189 -20.91 -31.27 -68.67
N ILE W 190 -21.98 -30.56 -68.33
CA ILE W 190 -23.32 -31.11 -68.12
C ILE W 190 -24.19 -30.68 -69.30
N ARG W 191 -24.79 -31.62 -70.02
CA ARG W 191 -25.65 -31.35 -71.17
C ARG W 191 -27.09 -31.73 -70.87
N PHE W 192 -28.02 -30.94 -71.39
CA PHE W 192 -29.44 -31.23 -71.38
C PHE W 192 -29.88 -31.63 -72.78
N TYR W 193 -30.57 -32.76 -72.91
CA TYR W 193 -31.10 -33.28 -74.16
C TYR W 193 -32.62 -33.27 -74.14
N ASP W 194 -33.21 -32.97 -75.28
CA ASP W 194 -34.62 -33.22 -75.58
C ASP W 194 -34.71 -34.49 -76.45
N LEU W 195 -35.45 -35.49 -75.98
CA LEU W 195 -35.63 -36.77 -76.67
C LEU W 195 -36.67 -36.73 -77.78
N THR W 196 -37.54 -35.72 -77.82
CA THR W 196 -38.47 -35.52 -78.93
C THR W 196 -37.74 -34.92 -80.12
N THR W 197 -36.86 -33.94 -79.89
CA THR W 197 -36.09 -33.29 -80.97
C THR W 197 -34.72 -33.93 -81.23
N HIS W 198 -34.26 -34.81 -80.34
CA HIS W 198 -32.92 -35.40 -80.33
C HIS W 198 -31.78 -34.36 -80.33
N GLN W 199 -32.02 -33.20 -79.72
CA GLN W 199 -31.06 -32.09 -79.68
C GLN W 199 -30.62 -31.77 -78.26
N ALA W 200 -29.39 -31.25 -78.14
CA ALA W 200 -28.94 -30.63 -76.91
C ALA W 200 -29.60 -29.25 -76.78
N ILE W 201 -30.28 -29.01 -75.65
CA ILE W 201 -30.95 -27.75 -75.34
C ILE W 201 -29.93 -26.73 -74.84
N LEU W 202 -29.06 -27.16 -73.91
CA LEU W 202 -28.18 -26.29 -73.13
C LEU W 202 -27.04 -27.10 -72.52
N SER W 203 -25.95 -26.42 -72.15
CA SER W 203 -24.87 -27.01 -71.38
C SER W 203 -24.39 -26.10 -70.24
N LEU W 204 -23.84 -26.73 -69.21
CA LEU W 204 -23.15 -26.11 -68.08
C LEU W 204 -21.71 -26.62 -68.08
N GLU W 205 -20.81 -25.78 -67.60
CA GLU W 205 -19.40 -26.15 -67.44
C GLU W 205 -19.01 -26.01 -65.97
N SER W 206 -18.41 -27.06 -65.42
CA SER W 206 -17.82 -27.00 -64.08
C SER W 206 -16.50 -26.24 -64.11
N VAL W 207 -16.24 -25.52 -63.02
CA VAL W 207 -14.98 -24.78 -62.80
C VAL W 207 -13.81 -25.70 -62.44
N GLN W 208 -14.10 -26.94 -62.04
CA GLN W 208 -13.12 -27.98 -61.73
C GLN W 208 -13.40 -29.26 -62.52
N VAL W 209 -12.38 -30.11 -62.63
CA VAL W 209 -12.45 -31.44 -63.25
C VAL W 209 -11.64 -32.43 -62.41
N PRO W 210 -11.93 -33.75 -62.45
CA PRO W 210 -13.05 -34.37 -63.15
C PRO W 210 -14.38 -34.12 -62.42
N LEU W 211 -15.47 -33.95 -63.16
CA LEU W 211 -16.81 -34.06 -62.60
C LEU W 211 -17.11 -35.54 -62.34
N MET W 212 -17.56 -35.85 -61.13
CA MET W 212 -17.73 -37.23 -60.68
C MET W 212 -19.19 -37.64 -60.48
N SER W 213 -20.06 -36.68 -60.15
CA SER W 213 -21.48 -36.93 -59.93
C SER W 213 -22.24 -35.62 -60.05
N ALA W 214 -23.46 -35.68 -60.60
CA ALA W 214 -24.39 -34.56 -60.68
C ALA W 214 -25.80 -35.06 -60.35
N ASP W 215 -26.65 -34.19 -59.81
CA ASP W 215 -28.03 -34.52 -59.50
C ASP W 215 -28.94 -33.33 -59.81
N TRP W 216 -30.15 -33.63 -60.30
CA TRP W 216 -31.18 -32.63 -60.59
C TRP W 216 -32.08 -32.50 -59.36
N CYS W 217 -32.21 -31.28 -58.83
CA CYS W 217 -33.05 -31.06 -57.66
C CYS W 217 -34.54 -31.28 -57.99
N VAL W 218 -35.16 -32.27 -57.34
CA VAL W 218 -36.58 -32.63 -57.57
C VAL W 218 -37.53 -31.55 -57.07
N ARG W 219 -37.16 -30.86 -55.98
CA ARG W 219 -38.00 -29.82 -55.36
C ARG W 219 -37.87 -28.46 -56.05
N ASN W 220 -36.82 -28.28 -56.84
CA ASN W 220 -36.59 -27.06 -57.61
C ASN W 220 -35.86 -27.42 -58.91
N THR W 221 -36.63 -27.60 -59.98
CA THR W 221 -36.15 -28.05 -61.29
C THR W 221 -35.19 -27.06 -61.96
N LEU W 222 -34.98 -25.88 -61.39
CA LEU W 222 -33.98 -24.92 -61.85
C LEU W 222 -32.59 -25.22 -61.26
N ARG W 223 -32.48 -26.02 -60.21
CA ARG W 223 -31.22 -26.27 -59.52
C ARG W 223 -30.57 -27.57 -59.95
N ILE W 224 -29.29 -27.46 -60.28
CA ILE W 224 -28.40 -28.57 -60.58
C ILE W 224 -27.26 -28.52 -59.58
N GLY W 225 -26.93 -29.67 -59.00
CA GLY W 225 -25.78 -29.79 -58.12
C GLY W 225 -24.82 -30.85 -58.62
N ALA W 226 -23.52 -30.64 -58.42
CA ALA W 226 -22.51 -31.59 -58.82
C ALA W 226 -21.32 -31.55 -57.87
N VAL W 227 -20.46 -32.57 -57.99
CA VAL W 227 -19.12 -32.57 -57.42
C VAL W 227 -18.09 -32.71 -58.52
N ALA W 228 -17.08 -31.84 -58.47
CA ALA W 228 -15.96 -31.87 -59.41
C ALA W 228 -14.66 -31.51 -58.71
N GLY W 229 -13.61 -32.31 -58.95
CA GLY W 229 -12.36 -32.18 -58.20
C GLY W 229 -12.61 -32.33 -56.69
N ASN W 230 -12.37 -31.26 -55.94
CA ASN W 230 -12.54 -31.21 -54.49
C ASN W 230 -13.80 -30.47 -54.04
N ASP W 231 -14.52 -29.85 -54.97
CA ASP W 231 -15.61 -28.92 -54.66
C ASP W 231 -16.97 -29.52 -55.00
N TRP W 232 -17.99 -28.99 -54.34
CA TRP W 232 -19.37 -29.08 -54.82
C TRP W 232 -19.73 -27.78 -55.53
N ILE W 233 -20.58 -27.91 -56.55
CA ILE W 233 -20.95 -26.82 -57.46
C ILE W 233 -22.46 -26.82 -57.65
N ILE W 234 -23.10 -25.65 -57.54
CA ILE W 234 -24.53 -25.48 -57.78
C ILE W 234 -24.76 -24.46 -58.88
N TRP W 235 -25.68 -24.78 -59.79
CA TRP W 235 -26.19 -23.88 -60.82
C TRP W 235 -27.68 -23.63 -60.61
N GLU W 236 -28.13 -22.41 -60.92
CA GLU W 236 -29.54 -22.06 -61.01
C GLU W 236 -29.87 -21.61 -62.45
N MET W 237 -30.66 -22.44 -63.12
CA MET W 237 -31.12 -22.24 -64.49
C MET W 237 -32.40 -21.39 -64.51
N PRO W 238 -32.72 -20.71 -65.63
CA PRO W 238 -31.87 -20.45 -66.78
C PRO W 238 -30.92 -19.25 -66.56
N ARG W 239 -30.76 -18.76 -65.32
CA ARG W 239 -30.14 -17.45 -65.04
C ARG W 239 -28.72 -17.31 -65.59
N SER W 240 -27.93 -18.39 -65.55
CA SER W 240 -26.52 -18.38 -65.94
C SER W 240 -26.02 -19.78 -66.28
N SER W 241 -25.09 -19.88 -67.23
CA SER W 241 -24.29 -21.10 -67.44
C SER W 241 -23.12 -21.23 -66.46
N TYR W 242 -22.78 -20.14 -65.76
CA TYR W 242 -21.79 -20.13 -64.68
C TYR W 242 -22.41 -20.60 -63.36
N PRO W 243 -21.65 -21.31 -62.52
CA PRO W 243 -22.13 -21.76 -61.23
C PRO W 243 -22.49 -20.58 -60.33
N GLN W 244 -23.57 -20.73 -59.58
CA GLN W 244 -23.99 -19.78 -58.55
C GLN W 244 -23.10 -19.91 -57.32
N ASP W 245 -22.81 -21.15 -56.92
CA ASP W 245 -21.97 -21.47 -55.79
C ASP W 245 -20.94 -22.51 -56.19
N ASN W 246 -19.72 -22.32 -55.70
CA ASN W 246 -18.64 -23.30 -55.76
C ASN W 246 -17.88 -23.27 -54.44
N LYS W 247 -17.90 -24.36 -53.68
CA LYS W 247 -17.22 -24.43 -52.37
C LYS W 247 -16.54 -25.77 -52.15
N PRO W 248 -15.47 -25.82 -51.32
CA PRO W 248 -14.80 -27.07 -50.98
C PRO W 248 -15.77 -28.08 -50.35
N ALA W 249 -15.76 -29.31 -50.87
CA ALA W 249 -16.51 -30.43 -50.34
C ALA W 249 -15.61 -31.38 -49.53
N HIS W 250 -14.48 -31.82 -50.13
CA HIS W 250 -13.59 -32.82 -49.57
C HIS W 250 -12.13 -32.57 -49.97
N ALA W 251 -11.18 -32.84 -49.06
CA ALA W 251 -9.76 -32.63 -49.31
C ALA W 251 -9.17 -33.56 -50.39
N ASP W 252 -9.58 -34.83 -50.38
CA ASP W 252 -9.04 -35.92 -51.22
C ASP W 252 -10.01 -36.32 -52.34
N ARG W 253 -10.65 -35.32 -52.97
CA ARG W 253 -11.70 -35.42 -54.00
C ARG W 253 -13.08 -35.80 -53.49
N ALA W 254 -14.06 -35.18 -54.12
CA ALA W 254 -15.47 -35.51 -53.97
C ALA W 254 -15.88 -36.57 -55.00
N ARG W 255 -16.74 -37.51 -54.60
CA ARG W 255 -17.17 -38.65 -55.41
C ARG W 255 -18.65 -38.59 -55.78
N MET W 256 -19.52 -38.42 -54.80
CA MET W 256 -20.97 -38.43 -55.03
C MET W 256 -21.61 -37.13 -54.56
N PHE W 257 -22.64 -36.69 -55.27
CA PHE W 257 -23.51 -35.57 -54.91
C PHE W 257 -24.96 -36.06 -55.04
N ARG W 258 -25.80 -35.82 -54.02
CA ARG W 258 -27.25 -36.06 -54.12
C ARG W 258 -28.03 -34.99 -53.38
N TRP W 259 -29.06 -34.45 -54.03
CA TRP W 259 -30.04 -33.58 -53.40
C TRP W 259 -30.95 -34.37 -52.45
N SER W 260 -31.32 -33.74 -51.34
CA SER W 260 -32.42 -34.22 -50.51
C SER W 260 -33.72 -34.22 -51.33
N LYS W 261 -34.54 -35.26 -51.13
CA LYS W 261 -35.85 -35.37 -51.80
C LYS W 261 -36.94 -34.53 -51.13
N CYS W 262 -36.72 -34.09 -49.88
CA CYS W 262 -37.68 -33.31 -49.11
C CYS W 262 -37.32 -31.81 -48.96
N ASN W 263 -36.06 -31.41 -49.16
CA ASN W 263 -35.60 -30.03 -48.99
C ASN W 263 -34.68 -29.57 -50.14
N GLU W 264 -35.06 -28.50 -50.84
CA GLU W 264 -34.31 -27.96 -52.00
C GLU W 264 -32.98 -27.28 -51.66
N ASN W 265 -32.73 -27.01 -50.37
CA ASN W 265 -31.53 -26.37 -49.87
C ASN W 265 -30.55 -27.36 -49.24
N VAL W 266 -30.92 -28.63 -49.11
CA VAL W 266 -30.11 -29.68 -48.46
C VAL W 266 -29.60 -30.67 -49.49
N PHE W 267 -28.31 -30.98 -49.41
CA PHE W 267 -27.68 -32.02 -50.22
C PHE W 267 -26.57 -32.71 -49.43
N ALA W 268 -26.19 -33.89 -49.87
CA ALA W 268 -25.08 -34.64 -49.31
C ALA W 268 -24.00 -34.85 -50.36
N THR W 269 -22.76 -34.88 -49.89
CA THR W 269 -21.60 -35.27 -50.68
C THR W 269 -20.81 -36.36 -49.98
N THR W 270 -20.14 -37.20 -50.76
CA THR W 270 -19.18 -38.17 -50.22
C THR W 270 -17.80 -37.94 -50.80
N GLY W 271 -16.78 -38.11 -49.96
CA GLY W 271 -15.39 -38.13 -50.40
C GLY W 271 -15.05 -39.41 -51.16
N TYR W 272 -13.98 -39.36 -51.93
CA TYR W 272 -13.43 -40.57 -52.54
C TYR W 272 -13.08 -41.59 -51.44
N PRO W 273 -13.40 -42.89 -51.62
CA PRO W 273 -13.01 -43.91 -50.66
C PRO W 273 -11.48 -43.96 -50.52
N GLY W 274 -10.99 -43.43 -49.40
CA GLY W 274 -9.61 -43.63 -48.97
C GLY W 274 -9.39 -45.08 -48.53
N LYS W 275 -8.18 -45.36 -48.02
CA LYS W 275 -7.83 -46.71 -47.55
C LYS W 275 -8.66 -47.21 -46.36
N MET W 276 -9.22 -46.31 -45.54
CA MET W 276 -9.89 -46.69 -44.29
C MET W 276 -11.29 -46.10 -44.10
N LYS W 277 -11.48 -44.81 -44.35
CA LYS W 277 -12.75 -44.12 -44.14
C LYS W 277 -13.07 -43.17 -45.28
N SER W 278 -14.34 -43.11 -45.66
CA SER W 278 -14.91 -42.07 -46.50
C SER W 278 -15.64 -41.07 -45.63
N GLN W 279 -15.43 -39.79 -45.87
CA GLN W 279 -16.19 -38.72 -45.24
C GLN W 279 -17.51 -38.52 -45.98
N ILE W 280 -18.55 -38.21 -45.22
CA ILE W 280 -19.86 -37.82 -45.72
C ILE W 280 -20.14 -36.43 -45.14
N ALA W 281 -20.59 -35.50 -45.97
CA ALA W 281 -20.90 -34.14 -45.55
C ALA W 281 -22.31 -33.78 -46.02
N ILE W 282 -23.18 -33.41 -45.08
CA ILE W 282 -24.50 -32.87 -45.37
C ILE W 282 -24.38 -31.35 -45.29
N HIS W 283 -24.85 -30.68 -46.34
CA HIS W 283 -24.78 -29.25 -46.52
C HIS W 283 -26.17 -28.67 -46.57
N HIS W 284 -26.30 -27.43 -46.09
CA HIS W 284 -27.46 -26.60 -46.32
C HIS W 284 -26.99 -25.28 -46.94
N LEU W 285 -27.63 -24.82 -48.02
CA LEU W 285 -27.17 -23.66 -48.80
C LEU W 285 -27.07 -22.36 -47.99
N ALA W 286 -27.89 -22.21 -46.94
CA ALA W 286 -27.81 -21.04 -46.04
C ALA W 286 -26.58 -21.03 -45.12
N HIS W 287 -25.82 -22.13 -45.04
CA HIS W 287 -24.65 -22.26 -44.17
C HIS W 287 -23.36 -22.40 -44.99
N PRO W 288 -22.26 -21.73 -44.59
CA PRO W 288 -21.00 -21.80 -45.30
C PRO W 288 -20.23 -23.10 -45.03
N GLN W 289 -20.59 -23.85 -43.99
CA GLN W 289 -19.97 -25.10 -43.59
C GLN W 289 -21.02 -26.21 -43.62
N PRO W 290 -20.62 -27.49 -43.77
CA PRO W 290 -21.52 -28.62 -43.62
C PRO W 290 -22.24 -28.56 -42.27
N ILE W 291 -23.54 -28.87 -42.27
CA ILE W 291 -24.34 -28.94 -41.04
C ILE W 291 -24.11 -30.26 -40.30
N LEU W 292 -23.69 -31.31 -41.02
CA LEU W 292 -23.32 -32.59 -40.44
C LEU W 292 -22.14 -33.19 -41.21
N ILE W 293 -21.17 -33.74 -40.48
CA ILE W 293 -20.06 -34.51 -41.03
C ILE W 293 -20.07 -35.90 -40.40
N GLY W 294 -20.19 -36.93 -41.22
CA GLY W 294 -20.13 -38.34 -40.83
C GLY W 294 -18.96 -39.07 -41.46
N THR W 295 -18.71 -40.30 -41.02
CA THR W 295 -17.72 -41.18 -41.63
C THR W 295 -18.26 -42.60 -41.80
N ALA W 296 -17.96 -43.23 -42.92
CA ALA W 296 -18.25 -44.64 -43.18
C ALA W 296 -16.98 -45.40 -43.62
N PRO W 297 -16.79 -46.67 -43.23
CA PRO W 297 -15.72 -47.51 -43.78
C PRO W 297 -15.98 -47.78 -45.27
N VAL W 298 -15.12 -47.27 -46.16
CA VAL W 298 -15.23 -47.46 -47.63
C VAL W 298 -16.64 -47.13 -48.16
N GLY W 299 -17.05 -45.86 -48.01
CA GLY W 299 -18.36 -45.36 -48.41
C GLY W 299 -18.71 -45.66 -49.87
N SER W 300 -19.88 -46.24 -50.08
CA SER W 300 -20.36 -46.80 -51.33
C SER W 300 -21.86 -46.54 -51.50
N GLY W 301 -22.22 -45.87 -52.60
CA GLY W 301 -23.56 -45.29 -52.77
C GLY W 301 -23.78 -44.03 -51.91
N LEU W 302 -24.84 -43.29 -52.25
CA LEU W 302 -25.39 -42.19 -51.48
C LEU W 302 -26.84 -42.03 -51.95
N SER W 303 -27.79 -42.13 -51.04
CA SER W 303 -29.21 -41.96 -51.37
C SER W 303 -29.95 -41.26 -50.25
N TRP W 304 -31.06 -40.62 -50.59
CA TRP W 304 -31.91 -39.88 -49.65
C TRP W 304 -33.26 -40.56 -49.52
N HIS W 305 -33.75 -40.59 -48.30
CA HIS W 305 -35.12 -40.97 -48.01
C HIS W 305 -36.10 -40.01 -48.71
N ARG W 306 -37.24 -40.54 -49.15
CA ARG W 306 -38.24 -39.79 -49.94
C ARG W 306 -38.86 -38.62 -49.17
N ARG W 307 -39.19 -38.82 -47.88
CA ARG W 307 -39.93 -37.86 -47.04
C ARG W 307 -39.10 -37.24 -45.91
N LEU W 308 -38.34 -38.05 -45.18
CA LEU W 308 -37.45 -37.60 -44.11
C LEU W 308 -36.15 -36.96 -44.64
N PRO W 309 -35.57 -35.99 -43.90
CA PRO W 309 -34.23 -35.45 -44.14
C PRO W 309 -33.14 -36.45 -43.68
N LEU W 310 -33.21 -37.66 -44.21
CA LEU W 310 -32.38 -38.80 -43.83
C LEU W 310 -31.66 -39.33 -45.06
N CYS W 311 -30.34 -39.45 -44.99
CA CYS W 311 -29.54 -40.05 -46.06
C CYS W 311 -28.90 -41.36 -45.61
N VAL W 312 -28.59 -42.22 -46.58
CA VAL W 312 -27.94 -43.52 -46.37
C VAL W 312 -26.68 -43.63 -47.22
N VAL W 313 -25.65 -44.24 -46.64
CA VAL W 313 -24.43 -44.65 -47.34
C VAL W 313 -24.10 -46.09 -46.92
N GLY W 314 -23.74 -46.92 -47.91
CA GLY W 314 -23.20 -48.24 -47.65
C GLY W 314 -21.73 -48.17 -47.29
N GLY W 315 -21.26 -49.06 -46.41
CA GLY W 315 -19.85 -49.15 -46.06
C GLY W 315 -19.50 -50.50 -45.47
N TYR W 316 -18.50 -51.18 -46.04
CA TYR W 316 -18.20 -52.57 -45.70
C TYR W 316 -19.49 -53.42 -45.75
N ARG W 317 -19.84 -54.13 -44.69
CA ARG W 317 -21.08 -54.92 -44.56
C ARG W 317 -22.15 -54.20 -43.75
N LYS W 318 -22.27 -52.87 -43.91
CA LYS W 318 -23.20 -52.05 -43.13
C LYS W 318 -23.84 -50.96 -43.98
N LEU W 319 -25.05 -50.57 -43.59
CA LEU W 319 -25.71 -49.34 -44.01
C LEU W 319 -25.66 -48.34 -42.86
N PHE W 320 -25.27 -47.11 -43.16
CA PHE W 320 -25.19 -46.03 -42.20
C PHE W 320 -26.17 -44.93 -42.59
N PHE W 321 -26.99 -44.50 -41.63
CA PHE W 321 -28.02 -43.49 -41.84
C PHE W 321 -27.71 -42.25 -41.01
N TRP W 322 -27.84 -41.07 -41.62
CA TRP W 322 -27.74 -39.79 -40.92
C TRP W 322 -29.02 -39.01 -41.12
N LEU W 323 -29.65 -38.65 -40.01
CA LEU W 323 -30.75 -37.72 -39.96
C LEU W 323 -30.19 -36.31 -39.75
N THR W 324 -30.68 -35.34 -40.51
CA THR W 324 -30.42 -33.92 -40.27
C THR W 324 -31.70 -33.21 -39.84
N GLU W 325 -31.56 -32.18 -39.01
CA GLU W 325 -32.65 -31.25 -38.72
C GLU W 325 -33.01 -30.47 -40.00
N MET W 326 -34.30 -30.14 -40.17
CA MET W 326 -34.83 -29.39 -41.32
C MET W 326 -34.60 -27.89 -41.20
N TRP X 16 16.29 -79.77 -178.41
CA TRP X 16 14.92 -79.51 -177.91
C TRP X 16 13.91 -79.25 -179.03
N ALA X 17 14.31 -79.30 -180.31
CA ALA X 17 13.41 -79.04 -181.43
C ALA X 17 12.30 -80.11 -181.59
N GLY X 18 12.40 -81.26 -180.90
CA GLY X 18 11.42 -82.34 -180.92
C GLY X 18 10.11 -82.11 -180.16
N SER X 19 9.66 -80.87 -179.91
CA SER X 19 8.30 -80.65 -179.39
C SER X 19 7.29 -80.94 -180.50
N ILE X 20 6.63 -82.11 -180.46
CA ILE X 20 5.51 -82.40 -181.36
C ILE X 20 4.37 -81.44 -181.00
N THR X 21 4.19 -80.44 -181.85
CA THR X 21 2.97 -79.65 -181.92
C THR X 21 1.85 -80.55 -182.43
N LEU X 22 0.73 -80.65 -181.71
CA LEU X 22 -0.48 -81.35 -182.20
C LEU X 22 -1.17 -80.46 -183.25
N PRO X 23 -1.27 -80.85 -184.54
CA PRO X 23 -2.08 -80.13 -185.52
C PRO X 23 -3.53 -80.64 -185.52
N MET X 24 -4.51 -79.74 -185.70
CA MET X 24 -5.93 -80.07 -185.71
C MET X 24 -6.61 -79.72 -187.05
N VAL X 25 -7.42 -80.68 -187.53
CA VAL X 25 -8.51 -80.63 -188.54
C VAL X 25 -8.17 -80.23 -189.99
N GLN X 26 -8.33 -81.22 -190.88
CA GLN X 26 -8.47 -81.05 -192.34
C GLN X 26 -9.85 -80.44 -192.69
N ARG X 27 -9.89 -79.36 -193.48
CA ARG X 27 -11.13 -78.79 -194.05
C ARG X 27 -11.60 -79.60 -195.26
N VAL X 28 -12.84 -80.12 -195.22
CA VAL X 28 -13.63 -80.50 -196.41
C VAL X 28 -14.95 -79.73 -196.39
N GLY X 29 -15.29 -79.15 -197.53
CA GLY X 29 -16.38 -78.20 -197.81
C GLY X 29 -17.67 -78.21 -196.96
N GLY X 30 -18.10 -77.00 -196.60
CA GLY X 30 -19.39 -76.49 -197.10
C GLY X 30 -20.65 -76.65 -196.24
N PHE X 31 -20.67 -76.24 -194.96
CA PHE X 31 -21.82 -75.57 -194.29
C PHE X 31 -21.49 -75.20 -192.82
N THR X 32 -20.55 -74.28 -192.56
CA THR X 32 -20.06 -74.06 -191.18
C THR X 32 -19.87 -72.59 -190.78
N ARG X 33 -20.77 -71.69 -191.18
CA ARG X 33 -20.74 -70.28 -190.71
C ARG X 33 -20.94 -70.10 -189.19
N ALA X 34 -21.62 -71.04 -188.51
CA ALA X 34 -21.79 -70.97 -187.06
C ALA X 34 -20.58 -71.56 -186.29
N ILE X 35 -19.92 -72.57 -186.86
CA ILE X 35 -18.67 -73.13 -186.29
C ILE X 35 -17.51 -72.15 -186.49
N MET X 36 -17.52 -71.35 -187.56
CA MET X 36 -16.54 -70.29 -187.81
C MET X 36 -16.37 -69.29 -186.66
N ALA X 37 -17.41 -69.00 -185.85
CA ALA X 37 -17.25 -68.05 -184.74
C ALA X 37 -16.56 -68.66 -183.50
N ALA X 38 -16.66 -69.98 -183.31
CA ALA X 38 -16.08 -70.67 -182.16
C ALA X 38 -14.69 -71.27 -182.46
N SER X 39 -14.39 -71.60 -183.73
CA SER X 39 -13.12 -72.20 -184.14
C SER X 39 -11.97 -71.18 -184.31
N VAL X 40 -12.25 -69.89 -184.45
CA VAL X 40 -11.23 -68.83 -184.67
C VAL X 40 -10.20 -68.75 -183.53
N ASN X 41 -10.53 -69.19 -182.31
CA ASN X 41 -9.59 -69.15 -181.19
C ASN X 41 -8.68 -70.38 -181.08
N LEU X 42 -8.92 -71.47 -181.82
CA LEU X 42 -8.26 -72.78 -181.61
C LEU X 42 -7.22 -73.15 -182.68
N GLU X 43 -6.71 -72.19 -183.46
CA GLU X 43 -5.77 -72.47 -184.57
C GLU X 43 -4.29 -72.58 -184.14
N ARG X 44 -3.97 -72.43 -182.85
CA ARG X 44 -2.58 -72.46 -182.37
C ARG X 44 -2.19 -73.83 -181.85
N SER X 45 -0.95 -74.24 -182.16
CA SER X 45 -0.32 -75.41 -181.57
C SER X 45 -0.25 -75.31 -180.05
N TYR X 46 -0.26 -76.46 -179.39
CA TYR X 46 -0.02 -76.54 -177.95
C TYR X 46 1.42 -76.96 -177.67
N MET X 47 1.96 -76.40 -176.59
CA MET X 47 3.21 -76.79 -175.96
C MET X 47 2.90 -77.65 -174.74
N GLU X 48 3.60 -78.78 -174.61
CA GLU X 48 3.50 -79.65 -173.43
C GLU X 48 4.38 -79.12 -172.30
N LEU X 49 3.77 -78.97 -171.12
CA LEU X 49 4.38 -78.48 -169.88
C LEU X 49 4.24 -79.55 -168.81
N ILE X 50 5.35 -80.10 -168.31
CA ILE X 50 5.30 -81.07 -167.21
C ILE X 50 4.98 -80.32 -165.91
N GLY X 51 4.06 -80.85 -165.10
CA GLY X 51 3.83 -80.32 -163.75
C GLY X 51 5.00 -80.58 -162.79
N ALA X 52 4.92 -80.02 -161.57
CA ALA X 52 5.92 -80.16 -160.51
C ALA X 52 6.14 -81.61 -160.06
N GLU X 53 6.92 -82.37 -160.83
CA GLU X 53 7.26 -83.75 -160.51
C GLU X 53 8.35 -83.89 -159.46
N ARG X 54 9.11 -82.82 -159.23
CA ARG X 54 10.16 -82.77 -158.21
C ARG X 54 9.64 -83.12 -156.80
N GLU X 55 8.33 -83.05 -156.58
CA GLU X 55 7.66 -83.51 -155.36
C GLU X 55 6.66 -84.68 -155.56
N THR X 56 6.43 -85.20 -156.77
CA THR X 56 5.49 -86.33 -156.95
C THR X 56 5.92 -87.60 -156.22
N SER X 57 7.22 -87.81 -156.02
CA SER X 57 7.75 -88.86 -155.13
C SER X 57 7.40 -88.65 -153.66
N ARG X 58 7.04 -87.42 -153.24
CA ARG X 58 6.48 -87.12 -151.90
C ARG X 58 4.96 -87.19 -151.85
N ARG X 59 4.25 -87.57 -152.93
CA ARG X 59 2.83 -87.90 -152.79
C ARG X 59 2.75 -89.15 -151.92
N ASN X 60 2.60 -88.95 -150.61
CA ASN X 60 2.36 -90.01 -149.65
C ASN X 60 1.02 -90.64 -149.99
N PHE X 61 1.05 -91.60 -150.89
CA PHE X 61 -0.12 -92.39 -151.22
C PHE X 61 -0.58 -93.06 -149.94
N ARG X 62 -1.81 -92.75 -149.54
CA ARG X 62 -2.45 -93.50 -148.48
C ARG X 62 -2.86 -94.85 -149.07
N ASP X 63 -2.09 -95.89 -148.74
CA ASP X 63 -2.40 -97.24 -149.17
C ASP X 63 -3.61 -97.80 -148.39
N LEU X 64 -4.63 -98.25 -149.13
CA LEU X 64 -5.83 -98.89 -148.61
C LEU X 64 -6.02 -100.21 -149.33
N SER X 65 -6.29 -101.29 -148.60
CA SER X 65 -6.55 -102.60 -149.19
C SER X 65 -7.99 -103.02 -148.96
N LEU X 66 -8.71 -103.31 -150.04
CA LEU X 66 -10.04 -103.90 -150.02
C LEU X 66 -9.94 -105.39 -150.28
N ARG X 67 -10.55 -106.18 -149.40
CA ARG X 67 -10.63 -107.63 -149.56
C ARG X 67 -12.09 -108.04 -149.74
N PRO X 68 -12.60 -108.02 -150.98
CA PRO X 68 -13.91 -108.59 -151.27
C PRO X 68 -13.90 -110.12 -151.05
N ASP X 69 -15.07 -110.69 -150.74
CA ASP X 69 -15.28 -112.13 -150.56
C ASP X 69 -15.30 -112.87 -151.91
N VAL X 70 -14.17 -112.84 -152.61
CA VAL X 70 -13.98 -113.45 -153.93
C VAL X 70 -12.64 -114.17 -154.02
N ASN X 71 -12.64 -115.25 -154.80
CA ASN X 71 -11.43 -116.05 -155.05
C ASN X 71 -10.61 -115.46 -156.19
N LEU X 72 -9.28 -115.52 -156.06
CA LEU X 72 -8.33 -115.13 -157.10
C LEU X 72 -8.58 -115.92 -158.39
N VAL X 73 -8.76 -115.21 -159.51
CA VAL X 73 -8.85 -115.84 -160.84
C VAL X 73 -7.44 -116.17 -161.32
N ILE X 74 -6.99 -117.40 -161.10
CA ILE X 74 -5.71 -117.89 -161.61
C ILE X 74 -5.80 -118.01 -163.14
N GLY X 75 -4.92 -117.32 -163.88
CA GLY X 75 -4.91 -117.30 -165.35
C GLY X 75 -5.87 -116.29 -165.99
N GLY X 76 -6.38 -115.32 -165.23
CA GLY X 76 -7.22 -114.24 -165.78
C GLY X 76 -6.49 -113.32 -166.78
N PRO X 77 -7.24 -112.58 -167.61
CA PRO X 77 -6.67 -111.65 -168.59
C PRO X 77 -5.91 -110.52 -167.88
N LYS X 78 -4.74 -110.15 -168.43
CA LYS X 78 -4.02 -108.94 -168.03
C LYS X 78 -4.63 -107.74 -168.74
N TYR X 79 -5.34 -106.90 -168.01
CA TYR X 79 -5.85 -105.64 -168.53
C TYR X 79 -4.73 -104.62 -168.70
N ALA X 80 -4.84 -103.78 -169.73
CA ALA X 80 -3.92 -102.67 -169.93
C ALA X 80 -4.17 -101.57 -168.89
N ASP X 81 -3.11 -100.87 -168.52
CA ASP X 81 -3.19 -99.70 -167.64
C ASP X 81 -4.16 -98.66 -168.24
N CYS X 82 -4.98 -98.05 -167.39
CA CYS X 82 -5.96 -97.05 -167.78
C CYS X 82 -5.84 -95.82 -166.91
N ALA X 83 -6.29 -94.68 -167.44
CA ALA X 83 -6.35 -93.44 -166.68
C ALA X 83 -7.61 -92.66 -167.05
N GLY X 84 -7.97 -91.71 -166.19
CA GLY X 84 -9.03 -90.75 -166.46
C GLY X 84 -8.96 -89.59 -165.47
N GLY X 85 -9.81 -88.60 -165.69
CA GLY X 85 -9.93 -87.48 -164.79
C GLY X 85 -11.35 -86.95 -164.73
N TYR X 86 -11.58 -86.08 -163.75
CA TYR X 86 -12.86 -85.49 -163.44
C TYR X 86 -12.65 -84.05 -162.99
N CYS X 87 -13.36 -83.12 -163.62
CA CYS X 87 -13.36 -81.71 -163.26
C CYS X 87 -14.64 -81.41 -162.47
N TYR X 88 -14.51 -80.69 -161.36
CA TYR X 88 -15.66 -80.32 -160.55
C TYR X 88 -16.58 -79.34 -161.30
N SER X 89 -17.85 -79.32 -160.94
CA SER X 89 -18.77 -78.25 -161.34
C SER X 89 -18.32 -76.91 -160.73
N GLU X 90 -18.65 -75.80 -161.42
CA GLU X 90 -18.27 -74.43 -161.03
C GLU X 90 -16.75 -74.19 -160.87
N SER X 91 -15.92 -75.06 -161.43
CA SER X 91 -14.45 -74.94 -161.40
C SER X 91 -13.91 -73.74 -162.18
N SER X 92 -14.70 -73.18 -163.10
CA SER X 92 -14.44 -71.91 -163.77
C SER X 92 -14.87 -70.68 -162.95
N SER X 93 -15.66 -70.86 -161.88
CA SER X 93 -16.17 -69.77 -161.05
C SER X 93 -15.12 -69.31 -160.05
N LEU X 94 -14.77 -68.02 -160.12
CA LEU X 94 -13.70 -67.41 -159.33
C LEU X 94 -13.92 -67.49 -157.81
N LEU X 95 -15.19 -67.51 -157.38
CA LEU X 95 -15.60 -67.55 -155.97
C LEU X 95 -15.86 -68.98 -155.47
N SER X 96 -15.78 -70.00 -156.34
CA SER X 96 -16.05 -71.38 -155.95
C SER X 96 -14.89 -72.00 -155.16
N ALA X 97 -15.21 -72.87 -154.20
CA ALA X 97 -14.24 -73.72 -153.50
C ALA X 97 -13.64 -74.81 -154.42
N THR X 98 -14.28 -75.08 -155.56
CA THR X 98 -13.86 -76.06 -156.59
C THR X 98 -13.03 -75.43 -157.71
N ARG X 99 -12.73 -74.13 -157.65
CA ARG X 99 -12.00 -73.40 -158.68
C ARG X 99 -10.63 -74.03 -159.00
N ASN X 100 -10.31 -74.18 -160.28
CA ASN X 100 -9.08 -74.83 -160.76
C ASN X 100 -8.72 -76.16 -160.04
N ARG X 101 -9.73 -76.93 -159.61
CA ARG X 101 -9.57 -78.24 -158.96
C ARG X 101 -10.04 -79.35 -159.88
N PHE X 102 -9.37 -80.49 -159.81
CA PHE X 102 -9.76 -81.69 -160.54
C PHE X 102 -9.18 -82.95 -159.89
N LEU X 103 -9.79 -84.08 -160.21
CA LEU X 103 -9.36 -85.41 -159.83
C LEU X 103 -8.78 -86.11 -161.05
N HIS X 104 -7.71 -86.87 -160.86
CA HIS X 104 -7.26 -87.84 -161.84
C HIS X 104 -7.03 -89.19 -161.19
N TRP X 105 -7.12 -90.24 -162.00
CA TRP X 105 -6.93 -91.59 -161.54
C TRP X 105 -6.17 -92.41 -162.57
N THR X 106 -5.39 -93.36 -162.08
CA THR X 106 -4.69 -94.37 -162.87
C THR X 106 -5.00 -95.75 -162.28
N SER X 107 -5.28 -96.72 -163.14
CA SER X 107 -5.53 -98.10 -162.73
C SER X 107 -4.56 -99.04 -163.42
N TYR X 108 -3.98 -99.95 -162.64
CA TYR X 108 -3.10 -101.00 -163.11
C TYR X 108 -3.34 -102.27 -162.28
N ALA X 109 -3.62 -103.38 -162.95
CA ALA X 109 -3.96 -104.66 -162.32
C ALA X 109 -5.05 -104.55 -161.23
N ASP X 110 -4.70 -104.78 -159.96
CA ASP X 110 -5.57 -104.75 -158.78
C ASP X 110 -5.56 -103.39 -158.06
N THR X 111 -4.89 -102.39 -158.60
CA THR X 111 -4.59 -101.14 -157.92
C THR X 111 -5.16 -99.93 -158.66
N LEU X 112 -5.83 -99.05 -157.90
CA LEU X 112 -6.35 -97.75 -158.32
C LEU X 112 -5.63 -96.65 -157.56
N GLU X 113 -4.98 -95.74 -158.26
CA GLU X 113 -4.45 -94.51 -157.69
C GLU X 113 -5.41 -93.36 -158.00
N LEU X 114 -5.77 -92.61 -156.98
CA LEU X 114 -6.68 -91.46 -157.04
C LEU X 114 -5.93 -90.24 -156.49
N VAL X 115 -5.93 -89.15 -157.24
CA VAL X 115 -5.23 -87.93 -156.83
C VAL X 115 -6.05 -86.68 -157.15
N GLU X 116 -6.13 -85.80 -156.17
CA GLU X 116 -6.78 -84.48 -156.27
C GLU X 116 -5.70 -83.41 -156.48
N ILE X 117 -5.89 -82.56 -157.47
CA ILE X 117 -4.99 -81.45 -157.77
C ILE X 117 -5.79 -80.14 -157.73
N SER X 118 -5.17 -79.12 -157.16
CA SER X 118 -5.60 -77.72 -157.29
C SER X 118 -4.43 -76.92 -157.86
N LEU X 119 -4.71 -76.04 -158.82
CA LEU X 119 -3.71 -75.08 -159.32
C LEU X 119 -3.57 -73.87 -158.39
N ASP X 120 -4.57 -73.61 -157.55
CA ASP X 120 -4.57 -72.43 -156.69
C ASP X 120 -3.89 -72.70 -155.34
N ILE X 121 -4.15 -73.85 -154.72
CA ILE X 121 -3.73 -74.10 -153.33
C ILE X 121 -3.15 -75.50 -153.19
N ASN X 122 -2.15 -75.68 -152.32
CA ASN X 122 -1.57 -77.01 -152.11
C ASN X 122 -2.51 -77.89 -151.28
N LEU X 123 -2.83 -79.08 -151.80
CA LEU X 123 -3.71 -80.03 -151.12
C LEU X 123 -2.91 -81.05 -150.31
N VAL X 124 -3.25 -81.20 -149.03
CA VAL X 124 -2.67 -82.18 -148.10
C VAL X 124 -3.48 -83.47 -148.15
N ASN X 125 -2.81 -84.62 -148.06
CA ASN X 125 -3.42 -85.96 -148.15
C ASN X 125 -4.23 -86.17 -149.43
N ASN X 126 -3.73 -85.64 -150.55
CA ASN X 126 -4.44 -85.58 -151.82
C ASN X 126 -4.25 -86.80 -152.72
N ALA X 127 -3.60 -87.86 -152.24
CA ALA X 127 -3.30 -89.06 -153.02
C ALA X 127 -3.66 -90.34 -152.24
N VAL X 128 -4.38 -91.25 -152.89
CA VAL X 128 -4.82 -92.53 -152.33
C VAL X 128 -4.50 -93.65 -153.29
N ARG X 129 -3.93 -94.74 -152.77
CA ARG X 129 -3.75 -95.98 -153.53
C ARG X 129 -4.67 -97.06 -152.95
N LEU X 130 -5.71 -97.40 -153.70
CA LEU X 130 -6.70 -98.39 -153.35
C LEU X 130 -6.39 -99.71 -154.06
N ARG X 131 -6.09 -100.75 -153.29
CA ARG X 131 -5.80 -102.09 -153.80
C ARG X 131 -6.97 -103.02 -153.56
N ILE X 132 -7.62 -103.50 -154.61
CA ILE X 132 -8.76 -104.42 -154.54
C ILE X 132 -8.25 -105.84 -154.73
N LEU X 133 -7.93 -106.51 -153.63
CA LEU X 133 -7.32 -107.84 -153.63
C LEU X 133 -8.19 -108.85 -154.38
N ASN X 134 -7.54 -109.75 -155.11
CA ASN X 134 -8.14 -110.79 -155.96
C ASN X 134 -8.94 -110.29 -157.18
N CYS X 135 -9.19 -108.99 -157.29
CA CYS X 135 -9.88 -108.36 -158.41
C CYS X 135 -8.89 -107.60 -159.29
N SER X 136 -9.23 -107.48 -160.57
CA SER X 136 -8.53 -106.58 -161.50
C SER X 136 -9.50 -105.53 -162.00
N ILE X 137 -9.09 -104.26 -161.98
CA ILE X 137 -9.92 -103.14 -162.42
C ILE X 137 -10.11 -103.22 -163.94
N LEU X 138 -11.34 -103.03 -164.41
CA LEU X 138 -11.63 -103.08 -165.84
C LEU X 138 -11.18 -101.80 -166.55
N PRO X 139 -10.80 -101.88 -167.85
CA PRO X 139 -10.51 -100.68 -168.64
C PRO X 139 -11.72 -99.75 -168.73
N GLY X 140 -11.57 -98.51 -168.26
CA GLY X 140 -12.71 -97.59 -168.11
C GLY X 140 -13.69 -98.01 -167.00
N GLY X 141 -13.24 -98.77 -166.01
CA GLY X 141 -14.07 -99.20 -164.90
C GLY X 141 -14.26 -98.14 -163.81
N VAL X 142 -13.56 -97.01 -163.87
CA VAL X 142 -13.61 -95.97 -162.85
C VAL X 142 -14.38 -94.76 -163.39
N HIS X 143 -15.44 -94.38 -162.69
CA HIS X 143 -16.27 -93.22 -163.01
C HIS X 143 -16.42 -92.35 -161.78
N ILE X 144 -16.37 -91.03 -161.97
CA ILE X 144 -16.55 -90.06 -160.89
C ILE X 144 -17.76 -89.21 -161.26
N CYS X 145 -18.65 -89.00 -160.29
CA CYS X 145 -19.86 -88.22 -160.45
C CYS X 145 -19.98 -87.20 -159.32
N GLU X 146 -20.38 -85.96 -159.64
CA GLU X 146 -20.83 -85.02 -158.63
C GLU X 146 -22.28 -85.23 -158.23
N THR X 147 -22.50 -84.97 -156.96
CA THR X 147 -23.81 -84.62 -156.42
C THR X 147 -23.66 -83.32 -155.63
N PRO X 148 -24.75 -82.61 -155.31
CA PRO X 148 -24.68 -81.35 -154.55
C PRO X 148 -23.94 -81.45 -153.20
N ASN X 149 -23.83 -82.65 -152.63
CA ASN X 149 -23.23 -82.88 -151.30
C ASN X 149 -21.96 -83.72 -151.32
N ASN X 150 -21.79 -84.59 -152.32
CA ASN X 150 -20.75 -85.63 -152.33
C ASN X 150 -20.11 -85.79 -153.71
N ILE X 151 -18.88 -86.27 -153.72
CA ILE X 151 -18.21 -86.85 -154.88
C ILE X 151 -18.31 -88.36 -154.78
N VAL X 152 -18.86 -89.00 -155.80
CA VAL X 152 -19.07 -90.45 -155.83
C VAL X 152 -18.13 -91.08 -156.84
N VAL X 153 -17.27 -92.00 -156.40
CA VAL X 153 -16.36 -92.78 -157.25
C VAL X 153 -16.93 -94.19 -157.39
N LEU X 154 -17.29 -94.56 -158.61
CA LEU X 154 -17.83 -95.85 -159.00
C LEU X 154 -16.72 -96.69 -159.63
N ILE X 155 -16.49 -97.91 -159.13
CA ILE X 155 -15.37 -98.77 -159.54
C ILE X 155 -15.91 -100.13 -159.99
N LEU X 156 -15.69 -100.46 -161.27
CA LEU X 156 -15.87 -101.79 -161.84
C LEU X 156 -14.56 -102.56 -161.83
N THR X 157 -14.60 -103.72 -161.21
CA THR X 157 -13.58 -104.75 -161.39
C THR X 157 -14.15 -105.92 -162.19
N ASN X 158 -13.28 -106.87 -162.52
CA ASN X 158 -13.70 -108.11 -163.16
C ASN X 158 -14.75 -108.87 -162.34
N GLN X 159 -14.73 -108.82 -160.99
CA GLN X 159 -15.60 -109.63 -160.13
C GLN X 159 -16.54 -108.84 -159.21
N THR X 160 -16.27 -107.57 -158.95
CA THR X 160 -16.98 -106.76 -157.96
C THR X 160 -17.18 -105.32 -158.44
N VAL X 161 -18.27 -104.71 -157.98
CA VAL X 161 -18.53 -103.28 -158.13
C VAL X 161 -18.44 -102.59 -156.77
N HIS X 162 -17.87 -101.39 -156.75
CA HIS X 162 -17.69 -100.59 -155.55
C HIS X 162 -18.18 -99.16 -155.77
N ARG X 163 -18.74 -98.57 -154.72
CA ARG X 163 -19.11 -97.16 -154.64
C ARG X 163 -18.38 -96.53 -153.45
N LEU X 164 -17.54 -95.55 -153.73
CA LEU X 164 -16.86 -94.74 -152.72
C LEU X 164 -17.49 -93.35 -152.68
N ILE X 165 -17.78 -92.87 -151.48
CA ILE X 165 -18.45 -91.57 -151.27
C ILE X 165 -17.50 -90.67 -150.50
N LEU X 166 -17.24 -89.51 -151.09
CA LEU X 166 -16.32 -88.51 -150.58
C LEU X 166 -17.08 -87.19 -150.38
N PRO X 167 -16.70 -86.38 -149.38
CA PRO X 167 -17.33 -85.09 -149.16
C PRO X 167 -17.09 -84.14 -150.34
N HIS X 168 -18.09 -83.34 -150.70
CA HIS X 168 -17.89 -82.26 -151.67
C HIS X 168 -17.04 -81.12 -151.07
N PRO X 169 -16.09 -80.52 -151.83
CA PRO X 169 -15.24 -79.43 -151.31
C PRO X 169 -16.02 -78.25 -150.70
N SER X 170 -17.18 -77.88 -151.27
CA SER X 170 -18.04 -76.81 -150.74
C SER X 170 -18.64 -77.12 -149.35
N ARG X 171 -18.69 -78.40 -148.96
CA ARG X 171 -19.10 -78.83 -147.61
C ARG X 171 -17.96 -78.86 -146.62
N MET X 172 -16.73 -79.07 -147.10
CA MET X 172 -15.52 -79.03 -146.27
C MET X 172 -15.11 -77.60 -145.91
N TYR X 173 -15.26 -76.66 -146.86
CA TYR X 173 -14.84 -75.26 -146.71
C TYR X 173 -16.04 -74.34 -146.90
N ARG X 174 -16.63 -73.85 -145.80
CA ARG X 174 -17.76 -72.90 -145.84
C ARG X 174 -17.25 -71.48 -146.08
N SER X 175 -17.11 -71.05 -147.34
CA SER X 175 -16.92 -69.63 -147.75
C SER X 175 -15.97 -68.77 -146.89
N GLU X 176 -15.09 -69.40 -146.10
CA GLU X 176 -14.07 -68.76 -145.30
C GLU X 176 -12.92 -68.53 -146.27
N ILE X 177 -12.52 -67.28 -146.38
CA ILE X 177 -11.39 -66.86 -147.20
C ILE X 177 -10.22 -67.74 -146.79
N ILE X 178 -9.80 -68.62 -147.70
CA ILE X 178 -8.70 -69.52 -147.40
C ILE X 178 -7.42 -68.68 -147.42
N SER X 179 -6.98 -68.25 -146.23
CA SER X 179 -5.70 -67.57 -146.04
C SER X 179 -4.53 -68.55 -145.98
N ASP X 180 -4.79 -69.84 -145.77
CA ASP X 180 -3.77 -70.85 -145.61
C ASP X 180 -3.24 -71.33 -146.98
N SER X 181 -1.92 -71.48 -147.06
CA SER X 181 -1.21 -72.03 -148.23
C SER X 181 -1.50 -73.51 -148.48
N HIS X 182 -2.08 -74.21 -147.49
CA HIS X 182 -2.36 -75.63 -147.52
C HIS X 182 -3.77 -75.95 -147.03
N ILE X 183 -4.45 -76.85 -147.73
CA ILE X 183 -5.83 -77.26 -147.44
C ILE X 183 -5.94 -78.78 -147.46
N GLN X 184 -6.85 -79.37 -146.69
CA GLN X 184 -7.12 -80.81 -146.73
C GLN X 184 -7.84 -81.22 -148.03
N SER X 185 -7.37 -82.29 -148.66
CA SER X 185 -8.06 -82.93 -149.78
C SER X 185 -9.35 -83.62 -149.31
N ILE X 186 -10.30 -83.85 -150.24
CA ILE X 186 -11.48 -84.71 -150.02
C ILE X 186 -11.10 -86.13 -149.59
N PHE X 187 -9.87 -86.55 -149.86
CA PHE X 187 -9.33 -87.86 -149.46
C PHE X 187 -8.83 -87.94 -148.02
N THR X 188 -8.77 -86.82 -147.29
CA THR X 188 -8.16 -86.79 -145.94
C THR X 188 -8.80 -87.79 -144.98
N ASP X 189 -10.13 -87.90 -145.02
CA ASP X 189 -10.90 -88.78 -144.15
C ASP X 189 -11.27 -90.12 -144.79
N ILE X 190 -10.70 -90.46 -145.95
CA ILE X 190 -11.02 -91.71 -146.66
C ILE X 190 -10.77 -92.97 -145.81
N GLY X 191 -9.80 -92.94 -144.90
CA GLY X 191 -9.54 -94.08 -144.00
C GLY X 191 -10.68 -94.36 -143.01
N LYS X 192 -11.62 -93.42 -142.82
CA LYS X 192 -12.80 -93.58 -141.96
C LYS X 192 -13.98 -94.20 -142.70
N THR X 193 -13.96 -94.26 -144.04
CA THR X 193 -15.08 -94.84 -144.80
C THR X 193 -15.12 -96.35 -144.58
N ASN X 194 -16.28 -96.89 -144.18
CA ASN X 194 -16.45 -98.32 -144.02
C ASN X 194 -16.59 -99.00 -145.39
N PHE X 195 -15.47 -99.45 -145.95
CA PHE X 195 -15.46 -100.13 -147.25
C PHE X 195 -16.10 -101.52 -147.23
N HIS X 196 -16.33 -102.09 -146.04
CA HIS X 196 -17.03 -103.37 -145.89
C HIS X 196 -18.55 -103.22 -145.78
N ASP X 197 -19.06 -101.99 -145.92
CA ASP X 197 -20.50 -101.77 -145.97
C ASP X 197 -21.09 -102.44 -147.24
N PRO X 198 -22.02 -103.41 -147.12
CA PRO X 198 -22.68 -104.03 -148.25
C PRO X 198 -23.50 -103.04 -149.09
N SER X 199 -23.82 -101.84 -148.57
CA SER X 199 -24.42 -100.77 -149.36
C SER X 199 -23.48 -100.24 -150.44
N ASN X 200 -22.16 -100.39 -150.28
CA ASN X 200 -21.13 -99.80 -151.12
C ASN X 200 -20.35 -100.81 -151.95
N THR X 201 -20.58 -102.11 -151.75
CA THR X 201 -19.87 -103.16 -152.48
C THR X 201 -20.83 -104.28 -152.90
N TYR X 202 -20.68 -104.80 -154.13
CA TYR X 202 -21.49 -105.90 -154.62
C TYR X 202 -20.65 -106.85 -155.49
N VAL X 203 -20.81 -108.16 -155.27
CA VAL X 203 -20.13 -109.20 -156.07
C VAL X 203 -20.95 -109.50 -157.32
N ILE X 204 -20.32 -109.36 -158.48
CA ILE X 204 -20.95 -109.61 -159.77
C ILE X 204 -21.24 -111.12 -159.89
N PRO X 205 -22.50 -111.55 -160.09
CA PRO X 205 -22.82 -112.95 -160.23
C PRO X 205 -22.21 -113.53 -161.52
N ALA X 206 -21.70 -114.76 -161.44
CA ALA X 206 -21.10 -115.44 -162.59
C ALA X 206 -22.13 -115.78 -163.69
N ILE X 207 -23.40 -115.99 -163.31
CA ILE X 207 -24.50 -116.43 -164.18
C ILE X 207 -25.75 -115.60 -163.84
N PRO X 208 -26.50 -115.05 -164.83
CA PRO X 208 -26.32 -115.22 -166.26
C PRO X 208 -25.32 -114.21 -166.85
N GLY X 209 -24.10 -114.69 -167.10
CA GLY X 209 -23.40 -114.38 -168.32
C GLY X 209 -22.51 -113.15 -168.35
N ARG X 210 -21.63 -112.93 -167.38
CA ARG X 210 -20.46 -112.06 -167.64
C ARG X 210 -19.66 -112.68 -168.79
N ALA X 211 -19.36 -111.91 -169.85
CA ALA X 211 -18.48 -112.43 -170.89
C ALA X 211 -17.08 -112.71 -170.30
N PRO X 212 -16.42 -113.81 -170.68
CA PRO X 212 -15.01 -114.01 -170.33
C PRO X 212 -14.17 -112.93 -171.03
N ASN X 213 -13.24 -112.31 -170.29
CA ASN X 213 -12.28 -111.33 -170.80
C ASN X 213 -12.88 -110.02 -171.34
N THR X 214 -13.92 -109.48 -170.68
CA THR X 214 -14.48 -108.17 -171.01
C THR X 214 -13.47 -107.04 -170.84
N THR X 215 -13.24 -106.28 -171.91
CA THR X 215 -12.42 -105.06 -171.87
C THR X 215 -13.24 -103.77 -171.80
N ALA X 216 -14.58 -103.88 -171.88
CA ALA X 216 -15.49 -102.74 -171.82
C ALA X 216 -16.22 -102.70 -170.48
N SER X 217 -16.37 -101.50 -169.94
CA SER X 217 -17.19 -101.21 -168.77
C SER X 217 -17.63 -99.76 -168.82
N THR X 218 -18.75 -99.45 -168.18
CA THR X 218 -19.14 -98.06 -167.89
C THR X 218 -19.98 -98.00 -166.63
N ALA X 219 -19.97 -96.89 -165.90
CA ALA X 219 -20.80 -96.67 -164.73
C ALA X 219 -21.32 -95.23 -164.69
N TRP X 220 -22.46 -95.00 -164.03
CA TRP X 220 -23.05 -93.67 -163.86
C TRP X 220 -24.00 -93.64 -162.65
N LEU X 221 -24.35 -92.43 -162.21
CA LEU X 221 -25.45 -92.21 -161.28
C LEU X 221 -26.73 -91.87 -162.03
N SER X 222 -27.86 -92.44 -161.62
CA SER X 222 -29.18 -91.99 -162.11
C SER X 222 -29.55 -90.63 -161.51
N SER X 223 -30.59 -89.99 -162.08
CA SER X 223 -31.22 -88.79 -161.50
C SER X 223 -31.66 -88.99 -160.05
N ASP X 224 -31.96 -90.23 -159.68
CA ASP X 224 -32.48 -90.62 -158.36
C ASP X 224 -31.34 -90.97 -157.37
N GLY X 225 -30.07 -90.84 -157.79
CA GLY X 225 -28.90 -91.15 -156.97
C GLY X 225 -28.53 -92.64 -156.89
N GLU X 226 -29.13 -93.47 -157.74
CA GLU X 226 -28.81 -94.90 -157.84
C GLU X 226 -27.50 -95.10 -158.60
N ALA X 227 -26.67 -96.05 -158.18
CA ALA X 227 -25.42 -96.35 -158.88
C ALA X 227 -25.62 -97.49 -159.89
N LEU X 228 -25.42 -97.19 -161.17
CA LEU X 228 -25.56 -98.14 -162.27
C LEU X 228 -24.21 -98.51 -162.87
N PHE X 229 -24.07 -99.78 -163.20
CA PHE X 229 -22.83 -100.40 -163.61
C PHE X 229 -23.11 -101.31 -164.81
N ALA X 230 -22.58 -100.98 -165.97
CA ALA X 230 -22.78 -101.73 -167.21
C ALA X 230 -21.52 -102.46 -167.66
N LEU X 231 -21.69 -103.74 -168.00
CA LEU X 231 -20.64 -104.61 -168.51
C LEU X 231 -21.17 -105.53 -169.63
N PRO X 232 -20.31 -106.01 -170.54
CA PRO X 232 -20.72 -106.91 -171.60
C PRO X 232 -21.24 -108.25 -171.07
N SER X 233 -22.36 -108.69 -171.64
CA SER X 233 -22.89 -110.04 -171.43
C SER X 233 -22.27 -111.03 -172.41
N ILE X 234 -22.17 -112.31 -172.02
CA ILE X 234 -21.77 -113.44 -172.87
C ILE X 234 -22.69 -113.61 -174.08
N SER X 235 -23.92 -113.12 -173.98
CA SER X 235 -24.90 -113.11 -175.08
C SER X 235 -24.65 -111.99 -176.10
N GLY X 236 -23.58 -111.20 -175.97
CA GLY X 236 -23.37 -109.99 -176.79
C GLY X 236 -24.25 -108.81 -176.40
N GLY X 237 -25.07 -108.93 -175.35
CA GLY X 237 -25.82 -107.83 -174.73
C GLY X 237 -25.01 -107.01 -173.72
N ILE X 238 -25.69 -106.15 -172.98
CA ILE X 238 -25.12 -105.35 -171.88
C ILE X 238 -25.83 -105.72 -170.57
N LEU X 239 -25.09 -106.21 -169.59
CA LEU X 239 -25.55 -106.45 -168.23
C LEU X 239 -25.42 -105.16 -167.42
N VAL X 240 -26.51 -104.69 -166.83
CA VAL X 240 -26.58 -103.50 -165.99
C VAL X 240 -26.92 -103.91 -164.55
N ILE X 241 -26.04 -103.60 -163.61
CA ILE X 241 -26.23 -103.78 -162.17
C ILE X 241 -26.63 -102.42 -161.59
N LYS X 242 -27.72 -102.38 -160.84
CA LYS X 242 -28.28 -101.19 -160.21
C LYS X 242 -28.25 -101.34 -158.70
N MET X 243 -27.48 -100.49 -158.04
CA MET X 243 -27.41 -100.36 -156.58
C MET X 243 -28.30 -99.21 -156.10
N PRO X 244 -28.98 -99.34 -154.95
CA PRO X 244 -29.84 -98.29 -154.41
C PRO X 244 -29.05 -97.02 -154.04
N PRO X 245 -29.74 -95.88 -153.87
CA PRO X 245 -29.11 -94.65 -153.38
C PRO X 245 -28.42 -94.89 -152.02
N HIS X 246 -27.35 -94.17 -151.73
CA HIS X 246 -26.54 -94.44 -150.53
C HIS X 246 -27.32 -94.33 -149.21
N ASP X 247 -28.21 -93.34 -149.13
CA ASP X 247 -28.96 -93.07 -147.90
C ASP X 247 -30.22 -93.94 -147.77
N MET X 248 -30.47 -94.85 -148.72
CA MET X 248 -31.67 -95.69 -148.77
C MET X 248 -31.33 -97.18 -148.74
N GLU X 249 -31.99 -97.93 -147.87
CA GLU X 249 -31.92 -99.39 -147.87
C GLU X 249 -32.70 -99.95 -149.07
N GLY X 250 -32.01 -100.70 -149.93
CA GLY X 250 -32.61 -101.35 -151.10
C GLY X 250 -31.81 -102.56 -151.56
N LEU X 251 -32.41 -103.39 -152.41
CA LEU X 251 -31.75 -104.57 -152.99
C LEU X 251 -31.11 -104.20 -154.33
N VAL X 252 -29.93 -104.80 -154.59
CA VAL X 252 -29.27 -104.69 -155.89
C VAL X 252 -30.09 -105.43 -156.95
N THR X 253 -30.34 -104.76 -158.08
CA THR X 253 -31.11 -105.31 -159.21
C THR X 253 -30.22 -105.47 -160.43
N ILE X 254 -30.51 -106.46 -161.28
CA ILE X 254 -29.70 -106.78 -162.47
C ILE X 254 -30.63 -106.86 -163.68
N ALA X 255 -30.30 -106.12 -164.74
CA ALA X 255 -31.03 -106.11 -166.00
C ALA X 255 -30.07 -106.45 -167.17
N GLU X 256 -30.53 -107.21 -168.16
CA GLU X 256 -29.74 -107.56 -169.35
C GLU X 256 -30.37 -106.94 -170.61
N LEU X 257 -29.70 -105.94 -171.18
CA LEU X 257 -30.09 -105.27 -172.42
C LEU X 257 -29.63 -106.13 -173.61
N LYS X 258 -30.58 -106.67 -174.38
CA LYS X 258 -30.29 -107.40 -175.64
C LYS X 258 -30.83 -106.63 -176.82
N GLN X 259 -30.25 -106.86 -178.00
CA GLN X 259 -30.70 -106.23 -179.24
C GLN X 259 -32.15 -106.59 -179.63
N SER X 260 -32.63 -107.79 -179.29
CA SER X 260 -33.99 -108.23 -179.59
C SER X 260 -34.99 -107.85 -178.49
N SER X 261 -36.11 -107.23 -178.89
CA SER X 261 -37.21 -106.87 -177.99
C SER X 261 -37.90 -108.10 -177.40
N VAL X 262 -38.49 -107.96 -176.21
CA VAL X 262 -39.25 -109.05 -175.55
C VAL X 262 -40.41 -109.54 -176.44
N MET X 263 -41.04 -108.64 -177.20
CA MET X 263 -42.09 -108.98 -178.17
C MET X 263 -41.56 -109.83 -179.34
N GLN X 264 -40.37 -109.53 -179.87
CA GLN X 264 -39.71 -110.45 -180.83
C GLN X 264 -39.39 -111.80 -180.19
N ARG X 265 -39.08 -111.88 -178.88
CA ARG X 265 -38.84 -113.15 -178.18
C ARG X 265 -40.11 -113.99 -178.03
N LEU X 266 -41.24 -113.37 -177.68
CA LEU X 266 -42.54 -114.04 -177.53
C LEU X 266 -43.10 -114.53 -178.87
N LEU X 267 -43.02 -113.71 -179.94
CA LEU X 267 -43.51 -114.07 -181.27
C LEU X 267 -42.64 -115.10 -182.00
N THR X 268 -41.37 -115.27 -181.61
CA THR X 268 -40.45 -116.25 -182.24
C THR X 268 -40.08 -117.43 -181.33
N GLY X 269 -40.75 -117.60 -180.19
CA GLY X 269 -40.42 -118.57 -179.13
C GLY X 269 -40.55 -120.06 -179.48
N TRP X 270 -40.72 -120.45 -180.75
CA TRP X 270 -40.95 -121.83 -181.19
C TRP X 270 -39.81 -122.42 -182.05
N MET X 271 -38.64 -121.78 -182.14
CA MET X 271 -37.44 -122.38 -182.78
C MET X 271 -36.19 -122.37 -181.87
N PRO X 272 -35.49 -123.51 -181.71
CA PRO X 272 -34.27 -123.60 -180.89
C PRO X 272 -33.10 -122.74 -181.40
N SER X 273 -32.24 -122.32 -180.49
CA SER X 273 -31.15 -121.35 -180.65
C SER X 273 -30.04 -121.69 -181.65
N SER X 274 -30.02 -122.88 -182.26
CA SER X 274 -28.99 -123.28 -183.24
C SER X 274 -29.21 -122.73 -184.65
N ILE X 275 -30.44 -122.32 -185.01
CA ILE X 275 -30.76 -121.73 -186.32
C ILE X 275 -30.79 -120.19 -186.26
N ARG X 276 -31.02 -119.62 -185.06
CA ARG X 276 -30.68 -118.21 -184.83
C ARG X 276 -29.18 -118.10 -184.99
N GLY X 277 -28.73 -117.18 -185.84
CA GLY X 277 -27.36 -116.67 -185.77
C GLY X 277 -27.12 -116.34 -184.31
N ASP X 278 -26.32 -117.19 -183.66
CA ASP X 278 -25.90 -117.02 -182.30
C ASP X 278 -25.50 -115.56 -182.16
N GLN X 279 -25.91 -114.89 -181.08
CA GLN X 279 -25.29 -113.60 -180.74
C GLN X 279 -23.87 -113.95 -180.28
N GLY X 280 -23.06 -114.35 -181.26
CA GLY X 280 -21.77 -114.95 -181.06
C GLY X 280 -20.81 -113.92 -180.49
N PRO X 281 -19.59 -114.36 -180.15
CA PRO X 281 -18.56 -113.50 -179.59
C PRO X 281 -18.31 -112.22 -180.41
N ALA X 282 -18.62 -112.22 -181.72
CA ALA X 282 -18.54 -111.04 -182.59
C ALA X 282 -19.43 -109.85 -182.16
N HIS X 283 -20.51 -110.08 -181.42
CA HIS X 283 -21.38 -108.99 -180.93
C HIS X 283 -20.87 -108.34 -179.64
N LEU X 284 -19.78 -108.85 -179.05
CA LEU X 284 -19.28 -108.38 -177.76
C LEU X 284 -18.90 -106.89 -177.82
N PRO X 285 -19.45 -106.03 -176.94
CA PRO X 285 -18.96 -104.68 -176.74
C PRO X 285 -17.47 -104.63 -176.36
N VAL X 286 -16.70 -103.82 -177.08
CA VAL X 286 -15.27 -103.55 -176.86
C VAL X 286 -15.07 -102.23 -176.14
N SER X 287 -15.96 -101.26 -176.39
CA SER X 287 -16.01 -99.98 -175.68
C SER X 287 -17.46 -99.64 -175.37
N LEU X 288 -17.72 -99.19 -174.13
CA LEU X 288 -19.02 -98.74 -173.67
C LEU X 288 -18.92 -97.27 -173.25
N ALA X 289 -19.98 -96.50 -173.49
CA ALA X 289 -20.14 -95.15 -172.98
C ALA X 289 -21.61 -94.88 -172.69
N VAL X 290 -21.91 -94.02 -171.73
CA VAL X 290 -23.28 -93.64 -171.36
C VAL X 290 -23.45 -92.14 -171.46
N HIS X 291 -24.62 -91.71 -171.95
CA HIS X 291 -25.10 -90.35 -171.84
C HIS X 291 -26.43 -90.35 -171.11
N THR X 292 -26.52 -89.62 -170.01
CA THR X 292 -27.74 -89.46 -169.20
C THR X 292 -28.45 -88.18 -169.62
N LEU X 293 -29.73 -88.28 -170.00
CA LEU X 293 -30.55 -87.14 -170.37
C LEU X 293 -31.91 -87.26 -169.68
N ASP X 294 -32.31 -86.21 -168.95
CA ASP X 294 -33.51 -86.13 -168.12
C ASP X 294 -33.64 -87.30 -167.12
N HIS X 295 -34.36 -88.36 -167.53
CA HIS X 295 -34.67 -89.55 -166.74
C HIS X 295 -34.38 -90.86 -167.48
N ASP X 296 -33.63 -90.81 -168.58
CA ASP X 296 -33.15 -92.00 -169.29
C ASP X 296 -31.63 -91.99 -169.44
N SER X 297 -31.06 -93.16 -169.63
CA SER X 297 -29.63 -93.37 -169.84
C SER X 297 -29.44 -94.07 -171.17
N TYR X 298 -28.80 -93.38 -172.11
CA TYR X 298 -28.47 -93.91 -173.43
C TYR X 298 -27.10 -94.57 -173.38
N LEU X 299 -27.09 -95.90 -173.55
CA LEU X 299 -25.85 -96.68 -173.61
C LEU X 299 -25.40 -96.83 -175.05
N PHE X 300 -24.16 -96.49 -175.33
CA PHE X 300 -23.51 -96.69 -176.61
C PHE X 300 -22.47 -97.80 -176.49
N ALA X 301 -22.54 -98.79 -177.37
CA ALA X 301 -21.56 -99.88 -177.43
C ALA X 301 -20.95 -99.98 -178.81
N LEU X 302 -19.62 -99.93 -178.86
CA LEU X 302 -18.84 -100.26 -180.03
C LEU X 302 -18.39 -101.71 -179.92
N CYS X 303 -18.85 -102.55 -180.84
CA CYS X 303 -18.72 -104.01 -180.77
C CYS X 303 -17.60 -104.54 -181.67
N GLN X 304 -17.20 -105.81 -181.43
CA GLN X 304 -16.16 -106.49 -182.21
C GLN X 304 -16.50 -106.64 -183.70
N ASP X 305 -17.78 -106.56 -184.08
CA ASP X 305 -18.28 -106.58 -185.45
C ASP X 305 -18.20 -105.21 -186.15
N HIS X 306 -17.45 -104.25 -185.59
CA HIS X 306 -17.29 -102.88 -186.09
C HIS X 306 -18.59 -102.06 -186.13
N LYS X 307 -19.62 -102.48 -185.39
CA LYS X 307 -20.88 -101.74 -185.30
C LYS X 307 -20.98 -100.97 -184.00
N LEU X 308 -21.49 -99.75 -184.12
CA LEU X 308 -21.89 -98.90 -183.01
C LEU X 308 -23.39 -99.08 -182.77
N ARG X 309 -23.77 -99.43 -181.55
CA ARG X 309 -25.16 -99.67 -181.14
C ARG X 309 -25.53 -98.73 -180.00
N MET X 310 -26.79 -98.28 -179.99
CA MET X 310 -27.33 -97.42 -178.93
C MET X 310 -28.55 -98.09 -178.27
N TRP X 311 -28.65 -98.07 -176.95
CA TRP X 311 -29.78 -98.57 -176.17
C TRP X 311 -30.34 -97.48 -175.26
N SER X 312 -31.66 -97.48 -175.06
CA SER X 312 -32.29 -96.83 -173.90
C SER X 312 -32.32 -97.82 -172.74
N TYR X 313 -31.87 -97.38 -171.57
CA TYR X 313 -31.96 -98.16 -170.34
C TYR X 313 -33.41 -98.26 -169.84
N LYS X 314 -34.15 -97.14 -169.89
CA LYS X 314 -35.55 -97.06 -169.44
C LYS X 314 -36.46 -97.98 -170.25
N ASP X 315 -36.35 -97.93 -171.58
CA ASP X 315 -37.18 -98.73 -172.48
C ASP X 315 -36.62 -100.16 -172.67
N GLN X 316 -35.37 -100.41 -172.27
CA GLN X 316 -34.63 -101.65 -172.49
C GLN X 316 -34.56 -102.09 -173.97
N MET X 317 -34.50 -101.11 -174.88
CA MET X 317 -34.56 -101.33 -176.34
C MET X 317 -33.33 -100.76 -177.05
N CYS X 318 -32.88 -101.45 -178.10
CA CYS X 318 -31.84 -100.94 -179.00
C CYS X 318 -32.47 -99.95 -180.00
N LEU X 319 -32.02 -98.70 -179.96
CA LEU X 319 -32.57 -97.57 -180.71
C LEU X 319 -31.83 -97.31 -182.03
N MET X 320 -30.54 -97.63 -182.11
CA MET X 320 -29.70 -97.37 -183.28
C MET X 320 -28.65 -98.45 -183.48
N VAL X 321 -28.34 -98.76 -184.74
CA VAL X 321 -27.20 -99.58 -185.15
C VAL X 321 -26.57 -98.91 -186.36
N ALA X 322 -25.28 -98.55 -186.27
CA ALA X 322 -24.50 -97.95 -187.34
C ALA X 322 -23.27 -98.81 -187.65
N ASP X 323 -22.97 -99.02 -188.93
CA ASP X 323 -21.77 -99.74 -189.36
C ASP X 323 -20.59 -98.77 -189.51
N MET X 324 -19.55 -98.93 -188.70
CA MET X 324 -18.42 -98.00 -188.72
C MET X 324 -17.52 -98.21 -189.94
N LEU X 325 -17.62 -99.35 -190.63
CA LEU X 325 -16.84 -99.62 -191.84
C LEU X 325 -17.30 -98.80 -193.04
N GLU X 326 -18.47 -98.14 -192.97
CA GLU X 326 -18.91 -97.20 -194.01
C GLU X 326 -18.02 -95.94 -194.07
N TYR X 327 -17.32 -95.62 -192.97
CA TYR X 327 -16.51 -94.41 -192.83
C TYR X 327 -14.99 -94.66 -192.94
N VAL X 328 -14.57 -95.91 -193.08
CA VAL X 328 -13.16 -96.31 -193.24
C VAL X 328 -12.91 -96.67 -194.70
N PRO X 329 -11.78 -96.27 -195.32
CA PRO X 329 -11.37 -96.83 -196.60
C PRO X 329 -11.16 -98.36 -196.43
N VAL X 330 -12.16 -99.14 -196.82
CA VAL X 330 -12.25 -100.57 -196.50
C VAL X 330 -11.20 -101.37 -197.26
N SER X 331 -10.30 -102.05 -196.53
CA SER X 331 -9.61 -103.24 -197.06
C SER X 331 -10.47 -104.48 -196.76
N LYS X 332 -10.51 -105.45 -197.69
CA LYS X 332 -11.30 -106.69 -197.53
C LYS X 332 -10.94 -107.47 -196.25
N ASP X 333 -9.72 -107.30 -195.75
CA ASP X 333 -9.18 -108.00 -194.58
C ASP X 333 -9.82 -107.53 -193.25
N ILE X 334 -10.26 -106.27 -193.17
CA ILE X 334 -10.82 -105.71 -191.93
C ILE X 334 -12.14 -106.39 -191.56
N ARG X 335 -13.01 -106.66 -192.56
CA ARG X 335 -14.33 -107.29 -192.32
C ARG X 335 -14.26 -108.68 -191.68
N GLN X 336 -13.11 -109.36 -191.76
CA GLN X 336 -12.93 -110.70 -191.21
C GLN X 336 -12.23 -110.71 -189.84
N THR X 337 -11.70 -109.56 -189.39
CA THR X 337 -10.90 -109.48 -188.17
C THR X 337 -11.70 -108.84 -187.06
N ALA X 338 -11.84 -109.51 -185.91
CA ALA X 338 -12.53 -108.93 -184.75
C ALA X 338 -11.84 -107.64 -184.29
N GLY X 339 -12.61 -106.56 -184.18
CA GLY X 339 -12.13 -105.23 -183.80
C GLY X 339 -11.85 -105.10 -182.31
N THR X 340 -10.76 -105.64 -181.79
CA THR X 340 -10.48 -105.69 -180.33
C THR X 340 -9.91 -104.38 -179.74
N GLY X 341 -9.41 -103.47 -180.57
CA GLY X 341 -8.77 -102.22 -180.13
C GLY X 341 -9.62 -100.95 -180.25
N HIS X 342 -10.91 -101.08 -180.61
CA HIS X 342 -11.76 -99.92 -180.83
C HIS X 342 -12.07 -99.16 -179.54
N LYS X 343 -12.16 -97.82 -179.63
CA LYS X 343 -12.52 -96.95 -178.49
C LYS X 343 -13.65 -96.00 -178.87
N LEU X 344 -14.55 -95.78 -177.93
CA LEU X 344 -15.67 -94.86 -178.05
C LEU X 344 -15.60 -93.82 -176.93
N ARG X 345 -15.78 -92.55 -177.27
CA ARG X 345 -15.97 -91.44 -176.33
C ARG X 345 -17.15 -90.59 -176.77
N LEU X 346 -17.86 -90.03 -175.79
CA LEU X 346 -18.97 -89.12 -175.99
C LEU X 346 -18.56 -87.75 -175.49
N ALA X 347 -19.01 -86.70 -176.16
CA ALA X 347 -18.86 -85.31 -175.73
C ALA X 347 -20.18 -84.60 -175.97
N PHE X 348 -20.73 -83.95 -174.95
CA PHE X 348 -22.01 -83.24 -175.04
C PHE X 348 -21.77 -81.73 -174.93
N SER X 349 -22.34 -80.97 -175.85
CA SER X 349 -22.31 -79.51 -175.83
C SER X 349 -23.63 -79.00 -175.27
N GLU X 350 -23.65 -78.57 -174.01
CA GLU X 350 -24.86 -78.03 -173.37
C GLU X 350 -25.42 -76.82 -174.12
N THR X 351 -24.54 -75.95 -174.61
CA THR X 351 -24.88 -74.72 -175.36
C THR X 351 -25.64 -74.99 -176.66
N LEU X 352 -25.31 -76.08 -177.34
CA LEU X 352 -25.93 -76.45 -178.62
C LEU X 352 -26.99 -77.54 -178.45
N GLY X 353 -27.02 -78.21 -177.31
CA GLY X 353 -27.83 -79.43 -177.09
C GLY X 353 -27.41 -80.60 -177.98
N ILE X 354 -26.15 -80.63 -178.43
CA ILE X 354 -25.65 -81.61 -179.41
C ILE X 354 -24.72 -82.62 -178.72
N LEU X 355 -24.92 -83.90 -179.03
CA LEU X 355 -24.04 -84.99 -178.62
C LEU X 355 -23.10 -85.40 -179.77
N TYR X 356 -21.81 -85.31 -179.51
CA TYR X 356 -20.75 -85.77 -180.40
C TYR X 356 -20.21 -87.15 -179.96
N LEU X 357 -19.86 -87.98 -180.94
CA LEU X 357 -19.29 -89.31 -180.75
C LEU X 357 -17.92 -89.37 -181.41
N GLY X 358 -16.88 -89.51 -180.58
CA GLY X 358 -15.52 -89.78 -181.03
C GLY X 358 -15.27 -91.29 -181.07
N VAL X 359 -15.01 -91.82 -182.25
CA VAL X 359 -14.75 -93.25 -182.48
C VAL X 359 -13.32 -93.43 -182.97
N TYR X 360 -12.54 -94.23 -182.27
CA TYR X 360 -11.24 -94.70 -182.75
C TYR X 360 -11.37 -96.14 -183.25
N LEU X 361 -11.11 -96.32 -184.54
CA LEU X 361 -11.10 -97.61 -185.21
C LEU X 361 -9.67 -98.10 -185.31
N HIS X 362 -9.28 -98.97 -184.38
CA HIS X 362 -8.04 -99.73 -184.48
C HIS X 362 -8.05 -100.63 -185.72
N THR X 363 -7.12 -100.36 -186.65
CA THR X 363 -6.79 -101.27 -187.74
C THR X 363 -5.29 -101.62 -187.68
N PRO X 364 -4.85 -102.78 -188.18
CA PRO X 364 -3.46 -103.24 -188.06
C PRO X 364 -2.43 -102.32 -188.74
N LYS X 365 -2.83 -101.61 -189.81
CA LYS X 365 -1.92 -100.78 -190.62
C LYS X 365 -1.95 -99.31 -190.22
N GLN X 366 -3.14 -98.73 -190.01
CA GLN X 366 -3.30 -97.32 -189.71
C GLN X 366 -4.58 -97.10 -188.91
N GLY X 367 -4.48 -96.55 -187.71
CA GLY X 367 -5.67 -96.20 -186.93
C GLY X 367 -6.41 -95.03 -187.57
N GLN X 368 -7.73 -94.97 -187.38
CA GLN X 368 -8.56 -93.85 -187.83
C GLN X 368 -9.43 -93.35 -186.68
N PHE X 369 -9.43 -92.02 -186.47
CA PHE X 369 -10.41 -91.33 -185.65
C PHE X 369 -11.55 -90.85 -186.53
N CYS X 370 -12.79 -91.01 -186.07
CA CYS X 370 -13.99 -90.48 -186.69
C CYS X 370 -14.79 -89.71 -185.64
N VAL X 371 -15.23 -88.50 -185.97
CA VAL X 371 -16.10 -87.69 -185.13
C VAL X 371 -17.47 -87.63 -185.78
N PHE X 372 -18.50 -88.00 -185.02
CA PHE X 372 -19.89 -87.99 -185.46
C PHE X 372 -20.73 -87.06 -184.59
N GLN X 373 -21.83 -86.58 -185.14
CA GLN X 373 -22.91 -85.91 -184.42
C GLN X 373 -24.13 -86.83 -184.37
N LEU X 374 -24.71 -87.00 -183.19
CA LEU X 374 -25.97 -87.73 -183.04
C LEU X 374 -27.13 -86.84 -183.45
N MET X 375 -27.87 -87.28 -184.47
CA MET X 375 -29.07 -86.61 -184.95
C MET X 375 -30.30 -87.41 -184.52
N CYS X 376 -31.22 -86.75 -183.83
CA CYS X 376 -32.53 -87.30 -183.47
C CYS X 376 -33.60 -86.72 -184.40
N ALA X 377 -34.23 -87.56 -185.22
CA ALA X 377 -35.41 -87.16 -185.99
C ALA X 377 -36.67 -87.25 -185.12
N GLU X 378 -37.73 -86.53 -185.47
CA GLU X 378 -39.02 -86.42 -184.73
C GLU X 378 -39.70 -87.76 -184.36
N SER X 379 -39.23 -88.89 -184.90
CA SER X 379 -39.80 -90.24 -184.72
C SER X 379 -38.96 -91.17 -183.83
N ASN X 380 -38.15 -90.65 -182.90
CA ASN X 380 -37.17 -91.43 -182.11
C ASN X 380 -36.21 -92.26 -182.98
N ARG X 381 -35.99 -91.81 -184.23
CA ARG X 381 -35.01 -92.39 -185.13
C ARG X 381 -33.71 -91.64 -184.98
N TYR X 382 -32.69 -92.35 -184.53
CA TYR X 382 -31.36 -91.83 -184.34
C TYR X 382 -30.48 -92.18 -185.53
N SER X 383 -29.67 -91.22 -185.98
CA SER X 383 -28.67 -91.39 -187.04
C SER X 383 -27.40 -90.65 -186.67
N LEU X 384 -26.28 -91.03 -187.27
CA LEU X 384 -24.99 -90.40 -187.08
C LEU X 384 -24.66 -89.57 -188.32
N ASP X 385 -24.33 -88.30 -188.10
CA ASP X 385 -23.77 -87.43 -189.13
C ASP X 385 -22.25 -87.38 -188.98
N HIS X 386 -21.50 -87.48 -190.08
CA HIS X 386 -20.03 -87.53 -190.06
C HIS X 386 -19.44 -86.12 -190.14
N ILE X 387 -18.61 -85.74 -189.18
CA ILE X 387 -17.98 -84.41 -189.12
C ILE X 387 -16.56 -84.44 -189.69
N SER X 388 -15.73 -85.36 -189.20
CA SER X 388 -14.32 -85.43 -189.59
C SER X 388 -13.72 -86.81 -189.38
N SER X 389 -12.63 -87.09 -190.12
CA SER X 389 -11.78 -88.25 -189.88
C SER X 389 -10.31 -87.88 -189.95
N ILE X 390 -9.51 -88.44 -189.05
CA ILE X 390 -8.07 -88.19 -188.95
C ILE X 390 -7.35 -89.54 -188.88
N PHE X 391 -6.34 -89.73 -189.71
CA PHE X 391 -5.45 -90.89 -189.67
C PHE X 391 -4.34 -90.68 -188.63
N THR X 392 -3.94 -91.74 -187.94
CA THR X 392 -2.84 -91.68 -186.95
C THR X 392 -1.67 -92.57 -187.37
N ASN X 393 -0.46 -92.02 -187.23
CA ASN X 393 0.80 -92.78 -187.27
C ASN X 393 1.06 -93.38 -185.88
N GLN X 394 1.70 -94.56 -185.80
CA GLN X 394 1.95 -95.28 -184.55
C GLN X 394 3.15 -94.73 -183.74
N GLU X 395 3.42 -93.44 -183.79
CA GLU X 395 4.56 -92.83 -183.10
C GLU X 395 4.22 -92.45 -181.65
N THR X 396 5.16 -92.67 -180.75
CA THR X 396 5.05 -92.35 -179.32
C THR X 396 5.86 -91.10 -179.00
N LEU X 397 5.21 -90.08 -178.45
CA LEU X 397 5.87 -88.88 -177.93
C LEU X 397 6.58 -89.18 -176.61
N ILE X 398 7.89 -88.92 -176.54
CA ILE X 398 8.70 -89.08 -175.32
C ILE X 398 9.16 -87.69 -174.86
N ASP X 399 9.04 -87.43 -173.56
CA ASP X 399 9.63 -86.24 -172.94
C ASP X 399 11.04 -86.56 -172.42
N PHE X 400 11.98 -85.65 -172.65
CA PHE X 400 13.40 -85.78 -172.27
C PHE X 400 13.69 -85.43 -170.81
N THR X 401 12.72 -84.88 -170.07
CA THR X 401 12.91 -84.57 -168.65
C THR X 401 12.75 -85.83 -167.79
N PHE X 470 13.82 -86.27 -167.12
CA PHE X 470 13.75 -87.45 -166.26
C PHE X 470 12.87 -87.24 -165.02
N THR X 471 11.90 -88.14 -164.85
CA THR X 471 11.14 -88.27 -163.61
C THR X 471 12.02 -88.83 -162.49
N ILE X 472 11.77 -88.46 -161.23
CA ILE X 472 12.46 -89.04 -160.06
C ILE X 472 12.27 -90.57 -160.03
N ALA X 473 11.09 -91.04 -160.44
CA ALA X 473 10.76 -92.46 -160.51
C ALA X 473 11.62 -93.22 -161.53
N ALA X 474 11.96 -92.62 -162.67
CA ALA X 474 12.88 -93.20 -163.65
C ALA X 474 14.29 -93.36 -163.05
N VAL X 475 14.79 -92.31 -162.40
CA VAL X 475 16.12 -92.29 -161.76
C VAL X 475 16.22 -93.32 -160.63
N GLN X 476 15.23 -93.38 -159.74
CA GLN X 476 15.20 -94.36 -158.64
C GLN X 476 15.19 -95.81 -159.15
N LYS X 477 14.44 -96.10 -160.22
CA LYS X 477 14.43 -97.43 -160.84
C LYS X 477 15.76 -97.76 -161.51
N ALA X 478 16.39 -96.80 -162.18
CA ALA X 478 17.69 -96.97 -162.79
C ALA X 478 18.76 -97.35 -161.74
N ILE X 479 18.77 -96.67 -160.58
CA ILE X 479 19.69 -96.98 -159.46
C ILE X 479 19.46 -98.40 -158.92
N GLN X 480 18.20 -98.81 -158.72
CA GLN X 480 17.89 -100.14 -158.15
C GLN X 480 18.46 -101.29 -158.99
N ILE X 481 18.42 -101.14 -160.31
CA ILE X 481 18.90 -102.16 -161.24
C ILE X 481 20.42 -102.20 -161.28
N LEU X 482 21.07 -101.03 -161.29
CA LEU X 482 22.53 -100.94 -161.18
C LEU X 482 23.03 -101.58 -159.89
N ARG X 483 22.33 -101.37 -158.76
CA ARG X 483 22.66 -102.01 -157.48
C ARG X 483 22.45 -103.53 -157.45
N LYS X 484 21.87 -104.15 -158.49
CA LYS X 484 21.48 -105.58 -158.54
C LYS X 484 20.74 -106.06 -157.26
N GLY X 485 20.05 -105.15 -156.57
CA GLY X 485 19.64 -105.34 -155.18
C GLY X 485 18.12 -105.22 -154.98
N SER X 486 17.53 -106.19 -154.27
CA SER X 486 16.13 -106.19 -153.84
C SER X 486 15.83 -105.19 -152.71
N GLY X 487 16.47 -104.02 -152.71
CA GLY X 487 16.18 -102.95 -151.75
C GLY X 487 14.76 -102.42 -151.93
N ARG X 488 14.05 -102.13 -150.83
CA ARG X 488 12.77 -101.41 -150.90
C ARG X 488 13.01 -100.03 -151.54
N VAL X 489 12.04 -99.57 -152.33
CA VAL X 489 12.00 -98.17 -152.79
C VAL X 489 11.96 -97.30 -151.54
N LEU X 490 13.06 -96.60 -151.24
CA LEU X 490 13.06 -95.58 -150.21
C LEU X 490 12.63 -94.29 -150.91
N ASP X 491 11.69 -93.55 -150.31
CA ASP X 491 11.37 -92.18 -150.70
C ASP X 491 12.57 -91.28 -150.32
N LEU X 492 13.63 -91.34 -151.13
CA LEU X 492 14.84 -90.56 -150.94
C LEU X 492 14.56 -89.09 -151.23
N SER X 493 15.14 -88.19 -150.43
CA SER X 493 15.20 -86.77 -150.78
C SER X 493 16.04 -86.56 -152.05
N TRP X 494 15.92 -85.41 -152.73
CA TRP X 494 16.74 -85.15 -153.93
C TRP X 494 18.24 -85.15 -153.64
N GLU X 495 18.64 -84.60 -152.50
CA GLU X 495 20.04 -84.58 -152.11
C GLU X 495 20.56 -85.98 -151.80
N GLU X 496 19.73 -86.80 -151.13
CA GLU X 496 20.02 -88.23 -150.94
C GLU X 496 20.07 -88.96 -152.27
N LEU X 497 19.14 -88.70 -153.18
CA LEU X 497 19.12 -89.30 -154.51
C LEU X 497 20.37 -88.91 -155.31
N ARG X 498 20.78 -87.64 -155.29
CA ARG X 498 21.99 -87.16 -155.95
C ARG X 498 23.24 -87.83 -155.37
N LYS X 499 23.34 -87.91 -154.04
CA LYS X 499 24.41 -88.64 -153.34
C LYS X 499 24.38 -90.13 -153.69
N ASP X 500 23.21 -90.73 -153.73
CA ASP X 500 23.04 -92.15 -154.04
C ASP X 500 23.39 -92.46 -155.50
N VAL X 501 23.01 -91.61 -156.45
CA VAL X 501 23.39 -91.73 -157.87
C VAL X 501 24.90 -91.62 -158.00
N THR X 502 25.50 -90.57 -157.45
CA THR X 502 26.96 -90.35 -157.52
C THR X 502 27.73 -91.51 -156.90
N LEU X 503 27.37 -91.95 -155.69
CA LEU X 503 27.99 -93.11 -155.05
C LEU X 503 27.78 -94.41 -155.84
N THR X 504 26.61 -94.62 -156.44
CA THR X 504 26.35 -95.85 -157.22
C THR X 504 27.17 -95.87 -158.50
N VAL X 505 27.25 -94.75 -159.22
CA VAL X 505 28.07 -94.63 -160.43
C VAL X 505 29.56 -94.69 -160.08
N GLU X 506 30.01 -94.04 -159.00
CA GLU X 506 31.38 -94.13 -158.50
C GLU X 506 31.77 -95.56 -158.13
N ASN X 507 30.89 -96.32 -157.48
CA ASN X 507 31.13 -97.73 -157.17
C ASN X 507 31.26 -98.59 -158.43
N GLU X 508 30.45 -98.33 -159.47
CA GLU X 508 30.58 -99.02 -160.76
C GLU X 508 31.88 -98.62 -161.49
N ILE X 509 32.30 -97.35 -161.40
CA ILE X 509 33.60 -96.89 -161.92
C ILE X 509 34.74 -97.59 -161.18
N GLN X 510 34.69 -97.66 -159.85
CA GLN X 510 35.70 -98.38 -159.04
C GLN X 510 35.75 -99.87 -159.39
N ASN X 511 34.60 -100.51 -159.63
CA ASN X 511 34.54 -101.92 -160.04
C ASN X 511 35.07 -102.15 -161.47
N ALA X 512 34.92 -101.17 -162.36
CA ALA X 512 35.44 -101.23 -163.73
C ALA X 512 36.96 -101.00 -163.80
N VAL X 513 37.52 -100.30 -162.82
CA VAL X 513 38.96 -100.09 -162.66
C VAL X 513 39.57 -101.31 -161.96
N ILE X 514 40.01 -102.29 -162.75
CA ILE X 514 40.61 -103.55 -162.24
C ILE X 514 42.06 -103.33 -161.78
N ASP X 515 42.79 -102.43 -162.45
CA ASP X 515 44.22 -102.16 -162.23
C ASP X 515 44.44 -100.85 -161.46
N TYR X 516 45.47 -100.80 -160.61
CA TYR X 516 45.83 -99.57 -159.87
C TYR X 516 46.51 -98.50 -160.75
N ASP X 517 47.04 -98.87 -161.92
CA ASP X 517 47.80 -98.00 -162.84
C ASP X 517 46.98 -97.60 -164.09
N VAL X 518 45.76 -97.06 -163.91
CA VAL X 518 44.95 -96.55 -165.03
C VAL X 518 45.41 -95.14 -165.42
N SER X 519 45.62 -94.90 -166.72
CA SER X 519 45.95 -93.56 -167.20
C SER X 519 44.77 -92.58 -167.00
N GLN X 520 45.05 -91.27 -166.85
CA GLN X 520 43.98 -90.28 -166.64
C GLN X 520 42.94 -90.27 -167.77
N GLU X 521 43.34 -90.59 -169.01
CA GLU X 521 42.47 -90.65 -170.18
C GLU X 521 41.58 -91.91 -170.17
N GLU X 522 42.13 -93.08 -169.86
CA GLU X 522 41.34 -94.31 -169.70
C GLU X 522 40.33 -94.16 -168.56
N PHE X 523 40.75 -93.55 -167.45
CA PHE X 523 39.83 -93.26 -166.33
C PHE X 523 38.71 -92.31 -166.76
N ARG X 524 39.02 -91.27 -167.55
CA ARG X 524 38.01 -90.36 -168.12
C ARG X 524 37.03 -91.09 -169.04
N GLN X 525 37.54 -91.97 -169.89
CA GLN X 525 36.71 -92.76 -170.82
C GLN X 525 35.79 -93.72 -170.06
N ILE X 526 36.30 -94.44 -169.06
CA ILE X 526 35.50 -95.32 -168.19
C ILE X 526 34.41 -94.51 -167.46
N ASN X 527 34.74 -93.30 -167.01
CA ASN X 527 33.78 -92.41 -166.35
C ASN X 527 32.64 -92.02 -167.32
N ILE X 528 32.97 -91.57 -168.54
CA ILE X 528 31.98 -91.24 -169.58
C ILE X 528 31.10 -92.45 -169.89
N GLU X 529 31.69 -93.62 -170.11
CA GLU X 529 30.94 -94.84 -170.44
C GLU X 529 29.94 -95.25 -169.35
N ASN X 530 30.33 -95.16 -168.07
CA ASN X 530 29.43 -95.50 -166.96
C ASN X 530 28.30 -94.48 -166.77
N TRP X 531 28.58 -93.18 -166.94
CA TRP X 531 27.53 -92.15 -166.98
C TRP X 531 26.58 -92.34 -168.18
N CYS X 532 27.10 -92.67 -169.36
CA CYS X 532 26.29 -92.97 -170.54
C CYS X 532 25.39 -94.21 -170.34
N LYS X 533 25.91 -95.27 -169.70
CA LYS X 533 25.10 -96.46 -169.33
C LYS X 533 23.97 -96.09 -168.36
N PHE X 534 24.28 -95.30 -167.33
CA PHE X 534 23.27 -94.80 -166.39
C PHE X 534 22.21 -93.94 -167.09
N TYR X 535 22.63 -93.01 -167.94
CA TYR X 535 21.75 -92.15 -168.72
C TYR X 535 20.83 -92.96 -169.64
N THR X 536 21.35 -93.95 -170.36
CA THR X 536 20.56 -94.85 -171.22
C THR X 536 19.51 -95.62 -170.42
N CYS X 537 19.87 -96.08 -169.22
CA CYS X 537 18.95 -96.74 -168.31
C CYS X 537 17.80 -95.81 -167.89
N CYS X 538 18.12 -94.56 -167.52
CA CYS X 538 17.13 -93.54 -167.23
C CYS X 538 16.20 -93.26 -168.42
N LEU X 539 16.73 -93.19 -169.65
CA LEU X 539 15.93 -92.97 -170.88
C LEU X 539 14.90 -94.08 -171.10
N GLN X 540 15.28 -95.35 -170.98
CA GLN X 540 14.36 -96.47 -171.16
C GLN X 540 13.20 -96.47 -170.14
N TYR X 541 13.49 -96.10 -168.89
CA TYR X 541 12.45 -95.96 -167.86
C TYR X 541 11.58 -94.73 -168.07
N GLN X 542 12.18 -93.63 -168.52
CA GLN X 542 11.46 -92.43 -168.85
C GLN X 542 10.50 -92.66 -170.01
N GLU X 543 10.93 -93.35 -171.07
CA GLU X 543 10.07 -93.75 -172.19
C GLU X 543 8.84 -94.54 -171.70
N THR X 544 9.07 -95.53 -170.82
CA THR X 544 7.99 -96.34 -170.25
C THR X 544 6.99 -95.51 -169.42
N LEU X 545 7.51 -94.58 -168.60
CA LEU X 545 6.69 -93.69 -167.76
C LEU X 545 5.99 -92.60 -168.58
N SER X 546 6.60 -92.17 -169.68
CA SER X 546 6.05 -91.17 -170.57
C SER X 546 4.87 -91.69 -171.38
N ARG X 547 4.62 -93.01 -171.47
CA ARG X 547 3.50 -93.53 -172.26
C ARG X 547 2.17 -92.82 -171.93
N PRO X 548 1.51 -92.18 -172.92
CA PRO X 548 0.24 -91.50 -172.70
C PRO X 548 -0.87 -92.52 -172.42
N LEU X 549 -1.68 -92.28 -171.38
CA LEU X 549 -2.79 -93.13 -170.97
C LEU X 549 -4.15 -92.49 -171.25
N ALA X 550 -4.29 -91.19 -170.99
CA ALA X 550 -5.53 -90.46 -171.22
C ALA X 550 -5.29 -88.97 -171.46
N LEU X 551 -6.27 -88.32 -172.10
CA LEU X 551 -6.35 -86.87 -172.23
C LEU X 551 -7.54 -86.40 -171.38
N LEU X 552 -7.31 -85.42 -170.52
CA LEU X 552 -8.32 -84.75 -169.72
C LEU X 552 -8.51 -83.35 -170.29
N VAL X 553 -9.71 -83.08 -170.83
CA VAL X 553 -10.10 -81.76 -171.32
C VAL X 553 -11.15 -81.22 -170.37
N HIS X 554 -10.85 -80.08 -169.76
CA HIS X 554 -11.77 -79.41 -168.87
C HIS X 554 -12.77 -78.58 -169.69
N PRO X 555 -14.09 -78.86 -169.61
CA PRO X 555 -15.09 -78.20 -170.46
C PRO X 555 -15.21 -76.69 -170.17
N ASP X 556 -15.22 -76.29 -168.89
CA ASP X 556 -15.47 -74.89 -168.54
C ASP X 556 -14.23 -74.00 -168.60
N THR X 557 -13.05 -74.53 -168.24
CA THR X 557 -11.80 -73.75 -168.21
C THR X 557 -10.94 -73.91 -169.46
N ASN X 558 -11.30 -74.82 -170.37
CA ASN X 558 -10.48 -75.22 -171.53
C ASN X 558 -9.06 -75.73 -171.18
N MET X 559 -8.81 -76.08 -169.92
CA MET X 559 -7.55 -76.69 -169.51
C MET X 559 -7.42 -78.08 -170.13
N VAL X 560 -6.30 -78.34 -170.77
CA VAL X 560 -6.01 -79.65 -171.37
C VAL X 560 -4.81 -80.28 -170.67
N CYS X 561 -5.01 -81.50 -170.19
CA CYS X 561 -4.08 -82.26 -169.37
C CYS X 561 -3.80 -83.62 -170.03
N LEU X 562 -2.52 -83.98 -170.20
CA LEU X 562 -2.10 -85.29 -170.68
C LEU X 562 -1.71 -86.17 -169.49
N LEU X 563 -2.51 -87.21 -169.25
CA LEU X 563 -2.25 -88.21 -168.22
C LEU X 563 -1.33 -89.30 -168.80
N ARG X 564 -0.05 -89.25 -168.43
CA ARG X 564 0.94 -90.29 -168.76
C ARG X 564 1.00 -91.31 -167.62
N LYS X 565 1.70 -92.43 -167.87
CA LYS X 565 1.80 -93.53 -166.91
C LYS X 565 2.50 -93.11 -165.61
N GLY X 566 3.57 -92.34 -165.71
CA GLY X 566 4.32 -91.87 -164.56
C GLY X 566 3.86 -90.51 -164.02
N PHE X 567 3.27 -89.68 -164.88
CA PHE X 567 3.12 -88.26 -164.58
C PHE X 567 1.99 -87.56 -165.35
N LEU X 568 1.74 -86.31 -164.97
CA LEU X 568 0.74 -85.42 -165.56
C LEU X 568 1.45 -84.25 -166.25
N SER X 569 1.10 -84.02 -167.51
CA SER X 569 1.49 -82.83 -168.27
C SER X 569 0.28 -81.94 -168.56
N PHE X 570 0.52 -80.65 -168.74
CA PHE X 570 -0.46 -79.65 -169.11
C PHE X 570 -0.14 -79.17 -170.53
N LEU X 571 -1.17 -78.90 -171.33
CA LEU X 571 -1.00 -78.32 -172.66
C LEU X 571 -1.34 -76.83 -172.58
N ALA X 572 -0.36 -75.98 -172.91
CA ALA X 572 -0.54 -74.54 -173.00
C ALA X 572 -0.50 -74.08 -174.47
N PRO X 573 -1.31 -73.10 -174.89
CA PRO X 573 -1.26 -72.59 -176.25
C PRO X 573 0.07 -71.88 -176.54
N CYS X 574 0.69 -72.18 -177.68
CA CYS X 574 1.87 -71.47 -178.14
C CYS X 574 1.55 -70.00 -178.48
N SER X 575 2.55 -69.14 -178.29
CA SER X 575 2.51 -67.79 -178.86
C SER X 575 2.72 -67.87 -180.39
N LEU X 576 2.45 -66.77 -181.11
CA LEU X 576 2.44 -66.76 -182.58
C LEU X 576 3.81 -67.17 -183.15
N VAL X 577 4.89 -66.62 -182.59
CA VAL X 577 6.26 -66.84 -183.08
C VAL X 577 6.69 -68.30 -182.91
N GLU X 578 6.42 -68.90 -181.75
CA GLU X 578 6.74 -70.30 -181.45
C GLU X 578 5.86 -71.24 -182.28
N HIS X 579 4.58 -70.91 -182.46
CA HIS X 579 3.68 -71.70 -183.31
C HIS X 579 4.21 -71.78 -184.74
N LEU X 580 4.52 -70.64 -185.37
CA LEU X 580 5.01 -70.62 -186.74
C LEU X 580 6.35 -71.35 -186.90
N TYR X 581 7.22 -71.27 -185.89
CA TYR X 581 8.53 -71.95 -185.90
C TYR X 581 8.42 -73.47 -185.72
N LEU X 582 7.54 -73.96 -184.83
CA LEU X 582 7.46 -75.38 -184.43
C LEU X 582 6.43 -76.21 -185.25
N VAL X 583 5.56 -75.58 -186.05
CA VAL X 583 4.57 -76.29 -186.88
C VAL X 583 5.26 -77.13 -187.97
N PRO X 584 4.82 -78.36 -188.29
CA PRO X 584 5.36 -79.14 -189.40
C PRO X 584 5.23 -78.41 -190.74
N ALA X 585 6.22 -78.53 -191.63
CA ALA X 585 6.28 -77.77 -192.89
C ALA X 585 5.01 -77.94 -193.77
N GLU X 586 4.41 -79.13 -193.76
CA GLU X 586 3.17 -79.45 -194.47
C GLU X 586 1.97 -78.59 -194.04
N HIS X 587 1.93 -78.19 -192.77
CA HIS X 587 0.82 -77.43 -192.19
C HIS X 587 1.08 -75.92 -192.19
N LEU X 588 2.33 -75.48 -192.35
CA LEU X 588 2.67 -74.05 -192.36
C LEU X 588 1.96 -73.30 -193.50
N LEU X 589 1.75 -73.96 -194.64
CA LEU X 589 1.03 -73.43 -195.80
C LEU X 589 -0.50 -73.34 -195.58
N THR X 590 -1.01 -73.93 -194.50
CA THR X 590 -2.45 -73.95 -194.17
C THR X 590 -2.83 -72.96 -193.07
N VAL X 591 -1.86 -72.27 -192.47
CA VAL X 591 -2.10 -71.26 -191.45
C VAL X 591 -2.84 -70.08 -192.09
N ASP X 592 -3.93 -69.64 -191.48
CA ASP X 592 -4.70 -68.50 -191.96
C ASP X 592 -3.85 -67.22 -191.83
N GLU X 593 -3.49 -66.60 -192.95
CA GLU X 593 -2.65 -65.40 -193.00
C GLU X 593 -3.26 -64.24 -192.18
N SER X 594 -4.59 -64.23 -192.01
CA SER X 594 -5.30 -63.24 -191.20
C SER X 594 -4.98 -63.29 -189.70
N VAL X 595 -4.48 -64.42 -189.19
CA VAL X 595 -4.08 -64.58 -187.78
C VAL X 595 -2.70 -63.97 -187.51
N ILE X 596 -1.87 -63.84 -188.56
CA ILE X 596 -0.49 -63.39 -188.48
C ILE X 596 -0.42 -61.86 -188.50
N SER X 597 -1.11 -61.25 -189.45
CA SER X 597 -1.18 -59.80 -189.61
C SER X 597 -2.44 -59.40 -190.39
N ASP X 598 -2.98 -58.21 -190.14
CA ASP X 598 -4.03 -57.61 -190.98
C ASP X 598 -3.54 -57.35 -192.42
N ASP X 599 -2.22 -57.25 -192.61
CA ASP X 599 -1.55 -57.03 -193.88
C ASP X 599 -1.07 -58.37 -194.49
N ILE X 600 -1.80 -58.84 -195.52
CA ILE X 600 -1.54 -60.11 -196.22
C ILE X 600 -0.08 -60.19 -196.70
N ASP X 601 0.46 -59.08 -197.22
CA ASP X 601 1.82 -59.06 -197.74
C ASP X 601 2.83 -59.25 -196.59
N ALA X 602 2.61 -58.58 -195.45
CA ALA X 602 3.45 -58.76 -194.26
C ALA X 602 3.35 -60.18 -193.68
N ALA X 603 2.16 -60.78 -193.68
CA ALA X 603 1.97 -62.17 -193.25
C ALA X 603 2.79 -63.14 -194.12
N SER X 604 2.74 -62.97 -195.45
CA SER X 604 3.51 -63.81 -196.38
C SER X 604 5.03 -63.66 -196.20
N ASP X 605 5.51 -62.43 -195.95
CA ASP X 605 6.93 -62.15 -195.68
C ASP X 605 7.40 -62.83 -194.39
N ILE X 606 6.58 -62.84 -193.34
CA ILE X 606 6.88 -63.52 -192.07
C ILE X 606 6.95 -65.04 -192.25
N VAL X 607 6.00 -65.62 -192.99
CA VAL X 607 5.99 -67.08 -193.24
C VAL X 607 7.23 -67.50 -194.03
N ASN X 608 7.57 -66.76 -195.09
CA ASN X 608 8.77 -67.02 -195.88
C ASN X 608 10.06 -66.85 -195.05
N LEU X 609 10.11 -65.84 -194.17
CA LEU X 609 11.25 -65.64 -193.26
C LEU X 609 11.42 -66.83 -192.30
N ILE X 610 10.33 -67.31 -191.70
CA ILE X 610 10.36 -68.45 -190.77
C ILE X 610 10.77 -69.75 -191.47
N GLN X 611 10.36 -69.94 -192.73
CA GLN X 611 10.87 -71.05 -193.54
C GLN X 611 12.39 -70.96 -193.72
N CYS X 612 12.95 -69.76 -193.93
CA CYS X 612 14.40 -69.56 -193.99
C CYS X 612 15.09 -69.90 -192.67
N LEU X 613 14.53 -69.49 -191.53
CA LEU X 613 15.06 -69.83 -190.21
C LEU X 613 15.08 -71.34 -189.96
N ARG X 614 14.02 -72.04 -190.38
CA ARG X 614 13.94 -73.50 -190.25
C ARG X 614 14.95 -74.23 -191.13
N MET X 615 15.11 -73.77 -192.38
CA MET X 615 16.17 -74.29 -193.23
C MET X 615 17.52 -74.16 -192.53
N ILE X 616 17.83 -73.01 -191.93
CA ILE X 616 19.07 -72.85 -191.15
C ILE X 616 19.13 -73.82 -189.96
N ALA X 617 18.04 -73.93 -189.19
CA ALA X 617 17.98 -74.79 -188.01
C ALA X 617 18.26 -76.26 -188.33
N ASP X 618 17.72 -76.78 -189.44
CA ASP X 618 17.89 -78.18 -189.87
C ASP X 618 19.35 -78.53 -190.24
N TYR X 619 20.18 -77.55 -190.59
CA TYR X 619 21.60 -77.76 -190.96
C TYR X 619 22.60 -77.42 -189.85
N ILE X 620 22.15 -76.81 -188.75
CA ILE X 620 23.03 -76.55 -187.62
C ILE X 620 23.36 -77.89 -186.92
N SER X 621 24.63 -78.27 -186.96
CA SER X 621 25.13 -79.44 -186.23
C SER X 621 25.10 -79.23 -184.70
N GLU X 622 25.14 -80.32 -183.94
CA GLU X 622 25.23 -80.28 -182.47
C GLU X 622 26.44 -79.47 -181.99
N ASP X 623 27.58 -79.58 -182.69
CA ASP X 623 28.81 -78.84 -182.39
C ASP X 623 28.64 -77.34 -182.59
N MET X 624 27.98 -76.92 -183.69
CA MET X 624 27.66 -75.52 -183.95
C MET X 624 26.66 -74.94 -182.93
N ALA X 625 25.65 -75.72 -182.56
CA ALA X 625 24.69 -75.34 -181.52
C ALA X 625 25.38 -75.16 -180.17
N TYR X 626 26.27 -76.08 -179.80
CA TYR X 626 27.08 -75.99 -178.59
C TYR X 626 28.02 -74.77 -178.63
N LEU X 627 28.62 -74.46 -179.78
CA LEU X 627 29.52 -73.32 -179.95
C LEU X 627 28.81 -71.99 -179.65
N MET X 628 27.58 -71.80 -180.13
CA MET X 628 26.77 -70.62 -179.77
C MET X 628 26.43 -70.58 -178.27
N GLU X 629 26.01 -71.70 -177.69
CA GLU X 629 25.65 -71.76 -176.26
C GLU X 629 26.86 -71.49 -175.36
N SER X 630 28.02 -72.05 -175.71
CA SER X 630 29.30 -71.81 -175.06
C SER X 630 29.75 -70.36 -175.18
N ALA X 631 29.54 -69.72 -176.34
CA ALA X 631 29.85 -68.32 -176.54
C ALA X 631 29.05 -67.40 -175.60
N CYS X 632 27.75 -67.64 -175.45
CA CYS X 632 26.90 -66.91 -174.50
C CYS X 632 27.37 -67.11 -173.05
N CYS X 633 27.73 -68.33 -172.67
CA CYS X 633 28.24 -68.65 -171.32
C CYS X 633 29.55 -67.90 -170.98
N HIS X 634 30.46 -67.85 -171.97
CA HIS X 634 31.77 -67.22 -171.86
C HIS X 634 31.78 -65.74 -172.25
N LEU X 635 30.61 -65.14 -172.51
CA LEU X 635 30.45 -63.71 -172.81
C LEU X 635 31.23 -63.26 -174.06
N GLN X 636 31.32 -64.14 -175.05
CA GLN X 636 31.83 -63.79 -176.38
C GLN X 636 30.73 -63.08 -177.17
N SER X 637 31.14 -62.25 -178.15
CA SER X 637 30.18 -61.56 -179.02
C SER X 637 29.38 -62.59 -179.84
N PRO X 638 28.05 -62.70 -179.64
CA PRO X 638 27.22 -63.66 -180.38
C PRO X 638 27.17 -63.32 -181.87
N GLU X 639 27.38 -62.06 -182.25
CA GLU X 639 27.46 -61.66 -183.66
C GLU X 639 28.65 -62.31 -184.37
N ARG X 640 29.84 -62.24 -183.77
CA ARG X 640 31.06 -62.86 -184.33
C ARG X 640 30.94 -64.38 -184.42
N VAL X 641 30.25 -64.97 -183.45
CA VAL X 641 30.03 -66.41 -183.41
C VAL X 641 29.00 -66.85 -184.45
N ALA X 642 27.94 -66.07 -184.65
CA ALA X 642 27.01 -66.29 -185.75
C ALA X 642 27.71 -66.19 -187.11
N GLU X 643 28.65 -65.26 -187.28
CA GLU X 643 29.46 -65.16 -188.49
C GLU X 643 30.37 -66.39 -188.70
N GLN X 644 30.99 -66.91 -187.64
CA GLN X 644 31.78 -68.14 -187.71
C GLN X 644 30.94 -69.36 -188.09
N ILE X 645 29.78 -69.52 -187.46
CA ILE X 645 28.85 -70.61 -187.79
C ILE X 645 28.39 -70.48 -189.25
N LEU X 646 28.14 -69.26 -189.72
CA LEU X 646 27.80 -69.02 -191.12
C LEU X 646 28.95 -69.40 -192.07
N GLU X 647 30.20 -69.09 -191.73
CA GLU X 647 31.37 -69.53 -192.50
C GLU X 647 31.46 -71.05 -192.60
N ASP X 648 31.25 -71.74 -191.49
CA ASP X 648 31.25 -73.20 -191.43
C ASP X 648 30.08 -73.81 -192.21
N LEU X 649 28.90 -73.18 -192.17
CA LEU X 649 27.73 -73.60 -192.97
C LEU X 649 27.98 -73.44 -194.46
N ILE X 650 28.57 -72.31 -194.89
CA ILE X 650 28.90 -72.07 -196.31
C ILE X 650 30.02 -73.03 -196.77
N ALA X 651 31.02 -73.28 -195.94
CA ALA X 651 32.09 -74.23 -196.25
C ALA X 651 31.57 -75.67 -196.43
N ASN X 652 30.49 -76.02 -195.72
CA ASN X 652 29.85 -77.34 -195.75
C ASN X 652 28.55 -77.39 -196.57
N ASP X 653 28.28 -76.41 -197.44
CA ASP X 653 27.04 -76.33 -198.24
C ASP X 653 27.04 -77.34 -199.42
N ILE X 654 26.84 -78.63 -199.11
CA ILE X 654 26.83 -79.72 -200.10
C ILE X 654 25.53 -79.72 -200.93
N ASP X 655 24.41 -79.29 -200.33
CA ASP X 655 23.06 -79.44 -200.90
C ASP X 655 22.49 -78.15 -201.54
N ASN X 656 23.35 -77.17 -201.85
CA ASN X 656 22.96 -75.85 -202.39
C ASN X 656 21.86 -75.16 -201.56
N ILE X 657 21.93 -75.28 -200.24
CA ILE X 657 20.92 -74.77 -199.32
C ILE X 657 20.97 -73.25 -199.29
N MET X 658 22.16 -72.66 -199.42
CA MET X 658 22.29 -71.22 -199.50
C MET X 658 21.56 -70.68 -200.73
N GLU X 659 21.53 -71.42 -201.84
CA GLU X 659 20.73 -71.09 -203.02
C GLU X 659 19.22 -71.21 -202.73
N ASN X 660 18.79 -72.25 -202.02
CA ASN X 660 17.39 -72.42 -201.61
C ASN X 660 16.91 -71.30 -200.68
N ILE X 661 17.73 -70.93 -199.69
CA ILE X 661 17.46 -69.79 -198.79
C ILE X 661 17.42 -68.49 -199.60
N GLN X 662 18.34 -68.28 -200.53
CA GLN X 662 18.33 -67.10 -201.41
C GLN X 662 17.06 -67.03 -202.26
N ASN X 663 16.67 -68.13 -202.91
CA ASN X 663 15.45 -68.21 -203.71
C ASN X 663 14.21 -67.87 -202.88
N LYS X 664 14.15 -68.36 -201.63
CA LYS X 664 13.03 -68.09 -200.74
C LYS X 664 13.04 -66.68 -200.16
N LEU X 665 14.22 -66.10 -199.93
CA LEU X 665 14.38 -64.70 -199.57
C LEU X 665 13.98 -63.76 -200.72
N GLN X 666 14.15 -64.14 -201.98
CA GLN X 666 13.65 -63.35 -203.12
C GLN X 666 12.12 -63.26 -203.15
N ASP X 667 11.40 -64.25 -202.60
CA ASP X 667 9.95 -64.18 -202.43
C ASP X 667 9.53 -63.16 -201.35
N THR X 668 10.44 -62.75 -200.45
CA THR X 668 10.14 -61.76 -199.40
C THR X 668 10.22 -60.33 -199.94
N ARG X 669 9.12 -59.59 -199.84
CA ARG X 669 9.05 -58.20 -200.32
C ARG X 669 9.79 -57.25 -199.40
N ASN X 670 9.63 -57.40 -198.09
CA ASN X 670 10.33 -56.60 -197.09
C ASN X 670 10.86 -57.46 -195.92
N PRO X 671 12.06 -58.05 -196.05
CA PRO X 671 12.64 -58.86 -194.99
C PRO X 671 12.92 -58.06 -193.72
N ILE X 672 13.25 -56.77 -193.83
CA ILE X 672 13.54 -55.90 -192.67
C ILE X 672 12.30 -55.75 -191.79
N ARG X 673 11.13 -55.52 -192.41
CA ARG X 673 9.84 -55.40 -191.68
C ARG X 673 9.48 -56.72 -191.01
N ALA X 674 9.68 -57.85 -191.67
CA ALA X 674 9.44 -59.18 -191.09
C ALA X 674 10.37 -59.47 -189.90
N ILE X 675 11.67 -59.16 -190.02
CA ILE X 675 12.64 -59.29 -188.92
C ILE X 675 12.24 -58.38 -187.75
N GLY X 676 11.92 -57.11 -188.03
CA GLY X 676 11.45 -56.16 -187.02
C GLY X 676 10.20 -56.65 -186.28
N PHE X 677 9.25 -57.26 -186.99
CA PHE X 677 8.05 -57.86 -186.40
C PHE X 677 8.39 -59.04 -185.46
N LEU X 678 9.28 -59.94 -185.87
CA LEU X 678 9.71 -61.05 -185.01
C LEU X 678 10.40 -60.55 -183.74
N LEU X 679 11.34 -59.62 -183.87
CA LEU X 679 12.05 -59.04 -182.73
C LEU X 679 11.09 -58.33 -181.78
N GLN X 680 10.12 -57.56 -182.31
CA GLN X 680 9.12 -56.86 -181.48
C GLN X 680 8.23 -57.82 -180.68
N ASN X 681 7.78 -58.94 -181.27
CA ASN X 681 6.97 -59.95 -180.56
C ASN X 681 7.78 -60.75 -179.54
N MET X 682 9.12 -60.74 -179.68
CA MET X 682 10.06 -61.36 -178.77
C MET X 682 10.65 -60.39 -177.75
N ASP X 683 10.27 -59.12 -177.75
CA ASP X 683 10.80 -58.13 -176.84
C ASP X 683 9.85 -57.91 -175.65
N TYR X 684 10.36 -58.11 -174.42
CA TYR X 684 9.61 -57.90 -173.18
C TYR X 684 10.16 -56.74 -172.35
N GLU X 685 10.95 -55.85 -172.94
CA GLU X 685 11.36 -54.62 -172.28
C GLU X 685 10.12 -53.80 -171.84
N THR X 686 10.08 -53.45 -170.55
CA THR X 686 8.92 -52.80 -169.94
C THR X 686 9.21 -51.31 -169.77
N ASN X 687 8.29 -50.45 -170.20
CA ASN X 687 8.28 -49.04 -169.77
C ASN X 687 7.82 -49.00 -168.30
N ALA X 688 8.54 -48.31 -167.42
CA ALA X 688 8.48 -48.39 -165.95
C ALA X 688 7.11 -48.13 -165.24
N ASP X 689 5.99 -48.04 -165.96
CA ASP X 689 4.65 -47.75 -165.43
C ASP X 689 3.92 -49.01 -164.89
N MET X 690 4.59 -49.78 -164.03
CA MET X 690 3.90 -50.79 -163.23
C MET X 690 3.33 -50.10 -161.98
N GLU X 691 2.12 -49.52 -162.09
CA GLU X 691 1.43 -48.85 -160.98
C GLU X 691 1.40 -49.72 -159.69
N GLN X 692 1.65 -49.08 -158.54
CA GLN X 692 1.63 -49.74 -157.24
C GLN X 692 0.20 -50.16 -156.81
N PRO X 693 0.05 -51.31 -156.14
CA PRO X 693 -1.24 -51.98 -155.93
C PRO X 693 -2.17 -51.24 -154.94
N GLN X 694 -3.43 -51.01 -155.34
CA GLN X 694 -4.48 -50.66 -154.37
C GLN X 694 -4.79 -51.85 -153.42
N PRO X 695 -4.97 -51.61 -152.11
CA PRO X 695 -5.00 -52.68 -151.09
C PRO X 695 -6.29 -53.51 -151.02
N ASN X 696 -7.44 -53.03 -151.52
CA ASN X 696 -8.75 -53.55 -151.09
C ASN X 696 -9.25 -54.84 -151.77
N THR X 697 -8.69 -55.26 -152.91
CA THR X 697 -9.13 -56.48 -153.64
C THR X 697 -8.23 -57.70 -153.41
N ARG X 698 -7.29 -57.63 -152.46
CA ARG X 698 -6.25 -58.66 -152.24
C ARG X 698 -6.74 -60.03 -151.78
N LEU X 699 -7.84 -60.14 -151.03
CA LEU X 699 -8.05 -61.31 -150.17
C LEU X 699 -8.52 -62.59 -150.90
N ASN X 700 -9.29 -62.50 -152.01
CA ASN X 700 -9.81 -63.70 -152.69
C ASN X 700 -8.91 -64.22 -153.83
N LEU X 701 -8.10 -63.34 -154.42
CA LEU X 701 -7.28 -63.64 -155.61
C LEU X 701 -5.82 -63.93 -155.28
N SER X 702 -5.37 -63.66 -154.05
CA SER X 702 -3.99 -63.92 -153.61
C SER X 702 -3.56 -65.38 -153.75
N THR X 703 -4.53 -66.30 -153.74
CA THR X 703 -4.35 -67.74 -153.85
C THR X 703 -4.49 -68.27 -155.28
N LEU X 704 -4.78 -67.44 -156.29
CA LEU X 704 -4.82 -67.92 -157.68
C LEU X 704 -3.42 -68.40 -158.13
N TYR X 705 -3.37 -69.58 -158.75
CA TYR X 705 -2.11 -70.18 -159.24
C TYR X 705 -1.02 -70.30 -158.15
N GLY X 706 -1.43 -70.39 -156.88
CA GLY X 706 -0.53 -70.42 -155.74
C GLY X 706 -0.01 -71.82 -155.39
N SER X 707 -0.45 -72.87 -156.09
CA SER X 707 0.04 -74.23 -155.84
C SER X 707 1.42 -74.47 -156.46
N ILE X 708 2.17 -75.40 -155.89
CA ILE X 708 3.50 -75.78 -156.39
C ILE X 708 3.40 -76.36 -157.80
N THR X 709 2.29 -77.08 -158.08
CA THR X 709 2.03 -77.60 -159.43
C THR X 709 1.85 -76.47 -160.43
N ALA X 710 1.06 -75.45 -160.11
CA ALA X 710 0.87 -74.29 -160.99
C ALA X 710 2.16 -73.49 -161.17
N SER X 711 2.90 -73.24 -160.09
CA SER X 711 4.22 -72.60 -160.11
C SER X 711 5.16 -73.28 -161.10
N SER X 712 5.30 -74.61 -161.01
CA SER X 712 6.18 -75.35 -161.91
C SER X 712 5.66 -75.36 -163.35
N VAL X 713 4.35 -75.47 -163.59
CA VAL X 713 3.80 -75.40 -164.95
C VAL X 713 4.11 -74.04 -165.61
N VAL X 714 3.92 -72.94 -164.87
CA VAL X 714 4.24 -71.59 -165.37
C VAL X 714 5.74 -71.44 -165.63
N CYS X 715 6.59 -71.91 -164.71
CA CYS X 715 8.04 -71.81 -164.87
C CYS X 715 8.57 -72.71 -166.01
N GLN X 716 7.95 -73.88 -166.23
CA GLN X 716 8.22 -74.72 -167.39
C GLN X 716 7.79 -74.04 -168.69
N ALA X 717 6.67 -73.30 -168.70
CA ALA X 717 6.27 -72.51 -169.87
C ALA X 717 7.36 -71.49 -170.24
N ILE X 718 7.92 -70.80 -169.25
CA ILE X 718 9.05 -69.88 -169.46
C ILE X 718 10.29 -70.60 -169.97
N CYS X 719 10.65 -71.73 -169.37
CA CYS X 719 11.80 -72.53 -169.80
C CYS X 719 11.68 -72.89 -171.28
N LYS X 720 10.50 -73.36 -171.71
CA LYS X 720 10.25 -73.73 -173.11
C LYS X 720 10.21 -72.53 -174.04
N ILE X 721 9.51 -71.46 -173.67
CA ILE X 721 9.47 -70.22 -174.48
C ILE X 721 10.86 -69.64 -174.66
N SER X 722 11.64 -69.51 -173.59
CA SER X 722 13.00 -68.99 -173.66
C SER X 722 13.93 -69.90 -174.47
N ALA X 723 13.78 -71.22 -174.37
CA ALA X 723 14.54 -72.16 -175.19
C ALA X 723 14.20 -72.04 -176.68
N THR X 724 12.91 -72.03 -177.05
CA THR X 724 12.50 -71.88 -178.46
C THR X 724 12.92 -70.53 -179.02
N ARG X 725 12.72 -69.44 -178.27
CA ARG X 725 13.09 -68.09 -178.72
C ARG X 725 14.61 -67.88 -178.79
N PHE X 726 15.38 -68.55 -177.93
CA PHE X 726 16.83 -68.58 -178.05
C PHE X 726 17.27 -69.17 -179.40
N LEU X 727 16.68 -70.30 -179.82
CA LEU X 727 16.96 -70.90 -181.12
C LEU X 727 16.58 -69.95 -182.26
N ILE X 728 15.38 -69.36 -182.20
CA ILE X 728 14.92 -68.38 -183.19
C ILE X 728 15.90 -67.20 -183.28
N CYS X 729 16.38 -66.66 -182.15
CA CYS X 729 17.34 -65.55 -182.15
C CYS X 729 18.71 -65.97 -182.74
N ARG X 730 19.18 -67.19 -182.44
CA ARG X 730 20.42 -67.73 -183.03
C ARG X 730 20.30 -67.82 -184.55
N ASP X 731 19.23 -68.45 -185.02
CA ASP X 731 19.01 -68.70 -186.45
C ASP X 731 18.77 -67.39 -187.20
N LEU X 732 18.09 -66.44 -186.54
CA LEU X 732 17.88 -65.10 -187.05
C LEU X 732 19.19 -64.32 -187.17
N LEU X 733 20.08 -64.41 -186.19
CA LEU X 733 21.41 -63.78 -186.25
C LEU X 733 22.24 -64.36 -187.41
N ILE X 734 22.23 -65.67 -187.60
CA ILE X 734 22.93 -66.33 -188.72
C ILE X 734 22.33 -65.85 -190.05
N LEU X 735 21.01 -65.77 -190.15
CA LEU X 735 20.32 -65.26 -191.34
C LEU X 735 20.65 -63.79 -191.62
N GLN X 736 20.73 -62.93 -190.60
CA GLN X 736 21.11 -61.53 -190.76
C GLN X 736 22.55 -61.37 -191.28
N HIS X 737 23.49 -62.20 -190.82
CA HIS X 737 24.86 -62.22 -191.36
C HIS X 737 24.90 -62.75 -192.80
N LEU X 738 24.05 -63.74 -193.13
CA LEU X 738 23.88 -64.18 -194.51
C LEU X 738 23.36 -63.05 -195.39
N LEU X 739 22.33 -62.31 -194.96
CA LEU X 739 21.81 -61.14 -195.67
C LEU X 739 22.87 -60.05 -195.89
N LEU X 740 23.76 -59.83 -194.91
CA LEU X 740 24.89 -58.90 -195.07
C LEU X 740 25.90 -59.39 -196.12
N ARG X 741 26.21 -60.69 -196.15
CA ARG X 741 27.16 -61.29 -197.13
C ARG X 741 26.59 -61.33 -198.55
N LEU X 742 25.28 -61.58 -198.68
CA LEU X 742 24.61 -61.61 -199.98
C LEU X 742 24.66 -60.24 -200.67
N GLY X 743 24.69 -59.15 -199.89
CA GLY X 743 24.97 -57.80 -200.37
C GLY X 743 24.09 -57.35 -201.55
N ASP X 744 24.48 -56.26 -202.19
CA ASP X 744 23.74 -55.55 -203.24
C ASP X 744 23.27 -56.41 -204.45
N MET X 745 23.69 -57.67 -204.57
CA MET X 745 23.42 -58.54 -205.72
C MET X 745 22.03 -59.18 -205.75
N ALA X 746 21.31 -59.30 -204.62
CA ALA X 746 20.12 -60.17 -204.55
C ALA X 746 18.79 -59.49 -204.11
N LEU X 747 18.83 -58.40 -203.34
CA LEU X 747 17.62 -57.80 -202.75
C LEU X 747 17.48 -56.32 -203.15
N ILE X 748 16.30 -55.95 -203.65
CA ILE X 748 15.96 -54.60 -204.14
C ILE X 748 15.95 -53.61 -202.96
N GLY X 749 17.10 -53.03 -202.59
CA GLY X 749 17.16 -52.09 -201.46
C GLY X 749 18.54 -51.81 -200.84
N ALA X 750 19.61 -51.81 -201.65
CA ALA X 750 21.03 -51.67 -201.27
C ALA X 750 21.36 -50.76 -200.06
N GLY X 751 20.89 -49.52 -200.05
CA GLY X 751 21.24 -48.54 -199.01
C GLY X 751 20.42 -48.66 -197.71
N GLN X 752 19.17 -49.15 -197.80
CA GLN X 752 18.30 -49.27 -196.62
C GLN X 752 18.60 -50.54 -195.83
N LEU X 753 18.99 -51.63 -196.50
CA LEU X 753 19.34 -52.90 -195.87
C LEU X 753 20.58 -52.78 -194.97
N LEU X 754 21.67 -52.21 -195.46
CA LEU X 754 22.90 -52.05 -194.65
C LEU X 754 22.65 -51.18 -193.41
N HIS X 755 21.93 -50.07 -193.55
CA HIS X 755 21.69 -49.16 -192.43
C HIS X 755 20.70 -49.75 -191.40
N SER X 756 19.63 -50.40 -191.86
CA SER X 756 18.67 -51.04 -190.94
C SER X 756 19.24 -52.27 -190.24
N GLN X 757 20.09 -53.07 -190.91
CA GLN X 757 20.74 -54.22 -190.28
C GLN X 757 21.73 -53.82 -189.18
N GLN X 758 22.35 -52.63 -189.28
CA GLN X 758 23.19 -52.09 -188.19
C GLN X 758 22.42 -51.88 -186.88
N GLU X 759 21.11 -51.62 -186.95
CA GLU X 759 20.26 -51.50 -185.75
C GLU X 759 19.66 -52.84 -185.31
N LEU X 760 19.32 -53.72 -186.26
CA LEU X 760 18.61 -54.96 -185.96
C LEU X 760 19.52 -56.10 -185.46
N ILE X 761 20.78 -56.16 -185.88
CA ILE X 761 21.71 -57.22 -185.44
C ILE X 761 22.03 -57.09 -183.95
N PRO X 762 22.42 -55.92 -183.41
CA PRO X 762 22.64 -55.76 -181.97
C PRO X 762 21.40 -56.08 -181.15
N ARG X 763 20.21 -55.74 -181.66
CA ARG X 763 18.94 -56.07 -181.00
C ARG X 763 18.70 -57.57 -180.93
N ALA X 764 18.94 -58.31 -182.02
CA ALA X 764 18.82 -59.76 -182.04
C ALA X 764 19.86 -60.42 -181.09
N ALA X 765 21.08 -59.89 -181.03
CA ALA X 765 22.11 -60.32 -180.09
C ALA X 765 21.72 -60.09 -178.62
N GLN X 766 21.15 -58.93 -178.30
CA GLN X 766 20.64 -58.63 -176.96
C GLN X 766 19.48 -59.55 -176.57
N LEU X 767 18.54 -59.83 -177.49
CA LEU X 767 17.46 -60.79 -177.25
C LEU X 767 18.01 -62.21 -177.04
N LEU X 768 18.98 -62.64 -177.84
CA LEU X 768 19.64 -63.94 -177.66
C LEU X 768 20.22 -64.07 -176.24
N LEU X 769 20.98 -63.07 -175.79
CA LEU X 769 21.58 -63.05 -174.46
C LEU X 769 20.50 -63.00 -173.36
N SER X 770 19.41 -62.25 -173.57
CA SER X 770 18.30 -62.15 -172.64
C SER X 770 17.56 -63.48 -172.48
N TYR X 771 17.30 -64.18 -173.59
CA TYR X 771 16.69 -65.51 -173.56
C TYR X 771 17.65 -66.57 -173.03
N TYR X 772 18.95 -66.47 -173.30
CA TYR X 772 19.95 -67.33 -172.67
C TYR X 772 19.93 -67.18 -171.14
N MET X 773 19.87 -65.95 -170.63
CA MET X 773 19.77 -65.68 -169.21
C MET X 773 18.51 -66.24 -168.56
N ILE X 774 17.35 -66.03 -169.19
CA ILE X 774 16.08 -66.55 -168.70
C ILE X 774 16.07 -68.08 -168.75
N ARG X 775 16.58 -68.69 -169.83
CA ARG X 775 16.72 -70.14 -169.97
C ARG X 775 17.63 -70.69 -168.88
N TRP X 776 18.82 -70.10 -168.68
CA TRP X 776 19.74 -70.46 -167.62
C TRP X 776 19.08 -70.38 -166.25
N GLY X 777 18.38 -69.28 -165.94
CA GLY X 777 17.68 -69.14 -164.67
C GLY X 777 16.52 -70.12 -164.49
N SER X 778 15.81 -70.45 -165.56
CA SER X 778 14.73 -71.44 -165.52
C SER X 778 15.22 -72.88 -165.30
N GLN X 779 16.52 -73.13 -165.51
CA GLN X 779 17.16 -74.44 -165.33
C GLN X 779 18.04 -74.49 -164.06
N CYS X 780 18.51 -73.34 -163.59
CA CYS X 780 19.37 -73.21 -162.43
C CYS X 780 18.60 -73.55 -161.14
N LEU X 781 19.10 -74.54 -160.39
CA LEU X 781 18.51 -74.96 -159.13
C LEU X 781 18.86 -73.97 -158.01
N ALA X 782 17.88 -73.68 -157.16
CA ALA X 782 18.11 -72.96 -155.92
C ALA X 782 18.87 -73.85 -154.91
N CYS X 783 19.78 -73.25 -154.15
CA CYS X 783 20.46 -73.88 -153.02
C CYS X 783 19.49 -74.06 -151.84
N ALA X 784 19.59 -75.20 -151.16
CA ALA X 784 18.88 -75.43 -149.91
C ALA X 784 19.52 -74.58 -148.79
N VAL X 785 18.76 -73.63 -148.25
CA VAL X 785 19.22 -72.72 -147.19
C VAL X 785 18.49 -73.07 -145.88
N PRO X 786 19.21 -73.35 -144.78
CA PRO X 786 18.60 -73.52 -143.46
C PRO X 786 17.79 -72.28 -143.03
N VAL X 787 16.63 -72.52 -142.40
CA VAL X 787 15.71 -71.44 -141.99
C VAL X 787 16.39 -70.43 -141.06
N ASP X 788 17.27 -70.88 -140.16
CA ASP X 788 18.00 -69.99 -139.23
C ASP X 788 18.93 -69.00 -139.96
N ILE X 789 19.57 -69.43 -141.05
CA ILE X 789 20.46 -68.59 -141.88
C ILE X 789 19.63 -67.59 -142.68
N LEU X 790 18.47 -68.03 -143.17
CA LEU X 790 17.55 -67.15 -143.86
C LEU X 790 16.96 -66.09 -142.91
N GLU X 791 16.51 -66.48 -141.72
CA GLU X 791 15.96 -65.54 -140.72
C GLU X 791 17.00 -64.52 -140.28
N SER X 792 18.25 -64.94 -140.08
CA SER X 792 19.35 -64.01 -139.80
C SER X 792 19.67 -63.10 -140.99
N ASN X 793 19.73 -63.60 -142.23
CA ASN X 793 19.89 -62.74 -143.42
C ASN X 793 18.75 -61.73 -143.54
N LEU X 794 17.50 -62.13 -143.30
CA LEU X 794 16.36 -61.21 -143.30
C LEU X 794 16.46 -60.16 -142.18
N GLN X 795 16.97 -60.51 -141.00
CA GLN X 795 17.27 -59.51 -139.97
C GLN X 795 18.34 -58.53 -140.46
N HIS X 796 19.44 -59.00 -141.08
CA HIS X 796 20.46 -58.13 -141.66
C HIS X 796 19.92 -57.24 -142.80
N LEU X 797 19.07 -57.78 -143.68
CA LEU X 797 18.42 -57.03 -144.75
C LEU X 797 17.34 -56.07 -144.23
N SER X 798 16.68 -56.39 -143.11
CA SER X 798 15.73 -55.49 -142.44
C SER X 798 16.44 -54.29 -141.84
N VAL X 799 17.68 -54.46 -141.37
CA VAL X 799 18.55 -53.33 -140.99
C VAL X 799 18.78 -52.43 -142.19
N LEU X 800 18.90 -52.99 -143.41
CA LEU X 800 18.97 -52.25 -144.67
C LEU X 800 17.61 -51.75 -145.19
N GLU X 801 16.49 -52.09 -144.54
CA GLU X 801 15.10 -51.83 -144.97
C GLU X 801 14.75 -52.38 -146.36
N LEU X 802 15.46 -53.42 -146.81
CA LEU X 802 15.18 -54.14 -148.05
C LEU X 802 14.01 -55.14 -147.92
N SER X 803 13.31 -55.18 -146.78
CA SER X 803 12.25 -56.16 -146.51
C SER X 803 11.04 -55.53 -145.81
N ASP X 804 9.98 -55.21 -146.57
CA ASP X 804 8.66 -54.88 -146.01
C ASP X 804 7.82 -56.13 -145.67
N SER X 805 8.15 -57.28 -146.27
CA SER X 805 7.32 -58.47 -146.15
C SER X 805 7.59 -59.21 -144.84
N GLN X 806 6.60 -59.24 -143.94
CA GLN X 806 6.58 -60.16 -142.81
C GLN X 806 6.86 -61.58 -143.29
N VAL X 807 7.71 -62.31 -142.57
CA VAL X 807 7.91 -63.76 -142.73
C VAL X 807 6.59 -64.43 -142.37
N GLU X 808 5.67 -64.52 -143.34
CA GLU X 808 4.68 -65.59 -143.27
C GLU X 808 5.48 -66.87 -143.10
N LYS X 809 5.17 -67.63 -142.06
CA LYS X 809 5.82 -68.90 -141.68
C LYS X 809 5.70 -69.89 -142.83
N ARG X 810 6.46 -69.69 -143.91
CA ARG X 810 6.56 -70.60 -145.03
C ARG X 810 7.40 -71.74 -144.54
N ARG X 811 6.74 -72.87 -144.26
CA ARG X 811 7.42 -74.15 -144.36
C ARG X 811 7.90 -74.20 -145.81
N TYR X 812 9.19 -73.98 -146.05
CA TYR X 812 9.80 -74.36 -147.32
C TYR X 812 9.40 -75.82 -147.52
N THR X 813 8.42 -76.04 -148.39
CA THR X 813 8.10 -77.37 -148.86
C THR X 813 9.38 -77.85 -149.50
N SER X 814 9.95 -78.91 -148.93
CA SER X 814 11.34 -79.30 -149.13
C SER X 814 11.59 -79.94 -150.51
N GLY X 815 10.89 -79.45 -151.53
CA GLY X 815 11.05 -79.77 -152.93
C GLY X 815 12.18 -78.95 -153.56
N ILE X 816 12.74 -79.51 -154.61
CA ILE X 816 13.71 -78.85 -155.47
C ILE X 816 12.96 -77.77 -156.24
N GLN X 817 13.46 -76.55 -156.22
CA GLN X 817 12.93 -75.46 -157.04
C GLN X 817 14.05 -74.81 -157.85
N THR X 818 13.72 -74.31 -159.03
CA THR X 818 14.61 -73.43 -159.78
C THR X 818 14.57 -72.03 -159.19
N ILE X 819 15.56 -71.20 -159.52
CA ILE X 819 15.58 -69.81 -159.07
C ILE X 819 14.38 -69.01 -159.63
N VAL X 820 13.84 -69.42 -160.78
CA VAL X 820 12.62 -68.83 -161.35
C VAL X 820 11.37 -69.29 -160.60
N GLU X 821 11.27 -70.56 -160.21
CA GLU X 821 10.18 -71.06 -159.34
C GLU X 821 10.19 -70.32 -157.98
N LEU X 822 11.39 -70.15 -157.40
CA LEU X 822 11.56 -69.38 -156.16
C LEU X 822 11.10 -67.92 -156.32
N PHE X 823 11.49 -67.26 -157.41
CA PHE X 823 11.07 -65.89 -157.72
C PHE X 823 9.56 -65.77 -157.92
N PHE X 824 8.97 -66.74 -158.64
CA PHE X 824 7.55 -66.79 -158.89
C PHE X 824 6.76 -66.84 -157.58
N GLU X 825 7.11 -67.76 -156.69
CA GLU X 825 6.41 -67.96 -155.42
C GLU X 825 6.56 -66.78 -154.45
N ASP X 826 7.74 -66.15 -154.45
CA ASP X 826 8.07 -65.12 -153.47
C ASP X 826 7.61 -63.72 -153.85
N VAL X 827 7.79 -63.34 -155.12
CA VAL X 827 7.56 -61.97 -155.60
C VAL X 827 6.44 -61.93 -156.63
N ALA X 828 6.62 -62.58 -157.79
CA ALA X 828 5.73 -62.41 -158.94
C ALA X 828 4.27 -62.76 -158.60
N ARG X 829 4.06 -63.81 -157.78
CA ARG X 829 2.74 -64.24 -157.32
C ARG X 829 1.91 -63.14 -156.68
N LYS X 830 2.54 -62.27 -155.89
CA LYS X 830 1.84 -61.20 -155.16
C LYS X 830 1.27 -60.12 -156.09
N HIS X 831 1.79 -60.03 -157.32
CA HIS X 831 1.37 -59.04 -158.30
C HIS X 831 0.29 -59.57 -159.27
N PHE X 832 0.06 -60.89 -159.38
CA PHE X 832 -0.93 -61.44 -160.32
C PHE X 832 -2.38 -60.99 -160.12
N PRO X 833 -2.90 -60.82 -158.88
CA PRO X 833 -4.25 -60.28 -158.70
C PRO X 833 -4.45 -58.93 -159.38
N HIS X 834 -3.39 -58.11 -159.46
CA HIS X 834 -3.43 -56.80 -160.08
C HIS X 834 -3.47 -56.88 -161.61
N VAL X 835 -2.64 -57.73 -162.21
CA VAL X 835 -2.62 -58.00 -163.65
C VAL X 835 -3.98 -58.50 -164.14
N PHE X 836 -4.64 -59.32 -163.31
CA PHE X 836 -6.00 -59.81 -163.59
C PHE X 836 -7.02 -58.66 -163.61
N ILE X 837 -6.95 -57.72 -162.66
CA ILE X 837 -7.90 -56.60 -162.54
C ILE X 837 -7.69 -55.51 -163.62
N GLN X 838 -6.44 -55.11 -163.90
CA GLN X 838 -6.15 -54.03 -164.85
C GLN X 838 -6.62 -54.36 -166.29
N SER X 839 -6.71 -55.63 -166.65
CA SER X 839 -7.00 -56.06 -168.03
C SER X 839 -8.49 -56.12 -168.38
N GLY X 840 -9.36 -55.38 -167.69
CA GLY X 840 -10.79 -55.28 -168.01
C GLY X 840 -11.70 -56.32 -167.32
N ALA X 841 -11.15 -57.21 -166.49
CA ALA X 841 -11.92 -58.17 -165.69
C ALA X 841 -12.57 -57.51 -164.44
N SER X 842 -13.14 -56.32 -164.60
CA SER X 842 -13.87 -55.60 -163.54
C SER X 842 -15.18 -56.30 -163.16
N GLN X 843 -15.56 -57.37 -163.86
CA GLN X 843 -16.66 -58.25 -163.50
C GLN X 843 -16.08 -59.56 -162.93
N LEU X 844 -16.24 -59.77 -161.63
CA LEU X 844 -15.96 -61.05 -160.92
C LEU X 844 -16.74 -62.27 -161.46
N GLN X 845 -17.47 -62.13 -162.57
CA GLN X 845 -18.34 -63.13 -163.19
C GLN X 845 -17.75 -63.78 -164.46
N GLU X 846 -16.61 -63.30 -164.99
CA GLU X 846 -16.00 -63.98 -166.14
C GLU X 846 -15.47 -65.37 -165.75
N PRO X 847 -15.80 -66.43 -166.51
CA PRO X 847 -15.28 -67.77 -166.25
C PRO X 847 -13.76 -67.81 -166.48
N LEU X 848 -13.05 -68.53 -165.61
CA LEU X 848 -11.62 -68.75 -165.75
C LEU X 848 -11.30 -69.51 -167.04
N ASN X 849 -10.52 -68.92 -167.93
CA ASN X 849 -10.01 -69.58 -169.15
C ASN X 849 -8.51 -69.87 -169.02
N TRP X 850 -8.13 -71.15 -169.00
CA TRP X 850 -6.75 -71.63 -168.90
C TRP X 850 -5.85 -71.01 -169.97
N SER X 851 -6.29 -71.06 -171.23
CA SER X 851 -5.49 -70.64 -172.40
C SER X 851 -5.10 -69.16 -172.35
N ASP X 852 -6.02 -68.29 -171.95
CA ASP X 852 -5.75 -66.85 -171.84
C ASP X 852 -4.93 -66.54 -170.59
N LEU X 853 -5.25 -67.21 -169.49
CA LEU X 853 -4.63 -66.94 -168.20
C LEU X 853 -3.17 -67.38 -168.17
N ILE X 854 -2.85 -68.59 -168.65
CA ILE X 854 -1.47 -69.07 -168.71
C ILE X 854 -0.60 -68.16 -169.60
N LYS X 855 -1.13 -67.70 -170.74
CA LYS X 855 -0.43 -66.78 -171.65
C LYS X 855 -0.15 -65.43 -170.98
N ARG X 856 -1.13 -64.86 -170.29
CA ARG X 856 -0.99 -63.59 -169.56
C ARG X 856 0.02 -63.70 -168.42
N ILE X 857 -0.09 -64.75 -167.61
CA ILE X 857 0.83 -65.01 -166.49
C ILE X 857 2.26 -65.16 -167.00
N THR X 858 2.45 -65.93 -168.07
CA THR X 858 3.77 -66.21 -168.62
C THR X 858 4.41 -64.94 -169.21
N ASN X 859 3.65 -64.13 -169.95
CA ASN X 859 4.13 -62.84 -170.47
C ASN X 859 4.51 -61.87 -169.35
N TYR X 860 3.70 -61.79 -168.30
CA TYR X 860 3.98 -60.92 -167.15
C TYR X 860 5.25 -61.36 -166.41
N LEU X 861 5.39 -62.67 -166.19
CA LEU X 861 6.58 -63.21 -165.52
C LEU X 861 7.83 -63.02 -166.39
N LEU X 862 7.73 -63.11 -167.72
CA LEU X 862 8.83 -62.78 -168.64
C LEU X 862 9.25 -61.31 -168.55
N GLN X 863 8.30 -60.37 -168.41
CA GLN X 863 8.61 -58.95 -168.18
C GLN X 863 9.37 -58.74 -166.87
N LEU X 864 8.97 -59.42 -165.79
CA LEU X 864 9.64 -59.33 -164.48
C LEU X 864 11.05 -59.95 -164.49
N LEU X 865 11.24 -61.04 -165.24
CA LEU X 865 12.54 -61.71 -165.40
C LEU X 865 13.44 -61.01 -166.43
N TRP X 866 12.91 -60.02 -167.16
CA TRP X 866 13.64 -59.37 -168.23
C TRP X 866 14.90 -58.66 -167.69
N PRO X 867 16.09 -58.90 -168.25
CA PRO X 867 17.34 -58.38 -167.69
C PRO X 867 17.44 -56.84 -167.62
N SER X 868 16.75 -56.14 -168.53
CA SER X 868 16.67 -54.67 -168.54
C SER X 868 15.56 -54.11 -167.65
N ASN X 869 14.88 -54.92 -166.83
CA ASN X 869 13.78 -54.43 -166.01
C ASN X 869 14.29 -53.50 -164.88
N PRO X 870 13.87 -52.23 -164.81
CA PRO X 870 14.37 -51.27 -163.82
C PRO X 870 13.99 -51.63 -162.37
N ASN X 871 12.94 -52.44 -162.16
CA ASN X 871 12.52 -52.82 -160.81
C ASN X 871 13.53 -53.73 -160.09
N PHE X 872 14.42 -54.40 -160.82
CA PHE X 872 15.51 -55.25 -160.31
C PHE X 872 15.10 -56.34 -159.28
N GLN X 873 13.82 -56.72 -159.29
CA GLN X 873 13.20 -57.60 -158.28
C GLN X 873 13.74 -59.02 -158.28
N PHE X 874 14.20 -59.53 -159.43
CA PHE X 874 14.73 -60.89 -159.54
C PHE X 874 15.99 -61.05 -158.69
N ALA X 875 16.97 -60.16 -158.86
CA ALA X 875 18.21 -60.16 -158.08
C ALA X 875 17.95 -59.91 -156.59
N GLU X 876 17.03 -58.99 -156.26
CA GLU X 876 16.59 -58.74 -154.89
C GLU X 876 16.02 -60.00 -154.22
N CYS X 877 15.19 -60.76 -154.94
CA CYS X 877 14.63 -62.02 -154.45
C CYS X 877 15.72 -63.07 -154.16
N LEU X 878 16.73 -63.17 -155.03
CA LEU X 878 17.86 -64.09 -154.82
C LEU X 878 18.68 -63.70 -153.59
N MET X 879 18.97 -62.42 -153.42
CA MET X 879 19.69 -61.91 -152.24
C MET X 879 18.91 -62.20 -150.94
N ARG X 880 17.60 -61.95 -150.96
CA ARG X 880 16.72 -62.20 -149.82
C ARG X 880 16.65 -63.68 -149.42
N ASN X 881 16.69 -64.58 -150.39
CA ASN X 881 16.66 -66.03 -150.17
C ASN X 881 18.06 -66.68 -150.03
N CYS X 882 19.11 -65.87 -149.78
CA CYS X 882 20.50 -66.31 -149.60
C CYS X 882 21.09 -67.10 -150.80
N GLN X 883 20.63 -66.83 -152.01
CA GLN X 883 21.08 -67.52 -153.24
C GLN X 883 22.32 -66.86 -153.83
N TYR X 884 23.37 -66.71 -153.03
CA TYR X 884 24.55 -65.90 -153.37
C TYR X 884 25.33 -66.42 -154.58
N THR X 885 25.51 -67.74 -154.70
CA THR X 885 26.24 -68.35 -155.82
C THR X 885 25.53 -68.14 -157.16
N GLN X 886 24.20 -68.29 -157.16
CA GLN X 886 23.37 -68.07 -158.34
C GLN X 886 23.30 -66.57 -158.67
N LEU X 887 23.24 -65.70 -157.66
CA LEU X 887 23.26 -64.26 -157.85
C LEU X 887 24.59 -63.77 -158.42
N GLN X 888 25.73 -64.30 -157.94
CA GLN X 888 27.05 -64.01 -158.52
C GLN X 888 27.13 -64.42 -160.00
N GLU X 889 26.64 -65.61 -160.34
CA GLU X 889 26.64 -66.09 -161.72
C GLU X 889 25.68 -65.28 -162.61
N TYR X 890 24.50 -64.93 -162.10
CA TYR X 890 23.54 -64.05 -162.77
C TYR X 890 24.17 -62.68 -163.08
N VAL X 891 24.80 -62.05 -162.09
CA VAL X 891 25.48 -60.76 -162.25
C VAL X 891 26.67 -60.86 -163.20
N ARG X 892 27.45 -61.94 -163.13
CA ARG X 892 28.57 -62.21 -164.06
C ARG X 892 28.07 -62.27 -165.49
N LEU X 893 26.98 -62.98 -165.74
CA LEU X 893 26.41 -63.13 -167.07
C LEU X 893 25.74 -61.83 -167.58
N LEU X 894 25.31 -60.92 -166.68
CA LEU X 894 24.54 -59.71 -167.03
C LEU X 894 25.42 -58.47 -167.28
N LEU X 895 26.37 -58.19 -166.40
CA LEU X 895 27.15 -56.92 -166.38
C LEU X 895 27.85 -56.54 -167.69
N PRO X 896 28.39 -57.48 -168.51
CA PRO X 896 29.16 -57.11 -169.71
C PRO X 896 28.35 -56.41 -170.80
N TRP X 897 27.03 -56.60 -170.84
CA TRP X 897 26.18 -56.14 -171.94
C TRP X 897 24.92 -55.37 -171.50
N CYS X 898 24.42 -55.57 -170.28
CA CYS X 898 23.27 -54.81 -169.77
C CYS X 898 23.73 -53.62 -168.91
N GLN X 899 23.33 -52.39 -169.30
CA GLN X 899 23.75 -51.13 -168.65
C GLN X 899 22.65 -50.48 -167.79
N VAL X 900 21.49 -51.13 -167.59
CA VAL X 900 20.34 -50.51 -166.92
C VAL X 900 20.48 -50.49 -165.39
N ASN X 901 20.92 -51.60 -164.79
CA ASN X 901 20.98 -51.79 -163.33
C ASN X 901 22.41 -52.09 -162.85
N VAL X 902 23.41 -51.39 -163.39
CA VAL X 902 24.83 -51.66 -163.15
C VAL X 902 25.18 -51.41 -161.69
N GLY X 903 24.75 -50.29 -161.11
CA GLY X 903 25.01 -49.95 -159.72
C GLY X 903 24.41 -50.97 -158.75
N SER X 904 23.16 -51.35 -159.00
CA SER X 904 22.42 -52.34 -158.22
C SER X 904 23.06 -53.72 -158.30
N CYS X 905 23.55 -54.12 -159.48
CA CYS X 905 24.34 -55.33 -159.65
C CYS X 905 25.64 -55.31 -158.82
N HIS X 906 26.40 -54.21 -158.85
CA HIS X 906 27.61 -54.07 -158.04
C HIS X 906 27.31 -54.08 -156.55
N PHE X 907 26.22 -53.45 -156.10
CA PHE X 907 25.78 -53.49 -154.71
C PHE X 907 25.43 -54.91 -154.25
N MET X 908 24.65 -55.65 -155.05
CA MET X 908 24.32 -57.05 -154.76
C MET X 908 25.56 -57.95 -154.75
N LEU X 909 26.46 -57.75 -155.71
CA LEU X 909 27.72 -58.48 -155.80
C LEU X 909 28.61 -58.19 -154.59
N ALA X 910 28.65 -56.94 -154.12
CA ALA X 910 29.38 -56.55 -152.91
C ALA X 910 28.85 -57.27 -151.67
N GLN X 911 27.53 -57.38 -151.53
CA GLN X 911 26.92 -58.16 -150.45
C GLN X 911 27.27 -59.66 -150.54
N CYS X 912 27.27 -60.23 -151.74
CA CYS X 912 27.70 -61.62 -151.95
C CYS X 912 29.16 -61.83 -151.54
N TYR X 913 30.07 -60.91 -151.89
CA TYR X 913 31.48 -60.98 -151.48
C TYR X 913 31.67 -60.81 -149.98
N LEU X 914 30.85 -59.97 -149.33
CA LEU X 914 30.88 -59.80 -147.88
C LEU X 914 30.52 -61.10 -147.16
N VAL X 915 29.48 -61.80 -147.62
CA VAL X 915 29.09 -63.11 -147.08
C VAL X 915 30.15 -64.19 -147.37
N ALA X 916 30.81 -64.12 -148.53
CA ALA X 916 31.92 -65.01 -148.86
C ALA X 916 33.21 -64.73 -148.06
N GLY X 917 33.27 -63.65 -147.27
CA GLY X 917 34.45 -63.23 -146.51
C GLY X 917 35.49 -62.45 -147.32
N GLU X 918 35.20 -62.08 -148.57
CA GLU X 918 36.08 -61.33 -149.45
C GLU X 918 35.86 -59.80 -149.34
N GLY X 919 36.10 -59.25 -148.14
CA GLY X 919 35.74 -57.87 -147.83
C GLY X 919 36.38 -56.78 -148.72
N HIS X 920 37.61 -56.97 -149.21
CA HIS X 920 38.24 -55.99 -150.11
C HIS X 920 37.51 -55.87 -151.46
N LYS X 921 37.12 -57.00 -152.08
CA LYS X 921 36.35 -56.98 -153.33
C LYS X 921 34.96 -56.39 -153.10
N ALA X 922 34.36 -56.66 -151.94
CA ALA X 922 33.09 -56.05 -151.55
C ALA X 922 33.18 -54.53 -151.52
N LEU X 923 34.26 -53.98 -150.95
CA LEU X 923 34.48 -52.53 -150.88
C LEU X 923 34.63 -51.88 -152.28
N ASP X 924 35.38 -52.52 -153.18
CA ASP X 924 35.54 -52.05 -154.56
C ASP X 924 34.18 -52.00 -155.28
N CYS X 925 33.37 -53.05 -155.13
CA CYS X 925 32.03 -53.11 -155.70
C CYS X 925 31.08 -52.08 -155.07
N PHE X 926 31.11 -51.86 -153.74
CA PHE X 926 30.34 -50.79 -153.10
C PHE X 926 30.74 -49.40 -153.62
N SER X 927 32.02 -49.17 -153.87
CA SER X 927 32.52 -47.90 -154.41
C SER X 927 32.07 -47.67 -155.85
N GLN X 928 32.02 -48.73 -156.66
CA GLN X 928 31.49 -48.65 -158.03
C GLN X 928 29.98 -48.38 -158.03
N ALA X 929 29.24 -49.07 -157.17
CA ALA X 929 27.79 -48.87 -157.01
C ALA X 929 27.43 -47.43 -156.62
N ALA X 930 28.27 -46.77 -155.81
CA ALA X 930 28.06 -45.38 -155.38
C ALA X 930 27.91 -44.38 -156.54
N SER X 931 28.47 -44.66 -157.72
CA SER X 931 28.42 -43.77 -158.87
C SER X 931 27.04 -43.67 -159.53
N GLU X 932 26.22 -44.72 -159.43
CA GLU X 932 24.91 -44.88 -160.11
C GLU X 932 23.71 -44.71 -159.15
N VAL X 933 23.96 -44.35 -157.89
CA VAL X 933 22.95 -44.26 -156.82
C VAL X 933 21.77 -43.32 -157.13
N GLU X 934 22.01 -42.25 -157.90
CA GLU X 934 20.98 -41.27 -158.28
C GLU X 934 20.16 -41.68 -159.52
N ARG X 935 20.60 -42.70 -160.27
CA ARG X 935 20.00 -43.11 -161.55
C ARG X 935 19.09 -44.31 -161.43
N GLU X 936 19.33 -45.17 -160.44
CA GLU X 936 18.66 -46.45 -160.32
C GLU X 936 17.66 -46.47 -159.15
N ASP X 937 16.41 -46.82 -159.45
CA ASP X 937 15.31 -46.84 -158.47
C ASP X 937 15.60 -47.72 -157.25
N PHE X 938 16.28 -48.86 -157.45
CA PHE X 938 16.65 -49.77 -156.36
C PHE X 938 17.62 -49.12 -155.37
N LEU X 939 18.65 -48.41 -155.86
CA LEU X 939 19.60 -47.71 -155.00
C LEU X 939 18.95 -46.48 -154.36
N GLU X 940 18.04 -45.80 -155.05
CA GLU X 940 17.29 -44.69 -154.50
C GLU X 940 16.42 -45.10 -153.29
N LYS X 941 15.82 -46.30 -153.33
CA LYS X 941 15.07 -46.86 -152.18
C LYS X 941 15.92 -46.97 -150.92
N LEU X 942 17.24 -47.21 -151.04
CA LEU X 942 18.15 -47.30 -149.88
C LEU X 942 18.39 -45.94 -149.19
N ILE X 943 18.04 -44.82 -149.85
CA ILE X 943 18.34 -43.45 -149.43
C ILE X 943 17.11 -42.77 -148.81
N ARG X 944 15.90 -43.02 -149.35
CA ARG X 944 14.68 -42.21 -149.11
C ARG X 944 14.17 -42.12 -147.66
N VAL X 945 14.77 -42.78 -146.66
CA VAL X 945 14.20 -42.88 -145.30
C VAL X 945 14.82 -41.92 -144.28
N GLU X 946 16.00 -41.35 -144.51
CA GLU X 946 16.51 -40.30 -143.62
C GLU X 946 15.92 -38.94 -144.05
N GLU X 947 14.75 -38.55 -143.52
CA GLU X 947 14.12 -37.21 -143.66
C GLU X 947 14.96 -36.06 -143.03
N GLY X 948 16.29 -36.20 -142.97
CA GLY X 948 17.23 -35.20 -142.45
C GLY X 948 17.82 -34.30 -143.53
N GLU X 949 18.13 -33.06 -143.14
CA GLU X 949 18.70 -31.96 -143.94
C GLU X 949 19.72 -32.39 -145.03
N SER X 950 19.66 -31.74 -146.20
CA SER X 950 20.55 -31.74 -147.38
C SER X 950 21.92 -32.45 -147.28
N VAL X 951 21.93 -33.78 -147.13
CA VAL X 951 23.12 -34.62 -147.34
C VAL X 951 23.12 -35.15 -148.78
N SER X 952 24.26 -35.21 -149.44
CA SER X 952 24.38 -35.79 -150.79
C SER X 952 23.94 -37.27 -150.78
N PRO X 953 23.20 -37.74 -151.80
CA PRO X 953 22.69 -39.12 -151.84
C PRO X 953 23.81 -40.16 -151.78
N ARG X 954 24.98 -39.87 -152.37
CA ARG X 954 26.18 -40.70 -152.24
C ARG X 954 26.68 -40.81 -150.80
N LEU X 955 26.67 -39.72 -150.04
CA LEU X 955 27.08 -39.75 -148.63
C LEU X 955 26.08 -40.56 -147.78
N GLN X 956 24.78 -40.45 -148.07
CA GLN X 956 23.76 -41.28 -147.40
C GLN X 956 23.97 -42.77 -147.70
N TYR X 957 24.24 -43.11 -148.97
CA TYR X 957 24.62 -44.46 -149.37
C TYR X 957 25.88 -44.95 -148.63
N TYR X 958 26.96 -44.17 -148.60
CA TYR X 958 28.16 -44.55 -147.86
C TYR X 958 27.92 -44.72 -146.36
N ASN X 959 27.08 -43.88 -145.75
CA ASN X 959 26.69 -44.05 -144.34
C ASN X 959 25.97 -45.38 -144.11
N ARG X 960 25.14 -45.82 -145.07
CA ARG X 960 24.45 -47.11 -145.03
C ARG X 960 25.42 -48.28 -145.16
N VAL X 961 26.34 -48.23 -146.12
CA VAL X 961 27.38 -49.25 -146.30
C VAL X 961 28.32 -49.30 -145.08
N LEU X 962 28.65 -48.16 -144.47
CA LEU X 962 29.45 -48.12 -143.25
C LEU X 962 28.76 -48.81 -142.07
N ARG X 963 27.44 -48.63 -141.89
CA ARG X 963 26.67 -49.37 -140.86
C ARG X 963 26.77 -50.88 -141.11
N LEU X 964 26.62 -51.31 -142.36
CA LEU X 964 26.71 -52.71 -142.75
C LEU X 964 28.12 -53.31 -142.52
N LEU X 965 29.19 -52.59 -142.83
CA LEU X 965 30.57 -53.06 -142.58
C LEU X 965 30.90 -53.12 -141.07
N GLU X 966 30.29 -52.25 -140.26
CA GLU X 966 30.42 -52.30 -138.80
C GLU X 966 29.68 -53.50 -138.19
N ASP X 967 28.49 -53.82 -138.68
CA ASP X 967 27.72 -54.98 -138.23
C ASP X 967 28.44 -56.30 -138.51
N VAL X 968 29.16 -56.40 -139.64
CA VAL X 968 29.99 -57.56 -139.99
C VAL X 968 31.32 -57.59 -139.21
N GLY X 969 31.76 -56.46 -138.67
CA GLY X 969 32.96 -56.37 -137.83
C GLY X 969 34.27 -56.27 -138.62
N LEU X 970 34.31 -55.54 -139.74
CA LEU X 970 35.51 -55.36 -140.57
C LEU X 970 36.09 -53.92 -140.46
N PRO X 971 36.85 -53.60 -139.39
CA PRO X 971 37.25 -52.22 -139.08
C PRO X 971 38.17 -51.58 -140.13
N GLU X 972 39.05 -52.35 -140.77
CA GLU X 972 39.96 -51.83 -141.81
C GLU X 972 39.20 -51.27 -143.02
N LEU X 973 38.16 -51.96 -143.46
CA LEU X 973 37.33 -51.55 -144.59
C LEU X 973 36.44 -50.37 -144.22
N VAL X 974 35.96 -50.32 -142.97
CA VAL X 974 35.22 -49.16 -142.45
C VAL X 974 36.08 -47.90 -142.53
N ILE X 975 37.37 -47.98 -142.20
CA ILE X 975 38.29 -46.84 -142.30
C ILE X 975 38.53 -46.43 -143.75
N GLN X 976 38.76 -47.38 -144.65
CA GLN X 976 38.95 -47.08 -146.08
C GLN X 976 37.71 -46.40 -146.67
N LEU X 977 36.52 -46.95 -146.42
CA LEU X 977 35.26 -46.37 -146.89
C LEU X 977 34.97 -45.01 -146.26
N ALA X 978 35.20 -44.84 -144.95
CA ALA X 978 34.99 -43.57 -144.28
C ALA X 978 35.95 -42.48 -144.80
N THR X 979 37.17 -42.86 -145.19
CA THR X 979 38.12 -41.93 -145.82
C THR X 979 37.63 -41.47 -147.19
N ILE X 980 37.06 -42.37 -148.00
CA ILE X 980 36.42 -42.04 -149.28
C ILE X 980 35.19 -41.14 -149.05
N ALA X 981 34.34 -41.50 -148.08
CA ALA X 981 33.13 -40.75 -147.74
C ALA X 981 33.42 -39.32 -147.26
N ILE X 982 34.57 -39.07 -146.59
CA ILE X 982 35.00 -37.72 -146.23
C ILE X 982 35.27 -36.86 -147.47
N GLY X 983 35.79 -37.44 -148.55
CA GLY X 983 36.01 -36.74 -149.82
C GLY X 983 34.71 -36.23 -150.45
N GLU X 984 33.63 -37.00 -150.32
CA GLU X 984 32.30 -36.67 -150.84
C GLU X 984 31.53 -35.70 -149.92
N ALA X 985 31.91 -35.62 -148.64
CA ALA X 985 31.29 -34.77 -147.63
C ALA X 985 31.86 -33.34 -147.60
N SER X 986 32.37 -32.80 -148.71
CA SER X 986 33.20 -31.59 -148.74
C SER X 986 32.60 -30.38 -148.00
N ASP X 987 31.28 -30.20 -148.06
CA ASP X 987 30.60 -29.00 -147.54
C ASP X 987 29.97 -29.20 -146.15
N ASP X 988 29.73 -30.44 -145.70
CA ASP X 988 29.09 -30.71 -144.41
C ASP X 988 30.10 -31.07 -143.31
N TRP X 989 30.49 -30.05 -142.55
CA TRP X 989 31.38 -30.22 -141.40
C TRP X 989 30.84 -31.18 -140.33
N ARG X 990 29.52 -31.34 -140.19
CA ARG X 990 28.91 -32.25 -139.19
C ARG X 990 29.11 -33.70 -139.60
N SER X 991 28.84 -34.04 -140.86
CA SER X 991 29.11 -35.37 -141.41
C SER X 991 30.60 -35.68 -141.40
N GLN X 992 31.47 -34.71 -141.75
CA GLN X 992 32.92 -34.88 -141.61
C GLN X 992 33.34 -35.15 -140.16
N ALA X 993 32.75 -34.46 -139.18
CA ALA X 993 33.02 -34.73 -137.77
C ALA X 993 32.60 -36.15 -137.38
N ALA X 994 31.42 -36.60 -137.80
CA ALA X 994 30.93 -37.95 -137.51
C ALA X 994 31.81 -39.04 -138.13
N LEU X 995 32.18 -38.89 -139.41
CA LEU X 995 33.06 -39.83 -140.11
C LEU X 995 34.46 -39.88 -139.50
N ARG X 996 35.07 -38.74 -139.17
CA ARG X 996 36.38 -38.70 -138.51
C ARG X 996 36.34 -39.28 -137.10
N THR X 997 35.27 -39.06 -136.33
CA THR X 997 35.06 -39.74 -135.04
C THR X 997 34.98 -41.26 -135.21
N ARG X 998 34.34 -41.74 -136.28
CA ARG X 998 34.24 -43.18 -136.60
C ARG X 998 35.61 -43.77 -136.95
N ILE X 999 36.39 -43.09 -137.80
CA ILE X 999 37.77 -43.47 -138.13
C ILE X 999 38.64 -43.54 -136.86
N PHE X 1000 38.56 -42.53 -136.00
CA PHE X 1000 39.26 -42.51 -134.72
C PHE X 1000 38.94 -43.73 -133.86
N LYS X 1001 37.65 -44.04 -133.69
CA LYS X 1001 37.20 -45.17 -132.87
C LYS X 1001 37.76 -46.50 -133.37
N HIS X 1002 37.67 -46.76 -134.67
CA HIS X 1002 38.17 -48.02 -135.26
C HIS X 1002 39.70 -48.13 -135.22
N HIS X 1003 40.45 -47.06 -135.48
CA HIS X 1003 41.92 -47.08 -135.30
C HIS X 1003 42.31 -47.33 -133.84
N LEU X 1004 41.58 -46.73 -132.89
CA LEU X 1004 41.82 -46.94 -131.46
C LEU X 1004 41.54 -48.39 -131.06
N ASP X 1005 40.41 -48.95 -131.52
CA ASP X 1005 40.03 -50.34 -131.24
C ASP X 1005 41.09 -51.33 -131.79
N MET X 1006 41.60 -51.09 -133.01
CA MET X 1006 42.69 -51.87 -133.62
C MET X 1006 44.07 -51.65 -132.99
N GLY X 1007 44.26 -50.61 -132.16
CA GLY X 1007 45.55 -50.31 -131.52
C GLY X 1007 46.54 -49.54 -132.39
N HIS X 1008 46.09 -48.94 -133.49
CA HIS X 1008 46.90 -48.06 -134.34
C HIS X 1008 47.00 -46.66 -133.73
N ASN X 1009 47.76 -46.52 -132.64
CA ASN X 1009 47.79 -45.32 -131.81
C ASN X 1009 48.16 -44.04 -132.58
N ASN X 1010 49.14 -44.11 -133.48
CA ASN X 1010 49.56 -42.96 -134.31
C ASN X 1010 48.45 -42.51 -135.27
N GLN X 1011 47.80 -43.46 -135.95
CA GLN X 1011 46.72 -43.15 -136.90
C GLN X 1011 45.46 -42.65 -136.16
N ALA X 1012 45.17 -43.19 -134.97
CA ALA X 1012 44.09 -42.69 -134.12
C ALA X 1012 44.36 -41.24 -133.70
N TYR X 1013 45.60 -40.92 -133.30
CA TYR X 1013 45.98 -39.55 -132.96
C TYR X 1013 45.89 -38.61 -134.18
N ASP X 1014 46.35 -39.05 -135.36
CA ASP X 1014 46.24 -38.25 -136.59
C ASP X 1014 44.77 -37.97 -136.92
N ALA X 1015 43.90 -38.98 -136.85
CA ALA X 1015 42.46 -38.82 -137.06
C ALA X 1015 41.82 -37.83 -136.05
N LEU X 1016 42.24 -37.88 -134.78
CA LEU X 1016 41.78 -36.96 -133.72
C LEU X 1016 42.10 -35.49 -134.04
N THR X 1017 43.30 -35.22 -134.58
CA THR X 1017 43.69 -33.84 -134.93
C THR X 1017 42.89 -33.26 -136.09
N GLN X 1018 42.30 -34.11 -136.93
CA GLN X 1018 41.52 -33.72 -138.09
C GLN X 1018 40.02 -33.50 -137.77
N ILE X 1019 39.54 -33.86 -136.57
CA ILE X 1019 38.13 -33.67 -136.20
C ILE X 1019 37.81 -32.16 -136.12
N PRO X 1020 36.83 -31.64 -136.90
CA PRO X 1020 36.51 -30.21 -136.92
C PRO X 1020 35.69 -29.76 -135.69
N ASP X 1021 34.94 -30.68 -135.07
CA ASP X 1021 34.14 -30.39 -133.87
C ASP X 1021 34.97 -30.50 -132.59
N PRO X 1022 35.17 -29.40 -131.83
CA PRO X 1022 35.95 -29.43 -130.60
C PRO X 1022 35.31 -30.29 -129.50
N SER X 1023 33.98 -30.42 -129.46
CA SER X 1023 33.31 -31.21 -128.43
C SER X 1023 33.59 -32.71 -128.61
N ARG X 1024 33.36 -33.22 -129.83
CA ARG X 1024 33.71 -34.59 -130.22
C ARG X 1024 35.21 -34.85 -130.12
N GLN X 1025 36.05 -33.87 -130.49
CA GLN X 1025 37.50 -33.99 -130.34
C GLN X 1025 37.90 -34.18 -128.88
N LEU X 1026 37.31 -33.44 -127.94
CA LEU X 1026 37.58 -33.62 -126.50
C LEU X 1026 37.12 -34.98 -125.98
N ASP X 1027 35.97 -35.48 -126.42
CA ASP X 1027 35.48 -36.80 -126.01
C ASP X 1027 36.32 -37.93 -126.61
N CYS X 1028 36.73 -37.83 -127.87
CA CYS X 1028 37.69 -38.75 -128.49
C CYS X 1028 39.05 -38.69 -127.79
N LEU X 1029 39.54 -37.50 -127.42
CA LEU X 1029 40.78 -37.33 -126.66
C LEU X 1029 40.69 -38.01 -125.28
N ARG X 1030 39.57 -37.85 -124.57
CA ARG X 1030 39.31 -38.56 -123.31
C ARG X 1030 39.36 -40.06 -123.50
N GLN X 1031 38.73 -40.58 -124.56
CA GLN X 1031 38.74 -42.00 -124.87
C GLN X 1031 40.16 -42.51 -125.19
N LEU X 1032 40.93 -41.76 -126.00
CA LEU X 1032 42.33 -42.10 -126.34
C LEU X 1032 43.19 -42.20 -125.08
N VAL X 1033 43.13 -41.19 -124.20
CA VAL X 1033 43.92 -41.16 -122.96
C VAL X 1033 43.56 -42.35 -122.06
N VAL X 1034 42.27 -42.66 -121.92
CA VAL X 1034 41.80 -43.78 -121.08
C VAL X 1034 42.28 -45.12 -121.65
N VAL X 1035 42.07 -45.37 -122.94
CA VAL X 1035 42.44 -46.64 -123.59
C VAL X 1035 43.96 -46.86 -123.56
N LEU X 1036 44.78 -45.82 -123.82
CA LEU X 1036 46.23 -45.93 -123.75
C LEU X 1036 46.74 -46.19 -122.33
N CYS X 1037 46.10 -45.58 -121.32
CA CYS X 1037 46.43 -45.84 -119.91
C CYS X 1037 46.07 -47.28 -119.50
N GLU X 1038 44.91 -47.79 -119.92
CA GLU X 1038 44.47 -49.16 -119.65
C GLU X 1038 45.36 -50.20 -120.35
N ARG X 1039 45.78 -49.94 -121.60
CA ARG X 1039 46.70 -50.79 -122.37
C ARG X 1039 48.17 -50.68 -121.93
N SER X 1040 48.48 -49.82 -120.95
CA SER X 1040 49.85 -49.54 -120.48
C SER X 1040 50.82 -48.99 -121.55
N GLN X 1041 50.29 -48.47 -122.66
CA GLN X 1041 51.06 -47.85 -123.75
C GLN X 1041 51.40 -46.39 -123.41
N LEU X 1042 52.14 -46.20 -122.31
CA LEU X 1042 52.42 -44.89 -121.73
C LEU X 1042 53.43 -44.06 -122.55
N GLN X 1043 54.28 -44.72 -123.33
CA GLN X 1043 55.29 -44.05 -124.16
C GLN X 1043 54.63 -43.22 -125.25
N ASP X 1044 53.71 -43.82 -126.01
CA ASP X 1044 52.96 -43.14 -127.08
C ASP X 1044 52.23 -41.90 -126.54
N LEU X 1045 51.56 -42.05 -125.39
CA LEU X 1045 50.88 -40.94 -124.70
C LEU X 1045 51.83 -39.79 -124.33
N VAL X 1046 53.10 -40.07 -124.02
CA VAL X 1046 54.08 -39.04 -123.70
C VAL X 1046 54.64 -38.38 -124.95
N GLU X 1047 54.86 -39.14 -126.01
CA GLU X 1047 55.53 -38.68 -127.23
C GLU X 1047 54.61 -37.87 -128.17
N PHE X 1048 53.28 -38.07 -128.12
CA PHE X 1048 52.36 -37.34 -129.00
C PHE X 1048 52.46 -35.80 -128.89
N PRO X 1049 52.44 -35.03 -130.00
CA PRO X 1049 52.63 -33.57 -129.97
C PRO X 1049 51.55 -32.76 -129.23
N TYR X 1050 50.29 -33.24 -129.19
CA TYR X 1050 49.09 -32.56 -128.66
C TYR X 1050 49.00 -31.06 -128.98
N VAL X 1051 49.10 -30.71 -130.26
CA VAL X 1051 49.00 -29.31 -130.74
C VAL X 1051 47.66 -28.72 -130.28
N ASN X 1052 47.70 -27.63 -129.50
CA ASN X 1052 46.55 -26.96 -128.84
C ASN X 1052 45.73 -27.79 -127.83
N LEU X 1053 45.89 -29.12 -127.78
CA LEU X 1053 45.17 -30.01 -126.87
C LEU X 1053 45.96 -30.34 -125.58
N HIS X 1054 47.17 -29.80 -125.42
CA HIS X 1054 48.05 -30.10 -124.30
C HIS X 1054 47.40 -29.84 -122.93
N ASN X 1055 46.71 -28.71 -122.77
CA ASN X 1055 46.04 -28.38 -121.49
C ASN X 1055 44.88 -29.32 -121.19
N GLU X 1056 44.18 -29.81 -122.22
CA GLU X 1056 43.05 -30.72 -122.09
C GLU X 1056 43.53 -32.12 -121.70
N VAL X 1057 44.61 -32.63 -122.31
CA VAL X 1057 45.24 -33.90 -121.89
C VAL X 1057 45.67 -33.84 -120.45
N VAL X 1058 46.38 -32.77 -120.08
CA VAL X 1058 46.82 -32.56 -118.69
C VAL X 1058 45.60 -32.51 -117.77
N GLY X 1059 44.54 -31.78 -118.13
CA GLY X 1059 43.29 -31.73 -117.37
C GLY X 1059 42.60 -33.08 -117.21
N ILE X 1060 42.57 -33.91 -118.26
CA ILE X 1060 41.98 -35.26 -118.24
C ILE X 1060 42.79 -36.18 -117.32
N ILE X 1061 44.12 -36.22 -117.48
CA ILE X 1061 44.98 -37.07 -116.66
C ILE X 1061 44.99 -36.59 -115.22
N GLU X 1062 45.01 -35.27 -114.97
CA GLU X 1062 44.88 -34.70 -113.63
C GLU X 1062 43.54 -35.07 -112.99
N SER X 1063 42.42 -34.96 -113.71
CA SER X 1063 41.10 -35.35 -113.22
C SER X 1063 41.05 -36.84 -112.84
N ARG X 1064 41.64 -37.70 -113.66
CA ARG X 1064 41.75 -39.15 -113.37
C ARG X 1064 42.72 -39.43 -112.21
N ALA X 1065 43.87 -38.77 -112.15
CA ALA X 1065 44.81 -38.86 -111.04
C ALA X 1065 44.15 -38.42 -109.72
N ARG X 1066 43.24 -37.45 -109.77
CA ARG X 1066 42.41 -36.99 -108.64
C ARG X 1066 41.30 -37.95 -108.26
N ALA X 1067 40.75 -38.71 -109.20
CA ALA X 1067 39.65 -39.63 -108.97
C ALA X 1067 40.07 -41.03 -108.48
N VAL X 1068 41.25 -41.51 -108.91
CA VAL X 1068 41.71 -42.89 -108.69
C VAL X 1068 42.54 -43.02 -107.41
N ASP X 1069 42.59 -44.25 -106.86
CA ASP X 1069 43.43 -44.60 -105.70
C ASP X 1069 44.93 -44.49 -106.03
N LEU X 1070 45.68 -43.89 -105.10
CA LEU X 1070 47.09 -43.48 -105.25
C LEU X 1070 48.06 -44.67 -105.26
N MET X 1071 47.62 -45.84 -104.78
CA MET X 1071 48.47 -47.02 -104.63
C MET X 1071 48.32 -48.04 -105.76
N THR X 1072 47.24 -47.97 -106.54
CA THR X 1072 46.90 -48.94 -107.59
C THR X 1072 47.28 -48.47 -108.99
N HIS X 1073 47.15 -47.17 -109.29
CA HIS X 1073 47.46 -46.61 -110.60
C HIS X 1073 48.47 -45.45 -110.54
N ASN X 1074 49.38 -45.40 -111.53
CA ASN X 1074 50.54 -44.50 -111.55
C ASN X 1074 50.32 -43.17 -112.31
N TYR X 1075 49.11 -42.60 -112.30
CA TYR X 1075 48.80 -41.39 -113.09
C TYR X 1075 49.63 -40.15 -112.73
N TYR X 1076 50.02 -39.96 -111.47
CA TYR X 1076 50.92 -38.87 -111.08
C TYR X 1076 52.34 -39.06 -111.65
N GLU X 1077 52.83 -40.30 -111.62
CA GLU X 1077 54.14 -40.65 -112.18
C GLU X 1077 54.11 -40.46 -113.72
N LEU X 1078 52.99 -40.78 -114.36
CA LEU X 1078 52.73 -40.51 -115.77
C LEU X 1078 52.71 -39.00 -116.09
N LEU X 1079 51.96 -38.19 -115.33
CA LEU X 1079 51.95 -36.73 -115.48
C LEU X 1079 53.35 -36.12 -115.30
N TYR X 1080 54.12 -36.65 -114.35
CA TYR X 1080 55.49 -36.25 -114.15
C TYR X 1080 56.37 -36.59 -115.35
N ALA X 1081 56.33 -37.84 -115.84
CA ALA X 1081 57.05 -38.24 -117.04
C ALA X 1081 56.65 -37.38 -118.26
N PHE X 1082 55.35 -37.11 -118.42
CA PHE X 1082 54.78 -36.28 -119.47
C PHE X 1082 55.30 -34.84 -119.47
N HIS X 1083 55.46 -34.23 -118.29
CA HIS X 1083 56.02 -32.88 -118.14
C HIS X 1083 57.55 -32.85 -118.25
N ILE X 1084 58.25 -33.86 -117.73
CA ILE X 1084 59.72 -33.96 -117.85
C ILE X 1084 60.13 -34.09 -119.32
N TYR X 1085 59.45 -34.94 -120.09
CA TYR X 1085 59.73 -35.14 -121.51
C TYR X 1085 59.63 -33.82 -122.31
N ARG X 1086 58.68 -32.95 -121.96
CA ARG X 1086 58.50 -31.62 -122.60
C ARG X 1086 59.27 -30.49 -121.90
N HIS X 1087 60.22 -30.81 -121.03
CA HIS X 1087 61.03 -29.85 -120.27
C HIS X 1087 60.23 -28.85 -119.40
N ASN X 1088 58.98 -29.20 -119.05
CA ASN X 1088 58.12 -28.40 -118.20
C ASN X 1088 58.36 -28.72 -116.72
N TYR X 1089 59.59 -28.49 -116.24
CA TYR X 1089 60.03 -28.85 -114.88
C TYR X 1089 59.16 -28.24 -113.78
N ARG X 1090 58.58 -27.05 -114.02
CA ARG X 1090 57.74 -26.38 -113.03
C ARG X 1090 56.43 -27.11 -112.75
N LYS X 1091 55.72 -27.50 -113.82
CA LYS X 1091 54.49 -28.30 -113.71
C LYS X 1091 54.80 -29.71 -113.21
N ALA X 1092 55.92 -30.31 -113.66
CA ALA X 1092 56.39 -31.59 -113.14
C ALA X 1092 56.58 -31.56 -111.62
N GLY X 1093 57.23 -30.50 -111.10
CA GLY X 1093 57.39 -30.28 -109.67
C GLY X 1093 56.05 -30.10 -108.95
N SER X 1094 55.13 -29.31 -109.51
CA SER X 1094 53.78 -29.09 -108.96
C SER X 1094 52.98 -30.39 -108.83
N VAL X 1095 53.00 -31.23 -109.86
CA VAL X 1095 52.30 -32.53 -109.88
C VAL X 1095 52.88 -33.47 -108.82
N MET X 1096 54.20 -33.57 -108.73
CA MET X 1096 54.86 -34.43 -107.73
C MET X 1096 54.67 -33.92 -106.30
N PHE X 1097 54.56 -32.61 -106.12
CA PHE X 1097 54.21 -32.02 -104.84
C PHE X 1097 52.76 -32.32 -104.46
N GLU X 1098 51.79 -32.17 -105.38
CA GLU X 1098 50.40 -32.57 -105.16
C GLU X 1098 50.29 -34.06 -104.81
N TYR X 1099 51.04 -34.92 -105.52
CA TYR X 1099 51.12 -36.35 -105.23
C TYR X 1099 51.62 -36.62 -103.81
N GLY X 1100 52.70 -35.94 -103.40
CA GLY X 1100 53.25 -36.06 -102.05
C GLY X 1100 52.28 -35.60 -100.95
N MET X 1101 51.55 -34.51 -101.20
CA MET X 1101 50.54 -34.02 -100.26
C MET X 1101 49.38 -35.00 -100.11
N ARG X 1102 48.85 -35.52 -101.23
CA ARG X 1102 47.74 -36.48 -101.19
C ARG X 1102 48.14 -37.80 -100.55
N LEU X 1103 49.34 -38.31 -100.84
CA LEU X 1103 49.89 -39.49 -100.16
C LEU X 1103 49.95 -39.29 -98.64
N GLY X 1104 50.38 -38.11 -98.18
CA GLY X 1104 50.41 -37.80 -96.75
C GLY X 1104 49.02 -37.77 -96.09
N ARG X 1105 47.97 -37.37 -96.83
CA ARG X 1105 46.60 -37.29 -96.33
C ARG X 1105 45.88 -38.64 -96.35
N GLU X 1106 45.95 -39.33 -97.48
CA GLU X 1106 45.14 -40.51 -97.83
C GLU X 1106 45.85 -41.84 -97.50
N VAL X 1107 47.17 -41.92 -97.66
CA VAL X 1107 47.94 -43.18 -97.57
C VAL X 1107 48.96 -43.15 -96.42
N ARG X 1108 48.47 -43.36 -95.20
CA ARG X 1108 49.29 -43.34 -93.97
C ARG X 1108 49.96 -44.68 -93.67
N THR X 1109 50.60 -45.24 -94.69
CA THR X 1109 51.37 -46.51 -94.60
C THR X 1109 52.86 -46.24 -94.79
N LEU X 1110 53.72 -47.17 -94.35
CA LEU X 1110 55.17 -47.07 -94.57
C LEU X 1110 55.52 -46.87 -96.07
N ARG X 1111 54.83 -47.60 -96.95
CA ARG X 1111 55.00 -47.49 -98.41
C ARG X 1111 54.50 -46.14 -98.94
N GLY X 1112 53.39 -45.62 -98.42
CA GLY X 1112 52.87 -44.28 -98.74
C GLY X 1112 53.84 -43.16 -98.36
N LEU X 1113 54.40 -43.22 -97.14
CA LEU X 1113 55.43 -42.29 -96.68
C LEU X 1113 56.70 -42.35 -97.53
N GLN X 1114 57.14 -43.55 -97.93
CA GLN X 1114 58.30 -43.69 -98.82
C GLN X 1114 58.04 -43.06 -100.19
N LYS X 1115 56.86 -43.28 -100.77
CA LYS X 1115 56.46 -42.61 -102.02
C LYS X 1115 56.36 -41.09 -101.85
N GLN X 1116 55.85 -40.60 -100.72
CA GLN X 1116 55.77 -39.18 -100.40
C GLN X 1116 57.14 -38.51 -100.34
N VAL X 1117 58.12 -39.14 -99.68
CA VAL X 1117 59.50 -38.62 -99.63
C VAL X 1117 60.11 -38.58 -101.02
N ASN X 1118 59.90 -39.63 -101.82
CA ASN X 1118 60.40 -39.69 -103.19
C ASN X 1118 59.76 -38.62 -104.09
N SER X 1119 58.46 -38.33 -103.92
CA SER X 1119 57.77 -37.33 -104.73
C SER X 1119 58.20 -35.91 -104.36
N TYR X 1120 58.41 -35.61 -103.08
CA TYR X 1120 58.99 -34.32 -102.67
C TYR X 1120 60.45 -34.16 -103.13
N LEU X 1121 61.25 -35.23 -103.08
CA LEU X 1121 62.61 -35.21 -103.63
C LEU X 1121 62.60 -34.93 -105.15
N ALA X 1122 61.71 -35.59 -105.89
CA ALA X 1122 61.54 -35.35 -107.32
C ALA X 1122 61.10 -33.91 -107.62
N CYS X 1123 60.19 -33.35 -106.81
CA CYS X 1123 59.78 -31.96 -106.88
C CYS X 1123 60.98 -31.00 -106.65
N LEU X 1124 61.75 -31.20 -105.59
CA LEU X 1124 62.94 -30.39 -105.30
C LEU X 1124 63.96 -30.45 -106.43
N ASN X 1125 64.21 -31.65 -106.98
CA ASN X 1125 65.11 -31.82 -108.12
C ASN X 1125 64.61 -31.05 -109.35
N CYS X 1126 63.30 -31.09 -109.65
CA CYS X 1126 62.72 -30.34 -110.76
C CYS X 1126 62.90 -28.84 -110.59
N LEU X 1127 62.65 -28.30 -109.39
CA LEU X 1127 62.77 -26.87 -109.14
C LEU X 1127 64.24 -26.39 -109.17
N ARG X 1128 65.19 -27.24 -108.76
CA ARG X 1128 66.63 -26.94 -108.86
C ARG X 1128 67.13 -26.86 -110.30
N LEU X 1129 66.43 -27.49 -111.26
CA LEU X 1129 66.72 -27.36 -112.69
C LEU X 1129 66.19 -26.05 -113.29
N ILE X 1130 65.29 -25.37 -112.59
CA ILE X 1130 64.72 -24.08 -113.00
C ILE X 1130 65.59 -22.96 -112.46
N ARG X 1131 65.63 -21.84 -113.19
CA ARG X 1131 66.27 -20.62 -112.68
C ARG X 1131 65.63 -20.19 -111.34
N PRO X 1132 66.41 -19.75 -110.34
CA PRO X 1132 65.89 -19.44 -109.00
C PRO X 1132 64.70 -18.47 -108.98
N GLU X 1133 64.63 -17.54 -109.92
CA GLU X 1133 63.56 -16.55 -110.08
C GLU X 1133 62.17 -17.17 -110.35
N TYR X 1134 62.13 -18.37 -110.94
CA TYR X 1134 60.89 -19.05 -111.30
C TYR X 1134 60.65 -20.34 -110.49
N ALA X 1135 61.50 -20.60 -109.48
CA ALA X 1135 61.49 -21.82 -108.68
C ALA X 1135 60.44 -21.76 -107.54
N TRP X 1136 59.17 -21.59 -107.90
CA TRP X 1136 58.03 -21.54 -106.98
C TRP X 1136 56.82 -22.31 -107.53
N ILE X 1137 56.07 -22.94 -106.62
CA ILE X 1137 54.86 -23.72 -106.91
C ILE X 1137 53.66 -22.98 -106.33
N VAL X 1138 52.52 -23.12 -107.01
CA VAL X 1138 51.25 -22.49 -106.66
C VAL X 1138 50.35 -23.53 -106.03
N GLN X 1139 49.87 -23.28 -104.81
CA GLN X 1139 48.95 -24.16 -104.10
C GLN X 1139 47.68 -23.39 -103.69
N PRO X 1140 46.49 -24.00 -103.77
CA PRO X 1140 45.35 -23.51 -103.00
C PRO X 1140 45.54 -23.81 -101.51
N VAL X 1141 45.33 -22.81 -100.66
CA VAL X 1141 45.56 -22.87 -99.20
C VAL X 1141 44.90 -24.11 -98.58
N SER X 1142 45.59 -24.76 -97.63
CA SER X 1142 45.08 -25.90 -96.86
C SER X 1142 43.73 -25.57 -96.20
N GLY X 1143 42.64 -26.10 -96.77
CA GLY X 1143 41.26 -25.76 -96.38
C GLY X 1143 40.38 -25.34 -97.57
N ALA X 1144 40.98 -25.01 -98.71
CA ALA X 1144 40.28 -24.95 -99.98
C ALA X 1144 39.74 -26.37 -100.26
N VAL X 1145 38.42 -26.51 -100.11
CA VAL X 1145 37.70 -27.70 -100.51
C VAL X 1145 37.93 -27.86 -102.01
N TYR X 1146 38.81 -28.77 -102.41
CA TYR X 1146 38.73 -29.33 -103.75
C TYR X 1146 37.41 -30.09 -103.78
N GLU X 1147 36.35 -29.44 -104.28
CA GLU X 1147 35.15 -30.20 -104.66
C GLU X 1147 35.61 -31.21 -105.70
N ARG X 1148 35.40 -32.50 -105.40
CA ARG X 1148 35.57 -33.57 -106.38
C ARG X 1148 34.75 -33.15 -107.60
N PRO X 1149 35.31 -33.02 -108.82
CA PRO X 1149 34.49 -32.75 -110.00
C PRO X 1149 33.39 -33.82 -110.09
N GLY X 1150 32.12 -33.43 -110.01
CA GLY X 1150 30.96 -34.33 -109.96
C GLY X 1150 30.40 -34.66 -108.56
N ALA X 1151 30.94 -34.10 -107.47
CA ALA X 1151 30.26 -34.13 -106.19
C ALA X 1151 28.98 -33.27 -106.27
N SER X 1152 27.85 -33.82 -105.80
CA SER X 1152 26.61 -33.03 -105.66
C SER X 1152 26.91 -31.74 -104.89
N PRO X 1153 26.47 -30.56 -105.35
CA PRO X 1153 26.70 -29.29 -104.65
C PRO X 1153 26.34 -29.45 -103.18
N LYS X 1154 27.22 -29.02 -102.27
CA LYS X 1154 26.91 -29.06 -100.82
C LYS X 1154 25.74 -28.13 -100.53
N ARG X 1155 24.57 -28.73 -100.37
CA ARG X 1155 23.34 -28.03 -99.99
C ARG X 1155 23.39 -27.74 -98.50
N ASN X 1156 23.02 -26.52 -98.12
CA ASN X 1156 22.76 -26.21 -96.72
C ASN X 1156 21.50 -26.96 -96.25
N TYR X 1157 21.22 -26.91 -94.94
CA TYR X 1157 20.03 -27.53 -94.34
C TYR X 1157 18.72 -27.16 -95.08
N ASP X 1158 18.64 -25.96 -95.65
CA ASP X 1158 17.48 -25.45 -96.39
C ASP X 1158 17.44 -25.86 -97.88
N GLY X 1159 18.34 -26.74 -98.34
CA GLY X 1159 18.33 -27.27 -99.71
C GLY X 1159 18.91 -26.32 -100.78
N GLU X 1160 19.28 -25.09 -100.41
CA GLU X 1160 19.96 -24.15 -101.30
C GLU X 1160 21.43 -24.56 -101.53
N SER X 1161 21.88 -24.39 -102.78
CA SER X 1161 23.29 -24.52 -103.15
C SER X 1161 24.11 -23.48 -102.38
N SER X 1162 24.97 -23.93 -101.46
CA SER X 1162 25.89 -23.01 -100.79
C SER X 1162 26.75 -22.32 -101.85
N ALA X 1163 26.75 -20.99 -101.88
CA ALA X 1163 27.60 -20.24 -102.79
C ALA X 1163 29.07 -20.65 -102.57
N VAL X 1164 29.74 -21.06 -103.66
CA VAL X 1164 31.16 -21.38 -103.68
C VAL X 1164 31.91 -20.21 -103.03
N PRO X 1165 32.68 -20.41 -101.93
CA PRO X 1165 33.49 -19.33 -101.37
C PRO X 1165 34.48 -18.86 -102.46
N SER X 1166 34.22 -17.68 -103.02
CA SER X 1166 34.87 -17.14 -104.22
C SER X 1166 36.31 -16.64 -104.01
N SER X 1167 36.99 -17.10 -102.96
CA SER X 1167 38.42 -16.83 -102.77
C SER X 1167 39.14 -18.10 -102.35
N SER X 1168 39.46 -18.94 -103.33
CA SER X 1168 40.57 -19.87 -103.18
C SER X 1168 41.83 -19.03 -103.01
N GLN X 1169 42.18 -18.71 -101.76
CA GLN X 1169 43.46 -18.06 -101.47
C GLN X 1169 44.56 -18.97 -102.02
N ILE X 1170 45.47 -18.36 -102.78
CA ILE X 1170 46.56 -19.04 -103.45
C ILE X 1170 47.83 -18.76 -102.64
N GLU X 1171 48.50 -19.81 -102.19
CA GLU X 1171 49.78 -19.77 -101.51
C GLU X 1171 50.90 -20.06 -102.50
N ILE X 1172 51.95 -19.24 -102.48
CA ILE X 1172 53.15 -19.42 -103.31
C ILE X 1172 54.21 -20.05 -102.41
N LEU X 1173 54.60 -21.29 -102.73
CA LEU X 1173 55.63 -22.03 -102.02
C LEU X 1173 56.97 -21.87 -102.73
N GLU X 1174 57.96 -21.33 -102.02
CA GLU X 1174 59.34 -21.24 -102.48
C GLU X 1174 60.11 -22.54 -102.16
N LEU X 1175 61.28 -22.70 -102.78
CA LEU X 1175 62.15 -23.87 -102.58
C LEU X 1175 62.46 -24.16 -101.10
N ARG X 1176 62.59 -23.11 -100.27
CA ARG X 1176 62.85 -23.26 -98.83
C ARG X 1176 61.68 -23.87 -98.06
N ASP X 1177 60.45 -23.59 -98.48
CA ASP X 1177 59.26 -24.13 -97.82
C ASP X 1177 59.05 -25.59 -98.24
N LEU X 1178 59.37 -25.92 -99.48
CA LEU X 1178 59.38 -27.29 -99.98
C LEU X 1178 60.48 -28.14 -99.32
N GLU X 1179 61.64 -27.55 -99.02
CA GLU X 1179 62.68 -28.22 -98.24
C GLU X 1179 62.23 -28.53 -96.81
N LYS X 1180 61.45 -27.64 -96.17
CA LYS X 1180 60.85 -27.93 -94.85
C LYS X 1180 59.85 -29.09 -94.92
N GLU X 1181 58.97 -29.10 -95.92
CA GLU X 1181 58.00 -30.19 -96.12
C GLU X 1181 58.68 -31.52 -96.44
N TYR X 1182 59.77 -31.49 -97.23
CA TYR X 1182 60.59 -32.67 -97.48
C TYR X 1182 61.24 -33.21 -96.20
N VAL X 1183 61.87 -32.34 -95.41
CA VAL X 1183 62.48 -32.74 -94.12
C VAL X 1183 61.41 -33.30 -93.18
N LEU X 1184 60.23 -32.69 -93.14
CA LEU X 1184 59.11 -33.19 -92.34
C LEU X 1184 58.64 -34.58 -92.81
N ALA X 1185 58.47 -34.80 -94.11
CA ALA X 1185 58.14 -36.12 -94.63
C ALA X 1185 59.24 -37.15 -94.37
N GLN X 1186 60.51 -36.75 -94.50
CA GLN X 1186 61.65 -37.62 -94.24
C GLN X 1186 61.72 -38.02 -92.77
N THR X 1187 61.48 -37.09 -91.84
CA THR X 1187 61.42 -37.38 -90.40
C THR X 1187 60.25 -38.31 -90.06
N ARG X 1188 59.08 -38.12 -90.70
CA ARG X 1188 57.94 -39.07 -90.58
C ARG X 1188 58.31 -40.47 -91.05
N LEU X 1189 59.04 -40.59 -92.16
CA LEU X 1189 59.50 -41.87 -92.68
C LEU X 1189 60.55 -42.52 -91.75
N THR X 1190 61.50 -41.75 -91.18
CA THR X 1190 62.49 -42.31 -90.26
C THR X 1190 61.83 -42.86 -88.99
N LEU X 1191 60.82 -42.16 -88.44
CA LEU X 1191 60.05 -42.66 -87.31
C LEU X 1191 59.27 -43.93 -87.68
N ALA X 1192 58.58 -43.92 -88.82
CA ALA X 1192 57.80 -45.07 -89.29
C ALA X 1192 58.68 -46.31 -89.59
N LYS X 1193 59.92 -46.12 -90.07
CA LYS X 1193 60.89 -47.21 -90.25
C LYS X 1193 61.38 -47.79 -88.92
N HIS X 1194 61.60 -46.94 -87.93
CA HIS X 1194 62.03 -47.35 -86.59
C HIS X 1194 60.90 -48.07 -85.83
N ASN X 1195 59.64 -47.63 -86.00
CA ASN X 1195 58.49 -48.30 -85.42
C ASN X 1195 57.29 -48.30 -86.41
N PRO X 1196 57.01 -49.43 -87.08
CA PRO X 1196 55.98 -49.49 -88.12
C PRO X 1196 54.58 -49.18 -87.59
N SER X 1197 54.30 -49.40 -86.29
CA SER X 1197 53.01 -49.07 -85.67
C SER X 1197 52.73 -47.57 -85.61
N THR X 1198 53.76 -46.72 -85.65
CA THR X 1198 53.64 -45.27 -85.57
C THR X 1198 53.30 -44.60 -86.91
N ALA X 1199 53.36 -45.34 -88.02
CA ALA X 1199 53.16 -44.78 -89.37
C ALA X 1199 51.82 -44.03 -89.52
N ALA X 1200 50.75 -44.53 -88.90
CA ALA X 1200 49.43 -43.91 -88.95
C ALA X 1200 49.36 -42.56 -88.22
N ILE X 1201 50.08 -42.45 -87.10
CA ILE X 1201 50.15 -41.24 -86.26
C ILE X 1201 51.10 -40.23 -86.90
N ALA X 1202 52.30 -40.68 -87.28
CA ALA X 1202 53.34 -39.86 -87.90
C ALA X 1202 52.85 -39.14 -89.16
N GLY X 1203 52.01 -39.80 -89.96
CA GLY X 1203 51.48 -39.23 -91.21
C GLY X 1203 50.73 -37.90 -91.05
N SER X 1204 50.06 -37.67 -89.90
CA SER X 1204 49.31 -36.43 -89.64
C SER X 1204 50.02 -35.45 -88.70
N SER X 1205 51.13 -35.84 -88.08
CA SER X 1205 51.75 -35.04 -87.02
C SER X 1205 52.32 -33.73 -87.54
N ALA X 1206 51.97 -32.63 -86.89
CA ALA X 1206 52.63 -31.33 -87.10
C ALA X 1206 54.10 -31.40 -86.66
N ALA X 1207 54.92 -30.43 -87.07
CA ALA X 1207 56.35 -30.41 -86.71
C ALA X 1207 56.55 -30.49 -85.18
N GLU X 1208 55.71 -29.82 -84.38
CA GLU X 1208 55.78 -29.84 -82.91
C GLU X 1208 55.44 -31.22 -82.31
N GLU X 1209 54.37 -31.85 -82.78
CA GLU X 1209 53.99 -33.21 -82.36
C GLU X 1209 55.04 -34.23 -82.78
N MET X 1210 55.63 -34.04 -83.97
CA MET X 1210 56.67 -34.89 -84.50
C MET X 1210 57.93 -34.83 -83.63
N VAL X 1211 58.31 -33.65 -83.13
CA VAL X 1211 59.40 -33.53 -82.15
C VAL X 1211 59.10 -34.36 -80.90
N ALA X 1212 57.88 -34.29 -80.35
CA ALA X 1212 57.50 -35.10 -79.19
C ALA X 1212 57.58 -36.62 -79.46
N LEU X 1213 57.13 -37.07 -80.62
CA LEU X 1213 57.18 -38.48 -81.03
C LEU X 1213 58.62 -38.98 -81.24
N LEU X 1214 59.47 -38.18 -81.90
CA LEU X 1214 60.89 -38.50 -82.09
C LEU X 1214 61.63 -38.60 -80.75
N VAL X 1215 61.31 -37.70 -79.81
CA VAL X 1215 61.86 -37.70 -78.46
C VAL X 1215 61.43 -38.95 -77.67
N GLN X 1216 60.18 -39.39 -77.80
CA GLN X 1216 59.72 -40.65 -77.20
C GLN X 1216 60.46 -41.86 -77.78
N ALA X 1217 60.63 -41.92 -79.11
CA ALA X 1217 61.39 -42.98 -79.78
C ALA X 1217 62.88 -42.97 -79.41
N GLY X 1218 63.45 -41.80 -79.07
CA GLY X 1218 64.86 -41.63 -78.76
C GLY X 1218 65.72 -41.20 -79.96
N LEU X 1219 65.09 -40.67 -81.01
CA LEU X 1219 65.75 -40.17 -82.23
C LEU X 1219 66.08 -38.67 -82.09
N PHE X 1220 66.95 -38.33 -81.13
CA PHE X 1220 67.26 -36.97 -80.74
C PHE X 1220 67.91 -36.13 -81.85
N ASP X 1221 68.85 -36.67 -82.64
CA ASP X 1221 69.48 -35.89 -83.72
C ASP X 1221 68.46 -35.47 -84.80
N THR X 1222 67.55 -36.38 -85.14
CA THR X 1222 66.48 -36.09 -86.09
C THR X 1222 65.51 -35.04 -85.53
N ALA X 1223 65.22 -35.10 -84.21
CA ALA X 1223 64.41 -34.11 -83.53
C ALA X 1223 65.10 -32.73 -83.51
N ILE X 1224 66.40 -32.68 -83.26
CA ILE X 1224 67.20 -31.46 -83.29
C ILE X 1224 67.23 -30.86 -84.69
N SER X 1225 67.50 -31.68 -85.71
CA SER X 1225 67.45 -31.25 -87.10
C SER X 1225 66.09 -30.66 -87.46
N LEU X 1226 65.00 -31.30 -87.02
CA LEU X 1226 63.64 -30.80 -87.23
C LEU X 1226 63.38 -29.48 -86.50
N CYS X 1227 63.83 -29.35 -85.25
CA CYS X 1227 63.74 -28.10 -84.49
C CYS X 1227 64.52 -26.97 -85.17
N GLN X 1228 65.70 -27.25 -85.73
CA GLN X 1228 66.49 -26.25 -86.47
C GLN X 1228 65.79 -25.81 -87.76
N THR X 1229 65.22 -26.74 -88.52
CA THR X 1229 64.53 -26.42 -89.79
C THR X 1229 63.26 -25.60 -89.57
N PHE X 1230 62.48 -25.92 -88.52
CA PHE X 1230 61.23 -25.21 -88.19
C PHE X 1230 61.42 -24.08 -87.17
N LYS X 1231 62.65 -23.80 -86.72
CA LYS X 1231 62.96 -22.80 -85.68
C LYS X 1231 62.17 -23.02 -84.37
N LEU X 1232 61.99 -24.28 -83.97
CA LEU X 1232 61.30 -24.67 -82.73
C LEU X 1232 62.27 -24.65 -81.54
N ALA X 1233 61.73 -24.50 -80.33
CA ALA X 1233 62.52 -24.58 -79.11
C ALA X 1233 63.02 -26.01 -78.87
N LEU X 1234 64.33 -26.17 -78.61
CA LEU X 1234 64.97 -27.46 -78.28
C LEU X 1234 64.65 -27.97 -76.87
N THR X 1235 63.82 -27.27 -76.10
CA THR X 1235 63.52 -27.59 -74.69
C THR X 1235 62.93 -28.98 -74.54
N SER X 1236 61.97 -29.36 -75.38
CA SER X 1236 61.35 -30.71 -75.35
C SER X 1236 62.34 -31.83 -75.61
N VAL X 1237 63.37 -31.59 -76.44
CA VAL X 1237 64.44 -32.56 -76.74
C VAL X 1237 65.30 -32.79 -75.51
N PHE X 1238 65.74 -31.72 -74.84
CA PHE X 1238 66.55 -31.82 -73.62
C PHE X 1238 65.77 -32.44 -72.45
N GLU X 1239 64.49 -32.11 -72.25
CA GLU X 1239 63.64 -32.75 -71.23
C GLU X 1239 63.49 -34.25 -71.46
N GLY X 1240 63.26 -34.64 -72.72
CA GLY X 1240 63.09 -36.04 -73.09
C GLY X 1240 64.38 -36.84 -72.95
N LEU X 1241 65.53 -36.28 -73.35
CA LEU X 1241 66.82 -36.91 -73.15
C LEU X 1241 67.14 -37.05 -71.66
N ALA X 1242 66.88 -36.01 -70.85
CA ALA X 1242 67.03 -36.08 -69.41
C ALA X 1242 66.14 -37.18 -68.79
N CYS X 1243 64.88 -37.28 -69.24
CA CYS X 1243 63.96 -38.34 -68.81
C CYS X 1243 64.48 -39.74 -69.19
N LYS X 1244 65.03 -39.93 -70.39
CA LYS X 1244 65.65 -41.21 -70.79
C LYS X 1244 66.89 -41.53 -69.95
N CYS X 1245 67.76 -40.55 -69.67
CA CYS X 1245 68.91 -40.74 -68.78
C CYS X 1245 68.49 -41.16 -67.36
N ILE X 1246 67.44 -40.54 -66.81
CA ILE X 1246 66.88 -40.88 -65.49
C ILE X 1246 66.32 -42.32 -65.49
N ARG X 1247 65.51 -42.65 -66.50
CA ARG X 1247 64.95 -44.01 -66.65
C ARG X 1247 66.03 -45.07 -66.83
N LEU X 1248 67.12 -44.74 -67.53
CA LEU X 1248 68.28 -45.63 -67.66
C LEU X 1248 69.00 -45.86 -66.33
N GLN X 1249 69.19 -44.80 -65.56
CA GLN X 1249 69.84 -44.87 -64.25
C GLN X 1249 69.01 -45.65 -63.23
N GLN X 1250 67.68 -45.60 -63.33
CA GLN X 1250 66.75 -46.36 -62.49
C GLN X 1250 66.39 -47.74 -63.06
N GLY X 1251 66.68 -47.99 -64.34
CA GLY X 1251 66.29 -49.19 -65.06
C GLY X 1251 67.26 -50.35 -64.87
N GLY X 1252 66.73 -51.58 -64.89
CA GLY X 1252 67.53 -52.81 -64.83
C GLY X 1252 68.24 -53.14 -66.15
N GLU X 1253 68.85 -54.33 -66.23
CA GLU X 1253 69.60 -54.80 -67.41
C GLU X 1253 68.82 -54.69 -68.73
N ALA X 1254 67.50 -54.90 -68.70
CA ALA X 1254 66.63 -54.77 -69.87
C ALA X 1254 66.60 -53.34 -70.44
N ALA X 1255 66.55 -52.31 -69.58
CA ALA X 1255 66.57 -50.92 -70.01
C ALA X 1255 67.93 -50.53 -70.60
N GLN X 1256 69.02 -51.11 -70.08
CA GLN X 1256 70.36 -50.90 -70.62
C GLN X 1256 70.53 -51.56 -72.00
N ALA X 1257 69.93 -52.73 -72.22
CA ALA X 1257 69.94 -53.39 -73.51
C ALA X 1257 69.16 -52.60 -74.58
N GLU X 1258 67.93 -52.14 -74.24
CA GLU X 1258 67.12 -51.29 -75.12
C GLU X 1258 67.80 -49.94 -75.41
N ALA X 1259 68.65 -49.46 -74.50
CA ALA X 1259 69.29 -48.17 -74.68
C ALA X 1259 70.33 -48.11 -75.78
N TRP X 1260 71.04 -49.21 -76.03
CA TRP X 1260 72.01 -49.27 -77.12
C TRP X 1260 71.36 -49.03 -78.50
N GLU X 1261 70.10 -49.45 -78.67
CA GLU X 1261 69.38 -49.28 -79.94
C GLU X 1261 69.13 -47.80 -80.25
N TRP X 1262 68.59 -47.04 -79.30
CA TRP X 1262 68.35 -45.61 -79.52
C TRP X 1262 69.63 -44.77 -79.43
N LEU X 1263 70.64 -45.18 -78.64
CA LEU X 1263 71.94 -44.51 -78.62
C LEU X 1263 72.65 -44.63 -79.97
N ALA X 1264 72.62 -45.81 -80.59
CA ALA X 1264 73.20 -46.03 -81.92
C ALA X 1264 72.49 -45.22 -83.03
N ALA X 1265 71.19 -44.92 -82.84
CA ALA X 1265 70.43 -44.12 -83.79
C ALA X 1265 70.79 -42.61 -83.76
N ASN X 1266 71.54 -42.16 -82.74
CA ASN X 1266 72.06 -40.80 -82.63
C ASN X 1266 73.57 -40.79 -82.95
N GLN X 1267 74.01 -39.81 -83.72
CA GLN X 1267 75.40 -39.51 -84.06
C GLN X 1267 76.20 -39.10 -82.82
N LEU X 1268 76.63 -40.11 -82.07
CA LEU X 1268 77.85 -40.02 -81.29
C LEU X 1268 79.02 -40.14 -82.29
N ALA X 1269 79.61 -39.00 -82.67
CA ALA X 1269 80.76 -38.96 -83.60
C ALA X 1269 81.98 -39.77 -83.12
N THR X 1270 81.98 -40.27 -81.88
CA THR X 1270 83.08 -41.00 -81.25
C THR X 1270 82.57 -42.12 -80.34
N VAL X 1271 81.85 -43.11 -80.87
CA VAL X 1271 81.63 -44.37 -80.14
C VAL X 1271 82.87 -45.24 -80.30
N ILE X 1272 83.83 -45.12 -79.38
CA ILE X 1272 84.79 -46.20 -79.11
C ILE X 1272 84.07 -47.11 -78.13
N THR X 1273 83.58 -48.25 -78.59
CA THR X 1273 83.02 -49.32 -77.75
C THR X 1273 84.14 -49.96 -76.91
N THR X 1274 84.67 -49.23 -75.93
CA THR X 1274 85.47 -49.85 -74.87
C THR X 1274 84.53 -50.68 -74.00
N LYS X 1275 84.91 -51.93 -73.66
CA LYS X 1275 84.10 -52.88 -72.87
C LYS X 1275 83.70 -52.40 -71.46
N GLU X 1276 83.99 -51.16 -71.08
CA GLU X 1276 83.85 -50.63 -69.73
C GLU X 1276 82.81 -49.49 -69.60
N SER X 1277 82.24 -48.97 -70.69
CA SER X 1277 81.21 -47.92 -70.60
C SER X 1277 79.80 -48.50 -70.53
N SER X 1278 79.04 -48.13 -69.51
CA SER X 1278 77.61 -48.47 -69.43
C SER X 1278 76.79 -47.64 -70.41
N ALA X 1279 75.61 -48.11 -70.82
CA ALA X 1279 74.69 -47.35 -71.67
C ALA X 1279 74.30 -45.99 -71.04
N THR X 1280 74.28 -45.92 -69.71
CA THR X 1280 74.02 -44.71 -68.94
C THR X 1280 75.13 -43.67 -69.12
N ASP X 1281 76.39 -44.10 -69.14
CA ASP X 1281 77.54 -43.20 -69.33
C ASP X 1281 77.53 -42.59 -70.74
N GLU X 1282 77.20 -43.39 -71.75
CA GLU X 1282 77.08 -42.89 -73.13
C GLU X 1282 75.88 -41.96 -73.32
N ALA X 1283 74.76 -42.21 -72.65
CA ALA X 1283 73.62 -41.28 -72.65
C ALA X 1283 73.99 -39.91 -72.04
N TRP X 1284 74.78 -39.90 -70.95
CA TRP X 1284 75.28 -38.65 -70.37
C TRP X 1284 76.32 -37.95 -71.26
N ARG X 1285 77.20 -38.70 -71.94
CA ARG X 1285 78.13 -38.13 -72.94
C ARG X 1285 77.39 -37.48 -74.11
N LEU X 1286 76.32 -38.11 -74.59
CA LEU X 1286 75.45 -37.54 -75.61
C LEU X 1286 74.87 -36.21 -75.14
N MET X 1287 74.32 -36.17 -73.92
CA MET X 1287 73.79 -34.93 -73.32
C MET X 1287 74.83 -33.81 -73.25
N ILE X 1288 76.06 -34.12 -72.81
CA ILE X 1288 77.16 -33.16 -72.77
C ILE X 1288 77.48 -32.63 -74.17
N SER X 1289 77.54 -33.52 -75.16
CA SER X 1289 77.82 -33.14 -76.55
C SER X 1289 76.75 -32.23 -77.16
N TYR X 1290 75.48 -32.42 -76.80
CA TYR X 1290 74.38 -31.56 -77.26
C TYR X 1290 74.40 -30.21 -76.57
N LEU X 1291 74.71 -30.15 -75.27
CA LEU X 1291 74.88 -28.88 -74.57
C LEU X 1291 76.04 -28.07 -75.14
N ASP X 1292 77.14 -28.72 -75.54
CA ASP X 1292 78.30 -28.06 -76.16
C ASP X 1292 78.01 -27.57 -77.58
N LYS X 1293 77.27 -28.37 -78.38
CA LYS X 1293 76.92 -27.99 -79.76
C LYS X 1293 75.84 -26.92 -79.84
N TYR X 1294 74.91 -26.89 -78.87
CA TYR X 1294 73.72 -26.06 -78.91
C TYR X 1294 73.63 -25.16 -77.67
N GLU X 1295 74.53 -24.19 -77.57
CA GLU X 1295 74.51 -23.19 -76.50
C GLU X 1295 73.35 -22.19 -76.69
N ALA X 1296 72.39 -22.20 -75.77
CA ALA X 1296 71.40 -21.13 -75.68
C ALA X 1296 71.99 -19.88 -74.99
N LYS X 1297 71.60 -18.69 -75.48
CA LYS X 1297 71.99 -17.40 -74.89
C LYS X 1297 71.59 -17.23 -73.43
N ASN X 1298 70.47 -17.85 -73.05
CA ASN X 1298 69.99 -17.91 -71.68
C ASN X 1298 70.11 -19.37 -71.25
N THR X 1299 70.56 -19.61 -70.03
CA THR X 1299 70.77 -20.90 -69.32
C THR X 1299 69.61 -21.93 -69.38
N LEU X 1300 68.57 -21.67 -70.17
CA LEU X 1300 67.35 -22.45 -70.42
C LEU X 1300 67.57 -23.96 -70.51
N TYR X 1301 68.53 -24.44 -71.31
CA TYR X 1301 68.72 -25.89 -71.48
C TYR X 1301 69.30 -26.55 -70.22
N HIS X 1302 70.28 -25.91 -69.59
CA HIS X 1302 70.83 -26.39 -68.31
C HIS X 1302 69.77 -26.32 -67.20
N HIS X 1303 69.03 -25.22 -67.10
CA HIS X 1303 67.92 -25.04 -66.16
C HIS X 1303 66.88 -26.16 -66.32
N CYS X 1304 66.46 -26.40 -67.56
CA CYS X 1304 65.46 -27.40 -67.92
C CYS X 1304 65.89 -28.82 -67.50
N ILE X 1305 67.14 -29.20 -67.77
CA ILE X 1305 67.71 -30.49 -67.36
C ILE X 1305 67.78 -30.60 -65.84
N ILE X 1306 68.30 -29.59 -65.15
CA ILE X 1306 68.42 -29.59 -63.67
C ILE X 1306 67.04 -29.67 -63.03
N ASN X 1307 66.10 -28.81 -63.44
CA ASN X 1307 64.73 -28.82 -62.95
C ASN X 1307 64.07 -30.20 -63.19
N LYS X 1308 64.34 -30.85 -64.33
CA LYS X 1308 63.83 -32.21 -64.58
C LYS X 1308 64.48 -33.25 -63.66
N LEU X 1309 65.79 -33.25 -63.47
CA LEU X 1309 66.50 -34.17 -62.59
C LEU X 1309 66.02 -34.06 -61.13
N LEU X 1310 65.92 -32.83 -60.64
CA LEU X 1310 65.43 -32.54 -59.30
C LEU X 1310 63.97 -32.97 -59.12
N SER X 1311 63.12 -32.80 -60.14
CA SER X 1311 61.71 -33.28 -60.09
C SER X 1311 61.57 -34.80 -59.93
N HIS X 1312 62.60 -35.57 -60.30
CA HIS X 1312 62.64 -37.02 -60.14
C HIS X 1312 63.49 -37.46 -58.93
N GLY X 1313 63.99 -36.52 -58.12
CA GLY X 1313 64.82 -36.82 -56.94
C GLY X 1313 66.19 -37.42 -57.25
N VAL X 1314 66.71 -37.22 -58.46
CA VAL X 1314 68.02 -37.76 -58.87
C VAL X 1314 69.13 -36.78 -58.47
N PRO X 1315 70.22 -37.25 -57.81
CA PRO X 1315 71.34 -36.39 -57.46
C PRO X 1315 71.99 -35.80 -58.72
N LEU X 1316 72.26 -34.49 -58.71
CA LEU X 1316 72.81 -33.78 -59.85
C LEU X 1316 74.27 -34.19 -60.11
N PRO X 1317 74.66 -34.49 -61.36
CA PRO X 1317 76.05 -34.79 -61.68
C PRO X 1317 76.98 -33.59 -61.43
N ASN X 1318 78.15 -33.84 -60.84
CA ASN X 1318 79.14 -32.79 -60.50
C ASN X 1318 79.55 -31.94 -61.71
N TRP X 1319 79.67 -32.53 -62.90
CA TRP X 1319 80.01 -31.78 -64.11
C TRP X 1319 78.93 -30.75 -64.48
N LEU X 1320 77.65 -31.09 -64.26
CA LEU X 1320 76.51 -30.23 -64.56
C LEU X 1320 76.43 -29.10 -63.54
N ILE X 1321 76.62 -29.43 -62.26
CA ILE X 1321 76.71 -28.45 -61.18
C ILE X 1321 77.84 -27.46 -61.46
N ASN X 1322 79.05 -27.94 -61.78
CA ASN X 1322 80.22 -27.09 -62.00
C ASN X 1322 80.04 -26.16 -63.20
N ARG X 1323 79.47 -26.66 -64.31
CA ARG X 1323 79.12 -25.82 -65.47
C ARG X 1323 78.10 -24.76 -65.10
N TYR X 1324 77.05 -25.13 -64.38
CA TYR X 1324 75.98 -24.21 -64.02
C TYR X 1324 76.39 -23.19 -62.93
N LYS X 1325 77.27 -23.58 -62.00
CA LYS X 1325 77.95 -22.67 -61.04
C LYS X 1325 78.68 -21.55 -61.77
N ALA X 1326 79.39 -21.87 -62.85
CA ALA X 1326 80.11 -20.89 -63.67
C ALA X 1326 79.19 -19.96 -64.48
N MET X 1327 77.95 -20.39 -64.75
CA MET X 1327 76.99 -19.66 -65.58
C MET X 1327 76.01 -18.81 -64.76
N ASP X 1328 75.25 -19.42 -63.85
CA ASP X 1328 74.29 -18.74 -62.96
C ASP X 1328 74.11 -19.51 -61.64
N ALA X 1329 74.93 -19.18 -60.65
CA ALA X 1329 74.83 -19.75 -59.30
C ALA X 1329 73.57 -19.31 -58.54
N ALA X 1330 72.98 -18.16 -58.87
CA ALA X 1330 71.79 -17.65 -58.18
C ALA X 1330 70.54 -18.43 -58.59
N GLU X 1331 70.43 -18.77 -59.88
CA GLU X 1331 69.36 -19.64 -60.38
C GLU X 1331 69.48 -21.06 -59.83
N LEU X 1332 70.70 -21.60 -59.70
CA LEU X 1332 70.95 -22.91 -59.08
C LEU X 1332 70.46 -22.95 -57.63
N LEU X 1333 70.77 -21.92 -56.85
CA LEU X 1333 70.33 -21.81 -55.47
C LEU X 1333 68.80 -21.81 -55.38
N ARG X 1334 68.11 -21.09 -56.28
CA ARG X 1334 66.64 -21.09 -56.32
C ARG X 1334 66.07 -22.45 -56.70
N LEU X 1335 66.74 -23.20 -57.60
CA LEU X 1335 66.36 -24.56 -57.94
C LEU X 1335 66.51 -25.50 -56.75
N TYR X 1336 67.63 -25.47 -56.02
CA TYR X 1336 67.79 -26.28 -54.81
C TYR X 1336 66.73 -25.96 -53.75
N LEU X 1337 66.43 -24.68 -53.54
CA LEU X 1337 65.37 -24.25 -52.63
C LEU X 1337 63.98 -24.71 -53.07
N LYS X 1338 63.68 -24.69 -54.37
CA LYS X 1338 62.39 -25.15 -54.92
C LYS X 1338 62.13 -26.63 -54.64
N TYR X 1339 63.18 -27.43 -54.52
CA TYR X 1339 63.12 -28.88 -54.26
C TYR X 1339 63.56 -29.26 -52.83
N ASP X 1340 63.59 -28.30 -51.89
CA ASP X 1340 63.93 -28.50 -50.47
C ASP X 1340 65.31 -29.15 -50.21
N LEU X 1341 66.27 -29.00 -51.12
CA LEU X 1341 67.65 -29.49 -50.97
C LEU X 1341 68.50 -28.50 -50.16
N LEU X 1342 68.19 -28.38 -48.86
CA LEU X 1342 68.76 -27.35 -47.98
C LEU X 1342 70.28 -27.51 -47.74
N GLU X 1343 70.79 -28.73 -47.70
CA GLU X 1343 72.22 -29.01 -47.47
C GLU X 1343 73.06 -28.55 -48.67
N GLU X 1344 72.70 -29.00 -49.88
CA GLU X 1344 73.35 -28.61 -51.13
C GLU X 1344 73.23 -27.10 -51.40
N ALA X 1345 72.08 -26.51 -51.09
CA ALA X 1345 71.89 -25.06 -51.15
C ALA X 1345 72.83 -24.33 -50.19
N ALA X 1346 73.03 -24.83 -48.97
CA ALA X 1346 73.95 -24.23 -48.01
C ALA X 1346 75.41 -24.41 -48.40
N GLU X 1347 75.82 -25.56 -48.93
CA GLU X 1347 77.16 -25.77 -49.45
C GLU X 1347 77.44 -24.85 -50.64
N LEU X 1348 76.48 -24.71 -51.57
CA LEU X 1348 76.58 -23.76 -52.68
C LEU X 1348 76.77 -22.33 -52.19
N VAL X 1349 76.02 -21.89 -51.18
CA VAL X 1349 76.16 -20.53 -50.62
C VAL X 1349 77.51 -20.36 -49.94
N LEU X 1350 77.99 -21.36 -49.19
CA LEU X 1350 79.30 -21.32 -48.56
C LEU X 1350 80.43 -21.20 -49.59
N GLU X 1351 80.37 -22.00 -50.65
CA GLU X 1351 81.33 -21.94 -51.76
C GLU X 1351 81.23 -20.62 -52.53
N TYR X 1352 80.03 -20.11 -52.79
CA TYR X 1352 79.81 -18.83 -53.48
C TYR X 1352 80.35 -17.65 -52.65
N VAL X 1353 80.14 -17.68 -51.34
CA VAL X 1353 80.70 -16.68 -50.43
C VAL X 1353 82.23 -16.79 -50.40
N ASP X 1354 82.79 -18.00 -50.34
CA ASP X 1354 84.24 -18.20 -50.45
C ASP X 1354 84.81 -17.70 -51.78
N ALA X 1355 84.09 -17.91 -52.89
CA ALA X 1355 84.41 -17.40 -54.20
C ALA X 1355 84.44 -15.87 -54.23
N LEU X 1356 83.43 -15.20 -53.67
CA LEU X 1356 83.42 -13.74 -53.51
C LEU X 1356 84.58 -13.25 -52.62
N LEU X 1357 84.92 -13.99 -51.57
CA LEU X 1357 86.06 -13.69 -50.70
C LEU X 1357 87.42 -13.93 -51.40
N GLY X 1358 87.45 -14.60 -52.55
CA GLY X 1358 88.62 -14.84 -53.39
C GLY X 1358 89.11 -16.29 -53.46
N LYS X 1359 88.45 -17.23 -52.78
CA LYS X 1359 88.79 -18.65 -52.80
C LYS X 1359 87.92 -19.36 -53.82
N GLY X 1360 88.50 -19.80 -54.94
CA GLY X 1360 87.75 -20.54 -55.96
C GLY X 1360 86.80 -19.70 -56.82
N HIS X 1361 87.06 -18.39 -56.95
CA HIS X 1361 86.23 -17.48 -57.76
C HIS X 1361 86.08 -17.93 -59.24
N GLN X 1362 87.07 -18.64 -59.77
CA GLN X 1362 87.06 -19.20 -61.13
C GLN X 1362 85.96 -20.25 -61.33
N TYR X 1363 85.60 -21.01 -60.29
CA TYR X 1363 84.54 -22.03 -60.38
C TYR X 1363 83.12 -21.43 -60.53
N PHE X 1364 82.96 -20.14 -60.25
CA PHE X 1364 81.69 -19.42 -60.32
C PHE X 1364 81.64 -18.36 -61.44
N GLY X 1365 82.63 -18.35 -62.34
CA GLY X 1365 82.68 -17.36 -63.42
C GLY X 1365 82.91 -15.91 -62.95
N ILE X 1366 83.31 -15.71 -61.69
CA ILE X 1366 83.53 -14.39 -61.11
C ILE X 1366 84.93 -13.89 -61.56
N GLN X 1367 84.96 -12.89 -62.43
CA GLN X 1367 86.21 -12.38 -63.04
C GLN X 1367 87.19 -11.81 -62.02
N ALA X 1368 86.70 -11.08 -61.01
CA ALA X 1368 87.52 -10.50 -59.95
C ALA X 1368 86.84 -10.67 -58.60
N PRO X 1369 87.56 -11.13 -57.55
CA PRO X 1369 87.01 -11.24 -56.21
C PRO X 1369 86.76 -9.87 -55.57
N LEU X 1370 86.07 -9.86 -54.43
CA LEU X 1370 85.67 -8.65 -53.73
C LEU X 1370 86.88 -7.76 -53.39
N SER X 1371 87.01 -6.67 -54.14
CA SER X 1371 88.05 -5.64 -53.99
C SER X 1371 87.42 -4.25 -54.12
N ALA X 1372 88.15 -3.21 -53.74
CA ALA X 1372 87.65 -1.84 -53.86
C ALA X 1372 87.36 -1.45 -55.33
N THR X 1373 88.01 -2.06 -56.32
CA THR X 1373 87.92 -1.69 -57.74
C THR X 1373 87.18 -2.70 -58.62
N SER X 1374 86.75 -3.84 -58.07
CA SER X 1374 86.04 -4.89 -58.83
C SER X 1374 84.60 -4.50 -59.13
N GLN X 1375 84.08 -4.99 -60.26
CA GLN X 1375 82.66 -4.87 -60.60
C GLN X 1375 81.78 -5.54 -59.53
N LEU X 1376 80.62 -4.92 -59.24
CA LEU X 1376 79.67 -5.44 -58.25
C LEU X 1376 79.05 -6.74 -58.77
N VAL X 1377 79.37 -7.86 -58.12
CA VAL X 1377 78.70 -9.15 -58.36
C VAL X 1377 77.36 -9.14 -57.62
N TRP X 1378 76.30 -9.55 -58.30
CA TRP X 1378 74.96 -9.60 -57.72
C TRP X 1378 74.90 -10.72 -56.66
N PHE X 1379 74.64 -10.34 -55.40
CA PHE X 1379 74.53 -11.29 -54.30
C PHE X 1379 73.04 -11.66 -54.13
N PRO X 1380 72.65 -12.95 -54.29
CA PRO X 1380 71.25 -13.37 -54.21
C PRO X 1380 70.76 -13.43 -52.75
N TYR X 1381 70.73 -12.27 -52.09
CA TYR X 1381 70.46 -12.11 -50.67
C TYR X 1381 69.09 -12.68 -50.28
N SER X 1382 68.04 -12.45 -51.09
CA SER X 1382 66.70 -12.97 -50.81
C SER X 1382 66.63 -14.50 -50.82
N ALA X 1383 67.33 -15.17 -51.74
CA ALA X 1383 67.38 -16.63 -51.78
C ALA X 1383 68.18 -17.19 -50.58
N ILE X 1384 69.25 -16.51 -50.16
CA ILE X 1384 70.03 -16.88 -48.98
C ILE X 1384 69.22 -16.66 -47.70
N ASP X 1385 68.43 -15.60 -47.63
CA ASP X 1385 67.52 -15.38 -46.50
C ASP X 1385 66.39 -16.42 -46.46
N HIS X 1386 65.82 -16.81 -47.60
CA HIS X 1386 64.91 -17.96 -47.64
C HIS X 1386 65.57 -19.25 -47.18
N LEU X 1387 66.82 -19.52 -47.58
CA LEU X 1387 67.59 -20.67 -47.07
C LEU X 1387 67.77 -20.60 -45.55
N ARG X 1388 68.10 -19.42 -45.01
CA ARG X 1388 68.24 -19.22 -43.57
C ARG X 1388 66.92 -19.44 -42.83
N GLN X 1389 65.81 -18.99 -43.41
CA GLN X 1389 64.48 -19.23 -42.86
C GLN X 1389 64.15 -20.73 -42.89
N ALA X 1390 64.32 -21.40 -44.04
CA ALA X 1390 64.04 -22.83 -44.18
C ALA X 1390 64.92 -23.71 -43.26
N LEU X 1391 66.19 -23.35 -43.07
CA LEU X 1391 67.08 -24.01 -42.09
C LEU X 1391 66.67 -23.71 -40.65
N GLY X 1392 66.07 -22.53 -40.38
CA GLY X 1392 65.64 -22.09 -39.05
C GLY X 1392 64.27 -22.62 -38.61
N GLU X 1393 63.36 -22.90 -39.54
CA GLU X 1393 62.02 -23.44 -39.24
C GLU X 1393 62.08 -24.82 -38.55
N ASN X 1394 63.16 -25.58 -38.77
CA ASN X 1394 63.38 -26.89 -38.15
C ASN X 1394 64.32 -26.80 -36.94
N GLU X 1395 63.86 -26.20 -35.83
CA GLU X 1395 64.65 -26.04 -34.60
C GLU X 1395 65.15 -27.37 -33.99
N SER X 1396 64.48 -28.49 -34.28
CA SER X 1396 64.82 -29.82 -33.74
C SER X 1396 66.06 -30.45 -34.37
N ASN X 1397 66.48 -30.01 -35.56
CA ASN X 1397 67.56 -30.64 -36.30
C ASN X 1397 68.89 -29.95 -35.97
N GLN X 1398 69.67 -30.54 -35.04
CA GLN X 1398 71.01 -30.05 -34.67
C GLN X 1398 71.92 -29.86 -35.90
N HIS X 1399 71.72 -30.68 -36.95
CA HIS X 1399 72.45 -30.57 -38.20
C HIS X 1399 72.14 -29.25 -38.94
N ASN X 1400 70.85 -28.88 -39.10
CA ASN X 1400 70.45 -27.63 -39.75
C ASN X 1400 70.97 -26.42 -38.97
N GLN X 1401 70.98 -26.46 -37.64
CA GLN X 1401 71.57 -25.41 -36.82
C GLN X 1401 73.09 -25.29 -36.99
N ALA X 1402 73.80 -26.41 -37.10
CA ALA X 1402 75.24 -26.42 -37.39
C ALA X 1402 75.54 -25.80 -38.76
N ILE X 1403 74.73 -26.11 -39.77
CA ILE X 1403 74.82 -25.52 -41.10
C ILE X 1403 74.51 -24.02 -41.04
N LEU X 1404 73.42 -23.62 -40.38
CA LEU X 1404 73.00 -22.23 -40.24
C LEU X 1404 74.04 -21.38 -39.50
N SER X 1405 74.66 -21.90 -38.45
CA SER X 1405 75.75 -21.20 -37.74
C SER X 1405 77.01 -21.08 -38.59
N LYS X 1406 77.35 -22.11 -39.38
CA LYS X 1406 78.46 -22.06 -40.36
C LYS X 1406 78.20 -21.01 -41.43
N LEU X 1407 76.97 -20.94 -41.94
CA LEU X 1407 76.52 -19.97 -42.93
C LEU X 1407 76.55 -18.54 -42.37
N GLN X 1408 76.01 -18.31 -41.17
CA GLN X 1408 76.04 -17.01 -40.50
C GLN X 1408 77.47 -16.51 -40.30
N ARG X 1409 78.36 -17.35 -39.75
CA ARG X 1409 79.76 -16.99 -39.55
C ARG X 1409 80.44 -16.60 -40.87
N LYS X 1410 80.11 -17.28 -41.96
CA LYS X 1410 80.65 -16.94 -43.29
C LYS X 1410 80.07 -15.66 -43.87
N MET X 1411 78.78 -15.43 -43.66
CA MET X 1411 78.11 -14.18 -44.02
C MET X 1411 78.71 -12.99 -43.26
N ASP X 1412 79.01 -13.15 -41.98
CA ASP X 1412 79.66 -12.11 -41.18
C ASP X 1412 81.07 -11.81 -41.70
N GLU X 1413 81.86 -12.83 -42.06
CA GLU X 1413 83.17 -12.66 -42.69
C GLU X 1413 83.06 -11.88 -44.01
N TYR X 1414 82.06 -12.21 -44.83
CA TYR X 1414 81.75 -11.48 -46.06
C TYR X 1414 81.37 -10.03 -45.79
N PHE X 1415 80.43 -9.76 -44.88
CA PHE X 1415 79.99 -8.40 -44.57
C PHE X 1415 81.12 -7.55 -43.97
N GLN X 1416 82.00 -8.13 -43.15
CA GLN X 1416 83.19 -7.45 -42.65
C GLN X 1416 84.16 -7.08 -43.78
N LYS X 1417 84.42 -8.01 -44.72
CA LYS X 1417 85.31 -7.75 -45.86
C LYS X 1417 84.68 -6.77 -46.85
N LEU X 1418 83.37 -6.84 -47.06
CA LEU X 1418 82.60 -5.88 -47.84
C LEU X 1418 82.67 -4.49 -47.23
N LYS X 1419 82.48 -4.35 -45.92
CA LYS X 1419 82.62 -3.08 -45.22
C LYS X 1419 84.03 -2.51 -45.41
N LYS X 1420 85.07 -3.33 -45.24
CA LYS X 1420 86.46 -2.93 -45.45
C LYS X 1420 86.74 -2.51 -46.90
N ALA X 1421 86.29 -3.29 -47.88
CA ALA X 1421 86.44 -2.97 -49.29
C ALA X 1421 85.69 -1.69 -49.67
N THR X 1422 84.51 -1.46 -49.10
CA THR X 1422 83.72 -0.23 -49.28
C THR X 1422 84.43 0.97 -48.65
N ASP X 1423 85.01 0.81 -47.46
CA ASP X 1423 85.80 1.86 -46.81
C ASP X 1423 87.08 2.17 -47.58
N ASP X 1424 87.76 1.15 -48.12
CA ASP X 1424 88.95 1.33 -48.96
C ASP X 1424 88.59 1.95 -50.33
N TYR X 1425 87.44 1.62 -50.90
CA TYR X 1425 86.89 2.33 -52.07
C TYR X 1425 86.60 3.80 -51.73
N LYS X 1426 85.95 4.09 -50.60
CA LYS X 1426 85.75 5.47 -50.14
C LYS X 1426 87.07 6.22 -49.99
N LYS X 1427 88.13 5.58 -49.47
CA LYS X 1427 89.48 6.19 -49.38
C LYS X 1427 90.12 6.41 -50.74
N LEU X 1428 89.95 5.48 -51.69
CA LEU X 1428 90.39 5.64 -53.08
C LEU X 1428 89.69 6.82 -53.76
N VAL X 1429 88.39 6.99 -53.51
CA VAL X 1429 87.60 8.13 -54.01
C VAL X 1429 87.97 9.45 -53.29
N GLN X 1430 88.43 9.40 -52.02
CA GLN X 1430 88.78 10.59 -51.22
C GLN X 1430 90.24 11.07 -51.36
N LYS X 1431 91.15 10.34 -52.03
CA LYS X 1431 92.48 10.89 -52.37
C LYS X 1431 92.30 11.97 -53.46
N PRO X 1432 92.74 13.22 -53.23
CA PRO X 1432 92.46 14.32 -54.14
C PRO X 1432 93.17 14.10 -55.48
N LEU X 1433 92.43 14.35 -56.56
CA LEU X 1433 92.94 14.49 -57.93
C LEU X 1433 94.06 15.56 -57.95
N ARG X 1434 95.30 15.15 -57.67
CA ARG X 1434 96.53 15.81 -58.11
C ARG X 1434 97.13 14.97 -59.23
N ALA X 1435 96.43 14.97 -60.36
CA ALA X 1435 96.92 14.77 -61.72
C ALA X 1435 95.84 15.32 -62.64
N TRP Y 16 -60.63 -43.84 -87.58
CA TRP Y 16 -61.95 -43.56 -87.01
C TRP Y 16 -62.98 -43.12 -88.07
N ALA Y 17 -62.60 -43.05 -89.35
CA ALA Y 17 -63.52 -42.62 -90.40
C ALA Y 17 -64.69 -43.60 -90.65
N GLY Y 18 -64.65 -44.82 -90.09
CA GLY Y 18 -65.69 -45.83 -90.20
C GLY Y 18 -66.97 -45.62 -89.38
N SER Y 19 -67.33 -44.39 -88.98
CA SER Y 19 -68.66 -44.15 -88.41
C SER Y 19 -69.72 -44.26 -89.51
N ILE Y 20 -70.44 -45.39 -89.58
CA ILE Y 20 -71.61 -45.51 -90.47
C ILE Y 20 -72.67 -44.53 -89.97
N THR Y 21 -72.81 -43.43 -90.71
CA THR Y 21 -73.99 -42.58 -90.65
C THR Y 21 -75.17 -43.35 -91.22
N LEU Y 22 -76.28 -43.47 -90.48
CA LEU Y 22 -77.53 -44.04 -91.02
C LEU Y 22 -78.19 -42.99 -91.94
N PRO Y 23 -78.35 -43.24 -93.26
CA PRO Y 23 -79.13 -42.37 -94.13
C PRO Y 23 -80.62 -42.80 -94.14
N MET Y 24 -81.54 -41.83 -94.20
CA MET Y 24 -82.98 -42.07 -94.20
C MET Y 24 -83.67 -41.54 -95.48
N VAL Y 25 -84.55 -42.40 -96.03
CA VAL Y 25 -85.65 -42.17 -97.00
C VAL Y 25 -85.32 -41.64 -98.41
N GLN Y 26 -85.56 -42.50 -99.40
CA GLN Y 26 -85.73 -42.18 -100.82
C GLN Y 26 -87.08 -41.46 -101.06
N ARG Y 27 -87.07 -40.30 -101.73
CA ARG Y 27 -88.29 -39.60 -102.19
C ARG Y 27 -88.83 -40.24 -103.48
N VAL Y 28 -90.09 -40.69 -103.45
CA VAL Y 28 -90.93 -40.89 -104.65
C VAL Y 28 -92.21 -40.06 -104.50
N GLY Y 29 -92.54 -39.33 -105.57
CA GLY Y 29 -93.58 -38.30 -105.72
C GLY Y 29 -94.84 -38.33 -104.84
N GLY Y 30 -95.20 -37.15 -104.33
CA GLY Y 30 -96.46 -36.51 -104.73
C GLY Y 30 -97.71 -36.69 -103.87
N PHE Y 31 -97.68 -36.42 -102.54
CA PHE Y 31 -98.77 -35.76 -101.77
C PHE Y 31 -98.38 -35.58 -100.28
N THR Y 32 -97.39 -34.74 -99.95
CA THR Y 32 -96.84 -34.71 -98.57
C THR Y 32 -96.57 -33.31 -98.01
N ARG Y 33 -97.42 -32.31 -98.29
CA ARG Y 33 -97.29 -30.97 -97.68
C ARG Y 33 -97.44 -30.95 -96.15
N ALA Y 34 -98.16 -31.90 -95.55
CA ALA Y 34 -98.29 -32.00 -94.09
C ALA Y 34 -97.11 -32.73 -93.43
N ILE Y 35 -96.51 -33.71 -94.11
CA ILE Y 35 -95.29 -34.40 -93.66
C ILE Y 35 -94.08 -33.47 -93.78
N MET Y 36 -94.07 -32.56 -94.75
CA MET Y 36 -93.03 -31.53 -94.92
C MET Y 36 -92.78 -30.67 -93.67
N ALA Y 37 -93.77 -30.42 -92.80
CA ALA Y 37 -93.54 -29.60 -91.61
C ALA Y 37 -92.85 -30.39 -90.46
N ALA Y 38 -93.03 -31.71 -90.41
CA ALA Y 38 -92.46 -32.57 -89.37
C ALA Y 38 -91.11 -33.20 -89.77
N SER Y 39 -90.87 -33.40 -91.07
CA SER Y 39 -89.64 -34.02 -91.58
C SER Y 39 -88.44 -33.07 -91.67
N VAL Y 40 -88.64 -31.75 -91.66
CA VAL Y 40 -87.58 -30.74 -91.80
C VAL Y 40 -86.51 -30.84 -90.70
N ASN Y 41 -86.84 -31.38 -89.52
CA ASN Y 41 -85.87 -31.52 -88.43
C ASN Y 41 -85.03 -32.81 -88.47
N LEU Y 42 -85.36 -33.79 -89.32
CA LEU Y 42 -84.78 -35.15 -89.28
C LEU Y 42 -83.78 -35.46 -90.42
N GLU Y 43 -83.23 -34.46 -91.09
CA GLU Y 43 -82.33 -34.67 -92.25
C GLU Y 43 -80.86 -34.90 -91.89
N ARG Y 44 -80.50 -34.91 -90.60
CA ARG Y 44 -79.10 -35.08 -90.16
C ARG Y 44 -78.78 -36.52 -89.80
N SER Y 45 -77.57 -36.96 -90.19
CA SER Y 45 -77.01 -38.22 -89.75
C SER Y 45 -76.89 -38.29 -88.23
N TYR Y 46 -76.96 -39.50 -87.70
CA TYR Y 46 -76.68 -39.76 -86.29
C TYR Y 46 -75.27 -40.29 -86.09
N MET Y 47 -74.67 -39.87 -84.98
CA MET Y 47 -73.44 -40.40 -84.42
C MET Y 47 -73.76 -41.38 -83.29
N GLU Y 48 -73.14 -42.55 -83.31
CA GLU Y 48 -73.26 -43.53 -82.24
C GLU Y 48 -72.32 -43.18 -81.07
N LEU Y 49 -72.88 -43.13 -79.87
CA LEU Y 49 -72.23 -42.82 -78.61
C LEU Y 49 -72.40 -43.99 -77.65
N ILE Y 50 -71.32 -44.64 -77.25
CA ILE Y 50 -71.40 -45.72 -76.26
C ILE Y 50 -71.65 -45.11 -74.88
N GLY Y 51 -72.57 -45.67 -74.09
CA GLY Y 51 -72.74 -45.28 -72.70
C GLY Y 51 -71.57 -45.70 -71.80
N ALA Y 52 -71.60 -45.28 -70.53
CA ALA Y 52 -70.57 -45.58 -69.52
C ALA Y 52 -70.43 -47.10 -69.25
N GLU Y 53 -69.72 -47.80 -70.10
CA GLU Y 53 -69.45 -49.23 -69.95
C GLU Y 53 -68.35 -49.54 -68.95
N ARG Y 54 -67.51 -48.55 -68.63
CA ARG Y 54 -66.44 -48.67 -67.64
C ARG Y 54 -66.94 -49.15 -66.27
N GLU Y 55 -68.25 -49.02 -65.99
CA GLU Y 55 -68.92 -49.58 -64.81
C GLU Y 55 -69.99 -50.66 -65.11
N THR Y 56 -70.27 -51.03 -66.36
CA THR Y 56 -71.29 -52.07 -66.63
C THR Y 56 -70.91 -53.44 -66.07
N SER Y 57 -69.62 -53.75 -65.92
CA SER Y 57 -69.14 -54.91 -65.17
C SER Y 57 -69.45 -54.85 -63.67
N ARG Y 58 -69.71 -53.66 -63.10
CA ARG Y 58 -70.22 -53.47 -61.74
C ARG Y 58 -71.75 -53.46 -61.64
N ARG Y 59 -72.50 -53.67 -62.73
CA ARG Y 59 -73.94 -53.93 -62.59
C ARG Y 59 -74.06 -55.27 -61.86
N ASN Y 60 -74.18 -55.21 -60.54
CA ASN Y 60 -74.45 -56.35 -59.67
C ASN Y 60 -75.85 -56.85 -60.04
N PHE Y 61 -75.90 -57.72 -61.05
CA PHE Y 61 -77.12 -58.40 -61.43
C PHE Y 61 -77.58 -59.18 -60.22
N ARG Y 62 -78.78 -58.84 -59.75
CA ARG Y 62 -79.44 -59.67 -58.75
C ARG Y 62 -79.94 -60.92 -59.46
N ASP Y 63 -79.24 -62.03 -59.27
CA ASP Y 63 -79.62 -63.31 -59.84
C ASP Y 63 -80.85 -63.88 -59.10
N LEU Y 64 -81.91 -64.19 -59.84
CA LEU Y 64 -83.13 -64.81 -59.36
C LEU Y 64 -83.42 -66.03 -60.23
N SER Y 65 -83.74 -67.16 -59.60
CA SER Y 65 -84.09 -68.39 -60.32
C SER Y 65 -85.56 -68.75 -60.09
N LEU Y 66 -86.32 -68.88 -61.17
CA LEU Y 66 -87.68 -69.38 -61.18
C LEU Y 66 -87.67 -70.84 -61.61
N ARG Y 67 -88.29 -71.69 -60.79
CA ARG Y 67 -88.47 -73.10 -61.10
C ARG Y 67 -89.96 -73.41 -61.30
N PRO Y 68 -90.49 -73.22 -62.51
CA PRO Y 68 -91.84 -73.70 -62.82
C PRO Y 68 -91.92 -75.24 -62.76
N ASP Y 69 -93.11 -75.76 -62.47
CA ASP Y 69 -93.41 -77.21 -62.45
C ASP Y 69 -93.50 -77.78 -63.88
N VAL Y 70 -92.38 -77.75 -64.60
CA VAL Y 70 -92.27 -78.22 -65.98
C VAL Y 70 -90.97 -79.00 -66.19
N ASN Y 71 -91.05 -80.00 -67.08
CA ASN Y 71 -89.90 -80.82 -67.44
C ASN Y 71 -89.07 -80.15 -68.55
N LEU Y 72 -87.75 -80.31 -68.45
CA LEU Y 72 -86.79 -79.86 -69.47
C LEU Y 72 -87.12 -80.48 -70.84
N VAL Y 73 -87.29 -79.65 -71.87
CA VAL Y 73 -87.44 -80.13 -73.25
C VAL Y 73 -86.06 -80.48 -73.82
N ILE Y 74 -85.69 -81.75 -73.73
CA ILE Y 74 -84.45 -82.25 -74.34
C ILE Y 74 -84.58 -82.20 -75.87
N GLY Y 75 -83.68 -81.48 -76.55
CA GLY Y 75 -83.70 -81.30 -78.01
C GLY Y 75 -84.62 -80.17 -78.51
N GLY Y 76 -85.07 -79.26 -77.64
CA GLY Y 76 -85.85 -78.09 -78.03
C GLY Y 76 -85.08 -77.11 -78.95
N PRO Y 77 -85.80 -76.23 -79.67
CA PRO Y 77 -85.20 -75.25 -80.56
C PRO Y 77 -84.35 -74.24 -79.76
N LYS Y 78 -83.18 -73.88 -80.30
CA LYS Y 78 -82.38 -72.77 -79.79
C LYS Y 78 -82.94 -71.46 -80.36
N TYR Y 79 -83.58 -70.67 -79.51
CA TYR Y 79 -84.03 -69.33 -79.89
C TYR Y 79 -82.84 -68.36 -79.98
N ALA Y 80 -82.93 -67.41 -80.90
CA ALA Y 80 -81.95 -66.34 -81.01
C ALA Y 80 -82.12 -65.35 -79.86
N ASP Y 81 -81.00 -64.75 -79.43
CA ASP Y 81 -81.00 -63.68 -78.44
C ASP Y 81 -81.91 -62.53 -78.89
N CYS Y 82 -82.67 -61.98 -77.95
CA CYS Y 82 -83.60 -60.88 -78.21
C CYS Y 82 -83.39 -59.75 -77.22
N ALA Y 83 -83.78 -58.55 -77.60
CA ALA Y 83 -83.76 -57.39 -76.72
C ALA Y 83 -84.97 -56.51 -76.97
N GLY Y 84 -85.26 -55.64 -76.00
CA GLY Y 84 -86.26 -54.60 -76.12
C GLY Y 84 -86.10 -53.57 -75.02
N GLY Y 85 -86.89 -52.51 -75.11
CA GLY Y 85 -86.92 -51.48 -74.08
C GLY Y 85 -88.31 -50.88 -73.93
N TYR Y 86 -88.47 -50.12 -72.86
CA TYR Y 86 -89.70 -49.49 -72.45
C TYR Y 86 -89.39 -48.12 -71.85
N CYS Y 87 -90.06 -47.09 -72.36
CA CYS Y 87 -89.96 -45.73 -71.84
C CYS Y 87 -91.20 -45.46 -71.00
N TYR Y 88 -91.01 -44.87 -69.81
CA TYR Y 88 -92.13 -44.52 -68.94
C TYR Y 88 -92.99 -43.42 -69.55
N SER Y 89 -94.26 -43.35 -69.16
CA SER Y 89 -95.12 -42.21 -69.40
C SER Y 89 -94.58 -40.96 -68.68
N GLU Y 90 -94.85 -39.77 -69.22
CA GLU Y 90 -94.38 -38.48 -68.71
C GLU Y 90 -92.85 -38.34 -68.57
N SER Y 91 -92.08 -39.19 -69.23
CA SER Y 91 -90.61 -39.16 -69.24
C SER Y 91 -90.02 -37.92 -69.90
N SER Y 92 -90.79 -37.22 -70.73
CA SER Y 92 -90.47 -35.88 -71.27
C SER Y 92 -90.81 -34.74 -70.31
N SER Y 93 -91.58 -34.99 -69.25
CA SER Y 93 -92.01 -33.96 -68.29
C SER Y 93 -90.91 -33.68 -67.27
N LEU Y 94 -90.48 -32.41 -67.21
CA LEU Y 94 -89.36 -31.95 -66.39
C LEU Y 94 -89.55 -32.19 -64.87
N LEU Y 95 -90.80 -32.18 -64.42
CA LEU Y 95 -91.19 -32.36 -63.01
C LEU Y 95 -91.53 -33.81 -62.66
N SER Y 96 -91.52 -34.73 -63.64
CA SER Y 96 -91.86 -36.12 -63.39
C SER Y 96 -90.72 -36.89 -62.70
N ALA Y 97 -91.09 -37.85 -61.84
CA ALA Y 97 -90.15 -38.81 -61.27
C ALA Y 97 -89.63 -39.83 -62.31
N THR Y 98 -90.32 -39.95 -63.46
CA THR Y 98 -89.97 -40.83 -64.58
C THR Y 98 -89.14 -40.13 -65.67
N ARG Y 99 -88.76 -38.86 -65.46
CA ARG Y 99 -88.00 -38.06 -66.44
C ARG Y 99 -86.69 -38.74 -66.87
N ASN Y 100 -86.40 -38.77 -68.16
CA ASN Y 100 -85.22 -39.43 -68.75
C ASN Y 100 -84.94 -40.85 -68.20
N ARG Y 101 -85.98 -41.59 -67.81
CA ARG Y 101 -85.88 -42.98 -67.31
C ARG Y 101 -86.45 -43.95 -68.33
N PHE Y 102 -85.83 -45.12 -68.41
CA PHE Y 102 -86.30 -46.21 -69.26
C PHE Y 102 -85.79 -47.56 -68.77
N LEU Y 103 -86.48 -48.62 -69.19
CA LEU Y 103 -86.12 -50.01 -68.95
C LEU Y 103 -85.61 -50.60 -70.26
N HIS Y 104 -84.59 -51.44 -70.19
CA HIS Y 104 -84.21 -52.32 -71.29
C HIS Y 104 -84.05 -53.74 -70.77
N TRP Y 105 -84.21 -54.68 -71.69
CA TRP Y 105 -84.10 -56.10 -71.40
C TRP Y 105 -83.41 -56.83 -72.52
N THR Y 106 -82.68 -57.87 -72.16
CA THR Y 106 -82.07 -58.84 -73.08
C THR Y 106 -82.44 -60.24 -72.64
N SER Y 107 -82.80 -61.11 -73.58
CA SER Y 107 -83.11 -62.51 -73.32
C SER Y 107 -82.22 -63.41 -74.14
N TYR Y 108 -81.68 -64.44 -73.48
CA TYR Y 108 -80.87 -65.49 -74.08
C TYR Y 108 -81.18 -66.81 -73.38
N ALA Y 109 -81.54 -67.83 -74.17
CA ALA Y 109 -81.94 -69.15 -73.68
C ALA Y 109 -82.99 -69.09 -72.53
N ASP Y 110 -82.63 -69.48 -71.31
CA ASP Y 110 -83.46 -69.53 -70.12
C ASP Y 110 -83.37 -68.27 -69.24
N THR Y 111 -82.64 -67.24 -69.70
CA THR Y 111 -82.25 -66.09 -68.88
C THR Y 111 -82.77 -64.78 -69.48
N LEU Y 112 -83.37 -63.96 -68.62
CA LEU Y 112 -83.82 -62.59 -68.87
C LEU Y 112 -83.01 -61.62 -68.02
N GLU Y 113 -82.32 -60.68 -68.64
CA GLU Y 113 -81.71 -59.54 -67.97
C GLU Y 113 -82.61 -58.33 -68.12
N LEU Y 114 -82.90 -57.67 -67.00
CA LEU Y 114 -83.73 -56.46 -66.90
C LEU Y 114 -82.90 -55.37 -66.26
N VAL Y 115 -82.86 -54.19 -66.89
CA VAL Y 115 -82.07 -53.07 -66.38
C VAL Y 115 -82.82 -51.75 -66.53
N GLU Y 116 -82.84 -50.97 -65.46
CA GLU Y 116 -83.40 -49.62 -65.40
C GLU Y 116 -82.27 -48.59 -65.51
N ILE Y 117 -82.44 -47.63 -66.41
CA ILE Y 117 -81.47 -46.54 -66.62
C ILE Y 117 -82.19 -45.22 -66.41
N SER Y 118 -81.50 -44.29 -65.75
CA SER Y 118 -81.85 -42.87 -65.72
C SER Y 118 -80.65 -42.08 -66.23
N LEU Y 119 -80.90 -41.08 -67.08
CA LEU Y 119 -79.86 -40.13 -67.50
C LEU Y 119 -79.62 -39.04 -66.46
N ASP Y 120 -80.58 -38.81 -65.57
CA ASP Y 120 -80.49 -37.74 -64.58
C ASP Y 120 -79.80 -38.19 -63.28
N ILE Y 121 -80.11 -39.39 -62.78
CA ILE Y 121 -79.67 -39.81 -61.44
C ILE Y 121 -79.18 -41.25 -61.47
N ASN Y 122 -78.17 -41.59 -60.66
CA ASN Y 122 -77.66 -42.95 -60.61
C ASN Y 122 -78.63 -43.87 -59.86
N LEU Y 123 -79.03 -44.97 -60.49
CA LEU Y 123 -79.96 -45.94 -59.89
C LEU Y 123 -79.19 -47.09 -59.22
N VAL Y 124 -79.51 -47.36 -57.95
CA VAL Y 124 -78.97 -48.46 -57.16
C VAL Y 124 -79.87 -49.70 -57.31
N ASN Y 125 -79.26 -50.89 -57.37
CA ASN Y 125 -79.95 -52.16 -57.57
C ASN Y 125 -80.80 -52.19 -58.85
N ASN Y 126 -80.30 -51.57 -59.92
CA ASN Y 126 -81.03 -51.33 -61.16
C ASN Y 126 -80.94 -52.45 -62.19
N ALA Y 127 -80.34 -53.60 -61.85
CA ALA Y 127 -80.13 -54.72 -62.76
C ALA Y 127 -80.54 -56.05 -62.11
N VAL Y 128 -81.33 -56.85 -62.83
CA VAL Y 128 -81.84 -58.15 -62.39
C VAL Y 128 -81.61 -59.18 -63.49
N ARG Y 129 -81.10 -60.34 -63.11
CA ARG Y 129 -81.01 -61.51 -64.00
C ARG Y 129 -81.97 -62.58 -63.52
N LEU Y 130 -83.05 -62.77 -64.26
CA LEU Y 130 -84.08 -63.75 -63.99
C LEU Y 130 -83.87 -65.00 -64.85
N ARG Y 131 -83.61 -66.13 -64.21
CA ARG Y 131 -83.41 -67.42 -64.87
C ARG Y 131 -84.64 -68.31 -64.68
N ILE Y 132 -85.34 -68.63 -65.77
CA ILE Y 132 -86.53 -69.48 -65.76
C ILE Y 132 -86.11 -70.91 -66.12
N LEU Y 133 -85.80 -71.71 -65.11
CA LEU Y 133 -85.28 -73.06 -65.27
C LEU Y 133 -86.23 -73.93 -66.10
N ASN Y 134 -85.65 -74.78 -66.95
CA ASN Y 134 -86.33 -75.68 -67.89
C ASN Y 134 -87.12 -75.01 -69.02
N CYS Y 135 -87.30 -73.69 -68.97
CA CYS Y 135 -87.97 -72.91 -69.99
C CYS Y 135 -86.96 -72.11 -70.83
N SER Y 136 -87.32 -71.83 -72.07
CA SER Y 136 -86.59 -70.88 -72.91
C SER Y 136 -87.50 -69.73 -73.28
N ILE Y 137 -87.02 -68.50 -73.13
CA ILE Y 137 -87.79 -67.29 -73.42
C ILE Y 137 -88.01 -67.19 -74.94
N LEU Y 138 -89.25 -66.88 -75.35
CA LEU Y 138 -89.57 -66.76 -76.77
C LEU Y 138 -89.06 -65.44 -77.35
N PRO Y 139 -88.72 -65.38 -78.65
CA PRO Y 139 -88.38 -64.13 -79.32
C PRO Y 139 -89.54 -63.13 -79.26
N GLY Y 140 -89.31 -61.95 -78.67
CA GLY Y 140 -90.38 -61.00 -78.40
C GLY Y 140 -91.35 -61.48 -77.32
N GLY Y 141 -90.93 -62.38 -76.42
CA GLY Y 141 -91.76 -62.87 -75.33
C GLY Y 141 -91.85 -61.93 -74.14
N VAL Y 142 -91.09 -60.84 -74.10
CA VAL Y 142 -91.06 -59.91 -72.97
C VAL Y 142 -91.76 -58.61 -73.35
N HIS Y 143 -92.78 -58.25 -72.58
CA HIS Y 143 -93.55 -57.02 -72.75
C HIS Y 143 -93.62 -56.28 -71.43
N ILE Y 144 -93.49 -54.95 -71.48
CA ILE Y 144 -93.59 -54.09 -70.31
C ILE Y 144 -94.76 -53.15 -70.53
N CYS Y 145 -95.60 -52.99 -69.52
CA CYS Y 145 -96.78 -52.13 -69.57
C CYS Y 145 -96.80 -51.24 -68.33
N GLU Y 146 -97.14 -49.95 -68.50
CA GLU Y 146 -97.51 -49.09 -67.38
C GLU Y 146 -98.96 -49.26 -66.96
N THR Y 147 -99.15 -49.14 -65.67
CA THR Y 147 -100.41 -48.78 -65.05
C THR Y 147 -100.17 -47.58 -64.14
N PRO Y 148 -101.21 -46.84 -63.70
CA PRO Y 148 -101.04 -45.68 -62.82
C PRO Y 148 -100.28 -45.97 -61.51
N ASN Y 149 -100.22 -47.24 -61.07
CA ASN Y 149 -99.62 -47.64 -59.80
C ASN Y 149 -98.39 -48.55 -59.95
N ASN Y 150 -98.30 -49.31 -61.04
CA ASN Y 150 -97.32 -50.39 -61.19
C ASN Y 150 -96.73 -50.44 -62.60
N ILE Y 151 -95.52 -50.98 -62.69
CA ILE Y 151 -94.92 -51.46 -63.93
C ILE Y 151 -95.10 -52.97 -63.99
N VAL Y 152 -95.72 -53.48 -65.06
CA VAL Y 152 -96.00 -54.90 -65.23
C VAL Y 152 -95.13 -55.46 -66.35
N VAL Y 153 -94.32 -56.47 -66.03
CA VAL Y 153 -93.49 -57.20 -66.97
C VAL Y 153 -94.13 -58.56 -67.25
N LEU Y 154 -94.55 -58.76 -68.49
CA LEU Y 154 -95.17 -59.98 -69.00
C LEU Y 154 -94.12 -60.81 -69.75
N ILE Y 155 -93.96 -62.09 -69.39
CA ILE Y 155 -92.91 -62.95 -69.93
C ILE Y 155 -93.53 -64.23 -70.51
N LEU Y 156 -93.37 -64.43 -71.81
CA LEU Y 156 -93.64 -65.67 -72.53
C LEU Y 156 -92.37 -66.51 -72.64
N THR Y 157 -92.47 -67.73 -72.14
CA THR Y 157 -91.53 -68.79 -72.47
C THR Y 157 -92.17 -69.82 -73.36
N ASN Y 158 -91.38 -70.78 -73.83
CA ASN Y 158 -91.88 -71.92 -74.58
C ASN Y 158 -92.96 -72.71 -73.81
N GLN Y 159 -92.91 -72.81 -72.47
CA GLN Y 159 -93.80 -73.66 -71.67
C GLN Y 159 -94.66 -72.92 -70.65
N THR Y 160 -94.31 -71.70 -70.27
CA THR Y 160 -94.95 -70.97 -69.17
C THR Y 160 -95.08 -69.48 -69.49
N VAL Y 161 -96.11 -68.85 -68.92
CA VAL Y 161 -96.29 -67.40 -68.92
C VAL Y 161 -96.13 -66.87 -67.51
N HIS Y 162 -95.49 -65.71 -67.37
CA HIS Y 162 -95.24 -65.06 -66.08
C HIS Y 162 -95.64 -63.59 -66.15
N ARG Y 163 -96.15 -63.09 -65.02
CA ARG Y 163 -96.43 -61.68 -64.77
C ARG Y 163 -95.63 -61.23 -63.56
N LEU Y 164 -94.74 -60.26 -63.74
CA LEU Y 164 -93.99 -59.62 -62.67
C LEU Y 164 -94.53 -58.21 -62.46
N ILE Y 165 -94.78 -57.84 -61.21
CA ILE Y 165 -95.36 -56.54 -60.85
C ILE Y 165 -94.34 -55.79 -60.01
N LEU Y 166 -94.02 -54.58 -60.48
CA LEU Y 166 -93.04 -53.70 -59.89
C LEU Y 166 -93.71 -52.37 -59.52
N PRO Y 167 -93.26 -51.69 -58.47
CA PRO Y 167 -93.82 -50.40 -58.08
C PRO Y 167 -93.53 -49.34 -59.15
N HIS Y 168 -94.49 -48.46 -59.41
CA HIS Y 168 -94.25 -47.29 -60.26
C HIS Y 168 -93.32 -46.27 -59.57
N PRO Y 169 -92.36 -45.64 -60.27
CA PRO Y 169 -91.44 -44.67 -59.66
C PRO Y 169 -92.13 -43.52 -58.92
N SER Y 170 -93.27 -43.03 -59.42
CA SER Y 170 -94.05 -41.97 -58.74
C SER Y 170 -94.64 -42.40 -57.37
N ARG Y 171 -94.76 -43.71 -57.11
CA ARG Y 171 -95.17 -44.26 -55.82
C ARG Y 171 -93.99 -44.46 -54.86
N MET Y 172 -92.80 -44.68 -55.41
CA MET Y 172 -91.57 -44.80 -54.61
C MET Y 172 -91.08 -43.44 -54.12
N TYR Y 173 -91.18 -42.41 -54.95
CA TYR Y 173 -90.67 -41.05 -54.66
C TYR Y 173 -91.83 -40.05 -54.72
N ARG Y 174 -92.36 -39.66 -53.56
CA ARG Y 174 -93.43 -38.65 -53.46
C ARG Y 174 -92.84 -37.24 -53.56
N SER Y 175 -92.71 -36.67 -54.77
CA SER Y 175 -92.43 -35.24 -55.03
C SER Y 175 -91.41 -34.54 -54.10
N GLU Y 176 -90.56 -35.29 -53.42
CA GLU Y 176 -89.48 -34.80 -52.59
C GLU Y 176 -88.36 -34.54 -53.56
N ILE Y 177 -87.88 -33.30 -53.55
CA ILE Y 177 -86.75 -32.86 -54.34
C ILE Y 177 -85.62 -33.85 -54.07
N ILE Y 178 -85.27 -34.64 -55.08
CA ILE Y 178 -84.22 -35.63 -54.91
C ILE Y 178 -82.90 -34.87 -54.88
N SER Y 179 -82.41 -34.59 -53.67
CA SER Y 179 -81.08 -34.02 -53.44
C SER Y 179 -79.96 -35.06 -53.52
N ASP Y 180 -80.31 -36.35 -53.44
CA ASP Y 180 -79.34 -37.44 -53.43
C ASP Y 180 -78.87 -37.79 -54.85
N SER Y 181 -77.56 -38.00 -54.99
CA SER Y 181 -76.92 -38.46 -56.23
C SER Y 181 -77.29 -39.90 -56.63
N HIS Y 182 -77.90 -40.65 -55.71
CA HIS Y 182 -78.26 -42.05 -55.88
C HIS Y 182 -79.68 -42.33 -55.39
N ILE Y 183 -80.43 -43.10 -56.15
CA ILE Y 183 -81.82 -43.47 -55.87
C ILE Y 183 -82.02 -44.97 -56.05
N GLN Y 184 -82.96 -45.59 -55.32
CA GLN Y 184 -83.29 -47.00 -55.51
C GLN Y 184 -84.07 -47.22 -56.83
N SER Y 185 -83.68 -48.24 -57.58
CA SER Y 185 -84.45 -48.72 -58.74
C SER Y 185 -85.75 -49.38 -58.32
N ILE Y 186 -86.73 -49.45 -59.23
CA ILE Y 186 -87.96 -50.25 -59.08
C ILE Y 186 -87.67 -51.74 -58.81
N PHE Y 187 -86.46 -52.20 -59.15
CA PHE Y 187 -85.99 -53.57 -58.92
C PHE Y 187 -85.46 -53.83 -57.51
N THR Y 188 -85.31 -52.81 -56.66
CA THR Y 188 -84.68 -52.96 -55.35
C THR Y 188 -85.35 -54.02 -54.47
N ASP Y 189 -86.69 -54.05 -54.48
CA ASP Y 189 -87.49 -54.98 -53.68
C ASP Y 189 -87.96 -56.22 -54.46
N ILE Y 190 -87.44 -56.47 -55.66
CA ILE Y 190 -87.85 -57.61 -56.50
C ILE Y 190 -87.65 -58.96 -55.80
N GLY Y 191 -86.65 -59.09 -54.91
CA GLY Y 191 -86.45 -60.33 -54.16
C GLY Y 191 -87.57 -60.65 -53.16
N LYS Y 192 -88.45 -59.68 -52.86
CA LYS Y 192 -89.62 -59.86 -51.98
C LYS Y 192 -90.86 -60.34 -52.74
N THR Y 193 -90.87 -60.26 -54.08
CA THR Y 193 -92.04 -60.69 -54.86
C THR Y 193 -92.17 -62.20 -54.81
N ASN Y 194 -93.34 -62.71 -54.45
CA ASN Y 194 -93.59 -64.14 -54.43
C ASN Y 194 -93.81 -64.66 -55.87
N PHE Y 195 -92.73 -65.10 -56.50
CA PHE Y 195 -92.79 -65.64 -57.86
C PHE Y 195 -93.51 -66.99 -57.96
N HIS Y 196 -93.75 -67.68 -56.84
CA HIS Y 196 -94.52 -68.92 -56.82
C HIS Y 196 -96.02 -68.69 -56.65
N ASP Y 197 -96.47 -67.42 -56.63
CA ASP Y 197 -97.89 -67.13 -56.62
C ASP Y 197 -98.55 -67.62 -57.94
N PRO Y 198 -99.52 -68.54 -57.88
CA PRO Y 198 -100.26 -69.00 -59.06
C PRO Y 198 -101.03 -67.87 -59.76
N SER Y 199 -101.26 -66.73 -59.11
CA SER Y 199 -101.82 -65.54 -59.75
C SER Y 199 -100.87 -64.95 -60.81
N ASN Y 200 -99.57 -65.20 -60.71
CA ASN Y 200 -98.52 -64.57 -61.50
C ASN Y 200 -97.81 -65.53 -62.46
N THR Y 201 -98.12 -66.83 -62.40
CA THR Y 201 -97.50 -67.84 -63.26
C THR Y 201 -98.53 -68.83 -63.76
N TYR Y 202 -98.43 -69.22 -65.03
CA TYR Y 202 -99.32 -70.23 -65.63
C TYR Y 202 -98.56 -71.12 -66.62
N VAL Y 203 -98.79 -72.43 -66.54
CA VAL Y 203 -98.19 -73.41 -67.46
C VAL Y 203 -99.05 -73.52 -68.71
N ILE Y 204 -98.45 -73.30 -69.88
CA ILE Y 204 -99.12 -73.37 -71.17
C ILE Y 204 -99.50 -74.85 -71.44
N PRO Y 205 -100.79 -75.16 -71.64
CA PRO Y 205 -101.20 -76.53 -71.92
C PRO Y 205 -100.66 -77.00 -73.28
N ALA Y 206 -100.21 -78.25 -73.35
CA ALA Y 206 -99.69 -78.84 -74.59
C ALA Y 206 -100.76 -79.00 -75.68
N ILE Y 207 -102.04 -79.18 -75.29
CA ILE Y 207 -103.17 -79.45 -76.17
C ILE Y 207 -104.37 -78.59 -75.71
N PRO Y 208 -105.11 -77.91 -76.60
CA PRO Y 208 -104.97 -77.93 -78.06
C PRO Y 208 -103.93 -76.91 -78.56
N GLY Y 209 -102.74 -77.43 -78.89
CA GLY Y 209 -102.05 -77.03 -80.11
C GLY Y 209 -101.09 -75.86 -80.02
N ARG Y 210 -100.18 -75.80 -79.05
CA ARG Y 210 -98.96 -74.98 -79.26
C ARG Y 210 -98.23 -75.50 -80.49
N ALA Y 211 -97.91 -74.64 -81.47
CA ALA Y 211 -97.09 -75.09 -82.58
C ALA Y 211 -95.69 -75.52 -82.08
N PRO Y 212 -95.10 -76.61 -82.59
CA PRO Y 212 -93.71 -76.91 -82.30
C PRO Y 212 -92.82 -75.82 -82.90
N ASN Y 213 -91.83 -75.34 -82.13
CA ASN Y 213 -90.83 -74.37 -82.57
C ASN Y 213 -91.37 -72.97 -82.94
N THR Y 214 -92.35 -72.45 -82.20
CA THR Y 214 -92.85 -71.08 -82.38
C THR Y 214 -91.76 -70.04 -82.12
N THR Y 215 -91.51 -69.17 -83.09
CA THR Y 215 -90.63 -68.01 -82.94
C THR Y 215 -91.37 -66.71 -82.71
N ALA Y 216 -92.70 -66.72 -82.77
CA ALA Y 216 -93.55 -65.55 -82.56
C ALA Y 216 -94.24 -65.60 -81.20
N SER Y 217 -94.31 -64.47 -80.54
CA SER Y 217 -95.09 -64.27 -79.31
C SER Y 217 -95.42 -62.79 -79.18
N THR Y 218 -96.52 -62.49 -78.49
CA THR Y 218 -96.81 -61.13 -78.05
C THR Y 218 -97.64 -61.17 -76.76
N ALA Y 219 -97.53 -60.13 -75.91
CA ALA Y 219 -98.32 -59.99 -74.70
C ALA Y 219 -98.75 -58.54 -74.49
N TRP Y 220 -99.86 -58.32 -73.78
CA TRP Y 220 -100.37 -56.99 -73.45
C TRP Y 220 -101.29 -57.03 -72.22
N LEU Y 221 -101.55 -55.86 -71.63
CA LEU Y 221 -102.61 -55.69 -70.65
C LEU Y 221 -103.89 -55.19 -71.32
N SER Y 222 -105.05 -55.74 -70.94
CA SER Y 222 -106.34 -55.16 -71.34
C SER Y 222 -106.62 -53.86 -70.59
N SER Y 223 -107.62 -53.10 -71.05
CA SER Y 223 -108.17 -51.94 -70.33
C SER Y 223 -108.59 -52.27 -68.89
N ASP Y 224 -108.96 -53.52 -68.65
CA ASP Y 224 -109.46 -54.02 -67.37
C ASP Y 224 -108.33 -54.55 -66.45
N GLY Y 225 -107.06 -54.45 -66.90
CA GLY Y 225 -105.89 -54.91 -66.16
C GLY Y 225 -105.61 -56.41 -66.25
N GLU Y 226 -106.28 -57.13 -67.16
CA GLU Y 226 -106.04 -58.54 -67.42
C GLU Y 226 -104.76 -58.73 -68.24
N ALA Y 227 -103.98 -59.76 -67.96
CA ALA Y 227 -102.78 -60.05 -68.72
C ALA Y 227 -103.07 -61.06 -69.84
N LEU Y 228 -102.88 -60.64 -71.09
CA LEU Y 228 -103.11 -61.46 -72.27
C LEU Y 228 -101.79 -61.82 -72.95
N PHE Y 229 -101.73 -63.06 -73.42
CA PHE Y 229 -100.54 -63.71 -73.93
C PHE Y 229 -100.89 -64.46 -75.21
N ALA Y 230 -100.38 -64.04 -76.35
CA ALA Y 230 -100.66 -64.63 -77.65
C ALA Y 230 -99.45 -65.38 -78.22
N LEU Y 231 -99.70 -66.60 -78.68
CA LEU Y 231 -98.72 -67.47 -79.31
C LEU Y 231 -99.32 -68.24 -80.50
N PRO Y 232 -98.53 -68.65 -81.49
CA PRO Y 232 -99.01 -69.41 -82.63
C PRO Y 232 -99.60 -70.77 -82.24
N SER Y 233 -100.75 -71.09 -82.81
CA SER Y 233 -101.36 -72.42 -82.73
C SER Y 233 -100.83 -73.34 -83.84
N ILE Y 234 -100.79 -74.64 -83.59
CA ILE Y 234 -100.47 -75.69 -84.57
C ILE Y 234 -101.43 -75.67 -85.76
N SER Y 235 -102.64 -75.13 -85.58
CA SER Y 235 -103.62 -74.95 -86.63
C SER Y 235 -103.34 -73.74 -87.53
N GLY Y 236 -102.22 -73.03 -87.35
CA GLY Y 236 -101.95 -71.76 -88.04
C GLY Y 236 -102.76 -70.57 -87.50
N GLY Y 237 -103.56 -70.77 -86.44
CA GLY Y 237 -104.22 -69.70 -85.69
C GLY Y 237 -103.34 -69.04 -84.63
N ILE Y 238 -103.96 -68.22 -83.77
CA ILE Y 238 -103.32 -67.58 -82.61
C ILE Y 238 -104.02 -68.05 -81.33
N LEU Y 239 -103.28 -68.69 -80.44
CA LEU Y 239 -103.73 -69.05 -79.09
C LEU Y 239 -103.50 -67.87 -78.15
N VAL Y 240 -104.55 -67.41 -77.48
CA VAL Y 240 -104.52 -66.31 -76.51
C VAL Y 240 -104.85 -66.86 -75.12
N ILE Y 241 -103.94 -66.69 -74.17
CA ILE Y 241 -104.10 -67.02 -72.76
C ILE Y 241 -104.40 -65.71 -72.03
N LYS Y 242 -105.49 -65.69 -71.25
CA LYS Y 242 -105.94 -64.54 -70.48
C LYS Y 242 -105.90 -64.87 -68.99
N MET Y 243 -105.06 -64.13 -68.26
CA MET Y 243 -104.95 -64.18 -66.80
C MET Y 243 -105.75 -63.03 -66.18
N PRO Y 244 -106.41 -63.25 -65.02
CA PRO Y 244 -107.20 -62.22 -64.35
C PRO Y 244 -106.33 -61.04 -63.88
N PRO Y 245 -106.94 -59.89 -63.56
CA PRO Y 245 -106.22 -58.77 -62.95
C PRO Y 245 -105.53 -59.19 -61.66
N HIS Y 246 -104.41 -58.57 -61.31
CA HIS Y 246 -103.59 -59.01 -60.18
C HIS Y 246 -104.32 -58.99 -58.83
N ASP Y 247 -105.16 -57.99 -58.61
CA ASP Y 247 -105.86 -57.80 -57.35
C ASP Y 247 -107.17 -58.60 -57.28
N MET Y 248 -107.48 -59.40 -58.31
CA MET Y 248 -108.73 -60.16 -58.41
C MET Y 248 -108.48 -61.65 -58.56
N GLU Y 249 -109.18 -62.45 -57.74
CA GLU Y 249 -109.19 -63.90 -57.91
C GLU Y 249 -110.03 -64.29 -59.14
N GLY Y 250 -109.41 -64.98 -60.10
CA GLY Y 250 -110.06 -65.46 -61.31
C GLY Y 250 -109.35 -66.66 -61.92
N LEU Y 251 -110.02 -67.36 -62.84
CA LEU Y 251 -109.45 -68.50 -63.56
C LEU Y 251 -108.81 -68.03 -64.88
N VAL Y 252 -107.69 -68.65 -65.23
CA VAL Y 252 -107.04 -68.44 -66.53
C VAL Y 252 -107.93 -69.00 -67.64
N THR Y 253 -108.18 -68.21 -68.68
CA THR Y 253 -108.99 -68.59 -69.84
C THR Y 253 -108.14 -68.66 -71.10
N ILE Y 254 -108.50 -69.54 -72.04
CA ILE Y 254 -107.76 -69.77 -73.28
C ILE Y 254 -108.72 -69.66 -74.46
N ALA Y 255 -108.37 -68.83 -75.44
CA ALA Y 255 -109.11 -68.64 -76.68
C ALA Y 255 -108.21 -68.91 -77.90
N GLU Y 256 -108.74 -69.54 -78.95
CA GLU Y 256 -108.01 -69.79 -80.20
C GLU Y 256 -108.63 -69.01 -81.36
N LEU Y 257 -107.91 -67.99 -81.85
CA LEU Y 257 -108.28 -67.17 -83.00
C LEU Y 257 -107.91 -67.91 -84.29
N LYS Y 258 -108.90 -68.31 -85.08
CA LYS Y 258 -108.68 -68.91 -86.42
C LYS Y 258 -109.21 -67.98 -87.50
N GLN Y 259 -108.67 -68.12 -88.70
CA GLN Y 259 -109.10 -67.32 -89.85
C GLN Y 259 -110.58 -67.57 -90.24
N SER Y 260 -111.12 -68.77 -90.01
CA SER Y 260 -112.52 -69.09 -90.32
C SER Y 260 -113.47 -68.78 -89.15
N SER Y 261 -114.56 -68.07 -89.45
CA SER Y 261 -115.61 -67.73 -88.49
C SER Y 261 -116.36 -68.98 -88.02
N VAL Y 262 -116.91 -68.94 -86.80
CA VAL Y 262 -117.72 -70.05 -86.24
C VAL Y 262 -118.92 -70.38 -87.13
N MET Y 263 -119.52 -69.37 -87.78
CA MET Y 263 -120.61 -69.52 -88.76
C MET Y 263 -120.16 -70.28 -90.02
N GLN Y 264 -118.97 -70.00 -90.55
CA GLN Y 264 -118.39 -70.83 -91.62
C GLN Y 264 -118.13 -72.27 -91.15
N ARG Y 265 -117.80 -72.51 -89.86
CA ARG Y 265 -117.62 -73.86 -89.31
C ARG Y 265 -118.93 -74.64 -89.21
N LEU Y 266 -120.01 -73.99 -88.77
CA LEU Y 266 -121.35 -74.61 -88.65
C LEU Y 266 -121.97 -74.91 -90.02
N LEU Y 267 -121.86 -73.99 -90.98
CA LEU Y 267 -122.40 -74.16 -92.34
C LEU Y 267 -121.61 -75.15 -93.21
N THR Y 268 -120.34 -75.45 -92.87
CA THR Y 268 -119.49 -76.40 -93.63
C THR Y 268 -119.18 -77.69 -92.86
N GLY Y 269 -119.84 -77.94 -91.73
CA GLY Y 269 -119.54 -79.04 -90.79
C GLY Y 269 -119.77 -80.48 -91.29
N TRP Y 270 -119.98 -80.71 -92.59
CA TRP Y 270 -120.31 -82.02 -93.17
C TRP Y 270 -119.22 -82.58 -94.12
N MET Y 271 -118.02 -82.00 -94.18
CA MET Y 271 -116.88 -82.60 -94.91
C MET Y 271 -115.61 -82.75 -94.05
N PRO Y 272 -114.97 -83.94 -94.03
CA PRO Y 272 -113.74 -84.19 -93.27
C PRO Y 272 -112.54 -83.35 -93.72
N SER Y 273 -111.63 -83.08 -92.78
CA SER Y 273 -110.48 -82.15 -92.87
C SER Y 273 -109.42 -82.46 -93.94
N SER Y 274 -109.49 -83.56 -94.68
CA SER Y 274 -108.52 -83.92 -95.71
C SER Y 274 -108.73 -83.21 -97.06
N ILE Y 275 -109.93 -82.69 -97.33
CA ILE Y 275 -110.26 -81.93 -98.57
C ILE Y 275 -110.19 -80.42 -98.33
N ARG Y 276 -110.36 -79.97 -97.08
CA ARG Y 276 -109.94 -78.61 -96.70
C ARG Y 276 -108.43 -78.58 -96.89
N GLY Y 277 -107.95 -77.58 -97.66
CA GLY Y 277 -106.55 -77.18 -97.57
C GLY Y 277 -106.26 -77.03 -96.09
N ASP Y 278 -105.50 -77.98 -95.57
CA ASP Y 278 -105.04 -77.99 -94.19
C ASP Y 278 -104.54 -76.57 -93.91
N GLN Y 279 -104.89 -75.99 -92.76
CA GLN Y 279 -104.18 -74.79 -92.31
C GLN Y 279 -102.78 -75.27 -91.93
N GLY Y 280 -102.01 -75.60 -92.97
CA GLY Y 280 -100.76 -76.31 -92.86
C GLY Y 280 -99.73 -75.40 -92.21
N PRO Y 281 -98.53 -75.94 -91.97
CA PRO Y 281 -97.43 -75.19 -91.34
C PRO Y 281 -97.13 -73.85 -92.04
N ALA Y 282 -97.46 -73.69 -93.33
CA ALA Y 282 -97.33 -72.44 -94.07
C ALA Y 282 -98.14 -71.25 -93.49
N HIS Y 283 -99.22 -71.49 -92.74
CA HIS Y 283 -100.00 -70.42 -92.11
C HIS Y 283 -99.43 -69.95 -90.77
N LEU Y 284 -98.36 -70.58 -90.27
CA LEU Y 284 -97.81 -70.28 -88.95
C LEU Y 284 -97.34 -68.81 -88.87
N PRO Y 285 -97.81 -68.03 -87.88
CA PRO Y 285 -97.24 -66.73 -87.55
C PRO Y 285 -95.74 -66.81 -87.21
N VAL Y 286 -94.94 -65.98 -87.86
CA VAL Y 286 -93.49 -65.81 -87.66
C VAL Y 286 -93.19 -64.59 -86.81
N SER Y 287 -94.03 -63.55 -86.93
CA SER Y 287 -93.99 -62.36 -86.08
C SER Y 287 -95.41 -61.97 -85.69
N LEU Y 288 -95.61 -61.65 -84.41
CA LEU Y 288 -96.87 -61.16 -83.86
C LEU Y 288 -96.67 -59.77 -83.29
N ALA Y 289 -97.68 -58.92 -83.41
CA ALA Y 289 -97.75 -57.62 -82.76
C ALA Y 289 -99.21 -57.31 -82.39
N VAL Y 290 -99.43 -56.53 -81.33
CA VAL Y 290 -100.77 -56.13 -80.88
C VAL Y 290 -100.85 -54.61 -80.83
N HIS Y 291 -101.99 -54.07 -81.23
CA HIS Y 291 -102.39 -52.70 -80.96
C HIS Y 291 -103.71 -52.71 -80.19
N THR Y 292 -103.73 -52.10 -79.01
CA THR Y 292 -104.91 -51.94 -78.16
C THR Y 292 -105.56 -50.60 -78.42
N LEU Y 293 -106.85 -50.59 -78.76
CA LEU Y 293 -107.62 -49.37 -78.99
C LEU Y 293 -108.96 -49.48 -78.27
N ASP Y 294 -109.27 -48.50 -77.43
CA ASP Y 294 -110.45 -48.44 -76.55
C ASP Y 294 -110.63 -49.71 -75.69
N HIS Y 295 -111.41 -50.67 -76.19
CA HIS Y 295 -111.79 -51.92 -75.51
C HIS Y 295 -111.59 -53.16 -76.40
N ASP Y 296 -110.86 -53.04 -77.51
CA ASP Y 296 -110.47 -54.16 -78.36
C ASP Y 296 -108.96 -54.22 -78.56
N SER Y 297 -108.46 -55.40 -78.89
CA SER Y 297 -107.06 -55.67 -79.16
C SER Y 297 -106.94 -56.23 -80.57
N TYR Y 298 -106.28 -55.47 -81.44
CA TYR Y 298 -106.01 -55.87 -82.81
C TYR Y 298 -104.69 -56.62 -82.89
N LEU Y 299 -104.75 -57.91 -83.20
CA LEU Y 299 -103.57 -58.75 -83.37
C LEU Y 299 -103.17 -58.76 -84.84
N PHE Y 300 -101.90 -58.47 -85.12
CA PHE Y 300 -101.30 -58.57 -86.44
C PHE Y 300 -100.32 -59.73 -86.46
N ALA Y 301 -100.47 -60.63 -87.44
CA ALA Y 301 -99.57 -61.75 -87.65
C ALA Y 301 -98.99 -61.73 -89.04
N LEU Y 302 -97.67 -61.76 -89.12
CA LEU Y 302 -96.93 -61.99 -90.35
C LEU Y 302 -96.57 -63.47 -90.41
N CYS Y 303 -97.10 -64.18 -91.40
CA CYS Y 303 -97.05 -65.63 -91.48
C CYS Y 303 -95.99 -66.15 -92.47
N GLN Y 304 -95.66 -67.45 -92.38
CA GLN Y 304 -94.68 -68.10 -93.27
C GLN Y 304 -95.06 -68.06 -94.76
N ASP Y 305 -96.35 -67.88 -95.08
CA ASP Y 305 -96.88 -67.71 -96.43
C ASP Y 305 -96.74 -66.28 -96.98
N HIS Y 306 -95.91 -65.43 -96.35
CA HIS Y 306 -95.68 -64.03 -96.70
C HIS Y 306 -96.92 -63.14 -96.61
N LYS Y 307 -97.97 -63.57 -95.89
CA LYS Y 307 -99.18 -62.78 -95.68
C LYS Y 307 -99.21 -62.15 -94.31
N LEU Y 308 -99.64 -60.89 -94.28
CA LEU Y 308 -99.97 -60.16 -93.06
C LEU Y 308 -101.47 -60.28 -92.81
N ARG Y 309 -101.84 -60.73 -91.63
CA ARG Y 309 -103.22 -60.94 -91.20
C ARG Y 309 -103.52 -60.11 -89.96
N MET Y 310 -104.74 -59.59 -89.86
CA MET Y 310 -105.21 -58.82 -88.69
C MET Y 310 -106.46 -59.49 -88.09
N TRP Y 311 -106.51 -59.59 -86.76
CA TRP Y 311 -107.66 -60.11 -86.01
C TRP Y 311 -108.13 -59.11 -84.97
N SER Y 312 -109.44 -59.07 -84.73
CA SER Y 312 -110.01 -58.51 -83.50
C SER Y 312 -110.08 -59.61 -82.44
N TYR Y 313 -109.57 -59.33 -81.24
CA TYR Y 313 -109.67 -60.22 -80.10
C TYR Y 313 -111.12 -60.30 -79.58
N LYS Y 314 -111.79 -59.15 -79.48
CA LYS Y 314 -113.17 -59.05 -78.98
C LYS Y 314 -114.16 -59.80 -79.86
N ASP Y 315 -114.07 -59.61 -81.18
CA ASP Y 315 -114.96 -60.27 -82.14
C ASP Y 315 -114.50 -61.69 -82.50
N GLN Y 316 -113.26 -62.06 -82.16
CA GLN Y 316 -112.60 -63.31 -82.54
C GLN Y 316 -112.59 -63.58 -84.06
N MET Y 317 -112.49 -62.53 -84.87
CA MET Y 317 -112.60 -62.57 -86.33
C MET Y 317 -111.36 -62.00 -87.01
N CYS Y 318 -110.97 -62.59 -88.15
CA CYS Y 318 -109.93 -62.04 -89.01
C CYS Y 318 -110.52 -60.92 -89.87
N LEU Y 319 -109.98 -59.71 -89.72
CA LEU Y 319 -110.50 -58.48 -90.33
C LEU Y 319 -109.78 -58.12 -91.64
N MET Y 320 -108.50 -58.50 -91.79
CA MET Y 320 -107.68 -58.15 -92.94
C MET Y 320 -106.69 -59.27 -93.28
N VAL Y 321 -106.44 -59.46 -94.58
CA VAL Y 321 -105.36 -60.29 -95.12
C VAL Y 321 -104.70 -59.53 -96.27
N ALA Y 322 -103.41 -59.26 -96.18
CA ALA Y 322 -102.61 -58.59 -97.20
C ALA Y 322 -101.44 -59.48 -97.63
N ASP Y 323 -101.18 -59.56 -98.93
CA ASP Y 323 -100.04 -60.31 -99.49
C ASP Y 323 -98.81 -59.38 -99.56
N MET Y 324 -97.77 -59.69 -98.79
CA MET Y 324 -96.58 -58.83 -98.75
C MET Y 324 -95.72 -58.96 -100.01
N LEU Y 325 -95.90 -60.00 -100.81
CA LEU Y 325 -95.18 -60.18 -102.07
C LEU Y 325 -95.62 -59.21 -103.16
N GLU Y 326 -96.74 -58.50 -103.00
CA GLU Y 326 -97.15 -57.43 -103.91
C GLU Y 326 -96.19 -56.23 -103.86
N TYR Y 327 -95.44 -56.06 -102.76
CA TYR Y 327 -94.55 -54.92 -102.51
C TYR Y 327 -93.06 -55.25 -102.68
N VAL Y 328 -92.72 -56.50 -102.98
CA VAL Y 328 -91.34 -56.96 -103.21
C VAL Y 328 -91.14 -57.16 -104.72
N PRO Y 329 -90.01 -56.77 -105.32
CA PRO Y 329 -89.66 -57.21 -106.66
C PRO Y 329 -89.53 -58.75 -106.68
N VAL Y 330 -90.60 -59.43 -107.10
CA VAL Y 330 -90.76 -60.88 -106.94
C VAL Y 330 -89.77 -61.66 -107.82
N SER Y 331 -88.90 -62.46 -107.19
CA SER Y 331 -88.30 -63.62 -107.87
C SER Y 331 -89.21 -64.84 -107.68
N LYS Y 332 -89.33 -65.69 -108.70
CA LYS Y 332 -90.20 -66.90 -108.65
C LYS Y 332 -89.86 -67.83 -107.47
N ASP Y 333 -88.61 -67.79 -107.00
CA ASP Y 333 -88.09 -68.64 -105.93
C ASP Y 333 -88.67 -68.29 -104.54
N ILE Y 334 -89.04 -67.01 -104.30
CA ILE Y 334 -89.53 -66.56 -103.00
C ILE Y 334 -90.89 -67.20 -102.68
N ARG Y 335 -91.80 -67.32 -103.66
CA ARG Y 335 -93.14 -67.89 -103.45
C ARG Y 335 -93.14 -69.34 -102.98
N GLN Y 336 -92.04 -70.07 -103.15
CA GLN Y 336 -91.91 -71.48 -102.76
C GLN Y 336 -91.18 -71.68 -101.42
N THR Y 337 -90.58 -70.62 -100.87
CA THR Y 337 -89.75 -70.71 -99.66
C THR Y 337 -90.49 -70.15 -98.46
N ALA Y 338 -90.63 -70.93 -97.39
CA ALA Y 338 -91.25 -70.44 -96.16
C ALA Y 338 -90.48 -69.25 -95.58
N GLY Y 339 -91.18 -68.15 -95.33
CA GLY Y 339 -90.62 -66.91 -94.82
C GLY Y 339 -90.30 -66.94 -93.34
N THR Y 340 -89.23 -67.61 -92.91
CA THR Y 340 -88.92 -67.82 -91.49
C THR Y 340 -88.27 -66.63 -90.77
N GLY Y 341 -87.73 -65.66 -91.51
CA GLY Y 341 -87.00 -64.50 -90.96
C GLY Y 341 -87.78 -63.19 -90.92
N HIS Y 342 -89.07 -63.20 -91.24
CA HIS Y 342 -89.87 -61.97 -91.32
C HIS Y 342 -90.10 -61.33 -89.94
N LYS Y 343 -90.11 -60.00 -89.88
CA LYS Y 343 -90.39 -59.25 -88.65
C LYS Y 343 -91.46 -58.20 -88.89
N LEU Y 344 -92.33 -58.03 -87.91
CA LEU Y 344 -93.40 -57.03 -87.90
C LEU Y 344 -93.24 -56.13 -86.67
N ARG Y 345 -93.36 -54.82 -86.86
CA ARG Y 345 -93.45 -53.81 -85.81
C ARG Y 345 -94.60 -52.86 -86.12
N LEU Y 346 -95.24 -52.37 -85.06
CA LEU Y 346 -96.31 -51.38 -85.13
C LEU Y 346 -95.80 -50.09 -84.49
N ALA Y 347 -96.20 -48.95 -85.05
CA ALA Y 347 -95.97 -47.64 -84.48
C ALA Y 347 -97.25 -46.82 -84.59
N PHE Y 348 -97.74 -46.26 -83.48
CA PHE Y 348 -98.97 -45.47 -83.46
C PHE Y 348 -98.63 -44.01 -83.20
N SER Y 349 -99.18 -43.11 -84.02
CA SER Y 349 -99.06 -41.67 -83.84
C SER Y 349 -100.33 -41.15 -83.19
N GLU Y 350 -100.29 -40.86 -81.89
CA GLU Y 350 -101.46 -40.32 -81.16
C GLU Y 350 -101.97 -39.01 -81.75
N THR Y 351 -101.04 -38.15 -82.18
CA THR Y 351 -101.33 -36.83 -82.77
C THR Y 351 -102.14 -36.90 -84.07
N LEU Y 352 -101.89 -37.93 -84.88
CA LEU Y 352 -102.55 -38.13 -86.18
C LEU Y 352 -103.68 -39.16 -86.10
N GLY Y 353 -103.73 -39.96 -85.02
CA GLY Y 353 -104.59 -41.13 -84.91
C GLY Y 353 -104.26 -42.23 -85.94
N ILE Y 354 -103.01 -42.28 -86.43
CA ILE Y 354 -102.60 -43.18 -87.52
C ILE Y 354 -101.72 -44.30 -86.98
N LEU Y 355 -102.01 -45.54 -87.41
CA LEU Y 355 -101.17 -46.71 -87.15
C LEU Y 355 -100.30 -47.03 -88.36
N TYR Y 356 -98.99 -47.05 -88.14
CA TYR Y 356 -97.98 -47.48 -89.10
C TYR Y 356 -97.51 -48.92 -88.83
N LEU Y 357 -97.24 -49.65 -89.89
CA LEU Y 357 -96.75 -51.02 -89.87
C LEU Y 357 -95.40 -51.09 -90.56
N GLY Y 358 -94.35 -51.38 -89.80
CA GLY Y 358 -93.02 -51.68 -90.31
C GLY Y 358 -92.86 -53.19 -90.52
N VAL Y 359 -92.66 -53.60 -91.76
CA VAL Y 359 -92.49 -55.00 -92.14
C VAL Y 359 -91.09 -55.21 -92.71
N TYR Y 360 -90.33 -56.12 -92.11
CA TYR Y 360 -89.08 -56.62 -92.69
C TYR Y 360 -89.30 -57.98 -93.33
N LEU Y 361 -89.09 -58.03 -94.64
CA LEU Y 361 -89.17 -59.24 -95.44
C LEU Y 361 -87.77 -59.80 -95.63
N HIS Y 362 -87.42 -60.79 -94.81
CA HIS Y 362 -86.23 -61.60 -95.03
C HIS Y 362 -86.31 -62.35 -96.37
N THR Y 363 -85.40 -62.04 -97.28
CA THR Y 363 -85.14 -62.84 -98.48
C THR Y 363 -83.67 -63.28 -98.49
N PRO Y 364 -83.32 -64.40 -99.14
CA PRO Y 364 -81.95 -64.94 -99.11
C PRO Y 364 -80.89 -64.02 -99.71
N LYS Y 365 -81.27 -63.18 -100.69
CA LYS Y 365 -80.34 -62.31 -101.43
C LYS Y 365 -80.27 -60.90 -100.87
N GLN Y 366 -81.40 -60.29 -100.57
CA GLN Y 366 -81.47 -58.90 -100.11
C GLN Y 366 -82.72 -58.70 -99.26
N GLY Y 367 -82.56 -58.28 -98.00
CA GLY Y 367 -83.71 -57.96 -97.16
C GLY Y 367 -84.40 -56.68 -97.64
N GLN Y 368 -85.70 -56.58 -97.41
CA GLN Y 368 -86.47 -55.37 -97.71
C GLN Y 368 -87.28 -54.94 -96.49
N PHE Y 369 -87.19 -53.66 -96.15
CA PHE Y 369 -88.11 -53.00 -95.22
C PHE Y 369 -89.25 -52.36 -96.01
N CYS Y 370 -90.48 -52.50 -95.53
CA CYS Y 370 -91.67 -51.84 -96.06
C CYS Y 370 -92.39 -51.15 -94.90
N VAL Y 371 -92.76 -49.88 -95.10
CA VAL Y 371 -93.57 -49.13 -94.14
C VAL Y 371 -94.95 -48.92 -94.75
N PHE Y 372 -95.98 -49.30 -94.00
CA PHE Y 372 -97.37 -49.16 -94.39
C PHE Y 372 -98.14 -48.30 -93.41
N GLN Y 373 -99.22 -47.69 -93.86
CA GLN Y 373 -100.24 -47.05 -93.05
C GLN Y 373 -101.51 -47.89 -93.06
N LEU Y 374 -102.08 -48.17 -91.88
CA LEU Y 374 -103.37 -48.83 -91.78
C LEU Y 374 -104.49 -47.83 -92.06
N MET Y 375 -105.28 -48.12 -93.09
CA MET Y 375 -106.44 -47.34 -93.47
C MET Y 375 -107.71 -48.10 -93.09
N CYS Y 376 -108.57 -47.48 -92.30
CA CYS Y 376 -109.90 -47.99 -91.97
C CYS Y 376 -110.96 -47.24 -92.80
N ALA Y 377 -111.65 -47.95 -93.69
CA ALA Y 377 -112.82 -47.40 -94.37
C ALA Y 377 -114.07 -47.53 -93.47
N GLU Y 378 -115.09 -46.70 -93.71
CA GLU Y 378 -116.36 -46.60 -92.93
C GLU Y 378 -117.10 -47.94 -92.69
N SER Y 379 -116.71 -49.02 -93.36
CA SER Y 379 -117.36 -50.35 -93.31
C SER Y 379 -116.56 -51.42 -92.55
N ASN Y 380 -115.69 -51.05 -91.59
CA ASN Y 380 -114.74 -51.97 -90.91
C ASN Y 380 -113.86 -52.75 -91.91
N ARG Y 381 -113.65 -52.18 -93.09
CA ARG Y 381 -112.72 -52.72 -94.09
C ARG Y 381 -111.37 -52.05 -93.90
N TYR Y 382 -110.39 -52.88 -93.56
CA TYR Y 382 -109.03 -52.44 -93.35
C TYR Y 382 -108.20 -52.72 -94.61
N SER Y 383 -107.34 -51.76 -94.96
CA SER Y 383 -106.39 -51.87 -96.06
C SER Y 383 -105.06 -51.25 -95.65
N LEU Y 384 -103.98 -51.63 -96.34
CA LEU Y 384 -102.65 -51.08 -96.12
C LEU Y 384 -102.30 -50.15 -97.27
N ASP Y 385 -101.89 -48.93 -96.93
CA ASP Y 385 -101.30 -47.99 -97.87
C ASP Y 385 -99.77 -48.05 -97.75
N HIS Y 386 -99.06 -48.06 -98.88
CA HIS Y 386 -97.58 -48.20 -98.90
C HIS Y 386 -96.93 -46.82 -98.87
N ILE Y 387 -96.04 -46.61 -97.88
CA ILE Y 387 -95.34 -45.32 -97.70
C ILE Y 387 -93.95 -45.37 -98.30
N SER Y 388 -93.16 -46.39 -97.95
CA SER Y 388 -91.77 -46.49 -98.38
C SER Y 388 -91.23 -47.92 -98.34
N SER Y 389 -90.19 -48.18 -99.14
CA SER Y 389 -89.41 -49.40 -99.06
C SER Y 389 -87.91 -49.11 -99.13
N ILE Y 390 -87.12 -49.81 -98.31
CA ILE Y 390 -85.67 -49.66 -98.23
C ILE Y 390 -85.03 -51.05 -98.33
N PHE Y 391 -84.04 -51.20 -99.21
CA PHE Y 391 -83.25 -52.41 -99.31
C PHE Y 391 -82.09 -52.38 -98.30
N THR Y 392 -81.74 -53.52 -97.73
CA THR Y 392 -80.61 -53.64 -96.78
C THR Y 392 -79.51 -54.53 -97.32
N ASN Y 393 -78.25 -54.08 -97.16
CA ASN Y 393 -77.05 -54.90 -97.32
C ASN Y 393 -76.79 -55.66 -96.00
N GLN Y 394 -76.23 -56.87 -96.09
CA GLN Y 394 -76.00 -57.74 -94.92
C GLN Y 394 -74.76 -57.36 -94.09
N GLU Y 395 -74.40 -56.07 -94.01
CA GLU Y 395 -73.21 -55.61 -93.29
C GLU Y 395 -73.50 -55.38 -91.80
N THR Y 396 -72.54 -55.76 -90.95
CA THR Y 396 -72.60 -55.58 -89.50
C THR Y 396 -71.71 -54.43 -89.06
N LEU Y 397 -72.29 -53.43 -88.39
CA LEU Y 397 -71.55 -52.33 -87.77
C LEU Y 397 -70.82 -52.82 -86.50
N ILE Y 398 -69.51 -52.65 -86.44
CA ILE Y 398 -68.67 -52.97 -85.28
C ILE Y 398 -68.12 -51.68 -84.69
N ASP Y 399 -68.19 -51.55 -83.36
CA ASP Y 399 -67.53 -50.48 -82.63
C ASP Y 399 -66.13 -50.93 -82.19
N PHE Y 400 -65.12 -50.06 -82.35
CA PHE Y 400 -63.72 -50.30 -82.04
C PHE Y 400 -63.38 -50.14 -80.55
N THR Y 401 -64.29 -49.62 -79.73
CA THR Y 401 -64.05 -49.48 -78.29
C THR Y 401 -64.26 -50.80 -77.56
N PHE Y 470 -63.21 -51.37 -76.97
CA PHE Y 470 -63.33 -52.64 -76.25
C PHE Y 470 -64.16 -52.52 -74.97
N THR Y 471 -65.18 -53.37 -74.87
CA THR Y 471 -65.92 -53.60 -73.63
C THR Y 471 -65.05 -54.33 -72.60
N ILE Y 472 -65.24 -54.07 -71.31
CA ILE Y 472 -64.55 -54.83 -70.22
C ILE Y 472 -64.85 -56.33 -70.35
N ALA Y 473 -66.07 -56.68 -70.77
CA ALA Y 473 -66.47 -58.07 -70.98
C ALA Y 473 -65.68 -58.77 -72.11
N ALA Y 474 -65.33 -58.05 -73.18
CA ALA Y 474 -64.48 -58.59 -74.25
C ALA Y 474 -63.07 -58.89 -73.71
N VAL Y 475 -62.49 -57.94 -72.96
CA VAL Y 475 -61.15 -58.08 -72.37
C VAL Y 475 -61.08 -59.22 -71.36
N GLN Y 476 -62.05 -59.32 -70.45
CA GLN Y 476 -62.12 -60.41 -69.46
C GLN Y 476 -62.22 -61.79 -70.13
N LYS Y 477 -63.02 -61.92 -71.20
CA LYS Y 477 -63.12 -63.17 -71.96
C LYS Y 477 -61.82 -63.50 -72.70
N ALA Y 478 -61.16 -62.50 -73.29
CA ALA Y 478 -59.87 -62.70 -73.95
C ALA Y 478 -58.81 -63.24 -72.98
N ILE Y 479 -58.73 -62.70 -71.75
CA ILE Y 479 -57.81 -63.18 -70.71
C ILE Y 479 -58.11 -64.63 -70.31
N GLN Y 480 -59.38 -65.00 -70.11
CA GLN Y 480 -59.76 -66.35 -69.68
C GLN Y 480 -59.28 -67.43 -70.65
N ILE Y 481 -59.34 -67.14 -71.95
CA ILE Y 481 -58.94 -68.09 -73.00
C ILE Y 481 -57.44 -68.20 -73.09
N LEU Y 482 -56.72 -67.07 -72.99
CA LEU Y 482 -55.26 -67.08 -72.92
C LEU Y 482 -54.76 -67.89 -71.71
N ARG Y 483 -55.42 -67.76 -70.56
CA ARG Y 483 -55.10 -68.55 -69.35
C ARG Y 483 -55.39 -70.05 -69.49
N LYS Y 484 -56.04 -70.53 -70.57
CA LYS Y 484 -56.52 -71.92 -70.76
C LYS Y 484 -57.25 -72.49 -69.51
N GLY Y 485 -57.87 -71.62 -68.71
CA GLY Y 485 -58.26 -71.94 -67.34
C GLY Y 485 -59.76 -71.76 -67.09
N SER Y 486 -60.39 -72.76 -66.46
CA SER Y 486 -61.78 -72.74 -66.00
C SER Y 486 -61.99 -71.84 -64.75
N GLY Y 487 -61.29 -70.72 -64.66
CA GLY Y 487 -61.48 -69.74 -63.57
C GLY Y 487 -62.87 -69.12 -63.65
N ARG Y 488 -63.54 -68.91 -62.50
CA ARG Y 488 -64.77 -68.11 -62.45
C ARG Y 488 -64.48 -66.71 -62.95
N VAL Y 489 -65.43 -66.09 -63.67
CA VAL Y 489 -65.40 -64.65 -63.96
C VAL Y 489 -65.35 -63.93 -62.62
N LEU Y 490 -64.21 -63.34 -62.28
CA LEU Y 490 -64.11 -62.42 -61.16
C LEU Y 490 -64.50 -61.04 -61.70
N ASP Y 491 -65.37 -60.32 -61.00
CA ASP Y 491 -65.61 -58.90 -61.23
C ASP Y 491 -64.37 -58.12 -60.79
N LEU Y 492 -63.32 -58.15 -61.63
CA LEU Y 492 -62.07 -57.47 -61.38
C LEU Y 492 -62.26 -55.95 -61.51
N SER Y 493 -61.62 -55.19 -60.64
CA SER Y 493 -61.47 -53.74 -60.84
C SER Y 493 -60.65 -53.44 -62.10
N TRP Y 494 -60.72 -52.22 -62.65
CA TRP Y 494 -59.91 -51.87 -63.83
C TRP Y 494 -58.42 -52.00 -63.60
N GLU Y 495 -57.96 -51.59 -62.41
CA GLU Y 495 -56.54 -51.69 -62.06
C GLU Y 495 -56.11 -53.15 -61.92
N GLU Y 496 -56.97 -53.99 -61.32
CA GLU Y 496 -56.77 -55.45 -61.28
C GLU Y 496 -56.80 -56.03 -62.69
N LEU Y 497 -57.72 -55.61 -63.55
CA LEU Y 497 -57.81 -56.06 -64.94
C LEU Y 497 -56.55 -55.66 -65.71
N ARG Y 498 -56.07 -54.43 -65.57
CA ARG Y 498 -54.84 -53.95 -66.21
C ARG Y 498 -53.63 -54.75 -65.75
N LYS Y 499 -53.51 -54.98 -64.43
CA LYS Y 499 -52.45 -55.83 -63.86
C LYS Y 499 -52.58 -57.28 -64.36
N ASP Y 500 -53.79 -57.81 -64.43
CA ASP Y 500 -54.05 -59.16 -64.89
C ASP Y 500 -53.76 -59.34 -66.38
N VAL Y 501 -54.11 -58.37 -67.23
CA VAL Y 501 -53.77 -58.35 -68.66
C VAL Y 501 -52.25 -58.32 -68.82
N THR Y 502 -51.59 -57.37 -68.17
CA THR Y 502 -50.11 -57.22 -68.27
C THR Y 502 -49.41 -58.48 -67.80
N LEU Y 503 -49.76 -59.03 -66.64
CA LEU Y 503 -49.19 -60.29 -66.14
C LEU Y 503 -49.49 -61.48 -67.06
N THR Y 504 -50.69 -61.56 -67.64
CA THR Y 504 -51.05 -62.67 -68.54
C THR Y 504 -50.26 -62.61 -69.85
N VAL Y 505 -50.13 -61.42 -70.44
CA VAL Y 505 -49.32 -61.21 -71.66
C VAL Y 505 -47.83 -61.40 -71.36
N GLU Y 506 -47.33 -60.90 -70.23
CA GLU Y 506 -45.95 -61.11 -69.78
C GLU Y 506 -45.63 -62.60 -69.58
N ASN Y 507 -46.55 -63.37 -68.98
CA ASN Y 507 -46.38 -64.82 -68.83
C ASN Y 507 -46.33 -65.53 -70.19
N GLU Y 508 -47.15 -65.13 -71.17
CA GLU Y 508 -47.09 -65.67 -72.53
C GLU Y 508 -45.79 -65.27 -73.25
N ILE Y 509 -45.29 -64.05 -73.04
CA ILE Y 509 -43.99 -63.61 -73.54
C ILE Y 509 -42.86 -64.44 -72.92
N GLN Y 510 -42.88 -64.66 -71.60
CA GLN Y 510 -41.90 -65.52 -70.90
C GLN Y 510 -41.95 -66.96 -71.41
N ASN Y 511 -43.14 -67.52 -71.68
CA ASN Y 511 -43.29 -68.86 -72.24
C ASN Y 511 -42.82 -68.96 -73.70
N ALA Y 512 -42.93 -67.88 -74.48
CA ALA Y 512 -42.45 -67.82 -75.86
C ALA Y 512 -40.92 -67.68 -75.95
N VAL Y 513 -40.29 -67.12 -74.91
CA VAL Y 513 -38.83 -67.01 -74.77
C VAL Y 513 -38.28 -68.33 -74.23
N ILE Y 514 -37.92 -69.24 -75.14
CA ILE Y 514 -37.38 -70.57 -74.79
C ILE Y 514 -35.91 -70.49 -74.35
N ASP Y 515 -35.15 -69.56 -74.94
CA ASP Y 515 -33.70 -69.40 -74.74
C ASP Y 515 -33.39 -68.21 -73.83
N TYR Y 516 -32.33 -68.30 -73.01
CA TYR Y 516 -31.88 -67.19 -72.15
C TYR Y 516 -31.17 -66.06 -72.93
N ASP Y 517 -30.69 -66.33 -74.15
CA ASP Y 517 -29.89 -65.41 -74.99
C ASP Y 517 -30.71 -64.83 -76.17
N VAL Y 518 -31.90 -64.26 -75.89
CA VAL Y 518 -32.70 -63.58 -76.93
C VAL Y 518 -32.17 -62.17 -77.18
N SER Y 519 -31.98 -61.79 -78.44
CA SER Y 519 -31.59 -60.43 -78.80
C SER Y 519 -32.69 -59.41 -78.45
N GLN Y 520 -32.34 -58.15 -78.17
CA GLN Y 520 -33.34 -57.11 -77.83
C GLN Y 520 -34.40 -56.94 -78.92
N GLU Y 521 -34.04 -57.14 -80.20
CA GLU Y 521 -34.96 -57.02 -81.33
C GLU Y 521 -35.91 -58.22 -81.45
N GLU Y 522 -35.41 -59.44 -81.27
CA GLU Y 522 -36.28 -60.63 -81.22
C GLU Y 522 -37.24 -60.56 -80.04
N PHE Y 523 -36.77 -60.10 -78.88
CA PHE Y 523 -37.64 -59.88 -77.73
C PHE Y 523 -38.72 -58.82 -78.01
N ARG Y 524 -38.37 -57.72 -78.68
CA ARG Y 524 -39.33 -56.69 -79.13
C ARG Y 524 -40.37 -57.27 -80.09
N GLN Y 525 -39.95 -58.08 -81.06
CA GLN Y 525 -40.84 -58.71 -82.03
C GLN Y 525 -41.80 -59.70 -81.36
N ILE Y 526 -41.30 -60.55 -80.46
CA ILE Y 526 -42.13 -61.47 -79.66
C ILE Y 526 -43.16 -60.69 -78.81
N ASN Y 527 -42.75 -59.56 -78.24
CA ASN Y 527 -43.64 -58.69 -77.48
C ASN Y 527 -44.77 -58.13 -78.35
N ILE Y 528 -44.45 -57.57 -79.53
CA ILE Y 528 -45.44 -57.07 -80.50
C ILE Y 528 -46.40 -58.20 -80.91
N GLU Y 529 -45.89 -59.37 -81.28
CA GLU Y 529 -46.71 -60.50 -81.71
C GLU Y 529 -47.70 -60.97 -80.64
N ASN Y 530 -47.29 -61.03 -79.37
CA ASN Y 530 -48.17 -61.45 -78.28
C ASN Y 530 -49.23 -60.38 -77.95
N TRP Y 531 -48.89 -59.10 -77.98
CA TRP Y 531 -49.87 -58.02 -77.88
C TRP Y 531 -50.85 -58.01 -79.05
N CYS Y 532 -50.38 -58.24 -80.29
CA CYS Y 532 -51.25 -58.36 -81.46
C CYS Y 532 -52.20 -59.57 -81.37
N LYS Y 533 -51.74 -60.72 -80.87
CA LYS Y 533 -52.60 -61.88 -80.61
C LYS Y 533 -53.68 -61.56 -79.58
N PHE Y 534 -53.31 -60.90 -78.48
CA PHE Y 534 -54.27 -60.46 -77.46
C PHE Y 534 -55.29 -59.47 -78.02
N TYR Y 535 -54.83 -58.48 -78.77
CA TYR Y 535 -55.68 -57.48 -79.44
C TYR Y 535 -56.68 -58.14 -80.42
N THR Y 536 -56.22 -59.07 -81.25
CA THR Y 536 -57.09 -59.81 -82.18
C THR Y 536 -58.17 -60.62 -81.43
N CYS Y 537 -57.79 -61.23 -80.31
CA CYS Y 537 -58.74 -61.93 -79.43
C CYS Y 537 -59.82 -60.99 -78.90
N CYS Y 538 -59.41 -59.81 -78.40
CA CYS Y 538 -60.34 -58.77 -77.97
C CYS Y 538 -61.28 -58.32 -79.09
N LEU Y 539 -60.77 -58.13 -80.33
CA LEU Y 539 -61.58 -57.75 -81.50
C LEU Y 539 -62.69 -58.75 -81.81
N GLN Y 540 -62.38 -60.05 -81.83
CA GLN Y 540 -63.37 -61.09 -82.11
C GLN Y 540 -64.50 -61.13 -81.06
N TYR Y 541 -64.16 -60.92 -79.78
CA TYR Y 541 -65.17 -60.84 -78.73
C TYR Y 541 -65.96 -59.55 -78.77
N GLN Y 542 -65.31 -58.44 -79.12
CA GLN Y 542 -65.97 -57.16 -79.29
C GLN Y 542 -66.97 -57.22 -80.44
N GLU Y 543 -66.61 -57.81 -81.58
CA GLU Y 543 -67.51 -58.02 -82.71
C GLU Y 543 -68.77 -58.81 -82.27
N THR Y 544 -68.58 -59.89 -81.52
CA THR Y 544 -69.71 -60.70 -81.01
C THR Y 544 -70.62 -59.91 -80.05
N LEU Y 545 -70.04 -59.10 -79.16
CA LEU Y 545 -70.77 -58.27 -78.21
C LEU Y 545 -71.42 -57.06 -78.87
N SER Y 546 -70.83 -56.55 -79.94
CA SER Y 546 -71.33 -55.42 -80.70
C SER Y 546 -72.57 -55.79 -81.53
N ARG Y 547 -72.89 -57.06 -81.75
CA ARG Y 547 -74.06 -57.44 -82.56
C ARG Y 547 -75.33 -56.69 -82.12
N PRO Y 548 -75.97 -55.91 -83.02
CA PRO Y 548 -77.20 -55.19 -82.68
C PRO Y 548 -78.36 -56.17 -82.49
N LEU Y 549 -79.12 -56.00 -81.40
CA LEU Y 549 -80.27 -56.83 -81.05
C LEU Y 549 -81.60 -56.09 -81.22
N ALA Y 550 -81.67 -54.82 -80.81
CA ALA Y 550 -82.87 -54.00 -80.93
C ALA Y 550 -82.54 -52.50 -81.02
N LEU Y 551 -83.49 -51.73 -81.56
CA LEU Y 551 -83.49 -50.27 -81.52
C LEU Y 551 -84.62 -49.83 -80.60
N LEU Y 552 -84.32 -48.96 -79.65
CA LEU Y 552 -85.27 -48.33 -78.74
C LEU Y 552 -85.40 -46.86 -79.16
N VAL Y 553 -86.58 -46.47 -79.62
CA VAL Y 553 -86.91 -45.08 -79.96
C VAL Y 553 -87.90 -44.59 -78.92
N HIS Y 554 -87.53 -43.55 -78.20
CA HIS Y 554 -88.37 -42.92 -77.22
C HIS Y 554 -89.34 -41.96 -77.93
N PRO Y 555 -90.67 -42.17 -77.83
CA PRO Y 555 -91.65 -41.35 -78.57
C PRO Y 555 -91.68 -39.90 -78.11
N ASP Y 556 -91.63 -39.64 -76.80
CA ASP Y 556 -91.80 -38.27 -76.29
C ASP Y 556 -90.49 -37.45 -76.29
N THR Y 557 -89.35 -38.09 -76.03
CA THR Y 557 -88.05 -37.38 -75.95
C THR Y 557 -87.23 -37.45 -77.24
N ASN Y 558 -87.66 -38.23 -78.23
CA ASN Y 558 -86.89 -38.55 -79.45
C ASN Y 558 -85.51 -39.17 -79.20
N MET Y 559 -85.25 -39.68 -77.99
CA MET Y 559 -84.02 -40.40 -77.69
C MET Y 559 -83.98 -41.72 -78.46
N VAL Y 560 -82.89 -41.97 -79.15
CA VAL Y 560 -82.69 -43.22 -79.90
C VAL Y 560 -81.53 -43.99 -79.31
N CYS Y 561 -81.78 -45.25 -78.96
CA CYS Y 561 -80.88 -46.14 -78.26
C CYS Y 561 -80.70 -47.43 -79.06
N LEU Y 562 -79.46 -47.84 -79.31
CA LEU Y 562 -79.12 -49.11 -79.94
C LEU Y 562 -78.74 -50.14 -78.87
N LEU Y 563 -79.59 -51.15 -78.71
CA LEU Y 563 -79.38 -52.27 -77.80
C LEU Y 563 -78.54 -53.33 -78.52
N ARG Y 564 -77.26 -53.41 -78.19
CA ARG Y 564 -76.34 -54.45 -78.66
C ARG Y 564 -76.31 -55.61 -77.64
N LYS Y 565 -75.70 -56.71 -78.03
CA LYS Y 565 -75.64 -57.92 -77.19
C LYS Y 565 -74.88 -57.70 -75.88
N GLY Y 566 -73.77 -56.97 -75.93
CA GLY Y 566 -72.95 -56.67 -74.76
C GLY Y 566 -73.32 -55.36 -74.07
N PHE Y 567 -73.89 -54.41 -74.80
CA PHE Y 567 -73.95 -53.02 -74.36
C PHE Y 567 -75.04 -52.18 -75.01
N LEU Y 568 -75.21 -50.96 -74.49
CA LEU Y 568 -76.16 -49.96 -74.96
C LEU Y 568 -75.41 -48.76 -75.53
N SER Y 569 -75.77 -48.38 -76.75
CA SER Y 569 -75.33 -47.14 -77.39
C SER Y 569 -76.49 -46.16 -77.54
N PHE Y 570 -76.18 -44.88 -77.59
CA PHE Y 570 -77.10 -43.77 -77.83
C PHE Y 570 -76.80 -43.17 -79.19
N LEU Y 571 -77.81 -42.76 -79.92
CA LEU Y 571 -77.65 -42.04 -81.19
C LEU Y 571 -77.89 -40.55 -80.95
N ALA Y 572 -76.89 -39.73 -81.21
CA ALA Y 572 -76.98 -38.29 -81.14
C ALA Y 572 -76.94 -37.67 -82.55
N PRO Y 573 -77.69 -36.60 -82.83
CA PRO Y 573 -77.66 -35.96 -84.13
C PRO Y 573 -76.29 -35.29 -84.38
N CYS Y 574 -75.72 -35.50 -85.56
CA CYS Y 574 -74.50 -34.81 -85.98
C CYS Y 574 -74.75 -33.30 -86.15
N SER Y 575 -73.69 -32.52 -85.90
CA SER Y 575 -73.66 -31.12 -86.32
C SER Y 575 -73.49 -31.04 -87.86
N LEU Y 576 -73.71 -29.86 -88.44
CA LEU Y 576 -73.75 -29.68 -89.90
C LEU Y 576 -72.42 -30.11 -90.56
N VAL Y 577 -71.30 -29.69 -89.97
CA VAL Y 577 -69.96 -29.92 -90.52
C VAL Y 577 -69.62 -31.42 -90.53
N GLU Y 578 -69.89 -32.13 -89.43
CA GLU Y 578 -69.65 -33.56 -89.30
C GLU Y 578 -70.60 -34.36 -90.18
N HIS Y 579 -71.87 -33.94 -90.30
CA HIS Y 579 -72.83 -34.58 -91.19
C HIS Y 579 -72.33 -34.54 -92.64
N LEU Y 580 -71.98 -33.35 -93.15
CA LEU Y 580 -71.52 -33.21 -94.54
C LEU Y 580 -70.23 -33.99 -94.81
N TYR Y 581 -69.33 -34.07 -93.81
CA TYR Y 581 -68.07 -34.81 -93.93
C TYR Y 581 -68.26 -36.34 -93.92
N LEU Y 582 -69.14 -36.87 -93.06
CA LEU Y 582 -69.32 -38.32 -92.82
C LEU Y 582 -70.39 -38.99 -93.69
N VAL Y 583 -71.24 -38.24 -94.39
CA VAL Y 583 -72.30 -38.79 -95.26
C VAL Y 583 -71.69 -39.54 -96.46
N PRO Y 584 -72.21 -40.71 -96.89
CA PRO Y 584 -71.74 -41.39 -98.10
C PRO Y 584 -71.86 -40.51 -99.35
N ALA Y 585 -70.89 -40.59 -100.28
CA ALA Y 585 -70.83 -39.69 -101.45
C ALA Y 585 -72.12 -39.70 -102.30
N GLU Y 586 -72.79 -40.85 -102.40
CA GLU Y 586 -74.07 -41.03 -103.11
C GLU Y 586 -75.20 -40.15 -102.55
N HIS Y 587 -75.19 -39.88 -101.25
CA HIS Y 587 -76.23 -39.13 -100.55
C HIS Y 587 -75.89 -37.65 -100.40
N LEU Y 588 -74.62 -37.26 -100.55
CA LEU Y 588 -74.19 -35.86 -100.41
C LEU Y 588 -74.89 -34.95 -101.45
N LEU Y 589 -75.15 -35.48 -102.65
CA LEU Y 589 -75.88 -34.77 -103.72
C LEU Y 589 -77.39 -34.62 -103.45
N THR Y 590 -77.92 -35.29 -102.42
CA THR Y 590 -79.33 -35.27 -102.05
C THR Y 590 -79.64 -34.39 -100.85
N VAL Y 591 -78.61 -33.83 -100.20
CA VAL Y 591 -78.77 -32.92 -99.07
C VAL Y 591 -79.44 -31.64 -99.55
N ASP Y 592 -80.49 -31.21 -98.86
CA ASP Y 592 -81.21 -29.98 -99.20
C ASP Y 592 -80.28 -28.78 -98.96
N GLU Y 593 -79.91 -28.06 -100.02
CA GLU Y 593 -79.00 -26.91 -99.96
C GLU Y 593 -79.52 -25.81 -99.01
N SER Y 594 -80.85 -25.74 -98.79
CA SER Y 594 -81.47 -24.80 -97.86
C SER Y 594 -81.13 -25.05 -96.39
N VAL Y 595 -80.67 -26.25 -96.02
CA VAL Y 595 -80.26 -26.58 -94.65
C VAL Y 595 -78.84 -26.08 -94.35
N ILE Y 596 -78.04 -25.89 -95.39
CA ILE Y 596 -76.62 -25.53 -95.30
C ILE Y 596 -76.46 -24.01 -95.17
N SER Y 597 -77.13 -23.25 -96.03
CA SER Y 597 -77.13 -21.79 -96.03
C SER Y 597 -78.37 -21.25 -96.73
N ASP Y 598 -78.83 -20.06 -96.33
CA ASP Y 598 -79.87 -19.32 -97.08
C ASP Y 598 -79.39 -18.92 -98.50
N ASP Y 599 -78.07 -18.89 -98.71
CA ASP Y 599 -77.42 -18.56 -99.97
C ASP Y 599 -77.05 -19.85 -100.72
N ILE Y 600 -77.81 -20.17 -101.77
CA ILE Y 600 -77.65 -21.37 -102.62
C ILE Y 600 -76.21 -21.48 -103.16
N ASP Y 601 -75.62 -20.36 -103.57
CA ASP Y 601 -74.28 -20.35 -104.11
C ASP Y 601 -73.25 -20.72 -103.03
N ALA Y 602 -73.40 -20.17 -101.81
CA ALA Y 602 -72.54 -20.52 -100.69
C ALA Y 602 -72.71 -21.99 -100.26
N ALA Y 603 -73.94 -22.52 -100.28
CA ALA Y 603 -74.20 -23.93 -100.00
C ALA Y 603 -73.47 -24.85 -100.99
N SER Y 604 -73.53 -24.54 -102.29
CA SER Y 604 -72.84 -25.30 -103.34
C SER Y 604 -71.30 -25.26 -103.18
N ASP Y 605 -70.75 -24.10 -102.81
CA ASP Y 605 -69.31 -23.92 -102.56
C ASP Y 605 -68.85 -24.78 -101.37
N ILE Y 606 -69.65 -24.85 -100.30
CA ILE Y 606 -69.35 -25.67 -99.11
C ILE Y 606 -69.38 -27.17 -99.46
N VAL Y 607 -70.38 -27.63 -100.23
CA VAL Y 607 -70.48 -29.04 -100.64
C VAL Y 607 -69.29 -29.44 -101.51
N ASN Y 608 -68.92 -28.61 -102.49
CA ASN Y 608 -67.75 -28.83 -103.34
C ASN Y 608 -66.45 -28.85 -102.52
N LEU Y 609 -66.31 -27.94 -101.54
CA LEU Y 609 -65.15 -27.90 -100.65
C LEU Y 609 -65.03 -29.19 -99.84
N ILE Y 610 -66.14 -29.68 -99.26
CA ILE Y 610 -66.14 -30.91 -98.45
C ILE Y 610 -65.83 -32.15 -99.31
N GLN Y 611 -66.27 -32.18 -100.57
CA GLN Y 611 -65.85 -33.22 -101.50
C GLN Y 611 -64.33 -33.20 -101.73
N CYS Y 612 -63.72 -32.02 -101.81
CA CYS Y 612 -62.26 -31.89 -101.90
C CYS Y 612 -61.56 -32.41 -100.65
N LEU Y 613 -62.07 -32.09 -99.46
CA LEU Y 613 -61.53 -32.60 -98.18
C LEU Y 613 -61.60 -34.13 -98.11
N ARG Y 614 -62.70 -34.73 -98.57
CA ARG Y 614 -62.86 -36.19 -98.59
C ARG Y 614 -61.93 -36.87 -99.57
N MET Y 615 -61.76 -36.29 -100.77
CA MET Y 615 -60.76 -36.77 -101.71
C MET Y 615 -59.38 -36.79 -101.04
N ILE Y 616 -58.99 -35.74 -100.32
CA ILE Y 616 -57.72 -35.73 -99.57
C ILE Y 616 -57.70 -36.83 -98.50
N ALA Y 617 -58.76 -36.96 -97.70
CA ALA Y 617 -58.86 -37.93 -96.63
C ALA Y 617 -58.67 -39.38 -97.11
N ASP Y 618 -59.26 -39.75 -98.26
CA ASP Y 618 -59.19 -41.09 -98.83
C ASP Y 618 -57.77 -41.49 -99.28
N TYR Y 619 -56.88 -40.51 -99.55
CA TYR Y 619 -55.49 -40.77 -99.98
C TYR Y 619 -54.44 -40.62 -98.87
N ILE Y 620 -54.83 -40.11 -97.70
CA ILE Y 620 -53.91 -40.03 -96.58
C ILE Y 620 -53.65 -41.44 -96.04
N SER Y 621 -52.40 -41.88 -96.16
CA SER Y 621 -51.95 -43.16 -95.57
C SER Y 621 -51.94 -43.11 -94.04
N GLU Y 622 -51.95 -44.28 -93.40
CA GLU Y 622 -51.82 -44.39 -91.93
C GLU Y 622 -50.55 -43.72 -91.40
N ASP Y 623 -49.44 -43.82 -92.15
CA ASP Y 623 -48.16 -43.19 -91.79
C ASP Y 623 -48.25 -41.66 -91.83
N MET Y 624 -48.91 -41.09 -92.85
CA MET Y 624 -49.14 -39.65 -92.95
C MET Y 624 -50.08 -39.14 -91.85
N ALA Y 625 -51.13 -39.90 -91.53
CA ALA Y 625 -52.04 -39.57 -90.44
C ALA Y 625 -51.31 -39.57 -89.08
N TYR Y 626 -50.47 -40.59 -88.85
CA TYR Y 626 -49.61 -40.67 -87.67
C TYR Y 626 -48.61 -39.52 -87.60
N LEU Y 627 -48.03 -39.12 -88.73
CA LEU Y 627 -47.07 -38.03 -88.80
C LEU Y 627 -47.69 -36.70 -88.34
N MET Y 628 -48.92 -36.38 -88.75
CA MET Y 628 -49.64 -35.20 -88.25
C MET Y 628 -49.94 -35.31 -86.75
N GLU Y 629 -50.42 -36.46 -86.28
CA GLU Y 629 -50.75 -36.65 -84.85
C GLU Y 629 -49.49 -36.55 -83.96
N SER Y 630 -48.38 -37.13 -84.40
CA SER Y 630 -47.08 -37.05 -83.77
C SER Y 630 -46.55 -35.60 -83.75
N ALA Y 631 -46.74 -34.84 -84.83
CA ALA Y 631 -46.36 -33.44 -84.89
C ALA Y 631 -47.08 -32.59 -83.82
N CYS Y 632 -48.39 -32.77 -83.67
CA CYS Y 632 -49.17 -32.10 -82.62
C CYS Y 632 -48.67 -32.47 -81.21
N CYS Y 633 -48.38 -33.76 -80.97
CA CYS Y 633 -47.86 -34.25 -79.69
C CYS Y 633 -46.50 -33.63 -79.31
N HIS Y 634 -45.61 -33.52 -80.31
CA HIS Y 634 -44.26 -32.97 -80.17
C HIS Y 634 -44.18 -31.46 -80.39
N LEU Y 635 -45.32 -30.77 -80.55
CA LEU Y 635 -45.40 -29.31 -80.69
C LEU Y 635 -44.62 -28.78 -81.91
N GLN Y 636 -44.61 -29.54 -83.00
CA GLN Y 636 -44.11 -29.09 -84.29
C GLN Y 636 -45.18 -28.22 -84.97
N SER Y 637 -44.75 -27.32 -85.86
CA SER Y 637 -45.68 -26.48 -86.63
C SER Y 637 -46.56 -27.37 -87.54
N PRO Y 638 -47.89 -27.42 -87.30
CA PRO Y 638 -48.78 -28.24 -88.11
C PRO Y 638 -48.86 -27.76 -89.56
N GLU Y 639 -48.58 -26.46 -89.81
CA GLU Y 639 -48.52 -25.92 -91.17
C GLU Y 639 -47.38 -26.56 -91.98
N ARG Y 640 -46.17 -26.62 -91.41
CA ARG Y 640 -45.02 -27.24 -92.07
C ARG Y 640 -45.22 -28.73 -92.32
N VAL Y 641 -45.92 -29.39 -91.40
CA VAL Y 641 -46.22 -30.81 -91.51
C VAL Y 641 -47.30 -31.07 -92.55
N ALA Y 642 -48.31 -30.21 -92.64
CA ALA Y 642 -49.28 -30.26 -93.72
C ALA Y 642 -48.61 -30.06 -95.10
N GLU Y 643 -47.62 -29.16 -95.19
CA GLU Y 643 -46.82 -28.98 -96.40
C GLU Y 643 -46.02 -30.23 -96.77
N GLN Y 644 -45.39 -30.90 -95.79
CA GLN Y 644 -44.67 -32.16 -96.02
C GLN Y 644 -45.60 -33.28 -96.50
N ILE Y 645 -46.76 -33.44 -95.85
CA ILE Y 645 -47.77 -34.43 -96.28
C ILE Y 645 -48.24 -34.12 -97.70
N LEU Y 646 -48.43 -32.85 -98.03
CA LEU Y 646 -48.78 -32.44 -99.39
C LEU Y 646 -47.68 -32.77 -100.41
N GLU Y 647 -46.41 -32.58 -100.07
CA GLU Y 647 -45.28 -32.99 -100.92
C GLU Y 647 -45.29 -34.49 -101.18
N ASP Y 648 -45.52 -35.29 -100.14
CA ASP Y 648 -45.60 -36.74 -100.24
C ASP Y 648 -46.82 -37.19 -101.05
N LEU Y 649 -47.97 -36.51 -100.91
CA LEU Y 649 -49.16 -36.77 -101.71
C LEU Y 649 -48.94 -36.46 -103.20
N ILE Y 650 -48.30 -35.33 -103.51
CA ILE Y 650 -47.98 -34.96 -104.90
C ILE Y 650 -46.95 -35.91 -105.50
N ALA Y 651 -45.94 -36.32 -104.73
CA ALA Y 651 -44.93 -37.29 -105.17
C ALA Y 651 -45.55 -38.66 -105.49
N ASN Y 652 -46.63 -39.03 -104.80
CA ASN Y 652 -47.33 -40.30 -104.94
C ASN Y 652 -48.66 -40.18 -105.73
N ASP Y 653 -48.90 -39.10 -106.48
CA ASP Y 653 -50.15 -38.87 -107.23
C ASP Y 653 -50.23 -39.75 -108.50
N ILE Y 654 -50.50 -41.04 -108.33
CA ILE Y 654 -50.60 -42.01 -109.43
C ILE Y 654 -51.91 -41.85 -110.21
N ASP Y 655 -52.99 -41.42 -109.55
CA ASP Y 655 -54.37 -41.44 -110.09
C ASP Y 655 -54.87 -40.06 -110.57
N ASN Y 656 -53.96 -39.09 -110.80
CA ASN Y 656 -54.28 -37.69 -111.18
C ASN Y 656 -55.32 -37.04 -110.24
N ILE Y 657 -55.22 -37.31 -108.95
CA ILE Y 657 -56.18 -36.84 -107.94
C ILE Y 657 -56.05 -35.35 -107.77
N MET Y 658 -54.83 -34.82 -107.85
CA MET Y 658 -54.61 -33.38 -107.78
C MET Y 658 -55.33 -32.67 -108.92
N GLU Y 659 -55.43 -33.29 -110.10
CA GLU Y 659 -56.24 -32.79 -111.22
C GLU Y 659 -57.74 -32.84 -110.90
N ASN Y 660 -58.22 -33.94 -110.29
CA ASN Y 660 -59.62 -34.07 -109.87
C ASN Y 660 -60.02 -33.03 -108.80
N ILE Y 661 -59.15 -32.82 -107.80
CA ILE Y 661 -59.32 -31.78 -106.78
C ILE Y 661 -59.32 -30.39 -107.44
N GLN Y 662 -58.39 -30.12 -108.37
CA GLN Y 662 -58.36 -28.87 -109.13
C GLN Y 662 -59.65 -28.62 -109.93
N ASN Y 663 -60.11 -29.63 -110.67
CA ASN Y 663 -61.35 -29.55 -111.45
C ASN Y 663 -62.55 -29.24 -110.54
N LYS Y 664 -62.61 -29.87 -109.36
CA LYS Y 664 -63.69 -29.62 -108.40
C LYS Y 664 -63.58 -28.28 -107.69
N LEU Y 665 -62.37 -27.80 -107.43
CA LEU Y 665 -62.11 -26.45 -106.91
C LEU Y 665 -62.49 -25.37 -107.95
N GLN Y 666 -62.37 -25.62 -109.25
CA GLN Y 666 -62.85 -24.69 -110.27
C GLN Y 666 -64.37 -24.50 -110.25
N ASP Y 667 -65.13 -25.51 -109.79
CA ASP Y 667 -66.58 -25.38 -109.57
C ASP Y 667 -66.91 -24.47 -108.38
N THR Y 668 -65.96 -24.20 -107.48
CA THR Y 668 -66.17 -23.32 -106.31
C THR Y 668 -66.01 -21.86 -106.69
N ARG Y 669 -67.06 -21.06 -106.48
CA ARG Y 669 -67.06 -19.62 -106.81
C ARG Y 669 -66.25 -18.81 -105.81
N ASN Y 670 -66.39 -19.11 -104.52
CA ASN Y 670 -65.61 -18.46 -103.46
C ASN Y 670 -65.11 -19.45 -102.41
N PRO Y 671 -63.95 -20.11 -102.64
CA PRO Y 671 -63.39 -21.07 -101.68
C PRO Y 671 -63.04 -20.42 -100.35
N ILE Y 672 -62.63 -19.15 -100.32
CA ILE Y 672 -62.26 -18.43 -99.09
C ILE Y 672 -63.48 -18.31 -98.17
N ARG Y 673 -64.65 -17.95 -98.71
CA ARG Y 673 -65.90 -17.84 -97.95
C ARG Y 673 -66.34 -19.20 -97.40
N ALA Y 674 -66.20 -20.26 -98.19
CA ALA Y 674 -66.53 -21.62 -97.75
C ALA Y 674 -65.58 -22.10 -96.64
N ILE Y 675 -64.27 -21.86 -96.76
CA ILE Y 675 -63.28 -22.15 -95.70
C ILE Y 675 -63.59 -21.36 -94.44
N GLY Y 676 -63.85 -20.05 -94.56
CA GLY Y 676 -64.24 -19.19 -93.44
C GLY Y 676 -65.50 -19.68 -92.72
N PHE Y 677 -66.50 -20.16 -93.46
CA PHE Y 677 -67.72 -20.74 -92.90
C PHE Y 677 -67.44 -22.03 -92.11
N LEU Y 678 -66.60 -22.94 -92.64
CA LEU Y 678 -66.22 -24.18 -91.92
C LEU Y 678 -65.47 -23.85 -90.62
N LEU Y 679 -64.48 -22.96 -90.68
CA LEU Y 679 -63.71 -22.54 -89.51
C LEU Y 679 -64.61 -21.89 -88.46
N GLN Y 680 -65.53 -21.02 -88.87
CA GLN Y 680 -66.47 -20.36 -87.94
C GLN Y 680 -67.40 -21.35 -87.22
N ASN Y 681 -67.94 -22.37 -87.92
CA ASN Y 681 -68.78 -23.40 -87.30
C ASN Y 681 -67.99 -24.35 -86.39
N MET Y 682 -66.68 -24.40 -86.57
CA MET Y 682 -65.75 -25.17 -85.75
C MET Y 682 -65.07 -24.36 -84.66
N ASP Y 683 -65.38 -23.07 -84.52
CA ASP Y 683 -64.77 -22.21 -83.52
C ASP Y 683 -65.67 -22.09 -82.28
N TYR Y 684 -65.15 -22.43 -81.10
CA TYR Y 684 -65.86 -22.32 -79.82
C TYR Y 684 -65.21 -21.30 -78.88
N GLU Y 685 -64.39 -20.39 -79.40
CA GLU Y 685 -63.90 -19.27 -78.63
C GLU Y 685 -65.06 -18.44 -78.07
N THR Y 686 -65.06 -18.23 -76.75
CA THR Y 686 -66.17 -17.58 -76.02
C THR Y 686 -65.79 -16.13 -75.70
N ASN Y 687 -66.67 -15.18 -76.01
CA ASN Y 687 -66.57 -13.84 -75.43
C ASN Y 687 -67.00 -13.92 -73.95
N ALA Y 688 -66.22 -13.37 -73.03
CA ALA Y 688 -66.25 -13.62 -71.57
C ALA Y 688 -67.59 -13.36 -70.81
N ASP Y 689 -68.71 -13.12 -71.47
CA ASP Y 689 -70.02 -12.82 -70.87
C ASP Y 689 -70.81 -14.09 -70.46
N MET Y 690 -70.17 -14.98 -69.71
CA MET Y 690 -70.89 -16.03 -68.99
C MET Y 690 -71.40 -15.45 -67.66
N GLU Y 691 -72.57 -14.79 -67.67
CA GLU Y 691 -73.20 -14.22 -66.47
C GLU Y 691 -73.25 -15.21 -65.30
N GLN Y 692 -72.93 -14.71 -64.09
CA GLN Y 692 -72.96 -15.51 -62.87
C GLN Y 692 -74.41 -15.90 -62.45
N PRO Y 693 -74.61 -17.11 -61.89
CA PRO Y 693 -75.93 -17.71 -61.71
C PRO Y 693 -76.79 -17.04 -60.64
N GLN Y 694 -78.04 -16.70 -60.95
CA GLN Y 694 -79.05 -16.40 -59.93
C GLN Y 694 -79.42 -17.66 -59.11
N PRO Y 695 -79.55 -17.55 -57.77
CA PRO Y 695 -79.61 -18.72 -56.87
C PRO Y 695 -80.95 -19.49 -56.84
N ASN Y 696 -82.07 -18.89 -57.27
CA ASN Y 696 -83.40 -19.38 -56.85
C ASN Y 696 -83.99 -20.55 -57.65
N THR Y 697 -83.50 -20.88 -58.85
CA THR Y 697 -84.02 -21.98 -59.69
C THR Y 697 -83.19 -23.27 -59.62
N ARG Y 698 -82.22 -23.36 -58.70
CA ARG Y 698 -81.23 -24.46 -58.62
C ARG Y 698 -81.81 -25.85 -58.30
N LEU Y 699 -82.89 -25.97 -57.54
CA LEU Y 699 -83.16 -27.22 -56.81
C LEU Y 699 -83.71 -28.38 -57.66
N ASN Y 700 -84.49 -28.13 -58.71
CA ASN Y 700 -85.11 -29.22 -59.50
C ASN Y 700 -84.26 -29.66 -60.72
N LEU Y 701 -83.42 -28.76 -61.24
CA LEU Y 701 -82.64 -28.98 -62.47
C LEU Y 701 -81.19 -29.40 -62.23
N SER Y 702 -80.70 -29.28 -60.99
CA SER Y 702 -79.32 -29.67 -60.61
C SER Y 702 -78.99 -31.12 -60.93
N THR Y 703 -80.01 -31.98 -60.99
CA THR Y 703 -79.91 -33.42 -61.26
C THR Y 703 -80.13 -33.78 -62.74
N LEU Y 704 -80.39 -32.82 -63.63
CA LEU Y 704 -80.49 -33.14 -65.06
C LEU Y 704 -79.14 -33.65 -65.61
N TYR Y 705 -79.16 -34.75 -66.36
CA TYR Y 705 -77.96 -35.37 -66.94
C TYR Y 705 -76.85 -35.68 -65.90
N GLY Y 706 -77.24 -35.87 -64.64
CA GLY Y 706 -76.32 -36.09 -63.54
C GLY Y 706 -75.88 -37.53 -63.35
N SER Y 707 -76.38 -38.48 -64.15
CA SER Y 707 -75.97 -39.88 -64.06
C SER Y 707 -74.64 -40.12 -64.75
N ILE Y 708 -73.91 -41.15 -64.31
CA ILE Y 708 -72.62 -41.56 -64.88
C ILE Y 708 -72.80 -41.98 -66.35
N THR Y 709 -73.95 -42.59 -66.67
CA THR Y 709 -74.28 -42.95 -68.06
C THR Y 709 -74.41 -41.71 -68.92
N ALA Y 710 -75.13 -40.68 -68.47
CA ALA Y 710 -75.27 -39.43 -69.21
C ALA Y 710 -73.94 -38.68 -69.35
N SER Y 711 -73.16 -38.61 -68.27
CA SER Y 711 -71.81 -38.04 -68.25
C SER Y 711 -70.93 -38.66 -69.34
N SER Y 712 -70.87 -39.99 -69.40
CA SER Y 712 -70.06 -40.68 -70.40
C SER Y 712 -70.60 -40.51 -71.82
N VAL Y 713 -71.93 -40.52 -72.02
CA VAL Y 713 -72.51 -40.26 -73.36
C VAL Y 713 -72.14 -38.86 -73.87
N VAL Y 714 -72.24 -37.84 -73.02
CA VAL Y 714 -71.86 -36.46 -73.37
C VAL Y 714 -70.35 -36.37 -73.67
N CYS Y 715 -69.50 -36.98 -72.83
CA CYS Y 715 -68.07 -36.95 -73.02
C CYS Y 715 -67.62 -37.74 -74.26
N GLN Y 716 -68.31 -38.84 -74.59
CA GLN Y 716 -68.11 -39.57 -75.84
C GLN Y 716 -68.54 -38.73 -77.05
N ALA Y 717 -69.61 -37.94 -76.95
CA ALA Y 717 -69.98 -37.00 -78.00
C ALA Y 717 -68.86 -36.00 -78.30
N ILE Y 718 -68.22 -35.46 -77.25
CA ILE Y 718 -67.04 -34.59 -77.39
C ILE Y 718 -65.86 -35.31 -78.02
N CYS Y 719 -65.55 -36.53 -77.55
CA CYS Y 719 -64.47 -37.33 -78.10
C CYS Y 719 -64.64 -37.52 -79.61
N LYS Y 720 -65.85 -37.88 -80.05
CA LYS Y 720 -66.16 -38.09 -81.47
C LYS Y 720 -66.15 -36.78 -82.26
N ILE Y 721 -66.77 -35.71 -81.76
CA ILE Y 721 -66.76 -34.40 -82.43
C ILE Y 721 -65.34 -33.87 -82.60
N SER Y 722 -64.54 -33.92 -81.54
CA SER Y 722 -63.14 -33.47 -81.59
C SER Y 722 -62.30 -34.33 -82.52
N ALA Y 723 -62.51 -35.65 -82.56
CA ALA Y 723 -61.83 -36.54 -83.50
C ALA Y 723 -62.20 -36.24 -84.96
N THR Y 724 -63.50 -36.11 -85.29
CA THR Y 724 -63.93 -35.79 -86.66
C THR Y 724 -63.44 -34.41 -87.08
N ARG Y 725 -63.56 -33.40 -86.21
CA ARG Y 725 -63.12 -32.04 -86.53
C ARG Y 725 -61.59 -31.90 -86.61
N PHE Y 726 -60.84 -32.70 -85.86
CA PHE Y 726 -59.39 -32.81 -86.02
C PHE Y 726 -59.03 -33.27 -87.44
N LEU Y 727 -59.69 -34.31 -87.96
CA LEU Y 727 -59.48 -34.78 -89.33
C LEU Y 727 -59.84 -33.69 -90.36
N ILE Y 728 -60.99 -33.04 -90.18
CA ILE Y 728 -61.41 -31.93 -91.05
C ILE Y 728 -60.37 -30.80 -91.05
N CYS Y 729 -59.83 -30.42 -89.88
CA CYS Y 729 -58.81 -29.37 -89.80
C CYS Y 729 -57.49 -29.80 -90.46
N ARG Y 730 -57.07 -31.07 -90.31
CA ARG Y 730 -55.89 -31.62 -90.98
C ARG Y 730 -56.05 -31.54 -92.50
N ASP Y 731 -57.17 -32.05 -93.01
CA ASP Y 731 -57.42 -32.13 -94.45
C ASP Y 731 -57.60 -30.73 -95.04
N LEU Y 732 -58.22 -29.82 -94.27
CA LEU Y 732 -58.36 -28.42 -94.63
C LEU Y 732 -57.00 -27.71 -94.70
N LEU Y 733 -56.10 -27.96 -93.75
CA LEU Y 733 -54.74 -27.40 -93.80
C LEU Y 733 -53.97 -27.88 -95.03
N ILE Y 734 -54.06 -29.18 -95.36
CA ILE Y 734 -53.43 -29.75 -96.57
C ILE Y 734 -54.02 -29.09 -97.82
N LEU Y 735 -55.35 -28.93 -97.87
CA LEU Y 735 -56.03 -28.26 -98.98
C LEU Y 735 -55.62 -26.77 -99.11
N GLN Y 736 -55.46 -26.05 -98.00
CA GLN Y 736 -55.00 -24.65 -98.02
C GLN Y 736 -53.57 -24.53 -98.56
N HIS Y 737 -52.67 -25.45 -98.22
CA HIS Y 737 -51.32 -25.49 -98.80
C HIS Y 737 -51.35 -25.86 -100.29
N LEU Y 738 -52.26 -26.75 -100.70
CA LEU Y 738 -52.48 -27.05 -102.12
C LEU Y 738 -52.95 -25.79 -102.86
N LEU Y 739 -53.93 -25.04 -102.31
CA LEU Y 739 -54.40 -23.78 -102.88
C LEU Y 739 -53.28 -22.74 -103.01
N LEU Y 740 -52.35 -22.66 -102.04
CA LEU Y 740 -51.18 -21.79 -102.13
C LEU Y 740 -50.22 -22.22 -103.26
N ARG Y 741 -49.98 -23.53 -103.45
CA ARG Y 741 -49.12 -24.06 -104.51
C ARG Y 741 -49.71 -23.92 -105.90
N LEU Y 742 -51.03 -24.08 -106.03
CA LEU Y 742 -51.73 -23.93 -107.30
C LEU Y 742 -51.61 -22.50 -107.84
N GLY Y 743 -51.51 -21.50 -106.94
CA GLY Y 743 -51.15 -20.12 -107.29
C GLY Y 743 -52.03 -19.51 -108.38
N ASP Y 744 -51.59 -18.36 -108.91
CA ASP Y 744 -52.31 -17.51 -109.87
C ASP Y 744 -52.86 -18.20 -111.13
N MET Y 745 -52.52 -19.48 -111.40
CA MET Y 745 -52.87 -20.18 -112.63
C MET Y 745 -54.30 -20.73 -112.69
N ALA Y 746 -54.99 -20.94 -111.56
CA ALA Y 746 -56.24 -21.74 -111.56
C ALA Y 746 -57.51 -21.05 -111.00
N LEU Y 747 -57.39 -20.04 -110.13
CA LEU Y 747 -58.54 -19.44 -109.43
C LEU Y 747 -58.61 -17.93 -109.66
N ILE Y 748 -59.78 -17.43 -110.09
CA ILE Y 748 -60.04 -16.02 -110.43
C ILE Y 748 -59.97 -15.17 -109.14
N GLY Y 749 -58.78 -14.71 -108.74
CA GLY Y 749 -58.63 -13.90 -107.52
C GLY Y 749 -57.23 -13.76 -106.92
N ALA Y 750 -56.18 -13.74 -107.74
CA ALA Y 750 -54.74 -13.72 -107.40
C ALA Y 750 -54.34 -12.98 -106.11
N GLY Y 751 -54.73 -11.71 -105.96
CA GLY Y 751 -54.30 -10.87 -104.82
C GLY Y 751 -55.09 -11.09 -103.53
N GLN Y 752 -56.36 -11.49 -103.62
CA GLN Y 752 -57.22 -11.69 -102.44
C GLN Y 752 -56.98 -13.05 -101.80
N LEU Y 753 -56.66 -14.07 -102.60
CA LEU Y 753 -56.38 -15.43 -102.12
C LEU Y 753 -55.12 -15.48 -101.25
N LEU Y 754 -54.00 -14.92 -101.71
CA LEU Y 754 -52.75 -14.93 -100.92
C LEU Y 754 -52.91 -14.18 -99.58
N HIS Y 755 -53.56 -13.03 -99.59
CA HIS Y 755 -53.73 -12.23 -98.37
C HIS Y 755 -54.73 -12.87 -97.38
N SER Y 756 -55.85 -13.41 -97.86
CA SER Y 756 -56.83 -14.09 -97.00
C SER Y 756 -56.31 -15.42 -96.45
N GLN Y 757 -55.52 -16.19 -97.23
CA GLN Y 757 -54.92 -17.43 -96.75
C GLN Y 757 -53.88 -17.21 -95.64
N GLN Y 758 -53.20 -16.05 -95.62
CA GLN Y 758 -52.31 -15.69 -94.52
C GLN Y 758 -53.04 -15.57 -93.17
N GLU Y 759 -54.32 -15.24 -93.16
CA GLU Y 759 -55.14 -15.19 -91.94
C GLU Y 759 -55.80 -16.54 -91.63
N LEU Y 760 -56.22 -17.29 -92.65
CA LEU Y 760 -57.00 -18.53 -92.48
C LEU Y 760 -56.15 -19.75 -92.12
N ILE Y 761 -54.91 -19.85 -92.59
CA ILE Y 761 -54.02 -21.00 -92.29
C ILE Y 761 -53.66 -21.05 -90.80
N PRO Y 762 -53.19 -19.96 -90.15
CA PRO Y 762 -52.93 -19.98 -88.71
C PRO Y 762 -54.17 -20.31 -87.89
N ARG Y 763 -55.35 -19.85 -88.32
CA ARG Y 763 -56.61 -20.18 -87.67
C ARG Y 763 -56.94 -21.67 -87.76
N ALA Y 764 -56.78 -22.28 -88.93
CA ALA Y 764 -56.97 -23.73 -89.10
C ALA Y 764 -55.97 -24.54 -88.26
N ALA Y 765 -54.71 -24.09 -88.17
CA ALA Y 765 -53.67 -24.68 -87.31
C ALA Y 765 -54.04 -24.58 -85.82
N GLN Y 766 -54.52 -23.43 -85.36
CA GLN Y 766 -54.97 -23.26 -83.98
C GLN Y 766 -56.18 -24.16 -83.67
N LEU Y 767 -57.16 -24.27 -84.58
CA LEU Y 767 -58.28 -25.20 -84.41
C LEU Y 767 -57.82 -26.65 -84.37
N LEU Y 768 -56.90 -27.06 -85.24
CA LEU Y 768 -56.31 -28.40 -85.23
C LEU Y 768 -55.70 -28.71 -83.85
N LEU Y 769 -54.87 -27.81 -83.30
CA LEU Y 769 -54.25 -27.97 -81.99
C LEU Y 769 -55.29 -27.98 -80.87
N SER Y 770 -56.34 -27.16 -80.97
CA SER Y 770 -57.43 -27.10 -79.99
C SER Y 770 -58.24 -28.40 -79.96
N TYR Y 771 -58.57 -28.94 -81.13
CA TYR Y 771 -59.25 -30.23 -81.23
C TYR Y 771 -58.35 -31.41 -80.84
N TYR Y 772 -57.05 -31.34 -81.14
CA TYR Y 772 -56.08 -32.33 -80.64
C TYR Y 772 -56.06 -32.34 -79.11
N MET Y 773 -56.05 -31.18 -78.46
CA MET Y 773 -56.08 -31.05 -77.01
C MET Y 773 -57.37 -31.62 -76.39
N ILE Y 774 -58.53 -31.27 -76.97
CA ILE Y 774 -59.82 -31.76 -76.49
C ILE Y 774 -59.91 -33.28 -76.71
N ARG Y 775 -59.46 -33.78 -77.86
CA ARG Y 775 -59.41 -35.23 -78.16
C ARG Y 775 -58.51 -35.94 -77.16
N TRP Y 776 -57.29 -35.46 -76.94
CA TRP Y 776 -56.36 -35.98 -75.95
C TRP Y 776 -57.00 -36.01 -74.56
N GLY Y 777 -57.62 -34.91 -74.11
CA GLY Y 777 -58.27 -34.85 -72.81
C GLY Y 777 -59.47 -35.79 -72.71
N SER Y 778 -60.24 -35.96 -73.78
CA SER Y 778 -61.38 -36.89 -73.82
C SER Y 778 -60.96 -38.36 -73.77
N GLN Y 779 -59.69 -38.67 -74.05
CA GLN Y 779 -59.13 -40.03 -74.02
C GLN Y 779 -58.22 -40.26 -72.80
N CYS Y 780 -57.67 -39.20 -72.22
CA CYS Y 780 -56.78 -39.25 -71.07
C CYS Y 780 -57.54 -39.68 -69.81
N LEU Y 781 -57.08 -40.77 -69.19
CA LEU Y 781 -57.66 -41.29 -67.96
C LEU Y 781 -57.22 -40.46 -66.75
N ALA Y 782 -58.17 -40.20 -65.84
CA ALA Y 782 -57.87 -39.64 -64.54
C ALA Y 782 -57.14 -40.67 -63.65
N CYS Y 783 -56.18 -40.22 -62.86
CA CYS Y 783 -55.52 -41.00 -61.83
C CYS Y 783 -56.46 -41.25 -60.65
N ALA Y 784 -56.42 -42.46 -60.10
CA ALA Y 784 -57.11 -42.79 -58.86
C ALA Y 784 -56.40 -42.11 -57.68
N VAL Y 785 -57.08 -41.17 -57.01
CA VAL Y 785 -56.55 -40.42 -55.87
C VAL Y 785 -57.27 -40.86 -54.60
N PRO Y 786 -56.54 -41.30 -53.55
CA PRO Y 786 -57.12 -41.57 -52.24
C PRO Y 786 -57.85 -40.35 -51.66
N VAL Y 787 -59.00 -40.59 -51.02
CA VAL Y 787 -59.85 -39.52 -50.47
C VAL Y 787 -59.09 -38.66 -49.45
N ASP Y 788 -58.21 -39.25 -48.63
CA ASP Y 788 -57.42 -38.51 -47.63
C ASP Y 788 -56.45 -37.49 -48.28
N ILE Y 789 -55.85 -37.85 -49.43
CA ILE Y 789 -54.93 -36.96 -50.18
C ILE Y 789 -55.73 -35.84 -50.86
N LEU Y 790 -56.92 -36.16 -51.35
CA LEU Y 790 -57.81 -35.15 -51.91
C LEU Y 790 -58.30 -34.17 -50.84
N GLU Y 791 -58.75 -34.66 -49.68
CA GLU Y 791 -59.22 -33.81 -48.58
C GLU Y 791 -58.10 -32.90 -48.06
N SER Y 792 -56.87 -33.41 -47.94
CA SER Y 792 -55.72 -32.59 -47.60
C SER Y 792 -55.37 -31.56 -48.69
N ASN Y 793 -55.38 -31.93 -49.97
CA ASN Y 793 -55.19 -30.97 -51.07
C ASN Y 793 -56.27 -29.87 -51.05
N LEU Y 794 -57.54 -30.24 -50.82
CA LEU Y 794 -58.62 -29.27 -50.68
C LEU Y 794 -58.44 -28.35 -49.47
N GLN Y 795 -57.92 -28.85 -48.35
CA GLN Y 795 -57.53 -27.99 -47.22
C GLN Y 795 -56.42 -27.02 -47.63
N HIS Y 796 -55.38 -27.48 -48.32
CA HIS Y 796 -54.31 -26.61 -48.85
C HIS Y 796 -54.82 -25.58 -49.87
N LEU Y 797 -55.72 -25.97 -50.77
CA LEU Y 797 -56.35 -25.06 -51.74
C LEU Y 797 -57.36 -24.11 -51.08
N SER Y 798 -58.01 -24.52 -49.99
CA SER Y 798 -58.88 -23.64 -49.19
C SER Y 798 -58.09 -22.55 -48.49
N VAL Y 799 -56.85 -22.85 -48.08
CA VAL Y 799 -55.92 -21.82 -47.60
C VAL Y 799 -55.65 -20.80 -48.71
N LEU Y 800 -55.61 -21.23 -49.98
CA LEU Y 800 -55.51 -20.37 -51.16
C LEU Y 800 -56.86 -19.73 -51.58
N GLU Y 801 -57.98 -20.08 -50.94
CA GLU Y 801 -59.36 -19.69 -51.29
C GLU Y 801 -59.77 -20.07 -52.72
N LEU Y 802 -59.13 -21.09 -53.30
CA LEU Y 802 -59.49 -21.65 -54.62
C LEU Y 802 -60.72 -22.59 -54.55
N SER Y 803 -61.38 -22.72 -53.40
CA SER Y 803 -62.49 -23.66 -53.21
C SER Y 803 -63.65 -23.05 -52.41
N ASP Y 804 -64.70 -22.58 -53.10
CA ASP Y 804 -65.99 -22.24 -52.47
C ASP Y 804 -66.89 -23.46 -52.25
N SER Y 805 -66.65 -24.56 -52.97
CA SER Y 805 -67.55 -25.72 -52.95
C SER Y 805 -67.29 -26.60 -51.74
N GLN Y 806 -68.26 -26.68 -50.82
CA GLN Y 806 -68.31 -27.72 -49.79
C GLN Y 806 -68.13 -29.09 -50.44
N VAL Y 807 -67.29 -29.94 -49.82
CA VAL Y 807 -67.19 -31.35 -50.15
C VAL Y 807 -68.54 -32.00 -49.82
N GLU Y 808 -69.49 -31.93 -50.75
CA GLU Y 808 -70.54 -32.94 -50.78
C GLU Y 808 -69.81 -34.27 -50.77
N LYS Y 809 -70.14 -35.13 -49.80
CA LYS Y 809 -69.56 -36.46 -49.59
C LYS Y 809 -69.78 -37.33 -50.84
N ARG Y 810 -69.03 -37.05 -51.91
CA ARG Y 810 -69.00 -37.83 -53.13
C ARG Y 810 -68.23 -39.07 -52.78
N ARG Y 811 -68.94 -40.17 -52.61
CA ARG Y 811 -68.34 -41.47 -52.87
C ARG Y 811 -67.90 -41.39 -54.33
N TYR Y 812 -66.61 -41.22 -54.57
CA TYR Y 812 -66.05 -41.49 -55.89
C TYR Y 812 -66.53 -42.90 -56.24
N THR Y 813 -67.54 -42.97 -57.10
CA THR Y 813 -67.97 -44.23 -57.71
C THR Y 813 -66.72 -44.69 -58.43
N SER Y 814 -66.21 -45.84 -58.00
CA SER Y 814 -64.84 -46.29 -58.28
C SER Y 814 -64.67 -46.80 -59.72
N GLY Y 815 -65.36 -46.15 -60.66
CA GLY Y 815 -65.24 -46.32 -62.09
C GLY Y 815 -64.09 -45.50 -62.66
N ILE Y 816 -63.58 -45.99 -63.79
CA ILE Y 816 -62.60 -45.27 -64.60
C ILE Y 816 -63.31 -44.08 -65.23
N GLN Y 817 -62.73 -42.90 -65.10
CA GLN Y 817 -63.21 -41.71 -65.77
C GLN Y 817 -62.07 -41.03 -66.54
N THR Y 818 -62.40 -40.38 -67.65
CA THR Y 818 -61.48 -39.48 -68.33
C THR Y 818 -61.41 -38.15 -67.59
N ILE Y 819 -60.39 -37.36 -67.86
CA ILE Y 819 -60.29 -36.03 -67.26
C ILE Y 819 -61.43 -35.10 -67.70
N VAL Y 820 -62.03 -35.34 -68.86
CA VAL Y 820 -63.23 -34.63 -69.34
C VAL Y 820 -64.49 -35.09 -68.60
N GLU Y 821 -64.66 -36.40 -68.34
CA GLU Y 821 -65.75 -36.93 -67.50
C GLU Y 821 -65.66 -36.35 -66.08
N LEU Y 822 -64.45 -36.30 -65.50
CA LEU Y 822 -64.19 -35.69 -64.21
C LEU Y 822 -64.57 -34.19 -64.19
N PHE Y 823 -64.17 -33.45 -65.22
CA PHE Y 823 -64.51 -32.03 -65.35
C PHE Y 823 -66.02 -31.80 -65.51
N PHE Y 824 -66.68 -32.65 -66.30
CA PHE Y 824 -68.11 -32.59 -66.51
C PHE Y 824 -68.87 -32.74 -65.20
N GLU Y 825 -68.56 -33.77 -64.42
CA GLU Y 825 -69.23 -34.07 -63.16
C GLU Y 825 -68.99 -33.01 -62.08
N ASP Y 826 -67.78 -32.45 -62.04
CA ASP Y 826 -67.37 -31.56 -60.96
C ASP Y 826 -67.75 -30.10 -61.18
N VAL Y 827 -67.58 -29.59 -62.40
CA VAL Y 827 -67.73 -28.17 -62.73
C VAL Y 827 -68.88 -27.96 -63.72
N ALA Y 828 -68.76 -28.48 -64.94
CA ALA Y 828 -69.67 -28.13 -66.04
C ALA Y 828 -71.14 -28.44 -65.70
N ARG Y 829 -71.38 -29.55 -64.98
CA ARG Y 829 -72.73 -29.96 -64.55
C ARG Y 829 -73.47 -28.89 -63.76
N LYS Y 830 -72.77 -28.15 -62.90
CA LYS Y 830 -73.38 -27.12 -62.03
C LYS Y 830 -73.91 -25.93 -62.83
N HIS Y 831 -73.42 -25.73 -64.05
CA HIS Y 831 -73.81 -24.62 -64.91
C HIS Y 831 -74.93 -24.97 -65.90
N PHE Y 832 -75.24 -26.25 -66.14
CA PHE Y 832 -76.29 -26.65 -67.12
C PHE Y 832 -77.70 -26.13 -66.83
N PRO Y 833 -78.18 -26.08 -65.56
CA PRO Y 833 -79.50 -25.48 -65.27
C PRO Y 833 -79.63 -24.05 -65.80
N HIS Y 834 -78.53 -23.30 -65.83
CA HIS Y 834 -78.49 -21.92 -66.30
C HIS Y 834 -78.58 -21.83 -67.83
N VAL Y 835 -77.81 -22.67 -68.53
CA VAL Y 835 -77.84 -22.77 -70.00
C VAL Y 835 -79.24 -23.13 -70.49
N PHE Y 836 -79.94 -24.00 -69.75
CA PHE Y 836 -81.32 -24.38 -70.03
C PHE Y 836 -82.28 -23.18 -69.91
N ILE Y 837 -82.13 -22.35 -68.86
CA ILE Y 837 -83.01 -21.20 -68.59
C ILE Y 837 -82.76 -20.02 -69.54
N GLN Y 838 -81.50 -19.67 -69.82
CA GLN Y 838 -81.16 -18.50 -70.67
C GLN Y 838 -81.69 -18.64 -72.10
N SER Y 839 -81.86 -19.86 -72.60
CA SER Y 839 -82.20 -20.12 -74.01
C SER Y 839 -83.70 -20.05 -74.33
N GLY Y 840 -84.50 -19.34 -73.54
CA GLY Y 840 -85.94 -19.14 -73.80
C GLY Y 840 -86.88 -20.18 -73.19
N ALA Y 841 -86.38 -21.19 -72.48
CA ALA Y 841 -87.19 -22.19 -71.76
C ALA Y 841 -87.76 -21.63 -70.44
N SER Y 842 -88.26 -20.40 -70.45
CA SER Y 842 -88.92 -19.76 -69.31
C SER Y 842 -90.26 -20.42 -68.95
N GLN Y 843 -90.72 -21.38 -69.76
CA GLN Y 843 -91.86 -22.24 -69.46
C GLN Y 843 -91.35 -23.63 -69.05
N LEU Y 844 -91.50 -23.99 -67.78
CA LEU Y 844 -91.28 -25.33 -67.21
C LEU Y 844 -92.13 -26.45 -67.87
N GLN Y 845 -92.88 -26.14 -68.93
CA GLN Y 845 -93.83 -27.02 -69.63
C GLN Y 845 -93.31 -27.56 -70.98
N GLU Y 846 -92.15 -27.09 -71.48
CA GLU Y 846 -91.61 -27.67 -72.72
C GLU Y 846 -91.16 -29.13 -72.49
N PRO Y 847 -91.56 -30.07 -73.36
CA PRO Y 847 -91.12 -31.46 -73.26
C PRO Y 847 -89.62 -31.56 -73.54
N LEU Y 848 -88.93 -32.41 -72.77
CA LEU Y 848 -87.51 -32.70 -72.97
C LEU Y 848 -87.28 -33.34 -74.35
N ASN Y 849 -86.47 -32.69 -75.20
CA ASN Y 849 -86.04 -33.25 -76.49
C ASN Y 849 -84.56 -33.63 -76.44
N TRP Y 850 -84.26 -34.93 -76.57
CA TRP Y 850 -82.90 -35.49 -76.56
C TRP Y 850 -82.00 -34.80 -77.59
N SER Y 851 -82.46 -34.69 -78.83
CA SER Y 851 -81.68 -34.19 -79.97
C SER Y 851 -81.19 -32.76 -79.77
N ASP Y 852 -82.06 -31.88 -79.25
CA ASP Y 852 -81.69 -30.48 -78.99
C ASP Y 852 -80.82 -30.36 -77.75
N LEU Y 853 -81.15 -31.12 -76.71
CA LEU Y 853 -80.49 -31.03 -75.42
C LEU Y 853 -79.06 -31.55 -75.48
N ILE Y 854 -78.83 -32.71 -76.10
CA ILE Y 854 -77.47 -33.27 -76.26
C ILE Y 854 -76.57 -32.32 -77.06
N LYS Y 855 -77.10 -31.71 -78.13
CA LYS Y 855 -76.37 -30.74 -78.96
C LYS Y 855 -75.99 -29.48 -78.16
N ARG Y 856 -76.93 -28.94 -77.38
CA ARG Y 856 -76.69 -27.76 -76.53
C ARG Y 856 -75.66 -28.06 -75.43
N ILE Y 857 -75.81 -29.19 -74.73
CA ILE Y 857 -74.88 -29.61 -73.68
C ILE Y 857 -73.48 -29.78 -74.24
N THR Y 858 -73.35 -30.45 -75.40
CA THR Y 858 -72.06 -30.73 -76.01
C THR Y 858 -71.38 -29.45 -76.48
N ASN Y 859 -72.10 -28.51 -77.11
CA ASN Y 859 -71.56 -27.21 -77.50
C ASN Y 859 -71.09 -26.38 -76.29
N TYR Y 860 -71.88 -26.38 -75.22
CA TYR Y 860 -71.51 -25.67 -73.99
C TYR Y 860 -70.26 -26.26 -73.34
N LEU Y 861 -70.19 -27.58 -73.25
CA LEU Y 861 -69.03 -28.26 -72.70
C LEU Y 861 -67.77 -28.05 -73.57
N LEU Y 862 -67.92 -27.99 -74.90
CA LEU Y 862 -66.82 -27.62 -75.81
C LEU Y 862 -66.32 -26.19 -75.57
N GLN Y 863 -67.20 -25.23 -75.31
CA GLN Y 863 -66.80 -23.86 -74.94
C GLN Y 863 -66.00 -23.84 -73.63
N LEU Y 864 -66.42 -24.60 -72.61
CA LEU Y 864 -65.70 -24.69 -71.34
C LEU Y 864 -64.34 -25.40 -71.44
N LEU Y 865 -64.24 -26.40 -72.32
CA LEU Y 865 -62.98 -27.11 -72.59
C LEU Y 865 -62.07 -26.36 -73.56
N TRP Y 866 -62.55 -25.27 -74.17
CA TRP Y 866 -61.80 -24.55 -75.18
C TRP Y 866 -60.49 -23.99 -74.60
N PRO Y 867 -59.33 -24.22 -75.22
CA PRO Y 867 -58.05 -23.83 -74.65
C PRO Y 867 -57.85 -22.33 -74.42
N SER Y 868 -58.51 -21.49 -75.22
CA SER Y 868 -58.50 -20.03 -75.08
C SER Y 868 -59.55 -19.50 -74.09
N ASN Y 869 -60.27 -20.35 -73.35
CA ASN Y 869 -61.33 -19.89 -72.44
C ASN Y 869 -60.73 -19.13 -71.24
N PRO Y 870 -61.08 -17.84 -71.01
CA PRO Y 870 -60.49 -17.04 -69.94
C PRO Y 870 -60.86 -17.54 -68.53
N ASN Y 871 -61.94 -18.30 -68.38
CA ASN Y 871 -62.36 -18.80 -67.06
C ASN Y 871 -61.40 -19.85 -66.48
N PHE Y 872 -60.56 -20.47 -67.31
CA PHE Y 872 -59.51 -21.44 -66.91
C PHE Y 872 -59.97 -22.60 -66.00
N GLN Y 873 -61.27 -22.91 -66.02
CA GLN Y 873 -61.91 -23.86 -65.09
C GLN Y 873 -61.46 -25.30 -65.26
N PHE Y 874 -61.05 -25.70 -66.46
CA PHE Y 874 -60.61 -27.07 -66.73
C PHE Y 874 -59.33 -27.39 -65.95
N ALA Y 875 -58.31 -26.54 -66.05
CA ALA Y 875 -57.06 -26.70 -65.32
C ALA Y 875 -57.27 -26.60 -63.79
N GLU Y 876 -58.12 -25.68 -63.34
CA GLU Y 876 -58.52 -25.55 -61.94
C GLU Y 876 -59.15 -26.85 -61.39
N CYS Y 877 -60.04 -27.47 -62.16
CA CYS Y 877 -60.66 -28.75 -61.80
C CYS Y 877 -59.63 -29.88 -61.67
N LEU Y 878 -58.63 -29.94 -62.55
CA LEU Y 878 -57.57 -30.94 -62.49
C LEU Y 878 -56.70 -30.75 -61.25
N MET Y 879 -56.32 -29.49 -60.94
CA MET Y 879 -55.55 -29.16 -59.74
C MET Y 879 -56.31 -29.55 -58.46
N ARG Y 880 -57.60 -29.23 -58.41
CA ARG Y 880 -58.49 -29.54 -57.29
C ARG Y 880 -58.62 -31.05 -57.04
N ASN Y 881 -58.66 -31.84 -58.11
CA ASN Y 881 -58.76 -33.31 -58.04
C ASN Y 881 -57.40 -34.04 -58.01
N CYS Y 882 -56.30 -33.33 -57.71
CA CYS Y 882 -54.94 -33.86 -57.62
C CYS Y 882 -54.43 -34.55 -58.91
N GLN Y 883 -54.90 -34.13 -60.07
CA GLN Y 883 -54.52 -34.71 -61.38
C GLN Y 883 -53.25 -34.05 -61.93
N TYR Y 884 -52.17 -34.05 -61.15
CA TYR Y 884 -50.96 -33.27 -61.43
C TYR Y 884 -50.25 -33.70 -62.72
N THR Y 885 -50.16 -35.01 -62.99
CA THR Y 885 -49.48 -35.53 -64.19
C THR Y 885 -50.21 -35.13 -65.47
N GLN Y 886 -51.54 -35.22 -65.46
CA GLN Y 886 -52.39 -34.82 -66.58
C GLN Y 886 -52.36 -33.29 -66.74
N LEU Y 887 -52.36 -32.54 -65.63
CA LEU Y 887 -52.26 -31.08 -65.67
C LEU Y 887 -50.91 -30.61 -66.23
N GLN Y 888 -49.79 -31.25 -65.85
CA GLN Y 888 -48.47 -30.98 -66.43
C GLN Y 888 -48.46 -31.23 -67.94
N GLU Y 889 -49.02 -32.35 -68.39
CA GLU Y 889 -49.09 -32.67 -69.82
C GLU Y 889 -50.02 -31.72 -70.58
N TYR Y 890 -51.16 -31.35 -69.99
CA TYR Y 890 -52.07 -30.36 -70.56
C TYR Y 890 -51.37 -29.00 -70.73
N VAL Y 891 -50.68 -28.52 -69.70
CA VAL Y 891 -49.94 -27.25 -69.74
C VAL Y 891 -48.77 -27.31 -70.73
N ARG Y 892 -48.05 -28.45 -70.80
CA ARG Y 892 -46.99 -28.68 -71.78
C ARG Y 892 -47.52 -28.55 -73.20
N LEU Y 893 -48.66 -29.16 -73.48
CA LEU Y 893 -49.26 -29.13 -74.81
C LEU Y 893 -49.87 -27.76 -75.15
N LEU Y 894 -50.22 -26.93 -74.16
CA LEU Y 894 -50.91 -25.65 -74.34
C LEU Y 894 -49.98 -24.43 -74.50
N LEU Y 895 -48.99 -24.29 -73.61
CA LEU Y 895 -48.13 -23.09 -73.47
C LEU Y 895 -47.44 -22.61 -74.76
N PRO Y 896 -46.98 -23.48 -75.69
CA PRO Y 896 -46.22 -23.03 -76.86
C PRO Y 896 -47.01 -22.16 -77.85
N TRP Y 897 -48.34 -22.28 -77.87
CA TRP Y 897 -49.18 -21.65 -78.89
C TRP Y 897 -50.37 -20.87 -78.34
N CYS Y 898 -50.87 -21.17 -77.13
CA CYS Y 898 -51.96 -20.40 -76.50
C CYS Y 898 -51.41 -19.33 -75.54
N GLN Y 899 -51.74 -18.06 -75.78
CA GLN Y 899 -51.24 -16.91 -75.01
C GLN Y 899 -52.27 -16.29 -74.04
N VAL Y 900 -53.46 -16.89 -73.89
CA VAL Y 900 -54.56 -16.29 -73.11
C VAL Y 900 -54.38 -16.44 -71.60
N ASN Y 901 -54.00 -17.63 -71.13
CA ASN Y 901 -53.91 -17.97 -69.71
C ASN Y 901 -52.49 -18.41 -69.31
N VAL Y 902 -51.47 -17.72 -69.80
CA VAL Y 902 -50.06 -18.08 -69.63
C VAL Y 902 -49.65 -18.02 -68.16
N GLY Y 903 -50.01 -16.95 -67.45
CA GLY Y 903 -49.69 -16.78 -66.04
C GLY Y 903 -50.34 -17.86 -65.18
N SER Y 904 -51.61 -18.15 -65.42
CA SER Y 904 -52.39 -19.17 -64.73
C SER Y 904 -51.84 -20.57 -64.99
N CYS Y 905 -51.40 -20.86 -66.22
CA CYS Y 905 -50.68 -22.10 -66.53
C CYS Y 905 -49.38 -22.23 -65.75
N HIS Y 906 -48.56 -21.18 -65.68
CA HIS Y 906 -47.31 -21.20 -64.90
C HIS Y 906 -47.58 -21.35 -63.40
N PHE Y 907 -48.61 -20.72 -62.86
CA PHE Y 907 -49.02 -20.89 -61.47
C PHE Y 907 -49.44 -22.33 -61.16
N MET Y 908 -50.29 -22.93 -62.01
CA MET Y 908 -50.70 -24.33 -61.85
C MET Y 908 -49.52 -25.29 -61.99
N LEU Y 909 -48.63 -25.04 -62.94
CA LEU Y 909 -47.41 -25.82 -63.14
C LEU Y 909 -46.48 -25.73 -61.94
N ALA Y 910 -46.35 -24.53 -61.34
CA ALA Y 910 -45.57 -24.32 -60.13
C ALA Y 910 -46.11 -25.14 -58.95
N GLN Y 911 -47.44 -25.20 -58.78
CA GLN Y 911 -48.06 -26.06 -57.76
C GLN Y 911 -47.81 -27.54 -58.04
N CYS Y 912 -47.87 -27.98 -59.30
CA CYS Y 912 -47.53 -29.36 -59.66
C CYS Y 912 -46.07 -29.70 -59.31
N TYR Y 913 -45.12 -28.80 -59.60
CA TYR Y 913 -43.71 -29.00 -59.23
C TYR Y 913 -43.47 -28.99 -57.73
N LEU Y 914 -44.22 -28.19 -56.97
CA LEU Y 914 -44.15 -28.18 -55.51
C LEU Y 914 -44.58 -29.53 -54.92
N VAL Y 915 -45.66 -30.12 -55.43
CA VAL Y 915 -46.12 -31.46 -55.02
C VAL Y 915 -45.14 -32.55 -55.46
N ALA Y 916 -44.50 -32.39 -56.62
CA ALA Y 916 -43.44 -33.31 -57.08
C ALA Y 916 -42.12 -33.19 -56.30
N GLY Y 917 -41.99 -32.20 -55.39
CA GLY Y 917 -40.77 -31.94 -54.62
C GLY Y 917 -39.70 -31.14 -55.37
N GLU Y 918 -40.00 -30.62 -56.57
CA GLU Y 918 -39.09 -29.82 -57.39
C GLU Y 918 -39.22 -28.31 -57.11
N GLY Y 919 -38.92 -27.90 -55.88
CA GLY Y 919 -39.19 -26.55 -55.40
C GLY Y 919 -38.51 -25.41 -56.19
N HIS Y 920 -37.31 -25.61 -56.73
CA HIS Y 920 -36.64 -24.57 -57.54
C HIS Y 920 -37.39 -24.27 -58.84
N LYS Y 921 -37.85 -25.30 -59.57
CA LYS Y 921 -38.65 -25.10 -60.78
C LYS Y 921 -40.00 -24.46 -60.44
N ALA Y 922 -40.58 -24.82 -59.30
CA ALA Y 922 -41.81 -24.19 -58.83
C ALA Y 922 -41.62 -22.68 -58.63
N LEU Y 923 -40.50 -22.26 -58.03
CA LEU Y 923 -40.20 -20.84 -57.82
C LEU Y 923 -40.04 -20.06 -59.14
N ASP Y 924 -39.35 -20.63 -60.13
CA ASP Y 924 -39.19 -20.02 -61.45
C ASP Y 924 -40.56 -19.82 -62.12
N CYS Y 925 -41.43 -20.83 -62.07
CA CYS Y 925 -42.78 -20.75 -62.59
C CYS Y 925 -43.67 -19.74 -61.83
N PHE Y 926 -43.58 -19.67 -60.50
CA PHE Y 926 -44.29 -18.64 -59.72
C PHE Y 926 -43.81 -17.23 -60.09
N SER Y 927 -42.52 -17.04 -60.35
CA SER Y 927 -41.96 -15.75 -60.76
C SER Y 927 -42.42 -15.34 -62.15
N GLN Y 928 -42.56 -16.29 -63.09
CA GLN Y 928 -43.12 -16.05 -64.43
C GLN Y 928 -44.60 -15.69 -64.35
N ALA Y 929 -45.37 -16.42 -63.54
CA ALA Y 929 -46.79 -16.17 -63.33
C ALA Y 929 -47.06 -14.76 -62.76
N ALA Y 930 -46.16 -14.23 -61.92
CA ALA Y 930 -46.29 -12.89 -61.33
C ALA Y 930 -46.40 -11.76 -62.37
N SER Y 931 -45.88 -11.95 -63.58
CA SER Y 931 -45.91 -10.93 -64.64
C SER Y 931 -47.30 -10.68 -65.24
N GLU Y 932 -48.17 -11.69 -65.23
CA GLU Y 932 -49.51 -11.70 -65.88
C GLU Y 932 -50.67 -11.56 -64.88
N VAL Y 933 -50.37 -11.37 -63.59
CA VAL Y 933 -51.35 -11.33 -62.48
C VAL Y 933 -52.47 -10.30 -62.67
N GLU Y 934 -52.19 -9.17 -63.32
CA GLU Y 934 -53.17 -8.09 -63.57
C GLU Y 934 -54.04 -8.32 -64.81
N ARG Y 935 -53.69 -9.28 -65.67
CA ARG Y 935 -54.33 -9.50 -66.97
C ARG Y 935 -55.32 -10.66 -66.96
N GLU Y 936 -55.10 -11.63 -66.08
CA GLU Y 936 -55.85 -12.88 -66.08
C GLU Y 936 -56.82 -12.97 -64.89
N ASP Y 937 -58.10 -13.22 -65.18
CA ASP Y 937 -59.18 -13.28 -64.18
C ASP Y 937 -58.90 -14.31 -63.08
N PHE Y 938 -58.29 -15.46 -63.41
CA PHE Y 938 -57.96 -16.49 -62.43
C PHE Y 938 -56.93 -16.01 -61.42
N LEU Y 939 -55.87 -15.31 -61.86
CA LEU Y 939 -54.85 -14.76 -60.96
C LEU Y 939 -55.41 -13.58 -60.16
N GLU Y 940 -56.29 -12.78 -60.75
CA GLU Y 940 -56.96 -11.68 -60.05
C GLU Y 940 -57.83 -12.18 -58.88
N LYS Y 941 -58.50 -13.33 -59.03
CA LYS Y 941 -59.26 -13.97 -57.93
C LYS Y 941 -58.38 -14.27 -56.70
N LEU Y 942 -57.09 -14.57 -56.89
CA LEU Y 942 -56.16 -14.83 -55.78
C LEU Y 942 -55.82 -13.57 -54.96
N ILE Y 943 -56.12 -12.37 -55.49
CA ILE Y 943 -55.73 -11.07 -54.92
C ILE Y 943 -56.91 -10.40 -54.19
N ARG Y 944 -58.13 -10.52 -54.72
CA ARG Y 944 -59.29 -9.68 -54.36
C ARG Y 944 -59.78 -9.71 -52.89
N VAL Y 945 -59.19 -10.50 -51.99
CA VAL Y 945 -59.73 -10.72 -50.63
C VAL Y 945 -59.04 -9.91 -49.53
N GLU Y 946 -57.82 -9.41 -49.73
CA GLU Y 946 -57.24 -8.48 -48.76
C GLU Y 946 -57.75 -7.05 -49.02
N GLU Y 947 -58.89 -6.66 -48.41
CA GLU Y 947 -59.43 -5.28 -48.39
C GLU Y 947 -58.52 -4.24 -47.65
N GLY Y 948 -57.20 -4.46 -47.66
CA GLY Y 948 -56.18 -3.59 -47.06
C GLY Y 948 -55.57 -2.60 -48.06
N GLU Y 949 -55.17 -1.44 -47.55
CA GLU Y 949 -54.56 -0.29 -48.25
C GLU Y 949 -53.58 -0.66 -49.40
N SER Y 950 -53.63 0.13 -50.48
CA SER Y 950 -52.77 0.19 -51.69
C SER Y 950 -51.45 -0.60 -51.71
N VAL Y 951 -51.51 -1.93 -51.70
CA VAL Y 951 -50.38 -2.82 -52.04
C VAL Y 951 -50.46 -3.19 -53.52
N SER Y 952 -49.32 -3.23 -54.22
CA SER Y 952 -49.29 -3.67 -55.62
C SER Y 952 -49.81 -5.11 -55.76
N PRO Y 953 -50.59 -5.43 -56.81
CA PRO Y 953 -51.20 -6.76 -56.97
C PRO Y 953 -50.13 -7.87 -57.07
N ARG Y 954 -48.97 -7.57 -57.65
CA ARG Y 954 -47.80 -8.47 -57.65
C ARG Y 954 -47.28 -8.78 -56.25
N LEU Y 955 -47.20 -7.78 -55.37
CA LEU Y 955 -46.77 -7.99 -53.99
C LEU Y 955 -47.80 -8.82 -53.20
N GLN Y 956 -49.10 -8.61 -53.43
CA GLN Y 956 -50.15 -9.44 -52.84
C GLN Y 956 -50.03 -10.91 -53.30
N TYR Y 957 -49.81 -11.13 -54.60
CA TYR Y 957 -49.52 -12.44 -55.16
C TYR Y 957 -48.28 -13.09 -54.51
N TYR Y 958 -47.16 -12.37 -54.43
CA TYR Y 958 -45.96 -12.90 -53.77
C TYR Y 958 -46.17 -13.21 -52.30
N ASN Y 959 -46.95 -12.39 -51.56
CA ASN Y 959 -47.32 -12.70 -50.18
C ASN Y 959 -48.11 -14.00 -50.07
N ARG Y 960 -48.99 -14.29 -51.04
CA ARG Y 960 -49.75 -15.54 -51.13
C ARG Y 960 -48.85 -16.74 -51.40
N VAL Y 961 -47.96 -16.63 -52.38
CA VAL Y 961 -46.98 -17.69 -52.70
C VAL Y 961 -46.02 -17.92 -51.53
N LEU Y 962 -45.60 -16.88 -50.82
CA LEU Y 962 -44.77 -17.01 -49.61
C LEU Y 962 -45.48 -17.79 -48.50
N ARG Y 963 -46.78 -17.55 -48.25
CA ARG Y 963 -47.57 -18.36 -47.28
C ARG Y 963 -47.56 -19.83 -47.69
N LEU Y 964 -47.78 -20.11 -48.98
CA LEU Y 964 -47.77 -21.47 -49.52
C LEU Y 964 -46.40 -22.17 -49.41
N LEU Y 965 -45.29 -21.48 -49.68
CA LEU Y 965 -43.95 -22.05 -49.50
C LEU Y 965 -43.59 -22.30 -48.03
N GLU Y 966 -44.12 -21.49 -47.11
CA GLU Y 966 -43.97 -21.70 -45.67
C GLU Y 966 -44.74 -22.91 -45.17
N ASP Y 967 -45.97 -23.11 -45.66
CA ASP Y 967 -46.80 -24.27 -45.31
C ASP Y 967 -46.17 -25.60 -45.76
N VAL Y 968 -45.48 -25.60 -46.90
CA VAL Y 968 -44.73 -26.78 -47.40
C VAL Y 968 -43.39 -26.96 -46.67
N GLY Y 969 -42.86 -25.92 -46.02
CA GLY Y 969 -41.64 -25.99 -45.22
C GLY Y 969 -40.34 -25.89 -46.03
N LEU Y 970 -40.30 -25.04 -47.06
CA LEU Y 970 -39.10 -24.83 -47.91
C LEU Y 970 -38.44 -23.46 -47.65
N PRO Y 971 -37.63 -23.29 -46.59
CA PRO Y 971 -37.15 -21.97 -46.14
C PRO Y 971 -36.21 -21.28 -47.14
N GLU Y 972 -35.39 -22.02 -47.89
CA GLU Y 972 -34.47 -21.44 -48.89
C GLU Y 972 -35.22 -20.72 -50.00
N LEU Y 973 -36.32 -21.31 -50.49
CA LEU Y 973 -37.15 -20.72 -51.54
C LEU Y 973 -37.95 -19.54 -51.02
N VAL Y 974 -38.41 -19.60 -49.76
CA VAL Y 974 -39.06 -18.46 -49.09
C VAL Y 974 -38.13 -17.25 -49.07
N ILE Y 975 -36.84 -17.44 -48.79
CA ILE Y 975 -35.85 -16.35 -48.79
C ILE Y 975 -35.63 -15.79 -50.19
N GLN Y 976 -35.48 -16.65 -51.20
CA GLN Y 976 -35.31 -16.22 -52.59
C GLN Y 976 -36.50 -15.40 -53.06
N LEU Y 977 -37.72 -15.90 -52.85
CA LEU Y 977 -38.96 -15.20 -53.22
C LEU Y 977 -39.15 -13.90 -52.43
N ALA Y 978 -38.88 -13.91 -51.13
CA ALA Y 978 -39.00 -12.70 -50.30
C ALA Y 978 -37.99 -11.61 -50.74
N THR Y 979 -36.81 -12.01 -51.20
CA THR Y 979 -35.81 -11.08 -51.76
C THR Y 979 -36.31 -10.45 -53.06
N ILE Y 980 -36.95 -11.23 -53.94
CA ILE Y 980 -37.60 -10.72 -55.16
C ILE Y 980 -38.77 -9.79 -54.79
N ALA Y 981 -39.62 -10.19 -53.85
CA ALA Y 981 -40.77 -9.42 -53.39
C ALA Y 981 -40.38 -8.07 -52.76
N ILE Y 982 -39.21 -7.97 -52.11
CA ILE Y 982 -38.69 -6.68 -51.61
C ILE Y 982 -38.40 -5.71 -52.77
N GLY Y 983 -37.94 -6.20 -53.92
CA GLY Y 983 -37.71 -5.37 -55.11
C GLY Y 983 -38.99 -4.73 -55.65
N GLU Y 984 -40.11 -5.44 -55.57
CA GLU Y 984 -41.43 -4.97 -56.00
C GLU Y 984 -42.12 -4.08 -54.96
N ALA Y 985 -41.70 -4.16 -53.70
CA ALA Y 985 -42.25 -3.40 -52.58
C ALA Y 985 -41.58 -2.01 -52.41
N SER Y 986 -41.08 -1.38 -53.48
CA SER Y 986 -40.17 -0.21 -53.39
C SER Y 986 -40.68 0.93 -52.51
N ASP Y 987 -41.99 1.18 -52.51
CA ASP Y 987 -42.59 2.35 -51.85
C ASP Y 987 -43.20 2.05 -50.47
N ASP Y 988 -43.51 0.78 -50.15
CA ASP Y 988 -44.13 0.41 -48.87
C ASP Y 988 -43.12 -0.12 -47.85
N TRP Y 989 -42.65 0.77 -47.00
CA TRP Y 989 -41.73 0.45 -45.90
C TRP Y 989 -42.31 -0.60 -44.92
N ARG Y 990 -43.64 -0.71 -44.76
CA ARG Y 990 -44.28 -1.67 -43.85
C ARG Y 990 -44.18 -3.09 -44.41
N SER Y 991 -44.50 -3.27 -45.70
CA SER Y 991 -44.31 -4.54 -46.40
C SER Y 991 -42.83 -4.94 -46.46
N GLN Y 992 -41.93 -3.98 -46.73
CA GLN Y 992 -40.48 -4.24 -46.66
C GLN Y 992 -40.05 -4.71 -45.26
N ALA Y 993 -40.57 -4.09 -44.19
CA ALA Y 993 -40.29 -4.52 -42.83
C ALA Y 993 -40.78 -5.96 -42.58
N ALA Y 994 -42.00 -6.28 -43.01
CA ALA Y 994 -42.56 -7.63 -42.85
C ALA Y 994 -41.76 -8.70 -43.62
N LEU Y 995 -41.41 -8.44 -44.88
CA LEU Y 995 -40.62 -9.34 -45.71
C LEU Y 995 -39.21 -9.54 -45.14
N ARG Y 996 -38.52 -8.46 -44.71
CA ARG Y 996 -37.19 -8.58 -44.09
C ARG Y 996 -37.22 -9.31 -42.75
N THR Y 997 -38.26 -9.11 -41.93
CA THR Y 997 -38.50 -9.91 -40.72
C THR Y 997 -38.66 -11.40 -41.04
N ARG Y 998 -39.37 -11.73 -42.13
CA ARG Y 998 -39.56 -13.11 -42.60
C ARG Y 998 -38.23 -13.73 -43.05
N ILE Y 999 -37.43 -13.02 -43.85
CA ILE Y 999 -36.07 -13.44 -44.27
C ILE Y 999 -35.18 -13.69 -43.05
N PHE Y 1000 -35.19 -12.78 -42.07
CA PHE Y 1000 -34.45 -12.93 -40.82
C PHE Y 1000 -34.83 -14.22 -40.08
N LYS Y 1001 -36.13 -14.48 -39.91
CA LYS Y 1001 -36.63 -15.65 -39.21
C LYS Y 1001 -36.16 -16.95 -39.87
N HIS Y 1002 -36.29 -17.07 -41.19
CA HIS Y 1002 -35.88 -18.28 -41.93
C HIS Y 1002 -34.36 -18.49 -41.93
N HIS Y 1003 -33.55 -17.44 -42.11
CA HIS Y 1003 -32.09 -17.56 -41.97
C HIS Y 1003 -31.67 -17.98 -40.56
N LEU Y 1004 -32.35 -17.46 -39.53
CA LEU Y 1004 -32.09 -17.84 -38.14
C LEU Y 1004 -32.46 -19.30 -37.89
N ASP Y 1005 -33.61 -19.74 -38.37
CA ASP Y 1005 -34.07 -21.13 -38.23
C ASP Y 1005 -33.10 -22.10 -38.91
N MET Y 1006 -32.59 -21.77 -40.11
CA MET Y 1006 -31.57 -22.54 -40.84
C MET Y 1006 -30.15 -22.47 -40.22
N GLY Y 1007 -29.89 -21.54 -39.30
CA GLY Y 1007 -28.57 -21.37 -38.66
C GLY Y 1007 -27.55 -20.58 -39.48
N HIS Y 1008 -27.99 -19.83 -40.50
CA HIS Y 1008 -27.15 -18.92 -41.26
C HIS Y 1008 -26.95 -17.60 -40.51
N ASN Y 1009 -26.17 -17.63 -39.44
CA ASN Y 1009 -26.04 -16.52 -38.48
C ASN Y 1009 -25.62 -15.19 -39.13
N ASN Y 1010 -24.66 -15.21 -40.06
CA ASN Y 1010 -24.19 -14.01 -40.77
C ASN Y 1010 -25.30 -13.40 -41.64
N GLN Y 1011 -26.01 -14.22 -42.40
CA GLN Y 1011 -27.10 -13.77 -43.27
C GLN Y 1011 -28.31 -13.27 -42.46
N ALA Y 1012 -28.60 -13.91 -41.33
CA ALA Y 1012 -29.63 -13.45 -40.40
C ALA Y 1012 -29.27 -12.08 -39.82
N TYR Y 1013 -28.00 -11.87 -39.43
CA TYR Y 1013 -27.53 -10.57 -38.96
C TYR Y 1013 -27.59 -9.50 -40.06
N ASP Y 1014 -27.19 -9.83 -41.28
CA ASP Y 1014 -27.28 -8.90 -42.42
C ASP Y 1014 -28.74 -8.50 -42.68
N ALA Y 1015 -29.67 -9.46 -42.69
CA ALA Y 1015 -31.11 -9.21 -42.84
C ALA Y 1015 -31.65 -8.30 -41.72
N LEU Y 1016 -31.21 -8.50 -40.47
CA LEU Y 1016 -31.59 -7.68 -39.31
C LEU Y 1016 -31.18 -6.21 -39.48
N THR Y 1017 -29.99 -5.94 -40.01
CA THR Y 1017 -29.52 -4.56 -40.23
C THR Y 1017 -30.32 -3.82 -41.29
N GLN Y 1018 -30.97 -4.54 -42.20
CA GLN Y 1018 -31.76 -3.97 -43.29
C GLN Y 1018 -33.22 -3.71 -42.90
N ILE Y 1019 -33.70 -4.17 -41.74
CA ILE Y 1019 -35.10 -3.94 -41.30
C ILE Y 1019 -35.32 -2.43 -41.05
N PRO Y 1020 -36.28 -1.77 -41.75
CA PRO Y 1020 -36.52 -0.34 -41.60
C PRO Y 1020 -37.28 0.02 -40.31
N ASP Y 1021 -38.07 -0.91 -39.76
CA ASP Y 1021 -38.83 -0.72 -38.52
C ASP Y 1021 -37.96 -1.01 -37.28
N PRO Y 1022 -37.69 -0.02 -36.41
CA PRO Y 1022 -36.88 -0.21 -35.21
C PRO Y 1022 -37.54 -1.16 -34.20
N SER Y 1023 -38.87 -1.21 -34.13
CA SER Y 1023 -39.58 -2.07 -33.17
C SER Y 1023 -39.39 -3.55 -33.52
N ARG Y 1024 -39.67 -3.91 -34.78
CA ARG Y 1024 -39.41 -5.26 -35.32
C ARG Y 1024 -37.93 -5.60 -35.31
N GLN Y 1025 -37.04 -4.65 -35.58
CA GLN Y 1025 -35.60 -4.86 -35.51
C GLN Y 1025 -35.17 -5.23 -34.08
N LEU Y 1026 -35.71 -4.57 -33.04
CA LEU Y 1026 -35.41 -4.92 -31.65
C LEU Y 1026 -35.93 -6.31 -31.27
N ASP Y 1027 -37.13 -6.68 -31.72
CA ASP Y 1027 -37.69 -8.00 -31.44
C ASP Y 1027 -36.92 -9.12 -32.18
N CYS Y 1028 -36.53 -8.89 -33.43
CA CYS Y 1028 -35.65 -9.80 -34.18
C CYS Y 1028 -34.27 -9.90 -33.51
N LEU Y 1029 -33.71 -8.77 -33.03
CA LEU Y 1029 -32.45 -8.76 -32.30
C LEU Y 1029 -32.54 -9.58 -31.00
N ARG Y 1030 -33.63 -9.44 -30.24
CA ARG Y 1030 -33.91 -10.27 -29.06
C ARG Y 1030 -33.94 -11.73 -29.42
N GLN Y 1031 -34.63 -12.10 -30.50
CA GLN Y 1031 -34.71 -13.47 -30.97
C GLN Y 1031 -33.33 -14.02 -31.39
N LEU Y 1032 -32.53 -13.24 -32.13
CA LEU Y 1032 -31.18 -13.61 -32.53
C LEU Y 1032 -30.29 -13.91 -31.32
N VAL Y 1033 -30.26 -13.00 -30.34
CA VAL Y 1033 -29.46 -13.15 -29.13
C VAL Y 1033 -29.87 -14.40 -28.35
N VAL Y 1034 -31.17 -14.65 -28.20
CA VAL Y 1034 -31.68 -15.83 -27.48
C VAL Y 1034 -31.28 -17.12 -28.20
N VAL Y 1035 -31.55 -17.22 -29.51
CA VAL Y 1035 -31.27 -18.43 -30.29
C VAL Y 1035 -29.76 -18.73 -30.35
N LEU Y 1036 -28.90 -17.73 -30.51
CA LEU Y 1036 -27.44 -17.93 -30.50
C LEU Y 1036 -26.92 -18.37 -29.12
N CYS Y 1037 -27.50 -17.84 -28.04
CA CYS Y 1037 -27.16 -18.27 -26.68
C CYS Y 1037 -27.60 -19.70 -26.41
N GLU Y 1038 -28.79 -20.11 -26.84
CA GLU Y 1038 -29.29 -21.48 -26.71
C GLU Y 1038 -28.49 -22.48 -27.56
N ARG Y 1039 -28.09 -22.10 -28.77
CA ARG Y 1039 -27.24 -22.93 -29.66
C ARG Y 1039 -25.76 -22.95 -29.25
N SER Y 1040 -25.37 -22.22 -28.19
CA SER Y 1040 -23.97 -22.06 -27.74
C SER Y 1040 -23.00 -21.47 -28.78
N GLN Y 1041 -23.52 -20.79 -29.80
CA GLN Y 1041 -22.74 -20.10 -30.84
C GLN Y 1041 -22.30 -18.71 -30.36
N LEU Y 1042 -21.53 -18.69 -29.27
CA LEU Y 1042 -21.16 -17.46 -28.55
C LEU Y 1042 -20.13 -16.61 -29.31
N GLN Y 1043 -19.33 -17.23 -30.19
CA GLN Y 1043 -18.30 -16.53 -30.96
C GLN Y 1043 -18.94 -15.54 -31.95
N ASP Y 1044 -19.91 -16.00 -32.74
CA ASP Y 1044 -20.65 -15.17 -33.71
C ASP Y 1044 -21.28 -13.96 -33.01
N LEU Y 1045 -21.93 -14.19 -31.85
CA LEU Y 1045 -22.53 -13.13 -31.04
C LEU Y 1045 -21.50 -12.09 -30.58
N VAL Y 1046 -20.25 -12.48 -30.34
CA VAL Y 1046 -19.20 -11.53 -29.93
C VAL Y 1046 -18.64 -10.78 -31.12
N GLU Y 1047 -18.48 -11.43 -32.27
CA GLU Y 1047 -17.82 -10.88 -33.45
C GLU Y 1047 -18.71 -9.92 -34.27
N PHE Y 1048 -20.05 -10.04 -34.20
CA PHE Y 1048 -20.94 -9.18 -34.97
C PHE Y 1048 -20.75 -7.66 -34.70
N PRO Y 1049 -20.74 -6.78 -35.72
CA PRO Y 1049 -20.46 -5.34 -35.53
C PRO Y 1049 -21.49 -4.56 -34.68
N TYR Y 1050 -22.76 -4.97 -34.66
CA TYR Y 1050 -23.91 -4.28 -34.02
C TYR Y 1050 -23.93 -2.76 -34.17
N VAL Y 1051 -23.83 -2.27 -35.42
CA VAL Y 1051 -23.86 -0.83 -35.72
C VAL Y 1051 -25.15 -0.21 -35.16
N ASN Y 1052 -25.04 0.78 -34.27
CA ASN Y 1052 -26.11 1.44 -33.52
C ASN Y 1052 -26.96 0.55 -32.58
N LEU Y 1053 -26.88 -0.77 -32.67
CA LEU Y 1053 -27.62 -1.74 -31.84
C LEU Y 1053 -26.84 -2.23 -30.63
N HIS Y 1054 -25.60 -1.79 -30.45
CA HIS Y 1054 -24.71 -2.26 -29.39
C HIS Y 1054 -25.30 -2.12 -27.98
N ASN Y 1055 -25.92 -0.97 -27.67
CA ASN Y 1055 -26.53 -0.74 -26.36
C ASN Y 1055 -27.75 -1.64 -26.12
N GLU Y 1056 -28.50 -1.97 -27.18
CA GLU Y 1056 -29.67 -2.84 -27.11
C GLU Y 1056 -29.27 -4.29 -26.89
N VAL Y 1057 -28.25 -4.79 -27.58
CA VAL Y 1057 -27.68 -6.13 -27.33
C VAL Y 1057 -27.20 -6.26 -25.89
N VAL Y 1058 -26.42 -5.27 -25.43
CA VAL Y 1058 -25.95 -5.24 -24.05
C VAL Y 1058 -27.15 -5.23 -23.09
N GLY Y 1059 -28.16 -4.40 -23.33
CA GLY Y 1059 -29.38 -4.35 -22.53
C GLY Y 1059 -30.15 -5.68 -22.51
N ILE Y 1060 -30.25 -6.39 -23.63
CA ILE Y 1060 -30.93 -7.69 -23.74
C ILE Y 1060 -30.15 -8.76 -22.96
N ILE Y 1061 -28.83 -8.85 -23.15
CA ILE Y 1061 -28.00 -9.84 -22.46
C ILE Y 1061 -27.92 -9.51 -20.97
N GLU Y 1062 -27.82 -8.23 -20.58
CA GLU Y 1062 -27.89 -7.81 -19.19
C GLU Y 1062 -29.24 -8.17 -18.54
N SER Y 1063 -30.37 -7.91 -19.23
CA SER Y 1063 -31.70 -8.27 -18.73
C SER Y 1063 -31.82 -9.79 -18.52
N ARG Y 1064 -31.30 -10.61 -19.45
CA ARG Y 1064 -31.26 -12.08 -19.32
C ARG Y 1064 -30.30 -12.54 -18.23
N ALA Y 1065 -29.11 -11.96 -18.14
CA ALA Y 1065 -28.15 -12.22 -17.06
C ALA Y 1065 -28.75 -11.89 -15.68
N ARG Y 1066 -29.60 -10.86 -15.60
CA ARG Y 1066 -30.37 -10.48 -14.41
C ARG Y 1066 -31.54 -11.42 -14.10
N ALA Y 1067 -32.15 -12.03 -15.11
CA ALA Y 1067 -33.30 -12.92 -14.94
C ALA Y 1067 -32.94 -14.38 -14.62
N VAL Y 1068 -31.81 -14.88 -15.12
CA VAL Y 1068 -31.43 -16.30 -15.07
C VAL Y 1068 -30.57 -16.62 -13.83
N ASP Y 1069 -30.58 -17.89 -13.42
CA ASP Y 1069 -29.74 -18.41 -12.33
C ASP Y 1069 -28.24 -18.36 -12.69
N LEU Y 1070 -27.44 -17.90 -11.73
CA LEU Y 1070 -26.01 -17.57 -11.86
C LEU Y 1070 -25.11 -18.79 -12.03
N MET Y 1071 -25.61 -19.98 -11.68
CA MET Y 1071 -24.83 -21.23 -11.68
C MET Y 1071 -25.07 -22.10 -12.91
N THR Y 1072 -26.16 -21.89 -13.64
CA THR Y 1072 -26.58 -22.72 -14.78
C THR Y 1072 -26.20 -22.11 -16.13
N HIS Y 1073 -26.27 -20.79 -16.29
CA HIS Y 1073 -25.96 -20.10 -17.54
C HIS Y 1073 -24.87 -19.02 -17.38
N ASN Y 1074 -23.99 -18.90 -18.39
CA ASN Y 1074 -22.77 -18.08 -18.35
C ASN Y 1074 -22.93 -16.67 -18.96
N TYR Y 1075 -24.11 -16.03 -18.84
CA TYR Y 1075 -24.37 -14.73 -19.50
C TYR Y 1075 -23.45 -13.58 -19.02
N TYR Y 1076 -23.03 -13.56 -17.75
CA TYR Y 1076 -22.04 -12.57 -17.29
C TYR Y 1076 -20.67 -12.78 -17.90
N GLU Y 1077 -20.24 -14.04 -18.03
CA GLU Y 1077 -18.97 -14.39 -18.67
C GLU Y 1077 -19.02 -14.05 -20.17
N LEU Y 1078 -20.18 -14.22 -20.81
CA LEU Y 1078 -20.45 -13.78 -22.17
C LEU Y 1078 -20.39 -12.26 -22.32
N LEU Y 1079 -21.07 -11.49 -21.46
CA LEU Y 1079 -21.00 -10.02 -21.45
C LEU Y 1079 -19.57 -9.52 -21.25
N TYR Y 1080 -18.81 -10.19 -20.39
CA TYR Y 1080 -17.40 -9.89 -20.19
C TYR Y 1080 -16.57 -10.15 -21.44
N ALA Y 1081 -16.70 -11.33 -22.06
CA ALA Y 1081 -16.04 -11.64 -23.32
C ALA Y 1081 -16.41 -10.63 -24.43
N PHE Y 1082 -17.69 -10.27 -24.51
CA PHE Y 1082 -18.25 -9.30 -25.46
C PHE Y 1082 -17.63 -7.90 -25.31
N HIS Y 1083 -17.42 -7.44 -24.08
CA HIS Y 1083 -16.78 -6.15 -23.80
C HIS Y 1083 -15.25 -6.18 -23.95
N ILE Y 1084 -14.58 -7.28 -23.56
CA ILE Y 1084 -13.14 -7.46 -23.74
C ILE Y 1084 -12.76 -7.44 -25.22
N TYR Y 1085 -13.51 -8.17 -26.06
CA TYR Y 1085 -13.28 -8.22 -27.51
C TYR Y 1085 -13.32 -6.83 -28.15
N ARG Y 1086 -14.20 -5.94 -27.69
CA ARG Y 1086 -14.32 -4.54 -28.17
C ARG Y 1086 -13.47 -3.54 -27.38
N HIS Y 1087 -12.52 -4.01 -26.57
CA HIS Y 1087 -11.64 -3.19 -25.73
C HIS Y 1087 -12.36 -2.25 -24.75
N ASN Y 1088 -13.61 -2.56 -24.40
CA ASN Y 1088 -14.41 -1.80 -23.44
C ASN Y 1088 -14.16 -2.30 -22.01
N TYR Y 1089 -12.91 -2.20 -21.55
CA TYR Y 1089 -12.45 -2.72 -20.25
C TYR Y 1089 -13.26 -2.19 -19.06
N ARG Y 1090 -13.77 -0.95 -19.14
CA ARG Y 1090 -14.55 -0.34 -18.06
C ARG Y 1090 -15.89 -1.03 -17.84
N LYS Y 1091 -16.65 -1.26 -18.93
CA LYS Y 1091 -17.92 -1.99 -18.87
C LYS Y 1091 -17.67 -3.47 -18.53
N ALA Y 1092 -16.61 -4.07 -19.08
CA ALA Y 1092 -16.21 -5.43 -18.71
C ALA Y 1092 -15.97 -5.58 -17.19
N GLY Y 1093 -15.26 -4.62 -16.60
CA GLY Y 1093 -15.05 -4.57 -15.15
C GLY Y 1093 -16.36 -4.40 -14.38
N SER Y 1094 -17.24 -3.49 -14.82
CA SER Y 1094 -18.56 -3.27 -14.21
C SER Y 1094 -19.44 -4.52 -14.20
N VAL Y 1095 -19.49 -5.24 -15.32
CA VAL Y 1095 -20.27 -6.49 -15.45
C VAL Y 1095 -19.72 -7.57 -14.52
N MET Y 1096 -18.40 -7.76 -14.47
CA MET Y 1096 -17.78 -8.75 -13.59
C MET Y 1096 -17.90 -8.39 -12.10
N PHE Y 1097 -17.92 -7.10 -11.79
CA PHE Y 1097 -18.21 -6.64 -10.44
C PHE Y 1097 -19.68 -6.90 -10.05
N GLU Y 1098 -20.65 -6.59 -10.92
CA GLU Y 1098 -22.06 -6.93 -10.70
C GLU Y 1098 -22.24 -8.45 -10.52
N TYR Y 1099 -21.56 -9.26 -11.34
CA TYR Y 1099 -21.57 -10.72 -11.20
C TYR Y 1099 -21.05 -11.17 -9.83
N GLY Y 1100 -19.92 -10.61 -9.38
CA GLY Y 1100 -19.35 -10.90 -8.07
C GLY Y 1100 -20.26 -10.51 -6.91
N MET Y 1101 -20.93 -9.36 -7.01
CA MET Y 1101 -21.88 -8.92 -5.99
C MET Y 1101 -23.11 -9.84 -5.92
N ARG Y 1102 -23.69 -10.20 -7.06
CA ARG Y 1102 -24.86 -11.10 -7.10
C ARG Y 1102 -24.52 -12.50 -6.61
N LEU Y 1103 -23.36 -13.04 -7.01
CA LEU Y 1103 -22.86 -14.32 -6.47
C LEU Y 1103 -22.76 -14.28 -4.94
N GLY Y 1104 -22.24 -13.19 -4.37
CA GLY Y 1104 -22.17 -13.03 -2.91
C GLY Y 1104 -23.54 -13.01 -2.21
N ARG Y 1105 -24.57 -12.48 -2.88
CA ARG Y 1105 -25.93 -12.37 -2.32
C ARG Y 1105 -26.72 -13.67 -2.47
N GLU Y 1106 -26.72 -14.23 -3.68
CA GLU Y 1106 -27.61 -15.32 -4.12
C GLU Y 1106 -26.97 -16.70 -3.96
N VAL Y 1107 -25.65 -16.85 -4.16
CA VAL Y 1107 -24.97 -18.15 -4.23
C VAL Y 1107 -23.92 -18.30 -3.13
N ARG Y 1108 -24.40 -18.62 -1.92
CA ARG Y 1108 -23.54 -18.78 -0.71
C ARG Y 1108 -22.95 -20.18 -0.58
N THR Y 1109 -22.36 -20.68 -1.67
CA THR Y 1109 -21.68 -21.98 -1.74
C THR Y 1109 -20.18 -21.78 -1.94
N LEU Y 1110 -19.36 -22.79 -1.64
CA LEU Y 1110 -17.92 -22.75 -1.89
C LEU Y 1110 -17.60 -22.40 -3.36
N ARG Y 1111 -18.35 -23.00 -4.30
CA ARG Y 1111 -18.21 -22.74 -5.74
C ARG Y 1111 -18.63 -21.31 -6.11
N GLY Y 1112 -19.70 -20.79 -5.49
CA GLY Y 1112 -20.14 -19.40 -5.67
C GLY Y 1112 -19.10 -18.39 -5.19
N LEU Y 1113 -18.51 -18.61 -4.01
CA LEU Y 1113 -17.42 -17.79 -3.47
C LEU Y 1113 -16.17 -17.84 -4.36
N GLN Y 1114 -15.82 -19.01 -4.90
CA GLN Y 1114 -14.69 -19.12 -5.84
C GLN Y 1114 -14.94 -18.32 -7.12
N LYS Y 1115 -16.16 -18.41 -7.69
CA LYS Y 1115 -16.53 -17.58 -8.85
C LYS Y 1115 -16.54 -16.09 -8.51
N GLN Y 1116 -16.99 -15.70 -7.31
CA GLN Y 1116 -16.98 -14.31 -6.84
C GLN Y 1116 -15.56 -13.74 -6.76
N VAL Y 1117 -14.61 -14.49 -6.19
CA VAL Y 1117 -13.21 -14.05 -6.12
C VAL Y 1117 -12.63 -13.90 -7.53
N ASN Y 1118 -12.91 -14.85 -8.42
CA ASN Y 1118 -12.45 -14.78 -9.81
C ASN Y 1118 -13.05 -13.58 -10.57
N SER Y 1119 -14.32 -13.25 -10.33
CA SER Y 1119 -14.98 -12.12 -11.00
C SER Y 1119 -14.45 -10.78 -10.51
N TYR Y 1120 -14.20 -10.63 -9.20
CA TYR Y 1120 -13.53 -9.44 -8.68
C TYR Y 1120 -12.08 -9.31 -9.15
N LEU Y 1121 -11.34 -10.41 -9.25
CA LEU Y 1121 -9.99 -10.40 -9.83
C LEU Y 1121 -10.02 -9.97 -11.31
N ALA Y 1122 -10.97 -10.49 -12.09
CA ALA Y 1122 -11.16 -10.09 -13.49
C ALA Y 1122 -11.51 -8.60 -13.61
N CYS Y 1123 -12.37 -8.10 -12.72
CA CYS Y 1123 -12.69 -6.66 -12.62
C CYS Y 1123 -11.45 -5.81 -12.33
N LEU Y 1124 -10.65 -6.17 -11.32
CA LEU Y 1124 -9.42 -5.47 -10.98
C LEU Y 1124 -8.43 -5.47 -12.15
N ASN Y 1125 -8.26 -6.60 -12.83
CA ASN Y 1125 -7.40 -6.70 -14.00
C ASN Y 1125 -7.89 -5.78 -15.13
N CYS Y 1126 -9.20 -5.71 -15.39
CA CYS Y 1126 -9.76 -4.81 -16.39
C CYS Y 1126 -9.49 -3.34 -16.07
N LEU Y 1127 -9.68 -2.93 -14.81
CA LEU Y 1127 -9.46 -1.55 -14.42
C LEU Y 1127 -7.98 -1.15 -14.43
N ARG Y 1128 -7.07 -2.09 -14.14
CA ARG Y 1128 -5.62 -1.86 -14.26
C ARG Y 1128 -5.15 -1.66 -15.70
N LEU Y 1129 -5.89 -2.14 -16.69
CA LEU Y 1129 -5.63 -1.87 -18.11
C LEU Y 1129 -6.10 -0.47 -18.55
N ILE Y 1130 -6.94 0.18 -17.75
CA ILE Y 1130 -7.45 1.53 -18.01
C ILE Y 1130 -6.50 2.54 -17.37
N ARG Y 1131 -6.40 3.74 -17.98
CA ARG Y 1131 -5.68 4.85 -17.36
C ARG Y 1131 -6.27 5.16 -15.97
N PRO Y 1132 -5.44 5.44 -14.95
CA PRO Y 1132 -5.89 5.64 -13.56
C PRO Y 1132 -7.04 6.65 -13.40
N GLU Y 1133 -7.06 7.69 -14.24
CA GLU Y 1133 -8.09 8.76 -14.26
C GLU Y 1133 -9.52 8.26 -14.55
N TYR Y 1134 -9.65 7.14 -15.26
CA TYR Y 1134 -10.93 6.55 -15.66
C TYR Y 1134 -11.22 5.20 -14.99
N ALA Y 1135 -10.37 4.78 -14.04
CA ALA Y 1135 -10.43 3.49 -13.37
C ALA Y 1135 -11.44 3.48 -12.20
N TRP Y 1136 -12.71 3.77 -12.51
CA TRP Y 1136 -13.82 3.78 -11.56
C TRP Y 1136 -15.09 3.14 -12.14
N ILE Y 1137 -15.85 2.46 -11.28
CA ILE Y 1137 -17.12 1.78 -11.61
C ILE Y 1137 -18.27 2.53 -10.93
N VAL Y 1138 -19.42 2.52 -11.59
CA VAL Y 1138 -20.64 3.19 -11.13
C VAL Y 1138 -21.60 2.14 -10.60
N GLN Y 1139 -22.02 2.28 -9.34
CA GLN Y 1139 -22.97 1.38 -8.70
C GLN Y 1139 -24.19 2.16 -8.17
N PRO Y 1140 -25.41 1.64 -8.27
CA PRO Y 1140 -26.51 2.11 -7.44
C PRO Y 1140 -26.30 1.63 -5.98
N VAL Y 1141 -26.43 2.55 -5.02
CA VAL Y 1141 -26.18 2.31 -3.59
C VAL Y 1141 -26.89 1.05 -3.09
N SER Y 1142 -26.22 0.27 -2.24
CA SER Y 1142 -26.78 -0.92 -1.58
C SER Y 1142 -28.09 -0.59 -0.86
N GLY Y 1143 -29.22 -0.99 -1.44
CA GLY Y 1143 -30.57 -0.62 -0.98
C GLY Y 1143 -31.45 -0.03 -2.08
N ALA Y 1144 -30.85 0.40 -3.20
CA ALA Y 1144 -31.58 0.62 -4.44
C ALA Y 1144 -32.22 -0.70 -4.85
N VAL Y 1145 -33.53 -0.80 -4.68
CA VAL Y 1145 -34.34 -1.89 -5.18
C VAL Y 1145 -34.14 -1.89 -6.70
N TYR Y 1146 -33.32 -2.80 -7.22
CA TYR Y 1146 -33.47 -3.21 -8.61
C TYR Y 1146 -34.85 -3.88 -8.68
N GLU Y 1147 -35.88 -3.14 -9.08
CA GLU Y 1147 -37.11 -3.77 -9.50
C GLU Y 1147 -36.74 -4.69 -10.66
N ARG Y 1148 -37.03 -5.98 -10.49
CA ARG Y 1148 -36.94 -6.95 -11.59
C ARG Y 1148 -37.78 -6.36 -12.73
N PRO Y 1149 -37.23 -6.13 -13.94
CA PRO Y 1149 -38.06 -5.68 -15.05
C PRO Y 1149 -39.22 -6.67 -15.24
N GLY Y 1150 -40.47 -6.21 -15.08
CA GLY Y 1150 -41.68 -7.05 -15.08
C GLY Y 1150 -42.22 -7.50 -13.72
N ALA Y 1151 -41.62 -7.09 -12.60
CA ALA Y 1151 -42.28 -7.22 -11.30
C ALA Y 1151 -43.50 -6.31 -11.25
N SER Y 1152 -44.66 -6.82 -10.80
CA SER Y 1152 -45.83 -5.98 -10.55
C SER Y 1152 -45.44 -4.81 -9.64
N PRO Y 1153 -45.82 -3.56 -9.97
CA PRO Y 1153 -45.50 -2.40 -9.14
C PRO Y 1153 -45.83 -2.68 -7.69
N LYS Y 1154 -44.91 -2.41 -6.76
CA LYS Y 1154 -45.19 -2.60 -5.33
C LYS Y 1154 -46.29 -1.63 -4.90
N ARG Y 1155 -47.50 -2.18 -4.77
CA ARG Y 1155 -48.67 -1.46 -4.28
C ARG Y 1155 -48.57 -1.34 -2.76
N ASN Y 1156 -48.85 -0.15 -2.25
CA ASN Y 1156 -49.06 0.02 -0.81
C ASN Y 1156 -50.35 -0.71 -0.39
N TYR Y 1157 -50.60 -0.79 0.92
CA TYR Y 1157 -51.81 -1.39 1.49
C TYR Y 1157 -53.11 -0.87 0.83
N ASP Y 1158 -53.13 0.40 0.41
CA ASP Y 1158 -54.28 1.05 -0.25
C ASP Y 1158 -54.38 0.80 -1.77
N GLY Y 1159 -53.55 -0.07 -2.35
CA GLY Y 1159 -53.62 -0.44 -3.77
C GLY Y 1159 -53.01 0.57 -4.75
N GLU Y 1160 -52.56 1.73 -4.26
CA GLU Y 1160 -51.84 2.72 -5.06
C GLU Y 1160 -50.41 2.27 -5.38
N SER Y 1161 -49.97 2.54 -6.61
CA SER Y 1161 -48.58 2.37 -7.04
C SER Y 1161 -47.69 3.27 -6.19
N SER Y 1162 -46.84 2.68 -5.34
CA SER Y 1162 -45.84 3.46 -4.61
C SER Y 1162 -44.96 4.21 -5.61
N ALA Y 1163 -44.89 5.53 -5.49
CA ALA Y 1163 -44.02 6.34 -6.34
C ALA Y 1163 -42.58 5.82 -6.22
N VAL Y 1164 -41.97 5.51 -7.36
CA VAL Y 1164 -40.56 5.11 -7.47
C VAL Y 1164 -39.71 6.15 -6.71
N PRO Y 1165 -38.94 5.79 -5.66
CA PRO Y 1165 -38.06 6.76 -5.02
C PRO Y 1165 -37.07 7.28 -6.07
N SER Y 1166 -37.26 8.52 -6.49
CA SER Y 1166 -36.61 9.16 -7.65
C SER Y 1166 -35.14 9.55 -7.42
N SER Y 1167 -34.47 8.94 -6.45
CA SER Y 1167 -33.02 9.11 -6.29
C SER Y 1167 -32.37 7.76 -6.02
N SER Y 1168 -32.12 7.02 -7.10
CA SER Y 1168 -31.06 6.01 -7.08
C SER Y 1168 -29.75 6.76 -6.85
N GLN Y 1169 -29.35 6.92 -5.59
CA GLN Y 1169 -28.03 7.45 -5.27
C GLN Y 1169 -26.99 6.55 -5.94
N ILE Y 1170 -26.08 7.18 -6.66
CA ILE Y 1170 -25.04 6.53 -7.43
C ILE Y 1170 -23.74 6.65 -6.64
N GLU Y 1171 -23.12 5.52 -6.32
CA GLU Y 1171 -21.82 5.41 -5.67
C GLU Y 1171 -20.75 5.15 -6.74
N ILE Y 1172 -19.65 5.91 -6.66
CA ILE Y 1172 -18.48 5.76 -7.52
C ILE Y 1172 -17.45 4.97 -6.74
N LEU Y 1173 -17.14 3.76 -7.21
CA LEU Y 1173 -16.13 2.89 -6.61
C LEU Y 1173 -14.81 3.05 -7.33
N GLU Y 1174 -13.78 3.45 -6.59
CA GLU Y 1174 -12.40 3.51 -7.09
C GLU Y 1174 -11.70 2.14 -6.94
N LEU Y 1175 -10.55 1.98 -7.59
CA LEU Y 1175 -9.75 0.75 -7.55
C LEU Y 1175 -9.42 0.29 -6.13
N ARG Y 1176 -9.21 1.23 -5.19
CA ARG Y 1176 -8.93 0.90 -3.78
C ARG Y 1176 -10.12 0.28 -3.05
N ASP Y 1177 -11.33 0.68 -3.39
CA ASP Y 1177 -12.54 0.13 -2.77
C ASP Y 1177 -12.85 -1.25 -3.33
N LEU Y 1178 -12.58 -1.46 -4.61
CA LEU Y 1178 -12.66 -2.77 -5.25
C LEU Y 1178 -11.60 -3.75 -4.72
N GLU Y 1179 -10.39 -3.26 -4.40
CA GLU Y 1179 -9.37 -4.07 -3.72
C GLU Y 1179 -9.83 -4.51 -2.33
N LYS Y 1180 -10.52 -3.65 -1.56
CA LYS Y 1180 -11.11 -4.04 -0.26
C LYS Y 1180 -12.17 -5.13 -0.43
N GLU Y 1181 -13.09 -4.98 -1.39
CA GLU Y 1181 -14.12 -5.98 -1.69
C GLU Y 1181 -13.52 -7.31 -2.17
N TYR Y 1182 -12.46 -7.26 -2.98
CA TYR Y 1182 -11.71 -8.45 -3.39
C TYR Y 1182 -11.07 -9.15 -2.20
N VAL Y 1183 -10.36 -8.42 -1.33
CA VAL Y 1183 -9.76 -9.00 -0.12
C VAL Y 1183 -10.84 -9.59 0.79
N LEU Y 1184 -11.98 -8.93 0.94
CA LEU Y 1184 -13.11 -9.44 1.71
C LEU Y 1184 -13.66 -10.74 1.10
N ALA Y 1185 -13.88 -10.81 -0.21
CA ALA Y 1185 -14.30 -12.05 -0.86
C ALA Y 1185 -13.25 -13.17 -0.75
N GLN Y 1186 -11.97 -12.82 -0.86
CA GLN Y 1186 -10.87 -13.77 -0.73
C GLN Y 1186 -10.79 -14.35 0.69
N THR Y 1187 -10.96 -13.50 1.71
CA THR Y 1187 -11.00 -13.94 3.12
C THR Y 1187 -12.22 -14.83 3.40
N ARG Y 1188 -13.39 -14.52 2.81
CA ARG Y 1188 -14.58 -15.40 2.85
C ARG Y 1188 -14.30 -16.77 2.23
N LEU Y 1189 -13.62 -16.80 1.08
CA LEU Y 1189 -13.23 -18.04 0.43
C LEU Y 1189 -12.21 -18.85 1.24
N THR Y 1190 -11.21 -18.20 1.86
CA THR Y 1190 -10.23 -18.92 2.70
C THR Y 1190 -10.89 -19.56 3.91
N LEU Y 1191 -11.84 -18.87 4.56
CA LEU Y 1191 -12.62 -19.45 5.66
C LEU Y 1191 -13.49 -20.62 5.18
N ALA Y 1192 -14.20 -20.44 4.06
CA ALA Y 1192 -15.04 -21.50 3.51
C ALA Y 1192 -14.25 -22.73 3.05
N LYS Y 1193 -13.01 -22.57 2.55
CA LYS Y 1193 -12.11 -23.69 2.23
C LYS Y 1193 -11.63 -24.43 3.47
N HIS Y 1194 -11.34 -23.71 4.54
CA HIS Y 1194 -10.91 -24.29 5.81
C HIS Y 1194 -12.06 -25.02 6.52
N ASN Y 1195 -13.29 -24.49 6.45
CA ASN Y 1195 -14.47 -25.16 6.98
C ASN Y 1195 -15.68 -24.99 6.03
N PRO Y 1196 -16.04 -26.02 5.25
CA PRO Y 1196 -17.10 -25.91 4.25
C PRO Y 1196 -18.47 -25.58 4.85
N SER Y 1197 -18.72 -25.92 6.12
CA SER Y 1197 -19.98 -25.59 6.81
C SER Y 1197 -20.17 -24.08 7.04
N THR Y 1198 -19.09 -23.31 7.06
CA THR Y 1198 -19.13 -21.86 7.30
C THR Y 1198 -19.45 -21.04 6.05
N ALA Y 1199 -19.47 -21.64 4.86
CA ALA Y 1199 -19.67 -20.94 3.59
C ALA Y 1199 -20.96 -20.09 3.55
N ALA Y 1200 -22.04 -20.60 4.15
CA ALA Y 1200 -23.32 -19.90 4.21
C ALA Y 1200 -23.29 -18.64 5.08
N ILE Y 1201 -22.54 -18.69 6.19
CA ILE Y 1201 -22.38 -17.59 7.15
C ILE Y 1201 -21.39 -16.56 6.59
N ALA Y 1202 -20.23 -17.04 6.13
CA ALA Y 1202 -19.16 -16.22 5.58
C ALA Y 1202 -19.63 -15.34 4.41
N GLY Y 1203 -20.54 -15.85 3.57
CA GLY Y 1203 -21.05 -15.13 2.41
C GLY Y 1203 -21.71 -13.78 2.74
N SER Y 1204 -22.34 -13.65 3.92
CA SER Y 1204 -23.02 -12.40 4.34
C SER Y 1204 -22.23 -11.56 5.35
N SER Y 1205 -21.13 -12.09 5.89
CA SER Y 1205 -20.44 -11.44 7.01
C SER Y 1205 -19.80 -10.13 6.62
N ALA Y 1206 -20.07 -9.07 7.40
CA ALA Y 1206 -19.34 -7.81 7.31
C ALA Y 1206 -17.86 -8.01 7.69
N ALA Y 1207 -16.99 -7.05 7.37
CA ALA Y 1207 -15.57 -7.16 7.69
C ALA Y 1207 -15.32 -7.40 9.19
N GLU Y 1208 -16.11 -6.78 10.09
CA GLU Y 1208 -16.01 -6.96 11.54
C GLU Y 1208 -16.41 -8.38 12.00
N GLU Y 1209 -17.53 -8.89 11.49
CA GLU Y 1209 -17.98 -10.26 11.77
C GLU Y 1209 -17.00 -11.29 11.21
N MET Y 1210 -16.44 -11.01 10.04
CA MET Y 1210 -15.46 -11.86 9.39
C MET Y 1210 -14.18 -11.95 10.23
N VAL Y 1211 -13.71 -10.86 10.84
CA VAL Y 1211 -12.60 -10.90 11.80
C VAL Y 1211 -12.92 -11.86 12.96
N ALA Y 1212 -14.12 -11.78 13.54
CA ALA Y 1212 -14.51 -12.68 14.63
C ALA Y 1212 -14.54 -14.16 14.19
N LEU Y 1213 -15.05 -14.47 12.99
CA LEU Y 1213 -15.08 -15.82 12.44
C LEU Y 1213 -13.69 -16.37 12.12
N LEU Y 1214 -12.79 -15.55 11.54
CA LEU Y 1214 -11.40 -15.93 11.27
C LEU Y 1214 -10.64 -16.21 12.57
N VAL Y 1215 -10.89 -15.41 13.60
CA VAL Y 1215 -10.31 -15.60 14.93
C VAL Y 1215 -10.79 -16.89 15.59
N GLN Y 1216 -12.07 -17.25 15.46
CA GLN Y 1216 -12.58 -18.54 15.94
C GLN Y 1216 -11.93 -19.72 15.20
N ALA Y 1217 -11.80 -19.64 13.87
CA ALA Y 1217 -11.13 -20.66 13.06
C ALA Y 1217 -9.62 -20.78 13.40
N GLY Y 1218 -8.98 -19.68 13.85
CA GLY Y 1218 -7.55 -19.62 14.13
C GLY Y 1218 -6.71 -19.12 12.95
N LEU Y 1219 -7.32 -18.45 11.98
CA LEU Y 1219 -6.66 -17.85 10.82
C LEU Y 1219 -6.23 -16.40 11.10
N PHE Y 1220 -5.33 -16.22 12.07
CA PHE Y 1220 -4.93 -14.92 12.58
C PHE Y 1220 -4.25 -14.01 11.56
N ASP Y 1221 -3.36 -14.51 10.69
CA ASP Y 1221 -2.72 -13.65 9.67
C ASP Y 1221 -3.73 -13.07 8.68
N THR Y 1222 -4.70 -13.88 8.27
CA THR Y 1222 -5.77 -13.41 7.39
C THR Y 1222 -6.67 -12.40 8.09
N ALA Y 1223 -6.93 -12.58 9.40
CA ALA Y 1223 -7.67 -11.62 10.21
C ALA Y 1223 -6.90 -10.30 10.36
N ILE Y 1224 -5.58 -10.35 10.57
CA ILE Y 1224 -4.71 -9.17 10.66
C ILE Y 1224 -4.69 -8.43 9.33
N SER Y 1225 -4.49 -9.14 8.21
CA SER Y 1225 -4.54 -8.57 6.87
C SER Y 1225 -5.88 -7.87 6.63
N LEU Y 1226 -7.00 -8.48 7.03
CA LEU Y 1226 -8.33 -7.90 6.91
C LEU Y 1226 -8.48 -6.64 7.79
N CYS Y 1227 -8.00 -6.68 9.03
CA CYS Y 1227 -8.00 -5.51 9.92
C CYS Y 1227 -7.17 -4.35 9.34
N GLN Y 1228 -6.02 -4.64 8.73
CA GLN Y 1228 -5.19 -3.62 8.07
C GLN Y 1228 -5.89 -3.00 6.86
N THR Y 1229 -6.54 -3.81 6.02
CA THR Y 1229 -7.23 -3.31 4.82
C THR Y 1229 -8.45 -2.46 5.15
N PHE Y 1230 -9.21 -2.84 6.18
CA PHE Y 1230 -10.41 -2.10 6.63
C PHE Y 1230 -10.14 -1.10 7.76
N LYS Y 1231 -8.89 -0.94 8.20
CA LYS Y 1231 -8.49 -0.08 9.35
C LYS Y 1231 -9.26 -0.39 10.63
N LEU Y 1232 -9.51 -1.68 10.91
CA LEU Y 1232 -10.18 -2.16 12.11
C LEU Y 1232 -9.19 -2.33 13.27
N ALA Y 1233 -9.69 -2.28 14.50
CA ALA Y 1233 -8.88 -2.53 15.68
C ALA Y 1233 -8.46 -4.02 15.75
N LEU Y 1234 -7.16 -4.28 15.95
CA LEU Y 1234 -6.59 -5.63 16.12
C LEU Y 1234 -6.91 -6.27 17.49
N THR Y 1235 -7.67 -5.60 18.35
CA THR Y 1235 -7.96 -6.06 19.73
C THR Y 1235 -8.63 -7.43 19.74
N SER Y 1236 -9.63 -7.66 18.90
CA SER Y 1236 -10.33 -8.96 18.79
C SER Y 1236 -9.41 -10.11 18.37
N VAL Y 1237 -8.39 -9.83 17.55
CA VAL Y 1237 -7.40 -10.82 17.13
C VAL Y 1237 -6.51 -11.24 18.30
N PHE Y 1238 -6.00 -10.28 19.07
CA PHE Y 1238 -5.17 -10.55 20.24
C PHE Y 1238 -5.95 -11.26 21.36
N GLU Y 1239 -7.21 -10.87 21.62
CA GLU Y 1239 -8.06 -11.57 22.60
C GLU Y 1239 -8.32 -13.02 22.21
N GLY Y 1240 -8.59 -13.26 20.93
CA GLY Y 1240 -8.85 -14.60 20.42
C GLY Y 1240 -7.61 -15.49 20.43
N LEU Y 1241 -6.45 -14.94 20.06
CA LEU Y 1241 -5.18 -15.68 20.15
C LEU Y 1241 -4.84 -15.99 21.60
N ALA Y 1242 -5.03 -15.04 22.52
CA ALA Y 1242 -4.84 -15.26 23.96
C ALA Y 1242 -5.78 -16.37 24.48
N CYS Y 1243 -7.05 -16.36 24.06
CA CYS Y 1243 -8.03 -17.40 24.39
C CYS Y 1243 -7.60 -18.78 23.85
N LYS Y 1244 -7.09 -18.87 22.61
CA LYS Y 1244 -6.55 -20.13 22.07
C LYS Y 1244 -5.31 -20.61 22.82
N CYS Y 1245 -4.38 -19.72 23.19
CA CYS Y 1245 -3.22 -20.07 24.02
C CYS Y 1245 -3.64 -20.62 25.40
N ILE Y 1246 -4.63 -20.00 26.04
CA ILE Y 1246 -5.19 -20.45 27.33
C ILE Y 1246 -5.83 -21.84 27.19
N ARG Y 1247 -6.68 -22.02 26.17
CA ARG Y 1247 -7.33 -23.32 25.90
C ARG Y 1247 -6.31 -24.41 25.57
N LEU Y 1248 -5.22 -24.08 24.89
CA LEU Y 1248 -4.12 -25.00 24.63
C LEU Y 1248 -3.39 -25.42 25.89
N GLN Y 1249 -3.12 -24.46 26.78
CA GLN Y 1249 -2.43 -24.72 28.04
C GLN Y 1249 -3.29 -25.56 29.01
N GLN Y 1250 -4.62 -25.42 28.95
CA GLN Y 1250 -5.58 -26.21 29.73
C GLN Y 1250 -6.02 -27.50 29.02
N GLY Y 1251 -5.78 -27.63 27.72
CA GLY Y 1251 -6.26 -28.71 26.87
C GLY Y 1251 -5.36 -29.95 26.92
N GLY Y 1252 -5.96 -31.13 26.78
CA GLY Y 1252 -5.23 -32.41 26.68
C GLY Y 1252 -4.56 -32.62 25.32
N GLU Y 1253 -4.04 -33.83 25.09
CA GLU Y 1253 -3.34 -34.20 23.85
C GLU Y 1253 -4.15 -33.90 22.57
N ALA Y 1254 -5.48 -34.06 22.62
CA ALA Y 1254 -6.36 -33.74 21.48
C ALA Y 1254 -6.32 -32.25 21.08
N ALA Y 1255 -6.30 -31.33 22.05
CA ALA Y 1255 -6.20 -29.91 21.77
C ALA Y 1255 -4.83 -29.53 21.18
N GLN Y 1256 -3.76 -30.22 21.61
CA GLN Y 1256 -2.42 -30.04 21.06
C GLN Y 1256 -2.32 -30.54 19.61
N ALA Y 1257 -2.99 -31.65 19.28
CA ALA Y 1257 -3.06 -32.17 17.92
C ALA Y 1257 -3.83 -31.21 16.98
N GLU Y 1258 -5.00 -30.73 17.39
CA GLU Y 1258 -5.79 -29.74 16.63
C GLU Y 1258 -5.04 -28.40 16.48
N ALA Y 1259 -4.14 -28.08 17.40
CA ALA Y 1259 -3.43 -26.81 17.35
C ALA Y 1259 -2.41 -26.70 16.23
N TRP Y 1260 -1.78 -27.81 15.83
CA TRP Y 1260 -0.84 -27.80 14.72
C TRP Y 1260 -1.50 -27.37 13.40
N GLU Y 1261 -2.78 -27.70 13.21
CA GLU Y 1261 -3.52 -27.35 12.00
C GLU Y 1261 -3.69 -25.83 11.86
N TRP Y 1262 -4.17 -25.15 12.90
CA TRP Y 1262 -4.32 -23.69 12.84
C TRP Y 1262 -3.00 -22.95 12.98
N LEU Y 1263 -2.00 -23.49 13.70
CA LEU Y 1263 -0.65 -22.90 13.75
C LEU Y 1263 0.01 -22.92 12.37
N ALA Y 1264 -0.10 -24.02 11.63
CA ALA Y 1264 0.43 -24.12 10.26
C ALA Y 1264 -0.25 -23.16 9.27
N ALA Y 1265 -1.52 -22.81 9.52
CA ALA Y 1265 -2.25 -21.87 8.69
C ALA Y 1265 -1.80 -20.40 8.88
N ASN Y 1266 -1.01 -20.10 9.91
CA ASN Y 1266 -0.41 -18.80 10.15
C ASN Y 1266 1.09 -18.84 9.80
N GLN Y 1267 1.58 -17.81 9.12
CA GLN Y 1267 2.96 -17.55 8.77
C GLN Y 1267 3.82 -17.33 10.03
N LEU Y 1268 4.21 -18.43 10.65
CA LEU Y 1268 5.45 -18.50 11.40
C LEU Y 1268 6.59 -18.57 10.36
N ALA Y 1269 7.24 -17.44 10.09
CA ALA Y 1269 8.36 -17.35 9.14
C ALA Y 1269 9.55 -18.29 9.49
N THR Y 1270 9.53 -18.91 10.67
CA THR Y 1270 10.60 -19.76 11.18
C THR Y 1270 10.06 -20.94 11.99
N VAL Y 1271 9.27 -21.83 11.37
CA VAL Y 1271 8.99 -23.15 11.97
C VAL Y 1271 10.17 -24.07 11.68
N ILE Y 1272 11.16 -24.10 12.58
CA ILE Y 1272 12.06 -25.25 12.70
C ILE Y 1272 11.30 -26.23 13.60
N THR Y 1273 10.74 -27.28 13.02
CA THR Y 1273 10.14 -28.40 13.77
C THR Y 1273 11.23 -29.19 14.50
N THR Y 1274 11.83 -28.60 15.54
CA THR Y 1274 12.62 -29.38 16.50
C THR Y 1274 11.65 -30.25 17.30
N LYS Y 1275 11.95 -31.54 17.48
CA LYS Y 1275 11.11 -32.53 18.20
C LYS Y 1275 10.78 -32.19 19.67
N GLU Y 1276 11.15 -31.01 20.16
CA GLU Y 1276 11.07 -30.62 21.57
C GLU Y 1276 10.11 -29.45 21.86
N SER Y 1277 9.54 -28.79 20.84
CA SER Y 1277 8.59 -27.69 21.07
C SER Y 1277 7.14 -28.19 21.11
N SER Y 1278 6.42 -27.89 22.20
CA SER Y 1278 4.99 -28.17 22.28
C SER Y 1278 4.19 -27.17 21.41
N ALA Y 1279 2.97 -27.54 21.00
CA ALA Y 1279 2.09 -26.63 20.27
C ALA Y 1279 1.79 -25.33 21.05
N THR Y 1280 1.80 -25.42 22.39
CA THR Y 1280 1.63 -24.27 23.29
C THR Y 1280 2.80 -23.29 23.19
N ASP Y 1281 4.04 -23.79 23.07
CA ASP Y 1281 5.23 -22.93 22.94
C ASP Y 1281 5.22 -22.17 21.61
N GLU Y 1282 4.82 -22.83 20.53
CA GLU Y 1282 4.70 -22.19 19.23
C GLU Y 1282 3.56 -21.17 19.17
N ALA Y 1283 2.43 -21.43 19.84
CA ALA Y 1283 1.36 -20.46 19.98
C ALA Y 1283 1.82 -19.18 20.72
N TRP Y 1284 2.63 -19.32 21.77
CA TRP Y 1284 3.22 -18.18 22.47
C TRP Y 1284 4.28 -17.46 21.64
N ARG Y 1285 5.10 -18.17 20.85
CA ARG Y 1285 6.03 -17.55 19.90
C ARG Y 1285 5.31 -16.74 18.83
N LEU Y 1286 4.19 -17.25 18.31
CA LEU Y 1286 3.33 -16.52 17.39
C LEU Y 1286 2.84 -15.21 18.01
N MET Y 1287 2.33 -15.26 19.25
CA MET Y 1287 1.88 -14.09 19.99
C MET Y 1287 3.00 -13.03 20.14
N ILE Y 1288 4.21 -13.47 20.52
CA ILE Y 1288 5.37 -12.58 20.64
C ILE Y 1288 5.68 -11.92 19.29
N SER Y 1289 5.67 -12.70 18.20
CA SER Y 1289 5.94 -12.18 16.85
C SER Y 1289 4.92 -11.16 16.38
N TYR Y 1290 3.64 -11.31 16.75
CA TYR Y 1290 2.59 -10.35 16.43
C TYR Y 1290 2.69 -9.08 17.26
N LEU Y 1291 3.04 -9.18 18.54
CA LEU Y 1291 3.30 -8.01 19.37
C LEU Y 1291 4.51 -7.20 18.85
N ASP Y 1292 5.55 -7.87 18.35
CA ASP Y 1292 6.73 -7.21 17.78
C ASP Y 1292 6.43 -6.56 16.42
N LYS Y 1293 5.64 -7.22 15.56
CA LYS Y 1293 5.27 -6.68 14.24
C LYS Y 1293 4.25 -5.53 14.32
N TYR Y 1294 3.35 -5.56 15.30
CA TYR Y 1294 2.20 -4.67 15.40
C TYR Y 1294 2.20 -3.91 16.72
N GLU Y 1295 3.17 -3.00 16.90
CA GLU Y 1295 3.22 -2.13 18.07
C GLU Y 1295 2.13 -1.05 18.02
N ALA Y 1296 1.19 -1.10 18.97
CA ALA Y 1296 0.27 0.01 19.21
C ALA Y 1296 0.95 1.13 20.00
N LYS Y 1297 0.62 2.39 19.66
CA LYS Y 1297 1.10 3.59 20.37
C LYS Y 1297 0.74 3.62 21.86
N ASN Y 1298 -0.40 3.03 22.20
CA ASN Y 1298 -0.86 2.85 23.57
C ASN Y 1298 -0.80 1.34 23.84
N THR Y 1299 -0.34 0.94 25.01
CA THR Y 1299 -0.20 -0.42 25.57
C THR Y 1299 -1.41 -1.38 25.43
N LEU Y 1300 -2.46 -0.98 24.70
CA LEU Y 1300 -3.73 -1.65 24.41
C LEU Y 1300 -3.60 -3.15 24.14
N TYR Y 1301 -2.69 -3.60 23.27
CA TYR Y 1301 -2.59 -5.03 22.94
C TYR Y 1301 -2.03 -5.84 24.10
N HIS Y 1302 -0.99 -5.34 24.78
CA HIS Y 1302 -0.44 -5.99 25.97
C HIS Y 1302 -1.47 -5.99 27.12
N HIS Y 1303 -2.14 -4.85 27.36
CA HIS Y 1303 -3.21 -4.73 28.34
C HIS Y 1303 -4.33 -5.75 28.09
N CYS Y 1304 -4.79 -5.83 26.85
CA CYS Y 1304 -5.85 -6.72 26.42
C CYS Y 1304 -5.50 -8.20 26.66
N ILE Y 1305 -4.28 -8.61 26.31
CA ILE Y 1305 -3.78 -9.98 26.57
C ILE Y 1305 -3.68 -10.27 28.07
N ILE Y 1306 -3.09 -9.37 28.85
CA ILE Y 1306 -2.93 -9.54 30.31
C ILE Y 1306 -4.30 -9.61 30.98
N ASN Y 1307 -5.19 -8.66 30.69
CA ASN Y 1307 -6.55 -8.64 31.21
C ASN Y 1307 -7.30 -9.95 30.86
N LYS Y 1308 -7.10 -10.48 29.65
CA LYS Y 1308 -7.69 -11.77 29.26
C LYS Y 1308 -7.08 -12.95 30.04
N LEU Y 1309 -5.76 -13.03 30.19
CA LEU Y 1309 -5.09 -14.10 30.96
C LEU Y 1309 -5.52 -14.11 32.42
N LEU Y 1310 -5.55 -12.94 33.05
CA LEU Y 1310 -5.99 -12.77 34.43
C LEU Y 1310 -7.47 -13.13 34.61
N SER Y 1311 -8.34 -12.81 33.64
CA SER Y 1311 -9.76 -13.21 33.67
C SER Y 1311 -9.99 -14.73 33.67
N HIS Y 1312 -9.02 -15.50 33.18
CA HIS Y 1312 -9.06 -16.96 33.19
C HIS Y 1312 -8.22 -17.58 34.32
N GLY Y 1313 -7.63 -16.77 35.21
CA GLY Y 1313 -6.81 -17.24 36.33
C GLY Y 1313 -5.47 -17.87 35.92
N VAL Y 1314 -4.97 -17.57 34.71
CA VAL Y 1314 -3.71 -18.14 34.21
C VAL Y 1314 -2.54 -17.28 34.69
N PRO Y 1315 -1.46 -17.88 35.26
CA PRO Y 1315 -0.28 -17.12 35.66
C PRO Y 1315 0.37 -16.44 34.46
N LEU Y 1316 0.72 -15.16 34.61
CA LEU Y 1316 1.29 -14.36 33.52
C LEU Y 1316 2.71 -14.82 33.18
N PRO Y 1317 3.06 -15.01 31.89
CA PRO Y 1317 4.42 -15.34 31.50
C PRO Y 1317 5.42 -14.23 31.86
N ASN Y 1318 6.60 -14.61 32.38
CA ASN Y 1318 7.64 -13.66 32.80
C ASN Y 1318 8.08 -12.70 31.68
N TRP Y 1319 8.14 -13.18 30.43
CA TRP Y 1319 8.50 -12.32 29.29
C TRP Y 1319 7.47 -11.20 29.07
N LEU Y 1320 6.18 -11.49 29.29
CA LEU Y 1320 5.08 -10.53 29.12
C LEU Y 1320 5.09 -9.51 30.26
N ILE Y 1321 5.29 -9.99 31.49
CA ILE Y 1321 5.47 -9.14 32.68
C ILE Y 1321 6.66 -8.20 32.46
N ASN Y 1322 7.83 -8.71 32.06
CA ASN Y 1322 9.03 -7.90 31.89
C ASN Y 1322 8.89 -6.84 30.79
N ARG Y 1323 8.25 -7.18 29.66
CA ARG Y 1323 7.93 -6.20 28.62
C ARG Y 1323 6.98 -5.13 29.13
N TYR Y 1324 5.93 -5.52 29.84
CA TYR Y 1324 4.92 -4.58 30.32
C TYR Y 1324 5.43 -3.72 31.50
N LYS Y 1325 6.30 -4.25 32.36
CA LYS Y 1325 7.05 -3.49 33.39
C LYS Y 1325 7.84 -2.34 32.77
N ALA Y 1326 8.49 -2.58 31.62
CA ALA Y 1326 9.26 -1.57 30.91
C ALA Y 1326 8.37 -0.50 30.22
N MET Y 1327 7.10 -0.82 29.95
CA MET Y 1327 6.17 0.04 29.23
C MET Y 1327 5.27 0.86 30.17
N ASP Y 1328 4.49 0.19 31.02
CA ASP Y 1328 3.59 0.82 32.01
C ASP Y 1328 3.39 -0.07 33.26
N ALA Y 1329 4.26 0.10 34.25
CA ALA Y 1329 4.15 -0.61 35.52
C ALA Y 1329 2.94 -0.19 36.37
N ALA Y 1330 2.42 1.03 36.18
CA ALA Y 1330 1.28 1.52 36.96
C ALA Y 1330 -0.03 0.87 36.50
N GLU Y 1331 -0.19 0.67 35.19
CA GLU Y 1331 -1.33 -0.07 34.63
C GLU Y 1331 -1.28 -1.55 35.01
N LEU Y 1332 -0.09 -2.17 35.05
CA LEU Y 1332 0.09 -3.54 35.52
C LEU Y 1332 -0.36 -3.73 36.97
N LEU Y 1333 0.04 -2.79 37.85
CA LEU Y 1333 -0.38 -2.81 39.24
C LEU Y 1333 -1.90 -2.74 39.38
N ARG Y 1334 -2.57 -1.89 38.59
CA ARG Y 1334 -4.04 -1.80 38.58
C ARG Y 1334 -4.68 -3.08 38.08
N LEU Y 1335 -4.09 -3.75 37.09
CA LEU Y 1335 -4.56 -5.06 36.61
C LEU Y 1335 -4.43 -6.13 37.69
N TYR Y 1336 -3.29 -6.23 38.39
CA TYR Y 1336 -3.15 -7.18 39.49
C TYR Y 1336 -4.16 -6.92 40.62
N LEU Y 1337 -4.39 -5.65 40.97
CA LEU Y 1337 -5.40 -5.27 41.95
C LEU Y 1337 -6.82 -5.60 41.51
N LYS Y 1338 -7.16 -5.41 40.22
CA LYS Y 1338 -8.48 -5.74 39.67
C LYS Y 1338 -8.82 -7.22 39.79
N TYR Y 1339 -7.81 -8.10 39.80
CA TYR Y 1339 -7.96 -9.55 39.89
C TYR Y 1339 -7.50 -10.11 41.26
N ASP Y 1340 -7.40 -9.27 42.30
CA ASP Y 1340 -7.04 -9.64 43.68
C ASP Y 1340 -5.70 -10.39 43.84
N LEU Y 1341 -4.75 -10.20 42.91
CA LEU Y 1341 -3.41 -10.78 42.97
C LEU Y 1341 -2.47 -9.93 43.85
N LEU Y 1342 -2.74 -9.94 45.16
CA LEU Y 1342 -2.09 -9.05 46.13
C LEU Y 1342 -0.59 -9.32 46.31
N GLU Y 1343 -0.14 -10.57 46.22
CA GLU Y 1343 1.27 -10.95 46.35
C GLU Y 1343 2.11 -10.41 45.20
N GLU Y 1344 1.70 -10.70 43.95
CA GLU Y 1344 2.34 -10.21 42.73
C GLU Y 1344 2.30 -8.68 42.64
N ALA Y 1345 1.19 -8.07 43.04
CA ALA Y 1345 1.09 -6.61 43.15
C ALA Y 1345 2.11 -6.04 44.14
N ALA Y 1346 2.29 -6.68 45.30
CA ALA Y 1346 3.27 -6.25 46.29
C ALA Y 1346 4.71 -6.46 45.84
N GLU Y 1347 5.03 -7.57 45.19
CA GLU Y 1347 6.35 -7.79 44.59
C GLU Y 1347 6.66 -6.76 43.50
N LEU Y 1348 5.68 -6.47 42.63
CA LEU Y 1348 5.81 -5.42 41.62
C LEU Y 1348 6.10 -4.05 42.25
N VAL Y 1349 5.40 -3.69 43.33
CA VAL Y 1349 5.63 -2.41 44.03
C VAL Y 1349 7.01 -2.40 44.68
N LEU Y 1350 7.44 -3.49 45.31
CA LEU Y 1350 8.77 -3.59 45.91
C LEU Y 1350 9.87 -3.42 44.85
N GLU Y 1351 9.76 -4.10 43.71
CA GLU Y 1351 10.68 -3.98 42.59
C GLU Y 1351 10.65 -2.58 41.96
N TYR Y 1352 9.47 -1.97 41.80
CA TYR Y 1352 9.32 -0.61 41.27
C TYR Y 1352 9.94 0.44 42.19
N VAL Y 1353 9.76 0.28 43.50
CA VAL Y 1353 10.41 1.14 44.50
C VAL Y 1353 11.93 0.93 44.48
N ASP Y 1354 12.41 -0.30 44.38
CA ASP Y 1354 13.85 -0.57 44.22
C ASP Y 1354 14.41 0.05 42.93
N ALA Y 1355 13.66 -0.01 41.83
CA ALA Y 1355 13.98 0.62 40.55
C ALA Y 1355 14.09 2.14 40.69
N LEU Y 1356 13.15 2.80 41.36
CA LEU Y 1356 13.22 4.23 41.67
C LEU Y 1356 14.42 4.56 42.57
N LEU Y 1357 14.75 3.69 43.53
CA LEU Y 1357 15.92 3.82 44.38
C LEU Y 1357 17.25 3.59 43.64
N GLY Y 1358 17.20 3.05 42.41
CA GLY Y 1358 18.35 2.83 41.52
C GLY Y 1358 18.75 1.38 41.27
N LYS Y 1359 18.05 0.41 41.88
CA LYS Y 1359 18.30 -1.02 41.68
C LYS Y 1359 17.36 -1.56 40.62
N GLY Y 1360 17.90 -1.91 39.45
CA GLY Y 1360 17.08 -2.49 38.38
C GLY Y 1360 16.17 -1.50 37.65
N HIS Y 1361 16.49 -0.21 37.64
CA HIS Y 1361 15.70 0.83 36.95
C HIS Y 1361 15.49 0.56 35.45
N GLN Y 1362 16.43 -0.15 34.81
CA GLN Y 1362 16.36 -0.55 33.41
C GLN Y 1362 15.18 -1.50 33.12
N TYR Y 1363 14.79 -2.36 34.09
CA TYR Y 1363 13.67 -3.30 33.92
C TYR Y 1363 12.31 -2.62 33.88
N PHE Y 1364 12.22 -1.35 34.30
CA PHE Y 1364 10.99 -0.56 34.35
C PHE Y 1364 10.98 0.61 33.35
N GLY Y 1365 11.95 0.67 32.43
CA GLY Y 1365 12.03 1.77 31.45
C GLY Y 1365 12.37 3.14 32.07
N ILE Y 1366 12.80 3.18 33.34
CA ILE Y 1366 13.12 4.41 34.04
C ILE Y 1366 14.52 4.87 33.62
N GLN Y 1367 14.60 5.97 32.86
CA GLN Y 1367 15.86 6.47 32.26
C GLN Y 1367 16.90 6.87 33.32
N ALA Y 1368 16.47 7.50 34.41
CA ALA Y 1368 17.35 7.93 35.50
C ALA Y 1368 16.68 7.64 36.85
N PRO Y 1369 17.41 7.04 37.81
CA PRO Y 1369 16.89 6.81 39.16
C PRO Y 1369 16.74 8.11 39.94
N LEU Y 1370 16.07 8.03 41.09
CA LEU Y 1370 15.77 9.18 41.95
C LEU Y 1370 17.03 9.96 42.32
N SER Y 1371 17.21 11.12 41.70
CA SER Y 1371 18.31 12.06 41.93
C SER Y 1371 17.76 13.48 41.98
N ALA Y 1372 18.57 14.45 42.44
CA ALA Y 1372 18.15 15.84 42.47
C ALA Y 1372 17.84 16.41 41.07
N THR Y 1373 18.43 15.87 40.00
CA THR Y 1373 18.34 16.40 38.63
C THR Y 1373 17.51 15.53 37.68
N SER Y 1374 17.02 14.37 38.12
CA SER Y 1374 16.25 13.45 37.27
C SER Y 1374 14.81 13.96 37.04
N GLN Y 1375 14.24 13.62 35.88
CA GLN Y 1375 12.82 13.86 35.61
C GLN Y 1375 11.93 13.13 36.62
N LEU Y 1376 10.83 13.77 37.01
CA LEU Y 1376 9.86 13.20 37.96
C LEU Y 1376 9.15 12.00 37.33
N VAL Y 1377 9.42 10.80 37.84
CA VAL Y 1377 8.67 9.59 37.49
C VAL Y 1377 7.35 9.59 38.26
N TRP Y 1378 6.25 9.32 37.57
CA TRP Y 1378 4.92 9.28 38.19
C TRP Y 1378 4.83 8.06 39.12
N PHE Y 1379 4.62 8.30 40.41
CA PHE Y 1379 4.47 7.26 41.42
C PHE Y 1379 2.97 6.94 41.59
N PRO Y 1380 2.49 5.72 41.30
CA PRO Y 1380 1.08 5.36 41.38
C PRO Y 1380 0.62 5.19 42.84
N TYR Y 1381 0.68 6.27 43.61
CA TYR Y 1381 0.45 6.27 45.05
C TYR Y 1381 -0.95 5.74 45.42
N SER Y 1382 -1.99 6.12 44.68
CA SER Y 1382 -3.35 5.65 44.93
C SER Y 1382 -3.52 4.14 44.76
N ALA Y 1383 -2.88 3.54 43.75
CA ALA Y 1383 -2.91 2.09 43.57
C ALA Y 1383 -2.14 1.36 44.67
N ILE Y 1384 -1.01 1.93 45.12
CA ILE Y 1384 -0.23 1.38 46.23
C ILE Y 1384 -0.99 1.51 47.56
N ASP Y 1385 -1.72 2.60 47.76
CA ASP Y 1385 -2.58 2.75 48.94
C ASP Y 1385 -3.77 1.78 48.89
N HIS Y 1386 -4.38 1.53 47.74
CA HIS Y 1386 -5.38 0.46 47.59
C HIS Y 1386 -4.77 -0.91 47.89
N LEU Y 1387 -3.54 -1.20 47.44
CA LEU Y 1387 -2.84 -2.44 47.79
C LEU Y 1387 -2.62 -2.55 49.30
N ARG Y 1388 -2.21 -1.46 49.96
CA ARG Y 1388 -2.02 -1.43 51.41
C ARG Y 1388 -3.33 -1.65 52.16
N GLN Y 1389 -4.43 -1.08 51.67
CA GLN Y 1389 -5.75 -1.30 52.22
C GLN Y 1389 -6.18 -2.77 52.05
N ALA Y 1390 -6.08 -3.32 50.83
CA ALA Y 1390 -6.45 -4.70 50.54
C ALA Y 1390 -5.60 -5.73 51.33
N LEU Y 1391 -4.30 -5.46 51.52
CA LEU Y 1391 -3.44 -6.27 52.40
C LEU Y 1391 -3.79 -6.11 53.88
N GLY Y 1392 -4.31 -4.94 54.29
CA GLY Y 1392 -4.69 -4.63 55.67
C GLY Y 1392 -6.07 -5.12 56.09
N GLU Y 1393 -7.02 -5.24 55.16
CA GLU Y 1393 -8.39 -5.73 55.45
C GLU Y 1393 -8.39 -7.18 55.98
N ASN Y 1394 -7.36 -7.98 55.65
CA ASN Y 1394 -7.20 -9.35 56.12
C ASN Y 1394 -6.23 -9.45 57.30
N GLU Y 1395 -6.63 -8.95 58.48
CA GLU Y 1395 -5.80 -8.97 59.70
C GLU Y 1395 -5.38 -10.39 60.14
N SER Y 1396 -6.11 -11.43 59.76
CA SER Y 1396 -5.84 -12.83 60.14
C SER Y 1396 -4.64 -13.46 59.41
N ASN Y 1397 -4.24 -12.92 58.26
CA ASN Y 1397 -3.21 -13.52 57.43
C ASN Y 1397 -1.83 -12.95 57.78
N GLN Y 1398 -1.07 -13.68 58.63
CA GLN Y 1398 0.30 -13.30 59.00
C GLN Y 1398 1.19 -13.04 57.78
N HIS Y 1399 0.92 -13.72 56.65
CA HIS Y 1399 1.62 -13.51 55.39
C HIS Y 1399 1.37 -12.11 54.81
N ASN Y 1400 0.11 -11.66 54.74
CA ASN Y 1400 -0.23 -10.32 54.24
C ASN Y 1400 0.38 -9.22 55.12
N GLN Y 1401 0.42 -9.42 56.44
CA GLN Y 1401 1.08 -8.49 57.36
C GLN Y 1401 2.61 -8.45 57.15
N ALA Y 1402 3.25 -9.59 56.90
CA ALA Y 1402 4.67 -9.65 56.57
C ALA Y 1402 4.98 -8.89 55.27
N ILE Y 1403 4.13 -9.06 54.24
CA ILE Y 1403 4.23 -8.31 52.99
C ILE Y 1403 4.01 -6.82 53.22
N LEU Y 1404 2.96 -6.44 53.96
CA LEU Y 1404 2.62 -5.05 54.25
C LEU Y 1404 3.73 -4.34 55.04
N SER Y 1405 4.34 -5.01 56.02
CA SER Y 1405 5.48 -4.46 56.77
C SER Y 1405 6.74 -4.32 55.89
N LYS Y 1406 6.99 -5.27 54.99
CA LYS Y 1406 8.08 -5.18 54.00
C LYS Y 1406 7.85 -4.00 53.05
N LEU Y 1407 6.62 -3.81 52.59
CA LEU Y 1407 6.21 -2.71 51.72
C LEU Y 1407 6.33 -1.35 52.43
N GLN Y 1408 5.83 -1.23 53.66
CA GLN Y 1408 5.96 -0.01 54.47
C GLN Y 1408 7.42 0.38 54.69
N ARG Y 1409 8.27 -0.57 55.11
CA ARG Y 1409 9.70 -0.31 55.30
C ARG Y 1409 10.38 0.19 54.03
N LYS Y 1410 9.98 -0.35 52.86
CA LYS Y 1410 10.51 0.09 51.57
C LYS Y 1410 9.98 1.46 51.15
N MET Y 1411 8.72 1.74 51.42
CA MET Y 1411 8.12 3.06 51.21
C MET Y 1411 8.80 4.12 52.07
N ASP Y 1412 9.12 3.81 53.33
CA ASP Y 1412 9.86 4.72 54.21
C ASP Y 1412 11.27 5.00 53.67
N GLU Y 1413 11.98 3.98 53.19
CA GLU Y 1413 13.29 4.14 52.56
C GLU Y 1413 13.19 5.07 51.32
N TYR Y 1414 12.16 4.88 50.50
CA TYR Y 1414 11.87 5.75 49.37
C TYR Y 1414 11.58 7.19 49.80
N PHE Y 1415 10.67 7.42 50.76
CA PHE Y 1415 10.33 8.75 51.24
C PHE Y 1415 11.52 9.46 51.89
N GLN Y 1416 12.38 8.75 52.61
CA GLN Y 1416 13.62 9.31 53.15
C GLN Y 1416 14.58 9.74 52.03
N LYS Y 1417 14.76 8.91 51.00
CA LYS Y 1417 15.64 9.23 49.87
C LYS Y 1417 15.05 10.35 49.01
N LEU Y 1418 13.74 10.38 48.82
CA LEU Y 1418 12.99 11.47 48.17
C LEU Y 1418 13.17 12.77 48.93
N LYS Y 1419 13.02 12.77 50.26
CA LYS Y 1419 13.25 13.95 51.08
C LYS Y 1419 14.68 14.46 50.91
N LYS Y 1420 15.67 13.56 50.97
CA LYS Y 1420 17.08 13.91 50.75
C LYS Y 1420 17.36 14.47 49.36
N ALA Y 1421 16.83 13.83 48.30
CA ALA Y 1421 16.97 14.30 46.93
C ALA Y 1421 16.29 15.65 46.71
N THR Y 1422 15.13 15.87 47.34
CA THR Y 1422 14.42 17.16 47.33
C THR Y 1422 15.22 18.25 48.06
N ASP Y 1423 15.82 17.93 49.20
CA ASP Y 1423 16.68 18.85 49.94
C ASP Y 1423 17.97 19.17 49.17
N ASP Y 1424 18.57 18.18 48.50
CA ASP Y 1424 19.74 18.39 47.66
C ASP Y 1424 19.40 19.17 46.38
N TYR Y 1425 18.21 18.97 45.80
CA TYR Y 1425 17.68 19.83 44.74
C TYR Y 1425 17.47 21.26 45.23
N LYS Y 1426 16.87 21.46 46.41
CA LYS Y 1426 16.77 22.80 47.03
C LYS Y 1426 18.14 23.45 47.21
N LYS Y 1427 19.16 22.70 47.63
CA LYS Y 1427 20.55 23.20 47.75
C LYS Y 1427 21.18 23.55 46.40
N LEU Y 1428 20.92 22.75 45.36
CA LEU Y 1428 21.34 23.02 43.98
C LEU Y 1428 20.70 24.31 43.46
N VAL Y 1429 19.41 24.53 43.76
CA VAL Y 1429 18.68 25.76 43.42
C VAL Y 1429 19.14 26.96 44.26
N GLN Y 1430 19.62 26.75 45.50
CA GLN Y 1430 20.08 27.83 46.41
C GLN Y 1430 21.56 28.24 46.28
N LYS Y 1431 22.41 27.52 45.52
CA LYS Y 1431 23.75 28.05 45.19
C LYS Y 1431 23.62 29.24 44.23
N PRO Y 1432 24.13 30.43 44.58
CA PRO Y 1432 23.90 31.64 43.80
C PRO Y 1432 24.56 31.53 42.43
N LEU Y 1433 23.82 31.93 41.40
CA LEU Y 1433 24.31 32.18 40.04
C LEU Y 1433 25.47 33.19 40.09
N ARG Y 1434 26.70 32.69 40.30
CA ARG Y 1434 27.96 33.33 39.90
C ARG Y 1434 28.47 32.57 38.68
N ALA Y 1435 27.75 32.73 37.58
CA ALA Y 1435 28.20 32.66 36.19
C ALA Y 1435 27.12 33.36 35.36
N SER Z 470 -164.03 143.29 66.34
CA SER Z 470 -162.95 143.71 65.44
C SER Z 470 -161.57 143.21 65.90
N VAL Z 471 -160.69 142.96 64.93
CA VAL Z 471 -159.30 142.56 65.15
C VAL Z 471 -158.35 143.77 65.13
N LEU Z 472 -158.78 144.91 64.57
CA LEU Z 472 -157.96 146.12 64.59
C LEU Z 472 -157.88 146.72 66.00
N PRO Z 473 -156.72 147.25 66.41
CA PRO Z 473 -156.63 148.16 67.55
C PRO Z 473 -157.62 149.33 67.40
N GLU Z 474 -158.34 149.67 68.46
CA GLU Z 474 -159.43 150.67 68.48
C GLU Z 474 -159.06 152.01 67.82
N HIS Z 475 -157.79 152.44 67.94
CA HIS Z 475 -157.31 153.73 67.46
C HIS Z 475 -157.27 153.88 65.94
N MET Z 476 -157.10 152.79 65.18
CA MET Z 476 -157.07 152.86 63.71
C MET Z 476 -158.47 152.85 63.09
N GLU Z 477 -159.48 152.32 63.80
CA GLU Z 477 -160.87 152.43 63.34
C GLU Z 477 -161.37 153.88 63.39
N GLU Z 478 -161.00 154.68 64.39
CA GLU Z 478 -161.43 156.09 64.49
C GLU Z 478 -160.76 157.00 63.45
N SER Z 479 -159.47 156.81 63.13
CA SER Z 479 -158.82 157.54 62.02
C SER Z 479 -159.50 157.26 60.68
N LEU Z 480 -159.87 156.00 60.42
CA LEU Z 480 -160.55 155.63 59.16
C LEU Z 480 -162.03 156.06 59.14
N SER Z 481 -162.71 156.13 60.28
CA SER Z 481 -164.15 156.47 60.36
C SER Z 481 -164.45 157.95 60.61
N SER Z 482 -163.51 158.75 61.12
CA SER Z 482 -163.68 160.19 61.32
C SER Z 482 -163.91 160.94 60.00
N VAL Z 483 -163.29 160.48 58.90
CA VAL Z 483 -163.55 161.02 57.54
C VAL Z 483 -164.95 160.64 57.02
N SER Z 484 -165.59 159.60 57.57
CA SER Z 484 -166.92 159.14 57.12
C SER Z 484 -168.08 159.92 57.72
N LYS Z 485 -167.88 160.75 58.77
CA LYS Z 485 -169.00 161.40 59.47
C LYS Z 485 -169.41 162.78 58.93
N SER Z 486 -168.75 163.32 57.91
CA SER Z 486 -169.25 164.52 57.21
C SER Z 486 -170.29 164.19 56.14
N SER Z 487 -171.38 163.51 56.50
CA SER Z 487 -172.61 163.46 55.68
C SER Z 487 -173.86 163.02 56.45
N ARG Z 488 -174.20 163.71 57.55
CA ARG Z 488 -175.58 163.69 58.08
C ARG Z 488 -176.37 164.97 57.81
N GLN Z 489 -175.93 165.79 56.87
CA GLN Z 489 -176.72 166.91 56.34
C GLN Z 489 -176.63 167.00 54.82
N ALA Z 490 -177.27 166.05 54.13
CA ALA Z 490 -177.70 166.25 52.75
C ALA Z 490 -178.97 165.44 52.50
N VAL Z 491 -180.07 166.00 52.97
CA VAL Z 491 -181.43 165.65 52.56
C VAL Z 491 -181.57 165.91 51.06
N VAL Z 492 -181.92 164.86 50.31
CA VAL Z 492 -182.71 164.87 49.07
C VAL Z 492 -182.03 165.39 47.79
N LYS Z 493 -181.74 164.48 46.84
CA LYS Z 493 -182.49 164.32 45.58
C LYS Z 493 -181.96 163.18 44.71
N ASP Z 494 -182.90 162.38 44.18
CA ASP Z 494 -182.72 161.47 43.06
C ASP Z 494 -181.96 162.13 41.90
N SER Z 495 -180.77 161.61 41.58
CA SER Z 495 -180.17 161.72 40.25
C SER Z 495 -179.22 160.54 40.01
N ARG Z 496 -179.62 159.71 39.05
CA ARG Z 496 -178.90 158.67 38.27
C ARG Z 496 -177.47 158.29 38.71
N PRO Z 497 -177.16 156.98 38.86
CA PRO Z 497 -175.82 156.52 39.18
C PRO Z 497 -175.00 156.50 37.88
N ASP Z 498 -174.24 157.53 37.62
CA ASP Z 498 -173.11 157.50 36.69
C ASP Z 498 -172.16 158.63 37.13
N GLN Z 499 -170.92 158.26 37.49
CA GLN Z 499 -169.84 159.11 38.02
C GLN Z 499 -169.85 159.31 39.55
N ILE Z 500 -169.51 158.25 40.29
CA ILE Z 500 -169.05 158.36 41.68
C ILE Z 500 -167.69 159.06 41.67
N ALA Z 501 -167.50 160.11 42.47
CA ALA Z 501 -166.23 160.85 42.53
C ALA Z 501 -165.10 160.03 43.19
N HIS Z 502 -163.84 160.28 42.80
CA HIS Z 502 -162.63 159.60 43.32
C HIS Z 502 -162.53 159.57 44.86
N ASP Z 503 -162.82 160.69 45.53
CA ASP Z 503 -162.85 160.78 47.00
C ASP Z 503 -163.84 159.79 47.62
N ASP Z 504 -164.93 159.50 46.93
CA ASP Z 504 -165.93 158.56 47.42
C ASP Z 504 -165.43 157.13 47.27
N LYS Z 505 -164.79 156.72 46.16
CA LYS Z 505 -164.21 155.36 46.05
C LYS Z 505 -163.21 155.07 47.17
N THR Z 506 -162.32 156.01 47.48
CA THR Z 506 -161.36 155.87 48.59
C THR Z 506 -162.09 155.73 49.94
N LYS Z 507 -163.13 156.54 50.20
CA LYS Z 507 -163.95 156.43 51.42
C LYS Z 507 -164.68 155.08 51.52
N HIS Z 508 -165.24 154.60 50.42
CA HIS Z 508 -165.94 153.31 50.42
C HIS Z 508 -164.98 152.13 50.57
N LEU Z 509 -163.78 152.18 49.97
CA LEU Z 509 -162.75 151.17 50.16
C LEU Z 509 -162.25 151.17 51.63
N LYS Z 510 -162.09 152.34 52.26
CA LYS Z 510 -161.83 152.45 53.71
C LYS Z 510 -162.96 151.82 54.53
N ALA Z 511 -164.22 152.06 54.17
CA ALA Z 511 -165.37 151.46 54.85
C ALA Z 511 -165.42 149.92 54.69
N ALA Z 512 -165.08 149.41 53.50
CA ALA Z 512 -164.98 147.97 53.23
C ALA Z 512 -163.84 147.33 54.04
N PHE Z 513 -162.68 147.98 54.11
CA PHE Z 513 -161.57 147.56 54.94
C PHE Z 513 -161.96 147.52 56.43
N LEU Z 514 -162.65 148.55 56.94
CA LEU Z 514 -163.16 148.56 58.32
C LEU Z 514 -164.13 147.40 58.60
N ARG Z 515 -164.99 147.04 57.63
CA ARG Z 515 -165.85 145.85 57.75
C ARG Z 515 -165.05 144.56 57.81
N TYR Z 516 -164.03 144.43 56.97
CA TYR Z 516 -163.12 143.29 56.98
C TYR Z 516 -162.42 143.13 58.34
N CYS Z 517 -161.96 144.25 58.91
CA CYS Z 517 -161.34 144.28 60.23
C CYS Z 517 -162.29 143.86 61.35
N ARG Z 518 -163.59 144.13 61.18
CA ARG Z 518 -164.70 143.64 62.02
C ARG Z 518 -165.09 142.17 61.75
N LYS Z 519 -164.31 141.45 60.95
CA LYS Z 519 -164.55 140.07 60.47
C LYS Z 519 -165.82 139.91 59.63
N ASP Z 520 -166.43 140.98 59.16
CA ASP Z 520 -167.53 140.94 58.19
C ASP Z 520 -166.96 140.80 56.77
N ILE Z 521 -166.43 139.60 56.47
CA ILE Z 521 -165.79 139.31 55.18
C ILE Z 521 -166.81 139.42 54.04
N LEU Z 522 -168.05 138.94 54.24
CA LEU Z 522 -169.10 138.98 53.23
C LEU Z 522 -169.58 140.40 52.96
N GLY Z 523 -169.77 141.21 54.01
CA GLY Z 523 -170.15 142.61 53.88
C GLY Z 523 -169.03 143.47 53.28
N ALA Z 524 -167.77 143.16 53.57
CA ALA Z 524 -166.62 143.79 52.91
C ALA Z 524 -166.55 143.40 51.42
N GLN Z 525 -166.69 142.12 51.08
CA GLN Z 525 -166.72 141.64 49.69
C GLN Z 525 -167.85 142.30 48.90
N SER Z 526 -169.08 142.31 49.45
CA SER Z 526 -170.23 142.93 48.78
C SER Z 526 -170.05 144.43 48.51
N MET Z 527 -169.34 145.14 49.40
CA MET Z 527 -169.03 146.55 49.23
C MET Z 527 -167.97 146.75 48.15
N VAL Z 528 -166.93 145.91 48.13
CA VAL Z 528 -165.91 145.89 47.07
C VAL Z 528 -166.52 145.56 45.71
N ASP Z 529 -167.34 144.51 45.62
CA ASP Z 529 -168.01 144.10 44.38
C ASP Z 529 -168.93 145.21 43.85
N SER Z 530 -169.54 145.99 44.75
CA SER Z 530 -170.37 147.15 44.36
C SER Z 530 -169.56 148.35 43.87
N LEU Z 531 -168.32 148.51 44.31
CA LEU Z 531 -167.43 149.61 43.92
C LEU Z 531 -166.68 149.31 42.62
N PHE Z 532 -166.29 148.05 42.43
CA PHE Z 532 -165.45 147.61 41.33
C PHE Z 532 -166.13 146.47 40.57
N SER Z 533 -167.19 146.78 39.82
CA SER Z 533 -167.92 145.80 39.02
C SER Z 533 -167.02 145.00 38.07
N ASP Z 534 -167.29 143.71 37.91
CA ASP Z 534 -166.55 142.77 37.04
C ASP Z 534 -166.53 143.12 35.54
N SER Z 535 -167.26 144.15 35.09
CA SER Z 535 -167.48 144.39 33.66
C SER Z 535 -166.37 145.12 32.92
N ASP Z 536 -165.44 145.79 33.61
CA ASP Z 536 -164.35 146.50 32.94
C ASP Z 536 -163.02 145.81 33.22
N MET Z 537 -162.59 145.00 32.25
CA MET Z 537 -161.24 144.39 32.19
C MET Z 537 -160.14 145.43 31.89
N GLU Z 538 -160.42 146.71 32.11
CA GLU Z 538 -159.43 147.79 32.01
C GLU Z 538 -158.78 148.02 33.38
N PRO Z 539 -157.47 148.32 33.43
CA PRO Z 539 -156.81 148.71 34.68
C PRO Z 539 -157.51 149.94 35.26
N ASP Z 540 -158.05 149.80 36.47
CA ASP Z 540 -158.72 150.89 37.19
C ASP Z 540 -157.64 151.73 37.89
N ASP Z 541 -157.10 152.72 37.19
CA ASP Z 541 -156.13 153.68 37.75
C ASP Z 541 -156.63 154.29 39.08
N GLU Z 542 -157.95 154.38 39.28
CA GLU Z 542 -158.56 154.87 40.52
C GLU Z 542 -158.43 153.88 41.69
N LEU Z 543 -158.43 152.57 41.43
CA LEU Z 543 -158.15 151.55 42.46
C LEU Z 543 -156.71 151.69 42.96
N ASP Z 544 -155.75 151.83 42.05
CA ASP Z 544 -154.33 151.98 42.38
C ASP Z 544 -154.09 153.26 43.20
N LEU Z 545 -154.74 154.37 42.85
CA LEU Z 545 -154.70 155.61 43.63
C LEU Z 545 -155.34 155.48 45.01
N ALA Z 546 -156.52 154.87 45.11
CA ALA Z 546 -157.21 154.66 46.40
C ALA Z 546 -156.40 153.75 47.33
N VAL Z 547 -155.83 152.67 46.82
CA VAL Z 547 -155.00 151.74 47.58
C VAL Z 547 -153.71 152.39 48.05
N ASN Z 548 -153.05 153.17 47.17
CA ASN Z 548 -151.87 153.94 47.55
C ASN Z 548 -152.21 154.95 48.67
N GLN Z 549 -153.28 155.72 48.51
CA GLN Z 549 -153.70 156.72 49.50
C GLN Z 549 -154.01 156.08 50.85
N ILE Z 550 -154.75 154.96 50.89
CA ILE Z 550 -155.02 154.25 52.14
C ILE Z 550 -153.73 153.75 52.79
N SER Z 551 -152.80 153.21 52.00
CA SER Z 551 -151.52 152.74 52.52
C SER Z 551 -150.67 153.88 53.09
N VAL Z 552 -150.60 155.03 52.41
CA VAL Z 552 -149.95 156.25 52.93
C VAL Z 552 -150.63 156.71 54.24
N ASP Z 553 -151.96 156.76 54.26
CA ASP Z 553 -152.72 157.17 55.45
C ASP Z 553 -152.45 156.24 56.64
N LEU Z 554 -152.29 154.93 56.43
CA LEU Z 554 -151.97 153.97 57.48
C LEU Z 554 -150.55 154.15 58.03
N ILE Z 555 -149.55 154.40 57.17
CA ILE Z 555 -148.16 154.55 57.61
C ILE Z 555 -147.87 155.93 58.18
N ASP Z 556 -148.58 156.96 57.72
CA ASP Z 556 -148.45 158.35 58.17
C ASP Z 556 -149.50 158.76 59.21
N ASP Z 557 -150.26 157.79 59.75
CA ASP Z 557 -151.36 158.04 60.69
C ASP Z 557 -150.90 158.76 61.97
N TYR Z 558 -151.80 159.57 62.53
CA TYR Z 558 -151.61 160.22 63.82
C TYR Z 558 -151.79 159.18 64.93
N PRO Z 559 -150.97 159.22 65.99
CA PRO Z 559 -151.24 158.41 67.17
C PRO Z 559 -152.39 159.04 67.94
N ALA Z 560 -153.61 158.74 67.49
CA ALA Z 560 -154.87 159.12 68.12
C ALA Z 560 -154.83 158.97 69.65
N SER Z 561 -154.34 157.83 70.16
CA SER Z 561 -154.28 157.62 71.62
C SER Z 561 -153.33 158.54 72.37
N ASP Z 562 -152.36 159.21 71.74
CA ASP Z 562 -151.41 160.09 72.44
C ASP Z 562 -152.00 161.52 72.60
N PRO Z 563 -152.37 161.93 73.84
CA PRO Z 563 -153.02 163.22 74.07
C PRO Z 563 -152.16 164.42 73.65
N ARG Z 564 -150.83 164.25 73.55
CA ARG Z 564 -149.91 165.31 73.12
C ARG Z 564 -150.18 165.76 71.69
N TRP Z 565 -150.84 164.92 70.87
CA TRP Z 565 -151.18 165.27 69.49
C TRP Z 565 -152.47 166.09 69.37
N ALA Z 566 -153.30 166.19 70.41
CA ALA Z 566 -154.64 166.76 70.34
C ALA Z 566 -154.70 168.23 69.86
N GLU Z 567 -153.68 169.05 70.11
CA GLU Z 567 -153.60 170.44 69.60
C GLU Z 567 -152.92 170.57 68.23
N SER Z 568 -152.17 169.55 67.81
CA SER Z 568 -151.42 169.54 66.53
C SER Z 568 -152.18 168.88 65.37
N VAL Z 569 -153.32 168.25 65.67
CA VAL Z 569 -154.24 167.72 64.66
C VAL Z 569 -155.03 168.90 64.07
N PRO Z 570 -155.01 169.12 62.74
CA PRO Z 570 -155.87 170.13 62.10
C PRO Z 570 -157.33 169.95 62.55
N GLU Z 571 -158.02 171.06 62.83
CA GLU Z 571 -159.31 171.19 63.55
C GLU Z 571 -160.47 170.26 63.13
N GLU Z 572 -160.33 169.41 62.11
CA GLU Z 572 -161.37 168.49 61.64
C GLU Z 572 -161.30 167.05 62.16
N ALA Z 573 -160.26 166.62 62.88
CA ALA Z 573 -160.24 165.31 63.54
C ALA Z 573 -160.37 165.45 65.08
N ALA Z 574 -161.62 165.45 65.53
CA ALA Z 574 -161.97 165.69 66.92
C ALA Z 574 -161.66 164.51 67.85
N GLY Z 575 -160.72 164.74 68.76
CA GLY Z 575 -160.84 164.35 70.17
C GLY Z 575 -160.06 163.10 70.58
N PHE Z 576 -159.09 163.28 71.49
CA PHE Z 576 -158.44 162.16 72.15
C PHE Z 576 -158.08 162.45 73.60
N SER Z 577 -158.27 161.44 74.44
CA SER Z 577 -157.84 161.35 75.83
C SER Z 577 -157.56 159.87 76.13
N ASN Z 578 -156.29 159.46 76.17
CA ASN Z 578 -155.67 158.69 77.26
C ASN Z 578 -154.29 158.11 76.89
N THR Z 579 -153.34 158.33 77.81
CA THR Z 579 -152.09 157.58 78.07
C THR Z 579 -151.04 157.44 76.95
N SER Z 580 -149.84 157.96 77.24
CA SER Z 580 -148.61 157.83 76.47
C SER Z 580 -148.22 156.37 76.20
N LEU Z 581 -148.51 155.86 75.00
CA LEU Z 581 -147.86 154.67 74.47
C LEU Z 581 -146.57 155.08 73.73
N ILE Z 582 -145.47 154.47 74.13
CA ILE Z 582 -144.12 154.69 73.60
C ILE Z 582 -144.14 154.51 72.06
N LEU Z 583 -143.56 155.47 71.31
CA LEU Z 583 -143.46 155.50 69.82
C LEU Z 583 -143.20 154.14 69.13
N LEU Z 584 -142.53 153.21 69.80
CA LEU Z 584 -142.28 151.86 69.29
C LEU Z 584 -143.58 151.05 69.10
N HIS Z 585 -144.48 151.04 70.09
CA HIS Z 585 -145.78 150.35 69.95
C HIS Z 585 -146.63 150.99 68.84
N GLN Z 586 -146.55 152.32 68.67
CA GLN Z 586 -147.26 153.01 67.59
C GLN Z 586 -146.79 152.54 66.21
N LEU Z 587 -145.47 152.39 66.00
CA LEU Z 587 -144.92 151.87 64.75
C LEU Z 587 -145.27 150.39 64.53
N GLU Z 588 -145.28 149.58 65.60
CA GLU Z 588 -145.72 148.17 65.53
C GLU Z 588 -147.20 148.03 65.17
N ASP Z 589 -148.06 148.92 65.67
CA ASP Z 589 -149.48 148.91 65.36
C ASP Z 589 -149.74 149.38 63.91
N LYS Z 590 -149.02 150.40 63.42
CA LYS Z 590 -149.00 150.77 62.00
C LYS Z 590 -148.59 149.60 61.10
N MET Z 591 -147.55 148.84 61.49
CA MET Z 591 -147.14 147.62 60.78
C MET Z 591 -148.25 146.57 60.73
N LYS Z 592 -148.90 146.30 61.86
CA LYS Z 592 -150.01 145.33 61.92
C LYS Z 592 -151.16 145.75 61.03
N ALA Z 593 -151.59 147.00 61.09
CA ALA Z 593 -152.69 147.47 60.26
C ALA Z 593 -152.35 147.51 58.78
N HIS Z 594 -151.12 147.90 58.41
CA HIS Z 594 -150.66 147.76 57.03
C HIS Z 594 -150.68 146.29 56.57
N SER Z 595 -150.27 145.35 57.42
CA SER Z 595 -150.35 143.92 57.09
C SER Z 595 -151.80 143.43 56.92
N PHE Z 596 -152.72 143.85 57.79
CA PHE Z 596 -154.15 143.55 57.64
C PHE Z 596 -154.75 144.16 56.38
N PHE Z 597 -154.30 145.35 55.96
CA PHE Z 597 -154.73 145.96 54.71
C PHE Z 597 -154.27 145.16 53.50
N VAL Z 598 -153.02 144.68 53.49
CA VAL Z 598 -152.53 143.79 52.44
C VAL Z 598 -153.31 142.46 52.43
N ASP Z 599 -153.58 141.87 53.59
CA ASP Z 599 -154.38 140.63 53.70
C ASP Z 599 -155.84 140.84 53.22
N PHE Z 600 -156.44 141.99 53.54
CA PHE Z 600 -157.74 142.41 53.02
C PHE Z 600 -157.75 142.40 51.50
N LEU Z 601 -156.79 143.09 50.86
CA LEU Z 601 -156.70 143.18 49.39
C LEU Z 601 -156.59 141.80 48.72
N HIS Z 602 -155.86 140.87 49.33
CA HIS Z 602 -155.79 139.49 48.85
C HIS Z 602 -157.12 138.75 49.03
N GLN Z 603 -157.72 138.84 50.21
CA GLN Z 603 -158.95 138.12 50.54
C GLN Z 603 -160.12 138.55 49.67
N VAL Z 604 -160.20 139.84 49.31
CA VAL Z 604 -161.27 140.36 48.45
C VAL Z 604 -160.99 140.25 46.95
N GLY Z 605 -159.80 139.75 46.57
CA GLY Z 605 -159.40 139.60 45.17
C GLY Z 605 -159.02 140.90 44.46
N LEU Z 606 -158.84 142.01 45.17
CA LEU Z 606 -158.39 143.27 44.58
C LEU Z 606 -156.87 143.28 44.29
N PHE Z 607 -156.08 142.48 45.01
CA PHE Z 607 -154.62 142.49 44.87
C PHE Z 607 -154.14 142.12 43.46
N SER Z 608 -154.81 141.18 42.80
CA SER Z 608 -154.50 140.76 41.42
C SER Z 608 -154.89 141.79 40.36
N ARG Z 609 -155.75 142.76 40.70
CA ARG Z 609 -156.19 143.86 39.84
C ARG Z 609 -155.27 145.09 39.90
N LEU Z 610 -154.35 145.15 40.87
CA LEU Z 610 -153.42 146.26 41.03
C LEU Z 610 -152.42 146.34 39.86
N SER Z 611 -152.32 147.52 39.26
CA SER Z 611 -151.45 147.81 38.13
C SER Z 611 -150.30 148.71 38.54
N THR Z 612 -150.34 150.00 38.20
CA THR Z 612 -149.27 150.97 38.44
C THR Z 612 -149.81 152.26 39.02
N CYS Z 613 -149.02 152.89 39.89
CA CYS Z 613 -149.30 154.20 40.45
C CYS Z 613 -148.13 155.15 40.13
N GLN Z 614 -148.43 156.42 39.87
CA GLN Z 614 -147.41 157.44 39.67
C GLN Z 614 -146.96 158.01 41.02
N THR Z 615 -145.71 157.75 41.41
CA THR Z 615 -145.10 158.29 42.64
C THR Z 615 -143.85 159.09 42.30
N LYS Z 616 -143.78 160.35 42.77
CA LYS Z 616 -142.65 161.29 42.53
C LYS Z 616 -142.25 161.41 41.04
N GLY Z 617 -143.22 161.33 40.14
CA GLY Z 617 -143.02 161.45 38.68
C GLY Z 617 -142.65 160.16 37.96
N MET Z 618 -142.38 159.05 38.67
CA MET Z 618 -142.10 157.73 38.10
C MET Z 618 -143.32 156.82 38.23
N LEU Z 619 -143.52 155.93 37.25
CA LEU Z 619 -144.53 154.87 37.33
C LEU Z 619 -143.94 153.69 38.10
N VAL Z 620 -144.61 153.29 39.18
CA VAL Z 620 -144.21 152.17 40.03
C VAL Z 620 -145.38 151.20 40.15
N ALA Z 621 -145.13 149.90 40.17
CA ALA Z 621 -146.17 148.92 40.43
C ALA Z 621 -146.75 149.14 41.84
N THR Z 622 -148.06 149.31 41.96
CA THR Z 622 -148.73 149.64 43.25
C THR Z 622 -148.44 148.57 44.30
N ARG Z 623 -148.35 147.30 43.88
CA ARG Z 623 -147.97 146.17 44.75
C ARG Z 623 -146.60 146.33 45.39
N LEU Z 624 -145.62 146.82 44.61
CA LEU Z 624 -144.27 147.06 45.11
C LEU Z 624 -144.24 148.28 46.02
N LEU Z 625 -145.03 149.32 45.74
CA LEU Z 625 -145.20 150.46 46.62
C LEU Z 625 -145.74 150.07 48.01
N LEU Z 626 -146.71 149.15 48.07
CA LEU Z 626 -147.17 148.56 49.33
C LEU Z 626 -146.05 147.81 50.07
N SER Z 627 -145.18 147.10 49.34
CA SER Z 627 -143.98 146.49 49.94
C SER Z 627 -143.03 147.55 50.50
N GLU Z 628 -142.79 148.64 49.76
CA GLU Z 628 -141.93 149.74 50.22
C GLU Z 628 -142.46 150.39 51.50
N HIS Z 629 -143.77 150.60 51.62
CA HIS Z 629 -144.38 151.15 52.83
C HIS Z 629 -144.14 150.28 54.07
N ALA Z 630 -144.27 148.96 53.91
CA ALA Z 630 -143.95 148.01 54.98
C ALA Z 630 -142.44 147.94 55.27
N GLU Z 631 -141.57 148.05 54.26
CA GLU Z 631 -140.13 148.14 54.45
C GLU Z 631 -139.73 149.40 55.24
N LYS Z 632 -140.32 150.56 54.92
CA LYS Z 632 -140.09 151.82 55.63
C LYS Z 632 -140.56 151.76 57.08
N LEU Z 633 -141.71 151.15 57.36
CA LEU Z 633 -142.15 150.88 58.74
C LEU Z 633 -141.17 149.99 59.48
N SER Z 634 -140.65 148.94 58.83
CA SER Z 634 -139.67 148.04 59.45
C SER Z 634 -138.36 148.78 59.78
N ALA Z 635 -137.89 149.63 58.86
CA ALA Z 635 -136.74 150.49 59.07
C ALA Z 635 -136.98 151.52 60.20
N ALA Z 636 -138.20 152.09 60.29
CA ALA Z 636 -138.59 153.02 61.34
C ALA Z 636 -138.49 152.39 62.74
N ILE Z 637 -138.97 151.15 62.90
CA ILE Z 637 -138.90 150.40 64.16
C ILE Z 637 -137.44 150.22 64.60
N VAL Z 638 -136.55 149.87 63.65
CA VAL Z 638 -135.10 149.73 63.92
C VAL Z 638 -134.47 151.07 64.31
N LEU Z 639 -134.78 152.15 63.58
CA LEU Z 639 -134.31 153.49 63.92
C LEU Z 639 -134.77 153.90 65.32
N LYS Z 640 -136.00 153.56 65.71
CA LYS Z 640 -136.52 153.86 67.06
C LYS Z 640 -135.81 153.07 68.16
N ASN Z 641 -135.41 151.83 67.89
CA ASN Z 641 -134.59 151.02 68.78
C ASN Z 641 -133.17 151.60 68.96
N HIS Z 642 -132.58 152.11 67.88
CA HIS Z 642 -131.30 152.83 67.95
C HIS Z 642 -131.41 154.19 68.63
N HIS Z 643 -132.54 154.90 68.44
CA HIS Z 643 -132.83 156.14 69.15
C HIS Z 643 -132.77 155.96 70.67
N ALA Z 644 -133.22 154.80 71.19
CA ALA Z 644 -133.12 154.50 72.63
C ALA Z 644 -131.67 154.31 73.13
N LYS Z 645 -130.76 153.86 72.26
CA LYS Z 645 -129.34 153.61 72.60
C LYS Z 645 -128.45 154.85 72.37
N LEU Z 646 -128.72 155.60 71.31
CA LEU Z 646 -127.91 156.73 70.84
C LEU Z 646 -128.77 157.99 70.65
N PRO Z 647 -129.33 158.55 71.73
CA PRO Z 647 -130.32 159.63 71.62
C PRO Z 647 -129.74 160.93 71.05
N VAL Z 648 -128.48 161.25 71.33
CA VAL Z 648 -127.87 162.52 70.88
C VAL Z 648 -127.74 162.55 69.35
N LEU Z 649 -127.13 161.52 68.77
CA LEU Z 649 -126.92 161.40 67.33
C LEU Z 649 -128.26 161.38 66.56
N VAL Z 650 -129.19 160.53 66.99
CA VAL Z 650 -130.46 160.34 66.30
C VAL Z 650 -131.35 161.59 66.41
N ASN Z 651 -131.41 162.26 67.57
CA ASN Z 651 -132.19 163.49 67.69
C ASN Z 651 -131.62 164.62 66.83
N SER Z 652 -130.29 164.76 66.73
CA SER Z 652 -129.68 165.75 65.82
C SER Z 652 -130.02 165.46 64.36
N ALA Z 653 -129.94 164.20 63.92
CA ALA Z 653 -130.30 163.82 62.57
C ALA Z 653 -131.80 164.04 62.29
N ILE Z 654 -132.68 163.74 63.26
CA ILE Z 654 -134.12 164.00 63.16
C ILE Z 654 -134.40 165.51 63.00
N GLN Z 655 -133.74 166.37 63.79
CA GLN Z 655 -133.92 167.82 63.65
C GLN Z 655 -133.50 168.33 62.27
N LEU Z 656 -132.33 167.89 61.78
CA LEU Z 656 -131.89 168.21 60.41
C LEU Z 656 -132.88 167.73 59.35
N ALA Z 657 -133.49 166.56 59.55
CA ALA Z 657 -134.51 166.04 58.63
C ALA Z 657 -135.79 166.89 58.65
N LEU Z 658 -136.23 167.34 59.82
CA LEU Z 658 -137.40 168.23 59.96
C LEU Z 658 -137.12 169.63 59.38
N ASP Z 659 -135.92 170.15 59.59
CA ASP Z 659 -135.47 171.44 59.02
C ASP Z 659 -135.47 171.38 57.48
N LYS Z 660 -134.97 170.29 56.89
CA LYS Z 660 -135.04 170.07 55.42
C LYS Z 660 -136.49 169.95 54.93
N ARG Z 661 -137.39 169.39 55.72
CA ARG Z 661 -138.84 169.33 55.44
C ARG Z 661 -139.56 170.66 55.65
N MET Z 662 -138.90 171.68 56.20
CA MET Z 662 -139.53 172.95 56.62
C MET Z 662 -140.69 172.73 57.61
N CYS Z 663 -140.60 171.69 58.46
CA CYS Z 663 -141.63 171.31 59.41
C CYS Z 663 -141.34 171.94 60.78
N THR Z 664 -142.33 172.62 61.37
CA THR Z 664 -142.20 173.19 62.72
C THR Z 664 -142.66 172.17 63.75
N VAL Z 665 -141.86 171.98 64.80
CA VAL Z 665 -142.20 171.08 65.91
C VAL Z 665 -143.14 171.82 66.88
N PRO Z 666 -144.38 171.32 67.09
CA PRO Z 666 -145.28 171.89 68.09
C PRO Z 666 -144.68 171.82 69.50
N GLN Z 667 -144.97 172.80 70.36
CA GLN Z 667 -144.35 172.90 71.70
C GLN Z 667 -144.68 171.72 72.63
N ASN Z 668 -145.78 171.01 72.37
CA ASN Z 668 -146.26 169.86 73.12
C ASN Z 668 -145.67 168.51 72.65
N LEU Z 669 -145.00 168.49 71.49
CA LEU Z 669 -144.43 167.29 70.87
C LEU Z 669 -142.91 167.36 70.82
N THR Z 670 -142.28 166.18 70.84
CA THR Z 670 -140.84 166.09 70.53
C THR Z 670 -140.65 166.00 69.02
N ALA Z 671 -139.47 166.42 68.53
CA ALA Z 671 -139.12 166.25 67.13
C ALA Z 671 -139.18 164.79 66.67
N ALA Z 672 -138.87 163.85 67.56
CA ALA Z 672 -139.03 162.42 67.28
C ALA Z 672 -140.49 162.04 67.06
N ASP Z 673 -141.42 162.58 67.85
CA ASP Z 673 -142.86 162.34 67.65
C ASP Z 673 -143.28 162.80 66.24
N VAL Z 674 -142.88 164.01 65.84
CA VAL Z 674 -143.20 164.58 64.51
C VAL Z 674 -142.58 163.76 63.37
N TYR Z 675 -141.32 163.33 63.53
CA TYR Z 675 -140.62 162.59 62.48
C TYR Z 675 -141.17 161.16 62.28
N PHE Z 676 -141.42 160.42 63.38
CA PHE Z 676 -141.97 159.06 63.30
C PHE Z 676 -143.46 159.01 62.93
N ARG Z 677 -144.14 160.16 62.86
CA ARG Z 677 -145.47 160.25 62.24
C ARG Z 677 -145.39 159.92 60.76
N GLU Z 678 -144.57 160.65 60.00
CA GLU Z 678 -144.46 160.53 58.53
C GLU Z 678 -143.39 159.50 58.12
N VAL Z 679 -143.75 158.22 58.25
CA VAL Z 679 -142.88 157.10 57.89
C VAL Z 679 -142.68 157.01 56.37
N SER Z 680 -143.61 157.52 55.56
CA SER Z 680 -143.51 157.56 54.09
C SER Z 680 -142.23 158.25 53.59
N GLN Z 681 -141.65 159.16 54.39
CA GLN Z 681 -140.44 159.92 54.08
C GLN Z 681 -139.20 159.49 54.88
N MET Z 682 -139.17 158.23 55.33
CA MET Z 682 -138.06 157.66 56.13
C MET Z 682 -136.70 157.79 55.43
N GLU Z 683 -136.64 157.83 54.10
CA GLU Z 683 -135.37 157.92 53.35
C GLU Z 683 -134.51 159.16 53.71
N ILE Z 684 -135.13 160.27 54.15
CA ILE Z 684 -134.42 161.54 54.40
C ILE Z 684 -133.40 161.42 55.54
N ILE Z 685 -133.64 160.55 56.54
CA ILE Z 685 -132.74 160.42 57.70
C ILE Z 685 -131.36 159.87 57.32
N PHE Z 686 -131.26 159.10 56.24
CA PHE Z 686 -129.99 158.53 55.78
C PHE Z 686 -129.00 159.63 55.42
N GLU Z 687 -129.45 160.61 54.64
CA GLU Z 687 -128.65 161.77 54.26
C GLU Z 687 -128.31 162.62 55.51
N CYS Z 688 -129.29 162.88 56.37
CA CYS Z 688 -129.08 163.68 57.58
C CYS Z 688 -128.13 163.04 58.60
N LEU Z 689 -128.09 161.71 58.69
CA LEU Z 689 -127.14 160.98 59.54
C LEU Z 689 -125.70 161.18 59.04
N VAL Z 690 -125.46 161.09 57.74
CA VAL Z 690 -124.13 161.30 57.14
C VAL Z 690 -123.73 162.78 57.15
N ASP Z 691 -124.66 163.70 56.91
CA ASP Z 691 -124.39 165.14 57.04
C ASP Z 691 -123.98 165.50 58.48
N LYS Z 692 -124.64 164.90 59.48
CA LYS Z 692 -124.31 165.06 60.89
C LYS Z 692 -122.96 164.42 61.23
N GLU Z 693 -122.69 163.23 60.69
CA GLU Z 693 -121.39 162.58 60.81
C GLU Z 693 -120.28 163.48 60.29
N GLU Z 694 -120.36 163.95 59.05
CA GLU Z 694 -119.35 164.82 58.46
C GLU Z 694 -119.10 166.08 59.31
N ALA Z 695 -120.16 166.74 59.79
CA ALA Z 695 -120.05 167.90 60.68
C ALA Z 695 -119.37 167.56 62.03
N ASP Z 696 -119.65 166.39 62.60
CA ASP Z 696 -119.01 165.95 63.84
C ASP Z 696 -117.54 165.55 63.63
N LEU Z 697 -117.21 164.96 62.48
CA LEU Z 697 -115.85 164.62 62.10
C LEU Z 697 -114.99 165.85 61.78
N GLU Z 698 -115.58 166.95 61.31
CA GLU Z 698 -114.88 168.24 61.10
C GLU Z 698 -114.48 168.92 62.42
N SER Z 699 -115.31 168.79 63.46
CA SER Z 699 -115.07 169.41 64.76
C SER Z 699 -114.20 168.56 65.70
N THR Z 700 -114.15 167.24 65.46
CA THR Z 700 -113.46 166.28 66.32
C THR Z 700 -112.06 165.98 65.77
N SER Z 701 -111.03 165.96 66.63
CA SER Z 701 -109.68 165.59 66.21
C SER Z 701 -109.61 164.11 65.81
N ILE Z 702 -108.96 163.84 64.68
CA ILE Z 702 -108.74 162.51 64.09
C ILE Z 702 -108.17 161.47 65.08
N ASP Z 703 -107.30 161.87 66.00
CA ASP Z 703 -106.63 160.96 66.94
C ASP Z 703 -107.53 160.50 68.12
N SER Z 704 -108.80 160.94 68.18
CA SER Z 704 -109.70 160.60 69.28
C SER Z 704 -110.45 159.28 69.03
N VAL Z 705 -110.64 158.50 70.11
CA VAL Z 705 -111.48 157.29 70.08
C VAL Z 705 -112.95 157.64 69.80
N GLU Z 706 -113.37 158.85 70.19
CA GLU Z 706 -114.72 159.38 69.92
C GLU Z 706 -114.97 159.50 68.41
N TRP Z 707 -113.97 159.92 67.64
CA TRP Z 707 -114.04 160.05 66.19
C TRP Z 707 -114.39 158.72 65.51
N ALA Z 708 -113.70 157.62 65.88
CA ALA Z 708 -114.00 156.29 65.35
C ALA Z 708 -115.38 155.76 65.79
N ASN Z 709 -115.79 156.06 67.04
CA ASN Z 709 -117.09 155.64 67.56
C ASN Z 709 -118.25 156.31 66.83
N ILE Z 710 -118.11 157.57 66.41
CA ILE Z 710 -119.14 158.27 65.61
C ILE Z 710 -119.40 157.50 64.30
N VAL Z 711 -118.34 157.17 63.57
CA VAL Z 711 -118.42 156.42 62.30
C VAL Z 711 -119.04 155.03 62.51
N VAL Z 712 -118.60 154.30 63.53
CA VAL Z 712 -119.13 152.97 63.86
C VAL Z 712 -120.62 153.04 64.22
N ASN Z 713 -121.05 154.06 64.95
CA ASN Z 713 -122.44 154.26 65.34
C ASN Z 713 -123.34 154.56 64.15
N VAL Z 714 -122.95 155.50 63.28
CA VAL Z 714 -123.72 155.86 62.07
C VAL Z 714 -123.81 154.65 61.14
N ASN Z 715 -122.69 153.96 60.88
CA ASN Z 715 -122.66 152.73 60.09
C ASN Z 715 -123.61 151.66 60.64
N THR Z 716 -123.67 151.49 61.96
CA THR Z 716 -124.54 150.49 62.59
C THR Z 716 -126.01 150.82 62.33
N ILE Z 717 -126.40 152.09 62.47
CA ILE Z 717 -127.77 152.54 62.20
C ILE Z 717 -128.13 152.32 60.72
N LEU Z 718 -127.28 152.79 59.79
CA LEU Z 718 -127.51 152.64 58.35
C LEU Z 718 -127.62 151.17 57.95
N LYS Z 719 -126.67 150.34 58.41
CA LYS Z 719 -126.63 148.90 58.14
C LYS Z 719 -127.89 148.19 58.66
N ASP Z 720 -128.29 148.45 59.89
CA ASP Z 720 -129.41 147.74 60.52
C ASP Z 720 -130.75 148.15 59.90
N MET Z 721 -130.93 149.44 59.56
CA MET Z 721 -132.12 149.91 58.85
C MET Z 721 -132.24 149.28 57.45
N LEU Z 722 -131.15 149.27 56.67
CA LEU Z 722 -131.12 148.62 55.35
C LEU Z 722 -131.31 147.11 55.45
N HIS Z 723 -130.69 146.47 56.44
CA HIS Z 723 -130.81 145.04 56.67
C HIS Z 723 -132.25 144.61 56.84
N VAL Z 724 -132.99 145.29 57.72
CA VAL Z 724 -134.37 144.92 58.02
C VAL Z 724 -135.31 145.22 56.85
N ALA Z 725 -135.08 146.29 56.10
CA ALA Z 725 -135.82 146.57 54.87
C ALA Z 725 -135.62 145.44 53.83
N CYS Z 726 -134.36 145.08 53.54
CA CYS Z 726 -134.04 144.00 52.60
C CYS Z 726 -134.54 142.64 53.09
N GLN Z 727 -134.45 142.36 54.40
CA GLN Z 727 -134.95 141.12 55.00
C GLN Z 727 -136.48 141.02 54.87
N TYR Z 728 -137.20 142.12 55.09
CA TYR Z 728 -138.66 142.17 54.88
C TYR Z 728 -138.98 141.82 53.42
N ARG Z 729 -138.34 142.51 52.47
CA ARG Z 729 -138.51 142.27 51.03
C ARG Z 729 -138.29 140.80 50.65
N GLN Z 730 -137.20 140.20 51.13
CA GLN Z 730 -136.86 138.81 50.83
C GLN Z 730 -137.82 137.81 51.47
N SER Z 731 -138.21 138.03 52.73
CA SER Z 731 -139.09 137.12 53.48
C SER Z 731 -140.55 137.19 53.03
N LYS Z 732 -141.01 138.35 52.56
CA LYS Z 732 -142.39 138.61 52.13
C LYS Z 732 -142.56 138.72 50.62
N ASN Z 733 -141.53 138.41 49.82
CA ASN Z 733 -141.58 138.48 48.36
C ASN Z 733 -142.78 137.73 47.75
N SER Z 734 -143.16 136.59 48.31
CA SER Z 734 -144.31 135.81 47.84
C SER Z 734 -145.65 136.54 48.00
N LEU Z 735 -145.78 137.42 49.01
CA LEU Z 735 -147.00 138.19 49.29
C LEU Z 735 -147.21 139.32 48.27
N TYR Z 736 -146.14 139.82 47.64
CA TYR Z 736 -146.22 140.92 46.68
C TYR Z 736 -145.99 140.47 45.23
N LYS Z 737 -145.98 139.16 45.00
CA LYS Z 737 -145.69 138.57 43.71
C LYS Z 737 -146.77 138.92 42.69
N ASN Z 738 -146.36 139.19 41.46
CA ASN Z 738 -147.24 139.33 40.33
C ASN Z 738 -147.86 137.98 39.94
N GLU Z 739 -149.17 137.84 40.13
CA GLU Z 739 -149.94 136.66 39.70
C GLU Z 739 -150.56 136.84 38.31
N SER Z 740 -150.84 138.07 37.89
CA SER Z 740 -151.56 138.37 36.64
C SER Z 740 -150.68 138.21 35.39
N GLY Z 741 -149.36 138.16 35.54
CA GLY Z 741 -148.42 138.03 34.43
C GLY Z 741 -148.29 139.29 33.57
N ILE Z 742 -148.90 140.39 34.01
CA ILE Z 742 -148.79 141.70 33.35
C ILE Z 742 -147.36 142.22 33.48
N GLN Z 743 -146.82 142.78 32.41
CA GLN Z 743 -145.48 143.39 32.42
C GLN Z 743 -145.47 144.62 33.34
N GLU Z 744 -144.58 144.61 34.33
CA GLU Z 744 -144.39 145.71 35.27
C GLU Z 744 -143.34 146.72 34.78
N PRO Z 745 -143.45 147.99 35.22
CA PRO Z 745 -142.39 148.96 35.01
C PRO Z 745 -141.10 148.59 35.77
N GLU Z 746 -140.00 149.27 35.41
CA GLU Z 746 -138.71 149.17 36.11
C GLU Z 746 -138.90 149.38 37.62
N HIS Z 747 -138.54 148.38 38.42
CA HIS Z 747 -138.60 148.47 39.87
C HIS Z 747 -137.31 149.05 40.41
N VAL Z 748 -137.41 150.25 40.98
CA VAL Z 748 -136.33 150.92 41.70
C VAL Z 748 -136.71 150.94 43.17
N PRO Z 749 -136.21 150.01 44.01
CA PRO Z 749 -136.50 150.03 45.44
C PRO Z 749 -136.13 151.38 46.05
N TRP Z 750 -136.85 151.84 47.07
CA TRP Z 750 -136.49 153.08 47.78
C TRP Z 750 -135.05 153.07 48.34
N THR Z 751 -134.54 151.89 48.74
CA THR Z 751 -133.14 151.66 49.14
C THR Z 751 -132.13 151.92 48.01
N ALA Z 752 -132.60 151.85 46.76
CA ALA Z 752 -131.86 152.12 45.53
C ALA Z 752 -132.04 153.56 45.01
N SER Z 753 -132.65 154.46 45.79
CA SER Z 753 -132.91 155.83 45.37
C SER Z 753 -131.65 156.55 44.88
N SER Z 754 -131.79 157.18 43.71
CA SER Z 754 -130.72 157.93 43.03
C SER Z 754 -130.88 159.44 43.26
N GLY Z 755 -129.79 160.20 43.09
CA GLY Z 755 -129.74 161.65 43.33
C GLY Z 755 -128.84 162.03 44.51
N THR Z 756 -128.62 163.33 44.74
CA THR Z 756 -127.70 163.81 45.79
C THR Z 756 -128.09 163.38 47.20
N ALA Z 757 -129.40 163.33 47.47
CA ALA Z 757 -129.99 162.84 48.71
C ALA Z 757 -130.43 161.36 48.67
N GLY Z 758 -130.15 160.65 47.55
CA GLY Z 758 -130.53 159.25 47.39
C GLY Z 758 -129.63 158.31 48.20
N ILE Z 759 -130.17 157.16 48.61
CA ILE Z 759 -129.47 156.21 49.48
C ILE Z 759 -128.19 155.67 48.85
N ARG Z 760 -128.15 155.50 47.52
CA ARG Z 760 -126.91 155.11 46.81
C ARG Z 760 -125.79 156.12 47.02
N SER Z 761 -126.11 157.41 46.96
CA SER Z 761 -125.17 158.50 47.20
C SER Z 761 -124.73 158.55 48.65
N VAL Z 762 -125.66 158.34 49.59
CA VAL Z 762 -125.36 158.25 51.03
C VAL Z 762 -124.38 157.12 51.32
N VAL Z 763 -124.64 155.91 50.82
CA VAL Z 763 -123.74 154.76 51.02
C VAL Z 763 -122.39 154.98 50.36
N THR Z 764 -122.34 155.63 49.19
CA THR Z 764 -121.08 155.97 48.51
C THR Z 764 -120.27 157.02 49.28
N ARG Z 765 -120.93 158.06 49.84
CA ARG Z 765 -120.30 159.03 50.76
C ARG Z 765 -119.74 158.31 51.99
N GLN Z 766 -120.52 157.41 52.57
CA GLN Z 766 -120.10 156.65 53.74
C GLN Z 766 -118.92 155.72 53.47
N HIS Z 767 -118.89 155.07 52.30
CA HIS Z 767 -117.73 154.31 51.84
C HIS Z 767 -116.47 155.17 51.79
N GLY Z 768 -116.57 156.40 51.26
CA GLY Z 768 -115.48 157.36 51.24
C GLY Z 768 -115.01 157.79 52.65
N ILE Z 769 -115.94 157.99 53.59
CA ILE Z 769 -115.62 158.33 54.99
C ILE Z 769 -114.90 157.16 55.67
N ILE Z 770 -115.42 155.94 55.56
CA ILE Z 770 -114.82 154.73 56.16
C ILE Z 770 -113.38 154.52 55.63
N LEU Z 771 -113.14 154.74 54.34
CA LEU Z 771 -111.80 154.58 53.77
C LEU Z 771 -110.81 155.65 54.26
N LYS Z 772 -111.27 156.86 54.59
CA LYS Z 772 -110.42 157.88 55.22
C LYS Z 772 -110.04 157.50 56.66
N VAL Z 773 -110.96 156.85 57.37
CA VAL Z 773 -110.82 156.40 58.77
C VAL Z 773 -109.90 155.17 58.89
N TYR Z 774 -109.98 154.26 57.91
CA TYR Z 774 -109.38 152.93 57.99
C TYR Z 774 -107.88 152.90 58.35
N PRO Z 775 -107.00 153.75 57.76
CA PRO Z 775 -105.56 153.74 58.08
C PRO Z 775 -105.27 154.12 59.54
N GLN Z 776 -106.11 154.94 60.16
CA GLN Z 776 -105.92 155.47 61.52
C GLN Z 776 -106.49 154.54 62.59
N ALA Z 777 -107.46 153.71 62.24
CA ALA Z 777 -108.10 152.76 63.16
C ALA Z 777 -107.13 151.67 63.66
N ASP Z 778 -107.36 151.18 64.88
CA ASP Z 778 -106.66 150.02 65.44
C ASP Z 778 -107.11 148.70 64.77
N SER Z 779 -106.48 147.57 65.11
CA SER Z 779 -106.82 146.28 64.49
C SER Z 779 -108.27 145.84 64.74
N GLY Z 780 -108.85 146.15 65.91
CA GLY Z 780 -110.21 145.74 66.27
C GLY Z 780 -111.26 146.56 65.53
N LEU Z 781 -111.11 147.89 65.54
CA LEU Z 781 -111.94 148.84 64.82
C LEU Z 781 -111.85 148.62 63.30
N ARG Z 782 -110.67 148.29 62.75
CA ARG Z 782 -110.54 147.93 61.34
C ARG Z 782 -111.41 146.74 60.95
N THR Z 783 -111.51 145.72 61.80
CA THR Z 783 -112.40 144.57 61.53
C THR Z 783 -113.86 144.98 61.54
N ILE Z 784 -114.29 145.78 62.53
CA ILE Z 784 -115.67 146.27 62.64
C ILE Z 784 -116.04 147.14 61.43
N LEU Z 785 -115.17 148.09 61.06
CA LEU Z 785 -115.40 148.99 59.93
C LEU Z 785 -115.49 148.24 58.60
N ILE Z 786 -114.67 147.20 58.40
CA ILE Z 786 -114.71 146.40 57.16
C ILE Z 786 -115.95 145.52 57.11
N GLU Z 787 -116.37 144.95 58.24
CA GLU Z 787 -117.63 144.21 58.30
C GLU Z 787 -118.82 145.12 57.96
N GLN Z 788 -118.87 146.31 58.57
CA GLN Z 788 -119.90 147.32 58.28
C GLN Z 788 -119.85 147.78 56.81
N LEU Z 789 -118.67 148.07 56.28
CA LEU Z 789 -118.47 148.44 54.89
C LEU Z 789 -118.96 147.34 53.94
N ALA Z 790 -118.58 146.09 54.19
CA ALA Z 790 -119.00 144.96 53.38
C ALA Z 790 -120.52 144.78 53.41
N ALA Z 791 -121.16 144.99 54.56
CA ALA Z 791 -122.62 144.94 54.68
C ALA Z 791 -123.30 146.07 53.89
N LEU Z 792 -122.83 147.32 53.98
CA LEU Z 792 -123.37 148.45 53.23
C LEU Z 792 -123.19 148.26 51.71
N LEU Z 793 -122.01 147.79 51.28
CA LEU Z 793 -121.75 147.45 49.88
C LEU Z 793 -122.63 146.31 49.38
N ASN Z 794 -122.87 145.31 50.22
CA ASN Z 794 -123.79 144.23 49.89
C ASN Z 794 -125.19 144.79 49.60
N TYR Z 795 -125.75 145.66 50.44
CA TYR Z 795 -127.08 146.24 50.15
C TYR Z 795 -127.10 147.07 48.87
N LEU Z 796 -126.11 147.93 48.66
CA LEU Z 796 -126.02 148.77 47.46
C LEU Z 796 -125.94 147.92 46.17
N LEU Z 797 -125.13 146.86 46.16
CA LEU Z 797 -125.00 145.97 45.00
C LEU Z 797 -126.25 145.08 44.82
N ASP Z 798 -126.88 144.63 45.90
CA ASP Z 798 -128.15 143.87 45.86
C ASP Z 798 -129.27 144.70 45.21
N ASP Z 799 -129.31 145.98 45.51
CA ASP Z 799 -130.27 146.93 44.94
C ASP Z 799 -130.06 147.15 43.44
N TYR Z 800 -128.81 147.26 42.97
CA TYR Z 800 -128.51 147.28 41.51
C TYR Z 800 -128.96 145.98 40.83
N VAL Z 801 -128.70 144.82 41.43
CA VAL Z 801 -129.12 143.53 40.88
C VAL Z 801 -130.64 143.41 40.85
N THR Z 802 -131.33 143.89 41.88
CA THR Z 802 -132.80 143.90 41.94
C THR Z 802 -133.39 144.77 40.83
N GLN Z 803 -132.82 145.96 40.62
CA GLN Z 803 -133.22 146.85 39.52
C GLN Z 803 -132.96 146.22 38.15
N LEU Z 804 -131.77 145.65 37.92
CA LEU Z 804 -131.42 144.98 36.66
C LEU Z 804 -132.33 143.79 36.34
N LYS Z 805 -132.76 143.03 37.36
CA LYS Z 805 -133.72 141.92 37.19
C LYS Z 805 -135.12 142.38 36.81
N SER Z 806 -135.50 143.62 37.16
CA SER Z 806 -136.82 144.16 36.84
C SER Z 806 -136.93 144.71 35.42
N ILE Z 807 -135.79 145.08 34.81
CA ILE Z 807 -135.77 145.62 33.45
C ILE Z 807 -135.89 144.45 32.47
N ASP Z 808 -136.90 144.52 31.61
CA ASP Z 808 -137.00 143.60 30.47
C ASP Z 808 -135.91 143.90 29.44
N LYS Z 809 -134.94 142.98 29.34
CA LYS Z 809 -133.81 143.08 28.41
C LYS Z 809 -134.25 143.20 26.94
N LEU Z 810 -135.40 142.62 26.57
CA LEU Z 810 -135.88 142.63 25.19
C LEU Z 810 -136.56 143.94 24.81
N ALA Z 811 -137.30 144.54 25.74
CA ALA Z 811 -138.04 145.77 25.49
C ALA Z 811 -137.16 147.03 25.63
N ASN Z 812 -136.20 147.03 26.56
CA ASN Z 812 -135.43 148.24 26.92
C ASN Z 812 -133.93 147.96 27.04
N GLU Z 813 -133.34 147.42 25.97
CA GLU Z 813 -131.93 147.02 25.89
C GLU Z 813 -130.96 148.17 26.20
N GLU Z 814 -131.24 149.38 25.71
CA GLU Z 814 -130.40 150.57 25.97
C GLU Z 814 -130.34 150.90 27.48
N ARG Z 815 -131.51 150.95 28.14
CA ARG Z 815 -131.58 151.22 29.58
C ARG Z 815 -130.89 150.13 30.39
N TYR Z 816 -131.08 148.86 30.03
CA TYR Z 816 -130.40 147.73 30.65
C TYR Z 816 -128.88 147.86 30.53
N ASN Z 817 -128.37 148.13 29.33
CA ASN Z 817 -126.93 148.25 29.07
C ASN Z 817 -126.29 149.43 29.82
N ILE Z 818 -126.98 150.58 29.89
CA ILE Z 818 -126.51 151.75 30.65
C ILE Z 818 -126.42 151.40 32.14
N LEU Z 819 -127.45 150.77 32.71
CA LEU Z 819 -127.46 150.40 34.12
C LEU Z 819 -126.44 149.29 34.44
N GLU Z 820 -126.26 148.32 33.54
CA GLU Z 820 -125.27 147.25 33.68
C GLU Z 820 -123.84 147.81 33.65
N MET Z 821 -123.58 148.80 32.79
CA MET Z 821 -122.30 149.53 32.76
C MET Z 821 -122.07 150.33 34.04
N GLU Z 822 -123.08 151.06 34.53
CA GLU Z 822 -123.00 151.80 35.79
C GLU Z 822 -122.73 150.85 36.97
N TYR Z 823 -123.47 149.74 37.04
CA TYR Z 823 -123.30 148.70 38.05
C TYR Z 823 -121.90 148.10 38.00
N ALA Z 824 -121.40 147.72 36.82
CA ALA Z 824 -120.05 147.16 36.67
C ALA Z 824 -118.96 148.16 37.10
N GLN Z 825 -119.11 149.43 36.71
CA GLN Z 825 -118.19 150.50 37.10
C GLN Z 825 -118.21 150.71 38.62
N LYS Z 826 -119.40 150.84 39.23
CA LYS Z 826 -119.54 151.03 40.68
C LYS Z 826 -119.08 149.83 41.48
N ARG Z 827 -119.37 148.61 41.02
CA ARG Z 827 -118.89 147.37 41.65
C ARG Z 827 -117.35 147.33 41.68
N SER Z 828 -116.69 147.65 40.57
CA SER Z 828 -115.22 147.73 40.51
C SER Z 828 -114.68 148.86 41.41
N GLU Z 829 -115.25 150.06 41.31
CA GLU Z 829 -114.86 151.24 42.11
C GLU Z 829 -114.95 150.95 43.61
N LEU Z 830 -116.04 150.35 44.07
CA LEU Z 830 -116.33 150.11 45.48
C LEU Z 830 -115.56 148.93 46.09
N LEU Z 831 -115.28 147.89 45.29
CA LEU Z 831 -114.52 146.70 45.73
C LEU Z 831 -113.00 146.90 45.64
N SER Z 832 -112.51 147.73 44.72
CA SER Z 832 -111.07 147.99 44.55
C SER Z 832 -110.33 148.38 45.85
N PRO Z 833 -110.88 149.19 46.78
CA PRO Z 833 -110.19 149.55 48.01
C PRO Z 833 -110.04 148.36 48.96
N LEU Z 834 -111.02 147.44 49.01
CA LEU Z 834 -110.90 146.22 49.82
C LEU Z 834 -109.75 145.33 49.36
N LEU Z 835 -109.51 145.29 48.04
CA LEU Z 835 -108.39 144.58 47.45
C LEU Z 835 -107.04 145.23 47.83
N ILE Z 836 -106.95 146.56 47.71
CA ILE Z 836 -105.74 147.33 48.04
C ILE Z 836 -105.39 147.22 49.53
N LEU Z 837 -106.40 147.22 50.40
CA LEU Z 837 -106.24 147.05 51.85
C LEU Z 837 -105.92 145.61 52.28
N GLY Z 838 -105.86 144.65 51.34
CA GLY Z 838 -105.53 143.25 51.61
C GLY Z 838 -106.65 142.45 52.29
N GLN Z 839 -107.89 142.95 52.32
CA GLN Z 839 -109.03 142.28 52.92
C GLN Z 839 -109.67 141.27 51.94
N TYR Z 840 -108.88 140.26 51.55
CA TYR Z 840 -109.24 139.32 50.48
C TYR Z 840 -110.49 138.50 50.79
N ALA Z 841 -110.76 138.16 52.06
CA ALA Z 841 -111.94 137.38 52.44
C ALA Z 841 -113.23 138.11 52.09
N TRP Z 842 -113.39 139.34 52.57
CA TRP Z 842 -114.57 140.19 52.31
C TRP Z 842 -114.71 140.56 50.83
N ALA Z 843 -113.61 140.99 50.19
CA ALA Z 843 -113.60 141.30 48.76
C ALA Z 843 -114.04 140.09 47.93
N SER Z 844 -113.55 138.88 48.28
CA SER Z 844 -113.92 137.67 47.56
C SER Z 844 -115.38 137.25 47.78
N ASN Z 845 -115.92 137.40 48.99
CA ASN Z 845 -117.33 137.05 49.26
C ASN Z 845 -118.28 137.95 48.48
N LEU Z 846 -118.00 139.26 48.42
CA LEU Z 846 -118.79 140.20 47.62
C LEU Z 846 -118.61 139.95 46.13
N ALA Z 847 -117.38 139.75 45.66
CA ALA Z 847 -117.10 139.48 44.26
C ALA Z 847 -117.70 138.14 43.79
N GLU Z 848 -117.72 137.10 44.62
CA GLU Z 848 -118.41 135.83 44.35
C GLU Z 848 -119.93 136.05 44.24
N LYS Z 849 -120.53 136.75 45.20
CA LYS Z 849 -121.98 137.00 45.22
C LYS Z 849 -122.45 137.84 44.03
N TYR Z 850 -121.67 138.87 43.67
CA TYR Z 850 -122.02 139.86 42.65
C TYR Z 850 -121.33 139.63 41.30
N CYS Z 851 -120.65 138.50 41.13
CA CYS Z 851 -119.98 138.07 39.91
C CYS Z 851 -118.97 139.10 39.35
N ASP Z 852 -118.11 139.64 40.22
CA ASP Z 852 -116.99 140.49 39.79
C ASP Z 852 -115.76 139.64 39.45
N PHE Z 853 -115.66 139.23 38.19
CA PHE Z 853 -114.60 138.31 37.76
C PHE Z 853 -113.20 138.92 37.83
N ASP Z 854 -113.06 140.23 37.59
CA ASP Z 854 -111.75 140.88 37.65
C ASP Z 854 -111.17 140.82 39.06
N ILE Z 855 -111.96 141.19 40.08
CA ILE Z 855 -111.53 141.11 41.48
C ILE Z 855 -111.24 139.66 41.90
N LEU Z 856 -112.06 138.69 41.47
CA LEU Z 856 -111.82 137.27 41.79
C LEU Z 856 -110.51 136.75 41.22
N VAL Z 857 -110.21 137.09 39.96
CA VAL Z 857 -108.95 136.71 39.29
C VAL Z 857 -107.77 137.41 39.96
N GLN Z 858 -107.87 138.71 40.25
CA GLN Z 858 -106.83 139.45 40.96
C GLN Z 858 -106.53 138.86 42.34
N ILE Z 859 -107.56 138.52 43.13
CA ILE Z 859 -107.38 137.86 44.43
C ILE Z 859 -106.68 136.51 44.27
N CYS Z 860 -107.12 135.66 43.34
CA CYS Z 860 -106.49 134.36 43.12
C CYS Z 860 -105.03 134.48 42.70
N GLU Z 861 -104.69 135.50 41.89
CA GLU Z 861 -103.33 135.76 41.46
C GLU Z 861 -102.46 136.38 42.56
N MET Z 862 -102.99 137.27 43.39
CA MET Z 862 -102.26 137.86 44.52
C MET Z 862 -102.02 136.86 45.66
N THR Z 863 -102.95 135.90 45.84
CA THR Z 863 -102.86 134.85 46.88
C THR Z 863 -102.23 133.55 46.37
N ASP Z 864 -101.85 133.49 45.08
CA ASP Z 864 -101.39 132.29 44.36
C ASP Z 864 -102.28 131.04 44.58
N ASN Z 865 -103.59 131.26 44.70
CA ASN Z 865 -104.55 130.22 45.05
C ASN Z 865 -105.19 129.59 43.80
N GLN Z 866 -104.44 128.68 43.17
CA GLN Z 866 -104.89 128.00 41.95
C GLN Z 866 -106.12 127.10 42.17
N SER Z 867 -106.26 126.46 43.34
CA SER Z 867 -107.41 125.61 43.62
C SER Z 867 -108.72 126.40 43.68
N ARG Z 868 -108.66 127.62 44.25
CA ARG Z 868 -109.80 128.54 44.27
C ARG Z 868 -110.17 129.02 42.86
N LEU Z 869 -109.18 129.32 42.03
CA LEU Z 869 -109.41 129.71 40.64
C LEU Z 869 -110.11 128.60 39.84
N GLN Z 870 -109.64 127.35 39.99
CA GLN Z 870 -110.28 126.20 39.33
C GLN Z 870 -111.72 125.99 39.81
N ARG Z 871 -111.99 126.19 41.11
CA ARG Z 871 -113.36 126.16 41.65
C ARG Z 871 -114.25 127.20 40.98
N TYR Z 872 -113.75 128.40 40.71
CA TYR Z 872 -114.53 129.44 39.99
C TYR Z 872 -114.78 129.10 38.54
N MET Z 873 -113.82 128.47 37.86
CA MET Z 873 -114.04 127.99 36.49
C MET Z 873 -115.19 126.99 36.42
N THR Z 874 -115.39 126.15 37.44
CA THR Z 874 -116.53 125.24 37.51
C THR Z 874 -117.82 125.94 37.94
N LEU Z 875 -117.76 126.78 38.99
CA LEU Z 875 -118.95 127.43 39.57
C LEU Z 875 -119.59 128.44 38.60
N PHE Z 876 -118.77 129.22 37.89
CA PHE Z 876 -119.23 130.26 36.95
C PHE Z 876 -119.09 129.85 35.49
N ALA Z 877 -119.10 128.55 35.19
CA ALA Z 877 -118.95 128.02 33.83
C ALA Z 877 -120.03 128.57 32.87
N GLU Z 878 -121.28 128.67 33.32
CA GLU Z 878 -122.42 129.18 32.53
C GLU Z 878 -122.32 130.68 32.24
N GLN Z 879 -121.51 131.42 32.99
CA GLN Z 879 -121.33 132.88 32.84
C GLN Z 879 -120.06 133.23 32.06
N ASN Z 880 -119.45 132.27 31.34
CA ASN Z 880 -118.23 132.46 30.54
C ASN Z 880 -117.01 132.97 31.34
N PHE Z 881 -116.87 132.54 32.62
CA PHE Z 881 -115.73 132.92 33.45
C PHE Z 881 -114.39 132.47 32.86
N SER Z 882 -114.34 131.30 32.21
CA SER Z 882 -113.13 130.81 31.55
C SER Z 882 -112.66 131.73 30.44
N ASP Z 883 -113.59 132.18 29.60
CA ASP Z 883 -113.32 133.15 28.53
C ASP Z 883 -112.81 134.47 29.11
N PHE Z 884 -113.40 134.95 30.21
CA PHE Z 884 -112.91 136.12 30.92
C PHE Z 884 -111.47 135.91 31.44
N LEU Z 885 -111.20 134.79 32.11
CA LEU Z 885 -109.87 134.45 32.63
C LEU Z 885 -108.83 134.38 31.51
N PHE Z 886 -109.18 133.79 30.36
CA PHE Z 886 -108.26 133.66 29.24
C PHE Z 886 -107.92 135.00 28.61
N ARG Z 887 -108.93 135.87 28.40
CA ARG Z 887 -108.72 137.26 27.98
C ARG Z 887 -107.85 138.01 28.97
N TRP Z 888 -108.13 137.88 30.27
CA TRP Z 888 -107.34 138.53 31.32
C TRP Z 888 -105.87 138.09 31.29
N TYR Z 889 -105.58 136.80 31.14
CA TYR Z 889 -104.20 136.32 31.00
C TYR Z 889 -103.52 136.82 29.73
N LEU Z 890 -104.26 136.90 28.62
CA LEU Z 890 -103.74 137.41 27.36
C LEU Z 890 -103.37 138.90 27.47
N GLU Z 891 -104.26 139.72 28.03
CA GLU Z 891 -104.06 141.16 28.24
C GLU Z 891 -102.91 141.47 29.21
N LYS Z 892 -102.77 140.70 30.30
CA LYS Z 892 -101.65 140.82 31.24
C LYS Z 892 -100.34 140.21 30.73
N GLY Z 893 -100.32 139.64 29.52
CA GLY Z 893 -99.13 139.01 28.92
C GLY Z 893 -98.73 137.67 29.56
N LYS Z 894 -99.59 137.05 30.37
CA LYS Z 894 -99.34 135.79 31.09
C LYS Z 894 -99.63 134.54 30.24
N ARG Z 895 -99.07 134.49 29.03
CA ARG Z 895 -99.30 133.41 28.05
C ARG Z 895 -98.92 132.02 28.58
N GLY Z 896 -97.86 131.93 29.39
CA GLY Z 896 -97.45 130.67 30.01
C GLY Z 896 -98.54 130.06 30.90
N LYS Z 897 -99.21 130.90 31.72
CA LYS Z 897 -100.34 130.45 32.56
C LYS Z 897 -101.57 130.09 31.71
N LEU Z 898 -101.82 130.82 30.62
CA LEU Z 898 -102.92 130.53 29.69
C LEU Z 898 -102.77 129.14 29.05
N LEU Z 899 -101.55 128.76 28.65
CA LEU Z 899 -101.30 127.48 27.98
C LEU Z 899 -101.10 126.32 28.96
N SER Z 900 -100.81 126.59 30.24
CA SER Z 900 -100.64 125.56 31.27
C SER Z 900 -101.95 125.20 32.00
N GLN Z 901 -103.10 125.40 31.37
CA GLN Z 901 -104.40 125.09 32.00
C GLN Z 901 -104.61 123.57 32.09
N PRO Z 902 -105.34 123.08 33.11
CA PRO Z 902 -105.64 121.67 33.27
C PRO Z 902 -106.40 121.08 32.07
N ALA Z 903 -106.22 119.78 31.84
CA ALA Z 903 -106.84 119.05 30.73
C ALA Z 903 -108.38 119.17 30.68
N SER Z 904 -109.04 119.34 31.83
CA SER Z 904 -110.49 119.55 31.91
C SER Z 904 -110.96 120.83 31.20
N GLN Z 905 -110.08 121.80 30.97
CA GLN Z 905 -110.40 123.10 30.36
C GLN Z 905 -109.91 123.22 28.92
N HIS Z 906 -109.25 122.20 28.37
CA HIS Z 906 -108.70 122.23 27.00
C HIS Z 906 -109.76 122.47 25.93
N GLY Z 907 -111.00 122.00 26.12
CA GLY Z 907 -112.10 122.27 25.19
C GLY Z 907 -112.47 123.76 25.11
N GLN Z 908 -112.56 124.44 26.26
CA GLN Z 908 -112.89 125.88 26.31
C GLN Z 908 -111.71 126.73 25.83
N LEU Z 909 -110.49 126.35 26.20
CA LEU Z 909 -109.27 127.00 25.73
C LEU Z 909 -109.10 126.87 24.22
N ALA Z 910 -109.40 125.70 23.64
CA ALA Z 910 -109.39 125.49 22.20
C ALA Z 910 -110.38 126.43 21.49
N ALA Z 911 -111.62 126.53 21.99
CA ALA Z 911 -112.62 127.45 21.44
C ALA Z 911 -112.18 128.91 21.51
N PHE Z 912 -111.63 129.35 22.65
CA PHE Z 912 -111.10 130.71 22.82
C PHE Z 912 -109.93 131.01 21.85
N LEU Z 913 -109.02 130.06 21.66
CA LEU Z 913 -107.84 130.22 20.82
C LEU Z 913 -108.13 130.18 19.32
N GLN Z 914 -109.34 129.79 18.87
CA GLN Z 914 -109.72 129.87 17.45
C GLN Z 914 -109.68 131.29 16.89
N ALA Z 915 -109.87 132.32 17.73
CA ALA Z 915 -109.69 133.72 17.34
C ALA Z 915 -108.21 134.18 17.34
N HIS Z 916 -107.29 133.29 17.72
CA HIS Z 916 -105.88 133.59 17.99
C HIS Z 916 -104.94 132.52 17.40
N ASP Z 917 -104.94 132.36 16.07
CA ASP Z 917 -104.18 131.34 15.33
C ASP Z 917 -102.70 131.24 15.73
N HIS Z 918 -102.04 132.38 15.97
CA HIS Z 918 -100.63 132.43 16.38
C HIS Z 918 -100.32 131.72 17.73
N LEU Z 919 -101.34 131.39 18.52
CA LEU Z 919 -101.23 130.66 19.78
C LEU Z 919 -101.93 129.29 19.77
N SER Z 920 -102.93 129.08 18.89
CA SER Z 920 -103.70 127.83 18.87
C SER Z 920 -102.84 126.59 18.63
N TRP Z 921 -101.86 126.68 17.72
CA TRP Z 921 -100.96 125.55 17.41
C TRP Z 921 -100.18 125.05 18.63
N LEU Z 922 -99.83 125.93 19.59
CA LEU Z 922 -99.14 125.53 20.82
C LEU Z 922 -100.04 124.66 21.71
N HIS Z 923 -101.33 125.04 21.79
CA HIS Z 923 -102.32 124.27 22.54
C HIS Z 923 -102.63 122.94 21.83
N GLU Z 924 -102.79 122.96 20.52
CA GLU Z 924 -103.04 121.75 19.71
C GLU Z 924 -101.91 120.72 19.88
N LEU Z 925 -100.64 121.17 19.87
CA LEU Z 925 -99.48 120.31 20.15
C LEU Z 925 -99.51 119.74 21.57
N ASN Z 926 -99.80 120.57 22.57
CA ASN Z 926 -99.87 120.11 23.96
C ASN Z 926 -101.00 119.09 24.17
N SER Z 927 -102.11 119.25 23.45
CA SER Z 927 -103.28 118.36 23.47
C SER Z 927 -103.12 117.13 22.56
N GLN Z 928 -101.96 116.93 21.93
CA GLN Z 928 -101.67 115.82 20.99
C GLN Z 928 -102.57 115.83 19.73
N GLU Z 929 -103.18 116.97 19.39
CA GLU Z 929 -103.99 117.13 18.17
C GLU Z 929 -103.10 117.54 16.98
N PHE Z 930 -102.15 116.68 16.61
CA PHE Z 930 -101.10 116.99 15.64
C PHE Z 930 -101.63 117.34 14.23
N GLU Z 931 -102.73 116.72 13.78
CA GLU Z 931 -103.35 117.05 12.50
C GLU Z 931 -103.86 118.50 12.44
N LYS Z 932 -104.44 118.99 13.54
CA LYS Z 932 -104.91 120.37 13.65
C LYS Z 932 -103.72 121.33 13.74
N ALA Z 933 -102.72 120.99 14.57
CA ALA Z 933 -101.49 121.77 14.68
C ALA Z 933 -100.79 121.95 13.33
N HIS Z 934 -100.72 120.87 12.52
CA HIS Z 934 -100.20 120.93 11.16
C HIS Z 934 -100.96 121.95 10.30
N ARG Z 935 -102.29 121.88 10.25
CA ARG Z 935 -103.13 122.79 9.45
C ARG Z 935 -102.97 124.23 9.90
N THR Z 936 -103.03 124.50 11.21
CA THR Z 936 -102.83 125.84 11.78
C THR Z 936 -101.46 126.40 11.40
N LEU Z 937 -100.39 125.62 11.57
CA LEU Z 937 -99.03 126.03 11.23
C LEU Z 937 -98.85 126.25 9.72
N GLN Z 938 -99.51 125.45 8.89
CA GLN Z 938 -99.51 125.62 7.43
C GLN Z 938 -100.22 126.91 7.03
N THR Z 939 -101.39 127.21 7.61
CA THR Z 939 -102.10 128.48 7.38
C THR Z 939 -101.25 129.67 7.83
N LEU Z 940 -100.63 129.61 9.02
CA LEU Z 940 -99.72 130.65 9.49
C LEU Z 940 -98.50 130.83 8.57
N ALA Z 941 -97.94 129.74 8.04
CA ALA Z 941 -96.85 129.80 7.08
C ALA Z 941 -97.28 130.43 5.75
N ASN Z 942 -98.48 130.11 5.28
CA ASN Z 942 -99.04 130.68 4.05
C ASN Z 942 -99.31 132.18 4.20
N MET Z 943 -99.78 132.64 5.37
CA MET Z 943 -100.02 134.06 5.68
C MET Z 943 -98.74 134.86 5.97
N GLU Z 944 -97.63 134.21 6.33
CA GLU Z 944 -96.37 134.88 6.66
C GLU Z 944 -95.64 135.34 5.39
N THR Z 945 -95.62 136.65 5.15
CA THR Z 945 -94.90 137.28 4.03
C THR Z 945 -93.78 138.22 4.51
N ARG Z 946 -93.75 138.56 5.80
CA ARG Z 946 -92.89 139.60 6.36
C ARG Z 946 -91.51 139.09 6.75
N TYR Z 947 -91.40 137.83 7.18
CA TYR Z 947 -90.15 137.26 7.64
C TYR Z 947 -89.89 135.87 7.02
N PHE Z 948 -88.91 135.80 6.12
CA PHE Z 948 -88.50 134.56 5.46
C PHE Z 948 -88.18 133.42 6.43
N CYS Z 949 -87.30 133.67 7.41
CA CYS Z 949 -86.93 132.66 8.40
C CYS Z 949 -88.11 132.16 9.24
N LYS Z 950 -89.09 133.03 9.51
CA LYS Z 950 -90.31 132.64 10.23
C LYS Z 950 -91.18 131.73 9.39
N LYS Z 951 -91.40 132.03 8.10
CA LYS Z 951 -92.14 131.15 7.19
C LYS Z 951 -91.49 129.76 7.11
N LYS Z 952 -90.17 129.72 6.94
CA LYS Z 952 -89.40 128.45 6.92
C LYS Z 952 -89.56 127.66 8.23
N THR Z 953 -89.50 128.34 9.37
CA THR Z 953 -89.69 127.69 10.68
C THR Z 953 -91.12 127.13 10.83
N LEU Z 954 -92.14 127.89 10.41
CA LEU Z 954 -93.54 127.46 10.46
C LEU Z 954 -93.81 126.25 9.55
N LEU Z 955 -93.25 126.24 8.33
CA LEU Z 955 -93.34 125.06 7.44
C LEU Z 955 -92.65 123.84 8.05
N GLY Z 956 -91.44 124.01 8.59
CA GLY Z 956 -90.72 122.93 9.26
C GLY Z 956 -91.50 122.37 10.45
N LEU Z 957 -92.10 123.24 11.28
CA LEU Z 957 -92.95 122.82 12.39
C LEU Z 957 -94.24 122.15 11.89
N SER Z 958 -94.86 122.67 10.83
CA SER Z 958 -96.06 122.08 10.22
C SER Z 958 -95.75 120.67 9.68
N LYS Z 959 -94.59 120.47 9.06
CA LYS Z 959 -94.12 119.18 8.56
C LYS Z 959 -93.89 118.19 9.70
N LEU Z 960 -93.23 118.63 10.78
CA LEU Z 960 -93.02 117.80 11.96
C LEU Z 960 -94.35 117.43 12.62
N ALA Z 961 -95.32 118.35 12.69
CA ALA Z 961 -96.65 118.07 13.20
C ALA Z 961 -97.39 117.04 12.31
N ALA Z 962 -97.32 117.16 10.98
CA ALA Z 962 -97.89 116.16 10.07
C ALA Z 962 -97.24 114.78 10.29
N LEU Z 963 -95.91 114.72 10.38
CA LEU Z 963 -95.18 113.46 10.61
C LEU Z 963 -95.45 112.83 11.98
N ALA Z 964 -95.80 113.63 12.99
CA ALA Z 964 -96.18 113.16 14.32
C ALA Z 964 -97.66 112.77 14.43
N SER Z 965 -98.47 113.10 13.43
CA SER Z 965 -99.90 112.82 13.42
C SER Z 965 -100.23 111.41 12.92
N ASP Z 966 -101.47 110.98 13.14
CA ASP Z 966 -102.01 109.70 12.69
C ASP Z 966 -102.61 109.74 11.28
N PHE Z 967 -102.15 110.68 10.42
CA PHE Z 967 -102.59 110.72 9.02
C PHE Z 967 -102.37 109.36 8.34
N GLN Z 968 -103.33 108.94 7.53
CA GLN Z 968 -103.15 107.78 6.64
C GLN Z 968 -101.96 108.05 5.70
N GLU Z 969 -101.17 107.02 5.38
CA GLU Z 969 -99.93 107.16 4.61
C GLU Z 969 -100.11 107.97 3.32
N ASP Z 970 -101.20 107.73 2.58
CA ASP Z 970 -101.52 108.47 1.34
C ASP Z 970 -101.74 109.97 1.61
N VAL Z 971 -102.48 110.31 2.67
CA VAL Z 971 -102.76 111.70 3.08
C VAL Z 971 -101.51 112.37 3.65
N LEU Z 972 -100.73 111.64 4.45
CA LEU Z 972 -99.48 112.15 5.00
C LEU Z 972 -98.50 112.50 3.88
N GLN Z 973 -98.37 111.62 2.88
CA GLN Z 973 -97.52 111.84 1.73
C GLN Z 973 -97.96 113.07 0.94
N GLU Z 974 -99.27 113.23 0.69
CA GLU Z 974 -99.84 114.44 0.07
C GLU Z 974 -99.45 115.71 0.84
N LYS Z 975 -99.64 115.74 2.17
CA LYS Z 975 -99.32 116.93 2.99
C LYS Z 975 -97.82 117.21 3.07
N VAL Z 976 -96.99 116.17 3.10
CA VAL Z 976 -95.53 116.32 3.08
C VAL Z 976 -95.06 116.85 1.73
N GLU Z 977 -95.65 116.40 0.63
CA GLU Z 977 -95.38 116.89 -0.72
C GLU Z 977 -95.79 118.36 -0.89
N GLU Z 978 -96.97 118.75 -0.41
CA GLU Z 978 -97.41 120.15 -0.41
C GLU Z 978 -96.42 121.07 0.33
N ILE Z 979 -95.92 120.64 1.50
CA ILE Z 979 -94.92 121.41 2.24
C ILE Z 979 -93.57 121.38 1.53
N ALA Z 980 -93.15 120.23 0.99
CA ALA Z 980 -91.89 120.09 0.29
C ALA Z 980 -91.82 121.00 -0.95
N GLU Z 981 -92.94 121.19 -1.64
CA GLU Z 981 -93.06 122.12 -2.76
C GLU Z 981 -92.86 123.58 -2.32
N GLN Z 982 -93.47 123.98 -1.20
CA GLN Z 982 -93.22 125.31 -0.63
C GLN Z 982 -91.77 125.47 -0.12
N GLU Z 983 -91.19 124.43 0.47
CA GLU Z 983 -89.78 124.41 0.88
C GLU Z 983 -88.85 124.52 -0.34
N HIS Z 984 -89.21 123.91 -1.47
CA HIS Z 984 -88.48 124.02 -2.73
C HIS Z 984 -88.48 125.46 -3.24
N PHE Z 985 -89.64 126.12 -3.29
CA PHE Z 985 -89.72 127.54 -3.60
C PHE Z 985 -88.81 128.39 -2.70
N LEU Z 986 -88.89 128.18 -1.37
CA LEU Z 986 -88.09 128.95 -0.41
C LEU Z 986 -86.58 128.68 -0.52
N LEU Z 987 -86.18 127.51 -1.01
CA LEU Z 987 -84.77 127.19 -1.28
C LEU Z 987 -84.16 128.12 -2.32
N HIS Z 988 -84.95 128.60 -3.29
CA HIS Z 988 -84.48 129.61 -4.24
C HIS Z 988 -84.16 130.94 -3.54
N GLN Z 989 -84.93 131.35 -2.54
CA GLN Z 989 -84.59 132.55 -1.76
C GLN Z 989 -83.39 132.30 -0.82
N GLU Z 990 -83.32 131.14 -0.17
CA GLU Z 990 -82.23 130.79 0.74
C GLU Z 990 -80.86 130.70 0.04
N THR Z 991 -80.86 130.23 -1.21
CA THR Z 991 -79.65 130.03 -2.00
C THR Z 991 -79.24 131.26 -2.82
N LEU Z 992 -79.84 132.43 -2.55
CA LEU Z 992 -79.38 133.70 -3.10
C LEU Z 992 -77.89 133.92 -2.75
N PRO Z 993 -77.07 134.41 -3.69
CA PRO Z 993 -75.65 134.61 -3.43
C PRO Z 993 -75.40 135.56 -2.24
N LYS Z 994 -74.64 135.10 -1.24
CA LYS Z 994 -74.33 135.90 -0.03
C LYS Z 994 -73.77 137.30 -0.33
N LYS Z 995 -72.91 137.40 -1.35
CA LYS Z 995 -72.34 138.68 -1.79
C LYS Z 995 -73.39 139.64 -2.37
N LEU Z 996 -74.38 139.10 -3.10
CA LEU Z 996 -75.48 139.90 -3.62
C LEU Z 996 -76.34 140.44 -2.47
N LEU Z 997 -76.62 139.60 -1.47
CA LEU Z 997 -77.35 140.00 -0.27
C LEU Z 997 -76.59 141.11 0.49
N GLU Z 998 -75.28 140.97 0.68
CA GLU Z 998 -74.42 142.01 1.28
C GLU Z 998 -74.43 143.32 0.49
N GLU Z 999 -74.28 143.27 -0.85
CA GLU Z 999 -74.30 144.45 -1.72
C GLU Z 999 -75.67 145.17 -1.71
N LYS Z 1000 -76.79 144.42 -1.66
CA LYS Z 1000 -78.15 144.95 -1.58
C LYS Z 1000 -78.60 145.26 -0.14
N GLN Z 1001 -77.75 145.06 0.87
CA GLN Z 1001 -78.07 145.22 2.30
C GLN Z 1001 -79.28 144.39 2.77
N LEU Z 1002 -79.44 143.19 2.21
CA LEU Z 1002 -80.50 142.25 2.58
C LEU Z 1002 -79.96 141.23 3.58
N ASP Z 1003 -80.71 140.99 4.67
CA ASP Z 1003 -80.44 139.92 5.63
C ASP Z 1003 -81.53 138.85 5.51
N LEU Z 1004 -81.15 137.61 5.21
CA LEU Z 1004 -82.06 136.47 5.12
C LEU Z 1004 -82.90 136.29 6.41
N ASN Z 1005 -82.35 136.67 7.58
CA ASN Z 1005 -83.06 136.54 8.85
C ASN Z 1005 -84.16 137.59 9.06
N ALA Z 1006 -84.06 138.74 8.39
CA ALA Z 1006 -84.96 139.87 8.58
C ALA Z 1006 -85.77 140.25 7.34
N MET Z 1007 -85.41 139.72 6.17
CA MET Z 1007 -86.05 140.07 4.90
C MET Z 1007 -87.44 139.41 4.74
N PRO Z 1008 -88.34 140.05 3.98
CA PRO Z 1008 -89.61 139.46 3.61
C PRO Z 1008 -89.45 138.26 2.68
N VAL Z 1009 -90.51 137.46 2.57
CA VAL Z 1009 -90.63 136.42 1.56
C VAL Z 1009 -90.82 137.12 0.22
N LEU Z 1010 -89.93 136.86 -0.73
CA LEU Z 1010 -89.94 137.51 -2.03
C LEU Z 1010 -90.85 136.74 -2.99
N ALA Z 1011 -91.55 137.49 -3.85
CA ALA Z 1011 -92.33 136.89 -4.93
C ALA Z 1011 -91.40 136.27 -5.98
N PRO Z 1012 -91.87 135.28 -6.78
CA PRO Z 1012 -91.06 134.62 -7.81
C PRO Z 1012 -90.38 135.62 -8.76
N PHE Z 1013 -91.12 136.64 -9.24
CA PHE Z 1013 -90.59 137.70 -10.08
C PHE Z 1013 -89.44 138.48 -9.43
N GLN Z 1014 -89.55 138.82 -8.14
CA GLN Z 1014 -88.49 139.53 -7.41
C GLN Z 1014 -87.24 138.67 -7.25
N LEU Z 1015 -87.41 137.36 -7.01
CA LEU Z 1015 -86.30 136.41 -6.95
C LEU Z 1015 -85.61 136.27 -8.31
N ILE Z 1016 -86.39 136.16 -9.39
CA ILE Z 1016 -85.87 136.13 -10.77
C ILE Z 1016 -85.02 137.37 -11.02
N GLN Z 1017 -85.56 138.56 -10.73
CA GLN Z 1017 -84.83 139.81 -10.89
C GLN Z 1017 -83.51 139.81 -10.12
N LEU Z 1018 -83.48 139.32 -8.87
CA LEU Z 1018 -82.24 139.23 -8.10
C LEU Z 1018 -81.23 138.24 -8.70
N TYR Z 1019 -81.69 137.09 -9.20
CA TYR Z 1019 -80.80 136.12 -9.83
C TYR Z 1019 -80.15 136.66 -11.11
N VAL Z 1020 -80.93 137.35 -11.96
CA VAL Z 1020 -80.46 137.81 -13.28
C VAL Z 1020 -79.89 139.24 -13.28
N CYS Z 1021 -80.09 140.04 -12.20
CA CYS Z 1021 -79.65 141.44 -12.13
C CYS Z 1021 -78.15 141.63 -12.38
N GLU Z 1022 -77.78 142.77 -12.97
CA GLU Z 1022 -76.39 143.10 -13.29
C GLU Z 1022 -75.49 143.14 -12.04
N GLU Z 1023 -76.03 143.47 -10.86
CA GLU Z 1023 -75.28 143.46 -9.61
C GLU Z 1023 -74.88 142.05 -9.14
N ASN Z 1024 -75.56 140.99 -9.59
CA ASN Z 1024 -75.11 139.61 -9.36
C ASN Z 1024 -73.91 139.27 -10.27
N LYS Z 1025 -72.76 139.89 -10.05
CA LYS Z 1025 -71.56 139.81 -10.93
C LYS Z 1025 -71.03 138.39 -11.15
N ARG Z 1026 -71.38 137.45 -10.27
CA ARG Z 1026 -70.94 136.04 -10.32
C ARG Z 1026 -72.06 135.08 -10.72
N ALA Z 1027 -73.14 135.59 -11.31
CA ALA Z 1027 -74.22 134.77 -11.83
C ALA Z 1027 -73.67 133.70 -12.77
N ASN Z 1028 -73.97 132.43 -12.51
CA ASN Z 1028 -73.58 131.29 -13.34
C ASN Z 1028 -74.82 130.59 -13.93
N GLU Z 1029 -74.60 129.53 -14.69
CA GLU Z 1029 -75.68 128.74 -15.28
C GLU Z 1029 -76.73 128.27 -14.28
N ASN Z 1030 -76.36 127.99 -13.02
CA ASN Z 1030 -77.31 127.55 -12.00
C ASN Z 1030 -78.22 128.70 -11.54
N ASP Z 1031 -77.73 129.93 -11.49
CA ASP Z 1031 -78.55 131.10 -11.13
C ASP Z 1031 -79.62 131.38 -12.19
N PHE Z 1032 -79.27 131.27 -13.47
CA PHE Z 1032 -80.24 131.37 -14.57
C PHE Z 1032 -81.18 130.17 -14.62
N MET Z 1033 -80.71 128.95 -14.34
CA MET Z 1033 -81.59 127.79 -14.20
C MET Z 1033 -82.60 127.98 -13.07
N LYS Z 1034 -82.18 128.49 -11.90
CA LYS Z 1034 -83.11 128.82 -10.81
C LYS Z 1034 -84.12 129.89 -11.22
N ALA Z 1035 -83.69 130.90 -11.98
CA ALA Z 1035 -84.61 131.92 -12.50
C ALA Z 1035 -85.64 131.34 -13.47
N LEU Z 1036 -85.24 130.38 -14.32
CA LEU Z 1036 -86.14 129.66 -15.21
C LEU Z 1036 -87.08 128.71 -14.45
N ASP Z 1037 -86.57 128.01 -13.43
CA ASP Z 1037 -87.37 127.14 -12.56
C ASP Z 1037 -88.44 127.98 -11.83
N LEU Z 1038 -88.08 129.17 -11.33
CA LEU Z 1038 -89.01 130.11 -10.67
C LEU Z 1038 -90.21 130.56 -11.52
N LEU Z 1039 -90.15 130.40 -12.85
CA LEU Z 1039 -91.27 130.73 -13.74
C LEU Z 1039 -92.50 129.86 -13.45
N GLU Z 1040 -92.33 128.63 -12.97
CA GLU Z 1040 -93.44 127.72 -12.65
C GLU Z 1040 -94.29 128.19 -11.47
N TYR Z 1041 -93.73 129.07 -10.62
CA TYR Z 1041 -94.41 129.64 -9.46
C TYR Z 1041 -95.16 130.96 -9.78
N ILE Z 1042 -95.07 131.46 -11.01
CA ILE Z 1042 -95.82 132.64 -11.45
C ILE Z 1042 -97.21 132.18 -11.89
N GLY Z 1043 -98.24 132.54 -11.11
CA GLY Z 1043 -99.62 132.16 -11.42
C GLY Z 1043 -100.20 132.89 -12.64
N ASP Z 1044 -101.17 132.25 -13.29
CA ASP Z 1044 -101.88 132.77 -14.48
C ASP Z 1044 -102.58 134.12 -14.25
N ASP Z 1045 -102.93 134.43 -13.00
CA ASP Z 1045 -103.57 135.70 -12.60
C ASP Z 1045 -102.58 136.87 -12.43
N SER Z 1046 -101.27 136.64 -12.57
CA SER Z 1046 -100.29 137.71 -12.43
C SER Z 1046 -100.23 138.61 -13.68
N GLU Z 1047 -100.03 139.92 -13.49
CA GLU Z 1047 -99.81 140.87 -14.60
C GLU Z 1047 -98.45 140.66 -15.32
N VAL Z 1048 -97.70 139.62 -14.95
CA VAL Z 1048 -96.35 139.33 -15.45
C VAL Z 1048 -96.46 138.36 -16.61
N ASP Z 1049 -96.06 138.79 -17.80
CA ASP Z 1049 -95.94 137.89 -18.95
C ASP Z 1049 -94.76 136.92 -18.75
N VAL Z 1050 -95.08 135.65 -18.49
CA VAL Z 1050 -94.10 134.58 -18.29
C VAL Z 1050 -93.21 134.37 -19.51
N GLU Z 1051 -93.74 134.56 -20.73
CA GLU Z 1051 -92.97 134.41 -21.96
C GLU Z 1051 -92.01 135.60 -22.16
N GLU Z 1052 -92.45 136.82 -21.82
CA GLU Z 1052 -91.59 138.01 -21.81
C GLU Z 1052 -90.47 137.87 -20.76
N LEU Z 1053 -90.80 137.43 -19.55
CA LEU Z 1053 -89.82 137.24 -18.48
C LEU Z 1053 -88.83 136.12 -18.81
N LYS Z 1054 -89.28 135.03 -19.43
CA LYS Z 1054 -88.42 133.97 -19.96
C LYS Z 1054 -87.46 134.53 -21.02
N LEU Z 1055 -87.95 135.36 -21.93
CA LEU Z 1055 -87.11 136.04 -22.92
C LEU Z 1055 -86.06 136.94 -22.24
N GLU Z 1056 -86.45 137.69 -21.22
CA GLU Z 1056 -85.56 138.55 -20.42
C GLU Z 1056 -84.45 137.74 -19.72
N ILE Z 1057 -84.79 136.63 -19.06
CA ILE Z 1057 -83.82 135.74 -18.39
C ILE Z 1057 -82.77 135.24 -19.39
N LEU Z 1058 -83.21 134.76 -20.56
CA LEU Z 1058 -82.32 134.24 -21.59
C LEU Z 1058 -81.47 135.36 -22.23
N CYS Z 1059 -82.03 136.54 -22.46
CA CYS Z 1059 -81.27 137.70 -22.94
C CYS Z 1059 -80.19 138.12 -21.93
N LYS Z 1060 -80.51 138.13 -20.64
CA LYS Z 1060 -79.54 138.42 -19.57
C LYS Z 1060 -78.47 137.36 -19.43
N ALA Z 1061 -78.80 136.07 -19.65
CA ALA Z 1061 -77.82 134.99 -19.69
C ALA Z 1061 -76.81 135.19 -20.83
N ILE Z 1062 -77.31 135.50 -22.03
CA ILE Z 1062 -76.47 135.80 -23.21
C ILE Z 1062 -75.51 136.95 -22.93
N LYS Z 1063 -75.97 138.02 -22.26
CA LYS Z 1063 -75.14 139.18 -21.94
C LYS Z 1063 -73.99 138.91 -20.97
N ARG Z 1064 -73.98 137.78 -20.25
CA ARG Z 1064 -72.91 137.48 -19.28
C ARG Z 1064 -71.61 137.01 -19.93
N ASP Z 1065 -71.69 136.57 -21.18
CA ASP Z 1065 -70.54 136.07 -21.93
C ASP Z 1065 -70.07 137.09 -22.98
N GLU Z 1066 -68.77 137.07 -23.28
CA GLU Z 1066 -68.22 137.84 -24.39
C GLU Z 1066 -68.39 137.06 -25.70
N TRP Z 1067 -69.18 137.60 -26.63
CA TRP Z 1067 -69.44 136.97 -27.94
C TRP Z 1067 -68.50 137.48 -29.04
N SER Z 1068 -67.23 137.75 -28.69
CA SER Z 1068 -66.23 138.17 -29.66
C SER Z 1068 -65.54 136.96 -30.29
N ALA Z 1069 -65.25 137.02 -31.59
CA ALA Z 1069 -64.53 135.96 -32.27
C ALA Z 1069 -63.08 135.93 -31.77
N THR Z 1070 -62.76 135.02 -30.85
CA THR Z 1070 -61.37 134.66 -30.56
C THR Z 1070 -60.84 133.84 -31.73
N ASP Z 1071 -59.97 134.46 -32.52
CA ASP Z 1071 -59.19 133.89 -33.61
C ASP Z 1071 -59.95 132.92 -34.53
N GLY Z 1072 -60.63 133.44 -35.56
CA GLY Z 1072 -61.58 132.76 -36.48
C GLY Z 1072 -61.18 131.41 -37.11
N LYS Z 1073 -60.93 130.40 -36.27
CA LYS Z 1073 -60.60 129.01 -36.55
C LYS Z 1073 -61.30 128.03 -35.63
N ASP Z 1074 -61.89 128.51 -34.53
CA ASP Z 1074 -62.64 127.66 -33.62
C ASP Z 1074 -64.07 127.44 -34.15
N ASP Z 1075 -64.54 126.20 -34.08
CA ASP Z 1075 -65.94 125.88 -34.33
C ASP Z 1075 -66.78 126.75 -33.37
N PRO Z 1076 -67.72 127.58 -33.86
CA PRO Z 1076 -68.55 128.43 -33.02
C PRO Z 1076 -69.26 127.63 -31.91
N ILE Z 1077 -69.61 126.37 -32.16
CA ILE Z 1077 -70.27 125.50 -31.18
C ILE Z 1077 -69.28 125.10 -30.07
N GLU Z 1078 -68.03 124.83 -30.41
CA GLU Z 1078 -66.98 124.46 -29.44
C GLU Z 1078 -66.51 125.69 -28.64
N ALA Z 1079 -66.36 126.84 -29.31
CA ALA Z 1079 -65.96 128.10 -28.68
C ALA Z 1079 -66.99 128.63 -27.66
N THR Z 1080 -68.28 128.38 -27.91
CA THR Z 1080 -69.37 128.86 -27.03
C THR Z 1080 -69.80 127.84 -25.98
N LYS Z 1081 -69.21 126.65 -25.97
CA LYS Z 1081 -69.57 125.54 -25.07
C LYS Z 1081 -69.51 125.92 -23.58
N ASP Z 1082 -68.56 126.77 -23.21
CA ASP Z 1082 -68.38 127.21 -21.82
C ASP Z 1082 -69.25 128.41 -21.42
N SER Z 1083 -69.98 129.00 -22.37
CA SER Z 1083 -70.87 130.13 -22.10
C SER Z 1083 -72.02 129.74 -21.18
N ILE Z 1084 -72.48 130.70 -20.37
CA ILE Z 1084 -73.59 130.51 -19.43
C ILE Z 1084 -74.86 130.15 -20.19
N PHE Z 1085 -75.13 130.82 -21.31
CA PHE Z 1085 -76.30 130.52 -22.14
C PHE Z 1085 -76.29 129.08 -22.67
N VAL Z 1086 -75.16 128.62 -23.22
CA VAL Z 1086 -75.06 127.24 -23.75
C VAL Z 1086 -75.16 126.21 -22.63
N LYS Z 1087 -74.58 126.48 -21.46
CA LYS Z 1087 -74.76 125.61 -20.27
C LYS Z 1087 -76.20 125.56 -19.79
N VAL Z 1088 -76.95 126.66 -19.86
CA VAL Z 1088 -78.40 126.68 -19.58
C VAL Z 1088 -79.15 125.78 -20.57
N LEU Z 1089 -78.86 125.87 -21.88
CA LEU Z 1089 -79.45 124.97 -22.88
C LEU Z 1089 -79.15 123.49 -22.58
N GLN Z 1090 -77.89 123.19 -22.24
CA GLN Z 1090 -77.47 121.84 -21.89
C GLN Z 1090 -78.19 121.34 -20.63
N ASN Z 1091 -78.36 122.19 -19.61
CA ASN Z 1091 -79.09 121.85 -18.39
C ASN Z 1091 -80.58 121.61 -18.64
N LEU Z 1092 -81.23 122.41 -19.49
CA LEU Z 1092 -82.63 122.20 -19.90
C LEU Z 1092 -82.80 120.85 -20.62
N LEU Z 1093 -81.87 120.51 -21.53
CA LEU Z 1093 -81.87 119.24 -22.24
C LEU Z 1093 -81.63 118.06 -21.29
N ASN Z 1094 -80.72 118.19 -20.33
CA ASN Z 1094 -80.47 117.18 -19.29
C ASN Z 1094 -81.68 116.98 -18.36
N LYS Z 1095 -82.48 118.02 -18.09
CA LYS Z 1095 -83.76 117.93 -17.37
C LYS Z 1095 -84.88 117.30 -18.20
N GLY Z 1096 -84.67 117.04 -19.49
CA GLY Z 1096 -85.66 116.43 -20.39
C GLY Z 1096 -86.69 117.40 -20.97
N ILE Z 1097 -86.46 118.72 -20.89
CA ILE Z 1097 -87.37 119.74 -21.41
C ILE Z 1097 -87.27 119.83 -22.93
N GLU Z 1098 -88.41 119.78 -23.65
CA GLU Z 1098 -88.46 119.97 -25.10
C GLU Z 1098 -88.09 121.41 -25.48
N LEU Z 1099 -86.86 121.62 -25.94
CA LEU Z 1099 -86.29 122.93 -26.29
C LEU Z 1099 -87.11 123.63 -27.37
N LYS Z 1100 -87.66 122.86 -28.33
CA LYS Z 1100 -88.44 123.38 -29.46
C LYS Z 1100 -89.71 124.12 -29.03
N GLY Z 1101 -90.37 123.64 -27.98
CA GLY Z 1101 -91.56 124.28 -27.40
C GLY Z 1101 -91.21 125.29 -26.31
N TYR Z 1102 -90.14 125.03 -25.56
CA TYR Z 1102 -89.78 125.84 -24.40
C TYR Z 1102 -89.06 127.15 -24.75
N LEU Z 1103 -88.14 127.14 -25.71
CA LEU Z 1103 -87.32 128.31 -26.05
C LEU Z 1103 -88.04 129.24 -27.04
N PRO Z 1104 -87.85 130.57 -26.91
CA PRO Z 1104 -88.25 131.50 -27.94
C PRO Z 1104 -87.47 131.22 -29.24
N LYS Z 1105 -88.06 131.57 -30.38
CA LYS Z 1105 -87.37 131.48 -31.66
C LYS Z 1105 -86.07 132.27 -31.62
N ALA Z 1106 -85.02 131.75 -32.27
CA ALA Z 1106 -83.73 132.45 -32.35
C ALA Z 1106 -83.89 133.88 -32.90
N GLU Z 1107 -84.83 134.10 -33.83
CA GLU Z 1107 -85.15 135.43 -34.34
C GLU Z 1107 -85.73 136.37 -33.27
N THR Z 1108 -86.56 135.86 -32.34
CA THR Z 1108 -87.16 136.65 -31.26
C THR Z 1108 -86.10 137.15 -30.28
N LEU Z 1109 -85.12 136.31 -29.92
CA LEU Z 1109 -83.97 136.75 -29.12
C LEU Z 1109 -83.17 137.83 -29.84
N LEU Z 1110 -82.85 137.63 -31.13
CA LEU Z 1110 -82.10 138.60 -31.93
C LEU Z 1110 -82.83 139.94 -32.10
N GLN Z 1111 -84.15 139.96 -32.00
CA GLN Z 1111 -84.96 141.16 -32.08
C GLN Z 1111 -85.10 141.91 -30.74
N SER Z 1112 -84.90 141.23 -29.60
CA SER Z 1112 -85.01 141.82 -28.26
C SER Z 1112 -84.21 143.12 -28.12
N GLU Z 1113 -84.82 144.16 -27.55
CA GLU Z 1113 -84.16 145.44 -27.30
C GLU Z 1113 -83.00 145.31 -26.31
N GLU Z 1114 -83.07 144.32 -25.41
CA GLU Z 1114 -82.01 144.10 -24.43
C GLU Z 1114 -80.66 143.82 -25.09
N LEU Z 1115 -80.62 143.06 -26.20
CA LEU Z 1115 -79.39 142.62 -26.86
C LEU Z 1115 -78.83 143.65 -27.86
N ASN Z 1116 -79.25 144.92 -27.82
CA ASN Z 1116 -78.87 145.95 -28.80
C ASN Z 1116 -77.35 146.08 -29.05
N SER Z 1117 -76.51 145.88 -28.03
CA SER Z 1117 -75.04 145.92 -28.19
C SER Z 1117 -74.46 144.74 -28.99
N LEU Z 1118 -75.15 143.59 -28.98
CA LEU Z 1118 -74.74 142.37 -29.66
C LEU Z 1118 -75.35 142.23 -31.07
N LYS Z 1119 -76.42 142.98 -31.40
CA LYS Z 1119 -77.07 142.95 -32.72
C LYS Z 1119 -76.13 143.29 -33.88
N THR Z 1120 -75.10 144.09 -33.65
CA THR Z 1120 -74.12 144.47 -34.68
C THR Z 1120 -73.04 143.41 -34.92
N ASN Z 1121 -73.01 142.37 -34.09
CA ASN Z 1121 -72.00 141.32 -34.15
C ASN Z 1121 -72.51 140.12 -34.97
N SER Z 1122 -72.03 140.01 -36.21
CA SER Z 1122 -72.38 138.92 -37.12
C SER Z 1122 -71.94 137.54 -36.60
N TYR Z 1123 -70.86 137.47 -35.82
CA TYR Z 1123 -70.41 136.23 -35.20
C TYR Z 1123 -71.38 135.76 -34.10
N PHE Z 1124 -71.90 136.69 -33.30
CA PHE Z 1124 -72.92 136.38 -32.30
C PHE Z 1124 -74.18 135.80 -32.98
N GLU Z 1125 -74.71 136.46 -34.02
CA GLU Z 1125 -75.89 135.99 -34.75
C GLU Z 1125 -75.70 134.57 -35.29
N PHE Z 1126 -74.54 134.31 -35.92
CA PHE Z 1126 -74.21 132.99 -36.44
C PHE Z 1126 -74.07 131.95 -35.33
N SER Z 1127 -73.36 132.27 -34.25
CA SER Z 1127 -73.11 131.36 -33.13
C SER Z 1127 -74.38 131.02 -32.38
N LEU Z 1128 -75.28 131.99 -32.17
CA LEU Z 1128 -76.58 131.77 -31.55
C LEU Z 1128 -77.42 130.80 -32.40
N LYS Z 1129 -77.56 131.05 -33.71
CA LYS Z 1129 -78.30 130.18 -34.63
C LYS Z 1129 -77.69 128.77 -34.70
N ALA Z 1130 -76.36 128.66 -34.76
CA ALA Z 1130 -75.66 127.38 -34.78
C ALA Z 1130 -75.88 126.57 -33.51
N ASN Z 1131 -75.82 127.20 -32.33
CA ASN Z 1131 -76.14 126.54 -31.06
C ASN Z 1131 -77.61 126.11 -31.02
N TYR Z 1132 -78.54 126.97 -31.41
CA TYR Z 1132 -79.96 126.62 -31.49
C TYR Z 1132 -80.18 125.40 -32.39
N GLU Z 1133 -79.62 125.38 -33.60
CA GLU Z 1133 -79.76 124.24 -34.51
C GLU Z 1133 -79.10 122.97 -33.94
N CYS Z 1134 -77.92 123.10 -33.33
CA CYS Z 1134 -77.19 121.98 -32.73
C CYS Z 1134 -77.97 121.34 -31.60
N TYR Z 1135 -78.40 122.11 -30.60
CA TYR Z 1135 -79.12 121.56 -29.44
C TYR Z 1135 -80.53 121.08 -29.80
N MET Z 1136 -81.20 121.70 -30.79
CA MET Z 1136 -82.48 121.19 -31.31
C MET Z 1136 -82.30 119.85 -32.05
N LYS Z 1137 -81.20 119.66 -32.80
CA LYS Z 1137 -80.86 118.38 -33.43
C LYS Z 1137 -80.38 117.31 -32.44
N MET Z 1138 -79.72 117.71 -31.36
CA MET Z 1138 -79.32 116.76 -30.31
C MET Z 1138 -80.54 116.20 -29.56
N GLN Z 1139 -81.64 116.93 -29.52
CA GLN Z 1139 -82.89 116.48 -28.89
C GLN Z 1139 -83.77 115.61 -29.80
N SER Z 1140 -83.82 115.90 -31.12
CA SER Z 1140 -84.55 115.10 -32.12
C SER Z 1140 -83.88 113.76 -32.38
N PHE AA 1 61.77 4.37 -57.88
CA PHE AA 1 60.60 4.23 -56.99
C PHE AA 1 60.28 5.61 -56.39
N ARG AA 2 59.02 6.04 -56.37
CA ARG AA 2 58.60 7.33 -55.78
C ARG AA 2 57.60 7.05 -54.68
N VAL AA 3 57.87 7.55 -53.47
CA VAL AA 3 56.92 7.51 -52.36
C VAL AA 3 55.71 8.36 -52.74
N GLY AA 4 54.50 7.83 -52.54
CA GLY AA 4 53.29 8.57 -52.88
C GLY AA 4 52.01 7.83 -52.58
N TRP AA 5 50.91 8.59 -52.62
CA TRP AA 5 49.56 8.09 -52.47
C TRP AA 5 49.01 7.63 -53.82
N GLY AA 6 48.50 6.40 -53.85
CA GLY AA 6 47.71 5.81 -54.91
C GLY AA 6 46.21 5.90 -54.63
N PRO AA 7 45.37 5.36 -55.53
CA PRO AA 7 43.92 5.38 -55.38
C PRO AA 7 43.48 4.72 -54.07
N ASN AA 8 42.31 5.16 -53.55
CA ASN AA 8 41.70 4.64 -52.32
C ASN AA 8 42.66 4.69 -51.10
N TRP AA 9 43.40 5.81 -50.97
CA TRP AA 9 44.38 6.06 -49.91
C TRP AA 9 45.38 4.92 -49.71
N THR AA 10 45.91 4.41 -50.82
CA THR AA 10 46.99 3.44 -50.80
C THR AA 10 48.34 4.16 -50.75
N LEU AA 11 49.00 4.20 -49.60
CA LEU AA 11 50.35 4.76 -49.47
C LEU AA 11 51.39 3.74 -49.91
N VAL AA 12 52.29 4.15 -50.79
CA VAL AA 12 53.42 3.33 -51.20
C VAL AA 12 54.71 4.00 -50.68
N HIS AA 13 55.44 3.34 -49.78
CA HIS AA 13 56.63 3.89 -49.12
C HIS AA 13 57.74 2.85 -48.92
N ASN AA 14 58.96 3.31 -48.64
CA ASN AA 14 60.12 2.45 -48.31
C ASN AA 14 60.50 2.47 -46.82
N GLY AA 15 59.73 3.18 -46.00
CA GLY AA 15 59.92 3.23 -44.53
C GLY AA 15 59.30 2.05 -43.79
N ASP AA 16 59.45 2.05 -42.47
CA ASP AA 16 58.82 1.06 -41.59
C ASP AA 16 57.29 1.09 -41.73
N LYS AA 17 56.66 -0.08 -41.55
CA LYS AA 17 55.20 -0.18 -41.61
C LYS AA 17 54.57 0.71 -40.54
N LEU AA 18 53.62 1.56 -40.93
CA LEU AA 18 52.94 2.46 -39.98
C LEU AA 18 51.96 1.69 -39.09
N LYS AA 53 62.90 -2.54 -50.44
CA LYS AA 53 61.59 -2.95 -49.95
C LYS AA 53 60.58 -1.81 -50.13
N VAL AA 54 59.50 -2.13 -50.82
CA VAL AA 54 58.37 -1.24 -51.04
C VAL AA 54 57.19 -1.77 -50.24
N HIS AA 55 56.71 -0.96 -49.30
CA HIS AA 55 55.49 -1.17 -48.55
C HIS AA 55 54.32 -0.52 -49.27
N MET AA 56 53.20 -1.23 -49.34
CA MET AA 56 51.92 -0.72 -49.85
C MET AA 56 50.91 -0.87 -48.72
N GLU AA 57 50.53 0.25 -48.12
CA GLU AA 57 49.61 0.30 -46.99
C GLU AA 57 48.33 1.02 -47.42
N LYS AA 58 47.18 0.43 -47.11
CA LYS AA 58 45.88 1.07 -47.37
C LYS AA 58 45.38 1.69 -46.08
N LEU AA 59 45.25 3.01 -46.07
CA LEU AA 59 44.60 3.71 -44.98
C LEU AA 59 43.08 3.64 -45.19
N SER AA 60 42.38 2.96 -44.29
CA SER AA 60 40.92 2.91 -44.31
C SER AA 60 40.43 3.68 -43.09
N LEU AA 61 39.62 4.71 -43.30
CA LEU AA 61 38.73 5.17 -42.23
C LEU AA 61 37.82 3.99 -41.89
N GLU AA 62 37.56 3.73 -40.60
CA GLU AA 62 36.62 2.68 -40.21
C GLU AA 62 35.28 2.91 -40.91
N GLN AA 63 34.87 1.97 -41.77
CA GLN AA 63 33.63 2.06 -42.55
C GLN AA 63 32.54 1.22 -41.89
N LYS AA 64 31.57 1.84 -41.22
CA LYS AA 64 30.28 1.21 -40.92
C LYS AA 64 29.33 1.53 -42.08
N SER AA 65 28.69 0.51 -42.66
CA SER AA 65 27.81 0.64 -43.84
C SER AA 65 26.65 1.64 -43.71
N ARG AA 66 26.27 2.07 -42.49
CA ARG AA 66 25.30 3.14 -42.24
C ARG AA 66 25.83 4.55 -42.56
N GLU AA 67 27.14 4.71 -42.75
CA GLU AA 67 27.79 6.00 -43.00
C GLU AA 67 27.54 6.56 -44.39
N LEU AA 68 27.21 5.76 -45.41
CA LEU AA 68 27.05 6.25 -46.79
C LEU AA 68 25.95 7.31 -46.93
N GLN AA 69 24.85 7.16 -46.19
CA GLN AA 69 23.78 8.16 -46.19
C GLN AA 69 24.21 9.50 -45.57
N SER AA 70 25.15 9.47 -44.62
CA SER AA 70 25.74 10.68 -44.02
C SER AA 70 26.55 11.50 -45.02
N TYR AA 71 27.10 10.86 -46.06
CA TYR AA 71 27.79 11.55 -47.16
C TYR AA 71 26.79 12.07 -48.21
N LEU AA 72 25.85 11.23 -48.64
CA LEU AA 72 24.99 11.51 -49.79
C LEU AA 72 24.03 12.69 -49.55
N MET AA 73 23.36 12.74 -48.39
CA MET AA 73 22.33 13.77 -48.15
C MET AA 73 22.92 15.19 -48.16
N PRO AA 74 24.04 15.49 -47.45
CA PRO AA 74 24.71 16.79 -47.56
C PRO AA 74 25.13 17.16 -48.98
N LEU AA 75 25.62 16.19 -49.75
CA LEU AA 75 26.03 16.41 -51.14
C LEU AA 75 24.86 16.71 -52.07
N GLU AA 76 23.71 16.08 -51.84
CA GLU AA 76 22.47 16.38 -52.58
C GLU AA 76 21.93 17.77 -52.25
N ILE AA 77 22.03 18.20 -50.98
CA ILE AA 77 21.68 19.56 -50.56
C ILE AA 77 22.55 20.58 -51.29
N GLU AA 78 23.87 20.36 -51.35
CA GLU AA 78 24.76 21.27 -52.06
C GLU AA 78 24.51 21.26 -53.57
N LEU AA 79 24.25 20.09 -54.17
CA LEU AA 79 23.92 19.98 -55.59
C LEU AA 79 22.62 20.72 -55.95
N LYS AA 80 21.62 20.72 -55.06
CA LYS AA 80 20.39 21.50 -55.21
C LYS AA 80 20.64 23.01 -55.09
N ASN AA 81 21.57 23.40 -54.21
CA ASN AA 81 21.89 24.78 -53.90
C ASN AA 81 23.09 25.34 -54.69
N SER AA 82 23.51 24.67 -55.77
CA SER AA 82 24.60 25.13 -56.65
C SER AA 82 24.11 25.36 -58.07
N SER AA 83 24.81 26.26 -58.78
CA SER AA 83 24.58 26.58 -60.18
C SER AA 83 25.77 26.14 -61.03
N VAL AA 84 25.48 25.71 -62.25
CA VAL AA 84 26.49 25.21 -63.20
C VAL AA 84 26.76 26.28 -64.25
N ASP AA 85 27.99 26.77 -64.27
CA ASP AA 85 28.51 27.55 -65.38
C ASP AA 85 29.04 26.61 -66.48
N ARG AA 86 28.47 26.74 -67.68
CA ARG AA 86 28.78 25.95 -68.88
C ARG AA 86 29.60 26.73 -69.91
N SER AA 87 30.09 27.93 -69.56
CA SER AA 87 30.85 28.80 -70.47
C SER AA 87 32.19 28.18 -70.92
N ALA AA 88 32.82 27.40 -70.04
CA ALA AA 88 34.09 26.72 -70.31
C ALA AA 88 33.88 25.25 -70.71
N GLN AA 89 34.91 24.64 -71.32
CA GLN AA 89 34.92 23.22 -71.67
C GLN AA 89 34.77 22.30 -70.44
N CYS AA 90 35.23 22.75 -69.27
CA CYS AA 90 35.04 22.09 -67.99
C CYS AA 90 33.92 22.80 -67.21
N PRO AA 91 32.82 22.10 -66.85
CA PRO AA 91 31.75 22.71 -66.07
C PRO AA 91 32.29 23.23 -64.74
N HIS AA 92 31.71 24.32 -64.26
CA HIS AA 92 32.10 24.91 -62.99
C HIS AA 92 30.88 25.08 -62.11
N PHE AA 93 30.91 24.45 -60.93
CA PHE AA 93 29.86 24.59 -59.94
C PHE AA 93 30.19 25.74 -59.00
N LYS AA 94 29.20 26.58 -58.72
CA LYS AA 94 29.26 27.63 -57.71
C LYS AA 94 28.05 27.53 -56.79
N PRO AA 95 28.22 27.69 -55.46
CA PRO AA 95 27.10 27.75 -54.56
C PRO AA 95 26.23 28.97 -54.87
N ASN AA 96 24.90 28.80 -54.79
CA ASN AA 96 23.94 29.87 -55.02
C ASN AA 96 24.02 30.87 -53.86
N ALA AA 97 24.10 32.17 -54.18
CA ALA AA 97 24.16 33.20 -53.16
C ALA AA 97 22.90 33.20 -52.29
N GLY AA 98 23.08 33.32 -50.96
CA GLY AA 98 21.99 33.38 -50.00
C GLY AA 98 22.08 32.33 -48.89
N VAL AA 99 20.94 32.07 -48.26
CA VAL AA 99 20.83 31.30 -47.00
C VAL AA 99 20.01 30.02 -47.14
N ALA AA 100 19.53 29.70 -48.35
CA ALA AA 100 18.69 28.52 -48.61
C ALA AA 100 19.40 27.21 -48.22
N ALA AA 101 20.69 27.09 -48.55
CA ALA AA 101 21.50 25.94 -48.18
C ALA AA 101 21.53 25.70 -46.65
N ILE AA 102 21.65 26.77 -45.85
CA ILE AA 102 21.67 26.69 -44.38
C ILE AA 102 20.38 26.06 -43.85
N HIS AA 103 19.22 26.47 -44.38
CA HIS AA 103 17.94 25.89 -43.96
C HIS AA 103 17.76 24.45 -44.41
N ASP AA 104 18.21 24.10 -45.62
CA ASP AA 104 18.17 22.72 -46.10
C ASP AA 104 19.06 21.82 -45.21
N TYR AA 105 20.28 22.25 -44.85
CA TYR AA 105 21.15 21.53 -43.91
C TYR AA 105 20.54 21.43 -42.51
N ALA AA 106 20.04 22.53 -41.94
CA ALA AA 106 19.43 22.53 -40.62
C ALA AA 106 18.15 21.67 -40.57
N GLY AA 107 17.33 21.70 -41.62
CA GLY AA 107 16.16 20.84 -41.77
C GLY AA 107 16.53 19.36 -41.86
N TRP AA 108 17.58 19.03 -42.61
CA TRP AA 108 18.11 17.67 -42.70
C TRP AA 108 18.56 17.14 -41.32
N VAL AA 109 19.35 17.90 -40.56
CA VAL AA 109 19.80 17.41 -39.25
C VAL AA 109 18.64 17.27 -38.25
N ARG AA 110 17.65 18.17 -38.27
CA ARG AA 110 16.43 18.04 -37.44
C ARG AA 110 15.64 16.78 -37.75
N ASN AA 111 15.51 16.43 -39.04
CA ASN AA 111 14.81 15.22 -39.43
C ASN AA 111 15.56 13.98 -38.93
N LEU AA 112 16.89 13.98 -39.07
CA LEU AA 112 17.73 12.90 -38.56
C LEU AA 112 17.65 12.74 -37.03
N SER AA 113 17.62 13.85 -36.27
CA SER AA 113 17.47 13.77 -34.81
C SER AA 113 16.11 13.21 -34.37
N ASN AA 114 15.08 13.31 -35.23
CA ASN AA 114 13.73 12.82 -34.93
C ASN AA 114 13.51 11.35 -35.35
N GLU AA 115 14.27 10.82 -36.31
CA GLU AA 115 13.97 9.54 -36.97
C GLU AA 115 14.65 8.28 -36.36
N ALA AA 116 15.74 8.37 -35.57
CA ALA AA 116 16.36 7.16 -35.01
C ALA AA 116 17.23 7.38 -33.75
N GLY AA 117 17.22 6.37 -32.86
CA GLY AA 117 18.20 6.18 -31.78
C GLY AA 117 19.60 5.84 -32.29
N GLU AA 118 20.61 6.07 -31.42
CA GLU AA 118 22.06 5.98 -31.69
C GLU AA 118 22.48 6.69 -32.99
N LEU AA 119 22.23 8.00 -33.08
CA LEU AA 119 22.95 8.84 -34.04
C LEU AA 119 24.46 8.77 -33.77
N GLU AA 120 25.25 8.70 -34.85
CA GLU AA 120 26.69 8.94 -34.80
C GLU AA 120 26.94 10.27 -34.09
N ALA AA 121 27.80 10.28 -33.06
CA ALA AA 121 28.11 11.47 -32.27
C ALA AA 121 28.52 12.66 -33.17
N VAL AA 122 29.16 12.37 -34.30
CA VAL AA 122 29.54 13.34 -35.33
C VAL AA 122 28.33 14.08 -35.92
N VAL AA 123 27.21 13.38 -36.19
CA VAL AA 123 26.00 14.01 -36.75
C VAL AA 123 25.31 14.90 -35.72
N LYS AA 124 25.32 14.53 -34.42
CA LYS AA 124 24.86 15.43 -33.35
C LYS AA 124 25.65 16.75 -33.35
N GLN AA 125 26.98 16.67 -33.50
CA GLN AA 125 27.85 17.86 -33.57
C GLN AA 125 27.56 18.73 -34.82
N TRP AA 126 27.29 18.10 -35.96
CA TRP AA 126 26.89 18.83 -37.17
C TRP AA 126 25.55 19.53 -36.96
N GLY AA 127 24.62 18.93 -36.21
CA GLY AA 127 23.37 19.56 -35.81
C GLY AA 127 23.57 20.85 -35.06
N LEU AA 128 24.45 20.87 -34.07
CA LEU AA 128 24.80 22.10 -33.34
C LEU AA 128 25.34 23.17 -34.29
N THR AA 129 26.23 22.77 -35.20
CA THR AA 129 26.87 23.68 -36.16
C THR AA 129 25.87 24.28 -37.15
N TRP AA 130 25.02 23.46 -37.77
CA TRP AA 130 24.05 23.93 -38.77
C TRP AA 130 22.90 24.74 -38.16
N THR AA 131 22.40 24.34 -36.99
CA THR AA 131 21.38 25.12 -36.26
C THR AA 131 21.95 26.45 -35.75
N LEU AA 132 23.24 26.51 -35.41
CA LEU AA 132 23.91 27.77 -35.10
C LEU AA 132 23.98 28.66 -36.35
N CYS AA 133 24.42 28.13 -37.49
CA CYS AA 133 24.45 28.87 -38.76
C CYS AA 133 23.07 29.44 -39.13
N GLU AA 134 22.00 28.68 -38.89
CA GLU AA 134 20.63 29.15 -39.11
C GLU AA 134 20.26 30.28 -38.15
N SER AA 135 20.62 30.19 -36.86
CA SER AA 135 20.36 31.27 -35.91
C SER AA 135 21.09 32.57 -36.27
N LEU AA 136 22.34 32.47 -36.74
CA LEU AA 136 23.21 33.61 -37.06
C LEU AA 136 22.90 34.25 -38.42
N TRP AA 137 22.71 33.44 -39.47
CA TRP AA 137 22.55 33.93 -40.84
C TRP AA 137 21.20 33.58 -41.49
N GLY AA 138 20.49 32.54 -41.02
CA GLY AA 138 19.25 32.05 -41.62
C GLY AA 138 18.09 33.07 -41.60
N GLN AA 139 17.03 32.82 -42.36
CA GLN AA 139 15.79 33.59 -42.36
C GLN AA 139 15.04 33.43 -41.03
N LEU AA 140 14.69 34.55 -40.41
CA LEU AA 140 13.88 34.60 -39.19
C LEU AA 140 12.46 35.03 -39.57
N LYS AA 141 11.46 34.23 -39.18
CA LYS AA 141 10.04 34.48 -39.49
C LYS AA 141 9.57 35.84 -38.94
N GLU AA 142 10.12 36.23 -37.80
CA GLU AA 142 9.81 37.48 -37.11
C GLU AA 142 10.30 38.71 -37.89
N LEU AA 143 11.39 38.58 -38.66
CA LEU AA 143 11.91 39.64 -39.53
C LEU AA 143 11.20 39.69 -40.89
N GLU AA 144 10.58 38.59 -41.33
CA GLU AA 144 9.79 38.51 -42.56
C GLU AA 144 8.36 39.02 -42.38
N ALA AA 145 7.85 39.03 -41.14
CA ALA AA 145 6.50 39.51 -40.82
C ALA AA 145 6.35 41.04 -40.96
N SER AA 146 7.45 41.80 -41.00
CA SER AA 146 7.43 43.26 -41.22
C SER AA 146 7.54 43.61 -42.71
N LEU AA 147 6.64 44.47 -43.20
CA LEU AA 147 6.66 44.96 -44.59
C LEU AA 147 7.78 45.98 -44.87
N ASP AA 148 8.33 46.62 -43.83
CA ASP AA 148 9.43 47.58 -43.91
C ASP AA 148 10.79 46.89 -43.74
N GLU AA 149 11.86 47.45 -44.33
CA GLU AA 149 13.22 46.95 -44.08
C GLU AA 149 13.54 47.05 -42.58
N PRO AA 150 13.79 45.92 -41.89
CA PRO AA 150 13.95 45.95 -40.44
C PRO AA 150 15.23 46.70 -40.08
N ASN AA 151 15.09 47.69 -39.19
CA ASN AA 151 16.20 48.45 -38.62
C ASN AA 151 17.29 47.50 -38.08
N GLU AA 152 18.56 47.89 -38.19
CA GLU AA 152 19.72 47.11 -37.75
C GLU AA 152 19.59 46.69 -36.27
N TYR AA 153 19.05 47.57 -35.42
CA TYR AA 153 18.75 47.26 -34.03
C TYR AA 153 17.76 46.09 -33.86
N VAL AA 154 16.68 46.09 -34.66
CA VAL AA 154 15.66 45.02 -34.63
C VAL AA 154 16.26 43.72 -35.12
N ARG AA 155 17.05 43.76 -36.21
CA ARG AA 155 17.79 42.58 -36.70
C ARG AA 155 18.70 42.01 -35.61
N ASN AA 156 19.50 42.85 -34.96
CA ASN AA 156 20.40 42.41 -33.90
C ASN AA 156 19.65 41.82 -32.70
N LEU AA 157 18.49 42.38 -32.34
CA LEU AA 157 17.65 41.87 -31.26
C LEU AA 157 17.05 40.50 -31.60
N GLU AA 158 16.48 40.32 -32.78
CA GLU AA 158 15.93 39.03 -33.21
C GLU AA 158 17.03 37.97 -33.38
N ARG AA 159 18.21 38.34 -33.88
CA ARG AA 159 19.39 37.46 -33.92
C ARG AA 159 19.85 37.03 -32.54
N ARG AA 160 19.89 37.97 -31.58
CA ARG AA 160 20.20 37.68 -30.18
C ARG AA 160 19.19 36.70 -29.58
N LYS AA 161 17.89 36.86 -29.87
CA LYS AA 161 16.84 35.93 -29.42
C LYS AA 161 17.01 34.54 -30.05
N ALA AA 162 17.26 34.47 -31.35
CA ALA AA 162 17.50 33.20 -32.05
C ALA AA 162 18.73 32.47 -31.48
N PHE AA 163 19.82 33.19 -31.25
CA PHE AA 163 21.02 32.66 -30.61
C PHE AA 163 20.76 32.21 -29.16
N SER AA 164 19.99 32.98 -28.40
CA SER AA 164 19.54 32.61 -27.05
C SER AA 164 18.71 31.32 -27.05
N HIS AA 165 17.83 31.14 -28.03
CA HIS AA 165 17.06 29.91 -28.18
C HIS AA 165 17.96 28.72 -28.54
N TRP AA 166 18.92 28.93 -29.43
CA TRP AA 166 19.91 27.91 -29.77
C TRP AA 166 20.67 27.44 -28.52
N LEU AA 167 21.23 28.36 -27.73
CA LEU AA 167 21.92 28.04 -26.47
C LEU AA 167 21.03 27.26 -25.50
N ALA AA 168 19.78 27.68 -25.31
CA ALA AA 168 18.83 26.98 -24.44
C ALA AA 168 18.56 25.54 -24.90
N HIS AA 169 18.41 25.33 -26.21
CA HIS AA 169 18.18 24.00 -26.78
C HIS AA 169 19.43 23.11 -26.66
N THR AA 170 20.64 23.64 -26.87
CA THR AA 170 21.88 22.86 -26.71
C THR AA 170 22.09 22.32 -25.30
N ALA AA 171 21.57 23.01 -24.29
CA ALA AA 171 21.70 22.63 -22.88
C ALA AA 171 20.58 21.72 -22.39
N GLU AA 172 19.53 21.47 -23.19
CA GLU AA 172 18.30 20.80 -22.76
C GLU AA 172 18.54 19.35 -22.29
N GLU AA 173 19.17 18.52 -23.12
CA GLU AA 173 19.48 17.10 -22.81
C GLU AA 173 20.30 17.00 -21.51
N ARG AA 174 21.37 17.80 -21.39
CA ARG AA 174 22.26 17.81 -20.22
C ARG AA 174 21.58 18.33 -18.94
N ILE AA 175 20.71 19.33 -19.05
CA ILE AA 175 19.97 19.85 -17.89
C ILE AA 175 18.97 18.81 -17.39
N GLU AA 176 18.29 18.09 -18.29
CA GLU AA 176 17.35 17.05 -17.90
C GLU AA 176 18.05 15.88 -17.21
N GLU AA 177 19.23 15.48 -17.70
CA GLU AA 177 20.11 14.52 -17.04
C GLU AA 177 20.53 15.00 -15.64
N GLU AA 178 21.07 16.21 -15.52
CA GLU AA 178 21.50 16.80 -14.25
C GLU AA 178 20.34 16.89 -13.23
N VAL AA 179 19.18 17.38 -13.65
CA VAL AA 179 18.00 17.51 -12.79
C VAL AA 179 17.49 16.14 -12.34
N SER AA 180 17.58 15.12 -13.19
CA SER AA 180 17.21 13.75 -12.82
C SER AA 180 18.15 13.16 -11.75
N LEU AA 181 19.43 13.53 -11.79
CA LEU AA 181 20.45 13.07 -10.85
C LEU AA 181 20.33 13.72 -9.46
N TYR AA 182 20.00 15.01 -9.39
CA TYR AA 182 19.98 15.78 -8.13
C TYR AA 182 18.86 15.36 -7.16
N GLY AA 183 17.76 14.78 -7.65
CA GLY AA 183 16.65 14.32 -6.82
C GLY AA 183 15.98 15.44 -6.00
N PRO AA 184 15.08 15.10 -5.04
CA PRO AA 184 14.37 16.09 -4.23
C PRO AA 184 15.24 16.74 -3.14
N GLU AA 185 16.29 16.07 -2.69
CA GLU AA 185 17.16 16.56 -1.60
C GLU AA 185 18.06 17.71 -2.06
N ARG AA 186 18.53 17.70 -3.32
CA ARG AA 186 19.40 18.75 -3.89
C ARG AA 186 18.66 19.67 -4.86
N HIS AA 187 17.47 20.10 -4.44
CA HIS AA 187 16.61 20.98 -5.25
C HIS AA 187 17.29 22.31 -5.65
N VAL AA 188 18.22 22.85 -4.85
CA VAL AA 188 18.94 24.10 -5.18
C VAL AA 188 19.87 23.92 -6.39
N GLU AA 189 20.55 22.78 -6.50
CA GLU AA 189 21.41 22.44 -7.64
C GLU AA 189 20.58 22.24 -8.92
N ALA AA 190 19.42 21.58 -8.79
CA ALA AA 190 18.47 21.43 -9.89
C ALA AA 190 17.86 22.78 -10.32
N VAL AA 191 17.56 23.68 -9.38
CA VAL AA 191 17.14 25.07 -9.67
C VAL AA 191 18.26 25.81 -10.42
N PHE AA 192 19.50 25.72 -9.96
CA PHE AA 192 20.65 26.32 -10.64
C PHE AA 192 20.78 25.81 -12.08
N SER AA 193 20.63 24.50 -12.28
CA SER AA 193 20.70 23.86 -13.60
C SER AA 193 19.64 24.42 -14.56
N PHE AA 194 18.38 24.55 -14.11
CA PHE AA 194 17.33 25.20 -14.91
C PHE AA 194 17.61 26.68 -15.24
N LEU AA 195 18.19 27.44 -14.31
CA LEU AA 195 18.55 28.84 -14.54
C LEU AA 195 19.65 28.99 -15.60
N THR AA 196 20.61 28.07 -15.61
CA THR AA 196 21.69 28.03 -16.62
C THR AA 196 21.23 27.52 -17.99
N GLY AA 197 19.97 27.10 -18.15
CA GLY AA 197 19.32 26.84 -19.44
C GLY AA 197 18.26 27.87 -19.83
N GLY AA 198 18.14 28.98 -19.10
CA GLY AA 198 17.13 30.01 -19.36
C GLY AA 198 15.70 29.60 -19.01
N ARG AA 199 15.48 28.43 -18.40
CA ARG AA 199 14.16 27.90 -18.00
C ARG AA 199 13.73 28.44 -16.63
N ILE AA 200 13.64 29.76 -16.51
CA ILE AA 200 13.29 30.45 -15.24
C ILE AA 200 11.93 29.97 -14.71
N SER AA 201 10.95 29.72 -15.58
CA SER AA 201 9.62 29.23 -15.19
C SER AA 201 9.66 27.87 -14.51
N ASP AA 202 10.52 26.95 -14.99
CA ASP AA 202 10.63 25.61 -14.42
C ASP AA 202 11.46 25.63 -13.13
N ALA AA 203 12.49 26.46 -13.07
CA ALA AA 203 13.22 26.78 -11.85
C ALA AA 203 12.28 27.30 -10.74
N CYS AA 204 11.39 28.25 -11.07
CA CYS AA 204 10.39 28.78 -10.15
C CYS AA 204 9.45 27.70 -9.61
N ARG AA 205 8.93 26.84 -10.50
CA ARG AA 205 8.01 25.74 -10.15
C ARG AA 205 8.70 24.70 -9.28
N LEU AA 206 9.96 24.35 -9.58
CA LEU AA 206 10.74 23.40 -8.79
C LEU AA 206 10.98 23.95 -7.38
N ALA AA 207 11.43 25.20 -7.26
CA ALA AA 207 11.61 25.87 -5.98
C ALA AA 207 10.31 25.87 -5.15
N GLN AA 208 9.17 26.19 -5.79
CA GLN AA 208 7.86 26.16 -5.13
C GLN AA 208 7.46 24.76 -4.65
N LYS AA 209 7.65 23.72 -5.48
CA LYS AA 209 7.35 22.32 -5.12
C LYS AA 209 8.21 21.81 -3.97
N SER AA 210 9.47 22.25 -3.91
CA SER AA 210 10.41 21.88 -2.85
C SER AA 210 10.20 22.65 -1.52
N GLY AA 211 9.27 23.61 -1.49
CA GLY AA 211 8.98 24.43 -0.29
C GLY AA 211 9.85 25.68 -0.15
N ASP AA 212 10.76 25.97 -1.09
CA ASP AA 212 11.55 27.20 -1.10
C ASP AA 212 10.79 28.37 -1.76
N HIS AA 213 9.78 28.85 -1.03
CA HIS AA 213 8.91 29.93 -1.52
C HIS AA 213 9.63 31.28 -1.67
N ARG AA 214 10.70 31.52 -0.89
CA ARG AA 214 11.47 32.77 -0.97
C ARG AA 214 12.29 32.80 -2.25
N LEU AA 215 12.95 31.69 -2.57
CA LEU AA 215 13.66 31.56 -3.84
C LEU AA 215 12.69 31.61 -5.03
N SER AA 216 11.55 30.93 -4.95
CA SER AA 216 10.53 30.99 -6.00
C SER AA 216 10.02 32.41 -6.26
N LEU AA 217 9.76 33.20 -5.21
CA LEU AA 217 9.36 34.60 -5.32
C LEU AA 217 10.46 35.44 -6.00
N LEU AA 218 11.72 35.27 -5.57
CA LEU AA 218 12.88 35.94 -6.15
C LEU AA 218 12.98 35.68 -7.65
N LEU AA 219 12.91 34.41 -8.06
CA LEU AA 219 13.03 33.99 -9.45
C LEU AA 219 11.90 34.53 -10.34
N SER AA 220 10.67 34.64 -9.80
CA SER AA 220 9.52 35.19 -10.53
C SER AA 220 9.69 36.67 -10.91
N GLN AA 221 10.56 37.41 -10.20
CA GLN AA 221 10.79 38.84 -10.40
C GLN AA 221 11.98 39.14 -11.33
N MET AA 222 12.73 38.11 -11.75
CA MET AA 222 13.97 38.28 -12.51
C MET AA 222 13.76 38.63 -13.99
N VAL AA 223 12.55 38.37 -14.53
CA VAL AA 223 12.27 38.63 -15.94
C VAL AA 223 12.09 40.14 -16.16
N GLY AA 224 13.16 40.80 -16.61
CA GLY AA 224 13.10 42.17 -17.14
C GLY AA 224 13.39 43.31 -16.16
N SER AA 225 13.71 43.04 -14.89
CA SER AA 225 14.05 44.08 -13.91
C SER AA 225 15.55 44.15 -13.61
N GLN AA 226 16.22 45.21 -14.06
CA GLN AA 226 17.61 45.51 -13.68
C GLN AA 226 17.73 45.91 -12.20
N GLU AA 227 16.71 46.59 -11.67
CA GLU AA 227 16.66 47.02 -10.26
C GLU AA 227 16.76 45.81 -9.32
N MET AA 228 16.09 44.70 -9.67
CA MET AA 228 16.14 43.48 -8.87
C MET AA 228 17.55 42.88 -8.80
N ARG AA 229 18.29 42.92 -9.92
CA ARG AA 229 19.69 42.47 -9.98
C ARG AA 229 20.58 43.30 -9.06
N GLU AA 230 20.39 44.62 -9.07
CA GLU AA 230 21.13 45.55 -8.21
C GLU AA 230 20.82 45.33 -6.73
N LEU AA 231 19.56 45.08 -6.38
CA LEU AA 231 19.17 44.74 -5.00
C LEU AA 231 19.80 43.43 -4.52
N ILE AA 232 19.87 42.40 -5.36
CA ILE AA 232 20.55 41.14 -5.01
C ILE AA 232 22.06 41.37 -4.86
N SER AA 233 22.67 42.20 -5.71
CA SER AA 233 24.08 42.57 -5.58
C SER AA 233 24.36 43.27 -4.24
N LEU AA 234 23.52 44.24 -3.85
CA LEU AA 234 23.62 44.90 -2.54
C LEU AA 234 23.47 43.90 -1.39
N GLN AA 235 22.52 42.97 -1.50
CA GLN AA 235 22.30 41.92 -0.50
C GLN AA 235 23.53 41.03 -0.32
N LEU AA 236 24.19 40.63 -1.40
CA LEU AA 236 25.45 39.85 -1.36
C LEU AA 236 26.56 40.64 -0.66
N VAL AA 237 26.73 41.93 -1.00
CA VAL AA 237 27.72 42.82 -0.38
C VAL AA 237 27.46 42.96 1.12
N ASP AA 238 26.20 43.10 1.54
CA ASP AA 238 25.85 43.22 2.95
C ASP AA 238 26.09 41.92 3.72
N TRP AA 239 25.75 40.76 3.14
CA TRP AA 239 26.09 39.47 3.75
C TRP AA 239 27.59 39.28 3.93
N ASN AA 240 28.40 39.72 2.97
CA ASN AA 240 29.84 39.64 3.06
C ASN AA 240 30.41 40.59 4.13
N LYS AA 241 29.96 41.84 4.18
CA LYS AA 241 30.38 42.82 5.20
C LYS AA 241 30.01 42.38 6.62
N LEU AA 242 28.84 41.77 6.78
CA LEU AA 242 28.35 41.26 8.07
C LEU AA 242 28.88 39.85 8.40
N GLN AA 243 29.68 39.24 7.52
CA GLN AA 243 30.18 37.87 7.66
C GLN AA 243 29.07 36.85 7.87
N VAL AA 244 27.91 37.04 7.23
CA VAL AA 244 26.77 36.10 7.31
C VAL AA 244 26.82 35.08 6.17
N ASP AA 245 27.52 35.40 5.08
CA ASP AA 245 27.70 34.56 3.90
C ASP AA 245 28.30 33.19 4.22
N HIS AA 246 29.19 33.09 5.22
CA HIS AA 246 29.78 31.79 5.59
C HIS AA 246 28.80 30.77 6.18
N TYR AA 247 27.63 31.22 6.67
CA TYR AA 247 26.57 30.33 7.16
C TYR AA 247 25.60 29.88 6.05
N ILE AA 248 25.71 30.44 4.86
CA ILE AA 248 24.83 30.13 3.73
C ILE AA 248 25.47 29.01 2.91
N GLN AA 249 24.64 28.04 2.49
CA GLN AA 249 25.05 26.96 1.57
C GLN AA 249 25.68 27.54 0.29
N GLU AA 250 26.77 26.93 -0.17
CA GLU AA 250 27.53 27.41 -1.33
C GLU AA 250 26.67 27.41 -2.60
N GLU AA 251 25.87 26.36 -2.79
CA GLU AA 251 24.98 26.20 -3.94
C GLU AA 251 23.94 27.33 -4.00
N ARG AA 252 23.46 27.75 -2.81
CA ARG AA 252 22.51 28.85 -2.67
C ARG AA 252 23.17 30.19 -2.96
N LEU AA 253 24.36 30.44 -2.42
CA LEU AA 253 25.14 31.63 -2.76
C LEU AA 253 25.44 31.69 -4.25
N ARG AA 254 25.75 30.56 -4.88
CA ARG AA 254 25.98 30.46 -6.33
C ARG AA 254 24.75 30.90 -7.15
N VAL AA 255 23.54 30.51 -6.72
CA VAL AA 255 22.30 31.01 -7.33
C VAL AA 255 22.18 32.53 -7.16
N PHE AA 256 22.43 33.09 -5.98
CA PHE AA 256 22.39 34.55 -5.79
C PHE AA 256 23.45 35.29 -6.62
N CYS AA 257 24.66 34.74 -6.74
CA CYS AA 257 25.73 35.28 -7.57
C CYS AA 257 25.31 35.34 -9.04
N LEU AA 258 24.73 34.24 -9.56
CA LEU AA 258 24.19 34.18 -10.92
C LEU AA 258 23.11 35.25 -11.14
N LEU AA 259 22.16 35.38 -10.21
CA LEU AA 259 21.05 36.33 -10.33
C LEU AA 259 21.52 37.79 -10.24
N SER AA 260 22.58 38.06 -9.47
CA SER AA 260 23.19 39.40 -9.38
C SER AA 260 24.04 39.78 -10.59
N GLY AA 261 24.36 38.83 -11.47
CA GLY AA 261 25.26 39.07 -12.61
C GLY AA 261 26.72 39.20 -12.19
N THR AA 262 27.13 38.57 -11.08
CA THR AA 262 28.55 38.47 -10.68
C THR AA 262 29.08 37.06 -10.95
N PRO AA 263 30.08 36.87 -11.84
CA PRO AA 263 30.56 35.55 -12.22
C PRO AA 263 31.36 34.84 -11.12
N VAL AA 264 32.17 35.60 -10.37
CA VAL AA 264 32.98 35.10 -9.25
C VAL AA 264 32.69 35.95 -8.02
N TRP AA 265 32.38 35.28 -6.90
CA TRP AA 265 32.15 35.94 -5.62
C TRP AA 265 33.15 35.44 -4.58
N ARG AA 266 33.79 36.36 -3.85
CA ARG AA 266 34.67 36.02 -2.72
C ARG AA 266 33.90 36.16 -1.42
N SER AA 267 33.64 35.03 -0.77
CA SER AA 267 33.00 34.98 0.56
C SER AA 267 33.93 35.52 1.64
N SER AA 268 33.38 35.92 2.79
CA SER AA 268 34.14 36.46 3.94
C SER AA 268 35.16 35.47 4.50
N ASP AA 269 34.90 34.17 4.33
CA ASP AA 269 35.80 33.04 4.65
C ASP AA 269 36.94 32.84 3.63
N ASN AA 270 37.13 33.77 2.68
CA ASN AA 270 38.07 33.68 1.58
C ASN AA 270 37.81 32.50 0.62
N ARG AA 271 36.58 31.97 0.60
CA ARG AA 271 36.14 30.97 -0.38
C ARG AA 271 35.68 31.66 -1.67
N SER AA 272 36.20 31.23 -2.81
CA SER AA 272 35.78 31.70 -4.13
C SER AA 272 34.63 30.86 -4.68
N ILE AA 273 33.47 31.48 -4.86
CA ILE AA 273 32.30 30.87 -5.48
C ILE AA 273 32.30 31.24 -6.95
N ASN AA 274 32.61 30.27 -7.81
CA ASN AA 274 32.62 30.43 -9.25
C ASN AA 274 31.35 29.82 -9.88
N VAL AA 275 30.52 30.69 -10.46
CA VAL AA 275 29.26 30.30 -11.13
C VAL AA 275 29.51 29.39 -12.34
N CYS AA 276 30.63 29.57 -13.04
CA CYS AA 276 30.95 28.87 -14.29
C CYS AA 276 31.73 27.55 -14.09
N SER AA 277 32.13 27.22 -12.86
CA SER AA 277 33.02 26.08 -12.56
C SER AA 277 32.50 24.70 -12.99
N GLN AA 278 31.18 24.51 -13.01
CA GLN AA 278 30.53 23.22 -13.37
C GLN AA 278 29.83 23.28 -14.73
N LEU AA 279 30.03 24.35 -15.49
CA LEU AA 279 29.35 24.58 -16.75
C LEU AA 279 30.27 24.25 -17.93
N ASP AA 280 29.70 23.66 -18.97
CA ASP AA 280 30.35 23.58 -20.28
C ASP AA 280 30.45 24.99 -20.89
N TRP AA 281 31.25 25.11 -21.95
CA TRP AA 281 31.53 26.41 -22.54
C TRP AA 281 30.27 27.06 -23.14
N LYS AA 282 29.32 26.24 -23.63
CA LYS AA 282 28.05 26.70 -24.20
C LYS AA 282 27.15 27.31 -23.11
N ARG AA 283 26.94 26.63 -21.98
CA ARG AA 283 26.19 27.20 -20.83
C ARG AA 283 26.93 28.37 -20.22
N THR AA 284 28.25 28.33 -20.16
CA THR AA 284 29.04 29.47 -19.67
C THR AA 284 28.80 30.70 -20.54
N LEU AA 285 28.86 30.58 -21.86
CA LEU AA 285 28.55 31.66 -22.80
C LEU AA 285 27.09 32.13 -22.65
N ALA AA 286 26.14 31.21 -22.44
CA ALA AA 286 24.74 31.54 -22.21
C ALA AA 286 24.53 32.37 -20.94
N VAL AA 287 25.20 32.01 -19.84
CA VAL AA 287 25.16 32.78 -18.60
C VAL AA 287 25.68 34.21 -18.81
N HIS AA 288 26.75 34.39 -19.58
CA HIS AA 288 27.25 35.72 -19.95
C HIS AA 288 26.22 36.53 -20.75
N LEU AA 289 25.52 35.88 -21.69
CA LEU AA 289 24.50 36.52 -22.52
C LEU AA 289 23.22 36.92 -21.74
N TRP AA 290 22.79 36.09 -20.79
CA TRP AA 290 21.51 36.25 -20.08
C TRP AA 290 21.63 37.06 -18.79
N TYR AA 291 22.67 36.83 -18.00
CA TYR AA 291 22.78 37.38 -16.64
C TYR AA 291 23.87 38.45 -16.50
N MET AA 292 25.01 38.30 -17.19
CA MET AA 292 26.15 39.21 -17.01
C MET AA 292 26.06 40.48 -17.87
N LEU AA 293 25.33 40.42 -18.99
CA LEU AA 293 25.15 41.52 -19.92
C LEU AA 293 23.72 42.07 -19.92
N PRO AA 294 23.51 43.33 -20.35
CA PRO AA 294 22.18 43.90 -20.51
C PRO AA 294 21.43 43.23 -21.68
N PRO AA 295 20.08 43.29 -21.71
CA PRO AA 295 19.27 42.69 -22.77
C PRO AA 295 19.46 43.33 -24.15
N THR AA 296 20.14 44.46 -24.23
CA THR AA 296 20.51 45.15 -25.48
C THR AA 296 21.89 44.74 -26.01
N ALA AA 297 22.64 43.93 -25.26
CA ALA AA 297 24.00 43.55 -25.64
C ALA AA 297 24.04 42.64 -26.86
N THR AA 298 25.02 42.84 -27.75
CA THR AA 298 25.18 42.04 -28.97
C THR AA 298 25.85 40.70 -28.70
N ILE AA 299 25.70 39.75 -29.63
CA ILE AA 299 26.38 38.44 -29.58
C ILE AA 299 27.91 38.62 -29.48
N ALA AA 300 28.46 39.59 -30.22
CA ALA AA 300 29.88 39.92 -30.17
C ALA AA 300 30.35 40.41 -28.79
N GLN AA 301 29.52 41.16 -28.06
CA GLN AA 301 29.84 41.59 -26.69
C GLN AA 301 29.85 40.40 -25.72
N ALA AA 302 28.89 39.48 -25.85
CA ALA AA 302 28.86 38.26 -25.05
C ALA AA 302 30.08 37.37 -25.30
N LEU AA 303 30.46 37.19 -26.56
CA LEU AA 303 31.64 36.41 -26.92
C LEU AA 303 32.92 37.03 -26.34
N ARG AA 304 33.12 38.35 -26.49
CA ARG AA 304 34.30 39.03 -25.92
C ARG AA 304 34.38 38.93 -24.40
N LEU AA 305 33.24 39.00 -23.71
CA LEU AA 305 33.21 38.85 -22.26
C LEU AA 305 33.58 37.43 -21.84
N TYR AA 306 33.05 36.43 -22.54
CA TYR AA 306 33.42 35.02 -22.33
C TYR AA 306 34.91 34.76 -22.63
N GLU AA 307 35.48 35.37 -23.68
CA GLU AA 307 36.91 35.22 -23.99
C GLU AA 307 37.83 35.74 -22.91
N ARG AA 308 37.47 36.88 -22.30
CA ARG AA 308 38.19 37.42 -21.15
C ARG AA 308 38.06 36.53 -19.91
N ALA AA 309 37.00 35.73 -19.81
CA ALA AA 309 36.71 34.90 -18.65
C ALA AA 309 37.65 33.68 -18.51
N PHE AA 310 38.21 33.19 -19.62
CA PHE AA 310 39.15 32.06 -19.61
C PHE AA 310 40.60 32.48 -19.94
N GLN AA 311 40.83 33.75 -20.29
CA GLN AA 311 42.18 34.31 -20.46
C GLN AA 311 42.74 34.74 -19.10
N GLU AA 312 44.04 34.52 -18.89
CA GLU AA 312 44.72 35.07 -17.71
C GLU AA 312 44.87 36.58 -17.85
N HIS AA 313 44.41 37.32 -16.86
CA HIS AA 313 44.53 38.77 -16.78
C HIS AA 313 45.09 39.19 -15.42
N GLU AA 314 45.70 40.38 -15.35
CA GLU AA 314 46.29 40.94 -14.11
C GLU AA 314 45.25 41.12 -12.98
N GLU AA 315 43.95 41.15 -13.32
CA GLU AA 315 42.84 41.47 -12.41
C GLU AA 315 42.13 40.23 -11.80
N GLY AA 316 42.49 39.00 -12.19
CA GLY AA 316 41.87 37.79 -11.62
C GLY AA 316 42.22 36.48 -12.31
N GLU AA 317 42.00 35.38 -11.59
CA GLU AA 317 42.16 34.01 -12.11
C GLU AA 317 41.06 33.69 -13.14
N PRO AA 318 41.37 32.88 -14.17
CA PRO AA 318 40.39 32.45 -15.16
C PRO AA 318 39.29 31.63 -14.47
N TYR AA 319 38.04 31.97 -14.75
CA TYR AA 319 36.87 31.36 -14.10
C TYR AA 319 35.98 30.58 -15.07
N ALA AA 320 36.18 30.71 -16.38
CA ALA AA 320 35.46 29.97 -17.41
C ALA AA 320 36.31 28.86 -18.02
N CYS AA 321 35.65 27.82 -18.52
CA CYS AA 321 36.28 26.77 -19.32
C CYS AA 321 36.65 27.27 -20.72
N TYR AA 322 37.74 26.75 -21.28
CA TYR AA 322 38.16 27.01 -22.66
C TYR AA 322 37.23 26.26 -23.64
N PRO AA 323 36.85 26.86 -24.79
CA PRO AA 323 35.88 26.26 -25.70
C PRO AA 323 36.51 25.16 -26.56
N LEU AA 324 36.63 23.96 -25.98
CA LEU AA 324 37.13 22.77 -26.65
C LEU AA 324 36.05 22.14 -27.54
N PRO AA 325 36.43 21.49 -28.67
CA PRO AA 325 35.54 20.63 -29.44
C PRO AA 325 34.96 19.50 -28.58
N PRO AA 326 33.78 18.95 -28.90
CA PRO AA 326 33.08 18.04 -27.98
C PRO AA 326 33.80 16.71 -27.76
N TYR AA 327 34.63 16.26 -28.71
CA TYR AA 327 35.46 15.07 -28.53
C TYR AA 327 36.66 15.28 -27.57
N LEU AA 328 36.96 16.54 -27.22
CA LEU AA 328 37.98 16.93 -26.24
C LEU AA 328 37.36 17.47 -24.94
N GLU AA 329 36.06 17.74 -24.88
CA GLU AA 329 35.38 18.29 -23.69
C GLU AA 329 35.54 17.37 -22.46
N ASP AA 330 35.52 16.04 -22.65
CA ASP AA 330 35.70 15.05 -21.57
C ASP AA 330 37.15 14.62 -21.35
N CYS AA 331 38.07 15.06 -22.22
CA CYS AA 331 39.49 14.87 -21.98
C CYS AA 331 39.87 15.79 -20.82
N SER AA 332 40.12 15.21 -19.65
CA SER AA 332 40.70 15.89 -18.50
C SER AA 332 42.13 16.34 -18.81
N ILE AA 333 42.26 17.35 -19.67
CA ILE AA 333 43.51 18.05 -19.89
C ILE AA 333 43.75 18.80 -18.58
N SER AA 334 44.52 18.18 -17.69
CA SER AA 334 45.02 18.84 -16.50
C SER AA 334 45.84 20.03 -16.96
N LEU AA 335 45.24 21.22 -16.84
CA LEU AA 335 45.89 22.51 -17.00
C LEU AA 335 46.88 22.66 -15.82
N GLY AA 336 47.99 21.93 -15.87
CA GLY AA 336 49.12 22.19 -14.97
C GLY AA 336 49.72 23.57 -15.22
N ASP AA 337 50.36 24.11 -14.18
CA ASP AA 337 50.86 25.47 -13.84
C ASP AA 337 51.34 26.47 -14.94
N GLU AA 338 51.30 26.15 -16.23
CA GLU AA 338 51.65 27.06 -17.34
C GLU AA 338 50.56 27.00 -18.45
N PRO AA 339 49.47 27.77 -18.31
CA PRO AA 339 48.31 27.69 -19.21
C PRO AA 339 48.43 28.54 -20.49
N SER AA 340 49.17 29.65 -20.48
CA SER AA 340 49.24 30.60 -21.61
C SER AA 340 49.86 30.03 -22.90
N ALA AA 341 50.89 29.19 -22.79
CA ALA AA 341 51.55 28.54 -23.94
C ALA AA 341 50.77 27.33 -24.50
N LYS AA 342 49.86 26.74 -23.71
CA LYS AA 342 49.07 25.56 -24.10
C LYS AA 342 47.80 25.94 -24.85
N PHE AA 343 47.14 27.05 -24.51
CA PHE AA 343 45.93 27.51 -25.22
C PHE AA 343 46.18 27.87 -26.69
N SER AA 344 47.38 28.34 -27.06
CA SER AA 344 47.73 28.58 -28.46
C SER AA 344 47.82 27.29 -29.30
N SER AA 345 47.97 26.14 -28.66
CA SER AA 345 48.03 24.83 -29.34
C SER AA 345 46.69 24.07 -29.32
N LEU AA 346 45.74 24.50 -28.48
CA LEU AA 346 44.46 23.84 -28.32
C LEU AA 346 43.44 24.38 -29.33
N GLN AA 347 42.94 23.49 -30.17
CA GLN AA 347 41.92 23.80 -31.15
C GLN AA 347 40.61 24.20 -30.46
N ARG AA 348 39.91 25.18 -31.02
CA ARG AA 348 38.59 25.63 -30.53
C ARG AA 348 37.47 24.90 -31.25
N ASP AA 349 36.33 24.80 -30.60
CA ASP AA 349 35.09 24.32 -31.22
C ASP AA 349 34.72 25.18 -32.44
N VAL AA 350 34.31 24.52 -33.53
CA VAL AA 350 33.84 25.17 -34.78
C VAL AA 350 32.76 26.22 -34.54
N CYS AA 351 31.89 26.02 -33.55
CA CYS AA 351 30.82 26.95 -33.19
C CYS AA 351 31.38 28.29 -32.69
N VAL AA 352 32.47 28.26 -31.91
CA VAL AA 352 33.15 29.49 -31.48
C VAL AA 352 33.82 30.18 -32.66
N HIS AA 353 34.42 29.43 -33.58
CA HIS AA 353 34.96 30.00 -34.81
C HIS AA 353 33.88 30.69 -35.66
N LEU AA 354 32.69 30.10 -35.79
CA LEU AA 354 31.55 30.71 -36.48
C LEU AA 354 31.04 31.98 -35.77
N LEU AA 355 30.97 31.96 -34.43
CA LEU AA 355 30.60 33.15 -33.63
C LEU AA 355 31.61 34.28 -33.80
N LYS AA 356 32.90 33.95 -33.86
CA LYS AA 356 33.95 34.93 -34.18
C LYS AA 356 33.80 35.48 -35.58
N LEU AA 357 33.58 34.63 -36.58
CA LEU AA 357 33.37 35.06 -37.96
C LEU AA 357 32.15 35.98 -38.10
N TYR AA 358 31.06 35.68 -37.38
CA TYR AA 358 29.88 36.54 -37.32
C TYR AA 358 30.17 37.90 -36.68
N SER AA 359 30.99 37.92 -35.63
CA SER AA 359 31.37 39.13 -34.91
C SER AA 359 32.41 39.97 -35.66
N GLU AA 360 33.34 39.30 -36.34
CA GLU AA 360 34.50 39.85 -37.05
C GLU AA 360 34.56 39.25 -38.45
N ARG AA 361 34.12 40.02 -39.45
CA ARG AA 361 33.98 39.52 -40.82
C ARG AA 361 35.30 39.05 -41.45
N GLN AA 362 36.45 39.53 -40.96
CA GLN AA 362 37.78 39.14 -41.41
C GLN AA 362 38.44 38.02 -40.58
N TYR AA 363 37.69 37.33 -39.73
CA TYR AA 363 38.23 36.22 -38.92
C TYR AA 363 38.86 35.11 -39.78
N ASP AA 364 39.92 34.47 -39.29
CA ASP AA 364 40.67 33.46 -40.04
C ASP AA 364 39.83 32.19 -40.32
N LEU AA 365 39.57 31.95 -41.60
CA LEU AA 365 38.84 30.78 -42.07
C LEU AA 365 39.68 29.50 -42.03
N CYS AA 366 41.02 29.61 -41.99
CA CYS AA 366 41.88 28.43 -41.98
C CYS AA 366 41.66 27.60 -40.71
N GLN AA 367 41.58 28.25 -39.55
CA GLN AA 367 41.30 27.58 -38.28
C GLN AA 367 39.85 27.05 -38.22
N LEU AA 368 38.89 27.81 -38.75
CA LEU AA 368 37.47 27.44 -38.74
C LEU AA 368 37.20 26.17 -39.54
N LEU AA 369 37.85 26.03 -40.70
CA LEU AA 369 37.64 24.92 -41.63
C LEU AA 369 38.59 23.74 -41.40
N ASP AA 370 39.40 23.76 -40.34
CA ASP AA 370 40.25 22.65 -39.95
C ASP AA 370 39.38 21.52 -39.35
N PRO AA 371 39.46 20.27 -39.86
CA PRO AA 371 38.72 19.12 -39.33
C PRO AA 371 38.86 18.92 -37.82
N SER AA 372 40.03 19.26 -37.26
CA SER AA 372 40.30 19.16 -35.82
C SER AA 372 39.39 20.05 -34.96
N SER AA 373 38.70 21.05 -35.52
CA SER AA 373 37.73 21.85 -34.77
C SER AA 373 36.39 21.12 -34.51
N VAL AA 374 36.19 19.96 -35.15
CA VAL AA 374 34.91 19.23 -35.17
C VAL AA 374 35.12 17.79 -34.71
N THR AA 375 36.07 17.08 -35.34
CA THR AA 375 36.22 15.64 -35.22
C THR AA 375 37.62 15.25 -34.74
N PRO AA 376 37.75 14.10 -34.03
CA PRO AA 376 39.06 13.55 -33.67
C PRO AA 376 39.85 13.07 -34.89
N ASP AA 377 39.17 12.79 -36.01
CA ASP AA 377 39.81 12.39 -37.26
C ASP AA 377 40.23 13.61 -38.10
N PRO AA 378 41.54 13.83 -38.33
CA PRO AA 378 42.04 14.94 -39.13
C PRO AA 378 41.79 14.77 -40.65
N LEU AA 379 41.32 13.61 -41.09
CA LEU AA 379 40.99 13.33 -42.50
C LEU AA 379 39.49 13.48 -42.80
N ASP AA 380 38.66 13.79 -41.80
CA ASP AA 380 37.24 14.01 -42.01
C ASP AA 380 36.93 15.44 -42.45
N TYR AA 381 36.92 15.67 -43.77
CA TYR AA 381 36.65 16.98 -44.36
C TYR AA 381 35.16 17.22 -44.68
N ARG AA 382 34.26 16.33 -44.23
CA ARG AA 382 32.81 16.41 -44.54
C ARG AA 382 32.24 17.77 -44.15
N LEU AA 383 32.26 18.12 -42.86
CA LEU AA 383 31.66 19.37 -42.39
C LEU AA 383 32.43 20.60 -42.92
N SER AA 384 33.76 20.55 -42.89
CA SER AA 384 34.61 21.66 -43.35
C SER AA 384 34.33 22.05 -44.80
N TRP AA 385 34.16 21.08 -45.69
CA TRP AA 385 33.88 21.37 -47.10
C TRP AA 385 32.49 22.00 -47.30
N HIS AA 386 31.46 21.43 -46.67
CA HIS AA 386 30.08 21.98 -46.75
C HIS AA 386 29.97 23.37 -46.11
N LEU AA 387 30.66 23.61 -44.98
CA LEU AA 387 30.76 24.93 -44.38
C LEU AA 387 31.40 25.94 -45.33
N TRP AA 388 32.48 25.56 -46.02
CA TRP AA 388 33.12 26.43 -47.00
C TRP AA 388 32.15 26.83 -48.14
N MET AA 389 31.35 25.90 -48.66
CA MET AA 389 30.34 26.21 -49.69
C MET AA 389 29.29 27.22 -49.20
N VAL AA 390 28.80 27.03 -47.98
CA VAL AA 390 27.84 27.95 -47.35
C VAL AA 390 28.48 29.32 -47.07
N LEU AA 391 29.70 29.37 -46.56
CA LEU AA 391 30.40 30.63 -46.32
C LEU AA 391 30.66 31.38 -47.63
N GLN AA 392 30.97 30.67 -48.71
CA GLN AA 392 31.09 31.26 -50.04
C GLN AA 392 29.75 31.82 -50.53
N ALA AA 393 28.62 31.13 -50.31
CA ALA AA 393 27.26 31.62 -50.60
C ALA AA 393 26.89 32.89 -49.80
N LEU AA 394 27.45 33.04 -48.59
CA LEU AA 394 27.32 34.23 -47.74
C LEU AA 394 28.29 35.36 -48.11
N ASN AA 395 29.06 35.21 -49.20
CA ASN AA 395 30.09 36.16 -49.69
C ASN AA 395 31.33 36.29 -48.80
N TYR AA 396 31.75 35.23 -48.10
CA TYR AA 396 33.09 35.14 -47.55
C TYR AA 396 34.06 34.60 -48.60
N THR AA 397 35.10 35.38 -48.94
CA THR AA 397 36.02 35.09 -50.05
C THR AA 397 37.49 35.11 -49.66
N HIS AA 398 37.80 35.33 -48.38
CA HIS AA 398 39.17 35.55 -47.90
C HIS AA 398 39.96 34.27 -47.59
N LEU AA 399 39.42 33.09 -47.94
CA LEU AA 399 40.18 31.84 -47.86
C LEU AA 399 41.18 31.76 -49.03
N SER AA 400 42.46 31.53 -48.73
CA SER AA 400 43.49 31.42 -49.78
C SER AA 400 43.20 30.29 -50.79
N GLU AA 401 43.56 30.50 -52.05
CA GLU AA 401 43.35 29.51 -53.12
C GLU AA 401 44.04 28.17 -52.83
N HIS AA 402 45.19 28.20 -52.17
CA HIS AA 402 45.90 26.98 -51.76
C HIS AA 402 45.07 26.15 -50.79
N ARG AA 403 44.49 26.79 -49.76
CA ARG AA 403 43.64 26.12 -48.77
C ARG AA 403 42.33 25.64 -49.38
N GLN AA 404 41.72 26.40 -50.28
CA GLN AA 404 40.57 25.94 -51.06
C GLN AA 404 40.92 24.65 -51.81
N GLY AA 405 42.05 24.64 -52.53
CA GLY AA 405 42.54 23.46 -53.23
C GLY AA 405 42.73 22.25 -52.31
N THR AA 406 43.28 22.45 -51.11
CA THR AA 406 43.40 21.39 -50.10
C THR AA 406 42.03 20.87 -49.67
N LEU AA 407 41.06 21.73 -49.37
CA LEU AA 407 39.71 21.29 -48.98
C LEU AA 407 39.04 20.47 -50.07
N HIS AA 408 39.07 20.94 -51.33
CA HIS AA 408 38.49 20.21 -52.46
C HIS AA 408 39.19 18.86 -52.68
N ALA AA 409 40.53 18.84 -52.65
CA ALA AA 409 41.30 17.61 -52.88
C ALA AA 409 41.12 16.59 -51.74
N SER AA 410 41.15 17.03 -50.48
CA SER AA 410 41.00 16.15 -49.32
C SER AA 410 39.61 15.53 -49.25
N TYR AA 411 38.55 16.32 -49.44
CA TYR AA 411 37.18 15.78 -49.43
C TYR AA 411 36.90 14.88 -50.64
N ALA AA 412 37.39 15.24 -51.83
CA ALA AA 412 37.31 14.37 -53.00
C ALA AA 412 38.03 13.03 -52.77
N ALA AA 413 39.19 13.04 -52.12
CA ALA AA 413 39.92 11.81 -51.80
C ALA AA 413 39.18 10.95 -50.75
N GLN AA 414 38.54 11.57 -49.76
CA GLN AA 414 37.66 10.88 -48.81
C GLN AA 414 36.50 10.19 -49.52
N LEU AA 415 35.81 10.89 -50.42
CA LEU AA 415 34.71 10.33 -51.21
C LEU AA 415 35.17 9.21 -52.16
N GLU AA 416 36.36 9.35 -52.77
CA GLU AA 416 36.98 8.29 -53.58
C GLU AA 416 37.20 7.02 -52.76
N ASN AA 417 37.72 7.15 -51.53
CA ASN AA 417 37.97 5.99 -50.66
C ASN AA 417 36.69 5.28 -50.20
N VAL AA 418 35.60 6.04 -49.99
CA VAL AA 418 34.27 5.50 -49.63
C VAL AA 418 33.55 4.87 -50.84
N GLY AA 419 34.06 5.07 -52.07
CA GLY AA 419 33.48 4.53 -53.30
C GLY AA 419 32.45 5.44 -53.98
N LEU AA 420 32.28 6.66 -53.48
CA LEU AA 420 31.43 7.72 -54.03
C LEU AA 420 32.23 8.65 -54.95
N TRP AA 421 33.03 8.07 -55.85
CA TRP AA 421 33.94 8.83 -56.71
C TRP AA 421 33.20 9.76 -57.70
N GLU AA 422 31.97 9.45 -58.07
CA GLU AA 422 31.12 10.33 -58.88
C GLU AA 422 30.81 11.65 -58.17
N TRP AA 423 30.70 11.63 -56.84
CA TRP AA 423 30.55 12.81 -56.01
C TRP AA 423 31.89 13.49 -55.72
N ALA AA 424 33.00 12.74 -55.70
CA ALA AA 424 34.33 13.34 -55.69
C ALA AA 424 34.55 14.22 -56.93
N ILE AA 425 34.04 13.83 -58.11
CA ILE AA 425 34.02 14.70 -59.30
C ILE AA 425 33.24 15.99 -59.02
N PHE AA 426 32.04 15.89 -58.45
CA PHE AA 426 31.24 17.07 -58.08
C PHE AA 426 32.02 18.04 -57.17
N VAL AA 427 32.72 17.53 -56.15
CA VAL AA 427 33.57 18.33 -55.27
C VAL AA 427 34.70 19.03 -56.05
N LEU AA 428 35.37 18.33 -56.96
CA LEU AA 428 36.43 18.90 -57.79
C LEU AA 428 35.91 19.97 -58.76
N LEU AA 429 34.65 19.88 -59.21
CA LEU AA 429 34.05 20.87 -60.11
C LEU AA 429 33.86 22.28 -59.48
N HIS AA 430 33.99 22.38 -58.16
CA HIS AA 430 33.98 23.64 -57.44
C HIS AA 430 35.34 24.36 -57.44
N ILE AA 431 36.42 23.70 -57.87
CA ILE AA 431 37.75 24.34 -57.97
C ILE AA 431 37.64 25.54 -58.92
N PRO AA 432 38.01 26.77 -58.50
CA PRO AA 432 37.87 27.97 -59.34
C PRO AA 432 38.70 27.90 -60.63
N HIS AA 433 39.94 27.42 -60.52
CA HIS AA 433 40.91 27.38 -61.63
C HIS AA 433 40.56 26.31 -62.67
N PRO AA 434 40.31 26.68 -63.95
CA PRO AA 434 39.79 25.76 -64.96
C PRO AA 434 40.76 24.63 -65.29
N HIS AA 435 42.05 24.92 -65.43
CA HIS AA 435 43.05 23.90 -65.77
C HIS AA 435 43.26 22.88 -64.65
N ILE AA 436 43.27 23.33 -63.38
CA ILE AA 436 43.42 22.46 -62.21
C ILE AA 436 42.17 21.59 -62.05
N ARG AA 437 40.99 22.20 -62.22
CA ARG AA 437 39.70 21.51 -62.20
C ARG AA 437 39.63 20.41 -63.26
N GLU AA 438 39.93 20.77 -64.50
CA GLU AA 438 39.96 19.84 -65.62
C GLU AA 438 40.95 18.69 -65.42
N ALA AA 439 42.17 19.00 -64.96
CA ALA AA 439 43.19 18.00 -64.68
C ALA AA 439 42.72 17.02 -63.58
N GLY AA 440 42.18 17.54 -62.46
CA GLY AA 440 41.69 16.71 -61.36
C GLY AA 440 40.52 15.81 -61.75
N VAL AA 441 39.55 16.34 -62.51
CA VAL AA 441 38.40 15.55 -62.99
C VAL AA 441 38.85 14.43 -63.93
N ARG AA 442 39.71 14.74 -64.92
CA ARG AA 442 40.22 13.72 -65.84
C ARG AA 442 41.06 12.67 -65.13
N GLU AA 443 41.87 13.09 -64.17
CA GLU AA 443 42.68 12.17 -63.38
C GLU AA 443 41.81 11.19 -62.59
N LEU AA 444 40.75 11.67 -61.94
CA LEU AA 444 39.82 10.79 -61.21
C LEU AA 444 39.07 9.84 -62.14
N LEU AA 445 38.59 10.33 -63.29
CA LEU AA 445 37.96 9.49 -64.34
C LEU AA 445 38.91 8.38 -64.80
N ASN AA 446 40.18 8.71 -65.09
CA ASN AA 446 41.17 7.75 -65.55
C ASN AA 446 41.47 6.65 -64.51
N ARG AA 447 41.31 6.94 -63.22
CA ARG AA 447 41.52 5.96 -62.13
C ARG AA 447 40.31 5.04 -61.94
N GLN AA 448 39.11 5.61 -61.91
CA GLN AA 448 37.90 4.95 -61.40
C GLN AA 448 36.93 4.48 -62.50
N CYS AA 449 37.00 5.01 -63.73
CA CYS AA 449 36.12 4.57 -64.81
C CYS AA 449 36.36 3.09 -65.15
N VAL AA 450 35.27 2.31 -65.09
CA VAL AA 450 35.26 0.88 -65.39
C VAL AA 450 34.80 0.67 -66.83
N VAL AA 451 35.45 -0.26 -67.54
CA VAL AA 451 35.10 -0.61 -68.93
C VAL AA 451 33.89 -1.55 -69.00
N ARG AA 452 33.66 -2.36 -67.95
CA ARG AA 452 32.53 -3.27 -67.84
C ARG AA 452 31.25 -2.49 -67.54
N GLU AA 453 30.24 -2.70 -68.37
CA GLU AA 453 28.92 -2.09 -68.24
C GLU AA 453 28.10 -2.86 -67.18
N SER AA 454 28.14 -2.38 -65.93
CA SER AA 454 27.18 -2.75 -64.88
C SER AA 454 26.08 -1.69 -64.75
N PRO AA 455 24.87 -2.02 -64.25
CA PRO AA 455 23.82 -1.02 -64.05
C PRO AA 455 24.28 0.12 -63.13
N GLU AA 456 25.10 -0.18 -62.12
CA GLU AA 456 25.71 0.82 -61.24
C GLU AA 456 26.68 1.74 -61.98
N SER AA 457 27.55 1.20 -62.83
CA SER AA 457 28.49 2.01 -63.62
C SER AA 457 27.76 2.95 -64.58
N LEU AA 458 26.67 2.48 -65.19
CA LEU AA 458 25.86 3.26 -66.11
C LEU AA 458 25.06 4.34 -65.38
N ALA AA 459 24.56 4.06 -64.16
CA ALA AA 459 23.95 5.06 -63.31
C ALA AA 459 24.93 6.17 -62.92
N LYS AA 460 26.18 5.82 -62.56
CA LYS AA 460 27.24 6.80 -62.27
C LYS AA 460 27.59 7.64 -63.50
N GLU AA 461 27.73 7.02 -64.68
CA GLU AA 461 27.98 7.75 -65.93
C GLU AA 461 26.84 8.71 -66.28
N ASN AA 462 25.60 8.26 -66.15
CA ASN AA 462 24.43 9.10 -66.37
C ASN AA 462 24.39 10.28 -65.38
N PHE AA 463 24.77 10.06 -64.12
CA PHE AA 463 24.90 11.13 -63.13
C PHE AA 463 25.94 12.17 -63.57
N LEU AA 464 27.12 11.75 -64.01
CA LEU AA 464 28.19 12.65 -64.47
C LEU AA 464 27.78 13.46 -65.70
N ILE AA 465 27.20 12.81 -66.70
CA ILE AA 465 26.86 13.44 -67.99
C ILE AA 465 25.62 14.33 -67.83
N HIS AA 466 24.55 13.84 -67.19
CA HIS AA 466 23.28 14.54 -67.16
C HIS AA 466 23.12 15.49 -65.97
N ARG AA 467 23.62 15.15 -64.78
CA ARG AA 467 23.52 16.03 -63.60
C ARG AA 467 24.74 16.95 -63.49
N LEU AA 468 25.95 16.42 -63.60
CA LEU AA 468 27.18 17.22 -63.48
C LEU AA 468 27.60 17.94 -64.77
N CYS AA 469 26.95 17.64 -65.89
CA CYS AA 469 27.28 18.20 -67.21
C CYS AA 469 28.74 17.93 -67.64
N VAL AA 470 29.35 16.85 -67.16
CA VAL AA 470 30.70 16.44 -67.58
C VAL AA 470 30.64 15.98 -69.03
N PRO AA 471 31.56 16.42 -69.91
CA PRO AA 471 31.56 15.98 -71.30
C PRO AA 471 31.67 14.45 -71.42
N ALA AA 472 30.73 13.83 -72.14
CA ALA AA 472 30.75 12.38 -72.40
C ALA AA 472 32.06 11.92 -73.06
N GLN AA 473 32.70 12.81 -73.83
CA GLN AA 473 34.02 12.60 -74.42
C GLN AA 473 35.05 12.19 -73.37
N TRP AA 474 35.10 12.85 -72.21
CA TRP AA 474 36.12 12.56 -71.19
C TRP AA 474 35.91 11.19 -70.53
N VAL AA 475 34.65 10.79 -70.36
CA VAL AA 475 34.30 9.44 -69.85
C VAL AA 475 34.74 8.38 -70.86
N HIS AA 476 34.49 8.60 -72.15
CA HIS AA 476 34.93 7.70 -73.21
C HIS AA 476 36.45 7.65 -73.35
N GLU AA 477 37.15 8.78 -73.22
CA GLU AA 477 38.61 8.83 -73.19
C GLU AA 477 39.20 7.99 -72.05
N ALA AA 478 38.64 8.10 -70.84
CA ALA AA 478 39.07 7.30 -69.69
C ALA AA 478 38.84 5.80 -69.92
N LYS AA 479 37.68 5.42 -70.49
CA LYS AA 479 37.39 4.03 -70.88
C LYS AA 479 38.31 3.52 -71.97
N ALA AA 480 38.74 4.35 -72.91
CA ALA AA 480 39.72 3.97 -73.93
C ALA AA 480 41.09 3.68 -73.31
N ILE AA 481 41.57 4.55 -72.41
CA ILE AA 481 42.84 4.35 -71.69
C ILE AA 481 42.80 3.07 -70.86
N ARG AA 482 41.68 2.80 -70.19
CA ARG AA 482 41.51 1.57 -69.41
C ARG AA 482 41.48 0.32 -70.30
N SER AA 483 40.79 0.38 -71.43
CA SER AA 483 40.74 -0.71 -72.41
C SER AA 483 42.12 -1.03 -72.97
N ARG AA 484 42.96 -0.01 -73.21
CA ARG AA 484 44.37 -0.18 -73.59
C ARG AA 484 45.17 -0.94 -72.54
N ARG AA 485 44.99 -0.60 -71.25
CA ARG AA 485 45.65 -1.29 -70.14
C ARG AA 485 45.23 -2.77 -70.07
N ASP AA 486 43.95 -3.04 -70.28
CA ASP AA 486 43.39 -4.40 -70.24
C ASP AA 486 43.73 -5.21 -71.51
N GLY AA 487 44.29 -4.57 -72.55
CA GLY AA 487 44.67 -5.19 -73.82
C GLY AA 487 43.52 -5.41 -74.80
N ASP AA 488 42.31 -4.89 -74.50
CA ASP AA 488 41.12 -5.01 -75.34
C ASP AA 488 41.10 -3.91 -76.41
N ARG AA 489 41.75 -4.21 -77.54
CA ARG AA 489 41.91 -3.29 -78.68
C ARG AA 489 40.59 -2.94 -79.35
N HIS AA 490 39.61 -3.84 -79.31
CA HIS AA 490 38.27 -3.59 -79.84
C HIS AA 490 37.60 -2.47 -79.04
N LYS AA 491 37.50 -2.66 -77.72
CA LYS AA 491 36.86 -1.65 -76.85
C LYS AA 491 37.65 -0.35 -76.84
N GLU AA 492 38.98 -0.41 -76.91
CA GLU AA 492 39.81 0.79 -77.07
C GLU AA 492 39.39 1.57 -78.33
N ALA AA 493 39.29 0.92 -79.50
CA ALA AA 493 38.86 1.58 -80.74
C ALA AA 493 37.45 2.18 -80.63
N LEU AA 494 36.50 1.43 -80.06
CA LEU AA 494 35.12 1.88 -79.85
C LEU AA 494 35.05 3.15 -78.99
N TYR AA 495 35.78 3.18 -77.88
CA TYR AA 495 35.76 4.31 -76.97
C TYR AA 495 36.56 5.51 -77.50
N LEU AA 496 37.63 5.29 -78.26
CA LEU AA 496 38.32 6.39 -78.98
C LEU AA 496 37.41 7.03 -80.03
N LEU AA 497 36.59 6.24 -80.72
CA LEU AA 497 35.60 6.71 -81.69
C LEU AA 497 34.53 7.57 -80.99
N LYS AA 498 33.90 7.04 -79.93
CA LYS AA 498 32.90 7.77 -79.12
C LYS AA 498 33.49 9.02 -78.44
N GLY AA 499 34.76 8.96 -78.06
CA GLY AA 499 35.52 10.06 -77.47
C GLY AA 499 35.98 11.13 -78.46
N HIS AA 500 35.63 11.02 -79.75
CA HIS AA 500 36.04 11.94 -80.82
C HIS AA 500 37.56 12.03 -81.02
N GLN AA 501 38.30 10.99 -80.62
CA GLN AA 501 39.74 10.88 -80.84
C GLN AA 501 40.04 10.14 -82.16
N TRP AA 502 39.77 10.82 -83.28
CA TRP AA 502 39.83 10.23 -84.62
C TRP AA 502 41.22 9.71 -85.02
N ASN AA 503 42.27 10.49 -84.77
CA ASN AA 503 43.65 10.13 -85.12
C ASN AA 503 44.15 8.88 -84.36
N PRO AA 504 44.04 8.84 -83.00
CA PRO AA 504 44.36 7.62 -82.25
C PRO AA 504 43.53 6.40 -82.68
N CYS AA 505 42.22 6.59 -82.91
CA CYS AA 505 41.33 5.51 -83.37
C CYS AA 505 41.80 4.95 -84.72
N HIS AA 506 42.02 5.80 -85.71
CA HIS AA 506 42.49 5.40 -87.03
C HIS AA 506 43.83 4.65 -86.99
N LYS AA 507 44.81 5.14 -86.21
CA LYS AA 507 46.10 4.47 -86.03
C LYS AA 507 45.96 3.09 -85.38
N LEU AA 508 45.06 2.95 -84.40
CA LEU AA 508 44.80 1.67 -83.73
C LEU AA 508 44.10 0.68 -84.66
N VAL AA 509 43.07 1.14 -85.39
CA VAL AA 509 42.31 0.30 -86.34
C VAL AA 509 43.22 -0.20 -87.44
N THR AA 510 43.98 0.68 -88.09
CA THR AA 510 44.87 0.31 -89.20
C THR AA 510 46.01 -0.61 -88.78
N ARG AA 511 46.63 -0.37 -87.62
CA ARG AA 511 47.80 -1.16 -87.15
C ARG AA 511 47.44 -2.49 -86.54
N HIS AA 512 46.26 -2.64 -85.94
CA HIS AA 512 45.98 -3.80 -85.09
C HIS AA 512 44.64 -4.49 -85.34
N LEU AA 513 43.65 -3.83 -85.95
CA LEU AA 513 42.33 -4.42 -86.19
C LEU AA 513 42.10 -4.76 -87.66
N ALA AA 514 42.63 -3.97 -88.59
CA ALA AA 514 42.37 -4.11 -90.02
C ALA AA 514 42.89 -5.45 -90.56
N ALA AA 515 44.15 -5.82 -90.26
CA ALA AA 515 44.72 -7.08 -90.74
C ALA AA 515 43.95 -8.31 -90.21
N ASP AA 516 43.64 -8.33 -88.91
CA ASP AA 516 42.87 -9.43 -88.30
C ASP AA 516 41.44 -9.51 -88.86
N ALA AA 517 40.80 -8.37 -89.15
CA ALA AA 517 39.46 -8.35 -89.74
C ALA AA 517 39.45 -8.81 -91.21
N VAL AA 518 40.45 -8.44 -92.00
CA VAL AA 518 40.60 -8.86 -93.41
C VAL AA 518 40.88 -10.36 -93.50
N ILE AA 519 41.81 -10.88 -92.69
CA ILE AA 519 42.18 -12.32 -92.68
C ILE AA 519 40.98 -13.19 -92.28
N ASN AA 520 40.18 -12.74 -91.31
CA ASN AA 520 38.98 -13.46 -90.85
C ASN AA 520 37.71 -13.13 -91.65
N GLU AA 521 37.82 -12.37 -92.74
CA GLU AA 521 36.71 -11.94 -93.59
C GLU AA 521 35.56 -11.19 -92.86
N ASN AA 522 35.86 -10.57 -91.72
CA ASN AA 522 34.89 -9.84 -90.92
C ASN AA 522 34.78 -8.37 -91.37
N TYR AA 523 34.30 -8.17 -92.59
CA TYR AA 523 34.26 -6.84 -93.22
C TYR AA 523 33.27 -5.88 -92.54
N ARG AA 524 32.13 -6.38 -92.06
CA ARG AA 524 31.12 -5.56 -91.34
C ARG AA 524 31.69 -4.94 -90.07
N TYR AA 525 32.53 -5.69 -89.36
CA TYR AA 525 33.23 -5.22 -88.16
C TYR AA 525 34.20 -4.09 -88.47
N LEU AA 526 35.00 -4.19 -89.54
CA LEU AA 526 35.93 -3.14 -89.93
C LEU AA 526 35.19 -1.92 -90.50
N GLN AA 527 34.08 -2.15 -91.19
CA GLN AA 527 33.22 -1.12 -91.77
C GLN AA 527 32.52 -0.26 -90.70
N SER AA 528 32.18 -0.81 -89.53
CA SER AA 528 31.57 0.00 -88.46
C SER AA 528 32.49 1.13 -88.00
N PHE AA 529 33.78 0.84 -87.82
CA PHE AA 529 34.78 1.87 -87.45
C PHE AA 529 35.14 2.78 -88.63
N LEU AA 530 35.51 2.21 -89.78
CA LEU AA 530 35.96 3.00 -90.93
C LEU AA 530 34.83 3.81 -91.56
N GLY AA 531 33.59 3.32 -91.48
CA GLY AA 531 32.40 4.04 -91.93
C GLY AA 531 32.17 5.31 -91.13
N GLU AA 532 32.21 5.24 -89.80
CA GLU AA 532 32.09 6.42 -88.93
C GLU AA 532 33.26 7.40 -89.13
N LEU AA 533 34.49 6.89 -89.28
CA LEU AA 533 35.67 7.72 -89.56
C LEU AA 533 35.61 8.39 -90.96
N SER AA 534 34.85 7.82 -91.90
CA SER AA 534 34.75 8.31 -93.29
C SER AA 534 33.90 9.57 -93.47
N ASN AA 535 33.24 10.04 -92.42
CA ASN AA 535 32.46 11.28 -92.49
C ASN AA 535 33.38 12.46 -92.88
N PRO AA 536 32.93 13.35 -93.78
CA PRO AA 536 33.77 14.40 -94.36
C PRO AA 536 34.30 15.40 -93.32
N GLU AA 537 33.61 15.55 -92.18
CA GLU AA 537 34.04 16.38 -91.06
C GLU AA 537 35.17 15.74 -90.24
N HIS AA 538 35.23 14.40 -90.17
CA HIS AA 538 36.23 13.66 -89.40
C HIS AA 538 37.49 13.41 -90.23
N CYS AA 539 37.33 13.03 -91.50
CA CYS AA 539 38.45 12.72 -92.42
C CYS AA 539 39.48 13.85 -92.53
N LYS AA 540 39.06 15.13 -92.51
CA LYS AA 540 39.97 16.29 -92.59
C LYS AA 540 40.96 16.35 -91.44
N HIS AA 541 40.58 15.81 -90.28
CA HIS AA 541 41.39 15.81 -89.07
C HIS AA 541 42.29 14.57 -88.96
N ILE AA 542 42.10 13.57 -89.84
CA ILE AA 542 42.80 12.29 -89.79
C ILE AA 542 44.07 12.37 -90.66
N GLN AA 543 45.23 12.16 -90.03
CA GLN AA 543 46.51 12.02 -90.73
C GLN AA 543 46.52 10.72 -91.56
N ASP AA 544 46.99 10.79 -92.79
CA ASP AA 544 47.19 9.61 -93.66
C ASP AA 544 45.91 8.79 -93.91
N TRP AA 545 44.73 9.44 -93.87
CA TRP AA 545 43.46 8.78 -94.13
C TRP AA 545 43.43 8.12 -95.53
N GLU AA 546 43.90 8.84 -96.55
CA GLU AA 546 43.84 8.40 -97.94
C GLU AA 546 44.74 7.19 -98.24
N THR AA 547 45.86 7.06 -97.54
CA THR AA 547 46.87 6.02 -97.79
C THR AA 547 46.62 4.73 -97.02
N ALA AA 548 45.84 4.78 -95.94
CA ALA AA 548 45.54 3.59 -95.13
C ALA AA 548 44.03 3.36 -94.93
N GLY AA 549 43.36 4.22 -94.17
CA GLY AA 549 41.98 3.99 -93.72
C GLY AA 549 40.98 3.90 -94.87
N LYS AA 550 41.13 4.80 -95.85
CA LYS AA 550 40.33 4.84 -97.08
C LYS AA 550 40.53 3.60 -97.94
N VAL AA 551 41.76 3.06 -98.03
CA VAL AA 551 42.07 1.88 -98.84
C VAL AA 551 41.33 0.65 -98.34
N TYR AA 552 41.31 0.43 -97.02
CA TYR AA 552 40.52 -0.65 -96.41
C TYR AA 552 39.01 -0.45 -96.62
N LEU AA 553 38.52 0.79 -96.49
CA LEU AA 553 37.09 1.09 -96.71
C LEU AA 553 36.67 0.89 -98.16
N ASP AA 554 37.48 1.35 -99.11
CA ASP AA 554 37.22 1.20 -100.54
C ASP AA 554 37.29 -0.28 -100.95
N TYR AA 555 38.18 -1.07 -100.33
CA TYR AA 555 38.23 -2.53 -100.50
C TYR AA 555 36.93 -3.20 -100.04
N ILE AA 556 36.42 -2.87 -98.84
CA ILE AA 556 35.14 -3.38 -98.34
C ILE AA 556 34.00 -2.99 -99.28
N ARG AA 557 33.94 -1.73 -99.72
CA ARG AA 557 32.91 -1.26 -100.67
C ARG AA 557 32.95 -2.00 -102.00
N VAL AA 558 34.13 -2.36 -102.49
CA VAL AA 558 34.28 -3.16 -103.72
C VAL AA 558 33.76 -4.59 -103.53
N ILE AA 559 34.01 -5.21 -102.38
CA ILE AA 559 33.43 -6.51 -102.05
C ILE AA 559 31.90 -6.41 -101.95
N ASP AA 560 31.38 -5.41 -101.26
CA ASP AA 560 29.94 -5.21 -101.09
C ASP AA 560 29.24 -4.99 -102.45
N MET AA 561 29.79 -4.14 -103.32
CA MET AA 561 29.24 -3.93 -104.66
C MET AA 561 29.30 -5.20 -105.52
N LEU AA 562 30.35 -6.01 -105.41
CA LEU AA 562 30.44 -7.28 -106.14
C LEU AA 562 29.39 -8.29 -105.65
N ASN AA 563 29.16 -8.38 -104.34
CA ASN AA 563 28.11 -9.24 -103.79
C ASN AA 563 26.71 -8.79 -104.23
N LEU AA 564 26.47 -7.48 -104.31
CA LEU AA 564 25.21 -6.93 -104.84
C LEU AA 564 25.01 -7.28 -106.32
N ILE AA 565 26.06 -7.14 -107.14
CA ILE AA 565 26.06 -7.48 -108.58
C ILE AA 565 25.87 -8.98 -108.83
N GLN AA 566 26.30 -9.84 -107.91
CA GLN AA 566 26.04 -11.28 -107.99
C GLN AA 566 24.61 -11.68 -107.63
N GLN AA 567 23.88 -10.82 -106.90
CA GLN AA 567 22.51 -11.10 -106.43
C GLN AA 567 21.43 -10.46 -107.32
N ASP AA 568 21.70 -9.28 -107.89
CA ASP AA 568 20.84 -8.58 -108.85
C ASP AA 568 21.46 -8.67 -110.26
N GLU AA 569 20.68 -9.00 -111.29
CA GLU AA 569 21.14 -8.84 -112.69
C GLU AA 569 21.40 -7.36 -112.99
N SER AA 570 22.64 -6.94 -112.76
CA SER AA 570 23.00 -5.52 -112.66
C SER AA 570 23.22 -4.82 -113.99
N SER AA 571 22.91 -3.52 -114.01
CA SER AA 571 23.13 -2.61 -115.16
C SER AA 571 24.61 -2.28 -115.38
N GLY AA 572 25.05 -2.19 -116.65
CA GLY AA 572 26.45 -1.93 -117.04
C GLY AA 572 27.10 -0.68 -116.42
N CYS AA 573 26.31 0.31 -116.00
CA CYS AA 573 26.78 1.52 -115.29
C CYS AA 573 27.40 1.21 -113.91
N GLU AA 574 26.84 0.25 -113.17
CA GLU AA 574 27.42 -0.16 -111.88
C GLU AA 574 28.71 -0.96 -112.07
N LEU AA 575 28.84 -1.68 -113.19
CA LEU AA 575 30.02 -2.45 -113.55
C LEU AA 575 31.20 -1.53 -113.94
N GLU AA 576 30.95 -0.41 -114.63
CA GLU AA 576 31.95 0.62 -114.93
C GLU AA 576 32.43 1.37 -113.66
N LYS AA 577 31.52 1.69 -112.73
CA LYS AA 577 31.88 2.27 -111.43
C LYS AA 577 32.71 1.31 -110.57
N LEU AA 578 32.40 0.02 -110.62
CA LEU AA 578 33.18 -1.02 -109.95
C LEU AA 578 34.57 -1.12 -110.58
N HIS AA 579 34.67 -1.14 -111.91
CA HIS AA 579 35.94 -1.20 -112.64
C HIS AA 579 36.88 -0.03 -112.27
N THR AA 580 36.38 1.20 -112.30
CA THR AA 580 37.17 2.39 -111.93
C THR AA 580 37.67 2.35 -110.48
N LYS AA 581 36.84 1.89 -109.54
CA LYS AA 581 37.22 1.74 -108.12
C LYS AA 581 38.25 0.62 -107.91
N VAL AA 582 38.08 -0.54 -108.55
CA VAL AA 582 39.04 -1.66 -108.48
C VAL AA 582 40.41 -1.24 -109.03
N MET AA 583 40.44 -0.52 -110.15
CA MET AA 583 41.69 -0.01 -110.75
C MET AA 583 42.41 0.98 -109.83
N SER AA 584 41.65 1.83 -109.13
CA SER AA 584 42.22 2.72 -108.12
C SER AA 584 42.78 1.94 -106.93
N LEU AA 585 42.06 0.92 -106.43
CA LEU AA 585 42.49 0.08 -105.32
C LEU AA 585 43.79 -0.66 -105.63
N CYS AA 586 43.97 -1.18 -106.86
CA CYS AA 586 45.22 -1.83 -107.25
C CYS AA 586 46.46 -0.94 -107.02
N LYS AA 587 46.33 0.38 -107.22
CA LYS AA 587 47.40 1.35 -106.97
C LYS AA 587 47.62 1.61 -105.48
N TRP AA 588 46.55 1.63 -104.69
CA TRP AA 588 46.61 2.02 -103.28
C TRP AA 588 46.94 0.87 -102.33
N VAL AA 589 46.62 -0.38 -102.70
CA VAL AA 589 46.97 -1.57 -101.90
C VAL AA 589 48.49 -1.73 -101.75
N GLU AA 590 49.27 -1.33 -102.76
CA GLU AA 590 50.75 -1.30 -102.70
C GLU AA 590 51.28 -0.33 -101.64
N LEU AA 591 50.58 0.77 -101.40
CA LEU AA 591 51.00 1.87 -100.53
C LEU AA 591 50.66 1.65 -99.04
N ILE AA 592 50.01 0.53 -98.70
CA ILE AA 592 49.70 0.18 -97.31
C ILE AA 592 51.00 -0.15 -96.57
N HIS AA 593 51.25 0.57 -95.48
CA HIS AA 593 52.42 0.35 -94.63
C HIS AA 593 52.24 -0.94 -93.81
N CYS AA 594 53.09 -1.94 -94.05
CA CYS AA 594 53.06 -3.21 -93.34
C CYS AA 594 54.09 -3.25 -92.21
N TYR AA 595 53.64 -3.35 -90.97
CA TYR AA 595 54.52 -3.40 -89.79
C TYR AA 595 54.71 -4.82 -89.27
N THR AA 596 53.69 -5.66 -89.39
CA THR AA 596 53.68 -7.04 -88.89
C THR AA 596 53.57 -8.05 -90.03
N ALA AA 597 53.90 -9.32 -89.76
CA ALA AA 597 53.70 -10.41 -90.71
C ALA AA 597 52.22 -10.60 -91.06
N LYS AA 598 51.30 -10.31 -90.11
CA LYS AA 598 49.86 -10.32 -90.34
C LYS AA 598 49.43 -9.24 -91.32
N ASP AA 599 50.00 -8.06 -91.24
CA ASP AA 599 49.68 -6.96 -92.17
C ASP AA 599 50.09 -7.35 -93.60
N ARG AA 600 51.25 -7.99 -93.78
CA ARG AA 600 51.69 -8.51 -95.09
C ARG AA 600 50.74 -9.59 -95.60
N LEU AA 601 50.29 -10.49 -94.73
CA LEU AA 601 49.32 -11.51 -95.09
C LEU AA 601 48.00 -10.87 -95.55
N ALA AA 602 47.46 -9.91 -94.77
CA ALA AA 602 46.26 -9.19 -95.13
C ALA AA 602 46.41 -8.41 -96.46
N GLN AA 603 47.55 -7.76 -96.68
CA GLN AA 603 47.86 -7.07 -97.93
C GLN AA 603 47.89 -8.04 -99.11
N SER AA 604 48.49 -9.22 -98.94
CA SER AA 604 48.54 -10.26 -99.97
C SER AA 604 47.16 -10.86 -100.29
N GLU AA 605 46.31 -11.08 -99.28
CA GLU AA 605 44.93 -11.53 -99.45
C GLU AA 605 44.08 -10.48 -100.16
N MET AA 606 44.22 -9.20 -99.77
CA MET AA 606 43.58 -8.09 -100.48
C MET AA 606 44.02 -8.04 -101.94
N ALA AA 607 45.33 -8.13 -102.20
CA ALA AA 607 45.88 -8.12 -103.56
C ALA AA 607 45.33 -9.26 -104.42
N LYS AA 608 45.33 -10.49 -103.90
CA LYS AA 608 44.77 -11.67 -104.56
C LYS AA 608 43.28 -11.51 -104.86
N ARG AA 609 42.49 -11.10 -103.86
CA ARG AA 609 41.05 -10.86 -104.02
C ARG AA 609 40.79 -9.75 -105.05
N VAL AA 610 41.49 -8.63 -104.99
CA VAL AA 610 41.33 -7.51 -105.93
C VAL AA 610 41.67 -7.93 -107.36
N ALA AA 611 42.72 -8.72 -107.59
CA ALA AA 611 43.05 -9.24 -108.91
C ALA AA 611 41.97 -10.18 -109.46
N ASN AA 612 41.44 -11.07 -108.62
CA ASN AA 612 40.32 -11.94 -109.00
C ASN AA 612 39.06 -11.13 -109.33
N ILE AA 613 38.75 -10.10 -108.53
CA ILE AA 613 37.63 -9.20 -108.80
C ILE AA 613 37.85 -8.48 -110.15
N LEU AA 614 39.04 -7.96 -110.41
CA LEU AA 614 39.36 -7.30 -111.68
C LEU AA 614 39.12 -8.23 -112.89
N ARG AA 615 39.52 -9.50 -112.79
CA ARG AA 615 39.24 -10.52 -113.83
C ARG AA 615 37.74 -10.74 -114.05
N VAL AA 616 36.98 -10.91 -112.96
CA VAL AA 616 35.53 -11.15 -113.02
C VAL AA 616 34.82 -9.95 -113.67
N VAL AA 617 35.16 -8.73 -113.26
CA VAL AA 617 34.59 -7.51 -113.83
C VAL AA 617 34.89 -7.39 -115.33
N LEU AA 618 36.13 -7.65 -115.73
CA LEU AA 618 36.51 -7.61 -117.15
C LEU AA 618 35.84 -8.72 -117.98
N SER AA 619 35.56 -9.89 -117.39
CA SER AA 619 34.79 -10.95 -118.05
C SER AA 619 33.30 -10.60 -118.22
N LEU AA 620 32.71 -9.91 -117.24
CA LEU AA 620 31.30 -9.52 -117.25
C LEU AA 620 31.01 -8.28 -118.11
N GLN AA 621 32.01 -7.43 -118.37
CA GLN AA 621 31.89 -6.27 -119.26
C GLN AA 621 31.84 -6.64 -120.75
N GLN AA 622 31.95 -7.92 -121.11
CA GLN AA 622 31.89 -8.33 -122.50
C GLN AA 622 30.44 -8.46 -123.00
N PRO AA 623 30.12 -7.94 -124.21
CA PRO AA 623 28.85 -8.22 -124.85
C PRO AA 623 28.77 -9.73 -125.20
N PRO AA 624 27.60 -10.38 -125.08
CA PRO AA 624 27.42 -11.82 -125.30
C PRO AA 624 27.59 -12.30 -126.77
N GLU AA 625 28.21 -11.52 -127.66
CA GLU AA 625 28.30 -11.84 -129.10
C GLU AA 625 29.52 -12.67 -129.52
N SER AA 626 30.34 -13.17 -128.60
CA SER AA 626 31.43 -14.12 -128.91
C SER AA 626 31.23 -15.50 -128.27
N MET AA 627 30.02 -16.06 -128.38
CA MET AA 627 29.78 -17.47 -128.04
C MET AA 627 30.14 -18.35 -129.23
N SER AA 628 31.43 -18.65 -129.40
CA SER AA 628 31.84 -19.93 -129.99
C SER AA 628 32.04 -20.92 -128.85
N ASP AA 629 31.19 -21.94 -128.81
CA ASP AA 629 31.23 -23.05 -127.84
C ASP AA 629 32.65 -23.64 -127.77
N SER AA 630 33.25 -23.60 -126.57
CA SER AA 630 34.48 -24.31 -126.10
C SER AA 630 35.66 -23.47 -125.59
N SER AA 631 35.57 -22.14 -125.46
CA SER AA 631 36.63 -21.36 -124.81
C SER AA 631 36.13 -20.57 -123.60
N GLU AA 632 36.86 -20.70 -122.48
CA GLU AA 632 36.75 -19.86 -121.27
C GLU AA 632 36.62 -18.36 -121.60
N PRO AA 633 35.95 -17.55 -120.77
CA PRO AA 633 35.71 -16.12 -121.02
C PRO AA 633 37.02 -15.39 -121.35
N ARG AA 634 37.07 -14.69 -122.50
CA ARG AA 634 38.26 -14.00 -123.01
C ARG AA 634 38.55 -12.73 -122.21
N VAL AA 635 39.36 -12.80 -121.16
CA VAL AA 635 39.73 -11.58 -120.39
C VAL AA 635 40.75 -10.75 -121.18
N PRO AA 636 40.50 -9.47 -121.51
CA PRO AA 636 41.45 -8.65 -122.27
C PRO AA 636 42.74 -8.40 -121.46
N LEU AA 637 43.81 -9.06 -121.88
CA LEU AA 637 45.12 -9.08 -121.21
C LEU AA 637 45.80 -7.71 -121.11
N ARG AA 638 45.57 -6.84 -122.10
CA ARG AA 638 46.16 -5.49 -122.14
C ARG AA 638 45.72 -4.60 -120.98
N LEU AA 639 44.51 -4.80 -120.47
CA LEU AA 639 43.94 -4.04 -119.35
C LEU AA 639 44.28 -4.67 -117.99
N LEU AA 640 44.57 -5.98 -117.98
CA LEU AA 640 44.80 -6.76 -116.76
C LEU AA 640 46.30 -6.77 -116.35
N ALA AA 641 47.21 -6.94 -117.31
CA ALA AA 641 48.65 -7.10 -117.07
C ALA AA 641 49.34 -5.93 -116.31
N PRO AA 642 49.03 -4.64 -116.59
CA PRO AA 642 49.67 -3.52 -115.88
C PRO AA 642 49.33 -3.43 -114.39
N HIS AA 643 48.19 -4.00 -113.99
CA HIS AA 643 47.65 -3.92 -112.63
C HIS AA 643 48.05 -5.14 -111.80
N ILE AA 644 48.09 -6.34 -112.40
CA ILE AA 644 48.57 -7.54 -111.71
C ILE AA 644 50.07 -7.42 -111.35
N GLY AA 645 50.89 -6.85 -112.24
CA GLY AA 645 52.31 -6.66 -111.97
C GLY AA 645 52.67 -5.65 -110.87
N ARG AA 646 51.70 -4.82 -110.43
CA ARG AA 646 51.87 -3.83 -109.35
C ARG AA 646 51.33 -4.28 -108.00
N LEU AA 647 50.58 -5.38 -107.97
CA LEU AA 647 49.99 -5.88 -106.74
C LEU AA 647 51.05 -6.64 -105.91
N PRO AA 648 51.16 -6.35 -104.60
CA PRO AA 648 52.08 -7.06 -103.71
C PRO AA 648 51.55 -8.46 -103.40
N MET AA 649 51.80 -9.39 -104.32
CA MET AA 649 51.41 -10.80 -104.19
C MET AA 649 52.58 -11.65 -103.65
N PRO AA 650 52.29 -12.78 -102.97
CA PRO AA 650 53.32 -13.77 -102.64
C PRO AA 650 53.96 -14.31 -103.92
N GLU AA 651 55.25 -14.62 -103.88
CA GLU AA 651 56.03 -15.06 -105.06
C GLU AA 651 55.38 -16.23 -105.81
N ASP AA 652 54.86 -17.23 -105.07
CA ASP AA 652 54.20 -18.39 -105.65
C ASP AA 652 52.95 -18.01 -106.45
N TYR AA 653 52.14 -17.09 -105.91
CA TYR AA 653 50.91 -16.64 -106.55
C TYR AA 653 51.19 -15.69 -107.71
N ALA AA 654 52.19 -14.81 -107.57
CA ALA AA 654 52.64 -13.96 -108.66
C ALA AA 654 53.15 -14.79 -109.85
N LEU AA 655 53.85 -15.91 -109.59
CA LEU AA 655 54.30 -16.84 -110.63
C LEU AA 655 53.14 -17.59 -111.29
N GLU AA 656 52.13 -18.03 -110.53
CA GLU AA 656 50.91 -18.62 -111.08
C GLU AA 656 50.14 -17.62 -111.96
N GLU AA 657 50.00 -16.38 -111.51
CA GLU AA 657 49.36 -15.30 -112.25
C GLU AA 657 50.13 -14.97 -113.53
N LEU AA 658 51.45 -14.87 -113.48
CA LEU AA 658 52.31 -14.67 -114.65
C LEU AA 658 52.24 -15.86 -115.63
N ARG AA 659 52.16 -17.10 -115.13
CA ARG AA 659 51.95 -18.29 -115.96
C ARG AA 659 50.58 -18.26 -116.63
N GLY AA 660 49.53 -17.88 -115.91
CA GLY AA 660 48.18 -17.71 -116.47
C GLY AA 660 48.13 -16.61 -117.53
N LEU AA 661 48.78 -15.47 -117.26
CA LEU AA 661 48.89 -14.34 -118.21
C LEU AA 661 49.69 -14.72 -119.46
N THR AA 662 50.80 -15.44 -119.31
CA THR AA 662 51.62 -15.89 -120.45
C THR AA 662 50.90 -16.96 -121.28
N GLN AA 663 50.20 -17.91 -120.65
CA GLN AA 663 49.39 -18.90 -121.36
C GLN AA 663 48.22 -18.27 -122.10
N SER AA 664 47.53 -17.30 -121.50
CA SER AA 664 46.43 -16.59 -122.15
C SER AA 664 46.93 -15.65 -123.25
N TYR AA 665 48.10 -15.01 -123.09
CA TYR AA 665 48.74 -14.22 -124.14
C TYR AA 665 49.18 -15.07 -125.33
N LEU AA 666 49.72 -16.27 -125.06
CA LEU AA 666 50.01 -17.25 -126.10
C LEU AA 666 48.72 -17.70 -126.81
N ARG AA 667 47.61 -17.88 -126.10
CA ARG AA 667 46.31 -18.20 -126.72
C ARG AA 667 45.75 -17.04 -127.55
N GLU AA 668 45.88 -15.77 -127.13
CA GLU AA 668 45.53 -14.60 -127.95
C GLU AA 668 46.33 -14.58 -129.26
N LEU AA 669 47.65 -14.82 -129.18
CA LEU AA 669 48.52 -14.88 -130.36
C LEU AA 669 48.20 -16.04 -131.31
N ILE AA 670 47.70 -17.16 -130.79
CA ILE AA 670 47.32 -18.34 -131.59
C ILE AA 670 45.92 -18.18 -132.22
N CYS AA 671 45.03 -17.38 -131.62
CA CYS AA 671 43.70 -17.09 -132.19
C CYS AA 671 43.69 -15.91 -133.19
N ASP AA 672 44.68 -15.02 -133.16
CA ASP AA 672 44.85 -13.90 -134.10
C ASP AA 672 45.69 -14.27 -135.36
N SER AA 673 46.14 -15.51 -135.45
CA SER AA 673 46.78 -16.13 -136.64
C SER AA 673 45.85 -17.11 -137.31
N PHE BA 1 -7.41 23.95 39.91
CA PHE BA 1 -8.56 23.78 40.81
C PHE BA 1 -8.78 25.09 41.55
N ARG BA 2 -10.01 25.59 41.67
CA ARG BA 2 -10.34 26.83 42.39
C ARG BA 2 -11.34 26.48 43.49
N VAL BA 3 -11.00 26.85 44.73
CA VAL BA 3 -11.93 26.73 45.87
C VAL BA 3 -13.09 27.68 45.62
N GLY BA 4 -14.33 27.20 45.80
CA GLY BA 4 -15.50 28.04 45.58
C GLY BA 4 -16.82 27.35 45.84
N TRP BA 5 -17.86 28.16 45.91
CA TRP BA 5 -19.25 27.73 46.04
C TRP BA 5 -19.85 27.44 44.67
N GLY BA 6 -20.43 26.26 44.53
CA GLY BA 6 -21.27 25.83 43.42
C GLY BA 6 -22.76 25.98 43.76
N PRO BA 7 -23.65 25.58 42.84
CA PRO BA 7 -25.10 25.68 43.03
C PRO BA 7 -25.55 24.90 44.28
N ASN BA 8 -26.66 25.34 44.87
CA ASN BA 8 -27.28 24.73 46.06
C ASN BA 8 -26.29 24.59 47.24
N TRP BA 9 -25.49 25.65 47.48
CA TRP BA 9 -24.47 25.72 48.52
C TRP BA 9 -23.52 24.51 48.57
N THR BA 10 -23.06 24.11 47.39
CA THR BA 10 -22.04 23.07 47.29
C THR BA 10 -20.66 23.70 47.37
N LEU BA 11 -19.95 23.59 48.49
CA LEU BA 11 -18.58 24.06 48.65
C LEU BA 11 -17.61 23.03 48.07
N VAL BA 12 -16.72 23.48 47.20
CA VAL BA 12 -15.63 22.66 46.68
C VAL BA 12 -14.30 23.18 47.22
N HIS BA 13 -13.59 22.39 48.03
CA HIS BA 13 -12.35 22.80 48.71
C HIS BA 13 -11.30 21.68 48.77
N ASN BA 14 -10.05 22.04 49.05
CA ASN BA 14 -8.94 21.09 49.25
C ASN BA 14 -8.51 20.93 50.72
N GLY BA 15 -9.23 21.59 51.65
CA GLY BA 15 -8.99 21.47 53.09
C GLY BA 15 -9.66 20.25 53.73
N ASP BA 16 -9.48 20.09 55.04
CA ASP BA 16 -10.15 19.06 55.84
C ASP BA 16 -11.68 19.18 55.73
N LYS BA 17 -12.38 18.04 55.80
CA LYS BA 17 -13.84 18.02 55.78
C LYS BA 17 -14.39 18.83 56.96
N LEU BA 18 -15.30 19.76 56.69
CA LEU BA 18 -15.90 20.60 57.74
C LEU BA 18 -16.90 19.78 58.58
N LYS BA 53 -6.50 16.22 46.51
CA LYS BA 53 -7.83 15.83 47.00
C LYS BA 53 -8.76 17.03 46.97
N VAL BA 54 -9.88 16.86 46.29
CA VAL BA 54 -10.97 17.83 46.19
C VAL BA 54 -12.15 17.29 46.97
N HIS BA 55 -12.56 18.00 48.01
CA HIS BA 55 -13.77 17.78 48.77
C HIS BA 55 -14.92 18.57 48.15
N MET BA 56 -16.08 17.94 48.04
CA MET BA 56 -17.33 18.56 47.62
C MET BA 56 -18.33 18.35 48.76
N GLU BA 57 -18.63 19.41 49.50
CA GLU BA 57 -19.51 19.40 50.65
C GLU BA 57 -20.77 20.22 50.34
N LYS BA 58 -21.94 19.67 50.62
CA LYS BA 58 -23.19 20.41 50.47
C LYS BA 58 -23.63 20.91 51.83
N LEU BA 59 -23.69 22.23 51.98
CA LEU BA 59 -24.27 22.84 53.17
C LEU BA 59 -25.79 22.88 52.99
N SER BA 60 -26.51 22.15 53.84
CA SER BA 60 -27.96 22.18 53.86
C SER BA 60 -28.38 22.83 55.16
N LEU BA 61 -29.14 23.94 55.09
CA LEU BA 61 -29.97 24.32 56.23
C LEU BA 61 -30.95 23.16 56.47
N GLU BA 62 -31.19 22.78 57.73
CA GLU BA 62 -32.18 21.75 58.04
C GLU BA 62 -33.53 22.13 57.41
N GLN BA 63 -34.01 21.31 56.46
CA GLN BA 63 -35.25 21.56 55.74
C GLN BA 63 -36.37 20.70 56.33
N LYS BA 64 -37.29 21.31 57.10
CA LYS BA 64 -38.61 20.72 57.35
C LYS BA 64 -39.57 21.21 56.28
N SER BA 65 -40.27 20.30 55.60
CA SER BA 65 -41.18 20.60 54.48
C SER BA 65 -42.27 21.66 54.75
N ARG BA 66 -42.59 21.96 56.01
CA ARG BA 66 -43.50 23.05 56.42
C ARG BA 66 -42.89 24.46 56.23
N GLU BA 67 -41.58 24.56 56.01
CA GLU BA 67 -40.85 25.84 55.90
C GLU BA 67 -41.12 26.56 54.56
N LEU BA 68 -41.51 25.88 53.48
CA LEU BA 68 -41.66 26.53 52.17
C LEU BA 68 -42.72 27.66 52.17
N GLN BA 69 -43.80 27.50 52.92
CA GLN BA 69 -44.82 28.54 53.07
C GLN BA 69 -44.29 29.79 53.82
N SER BA 70 -43.33 29.61 54.73
CA SER BA 70 -42.67 30.71 55.44
C SER BA 70 -41.83 31.59 54.50
N TYR BA 71 -41.34 31.03 53.38
CA TYR BA 71 -40.65 31.79 52.35
C TYR BA 71 -41.63 32.49 51.40
N LEU BA 72 -42.62 31.75 50.90
CA LEU BA 72 -43.50 32.21 49.81
C LEU BA 72 -44.38 33.39 50.21
N MET BA 73 -45.02 33.36 51.38
CA MET BA 73 -45.98 34.41 51.77
C MET BA 73 -45.31 35.79 51.90
N PRO BA 74 -44.16 35.95 52.59
CA PRO BA 74 -43.42 37.21 52.60
C PRO BA 74 -43.01 37.72 51.22
N LEU BA 75 -42.60 36.81 50.33
CA LEU BA 75 -42.20 37.15 48.96
C LEU BA 75 -43.38 37.62 48.12
N GLU BA 76 -44.56 37.04 48.30
CA GLU BA 76 -45.79 37.47 47.64
C GLU BA 76 -46.24 38.86 48.13
N ILE BA 77 -46.09 39.13 49.43
CA ILE BA 77 -46.34 40.45 50.01
C ILE BA 77 -45.44 41.50 49.37
N GLU BA 78 -44.14 41.22 49.25
CA GLU BA 78 -43.20 42.14 48.61
C GLU BA 78 -43.49 42.30 47.11
N LEU BA 79 -43.85 41.23 46.40
CA LEU BA 79 -44.20 41.30 44.99
C LEU BA 79 -45.47 42.14 44.75
N LYS BA 80 -46.44 42.10 45.66
CA LYS BA 80 -47.64 42.96 45.63
C LYS BA 80 -47.29 44.43 45.91
N ASN BA 81 -46.33 44.66 46.80
CA ASN BA 81 -45.91 45.99 47.24
C ASN BA 81 -44.69 46.55 46.48
N SER BA 82 -44.35 45.99 45.33
CA SER BA 82 -43.26 46.48 44.48
C SER BA 82 -43.76 46.89 43.09
N SER BA 83 -43.04 47.83 42.47
CA SER BA 83 -43.27 48.31 41.12
C SER BA 83 -42.13 47.90 40.20
N VAL BA 84 -42.48 47.62 38.93
CA VAL BA 84 -41.52 47.17 37.91
C VAL BA 84 -41.20 48.32 36.97
N ASP BA 85 -39.95 48.75 36.97
CA ASP BA 85 -39.42 49.63 35.93
C ASP BA 85 -38.97 48.78 34.72
N ARG BA 86 -39.56 49.06 33.56
CA ARG BA 86 -39.32 48.39 32.28
C ARG BA 86 -38.49 49.25 31.30
N SER BA 87 -37.92 50.35 31.78
CA SER BA 87 -37.13 51.27 30.94
C SER BA 87 -35.85 50.64 30.38
N ALA BA 88 -35.23 49.74 31.15
CA ALA BA 88 -34.02 49.02 30.77
C ALA BA 88 -34.31 47.61 30.23
N GLN BA 89 -33.34 47.02 29.52
CA GLN BA 89 -33.43 45.64 29.03
C GLN BA 89 -33.60 44.61 30.15
N CYS BA 90 -33.08 44.91 31.35
CA CYS BA 90 -33.29 44.13 32.55
C CYS BA 90 -34.34 44.80 33.44
N PRO BA 91 -35.47 44.13 33.76
CA PRO BA 91 -36.49 44.70 34.63
C PRO BA 91 -35.89 45.05 35.99
N HIS BA 92 -36.39 46.11 36.60
CA HIS BA 92 -35.93 46.53 37.92
C HIS BA 92 -37.13 46.68 38.86
N PHE BA 93 -37.10 45.92 39.94
CA PHE BA 93 -38.11 46.02 40.98
C PHE BA 93 -37.69 47.03 42.03
N LYS BA 94 -38.63 47.89 42.42
CA LYS BA 94 -38.48 48.83 43.54
C LYS BA 94 -39.67 48.69 44.48
N PRO BA 95 -39.45 48.70 45.81
CA PRO BA 95 -40.56 48.71 46.75
C PRO BA 95 -41.37 50.01 46.59
N ASN BA 96 -42.69 49.91 46.70
CA ASN BA 96 -43.59 51.05 46.62
C ASN BA 96 -43.43 51.91 47.87
N ALA BA 97 -43.28 53.22 47.69
CA ALA BA 97 -43.14 54.14 48.81
C ALA BA 97 -44.38 54.11 49.72
N GLY BA 98 -44.15 54.08 51.04
CA GLY BA 98 -45.22 54.09 52.04
C GLY BA 98 -45.16 52.93 53.02
N VAL BA 99 -46.30 52.67 53.66
CA VAL BA 99 -46.42 51.77 54.83
C VAL BA 99 -47.32 50.55 54.58
N ALA BA 100 -47.85 50.40 53.36
CA ALA BA 100 -48.76 49.30 53.00
C ALA BA 100 -48.12 47.92 53.22
N ALA BA 101 -46.84 47.76 52.85
CA ALA BA 101 -46.09 46.52 53.07
C ALA BA 101 -46.04 46.13 54.55
N ILE BA 102 -45.84 47.10 55.46
CA ILE BA 102 -45.79 46.86 56.92
C ILE BA 102 -47.11 46.25 57.42
N HIS BA 103 -48.25 46.77 56.97
CA HIS BA 103 -49.55 46.23 57.36
C HIS BA 103 -49.82 44.86 56.76
N ASP BA 104 -49.42 44.63 55.50
CA ASP BA 104 -49.55 43.30 54.89
C ASP BA 104 -48.70 42.26 55.65
N TYR BA 105 -47.45 42.58 56.01
CA TYR BA 105 -46.61 41.71 56.85
C TYR BA 105 -47.18 41.50 58.25
N ALA BA 106 -47.61 42.55 58.94
CA ALA BA 106 -48.18 42.45 60.27
C ALA BA 106 -49.51 41.66 60.27
N GLY BA 107 -50.35 41.85 59.26
CA GLY BA 107 -51.57 41.08 59.05
C GLY BA 107 -51.29 39.60 58.79
N TRP BA 108 -50.28 39.30 57.98
CA TRP BA 108 -49.83 37.93 57.73
C TRP BA 108 -49.38 37.22 59.02
N VAL BA 109 -48.54 37.85 59.84
CA VAL BA 109 -48.08 37.20 61.08
C VAL BA 109 -49.21 37.02 62.09
N ARG BA 110 -50.15 37.97 62.20
CA ARG BA 110 -51.36 37.81 63.05
C ARG BA 110 -52.24 36.64 62.62
N ASN BA 111 -52.41 36.44 61.31
CA ASN BA 111 -53.20 35.31 60.81
C ASN BA 111 -52.50 34.00 61.15
N LEU BA 112 -51.18 33.93 60.98
CA LEU BA 112 -50.39 32.76 61.34
C LEU BA 112 -50.45 32.44 62.84
N SER BA 113 -50.39 33.46 63.72
CA SER BA 113 -50.51 33.24 65.16
C SER BA 113 -51.89 32.70 65.57
N ASN BA 114 -52.93 32.96 64.78
CA ASN BA 114 -54.31 32.51 65.06
C ASN BA 114 -54.62 31.10 64.50
N GLU BA 115 -53.91 30.65 63.46
CA GLU BA 115 -54.30 29.46 62.68
C GLU BA 115 -53.69 28.11 63.13
N ALA BA 116 -52.57 28.05 63.89
CA ALA BA 116 -52.01 26.76 64.30
C ALA BA 116 -51.10 26.78 65.55
N GLY BA 117 -51.14 25.69 66.31
CA GLY BA 117 -50.16 25.32 67.34
C GLY BA 117 -48.78 24.97 66.76
N GLU BA 118 -47.75 25.04 67.62
CA GLU BA 118 -46.32 24.90 67.30
C GLU BA 118 -45.88 25.72 66.06
N LEU BA 119 -46.05 27.06 66.12
CA LEU BA 119 -45.31 27.95 65.23
C LEU BA 119 -43.80 27.77 65.45
N GLU BA 120 -43.05 27.77 64.35
CA GLU BA 120 -41.59 27.92 64.38
C GLU BA 120 -41.25 29.15 65.23
N ALA BA 121 -40.36 28.99 66.22
CA ALA BA 121 -39.97 30.09 67.12
C ALA BA 121 -39.51 31.34 66.35
N VAL BA 122 -38.91 31.14 65.17
CA VAL BA 122 -38.50 32.19 64.24
C VAL BA 122 -39.69 33.06 63.77
N VAL BA 123 -40.84 32.45 63.46
CA VAL BA 123 -42.02 33.20 63.01
C VAL BA 123 -42.65 34.02 64.15
N LYS BA 124 -42.62 33.51 65.39
CA LYS BA 124 -43.00 34.31 66.57
C LYS BA 124 -42.14 35.57 66.69
N GLN BA 125 -40.82 35.45 66.49
CA GLN BA 125 -39.88 36.58 66.52
C GLN BA 125 -40.15 37.59 65.39
N TRP BA 126 -40.49 37.10 64.19
CA TRP BA 126 -40.88 37.98 63.09
C TRP BA 126 -42.16 38.74 63.40
N GLY BA 127 -43.10 38.10 64.11
CA GLY BA 127 -44.31 38.75 64.61
C GLY BA 127 -44.02 39.95 65.49
N LEU BA 128 -43.11 39.81 66.46
CA LEU BA 128 -42.67 40.93 67.30
C LEU BA 128 -42.09 42.06 66.45
N THR BA 129 -41.25 41.72 65.48
CA THR BA 129 -40.58 42.69 64.60
C THR BA 129 -41.57 43.45 63.71
N TRP BA 130 -42.48 42.75 63.04
CA TRP BA 130 -43.45 43.39 62.12
C TRP BA 130 -44.53 44.18 62.85
N THR BA 131 -45.02 43.69 63.99
CA THR BA 131 -45.98 44.44 64.82
C THR BA 131 -45.33 45.66 65.46
N LEU BA 132 -44.02 45.62 65.76
CA LEU BA 132 -43.26 46.80 66.18
C LEU BA 132 -43.18 47.82 65.03
N CYS BA 133 -42.80 47.38 63.83
CA CYS BA 133 -42.76 48.25 62.65
C CYS BA 133 -44.10 48.94 62.39
N GLU BA 134 -45.22 48.23 62.57
CA GLU BA 134 -46.56 48.78 62.45
C GLU BA 134 -46.85 49.83 63.53
N SER BA 135 -46.45 49.58 64.79
CA SER BA 135 -46.63 50.56 65.87
C SER BA 135 -45.83 51.86 65.63
N LEU BA 136 -44.61 51.73 65.10
CA LEU BA 136 -43.67 52.85 64.89
C LEU BA 136 -43.98 53.65 63.61
N TRP BA 137 -44.24 52.98 62.49
CA TRP BA 137 -44.41 53.62 61.17
C TRP BA 137 -45.79 53.40 60.54
N GLY BA 138 -46.54 52.37 60.92
CA GLY BA 138 -47.83 52.03 60.30
C GLY BA 138 -48.93 53.09 60.47
N GLN BA 139 -50.01 52.99 59.72
CA GLN BA 139 -51.21 53.81 59.83
C GLN BA 139 -51.93 53.55 61.17
N LEU BA 140 -52.21 54.62 61.91
CA LEU BA 140 -52.98 54.57 63.15
C LEU BA 140 -54.38 55.13 62.88
N LYS BA 141 -55.42 54.34 63.19
CA LYS BA 141 -56.82 54.71 62.96
C LYS BA 141 -57.20 56.02 63.66
N GLU BA 142 -56.60 56.26 64.83
CA GLU BA 142 -56.81 57.45 65.65
C GLU BA 142 -56.28 58.73 64.99
N LEU BA 143 -55.22 58.61 64.18
CA LEU BA 143 -54.66 59.73 63.42
C LEU BA 143 -55.40 59.96 62.10
N GLU BA 144 -56.09 58.95 61.56
CA GLU BA 144 -56.91 59.06 60.34
C GLU BA 144 -58.31 59.63 60.63
N ALA BA 145 -58.78 59.52 61.87
CA ALA BA 145 -60.09 60.04 62.28
C ALA BA 145 -60.16 61.58 62.31
N SER BA 146 -59.02 62.28 62.32
CA SER BA 146 -58.96 63.75 62.26
C SER BA 146 -58.86 64.25 60.82
N LEU BA 147 -59.72 65.21 60.44
CA LEU BA 147 -59.70 65.85 59.12
C LEU BA 147 -58.53 66.83 58.91
N ASP BA 148 -57.93 67.32 60.00
CA ASP BA 148 -56.78 68.23 59.99
C ASP BA 148 -55.46 67.44 60.05
N GLU BA 149 -54.37 68.01 59.48
CA GLU BA 149 -53.03 67.41 59.64
C GLU BA 149 -52.67 67.33 61.13
N PRO BA 150 -52.46 66.11 61.69
CA PRO BA 150 -52.28 65.98 63.12
C PRO BA 150 -50.94 66.62 63.52
N ASN BA 151 -51.01 67.50 64.53
CA ASN BA 151 -49.83 68.14 65.14
C ASN BA 151 -48.79 67.07 65.54
N GLU BA 152 -47.51 67.41 65.43
CA GLU BA 152 -46.39 66.51 65.76
C GLU BA 152 -46.50 65.95 67.19
N TYR BA 153 -46.97 66.77 68.14
CA TYR BA 153 -47.26 66.32 69.50
C TYR BA 153 -48.31 65.20 69.56
N VAL BA 154 -49.40 65.33 68.81
CA VAL BA 154 -50.48 64.33 68.75
C VAL BA 154 -49.97 63.06 68.10
N ARG BA 155 -49.20 63.17 67.00
CA ARG BA 155 -48.55 62.02 66.36
C ARG BA 155 -47.66 61.28 67.35
N ASN BA 156 -46.79 61.99 68.07
CA ASN BA 156 -45.89 61.40 69.05
C ASN BA 156 -46.64 60.72 70.21
N LEU BA 157 -47.76 61.30 70.65
CA LEU BA 157 -48.60 60.73 71.70
C LEU BA 157 -49.28 59.43 71.24
N GLU BA 158 -49.89 59.42 70.05
CA GLU BA 158 -50.53 58.21 69.51
C GLU BA 158 -49.50 57.12 69.20
N ARG BA 159 -48.31 57.48 68.70
CA ARG BA 159 -47.19 56.54 68.53
C ARG BA 159 -46.72 55.94 69.84
N ARG BA 160 -46.60 56.77 70.89
CA ARG BA 160 -46.28 56.31 72.24
C ARG BA 160 -47.33 55.33 72.77
N LYS BA 161 -48.63 55.59 72.54
CA LYS BA 161 -49.71 54.67 72.91
C LYS BA 161 -49.65 53.36 72.13
N ALA BA 162 -49.43 53.41 70.82
CA ALA BA 162 -49.28 52.22 69.99
C ALA BA 162 -48.09 51.36 70.44
N PHE BA 163 -46.94 52.00 70.71
CA PHE BA 163 -45.76 51.32 71.25
C PHE BA 163 -46.01 50.74 72.66
N SER BA 164 -46.73 51.47 73.52
CA SER BA 164 -47.15 50.97 74.84
C SER BA 164 -48.05 49.74 74.72
N HIS BA 165 -48.98 49.71 73.76
CA HIS BA 165 -49.82 48.55 73.50
C HIS BA 165 -49.00 47.36 72.99
N TRP BA 166 -48.04 47.62 72.09
CA TRP BA 166 -47.13 46.58 71.62
C TRP BA 166 -46.37 45.93 72.78
N LEU BA 167 -45.74 46.74 73.66
CA LEU BA 167 -45.04 46.25 74.85
C LEU BA 167 -45.95 45.41 75.76
N ALA BA 168 -47.17 45.87 76.03
CA ALA BA 168 -48.13 45.14 76.85
C ALA BA 168 -48.50 43.77 76.24
N HIS BA 169 -48.70 43.72 74.92
CA HIS BA 169 -49.01 42.46 74.23
C HIS BA 169 -47.81 41.50 74.20
N THR BA 170 -46.58 41.99 74.03
CA THR BA 170 -45.38 41.13 74.05
C THR BA 170 -45.17 40.43 75.40
N ALA BA 171 -45.63 41.04 76.49
CA ALA BA 171 -45.48 40.50 77.84
C ALA BA 171 -46.65 39.59 78.27
N GLU BA 172 -47.73 39.50 77.48
CA GLU BA 172 -48.98 38.86 77.87
C GLU BA 172 -48.82 37.35 78.18
N GLU BA 173 -48.25 36.58 77.25
CA GLU BA 173 -48.02 35.12 77.39
C GLU BA 173 -47.18 34.83 78.65
N ARG BA 174 -46.07 35.56 78.82
CA ARG BA 174 -45.15 35.39 79.95
C ARG BA 174 -45.76 35.80 81.29
N ILE BA 175 -46.58 36.85 81.33
CA ILE BA 175 -47.26 37.29 82.56
C ILE BA 175 -48.31 36.26 82.97
N GLU BA 176 -49.05 35.68 82.02
CA GLU BA 176 -50.04 34.65 82.33
C GLU BA 176 -49.38 33.38 82.87
N GLU BA 177 -48.25 32.97 82.30
CA GLU BA 177 -47.42 31.89 82.83
C GLU BA 177 -46.93 32.20 84.26
N GLU BA 178 -46.31 33.36 84.48
CA GLU BA 178 -45.82 33.78 85.81
C GLU BA 178 -46.94 33.83 86.86
N VAL BA 179 -48.09 34.43 86.53
CA VAL BA 179 -49.24 34.52 87.44
C VAL BA 179 -49.82 33.14 87.75
N SER BA 180 -49.82 32.21 86.79
CA SER BA 180 -50.25 30.84 87.02
C SER BA 180 -49.33 30.08 88.00
N LEU BA 181 -48.02 30.38 87.96
CA LEU BA 181 -47.00 29.76 88.82
C LEU BA 181 -47.05 30.27 90.26
N TYR BA 182 -47.31 31.57 90.48
CA TYR BA 182 -47.25 32.17 91.82
C TYR BA 182 -48.37 31.73 92.77
N GLY BA 183 -49.50 31.26 92.25
CA GLY BA 183 -50.63 30.78 93.06
C GLY BA 183 -51.21 31.84 94.03
N PRO BA 184 -52.10 31.45 94.96
CA PRO BA 184 -52.74 32.39 95.89
C PRO BA 184 -51.81 32.87 97.02
N GLU BA 185 -50.78 32.08 97.37
CA GLU BA 185 -49.87 32.41 98.48
C GLU BA 185 -48.91 33.55 98.12
N ARG BA 186 -48.47 33.64 96.85
CA ARG BA 186 -47.55 34.70 96.37
C ARG BA 186 -48.27 35.76 95.53
N HIS BA 187 -49.42 36.21 96.02
CA HIS BA 187 -50.24 37.22 95.35
C HIS BA 187 -49.50 38.55 95.07
N VAL BA 188 -48.51 38.94 95.89
CA VAL BA 188 -47.73 40.18 95.69
C VAL BA 188 -46.84 40.09 94.43
N GLU BA 189 -46.23 38.92 94.18
CA GLU BA 189 -45.42 38.66 92.97
C GLU BA 189 -46.29 38.65 91.72
N ALA BA 190 -47.48 38.04 91.80
CA ALA BA 190 -48.47 38.07 90.73
C ALA BA 190 -49.01 39.49 90.46
N VAL BA 191 -49.23 40.30 91.50
CA VAL BA 191 -49.58 41.73 91.37
C VAL BA 191 -48.45 42.49 90.67
N PHE BA 192 -47.20 42.28 91.08
CA PHE BA 192 -46.03 42.88 90.44
C PHE BA 192 -45.96 42.53 88.95
N SER BA 193 -46.19 41.25 88.61
CA SER BA 193 -46.20 40.77 87.23
C SER BA 193 -47.25 41.49 86.37
N PHE BA 194 -48.48 41.63 86.86
CA PHE BA 194 -49.51 42.42 86.17
C PHE BA 194 -49.14 43.90 85.99
N LEU BA 195 -48.50 44.53 86.98
CA LEU BA 195 -48.06 45.93 86.89
C LEU BA 195 -46.99 46.13 85.82
N THR BA 196 -46.08 45.17 85.69
CA THR BA 196 -45.04 45.18 84.64
C THR BA 196 -45.55 44.84 83.24
N GLY BA 197 -46.83 44.51 83.08
CA GLY BA 197 -47.53 44.42 81.79
C GLY BA 197 -48.53 45.55 81.54
N GLY BA 198 -48.58 46.58 82.40
CA GLY BA 198 -49.53 47.69 82.27
C GLY BA 198 -50.98 47.33 82.61
N ARG BA 199 -51.25 46.11 83.11
CA ARG BA 199 -52.58 45.61 83.49
C ARG BA 199 -52.95 46.02 84.92
N ILE BA 200 -52.97 47.32 85.18
CA ILE BA 200 -53.24 47.89 86.52
C ILE BA 200 -54.61 47.43 87.05
N SER BA 201 -55.62 47.35 86.18
CA SER BA 201 -56.97 46.88 86.56
C SER BA 201 -56.98 45.45 87.09
N ASP BA 202 -56.21 44.55 86.48
CA ASP BA 202 -56.16 43.15 86.90
C ASP BA 202 -55.30 42.98 88.16
N ALA BA 203 -54.21 43.74 88.28
CA ALA BA 203 -53.43 43.87 89.51
C ALA BA 203 -54.32 44.33 90.69
N CYS BA 204 -55.16 45.37 90.49
CA CYS BA 204 -56.11 45.85 91.50
C CYS BA 204 -57.10 44.77 91.94
N ARG BA 205 -57.68 44.03 90.98
CA ARG BA 205 -58.66 42.96 91.24
C ARG BA 205 -58.01 41.78 91.97
N LEU BA 206 -56.79 41.41 91.60
CA LEU BA 206 -56.05 40.33 92.27
C LEU BA 206 -55.75 40.71 93.71
N ALA BA 207 -55.21 41.92 93.94
CA ALA BA 207 -54.97 42.43 95.29
C ALA BA 207 -56.25 42.41 96.15
N GLN BA 208 -57.37 42.87 95.59
CA GLN BA 208 -58.67 42.84 96.28
C GLN BA 208 -59.13 41.42 96.62
N LYS BA 209 -59.02 40.46 95.69
CA LYS BA 209 -59.41 39.06 95.89
C LYS BA 209 -58.54 38.37 96.95
N SER BA 210 -57.25 38.72 97.02
CA SER BA 210 -56.31 38.21 98.02
C SER BA 210 -56.45 38.83 99.41
N GLY BA 211 -57.33 39.83 99.58
CA GLY BA 211 -57.53 40.52 100.87
C GLY BA 211 -56.59 41.71 101.12
N ASP BA 212 -55.70 42.05 100.19
CA ASP BA 212 -54.83 43.24 100.28
C ASP BA 212 -55.53 44.49 99.78
N HIS BA 213 -56.49 44.96 100.58
CA HIS BA 213 -57.32 46.13 100.24
C HIS BA 213 -56.51 47.44 100.20
N ARG BA 214 -55.43 47.54 100.99
CA ARG BA 214 -54.57 48.74 101.01
C ARG BA 214 -53.80 48.87 99.72
N LEU BA 215 -53.20 47.77 99.25
CA LEU BA 215 -52.53 47.73 97.97
C LEU BA 215 -53.52 47.97 96.82
N SER BA 216 -54.70 47.35 96.87
CA SER BA 216 -55.75 47.57 95.85
C SER BA 216 -56.17 49.05 95.77
N LEU BA 217 -56.36 49.72 96.90
CA LEU BA 217 -56.68 51.15 96.95
C LEU BA 217 -55.55 51.99 96.32
N LEU BA 218 -54.30 51.71 96.71
CA LEU BA 218 -53.12 52.37 96.17
C LEU BA 218 -53.07 52.27 94.64
N LEU BA 219 -53.22 51.06 94.10
CA LEU BA 219 -53.15 50.80 92.67
C LEU BA 219 -54.27 51.49 91.88
N SER BA 220 -55.47 51.60 92.46
CA SER BA 220 -56.61 52.30 91.84
C SER BA 220 -56.36 53.80 91.61
N GLN BA 221 -55.44 54.40 92.36
CA GLN BA 221 -55.12 55.83 92.31
C GLN BA 221 -53.94 56.17 91.39
N MET BA 222 -53.26 55.15 90.85
CA MET BA 222 -52.04 55.32 90.06
C MET BA 222 -52.28 55.84 88.63
N VAL BA 223 -53.49 55.71 88.11
CA VAL BA 223 -53.79 56.14 86.74
C VAL BA 223 -53.89 57.67 86.68
N GLY BA 224 -52.80 58.32 86.27
CA GLY BA 224 -52.78 59.74 85.90
C GLY BA 224 -52.40 60.74 86.99
N SER BA 225 -52.07 60.33 88.22
CA SER BA 225 -51.65 61.24 89.29
C SER BA 225 -50.14 61.17 89.55
N GLN BA 226 -49.43 62.25 89.20
CA GLN BA 226 -48.01 62.42 89.56
C GLN BA 226 -47.84 62.65 91.08
N GLU BA 227 -48.79 63.34 91.70
CA GLU BA 227 -48.79 63.60 93.15
C GLU BA 227 -48.74 62.29 93.95
N MET BA 228 -49.47 61.27 93.50
CA MET BA 228 -49.48 59.96 94.16
C MET BA 228 -48.10 59.30 94.13
N ARG BA 229 -47.39 59.41 93.00
CA ARG BA 229 -46.03 58.89 92.85
C ARG BA 229 -45.06 59.56 93.83
N GLU BA 230 -45.17 60.89 93.97
CA GLU BA 230 -44.36 61.68 94.90
C GLU BA 230 -44.65 61.32 96.36
N LEU BA 231 -45.91 61.10 96.72
CA LEU BA 231 -46.29 60.63 98.05
C LEU BA 231 -45.71 59.25 98.38
N ILE BA 232 -45.73 58.31 97.42
CA ILE BA 232 -45.11 56.99 97.62
C ILE BA 232 -43.59 57.11 97.75
N SER BA 233 -42.96 58.00 96.98
CA SER BA 233 -41.53 58.28 97.11
C SER BA 233 -41.18 58.81 98.50
N LEU BA 234 -41.95 59.77 99.02
CA LEU BA 234 -41.78 60.28 100.39
C LEU BA 234 -41.97 59.16 101.43
N GLN BA 235 -42.97 58.31 101.25
CA GLN BA 235 -43.23 57.17 102.13
C GLN BA 235 -42.04 56.20 102.19
N LEU BA 236 -41.42 55.89 101.03
CA LEU BA 236 -40.22 55.04 100.97
C LEU BA 236 -39.05 55.69 101.71
N VAL BA 237 -38.81 56.99 101.50
CA VAL BA 237 -37.76 57.75 102.19
C VAL BA 237 -37.97 57.73 103.71
N ASP BA 238 -39.21 57.90 104.17
CA ASP BA 238 -39.52 57.90 105.60
C ASP BA 238 -39.34 56.51 106.21
N TRP BA 239 -39.75 55.44 105.53
CA TRP BA 239 -39.48 54.07 105.99
C TRP BA 239 -38.00 53.77 106.10
N ASN BA 240 -37.18 54.27 105.17
CA ASN BA 240 -35.74 54.10 105.20
C ASN BA 240 -35.09 54.89 106.35
N LYS BA 241 -35.47 56.16 106.55
CA LYS BA 241 -34.98 57.00 107.66
C LYS BA 241 -35.33 56.42 109.02
N LEU BA 242 -36.53 55.86 109.16
CA LEU BA 242 -37.02 55.25 110.40
C LEU BA 242 -36.56 53.79 110.57
N GLN BA 243 -35.83 53.23 109.60
CA GLN BA 243 -35.40 51.83 109.57
C GLN BA 243 -36.57 50.85 109.71
N VAL BA 244 -37.73 51.17 109.13
CA VAL BA 244 -38.92 50.29 109.14
C VAL BA 244 -38.96 49.41 107.89
N ASP BA 245 -38.26 49.81 106.82
CA ASP BA 245 -38.16 49.09 105.55
C ASP BA 245 -37.64 47.66 105.71
N HIS BA 246 -36.73 47.40 106.66
CA HIS BA 246 -36.20 46.04 106.87
C HIS BA 246 -37.23 45.02 107.39
N TYR BA 247 -38.36 45.48 107.95
CA TYR BA 247 -39.46 44.60 108.38
C TYR BA 247 -40.48 44.33 107.26
N ILE BA 248 -40.36 45.01 106.12
CA ILE BA 248 -41.28 44.87 104.99
C ILE BA 248 -40.73 43.80 104.04
N GLN BA 249 -41.63 42.95 103.54
CA GLN BA 249 -41.31 41.96 102.51
C GLN BA 249 -40.67 42.62 101.28
N GLU BA 250 -39.62 42.00 100.72
CA GLU BA 250 -38.88 42.57 99.60
C GLU BA 250 -39.76 42.76 98.36
N GLU BA 251 -40.63 41.79 98.08
CA GLU BA 251 -41.55 41.79 96.95
C GLU BA 251 -42.52 42.98 97.06
N ARG BA 252 -42.94 43.29 98.28
CA ARG BA 252 -43.83 44.42 98.57
C ARG BA 252 -43.10 45.75 98.40
N LEU BA 253 -41.89 45.88 98.94
CA LEU BA 253 -41.05 47.05 98.71
C LEU BA 253 -40.78 47.25 97.22
N ARG BA 254 -40.56 46.17 96.45
CA ARG BA 254 -40.36 46.23 95.00
C ARG BA 254 -41.58 46.81 94.28
N VAL BA 255 -42.80 46.46 94.70
CA VAL BA 255 -44.03 47.09 94.18
C VAL BA 255 -44.05 48.58 94.51
N PHE BA 256 -43.75 49.00 95.74
CA PHE BA 256 -43.69 50.42 96.09
C PHE BA 256 -42.61 51.18 95.30
N CYS BA 257 -41.43 50.59 95.10
CA CYS BA 257 -40.35 51.16 94.29
C CYS BA 257 -40.82 51.40 92.85
N LEU BA 258 -41.45 50.41 92.23
CA LEU BA 258 -42.04 50.52 90.90
C LEU BA 258 -43.06 51.67 90.82
N LEU BA 259 -43.99 51.74 91.79
CA LEU BA 259 -45.03 52.77 91.82
C LEU BA 259 -44.47 54.18 92.03
N SER BA 260 -43.38 54.31 92.80
CA SER BA 260 -42.69 55.58 93.02
C SER BA 260 -41.85 56.06 91.82
N GLY BA 261 -41.62 55.19 90.83
CA GLY BA 261 -40.73 55.49 89.71
C GLY BA 261 -39.24 55.49 90.09
N THR BA 262 -38.85 54.72 91.12
CA THR BA 262 -37.44 54.51 91.46
C THR BA 262 -36.99 53.11 91.02
N PRO BA 263 -36.03 52.97 90.10
CA PRO BA 263 -35.63 51.66 89.56
C PRO BA 263 -34.85 50.79 90.55
N VAL BA 264 -33.97 51.42 91.35
CA VAL BA 264 -33.17 50.76 92.39
C VAL BA 264 -33.38 51.48 93.71
N TRP BA 265 -33.70 50.73 94.75
CA TRP BA 265 -33.86 51.24 96.10
C TRP BA 265 -32.87 50.58 97.06
N ARG BA 266 -32.17 51.38 97.87
CA ARG BA 266 -31.28 50.86 98.93
C ARG BA 266 -32.01 50.91 100.26
N SER BA 267 -32.32 49.73 100.80
CA SER BA 267 -32.93 49.57 102.11
C SER BA 267 -31.94 49.95 103.23
N SER BA 268 -32.43 50.24 104.43
CA SER BA 268 -31.62 50.62 105.60
C SER BA 268 -30.65 49.51 106.03
N ASP BA 269 -30.98 48.25 105.73
CA ASP BA 269 -30.15 47.05 105.89
C ASP BA 269 -29.04 46.90 104.83
N ASN BA 270 -28.84 47.91 103.99
CA ASN BA 270 -27.91 47.89 102.85
C ASN BA 270 -28.26 46.84 101.77
N ARG BA 271 -29.52 46.38 101.73
CA ARG BA 271 -30.05 45.53 100.66
C ARG BA 271 -30.49 46.37 99.47
N SER BA 272 -30.03 46.03 98.27
CA SER BA 272 -30.46 46.67 97.02
C SER BA 272 -31.67 45.96 96.43
N ILE BA 273 -32.79 46.67 96.34
CA ILE BA 273 -34.01 46.19 95.70
C ILE BA 273 -34.03 46.71 94.27
N ASN BA 274 -33.79 45.83 93.31
CA ASN BA 274 -33.80 46.14 91.89
C ASN BA 274 -35.13 45.69 91.25
N VAL BA 275 -35.92 46.65 90.78
CA VAL BA 275 -37.21 46.41 90.11
C VAL BA 275 -37.04 45.63 88.80
N CYS BA 276 -35.93 45.81 88.10
CA CYS BA 276 -35.69 45.24 86.77
C CYS BA 276 -34.98 43.87 86.80
N SER BA 277 -34.58 43.38 87.99
CA SER BA 277 -33.74 42.17 88.12
C SER BA 277 -34.35 40.88 87.57
N GLN BA 278 -35.68 40.75 87.56
CA GLN BA 278 -36.42 39.56 87.10
C GLN BA 278 -37.14 39.80 85.77
N LEU BA 279 -36.89 40.94 85.12
CA LEU BA 279 -37.59 41.34 83.90
C LEU BA 279 -36.72 41.08 82.68
N ASP BA 280 -37.35 40.64 81.60
CA ASP BA 280 -36.74 40.67 80.28
C ASP BA 280 -36.57 42.13 79.80
N TRP BA 281 -35.79 42.32 78.74
CA TRP BA 281 -35.45 43.66 78.30
C TRP BA 281 -36.68 44.44 77.81
N LYS BA 282 -37.68 43.74 77.27
CA LYS BA 282 -38.95 44.33 76.78
C LYS BA 282 -39.78 44.86 77.94
N ARG BA 283 -40.01 44.07 79.00
CA ARG BA 283 -40.69 44.56 80.23
C ARG BA 283 -39.88 45.61 80.95
N THR BA 284 -38.55 45.49 80.97
CA THR BA 284 -37.69 46.52 81.54
C THR BA 284 -37.87 47.86 80.82
N LEU BA 285 -37.85 47.87 79.49
CA LEU BA 285 -38.12 49.07 78.69
C LEU BA 285 -39.55 49.61 78.93
N ALA BA 286 -40.54 48.72 79.07
CA ALA BA 286 -41.92 49.10 79.37
C ALA BA 286 -42.05 49.79 80.73
N VAL BA 287 -41.38 49.28 81.76
CA VAL BA 287 -41.34 49.91 83.09
C VAL BA 287 -40.74 51.32 83.02
N HIS BA 288 -39.68 51.53 82.23
CA HIS BA 288 -39.11 52.85 82.00
C HIS BA 288 -40.11 53.79 81.32
N LEU BA 289 -40.88 53.30 80.34
CA LEU BA 289 -41.87 54.09 79.61
C LEU BA 289 -43.10 54.46 80.45
N TRP BA 290 -43.56 53.55 81.33
CA TRP BA 290 -44.80 53.71 82.09
C TRP BA 290 -44.62 54.37 83.46
N TYR BA 291 -43.56 54.01 84.19
CA TYR BA 291 -43.39 54.40 85.59
C TYR BA 291 -42.24 55.38 85.81
N MET BA 292 -41.13 55.25 85.08
CA MET BA 292 -39.92 56.07 85.33
C MET BA 292 -39.97 57.42 84.60
N LEU BA 293 -40.74 57.52 83.51
CA LEU BA 293 -40.87 58.73 82.71
C LEU BA 293 -42.27 59.35 82.81
N PRO BA 294 -42.40 60.67 82.53
CA PRO BA 294 -43.71 61.32 82.46
C PRO BA 294 -44.53 60.82 81.25
N PRO BA 295 -45.86 60.96 81.28
CA PRO BA 295 -46.73 60.53 80.19
C PRO BA 295 -46.54 61.30 78.87
N THR BA 296 -45.79 62.39 78.89
CA THR BA 296 -45.42 63.19 77.72
C THR BA 296 -44.08 62.76 77.10
N ALA BA 297 -43.35 61.85 77.73
CA ALA BA 297 -42.03 61.43 77.27
C ALA BA 297 -42.08 60.65 75.96
N THR BA 298 -41.10 60.89 75.07
CA THR BA 298 -41.03 60.22 73.77
C THR BA 298 -40.43 58.83 73.87
N ILE BA 299 -40.65 57.99 72.85
CA ILE BA 299 -40.05 56.65 72.74
C ILE BA 299 -38.51 56.73 72.81
N ALA BA 300 -37.92 57.75 72.17
CA ALA BA 300 -36.48 57.99 72.20
C ALA BA 300 -35.95 58.31 73.62
N GLN BA 301 -36.72 59.02 74.45
CA GLN BA 301 -36.34 59.27 75.85
C GLN BA 301 -36.37 57.99 76.69
N ALA BA 302 -37.39 57.14 76.48
CA ALA BA 302 -37.48 55.84 77.14
C ALA BA 302 -36.32 54.91 76.77
N LEU BA 303 -35.98 54.85 75.48
CA LEU BA 303 -34.85 54.06 75.00
C LEU BA 303 -33.53 54.53 75.61
N ARG BA 304 -33.25 55.85 75.60
CA ARG BA 304 -32.02 56.40 76.20
C ARG BA 304 -31.91 56.14 77.70
N LEU BA 305 -33.03 56.18 78.43
CA LEU BA 305 -33.03 55.89 79.87
C LEU BA 305 -32.74 54.41 80.11
N TYR BA 306 -33.34 53.51 79.32
CA TYR BA 306 -33.04 52.08 79.36
C TYR BA 306 -31.59 51.77 78.99
N GLU BA 307 -31.01 52.46 78.01
CA GLU BA 307 -29.61 52.26 77.63
C GLU BA 307 -28.62 52.62 78.73
N ARG BA 308 -28.90 53.69 79.47
CA ARG BA 308 -28.13 54.07 80.65
C ARG BA 308 -28.27 53.06 81.79
N ALA BA 309 -29.38 52.31 81.83
CA ALA BA 309 -29.68 51.38 82.91
C ALA BA 309 -28.82 50.10 82.89
N PHE BA 310 -28.31 49.70 81.73
CA PHE BA 310 -27.44 48.53 81.57
C PHE BA 310 -25.98 48.90 81.26
N GLN BA 311 -25.68 50.19 81.03
CA GLN BA 311 -24.31 50.68 80.88
C GLN BA 311 -23.69 50.94 82.26
N GLU BA 312 -22.40 50.62 82.42
CA GLU BA 312 -21.66 51.00 83.62
C GLU BA 312 -21.42 52.51 83.64
N HIS BA 313 -21.83 53.16 84.73
CA HIS BA 313 -21.61 54.58 84.95
C HIS BA 313 -20.99 54.81 86.33
N GLU BA 314 -20.32 55.95 86.51
CA GLU BA 314 -19.67 56.34 87.77
C GLU BA 314 -20.66 56.47 88.96
N GLU BA 315 -21.97 56.59 88.66
CA GLU BA 315 -23.03 56.88 89.63
C GLU BA 315 -23.80 55.63 90.12
N GLY BA 316 -23.54 54.42 89.59
CA GLY BA 316 -24.20 53.20 90.05
C GLY BA 316 -23.94 51.95 89.22
N GLU BA 317 -24.21 50.79 89.82
CA GLU BA 317 -24.14 49.48 89.16
C GLU BA 317 -25.28 49.32 88.13
N PRO BA 318 -25.04 48.63 87.00
CA PRO BA 318 -26.07 48.36 86.01
C PRO BA 318 -27.20 47.53 86.63
N TYR BA 319 -28.44 47.98 86.44
CA TYR BA 319 -29.63 47.36 87.04
C TYR BA 319 -30.58 46.73 86.02
N ALA BA 320 -30.40 47.00 84.73
CA ALA BA 320 -31.20 46.42 83.66
C ALA BA 320 -30.42 45.33 82.90
N CYS BA 321 -31.16 44.39 82.32
CA CYS BA 321 -30.60 43.40 81.40
C CYS BA 321 -30.24 44.02 80.04
N TYR BA 322 -29.19 43.51 79.39
CA TYR BA 322 -28.80 43.91 78.04
C TYR BA 322 -29.79 43.32 77.01
N PRO BA 323 -30.17 44.06 75.94
CA PRO BA 323 -31.19 43.61 75.00
C PRO BA 323 -30.64 42.57 74.01
N LEU BA 324 -30.58 41.33 74.46
CA LEU BA 324 -30.17 40.19 73.65
C LEU BA 324 -31.30 39.70 72.72
N PRO BA 325 -30.99 39.17 71.53
CA PRO BA 325 -31.95 38.45 70.70
C PRO BA 325 -32.57 37.26 71.45
N PRO BA 326 -33.79 36.82 71.11
CA PRO BA 326 -34.52 35.85 71.94
C PRO BA 326 -33.87 34.48 72.01
N TYR BA 327 -33.09 34.09 70.98
CA TYR BA 327 -32.33 32.84 71.01
C TYR BA 327 -31.10 32.88 71.95
N LEU BA 328 -30.71 34.06 72.42
CA LEU BA 328 -29.65 34.30 73.40
C LEU BA 328 -30.20 34.72 74.77
N GLU BA 329 -31.49 35.06 74.90
CA GLU BA 329 -32.10 35.51 76.17
C GLU BA 329 -31.97 34.46 77.28
N ASP BA 330 -32.07 33.16 76.95
CA ASP BA 330 -31.94 32.05 77.91
C ASP BA 330 -30.49 31.52 78.04
N CYS BA 331 -29.58 32.00 77.20
CA CYS BA 331 -28.16 31.70 77.38
C CYS BA 331 -27.69 32.47 78.61
N SER BA 332 -27.47 31.75 79.71
CA SER BA 332 -26.82 32.27 80.91
C SER BA 332 -25.37 32.67 80.60
N ILE BA 333 -25.20 33.75 79.85
CA ILE BA 333 -23.91 34.41 79.67
C ILE BA 333 -23.60 35.00 81.04
N SER BA 334 -22.84 34.25 81.84
CA SER BA 334 -22.29 34.75 83.08
C SER BA 334 -21.41 35.93 82.73
N LEU BA 335 -21.94 37.12 82.98
CA LEU BA 335 -21.21 38.39 82.96
C LEU BA 335 -20.20 38.36 84.09
N GLY BA 336 -19.12 37.58 83.95
CA GLY BA 336 -17.96 37.67 84.83
C GLY BA 336 -17.29 39.04 84.72
N ASP BA 337 -16.59 39.42 85.79
CA ASP BA 337 -16.00 40.70 86.25
C ASP BA 337 -15.49 41.79 85.26
N GLU BA 338 -15.58 41.62 83.94
CA GLU BA 338 -15.21 42.61 82.93
C GLU BA 338 -16.33 42.74 81.85
N PRO BA 339 -17.36 43.56 82.09
CA PRO BA 339 -18.55 43.63 81.23
C PRO BA 339 -18.41 44.61 80.05
N SER BA 340 -17.61 45.67 80.16
CA SER BA 340 -17.51 46.74 79.13
C SER BA 340 -16.94 46.27 77.78
N ALA BA 341 -15.96 45.37 77.77
CA ALA BA 341 -15.38 44.82 76.53
C ALA BA 341 -16.25 43.72 75.87
N LYS BA 342 -17.16 43.09 76.62
CA LYS BA 342 -18.03 42.01 76.12
C LYS BA 342 -19.29 42.54 75.45
N PHE BA 343 -19.88 43.64 75.93
CA PHE BA 343 -21.07 44.25 75.31
C PHE BA 343 -20.83 44.74 73.88
N SER BA 344 -19.62 45.19 73.54
CA SER BA 344 -19.29 45.56 72.15
C SER BA 344 -19.29 44.38 71.17
N SER BA 345 -19.20 43.13 71.68
CA SER BA 345 -19.24 41.91 70.87
C SER BA 345 -20.61 41.23 70.85
N LEU BA 346 -21.51 41.62 71.76
CA LEU BA 346 -22.84 41.02 71.88
C LEU BA 346 -23.84 41.73 70.97
N GLN BA 347 -24.41 40.95 70.05
CA GLN BA 347 -25.43 41.43 69.14
C GLN BA 347 -26.71 41.82 69.91
N ARG BA 348 -27.36 42.89 69.47
CA ARG BA 348 -28.63 43.37 70.05
C ARG BA 348 -29.81 42.77 69.29
N ASP BA 349 -30.95 42.67 69.97
CA ASP BA 349 -32.22 42.33 69.34
C ASP BA 349 -32.56 43.33 68.22
N VAL BA 350 -33.05 42.83 67.08
CA VAL BA 350 -33.50 43.62 65.93
C VAL BA 350 -34.52 44.70 66.31
N CYS BA 351 -35.38 44.44 67.30
CA CYS BA 351 -36.38 45.39 67.79
C CYS BA 351 -35.73 46.63 68.41
N VAL BA 352 -34.62 46.46 69.15
CA VAL BA 352 -33.86 47.60 69.70
C VAL BA 352 -33.18 48.37 68.58
N HIS BA 353 -32.65 47.70 67.55
CA HIS BA 353 -32.11 48.38 66.38
C HIS BA 353 -33.16 49.21 65.65
N LEU BA 354 -34.39 48.70 65.49
CA LEU BA 354 -35.51 49.44 64.90
C LEU BA 354 -35.93 50.65 65.76
N LEU BA 355 -35.97 50.49 67.09
CA LEU BA 355 -36.25 51.61 68.01
C LEU BA 355 -35.18 52.69 67.95
N LYS BA 356 -33.90 52.30 67.81
CA LYS BA 356 -32.80 53.25 67.57
C LYS BA 356 -32.95 53.95 66.24
N LEU BA 357 -33.25 53.23 65.15
CA LEU BA 357 -33.47 53.83 63.84
C LEU BA 357 -34.65 54.82 63.84
N TYR BA 358 -35.72 54.50 64.56
CA TYR BA 358 -36.86 55.41 64.73
C TYR BA 358 -36.48 56.67 65.51
N SER BA 359 -35.63 56.53 66.53
CA SER BA 359 -35.16 57.65 67.37
C SER BA 359 -34.09 58.50 66.68
N GLU BA 360 -33.22 57.86 65.91
CA GLU BA 360 -32.05 58.42 65.23
C GLU BA 360 -32.06 57.96 63.77
N ARG BA 361 -32.47 58.86 62.87
CA ARG BA 361 -32.67 58.53 61.45
C ARG BA 361 -31.40 58.05 60.74
N GLN BA 362 -30.21 58.41 61.26
CA GLN BA 362 -28.91 58.00 60.71
C GLN BA 362 -28.30 56.77 61.39
N TYR BA 363 -29.07 56.02 62.19
CA TYR BA 363 -28.57 54.81 62.86
C TYR BA 363 -28.04 53.76 61.87
N ASP BA 364 -27.00 53.02 62.27
CA ASP BA 364 -26.33 52.05 61.39
C ASP BA 364 -27.25 50.87 61.00
N LEU BA 365 -27.56 50.79 59.71
CA LEU BA 365 -28.36 49.70 59.13
C LEU BA 365 -27.59 48.40 59.01
N CYS BA 366 -26.26 48.42 59.03
CA CYS BA 366 -25.47 47.20 58.88
C CYS BA 366 -25.69 46.25 60.06
N GLN BA 367 -25.72 46.78 61.28
CA GLN BA 367 -26.01 45.99 62.48
C GLN BA 367 -27.48 45.54 62.53
N LEU BA 368 -28.40 46.40 62.11
CA LEU BA 368 -29.84 46.12 62.13
C LEU BA 368 -30.20 44.95 61.20
N LEU BA 369 -29.59 44.90 60.01
CA LEU BA 369 -29.90 43.92 58.97
C LEU BA 369 -29.01 42.66 59.05
N ASP BA 370 -28.18 42.54 60.09
CA ASP BA 370 -27.38 41.33 60.33
C ASP BA 370 -28.30 40.19 60.83
N PRO BA 371 -28.31 39.01 60.18
CA PRO BA 371 -29.10 37.85 60.61
C PRO BA 371 -28.93 37.48 62.09
N SER BA 372 -27.73 37.69 62.64
CA SER BA 372 -27.45 37.42 64.06
C SER BA 372 -28.27 38.26 65.04
N SER BA 373 -28.91 39.35 64.60
CA SER BA 373 -29.83 40.11 65.47
C SER BA 373 -31.19 39.43 65.68
N VAL BA 374 -31.47 38.37 64.92
CA VAL BA 374 -32.78 37.72 64.88
C VAL BA 374 -32.66 36.23 65.16
N THR BA 375 -31.77 35.55 64.44
CA THR BA 375 -31.70 34.08 64.40
C THR BA 375 -30.32 33.57 64.80
N PRO BA 376 -30.23 32.35 65.37
CA PRO BA 376 -28.95 31.69 65.63
C PRO BA 376 -28.22 31.30 64.33
N ASP BA 377 -28.94 31.19 63.22
CA ASP BA 377 -28.36 30.88 61.91
C ASP BA 377 -27.88 32.16 61.19
N PRO BA 378 -26.57 32.34 60.95
CA PRO BA 378 -26.03 33.49 60.25
C PRO BA 378 -26.32 33.51 58.74
N LEU BA 379 -26.86 32.43 58.19
CA LEU BA 379 -27.25 32.32 56.77
C LEU BA 379 -28.74 32.59 56.53
N ASP BA 380 -29.53 32.84 57.59
CA ASP BA 380 -30.95 33.15 57.45
C ASP BA 380 -31.18 34.64 57.16
N TYR BA 381 -31.20 35.00 55.89
CA TYR BA 381 -31.42 36.38 55.44
C TYR BA 381 -32.89 36.73 55.20
N ARG BA 382 -33.84 35.86 55.56
CA ARG BA 382 -35.28 36.05 55.33
C ARG BA 382 -35.77 37.39 55.87
N LEU BA 383 -35.69 37.60 57.19
CA LEU BA 383 -36.19 38.82 57.81
C LEU BA 383 -35.38 40.05 57.39
N SER BA 384 -34.04 39.93 57.38
CA SER BA 384 -33.14 41.04 57.01
C SER BA 384 -33.44 41.59 55.62
N TRP BA 385 -33.69 40.74 54.64
CA TRP BA 385 -33.99 41.19 53.28
C TRP BA 385 -35.34 41.91 53.18
N HIS BA 386 -36.40 41.35 53.78
CA HIS BA 386 -37.73 41.97 53.80
C HIS BA 386 -37.74 43.29 54.59
N LEU BA 387 -37.01 43.36 55.72
CA LEU BA 387 -36.83 44.62 56.46
C LEU BA 387 -36.14 45.67 55.60
N TRP BA 388 -35.10 45.31 54.83
CA TRP BA 388 -34.45 46.25 53.93
C TRP BA 388 -35.42 46.82 52.89
N MET BA 389 -36.28 46.00 52.28
CA MET BA 389 -37.30 46.49 51.32
C MET BA 389 -38.27 47.49 51.95
N VAL BA 390 -38.75 47.20 53.16
CA VAL BA 390 -39.63 48.10 53.92
C VAL BA 390 -38.92 49.39 54.31
N LEU BA 391 -37.67 49.30 54.79
CA LEU BA 391 -36.89 50.50 55.15
C LEU BA 391 -36.62 51.38 53.92
N GLN BA 392 -36.38 50.76 52.75
CA GLN BA 392 -36.26 51.49 51.49
C GLN BA 392 -37.58 52.18 51.10
N ALA BA 393 -38.73 51.52 51.29
CA ALA BA 393 -40.06 52.12 51.09
C ALA BA 393 -40.35 53.31 52.03
N LEU BA 394 -39.76 53.30 53.24
CA LEU BA 394 -39.79 54.40 54.22
C LEU BA 394 -38.77 55.51 53.94
N ASN BA 395 -38.03 55.43 52.82
CA ASN BA 395 -36.98 56.36 52.40
C ASN BA 395 -35.69 56.33 53.26
N TYR BA 396 -35.32 55.17 53.82
CA TYR BA 396 -33.97 54.96 54.33
C TYR BA 396 -33.06 54.49 53.19
N THR BA 397 -31.99 55.24 52.92
CA THR BA 397 -31.12 55.02 51.74
C THR BA 397 -29.64 54.91 52.10
N HIS BA 398 -29.28 54.98 53.37
CA HIS BA 398 -27.90 55.06 53.83
C HIS BA 398 -27.18 53.71 53.98
N LEU BA 399 -27.79 52.61 53.53
CA LEU BA 399 -27.10 51.32 53.45
C LEU BA 399 -26.14 51.31 52.25
N SER BA 400 -24.87 50.98 52.48
CA SER BA 400 -23.87 50.93 51.40
C SER BA 400 -24.25 49.94 50.29
N GLU BA 401 -23.91 50.26 49.04
CA GLU BA 401 -24.20 49.41 47.87
C GLU BA 401 -23.60 48.00 48.00
N HIS BA 402 -22.41 47.89 48.62
CA HIS BA 402 -21.77 46.60 48.88
C HIS BA 402 -22.63 45.72 49.78
N ARG BA 403 -23.14 46.28 50.89
CA ARG BA 403 -24.00 45.55 51.83
C ARG BA 403 -25.35 45.21 51.22
N GLN BA 404 -25.93 46.11 50.42
CA GLN BA 404 -27.13 45.79 49.63
C GLN BA 404 -26.88 44.58 48.72
N GLY BA 405 -25.77 44.58 47.98
CA GLY BA 405 -25.36 43.46 47.15
C GLY BA 405 -25.22 42.15 47.92
N THR BA 406 -24.63 42.18 49.12
CA THR BA 406 -24.55 41.01 50.02
C THR BA 406 -25.93 40.52 50.42
N LEU BA 407 -26.86 41.40 50.85
CA LEU BA 407 -28.21 41.00 51.23
C LEU BA 407 -28.96 40.34 50.06
N HIS BA 408 -28.94 40.95 48.87
CA HIS BA 408 -29.57 40.37 47.68
C HIS BA 408 -28.96 39.02 47.30
N ALA BA 409 -27.63 38.91 47.29
CA ALA BA 409 -26.93 37.68 46.91
C ALA BA 409 -27.15 36.56 47.93
N SER BA 410 -27.07 36.86 49.23
CA SER BA 410 -27.24 35.86 50.30
C SER BA 410 -28.66 35.31 50.34
N TYR BA 411 -29.68 36.18 50.26
CA TYR BA 411 -31.06 35.72 50.27
C TYR BA 411 -31.44 34.98 48.98
N ALA BA 412 -30.95 35.44 47.81
CA ALA BA 412 -31.11 34.70 46.56
C ALA BA 412 -30.47 33.31 46.62
N ALA BA 413 -29.29 33.18 47.23
CA ALA BA 413 -28.63 31.89 47.40
C ALA BA 413 -29.39 30.96 48.37
N GLN BA 414 -29.98 31.51 49.43
CA GLN BA 414 -30.86 30.76 50.35
C GLN BA 414 -32.09 30.22 49.60
N LEU BA 415 -32.76 31.05 48.80
CA LEU BA 415 -33.90 30.64 47.97
C LEU BA 415 -33.52 29.61 46.90
N GLU BA 416 -32.35 29.75 46.27
CA GLU BA 416 -31.81 28.76 45.34
C GLU BA 416 -31.65 27.39 46.02
N ASN BA 417 -31.09 27.34 47.23
CA ASN BA 417 -30.89 26.10 47.97
C ASN BA 417 -32.20 25.40 48.39
N VAL BA 418 -33.24 26.20 48.71
CA VAL BA 418 -34.58 25.70 49.04
C VAL BA 418 -35.37 25.24 47.80
N GLY BA 419 -34.88 25.56 46.59
CA GLY BA 419 -35.51 25.18 45.32
C GLY BA 419 -36.51 26.21 44.77
N LEU BA 420 -36.60 27.38 45.41
CA LEU BA 420 -37.41 28.54 45.01
C LEU BA 420 -36.56 29.51 44.15
N TRP BA 421 -35.82 29.00 43.18
CA TRP BA 421 -34.89 29.79 42.37
C TRP BA 421 -35.58 30.87 41.51
N GLU BA 422 -36.86 30.67 41.15
CA GLU BA 422 -37.67 31.67 40.46
C GLU BA 422 -37.87 32.93 41.32
N TRP BA 423 -37.96 32.76 42.64
CA TRP BA 423 -38.02 33.85 43.60
C TRP BA 423 -36.63 34.42 43.92
N ALA BA 424 -35.57 33.61 43.83
CA ALA BA 424 -34.21 34.14 43.87
C ALA BA 424 -33.97 35.14 42.72
N ILE BA 425 -34.54 34.91 41.52
CA ILE BA 425 -34.52 35.91 40.43
C ILE BA 425 -35.22 37.19 40.88
N PHE BA 426 -36.42 37.10 41.46
CA PHE BA 426 -37.13 38.26 41.98
C PHE BA 426 -36.28 39.08 42.95
N VAL BA 427 -35.59 38.43 43.90
CA VAL BA 427 -34.67 39.09 44.84
C VAL BA 427 -33.52 39.81 44.11
N LEU BA 428 -32.91 39.17 43.10
CA LEU BA 428 -31.84 39.77 42.30
C LEU BA 428 -32.32 40.96 41.47
N LEU BA 429 -33.60 40.99 41.05
CA LEU BA 429 -34.15 42.11 40.28
C LEU BA 429 -34.25 43.43 41.07
N HIS BA 430 -34.08 43.40 42.38
CA HIS BA 430 -34.00 44.57 43.24
C HIS BA 430 -32.61 45.21 43.28
N ILE BA 431 -31.56 44.54 42.75
CA ILE BA 431 -30.22 45.11 42.67
C ILE BA 431 -30.27 46.41 41.86
N PRO BA 432 -29.82 47.56 42.40
CA PRO BA 432 -29.91 48.85 41.70
C PRO BA 432 -29.12 48.89 40.38
N HIS BA 433 -27.91 48.32 40.40
CA HIS BA 433 -26.97 48.34 39.27
C HIS BA 433 -27.40 47.42 38.12
N PRO BA 434 -27.66 47.95 36.91
CA PRO BA 434 -28.25 47.17 35.82
C PRO BA 434 -27.37 46.03 35.33
N HIS BA 435 -26.06 46.26 35.19
CA HIS BA 435 -25.13 45.23 34.72
C HIS BA 435 -24.95 44.08 35.72
N ILE BA 436 -24.89 44.40 37.01
CA ILE BA 436 -24.75 43.38 38.08
C ILE BA 436 -26.05 42.59 38.19
N ARG BA 437 -27.20 43.27 38.14
CA ARG BA 437 -28.53 42.66 38.12
C ARG BA 437 -28.68 41.68 36.95
N GLU BA 438 -28.39 42.15 35.74
CA GLU BA 438 -28.45 41.35 34.52
C GLU BA 438 -27.52 40.14 34.57
N ALA BA 439 -26.27 40.32 35.01
CA ALA BA 439 -25.32 39.24 35.17
C ALA BA 439 -25.81 38.19 36.16
N GLY BA 440 -26.29 38.59 37.34
CA GLY BA 440 -26.80 37.70 38.37
C GLY BA 440 -28.04 36.90 37.92
N VAL BA 441 -28.99 37.57 37.25
CA VAL BA 441 -30.19 36.89 36.73
C VAL BA 441 -29.83 35.87 35.66
N ARG BA 442 -28.99 36.23 34.68
CA ARG BA 442 -28.55 35.29 33.64
C ARG BA 442 -27.75 34.13 34.20
N GLU BA 443 -26.90 34.39 35.19
CA GLU BA 443 -26.13 33.35 35.84
C GLU BA 443 -27.03 32.33 36.55
N LEU BA 444 -28.05 32.80 37.27
CA LEU BA 444 -29.01 31.92 37.94
C LEU BA 444 -29.84 31.10 36.93
N LEU BA 445 -30.32 31.73 35.86
CA LEU BA 445 -31.02 31.05 34.75
C LEU BA 445 -30.14 29.95 34.14
N ASN BA 446 -28.88 30.24 33.85
CA ASN BA 446 -27.94 29.28 33.26
C ASN BA 446 -27.68 28.06 34.17
N ARG BA 447 -27.80 28.21 35.49
CA ARG BA 447 -27.62 27.11 36.45
C ARG BA 447 -28.88 26.24 36.58
N GLN BA 448 -30.04 26.88 36.72
CA GLN BA 448 -31.27 26.23 37.18
C GLN BA 448 -32.30 25.94 36.07
N CYS BA 449 -32.23 26.60 34.90
CA CYS BA 449 -33.16 26.32 33.81
C CYS BA 449 -33.02 24.88 33.30
N VAL BA 450 -34.14 24.16 33.32
CA VAL BA 450 -34.24 22.77 32.86
C VAL BA 450 -34.75 22.75 31.42
N VAL BA 451 -34.18 21.86 30.60
CA VAL BA 451 -34.57 21.68 29.18
C VAL BA 451 -35.84 20.83 29.05
N ARG BA 452 -36.08 19.94 30.01
CA ARG BA 452 -37.27 19.07 30.07
C ARG BA 452 -38.50 19.88 30.47
N GLU BA 453 -39.54 19.82 29.66
CA GLU BA 453 -40.82 20.49 29.91
C GLU BA 453 -41.66 19.66 30.89
N SER BA 454 -41.56 19.99 32.18
CA SER BA 454 -42.50 19.56 33.23
C SER BA 454 -43.54 20.66 33.49
N PRO BA 455 -44.75 20.34 33.99
CA PRO BA 455 -45.75 21.37 34.33
C PRO BA 455 -45.19 22.39 35.35
N GLU BA 456 -44.37 21.93 36.30
CA GLU BA 456 -43.68 22.79 37.26
C GLU BA 456 -42.67 23.74 36.60
N SER BA 457 -41.85 23.24 35.67
CA SER BA 457 -40.89 24.08 34.94
C SER BA 457 -41.60 25.16 34.12
N LEU BA 458 -42.73 24.81 33.49
CA LEU BA 458 -43.51 25.74 32.68
C LEU BA 458 -44.23 26.78 33.55
N ALA BA 459 -44.70 26.39 34.74
CA ALA BA 459 -45.24 27.31 35.73
C ALA BA 459 -44.19 28.33 36.19
N LYS BA 460 -42.96 27.88 36.48
CA LYS BA 460 -41.83 28.76 36.84
C LYS BA 460 -41.46 29.70 35.69
N GLU BA 461 -41.39 29.20 34.46
CA GLU BA 461 -41.12 30.05 33.29
C GLU BA 461 -42.20 31.11 33.06
N ASN BA 462 -43.47 30.72 33.19
CA ASN BA 462 -44.59 31.65 33.09
C ASN BA 462 -44.54 32.70 34.20
N PHE BA 463 -44.15 32.33 35.42
CA PHE BA 463 -43.93 33.28 36.51
C PHE BA 463 -42.84 34.31 36.16
N LEU BA 464 -41.70 33.86 35.64
CA LEU BA 464 -40.59 34.74 35.25
C LEU BA 464 -40.98 35.71 34.12
N ILE BA 465 -41.63 35.20 33.07
CA ILE BA 465 -41.95 35.99 31.88
C ILE BA 465 -43.13 36.93 32.16
N HIS BA 466 -44.21 36.43 32.78
CA HIS BA 466 -45.45 37.18 32.92
C HIS BA 466 -45.51 38.02 34.21
N ARG BA 467 -45.00 37.51 35.35
CA ARG BA 467 -45.02 38.27 36.62
C ARG BA 467 -43.76 39.10 36.80
N LEU BA 468 -42.58 38.51 36.58
CA LEU BA 468 -41.31 39.24 36.76
C LEU BA 468 -40.87 40.06 35.54
N CYS BA 469 -41.57 39.93 34.41
CA CYS BA 469 -41.24 40.60 33.15
C CYS BA 469 -39.81 40.31 32.65
N VAL BA 470 -39.24 39.14 33.00
CA VAL BA 470 -37.94 38.71 32.49
C VAL BA 470 -38.06 38.41 30.99
N PRO BA 471 -37.14 38.89 30.14
CA PRO BA 471 -37.19 38.61 28.72
C PRO BA 471 -37.18 37.10 28.43
N ALA BA 472 -38.17 36.61 27.68
CA ALA BA 472 -38.25 35.21 27.27
C ALA BA 472 -36.97 34.75 26.52
N GLN BA 473 -36.31 35.68 25.83
CA GLN BA 473 -35.02 35.46 25.18
C GLN BA 473 -33.98 34.88 26.15
N TRP BA 474 -33.86 35.41 27.37
CA TRP BA 474 -32.85 34.95 28.32
C TRP BA 474 -33.12 33.52 28.83
N VAL BA 475 -34.39 33.18 29.00
CA VAL BA 475 -34.80 31.82 29.37
C VAL BA 475 -34.46 30.84 28.24
N HIS BA 476 -34.73 31.22 26.99
CA HIS BA 476 -34.37 30.41 25.83
C HIS BA 476 -32.85 30.29 25.64
N GLU BA 477 -32.08 31.36 25.87
CA GLU BA 477 -30.62 31.32 25.86
C GLU BA 477 -30.06 30.34 26.89
N ALA BA 478 -30.57 30.35 28.12
CA ALA BA 478 -30.18 29.40 29.16
C ALA BA 478 -30.49 27.95 28.77
N LYS BA 479 -31.69 27.70 28.21
CA LYS BA 479 -32.07 26.38 27.68
C LYS BA 479 -31.19 25.93 26.51
N ALA BA 480 -30.75 26.84 25.66
CA ALA BA 480 -29.82 26.52 24.57
C ALA BA 480 -28.45 26.09 25.12
N ILE BA 481 -27.90 26.83 26.09
CA ILE BA 481 -26.63 26.49 26.75
C ILE BA 481 -26.72 25.12 27.43
N ARG BA 482 -27.85 24.84 28.11
CA ARG BA 482 -28.06 23.54 28.75
C ARG BA 482 -28.19 22.40 27.74
N SER BA 483 -28.91 22.63 26.64
CA SER BA 483 -29.04 21.65 25.55
C SER BA 483 -27.68 21.31 24.92
N ARG BA 484 -26.80 22.31 24.78
CA ARG BA 484 -25.42 22.12 24.32
C ARG BA 484 -24.63 21.19 25.26
N ARG BA 485 -24.76 21.40 26.58
CA ARG BA 485 -24.11 20.55 27.59
C ARG BA 485 -24.62 19.10 27.52
N ASP BA 486 -25.92 18.93 27.32
CA ASP BA 486 -26.55 17.60 27.23
C ASP BA 486 -26.29 16.91 25.87
N GLY BA 487 -25.72 17.64 24.90
CA GLY BA 487 -25.41 17.13 23.55
C GLY BA 487 -26.60 17.10 22.58
N ASP BA 488 -27.76 17.64 22.98
CA ASP BA 488 -28.98 17.69 22.17
C ASP BA 488 -28.96 18.89 21.22
N ARG BA 489 -28.35 18.68 20.05
CA ARG BA 489 -28.17 19.71 19.01
C ARG BA 489 -29.48 20.20 18.42
N HIS BA 490 -30.51 19.36 18.39
CA HIS BA 490 -31.85 19.75 17.92
C HIS BA 490 -32.44 20.80 18.87
N LYS BA 491 -32.51 20.48 20.16
CA LYS BA 491 -33.06 21.41 21.15
C LYS BA 491 -32.21 22.66 21.27
N GLU BA 492 -30.89 22.54 21.17
CA GLU BA 492 -29.99 23.70 21.11
C GLU BA 492 -30.39 24.63 19.95
N ALA BA 493 -30.56 24.12 18.72
CA ALA BA 493 -30.97 24.93 17.58
C ALA BA 493 -32.34 25.60 17.78
N LEU BA 494 -33.32 24.85 18.30
CA LEU BA 494 -34.66 25.34 18.61
C LEU BA 494 -34.65 26.51 19.60
N TYR BA 495 -33.88 26.38 20.68
CA TYR BA 495 -33.83 27.42 21.70
C TYR BA 495 -32.97 28.61 21.28
N LEU BA 496 -31.93 28.42 20.47
CA LEU BA 496 -31.19 29.54 19.86
C LEU BA 496 -32.09 30.36 18.91
N LEU BA 497 -32.97 29.68 18.16
CA LEU BA 497 -33.96 30.31 17.28
C LEU BA 497 -34.95 31.15 18.10
N LYS BA 498 -35.59 30.54 19.10
CA LYS BA 498 -36.53 31.24 20.02
C LYS BA 498 -35.84 32.36 20.81
N GLY BA 499 -34.57 32.19 21.16
CA GLY BA 499 -33.73 33.18 21.84
C GLY BA 499 -33.24 34.33 20.95
N HIS BA 500 -33.62 34.38 19.66
CA HIS BA 500 -33.19 35.38 18.69
C HIS BA 500 -31.67 35.41 18.45
N GLN BA 501 -30.98 34.29 18.71
CA GLN BA 501 -29.55 34.13 18.44
C GLN BA 501 -29.34 33.52 17.04
N TRP BA 502 -29.59 34.33 16.01
CA TRP BA 502 -29.60 33.89 14.61
C TRP BA 502 -28.25 33.34 14.13
N ASN BA 503 -27.15 34.03 14.41
CA ASN BA 503 -25.80 33.63 14.00
C ASN BA 503 -25.35 32.28 14.61
N PRO BA 504 -25.44 32.09 15.94
CA PRO BA 504 -25.17 30.79 16.55
C PRO BA 504 -26.09 29.68 16.02
N CYS BA 505 -27.39 29.95 15.85
CA CYS BA 505 -28.35 28.99 15.31
C CYS BA 505 -27.95 28.54 13.89
N HIS BA 506 -27.69 29.49 12.99
CA HIS BA 506 -27.28 29.22 11.62
C HIS BA 506 -25.98 28.39 11.54
N LYS BA 507 -24.96 28.73 12.33
CA LYS BA 507 -23.71 27.97 12.40
C LYS BA 507 -23.92 26.54 12.91
N LEU BA 508 -24.79 26.35 13.90
CA LEU BA 508 -25.12 25.02 14.43
C LEU BA 508 -25.90 24.18 13.41
N VAL BA 509 -26.92 24.76 12.78
CA VAL BA 509 -27.75 24.09 11.77
C VAL BA 509 -26.89 23.65 10.59
N THR BA 510 -26.10 24.56 10.01
CA THR BA 510 -25.26 24.26 8.85
C THR BA 510 -24.16 23.24 9.14
N ARG BA 511 -23.50 23.33 10.30
CA ARG BA 511 -22.38 22.42 10.64
C ARG BA 511 -22.79 21.04 11.12
N HIS BA 512 -23.97 20.90 11.73
CA HIS BA 512 -24.30 19.68 12.46
C HIS BA 512 -25.67 19.09 12.17
N LEU BA 513 -26.63 19.87 11.66
CA LEU BA 513 -28.00 19.38 11.41
C LEU BA 513 -28.28 19.21 9.91
N ALA BA 514 -27.72 20.07 9.06
CA ALA BA 514 -28.02 20.10 7.64
C ALA BA 514 -27.59 18.80 6.93
N ALA BA 515 -26.36 18.33 7.15
CA ALA BA 515 -25.88 17.10 6.53
C ALA BA 515 -26.70 15.87 6.95
N ASP BA 516 -26.98 15.72 8.25
CA ASP BA 516 -27.80 14.61 8.76
C ASP BA 516 -29.24 14.68 8.24
N ALA BA 517 -29.83 15.88 8.08
CA ALA BA 517 -31.17 16.03 7.54
C ALA BA 517 -31.25 15.73 6.04
N VAL BA 518 -30.25 16.13 5.26
CA VAL BA 518 -30.16 15.85 3.81
C VAL BA 518 -29.96 14.35 3.55
N ILE BA 519 -29.04 13.70 4.27
CA ILE BA 519 -28.77 12.26 4.11
C ILE BA 519 -30.01 11.41 4.46
N ASN BA 520 -30.76 11.80 5.49
CA ASN BA 520 -31.97 11.10 5.91
C ASN BA 520 -33.24 11.58 5.19
N GLU BA 521 -33.11 12.45 4.18
CA GLU BA 521 -34.22 13.04 3.41
C GLU BA 521 -35.30 13.75 4.26
N ASN BA 522 -34.95 14.23 5.45
CA ASN BA 522 -35.86 14.92 6.35
C ASN BA 522 -35.89 16.44 6.07
N TYR BA 523 -36.38 16.80 4.89
CA TYR BA 523 -36.36 18.19 4.41
C TYR BA 523 -37.27 19.13 5.21
N ARG BA 524 -38.44 18.64 5.67
CA ARG BA 524 -39.37 19.43 6.50
C ARG BA 524 -38.74 19.87 7.81
N TYR BA 525 -37.92 19.00 8.42
CA TYR BA 525 -37.18 19.31 9.63
C TYR BA 525 -36.14 20.42 9.42
N LEU BA 526 -35.38 20.38 8.33
CA LEU BA 526 -34.39 21.42 8.02
C LEU BA 526 -35.07 22.74 7.61
N GLN BA 527 -36.22 22.64 6.93
CA GLN BA 527 -37.03 23.78 6.49
C GLN BA 527 -37.65 24.55 7.66
N SER BA 528 -37.99 23.89 8.78
CA SER BA 528 -38.53 24.62 9.94
C SER BA 528 -37.53 25.64 10.50
N PHE BA 529 -36.25 25.26 10.60
CA PHE BA 529 -35.20 26.19 11.05
C PHE BA 529 -34.81 27.19 9.97
N LEU BA 530 -34.50 26.73 8.76
CA LEU BA 530 -34.03 27.61 7.68
C LEU BA 530 -35.13 28.55 7.18
N GLY BA 531 -36.39 28.13 7.25
CA GLY BA 531 -37.55 28.95 6.92
C GLY BA 531 -37.68 30.14 7.85
N GLU BA 532 -37.62 29.92 9.17
CA GLU BA 532 -37.64 31.01 10.15
C GLU BA 532 -36.42 31.93 10.02
N LEU BA 533 -35.22 31.38 9.80
CA LEU BA 533 -34.01 32.17 9.55
C LEU BA 533 -34.07 32.98 8.25
N SER BA 534 -34.87 32.57 7.28
CA SER BA 534 -34.99 33.21 5.95
C SER BA 534 -35.76 34.53 5.92
N ASN BA 535 -36.37 34.92 7.04
CA ASN BA 535 -37.07 36.19 7.13
C ASN BA 535 -36.10 37.35 6.84
N PRO BA 536 -36.53 38.37 6.05
CA PRO BA 536 -35.64 39.43 5.57
C PRO BA 536 -35.02 40.28 6.70
N GLU BA 537 -35.68 40.34 7.86
CA GLU BA 537 -35.16 41.02 9.05
C GLU BA 537 -34.05 40.22 9.77
N HIS BA 538 -34.08 38.89 9.67
CA HIS BA 538 -33.10 38.01 10.34
C HIS BA 538 -31.88 37.78 9.45
N CYS BA 539 -32.08 37.56 8.15
CA CYS BA 539 -31.02 37.29 7.17
C CYS BA 539 -29.91 38.36 7.15
N LYS BA 540 -30.27 39.65 7.31
CA LYS BA 540 -29.29 40.75 7.33
C LYS BA 540 -28.28 40.65 8.46
N HIS BA 541 -28.65 40.00 9.56
CA HIS BA 541 -27.81 39.83 10.74
C HIS BA 541 -26.99 38.53 10.69
N ILE BA 542 -27.27 37.64 9.72
CA ILE BA 542 -26.63 36.33 9.61
C ILE BA 542 -25.38 36.43 8.72
N GLN BA 543 -24.23 36.08 9.27
CA GLN BA 543 -22.98 35.97 8.53
C GLN BA 543 -23.06 34.76 7.58
N ASP BA 544 -22.61 34.93 6.33
CA ASP BA 544 -22.50 33.85 5.34
C ASP BA 544 -23.84 33.12 5.05
N TRP BA 545 -24.97 33.84 5.19
CA TRP BA 545 -26.29 33.28 4.90
C TRP BA 545 -26.39 32.78 3.45
N GLU BA 546 -25.90 33.59 2.49
CA GLU BA 546 -26.02 33.30 1.06
C GLU BA 546 -25.20 32.08 0.60
N THR BA 547 -24.07 31.81 1.25
CA THR BA 547 -23.13 30.75 0.87
C THR BA 547 -23.44 29.40 1.50
N ALA BA 548 -24.20 29.37 2.60
CA ALA BA 548 -24.54 28.13 3.29
C ALA BA 548 -26.04 27.96 3.50
N GLY BA 549 -26.65 28.78 4.37
CA GLY BA 549 -28.03 28.55 4.83
C GLY BA 549 -29.06 28.66 3.71
N LYS BA 550 -28.88 29.65 2.83
CA LYS BA 550 -29.71 29.86 1.65
C LYS BA 550 -29.60 28.71 0.64
N VAL BA 551 -28.41 28.12 0.47
CA VAL BA 551 -28.19 27.02 -0.48
C VAL BA 551 -28.99 25.78 -0.09
N TYR BA 552 -28.99 25.43 1.20
CA TYR BA 552 -29.82 24.34 1.71
C TYR BA 552 -31.32 24.65 1.58
N LEU BA 553 -31.75 25.88 1.84
CA LEU BA 553 -33.15 26.28 1.71
C LEU BA 553 -33.62 26.26 0.24
N ASP BA 554 -32.80 26.78 -0.67
CA ASP BA 554 -33.10 26.80 -2.09
C ASP BA 554 -33.14 25.37 -2.66
N TYR BA 555 -32.28 24.47 -2.16
CA TYR BA 555 -32.33 23.04 -2.48
C TYR BA 555 -33.64 22.39 -2.06
N ILE BA 556 -34.10 22.63 -0.82
CA ILE BA 556 -35.40 22.13 -0.34
C ILE BA 556 -36.55 22.68 -1.19
N ARG BA 557 -36.53 23.99 -1.50
CA ARG BA 557 -37.55 24.62 -2.36
C ARG BA 557 -37.60 24.01 -3.76
N VAL BA 558 -36.44 23.64 -4.32
CA VAL BA 558 -36.38 22.98 -5.64
C VAL BA 558 -36.97 21.58 -5.59
N ILE BA 559 -36.73 20.83 -4.51
CA ILE BA 559 -37.38 19.53 -4.31
C ILE BA 559 -38.90 19.69 -4.15
N ASP BA 560 -39.34 20.65 -3.34
CA ASP BA 560 -40.77 20.91 -3.11
C ASP BA 560 -41.48 21.31 -4.41
N MET BA 561 -40.90 22.21 -5.21
CA MET BA 561 -41.47 22.60 -6.51
C MET BA 561 -41.51 21.44 -7.49
N LEU BA 562 -40.50 20.56 -7.50
CA LEU BA 562 -40.51 19.37 -8.36
C LEU BA 562 -41.60 18.38 -7.96
N ASN BA 563 -41.80 18.15 -6.66
CA ASN BA 563 -42.88 17.30 -6.16
C ASN BA 563 -44.26 17.87 -6.51
N LEU BA 564 -44.44 19.20 -6.46
CA LEU BA 564 -45.67 19.87 -6.88
C LEU BA 564 -45.93 19.70 -8.38
N ILE BA 565 -44.89 19.87 -9.22
CA ILE BA 565 -44.95 19.68 -10.68
C ILE BA 565 -45.23 18.23 -11.09
N GLN BA 566 -44.84 17.26 -10.27
CA GLN BA 566 -45.17 15.85 -10.50
C GLN BA 566 -46.63 15.49 -10.14
N GLN BA 567 -47.29 16.30 -9.31
CA GLN BA 567 -48.65 16.06 -8.83
C GLN BA 567 -49.71 16.85 -9.61
N ASP BA 568 -49.39 18.07 -10.05
CA ASP BA 568 -50.23 18.90 -10.91
C ASP BA 568 -49.64 18.94 -12.33
N GLU BA 569 -50.46 18.77 -13.38
CA GLU BA 569 -50.04 19.05 -14.76
C GLU BA 569 -49.70 20.55 -14.91
N SER BA 570 -48.43 20.87 -14.67
CA SER BA 570 -47.99 22.24 -14.42
C SER BA 570 -47.76 23.07 -15.69
N SER BA 571 -47.99 24.39 -15.56
CA SER BA 571 -47.75 25.39 -16.60
C SER BA 571 -46.26 25.66 -16.84
N GLY BA 572 -45.85 25.87 -18.10
CA GLY BA 572 -44.44 26.09 -18.49
C GLY BA 572 -43.70 27.23 -17.76
N CYS BA 573 -44.42 28.21 -17.22
CA CYS BA 573 -43.86 29.31 -16.41
C CYS BA 573 -43.23 28.81 -15.09
N GLU BA 574 -43.82 27.80 -14.44
CA GLU BA 574 -43.25 27.22 -13.22
C GLU BA 574 -42.00 26.38 -13.53
N LEU BA 575 -41.95 25.79 -14.72
CA LEU BA 575 -40.82 25.00 -15.20
C LEU BA 575 -39.60 25.88 -15.53
N GLU BA 576 -39.81 27.08 -16.08
CA GLU BA 576 -38.75 28.09 -16.30
C GLU BA 576 -38.19 28.66 -14.98
N LYS BA 577 -39.06 28.93 -13.99
CA LYS BA 577 -38.64 29.34 -12.64
C LYS BA 577 -37.85 28.25 -11.93
N LEU BA 578 -38.24 26.99 -12.09
CA LEU BA 578 -37.50 25.85 -11.56
C LEU BA 578 -36.12 25.74 -12.25
N HIS BA 579 -36.06 25.86 -13.57
CA HIS BA 579 -34.81 25.81 -14.34
C HIS BA 579 -33.80 26.87 -13.87
N THR BA 580 -34.23 28.13 -13.76
CA THR BA 580 -33.36 29.23 -13.29
C THR BA 580 -32.83 29.00 -11.87
N LYS BA 581 -33.66 28.49 -10.95
CA LYS BA 581 -33.25 28.16 -9.57
C LYS BA 581 -32.29 26.97 -9.52
N VAL BA 582 -32.54 25.90 -10.27
CA VAL BA 582 -31.65 24.72 -10.36
C VAL BA 582 -30.27 25.13 -10.89
N MET BA 583 -30.22 25.96 -11.92
CA MET BA 583 -28.97 26.46 -12.50
C MET BA 583 -28.17 27.30 -11.51
N SER BA 584 -28.86 28.11 -10.71
CA SER BA 584 -28.22 28.86 -9.62
C SER BA 584 -27.67 27.92 -8.53
N LEU BA 585 -28.44 26.90 -8.13
CA LEU BA 585 -28.03 25.91 -7.12
C LEU BA 585 -26.78 25.14 -7.55
N CYS BA 586 -26.66 24.75 -8.83
CA CYS BA 586 -25.46 24.07 -9.33
C CYS BA 586 -24.17 24.87 -9.05
N LYS BA 587 -24.23 26.20 -9.10
CA LYS BA 587 -23.09 27.08 -8.78
C LYS BA 587 -22.83 27.17 -7.27
N TRP BA 588 -23.88 27.17 -6.46
CA TRP BA 588 -23.76 27.39 -5.02
C TRP BA 588 -23.47 26.13 -4.21
N VAL BA 589 -23.87 24.95 -4.69
CA VAL BA 589 -23.57 23.66 -4.04
C VAL BA 589 -22.06 23.40 -3.95
N GLU BA 590 -21.28 23.86 -4.94
CA GLU BA 590 -19.81 23.80 -4.92
C GLU BA 590 -19.19 24.62 -3.77
N LEU BA 591 -19.83 25.74 -3.40
CA LEU BA 591 -19.31 26.70 -2.43
C LEU BA 591 -19.64 26.35 -0.96
N ILE BA 592 -20.33 25.23 -0.73
CA ILE BA 592 -20.63 24.74 0.62
C ILE BA 592 -19.34 24.27 1.29
N HIS BA 593 -19.03 24.85 2.45
CA HIS BA 593 -17.86 24.47 3.22
C HIS BA 593 -18.09 23.11 3.91
N CYS BA 594 -17.30 22.10 3.54
CA CYS BA 594 -17.39 20.76 4.11
C CYS BA 594 -16.33 20.55 5.19
N TYR BA 595 -16.76 20.33 6.44
CA TYR BA 595 -15.85 20.11 7.57
C TYR BA 595 -15.73 18.63 7.93
N THR BA 596 -16.82 17.87 7.76
CA THR BA 596 -16.88 16.44 8.09
C THR BA 596 -17.09 15.57 6.86
N ALA BA 597 -16.82 14.26 6.99
CA ALA BA 597 -17.11 13.29 5.94
C ALA BA 597 -18.61 13.22 5.61
N LYS BA 598 -19.47 13.46 6.62
CA LYS BA 598 -20.92 13.55 6.42
C LYS BA 598 -21.33 14.76 5.58
N ASP BA 599 -20.67 15.90 5.77
CA ASP BA 599 -20.95 17.09 4.97
C ASP BA 599 -20.61 16.85 3.49
N ARG BA 600 -19.49 16.17 3.22
CA ARG BA 600 -19.11 15.78 1.85
C ARG BA 600 -20.12 14.80 1.24
N LEU BA 601 -20.60 13.84 2.04
CA LEU BA 601 -21.65 12.92 1.60
C LEU BA 601 -22.94 13.69 1.26
N ALA BA 602 -23.40 14.57 2.14
CA ALA BA 602 -24.57 15.40 1.89
C ALA BA 602 -24.41 16.30 0.65
N GLN BA 603 -23.23 16.91 0.48
CA GLN BA 603 -22.90 17.72 -0.71
C GLN BA 603 -22.97 16.88 -1.99
N SER BA 604 -22.43 15.66 -1.96
CA SER BA 604 -22.47 14.73 -3.10
C SER BA 604 -23.88 14.25 -3.45
N GLU BA 605 -24.72 13.98 -2.44
CA GLU BA 605 -26.14 13.62 -2.61
C GLU BA 605 -26.94 14.79 -3.18
N MET BA 606 -26.72 16.01 -2.66
CA MET BA 606 -27.31 17.23 -3.22
C MET BA 606 -26.90 17.41 -4.67
N ALA BA 607 -25.61 17.27 -4.99
CA ALA BA 607 -25.09 17.40 -6.35
C ALA BA 607 -25.72 16.39 -7.32
N LYS BA 608 -25.78 15.11 -6.92
CA LYS BA 608 -26.43 14.04 -7.70
C LYS BA 608 -27.91 14.32 -7.94
N ARG BA 609 -28.65 14.66 -6.88
CA ARG BA 609 -30.07 15.00 -6.96
C ARG BA 609 -30.29 16.22 -7.86
N VAL BA 610 -29.52 17.30 -7.70
CA VAL BA 610 -29.64 18.53 -8.51
C VAL BA 610 -29.36 18.25 -9.99
N ALA BA 611 -28.37 17.41 -10.32
CA ALA BA 611 -28.10 17.03 -11.71
C ALA BA 611 -29.25 16.21 -12.33
N ASN BA 612 -29.82 15.27 -11.57
CA ASN BA 612 -30.99 14.51 -12.00
C ASN BA 612 -32.21 15.42 -12.21
N ILE BA 613 -32.44 16.37 -11.30
CA ILE BA 613 -33.51 17.36 -11.43
C ILE BA 613 -33.28 18.20 -12.70
N LEU BA 614 -32.06 18.68 -12.94
CA LEU BA 614 -31.74 19.46 -14.14
C LEU BA 614 -32.06 18.68 -15.43
N ARG BA 615 -31.74 17.38 -15.49
CA ARG BA 615 -32.10 16.51 -16.62
C ARG BA 615 -33.61 16.40 -16.81
N VAL BA 616 -34.35 16.14 -15.73
CA VAL BA 616 -35.82 16.00 -15.78
C VAL BA 616 -36.47 17.29 -16.27
N VAL BA 617 -36.04 18.45 -15.74
CA VAL BA 617 -36.57 19.75 -16.16
C VAL BA 617 -36.30 20.01 -17.63
N LEU BA 618 -35.08 19.73 -18.11
CA LEU BA 618 -34.73 19.90 -19.53
C LEU BA 618 -35.48 18.93 -20.44
N SER BA 619 -35.83 17.72 -19.97
CA SER BA 619 -36.66 16.78 -20.73
C SER BA 619 -38.13 17.22 -20.80
N LEU BA 620 -38.66 17.85 -19.75
CA LEU BA 620 -40.05 18.31 -19.67
C LEU BA 620 -40.28 19.65 -20.39
N GLN BA 621 -39.24 20.47 -20.58
CA GLN BA 621 -39.31 21.72 -21.34
C GLN BA 621 -39.42 21.53 -22.85
N GLN BA 622 -39.40 20.29 -23.36
CA GLN BA 622 -39.52 20.02 -24.79
C GLN BA 622 -40.98 20.03 -25.25
N PRO BA 623 -41.29 20.70 -26.38
CA PRO BA 623 -42.59 20.56 -27.02
C PRO BA 623 -42.77 19.11 -27.52
N PRO BA 624 -43.98 18.52 -27.44
CA PRO BA 624 -44.25 17.11 -27.80
C PRO BA 624 -44.15 16.79 -29.31
N GLU BA 625 -43.50 17.61 -30.14
CA GLU BA 625 -43.46 17.46 -31.60
C GLU BA 625 -42.30 16.61 -32.15
N SER BA 626 -41.48 15.97 -31.31
CA SER BA 626 -40.46 15.00 -31.75
C SER BA 626 -40.73 13.57 -31.27
N MET BA 627 -41.97 13.10 -31.39
CA MET BA 627 -42.29 11.68 -31.20
C MET BA 627 -42.01 10.90 -32.50
N SER BA 628 -40.74 10.56 -32.72
CA SER BA 628 -40.41 9.33 -33.47
C SER BA 628 -40.26 8.21 -32.45
N ASP BA 629 -41.17 7.24 -32.48
CA ASP BA 629 -41.16 6.04 -31.65
C ASP BA 629 -39.79 5.37 -31.68
N SER BA 630 -39.14 5.24 -30.51
CA SER BA 630 -37.95 4.41 -30.16
C SER BA 630 -36.71 5.12 -29.59
N SER BA 631 -36.72 6.43 -29.31
CA SER BA 631 -35.60 7.09 -28.61
C SER BA 631 -36.02 7.77 -27.31
N GLU BA 632 -35.28 7.48 -26.23
CA GLU BA 632 -35.32 8.18 -24.94
C GLU BA 632 -35.35 9.72 -25.11
N PRO BA 633 -35.96 10.46 -24.17
CA PRO BA 633 -36.11 11.92 -24.26
C PRO BA 633 -34.77 12.61 -24.55
N ARG BA 634 -34.72 13.43 -25.61
CA ARG BA 634 -33.50 14.10 -26.09
C ARG BA 634 -33.12 15.26 -25.17
N VAL BA 635 -32.29 15.03 -24.15
CA VAL BA 635 -31.84 16.13 -23.26
C VAL BA 635 -30.78 16.99 -23.99
N PRO BA 636 -30.97 18.32 -24.18
CA PRO BA 636 -29.98 19.16 -24.87
C PRO BA 636 -28.66 19.24 -24.09
N LEU BA 637 -27.64 18.57 -24.61
CA LEU BA 637 -26.32 18.40 -23.98
C LEU BA 637 -25.56 19.71 -23.75
N ARG BA 638 -25.76 20.71 -24.63
CA ARG BA 638 -25.09 22.02 -24.54
C ARG BA 638 -25.46 22.79 -23.28
N LEU BA 639 -26.67 22.60 -22.76
CA LEU BA 639 -27.16 23.27 -21.55
C LEU BA 639 -26.82 22.47 -20.28
N LEU BA 640 -26.61 21.16 -20.41
CA LEU BA 640 -26.39 20.24 -19.30
C LEU BA 640 -24.89 20.11 -18.94
N ALA BA 641 -24.02 19.99 -19.94
CA ALA BA 641 -22.59 19.73 -19.75
C ALA BA 641 -21.81 20.76 -18.90
N PRO BA 642 -22.05 22.10 -19.02
CA PRO BA 642 -21.33 23.10 -18.23
C PRO BA 642 -21.63 23.03 -16.73
N HIS BA 643 -22.79 22.49 -16.36
CA HIS BA 643 -23.28 22.45 -14.99
C HIS BA 643 -22.94 21.13 -14.29
N ILE BA 644 -22.99 20.00 -15.01
CA ILE BA 644 -22.56 18.70 -14.47
C ILE BA 644 -21.05 18.71 -14.15
N GLY BA 645 -20.23 19.33 -14.99
CA GLY BA 645 -18.78 19.40 -14.76
C GLY BA 645 -18.35 20.28 -13.56
N ARG BA 646 -19.25 21.09 -13.01
CA ARG BA 646 -18.99 21.96 -11.83
C ARG BA 646 -19.53 21.39 -10.52
N LEU BA 647 -20.33 20.34 -10.59
CA LEU BA 647 -20.93 19.74 -9.41
C LEU BA 647 -19.91 18.84 -8.69
N PRO BA 648 -19.73 18.97 -7.36
CA PRO BA 648 -18.84 18.12 -6.58
C PRO BA 648 -19.44 16.73 -6.40
N MET BA 649 -19.27 15.89 -7.43
CA MET BA 649 -19.73 14.50 -7.42
C MET BA 649 -18.62 13.54 -7.02
N PRO BA 650 -18.95 12.35 -6.46
CA PRO BA 650 -17.97 11.27 -6.27
C PRO BA 650 -17.40 10.84 -7.62
N GLU BA 651 -16.12 10.45 -7.66
CA GLU BA 651 -15.40 10.12 -8.89
C GLU BA 651 -16.14 9.06 -9.74
N ASP BA 652 -16.69 8.03 -9.10
CA ASP BA 652 -17.43 6.97 -9.78
C ASP BA 652 -18.68 7.51 -10.50
N TYR BA 653 -19.43 8.40 -9.84
CA TYR BA 653 -20.64 8.99 -10.39
C TYR BA 653 -20.32 10.04 -11.46
N ALA BA 654 -19.28 10.84 -11.25
CA ALA BA 654 -18.80 11.79 -12.25
C ALA BA 654 -18.37 11.06 -13.55
N LEU BA 655 -17.73 9.88 -13.42
CA LEU BA 655 -17.37 9.04 -14.57
C LEU BA 655 -18.58 8.44 -15.27
N GLU BA 656 -19.60 7.98 -14.53
CA GLU BA 656 -20.87 7.52 -15.12
C GLU BA 656 -21.59 8.65 -15.86
N GLU BA 657 -21.65 9.84 -15.26
CA GLU BA 657 -22.25 11.03 -15.87
C GLU BA 657 -21.49 11.45 -17.13
N LEU BA 658 -20.15 11.47 -17.11
CA LEU BA 658 -19.32 11.75 -18.28
C LEU BA 658 -19.47 10.67 -19.37
N ARG BA 659 -19.62 9.39 -19.01
CA ARG BA 659 -19.92 8.32 -19.96
C ARG BA 659 -21.31 8.49 -20.57
N GLY BA 660 -22.32 8.84 -19.79
CA GLY BA 660 -23.66 9.15 -20.28
C GLY BA 660 -23.67 10.36 -21.21
N LEU BA 661 -22.95 11.44 -20.85
CA LEU BA 661 -22.79 12.65 -21.66
C LEU BA 661 -22.05 12.37 -22.97
N THR BA 662 -20.97 11.57 -22.94
CA THR BA 662 -20.22 11.20 -24.15
C THR BA 662 -21.02 10.27 -25.07
N GLN BA 663 -21.75 9.30 -24.53
CA GLN BA 663 -22.63 8.44 -25.31
C GLN BA 663 -23.78 9.21 -25.95
N SER BA 664 -24.41 10.13 -25.22
CA SER BA 664 -25.48 10.98 -25.75
C SER BA 664 -24.95 12.01 -26.77
N TYR BA 665 -23.74 12.56 -26.57
CA TYR BA 665 -23.08 13.43 -27.54
C TYR BA 665 -22.72 12.68 -28.83
N LEU BA 666 -22.24 11.44 -28.71
CA LEU BA 666 -22.04 10.56 -29.86
C LEU BA 666 -23.36 10.26 -30.58
N ARG BA 667 -24.47 10.07 -29.85
CA ARG BA 667 -25.80 9.90 -30.46
C ARG BA 667 -26.31 11.16 -31.16
N GLU BA 668 -26.09 12.36 -30.60
CA GLU BA 668 -26.40 13.64 -31.28
C GLU BA 668 -25.62 13.76 -32.60
N LEU BA 669 -24.32 13.44 -32.59
CA LEU BA 669 -23.48 13.46 -33.80
C LEU BA 669 -23.89 12.43 -34.86
N ILE BA 670 -24.45 11.28 -34.45
CA ILE BA 670 -24.92 10.22 -35.36
C ILE BA 670 -26.32 10.53 -35.92
N CYS BA 671 -27.14 11.31 -35.22
CA CYS BA 671 -28.46 11.73 -35.71
C CYS BA 671 -28.44 13.01 -36.57
N ASP BA 672 -27.39 13.84 -36.47
CA ASP BA 672 -27.19 15.04 -37.30
C ASP BA 672 -26.40 14.77 -38.61
N SER BA 673 -26.01 13.51 -38.86
CA SER BA 673 -25.45 13.00 -40.11
C SER BA 673 -26.45 12.14 -40.86
N MET CA 1 90.18 -77.24 47.16
CA MET CA 1 90.15 -78.44 48.03
C MET CA 1 89.65 -78.10 49.44
N ALA CA 2 90.14 -77.06 50.13
CA ALA CA 2 89.70 -76.75 51.51
C ALA CA 2 88.24 -76.24 51.67
N ALA CA 3 87.63 -75.63 50.64
CA ALA CA 3 86.26 -75.12 50.74
C ALA CA 3 85.18 -76.22 50.78
N GLY CA 4 85.55 -77.46 50.43
CA GLY CA 4 84.60 -78.56 50.27
C GLY CA 4 84.13 -79.18 51.58
N GLU CA 5 84.86 -79.04 52.70
CA GLU CA 5 84.63 -79.77 53.97
C GLU CA 5 83.72 -79.04 54.98
N HIS CA 6 83.42 -77.76 54.76
CA HIS CA 6 82.72 -76.94 55.74
C HIS CA 6 81.23 -77.31 55.88
N TRP CA 7 80.55 -77.61 54.76
CA TRP CA 7 79.11 -77.87 54.78
C TRP CA 7 78.77 -79.22 55.42
N GLN CA 8 79.65 -80.23 55.30
CA GLN CA 8 79.45 -81.57 55.88
C GLN CA 8 79.44 -81.50 57.40
N SER CA 9 80.38 -80.76 57.97
CA SER CA 9 80.47 -80.54 59.42
C SER CA 9 79.26 -79.74 59.91
N ALA CA 10 78.93 -78.65 59.21
CA ALA CA 10 77.76 -77.82 59.51
C ALA CA 10 76.44 -78.58 59.42
N LEU CA 11 76.30 -79.52 58.47
CA LEU CA 11 75.12 -80.37 58.34
C LEU CA 11 75.03 -81.37 59.51
N SER CA 12 76.15 -82.01 59.86
CA SER CA 12 76.18 -82.99 60.95
C SER CA 12 75.78 -82.38 62.30
N GLU CA 13 76.07 -81.10 62.49
CA GLU CA 13 75.74 -80.30 63.69
C GLU CA 13 74.48 -79.43 63.51
N HIS CA 14 73.72 -79.61 62.43
CA HIS CA 14 72.57 -78.75 62.11
C HIS CA 14 71.47 -78.85 63.19
N ALA CA 15 70.83 -77.71 63.50
CA ALA CA 15 69.81 -77.60 64.54
C ALA CA 15 68.61 -78.54 64.31
N LEU CA 16 68.26 -78.82 63.05
CA LEU CA 16 67.23 -79.78 62.65
C LEU CA 16 67.39 -81.14 63.36
N PHE CA 17 68.60 -81.72 63.34
CA PHE CA 17 68.84 -83.04 63.93
C PHE CA 17 68.78 -82.99 65.45
N SER CA 18 69.20 -81.89 66.07
CA SER CA 18 69.03 -81.68 67.51
C SER CA 18 67.55 -81.61 67.89
N SER CA 19 66.75 -80.91 67.09
CA SER CA 19 65.30 -80.78 67.28
C SER CA 19 64.57 -82.12 67.10
N LEU CA 20 64.93 -82.92 66.09
CA LEU CA 20 64.39 -84.27 65.87
C LEU CA 20 64.77 -85.21 67.03
N LYS CA 21 66.01 -85.13 67.55
CA LYS CA 21 66.46 -85.89 68.73
C LYS CA 21 65.71 -85.53 70.00
N GLU CA 22 65.36 -84.26 70.21
CA GLU CA 22 64.55 -83.82 71.35
C GLU CA 22 63.15 -84.39 71.26
N ARG CA 23 62.48 -84.26 70.11
CA ARG CA 23 61.14 -84.83 69.90
C ARG CA 23 61.11 -86.34 70.06
N LEU CA 24 62.09 -87.06 69.53
CA LEU CA 24 62.17 -88.51 69.70
C LEU CA 24 62.22 -88.90 71.19
N ARG CA 25 62.98 -88.17 72.00
CA ARG CA 25 63.05 -88.38 73.44
C ARG CA 25 61.71 -88.10 74.12
N ASP CA 26 61.05 -87.00 73.77
CA ASP CA 26 59.73 -86.67 74.31
C ASP CA 26 58.70 -87.77 73.99
N VAL CA 27 58.71 -88.31 72.77
CA VAL CA 27 57.83 -89.42 72.35
C VAL CA 27 58.18 -90.72 73.06
N GLU CA 28 59.47 -91.06 73.18
CA GLU CA 28 59.92 -92.26 73.90
C GLU CA 28 59.58 -92.19 75.41
N GLU CA 29 59.61 -91.00 76.02
CA GLU CA 29 59.19 -90.77 77.41
C GLU CA 29 57.70 -90.98 77.62
N LEU CA 30 56.85 -90.65 76.63
CA LEU CA 30 55.40 -90.85 76.68
C LEU CA 30 54.96 -92.30 76.44
N ARG CA 31 55.79 -93.13 75.78
CA ARG CA 31 55.48 -94.55 75.50
C ARG CA 31 55.58 -95.42 76.75
N GLU CA 32 54.65 -96.37 76.90
CA GLU CA 32 54.69 -97.40 77.96
C GLU CA 32 55.89 -98.36 77.75
N GLU CA 33 56.40 -98.97 78.84
CA GLU CA 33 57.60 -99.84 78.79
C GLU CA 33 57.50 -100.98 77.76
N GLY CA 34 56.29 -101.52 77.53
CA GLY CA 34 56.05 -102.55 76.53
C GLY CA 34 56.22 -102.06 75.08
N GLU CA 35 55.75 -100.85 74.78
CA GLU CA 35 55.90 -100.21 73.47
C GLU CA 35 57.34 -99.74 73.24
N ARG CA 36 58.05 -99.31 74.30
CA ARG CA 36 59.48 -98.97 74.21
C ARG CA 36 60.33 -100.17 73.75
N ARG CA 37 59.99 -101.40 74.14
CA ARG CA 37 60.73 -102.60 73.70
C ARG CA 37 60.45 -102.94 72.24
N ALA CA 38 59.19 -102.87 71.79
CA ALA CA 38 58.85 -103.07 70.38
C ALA CA 38 59.43 -101.96 69.47
N SER CA 39 59.44 -100.72 69.96
CA SER CA 39 60.06 -99.57 69.29
C SER CA 39 61.59 -99.66 69.23
N LYS CA 40 62.25 -100.55 69.99
CA LYS CA 40 63.70 -100.76 69.91
C LYS CA 40 64.12 -101.71 68.80
N ASP CA 41 63.19 -102.52 68.24
CA ASP CA 41 63.38 -103.18 66.95
C ASP CA 41 63.18 -102.16 65.82
N LYS CA 42 64.01 -101.10 65.84
CA LYS CA 42 63.98 -100.03 64.84
C LYS CA 42 64.31 -100.68 63.48
N GLN CA 43 63.35 -100.62 62.55
CA GLN CA 43 63.52 -101.20 61.22
C GLN CA 43 64.44 -100.32 60.37
N LEU CA 44 65.10 -100.91 59.38
CA LEU CA 44 65.81 -100.19 58.34
C LEU CA 44 64.81 -99.35 57.52
N ARG CA 45 65.09 -98.06 57.32
CA ARG CA 45 64.25 -97.15 56.51
C ARG CA 45 65.11 -96.29 55.59
N ASN CA 46 64.48 -95.62 54.64
CA ASN CA 46 65.11 -94.57 53.83
C ASN CA 46 64.21 -93.33 53.71
N LEU CA 47 64.27 -92.47 54.72
CA LEU CA 47 63.38 -91.33 54.96
C LEU CA 47 63.96 -89.99 54.50
N LEU CA 48 64.94 -90.02 53.61
CA LEU CA 48 65.56 -88.81 53.11
C LEU CA 48 65.76 -88.89 51.60
N CYS CA 49 65.78 -87.73 50.95
CA CYS CA 49 66.23 -87.58 49.57
C CYS CA 49 66.90 -86.22 49.40
N VAL CA 50 67.64 -86.03 48.31
CA VAL CA 50 68.22 -84.73 47.95
C VAL CA 50 67.65 -84.27 46.62
N LEU CA 51 67.19 -83.03 46.59
CA LEU CA 51 66.62 -82.38 45.41
C LEU CA 51 67.37 -81.07 45.14
N ASP CA 52 68.07 -80.98 44.01
CA ASP CA 52 68.79 -79.76 43.56
C ASP CA 52 69.76 -79.14 44.61
N GLY CA 53 70.29 -79.97 45.52
CA GLY CA 53 71.17 -79.53 46.60
C GLY CA 53 70.46 -79.16 47.91
N ASP CA 54 69.16 -79.40 48.01
CA ASP CA 54 68.42 -79.38 49.27
C ASP CA 54 68.23 -80.79 49.80
N LEU CA 55 68.57 -81.01 51.06
CA LEU CA 55 68.28 -82.25 51.78
C LEU CA 55 66.84 -82.19 52.30
N LEU CA 56 66.01 -83.15 51.91
CA LEU CA 56 64.66 -83.34 52.43
C LEU CA 56 64.67 -84.51 53.40
N VAL CA 57 64.28 -84.27 54.65
CA VAL CA 57 64.18 -85.28 55.71
C VAL CA 57 62.73 -85.42 56.14
N TRP CA 58 62.17 -86.62 56.03
CA TRP CA 58 60.80 -86.90 56.46
C TRP CA 58 60.71 -86.99 57.99
N ASP CA 59 59.78 -86.23 58.55
CA ASP CA 59 59.38 -86.28 59.95
C ASP CA 59 58.04 -87.02 60.06
N ALA CA 60 58.08 -88.22 60.63
CA ALA CA 60 56.90 -89.08 60.77
C ALA CA 60 55.88 -88.54 61.78
N GLU CA 61 56.32 -87.78 62.79
CA GLU CA 61 55.43 -87.24 63.82
C GLU CA 61 54.68 -86.01 63.30
N GLU CA 62 55.35 -85.18 62.51
CA GLU CA 62 54.73 -83.99 61.90
C GLU CA 62 54.11 -84.24 60.52
N CYS CA 63 54.28 -85.43 59.96
CA CYS CA 63 53.89 -85.81 58.60
C CYS CA 63 54.33 -84.76 57.56
N ALA CA 64 55.61 -84.40 57.59
CA ALA CA 64 56.16 -83.30 56.80
C ALA CA 64 57.63 -83.55 56.41
N PHE CA 65 58.11 -82.90 55.36
CA PHE CA 65 59.55 -82.82 55.09
C PHE CA 65 60.16 -81.56 55.69
N HIS CA 66 61.28 -81.71 56.37
CA HIS CA 66 62.18 -80.60 56.69
C HIS CA 66 63.21 -80.48 55.57
N THR CA 67 63.40 -79.28 55.06
CA THR CA 67 64.33 -79.00 53.96
C THR CA 67 65.54 -78.25 54.48
N VAL CA 68 66.75 -78.68 54.14
CA VAL CA 68 67.99 -77.97 54.47
C VAL CA 68 68.77 -77.71 53.19
N THR CA 69 68.96 -76.43 52.84
CA THR CA 69 69.77 -76.05 51.70
C THR CA 69 71.26 -76.27 51.97
N LEU CA 70 71.85 -77.28 51.34
CA LEU CA 70 73.24 -77.66 51.64
C LEU CA 70 74.25 -76.63 51.15
N ARG CA 71 73.96 -75.95 50.04
CA ARG CA 71 74.82 -74.91 49.48
C ARG CA 71 74.92 -73.67 50.38
N SER CA 72 73.89 -73.37 51.19
CA SER CA 72 73.96 -72.24 52.12
C SER CA 72 74.86 -72.53 53.32
N LEU CA 73 74.98 -73.80 53.73
CA LEU CA 73 75.87 -74.25 54.81
C LEU CA 73 77.36 -74.10 54.47
N SER CA 74 77.71 -74.03 53.18
CA SER CA 74 79.09 -73.80 52.73
C SER CA 74 79.53 -72.34 52.90
N VAL CA 75 78.58 -71.40 52.92
CA VAL CA 75 78.87 -69.97 53.08
C VAL CA 75 78.93 -69.65 54.56
N GLU CA 76 80.12 -69.24 55.03
CA GLU CA 76 80.43 -68.78 56.40
C GLU CA 76 79.66 -67.48 56.72
N SER CA 77 78.34 -67.57 56.76
CA SER CA 77 77.48 -66.44 57.08
C SER CA 77 77.41 -66.29 58.60
N THR CA 78 78.09 -65.26 59.06
CA THR CA 78 78.01 -64.70 60.41
C THR CA 78 76.60 -64.15 60.66
N GLY CA 79 75.61 -65.02 60.88
CA GLY CA 79 74.25 -64.59 61.19
C GLY CA 79 73.20 -65.68 61.14
N SER CA 80 72.74 -66.11 62.33
CA SER CA 80 71.59 -66.99 62.57
C SER CA 80 71.67 -68.38 61.94
N SER CA 81 71.87 -69.37 62.79
CA SER CA 81 71.84 -70.83 62.55
C SER CA 81 70.49 -71.40 62.05
N SER CA 82 69.58 -70.57 61.51
CA SER CA 82 68.27 -70.99 61.00
C SER CA 82 67.95 -70.48 59.60
N SER CA 83 68.92 -69.89 58.87
CA SER CA 83 68.66 -69.32 57.55
C SER CA 83 68.68 -70.41 56.47
N GLY CA 84 67.54 -71.02 56.18
CA GLY CA 84 67.38 -71.96 55.05
C GLY CA 84 66.58 -73.21 55.34
N GLU CA 85 66.04 -73.37 56.55
CA GLU CA 85 65.10 -74.45 56.86
C GLU CA 85 63.67 -74.06 56.45
N GLN CA 86 63.03 -74.90 55.63
CA GLN CA 86 61.61 -74.82 55.32
C GLN CA 86 60.94 -76.16 55.66
N LYS CA 87 59.64 -76.13 55.93
CA LYS CA 87 58.83 -77.30 56.23
C LYS CA 87 57.77 -77.50 55.15
N LEU CA 88 57.77 -78.65 54.51
CA LEU CA 88 56.79 -79.05 53.48
C LEU CA 88 55.73 -79.93 54.13
N LEU CA 89 54.55 -79.36 54.37
CA LEU CA 89 53.42 -80.01 55.04
C LEU CA 89 52.57 -80.79 54.04
N CYS CA 90 52.25 -82.04 54.36
CA CYS CA 90 51.26 -82.80 53.60
C CYS CA 90 49.85 -82.21 53.82
N THR CA 91 49.16 -81.82 52.75
CA THR CA 91 47.74 -81.38 52.84
C THR CA 91 46.82 -82.50 53.33
N ASN CA 92 47.15 -83.73 52.98
CA ASN CA 92 46.50 -84.94 53.48
C ASN CA 92 47.62 -85.91 53.93
N PRO CA 93 47.86 -86.09 55.22
CA PRO CA 93 48.99 -86.89 55.70
C PRO CA 93 48.78 -88.40 55.42
N PRO CA 94 49.86 -89.17 55.24
CA PRO CA 94 49.77 -90.63 55.13
C PRO CA 94 49.09 -91.26 56.36
N LEU CA 95 48.22 -92.25 56.13
CA LEU CA 95 47.56 -93.03 57.21
C LEU CA 95 48.33 -94.31 57.57
N PHE CA 96 49.58 -94.40 57.12
CA PHE CA 96 50.48 -95.54 57.30
C PHE CA 96 51.87 -95.04 57.65
N ASP CA 97 52.67 -95.90 58.27
CA ASP CA 97 54.06 -95.58 58.60
C ASP CA 97 54.92 -95.57 57.33
N VAL CA 98 55.59 -94.46 57.08
CA VAL CA 98 56.46 -94.29 55.92
C VAL CA 98 57.80 -94.94 56.25
N ASN CA 99 58.22 -95.88 55.39
CA ASN CA 99 59.48 -96.61 55.48
C ASN CA 99 60.48 -96.14 54.44
N GLU CA 100 60.02 -95.59 53.33
CA GLU CA 100 60.86 -95.17 52.22
C GLU CA 100 60.32 -93.94 51.50
N VAL CA 101 61.25 -93.10 51.05
CA VAL CA 101 61.01 -91.90 50.26
C VAL CA 101 61.71 -92.07 48.91
N LEU CA 102 60.96 -91.96 47.82
CA LEU CA 102 61.47 -92.11 46.45
C LEU CA 102 61.24 -90.84 45.63
N LEU CA 103 62.31 -90.19 45.20
CA LEU CA 103 62.24 -89.08 44.27
C LEU CA 103 61.91 -89.58 42.85
N SER CA 104 60.96 -88.93 42.17
CA SER CA 104 60.63 -89.28 40.79
C SER CA 104 61.78 -88.95 39.83
N PRO CA 105 61.91 -89.65 38.68
CA PRO CA 105 62.91 -89.32 37.66
C PRO CA 105 62.80 -87.87 37.15
N THR CA 106 61.57 -87.35 37.09
CA THR CA 106 61.26 -85.96 36.74
C THR CA 106 61.54 -84.94 37.85
N GLN CA 107 61.88 -85.40 39.07
CA GLN CA 107 62.19 -84.57 40.24
C GLN CA 107 61.06 -83.58 40.64
N HIS CA 108 59.82 -83.91 40.31
CA HIS CA 108 58.62 -83.12 40.65
C HIS CA 108 57.72 -83.80 41.68
N HIS CA 109 57.97 -85.08 41.97
CA HIS CA 109 57.16 -85.87 42.88
C HIS CA 109 58.05 -86.67 43.82
N VAL CA 110 57.55 -86.89 45.03
CA VAL CA 110 58.18 -87.75 46.03
C VAL CA 110 57.16 -88.78 46.48
N ALA CA 111 57.44 -90.07 46.27
CA ALA CA 111 56.60 -91.13 46.82
C ALA CA 111 56.99 -91.42 48.27
N LEU CA 112 56.01 -91.37 49.16
CA LEU CA 112 56.03 -91.81 50.55
C LEU CA 112 55.49 -93.24 50.59
N VAL CA 113 56.37 -94.19 50.85
CA VAL CA 113 56.13 -95.62 50.71
C VAL CA 113 56.12 -96.28 52.09
N GLY CA 114 55.05 -97.02 52.39
CA GLY CA 114 54.94 -97.85 53.58
C GLY CA 114 54.38 -99.22 53.25
N SER CA 115 54.49 -100.18 54.16
CA SER CA 115 54.01 -101.56 53.94
C SER CA 115 52.50 -101.67 53.74
N LYS CA 116 51.75 -100.63 54.14
CA LYS CA 116 50.28 -100.55 54.07
C LYS CA 116 49.75 -99.44 53.16
N GLY CA 117 50.60 -98.79 52.36
CA GLY CA 117 50.13 -97.80 51.41
C GLY CA 117 51.23 -97.00 50.76
N VAL CA 118 50.84 -96.23 49.73
CA VAL CA 118 51.71 -95.26 49.08
C VAL CA 118 50.97 -93.94 48.92
N MET CA 119 51.69 -92.85 49.12
CA MET CA 119 51.21 -91.51 48.90
C MET CA 119 52.26 -90.72 48.15
N VAL CA 120 51.87 -89.95 47.14
CA VAL CA 120 52.78 -89.12 46.37
C VAL CA 120 52.60 -87.66 46.78
N LEU CA 121 53.68 -87.01 47.16
CA LEU CA 121 53.75 -85.58 47.43
C LEU CA 121 54.21 -84.85 46.15
N GLU CA 122 53.43 -83.87 45.71
CA GLU CA 122 53.82 -82.94 44.65
C GLU CA 122 54.80 -81.91 45.22
N ILE CA 123 56.00 -81.83 44.65
CA ILE CA 123 57.03 -80.89 45.08
C ILE CA 123 56.58 -79.46 44.69
N PRO CA 124 56.60 -78.50 45.63
CA PRO CA 124 56.17 -77.14 45.37
C PRO CA 124 57.13 -76.39 44.44
N LYS CA 125 56.65 -75.31 43.82
CA LYS CA 125 57.45 -74.55 42.86
C LYS CA 125 58.53 -73.75 43.59
N ARG CA 126 59.70 -73.65 42.95
CA ARG CA 126 60.81 -72.82 43.42
C ARG CA 126 60.82 -71.47 42.72
N TRP CA 127 60.96 -70.38 43.48
CA TRP CA 127 61.11 -69.03 42.94
C TRP CA 127 61.78 -68.09 43.95
N GLY CA 128 61.99 -66.81 43.60
CA GLY CA 128 62.64 -65.82 44.46
C GLY CA 128 64.18 -65.80 44.34
N LYS CA 129 64.84 -65.01 45.19
CA LYS CA 129 66.29 -64.71 45.06
C LYS CA 129 67.19 -65.92 45.34
N LYS CA 130 66.75 -66.83 46.21
CA LYS CA 130 67.51 -68.01 46.64
C LYS CA 130 67.02 -69.32 45.99
N SER CA 131 66.02 -69.25 45.09
CA SER CA 131 65.39 -70.44 44.49
C SER CA 131 64.79 -71.41 45.54
N GLU CA 132 64.23 -70.83 46.60
CA GLU CA 132 63.56 -71.52 47.71
C GLU CA 132 62.13 -71.93 47.33
N PHE CA 133 61.57 -72.91 48.06
CA PHE CA 133 60.20 -73.37 47.82
C PHE CA 133 59.19 -72.27 48.14
N GLU CA 134 58.23 -72.06 47.24
CA GLU CA 134 57.22 -71.00 47.30
C GLU CA 134 57.78 -69.62 47.66
N GLY CA 135 59.00 -69.30 47.19
CA GLY CA 135 59.62 -67.99 47.40
C GLY CA 135 60.28 -67.79 48.77
N GLY CA 136 60.43 -68.84 49.58
CA GLY CA 136 61.08 -68.79 50.89
C GLY CA 136 60.13 -68.83 52.09
N GLU CA 137 58.88 -69.26 51.89
CA GLU CA 137 57.92 -69.47 52.99
C GLU CA 137 58.42 -70.55 53.96
N LYS CA 138 58.34 -70.28 55.27
CA LYS CA 138 58.85 -71.23 56.29
C LYS CA 138 58.08 -72.55 56.30
N THR CA 139 56.78 -72.49 56.01
CA THR CA 139 55.89 -73.65 55.98
C THR CA 139 55.10 -73.61 54.69
N VAL CA 140 55.27 -74.63 53.85
CA VAL CA 140 54.63 -74.75 52.54
C VAL CA 140 53.68 -75.93 52.55
N ASN CA 141 52.43 -75.71 52.15
CA ASN CA 141 51.48 -76.80 51.99
C ASN CA 141 51.69 -77.49 50.64
N CYS CA 142 51.98 -78.78 50.68
CA CYS CA 142 52.23 -79.60 49.50
C CYS CA 142 51.05 -80.53 49.26
N ARG CA 143 50.58 -80.56 48.02
CA ARG CA 143 49.52 -81.46 47.61
C ARG CA 143 50.01 -82.90 47.72
N THR CA 144 49.21 -83.73 48.37
CA THR CA 144 49.47 -85.16 48.51
C THR CA 144 48.35 -85.98 47.89
N ILE CA 145 48.74 -87.11 47.28
CA ILE CA 145 47.88 -87.93 46.46
C ILE CA 145 48.05 -89.39 46.91
N PRO CA 146 47.03 -90.03 47.54
CA PRO CA 146 47.11 -91.43 47.88
C PRO CA 146 46.99 -92.31 46.63
N ILE CA 147 47.84 -93.33 46.52
CA ILE CA 147 47.85 -94.28 45.40
C ILE CA 147 47.25 -95.60 45.88
N ALA CA 148 46.28 -96.14 45.13
CA ALA CA 148 45.70 -97.46 45.40
C ALA CA 148 45.12 -97.65 46.81
N GLU CA 149 44.74 -96.58 47.50
CA GLU CA 149 44.31 -96.59 48.92
C GLU CA 149 43.28 -97.68 49.22
N ARG CA 150 42.26 -97.81 48.35
CA ARG CA 150 41.18 -98.79 48.52
C ARG CA 150 41.69 -100.23 48.57
N ILE CA 151 42.76 -100.57 47.85
CA ILE CA 151 43.31 -101.93 47.80
C ILE CA 151 43.92 -102.29 49.15
N PHE CA 152 44.72 -101.40 49.75
CA PHE CA 152 45.33 -101.63 51.06
C PHE CA 152 44.33 -101.57 52.22
N THR CA 153 43.30 -100.72 52.12
CA THR CA 153 42.25 -100.63 53.14
C THR CA 153 41.29 -101.83 53.08
N SER CA 154 40.99 -102.36 51.89
CA SER CA 154 40.08 -103.50 51.73
C SER CA 154 40.75 -104.86 51.95
N SER CA 155 42.05 -104.97 51.67
CA SER CA 155 42.81 -106.21 51.80
C SER CA 155 43.82 -106.08 52.94
N THR CA 156 43.37 -106.29 54.17
CA THR CA 156 44.18 -106.07 55.38
C THR CA 156 45.43 -106.95 55.45
N SER CA 157 45.42 -108.13 54.81
CA SER CA 157 46.57 -109.03 54.70
C SER CA 157 47.56 -108.66 53.60
N LEU CA 158 47.18 -107.76 52.68
CA LEU CA 158 48.07 -107.32 51.62
C LEU CA 158 49.17 -106.43 52.21
N LEU CA 159 50.40 -106.68 51.75
CA LEU CA 159 51.57 -105.88 52.08
C LEU CA 159 52.21 -105.38 50.79
N LEU CA 160 52.60 -104.11 50.79
CA LEU CA 160 53.51 -103.60 49.79
C LEU CA 160 54.93 -104.07 50.13
N LYS CA 161 55.56 -104.79 49.21
CA LYS CA 161 56.94 -105.29 49.35
C LYS CA 161 57.94 -104.26 48.85
N GLN CA 162 57.68 -103.68 47.67
CA GLN CA 162 58.51 -102.63 47.10
C GLN CA 162 57.67 -101.71 46.21
N ALA CA 163 58.07 -100.43 46.15
CA ALA CA 163 57.61 -99.51 45.13
C ALA CA 163 58.83 -98.99 44.36
N ILE CA 164 58.69 -98.82 43.04
CA ILE CA 164 59.73 -98.23 42.19
C ILE CA 164 59.08 -97.30 41.17
N TRP CA 165 59.78 -96.24 40.79
CA TRP CA 165 59.38 -95.40 39.66
C TRP CA 165 59.75 -96.09 38.34
N TYR CA 166 58.88 -95.98 37.35
CA TYR CA 166 59.24 -96.31 35.98
C TYR CA 166 60.35 -95.33 35.51
N PRO CA 167 61.47 -95.82 34.96
CA PRO CA 167 62.72 -95.05 34.80
C PRO CA 167 62.69 -94.02 33.66
N SER CA 168 61.51 -93.55 33.25
CA SER CA 168 61.38 -92.54 32.20
C SER CA 168 61.41 -91.13 32.75
N GLU CA 169 62.32 -90.30 32.22
CA GLU CA 169 62.40 -88.87 32.52
C GLU CA 169 61.49 -88.01 31.61
N THR CA 170 61.03 -88.56 30.49
CA THR CA 170 60.27 -87.83 29.46
C THR CA 170 58.77 -88.06 29.51
N GLN CA 171 58.35 -89.18 30.09
CA GLN CA 171 56.95 -89.54 30.24
C GLN CA 171 56.42 -89.04 31.59
N GLU CA 172 55.09 -89.04 31.71
CA GLU CA 172 54.44 -88.87 33.00
C GLU CA 172 54.98 -89.91 34.00
N PRO CA 173 55.17 -89.54 35.28
CA PRO CA 173 55.72 -90.45 36.27
C PRO CA 173 54.73 -91.59 36.54
N HIS CA 174 55.21 -92.82 36.39
CA HIS CA 174 54.44 -94.02 36.70
C HIS CA 174 55.08 -94.74 37.87
N LEU CA 175 54.26 -95.20 38.80
CA LEU CA 175 54.71 -95.95 39.97
C LEU CA 175 54.33 -97.42 39.82
N ILE CA 176 55.31 -98.30 40.02
CA ILE CA 176 55.12 -99.74 40.02
C ILE CA 176 55.13 -100.23 41.45
N LEU CA 177 54.08 -100.96 41.83
CA LEU CA 177 53.92 -101.54 43.15
C LEU CA 177 54.06 -103.05 43.06
N LEU CA 178 55.02 -103.62 43.79
CA LEU CA 178 55.15 -105.04 44.05
C LEU CA 178 54.53 -105.37 45.40
N THR CA 179 53.50 -106.21 45.38
CA THR CA 179 52.74 -106.58 46.58
C THR CA 179 52.85 -108.06 46.90
N SER CA 180 52.53 -108.43 48.14
CA SER CA 180 52.66 -109.77 48.70
C SER CA 180 51.77 -110.86 48.06
N ASP CA 181 50.93 -110.49 47.10
CA ASP CA 181 50.13 -111.42 46.28
C ASP CA 181 50.83 -111.80 44.96
N ASN CA 182 52.11 -111.42 44.77
CA ASN CA 182 52.90 -111.62 43.56
C ASN CA 182 52.29 -110.93 42.33
N ILE CA 183 51.81 -109.70 42.52
CA ILE CA 183 51.25 -108.89 41.44
C ILE CA 183 52.03 -107.57 41.34
N LEU CA 184 52.47 -107.24 40.13
CA LEU CA 184 52.96 -105.91 39.80
C LEU CA 184 51.78 -105.04 39.33
N ARG CA 185 51.59 -103.89 39.97
CA ARG CA 185 50.55 -102.92 39.62
C ARG CA 185 51.19 -101.61 39.21
N LEU CA 186 50.92 -101.16 37.99
CA LEU CA 186 51.42 -99.92 37.42
C LEU CA 186 50.36 -98.83 37.57
N TYR CA 187 50.67 -97.74 38.25
CA TYR CA 187 49.78 -96.58 38.42
C TYR CA 187 50.34 -95.36 37.71
N ASN CA 188 49.43 -94.59 37.11
CA ASN CA 188 49.70 -93.25 36.60
C ASN CA 188 49.16 -92.24 37.63
N LEU CA 189 49.84 -91.12 37.85
CA LEU CA 189 49.37 -90.08 38.76
C LEU CA 189 48.08 -89.36 38.28
N GLN CA 190 47.60 -89.62 37.05
CA GLN CA 190 46.30 -89.13 36.57
C GLN CA 190 45.11 -90.03 36.94
N ASP CA 191 45.31 -91.35 37.01
CA ASP CA 191 44.30 -92.32 37.47
C ASP CA 191 44.87 -93.14 38.64
N LEU CA 192 44.44 -92.76 39.82
CA LEU CA 192 44.99 -93.21 41.10
C LEU CA 192 44.29 -94.47 41.62
N PHE CA 193 43.14 -94.80 41.06
CA PHE CA 193 42.28 -95.89 41.51
C PHE CA 193 42.45 -97.12 40.63
N THR CA 194 42.60 -96.90 39.31
CA THR CA 194 42.74 -97.98 38.35
C THR CA 194 44.19 -98.10 37.91
N PRO CA 195 44.86 -99.24 38.14
CA PRO CA 195 46.19 -99.46 37.58
C PRO CA 195 46.13 -99.47 36.05
N VAL CA 196 47.09 -98.80 35.41
CA VAL CA 196 47.32 -98.80 33.95
C VAL CA 196 47.59 -100.23 33.46
N LYS CA 197 48.36 -101.00 34.24
CA LYS CA 197 48.68 -102.39 33.94
C LYS CA 197 48.75 -103.19 35.23
N VAL CA 198 48.19 -104.39 35.21
CA VAL CA 198 48.28 -105.37 36.30
C VAL CA 198 48.92 -106.62 35.72
N ILE CA 199 50.01 -107.07 36.33
CA ILE CA 199 50.77 -108.22 35.83
C ILE CA 199 50.89 -109.23 36.97
N SER CA 200 50.32 -110.42 36.75
CA SER CA 200 50.47 -111.54 37.68
C SER CA 200 51.83 -112.20 37.44
N LEU CA 201 52.61 -112.40 38.50
CA LEU CA 201 53.91 -113.07 38.43
C LEU CA 201 53.81 -114.59 38.57
N SER CA 202 52.61 -115.13 38.77
CA SER CA 202 52.36 -116.57 38.72
C SER CA 202 52.51 -117.07 37.28
N SER CA 203 53.35 -118.10 37.06
CA SER CA 203 53.45 -118.80 35.78
C SER CA 203 52.05 -119.20 35.31
N ALA CA 204 51.59 -118.65 34.20
CA ALA CA 204 50.26 -118.90 33.64
C ALA CA 204 50.21 -120.20 32.81
N GLU CA 205 51.04 -121.20 33.12
CA GLU CA 205 50.99 -122.50 32.44
C GLU CA 205 49.85 -123.42 32.92
N GLU CA 206 49.14 -123.06 33.99
CA GLU CA 206 47.84 -123.67 34.26
C GLU CA 206 46.72 -122.93 33.52
N GLU CA 207 46.71 -123.05 32.19
CA GLU CA 207 45.50 -122.87 31.38
C GLU CA 207 44.45 -123.93 31.79
N THR CA 208 43.79 -123.72 32.93
CA THR CA 208 42.44 -124.26 33.13
C THR CA 208 41.46 -123.14 32.81
N THR CA 209 40.57 -123.44 31.87
CA THR CA 209 39.65 -122.52 31.17
C THR CA 209 38.52 -121.98 32.07
N LEU CA 210 38.82 -121.53 33.28
CA LEU CA 210 37.88 -120.90 34.19
C LEU CA 210 38.34 -119.46 34.55
N PRO CA 211 37.61 -118.44 34.07
CA PRO CA 211 37.87 -117.07 34.44
C PRO CA 211 37.19 -116.79 35.79
N HIS CA 212 37.93 -116.82 36.90
CA HIS CA 212 37.70 -115.97 38.09
C HIS CA 212 38.53 -116.41 39.30
N ASN CA 213 39.15 -115.43 39.97
CA ASN CA 213 39.66 -115.53 41.35
C ASN CA 213 40.78 -116.55 41.63
N GLY CA 214 41.69 -116.73 40.69
CA GLY CA 214 42.94 -117.45 40.94
C GLY CA 214 43.82 -116.67 41.91
N ARG CA 215 43.77 -117.02 43.21
CA ARG CA 215 44.85 -116.70 44.13
C ARG CA 215 46.15 -117.24 43.54
N SER CA 216 47.23 -116.47 43.60
CA SER CA 216 48.57 -116.99 43.31
C SER CA 216 48.86 -118.14 44.29
N TYR CA 217 48.81 -119.38 43.81
CA TYR CA 217 49.18 -120.54 44.61
C TYR CA 217 50.64 -120.45 45.03
N LYS CA 218 51.54 -119.87 44.21
CA LYS CA 218 52.95 -119.60 44.55
C LYS CA 218 53.10 -118.75 45.80
N ALA CA 219 52.39 -117.62 45.90
CA ALA CA 219 52.42 -116.79 47.11
C ALA CA 219 51.89 -117.55 48.34
N SER CA 220 50.95 -118.47 48.15
CA SER CA 220 50.43 -119.32 49.24
C SER CA 220 51.35 -120.50 49.58
N LEU CA 221 52.22 -120.92 48.65
CA LEU CA 221 53.25 -121.95 48.82
C LEU CA 221 54.55 -121.40 49.46
N GLY CA 222 54.62 -120.08 49.68
CA GLY CA 222 55.77 -119.40 50.28
C GLY CA 222 56.73 -118.75 49.27
N GLU CA 223 56.51 -118.93 47.96
CA GLU CA 223 57.33 -118.29 46.92
C GLU CA 223 56.83 -116.86 46.68
N THR CA 224 57.44 -115.88 47.34
CA THR CA 224 57.06 -114.46 47.22
C THR CA 224 58.12 -113.67 46.48
N ALA CA 225 57.70 -112.84 45.53
CA ALA CA 225 58.59 -111.84 44.92
C ALA CA 225 58.93 -110.76 45.96
N VAL CA 226 60.23 -110.57 46.23
CA VAL CA 226 60.74 -109.70 47.30
C VAL CA 226 61.24 -108.36 46.78
N ALA CA 227 61.83 -108.36 45.57
CA ALA CA 227 62.43 -107.16 45.00
C ALA CA 227 62.36 -107.16 43.47
N CYS CA 228 62.42 -105.98 42.87
CA CYS CA 228 62.61 -105.77 41.45
C CYS CA 228 63.36 -104.46 41.18
N ASP CA 229 64.08 -104.41 40.07
CA ASP CA 229 64.79 -103.20 39.62
C ASP CA 229 64.90 -103.18 38.08
N PHE CA 230 64.98 -101.97 37.53
CA PHE CA 230 65.11 -101.76 36.09
C PHE CA 230 66.57 -101.71 35.66
N GLY CA 231 66.86 -102.43 34.57
CA GLY CA 231 68.05 -102.19 33.77
C GLY CA 231 67.88 -101.00 32.82
N PRO CA 232 68.97 -100.57 32.18
CA PRO CA 232 68.93 -99.51 31.17
C PRO CA 232 68.05 -99.90 29.97
N LEU CA 233 67.57 -98.89 29.24
CA LEU CA 233 66.76 -99.08 28.04
C LEU CA 233 67.55 -99.95 27.03
N ALA CA 234 66.96 -101.07 26.62
CA ALA CA 234 67.60 -102.05 25.74
C ALA CA 234 66.74 -102.33 24.51
N VAL CA 235 67.38 -102.70 23.40
CA VAL CA 235 66.69 -103.21 22.21
C VAL CA 235 66.18 -104.61 22.54
N LEU CA 236 64.91 -104.90 22.24
CA LEU CA 236 64.37 -106.24 22.48
C LEU CA 236 65.09 -107.27 21.60
N PRO CA 237 65.41 -108.46 22.14
CA PRO CA 237 65.97 -109.56 21.37
C PRO CA 237 65.09 -109.90 20.15
N LYS CA 238 65.73 -110.27 19.03
CA LYS CA 238 65.04 -110.74 17.82
C LYS CA 238 64.18 -111.96 18.19
N GLY CA 239 62.89 -111.92 17.87
CA GLY CA 239 61.90 -112.94 18.27
C GLY CA 239 60.78 -112.39 19.16
N PHE CA 240 61.03 -111.32 19.92
CA PHE CA 240 60.01 -110.61 20.72
C PHE CA 240 59.14 -109.67 19.85
N GLY CA 241 58.45 -110.23 18.87
CA GLY CA 241 57.56 -109.48 17.98
C GLY CA 241 57.72 -109.98 16.55
N GLN CA 242 56.72 -110.72 16.08
CA GLN CA 242 56.65 -111.12 14.68
C GLN CA 242 56.67 -109.88 13.77
N HIS CA 243 57.65 -109.84 12.86
CA HIS CA 243 57.67 -109.05 11.62
C HIS CA 243 57.69 -107.50 11.67
N SER CA 244 58.05 -106.83 12.77
CA SER CA 244 58.38 -105.39 12.70
C SER CA 244 59.87 -105.18 12.39
N LYS CA 245 60.18 -104.48 11.29
CA LYS CA 245 61.56 -104.06 10.94
C LYS CA 245 62.15 -102.99 11.86
N GLU CA 246 61.39 -102.52 12.84
CA GLU CA 246 61.86 -101.52 13.81
C GLU CA 246 62.34 -102.21 15.08
N ASP CA 247 63.58 -101.89 15.45
CA ASP CA 247 64.16 -102.19 16.75
C ASP CA 247 63.28 -101.55 17.83
N THR CA 248 62.43 -102.36 18.47
CA THR CA 248 61.64 -101.89 19.60
C THR CA 248 62.54 -101.88 20.82
N VAL CA 249 62.47 -100.79 21.59
CA VAL CA 249 63.21 -100.62 22.84
C VAL CA 249 62.25 -100.71 24.02
N ALA CA 250 62.67 -101.35 25.10
CA ALA CA 250 61.92 -101.44 26.34
C ALA CA 250 62.87 -101.53 27.54
N TYR CA 251 62.34 -101.23 28.72
CA TYR CA 251 63.11 -101.38 29.95
C TYR CA 251 63.03 -102.83 30.44
N PRO CA 252 64.17 -103.52 30.63
CA PRO CA 252 64.19 -104.80 31.31
C PRO CA 252 63.95 -104.60 32.81
N LEU CA 253 62.89 -105.21 33.33
CA LEU CA 253 62.59 -105.31 34.76
C LEU CA 253 63.01 -106.69 35.25
N TYR CA 254 63.99 -106.74 36.13
CA TYR CA 254 64.40 -107.96 36.82
C TYR CA 254 63.60 -108.12 38.11
N ILE CA 255 63.11 -109.32 38.38
CA ILE CA 255 62.20 -109.61 39.49
C ILE CA 255 62.79 -110.78 40.28
N LEU CA 256 63.11 -110.53 41.54
CA LEU CA 256 63.71 -111.49 42.48
C LEU CA 256 62.63 -112.08 43.39
N TYR CA 257 62.65 -113.40 43.52
CA TYR CA 257 61.92 -114.15 44.53
C TYR CA 257 62.81 -114.42 45.74
N GLU CA 258 62.19 -114.63 46.90
CA GLU CA 258 62.87 -114.98 48.17
C GLU CA 258 63.77 -116.22 48.02
N THR CA 259 63.40 -117.13 47.12
CA THR CA 259 64.16 -118.35 46.75
C THR CA 259 65.42 -118.09 45.94
N GLY CA 260 65.78 -116.83 45.66
CA GLY CA 260 66.88 -116.46 44.75
C GLY CA 260 66.51 -116.52 43.26
N GLU CA 261 65.38 -117.13 42.90
CA GLU CA 261 64.92 -117.20 41.51
C GLU CA 261 64.69 -115.79 40.95
N THR CA 262 65.37 -115.49 39.84
CA THR CA 262 65.28 -114.20 39.17
C THR CA 262 64.56 -114.37 37.84
N TYR CA 263 63.59 -113.50 37.58
CA TYR CA 263 62.83 -113.44 36.33
C TYR CA 263 63.10 -112.12 35.61
N LEU CA 264 62.81 -112.07 34.31
CA LEU CA 264 62.95 -110.88 33.48
C LEU CA 264 61.62 -110.55 32.80
N MET CA 265 61.31 -109.27 32.69
CA MET CA 265 60.16 -108.77 31.95
C MET CA 265 60.53 -107.49 31.21
N TYR CA 266 60.20 -107.40 29.92
CA TYR CA 266 60.36 -106.14 29.18
C TYR CA 266 59.09 -105.30 29.29
N ILE CA 267 59.24 -104.05 29.75
CA ILE CA 267 58.13 -103.12 29.93
C ILE CA 267 58.35 -101.89 29.04
N ASP CA 268 57.35 -101.62 28.20
CA ASP CA 268 57.15 -100.35 27.50
C ASP CA 268 55.70 -99.91 27.75
N LEU CA 269 55.53 -98.67 28.20
CA LEU CA 269 54.23 -98.07 28.48
C LEU CA 269 53.55 -97.52 27.21
N GLN CA 270 54.30 -97.25 26.14
CA GLN CA 270 53.75 -96.71 24.89
C GLN CA 270 53.15 -97.79 24.00
N LYS CA 271 53.70 -99.01 24.04
CA LYS CA 271 53.27 -100.13 23.21
C LYS CA 271 52.69 -101.26 24.07
N SER CA 272 51.39 -101.53 23.90
CA SER CA 272 50.75 -102.72 24.45
C SER CA 272 50.86 -103.90 23.46
N ASN CA 273 52.08 -104.39 23.21
CA ASN CA 273 52.26 -105.62 22.43
C ASN CA 273 52.20 -106.84 23.36
N ILE CA 274 51.69 -107.98 22.87
CA ILE CA 274 51.54 -109.22 23.66
C ILE CA 274 52.90 -109.70 24.22
N THR CA 275 54.00 -109.47 23.49
CA THR CA 275 55.36 -109.85 23.91
C THR CA 275 55.94 -108.92 24.97
N VAL CA 276 55.51 -107.65 25.01
CA VAL CA 276 55.96 -106.65 25.99
C VAL CA 276 55.13 -106.78 27.27
N GLY CA 277 55.74 -107.40 28.28
CA GLY CA 277 55.12 -107.72 29.57
C GLY CA 277 54.97 -109.22 29.82
N LYS CA 278 55.47 -110.08 28.93
CA LYS CA 278 55.63 -111.51 29.22
C LYS CA 278 56.73 -111.70 30.28
N LEU CA 279 56.45 -112.51 31.29
CA LEU CA 279 57.44 -112.92 32.29
C LEU CA 279 58.32 -114.03 31.71
N LEU CA 280 59.64 -113.82 31.75
CA LEU CA 280 60.67 -114.75 31.28
C LEU CA 280 61.45 -115.30 32.46
N GLY CA 281 61.79 -116.59 32.40
CA GLY CA 281 62.58 -117.25 33.42
C GLY CA 281 61.82 -118.35 34.18
N PRO CA 282 62.38 -118.86 35.30
CA PRO CA 282 63.53 -118.30 36.01
C PRO CA 282 64.80 -118.31 35.15
N LEU CA 283 65.60 -117.25 35.25
CA LEU CA 283 66.85 -117.13 34.49
C LEU CA 283 67.84 -118.17 35.04
N PRO CA 284 68.39 -119.06 34.20
CA PRO CA 284 69.34 -120.05 34.67
C PRO CA 284 70.61 -119.36 35.20
N MET CA 285 71.07 -119.79 36.37
CA MET CA 285 72.28 -119.29 37.00
C MET CA 285 73.46 -120.24 36.77
N TYR CA 286 74.63 -119.68 36.46
CA TYR CA 286 75.89 -120.41 36.24
C TYR CA 286 77.03 -119.82 37.07
N PRO CA 287 77.94 -120.64 37.64
CA PRO CA 287 77.90 -122.11 37.67
C PRO CA 287 76.70 -122.65 38.48
N ALA CA 288 76.45 -123.95 38.46
CA ALA CA 288 75.48 -124.53 39.40
C ALA CA 288 76.08 -124.50 40.83
N ALA CA 289 75.30 -124.06 41.81
CA ALA CA 289 75.66 -124.09 43.23
C ALA CA 289 74.87 -125.21 43.94
N GLU CA 290 75.48 -125.85 44.95
CA GLU CA 290 74.84 -126.96 45.69
C GLU CA 290 73.59 -126.52 46.47
N ASP CA 291 73.61 -125.30 46.97
CA ASP CA 291 72.53 -124.65 47.73
C ASP CA 291 71.59 -123.82 46.84
N ASN CA 292 71.78 -123.86 45.52
CA ASN CA 292 71.08 -123.02 44.54
C ASN CA 292 71.14 -121.52 44.87
N TYR CA 293 72.23 -121.04 45.47
CA TYR CA 293 72.45 -119.63 45.85
C TYR CA 293 71.56 -119.13 47.01
N GLY CA 294 71.03 -120.04 47.83
CA GLY CA 294 70.30 -119.71 49.06
C GLY CA 294 68.79 -119.51 48.88
N TYR CA 295 68.10 -119.24 49.98
CA TYR CA 295 66.63 -119.10 50.05
C TYR CA 295 66.18 -117.88 50.89
N ASP CA 296 67.10 -116.97 51.19
CA ASP CA 296 66.94 -115.78 52.02
C ASP CA 296 67.23 -114.50 51.24
N ALA CA 297 66.93 -114.49 49.93
CA ALA CA 297 67.16 -113.33 49.08
C ALA CA 297 66.24 -112.16 49.52
N CYS CA 298 66.80 -110.96 49.70
CA CYS CA 298 66.08 -109.81 50.26
C CYS CA 298 66.12 -108.54 49.40
N ALA CA 299 67.12 -108.37 48.52
CA ALA CA 299 67.20 -107.21 47.65
C ALA CA 299 67.86 -107.51 46.29
N LEU CA 300 67.45 -106.75 45.27
CA LEU CA 300 67.99 -106.80 43.92
C LEU CA 300 68.36 -105.37 43.47
N LEU CA 301 69.52 -105.22 42.83
CA LEU CA 301 69.95 -103.99 42.19
C LEU CA 301 70.53 -104.32 40.80
N CYS CA 302 70.02 -103.67 39.76
CA CYS CA 302 70.67 -103.70 38.44
C CYS CA 302 71.66 -102.54 38.39
N LEU CA 303 72.94 -102.81 38.11
CA LEU CA 303 73.91 -101.75 37.82
C LEU CA 303 73.79 -101.33 36.34
N PRO CA 304 73.93 -100.03 36.01
CA PRO CA 304 73.78 -99.50 34.66
C PRO CA 304 75.06 -99.75 33.84
N CYS CA 305 75.43 -101.03 33.75
CA CYS CA 305 76.62 -101.53 33.08
C CYS CA 305 76.22 -102.20 31.77
N VAL CA 306 77.14 -102.27 30.81
CA VAL CA 306 76.97 -103.11 29.61
C VAL CA 306 78.10 -104.15 29.62
N PRO CA 307 77.79 -105.45 29.73
CA PRO CA 307 76.47 -106.04 29.96
C PRO CA 307 75.91 -105.67 31.35
N ASN CA 308 74.59 -105.83 31.52
CA ASN CA 308 73.94 -105.57 32.80
C ASN CA 308 74.55 -106.47 33.88
N ILE CA 309 74.83 -105.87 35.04
CA ILE CA 309 75.28 -106.60 36.23
C ILE CA 309 74.17 -106.51 37.26
N ILE CA 310 73.65 -107.65 37.70
CA ILE CA 310 72.65 -107.75 38.75
C ILE CA 310 73.37 -108.09 40.06
N VAL CA 311 73.02 -107.38 41.12
CA VAL CA 311 73.44 -107.68 42.48
C VAL CA 311 72.25 -108.27 43.22
N ILE CA 312 72.39 -109.50 43.72
CA ILE CA 312 71.41 -110.16 44.59
C ILE CA 312 71.98 -110.18 46.00
N ALA CA 313 71.23 -109.68 46.98
CA ALA CA 313 71.63 -109.69 48.38
C ALA CA 313 70.76 -110.62 49.22
N THR CA 314 71.38 -111.37 50.13
CA THR CA 314 70.71 -112.23 51.10
C THR CA 314 70.63 -111.61 52.50
N GLU CA 315 69.74 -112.09 53.35
CA GLU CA 315 69.65 -111.62 54.75
C GLU CA 315 70.90 -112.01 55.57
N SER CA 316 71.55 -113.11 55.20
CA SER CA 316 72.83 -113.56 55.79
C SER CA 316 74.04 -112.68 55.45
N GLY CA 317 73.91 -111.75 54.50
CA GLY CA 317 74.99 -110.83 54.12
C GLY CA 317 75.79 -111.25 52.89
N LEU CA 318 75.33 -112.26 52.14
CA LEU CA 318 75.94 -112.66 50.86
C LEU CA 318 75.44 -111.76 49.73
N LEU CA 319 76.37 -111.32 48.89
CA LEU CA 319 76.13 -110.53 47.69
C LEU CA 319 76.62 -111.32 46.48
N TYR CA 320 75.69 -111.68 45.59
CA TYR CA 320 76.01 -112.33 44.33
C TYR CA 320 76.08 -111.30 43.21
N HIS CA 321 77.21 -111.26 42.49
CA HIS CA 321 77.38 -110.41 41.32
C HIS CA 321 77.15 -111.22 40.04
N CYS CA 322 75.99 -111.03 39.43
CA CYS CA 322 75.54 -111.78 38.28
C CYS CA 322 75.69 -110.95 37.00
N VAL CA 323 76.49 -111.42 36.04
CA VAL CA 323 76.57 -110.86 34.68
C VAL CA 323 75.42 -111.44 33.86
N VAL CA 324 74.60 -110.58 33.26
CA VAL CA 324 73.52 -111.01 32.36
C VAL CA 324 74.11 -111.37 31.01
N LEU CA 325 73.94 -112.63 30.61
CA LEU CA 325 74.37 -113.17 29.32
C LEU CA 325 73.15 -113.33 28.40
N GLU CA 326 73.28 -112.93 27.14
CA GLU CA 326 72.26 -113.16 26.13
C GLU CA 326 72.07 -114.66 25.89
N GLY CA 327 70.84 -115.09 25.60
CA GLY CA 327 70.59 -116.49 25.24
C GLY CA 327 71.21 -116.80 23.87
N GLU CA 328 71.80 -118.00 23.73
CA GLU CA 328 72.29 -118.50 22.44
C GLU CA 328 71.15 -119.15 21.65
N GLU CA 329 71.12 -118.94 20.34
CA GLU CA 329 70.33 -119.80 19.44
C GLU CA 329 71.02 -121.17 19.45
N ASP CA 330 70.34 -122.22 19.92
CA ASP CA 330 70.87 -123.59 19.84
C ASP CA 330 71.30 -123.88 18.38
N ASP CA 331 72.62 -123.96 18.16
CA ASP CA 331 73.16 -124.49 16.91
C ASP CA 331 72.53 -125.87 16.65
N GLU CA 332 71.99 -126.07 15.44
CA GLU CA 332 71.02 -127.11 15.00
C GLU CA 332 71.38 -128.61 15.23
N GLN CA 333 72.18 -129.02 16.22
CA GLN CA 333 72.58 -130.43 16.42
C GLN CA 333 72.16 -131.09 17.74
N THR CA 334 71.47 -130.38 18.64
CA THR CA 334 70.85 -130.99 19.83
C THR CA 334 69.34 -130.77 19.88
N SER CA 335 68.67 -130.98 18.75
CA SER CA 335 67.20 -131.05 18.66
C SER CA 335 66.64 -132.33 19.30
N ASN CA 336 66.72 -132.43 20.62
CA ASN CA 336 65.93 -133.42 21.37
C ASN CA 336 64.91 -132.70 22.26
N LYS CA 337 63.74 -132.44 21.64
CA LYS CA 337 62.42 -132.38 22.27
C LYS CA 337 62.20 -131.30 23.35
N SER CA 338 61.98 -130.08 22.89
CA SER CA 338 60.97 -129.19 23.47
C SER CA 338 59.92 -128.93 22.38
N TRP CA 339 58.66 -129.28 22.62
CA TRP CA 339 57.56 -129.02 21.67
C TRP CA 339 56.94 -127.62 21.80
N ASN CA 340 57.59 -126.70 22.52
CA ASN CA 340 57.17 -125.29 22.52
C ASN CA 340 57.91 -124.53 21.42
N SER CA 341 57.25 -124.38 20.27
CA SER CA 341 57.73 -123.63 19.09
C SER CA 341 57.82 -122.09 19.30
N SER CA 342 58.05 -121.61 20.52
CA SER CA 342 58.43 -120.23 20.79
C SER CA 342 59.78 -120.26 21.50
N CYS CA 343 60.87 -120.35 20.72
CA CYS CA 343 62.22 -120.09 21.22
C CYS CA 343 62.31 -118.63 21.65
N ASP CA 344 61.79 -118.30 22.83
CA ASP CA 344 62.17 -117.08 23.50
C ASP CA 344 63.60 -117.33 24.00
N LEU CA 345 64.59 -116.63 23.42
CA LEU CA 345 65.96 -116.65 23.90
C LEU CA 345 65.97 -116.11 25.34
N ILE CA 346 65.97 -117.02 26.33
CA ILE CA 346 65.99 -116.65 27.75
C ILE CA 346 67.45 -116.32 28.12
N PRO CA 347 67.73 -115.10 28.61
CA PRO CA 347 69.07 -114.76 29.05
C PRO CA 347 69.45 -115.56 30.30
N SER CA 348 70.74 -115.73 30.52
CA SER CA 348 71.29 -116.45 31.68
C SER CA 348 71.98 -115.48 32.63
N LEU CA 349 72.12 -115.87 33.89
CA LEU CA 349 72.88 -115.14 34.90
C LEU CA 349 74.18 -115.89 35.19
N TYR CA 350 75.33 -115.27 34.91
CA TYR CA 350 76.61 -115.82 35.31
C TYR CA 350 77.06 -115.16 36.62
N VAL CA 351 77.05 -115.92 37.72
CA VAL CA 351 77.55 -115.49 39.02
C VAL CA 351 79.07 -115.42 38.95
N PHE CA 352 79.57 -114.21 38.74
CA PHE CA 352 81.00 -113.93 38.56
C PHE CA 352 81.75 -113.98 39.90
N GLU CA 353 81.08 -113.52 40.95
CA GLU CA 353 81.66 -113.37 42.28
C GLU CA 353 80.55 -113.46 43.35
N CYS CA 354 80.91 -113.98 44.53
CA CYS CA 354 80.10 -113.96 45.75
C CYS CA 354 80.91 -113.35 46.89
N VAL CA 355 80.28 -112.46 47.65
CA VAL CA 355 80.93 -111.69 48.71
C VAL CA 355 80.10 -111.72 49.97
N GLU CA 356 80.70 -112.08 51.09
CA GLU CA 356 80.08 -112.01 52.40
C GLU CA 356 80.41 -110.68 53.10
N LEU CA 357 79.40 -109.92 53.48
CA LEU CA 357 79.56 -108.71 54.27
C LEU CA 357 79.78 -109.04 55.75
N GLU CA 358 80.68 -108.30 56.39
CA GLU CA 358 80.83 -108.33 57.84
C GLU CA 358 79.73 -107.49 58.51
N LEU CA 359 78.52 -108.04 58.61
CA LEU CA 359 77.34 -107.35 59.16
C LEU CA 359 77.54 -106.93 60.63
N ALA CA 360 78.27 -107.73 61.39
CA ALA CA 360 78.73 -107.42 62.74
C ALA CA 360 80.24 -107.70 62.85
N LEU CA 361 80.96 -106.89 63.63
CA LEU CA 361 82.41 -107.02 63.74
C LEU CA 361 82.79 -108.39 64.33
N LYS CA 362 83.56 -109.17 63.57
CA LYS CA 362 84.07 -110.50 63.97
C LYS CA 362 85.24 -110.29 64.94
N PHE CA 363 85.13 -110.83 66.15
CA PHE CA 363 86.21 -110.87 67.15
C PHE CA 363 86.82 -112.27 67.16
N ALA CA 364 88.16 -112.37 67.20
CA ALA CA 364 88.82 -113.63 67.48
C ALA CA 364 88.57 -113.99 68.95
N THR CA 365 87.66 -114.93 69.20
CA THR CA 365 87.56 -115.62 70.49
C THR CA 365 88.27 -116.96 70.38
N GLU CA 366 89.01 -117.36 71.41
CA GLU CA 366 89.68 -118.67 71.47
C GLU CA 366 88.68 -119.85 71.52
N GLU CA 367 87.39 -119.57 71.63
CA GLU CA 367 86.31 -120.55 71.56
C GLU CA 367 85.70 -120.53 70.14
N GLU CA 368 86.28 -121.32 69.24
CA GLU CA 368 85.78 -121.58 67.87
C GLU CA 368 84.36 -122.20 67.83
N GLU CA 369 83.71 -122.46 68.96
CA GLU CA 369 82.42 -123.17 69.03
C GLU CA 369 81.27 -122.39 69.70
N SER CA 370 81.51 -121.16 70.20
CA SER CA 370 80.42 -120.39 70.80
C SER CA 370 79.53 -119.82 69.70
N LEU CA 371 78.59 -120.64 69.22
CA LEU CA 371 77.41 -120.34 68.42
C LEU CA 371 77.56 -119.03 67.68
N GLU CA 372 78.11 -119.09 66.47
CA GLU CA 372 77.92 -118.05 65.46
C GLU CA 372 76.41 -117.73 65.46
N LEU CA 373 76.02 -116.71 66.22
CA LEU CA 373 74.68 -116.17 66.13
C LEU CA 373 74.73 -115.45 64.81
N ASP CA 374 74.42 -116.17 63.72
CA ASP CA 374 74.31 -115.66 62.37
C ASP CA 374 73.48 -114.40 62.44
N PHE CA 375 74.18 -113.26 62.43
CA PHE CA 375 73.54 -111.97 62.54
C PHE CA 375 73.00 -111.65 61.16
N ALA CA 376 71.83 -112.21 60.84
CA ALA CA 376 71.12 -111.96 59.60
C ALA CA 376 70.22 -110.74 59.73
N CYS CA 377 70.18 -109.92 58.70
CA CYS CA 377 69.28 -108.79 58.60
C CYS CA 377 69.05 -108.38 57.14
N PRO CA 378 67.87 -107.83 56.79
CA PRO CA 378 67.62 -107.33 55.45
C PRO CA 378 68.65 -106.26 55.04
N ILE CA 379 69.17 -106.39 53.82
CA ILE CA 379 70.07 -105.42 53.19
C ILE CA 379 69.29 -104.60 52.17
N LYS CA 380 69.54 -103.30 52.15
CA LYS CA 380 69.09 -102.41 51.08
C LYS CA 380 70.28 -101.97 50.23
N LEU CA 381 70.12 -102.10 48.92
CA LEU CA 381 71.14 -101.77 47.92
C LEU CA 381 70.88 -100.38 47.34
N HIS CA 382 71.94 -99.58 47.18
CA HIS CA 382 71.88 -98.24 46.64
C HIS CA 382 72.92 -98.08 45.53
N ARG CA 383 72.46 -97.72 44.33
CA ARG CA 383 73.33 -97.42 43.19
C ARG CA 383 74.18 -96.18 43.49
N ASP CA 384 75.45 -96.21 43.11
CA ASP CA 384 76.26 -95.00 43.12
C ASP CA 384 76.05 -94.19 41.83
N PRO CA 385 75.59 -92.93 41.89
CA PRO CA 385 75.38 -92.09 40.71
C PRO CA 385 76.68 -91.63 40.04
N ILE CA 386 77.84 -91.76 40.69
CA ILE CA 386 79.14 -91.27 40.21
C ILE CA 386 79.99 -92.38 39.62
N CYS CA 387 79.88 -93.60 40.16
CA CYS CA 387 80.69 -94.73 39.75
C CYS CA 387 79.79 -95.95 39.46
N PRO CA 388 79.52 -96.29 38.19
CA PRO CA 388 78.53 -97.32 37.82
C PRO CA 388 78.88 -98.73 38.30
N SER CA 389 80.17 -98.99 38.56
CA SER CA 389 80.69 -100.25 39.11
C SER CA 389 80.81 -100.24 40.64
N ARG CA 390 80.27 -99.22 41.31
CA ARG CA 390 80.19 -99.14 42.77
C ARG CA 390 78.73 -99.05 43.21
N TYR CA 391 78.44 -99.66 44.35
CA TYR CA 391 77.17 -99.54 45.02
C TYR CA 391 77.36 -99.63 46.52
N HIS CA 392 76.32 -99.28 47.26
CA HIS CA 392 76.34 -99.21 48.72
C HIS CA 392 75.26 -100.11 49.30
N CYS CA 393 75.56 -100.73 50.44
CA CYS CA 393 74.66 -101.60 51.17
C CYS CA 393 74.37 -100.95 52.52
N THR CA 394 73.10 -100.71 52.83
CA THR CA 394 72.67 -100.29 54.17
C THR CA 394 71.93 -101.42 54.83
N HIS CA 395 72.22 -101.67 56.10
CA HIS CA 395 71.53 -102.66 56.92
C HIS CA 395 71.41 -102.12 58.35
N VAL CA 396 70.74 -102.85 59.23
CA VAL CA 396 70.44 -102.38 60.60
C VAL CA 396 71.70 -102.04 61.41
N ALA CA 397 72.83 -102.68 61.12
CA ALA CA 397 74.07 -102.54 61.88
C ALA CA 397 75.14 -101.68 61.19
N GLY CA 398 74.86 -101.10 60.02
CA GLY CA 398 75.88 -100.32 59.33
C GLY CA 398 75.66 -100.05 57.84
N VAL CA 399 76.75 -99.59 57.24
CA VAL CA 399 76.84 -99.25 55.82
C VAL CA 399 78.15 -99.79 55.26
N HIS CA 400 78.04 -100.48 54.13
CA HIS CA 400 79.15 -100.98 53.33
C HIS CA 400 79.16 -100.33 51.95
N SER CA 401 80.35 -100.20 51.36
CA SER CA 401 80.52 -99.89 49.94
C SER CA 401 81.20 -101.05 49.24
N VAL CA 402 80.72 -101.38 48.04
CA VAL CA 402 81.26 -102.46 47.23
C VAL CA 402 81.61 -101.92 45.86
N GLY CA 403 82.87 -102.09 45.45
CA GLY CA 403 83.38 -101.69 44.14
C GLY CA 403 83.87 -102.87 43.33
N LEU CA 404 83.29 -103.09 42.14
CA LEU CA 404 83.63 -104.17 41.23
C LEU CA 404 84.94 -103.88 40.49
N THR CA 405 86.06 -104.37 41.03
CA THR CA 405 87.39 -104.03 40.47
C THR CA 405 87.70 -104.72 39.14
N TRP CA 406 86.97 -105.79 38.82
CA TRP CA 406 87.05 -106.52 37.55
C TRP CA 406 86.19 -105.91 36.44
N PHE CA 407 85.30 -104.95 36.75
CA PHE CA 407 84.36 -104.37 35.78
C PHE CA 407 85.04 -103.84 34.51
N ASN CA 408 86.05 -102.98 34.65
CA ASN CA 408 86.77 -102.41 33.49
C ASN CA 408 87.49 -103.48 32.65
N LYS CA 409 87.87 -104.60 33.27
CA LYS CA 409 88.49 -105.72 32.57
C LYS CA 409 87.47 -106.56 31.82
N LEU CA 410 86.30 -106.76 32.40
CA LEU CA 410 85.17 -107.38 31.73
C LEU CA 410 84.77 -106.55 30.50
N GLU CA 411 84.64 -105.23 30.66
CA GLU CA 411 84.35 -104.32 29.54
C GLU CA 411 85.43 -104.40 28.45
N LYS CA 412 86.71 -104.40 28.83
CA LYS CA 412 87.84 -104.57 27.90
C LYS CA 412 87.78 -105.91 27.18
N PHE CA 413 87.50 -107.01 27.89
CA PHE CA 413 87.38 -108.35 27.33
C PHE CA 413 86.21 -108.44 26.34
N LEU CA 414 85.04 -107.92 26.69
CA LEU CA 414 83.87 -107.95 25.81
C LEU CA 414 84.01 -107.01 24.60
N SER CA 415 84.84 -105.97 24.73
CA SER CA 415 85.20 -105.08 23.61
C SER CA 415 86.33 -105.66 22.74
N SER CA 416 87.06 -106.66 23.24
CA SER CA 416 88.10 -107.36 22.49
C SER CA 416 87.47 -108.43 21.60
N GLY CA 417 87.93 -108.56 20.36
CA GLY CA 417 87.43 -109.61 19.46
C GLY CA 417 87.77 -111.01 19.97
N GLU CA 418 87.09 -112.03 19.45
CA GLU CA 418 87.16 -113.45 19.87
C GLU CA 418 88.58 -114.05 19.96
N GLU CA 419 89.60 -113.40 19.41
CA GLU CA 419 90.99 -113.87 19.41
C GLU CA 419 91.86 -113.37 20.58
N ASP CA 420 91.38 -112.46 21.45
CA ASP CA 420 92.17 -111.91 22.56
C ASP CA 420 92.14 -112.82 23.82
N LYS CA 421 92.92 -113.90 23.76
CA LYS CA 421 93.12 -114.82 24.91
C LYS CA 421 93.79 -114.14 26.11
N ASP CA 422 94.54 -113.07 25.89
CA ASP CA 422 95.25 -112.37 26.96
C ASP CA 422 94.26 -111.60 27.86
N SER CA 423 93.25 -110.97 27.27
CA SER CA 423 92.18 -110.28 28.02
C SER CA 423 91.34 -111.25 28.86
N LEU CA 424 91.02 -112.45 28.35
CA LEU CA 424 90.35 -113.48 29.14
C LEU CA 424 91.22 -113.97 30.31
N GLN CA 425 92.52 -114.19 30.06
CA GLN CA 425 93.46 -114.59 31.11
C GLN CA 425 93.63 -113.48 32.17
N GLU CA 426 93.56 -112.22 31.77
CA GLU CA 426 93.60 -111.06 32.66
C GLU CA 426 92.32 -110.91 33.51
N LEU CA 427 91.16 -111.28 32.96
CA LEU CA 427 89.87 -111.31 33.66
C LEU CA 427 89.77 -112.52 34.61
N ALA CA 428 90.26 -113.69 34.17
CA ALA CA 428 90.30 -114.91 34.95
C ALA CA 428 91.35 -114.89 36.07
N ALA CA 429 92.34 -113.98 35.98
CA ALA CA 429 93.25 -113.73 37.09
C ALA CA 429 92.43 -113.22 38.29
N GLU CA 430 92.38 -114.00 39.38
CA GLU CA 430 91.57 -113.74 40.57
C GLU CA 430 91.62 -112.26 41.00
N GLN CA 431 90.51 -111.55 40.82
CA GLN CA 431 90.33 -110.20 41.33
C GLN CA 431 89.02 -110.10 42.08
N LYS CA 432 89.14 -110.02 43.40
CA LYS CA 432 88.02 -109.77 44.30
C LYS CA 432 87.54 -108.33 44.16
N CYS CA 433 86.25 -108.08 44.35
CA CYS CA 433 85.75 -106.74 44.55
C CYS CA 433 86.42 -106.09 45.78
N LEU CA 434 86.29 -104.78 45.89
CA LEU CA 434 86.68 -104.04 47.08
C LEU CA 434 85.45 -103.86 47.96
N VAL CA 435 85.48 -104.40 49.17
CA VAL CA 435 84.47 -104.12 50.20
C VAL CA 435 85.06 -103.23 51.26
N GLU CA 436 84.37 -102.14 51.56
CA GLU CA 436 84.68 -101.24 52.66
C GLU CA 436 83.49 -101.17 53.62
N HIS CA 437 83.69 -101.60 54.87
CA HIS CA 437 82.76 -101.31 55.95
C HIS CA 437 82.98 -99.85 56.36
N ILE CA 438 82.06 -98.96 55.98
CA ILE CA 438 82.22 -97.51 56.18
C ILE CA 438 81.74 -97.09 57.57
N LEU CA 439 80.56 -97.57 57.97
CA LEU CA 439 79.90 -97.19 59.21
C LEU CA 439 79.39 -98.43 59.91
N CYS CA 440 79.81 -98.64 61.15
CA CYS CA 440 79.30 -99.67 62.03
C CYS CA 440 78.49 -99.03 63.17
N THR CA 441 77.20 -99.34 63.23
CA THR CA 441 76.29 -98.86 64.28
C THR CA 441 76.06 -99.88 65.40
N LYS CA 442 76.66 -101.08 65.27
CA LYS CA 442 76.71 -102.12 66.30
C LYS CA 442 78.15 -102.57 66.55
N PRO CA 443 79.01 -101.70 67.12
CA PRO CA 443 80.43 -102.00 67.30
C PRO CA 443 80.70 -103.10 68.33
N LEU CA 444 79.76 -103.35 69.25
CA LEU CA 444 79.89 -104.29 70.37
C LEU CA 444 78.68 -105.21 70.43
N ARG CA 445 78.86 -106.45 70.93
CA ARG CA 445 77.78 -107.45 71.00
C ARG CA 445 76.74 -107.09 72.07
N CYS CA 446 77.17 -106.48 73.18
CA CYS CA 446 76.27 -106.00 74.23
C CYS CA 446 75.41 -104.79 73.83
N ARG CA 447 75.68 -104.18 72.67
CA ARG CA 447 74.95 -102.99 72.19
C ARG CA 447 73.89 -103.38 71.17
N LEU CA 448 72.75 -102.71 71.26
CA LEU CA 448 71.78 -102.71 70.17
C LEU CA 448 72.32 -101.88 69.01
N PRO CA 449 72.05 -102.28 67.75
CA PRO CA 449 72.36 -101.44 66.60
C PRO CA 449 71.61 -100.11 66.68
N SER CA 450 72.15 -99.07 66.01
CA SER CA 450 71.38 -97.87 65.64
C SER CA 450 71.06 -97.93 64.13
N PRO CA 451 69.90 -98.47 63.73
CA PRO CA 451 69.52 -98.66 62.32
C PRO CA 451 69.57 -97.39 61.48
N ILE CA 452 69.97 -97.56 60.23
CA ILE CA 452 69.96 -96.47 59.25
C ILE CA 452 68.50 -96.12 58.91
N GLN CA 453 68.13 -94.86 59.10
CA GLN CA 453 66.81 -94.32 58.76
C GLN CA 453 66.81 -93.56 57.45
N GLY CA 454 67.97 -93.11 56.99
CA GLY CA 454 68.10 -92.46 55.69
C GLY CA 454 69.52 -92.54 55.17
N PHE CA 455 69.64 -92.74 53.87
CA PHE CA 455 70.90 -92.89 53.17
C PHE CA 455 70.81 -92.23 51.80
N TRP CA 456 71.82 -91.42 51.45
CA TRP CA 456 71.91 -90.82 50.13
C TRP CA 456 73.34 -90.48 49.75
N ILE CA 457 73.58 -90.42 48.43
CA ILE CA 457 74.84 -90.00 47.86
C ILE CA 457 74.62 -88.69 47.12
N ILE CA 458 75.27 -87.64 47.61
CA ILE CA 458 75.33 -86.37 46.91
C ILE CA 458 76.38 -86.47 45.82
N SER CA 459 75.95 -86.12 44.61
CA SER CA 459 76.80 -85.87 43.47
C SER CA 459 76.44 -84.48 42.93
N ASP CA 460 77.14 -83.46 43.40
CA ASP CA 460 76.93 -82.08 42.98
C ASP CA 460 78.28 -81.41 42.73
N LEU CA 461 78.38 -80.63 41.65
CA LEU CA 461 79.64 -79.99 41.25
C LEU CA 461 80.17 -78.99 42.31
N PHE CA 462 79.29 -78.37 43.10
CA PHE CA 462 79.66 -77.40 44.14
C PHE CA 462 79.90 -78.07 45.49
N LEU CA 463 79.05 -79.02 45.88
CA LEU CA 463 79.16 -79.72 47.17
C LEU CA 463 80.20 -80.85 47.15
N GLY CA 464 80.58 -81.30 45.95
CA GLY CA 464 81.40 -82.48 45.73
C GLY CA 464 80.60 -83.77 45.88
N THR CA 465 81.34 -84.85 46.11
CA THR CA 465 80.78 -86.18 46.30
C THR CA 465 80.77 -86.52 47.80
N SER CA 466 79.61 -86.80 48.38
CA SER CA 466 79.52 -87.19 49.79
C SER CA 466 78.34 -88.12 50.06
N MET CA 467 78.57 -89.13 50.90
CA MET CA 467 77.55 -89.95 51.53
C MET CA 467 76.94 -89.21 52.72
N ILE CA 468 75.61 -89.25 52.83
CA ILE CA 468 74.86 -88.85 54.02
C ILE CA 468 74.15 -90.08 54.58
N CYS CA 469 74.33 -90.32 55.87
CA CYS CA 469 73.60 -91.32 56.63
C CYS CA 469 72.91 -90.64 57.82
N ILE CA 470 71.65 -90.99 58.08
CA ILE CA 470 70.93 -90.60 59.30
C ILE CA 470 70.54 -91.87 60.04
N THR CA 471 70.88 -91.96 61.32
CA THR CA 471 70.48 -93.11 62.16
C THR CA 471 69.12 -92.90 62.81
N CYS CA 472 68.62 -93.96 63.43
CA CYS CA 472 67.39 -93.98 64.19
C CYS CA 472 67.36 -93.10 65.43
N ASP CA 473 68.52 -92.61 65.85
CA ASP CA 473 68.70 -91.65 66.93
C ASP CA 473 69.00 -90.25 66.34
N PHE CA 474 68.68 -90.05 65.06
CA PHE CA 474 68.89 -88.83 64.27
C PHE CA 474 70.34 -88.32 64.28
N GLU CA 475 71.32 -89.22 64.39
CA GLU CA 475 72.72 -88.86 64.18
C GLU CA 475 72.99 -88.75 62.67
N CYS CA 476 73.31 -87.53 62.22
CA CYS CA 476 73.69 -87.25 60.85
C CYS CA 476 75.19 -87.45 60.67
N ILE CA 477 75.55 -88.35 59.77
CA ILE CA 477 76.93 -88.73 59.48
C ILE CA 477 77.17 -88.43 58.01
N VAL CA 478 78.09 -87.51 57.73
CA VAL CA 478 78.45 -87.12 56.37
C VAL CA 478 79.89 -87.54 56.08
N ARG CA 479 80.12 -88.23 54.97
CA ARG CA 479 81.44 -88.75 54.59
C ARG CA 479 81.74 -88.44 53.12
N PRO CA 480 82.88 -87.81 52.79
CA PRO CA 480 83.26 -87.63 51.39
C PRO CA 480 83.53 -89.01 50.76
N LEU CA 481 83.02 -89.23 49.54
CA LEU CA 481 83.34 -90.43 48.77
C LEU CA 481 84.30 -90.08 47.63
N LEU CA 482 85.14 -91.04 47.27
CA LEU CA 482 86.00 -90.94 46.10
C LEU CA 482 85.15 -91.06 44.82
N THR CA 483 85.55 -90.42 43.72
CA THR CA 483 84.84 -90.57 42.43
C THR CA 483 85.11 -91.90 41.73
N THR CA 484 86.11 -92.65 42.21
CA THR CA 484 86.53 -93.94 41.65
C THR CA 484 86.59 -94.98 42.77
N ILE CA 485 86.47 -96.27 42.42
CA ILE CA 485 86.65 -97.38 43.37
C ILE CA 485 88.05 -97.34 44.00
N ARG CA 486 89.06 -97.01 43.18
CA ARG CA 486 90.44 -96.81 43.63
C ARG CA 486 90.84 -95.37 43.36
N PRO CA 487 91.32 -94.61 44.35
CA PRO CA 487 91.84 -93.28 44.08
C PRO CA 487 93.00 -93.40 43.07
N PRO CA 488 93.08 -92.54 42.04
CA PRO CA 488 94.31 -92.42 41.26
C PRO CA 488 95.43 -92.02 42.23
N SER CA 489 96.57 -92.71 42.16
CA SER CA 489 97.73 -92.30 42.94
C SER CA 489 98.09 -90.86 42.59
N PRO CA 490 98.47 -90.02 43.56
CA PRO CA 490 99.03 -88.72 43.23
C PRO CA 490 100.21 -88.93 42.28
N PRO CA 491 100.30 -88.19 41.17
CA PRO CA 491 101.40 -88.36 40.25
C PRO CA 491 102.72 -88.18 41.01
N LEU CA 492 103.64 -89.12 40.83
CA LEU CA 492 104.98 -88.97 41.38
C LEU CA 492 105.59 -87.69 40.78
N LEU CA 493 106.33 -86.90 41.57
CA LEU CA 493 107.00 -85.69 41.07
C LEU CA 493 107.92 -85.97 39.86
N CYS CA 494 108.30 -87.23 39.65
CA CYS CA 494 109.12 -87.69 38.52
C CYS CA 494 108.31 -88.19 37.31
N SER CA 495 106.98 -88.27 37.37
CA SER CA 495 106.14 -88.59 36.20
C SER CA 495 105.97 -87.34 35.34
N GLN CA 496 107.07 -86.83 34.77
CA GLN CA 496 106.96 -85.92 33.64
C GLN CA 496 106.47 -86.76 32.47
N SER CA 497 105.21 -86.56 32.08
CA SER CA 497 104.61 -87.12 30.88
C SER CA 497 105.18 -86.40 29.65
N ASP CA 498 106.49 -86.42 29.48
CA ASP CA 498 107.12 -85.92 28.26
C ASP CA 498 106.95 -86.99 27.18
N LYS CA 499 105.90 -86.81 26.37
CA LYS CA 499 105.63 -87.61 25.16
C LYS CA 499 106.71 -87.44 24.07
N SER CA 500 107.88 -86.88 24.36
CA SER CA 500 108.97 -86.66 23.40
C SER CA 500 110.28 -87.37 23.72
N SER CA 501 110.31 -88.23 24.74
CA SER CA 501 111.51 -89.01 25.06
C SER CA 501 111.27 -90.48 24.76
N THR CA 502 111.42 -90.86 23.48
CA THR CA 502 111.81 -92.21 23.08
C THR CA 502 113.25 -92.47 23.56
N GLU CA 503 113.47 -92.35 24.86
CA GLU CA 503 114.69 -92.81 25.50
C GLU CA 503 114.55 -94.31 25.66
N ILE CA 504 115.40 -95.00 24.93
CA ILE CA 504 115.62 -96.44 24.96
C ILE CA 504 115.91 -96.80 26.42
N LEU CA 505 114.86 -97.21 27.15
CA LEU CA 505 115.04 -97.78 28.47
C LEU CA 505 115.93 -99.02 28.29
N PRO CA 506 117.05 -99.15 29.01
CA PRO CA 506 117.94 -100.30 28.84
C PRO CA 506 117.13 -101.58 29.06
N HIS CA 507 117.19 -102.51 28.08
CA HIS CA 507 116.44 -103.77 28.03
C HIS CA 507 116.43 -104.57 29.36
N VAL CA 508 117.41 -104.38 30.25
CA VAL CA 508 117.49 -105.03 31.56
C VAL CA 508 116.34 -104.64 32.51
N LEU CA 509 115.66 -103.51 32.28
CA LEU CA 509 114.49 -103.12 33.06
C LEU CA 509 113.15 -103.49 32.43
N ALA CA 510 113.15 -104.01 31.20
CA ALA CA 510 111.92 -104.45 30.53
C ALA CA 510 111.36 -105.75 31.12
N ASP CA 511 112.20 -106.58 31.76
CA ASP CA 511 111.76 -107.84 32.39
C ASP CA 511 111.00 -107.65 33.71
N VAL CA 512 110.99 -106.44 34.28
CA VAL CA 512 110.09 -106.14 35.39
C VAL CA 512 108.71 -105.86 34.80
N LYS CA 513 107.86 -106.90 34.80
CA LYS CA 513 106.45 -106.83 34.38
C LYS CA 513 105.75 -105.68 35.12
N GLY CA 514 105.48 -104.59 34.40
CA GLY CA 514 104.76 -103.42 34.88
C GLY CA 514 105.67 -102.32 35.47
N PRO CA 515 105.25 -101.04 35.37
CA PRO CA 515 105.95 -99.95 36.03
C PRO CA 515 106.07 -100.23 37.54
N PHE CA 516 107.22 -99.95 38.13
CA PHE CA 516 107.51 -100.12 39.57
C PHE CA 516 106.41 -99.57 40.48
N GLU CA 517 105.71 -98.53 40.02
CA GLU CA 517 104.57 -97.94 40.71
C GLU CA 517 103.40 -98.93 40.91
N GLU CA 518 103.07 -99.75 39.91
CA GLU CA 518 102.02 -100.79 40.04
C GLU CA 518 102.39 -101.84 41.07
N HIS CA 519 103.67 -102.21 41.14
CA HIS CA 519 104.17 -103.13 42.14
C HIS CA 519 104.01 -102.56 43.56
N ILE CA 520 104.39 -101.30 43.79
CA ILE CA 520 104.20 -100.62 45.09
C ILE CA 520 102.71 -100.48 45.43
N ARG CA 521 101.86 -100.15 44.44
CA ARG CA 521 100.40 -100.14 44.64
C ARG CA 521 99.86 -101.51 45.04
N GLY CA 522 100.41 -102.58 44.46
CA GLY CA 522 100.09 -103.96 44.82
C GLY CA 522 100.42 -104.27 46.28
N ILE CA 523 101.59 -103.85 46.77
CA ILE CA 523 101.99 -104.02 48.17
C ILE CA 523 101.07 -103.24 49.12
N LEU CA 524 100.75 -101.99 48.77
CA LEU CA 524 99.90 -101.10 49.58
C LEU CA 524 98.40 -101.42 49.48
N ARG CA 525 98.00 -102.43 48.70
CA ARG CA 525 96.61 -102.81 48.52
C ARG CA 525 96.02 -103.31 49.83
N ARG CA 526 94.90 -102.72 50.23
CA ARG CA 526 94.15 -103.11 51.43
C ARG CA 526 92.98 -104.02 51.09
N ASN CA 527 92.72 -104.99 51.96
CA ASN CA 527 91.58 -105.91 51.87
C ASN CA 527 90.53 -105.66 52.96
N SER CA 528 90.91 -104.95 54.03
CA SER CA 528 90.00 -104.56 55.10
C SER CA 528 90.36 -103.18 55.66
N ALA CA 529 89.40 -102.56 56.33
CA ALA CA 529 89.57 -101.29 57.01
C ALA CA 529 88.74 -101.26 58.29
N ASN CA 530 89.13 -100.40 59.23
CA ASN CA 530 88.33 -100.17 60.43
C ASN CA 530 87.18 -99.23 60.08
N PRO CA 531 85.91 -99.66 60.28
CA PRO CA 531 84.76 -98.79 60.05
C PRO CA 531 84.73 -97.63 61.03
N LEU CA 532 84.01 -96.57 60.68
CA LEU CA 532 83.59 -95.59 61.67
C LEU CA 532 82.65 -96.26 62.66
N LEU CA 533 83.00 -96.20 63.94
CA LEU CA 533 82.20 -96.79 65.01
C LEU CA 533 81.27 -95.73 65.58
N LEU CA 534 79.98 -95.97 65.51
CA LEU CA 534 78.99 -95.13 66.17
C LEU CA 534 78.81 -95.56 67.61
N ASN CA 535 79.02 -94.64 68.55
CA ASN CA 535 78.70 -94.89 69.95
C ASN CA 535 77.23 -94.59 70.19
N SER CA 536 76.37 -95.61 70.07
CA SER CA 536 74.94 -95.42 70.33
C SER CA 536 74.75 -94.90 71.75
N SER CA 537 74.13 -93.72 71.86
CA SER CA 537 74.07 -92.90 73.08
C SER CA 537 73.13 -93.43 74.16
N SER CA 538 72.95 -94.75 74.24
CA SER CA 538 72.32 -95.42 75.37
C SER CA 538 73.19 -95.23 76.62
N LYS CA 539 73.00 -94.07 77.26
CA LYS CA 539 73.31 -93.84 78.67
C LYS CA 539 72.62 -94.97 79.43
N ASP CA 540 73.39 -95.85 80.05
CA ASP CA 540 73.08 -96.47 81.36
C ASP CA 540 74.06 -97.58 81.75
N SER CA 541 75.00 -97.97 80.89
CA SER CA 541 76.18 -98.74 81.34
C SER CA 541 77.36 -98.52 80.42
N SER CA 542 78.57 -98.40 80.99
CA SER CA 542 79.80 -98.61 80.22
C SER CA 542 79.77 -100.04 79.65
N PRO CA 543 80.23 -100.26 78.40
CA PRO CA 543 80.32 -101.62 77.90
C PRO CA 543 81.29 -102.44 78.77
N PRO CA 544 81.16 -103.78 78.80
CA PRO CA 544 82.12 -104.64 79.48
C PRO CA 544 83.55 -104.32 79.02
N PRO CA 545 85.19 -108.81 79.38
CA PRO CA 545 86.48 -108.18 79.10
C PRO CA 545 87.25 -108.88 77.97
N GLU CA 546 87.10 -110.20 77.85
CA GLU CA 546 87.75 -111.01 76.82
C GLU CA 546 87.31 -110.60 75.40
N GLU CA 547 86.01 -110.49 75.15
CA GLU CA 547 85.50 -110.05 73.84
C GLU CA 547 85.92 -108.61 73.52
N CYS CA 548 86.00 -107.74 74.52
CA CYS CA 548 86.48 -106.37 74.34
C CYS CA 548 87.97 -106.33 73.95
N LEU CA 549 88.79 -107.18 74.59
CA LEU CA 549 90.21 -107.30 74.28
C LEU CA 549 90.43 -107.89 72.89
N GLN CA 550 89.62 -108.87 72.48
CA GLN CA 550 89.67 -109.45 71.13
C GLN CA 550 89.31 -108.41 70.06
N LEU CA 551 88.27 -107.60 70.29
CA LEU CA 551 87.90 -106.49 69.42
C LEU CA 551 89.00 -105.44 69.32
N LEU CA 552 89.60 -105.05 70.43
CA LEU CA 552 90.72 -104.11 70.45
C LEU CA 552 91.96 -104.69 69.75
N SER CA 553 92.24 -105.97 69.95
CA SER CA 553 93.35 -106.69 69.31
C SER CA 553 93.20 -106.69 67.79
N ARG CA 554 92.01 -107.10 67.29
CA ARG CA 554 91.65 -107.04 65.86
C ARG CA 554 91.83 -105.63 65.31
N ALA CA 555 91.27 -104.62 65.97
CA ALA CA 555 91.36 -103.24 65.49
C ALA CA 555 92.82 -102.75 65.42
N THR CA 556 93.61 -103.05 66.45
CA THR CA 556 95.03 -102.70 66.53
C THR CA 556 95.85 -103.41 65.46
N GLN CA 557 95.55 -104.68 65.18
CA GLN CA 557 96.19 -105.46 64.12
C GLN CA 557 95.93 -104.84 62.75
N VAL CA 558 94.67 -104.51 62.44
CA VAL CA 558 94.31 -103.81 61.19
C VAL CA 558 95.07 -102.48 61.07
N PHE CA 559 95.14 -101.67 62.13
CA PHE CA 559 95.92 -100.42 62.08
C PHE CA 559 97.42 -100.67 61.85
N ARG CA 560 97.98 -101.71 62.46
CA ARG CA 560 99.40 -102.04 62.29
C ARG CA 560 99.72 -102.49 60.86
N GLU CA 561 98.92 -103.38 60.30
CA GLU CA 561 99.18 -104.01 58.99
C GLU CA 561 98.76 -103.11 57.82
N GLU CA 562 97.58 -102.48 57.89
CA GLU CA 562 97.00 -101.74 56.76
C GLU CA 562 97.39 -100.25 56.75
N TYR CA 563 97.88 -99.71 57.86
CA TYR CA 563 98.22 -98.29 57.98
C TYR CA 563 99.70 -98.11 58.28
N LEU CA 564 100.14 -98.48 59.48
CA LEU CA 564 101.50 -98.18 59.95
C LEU CA 564 102.57 -98.84 59.06
N LEU CA 565 102.48 -100.17 58.87
CA LEU CA 565 103.47 -100.91 58.08
C LEU CA 565 103.55 -100.39 56.64
N LYS CA 566 102.39 -100.13 56.01
CA LYS CA 566 102.34 -99.61 54.63
C LYS CA 566 102.89 -98.18 54.53
N GLN CA 567 102.62 -97.33 55.52
CA GLN CA 567 103.18 -95.98 55.58
C GLN CA 567 104.70 -96.00 55.77
N ASP CA 568 105.21 -96.90 56.62
CA ASP CA 568 106.64 -97.06 56.83
C ASP CA 568 107.34 -97.53 55.55
N LEU CA 569 106.79 -98.54 54.87
CA LEU CA 569 107.31 -99.01 53.57
C LEU CA 569 107.30 -97.90 52.51
N ALA CA 570 106.21 -97.13 52.42
CA ALA CA 570 106.13 -96.00 51.49
C ALA CA 570 107.18 -94.92 51.82
N ASN CA 571 107.39 -94.62 53.10
CA ASN CA 571 108.40 -93.67 53.56
C ASN CA 571 109.82 -94.16 53.19
N GLU CA 572 110.14 -95.43 53.41
CA GLU CA 572 111.43 -96.01 53.02
C GLU CA 572 111.68 -95.91 51.52
N GLU CA 573 110.66 -96.19 50.70
CA GLU CA 573 110.74 -96.10 49.24
C GLU CA 573 110.96 -94.65 48.77
N ILE CA 574 110.22 -93.70 49.34
CA ILE CA 574 110.40 -92.25 49.09
C ILE CA 574 111.82 -91.83 49.48
N GLN CA 575 112.31 -92.21 50.66
CA GLN CA 575 113.66 -91.88 51.11
C GLN CA 575 114.74 -92.48 50.20
N ARG CA 576 114.56 -93.73 49.74
CA ARG CA 576 115.48 -94.38 48.80
C ARG CA 576 115.52 -93.63 47.48
N ARG CA 577 114.35 -93.26 46.95
CA ARG CA 577 114.24 -92.47 45.71
C ARG CA 577 114.90 -91.09 45.85
N VAL CA 578 114.67 -90.39 46.97
CA VAL CA 578 115.29 -89.10 47.25
C VAL CA 578 116.82 -89.23 47.30
N LYS CA 579 117.37 -90.24 47.99
CA LYS CA 579 118.82 -90.49 48.03
C LYS CA 579 119.40 -90.73 46.63
N LEU CA 580 118.73 -91.53 45.80
CA LEU CA 580 119.16 -91.78 44.42
C LEU CA 580 119.14 -90.51 43.58
N LEU CA 581 118.09 -89.69 43.69
CA LEU CA 581 117.98 -88.43 42.96
C LEU CA 581 119.05 -87.41 43.39
N ILE CA 582 119.39 -87.35 44.69
CA ILE CA 582 120.49 -86.51 45.19
C ILE CA 582 121.83 -86.97 44.58
N ALA CA 583 122.14 -88.26 44.64
CA ALA CA 583 123.38 -88.79 44.07
C ALA CA 583 123.47 -88.57 42.54
N GLN CA 584 122.35 -88.74 41.83
CA GLN CA 584 122.27 -88.49 40.39
C GLN CA 584 122.49 -87.00 40.07
N LYS CA 585 121.88 -86.10 40.85
CA LYS CA 585 122.08 -84.65 40.72
C LYS CA 585 123.54 -84.27 40.92
N GLU CA 586 124.20 -84.81 41.94
CA GLU CA 586 125.63 -84.55 42.19
C GLU CA 586 126.50 -85.01 41.02
N LYS CA 587 126.26 -86.21 40.48
CA LYS CA 587 126.97 -86.72 39.30
C LYS CA 587 126.75 -85.85 38.07
N GLN CA 588 125.50 -85.43 37.82
CA GLN CA 588 125.17 -84.53 36.71
C GLN CA 588 125.84 -83.16 36.84
N LEU CA 589 125.93 -82.61 38.06
CA LEU CA 589 126.64 -81.37 38.31
C LEU CA 589 128.14 -81.50 38.03
N GLU CA 590 128.74 -82.63 38.39
CA GLU CA 590 130.16 -82.90 38.09
C GLU CA 590 130.40 -83.06 36.58
N ASP CA 591 129.54 -83.82 35.88
CA ASP CA 591 129.61 -83.93 34.42
C ASP CA 591 129.48 -82.56 33.74
N LEU CA 592 128.55 -81.72 34.22
CA LEU CA 592 128.37 -80.36 33.68
C LEU CA 592 129.62 -79.50 33.90
N ARG CA 593 130.32 -79.66 35.03
CA ARG CA 593 131.59 -78.97 35.27
C ARG CA 593 132.66 -79.47 34.32
N TYR CA 594 132.80 -80.79 34.17
CA TYR CA 594 133.73 -81.40 33.22
C TYR CA 594 133.49 -80.90 31.78
N CYS CA 595 132.24 -80.95 31.30
CA CYS CA 595 131.88 -80.46 29.97
C CYS CA 595 132.16 -78.96 29.79
N ARG CA 596 132.00 -78.14 30.84
CA ARG CA 596 132.35 -76.71 30.78
C ARG CA 596 133.86 -76.48 30.67
N GLU CA 597 134.65 -77.27 31.39
CA GLU CA 597 136.11 -77.22 31.34
C GLU CA 597 136.63 -77.71 29.99
N GLU CA 598 136.11 -78.82 29.48
CA GLU CA 598 136.45 -79.35 28.16
C GLU CA 598 136.08 -78.37 27.05
N ARG CA 599 134.89 -77.76 27.10
CA ARG CA 599 134.49 -76.70 26.17
C ARG CA 599 135.48 -75.54 26.21
N LYS CA 600 135.90 -75.09 27.40
CA LYS CA 600 136.88 -74.01 27.54
C LYS CA 600 138.22 -74.39 26.94
N SER CA 601 138.74 -75.57 27.26
CA SER CA 601 139.99 -76.10 26.71
C SER CA 601 139.94 -76.21 25.18
N LEU CA 602 138.86 -76.78 24.64
CA LEU CA 602 138.65 -76.89 23.20
C LEU CA 602 138.61 -75.52 22.53
N THR CA 603 137.92 -74.54 23.13
CA THR CA 603 137.89 -73.15 22.63
C THR CA 603 139.30 -72.56 22.58
N GLU CA 604 140.09 -72.67 23.65
CA GLU CA 604 141.47 -72.19 23.68
C GLU CA 604 142.37 -72.89 22.65
N THR CA 605 142.20 -74.20 22.45
CA THR CA 605 142.97 -74.92 21.42
C THR CA 605 142.59 -74.50 20.00
N ALA CA 606 141.31 -74.21 19.76
CA ALA CA 606 140.83 -73.70 18.48
C ALA CA 606 141.38 -72.30 18.21
N GLU CA 607 141.40 -71.42 19.21
CA GLU CA 607 142.00 -70.08 19.12
C GLU CA 607 143.50 -70.17 18.78
N ARG CA 608 144.27 -70.98 19.51
CA ARG CA 608 145.70 -71.19 19.21
C ARG CA 608 145.95 -71.78 17.83
N LEU CA 609 145.08 -72.67 17.36
CA LEU CA 609 145.19 -73.24 16.01
C LEU CA 609 144.88 -72.19 14.94
N ALA CA 610 143.89 -71.34 15.16
CA ALA CA 610 143.55 -70.24 14.28
C ALA CA 610 144.70 -69.21 14.18
N GLU CA 611 145.33 -68.84 15.29
CA GLU CA 611 146.53 -67.98 15.30
C GLU CA 611 147.67 -68.57 14.45
N LYS CA 612 148.01 -69.85 14.67
CA LYS CA 612 149.04 -70.53 13.89
C LYS CA 612 148.70 -70.63 12.40
N PHE CA 613 147.43 -70.82 12.07
CA PHE CA 613 146.97 -70.86 10.69
C PHE CA 613 147.15 -69.51 9.99
N GLU CA 614 146.78 -68.40 10.65
CA GLU CA 614 146.99 -67.06 10.10
C GLU CA 614 148.49 -66.73 9.97
N GLU CA 615 149.34 -67.09 10.94
CA GLU CA 615 150.79 -66.93 10.79
C GLU CA 615 151.36 -67.73 9.60
N ALA CA 616 150.90 -68.97 9.42
CA ALA CA 616 151.35 -69.81 8.31
C ALA CA 616 150.89 -69.26 6.97
N LYS CA 617 149.67 -68.73 6.90
CA LYS CA 617 149.10 -68.07 5.73
C LYS CA 617 149.85 -66.79 5.38
N GLU CA 618 150.18 -65.94 6.36
CA GLU CA 618 150.97 -64.73 6.15
C GLU CA 618 152.37 -65.05 5.61
N LYS CA 619 153.07 -66.03 6.22
CA LYS CA 619 154.37 -66.51 5.72
C LYS CA 619 154.27 -67.05 4.29
N GLN CA 620 153.19 -67.76 3.97
CA GLN CA 620 152.96 -68.27 2.63
C GLN CA 620 152.68 -67.13 1.63
N GLU CA 621 151.91 -66.11 2.01
CA GLU CA 621 151.69 -64.92 1.19
C GLU CA 621 153.00 -64.16 0.93
N ASP CA 622 153.87 -64.02 1.94
CA ASP CA 622 155.19 -63.43 1.80
C ASP CA 622 156.09 -64.21 0.84
N LEU CA 623 156.11 -65.55 0.95
CA LEU CA 623 156.82 -66.42 0.03
C LEU CA 623 156.29 -66.28 -1.40
N ILE CA 624 154.96 -66.26 -1.57
CA ILE CA 624 154.30 -66.03 -2.86
C ILE CA 624 154.68 -64.66 -3.42
N ASN CA 625 154.68 -63.61 -2.61
CA ASN CA 625 155.06 -62.26 -3.02
C ASN CA 625 156.53 -62.18 -3.42
N ARG CA 626 157.41 -62.88 -2.70
CA ARG CA 626 158.83 -63.00 -3.04
C ARG CA 626 159.01 -63.78 -4.36
N LEU CA 627 158.30 -64.89 -4.55
CA LEU CA 627 158.27 -65.65 -5.80
C LEU CA 627 157.77 -64.77 -6.95
N LYS CA 628 156.69 -64.01 -6.77
CA LYS CA 628 156.17 -63.05 -7.76
C LYS CA 628 157.23 -61.99 -8.12
N ARG CA 629 157.98 -61.46 -7.14
CA ARG CA 629 159.08 -60.51 -7.42
C ARG CA 629 160.21 -61.15 -8.21
N ILE CA 630 160.64 -62.36 -7.84
CA ILE CA 630 161.68 -63.10 -8.55
C ILE CA 630 161.23 -63.42 -9.98
N LEU CA 631 160.00 -63.90 -10.15
CA LEU CA 631 159.42 -64.20 -11.46
C LEU CA 631 159.34 -62.94 -12.32
N ARG CA 632 158.89 -61.81 -11.76
CA ARG CA 632 158.91 -60.50 -12.44
C ARG CA 632 160.32 -60.08 -12.81
N SER CA 633 161.31 -60.22 -11.93
CA SER CA 633 162.69 -59.85 -12.24
C SER CA 633 163.28 -60.72 -13.37
N PHE CA 634 163.00 -62.02 -13.36
CA PHE CA 634 163.37 -62.92 -14.46
C PHE CA 634 162.69 -62.51 -15.77
N HIS CA 635 161.40 -62.18 -15.74
CA HIS CA 635 160.68 -61.74 -16.93
C HIS CA 635 161.21 -60.41 -17.48
N THR CA 636 161.57 -59.45 -16.62
CA THR CA 636 162.17 -58.18 -17.04
C THR CA 636 163.60 -58.30 -17.57
N SER CA 642 155.07 -62.78 -27.65
CA SER CA 642 154.83 -62.74 -29.10
C SER CA 642 153.49 -62.04 -29.38
N GLU CA 643 153.32 -61.53 -30.59
CA GLU CA 643 152.06 -60.90 -31.01
C GLU CA 643 150.88 -61.88 -30.85
N SER CA 644 151.09 -63.16 -31.18
CA SER CA 644 150.11 -64.23 -30.97
C SER CA 644 149.78 -64.49 -29.50
N GLU CA 645 150.75 -64.42 -28.59
CA GLU CA 645 150.50 -64.55 -27.14
C GLU CA 645 149.75 -63.34 -26.57
N ARG CA 646 150.02 -62.13 -27.06
CA ARG CA 646 149.27 -60.93 -26.66
C ARG CA 646 147.82 -61.03 -27.10
N ASP CA 647 147.56 -61.51 -28.30
CA ASP CA 647 146.19 -61.68 -28.79
C ASP CA 647 145.47 -62.83 -28.07
N MET CA 648 146.14 -63.96 -27.84
CA MET CA 648 145.58 -65.05 -27.00
C MET CA 648 145.27 -64.55 -25.58
N LYS CA 649 146.12 -63.72 -24.98
CA LYS CA 649 145.85 -63.12 -23.66
C LYS CA 649 144.61 -62.23 -23.68
N LYS CA 650 144.40 -61.43 -24.73
CA LYS CA 650 143.16 -60.63 -24.88
C LYS CA 650 141.94 -61.54 -25.03
N GLU CA 651 142.05 -62.61 -25.82
CA GLU CA 651 140.97 -63.56 -26.04
C GLU CA 651 140.59 -64.33 -24.77
N LEU CA 652 141.59 -64.77 -23.99
CA LEU CA 652 141.40 -65.39 -22.67
C LEU CA 652 140.77 -64.43 -21.64
N GLN CA 653 141.14 -63.15 -21.67
CA GLN CA 653 140.52 -62.14 -20.81
C GLN CA 653 139.07 -61.87 -21.21
N ALA CA 654 138.77 -61.84 -22.51
CA ALA CA 654 137.39 -61.71 -23.01
C ALA CA 654 136.53 -62.92 -22.65
N THR CA 655 137.05 -64.16 -22.80
CA THR CA 655 136.33 -65.37 -22.39
C THR CA 655 136.14 -65.44 -20.88
N ASN CA 656 137.10 -64.99 -20.07
CA ASN CA 656 136.91 -64.92 -18.62
C ASN CA 656 135.80 -63.93 -18.23
N GLN CA 657 135.71 -62.77 -18.90
CA GLN CA 657 134.60 -61.85 -18.70
C GLN CA 657 133.25 -62.44 -19.12
N GLN CA 658 133.20 -63.17 -20.24
CA GLN CA 658 132.01 -63.90 -20.68
C GLN CA 658 131.60 -64.99 -19.68
N LEU CA 659 132.56 -65.74 -19.11
CA LEU CA 659 132.30 -66.75 -18.08
C LEU CA 659 131.77 -66.12 -16.79
N GLN CA 660 132.28 -64.96 -16.39
CA GLN CA 660 131.73 -64.22 -15.23
C GLN CA 660 130.30 -63.73 -15.49
N GLN CA 661 130.00 -63.22 -16.69
CA GLN CA 661 128.65 -62.84 -17.07
C GLN CA 661 127.71 -64.06 -17.06
N LEU CA 662 128.14 -65.19 -17.63
CA LEU CA 662 127.37 -66.42 -17.65
C LEU CA 662 127.14 -66.96 -16.24
N GLY CA 663 128.16 -66.94 -15.37
CA GLY CA 663 128.05 -67.31 -13.96
C GLY CA 663 127.04 -66.45 -13.21
N ASN CA 664 127.01 -65.13 -13.48
CA ASN CA 664 126.01 -64.22 -12.92
C ASN CA 664 124.60 -64.53 -13.45
N SER CA 665 124.46 -64.83 -14.75
CA SER CA 665 123.18 -65.24 -15.35
C SER CA 665 122.67 -66.57 -14.78
N ILE CA 666 123.54 -67.57 -14.60
CA ILE CA 666 123.20 -68.85 -13.97
C ILE CA 666 122.73 -68.63 -12.54
N ASN CA 667 123.45 -67.82 -11.76
CA ASN CA 667 123.04 -67.49 -10.39
C ASN CA 667 121.69 -66.76 -10.35
N GLN CA 668 121.40 -65.89 -11.33
CA GLN CA 668 120.11 -65.23 -11.45
C GLN CA 668 118.98 -66.21 -11.79
N VAL CA 669 119.24 -67.18 -12.68
CA VAL CA 669 118.29 -68.26 -13.02
C VAL CA 669 118.03 -69.16 -11.81
N ASN CA 670 119.07 -69.60 -11.10
CA ASN CA 670 118.93 -70.42 -9.90
C ASN CA 670 118.11 -69.70 -8.81
N ARG CA 671 118.34 -68.40 -8.59
CA ARG CA 671 117.50 -67.62 -7.66
C ARG CA 671 116.04 -67.55 -8.10
N LYS CA 672 115.76 -67.41 -9.40
CA LYS CA 672 114.39 -67.44 -9.93
C LYS CA 672 113.73 -68.81 -9.78
N MET CA 673 114.46 -69.90 -10.04
CA MET CA 673 113.95 -71.26 -9.80
C MET CA 673 113.62 -71.49 -8.33
N SER CA 674 114.52 -71.18 -7.39
CA SER CA 674 114.22 -71.36 -5.96
C SER CA 674 113.07 -70.47 -5.48
N TYR CA 675 112.85 -69.30 -6.09
CA TYR CA 675 111.67 -68.49 -5.82
C TYR CA 675 110.39 -69.14 -6.37
N GLN CA 676 110.42 -69.71 -7.58
CA GLN CA 676 109.29 -70.45 -8.15
C GLN CA 676 108.98 -71.73 -7.37
N GLU CA 677 109.99 -72.50 -6.94
CA GLU CA 677 109.79 -73.68 -6.09
C GLU CA 677 109.10 -73.32 -4.77
N LYS CA 678 109.56 -72.26 -4.09
CA LYS CA 678 108.90 -71.77 -2.87
C LYS CA 678 107.47 -71.26 -3.10
N GLN CA 679 107.19 -70.69 -4.27
CA GLN CA 679 105.82 -70.29 -4.64
C GLN CA 679 104.94 -71.51 -4.96
N MET CA 680 105.48 -72.56 -5.59
CA MET CA 680 104.73 -73.80 -5.83
C MET CA 680 104.46 -74.58 -4.54
N GLU CA 681 105.37 -74.59 -3.57
CA GLU CA 681 105.10 -75.16 -2.25
C GLU CA 681 104.01 -74.38 -1.49
N LYS CA 682 103.98 -73.05 -1.59
CA LYS CA 682 102.91 -72.24 -1.00
C LYS CA 682 101.57 -72.32 -1.73
N GLY CA 683 101.55 -72.76 -3.00
CA GLY CA 683 100.31 -73.01 -3.74
C GLY CA 683 99.75 -74.43 -3.60
N LYS CA 684 100.45 -75.33 -2.90
CA LYS CA 684 100.00 -76.70 -2.59
C LYS CA 684 99.68 -76.92 -1.09
N SER CA 685 99.70 -75.85 -0.29
CA SER CA 685 99.02 -75.79 1.00
C SER CA 685 97.83 -74.85 0.89
N LYS DA 698 72.64 -106.71 84.30
CA LYS DA 698 73.76 -107.37 83.57
C LYS DA 698 74.09 -106.62 82.28
N VAL DA 699 73.09 -106.16 81.51
CA VAL DA 699 73.25 -105.39 80.25
C VAL DA 699 74.09 -104.12 80.38
N THR DA 700 73.97 -103.35 81.47
CA THR DA 700 74.70 -102.07 81.64
C THR DA 700 76.22 -102.23 81.66
N LYS DA 701 76.75 -103.19 82.43
CA LYS DA 701 78.20 -103.46 82.48
C LYS DA 701 78.78 -103.91 81.13
N GLU DA 702 78.02 -104.66 80.36
CA GLU DA 702 78.46 -105.15 79.05
C GLU DA 702 78.48 -104.02 78.03
N SER DA 703 77.42 -103.18 78.00
CA SER DA 703 77.39 -101.96 77.20
C SER DA 703 78.53 -101.00 77.55
N ASP DA 704 78.82 -100.79 78.84
CA ASP DA 704 79.95 -99.95 79.29
C ASP DA 704 81.30 -100.53 78.83
N SER DA 705 81.47 -101.86 78.89
CA SER DA 705 82.70 -102.53 78.42
C SER DA 705 82.88 -102.37 76.91
N ILE DA 706 81.82 -102.51 76.12
CA ILE DA 706 81.86 -102.33 74.66
C ILE DA 706 82.17 -100.88 74.32
N LEU DA 707 81.51 -99.92 74.98
CA LEU DA 707 81.76 -98.50 74.77
C LEU DA 707 83.20 -98.11 75.14
N ASN DA 708 83.76 -98.68 76.20
CA ASN DA 708 85.17 -98.47 76.57
C ASN DA 708 86.12 -99.06 75.52
N GLY DA 709 85.86 -100.28 75.03
CA GLY DA 709 86.68 -100.88 73.97
C GLY DA 709 86.66 -100.08 72.66
N ILE DA 710 85.48 -99.57 72.25
CA ILE DA 710 85.38 -98.69 71.09
C ILE DA 710 86.18 -97.39 71.29
N ARG DA 711 86.15 -96.80 72.50
CA ARG DA 711 86.91 -95.59 72.82
C ARG DA 711 88.42 -95.85 72.78
N GLU DA 712 88.88 -96.99 73.29
CA GLU DA 712 90.28 -97.41 73.23
C GLU DA 712 90.75 -97.60 71.78
N GLU DA 713 89.94 -98.23 70.93
CA GLU DA 713 90.26 -98.45 69.52
C GLU DA 713 90.29 -97.14 68.73
N ILE DA 714 89.35 -96.22 68.98
CA ILE DA 714 89.37 -94.88 68.38
C ILE DA 714 90.65 -94.14 68.79
N ALA DA 715 91.06 -94.23 70.06
CA ALA DA 715 92.29 -93.61 70.54
C ALA DA 715 93.54 -94.25 69.93
N HIS DA 716 93.56 -95.58 69.77
CA HIS DA 716 94.65 -96.31 69.11
C HIS DA 716 94.77 -95.93 67.62
N PHE DA 717 93.66 -95.93 66.89
CA PHE DA 717 93.63 -95.56 65.48
C PHE DA 717 94.05 -94.10 65.26
N GLN DA 718 93.62 -93.19 66.14
CA GLN DA 718 94.06 -91.80 66.09
C GLN DA 718 95.58 -91.68 66.26
N LYS DA 719 96.16 -92.44 67.18
CA LYS DA 719 97.61 -92.50 67.39
C LYS DA 719 98.34 -93.07 66.16
N GLU DA 720 97.83 -94.12 65.54
CA GLU DA 720 98.41 -94.69 64.31
C GLU DA 720 98.32 -93.73 63.12
N LEU DA 721 97.19 -93.02 62.98
CA LEU DA 721 97.04 -91.97 61.97
C LEU DA 721 98.03 -90.83 62.18
N ASP DA 722 98.23 -90.40 63.42
CA ASP DA 722 99.16 -89.32 63.72
C ASP DA 722 100.63 -89.75 63.53
N ASP DA 723 100.99 -91.01 63.83
CA ASP DA 723 102.29 -91.59 63.45
C ASP DA 723 102.48 -91.67 61.94
N LEU DA 724 101.45 -92.13 61.20
CA LEU DA 724 101.49 -92.18 59.74
C LEU DA 724 101.64 -90.79 59.13
N LYS DA 725 100.92 -89.79 59.64
CA LYS DA 725 101.07 -88.38 59.23
C LYS DA 725 102.47 -87.86 59.57
N ALA DA 726 103.01 -88.16 60.75
CA ALA DA 726 104.36 -87.76 61.14
C ALA DA 726 105.44 -88.41 60.24
N ARG DA 727 105.26 -89.68 59.88
CA ARG DA 727 106.17 -90.39 58.96
C ARG DA 727 106.05 -89.88 57.52
N THR DA 728 104.84 -89.62 57.03
CA THR DA 728 104.62 -89.15 55.66
C THR DA 728 104.91 -87.66 55.47
N SER DA 729 104.74 -86.81 56.49
CA SER DA 729 105.13 -85.40 56.45
C SER DA 729 106.63 -85.18 56.22
N ARG DA 730 107.66 -87.54 58.14
CA ARG DA 730 109.05 -87.04 58.14
C ARG DA 730 109.75 -87.22 56.78
N ALA DA 731 109.17 -87.99 55.87
CA ALA DA 731 109.76 -88.26 54.57
C ALA DA 731 109.54 -87.03 53.65
N CYS DA 732 110.43 -86.05 53.77
CA CYS DA 732 110.52 -84.95 52.81
C CYS DA 732 111.45 -85.37 51.67
N PHE DA 733 110.91 -85.69 50.51
CA PHE DA 733 111.68 -85.96 49.29
C PHE DA 733 111.88 -84.67 48.51
N GLN DA 734 112.69 -83.75 49.04
CA GLN DA 734 113.07 -82.55 48.29
C GLN DA 734 114.15 -82.93 47.27
N VAL DA 735 113.72 -83.28 46.06
CA VAL DA 735 114.62 -83.57 44.92
C VAL DA 735 115.11 -82.26 44.31
N GLY DA 736 116.03 -81.60 45.01
CA GLY DA 736 116.55 -80.28 44.62
C GLY DA 736 115.50 -79.15 44.65
N SER DA 737 115.98 -77.94 44.51
CA SER DA 737 115.18 -76.73 44.30
C SER DA 737 114.65 -76.64 42.87
N GLU DA 738 113.32 -77.40 42.11
CA GLU DA 738 112.90 -77.00 40.75
C GLU DA 738 113.80 -75.90 40.16
N GLU DA 739 114.49 -75.11 41.00
CA GLU DA 739 115.47 -74.13 40.56
C GLU DA 739 116.74 -74.82 40.04
N GLU DA 740 117.32 -75.75 40.80
CA GLU DA 740 118.51 -76.50 40.38
C GLU DA 740 118.26 -77.29 39.08
N LYS DA 741 117.07 -77.87 38.92
CA LYS DA 741 116.68 -78.55 37.67
C LYS DA 741 116.62 -77.59 36.48
N ARG DA 742 116.12 -76.37 36.68
CA ARG DA 742 116.07 -75.34 35.64
C ARG DA 742 117.47 -74.84 35.30
N GLN DA 743 118.29 -74.57 36.30
CA GLN DA 743 119.67 -74.14 36.11
C GLN DA 743 120.49 -75.19 35.36
N LEU DA 744 120.42 -76.46 35.76
CA LEU DA 744 121.11 -77.56 35.08
C LEU DA 744 120.68 -77.67 33.61
N ARG DA 745 119.41 -77.46 33.31
CA ARG DA 745 118.89 -77.47 31.94
C ARG DA 745 119.45 -76.31 31.13
N THR DA 746 119.41 -75.09 31.67
CA THR DA 746 119.98 -73.90 31.02
C THR DA 746 121.49 -74.03 30.78
N GLU DA 747 122.25 -74.54 31.75
CA GLU DA 747 123.69 -74.78 31.62
C GLU DA 747 123.99 -75.86 30.58
N SER DA 748 123.22 -76.95 30.57
CA SER DA 748 123.33 -78.00 29.56
C SER DA 748 123.04 -77.48 28.15
N ASP DA 749 122.00 -76.66 27.98
CA ASP DA 749 121.64 -76.07 26.70
C ASP DA 749 122.71 -75.06 26.24
N GLY DA 750 123.26 -74.27 27.17
CA GLY DA 750 124.37 -73.35 26.91
C GLY DA 750 125.66 -74.07 26.49
N LEU DA 751 126.03 -75.15 27.19
CA LEU DA 751 127.16 -76.00 26.81
C LEU DA 751 126.95 -76.64 25.43
N HIS DA 752 125.73 -77.09 25.14
CA HIS DA 752 125.41 -77.65 23.82
C HIS DA 752 125.59 -76.62 22.70
N SER DA 753 125.09 -75.39 22.88
CA SER DA 753 125.30 -74.29 21.93
C SER DA 753 126.79 -74.00 21.73
N PHE DA 754 127.56 -73.92 22.82
CA PHE DA 754 129.00 -73.69 22.76
C PHE DA 754 129.75 -74.81 22.02
N PHE DA 755 129.36 -76.07 22.21
CA PHE DA 755 129.94 -77.19 21.47
C PHE DA 755 129.63 -77.11 19.97
N LEU DA 756 128.43 -76.65 19.59
CA LEU DA 756 128.07 -76.44 18.18
C LEU DA 756 128.93 -75.32 17.55
N GLU DA 757 129.12 -74.21 18.26
CA GLU DA 757 129.99 -73.11 17.81
C GLU DA 757 131.45 -73.55 17.65
N ILE DA 758 132.00 -74.30 18.61
CA ILE DA 758 133.36 -74.86 18.50
C ILE DA 758 133.46 -75.80 17.30
N LYS DA 759 132.45 -76.64 17.09
CA LYS DA 759 132.43 -77.57 15.97
C LYS DA 759 132.43 -76.82 14.63
N GLU DA 760 131.55 -75.83 14.48
CA GLU DA 760 131.44 -75.01 13.27
C GLU DA 760 132.75 -74.27 12.98
N THR DA 761 133.32 -73.60 13.97
CA THR DA 761 134.60 -72.87 13.82
C THR DA 761 135.75 -73.81 13.48
N THR DA 762 135.82 -74.98 14.10
CA THR DA 762 136.84 -76.00 13.79
C THR DA 762 136.68 -76.56 12.38
N GLU DA 763 135.44 -76.81 11.93
CA GLU DA 763 135.16 -77.28 10.57
C GLU DA 763 135.53 -76.23 9.53
N SER DA 764 135.21 -74.95 9.78
CA SER DA 764 135.60 -73.82 8.93
C SER DA 764 137.13 -73.71 8.80
N LEU DA 765 137.84 -73.67 9.93
CA LEU DA 765 139.30 -73.61 9.96
C LEU DA 765 139.94 -74.82 9.25
N ARG DA 766 139.39 -76.02 9.40
CA ARG DA 766 139.86 -77.22 8.70
C ARG DA 766 139.74 -77.06 7.18
N GLY DA 767 138.66 -76.45 6.70
CA GLY DA 767 138.46 -76.09 5.31
C GLY DA 767 139.55 -75.15 4.80
N GLU DA 768 139.82 -74.07 5.54
CA GLU DA 768 140.86 -73.10 5.21
C GLU DA 768 142.26 -73.72 5.20
N PHE DA 769 142.62 -74.54 6.20
CA PHE DA 769 143.88 -75.25 6.23
C PHE DA 769 144.06 -76.19 5.03
N SER DA 770 142.97 -76.87 4.63
CA SER DA 770 142.99 -77.76 3.47
C SER DA 770 143.21 -76.99 2.17
N ALA DA 771 142.51 -75.86 1.98
CA ALA DA 771 142.68 -74.98 0.83
C ALA DA 771 144.09 -74.39 0.76
N MET DA 772 144.62 -73.92 1.90
CA MET DA 772 145.98 -73.39 1.98
C MET DA 772 147.03 -74.46 1.66
N LYS DA 773 146.84 -75.70 2.14
CA LYS DA 773 147.72 -76.82 1.82
C LYS DA 773 147.77 -77.10 0.32
N ILE DA 774 146.61 -77.13 -0.34
CA ILE DA 774 146.53 -77.32 -1.80
C ILE DA 774 147.28 -76.19 -2.51
N LYS DA 775 147.00 -74.93 -2.15
CA LYS DA 775 147.66 -73.76 -2.73
C LYS DA 775 149.18 -73.79 -2.57
N ASN DA 776 149.69 -74.24 -1.42
CA ASN DA 776 151.12 -74.38 -1.20
C ASN DA 776 151.74 -75.46 -2.10
N LEU DA 777 151.07 -76.61 -2.27
CA LEU DA 777 151.54 -77.67 -3.16
C LEU DA 777 151.53 -77.25 -4.63
N GLU DA 778 150.49 -76.57 -5.08
CA GLU DA 778 150.41 -75.99 -6.43
C GLU DA 778 151.50 -74.93 -6.65
N GLY DA 779 151.78 -74.12 -5.63
CA GLY DA 779 152.88 -73.16 -5.63
C GLY DA 779 154.25 -73.84 -5.78
N PHE DA 780 154.50 -74.92 -5.02
CA PHE DA 780 155.74 -75.69 -5.15
C PHE DA 780 155.87 -76.36 -6.52
N ALA DA 781 154.80 -76.98 -7.03
CA ALA DA 781 154.80 -77.58 -8.36
C ALA DA 781 155.07 -76.53 -9.45
N SER DA 782 154.50 -75.34 -9.33
CA SER DA 782 154.74 -74.23 -10.26
C SER DA 782 156.21 -73.77 -10.24
N ILE DA 783 156.81 -73.66 -9.04
CA ILE DA 783 158.23 -73.31 -8.89
C ILE DA 783 159.12 -74.40 -9.49
N GLU DA 784 158.82 -75.67 -9.23
CA GLU DA 784 159.57 -76.81 -9.76
C GLU DA 784 159.53 -76.86 -11.29
N ASP DA 785 158.35 -76.68 -11.91
CA ASP DA 785 158.20 -76.62 -13.37
C ASP DA 785 159.00 -75.46 -13.97
N VAL DA 786 158.97 -74.27 -13.36
CA VAL DA 786 159.78 -73.12 -13.79
C VAL DA 786 161.28 -73.42 -13.68
N GLN DA 787 161.72 -74.03 -12.58
CA GLN DA 787 163.11 -74.42 -12.38
C GLN DA 787 163.54 -75.48 -13.40
N GLN DA 788 162.72 -76.49 -13.67
CA GLN DA 788 162.99 -77.52 -14.66
C GLN DA 788 163.07 -76.93 -16.06
N ARG DA 789 162.14 -76.05 -16.44
CA ARG DA 789 162.20 -75.31 -17.71
C ARG DA 789 163.44 -74.44 -17.82
N ASN DA 790 163.86 -73.76 -16.74
CA ASN DA 790 165.07 -72.96 -16.74
C ASN DA 790 166.32 -73.82 -16.92
N LYS DA 791 166.41 -74.95 -16.20
CA LYS DA 791 167.50 -75.95 -16.37
C LYS DA 791 167.56 -76.46 -17.81
N LEU DA 792 166.42 -76.84 -18.39
CA LEU DA 792 166.35 -77.32 -19.78
C LEU DA 792 166.74 -76.22 -20.78
N LYS DA 793 166.30 -74.97 -20.58
CA LYS DA 793 166.70 -73.84 -21.44
C LYS DA 793 168.20 -73.56 -21.41
N GLN DA 794 168.89 -73.91 -20.34
CA GLN DA 794 170.35 -73.76 -20.22
C GLN DA 794 171.12 -74.98 -20.74
N ASP DA 795 170.47 -76.15 -20.87
CA ASP DA 795 171.10 -77.37 -21.36
C ASP DA 795 171.32 -77.30 -22.89
N LYS DA 810 150.85 -75.53 -26.25
CA LYS DA 810 150.34 -76.04 -24.97
C LYS DA 810 149.28 -75.10 -24.37
N SER DA 811 149.58 -73.81 -24.25
CA SER DA 811 148.63 -72.83 -23.72
C SER DA 811 147.45 -72.63 -24.66
N GLU DA 812 147.65 -72.77 -25.97
CA GLU DA 812 146.57 -72.71 -26.97
C GLU DA 812 145.59 -73.86 -26.79
N THR DA 813 146.09 -75.08 -26.60
CA THR DA 813 145.26 -76.25 -26.29
C THR DA 813 144.48 -76.05 -24.98
N GLN DA 814 145.14 -75.54 -23.94
CA GLN DA 814 144.47 -75.22 -22.67
C GLN DA 814 143.41 -74.13 -22.83
N MET DA 815 143.68 -73.10 -23.64
CA MET DA 815 142.74 -72.03 -23.94
C MET DA 815 141.52 -72.55 -24.72
N GLN DA 816 141.73 -73.45 -25.68
CA GLN DA 816 140.65 -74.12 -26.41
C GLN DA 816 139.78 -74.94 -25.45
N GLU DA 817 140.39 -75.65 -24.51
CA GLU DA 817 139.65 -76.40 -23.48
C GLU DA 817 138.85 -75.48 -22.55
N ILE DA 818 139.43 -74.36 -22.09
CA ILE DA 818 138.71 -73.34 -21.30
C ILE DA 818 137.52 -72.78 -22.09
N ARG DA 819 137.71 -72.47 -23.38
CA ARG DA 819 136.64 -71.97 -24.24
C ARG DA 819 135.52 -73.01 -24.41
N ARG DA 820 135.88 -74.28 -24.60
CA ARG DA 820 134.95 -75.40 -24.69
C ARG DA 820 134.13 -75.56 -23.40
N LEU DA 821 134.80 -75.55 -22.25
CA LEU DA 821 134.15 -75.65 -20.94
C LEU DA 821 133.21 -74.46 -20.67
N ASN DA 822 133.62 -73.23 -21.01
CA ASN DA 822 132.78 -72.06 -20.87
C ASN DA 822 131.52 -72.16 -21.75
N GLN DA 823 131.67 -72.57 -23.01
CA GLN DA 823 130.53 -72.80 -23.90
C GLN DA 823 129.59 -73.88 -23.35
N TYR DA 824 130.14 -74.97 -22.81
CA TYR DA 824 129.35 -76.00 -22.16
C TYR DA 824 128.54 -75.46 -20.98
N VAL DA 825 129.17 -74.68 -20.09
CA VAL DA 825 128.47 -74.06 -18.95
C VAL DA 825 127.37 -73.10 -19.42
N LYS DA 826 127.64 -72.26 -20.42
CA LYS DA 826 126.62 -71.35 -20.98
C LYS DA 826 125.41 -72.11 -21.53
N ASN DA 827 125.65 -73.16 -22.31
CA ASN DA 827 124.58 -73.95 -22.89
C ASN DA 827 123.77 -74.67 -21.80
N ALA DA 828 124.45 -75.28 -20.81
CA ALA DA 828 123.77 -75.94 -19.70
C ALA DA 828 122.91 -74.98 -18.86
N VAL DA 829 123.37 -73.75 -18.65
CA VAL DA 829 122.57 -72.71 -17.97
C VAL DA 829 121.37 -72.30 -18.80
N GLN DA 830 121.52 -72.16 -20.12
CA GLN DA 830 120.41 -71.85 -21.02
C GLN DA 830 119.38 -72.98 -21.05
N ASP DA 831 119.81 -74.24 -21.18
CA ASP DA 831 118.92 -75.39 -21.21
C ASP DA 831 118.08 -75.48 -19.92
N VAL DA 832 118.69 -75.22 -18.76
CA VAL DA 832 117.96 -75.16 -17.48
C VAL DA 832 117.00 -73.97 -17.45
N ASN DA 833 117.41 -72.81 -17.96
CA ASN DA 833 116.53 -71.64 -18.03
C ASN DA 833 115.31 -71.92 -18.93
N ASP DA 834 115.50 -72.56 -20.08
CA ASP DA 834 114.43 -72.90 -21.02
C ASP DA 834 113.43 -73.88 -20.39
N VAL DA 835 113.91 -74.85 -19.60
CA VAL DA 835 113.04 -75.77 -18.84
C VAL DA 835 112.24 -75.01 -17.77
N LEU DA 836 112.90 -74.10 -17.02
CA LEU DA 836 112.24 -73.30 -16.00
C LEU DA 836 111.17 -72.37 -16.61
N ASP DA 837 111.45 -71.78 -17.78
CA ASP DA 837 110.48 -70.95 -18.50
C ASP DA 837 109.24 -71.77 -18.91
N LEU DA 838 109.44 -73.00 -19.42
CA LEU DA 838 108.34 -73.90 -19.76
C LEU DA 838 107.50 -74.33 -18.55
N GLU DA 839 108.15 -74.67 -17.43
CA GLU DA 839 107.46 -75.00 -16.18
C GLU DA 839 106.67 -73.81 -15.63
N TRP DA 840 107.24 -72.60 -15.77
CA TRP DA 840 106.59 -71.36 -15.36
C TRP DA 840 105.34 -71.06 -16.18
N ASP DA 841 105.40 -71.22 -17.51
CA ASP DA 841 104.26 -71.05 -18.41
C ASP DA 841 103.13 -72.05 -18.09
N GLN DA 842 103.47 -73.32 -17.88
CA GLN DA 842 102.50 -74.35 -17.48
C GLN DA 842 101.82 -74.02 -16.14
N TYR DA 843 102.59 -73.58 -15.15
CA TYR DA 843 102.04 -73.15 -13.86
C TYR DA 843 101.07 -71.96 -14.00
N LEU DA 844 101.40 -70.99 -14.85
CA LEU DA 844 100.53 -69.85 -15.14
C LEU DA 844 99.23 -70.29 -15.81
N GLU DA 845 99.29 -71.22 -16.77
CA GLU DA 845 98.10 -71.79 -17.41
C GLU DA 845 97.19 -72.54 -16.42
N GLU DA 846 97.76 -73.40 -15.57
CA GLU DA 846 96.99 -74.13 -14.55
C GLU DA 846 96.33 -73.19 -13.54
N LYS DA 847 97.05 -72.13 -13.14
CA LYS DA 847 96.53 -71.12 -12.23
C LYS DA 847 95.38 -70.32 -12.85
N GLN DA 848 95.46 -70.02 -14.15
CA GLN DA 848 94.34 -69.40 -14.88
C GLN DA 848 93.14 -70.35 -14.98
N LYS DA 849 93.37 -71.63 -15.29
CA LYS DA 849 92.31 -72.66 -15.34
C LYS DA 849 91.58 -72.82 -13.98
N LYS DA 850 92.32 -72.79 -12.86
CA LYS DA 850 91.74 -72.88 -11.49
C LYS DA 850 90.97 -71.63 -11.07
N LYS DA 851 91.27 -70.45 -11.63
CA LYS DA 851 90.54 -69.20 -11.36
C LYS DA 851 89.33 -68.99 -12.29
N GLY DA 852 89.25 -69.73 -13.39
CA GLY DA 852 88.17 -69.65 -14.38
C GLY DA 852 86.99 -70.61 -14.13
N ILE DA 853 86.92 -71.26 -12.97
CA ILE DA 853 85.76 -71.99 -12.45
C ILE DA 853 85.22 -71.19 -11.26
N ASN EA 72 -236.21 136.45 203.84
CA ASN EA 72 -236.06 137.42 204.94
C ASN EA 72 -237.36 137.49 205.73
N TYR EA 73 -237.59 136.53 206.63
CA TYR EA 73 -238.68 136.58 207.61
C TYR EA 73 -238.20 137.21 208.92
N ASN EA 74 -239.13 137.70 209.73
CA ASN EA 74 -238.92 138.14 211.09
C ASN EA 74 -239.78 137.29 212.02
N VAL EA 75 -239.19 136.85 213.12
CA VAL EA 75 -239.90 136.11 214.17
C VAL EA 75 -240.21 137.10 215.28
N GLN EA 76 -241.49 137.26 215.60
CA GLN EA 76 -241.98 138.22 216.60
C GLN EA 76 -242.88 137.51 217.59
N LEU EA 77 -243.02 138.06 218.80
CA LEU EA 77 -244.01 137.58 219.77
C LEU EA 77 -245.42 137.85 219.23
N PHE EA 78 -246.32 136.89 219.37
CA PHE EA 78 -247.71 137.03 218.95
C PHE EA 78 -248.60 137.32 220.16
N GLY EA 79 -249.21 138.51 220.17
CA GLY EA 79 -250.16 138.94 221.21
C GLY EA 79 -249.52 139.23 222.58
N SER EA 80 -250.31 139.10 223.64
CA SER EA 80 -249.90 139.37 225.03
C SER EA 80 -249.19 138.18 225.69
N SER EA 81 -248.56 138.42 226.84
CA SER EA 81 -247.92 137.36 227.65
C SER EA 81 -248.87 136.21 227.95
N LEU EA 82 -248.38 134.98 227.88
CA LEU EA 82 -249.15 133.77 228.21
C LEU EA 82 -249.84 133.90 229.58
N PRO EA 83 -251.08 133.40 229.75
CA PRO EA 83 -251.73 133.36 231.05
C PRO EA 83 -250.87 132.65 232.10
N VAL EA 84 -250.93 133.11 233.35
CA VAL EA 84 -250.14 132.54 234.46
C VAL EA 84 -250.29 131.02 234.55
N LYS EA 85 -251.51 130.48 234.37
CA LYS EA 85 -251.76 129.04 234.34
C LYS EA 85 -250.99 128.28 233.28
N VAL EA 86 -250.85 128.87 232.08
CA VAL EA 86 -250.08 128.28 230.98
C VAL EA 86 -248.59 128.31 231.33
N MET EA 87 -248.09 129.43 231.88
CA MET EA 87 -246.71 129.52 232.35
C MET EA 87 -246.39 128.54 233.49
N GLU EA 88 -247.32 128.33 234.41
CA GLU EA 88 -247.21 127.33 235.48
C GLU EA 88 -247.19 125.90 234.93
N ALA EA 89 -248.06 125.58 233.97
CA ALA EA 89 -248.04 124.26 233.31
C ALA EA 89 -246.72 124.00 232.57
N LEU EA 90 -246.21 125.00 231.84
CA LEU EA 90 -244.94 124.89 231.12
C LEU EA 90 -243.71 124.77 232.04
N SER EA 91 -243.73 125.47 233.18
CA SER EA 91 -242.61 125.45 234.15
C SER EA 91 -242.60 124.20 235.02
N ASN EA 92 -243.77 123.62 235.31
CA ASN EA 92 -243.88 122.37 236.07
C ASN EA 92 -243.62 121.13 235.22
N ALA EA 93 -243.83 121.20 233.90
CA ALA EA 93 -243.63 120.07 233.02
C ALA EA 93 -242.14 119.74 232.84
N SER EA 94 -241.76 118.48 233.06
CA SER EA 94 -240.41 117.98 232.80
C SER EA 94 -240.05 118.00 231.30
N ALA EA 95 -238.77 118.09 230.95
CA ALA EA 95 -238.33 118.26 229.56
C ALA EA 95 -238.91 117.22 228.58
N ASP EA 96 -239.20 116.01 229.07
CA ASP EA 96 -239.71 114.89 228.28
C ASP EA 96 -241.24 114.68 228.41
N GLU EA 97 -241.96 115.57 229.11
CA GLU EA 97 -243.43 115.45 229.22
C GLU EA 97 -244.12 115.79 227.88
N PRO EA 98 -244.99 114.89 227.37
CA PRO EA 98 -245.75 115.14 226.15
C PRO EA 98 -246.76 116.25 226.39
N MET EA 99 -246.64 117.32 225.62
CA MET EA 99 -247.57 118.44 225.58
C MET EA 99 -248.01 118.64 224.13
N ALA EA 100 -249.31 118.90 223.94
CA ALA EA 100 -249.87 119.19 222.64
C ALA EA 100 -250.67 120.49 222.72
N ALA EA 101 -250.34 121.46 221.86
CA ALA EA 101 -251.05 122.73 221.77
C ALA EA 101 -251.72 122.87 220.40
N CYS EA 102 -252.83 123.57 220.34
CA CYS EA 102 -253.44 123.98 219.07
C CYS EA 102 -253.87 125.44 219.15
N ILE EA 103 -253.74 126.14 218.02
CA ILE EA 103 -254.13 127.52 217.85
C ILE EA 103 -255.24 127.58 216.79
N HIS EA 104 -256.43 127.96 217.22
CA HIS EA 104 -257.63 127.98 216.41
C HIS EA 104 -257.87 129.35 215.77
N GLU EA 105 -258.31 129.37 214.50
CA GLU EA 105 -258.47 130.58 213.68
C GLU EA 105 -259.32 131.68 214.33
N GLY EA 106 -260.32 131.26 215.13
CA GLY EA 106 -261.22 132.14 215.89
C GLY EA 106 -260.60 132.86 217.09
N GLY EA 107 -259.28 132.81 217.25
CA GLY EA 107 -258.56 133.48 218.33
C GLY EA 107 -258.69 132.77 219.67
N TRP EA 108 -258.61 131.45 219.66
CA TRP EA 108 -258.52 130.62 220.86
C TRP EA 108 -257.33 129.68 220.74
N ALA EA 109 -256.70 129.37 221.87
CA ALA EA 109 -255.64 128.38 221.93
C ALA EA 109 -255.87 127.47 223.13
N TRP EA 110 -255.45 126.22 223.00
CA TRP EA 110 -255.48 125.27 224.11
C TRP EA 110 -254.19 124.46 224.19
N LEU EA 111 -253.89 124.03 225.41
CA LEU EA 111 -252.74 123.22 225.77
C LEU EA 111 -253.24 122.01 226.57
N ALA EA 112 -253.03 120.82 226.03
CA ALA EA 112 -253.24 119.57 226.74
C ALA EA 112 -251.93 119.17 227.45
N CYS EA 113 -251.99 119.00 228.77
CA CYS EA 113 -250.88 118.55 229.61
C CYS EA 113 -251.41 117.61 230.69
N ASN EA 114 -250.92 116.37 230.71
CA ASN EA 114 -251.38 115.30 231.61
C ASN EA 114 -252.90 115.08 231.54
N ASP EA 115 -253.62 115.30 232.64
CA ASP EA 115 -255.06 115.13 232.79
C ASP EA 115 -255.84 116.44 232.64
N ARG EA 116 -255.21 117.49 232.11
CA ARG EA 116 -255.77 118.85 232.08
C ARG EA 116 -255.67 119.50 230.71
N LEU EA 117 -256.71 120.23 230.37
CA LEU EA 117 -256.77 121.09 229.19
C LEU EA 117 -256.86 122.54 229.64
N ILE EA 118 -255.85 123.34 229.32
CA ILE EA 118 -255.87 124.78 229.55
C ILE EA 118 -256.30 125.44 228.25
N ILE EA 119 -257.41 126.17 228.25
CA ILE EA 119 -257.90 126.92 227.09
C ILE EA 119 -257.89 128.42 227.39
N TRP EA 120 -257.43 129.23 226.44
CA TRP EA 120 -257.44 130.68 226.57
C TRP EA 120 -257.71 131.41 225.25
N LYS EA 121 -258.22 132.63 225.35
CA LYS EA 121 -258.42 133.50 224.19
C LYS EA 121 -257.11 134.19 223.81
N ILE EA 122 -256.83 134.26 222.51
CA ILE EA 122 -255.71 134.99 221.92
C ILE EA 122 -256.22 136.05 220.94
N SER EA 123 -255.48 137.15 220.82
CA SER EA 123 -255.73 138.21 219.84
C SER EA 123 -254.40 138.87 219.49
N HIS EA 124 -254.29 139.38 218.25
CA HIS EA 124 -253.13 140.18 217.87
C HIS EA 124 -253.05 141.49 218.67
N SER EA 125 -254.21 142.08 219.00
CA SER EA 125 -254.27 143.23 219.91
C SER EA 125 -253.91 142.82 221.34
N SER EA 126 -252.98 143.52 221.96
CA SER EA 126 -252.54 143.31 223.36
C SER EA 126 -253.54 143.82 224.40
N SER EA 127 -254.78 144.15 223.99
CA SER EA 127 -255.87 144.58 224.86
C SER EA 127 -256.35 143.45 225.79
N ALA EA 128 -255.83 143.40 227.02
CA ALA EA 128 -256.14 142.38 228.03
C ALA EA 128 -257.55 142.45 228.64
N LYS EA 129 -258.55 143.07 227.97
CA LYS EA 129 -259.85 143.31 228.60
C LYS EA 129 -260.73 142.08 228.81
N LEU EA 130 -260.35 140.89 228.31
CA LEU EA 130 -260.92 139.61 228.73
C LEU EA 130 -259.96 138.48 228.36
N MET EA 131 -258.86 138.30 229.11
CA MET EA 131 -258.12 137.03 229.05
C MET EA 131 -258.98 135.95 229.74
N VAL EA 132 -259.93 135.39 229.01
CA VAL EA 132 -260.63 134.18 229.42
C VAL EA 132 -259.60 133.05 229.35
N CYS EA 133 -259.18 132.55 230.50
CA CYS EA 133 -258.33 131.36 230.64
C CYS EA 133 -259.02 130.39 231.60
N LYS EA 134 -259.26 129.16 231.15
CA LYS EA 134 -259.99 128.12 231.87
C LYS EA 134 -259.23 126.81 231.83
N GLU EA 135 -259.34 126.06 232.92
CA GLU EA 135 -258.69 124.76 233.08
C GLU EA 135 -259.80 123.70 233.19
N LEU EA 136 -259.85 122.81 232.21
CA LEU EA 136 -260.89 121.81 232.07
C LEU EA 136 -260.30 120.42 232.37
N PRO EA 137 -260.99 119.59 233.14
CA PRO EA 137 -260.54 118.23 233.42
C PRO EA 137 -260.75 117.36 232.18
N LEU EA 138 -259.66 116.80 231.64
CA LEU EA 138 -259.75 115.86 230.53
C LEU EA 138 -260.24 114.49 231.02
N PRO EA 139 -260.96 113.71 230.19
CA PRO EA 139 -261.30 112.32 230.52
C PRO EA 139 -260.03 111.50 230.80
N LEU EA 140 -260.12 110.50 231.68
CA LEU EA 140 -258.96 109.67 232.00
C LEU EA 140 -258.63 108.79 230.79
N SER EA 141 -257.37 108.83 230.34
CA SER EA 141 -256.82 107.98 229.29
C SER EA 141 -255.43 107.51 229.73
N ASP EA 142 -255.08 106.29 229.35
CA ASP EA 142 -253.71 105.75 229.53
C ASP EA 142 -252.79 106.16 228.36
N SER EA 143 -253.36 106.73 227.30
CA SER EA 143 -252.68 107.14 226.08
C SER EA 143 -252.22 108.60 226.12
N GLU EA 144 -251.22 108.95 225.31
CA GLU EA 144 -250.78 110.34 225.17
C GLU EA 144 -251.85 111.20 224.50
N TRP EA 145 -251.99 112.44 224.96
CA TRP EA 145 -252.97 113.39 224.43
C TRP EA 145 -252.49 114.01 223.12
N SER EA 146 -253.33 113.96 222.08
CA SER EA 146 -253.19 114.76 220.87
C SER EA 146 -254.07 116.01 220.94
N ALA EA 147 -253.57 117.13 220.43
CA ALA EA 147 -254.36 118.36 220.31
C ALA EA 147 -255.50 118.21 219.28
N ASP EA 148 -255.38 117.26 218.34
CA ASP EA 148 -256.38 116.96 217.31
C ASP EA 148 -257.66 116.31 217.86
N LEU EA 149 -257.62 115.81 219.10
CA LEU EA 149 -258.78 115.25 219.79
C LEU EA 149 -259.57 116.28 220.59
N VAL EA 150 -259.30 117.56 220.36
CA VAL EA 150 -259.97 118.70 220.99
C VAL EA 150 -260.32 119.72 219.93
N ASP EA 151 -261.57 120.20 219.92
CA ASP EA 151 -261.96 121.33 219.08
C ASP EA 151 -263.09 122.15 219.73
N ILE EA 152 -263.32 123.36 219.20
CA ILE EA 152 -264.26 124.32 219.76
C ILE EA 152 -265.30 124.80 218.73
N CYS EA 153 -266.52 125.03 219.21
CA CYS EA 153 -267.55 125.72 218.45
C CYS EA 153 -267.72 127.13 219.04
N ALA EA 154 -267.27 128.16 218.32
CA ALA EA 154 -267.43 129.55 218.70
C ALA EA 154 -268.40 130.26 217.73
N GLN EA 155 -269.49 130.84 218.26
CA GLN EA 155 -270.39 131.65 217.44
C GLN EA 155 -269.69 132.95 217.04
N THR EA 156 -269.42 133.12 215.75
CA THR EA 156 -268.85 134.34 215.19
C THR EA 156 -269.89 135.47 215.19
N GLY EA 157 -269.62 136.60 215.85
CA GLY EA 157 -270.39 137.83 215.61
C GLY EA 157 -270.65 138.79 216.78
N ASP EA 158 -270.35 138.43 218.04
CA ASP EA 158 -270.67 139.31 219.18
C ASP EA 158 -269.53 139.39 220.22
N PRO EA 159 -269.07 140.58 220.65
CA PRO EA 159 -268.01 140.70 221.65
C PRO EA 159 -268.40 140.20 223.06
N ALA EA 160 -269.67 139.87 223.31
CA ALA EA 160 -270.11 139.16 224.52
C ALA EA 160 -269.92 137.61 224.47
N ALA EA 161 -269.33 137.08 223.39
CA ALA EA 161 -269.30 135.65 223.03
C ALA EA 161 -268.44 134.71 223.89
N ALA EA 162 -267.74 135.18 224.92
CA ALA EA 162 -267.09 134.23 225.85
C ALA EA 162 -268.12 133.29 226.53
N GLN EA 163 -269.38 133.72 226.64
CA GLN EA 163 -270.46 132.89 227.20
C GLN EA 163 -271.03 131.84 226.24
N SER EA 164 -270.58 131.76 224.99
CA SER EA 164 -271.15 130.87 223.97
C SER EA 164 -270.15 129.92 223.31
N VAL EA 165 -268.91 129.82 223.82
CA VAL EA 165 -267.92 128.86 223.29
C VAL EA 165 -268.14 127.49 223.91
N ALA EA 166 -268.49 126.52 223.06
CA ALA EA 166 -268.59 125.12 223.43
C ALA EA 166 -267.30 124.37 223.02
N LEU EA 167 -266.92 123.36 223.80
CA LEU EA 167 -265.70 122.58 223.58
C LEU EA 167 -266.00 121.09 223.67
N MET EA 168 -265.37 120.29 222.82
CA MET EA 168 -265.37 118.83 222.95
C MET EA 168 -263.94 118.32 223.00
N ALA EA 169 -263.66 117.42 223.94
CA ALA EA 169 -262.41 116.67 224.02
C ALA EA 169 -262.71 115.17 224.03
N ALA EA 170 -261.97 114.39 223.27
CA ALA EA 170 -262.11 112.93 223.21
C ALA EA 170 -260.78 112.24 223.56
N THR EA 171 -260.84 111.01 224.07
CA THR EA 171 -259.67 110.14 224.23
C THR EA 171 -259.52 109.24 223.00
N PRO EA 172 -258.32 108.68 222.75
CA PRO EA 172 -258.11 107.69 221.69
C PRO EA 172 -259.06 106.49 221.81
N GLU EA 173 -259.47 106.11 223.03
CA GLU EA 173 -260.37 104.98 223.28
C GLU EA 173 -261.85 105.32 223.01
N GLY EA 174 -262.20 106.57 222.73
CA GLY EA 174 -263.57 107.00 222.38
C GLY EA 174 -264.39 107.61 223.51
N SER EA 175 -263.80 107.86 224.67
CA SER EA 175 -264.47 108.63 225.73
C SER EA 175 -264.42 110.13 225.43
N SER EA 176 -265.55 110.81 225.39
CA SER EA 176 -265.62 112.25 225.10
C SER EA 176 -266.31 113.05 226.20
N ARG EA 177 -265.81 114.27 226.43
CA ARG EA 177 -266.41 115.30 227.29
C ARG EA 177 -266.77 116.52 226.45
N TYR EA 178 -268.01 116.95 226.58
CA TYR EA 178 -268.53 118.15 225.94
C TYR EA 178 -268.88 119.20 226.99
N TRP EA 179 -268.28 120.38 226.89
CA TRP EA 179 -268.65 121.56 227.66
C TRP EA 179 -269.52 122.47 226.80
N PRO EA 180 -270.82 122.65 227.13
CA PRO EA 180 -271.67 123.60 226.42
C PRO EA 180 -271.18 125.05 226.53
N ASN EA 181 -270.46 125.36 227.60
CA ASN EA 181 -269.82 126.64 227.83
C ASN EA 181 -268.54 126.43 228.65
N ILE EA 182 -267.39 126.81 228.09
CA ILE EA 182 -266.07 126.69 228.73
C ILE EA 182 -265.95 127.46 230.06
N LEU EA 183 -266.80 128.46 230.33
CA LEU EA 183 -266.80 129.20 231.60
C LEU EA 183 -267.29 128.34 232.78
N HIS EA 184 -268.02 127.25 232.51
CA HIS EA 184 -268.56 126.33 233.50
C HIS EA 184 -267.76 125.03 233.50
N GLU EA 185 -266.56 125.06 234.09
CA GLU EA 185 -265.58 123.95 234.09
C GLU EA 185 -266.17 122.61 234.61
N GLY EA 186 -267.10 122.68 235.56
CA GLY EA 186 -267.77 121.52 236.15
C GLY EA 186 -269.04 121.03 235.43
N THR EA 187 -269.49 121.72 234.38
CA THR EA 187 -270.73 121.38 233.66
C THR EA 187 -270.38 120.80 232.29
N TYR EA 188 -270.25 119.47 232.23
CA TYR EA 188 -269.97 118.75 230.99
C TYR EA 188 -270.89 117.55 230.80
N ILE EA 189 -271.03 117.12 229.54
CA ILE EA 189 -271.72 115.90 229.15
C ILE EA 189 -270.65 114.88 228.76
N GLU EA 190 -270.63 113.74 229.44
CA GLU EA 190 -269.80 112.60 229.06
C GLU EA 190 -270.55 111.72 228.06
N SER EA 191 -269.84 111.25 227.04
CA SER EA 191 -270.33 110.23 226.12
C SER EA 191 -269.21 109.29 225.71
N TYR EA 192 -269.57 108.12 225.20
CA TYR EA 192 -268.62 107.13 224.71
C TYR EA 192 -269.03 106.71 223.31
N THR EA 193 -268.08 106.70 222.39
CA THR EA 193 -268.29 106.31 221.00
C THR EA 193 -267.38 105.14 220.67
N GLU EA 194 -267.97 104.01 220.27
CA GLU EA 194 -267.25 102.79 219.99
C GLU EA 194 -266.91 102.67 218.50
N PHE EA 195 -265.60 102.67 218.18
CA PHE EA 195 -265.07 102.40 216.84
C PHE EA 195 -264.49 100.97 216.70
N GLY EA 196 -264.89 100.07 217.59
CA GLY EA 196 -264.43 98.68 217.62
C GLY EA 196 -262.93 98.58 217.92
N SER EA 197 -262.13 98.26 216.89
CA SER EA 197 -260.66 98.09 217.02
C SER EA 197 -259.85 99.33 216.65
N SER EA 198 -260.50 100.39 216.16
CA SER EA 198 -259.84 101.63 215.77
C SER EA 198 -259.83 102.62 216.93
N LEU EA 199 -258.74 103.39 217.05
CA LEU EA 199 -258.69 104.53 217.96
C LEU EA 199 -259.30 105.77 217.30
N CYS EA 200 -259.72 106.73 218.12
CA CYS EA 200 -260.10 108.06 217.70
C CYS EA 200 -258.86 108.85 217.30
N ALA EA 201 -258.93 109.53 216.16
CA ALA EA 201 -257.83 110.32 215.60
C ALA EA 201 -258.12 111.82 215.65
N PHE EA 202 -259.33 112.26 215.29
CA PHE EA 202 -259.68 113.67 215.18
C PHE EA 202 -261.06 113.99 215.78
N VAL EA 203 -261.17 115.16 216.38
CA VAL EA 203 -262.42 115.84 216.71
C VAL EA 203 -262.49 117.12 215.89
N THR EA 204 -263.58 117.33 215.16
CA THR EA 204 -263.78 118.55 214.37
C THR EA 204 -265.12 119.16 214.66
N ALA EA 205 -265.15 120.43 215.07
CA ALA EA 205 -266.36 121.21 215.23
C ALA EA 205 -266.95 121.53 213.85
N VAL EA 206 -268.23 121.22 213.68
CA VAL EA 206 -268.97 121.48 212.45
C VAL EA 206 -270.24 122.28 212.75
N LYS EA 207 -270.95 122.67 211.70
CA LYS EA 207 -272.19 123.47 211.82
C LYS EA 207 -273.23 122.83 212.74
N GLY EA 208 -274.03 123.69 213.39
CA GLY EA 208 -275.13 123.29 214.28
C GLY EA 208 -274.71 122.88 215.69
N ASN EA 209 -273.60 123.44 216.21
CA ASN EA 209 -273.02 123.08 217.52
C ASN EA 209 -272.76 121.56 217.65
N SER EA 210 -272.34 120.92 216.56
CA SER EA 210 -272.05 119.48 216.53
C SER EA 210 -270.58 119.23 216.23
N PHE EA 211 -270.11 118.03 216.54
CA PHE EA 211 -268.73 117.62 216.35
C PHE EA 211 -268.67 116.33 215.56
N ILE EA 212 -267.69 116.17 214.68
CA ILE EA 212 -267.39 114.88 214.05
C ILE EA 212 -266.21 114.27 214.78
N LEU EA 213 -266.44 113.09 215.36
CA LEU EA 213 -265.40 112.23 215.90
C LEU EA 213 -264.99 111.24 214.80
N SER EA 214 -263.72 111.28 214.44
CA SER EA 214 -263.14 110.48 213.34
C SER EA 214 -262.14 109.48 213.90
N SER EA 215 -262.20 108.24 213.42
CA SER EA 215 -261.26 107.18 213.79
C SER EA 215 -260.09 107.06 212.81
N GLU EA 216 -259.00 106.43 213.24
CA GLU EA 216 -257.84 106.11 212.39
C GLU EA 216 -258.21 105.28 211.15
N LYS EA 217 -259.26 104.45 211.22
CA LYS EA 217 -259.81 103.69 210.08
C LYS EA 217 -260.87 104.46 209.29
N ASN EA 218 -260.82 105.80 209.33
CA ASN EA 218 -261.73 106.71 208.66
C ASN EA 218 -263.22 106.53 209.00
N GLN EA 219 -263.60 105.87 210.09
CA GLN EA 219 -265.01 105.83 210.54
C GLN EA 219 -265.39 107.17 211.18
N LEU EA 220 -266.54 107.73 210.79
CA LEU EA 220 -266.97 109.07 211.19
C LEU EA 220 -268.30 109.03 211.95
N VAL EA 221 -268.35 109.67 213.13
CA VAL EA 221 -269.57 109.81 213.94
C VAL EA 221 -269.81 111.27 214.27
N ARG EA 222 -270.96 111.81 213.85
CA ARG EA 222 -271.43 113.13 214.26
C ARG EA 222 -272.06 113.03 215.64
N LEU EA 223 -271.56 113.85 216.55
CA LEU EA 223 -271.99 114.02 217.93
C LEU EA 223 -272.71 115.35 218.06
N THR EA 224 -274.01 115.30 218.35
CA THR EA 224 -274.86 116.48 218.51
C THR EA 224 -275.39 116.56 219.95
N PRO EA 225 -275.07 117.62 220.71
CA PRO EA 225 -275.59 117.81 222.05
C PRO EA 225 -277.09 118.17 222.03
N ASP EA 226 -277.89 117.45 222.80
CA ASP EA 226 -279.29 117.76 223.03
C ASP EA 226 -279.48 118.74 224.18
N ALA EA 227 -280.54 119.56 224.12
CA ALA EA 227 -280.96 120.44 225.21
C ALA EA 227 -281.28 119.69 226.53
N SER EA 228 -281.45 118.36 226.48
CA SER EA 228 -281.66 117.50 227.64
C SER EA 228 -280.38 117.09 228.38
N GLY EA 229 -279.20 117.46 227.87
CA GLY EA 229 -277.91 117.05 228.42
C GLY EA 229 -277.45 115.66 227.96
N LYS EA 230 -277.93 115.18 226.80
CA LYS EA 230 -277.49 113.93 226.16
C LYS EA 230 -276.74 114.21 224.87
N MET EA 231 -275.81 113.32 224.49
CA MET EA 231 -275.14 113.37 223.20
C MET EA 231 -275.80 112.38 222.23
N ASN EA 232 -276.37 112.90 221.13
CA ASN EA 232 -276.85 112.09 220.03
C ASN EA 232 -275.69 111.73 219.10
N GLN EA 233 -275.59 110.44 218.76
CA GLN EA 233 -274.55 109.92 217.89
C GLN EA 233 -275.17 109.48 216.56
N ARG EA 234 -274.62 109.97 215.45
CA ARG EA 234 -275.01 109.60 214.09
C ARG EA 234 -273.79 109.22 213.28
N VAL EA 235 -273.71 107.96 212.85
CA VAL EA 235 -272.65 107.49 211.96
C VAL EA 235 -272.86 108.13 210.58
N LEU EA 236 -271.83 108.78 210.03
CA LEU EA 236 -271.94 109.34 208.68
C LEU EA 236 -271.96 108.20 207.66
N PRO EA 237 -272.80 108.28 206.61
CA PRO EA 237 -272.80 107.29 205.55
C PRO EA 237 -271.46 107.31 204.81
N GLN EA 238 -270.87 106.14 204.69
CA GLN EA 238 -269.72 105.86 203.82
C GLN EA 238 -270.22 104.98 202.68
N GLY EA 239 -269.95 105.40 201.45
CA GLY EA 239 -270.53 104.89 200.21
C GLY EA 239 -270.98 103.42 200.22
N GLN EA 240 -272.29 103.22 200.03
CA GLN EA 240 -272.82 102.04 199.34
C GLN EA 240 -273.46 102.49 198.01
N GLY EA 241 -273.29 101.64 197.01
CA GLY EA 241 -273.51 101.87 195.59
C GLY EA 241 -274.74 102.69 195.20
N MET EA 242 -274.51 103.48 194.16
CA MET EA 242 -275.46 104.16 193.28
C MET EA 242 -276.69 103.29 192.98
N LEU EA 243 -277.72 103.31 193.85
CA LEU EA 243 -279.13 102.96 193.62
C LEU EA 243 -279.91 103.12 194.95
N SER EA 244 -279.89 104.32 195.55
CA SER EA 244 -280.77 104.66 196.69
C SER EA 244 -281.62 105.89 196.36
N GLY EA 245 -282.12 105.92 195.13
CA GLY EA 245 -283.24 106.73 194.70
C GLY EA 245 -284.40 105.81 194.35
N ILE EA 246 -285.56 106.03 195.00
CA ILE EA 246 -286.86 105.38 194.77
C ILE EA 246 -287.10 104.06 195.55
N GLY EA 247 -287.72 104.23 196.73
CA GLY EA 247 -288.97 103.54 197.03
C GLY EA 247 -288.94 102.08 197.52
N ARG EA 248 -289.73 101.87 198.59
CA ARG EA 248 -290.20 100.61 199.21
C ARG EA 248 -289.28 99.92 200.22
N ARG EA 249 -289.71 100.09 201.47
CA ARG EA 249 -289.73 99.08 202.53
C ARG EA 249 -289.90 97.66 201.96
N VAL EA 250 -288.84 96.88 201.89
CA VAL EA 250 -288.91 95.41 202.02
C VAL EA 250 -287.59 94.92 202.61
N SER EA 251 -287.73 94.30 203.78
CA SER EA 251 -286.76 93.45 204.47
C SER EA 251 -286.18 92.34 203.58
N THR EA 252 -284.87 92.12 203.64
CA THR EA 252 -284.15 90.84 203.33
C THR EA 252 -282.68 91.05 203.75
N LEU EA 253 -282.18 90.49 204.86
CA LEU EA 253 -281.70 89.10 205.02
C LEU EA 253 -280.96 88.60 203.77
N PHE EA 254 -279.66 88.33 203.95
CA PHE EA 254 -278.66 87.72 203.06
C PHE EA 254 -277.89 88.63 202.09
N GLY EA 255 -276.57 88.67 202.31
CA GLY EA 255 -275.63 88.49 201.21
C GLY EA 255 -274.54 89.55 201.05
N ILE EA 256 -273.41 89.32 201.74
CA ILE EA 256 -272.05 89.73 201.34
C ILE EA 256 -271.83 91.25 201.28
N LEU EA 257 -271.60 91.85 202.45
CA LEU EA 257 -270.83 93.08 202.56
C LEU EA 257 -269.45 92.80 201.95
N SER EA 258 -269.12 93.42 200.81
CA SER EA 258 -267.72 93.57 200.43
C SER EA 258 -266.99 94.19 201.63
N PRO EA 259 -265.89 93.61 202.13
CA PRO EA 259 -265.15 94.25 203.21
C PRO EA 259 -264.78 95.65 202.75
N ALA EA 260 -265.13 96.66 203.56
CA ALA EA 260 -264.67 98.02 203.35
C ALA EA 260 -263.14 97.97 203.26
N VAL EA 261 -262.58 98.57 202.21
CA VAL EA 261 -261.13 98.76 202.11
C VAL EA 261 -260.72 99.51 203.36
N GLU EA 262 -259.88 98.91 204.22
CA GLU EA 262 -259.35 99.58 205.39
C GLU EA 262 -258.39 100.67 204.89
N SER EA 263 -258.87 101.90 204.79
CA SER EA 263 -258.04 103.08 204.54
C SER EA 263 -257.70 103.76 205.85
N THR EA 264 -256.45 104.19 205.99
CA THR EA 264 -256.01 104.96 207.16
C THR EA 264 -256.30 106.43 206.96
N LEU EA 265 -256.96 107.06 207.92
CA LEU EA 265 -257.23 108.49 207.93
C LEU EA 265 -255.94 109.25 208.23
N CYS EA 266 -255.58 110.17 207.36
CA CYS EA 266 -254.39 111.02 207.49
C CYS EA 266 -254.72 112.41 208.05
N SER EA 267 -255.82 113.04 207.60
CA SER EA 267 -256.21 114.38 208.03
C SER EA 267 -257.70 114.62 207.77
N VAL EA 268 -258.28 115.59 208.47
CA VAL EA 268 -259.65 116.09 208.24
C VAL EA 268 -259.63 117.61 208.03
N LEU EA 269 -260.64 118.14 207.35
CA LEU EA 269 -260.80 119.58 207.13
C LEU EA 269 -262.29 119.95 207.10
N TRP EA 270 -262.66 121.01 207.80
CA TRP EA 270 -263.99 121.63 207.73
C TRP EA 270 -263.90 122.99 207.00
N ASP EA 271 -264.62 123.14 205.89
CA ASP EA 271 -264.70 124.37 205.11
C ASP EA 271 -265.91 125.23 205.54
N LYS EA 272 -265.75 126.55 205.49
CA LYS EA 272 -266.81 127.56 205.72
C LYS EA 272 -267.97 127.46 204.70
N GLY EA 273 -267.78 126.70 203.61
CA GLY EA 273 -268.81 126.31 202.65
C GLY EA 273 -269.70 125.13 203.08
N ASP EA 274 -269.73 124.77 204.38
CA ASP EA 274 -270.51 123.66 204.95
C ASP EA 274 -270.10 122.25 204.47
N CYS EA 275 -268.84 122.12 204.04
CA CYS EA 275 -268.27 120.88 203.51
C CYS EA 275 -267.23 120.29 204.48
N PHE EA 276 -267.31 118.99 204.74
CA PHE EA 276 -266.32 118.23 205.51
C PHE EA 276 -265.51 117.34 204.59
N TYR EA 277 -264.18 117.38 204.71
CA TYR EA 277 -263.26 116.58 203.92
C TYR EA 277 -262.47 115.63 204.80
N THR EA 278 -262.22 114.42 204.30
CA THR EA 278 -261.25 113.49 204.89
C THR EA 278 -260.19 113.15 203.86
N LEU EA 279 -258.93 113.24 204.25
CA LEU EA 279 -257.79 112.73 203.51
C LEU EA 279 -257.39 111.39 204.10
N THR EA 280 -257.46 110.33 203.31
CA THR EA 280 -256.94 109.01 203.68
C THR EA 280 -255.61 108.75 202.98
N ASP EA 281 -255.04 107.56 203.15
CA ASP EA 281 -253.87 107.11 202.40
C ASP EA 281 -254.11 106.94 200.89
N SER EA 282 -255.38 106.89 200.46
CA SER EA 282 -255.77 106.48 199.12
C SER EA 282 -256.81 107.37 198.46
N SER EA 283 -257.69 108.02 199.23
CA SER EA 283 -258.76 108.86 198.71
C SER EA 283 -258.99 110.15 199.51
N ILE EA 284 -259.58 111.14 198.84
CA ILE EA 284 -260.21 112.30 199.45
C ILE EA 284 -261.73 112.12 199.35
N ASN EA 285 -262.41 112.22 200.49
CA ASN EA 285 -263.87 112.17 200.54
C ASN EA 285 -264.42 113.53 200.96
N LYS EA 286 -265.57 113.92 200.41
CA LYS EA 286 -266.30 115.14 200.75
C LYS EA 286 -267.72 114.80 201.20
N TRP EA 287 -268.14 115.40 202.31
CA TRP EA 287 -269.52 115.37 202.79
C TRP EA 287 -270.07 116.78 202.85
N ASP EA 288 -271.26 116.97 202.31
CA ASP EA 288 -272.06 118.16 202.56
C ASP EA 288 -272.84 117.93 203.86
N LEU EA 289 -272.68 118.84 204.81
CA LEU EA 289 -273.27 118.75 206.15
C LEU EA 289 -274.24 119.90 206.38
N ASP EA 290 -275.53 119.57 206.39
CA ASP EA 290 -276.57 120.47 206.85
C ASP EA 290 -276.79 120.34 208.36
N ASP EA 291 -277.67 121.17 208.92
CA ASP EA 291 -278.08 121.09 210.34
C ASP EA 291 -278.73 119.74 210.70
N THR EA 292 -279.26 119.00 209.73
CA THR EA 292 -280.07 117.78 209.97
C THR EA 292 -279.67 116.55 209.18
N SER EA 293 -278.88 116.71 208.12
CA SER EA 293 -278.50 115.64 207.18
C SER EA 293 -277.03 115.71 206.80
N GLU EA 294 -276.49 114.53 206.51
CA GLU EA 294 -275.12 114.32 206.07
C GLU EA 294 -275.15 113.48 204.78
N SER EA 295 -274.62 114.03 203.69
CA SER EA 295 -274.50 113.31 202.42
C SER EA 295 -273.07 113.31 201.91
N GLN EA 296 -272.54 112.13 201.60
CA GLN EA 296 -271.27 112.03 200.89
C GLN EA 296 -271.46 112.45 199.43
N VAL EA 297 -270.76 113.50 199.01
CA VAL EA 297 -270.86 114.09 197.66
C VAL EA 297 -269.72 113.63 196.76
N LEU EA 298 -268.53 113.41 197.32
CA LEU EA 298 -267.34 113.00 196.58
C LEU EA 298 -266.58 111.87 197.29
N ASN EA 299 -266.04 110.95 196.50
CA ASN EA 299 -264.96 110.04 196.89
C ASN EA 299 -263.98 109.99 195.70
N TRP EA 300 -262.86 110.67 195.82
CA TRP EA 300 -261.84 110.78 194.79
C TRP EA 300 -260.64 109.90 195.14
N ASP EA 301 -260.43 108.84 194.36
CA ASP EA 301 -259.25 107.98 194.45
C ASP EA 301 -258.03 108.73 193.91
N MET EA 302 -257.24 109.25 194.84
CA MET EA 302 -256.06 110.07 194.56
C MET EA 302 -254.78 109.22 194.45
N SER EA 303 -254.82 107.97 194.94
CA SER EA 303 -253.63 107.13 195.14
C SER EA 303 -252.79 106.94 193.88
N ARG EA 304 -253.45 106.82 192.72
CA ARG EA 304 -252.78 106.68 191.42
C ARG EA 304 -252.36 108.03 190.84
N VAL EA 305 -253.26 109.01 190.86
CA VAL EA 305 -253.06 110.32 190.23
C VAL EA 305 -251.94 111.08 190.96
N LEU EA 306 -252.07 111.29 192.26
CA LEU EA 306 -251.08 112.07 193.02
C LEU EA 306 -249.72 111.39 193.05
N ARG EA 307 -249.67 110.05 193.09
CA ARG EA 307 -248.41 109.32 193.03
C ARG EA 307 -247.63 109.64 191.77
N GLU EA 308 -248.30 109.69 190.60
CA GLU EA 308 -247.66 110.03 189.33
C GLU EA 308 -247.17 111.49 189.30
N TYR EA 309 -248.00 112.45 189.69
CA TYR EA 309 -247.62 113.87 189.70
C TYR EA 309 -246.47 114.17 190.68
N ILE EA 310 -246.50 113.60 191.89
CA ILE EA 310 -245.44 113.79 192.88
C ILE EA 310 -244.14 113.13 192.42
N SER EA 311 -244.21 111.91 191.87
CA SER EA 311 -243.02 111.21 191.38
C SER EA 311 -242.39 111.93 190.19
N ASP EA 312 -243.21 112.42 189.24
CA ASP EA 312 -242.76 113.20 188.09
C ASP EA 312 -242.12 114.52 188.53
N ALA EA 313 -242.67 115.21 189.55
CA ALA EA 313 -242.15 116.49 190.02
C ALA EA 313 -240.78 116.40 190.71
N ILE EA 314 -240.51 115.31 191.44
CA ILE EA 314 -239.25 115.14 192.18
C ILE EA 314 -238.20 114.43 191.31
N TRP EA 315 -238.54 113.29 190.71
CA TRP EA 315 -237.60 112.40 190.01
C TRP EA 315 -237.83 112.33 188.50
N GLY EA 316 -238.83 113.01 187.92
CA GLY EA 316 -239.16 112.89 186.49
C GLY EA 316 -238.08 113.39 185.52
N SER EA 317 -237.04 114.07 186.03
CA SER EA 317 -235.86 114.47 185.25
C SER EA 317 -234.69 113.48 185.33
N GLU EA 318 -234.77 112.46 186.19
CA GLU EA 318 -233.74 111.44 186.35
C GLU EA 318 -233.76 110.43 185.19
N SER EA 319 -232.58 110.00 184.75
CA SER EA 319 -232.45 109.11 183.58
C SER EA 319 -233.02 107.71 183.77
N ASP EA 320 -233.10 107.27 185.02
CA ASP EA 320 -233.55 105.96 185.51
C ASP EA 320 -234.92 106.06 186.22
N TYR EA 321 -235.70 107.10 185.91
CA TYR EA 321 -237.00 107.36 186.52
C TYR EA 321 -237.96 106.16 186.48
N ASP EA 322 -238.03 105.43 185.35
CA ASP EA 322 -238.89 104.24 185.22
C ASP EA 322 -238.52 103.13 186.22
N ASP EA 323 -237.24 102.99 186.56
CA ASP EA 323 -236.75 102.02 187.55
C ASP EA 323 -237.01 102.51 188.99
N ILE EA 324 -236.79 103.81 189.24
CA ILE EA 324 -237.02 104.45 190.56
C ILE EA 324 -238.51 104.43 190.92
N LYS EA 325 -239.40 104.64 189.94
CA LYS EA 325 -240.86 104.82 190.12
C LYS EA 325 -241.51 103.70 190.93
N ALA EA 326 -241.02 102.46 190.83
CA ALA EA 326 -241.55 101.33 191.58
C ALA EA 326 -241.18 101.33 193.08
N GLY EA 327 -240.10 102.00 193.47
CA GLY EA 327 -239.58 102.06 194.84
C GLY EA 327 -240.00 103.32 195.62
N ILE EA 328 -240.68 104.27 194.98
CA ILE EA 328 -241.08 105.54 195.61
C ILE EA 328 -242.17 105.28 196.66
N ASN EA 329 -241.97 105.82 197.85
CA ASN EA 329 -242.96 105.82 198.92
C ASN EA 329 -243.49 107.24 199.11
N ILE EA 330 -244.79 107.36 199.33
CA ILE EA 330 -245.48 108.64 199.53
C ILE EA 330 -246.44 108.48 200.69
N ASN EA 331 -246.33 109.39 201.65
CA ASN EA 331 -247.30 109.55 202.73
C ASN EA 331 -247.97 110.91 202.62
N TYR EA 332 -249.27 110.95 202.86
CA TYR EA 332 -250.03 112.19 202.99
C TYR EA 332 -250.14 112.55 204.47
N LEU EA 333 -249.86 113.80 204.82
CA LEU EA 333 -249.66 114.22 206.21
C LEU EA 333 -250.73 115.20 206.70
N SER EA 334 -251.16 116.14 205.87
CA SER EA 334 -252.10 117.20 206.28
C SER EA 334 -252.94 117.67 205.10
N LEU EA 335 -254.20 118.03 205.38
CA LEU EA 335 -255.14 118.65 204.44
C LEU EA 335 -255.48 120.06 204.92
N ASN EA 336 -255.37 121.06 204.06
CA ASN EA 336 -255.76 122.46 204.30
C ASN EA 336 -256.40 123.03 203.02
N GLN EA 337 -256.77 124.32 203.04
CA GLN EA 337 -257.40 124.99 201.90
C GLN EA 337 -256.98 126.45 201.81
N ASN EA 338 -256.87 126.95 200.58
CA ASN EA 338 -256.68 128.37 200.27
C ASN EA 338 -257.53 128.78 199.06
N CYS EA 339 -257.32 129.99 198.54
CA CYS EA 339 -258.06 130.53 197.41
C CYS EA 339 -257.86 129.77 196.09
N ASP EA 340 -256.80 128.96 195.98
CA ASP EA 340 -256.49 128.19 194.78
C ASP EA 340 -257.10 126.77 194.83
N GLY EA 341 -257.30 126.21 196.02
CA GLY EA 341 -257.96 124.92 196.21
C GLY EA 341 -257.63 124.24 197.54
N LEU EA 342 -257.81 122.91 197.57
CA LEU EA 342 -257.36 122.04 198.66
C LEU EA 342 -255.84 121.84 198.55
N VAL EA 343 -255.14 122.08 199.65
CA VAL EA 343 -253.68 121.97 199.75
C VAL EA 343 -253.35 120.73 200.58
N ILE EA 344 -252.64 119.78 199.97
CA ILE EA 344 -252.22 118.52 200.58
C ILE EA 344 -250.72 118.59 200.83
N LEU EA 345 -250.30 118.37 202.07
CA LEU EA 345 -248.90 118.13 202.39
C LEU EA 345 -248.61 116.65 202.23
N SER EA 346 -247.65 116.32 201.36
CA SER EA 346 -247.11 114.95 201.24
C SER EA 346 -245.62 114.90 201.48
N ALA EA 347 -245.16 113.75 201.98
CA ALA EA 347 -243.77 113.40 202.16
C ALA EA 347 -243.45 112.22 201.24
N ALA EA 348 -242.54 112.44 200.29
CA ALA EA 348 -242.08 111.42 199.36
C ALA EA 348 -240.62 111.07 199.63
N TRP EA 349 -240.26 109.79 199.58
CA TRP EA 349 -238.87 109.35 199.69
C TRP EA 349 -238.64 108.08 198.87
N HIS EA 350 -237.42 107.92 198.40
CA HIS EA 350 -236.96 106.72 197.71
C HIS EA 350 -235.83 106.07 198.52
N PRO EA 351 -235.97 104.79 198.97
CA PRO EA 351 -234.96 104.11 199.77
C PRO EA 351 -233.60 103.93 199.08
N GLY EA 352 -233.57 104.01 197.75
CA GLY EA 352 -232.33 103.93 196.95
C GLY EA 352 -231.52 105.22 196.92
N ASP EA 353 -232.09 106.35 197.35
CA ASP EA 353 -231.40 107.64 197.35
C ASP EA 353 -230.28 107.64 198.40
N ASN EA 354 -229.12 108.24 198.07
CA ASN EA 354 -227.96 108.28 198.96
C ASN EA 354 -227.39 109.71 199.11
N PRO EA 355 -227.62 110.39 200.25
CA PRO EA 355 -228.43 109.95 201.38
C PRO EA 355 -229.93 109.91 201.05
N CYS EA 356 -230.68 109.01 201.70
CA CYS EA 356 -232.13 108.97 201.56
C CYS EA 356 -232.73 110.24 202.18
N GLN EA 357 -233.41 111.05 201.37
CA GLN EA 357 -234.03 112.30 201.79
C GLN EA 357 -235.55 112.19 201.73
N ILE EA 358 -236.22 112.96 202.60
CA ILE EA 358 -237.66 113.17 202.51
C ILE EA 358 -237.89 114.46 201.74
N TYR EA 359 -238.64 114.38 200.65
CA TYR EA 359 -239.07 115.52 199.87
C TYR EA 359 -240.49 115.90 200.29
N TYR EA 360 -240.65 117.05 200.95
CA TYR EA 360 -241.97 117.59 201.24
C TYR EA 360 -242.52 118.34 200.04
N THR EA 361 -243.74 118.00 199.65
CA THR EA 361 -244.42 118.61 198.51
C THR EA 361 -245.78 119.16 198.92
N LEU EA 362 -246.12 120.33 198.39
CA LEU EA 362 -247.43 120.92 198.51
C LEU EA 362 -248.19 120.68 197.21
N VAL EA 363 -249.24 119.87 197.30
CA VAL EA 363 -250.10 119.54 196.17
C VAL EA 363 -251.38 120.34 196.29
N THR EA 364 -251.65 121.24 195.35
CA THR EA 364 -252.91 121.98 195.32
C THR EA 364 -253.83 121.40 194.25
N VAL EA 365 -255.03 121.01 194.67
CA VAL EA 365 -256.09 120.49 193.81
C VAL EA 365 -257.34 121.33 193.95
N LYS EA 366 -257.95 121.70 192.82
CA LYS EA 366 -259.13 122.55 192.80
C LYS EA 366 -260.40 121.71 192.99
N ASP EA 367 -261.23 122.08 193.95
CA ASP EA 367 -262.57 121.50 194.13
C ASP EA 367 -263.57 122.20 193.19
N GLU EA 368 -264.16 121.46 192.26
CA GLU EA 368 -265.19 121.93 191.31
C GLU EA 368 -266.62 121.63 191.79
N GLY EA 369 -266.77 121.26 193.07
CA GLY EA 369 -268.05 120.97 193.73
C GLY EA 369 -268.37 119.48 193.76
N TYR EA 370 -268.59 118.88 192.58
CA TYR EA 370 -268.95 117.46 192.42
C TYR EA 370 -267.78 116.58 191.95
N ASN EA 371 -266.66 117.18 191.58
CA ASN EA 371 -265.45 116.49 191.17
C ASN EA 371 -264.22 117.31 191.56
N ILE EA 372 -263.06 116.66 191.64
CA ILE EA 372 -261.77 117.34 191.77
C ILE EA 372 -261.21 117.55 190.37
N SER EA 373 -260.65 118.73 190.12
CA SER EA 373 -260.08 119.11 188.83
C SER EA 373 -258.83 118.29 188.49
N ASP EA 374 -258.60 118.04 187.20
CA ASP EA 374 -257.35 117.44 186.69
C ASP EA 374 -256.18 118.44 186.72
N GLU EA 375 -256.44 119.73 186.98
CA GLU EA 375 -255.42 120.77 187.16
C GLU EA 375 -254.77 120.66 188.55
N ILE EA 376 -253.77 119.77 188.64
CA ILE EA 376 -252.99 119.52 189.85
C ILE EA 376 -251.68 120.28 189.77
N THR EA 377 -251.41 121.11 190.78
CA THR EA 377 -250.13 121.79 190.93
C THR EA 377 -249.32 121.13 192.04
N VAL EA 378 -248.06 120.80 191.76
CA VAL EA 378 -247.14 120.21 192.74
C VAL EA 378 -245.95 121.14 192.92
N GLU EA 379 -245.81 121.73 194.10
CA GLU EA 379 -244.61 122.46 194.49
C GLU EA 379 -243.72 121.58 195.37
N VAL EA 380 -242.53 121.27 194.87
CA VAL EA 380 -241.48 120.59 195.64
C VAL EA 380 -240.74 121.63 196.48
N THR EA 381 -240.78 121.49 197.80
CA THR EA 381 -240.13 122.44 198.71
C THR EA 381 -238.61 122.23 198.76
N GLN EA 382 -237.85 123.27 199.16
CA GLN EA 382 -236.41 123.13 199.45
C GLN EA 382 -236.14 122.52 200.85
N PHE EA 383 -237.19 122.08 201.55
CA PHE EA 383 -237.07 121.42 202.84
C PHE EA 383 -236.94 119.91 202.68
N ASN EA 384 -235.70 119.44 202.52
CA ASN EA 384 -235.40 118.03 202.27
C ASN EA 384 -234.49 117.44 203.36
N PRO EA 385 -235.02 117.11 204.56
CA PRO EA 385 -234.22 116.49 205.62
C PRO EA 385 -233.84 115.03 205.29
N VAL EA 386 -232.78 114.53 205.93
CA VAL EA 386 -232.38 113.12 205.80
C VAL EA 386 -233.42 112.22 206.45
N PHE EA 387 -233.81 111.16 205.76
CA PHE EA 387 -234.76 110.17 206.21
C PHE EA 387 -234.31 109.51 207.52
N GLN EA 388 -235.15 109.60 208.56
CA GLN EA 388 -234.95 108.92 209.84
C GLN EA 388 -236.17 108.06 210.17
N ALA EA 389 -236.00 106.74 210.23
CA ALA EA 389 -237.08 105.80 210.47
C ALA EA 389 -237.79 105.98 211.83
N ARG EA 390 -237.11 106.55 212.84
CA ARG EA 390 -237.66 106.75 214.20
C ARG EA 390 -238.47 108.03 214.37
N GLY EA 391 -238.37 108.98 213.44
CA GLY EA 391 -239.01 110.30 213.51
C GLY EA 391 -239.74 110.69 212.23
N MET EA 392 -240.04 109.71 211.37
CA MET EA 392 -240.98 109.88 210.27
C MET EA 392 -242.28 110.47 210.82
N GLN EA 393 -242.81 111.50 210.15
CA GLN EA 393 -244.24 111.91 210.16
C GLN EA 393 -244.73 112.93 211.21
N LEU EA 394 -243.97 113.98 211.54
CA LEU EA 394 -244.55 115.13 212.28
C LEU EA 394 -244.31 116.48 211.62
N CYS EA 395 -244.14 116.50 210.29
CA CYS EA 395 -244.22 117.77 209.58
C CYS EA 395 -245.69 118.12 209.37
N GLN EA 396 -246.13 119.25 209.91
CA GLN EA 396 -247.49 119.75 209.77
C GLN EA 396 -247.50 121.02 208.91
N LEU EA 397 -248.68 121.33 208.35
CA LEU EA 397 -248.90 122.47 207.46
C LEU EA 397 -249.80 123.50 208.14
N VAL EA 398 -249.37 124.77 208.13
CA VAL EA 398 -250.20 125.92 208.51
C VAL EA 398 -250.42 126.80 207.29
N VAL EA 399 -251.69 127.00 206.94
CA VAL EA 399 -252.14 127.99 205.96
C VAL EA 399 -252.85 129.11 206.72
N PRO EA 400 -252.18 130.24 207.00
CA PRO EA 400 -252.70 131.20 207.97
C PRO EA 400 -253.85 132.06 207.44
N ASN EA 401 -253.95 132.22 206.12
CA ASN EA 401 -254.99 133.02 205.50
C ASN EA 401 -255.43 132.36 204.19
N PHE EA 402 -256.73 132.12 204.06
CA PHE EA 402 -257.36 131.59 202.86
C PHE EA 402 -257.01 132.40 201.59
N SER EA 403 -256.91 133.73 201.67
CA SER EA 403 -256.60 134.56 200.50
C SER EA 403 -255.10 134.67 200.16
N SER EA 404 -254.24 134.02 200.95
CA SER EA 404 -252.79 134.06 200.77
C SER EA 404 -252.27 132.72 200.22
N GLN EA 405 -251.19 132.80 199.46
CA GLN EA 405 -250.43 131.63 199.01
C GLN EA 405 -249.30 131.25 199.98
N ALA EA 406 -249.06 132.09 201.01
CA ALA EA 406 -248.04 131.82 202.02
C ALA EA 406 -248.41 130.59 202.85
N CYS EA 407 -247.49 129.63 202.92
CA CYS EA 407 -247.62 128.40 203.69
C CYS EA 407 -246.43 128.23 204.63
N TYR EA 408 -246.64 127.53 205.74
CA TYR EA 408 -245.59 127.26 206.70
C TYR EA 408 -245.61 125.78 207.05
N LEU EA 409 -244.51 125.10 206.78
CA LEU EA 409 -244.27 123.76 207.28
C LEU EA 409 -243.56 123.88 208.63
N TYR EA 410 -243.91 123.05 209.58
CA TYR EA 410 -243.20 123.05 210.86
C TYR EA 410 -242.97 121.64 211.38
N THR EA 411 -241.86 121.49 212.09
CA THR EA 411 -241.52 120.32 212.90
C THR EA 411 -241.35 120.78 214.35
N GLN EA 412 -240.97 119.88 215.25
CA GLN EA 412 -240.67 120.28 216.63
C GLN EA 412 -239.48 121.25 216.76
N GLU EA 413 -238.58 121.31 215.77
CA GLU EA 413 -237.29 122.03 215.86
C GLU EA 413 -237.19 123.24 214.93
N MET EA 414 -238.09 123.37 213.95
CA MET EA 414 -237.98 124.43 212.94
C MET EA 414 -239.29 124.76 212.24
N ILE EA 415 -239.32 125.96 211.65
CA ILE EA 415 -240.35 126.41 210.72
C ILE EA 415 -239.72 126.61 209.34
N PHE EA 416 -240.40 126.16 208.30
CA PHE EA 416 -240.06 126.41 206.92
C PHE EA 416 -241.16 127.23 206.25
N ALA EA 417 -240.84 128.48 205.92
CA ALA EA 417 -241.76 129.35 205.21
C ALA EA 417 -241.66 129.08 203.70
N CYS EA 418 -242.81 128.89 203.04
CA CYS EA 418 -242.91 128.58 201.61
C CYS EA 418 -244.21 129.14 200.99
N SER EA 419 -244.49 128.76 199.75
CA SER EA 419 -245.68 129.13 198.99
C SER EA 419 -246.36 127.88 198.42
N THR EA 420 -247.56 128.02 197.86
CA THR EA 420 -248.21 126.98 197.04
C THR EA 420 -247.90 127.08 195.54
N GLY EA 421 -247.14 128.10 195.11
CA GLY EA 421 -246.48 128.09 193.78
C GLY EA 421 -247.35 128.53 192.61
N THR EA 422 -248.59 128.90 192.89
CA THR EA 422 -249.64 129.31 191.93
C THR EA 422 -249.57 130.80 191.56
N GLY EA 423 -248.71 131.61 192.20
CA GLY EA 423 -248.61 133.06 192.01
C GLY EA 423 -247.46 133.55 191.13
N ARG EA 424 -247.58 134.79 190.62
CA ARG EA 424 -246.52 135.49 189.87
C ARG EA 424 -245.33 135.92 190.74
N SER EA 425 -245.48 135.96 192.05
CA SER EA 425 -244.47 136.37 193.03
C SER EA 425 -244.20 135.20 193.97
N THR EA 426 -243.10 134.48 193.76
CA THR EA 426 -242.67 133.44 194.70
C THR EA 426 -242.13 134.12 195.96
N LEU EA 427 -242.80 133.91 197.09
CA LEU EA 427 -242.23 134.25 198.40
C LEU EA 427 -240.91 133.49 198.57
N PRO EA 428 -239.86 134.12 199.11
CA PRO EA 428 -238.59 133.44 199.32
C PRO EA 428 -238.77 132.29 200.30
N GLN EA 429 -238.39 131.08 199.93
CA GLN EA 429 -238.39 129.94 200.87
C GLN EA 429 -237.26 130.14 201.91
N GLU EA 430 -237.57 130.02 203.20
CA GLU EA 430 -236.59 130.22 204.29
C GLU EA 430 -236.76 129.19 205.41
N LYS EA 431 -235.63 128.66 205.90
CA LYS EA 431 -235.58 127.79 207.09
C LYS EA 431 -235.33 128.67 208.32
N ILE EA 432 -236.20 128.56 209.31
CA ILE EA 432 -236.12 129.25 210.60
C ILE EA 432 -235.93 128.19 211.68
N PRO EA 433 -234.68 127.86 212.05
CA PRO EA 433 -234.39 126.85 213.06
C PRO EA 433 -234.51 127.42 214.49
N PHE EA 434 -234.97 126.60 215.43
CA PHE EA 434 -234.96 126.88 216.86
C PHE EA 434 -233.90 125.98 217.53
N GLU EA 435 -232.63 126.38 217.44
CA GLU EA 435 -231.49 125.57 217.94
C GLU EA 435 -231.22 125.70 219.44
N ALA EA 436 -231.92 126.60 220.14
CA ALA EA 436 -231.71 126.79 221.57
C ALA EA 436 -232.17 125.53 222.34
N GLN EA 437 -231.30 124.97 223.19
CA GLN EA 437 -231.60 123.78 224.00
C GLN EA 437 -232.96 123.93 224.70
N GLY EA 438 -233.96 123.14 224.27
CA GLY EA 438 -235.30 123.06 224.86
C GLY EA 438 -236.36 124.01 224.30
N ASP EA 439 -236.10 124.76 223.24
CA ASP EA 439 -237.13 125.48 222.46
C ASP EA 439 -237.72 124.55 221.39
N ASN EA 440 -238.70 123.73 221.78
CA ASN EA 440 -239.46 122.90 220.84
C ASN EA 440 -240.82 123.55 220.55
N ILE EA 441 -241.29 123.43 219.30
CA ILE EA 441 -242.65 123.79 218.91
C ILE EA 441 -243.61 122.72 219.44
N VAL EA 442 -244.55 123.14 220.29
CA VAL EA 442 -245.57 122.29 220.95
C VAL EA 442 -246.85 122.23 220.11
N GLY EA 443 -247.05 123.20 219.23
CA GLY EA 443 -248.20 123.29 218.33
C GLY EA 443 -248.19 124.57 217.51
N ALA EA 444 -249.06 124.63 216.50
CA ALA EA 444 -249.20 125.79 215.65
C ALA EA 444 -250.64 125.96 215.17
N GLY EA 445 -250.90 127.07 214.48
CA GLY EA 445 -252.16 127.33 213.81
C GLY EA 445 -252.23 128.75 213.27
N SER EA 446 -253.45 129.25 213.09
CA SER EA 446 -253.68 130.60 212.57
C SER EA 446 -254.52 131.42 213.54
N CYS EA 447 -254.32 132.74 213.56
CA CYS EA 447 -255.19 133.67 214.29
C CYS EA 447 -255.26 134.99 213.52
N GLU EA 448 -256.48 135.43 213.16
CA GLU EA 448 -256.70 136.67 212.40
C GLU EA 448 -255.89 136.77 211.09
N GLY EA 449 -255.58 135.64 210.43
CA GLY EA 449 -254.78 135.62 209.21
C GLY EA 449 -253.27 135.49 209.43
N TRP EA 450 -252.80 135.45 210.68
CA TRP EA 450 -251.38 135.32 211.04
C TRP EA 450 -251.00 133.86 211.37
N PRO EA 451 -249.82 133.39 210.96
CA PRO EA 451 -249.30 132.08 211.37
C PRO EA 451 -248.71 132.18 212.78
N VAL EA 452 -249.24 131.40 213.72
CA VAL EA 452 -248.82 131.45 215.12
C VAL EA 452 -248.29 130.08 215.53
N PHE EA 453 -247.12 130.08 216.17
CA PHE EA 453 -246.40 128.90 216.62
C PHE EA 453 -246.20 128.99 218.13
N PHE EA 454 -246.62 127.95 218.85
CA PHE EA 454 -246.44 127.86 220.29
C PHE EA 454 -245.14 127.12 220.61
N ILE EA 455 -244.14 127.86 221.06
CA ILE EA 455 -242.82 127.35 221.41
C ILE EA 455 -242.69 127.27 222.93
N ARG EA 456 -242.15 126.16 223.42
CA ARG EA 456 -242.18 125.82 224.85
C ARG EA 456 -241.57 126.88 225.77
N LYS EA 457 -240.41 127.48 225.45
CA LYS EA 457 -239.81 128.53 226.31
C LYS EA 457 -240.12 129.94 225.83
N SER EA 458 -240.22 130.13 224.52
CA SER EA 458 -240.41 131.45 223.91
C SER EA 458 -241.89 131.91 223.90
N GLY EA 459 -242.84 131.00 224.13
CA GLY EA 459 -244.27 131.28 224.07
C GLY EA 459 -244.80 131.32 222.64
N MET EA 460 -245.83 132.14 222.39
CA MET EA 460 -246.41 132.29 221.05
C MET EA 460 -245.59 133.23 220.18
N LEU EA 461 -245.10 132.74 219.04
CA LEU EA 461 -244.41 133.52 218.04
C LEU EA 461 -245.19 133.53 216.72
N THR EA 462 -245.11 134.64 216.00
CA THR EA 462 -245.55 134.75 214.61
C THR EA 462 -244.35 134.91 213.68
N VAL EA 463 -244.48 134.37 212.48
CA VAL EA 463 -243.46 134.48 211.43
C VAL EA 463 -244.00 135.38 210.33
N VAL EA 464 -243.37 136.53 210.15
CA VAL EA 464 -243.83 137.59 209.25
C VAL EA 464 -242.77 137.88 208.20
N ALA EA 465 -243.15 137.97 206.92
CA ALA EA 465 -242.21 138.41 205.89
C ALA EA 465 -241.77 139.86 206.19
N VAL EA 471 -213.09 132.33 199.46
CA VAL EA 471 -211.63 132.22 199.33
C VAL EA 471 -210.95 133.60 199.43
N LEU EA 472 -211.70 134.70 199.23
CA LEU EA 472 -211.12 136.04 199.39
C LEU EA 472 -210.85 136.35 200.86
N PRO EA 473 -209.75 137.05 201.17
CA PRO EA 473 -209.58 137.73 202.45
C PRO EA 473 -210.77 138.66 202.75
N GLU EA 474 -211.29 138.61 203.98
CA GLU EA 474 -212.51 139.32 204.41
C GLU EA 474 -212.55 140.81 204.02
N HIS EA 475 -211.39 141.48 204.02
CA HIS EA 475 -211.27 142.91 203.77
C HIS EA 475 -211.60 143.35 202.33
N MET EA 476 -211.40 142.49 201.33
CA MET EA 476 -211.70 142.85 199.94
C MET EA 476 -213.17 142.63 199.58
N GLU EA 477 -213.89 141.77 200.32
CA GLU EA 477 -215.34 141.64 200.15
C GLU EA 477 -216.08 142.91 200.60
N GLU EA 478 -215.65 143.57 201.69
CA GLU EA 478 -216.30 144.80 202.18
C GLU EA 478 -216.05 146.01 201.28
N SER EA 479 -214.86 146.18 200.71
CA SER EA 479 -214.61 147.23 199.70
C SER EA 479 -215.50 147.07 198.46
N LEU EA 480 -215.68 145.83 197.98
CA LEU EA 480 -216.54 145.56 196.83
C LEU EA 480 -218.05 145.63 197.15
N SER EA 481 -218.46 145.33 198.39
CA SER EA 481 -219.88 145.32 198.79
C SER EA 481 -220.40 146.63 199.42
N SER EA 482 -219.51 147.49 199.93
CA SER EA 482 -219.91 148.81 200.48
C SER EA 482 -220.55 149.71 199.42
N VAL EA 483 -220.13 149.62 198.16
CA VAL EA 483 -220.77 150.33 197.03
C VAL EA 483 -222.15 149.74 196.69
N SER EA 484 -222.44 148.50 197.09
CA SER EA 484 -223.73 147.85 196.79
C SER EA 484 -224.87 148.23 197.75
N LYS EA 485 -224.59 148.86 198.90
CA LYS EA 485 -225.64 149.10 199.93
C LYS EA 485 -226.40 150.43 199.79
N SER EA 486 -226.08 151.29 198.82
CA SER EA 486 -226.93 152.45 198.51
C SER EA 486 -228.11 152.10 197.59
N SER EA 487 -228.95 151.13 197.97
CA SER EA 487 -230.30 150.97 197.38
C SER EA 487 -231.25 150.12 198.25
N ARG EA 488 -231.45 150.49 199.52
CA ARG EA 488 -232.66 150.07 200.26
C ARG EA 488 -233.71 151.16 200.44
N GLN EA 489 -233.65 152.23 199.64
CA GLN EA 489 -234.73 153.22 199.54
C GLN EA 489 -234.99 153.60 198.08
N ALA EA 490 -235.58 152.68 197.32
CA ALA EA 490 -236.34 153.03 196.12
C ALA EA 490 -237.46 152.01 195.92
N VAL EA 491 -238.52 152.22 196.69
CA VAL EA 491 -239.83 151.65 196.45
C VAL EA 491 -240.34 152.15 195.09
N VAL EA 492 -240.65 151.20 194.21
CA VAL EA 492 -241.69 151.27 193.14
C VAL EA 492 -241.41 152.16 191.92
N LYS EA 493 -241.17 151.53 190.76
CA LYS EA 493 -242.14 151.46 189.65
C LYS EA 493 -241.62 150.65 188.46
N ASP EA 494 -242.48 149.77 187.94
CA ASP EA 494 -242.38 149.15 186.63
C ASP EA 494 -242.03 150.17 185.53
N SER EA 495 -240.87 150.00 184.90
CA SER EA 495 -240.62 150.49 183.54
C SER EA 495 -239.54 149.62 182.88
N ARG EA 496 -239.97 148.91 181.83
CA ARG EA 496 -239.27 148.22 180.73
C ARG EA 496 -237.73 148.11 180.81
N PRO EA 497 -237.16 146.90 180.60
CA PRO EA 497 -235.72 146.70 180.56
C PRO EA 497 -235.21 147.10 179.17
N ASP EA 498 -234.73 148.32 179.03
CA ASP EA 498 -233.84 148.72 177.93
C ASP EA 498 -233.05 149.92 178.44
N GLN EA 499 -231.71 149.79 178.48
CA GLN EA 499 -230.71 150.74 179.00
C GLN EA 499 -230.43 150.64 180.51
N ILE EA 500 -229.74 149.57 180.92
CA ILE EA 500 -229.02 149.52 182.19
C ILE EA 500 -227.84 150.51 182.10
N ALA EA 501 -227.68 151.40 183.08
CA ALA EA 501 -226.59 152.38 183.09
C ALA EA 501 -225.21 151.73 183.33
N HIS EA 502 -224.13 152.33 182.80
CA HIS EA 502 -222.74 151.85 182.92
C HIS EA 502 -222.30 151.56 184.38
N ASP EA 503 -222.64 152.43 185.33
CA ASP EA 503 -222.35 152.24 186.76
C ASP EA 503 -222.99 150.96 187.31
N ASP EA 504 -224.13 150.55 186.76
CA ASP EA 504 -224.81 149.35 187.19
C ASP EA 504 -224.10 148.11 186.63
N LYS EA 505 -223.65 148.08 185.36
CA LYS EA 505 -222.87 146.93 184.84
C LYS EA 505 -221.62 146.66 185.68
N THR EA 506 -220.87 147.71 186.04
CA THR EA 506 -219.68 147.57 186.91
C THR EA 506 -220.05 147.03 188.28
N LYS EA 507 -221.14 147.52 188.90
CA LYS EA 507 -221.64 147.01 190.19
C LYS EA 507 -222.07 145.53 190.10
N HIS EA 508 -222.75 145.14 189.03
CA HIS EA 508 -223.20 143.76 188.86
C HIS EA 508 -222.02 142.83 188.56
N LEU EA 509 -221.02 143.26 187.79
CA LEU EA 509 -219.80 142.48 187.57
C LEU EA 509 -219.00 142.32 188.88
N LYS EA 510 -218.92 143.36 189.72
CA LYS EA 510 -218.38 143.25 191.10
C LYS EA 510 -219.17 142.23 191.94
N ALA EA 511 -220.49 142.25 191.87
CA ALA EA 511 -221.34 141.28 192.59
C ALA EA 511 -221.14 139.83 192.08
N ALA EA 512 -220.98 139.64 190.77
CA ALA EA 512 -220.68 138.34 190.17
C ALA EA 512 -219.30 137.84 190.61
N PHE EA 513 -218.29 138.71 190.60
CA PHE EA 513 -216.96 138.40 191.11
C PHE EA 513 -217.00 138.00 192.59
N LEU EA 514 -217.73 138.74 193.44
CA LEU EA 514 -217.93 138.36 194.85
C LEU EA 514 -218.59 136.98 195.02
N ARG EA 515 -219.56 136.62 194.17
CA ARG EA 515 -220.14 135.27 194.16
C ARG EA 515 -219.11 134.21 193.78
N TYR EA 516 -218.29 134.48 192.76
CA TYR EA 516 -217.22 133.58 192.35
C TYR EA 516 -216.22 133.34 193.49
N CYS EA 517 -215.85 134.41 194.21
CA CYS EA 517 -214.98 134.33 195.38
C CYS EA 517 -215.58 133.50 196.53
N ARG EA 518 -216.90 133.50 196.65
CA ARG EA 518 -217.70 132.62 197.54
C ARG EA 518 -217.85 131.19 197.02
N LYS EA 519 -217.15 130.82 195.94
CA LYS EA 519 -217.23 129.53 195.21
C LYS EA 519 -218.60 129.24 194.59
N ASP EA 520 -219.49 130.23 194.50
CA ASP EA 520 -220.74 130.13 193.75
C ASP EA 520 -220.48 130.38 192.26
N ILE EA 521 -219.83 129.41 191.60
CA ILE EA 521 -219.44 129.51 190.19
C ILE EA 521 -220.69 129.61 189.30
N LEU EA 522 -221.74 128.83 189.60
CA LEU EA 522 -222.98 128.81 188.81
C LEU EA 522 -223.76 130.13 188.97
N GLY EA 523 -223.85 130.66 190.19
CA GLY EA 523 -224.51 131.93 190.45
C GLY EA 523 -223.73 133.12 189.90
N ALA EA 524 -222.39 133.06 189.87
CA ALA EA 524 -221.55 134.03 189.18
C ALA EA 524 -221.75 133.96 187.66
N GLN EA 525 -221.72 132.76 187.07
CA GLN EA 525 -221.96 132.56 185.64
C GLN EA 525 -223.34 133.09 185.23
N SER EA 526 -224.40 132.71 185.96
CA SER EA 526 -225.76 133.17 185.67
C SER EA 526 -225.92 134.70 185.71
N MET EA 527 -225.18 135.37 186.60
CA MET EA 527 -225.19 136.82 186.72
C MET EA 527 -224.43 137.46 185.55
N VAL EA 528 -223.29 136.89 185.15
CA VAL EA 528 -222.54 137.31 183.96
C VAL EA 528 -223.36 137.11 182.68
N ASP EA 529 -223.97 135.93 182.49
CA ASP EA 529 -224.81 135.62 181.33
C ASP EA 529 -226.01 136.57 181.23
N SER EA 530 -226.55 137.01 182.39
CA SER EA 530 -227.63 138.00 182.43
C SER EA 530 -227.19 139.43 182.08
N LEU EA 531 -225.92 139.77 182.33
CA LEU EA 531 -225.36 141.10 182.05
C LEU EA 531 -224.87 141.24 180.61
N PHE EA 532 -224.32 140.16 180.07
CA PHE EA 532 -223.66 140.12 178.77
C PHE EA 532 -224.27 139.02 177.90
N SER EA 533 -225.51 139.22 177.43
CA SER EA 533 -226.22 138.26 176.57
C SER EA 533 -225.42 137.90 175.32
N ASP EA 534 -225.47 136.62 174.92
CA ASP EA 534 -224.78 136.05 173.75
C ASP EA 534 -225.16 136.67 172.37
N SER EA 535 -226.13 137.58 172.31
CA SER EA 535 -226.70 138.01 171.04
C SER EA 535 -225.94 139.12 170.30
N ASP EA 536 -225.02 139.83 170.95
CA ASP EA 536 -224.26 140.89 170.29
C ASP EA 536 -222.79 140.47 170.16
N MET EA 537 -222.44 139.97 168.98
CA MET EA 537 -221.06 139.71 168.54
C MET EA 537 -220.26 141.01 168.29
N GLU EA 538 -220.70 142.13 168.85
CA GLU EA 538 -219.99 143.40 168.83
C GLU EA 538 -219.10 143.51 170.08
N PRO EA 539 -217.89 144.08 169.97
CA PRO EA 539 -217.05 144.38 171.13
C PRO EA 539 -217.83 145.28 172.10
N ASP EA 540 -218.05 144.79 173.33
CA ASP EA 540 -218.73 145.56 174.37
C ASP EA 540 -217.70 146.47 175.05
N ASP EA 541 -217.52 147.67 174.51
CA ASP EA 541 -216.65 148.71 175.09
C ASP EA 541 -216.94 148.92 176.60
N GLU EA 542 -218.18 148.67 177.05
CA GLU EA 542 -218.57 148.78 178.45
C GLU EA 542 -218.01 147.64 179.32
N LEU EA 543 -217.83 146.43 178.77
CA LEU EA 543 -217.15 145.33 179.47
C LEU EA 543 -215.69 145.70 179.75
N ASP EA 544 -215.00 146.21 178.72
CA ASP EA 544 -213.60 146.62 178.82
C ASP EA 544 -213.40 147.74 179.86
N LEU EA 545 -214.32 148.73 179.90
CA LEU EA 545 -214.34 149.78 180.91
C LEU EA 545 -214.62 149.24 182.33
N ALA EA 546 -215.62 148.37 182.49
CA ALA EA 546 -215.96 147.78 183.79
C ALA EA 546 -214.82 146.92 184.35
N VAL EA 547 -214.19 146.11 183.49
CA VAL EA 547 -213.05 145.26 183.87
C VAL EA 547 -211.83 146.10 184.24
N ASN EA 548 -211.52 147.14 183.47
CA ASN EA 548 -210.46 148.08 183.81
C ASN EA 548 -210.72 148.75 185.16
N GLN EA 549 -211.93 149.29 185.37
CA GLN EA 549 -212.29 149.96 186.62
C GLN EA 549 -212.17 149.02 187.83
N ILE EA 550 -212.67 147.78 187.73
CA ILE EA 550 -212.54 146.80 188.82
C ILE EA 550 -211.06 146.50 189.09
N SER EA 551 -210.25 146.33 188.04
CA SER EA 551 -208.81 146.07 188.22
C SER EA 551 -208.09 147.25 188.89
N VAL EA 552 -208.38 148.49 188.49
CA VAL EA 552 -207.86 149.71 189.15
C VAL EA 552 -208.31 149.75 190.61
N ASP EA 553 -209.59 149.51 190.89
CA ASP EA 553 -210.14 149.49 192.25
C ASP EA 553 -209.44 148.44 193.14
N LEU EA 554 -209.10 147.27 192.59
CA LEU EA 554 -208.38 146.21 193.33
C LEU EA 554 -206.93 146.61 193.64
N ILE EA 555 -206.22 147.24 192.71
CA ILE EA 555 -204.81 147.62 192.92
C ILE EA 555 -204.66 148.89 193.73
N ASP EA 556 -205.64 149.80 193.66
CA ASP EA 556 -205.66 151.08 194.38
C ASP EA 556 -206.52 151.03 195.66
N ASP EA 557 -206.95 149.84 196.07
CA ASP EA 557 -207.84 149.65 197.23
C ASP EA 557 -207.25 150.21 198.54
N TYR EA 558 -208.14 150.68 199.42
CA TYR EA 558 -207.80 151.09 200.76
C TYR EA 558 -207.53 149.85 201.62
N PRO EA 559 -206.52 149.87 202.50
CA PRO EA 559 -206.38 148.82 203.49
C PRO EA 559 -207.43 149.01 204.59
N ALA EA 560 -208.64 148.54 204.30
CA ALA EA 560 -209.78 148.49 205.20
C ALA EA 560 -209.38 148.08 206.62
N SER EA 561 -208.59 147.00 206.77
CA SER EA 561 -208.17 146.53 208.11
C SER EA 561 -207.26 147.49 208.89
N ASP EA 562 -206.60 148.48 208.25
CA ASP EA 562 -205.69 149.39 208.96
C ASP EA 562 -206.48 150.59 209.55
N PRO EA 563 -206.65 150.68 210.89
CA PRO EA 563 -207.45 151.73 211.52
C PRO EA 563 -206.94 153.14 211.24
N ARG EA 564 -205.66 153.29 210.87
CA ARG EA 564 -205.07 154.61 210.54
C ARG EA 564 -205.73 155.24 209.32
N TRP EA 565 -206.38 154.45 208.46
CA TRP EA 565 -207.08 154.95 207.29
C TRP EA 565 -208.48 155.47 207.58
N ALA EA 566 -209.06 155.18 208.74
CA ALA EA 566 -210.48 155.44 209.03
C ALA EA 566 -210.91 156.92 208.93
N GLU EA 567 -210.02 157.89 209.18
CA GLU EA 567 -210.32 159.33 209.00
C GLU EA 567 -209.98 159.86 207.60
N SER EA 568 -209.17 159.13 206.83
CA SER EA 568 -208.74 159.53 205.47
C SER EA 568 -209.60 158.95 204.34
N VAL EA 569 -210.50 158.04 204.68
CA VAL EA 569 -211.50 157.51 203.75
C VAL EA 569 -212.61 158.58 203.60
N PRO EA 570 -212.93 159.04 202.37
CA PRO EA 570 -214.07 159.93 202.13
C PRO EA 570 -215.34 159.34 202.79
N GLU EA 571 -216.15 160.19 203.43
CA GLU EA 571 -217.25 159.88 204.37
C GLU EA 571 -218.29 158.81 203.96
N GLU EA 572 -218.21 158.22 202.76
CA GLU EA 572 -219.15 157.21 202.28
C GLU EA 572 -218.70 155.74 202.44
N ALA EA 573 -217.47 155.43 202.86
CA ALA EA 573 -217.07 154.05 203.19
C ALA EA 573 -216.87 153.88 204.70
N ALA EA 574 -217.97 153.51 205.36
CA ALA EA 574 -218.06 153.41 206.80
C ALA EA 574 -217.34 152.16 207.37
N GLY EA 575 -216.27 152.42 208.14
CA GLY EA 575 -216.00 151.75 209.41
C GLY EA 575 -214.94 150.67 209.38
N PHE EA 576 -213.84 150.89 210.12
CA PHE EA 576 -212.87 149.84 210.39
C PHE EA 576 -212.27 149.93 211.78
N SER EA 577 -212.08 148.76 212.38
CA SER EA 577 -211.34 148.52 213.62
C SER EA 577 -210.74 147.11 213.52
N ASN EA 578 -209.44 146.99 213.23
CA ASN EA 578 -208.46 146.19 214.00
C ASN EA 578 -207.11 146.01 213.27
N THR EA 579 -206.03 146.28 214.03
CA THR EA 579 -204.65 145.79 213.89
C THR EA 579 -203.86 146.10 212.61
N SER EA 580 -202.75 146.81 212.80
CA SER EA 580 -201.71 147.12 211.81
C SER EA 580 -201.13 145.87 211.14
N LEU EA 581 -201.58 145.53 209.93
CA LEU EA 581 -200.86 144.64 209.04
C LEU EA 581 -199.86 145.46 208.20
N ILE EA 582 -198.60 145.06 208.25
CA ILE EA 582 -197.45 145.67 207.55
C ILE EA 582 -197.78 145.78 206.04
N LEU EA 583 -197.57 146.96 205.43
CA LEU EA 583 -197.80 147.30 204.00
C LEU EA 583 -197.47 146.19 202.98
N LEU EA 584 -196.50 145.32 203.30
CA LEU EA 584 -196.13 144.18 202.46
C LEU EA 584 -197.25 143.16 202.33
N HIS EA 585 -197.92 142.76 203.42
CA HIS EA 585 -199.05 141.84 203.36
C HIS EA 585 -200.22 142.45 202.59
N GLN EA 586 -200.43 143.76 202.71
CA GLN EA 586 -201.48 144.49 201.97
C GLN EA 586 -201.25 144.40 200.45
N LEU EA 587 -200.00 144.59 199.99
CA LEU EA 587 -199.65 144.45 198.58
C LEU EA 587 -199.76 142.99 198.08
N GLU EA 588 -199.40 142.01 198.93
CA GLU EA 588 -199.57 140.59 198.61
C GLU EA 588 -201.04 140.19 198.49
N ASP EA 589 -201.91 140.75 199.32
CA ASP EA 589 -203.34 140.47 199.27
C ASP EA 589 -204.00 141.13 198.04
N LYS EA 590 -203.59 142.36 197.68
CA LYS EA 590 -203.96 142.99 196.40
C LYS EA 590 -203.55 142.13 195.21
N MET EA 591 -202.34 141.57 195.22
CA MET EA 591 -201.86 140.63 194.19
C MET EA 591 -202.74 139.38 194.09
N LYS EA 592 -203.08 138.76 195.23
CA LYS EA 592 -203.94 137.57 195.27
C LYS EA 592 -205.32 137.88 194.71
N ALA EA 593 -205.95 138.97 195.13
CA ALA EA 593 -207.28 139.33 194.63
C ALA EA 593 -207.28 139.72 193.15
N HIS EA 594 -206.26 140.43 192.68
CA HIS EA 594 -206.08 140.67 191.25
C HIS EA 594 -205.94 139.35 190.48
N SER EA 595 -205.18 138.38 191.00
CA SER EA 595 -205.07 137.05 190.37
C SER EA 595 -206.40 136.30 190.35
N PHE EA 596 -207.18 136.33 191.44
CA PHE EA 596 -208.53 135.74 191.48
C PHE EA 596 -209.49 136.42 190.50
N PHE EA 597 -209.36 137.73 190.31
CA PHE EA 597 -210.17 138.46 189.34
C PHE EA 597 -209.84 138.03 187.90
N VAL EA 598 -208.56 137.85 187.58
CA VAL EA 598 -208.16 137.31 186.27
C VAL EA 598 -208.66 135.86 186.09
N ASP EA 599 -208.56 135.02 187.12
CA ASP EA 599 -209.07 133.64 187.07
C ASP EA 599 -210.61 133.59 186.92
N PHE EA 600 -211.33 134.50 187.59
CA PHE EA 600 -212.76 134.70 187.42
C PHE EA 600 -213.10 134.99 185.97
N LEU EA 601 -212.45 135.97 185.34
CA LEU EA 601 -212.71 136.35 183.95
C LEU EA 601 -212.49 135.19 182.96
N HIS EA 602 -211.49 134.35 183.21
CA HIS EA 602 -211.27 133.12 182.42
C HIS EA 602 -212.38 132.10 182.65
N GLN EA 603 -212.70 131.82 183.92
CA GLN EA 603 -213.68 130.79 184.28
C GLN EA 603 -215.08 131.10 183.74
N VAL EA 604 -215.47 132.39 183.71
CA VAL EA 604 -216.78 132.80 183.19
C VAL EA 604 -216.81 133.05 181.68
N GLY EA 605 -215.66 132.91 180.99
CA GLY EA 605 -215.56 133.11 179.55
C GLY EA 605 -215.59 134.57 179.10
N LEU EA 606 -215.47 135.55 180.01
CA LEU EA 606 -215.40 136.96 179.65
C LEU EA 606 -214.01 137.36 179.11
N PHE EA 607 -212.94 136.65 179.48
CA PHE EA 607 -211.58 137.02 179.09
C PHE EA 607 -211.37 137.04 177.57
N SER EA 608 -211.98 136.10 176.83
CA SER EA 608 -211.90 136.03 175.36
C SER EA 608 -212.70 137.13 174.65
N ARG EA 609 -213.62 137.79 175.36
CA ARG EA 609 -214.44 138.92 174.85
C ARG EA 609 -213.77 140.28 175.03
N LEU EA 610 -212.69 140.36 175.82
CA LEU EA 610 -211.96 141.62 176.06
C LEU EA 610 -211.28 142.13 174.79
N SER EA 611 -211.53 143.39 174.47
CA SER EA 611 -211.00 144.07 173.29
C SER EA 611 -209.95 145.13 173.69
N THR EA 612 -210.32 146.41 173.67
CA THR EA 612 -209.42 147.53 173.93
C THR EA 612 -210.04 148.54 174.88
N CYS EA 613 -209.22 149.16 175.72
CA CYS EA 613 -209.60 150.25 176.60
C CYS EA 613 -208.72 151.47 176.32
N GLN EA 614 -209.30 152.66 176.41
CA GLN EA 614 -208.55 153.90 176.27
C GLN EA 614 -207.93 154.30 177.62
N THR EA 615 -206.61 154.27 177.71
CA THR EA 615 -205.84 154.68 178.90
C THR EA 615 -204.87 155.80 178.55
N LYS EA 616 -204.93 156.93 179.27
CA LYS EA 616 -204.07 158.12 179.06
C LYS EA 616 -204.04 158.62 177.59
N GLY EA 617 -205.15 158.49 176.87
CA GLY EA 617 -205.30 158.92 175.48
C GLY EA 617 -204.86 157.89 174.42
N MET EA 618 -204.24 156.78 174.81
CA MET EA 618 -203.86 155.69 173.91
C MET EA 618 -204.84 154.51 174.03
N LEU EA 619 -205.08 153.80 172.92
CA LEU EA 619 -205.84 152.55 172.93
C LEU EA 619 -204.88 151.40 173.30
N VAL EA 620 -205.23 150.66 174.35
CA VAL EA 620 -204.45 149.52 174.85
C VAL EA 620 -205.36 148.32 174.95
N ALA EA 621 -204.87 147.12 174.62
CA ALA EA 621 -205.64 145.90 174.83
C ALA EA 621 -205.92 145.71 176.33
N THR EA 622 -207.18 145.56 176.72
CA THR EA 622 -207.60 145.48 178.13
C THR EA 622 -206.90 144.33 178.85
N ARG EA 623 -206.67 143.22 178.15
CA ARG EA 623 -205.92 142.05 178.66
C ARG EA 623 -204.48 142.40 179.06
N LEU EA 624 -203.81 143.23 178.26
CA LEU EA 624 -202.44 143.67 178.55
C LEU EA 624 -202.43 144.68 179.70
N LEU EA 625 -203.45 145.54 179.80
CA LEU EA 625 -203.63 146.44 180.94
C LEU EA 625 -203.78 145.68 182.28
N LEU EA 626 -204.52 144.56 182.29
CA LEU EA 626 -204.58 143.67 183.45
C LEU EA 626 -203.20 143.06 183.78
N SER EA 627 -202.40 142.71 182.77
CA SER EA 627 -201.01 142.29 182.99
C SER EA 627 -200.18 143.42 183.61
N GLU EA 628 -200.30 144.65 183.11
CA GLU EA 628 -199.59 145.82 183.65
C GLU EA 628 -199.93 146.07 185.12
N HIS EA 629 -201.19 145.96 185.51
CA HIS EA 629 -201.61 146.12 186.90
C HIS EA 629 -200.95 145.10 187.84
N ALA EA 630 -200.87 143.84 187.41
CA ALA EA 630 -200.16 142.80 188.16
C ALA EA 630 -198.63 143.03 188.17
N GLU EA 631 -198.04 143.52 187.07
CA GLU EA 631 -196.63 143.90 187.02
C GLU EA 631 -196.31 145.04 187.99
N LYS EA 632 -197.16 146.07 188.05
CA LYS EA 632 -197.01 147.20 188.98
C LYS EA 632 -197.14 146.76 190.44
N LEU EA 633 -198.06 145.87 190.77
CA LEU EA 633 -198.13 145.25 192.10
C LEU EA 633 -196.86 144.48 192.44
N SER EA 634 -196.32 143.71 191.50
CA SER EA 634 -195.08 142.97 191.71
C SER EA 634 -193.89 143.90 191.96
N ALA EA 635 -193.80 144.99 191.19
CA ALA EA 635 -192.80 146.04 191.40
C ALA EA 635 -192.97 146.77 192.75
N ALA EA 636 -194.22 147.01 193.18
CA ALA EA 636 -194.53 147.61 194.47
C ALA EA 636 -194.03 146.77 195.65
N ILE EA 637 -194.22 145.45 195.60
CA ILE EA 637 -193.74 144.51 196.63
C ILE EA 637 -192.21 144.59 196.73
N VAL EA 638 -191.51 144.63 195.61
CA VAL EA 638 -190.03 144.78 195.57
C VAL EA 638 -189.59 146.13 196.14
N LEU EA 639 -190.24 147.23 195.74
CA LEU EA 639 -189.96 148.55 196.30
C LEU EA 639 -190.16 148.57 197.81
N LYS EA 640 -191.20 147.90 198.32
CA LYS EA 640 -191.46 147.82 199.77
C LYS EA 640 -190.39 147.02 200.51
N ASN EA 641 -189.84 145.97 199.91
CA ASN EA 641 -188.70 145.21 200.44
C ASN EA 641 -187.43 146.06 200.49
N HIS EA 642 -187.18 146.89 199.46
CA HIS EA 642 -186.08 147.84 199.47
C HIS EA 642 -186.29 148.99 200.46
N HIS EA 643 -187.53 149.45 200.64
CA HIS EA 643 -187.89 150.45 201.65
C HIS EA 643 -187.47 149.99 203.06
N ALA EA 644 -187.56 148.69 203.37
CA ALA EA 644 -187.10 148.15 204.65
C ALA EA 644 -185.57 148.20 204.84
N LYS EA 645 -184.80 148.14 203.74
CA LYS EA 645 -183.33 148.17 203.77
C LYS EA 645 -182.75 149.59 203.68
N LEU EA 646 -183.37 150.45 202.88
CA LEU EA 646 -182.90 151.79 202.53
C LEU EA 646 -184.01 152.85 202.80
N PRO EA 647 -184.41 153.04 204.07
CA PRO EA 647 -185.57 153.87 204.38
C PRO EA 647 -185.38 155.35 204.02
N VAL EA 648 -184.18 155.90 204.14
CA VAL EA 648 -183.92 157.33 203.90
C VAL EA 648 -184.14 157.68 202.42
N LEU EA 649 -183.49 156.93 201.52
CA LEU EA 649 -183.59 157.14 200.07
C LEU EA 649 -185.03 156.96 199.57
N VAL EA 650 -185.67 155.86 199.96
CA VAL EA 650 -187.01 155.53 199.47
C VAL EA 650 -188.07 156.49 200.02
N ASN EA 651 -187.99 156.90 201.29
CA ASN EA 651 -188.94 157.89 201.83
C ASN EA 651 -188.79 159.25 201.16
N SER EA 652 -187.56 159.71 200.86
CA SER EA 652 -187.36 160.96 200.12
C SER EA 652 -187.95 160.88 198.71
N ALA EA 653 -187.74 159.77 198.00
CA ALA EA 653 -188.31 159.58 196.66
C ALA EA 653 -189.85 159.50 196.70
N ILE EA 654 -190.43 158.84 197.72
CA ILE EA 654 -191.88 158.79 197.94
C ILE EA 654 -192.45 160.19 198.19
N GLN EA 655 -191.82 161.02 199.01
CA GLN EA 655 -192.28 162.39 199.26
C GLN EA 655 -192.27 163.21 197.97
N LEU EA 656 -191.18 163.15 197.19
CA LEU EA 656 -191.11 163.83 195.89
C LEU EA 656 -192.21 163.34 194.93
N ALA EA 657 -192.54 162.04 194.96
CA ALA EA 657 -193.61 161.49 194.14
C ALA EA 657 -194.99 162.01 194.57
N LEU EA 658 -195.25 162.13 195.89
CA LEU EA 658 -196.49 162.69 196.41
C LEU EA 658 -196.62 164.19 196.15
N ASP EA 659 -195.51 164.93 196.24
CA ASP EA 659 -195.45 166.36 195.92
C ASP EA 659 -195.77 166.59 194.43
N LYS EA 660 -195.22 165.78 193.52
CA LYS EA 660 -195.57 165.82 192.09
C LYS EA 660 -197.04 165.48 191.83
N ARG EA 661 -197.63 164.58 192.63
CA ARG EA 661 -199.07 164.25 192.58
C ARG EA 661 -199.96 165.32 193.24
N MET EA 662 -199.39 166.35 193.88
CA MET EA 662 -200.13 167.33 194.68
C MET EA 662 -200.99 166.68 195.79
N CYS EA 663 -200.52 165.55 196.33
CA CYS EA 663 -201.24 164.78 197.34
C CYS EA 663 -200.77 165.18 198.74
N THR EA 664 -201.72 165.50 199.63
CA THR EA 664 -201.40 165.82 201.03
C THR EA 664 -201.43 164.55 201.88
N VAL EA 665 -200.40 164.35 202.70
CA VAL EA 665 -200.32 163.21 203.62
C VAL EA 665 -201.14 163.52 204.87
N PRO EA 666 -202.19 162.74 205.18
CA PRO EA 666 -202.94 162.88 206.42
C PRO EA 666 -202.04 162.69 207.65
N GLN EA 667 -202.31 163.39 208.75
CA GLN EA 667 -201.45 163.37 209.95
C GLN EA 667 -201.33 162.00 210.62
N ASN EA 668 -202.32 161.12 210.41
CA ASN EA 668 -202.40 159.77 210.95
C ASN EA 668 -201.69 158.71 210.08
N LEU EA 669 -201.30 159.06 208.85
CA LEU EA 669 -200.67 158.15 207.89
C LEU EA 669 -199.23 158.56 207.59
N THR EA 670 -198.41 157.59 207.21
CA THR EA 670 -197.09 157.88 206.66
C THR EA 670 -197.21 158.12 205.15
N ALA EA 671 -196.28 158.88 204.58
CA ALA EA 671 -196.20 159.06 203.13
C ALA EA 671 -196.10 157.73 202.36
N ALA EA 672 -195.43 156.73 202.94
CA ALA EA 672 -195.38 155.40 202.38
C ALA EA 672 -196.77 154.74 202.34
N ASP EA 673 -197.59 154.89 203.39
CA ASP EA 673 -198.96 154.37 203.39
C ASP EA 673 -199.76 154.99 202.22
N VAL EA 674 -199.68 156.31 202.05
CA VAL EA 674 -200.39 157.03 200.96
C VAL EA 674 -199.89 156.60 199.57
N TYR EA 675 -198.58 156.44 199.40
CA TYR EA 675 -198.00 156.08 198.10
C TYR EA 675 -198.30 154.64 197.68
N PHE EA 676 -198.16 153.67 198.60
CA PHE EA 676 -198.45 152.26 198.32
C PHE EA 676 -199.96 151.94 198.21
N ARG EA 677 -200.84 152.90 198.53
CA ARG EA 677 -202.26 152.80 198.18
C ARG EA 677 -202.45 152.78 196.67
N GLU EA 678 -201.97 153.81 195.97
CA GLU EA 678 -202.16 153.99 194.52
C GLU EA 678 -201.05 153.32 193.71
N VAL EA 679 -201.12 152.00 193.60
CA VAL EA 679 -200.16 151.20 192.84
C VAL EA 679 -200.29 151.43 191.34
N SER EA 680 -201.45 151.86 190.84
CA SER EA 680 -201.67 152.20 189.43
C SER EA 680 -200.69 153.24 188.88
N GLN EA 681 -200.13 154.09 189.75
CA GLN EA 681 -199.18 155.16 189.42
C GLN EA 681 -197.73 154.86 189.87
N MET EA 682 -197.37 153.59 190.01
CA MET EA 682 -196.03 153.15 190.44
C MET EA 682 -194.90 153.70 189.57
N GLU EA 683 -195.13 154.01 188.29
CA GLU EA 683 -194.11 154.53 187.38
C GLU EA 683 -193.43 155.84 187.85
N ILE EA 684 -194.12 156.67 188.63
CA ILE EA 684 -193.63 158.00 189.04
C ILE EA 684 -192.37 157.90 189.93
N ILE EA 685 -192.24 156.83 190.73
CA ILE EA 685 -191.10 156.69 191.65
C ILE EA 685 -189.76 156.55 190.93
N PHE EA 686 -189.75 156.03 189.69
CA PHE EA 686 -188.54 155.86 188.90
C PHE EA 686 -187.87 157.21 188.63
N GLU EA 687 -188.65 158.19 188.18
CA GLU EA 687 -188.18 159.56 187.97
C GLU EA 687 -187.73 160.20 189.28
N CYS EA 688 -188.53 160.08 190.34
CA CYS EA 688 -188.21 160.67 191.65
C CYS EA 688 -186.95 160.07 192.31
N LEU EA 689 -186.66 158.79 192.08
CA LEU EA 689 -185.42 158.15 192.56
C LEU EA 689 -184.19 158.76 191.89
N VAL EA 690 -184.24 158.98 190.57
CA VAL EA 690 -183.13 159.58 189.81
C VAL EA 690 -183.02 161.08 190.08
N ASP EA 691 -184.13 161.80 190.23
CA ASP EA 691 -184.10 163.21 190.63
C ASP EA 691 -183.46 163.39 192.03
N LYS EA 692 -183.77 162.47 192.96
CA LYS EA 692 -183.16 162.44 194.30
C LYS EA 692 -181.68 162.07 194.23
N GLU EA 693 -181.32 161.10 193.40
CA GLU EA 693 -179.94 160.74 193.14
C GLU EA 693 -179.14 161.94 192.65
N GLU EA 694 -179.58 162.62 191.58
CA GLU EA 694 -178.90 163.78 191.04
C GLU EA 694 -178.71 164.89 192.10
N ALA EA 695 -179.75 165.18 192.90
CA ALA EA 695 -179.64 166.15 193.99
C ALA EA 695 -178.64 165.74 195.09
N ASP EA 696 -178.56 164.44 195.42
CA ASP EA 696 -177.61 163.93 196.40
C ASP EA 696 -176.17 163.92 195.84
N LEU EA 697 -176.00 163.66 194.55
CA LEU EA 697 -174.71 163.70 193.87
C LEU EA 697 -174.18 165.13 193.70
N GLU EA 698 -175.06 166.15 193.60
CA GLU EA 698 -174.67 167.56 193.58
C GLU EA 698 -174.12 168.06 194.92
N SER EA 699 -174.67 167.55 196.02
CA SER EA 699 -174.26 167.96 197.38
C SER EA 699 -173.07 167.16 197.92
N THR EA 700 -172.84 165.96 197.40
CA THR EA 700 -171.80 165.04 197.88
C THR EA 700 -170.53 165.17 197.03
N SER EA 701 -169.36 165.23 197.67
CA SER EA 701 -168.08 165.25 196.95
C SER EA 701 -167.82 163.94 196.21
N ILE EA 702 -167.40 164.03 194.95
CA ILE EA 702 -167.08 162.91 194.05
C ILE EA 702 -166.13 161.87 194.65
N ASP EA 703 -165.16 162.28 195.48
CA ASP EA 703 -164.15 161.38 196.06
C ASP EA 703 -164.67 160.51 197.22
N SER EA 704 -165.95 160.64 197.61
CA SER EA 704 -166.50 159.90 198.74
C SER EA 704 -167.04 158.51 198.34
N VAL EA 705 -166.84 157.53 199.22
CA VAL EA 705 -167.43 156.18 199.08
C VAL EA 705 -168.98 156.25 199.13
N GLU EA 706 -169.51 157.23 199.86
CA GLU EA 706 -170.96 157.49 199.96
C GLU EA 706 -171.55 157.82 198.59
N TRP EA 707 -170.83 158.60 197.77
CA TRP EA 707 -171.25 158.98 196.42
C TRP EA 707 -171.48 157.75 195.53
N ALA EA 708 -170.55 156.80 195.51
CA ALA EA 708 -170.70 155.55 194.75
C ALA EA 708 -171.82 154.66 195.30
N ASN EA 709 -172.00 154.61 196.62
CA ASN EA 709 -173.05 153.81 197.25
C ASN EA 709 -174.46 154.33 196.92
N ILE EA 710 -174.64 155.65 196.78
CA ILE EA 710 -175.93 156.22 196.35
C ILE EA 710 -176.32 155.68 194.97
N VAL EA 711 -175.40 155.73 193.99
CA VAL EA 711 -175.63 155.24 192.63
C VAL EA 711 -175.93 153.74 192.62
N VAL EA 712 -175.14 152.95 193.36
CA VAL EA 712 -175.34 151.49 193.46
C VAL EA 712 -176.70 151.16 194.08
N ASN EA 713 -177.14 151.91 195.09
CA ASN EA 713 -178.42 151.70 195.76
C ASN EA 713 -179.60 152.01 194.83
N VAL EA 714 -179.58 153.16 194.16
CA VAL EA 714 -180.65 153.55 193.21
C VAL EA 714 -180.72 152.55 192.06
N ASN EA 715 -179.58 152.20 191.46
CA ASN EA 715 -179.51 151.17 190.42
C ASN EA 715 -180.08 149.83 190.86
N THR EA 716 -179.82 149.41 192.09
CA THR EA 716 -180.34 148.14 192.61
C THR EA 716 -181.87 148.17 192.71
N ILE EA 717 -182.45 149.27 193.20
CA ILE EA 717 -183.90 149.45 193.28
C ILE EA 717 -184.52 149.42 191.88
N LEU EA 718 -184.01 150.24 190.95
CA LEU EA 718 -184.52 150.32 189.58
C LEU EA 718 -184.43 148.96 188.87
N LYS EA 719 -183.26 148.30 188.96
CA LYS EA 719 -183.03 146.97 188.37
C LYS EA 719 -183.99 145.93 188.92
N ASP EA 720 -184.14 145.85 190.23
CA ASP EA 720 -184.95 144.80 190.87
C ASP EA 720 -186.45 145.00 190.60
N MET EA 721 -186.93 146.26 190.60
CA MET EA 721 -188.32 146.57 190.22
C MET EA 721 -188.62 146.20 188.77
N LEU EA 722 -187.75 146.58 187.83
CA LEU EA 722 -187.90 146.22 186.41
C LEU EA 722 -187.78 144.71 186.19
N HIS EA 723 -186.84 144.06 186.89
CA HIS EA 723 -186.64 142.62 186.80
C HIS EA 723 -187.92 141.86 187.11
N VAL EA 724 -188.55 142.17 188.24
CA VAL EA 724 -189.75 141.45 188.70
C VAL EA 724 -190.95 141.74 187.81
N ALA EA 725 -191.10 142.97 187.29
CA ALA EA 725 -192.13 143.28 186.30
C ALA EA 725 -191.95 142.46 185.01
N CYS EA 726 -190.74 142.45 184.44
CA CYS EA 726 -190.44 141.67 183.24
C CYS EA 726 -190.57 140.15 183.48
N GLN EA 727 -190.14 139.67 184.65
CA GLN EA 727 -190.26 138.25 185.03
C GLN EA 727 -191.73 137.84 185.15
N TYR EA 728 -192.58 138.68 185.73
CA TYR EA 728 -194.03 138.44 185.80
C TYR EA 728 -194.60 138.31 184.39
N ARG EA 729 -194.32 139.29 183.52
CA ARG EA 729 -194.76 139.29 182.11
C ARG EA 729 -194.35 138.01 181.38
N GLN EA 730 -193.10 137.59 181.51
CA GLN EA 730 -192.58 136.39 180.83
C GLN EA 730 -193.18 135.09 181.40
N SER EA 731 -193.30 134.99 182.72
CA SER EA 731 -193.83 133.79 183.38
C SER EA 731 -195.34 133.59 183.22
N LYS EA 732 -196.09 134.69 183.12
CA LYS EA 732 -197.56 134.71 183.00
C LYS EA 732 -198.07 135.06 181.61
N ASN EA 733 -197.20 135.14 180.61
CA ASN EA 733 -197.58 135.48 179.22
C ASN EA 733 -198.74 134.60 178.69
N SER EA 734 -198.76 133.31 179.03
CA SER EA 734 -199.83 132.40 178.60
C SER EA 734 -201.21 132.76 179.16
N LEU EA 735 -201.26 133.39 180.34
CA LEU EA 735 -202.52 133.80 180.99
C LEU EA 735 -203.15 135.02 180.32
N TYR EA 736 -202.36 135.86 179.64
CA TYR EA 736 -202.84 137.07 178.98
C TYR EA 736 -202.86 136.97 177.46
N LYS EA 737 -202.67 135.75 176.94
CA LYS EA 737 -202.55 135.51 175.51
C LYS EA 737 -203.88 135.79 174.81
N ASN EA 738 -203.79 136.37 173.62
CA ASN EA 738 -204.93 136.51 172.72
C ASN EA 738 -205.36 135.15 172.16
N GLU EA 739 -206.54 134.69 172.54
CA GLU EA 739 -207.15 133.47 171.98
C GLU EA 739 -208.09 133.76 170.80
N SER EA 740 -208.68 134.95 170.73
CA SER EA 740 -209.69 135.31 169.72
C SER EA 740 -209.10 135.60 168.34
N GLY EA 741 -207.79 135.82 168.25
CA GLY EA 741 -207.10 136.10 166.99
C GLY EA 741 -207.40 137.50 166.43
N ILE EA 742 -208.09 138.34 167.20
CA ILE EA 742 -208.38 139.74 166.85
C ILE EA 742 -207.07 140.52 166.85
N GLN EA 743 -206.88 141.39 165.86
CA GLN EA 743 -205.72 142.27 165.77
C GLN EA 743 -205.72 143.28 166.93
N GLU EA 744 -204.65 143.28 167.72
CA GLU EA 744 -204.47 144.20 168.84
C GLU EA 744 -203.76 145.49 168.43
N PRO EA 745 -203.99 146.60 169.15
CA PRO EA 745 -203.21 147.81 168.99
C PRO EA 745 -201.74 147.61 169.40
N GLU EA 746 -200.89 148.57 169.02
CA GLU EA 746 -199.48 148.63 169.44
C GLU EA 746 -199.37 148.52 170.97
N HIS EA 747 -198.66 147.50 171.45
CA HIS EA 747 -198.42 147.28 172.87
C HIS EA 747 -197.17 148.03 173.29
N VAL EA 748 -197.36 149.05 174.12
CA VAL EA 748 -196.30 149.79 174.78
C VAL EA 748 -196.34 149.46 176.27
N PRO EA 749 -195.51 148.52 176.77
CA PRO EA 749 -195.47 148.21 178.19
C PRO EA 749 -195.23 149.47 179.02
N TRP EA 750 -195.79 149.56 180.23
CA TRP EA 750 -195.52 150.69 181.12
C TRP EA 750 -194.01 150.90 181.41
N THR EA 751 -193.22 149.81 181.43
CA THR EA 751 -191.74 149.84 181.52
C THR EA 751 -191.07 150.52 180.32
N ALA EA 752 -191.78 150.58 179.19
CA ALA EA 752 -191.39 151.24 177.95
C ALA EA 752 -191.94 152.67 177.81
N SER EA 753 -192.52 153.25 178.87
CA SER EA 753 -193.12 154.58 178.82
C SER EA 753 -192.15 155.65 178.30
N SER EA 754 -192.64 156.44 177.34
CA SER EA 754 -191.92 157.52 176.68
C SER EA 754 -192.29 158.89 177.27
N GLY EA 755 -191.42 159.89 177.10
CA GLY EA 755 -191.59 161.25 177.65
C GLY EA 755 -190.54 161.58 178.71
N THR EA 756 -190.52 162.83 179.19
CA THR EA 756 -189.49 163.31 180.15
C THR EA 756 -189.49 162.54 181.47
N ALA EA 757 -190.67 162.14 181.93
CA ALA EA 757 -190.88 161.31 183.12
C ALA EA 757 -191.03 159.81 182.81
N GLY EA 758 -190.88 159.40 181.54
CA GLY EA 758 -191.01 158.00 181.12
C GLY EA 758 -189.81 157.17 181.53
N ILE EA 759 -190.02 155.86 181.75
CA ILE EA 759 -188.99 154.95 182.25
C ILE EA 759 -187.80 154.85 181.29
N ARG EA 760 -188.02 154.93 179.97
CA ARG EA 760 -186.92 154.98 178.98
C ARG EA 760 -185.98 156.16 179.22
N SER EA 761 -186.54 157.33 179.51
CA SER EA 761 -185.79 158.54 179.83
C SER EA 761 -185.06 158.41 181.16
N VAL EA 762 -185.70 157.82 182.18
CA VAL EA 762 -185.09 157.54 183.48
C VAL EA 762 -183.87 156.62 183.33
N VAL EA 763 -184.01 155.50 182.62
CA VAL EA 763 -182.89 154.56 182.39
C VAL EA 763 -181.77 155.22 181.57
N THR EA 764 -182.12 156.06 180.59
CA THR EA 764 -181.12 156.80 179.79
C THR EA 764 -180.37 157.84 180.63
N ARG EA 765 -181.07 158.57 181.52
CA ARG EA 765 -180.44 159.47 182.50
C ARG EA 765 -179.50 158.69 183.42
N GLN EA 766 -179.96 157.54 183.91
CA GLN EA 766 -179.16 156.68 184.79
C GLN EA 766 -177.91 156.11 184.10
N HIS EA 767 -178.02 155.72 182.84
CA HIS EA 767 -176.87 155.34 182.00
C HIS EA 767 -175.84 156.46 181.95
N GLY EA 768 -176.27 157.70 181.73
CA GLY EA 768 -175.41 158.88 181.75
C GLY EA 768 -174.73 159.13 183.11
N ILE EA 769 -175.45 158.94 184.22
CA ILE EA 769 -174.89 159.07 185.58
C ILE EA 769 -173.84 157.99 185.83
N ILE EA 770 -174.14 156.72 185.55
CA ILE EA 770 -173.21 155.59 185.73
C ILE EA 770 -171.91 155.81 184.94
N LEU EA 771 -172.00 156.31 183.70
CA LEU EA 771 -170.82 156.58 182.89
C LEU EA 771 -169.95 157.74 183.42
N LYS EA 772 -170.54 158.73 184.09
CA LYS EA 772 -169.78 159.79 184.79
C LYS EA 772 -169.03 159.23 186.01
N VAL EA 773 -169.64 158.26 186.71
CA VAL EA 773 -169.11 157.60 187.92
C VAL EA 773 -167.99 156.62 187.59
N TYR EA 774 -168.10 155.91 186.46
CA TYR EA 774 -167.26 154.76 186.12
C TYR EA 774 -165.75 155.01 186.19
N PRO EA 775 -165.19 156.12 185.68
CA PRO EA 775 -163.75 156.38 185.73
C PRO EA 775 -163.21 156.53 187.16
N GLN EA 776 -164.03 157.01 188.09
CA GLN EA 776 -163.65 157.30 189.48
C GLN EA 776 -163.79 156.09 190.40
N ALA EA 777 -164.65 155.13 190.03
CA ALA EA 777 -164.88 153.92 190.80
C ALA EA 777 -163.64 153.00 190.86
N ASP EA 778 -163.50 152.25 191.97
CA ASP EA 778 -162.50 151.19 192.11
C ASP EA 778 -162.84 149.96 191.25
N SER EA 779 -161.95 148.96 191.21
CA SER EA 779 -162.17 147.77 190.38
C SER EA 779 -163.42 146.96 190.77
N GLY EA 780 -163.78 146.92 192.06
CA GLY EA 780 -164.93 146.15 192.55
C GLY EA 780 -166.26 146.84 192.21
N LEU EA 781 -166.34 148.14 192.50
CA LEU EA 781 -167.47 148.99 192.16
C LEU EA 781 -167.68 149.08 190.65
N ARG EA 782 -166.61 149.14 189.85
CA ARG EA 782 -166.72 149.10 188.38
C ARG EA 782 -167.42 147.83 187.90
N THR EA 783 -167.15 146.66 188.50
CA THR EA 783 -167.84 145.42 188.13
C THR EA 783 -169.33 145.49 188.49
N ILE EA 784 -169.67 145.96 189.69
CA ILE EA 784 -171.06 146.10 190.15
C ILE EA 784 -171.84 147.08 189.26
N LEU EA 785 -171.27 148.25 188.97
CA LEU EA 785 -171.89 149.27 188.13
C LEU EA 785 -172.12 148.79 186.70
N ILE EA 786 -171.20 148.02 186.12
CA ILE EA 786 -171.35 147.47 184.77
C ILE EA 786 -172.39 146.36 184.73
N GLU EA 787 -172.45 145.50 185.75
CA GLU EA 787 -173.51 144.49 185.87
C GLU EA 787 -174.90 145.17 185.96
N GLN EA 788 -175.02 146.19 186.82
CA GLN EA 788 -176.24 146.97 186.96
C GLN EA 788 -176.61 147.69 185.65
N LEU EA 789 -175.64 148.33 185.00
CA LEU EA 789 -175.84 149.00 183.72
C LEU EA 789 -176.31 148.01 182.65
N ALA EA 790 -175.65 146.85 182.53
CA ALA EA 790 -176.03 145.83 181.57
C ALA EA 790 -177.45 145.30 181.83
N ALA EA 791 -177.86 145.16 183.08
CA ALA EA 791 -179.22 144.76 183.43
C ALA EA 791 -180.25 145.82 183.05
N LEU EA 792 -180.00 147.11 183.36
CA LEU EA 792 -180.89 148.22 182.98
C LEU EA 792 -181.02 148.34 181.45
N LEU EA 793 -179.90 148.25 180.73
CA LEU EA 793 -179.89 148.25 179.26
C LEU EA 793 -180.63 147.06 178.68
N ASN EA 794 -180.50 145.88 179.30
CA ASN EA 794 -181.26 144.71 178.91
C ASN EA 794 -182.76 144.97 179.00
N TYR EA 795 -183.28 145.53 180.09
CA TYR EA 795 -184.72 145.83 180.19
C TYR EA 795 -185.18 146.86 179.15
N LEU EA 796 -184.42 147.95 178.98
CA LEU EA 796 -184.76 148.99 178.01
C LEU EA 796 -184.80 148.44 176.56
N LEU EA 797 -183.84 147.61 176.17
CA LEU EA 797 -183.82 147.01 174.83
C LEU EA 797 -184.88 145.92 174.66
N ASP EA 798 -185.16 145.13 175.72
CA ASP EA 798 -186.25 144.13 175.72
C ASP EA 798 -187.61 144.79 175.48
N ASP EA 799 -187.83 145.96 176.07
CA ASP EA 799 -189.05 146.75 175.91
C ASP EA 799 -189.21 147.29 174.49
N TYR EA 800 -188.13 147.76 173.85
CA TYR EA 800 -188.17 148.12 172.41
C TYR EA 800 -188.51 146.91 171.52
N VAL EA 801 -187.91 145.75 171.79
CA VAL EA 801 -188.21 144.51 171.04
C VAL EA 801 -189.66 144.06 171.25
N THR EA 802 -190.17 144.18 172.47
CA THR EA 802 -191.57 143.84 172.79
C THR EA 802 -192.53 144.75 172.03
N GLN EA 803 -192.26 146.05 171.99
CA GLN EA 803 -193.04 147.02 171.22
C GLN EA 803 -192.98 146.74 169.72
N LEU EA 804 -191.79 146.51 169.16
CA LEU EA 804 -191.60 146.18 167.73
C LEU EA 804 -192.33 144.89 167.32
N LYS EA 805 -192.38 143.88 168.19
CA LYS EA 805 -193.13 142.63 167.94
C LYS EA 805 -194.64 142.82 167.94
N SER EA 806 -195.15 143.85 168.61
CA SER EA 806 -196.58 144.14 168.67
C SER EA 806 -197.10 144.90 167.45
N ILE EA 807 -196.22 145.64 166.76
CA ILE EA 807 -196.59 146.40 165.58
C ILE EA 807 -196.71 145.45 164.39
N ASP EA 808 -197.88 145.44 163.74
CA ASP EA 808 -198.06 144.75 162.48
C ASP EA 808 -197.28 145.48 161.37
N LYS EA 809 -196.22 144.84 160.88
CA LYS EA 809 -195.35 145.37 159.81
C LYS EA 809 -196.11 145.66 158.52
N LEU EA 810 -197.19 144.92 158.24
CA LEU EA 810 -197.95 145.07 156.99
C LEU EA 810 -198.93 146.24 157.05
N ALA EA 811 -199.55 146.47 158.21
CA ALA EA 811 -200.54 147.53 158.38
C ALA EA 811 -199.90 148.90 158.65
N ASN EA 812 -198.77 148.95 159.37
CA ASN EA 812 -198.18 150.21 159.85
C ASN EA 812 -196.66 150.26 159.65
N GLU EA 813 -196.24 150.07 158.39
CA GLU EA 813 -194.83 150.02 157.98
C GLU EA 813 -194.05 151.29 158.38
N GLU EA 814 -194.64 152.48 158.24
CA GLU EA 814 -193.99 153.75 158.61
C GLU EA 814 -193.67 153.80 160.11
N ARG EA 815 -194.65 153.46 160.97
CA ARG EA 815 -194.45 153.43 162.42
C ARG EA 815 -193.41 152.39 162.82
N TYR EA 816 -193.44 151.20 162.21
CA TYR EA 816 -192.45 150.15 162.44
C TYR EA 816 -191.05 150.65 162.08
N ASN EA 817 -190.87 151.25 160.90
CA ASN EA 817 -189.57 151.74 160.43
C ASN EA 817 -189.02 152.88 161.30
N ILE EA 818 -189.87 153.81 161.76
CA ILE EA 818 -189.46 154.88 162.68
C ILE EA 818 -188.97 154.29 164.00
N LEU EA 819 -189.73 153.35 164.58
CA LEU EA 819 -189.36 152.73 165.85
C LEU EA 819 -188.11 151.84 165.72
N GLU EA 820 -187.95 151.12 164.61
CA GLU EA 820 -186.78 150.29 164.32
C GLU EA 820 -185.52 151.16 164.18
N MET EA 821 -185.63 152.32 163.53
CA MET EA 821 -184.56 153.31 163.45
C MET EA 821 -184.20 153.90 164.82
N GLU EA 822 -185.20 154.27 165.63
CA GLU EA 822 -184.98 154.76 167.00
C GLU EA 822 -184.29 153.69 167.86
N TYR EA 823 -184.77 152.45 167.80
CA TYR EA 823 -184.20 151.31 168.50
C TYR EA 823 -182.75 151.05 168.07
N ALA EA 824 -182.46 151.04 166.76
CA ALA EA 824 -181.11 150.83 166.26
C ALA EA 824 -180.16 151.95 166.70
N GLN EA 825 -180.61 153.20 166.64
CA GLN EA 825 -179.84 154.36 167.11
C GLN EA 825 -179.56 154.27 168.61
N LYS EA 826 -180.59 154.00 169.43
CA LYS EA 826 -180.44 153.90 170.88
C LYS EA 826 -179.61 152.69 171.30
N ARG EA 827 -179.77 151.55 170.63
CA ARG EA 827 -178.94 150.36 170.87
C ARG EA 827 -177.46 150.66 170.63
N SER EA 828 -177.12 151.32 169.52
CA SER EA 828 -175.75 151.75 169.23
C SER EA 828 -175.23 152.78 170.25
N GLU EA 829 -176.02 153.82 170.53
CA GLU EA 829 -175.69 154.88 171.49
C GLU EA 829 -175.39 154.32 172.89
N LEU EA 830 -176.23 153.39 173.38
CA LEU EA 830 -176.15 152.85 174.72
C LEU EA 830 -175.07 151.77 174.89
N LEU EA 831 -174.78 150.99 173.84
CA LEU EA 831 -173.74 149.94 173.86
C LEU EA 831 -172.34 150.49 173.55
N SER EA 832 -172.22 151.58 172.79
CA SER EA 832 -170.92 152.18 172.42
C SER EA 832 -170.00 152.48 173.62
N PRO EA 833 -170.48 152.94 174.79
CA PRO EA 833 -169.62 153.22 175.93
C PRO EA 833 -169.05 151.93 176.55
N LEU EA 834 -169.80 150.82 176.55
CA LEU EA 834 -169.29 149.53 177.03
C LEU EA 834 -168.12 149.03 176.17
N LEU EA 835 -168.17 149.29 174.87
CA LEU EA 835 -167.09 148.98 173.94
C LEU EA 835 -165.85 149.83 174.22
N ILE EA 836 -166.03 151.15 174.39
CA ILE EA 836 -164.94 152.10 174.67
C ILE EA 836 -164.26 151.79 176.01
N LEU EA 837 -165.03 151.39 177.02
CA LEU EA 837 -164.52 151.01 178.35
C LEU EA 837 -163.86 149.62 178.37
N GLY EA 838 -163.83 148.89 177.24
CA GLY EA 838 -163.20 147.57 177.12
C GLY EA 838 -163.98 146.43 177.78
N GLN EA 839 -165.25 146.62 178.14
CA GLN EA 839 -166.09 145.60 178.77
C GLN EA 839 -166.73 144.68 177.72
N TYR EA 840 -165.87 143.98 176.97
CA TYR EA 840 -166.29 143.18 175.80
C TYR EA 840 -167.27 142.06 176.12
N ALA EA 841 -167.17 141.44 177.31
CA ALA EA 841 -168.08 140.36 177.70
C ALA EA 841 -169.53 140.84 177.76
N TRP EA 842 -169.82 141.89 178.53
CA TRP EA 842 -171.15 142.47 178.67
C TRP EA 842 -171.67 143.07 177.37
N ALA EA 843 -170.84 143.84 176.66
CA ALA EA 843 -171.20 144.41 175.37
C ALA EA 843 -171.58 143.32 174.37
N SER EA 844 -170.82 142.22 174.34
CA SER EA 844 -171.10 141.10 173.44
C SER EA 844 -172.36 140.33 173.80
N ASN EA 845 -172.65 140.12 175.09
CA ASN EA 845 -173.88 139.42 175.51
C ASN EA 845 -175.13 140.21 175.14
N LEU EA 846 -175.12 141.53 175.34
CA LEU EA 846 -176.22 142.41 174.93
C LEU EA 846 -176.33 142.49 173.40
N ALA EA 847 -175.21 142.66 172.71
CA ALA EA 847 -175.21 142.73 171.25
C ALA EA 847 -175.64 141.41 170.59
N GLU EA 848 -175.29 140.25 171.16
CA GLU EA 848 -175.77 138.93 170.72
C GLU EA 848 -177.29 138.82 170.93
N LYS EA 849 -177.80 139.18 172.12
CA LYS EA 849 -179.23 139.08 172.45
C LYS EA 849 -180.09 140.01 171.59
N TYR EA 850 -179.61 141.23 171.34
CA TYR EA 850 -180.35 142.28 170.66
C TYR EA 850 -179.93 142.48 169.19
N CYS EA 851 -179.11 141.58 168.65
CA CYS EA 851 -178.66 141.55 167.25
C CYS EA 851 -178.00 142.87 166.78
N ASP EA 852 -177.09 143.42 167.59
CA ASP EA 852 -176.27 144.56 167.18
C ASP EA 852 -175.00 144.08 166.44
N PHE EA 853 -175.10 143.95 165.13
CA PHE EA 853 -174.02 143.39 164.32
C PHE EA 853 -172.77 144.28 164.27
N ASP EA 854 -172.93 145.60 164.33
CA ASP EA 854 -171.79 146.52 164.30
C ASP EA 854 -170.91 146.33 165.54
N ILE EA 855 -171.51 146.31 166.73
CA ILE EA 855 -170.78 146.07 167.98
C ILE EA 855 -170.14 144.67 167.99
N LEU EA 856 -170.84 143.64 167.52
CA LEU EA 856 -170.29 142.27 167.46
C LEU EA 856 -169.05 142.18 166.55
N VAL EA 857 -169.10 142.81 165.37
CA VAL EA 857 -167.97 142.85 164.43
C VAL EA 857 -166.83 143.67 165.02
N GLN EA 858 -167.10 144.83 165.62
CA GLN EA 858 -166.08 145.65 166.28
C GLN EA 858 -165.39 144.89 167.42
N ILE EA 859 -166.14 144.18 168.27
CA ILE EA 859 -165.55 143.36 169.34
C ILE EA 859 -164.68 142.24 168.76
N CYS EA 860 -165.15 141.51 167.74
CA CYS EA 860 -164.35 140.44 167.13
C CYS EA 860 -163.06 140.98 166.50
N GLU EA 861 -163.10 142.17 165.89
CA GLU EA 861 -161.93 142.82 165.30
C GLU EA 861 -160.97 143.40 166.35
N MET EA 862 -161.47 143.97 167.44
CA MET EA 862 -160.63 144.49 168.54
C MET EA 862 -159.97 143.36 169.35
N THR EA 863 -160.64 142.21 169.46
CA THR EA 863 -160.13 141.03 170.19
C THR EA 863 -159.41 140.02 169.30
N ASP EA 864 -159.33 140.30 167.99
CA ASP EA 864 -158.81 139.39 166.95
C ASP EA 864 -159.39 137.96 167.02
N ASN EA 865 -160.66 137.85 167.42
CA ASN EA 865 -161.31 136.56 167.69
C ASN EA 865 -162.07 136.06 166.45
N GLN EA 866 -161.34 135.47 165.51
CA GLN EA 866 -161.91 134.94 164.26
C GLN EA 866 -162.86 133.77 164.48
N SER EA 867 -162.63 132.91 165.48
CA SER EA 867 -163.52 131.77 165.75
C SER EA 867 -164.89 132.24 166.23
N ARG EA 868 -164.95 133.30 167.05
CA ARG EA 868 -166.20 133.92 167.47
C ARG EA 868 -166.96 134.55 166.29
N LEU EA 869 -166.24 135.22 165.39
CA LEU EA 869 -166.84 135.81 164.19
C LEU EA 869 -167.47 134.74 163.29
N GLN EA 870 -166.78 133.61 163.07
CA GLN EA 870 -167.32 132.50 162.29
C GLN EA 870 -168.55 131.88 162.95
N ARG EA 871 -168.56 131.77 164.29
CA ARG EA 871 -169.75 131.33 165.03
C ARG EA 871 -170.95 132.25 164.79
N TYR EA 872 -170.75 133.56 164.73
CA TYR EA 872 -171.82 134.51 164.41
C TYR EA 872 -172.32 134.41 162.98
N MET EA 873 -171.44 134.15 162.02
CA MET EA 873 -171.87 133.89 160.64
C MET EA 873 -172.80 132.69 160.54
N THR EA 874 -172.61 131.66 161.37
CA THR EA 874 -173.53 130.51 161.42
C THR EA 874 -174.79 130.80 162.23
N LEU EA 875 -174.66 131.43 163.40
CA LEU EA 875 -175.79 131.66 164.32
C LEU EA 875 -176.80 132.67 163.73
N PHE EA 876 -176.32 133.73 163.10
CA PHE EA 876 -177.15 134.80 162.52
C PHE EA 876 -177.26 134.72 160.98
N ALA EA 877 -177.10 133.53 160.41
CA ALA EA 877 -177.16 133.32 158.95
C ALA EA 877 -178.51 133.78 158.35
N GLU EA 878 -179.62 133.50 159.03
CA GLU EA 878 -180.98 133.88 158.59
C GLU EA 878 -181.22 135.40 158.64
N GLN EA 879 -180.42 136.15 159.39
CA GLN EA 879 -180.55 137.60 159.54
C GLN EA 879 -179.56 138.38 158.65
N ASN EA 880 -178.97 137.73 157.63
CA ASN EA 880 -178.01 138.34 156.70
C ASN EA 880 -176.75 138.94 157.38
N PHE EA 881 -176.27 138.33 158.46
CA PHE EA 881 -175.06 138.80 159.15
C PHE EA 881 -173.81 138.78 158.25
N SER EA 882 -173.69 137.80 157.36
CA SER EA 882 -172.58 137.72 156.40
C SER EA 882 -172.56 138.92 155.46
N ASP EA 883 -173.72 139.30 154.92
CA ASP EA 883 -173.87 140.48 154.08
C ASP EA 883 -173.49 141.76 154.84
N PHE EA 884 -173.91 141.87 156.11
CA PHE EA 884 -173.49 142.97 156.98
C PHE EA 884 -171.97 143.00 157.17
N LEU EA 885 -171.35 141.86 157.50
CA LEU EA 885 -169.91 141.74 157.69
C LEU EA 885 -169.13 142.12 156.42
N PHE EA 886 -169.61 141.68 155.25
CA PHE EA 886 -168.95 141.97 153.98
C PHE EA 886 -169.02 143.46 153.63
N ARG EA 887 -170.19 144.09 153.81
CA ARG EA 887 -170.34 145.55 153.68
C ARG EA 887 -169.41 146.28 154.65
N TRP EA 888 -169.38 145.86 155.91
CA TRP EA 888 -168.52 146.45 156.93
C TRP EA 888 -167.03 146.38 156.54
N TYR EA 889 -166.55 145.22 156.05
CA TYR EA 889 -165.16 145.11 155.56
C TYR EA 889 -164.90 145.98 154.35
N LEU EA 890 -165.86 146.10 153.44
CA LEU EA 890 -165.73 146.94 152.25
C LEU EA 890 -165.62 148.43 152.63
N GLU EA 891 -166.50 148.91 153.52
CA GLU EA 891 -166.53 150.29 154.02
C GLU EA 891 -165.28 150.65 154.81
N LYS EA 892 -164.76 149.75 155.65
CA LYS EA 892 -163.50 149.95 156.38
C LYS EA 892 -162.24 149.75 155.52
N GLY EA 893 -162.39 149.44 154.23
CA GLY EA 893 -161.26 149.22 153.30
C GLY EA 893 -160.49 147.92 153.54
N LYS EA 894 -161.02 146.98 154.32
CA LYS EA 894 -160.39 145.69 154.69
C LYS EA 894 -160.63 144.59 153.63
N ARG EA 895 -160.35 144.90 152.36
CA ARG EA 895 -160.59 143.98 151.22
C ARG EA 895 -159.85 142.65 151.34
N GLY EA 896 -158.64 142.66 151.91
CA GLY EA 896 -157.88 141.42 152.15
C GLY EA 896 -158.62 140.43 153.04
N LYS EA 897 -159.23 140.91 154.14
CA LYS EA 897 -160.05 140.08 155.03
C LYS EA 897 -161.35 139.61 154.36
N LEU EA 898 -161.96 140.46 153.53
CA LEU EA 898 -163.16 140.11 152.76
C LEU EA 898 -162.91 138.94 151.80
N LEU EA 899 -161.76 138.92 151.12
CA LEU EA 899 -161.43 137.88 150.14
C LEU EA 899 -160.81 136.63 150.78
N SER EA 900 -160.31 136.71 152.01
CA SER EA 900 -159.72 135.58 152.75
C SER EA 900 -160.74 134.80 153.58
N GLN EA 901 -162.04 134.85 153.23
CA GLN EA 901 -163.07 134.14 153.98
C GLN EA 901 -162.98 132.62 153.76
N PRO EA 902 -163.37 131.80 154.76
CA PRO EA 902 -163.36 130.35 154.64
C PRO EA 902 -164.25 129.84 153.49
N ALA EA 903 -163.89 128.68 152.94
CA ALA EA 903 -164.60 128.06 151.81
C ALA EA 903 -166.10 127.83 152.06
N SER EA 904 -166.50 127.63 153.32
CA SER EA 904 -167.91 127.49 153.70
C SER EA 904 -168.76 128.73 153.40
N GLN EA 905 -168.14 129.91 153.24
CA GLN EA 905 -168.81 131.19 153.01
C GLN EA 905 -168.70 131.70 151.57
N HIS EA 906 -168.00 130.96 150.69
CA HIS EA 906 -167.78 131.38 149.30
C HIS EA 906 -169.08 131.57 148.51
N GLY EA 907 -170.13 130.80 148.81
CA GLY EA 907 -171.43 130.99 148.17
C GLY EA 907 -172.08 132.34 148.50
N GLN EA 908 -172.05 132.76 149.77
CA GLN EA 908 -172.60 134.04 150.21
C GLN EA 908 -171.74 135.21 149.73
N LEU EA 909 -170.41 135.05 149.79
CA LEU EA 909 -169.48 136.05 149.27
C LEU EA 909 -169.63 136.24 147.76
N ALA EA 910 -169.81 135.16 147.00
CA ALA EA 910 -170.08 135.24 145.56
C ALA EA 910 -171.36 136.04 145.27
N ALA EA 911 -172.46 135.77 145.99
CA ALA EA 911 -173.71 136.51 145.86
C ALA EA 911 -173.53 138.01 146.18
N PHE EA 912 -172.84 138.33 147.27
CA PHE EA 912 -172.54 139.72 147.65
C PHE EA 912 -171.69 140.45 146.60
N LEU EA 913 -170.68 139.78 146.04
CA LEU EA 913 -169.77 140.37 145.05
C LEU EA 913 -170.37 140.55 143.66
N GLN EA 914 -171.55 139.98 143.35
CA GLN EA 914 -172.25 140.23 142.08
C GLN EA 914 -172.59 141.72 141.87
N ALA EA 915 -172.77 142.49 142.94
CA ALA EA 915 -172.95 143.95 142.85
C ALA EA 915 -171.62 144.72 142.70
N HIS EA 916 -170.48 144.01 142.69
CA HIS EA 916 -169.13 144.55 142.78
C HIS EA 916 -168.17 143.86 141.80
N ASP EA 917 -168.43 143.95 140.50
CA ASP EA 917 -167.66 143.29 139.41
C ASP EA 917 -166.13 143.46 139.52
N HIS EA 918 -165.67 144.64 139.91
CA HIS EA 918 -164.24 144.93 140.05
C HIS EA 918 -163.51 144.08 141.12
N LEU EA 919 -164.26 143.38 141.98
CA LEU EA 919 -163.75 142.47 143.02
C LEU EA 919 -164.17 141.02 142.80
N SER EA 920 -165.27 140.75 142.09
CA SER EA 920 -165.80 139.39 141.92
C SER EA 920 -164.80 138.45 141.25
N TRP EA 921 -164.08 138.91 140.22
CA TRP EA 921 -163.06 138.10 139.52
C TRP EA 921 -161.96 137.56 140.44
N LEU EA 922 -161.57 138.31 141.49
CA LEU EA 922 -160.58 137.84 142.46
C LEU EA 922 -161.09 136.65 143.27
N HIS EA 923 -162.36 136.70 143.66
CA HIS EA 923 -163.01 135.61 144.37
C HIS EA 923 -163.21 134.40 143.45
N GLU EA 924 -163.66 134.62 142.21
CA GLU EA 924 -163.85 133.56 141.21
C GLU EA 924 -162.54 132.81 140.94
N LEU EA 925 -161.41 133.52 140.81
CA LEU EA 925 -160.09 132.91 140.69
C LEU EA 925 -159.70 132.09 141.92
N ASN EA 926 -159.91 132.62 143.12
CA ASN EA 926 -159.59 131.91 144.36
C ASN EA 926 -160.44 130.64 144.52
N SER EA 927 -161.69 130.68 144.07
CA SER EA 927 -162.63 129.56 144.08
C SER EA 927 -162.47 128.60 142.90
N GLN EA 928 -161.44 128.78 142.05
CA GLN EA 928 -161.18 127.97 140.85
C GLN EA 928 -162.30 128.01 139.80
N GLU EA 929 -163.18 129.02 139.83
CA GLU EA 929 -164.26 129.22 138.85
C GLU EA 929 -163.74 130.04 137.65
N PHE EA 930 -162.75 129.50 136.93
CA PHE EA 930 -162.02 130.21 135.88
C PHE EA 930 -162.90 130.69 134.71
N GLU EA 931 -163.93 129.93 134.34
CA GLU EA 931 -164.87 130.34 133.28
C GLU EA 931 -165.63 131.63 133.65
N LYS EA 932 -166.04 131.75 134.92
CA LYS EA 932 -166.73 132.96 135.42
C LYS EA 932 -165.75 134.12 135.52
N ALA EA 933 -164.54 133.87 136.06
CA ALA EA 933 -163.47 134.87 136.13
C ALA EA 933 -163.14 135.45 134.75
N HIS EA 934 -163.05 134.59 133.72
CA HIS EA 934 -162.86 135.02 132.34
C HIS EA 934 -163.96 135.99 131.89
N ARG EA 935 -165.24 135.62 132.05
CA ARG EA 935 -166.38 136.45 131.65
C ARG EA 935 -166.40 137.80 132.39
N THR EA 936 -166.21 137.79 133.71
CA THR EA 936 -166.14 139.00 134.52
C THR EA 936 -165.02 139.93 134.05
N LEU EA 937 -163.80 139.38 133.85
CA LEU EA 937 -162.65 140.15 133.37
C LEU EA 937 -162.86 140.69 131.95
N GLN EA 938 -163.52 139.93 131.08
CA GLN EA 938 -163.87 140.35 129.72
C GLN EA 938 -164.88 141.52 129.76
N THR EA 939 -165.93 141.42 130.58
CA THR EA 939 -166.89 142.51 130.79
C THR EA 939 -166.20 143.76 131.34
N LEU EA 940 -165.33 143.62 132.36
CA LEU EA 940 -164.55 144.74 132.89
C LEU EA 940 -163.62 145.36 131.83
N ALA EA 941 -163.00 144.54 130.98
CA ALA EA 941 -162.17 145.02 129.88
C ALA EA 941 -162.98 145.78 128.82
N ASN EA 942 -164.19 145.29 128.51
CA ASN EA 942 -165.10 145.94 127.57
C ASN EA 942 -165.60 147.29 128.10
N MET EA 943 -165.87 147.40 129.41
CA MET EA 943 -166.29 148.64 130.07
C MET EA 943 -165.15 149.65 130.30
N GLU EA 944 -163.89 149.20 130.31
CA GLU EA 944 -162.74 150.07 130.55
C GLU EA 944 -162.39 150.91 129.32
N THR EA 945 -162.68 152.20 129.39
CA THR EA 945 -162.34 153.18 128.34
C THR EA 945 -161.34 154.24 128.81
N ARG EA 946 -161.10 154.34 130.12
CA ARG EA 946 -160.33 155.42 130.74
C ARG EA 946 -158.83 155.17 130.77
N TYR EA 947 -158.40 153.92 130.86
CA TYR EA 947 -156.99 153.56 130.96
C TYR EA 947 -156.64 152.41 130.00
N PHE EA 948 -155.88 152.73 128.96
CA PHE EA 948 -155.40 151.76 127.96
C PHE EA 948 -154.67 150.57 128.58
N CYS EA 949 -153.66 150.82 129.42
CA CYS EA 949 -152.89 149.75 130.07
C CYS EA 949 -153.75 148.85 130.97
N LYS EA 950 -154.80 149.40 131.59
CA LYS EA 950 -155.73 148.63 132.41
C LYS EA 950 -156.59 147.71 131.54
N LYS EA 951 -157.14 148.20 130.42
CA LYS EA 951 -157.88 147.35 129.47
C LYS EA 951 -157.02 146.19 128.97
N LYS EA 952 -155.78 146.47 128.56
CA LYS EA 952 -154.82 145.44 128.12
C LYS EA 952 -154.55 144.40 129.21
N THR EA 953 -154.36 144.85 130.45
CA THR EA 953 -154.14 143.95 131.60
C THR EA 953 -155.37 143.07 131.86
N LEU EA 954 -156.57 143.64 131.80
CA LEU EA 954 -157.83 142.90 132.01
C LEU EA 954 -158.06 141.86 130.90
N LEU EA 955 -157.79 142.19 129.64
CA LEU EA 955 -157.86 141.22 128.54
C LEU EA 955 -156.83 140.10 128.72
N GLY EA 956 -155.59 140.43 129.05
CA GLY EA 956 -154.56 139.43 129.32
C GLY EA 956 -154.93 138.50 130.47
N LEU EA 957 -155.48 139.04 131.57
CA LEU EA 957 -155.99 138.23 132.68
C LEU EA 957 -157.21 137.40 132.28
N SER EA 958 -158.13 137.95 131.50
CA SER EA 958 -159.30 137.23 130.98
C SER EA 958 -158.88 136.05 130.09
N LYS EA 959 -157.86 136.25 129.25
CA LYS EA 959 -157.27 135.21 128.39
C LYS EA 959 -156.63 134.11 129.21
N LEU EA 960 -155.84 134.47 130.22
CA LEU EA 960 -155.24 133.50 131.14
C LEU EA 960 -156.29 132.72 131.92
N ALA EA 961 -157.37 133.36 132.36
CA ALA EA 961 -158.49 132.70 133.01
C ALA EA 961 -159.19 131.72 132.06
N ALA EA 962 -159.45 132.11 130.80
CA ALA EA 962 -160.00 131.18 129.80
C ALA EA 962 -159.09 129.97 129.58
N LEU EA 963 -157.78 130.20 129.42
CA LEU EA 963 -156.80 129.12 129.23
C LEU EA 963 -156.64 128.20 130.45
N ALA EA 964 -156.90 128.70 131.65
CA ALA EA 964 -156.88 127.91 132.89
C ALA EA 964 -158.20 127.18 133.17
N SER EA 965 -159.26 127.49 132.42
CA SER EA 965 -160.59 126.91 132.60
C SER EA 965 -160.75 125.58 131.85
N ASP EA 966 -161.82 124.86 132.18
CA ASP EA 966 -162.18 123.58 131.55
C ASP EA 966 -163.08 123.76 130.32
N PHE EA 967 -163.00 124.91 129.63
CA PHE EA 967 -163.74 125.12 128.38
C PHE EA 967 -163.43 124.01 127.37
N GLN EA 968 -164.46 123.54 126.66
CA GLN EA 968 -164.26 122.64 125.53
C GLN EA 968 -163.37 123.32 124.48
N GLU EA 969 -162.49 122.58 123.80
CA GLU EA 969 -161.50 123.15 122.87
C GLU EA 969 -162.11 124.12 121.85
N ASP EA 970 -163.27 123.79 121.28
CA ASP EA 970 -163.98 124.65 120.32
C ASP EA 970 -164.41 125.99 120.96
N VAL EA 971 -164.95 125.95 122.19
CA VAL EA 971 -165.39 127.14 122.94
C VAL EA 971 -164.19 127.95 123.42
N LEU EA 972 -163.13 127.28 123.88
CA LEU EA 972 -161.90 127.94 124.31
C LEU EA 972 -161.28 128.71 123.14
N GLN EA 973 -161.21 128.09 121.97
CA GLN EA 973 -160.68 128.71 120.76
C GLN EA 973 -161.51 129.94 120.37
N GLU EA 974 -162.84 129.83 120.39
CA GLU EA 974 -163.75 130.98 120.18
C GLU EA 974 -163.45 132.14 121.14
N LYS EA 975 -163.34 131.87 122.45
CA LYS EA 975 -163.07 132.92 123.45
C LYS EA 975 -161.67 133.52 123.33
N VAL EA 976 -160.67 132.71 122.97
CA VAL EA 976 -159.31 133.18 122.73
C VAL EA 976 -159.24 134.05 121.47
N GLU EA 977 -159.98 133.69 120.42
CA GLU EA 977 -160.10 134.49 119.19
C GLU EA 977 -160.80 135.82 119.44
N GLU EA 978 -161.90 135.84 120.19
CA GLU EA 978 -162.58 137.08 120.60
C GLU EA 978 -161.63 138.04 121.35
N ILE EA 979 -160.83 137.52 122.27
CA ILE EA 979 -159.84 138.35 122.99
C ILE EA 979 -158.69 138.76 122.05
N ALA EA 980 -158.21 137.85 121.21
CA ALA EA 980 -157.12 138.14 120.29
C ALA EA 980 -157.49 139.26 119.30
N GLU EA 981 -158.76 139.31 118.88
CA GLU EA 981 -159.28 140.38 118.03
C GLU EA 981 -159.26 141.74 118.76
N GLN EA 982 -159.67 141.78 120.03
CA GLN EA 982 -159.55 143.00 120.84
C GLN EA 982 -158.09 143.38 121.10
N GLU EA 983 -157.21 142.40 121.34
CA GLU EA 983 -155.77 142.63 121.47
C GLU EA 983 -155.16 143.18 120.18
N HIS EA 984 -155.65 142.72 119.01
CA HIS EA 984 -155.24 143.22 117.70
C HIS EA 984 -155.61 144.70 117.54
N PHE EA 985 -156.85 145.07 117.85
CA PHE EA 985 -157.27 146.48 117.89
C PHE EA 985 -156.35 147.32 118.80
N LEU EA 986 -156.11 146.87 120.03
CA LEU EA 986 -155.26 147.60 120.99
C LEU EA 986 -153.79 147.69 120.56
N LEU EA 987 -153.30 146.76 119.74
CA LEU EA 987 -151.95 146.82 119.18
C LEU EA 987 -151.77 148.05 118.28
N HIS EA 988 -152.83 148.51 117.59
CA HIS EA 988 -152.77 149.77 116.84
C HIS EA 988 -152.55 150.96 117.75
N GLN EA 989 -153.15 151.01 118.94
CA GLN EA 989 -152.86 152.08 119.90
C GLN EA 989 -151.47 151.93 120.53
N GLU EA 990 -151.04 150.72 120.88
CA GLU EA 990 -149.72 150.46 121.47
C GLU EA 990 -148.56 150.82 120.55
N THR EA 991 -148.75 150.60 119.25
CA THR EA 991 -147.72 150.84 118.23
C THR EA 991 -147.73 152.25 117.66
N LEU EA 992 -148.46 153.18 118.29
CA LEU EA 992 -148.38 154.60 117.98
C LEU EA 992 -146.92 155.08 118.10
N PRO EA 993 -146.42 155.92 117.17
CA PRO EA 993 -145.05 156.39 117.20
C PRO EA 993 -144.72 157.12 118.52
N LYS EA 994 -143.69 156.68 119.25
CA LYS EA 994 -143.28 157.28 120.53
C LYS EA 994 -143.06 158.79 120.46
N LYS EA 995 -142.47 159.27 119.36
CA LYS EA 995 -142.26 160.71 119.13
C LYS EA 995 -143.57 161.49 118.99
N LEU EA 996 -144.57 160.90 118.34
CA LEU EA 996 -145.89 161.51 118.21
C LEU EA 996 -146.57 161.62 119.59
N LEU EA 997 -146.46 160.56 120.39
CA LEU EA 997 -146.95 160.56 121.77
C LEU EA 997 -146.28 161.65 122.62
N GLU EA 998 -144.95 161.78 122.53
CA GLU EA 998 -144.18 162.85 123.20
C GLU EA 998 -144.61 164.25 122.75
N GLU EA 999 -144.76 164.48 121.43
CA GLU EA 999 -145.18 165.78 120.87
C GLU EA 999 -146.62 166.15 121.29
N LYS EA 1000 -147.53 165.17 121.35
CA LYS EA 1000 -148.92 165.35 121.79
C LYS EA 1000 -149.10 165.28 123.32
N GLN EA 1001 -148.03 165.09 124.09
CA GLN EA 1001 -148.05 164.91 125.55
C GLN EA 1001 -148.95 163.75 126.02
N LEU EA 1002 -149.01 162.67 125.24
CA LEU EA 1002 -149.77 161.46 125.58
C LEU EA 1002 -148.84 160.41 126.20
N ASP EA 1003 -149.28 159.82 127.31
CA ASP EA 1003 -148.62 158.68 127.95
C ASP EA 1003 -149.50 157.43 127.79
N LEU EA 1004 -148.96 156.39 127.13
CA LEU EA 1004 -149.65 155.10 126.95
C LEU EA 1004 -150.13 154.51 128.29
N ASN EA 1005 -149.43 154.78 129.39
CA ASN EA 1005 -149.80 154.25 130.71
C ASN EA 1005 -151.00 154.97 131.34
N ALA EA 1006 -151.27 156.21 130.93
CA ALA EA 1006 -152.30 157.06 131.55
C ALA EA 1006 -153.41 157.47 130.58
N MET EA 1007 -153.23 157.26 129.28
CA MET EA 1007 -154.19 157.69 128.26
C MET EA 1007 -155.42 156.78 128.19
N PRO EA 1008 -156.58 157.33 127.77
CA PRO EA 1008 -157.77 156.54 127.49
C PRO EA 1008 -157.59 155.60 126.31
N VAL EA 1009 -158.48 154.62 126.22
CA VAL EA 1009 -158.64 153.78 125.02
C VAL EA 1009 -159.24 154.67 123.93
N LEU EA 1010 -158.54 154.81 122.81
CA LEU EA 1010 -158.96 155.66 121.72
C LEU EA 1010 -159.90 154.91 120.78
N ALA EA 1011 -160.90 155.61 120.25
CA ALA EA 1011 -161.77 155.07 119.22
C ALA EA 1011 -161.00 154.89 117.90
N PRO EA 1012 -161.44 153.98 116.99
CA PRO EA 1012 -160.77 153.74 115.72
C PRO EA 1012 -160.52 155.02 114.92
N PHE EA 1013 -161.52 155.91 114.82
CA PHE EA 1013 -161.39 157.21 114.16
C PHE EA 1013 -160.28 158.09 114.76
N GLN EA 1014 -160.17 158.15 116.09
CA GLN EA 1014 -159.13 158.94 116.77
C GLN EA 1014 -157.73 158.36 116.51
N LEU EA 1015 -157.61 157.03 116.47
CA LEU EA 1015 -156.35 156.35 116.12
C LEU EA 1015 -155.96 156.63 114.66
N ILE EA 1016 -156.92 156.54 113.74
CA ILE EA 1016 -156.72 156.90 112.32
C ILE EA 1016 -156.18 158.32 112.22
N GLN EA 1017 -156.86 159.28 112.86
CA GLN EA 1017 -156.43 160.68 112.87
C GLN EA 1017 -154.99 160.84 113.38
N LEU EA 1018 -154.60 160.14 114.45
CA LEU EA 1018 -153.23 160.19 114.96
C LEU EA 1018 -152.22 159.58 113.97
N TYR EA 1019 -152.55 158.47 113.31
CA TYR EA 1019 -151.65 157.86 112.32
C TYR EA 1019 -151.41 158.76 111.12
N VAL EA 1020 -152.47 159.41 110.60
CA VAL EA 1020 -152.40 160.20 109.37
C VAL EA 1020 -152.12 161.69 109.59
N CYS EA 1021 -152.21 162.21 110.83
CA CYS EA 1021 -152.03 163.64 111.13
C CYS EA 1021 -150.69 164.20 110.69
N GLU EA 1022 -150.67 165.48 110.33
CA GLU EA 1022 -149.47 166.18 109.84
C GLU EA 1022 -148.34 166.19 110.89
N GLU EA 1023 -148.66 166.15 112.19
CA GLU EA 1023 -147.67 166.08 113.26
C GLU EA 1023 -146.92 164.74 113.30
N ASN EA 1024 -147.48 163.65 112.77
CA ASN EA 1024 -146.75 162.40 112.58
C ASN EA 1024 -145.73 162.51 111.43
N LYS EA 1025 -144.69 163.33 111.58
CA LYS EA 1025 -143.72 163.68 110.50
C LYS EA 1025 -143.00 162.49 109.88
N ARG EA 1026 -142.97 161.34 110.57
CA ARG EA 1026 -142.30 160.11 110.12
C ARG EA 1026 -143.28 159.01 109.71
N ALA EA 1027 -144.54 159.36 109.44
CA ALA EA 1027 -145.54 158.43 108.95
C ALA EA 1027 -145.01 157.71 107.70
N ASN EA 1028 -145.01 156.38 107.73
CA ASN EA 1028 -144.63 155.53 106.60
C ASN EA 1028 -145.81 154.70 106.09
N GLU EA 1029 -145.58 153.87 105.08
CA GLU EA 1029 -146.59 152.98 104.52
C GLU EA 1029 -147.30 152.11 105.57
N ASN EA 1030 -146.61 151.69 106.63
CA ASN EA 1030 -147.21 150.87 107.68
C ASN EA 1030 -148.20 151.67 108.54
N ASP EA 1031 -147.94 152.95 108.79
CA ASP EA 1031 -148.87 153.82 109.54
C ASP EA 1031 -150.18 154.04 108.77
N PHE EA 1032 -150.09 154.25 107.45
CA PHE EA 1032 -151.28 154.33 106.61
C PHE EA 1032 -151.98 152.99 106.44
N MET EA 1033 -151.24 151.88 106.36
CA MET EA 1033 -151.84 150.54 106.37
C MET EA 1033 -152.59 150.28 107.68
N LYS EA 1034 -152.03 150.64 108.84
CA LYS EA 1034 -152.75 150.55 110.13
C LYS EA 1034 -153.99 151.42 110.16
N ALA EA 1035 -153.95 152.62 109.58
CA ALA EA 1035 -155.12 153.49 109.49
C ALA EA 1035 -156.22 152.88 108.59
N LEU EA 1036 -155.84 152.21 107.50
CA LEU EA 1036 -156.77 151.48 106.63
C LEU EA 1036 -157.32 150.23 107.31
N ASP EA 1037 -156.49 149.48 108.03
CA ASP EA 1037 -156.91 148.30 108.81
C ASP EA 1037 -157.92 148.73 109.88
N LEU EA 1038 -157.69 149.86 110.58
CA LEU EA 1038 -158.60 150.41 111.58
C LEU EA 1038 -160.02 150.74 111.08
N LEU EA 1039 -160.22 150.85 109.76
CA LEU EA 1039 -161.56 151.07 109.18
C LEU EA 1039 -162.51 149.91 109.48
N GLU EA 1040 -162.01 148.68 109.63
CA GLU EA 1040 -162.83 147.50 109.92
C GLU EA 1040 -163.48 147.54 111.31
N TYR EA 1041 -162.93 148.34 112.22
CA TYR EA 1041 -163.44 148.52 113.58
C TYR EA 1041 -164.45 149.67 113.71
N ILE EA 1042 -164.73 150.40 112.64
CA ILE EA 1042 -165.76 151.44 112.62
C ILE EA 1042 -167.11 150.78 112.33
N GLY EA 1043 -168.00 150.74 113.34
CA GLY EA 1043 -169.32 150.13 113.20
C GLY EA 1043 -170.26 150.91 112.30
N ASP EA 1044 -171.22 150.21 111.69
CA ASP EA 1044 -172.26 150.76 110.79
C ASP EA 1044 -173.12 151.86 111.45
N ASP EA 1045 -173.25 151.84 112.78
CA ASP EA 1045 -174.01 152.83 113.57
C ASP EA 1045 -173.24 154.15 113.82
N SER EA 1046 -171.97 154.24 113.40
CA SER EA 1046 -171.19 155.46 113.62
C SER EA 1046 -171.57 156.56 112.62
N GLU EA 1047 -171.59 157.83 113.06
CA GLU EA 1047 -171.80 159.00 112.17
C GLU EA 1047 -170.61 159.24 111.21
N VAL EA 1048 -169.61 158.35 111.19
CA VAL EA 1048 -168.38 158.47 110.41
C VAL EA 1048 -168.56 157.73 109.09
N ASP EA 1049 -168.51 158.46 107.97
CA ASP EA 1049 -168.49 157.84 106.64
C ASP EA 1049 -167.13 157.15 106.42
N VAL EA 1050 -167.15 155.81 106.42
CA VAL EA 1050 -165.97 154.96 106.21
C VAL EA 1050 -165.35 155.21 104.83
N GLU EA 1051 -166.16 155.49 103.80
CA GLU EA 1051 -165.67 155.76 102.46
C GLU EA 1051 -165.01 157.14 102.37
N GLU EA 1052 -165.57 158.13 103.05
CA GLU EA 1052 -164.97 159.47 103.18
C GLU EA 1052 -163.64 159.40 103.96
N LEU EA 1053 -163.61 158.67 105.07
CA LEU EA 1053 -162.40 158.51 105.88
C LEU EA 1053 -161.32 157.73 105.13
N LYS EA 1054 -161.69 156.70 104.37
CA LYS EA 1054 -160.78 155.99 103.47
C LYS EA 1054 -160.20 156.93 102.42
N LEU EA 1055 -161.01 157.78 101.83
CA LEU EA 1055 -160.56 158.81 100.88
C LEU EA 1055 -159.56 159.78 101.55
N GLU EA 1056 -159.85 160.22 102.78
CA GLU EA 1056 -158.99 161.10 103.59
C GLU EA 1056 -157.62 160.43 103.86
N ILE EA 1057 -157.60 159.17 104.30
CA ILE EA 1057 -156.36 158.42 104.58
C ILE EA 1057 -155.48 158.36 103.32
N LEU EA 1058 -156.07 158.03 102.17
CA LEU EA 1058 -155.34 157.93 100.90
C LEU EA 1058 -154.87 159.31 100.40
N CYS EA 1059 -155.68 160.36 100.54
CA CYS EA 1059 -155.27 161.73 100.22
C CYS EA 1059 -154.08 162.18 101.09
N LYS EA 1060 -154.11 161.87 102.39
CA LYS EA 1060 -153.01 162.18 103.30
C LYS EA 1060 -151.76 161.36 103.02
N ALA EA 1061 -151.88 160.11 102.57
CA ALA EA 1061 -150.75 159.31 102.11
C ALA EA 1061 -150.08 159.94 100.88
N ILE EA 1062 -150.87 160.35 99.89
CA ILE EA 1062 -150.38 161.04 98.68
C ILE EA 1062 -149.61 162.32 99.05
N LYS EA 1063 -150.10 163.09 100.01
CA LYS EA 1063 -149.45 164.34 100.45
C LYS EA 1063 -148.08 164.16 101.11
N ARG EA 1064 -147.71 162.94 101.54
CA ARG EA 1064 -146.41 162.71 102.21
C ARG EA 1064 -145.23 162.68 101.25
N ASP EA 1065 -145.49 162.47 99.96
CA ASP EA 1065 -144.46 162.40 98.93
C ASP EA 1065 -144.43 163.69 98.09
N GLU EA 1066 -143.25 164.02 97.56
CA GLU EA 1066 -143.11 165.07 96.58
C GLU EA 1066 -143.41 164.53 95.17
N TRP EA 1067 -144.47 165.05 94.54
CA TRP EA 1067 -144.89 164.64 93.19
C TRP EA 1067 -144.32 165.54 92.10
N SER EA 1068 -143.09 166.01 92.26
CA SER EA 1068 -142.41 166.83 91.26
C SER EA 1068 -141.67 165.94 90.26
N ALA EA 1069 -141.69 166.32 88.98
CA ALA EA 1069 -140.95 165.59 87.95
C ALA EA 1069 -139.44 165.79 88.17
N THR EA 1070 -138.77 164.82 88.79
CA THR EA 1070 -137.30 164.74 88.75
C THR EA 1070 -136.92 164.29 87.35
N ASP EA 1071 -136.36 165.24 86.57
CA ASP EA 1071 -135.74 165.06 85.26
C ASP EA 1071 -136.50 164.14 84.30
N GLY EA 1072 -137.48 164.67 83.55
CA GLY EA 1072 -138.46 163.98 82.67
C GLY EA 1072 -137.97 162.90 81.70
N LYS EA 1073 -137.36 161.84 82.22
CA LYS EA 1073 -136.85 160.63 81.57
C LYS EA 1073 -137.14 159.37 82.37
N ASP EA 1074 -137.56 159.50 83.62
CA ASP EA 1074 -137.91 158.34 84.43
C ASP EA 1074 -139.36 157.91 84.12
N ASP EA 1075 -139.57 156.61 83.99
CA ASP EA 1075 -140.91 156.02 83.93
C ASP EA 1075 -141.65 156.48 85.19
N PRO EA 1076 -142.82 157.16 85.07
CA PRO EA 1076 -143.58 157.62 86.23
C PRO EA 1076 -143.88 156.49 87.23
N ILE EA 1077 -144.04 155.25 86.76
CA ILE EA 1077 -144.29 154.09 87.61
C ILE EA 1077 -143.03 153.72 88.41
N GLU EA 1078 -141.84 153.81 87.80
CA GLU EA 1078 -140.58 153.52 88.47
C GLU EA 1078 -140.18 154.65 89.43
N ALA EA 1079 -140.38 155.90 89.03
CA ALA EA 1079 -140.09 157.08 89.85
C ALA EA 1079 -140.96 157.16 91.12
N THR EA 1080 -142.19 156.67 91.06
CA THR EA 1080 -143.14 156.72 92.19
C THR EA 1080 -143.13 155.47 93.04
N LYS EA 1081 -142.35 154.44 92.66
CA LYS EA 1081 -142.30 153.15 93.35
C LYS EA 1081 -141.98 153.25 94.84
N ASP EA 1082 -141.14 154.20 95.24
CA ASP EA 1082 -140.75 154.39 96.64
C ASP EA 1082 -141.71 155.26 97.44
N SER EA 1083 -142.73 155.85 96.80
CA SER EA 1083 -143.73 156.69 97.47
C SER EA 1083 -144.55 155.88 98.47
N ILE EA 1084 -144.99 156.53 99.54
CA ILE EA 1084 -145.82 155.94 100.59
C ILE EA 1084 -147.13 155.43 100.00
N PHE EA 1085 -147.76 156.22 99.13
CA PHE EA 1085 -149.01 155.83 98.48
C PHE EA 1085 -148.86 154.56 97.63
N VAL EA 1086 -147.81 154.47 96.81
CA VAL EA 1086 -147.57 153.29 95.97
C VAL EA 1086 -147.23 152.06 96.82
N LYS EA 1087 -146.48 152.22 97.90
CA LYS EA 1087 -146.22 151.14 98.87
C LYS EA 1087 -147.50 150.67 99.57
N VAL EA 1088 -148.43 151.57 99.89
CA VAL EA 1088 -149.75 151.20 100.41
C VAL EA 1088 -150.52 150.36 99.39
N LEU EA 1089 -150.56 150.76 98.11
CA LEU EA 1089 -151.17 149.94 97.04
C LEU EA 1089 -150.55 148.55 96.93
N GLN EA 1090 -149.22 148.48 96.97
CA GLN EA 1090 -148.48 147.22 96.93
C GLN EA 1090 -148.80 146.34 98.14
N ASN EA 1091 -148.91 146.93 99.34
CA ASN EA 1091 -149.27 146.20 100.56
C ASN EA 1091 -150.72 145.68 100.52
N LEU EA 1092 -151.67 146.47 100.02
CA LEU EA 1092 -153.06 146.03 99.82
C LEU EA 1092 -153.14 144.84 98.85
N LEU EA 1093 -152.38 144.90 97.75
CA LEU EA 1093 -152.30 143.82 96.77
C LEU EA 1093 -151.65 142.55 97.37
N ASN EA 1094 -150.59 142.71 98.16
CA ASN EA 1094 -149.94 141.60 98.87
C ASN EA 1094 -150.85 140.96 99.94
N LYS EA 1095 -151.75 141.73 100.56
CA LYS EA 1095 -152.80 141.22 101.47
C LYS EA 1095 -153.95 140.51 100.72
N GLY EA 1096 -153.98 140.56 99.38
CA GLY EA 1096 -155.01 139.92 98.56
C GLY EA 1096 -156.30 140.73 98.40
N ILE EA 1097 -156.30 142.02 98.74
CA ILE EA 1097 -157.49 142.89 98.65
C ILE EA 1097 -157.74 143.28 97.18
N GLU EA 1098 -158.97 143.11 96.69
CA GLU EA 1098 -159.37 143.55 95.34
C GLU EA 1098 -159.37 145.09 95.25
N LEU EA 1099 -158.32 145.65 94.64
CA LEU EA 1099 -158.10 147.09 94.51
C LEU EA 1099 -159.25 147.77 93.77
N LYS EA 1100 -159.84 147.10 92.78
CA LYS EA 1100 -160.94 147.63 91.95
C LYS EA 1100 -162.19 147.97 92.75
N GLY EA 1101 -162.51 147.17 93.77
CA GLY EA 1101 -163.64 147.40 94.67
C GLY EA 1101 -163.25 148.24 95.88
N TYR EA 1102 -162.01 148.09 96.37
CA TYR EA 1102 -161.56 148.74 97.60
C TYR EA 1102 -161.20 150.22 97.44
N LEU EA 1103 -160.51 150.59 96.35
CA LEU EA 1103 -160.03 151.96 96.15
C LEU EA 1103 -161.09 152.87 95.55
N PRO EA 1104 -161.13 154.16 95.94
CA PRO EA 1104 -161.92 155.15 95.23
C PRO EA 1104 -161.39 155.31 93.79
N LYS EA 1105 -162.27 155.72 92.89
CA LYS EA 1105 -161.89 156.02 91.50
C LYS EA 1105 -160.77 157.07 91.51
N ALA EA 1106 -159.82 156.94 90.58
CA ALA EA 1106 -158.72 157.91 90.45
C ALA EA 1106 -159.26 159.34 90.27
N GLU EA 1107 -160.41 159.52 89.59
CA GLU EA 1107 -161.07 160.82 89.47
C GLU EA 1107 -161.58 161.37 90.81
N THR EA 1108 -162.05 160.53 91.72
CA THR EA 1108 -162.55 160.95 93.04
C THR EA 1108 -161.41 161.48 93.91
N LEU EA 1109 -160.23 160.83 93.89
CA LEU EA 1109 -159.04 161.36 94.56
C LEU EA 1109 -158.62 162.71 93.98
N LEU EA 1110 -158.56 162.83 92.64
CA LEU EA 1110 -158.19 164.07 91.96
C LEU EA 1110 -159.17 165.23 92.23
N GLN EA 1111 -160.43 164.92 92.57
CA GLN EA 1111 -161.45 165.92 92.91
C GLN EA 1111 -161.42 166.34 94.38
N SER EA 1112 -160.85 165.53 95.28
CA SER EA 1112 -160.78 165.81 96.73
C SER EA 1112 -160.21 167.20 97.01
N GLU EA 1113 -160.87 167.96 97.90
CA GLU EA 1113 -160.41 169.29 98.32
C GLU EA 1113 -159.06 169.24 99.04
N GLU EA 1114 -158.74 168.11 99.68
CA GLU EA 1114 -157.48 167.95 100.39
C GLU EA 1114 -156.28 168.11 99.46
N LEU EA 1115 -156.35 167.59 98.22
CA LEU EA 1115 -155.23 167.59 97.27
C LEU EA 1115 -155.09 168.88 96.44
N ASN EA 1116 -155.73 169.99 96.85
CA ASN EA 1116 -155.76 171.25 96.07
C ASN EA 1116 -154.39 171.77 95.61
N SER EA 1117 -153.32 171.57 96.39
CA SER EA 1117 -151.95 171.97 95.99
C SER EA 1117 -151.37 171.12 94.86
N LEU EA 1118 -151.81 169.88 94.71
CA LEU EA 1118 -151.35 168.92 93.71
C LEU EA 1118 -152.21 168.92 92.44
N LYS EA 1119 -153.44 169.45 92.49
CA LYS EA 1119 -154.36 169.52 91.32
C LYS EA 1119 -153.77 170.28 90.12
N THR EA 1120 -152.87 171.24 90.35
CA THR EA 1120 -152.23 172.02 89.28
C THR EA 1120 -151.06 171.28 88.61
N ASN EA 1121 -150.64 170.14 89.17
CA ASN EA 1121 -149.50 169.38 88.70
C ASN EA 1121 -149.95 168.27 87.72
N SER EA 1122 -149.74 168.51 86.43
CA SER EA 1122 -150.08 167.55 85.36
C SER EA 1122 -149.29 166.24 85.47
N TYR EA 1123 -148.07 166.27 86.01
CA TYR EA 1123 -147.27 165.06 86.25
C TYR EA 1123 -147.88 164.19 87.35
N PHE EA 1124 -148.38 164.82 88.43
CA PHE EA 1124 -149.09 164.09 89.49
C PHE EA 1124 -150.33 163.39 88.94
N GLU EA 1125 -151.17 164.10 88.18
CA GLU EA 1125 -152.38 163.52 87.58
C GLU EA 1125 -152.06 162.30 86.70
N PHE EA 1126 -151.05 162.43 85.84
CA PHE EA 1126 -150.59 161.35 84.98
C PHE EA 1126 -150.03 160.17 85.78
N SER EA 1127 -149.17 160.44 86.75
CA SER EA 1127 -148.52 159.43 87.58
C SER EA 1127 -149.52 158.66 88.44
N LEU EA 1128 -150.51 159.35 89.03
CA LEU EA 1128 -151.57 158.72 89.79
C LEU EA 1128 -152.38 157.76 88.91
N LYS EA 1129 -152.84 158.23 87.74
CA LYS EA 1129 -153.60 157.39 86.78
C LYS EA 1129 -152.77 156.20 86.29
N ALA EA 1130 -151.50 156.41 85.98
CA ALA EA 1130 -150.59 155.35 85.53
C ALA EA 1130 -150.38 154.28 86.62
N ASN EA 1131 -150.17 154.67 87.88
CA ASN EA 1131 -150.09 153.74 88.99
C ASN EA 1131 -151.40 152.98 89.19
N TYR EA 1132 -152.54 153.67 89.18
CA TYR EA 1132 -153.86 153.04 89.26
C TYR EA 1132 -154.04 151.98 88.17
N GLU EA 1133 -153.77 152.31 86.90
CA GLU EA 1133 -153.89 151.37 85.79
C GLU EA 1133 -152.89 150.19 85.92
N CYS EA 1134 -151.65 150.47 86.34
CA CYS EA 1134 -150.62 149.46 86.52
C CYS EA 1134 -151.00 148.44 87.60
N TYR EA 1135 -151.34 148.89 88.81
CA TYR EA 1135 -151.67 148.00 89.92
C TYR EA 1135 -153.01 147.28 89.72
N MET EA 1136 -153.98 147.91 89.04
CA MET EA 1136 -155.23 147.23 88.63
C MET EA 1136 -154.98 146.13 87.59
N LYS EA 1137 -154.05 146.35 86.64
CA LYS EA 1137 -153.62 145.31 85.67
C LYS EA 1137 -152.77 144.22 86.30
N MET EA 1138 -151.95 144.54 87.31
CA MET EA 1138 -151.18 143.53 88.03
C MET EA 1138 -152.07 142.57 88.83
N GLN EA 1139 -153.26 143.01 89.23
CA GLN EA 1139 -154.23 142.19 89.94
C GLN EA 1139 -155.12 141.33 89.03
N SER EA 1140 -155.50 141.84 87.85
CA SER EA 1140 -156.27 141.10 86.83
C SER EA 1140 -155.44 140.02 86.15
N GLN FA 357 78.22 -91.78 66.04
CA GLN FA 357 79.58 -91.32 66.39
C GLN FA 357 80.71 -92.09 65.68
N LEU FA 358 80.64 -93.43 65.71
CA LEU FA 358 81.62 -94.29 65.00
C LEU FA 358 81.61 -94.04 63.50
N GLU FA 359 80.43 -93.89 62.90
CA GLU FA 359 80.25 -93.62 61.47
C GLU FA 359 80.84 -92.27 61.06
N ASN FA 360 80.66 -91.22 61.87
CA ASN FA 360 81.29 -89.92 61.64
C ASN FA 360 82.82 -90.00 61.70
N LEU FA 361 83.36 -90.79 62.64
CA LEU FA 361 84.81 -90.99 62.75
C LEU FA 361 85.37 -91.75 61.54
N ILE FA 362 84.68 -92.80 61.10
CA ILE FA 362 85.03 -93.56 59.90
C ILE FA 362 85.01 -92.65 58.67
N ASN FA 363 83.96 -91.83 58.48
CA ASN FA 363 83.88 -90.91 57.36
C ASN FA 363 85.01 -89.87 57.38
N LYS FA 364 85.37 -89.35 58.56
CA LYS FA 364 86.50 -88.43 58.72
C LYS FA 364 87.82 -89.08 58.32
N TRP FA 365 88.10 -90.29 58.81
CA TRP FA 365 89.34 -91.00 58.45
C TRP FA 365 89.39 -91.38 56.96
N SER FA 366 88.25 -91.71 56.34
CA SER FA 366 88.20 -91.97 54.90
C SER FA 366 88.57 -90.73 54.08
N LEU FA 367 88.06 -89.54 54.46
CA LEU FA 367 88.40 -88.28 53.79
C LEU FA 367 89.87 -87.89 54.02
N GLU FA 368 90.37 -88.05 55.25
CA GLU FA 368 91.79 -87.80 55.55
C GLU FA 368 92.69 -88.75 54.77
N LEU FA 369 92.31 -90.03 54.61
CA LEU FA 369 93.08 -91.02 53.85
C LEU FA 369 93.12 -90.66 52.35
N GLU FA 370 91.99 -90.27 51.76
CA GLU FA 370 91.92 -89.84 50.35
C GLU FA 370 92.78 -88.58 50.10
N ASP FA 371 92.77 -87.63 51.04
CA ASP FA 371 93.61 -86.42 50.97
C ASP FA 371 95.10 -86.77 51.08
N GLN FA 372 95.47 -87.65 52.02
CA GLN FA 372 96.85 -88.14 52.15
C GLN FA 372 97.30 -88.93 50.92
N GLU FA 373 96.44 -89.75 50.31
CA GLU FA 373 96.74 -90.46 49.07
C GLU FA 373 97.06 -89.48 47.94
N LYS FA 374 96.24 -88.43 47.78
CA LYS FA 374 96.47 -87.38 46.79
C LYS FA 374 97.79 -86.64 47.02
N HIS FA 375 98.09 -86.27 48.26
CA HIS FA 375 99.36 -85.62 48.62
C HIS FA 375 100.56 -86.52 48.35
N PHE FA 376 100.47 -87.81 48.69
CA PHE FA 376 101.52 -88.79 48.43
C PHE FA 376 101.80 -88.94 46.93
N LEU FA 377 100.75 -89.03 46.10
CA LEU FA 377 100.90 -89.12 44.64
C LEU FA 377 101.55 -87.86 44.04
N GLN FA 378 101.21 -86.67 44.55
CA GLN FA 378 101.84 -85.42 44.14
C GLN FA 378 103.33 -85.40 44.50
N GLN FA 379 103.67 -85.79 45.74
CA GLN FA 379 105.06 -85.87 46.18
C GLN FA 379 105.86 -86.90 45.39
N ALA FA 380 105.32 -88.09 45.13
CA ALA FA 380 105.97 -89.10 44.31
C ALA FA 380 106.25 -88.58 42.88
N THR FA 381 104.96 -88.67 42.30
CA THR FA 381 104.73 -88.47 40.87
C THR FA 381 105.60 -87.35 40.29
N GLN FA 382 105.75 -86.25 41.02
CA GLN FA 382 106.60 -85.14 40.61
C GLN FA 382 108.08 -85.51 40.59
N VAL FA 383 108.56 -86.22 41.63
CA VAL FA 383 109.95 -86.73 41.69
C VAL FA 383 110.22 -87.68 40.52
N ASN FA 384 109.29 -88.59 40.21
CA ASN FA 384 109.41 -89.48 39.05
C ASN FA 384 109.50 -88.70 37.71
N ALA FA 385 108.77 -87.59 37.57
CA ALA FA 385 108.86 -86.74 36.39
C ALA FA 385 110.23 -86.06 36.29
N TRP FA 386 110.74 -85.52 37.41
CA TRP FA 386 112.08 -84.93 37.46
C TRP FA 386 113.19 -85.94 37.16
N ASP FA 387 113.09 -87.16 37.68
CA ASP FA 387 114.04 -88.24 37.41
C ASP FA 387 114.13 -88.55 35.92
N ARG FA 388 112.98 -88.62 35.24
CA ARG FA 388 112.93 -88.82 33.78
C ARG FA 388 113.62 -87.69 33.01
N THR FA 389 113.34 -86.43 33.40
CA THR FA 389 113.99 -85.26 32.77
C THR FA 389 115.49 -85.24 33.04
N LEU FA 390 115.92 -85.58 34.26
CA LEU FA 390 117.33 -85.64 34.63
C LEU FA 390 118.07 -86.71 33.82
N MET FA 391 117.48 -87.91 33.68
CA MET FA 391 118.03 -88.98 32.86
C MET FA 391 118.19 -88.57 31.39
N GLN FA 392 117.15 -87.98 30.79
CA GLN FA 392 117.21 -87.47 29.41
C GLN FA 392 118.30 -86.40 29.23
N ASN FA 393 118.41 -85.46 30.18
CA ASN FA 393 119.45 -84.44 30.13
C ASN FA 393 120.85 -85.06 30.31
N GLY FA 394 121.01 -86.07 31.16
CA GLY FA 394 122.25 -86.82 31.31
C GLY FA 394 122.70 -87.51 30.02
N GLU FA 395 121.77 -88.14 29.30
CA GLU FA 395 122.03 -88.73 27.97
C GLU FA 395 122.46 -87.69 26.94
N ARG FA 396 121.78 -86.52 26.92
CA ARG FA 396 122.13 -85.40 26.04
C ARG FA 396 123.51 -84.85 26.35
N ILE FA 397 123.84 -84.64 27.62
CA ILE FA 397 125.17 -84.19 28.06
C ILE FA 397 126.24 -85.20 27.64
N THR FA 398 125.97 -86.50 27.82
CA THR FA 398 126.89 -87.57 27.40
C THR FA 398 127.13 -87.56 25.89
N THR FA 399 126.08 -87.34 25.11
CA THR FA 399 126.17 -87.23 23.65
C THR FA 399 127.00 -86.02 23.23
N LEU FA 400 126.69 -84.85 23.78
CA LEU FA 400 127.44 -83.61 23.52
C LEU FA 400 128.91 -83.73 23.93
N HIS FA 401 129.21 -84.37 25.06
CA HIS FA 401 130.58 -84.64 25.48
C HIS FA 401 131.31 -85.51 24.45
N ARG FA 402 130.68 -86.57 23.95
CA ARG FA 402 131.28 -87.42 22.90
C ARG FA 402 131.54 -86.65 21.62
N GLU FA 403 130.63 -85.77 21.20
CA GLU FA 403 130.81 -84.92 20.03
C GLU FA 403 131.94 -83.91 20.23
N MET FA 404 132.01 -83.27 21.41
CA MET FA 404 133.09 -82.37 21.77
C MET FA 404 134.46 -83.07 21.73
N GLU FA 405 134.57 -84.30 22.23
CA GLU FA 405 135.81 -85.07 22.15
C GLU FA 405 136.23 -85.39 20.70
N LYS FA 406 135.28 -85.67 19.80
CA LYS FA 406 135.58 -85.81 18.37
C LYS FA 406 136.13 -84.51 17.78
N VAL FA 407 135.47 -83.39 18.07
CA VAL FA 407 135.91 -82.06 17.59
C VAL FA 407 137.32 -81.74 18.11
N LYS FA 408 137.64 -82.05 19.37
CA LYS FA 408 138.99 -81.86 19.91
C LYS FA 408 140.05 -82.70 19.18
N LEU FA 409 139.72 -83.95 18.83
CA LEU FA 409 140.63 -84.80 18.06
C LEU FA 409 140.86 -84.24 16.64
N ASP FA 410 139.79 -83.78 15.99
CA ASP FA 410 139.88 -83.15 14.67
C ASP FA 410 140.67 -81.84 14.71
N GLN FA 411 140.48 -81.03 15.76
CA GLN FA 411 141.25 -79.81 15.99
C GLN FA 411 142.74 -80.12 16.16
N LYS FA 412 143.08 -81.12 16.99
CA LYS FA 412 144.48 -81.54 17.17
C LYS FA 412 145.12 -82.01 15.85
N ARG FA 413 144.37 -82.74 15.01
CA ARG FA 413 144.85 -83.12 13.68
C ARG FA 413 145.07 -81.90 12.80
N LEU FA 414 144.13 -80.95 12.80
CA LEU FA 414 144.27 -79.72 12.02
C LEU FA 414 145.50 -78.91 12.44
N ASP FA 415 145.75 -78.79 13.74
CA ASP FA 415 146.95 -78.10 14.26
C ASP FA 415 148.24 -78.76 13.74
N GLN FA 416 148.29 -80.10 13.73
CA GLN FA 416 149.43 -80.85 13.19
C GLN FA 416 149.62 -80.65 11.68
N GLU FA 417 148.54 -80.62 10.91
CA GLU FA 417 148.60 -80.34 9.47
C GLU FA 417 149.04 -78.90 9.18
N LEU FA 418 148.61 -77.93 10.00
CA LEU FA 418 149.05 -76.54 9.89
C LEU FA 418 150.54 -76.41 10.21
N ASP FA 419 151.04 -77.04 11.26
CA ASP FA 419 152.47 -77.08 11.59
C ASP FA 419 153.29 -77.70 10.45
N PHE FA 420 152.77 -78.77 9.84
CA PHE FA 420 153.39 -79.41 8.69
C PHE FA 420 153.45 -78.49 7.47
N ILE FA 421 152.33 -77.83 7.12
CA ILE FA 421 152.28 -76.87 6.01
C ILE FA 421 153.24 -75.71 6.23
N LEU FA 422 153.29 -75.15 7.46
CA LEU FA 422 154.22 -74.08 7.79
C LEU FA 422 155.68 -74.52 7.61
N SER FA 423 156.01 -75.75 8.00
CA SER FA 423 157.34 -76.32 7.77
C SER FA 423 157.66 -76.45 6.28
N GLN FA 424 156.69 -76.92 5.47
CA GLN FA 424 156.88 -77.04 4.02
C GLN FA 424 157.00 -75.68 3.33
N GLN FA 425 156.24 -74.68 3.77
CA GLN FA 425 156.36 -73.31 3.26
C GLN FA 425 157.75 -72.74 3.53
N LYS FA 426 158.26 -72.93 4.75
CA LYS FA 426 159.63 -72.52 5.09
C LYS FA 426 160.68 -73.21 4.23
N GLU FA 427 160.57 -74.53 4.06
CA GLU FA 427 161.51 -75.28 3.21
C GLU FA 427 161.47 -74.77 1.75
N LEU FA 428 160.28 -74.47 1.23
CA LEU FA 428 160.13 -73.91 -0.11
C LEU FA 428 160.73 -72.49 -0.21
N GLU FA 429 160.52 -71.63 0.78
CA GLU FA 429 161.14 -70.30 0.85
C GLU FA 429 162.67 -70.38 0.88
N ASP FA 430 163.21 -71.31 1.69
CA ASP FA 430 164.65 -71.56 1.80
C ASP FA 430 165.24 -72.07 0.46
N LEU FA 431 164.47 -72.84 -0.33
CA LEU FA 431 164.87 -73.29 -1.67
C LEU FA 431 164.71 -72.22 -2.75
N LEU FA 432 163.69 -71.36 -2.65
CA LEU FA 432 163.44 -70.31 -3.62
C LEU FA 432 164.43 -69.15 -3.50
N THR FA 433 164.81 -68.76 -2.27
CA THR FA 433 165.68 -67.59 -2.04
C THR FA 433 166.98 -67.64 -2.86
N PRO FA 434 167.76 -68.74 -2.88
CA PRO FA 434 168.98 -68.81 -3.69
C PRO FA 434 168.71 -68.84 -5.20
N LEU FA 435 167.58 -69.42 -5.62
CA LEU FA 435 167.20 -69.45 -7.04
C LEU FA 435 166.85 -68.05 -7.53
N GLU FA 436 166.11 -67.28 -6.72
CA GLU FA 436 165.78 -65.88 -7.01
C GLU FA 436 167.05 -65.01 -7.06
N GLU FA 437 167.98 -65.21 -6.12
CA GLU FA 437 169.28 -64.54 -6.13
C GLU FA 437 170.10 -64.88 -7.38
N SER FA 438 170.19 -66.17 -7.76
CA SER FA 438 170.93 -66.60 -8.94
C SER FA 438 170.38 -66.01 -10.25
N VAL FA 439 169.06 -65.93 -10.40
CA VAL FA 439 168.42 -65.32 -11.58
C VAL FA 439 168.72 -63.82 -11.65
N LYS FA 440 168.72 -63.14 -10.50
CA LYS FA 440 169.05 -61.71 -10.40
C LYS FA 440 170.51 -61.43 -10.76
N GLU FA 441 171.44 -62.28 -10.31
CA GLU FA 441 172.86 -62.17 -10.66
C GLU FA 441 173.10 -62.39 -12.16
N GLN FA 442 172.44 -63.39 -12.76
CA GLN FA 442 172.54 -63.63 -14.21
C GLN FA 442 172.01 -62.44 -15.03
N SER FA 443 170.87 -61.87 -14.63
CA SER FA 443 170.31 -60.67 -15.30
C SER FA 443 171.22 -59.44 -15.19
N GLY FA 444 172.05 -59.38 -14.14
CA GLY FA 444 173.06 -58.33 -13.95
C GLY FA 444 174.32 -58.51 -14.79
N THR FA 445 174.52 -59.68 -15.43
CA THR FA 445 175.64 -59.83 -16.35
C THR FA 445 175.34 -59.08 -17.64
N LEU FA 448 163.53 -59.68 -22.47
CA LEU FA 448 163.24 -61.10 -22.27
C LEU FA 448 162.66 -61.37 -20.88
N GLN FA 449 163.17 -60.71 -19.85
CA GLN FA 449 162.57 -60.77 -18.50
C GLN FA 449 161.11 -60.30 -18.52
N HIS FA 450 160.81 -59.17 -19.17
CA HIS FA 450 159.42 -58.70 -19.27
C HIS FA 450 158.53 -59.64 -20.09
N ALA FA 451 159.02 -60.21 -21.19
CA ALA FA 451 158.26 -61.18 -21.97
C ALA FA 451 157.98 -62.46 -21.18
N ASP FA 452 158.95 -62.95 -20.40
CA ASP FA 452 158.78 -64.10 -19.52
C ASP FA 452 157.77 -63.81 -18.39
N GLU FA 453 157.87 -62.64 -17.75
CA GLU FA 453 156.92 -62.19 -16.73
C GLU FA 453 155.50 -62.03 -17.29
N GLU FA 454 155.34 -61.45 -18.49
CA GLU FA 454 154.03 -61.35 -19.16
C GLU FA 454 153.46 -62.71 -19.53
N ARG FA 455 154.32 -63.62 -20.00
CA ARG FA 455 153.93 -65.00 -20.31
C ARG FA 455 153.46 -65.73 -19.05
N GLU FA 456 154.19 -65.60 -17.94
CA GLU FA 456 153.80 -66.19 -16.65
C GLU FA 456 152.45 -65.63 -16.16
N LYS FA 457 152.26 -64.31 -16.24
CA LYS FA 457 150.98 -63.65 -15.90
C LYS FA 457 149.83 -64.17 -16.77
N THR FA 458 150.07 -64.29 -18.08
CA THR FA 458 149.07 -64.80 -19.03
C THR FA 458 148.68 -66.25 -18.72
N TYR FA 459 149.65 -67.12 -18.45
CA TYR FA 459 149.37 -68.52 -18.10
C TYR FA 459 148.62 -68.64 -16.77
N LYS FA 460 148.99 -67.88 -15.74
CA LYS FA 460 148.23 -67.84 -14.47
C LYS FA 460 146.80 -67.36 -14.66
N LEU FA 461 146.58 -66.37 -15.54
CA LEU FA 461 145.24 -65.91 -15.86
C LEU FA 461 144.43 -67.00 -16.59
N ALA FA 462 145.04 -67.67 -17.57
CA ALA FA 462 144.40 -68.77 -18.29
C ALA FA 462 144.03 -69.93 -17.36
N GLU FA 463 144.92 -70.32 -16.44
CA GLU FA 463 144.66 -71.34 -15.42
C GLU FA 463 143.50 -70.93 -14.50
N ASN FA 464 143.47 -69.68 -14.06
CA ASN FA 464 142.36 -69.16 -13.25
C ASN FA 464 141.03 -69.17 -14.00
N ILE FA 465 141.03 -68.82 -15.29
CA ILE FA 465 139.84 -68.85 -16.14
C ILE FA 465 139.37 -70.30 -16.33
N ASP FA 466 140.27 -71.25 -16.60
CA ASP FA 466 139.93 -72.68 -16.71
C ASP FA 466 139.32 -73.22 -15.41
N ALA FA 467 139.92 -72.88 -14.26
CA ALA FA 467 139.39 -73.27 -12.96
C ALA FA 467 137.98 -72.68 -12.71
N GLN FA 468 137.75 -71.41 -13.09
CA GLN FA 468 136.43 -70.78 -13.01
C GLN FA 468 135.42 -71.44 -13.95
N LEU FA 469 135.80 -71.72 -15.20
CA LEU FA 469 134.93 -72.40 -16.17
C LEU FA 469 134.55 -73.80 -15.72
N LYS FA 470 135.50 -74.57 -15.16
CA LYS FA 470 135.22 -75.90 -14.58
C LYS FA 470 134.25 -75.81 -13.41
N ARG FA 471 134.41 -74.82 -12.53
CA ARG FA 471 133.47 -74.59 -11.42
C ARG FA 471 132.09 -74.22 -11.93
N MET FA 472 131.99 -73.28 -12.87
CA MET FA 472 130.71 -72.90 -13.49
C MET FA 472 130.03 -74.08 -14.18
N ALA FA 473 130.78 -74.94 -14.88
CA ALA FA 473 130.23 -76.14 -15.51
C ALA FA 473 129.69 -77.13 -14.48
N GLN FA 474 130.37 -77.29 -13.33
CA GLN FA 474 129.91 -78.10 -12.23
C GLN FA 474 128.65 -77.51 -11.57
N ASP FA 475 128.64 -76.21 -11.29
CA ASP FA 475 127.49 -75.51 -10.71
C ASP FA 475 126.25 -75.64 -11.63
N LEU FA 476 126.43 -75.50 -12.94
CA LEU FA 476 125.35 -75.71 -13.92
C LEU FA 476 124.84 -77.16 -13.91
N LYS FA 477 125.73 -78.14 -13.77
CA LYS FA 477 125.34 -79.54 -13.66
C LYS FA 477 124.53 -79.81 -12.39
N GLU FA 478 124.93 -79.23 -11.26
CA GLU FA 478 124.21 -79.33 -9.99
C GLU FA 478 122.83 -78.66 -10.06
N VAL FA 479 122.72 -77.48 -10.68
CA VAL FA 479 121.43 -76.81 -10.90
C VAL FA 479 120.50 -77.67 -11.76
N ILE FA 480 121.02 -78.29 -12.83
CA ILE FA 480 120.24 -79.20 -13.67
C ILE FA 480 119.78 -80.44 -12.88
N GLU FA 481 120.65 -81.01 -12.05
CA GLU FA 481 120.33 -82.17 -11.20
C GLU FA 481 119.27 -81.82 -10.12
N HIS FA 482 119.38 -80.65 -9.49
CA HIS FA 482 118.38 -80.12 -8.56
C HIS FA 482 117.03 -79.85 -9.24
N LEU FA 483 117.03 -79.33 -10.46
CA LEU FA 483 115.80 -79.09 -11.21
C LEU FA 483 115.13 -80.40 -11.64
N ASN FA 484 115.91 -81.37 -12.12
CA ASN FA 484 115.41 -82.71 -12.47
C ASN FA 484 114.87 -83.49 -11.26
N THR FA 485 115.48 -83.34 -10.09
CA THR FA 485 114.98 -83.96 -8.85
C THR FA 485 113.74 -83.25 -8.30
N SER FA 486 113.64 -81.92 -8.44
CA SER FA 486 112.45 -81.15 -8.02
C SER FA 486 111.26 -81.29 -8.98
N ALA FA 487 111.50 -81.64 -10.25
CA ALA FA 487 110.47 -81.96 -11.24
C ALA FA 487 110.12 -83.47 -11.29
N GLY FA 488 110.78 -84.29 -10.46
CA GLY FA 488 110.33 -85.65 -10.18
C GLY FA 488 108.94 -85.63 -9.54
#